data_7AHI
#
_entry.id   7AHI
#
_cell.length_a   1.00
_cell.length_b   1.00
_cell.length_c   1.00
_cell.angle_alpha   90.00
_cell.angle_beta   90.00
_cell.angle_gamma   90.00
#
_symmetry.space_group_name_H-M   'P 1'
#
loop_
_entity.id
_entity.type
_entity.pdbx_description
1 polymer 'Surface presentation of antigens protein SpaP'
2 polymer 'Surface presentation of antigens protein SpaR'
3 polymer 'Surface presentation of antigens protein SpaQ'
4 polymer 'Protein PrgJ'
5 polymer SptP3x-GFP-FLAG
6 polymer 'Protein PrgI'
7 polymer 'Type 3 secretion system secretin'
8 polymer 'Lipoprotein PrgK'
9 polymer 'Protein PrgH'
10 non-polymer 1,2-DIACYL-GLYCEROL-3-SN-PHOSPHATE
11 non-polymer 'LAURYL DIMETHYLAMINE-N-OXIDE'
#
loop_
_entity_poly.entity_id
_entity_poly.type
_entity_poly.pdbx_seq_one_letter_code
_entity_poly.pdbx_strand_id
1 'polypeptide(L)'
;MGNDISLIALLAFSTLLPFIIASGTCFVKFSIVFVMVRNALGLQQIPSNMTLNGVALLLSMFVMWPIMHDAYVYFEDEDV
TFNDISSLSKHVDEGLDGYRDYLIKYSDRELVQFFENAQLKRQYGEETETVKRDKDEIEKPSIFALLPAYALSEIKSAFK
IGFYLYLPFVVVDLVVSSVLLALGMMMMSPVTISTPIKLVLFVALDGWTLLSKGLILQYMDIAT
;
1A,1B,1C,1D,1E
2 'polypeptide(L)'
;MFYALYFEIHHLVASAALGFARVAPIFFFLPFLNSGVLSGAPRNAIIILVALGVWPHALNEAPPFLSVAMIPLVLQEAAV
GVMLGCLLSWPFWVMHALGCIIDNQRGATLSSSIDPANGIDTSEMANFLNMFAAVVYLQNGGLVTMVDVLNKSYQLCDPM
NECTPSLPPLLTFINQVAQNALVLASPVVLVLLLSEVFLGLLSRFAPQMNAFAISLTVKSGIAVLIMLLYFSPVLPDNVL
RLSFQATGLSSWFYERGATHVLE
;
1F
3 'polypeptide(L)'
;MDDLVFAGNKALYLVLILSGWPTIVATIIGLLVGLFQTVTQLQEQTLPFGIKLLGVCLCLFLLSGWYGEVLLSYGRQVIF
LALAKG
;
1G,1H,1I,1J
4 'polypeptide(L)'
;MSIATIVPENAVIGQAVNIRSMETDIVSLDDRLLQAFSGSAIATAVDKQTITNRIEDPNLVTDPKELAISQEMISDYNLY
VSMVSTLTRKGVGAVETLLRS
;
1K,1L,1M,1N,1O,1P
5 'polypeptide(L)'
;(UNK)(UNK)(UNK)(UNK)(UNK)(UNK)(UNK)(UNK)(UNK)(UNK)(UNK)(UNK)(UNK)(UNK)(UNK)(UNK)
(UNK)(UNK)(UNK)(UNK)(UNK)(UNK)(UNK)(UNK)(UNK)(UNK)(UNK)(UNK)(UNK)(UNK)(UNK)(UNK)
(UNK)(UNK)(UNK)(UNK)(UNK)(UNK)(UNK)(UNK)(UNK)(UNK)(UNK)(UNK)(UNK)(UNK)(UNK)(UNK)
(UNK)(UNK)(UNK)(UNK)(UNK)(UNK)(UNK)(UNK)(UNK)(UNK)(UNK)(UNK)(UNK)(UNK)(UNK)(UNK)
(UNK)(UNK)(UNK)(UNK)(UNK)(UNK)(UNK)(UNK)(UNK)(UNK)(UNK)(UNK)(UNK)(UNK)(UNK)(UNK)
(UNK)(UNK)(UNK)(UNK)(UNK)(UNK)(UNK)(UNK)(UNK)(UNK)(UNK)(UNK)(UNK)(UNK)(UNK)(UNK)
(UNK)(UNK)(UNK)(UNK)(UNK)(UNK)(UNK)(UNK)(UNK)(UNK)(UNK)(UNK)(UNK)(UNK)(UNK)(UNK)
(UNK)(UNK)(UNK)(UNK)(UNK)(UNK)(UNK)(UNK)(UNK)(UNK)(UNK)(UNK)(UNK)(UNK)(UNK)(UNK)
(UNK)(UNK)(UNK)(UNK)(UNK)(UNK)(UNK)(UNK)(UNK)(UNK)(UNK)(UNK)(UNK)
;
1Z
6 'polypeptide(L)' MATPWSGYLDDVSAKFDTGVDNLQTQVTEALDKLAAKPSDPALLAAYQSKLSEYNLYRNAQSNTVKVFKDIDAAIIQNFR 2A,2B,2C,2D,2E,2F,2G,2H,2I,2J,2K,2L,2M,2N,2O,2P,2Q,2R,2S,2T,2U,2V,2W,2X,2Y,2Z,3A,3B,3C,3D,3E,3F,3G,3H,3I,3J,3K,3L,3M,3N,3O,3P,3Q,3R,3S,3T,3U,3V,3W,3X,3Y,3Z,4A,4B,4C,4D,4E,4F,4G,4H,4I,4J,4K,4L,4M,4N,4O,4P,4Q,4R,4S,4T
7 'polypeptide(L)'
;MKTHILLARVLACAALVLVTPGYSSEKIPVTGSGFVAKDDSLRTFFDAMALQLKEPVIVSKMAARKKITGNFEFHDPNAL
LEKLSLQLGLIWYFDGQAIYIYDASEMRNAVVSLRNVSLNEFNNFLKRSGLYNKNYPLRGDNRKGTFYVSGPPVYVDMVV
NAATMMDKQNDGIELGRQKIGVMRLNNTFVGDRTYNLRDQKMVIPGIATAIERLLQGEEQPLGNIVSSEPPAMPAFSANG
EKGKAANYAGGMSLQEALKQNAAAGNIKIVAYPDTNSLLVKGTAEQVHFIEMLVKALDVAKRHVELSLWIVDLNKSDLER
LGTSWSGSITIGDKLGVSLNQSSISTLDGSRFIAAVNALEEKKQATVVSRPVLLTQENVPAIFDNNRTFYTKLIGERNVA
LEHVTYGTMIRVLPRFSADGQIEMSLDIEDGNDKTPQSDTTTSVDALPEVGRTLISTIARVPHGKSLLVGGYTRDANTDT
VQSIPFLGKLPLIGSLFRYSSKNKSNVVRVFMIEPKEIVDPLTPDASESVNNILKQSGAWSGDDKLQKWVRVYLDRGQEA
IK
;
5A,5B,5C,5D,5E,5F,5G,5H,5I,5J,5K,5L,5M,5N,5O,5P
8 'polypeptide(L)'
;MIRRYLYTFLLVMTLAGCKDKDLLKGLDQEQANEVIAVLQMHNIEANKIDSGKLGYSITVAEPDFTAAVYWIKTYQLPPR
PRVEIAQMFPADSLVSSPRAEKARLYSAIEQRLEQSLQTMEGVLSARVHISYDIDAGENGRPPKPVHLSALAVYERGSPL
AHQISDIKRFLKNSFADVDYDNISVVLSERSDAQLQAPGTPVKRNSFATSWIVLIILLSVMSAGFGVWYYKNHYARNKKG
ITADDKAKSSNE
;
6A,6B,6C,6D,6E,6F,6G,6H,6I,6J,6K,6L,6M,6N,6O,6P,6Q,6R,6S,6T,6U,6V,6W,6X
9 'polypeptide(L)'
;METSKEKTITSPGPYIVRLLNSSLNGCEFPLLTGRTLFVVGQSDALTASGQLPDIPADSFFIPLDHGGVNFEIQVDTDAT
EIILHELKEGNSESRSVQLNTPIQVGELLILIRPESEPWVPEQPEKLETSAKKNEPRFKNGIVAALAGFFILGIGTVGTL
WILNSPQRQAAELDSLLGQEKERFQVLPGRDKMLYVAAQNERDTLWARQVLARGDYDKNARVINENEENKRISIWLDTYY
PQLAYYRIHFDEPRKPVFWLSRQRNTMSKKELEVLSQKLRALMPYADSVNITLMDDVTAAGQAEAGLKQQALPYSRRNHK
GGVTFVIQGALDDVEILRARQFVDSYYRTWGGRYVQFAIELKDDWLKGRSFQYGAEGYIKMSPGHWYFPSPL
;
7A,7B,7C,7D,7E,7F,7G,7H,7I,7J,7K,7L,7M,7N,7O,7P,7Q,7R,7S,7T,7U,7V,7W,7X
#
# COMPACT_ATOMS: atom_id res chain seq x y z
N MET A 1 -18.67 6.53 -38.91
CA MET A 1 -17.75 5.37 -39.07
C MET A 1 -17.47 5.08 -40.53
N GLY A 2 -18.41 4.39 -41.18
CA GLY A 2 -18.21 3.93 -42.53
C GLY A 2 -17.03 3.00 -42.69
N ASN A 3 -16.58 2.89 -43.93
CA ASN A 3 -15.44 2.05 -44.28
C ASN A 3 -14.21 2.89 -44.57
N ASP A 4 -13.10 2.50 -43.96
CA ASP A 4 -11.89 3.33 -43.97
C ASP A 4 -11.23 3.35 -45.33
N ILE A 5 -11.48 2.36 -46.18
CA ILE A 5 -10.93 2.40 -47.53
C ILE A 5 -11.78 3.26 -48.44
N SER A 6 -13.10 3.18 -48.34
CA SER A 6 -13.91 4.10 -49.11
C SER A 6 -13.66 5.55 -48.71
N LEU A 7 -13.23 5.79 -47.48
CA LEU A 7 -12.81 7.15 -47.15
C LEU A 7 -11.57 7.57 -47.90
N ILE A 8 -10.57 6.69 -47.98
CA ILE A 8 -9.37 7.01 -48.73
C ILE A 8 -9.72 7.27 -50.18
N ALA A 9 -10.58 6.45 -50.74
CA ALA A 9 -10.95 6.64 -52.14
C ALA A 9 -11.64 7.97 -52.37
N LEU A 10 -12.43 8.42 -51.41
CA LEU A 10 -13.08 9.72 -51.58
C LEU A 10 -12.08 10.86 -51.56
N LEU A 11 -11.19 10.85 -50.59
CA LEU A 11 -10.25 11.95 -50.50
C LEU A 11 -9.30 11.95 -51.68
N ALA A 12 -8.80 10.78 -52.08
CA ALA A 12 -7.95 10.72 -53.25
C ALA A 12 -8.64 11.26 -54.50
N PHE A 13 -9.83 10.75 -54.81
CA PHE A 13 -10.56 11.26 -55.98
C PHE A 13 -10.63 12.78 -55.98
N SER A 14 -11.03 13.38 -54.86
CA SER A 14 -11.14 14.83 -54.87
C SER A 14 -9.84 15.60 -55.10
N THR A 15 -8.66 14.99 -54.96
CA THR A 15 -7.43 15.69 -55.33
C THR A 15 -7.13 15.62 -56.83
N LEU A 16 -7.51 14.53 -57.47
CA LEU A 16 -7.31 14.34 -58.90
C LEU A 16 -8.36 15.02 -59.75
N LEU A 17 -9.49 15.38 -59.16
CA LEU A 17 -10.58 15.97 -59.93
C LEU A 17 -10.19 17.01 -60.98
N PRO A 18 -9.40 18.05 -60.70
CA PRO A 18 -9.09 19.00 -61.78
C PRO A 18 -8.28 18.44 -62.92
N PHE A 19 -7.48 17.40 -62.72
CA PHE A 19 -6.73 16.86 -63.85
C PHE A 19 -7.60 15.99 -64.72
N ILE A 20 -8.52 15.24 -64.11
CA ILE A 20 -9.52 14.53 -64.89
C ILE A 20 -10.32 15.51 -65.73
N ILE A 21 -10.90 16.53 -65.11
CA ILE A 21 -11.63 17.53 -65.90
C ILE A 21 -10.79 18.09 -67.03
N ALA A 22 -9.55 18.48 -66.74
CA ALA A 22 -8.68 19.06 -67.76
C ALA A 22 -8.26 18.09 -68.86
N SER A 23 -8.43 16.79 -68.70
CA SER A 23 -7.93 15.86 -69.71
C SER A 23 -8.92 14.85 -70.26
N GLY A 24 -10.10 14.70 -69.68
CA GLY A 24 -11.08 13.73 -70.11
C GLY A 24 -12.51 14.23 -70.12
N THR A 25 -12.69 15.49 -70.50
CA THR A 25 -13.99 16.14 -70.49
C THR A 25 -14.02 17.17 -71.61
N CYS A 26 -15.23 17.47 -72.08
CA CYS A 26 -15.44 18.43 -73.16
C CYS A 26 -14.82 19.81 -72.89
N PHE A 27 -14.43 20.09 -71.66
CA PHE A 27 -13.68 21.31 -71.39
C PHE A 27 -12.52 21.44 -72.35
N VAL A 28 -11.87 20.31 -72.65
CA VAL A 28 -10.78 20.26 -73.61
C VAL A 28 -11.14 20.95 -74.92
N LYS A 29 -12.33 20.67 -75.45
CA LYS A 29 -12.72 21.27 -76.72
C LYS A 29 -13.15 22.73 -76.55
N PHE A 30 -14.08 22.98 -75.64
CA PHE A 30 -14.59 24.34 -75.48
C PHE A 30 -13.48 25.35 -75.22
N SER A 31 -12.54 25.04 -74.34
CA SER A 31 -11.50 26.02 -74.05
C SER A 31 -10.59 26.29 -75.24
N ILE A 32 -10.46 25.35 -76.16
CA ILE A 32 -9.63 25.56 -77.34
C ILE A 32 -10.32 26.43 -78.38
N VAL A 33 -11.54 26.06 -78.77
CA VAL A 33 -12.21 26.78 -79.84
C VAL A 33 -12.28 28.28 -79.57
N PHE A 34 -12.71 28.67 -78.37
CA PHE A 34 -12.78 30.10 -78.05
C PHE A 34 -11.46 30.81 -78.26
N VAL A 35 -10.37 30.27 -77.71
CA VAL A 35 -9.09 30.95 -77.85
C VAL A 35 -8.64 31.02 -79.29
N MET A 36 -8.98 30.03 -80.11
CA MET A 36 -8.63 30.11 -81.51
C MET A 36 -9.37 31.24 -82.20
N VAL A 37 -10.69 31.28 -82.03
CA VAL A 37 -11.47 32.38 -82.60
C VAL A 37 -10.95 33.73 -82.14
N ARG A 38 -10.59 33.85 -80.87
CA ARG A 38 -10.02 35.10 -80.40
C ARG A 38 -8.74 35.49 -81.14
N ASN A 39 -7.85 34.53 -81.37
CA ASN A 39 -6.67 34.86 -82.15
C ASN A 39 -7.02 35.24 -83.59
N ALA A 40 -7.97 34.55 -84.19
CA ALA A 40 -8.34 34.86 -85.57
C ALA A 40 -8.89 36.26 -85.72
N LEU A 41 -9.68 36.72 -84.75
CA LEU A 41 -10.11 38.11 -84.80
C LEU A 41 -8.96 39.09 -84.64
N GLY A 42 -7.78 38.62 -84.27
CA GLY A 42 -6.61 39.47 -84.30
C GLY A 42 -6.46 40.46 -83.18
N LEU A 43 -7.14 40.27 -82.05
CA LEU A 43 -7.00 41.19 -80.93
C LEU A 43 -7.01 40.36 -79.64
N GLN A 44 -5.83 39.93 -79.23
CA GLN A 44 -5.66 39.19 -77.99
C GLN A 44 -6.10 40.01 -76.78
N GLN A 45 -6.36 39.29 -75.69
CA GLN A 45 -6.85 39.86 -74.44
C GLN A 45 -8.17 40.60 -74.57
N ILE A 46 -8.94 40.32 -75.63
CA ILE A 46 -10.36 40.68 -75.64
C ILE A 46 -11.15 39.57 -76.30
N PRO A 47 -12.01 38.84 -75.58
CA PRO A 47 -12.26 38.76 -74.14
C PRO A 47 -11.08 38.22 -73.34
N SER A 48 -11.10 38.43 -72.03
CA SER A 48 -10.08 37.89 -71.16
C SER A 48 -10.09 36.38 -71.11
N ASN A 49 -8.92 35.81 -70.86
CA ASN A 49 -8.85 34.38 -70.56
C ASN A 49 -9.71 34.01 -69.38
N MET A 50 -9.99 34.96 -68.49
CA MET A 50 -10.86 34.66 -67.36
C MET A 50 -12.29 34.44 -67.84
N THR A 51 -12.79 35.34 -68.67
CA THR A 51 -14.11 35.18 -69.26
C THR A 51 -14.23 33.86 -70.02
N LEU A 52 -13.28 33.60 -70.91
CA LEU A 52 -13.37 32.38 -71.73
C LEU A 52 -13.31 31.11 -70.88
N ASN A 53 -12.29 30.95 -70.06
CA ASN A 53 -12.24 29.76 -69.23
C ASN A 53 -13.47 29.63 -68.32
N GLY A 54 -13.93 30.73 -67.72
CA GLY A 54 -15.13 30.66 -66.91
C GLY A 54 -16.35 30.12 -67.63
N VAL A 55 -16.64 30.65 -68.81
CA VAL A 55 -17.76 30.13 -69.59
C VAL A 55 -17.56 28.68 -69.99
N ALA A 56 -16.41 28.34 -70.55
CA ALA A 56 -16.15 26.96 -70.92
C ALA A 56 -16.36 26.01 -69.75
N LEU A 57 -15.89 26.39 -68.57
CA LEU A 57 -16.11 25.56 -67.39
C LEU A 57 -17.59 25.38 -67.10
N LEU A 58 -18.34 26.47 -67.03
CA LEU A 58 -19.77 26.35 -66.77
C LEU A 58 -20.46 25.43 -67.76
N LEU A 59 -20.25 25.64 -69.06
CA LEU A 59 -20.90 24.75 -70.03
C LEU A 59 -20.53 23.29 -69.86
N SER A 60 -19.26 22.99 -69.59
CA SER A 60 -18.89 21.58 -69.37
C SER A 60 -19.71 20.91 -68.27
N MET A 61 -20.13 21.65 -67.26
CA MET A 61 -20.87 21.03 -66.16
C MET A 61 -22.24 20.54 -66.59
N PHE A 62 -22.94 21.24 -67.47
CA PHE A 62 -24.22 20.72 -67.94
C PHE A 62 -24.07 19.34 -68.55
N VAL A 63 -22.99 19.10 -69.28
CA VAL A 63 -22.79 17.81 -69.89
C VAL A 63 -22.39 16.76 -68.84
N MET A 64 -21.45 17.09 -67.97
CA MET A 64 -20.86 16.05 -67.11
C MET A 64 -21.53 15.84 -65.76
N TRP A 65 -22.15 16.83 -65.16
CA TRP A 65 -22.68 16.67 -63.81
C TRP A 65 -23.76 15.60 -63.69
N PRO A 66 -24.71 15.50 -64.61
CA PRO A 66 -25.64 14.36 -64.57
C PRO A 66 -25.00 12.99 -64.54
N ILE A 67 -23.89 12.77 -65.22
CA ILE A 67 -23.26 11.46 -65.21
C ILE A 67 -22.67 11.12 -63.85
N MET A 68 -22.03 12.08 -63.19
CA MET A 68 -21.51 11.82 -61.85
C MET A 68 -22.64 11.59 -60.87
N HIS A 69 -23.67 12.43 -60.92
CA HIS A 69 -24.78 12.24 -60.02
C HIS A 69 -25.47 10.90 -60.21
N ASP A 70 -25.61 10.46 -61.46
CA ASP A 70 -26.13 9.12 -61.72
C ASP A 70 -25.26 8.04 -61.10
N ALA A 71 -23.95 8.22 -61.11
CA ALA A 71 -23.10 7.19 -60.53
C ALA A 71 -23.27 7.10 -59.01
N TYR A 72 -23.30 8.25 -58.34
CA TYR A 72 -23.52 8.20 -56.90
C TYR A 72 -24.88 7.64 -56.54
N VAL A 73 -25.91 7.98 -57.32
CA VAL A 73 -27.21 7.35 -57.10
C VAL A 73 -27.16 5.85 -57.32
N TYR A 74 -26.28 5.37 -58.19
CA TYR A 74 -26.12 3.94 -58.35
C TYR A 74 -25.49 3.29 -57.14
N PHE A 75 -24.51 3.95 -56.54
CA PHE A 75 -23.83 3.34 -55.39
C PHE A 75 -24.61 3.43 -54.10
N GLU A 76 -25.40 4.48 -53.89
CA GLU A 76 -26.23 4.59 -52.68
C GLU A 76 -27.52 3.79 -52.80
N ASP A 77 -27.39 2.47 -52.66
CA ASP A 77 -28.46 1.56 -53.06
C ASP A 77 -28.46 0.35 -52.13
N GLU A 78 -29.39 0.33 -51.17
CA GLU A 78 -29.28 -0.50 -49.99
C GLU A 78 -29.66 -1.96 -50.20
N ASP A 79 -29.92 -2.41 -51.42
CA ASP A 79 -30.51 -3.72 -51.66
C ASP A 79 -29.53 -4.74 -52.21
N VAL A 80 -28.29 -4.34 -52.46
CA VAL A 80 -27.30 -5.22 -53.04
C VAL A 80 -26.75 -6.19 -51.99
N THR A 81 -26.21 -7.31 -52.46
CA THR A 81 -25.43 -8.18 -51.60
C THR A 81 -24.32 -8.82 -52.43
N PHE A 82 -23.22 -9.15 -51.75
CA PHE A 82 -22.03 -9.69 -52.39
C PHE A 82 -21.55 -10.93 -51.64
N ASN A 83 -20.66 -11.67 -52.29
CA ASN A 83 -20.09 -12.87 -51.71
C ASN A 83 -18.58 -12.97 -51.83
N ASP A 84 -17.96 -12.27 -52.78
CA ASP A 84 -16.56 -12.49 -53.06
C ASP A 84 -15.98 -11.27 -53.76
N ILE A 85 -14.65 -11.20 -53.73
CA ILE A 85 -13.92 -10.14 -54.41
C ILE A 85 -14.35 -9.98 -55.86
N SER A 86 -14.60 -11.09 -56.55
CA SER A 86 -15.08 -11.00 -57.93
C SER A 86 -16.46 -10.34 -58.01
N SER A 87 -17.39 -10.82 -57.20
CA SER A 87 -18.73 -10.25 -57.21
C SER A 87 -18.75 -8.78 -56.85
N LEU A 88 -17.79 -8.32 -56.04
CA LEU A 88 -17.72 -6.90 -55.76
C LEU A 88 -17.09 -6.12 -56.91
N SER A 89 -15.99 -6.63 -57.46
CA SER A 89 -15.35 -6.00 -58.60
C SER A 89 -16.35 -5.76 -59.72
N LYS A 90 -17.09 -6.80 -60.10
CA LYS A 90 -18.09 -6.66 -61.14
C LYS A 90 -19.06 -5.52 -60.87
N HIS A 91 -19.60 -5.44 -59.66
CA HIS A 91 -20.56 -4.39 -59.36
C HIS A 91 -19.95 -3.00 -59.36
N VAL A 92 -18.69 -2.88 -58.94
CA VAL A 92 -18.06 -1.56 -59.00
C VAL A 92 -17.77 -1.16 -60.43
N ASP A 93 -17.26 -2.08 -61.23
CA ASP A 93 -17.08 -1.81 -62.65
C ASP A 93 -18.38 -1.41 -63.33
N GLU A 94 -19.44 -2.18 -63.09
CA GLU A 94 -20.74 -1.83 -63.62
C GLU A 94 -21.15 -0.42 -63.29
N GLY A 95 -20.77 0.08 -62.13
CA GLY A 95 -21.08 1.47 -61.81
C GLY A 95 -20.51 2.52 -62.76
N LEU A 96 -19.31 2.29 -63.30
CA LEU A 96 -18.65 3.22 -64.22
C LEU A 96 -19.11 3.18 -65.68
N ASP A 97 -19.94 2.22 -66.07
CA ASP A 97 -20.36 2.15 -67.47
C ASP A 97 -21.00 3.43 -67.98
N GLY A 98 -21.71 4.17 -67.14
CA GLY A 98 -22.26 5.44 -67.60
C GLY A 98 -21.24 6.39 -68.19
N TYR A 99 -20.07 6.47 -67.57
CA TYR A 99 -18.95 7.26 -68.09
C TYR A 99 -18.26 6.58 -69.26
N ARG A 100 -18.00 5.29 -69.12
CA ARG A 100 -17.41 4.53 -70.21
C ARG A 100 -18.13 4.74 -71.53
N ASP A 101 -19.46 4.69 -71.52
CA ASP A 101 -20.23 4.90 -72.74
C ASP A 101 -19.98 6.25 -73.39
N TYR A 102 -19.87 7.30 -72.59
CA TYR A 102 -19.57 8.63 -73.13
C TYR A 102 -18.22 8.65 -73.83
N LEU A 103 -17.20 8.09 -73.17
CA LEU A 103 -15.89 8.02 -73.81
C LEU A 103 -15.92 7.20 -75.09
N ILE A 104 -16.62 6.07 -75.09
CA ILE A 104 -16.72 5.25 -76.30
C ILE A 104 -17.39 6.02 -77.42
N LYS A 105 -18.49 6.71 -77.12
CA LYS A 105 -19.14 7.50 -78.14
C LYS A 105 -18.18 8.46 -78.83
N TYR A 106 -17.47 9.28 -78.06
CA TYR A 106 -16.62 10.32 -78.67
C TYR A 106 -15.16 9.95 -78.89
N SER A 107 -14.79 8.75 -79.35
CA SER A 107 -13.37 8.46 -79.56
C SER A 107 -13.23 7.37 -80.61
N ASP A 108 -12.00 7.22 -81.11
CA ASP A 108 -11.72 6.27 -82.19
C ASP A 108 -11.52 4.83 -81.74
N ARG A 109 -12.28 3.94 -82.37
CA ARG A 109 -12.21 2.52 -82.08
C ARG A 109 -10.83 1.93 -82.31
N GLU A 110 -10.14 2.36 -83.37
CA GLU A 110 -8.90 1.67 -83.67
C GLU A 110 -7.75 2.14 -82.80
N LEU A 111 -7.70 3.42 -82.47
CA LEU A 111 -6.69 3.86 -81.52
C LEU A 111 -6.93 3.26 -80.14
N VAL A 112 -8.20 3.16 -79.74
CA VAL A 112 -8.52 2.46 -78.50
C VAL A 112 -8.03 1.02 -78.54
N GLN A 113 -8.30 0.33 -79.64
CA GLN A 113 -7.86 -1.05 -79.74
C GLN A 113 -6.35 -1.16 -79.72
N PHE A 114 -5.66 -0.21 -80.34
CA PHE A 114 -4.20 -0.23 -80.32
C PHE A 114 -3.68 -0.18 -78.90
N PHE A 115 -4.14 0.79 -78.11
CA PHE A 115 -3.68 0.82 -76.71
C PHE A 115 -4.12 -0.40 -75.93
N GLU A 116 -5.31 -0.94 -76.22
CA GLU A 116 -5.73 -2.18 -75.56
C GLU A 116 -4.76 -3.31 -75.85
N ASN A 117 -4.23 -3.37 -77.05
CA ASN A 117 -3.16 -4.34 -77.32
C ASN A 117 -1.90 -3.99 -76.56
N ALA A 118 -1.51 -2.72 -76.58
CA ALA A 118 -0.22 -2.33 -76.05
C ALA A 118 -0.11 -2.52 -74.56
N GLN A 119 -1.22 -2.55 -73.83
CA GLN A 119 -1.10 -2.84 -72.39
C GLN A 119 -0.58 -4.25 -72.15
N LEU A 120 -0.89 -5.18 -73.04
CA LEU A 120 -0.59 -6.60 -72.85
C LEU A 120 0.60 -7.08 -73.67
N LYS A 121 0.56 -6.85 -74.99
CA LYS A 121 1.25 -7.68 -75.96
C LYS A 121 2.76 -7.75 -75.77
N ARG A 122 3.35 -6.87 -74.95
CA ARG A 122 4.71 -7.12 -74.54
C ARG A 122 4.81 -8.41 -73.73
N GLN A 123 3.69 -8.89 -73.19
CA GLN A 123 3.65 -10.19 -72.52
C GLN A 123 3.61 -11.38 -73.46
N TYR A 124 3.16 -11.20 -74.70
CA TYR A 124 2.53 -12.26 -75.45
C TYR A 124 3.53 -12.97 -76.37
N GLY A 125 3.45 -14.29 -76.41
CA GLY A 125 4.21 -15.14 -77.31
C GLY A 125 3.56 -15.43 -78.65
N GLU A 126 2.51 -14.70 -79.03
CA GLU A 126 1.60 -15.16 -80.08
C GLU A 126 1.13 -13.96 -80.90
N GLU A 127 0.55 -14.27 -82.06
CA GLU A 127 0.02 -13.27 -82.97
C GLU A 127 -1.50 -13.27 -83.06
N THR A 128 -2.15 -14.39 -82.76
CA THR A 128 -3.60 -14.47 -82.86
C THR A 128 -4.30 -13.55 -81.87
N GLU A 129 -5.31 -12.84 -82.35
CA GLU A 129 -6.08 -11.88 -81.55
C GLU A 129 -7.54 -12.30 -81.42
N THR A 130 -8.04 -13.13 -82.33
CA THR A 130 -9.40 -13.65 -82.29
C THR A 130 -9.73 -14.34 -80.98
N VAL A 131 -8.72 -14.75 -80.22
CA VAL A 131 -8.84 -15.70 -79.12
C VAL A 131 -9.90 -15.32 -78.10
N LYS A 132 -10.31 -14.06 -78.06
CA LYS A 132 -11.56 -13.69 -77.41
C LYS A 132 -12.49 -13.09 -78.45
N ARG A 133 -13.68 -13.66 -78.56
CA ARG A 133 -14.72 -13.12 -79.42
C ARG A 133 -15.22 -11.77 -78.93
N ASP A 134 -15.46 -10.88 -79.89
CA ASP A 134 -15.37 -9.44 -79.65
C ASP A 134 -16.35 -8.97 -78.57
N LYS A 135 -17.50 -9.63 -78.45
CA LYS A 135 -18.65 -9.06 -77.76
C LYS A 135 -18.32 -8.60 -76.33
N ASP A 136 -17.42 -9.30 -75.63
CA ASP A 136 -16.94 -8.77 -74.35
C ASP A 136 -15.97 -7.61 -74.52
N GLU A 137 -14.92 -7.77 -75.33
CA GLU A 137 -13.85 -6.76 -75.31
C GLU A 137 -14.28 -5.46 -75.96
N ILE A 138 -15.15 -5.53 -76.96
CA ILE A 138 -15.69 -4.33 -77.60
C ILE A 138 -16.52 -3.51 -76.62
N GLU A 139 -17.25 -4.17 -75.73
CA GLU A 139 -17.90 -3.44 -74.64
C GLU A 139 -16.92 -2.97 -73.58
N LYS A 140 -15.91 -3.76 -73.27
CA LYS A 140 -15.09 -3.44 -72.12
C LYS A 140 -13.66 -3.10 -72.49
N PRO A 141 -13.43 -2.05 -73.27
CA PRO A 141 -12.13 -1.39 -73.23
C PRO A 141 -11.92 -0.71 -71.89
N SER A 142 -10.69 -0.79 -71.39
CA SER A 142 -10.39 -0.19 -70.10
C SER A 142 -10.43 1.33 -70.17
N ILE A 143 -10.66 1.94 -69.01
CA ILE A 143 -10.73 3.40 -68.97
C ILE A 143 -9.37 4.03 -69.22
N PHE A 144 -8.30 3.43 -68.73
CA PHE A 144 -7.00 3.97 -69.07
C PHE A 144 -6.70 3.85 -70.55
N ALA A 145 -7.30 2.89 -71.23
CA ALA A 145 -7.17 2.85 -72.68
C ALA A 145 -8.03 3.91 -73.35
N LEU A 146 -9.19 4.20 -72.77
CA LEU A 146 -10.08 5.18 -73.40
C LEU A 146 -9.58 6.61 -73.24
N LEU A 147 -8.99 6.95 -72.10
CA LEU A 147 -8.70 8.36 -71.83
C LEU A 147 -7.84 9.04 -72.87
N PRO A 148 -6.61 8.60 -73.13
CA PRO A 148 -5.78 9.31 -74.10
C PRO A 148 -6.34 9.25 -75.50
N ALA A 149 -7.00 8.16 -75.86
CA ALA A 149 -7.65 8.08 -77.15
C ALA A 149 -8.77 9.10 -77.28
N TYR A 150 -9.42 9.45 -76.18
CA TYR A 150 -10.44 10.48 -76.24
C TYR A 150 -9.82 11.87 -76.37
N ALA A 151 -8.82 12.17 -75.54
CA ALA A 151 -8.21 13.49 -75.62
C ALA A 151 -7.61 13.77 -76.98
N LEU A 152 -6.91 12.78 -77.56
CA LEU A 152 -6.33 12.99 -78.87
C LEU A 152 -7.37 13.16 -79.96
N SER A 153 -8.61 12.76 -79.72
CA SER A 153 -9.61 12.96 -80.75
C SER A 153 -10.32 14.29 -80.58
N GLU A 154 -10.41 14.73 -79.33
CA GLU A 154 -11.04 16.02 -79.06
C GLU A 154 -10.21 17.15 -79.66
N ILE A 155 -8.91 17.12 -79.41
CA ILE A 155 -8.05 18.16 -80.01
C ILE A 155 -8.25 18.23 -81.52
N LYS A 156 -8.13 17.10 -82.21
CA LYS A 156 -8.32 17.10 -83.65
C LYS A 156 -9.66 17.69 -84.07
N SER A 157 -10.72 17.39 -83.34
CA SER A 157 -12.01 18.00 -83.66
C SER A 157 -11.96 19.50 -83.52
N ALA A 158 -11.34 20.00 -82.46
CA ALA A 158 -11.21 21.43 -82.26
C ALA A 158 -10.53 22.10 -83.45
N PHE A 159 -9.39 21.58 -83.88
CA PHE A 159 -8.74 22.15 -85.06
C PHE A 159 -9.63 22.11 -86.29
N LYS A 160 -10.29 20.98 -86.54
CA LYS A 160 -11.22 20.95 -87.66
C LYS A 160 -12.19 22.11 -87.63
N ILE A 161 -12.83 22.33 -86.49
CA ILE A 161 -13.78 23.44 -86.40
C ILE A 161 -13.13 24.79 -86.66
N GLY A 162 -12.09 25.12 -85.89
CA GLY A 162 -11.44 26.42 -86.06
C GLY A 162 -10.96 26.73 -87.48
N PHE A 163 -10.49 25.71 -88.19
CA PHE A 163 -10.11 25.93 -89.58
C PHE A 163 -11.18 26.68 -90.37
N TYR A 164 -12.40 26.16 -90.39
CA TYR A 164 -13.47 26.81 -91.13
C TYR A 164 -13.81 28.20 -90.64
N LEU A 165 -13.53 28.53 -89.40
CA LEU A 165 -13.79 29.88 -88.94
C LEU A 165 -12.74 30.88 -89.42
N TYR A 166 -11.52 30.42 -89.65
CA TYR A 166 -10.50 31.35 -90.17
C TYR A 166 -10.81 31.91 -91.55
N LEU A 167 -11.30 31.10 -92.48
CA LEU A 167 -11.51 31.52 -93.87
C LEU A 167 -12.16 32.89 -94.14
N PRO A 168 -13.33 33.20 -93.60
CA PRO A 168 -13.90 34.53 -93.85
C PRO A 168 -13.02 35.71 -93.46
N PHE A 169 -12.33 35.62 -92.33
CA PHE A 169 -11.44 36.71 -91.96
C PHE A 169 -10.31 36.89 -92.97
N VAL A 170 -9.75 35.78 -93.45
CA VAL A 170 -8.75 35.84 -94.51
C VAL A 170 -9.31 36.61 -95.70
N VAL A 171 -10.49 36.21 -96.15
CA VAL A 171 -11.14 36.91 -97.27
C VAL A 171 -11.20 38.41 -97.02
N VAL A 172 -11.68 38.81 -95.85
CA VAL A 172 -11.76 40.23 -95.51
C VAL A 172 -10.41 40.93 -95.61
N ASP A 173 -9.35 40.25 -95.21
CA ASP A 173 -8.02 40.84 -95.33
C ASP A 173 -7.61 41.05 -96.77
N LEU A 174 -7.90 40.08 -97.63
CA LEU A 174 -7.59 40.24 -99.05
C LEU A 174 -8.38 41.40 -99.66
N VAL A 175 -9.65 41.50 -99.32
CA VAL A 175 -10.46 42.58 -99.86
C VAL A 175 -9.89 43.94 -99.48
N VAL A 176 -9.65 44.16 -98.19
CA VAL A 176 -9.06 45.42 -97.76
C VAL A 176 -7.79 45.74 -98.53
N SER A 177 -6.87 44.79 -98.60
CA SER A 177 -5.60 45.08 -99.28
C SER A 177 -5.83 45.46 -100.74
N SER A 178 -6.70 44.73 -101.43
CA SER A 178 -6.92 45.02 -102.84
C SER A 178 -7.53 46.40 -103.02
N VAL A 179 -8.40 46.81 -102.10
CA VAL A 179 -8.97 48.15 -102.20
C VAL A 179 -7.90 49.22 -102.01
N LEU A 180 -7.07 49.10 -100.97
CA LEU A 180 -6.00 50.08 -100.80
C LEU A 180 -5.11 50.18 -102.04
N LEU A 181 -4.84 49.06 -102.69
CA LEU A 181 -4.03 49.15 -103.91
C LEU A 181 -4.80 49.81 -105.04
N ALA A 182 -6.06 49.45 -105.21
CA ALA A 182 -6.83 50.02 -106.31
C ALA A 182 -7.01 51.52 -106.12
N LEU A 183 -7.01 51.99 -104.88
CA LEU A 183 -7.04 53.42 -104.62
C LEU A 183 -5.66 54.05 -104.71
N GLY A 184 -4.59 53.24 -104.79
CA GLY A 184 -3.24 53.77 -104.73
C GLY A 184 -2.83 54.42 -103.43
N MET A 185 -3.70 54.33 -102.42
CA MET A 185 -3.40 54.83 -101.09
C MET A 185 -2.48 53.81 -100.42
N MET A 186 -1.31 53.64 -101.06
CA MET A 186 -0.44 52.50 -100.82
C MET A 186 0.14 52.47 -99.42
N MET A 187 0.75 53.56 -98.97
CA MET A 187 1.59 53.52 -97.76
C MET A 187 0.77 53.66 -96.48
N MET A 188 -0.19 52.74 -96.34
CA MET A 188 -0.91 52.56 -95.10
C MET A 188 -1.00 51.06 -94.83
N SER A 189 -0.72 50.67 -93.60
CA SER A 189 -0.78 49.25 -93.24
C SER A 189 -2.23 48.81 -93.11
N PRO A 190 -2.65 47.73 -93.77
CA PRO A 190 -4.07 47.38 -93.77
C PRO A 190 -4.59 46.88 -92.44
N VAL A 191 -3.73 46.35 -91.57
CA VAL A 191 -4.21 45.75 -90.32
C VAL A 191 -4.95 46.78 -89.49
N THR A 192 -4.46 48.02 -89.50
CA THR A 192 -5.07 49.09 -88.72
C THR A 192 -6.52 49.31 -89.12
N ILE A 193 -6.84 49.02 -90.36
CA ILE A 193 -8.18 49.22 -90.89
C ILE A 193 -9.03 47.97 -90.71
N SER A 194 -8.45 46.82 -91.00
CA SER A 194 -9.22 45.58 -91.00
C SER A 194 -9.52 45.00 -89.62
N THR A 195 -8.71 45.25 -88.59
CA THR A 195 -9.09 44.73 -87.29
C THR A 195 -10.36 45.36 -86.71
N PRO A 196 -10.54 46.68 -86.74
CA PRO A 196 -11.88 47.22 -86.45
C PRO A 196 -13.00 46.60 -87.25
N ILE A 197 -12.80 46.36 -88.53
CA ILE A 197 -13.87 45.80 -89.36
C ILE A 197 -14.22 44.38 -88.93
N LYS A 198 -13.20 43.54 -88.74
CA LYS A 198 -13.46 42.19 -88.26
C LYS A 198 -14.24 42.20 -86.95
N LEU A 199 -13.80 43.03 -86.00
CA LEU A 199 -14.48 43.08 -84.71
C LEU A 199 -15.93 43.49 -84.85
N VAL A 200 -16.17 44.63 -85.49
CA VAL A 200 -17.53 45.13 -85.61
C VAL A 200 -18.41 44.14 -86.35
N LEU A 201 -17.91 43.52 -87.40
CA LEU A 201 -18.72 42.57 -88.16
C LEU A 201 -19.11 41.35 -87.33
N PHE A 202 -18.15 40.79 -86.59
CA PHE A 202 -18.45 39.58 -85.84
C PHE A 202 -19.38 39.87 -84.67
N VAL A 203 -19.18 41.01 -84.01
CA VAL A 203 -20.05 41.35 -82.91
C VAL A 203 -21.44 41.69 -83.42
N ALA A 204 -21.52 42.44 -84.52
CA ALA A 204 -22.81 42.77 -85.08
C ALA A 204 -23.57 41.54 -85.54
N LEU A 205 -22.89 40.41 -85.74
CA LEU A 205 -23.62 39.18 -86.08
C LEU A 205 -23.71 38.21 -84.91
N ASP A 206 -23.25 38.60 -83.72
CA ASP A 206 -23.33 37.74 -82.54
C ASP A 206 -22.62 36.42 -82.72
N GLY A 207 -21.47 36.46 -83.37
CA GLY A 207 -20.75 35.23 -83.58
C GLY A 207 -20.60 34.39 -82.33
N TRP A 208 -20.31 35.02 -81.20
CA TRP A 208 -20.16 34.26 -79.96
C TRP A 208 -21.42 33.50 -79.57
N THR A 209 -22.60 34.03 -79.84
CA THR A 209 -23.81 33.30 -79.48
C THR A 209 -24.01 32.07 -80.35
N LEU A 210 -23.98 32.28 -81.67
CA LEU A 210 -24.10 31.16 -82.59
C LEU A 210 -23.05 30.11 -82.30
N LEU A 211 -21.83 30.54 -82.03
CA LEU A 211 -20.75 29.63 -81.66
C LEU A 211 -21.08 28.80 -80.42
N SER A 212 -21.57 29.44 -79.37
CA SER A 212 -21.92 28.70 -78.15
C SER A 212 -23.02 27.68 -78.39
N LYS A 213 -24.09 28.07 -79.10
CA LYS A 213 -25.11 27.09 -79.43
C LYS A 213 -24.56 25.95 -80.27
N GLY A 214 -23.79 26.27 -81.30
CA GLY A 214 -23.30 25.24 -82.17
C GLY A 214 -22.41 24.26 -81.45
N LEU A 215 -21.71 24.72 -80.42
CA LEU A 215 -20.91 23.79 -79.62
C LEU A 215 -21.77 22.93 -78.72
N ILE A 216 -22.75 23.50 -78.04
CA ILE A 216 -23.50 22.68 -77.08
C ILE A 216 -24.38 21.64 -77.79
N LEU A 217 -24.91 21.98 -78.95
CA LEU A 217 -25.81 21.07 -79.63
C LEU A 217 -25.15 19.78 -80.10
N GLN A 218 -23.85 19.61 -79.95
CA GLN A 218 -23.26 18.30 -80.15
C GLN A 218 -23.50 17.37 -78.97
N TYR A 219 -23.81 17.92 -77.80
CA TYR A 219 -23.81 17.16 -76.56
C TYR A 219 -25.15 17.16 -75.85
N MET A 220 -26.03 18.12 -76.12
CA MET A 220 -27.31 18.19 -75.44
C MET A 220 -28.36 18.67 -76.40
N ASP A 221 -29.62 18.49 -76.01
CA ASP A 221 -30.71 19.32 -76.51
C ASP A 221 -31.08 20.37 -75.46
N ILE A 222 -31.11 21.63 -75.90
CA ILE A 222 -31.25 22.73 -74.96
C ILE A 222 -32.65 22.75 -74.35
N ALA A 223 -33.65 22.38 -75.15
CA ALA A 223 -35.03 22.33 -74.69
C ALA A 223 -35.25 21.21 -73.69
N MET B 1 5.37 -4.11 -43.86
CA MET B 1 5.73 -5.14 -42.86
C MET B 1 6.92 -5.99 -43.28
N GLY B 2 7.58 -6.57 -42.27
CA GLY B 2 8.77 -7.37 -42.48
C GLY B 2 9.96 -6.77 -41.75
N ASN B 3 11.12 -6.90 -42.36
CA ASN B 3 12.29 -6.21 -41.85
C ASN B 3 12.07 -4.70 -41.81
N ASP B 4 12.28 -4.13 -40.63
CA ASP B 4 12.10 -2.71 -40.43
C ASP B 4 12.87 -1.88 -41.43
N ILE B 5 14.08 -2.30 -41.79
CA ILE B 5 14.85 -1.56 -42.78
C ILE B 5 14.29 -1.70 -44.18
N SER B 6 13.75 -2.86 -44.52
CA SER B 6 13.12 -2.98 -45.82
C SER B 6 11.96 -2.01 -45.93
N LEU B 7 11.24 -1.81 -44.82
CA LEU B 7 10.15 -0.84 -44.82
C LEU B 7 10.65 0.58 -45.11
N ILE B 8 11.69 1.00 -44.40
CA ILE B 8 12.31 2.31 -44.66
C ILE B 8 12.67 2.46 -46.12
N ALA B 9 13.28 1.43 -46.70
CA ALA B 9 13.66 1.51 -48.11
C ALA B 9 12.45 1.72 -49.00
N LEU B 10 11.38 0.96 -48.78
CA LEU B 10 10.19 1.14 -49.58
C LEU B 10 9.66 2.57 -49.50
N LEU B 11 9.61 3.15 -48.30
CA LEU B 11 9.07 4.50 -48.18
C LEU B 11 9.99 5.54 -48.81
N ALA B 12 11.30 5.38 -48.67
CA ALA B 12 12.22 6.30 -49.34
C ALA B 12 12.02 6.27 -50.85
N PHE B 13 12.03 5.07 -51.42
CA PHE B 13 11.77 4.96 -52.85
C PHE B 13 10.50 5.69 -53.26
N SER B 14 9.38 5.39 -52.59
CA SER B 14 8.14 6.05 -52.96
C SER B 14 8.18 7.55 -52.76
N THR B 15 9.08 8.06 -51.93
CA THR B 15 9.21 9.51 -51.82
C THR B 15 9.95 10.10 -53.01
N LEU B 16 10.99 9.43 -53.48
CA LEU B 16 11.75 9.94 -54.62
C LEU B 16 11.11 9.67 -55.97
N LEU B 17 10.04 8.87 -56.01
CA LEU B 17 9.42 8.47 -57.27
C LEU B 17 9.24 9.54 -58.36
N PRO B 18 8.62 10.68 -58.11
CA PRO B 18 8.48 11.65 -59.21
C PRO B 18 9.77 12.19 -59.79
N PHE B 19 10.86 12.25 -59.05
CA PHE B 19 12.09 12.73 -59.65
C PHE B 19 12.70 11.67 -60.55
N ILE B 20 12.52 10.40 -60.20
CA ILE B 20 12.95 9.34 -61.08
C ILE B 20 12.14 9.38 -62.36
N ILE B 21 10.82 9.37 -62.26
CA ILE B 21 10.02 9.47 -63.48
C ILE B 21 10.43 10.67 -64.32
N ALA B 22 10.72 11.80 -63.70
CA ALA B 22 11.12 12.99 -64.44
C ALA B 22 12.53 12.97 -64.98
N SER B 23 13.37 12.01 -64.60
CA SER B 23 14.77 12.04 -65.01
C SER B 23 15.32 10.75 -65.61
N GLY B 24 14.63 9.64 -65.51
CA GLY B 24 15.12 8.36 -66.01
C GLY B 24 14.06 7.53 -66.69
N THR B 25 13.15 8.17 -67.41
CA THR B 25 12.01 7.50 -68.03
C THR B 25 11.63 8.21 -69.32
N CYS B 26 10.98 7.47 -70.23
CA CYS B 26 10.53 8.03 -71.50
C CYS B 26 9.63 9.25 -71.38
N PHE B 27 9.11 9.52 -70.19
CA PHE B 27 8.31 10.73 -70.00
C PHE B 27 9.11 11.95 -70.45
N VAL B 28 10.41 11.92 -70.22
CA VAL B 28 11.30 13.00 -70.66
C VAL B 28 11.15 13.27 -72.15
N LYS B 29 11.14 12.22 -72.96
CA LYS B 29 11.01 12.40 -74.40
C LYS B 29 9.63 12.88 -74.82
N PHE B 30 8.57 12.22 -74.35
CA PHE B 30 7.23 12.63 -74.78
C PHE B 30 6.88 14.05 -74.37
N SER B 31 7.27 14.47 -73.16
CA SER B 31 7.00 15.85 -72.74
C SER B 31 7.54 16.86 -73.71
N ILE B 32 8.80 16.71 -74.09
CA ILE B 32 9.44 17.62 -75.04
C ILE B 32 8.75 17.59 -76.39
N VAL B 33 8.60 16.40 -76.96
CA VAL B 33 8.02 16.30 -78.31
C VAL B 33 6.69 17.04 -78.44
N PHE B 34 5.75 16.81 -77.52
CA PHE B 34 4.47 17.50 -77.67
C PHE B 34 4.58 19.03 -77.62
N VAL B 35 5.40 19.57 -76.72
CA VAL B 35 5.55 21.02 -76.67
C VAL B 35 6.17 21.54 -77.95
N MET B 36 7.18 20.85 -78.48
CA MET B 36 7.77 21.29 -79.74
C MET B 36 6.74 21.29 -80.85
N VAL B 37 5.85 20.32 -80.89
CA VAL B 37 4.82 20.35 -81.92
C VAL B 37 3.93 21.57 -81.77
N ARG B 38 3.54 21.90 -80.55
CA ARG B 38 2.76 23.12 -80.37
C ARG B 38 3.49 24.36 -80.87
N ASN B 39 4.78 24.47 -80.58
CA ASN B 39 5.52 25.62 -81.08
C ASN B 39 5.66 25.61 -82.60
N ALA B 40 5.79 24.44 -83.20
CA ALA B 40 5.87 24.39 -84.65
C ALA B 40 4.59 24.86 -85.30
N LEU B 41 3.44 24.49 -84.73
CA LEU B 41 2.20 25.04 -85.26
C LEU B 41 2.03 26.51 -84.92
N GLY B 42 2.80 27.03 -83.98
CA GLY B 42 2.72 28.45 -83.67
C GLY B 42 1.62 28.88 -82.72
N LEU B 43 1.23 28.02 -81.80
CA LEU B 43 0.20 28.30 -80.82
C LEU B 43 0.88 28.57 -79.48
N GLN B 44 0.49 29.64 -78.80
CA GLN B 44 1.12 30.00 -77.54
C GLN B 44 0.39 29.47 -76.31
N GLN B 45 -0.88 29.08 -76.42
CA GLN B 45 -1.65 28.69 -75.25
C GLN B 45 -2.50 27.45 -75.48
N ILE B 46 -2.45 26.84 -76.65
CA ILE B 46 -3.34 25.75 -77.00
C ILE B 46 -2.53 24.53 -77.42
N PRO B 47 -2.84 23.33 -76.91
CA PRO B 47 -3.50 22.97 -75.67
C PRO B 47 -2.76 23.46 -74.45
N SER B 48 -3.37 23.36 -73.29
CA SER B 48 -2.65 23.65 -72.05
C SER B 48 -1.56 22.63 -71.78
N ASN B 49 -0.51 23.11 -71.11
CA ASN B 49 0.51 22.21 -70.59
C ASN B 49 -0.10 21.13 -69.71
N MET B 50 -1.16 21.47 -68.99
CA MET B 50 -1.81 20.50 -68.12
C MET B 50 -2.48 19.39 -68.91
N THR B 51 -2.83 19.63 -70.17
CA THR B 51 -3.34 18.57 -71.02
C THR B 51 -2.21 17.74 -71.63
N LEU B 52 -1.22 18.43 -72.18
CA LEU B 52 -0.11 17.74 -72.82
C LEU B 52 0.63 16.82 -71.85
N ASN B 53 0.97 17.32 -70.66
CA ASN B 53 1.63 16.46 -69.68
C ASN B 53 0.77 15.29 -69.22
N GLY B 54 -0.54 15.49 -69.11
CA GLY B 54 -1.40 14.36 -68.79
C GLY B 54 -1.32 13.24 -69.81
N VAL B 55 -1.45 13.60 -71.08
CA VAL B 55 -1.30 12.61 -72.13
C VAL B 55 0.07 11.94 -72.07
N ALA B 56 1.14 12.72 -71.99
CA ALA B 56 2.48 12.14 -71.93
C ALA B 56 2.64 11.16 -70.77
N LEU B 57 2.06 11.48 -69.62
CA LEU B 57 2.17 10.57 -68.48
C LEU B 57 1.43 9.27 -68.72
N LEU B 58 0.24 9.34 -69.29
CA LEU B 58 -0.48 8.11 -69.58
C LEU B 58 0.30 7.26 -70.57
N LEU B 59 0.69 7.82 -71.71
CA LEU B 59 1.47 7.05 -72.67
C LEU B 59 2.72 6.44 -72.05
N SER B 60 3.38 7.13 -71.13
CA SER B 60 4.56 6.52 -70.52
C SER B 60 4.19 5.35 -69.64
N MET B 61 3.03 5.40 -68.99
CA MET B 61 2.68 4.32 -68.09
C MET B 61 2.65 2.96 -68.78
N PHE B 62 2.08 2.87 -69.98
CA PHE B 62 2.10 1.60 -70.70
C PHE B 62 3.52 1.05 -70.84
N VAL B 63 4.42 1.87 -71.32
CA VAL B 63 5.79 1.43 -71.54
C VAL B 63 6.45 0.98 -70.24
N MET B 64 6.18 1.65 -69.13
CA MET B 64 6.91 1.30 -67.91
C MET B 64 6.26 0.22 -67.06
N TRP B 65 4.97 0.02 -67.14
CA TRP B 65 4.31 -0.97 -66.30
C TRP B 65 4.95 -2.36 -66.25
N PRO B 66 5.16 -3.04 -67.36
CA PRO B 66 5.68 -4.41 -67.28
C PRO B 66 6.95 -4.57 -66.45
N ILE B 67 7.82 -3.58 -66.43
CA ILE B 67 9.01 -3.66 -65.60
C ILE B 67 8.67 -3.57 -64.12
N MET B 68 7.77 -2.67 -63.74
CA MET B 68 7.37 -2.57 -62.35
C MET B 68 6.66 -3.82 -61.87
N HIS B 69 5.82 -4.39 -62.71
CA HIS B 69 5.15 -5.64 -62.33
C HIS B 69 6.13 -6.78 -62.17
N ASP B 70 7.02 -6.98 -63.14
CA ASP B 70 8.03 -8.01 -63.00
C ASP B 70 8.89 -7.86 -61.75
N ALA B 71 9.38 -6.66 -61.46
CA ALA B 71 10.17 -6.46 -60.24
C ALA B 71 9.37 -6.70 -58.97
N TYR B 72 8.09 -6.32 -58.97
CA TYR B 72 7.27 -6.57 -57.80
C TYR B 72 7.11 -8.06 -57.56
N VAL B 73 6.69 -8.79 -58.58
CA VAL B 73 6.55 -10.23 -58.44
C VAL B 73 7.86 -10.87 -58.01
N TYR B 74 8.98 -10.39 -58.53
CA TYR B 74 10.27 -10.93 -58.14
C TYR B 74 10.55 -10.76 -56.65
N PHE B 75 10.12 -9.67 -56.05
CA PHE B 75 10.38 -9.52 -54.61
C PHE B 75 9.32 -10.10 -53.71
N GLU B 76 8.07 -10.16 -54.16
CA GLU B 76 7.01 -10.88 -53.42
C GLU B 76 7.08 -12.39 -53.65
N ASP B 77 8.17 -12.97 -53.17
CA ASP B 77 8.45 -14.38 -53.38
C ASP B 77 9.20 -14.90 -52.16
N GLU B 78 8.60 -15.86 -51.47
CA GLU B 78 9.08 -16.41 -50.20
C GLU B 78 10.20 -17.41 -50.36
N ASP B 79 10.69 -17.64 -51.58
CA ASP B 79 11.61 -18.73 -51.87
C ASP B 79 12.69 -18.97 -50.81
N VAL B 80 13.39 -17.91 -50.39
CA VAL B 80 14.65 -18.05 -49.66
C VAL B 80 14.67 -17.13 -48.45
N THR B 81 15.53 -17.50 -47.48
CA THR B 81 16.08 -16.57 -46.52
C THR B 81 17.59 -16.72 -46.51
N PHE B 82 18.27 -15.61 -46.21
CA PHE B 82 19.64 -15.39 -46.65
C PHE B 82 20.63 -15.52 -45.50
N ASN B 83 21.74 -16.18 -45.81
CA ASN B 83 22.78 -16.43 -44.82
C ASN B 83 23.73 -15.26 -44.59
N ASP B 84 23.99 -14.43 -45.61
CA ASP B 84 25.15 -13.56 -45.52
C ASP B 84 24.97 -12.32 -46.39
N ILE B 85 25.75 -11.29 -46.05
CA ILE B 85 25.78 -10.05 -46.81
C ILE B 85 25.98 -10.28 -48.30
N SER B 86 26.92 -11.14 -48.69
CA SER B 86 27.15 -11.33 -50.11
C SER B 86 26.01 -12.05 -50.81
N SER B 87 25.32 -12.93 -50.09
CA SER B 87 24.20 -13.62 -50.70
C SER B 87 23.02 -12.68 -50.85
N LEU B 88 22.75 -11.90 -49.82
CA LEU B 88 21.65 -10.95 -49.88
C LEU B 88 21.90 -9.90 -50.93
N SER B 89 23.08 -9.26 -50.93
CA SER B 89 23.34 -8.23 -51.91
C SER B 89 23.28 -8.74 -53.34
N LYS B 90 23.81 -9.94 -53.61
CA LYS B 90 23.67 -10.43 -54.98
C LYS B 90 22.23 -10.81 -55.32
N HIS B 91 21.43 -11.21 -54.33
CA HIS B 91 20.01 -11.41 -54.61
C HIS B 91 19.30 -10.11 -54.91
N VAL B 92 19.62 -9.04 -54.18
CA VAL B 92 19.02 -7.74 -54.48
C VAL B 92 19.40 -7.32 -55.89
N ASP B 93 20.70 -7.34 -56.19
CA ASP B 93 21.17 -6.88 -57.48
C ASP B 93 20.50 -7.60 -58.63
N GLU B 94 20.34 -8.92 -58.53
CA GLU B 94 19.69 -9.65 -59.61
C GLU B 94 18.24 -9.24 -59.86
N GLY B 95 17.60 -8.52 -58.95
CA GLY B 95 16.25 -8.04 -59.21
C GLY B 95 16.14 -6.81 -60.09
N LEU B 96 17.16 -5.95 -60.10
CA LEU B 96 17.16 -4.73 -60.88
C LEU B 96 17.59 -4.91 -62.32
N ASP B 97 18.12 -6.08 -62.67
CA ASP B 97 18.57 -6.31 -64.03
C ASP B 97 17.55 -5.96 -65.10
N GLY B 98 16.26 -6.11 -64.85
CA GLY B 98 15.30 -5.72 -65.87
C GLY B 98 15.33 -4.24 -66.20
N TYR B 99 15.47 -3.40 -65.18
CA TYR B 99 15.60 -1.97 -65.38
C TYR B 99 16.97 -1.60 -65.94
N ARG B 100 18.03 -2.11 -65.32
CA ARG B 100 19.37 -1.93 -65.87
C ARG B 100 19.42 -2.24 -67.36
N ASP B 101 18.81 -3.34 -67.76
CA ASP B 101 18.76 -3.72 -69.16
C ASP B 101 17.85 -2.85 -69.99
N TYR B 102 16.87 -2.20 -69.40
CA TYR B 102 16.14 -1.18 -70.16
C TYR B 102 17.01 0.05 -70.43
N LEU B 103 17.68 0.56 -69.41
CA LEU B 103 18.55 1.72 -69.58
C LEU B 103 19.69 1.47 -70.56
N ILE B 104 20.20 0.24 -70.61
CA ILE B 104 21.36 -0.05 -71.47
C ILE B 104 21.04 0.08 -72.95
N LYS B 105 19.81 -0.18 -73.36
CA LYS B 105 19.53 -0.08 -74.79
C LYS B 105 19.59 1.34 -75.32
N TYR B 106 19.43 2.34 -74.47
CA TYR B 106 19.26 3.70 -74.92
C TYR B 106 20.36 4.65 -74.51
N SER B 107 20.97 4.48 -73.34
CA SER B 107 22.16 5.26 -73.07
C SER B 107 23.26 4.89 -74.07
N ASP B 108 24.29 5.74 -74.14
CA ASP B 108 25.39 5.55 -75.09
C ASP B 108 26.67 5.06 -74.41
N ARG B 109 27.26 4.04 -75.01
CA ARG B 109 28.35 3.26 -74.42
C ARG B 109 29.52 4.13 -73.98
N GLU B 110 29.93 5.07 -74.82
CA GLU B 110 31.14 5.82 -74.54
C GLU B 110 30.95 6.75 -73.35
N LEU B 111 29.79 7.38 -73.27
CA LEU B 111 29.48 8.26 -72.16
C LEU B 111 29.29 7.46 -70.88
N VAL B 112 28.59 6.32 -70.98
CA VAL B 112 28.47 5.42 -69.83
C VAL B 112 29.84 5.06 -69.30
N GLN B 113 30.74 4.60 -70.17
CA GLN B 113 32.05 4.17 -69.71
C GLN B 113 32.83 5.33 -69.09
N PHE B 114 32.72 6.52 -69.67
CA PHE B 114 33.39 7.66 -69.08
C PHE B 114 32.90 7.92 -67.66
N PHE B 115 31.60 7.82 -67.44
CA PHE B 115 31.11 8.03 -66.08
C PHE B 115 31.56 6.91 -65.16
N GLU B 116 31.64 5.68 -65.63
CA GLU B 116 32.13 4.63 -64.73
C GLU B 116 33.58 4.88 -64.36
N ASN B 117 34.39 5.32 -65.32
CA ASN B 117 35.75 5.69 -65.00
C ASN B 117 35.80 6.80 -63.96
N ALA B 118 34.79 7.65 -63.95
CA ALA B 118 34.82 8.80 -63.05
C ALA B 118 34.65 8.43 -61.59
N GLN B 119 34.00 7.31 -61.29
CA GLN B 119 33.64 7.00 -59.91
C GLN B 119 34.79 6.41 -59.11
N LEU B 120 35.75 5.78 -59.79
CA LEU B 120 36.78 5.02 -59.10
C LEU B 120 37.59 5.92 -58.18
N LYS B 121 38.09 5.31 -57.11
CA LYS B 121 38.90 6.05 -56.15
C LYS B 121 40.07 6.71 -56.85
N ARG B 122 40.33 7.96 -56.48
CA ARG B 122 41.43 8.69 -57.07
C ARG B 122 42.76 8.02 -56.74
N GLN B 123 43.76 8.30 -57.56
CA GLN B 123 45.13 7.92 -57.28
C GLN B 123 46.06 9.11 -57.52
N TYR B 124 47.25 9.01 -56.95
CA TYR B 124 48.19 10.12 -56.93
C TYR B 124 48.89 10.28 -58.27
N GLY B 125 49.47 9.20 -58.78
CA GLY B 125 49.61 9.06 -60.21
C GLY B 125 48.25 8.84 -60.85
N GLU B 126 48.21 8.99 -62.17
CA GLU B 126 46.99 8.64 -62.89
C GLU B 126 46.66 7.17 -62.66
N GLU B 127 45.36 6.88 -62.57
CA GLU B 127 44.90 5.59 -62.08
C GLU B 127 45.52 4.45 -62.87
N THR B 128 45.75 3.35 -62.15
CA THR B 128 46.19 2.11 -62.76
C THR B 128 45.15 1.61 -63.77
N GLU B 129 45.63 1.27 -64.96
CA GLU B 129 44.77 0.95 -66.09
C GLU B 129 44.10 -0.41 -65.88
N THR B 130 42.95 -0.60 -66.55
CA THR B 130 42.32 -1.90 -66.58
C THR B 130 41.48 -2.04 -67.85
N VAL B 131 41.24 -3.30 -68.21
CA VAL B 131 40.21 -3.73 -69.15
C VAL B 131 39.43 -4.84 -68.48
N LYS B 132 38.11 -4.84 -68.63
CA LYS B 132 37.25 -5.78 -67.92
C LYS B 132 36.34 -6.50 -68.91
N ARG B 133 36.01 -7.73 -68.57
CA ARG B 133 35.20 -8.57 -69.45
C ARG B 133 33.73 -8.16 -69.46
N ASP B 134 33.06 -8.63 -70.52
CA ASP B 134 31.75 -8.13 -70.88
C ASP B 134 30.71 -8.34 -69.79
N LYS B 135 30.79 -9.43 -69.03
CA LYS B 135 29.73 -9.71 -68.06
C LYS B 135 29.63 -8.66 -66.97
N ASP B 136 30.73 -8.01 -66.59
CA ASP B 136 30.55 -6.71 -65.95
C ASP B 136 30.31 -5.62 -66.98
N GLU B 137 31.20 -5.49 -67.94
CA GLU B 137 31.35 -4.20 -68.62
C GLU B 137 30.18 -3.97 -69.58
N ILE B 138 29.90 -4.95 -70.42
CA ILE B 138 28.75 -4.85 -71.32
C ILE B 138 27.45 -5.09 -70.56
N GLU B 139 27.39 -6.19 -69.80
CA GLU B 139 26.18 -6.62 -69.13
C GLU B 139 25.84 -5.78 -67.90
N LYS B 140 26.83 -5.27 -67.16
CA LYS B 140 26.53 -4.77 -65.82
C LYS B 140 27.30 -3.53 -65.37
N PRO B 141 27.32 -2.46 -66.14
CA PRO B 141 27.69 -1.16 -65.57
C PRO B 141 26.72 -0.73 -64.49
N SER B 142 27.21 0.11 -63.57
CA SER B 142 26.45 0.52 -62.39
C SER B 142 25.39 1.57 -62.74
N ILE B 143 24.30 1.57 -61.97
CA ILE B 143 23.16 2.41 -62.31
C ILE B 143 23.47 3.88 -62.06
N PHE B 144 24.22 4.19 -61.02
CA PHE B 144 24.65 5.57 -60.83
C PHE B 144 25.51 6.08 -61.97
N ALA B 145 25.97 5.22 -62.87
CA ALA B 145 26.53 5.74 -64.10
C ALA B 145 25.50 5.81 -65.20
N LEU B 146 24.68 4.79 -65.35
CA LEU B 146 23.76 4.74 -66.47
C LEU B 146 22.79 5.91 -66.47
N LEU B 147 22.33 6.32 -65.30
CA LEU B 147 21.15 7.17 -65.24
C LEU B 147 21.34 8.54 -65.92
N PRO B 148 22.35 9.34 -65.59
CA PRO B 148 22.55 10.60 -66.32
C PRO B 148 22.87 10.44 -67.79
N ALA B 149 23.62 9.42 -68.18
CA ALA B 149 23.86 9.20 -69.60
C ALA B 149 22.55 8.99 -70.33
N TYR B 150 21.63 8.29 -69.71
CA TYR B 150 20.31 8.12 -70.27
C TYR B 150 19.59 9.45 -70.44
N ALA B 151 19.45 10.19 -69.36
CA ALA B 151 18.81 11.49 -69.45
C ALA B 151 19.34 12.35 -70.60
N LEU B 152 20.66 12.51 -70.67
CA LEU B 152 21.26 13.31 -71.74
C LEU B 152 20.97 12.77 -73.14
N SER B 153 21.13 11.48 -73.35
CA SER B 153 20.87 10.92 -74.66
C SER B 153 19.40 11.08 -75.08
N GLU B 154 18.49 10.93 -74.12
CA GLU B 154 17.09 11.16 -74.41
C GLU B 154 16.82 12.58 -74.86
N ILE B 155 17.26 13.57 -74.08
CA ILE B 155 17.09 14.95 -74.51
C ILE B 155 17.57 15.16 -75.95
N LYS B 156 18.80 14.73 -76.24
CA LYS B 156 19.31 14.86 -77.60
C LYS B 156 18.36 14.27 -78.64
N SER B 157 18.04 12.99 -78.50
CA SER B 157 17.11 12.35 -79.44
C SER B 157 15.77 13.09 -79.55
N ALA B 158 15.34 13.78 -78.50
CA ALA B 158 14.10 14.56 -78.62
C ALA B 158 14.28 15.76 -79.53
N PHE B 159 15.32 16.55 -79.28
CA PHE B 159 15.58 17.68 -80.18
C PHE B 159 15.65 17.23 -81.63
N LYS B 160 16.33 16.12 -81.88
CA LYS B 160 16.38 15.60 -83.25
C LYS B 160 15.01 15.47 -83.90
N ILE B 161 14.07 14.83 -83.21
CA ILE B 161 12.70 14.71 -83.72
C ILE B 161 12.08 16.06 -84.01
N GLY B 162 12.16 16.97 -83.04
CA GLY B 162 11.60 18.29 -83.26
C GLY B 162 12.10 18.95 -84.53
N PHE B 163 13.39 18.83 -84.80
CA PHE B 163 13.94 19.32 -86.06
C PHE B 163 13.13 18.84 -87.26
N TYR B 164 12.95 17.52 -87.40
CA TYR B 164 12.20 17.04 -88.57
C TYR B 164 10.79 17.57 -88.61
N LEU B 165 10.15 17.69 -87.45
CA LEU B 165 8.78 18.20 -87.45
C LEU B 165 8.67 19.62 -88.00
N TYR B 166 9.65 20.47 -87.71
CA TYR B 166 9.62 21.83 -88.26
C TYR B 166 9.68 21.96 -89.79
N LEU B 167 10.48 21.14 -90.48
CA LEU B 167 10.70 21.33 -91.91
C LEU B 167 9.50 21.61 -92.82
N PRO B 168 8.45 20.80 -92.87
CA PRO B 168 7.34 21.14 -93.76
C PRO B 168 6.69 22.49 -93.50
N PHE B 169 6.54 22.89 -92.26
CA PHE B 169 5.98 24.20 -91.98
C PHE B 169 6.88 25.32 -92.46
N VAL B 170 8.20 25.18 -92.30
CA VAL B 170 9.11 26.17 -92.88
C VAL B 170 8.87 26.29 -94.39
N VAL B 171 8.73 25.17 -95.07
CA VAL B 171 8.42 25.22 -96.51
C VAL B 171 7.17 26.05 -96.76
N VAL B 172 6.08 25.74 -96.06
CA VAL B 172 4.85 26.51 -96.21
C VAL B 172 5.10 28.01 -96.01
N ASP B 173 5.70 28.36 -94.89
CA ASP B 173 5.93 29.75 -94.56
C ASP B 173 6.66 30.51 -95.65
N LEU B 174 7.64 29.88 -96.29
CA LEU B 174 8.33 30.53 -97.41
C LEU B 174 7.45 30.67 -98.64
N VAL B 175 6.92 29.55 -99.13
CA VAL B 175 6.07 29.58 -100.32
C VAL B 175 5.00 30.66 -100.23
N VAL B 176 4.26 30.71 -99.13
CA VAL B 176 3.17 31.69 -99.03
C VAL B 176 3.66 33.12 -99.18
N SER B 177 4.80 33.45 -98.58
CA SER B 177 5.36 34.78 -98.77
C SER B 177 5.72 35.05 -100.22
N SER B 178 6.34 34.09 -100.87
CA SER B 178 6.74 34.32 -102.25
C SER B 178 5.53 34.54 -103.16
N VAL B 179 4.44 33.84 -102.90
CA VAL B 179 3.24 34.07 -103.70
C VAL B 179 2.61 35.43 -103.41
N LEU B 180 2.60 35.86 -102.16
CA LEU B 180 2.08 37.21 -101.90
C LEU B 180 2.94 38.28 -102.57
N LEU B 181 4.25 38.11 -102.58
CA LEU B 181 5.08 39.06 -103.32
C LEU B 181 4.79 39.00 -104.81
N ALA B 182 4.54 37.80 -105.34
CA ALA B 182 4.21 37.73 -106.76
C ALA B 182 2.90 38.45 -107.06
N LEU B 183 2.00 38.54 -106.09
CA LEU B 183 0.78 39.31 -106.30
C LEU B 183 0.93 40.78 -105.92
N GLY B 184 2.09 41.20 -105.42
CA GLY B 184 2.36 42.59 -105.11
C GLY B 184 1.82 43.12 -103.80
N MET B 185 1.13 42.31 -103.01
CA MET B 185 0.51 42.76 -101.78
C MET B 185 1.58 42.84 -100.71
N MET B 186 2.67 43.53 -101.01
CA MET B 186 3.89 43.45 -100.20
C MET B 186 3.67 43.79 -98.74
N MET B 187 2.66 44.59 -98.41
CA MET B 187 2.56 45.09 -97.05
C MET B 187 1.84 44.15 -96.09
N MET B 188 1.06 43.21 -96.59
CA MET B 188 0.27 42.34 -95.72
C MET B 188 1.18 41.36 -94.98
N SER B 189 0.90 41.16 -93.70
CA SER B 189 1.64 40.18 -92.93
C SER B 189 1.21 38.77 -93.31
N PRO B 190 2.15 37.89 -93.70
CA PRO B 190 1.78 36.54 -94.12
C PRO B 190 1.38 35.59 -93.00
N VAL B 191 1.64 35.93 -91.73
CA VAL B 191 1.23 35.06 -90.64
C VAL B 191 -0.26 34.78 -90.66
N THR B 192 -1.04 35.79 -91.06
CA THR B 192 -2.49 35.72 -91.08
C THR B 192 -3.02 34.67 -92.02
N ILE B 193 -2.21 34.23 -92.97
CA ILE B 193 -2.62 33.24 -93.94
C ILE B 193 -1.88 31.93 -93.73
N SER B 194 -0.61 32.01 -93.35
CA SER B 194 0.16 30.79 -93.16
C SER B 194 -0.37 29.95 -92.00
N THR B 195 -0.79 30.58 -90.91
CA THR B 195 -1.25 29.77 -89.78
C THR B 195 -2.37 28.78 -90.10
N PRO B 196 -3.50 29.19 -90.67
CA PRO B 196 -4.52 28.20 -91.03
C PRO B 196 -4.05 27.12 -91.98
N ILE B 197 -3.20 27.45 -92.96
CA ILE B 197 -2.66 26.40 -93.81
C ILE B 197 -1.98 25.33 -92.99
N LYS B 198 -1.10 25.75 -92.08
CA LYS B 198 -0.42 24.80 -91.20
C LYS B 198 -1.41 23.91 -90.47
N LEU B 199 -2.48 24.50 -89.93
CA LEU B 199 -3.46 23.65 -89.23
C LEU B 199 -4.12 22.64 -90.16
N VAL B 200 -4.57 23.09 -91.33
CA VAL B 200 -5.14 22.19 -92.32
C VAL B 200 -4.20 21.03 -92.62
N LEU B 201 -2.95 21.35 -92.92
CA LEU B 201 -1.97 20.32 -93.21
C LEU B 201 -1.83 19.33 -92.07
N PHE B 202 -1.82 19.80 -90.83
CA PHE B 202 -1.64 18.88 -89.71
C PHE B 202 -2.85 17.98 -89.50
N VAL B 203 -4.06 18.49 -89.67
CA VAL B 203 -5.21 17.61 -89.50
C VAL B 203 -5.32 16.63 -90.66
N ALA B 204 -5.07 17.06 -91.89
CA ALA B 204 -5.15 16.11 -92.99
C ALA B 204 -4.08 15.04 -92.86
N LEU B 205 -2.91 15.40 -92.36
CA LEU B 205 -1.87 14.43 -92.07
C LEU B 205 -2.19 13.57 -90.86
N ASP B 206 -3.13 13.98 -90.02
CA ASP B 206 -3.45 13.27 -88.77
C ASP B 206 -2.20 13.04 -87.91
N GLY B 207 -1.48 14.12 -87.67
CA GLY B 207 -0.22 14.05 -86.96
C GLY B 207 -0.26 13.47 -85.56
N TRP B 208 -1.35 13.70 -84.82
CA TRP B 208 -1.43 13.12 -83.47
C TRP B 208 -1.44 11.61 -83.46
N THR B 209 -2.25 10.98 -84.32
CA THR B 209 -2.23 9.53 -84.36
C THR B 209 -0.86 8.98 -84.71
N LEU B 210 -0.24 9.50 -85.77
CA LEU B 210 1.09 9.03 -86.14
C LEU B 210 2.10 9.19 -85.02
N LEU B 211 2.19 10.38 -84.43
CA LEU B 211 3.13 10.57 -83.33
C LEU B 211 2.88 9.62 -82.17
N SER B 212 1.63 9.55 -81.70
CA SER B 212 1.33 8.68 -80.56
C SER B 212 1.65 7.22 -80.85
N LYS B 213 1.29 6.72 -82.03
CA LYS B 213 1.67 5.36 -82.39
C LYS B 213 3.19 5.16 -82.48
N GLY B 214 3.85 5.86 -83.39
CA GLY B 214 5.27 5.62 -83.57
C GLY B 214 6.12 5.80 -82.32
N LEU B 215 5.79 6.78 -81.48
CA LEU B 215 6.56 6.89 -80.26
C LEU B 215 6.48 5.63 -79.42
N ILE B 216 5.29 5.04 -79.29
CA ILE B 216 5.17 3.79 -78.55
C ILE B 216 5.91 2.67 -79.25
N LEU B 217 5.78 2.59 -80.57
CA LEU B 217 6.48 1.54 -81.32
C LEU B 217 7.98 1.57 -81.11
N GLN B 218 8.56 2.71 -80.78
CA GLN B 218 10.00 2.69 -80.54
C GLN B 218 10.38 1.81 -79.35
N TYR B 219 9.49 1.57 -78.40
CA TYR B 219 9.79 0.80 -77.19
C TYR B 219 9.04 -0.50 -77.11
N MET B 220 7.75 -0.50 -77.41
CA MET B 220 6.98 -1.73 -77.42
C MET B 220 7.23 -2.50 -78.71
N ASP B 221 6.76 -3.74 -78.72
CA ASP B 221 6.70 -4.54 -79.93
C ASP B 221 5.30 -5.08 -80.01
N ILE B 222 4.59 -4.75 -81.09
CA ILE B 222 3.17 -5.05 -81.21
C ILE B 222 2.93 -5.76 -82.53
N ALA B 223 2.10 -6.80 -82.49
CA ALA B 223 1.77 -7.57 -83.66
C ALA B 223 0.30 -7.95 -83.61
N MET C 1 25.07 5.99 -30.38
CA MET C 1 26.17 6.98 -30.27
C MET C 1 26.75 6.95 -28.87
N GLY C 2 28.04 7.27 -28.78
CA GLY C 2 28.73 7.36 -27.51
C GLY C 2 28.75 8.71 -26.85
N ASN C 3 28.25 9.76 -27.50
CA ASN C 3 28.22 11.07 -26.88
C ASN C 3 27.01 11.84 -27.38
N ASP C 4 26.19 12.29 -26.43
CA ASP C 4 24.99 13.04 -26.74
C ASP C 4 25.28 14.31 -27.53
N ILE C 5 26.40 14.95 -27.28
CA ILE C 5 26.68 16.17 -28.03
C ILE C 5 27.14 15.84 -29.43
N SER C 6 27.88 14.75 -29.59
CA SER C 6 28.21 14.32 -30.94
C SER C 6 26.95 14.05 -31.73
N LEU C 7 25.98 13.39 -31.09
CA LEU C 7 24.70 13.16 -31.75
C LEU C 7 24.03 14.46 -32.17
N ILE C 8 23.93 15.43 -31.25
CA ILE C 8 23.32 16.71 -31.59
C ILE C 8 23.99 17.36 -32.79
N ALA C 9 25.32 17.45 -32.75
CA ALA C 9 26.04 18.06 -33.86
C ALA C 9 25.78 17.35 -35.18
N LEU C 10 25.80 16.03 -35.16
CA LEU C 10 25.53 15.28 -36.40
C LEU C 10 24.15 15.60 -36.96
N LEU C 11 23.12 15.58 -36.12
CA LEU C 11 21.79 15.90 -36.61
C LEU C 11 21.68 17.34 -37.13
N ALA C 12 22.30 18.30 -36.44
CA ALA C 12 22.28 19.67 -36.95
C ALA C 12 22.88 19.76 -38.34
N PHE C 13 24.07 19.22 -38.53
CA PHE C 13 24.68 19.24 -39.85
C PHE C 13 23.75 18.60 -40.88
N SER C 14 23.19 17.44 -40.56
CA SER C 14 22.25 16.81 -41.47
C SER C 14 21.07 17.70 -41.81
N THR C 15 20.70 18.60 -40.91
CA THR C 15 19.59 19.50 -41.19
C THR C 15 20.00 20.66 -42.08
N LEU C 16 21.27 21.03 -42.07
CA LEU C 16 21.72 22.15 -42.88
C LEU C 16 22.21 21.75 -44.26
N LEU C 17 22.47 20.48 -44.50
CA LEU C 17 22.99 20.06 -45.79
C LEU C 17 22.51 20.76 -47.06
N PRO C 18 21.22 20.86 -47.35
CA PRO C 18 20.83 21.50 -48.62
C PRO C 18 21.28 22.93 -48.82
N PHE C 19 21.48 23.69 -47.77
CA PHE C 19 21.96 25.05 -47.99
C PHE C 19 23.46 25.06 -48.24
N ILE C 20 24.17 24.10 -47.67
CA ILE C 20 25.59 23.98 -47.93
C ILE C 20 25.81 23.50 -49.35
N ILE C 21 25.05 22.51 -49.78
CA ILE C 21 25.14 22.09 -51.18
C ILE C 21 24.83 23.24 -52.12
N ALA C 22 23.78 24.02 -51.83
CA ALA C 22 23.42 25.14 -52.69
C ALA C 22 24.36 26.34 -52.59
N SER C 23 25.31 26.36 -51.68
CA SER C 23 26.15 27.53 -51.50
C SER C 23 27.65 27.27 -51.43
N GLY C 24 28.10 26.03 -51.36
CA GLY C 24 29.50 25.69 -51.24
C GLY C 24 29.95 24.50 -52.05
N THR C 25 29.37 24.30 -53.22
CA THR C 25 29.63 23.13 -54.04
C THR C 25 29.47 23.49 -55.51
N CYS C 26 30.14 22.74 -56.37
CA CYS C 26 30.06 22.93 -57.82
C CYS C 26 28.64 22.91 -58.37
N PHE C 27 27.69 22.45 -57.57
CA PHE C 27 26.30 22.55 -57.97
C PHE C 27 25.94 23.97 -58.36
N VAL C 28 26.50 24.94 -57.64
CA VAL C 28 26.30 26.34 -57.99
C VAL C 28 26.57 26.61 -59.46
N LYS C 29 27.69 26.10 -59.98
CA LYS C 29 28.00 26.28 -61.39
C LYS C 29 27.11 25.45 -62.32
N PHE C 30 27.12 24.13 -62.15
CA PHE C 30 26.36 23.27 -63.07
C PHE C 30 24.89 23.66 -63.16
N SER C 31 24.28 24.06 -62.05
CA SER C 31 22.88 24.48 -62.11
C SER C 31 22.67 25.62 -63.10
N ILE C 32 23.52 26.63 -63.04
CA ILE C 32 23.39 27.81 -63.89
C ILE C 32 23.66 27.50 -65.35
N VAL C 33 24.75 26.81 -65.64
CA VAL C 33 25.12 26.58 -67.04
C VAL C 33 23.99 25.97 -67.87
N PHE C 34 23.32 24.93 -67.39
CA PHE C 34 22.24 24.33 -68.17
C PHE C 34 21.09 25.30 -68.44
N VAL C 35 20.71 26.11 -67.47
CA VAL C 35 19.64 27.07 -67.73
C VAL C 35 20.07 28.09 -68.77
N MET C 36 21.32 28.50 -68.74
CA MET C 36 21.78 29.41 -69.79
C MET C 36 21.75 28.75 -71.16
N VAL C 37 22.11 27.48 -71.24
CA VAL C 37 21.97 26.77 -72.50
C VAL C 37 20.54 26.83 -73.01
N ARG C 38 19.58 26.51 -72.16
CA ARG C 38 18.18 26.55 -72.59
C ARG C 38 17.76 27.93 -73.07
N ASN C 39 18.20 28.97 -72.39
CA ASN C 39 17.88 30.31 -72.84
C ASN C 39 18.51 30.62 -74.19
N ALA C 40 19.77 30.26 -74.37
CA ALA C 40 20.42 30.57 -75.62
C ALA C 40 19.78 29.82 -76.78
N LEU C 41 19.29 28.61 -76.54
CA LEU C 41 18.48 27.97 -77.57
C LEU C 41 17.14 28.64 -77.76
N GLY C 42 16.71 29.49 -76.84
CA GLY C 42 15.43 30.16 -77.02
C GLY C 42 14.20 29.32 -76.73
N LEU C 43 14.28 28.44 -75.75
CA LEU C 43 13.17 27.58 -75.36
C LEU C 43 12.63 28.08 -74.03
N GLN C 44 11.31 28.15 -73.91
CA GLN C 44 10.72 28.62 -72.66
C GLN C 44 10.55 27.51 -71.63
N GLN C 45 9.86 26.44 -72.00
CA GLN C 45 9.34 25.49 -71.01
C GLN C 45 10.18 24.24 -70.86
N ILE C 46 11.03 23.92 -71.83
CA ILE C 46 11.51 22.55 -71.98
C ILE C 46 13.03 22.53 -72.16
N PRO C 47 13.75 21.60 -71.56
CA PRO C 47 13.39 20.65 -70.50
C PRO C 47 12.94 21.32 -69.21
N SER C 48 12.32 20.54 -68.33
CA SER C 48 11.90 21.06 -67.04
C SER C 48 13.09 21.37 -66.14
N ASN C 49 12.89 22.39 -65.30
CA ASN C 49 13.91 22.74 -64.33
C ASN C 49 14.30 21.57 -63.46
N MET C 50 13.35 20.74 -63.05
CA MET C 50 13.75 19.64 -62.20
C MET C 50 14.48 18.53 -62.97
N THR C 51 14.32 18.45 -64.28
CA THR C 51 15.17 17.57 -65.06
C THR C 51 16.61 18.09 -65.08
N LEU C 52 16.76 19.35 -65.41
CA LEU C 52 18.10 19.93 -65.44
C LEU C 52 18.77 19.87 -64.07
N ASN C 53 18.09 20.32 -63.03
CA ASN C 53 18.65 20.22 -61.69
C ASN C 53 18.97 18.78 -61.28
N GLY C 54 18.14 17.82 -61.67
CA GLY C 54 18.47 16.43 -61.37
C GLY C 54 19.79 16.01 -61.96
N VAL C 55 20.01 16.31 -63.23
CA VAL C 55 21.30 16.02 -63.84
C VAL C 55 22.44 16.75 -63.14
N ALA C 56 22.29 18.05 -62.92
CA ALA C 56 23.32 18.80 -62.21
C ALA C 56 23.69 18.17 -60.87
N LEU C 57 22.70 17.69 -60.12
CA LEU C 57 22.99 17.08 -58.83
C LEU C 57 23.73 15.76 -58.99
N LEU C 58 23.32 14.95 -59.95
CA LEU C 58 24.04 13.71 -60.17
C LEU C 58 25.51 13.97 -60.49
N LEU C 59 25.78 14.84 -61.46
CA LEU C 59 27.16 15.14 -61.80
C LEU C 59 27.94 15.69 -60.61
N SER C 60 27.39 16.64 -59.88
CA SER C 60 28.13 17.15 -58.72
C SER C 60 28.44 16.06 -57.71
N MET C 61 27.59 15.04 -57.60
CA MET C 61 27.87 13.96 -56.67
C MET C 61 29.24 13.33 -56.90
N PHE C 62 29.56 12.98 -58.15
CA PHE C 62 30.88 12.41 -58.43
C PHE C 62 32.02 13.28 -57.93
N VAL C 63 31.95 14.58 -58.20
CA VAL C 63 33.03 15.47 -57.83
C VAL C 63 33.19 15.54 -56.32
N MET C 64 32.10 15.66 -55.58
CA MET C 64 32.24 15.85 -54.13
C MET C 64 32.42 14.58 -53.31
N TRP C 65 31.94 13.44 -53.77
CA TRP C 65 32.02 12.23 -52.96
C TRP C 65 33.37 11.88 -52.36
N PRO C 66 34.48 11.90 -53.08
CA PRO C 66 35.78 11.62 -52.42
C PRO C 66 36.04 12.36 -51.12
N ILE C 67 35.61 13.60 -50.98
CA ILE C 67 35.87 14.33 -49.74
C ILE C 67 35.00 13.82 -48.60
N MET C 68 33.70 13.65 -48.86
CA MET C 68 32.81 13.09 -47.85
C MET C 68 33.34 11.77 -47.31
N HIS C 69 33.75 10.89 -48.21
CA HIS C 69 34.28 9.60 -47.79
C HIS C 69 35.54 9.75 -46.96
N ASP C 70 36.49 10.55 -47.43
CA ASP C 70 37.68 10.78 -46.63
C ASP C 70 37.35 11.21 -45.21
N ALA C 71 36.44 12.18 -45.08
CA ALA C 71 36.12 12.70 -43.75
C ALA C 71 35.42 11.67 -42.88
N TYR C 72 34.56 10.85 -43.49
CA TYR C 72 33.89 9.79 -42.73
C TYR C 72 34.88 8.79 -42.18
N VAL C 73 35.76 8.28 -43.05
CA VAL C 73 36.78 7.34 -42.62
C VAL C 73 37.68 7.94 -41.56
N TYR C 74 37.99 9.23 -41.66
CA TYR C 74 38.79 9.89 -40.63
C TYR C 74 38.05 9.94 -39.30
N PHE C 75 36.80 10.34 -39.30
CA PHE C 75 36.09 10.56 -38.04
C PHE C 75 35.66 9.27 -37.35
N GLU C 76 35.35 8.21 -38.08
CA GLU C 76 34.89 6.99 -37.43
C GLU C 76 35.94 6.28 -36.58
N ASP C 77 37.21 6.64 -36.66
CA ASP C 77 38.22 6.03 -35.81
C ASP C 77 38.09 6.48 -34.36
N GLU C 78 37.82 5.52 -33.46
CA GLU C 78 37.88 5.72 -32.02
C GLU C 78 39.27 5.43 -31.46
N ASP C 79 40.31 5.51 -32.28
CA ASP C 79 41.64 5.04 -31.94
C ASP C 79 42.31 5.88 -30.86
N VAL C 80 41.87 7.11 -30.62
CA VAL C 80 42.43 7.95 -29.58
C VAL C 80 41.30 8.59 -28.78
N THR C 81 41.53 8.73 -27.48
CA THR C 81 40.61 9.43 -26.60
C THR C 81 41.34 10.57 -25.93
N PHE C 82 40.59 11.62 -25.61
CA PHE C 82 41.13 12.97 -25.57
C PHE C 82 41.30 13.46 -24.14
N ASN C 83 42.51 13.90 -23.83
CA ASN C 83 42.83 14.41 -22.52
C ASN C 83 42.17 15.76 -22.24
N ASP C 84 41.97 16.59 -23.25
CA ASP C 84 41.63 17.98 -22.95
C ASP C 84 40.99 18.69 -24.12
N ILE C 85 40.41 19.84 -23.80
CA ILE C 85 39.76 20.72 -24.76
C ILE C 85 40.62 20.92 -26.00
N SER C 86 41.85 21.41 -25.80
CA SER C 86 42.69 21.70 -26.95
C SER C 86 43.00 20.45 -27.77
N SER C 87 43.17 19.30 -27.13
CA SER C 87 43.45 18.09 -27.89
C SER C 87 42.27 17.69 -28.77
N LEU C 88 41.07 17.78 -28.22
CA LEU C 88 39.86 17.52 -29.00
C LEU C 88 39.72 18.54 -30.13
N SER C 89 39.75 19.81 -29.79
CA SER C 89 39.60 20.88 -30.76
C SER C 89 40.55 20.71 -31.94
N LYS C 90 41.81 20.43 -31.67
CA LYS C 90 42.75 20.21 -32.76
C LYS C 90 42.41 18.96 -33.56
N HIS C 91 42.01 17.89 -32.88
CA HIS C 91 41.61 16.70 -33.62
C HIS C 91 40.47 16.97 -34.59
N VAL C 92 39.47 17.71 -34.15
CA VAL C 92 38.36 18.08 -35.04
C VAL C 92 38.85 18.97 -36.18
N ASP C 93 39.49 20.07 -35.83
CA ASP C 93 40.00 21.00 -36.82
C ASP C 93 40.75 20.30 -37.95
N GLU C 94 41.75 19.50 -37.60
CA GLU C 94 42.51 18.79 -38.62
C GLU C 94 41.66 17.90 -39.52
N GLY C 95 40.42 17.57 -39.14
CA GLY C 95 39.57 16.78 -40.03
C GLY C 95 38.96 17.54 -41.19
N LEU C 96 38.60 18.80 -40.99
CA LEU C 96 38.02 19.65 -42.03
C LEU C 96 38.99 20.02 -43.15
N ASP C 97 40.29 19.93 -42.94
CA ASP C 97 41.24 20.39 -43.95
C ASP C 97 41.04 19.79 -45.34
N GLY C 98 40.48 18.60 -45.48
CA GLY C 98 40.19 18.12 -46.81
C GLY C 98 39.19 18.98 -47.56
N TYR C 99 38.23 19.57 -46.84
CA TYR C 99 37.27 20.53 -47.39
C TYR C 99 37.90 21.91 -47.53
N ARG C 100 38.62 22.33 -46.50
CA ARG C 100 39.23 23.65 -46.49
C ARG C 100 40.17 23.80 -47.68
N ASP C 101 40.89 22.75 -48.02
CA ASP C 101 41.73 22.78 -49.21
C ASP C 101 40.90 23.09 -50.45
N TYR C 102 39.79 22.38 -50.61
CA TYR C 102 39.01 22.52 -51.84
C TYR C 102 38.45 23.92 -51.97
N LEU C 103 37.96 24.50 -50.89
CA LEU C 103 37.52 25.89 -50.95
C LEU C 103 38.66 26.86 -51.27
N ILE C 104 39.83 26.66 -50.66
CA ILE C 104 40.94 27.59 -50.87
C ILE C 104 41.57 27.43 -52.25
N LYS C 105 41.36 26.30 -52.89
CA LYS C 105 41.87 26.14 -54.24
C LYS C 105 41.18 27.06 -55.22
N TYR C 106 39.91 27.36 -55.02
CA TYR C 106 39.10 28.04 -56.02
C TYR C 106 38.66 29.44 -55.64
N SER C 107 38.56 29.78 -54.36
CA SER C 107 38.29 31.17 -54.01
C SER C 107 39.51 32.04 -54.31
N ASP C 108 39.37 33.36 -54.10
CA ASP C 108 40.41 34.33 -54.41
C ASP C 108 40.82 35.07 -53.13
N ARG C 109 42.09 34.95 -52.77
CA ARG C 109 42.52 35.21 -51.40
C ARG C 109 42.24 36.64 -50.93
N GLU C 110 42.20 37.61 -51.84
CA GLU C 110 42.04 38.99 -51.40
C GLU C 110 40.69 39.25 -50.74
N LEU C 111 39.64 38.59 -51.24
CA LEU C 111 38.39 38.61 -50.51
C LEU C 111 38.55 37.92 -49.17
N VAL C 112 39.13 36.73 -49.17
CA VAL C 112 39.14 35.93 -47.95
C VAL C 112 39.74 36.77 -46.83
N GLN C 113 40.89 37.37 -47.12
CA GLN C 113 41.54 38.22 -46.13
C GLN C 113 40.68 39.41 -45.77
N PHE C 114 39.98 40.00 -46.74
CA PHE C 114 39.17 41.15 -46.43
C PHE C 114 38.09 40.80 -45.41
N PHE C 115 37.47 39.63 -45.57
CA PHE C 115 36.45 39.20 -44.62
C PHE C 115 37.05 38.87 -43.28
N GLU C 116 38.18 38.14 -43.28
CA GLU C 116 38.85 37.84 -42.03
C GLU C 116 39.02 39.09 -41.20
N ASN C 117 39.66 40.10 -41.79
CA ASN C 117 39.88 41.35 -41.09
C ASN C 117 38.59 42.04 -40.69
N ALA C 118 37.47 41.64 -41.27
CA ALA C 118 36.21 42.33 -41.01
C ALA C 118 35.43 41.74 -39.85
N GLN C 119 35.53 40.44 -39.64
CA GLN C 119 34.72 39.88 -38.56
C GLN C 119 35.38 40.12 -37.21
N LEU C 120 36.70 40.08 -37.16
CA LEU C 120 37.42 40.81 -36.12
C LEU C 120 37.16 42.30 -36.28
N LYS C 121 37.01 42.99 -35.16
CA LYS C 121 36.74 44.42 -35.19
C LYS C 121 37.98 45.26 -35.52
N ARG C 122 39.04 44.62 -35.99
CA ARG C 122 40.39 45.12 -35.81
C ARG C 122 40.61 46.50 -36.43
N GLN C 123 41.34 47.34 -35.69
CA GLN C 123 41.76 48.67 -36.13
C GLN C 123 40.60 49.46 -36.74
N TYR C 124 39.43 49.34 -36.13
CA TYR C 124 38.21 49.95 -36.67
C TYR C 124 37.86 49.41 -38.04
N GLY C 125 38.08 48.10 -38.23
CA GLY C 125 37.49 47.41 -39.37
C GLY C 125 38.18 47.53 -40.71
N GLU C 126 38.63 48.73 -41.10
CA GLU C 126 39.61 48.81 -42.18
C GLU C 126 40.63 49.91 -41.93
N GLU C 127 41.90 49.58 -42.18
CA GLU C 127 43.01 50.49 -42.06
C GLU C 127 44.04 50.14 -43.12
N THR C 128 44.92 51.10 -43.41
CA THR C 128 45.99 50.89 -44.39
C THR C 128 47.10 50.00 -43.84
N GLU C 129 47.77 49.30 -44.76
CA GLU C 129 48.97 48.51 -44.45
C GLU C 129 50.15 49.08 -45.25
N THR C 130 51.20 49.49 -44.53
CA THR C 130 52.41 49.96 -45.20
C THR C 130 53.17 48.81 -45.85
N VAL C 131 53.07 47.62 -45.28
CA VAL C 131 53.94 46.50 -45.60
C VAL C 131 53.07 45.31 -45.96
N LYS C 132 53.54 44.50 -46.91
CA LYS C 132 52.79 43.36 -47.43
C LYS C 132 53.54 42.07 -47.18
N ARG C 133 52.93 41.19 -46.39
CA ARG C 133 53.63 40.13 -45.65
C ARG C 133 52.66 38.98 -45.49
N ASP C 134 52.99 37.83 -46.08
CA ASP C 134 52.06 36.73 -46.26
C ASP C 134 52.48 35.55 -45.40
N LYS C 135 51.55 35.07 -44.57
CA LYS C 135 51.86 34.43 -43.30
C LYS C 135 51.35 32.99 -43.26
N ASP C 136 51.61 32.24 -44.34
CA ASP C 136 50.96 30.96 -44.58
C ASP C 136 49.45 31.05 -44.35
N GLU C 137 48.88 32.15 -44.86
CA GLU C 137 47.47 32.48 -44.71
C GLU C 137 46.53 31.39 -45.19
N ILE C 138 47.04 30.43 -45.96
CA ILE C 138 46.26 29.26 -46.42
C ILE C 138 45.73 28.42 -45.26
N GLU C 139 46.56 28.12 -44.27
CA GLU C 139 46.07 27.39 -43.10
C GLU C 139 45.30 28.24 -42.07
N LYS C 140 45.60 29.53 -41.93
CA LYS C 140 44.79 30.36 -41.05
C LYS C 140 43.30 30.51 -41.36
N PRO C 141 42.82 30.46 -42.61
CA PRO C 141 41.54 31.10 -42.92
C PRO C 141 40.36 30.26 -42.46
N SER C 142 39.44 30.90 -41.75
CA SER C 142 38.22 30.24 -41.29
C SER C 142 37.27 29.90 -42.43
N ILE C 143 36.57 28.78 -42.27
CA ILE C 143 35.59 28.35 -43.25
C ILE C 143 34.50 29.40 -43.42
N PHE C 144 34.07 30.01 -42.32
CA PHE C 144 33.10 31.08 -42.42
C PHE C 144 33.60 32.27 -43.21
N ALA C 145 34.92 32.42 -43.34
CA ALA C 145 35.43 33.37 -44.32
C ALA C 145 35.47 32.80 -45.72
N LEU C 146 35.83 31.53 -45.85
CA LEU C 146 35.99 30.96 -47.19
C LEU C 146 34.70 30.83 -47.97
N LEU C 147 33.58 30.59 -47.32
CA LEU C 147 32.39 30.20 -48.07
C LEU C 147 31.87 31.26 -49.03
N PRO C 148 31.60 32.49 -48.59
CA PRO C 148 31.17 33.50 -49.56
C PRO C 148 32.13 33.69 -50.72
N ALA C 149 33.43 33.70 -50.44
CA ALA C 149 34.36 33.95 -51.52
C ALA C 149 34.18 32.91 -52.60
N TYR C 150 34.03 31.65 -52.20
CA TYR C 150 33.84 30.57 -53.15
C TYR C 150 32.58 30.81 -53.97
N ALA C 151 31.48 31.10 -53.28
CA ALA C 151 30.21 31.33 -53.98
C ALA C 151 30.34 32.39 -55.08
N LEU C 152 30.79 33.59 -54.73
CA LEU C 152 30.93 34.66 -55.72
C LEU C 152 31.92 34.28 -56.82
N SER C 153 33.05 33.70 -56.44
CA SER C 153 34.07 33.31 -57.40
C SER C 153 33.51 32.35 -58.42
N GLU C 154 32.53 31.56 -58.06
CA GLU C 154 32.06 30.55 -58.99
C GLU C 154 30.83 30.99 -59.78
N ILE C 155 29.97 31.83 -59.19
CA ILE C 155 28.92 32.46 -59.99
C ILE C 155 29.52 33.21 -61.18
N LYS C 156 30.47 34.11 -60.91
CA LYS C 156 31.15 34.81 -62.00
C LYS C 156 31.62 33.86 -63.10
N SER C 157 32.28 32.77 -62.72
CA SER C 157 32.73 31.80 -63.70
C SER C 157 31.58 31.31 -64.56
N ALA C 158 30.44 31.05 -63.95
CA ALA C 158 29.30 30.59 -64.74
C ALA C 158 28.88 31.62 -65.78
N PHE C 159 28.73 32.88 -65.37
CA PHE C 159 28.43 33.90 -66.36
C PHE C 159 29.41 33.91 -67.53
N LYS C 160 30.69 33.80 -67.24
CA LYS C 160 31.67 33.72 -68.33
C LYS C 160 31.37 32.60 -69.32
N ILE C 161 31.13 31.40 -68.80
CA ILE C 161 30.84 30.28 -69.71
C ILE C 161 29.59 30.58 -70.54
N GLY C 162 28.55 31.10 -69.91
CA GLY C 162 27.35 31.43 -70.68
C GLY C 162 27.59 32.44 -71.78
N PHE C 163 28.42 33.44 -71.51
CA PHE C 163 28.80 34.36 -72.57
C PHE C 163 29.35 33.63 -73.76
N TYR C 164 30.41 32.84 -73.56
CA TYR C 164 30.92 32.10 -74.72
C TYR C 164 29.86 31.28 -75.43
N LEU C 165 29.00 30.58 -74.69
CA LEU C 165 27.97 29.76 -75.33
C LEU C 165 26.94 30.52 -76.16
N TYR C 166 26.69 31.80 -75.89
CA TYR C 166 25.73 32.54 -76.73
C TYR C 166 26.19 32.84 -78.16
N LEU C 167 27.45 33.18 -78.37
CA LEU C 167 27.91 33.67 -79.67
C LEU C 167 27.51 32.88 -80.92
N PRO C 168 27.75 31.58 -81.03
CA PRO C 168 27.34 30.87 -82.24
C PRO C 168 25.90 31.07 -82.66
N PHE C 169 24.96 31.11 -81.73
CA PHE C 169 23.56 31.31 -82.10
C PHE C 169 23.28 32.73 -82.56
N VAL C 170 23.90 33.71 -81.93
CA VAL C 170 23.75 35.09 -82.38
C VAL C 170 24.13 35.21 -83.85
N VAL C 171 25.20 34.54 -84.24
CA VAL C 171 25.56 34.50 -85.66
C VAL C 171 24.40 34.04 -86.53
N VAL C 172 23.80 32.90 -86.18
CA VAL C 172 22.67 32.37 -86.93
C VAL C 172 21.54 33.39 -87.07
N ASP C 173 21.17 34.02 -85.96
CA ASP C 173 20.10 35.00 -86.02
C ASP C 173 20.39 36.12 -87.00
N LEU C 174 21.56 36.76 -86.87
CA LEU C 174 21.84 37.86 -87.77
C LEU C 174 21.95 37.41 -89.22
N VAL C 175 22.40 36.19 -89.47
CA VAL C 175 22.51 35.73 -90.84
C VAL C 175 21.15 35.54 -91.47
N VAL C 176 20.26 34.83 -90.77
CA VAL C 176 18.90 34.66 -91.28
C VAL C 176 18.25 36.00 -91.56
N SER C 177 18.33 36.93 -90.61
CA SER C 177 17.67 38.21 -90.84
C SER C 177 18.26 38.94 -92.05
N SER C 178 19.54 38.75 -92.32
CA SER C 178 20.11 39.46 -93.45
C SER C 178 19.68 38.83 -94.77
N VAL C 179 19.66 37.51 -94.85
CA VAL C 179 19.23 36.93 -96.12
C VAL C 179 17.75 37.19 -96.38
N LEU C 180 16.92 37.25 -95.34
CA LEU C 180 15.54 37.69 -95.55
C LEU C 180 15.45 39.12 -96.06
N LEU C 181 16.30 40.02 -95.57
CA LEU C 181 16.29 41.34 -96.19
C LEU C 181 16.78 41.30 -97.62
N ALA C 182 17.74 40.44 -97.94
CA ALA C 182 18.17 40.32 -99.33
C ALA C 182 17.02 39.89 -100.21
N LEU C 183 16.18 38.97 -99.74
CA LEU C 183 15.01 38.62 -100.52
C LEU C 183 13.93 39.70 -100.49
N GLY C 184 14.04 40.70 -99.63
CA GLY C 184 13.00 41.70 -99.52
C GLY C 184 11.74 41.29 -98.79
N MET C 185 11.78 40.23 -98.01
CA MET C 185 10.60 39.68 -97.34
C MET C 185 10.43 40.36 -95.99
N MET C 186 10.47 41.68 -96.02
CA MET C 186 10.75 42.50 -94.85
C MET C 186 9.76 42.30 -93.71
N MET C 187 8.58 41.74 -93.98
CA MET C 187 7.55 41.64 -92.97
C MET C 187 7.68 40.46 -92.02
N MET C 188 8.57 39.50 -92.31
CA MET C 188 8.48 38.17 -91.70
C MET C 188 9.48 38.05 -90.56
N SER C 189 9.02 37.52 -89.44
CA SER C 189 9.85 37.43 -88.23
C SER C 189 10.80 36.25 -88.32
N PRO C 190 12.11 36.47 -88.16
CA PRO C 190 13.07 35.36 -88.24
C PRO C 190 12.80 34.18 -87.33
N VAL C 191 12.21 34.40 -86.16
CA VAL C 191 12.10 33.32 -85.18
C VAL C 191 11.34 32.11 -85.71
N THR C 192 10.52 32.29 -86.74
CA THR C 192 9.86 31.14 -87.34
C THR C 192 10.85 30.18 -88.01
N ILE C 193 11.98 30.68 -88.49
CA ILE C 193 12.92 29.88 -89.26
C ILE C 193 14.22 29.61 -88.51
N SER C 194 14.72 30.58 -87.77
CA SER C 194 16.01 30.42 -87.11
C SER C 194 16.02 29.34 -86.04
N THR C 195 14.92 29.09 -85.36
CA THR C 195 14.91 28.08 -84.31
C THR C 195 15.35 26.69 -84.75
N PRO C 196 14.73 26.07 -85.76
CA PRO C 196 15.21 24.75 -86.18
C PRO C 196 16.68 24.70 -86.56
N ILE C 197 17.21 25.74 -87.16
CA ILE C 197 18.64 25.78 -87.46
C ILE C 197 19.45 25.65 -86.18
N LYS C 198 19.07 26.39 -85.15
CA LYS C 198 19.76 26.24 -83.87
C LYS C 198 19.66 24.82 -83.35
N LEU C 199 18.48 24.23 -83.40
CA LEU C 199 18.32 22.84 -82.95
C LEU C 199 19.27 21.89 -83.65
N VAL C 200 19.28 21.91 -84.98
CA VAL C 200 20.16 20.98 -85.69
C VAL C 200 21.63 21.30 -85.43
N LEU C 201 21.99 22.57 -85.28
CA LEU C 201 23.37 22.90 -84.97
C LEU C 201 23.81 22.28 -83.66
N PHE C 202 23.00 22.43 -82.62
CA PHE C 202 23.34 21.85 -81.32
C PHE C 202 23.37 20.33 -81.38
N VAL C 203 22.41 19.72 -82.07
CA VAL C 203 22.40 18.27 -82.21
C VAL C 203 23.67 17.77 -82.91
N ALA C 204 24.11 18.47 -83.95
CA ALA C 204 25.32 18.04 -84.64
C ALA C 204 26.57 18.25 -83.80
N LEU C 205 26.65 19.34 -83.07
CA LEU C 205 27.78 19.49 -82.15
C LEU C 205 27.76 18.45 -81.04
N ASP C 206 26.59 17.93 -80.69
CA ASP C 206 26.44 17.08 -79.50
C ASP C 206 26.93 17.84 -78.27
N GLY C 207 26.34 19.01 -78.09
CA GLY C 207 26.75 19.90 -77.02
C GLY C 207 26.63 19.36 -75.62
N TRP C 208 25.64 18.53 -75.36
CA TRP C 208 25.51 17.95 -74.02
C TRP C 208 26.71 17.10 -73.63
N THR C 209 27.19 16.26 -74.53
CA THR C 209 28.36 15.45 -74.21
C THR C 209 29.59 16.28 -73.94
N LEU C 210 29.99 17.11 -74.90
CA LEU C 210 31.14 17.99 -74.70
C LEU C 210 31.04 18.81 -73.43
N LEU C 211 29.91 19.49 -73.25
CA LEU C 211 29.67 20.33 -72.08
C LEU C 211 29.82 19.57 -70.77
N SER C 212 29.11 18.44 -70.63
CA SER C 212 29.19 17.66 -69.41
C SER C 212 30.60 17.17 -69.14
N LYS C 213 31.24 16.55 -70.13
CA LYS C 213 32.63 16.12 -69.95
C LYS C 213 33.53 17.26 -69.49
N GLY C 214 33.58 18.36 -70.23
CA GLY C 214 34.45 19.46 -69.84
C GLY C 214 34.21 19.97 -68.44
N LEU C 215 32.95 20.08 -68.02
CA LEU C 215 32.71 20.52 -66.66
C LEU C 215 33.41 19.64 -65.63
N ILE C 216 33.21 18.32 -65.71
CA ILE C 216 33.89 17.40 -64.79
C ILE C 216 35.41 17.54 -64.90
N LEU C 217 35.94 17.52 -66.12
CA LEU C 217 37.38 17.61 -66.29
C LEU C 217 37.98 18.86 -65.66
N GLN C 218 37.21 19.92 -65.47
CA GLN C 218 37.80 21.05 -64.75
C GLN C 218 38.19 20.69 -63.32
N TYR C 219 37.51 19.73 -62.70
CA TYR C 219 37.78 19.34 -61.32
C TYR C 219 38.55 18.03 -61.19
N MET C 220 38.24 17.05 -62.01
CA MET C 220 38.90 15.75 -61.99
C MET C 220 39.77 15.63 -63.21
N ASP C 221 40.50 14.53 -63.30
CA ASP C 221 41.17 14.17 -64.54
C ASP C 221 41.07 12.67 -64.73
N ILE C 222 40.83 12.27 -65.98
CA ILE C 222 40.47 10.91 -66.30
C ILE C 222 41.13 10.53 -67.62
N ALA C 223 41.47 9.26 -67.75
CA ALA C 223 42.01 8.77 -69.00
C ALA C 223 40.98 9.00 -70.11
N MET D 1 18.28 25.78 -13.18
CA MET D 1 18.61 26.59 -14.39
C MET D 1 18.44 28.06 -14.12
N GLY D 2 19.09 28.53 -13.06
CA GLY D 2 18.87 29.88 -12.59
C GLY D 2 17.42 30.10 -12.22
N ASN D 3 16.98 31.35 -12.41
CA ASN D 3 15.57 31.70 -12.30
C ASN D 3 14.80 31.24 -13.55
N ASP D 4 13.73 30.49 -13.32
CA ASP D 4 13.00 29.90 -14.43
C ASP D 4 12.18 30.91 -15.22
N ILE D 5 11.81 32.06 -14.66
CA ILE D 5 11.19 33.06 -15.53
C ILE D 5 12.22 33.67 -16.46
N SER D 6 13.48 33.69 -16.08
CA SER D 6 14.52 34.03 -17.03
C SER D 6 14.70 32.93 -18.06
N LEU D 7 14.40 31.70 -17.67
CA LEU D 7 14.45 30.62 -18.66
C LEU D 7 13.33 30.77 -19.69
N ILE D 8 12.12 31.06 -19.23
CA ILE D 8 11.02 31.31 -20.16
C ILE D 8 11.36 32.47 -21.09
N ALA D 9 11.91 33.56 -20.54
CA ALA D 9 12.22 34.68 -21.39
C ALA D 9 13.24 34.33 -22.45
N LEU D 10 14.19 33.45 -22.11
CA LEU D 10 15.21 33.08 -23.08
C LEU D 10 14.62 32.25 -24.19
N LEU D 11 13.80 31.25 -23.86
CA LEU D 11 13.18 30.45 -24.92
C LEU D 11 12.25 31.27 -25.81
N ALA D 12 11.50 32.21 -25.24
CA ALA D 12 10.68 33.09 -26.06
C ALA D 12 11.52 33.86 -27.06
N PHE D 13 12.47 34.64 -26.58
CA PHE D 13 13.39 35.33 -27.47
C PHE D 13 13.95 34.42 -28.56
N SER D 14 14.42 33.25 -28.18
CA SER D 14 14.95 32.31 -29.17
C SER D 14 13.93 31.95 -30.24
N THR D 15 12.66 31.92 -29.88
CA THR D 15 11.65 31.63 -30.90
C THR D 15 11.41 32.79 -31.84
N LEU D 16 11.44 34.02 -31.34
CA LEU D 16 11.21 35.17 -32.21
C LEU D 16 12.40 35.59 -33.05
N LEU D 17 13.61 35.16 -32.68
CA LEU D 17 14.84 35.52 -33.40
C LEU D 17 14.78 35.71 -34.92
N PRO D 18 14.24 34.80 -35.72
CA PRO D 18 14.24 35.06 -37.18
C PRO D 18 13.46 36.28 -37.63
N PHE D 19 12.41 36.69 -36.95
CA PHE D 19 11.71 37.90 -37.38
C PHE D 19 12.50 39.16 -37.02
N ILE D 20 13.20 39.12 -35.90
CA ILE D 20 14.06 40.24 -35.54
C ILE D 20 15.18 40.39 -36.57
N ILE D 21 15.80 39.28 -36.96
CA ILE D 21 16.80 39.36 -38.03
C ILE D 21 16.17 39.89 -39.32
N ALA D 22 15.00 39.40 -39.68
CA ALA D 22 14.33 39.81 -40.90
C ALA D 22 13.88 41.26 -40.92
N SER D 23 13.84 41.94 -39.77
CA SER D 23 13.30 43.30 -39.73
C SER D 23 14.16 44.33 -38.99
N GLY D 24 15.27 43.93 -38.37
CA GLY D 24 16.10 44.85 -37.62
C GLY D 24 17.59 44.62 -37.77
N THR D 25 18.02 44.18 -38.95
CA THR D 25 19.41 43.86 -39.23
C THR D 25 19.67 44.13 -40.71
N CYS D 26 20.92 44.40 -41.06
CA CYS D 26 21.26 44.72 -42.44
C CYS D 26 21.02 43.59 -43.43
N PHE D 27 20.61 42.42 -42.96
CA PHE D 27 20.11 41.41 -43.87
C PHE D 27 19.04 42.00 -44.78
N VAL D 28 18.18 42.82 -44.17
CA VAL D 28 17.13 43.54 -44.89
C VAL D 28 17.65 44.16 -46.16
N LYS D 29 18.78 44.85 -46.08
CA LYS D 29 19.33 45.56 -47.23
C LYS D 29 20.05 44.64 -48.21
N PHE D 30 20.95 43.79 -47.70
CA PHE D 30 21.69 42.92 -48.62
C PHE D 30 20.79 42.03 -49.45
N SER D 31 19.71 41.51 -48.83
CA SER D 31 18.78 40.66 -49.56
C SER D 31 18.17 41.35 -50.76
N ILE D 32 17.82 42.62 -50.61
CA ILE D 32 17.18 43.34 -51.71
C ILE D 32 18.20 43.66 -52.79
N VAL D 33 19.34 44.20 -52.40
CA VAL D 33 20.33 44.58 -53.40
C VAL D 33 20.67 43.42 -54.33
N PHE D 34 21.02 42.26 -53.79
CA PHE D 34 21.36 41.16 -54.70
C PHE D 34 20.23 40.78 -55.65
N VAL D 35 18.98 40.78 -55.20
CA VAL D 35 17.90 40.45 -56.14
C VAL D 35 17.78 41.50 -57.23
N MET D 36 17.96 42.77 -56.90
CA MET D 36 17.90 43.77 -57.95
C MET D 36 19.01 43.58 -58.96
N VAL D 37 20.18 43.12 -58.54
CA VAL D 37 21.22 42.83 -59.53
C VAL D 37 20.71 41.83 -60.56
N ARG D 38 20.03 40.78 -60.11
CA ARG D 38 19.48 39.78 -61.03
C ARG D 38 18.44 40.39 -61.96
N ASN D 39 17.60 41.28 -61.44
CA ASN D 39 16.61 41.89 -62.33
C ASN D 39 17.26 42.81 -63.34
N ALA D 40 18.25 43.59 -62.92
CA ALA D 40 18.90 44.49 -63.86
C ALA D 40 19.60 43.72 -64.96
N LEU D 41 20.24 42.60 -64.63
CA LEU D 41 20.75 41.75 -65.71
C LEU D 41 19.64 41.06 -66.48
N GLY D 42 18.41 41.12 -66.00
CA GLY D 42 17.30 40.56 -66.75
C GLY D 42 17.16 39.06 -66.71
N LEU D 43 17.73 38.41 -65.70
CA LEU D 43 17.65 36.97 -65.56
C LEU D 43 16.46 36.65 -64.68
N GLN D 44 15.75 35.57 -65.01
CA GLN D 44 14.47 35.30 -64.37
C GLN D 44 14.53 34.27 -63.26
N GLN D 45 15.48 33.34 -63.28
CA GLN D 45 15.43 32.23 -62.34
C GLN D 45 16.80 31.83 -61.80
N ILE D 46 17.88 32.43 -62.25
CA ILE D 46 19.23 32.02 -61.86
C ILE D 46 20.00 33.27 -61.49
N PRO D 47 20.84 33.25 -60.45
CA PRO D 47 21.02 32.32 -59.35
C PRO D 47 19.76 32.10 -58.53
N SER D 48 19.68 31.00 -57.82
CA SER D 48 18.52 30.73 -57.00
C SER D 48 18.46 31.68 -55.80
N ASN D 49 17.24 31.96 -55.36
CA ASN D 49 17.04 32.68 -54.12
C ASN D 49 17.72 31.99 -52.95
N MET D 50 17.81 30.66 -52.99
CA MET D 50 18.56 29.93 -51.98
C MET D 50 20.01 30.41 -51.91
N THR D 51 20.61 30.65 -53.06
CA THR D 51 22.01 31.06 -53.08
C THR D 51 22.16 32.52 -52.67
N LEU D 52 21.37 33.39 -53.26
CA LEU D 52 21.49 34.81 -52.94
C LEU D 52 21.25 35.07 -51.47
N ASN D 53 20.20 34.49 -50.90
CA ASN D 53 19.97 34.65 -49.46
C ASN D 53 21.05 34.02 -48.62
N GLY D 54 21.59 32.86 -49.01
CA GLY D 54 22.69 32.32 -48.23
C GLY D 54 23.86 33.27 -48.12
N VAL D 55 24.26 33.84 -49.26
CA VAL D 55 25.32 34.85 -49.24
C VAL D 55 24.97 36.04 -48.36
N ALA D 56 23.81 36.65 -48.57
CA ALA D 56 23.42 37.79 -47.75
C ALA D 56 23.44 37.48 -46.26
N LEU D 57 22.99 36.29 -45.88
CA LEU D 57 22.99 35.92 -44.47
C LEU D 57 24.40 35.81 -43.94
N LEU D 58 25.29 35.17 -44.69
CA LEU D 58 26.68 35.09 -44.25
C LEU D 58 27.26 36.49 -44.05
N LEU D 59 27.28 37.29 -45.09
CA LEU D 59 27.84 38.64 -44.96
C LEU D 59 27.29 39.42 -43.78
N SER D 60 25.99 39.38 -43.53
CA SER D 60 25.48 40.17 -42.41
C SER D 60 26.01 39.72 -41.05
N MET D 61 26.35 38.44 -40.91
CA MET D 61 26.92 38.01 -39.64
C MET D 61 28.20 38.74 -39.30
N PHE D 62 29.10 38.93 -40.26
CA PHE D 62 30.31 39.68 -39.94
C PHE D 62 29.99 41.02 -39.31
N VAL D 63 29.02 41.74 -39.85
CA VAL D 63 28.68 43.04 -39.31
C VAL D 63 28.07 42.93 -37.92
N MET D 64 27.21 41.95 -37.68
CA MET D 64 26.54 41.89 -36.37
C MET D 64 27.33 41.19 -35.26
N TRP D 65 28.22 40.26 -35.60
CA TRP D 65 29.00 39.53 -34.60
C TRP D 65 29.59 40.36 -33.47
N PRO D 66 30.30 41.45 -33.70
CA PRO D 66 30.78 42.25 -32.56
C PRO D 66 29.74 42.61 -31.51
N ILE D 67 28.48 42.77 -31.87
CA ILE D 67 27.45 43.15 -30.89
C ILE D 67 26.96 41.98 -30.08
N MET D 68 26.63 40.86 -30.73
CA MET D 68 26.17 39.68 -29.98
C MET D 68 27.22 39.21 -28.98
N HIS D 69 28.49 39.21 -29.36
CA HIS D 69 29.54 38.83 -28.42
C HIS D 69 29.50 39.66 -27.16
N ASP D 70 29.44 40.98 -27.30
CA ASP D 70 29.40 41.83 -26.13
C ASP D 70 28.17 41.60 -25.29
N ALA D 71 27.00 41.49 -25.92
CA ALA D 71 25.79 41.20 -25.15
C ALA D 71 25.90 39.89 -24.39
N TYR D 72 26.46 38.86 -25.02
CA TYR D 72 26.62 37.58 -24.34
C TYR D 72 27.48 37.73 -23.11
N VAL D 73 28.68 38.27 -23.27
CA VAL D 73 29.56 38.32 -22.12
C VAL D 73 28.98 39.21 -21.04
N TYR D 74 28.28 40.28 -21.42
CA TYR D 74 27.67 41.14 -20.42
C TYR D 74 26.61 40.40 -19.60
N PHE D 75 25.71 39.68 -20.26
CA PHE D 75 24.61 39.04 -19.51
C PHE D 75 25.02 37.74 -18.83
N GLU D 76 25.63 36.83 -19.56
CA GLU D 76 25.66 35.43 -19.17
C GLU D 76 26.91 35.06 -18.40
N ASP D 77 28.06 35.54 -18.84
CA ASP D 77 29.31 35.17 -18.21
C ASP D 77 29.46 35.85 -16.86
N GLU D 78 29.24 37.16 -16.80
CA GLU D 78 29.36 37.88 -15.54
C GLU D 78 28.26 37.50 -14.57
N ASP D 79 28.67 36.95 -13.43
CA ASP D 79 27.84 36.93 -12.24
C ASP D 79 27.78 38.32 -11.60
N VAL D 80 26.60 38.71 -11.16
CA VAL D 80 26.37 40.02 -10.57
C VAL D 80 25.33 39.84 -9.48
N THR D 81 25.34 40.75 -8.50
CA THR D 81 24.32 40.81 -7.46
C THR D 81 23.38 41.97 -7.72
N PHE D 82 22.08 41.68 -7.62
CA PHE D 82 21.02 42.66 -7.74
C PHE D 82 19.86 42.15 -6.90
N ASN D 83 19.05 43.08 -6.40
CA ASN D 83 18.17 42.73 -5.30
C ASN D 83 16.76 43.26 -5.39
N ASP D 84 16.44 44.19 -6.29
CA ASP D 84 15.11 44.75 -6.29
C ASP D 84 14.73 45.12 -7.72
N ILE D 85 13.45 45.46 -7.86
CA ILE D 85 12.89 45.86 -9.16
C ILE D 85 13.73 46.90 -9.86
N SER D 86 13.98 48.03 -9.22
CA SER D 86 14.74 49.11 -9.88
C SER D 86 16.16 48.70 -10.25
N SER D 87 16.87 48.02 -9.36
CA SER D 87 18.24 47.61 -9.68
C SER D 87 18.28 46.64 -10.83
N LEU D 88 17.35 45.69 -10.87
CA LEU D 88 17.30 44.76 -11.99
C LEU D 88 16.91 45.46 -13.27
N SER D 89 15.86 46.27 -13.25
CA SER D 89 15.44 46.96 -14.46
C SER D 89 16.58 47.73 -15.08
N LYS D 90 17.27 48.54 -14.27
CA LYS D 90 18.43 49.27 -14.77
C LYS D 90 19.51 48.34 -15.31
N HIS D 91 19.83 47.28 -14.58
CA HIS D 91 20.84 46.34 -15.07
C HIS D 91 20.50 45.78 -16.44
N VAL D 92 19.28 45.30 -16.60
CA VAL D 92 18.85 44.74 -17.88
C VAL D 92 18.92 45.79 -18.98
N ASP D 93 18.32 46.94 -18.76
CA ASP D 93 18.33 47.98 -19.77
C ASP D 93 19.74 48.35 -20.23
N GLU D 94 20.65 48.55 -19.29
CA GLU D 94 22.01 48.92 -19.66
C GLU D 94 22.68 47.94 -20.62
N GLY D 95 22.36 46.66 -20.55
CA GLY D 95 22.89 45.70 -21.51
C GLY D 95 22.55 45.93 -22.98
N LEU D 96 21.37 46.46 -23.26
CA LEU D 96 20.93 46.72 -24.64
C LEU D 96 21.59 47.92 -25.31
N ASP D 97 22.20 48.83 -24.56
CA ASP D 97 22.75 50.03 -25.19
C ASP D 97 23.70 49.77 -26.34
N GLY D 98 24.42 48.65 -26.34
CA GLY D 98 25.27 48.34 -27.48
C GLY D 98 24.54 48.18 -28.80
N TYR D 99 23.33 47.64 -28.75
CA TYR D 99 22.48 47.52 -29.94
C TYR D 99 21.71 48.80 -30.22
N ARG D 100 21.14 49.38 -29.18
CA ARG D 100 20.49 50.68 -29.30
C ARG D 100 21.33 51.69 -30.05
N ASP D 101 22.61 51.79 -29.72
CA ASP D 101 23.47 52.75 -30.40
C ASP D 101 23.59 52.48 -31.90
N TYR D 102 23.60 51.22 -32.30
CA TYR D 102 23.63 50.90 -33.72
C TYR D 102 22.36 51.38 -34.43
N LEU D 103 21.21 51.06 -33.85
CA LEU D 103 19.96 51.52 -34.44
C LEU D 103 19.93 53.04 -34.58
N ILE D 104 20.25 53.77 -33.50
CA ILE D 104 20.29 55.23 -33.58
C ILE D 104 21.32 55.74 -34.55
N LYS D 105 22.35 54.96 -34.85
CA LYS D 105 23.30 55.41 -35.85
C LYS D 105 22.70 55.35 -37.25
N TYR D 106 21.82 54.38 -37.51
CA TYR D 106 21.25 54.18 -38.84
C TYR D 106 19.77 54.48 -38.98
N SER D 107 19.22 55.33 -38.11
CA SER D 107 17.80 55.66 -38.11
C SER D 107 17.67 57.17 -38.15
N ASP D 108 16.48 57.66 -38.53
CA ASP D 108 16.29 59.08 -38.80
C ASP D 108 15.42 59.79 -37.75
N ARG D 109 16.03 60.80 -37.15
CA ARG D 109 15.67 61.25 -35.82
C ARG D 109 14.22 61.69 -35.75
N GLU D 110 13.77 62.48 -36.72
CA GLU D 110 12.44 63.04 -36.61
C GLU D 110 11.38 61.95 -36.65
N LEU D 111 11.65 60.87 -37.35
CA LEU D 111 10.71 59.76 -37.37
C LEU D 111 10.75 58.99 -36.06
N VAL D 112 11.95 58.77 -35.52
CA VAL D 112 12.00 58.09 -34.23
C VAL D 112 11.26 58.89 -33.18
N GLN D 113 11.47 60.20 -33.16
CA GLN D 113 10.82 61.05 -32.18
C GLN D 113 9.31 61.09 -32.37
N PHE D 114 8.86 61.05 -33.62
CA PHE D 114 7.43 60.96 -33.85
C PHE D 114 6.86 59.70 -33.22
N PHE D 115 7.49 58.56 -33.44
CA PHE D 115 6.94 57.34 -32.85
C PHE D 115 6.98 57.36 -31.32
N GLU D 116 8.01 57.97 -30.74
CA GLU D 116 8.01 58.12 -29.28
C GLU D 116 6.80 58.89 -28.82
N ASN D 117 6.56 60.06 -29.41
CA ASN D 117 5.42 60.84 -28.97
C ASN D 117 4.11 60.12 -29.25
N ALA D 118 4.05 59.34 -30.33
CA ALA D 118 2.84 58.57 -30.61
C ALA D 118 2.56 57.53 -29.55
N GLN D 119 3.58 56.96 -28.93
CA GLN D 119 3.29 55.94 -27.92
C GLN D 119 3.16 56.49 -26.52
N LEU D 120 3.67 57.69 -26.24
CA LEU D 120 3.17 58.41 -25.08
C LEU D 120 1.75 58.90 -25.30
N LYS D 121 1.42 59.23 -26.55
CA LYS D 121 0.09 59.68 -26.98
C LYS D 121 -0.32 60.98 -26.31
N ARG D 122 0.64 61.67 -25.70
CA ARG D 122 0.35 62.87 -24.93
C ARG D 122 0.03 64.05 -25.84
N GLN D 123 -1.00 64.82 -25.47
CA GLN D 123 -1.19 66.17 -26.01
C GLN D 123 -1.10 66.21 -27.53
N TYR D 124 -1.60 65.17 -28.17
CA TYR D 124 -1.08 64.78 -29.48
C TYR D 124 -1.55 65.71 -30.59
N GLY D 125 -0.83 65.66 -31.69
CA GLY D 125 -0.81 66.74 -32.65
C GLY D 125 0.09 67.88 -32.24
N GLU D 126 1.19 67.57 -31.56
CA GLU D 126 2.17 68.58 -31.19
C GLU D 126 2.86 69.10 -32.45
N GLU D 127 3.10 70.41 -32.50
CA GLU D 127 3.49 71.07 -33.73
C GLU D 127 4.99 70.97 -34.00
N THR D 128 5.36 71.34 -35.23
CA THR D 128 6.76 71.40 -35.65
C THR D 128 7.59 72.38 -34.82
N GLU D 129 6.96 73.32 -34.13
CA GLU D 129 7.71 74.17 -33.21
C GLU D 129 8.01 73.50 -31.88
N THR D 130 7.34 72.40 -31.55
CA THR D 130 7.77 71.59 -30.42
C THR D 130 9.11 70.90 -30.70
N VAL D 131 9.59 70.97 -31.93
CA VAL D 131 10.88 70.43 -32.34
C VAL D 131 11.70 71.60 -32.86
N LYS D 132 13.02 71.52 -32.72
CA LYS D 132 13.90 72.47 -33.40
C LYS D 132 15.13 71.79 -33.98
N ARG D 133 14.99 70.57 -34.47
CA ARG D 133 16.01 69.96 -35.32
C ARG D 133 17.40 69.96 -34.64
N ASP D 134 17.41 69.66 -33.35
CA ASP D 134 18.68 69.64 -32.61
C ASP D 134 19.61 68.57 -33.18
N LYS D 135 20.88 68.66 -32.80
CA LYS D 135 21.97 67.96 -33.48
C LYS D 135 22.66 66.91 -32.62
N ASP D 136 22.94 67.20 -31.35
CA ASP D 136 23.82 66.38 -30.53
C ASP D 136 23.08 65.98 -29.26
N GLU D 137 23.25 64.72 -28.85
CA GLU D 137 22.21 64.07 -28.07
C GLU D 137 22.78 63.21 -26.96
N ILE D 138 21.98 63.05 -25.92
CA ILE D 138 22.13 62.04 -24.88
C ILE D 138 20.78 61.40 -24.61
N GLU D 139 19.82 61.65 -25.50
CA GLU D 139 18.56 60.93 -25.52
C GLU D 139 18.79 59.43 -25.61
N LYS D 140 17.84 58.67 -25.07
CA LYS D 140 17.80 57.21 -25.19
C LYS D 140 16.40 56.80 -25.59
N PRO D 141 16.10 56.80 -26.89
CA PRO D 141 14.78 56.39 -27.34
C PRO D 141 14.48 54.93 -27.06
N SER D 142 13.18 54.62 -27.00
CA SER D 142 12.72 53.24 -26.90
C SER D 142 13.15 52.40 -28.12
N ILE D 143 13.37 51.11 -27.87
CA ILE D 143 13.57 50.19 -28.97
C ILE D 143 12.31 49.96 -29.79
N PHE D 144 11.14 49.97 -29.15
CA PHE D 144 9.94 49.87 -29.97
C PHE D 144 9.70 51.11 -30.80
N ALA D 145 10.36 52.22 -30.48
CA ALA D 145 10.40 53.32 -31.43
C ALA D 145 11.45 53.10 -32.50
N LEU D 146 12.58 52.49 -32.12
CA LEU D 146 13.71 52.45 -33.04
C LEU D 146 13.59 51.39 -34.13
N LEU D 147 12.96 50.24 -33.87
CA LEU D 147 12.93 49.19 -34.87
C LEU D 147 12.27 49.59 -36.19
N PRO D 148 11.03 50.07 -36.21
CA PRO D 148 10.43 50.40 -37.50
C PRO D 148 11.09 51.57 -38.21
N ALA D 149 11.59 52.57 -37.50
CA ALA D 149 12.30 53.63 -38.21
C ALA D 149 13.51 53.07 -38.92
N TYR D 150 14.13 52.06 -38.34
CA TYR D 150 15.30 51.45 -38.96
C TYR D 150 14.90 50.73 -40.23
N ALA D 151 13.92 49.83 -40.12
CA ALA D 151 13.43 49.13 -41.28
C ALA D 151 13.11 50.08 -42.43
N LEU D 152 12.32 51.12 -42.15
CA LEU D 152 11.92 52.06 -43.19
C LEU D 152 13.07 52.92 -43.70
N SER D 153 14.19 52.98 -43.00
CA SER D 153 15.34 53.67 -43.55
C SER D 153 16.17 52.77 -44.46
N GLU D 154 16.41 51.56 -44.00
CA GLU D 154 17.14 50.58 -44.81
C GLU D 154 16.49 50.35 -46.16
N ILE D 155 15.18 50.14 -46.19
CA ILE D 155 14.50 49.94 -47.48
C ILE D 155 14.77 51.10 -48.44
N LYS D 156 14.60 52.34 -47.99
CA LYS D 156 14.87 53.46 -48.87
C LYS D 156 16.31 53.47 -49.38
N SER D 157 17.26 53.13 -48.51
CA SER D 157 18.64 53.09 -48.97
C SER D 157 18.82 52.05 -50.07
N ALA D 158 18.23 50.87 -49.90
CA ALA D 158 18.32 49.86 -50.94
C ALA D 158 17.76 50.35 -52.27
N PHE D 159 16.56 50.90 -52.27
CA PHE D 159 16.04 51.47 -53.51
C PHE D 159 17.02 52.44 -54.15
N LYS D 160 17.64 53.30 -53.35
CA LYS D 160 18.59 54.24 -53.94
C LYS D 160 19.74 53.52 -54.65
N ILE D 161 20.39 52.56 -53.98
CA ILE D 161 21.42 51.78 -54.67
C ILE D 161 20.91 51.14 -55.95
N GLY D 162 19.70 50.61 -55.92
CA GLY D 162 19.13 50.02 -57.11
C GLY D 162 18.91 50.99 -58.24
N PHE D 163 18.79 52.27 -57.95
CA PHE D 163 18.71 53.25 -59.02
C PHE D 163 19.97 53.25 -59.88
N TYR D 164 21.12 53.46 -59.25
CA TYR D 164 22.38 53.48 -59.98
C TYR D 164 22.68 52.17 -60.69
N LEU D 165 22.46 51.03 -60.04
CA LEU D 165 22.79 49.78 -60.72
C LEU D 165 22.11 49.57 -62.08
N TYR D 166 20.89 50.07 -62.28
CA TYR D 166 20.24 49.87 -63.57
C TYR D 166 20.87 50.64 -64.73
N LEU D 167 21.37 51.84 -64.50
CA LEU D 167 21.77 52.71 -65.62
C LEU D 167 22.68 52.17 -66.72
N PRO D 168 23.85 51.62 -66.43
CA PRO D 168 24.70 51.11 -67.51
C PRO D 168 24.01 50.09 -68.40
N PHE D 169 23.25 49.17 -67.82
CA PHE D 169 22.55 48.19 -68.62
C PHE D 169 21.42 48.80 -69.44
N VAL D 170 20.86 49.91 -69.00
CA VAL D 170 19.87 50.61 -69.81
C VAL D 170 20.53 51.21 -71.04
N VAL D 171 21.72 51.79 -70.88
CA VAL D 171 22.45 52.32 -72.02
C VAL D 171 22.78 51.20 -73.02
N VAL D 172 23.33 50.10 -72.51
CA VAL D 172 23.76 48.99 -73.34
C VAL D 172 22.72 48.51 -74.34
N ASP D 173 21.44 48.57 -74.01
CA ASP D 173 20.46 48.03 -74.94
C ASP D 173 19.78 49.06 -75.82
N LEU D 174 19.79 50.33 -75.45
CA LEU D 174 19.28 51.34 -76.36
C LEU D 174 20.27 51.57 -77.49
N VAL D 175 21.56 51.40 -77.21
CA VAL D 175 22.53 51.42 -78.30
C VAL D 175 22.26 50.29 -79.28
N VAL D 176 22.02 49.07 -78.77
CA VAL D 176 21.76 47.94 -79.65
C VAL D 176 20.51 48.17 -80.50
N SER D 177 19.46 48.71 -79.90
CA SER D 177 18.27 49.01 -80.69
C SER D 177 18.55 50.03 -81.77
N SER D 178 19.32 51.06 -81.45
CA SER D 178 19.60 52.08 -82.45
C SER D 178 20.42 51.53 -83.60
N VAL D 179 21.40 50.68 -83.33
CA VAL D 179 22.17 50.08 -84.42
C VAL D 179 21.28 49.18 -85.28
N LEU D 180 20.39 48.41 -84.66
CA LEU D 180 19.50 47.59 -85.47
C LEU D 180 18.53 48.41 -86.30
N LEU D 181 18.17 49.61 -85.85
CA LEU D 181 17.36 50.45 -86.73
C LEU D 181 18.18 51.22 -87.74
N ALA D 182 19.49 51.32 -87.54
CA ALA D 182 20.33 51.88 -88.58
C ALA D 182 20.43 50.90 -89.73
N LEU D 183 20.60 49.63 -89.43
CA LEU D 183 20.31 48.62 -90.43
C LEU D 183 18.80 48.57 -90.65
N GLY D 184 18.35 47.74 -91.59
CA GLY D 184 16.93 47.61 -91.78
C GLY D 184 16.19 46.71 -90.82
N MET D 185 16.89 46.10 -89.87
CA MET D 185 16.43 44.85 -89.26
C MET D 185 15.45 45.07 -88.13
N MET D 186 14.50 45.98 -88.32
CA MET D 186 13.52 46.33 -87.30
C MET D 186 12.57 45.19 -86.92
N MET D 187 12.54 44.10 -87.66
CA MET D 187 11.73 42.97 -87.23
C MET D 187 12.31 42.16 -86.08
N MET D 188 13.58 42.34 -85.72
CA MET D 188 14.24 41.45 -84.77
C MET D 188 14.38 42.13 -83.41
N SER D 189 14.07 41.39 -82.33
CA SER D 189 14.15 41.95 -80.99
C SER D 189 15.59 42.06 -80.51
N PRO D 190 15.91 43.11 -79.76
CA PRO D 190 17.27 43.25 -79.23
C PRO D 190 17.70 42.19 -78.23
N VAL D 191 16.77 41.54 -77.55
CA VAL D 191 17.10 40.89 -76.29
C VAL D 191 18.12 39.78 -76.49
N THR D 192 17.96 38.99 -77.55
CA THR D 192 18.88 37.90 -77.79
C THR D 192 20.25 38.37 -78.21
N ILE D 193 20.37 39.60 -78.70
CA ILE D 193 21.69 40.16 -78.95
C ILE D 193 22.22 40.87 -77.71
N SER D 194 21.33 41.47 -76.93
CA SER D 194 21.77 42.31 -75.84
C SER D 194 22.25 41.54 -74.62
N THR D 195 21.66 40.39 -74.31
CA THR D 195 22.02 39.73 -73.06
C THR D 195 23.50 39.40 -72.90
N PRO D 196 24.15 38.72 -73.84
CA PRO D 196 25.58 38.44 -73.64
C PRO D 196 26.44 39.67 -73.40
N ILE D 197 26.11 40.79 -74.02
CA ILE D 197 26.87 42.00 -73.78
C ILE D 197 26.81 42.38 -72.31
N LYS D 198 25.61 42.38 -71.73
CA LYS D 198 25.48 42.67 -70.32
C LYS D 198 26.30 41.70 -69.46
N LEU D 199 26.32 40.42 -69.82
CA LEU D 199 27.10 39.48 -69.01
C LEU D 199 28.61 39.77 -69.08
N VAL D 200 29.12 40.17 -70.23
CA VAL D 200 30.55 40.48 -70.29
C VAL D 200 30.83 41.77 -69.56
N LEU D 201 30.01 42.79 -69.77
CA LEU D 201 30.19 44.02 -69.03
C LEU D 201 30.30 43.74 -67.53
N PHE D 202 29.38 42.94 -67.00
CA PHE D 202 29.40 42.67 -65.57
C PHE D 202 30.63 41.89 -65.13
N VAL D 203 31.09 40.89 -65.90
CA VAL D 203 32.28 40.18 -65.45
C VAL D 203 33.52 41.06 -65.57
N ALA D 204 33.62 41.85 -66.64
CA ALA D 204 34.74 42.78 -66.75
C ALA D 204 34.78 43.75 -65.59
N LEU D 205 33.61 44.18 -65.09
CA LEU D 205 33.60 45.03 -63.91
C LEU D 205 33.83 44.26 -62.61
N ASP D 206 33.68 42.95 -62.60
CA ASP D 206 33.80 42.17 -61.38
C ASP D 206 32.86 42.69 -60.30
N GLY D 207 31.66 43.05 -60.74
CA GLY D 207 30.69 43.71 -59.88
C GLY D 207 30.43 43.04 -58.54
N TRP D 208 30.44 41.70 -58.50
CA TRP D 208 30.22 41.03 -57.23
C TRP D 208 31.22 41.41 -56.14
N THR D 209 32.49 41.53 -56.49
CA THR D 209 33.47 41.88 -55.46
C THR D 209 33.36 43.33 -55.04
N LEU D 210 33.20 44.25 -55.99
CA LEU D 210 33.02 45.64 -55.64
C LEU D 210 31.79 45.85 -54.78
N LEU D 211 30.70 45.17 -55.12
CA LEU D 211 29.49 45.24 -54.31
C LEU D 211 29.71 44.74 -52.89
N SER D 212 30.14 43.49 -52.74
CA SER D 212 30.34 42.97 -51.39
C SER D 212 31.28 43.84 -50.56
N LYS D 213 32.45 44.17 -51.09
CA LYS D 213 33.35 45.08 -50.37
C LYS D 213 32.70 46.39 -50.00
N GLY D 214 32.10 47.10 -50.94
CA GLY D 214 31.52 48.39 -50.60
C GLY D 214 30.37 48.30 -49.63
N LEU D 215 29.55 47.26 -49.74
CA LEU D 215 28.48 47.08 -48.77
C LEU D 215 29.03 46.90 -47.37
N ILE D 216 30.11 46.15 -47.23
CA ILE D 216 30.70 45.98 -45.90
C ILE D 216 31.27 47.30 -45.40
N LEU D 217 32.06 47.96 -46.23
CA LEU D 217 32.71 49.20 -45.83
C LEU D 217 31.78 50.26 -45.25
N GLN D 218 30.49 50.25 -45.59
CA GLN D 218 29.64 51.25 -44.98
C GLN D 218 29.52 51.05 -43.47
N TYR D 219 29.57 49.83 -42.99
CA TYR D 219 29.36 49.61 -41.55
C TYR D 219 30.64 49.60 -40.74
N MET D 220 31.80 49.77 -41.34
CA MET D 220 33.03 49.81 -40.57
C MET D 220 33.16 51.18 -39.93
N MET E 1 -5.18 31.03 -10.25
CA MET E 1 -6.56 31.55 -10.43
C MET E 1 -7.47 31.09 -9.31
N GLY E 2 -8.46 31.92 -9.00
CA GLY E 2 -9.43 31.60 -7.97
C GLY E 2 -10.61 30.75 -8.42
N ASN E 3 -10.74 30.47 -9.71
CA ASN E 3 -11.90 29.73 -10.18
C ASN E 3 -11.49 28.99 -11.45
N ASP E 4 -12.03 27.79 -11.63
CA ASP E 4 -11.60 26.95 -12.75
C ASP E 4 -12.22 27.32 -14.09
N ILE E 5 -13.49 27.68 -14.11
CA ILE E 5 -14.07 28.06 -15.39
C ILE E 5 -13.44 29.34 -15.89
N SER E 6 -13.14 30.25 -14.96
CA SER E 6 -12.43 31.46 -15.35
C SER E 6 -11.10 31.14 -16.00
N LEU E 7 -10.51 29.99 -15.67
CA LEU E 7 -9.27 29.56 -16.30
C LEU E 7 -9.50 28.95 -17.66
N ILE E 8 -10.51 28.10 -17.78
CA ILE E 8 -10.80 27.47 -19.06
C ILE E 8 -11.11 28.53 -20.10
N ALA E 9 -11.90 29.53 -19.73
CA ALA E 9 -12.22 30.56 -20.71
C ALA E 9 -10.99 31.33 -21.13
N LEU E 10 -10.04 31.50 -20.23
CA LEU E 10 -8.85 32.26 -20.58
C LEU E 10 -7.98 31.47 -21.54
N LEU E 11 -7.90 30.17 -21.36
CA LEU E 11 -7.09 29.39 -22.29
C LEU E 11 -7.75 29.29 -23.65
N ALA E 12 -9.08 29.27 -23.71
CA ALA E 12 -9.73 29.27 -25.01
C ALA E 12 -9.46 30.58 -25.73
N PHE E 13 -9.66 31.69 -25.03
CA PHE E 13 -9.40 32.97 -25.65
C PHE E 13 -7.97 33.05 -26.16
N SER E 14 -7.01 32.64 -25.34
CA SER E 14 -5.64 32.68 -25.79
C SER E 14 -5.39 31.73 -26.93
N THR E 15 -6.28 30.80 -27.20
CA THR E 15 -6.06 29.94 -28.34
C THR E 15 -6.65 30.51 -29.62
N LEU E 16 -7.62 31.41 -29.52
CA LEU E 16 -8.22 32.02 -30.71
C LEU E 16 -7.71 33.42 -30.99
N LEU E 17 -6.90 34.00 -30.11
CA LEU E 17 -6.37 35.36 -30.29
C LEU E 17 -5.87 35.75 -31.68
N PRO E 18 -5.04 34.95 -32.37
CA PRO E 18 -4.51 35.43 -33.65
C PRO E 18 -5.55 35.73 -34.70
N PHE E 19 -6.62 34.96 -34.79
CA PHE E 19 -7.63 35.29 -35.79
C PHE E 19 -8.35 36.59 -35.44
N ILE E 20 -8.49 36.89 -34.16
CA ILE E 20 -9.09 38.16 -33.79
C ILE E 20 -8.21 39.31 -34.21
N ILE E 21 -6.89 39.12 -34.12
CA ILE E 21 -6.01 40.18 -34.60
C ILE E 21 -6.04 40.27 -36.11
N ALA E 22 -6.08 39.13 -36.79
CA ALA E 22 -6.10 39.12 -38.24
C ALA E 22 -7.37 39.70 -38.84
N SER E 23 -8.49 39.72 -38.10
CA SER E 23 -9.74 40.16 -38.69
C SER E 23 -10.41 41.34 -38.00
N GLY E 24 -9.89 41.83 -36.88
CA GLY E 24 -10.54 42.91 -36.16
C GLY E 24 -9.58 43.94 -35.61
N THR E 25 -8.53 44.24 -36.37
CA THR E 25 -7.53 45.20 -35.96
C THR E 25 -6.96 45.85 -37.20
N CYS E 26 -6.39 47.05 -37.03
CA CYS E 26 -5.84 47.79 -38.15
C CYS E 26 -4.77 47.01 -38.92
N PHE E 27 -4.26 45.91 -38.37
CA PHE E 27 -3.28 45.13 -39.08
C PHE E 27 -3.79 44.76 -40.47
N VAL E 28 -5.09 44.49 -40.57
CA VAL E 28 -5.69 44.15 -41.85
C VAL E 28 -5.50 45.25 -42.87
N LYS E 29 -5.39 46.50 -42.41
CA LYS E 29 -5.25 47.63 -43.30
C LYS E 29 -3.79 47.92 -43.65
N PHE E 30 -2.93 48.01 -42.64
CA PHE E 30 -1.52 48.25 -42.91
C PHE E 30 -0.96 47.20 -43.86
N SER E 31 -1.31 45.93 -43.62
CA SER E 31 -0.81 44.85 -44.46
C SER E 31 -1.17 45.05 -45.91
N ILE E 32 -2.33 45.63 -46.18
CA ILE E 32 -2.75 45.82 -47.56
C ILE E 32 -2.02 46.99 -48.18
N VAL E 33 -1.91 48.09 -47.45
CA VAL E 33 -1.28 49.26 -48.05
C VAL E 33 0.14 48.97 -48.48
N PHE E 34 0.91 48.24 -47.67
CA PHE E 34 2.29 47.99 -48.10
C PHE E 34 2.37 47.08 -49.33
N VAL E 35 1.45 46.13 -49.47
CA VAL E 35 1.49 45.30 -50.67
C VAL E 35 1.09 46.11 -51.87
N MET E 36 0.18 47.07 -51.68
CA MET E 36 -0.19 47.92 -52.80
C MET E 36 1.02 48.73 -53.27
N VAL E 37 1.78 49.27 -52.34
CA VAL E 37 2.99 50.01 -52.74
C VAL E 37 3.94 49.14 -53.52
N ARG E 38 4.10 47.89 -53.10
CA ARG E 38 5.03 47.04 -53.83
C ARG E 38 4.53 46.72 -55.23
N ASN E 39 3.22 46.54 -55.38
CA ASN E 39 2.66 46.36 -56.71
C ASN E 39 2.90 47.57 -57.58
N ALA E 40 2.64 48.74 -57.03
CA ALA E 40 2.84 49.99 -57.76
C ALA E 40 4.24 50.11 -58.31
N LEU E 41 5.25 49.87 -57.49
CA LEU E 41 6.58 50.01 -58.07
C LEU E 41 6.94 48.93 -59.09
N GLY E 42 6.07 47.95 -59.31
CA GLY E 42 6.34 46.87 -60.24
C GLY E 42 7.35 45.84 -59.79
N LEU E 43 7.46 45.61 -58.49
CA LEU E 43 8.36 44.62 -57.92
C LEU E 43 7.59 43.35 -57.66
N GLN E 44 8.33 42.26 -57.48
CA GLN E 44 7.72 40.94 -57.31
C GLN E 44 8.00 40.31 -55.97
N GLN E 45 9.24 40.25 -55.54
CA GLN E 45 9.60 39.50 -54.35
C GLN E 45 10.29 40.33 -53.29
N ILE E 46 10.55 41.59 -53.54
CA ILE E 46 11.29 42.40 -52.57
C ILE E 46 10.58 43.72 -52.35
N PRO E 47 10.42 44.19 -51.11
CA PRO E 47 10.72 43.56 -49.83
C PRO E 47 9.89 42.31 -49.57
N SER E 48 10.41 41.40 -48.76
CA SER E 48 9.70 40.17 -48.49
C SER E 48 8.45 40.41 -47.64
N ASN E 49 7.52 39.47 -47.77
CA ASN E 49 6.30 39.55 -46.98
C ASN E 49 6.62 39.55 -45.50
N MET E 50 7.65 38.82 -45.09
CA MET E 50 7.97 38.79 -43.68
C MET E 50 8.47 40.13 -43.18
N THR E 51 9.09 40.93 -44.04
CA THR E 51 9.52 42.25 -43.60
C THR E 51 8.37 43.24 -43.55
N LEU E 52 7.49 43.16 -44.54
CA LEU E 52 6.38 44.10 -44.54
C LEU E 52 5.39 43.76 -43.44
N ASN E 53 5.15 42.48 -43.18
CA ASN E 53 4.27 42.15 -42.08
C ASN E 53 4.91 42.48 -40.75
N GLY E 54 6.24 42.43 -40.67
CA GLY E 54 6.89 42.82 -39.44
C GLY E 54 6.58 44.26 -39.07
N VAL E 55 6.84 45.18 -40.01
CA VAL E 55 6.56 46.57 -39.69
C VAL E 55 5.06 46.80 -39.49
N ALA E 56 4.22 46.11 -40.25
CA ALA E 56 2.78 46.32 -40.06
C ALA E 56 2.33 45.92 -38.67
N LEU E 57 2.91 44.86 -38.11
CA LEU E 57 2.51 44.45 -36.77
C LEU E 57 3.05 45.41 -35.72
N LEU E 58 4.27 45.89 -35.91
CA LEU E 58 4.78 46.85 -34.95
C LEU E 58 3.90 48.09 -34.94
N LEU E 59 3.62 48.66 -36.11
CA LEU E 59 2.80 49.85 -36.12
C LEU E 59 1.42 49.59 -35.54
N SER E 60 0.86 48.40 -35.72
CA SER E 60 -0.45 48.17 -35.12
C SER E 60 -0.38 48.15 -33.61
N MET E 61 0.79 47.87 -33.05
CA MET E 61 0.87 47.84 -31.59
C MET E 61 0.62 49.20 -30.97
N PHE E 62 1.21 50.27 -31.53
CA PHE E 62 1.00 51.60 -30.97
C PHE E 62 -0.46 51.99 -30.93
N VAL E 63 -1.25 51.50 -31.87
CA VAL E 63 -2.65 51.88 -31.94
C VAL E 63 -3.53 51.03 -31.05
N MET E 64 -3.28 49.73 -30.92
CA MET E 64 -4.22 48.91 -30.17
C MET E 64 -3.91 48.83 -28.68
N TRP E 65 -2.66 48.99 -28.28
CA TRP E 65 -2.25 48.85 -26.88
C TRP E 65 -3.15 49.50 -25.84
N PRO E 66 -3.60 50.73 -25.98
CA PRO E 66 -4.37 51.34 -24.88
C PRO E 66 -5.64 50.61 -24.50
N ILE E 67 -6.37 50.01 -25.45
CA ILE E 67 -7.59 49.36 -25.03
C ILE E 67 -7.32 47.97 -24.49
N MET E 68 -6.22 47.34 -24.90
CA MET E 68 -5.88 46.04 -24.32
C MET E 68 -5.43 46.20 -22.88
N HIS E 69 -4.63 47.24 -22.61
CA HIS E 69 -4.29 47.58 -21.24
C HIS E 69 -5.52 47.92 -20.41
N ASP E 70 -6.42 48.73 -20.95
CA ASP E 70 -7.62 49.05 -20.20
C ASP E 70 -8.42 47.80 -19.83
N ALA E 71 -8.61 46.89 -20.77
CA ALA E 71 -9.33 45.66 -20.45
C ALA E 71 -8.59 44.82 -19.42
N TYR E 72 -7.26 44.83 -19.48
CA TYR E 72 -6.50 44.04 -18.52
C TYR E 72 -6.69 44.55 -17.10
N VAL E 73 -6.48 45.83 -16.86
CA VAL E 73 -6.68 46.32 -15.50
C VAL E 73 -8.14 46.22 -15.08
N TYR E 74 -9.08 46.37 -16.01
CA TYR E 74 -10.48 46.21 -15.65
C TYR E 74 -10.77 44.82 -15.12
N PHE E 75 -10.22 43.78 -15.74
CA PHE E 75 -10.48 42.44 -15.25
C PHE E 75 -9.58 42.00 -14.09
N GLU E 76 -8.41 42.61 -13.92
CA GLU E 76 -7.65 42.35 -12.71
C GLU E 76 -8.26 43.00 -11.48
N ASP E 77 -8.97 44.10 -11.66
CA ASP E 77 -9.28 44.98 -10.52
C ASP E 77 -9.85 44.20 -9.34
N GLU E 78 -9.23 44.38 -8.18
CA GLU E 78 -9.44 43.54 -7.00
C GLU E 78 -10.64 43.96 -6.15
N ASP E 79 -11.24 45.11 -6.42
CA ASP E 79 -12.37 45.58 -5.63
C ASP E 79 -13.63 44.77 -5.90
N VAL E 80 -14.37 44.49 -4.82
CA VAL E 80 -15.58 43.67 -4.90
C VAL E 80 -16.61 44.32 -5.81
N THR E 81 -17.15 43.52 -6.73
CA THR E 81 -17.92 44.06 -7.85
C THR E 81 -19.14 43.22 -8.24
N PHE E 82 -19.17 41.92 -7.99
CA PHE E 82 -20.29 41.10 -8.41
C PHE E 82 -20.60 40.00 -7.39
N ASN E 83 -21.85 39.55 -7.42
CA ASN E 83 -22.41 38.68 -6.41
C ASN E 83 -23.15 37.49 -6.99
N ASP E 84 -23.73 37.64 -8.17
CA ASP E 84 -24.72 36.68 -8.63
C ASP E 84 -24.82 36.75 -10.15
N ILE E 85 -25.47 35.73 -10.72
CA ILE E 85 -25.43 35.49 -12.16
C ILE E 85 -25.72 36.74 -13.00
N SER E 86 -26.76 37.48 -12.65
CA SER E 86 -27.06 38.69 -13.42
C SER E 86 -25.97 39.75 -13.29
N SER E 87 -25.40 39.88 -12.11
CA SER E 87 -24.31 40.84 -11.93
C SER E 87 -23.03 40.40 -12.61
N LEU E 88 -22.78 39.09 -12.68
CA LEU E 88 -21.59 38.63 -13.38
C LEU E 88 -21.74 38.80 -14.88
N SER E 89 -22.87 38.40 -15.45
CA SER E 89 -23.05 38.60 -16.88
C SER E 89 -23.03 40.07 -17.27
N LYS E 90 -23.62 40.95 -16.46
CA LYS E 90 -23.46 42.37 -16.71
C LYS E 90 -22.03 42.86 -16.52
N HIS E 91 -21.28 42.31 -15.58
CA HIS E 91 -19.91 42.76 -15.39
C HIS E 91 -19.04 42.39 -16.57
N VAL E 92 -19.19 41.17 -17.07
CA VAL E 92 -18.44 40.76 -18.26
C VAL E 92 -18.86 41.57 -19.46
N ASP E 93 -20.16 41.74 -19.70
CA ASP E 93 -20.59 42.51 -20.85
C ASP E 93 -20.06 43.92 -20.77
N GLU E 94 -20.20 44.57 -19.62
CA GLU E 94 -19.69 45.91 -19.45
C GLU E 94 -18.19 45.99 -19.73
N GLY E 95 -17.44 44.93 -19.47
CA GLY E 95 -16.01 45.00 -19.75
C GLY E 95 -15.62 45.07 -21.21
N LEU E 96 -16.51 44.72 -22.14
CA LEU E 96 -16.22 44.76 -23.57
C LEU E 96 -16.55 46.07 -24.27
N ASP E 97 -17.21 47.01 -23.61
CA ASP E 97 -17.58 48.23 -24.31
C ASP E 97 -16.38 49.05 -24.75
N GLY E 98 -15.23 48.89 -24.11
CA GLY E 98 -14.08 49.61 -24.57
C GLY E 98 -13.67 49.23 -25.98
N TYR E 99 -14.04 48.03 -26.42
CA TYR E 99 -13.71 47.55 -27.74
C TYR E 99 -14.88 47.65 -28.70
N ARG E 100 -16.11 47.53 -28.21
CA ARG E 100 -17.24 47.83 -29.08
C ARG E 100 -17.17 49.26 -29.57
N ASP E 101 -16.75 50.18 -28.70
CA ASP E 101 -16.65 51.58 -29.13
C ASP E 101 -15.65 51.74 -30.25
N TYR E 102 -14.62 50.91 -30.26
CA TYR E 102 -13.64 50.98 -31.33
C TYR E 102 -14.24 50.46 -32.62
N LEU E 103 -14.78 49.26 -32.61
CA LEU E 103 -15.34 48.74 -33.85
C LEU E 103 -16.36 49.71 -34.43
N ILE E 104 -17.25 50.24 -33.58
CA ILE E 104 -18.31 51.12 -34.05
C ILE E 104 -17.75 52.42 -34.61
N LYS E 105 -16.65 52.92 -34.06
CA LYS E 105 -16.15 54.21 -34.51
C LYS E 105 -15.59 54.18 -35.92
N TYR E 106 -15.16 53.03 -36.41
CA TYR E 106 -14.59 52.94 -37.75
C TYR E 106 -15.41 52.12 -38.73
N SER E 107 -16.43 51.41 -38.29
CA SER E 107 -17.25 50.66 -39.23
C SER E 107 -18.20 51.60 -39.96
N ASP E 108 -18.52 51.25 -41.20
CA ASP E 108 -19.48 52.02 -41.99
C ASP E 108 -20.91 51.77 -41.54
N ARG E 109 -21.60 52.87 -41.24
CA ARG E 109 -22.95 52.82 -40.70
C ARG E 109 -23.89 51.98 -41.56
N GLU E 110 -23.75 52.07 -42.87
CA GLU E 110 -24.62 51.31 -43.77
C GLU E 110 -24.38 49.82 -43.66
N LEU E 111 -23.13 49.40 -43.56
CA LEU E 111 -22.87 47.97 -43.43
C LEU E 111 -23.33 47.46 -42.07
N VAL E 112 -23.06 48.22 -41.02
CA VAL E 112 -23.53 47.81 -39.70
C VAL E 112 -25.03 47.60 -39.72
N GLN E 113 -25.75 48.52 -40.36
CA GLN E 113 -27.19 48.38 -40.45
C GLN E 113 -27.60 47.15 -41.25
N PHE E 114 -26.87 46.83 -42.31
CA PHE E 114 -27.25 45.67 -43.10
C PHE E 114 -27.10 44.38 -42.31
N PHE E 115 -25.93 44.19 -41.70
CA PHE E 115 -25.71 42.97 -40.95
C PHE E 115 -26.59 42.87 -39.72
N GLU E 116 -27.07 43.98 -39.18
CA GLU E 116 -28.00 43.88 -38.06
C GLU E 116 -29.38 43.45 -38.52
N ASN E 117 -29.93 44.13 -39.53
CA ASN E 117 -31.24 43.75 -40.03
C ASN E 117 -31.27 42.30 -40.49
N ALA E 118 -30.22 41.85 -41.18
CA ALA E 118 -30.27 40.49 -41.69
C ALA E 118 -30.17 39.45 -40.59
N GLN E 119 -29.74 39.82 -39.39
CA GLN E 119 -29.86 38.89 -38.26
C GLN E 119 -31.24 38.93 -37.64
N LEU E 120 -31.83 40.11 -37.52
CA LEU E 120 -33.19 40.16 -37.00
C LEU E 120 -34.12 39.30 -37.85
N LYS E 121 -33.99 39.39 -39.17
CA LYS E 121 -34.83 38.58 -40.04
C LYS E 121 -34.53 37.09 -39.99
N ARG E 122 -33.35 36.68 -39.52
CA ARG E 122 -33.14 35.26 -39.23
C ARG E 122 -33.87 34.84 -37.97
N GLN E 123 -33.69 35.58 -36.88
CA GLN E 123 -34.23 35.12 -35.61
C GLN E 123 -35.74 35.31 -35.50
N TYR E 124 -36.24 36.51 -35.74
CA TYR E 124 -37.63 36.81 -35.41
C TYR E 124 -38.56 36.68 -36.60
N GLY E 125 -38.02 36.50 -37.80
CA GLY E 125 -38.80 36.27 -38.99
C GLY E 125 -38.83 37.48 -39.89
N GLU E 126 -38.78 37.24 -41.20
CA GLU E 126 -38.58 38.30 -42.18
C GLU E 126 -39.72 39.30 -42.19
N GLU E 127 -40.89 38.91 -41.71
CA GLU E 127 -41.98 39.87 -41.58
C GLU E 127 -41.73 40.93 -40.52
N THR E 128 -40.77 40.73 -39.62
CA THR E 128 -40.46 41.79 -38.67
C THR E 128 -40.01 43.05 -39.40
N GLU E 129 -40.50 44.19 -38.93
CA GLU E 129 -40.36 45.46 -39.63
C GLU E 129 -38.89 45.78 -39.92
N THR E 130 -38.58 46.03 -41.18
CA THR E 130 -37.25 46.46 -41.58
C THR E 130 -36.96 47.83 -40.99
N VAL E 131 -35.89 47.94 -40.20
CA VAL E 131 -35.78 49.02 -39.23
C VAL E 131 -35.62 50.38 -39.93
N LYS E 132 -34.76 50.44 -40.94
CA LYS E 132 -34.42 51.72 -41.58
C LYS E 132 -34.05 52.77 -40.54
N ARG E 133 -33.10 52.44 -39.68
CA ARG E 133 -32.58 53.43 -38.74
C ARG E 133 -31.66 54.38 -39.51
N ASP E 134 -32.29 55.31 -40.22
CA ASP E 134 -31.56 56.22 -41.09
C ASP E 134 -30.93 57.36 -40.29
N LYS E 135 -31.60 57.78 -39.23
CA LYS E 135 -31.03 58.58 -38.17
C LYS E 135 -31.01 57.68 -36.94
N ASP E 136 -29.82 57.49 -36.37
CA ASP E 136 -29.56 56.25 -35.65
C ASP E 136 -28.74 56.46 -34.40
N GLU E 137 -29.12 55.72 -33.36
CA GLU E 137 -28.21 55.30 -32.31
C GLU E 137 -28.33 53.78 -32.30
N ILE E 138 -27.34 53.13 -32.90
CA ILE E 138 -27.37 51.69 -33.09
C ILE E 138 -27.16 51.00 -31.75
N GLU E 139 -28.17 50.24 -31.32
CA GLU E 139 -28.36 49.94 -29.91
C GLU E 139 -27.43 48.81 -29.47
N LYS E 140 -26.16 49.15 -29.33
CA LYS E 140 -25.14 48.19 -28.95
C LYS E 140 -25.24 46.89 -29.75
N PRO E 141 -24.95 46.92 -31.04
CA PRO E 141 -25.15 45.75 -31.89
C PRO E 141 -24.27 44.58 -31.49
N SER E 142 -24.72 43.38 -31.83
CA SER E 142 -23.97 42.18 -31.49
C SER E 142 -22.64 42.14 -32.22
N ILE E 143 -21.62 41.64 -31.52
CA ILE E 143 -20.26 41.69 -32.05
C ILE E 143 -20.08 40.78 -33.25
N PHE E 144 -20.84 39.69 -33.33
CA PHE E 144 -20.80 38.85 -34.53
C PHE E 144 -21.36 39.56 -35.75
N ALA E 145 -22.25 40.52 -35.55
CA ALA E 145 -22.75 41.32 -36.65
C ALA E 145 -21.84 42.49 -36.94
N LEU E 146 -21.22 43.02 -35.91
CA LEU E 146 -20.37 44.20 -36.02
C LEU E 146 -19.02 43.91 -36.64
N LEU E 147 -18.45 42.75 -36.40
CA LEU E 147 -17.09 42.43 -36.86
C LEU E 147 -16.85 42.30 -38.37
N PRO E 148 -17.72 41.64 -39.13
CA PRO E 148 -17.53 41.63 -40.59
C PRO E 148 -17.77 42.98 -41.25
N ALA E 149 -18.57 43.84 -40.65
CA ALA E 149 -18.70 45.19 -41.19
C ALA E 149 -17.42 45.95 -41.05
N TYR E 150 -16.73 45.78 -39.93
CA TYR E 150 -15.42 46.41 -39.79
C TYR E 150 -14.44 45.86 -40.80
N ALA E 151 -14.42 44.54 -40.97
CA ALA E 151 -13.45 43.97 -41.90
C ALA E 151 -13.63 44.50 -43.33
N LEU E 152 -14.87 44.54 -43.82
CA LEU E 152 -15.07 45.10 -45.15
C LEU E 152 -14.87 46.61 -45.21
N SER E 153 -15.01 47.31 -44.10
CA SER E 153 -14.79 48.74 -44.14
C SER E 153 -13.31 49.05 -44.27
N GLU E 154 -12.49 48.31 -43.54
CA GLU E 154 -11.06 48.54 -43.63
C GLU E 154 -10.55 48.14 -45.00
N ILE E 155 -11.07 47.05 -45.57
CA ILE E 155 -10.63 46.70 -46.92
C ILE E 155 -10.96 47.81 -47.91
N LYS E 156 -12.17 48.36 -47.80
CA LYS E 156 -12.55 49.48 -48.66
C LYS E 156 -11.57 50.64 -48.56
N SER E 157 -11.37 51.16 -47.36
CA SER E 157 -10.50 52.33 -47.24
C SER E 157 -9.05 52.03 -47.61
N ALA E 158 -8.54 50.83 -47.34
CA ALA E 158 -7.17 50.55 -47.75
C ALA E 158 -7.03 50.55 -49.27
N PHE E 159 -7.99 49.96 -49.97
CA PHE E 159 -7.97 50.02 -51.43
C PHE E 159 -8.03 51.45 -51.92
N LYS E 160 -8.89 52.25 -51.33
CA LYS E 160 -9.00 53.65 -51.69
C LYS E 160 -7.66 54.36 -51.57
N ILE E 161 -6.98 54.21 -50.44
CA ILE E 161 -5.67 54.84 -50.28
C ILE E 161 -4.71 54.33 -51.34
N GLY E 162 -4.69 53.01 -51.56
CA GLY E 162 -3.77 52.46 -52.54
C GLY E 162 -3.96 52.99 -53.94
N PHE E 163 -5.19 53.30 -54.32
CA PHE E 163 -5.44 53.86 -55.64
C PHE E 163 -4.67 55.16 -55.88
N TYR E 164 -4.81 56.12 -54.98
CA TYR E 164 -4.12 57.39 -55.13
C TYR E 164 -2.64 57.24 -55.43
N LEU E 165 -1.96 56.33 -54.74
CA LEU E 165 -0.52 56.21 -54.94
C LEU E 165 -0.11 55.78 -56.34
N TYR E 166 -0.97 55.13 -57.12
CA TYR E 166 -0.54 54.72 -58.45
C TYR E 166 -0.30 55.90 -59.38
N LEU E 167 -1.08 56.96 -59.24
CA LEU E 167 -1.25 57.88 -60.35
C LEU E 167 0.05 58.49 -60.88
N PRO E 168 1.02 58.84 -60.06
CA PRO E 168 2.31 59.28 -60.60
C PRO E 168 3.02 58.25 -61.45
N PHE E 169 3.10 57.01 -60.97
CA PHE E 169 3.78 55.98 -61.74
C PHE E 169 3.04 55.67 -63.03
N VAL E 170 1.71 55.74 -63.02
CA VAL E 170 0.96 55.60 -64.26
C VAL E 170 1.39 56.65 -65.27
N VAL E 171 1.50 57.89 -64.81
CA VAL E 171 2.00 58.95 -65.68
C VAL E 171 3.36 58.59 -66.26
N VAL E 172 4.32 58.26 -65.39
CA VAL E 172 5.65 57.87 -65.83
C VAL E 172 5.61 56.84 -66.96
N ASP E 173 4.84 55.78 -66.76
CA ASP E 173 4.76 54.71 -67.75
C ASP E 173 4.21 55.19 -69.09
N LEU E 174 3.09 55.90 -69.07
CA LEU E 174 2.55 56.33 -70.35
C LEU E 174 3.45 57.33 -71.07
N VAL E 175 4.15 58.18 -70.33
CA VAL E 175 5.08 59.11 -70.97
C VAL E 175 6.21 58.36 -71.67
N VAL E 176 6.91 57.52 -70.93
CA VAL E 176 8.00 56.73 -71.54
C VAL E 176 7.53 56.01 -72.79
N SER E 177 6.37 55.35 -72.72
CA SER E 177 5.88 54.64 -73.90
C SER E 177 5.65 55.58 -75.09
N SER E 178 5.21 56.80 -74.82
CA SER E 178 4.97 57.72 -75.93
C SER E 178 6.27 58.20 -76.55
N VAL E 179 7.26 58.52 -75.75
CA VAL E 179 8.51 58.98 -76.35
C VAL E 179 9.21 57.86 -77.13
N LEU E 180 9.10 56.61 -76.67
CA LEU E 180 9.69 55.55 -77.47
C LEU E 180 8.97 55.39 -78.80
N LEU E 181 7.64 55.45 -78.80
CA LEU E 181 6.97 55.35 -80.08
C LEU E 181 7.33 56.54 -80.97
N ALA E 182 7.49 57.73 -80.38
CA ALA E 182 7.90 58.87 -81.18
C ALA E 182 9.24 58.63 -81.85
N LEU E 183 10.11 57.82 -81.26
CA LEU E 183 11.35 57.47 -81.95
C LEU E 183 11.22 56.23 -82.82
N GLY E 184 10.10 55.55 -82.78
CA GLY E 184 9.92 54.34 -83.57
C GLY E 184 10.55 53.08 -83.03
N MET E 185 11.07 53.07 -81.81
CA MET E 185 11.70 51.89 -81.24
C MET E 185 10.61 50.97 -80.68
N MET E 186 9.75 50.52 -81.58
CA MET E 186 8.63 49.66 -81.19
C MET E 186 9.06 48.38 -80.50
N MET E 187 10.28 47.91 -80.75
CA MET E 187 10.71 46.65 -80.16
C MET E 187 11.30 46.78 -78.75
N MET E 188 11.37 47.98 -78.18
CA MET E 188 11.92 48.16 -76.85
C MET E 188 10.86 47.96 -75.78
N SER E 189 11.09 47.04 -74.86
CA SER E 189 10.21 46.88 -73.70
C SER E 189 10.34 48.06 -72.75
N PRO E 190 9.29 48.85 -72.55
CA PRO E 190 9.43 50.04 -71.70
C PRO E 190 9.87 49.75 -70.28
N VAL E 191 9.46 48.60 -69.74
CA VAL E 191 9.65 48.34 -68.32
C VAL E 191 11.10 48.50 -67.88
N THR E 192 12.04 48.19 -68.78
CA THR E 192 13.44 48.32 -68.45
C THR E 192 13.81 49.76 -68.14
N ILE E 193 13.23 50.69 -68.89
CA ILE E 193 13.56 52.09 -68.70
C ILE E 193 12.75 52.68 -67.58
N SER E 194 11.48 52.32 -67.49
CA SER E 194 10.59 52.97 -66.53
C SER E 194 10.80 52.50 -65.09
N THR E 195 11.32 51.31 -64.84
CA THR E 195 11.55 50.90 -63.46
C THR E 195 12.44 51.83 -62.65
N PRO E 196 13.65 52.19 -63.09
CA PRO E 196 14.45 53.10 -62.29
C PRO E 196 13.86 54.48 -62.11
N ILE E 197 13.05 54.96 -63.05
CA ILE E 197 12.47 56.27 -62.87
C ILE E 197 11.46 56.24 -61.74
N LYS E 198 10.75 55.13 -61.62
CA LYS E 198 9.83 54.95 -60.51
C LYS E 198 10.58 54.92 -59.20
N LEU E 199 11.65 54.15 -59.13
CA LEU E 199 12.40 54.07 -57.88
C LEU E 199 12.90 55.44 -57.45
N VAL E 200 13.52 56.20 -58.36
CA VAL E 200 14.04 57.49 -57.93
C VAL E 200 12.94 58.47 -57.60
N LEU E 201 11.78 58.37 -58.25
CA LEU E 201 10.65 59.20 -57.88
C LEU E 201 10.19 58.95 -56.46
N PHE E 202 10.01 57.69 -56.12
CA PHE E 202 9.57 57.35 -54.77
C PHE E 202 10.60 57.79 -53.72
N VAL E 203 11.87 57.57 -54.00
CA VAL E 203 12.89 57.98 -53.05
C VAL E 203 12.89 59.50 -52.86
N ALA E 204 12.72 60.25 -53.95
CA ALA E 204 12.67 61.71 -53.81
C ALA E 204 11.45 62.16 -53.01
N LEU E 205 10.33 61.47 -53.16
CA LEU E 205 9.18 61.80 -52.32
C LEU E 205 9.43 61.48 -50.85
N ASP E 206 10.19 60.43 -50.57
CA ASP E 206 10.33 59.94 -49.21
C ASP E 206 9.04 59.29 -48.74
N GLY E 207 8.44 58.53 -49.64
CA GLY E 207 7.15 57.92 -49.44
C GLY E 207 6.88 57.29 -48.09
N TRP E 208 7.78 56.44 -47.63
CA TRP E 208 7.54 55.74 -46.37
C TRP E 208 7.39 56.67 -45.17
N THR E 209 8.06 57.83 -45.16
CA THR E 209 7.84 58.74 -44.04
C THR E 209 6.43 59.31 -44.06
N LEU E 210 6.07 59.99 -45.13
CA LEU E 210 4.74 60.56 -45.27
C LEU E 210 3.67 59.54 -44.97
N LEU E 211 3.78 58.38 -45.60
CA LEU E 211 2.76 57.36 -45.50
C LEU E 211 2.64 56.81 -44.09
N SER E 212 3.75 56.48 -43.43
CA SER E 212 3.60 55.92 -42.10
C SER E 212 3.12 56.96 -41.10
N LYS E 213 3.49 58.23 -41.29
CA LYS E 213 2.90 59.29 -40.46
C LYS E 213 1.39 59.34 -40.59
N GLY E 214 0.91 59.55 -41.81
CA GLY E 214 -0.52 59.71 -42.00
C GLY E 214 -1.31 58.50 -41.56
N LEU E 215 -0.79 57.30 -41.79
CA LEU E 215 -1.56 56.12 -41.41
C LEU E 215 -1.79 56.08 -39.91
N ILE E 216 -0.85 56.58 -39.12
CA ILE E 216 -1.07 56.58 -37.67
C ILE E 216 -1.95 57.74 -37.27
N LEU E 217 -1.72 58.93 -37.82
CA LEU E 217 -2.56 60.06 -37.45
C LEU E 217 -4.03 59.84 -37.77
N GLN E 218 -4.36 58.95 -38.70
CA GLN E 218 -5.79 58.68 -38.89
C GLN E 218 -6.45 58.06 -37.67
N TYR E 219 -5.71 57.44 -36.77
CA TYR E 219 -6.32 56.80 -35.61
C TYR E 219 -6.24 57.57 -34.30
N MET E 220 -5.61 58.73 -34.27
CA MET E 220 -5.58 59.47 -33.02
C MET E 220 -5.53 60.96 -33.31
N ASP E 221 -6.25 61.73 -32.51
CA ASP E 221 -6.32 63.16 -32.69
C ASP E 221 -5.08 63.83 -32.10
N MET F 1 -30.42 19.97 -21.33
CA MET F 1 -29.73 18.81 -21.98
C MET F 1 -28.29 19.19 -22.18
N PHE F 2 -27.38 18.36 -21.66
CA PHE F 2 -26.04 18.82 -21.32
C PHE F 2 -25.20 19.14 -22.56
N TYR F 3 -25.18 18.23 -23.53
CA TYR F 3 -24.36 18.36 -24.74
C TYR F 3 -24.91 19.31 -25.79
N ALA F 4 -26.02 19.98 -25.54
CA ALA F 4 -26.65 20.77 -26.58
C ALA F 4 -25.79 21.93 -27.06
N LEU F 5 -25.02 22.57 -26.18
CA LEU F 5 -24.14 23.64 -26.67
C LEU F 5 -23.01 23.12 -27.54
N TYR F 6 -22.46 21.96 -27.21
CA TYR F 6 -21.43 21.36 -28.04
C TYR F 6 -21.95 21.07 -29.43
N PHE F 7 -23.09 20.39 -29.53
CA PHE F 7 -23.65 20.19 -30.85
C PHE F 7 -23.99 21.50 -31.54
N GLU F 8 -24.44 22.51 -30.79
CA GLU F 8 -24.78 23.76 -31.45
C GLU F 8 -23.56 24.47 -32.02
N ILE F 9 -22.38 24.25 -31.47
CA ILE F 9 -21.18 24.80 -32.13
C ILE F 9 -20.81 24.01 -33.37
N HIS F 10 -21.01 22.71 -33.34
CA HIS F 10 -20.69 21.96 -34.55
C HIS F 10 -21.66 22.25 -35.69
N HIS F 11 -22.93 22.52 -35.40
CA HIS F 11 -23.83 22.92 -36.48
C HIS F 11 -23.37 24.21 -37.12
N LEU F 12 -22.80 25.10 -36.33
CA LEU F 12 -22.30 26.37 -36.84
C LEU F 12 -21.15 26.15 -37.81
N VAL F 13 -20.16 25.36 -37.41
CA VAL F 13 -19.03 25.20 -38.32
C VAL F 13 -19.39 24.41 -39.57
N ALA F 14 -20.33 23.46 -39.49
CA ALA F 14 -20.75 22.80 -40.72
C ALA F 14 -21.47 23.75 -41.67
N SER F 15 -22.23 24.70 -41.14
CA SER F 15 -22.87 25.67 -42.03
C SER F 15 -21.86 26.61 -42.65
N ALA F 16 -20.90 27.08 -41.87
CA ALA F 16 -19.88 27.96 -42.43
C ALA F 16 -19.09 27.26 -43.51
N ALA F 17 -18.73 26.00 -43.28
CA ALA F 17 -17.96 25.28 -44.28
C ALA F 17 -18.74 25.17 -45.58
N LEU F 18 -20.03 24.84 -45.52
CA LEU F 18 -20.75 24.78 -46.79
C LEU F 18 -21.00 26.15 -47.41
N GLY F 19 -20.91 27.23 -46.65
CA GLY F 19 -21.03 28.56 -47.24
C GLY F 19 -19.78 29.04 -47.94
N PHE F 20 -18.62 28.63 -47.45
CA PHE F 20 -17.35 29.00 -48.08
C PHE F 20 -17.31 28.60 -49.55
N ALA F 21 -17.85 27.44 -49.89
CA ALA F 21 -17.89 26.98 -51.27
C ALA F 21 -18.57 27.97 -52.22
N ARG F 22 -19.48 28.77 -51.73
CA ARG F 22 -20.22 29.71 -52.57
C ARG F 22 -19.71 31.12 -52.47
N VAL F 23 -19.08 31.49 -51.37
CA VAL F 23 -18.56 32.84 -51.23
C VAL F 23 -17.14 33.00 -51.78
N ALA F 24 -16.25 32.03 -51.62
CA ALA F 24 -14.87 32.23 -52.06
C ALA F 24 -14.66 32.54 -53.54
N PRO F 25 -15.34 31.91 -54.49
CA PRO F 25 -15.13 32.30 -55.90
C PRO F 25 -15.35 33.77 -56.17
N ILE F 26 -16.32 34.41 -55.53
CA ILE F 26 -16.47 35.86 -55.71
C ILE F 26 -15.19 36.58 -55.32
N PHE F 27 -14.62 36.22 -54.18
CA PHE F 27 -13.34 36.80 -53.76
C PHE F 27 -12.25 36.52 -54.76
N PHE F 28 -12.40 35.51 -55.61
CA PHE F 28 -11.39 35.30 -56.64
C PHE F 28 -11.49 36.30 -57.80
N PHE F 29 -12.69 36.62 -58.27
CA PHE F 29 -12.87 37.49 -59.43
C PHE F 29 -12.68 39.00 -59.19
N LEU F 30 -13.30 39.56 -58.17
CA LEU F 30 -13.27 41.01 -57.98
C LEU F 30 -11.87 41.58 -57.78
N PRO F 31 -11.57 42.73 -58.39
CA PRO F 31 -10.20 43.27 -58.41
C PRO F 31 -9.69 43.79 -57.08
N PHE F 32 -10.55 44.07 -56.10
CA PHE F 32 -10.10 44.49 -54.79
C PHE F 32 -10.11 43.39 -53.75
N LEU F 33 -10.46 42.16 -54.13
CA LEU F 33 -10.49 41.04 -53.21
C LEU F 33 -9.51 39.93 -53.57
N ASN F 34 -9.05 39.86 -54.81
CA ASN F 34 -8.18 38.76 -55.19
C ASN F 34 -6.88 38.77 -54.42
N SER F 35 -6.19 37.63 -54.46
CA SER F 35 -4.99 37.39 -53.67
C SER F 35 -3.79 38.19 -54.13
N GLY F 36 -3.92 39.01 -55.17
CA GLY F 36 -2.93 40.03 -55.42
C GLY F 36 -2.94 41.14 -54.41
N VAL F 37 -3.97 41.21 -53.57
CA VAL F 37 -4.15 42.26 -52.60
C VAL F 37 -4.31 41.70 -51.20
N LEU F 38 -5.31 40.87 -51.00
CA LEU F 38 -5.64 40.33 -49.69
C LEU F 38 -5.15 38.89 -49.60
N SER F 39 -4.11 38.68 -48.80
CA SER F 39 -3.45 37.39 -48.74
C SER F 39 -2.96 37.12 -47.33
N GLY F 40 -2.64 35.88 -47.07
CA GLY F 40 -2.21 35.45 -45.76
C GLY F 40 -3.38 35.23 -44.82
N ALA F 41 -3.07 35.21 -43.54
CA ALA F 41 -4.01 34.84 -42.49
C ALA F 41 -5.33 35.60 -42.48
N PRO F 42 -5.38 36.87 -42.85
CA PRO F 42 -6.67 37.55 -42.96
C PRO F 42 -7.65 36.91 -43.90
N ARG F 43 -7.19 36.30 -44.98
CA ARG F 43 -8.07 35.96 -46.08
C ARG F 43 -9.20 35.02 -45.66
N ASN F 44 -8.86 33.87 -45.09
CA ASN F 44 -9.88 32.93 -44.63
C ASN F 44 -10.74 33.51 -43.52
N ALA F 45 -10.10 34.15 -42.54
CA ALA F 45 -10.85 34.72 -41.44
C ALA F 45 -11.95 35.65 -41.94
N ILE F 46 -11.66 36.46 -42.96
CA ILE F 46 -12.69 37.36 -43.46
C ILE F 46 -13.74 36.63 -44.28
N ILE F 47 -13.34 35.77 -45.21
CA ILE F 47 -14.34 35.04 -45.99
C ILE F 47 -15.34 34.30 -45.10
N ILE F 48 -14.85 33.58 -44.09
CA ILE F 48 -15.74 32.86 -43.21
C ILE F 48 -16.71 33.78 -42.49
N LEU F 49 -16.22 34.91 -41.98
CA LEU F 49 -17.10 35.84 -41.28
C LEU F 49 -18.20 36.36 -42.18
N VAL F 50 -17.89 36.68 -43.43
CA VAL F 50 -18.92 37.12 -44.35
C VAL F 50 -19.95 36.02 -44.58
N ALA F 51 -19.49 34.82 -44.93
CA ALA F 51 -20.42 33.70 -45.11
C ALA F 51 -21.36 33.51 -43.93
N LEU F 52 -20.85 33.61 -42.70
CA LEU F 52 -21.74 33.55 -41.56
C LEU F 52 -22.65 34.75 -41.47
N GLY F 53 -22.20 35.92 -41.91
CA GLY F 53 -23.08 37.08 -41.93
C GLY F 53 -24.24 36.97 -42.88
N VAL F 54 -24.17 36.10 -43.88
CA VAL F 54 -25.25 36.02 -44.87
C VAL F 54 -25.98 34.69 -44.90
N TRP F 55 -25.53 33.68 -44.19
CA TRP F 55 -26.25 32.42 -44.20
C TRP F 55 -27.71 32.65 -43.79
N PRO F 56 -28.67 32.01 -44.46
CA PRO F 56 -30.08 32.41 -44.33
C PRO F 56 -30.84 31.81 -43.15
N HIS F 57 -30.34 30.75 -42.52
CA HIS F 57 -31.10 29.99 -41.52
C HIS F 57 -30.48 30.17 -40.15
N ALA F 58 -31.30 30.00 -39.12
CA ALA F 58 -30.79 30.10 -37.76
C ALA F 58 -29.63 29.12 -37.58
N LEU F 59 -28.52 29.65 -37.07
CA LEU F 59 -27.27 28.91 -37.01
C LEU F 59 -27.28 27.78 -35.99
N ASN F 60 -28.28 27.72 -35.12
CA ASN F 60 -28.25 26.81 -33.99
C ASN F 60 -29.09 25.58 -34.18
N GLU F 61 -29.58 25.30 -35.39
CA GLU F 61 -30.34 24.09 -35.63
C GLU F 61 -29.75 23.29 -36.77
N ALA F 62 -29.92 21.98 -36.66
CA ALA F 62 -29.08 21.04 -37.40
C ALA F 62 -29.11 21.33 -38.90
N PRO F 63 -27.98 21.22 -39.58
CA PRO F 63 -27.96 21.52 -41.00
C PRO F 63 -28.75 20.48 -41.76
N PRO F 64 -29.51 20.88 -42.79
CA PRO F 64 -30.40 19.93 -43.45
C PRO F 64 -29.73 18.94 -44.40
N PHE F 65 -28.47 19.13 -44.74
CA PHE F 65 -27.83 18.36 -45.79
C PHE F 65 -27.14 17.08 -45.32
N LEU F 66 -27.26 16.70 -44.06
CA LEU F 66 -26.51 15.56 -43.55
C LEU F 66 -26.79 14.26 -44.29
N SER F 67 -27.92 14.15 -44.98
CA SER F 67 -28.34 12.94 -45.66
C SER F 67 -27.94 12.84 -47.14
N VAL F 68 -27.04 13.69 -47.63
CA VAL F 68 -26.83 13.82 -49.06
C VAL F 68 -25.37 13.61 -49.44
N ALA F 69 -25.15 13.10 -50.65
CA ALA F 69 -23.81 12.89 -51.18
C ALA F 69 -23.12 14.24 -51.32
N MET F 70 -21.96 14.36 -50.69
CA MET F 70 -21.29 15.65 -50.55
C MET F 70 -20.70 16.22 -51.84
N ILE F 71 -20.06 15.41 -52.67
CA ILE F 71 -19.45 15.97 -53.88
C ILE F 71 -20.40 16.63 -54.89
N PRO F 72 -21.43 15.95 -55.37
CA PRO F 72 -22.38 16.66 -56.24
C PRO F 72 -22.85 17.98 -55.67
N LEU F 73 -23.01 18.04 -54.37
CA LEU F 73 -23.45 19.26 -53.70
C LEU F 73 -22.38 20.34 -53.75
N VAL F 74 -21.16 20.01 -53.38
CA VAL F 74 -20.09 21.01 -53.40
C VAL F 74 -19.86 21.54 -54.80
N LEU F 75 -19.86 20.68 -55.81
CA LEU F 75 -19.70 21.17 -57.17
C LEU F 75 -20.84 22.08 -57.58
N GLN F 76 -22.07 21.71 -57.25
CA GLN F 76 -23.20 22.59 -57.51
C GLN F 76 -22.99 23.99 -56.94
N GLU F 77 -22.63 24.07 -55.67
CA GLU F 77 -22.43 25.37 -55.05
C GLU F 77 -21.28 26.14 -55.69
N ALA F 78 -20.16 25.48 -55.98
CA ALA F 78 -19.07 26.19 -56.64
C ALA F 78 -19.46 26.74 -58.00
N ALA F 79 -20.24 25.99 -58.79
CA ALA F 79 -20.71 26.51 -60.06
C ALA F 79 -21.57 27.76 -59.89
N VAL F 80 -22.47 27.73 -58.91
CA VAL F 80 -23.28 28.92 -58.64
C VAL F 80 -22.41 30.11 -58.28
N GLY F 81 -21.43 29.89 -57.40
CA GLY F 81 -20.50 30.96 -57.07
C GLY F 81 -19.73 31.53 -58.25
N VAL F 82 -19.31 30.69 -59.18
CA VAL F 82 -18.66 31.19 -60.40
C VAL F 82 -19.60 32.05 -61.23
N MET F 83 -20.86 31.65 -61.35
CA MET F 83 -21.80 32.48 -62.09
C MET F 83 -22.00 33.84 -61.44
N LEU F 84 -22.16 33.87 -60.12
CA LEU F 84 -22.26 35.16 -59.44
C LEU F 84 -21.00 36.00 -59.59
N GLY F 85 -19.83 35.38 -59.51
CA GLY F 85 -18.61 36.13 -59.72
C GLY F 85 -18.55 36.81 -61.07
N CYS F 86 -19.01 36.13 -62.12
CA CYS F 86 -19.05 36.77 -63.44
C CYS F 86 -20.02 37.95 -63.46
N LEU F 87 -21.23 37.75 -62.97
CA LEU F 87 -22.20 38.83 -63.06
C LEU F 87 -21.78 40.04 -62.24
N LEU F 88 -21.17 39.84 -61.08
CA LEU F 88 -20.68 41.00 -60.34
C LEU F 88 -19.45 41.62 -60.98
N SER F 89 -18.61 40.84 -61.66
CA SER F 89 -17.46 41.39 -62.36
C SER F 89 -17.85 42.28 -63.52
N TRP F 90 -19.06 42.14 -64.04
CA TRP F 90 -19.38 42.70 -65.36
C TRP F 90 -18.98 44.15 -65.61
N PRO F 91 -19.18 45.11 -64.71
CA PRO F 91 -18.71 46.47 -65.03
C PRO F 91 -17.22 46.64 -65.21
N PHE F 92 -16.38 45.81 -64.59
CA PHE F 92 -14.94 45.99 -64.69
C PHE F 92 -14.36 45.44 -66.00
N TRP F 93 -14.84 44.28 -66.44
CA TRP F 93 -14.37 43.71 -67.69
C TRP F 93 -14.64 44.59 -68.90
N VAL F 94 -15.69 45.40 -68.86
CA VAL F 94 -15.92 46.33 -69.96
C VAL F 94 -14.86 47.43 -70.00
N MET F 95 -14.56 48.05 -68.87
CA MET F 95 -13.52 49.08 -68.87
C MET F 95 -12.16 48.51 -69.21
N HIS F 96 -11.88 47.27 -68.78
CA HIS F 96 -10.63 46.63 -69.17
C HIS F 96 -10.55 46.42 -70.67
N ALA F 97 -11.64 45.99 -71.29
CA ALA F 97 -11.64 45.83 -72.74
C ALA F 97 -11.41 47.16 -73.44
N LEU F 98 -12.15 48.18 -73.02
CA LEU F 98 -11.94 49.52 -73.55
C LEU F 98 -10.48 49.94 -73.55
N GLY F 99 -9.82 49.81 -72.40
CA GLY F 99 -8.40 50.15 -72.33
C GLY F 99 -7.53 49.33 -73.25
N CYS F 100 -7.86 48.05 -73.43
CA CYS F 100 -7.08 47.25 -74.36
C CYS F 100 -7.26 47.70 -75.80
N ILE F 101 -8.46 48.13 -76.16
CA ILE F 101 -8.68 48.57 -77.53
C ILE F 101 -7.91 49.85 -77.80
N ILE F 102 -7.94 50.79 -76.86
CA ILE F 102 -7.22 52.04 -77.06
C ILE F 102 -5.72 51.78 -77.19
N ASP F 103 -5.14 51.03 -76.24
CA ASP F 103 -3.71 50.77 -76.31
C ASP F 103 -3.33 49.98 -77.55
N ASN F 104 -4.24 49.20 -78.12
CA ASN F 104 -3.89 48.56 -79.38
C ASN F 104 -3.93 49.53 -80.55
N GLN F 105 -4.93 50.40 -80.60
CA GLN F 105 -4.99 51.33 -81.73
C GLN F 105 -3.82 52.30 -81.74
N ARG F 106 -3.38 52.75 -80.58
CA ARG F 106 -2.28 53.71 -80.59
C ARG F 106 -0.92 53.06 -80.79
N GLY F 107 -0.84 51.82 -81.22
CA GLY F 107 0.41 51.08 -81.29
C GLY F 107 0.65 50.28 -80.01
N ALA F 108 1.74 50.56 -79.31
CA ALA F 108 1.89 50.16 -77.92
C ALA F 108 1.68 48.66 -77.71
N THR F 109 1.83 47.87 -78.76
CA THR F 109 1.59 46.42 -78.67
C THR F 109 2.39 45.74 -77.58
N LEU F 110 3.60 46.22 -77.30
CA LEU F 110 4.50 45.63 -76.31
C LEU F 110 4.32 46.22 -74.92
N SER F 111 3.07 46.41 -74.47
CA SER F 111 2.81 47.05 -73.18
C SER F 111 3.49 46.34 -72.00
N SER F 112 3.78 47.15 -70.98
CA SER F 112 4.56 46.81 -69.79
C SER F 112 3.79 46.26 -68.59
N SER F 113 2.52 46.59 -68.41
CA SER F 113 1.84 46.26 -67.16
C SER F 113 1.96 44.79 -66.79
N ILE F 114 1.87 44.53 -65.48
CA ILE F 114 2.07 43.22 -64.87
C ILE F 114 0.84 42.81 -64.07
N ASP F 115 0.48 41.52 -64.15
CA ASP F 115 -0.60 40.99 -63.32
C ASP F 115 -0.53 39.46 -63.26
N PRO F 116 0.07 38.90 -62.21
CA PRO F 116 0.15 37.45 -62.09
C PRO F 116 -1.02 36.80 -61.36
N ALA F 117 -1.73 37.56 -60.53
CA ALA F 117 -2.78 36.97 -59.71
C ALA F 117 -3.93 36.42 -60.54
N ASN F 118 -4.42 37.21 -61.50
CA ASN F 118 -5.51 36.73 -62.35
C ASN F 118 -5.04 35.99 -63.57
N GLY F 119 -3.77 36.11 -63.93
CA GLY F 119 -3.25 35.43 -65.11
C GLY F 119 -3.78 35.98 -66.42
N ILE F 120 -3.92 37.30 -66.52
CA ILE F 120 -4.44 37.95 -67.71
C ILE F 120 -3.45 39.01 -68.18
N ASP F 121 -3.30 39.14 -69.51
CA ASP F 121 -2.40 40.13 -70.07
C ASP F 121 -2.94 41.54 -69.79
N THR F 122 -2.03 42.48 -69.51
CA THR F 122 -2.43 43.81 -69.11
C THR F 122 -1.53 44.88 -69.71
N SER F 123 -2.13 46.05 -69.94
CA SER F 123 -1.50 47.21 -70.54
C SER F 123 -1.73 48.40 -69.64
N GLU F 124 -0.97 49.47 -69.84
CA GLU F 124 -1.02 50.59 -68.90
C GLU F 124 -2.41 51.19 -68.82
N MET F 125 -3.04 51.42 -69.98
CA MET F 125 -4.39 51.98 -69.97
C MET F 125 -5.39 51.04 -69.35
N ALA F 126 -5.29 49.75 -69.66
CA ALA F 126 -6.23 48.81 -69.09
C ALA F 126 -6.14 48.78 -67.57
N ASN F 127 -4.92 48.75 -67.05
CA ASN F 127 -4.74 48.75 -65.61
C ASN F 127 -5.28 50.02 -64.98
N PHE F 128 -5.03 51.16 -65.62
CA PHE F 128 -5.52 52.43 -65.06
C PHE F 128 -7.03 52.46 -65.00
N LEU F 129 -7.70 52.22 -66.11
CA LEU F 129 -9.16 52.32 -66.10
C LEU F 129 -9.80 51.25 -65.25
N ASN F 130 -9.20 50.07 -65.18
CA ASN F 130 -9.72 49.03 -64.30
C ASN F 130 -9.63 49.41 -62.82
N MET F 131 -8.59 50.13 -62.42
CA MET F 131 -8.53 50.63 -61.05
C MET F 131 -9.57 51.73 -60.82
N PHE F 132 -9.63 52.69 -61.74
CA PHE F 132 -10.48 53.85 -61.58
C PHE F 132 -11.95 53.47 -61.44
N ALA F 133 -12.40 52.51 -62.25
CA ALA F 133 -13.78 52.04 -62.12
C ALA F 133 -14.04 51.44 -60.75
N ALA F 134 -13.06 50.72 -60.21
CA ALA F 134 -13.25 50.09 -58.91
C ALA F 134 -13.40 51.12 -57.80
N VAL F 135 -12.61 52.19 -57.84
CA VAL F 135 -12.75 53.16 -56.76
C VAL F 135 -14.07 53.93 -56.87
N VAL F 136 -14.53 54.25 -58.07
CA VAL F 136 -15.83 54.92 -58.09
C VAL F 136 -16.98 53.98 -57.71
N TYR F 137 -16.88 52.71 -58.08
CA TYR F 137 -17.87 51.73 -57.63
C TYR F 137 -17.92 51.61 -56.11
N LEU F 138 -16.76 51.50 -55.47
CA LEU F 138 -16.77 51.46 -54.00
C LEU F 138 -17.29 52.75 -53.41
N GLN F 139 -16.92 53.89 -53.98
CA GLN F 139 -17.33 55.16 -53.37
C GLN F 139 -18.82 55.40 -53.48
N ASN F 140 -19.46 54.83 -54.49
CA ASN F 140 -20.91 54.89 -54.54
C ASN F 140 -21.61 53.91 -53.62
N GLY F 141 -20.90 53.26 -52.70
CA GLY F 141 -21.49 52.29 -51.80
C GLY F 141 -21.88 50.95 -52.36
N GLY F 142 -21.43 50.60 -53.57
CA GLY F 142 -21.82 49.33 -54.18
C GLY F 142 -21.49 48.13 -53.33
N LEU F 143 -20.53 48.25 -52.43
CA LEU F 143 -20.19 47.17 -51.54
C LEU F 143 -21.40 46.69 -50.73
N VAL F 144 -22.38 47.53 -50.49
CA VAL F 144 -23.60 47.05 -49.85
C VAL F 144 -24.41 46.18 -50.79
N THR F 145 -24.48 46.55 -52.07
CA THR F 145 -25.24 45.76 -53.03
C THR F 145 -24.62 44.40 -53.27
N MET F 146 -23.31 44.28 -53.09
CA MET F 146 -22.68 42.97 -53.24
C MET F 146 -23.15 41.97 -52.18
N VAL F 147 -23.21 42.40 -50.91
CA VAL F 147 -23.70 41.48 -49.89
C VAL F 147 -25.21 41.34 -49.96
N ASP F 148 -25.92 42.36 -50.43
CA ASP F 148 -27.34 42.20 -50.65
C ASP F 148 -27.64 41.10 -51.65
N VAL F 149 -26.98 41.13 -52.81
CA VAL F 149 -27.23 40.13 -53.82
C VAL F 149 -26.74 38.76 -53.38
N LEU F 150 -25.73 38.69 -52.52
CA LEU F 150 -25.40 37.42 -51.90
C LEU F 150 -26.52 36.86 -51.03
N ASN F 151 -27.08 37.68 -50.15
CA ASN F 151 -28.15 37.16 -49.28
C ASN F 151 -29.39 36.78 -50.07
N LYS F 152 -29.79 37.63 -51.00
CA LYS F 152 -30.91 37.29 -51.87
C LYS F 152 -30.69 35.98 -52.60
N SER F 153 -29.46 35.70 -53.04
CA SER F 153 -29.26 34.44 -53.74
C SER F 153 -29.65 33.23 -52.90
N TYR F 154 -29.48 33.32 -51.58
CA TYR F 154 -29.92 32.21 -50.73
C TYR F 154 -31.41 32.22 -50.50
N GLN F 155 -32.01 33.39 -50.37
CA GLN F 155 -33.46 33.38 -50.16
C GLN F 155 -34.21 32.93 -51.40
N LEU F 156 -33.85 33.47 -52.57
CA LEU F 156 -34.52 33.12 -53.81
C LEU F 156 -34.18 31.73 -54.32
N CYS F 157 -32.97 31.22 -54.08
CA CYS F 157 -32.73 29.84 -54.48
C CYS F 157 -31.77 29.18 -53.51
N ASP F 158 -32.18 28.00 -53.02
CA ASP F 158 -31.63 27.34 -51.86
C ASP F 158 -30.76 26.16 -52.24
N PRO F 159 -29.61 25.99 -51.58
CA PRO F 159 -28.77 24.82 -51.86
C PRO F 159 -29.51 23.50 -51.92
N MET F 160 -30.52 23.32 -51.07
CA MET F 160 -31.22 22.06 -51.01
C MET F 160 -32.25 21.87 -52.12
N ASN F 161 -32.63 22.92 -52.82
CA ASN F 161 -33.53 22.79 -53.96
C ASN F 161 -32.79 22.65 -55.29
N GLU F 162 -31.51 22.34 -55.28
CA GLU F 162 -30.75 22.16 -56.51
C GLU F 162 -30.82 23.38 -57.44
N CYS F 163 -30.60 24.56 -56.87
CA CYS F 163 -30.64 25.76 -57.69
C CYS F 163 -29.55 25.73 -58.75
N THR F 164 -29.85 26.26 -59.93
CA THR F 164 -29.07 26.03 -61.14
C THR F 164 -29.12 27.29 -61.97
N PRO F 165 -28.03 27.70 -62.62
CA PRO F 165 -28.11 28.83 -63.55
C PRO F 165 -28.83 28.52 -64.85
N SER F 166 -29.64 29.48 -65.30
CA SER F 166 -30.36 29.36 -66.56
C SER F 166 -29.40 29.33 -67.73
N LEU F 167 -29.64 28.45 -68.67
CA LEU F 167 -28.80 28.27 -69.84
C LEU F 167 -28.94 29.31 -70.96
N PRO F 168 -30.15 29.60 -71.42
CA PRO F 168 -30.33 30.52 -72.54
C PRO F 168 -29.61 31.85 -72.39
N PRO F 169 -29.69 32.52 -71.24
CA PRO F 169 -29.01 33.81 -71.13
C PRO F 169 -27.51 33.68 -71.05
N LEU F 170 -27.04 32.60 -70.44
CA LEU F 170 -25.62 32.37 -70.37
C LEU F 170 -25.05 32.27 -71.76
N LEU F 171 -25.80 31.69 -72.69
CA LEU F 171 -25.36 31.66 -74.08
C LEU F 171 -25.24 33.05 -74.71
N THR F 172 -25.89 34.08 -74.17
CA THR F 172 -25.75 35.44 -74.69
C THR F 172 -24.62 36.22 -74.04
N PHE F 173 -24.18 35.77 -72.87
CA PHE F 173 -23.44 36.63 -71.97
C PHE F 173 -22.19 37.23 -72.62
N ILE F 174 -21.35 36.39 -73.24
CA ILE F 174 -20.10 36.88 -73.82
C ILE F 174 -20.35 37.96 -74.86
N ASN F 175 -21.38 37.80 -75.66
CA ASN F 175 -21.63 38.79 -76.70
C ASN F 175 -22.15 40.09 -76.12
N GLN F 176 -22.89 40.04 -75.02
CA GLN F 176 -23.28 41.30 -74.41
C GLN F 176 -22.08 42.05 -73.87
N VAL F 177 -21.15 41.33 -73.25
CA VAL F 177 -19.95 41.98 -72.73
C VAL F 177 -19.12 42.59 -73.84
N ALA F 178 -18.95 41.87 -74.96
CA ALA F 178 -18.23 42.47 -76.09
C ALA F 178 -18.94 43.71 -76.64
N GLN F 179 -20.24 43.61 -76.83
CA GLN F 179 -20.99 44.71 -77.41
C GLN F 179 -20.85 45.99 -76.61
N ASN F 180 -21.02 45.91 -75.29
CA ASN F 180 -20.94 47.14 -74.50
C ASN F 180 -19.59 47.82 -74.62
N ALA F 181 -18.52 47.05 -74.69
CA ALA F 181 -17.20 47.64 -74.86
C ALA F 181 -17.03 48.30 -76.21
N LEU F 182 -17.50 47.66 -77.29
CA LEU F 182 -17.34 48.31 -78.58
C LEU F 182 -18.17 49.58 -78.67
N VAL F 183 -19.41 49.53 -78.23
CA VAL F 183 -20.27 50.71 -78.23
C VAL F 183 -19.61 51.85 -77.47
N LEU F 184 -18.89 51.54 -76.40
CA LEU F 184 -18.28 52.59 -75.60
C LEU F 184 -16.97 53.11 -76.20
N ALA F 185 -16.19 52.25 -76.84
CA ALA F 185 -14.92 52.63 -77.44
C ALA F 185 -15.05 53.33 -78.80
N SER F 186 -16.14 53.11 -79.51
CA SER F 186 -16.31 53.59 -80.88
C SER F 186 -15.88 55.04 -81.15
N PRO F 187 -16.20 56.03 -80.33
CA PRO F 187 -15.73 57.40 -80.60
C PRO F 187 -14.23 57.60 -80.77
N VAL F 188 -13.37 56.82 -80.11
CA VAL F 188 -11.94 57.02 -80.27
C VAL F 188 -11.38 56.31 -81.50
N VAL F 189 -11.96 55.18 -81.87
CA VAL F 189 -11.48 54.45 -83.04
C VAL F 189 -11.71 55.25 -84.30
N LEU F 190 -12.90 55.82 -84.46
CA LEU F 190 -13.19 56.50 -85.71
C LEU F 190 -12.25 57.67 -85.93
N VAL F 191 -12.04 58.50 -84.91
CA VAL F 191 -11.12 59.63 -85.05
C VAL F 191 -9.70 59.17 -85.32
N LEU F 192 -9.27 58.05 -84.74
CA LEU F 192 -7.93 57.57 -85.07
C LEU F 192 -7.83 56.99 -86.48
N LEU F 193 -8.92 56.46 -87.02
CA LEU F 193 -8.90 56.07 -88.43
C LEU F 193 -8.84 57.27 -89.36
N LEU F 194 -9.71 58.25 -89.14
CA LEU F 194 -9.74 59.42 -90.00
C LEU F 194 -8.41 60.16 -89.98
N SER F 195 -7.76 60.20 -88.82
CA SER F 195 -6.47 60.87 -88.77
C SER F 195 -5.44 60.17 -89.63
N GLU F 196 -5.51 58.85 -89.76
CA GLU F 196 -4.52 58.16 -90.57
C GLU F 196 -4.81 58.31 -92.06
N VAL F 197 -6.08 58.16 -92.47
CA VAL F 197 -6.37 58.32 -93.88
C VAL F 197 -6.11 59.75 -94.35
N PHE F 198 -6.26 60.74 -93.46
CA PHE F 198 -5.91 62.11 -93.84
C PHE F 198 -4.44 62.25 -94.22
N LEU F 199 -3.55 61.62 -93.45
CA LEU F 199 -2.14 61.61 -93.81
C LEU F 199 -1.86 60.77 -95.05
N GLY F 200 -2.60 59.70 -95.24
CA GLY F 200 -2.47 58.95 -96.49
C GLY F 200 -2.79 59.78 -97.71
N LEU F 201 -3.93 60.48 -97.68
CA LEU F 201 -4.29 61.36 -98.78
C LEU F 201 -3.29 62.49 -98.97
N LEU F 202 -2.76 63.03 -97.86
CA LEU F 202 -1.71 64.03 -97.96
C LEU F 202 -0.46 63.49 -98.66
N SER F 203 -0.10 62.25 -98.41
CA SER F 203 1.11 61.67 -98.99
C SER F 203 1.09 61.64 -100.52
N ARG F 204 -0.09 61.70 -101.14
CA ARG F 204 -0.16 61.70 -102.59
C ARG F 204 0.66 62.83 -103.22
N PHE F 205 0.80 63.95 -102.53
CA PHE F 205 1.54 65.08 -103.04
C PHE F 205 3.02 65.05 -102.72
N ALA F 206 3.48 64.12 -101.90
CA ALA F 206 4.87 64.09 -101.44
C ALA F 206 5.24 62.65 -101.13
N PRO F 207 5.43 61.82 -102.16
CA PRO F 207 5.42 60.37 -101.95
C PRO F 207 6.59 59.88 -101.13
N GLN F 208 7.63 60.69 -100.91
CA GLN F 208 8.69 60.31 -99.99
C GLN F 208 8.31 60.49 -98.53
N MET F 209 7.22 61.17 -98.23
CA MET F 209 6.82 61.33 -96.84
C MET F 209 6.39 60.00 -96.24
N ASN F 210 6.99 59.61 -95.11
CA ASN F 210 6.60 58.40 -94.40
C ASN F 210 5.40 58.69 -93.50
N ALA F 211 4.22 58.65 -94.10
CA ALA F 211 2.99 58.92 -93.37
C ALA F 211 2.77 57.95 -92.23
N PHE F 212 3.24 56.72 -92.34
CA PHE F 212 3.10 55.77 -91.24
C PHE F 212 3.90 56.23 -90.03
N ALA F 213 5.19 56.52 -90.23
CA ALA F 213 6.01 56.97 -89.12
C ALA F 213 5.50 58.28 -88.52
N ILE F 214 4.93 59.16 -89.33
CA ILE F 214 4.30 60.37 -88.78
C ILE F 214 3.09 60.01 -87.91
N SER F 215 2.23 59.12 -88.39
CA SER F 215 1.06 58.76 -87.62
C SER F 215 1.42 58.14 -86.28
N LEU F 216 2.52 57.39 -86.22
CA LEU F 216 2.94 56.87 -84.91
C LEU F 216 3.29 57.99 -83.94
N THR F 217 3.87 59.08 -84.43
CA THR F 217 4.14 60.20 -83.53
C THR F 217 2.87 60.88 -83.05
N VAL F 218 1.85 60.93 -83.90
CA VAL F 218 0.66 61.71 -83.59
C VAL F 218 -0.31 60.95 -82.68
N LYS F 219 -0.58 59.69 -83.02
CA LYS F 219 -1.78 59.04 -82.51
C LYS F 219 -1.86 58.92 -80.98
N SER F 220 -0.76 58.75 -80.27
CA SER F 220 -0.90 58.69 -78.81
C SER F 220 -1.31 60.02 -78.20
N GLY F 221 -0.88 61.12 -78.79
CA GLY F 221 -1.34 62.42 -78.33
C GLY F 221 -2.80 62.64 -78.64
N ILE F 222 -3.21 62.32 -79.86
CA ILE F 222 -4.63 62.45 -80.19
C ILE F 222 -5.50 61.59 -79.28
N ALA F 223 -5.08 60.36 -79.02
CA ALA F 223 -5.88 59.45 -78.20
C ALA F 223 -6.08 59.98 -76.79
N VAL F 224 -5.02 60.50 -76.17
CA VAL F 224 -5.21 61.07 -74.84
C VAL F 224 -6.04 62.35 -74.90
N LEU F 225 -5.76 63.22 -75.87
CA LEU F 225 -6.53 64.45 -75.95
C LEU F 225 -8.01 64.17 -76.02
N ILE F 226 -8.42 63.27 -76.92
CA ILE F 226 -9.85 62.99 -77.08
C ILE F 226 -10.42 62.29 -75.87
N MET F 227 -9.70 61.32 -75.31
CA MET F 227 -10.23 60.66 -74.14
C MET F 227 -10.39 61.61 -72.96
N LEU F 228 -9.61 62.69 -72.93
CA LEU F 228 -9.74 63.66 -71.84
C LEU F 228 -11.02 64.49 -71.89
N LEU F 229 -11.66 64.64 -73.05
CA LEU F 229 -12.91 65.39 -73.11
C LEU F 229 -14.09 64.56 -72.61
N TYR F 230 -14.26 63.36 -73.14
CA TYR F 230 -15.34 62.45 -72.78
C TYR F 230 -15.06 61.64 -71.52
N PHE F 231 -14.31 62.20 -70.59
CA PHE F 231 -13.84 61.49 -69.41
C PHE F 231 -14.85 61.52 -68.26
N SER F 232 -15.47 62.68 -68.01
CA SER F 232 -16.31 62.83 -66.83
C SER F 232 -17.54 61.92 -66.81
N PRO F 233 -18.28 61.72 -67.90
CA PRO F 233 -19.36 60.71 -67.89
C PRO F 233 -18.92 59.32 -67.51
N VAL F 234 -17.63 59.02 -67.53
CA VAL F 234 -17.19 57.68 -67.14
C VAL F 234 -17.55 57.37 -65.69
N LEU F 235 -17.79 58.36 -64.89
CA LEU F 235 -18.35 58.13 -63.58
C LEU F 235 -19.73 57.49 -63.64
N PRO F 236 -20.77 58.20 -64.10
CA PRO F 236 -22.12 57.60 -64.08
C PRO F 236 -22.30 56.46 -65.06
N ASP F 237 -21.63 56.52 -66.20
CA ASP F 237 -21.80 55.51 -67.22
C ASP F 237 -21.41 54.11 -66.76
N ASN F 238 -20.71 53.99 -65.65
CA ASN F 238 -20.47 52.69 -65.01
C ASN F 238 -21.20 52.51 -63.69
N VAL F 239 -21.21 53.52 -62.83
CA VAL F 239 -21.67 53.33 -61.46
C VAL F 239 -23.08 52.77 -61.40
N LEU F 240 -23.91 53.10 -62.37
CA LEU F 240 -25.27 52.57 -62.39
C LEU F 240 -25.53 51.73 -63.62
N ARG F 241 -25.30 52.26 -64.80
CA ARG F 241 -25.86 51.64 -65.98
C ARG F 241 -25.30 50.25 -66.23
N LEU F 242 -24.11 49.94 -65.71
CA LEU F 242 -23.55 48.61 -65.84
C LEU F 242 -23.55 47.77 -64.59
N SER F 243 -23.82 48.33 -63.42
CA SER F 243 -23.75 47.52 -62.21
C SER F 243 -24.91 46.54 -62.20
N PHE F 244 -24.61 45.31 -61.83
CA PHE F 244 -25.64 44.32 -61.55
C PHE F 244 -26.47 44.72 -60.34
N GLN F 245 -27.73 44.29 -60.32
CA GLN F 245 -28.64 44.63 -59.24
C GLN F 245 -29.53 43.44 -58.90
N ALA F 246 -29.96 43.40 -57.64
CA ALA F 246 -30.50 42.17 -57.08
C ALA F 246 -31.77 41.69 -57.76
N THR F 247 -32.53 42.59 -58.39
CA THR F 247 -33.73 42.16 -59.10
C THR F 247 -33.41 41.23 -60.27
N GLY F 248 -32.21 41.32 -60.82
CA GLY F 248 -31.81 40.43 -61.90
C GLY F 248 -31.70 38.97 -61.53
N LEU F 249 -31.60 38.64 -60.25
CA LEU F 249 -31.49 37.24 -59.86
C LEU F 249 -32.67 36.40 -60.30
N SER F 250 -33.82 37.00 -60.61
CA SER F 250 -34.98 36.21 -60.99
C SER F 250 -34.76 35.45 -62.29
N SER F 251 -34.05 36.06 -63.23
CA SER F 251 -33.93 35.53 -64.57
C SER F 251 -32.70 34.67 -64.81
N TRP F 252 -31.58 34.99 -64.19
CA TRP F 252 -30.35 34.23 -64.39
C TRP F 252 -30.32 32.89 -63.67
N PHE F 253 -31.21 32.63 -62.72
CA PHE F 253 -31.20 31.37 -61.97
C PHE F 253 -32.61 30.87 -61.76
N TYR F 254 -32.73 29.55 -61.57
CA TYR F 254 -34.01 28.95 -61.21
C TYR F 254 -33.73 27.74 -60.33
N GLU F 255 -34.77 27.24 -59.66
CA GLU F 255 -34.69 26.02 -58.87
C GLU F 255 -35.19 24.82 -59.64
N ARG F 256 -34.37 23.79 -59.69
CA ARG F 256 -34.65 22.61 -60.50
C ARG F 256 -35.24 21.47 -59.68
N GLY F 257 -35.08 21.50 -58.36
CA GLY F 257 -35.70 20.53 -57.50
C GLY F 257 -37.18 20.78 -57.32
N MET G 1 23.33 10.55 -89.92
CA MET G 1 23.57 11.89 -90.53
C MET G 1 22.84 11.97 -91.87
N ASP G 2 23.12 10.99 -92.72
CA ASP G 2 22.72 11.12 -94.12
C ASP G 2 21.23 11.33 -94.26
N ASP G 3 20.46 10.92 -93.26
CA ASP G 3 19.04 11.23 -93.28
C ASP G 3 18.78 12.71 -93.03
N LEU G 4 19.51 13.32 -92.10
CA LEU G 4 19.36 14.76 -91.91
C LEU G 4 19.80 15.53 -93.13
N VAL G 5 20.87 15.07 -93.78
CA VAL G 5 21.34 15.74 -94.98
C VAL G 5 20.31 15.63 -96.09
N PHE G 6 19.76 14.44 -96.29
CA PHE G 6 18.73 14.27 -97.29
C PHE G 6 17.53 15.17 -97.03
N ALA G 7 16.95 15.10 -95.85
CA ALA G 7 15.74 15.88 -95.62
C ALA G 7 15.99 17.38 -95.72
N GLY G 8 17.19 17.85 -95.43
CA GLY G 8 17.45 19.27 -95.60
C GLY G 8 17.58 19.70 -97.05
N ASN G 9 18.29 18.90 -97.85
CA ASN G 9 18.35 19.20 -99.27
C ASN G 9 16.96 19.13 -99.88
N LYS G 10 16.21 18.10 -99.57
CA LYS G 10 14.87 17.96 -100.11
C LYS G 10 13.98 19.14 -99.76
N ALA G 11 14.19 19.76 -98.60
CA ALA G 11 13.43 20.94 -98.25
C ALA G 11 13.79 22.13 -99.14
N LEU G 12 15.07 22.49 -99.18
CA LEU G 12 15.49 23.58 -100.06
C LEU G 12 15.05 23.37 -101.51
N TYR G 13 15.13 22.14 -101.99
CA TYR G 13 14.69 21.85 -103.34
C TYR G 13 13.20 22.05 -103.51
N LEU G 14 12.40 21.59 -102.55
CA LEU G 14 10.96 21.73 -102.73
C LEU G 14 10.58 23.19 -102.75
N VAL G 15 11.22 24.01 -101.90
CA VAL G 15 10.97 25.44 -101.96
C VAL G 15 11.28 26.00 -103.34
N LEU G 16 12.40 25.60 -103.92
CA LEU G 16 12.77 26.14 -105.23
C LEU G 16 11.75 25.79 -106.30
N ILE G 17 11.23 24.57 -106.29
CA ILE G 17 10.28 24.21 -107.34
C ILE G 17 8.91 24.79 -107.08
N LEU G 18 8.42 24.69 -105.86
CA LEU G 18 7.06 25.16 -105.61
C LEU G 18 6.95 26.67 -105.73
N SER G 19 8.02 27.41 -105.45
CA SER G 19 8.00 28.84 -105.72
C SER G 19 8.39 29.18 -107.15
N GLY G 20 8.83 28.22 -107.96
CA GLY G 20 9.19 28.54 -109.33
C GLY G 20 8.02 28.91 -110.23
N TRP G 21 7.12 27.97 -110.50
CA TRP G 21 6.07 28.16 -111.49
C TRP G 21 5.20 29.40 -111.30
N PRO G 22 4.71 29.73 -110.11
CA PRO G 22 3.88 30.93 -109.98
C PRO G 22 4.58 32.21 -110.42
N THR G 23 5.85 32.39 -110.10
CA THR G 23 6.51 33.65 -110.43
C THR G 23 6.94 33.70 -111.89
N ILE G 24 7.24 32.56 -112.49
CA ILE G 24 7.46 32.52 -113.93
C ILE G 24 6.17 32.87 -114.67
N VAL G 25 5.07 32.22 -114.32
CA VAL G 25 3.83 32.48 -115.03
C VAL G 25 3.41 33.94 -114.84
N ALA G 26 3.52 34.46 -113.62
CA ALA G 26 3.20 35.87 -113.42
C ALA G 26 4.10 36.79 -114.23
N THR G 27 5.38 36.41 -114.40
CA THR G 27 6.26 37.21 -115.25
C THR G 27 5.80 37.20 -116.70
N ILE G 28 5.41 36.03 -117.20
CA ILE G 28 4.96 35.94 -118.58
C ILE G 28 3.69 36.75 -118.80
N ILE G 29 2.73 36.64 -117.90
CA ILE G 29 1.50 37.43 -118.03
C ILE G 29 1.82 38.92 -117.99
N GLY G 30 2.60 39.36 -117.00
CA GLY G 30 2.90 40.78 -116.89
C GLY G 30 3.68 41.32 -118.07
N LEU G 31 4.53 40.49 -118.67
CA LEU G 31 5.21 40.88 -119.89
C LEU G 31 4.24 41.02 -121.05
N LEU G 32 3.46 39.99 -121.35
CA LEU G 32 2.65 40.06 -122.56
C LEU G 32 1.60 41.15 -122.45
N VAL G 33 1.00 41.33 -121.27
CA VAL G 33 0.06 42.41 -121.07
C VAL G 33 0.72 43.79 -121.12
N GLY G 34 1.99 43.90 -120.70
CA GLY G 34 2.70 45.15 -120.93
C GLY G 34 3.02 45.41 -122.39
N LEU G 35 3.38 44.38 -123.13
CA LEU G 35 3.73 44.54 -124.55
C LEU G 35 2.51 44.88 -125.40
N PHE G 36 1.41 44.14 -125.27
CA PHE G 36 0.31 44.36 -126.19
C PHE G 36 -0.41 45.69 -125.98
N GLN G 37 -0.06 46.46 -124.96
CA GLN G 37 -0.36 47.88 -124.98
C GLN G 37 0.10 48.51 -126.29
N THR G 38 1.11 47.89 -126.93
CA THR G 38 1.60 48.31 -128.24
C THR G 38 0.54 48.24 -129.32
N VAL G 39 -0.56 47.55 -129.10
CA VAL G 39 -1.69 47.54 -130.02
C VAL G 39 -2.96 48.07 -129.37
N THR G 40 -3.30 47.58 -128.19
CA THR G 40 -4.54 48.01 -127.53
C THR G 40 -4.37 48.00 -126.02
N GLN G 41 -5.03 48.96 -125.38
CA GLN G 41 -4.87 49.19 -123.93
C GLN G 41 -5.29 47.99 -123.09
N LEU G 42 -6.09 47.07 -123.62
CA LEU G 42 -6.37 45.79 -122.97
C LEU G 42 -6.94 45.99 -121.57
N GLN G 43 -8.02 46.77 -121.50
CA GLN G 43 -8.67 47.08 -120.22
C GLN G 43 -9.24 45.84 -119.54
N GLU G 44 -9.63 44.82 -120.30
CA GLU G 44 -10.52 43.78 -119.77
C GLU G 44 -9.84 42.80 -118.81
N GLN G 45 -8.53 42.89 -118.61
CA GLN G 45 -7.94 42.26 -117.43
C GLN G 45 -8.22 43.07 -116.17
N THR G 46 -7.85 44.35 -116.19
CA THR G 46 -7.63 45.15 -114.99
C THR G 46 -8.73 46.17 -114.73
N LEU G 47 -9.54 46.48 -115.75
CA LEU G 47 -10.66 47.40 -115.52
C LEU G 47 -11.72 46.78 -114.61
N PRO G 48 -12.22 45.58 -114.85
CA PRO G 48 -13.24 45.03 -113.94
C PRO G 48 -12.65 44.57 -112.62
N PHE G 49 -12.56 45.53 -111.70
CA PHE G 49 -11.85 45.29 -110.44
C PHE G 49 -12.43 44.11 -109.67
N GLY G 50 -13.75 43.96 -109.67
CA GLY G 50 -14.35 42.79 -109.05
C GLY G 50 -13.88 41.48 -109.63
N ILE G 51 -13.60 41.46 -110.94
CA ILE G 51 -13.12 40.25 -111.59
C ILE G 51 -11.64 40.00 -111.29
N LYS G 52 -10.84 41.06 -111.28
CA LYS G 52 -9.47 40.90 -110.83
C LYS G 52 -9.44 40.39 -109.39
N LEU G 53 -10.31 40.91 -108.53
CA LEU G 53 -10.36 40.48 -107.14
C LEU G 53 -10.78 39.02 -106.99
N LEU G 54 -11.77 38.56 -107.77
CA LEU G 54 -12.11 37.15 -107.75
C LEU G 54 -10.94 36.29 -108.23
N GLY G 55 -10.20 36.77 -109.22
CA GLY G 55 -9.12 35.98 -109.79
C GLY G 55 -8.12 35.47 -108.77
N VAL G 56 -7.74 36.31 -107.81
CA VAL G 56 -6.81 35.91 -106.76
C VAL G 56 -7.35 34.71 -105.97
N CYS G 57 -8.60 34.79 -105.52
CA CYS G 57 -9.17 33.67 -104.77
C CYS G 57 -9.24 32.40 -105.61
N LEU G 58 -9.63 32.53 -106.87
CA LEU G 58 -9.64 31.38 -107.77
C LEU G 58 -8.25 30.75 -107.89
N CYS G 59 -7.24 31.57 -108.16
CA CYS G 59 -5.86 31.09 -108.26
C CYS G 59 -5.42 30.36 -106.99
N LEU G 60 -5.54 31.01 -105.84
CA LEU G 60 -5.15 30.37 -104.58
C LEU G 60 -5.85 29.03 -104.35
N PHE G 61 -7.16 28.98 -104.58
CA PHE G 61 -7.89 27.73 -104.43
C PHE G 61 -7.34 26.64 -105.33
N LEU G 62 -7.31 26.89 -106.63
CA LEU G 62 -6.79 25.88 -107.56
C LEU G 62 -5.37 25.43 -107.21
N LEU G 63 -4.47 26.37 -106.97
CA LEU G 63 -3.10 26.04 -106.63
C LEU G 63 -3.00 25.11 -105.42
N SER G 64 -3.77 25.39 -104.36
CA SER G 64 -3.74 24.49 -103.21
C SER G 64 -4.11 23.06 -103.55
N GLY G 65 -4.89 22.85 -104.62
CA GLY G 65 -5.28 21.51 -105.03
C GLY G 65 -4.23 20.75 -105.80
N TRP G 66 -3.09 21.39 -106.03
CA TRP G 66 -1.95 20.78 -106.69
C TRP G 66 -0.77 20.66 -105.75
N TYR G 67 -0.67 21.55 -104.77
CA TYR G 67 0.47 21.54 -103.85
C TYR G 67 0.20 20.79 -102.55
N GLY G 68 -1.02 20.80 -102.01
CA GLY G 68 -1.23 20.09 -100.77
C GLY G 68 -0.87 18.61 -100.82
N GLU G 69 -1.20 17.95 -101.92
CA GLU G 69 -0.76 16.56 -102.11
C GLU G 69 0.74 16.39 -101.99
N VAL G 70 1.51 17.29 -102.60
CA VAL G 70 2.96 17.24 -102.52
C VAL G 70 3.42 17.36 -101.07
N LEU G 71 2.93 18.37 -100.39
CA LEU G 71 3.32 18.57 -98.99
C LEU G 71 2.94 17.39 -98.12
N LEU G 72 1.77 16.80 -98.34
CA LEU G 72 1.40 15.61 -97.58
C LEU G 72 2.39 14.47 -97.79
N SER G 73 2.78 14.21 -99.03
CA SER G 73 3.79 13.18 -99.27
C SER G 73 5.07 13.48 -98.51
N TYR G 74 5.57 14.70 -98.63
CA TYR G 74 6.77 15.09 -97.89
C TYR G 74 6.62 14.91 -96.38
N GLY G 75 5.53 15.39 -95.81
CA GLY G 75 5.29 15.20 -94.38
C GLY G 75 5.31 13.76 -93.92
N ARG G 76 4.57 12.89 -94.61
CA ARG G 76 4.64 11.47 -94.26
C ARG G 76 6.07 10.95 -94.32
N GLN G 77 6.80 11.31 -95.36
CA GLN G 77 8.18 10.87 -95.50
C GLN G 77 9.04 11.28 -94.31
N VAL G 78 9.03 12.55 -93.94
CA VAL G 78 9.86 12.99 -92.82
C VAL G 78 9.43 12.34 -91.51
N ILE G 79 8.14 12.22 -91.23
CA ILE G 79 7.74 11.55 -89.99
C ILE G 79 8.24 10.11 -89.95
N PHE G 80 8.06 9.39 -91.06
CA PHE G 80 8.62 8.05 -91.15
C PHE G 80 10.10 8.02 -90.80
N LEU G 81 10.89 8.89 -91.43
CA LEU G 81 12.33 8.93 -91.14
C LEU G 81 12.62 9.28 -89.69
N ALA G 82 11.88 10.22 -89.12
CA ALA G 82 12.12 10.60 -87.73
C ALA G 82 11.87 9.47 -86.76
N LEU G 83 10.79 8.71 -86.93
CA LEU G 83 10.45 7.73 -85.92
C LEU G 83 10.95 6.32 -86.20
N ALA G 84 10.97 5.87 -87.45
CA ALA G 84 11.41 4.51 -87.71
C ALA G 84 12.93 4.39 -87.60
N MET H 1 42.44 40.02 -72.30
CA MET H 1 41.75 38.73 -72.49
C MET H 1 41.70 38.39 -73.99
N ASP H 2 42.88 38.00 -74.48
CA ASP H 2 43.06 37.77 -75.91
C ASP H 2 42.02 36.82 -76.47
N ASP H 3 41.77 35.72 -75.76
CA ASP H 3 40.77 34.75 -76.21
C ASP H 3 39.39 35.39 -76.38
N LEU H 4 38.92 36.10 -75.37
CA LEU H 4 37.63 36.76 -75.47
C LEU H 4 37.57 37.76 -76.62
N VAL H 5 38.61 38.57 -76.76
CA VAL H 5 38.68 39.52 -77.86
C VAL H 5 38.60 38.80 -79.21
N PHE H 6 39.39 37.75 -79.36
CA PHE H 6 39.37 36.96 -80.59
C PHE H 6 37.99 36.42 -80.90
N ALA H 7 37.38 35.74 -79.94
CA ALA H 7 36.02 35.24 -80.15
C ALA H 7 35.08 36.33 -80.64
N GLY H 8 35.12 37.48 -79.99
CA GLY H 8 34.29 38.58 -80.45
C GLY H 8 34.52 39.04 -81.88
N ASN H 9 35.76 39.41 -82.20
CA ASN H 9 36.08 39.79 -83.57
C ASN H 9 35.67 38.74 -84.59
N LYS H 10 35.96 37.47 -84.31
CA LYS H 10 35.58 36.42 -85.24
C LYS H 10 34.08 36.37 -85.47
N ALA H 11 33.28 36.60 -84.44
CA ALA H 11 31.84 36.58 -84.65
C ALA H 11 31.42 37.53 -85.77
N LEU H 12 31.79 38.80 -85.67
CA LEU H 12 31.44 39.74 -86.73
C LEU H 12 32.00 39.32 -88.07
N TYR H 13 33.26 38.91 -88.10
CA TYR H 13 33.81 38.44 -89.38
C TYR H 13 32.92 37.37 -90.01
N LEU H 14 32.50 36.38 -89.22
CA LEU H 14 31.61 35.33 -89.71
C LEU H 14 30.30 35.88 -90.23
N VAL H 15 29.68 36.81 -89.52
CA VAL H 15 28.42 37.35 -90.02
C VAL H 15 28.62 38.06 -91.34
N LEU H 16 29.67 38.86 -91.44
CA LEU H 16 29.94 39.59 -92.68
C LEU H 16 30.15 38.64 -93.86
N ILE H 17 30.88 37.55 -93.65
CA ILE H 17 31.06 36.61 -94.75
C ILE H 17 29.77 35.88 -95.06
N LEU H 18 29.16 35.25 -94.05
CA LEU H 18 28.09 34.32 -94.36
C LEU H 18 26.89 35.03 -94.93
N SER H 19 26.71 36.32 -94.59
CA SER H 19 25.66 37.08 -95.26
C SER H 19 26.12 37.66 -96.59
N GLY H 20 27.43 37.70 -96.87
CA GLY H 20 27.88 38.42 -98.04
C GLY H 20 27.42 37.88 -99.39
N TRP H 21 27.81 36.68 -99.76
CA TRP H 21 27.41 36.05 -101.02
C TRP H 21 25.95 36.20 -101.44
N PRO H 22 24.97 35.78 -100.65
CA PRO H 22 23.59 35.95 -101.12
C PRO H 22 23.22 37.37 -101.49
N THR H 23 23.71 38.36 -100.74
CA THR H 23 23.43 39.74 -101.12
C THR H 23 24.12 40.11 -102.42
N ILE H 24 25.28 39.53 -102.71
CA ILE H 24 25.96 39.84 -103.97
C ILE H 24 25.20 39.24 -105.14
N VAL H 25 24.79 37.98 -105.01
CA VAL H 25 24.00 37.36 -106.08
C VAL H 25 22.72 38.14 -106.34
N ALA H 26 22.00 38.48 -105.28
CA ALA H 26 20.79 39.28 -105.44
C ALA H 26 21.08 40.64 -106.08
N THR H 27 22.17 41.28 -105.67
CA THR H 27 22.54 42.55 -106.27
C THR H 27 22.77 42.39 -107.76
N ILE H 28 23.59 41.45 -108.15
CA ILE H 28 23.95 41.32 -109.55
C ILE H 28 22.74 40.99 -110.40
N ILE H 29 21.89 40.06 -109.94
CA ILE H 29 20.68 39.76 -110.70
C ILE H 29 19.80 41.00 -110.83
N GLY H 30 19.60 41.73 -109.74
CA GLY H 30 18.73 42.89 -109.79
C GLY H 30 19.27 43.95 -110.74
N LEU H 31 20.58 44.14 -110.73
CA LEU H 31 21.21 45.13 -111.59
C LEU H 31 21.12 44.72 -113.05
N LEU H 32 21.43 43.46 -113.33
CA LEU H 32 21.42 43.00 -114.71
C LEU H 32 20.03 43.05 -115.32
N VAL H 33 19.03 42.53 -114.61
CA VAL H 33 17.66 42.67 -115.10
C VAL H 33 17.26 44.14 -115.22
N GLY H 34 17.67 44.97 -114.28
CA GLY H 34 17.36 46.39 -114.40
C GLY H 34 17.85 46.97 -115.70
N LEU H 35 19.15 46.79 -115.98
CA LEU H 35 19.69 47.30 -117.24
C LEU H 35 18.98 46.69 -118.43
N PHE H 36 18.65 45.40 -118.36
CA PHE H 36 17.95 44.78 -119.46
C PHE H 36 16.57 45.37 -119.69
N GLN H 37 15.97 45.98 -118.68
CA GLN H 37 14.73 46.72 -118.89
C GLN H 37 14.91 48.02 -119.66
N THR H 38 16.11 48.60 -119.68
CA THR H 38 16.28 49.89 -120.35
C THR H 38 16.26 49.75 -121.86
N VAL H 39 16.73 48.65 -122.37
CA VAL H 39 16.58 48.34 -123.79
C VAL H 39 15.26 47.61 -123.99
N THR H 40 14.70 47.75 -125.20
CA THR H 40 13.43 47.11 -125.53
C THR H 40 12.39 47.43 -124.46
N GLN H 41 12.38 48.68 -124.04
CA GLN H 41 11.95 49.01 -122.70
C GLN H 41 10.50 48.60 -122.46
N LEU H 42 10.30 47.77 -121.44
CA LEU H 42 9.06 47.62 -120.72
C LEU H 42 9.38 47.67 -119.23
N GLN H 43 8.59 48.39 -118.46
CA GLN H 43 8.91 48.69 -117.07
C GLN H 43 7.93 47.96 -116.16
N GLU H 44 8.46 47.00 -115.39
CA GLU H 44 7.67 46.16 -114.52
C GLU H 44 8.40 46.01 -113.19
N GLN H 45 7.64 46.10 -112.10
CA GLN H 45 8.25 46.16 -110.78
C GLN H 45 8.67 44.78 -110.25
N THR H 46 7.94 43.72 -110.59
CA THR H 46 8.07 42.45 -109.89
C THR H 46 9.17 41.56 -110.42
N LEU H 47 9.65 41.78 -111.63
CA LEU H 47 10.65 40.88 -112.20
C LEU H 47 11.87 40.72 -111.31
N PRO H 48 12.45 41.79 -110.76
CA PRO H 48 13.50 41.61 -109.76
C PRO H 48 13.11 40.69 -108.61
N PHE H 49 11.88 40.79 -108.11
CA PHE H 49 11.48 39.91 -107.02
C PHE H 49 11.37 38.47 -107.47
N GLY H 50 10.83 38.25 -108.67
CA GLY H 50 10.70 36.89 -109.14
C GLY H 50 12.05 36.22 -109.31
N ILE H 51 12.97 36.92 -109.96
CA ILE H 51 14.21 36.28 -110.35
C ILE H 51 15.21 36.20 -109.19
N LYS H 52 15.32 37.25 -108.37
CA LYS H 52 16.24 37.19 -107.25
C LYS H 52 15.90 36.05 -106.30
N LEU H 53 14.62 35.70 -106.17
CA LEU H 53 14.27 34.55 -105.35
C LEU H 53 14.94 33.28 -105.85
N LEU H 54 14.92 33.07 -107.15
CA LEU H 54 15.61 31.90 -107.71
C LEU H 54 17.11 32.00 -107.49
N GLY H 55 17.66 33.19 -107.66
CA GLY H 55 19.08 33.36 -107.40
C GLY H 55 19.48 32.93 -106.01
N VAL H 56 18.84 33.50 -105.01
CA VAL H 56 19.21 33.21 -103.64
C VAL H 56 18.93 31.76 -103.27
N CYS H 57 17.79 31.22 -103.69
CA CYS H 57 17.50 29.82 -103.40
C CYS H 57 18.58 28.91 -103.96
N LEU H 58 18.95 29.11 -105.21
CA LEU H 58 19.96 28.26 -105.82
C LEU H 58 21.32 28.41 -105.16
N CYS H 59 21.69 29.64 -104.80
CA CYS H 59 22.92 29.86 -104.05
C CYS H 59 22.94 29.08 -102.74
N LEU H 60 21.89 29.18 -101.94
CA LEU H 60 21.84 28.43 -100.69
C LEU H 60 21.86 26.93 -100.93
N PHE H 61 21.16 26.48 -101.97
CA PHE H 61 21.15 25.05 -102.28
C PHE H 61 22.55 24.54 -102.57
N LEU H 62 23.35 25.30 -103.30
CA LEU H 62 24.72 24.87 -103.56
C LEU H 62 25.62 24.97 -102.32
N LEU H 63 25.65 26.12 -101.67
CA LEU H 63 26.65 26.35 -100.63
C LEU H 63 26.30 25.83 -99.24
N SER H 64 25.06 25.43 -98.98
CA SER H 64 24.67 25.10 -97.61
C SER H 64 25.55 24.05 -96.94
N GLY H 65 26.17 23.15 -97.71
CA GLY H 65 27.16 22.26 -97.12
C GLY H 65 28.34 22.97 -96.46
N TRP H 66 28.80 24.06 -97.07
CA TRP H 66 29.93 24.81 -96.53
C TRP H 66 29.60 25.44 -95.17
N TYR H 67 28.48 26.15 -95.12
CA TYR H 67 28.01 26.84 -93.94
C TYR H 67 28.10 26.00 -92.68
N GLY H 68 27.50 24.81 -92.70
CA GLY H 68 27.55 23.95 -91.53
C GLY H 68 28.95 23.62 -91.07
N GLU H 69 29.88 23.41 -91.98
CA GLU H 69 31.23 23.11 -91.56
C GLU H 69 31.90 24.29 -90.88
N VAL H 70 31.68 25.49 -91.42
CA VAL H 70 32.26 26.68 -90.80
C VAL H 70 31.70 26.89 -89.39
N LEU H 71 30.38 26.83 -89.29
CA LEU H 71 29.71 26.97 -88.00
C LEU H 71 30.18 25.95 -86.97
N LEU H 72 30.16 24.67 -87.33
CA LEU H 72 30.69 23.63 -86.44
C LEU H 72 32.09 23.96 -85.94
N SER H 73 33.01 24.29 -86.84
CA SER H 73 34.37 24.61 -86.41
C SER H 73 34.38 25.72 -85.38
N TYR H 74 33.61 26.77 -85.63
CA TYR H 74 33.53 27.87 -84.66
C TYR H 74 32.96 27.41 -83.32
N GLY H 75 31.87 26.66 -83.34
CA GLY H 75 31.28 26.22 -82.09
C GLY H 75 32.23 25.38 -81.24
N ARG H 76 32.90 24.42 -81.86
CA ARG H 76 33.89 23.65 -81.11
C ARG H 76 34.94 24.57 -80.51
N GLN H 77 35.52 25.42 -81.34
CA GLN H 77 36.57 26.32 -80.88
C GLN H 77 36.15 27.11 -79.63
N VAL H 78 34.97 27.72 -79.66
CA VAL H 78 34.56 28.51 -78.50
C VAL H 78 34.25 27.63 -77.29
N ILE H 79 33.59 26.49 -77.48
CA ILE H 79 33.35 25.61 -76.34
C ILE H 79 34.66 25.28 -75.61
N PHE H 80 35.68 24.90 -76.38
CA PHE H 80 36.98 24.62 -75.76
C PHE H 80 37.56 25.84 -75.08
N LEU H 81 37.60 26.98 -75.76
CA LEU H 81 38.10 28.18 -75.10
C LEU H 81 37.43 28.42 -73.76
N ALA H 82 36.12 28.25 -73.71
CA ALA H 82 35.39 28.47 -72.47
C ALA H 82 35.73 27.45 -71.39
N LEU H 83 35.67 26.17 -71.70
CA LEU H 83 35.89 25.17 -70.66
C LEU H 83 37.33 24.92 -70.28
N ALA H 84 38.30 25.37 -71.07
CA ALA H 84 39.69 25.20 -70.67
C ALA H 84 39.91 25.83 -69.30
N MET I 1 20.22 67.38 -56.24
CA MET I 1 21.09 66.22 -55.91
C MET I 1 22.14 66.06 -56.99
N ASP I 2 23.25 66.77 -56.84
CA ASP I 2 24.20 66.90 -57.94
C ASP I 2 24.66 65.54 -58.45
N ASP I 3 24.66 64.53 -57.60
CA ASP I 3 25.05 63.20 -58.04
C ASP I 3 24.01 62.56 -58.95
N LEU I 4 22.74 62.62 -58.56
CA LEU I 4 21.70 62.07 -59.43
C LEU I 4 21.61 62.86 -60.73
N VAL I 5 21.77 64.16 -60.64
CA VAL I 5 21.78 65.00 -61.84
C VAL I 5 22.90 64.59 -62.79
N PHE I 6 24.10 64.39 -62.25
CA PHE I 6 25.22 64.00 -63.09
C PHE I 6 25.00 62.63 -63.73
N ALA I 7 24.70 61.62 -62.93
CA ALA I 7 24.57 60.28 -63.48
C ALA I 7 23.44 60.21 -64.51
N GLY I 8 22.33 60.89 -64.24
CA GLY I 8 21.23 60.90 -65.19
C GLY I 8 21.55 61.62 -66.49
N ASN I 9 22.22 62.76 -66.43
CA ASN I 9 22.54 63.43 -67.68
C ASN I 9 23.59 62.68 -68.48
N LYS I 10 24.61 62.16 -67.82
CA LYS I 10 25.63 61.43 -68.55
C LYS I 10 25.07 60.20 -69.25
N ALA I 11 24.11 59.51 -68.62
CA ALA I 11 23.56 58.33 -69.30
C ALA I 11 23.01 58.68 -70.67
N LEU I 12 22.29 59.79 -70.77
CA LEU I 12 21.70 60.19 -72.04
C LEU I 12 22.74 60.68 -73.02
N TYR I 13 23.72 61.45 -72.54
CA TYR I 13 24.77 61.87 -73.44
C TYR I 13 25.52 60.69 -74.03
N LEU I 14 25.79 59.67 -73.21
CA LEU I 14 26.44 58.46 -73.73
C LEU I 14 25.58 57.74 -74.74
N VAL I 15 24.28 57.65 -74.52
CA VAL I 15 23.45 57.03 -75.55
C VAL I 15 23.58 57.78 -76.87
N LEU I 16 23.53 59.10 -76.81
CA LEU I 16 23.58 59.89 -78.02
C LEU I 16 24.89 59.75 -78.79
N ILE I 17 26.03 59.76 -78.11
CA ILE I 17 27.29 59.64 -78.85
C ILE I 17 27.65 58.20 -79.21
N LEU I 18 27.36 57.23 -78.36
CA LEU I 18 27.58 55.83 -78.76
C LEU I 18 26.78 55.47 -80.00
N SER I 19 25.51 55.84 -80.06
CA SER I 19 24.70 55.49 -81.23
C SER I 19 24.97 56.36 -82.44
N GLY I 20 25.39 57.62 -82.28
CA GLY I 20 25.51 58.49 -83.44
C GLY I 20 26.41 57.98 -84.54
N TRP I 21 27.59 57.47 -84.20
CA TRP I 21 28.56 57.12 -85.23
C TRP I 21 28.09 56.10 -86.26
N PRO I 22 27.60 54.93 -85.87
CA PRO I 22 27.00 54.04 -86.88
C PRO I 22 25.93 54.68 -87.73
N THR I 23 25.04 55.49 -87.14
CA THR I 23 23.96 56.04 -87.95
C THR I 23 24.48 57.10 -88.89
N ILE I 24 25.50 57.86 -88.50
CA ILE I 24 26.08 58.82 -89.43
C ILE I 24 26.67 58.10 -90.63
N VAL I 25 27.48 57.09 -90.37
CA VAL I 25 28.09 56.35 -91.47
C VAL I 25 27.01 55.79 -92.39
N ALA I 26 25.99 55.16 -91.80
CA ALA I 26 24.92 54.59 -92.60
C ALA I 26 24.20 55.65 -93.42
N THR I 27 24.02 56.84 -92.88
CA THR I 27 23.30 57.87 -93.63
C THR I 27 24.13 58.40 -94.79
N ILE I 28 25.41 58.66 -94.57
CA ILE I 28 26.24 59.18 -95.65
C ILE I 28 26.34 58.17 -96.79
N ILE I 29 26.58 56.91 -96.45
CA ILE I 29 26.58 55.87 -97.48
C ILE I 29 25.23 55.82 -98.20
N GLY I 30 24.14 55.88 -97.43
CA GLY I 30 22.82 55.87 -98.06
C GLY I 30 22.65 56.98 -99.09
N LEU I 31 23.06 58.19 -98.73
CA LEU I 31 22.93 59.31 -99.66
C LEU I 31 23.78 59.10 -100.91
N LEU I 32 25.04 58.69 -100.74
CA LEU I 32 25.86 58.56 -101.94
C LEU I 32 25.36 57.48 -102.88
N VAL I 33 24.91 56.34 -102.33
CA VAL I 33 24.37 55.30 -103.19
C VAL I 33 23.04 55.69 -103.79
N GLY I 34 22.24 56.49 -103.09
CA GLY I 34 21.02 57.01 -103.68
C GLY I 34 21.29 57.98 -104.83
N LEU I 35 22.32 58.81 -104.68
CA LEU I 35 22.70 59.71 -105.77
C LEU I 35 23.15 58.92 -106.99
N PHE I 36 24.09 57.99 -106.79
CA PHE I 36 24.66 57.29 -107.93
C PHE I 36 23.58 56.63 -108.77
N GLN I 37 22.53 56.11 -108.14
CA GLN I 37 21.39 55.59 -108.90
C GLN I 37 20.70 56.66 -109.71
N THR I 38 20.74 57.92 -109.29
CA THR I 38 20.08 58.97 -110.06
C THR I 38 20.91 59.40 -111.26
N VAL I 39 22.20 59.63 -111.04
CA VAL I 39 23.03 60.02 -112.17
C VAL I 39 23.18 58.88 -113.16
N THR I 40 23.12 57.63 -112.71
CA THR I 40 23.08 56.50 -113.63
C THR I 40 21.68 56.20 -114.14
N GLN I 41 20.65 56.72 -113.47
CA GLN I 41 19.27 56.45 -113.82
C GLN I 41 19.00 54.95 -113.89
N LEU I 42 19.52 54.23 -112.89
CA LEU I 42 19.53 52.78 -112.83
C LEU I 42 19.15 52.41 -111.41
N GLN I 43 18.23 51.46 -111.24
CA GLN I 43 17.52 51.35 -109.97
C GLN I 43 17.35 49.92 -109.50
N GLU I 44 17.58 49.71 -108.20
CA GLU I 44 17.41 48.41 -107.55
C GLU I 44 17.30 48.67 -106.05
N GLN I 45 16.69 47.73 -105.34
CA GLN I 45 16.51 47.90 -103.90
C GLN I 45 17.74 47.56 -103.09
N THR I 46 18.58 46.61 -103.56
CA THR I 46 19.47 45.87 -102.68
C THR I 46 20.85 46.47 -102.50
N LEU I 47 21.35 47.17 -103.51
CA LEU I 47 22.69 47.76 -103.46
C LEU I 47 22.93 48.63 -102.23
N PRO I 48 22.02 49.52 -101.83
CA PRO I 48 22.31 50.32 -100.63
C PRO I 48 22.37 49.49 -99.38
N PHE I 49 21.50 48.50 -99.21
CA PHE I 49 21.57 47.66 -98.04
C PHE I 49 22.91 46.92 -98.00
N GLY I 50 23.28 46.33 -99.13
CA GLY I 50 24.53 45.59 -99.19
C GLY I 50 25.72 46.43 -98.76
N ILE I 51 25.80 47.65 -99.26
CA ILE I 51 26.95 48.49 -98.88
C ILE I 51 26.83 48.96 -97.42
N LYS I 52 25.63 49.32 -96.98
CA LYS I 52 25.45 49.77 -95.60
C LYS I 52 25.93 48.73 -94.61
N LEU I 53 25.64 47.46 -94.86
CA LEU I 53 26.07 46.42 -93.92
C LEU I 53 27.59 46.43 -93.74
N LEU I 54 28.32 46.46 -94.85
CA LEU I 54 29.77 46.53 -94.77
C LEU I 54 30.25 47.78 -94.05
N GLY I 55 29.64 48.92 -94.36
CA GLY I 55 30.03 50.15 -93.69
C GLY I 55 29.88 50.10 -92.19
N VAL I 56 28.78 49.52 -91.71
CA VAL I 56 28.59 49.42 -90.27
C VAL I 56 29.52 48.40 -89.65
N CYS I 57 29.78 47.29 -90.32
CA CYS I 57 30.69 46.32 -89.73
C CYS I 57 32.09 46.88 -89.60
N LEU I 58 32.58 47.59 -90.61
CA LEU I 58 33.86 48.27 -90.46
C LEU I 58 33.84 49.30 -89.34
N CYS I 59 32.77 50.07 -89.23
CA CYS I 59 32.67 51.02 -88.12
C CYS I 59 32.84 50.35 -86.77
N LEU I 60 32.23 49.18 -86.61
CA LEU I 60 32.34 48.49 -85.34
C LEU I 60 33.73 47.88 -85.13
N PHE I 61 34.29 47.24 -86.15
CA PHE I 61 35.66 46.75 -86.01
C PHE I 61 36.60 47.83 -85.54
N LEU I 62 36.45 49.04 -86.07
CA LEU I 62 37.37 50.11 -85.70
C LEU I 62 37.12 50.64 -84.30
N LEU I 63 35.92 51.19 -84.04
CA LEU I 63 35.64 51.86 -82.78
C LEU I 63 35.48 50.94 -81.56
N SER I 64 35.00 49.71 -81.70
CA SER I 64 34.63 48.93 -80.52
C SER I 64 35.55 48.95 -79.29
N GLY I 65 36.86 49.01 -79.45
CA GLY I 65 37.72 49.15 -78.29
C GLY I 65 37.36 50.33 -77.40
N TRP I 66 37.12 51.48 -78.03
CA TRP I 66 36.72 52.67 -77.30
C TRP I 66 35.36 52.51 -76.63
N TYR I 67 34.44 51.76 -77.23
CA TYR I 67 33.17 51.49 -76.55
C TYR I 67 33.39 50.80 -75.22
N GLY I 68 34.31 49.85 -75.19
CA GLY I 68 34.64 49.20 -73.93
C GLY I 68 35.27 50.13 -72.91
N GLU I 69 36.23 50.94 -73.33
CA GLU I 69 36.79 51.90 -72.39
C GLU I 69 35.72 52.78 -71.77
N VAL I 70 34.82 53.32 -72.60
CA VAL I 70 33.80 54.24 -72.08
C VAL I 70 32.84 53.54 -71.12
N LEU I 71 32.41 52.33 -71.47
CA LEU I 71 31.45 51.66 -70.60
C LEU I 71 32.07 51.22 -69.30
N LEU I 72 33.29 50.68 -69.30
CA LEU I 72 33.92 50.36 -68.02
C LEU I 72 34.06 51.58 -67.14
N SER I 73 34.50 52.69 -67.72
CA SER I 73 34.67 53.88 -66.89
C SER I 73 33.36 54.27 -66.22
N TYR I 74 32.27 54.31 -66.99
CA TYR I 74 30.98 54.67 -66.41
C TYR I 74 30.50 53.64 -65.39
N GLY I 75 30.69 52.36 -65.68
CA GLY I 75 30.32 51.32 -64.74
C GLY I 75 30.97 51.46 -63.37
N ARG I 76 32.29 51.61 -63.33
CA ARG I 76 32.93 51.87 -62.05
C ARG I 76 32.36 53.11 -61.39
N GLN I 77 32.33 54.22 -62.13
CA GLN I 77 31.96 55.49 -61.54
C GLN I 77 30.62 55.45 -60.82
N VAL I 78 29.61 54.84 -61.44
CA VAL I 78 28.30 54.82 -60.79
C VAL I 78 28.30 53.99 -59.52
N ILE I 79 29.01 52.87 -59.50
CA ILE I 79 29.08 52.07 -58.27
C ILE I 79 29.70 52.87 -57.15
N PHE I 80 30.83 53.51 -57.41
CA PHE I 80 31.44 54.32 -56.38
C PHE I 80 30.50 55.40 -55.87
N LEU I 81 29.71 55.99 -56.74
CA LEU I 81 28.75 56.99 -56.24
C LEU I 81 27.69 56.35 -55.37
N ALA I 82 27.11 55.24 -55.82
CA ALA I 82 26.08 54.56 -55.02
C ALA I 82 26.57 54.22 -53.63
N LEU I 83 27.79 53.73 -53.51
CA LEU I 83 28.33 53.30 -52.21
C LEU I 83 29.26 54.36 -51.61
N ALA I 84 29.17 55.59 -52.09
CA ALA I 84 30.07 56.66 -51.66
C ALA I 84 29.88 57.05 -50.21
N LYS I 85 28.64 57.03 -49.72
CA LYS I 85 28.40 57.53 -48.38
C LYS I 85 29.19 56.75 -47.34
N GLY I 86 29.55 55.52 -47.65
CA GLY I 86 30.32 54.70 -46.72
C GLY I 86 31.10 53.61 -47.44
N MET J 1 -15.37 61.85 -53.39
CA MET J 1 -15.69 61.53 -54.81
C MET J 1 -15.07 62.51 -55.78
N ASP J 2 -15.50 63.76 -55.70
CA ASP J 2 -14.94 64.76 -56.60
C ASP J 2 -13.42 64.80 -56.53
N ASP J 3 -12.84 64.50 -55.36
CA ASP J 3 -11.38 64.41 -55.30
C ASP J 3 -10.87 63.30 -56.20
N LEU J 4 -11.55 62.16 -56.23
CA LEU J 4 -11.17 61.08 -57.13
C LEU J 4 -11.25 61.50 -58.58
N VAL J 5 -12.38 62.06 -58.98
CA VAL J 5 -12.53 62.50 -60.37
C VAL J 5 -11.46 63.51 -60.73
N PHE J 6 -11.24 64.50 -59.87
CA PHE J 6 -10.22 65.50 -60.11
C PHE J 6 -8.83 64.92 -60.28
N ALA J 7 -8.41 64.06 -59.36
CA ALA J 7 -7.09 63.45 -59.49
C ALA J 7 -6.93 62.60 -60.75
N GLY J 8 -7.94 61.79 -61.08
CA GLY J 8 -7.85 61.03 -62.31
C GLY J 8 -7.78 61.88 -63.57
N ASN J 9 -8.60 62.92 -63.65
CA ASN J 9 -8.47 63.86 -64.75
C ASN J 9 -7.07 64.44 -64.85
N LYS J 10 -6.57 64.99 -63.75
CA LYS J 10 -5.23 65.57 -63.74
C LYS J 10 -4.16 64.61 -64.24
N ALA J 11 -4.26 63.33 -63.92
CA ALA J 11 -3.27 62.39 -64.44
C ALA J 11 -3.16 62.44 -65.96
N LEU J 12 -4.30 62.37 -66.65
CA LEU J 12 -4.29 62.44 -68.11
C LEU J 12 -3.79 63.80 -68.59
N TYR J 13 -4.17 64.85 -67.89
CA TYR J 13 -3.71 66.18 -68.25
C TYR J 13 -2.19 66.30 -68.19
N LEU J 14 -1.57 65.76 -67.15
CA LEU J 14 -0.11 65.78 -67.06
C LEU J 14 0.54 64.93 -68.13
N VAL J 15 0.01 63.74 -68.41
CA VAL J 15 0.56 62.97 -69.51
C VAL J 15 0.61 63.83 -70.77
N LEU J 16 -0.52 64.40 -71.13
CA LEU J 16 -0.59 65.25 -72.31
C LEU J 16 0.47 66.35 -72.32
N ILE J 17 0.57 67.11 -71.23
CA ILE J 17 1.54 68.20 -71.18
C ILE J 17 2.98 67.71 -71.34
N LEU J 18 3.39 66.74 -70.55
CA LEU J 18 4.80 66.29 -70.63
C LEU J 18 5.16 65.69 -71.98
N SER J 19 4.39 64.74 -72.46
CA SER J 19 4.67 64.13 -73.76
C SER J 19 4.51 65.07 -74.95
N GLY J 20 3.70 66.13 -74.86
CA GLY J 20 3.46 66.96 -76.03
C GLY J 20 4.66 67.54 -76.76
N TRP J 21 5.61 68.15 -76.07
CA TRP J 21 6.73 68.76 -76.80
C TRP J 21 7.63 67.83 -77.60
N PRO J 22 8.11 66.71 -77.07
CA PRO J 22 8.86 65.77 -77.92
C PRO J 22 8.10 65.31 -79.14
N THR J 23 6.81 65.03 -79.02
CA THR J 23 6.09 64.52 -80.17
C THR J 23 5.89 65.61 -81.22
N ILE J 24 5.76 66.85 -80.78
CA ILE J 24 5.72 67.95 -81.74
C ILE J 24 7.01 68.03 -82.53
N VAL J 25 8.15 68.06 -81.86
CA VAL J 25 9.38 68.24 -82.63
C VAL J 25 9.65 67.04 -83.52
N ALA J 26 9.32 65.83 -83.07
CA ALA J 26 9.46 64.67 -83.96
C ALA J 26 8.53 64.74 -85.16
N THR J 27 7.39 65.40 -85.02
CA THR J 27 6.53 65.61 -86.18
C THR J 27 7.14 66.60 -87.14
N ILE J 28 7.53 67.75 -86.64
CA ILE J 28 8.02 68.80 -87.52
C ILE J 28 9.25 68.33 -88.28
N ILE J 29 10.16 67.65 -87.60
CA ILE J 29 11.33 67.10 -88.28
C ILE J 29 10.93 66.05 -89.32
N GLY J 30 9.91 65.24 -89.04
CA GLY J 30 9.47 64.28 -90.03
C GLY J 30 8.93 64.93 -91.29
N LEU J 31 8.14 65.98 -91.13
CA LEU J 31 7.60 66.69 -92.29
C LEU J 31 8.69 67.39 -93.07
N LEU J 32 9.57 68.11 -92.40
CA LEU J 32 10.59 68.85 -93.13
C LEU J 32 11.50 67.91 -93.92
N VAL J 33 11.98 66.84 -93.30
CA VAL J 33 12.85 65.94 -94.03
C VAL J 33 12.11 65.26 -95.18
N GLY J 34 10.85 64.86 -94.94
CA GLY J 34 10.09 64.26 -96.04
C GLY J 34 9.90 65.20 -97.21
N LEU J 35 9.65 66.48 -96.94
CA LEU J 35 9.53 67.44 -98.03
C LEU J 35 10.86 67.61 -98.75
N PHE J 36 11.94 67.81 -97.99
CA PHE J 36 13.25 68.02 -98.59
C PHE J 36 13.60 66.89 -99.56
N GLN J 37 13.26 65.65 -99.20
CA GLN J 37 13.52 64.52 -100.07
C GLN J 37 12.65 64.47 -101.32
N THR J 38 11.59 65.26 -101.40
CA THR J 38 10.88 65.44 -102.67
C THR J 38 11.39 66.64 -103.45
N VAL J 39 11.90 67.65 -102.75
CA VAL J 39 12.44 68.84 -103.42
C VAL J 39 13.74 68.51 -104.13
N THR J 40 14.59 67.69 -103.51
CA THR J 40 15.67 67.03 -104.21
C THR J 40 15.48 65.52 -104.06
N GLN J 41 15.42 64.82 -105.19
CA GLN J 41 14.94 63.45 -105.19
C GLN J 41 16.02 62.52 -104.65
N LEU J 42 15.85 62.11 -103.39
CA LEU J 42 16.75 61.21 -102.70
C LEU J 42 15.88 60.26 -101.89
N GLN J 43 16.13 58.96 -101.99
CA GLN J 43 15.23 57.97 -101.43
C GLN J 43 15.77 57.33 -100.17
N GLU J 44 16.54 58.08 -99.39
CA GLU J 44 17.00 57.60 -98.09
C GLU J 44 15.84 57.52 -97.11
N GLN J 45 16.02 56.72 -96.07
CA GLN J 45 14.99 56.54 -95.05
C GLN J 45 15.50 56.50 -93.63
N THR J 46 16.80 56.38 -93.39
CA THR J 46 17.34 56.55 -92.05
C THR J 46 17.58 57.99 -91.66
N LEU J 47 17.67 58.89 -92.63
CA LEU J 47 17.95 60.30 -92.32
C LEU J 47 16.96 60.89 -91.33
N PRO J 48 15.65 60.67 -91.48
CA PRO J 48 14.72 61.11 -90.43
C PRO J 48 15.09 60.58 -89.06
N PHE J 49 15.44 59.31 -88.95
CA PHE J 49 15.78 58.75 -87.64
C PHE J 49 17.02 59.42 -87.08
N GLY J 50 18.03 59.58 -87.91
CA GLY J 50 19.26 60.22 -87.47
C GLY J 50 19.04 61.62 -86.95
N ILE J 51 18.20 62.40 -87.62
CA ILE J 51 17.98 63.77 -87.16
C ILE J 51 17.08 63.82 -85.94
N LYS J 52 15.97 63.09 -85.98
CA LYS J 52 15.00 63.19 -84.89
C LYS J 52 15.50 62.61 -83.59
N LEU J 53 16.48 61.70 -83.61
CA LEU J 53 17.12 61.29 -82.36
C LEU J 53 17.79 62.47 -81.66
N LEU J 54 18.57 63.24 -82.41
CA LEU J 54 19.19 64.44 -81.85
C LEU J 54 18.16 65.47 -81.43
N GLY J 55 17.09 65.60 -82.22
CA GLY J 55 16.06 66.55 -81.87
C GLY J 55 15.37 66.24 -80.56
N VAL J 56 14.99 64.98 -80.36
CA VAL J 56 14.32 64.61 -79.12
C VAL J 56 15.26 64.70 -77.92
N CYS J 57 16.49 64.21 -78.06
CA CYS J 57 17.40 64.25 -76.92
C CYS J 57 17.68 65.68 -76.47
N LEU J 58 17.79 66.61 -77.42
CA LEU J 58 18.06 67.99 -77.03
C LEU J 58 16.97 68.56 -76.13
N CYS J 59 15.70 68.38 -76.51
CA CYS J 59 14.65 68.91 -75.66
C CYS J 59 14.44 68.12 -74.39
N LEU J 60 14.91 66.87 -74.33
CA LEU J 60 14.93 66.21 -73.02
C LEU J 60 15.94 66.87 -72.10
N PHE J 61 17.09 67.27 -72.63
CA PHE J 61 18.01 68.08 -71.83
C PHE J 61 17.37 69.37 -71.36
N LEU J 62 16.76 70.11 -72.27
CA LEU J 62 16.14 71.38 -71.87
C LEU J 62 15.10 71.21 -70.77
N LEU J 63 14.16 70.29 -70.93
CA LEU J 63 13.05 70.18 -69.98
C LEU J 63 13.33 69.29 -68.77
N SER J 64 14.52 68.72 -68.65
CA SER J 64 14.83 67.85 -67.51
C SER J 64 14.40 68.38 -66.14
N GLY J 65 14.49 69.68 -65.89
CA GLY J 65 14.05 70.22 -64.61
C GLY J 65 12.58 70.39 -64.27
N TRP J 66 11.87 71.03 -65.19
CA TRP J 66 10.44 71.21 -65.02
C TRP J 66 9.73 69.86 -64.88
N TYR J 67 10.22 68.84 -65.59
CA TYR J 67 9.71 67.49 -65.39
C TYR J 67 9.73 67.02 -63.94
N GLY J 68 10.82 67.27 -63.22
CA GLY J 68 10.83 66.83 -61.84
C GLY J 68 10.06 67.71 -60.88
N GLU J 69 9.98 69.00 -61.15
CA GLU J 69 9.17 69.84 -60.27
C GLU J 69 7.68 69.52 -60.37
N VAL J 70 7.19 69.28 -61.59
CA VAL J 70 5.77 68.97 -61.76
C VAL J 70 5.40 67.68 -61.05
N LEU J 71 6.19 66.63 -61.26
CA LEU J 71 5.88 65.35 -60.66
C LEU J 71 5.99 65.38 -59.15
N LEU J 72 6.95 66.10 -58.59
CA LEU J 72 6.98 66.18 -57.13
C LEU J 72 5.72 66.86 -56.60
N SER J 73 5.36 67.99 -57.19
CA SER J 73 4.18 68.69 -56.66
C SER J 73 2.94 67.83 -56.75
N TYR J 74 2.79 67.08 -57.85
CA TYR J 74 1.64 66.19 -57.98
C TYR J 74 1.65 65.07 -56.94
N GLY J 75 2.78 64.42 -56.74
CA GLY J 75 2.85 63.39 -55.72
C GLY J 75 2.49 63.86 -54.32
N ARG J 76 3.05 65.00 -53.91
CA ARG J 76 2.65 65.55 -52.62
C ARG J 76 1.15 65.83 -52.55
N GLN J 77 0.60 66.42 -53.60
CA GLN J 77 -0.83 66.70 -53.59
C GLN J 77 -1.65 65.44 -53.37
N VAL J 78 -1.42 64.40 -54.17
CA VAL J 78 -2.26 63.21 -54.04
C VAL J 78 -2.03 62.48 -52.73
N ILE J 79 -0.82 62.50 -52.18
CA ILE J 79 -0.62 61.90 -50.86
C ILE J 79 -1.44 62.65 -49.81
N PHE J 80 -1.51 63.97 -49.91
CA PHE J 80 -2.36 64.71 -48.99
C PHE J 80 -3.81 64.33 -49.16
N LEU J 81 -4.32 64.36 -50.40
CA LEU J 81 -5.73 64.01 -50.60
C LEU J 81 -6.04 62.63 -50.07
N ALA J 82 -5.11 61.69 -50.20
CA ALA J 82 -5.37 60.34 -49.72
C ALA J 82 -5.43 60.27 -48.20
N LEU J 83 -4.46 60.87 -47.51
CA LEU J 83 -4.32 60.62 -46.08
C LEU J 83 -5.00 61.66 -45.21
N ALA J 84 -5.02 62.92 -45.60
CA ALA J 84 -5.54 63.98 -44.74
C ALA J 84 -7.05 64.02 -44.85
N LYS J 85 -7.69 63.17 -44.06
CA LYS J 85 -9.12 63.21 -43.83
C LYS J 85 -9.37 63.34 -42.35
N GLY J 86 -10.43 64.04 -41.99
CA GLY J 86 -10.81 64.18 -40.60
C GLY J 86 -12.27 64.53 -40.46
N VAL K 12 -14.83 -29.12 -29.51
CA VAL K 12 -15.53 -30.39 -29.59
C VAL K 12 -16.98 -30.17 -30.02
N ILE K 13 -17.77 -29.59 -29.10
CA ILE K 13 -19.19 -29.41 -29.35
C ILE K 13 -19.42 -28.44 -30.51
N GLY K 14 -20.46 -28.73 -31.30
CA GLY K 14 -20.91 -27.85 -32.36
C GLY K 14 -19.87 -27.37 -33.35
N GLN K 15 -18.84 -28.16 -33.62
CA GLN K 15 -17.76 -27.68 -34.48
C GLN K 15 -18.14 -27.82 -35.95
N ALA K 16 -17.72 -26.85 -36.75
CA ALA K 16 -18.02 -26.84 -38.18
C ALA K 16 -16.91 -26.10 -38.92
N VAL K 17 -16.66 -26.49 -40.17
CA VAL K 17 -15.74 -25.73 -41.00
C VAL K 17 -16.12 -25.85 -42.46
N ASN K 18 -15.92 -24.77 -43.21
CA ASN K 18 -16.27 -24.67 -44.61
C ASN K 18 -14.99 -24.95 -45.41
N ILE K 19 -14.96 -26.03 -46.18
CA ILE K 19 -13.69 -26.46 -46.73
C ILE K 19 -13.40 -25.88 -48.10
N ARG K 20 -14.36 -25.81 -49.01
CA ARG K 20 -13.93 -25.65 -50.39
C ARG K 20 -13.61 -24.20 -50.72
N SER K 21 -14.43 -23.26 -50.25
CA SER K 21 -14.38 -21.89 -50.73
C SER K 21 -14.41 -20.90 -49.59
N MET K 22 -13.78 -19.75 -49.81
CA MET K 22 -13.74 -18.67 -48.84
C MET K 22 -14.98 -17.79 -48.94
N GLU K 23 -16.13 -18.39 -48.70
CA GLU K 23 -17.36 -17.63 -48.59
C GLU K 23 -17.37 -16.85 -47.28
N THR K 24 -17.40 -15.52 -47.38
CA THR K 24 -17.27 -14.68 -46.19
C THR K 24 -18.53 -14.78 -45.34
N ASP K 25 -18.33 -15.08 -44.05
CA ASP K 25 -19.45 -15.34 -43.15
C ASP K 25 -19.42 -14.57 -41.84
N ILE K 26 -18.26 -14.09 -41.38
CA ILE K 26 -18.24 -13.26 -40.18
C ILE K 26 -19.08 -12.02 -40.34
N VAL K 27 -19.14 -11.47 -41.55
CA VAL K 27 -20.03 -10.36 -41.88
C VAL K 27 -20.91 -10.73 -43.07
N SER K 28 -22.08 -10.11 -43.14
CA SER K 28 -22.83 -10.06 -44.38
C SER K 28 -22.31 -8.92 -45.24
N LEU K 29 -21.82 -9.24 -46.42
CA LEU K 29 -21.31 -8.24 -47.33
C LEU K 29 -22.46 -7.43 -47.93
N ASP K 30 -22.32 -6.11 -47.89
CA ASP K 30 -23.47 -5.22 -47.96
C ASP K 30 -22.99 -3.85 -48.40
N ASP K 31 -23.94 -3.01 -48.79
CA ASP K 31 -23.62 -1.67 -49.27
C ASP K 31 -22.95 -0.80 -48.22
N ARG K 32 -22.97 -1.20 -46.96
CA ARG K 32 -22.18 -0.52 -45.95
C ARG K 32 -20.68 -0.57 -46.23
N LEU K 33 -20.22 -1.42 -47.15
CA LEU K 33 -18.86 -1.29 -47.65
C LEU K 33 -18.63 0.02 -48.38
N LEU K 34 -19.64 0.49 -49.12
CA LEU K 34 -19.46 1.51 -50.14
C LEU K 34 -19.82 2.92 -49.66
N GLN K 35 -19.63 3.22 -48.37
CA GLN K 35 -19.84 4.59 -47.95
C GLN K 35 -18.88 4.93 -46.82
N ALA K 36 -18.53 6.22 -46.76
CA ALA K 36 -17.60 6.73 -45.76
C ALA K 36 -18.27 7.07 -44.44
N PHE K 37 -19.46 7.68 -44.45
CA PHE K 37 -20.17 7.99 -43.24
C PHE K 37 -21.64 7.61 -43.36
N SER K 38 -22.18 7.00 -42.30
CA SER K 38 -23.60 6.64 -42.27
C SER K 38 -24.43 7.85 -41.86
N GLY K 39 -24.49 8.80 -42.79
CA GLY K 39 -24.99 10.11 -42.46
C GLY K 39 -26.38 10.10 -41.87
N SER K 40 -27.21 9.13 -42.25
CA SER K 40 -28.52 9.00 -41.63
C SER K 40 -28.42 8.58 -40.17
N ALA K 41 -27.47 7.72 -39.83
CA ALA K 41 -27.27 7.37 -38.44
C ALA K 41 -26.74 8.53 -37.61
N ILE K 42 -25.92 9.39 -38.23
CA ILE K 42 -25.57 10.64 -37.58
C ILE K 42 -26.78 11.54 -37.41
N ALA K 43 -27.57 11.71 -38.46
CA ALA K 43 -28.69 12.64 -38.39
C ALA K 43 -29.77 12.19 -37.40
N THR K 44 -29.90 10.88 -37.21
CA THR K 44 -30.80 10.38 -36.18
C THR K 44 -30.24 10.56 -34.79
N ALA K 45 -28.94 10.37 -34.58
CA ALA K 45 -28.42 10.54 -33.24
C ALA K 45 -28.39 12.02 -32.85
N VAL K 46 -27.95 12.88 -33.76
CA VAL K 46 -27.95 14.32 -33.55
C VAL K 46 -29.36 14.84 -33.32
N ASP K 47 -30.36 14.27 -33.98
CA ASP K 47 -31.73 14.64 -33.63
C ASP K 47 -31.98 14.41 -32.16
N LYS K 48 -31.74 13.17 -31.70
CA LYS K 48 -32.17 12.79 -30.37
C LYS K 48 -31.49 13.64 -29.29
N GLN K 49 -30.19 13.88 -29.43
CA GLN K 49 -29.51 14.74 -28.45
C GLN K 49 -29.72 16.25 -28.68
N THR K 50 -30.75 16.66 -29.41
CA THR K 50 -31.04 18.08 -29.61
C THR K 50 -32.54 18.41 -29.57
N ILE K 51 -33.42 17.45 -29.86
CA ILE K 51 -34.84 17.64 -29.62
C ILE K 51 -35.13 17.70 -28.13
N THR K 52 -34.26 17.10 -27.32
CA THR K 52 -34.47 17.00 -25.88
C THR K 52 -34.25 18.37 -25.23
N ASN K 53 -35.35 19.01 -24.82
CA ASN K 53 -35.32 20.30 -24.13
C ASN K 53 -36.35 20.24 -23.00
N ARG K 54 -35.87 20.04 -21.78
CA ARG K 54 -36.71 19.88 -20.59
C ARG K 54 -37.63 18.67 -20.67
N ILE K 55 -37.02 17.52 -20.97
CA ILE K 55 -37.69 16.23 -20.89
C ILE K 55 -36.63 15.21 -20.51
N GLU K 56 -37.06 14.16 -19.82
CA GLU K 56 -36.16 13.28 -19.05
C GLU K 56 -35.37 14.17 -18.09
N ASP K 57 -34.03 14.11 -18.06
CA ASP K 57 -33.27 14.92 -17.13
C ASP K 57 -31.95 15.32 -17.76
N PRO K 58 -31.32 16.40 -17.29
CA PRO K 58 -29.96 16.78 -17.70
C PRO K 58 -28.85 16.07 -16.91
N ASN K 59 -27.63 16.47 -17.23
CA ASN K 59 -26.41 16.19 -16.46
C ASN K 59 -26.05 14.70 -16.33
N LEU K 60 -26.36 13.85 -17.30
CA LEU K 60 -25.97 12.44 -17.16
C LEU K 60 -24.51 12.28 -17.55
N VAL K 61 -23.66 13.08 -16.91
CA VAL K 61 -22.22 12.89 -16.89
C VAL K 61 -21.77 11.58 -16.23
N THR K 62 -22.66 10.83 -15.57
CA THR K 62 -22.21 9.87 -14.57
C THR K 62 -22.62 8.42 -14.76
N ASP K 63 -23.51 8.07 -15.66
CA ASP K 63 -23.77 6.63 -15.65
C ASP K 63 -22.95 5.93 -16.72
N PRO K 64 -22.17 4.92 -16.34
CA PRO K 64 -21.20 4.33 -17.28
C PRO K 64 -21.80 3.64 -18.49
N LYS K 65 -23.09 3.36 -18.50
CA LYS K 65 -23.68 2.75 -19.70
C LYS K 65 -24.10 3.77 -20.76
N GLU K 66 -24.68 4.89 -20.36
CA GLU K 66 -24.99 5.95 -21.32
C GLU K 66 -23.76 6.75 -21.67
N LEU K 67 -22.86 6.92 -20.72
CA LEU K 67 -21.60 7.58 -20.98
C LEU K 67 -20.73 6.84 -21.98
N ALA K 68 -20.99 5.56 -22.22
CA ALA K 68 -20.27 4.86 -23.28
C ALA K 68 -20.95 4.96 -24.63
N ILE K 69 -22.18 5.45 -24.67
CA ILE K 69 -22.88 5.71 -25.92
C ILE K 69 -22.58 7.11 -26.42
N SER K 70 -22.46 8.05 -25.50
CA SER K 70 -22.07 9.41 -25.89
C SER K 70 -20.70 9.48 -26.54
N GLN K 71 -19.79 8.58 -26.19
CA GLN K 71 -18.43 8.65 -26.74
C GLN K 71 -18.41 8.46 -28.25
N GLU K 72 -19.24 7.54 -28.74
CA GLU K 72 -19.37 7.33 -30.17
C GLU K 72 -19.88 8.55 -30.90
N MET K 73 -20.92 9.19 -30.37
CA MET K 73 -21.49 10.30 -31.11
C MET K 73 -20.58 11.50 -31.07
N ILE K 74 -20.04 11.80 -29.90
CA ILE K 74 -19.16 12.96 -29.77
C ILE K 74 -17.95 12.83 -30.67
N SER K 75 -17.47 11.61 -30.90
CA SER K 75 -16.36 11.46 -31.84
C SER K 75 -16.80 11.57 -33.30
N ASP K 76 -17.84 10.82 -33.67
CA ASP K 76 -18.24 10.77 -35.07
C ASP K 76 -18.68 12.10 -35.64
N TYR K 77 -19.39 12.90 -34.85
CA TYR K 77 -19.79 14.19 -35.41
C TYR K 77 -18.61 15.13 -35.59
N ASN K 78 -17.60 15.02 -34.73
CA ASN K 78 -16.40 15.82 -34.92
C ASN K 78 -15.65 15.41 -36.18
N LEU K 79 -15.65 14.12 -36.50
CA LEU K 79 -14.97 13.69 -37.72
C LEU K 79 -15.72 14.13 -38.96
N TYR K 80 -17.04 13.98 -38.96
CA TYR K 80 -17.83 14.40 -40.11
C TYR K 80 -17.64 15.87 -40.41
N VAL K 81 -17.72 16.71 -39.39
CA VAL K 81 -17.50 18.13 -39.60
C VAL K 81 -16.10 18.43 -40.07
N SER K 82 -15.11 17.70 -39.57
CA SER K 82 -13.75 17.93 -40.06
C SER K 82 -13.60 17.58 -41.53
N MET K 83 -14.25 16.50 -41.97
CA MET K 83 -14.15 16.11 -43.39
C MET K 83 -14.76 17.15 -44.32
N VAL K 84 -15.95 17.65 -44.00
CA VAL K 84 -16.54 18.63 -44.90
C VAL K 84 -15.65 19.85 -45.13
N SER K 85 -14.89 20.24 -44.11
CA SER K 85 -14.00 21.39 -44.22
C SER K 85 -12.94 21.19 -45.28
N THR K 86 -12.47 19.96 -45.45
CA THR K 86 -11.45 19.72 -46.45
C THR K 86 -12.06 19.64 -47.83
N LEU K 87 -13.16 18.90 -47.96
CA LEU K 87 -13.79 18.79 -49.27
C LEU K 87 -14.09 20.14 -49.91
N THR K 88 -14.62 21.10 -49.15
CA THR K 88 -14.89 22.41 -49.76
C THR K 88 -13.62 23.11 -50.24
N ARG K 89 -12.55 23.08 -49.44
CA ARG K 89 -11.29 23.65 -49.91
C ARG K 89 -10.81 22.99 -51.18
N LYS K 90 -10.80 21.66 -51.23
CA LYS K 90 -10.43 20.98 -52.46
C LYS K 90 -11.25 21.45 -53.66
N GLY K 91 -12.57 21.44 -53.54
CA GLY K 91 -13.40 21.92 -54.64
C GLY K 91 -13.08 23.31 -55.15
N VAL K 92 -13.07 24.28 -54.25
CA VAL K 92 -12.66 25.64 -54.62
C VAL K 92 -11.27 25.66 -55.25
N GLY K 93 -10.32 24.93 -54.69
CA GLY K 93 -9.00 24.90 -55.27
C GLY K 93 -8.96 24.33 -56.67
N ALA K 94 -9.81 23.35 -56.95
CA ALA K 94 -9.87 22.81 -58.30
C ALA K 94 -10.41 23.83 -59.29
N VAL K 95 -11.42 24.59 -58.89
CA VAL K 95 -11.94 25.63 -59.76
C VAL K 95 -10.88 26.71 -60.01
N GLU K 96 -10.22 27.17 -58.98
CA GLU K 96 -9.17 28.16 -59.18
C GLU K 96 -8.04 27.63 -60.05
N THR K 97 -7.68 26.37 -59.89
CA THR K 97 -6.63 25.78 -60.71
C THR K 97 -6.99 25.81 -62.18
N LEU K 98 -8.22 25.41 -62.51
CA LEU K 98 -8.60 25.44 -63.92
C LEU K 98 -8.69 26.86 -64.45
N LEU K 99 -9.29 27.78 -63.71
CA LEU K 99 -9.46 29.12 -64.24
C LEU K 99 -8.14 29.85 -64.45
N ARG K 100 -7.12 29.60 -63.64
CA ARG K 100 -5.83 30.23 -63.97
C ARG K 100 -5.14 29.62 -65.18
N SER K 101 -5.47 28.39 -65.55
CA SER K 101 -4.60 27.64 -66.44
C SER K 101 -5.30 27.26 -67.72
N PRO L 8 -5.97 -26.64 -37.91
CA PRO L 8 -5.64 -27.81 -37.10
C PRO L 8 -4.24 -27.73 -36.52
N GLU L 9 -3.92 -28.58 -35.54
CA GLU L 9 -2.59 -28.60 -34.96
C GLU L 9 -1.81 -29.87 -35.24
N ASN L 10 -2.48 -30.99 -35.49
CA ASN L 10 -1.82 -32.25 -35.77
C ASN L 10 -1.70 -32.54 -37.25
N ALA L 11 -1.60 -31.50 -38.08
CA ALA L 11 -1.53 -31.72 -39.51
C ALA L 11 -0.75 -30.60 -40.15
N VAL L 12 -0.03 -30.94 -41.22
CA VAL L 12 0.73 -30.00 -42.02
C VAL L 12 0.28 -30.19 -43.46
N ILE L 13 0.03 -29.10 -44.16
CA ILE L 13 -0.57 -29.17 -45.48
C ILE L 13 0.14 -28.20 -46.39
N GLY L 14 0.78 -28.73 -47.43
CA GLY L 14 1.56 -27.96 -48.36
C GLY L 14 0.82 -27.68 -49.64
N GLN L 15 1.60 -27.34 -50.66
CA GLN L 15 1.13 -27.21 -52.03
C GLN L 15 2.17 -27.88 -52.90
N ALA L 16 1.73 -28.67 -53.88
CA ALA L 16 2.66 -29.56 -54.56
C ALA L 16 3.82 -28.78 -55.15
N VAL L 17 3.51 -27.87 -56.08
CA VAL L 17 4.43 -26.83 -56.51
C VAL L 17 3.60 -25.58 -56.74
N ASN L 18 4.08 -24.43 -56.26
CA ASN L 18 3.26 -23.22 -56.30
C ASN L 18 3.41 -22.52 -57.64
N ILE L 19 2.74 -23.07 -58.65
CA ILE L 19 2.44 -22.32 -59.87
C ILE L 19 1.44 -21.22 -59.55
N ARG L 20 1.54 -20.09 -60.26
CA ARG L 20 0.70 -18.92 -59.95
C ARG L 20 0.19 -18.32 -61.25
N SER L 21 -1.07 -18.62 -61.57
CA SER L 21 -1.75 -18.01 -62.72
C SER L 21 -1.88 -16.51 -62.55
N MET L 22 -2.05 -16.04 -61.32
CA MET L 22 -2.15 -14.61 -61.08
C MET L 22 -0.81 -13.90 -61.19
N GLU L 23 0.30 -14.63 -61.33
CA GLU L 23 1.50 -13.94 -61.77
C GLU L 23 1.40 -13.44 -63.21
N THR L 24 0.51 -14.01 -64.02
CA THR L 24 0.30 -13.47 -65.36
C THR L 24 -0.30 -12.07 -65.30
N ASP L 25 0.27 -11.15 -66.07
CA ASP L 25 -0.10 -9.74 -66.07
C ASP L 25 -1.37 -9.45 -66.87
N ILE L 26 -2.01 -10.48 -67.39
CA ILE L 26 -2.84 -10.35 -68.60
C ILE L 26 -3.95 -9.33 -68.44
N VAL L 27 -4.45 -9.12 -67.22
CA VAL L 27 -5.53 -8.14 -67.05
C VAL L 27 -5.02 -6.72 -67.25
N SER L 28 -5.98 -5.82 -67.47
CA SER L 28 -5.73 -4.40 -67.66
C SER L 28 -5.20 -3.73 -66.41
N LEU L 29 -4.48 -2.63 -66.64
CA LEU L 29 -4.10 -1.71 -65.56
C LEU L 29 -5.25 -1.24 -64.68
N ASP L 30 -6.50 -1.27 -65.16
CA ASP L 30 -7.59 -0.93 -64.26
C ASP L 30 -8.19 -2.13 -63.54
N ASP L 31 -8.29 -3.28 -64.19
CA ASP L 31 -8.69 -4.47 -63.44
C ASP L 31 -7.71 -4.75 -62.32
N ARG L 32 -6.43 -4.53 -62.58
CA ARG L 32 -5.42 -4.61 -61.52
C ARG L 32 -5.68 -3.62 -60.42
N LEU L 33 -6.43 -2.56 -60.66
CA LEU L 33 -6.75 -1.63 -59.59
C LEU L 33 -7.98 -2.08 -58.83
N LEU L 34 -9.01 -2.51 -59.55
CA LEU L 34 -10.24 -2.92 -58.90
C LEU L 34 -10.00 -4.10 -57.98
N GLN L 35 -9.12 -5.03 -58.36
CA GLN L 35 -8.82 -6.15 -57.47
C GLN L 35 -8.31 -5.64 -56.13
N ALA L 36 -7.31 -4.78 -56.18
CA ALA L 36 -6.74 -4.22 -54.96
C ALA L 36 -7.80 -3.55 -54.11
N PHE L 37 -8.56 -2.63 -54.70
CA PHE L 37 -9.58 -1.95 -53.91
C PHE L 37 -10.57 -2.92 -53.27
N SER L 38 -11.16 -3.81 -54.05
CA SER L 38 -12.14 -4.74 -53.51
C SER L 38 -11.57 -5.64 -52.41
N GLY L 39 -10.37 -6.17 -52.62
CA GLY L 39 -9.79 -7.01 -51.59
C GLY L 39 -9.45 -6.28 -50.31
N SER L 40 -8.90 -5.09 -50.42
CA SER L 40 -8.60 -4.32 -49.22
C SER L 40 -9.88 -3.94 -48.46
N ALA L 41 -10.91 -3.50 -49.17
CA ALA L 41 -12.14 -3.16 -48.47
C ALA L 41 -12.74 -4.34 -47.73
N ILE L 42 -12.74 -5.53 -48.33
CA ILE L 42 -13.29 -6.67 -47.62
C ILE L 42 -12.41 -7.05 -46.43
N ALA L 43 -11.10 -7.11 -46.63
CA ALA L 43 -10.22 -7.48 -45.53
C ALA L 43 -10.40 -6.58 -44.32
N THR L 44 -10.48 -5.26 -44.53
CA THR L 44 -10.64 -4.37 -43.39
C THR L 44 -11.99 -4.51 -42.71
N ALA L 45 -13.08 -4.66 -43.47
CA ALA L 45 -14.36 -4.81 -42.79
C ALA L 45 -14.41 -6.08 -41.95
N VAL L 46 -13.83 -7.16 -42.46
CA VAL L 46 -13.79 -8.41 -41.69
C VAL L 46 -12.95 -8.25 -40.43
N ASP L 47 -11.77 -7.65 -40.54
CA ASP L 47 -10.94 -7.46 -39.36
C ASP L 47 -11.63 -6.63 -38.29
N LYS L 48 -12.20 -5.49 -38.67
CA LYS L 48 -12.90 -4.69 -37.67
C LYS L 48 -13.99 -5.48 -36.96
N GLN L 49 -14.82 -6.19 -37.72
CA GLN L 49 -15.85 -7.00 -37.08
C GLN L 49 -15.27 -8.02 -36.10
N THR L 50 -14.26 -8.78 -36.52
CA THR L 50 -13.65 -9.75 -35.63
C THR L 50 -13.16 -9.11 -34.32
N ILE L 51 -12.39 -8.03 -34.42
CA ILE L 51 -11.95 -7.34 -33.21
C ILE L 51 -13.12 -6.99 -32.31
N THR L 52 -14.20 -6.45 -32.88
CA THR L 52 -15.34 -6.10 -32.04
C THR L 52 -15.90 -7.32 -31.30
N ASN L 53 -16.17 -8.40 -32.02
CA ASN L 53 -16.65 -9.62 -31.37
C ASN L 53 -15.75 -10.08 -30.23
N ARG L 54 -14.44 -10.08 -30.45
CA ARG L 54 -13.51 -10.51 -29.40
C ARG L 54 -13.62 -9.69 -28.12
N ILE L 55 -14.30 -8.56 -28.14
CA ILE L 55 -14.46 -7.72 -26.98
C ILE L 55 -15.86 -7.85 -26.40
N GLU L 56 -16.86 -7.94 -27.25
CA GLU L 56 -18.21 -8.16 -26.75
C GLU L 56 -18.32 -9.50 -26.02
N ASP L 57 -17.57 -10.51 -26.45
CA ASP L 57 -17.78 -11.83 -25.84
C ASP L 57 -17.05 -11.95 -24.51
N PRO L 58 -17.75 -12.28 -23.42
CA PRO L 58 -17.14 -12.15 -22.09
C PRO L 58 -16.04 -13.14 -21.77
N ASN L 59 -15.96 -14.29 -22.43
CA ASN L 59 -14.90 -15.22 -22.11
C ASN L 59 -13.59 -14.91 -22.83
N LEU L 60 -13.62 -14.04 -23.82
CA LEU L 60 -12.45 -13.63 -24.56
C LEU L 60 -11.79 -12.42 -23.93
N VAL L 61 -12.58 -11.49 -23.43
CA VAL L 61 -12.10 -10.23 -22.90
C VAL L 61 -11.62 -10.35 -21.46
N THR L 62 -11.54 -11.56 -20.93
CA THR L 62 -11.16 -11.72 -19.53
C THR L 62 -10.18 -12.86 -19.30
N ASP L 63 -9.54 -13.38 -20.34
CA ASP L 63 -8.57 -14.45 -20.18
C ASP L 63 -7.23 -14.00 -20.75
N PRO L 64 -6.15 -13.98 -19.96
CA PRO L 64 -4.90 -13.42 -20.47
C PRO L 64 -4.48 -14.00 -21.81
N LYS L 65 -4.72 -15.28 -22.01
CA LYS L 65 -4.32 -15.91 -23.26
C LYS L 65 -5.00 -15.24 -24.45
N GLU L 66 -6.27 -14.91 -24.31
CA GLU L 66 -7.04 -14.25 -25.37
C GLU L 66 -6.70 -12.78 -25.50
N LEU L 67 -6.47 -12.11 -24.39
CA LEU L 67 -6.12 -10.70 -24.46
C LEU L 67 -4.79 -10.52 -25.20
N ALA L 68 -3.82 -11.36 -24.92
CA ALA L 68 -2.55 -11.23 -25.62
C ALA L 68 -2.72 -11.29 -27.12
N ILE L 69 -3.61 -12.14 -27.61
CA ILE L 69 -3.89 -12.21 -29.04
C ILE L 69 -4.61 -10.95 -29.55
N SER L 70 -5.64 -10.51 -28.83
CA SER L 70 -6.33 -9.30 -29.28
C SER L 70 -5.41 -8.09 -29.40
N GLN L 71 -4.44 -7.96 -28.49
CA GLN L 71 -3.49 -6.85 -28.61
C GLN L 71 -2.80 -6.85 -29.97
N GLU L 72 -2.37 -8.02 -30.43
CA GLU L 72 -1.75 -8.14 -31.73
C GLU L 72 -2.71 -7.79 -32.85
N MET L 73 -3.92 -8.35 -32.81
CA MET L 73 -4.88 -8.01 -33.86
C MET L 73 -5.05 -6.50 -34.00
N ILE L 74 -5.22 -5.79 -32.89
CA ILE L 74 -5.39 -4.34 -32.95
C ILE L 74 -4.18 -3.66 -33.56
N SER L 75 -2.98 -4.03 -33.14
CA SER L 75 -1.82 -3.35 -33.70
C SER L 75 -1.66 -3.63 -35.20
N ASP L 76 -1.82 -4.88 -35.61
CA ASP L 76 -1.71 -5.18 -37.03
C ASP L 76 -2.72 -4.41 -37.87
N TYR L 77 -3.96 -4.29 -37.39
CA TYR L 77 -4.92 -3.46 -38.09
C TYR L 77 -4.44 -2.03 -38.26
N ASN L 78 -4.02 -1.42 -37.15
CA ASN L 78 -3.50 -0.06 -37.22
C ASN L 78 -2.41 0.11 -38.28
N LEU L 79 -1.37 -0.72 -38.22
CA LEU L 79 -0.28 -0.60 -39.18
C LEU L 79 -0.75 -0.77 -40.63
N TYR L 80 -1.59 -1.75 -40.88
CA TYR L 80 -2.08 -1.96 -42.23
C TYR L 80 -2.75 -0.72 -42.81
N VAL L 81 -3.78 -0.23 -42.13
CA VAL L 81 -4.47 0.96 -42.64
C VAL L 81 -3.54 2.16 -42.80
N SER L 82 -2.65 2.39 -41.83
CA SER L 82 -1.74 3.52 -41.95
C SER L 82 -0.84 3.42 -43.17
N MET L 83 -0.42 2.22 -43.52
CA MET L 83 0.44 2.12 -44.69
C MET L 83 -0.31 2.27 -45.99
N VAL L 84 -1.51 1.71 -46.10
CA VAL L 84 -2.28 1.94 -47.32
C VAL L 84 -2.52 3.43 -47.54
N SER L 85 -2.92 4.14 -46.50
CA SER L 85 -3.11 5.58 -46.61
C SER L 85 -1.85 6.31 -47.09
N THR L 86 -0.72 6.05 -46.43
CA THR L 86 0.52 6.70 -46.81
C THR L 86 0.86 6.49 -48.29
N LEU L 87 0.94 5.24 -48.73
CA LEU L 87 1.26 4.99 -50.14
C LEU L 87 0.27 5.63 -51.09
N THR L 88 -1.01 5.69 -50.75
CA THR L 88 -1.95 6.34 -51.67
C THR L 88 -1.63 7.82 -51.81
N ARG L 89 -1.43 8.50 -50.69
CA ARG L 89 -1.04 9.90 -50.74
C ARG L 89 0.22 10.12 -51.57
N LYS L 90 1.26 9.33 -51.32
CA LYS L 90 2.47 9.48 -52.13
C LYS L 90 2.20 9.32 -53.61
N GLY L 91 1.34 8.37 -53.97
CA GLY L 91 0.99 8.19 -55.35
C GLY L 91 0.32 9.37 -56.01
N VAL L 92 -0.82 9.82 -55.50
CA VAL L 92 -1.45 11.02 -56.08
C VAL L 92 -0.52 12.23 -56.02
N GLY L 93 0.30 12.35 -54.98
CA GLY L 93 1.23 13.47 -54.93
C GLY L 93 2.25 13.47 -56.05
N ALA L 94 2.63 12.30 -56.54
CA ALA L 94 3.52 12.28 -57.70
C ALA L 94 2.85 12.85 -58.94
N VAL L 95 1.66 12.35 -59.27
CA VAL L 95 0.89 12.90 -60.38
C VAL L 95 0.79 14.41 -60.28
N GLU L 96 0.36 14.91 -59.13
CA GLU L 96 0.25 16.35 -58.96
C GLU L 96 1.56 17.09 -59.18
N THR L 97 2.66 16.57 -58.66
CA THR L 97 3.96 17.20 -58.87
C THR L 97 4.33 17.30 -60.34
N LEU L 98 4.14 16.22 -61.10
CA LEU L 98 4.48 16.26 -62.51
C LEU L 98 3.56 17.18 -63.30
N LEU L 99 2.24 17.03 -63.17
CA LEU L 99 1.35 17.84 -63.99
C LEU L 99 1.38 19.32 -63.65
N ARG L 100 1.72 19.72 -62.42
CA ARG L 100 1.82 21.16 -62.22
C ARG L 100 3.16 21.72 -62.70
N SER L 101 4.12 20.86 -63.00
CA SER L 101 5.42 21.33 -63.46
C SER L 101 5.30 21.81 -64.89
N VAL M 12 30.61 -23.42 -24.52
CA VAL M 12 30.21 -24.37 -23.49
C VAL M 12 29.77 -25.69 -24.14
N ILE M 13 28.54 -25.80 -24.64
CA ILE M 13 28.04 -27.02 -25.26
C ILE M 13 27.43 -26.68 -26.62
N GLY M 14 27.76 -27.50 -27.62
CA GLY M 14 27.28 -27.29 -28.97
C GLY M 14 27.39 -25.87 -29.49
N GLN M 15 28.60 -25.36 -29.66
CA GLN M 15 28.81 -23.96 -29.99
C GLN M 15 29.80 -23.86 -31.13
N ALA M 16 29.57 -22.94 -32.06
CA ALA M 16 30.45 -22.80 -33.22
C ALA M 16 30.50 -21.34 -33.65
N VAL M 17 31.62 -20.95 -34.26
CA VAL M 17 31.78 -19.60 -34.79
C VAL M 17 32.37 -19.66 -36.19
N ASN M 18 31.91 -18.76 -37.06
CA ASN M 18 32.45 -18.62 -38.41
C ASN M 18 33.73 -17.79 -38.37
N ILE M 19 34.85 -18.39 -38.73
CA ILE M 19 36.15 -17.72 -38.64
C ILE M 19 36.38 -16.77 -39.80
N ARG M 20 36.11 -17.21 -41.02
CA ARG M 20 36.42 -16.44 -42.22
C ARG M 20 35.15 -15.95 -42.88
N SER M 21 35.00 -14.63 -42.99
CA SER M 21 33.97 -14.06 -43.82
C SER M 21 34.34 -14.11 -45.30
N MET M 22 33.36 -14.45 -46.13
CA MET M 22 33.47 -14.21 -47.56
C MET M 22 33.66 -12.72 -47.84
N GLU M 23 34.21 -12.42 -49.01
CA GLU M 23 34.73 -11.11 -49.31
C GLU M 23 34.23 -10.68 -50.69
N THR M 24 34.28 -9.38 -50.97
CA THR M 24 33.85 -8.89 -52.27
C THR M 24 34.60 -7.61 -52.62
N ASP M 25 34.70 -7.36 -53.93
CA ASP M 25 35.11 -6.06 -54.45
C ASP M 25 34.04 -4.99 -54.25
N ILE M 26 34.50 -3.75 -54.09
CA ILE M 26 33.63 -2.59 -53.93
C ILE M 26 34.18 -1.48 -54.80
N VAL M 27 33.48 -1.18 -55.90
CA VAL M 27 34.07 -0.42 -56.99
C VAL M 27 33.22 0.78 -57.39
N SER M 28 31.97 0.83 -56.94
CA SER M 28 31.07 1.89 -57.34
C SER M 28 30.15 2.27 -56.18
N LEU M 29 29.60 3.48 -56.29
CA LEU M 29 28.64 3.94 -55.29
C LEU M 29 27.43 3.01 -55.21
N ASP M 30 27.12 2.32 -56.31
CA ASP M 30 26.03 1.37 -56.28
C ASP M 30 26.33 0.24 -55.31
N ASP M 31 27.49 -0.38 -55.45
CA ASP M 31 27.83 -1.48 -54.58
C ASP M 31 28.07 -1.03 -53.15
N ARG M 32 28.64 0.16 -52.96
CA ARG M 32 28.73 0.67 -51.60
C ARG M 32 27.37 0.85 -50.96
N LEU M 33 26.35 1.13 -51.76
CA LEU M 33 25.04 1.33 -51.16
C LEU M 33 24.41 -0.02 -50.84
N LEU M 34 24.39 -0.93 -51.80
CA LEU M 34 23.80 -2.24 -51.53
C LEU M 34 24.48 -2.88 -50.35
N GLN M 35 25.79 -2.70 -50.23
CA GLN M 35 26.52 -3.29 -49.11
C GLN M 35 26.08 -2.70 -47.78
N ALA M 36 25.97 -1.38 -47.69
CA ALA M 36 25.52 -0.80 -46.41
C ALA M 36 24.09 -1.23 -46.05
N PHE M 37 23.22 -1.31 -47.05
CA PHE M 37 21.87 -1.82 -46.80
C PHE M 37 21.89 -3.25 -46.28
N SER M 38 22.57 -4.15 -46.98
CA SER M 38 22.56 -5.54 -46.56
C SER M 38 23.19 -5.70 -45.20
N GLY M 39 24.24 -4.93 -44.92
CA GLY M 39 24.83 -4.99 -43.60
C GLY M 39 23.88 -4.62 -42.49
N SER M 40 23.02 -3.63 -42.71
CA SER M 40 22.09 -3.28 -41.64
C SER M 40 20.91 -4.23 -41.50
N ALA M 41 20.33 -4.65 -42.61
CA ALA M 41 19.18 -5.56 -42.55
C ALA M 41 19.42 -6.78 -41.66
N ILE M 42 20.54 -7.46 -41.88
CA ILE M 42 20.80 -8.70 -41.15
C ILE M 42 21.00 -8.46 -39.68
N ALA M 43 21.81 -7.46 -39.31
CA ALA M 43 21.97 -7.15 -37.90
C ALA M 43 20.63 -6.89 -37.23
N THR M 44 19.72 -6.23 -37.93
CA THR M 44 18.41 -5.98 -37.32
C THR M 44 17.62 -7.27 -37.11
N ALA M 45 17.53 -8.11 -38.13
CA ALA M 45 16.80 -9.36 -37.97
C ALA M 45 17.36 -10.20 -36.84
N VAL M 46 18.68 -10.34 -36.79
CA VAL M 46 19.32 -11.10 -35.72
C VAL M 46 18.95 -10.56 -34.35
N ASP M 47 19.05 -9.25 -34.16
CA ASP M 47 18.71 -8.68 -32.86
C ASP M 47 17.27 -8.96 -32.47
N LYS M 48 16.33 -8.72 -33.37
CA LYS M 48 14.93 -8.98 -33.04
C LYS M 48 14.70 -10.43 -32.62
N GLN M 49 15.23 -11.38 -33.39
CA GLN M 49 15.08 -12.78 -32.99
C GLN M 49 15.68 -13.06 -31.62
N THR M 50 16.91 -12.61 -31.39
CA THR M 50 17.54 -12.83 -30.09
C THR M 50 16.66 -12.35 -28.95
N ILE M 51 16.18 -11.12 -29.02
CA ILE M 51 15.29 -10.61 -27.97
C ILE M 51 14.06 -11.50 -27.80
N THR M 52 13.39 -11.85 -28.90
CA THR M 52 12.23 -12.71 -28.78
C THR M 52 12.53 -14.00 -28.02
N ASN M 53 13.66 -14.64 -28.29
CA ASN M 53 14.00 -15.85 -27.55
C ASN M 53 14.25 -15.57 -26.07
N ARG M 54 15.02 -14.53 -25.78
CA ARG M 54 15.26 -14.17 -24.38
C ARG M 54 13.99 -13.86 -23.61
N ILE M 55 12.90 -13.52 -24.31
CA ILE M 55 11.63 -13.32 -23.60
C ILE M 55 10.85 -14.58 -23.33
N GLU M 56 11.28 -15.74 -23.81
CA GLU M 56 10.50 -16.95 -23.70
C GLU M 56 11.29 -18.14 -23.21
N ASP M 57 12.58 -18.02 -23.03
CA ASP M 57 13.25 -19.00 -22.20
C ASP M 57 12.98 -18.68 -20.73
N PRO M 58 12.27 -19.56 -20.01
CA PRO M 58 11.87 -19.23 -18.63
C PRO M 58 13.00 -19.13 -17.63
N ASN M 59 14.19 -19.61 -17.94
CA ASN M 59 15.32 -19.35 -17.07
C ASN M 59 15.80 -17.92 -17.19
N LEU M 60 15.53 -17.28 -18.32
CA LEU M 60 15.95 -15.92 -18.60
C LEU M 60 14.88 -14.88 -18.30
N VAL M 61 13.61 -15.22 -18.42
CA VAL M 61 12.57 -14.25 -18.11
C VAL M 61 12.51 -13.92 -16.62
N THR M 62 12.98 -14.80 -15.75
CA THR M 62 12.70 -14.68 -14.32
C THR M 62 13.95 -14.48 -13.48
N ASP M 63 15.10 -14.25 -14.07
CA ASP M 63 16.32 -14.09 -13.32
C ASP M 63 16.78 -12.65 -13.37
N PRO M 64 16.99 -11.98 -12.23
CA PRO M 64 17.34 -10.55 -12.27
C PRO M 64 18.54 -10.24 -13.12
N LYS M 65 19.54 -11.10 -13.15
CA LYS M 65 20.74 -10.81 -13.94
C LYS M 65 20.43 -10.83 -15.42
N GLU M 66 19.55 -11.73 -15.85
CA GLU M 66 19.25 -11.82 -17.26
C GLU M 66 18.28 -10.73 -17.70
N LEU M 67 17.37 -10.34 -16.81
CA LEU M 67 16.48 -9.26 -17.15
C LEU M 67 17.24 -7.94 -17.27
N ALA M 68 18.24 -7.75 -16.42
CA ALA M 68 19.03 -6.53 -16.50
C ALA M 68 19.71 -6.40 -17.86
N ILE M 69 20.00 -7.51 -18.51
CA ILE M 69 20.60 -7.48 -19.84
C ILE M 69 19.55 -7.22 -20.91
N SER M 70 18.47 -7.97 -20.88
CA SER M 70 17.44 -7.78 -21.89
C SER M 70 16.99 -6.33 -21.96
N GLN M 71 16.93 -5.64 -20.83
CA GLN M 71 16.56 -4.22 -20.86
C GLN M 71 17.46 -3.43 -21.81
N GLU M 72 18.76 -3.61 -21.68
CA GLU M 72 19.70 -2.90 -22.54
C GLU M 72 19.52 -3.28 -23.99
N MET M 73 19.45 -4.58 -24.27
CA MET M 73 19.26 -4.97 -25.66
C MET M 73 18.06 -4.30 -26.31
N ILE M 74 16.93 -4.23 -25.59
CA ILE M 74 15.77 -3.55 -26.14
C ILE M 74 16.05 -2.08 -26.40
N SER M 75 16.69 -1.41 -25.45
CA SER M 75 16.97 0.01 -25.65
C SER M 75 17.85 0.24 -26.87
N ASP M 76 18.97 -0.44 -26.95
CA ASP M 76 19.87 -0.29 -28.08
C ASP M 76 19.15 -0.52 -29.40
N TYR M 77 18.25 -1.49 -29.45
CA TYR M 77 17.51 -1.70 -30.70
C TYR M 77 16.69 -0.48 -31.07
N ASN M 78 15.91 0.00 -30.11
CA ASN M 78 15.10 1.20 -30.36
C ASN M 78 15.92 2.37 -30.89
N LEU M 79 16.99 2.72 -30.19
CA LEU M 79 17.83 3.85 -30.61
C LEU M 79 18.39 3.66 -32.01
N TYR M 80 18.96 2.50 -32.29
CA TYR M 80 19.56 2.27 -33.60
C TYR M 80 18.56 2.42 -34.75
N VAL M 81 17.41 1.76 -34.66
CA VAL M 81 16.45 1.90 -35.74
C VAL M 81 15.90 3.32 -35.87
N SER M 82 15.77 4.05 -34.76
CA SER M 82 15.33 5.44 -34.88
C SER M 82 16.36 6.33 -35.56
N MET M 83 17.64 6.12 -35.29
CA MET M 83 18.67 6.86 -36.00
C MET M 83 18.65 6.59 -37.49
N VAL M 84 18.66 5.34 -37.89
CA VAL M 84 18.66 5.05 -39.33
C VAL M 84 17.44 5.66 -40.02
N SER M 85 16.28 5.61 -39.39
CA SER M 85 15.10 6.25 -39.96
C SER M 85 15.29 7.75 -40.14
N THR M 86 15.79 8.42 -39.11
CA THR M 86 15.91 9.88 -39.20
C THR M 86 16.88 10.29 -40.28
N LEU M 87 18.09 9.73 -40.27
CA LEU M 87 19.06 10.16 -41.27
C LEU M 87 18.64 9.81 -42.70
N THR M 88 17.92 8.71 -42.91
CA THR M 88 17.41 8.47 -44.26
C THR M 88 16.42 9.54 -44.68
N ARG M 89 15.54 9.94 -43.78
CA ARG M 89 14.53 10.92 -44.19
C ARG M 89 15.15 12.29 -44.40
N LYS M 90 16.16 12.64 -43.61
CA LYS M 90 16.89 13.88 -43.87
C LYS M 90 17.56 13.89 -45.24
N GLY M 91 18.20 12.80 -45.62
CA GLY M 91 18.81 12.77 -46.94
C GLY M 91 17.82 12.93 -48.08
N VAL M 92 16.72 12.19 -48.01
CA VAL M 92 15.71 12.32 -49.06
C VAL M 92 15.11 13.71 -49.06
N GLY M 93 14.93 14.33 -47.90
CA GLY M 93 14.41 15.68 -47.88
C GLY M 93 15.35 16.69 -48.48
N ALA M 94 16.66 16.49 -48.33
CA ALA M 94 17.60 17.40 -48.96
C ALA M 94 17.57 17.31 -50.48
N VAL M 95 17.44 16.10 -51.01
CA VAL M 95 17.28 15.96 -52.45
C VAL M 95 16.00 16.64 -52.93
N GLU M 96 14.89 16.32 -52.29
CA GLU M 96 13.63 16.94 -52.67
C GLU M 96 13.69 18.46 -52.64
N THR M 97 14.30 19.03 -51.60
CA THR M 97 14.41 20.48 -51.51
C THR M 97 15.20 21.08 -52.64
N LEU M 98 16.36 20.50 -52.96
CA LEU M 98 17.14 21.08 -54.04
C LEU M 98 16.42 20.98 -55.38
N LEU M 99 15.83 19.83 -55.69
CA LEU M 99 15.17 19.73 -57.00
C LEU M 99 13.94 20.60 -57.08
N ARG M 100 13.18 20.76 -55.98
CA ARG M 100 12.07 21.70 -56.03
C ARG M 100 12.57 23.11 -56.25
N SER M 101 13.71 23.46 -55.69
CA SER M 101 14.25 24.79 -55.87
C SER M 101 14.83 24.92 -57.26
N ILE N 13 40.85 10.60 -2.29
CA ILE N 13 40.98 12.03 -2.53
C ILE N 13 42.16 12.31 -3.43
N GLY N 14 41.91 12.44 -4.72
CA GLY N 14 42.94 12.86 -5.65
C GLY N 14 42.31 13.73 -6.72
N GLN N 15 42.73 14.99 -6.76
CA GLN N 15 41.97 16.02 -7.44
C GLN N 15 42.90 16.92 -8.23
N ALA N 16 42.45 17.38 -9.40
CA ALA N 16 43.24 18.30 -10.20
C ALA N 16 42.31 19.27 -10.89
N VAL N 17 42.83 20.46 -11.17
CA VAL N 17 42.09 21.52 -11.83
C VAL N 17 42.97 22.14 -12.91
N ASN N 18 42.41 22.42 -14.08
CA ASN N 18 43.14 23.10 -15.14
C ASN N 18 42.66 24.54 -15.22
N ILE N 19 43.56 25.49 -15.02
CA ILE N 19 43.16 26.83 -14.66
C ILE N 19 43.17 27.80 -15.84
N ARG N 20 44.20 27.76 -16.67
CA ARG N 20 44.38 28.76 -17.73
C ARG N 20 43.63 28.38 -19.01
N SER N 21 42.32 28.21 -18.87
CA SER N 21 41.55 27.42 -19.82
C SER N 21 41.00 28.19 -21.02
N MET N 22 40.82 29.52 -20.94
CA MET N 22 39.98 30.18 -21.94
C MET N 22 40.44 31.61 -22.22
N GLU N 23 40.18 32.05 -23.45
CA GLU N 23 40.54 33.36 -23.96
C GLU N 23 39.28 34.22 -24.11
N THR N 24 39.31 35.42 -23.56
CA THR N 24 38.13 36.25 -23.36
C THR N 24 37.98 37.37 -24.39
N ASP N 25 38.94 37.54 -25.30
CA ASP N 25 38.84 38.56 -26.33
C ASP N 25 37.78 38.19 -27.37
N ILE N 26 37.48 39.15 -28.24
CA ILE N 26 36.74 38.86 -29.47
C ILE N 26 37.60 38.04 -30.40
N VAL N 27 37.01 36.98 -30.97
CA VAL N 27 37.75 36.00 -31.75
C VAL N 27 36.87 35.52 -32.90
N SER N 28 37.53 35.00 -33.94
CA SER N 28 36.84 34.58 -35.15
C SER N 28 35.71 33.62 -34.85
N LEU N 29 34.66 33.70 -35.66
CA LEU N 29 33.43 32.96 -35.39
C LEU N 29 33.64 31.46 -35.51
N ASP N 30 34.54 31.04 -36.39
CA ASP N 30 34.80 29.61 -36.58
C ASP N 30 35.27 28.94 -35.29
N ASP N 31 36.12 29.59 -34.53
CA ASP N 31 36.68 28.94 -33.35
C ASP N 31 35.81 29.03 -32.12
N ARG N 32 34.92 30.00 -32.02
CA ARG N 32 34.00 29.95 -30.89
C ARG N 32 33.19 28.66 -30.91
N LEU N 33 32.88 28.14 -32.08
CA LEU N 33 32.20 26.86 -32.17
C LEU N 33 33.05 25.72 -31.63
N LEU N 34 34.20 25.48 -32.25
CA LEU N 34 35.09 24.44 -31.77
C LEU N 34 35.31 24.51 -30.26
N GLN N 35 35.55 25.70 -29.71
CA GLN N 35 35.78 25.76 -28.27
C GLN N 35 34.53 25.47 -27.46
N ALA N 36 33.35 25.83 -27.95
CA ALA N 36 32.16 25.51 -27.18
C ALA N 36 31.84 24.03 -27.27
N PHE N 37 31.85 23.49 -28.48
CA PHE N 37 31.63 22.08 -28.69
C PHE N 37 32.56 21.21 -27.85
N SER N 38 33.85 21.47 -27.92
CA SER N 38 34.81 20.66 -27.18
C SER N 38 34.63 20.75 -25.68
N GLY N 39 34.48 21.96 -25.14
CA GLY N 39 34.26 22.06 -23.71
C GLY N 39 32.99 21.37 -23.23
N SER N 40 31.95 21.40 -24.05
CA SER N 40 30.71 20.75 -23.65
C SER N 40 30.82 19.23 -23.73
N ALA N 41 31.34 18.70 -24.83
CA ALA N 41 31.49 17.25 -24.91
C ALA N 41 32.37 16.70 -23.79
N ILE N 42 33.37 17.45 -23.37
CA ILE N 42 34.20 16.99 -22.27
C ILE N 42 33.42 16.97 -20.96
N ALA N 43 32.75 18.07 -20.64
CA ALA N 43 31.97 18.12 -19.41
C ALA N 43 30.95 17.00 -19.32
N THR N 44 30.16 16.79 -20.37
CA THR N 44 29.18 15.69 -20.30
C THR N 44 29.81 14.32 -20.19
N ALA N 45 30.92 14.07 -20.88
CA ALA N 45 31.55 12.75 -20.74
C ALA N 45 31.98 12.46 -19.31
N VAL N 46 32.65 13.41 -18.67
CA VAL N 46 33.07 13.15 -17.30
C VAL N 46 31.88 13.07 -16.34
N ASP N 47 30.90 13.95 -16.50
CA ASP N 47 29.72 13.87 -15.66
C ASP N 47 29.06 12.49 -15.71
N LYS N 48 28.79 12.00 -16.91
CA LYS N 48 28.20 10.68 -17.06
C LYS N 48 29.03 9.59 -16.39
N GLN N 49 30.35 9.60 -16.62
CA GLN N 49 31.18 8.60 -15.94
C GLN N 49 31.04 8.65 -14.42
N THR N 50 31.12 9.84 -13.83
CA THR N 50 30.99 9.87 -12.38
C THR N 50 29.63 9.36 -11.91
N ILE N 51 28.58 9.67 -12.65
CA ILE N 51 27.29 9.10 -12.29
C ILE N 51 27.35 7.58 -12.24
N THR N 52 27.83 6.95 -13.31
CA THR N 52 27.79 5.48 -13.29
C THR N 52 28.67 4.90 -12.20
N ASN N 53 29.84 5.46 -11.95
CA ASN N 53 30.62 4.82 -10.92
C ASN N 53 30.15 5.18 -9.52
N ARG N 54 29.20 6.10 -9.37
CA ARG N 54 28.55 6.28 -8.07
C ARG N 54 27.54 5.19 -7.80
N ILE N 55 26.96 4.61 -8.85
CA ILE N 55 25.99 3.54 -8.68
C ILE N 55 26.71 2.22 -8.47
N GLU N 56 27.80 1.99 -9.18
CA GLU N 56 28.50 0.72 -9.04
C GLU N 56 29.20 0.55 -7.68
N ASP N 57 29.56 1.63 -7.00
CA ASP N 57 30.26 1.49 -5.72
C ASP N 57 29.28 1.14 -4.61
N PRO N 58 29.44 -0.01 -3.94
CA PRO N 58 28.48 -0.39 -2.88
C PRO N 58 28.42 0.52 -1.69
N ASN N 59 29.47 1.26 -1.39
CA ASN N 59 29.42 2.14 -0.23
C ASN N 59 28.63 3.42 -0.48
N LEU N 60 28.39 3.75 -1.74
CA LEU N 60 27.67 4.95 -2.15
C LEU N 60 26.22 4.70 -2.52
N VAL N 61 25.91 3.55 -3.12
CA VAL N 61 24.54 3.24 -3.47
C VAL N 61 23.64 2.94 -2.27
N THR N 62 24.20 2.70 -1.09
CA THR N 62 23.40 2.31 0.05
C THR N 62 23.37 3.32 1.19
N ASP N 63 24.06 4.46 1.07
CA ASP N 63 24.04 5.45 2.14
C ASP N 63 23.04 6.54 1.83
N PRO N 64 22.04 6.77 2.69
CA PRO N 64 21.02 7.79 2.40
C PRO N 64 21.57 9.19 2.24
N LYS N 65 22.74 9.50 2.76
CA LYS N 65 23.27 10.84 2.57
C LYS N 65 23.94 10.98 1.22
N GLU N 66 24.33 9.88 0.60
CA GLU N 66 25.02 9.85 -0.67
C GLU N 66 24.02 9.79 -1.82
N LEU N 67 22.99 8.96 -1.64
CA LEU N 67 21.92 8.87 -2.62
C LEU N 67 21.32 10.25 -2.90
N ALA N 68 21.13 11.06 -1.86
CA ALA N 68 20.56 12.38 -2.08
C ALA N 68 21.44 13.23 -2.99
N ILE N 69 22.73 13.01 -3.01
CA ILE N 69 23.61 13.72 -3.93
C ILE N 69 23.43 13.18 -5.35
N SER N 70 23.51 11.87 -5.50
CA SER N 70 23.31 11.29 -6.83
C SER N 70 22.02 11.73 -7.49
N GLN N 71 20.95 11.89 -6.72
CA GLN N 71 19.69 12.38 -7.30
C GLN N 71 19.85 13.74 -7.96
N GLU N 72 20.55 14.65 -7.31
CA GLU N 72 20.76 15.99 -7.87
C GLU N 72 21.64 15.92 -9.10
N MET N 73 22.72 15.15 -9.03
CA MET N 73 23.59 15.06 -10.18
C MET N 73 22.83 14.56 -11.42
N ILE N 74 22.05 13.50 -11.25
CA ILE N 74 21.28 12.99 -12.38
C ILE N 74 20.33 14.04 -12.95
N SER N 75 19.61 14.74 -12.08
CA SER N 75 18.68 15.74 -12.58
C SER N 75 19.37 16.88 -13.31
N ASP N 76 20.48 17.37 -12.76
CA ASP N 76 21.21 18.45 -13.43
C ASP N 76 21.69 18.03 -14.80
N TYR N 77 22.21 16.82 -14.91
CA TYR N 77 22.60 16.32 -16.23
C TYR N 77 21.44 16.33 -17.21
N ASN N 78 20.33 15.70 -16.82
CA ASN N 78 19.14 15.71 -17.66
C ASN N 78 18.78 17.09 -18.18
N LEU N 79 18.72 18.09 -17.28
CA LEU N 79 18.35 19.43 -17.71
C LEU N 79 19.37 20.06 -18.64
N TYR N 80 20.65 19.95 -18.33
CA TYR N 80 21.65 20.55 -19.19
C TYR N 80 21.59 20.02 -20.62
N VAL N 81 21.55 18.70 -20.78
CA VAL N 81 21.44 18.18 -22.15
C VAL N 81 20.12 18.54 -22.82
N SER N 82 19.02 18.60 -22.08
CA SER N 82 17.77 19.03 -22.69
C SER N 82 17.87 20.44 -23.24
N MET N 83 18.57 21.32 -22.54
CA MET N 83 18.61 22.70 -22.99
C MET N 83 19.56 22.92 -24.15
N VAL N 84 20.73 22.31 -24.11
CA VAL N 84 21.61 22.43 -25.27
C VAL N 84 20.94 21.91 -26.54
N SER N 85 20.21 20.80 -26.43
CA SER N 85 19.47 20.32 -27.59
C SER N 85 18.41 21.30 -28.08
N THR N 86 17.63 21.87 -27.16
CA THR N 86 16.56 22.76 -27.58
C THR N 86 17.09 23.99 -28.28
N LEU N 87 18.07 24.65 -27.68
CA LEU N 87 18.57 25.87 -28.31
C LEU N 87 19.27 25.59 -29.64
N THR N 88 19.99 24.48 -29.77
CA THR N 88 20.58 24.21 -31.07
C THR N 88 19.53 23.99 -32.14
N ARG N 89 18.45 23.29 -31.80
CA ARG N 89 17.39 23.10 -32.79
C ARG N 89 16.75 24.41 -33.20
N LYS N 90 16.53 25.32 -32.26
CA LYS N 90 15.96 26.60 -32.68
C LYS N 90 16.95 27.45 -33.46
N GLY N 91 18.23 27.30 -33.19
CA GLY N 91 19.23 27.95 -34.00
C GLY N 91 19.20 27.57 -35.46
N VAL N 92 19.31 26.28 -35.77
CA VAL N 92 19.15 25.91 -37.18
C VAL N 92 17.74 26.14 -37.72
N GLY N 93 16.72 26.16 -36.85
CA GLY N 93 15.39 26.50 -37.30
C GLY N 93 15.24 27.91 -37.80
N ALA N 94 15.99 28.84 -37.25
CA ALA N 94 15.95 30.20 -37.79
C ALA N 94 16.50 30.25 -39.19
N VAL N 95 17.71 29.73 -39.38
CA VAL N 95 18.36 29.79 -40.68
C VAL N 95 17.49 29.16 -41.75
N GLU N 96 16.94 27.99 -41.47
CA GLU N 96 16.18 27.36 -42.54
C GLU N 96 14.93 28.15 -42.93
N THR N 97 14.35 28.93 -42.02
CA THR N 97 13.21 29.73 -42.44
C THR N 97 13.65 30.97 -43.22
N LEU N 98 14.67 31.66 -42.76
CA LEU N 98 15.13 32.80 -43.53
C LEU N 98 15.56 32.42 -44.93
N LEU N 99 16.20 31.27 -45.09
CA LEU N 99 16.63 30.86 -46.43
C LEU N 99 15.48 30.36 -47.29
N ARG N 100 14.65 29.45 -46.78
CA ARG N 100 13.53 29.01 -47.59
C ARG N 100 12.65 30.17 -48.01
N SER N 101 12.34 31.07 -47.09
CA SER N 101 11.51 32.20 -47.43
C SER N 101 12.31 33.21 -48.27
N VAL O 12 2.35 38.19 9.02
CA VAL O 12 2.01 39.26 9.95
C VAL O 12 3.27 39.85 10.56
N ILE O 13 4.42 39.24 10.27
CA ILE O 13 5.66 39.66 10.89
C ILE O 13 6.18 40.93 10.25
N GLY O 14 6.39 40.90 8.95
CA GLY O 14 6.73 42.12 8.23
C GLY O 14 6.05 42.19 6.88
N GLN O 15 5.40 43.30 6.58
CA GLN O 15 4.62 43.40 5.36
C GLN O 15 4.75 44.79 4.78
N ALA O 16 4.65 44.86 3.45
CA ALA O 16 4.60 46.14 2.76
C ALA O 16 3.68 46.00 1.56
N VAL O 17 3.19 47.13 1.07
CA VAL O 17 2.42 47.16 -0.17
C VAL O 17 2.75 48.44 -0.90
N ASN O 18 2.64 48.40 -2.22
CA ASN O 18 2.89 49.55 -3.07
C ASN O 18 1.57 50.20 -3.45
N ILE O 19 1.36 51.45 -3.03
CA ILE O 19 0.03 52.04 -3.09
C ILE O 19 -0.26 52.69 -4.43
N ARG O 20 0.66 53.46 -4.99
CA ARG O 20 0.43 54.25 -6.18
C ARG O 20 1.25 53.70 -7.34
N SER O 21 0.63 53.55 -8.50
CA SER O 21 1.31 53.18 -9.72
C SER O 21 1.50 54.38 -10.63
N MET O 22 2.69 54.50 -11.20
CA MET O 22 3.08 55.65 -11.99
C MET O 22 2.16 55.84 -13.19
N GLU O 23 1.94 57.10 -13.55
CA GLU O 23 1.11 57.44 -14.70
C GLU O 23 1.70 56.91 -16.00
N THR O 24 0.82 56.44 -16.88
CA THR O 24 1.25 55.89 -18.16
C THR O 24 1.75 56.98 -19.11
N ASP O 25 1.45 58.24 -18.81
CA ASP O 25 1.72 59.36 -19.69
C ASP O 25 3.20 59.71 -19.79
N ILE O 26 4.05 59.13 -18.94
CA ILE O 26 5.47 59.49 -18.88
C ILE O 26 6.38 58.30 -19.10
N VAL O 27 5.83 57.11 -19.27
CA VAL O 27 6.59 55.87 -19.32
C VAL O 27 6.42 55.25 -20.70
N SER O 28 7.52 54.88 -21.33
CA SER O 28 7.46 54.33 -22.66
C SER O 28 6.87 52.91 -22.62
N LEU O 29 6.52 52.41 -23.79
CA LEU O 29 5.95 51.08 -23.87
C LEU O 29 6.89 49.98 -23.41
N ASP O 30 8.20 50.11 -23.62
CA ASP O 30 9.10 49.05 -23.19
C ASP O 30 9.49 49.14 -21.73
N ASP O 31 9.42 50.32 -21.12
CA ASP O 31 9.59 50.39 -19.69
C ASP O 31 8.52 49.62 -18.96
N ARG O 32 7.27 49.72 -19.40
CA ARG O 32 6.23 48.97 -18.70
C ARG O 32 6.51 47.47 -18.74
N LEU O 33 7.17 47.00 -19.79
CA LEU O 33 7.51 45.59 -19.87
C LEU O 33 8.65 45.23 -18.95
N LEU O 34 9.78 45.94 -19.06
CA LEU O 34 10.86 45.69 -18.13
C LEU O 34 10.37 45.69 -16.69
N GLN O 35 9.60 46.70 -16.33
CA GLN O 35 9.11 46.82 -14.97
C GLN O 35 8.20 45.65 -14.58
N ALA O 36 7.38 45.15 -15.50
CA ALA O 36 6.55 43.98 -15.17
C ALA O 36 7.38 42.73 -14.99
N PHE O 37 8.27 42.47 -15.94
CA PHE O 37 9.15 41.31 -15.90
C PHE O 37 9.95 41.23 -14.61
N SER O 38 10.67 42.30 -14.29
CA SER O 38 11.49 42.31 -13.08
C SER O 38 10.72 41.93 -11.83
N GLY O 39 9.58 42.56 -11.63
CA GLY O 39 8.74 42.25 -10.49
C GLY O 39 8.34 40.79 -10.42
N SER O 40 7.98 40.20 -11.55
CA SER O 40 7.63 38.79 -11.52
C SER O 40 8.84 37.91 -11.19
N ALA O 41 9.97 38.16 -11.84
CA ALA O 41 11.16 37.36 -11.59
C ALA O 41 11.62 37.41 -10.14
N ILE O 42 11.44 38.54 -9.48
CA ILE O 42 11.86 38.60 -8.09
C ILE O 42 10.86 37.92 -7.18
N ALA O 43 9.58 38.23 -7.28
CA ALA O 43 8.64 37.49 -6.44
C ALA O 43 8.81 35.98 -6.58
N THR O 44 9.22 35.51 -7.75
CA THR O 44 9.40 34.07 -7.91
C THR O 44 10.65 33.55 -7.21
N ALA O 45 11.80 34.16 -7.46
CA ALA O 45 12.99 33.72 -6.74
C ALA O 45 12.79 33.77 -5.24
N VAL O 46 12.04 34.75 -4.76
CA VAL O 46 11.82 34.84 -3.31
C VAL O 46 10.93 33.71 -2.80
N ASP O 47 9.96 33.28 -3.59
CA ASP O 47 9.12 32.17 -3.12
C ASP O 47 9.90 30.87 -3.09
N LYS O 48 10.63 30.58 -4.16
CA LYS O 48 11.47 29.38 -4.15
C LYS O 48 12.38 29.34 -2.93
N GLN O 49 13.06 30.45 -2.65
CA GLN O 49 13.92 30.49 -1.47
C GLN O 49 13.15 30.23 -0.18
N THR O 50 12.02 30.90 -0.01
CA THR O 50 11.22 30.66 1.20
C THR O 50 10.90 29.19 1.40
N ILE O 51 10.38 28.52 0.39
CA ILE O 51 10.09 27.09 0.52
C ILE O 51 11.34 26.31 0.93
N THR O 52 12.45 26.51 0.21
CA THR O 52 13.65 25.81 0.60
C THR O 52 13.99 25.99 2.08
N ASN O 53 13.94 27.22 2.56
CA ASN O 53 14.22 27.44 3.99
C ASN O 53 13.21 26.78 4.91
N ARG O 54 11.95 26.70 4.53
CA ARG O 54 11.01 25.97 5.39
C ARG O 54 11.37 24.50 5.50
N ILE O 55 11.89 23.90 4.42
CA ILE O 55 12.22 22.49 4.49
C ILE O 55 13.41 22.14 5.37
N GLU O 56 14.18 23.12 5.84
CA GLU O 56 15.36 22.83 6.65
C GLU O 56 15.22 23.16 8.13
N ASP O 57 14.44 24.14 8.50
CA ASP O 57 14.26 24.37 9.92
C ASP O 57 13.63 23.12 10.51
N PRO O 58 14.35 22.40 11.37
CA PRO O 58 13.79 21.16 11.92
C PRO O 58 12.49 21.35 12.67
N ASN O 59 12.23 22.53 13.20
CA ASN O 59 10.93 22.76 13.83
C ASN O 59 9.82 22.78 12.80
N LEU O 60 10.05 23.45 11.67
CA LEU O 60 9.06 23.57 10.60
C LEU O 60 8.84 22.27 9.85
N VAL O 61 9.89 21.48 9.65
CA VAL O 61 9.77 20.24 8.88
C VAL O 61 9.15 19.07 9.61
N THR O 62 8.94 19.15 10.93
CA THR O 62 8.41 18.02 11.69
C THR O 62 7.13 18.32 12.44
N ASP O 63 6.55 19.50 12.30
CA ASP O 63 5.32 19.87 13.00
C ASP O 63 4.14 19.74 12.05
N PRO O 64 3.13 18.92 12.35
CA PRO O 64 1.97 18.80 11.46
C PRO O 64 1.31 20.10 11.08
N LYS O 65 1.28 21.08 11.96
CA LYS O 65 0.69 22.37 11.62
C LYS O 65 1.43 23.03 10.47
N GLU O 66 2.76 23.05 10.53
CA GLU O 66 3.57 23.76 9.54
C GLU O 66 3.61 23.04 8.19
N LEU O 67 3.60 21.72 8.20
CA LEU O 67 3.58 20.98 6.94
C LEU O 67 2.33 21.26 6.14
N ALA O 68 1.18 21.35 6.79
CA ALA O 68 -0.03 21.69 6.07
C ALA O 68 0.08 23.02 5.34
N ILE O 69 0.98 23.90 5.78
CA ILE O 69 1.22 25.16 5.10
C ILE O 69 2.18 24.99 3.93
N SER O 70 3.29 24.33 4.18
CA SER O 70 4.24 24.06 3.11
C SER O 70 3.60 23.38 1.89
N GLN O 71 2.68 22.45 2.12
CA GLN O 71 2.02 21.80 0.99
C GLN O 71 1.22 22.77 0.12
N GLU O 72 0.54 23.72 0.73
CA GLU O 72 -0.16 24.73 -0.04
C GLU O 72 0.81 25.65 -0.77
N MET O 73 1.86 26.09 -0.09
CA MET O 73 2.82 26.97 -0.73
C MET O 73 3.43 26.34 -1.98
N ILE O 74 3.78 25.06 -1.91
CA ILE O 74 4.37 24.42 -3.09
C ILE O 74 3.35 24.17 -4.18
N SER O 75 2.07 23.98 -3.83
CA SER O 75 1.08 23.82 -4.89
C SER O 75 0.81 25.13 -5.62
N ASP O 76 0.84 26.25 -4.90
CA ASP O 76 0.65 27.52 -5.56
C ASP O 76 1.82 27.90 -6.44
N TYR O 77 3.04 27.66 -5.97
CA TYR O 77 4.19 27.95 -6.83
C TYR O 77 4.11 27.18 -8.13
N ASN O 78 3.78 25.89 -8.04
CA ASN O 78 3.69 25.07 -9.24
C ASN O 78 2.64 25.59 -10.22
N LEU O 79 1.46 25.97 -9.72
CA LEU O 79 0.43 26.46 -10.65
C LEU O 79 0.81 27.80 -11.27
N TYR O 80 1.42 28.69 -10.49
CA TYR O 80 1.81 29.98 -11.05
C TYR O 80 2.78 29.83 -12.21
N VAL O 81 3.84 29.06 -12.02
CA VAL O 81 4.80 28.91 -13.11
C VAL O 81 4.21 28.16 -14.30
N SER O 82 3.35 27.17 -14.09
CA SER O 82 2.75 26.53 -15.26
C SER O 82 1.86 27.48 -16.04
N MET O 83 1.18 28.38 -15.34
CA MET O 83 0.33 29.34 -16.03
C MET O 83 1.15 30.28 -16.90
N VAL O 84 2.17 30.91 -16.32
CA VAL O 84 2.96 31.85 -17.10
C VAL O 84 3.62 31.17 -18.30
N SER O 85 4.20 30.00 -18.09
CA SER O 85 4.84 29.29 -19.20
C SER O 85 3.86 28.88 -20.28
N THR O 86 2.58 28.74 -19.97
CA THR O 86 1.63 28.40 -21.05
C THR O 86 1.23 29.63 -21.84
N LEU O 87 0.87 30.70 -21.14
CA LEU O 87 0.40 31.88 -21.85
C LEU O 87 1.49 32.54 -22.69
N THR O 88 2.75 32.52 -22.24
CA THR O 88 3.79 33.05 -23.12
C THR O 88 3.94 32.24 -24.40
N ARG O 89 3.81 30.92 -24.34
CA ARG O 89 3.88 30.12 -25.55
C ARG O 89 2.74 30.41 -26.51
N LYS O 90 1.54 30.61 -25.98
CA LYS O 90 0.44 31.04 -26.84
C LYS O 90 0.72 32.41 -27.45
N GLY O 91 1.32 33.30 -26.68
CA GLY O 91 1.62 34.64 -27.17
C GLY O 91 2.57 34.64 -28.34
N VAL O 92 3.69 33.94 -28.22
CA VAL O 92 4.59 33.86 -29.37
C VAL O 92 3.99 33.07 -30.52
N GLY O 93 3.13 32.09 -30.24
CA GLY O 93 2.50 31.37 -31.31
C GLY O 93 1.60 32.23 -32.17
N ALA O 94 0.99 33.26 -31.58
CA ALA O 94 0.25 34.21 -32.40
C ALA O 94 1.15 34.97 -33.39
N VAL O 95 2.32 35.41 -32.93
CA VAL O 95 3.20 36.14 -33.82
C VAL O 95 3.70 35.26 -34.94
N GLU O 96 4.07 34.03 -34.62
CA GLU O 96 4.44 33.09 -35.67
C GLU O 96 3.32 32.92 -36.70
N THR O 97 2.09 32.72 -36.23
CA THR O 97 0.98 32.55 -37.16
C THR O 97 0.81 33.72 -38.11
N LEU O 98 0.89 34.95 -37.59
CA LEU O 98 0.71 36.10 -38.47
C LEU O 98 1.88 36.35 -39.41
N LEU O 99 3.11 36.27 -38.92
CA LEU O 99 4.24 36.60 -39.78
C LEU O 99 4.66 35.47 -40.71
N ARG O 100 4.83 34.25 -40.19
CA ARG O 100 5.25 33.17 -41.07
C ARG O 100 4.22 32.92 -42.16
N SER O 101 2.95 32.82 -41.80
CA SER O 101 1.89 32.62 -42.77
C SER O 101 1.93 33.65 -43.90
N VAL P 12 -35.65 18.25 -3.53
CA VAL P 12 -37.02 18.68 -3.33
C VAL P 12 -37.16 20.11 -2.82
N ILE P 13 -36.07 20.75 -2.41
CA ILE P 13 -36.11 22.08 -1.82
C ILE P 13 -35.79 23.13 -2.87
N GLY P 14 -36.69 24.10 -3.00
CA GLY P 14 -36.58 25.20 -3.94
C GLY P 14 -36.35 24.87 -5.39
N GLN P 15 -37.23 24.07 -5.98
CA GLN P 15 -37.14 23.69 -7.38
C GLN P 15 -37.78 24.72 -8.28
N ALA P 16 -37.15 24.98 -9.42
CA ALA P 16 -37.71 25.93 -10.38
C ALA P 16 -37.26 25.54 -11.78
N VAL P 17 -38.15 25.71 -12.75
CA VAL P 17 -37.89 25.40 -14.15
C VAL P 17 -38.47 26.47 -15.05
N ASN P 18 -37.73 26.85 -16.08
CA ASN P 18 -38.24 27.74 -17.12
C ASN P 18 -38.98 26.97 -18.21
N ILE P 19 -40.03 27.59 -18.73
CA ILE P 19 -40.86 27.00 -19.78
C ILE P 19 -40.73 27.83 -21.06
N ARG P 20 -41.16 27.24 -22.17
CA ARG P 20 -41.14 27.89 -23.48
C ARG P 20 -39.87 28.69 -23.75
N SER P 21 -38.73 28.13 -23.37
CA SER P 21 -37.48 28.88 -23.40
C SER P 21 -37.15 29.43 -24.78
N MET P 22 -37.45 28.66 -25.84
CA MET P 22 -37.13 29.07 -27.21
C MET P 22 -38.35 29.20 -28.12
N GLU P 23 -39.56 29.31 -27.58
CA GLU P 23 -40.74 29.12 -28.43
C GLU P 23 -41.03 30.35 -29.27
N THR P 24 -40.83 31.55 -28.75
CA THR P 24 -41.01 32.74 -29.58
C THR P 24 -39.93 33.78 -29.36
N ASP P 25 -38.81 33.40 -28.76
CA ASP P 25 -37.63 34.26 -28.71
C ASP P 25 -36.38 33.39 -28.81
N ILE P 26 -35.36 33.90 -29.48
CA ILE P 26 -34.10 33.19 -29.64
C ILE P 26 -32.97 34.16 -29.33
N VAL P 27 -32.01 33.67 -28.57
CA VAL P 27 -30.82 34.43 -28.19
C VAL P 27 -29.81 34.41 -29.32
N SER P 28 -29.00 35.47 -29.39
CA SER P 28 -27.80 35.43 -30.19
C SER P 28 -26.79 34.49 -29.56
N LEU P 29 -25.96 33.87 -30.41
CA LEU P 29 -24.84 33.08 -29.90
C LEU P 29 -23.97 33.88 -28.95
N ASP P 30 -23.78 35.17 -29.26
CA ASP P 30 -23.02 36.05 -28.39
C ASP P 30 -23.51 36.00 -26.96
N ASP P 31 -24.83 35.93 -26.76
CA ASP P 31 -25.38 35.85 -25.43
C ASP P 31 -25.45 34.43 -24.92
N ARG P 32 -25.70 33.47 -25.80
CA ARG P 32 -25.81 32.09 -25.34
C ARG P 32 -24.53 31.66 -24.64
N LEU P 33 -23.38 32.02 -25.22
CA LEU P 33 -22.11 31.69 -24.57
C LEU P 33 -21.99 32.38 -23.22
N LEU P 34 -22.45 33.62 -23.14
CA LEU P 34 -22.22 34.38 -21.92
C LEU P 34 -23.07 33.85 -20.77
N GLN P 35 -24.32 33.51 -21.06
CA GLN P 35 -25.16 32.94 -20.02
C GLN P 35 -24.61 31.59 -19.58
N ALA P 36 -24.16 30.76 -20.52
CA ALA P 36 -23.62 29.48 -20.12
C ALA P 36 -22.44 29.67 -19.18
N PHE P 37 -21.47 30.48 -19.58
CA PHE P 37 -20.31 30.74 -18.73
C PHE P 37 -20.68 31.18 -17.33
N SER P 38 -21.62 32.11 -17.21
CA SER P 38 -21.95 32.63 -15.88
C SER P 38 -22.62 31.58 -15.00
N GLY P 39 -23.62 30.90 -15.55
CA GLY P 39 -24.30 29.87 -14.80
C GLY P 39 -23.40 28.74 -14.36
N SER P 40 -22.35 28.46 -15.13
CA SER P 40 -21.41 27.43 -14.69
C SER P 40 -20.44 27.94 -13.62
N ALA P 41 -19.83 29.10 -13.86
CA ALA P 41 -18.81 29.60 -12.95
C ALA P 41 -19.32 29.81 -11.54
N ILE P 42 -20.56 30.25 -11.39
CA ILE P 42 -21.01 30.46 -10.02
C ILE P 42 -21.34 29.15 -9.32
N ALA P 43 -21.97 28.21 -10.00
CA ALA P 43 -22.24 26.92 -9.39
C ALA P 43 -20.95 26.28 -8.92
N THR P 44 -19.91 26.30 -9.76
CA THR P 44 -18.62 25.76 -9.34
C THR P 44 -18.09 26.42 -8.07
N ALA P 45 -18.04 27.75 -8.03
CA ALA P 45 -17.47 28.39 -6.85
C ALA P 45 -18.24 28.06 -5.57
N VAL P 46 -19.56 27.96 -5.66
CA VAL P 46 -20.34 27.56 -4.50
C VAL P 46 -20.06 26.11 -4.08
N ASP P 47 -19.88 25.21 -5.03
CA ASP P 47 -19.56 23.83 -4.65
C ASP P 47 -18.21 23.73 -3.95
N LYS P 48 -17.21 24.47 -4.41
CA LYS P 48 -15.94 24.45 -3.71
C LYS P 48 -16.07 24.96 -2.28
N GLN P 49 -16.80 26.05 -2.07
CA GLN P 49 -17.00 26.50 -0.70
C GLN P 49 -17.73 25.47 0.15
N THR P 50 -18.78 24.86 -0.39
CA THR P 50 -19.48 23.83 0.38
C THR P 50 -18.55 22.72 0.84
N ILE P 51 -17.73 22.19 -0.07
CA ILE P 51 -16.77 21.15 0.32
C ILE P 51 -15.84 21.63 1.43
N THR P 52 -15.16 22.76 1.23
CA THR P 52 -14.26 23.23 2.28
C THR P 52 -14.96 23.36 3.63
N ASN P 53 -16.17 23.91 3.64
CA ASN P 53 -16.87 24.03 4.92
C ASN P 53 -17.19 22.67 5.51
N ARG P 54 -17.57 21.69 4.70
CA ARG P 54 -17.82 20.37 5.28
C ARG P 54 -16.57 19.73 5.82
N ILE P 55 -15.39 20.20 5.43
CA ILE P 55 -14.14 19.66 5.97
C ILE P 55 -13.75 20.36 7.27
N GLU P 56 -14.02 21.66 7.37
CA GLU P 56 -13.63 22.40 8.56
C GLU P 56 -14.42 22.00 9.79
N ASP P 57 -15.72 21.83 9.68
CA ASP P 57 -16.55 21.61 10.86
C ASP P 57 -16.19 20.33 11.60
N PRO P 58 -15.73 20.40 12.85
CA PRO P 58 -15.35 19.19 13.59
C PRO P 58 -16.42 18.14 13.71
N ASN P 59 -17.69 18.50 13.62
CA ASN P 59 -18.74 17.50 13.74
C ASN P 59 -19.02 16.78 12.45
N LEU P 60 -18.60 17.31 11.32
CA LEU P 60 -18.83 16.69 10.02
C LEU P 60 -17.69 15.80 9.54
N VAL P 61 -16.45 16.06 9.93
CA VAL P 61 -15.34 15.18 9.55
C VAL P 61 -15.12 14.00 10.48
N THR P 62 -15.99 13.79 11.47
CA THR P 62 -15.78 12.70 12.40
C THR P 62 -16.97 11.75 12.50
N ASP P 63 -17.97 11.89 11.64
CA ASP P 63 -19.15 11.05 11.69
C ASP P 63 -19.25 10.24 10.40
N PRO P 64 -19.32 8.91 10.45
CA PRO P 64 -19.38 8.13 9.21
C PRO P 64 -20.47 8.55 8.25
N LYS P 65 -21.61 8.95 8.78
CA LYS P 65 -22.73 9.33 7.93
C LYS P 65 -22.41 10.59 7.12
N GLU P 66 -21.65 11.51 7.69
CA GLU P 66 -21.30 12.74 7.00
C GLU P 66 -20.10 12.56 6.07
N LEU P 67 -19.16 11.70 6.43
CA LEU P 67 -18.06 11.40 5.52
C LEU P 67 -18.57 10.69 4.28
N ALA P 68 -19.48 9.74 4.45
CA ALA P 68 -20.00 9.05 3.27
C ALA P 68 -20.72 10.01 2.34
N ILE P 69 -21.28 11.09 2.86
CA ILE P 69 -21.83 12.13 1.99
C ILE P 69 -20.75 12.96 1.33
N SER P 70 -19.65 13.23 2.03
CA SER P 70 -18.64 14.11 1.43
C SER P 70 -17.87 13.43 0.31
N GLN P 71 -17.68 12.12 0.39
CA GLN P 71 -16.99 11.41 -0.69
C GLN P 71 -17.72 11.57 -2.02
N GLU P 72 -19.04 11.57 -2.00
CA GLU P 72 -19.80 11.73 -3.24
C GLU P 72 -19.68 13.14 -3.79
N MET P 73 -19.63 14.14 -2.93
CA MET P 73 -19.48 15.50 -3.40
C MET P 73 -18.14 15.68 -4.09
N ILE P 74 -17.07 15.17 -3.51
CA ILE P 74 -15.77 15.33 -4.15
C ILE P 74 -15.72 14.60 -5.48
N SER P 75 -16.30 13.39 -5.54
CA SER P 75 -16.31 12.66 -6.79
C SER P 75 -17.07 13.41 -7.89
N ASP P 76 -18.24 13.95 -7.56
CA ASP P 76 -19.02 14.66 -8.56
C ASP P 76 -18.35 15.94 -9.03
N TYR P 77 -17.76 16.70 -8.12
CA TYR P 77 -17.05 17.90 -8.54
C TYR P 77 -15.93 17.57 -9.52
N ASN P 78 -15.14 16.57 -9.20
CA ASN P 78 -14.02 16.21 -10.06
C ASN P 78 -14.46 15.75 -11.43
N LEU P 79 -15.54 14.97 -11.51
CA LEU P 79 -16.01 14.54 -12.82
C LEU P 79 -16.61 15.67 -13.63
N TYR P 80 -17.33 16.57 -13.00
CA TYR P 80 -17.91 17.68 -13.75
C TYR P 80 -16.83 18.57 -14.34
N VAL P 81 -15.89 19.04 -13.51
CA VAL P 81 -14.88 19.93 -14.07
C VAL P 81 -14.07 19.26 -15.17
N SER P 82 -13.81 17.95 -15.06
CA SER P 82 -13.08 17.29 -16.14
C SER P 82 -13.89 17.22 -17.44
N MET P 83 -15.18 17.01 -17.34
CA MET P 83 -15.97 16.94 -18.57
C MET P 83 -16.11 18.29 -19.25
N VAL P 84 -16.36 19.34 -18.49
CA VAL P 84 -16.40 20.66 -19.11
C VAL P 84 -15.09 20.99 -19.79
N SER P 85 -13.96 20.68 -19.16
CA SER P 85 -12.69 21.04 -19.76
C SER P 85 -12.44 20.29 -21.06
N THR P 86 -12.74 18.99 -21.09
CA THR P 86 -12.51 18.21 -22.30
C THR P 86 -13.38 18.67 -23.46
N LEU P 87 -14.69 18.82 -23.23
CA LEU P 87 -15.55 19.28 -24.31
C LEU P 87 -15.13 20.65 -24.83
N THR P 88 -14.85 21.59 -23.94
CA THR P 88 -14.39 22.90 -24.42
C THR P 88 -13.16 22.82 -25.32
N ARG P 89 -12.13 22.11 -24.87
CA ARG P 89 -10.95 21.96 -25.72
C ARG P 89 -11.26 21.35 -27.07
N LYS P 90 -12.09 20.31 -27.09
CA LYS P 90 -12.43 19.66 -28.35
C LYS P 90 -13.23 20.58 -29.27
N GLY P 91 -14.13 21.38 -28.72
CA GLY P 91 -14.89 22.28 -29.56
C GLY P 91 -14.07 23.42 -30.12
N VAL P 92 -13.13 23.95 -29.35
CA VAL P 92 -12.20 24.95 -29.87
C VAL P 92 -11.37 24.41 -31.03
N GLY P 93 -10.85 23.20 -30.85
CA GLY P 93 -10.10 22.58 -31.95
C GLY P 93 -10.78 22.66 -33.30
N ALA P 94 -12.10 22.45 -33.34
CA ALA P 94 -12.79 22.46 -34.63
C ALA P 94 -12.80 23.85 -35.25
N VAL P 95 -12.92 24.90 -34.46
CA VAL P 95 -12.88 26.24 -35.04
C VAL P 95 -11.49 26.55 -35.54
N GLU P 96 -10.44 26.08 -34.84
CA GLU P 96 -9.11 26.25 -35.41
C GLU P 96 -8.98 25.54 -36.75
N THR P 97 -9.44 24.31 -36.85
CA THR P 97 -9.32 23.61 -38.11
C THR P 97 -10.14 24.25 -39.21
N LEU P 98 -11.15 25.03 -38.85
CA LEU P 98 -11.91 25.74 -39.87
C LEU P 98 -11.20 26.99 -40.35
N LEU P 99 -10.78 27.83 -39.42
CA LEU P 99 -10.20 29.12 -39.81
C LEU P 99 -8.78 28.99 -40.33
N ARG P 100 -8.00 28.07 -39.77
CA ARG P 100 -6.58 28.04 -40.06
C ARG P 100 -6.32 27.68 -41.51
N SER P 101 -5.65 28.57 -42.22
CA SER P 101 -5.30 28.34 -43.60
C SER P 101 -4.31 27.18 -43.69
N UNK Q 1 -19.80 -140.37 279.46
CA UNK Q 1 -20.38 -139.49 278.42
C UNK Q 1 -19.67 -139.70 277.09
N UNK Q 2 -20.35 -139.37 276.00
CA UNK Q 2 -19.82 -139.48 274.65
C UNK Q 2 -20.09 -138.19 273.89
N UNK Q 3 -19.30 -137.96 272.83
CA UNK Q 3 -19.44 -136.76 272.03
C UNK Q 3 -19.13 -137.09 270.57
N UNK Q 4 -19.62 -136.23 269.69
CA UNK Q 4 -19.40 -136.39 268.25
C UNK Q 4 -19.51 -135.02 267.58
N UNK Q 5 -18.96 -134.95 266.36
CA UNK Q 5 -18.97 -133.72 265.58
C UNK Q 5 -19.14 -134.11 264.11
N UNK Q 6 -19.43 -133.11 263.27
CA UNK Q 6 -19.56 -133.33 261.84
C UNK Q 6 -18.93 -132.17 261.07
N UNK Q 7 -18.56 -132.45 259.83
CA UNK Q 7 -17.96 -131.45 258.95
C UNK Q 7 -19.00 -130.55 258.30
N UNK Q 8 -18.58 -129.32 258.00
CA UNK Q 8 -19.37 -128.33 257.28
C UNK Q 8 -18.75 -128.01 255.91
N UNK Q 9 -18.00 -128.95 255.34
CA UNK Q 9 -17.36 -128.75 254.04
C UNK Q 9 -18.38 -128.54 252.92
N UNK Q 10 -17.92 -127.86 251.86
CA UNK Q 10 -18.73 -127.59 250.67
C UNK Q 10 -17.83 -127.43 249.45
N UNK Q 11 -18.42 -127.70 248.27
CA UNK Q 11 -17.79 -127.58 246.96
C UNK Q 11 -18.55 -126.65 246.02
N UNK Q 12 -19.27 -125.66 246.56
CA UNK Q 12 -20.22 -124.88 245.76
C UNK Q 12 -19.58 -123.93 244.74
N UNK Q 13 -18.42 -123.34 245.02
CA UNK Q 13 -17.88 -122.34 244.11
C UNK Q 13 -17.40 -122.92 242.78
N UNK Q 14 -17.76 -122.22 241.69
CA UNK Q 14 -17.37 -122.54 240.32
C UNK Q 14 -17.38 -121.25 239.50
N UNK Q 15 -16.50 -121.16 238.50
CA UNK Q 15 -16.43 -119.97 237.66
C UNK Q 15 -16.02 -120.33 236.23
N UNK Q 16 -16.51 -119.54 235.27
CA UNK Q 16 -16.20 -119.70 233.85
C UNK Q 16 -16.29 -118.34 233.17
N UNK Q 17 -15.91 -118.29 231.88
CA UNK Q 17 -15.96 -117.06 231.09
C UNK Q 17 -16.85 -117.20 229.87
N UNK Q 18 -17.53 -116.09 229.53
CA UNK Q 18 -18.47 -115.98 228.42
C UNK Q 18 -17.95 -115.23 227.18
N UNK Q 19 -16.76 -114.63 227.23
CA UNK Q 19 -16.28 -113.78 226.14
C UNK Q 19 -15.51 -114.49 225.02
N UNK Q 20 -15.97 -114.26 223.78
CA UNK Q 20 -15.31 -114.70 222.56
C UNK Q 20 -15.77 -113.75 221.46
N UNK Q 21 -14.88 -113.43 220.51
CA UNK Q 21 -15.25 -112.49 219.44
C UNK Q 21 -14.43 -112.73 218.18
N UNK Q 22 -14.93 -112.15 217.07
CA UNK Q 22 -14.28 -112.18 215.77
C UNK Q 22 -13.94 -110.76 215.30
N UNK Q 23 -12.73 -110.61 214.75
CA UNK Q 23 -12.24 -109.31 214.32
C UNK Q 23 -13.04 -108.74 213.13
N UNK Q 24 -13.43 -107.47 213.25
CA UNK Q 24 -14.13 -106.76 212.18
C UNK Q 24 -13.21 -106.46 210.98
N UNK Q 25 -13.78 -106.56 209.77
CA UNK Q 25 -13.05 -106.28 208.53
C UNK Q 25 -14.02 -105.89 207.43
N UNK Q 26 -13.59 -104.98 206.55
CA UNK Q 26 -14.37 -104.55 205.39
C UNK Q 26 -13.45 -104.13 204.26
N UNK Q 27 -13.92 -104.28 203.02
CA UNK Q 27 -13.14 -103.90 201.84
C UNK Q 27 -14.05 -103.37 200.73
N UNK Q 28 -13.49 -102.48 199.90
CA UNK Q 28 -14.19 -101.90 198.76
C UNK Q 28 -13.19 -101.63 197.64
N UNK Q 29 -13.69 -101.61 196.40
CA UNK Q 29 -12.86 -101.41 195.22
C UNK Q 29 -13.29 -100.18 194.40
N UNK Q 30 -12.30 -99.55 193.77
CA UNK Q 30 -12.54 -98.40 192.89
C UNK Q 30 -13.20 -98.83 191.57
N UNK Q 31 -14.08 -97.98 191.04
CA UNK Q 31 -14.83 -98.31 189.84
C UNK Q 31 -15.10 -97.13 188.91
N UNK Q 32 -14.52 -95.95 189.15
CA UNK Q 32 -14.73 -94.80 188.27
C UNK Q 32 -14.24 -95.06 186.84
N UNK Q 33 -14.87 -94.35 185.89
CA UNK Q 33 -14.66 -94.52 184.45
C UNK Q 33 -14.50 -93.17 183.73
N UNK Q 34 -14.06 -92.14 184.46
CA UNK Q 34 -13.76 -90.81 183.94
C UNK Q 34 -12.71 -90.77 182.83
N UNK Q 35 -11.97 -91.84 182.59
CA UNK Q 35 -10.90 -91.80 181.59
C UNK Q 35 -11.37 -91.58 180.15
N UNK Q 36 -12.64 -91.82 179.85
CA UNK Q 36 -13.12 -91.77 178.46
C UNK Q 36 -13.23 -90.36 177.89
N UNK Q 37 -13.21 -89.33 178.74
CA UNK Q 37 -13.52 -87.96 178.32
C UNK Q 37 -12.57 -87.36 177.29
N UNK Q 38 -11.35 -87.87 177.15
CA UNK Q 38 -10.38 -87.23 176.25
C UNK Q 38 -10.70 -87.30 174.77
N UNK Q 39 -11.64 -88.14 174.32
CA UNK Q 39 -11.97 -88.17 172.90
C UNK Q 39 -12.53 -86.82 172.43
N UNK Q 40 -12.23 -86.46 171.18
CA UNK Q 40 -12.73 -85.21 170.61
C UNK Q 40 -12.92 -85.31 169.11
N UNK Q 41 -13.81 -84.46 168.60
CA UNK Q 41 -14.05 -84.29 167.16
C UNK Q 41 -12.81 -83.85 166.40
N UNK Q 42 -12.62 -84.43 165.20
CA UNK Q 42 -11.50 -84.11 164.32
C UNK Q 42 -12.01 -83.99 162.89
N UNK Q 43 -11.64 -82.92 162.19
CA UNK Q 43 -12.19 -82.67 160.85
C UNK Q 43 -11.28 -81.73 160.07
N UNK Q 44 -11.48 -81.71 158.74
CA UNK Q 44 -10.85 -80.75 157.85
C UNK Q 44 -11.87 -80.11 156.91
N UNK Q 45 -11.68 -78.82 156.63
CA UNK Q 45 -12.42 -78.10 155.61
C UNK Q 45 -12.09 -78.62 154.21
N UNK Q 46 -12.77 -78.07 153.21
CA UNK Q 46 -12.42 -78.25 151.80
C UNK Q 46 -12.56 -76.92 151.06
N UNK Q 47 -11.78 -76.77 149.98
CA UNK Q 47 -11.86 -75.55 149.17
C UNK Q 47 -11.42 -75.84 147.74
N UNK Q 48 -11.94 -75.03 146.81
CA UNK Q 48 -11.50 -75.04 145.42
C UNK Q 48 -11.76 -73.67 144.79
N UNK Q 49 -11.07 -73.36 143.70
CA UNK Q 49 -11.26 -72.10 142.98
C UNK Q 49 -11.22 -72.31 141.48
N UNK Q 50 -11.95 -71.46 140.75
CA UNK Q 50 -12.05 -71.50 139.30
C UNK Q 50 -10.85 -70.85 138.60
N UNK Q 51 -10.58 -71.30 137.38
CA UNK Q 51 -9.67 -70.62 136.47
C UNK Q 51 -10.22 -69.26 136.02
N UNK Q 52 -9.32 -68.28 135.91
CA UNK Q 52 -9.65 -66.96 135.38
C UNK Q 52 -10.09 -67.03 133.91
N UNK Q 53 -10.80 -65.97 133.49
CA UNK Q 53 -11.25 -65.79 132.11
C UNK Q 53 -10.10 -65.42 131.17
N UNK Q 54 -10.26 -65.79 129.90
CA UNK Q 54 -9.31 -65.42 128.85
C UNK Q 54 -10.03 -65.26 127.52
N UNK Q 55 -9.58 -64.29 126.71
CA UNK Q 55 -10.04 -64.18 125.32
C UNK Q 55 -8.96 -63.51 124.46
N UNK Q 56 -8.90 -63.92 123.20
CA UNK Q 56 -8.02 -63.35 122.17
C UNK Q 56 -8.64 -62.14 121.46
N UNK Q 57 -7.75 -61.31 120.91
CA UNK Q 57 -8.12 -60.12 120.14
C UNK Q 57 -8.82 -60.47 118.82
N UNK Q 58 -9.60 -59.52 118.33
CA UNK Q 58 -10.30 -59.63 117.05
C UNK Q 58 -9.34 -59.49 115.85
N UNK Q 59 -9.81 -59.96 114.70
CA UNK Q 59 -9.15 -59.79 113.41
C UNK Q 59 -9.15 -58.32 112.96
N UNK Q 60 -8.39 -58.06 111.89
CA UNK Q 60 -8.23 -56.73 111.31
C UNK Q 60 -8.19 -56.82 109.79
N UNK Q 61 -8.51 -55.71 109.12
CA UNK Q 61 -8.59 -55.65 107.65
C UNK Q 61 -7.75 -54.52 107.09
N UNK Q 62 -7.13 -54.78 105.92
CA UNK Q 62 -6.36 -53.80 105.17
C UNK Q 62 -7.22 -52.73 104.48
N UNK Q 63 -6.58 -51.58 104.23
CA UNK Q 63 -7.10 -50.51 103.40
C UNK Q 63 -7.30 -50.91 101.93
N UNK Q 64 -7.96 -50.02 101.20
CA UNK Q 64 -8.23 -50.19 99.78
C UNK Q 64 -6.95 -50.52 99.00
N UNK Q 65 -6.99 -51.66 98.31
CA UNK Q 65 -5.81 -52.20 97.65
C UNK Q 65 -5.35 -51.39 96.44
N UNK Q 66 -6.27 -50.87 95.62
CA UNK Q 66 -5.86 -50.10 94.45
C UNK Q 66 -6.88 -49.04 94.04
N UNK Q 67 -6.38 -47.99 93.39
CA UNK Q 67 -7.19 -46.95 92.75
C UNK Q 67 -6.48 -46.56 91.46
N UNK Q 68 -7.14 -46.84 90.33
CA UNK Q 68 -6.61 -46.62 88.99
C UNK Q 68 -6.79 -45.18 88.52
N UNK Q 69 -5.69 -44.46 88.35
CA UNK Q 69 -5.70 -43.17 87.66
C UNK Q 69 -5.89 -43.36 86.16
N UNK Q 70 -6.19 -42.25 85.46
CA UNK Q 70 -6.34 -42.24 84.00
C UNK Q 70 -5.70 -41.00 83.41
N UNK Q 71 -5.19 -41.13 82.17
CA UNK Q 71 -4.60 -40.01 81.44
C UNK Q 71 -5.02 -39.96 79.97
N UNK Q 72 -6.18 -40.52 79.63
CA UNK Q 72 -6.70 -40.63 78.27
C UNK Q 72 -6.87 -39.31 77.50
N UNK Q 73 -6.12 -39.13 76.42
CA UNK Q 73 -6.16 -37.90 75.64
C UNK Q 73 -5.59 -38.19 74.25
N UNK Q 74 -5.81 -37.25 73.32
CA UNK Q 74 -5.24 -37.34 71.97
C UNK Q 74 -4.86 -35.98 71.41
N UNK Q 75 -3.71 -35.93 70.74
CA UNK Q 75 -3.20 -34.75 70.03
C UNK Q 75 -3.96 -34.52 68.72
N UNK Q 76 -4.78 -33.47 68.67
CA UNK Q 76 -5.52 -33.12 67.45
C UNK Q 76 -4.59 -32.63 66.35
N UNK Q 77 -4.74 -33.22 65.16
CA UNK Q 77 -4.00 -32.81 63.96
C UNK Q 77 -4.42 -31.43 63.45
N UNK Q 78 -3.46 -30.73 62.84
CA UNK Q 78 -3.66 -29.42 62.22
C UNK Q 78 -2.95 -29.37 60.86
N UNK Q 79 -3.63 -28.84 59.85
CA UNK Q 79 -3.08 -28.78 58.49
C UNK Q 79 -3.75 -27.66 57.70
N UNK Q 80 -3.15 -27.33 56.54
CA UNK Q 80 -3.66 -26.32 55.63
C UNK Q 80 -3.72 -26.83 54.19
N UNK Q 81 -4.83 -26.52 53.51
CA UNK Q 81 -5.04 -26.92 52.13
C UNK Q 81 -4.16 -26.17 51.13
N UNK Q 82 -3.71 -26.89 50.10
CA UNK Q 82 -2.90 -26.34 49.02
C UNK Q 82 -3.66 -25.31 48.18
N UNK Q 83 -3.12 -24.10 48.12
CA UNK Q 83 -3.67 -23.04 47.28
C UNK Q 83 -3.48 -23.31 45.79
N UNK Q 84 -4.55 -23.07 45.02
CA UNK Q 84 -4.49 -23.19 43.57
C UNK Q 84 -3.49 -22.21 42.94
N UNK Q 85 -2.76 -22.69 41.93
CA UNK Q 85 -1.79 -21.87 41.21
C UNK Q 85 -2.39 -20.59 40.63
N UNK Q 86 -1.69 -19.47 40.87
CA UNK Q 86 -2.00 -18.14 40.36
C UNK Q 86 -1.75 -17.94 38.86
N UNK Q 87 -0.98 -18.82 38.22
CA UNK Q 87 -0.51 -18.59 36.85
C UNK Q 87 -1.51 -18.69 35.69
N UNK Q 88 -2.45 -17.75 35.63
CA UNK Q 88 -3.32 -17.58 34.47
C UNK Q 88 -2.51 -16.92 33.35
N UNK Q 89 -2.15 -17.69 32.32
CA UNK Q 89 -1.32 -17.16 31.23
C UNK Q 89 -2.04 -16.15 30.34
N UNK Q 90 -1.42 -14.98 30.18
CA UNK Q 90 -1.90 -13.92 29.31
C UNK Q 90 -1.74 -14.24 27.82
N UNK Q 91 -2.76 -13.88 27.02
CA UNK Q 91 -2.67 -13.94 25.57
C UNK Q 91 -1.69 -12.92 25.00
N UNK Q 92 -1.31 -13.12 23.72
CA UNK Q 92 -0.45 -12.20 22.96
C UNK Q 92 -0.92 -11.84 21.56
N UNK Q 93 -2.01 -12.42 21.07
CA UNK Q 93 -2.38 -12.36 19.65
C UNK Q 93 -2.52 -10.95 19.10
N UNK Q 94 -2.98 -10.00 19.90
CA UNK Q 94 -3.28 -8.64 19.43
C UNK Q 94 -2.08 -7.87 18.86
N UNK Q 95 -0.85 -8.28 19.16
CA UNK Q 95 0.33 -7.51 18.72
C UNK Q 95 0.45 -7.36 17.20
N UNK Q 96 0.02 -8.34 16.41
CA UNK Q 96 0.23 -8.33 14.96
C UNK Q 96 -0.98 -7.82 14.18
N UNK Q 97 -0.71 -7.07 13.10
CA UNK Q 97 -1.79 -6.54 12.24
C UNK Q 97 -1.31 -6.52 10.79
N UNK Q 98 -2.11 -5.88 9.92
CA UNK Q 98 -1.79 -5.72 8.50
C UNK Q 98 -0.57 -4.84 8.21
N UNK Q 99 0.00 -5.05 7.03
CA UNK Q 99 1.01 -4.22 6.40
C UNK Q 99 0.46 -2.89 5.85
N UNK Q 100 1.39 -1.97 5.58
CA UNK Q 100 1.14 -0.69 4.92
C UNK Q 100 0.64 -0.81 3.47
N UNK Q 101 -0.44 -0.08 3.16
CA UNK Q 101 -1.03 0.00 1.82
C UNK Q 101 -0.12 0.77 0.85
N UNK Q 102 -0.50 0.77 -0.44
CA UNK Q 102 0.28 1.46 -1.48
C UNK Q 102 -0.63 1.88 -2.64
N UNK Q 103 -0.04 2.57 -3.62
CA UNK Q 103 -0.75 3.03 -4.82
C UNK Q 103 0.24 3.30 -5.96
N UNK Q 104 -0.29 3.33 -7.19
CA UNK Q 104 0.50 3.61 -8.39
C UNK Q 104 -0.36 4.36 -9.42
N UNK Q 105 0.30 5.24 -10.19
CA UNK Q 105 -0.33 6.02 -11.26
C UNK Q 105 0.56 6.08 -12.49
N UNK Q 106 -0.01 5.77 -13.67
CA UNK Q 106 0.71 5.82 -14.94
C UNK Q 106 0.87 7.24 -15.50
N UNK Q 107 1.93 7.40 -16.32
CA UNK Q 107 2.27 8.68 -16.95
C UNK Q 107 1.24 9.15 -17.97
N UNK Q 108 0.88 8.29 -18.94
CA UNK Q 108 -0.09 8.63 -19.99
C UNK Q 108 0.32 9.89 -20.79
N UNK Q 109 1.61 10.02 -21.05
CA UNK Q 109 2.15 11.17 -21.78
C UNK Q 109 1.74 11.14 -23.25
N UNK Q 110 1.17 12.25 -23.75
CA UNK Q 110 0.70 12.34 -25.13
C UNK Q 110 1.71 13.05 -26.04
N UNK Q 111 1.76 12.58 -27.30
CA UNK Q 111 2.61 13.16 -28.34
C UNK Q 111 2.08 14.49 -28.88
N UNK Q 112 3.01 15.42 -29.13
CA UNK Q 112 2.67 16.72 -29.71
C UNK Q 112 2.14 16.59 -31.14
N UNK Q 113 2.86 15.86 -31.99
CA UNK Q 113 2.49 15.67 -33.40
C UNK Q 113 2.31 16.98 -34.18
N UNK Q 114 3.20 17.94 -33.91
CA UNK Q 114 3.18 19.23 -34.61
C UNK Q 114 3.37 19.03 -36.11
N UNK Q 115 2.62 19.79 -36.92
CA UNK Q 115 2.66 19.66 -38.37
C UNK Q 115 2.40 21.01 -39.03
N UNK Q 116 2.94 21.19 -40.25
CA UNK Q 116 2.73 22.42 -41.01
C UNK Q 116 2.84 22.18 -42.51
N UNK Q 117 2.29 23.12 -43.28
CA UNK Q 117 2.30 23.10 -44.74
C UNK Q 117 3.68 23.39 -45.33
N UNK Q 118 3.88 22.92 -46.56
CA UNK Q 118 5.07 23.12 -47.36
C UNK Q 118 5.03 24.40 -48.22
N UNK Q 119 6.22 24.77 -48.69
CA UNK Q 119 6.42 25.84 -49.68
C UNK Q 119 5.76 25.51 -51.02
N UNK Q 120 5.09 26.52 -51.61
CA UNK Q 120 4.32 26.32 -52.84
C UNK Q 120 4.66 27.31 -53.97
N UNK Q 121 5.64 28.18 -53.79
CA UNK Q 121 5.82 29.35 -54.67
C UNK Q 121 6.09 28.92 -56.11
N UNK Q 122 5.59 29.71 -57.06
CA UNK Q 122 5.47 29.27 -58.46
C UNK Q 122 5.94 30.36 -59.41
N UNK Q 123 6.31 29.91 -60.62
CA UNK Q 123 6.77 30.73 -61.73
C UNK Q 123 5.62 31.16 -62.64
N UNK Q 124 5.93 32.08 -63.57
CA UNK Q 124 5.07 32.33 -64.72
C UNK Q 124 5.90 32.73 -65.93
N UNK Q 125 5.41 32.35 -67.11
CA UNK Q 125 6.05 32.68 -68.38
C UNK Q 125 6.05 34.17 -68.66
N UNK Q 126 7.06 34.61 -69.41
CA UNK Q 126 7.16 35.98 -69.93
C UNK Q 126 7.19 36.01 -71.46
N UNK Q 127 6.46 35.10 -72.10
CA UNK Q 127 6.51 34.98 -73.56
C UNK Q 127 6.10 36.28 -74.26
N UNK Q 128 6.67 36.46 -75.46
CA UNK Q 128 6.44 37.65 -76.29
C UNK Q 128 5.53 37.29 -77.44
N UNK Q 129 4.52 38.13 -77.69
CA UNK Q 129 3.83 38.14 -78.98
C UNK Q 129 4.73 38.67 -80.09
N UNK Q 130 5.02 37.81 -81.07
CA UNK Q 130 5.99 38.11 -82.11
C UNK Q 130 5.53 39.19 -83.09
N UNK Q 131 4.28 39.62 -83.05
CA UNK Q 131 3.82 40.63 -83.99
C UNK Q 131 4.64 41.91 -83.87
N UNK Q 132 4.98 42.49 -85.02
CA UNK Q 132 5.32 43.90 -85.11
C UNK Q 132 4.56 44.53 -86.26
N UNK Q 133 3.95 45.68 -86.00
CA UNK Q 133 3.12 46.35 -87.01
C UNK Q 133 3.93 46.91 -88.17
N UNK Q 134 5.24 47.07 -88.01
CA UNK Q 134 6.01 47.98 -88.87
C UNK Q 134 5.81 47.71 -90.36
N UNK Q 135 5.43 48.76 -91.07
CA UNK Q 135 5.51 48.83 -92.52
C UNK Q 135 6.96 49.02 -92.95
N UNK Q 136 7.18 48.99 -94.26
CA UNK Q 136 8.45 49.43 -94.83
C UNK Q 136 8.20 50.14 -96.15
N UNK Q 137 9.13 51.03 -96.50
CA UNK Q 137 8.98 51.85 -97.68
C UNK Q 137 9.23 51.04 -98.95
N UNK Q 138 8.45 51.36 -99.99
CA UNK Q 138 8.62 50.76 -101.31
C UNK Q 138 8.69 51.85 -102.38
N UNK Q 139 9.28 52.99 -102.03
CA UNK Q 139 9.34 54.11 -102.95
C UNK Q 139 10.10 53.73 -104.21
N UNK Q 140 9.71 54.33 -105.33
CA UNK Q 140 10.36 54.07 -106.61
C UNK Q 140 10.12 55.25 -107.52
N UNK Q 141 10.88 55.29 -108.62
CA UNK Q 141 10.63 56.26 -109.67
C UNK Q 141 9.26 56.03 -110.32
N SER R 6 -34.45 -4.94 -22.28
CA SER R 6 -35.61 -4.12 -22.61
C SER R 6 -36.76 -5.00 -23.09
N GLY R 7 -37.98 -4.51 -22.89
CA GLY R 7 -39.17 -5.19 -23.35
C GLY R 7 -39.56 -4.89 -24.77
N TYR R 8 -38.68 -4.30 -25.58
CA TYR R 8 -39.09 -3.61 -26.80
C TYR R 8 -38.20 -4.02 -27.97
N LEU R 9 -38.85 -4.33 -29.09
CA LEU R 9 -38.19 -4.43 -30.40
C LEU R 9 -38.98 -3.64 -31.44
N ASP R 10 -38.28 -2.92 -32.31
CA ASP R 10 -38.90 -2.17 -33.40
C ASP R 10 -38.46 -2.78 -34.73
N ASP R 11 -39.41 -3.37 -35.47
CA ASP R 11 -39.06 -4.04 -36.70
C ASP R 11 -38.81 -3.02 -37.80
N VAL R 12 -38.02 -3.42 -38.78
CA VAL R 12 -37.64 -2.55 -39.89
C VAL R 12 -37.58 -3.37 -41.17
N VAL R 20 -29.65 -13.60 -24.91
CA VAL R 20 -28.74 -13.82 -23.80
C VAL R 20 -28.82 -12.59 -22.90
N ASP R 21 -27.90 -12.47 -21.94
CA ASP R 21 -27.87 -11.32 -21.05
C ASP R 21 -26.43 -10.91 -20.78
N ASN R 22 -26.22 -9.60 -20.71
CA ASN R 22 -24.89 -9.03 -20.72
C ASN R 22 -24.41 -8.68 -19.31
N LEU R 23 -23.11 -8.40 -19.23
CA LEU R 23 -22.51 -8.06 -17.97
C LEU R 23 -23.17 -6.86 -17.33
N GLN R 24 -23.79 -5.99 -18.12
CA GLN R 24 -24.39 -4.81 -17.53
C GLN R 24 -25.61 -5.20 -16.72
N THR R 25 -26.31 -6.23 -17.13
CA THR R 25 -27.45 -6.69 -16.36
C THR R 25 -26.98 -7.48 -15.17
N GLN R 26 -26.07 -8.43 -15.40
CA GLN R 26 -25.62 -9.29 -14.32
C GLN R 26 -25.00 -8.52 -13.16
N VAL R 27 -24.23 -7.47 -13.44
CA VAL R 27 -23.73 -6.65 -12.33
C VAL R 27 -24.87 -5.98 -11.57
N THR R 28 -25.84 -5.41 -12.27
CA THR R 28 -26.86 -4.67 -11.56
C THR R 28 -27.66 -5.60 -10.66
N GLU R 29 -27.83 -6.82 -11.12
CA GLU R 29 -28.57 -7.81 -10.37
C GLU R 29 -27.80 -8.33 -9.18
N ALA R 30 -26.50 -8.61 -9.34
CA ALA R 30 -25.74 -9.07 -8.20
C ALA R 30 -25.55 -7.96 -7.17
N LEU R 31 -25.39 -6.71 -7.59
CA LEU R 31 -25.35 -5.66 -6.58
C LEU R 31 -26.65 -5.59 -5.84
N ASP R 32 -27.76 -5.82 -6.55
CA ASP R 32 -29.05 -5.61 -5.93
C ASP R 32 -29.28 -6.66 -4.88
N LYS R 33 -28.91 -7.89 -5.19
CA LYS R 33 -28.99 -8.98 -4.23
C LYS R 33 -28.07 -8.78 -3.04
N LEU R 34 -26.81 -8.40 -3.29
CA LEU R 34 -25.89 -8.18 -2.18
C LEU R 34 -26.42 -7.15 -1.21
N ALA R 35 -26.90 -6.02 -1.71
CA ALA R 35 -27.23 -4.92 -0.81
C ALA R 35 -28.29 -5.30 0.21
N ALA R 36 -29.03 -6.38 -0.02
CA ALA R 36 -29.97 -6.85 0.99
C ALA R 36 -29.29 -7.44 2.22
N LYS R 37 -28.09 -8.00 2.10
CA LYS R 37 -27.41 -8.61 3.24
C LYS R 37 -25.90 -8.48 3.08
N PRO R 38 -25.37 -7.26 3.29
CA PRO R 38 -23.96 -6.99 3.05
C PRO R 38 -22.95 -7.86 3.77
N SER R 39 -23.34 -8.76 4.65
CA SER R 39 -22.35 -9.52 5.42
C SER R 39 -22.37 -11.01 5.16
N ASP R 40 -22.83 -11.46 3.99
CA ASP R 40 -22.86 -12.89 3.72
C ASP R 40 -21.68 -13.24 2.82
N PRO R 41 -20.78 -14.14 3.24
CA PRO R 41 -19.59 -14.41 2.42
C PRO R 41 -19.88 -15.01 1.06
N ALA R 42 -20.94 -15.78 0.90
CA ALA R 42 -21.21 -16.33 -0.42
C ALA R 42 -21.55 -15.21 -1.39
N LEU R 43 -22.35 -14.25 -0.94
CA LEU R 43 -22.74 -13.16 -1.81
C LEU R 43 -21.57 -12.23 -2.08
N LEU R 44 -20.80 -11.90 -1.05
CA LEU R 44 -19.61 -11.10 -1.29
C LEU R 44 -18.71 -11.77 -2.31
N ALA R 45 -18.39 -13.04 -2.11
CA ALA R 45 -17.50 -13.69 -3.04
C ALA R 45 -18.11 -13.82 -4.43
N ALA R 46 -19.43 -13.80 -4.55
CA ALA R 46 -20.03 -13.80 -5.87
C ALA R 46 -19.96 -12.44 -6.53
N TYR R 47 -19.74 -11.40 -5.76
CA TYR R 47 -19.83 -10.05 -6.31
C TYR R 47 -18.50 -9.48 -6.72
N GLN R 48 -17.45 -9.85 -6.00
CA GLN R 48 -16.09 -9.45 -6.34
C GLN R 48 -15.74 -9.74 -7.79
N SER R 49 -15.97 -10.98 -8.25
CA SER R 49 -15.70 -11.32 -9.63
C SER R 49 -16.63 -10.71 -10.66
N LYS R 50 -17.87 -10.39 -10.31
CA LYS R 50 -18.65 -9.67 -11.31
C LYS R 50 -18.22 -8.22 -11.43
N LEU R 51 -17.89 -7.59 -10.32
CA LEU R 51 -17.46 -6.20 -10.42
C LEU R 51 -16.11 -6.10 -11.11
N SER R 52 -15.25 -7.10 -10.94
CA SER R 52 -13.98 -7.12 -11.65
C SER R 52 -14.17 -7.32 -13.15
N GLU R 53 -15.00 -8.27 -13.54
CA GLU R 53 -15.18 -8.49 -14.97
C GLU R 53 -15.86 -7.30 -15.64
N TYR R 54 -16.74 -6.61 -14.94
CA TYR R 54 -17.34 -5.42 -15.51
C TYR R 54 -16.35 -4.28 -15.66
N ASN R 55 -15.43 -4.15 -14.72
CA ASN R 55 -14.41 -3.12 -14.86
C ASN R 55 -13.50 -3.38 -16.05
N LEU R 56 -13.11 -4.63 -16.25
CA LEU R 56 -12.26 -4.95 -17.39
C LEU R 56 -12.97 -4.76 -18.73
N TYR R 57 -14.21 -5.21 -18.82
CA TYR R 57 -14.95 -5.01 -20.07
C TYR R 57 -15.09 -3.54 -20.39
N ARG R 58 -15.46 -2.74 -19.42
CA ARG R 58 -15.75 -1.35 -19.70
C ARG R 58 -14.51 -0.51 -19.96
N ASN R 59 -13.33 -0.95 -19.52
CA ASN R 59 -12.09 -0.34 -20.00
C ASN R 59 -11.71 -0.75 -21.42
N ALA R 60 -11.72 -2.04 -21.72
CA ALA R 60 -11.30 -2.51 -23.04
C ALA R 60 -12.15 -1.94 -24.17
N GLN R 61 -13.45 -1.79 -23.95
CA GLN R 61 -14.29 -1.21 -24.98
C GLN R 61 -13.86 0.20 -25.33
N SER R 62 -13.72 1.05 -24.33
CA SER R 62 -13.42 2.44 -24.61
C SER R 62 -12.04 2.60 -25.24
N ASN R 63 -11.07 1.83 -24.80
CA ASN R 63 -9.74 1.95 -25.41
C ASN R 63 -9.76 1.58 -26.89
N THR R 64 -10.56 0.61 -27.30
CA THR R 64 -10.50 0.32 -28.73
C THR R 64 -11.33 1.29 -29.57
N VAL R 65 -12.43 1.79 -29.04
CA VAL R 65 -13.11 2.85 -29.78
C VAL R 65 -12.16 4.03 -30.02
N LYS R 66 -11.40 4.40 -29.00
CA LYS R 66 -10.42 5.47 -29.16
C LYS R 66 -9.39 5.17 -30.25
N VAL R 67 -8.93 3.93 -30.35
CA VAL R 67 -7.98 3.63 -31.43
C VAL R 67 -8.58 3.81 -32.82
N PHE R 68 -9.81 3.35 -33.02
CA PHE R 68 -10.38 3.53 -34.36
C PHE R 68 -10.64 4.99 -34.71
N LYS R 69 -10.92 5.83 -33.73
CA LYS R 69 -11.10 7.22 -34.11
C LYS R 69 -9.79 7.90 -34.38
N ASP R 70 -8.72 7.56 -33.67
CA ASP R 70 -7.45 8.20 -34.01
C ASP R 70 -6.95 7.77 -35.38
N ILE R 71 -7.26 6.54 -35.81
CA ILE R 71 -6.93 6.15 -37.18
C ILE R 71 -7.63 7.04 -38.20
N ASP R 72 -8.93 7.25 -38.03
CA ASP R 72 -9.62 8.08 -39.03
C ASP R 72 -9.19 9.54 -39.00
N ALA R 73 -8.88 10.07 -37.81
CA ALA R 73 -8.38 11.43 -37.77
C ALA R 73 -7.04 11.56 -38.48
N ALA R 74 -6.18 10.57 -38.33
CA ALA R 74 -4.89 10.63 -39.03
C ALA R 74 -5.06 10.56 -40.54
N ILE R 75 -6.03 9.78 -41.02
CA ILE R 75 -6.25 9.76 -42.47
C ILE R 75 -6.66 11.12 -42.98
N ILE R 76 -7.65 11.73 -42.32
CA ILE R 76 -8.12 13.03 -42.80
C ILE R 76 -6.99 14.05 -42.76
N GLN R 77 -6.18 14.03 -41.71
CA GLN R 77 -5.09 14.99 -41.65
C GLN R 77 -4.06 14.72 -42.73
N ASN R 78 -3.82 13.46 -43.06
CA ASN R 78 -2.80 13.15 -44.06
C ASN R 78 -3.19 13.63 -45.43
N PHE R 79 -4.48 13.71 -45.72
CA PHE R 79 -4.87 14.24 -47.02
C PHE R 79 -5.18 15.72 -47.00
N ARG R 80 -4.98 16.40 -45.88
CA ARG R 80 -5.24 17.82 -45.84
C ARG R 80 -4.51 18.51 -46.97
N ASP S 21 3.17 -24.23 -25.20
CA ASP S 21 2.40 -23.44 -24.25
C ASP S 21 2.65 -23.93 -22.84
N ASN S 22 3.89 -24.34 -22.60
CA ASN S 22 4.14 -25.23 -21.50
C ASN S 22 3.83 -24.54 -20.17
N LEU S 23 4.34 -23.33 -20.01
CA LEU S 23 4.13 -22.56 -18.80
C LEU S 23 2.68 -22.12 -18.63
N GLN S 24 1.88 -22.12 -19.70
CA GLN S 24 0.44 -21.96 -19.56
C GLN S 24 -0.23 -23.23 -19.03
N THR S 25 0.26 -24.39 -19.45
CA THR S 25 -0.32 -25.64 -18.97
C THR S 25 0.01 -25.93 -17.51
N GLN S 26 1.27 -25.71 -17.14
CA GLN S 26 1.70 -26.00 -15.78
C GLN S 26 0.85 -25.27 -14.75
N VAL S 27 0.50 -24.02 -15.01
CA VAL S 27 -0.25 -23.27 -14.01
C VAL S 27 -1.66 -23.81 -13.85
N THR S 28 -2.27 -24.30 -14.94
CA THR S 28 -3.62 -24.83 -14.78
C THR S 28 -3.59 -26.19 -14.10
N GLU S 29 -2.52 -26.95 -14.28
CA GLU S 29 -2.40 -28.17 -13.50
C GLU S 29 -2.27 -27.88 -12.02
N ALA S 30 -1.32 -27.02 -11.67
CA ALA S 30 -1.12 -26.65 -10.28
C ALA S 30 -2.41 -26.19 -9.65
N LEU S 31 -3.20 -25.42 -10.38
CA LEU S 31 -4.43 -24.90 -9.78
C LEU S 31 -5.40 -26.02 -9.46
N ASP S 32 -5.52 -27.02 -10.32
CA ASP S 32 -6.42 -28.14 -10.01
C ASP S 32 -5.95 -28.89 -8.77
N LYS S 33 -4.67 -29.25 -8.73
CA LYS S 33 -4.18 -29.94 -7.54
C LYS S 33 -4.45 -29.13 -6.28
N LEU S 34 -4.20 -27.83 -6.32
CA LEU S 34 -4.48 -27.01 -5.14
C LEU S 34 -5.97 -27.01 -4.80
N ALA S 35 -6.81 -26.66 -5.76
CA ALA S 35 -8.24 -26.63 -5.51
C ALA S 35 -8.75 -27.94 -4.91
N ALA S 36 -8.07 -29.04 -5.18
CA ALA S 36 -8.47 -30.30 -4.56
C ALA S 36 -8.34 -30.29 -3.04
N LYS S 37 -7.36 -29.58 -2.49
CA LYS S 37 -7.09 -29.59 -1.05
C LYS S 37 -6.45 -28.28 -0.63
N PRO S 38 -7.21 -27.20 -0.64
CA PRO S 38 -6.66 -25.87 -0.39
C PRO S 38 -5.80 -25.66 0.84
N SER S 39 -5.74 -26.59 1.78
CA SER S 39 -4.98 -26.36 3.00
C SER S 39 -3.64 -27.08 3.06
N ASP S 40 -3.32 -27.88 2.07
CA ASP S 40 -2.03 -28.58 2.05
C ASP S 40 -0.87 -27.61 1.82
N PRO S 41 -0.01 -27.37 2.80
CA PRO S 41 1.10 -26.42 2.59
C PRO S 41 2.06 -26.75 1.47
N ALA S 42 2.29 -28.02 1.13
CA ALA S 42 3.19 -28.28 0.02
C ALA S 42 2.59 -27.80 -1.30
N LEU S 43 1.28 -27.96 -1.44
CA LEU S 43 0.63 -27.50 -2.66
C LEU S 43 0.61 -25.99 -2.71
N LEU S 44 0.26 -25.34 -1.59
CA LEU S 44 0.32 -23.89 -1.55
C LEU S 44 1.69 -23.37 -1.95
N ALA S 45 2.75 -23.90 -1.34
CA ALA S 45 4.10 -23.49 -1.68
C ALA S 45 4.41 -23.65 -3.16
N ALA S 46 3.97 -24.74 -3.78
CA ALA S 46 4.21 -24.87 -5.21
C ALA S 46 3.45 -23.84 -6.03
N TYR S 47 2.16 -23.68 -5.75
CA TYR S 47 1.35 -22.76 -6.52
C TYR S 47 1.83 -21.32 -6.42
N GLN S 48 2.24 -20.87 -5.24
CA GLN S 48 2.77 -19.51 -5.15
C GLN S 48 3.82 -19.25 -6.22
N SER S 49 4.77 -20.17 -6.34
CA SER S 49 5.84 -20.02 -7.33
C SER S 49 5.31 -20.02 -8.75
N LYS S 50 4.55 -21.04 -9.12
CA LYS S 50 4.03 -21.09 -10.49
C LYS S 50 3.26 -19.84 -10.88
N LEU S 51 2.38 -19.38 -10.01
CA LEU S 51 1.62 -18.18 -10.32
C LEU S 51 2.50 -16.95 -10.44
N SER S 52 3.51 -16.81 -9.59
CA SER S 52 4.40 -15.66 -9.70
C SER S 52 5.15 -15.66 -11.02
N GLU S 53 5.67 -16.80 -11.43
CA GLU S 53 6.40 -16.87 -12.69
C GLU S 53 5.51 -16.53 -13.86
N TYR S 54 4.34 -17.14 -13.94
CA TYR S 54 3.39 -16.80 -15.00
C TYR S 54 3.11 -15.30 -15.04
N ASN S 55 2.94 -14.71 -13.86
CA ASN S 55 2.66 -13.28 -13.77
C ASN S 55 3.76 -12.43 -14.37
N LEU S 56 5.02 -12.78 -14.14
CA LEU S 56 6.10 -12.02 -14.76
C LEU S 56 6.17 -12.23 -16.26
N TYR S 57 6.02 -13.47 -16.70
CA TYR S 57 6.05 -13.79 -18.12
C TYR S 57 5.06 -12.96 -18.94
N ARG S 58 3.78 -12.97 -18.58
CA ARG S 58 2.80 -12.18 -19.32
C ARG S 58 3.17 -10.71 -19.48
N ASN S 59 3.53 -10.05 -18.38
CA ASN S 59 3.94 -8.65 -18.46
C ASN S 59 5.11 -8.43 -19.41
N ALA S 60 6.16 -9.23 -19.28
CA ALA S 60 7.30 -9.03 -20.18
C ALA S 60 6.91 -9.16 -21.65
N GLN S 61 6.12 -10.17 -21.97
CA GLN S 61 5.69 -10.34 -23.35
C GLN S 61 4.89 -9.15 -23.87
N SER S 62 3.88 -8.74 -23.12
CA SER S 62 3.07 -7.60 -23.58
C SER S 62 3.91 -6.33 -23.78
N ASN S 63 4.81 -6.03 -22.85
CA ASN S 63 5.59 -4.81 -23.00
C ASN S 63 6.49 -4.83 -24.23
N THR S 64 7.14 -5.95 -24.51
CA THR S 64 7.97 -5.95 -25.71
C THR S 64 7.15 -5.89 -27.00
N VAL S 65 6.03 -6.60 -27.06
CA VAL S 65 5.16 -6.44 -28.23
C VAL S 65 4.84 -4.97 -28.48
N LYS S 66 4.49 -4.25 -27.42
CA LYS S 66 4.22 -2.83 -27.57
C LYS S 66 5.40 -2.07 -28.15
N VAL S 67 6.59 -2.22 -27.56
CA VAL S 67 7.76 -1.52 -28.09
C VAL S 67 7.98 -1.80 -29.58
N PHE S 68 7.93 -3.07 -29.97
CA PHE S 68 8.14 -3.39 -31.38
C PHE S 68 7.14 -2.75 -32.31
N LYS S 69 5.91 -2.52 -31.88
CA LYS S 69 5.01 -1.91 -32.85
C LYS S 69 4.90 -0.41 -32.74
N ASP S 70 5.32 0.17 -31.62
CA ASP S 70 5.51 1.61 -31.58
C ASP S 70 6.66 2.05 -32.46
N ILE S 71 7.67 1.22 -32.66
CA ILE S 71 8.72 1.62 -33.59
C ILE S 71 8.23 1.67 -35.03
N ASP S 72 7.43 0.70 -35.45
CA ASP S 72 6.87 0.77 -36.80
C ASP S 72 6.00 2.01 -36.97
N ALA S 73 5.11 2.27 -36.02
CA ALA S 73 4.27 3.44 -36.17
C ALA S 73 5.10 4.73 -36.23
N ALA S 74 6.19 4.81 -35.49
CA ALA S 74 7.01 6.02 -35.58
C ALA S 74 7.73 6.12 -36.90
N ILE S 75 8.06 5.00 -37.53
CA ILE S 75 8.64 5.09 -38.88
C ILE S 75 7.62 5.66 -39.84
N ILE S 76 6.43 5.11 -39.85
CA ILE S 76 5.45 5.59 -40.83
C ILE S 76 5.16 7.07 -40.60
N GLN S 77 4.96 7.46 -39.33
CA GLN S 77 4.79 8.87 -39.03
C GLN S 77 5.96 9.74 -39.45
N ASN S 78 7.14 9.17 -39.65
CA ASN S 78 8.26 10.02 -40.05
C ASN S 78 8.17 10.46 -41.50
N PHE S 79 7.69 9.60 -42.39
CA PHE S 79 7.53 9.96 -43.79
C PHE S 79 6.16 10.49 -44.11
N ARG S 80 5.19 10.24 -43.24
CA ARG S 80 3.83 10.69 -43.45
C ARG S 80 3.72 12.18 -43.19
N ASN T 22 31.76 -9.63 -7.35
CA ASN T 22 30.52 -8.88 -7.46
C ASN T 22 29.59 -9.24 -6.32
N LEU T 23 28.46 -8.55 -6.27
CA LEU T 23 27.41 -8.80 -5.29
C LEU T 23 26.56 -10.03 -5.58
N GLN T 24 26.40 -10.38 -6.85
CA GLN T 24 25.58 -11.53 -7.24
C GLN T 24 26.05 -12.80 -6.55
N THR T 25 27.35 -13.05 -6.57
CA THR T 25 27.87 -14.25 -5.93
C THR T 25 27.74 -14.18 -4.43
N GLN T 26 28.10 -13.06 -3.82
CA GLN T 26 27.97 -12.99 -2.38
C GLN T 26 26.56 -13.31 -1.91
N VAL T 27 25.54 -12.76 -2.58
CA VAL T 27 24.16 -13.10 -2.20
C VAL T 27 23.86 -14.58 -2.43
N THR T 28 24.26 -15.12 -3.58
CA THR T 28 24.02 -16.54 -3.83
C THR T 28 24.63 -17.42 -2.76
N GLU T 29 25.82 -17.09 -2.31
CA GLU T 29 26.45 -17.93 -1.31
C GLU T 29 25.82 -17.74 0.06
N ALA T 30 25.44 -16.52 0.41
CA ALA T 30 24.78 -16.36 1.70
C ALA T 30 23.52 -17.20 1.74
N LEU T 31 22.79 -17.24 0.63
CA LEU T 31 21.61 -18.09 0.54
C LEU T 31 21.95 -19.56 0.72
N ASP T 32 23.02 -20.02 0.06
CA ASP T 32 23.37 -21.44 0.22
C ASP T 32 23.70 -21.79 1.66
N LYS T 33 24.40 -20.91 2.35
CA LYS T 33 24.70 -21.21 3.75
C LYS T 33 23.45 -21.19 4.61
N LEU T 34 22.56 -20.22 4.39
CA LEU T 34 21.32 -20.18 5.15
C LEU T 34 20.48 -21.43 4.97
N ALA T 35 20.22 -21.82 3.73
CA ALA T 35 19.32 -22.95 3.50
C ALA T 35 19.81 -24.23 4.17
N ALA T 36 21.07 -24.28 4.55
CA ALA T 36 21.57 -25.43 5.31
C ALA T 36 21.01 -25.49 6.72
N LYS T 37 20.68 -24.35 7.33
CA LYS T 37 20.25 -24.31 8.74
C LYS T 37 19.36 -23.09 8.98
N PRO T 38 18.19 -23.05 8.38
CA PRO T 38 17.33 -21.86 8.48
C PRO T 38 17.05 -21.32 9.87
N SER T 39 17.33 -22.08 10.92
CA SER T 39 16.99 -21.64 12.28
C SER T 39 18.13 -20.93 13.01
N ASP T 40 19.27 -20.67 12.37
CA ASP T 40 20.39 -20.03 13.04
C ASP T 40 20.33 -18.51 12.96
N PRO T 41 20.05 -17.80 14.05
CA PRO T 41 20.03 -16.34 14.02
C PRO T 41 21.21 -15.66 13.36
N ALA T 42 22.42 -16.13 13.62
CA ALA T 42 23.58 -15.49 13.02
C ALA T 42 23.52 -15.55 11.51
N LEU T 43 23.01 -16.63 10.96
CA LEU T 43 22.86 -16.72 9.51
C LEU T 43 21.74 -15.83 9.01
N LEU T 44 20.65 -15.77 9.75
CA LEU T 44 19.51 -14.95 9.32
C LEU T 44 19.88 -13.48 9.27
N ALA T 45 20.47 -12.96 10.34
CA ALA T 45 20.89 -11.56 10.34
C ALA T 45 21.79 -11.21 9.17
N ALA T 46 22.76 -12.07 8.83
CA ALA T 46 23.61 -11.81 7.68
C ALA T 46 22.82 -11.80 6.37
N TYR T 47 21.86 -12.69 6.24
CA TYR T 47 21.12 -12.74 4.99
C TYR T 47 20.23 -11.53 4.80
N GLN T 48 19.48 -11.15 5.83
CA GLN T 48 18.68 -9.93 5.72
C GLN T 48 19.49 -8.78 5.13
N SER T 49 20.66 -8.49 5.69
CA SER T 49 21.51 -7.42 5.18
C SER T 49 21.92 -7.62 3.72
N LYS T 50 22.39 -8.80 3.37
CA LYS T 50 22.81 -9.00 1.98
C LYS T 50 21.67 -8.83 0.99
N LEU T 51 20.56 -9.52 1.21
CA LEU T 51 19.42 -9.39 0.31
C LEU T 51 18.91 -7.96 0.22
N SER T 52 18.93 -7.21 1.31
CA SER T 52 18.52 -5.81 1.25
C SER T 52 19.41 -5.01 0.32
N GLU T 53 20.72 -5.05 0.54
CA GLU T 53 21.61 -4.31 -0.33
C GLU T 53 21.46 -4.71 -1.79
N TYR T 54 21.34 -5.99 -2.06
CA TYR T 54 21.15 -6.43 -3.44
C TYR T 54 19.90 -5.82 -4.06
N ASN T 55 18.81 -5.78 -3.31
CA ASN T 55 17.58 -5.20 -3.82
C ASN T 55 17.77 -3.73 -4.22
N LEU T 56 18.36 -2.95 -3.33
CA LEU T 56 18.61 -1.55 -3.65
C LEU T 56 19.49 -1.38 -4.88
N TYR T 57 20.61 -2.08 -4.94
CA TYR T 57 21.48 -2.03 -6.10
C TYR T 57 20.73 -2.27 -7.42
N ARG T 58 20.02 -3.38 -7.52
CA ARG T 58 19.28 -3.65 -8.76
C ARG T 58 18.32 -2.54 -9.14
N ASN T 59 17.59 -1.99 -8.16
CA ASN T 59 16.65 -0.93 -8.52
C ASN T 59 17.36 0.33 -9.01
N ALA T 60 18.35 0.81 -8.28
CA ALA T 60 19.08 1.99 -8.71
C ALA T 60 19.65 1.84 -10.12
N GLN T 61 20.24 0.70 -10.40
CA GLN T 61 20.79 0.46 -11.73
C GLN T 61 19.74 0.58 -12.82
N SER T 62 18.65 -0.15 -12.68
CA SER T 62 17.62 -0.09 -13.71
C SER T 62 17.07 1.32 -13.93
N ASN T 63 16.78 2.06 -12.86
CA ASN T 63 16.29 3.43 -13.06
C ASN T 63 17.28 4.32 -13.79
N THR T 64 18.56 4.24 -13.46
CA THR T 64 19.53 5.08 -14.18
C THR T 64 19.61 4.74 -15.65
N VAL T 65 19.65 3.46 -15.98
CA VAL T 65 19.66 3.07 -17.39
C VAL T 65 18.49 3.69 -18.13
N LYS T 66 17.28 3.50 -17.59
CA LYS T 66 16.12 4.09 -18.24
C LYS T 66 16.24 5.60 -18.45
N VAL T 67 16.63 6.34 -17.43
CA VAL T 67 16.80 7.80 -17.59
C VAL T 67 17.70 8.15 -18.78
N PHE T 68 18.89 7.57 -18.84
CA PHE T 68 19.76 7.88 -19.96
C PHE T 68 19.14 7.55 -21.31
N LYS T 69 18.43 6.43 -21.41
CA LYS T 69 17.82 6.14 -22.71
C LYS T 69 16.70 7.12 -23.05
N ASP T 70 15.89 7.54 -22.09
CA ASP T 70 14.90 8.57 -22.39
C ASP T 70 15.52 9.86 -22.89
N ILE T 71 16.64 10.30 -22.33
CA ILE T 71 17.28 11.49 -22.86
C ILE T 71 17.69 11.29 -24.30
N ASP T 72 18.39 10.20 -24.56
CA ASP T 72 18.82 9.89 -25.91
C ASP T 72 17.67 9.90 -26.91
N ALA T 73 16.56 9.25 -26.57
CA ALA T 73 15.38 9.27 -27.44
C ALA T 73 14.83 10.66 -27.65
N ALA T 74 14.77 11.46 -26.60
CA ALA T 74 14.19 12.80 -26.73
C ALA T 74 14.96 13.65 -27.73
N ILE T 75 16.28 13.52 -27.80
CA ILE T 75 17.01 14.32 -28.80
C ILE T 75 16.55 14.01 -30.21
N ILE T 76 16.49 12.73 -30.55
CA ILE T 76 16.01 12.34 -31.88
C ILE T 76 14.60 12.87 -32.11
N GLN T 77 13.68 12.63 -31.19
CA GLN T 77 12.36 13.22 -31.35
C GLN T 77 12.39 14.72 -31.54
N ASN T 78 13.40 15.39 -31.03
CA ASN T 78 13.46 16.84 -31.20
C ASN T 78 13.82 17.23 -32.63
N PHE T 79 14.83 16.60 -33.21
CA PHE T 79 15.15 16.98 -34.59
C PHE T 79 14.29 16.29 -35.63
N ARG T 80 13.70 15.16 -35.34
CA ARG T 80 12.79 14.54 -36.28
C ARG T 80 11.79 15.54 -36.78
N ALA U 2 -3.47 48.28 -5.44
CA ALA U 2 -2.39 48.03 -4.49
C ALA U 2 -1.80 46.65 -4.71
N THR U 3 -0.49 46.53 -4.51
CA THR U 3 0.24 45.33 -4.88
C THR U 3 1.14 44.90 -3.73
N PRO U 4 1.31 43.60 -3.50
CA PRO U 4 2.23 43.17 -2.45
C PRO U 4 3.67 43.49 -2.77
N TRP U 5 4.44 43.69 -1.72
CA TRP U 5 5.84 44.09 -1.85
C TRP U 5 6.65 43.02 -2.55
N SER U 6 7.74 43.46 -3.19
CA SER U 6 8.59 42.54 -3.95
C SER U 6 9.27 41.50 -3.08
N GLY U 7 9.55 41.81 -1.82
CA GLY U 7 10.59 41.10 -1.11
C GLY U 7 11.98 41.52 -1.55
N TYR U 8 12.98 40.93 -0.90
CA TYR U 8 14.38 41.25 -1.14
C TYR U 8 15.19 39.98 -1.02
N LEU U 9 16.21 39.83 -1.86
CA LEU U 9 16.81 38.53 -2.14
C LEU U 9 18.18 38.38 -1.47
N ASP U 10 18.34 37.32 -0.68
CA ASP U 10 19.60 36.98 -0.02
C ASP U 10 20.59 36.23 -0.90
N ASP U 11 20.90 36.77 -2.08
CA ASP U 11 21.50 36.01 -3.17
C ASP U 11 22.67 35.09 -2.77
N VAL U 12 23.61 35.58 -1.96
CA VAL U 12 24.81 34.80 -1.65
C VAL U 12 24.63 33.67 -0.65
N SER U 13 23.63 33.72 0.23
CA SER U 13 23.77 33.04 1.52
C SER U 13 23.68 31.52 1.37
N ALA U 14 22.68 31.04 0.63
CA ALA U 14 22.34 29.62 0.66
C ALA U 14 23.46 28.76 0.10
N LYS U 15 23.97 29.10 -1.09
CA LYS U 15 24.83 28.17 -1.81
C LYS U 15 26.10 27.84 -1.05
N PHE U 16 26.55 28.74 -0.17
CA PHE U 16 27.73 28.49 0.65
C PHE U 16 27.37 28.27 2.10
N ASP U 17 26.08 28.33 2.45
CA ASP U 17 25.59 27.75 3.70
C ASP U 17 25.58 26.22 3.68
N THR U 18 25.77 25.60 2.52
CA THR U 18 25.95 24.15 2.46
C THR U 18 27.13 23.70 3.30
N GLY U 19 26.90 22.67 4.11
CA GLY U 19 27.90 22.15 5.01
C GLY U 19 27.30 21.07 5.87
N VAL U 20 28.16 20.44 6.67
CA VAL U 20 27.75 19.20 7.33
C VAL U 20 26.61 19.48 8.28
N ASP U 21 25.51 18.75 8.09
CA ASP U 21 24.33 18.98 8.89
C ASP U 21 24.53 18.47 10.31
N ASN U 22 23.93 19.18 11.24
CA ASN U 22 23.91 18.73 12.63
C ASN U 22 23.16 17.41 12.73
N LEU U 23 22.09 17.27 11.96
CA LEU U 23 21.14 16.17 12.15
C LEU U 23 21.75 14.80 11.88
N GLN U 24 22.44 14.62 10.75
CA GLN U 24 23.11 13.34 10.54
C GLN U 24 24.17 13.08 11.60
N THR U 25 24.88 14.11 12.02
CA THR U 25 25.93 13.93 13.01
C THR U 25 25.33 13.39 14.30
N GLN U 26 24.24 13.99 14.73
CA GLN U 26 23.55 13.57 15.94
C GLN U 26 22.92 12.20 15.80
N VAL U 27 22.38 11.86 14.64
CA VAL U 27 21.86 10.50 14.48
C VAL U 27 22.96 9.47 14.65
N THR U 28 24.11 9.69 14.04
CA THR U 28 25.18 8.69 14.14
C THR U 28 25.73 8.63 15.56
N GLU U 29 25.81 9.77 16.23
CA GLU U 29 26.24 9.77 17.62
C GLU U 29 25.26 9.02 18.52
N ALA U 30 23.97 9.22 18.34
CA ALA U 30 23.01 8.52 19.18
C ALA U 30 23.07 7.02 18.94
N LEU U 31 23.22 6.61 17.69
CA LEU U 31 23.38 5.19 17.40
C LEU U 31 24.60 4.61 18.09
N ASP U 32 25.71 5.33 18.05
CA ASP U 32 26.91 4.83 18.72
C ASP U 32 26.78 4.78 20.23
N LYS U 33 26.00 5.67 20.83
CA LYS U 33 25.71 5.53 22.25
C LYS U 33 24.82 4.32 22.52
N LEU U 34 23.78 4.11 21.73
CA LEU U 34 22.89 2.98 21.97
C LEU U 34 23.61 1.65 21.82
N ALA U 35 24.42 1.50 20.78
CA ALA U 35 25.05 0.22 20.53
C ALA U 35 25.95 -0.23 21.67
N ALA U 36 26.40 0.70 22.52
CA ALA U 36 27.18 0.32 23.69
C ALA U 36 26.34 -0.36 24.77
N LYS U 37 25.03 -0.13 24.84
CA LYS U 37 24.19 -0.75 25.87
C LYS U 37 22.77 -0.89 25.39
N PRO U 38 22.50 -1.85 24.51
CA PRO U 38 21.22 -1.89 23.82
C PRO U 38 19.98 -2.03 24.71
N SER U 39 20.14 -2.12 26.02
CA SER U 39 19.00 -2.38 26.90
C SER U 39 18.63 -1.21 27.80
N ASP U 40 19.30 -0.08 27.70
CA ASP U 40 18.93 1.07 28.51
C ASP U 40 17.72 1.82 27.96
N PRO U 41 16.59 1.81 28.67
CA PRO U 41 15.41 2.54 28.19
C PRO U 41 15.63 4.02 27.97
N ALA U 42 16.47 4.66 28.77
CA ALA U 42 16.70 6.09 28.59
C ALA U 42 17.38 6.36 27.26
N LEU U 43 18.19 5.44 26.77
CA LEU U 43 18.83 5.64 25.48
C LEU U 43 17.92 5.24 24.34
N LEU U 44 17.15 4.18 24.52
CA LEU U 44 16.19 3.77 23.50
C LEU U 44 15.17 4.88 23.21
N ALA U 45 14.60 5.44 24.27
CA ALA U 45 13.65 6.54 24.09
C ALA U 45 14.24 7.69 23.28
N ALA U 46 15.51 8.01 23.48
CA ALA U 46 16.11 9.09 22.71
C ALA U 46 16.29 8.70 21.25
N TYR U 47 16.84 7.53 21.01
CA TYR U 47 17.08 7.12 19.64
C TYR U 47 15.82 6.94 18.82
N GLN U 48 14.73 6.47 19.40
CA GLN U 48 13.48 6.42 18.65
C GLN U 48 13.12 7.77 18.07
N SER U 49 13.17 8.80 18.90
CA SER U 49 12.83 10.15 18.45
C SER U 49 13.76 10.67 17.37
N LYS U 50 15.06 10.58 17.60
CA LYS U 50 15.99 11.09 16.59
C LYS U 50 15.87 10.38 15.25
N LEU U 51 15.87 9.04 15.26
CA LEU U 51 15.69 8.32 14.00
C LEU U 51 14.40 8.69 13.29
N SER U 52 13.31 8.88 14.02
CA SER U 52 12.07 9.29 13.37
C SER U 52 12.21 10.63 12.67
N GLU U 53 12.71 11.63 13.37
CA GLU U 53 12.91 12.93 12.73
C GLU U 53 13.78 12.83 11.50
N TYR U 54 14.84 12.03 11.55
CA TYR U 54 15.69 11.91 10.37
C TYR U 54 14.96 11.31 9.19
N ASN U 55 14.06 10.36 9.46
CA ASN U 55 13.27 9.80 8.38
C ASN U 55 12.41 10.84 7.69
N LEU U 56 11.67 11.60 8.48
CA LEU U 56 10.81 12.63 7.91
C LEU U 56 11.59 13.66 7.11
N TYR U 57 12.62 14.23 7.71
CA TYR U 57 13.45 15.20 6.99
C TYR U 57 13.94 14.69 5.65
N ARG U 58 14.52 13.50 5.62
CA ARG U 58 15.05 13.01 4.35
C ARG U 58 13.98 12.81 3.28
N ASN U 59 12.81 12.29 3.65
CA ASN U 59 11.74 12.19 2.65
C ASN U 59 11.29 13.56 2.14
N ALA U 60 10.94 14.46 3.05
CA ALA U 60 10.51 15.78 2.62
C ALA U 60 11.49 16.42 1.65
N GLN U 61 12.78 16.27 1.88
CA GLN U 61 13.74 16.85 0.99
C GLN U 61 13.71 16.22 -0.39
N SER U 62 13.78 14.90 -0.45
CA SER U 62 13.73 14.24 -1.75
C SER U 62 12.51 14.64 -2.56
N ASN U 63 11.31 14.57 -1.97
CA ASN U 63 10.12 14.97 -2.72
C ASN U 63 10.16 16.42 -3.17
N THR U 64 10.87 17.27 -2.46
CA THR U 64 10.92 18.66 -2.90
C THR U 64 11.83 18.84 -4.11
N VAL U 65 13.04 18.32 -4.03
CA VAL U 65 13.92 18.35 -5.21
C VAL U 65 13.20 17.81 -6.44
N LYS U 66 12.46 16.72 -6.26
CA LYS U 66 11.74 16.12 -7.39
C LYS U 66 10.73 17.09 -7.99
N VAL U 67 9.96 17.76 -7.14
CA VAL U 67 8.98 18.71 -7.65
C VAL U 67 9.65 19.88 -8.37
N PHE U 68 10.67 20.49 -7.78
CA PHE U 68 11.28 21.62 -8.47
C PHE U 68 11.90 21.25 -9.81
N LYS U 69 12.39 20.04 -9.98
CA LYS U 69 12.96 19.77 -11.29
C LYS U 69 11.93 19.35 -12.34
N ASP U 70 10.80 18.80 -11.93
CA ASP U 70 9.76 18.54 -12.93
C ASP U 70 9.25 19.82 -13.58
N ILE U 71 9.17 20.92 -12.85
CA ILE U 71 8.72 22.19 -13.46
C ILE U 71 9.62 22.59 -14.61
N ASP U 72 10.93 22.48 -14.43
CA ASP U 72 11.88 22.89 -15.47
C ASP U 72 11.83 21.95 -16.67
N ALA U 73 11.74 20.66 -16.43
CA ALA U 73 11.58 19.74 -17.56
C ALA U 73 10.29 20.01 -18.32
N ALA U 74 9.23 20.38 -17.62
CA ALA U 74 7.97 20.69 -18.30
C ALA U 74 8.01 22.00 -19.06
N ILE U 75 8.80 22.97 -18.61
CA ILE U 75 8.94 24.18 -19.42
C ILE U 75 9.66 23.86 -20.71
N ILE U 76 10.83 23.22 -20.61
CA ILE U 76 11.57 23.00 -21.84
C ILE U 76 10.73 22.17 -22.80
N GLN U 77 10.05 21.14 -22.29
CA GLN U 77 9.20 20.37 -23.17
C GLN U 77 8.00 21.15 -23.66
N ASN U 78 7.69 22.30 -23.06
CA ASN U 78 6.63 23.11 -23.62
C ASN U 78 7.10 23.90 -24.81
N PHE U 79 8.37 24.28 -24.84
CA PHE U 79 8.83 25.06 -25.98
C PHE U 79 9.47 24.24 -27.09
N ARG U 80 9.97 23.05 -26.82
CA ARG U 80 10.27 22.17 -27.95
C ARG U 80 9.15 21.19 -28.22
N THR V 3 -6.28 31.34 -2.87
CA THR V 3 -6.17 32.52 -3.72
C THR V 3 -7.57 33.05 -4.05
N PRO V 4 -7.77 34.35 -3.94
CA PRO V 4 -9.12 34.89 -4.12
C PRO V 4 -9.47 35.02 -5.60
N TRP V 5 -10.73 34.75 -5.91
CA TRP V 5 -11.31 35.14 -7.18
C TRP V 5 -11.60 36.65 -7.13
N SER V 6 -10.85 37.42 -7.91
CA SER V 6 -10.86 38.87 -7.79
C SER V 6 -12.24 39.45 -8.05
N GLY V 7 -12.78 40.17 -7.07
CA GLY V 7 -14.05 40.85 -7.19
C GLY V 7 -15.26 40.07 -6.72
N TYR V 8 -15.11 38.78 -6.44
CA TYR V 8 -16.24 38.01 -5.95
C TYR V 8 -16.57 38.40 -4.51
N LEU V 9 -17.83 38.74 -4.28
CA LEU V 9 -18.32 38.90 -2.93
C LEU V 9 -18.46 37.53 -2.27
N ASP V 10 -17.93 37.40 -1.05
CA ASP V 10 -17.57 36.10 -0.48
C ASP V 10 -16.68 35.33 -1.43
N ASP V 21 -9.11 26.42 14.05
CA ASP V 21 -7.78 26.44 14.66
C ASP V 21 -7.88 26.06 16.11
N ASN V 22 -9.11 25.77 16.56
CA ASN V 22 -9.31 25.44 17.96
C ASN V 22 -8.84 24.03 18.29
N LEU V 23 -9.04 23.09 17.38
CA LEU V 23 -8.66 21.71 17.66
C LEU V 23 -7.18 21.59 17.97
N GLN V 24 -6.35 22.45 17.40
CA GLN V 24 -4.91 22.44 17.69
C GLN V 24 -4.62 22.84 19.13
N THR V 25 -5.29 23.88 19.61
CA THR V 25 -5.11 24.31 20.98
C THR V 25 -5.69 23.30 21.95
N GLN V 26 -6.81 22.72 21.59
CA GLN V 26 -7.44 21.72 22.44
C GLN V 26 -6.54 20.49 22.62
N VAL V 27 -5.93 20.00 21.55
CA VAL V 27 -5.00 18.89 21.70
C VAL V 27 -3.78 19.28 22.52
N THR V 28 -3.25 20.49 22.31
CA THR V 28 -2.10 20.91 23.11
C THR V 28 -2.44 20.93 24.59
N GLU V 29 -3.57 21.53 24.93
CA GLU V 29 -4.02 21.57 26.31
C GLU V 29 -4.16 20.17 26.91
N ALA V 30 -4.82 19.27 26.21
CA ALA V 30 -5.00 17.94 26.80
C ALA V 30 -3.66 17.25 27.00
N LEU V 31 -2.73 17.43 26.07
CA LEU V 31 -1.40 16.88 26.27
C LEU V 31 -0.74 17.42 27.53
N ASP V 32 -0.81 18.73 27.74
CA ASP V 32 -0.20 19.30 28.95
C ASP V 32 -0.84 18.79 30.24
N LYS V 33 -2.15 18.61 30.27
CA LYS V 33 -2.75 18.01 31.46
C LYS V 33 -2.27 16.59 31.68
N LEU V 34 -2.30 15.77 30.63
CA LEU V 34 -1.89 14.38 30.75
C LEU V 34 -0.45 14.25 31.21
N ALA V 35 0.47 14.98 30.57
CA ALA V 35 1.88 14.89 30.94
C ALA V 35 2.13 15.08 32.43
N ALA V 36 1.28 15.81 33.13
CA ALA V 36 1.48 16.01 34.55
C ALA V 36 1.16 14.79 35.40
N LYS V 37 0.28 13.90 34.95
CA LYS V 37 -0.15 12.74 35.74
C LYS V 37 -0.54 11.62 34.80
N PRO V 38 0.46 10.98 34.17
CA PRO V 38 0.16 9.95 33.15
C PRO V 38 -0.67 8.78 33.63
N SER V 39 -0.95 8.63 34.91
CA SER V 39 -1.67 7.46 35.38
C SER V 39 -3.14 7.72 35.67
N ASP V 40 -3.64 8.91 35.42
CA ASP V 40 -5.06 9.19 35.64
C ASP V 40 -5.96 8.64 34.53
N PRO V 41 -6.81 7.66 34.82
CA PRO V 41 -7.69 7.13 33.78
C PRO V 41 -8.58 8.16 33.10
N ALA V 42 -8.94 9.25 33.78
CA ALA V 42 -9.82 10.21 33.14
C ALA V 42 -9.05 11.08 32.15
N LEU V 43 -7.80 11.38 32.46
CA LEU V 43 -7.00 12.17 31.55
C LEU V 43 -6.62 11.33 30.35
N LEU V 44 -6.42 10.03 30.56
CA LEU V 44 -6.12 9.14 29.44
C LEU V 44 -7.30 9.01 28.51
N ALA V 45 -8.47 8.70 29.06
CA ALA V 45 -9.67 8.61 28.23
C ALA V 45 -9.93 9.90 27.45
N ALA V 46 -9.67 11.07 28.03
CA ALA V 46 -9.89 12.30 27.28
C ALA V 46 -8.88 12.47 26.15
N TYR V 47 -7.60 12.27 26.46
CA TYR V 47 -6.58 12.44 25.44
C TYR V 47 -6.76 11.50 24.25
N GLN V 48 -7.14 10.25 24.51
CA GLN V 48 -7.39 9.34 23.40
C GLN V 48 -8.36 9.92 22.38
N SER V 49 -9.43 10.55 22.83
CA SER V 49 -10.41 11.10 21.90
C SER V 49 -9.87 12.32 21.18
N LYS V 50 -9.25 13.25 21.90
CA LYS V 50 -8.74 14.43 21.22
C LYS V 50 -7.73 14.07 20.15
N LEU V 51 -6.80 13.18 20.48
CA LEU V 51 -5.80 12.77 19.50
C LEU V 51 -6.40 12.04 18.31
N SER V 52 -7.42 11.19 18.53
CA SER V 52 -8.01 10.52 17.38
C SER V 52 -8.70 11.50 16.43
N GLU V 53 -9.43 12.47 16.97
CA GLU V 53 -10.09 13.43 16.10
C GLU V 53 -9.08 14.29 15.35
N TYR V 54 -8.07 14.79 16.04
CA TYR V 54 -7.04 15.58 15.36
C TYR V 54 -6.42 14.80 14.21
N ASN V 55 -6.10 13.52 14.43
CA ASN V 55 -5.53 12.72 13.36
C ASN V 55 -6.44 12.65 12.13
N LEU V 56 -7.71 12.36 12.33
CA LEU V 56 -8.62 12.30 11.19
C LEU V 56 -8.73 13.63 10.46
N TYR V 57 -8.84 14.72 11.21
CA TYR V 57 -8.89 16.04 10.62
C TYR V 57 -7.72 16.31 9.70
N ARG V 58 -6.49 16.16 10.19
CA ARG V 58 -5.34 16.41 9.33
C ARG V 58 -5.32 15.55 8.08
N ASN V 59 -5.72 14.30 8.17
CA ASN V 59 -5.70 13.48 6.97
C ASN V 59 -6.72 13.93 5.92
N ALA V 60 -7.98 14.08 6.33
CA ALA V 60 -8.98 14.57 5.39
C ALA V 60 -8.57 15.87 4.72
N GLN V 61 -8.01 16.79 5.48
CA GLN V 61 -7.56 18.04 4.89
C GLN V 61 -6.55 17.81 3.79
N SER V 62 -5.46 17.11 4.08
CA SER V 62 -4.40 17.05 3.09
C SER V 62 -4.81 16.27 1.86
N ASN V 63 -5.66 15.25 1.99
CA ASN V 63 -6.19 14.61 0.79
C ASN V 63 -6.99 15.58 -0.07
N THR V 64 -7.85 16.40 0.54
CA THR V 64 -8.61 17.34 -0.28
C THR V 64 -7.73 18.36 -1.00
N VAL V 65 -6.72 18.89 -0.32
CA VAL V 65 -5.82 19.84 -0.98
C VAL V 65 -5.08 19.23 -2.15
N LYS V 66 -4.74 17.95 -2.07
CA LYS V 66 -4.16 17.32 -3.25
C LYS V 66 -5.16 17.17 -4.38
N VAL V 67 -6.39 16.75 -4.07
CA VAL V 67 -7.37 16.58 -5.15
C VAL V 67 -7.60 17.88 -5.92
N PHE V 68 -7.64 19.02 -5.25
CA PHE V 68 -7.77 20.26 -6.00
C PHE V 68 -6.53 20.61 -6.80
N LYS V 69 -5.34 20.40 -6.24
CA LYS V 69 -4.16 20.62 -7.06
C LYS V 69 -4.24 19.82 -8.35
N ASP V 70 -4.59 18.54 -8.25
CA ASP V 70 -4.57 17.69 -9.43
C ASP V 70 -5.63 18.04 -10.45
N ILE V 71 -6.72 18.67 -10.04
CA ILE V 71 -7.67 19.11 -11.05
C ILE V 71 -7.14 20.33 -11.79
N ASP V 72 -6.60 21.29 -11.08
CA ASP V 72 -6.02 22.44 -11.77
C ASP V 72 -4.89 22.03 -12.73
N ALA V 73 -4.02 21.13 -12.29
CA ALA V 73 -2.96 20.66 -13.18
C ALA V 73 -3.50 19.95 -14.41
N ALA V 74 -4.53 19.12 -14.26
CA ALA V 74 -5.09 18.46 -15.43
C ALA V 74 -5.68 19.46 -16.41
N ILE V 75 -6.34 20.50 -15.89
CA ILE V 75 -6.88 21.50 -16.81
C ILE V 75 -5.76 22.15 -17.61
N ILE V 76 -4.74 22.62 -16.94
CA ILE V 76 -3.67 23.30 -17.67
C ILE V 76 -3.04 22.37 -18.69
N GLN V 77 -2.75 21.14 -18.27
CA GLN V 77 -2.09 20.19 -19.16
C GLN V 77 -2.97 19.80 -20.34
N ASN V 78 -4.27 20.06 -20.27
CA ASN V 78 -5.12 19.75 -21.41
C ASN V 78 -4.94 20.74 -22.56
N PHE V 79 -4.72 22.01 -22.25
CA PHE V 79 -4.51 23.04 -23.26
C PHE V 79 -3.06 23.29 -23.56
N ARG V 80 -2.16 22.84 -22.68
CA ARG V 80 -0.74 22.97 -22.88
C ARG V 80 -0.24 21.98 -23.90
N SER W 6 -27.94 15.27 -7.93
CA SER W 6 -28.06 13.81 -7.97
C SER W 6 -26.95 13.21 -8.82
N GLY W 7 -27.13 11.96 -9.21
CA GLY W 7 -26.21 11.30 -10.10
C GLY W 7 -26.20 9.81 -9.87
N TYR W 8 -25.53 9.11 -10.78
CA TYR W 8 -25.49 7.66 -10.71
C TYR W 8 -24.70 7.18 -9.51
N LEU W 9 -23.62 7.87 -9.15
CA LEU W 9 -22.84 7.44 -8.01
C LEU W 9 -23.60 7.61 -6.70
N ASP W 10 -24.48 8.60 -6.63
CA ASP W 10 -25.42 8.68 -5.53
C ASP W 10 -26.51 7.61 -5.63
N ASP W 11 -26.87 7.21 -6.84
CA ASP W 11 -27.79 6.08 -6.97
C ASP W 11 -27.19 4.79 -6.41
N VAL W 12 -25.94 4.54 -6.73
CA VAL W 12 -25.24 3.39 -6.14
C VAL W 12 -25.12 3.53 -4.63
N SER W 13 -24.75 4.70 -4.14
CA SER W 13 -24.69 4.89 -2.70
C SER W 13 -26.03 4.62 -2.04
N ALA W 14 -27.12 5.11 -2.63
CA ALA W 14 -28.45 4.93 -2.07
C ALA W 14 -28.92 3.49 -2.14
N LYS W 15 -28.47 2.73 -3.12
CA LYS W 15 -28.90 1.35 -3.22
C LYS W 15 -28.49 0.51 -2.02
N PHE W 16 -27.49 0.95 -1.25
CA PHE W 16 -27.21 0.34 0.04
C PHE W 16 -28.17 0.81 1.12
N ASP W 17 -28.38 2.13 1.21
CA ASP W 17 -29.14 2.67 2.33
C ASP W 17 -30.59 2.28 2.28
N THR W 18 -31.13 2.02 1.10
CA THR W 18 -32.45 1.40 1.01
C THR W 18 -32.39 -0.10 1.17
N GLY W 19 -31.19 -0.66 1.32
CA GLY W 19 -31.00 -2.07 1.52
C GLY W 19 -31.00 -2.44 2.99
N VAL W 20 -30.27 -1.66 3.78
CA VAL W 20 -30.27 -1.82 5.24
C VAL W 20 -31.31 -0.86 5.81
N ASP W 21 -32.53 -1.37 5.96
CA ASP W 21 -33.69 -0.58 6.36
C ASP W 21 -33.47 0.27 7.60
N ASN W 22 -33.02 -0.33 8.68
CA ASN W 22 -33.10 0.29 9.99
C ASN W 22 -31.80 0.27 10.80
N LEU W 23 -30.78 -0.45 10.33
CA LEU W 23 -29.51 -0.57 11.01
C LEU W 23 -29.02 0.77 11.56
N GLN W 24 -29.06 1.81 10.74
CA GLN W 24 -28.59 3.12 11.19
C GLN W 24 -29.21 3.54 12.51
N THR W 25 -30.47 3.19 12.73
CA THR W 25 -31.11 3.48 14.01
C THR W 25 -30.74 2.46 15.08
N GLN W 26 -31.00 1.19 14.78
CA GLN W 26 -30.67 0.13 15.72
C GLN W 26 -29.34 0.30 16.43
N VAL W 27 -28.26 0.58 15.69
CA VAL W 27 -26.96 0.74 16.34
C VAL W 27 -26.98 1.78 17.46
N THR W 28 -27.52 2.97 17.19
CA THR W 28 -27.56 3.99 18.22
C THR W 28 -28.46 3.60 19.38
N GLU W 29 -29.54 2.90 19.10
CA GLU W 29 -30.43 2.49 20.17
C GLU W 29 -29.76 1.47 21.08
N ALA W 30 -29.10 0.48 20.50
CA ALA W 30 -28.35 -0.50 21.28
C ALA W 30 -27.24 0.17 22.09
N LEU W 31 -26.56 1.14 21.50
CA LEU W 31 -25.56 1.89 22.24
C LEU W 31 -26.14 2.57 23.47
N ASP W 32 -27.27 3.25 23.32
CA ASP W 32 -27.89 3.87 24.48
C ASP W 32 -28.24 2.87 25.57
N LYS W 33 -28.82 1.73 25.20
CA LYS W 33 -29.09 0.72 26.21
C LYS W 33 -27.83 0.27 26.92
N LEU W 34 -26.83 -0.17 26.16
CA LEU W 34 -25.57 -0.59 26.78
C LEU W 34 -24.98 0.49 27.68
N ALA W 35 -24.91 1.72 27.19
CA ALA W 35 -24.39 2.80 28.03
C ALA W 35 -25.17 2.92 29.33
N ALA W 36 -26.42 2.50 29.34
CA ALA W 36 -27.18 2.56 30.59
C ALA W 36 -26.71 1.52 31.60
N LYS W 37 -26.22 0.36 31.15
CA LYS W 37 -25.80 -0.72 32.05
C LYS W 37 -24.63 -1.47 31.42
N PRO W 38 -23.47 -0.85 31.36
CA PRO W 38 -22.30 -1.44 30.69
C PRO W 38 -21.91 -2.87 31.07
N SER W 39 -22.50 -3.48 32.08
CA SER W 39 -22.04 -4.78 32.55
C SER W 39 -23.04 -5.90 32.33
N ASP W 40 -24.08 -5.69 31.53
CA ASP W 40 -25.03 -6.75 31.22
C ASP W 40 -24.57 -7.57 30.01
N PRO W 41 -24.19 -8.84 30.19
CA PRO W 41 -23.77 -9.62 29.03
C PRO W 41 -24.83 -9.77 27.95
N ALA W 42 -26.11 -9.72 28.32
CA ALA W 42 -27.14 -9.81 27.30
C ALA W 42 -27.08 -8.63 26.36
N LEU W 43 -26.86 -7.44 26.89
CA LEU W 43 -26.71 -6.24 26.08
C LEU W 43 -25.43 -6.28 25.27
N LEU W 44 -24.31 -6.57 25.92
CA LEU W 44 -23.03 -6.67 25.22
C LEU W 44 -23.11 -7.56 23.99
N ALA W 45 -23.63 -8.77 24.16
CA ALA W 45 -23.71 -9.69 23.02
C ALA W 45 -24.45 -9.10 21.84
N ALA W 46 -25.54 -8.38 22.07
CA ALA W 46 -26.26 -7.77 20.94
C ALA W 46 -25.45 -6.64 20.30
N TYR W 47 -24.83 -5.81 21.13
CA TYR W 47 -24.08 -4.70 20.56
C TYR W 47 -22.92 -5.16 19.69
N GLN W 48 -22.21 -6.21 20.10
CA GLN W 48 -21.13 -6.71 19.26
C GLN W 48 -21.62 -7.02 17.84
N SER W 49 -22.73 -7.73 17.72
CA SER W 49 -23.29 -8.04 16.41
C SER W 49 -23.63 -6.79 15.62
N LYS W 50 -24.47 -5.92 16.17
CA LYS W 50 -24.86 -4.74 15.42
C LYS W 50 -23.68 -3.89 14.99
N LEU W 51 -22.73 -3.66 15.88
CA LEU W 51 -21.55 -2.88 15.50
C LEU W 51 -20.78 -3.53 14.36
N SER W 52 -20.59 -4.85 14.41
CA SER W 52 -19.89 -5.50 13.31
C SER W 52 -20.63 -5.33 11.98
N GLU W 53 -21.95 -5.56 12.00
CA GLU W 53 -22.72 -5.41 10.77
C GLU W 53 -22.64 -4.00 10.21
N TYR W 54 -22.43 -3.02 11.06
CA TYR W 54 -22.28 -1.65 10.61
C TYR W 54 -20.93 -1.43 9.95
N ASN W 55 -19.87 -1.78 10.66
CA ASN W 55 -18.53 -1.68 10.10
C ASN W 55 -18.43 -2.27 8.71
N LEU W 56 -19.00 -3.46 8.52
CA LEU W 56 -18.96 -4.08 7.19
C LEU W 56 -19.78 -3.32 6.16
N TYR W 57 -20.97 -2.86 6.53
CA TYR W 57 -21.79 -2.15 5.57
C TYR W 57 -21.07 -0.90 5.05
N ARG W 58 -20.50 -0.12 5.95
CA ARG W 58 -19.84 1.12 5.54
C ARG W 58 -18.58 0.89 4.70
N ASN W 59 -17.82 -0.16 5.00
CA ASN W 59 -16.67 -0.47 4.13
C ASN W 59 -17.06 -0.92 2.73
N ALA W 60 -18.04 -1.82 2.62
CA ALA W 60 -18.44 -2.25 1.28
C ALA W 60 -18.99 -1.10 0.45
N GLN W 61 -19.79 -0.24 1.07
CA GLN W 61 -20.31 0.91 0.35
C GLN W 61 -19.17 1.77 -0.20
N SER W 62 -18.24 2.16 0.65
CA SER W 62 -17.23 3.10 0.19
C SER W 62 -16.34 2.52 -0.90
N ASN W 63 -15.93 1.27 -0.79
CA ASN W 63 -15.11 0.71 -1.87
C ASN W 63 -15.85 0.60 -3.19
N THR W 64 -17.14 0.31 -3.16
CA THR W 64 -17.86 0.26 -4.43
C THR W 64 -17.96 1.64 -5.09
N VAL W 65 -18.25 2.67 -4.31
CA VAL W 65 -18.30 4.00 -4.91
C VAL W 65 -16.96 4.38 -5.52
N LYS W 66 -15.88 4.02 -4.85
CA LYS W 66 -14.55 4.28 -5.41
C LYS W 66 -14.36 3.63 -6.78
N VAL W 67 -14.80 2.38 -6.94
CA VAL W 67 -14.58 1.69 -8.22
C VAL W 67 -15.39 2.33 -9.34
N PHE W 68 -16.66 2.61 -9.12
CA PHE W 68 -17.41 3.26 -10.19
C PHE W 68 -16.90 4.65 -10.53
N LYS W 69 -16.34 5.36 -9.56
CA LYS W 69 -15.72 6.62 -9.88
C LYS W 69 -14.54 6.44 -10.82
N ASP W 70 -13.74 5.41 -10.60
CA ASP W 70 -12.60 5.22 -11.49
C ASP W 70 -12.99 4.78 -12.89
N ILE W 71 -14.07 4.02 -13.04
CA ILE W 71 -14.55 3.70 -14.38
C ILE W 71 -14.95 4.96 -15.14
N ASP W 72 -15.67 5.87 -14.48
CA ASP W 72 -16.07 7.05 -15.22
C ASP W 72 -14.89 7.95 -15.51
N ALA W 73 -13.95 8.08 -14.59
CA ALA W 73 -12.83 8.95 -14.85
C ALA W 73 -11.97 8.43 -16.00
N ALA W 74 -11.96 7.12 -16.23
CA ALA W 74 -11.27 6.60 -17.42
C ALA W 74 -12.00 6.96 -18.71
N ILE W 75 -13.31 6.77 -18.74
CA ILE W 75 -14.04 7.07 -19.98
C ILE W 75 -13.95 8.55 -20.34
N ILE W 76 -14.05 9.43 -19.36
CA ILE W 76 -14.00 10.85 -19.70
C ILE W 76 -12.63 11.26 -20.21
N GLN W 77 -11.60 10.47 -19.95
CA GLN W 77 -10.31 10.79 -20.56
C GLN W 77 -10.26 10.27 -21.97
N ASN W 78 -10.81 9.09 -22.20
CA ASN W 78 -10.82 8.63 -23.59
C ASN W 78 -11.76 9.44 -24.46
N PHE W 79 -12.49 10.41 -23.94
CA PHE W 79 -13.23 11.26 -24.89
C PHE W 79 -12.29 12.03 -25.79
N ARG W 80 -11.09 12.36 -25.32
CA ARG W 80 -10.22 13.28 -26.02
C ARG W 80 -9.95 12.77 -27.42
N TRP X 5 -24.52 -16.54 -17.85
CA TRP X 5 -23.41 -16.72 -18.78
C TRP X 5 -22.24 -15.82 -18.37
N SER X 6 -21.03 -16.39 -18.31
CA SER X 6 -20.02 -15.90 -17.39
C SER X 6 -18.63 -15.90 -18.01
N GLY X 7 -17.76 -15.15 -17.36
CA GLY X 7 -16.41 -14.88 -17.81
C GLY X 7 -15.44 -15.95 -17.36
N TYR X 8 -14.17 -15.56 -17.24
CA TYR X 8 -13.13 -16.49 -16.85
C TYR X 8 -12.70 -16.36 -15.40
N LEU X 9 -13.03 -15.26 -14.74
CA LEU X 9 -12.83 -15.20 -13.30
C LEU X 9 -13.90 -15.96 -12.55
N ASP X 10 -15.03 -16.20 -13.18
CA ASP X 10 -15.97 -17.16 -12.64
C ASP X 10 -15.53 -18.59 -12.86
N ASP X 11 -14.89 -18.91 -13.97
CA ASP X 11 -14.30 -20.24 -14.07
C ASP X 11 -13.27 -20.47 -13.00
N VAL X 12 -12.60 -19.40 -12.57
CA VAL X 12 -11.55 -19.61 -11.58
C VAL X 12 -12.11 -19.70 -10.17
N SER X 13 -13.15 -18.93 -9.84
CA SER X 13 -13.83 -19.18 -8.58
C SER X 13 -14.48 -20.55 -8.54
N ALA X 14 -15.19 -20.92 -9.59
CA ALA X 14 -15.86 -22.20 -9.58
C ALA X 14 -14.91 -23.38 -9.49
N LYS X 15 -13.64 -23.20 -9.87
CA LYS X 15 -12.73 -24.33 -9.63
C LYS X 15 -12.53 -24.61 -8.15
N PHE X 16 -12.62 -23.61 -7.29
CA PHE X 16 -12.62 -23.88 -5.86
C PHE X 16 -13.96 -24.43 -5.40
N ASP X 17 -15.05 -23.83 -5.88
CA ASP X 17 -16.33 -24.24 -5.33
C ASP X 17 -16.68 -25.67 -5.70
N THR X 18 -16.27 -26.14 -6.87
CA THR X 18 -16.38 -27.56 -7.17
C THR X 18 -15.21 -28.37 -6.66
N GLY X 19 -14.15 -27.73 -6.17
CA GLY X 19 -13.02 -28.50 -5.72
C GLY X 19 -13.26 -29.03 -4.33
N VAL X 20 -13.72 -28.16 -3.43
CA VAL X 20 -14.06 -28.56 -2.06
C VAL X 20 -15.52 -29.00 -2.04
N ASP X 21 -15.75 -30.29 -2.24
CA ASP X 21 -17.04 -30.76 -2.75
C ASP X 21 -18.20 -30.20 -1.95
N ASN X 22 -18.14 -30.32 -0.62
CA ASN X 22 -19.30 -30.26 0.23
C ASN X 22 -19.13 -29.34 1.42
N LEU X 23 -17.92 -28.81 1.62
CA LEU X 23 -17.59 -28.08 2.83
C LEU X 23 -18.62 -27.00 3.12
N GLN X 24 -19.10 -26.35 2.07
CA GLN X 24 -20.02 -25.24 2.26
C GLN X 24 -21.25 -25.63 3.05
N THR X 25 -21.75 -26.85 2.87
CA THR X 25 -22.84 -27.32 3.71
C THR X 25 -22.35 -27.92 5.01
N GLN X 26 -21.23 -28.63 4.96
CA GLN X 26 -20.75 -29.30 6.17
C GLN X 26 -20.58 -28.31 7.31
N VAL X 27 -20.15 -27.09 7.02
CA VAL X 27 -20.03 -26.09 8.07
C VAL X 27 -21.37 -25.79 8.74
N THR X 28 -22.38 -25.52 7.94
CA THR X 28 -23.68 -25.21 8.50
C THR X 28 -24.21 -26.36 9.35
N GLU X 29 -24.01 -27.58 8.87
CA GLU X 29 -24.42 -28.76 9.64
C GLU X 29 -23.71 -28.79 11.00
N ALA X 30 -22.39 -28.70 10.98
CA ALA X 30 -21.63 -28.70 12.23
C ALA X 30 -22.13 -27.64 13.19
N LEU X 31 -22.42 -26.45 12.69
CA LEU X 31 -22.95 -25.41 13.56
C LEU X 31 -24.32 -25.76 14.10
N ASP X 32 -25.18 -26.37 13.29
CA ASP X 32 -26.48 -26.79 13.78
C ASP X 32 -26.36 -27.80 14.91
N LYS X 33 -25.37 -28.68 14.84
CA LYS X 33 -25.20 -29.65 15.92
C LYS X 33 -24.59 -29.02 17.15
N LEU X 34 -23.53 -28.22 16.99
CA LEU X 34 -22.91 -27.60 18.15
C LEU X 34 -23.86 -26.67 18.88
N ALA X 35 -24.61 -25.86 18.16
CA ALA X 35 -25.55 -24.95 18.82
C ALA X 35 -26.45 -25.67 19.81
N ALA X 36 -26.79 -26.93 19.53
CA ALA X 36 -27.64 -27.70 20.43
C ALA X 36 -26.97 -28.13 21.73
N LYS X 37 -25.64 -28.24 21.79
CA LYS X 37 -24.96 -28.77 22.97
C LYS X 37 -23.55 -28.20 23.06
N PRO X 38 -23.42 -26.90 23.27
CA PRO X 38 -22.09 -26.27 23.28
C PRO X 38 -21.04 -26.93 24.16
N SER X 39 -21.43 -27.57 25.26
CA SER X 39 -20.47 -28.13 26.20
C SER X 39 -19.92 -29.49 25.79
N ASP X 40 -20.13 -29.96 24.56
CA ASP X 40 -19.65 -31.27 24.16
C ASP X 40 -18.29 -31.19 23.49
N PRO X 41 -17.23 -31.75 24.08
CA PRO X 41 -15.90 -31.63 23.48
C PRO X 41 -15.74 -32.32 22.14
N ALA X 42 -16.55 -33.30 21.79
CA ALA X 42 -16.36 -33.92 20.48
C ALA X 42 -16.90 -33.02 19.40
N LEU X 43 -17.98 -32.32 19.70
CA LEU X 43 -18.54 -31.37 18.77
C LEU X 43 -17.62 -30.17 18.62
N LEU X 44 -17.12 -29.66 19.75
CA LEU X 44 -16.19 -28.55 19.68
C LEU X 44 -14.97 -28.90 18.85
N ALA X 45 -14.38 -30.06 19.09
CA ALA X 45 -13.22 -30.48 18.31
C ALA X 45 -13.52 -30.60 16.83
N ALA X 46 -14.71 -31.04 16.47
CA ALA X 46 -15.05 -31.11 15.04
C ALA X 46 -15.22 -29.72 14.43
N TYR X 47 -15.96 -28.86 15.10
CA TYR X 47 -16.20 -27.54 14.56
C TYR X 47 -14.92 -26.75 14.37
N GLN X 48 -13.97 -26.84 15.29
CA GLN X 48 -12.72 -26.09 15.07
C GLN X 48 -12.09 -26.42 13.72
N SER X 49 -12.09 -27.70 13.35
CA SER X 49 -11.50 -28.10 12.08
C SER X 49 -12.28 -27.56 10.90
N LYS X 50 -13.59 -27.73 10.91
CA LYS X 50 -14.37 -27.24 9.78
C LYS X 50 -14.25 -25.74 9.61
N LEU X 51 -14.37 -24.98 10.69
CA LEU X 51 -14.31 -23.53 10.54
C LEU X 51 -12.95 -23.05 10.07
N SER X 52 -11.87 -23.68 10.53
CA SER X 52 -10.55 -23.27 10.04
C SER X 52 -10.39 -23.56 8.56
N GLU X 53 -10.78 -24.77 8.15
CA GLU X 53 -10.70 -25.15 6.75
C GLU X 53 -11.48 -24.19 5.87
N TYR X 54 -12.64 -23.76 6.32
CA TYR X 54 -13.45 -22.82 5.55
C TYR X 54 -12.79 -21.46 5.44
N ASN X 55 -12.21 -20.98 6.53
CA ASN X 55 -11.50 -19.71 6.49
C ASN X 55 -10.39 -19.68 5.46
N LEU X 56 -9.61 -20.76 5.38
CA LEU X 56 -8.54 -20.80 4.37
C LEU X 56 -9.10 -20.88 2.96
N TYR X 57 -10.05 -21.77 2.73
CA TYR X 57 -10.74 -21.81 1.44
C TYR X 57 -11.11 -20.42 0.92
N ARG X 58 -11.82 -19.63 1.70
CA ARG X 58 -12.21 -18.30 1.24
C ARG X 58 -11.04 -17.36 0.99
N ASN X 59 -10.03 -17.36 1.86
CA ASN X 59 -8.89 -16.49 1.58
C ASN X 59 -8.15 -16.84 0.30
N ALA X 60 -7.84 -18.11 0.08
CA ALA X 60 -7.15 -18.49 -1.13
C ALA X 60 -7.95 -18.16 -2.38
N GLN X 61 -9.26 -18.34 -2.33
CA GLN X 61 -10.09 -17.99 -3.48
C GLN X 61 -10.00 -16.51 -3.80
N SER X 62 -10.16 -15.66 -2.79
CA SER X 62 -10.20 -14.24 -3.10
C SER X 62 -8.84 -13.69 -3.55
N ASN X 63 -7.74 -14.12 -2.94
CA ASN X 63 -6.46 -13.65 -3.42
C ASN X 63 -6.11 -14.11 -4.82
N THR X 64 -6.56 -15.31 -5.23
CA THR X 64 -6.31 -15.71 -6.60
C THR X 64 -7.09 -14.87 -7.60
N VAL X 65 -8.35 -14.57 -7.31
CA VAL X 65 -9.05 -13.74 -8.28
C VAL X 65 -8.47 -12.34 -8.34
N LYS X 66 -7.95 -11.83 -7.23
CA LYS X 66 -7.31 -10.52 -7.27
C LYS X 66 -6.10 -10.53 -8.21
N VAL X 67 -5.27 -11.56 -8.11
CA VAL X 67 -4.08 -11.60 -8.96
C VAL X 67 -4.44 -11.69 -10.43
N PHE X 68 -5.41 -12.52 -10.80
CA PHE X 68 -5.75 -12.54 -12.22
C PHE X 68 -6.35 -11.23 -12.72
N LYS X 69 -7.06 -10.49 -11.88
CA LYS X 69 -7.46 -9.17 -12.34
C LYS X 69 -6.28 -8.23 -12.53
N ASP X 70 -5.23 -8.37 -11.74
CA ASP X 70 -4.06 -7.51 -11.95
C ASP X 70 -3.30 -7.84 -13.22
N ILE X 71 -3.26 -9.10 -13.62
CA ILE X 71 -2.64 -9.41 -14.91
C ILE X 71 -3.47 -8.85 -16.07
N ASP X 72 -4.77 -9.09 -16.05
CA ASP X 72 -5.59 -8.62 -17.16
C ASP X 72 -5.55 -7.10 -17.29
N ALA X 73 -5.71 -6.37 -16.20
CA ALA X 73 -5.75 -4.92 -16.33
C ALA X 73 -4.47 -4.38 -16.93
N ALA X 74 -3.36 -5.05 -16.71
CA ALA X 74 -2.10 -4.57 -17.25
C ALA X 74 -1.99 -4.85 -18.72
N ILE X 75 -2.54 -5.97 -19.20
CA ILE X 75 -2.51 -6.20 -20.63
C ILE X 75 -3.42 -5.22 -21.35
N ILE X 76 -4.62 -5.04 -20.84
CA ILE X 76 -5.55 -4.09 -21.46
C ILE X 76 -4.97 -2.68 -21.51
N GLN X 77 -4.25 -2.27 -20.47
CA GLN X 77 -3.64 -0.95 -20.52
C GLN X 77 -2.73 -0.75 -21.74
N ASN X 78 -2.12 -1.79 -22.27
CA ASN X 78 -1.28 -1.63 -23.45
C ASN X 78 -2.04 -1.57 -24.76
N PHE X 79 -3.36 -1.75 -24.79
CA PHE X 79 -4.04 -1.65 -26.08
C PHE X 79 -3.83 -0.30 -26.74
N ARG X 80 -3.53 0.75 -25.98
CA ARG X 80 -3.34 2.08 -26.55
C ARG X 80 -2.61 2.02 -27.87
N SER Y 6 10.44 -24.69 -16.04
CA SER Y 6 11.25 -24.56 -14.83
C SER Y 6 11.14 -23.17 -14.23
N GLY Y 7 12.07 -22.29 -14.56
CA GLY Y 7 12.10 -20.98 -13.95
C GLY Y 7 13.07 -20.88 -12.79
N TYR Y 8 13.38 -19.65 -12.44
CA TYR Y 8 14.35 -19.30 -11.41
C TYR Y 8 13.76 -19.28 -10.01
N LEU Y 9 12.53 -18.81 -9.86
CA LEU Y 9 11.91 -18.85 -8.55
C LEU Y 9 11.72 -20.28 -8.08
N ASP Y 10 11.49 -21.21 -9.00
CA ASP Y 10 11.41 -22.61 -8.63
C ASP Y 10 12.75 -23.13 -8.15
N ASP Y 11 13.85 -22.65 -8.70
CA ASP Y 11 15.16 -23.09 -8.22
C ASP Y 11 15.41 -22.54 -6.84
N VAL Y 12 15.09 -21.27 -6.61
CA VAL Y 12 15.22 -20.69 -5.28
C VAL Y 12 14.39 -21.49 -4.28
N SER Y 13 13.12 -21.73 -4.59
CA SER Y 13 12.28 -22.49 -3.66
C SER Y 13 12.80 -23.90 -3.43
N ALA Y 14 13.22 -24.59 -4.48
CA ALA Y 14 13.72 -25.94 -4.28
C ALA Y 14 15.04 -25.99 -3.51
N LYS Y 15 15.78 -24.90 -3.49
CA LYS Y 15 17.04 -24.93 -2.76
C LYS Y 15 16.82 -25.21 -1.28
N PHE Y 16 15.75 -24.67 -0.69
CA PHE Y 16 15.40 -25.01 0.69
C PHE Y 16 15.05 -26.49 0.83
N ASP Y 17 14.15 -26.98 -0.03
CA ASP Y 17 13.80 -28.39 0.01
C ASP Y 17 15.01 -29.31 0.00
N THR Y 18 16.05 -28.96 -0.76
CA THR Y 18 17.26 -29.77 -0.70
C THR Y 18 18.13 -29.44 0.49
N GLY Y 19 18.01 -28.24 1.05
CA GLY Y 19 18.78 -27.90 2.22
C GLY Y 19 18.36 -28.71 3.43
N VAL Y 20 17.06 -28.80 3.66
CA VAL Y 20 16.51 -29.71 4.66
C VAL Y 20 16.13 -30.98 3.91
N ASP Y 21 16.90 -32.03 4.17
CA ASP Y 21 16.76 -33.29 3.45
C ASP Y 21 15.44 -33.98 3.70
N ASN Y 22 15.06 -34.13 4.94
CA ASN Y 22 14.02 -35.06 5.32
C ASN Y 22 12.87 -34.43 6.09
N LEU Y 23 12.90 -33.13 6.31
CA LEU Y 23 12.03 -32.51 7.30
C LEU Y 23 10.57 -32.72 6.99
N GLN Y 24 10.19 -32.56 5.73
CA GLN Y 24 8.79 -32.75 5.34
C GLN Y 24 8.22 -34.10 5.75
N THR Y 25 9.06 -35.12 5.93
CA THR Y 25 8.54 -36.41 6.38
C THR Y 25 9.12 -36.85 7.70
N GLN Y 26 10.02 -36.07 8.26
CA GLN Y 26 10.31 -36.18 9.69
C GLN Y 26 9.13 -35.69 10.50
N VAL Y 27 8.51 -34.60 10.09
CA VAL Y 27 7.36 -34.14 10.84
C VAL Y 27 6.27 -35.20 10.81
N THR Y 28 5.94 -35.72 9.63
CA THR Y 28 4.84 -36.66 9.55
C THR Y 28 5.14 -37.93 10.33
N GLU Y 29 6.41 -38.31 10.43
CA GLU Y 29 6.71 -39.49 11.21
C GLU Y 29 6.64 -39.21 12.71
N ALA Y 30 7.24 -38.11 13.16
CA ALA Y 30 7.17 -37.82 14.59
C ALA Y 30 5.75 -37.61 15.05
N LEU Y 31 4.90 -37.07 14.19
CA LEU Y 31 3.48 -37.00 14.52
C LEU Y 31 2.87 -38.39 14.66
N ASP Y 32 3.18 -39.29 13.73
CA ASP Y 32 2.56 -40.60 13.81
C ASP Y 32 3.00 -41.34 15.06
N LYS Y 33 4.25 -41.15 15.46
CA LYS Y 33 4.72 -41.71 16.73
C LYS Y 33 4.00 -41.10 17.93
N LEU Y 34 3.91 -39.78 18.00
CA LEU Y 34 3.25 -39.16 19.14
C LEU Y 34 1.79 -39.61 19.23
N ALA Y 35 1.08 -39.63 18.11
CA ALA Y 35 -0.35 -39.88 18.15
C ALA Y 35 -0.68 -41.22 18.78
N ALA Y 36 0.31 -42.12 18.87
CA ALA Y 36 0.12 -43.42 19.49
C ALA Y 36 0.12 -43.33 21.01
N LYS Y 37 0.84 -42.39 21.60
CA LYS Y 37 0.96 -42.28 23.05
C LYS Y 37 1.12 -40.82 23.44
N PRO Y 38 0.08 -40.03 23.26
CA PRO Y 38 0.15 -38.59 23.55
C PRO Y 38 0.74 -38.16 24.87
N SER Y 39 0.92 -39.04 25.85
CA SER Y 39 1.35 -38.61 27.16
C SER Y 39 2.81 -38.86 27.47
N ASP Y 40 3.56 -39.46 26.56
CA ASP Y 40 4.99 -39.70 26.78
C ASP Y 40 5.77 -38.40 26.66
N PRO Y 41 6.39 -37.90 27.73
CA PRO Y 41 7.13 -36.64 27.62
C PRO Y 41 8.30 -36.65 26.67
N ALA Y 42 8.98 -37.78 26.47
CA ALA Y 42 10.09 -37.70 25.52
C ALA Y 42 9.56 -37.51 24.12
N LEU Y 43 8.38 -38.03 23.84
CA LEU Y 43 7.79 -37.84 22.52
C LEU Y 43 7.29 -36.43 22.36
N LEU Y 44 6.64 -35.89 23.38
CA LEU Y 44 6.22 -34.50 23.31
C LEU Y 44 7.40 -33.58 23.05
N ALA Y 45 8.47 -33.74 23.82
CA ALA Y 45 9.63 -32.87 23.65
C ALA Y 45 10.26 -33.05 22.28
N ALA Y 46 10.22 -34.25 21.72
CA ALA Y 46 10.73 -34.42 20.37
C ALA Y 46 9.88 -33.67 19.36
N TYR Y 47 8.57 -33.78 19.47
CA TYR Y 47 7.67 -33.16 18.51
C TYR Y 47 7.73 -31.65 18.53
N GLN Y 48 7.90 -31.04 19.71
CA GLN Y 48 7.94 -29.59 19.77
C GLN Y 48 9.02 -28.98 18.88
N SER Y 49 10.21 -29.57 18.85
CA SER Y 49 11.26 -28.94 18.07
C SER Y 49 11.05 -29.16 16.58
N LYS Y 50 10.63 -30.35 16.17
CA LYS Y 50 10.40 -30.59 14.75
C LYS Y 50 9.34 -29.66 14.22
N LEU Y 51 8.22 -29.53 14.92
CA LEU Y 51 7.18 -28.63 14.44
C LEU Y 51 7.65 -27.18 14.41
N SER Y 52 8.45 -26.74 15.38
CA SER Y 52 8.99 -25.39 15.29
C SER Y 52 9.84 -25.22 14.05
N GLU Y 53 10.79 -26.12 13.84
CA GLU Y 53 11.65 -26.06 12.67
C GLU Y 53 10.86 -25.97 11.38
N TYR Y 54 9.84 -26.80 11.25
CA TYR Y 54 9.00 -26.77 10.06
C TYR Y 54 8.36 -25.40 9.86
N ASN Y 55 7.82 -24.84 10.93
CA ASN Y 55 7.23 -23.52 10.84
C ASN Y 55 8.19 -22.48 10.27
N LEU Y 56 9.38 -22.38 10.85
CA LEU Y 56 10.35 -21.41 10.34
C LEU Y 56 10.75 -21.67 8.90
N TYR Y 57 11.09 -22.91 8.58
CA TYR Y 57 11.38 -23.28 7.21
C TYR Y 57 10.36 -22.73 6.21
N ARG Y 58 9.07 -23.01 6.42
CA ARG Y 58 8.06 -22.51 5.48
C ARG Y 58 8.02 -20.98 5.42
N ASN Y 59 8.10 -20.30 6.56
CA ASN Y 59 8.07 -18.83 6.51
C ASN Y 59 9.20 -18.25 5.66
N ALA Y 60 10.44 -18.62 5.98
CA ALA Y 60 11.57 -18.14 5.20
C ALA Y 60 11.42 -18.45 3.71
N GLN Y 61 11.01 -19.66 3.39
CA GLN Y 61 10.82 -20.04 2.00
C GLN Y 61 9.88 -19.11 1.28
N SER Y 62 8.73 -18.82 1.88
CA SER Y 62 7.78 -17.93 1.22
C SER Y 62 8.29 -16.49 1.08
N ASN Y 63 8.77 -15.90 2.17
CA ASN Y 63 9.20 -14.50 2.06
C ASN Y 63 10.31 -14.28 1.04
N THR Y 64 11.21 -15.24 0.86
CA THR Y 64 12.28 -15.02 -0.11
C THR Y 64 11.74 -14.98 -1.54
N VAL Y 65 10.88 -15.92 -1.88
CA VAL Y 65 10.26 -15.90 -3.20
C VAL Y 65 9.55 -14.59 -3.43
N LYS Y 66 8.93 -14.05 -2.38
CA LYS Y 66 8.23 -12.78 -2.54
C LYS Y 66 9.19 -11.65 -2.91
N VAL Y 67 10.28 -11.51 -2.16
CA VAL Y 67 11.24 -10.45 -2.47
C VAL Y 67 11.75 -10.56 -3.91
N PHE Y 68 12.12 -11.76 -4.35
CA PHE Y 68 12.60 -11.87 -5.73
C PHE Y 68 11.53 -11.51 -6.75
N LYS Y 69 10.28 -11.85 -6.47
CA LYS Y 69 9.23 -11.44 -7.38
C LYS Y 69 9.22 -9.93 -7.53
N ASP Y 70 9.24 -9.23 -6.42
CA ASP Y 70 9.21 -7.77 -6.48
C ASP Y 70 10.37 -7.19 -7.28
N ILE Y 71 11.59 -7.68 -7.06
CA ILE Y 71 12.71 -7.17 -7.85
C ILE Y 71 12.49 -7.37 -9.35
N ASP Y 72 11.99 -8.53 -9.76
CA ASP Y 72 11.74 -8.74 -11.17
C ASP Y 72 10.65 -7.82 -11.72
N ALA Y 73 9.55 -7.70 -11.00
CA ALA Y 73 8.48 -6.83 -11.50
C ALA Y 73 8.95 -5.39 -11.64
N ALA Y 74 9.77 -4.92 -10.70
CA ALA Y 74 10.30 -3.57 -10.82
C ALA Y 74 11.24 -3.40 -11.99
N ILE Y 75 11.96 -4.44 -12.39
CA ILE Y 75 12.79 -4.30 -13.59
C ILE Y 75 11.93 -4.33 -14.85
N ILE Y 76 11.01 -5.27 -14.94
CA ILE Y 76 10.18 -5.37 -16.14
C ILE Y 76 9.36 -4.11 -16.36
N GLN Y 77 8.99 -3.41 -15.29
CA GLN Y 77 8.30 -2.15 -15.46
C GLN Y 77 9.07 -1.13 -16.29
N ASN Y 78 10.39 -1.22 -16.37
CA ASN Y 78 11.17 -0.26 -17.14
C ASN Y 78 11.46 -0.68 -18.57
N PHE Y 79 10.89 -1.77 -19.07
CA PHE Y 79 11.05 -2.03 -20.50
C PHE Y 79 10.37 -0.97 -21.33
N ARG Y 80 9.27 -0.43 -20.85
CA ARG Y 80 8.58 0.65 -21.54
C ARG Y 80 9.33 1.96 -21.43
N SER Z 6 30.73 -4.87 0.68
CA SER Z 6 29.94 -4.54 1.87
C SER Z 6 29.46 -3.11 1.83
N GLY Z 7 28.17 -2.90 2.00
CA GLY Z 7 27.59 -1.58 2.00
C GLY Z 7 27.49 -0.92 3.35
N TYR Z 8 26.58 0.05 3.41
CA TYR Z 8 26.31 0.81 4.63
C TYR Z 8 25.49 0.00 5.63
N LEU Z 9 24.51 -0.77 5.14
CA LEU Z 9 23.72 -1.59 6.05
C LEU Z 9 24.58 -2.58 6.83
N ASP Z 10 25.56 -3.20 6.16
CA ASP Z 10 26.50 -4.04 6.88
C ASP Z 10 27.20 -3.28 7.99
N ASP Z 11 27.60 -2.04 7.71
CA ASP Z 11 28.19 -1.21 8.75
C ASP Z 11 27.25 -1.03 9.93
N VAL Z 12 25.99 -0.71 9.66
CA VAL Z 12 25.05 -0.51 10.75
C VAL Z 12 24.86 -1.78 11.57
N SER Z 13 24.80 -2.93 10.92
CA SER Z 13 24.74 -4.20 11.64
C SER Z 13 26.01 -4.45 12.49
N ALA Z 14 27.17 -4.25 11.89
CA ALA Z 14 28.42 -4.48 12.58
C ALA Z 14 28.64 -3.53 13.74
N LYS Z 15 28.03 -2.35 13.72
CA LYS Z 15 28.10 -1.51 14.90
C LYS Z 15 27.48 -2.19 16.12
N PHE Z 16 26.40 -2.93 15.95
CA PHE Z 16 25.86 -3.70 17.07
C PHE Z 16 26.78 -4.87 17.42
N ASP Z 17 27.31 -5.55 16.40
CA ASP Z 17 28.18 -6.68 16.70
C ASP Z 17 29.39 -6.26 17.52
N THR Z 18 29.96 -5.09 17.25
CA THR Z 18 31.08 -4.62 18.06
C THR Z 18 30.62 -3.92 19.32
N GLY Z 19 29.39 -3.45 19.38
CA GLY Z 19 28.94 -2.77 20.57
C GLY Z 19 28.75 -3.74 21.71
N VAL Z 20 28.37 -4.97 21.40
CA VAL Z 20 28.33 -6.04 22.40
C VAL Z 20 29.58 -6.88 22.16
N ASP Z 21 30.50 -6.81 23.11
CA ASP Z 21 31.78 -7.50 22.97
C ASP Z 21 31.65 -9.00 22.96
N ASN Z 22 31.22 -9.56 24.08
CA ASN Z 22 31.35 -10.98 24.37
C ASN Z 22 30.02 -11.71 24.52
N LEU Z 23 28.91 -11.04 24.31
CA LEU Z 23 27.59 -11.60 24.60
C LEU Z 23 27.34 -12.95 23.93
N GLN Z 24 27.65 -13.11 22.65
CA GLN Z 24 27.39 -14.39 21.99
C GLN Z 24 28.09 -15.56 22.67
N THR Z 25 29.36 -15.41 22.99
CA THR Z 25 30.07 -16.50 23.64
C THR Z 25 29.64 -16.64 25.10
N GLN Z 26 29.35 -15.54 25.79
CA GLN Z 26 28.81 -15.67 27.12
C GLN Z 26 27.53 -16.50 27.14
N VAL Z 27 26.62 -16.25 26.20
CA VAL Z 27 25.40 -17.03 26.10
C VAL Z 27 25.71 -18.50 25.82
N THR Z 28 26.53 -18.77 24.83
CA THR Z 28 26.88 -20.16 24.53
C THR Z 28 27.46 -20.86 25.74
N GLU Z 29 28.36 -20.21 26.47
CA GLU Z 29 28.93 -20.79 27.67
C GLU Z 29 27.85 -21.06 28.72
N ALA Z 30 27.16 -20.01 29.13
CA ALA Z 30 26.28 -20.15 30.28
C ALA Z 30 25.24 -21.22 30.02
N LEU Z 31 24.81 -21.38 28.76
CA LEU Z 31 23.91 -22.47 28.44
C LEU Z 31 24.51 -23.83 28.78
N ASP Z 32 25.80 -24.03 28.49
CA ASP Z 32 26.41 -25.33 28.75
C ASP Z 32 26.66 -25.57 30.23
N LYS Z 33 26.94 -24.51 30.98
CA LYS Z 33 26.97 -24.67 32.43
C LYS Z 33 25.60 -25.04 32.97
N LEU Z 34 24.54 -24.37 32.51
CA LEU Z 34 23.22 -24.71 33.01
C LEU Z 34 22.87 -26.14 32.65
N ALA Z 35 23.06 -26.51 31.39
CA ALA Z 35 22.72 -27.86 30.97
C ALA Z 35 23.51 -28.91 31.70
N ALA Z 36 24.63 -28.56 32.32
CA ALA Z 36 25.34 -29.56 33.11
C ALA Z 36 24.67 -29.82 34.46
N LYS Z 37 23.97 -28.83 35.02
CA LYS Z 37 23.31 -28.99 36.32
C LYS Z 37 22.05 -28.14 36.32
N PRO Z 38 21.02 -28.57 35.58
CA PRO Z 38 19.81 -27.75 35.40
C PRO Z 38 19.08 -27.30 36.64
N SER Z 39 19.48 -27.71 37.85
CA SER Z 39 18.69 -27.36 39.03
C SER Z 39 19.42 -26.45 40.01
N ASP Z 40 20.42 -25.70 39.57
CA ASP Z 40 21.14 -24.84 40.50
C ASP Z 40 20.64 -23.41 40.35
N PRO Z 41 20.12 -22.80 41.42
CA PRO Z 41 19.56 -21.45 41.27
C PRO Z 41 20.55 -20.40 40.87
N ALA Z 42 21.83 -20.54 41.21
CA ALA Z 42 22.79 -19.54 40.78
C ALA Z 42 22.90 -19.55 39.27
N LEU Z 43 23.01 -20.73 38.68
CA LEU Z 43 23.13 -20.83 37.23
C LEU Z 43 21.85 -20.37 36.54
N LEU Z 44 20.70 -20.75 37.08
CA LEU Z 44 19.45 -20.29 36.49
C LEU Z 44 19.39 -18.76 36.50
N ALA Z 45 19.65 -18.15 37.65
CA ALA Z 45 19.58 -16.69 37.71
C ALA Z 45 20.56 -16.08 36.73
N ALA Z 46 21.75 -16.65 36.61
CA ALA Z 46 22.70 -16.07 35.68
C ALA Z 46 22.21 -16.16 34.25
N TYR Z 47 21.39 -17.14 33.94
CA TYR Z 47 21.11 -17.38 32.53
C TYR Z 47 19.99 -16.51 32.00
N GLN Z 48 18.92 -16.37 32.79
CA GLN Z 48 17.79 -15.52 32.45
C GLN Z 48 18.20 -14.15 31.92
N SER Z 49 19.06 -13.45 32.65
CA SER Z 49 19.50 -12.13 32.24
C SER Z 49 20.25 -12.15 30.92
N LYS Z 50 21.18 -13.08 30.74
CA LYS Z 50 21.91 -13.14 29.49
C LYS Z 50 20.98 -13.37 28.32
N LEU Z 51 20.08 -14.33 28.44
CA LEU Z 51 19.20 -14.60 27.32
C LEU Z 51 18.30 -13.41 27.02
N SER Z 52 17.82 -12.72 28.05
CA SER Z 52 17.03 -11.51 27.81
C SER Z 52 17.81 -10.46 27.03
N GLU Z 53 19.04 -10.20 27.45
CA GLU Z 53 19.90 -9.26 26.75
C GLU Z 53 20.08 -9.64 25.29
N TYR Z 54 20.37 -10.91 25.04
CA TYR Z 54 20.52 -11.37 23.67
C TYR Z 54 19.26 -11.14 22.83
N ASN Z 55 18.10 -11.39 23.42
CA ASN Z 55 16.86 -11.15 22.70
C ASN Z 55 16.68 -9.69 22.28
N LEU Z 56 16.89 -8.77 23.22
CA LEU Z 56 16.75 -7.36 22.87
C LEU Z 56 17.78 -6.93 21.83
N TYR Z 57 19.02 -7.37 21.98
CA TYR Z 57 20.05 -7.08 21.00
C TYR Z 57 19.61 -7.44 19.58
N ARG Z 58 19.27 -8.70 19.35
CA ARG Z 58 18.82 -9.10 18.02
C ARG Z 58 17.64 -8.28 17.51
N ASN Z 59 16.65 -8.01 18.35
CA ASN Z 59 15.50 -7.25 17.86
C ASN Z 59 15.88 -5.83 17.43
N ALA Z 60 16.58 -5.09 18.29
CA ALA Z 60 16.98 -3.74 17.90
C ALA Z 60 17.76 -3.73 16.61
N GLN Z 61 18.68 -4.67 16.45
CA GLN Z 61 19.47 -4.73 15.22
C GLN Z 61 18.59 -4.86 13.99
N SER Z 62 17.71 -5.85 13.99
CA SER Z 62 16.86 -6.05 12.80
C SER Z 62 15.93 -4.87 12.52
N ASN Z 63 15.27 -4.31 13.53
CA ASN Z 63 14.41 -3.18 13.26
C ASN Z 63 15.14 -1.97 12.69
N THR Z 64 16.40 -1.77 13.09
CA THR Z 64 17.13 -0.63 12.54
C THR Z 64 17.47 -0.85 11.06
N VAL Z 65 18.01 -2.02 10.74
CA VAL Z 65 18.28 -2.26 9.33
C VAL Z 65 17.02 -2.09 8.50
N LYS Z 66 15.88 -2.54 9.02
CA LYS Z 66 14.62 -2.36 8.31
C LYS Z 66 14.33 -0.90 8.00
N VAL Z 67 14.40 -0.03 9.00
CA VAL Z 67 14.13 1.39 8.75
C VAL Z 67 15.04 1.96 7.67
N PHE Z 68 16.35 1.74 7.78
CA PHE Z 68 17.23 2.30 6.75
C PHE Z 68 16.86 1.82 5.35
N LYS Z 69 16.55 0.56 5.18
CA LYS Z 69 16.14 0.11 3.85
C LYS Z 69 15.02 0.96 3.28
N ASP Z 70 14.02 1.28 4.09
CA ASP Z 70 12.91 2.10 3.62
C ASP Z 70 13.35 3.49 3.19
N ILE Z 71 14.17 4.15 4.00
CA ILE Z 71 14.64 5.48 3.59
C ILE Z 71 15.38 5.42 2.26
N ASP Z 72 16.19 4.39 2.04
CA ASP Z 72 16.89 4.29 0.76
C ASP Z 72 15.96 3.99 -0.40
N ALA Z 73 15.06 3.03 -0.25
CA ALA Z 73 14.18 2.73 -1.37
C ALA Z 73 13.30 3.92 -1.72
N ALA Z 74 12.88 4.68 -0.71
CA ALA Z 74 12.09 5.87 -0.98
C ALA Z 74 12.88 6.94 -1.72
N ILE Z 75 14.17 7.07 -1.47
CA ILE Z 75 14.95 8.02 -2.28
C ILE Z 75 15.13 7.50 -3.70
N ILE Z 76 15.51 6.23 -3.84
CA ILE Z 76 15.78 5.67 -5.17
C ILE Z 76 14.56 5.77 -6.07
N GLN Z 77 13.37 5.62 -5.51
CA GLN Z 77 12.18 5.78 -6.33
C GLN Z 77 12.12 7.11 -7.08
N ASN Z 78 12.64 8.18 -6.50
CA ASN Z 78 12.59 9.48 -7.16
C ASN Z 78 13.67 9.71 -8.20
N PHE Z 79 14.52 8.74 -8.52
CA PHE Z 79 15.41 8.96 -9.66
C PHE Z 79 14.62 9.08 -10.94
N ARG Z 80 13.43 8.50 -11.00
CA ARG Z 80 12.55 8.66 -12.14
C ARG Z 80 11.54 9.77 -11.93
N SER AA 6 17.19 19.52 17.20
CA SER AA 6 15.95 18.97 17.74
C SER AA 6 14.77 19.53 17.00
N GLY AA 7 13.79 18.68 16.71
CA GLY AA 7 12.56 19.14 16.08
C GLY AA 7 11.39 19.29 17.03
N TYR AA 8 10.22 18.93 16.54
CA TYR AA 8 8.97 18.94 17.29
C TYR AA 8 8.71 17.64 18.05
N LEU AA 9 9.14 16.52 17.49
CA LEU AA 9 9.02 15.25 18.20
C LEU AA 9 9.84 15.25 19.47
N ASP AA 10 11.09 15.70 19.41
CA ASP AA 10 11.88 15.82 20.63
C ASP AA 10 11.16 16.66 21.67
N ASP AA 11 10.44 17.69 21.25
CA ASP AA 11 9.74 18.51 22.22
C ASP AA 11 8.56 17.78 22.83
N VAL AA 12 7.75 17.13 22.01
CA VAL AA 12 6.68 16.29 22.53
C VAL AA 12 7.21 15.28 23.52
N SER AA 13 8.26 14.57 23.14
CA SER AA 13 8.92 13.63 24.03
C SER AA 13 9.33 14.28 25.35
N ALA AA 14 10.00 15.42 25.29
CA ALA AA 14 10.44 16.08 26.50
C ALA AA 14 9.31 16.62 27.35
N LYS AA 15 8.08 16.69 26.84
CA LYS AA 15 7.03 17.15 27.74
C LYS AA 15 6.79 16.17 28.87
N PHE AA 16 6.76 14.87 28.58
CA PHE AA 16 6.64 13.87 29.65
C PHE AA 16 7.79 13.97 30.65
N ASP AA 17 9.03 14.03 30.14
CA ASP AA 17 10.19 14.09 31.01
C ASP AA 17 10.19 15.33 31.87
N THR AA 18 9.53 16.39 31.43
CA THR AA 18 9.45 17.57 32.26
C THR AA 18 8.24 17.52 33.17
N GLY AA 19 7.22 16.76 32.80
CA GLY AA 19 6.03 16.67 33.61
C GLY AA 19 6.24 15.82 34.84
N VAL AA 20 7.07 14.78 34.74
CA VAL AA 20 7.41 13.99 35.92
C VAL AA 20 8.74 14.53 36.46
N ASP AA 21 8.65 15.25 37.58
CA ASP AA 21 9.78 15.98 38.13
C ASP AA 21 11.01 15.11 38.38
N ASN AA 22 10.83 14.02 39.10
CA ASN AA 22 11.95 13.33 39.71
C ASN AA 22 11.90 11.81 39.62
N LEU AA 23 10.91 11.26 38.92
CA LEU AA 23 10.69 9.82 38.97
C LEU AA 23 11.93 9.03 38.58
N GLN AA 24 12.68 9.47 37.58
CA GLN AA 24 13.87 8.70 37.19
C GLN AA 24 14.81 8.53 38.38
N THR AA 25 14.93 9.56 39.22
CA THR AA 25 15.76 9.45 40.41
C THR AA 25 15.10 8.60 41.48
N GLN AA 26 13.89 8.95 41.87
CA GLN AA 26 13.16 8.20 42.89
C GLN AA 26 13.18 6.70 42.65
N VAL AA 27 12.89 6.25 41.44
CA VAL AA 27 12.86 4.82 41.16
C VAL AA 27 14.21 4.16 41.42
N THR AA 28 15.30 4.80 41.01
CA THR AA 28 16.62 4.23 41.26
C THR AA 28 16.92 4.17 42.76
N GLU AA 29 16.68 5.27 43.45
CA GLU AA 29 16.93 5.30 44.88
C GLU AA 29 16.15 4.20 45.58
N ALA AA 30 14.84 4.12 45.35
CA ALA AA 30 14.05 3.07 45.98
C ALA AA 30 14.60 1.68 45.66
N LEU AA 31 15.07 1.47 44.44
CA LEU AA 31 15.69 0.19 44.13
C LEU AA 31 16.89 -0.10 45.00
N ASP AA 32 17.72 0.90 45.22
CA ASP AA 32 18.89 0.69 46.05
C ASP AA 32 18.53 0.46 47.50
N LYS AA 33 17.57 1.19 48.05
CA LYS AA 33 17.13 0.90 49.40
C LYS AA 33 16.59 -0.53 49.52
N LEU AA 34 15.77 -0.96 48.56
CA LEU AA 34 15.23 -2.33 48.64
C LEU AA 34 16.32 -3.38 48.53
N ALA AA 35 17.27 -3.22 47.62
CA ALA AA 35 18.26 -4.26 47.41
C ALA AA 35 19.06 -4.54 48.68
N ALA AA 36 19.23 -3.55 49.54
CA ALA AA 36 19.93 -3.78 50.80
C ALA AA 36 19.17 -4.68 51.75
N LYS AA 37 17.84 -4.77 51.66
CA LYS AA 37 17.03 -5.45 52.67
C LYS AA 37 15.77 -6.02 52.06
N PRO AA 38 15.89 -7.05 51.21
CA PRO AA 38 14.79 -7.46 50.35
C PRO AA 38 13.50 -7.86 51.03
N SER AA 39 13.42 -7.80 52.35
CA SER AA 39 12.33 -8.45 53.06
C SER AA 39 11.58 -7.52 53.99
N ASP AA 40 11.77 -6.21 53.90
CA ASP AA 40 10.98 -5.27 54.68
C ASP AA 40 9.72 -4.87 53.91
N PRO AA 41 8.53 -5.24 54.37
CA PRO AA 41 7.31 -4.92 53.62
C PRO AA 41 7.13 -3.46 53.29
N ALA AA 42 7.64 -2.57 54.12
CA ALA AA 42 7.48 -1.15 53.86
C ALA AA 42 8.41 -0.65 52.77
N LEU AA 43 9.61 -1.21 52.67
CA LEU AA 43 10.43 -0.91 51.52
C LEU AA 43 9.84 -1.52 50.27
N LEU AA 44 9.16 -2.64 50.41
CA LEU AA 44 8.74 -3.41 49.27
C LEU AA 44 7.51 -2.80 48.59
N ALA AA 45 6.55 -2.36 49.40
CA ALA AA 45 5.32 -1.77 48.88
C ALA AA 45 5.58 -0.46 48.13
N ALA AA 46 6.48 0.37 48.65
CA ALA AA 46 6.81 1.60 47.94
C ALA AA 46 7.34 1.30 46.53
N TYR AA 47 8.37 0.47 46.47
CA TYR AA 47 8.96 0.13 45.18
C TYR AA 47 7.94 -0.41 44.21
N GLN AA 48 7.00 -1.23 44.67
CA GLN AA 48 5.97 -1.70 43.75
C GLN AA 48 5.28 -0.55 43.02
N SER AA 49 4.84 0.46 43.76
CA SER AA 49 4.17 1.60 43.14
C SER AA 49 5.08 2.39 42.21
N LYS AA 50 6.27 2.76 42.69
CA LYS AA 50 7.16 3.54 41.82
C LYS AA 50 7.46 2.83 40.51
N LEU AA 51 7.83 1.55 40.57
CA LEU AA 51 8.10 0.83 39.33
C LEU AA 51 6.86 0.78 38.44
N SER AA 52 5.69 0.58 39.04
CA SER AA 52 4.48 0.55 38.24
C SER AA 52 4.30 1.84 37.47
N GLU AA 53 4.45 2.98 38.11
CA GLU AA 53 4.29 4.24 37.39
C GLU AA 53 5.35 4.45 36.33
N TYR AA 54 6.59 4.06 36.61
CA TYR AA 54 7.63 4.17 35.58
C TYR AA 54 7.20 3.47 34.30
N ASN AA 55 6.67 2.26 34.45
CA ASN AA 55 6.20 1.50 33.30
C ASN AA 55 5.23 2.28 32.41
N LEU AA 56 4.15 2.79 33.00
CA LEU AA 56 3.16 3.55 32.25
C LEU AA 56 3.77 4.78 31.59
N TYR AA 57 4.58 5.52 32.33
CA TYR AA 57 5.21 6.70 31.76
C TYR AA 57 5.95 6.38 30.46
N ARG AA 58 6.84 5.39 30.48
CA ARG AA 58 7.54 5.05 29.23
C ARG AA 58 6.60 4.56 28.12
N ASN AA 59 5.59 3.79 28.46
CA ASN AA 59 4.67 3.32 27.41
C ASN AA 59 3.95 4.46 26.71
N ALA AA 60 3.33 5.34 27.48
CA ALA AA 60 2.62 6.47 26.89
C ALA AA 60 3.54 7.33 26.06
N GLN AA 61 4.73 7.62 26.59
CA GLN AA 61 5.67 8.45 25.86
C GLN AA 61 5.99 7.87 24.49
N SER AA 62 6.17 6.56 24.40
CA SER AA 62 6.51 5.99 23.09
C SER AA 62 5.34 5.98 22.12
N ASN AA 63 4.16 5.53 22.56
CA ASN AA 63 3.03 5.50 21.65
C ASN AA 63 2.67 6.87 21.07
N THR AA 64 2.83 7.94 21.85
CA THR AA 64 2.50 9.26 21.32
C THR AA 64 3.42 9.69 20.19
N VAL AA 65 4.71 9.52 20.38
CA VAL AA 65 5.66 9.84 19.33
C VAL AA 65 5.32 9.08 18.06
N LYS AA 66 5.03 7.79 18.18
CA LYS AA 66 4.67 7.04 16.98
C LYS AA 66 3.48 7.66 16.25
N VAL AA 67 2.42 8.02 16.96
CA VAL AA 67 1.27 8.61 16.28
C VAL AA 67 1.64 9.88 15.53
N PHE AA 68 2.36 10.79 16.18
CA PHE AA 68 2.76 12.01 15.45
C PHE AA 68 3.61 11.72 14.23
N LYS AA 69 4.52 10.76 14.31
CA LYS AA 69 5.28 10.39 13.13
C LYS AA 69 4.36 9.98 11.98
N ASP AA 70 3.38 9.15 12.26
CA ASP AA 70 2.47 8.73 11.19
C ASP AA 70 1.74 9.91 10.56
N ILE AA 71 1.17 10.80 11.37
CA ILE AA 71 0.49 11.97 10.79
C ILE AA 71 1.41 12.76 9.87
N ASP AA 72 2.68 12.90 10.25
CA ASP AA 72 3.59 13.65 9.39
C ASP AA 72 3.92 12.90 8.11
N ALA AA 73 4.24 11.63 8.18
CA ALA AA 73 4.61 10.93 6.96
C ALA AA 73 3.44 10.87 5.99
N ALA AA 74 2.22 10.74 6.51
CA ALA AA 74 1.06 10.79 5.64
C ALA AA 74 0.87 12.14 4.99
N ILE AA 75 1.25 13.24 5.64
CA ILE AA 75 1.19 14.51 4.93
C ILE AA 75 2.27 14.59 3.87
N ILE AA 76 3.50 14.24 4.21
CA ILE AA 76 4.62 14.41 3.29
C ILE AA 76 4.46 13.55 2.04
N GLN AA 77 3.74 12.44 2.12
CA GLN AA 77 3.42 11.71 0.89
C GLN AA 77 2.71 12.56 -0.15
N ASN AA 78 1.95 13.56 0.26
CA ASN AA 78 1.18 14.35 -0.69
C ASN AA 78 1.93 15.52 -1.31
N PHE AA 79 3.19 15.78 -0.93
CA PHE AA 79 3.87 16.91 -1.55
C PHE AA 79 3.98 16.75 -3.04
N ARG AA 80 4.26 15.54 -3.51
CA ARG AA 80 4.40 15.34 -4.93
C ARG AA 80 3.06 15.04 -5.55
N PRO BA 4 -13.64 25.84 21.75
CA PRO BA 4 -14.18 24.60 22.30
C PRO BA 4 -15.08 23.90 21.31
N TRP BA 5 -14.67 22.78 20.72
CA TRP BA 5 -15.54 22.09 19.78
C TRP BA 5 -15.55 20.58 19.95
N SER BA 6 -16.73 20.09 20.33
CA SER BA 6 -17.00 18.68 20.48
C SER BA 6 -17.09 18.04 19.11
N GLY BA 7 -16.35 16.98 18.87
CA GLY BA 7 -16.57 16.18 17.68
C GLY BA 7 -17.64 15.13 17.88
N TYR BA 8 -17.53 14.05 17.13
CA TYR BA 8 -18.42 12.92 17.29
C TYR BA 8 -17.91 11.87 18.28
N LEU BA 9 -16.63 11.56 18.22
CA LEU BA 9 -16.07 10.63 19.19
C LEU BA 9 -16.28 11.13 20.60
N ASP BA 10 -16.07 12.42 20.83
CA ASP BA 10 -16.39 13.02 22.12
C ASP BA 10 -17.80 12.67 22.57
N ASP BA 11 -18.77 12.72 21.67
CA ASP BA 11 -20.14 12.39 22.02
C ASP BA 11 -20.30 10.92 22.34
N VAL BA 12 -19.64 10.06 21.59
CA VAL BA 12 -19.69 8.63 21.88
C VAL BA 12 -19.16 8.34 23.28
N SER BA 13 -18.03 8.95 23.63
CA SER BA 13 -17.50 8.81 24.99
C SER BA 13 -18.44 9.37 26.05
N ALA BA 14 -18.87 10.60 25.88
CA ALA BA 14 -19.78 11.19 26.84
C ALA BA 14 -21.04 10.37 27.03
N LYS BA 15 -21.47 9.59 26.03
CA LYS BA 15 -22.62 8.73 26.29
C LYS BA 15 -22.35 7.79 27.45
N PHE BA 16 -21.15 7.24 27.55
CA PHE BA 16 -20.81 6.39 28.68
C PHE BA 16 -20.73 7.21 29.96
N ASP BA 17 -20.02 8.32 29.92
CA ASP BA 17 -19.95 9.14 31.14
C ASP BA 17 -21.34 9.49 31.69
N THR BA 18 -22.22 10.04 30.86
CA THR BA 18 -23.60 10.30 31.27
C THR BA 18 -24.44 9.04 31.48
N GLY BA 19 -23.91 7.87 31.16
CA GLY BA 19 -24.59 6.63 31.48
C GLY BA 19 -24.34 6.23 32.92
N VAL BA 20 -23.09 6.01 33.25
CA VAL BA 20 -22.72 5.73 34.64
C VAL BA 20 -22.62 7.07 35.38
N ASP BA 21 -23.79 7.62 35.68
CA ASP BA 21 -23.93 8.94 36.27
C ASP BA 21 -23.09 9.18 37.52
N ASN BA 22 -23.07 8.23 38.44
CA ASN BA 22 -22.45 8.45 39.73
C ASN BA 22 -21.32 7.50 40.07
N LEU BA 23 -21.10 6.47 39.27
CA LEU BA 23 -20.09 5.47 39.57
C LEU BA 23 -18.72 6.11 39.78
N GLN BA 24 -18.43 7.16 39.03
CA GLN BA 24 -17.15 7.85 39.17
C GLN BA 24 -16.94 8.47 40.54
N THR BA 25 -18.01 8.81 41.25
CA THR BA 25 -17.85 9.24 42.63
C THR BA 25 -17.91 8.07 43.60
N GLN BA 26 -18.88 7.18 43.41
CA GLN BA 26 -19.04 6.04 44.29
C GLN BA 26 -17.74 5.26 44.48
N VAL BA 27 -16.97 5.06 43.42
CA VAL BA 27 -15.70 4.35 43.58
C VAL BA 27 -14.76 5.05 44.57
N THR BA 28 -14.66 6.37 44.51
CA THR BA 28 -13.73 7.03 45.41
C THR BA 28 -14.29 7.15 46.82
N GLU BA 29 -15.60 7.13 46.95
CA GLU BA 29 -16.15 7.19 48.30
C GLU BA 29 -16.07 5.84 48.98
N ALA BA 30 -16.36 4.76 48.27
CA ALA BA 30 -16.21 3.45 48.86
C ALA BA 30 -14.75 3.16 49.19
N LEU BA 31 -13.82 3.63 48.36
CA LEU BA 31 -12.42 3.53 48.75
C LEU BA 31 -12.13 4.30 50.03
N ASP BA 32 -12.68 5.50 50.18
CA ASP BA 32 -12.38 6.27 51.38
C ASP BA 32 -13.02 5.71 52.63
N LYS BA 33 -14.12 4.99 52.50
CA LYS BA 33 -14.59 4.14 53.60
C LYS BA 33 -13.62 3.03 53.91
N LEU BA 34 -13.25 2.23 52.90
CA LEU BA 34 -12.51 1.02 53.19
C LEU BA 34 -11.14 1.33 53.79
N ALA BA 35 -10.44 2.32 53.26
CA ALA BA 35 -9.09 2.57 53.72
C ALA BA 35 -9.02 2.86 55.21
N ALA BA 36 -10.13 3.28 55.82
CA ALA BA 36 -10.17 3.51 57.25
C ALA BA 36 -10.21 2.22 58.08
N LYS BA 37 -10.86 1.17 57.58
CA LYS BA 37 -11.07 -0.05 58.37
C LYS BA 37 -11.05 -1.25 57.43
N PRO BA 38 -9.89 -1.57 56.88
CA PRO BA 38 -9.76 -2.64 55.88
C PRO BA 38 -10.31 -4.01 56.25
N SER BA 39 -10.69 -4.26 57.48
CA SER BA 39 -11.09 -5.61 57.88
C SER BA 39 -12.59 -5.83 57.89
N ASP BA 40 -13.40 -4.81 57.61
CA ASP BA 40 -14.85 -4.99 57.61
C ASP BA 40 -15.38 -5.72 56.39
N PRO BA 41 -15.89 -6.94 56.56
CA PRO BA 41 -16.45 -7.68 55.42
C PRO BA 41 -17.46 -6.91 54.61
N ALA BA 42 -18.34 -6.14 55.24
CA ALA BA 42 -19.31 -5.37 54.46
C ALA BA 42 -18.61 -4.43 53.49
N LEU BA 43 -17.54 -3.80 53.93
CA LEU BA 43 -16.86 -2.82 53.09
C LEU BA 43 -16.09 -3.53 51.98
N LEU BA 44 -15.50 -4.67 52.28
CA LEU BA 44 -14.82 -5.41 51.23
C LEU BA 44 -15.80 -5.85 50.16
N ALA BA 45 -16.90 -6.47 50.58
CA ALA BA 45 -17.95 -6.89 49.65
C ALA BA 45 -18.44 -5.73 48.78
N ALA BA 46 -18.61 -4.55 49.35
CA ALA BA 46 -19.03 -3.40 48.55
C ALA BA 46 -17.98 -3.02 47.52
N TYR BA 47 -16.75 -2.82 47.98
CA TYR BA 47 -15.71 -2.31 47.09
C TYR BA 47 -15.36 -3.27 45.97
N GLN BA 48 -15.42 -4.58 46.20
CA GLN BA 48 -15.21 -5.52 45.10
C GLN BA 48 -16.16 -5.21 43.94
N SER BA 49 -17.44 -5.01 44.26
CA SER BA 49 -18.45 -4.70 43.25
C SER BA 49 -18.15 -3.39 42.53
N LYS BA 50 -18.03 -2.29 43.28
CA LYS BA 50 -17.87 -1.02 42.59
C LYS BA 50 -16.59 -0.96 41.78
N LEU BA 51 -15.50 -1.57 42.27
CA LEU BA 51 -14.27 -1.60 41.48
C LEU BA 51 -14.43 -2.38 40.19
N SER BA 52 -15.03 -3.57 40.27
CA SER BA 52 -15.25 -4.36 39.06
C SER BA 52 -16.06 -3.59 38.03
N GLU BA 53 -17.16 -2.99 38.46
CA GLU BA 53 -17.96 -2.16 37.56
C GLU BA 53 -17.12 -1.09 36.88
N TYR BA 54 -16.33 -0.35 37.67
CA TYR BA 54 -15.55 0.72 37.07
C TYR BA 54 -14.54 0.22 36.05
N ASN BA 55 -13.97 -0.95 36.29
CA ASN BA 55 -13.08 -1.56 35.31
C ASN BA 55 -13.78 -1.82 33.99
N LEU BA 56 -14.88 -2.58 34.02
CA LEU BA 56 -15.64 -2.86 32.81
C LEU BA 56 -16.01 -1.59 32.06
N TYR BA 57 -16.52 -0.60 32.77
CA TYR BA 57 -16.92 0.65 32.13
C TYR BA 57 -15.79 1.32 31.37
N ARG BA 58 -14.63 1.50 31.99
CA ARG BA 58 -13.53 2.12 31.25
C ARG BA 58 -13.05 1.29 30.07
N ASN BA 59 -13.10 -0.03 30.19
CA ASN BA 59 -12.63 -0.88 29.10
C ASN BA 59 -13.55 -0.83 27.89
N ALA BA 60 -14.85 -1.00 28.11
CA ALA BA 60 -15.79 -0.94 27.00
C ALA BA 60 -15.79 0.42 26.34
N GLN BA 61 -15.64 1.49 27.11
CA GLN BA 61 -15.55 2.81 26.51
C GLN BA 61 -14.39 2.90 25.53
N SER BA 62 -13.20 2.47 25.94
CA SER BA 62 -12.06 2.67 25.05
C SER BA 62 -12.14 1.80 23.80
N ASN BA 63 -12.56 0.54 23.92
CA ASN BA 63 -12.73 -0.25 22.70
C ASN BA 63 -13.73 0.38 21.74
N THR BA 64 -14.84 0.89 22.26
CA THR BA 64 -15.83 1.45 21.37
C THR BA 64 -15.32 2.65 20.62
N VAL BA 65 -14.59 3.54 21.29
CA VAL BA 65 -14.05 4.68 20.54
C VAL BA 65 -13.10 4.21 19.45
N LYS BA 66 -12.33 3.16 19.71
CA LYS BA 66 -11.40 2.70 18.68
C LYS BA 66 -12.08 2.20 17.43
N VAL BA 67 -13.19 1.50 17.56
CA VAL BA 67 -13.81 0.97 16.34
C VAL BA 67 -14.27 2.09 15.40
N PHE BA 68 -14.90 3.14 15.93
CA PHE BA 68 -15.30 4.24 15.07
C PHE BA 68 -14.11 4.97 14.47
N LYS BA 69 -13.04 5.12 15.22
CA LYS BA 69 -11.83 5.69 14.62
C LYS BA 69 -11.35 4.87 13.42
N ASP BA 70 -11.48 3.55 13.50
CA ASP BA 70 -11.05 2.71 12.38
C ASP BA 70 -12.02 2.72 11.21
N ILE BA 71 -13.31 2.92 11.43
CA ILE BA 71 -14.20 3.08 10.27
C ILE BA 71 -13.91 4.40 9.56
N ASP BA 72 -13.78 5.48 10.33
CA ASP BA 72 -13.58 6.80 9.74
C ASP BA 72 -12.33 6.86 8.89
N ALA BA 73 -11.20 6.38 9.42
CA ALA BA 73 -9.98 6.39 8.61
C ALA BA 73 -10.16 5.63 7.31
N ALA BA 74 -10.84 4.49 7.36
CA ALA BA 74 -11.02 3.69 6.15
C ALA BA 74 -11.89 4.38 5.10
N ILE BA 75 -12.82 5.23 5.53
CA ILE BA 75 -13.54 6.05 4.54
C ILE BA 75 -12.66 7.15 4.00
N ILE BA 76 -11.94 7.86 4.86
CA ILE BA 76 -11.15 9.01 4.43
C ILE BA 76 -10.06 8.59 3.46
N GLN BA 77 -9.56 7.38 3.57
CA GLN BA 77 -8.56 6.93 2.61
C GLN BA 77 -9.08 6.83 1.19
N ASN BA 78 -10.38 6.73 0.98
CA ASN BA 78 -10.93 6.70 -0.37
C ASN BA 78 -11.15 8.07 -1.00
N PHE BA 79 -10.82 9.17 -0.33
CA PHE BA 79 -11.06 10.45 -0.99
C PHE BA 79 -10.16 10.64 -2.19
N ARG BA 80 -9.09 9.86 -2.28
CA ARG BA 80 -8.13 10.02 -3.37
C ARG BA 80 -8.84 10.18 -4.70
N THR CA 3 -40.09 -4.56 8.56
CA THR CA 3 -39.57 -5.66 9.35
C THR CA 3 -38.20 -5.29 9.93
N PRO CA 4 -37.92 -5.73 11.14
CA PRO CA 4 -36.59 -5.52 11.72
C PRO CA 4 -35.51 -6.22 10.92
N TRP CA 5 -34.68 -5.45 10.22
CA TRP CA 5 -33.65 -6.06 9.40
C TRP CA 5 -32.66 -6.78 10.28
N SER CA 6 -32.12 -7.89 9.77
CA SER CA 6 -31.08 -8.62 10.48
C SER CA 6 -30.11 -9.28 9.51
N GLY CA 7 -28.82 -9.15 9.78
CA GLY CA 7 -27.77 -9.51 8.85
C GLY CA 7 -27.41 -10.98 8.96
N TYR CA 8 -26.25 -11.34 8.40
CA TYR CA 8 -25.81 -12.71 8.54
C TYR CA 8 -25.25 -12.96 9.93
N LEU CA 9 -24.51 -12.02 10.49
CA LEU CA 9 -23.91 -12.27 11.79
C LEU CA 9 -24.99 -12.33 12.85
N ASP CA 10 -25.99 -11.45 12.74
CA ASP CA 10 -27.19 -11.53 13.55
C ASP CA 10 -27.76 -12.93 13.60
N ASP CA 11 -27.89 -13.59 12.45
CA ASP CA 11 -28.44 -14.94 12.44
C ASP CA 11 -27.50 -15.93 13.09
N VAL CA 12 -26.20 -15.78 12.88
CA VAL CA 12 -25.27 -16.69 13.53
C VAL CA 12 -25.40 -16.58 15.04
N SER CA 13 -25.43 -15.36 15.55
CA SER CA 13 -25.64 -15.13 16.97
C SER CA 13 -26.94 -15.75 17.46
N ALA CA 14 -28.05 -15.44 16.81
CA ALA CA 14 -29.35 -15.96 17.22
C ALA CA 14 -29.46 -17.48 17.15
N LYS CA 15 -28.63 -18.13 16.33
CA LYS CA 15 -28.71 -19.58 16.28
C LYS CA 15 -28.40 -20.21 17.63
N PHE CA 16 -27.47 -19.61 18.38
CA PHE CA 16 -27.19 -20.11 19.73
C PHE CA 16 -28.36 -19.85 20.68
N ASP CA 17 -28.90 -18.64 20.68
CA ASP CA 17 -30.03 -18.34 21.54
C ASP CA 17 -31.17 -19.31 21.34
N THR CA 18 -31.53 -19.61 20.09
CA THR CA 18 -32.57 -20.62 19.90
C THR CA 18 -32.08 -22.04 20.14
N GLY CA 19 -30.78 -22.27 20.15
CA GLY CA 19 -30.28 -23.59 20.49
C GLY CA 19 -30.47 -23.92 21.95
N VAL CA 20 -29.96 -23.07 22.83
CA VAL CA 20 -30.22 -23.15 24.27
C VAL CA 20 -31.59 -22.59 24.63
N ASP CA 21 -32.60 -23.44 24.64
CA ASP CA 21 -33.99 -22.99 24.75
C ASP CA 21 -34.24 -22.05 25.92
N ASN CA 22 -33.77 -22.40 27.12
CA ASN CA 22 -34.17 -21.65 28.29
C ASN CA 22 -33.07 -21.40 29.31
N LEU CA 23 -31.86 -21.86 29.05
CA LEU CA 23 -30.74 -21.62 29.94
C LEU CA 23 -30.77 -20.19 30.47
N GLN CA 24 -31.04 -19.25 29.57
CA GLN CA 24 -31.09 -17.83 29.93
C GLN CA 24 -31.91 -17.56 31.18
N THR CA 25 -33.00 -18.28 31.40
CA THR CA 25 -33.79 -18.05 32.60
C THR CA 25 -33.53 -19.08 33.69
N GLN CA 26 -33.17 -20.29 33.32
CA GLN CA 26 -32.84 -21.25 34.36
C GLN CA 26 -31.72 -20.73 35.24
N VAL CA 27 -30.74 -20.04 34.65
CA VAL CA 27 -29.67 -19.44 35.44
C VAL CA 27 -30.21 -18.51 36.52
N THR CA 28 -31.16 -17.65 36.17
CA THR CA 28 -31.68 -16.71 37.15
C THR CA 28 -32.52 -17.40 38.20
N GLU CA 29 -33.33 -18.38 37.82
CA GLU CA 29 -34.11 -19.06 38.84
C GLU CA 29 -33.22 -19.84 39.79
N ALA CA 30 -32.22 -20.54 39.26
CA ALA CA 30 -31.27 -21.23 40.12
C ALA CA 30 -30.61 -20.27 41.09
N LEU CA 31 -30.23 -19.09 40.60
CA LEU CA 31 -29.64 -18.08 41.48
C LEU CA 31 -30.59 -17.67 42.59
N ASP CA 32 -31.83 -17.36 42.25
CA ASP CA 32 -32.77 -16.96 43.29
C ASP CA 32 -32.96 -18.04 44.33
N LYS CA 33 -33.06 -19.29 43.89
CA LYS CA 33 -33.22 -20.40 44.82
C LYS CA 33 -32.02 -20.50 45.75
N LEU CA 34 -30.81 -20.41 45.20
CA LEU CA 34 -29.61 -20.45 46.03
C LEU CA 34 -29.56 -19.30 47.02
N ALA CA 35 -29.77 -18.09 46.55
CA ALA CA 35 -29.76 -16.91 47.42
C ALA CA 35 -30.74 -17.07 48.57
N ALA CA 36 -31.81 -17.82 48.37
CA ALA CA 36 -32.71 -18.06 49.49
C ALA CA 36 -32.10 -18.96 50.56
N LYS CA 37 -31.20 -19.88 50.20
CA LYS CA 37 -30.67 -20.87 51.15
C LYS CA 37 -29.25 -21.26 50.76
N PRO CA 38 -28.32 -20.34 50.91
CA PRO CA 38 -26.93 -20.59 50.49
C PRO CA 38 -26.26 -21.87 50.97
N SER CA 39 -26.79 -22.57 51.95
CA SER CA 39 -26.09 -23.69 52.57
C SER CA 39 -26.62 -25.07 52.18
N ASP CA 40 -27.48 -25.19 51.18
CA ASP CA 40 -28.00 -26.49 50.79
C ASP CA 40 -27.18 -27.14 49.68
N PRO CA 41 -26.46 -28.23 49.94
CA PRO CA 41 -25.65 -28.87 48.89
C PRO CA 41 -26.38 -29.16 47.59
N ALA CA 42 -27.64 -29.58 47.62
CA ALA CA 42 -28.32 -29.85 46.36
C ALA CA 42 -28.45 -28.59 45.53
N LEU CA 43 -28.64 -27.45 46.17
CA LEU CA 43 -28.80 -26.23 45.41
C LEU CA 43 -27.45 -25.75 44.91
N LEU CA 44 -26.42 -25.86 45.73
CA LEU CA 44 -25.08 -25.51 45.29
C LEU CA 44 -24.68 -26.34 44.07
N ALA CA 45 -24.86 -27.65 44.15
CA ALA CA 45 -24.54 -28.52 43.03
C ALA CA 45 -25.31 -28.17 41.77
N ALA CA 46 -26.60 -27.83 41.88
CA ALA CA 46 -27.33 -27.42 40.68
C ALA CA 46 -26.74 -26.15 40.07
N TYR CA 47 -26.52 -25.14 40.89
CA TYR CA 47 -25.99 -23.88 40.41
C TYR CA 47 -24.63 -24.00 39.75
N GLN CA 48 -23.71 -24.74 40.35
CA GLN CA 48 -22.40 -24.91 39.70
C GLN CA 48 -22.53 -25.35 38.25
N SER CA 49 -23.42 -26.30 37.98
CA SER CA 49 -23.62 -26.80 36.63
C SER CA 49 -24.20 -25.72 35.71
N LYS CA 50 -25.33 -25.15 36.10
CA LYS CA 50 -25.94 -24.14 35.25
C LYS CA 50 -25.00 -22.96 34.96
N LEU CA 51 -24.33 -22.42 35.97
CA LEU CA 51 -23.40 -21.33 35.73
C LEU CA 51 -22.28 -21.71 34.77
N SER CA 52 -21.67 -22.87 34.95
CA SER CA 52 -20.63 -23.30 34.02
C SER CA 52 -21.15 -23.36 32.59
N GLU CA 53 -22.27 -24.04 32.40
CA GLU CA 53 -22.88 -24.15 31.08
C GLU CA 53 -23.09 -22.78 30.43
N TYR CA 54 -23.61 -21.82 31.20
CA TYR CA 54 -23.80 -20.48 30.69
C TYR CA 54 -22.50 -19.84 30.22
N ASN CA 55 -21.47 -19.94 31.05
CA ASN CA 55 -20.16 -19.42 30.68
C ASN CA 55 -19.71 -19.93 29.31
N LEU CA 56 -19.69 -21.25 29.14
CA LEU CA 56 -19.20 -21.82 27.89
C LEU CA 56 -20.05 -21.39 26.69
N TYR CA 57 -21.35 -21.27 26.87
CA TYR CA 57 -22.21 -20.79 25.80
C TYR CA 57 -21.82 -19.40 25.33
N ARG CA 58 -21.79 -18.44 26.24
CA ARG CA 58 -21.39 -17.08 25.88
C ARG CA 58 -20.03 -17.00 25.18
N ASN CA 59 -19.05 -17.77 25.64
CA ASN CA 59 -17.75 -17.73 24.95
C ASN CA 59 -17.82 -18.28 23.52
N ALA CA 60 -18.43 -19.45 23.33
CA ALA CA 60 -18.48 -19.98 21.98
C ALA CA 60 -19.16 -19.01 21.04
N GLN CA 61 -20.15 -18.29 21.56
CA GLN CA 61 -20.89 -17.36 20.71
C GLN CA 61 -19.99 -16.24 20.23
N SER CA 62 -19.35 -15.53 21.15
CA SER CA 62 -18.56 -14.38 20.71
C SER CA 62 -17.37 -14.77 19.84
N ASN CA 63 -16.71 -15.89 20.11
CA ASN CA 63 -15.62 -16.26 19.19
C ASN CA 63 -16.08 -16.59 17.78
N THR CA 64 -17.23 -17.24 17.63
CA THR CA 64 -17.67 -17.51 16.27
C THR CA 64 -18.04 -16.23 15.52
N VAL CA 65 -18.75 -15.32 16.19
CA VAL CA 65 -19.10 -14.07 15.52
C VAL CA 65 -17.85 -13.32 15.07
N LYS CA 66 -16.81 -13.31 15.89
CA LYS CA 66 -15.62 -12.58 15.44
C LYS CA 66 -14.97 -13.24 14.24
N VAL CA 67 -14.91 -14.57 14.22
CA VAL CA 67 -14.23 -15.21 13.10
C VAL CA 67 -14.92 -14.87 11.79
N PHE CA 68 -16.26 -14.88 11.78
CA PHE CA 68 -16.93 -14.53 10.53
C PHE CA 68 -16.70 -13.07 10.15
N LYS CA 69 -16.66 -12.17 11.13
CA LYS CA 69 -16.35 -10.80 10.76
C LYS CA 69 -15.00 -10.72 10.06
N ASP CA 70 -14.01 -11.44 10.56
CA ASP CA 70 -12.67 -11.31 9.99
C ASP CA 70 -12.50 -12.04 8.66
N ILE CA 71 -13.39 -12.96 8.32
CA ILE CA 71 -13.46 -13.41 6.93
C ILE CA 71 -14.02 -12.33 6.02
N ASP CA 72 -15.14 -11.73 6.41
CA ASP CA 72 -15.78 -10.79 5.48
C ASP CA 72 -14.92 -9.56 5.24
N ALA CA 73 -14.30 -9.01 6.28
CA ALA CA 73 -13.42 -7.88 6.07
C ALA CA 73 -12.29 -8.20 5.09
N ALA CA 74 -11.76 -9.41 5.17
CA ALA CA 74 -10.69 -9.83 4.27
C ALA CA 74 -11.17 -10.02 2.84
N ILE CA 75 -12.46 -10.20 2.62
CA ILE CA 75 -12.91 -10.27 1.23
C ILE CA 75 -13.17 -8.88 0.69
N ILE CA 76 -13.94 -8.06 1.42
CA ILE CA 76 -14.27 -6.73 0.91
C ILE CA 76 -13.07 -5.84 0.83
N GLN CA 77 -11.94 -6.25 1.40
CA GLN CA 77 -10.67 -5.59 1.10
C GLN CA 77 -10.32 -5.63 -0.38
N ASN CA 78 -10.53 -6.75 -1.04
CA ASN CA 78 -10.10 -6.95 -2.43
C ASN CA 78 -11.01 -6.33 -3.48
N PHE CA 79 -12.07 -5.61 -3.11
CA PHE CA 79 -12.84 -4.93 -4.16
C PHE CA 79 -12.01 -3.88 -4.88
N ARG CA 80 -11.07 -3.26 -4.19
CA ARG CA 80 -10.21 -2.29 -4.83
C ARG CA 80 -9.48 -2.89 -6.00
N THR DA 3 -17.70 -39.95 -0.95
CA THR DA 3 -16.88 -39.77 0.25
C THR DA 3 -17.10 -38.37 0.79
N PRO DA 4 -17.26 -38.24 2.10
CA PRO DA 4 -17.23 -36.90 2.70
C PRO DA 4 -15.88 -36.26 2.46
N TRP DA 5 -15.87 -35.11 1.80
CA TRP DA 5 -14.64 -34.38 1.61
C TRP DA 5 -13.97 -34.04 2.94
N SER DA 6 -12.66 -34.25 2.99
CA SER DA 6 -11.84 -33.94 4.14
C SER DA 6 -10.65 -33.14 3.64
N GLY DA 7 -10.34 -32.05 4.32
CA GLY DA 7 -9.13 -31.31 4.04
C GLY DA 7 -7.88 -31.93 4.66
N TYR DA 8 -6.90 -31.08 4.88
CA TYR DA 8 -5.68 -31.45 5.56
C TYR DA 8 -5.78 -31.33 7.07
N LEU DA 9 -6.39 -30.25 7.55
CA LEU DA 9 -6.54 -30.05 8.99
C LEU DA 9 -7.34 -31.19 9.62
N ASP DA 10 -8.45 -31.57 9.00
CA ASP DA 10 -9.22 -32.71 9.50
C ASP DA 10 -8.56 -34.05 9.26
N ASP DA 11 -7.42 -34.11 8.57
CA ASP DA 11 -6.63 -35.33 8.51
C ASP DA 11 -5.69 -35.39 9.70
N VAL DA 12 -4.99 -34.29 9.94
CA VAL DA 12 -4.15 -34.18 11.12
C VAL DA 12 -4.98 -34.45 12.37
N SER DA 13 -6.14 -33.83 12.47
CA SER DA 13 -7.02 -34.07 13.60
C SER DA 13 -7.41 -35.54 13.72
N ALA DA 14 -7.71 -36.20 12.61
CA ALA DA 14 -8.12 -37.60 12.65
C ALA DA 14 -6.99 -38.54 13.05
N LYS DA 15 -5.75 -38.20 12.73
CA LYS DA 15 -4.65 -39.04 13.20
C LYS DA 15 -4.70 -39.29 14.70
N PHE DA 16 -5.02 -38.27 15.50
CA PHE DA 16 -5.17 -38.50 16.94
C PHE DA 16 -6.34 -39.42 17.25
N ASP DA 17 -7.48 -39.20 16.62
CA ASP DA 17 -8.65 -40.03 16.89
C ASP DA 17 -8.36 -41.50 16.65
N THR DA 18 -7.78 -41.85 15.52
CA THR DA 18 -7.44 -43.25 15.32
C THR DA 18 -6.22 -43.69 16.11
N GLY DA 19 -5.36 -42.77 16.54
CA GLY DA 19 -4.24 -43.17 17.36
C GLY DA 19 -4.64 -43.64 18.74
N VAL DA 20 -5.56 -42.95 19.38
CA VAL DA 20 -6.13 -43.41 20.67
C VAL DA 20 -7.37 -44.23 20.32
N ASP DA 21 -7.13 -45.49 19.98
CA ASP DA 21 -8.17 -46.39 19.50
C ASP DA 21 -9.49 -46.37 20.25
N ASN DA 22 -9.45 -46.55 21.57
CA ASN DA 22 -10.65 -46.84 22.34
C ASN DA 22 -10.84 -45.94 23.55
N LEU DA 23 -9.90 -45.04 23.82
CA LEU DA 23 -9.98 -44.17 24.97
C LEU DA 23 -11.35 -43.53 25.09
N GLN DA 24 -11.89 -43.05 23.99
CA GLN DA 24 -13.16 -42.34 24.04
C GLN DA 24 -14.24 -43.13 24.76
N THR DA 25 -14.32 -44.44 24.53
CA THR DA 25 -15.29 -45.26 25.23
C THR DA 25 -14.81 -45.71 26.60
N GLN DA 26 -13.54 -46.08 26.72
CA GLN DA 26 -13.00 -46.43 28.04
C GLN DA 26 -13.33 -45.38 29.08
N VAL DA 27 -13.29 -44.11 28.71
CA VAL DA 27 -13.60 -43.05 29.67
C VAL DA 27 -15.02 -43.17 30.19
N THR DA 28 -16.00 -43.32 29.31
CA THR DA 28 -17.38 -43.40 29.78
C THR DA 28 -17.66 -44.69 30.54
N GLU DA 29 -17.09 -45.81 30.09
CA GLU DA 29 -17.23 -47.04 30.88
C GLU DA 29 -16.74 -46.85 32.31
N ALA DA 30 -15.52 -46.30 32.46
CA ALA DA 30 -14.98 -46.06 33.80
C ALA DA 30 -15.87 -45.11 34.58
N LEU DA 31 -16.47 -44.13 33.90
CA LEU DA 31 -17.36 -43.23 34.59
C LEU DA 31 -18.61 -43.93 35.09
N ASP DA 32 -19.20 -44.81 34.30
CA ASP DA 32 -20.41 -45.47 34.76
C ASP DA 32 -20.14 -46.40 35.94
N LYS DA 33 -19.00 -47.08 35.95
CA LYS DA 33 -18.67 -47.86 37.15
C LYS DA 33 -18.48 -46.94 38.36
N LEU DA 34 -17.67 -45.90 38.22
CA LEU DA 34 -17.47 -44.98 39.33
C LEU DA 34 -18.79 -44.44 39.84
N ALA DA 35 -19.69 -44.08 38.93
CA ALA DA 35 -21.00 -43.60 39.35
C ALA DA 35 -21.80 -44.67 40.05
N ALA DA 36 -21.51 -45.94 39.76
CA ALA DA 36 -22.24 -46.99 40.44
C ALA DA 36 -21.74 -47.17 41.87
N LYS DA 37 -20.51 -46.78 42.16
CA LYS DA 37 -20.02 -46.96 43.52
C LYS DA 37 -18.86 -46.03 43.84
N PRO DA 38 -19.13 -44.74 44.03
CA PRO DA 38 -18.07 -43.75 44.30
C PRO DA 38 -17.06 -44.07 45.39
N SER DA 39 -17.41 -44.85 46.40
CA SER DA 39 -16.47 -45.10 47.49
C SER DA 39 -15.44 -46.19 47.23
N ASP DA 40 -15.49 -46.89 46.11
CA ASP DA 40 -14.50 -47.95 45.89
C ASP DA 40 -13.17 -47.40 45.40
N PRO DA 41 -12.08 -47.58 46.16
CA PRO DA 41 -10.80 -46.99 45.74
C PRO DA 41 -10.26 -47.62 44.49
N ALA DA 42 -10.63 -48.85 44.17
CA ALA DA 42 -10.09 -49.46 42.97
C ALA DA 42 -10.74 -48.87 41.73
N LEU DA 43 -11.96 -48.36 41.87
CA LEU DA 43 -12.59 -47.69 40.76
C LEU DA 43 -12.06 -46.27 40.62
N LEU DA 44 -11.92 -45.59 41.76
CA LEU DA 44 -11.33 -44.25 41.78
C LEU DA 44 -9.97 -44.21 41.08
N ALA DA 45 -9.04 -45.03 41.56
CA ALA DA 45 -7.69 -45.00 41.02
C ALA DA 45 -7.64 -45.43 39.57
N ALA DA 46 -8.70 -46.03 39.03
CA ALA DA 46 -8.70 -46.36 37.62
C ALA DA 46 -9.27 -45.23 36.81
N TYR DA 47 -10.17 -44.46 37.40
CA TYR DA 47 -10.76 -43.34 36.70
C TYR DA 47 -9.77 -42.20 36.53
N GLN DA 48 -8.98 -41.93 37.57
CA GLN DA 48 -7.99 -40.86 37.49
C GLN DA 48 -7.09 -40.96 36.25
N SER DA 49 -6.58 -42.16 35.95
CA SER DA 49 -5.67 -42.32 34.81
C SER DA 49 -6.36 -42.09 33.48
N LYS DA 50 -7.63 -42.43 33.37
CA LYS DA 50 -8.30 -42.27 32.10
C LYS DA 50 -8.70 -40.82 31.89
N LEU DA 51 -9.29 -40.20 32.89
CA LEU DA 51 -9.62 -38.80 32.74
C LEU DA 51 -8.38 -37.98 32.40
N SER DA 52 -7.24 -38.27 33.02
CA SER DA 52 -6.03 -37.53 32.67
C SER DA 52 -5.57 -37.78 31.24
N GLU DA 53 -5.59 -39.03 30.79
CA GLU DA 53 -5.22 -39.30 29.41
C GLU DA 53 -6.11 -38.55 28.43
N TYR DA 54 -7.41 -38.54 28.68
CA TYR DA 54 -8.34 -37.83 27.82
C TYR DA 54 -8.02 -36.35 27.75
N ASN DA 55 -7.87 -35.71 28.90
CA ASN DA 55 -7.53 -34.30 28.95
C ASN DA 55 -6.32 -33.96 28.08
N LEU DA 56 -5.22 -34.68 28.30
CA LEU DA 56 -4.02 -34.42 27.49
C LEU DA 56 -4.23 -34.63 26.00
N TYR DA 57 -4.91 -35.70 25.63
CA TYR DA 57 -5.21 -35.95 24.22
C TYR DA 57 -5.92 -34.77 23.56
N ARG DA 58 -7.04 -34.32 24.11
CA ARG DA 58 -7.74 -33.18 23.53
C ARG DA 58 -6.88 -31.93 23.43
N ASN DA 59 -6.09 -31.63 24.46
CA ASN DA 59 -5.21 -30.46 24.40
C ASN DA 59 -4.23 -30.51 23.24
N ALA DA 60 -3.44 -31.58 23.16
CA ALA DA 60 -2.48 -31.68 22.07
C ALA DA 60 -3.15 -31.58 20.71
N GLN DA 61 -4.32 -32.21 20.57
CA GLN DA 61 -5.03 -32.16 19.30
C GLN DA 61 -5.28 -30.73 18.84
N SER DA 62 -5.98 -29.95 19.66
CA SER DA 62 -6.31 -28.62 19.18
C SER DA 62 -5.11 -27.69 19.06
N ASN DA 63 -4.10 -27.82 19.92
CA ASN DA 63 -2.93 -26.98 19.75
C ASN DA 63 -2.26 -27.22 18.40
N THR DA 64 -2.26 -28.46 17.94
CA THR DA 64 -1.62 -28.75 16.66
C THR DA 64 -2.41 -28.19 15.50
N VAL DA 65 -3.73 -28.37 15.53
CA VAL DA 65 -4.54 -27.82 14.46
C VAL DA 65 -4.31 -26.31 14.33
N LYS DA 66 -4.28 -25.61 15.46
CA LYS DA 66 -4.05 -24.17 15.35
C LYS DA 66 -2.70 -23.83 14.72
N VAL DA 67 -1.64 -24.55 15.11
CA VAL DA 67 -0.34 -24.20 14.53
C VAL DA 67 -0.35 -24.34 13.02
N PHE DA 68 -0.93 -25.41 12.51
CA PHE DA 68 -1.01 -25.55 11.06
C PHE DA 68 -1.81 -24.43 10.41
N LYS DA 69 -2.98 -24.10 10.94
CA LYS DA 69 -3.71 -23.00 10.31
C LYS DA 69 -2.87 -21.73 10.23
N ASP DA 70 -2.04 -21.47 11.25
CA ASP DA 70 -1.20 -20.27 11.17
C ASP DA 70 -0.16 -20.37 10.06
N ILE DA 71 0.39 -21.57 9.86
CA ILE DA 71 1.37 -21.73 8.79
C ILE DA 71 0.73 -21.53 7.43
N ASP DA 72 -0.51 -21.97 7.25
CA ASP DA 72 -1.09 -21.81 5.92
C ASP DA 72 -1.50 -20.37 5.67
N ALA DA 73 -2.11 -19.71 6.64
CA ALA DA 73 -2.50 -18.32 6.44
C ALA DA 73 -1.29 -17.45 6.13
N ALA DA 74 -0.15 -17.75 6.72
CA ALA DA 74 1.04 -16.95 6.41
C ALA DA 74 1.52 -17.11 4.98
N ILE DA 75 1.27 -18.25 4.33
CA ILE DA 75 1.63 -18.38 2.93
C ILE DA 75 0.61 -17.70 2.04
N ILE DA 76 -0.66 -17.93 2.31
CA ILE DA 76 -1.68 -17.32 1.45
C ILE DA 76 -1.59 -15.81 1.47
N GLN DA 77 -1.12 -15.24 2.57
CA GLN DA 77 -0.89 -13.80 2.60
C GLN DA 77 0.08 -13.31 1.54
N ASN DA 78 0.98 -14.15 1.07
CA ASN DA 78 1.95 -13.76 0.05
C ASN DA 78 1.51 -13.95 -1.40
N PHE DA 79 0.31 -14.45 -1.69
CA PHE DA 79 -0.07 -14.53 -3.09
C PHE DA 79 -0.19 -13.14 -3.70
N ARG DA 80 -0.69 -12.18 -2.94
CA ARG DA 80 -0.88 -10.86 -3.48
C ARG DA 80 0.45 -10.22 -3.78
N THR EA 3 18.78 -38.63 14.29
CA THR EA 3 18.33 -38.41 12.91
C THR EA 3 19.45 -37.82 12.08
N PRO EA 4 19.37 -38.02 10.76
CA PRO EA 4 20.42 -37.44 9.90
C PRO EA 4 20.46 -35.91 9.91
N TRP EA 5 19.33 -35.25 9.69
CA TRP EA 5 19.28 -33.79 9.69
C TRP EA 5 18.93 -33.27 11.07
N SER EA 6 19.64 -32.24 11.51
CA SER EA 6 19.46 -31.66 12.83
C SER EA 6 19.62 -30.14 12.73
N GLY EA 7 18.53 -29.43 13.01
CA GLY EA 7 18.53 -27.98 13.07
C GLY EA 7 19.14 -27.40 14.32
N TYR EA 8 19.12 -26.07 14.36
CA TYR EA 8 19.62 -25.32 15.51
C TYR EA 8 18.79 -25.57 16.75
N LEU EA 9 17.46 -25.54 16.63
CA LEU EA 9 16.66 -25.82 17.80
C LEU EA 9 16.87 -27.25 18.26
N ASP EA 10 16.95 -28.19 17.33
CA ASP EA 10 17.32 -29.56 17.68
C ASP EA 10 18.59 -29.60 18.52
N ASP EA 11 19.65 -28.97 18.04
CA ASP EA 11 20.91 -28.92 18.77
C ASP EA 11 20.73 -28.38 20.19
N VAL EA 12 20.07 -27.23 20.32
CA VAL EA 12 19.90 -26.66 21.64
C VAL EA 12 19.09 -27.58 22.53
N SER EA 13 18.08 -28.25 21.99
CA SER EA 13 17.36 -29.24 22.79
C SER EA 13 18.28 -30.35 23.24
N ALA EA 14 19.04 -30.92 22.30
CA ALA EA 14 19.92 -32.04 22.59
C ALA EA 14 21.01 -31.71 23.59
N LYS EA 15 21.34 -30.44 23.78
CA LYS EA 15 22.38 -30.13 24.76
C LYS EA 15 21.96 -30.57 26.15
N PHE EA 16 20.68 -30.47 26.48
CA PHE EA 16 20.24 -30.95 27.79
C PHE EA 16 20.28 -32.47 27.85
N ASP EA 17 19.79 -33.13 26.80
CA ASP EA 17 19.75 -34.58 26.80
C ASP EA 17 21.12 -35.19 26.96
N THR EA 18 22.16 -34.55 26.44
CA THR EA 18 23.50 -35.05 26.70
C THR EA 18 24.11 -34.46 27.95
N GLY EA 19 23.53 -33.41 28.52
CA GLY EA 19 24.14 -32.81 29.69
C GLY EA 19 23.76 -33.53 30.95
N VAL EA 20 22.60 -34.19 30.97
CA VAL EA 20 22.22 -35.05 32.08
C VAL EA 20 22.54 -36.49 31.68
N ASP EA 21 23.53 -37.09 32.32
CA ASP EA 21 24.19 -38.24 31.71
C ASP EA 21 23.23 -39.39 31.46
N ASN EA 22 22.50 -39.81 32.50
CA ASN EA 22 21.56 -40.92 32.35
C ASN EA 22 20.32 -40.78 33.23
N LEU EA 23 19.99 -39.56 33.64
CA LEU EA 23 18.85 -39.36 34.53
C LEU EA 23 17.62 -40.06 33.97
N GLN EA 24 17.46 -40.03 32.65
CA GLN EA 24 16.31 -40.66 32.04
C GLN EA 24 16.19 -42.13 32.42
N THR EA 25 17.30 -42.78 32.71
CA THR EA 25 17.30 -44.16 33.19
C THR EA 25 17.16 -44.23 34.71
N GLN EA 26 17.86 -43.34 35.40
CA GLN EA 26 17.83 -43.40 36.86
C GLN EA 26 16.42 -43.25 37.41
N VAL EA 27 15.59 -42.43 36.77
CA VAL EA 27 14.22 -42.34 37.29
C VAL EA 27 13.41 -43.59 36.97
N THR EA 28 13.70 -44.26 35.87
CA THR EA 28 12.93 -45.44 35.52
C THR EA 28 13.24 -46.57 36.48
N GLU EA 29 14.52 -46.79 36.74
CA GLU EA 29 14.84 -47.89 37.64
C GLU EA 29 14.60 -47.56 39.10
N ALA EA 30 14.71 -46.29 39.50
CA ALA EA 30 14.29 -45.97 40.86
C ALA EA 30 12.80 -46.27 41.04
N LEU EA 31 11.98 -45.95 40.05
CA LEU EA 31 10.58 -46.33 40.12
C LEU EA 31 10.41 -47.85 40.20
N ASP EA 32 11.15 -48.58 39.38
CA ASP EA 32 11.06 -50.03 39.44
C ASP EA 32 11.35 -50.57 40.83
N LYS EA 33 12.34 -50.01 41.50
CA LYS EA 33 12.64 -50.43 42.88
C LYS EA 33 11.54 -50.04 43.85
N LEU EA 34 11.09 -48.79 43.80
CA LEU EA 34 10.08 -48.31 44.74
C LEU EA 34 8.76 -49.04 44.59
N ALA EA 35 8.28 -49.21 43.36
CA ALA EA 35 7.01 -49.90 43.15
C ALA EA 35 7.02 -51.29 43.75
N ALA EA 36 8.19 -51.90 43.90
CA ALA EA 36 8.28 -53.22 44.50
C ALA EA 36 8.10 -53.22 46.01
N LYS EA 37 8.32 -52.10 46.68
CA LYS EA 37 8.25 -52.03 48.15
C LYS EA 37 7.88 -50.61 48.54
N PRO EA 38 6.65 -50.21 48.26
CA PRO EA 38 6.22 -48.81 48.49
C PRO EA 38 6.38 -48.26 49.90
N SER EA 39 6.85 -49.04 50.87
CA SER EA 39 6.88 -48.58 52.25
C SER EA 39 8.28 -48.39 52.79
N ASP EA 40 9.31 -48.56 51.98
CA ASP EA 40 10.70 -48.34 52.40
C ASP EA 40 11.10 -46.87 52.36
N PRO EA 41 11.33 -46.23 53.51
CA PRO EA 41 11.72 -44.80 53.49
C PRO EA 41 12.98 -44.51 52.70
N ALA EA 42 13.94 -45.41 52.64
CA ALA EA 42 15.16 -45.13 51.88
C ALA EA 42 14.85 -44.99 50.40
N LEU EA 43 13.89 -45.77 49.93
CA LEU EA 43 13.52 -45.75 48.54
C LEU EA 43 12.64 -44.55 48.23
N LEU EA 44 11.70 -44.24 49.11
CA LEU EA 44 10.91 -43.03 48.91
C LEU EA 44 11.80 -41.78 48.89
N ALA EA 45 12.72 -41.67 49.84
CA ALA EA 45 13.60 -40.51 49.85
C ALA EA 45 14.49 -40.43 48.62
N ALA EA 46 14.86 -41.56 48.03
CA ALA EA 46 15.59 -41.47 46.76
C ALA EA 46 14.68 -40.98 45.63
N TYR EA 47 13.49 -41.57 45.55
CA TYR EA 47 12.64 -41.30 44.40
C TYR EA 47 12.19 -39.85 44.37
N GLN EA 48 11.94 -39.25 45.54
CA GLN EA 48 11.52 -37.86 45.53
C GLN EA 48 12.54 -36.98 44.82
N SER EA 49 13.82 -37.21 45.09
CA SER EA 49 14.85 -36.38 44.48
C SER EA 49 14.92 -36.62 42.99
N LYS EA 50 14.93 -37.87 42.58
CA LYS EA 50 15.12 -38.11 41.15
C LYS EA 50 13.93 -37.63 40.34
N LEU EA 51 12.72 -37.76 40.88
CA LEU EA 51 11.56 -37.24 40.18
C LEU EA 51 11.59 -35.72 40.10
N SER EA 52 12.00 -35.03 41.16
CA SER EA 52 12.05 -33.58 41.07
C SER EA 52 13.09 -33.12 40.06
N GLU EA 53 14.27 -33.73 40.06
CA GLU EA 53 15.27 -33.34 39.08
C GLU EA 53 14.75 -33.54 37.66
N TYR EA 54 14.03 -34.63 37.43
CA TYR EA 54 13.50 -34.87 36.10
C TYR EA 54 12.49 -33.81 35.71
N ASN EA 55 11.75 -33.32 36.69
CA ASN EA 55 10.77 -32.28 36.39
C ASN EA 55 11.44 -30.98 35.96
N LEU EA 56 12.40 -30.51 36.74
CA LEU EA 56 13.04 -29.24 36.38
C LEU EA 56 13.79 -29.32 35.06
N TYR EA 57 14.36 -30.47 34.75
CA TYR EA 57 15.00 -30.65 33.47
C TYR EA 57 14.02 -30.56 32.30
N ARG EA 58 12.95 -31.35 32.34
CA ARG EA 58 12.02 -31.31 31.22
C ARG EA 58 11.42 -29.94 31.05
N ASN EA 59 11.19 -29.23 32.15
CA ASN EA 59 10.53 -27.93 32.04
C ASN EA 59 11.42 -26.90 31.38
N ALA EA 60 12.63 -26.69 31.91
CA ALA EA 60 13.49 -25.68 31.33
C ALA EA 60 13.89 -25.97 29.89
N GLN EA 61 13.96 -27.24 29.50
CA GLN EA 61 14.27 -27.51 28.10
C GLN EA 61 13.24 -26.87 27.17
N SER EA 62 11.98 -26.94 27.56
CA SER EA 62 10.93 -26.47 26.67
C SER EA 62 10.84 -24.96 26.67
N ASN EA 63 10.98 -24.32 27.83
CA ASN EA 63 10.95 -22.87 27.79
C ASN EA 63 12.08 -22.32 26.94
N THR EA 64 13.26 -22.92 27.02
CA THR EA 64 14.37 -22.38 26.23
C THR EA 64 14.11 -22.50 24.74
N VAL EA 65 13.59 -23.65 24.30
CA VAL EA 65 13.31 -23.77 22.87
C VAL EA 65 12.26 -22.77 22.43
N LYS EA 66 11.24 -22.53 23.26
CA LYS EA 66 10.25 -21.52 22.91
C LYS EA 66 10.87 -20.14 22.70
N VAL EA 67 11.76 -19.74 23.60
CA VAL EA 67 12.37 -18.42 23.46
C VAL EA 67 13.19 -18.33 22.19
N PHE EA 68 13.99 -19.35 21.89
CA PHE EA 68 14.78 -19.22 20.67
C PHE EA 68 13.92 -19.23 19.43
N LYS EA 69 12.76 -19.88 19.45
CA LYS EA 69 11.91 -19.80 18.28
C LYS EA 69 11.45 -18.38 18.07
N ASP EA 70 11.01 -17.71 19.13
CA ASP EA 70 10.47 -16.36 18.96
C ASP EA 70 11.53 -15.33 18.61
N ILE EA 71 12.77 -15.53 19.06
CA ILE EA 71 13.83 -14.59 18.72
C ILE EA 71 13.99 -14.42 17.23
N ASP EA 72 13.75 -15.44 16.44
CA ASP EA 72 14.05 -15.36 15.02
C ASP EA 72 12.83 -15.48 14.15
N ALA EA 73 11.71 -15.98 14.67
CA ALA EA 73 10.45 -15.69 14.01
C ALA EA 73 10.24 -14.21 13.90
N ALA EA 74 10.73 -13.44 14.88
CA ALA EA 74 10.69 -11.99 14.73
C ALA EA 74 11.65 -11.44 13.68
N ILE EA 75 12.74 -12.13 13.35
CA ILE EA 75 13.65 -11.63 12.33
C ILE EA 75 13.12 -11.88 10.94
N ILE EA 76 12.67 -13.11 10.66
CA ILE EA 76 12.25 -13.38 9.29
C ILE EA 76 11.02 -12.61 8.90
N GLN EA 77 10.36 -11.98 9.86
CA GLN EA 77 9.28 -11.04 9.57
C GLN EA 77 9.74 -9.78 8.87
N ASN EA 78 11.01 -9.40 8.99
CA ASN EA 78 11.53 -8.20 8.35
C ASN EA 78 12.13 -8.43 6.98
N PHE EA 79 12.11 -9.65 6.45
CA PHE EA 79 12.68 -9.85 5.13
C PHE EA 79 11.91 -9.09 4.07
N ARG EA 80 10.60 -9.01 4.21
CA ARG EA 80 9.79 -8.35 3.21
C ARG EA 80 10.00 -6.86 3.22
N THR FA 3 31.38 -9.91 33.79
CA THR FA 3 32.20 -8.75 34.13
C THR FA 3 32.72 -8.07 32.87
N PRO FA 4 33.37 -8.83 31.99
CA PRO FA 4 33.90 -8.22 30.77
C PRO FA 4 32.87 -7.38 30.04
N TRP FA 5 31.66 -7.91 29.86
CA TRP FA 5 30.56 -7.18 29.28
C TRP FA 5 29.29 -7.43 30.06
N SER FA 6 28.56 -6.36 30.33
CA SER FA 6 27.33 -6.44 31.10
C SER FA 6 26.41 -5.36 30.58
N GLY FA 7 25.13 -5.69 30.50
CA GLY FA 7 24.10 -4.74 30.16
C GLY FA 7 23.40 -4.12 31.35
N TYR FA 8 22.33 -3.39 31.03
CA TYR FA 8 21.50 -2.77 32.05
C TYR FA 8 20.78 -3.82 32.89
N LEU FA 9 20.24 -4.85 32.26
CA LEU FA 9 19.62 -5.92 33.04
C LEU FA 9 20.64 -6.59 33.95
N ASP FA 10 21.83 -6.86 33.43
CA ASP FA 10 22.91 -7.38 34.28
C ASP FA 10 23.18 -6.48 35.47
N ASP FA 11 23.11 -5.17 35.28
CA ASP FA 11 23.34 -4.26 36.39
C ASP FA 11 22.23 -4.36 37.43
N VAL FA 12 20.98 -4.30 36.98
CA VAL FA 12 19.85 -4.48 37.90
C VAL FA 12 20.00 -5.76 38.68
N SER FA 13 20.37 -6.84 38.01
CA SER FA 13 20.54 -8.11 38.70
C SER FA 13 21.67 -8.04 39.73
N ALA FA 14 22.86 -7.67 39.29
CA ALA FA 14 24.01 -7.57 40.19
C ALA FA 14 23.74 -6.71 41.42
N LYS FA 15 22.90 -5.69 41.32
CA LYS FA 15 22.63 -4.90 42.51
C LYS FA 15 22.01 -5.71 43.64
N PHE FA 16 21.36 -6.84 43.37
CA PHE FA 16 20.96 -7.68 44.49
C PHE FA 16 22.11 -8.56 44.96
N ASP FA 17 22.89 -9.08 44.03
CA ASP FA 17 23.97 -9.97 44.40
C ASP FA 17 24.99 -9.27 45.28
N THR FA 18 25.12 -7.95 45.14
CA THR FA 18 25.92 -7.22 46.11
C THR FA 18 25.08 -6.58 47.19
N GLY FA 19 23.76 -6.53 47.04
CA GLY FA 19 22.96 -5.93 48.07
C GLY FA 19 22.97 -6.79 49.31
N VAL FA 20 22.90 -8.11 49.12
CA VAL FA 20 23.10 -9.05 50.22
C VAL FA 20 24.56 -9.48 50.26
N ASP FA 21 25.24 -9.14 51.36
CA ASP FA 21 26.71 -9.26 51.38
C ASP FA 21 27.15 -10.71 51.36
N ASN FA 22 26.65 -11.52 52.27
CA ASN FA 22 27.18 -12.86 52.50
C ASN FA 22 26.13 -13.94 52.63
N LEU FA 23 24.85 -13.62 52.48
CA LEU FA 23 23.80 -14.62 52.62
C LEU FA 23 24.08 -15.83 51.75
N GLN FA 24 24.65 -15.59 50.58
CA GLN FA 24 25.00 -16.66 49.67
C GLN FA 24 25.87 -17.72 50.31
N THR FA 25 26.73 -17.36 51.25
CA THR FA 25 27.50 -18.38 51.96
C THR FA 25 26.82 -18.80 53.24
N GLN FA 26 26.31 -17.83 54.02
CA GLN FA 26 25.70 -18.17 55.29
C GLN FA 26 24.72 -19.32 55.16
N VAL FA 27 23.93 -19.34 54.09
CA VAL FA 27 22.92 -20.39 53.98
C VAL FA 27 23.54 -21.77 53.77
N THR FA 28 24.60 -21.86 52.98
CA THR FA 28 25.29 -23.15 52.84
C THR FA 28 26.01 -23.56 54.11
N GLU FA 29 26.56 -22.59 54.83
CA GLU FA 29 27.19 -22.89 56.11
C GLU FA 29 26.20 -23.50 57.09
N ALA FA 30 25.13 -22.76 57.38
CA ALA FA 30 24.10 -23.27 58.27
C ALA FA 30 23.57 -24.62 57.82
N LEU FA 31 23.46 -24.84 56.51
CA LEU FA 31 22.99 -26.13 56.02
C LEU FA 31 23.79 -27.30 56.58
N ASP FA 32 25.11 -27.22 56.56
CA ASP FA 32 25.88 -28.35 57.05
C ASP FA 32 26.09 -28.35 58.56
N LYS FA 33 26.07 -27.19 59.20
CA LYS FA 33 25.99 -27.21 60.66
C LYS FA 33 24.78 -28.03 61.09
N LEU FA 34 23.63 -27.75 60.52
CA LEU FA 34 22.43 -28.53 60.81
C LEU FA 34 22.61 -29.98 60.43
N ALA FA 35 23.05 -30.26 59.21
CA ALA FA 35 23.21 -31.64 58.76
C ALA FA 35 24.05 -32.46 59.72
N ALA FA 36 25.01 -31.83 60.40
CA ALA FA 36 25.79 -32.58 61.39
C ALA FA 36 24.96 -33.01 62.60
N LYS FA 37 23.88 -32.30 62.92
CA LYS FA 37 23.12 -32.55 64.15
C LYS FA 37 21.68 -32.09 63.95
N PRO FA 38 20.93 -32.75 63.09
CA PRO FA 38 19.60 -32.27 62.74
C PRO FA 38 18.58 -32.19 63.87
N SER FA 39 18.95 -32.51 65.10
CA SER FA 39 17.99 -32.47 66.20
C SER FA 39 18.17 -31.29 67.13
N ASP FA 40 19.16 -30.43 66.89
CA ASP FA 40 19.36 -29.25 67.73
C ASP FA 40 18.41 -28.10 67.45
N PRO FA 41 17.51 -27.77 68.38
CA PRO FA 41 16.58 -26.66 68.16
C PRO FA 41 17.24 -25.35 67.75
N ALA FA 42 18.36 -24.98 68.38
CA ALA FA 42 18.99 -23.72 68.00
C ALA FA 42 19.43 -23.72 66.54
N LEU FA 43 19.96 -24.85 66.08
CA LEU FA 43 20.38 -24.95 64.69
C LEU FA 43 19.19 -24.91 63.75
N LEU FA 44 18.10 -25.56 64.13
CA LEU FA 44 16.89 -25.51 63.30
C LEU FA 44 16.38 -24.08 63.15
N ALA FA 45 16.17 -23.41 64.28
CA ALA FA 45 15.70 -22.04 64.22
C ALA FA 45 16.65 -21.15 63.42
N ALA FA 46 17.95 -21.32 63.58
CA ALA FA 46 18.90 -20.54 62.79
C ALA FA 46 18.73 -20.78 61.30
N TYR FA 47 18.48 -22.02 60.90
CA TYR FA 47 18.33 -22.35 59.49
C TYR FA 47 17.05 -21.80 58.88
N GLN FA 48 15.94 -21.94 59.59
CA GLN FA 48 14.65 -21.55 59.02
C GLN FA 48 14.61 -20.12 58.51
N SER FA 49 15.20 -19.19 59.23
CA SER FA 49 15.18 -17.80 58.79
C SER FA 49 16.15 -17.53 57.65
N LYS FA 50 17.34 -18.11 57.67
CA LYS FA 50 18.25 -17.89 56.56
C LYS FA 50 17.70 -18.45 55.27
N LEU FA 51 17.06 -19.60 55.33
CA LEU FA 51 16.48 -20.15 54.11
C LEU FA 51 15.31 -19.32 53.63
N SER FA 52 14.48 -18.80 54.52
CA SER FA 52 13.39 -17.93 54.09
C SER FA 52 13.94 -16.68 53.40
N GLU FA 53 14.95 -16.05 53.99
CA GLU FA 53 15.56 -14.89 53.35
C GLU FA 53 16.18 -15.19 52.01
N TYR FA 54 16.73 -16.38 51.83
CA TYR FA 54 17.27 -16.72 50.51
C TYR FA 54 16.17 -16.89 49.48
N ASN FA 55 15.06 -17.49 49.89
CA ASN FA 55 13.94 -17.63 48.98
C ASN FA 55 13.44 -16.28 48.51
N LEU FA 56 13.13 -15.39 49.44
CA LEU FA 56 12.61 -14.08 49.05
C LEU FA 56 13.61 -13.30 48.21
N TYR FA 57 14.90 -13.43 48.49
CA TYR FA 57 15.91 -12.77 47.67
C TYR FA 57 15.84 -13.21 46.21
N ARG FA 58 15.72 -14.51 45.96
CA ARG FA 58 15.69 -14.92 44.56
C ARG FA 58 14.38 -14.53 43.86
N ASN FA 59 13.25 -14.65 44.55
CA ASN FA 59 12.02 -14.24 43.89
C ASN FA 59 12.03 -12.77 43.56
N ALA FA 60 12.41 -11.92 44.52
CA ALA FA 60 12.41 -10.50 44.25
C ALA FA 60 13.34 -10.17 43.10
N GLN FA 61 14.47 -10.85 43.02
CA GLN FA 61 15.41 -10.58 41.93
C GLN FA 61 14.80 -10.86 40.57
N SER FA 62 14.06 -11.96 40.42
CA SER FA 62 13.69 -12.35 39.06
C SER FA 62 12.55 -11.53 38.43
N ASN FA 63 11.50 -11.25 39.19
CA ASN FA 63 10.41 -10.42 38.69
C ASN FA 63 10.87 -9.06 38.17
N THR FA 64 11.82 -8.42 38.85
CA THR FA 64 12.32 -7.13 38.37
C THR FA 64 12.95 -7.24 36.99
N VAL FA 65 13.78 -8.25 36.79
CA VAL FA 65 14.40 -8.38 35.48
C VAL FA 65 13.34 -8.59 34.41
N LYS FA 66 12.26 -9.29 34.74
CA LYS FA 66 11.24 -9.48 33.73
C LYS FA 66 10.53 -8.17 33.40
N VAL FA 67 10.18 -7.39 34.41
CA VAL FA 67 9.52 -6.11 34.17
C VAL FA 67 10.34 -5.23 33.24
N PHE FA 68 11.64 -5.10 33.51
CA PHE FA 68 12.46 -4.29 32.62
C PHE FA 68 12.54 -4.86 31.21
N LYS FA 69 12.53 -6.18 31.07
CA LYS FA 69 12.53 -6.71 29.71
C LYS FA 69 11.29 -6.29 28.97
N ASP FA 70 10.15 -6.29 29.64
CA ASP FA 70 8.91 -5.93 28.95
C ASP FA 70 8.84 -4.45 28.60
N ILE FA 71 9.37 -3.58 29.44
CA ILE FA 71 9.47 -2.16 29.04
C ILE FA 71 10.34 -2.00 27.80
N ASP FA 72 11.51 -2.61 27.78
CA ASP FA 72 12.37 -2.43 26.63
C ASP FA 72 11.80 -3.03 25.35
N ALA FA 73 11.21 -4.22 25.42
CA ALA FA 73 10.57 -4.76 24.23
C ALA FA 73 9.44 -3.87 23.75
N ALA FA 74 8.69 -3.26 24.66
CA ALA FA 74 7.62 -2.38 24.23
C ALA FA 74 8.14 -1.16 23.48
N ILE FA 75 9.26 -0.59 23.93
CA ILE FA 75 9.79 0.55 23.18
C ILE FA 75 10.35 0.11 21.84
N ILE FA 76 11.11 -0.97 21.80
CA ILE FA 76 11.72 -1.39 20.55
C ILE FA 76 10.67 -1.74 19.51
N GLN FA 77 9.50 -2.21 19.94
CA GLN FA 77 8.45 -2.50 18.98
C GLN FA 77 8.06 -1.32 18.11
N ASN FA 78 8.23 -0.10 18.59
CA ASN FA 78 7.79 1.07 17.84
C ASN FA 78 8.83 1.65 16.92
N PHE FA 79 10.03 1.06 16.80
CA PHE FA 79 10.99 1.63 15.87
C PHE FA 79 10.47 1.59 14.45
N ARG FA 80 9.75 0.55 14.08
CA ARG FA 80 9.20 0.46 12.75
C ARG FA 80 8.08 1.46 12.57
N PRO GA 4 6.34 16.51 47.06
CA PRO GA 4 7.10 15.79 46.03
C PRO GA 4 6.23 15.38 44.87
N TRP GA 5 6.82 14.89 43.79
CA TRP GA 5 6.02 14.37 42.68
C TRP GA 5 5.39 13.04 43.03
N SER GA 6 4.12 12.86 42.71
CA SER GA 6 3.44 11.64 43.10
C SER GA 6 2.27 11.40 42.16
N GLY GA 7 2.32 10.28 41.46
CA GLY GA 7 1.26 9.84 40.59
C GLY GA 7 -0.02 9.39 41.26
N TYR GA 8 -0.97 9.04 40.39
CA TYR GA 8 -2.27 8.55 40.83
C TYR GA 8 -2.14 7.28 41.64
N LEU GA 9 -1.33 6.33 41.19
CA LEU GA 9 -1.11 5.11 41.97
C LEU GA 9 -0.48 5.40 43.32
N ASP GA 10 0.48 6.32 43.37
CA ASP GA 10 1.06 6.69 44.66
C ASP GA 10 -0.01 7.23 45.59
N ASP GA 11 -0.93 8.02 45.05
CA ASP GA 11 -2.04 8.51 45.85
C ASP GA 11 -2.91 7.37 46.36
N VAL GA 12 -3.38 6.51 45.46
CA VAL GA 12 -4.21 5.39 45.88
C VAL GA 12 -3.50 4.49 46.88
N SER GA 13 -2.17 4.48 46.88
CA SER GA 13 -1.44 3.75 47.90
C SER GA 13 -1.49 4.49 49.24
N ALA GA 14 -1.00 5.72 49.25
CA ALA GA 14 -0.97 6.54 50.45
C ALA GA 14 -2.32 6.65 51.14
N LYS GA 15 -3.41 6.48 50.41
CA LYS GA 15 -4.71 6.46 51.08
C LYS GA 15 -4.74 5.45 52.23
N PHE GA 16 -4.15 4.27 52.04
CA PHE GA 16 -4.16 3.29 53.12
C PHE GA 16 -3.25 3.69 54.27
N ASP GA 17 -2.04 4.15 53.95
CA ASP GA 17 -1.13 4.63 54.99
C ASP GA 17 -1.82 5.66 55.88
N THR GA 18 -2.27 6.77 55.29
CA THR GA 18 -2.95 7.75 56.11
C THR GA 18 -4.27 7.26 56.66
N GLY GA 19 -4.77 6.13 56.19
CA GLY GA 19 -6.01 5.61 56.71
C GLY GA 19 -5.79 4.96 58.06
N VAL GA 20 -4.88 4.00 58.12
CA VAL GA 20 -4.57 3.32 59.37
C VAL GA 20 -3.52 4.14 60.12
N ASP GA 21 -3.99 4.95 61.08
CA ASP GA 21 -3.16 6.03 61.60
C ASP GA 21 -1.86 5.52 62.21
N ASN GA 22 -1.96 4.46 63.01
CA ASN GA 22 -0.95 4.13 64.01
C ASN GA 22 -0.53 2.66 64.01
N LEU GA 23 -1.22 1.82 63.26
CA LEU GA 23 -0.99 0.38 63.30
C LEU GA 23 0.46 0.04 62.96
N GLN GA 24 1.05 0.77 62.02
CA GLN GA 24 2.45 0.54 61.68
C GLN GA 24 3.38 0.65 62.87
N THR GA 25 3.04 1.48 63.85
CA THR GA 25 3.80 1.48 65.10
C THR GA 25 3.33 0.39 66.05
N GLN GA 26 2.02 0.31 66.26
CA GLN GA 26 1.51 -0.60 67.27
C GLN GA 26 1.98 -2.03 67.08
N VAL GA 27 2.11 -2.51 65.84
CA VAL GA 27 2.64 -3.87 65.68
C VAL GA 27 4.06 -4.03 66.18
N THR GA 28 4.86 -2.97 66.13
CA THR GA 28 6.22 -3.10 66.63
C THR GA 28 6.27 -2.98 68.14
N GLU GA 29 5.43 -2.13 68.70
CA GLU GA 29 5.47 -2.00 70.15
C GLU GA 29 4.88 -3.24 70.81
N ALA GA 30 3.81 -3.79 70.24
CA ALA GA 30 3.29 -5.05 70.74
C ALA GA 30 4.31 -6.17 70.59
N LEU GA 31 5.09 -6.16 69.51
CA LEU GA 31 6.07 -7.21 69.33
C LEU GA 31 7.16 -7.15 70.38
N ASP GA 32 7.69 -5.97 70.62
CA ASP GA 32 8.80 -5.89 71.57
C ASP GA 32 8.36 -5.92 73.03
N LYS GA 33 7.09 -5.68 73.33
CA LYS GA 33 6.55 -6.16 74.60
C LYS GA 33 6.51 -7.68 74.69
N LEU GA 34 5.89 -8.35 73.72
CA LEU GA 34 5.76 -9.80 73.77
C LEU GA 34 7.12 -10.50 73.84
N ALA GA 35 8.08 -10.05 73.04
CA ALA GA 35 9.38 -10.71 73.01
C ALA GA 35 10.05 -10.74 74.37
N ALA GA 36 9.73 -9.79 75.25
CA ALA GA 36 10.29 -9.83 76.59
C ALA GA 36 9.67 -10.90 77.46
N LYS GA 37 8.48 -11.41 77.13
CA LYS GA 37 7.78 -12.27 78.07
C LYS GA 37 6.80 -13.18 77.33
N PRO GA 38 7.29 -14.13 76.56
CA PRO GA 38 6.44 -14.87 75.62
C PRO GA 38 5.27 -15.62 76.24
N SER GA 39 5.22 -15.81 77.55
CA SER GA 39 4.24 -16.70 78.15
C SER GA 39 3.09 -15.95 78.82
N ASP GA 40 2.86 -14.68 78.49
CA ASP GA 40 1.77 -13.94 79.10
C ASP GA 40 0.54 -13.91 78.20
N PRO GA 41 -0.57 -14.52 78.62
CA PRO GA 41 -1.75 -14.59 77.75
C PRO GA 41 -2.25 -13.24 77.28
N ALA GA 42 -2.16 -12.22 78.12
CA ALA GA 42 -2.67 -10.91 77.74
C ALA GA 42 -1.84 -10.27 76.64
N LEU GA 43 -0.55 -10.59 76.57
CA LEU GA 43 0.27 -10.11 75.48
C LEU GA 43 0.05 -10.91 74.21
N LEU GA 44 -0.08 -12.22 74.35
CA LEU GA 44 -0.35 -13.05 73.17
C LEU GA 44 -1.67 -12.68 72.52
N ALA GA 45 -2.73 -12.53 73.32
CA ALA GA 45 -4.04 -12.31 72.71
C ALA GA 45 -4.09 -10.98 71.97
N ALA GA 46 -3.35 -9.98 72.43
CA ALA GA 46 -3.32 -8.73 71.69
C ALA GA 46 -2.54 -8.89 70.40
N TYR GA 47 -1.33 -9.42 70.51
CA TYR GA 47 -0.46 -9.53 69.35
C TYR GA 47 -1.15 -10.25 68.20
N GLN GA 48 -1.86 -11.32 68.50
CA GLN GA 48 -2.57 -12.04 67.45
C GLN GA 48 -3.44 -11.12 66.59
N SER GA 49 -4.25 -10.27 67.22
CA SER GA 49 -5.13 -9.40 66.47
C SER GA 49 -4.38 -8.30 65.73
N LYS GA 50 -3.32 -7.77 66.32
CA LYS GA 50 -2.60 -6.72 65.62
C LYS GA 50 -1.90 -7.26 64.39
N LEU GA 51 -1.13 -8.33 64.55
CA LEU GA 51 -0.47 -8.94 63.41
C LEU GA 51 -1.44 -9.32 62.30
N SER GA 52 -2.57 -9.94 62.63
CA SER GA 52 -3.49 -10.27 61.54
C SER GA 52 -4.10 -9.05 60.85
N GLU GA 53 -4.31 -7.96 61.59
CA GLU GA 53 -4.79 -6.74 60.94
C GLU GA 53 -3.76 -6.18 59.97
N TYR GA 54 -2.50 -6.14 60.39
CA TYR GA 54 -1.44 -5.70 59.50
C TYR GA 54 -1.38 -6.55 58.24
N ASN GA 55 -1.58 -7.86 58.39
CA ASN GA 55 -1.58 -8.74 57.24
C ASN GA 55 -2.62 -8.32 56.20
N LEU GA 56 -3.89 -8.29 56.60
CA LEU GA 56 -4.93 -7.87 55.67
C LEU GA 56 -4.67 -6.50 55.04
N TYR GA 57 -4.20 -5.55 55.84
CA TYR GA 57 -3.83 -4.24 55.32
C TYR GA 57 -2.88 -4.30 54.12
N ARG GA 58 -1.73 -4.95 54.29
CA ARG GA 58 -0.79 -5.04 53.15
C ARG GA 58 -1.37 -5.77 51.94
N ASN GA 59 -2.13 -6.85 52.15
CA ASN GA 59 -2.69 -7.53 50.98
C ASN GA 59 -3.66 -6.65 50.20
N ALA GA 60 -4.62 -6.04 50.87
CA ALA GA 60 -5.59 -5.23 50.15
C ALA GA 60 -4.94 -4.06 49.43
N GLN GA 61 -3.92 -3.45 50.03
CA GLN GA 61 -3.20 -2.39 49.33
C GLN GA 61 -2.56 -2.88 48.04
N SER GA 62 -1.88 -4.01 48.09
CA SER GA 62 -1.18 -4.46 46.90
C SER GA 62 -2.13 -4.87 45.77
N ASN GA 63 -3.25 -5.51 46.11
CA ASN GA 63 -4.18 -5.86 45.04
C ASN GA 63 -4.83 -4.64 44.41
N THR GA 64 -5.13 -3.62 45.20
CA THR GA 64 -5.75 -2.44 44.58
C THR GA 64 -4.81 -1.76 43.61
N VAL GA 65 -3.55 -1.60 43.99
CA VAL GA 65 -2.63 -0.96 43.05
C VAL GA 65 -2.48 -1.78 41.79
N LYS GA 66 -2.45 -3.10 41.92
CA LYS GA 66 -2.34 -3.93 40.71
C LYS GA 66 -3.50 -3.71 39.75
N VAL GA 67 -4.73 -3.63 40.27
CA VAL GA 67 -5.87 -3.45 39.37
C VAL GA 67 -5.84 -2.10 38.67
N PHE GA 68 -5.49 -1.03 39.38
CA PHE GA 68 -5.45 0.24 38.66
C PHE GA 68 -4.35 0.29 37.63
N LYS GA 69 -3.24 -0.41 37.87
CA LYS GA 69 -2.24 -0.47 36.82
C LYS GA 69 -2.83 -1.10 35.57
N ASP GA 70 -3.59 -2.17 35.73
CA ASP GA 70 -4.00 -2.86 34.52
C ASP GA 70 -5.11 -2.15 33.77
N ILE GA 71 -5.91 -1.34 34.44
CA ILE GA 71 -6.82 -0.46 33.70
C ILE GA 71 -6.05 0.57 32.88
N ASP GA 72 -4.97 1.11 33.42
CA ASP GA 72 -4.23 2.10 32.64
C ASP GA 72 -3.55 1.47 31.45
N ALA GA 73 -2.89 0.33 31.65
CA ALA GA 73 -2.23 -0.31 30.52
C ALA GA 73 -3.23 -0.68 29.43
N ALA GA 74 -4.45 -1.03 29.80
CA ALA GA 74 -5.45 -1.33 28.79
C ALA GA 74 -5.82 -0.10 27.98
N ILE GA 75 -5.90 1.07 28.62
CA ILE GA 75 -6.25 2.24 27.81
C ILE GA 75 -5.08 2.65 26.93
N ILE GA 76 -3.87 2.66 27.48
CA ILE GA 76 -2.72 3.11 26.70
C ILE GA 76 -2.47 2.23 25.50
N GLN GA 77 -2.87 0.97 25.55
CA GLN GA 77 -2.73 0.13 24.37
C GLN GA 77 -3.55 0.57 23.16
N ASN GA 78 -4.58 1.40 23.34
CA ASN GA 78 -5.37 1.86 22.20
C ASN GA 78 -4.94 3.17 21.56
N PHE GA 79 -3.96 3.90 22.08
CA PHE GA 79 -3.54 5.09 21.36
C PHE GA 79 -3.04 4.76 19.97
N ARG GA 80 -2.42 3.61 19.80
CA ARG GA 80 -1.75 3.32 18.55
C ARG GA 80 -2.76 3.09 17.45
N THR HA 3 -27.86 10.42 42.33
CA THR HA 3 -28.69 9.22 42.42
C THR HA 3 -27.85 7.98 42.66
N PRO HA 4 -28.21 7.16 43.64
CA PRO HA 4 -27.51 5.89 43.82
C PRO HA 4 -27.65 4.98 42.61
N TRP HA 5 -26.54 4.79 41.92
CA TRP HA 5 -26.46 4.02 40.68
C TRP HA 5 -26.03 2.60 40.96
N SER HA 6 -26.71 1.64 40.34
CA SER HA 6 -26.40 0.23 40.50
C SER HA 6 -26.32 -0.43 39.15
N GLY HA 7 -25.22 -1.18 38.92
CA GLY HA 7 -25.03 -1.96 37.73
C GLY HA 7 -25.68 -3.33 37.78
N TYR HA 8 -25.12 -4.24 36.97
CA TYR HA 8 -25.57 -5.63 36.95
C TYR HA 8 -24.90 -6.46 38.05
N LEU HA 9 -23.61 -6.28 38.26
CA LEU HA 9 -22.96 -6.99 39.36
C LEU HA 9 -23.57 -6.60 40.69
N ASP HA 10 -23.86 -5.32 40.88
CA ASP HA 10 -24.57 -4.89 42.08
C ASP HA 10 -25.91 -5.58 42.22
N ASP HA 11 -26.70 -5.62 41.15
CA ASP HA 11 -27.96 -6.36 41.17
C ASP HA 11 -27.76 -7.83 41.50
N VAL HA 12 -26.60 -8.38 41.19
CA VAL HA 12 -26.34 -9.78 41.52
C VAL HA 12 -26.04 -9.94 42.99
N SER HA 13 -25.01 -9.26 43.47
CA SER HA 13 -24.65 -9.38 44.88
C SER HA 13 -25.82 -9.01 45.79
N ALA HA 14 -26.59 -7.99 45.43
CA ALA HA 14 -27.74 -7.60 46.24
C ALA HA 14 -28.74 -8.73 46.45
N LYS HA 15 -28.87 -9.66 45.51
CA LYS HA 15 -29.80 -10.76 45.73
C LYS HA 15 -29.44 -11.55 46.97
N PHE HA 16 -28.17 -11.75 47.26
CA PHE HA 16 -27.80 -12.46 48.48
C PHE HA 16 -28.20 -11.66 49.73
N ASP HA 17 -27.85 -10.38 49.78
CA ASP HA 17 -28.21 -9.55 50.91
C ASP HA 17 -29.70 -9.58 51.20
N THR HA 18 -30.52 -9.40 50.18
CA THR HA 18 -31.96 -9.53 50.43
C THR HA 18 -32.39 -10.96 50.68
N GLY HA 19 -31.65 -11.94 50.18
CA GLY HA 19 -32.02 -13.33 50.40
C GLY HA 19 -31.92 -13.73 51.86
N VAL HA 20 -30.86 -13.30 52.54
CA VAL HA 20 -30.75 -13.51 53.98
C VAL HA 20 -31.32 -12.28 54.68
N ASP HA 21 -32.54 -12.42 55.19
CA ASP HA 21 -33.27 -11.30 55.77
C ASP HA 21 -32.52 -10.59 56.87
N ASN HA 22 -32.09 -11.33 57.87
CA ASN HA 22 -31.60 -10.74 59.11
C ASN HA 22 -30.32 -11.35 59.64
N LEU HA 23 -29.78 -12.35 58.98
CA LEU HA 23 -28.54 -12.98 59.42
C LEU HA 23 -27.53 -11.92 59.84
N GLN HA 24 -27.35 -10.88 59.03
CA GLN HA 24 -26.40 -9.83 59.38
C GLN HA 24 -26.59 -9.37 60.82
N THR HA 25 -27.83 -9.18 61.25
CA THR HA 25 -28.08 -8.77 62.63
C THR HA 25 -27.90 -9.92 63.61
N GLN HA 26 -28.59 -11.04 63.35
CA GLN HA 26 -28.52 -12.18 64.25
C GLN HA 26 -27.08 -12.51 64.67
N VAL HA 27 -26.14 -12.50 63.73
CA VAL HA 27 -24.75 -12.77 64.10
C VAL HA 27 -24.28 -11.85 65.22
N THR HA 28 -24.51 -10.56 65.09
CA THR HA 28 -24.08 -9.61 66.12
C THR HA 28 -24.83 -9.81 67.43
N GLU HA 29 -26.11 -10.12 67.37
CA GLU HA 29 -26.87 -10.35 68.59
C GLU HA 29 -26.34 -11.59 69.32
N ALA HA 30 -26.20 -12.71 68.60
CA ALA HA 30 -25.67 -13.93 69.21
C ALA HA 30 -24.30 -13.70 69.81
N LEU HA 31 -23.42 -13.03 69.08
CA LEU HA 31 -22.10 -12.74 69.64
C LEU HA 31 -22.19 -11.92 70.91
N ASP HA 32 -22.96 -10.85 70.91
CA ASP HA 32 -23.08 -10.04 72.12
C ASP HA 32 -23.62 -10.83 73.30
N LYS HA 33 -24.57 -11.74 73.08
CA LYS HA 33 -24.99 -12.61 74.16
C LYS HA 33 -23.83 -13.47 74.67
N LEU HA 34 -23.28 -14.30 73.78
CA LEU HA 34 -22.18 -15.19 74.14
C LEU HA 34 -21.07 -14.46 74.89
N ALA HA 35 -20.63 -13.31 74.39
CA ALA HA 35 -19.54 -12.59 75.04
C ALA HA 35 -19.86 -12.27 76.50
N ALA HA 36 -21.12 -12.12 76.85
CA ALA HA 36 -21.45 -11.90 78.25
C ALA HA 36 -21.27 -13.14 79.10
N LYS HA 37 -21.48 -14.33 78.54
CA LYS HA 37 -21.53 -15.57 79.31
C LYS HA 37 -20.93 -16.69 78.47
N PRO HA 38 -19.63 -16.65 78.24
CA PRO HA 38 -18.98 -17.64 77.37
C PRO HA 38 -18.90 -19.05 77.90
N SER HA 39 -19.95 -19.54 78.54
CA SER HA 39 -19.92 -20.83 79.19
C SER HA 39 -21.22 -21.60 79.06
N ASP HA 40 -22.24 -21.03 78.46
CA ASP HA 40 -23.51 -21.72 78.29
C ASP HA 40 -23.51 -22.50 76.99
N PRO HA 41 -23.62 -23.83 77.03
CA PRO HA 41 -23.60 -24.60 75.79
C PRO HA 41 -24.69 -24.24 74.80
N ALA HA 42 -25.87 -23.82 75.24
CA ALA HA 42 -26.89 -23.46 74.24
C ALA HA 42 -26.46 -22.22 73.46
N LEU HA 43 -25.80 -21.30 74.14
CA LEU HA 43 -25.26 -20.12 73.47
C LEU HA 43 -24.15 -20.51 72.52
N LEU HA 44 -23.21 -21.32 72.97
CA LEU HA 44 -22.11 -21.73 72.11
C LEU HA 44 -22.62 -22.47 70.86
N ALA HA 45 -23.56 -23.39 71.02
CA ALA HA 45 -24.06 -24.11 69.86
C ALA HA 45 -24.79 -23.20 68.88
N ALA HA 46 -25.50 -22.21 69.39
CA ALA HA 46 -26.17 -21.27 68.50
C ALA HA 46 -25.16 -20.43 67.74
N TYR HA 47 -24.17 -19.90 68.44
CA TYR HA 47 -23.22 -19.05 67.76
C TYR HA 47 -22.39 -19.84 66.75
N GLN HA 48 -22.03 -21.07 67.05
CA GLN HA 48 -21.35 -21.90 66.05
C GLN HA 48 -22.17 -22.04 64.78
N SER HA 49 -23.46 -22.31 64.93
CA SER HA 49 -24.29 -22.48 63.73
C SER HA 49 -24.38 -21.19 62.92
N LYS HA 50 -24.58 -20.07 63.59
CA LYS HA 50 -24.80 -18.85 62.83
C LYS HA 50 -23.51 -18.21 62.31
N LEU HA 51 -22.40 -18.42 62.99
CA LEU HA 51 -21.12 -18.04 62.41
C LEU HA 51 -20.82 -18.83 61.14
N SER HA 52 -21.13 -20.11 61.12
CA SER HA 52 -20.78 -20.84 59.90
C SER HA 52 -21.73 -20.56 58.74
N GLU HA 53 -23.02 -20.33 59.01
CA GLU HA 53 -23.89 -19.83 57.95
C GLU HA 53 -23.43 -18.48 57.42
N TYR HA 54 -22.93 -17.61 58.30
CA TYR HA 54 -22.41 -16.33 57.84
C TYR HA 54 -21.14 -16.49 57.03
N ASN HA 55 -20.38 -17.55 57.26
CA ASN HA 55 -19.18 -17.76 56.45
C ASN HA 55 -19.57 -18.14 55.03
N LEU HA 56 -20.33 -19.22 54.90
CA LEU HA 56 -20.67 -19.71 53.57
C LEU HA 56 -21.39 -18.66 52.74
N TYR HA 57 -22.23 -17.84 53.36
CA TYR HA 57 -22.89 -16.75 52.67
C TYR HA 57 -21.93 -15.89 51.85
N ARG HA 58 -20.93 -15.31 52.50
CA ARG HA 58 -20.04 -14.40 51.79
C ARG HA 58 -19.06 -15.09 50.85
N ASN HA 59 -18.61 -16.31 51.13
CA ASN HA 59 -17.82 -16.95 50.09
C ASN HA 59 -18.61 -17.17 48.81
N ALA HA 60 -19.83 -17.69 48.92
CA ALA HA 60 -20.62 -17.89 47.72
C ALA HA 60 -20.88 -16.59 46.99
N GLN HA 61 -21.02 -15.50 47.74
CA GLN HA 61 -21.24 -14.21 47.11
C GLN HA 61 -20.03 -13.76 46.30
N SER HA 62 -18.84 -13.78 46.88
CA SER HA 62 -17.72 -13.20 46.15
C SER HA 62 -17.31 -14.06 44.96
N ASN HA 63 -17.36 -15.38 45.09
CA ASN HA 63 -17.06 -16.20 43.92
C ASN HA 63 -18.03 -15.96 42.77
N THR HA 64 -19.33 -15.90 43.07
CA THR HA 64 -20.25 -15.69 41.97
C THR HA 64 -20.15 -14.30 41.38
N VAL HA 65 -19.78 -13.29 42.16
CA VAL HA 65 -19.52 -11.98 41.55
C VAL HA 65 -18.30 -11.99 40.64
N LYS HA 66 -17.27 -12.76 40.97
CA LYS HA 66 -16.10 -12.82 40.09
C LYS HA 66 -16.40 -13.45 38.72
N VAL HA 67 -17.15 -14.55 38.70
CA VAL HA 67 -17.31 -15.25 37.43
C VAL HA 67 -17.98 -14.38 36.36
N PHE HA 68 -18.95 -13.57 36.74
CA PHE HA 68 -19.57 -12.67 35.77
C PHE HA 68 -18.62 -11.61 35.25
N LYS HA 69 -17.70 -11.15 36.08
CA LYS HA 69 -16.70 -10.22 35.58
C LYS HA 69 -15.87 -10.87 34.49
N ASP HA 70 -15.52 -12.14 34.68
CA ASP HA 70 -14.69 -12.78 33.66
C ASP HA 70 -15.46 -13.01 32.36
N ILE HA 71 -16.75 -13.32 32.45
CA ILE HA 71 -17.55 -13.43 31.22
C ILE HA 71 -17.65 -12.09 30.50
N ASP HA 72 -17.84 -11.01 31.23
CA ASP HA 72 -17.93 -9.71 30.57
C ASP HA 72 -16.62 -9.32 29.93
N ALA HA 73 -15.52 -9.44 30.65
CA ALA HA 73 -14.25 -9.04 30.08
C ALA HA 73 -13.93 -9.85 28.84
N ALA HA 74 -14.30 -11.12 28.84
CA ALA HA 74 -14.08 -11.94 27.65
C ALA HA 74 -14.87 -11.45 26.47
N ILE HA 75 -16.14 -11.08 26.66
CA ILE HA 75 -16.89 -10.57 25.51
C ILE HA 75 -16.34 -9.24 25.03
N ILE HA 76 -16.03 -8.33 25.95
CA ILE HA 76 -15.55 -7.00 25.58
C ILE HA 76 -14.25 -7.06 24.80
N GLN HA 77 -13.36 -7.98 25.14
CA GLN HA 77 -12.10 -8.06 24.42
C GLN HA 77 -12.27 -8.30 22.93
N ASN HA 78 -13.38 -8.91 22.51
CA ASN HA 78 -13.60 -9.16 21.09
C ASN HA 78 -14.24 -8.00 20.32
N PHE HA 79 -14.54 -6.86 20.94
CA PHE HA 79 -15.11 -5.78 20.13
C PHE HA 79 -14.16 -5.31 19.07
N ARG HA 80 -12.86 -5.41 19.27
CA ARG HA 80 -11.96 -4.94 18.25
C ARG HA 80 -12.18 -5.78 17.01
N ALA IA 2 -42.11 -29.23 27.51
CA ALA IA 2 -41.80 -30.56 27.99
C ALA IA 2 -40.70 -30.49 29.05
N THR IA 3 -39.62 -31.25 28.87
CA THR IA 3 -38.54 -31.22 29.86
C THR IA 3 -37.59 -30.07 29.57
N PRO IA 4 -36.99 -29.51 30.61
CA PRO IA 4 -36.03 -28.42 30.39
C PRO IA 4 -34.76 -28.87 29.70
N TRP IA 5 -34.20 -27.96 28.92
CA TRP IA 5 -32.94 -28.19 28.22
C TRP IA 5 -31.81 -28.50 29.19
N SER IA 6 -30.95 -29.46 28.82
CA SER IA 6 -29.82 -29.85 29.65
C SER IA 6 -28.59 -30.11 28.80
N GLY IA 7 -27.45 -29.57 29.25
CA GLY IA 7 -26.18 -29.74 28.58
C GLY IA 7 -25.40 -30.98 28.98
N TYR IA 8 -24.22 -31.12 28.36
CA TYR IA 8 -23.33 -32.23 28.65
C TYR IA 8 -22.89 -32.24 30.11
N LEU IA 9 -22.55 -31.08 30.66
CA LEU IA 9 -22.20 -31.02 32.07
C LEU IA 9 -23.36 -31.46 32.96
N ASP IA 10 -24.59 -31.15 32.56
CA ASP IA 10 -25.73 -31.62 33.32
C ASP IA 10 -25.89 -33.13 33.22
N ASP IA 11 -25.69 -33.70 32.04
CA ASP IA 11 -25.73 -35.15 31.93
C ASP IA 11 -24.69 -35.81 32.82
N VAL IA 12 -23.52 -35.20 32.94
CA VAL IA 12 -22.49 -35.77 33.80
C VAL IA 12 -22.89 -35.65 35.26
N SER IA 13 -23.28 -34.46 35.69
CA SER IA 13 -23.74 -34.29 37.06
C SER IA 13 -24.88 -35.26 37.39
N ALA IA 14 -25.85 -35.42 36.49
CA ALA IA 14 -26.97 -36.31 36.74
C ALA IA 14 -26.59 -37.78 36.79
N LYS IA 15 -25.53 -38.20 36.11
CA LYS IA 15 -25.16 -39.62 36.21
C LYS IA 15 -25.00 -40.06 37.65
N PHE IA 16 -24.21 -39.33 38.43
CA PHE IA 16 -24.04 -39.68 39.84
C PHE IA 16 -25.37 -39.81 40.58
N ASP IA 17 -26.30 -38.89 40.34
CA ASP IA 17 -27.58 -38.93 41.04
C ASP IA 17 -28.40 -40.14 40.64
N THR IA 18 -28.34 -40.56 39.39
CA THR IA 18 -29.02 -41.81 39.06
C THR IA 18 -28.27 -43.03 39.56
N GLY IA 19 -26.97 -42.89 39.81
CA GLY IA 19 -26.20 -43.96 40.39
C GLY IA 19 -26.56 -44.25 41.83
N VAL IA 20 -26.51 -43.23 42.68
CA VAL IA 20 -26.97 -43.37 44.05
C VAL IA 20 -28.49 -43.23 44.11
N ASP IA 21 -29.16 -44.35 43.87
CA ASP IA 21 -30.62 -44.42 43.79
C ASP IA 21 -31.34 -43.71 44.92
N ASN IA 22 -30.97 -43.98 46.16
CA ASN IA 22 -31.74 -43.55 47.31
C ASN IA 22 -30.94 -42.84 48.39
N LEU IA 23 -29.63 -42.70 48.22
CA LEU IA 23 -28.80 -42.13 49.25
C LEU IA 23 -29.38 -40.83 49.78
N GLN IA 24 -29.89 -39.97 48.90
CA GLN IA 24 -30.44 -38.70 49.36
C GLN IA 24 -31.55 -38.89 50.39
N THR IA 25 -32.37 -39.92 50.27
CA THR IA 25 -33.38 -40.16 51.28
C THR IA 25 -32.82 -40.87 52.51
N GLN IA 26 -32.09 -41.96 52.29
CA GLN IA 26 -31.45 -42.67 53.40
C GLN IA 26 -30.71 -41.74 54.35
N VAL IA 27 -30.01 -40.74 53.82
CA VAL IA 27 -29.27 -39.83 54.68
C VAL IA 27 -30.20 -38.99 55.55
N THR IA 28 -31.42 -38.73 55.10
CA THR IA 28 -32.36 -37.97 55.91
C THR IA 28 -32.97 -38.84 56.99
N GLU IA 29 -33.54 -39.98 56.60
CA GLU IA 29 -34.20 -40.83 57.57
C GLU IA 29 -33.21 -41.37 58.61
N ALA IA 30 -31.97 -41.67 58.22
CA ALA IA 30 -31.00 -42.08 59.21
C ALA IA 30 -30.82 -41.00 60.27
N LEU IA 31 -30.79 -39.74 59.85
CA LEU IA 31 -30.65 -38.63 60.78
C LEU IA 31 -31.84 -38.49 61.71
N ASP IA 32 -33.05 -38.68 61.20
CA ASP IA 32 -34.20 -38.57 62.09
C ASP IA 32 -34.33 -39.73 63.07
N LYS IA 33 -33.98 -40.94 62.66
CA LYS IA 33 -33.85 -42.02 63.64
C LYS IA 33 -32.81 -41.67 64.69
N LEU IA 34 -31.63 -41.24 64.26
CA LEU IA 34 -30.57 -40.96 65.23
C LEU IA 34 -31.00 -39.87 66.20
N ALA IA 35 -31.49 -38.74 65.67
CA ALA IA 35 -31.85 -37.62 66.52
C ALA IA 35 -33.00 -37.92 67.46
N ALA IA 36 -33.84 -38.91 67.14
CA ALA IA 36 -34.87 -39.29 68.11
C ALA IA 36 -34.30 -39.98 69.35
N LYS IA 37 -33.13 -40.61 69.25
CA LYS IA 37 -32.54 -41.33 70.39
C LYS IA 37 -31.03 -41.31 70.26
N PRO IA 38 -30.42 -40.16 70.51
CA PRO IA 38 -29.03 -39.96 70.11
C PRO IA 38 -28.01 -40.63 71.00
N SER IA 39 -28.28 -41.89 71.39
CA SER IA 39 -27.38 -42.59 72.30
C SER IA 39 -27.49 -44.09 72.10
N ASP IA 40 -27.85 -44.54 70.90
CA ASP IA 40 -27.92 -45.95 70.57
C ASP IA 40 -26.79 -46.31 69.62
N PRO IA 41 -25.87 -47.19 70.00
CA PRO IA 41 -24.72 -47.43 69.13
C PRO IA 41 -25.09 -48.08 67.83
N ALA IA 42 -26.23 -48.78 67.77
CA ALA IA 42 -26.66 -49.36 66.51
C ALA IA 42 -27.10 -48.29 65.53
N LEU IA 43 -27.65 -47.19 66.04
CA LEU IA 43 -28.03 -46.11 65.13
C LEU IA 43 -26.81 -45.30 64.75
N LEU IA 44 -25.87 -45.16 65.67
CA LEU IA 44 -24.71 -44.33 65.42
C LEU IA 44 -23.79 -44.96 64.39
N ALA IA 45 -23.47 -46.24 64.54
CA ALA IA 45 -22.66 -46.92 63.55
C ALA IA 45 -23.25 -46.85 62.14
N ALA IA 46 -24.57 -46.94 62.02
CA ALA IA 46 -25.21 -46.78 60.72
C ALA IA 46 -25.03 -45.38 60.16
N TYR IA 47 -25.38 -44.37 60.94
CA TYR IA 47 -25.24 -43.01 60.47
C TYR IA 47 -23.81 -42.65 60.07
N GLN IA 48 -22.81 -43.10 60.82
CA GLN IA 48 -21.44 -42.83 60.40
C GLN IA 48 -21.19 -43.25 58.95
N SER IA 49 -21.63 -44.45 58.60
CA SER IA 49 -21.46 -44.96 57.25
C SER IA 49 -22.18 -44.09 56.22
N LYS IA 50 -23.49 -43.94 56.39
CA LYS IA 50 -24.25 -43.12 55.44
C LYS IA 50 -23.68 -41.72 55.25
N LEU IA 51 -23.32 -41.03 56.33
CA LEU IA 51 -22.76 -39.69 56.17
C LEU IA 51 -21.43 -39.69 55.41
N SER IA 52 -20.59 -40.69 55.65
CA SER IA 52 -19.35 -40.78 54.88
C SER IA 52 -19.62 -40.96 53.39
N GLU IA 53 -20.49 -41.90 53.06
CA GLU IA 53 -20.87 -42.10 51.66
C GLU IA 53 -21.37 -40.83 51.00
N TYR IA 54 -22.23 -40.10 51.69
CA TYR IA 54 -22.73 -38.83 51.15
C TYR IA 54 -21.61 -37.84 50.86
N ASN IA 55 -20.69 -37.68 51.81
CA ASN IA 55 -19.56 -36.79 51.61
C ASN IA 55 -18.76 -37.13 50.35
N LEU IA 56 -18.26 -38.36 50.26
CA LEU IA 56 -17.51 -38.75 49.07
C LEU IA 56 -18.29 -38.55 47.78
N TYR IA 57 -19.58 -38.87 47.77
CA TYR IA 57 -20.41 -38.67 46.59
C TYR IA 57 -20.38 -37.22 46.11
N ARG IA 58 -20.81 -36.29 46.95
CA ARG IA 58 -20.80 -34.88 46.55
C ARG IA 58 -19.43 -34.40 46.11
N ASN IA 59 -18.41 -34.74 46.86
CA ASN IA 59 -17.08 -34.24 46.56
C ASN IA 59 -16.52 -34.78 45.24
N ALA IA 60 -16.81 -36.02 44.88
CA ALA IA 60 -16.39 -36.50 43.57
C ALA IA 60 -17.16 -35.86 42.43
N GLN IA 61 -18.45 -35.60 42.64
CA GLN IA 61 -19.26 -35.02 41.59
C GLN IA 61 -18.75 -33.63 41.17
N SER IA 62 -18.43 -32.79 42.14
CA SER IA 62 -18.05 -31.45 41.76
C SER IA 62 -16.70 -31.41 41.05
N ASN IA 63 -15.73 -32.20 41.49
CA ASN IA 63 -14.43 -32.17 40.82
C ASN IA 63 -14.53 -32.66 39.38
N THR IA 64 -15.33 -33.68 39.13
CA THR IA 64 -15.46 -34.13 37.75
C THR IA 64 -16.04 -33.05 36.86
N VAL IA 65 -17.06 -32.34 37.36
CA VAL IA 65 -17.63 -31.28 36.52
C VAL IA 65 -16.60 -30.19 36.24
N LYS IA 66 -15.79 -29.83 37.22
CA LYS IA 66 -14.81 -28.79 36.95
C LYS IA 66 -13.78 -29.19 35.90
N VAL IA 67 -13.29 -30.43 35.95
CA VAL IA 67 -12.32 -30.85 34.94
C VAL IA 67 -12.92 -30.79 33.53
N PHE IA 68 -14.16 -31.21 33.36
CA PHE IA 68 -14.73 -31.08 32.02
C PHE IA 68 -14.94 -29.63 31.60
N LYS IA 69 -15.22 -28.73 32.53
CA LYS IA 69 -15.26 -27.33 32.15
C LYS IA 69 -13.92 -26.88 31.61
N ASP IA 70 -12.83 -27.21 32.30
CA ASP IA 70 -11.55 -26.68 31.84
C ASP IA 70 -11.13 -27.25 30.50
N ILE IA 71 -11.50 -28.49 30.20
CA ILE IA 71 -11.21 -29.01 28.86
C ILE IA 71 -11.95 -28.22 27.80
N ASP IA 72 -13.20 -27.87 28.05
CA ASP IA 72 -13.91 -27.18 26.98
C ASP IA 72 -13.42 -25.75 26.83
N ALA IA 73 -13.26 -25.03 27.94
CA ALA IA 73 -12.75 -23.67 27.81
C ALA IA 73 -11.40 -23.62 27.12
N ALA IA 74 -10.58 -24.66 27.29
CA ALA IA 74 -9.31 -24.67 26.60
C ALA IA 74 -9.43 -25.02 25.13
N ILE IA 75 -10.50 -25.68 24.70
CA ILE IA 75 -10.64 -25.85 23.26
C ILE IA 75 -11.18 -24.56 22.64
N ILE IA 76 -12.18 -23.97 23.27
CA ILE IA 76 -12.80 -22.79 22.67
C ILE IA 76 -11.80 -21.67 22.54
N GLN IA 77 -10.85 -21.57 23.47
CA GLN IA 77 -9.80 -20.58 23.35
C GLN IA 77 -9.01 -20.65 22.04
N ASN IA 78 -9.08 -21.72 21.26
CA ASN IA 78 -8.35 -21.77 20.00
C ASN IA 78 -9.16 -21.43 18.76
N PHE IA 79 -10.45 -21.10 18.87
CA PHE IA 79 -11.18 -20.80 17.65
C PHE IA 79 -10.61 -19.57 16.98
N ARG IA 80 -10.20 -18.58 17.77
CA ARG IA 80 -9.84 -17.30 17.23
C ARG IA 80 -8.64 -17.45 16.33
N THR JA 3 -2.70 -55.42 20.72
CA THR JA 3 -2.73 -55.33 22.17
C THR JA 3 -3.75 -54.28 22.62
N PRO JA 4 -4.18 -54.35 23.88
CA PRO JA 4 -5.05 -53.29 24.41
C PRO JA 4 -4.35 -51.95 24.46
N TRP JA 5 -5.12 -50.90 24.19
CA TRP JA 5 -4.63 -49.53 24.23
C TRP JA 5 -4.40 -49.01 25.65
N SER JA 6 -3.19 -48.53 25.91
CA SER JA 6 -2.89 -47.98 27.23
C SER JA 6 -1.85 -46.90 27.01
N GLY JA 7 -2.05 -45.79 27.71
CA GLY JA 7 -1.14 -44.67 27.71
C GLY JA 7 0.08 -44.84 28.57
N TYR JA 8 0.74 -43.71 28.80
CA TYR JA 8 1.92 -43.69 29.64
C TYR JA 8 1.53 -43.58 31.10
N LEU JA 9 0.47 -42.85 31.40
CA LEU JA 9 -0.03 -42.81 32.77
C LEU JA 9 -0.55 -44.18 33.20
N ASP JA 10 -1.20 -44.89 32.29
CA ASP JA 10 -1.63 -46.25 32.58
C ASP JA 10 -0.46 -47.16 32.95
N ASP JA 11 0.65 -47.03 32.24
CA ASP JA 11 1.84 -47.82 32.57
C ASP JA 11 2.36 -47.45 33.95
N VAL JA 12 2.61 -46.17 34.17
CA VAL JA 12 3.09 -45.73 35.47
C VAL JA 12 2.17 -46.22 36.58
N SER JA 13 0.87 -46.23 36.35
CA SER JA 13 -0.05 -46.74 37.34
C SER JA 13 0.09 -48.25 37.54
N ALA JA 14 0.06 -49.01 36.45
CA ALA JA 14 0.15 -50.46 36.52
C ALA JA 14 1.46 -50.97 37.10
N LYS JA 15 2.52 -50.17 37.09
CA LYS JA 15 3.73 -50.60 37.75
C LYS JA 15 3.46 -51.02 39.19
N PHE JA 16 2.73 -50.20 39.93
CA PHE JA 16 2.40 -50.52 41.31
C PHE JA 16 1.56 -51.78 41.42
N ASP JA 17 0.49 -51.89 40.64
CA ASP JA 17 -0.34 -53.09 40.69
C ASP JA 17 0.46 -54.36 40.44
N THR JA 18 1.42 -54.33 39.54
CA THR JA 18 2.24 -55.51 39.33
C THR JA 18 3.40 -55.62 40.31
N GLY JA 19 3.67 -54.60 41.10
CA GLY JA 19 4.68 -54.67 42.13
C GLY JA 19 4.14 -55.31 43.40
N VAL JA 20 2.95 -54.90 43.81
CA VAL JA 20 2.24 -55.56 44.89
C VAL JA 20 1.49 -56.75 44.33
N ASP JA 21 2.16 -57.90 44.31
CA ASP JA 21 1.64 -59.10 43.66
C ASP JA 21 0.23 -59.47 44.09
N ASN JA 22 -0.07 -59.44 45.38
CA ASN JA 22 -1.29 -60.03 45.89
C ASN JA 22 -1.94 -59.26 47.03
N LEU JA 23 -1.33 -58.14 47.43
CA LEU JA 23 -1.85 -57.34 48.52
C LEU JA 23 -3.35 -57.11 48.42
N GLN JA 24 -3.85 -56.80 47.23
CA GLN JA 24 -5.28 -56.53 47.10
C GLN JA 24 -6.15 -57.67 47.60
N THR JA 25 -5.71 -58.92 47.46
CA THR JA 25 -6.48 -60.03 48.00
C THR JA 25 -6.19 -60.27 49.47
N GLN JA 26 -4.91 -60.32 49.84
CA GLN JA 26 -4.57 -60.53 51.24
C GLN JA 26 -5.30 -59.55 52.17
N VAL JA 27 -5.31 -58.27 51.83
CA VAL JA 27 -6.00 -57.28 52.66
C VAL JA 27 -7.48 -57.59 52.82
N THR JA 28 -8.07 -58.30 51.87
CA THR JA 28 -9.48 -58.66 51.99
C THR JA 28 -9.65 -59.89 52.87
N GLU JA 29 -8.89 -60.94 52.59
CA GLU JA 29 -8.97 -62.15 53.39
C GLU JA 29 -8.64 -61.90 54.86
N ALA JA 30 -7.63 -61.09 55.15
CA ALA JA 30 -7.33 -60.74 56.53
C ALA JA 30 -8.54 -60.15 57.24
N LEU JA 31 -9.25 -59.26 56.56
CA LEU JA 31 -10.48 -58.70 57.12
C LEU JA 31 -11.54 -59.76 57.32
N ASP JA 32 -11.75 -60.60 56.32
CA ASP JA 32 -12.74 -61.67 56.46
C ASP JA 32 -12.48 -62.52 57.69
N LYS JA 33 -11.22 -62.91 57.92
CA LYS JA 33 -10.89 -63.65 59.14
C LYS JA 33 -11.13 -62.83 60.40
N LEU JA 34 -10.58 -61.63 60.46
CA LEU JA 34 -10.76 -60.78 61.63
C LEU JA 34 -12.23 -60.62 62.00
N ALA JA 35 -13.08 -60.27 61.03
CA ALA JA 35 -14.50 -60.10 61.29
C ALA JA 35 -15.12 -61.31 61.98
N ALA JA 36 -14.56 -62.49 61.78
CA ALA JA 36 -15.10 -63.68 62.44
C ALA JA 36 -14.83 -63.70 63.95
N LYS JA 37 -13.75 -63.08 64.40
CA LYS JA 37 -13.44 -63.10 65.84
C LYS JA 37 -12.61 -61.89 66.23
N PRO JA 38 -13.20 -60.71 66.20
CA PRO JA 38 -12.47 -59.47 66.53
C PRO JA 38 -11.60 -59.48 67.77
N SER JA 39 -11.84 -60.36 68.72
CA SER JA 39 -11.05 -60.34 69.94
C SER JA 39 -9.71 -61.07 69.86
N ASP JA 40 -9.37 -61.74 68.77
CA ASP JA 40 -8.07 -62.39 68.68
C ASP JA 40 -6.93 -61.40 68.42
N PRO JA 41 -5.98 -61.25 69.35
CA PRO JA 41 -4.90 -60.28 69.15
C PRO JA 41 -4.00 -60.58 67.97
N ALA JA 42 -3.75 -61.85 67.66
CA ALA JA 42 -2.90 -62.14 66.50
C ALA JA 42 -3.55 -61.65 65.22
N LEU JA 43 -4.86 -61.85 65.10
CA LEU JA 43 -5.59 -61.36 63.95
C LEU JA 43 -5.49 -59.84 63.87
N LEU JA 44 -5.78 -59.16 64.97
CA LEU JA 44 -5.65 -57.71 65.00
C LEU JA 44 -4.28 -57.24 64.53
N ALA JA 45 -3.23 -57.81 65.11
CA ALA JA 45 -1.86 -57.45 64.76
C ALA JA 45 -1.60 -57.62 63.26
N ALA JA 46 -1.96 -58.76 62.69
CA ALA JA 46 -1.77 -58.92 61.25
C ALA JA 46 -2.50 -57.88 60.44
N TYR JA 47 -3.80 -57.76 60.68
CA TYR JA 47 -4.61 -56.82 59.92
C TYR JA 47 -4.07 -55.40 59.96
N GLN JA 48 -3.64 -54.93 61.13
CA GLN JA 48 -3.07 -53.58 61.19
C GLN JA 48 -1.98 -53.35 60.15
N SER JA 49 -1.02 -54.25 60.06
CA SER JA 49 0.07 -54.10 59.10
C SER JA 49 -0.44 -54.16 57.66
N LYS JA 50 -1.37 -55.05 57.37
CA LYS JA 50 -1.87 -55.12 56.00
C LYS JA 50 -2.60 -53.85 55.59
N LEU JA 51 -3.54 -53.40 56.40
CA LEU JA 51 -4.25 -52.15 56.10
C LEU JA 51 -3.28 -50.99 55.91
N SER JA 52 -2.30 -50.84 56.78
CA SER JA 52 -1.33 -49.76 56.61
C SER JA 52 -0.58 -49.84 55.28
N GLU JA 53 -0.18 -51.03 54.87
CA GLU JA 53 0.51 -51.14 53.59
C GLU JA 53 -0.41 -50.77 52.43
N TYR JA 54 -1.66 -51.21 52.46
CA TYR JA 54 -2.57 -50.83 51.39
C TYR JA 54 -2.76 -49.32 51.31
N ASN JA 55 -2.86 -48.66 52.46
CA ASN JA 55 -2.96 -47.22 52.51
C ASN JA 55 -1.81 -46.52 51.78
N LEU JA 56 -0.58 -46.85 52.17
CA LEU JA 56 0.56 -46.19 51.53
C LEU JA 56 0.65 -46.49 50.05
N TYR JA 57 0.31 -47.70 49.66
CA TYR JA 57 0.31 -48.05 48.24
C TYR JA 57 -0.60 -47.14 47.42
N ARG JA 58 -1.85 -46.99 47.85
CA ARG JA 58 -2.75 -46.09 47.10
C ARG JA 58 -2.27 -44.65 47.09
N ASN JA 59 -1.72 -44.15 48.20
CA ASN JA 59 -1.25 -42.77 48.19
C ASN JA 59 -0.14 -42.53 47.17
N ALA JA 60 0.95 -43.26 47.28
CA ALA JA 60 2.03 -43.09 46.31
C ALA JA 60 1.56 -43.24 44.88
N GLN JA 61 0.70 -44.23 44.62
CA GLN JA 61 0.19 -44.42 43.28
C GLN JA 61 -0.51 -43.18 42.73
N SER JA 62 -1.30 -42.50 43.55
CA SER JA 62 -2.00 -41.32 43.05
C SER JA 62 -1.08 -40.11 42.85
N ASN JA 63 -0.29 -39.77 43.86
CA ASN JA 63 0.59 -38.60 43.69
C ASN JA 63 1.51 -38.70 42.49
N THR JA 64 2.03 -39.88 42.17
CA THR JA 64 2.92 -39.95 41.02
C THR JA 64 2.20 -39.64 39.71
N VAL JA 65 1.02 -40.21 39.52
CA VAL JA 65 0.24 -39.91 38.32
C VAL JA 65 0.01 -38.42 38.19
N LYS JA 66 -0.30 -37.75 39.30
CA LYS JA 66 -0.50 -36.30 39.21
C LYS JA 66 0.74 -35.58 38.71
N VAL JA 67 1.91 -35.93 39.22
CA VAL JA 67 3.09 -35.20 38.80
C VAL JA 67 3.40 -35.42 37.33
N PHE JA 68 3.20 -36.63 36.82
CA PHE JA 68 3.43 -36.76 35.38
C PHE JA 68 2.39 -36.05 34.54
N LYS JA 69 1.16 -35.89 35.04
CA LYS JA 69 0.19 -35.11 34.28
C LYS JA 69 0.66 -33.68 34.15
N ASP JA 70 1.22 -33.13 35.22
CA ASP JA 70 1.64 -31.74 35.14
C ASP JA 70 2.85 -31.57 34.24
N ILE JA 71 3.81 -32.49 34.29
CA ILE JA 71 4.94 -32.35 33.39
C ILE JA 71 4.50 -32.37 31.95
N ASP JA 72 3.49 -33.18 31.60
CA ASP JA 72 3.00 -33.19 30.23
C ASP JA 72 2.32 -31.88 29.85
N ALA JA 73 1.33 -31.47 30.64
CA ALA JA 73 0.61 -30.23 30.35
C ALA JA 73 1.55 -29.05 30.15
N ALA JA 74 2.61 -28.95 30.94
CA ALA JA 74 3.53 -27.84 30.75
C ALA JA 74 4.13 -27.82 29.36
N ILE JA 75 4.49 -28.98 28.82
CA ILE JA 75 5.08 -29.00 27.48
C ILE JA 75 4.02 -28.67 26.45
N ILE JA 76 2.88 -29.34 26.53
CA ILE JA 76 1.82 -29.11 25.54
C ILE JA 76 1.53 -27.63 25.41
N GLN JA 77 1.48 -26.91 26.53
CA GLN JA 77 1.20 -25.49 26.47
C GLN JA 77 2.12 -24.73 25.53
N ASN JA 78 3.38 -25.12 25.40
CA ASN JA 78 4.32 -24.34 24.59
C ASN JA 78 4.28 -24.63 23.10
N PHE JA 79 3.47 -25.57 22.60
CA PHE JA 79 3.44 -25.75 21.15
C PHE JA 79 3.18 -24.44 20.43
N ARG JA 80 2.24 -23.65 20.93
CA ARG JA 80 1.85 -22.42 20.25
C ARG JA 80 2.95 -21.40 20.33
N ALA KA 2 31.47 -44.00 34.63
CA ALA KA 2 32.09 -43.42 35.81
C ALA KA 2 31.06 -43.29 36.93
N THR KA 3 31.32 -42.37 37.86
CA THR KA 3 30.33 -42.07 38.89
C THR KA 3 29.02 -41.65 38.23
N PRO KA 4 27.88 -42.03 38.81
CA PRO KA 4 26.59 -41.63 38.24
C PRO KA 4 26.33 -40.15 38.42
N TRP KA 5 25.65 -39.57 37.43
CA TRP KA 5 25.36 -38.14 37.45
C TRP KA 5 24.42 -37.79 38.59
N SER KA 6 24.58 -36.57 39.12
CA SER KA 6 23.87 -36.16 40.33
C SER KA 6 23.66 -34.65 40.32
N GLY KA 7 22.42 -34.21 40.42
CA GLY KA 7 22.08 -32.80 40.35
C GLY KA 7 22.37 -32.05 41.62
N TYR KA 8 21.79 -30.85 41.70
CA TYR KA 8 21.91 -30.05 42.92
C TYR KA 8 21.01 -30.57 44.04
N LEU KA 9 19.80 -31.02 43.71
CA LEU KA 9 18.92 -31.49 44.76
C LEU KA 9 19.46 -32.76 45.37
N ASP KA 10 20.00 -33.64 44.53
CA ASP KA 10 20.62 -34.85 45.02
C ASP KA 10 21.69 -34.53 46.05
N ASP KA 11 22.43 -33.45 45.82
CA ASP KA 11 23.52 -33.08 46.72
C ASP KA 11 23.01 -32.53 48.03
N VAL KA 12 22.01 -31.66 47.97
CA VAL KA 12 21.37 -31.20 49.18
C VAL KA 12 20.74 -32.34 49.98
N SER KA 13 20.25 -33.38 49.32
CA SER KA 13 19.77 -34.54 50.06
C SER KA 13 20.91 -35.34 50.67
N ALA KA 14 21.91 -35.69 49.88
CA ALA KA 14 23.03 -36.51 50.32
C ALA KA 14 23.88 -35.86 51.41
N LYS KA 15 23.85 -34.54 51.55
CA LYS KA 15 24.50 -33.94 52.70
C LYS KA 15 23.95 -34.45 54.03
N PHE KA 16 22.71 -34.90 54.08
CA PHE KA 16 22.25 -35.56 55.28
C PHE KA 16 22.76 -36.99 55.37
N ASP KA 17 22.63 -37.75 54.31
CA ASP KA 17 23.05 -39.14 54.37
C ASP KA 17 24.53 -39.28 54.68
N THR KA 18 25.35 -38.26 54.39
CA THR KA 18 26.75 -38.27 54.81
C THR KA 18 26.98 -37.47 56.07
N GLY KA 19 25.95 -36.81 56.60
CA GLY KA 19 26.11 -36.09 57.84
C GLY KA 19 25.82 -36.96 59.04
N VAL KA 20 24.66 -37.64 59.02
CA VAL KA 20 24.37 -38.67 60.03
C VAL KA 20 25.12 -39.94 59.66
N ASP KA 21 26.20 -40.21 60.39
CA ASP KA 21 27.25 -41.08 59.89
C ASP KA 21 26.76 -42.51 59.63
N ASN KA 22 25.98 -43.06 60.55
CA ASN KA 22 25.56 -44.46 60.42
C ASN KA 22 24.21 -44.73 61.07
N LEU KA 23 23.41 -43.70 61.27
CA LEU KA 23 22.14 -43.85 61.96
C LEU KA 23 21.29 -44.92 61.30
N GLN KA 24 21.33 -45.00 59.98
CA GLN KA 24 20.55 -46.00 59.26
C GLN KA 24 20.93 -47.43 59.63
N THR KA 25 22.17 -47.68 60.01
CA THR KA 25 22.52 -48.99 60.53
C THR KA 25 22.16 -49.13 62.01
N GLN KA 26 22.49 -48.11 62.79
CA GLN KA 26 22.22 -48.15 64.22
C GLN KA 26 20.77 -48.47 64.56
N VAL KA 27 19.82 -47.92 63.80
CA VAL KA 27 18.42 -48.21 64.07
C VAL KA 27 18.08 -49.68 63.87
N THR KA 28 18.62 -50.30 62.82
CA THR KA 28 18.32 -51.72 62.62
C THR KA 28 19.01 -52.59 63.65
N GLU KA 29 20.19 -52.19 64.12
CA GLU KA 29 20.80 -52.92 65.22
C GLU KA 29 19.98 -52.82 66.49
N ALA KA 30 19.52 -51.62 66.82
CA ALA KA 30 18.76 -51.45 68.04
C ALA KA 30 17.45 -52.23 67.99
N LEU KA 31 16.81 -52.28 66.83
CA LEU KA 31 15.60 -53.08 66.70
C LEU KA 31 15.86 -54.57 66.80
N ASP KA 32 16.93 -55.06 66.17
CA ASP KA 32 17.25 -56.48 66.29
C ASP KA 32 17.61 -56.88 67.71
N LYS KA 33 18.23 -56.00 68.48
CA LYS KA 33 18.44 -56.31 69.89
C LYS KA 33 17.16 -56.24 70.71
N LEU KA 34 16.34 -55.22 70.51
CA LEU KA 34 15.10 -55.14 71.28
C LEU KA 34 14.18 -56.32 71.01
N ALA KA 35 13.99 -56.69 69.74
CA ALA KA 35 13.10 -57.81 69.45
C ALA KA 35 13.55 -59.09 70.13
N ALA KA 36 14.80 -59.17 70.56
CA ALA KA 36 15.28 -60.37 71.25
C ALA KA 36 14.65 -60.49 72.63
N LYS KA 37 14.51 -59.37 73.34
CA LYS KA 37 14.01 -59.37 74.71
C LYS KA 37 13.31 -58.04 74.98
N PRO KA 38 12.05 -57.91 74.53
CA PRO KA 38 11.34 -56.63 74.65
C PRO KA 38 11.23 -56.06 76.05
N SER KA 39 11.51 -56.80 77.11
CA SER KA 39 11.24 -56.33 78.46
C SER KA 39 12.48 -55.81 79.18
N ASP KA 40 13.56 -55.52 78.46
CA ASP KA 40 14.73 -54.91 79.06
C ASP KA 40 14.64 -53.38 79.09
N PRO KA 41 14.53 -52.76 80.27
CA PRO KA 41 14.47 -51.29 80.31
C PRO KA 41 15.59 -50.60 79.56
N ALA KA 42 16.82 -51.13 79.60
CA ALA KA 42 17.91 -50.41 78.96
C ALA KA 42 17.81 -50.49 77.45
N LEU KA 43 17.16 -51.52 76.94
CA LEU KA 43 16.99 -51.66 75.51
C LEU KA 43 15.85 -50.78 75.03
N LEU KA 44 14.74 -50.75 75.75
CA LEU KA 44 13.69 -49.80 75.37
C LEU KA 44 14.18 -48.36 75.43
N ALA KA 45 14.90 -48.01 76.50
CA ALA KA 45 15.45 -46.66 76.62
C ALA KA 45 16.42 -46.35 75.51
N ALA KA 46 17.17 -47.33 75.05
CA ALA KA 46 18.10 -47.10 73.95
C ALA KA 46 17.35 -46.90 72.64
N TYR KA 47 16.33 -47.70 72.38
CA TYR KA 47 15.65 -47.64 71.10
C TYR KA 47 14.82 -46.37 70.93
N GLN KA 48 14.21 -45.88 71.99
CA GLN KA 48 13.41 -44.65 71.87
C GLN KA 48 14.19 -43.50 71.24
N SER KA 49 15.44 -43.30 71.66
CA SER KA 49 16.26 -42.21 71.13
C SER KA 49 16.61 -42.39 69.66
N LYS KA 50 17.07 -43.58 69.27
CA LYS KA 50 17.39 -43.80 67.88
C LYS KA 50 16.19 -43.62 66.97
N LEU KA 51 15.04 -44.16 67.36
CA LEU KA 51 13.86 -43.99 66.54
C LEU KA 51 13.47 -42.52 66.39
N SER KA 52 13.50 -41.75 67.47
CA SER KA 52 13.17 -40.33 67.36
C SER KA 52 14.13 -39.57 66.45
N GLU KA 53 15.44 -39.78 66.65
CA GLU KA 53 16.41 -39.15 65.78
C GLU KA 53 16.20 -39.48 64.32
N TYR KA 54 15.93 -40.75 64.01
CA TYR KA 54 15.67 -41.14 62.62
C TYR KA 54 14.48 -40.40 62.04
N ASN KA 55 13.37 -40.36 62.78
CA ASN KA 55 12.21 -39.61 62.33
C ASN KA 55 12.54 -38.17 61.95
N LEU KA 56 13.13 -37.42 62.89
CA LEU KA 56 13.49 -36.03 62.61
C LEU KA 56 14.40 -35.90 61.40
N TYR KA 57 15.40 -36.77 61.28
CA TYR KA 57 16.29 -36.71 60.15
C TYR KA 57 15.55 -36.80 58.81
N ARG KA 58 14.66 -37.77 58.67
CA ARG KA 58 13.93 -37.87 57.40
C ARG KA 58 13.00 -36.68 57.15
N ASN KA 59 12.40 -36.11 58.19
CA ASN KA 59 11.58 -34.92 57.97
C ASN KA 59 12.38 -33.74 57.45
N ALA KA 60 13.47 -33.39 58.13
CA ALA KA 60 14.25 -32.24 57.71
C ALA KA 60 14.78 -32.40 56.30
N GLN KA 61 15.19 -33.61 55.95
CA GLN KA 61 15.66 -33.86 54.60
C GLN KA 61 14.58 -33.57 53.56
N SER KA 62 13.42 -34.19 53.67
CA SER KA 62 12.46 -34.01 52.58
C SER KA 62 11.89 -32.60 52.51
N ASN KA 63 11.62 -31.96 53.66
CA ASN KA 63 11.18 -30.56 53.58
C ASN KA 63 12.19 -29.65 52.88
N THR KA 64 13.48 -29.87 53.11
CA THR KA 64 14.44 -28.98 52.45
C THR KA 64 14.47 -29.21 50.94
N VAL KA 65 14.35 -30.48 50.52
CA VAL KA 65 14.33 -30.70 49.08
C VAL KA 65 13.11 -30.03 48.44
N LYS KA 66 11.96 -30.08 49.11
CA LYS KA 66 10.81 -29.43 48.50
C LYS KA 66 11.01 -27.93 48.36
N VAL KA 67 11.55 -27.29 49.39
CA VAL KA 67 11.70 -25.84 49.32
C VAL KA 67 12.58 -25.45 48.15
N PHE KA 68 13.72 -26.13 47.97
CA PHE KA 68 14.50 -25.76 46.79
C PHE KA 68 13.77 -26.04 45.48
N LYS KA 69 12.96 -27.08 45.42
CA LYS KA 69 12.31 -27.32 44.13
C LYS KA 69 11.31 -26.22 43.81
N ASP KA 70 10.83 -25.54 44.83
CA ASP KA 70 9.89 -24.46 44.59
C ASP KA 70 10.60 -23.16 44.30
N ILE KA 71 11.82 -22.98 44.82
CA ILE KA 71 12.54 -21.77 44.46
C ILE KA 71 13.01 -21.87 43.01
N ASP KA 72 13.30 -23.07 42.53
CA ASP KA 72 13.76 -23.19 41.14
C ASP KA 72 12.61 -23.01 40.15
N ALA KA 73 11.46 -23.64 40.39
CA ALA KA 73 10.40 -23.53 39.40
C ALA KA 73 9.96 -22.09 39.16
N ALA KA 74 10.03 -21.25 40.18
CA ALA KA 74 9.62 -19.86 40.03
C ALA KA 74 10.56 -19.04 39.16
N ILE KA 75 11.84 -19.41 39.10
CA ILE KA 75 12.72 -18.74 38.16
C ILE KA 75 12.50 -19.30 36.77
N ILE KA 76 12.37 -20.62 36.66
CA ILE KA 76 12.25 -21.19 35.33
C ILE KA 76 11.01 -20.66 34.64
N GLN KA 77 9.98 -20.31 35.40
CA GLN KA 77 8.78 -19.77 34.78
C GLN KA 77 8.97 -18.39 34.15
N ASN KA 78 9.90 -17.58 34.64
CA ASN KA 78 10.13 -16.27 34.04
C ASN KA 78 10.94 -16.29 32.76
N PHE KA 79 11.40 -17.43 32.27
CA PHE KA 79 12.13 -17.38 31.00
C PHE KA 79 11.23 -16.94 29.88
N ARG KA 80 9.95 -17.25 29.95
CA ARG KA 80 9.01 -16.91 28.89
C ARG KA 80 8.62 -15.46 29.03
N THR LA 3 27.19 -9.09 63.12
CA THR LA 3 26.78 -10.04 62.09
C THR LA 3 27.18 -9.51 60.72
N PRO LA 4 27.61 -10.40 59.81
CA PRO LA 4 27.90 -9.93 58.46
C PRO LA 4 26.70 -9.36 57.73
N TRP LA 5 25.52 -9.97 57.86
CA TRP LA 5 24.35 -9.49 57.16
C TRP LA 5 23.11 -10.00 57.87
N SER LA 6 22.08 -9.17 57.97
CA SER LA 6 20.88 -9.58 58.70
C SER LA 6 19.64 -8.98 58.05
N GLY LA 7 18.79 -9.84 57.52
CA GLY LA 7 17.51 -9.41 56.97
C GLY LA 7 16.47 -9.09 58.03
N TYR LA 8 15.36 -8.56 57.55
CA TYR LA 8 14.24 -8.24 58.42
C TYR LA 8 13.78 -9.43 59.26
N LEU LA 9 13.70 -10.61 58.65
CA LEU LA 9 13.33 -11.80 59.39
C LEU LA 9 14.34 -12.11 60.49
N ASP LA 10 15.62 -11.96 60.20
CA ASP LA 10 16.63 -12.14 61.24
C ASP LA 10 16.40 -11.15 62.37
N ASP LA 11 16.15 -9.89 62.04
CA ASP LA 11 15.86 -8.90 63.07
C ASP LA 11 14.70 -9.35 63.96
N VAL LA 12 13.65 -9.89 63.35
CA VAL LA 12 12.51 -10.38 64.13
C VAL LA 12 12.94 -11.50 65.06
N SER LA 13 13.68 -12.49 64.56
CA SER LA 13 14.11 -13.59 65.41
C SER LA 13 15.00 -13.10 66.53
N ALA LA 14 15.95 -12.23 66.21
CA ALA LA 14 16.85 -11.70 67.22
C ALA LA 14 16.09 -10.94 68.29
N LYS LA 15 14.96 -10.32 67.97
CA LYS LA 15 14.20 -9.70 69.04
C LYS LA 15 13.83 -10.70 70.13
N PHE LA 16 13.36 -11.88 69.76
CA PHE LA 16 13.10 -12.93 70.75
C PHE LA 16 14.36 -13.34 71.49
N ASP LA 17 15.43 -13.62 70.75
CA ASP LA 17 16.65 -14.05 71.44
C ASP LA 17 17.11 -13.02 72.46
N THR LA 18 17.31 -11.77 72.04
CA THR LA 18 17.73 -10.78 73.03
C THR LA 18 16.64 -10.46 74.02
N GLY LA 19 15.39 -10.84 73.72
CA GLY LA 19 14.31 -10.56 74.64
C GLY LA 19 14.26 -11.48 75.83
N VAL LA 20 14.81 -12.68 75.69
CA VAL LA 20 14.93 -13.58 76.84
C VAL LA 20 16.40 -13.61 77.23
N ASP LA 21 16.69 -13.16 78.46
CA ASP LA 21 18.06 -12.83 78.80
C ASP LA 21 18.95 -14.07 78.73
N ASN LA 22 18.64 -15.07 79.55
CA ASN LA 22 19.59 -16.13 79.84
C ASN LA 22 18.93 -17.50 79.89
N LEU LA 23 17.66 -17.59 79.48
CA LEU LA 23 16.93 -18.84 79.57
C LEU LA 23 17.66 -19.97 78.86
N GLN LA 24 18.33 -19.66 77.75
CA GLN LA 24 19.12 -20.65 77.05
C GLN LA 24 20.04 -21.42 77.98
N THR LA 25 20.76 -20.72 78.86
CA THR LA 25 21.65 -21.44 79.76
C THR LA 25 20.93 -21.93 80.99
N GLN LA 26 19.94 -21.18 81.46
CA GLN LA 26 19.26 -21.57 82.67
C GLN LA 26 18.71 -22.99 82.57
N VAL LA 27 18.05 -23.29 81.44
CA VAL LA 27 17.55 -24.64 81.21
C VAL LA 27 18.67 -25.66 81.16
N THR LA 28 19.80 -25.30 80.57
CA THR LA 28 20.94 -26.21 80.49
C THR LA 28 21.46 -26.57 81.86
N GLU LA 29 21.65 -25.57 82.72
CA GLU LA 29 22.13 -25.83 84.07
C GLU LA 29 21.11 -26.64 84.87
N ALA LA 30 19.84 -26.24 84.82
CA ALA LA 30 18.81 -26.99 85.53
C ALA LA 30 18.81 -28.47 85.16
N LEU LA 31 19.00 -28.78 83.88
CA LEU LA 31 19.08 -30.18 83.48
C LEU LA 31 20.18 -30.94 84.21
N ASP LA 32 21.39 -30.39 84.26
CA ASP LA 32 22.48 -31.08 84.95
C ASP LA 32 22.25 -31.21 86.45
N LYS LA 33 21.75 -30.15 87.08
CA LYS LA 33 21.40 -30.27 88.49
C LYS LA 33 20.43 -31.42 88.70
N LEU LA 34 19.29 -31.40 88.00
CA LEU LA 34 18.32 -32.48 88.18
C LEU LA 34 18.93 -33.84 87.88
N ALA LA 35 19.75 -33.95 86.85
CA ALA LA 35 20.41 -35.21 86.55
C ALA LA 35 21.28 -35.68 87.72
N ALA LA 36 21.73 -34.76 88.56
CA ALA LA 36 22.53 -35.20 89.71
C ALA LA 36 21.67 -35.81 90.82
N LYS LA 37 20.42 -35.39 90.98
CA LYS LA 37 19.54 -35.87 92.04
C LYS LA 37 18.12 -36.00 91.51
N PRO LA 38 17.88 -36.96 90.61
CA PRO LA 38 16.58 -37.03 89.94
C PRO LA 38 15.39 -37.16 90.86
N SER LA 39 15.58 -37.29 92.17
CA SER LA 39 14.48 -37.50 93.10
C SER LA 39 14.26 -36.35 94.09
N ASP LA 40 14.86 -35.18 93.88
CA ASP LA 40 14.55 -34.04 94.74
C ASP LA 40 13.38 -33.21 94.21
N PRO LA 41 12.29 -33.08 94.98
CA PRO LA 41 11.14 -32.31 94.51
C PRO LA 41 11.45 -30.90 94.08
N ALA LA 42 12.37 -30.22 94.75
CA ALA LA 42 12.67 -28.83 94.40
C ALA LA 42 13.27 -28.76 93.01
N LEU LA 43 14.24 -29.60 92.73
CA LEU LA 43 14.86 -29.60 91.42
C LEU LA 43 13.84 -29.95 90.34
N LEU LA 44 12.96 -30.91 90.63
CA LEU LA 44 11.90 -31.21 89.66
C LEU LA 44 11.02 -30.00 89.40
N ALA LA 45 10.51 -29.38 90.45
CA ALA LA 45 9.59 -28.25 90.26
C ALA LA 45 10.26 -27.10 89.54
N ALA LA 46 11.58 -26.96 89.67
CA ALA LA 46 12.29 -25.94 88.92
C ALA LA 46 12.36 -26.28 87.43
N TYR LA 47 12.79 -27.50 87.13
CA TYR LA 47 12.97 -27.87 85.74
C TYR LA 47 11.66 -27.89 84.97
N GLN LA 48 10.56 -28.34 85.58
CA GLN LA 48 9.29 -28.28 84.88
C GLN LA 48 8.99 -26.88 84.33
N SER LA 49 9.22 -25.87 85.14
CA SER LA 49 8.98 -24.48 84.75
C SER LA 49 9.90 -24.04 83.63
N LYS LA 50 11.21 -24.19 83.83
CA LYS LA 50 12.13 -23.76 82.79
C LYS LA 50 11.85 -24.45 81.46
N LEU LA 51 11.61 -25.75 81.46
CA LEU LA 51 11.37 -26.42 80.19
C LEU LA 51 10.08 -25.99 79.52
N SER LA 52 9.02 -25.74 80.29
CA SER LA 52 7.81 -25.20 79.69
C SER LA 52 8.05 -23.84 79.03
N GLU LA 53 8.67 -22.92 79.77
CA GLU LA 53 9.03 -21.62 79.21
C GLU LA 53 9.81 -21.73 77.92
N TYR LA 54 10.83 -22.58 77.90
CA TYR LA 54 11.61 -22.77 76.69
C TYR LA 54 10.75 -23.23 75.51
N ASN LA 55 9.89 -24.21 75.75
CA ASN LA 55 8.99 -24.68 74.71
C ASN LA 55 8.17 -23.55 74.08
N LEU LA 56 7.52 -22.75 74.92
CA LEU LA 56 6.71 -21.65 74.38
C LEU LA 56 7.57 -20.62 73.63
N TYR LA 57 8.75 -20.32 74.15
CA TYR LA 57 9.64 -19.40 73.46
C TYR LA 57 9.91 -19.87 72.04
N ARG LA 58 10.35 -21.11 71.86
CA ARG LA 58 10.62 -21.59 70.51
C ARG LA 58 9.38 -21.58 69.60
N ASN LA 59 8.22 -21.96 70.12
CA ASN LA 59 7.03 -21.95 69.27
C ASN LA 59 6.68 -20.55 68.78
N ALA LA 60 6.52 -19.61 69.70
CA ALA LA 60 6.23 -18.24 69.30
C ALA LA 60 7.26 -17.72 68.32
N GLN LA 61 8.54 -18.00 68.57
CA GLN LA 61 9.57 -17.56 67.65
C GLN LA 61 9.32 -18.06 66.24
N SER LA 62 9.12 -19.36 66.07
CA SER LA 62 9.04 -19.91 64.72
C SER LA 62 7.76 -19.55 63.97
N ASN LA 63 6.63 -19.33 64.64
CA ASN LA 63 5.44 -19.02 63.84
C ASN LA 63 5.47 -17.62 63.23
N THR LA 64 5.97 -16.63 63.97
CA THR LA 64 6.02 -15.27 63.46
C THR LA 64 6.81 -15.15 62.15
N VAL LA 65 8.00 -15.76 62.12
CA VAL LA 65 8.80 -15.72 60.90
C VAL LA 65 8.01 -16.20 59.70
N LYS LA 66 7.19 -17.23 59.88
CA LYS LA 66 6.41 -17.71 58.75
C LYS LA 66 5.39 -16.68 58.31
N VAL LA 67 4.65 -16.10 59.26
CA VAL LA 67 3.68 -15.08 58.88
C VAL LA 67 4.32 -13.98 58.04
N PHE LA 68 5.41 -13.42 58.54
CA PHE LA 68 6.10 -12.40 57.77
C PHE LA 68 6.60 -12.89 56.44
N LYS LA 69 6.98 -14.16 56.32
CA LYS LA 69 7.37 -14.63 55.00
C LYS LA 69 6.21 -14.59 54.03
N ASP LA 70 5.04 -15.03 54.47
CA ASP LA 70 3.90 -15.06 53.55
C ASP LA 70 3.47 -13.66 53.11
N ILE LA 71 3.56 -12.67 54.00
CA ILE LA 71 3.21 -11.31 53.58
C ILE LA 71 4.11 -10.83 52.44
N ASP LA 72 5.41 -11.03 52.59
CA ASP LA 72 6.35 -10.62 51.56
C ASP LA 72 6.13 -11.38 50.26
N ALA LA 73 6.01 -12.69 50.34
CA ALA LA 73 5.75 -13.46 49.13
C ALA LA 73 4.53 -12.94 48.39
N ALA LA 74 3.46 -12.61 49.11
CA ALA LA 74 2.28 -12.07 48.45
C ALA LA 74 2.56 -10.75 47.75
N ILE LA 75 3.27 -9.84 48.39
CA ILE LA 75 3.59 -8.57 47.71
C ILE LA 75 4.46 -8.81 46.49
N ILE LA 76 5.56 -9.54 46.65
CA ILE LA 76 6.46 -9.81 45.53
C ILE LA 76 5.72 -10.41 44.35
N GLN LA 77 4.72 -11.22 44.60
CA GLN LA 77 4.01 -11.82 43.46
C GLN LA 77 3.43 -10.77 42.52
N ASN LA 78 2.91 -9.67 43.04
CA ASN LA 78 2.23 -8.71 42.17
C ASN LA 78 3.15 -7.82 41.34
N PHE LA 79 4.47 -7.95 41.40
CA PHE LA 79 5.29 -7.16 40.47
C PHE LA 79 4.98 -7.53 39.04
N ARG LA 80 4.64 -8.78 38.79
CA ARG LA 80 4.40 -9.26 37.43
C ARG LA 80 3.30 -8.46 36.78
N ALA MA 2 -3.09 11.11 68.21
CA ALA MA 2 -4.46 10.74 67.92
C ALA MA 2 -4.90 9.55 68.77
N THR MA 3 -6.20 9.40 68.89
CA THR MA 3 -6.77 8.22 69.54
C THR MA 3 -6.20 6.95 68.89
N PRO MA 4 -5.88 5.92 69.67
CA PRO MA 4 -5.33 4.69 69.10
C PRO MA 4 -6.28 4.04 68.11
N TRP MA 5 -5.77 3.83 66.90
CA TRP MA 5 -6.56 3.18 65.86
C TRP MA 5 -6.92 1.75 66.25
N SER MA 6 -8.17 1.37 65.96
CA SER MA 6 -8.68 0.03 66.25
C SER MA 6 -9.57 -0.41 65.10
N GLY MA 7 -9.30 -1.61 64.56
CA GLY MA 7 -10.09 -2.18 63.49
C GLY MA 7 -11.26 -3.06 63.91
N TYR MA 8 -11.77 -3.82 62.93
CA TYR MA 8 -12.88 -4.74 63.16
C TYR MA 8 -12.48 -5.96 63.98
N LEU MA 9 -11.30 -6.50 63.75
CA LEU MA 9 -10.87 -7.62 64.58
C LEU MA 9 -10.61 -7.16 66.01
N ASP MA 10 -9.99 -6.00 66.17
CA ASP MA 10 -9.87 -5.41 67.49
C ASP MA 10 -11.23 -5.29 68.18
N ASP MA 11 -12.20 -4.69 67.50
CA ASP MA 11 -13.57 -4.61 68.04
C ASP MA 11 -14.10 -5.96 68.53
N VAL MA 12 -14.06 -6.96 67.64
CA VAL MA 12 -14.55 -8.29 68.01
C VAL MA 12 -13.81 -8.85 69.22
N SER MA 13 -12.49 -8.71 69.24
CA SER MA 13 -11.72 -9.18 70.39
C SER MA 13 -12.13 -8.47 71.67
N ALA MA 14 -12.18 -7.15 71.65
CA ALA MA 14 -12.52 -6.38 72.84
C ALA MA 14 -13.89 -6.68 73.38
N LYS MA 15 -14.84 -7.10 72.54
CA LYS MA 15 -16.14 -7.44 73.11
C LYS MA 15 -16.03 -8.47 74.24
N PHE MA 16 -15.11 -9.42 74.15
CA PHE MA 16 -14.97 -10.38 75.24
C PHE MA 16 -14.40 -9.74 76.50
N ASP MA 17 -13.34 -8.97 76.36
CA ASP MA 17 -12.76 -8.30 77.51
C ASP MA 17 -13.78 -7.46 78.25
N THR MA 18 -14.57 -6.67 77.54
CA THR MA 18 -15.60 -5.92 78.24
C THR MA 18 -16.81 -6.76 78.61
N GLY MA 19 -16.95 -7.96 78.06
CA GLY MA 19 -18.06 -8.81 78.44
C GLY MA 19 -17.83 -9.47 79.78
N VAL MA 20 -16.58 -9.87 80.04
CA VAL MA 20 -16.19 -10.38 81.35
C VAL MA 20 -15.66 -9.20 82.16
N ASP MA 21 -16.55 -8.63 82.98
CA ASP MA 21 -16.25 -7.42 83.73
C ASP MA 21 -14.95 -7.50 84.53
N ASN MA 22 -14.84 -8.50 85.40
CA ASN MA 22 -13.75 -8.55 86.37
C ASN MA 22 -13.03 -9.89 86.47
N LEU MA 23 -13.50 -10.93 85.76
CA LEU MA 23 -12.85 -12.23 85.76
C LEU MA 23 -11.34 -12.10 85.72
N GLN MA 24 -10.87 -11.23 84.83
CA GLN MA 24 -9.45 -10.99 84.62
C GLN MA 24 -8.71 -10.67 85.91
N THR MA 25 -9.38 -10.11 86.92
CA THR MA 25 -8.75 -9.89 88.21
C THR MA 25 -9.18 -10.87 89.29
N GLN MA 26 -10.42 -11.34 89.23
CA GLN MA 26 -10.85 -12.39 90.15
C GLN MA 26 -9.86 -13.56 90.15
N VAL MA 27 -9.45 -14.01 88.97
CA VAL MA 27 -8.51 -15.12 88.91
C VAL MA 27 -7.14 -14.77 89.48
N THR MA 28 -6.81 -13.50 89.67
CA THR MA 28 -5.54 -13.18 90.32
C THR MA 28 -5.69 -13.18 91.84
N GLU MA 29 -6.80 -12.64 92.32
CA GLU MA 29 -7.02 -12.64 93.75
C GLU MA 29 -7.15 -14.06 94.28
N ALA MA 30 -8.00 -14.87 93.66
CA ALA MA 30 -8.20 -16.22 94.18
C ALA MA 30 -6.90 -17.00 94.20
N LEU MA 31 -5.99 -16.72 93.27
CA LEU MA 31 -4.67 -17.33 93.33
C LEU MA 31 -3.89 -16.85 94.53
N ASP MA 32 -3.85 -15.54 94.77
CA ASP MA 32 -3.05 -15.09 95.93
C ASP MA 32 -3.59 -15.68 97.22
N LYS MA 33 -4.89 -15.94 97.27
CA LYS MA 33 -5.48 -16.52 98.46
C LYS MA 33 -5.09 -17.98 98.61
N LEU MA 34 -5.44 -18.79 97.63
CA LEU MA 34 -5.10 -20.21 97.69
C LEU MA 34 -3.62 -20.39 97.96
N ALA MA 35 -2.77 -19.54 97.37
CA ALA MA 35 -1.34 -19.63 97.63
C ALA MA 35 -1.03 -19.30 99.08
N ALA MA 36 -1.79 -18.40 99.69
CA ALA MA 36 -1.56 -18.11 101.09
C ALA MA 36 -1.96 -19.28 101.99
N LYS MA 37 -2.94 -20.07 101.58
CA LYS MA 37 -3.45 -21.18 102.39
C LYS MA 37 -3.84 -22.35 101.50
N PRO MA 38 -2.84 -23.03 100.91
CA PRO MA 38 -3.12 -24.05 99.89
C PRO MA 38 -3.99 -25.22 100.31
N SER MA 39 -4.33 -25.37 101.59
CA SER MA 39 -4.97 -26.59 102.06
C SER MA 39 -6.37 -26.34 102.61
N ASP MA 40 -7.04 -25.29 102.15
CA ASP MA 40 -8.44 -25.08 102.51
C ASP MA 40 -9.39 -25.43 101.38
N PRO MA 41 -10.33 -26.34 101.61
CA PRO MA 41 -11.17 -26.82 100.52
C PRO MA 41 -12.05 -25.74 99.94
N ALA MA 42 -12.46 -24.75 100.72
CA ALA MA 42 -13.29 -23.68 100.19
C ALA MA 42 -12.53 -22.91 99.12
N LEU MA 43 -11.29 -22.55 99.42
CA LEU MA 43 -10.46 -21.83 98.47
C LEU MA 43 -10.19 -22.68 97.24
N LEU MA 44 -9.94 -23.97 97.43
CA LEU MA 44 -9.79 -24.83 96.26
C LEU MA 44 -11.05 -24.85 95.40
N ALA MA 45 -12.20 -25.08 96.02
CA ALA MA 45 -13.44 -25.19 95.26
C ALA MA 45 -13.75 -23.91 94.51
N ALA MA 46 -13.33 -22.76 95.03
CA ALA MA 46 -13.51 -21.50 94.32
C ALA MA 46 -12.56 -21.40 93.13
N TYR MA 47 -11.28 -21.66 93.37
CA TYR MA 47 -10.30 -21.47 92.31
C TYR MA 47 -10.53 -22.40 91.13
N GLN MA 48 -10.98 -23.64 91.38
CA GLN MA 48 -11.28 -24.52 90.25
C GLN MA 48 -12.25 -23.88 89.27
N SER MA 49 -13.32 -23.27 89.79
CA SER MA 49 -14.30 -22.60 88.94
C SER MA 49 -13.71 -21.43 88.18
N LYS MA 50 -13.08 -20.51 88.90
CA LYS MA 50 -12.52 -19.35 88.22
C LYS MA 50 -11.53 -19.74 87.12
N LEU MA 51 -10.62 -20.65 87.41
CA LEU MA 51 -9.65 -21.01 86.38
C LEU MA 51 -10.31 -21.70 85.18
N SER MA 52 -11.38 -22.47 85.40
CA SER MA 52 -12.07 -23.04 84.26
C SER MA 52 -12.68 -21.96 83.37
N GLU MA 53 -13.46 -21.07 83.98
CA GLU MA 53 -14.09 -19.98 83.22
C GLU MA 53 -13.07 -19.17 82.42
N TYR MA 54 -11.91 -18.91 83.01
CA TYR MA 54 -10.88 -18.16 82.31
C TYR MA 54 -10.35 -18.91 81.10
N ASN MA 55 -10.05 -20.19 81.26
CA ASN MA 55 -9.59 -20.99 80.14
C ASN MA 55 -10.58 -21.01 78.97
N LEU MA 56 -11.87 -21.23 79.27
CA LEU MA 56 -12.86 -21.21 78.20
C LEU MA 56 -12.97 -19.84 77.52
N TYR MA 57 -12.91 -18.76 78.29
CA TYR MA 57 -12.94 -17.43 77.69
C TYR MA 57 -11.81 -17.23 76.69
N ARG MA 58 -10.57 -17.53 77.08
CA ARG MA 58 -9.46 -17.30 76.15
C ARG MA 58 -9.52 -18.18 74.91
N ASN MA 59 -10.01 -19.41 75.01
CA ASN MA 59 -10.17 -20.21 73.80
C ASN MA 59 -11.23 -19.66 72.84
N ALA MA 60 -12.41 -19.34 73.35
CA ALA MA 60 -13.46 -18.84 72.46
C ALA MA 60 -13.04 -17.54 71.78
N GLN MA 61 -12.32 -16.68 72.50
CA GLN MA 61 -11.80 -15.47 71.88
C GLN MA 61 -10.87 -15.79 70.72
N SER MA 62 -9.83 -16.56 70.97
CA SER MA 62 -8.82 -16.70 69.93
C SER MA 62 -9.34 -17.46 68.73
N ASN MA 63 -10.25 -18.41 68.91
CA ASN MA 63 -10.82 -19.05 67.71
C ASN MA 63 -11.67 -18.09 66.89
N THR MA 64 -12.50 -17.29 67.53
CA THR MA 64 -13.37 -16.41 66.76
C THR MA 64 -12.60 -15.39 65.91
N VAL MA 65 -11.51 -14.85 66.47
CA VAL MA 65 -10.74 -13.90 65.67
C VAL MA 65 -10.16 -14.54 64.41
N LYS MA 66 -9.69 -15.78 64.51
CA LYS MA 66 -9.18 -16.44 63.30
C LYS MA 66 -10.28 -16.73 62.31
N VAL MA 67 -11.46 -17.12 62.76
CA VAL MA 67 -12.51 -17.34 61.79
C VAL MA 67 -12.79 -16.09 60.98
N PHE MA 68 -12.83 -14.92 61.61
CA PHE MA 68 -13.04 -13.70 60.81
C PHE MA 68 -11.88 -13.41 59.87
N LYS MA 69 -10.67 -13.48 60.37
CA LYS MA 69 -9.51 -13.27 59.50
C LYS MA 69 -9.57 -14.14 58.25
N ASP MA 70 -10.12 -15.35 58.36
CA ASP MA 70 -10.16 -16.22 57.19
C ASP MA 70 -11.22 -15.83 56.18
N ILE MA 71 -12.24 -15.07 56.58
CA ILE MA 71 -13.20 -14.56 55.60
C ILE MA 71 -12.61 -13.38 54.86
N ASP MA 72 -12.09 -12.42 55.60
CA ASP MA 72 -11.48 -11.27 54.94
C ASP MA 72 -10.41 -11.68 53.95
N ALA MA 73 -9.52 -12.58 54.35
CA ALA MA 73 -8.48 -13.02 53.43
C ALA MA 73 -9.04 -13.73 52.21
N ALA MA 74 -10.21 -14.36 52.34
CA ALA MA 74 -10.81 -15.04 51.20
C ALA MA 74 -11.43 -14.05 50.22
N ILE MA 75 -12.02 -12.98 50.72
CA ILE MA 75 -12.62 -12.00 49.82
C ILE MA 75 -11.54 -11.21 49.10
N ILE MA 76 -10.51 -10.78 49.81
CA ILE MA 76 -9.48 -9.95 49.17
C ILE MA 76 -8.80 -10.66 48.02
N GLN MA 77 -8.79 -11.98 48.02
CA GLN MA 77 -8.18 -12.73 46.92
C GLN MA 77 -8.88 -12.49 45.59
N ASN MA 78 -10.17 -12.23 45.58
CA ASN MA 78 -10.90 -12.02 44.34
C ASN MA 78 -10.74 -10.64 43.71
N PHE MA 79 -10.08 -9.67 44.34
CA PHE MA 79 -10.00 -8.37 43.68
C PHE MA 79 -9.25 -8.47 42.37
N ARG MA 80 -8.36 -9.45 42.24
CA ARG MA 80 -7.51 -9.54 41.08
C ARG MA 80 -8.33 -9.51 39.81
N ALA NA 2 -39.24 -10.81 60.87
CA ALA NA 2 -39.44 -10.90 62.31
C ALA NA 2 -38.91 -12.22 62.84
N THR NA 3 -39.62 -13.31 62.55
CA THR NA 3 -39.12 -14.61 62.94
C THR NA 3 -37.76 -14.87 62.32
N PRO NA 4 -36.91 -15.65 62.97
CA PRO NA 4 -35.55 -15.84 62.49
C PRO NA 4 -35.56 -16.44 61.08
N TRP NA 5 -34.76 -15.86 60.20
CA TRP NA 5 -34.28 -16.65 59.08
C TRP NA 5 -33.44 -17.80 59.61
N SER NA 6 -33.74 -18.99 59.13
CA SER NA 6 -32.94 -20.19 59.37
C SER NA 6 -32.39 -20.73 58.07
N GLY NA 7 -31.10 -21.06 58.06
CA GLY NA 7 -30.49 -21.70 56.93
C GLY NA 7 -30.77 -23.18 56.86
N TYR NA 8 -29.77 -23.96 56.44
CA TYR NA 8 -29.84 -25.41 56.44
C TYR NA 8 -29.22 -26.02 57.69
N LEU NA 9 -28.03 -25.54 58.06
CA LEU NA 9 -27.41 -25.98 59.29
C LEU NA 9 -28.33 -25.76 60.48
N ASP NA 10 -29.07 -24.64 60.47
CA ASP NA 10 -30.06 -24.41 61.51
C ASP NA 10 -31.09 -25.52 61.56
N ASP NA 11 -31.54 -26.00 60.41
CA ASP NA 11 -32.47 -27.12 60.37
C ASP NA 11 -31.85 -28.37 60.96
N VAL NA 12 -30.59 -28.62 60.65
CA VAL NA 12 -29.90 -29.79 61.20
C VAL NA 12 -29.83 -29.70 62.72
N SER NA 13 -29.38 -28.57 63.25
CA SER NA 13 -29.35 -28.40 64.70
C SER NA 13 -30.73 -28.56 65.33
N ALA NA 14 -31.74 -27.93 64.72
CA ALA NA 14 -33.10 -28.04 65.22
C ALA NA 14 -33.60 -29.47 65.28
N LYS NA 15 -33.18 -30.33 64.37
CA LYS NA 15 -33.61 -31.74 64.49
C LYS NA 15 -33.22 -32.34 65.84
N PHE NA 16 -32.01 -32.10 66.31
CA PHE NA 16 -31.63 -32.52 67.66
C PHE NA 16 -32.43 -31.79 68.74
N ASP NA 17 -32.54 -30.46 68.63
CA ASP NA 17 -33.28 -29.74 69.66
C ASP NA 17 -34.72 -30.23 69.80
N THR NA 18 -35.38 -30.53 68.70
CA THR NA 18 -36.75 -31.06 68.76
C THR NA 18 -36.77 -32.57 68.86
N GLY NA 19 -35.62 -33.21 68.92
CA GLY NA 19 -35.52 -34.63 69.16
C GLY NA 19 -35.56 -34.91 70.63
N VAL NA 20 -34.67 -34.29 71.39
CA VAL NA 20 -34.76 -34.44 72.84
C VAL NA 20 -35.77 -33.43 73.36
N ASP NA 21 -37.03 -33.84 73.30
CA ASP NA 21 -38.17 -33.01 73.72
C ASP NA 21 -37.99 -32.30 75.05
N ASN NA 22 -37.51 -33.01 76.06
CA ASN NA 22 -37.60 -32.52 77.43
C ASN NA 22 -36.30 -32.56 78.21
N LEU NA 23 -35.26 -33.19 77.67
CA LEU NA 23 -34.02 -33.40 78.40
C LEU NA 23 -33.47 -32.08 78.92
N GLN NA 24 -33.52 -31.04 78.11
CA GLN NA 24 -33.00 -29.74 78.49
C GLN NA 24 -33.45 -29.30 79.88
N THR NA 25 -34.69 -29.57 80.24
CA THR NA 25 -35.18 -29.19 81.56
C THR NA 25 -35.06 -30.30 82.58
N GLN NA 26 -35.24 -31.55 82.16
CA GLN NA 26 -35.03 -32.66 83.08
C GLN NA 26 -33.68 -32.57 83.78
N VAL NA 27 -32.62 -32.29 83.02
CA VAL NA 27 -31.29 -32.16 83.62
C VAL NA 27 -31.28 -31.13 84.74
N THR NA 28 -31.89 -29.97 84.52
CA THR NA 28 -31.89 -28.93 85.52
C THR NA 28 -32.66 -29.33 86.77
N GLU NA 29 -33.85 -29.91 86.61
CA GLU NA 29 -34.60 -30.36 87.78
C GLU NA 29 -33.81 -31.38 88.59
N ALA NA 30 -33.24 -32.36 87.90
CA ALA NA 30 -32.40 -33.36 88.55
C ALA NA 30 -31.33 -32.68 89.40
N LEU NA 31 -30.56 -31.80 88.79
CA LEU NA 31 -29.55 -31.06 89.54
C LEU NA 31 -30.11 -30.34 90.76
N ASP NA 32 -31.19 -29.61 90.60
CA ASP NA 32 -31.78 -28.89 91.74
C ASP NA 32 -32.07 -29.80 92.94
N LYS NA 33 -32.75 -30.90 92.72
CA LYS NA 33 -33.03 -31.77 93.87
C LYS NA 33 -31.80 -32.49 94.39
N LEU NA 34 -30.93 -32.97 93.49
CA LEU NA 34 -29.71 -33.62 93.95
C LEU NA 34 -28.90 -32.67 94.82
N ALA NA 35 -28.73 -31.43 94.38
CA ALA NA 35 -28.02 -30.45 95.17
C ALA NA 35 -28.74 -30.17 96.48
N ALA NA 36 -30.06 -30.33 96.50
CA ALA NA 36 -30.76 -30.14 97.77
C ALA NA 36 -30.39 -31.21 98.78
N LYS NA 37 -30.22 -32.45 98.32
CA LYS NA 37 -29.93 -33.58 99.23
C LYS NA 37 -28.90 -34.51 98.58
N PRO NA 38 -27.66 -34.04 98.45
CA PRO NA 38 -26.61 -34.81 97.77
C PRO NA 38 -26.35 -36.25 98.20
N SER NA 39 -26.74 -36.68 99.39
CA SER NA 39 -26.34 -37.99 99.89
C SER NA 39 -27.37 -39.09 99.61
N ASP NA 40 -28.30 -38.89 98.69
CA ASP NA 40 -29.31 -39.90 98.38
C ASP NA 40 -28.95 -40.67 97.11
N PRO NA 41 -28.66 -41.97 97.21
CA PRO NA 41 -28.27 -42.72 96.00
C PRO NA 41 -29.38 -42.87 95.00
N ALA NA 42 -30.63 -42.58 95.35
CA ALA NA 42 -31.69 -42.65 94.36
C ALA NA 42 -31.62 -41.42 93.46
N LEU NA 43 -31.30 -40.28 94.05
CA LEU NA 43 -31.09 -39.07 93.28
C LEU NA 43 -29.85 -39.20 92.41
N LEU NA 44 -28.73 -39.58 93.03
CA LEU NA 44 -27.48 -39.78 92.31
C LEU NA 44 -27.61 -40.71 91.10
N ALA NA 45 -28.17 -41.91 91.30
CA ALA NA 45 -28.31 -42.85 90.19
C ALA NA 45 -29.06 -42.28 89.01
N ALA NA 46 -30.02 -41.39 89.24
CA ALA NA 46 -30.75 -40.78 88.13
C ALA NA 46 -29.95 -39.67 87.46
N TYR NA 47 -29.42 -38.75 88.26
CA TYR NA 47 -28.63 -37.66 87.72
C TYR NA 47 -27.47 -38.14 86.86
N GLN NA 48 -26.78 -39.19 87.26
CA GLN NA 48 -25.71 -39.73 86.42
C GLN NA 48 -26.17 -40.03 84.99
N SER NA 49 -27.31 -40.71 84.86
CA SER NA 49 -27.87 -41.02 83.55
C SER NA 49 -28.21 -39.76 82.77
N LYS NA 50 -28.97 -38.86 83.38
CA LYS NA 50 -29.35 -37.64 82.67
C LYS NA 50 -28.15 -36.84 82.19
N LEU NA 51 -27.18 -36.62 83.05
CA LEU NA 51 -25.98 -35.88 82.64
C LEU NA 51 -25.26 -36.56 81.49
N SER NA 52 -25.16 -37.89 81.51
CA SER NA 52 -24.49 -38.57 80.40
C SER NA 52 -25.24 -38.41 79.08
N GLU NA 53 -26.56 -38.58 79.11
CA GLU NA 53 -27.35 -38.34 77.92
C GLU NA 53 -27.15 -36.93 77.38
N TYR NA 54 -27.11 -35.93 78.26
CA TYR NA 54 -26.87 -34.56 77.82
C TYR NA 54 -25.53 -34.40 77.13
N ASN NA 55 -24.49 -34.98 77.71
CA ASN NA 55 -23.18 -34.90 77.10
C ASN NA 55 -23.17 -35.46 75.68
N LEU NA 56 -23.67 -36.67 75.51
CA LEU NA 56 -23.71 -37.25 74.16
C LEU NA 56 -24.51 -36.41 73.18
N TYR NA 57 -25.69 -35.96 73.57
CA TYR NA 57 -26.50 -35.11 72.71
C TYR NA 57 -25.73 -33.89 72.19
N ARG NA 58 -25.20 -33.07 73.08
CA ARG NA 58 -24.42 -31.90 72.63
C ARG NA 58 -23.27 -32.28 71.71
N ASN NA 59 -22.56 -33.35 72.02
CA ASN NA 59 -21.39 -33.70 71.23
C ASN NA 59 -21.75 -34.09 69.80
N ALA NA 60 -22.71 -35.01 69.66
CA ALA NA 60 -23.16 -35.40 68.33
C ALA NA 60 -23.65 -34.22 67.52
N GLN NA 61 -24.42 -33.32 68.13
CA GLN NA 61 -24.92 -32.16 67.41
C GLN NA 61 -23.79 -31.34 66.79
N SER NA 62 -22.77 -31.02 67.58
CA SER NA 62 -21.68 -30.22 67.05
C SER NA 62 -20.90 -30.91 65.93
N ASN NA 63 -20.40 -32.12 66.21
CA ASN NA 63 -19.71 -32.85 65.15
C ASN NA 63 -20.47 -32.90 63.83
N THR NA 64 -21.77 -33.17 63.86
CA THR NA 64 -22.56 -33.20 62.63
C THR NA 64 -22.51 -31.89 61.86
N VAL NA 65 -22.80 -30.78 62.55
CA VAL NA 65 -22.78 -29.49 61.87
C VAL NA 65 -21.48 -29.26 61.13
N LYS NA 66 -20.35 -29.51 61.80
CA LYS NA 66 -19.07 -29.27 61.11
C LYS NA 66 -18.92 -30.02 59.78
N VAL NA 67 -19.32 -31.29 59.75
CA VAL NA 67 -19.21 -32.06 58.51
C VAL NA 67 -19.98 -31.40 57.38
N PHE NA 68 -21.22 -30.99 57.65
CA PHE NA 68 -21.94 -30.32 56.56
C PHE NA 68 -21.25 -29.04 56.13
N LYS NA 69 -20.71 -28.27 57.09
CA LYS NA 69 -19.97 -27.08 56.71
C LYS NA 69 -18.87 -27.40 55.70
N ASP NA 70 -18.09 -28.44 55.94
CA ASP NA 70 -16.97 -28.70 55.04
C ASP NA 70 -17.41 -29.24 53.69
N ILE NA 71 -18.53 -29.95 53.62
CA ILE NA 71 -19.01 -30.34 52.29
C ILE NA 71 -19.37 -29.11 51.47
N ASP NA 72 -20.17 -28.22 52.06
CA ASP NA 72 -20.53 -27.01 51.35
C ASP NA 72 -19.30 -26.22 50.92
N ALA NA 73 -18.38 -25.95 51.84
CA ALA NA 73 -17.17 -25.22 51.47
C ALA NA 73 -16.45 -25.84 50.29
N ALA NA 74 -16.35 -27.16 50.25
CA ALA NA 74 -15.64 -27.78 49.13
C ALA NA 74 -16.36 -27.59 47.82
N ILE NA 75 -17.70 -27.65 47.82
CA ILE NA 75 -18.41 -27.39 46.56
C ILE NA 75 -18.25 -25.94 46.11
N ILE NA 76 -18.47 -25.00 47.01
CA ILE NA 76 -18.31 -23.58 46.66
C ILE NA 76 -16.95 -23.27 46.07
N GLN NA 77 -15.88 -23.88 46.59
CA GLN NA 77 -14.57 -23.54 46.04
C GLN NA 77 -14.45 -23.72 44.52
N ASN NA 78 -15.06 -24.75 43.96
CA ASN NA 78 -14.97 -24.97 42.52
C ASN NA 78 -15.68 -23.94 41.63
N PHE NA 79 -16.46 -23.02 42.15
CA PHE NA 79 -17.06 -22.03 41.25
C PHE NA 79 -15.99 -21.27 40.49
N ARG NA 80 -14.98 -20.77 41.20
CA ARG NA 80 -13.90 -20.06 40.53
C ARG NA 80 -13.41 -20.90 39.38
N THR OA 3 -32.45 -54.33 46.92
CA THR OA 3 -32.83 -53.23 46.05
C THR OA 3 -32.22 -51.89 46.47
N PRO OA 4 -32.26 -51.52 47.75
CA PRO OA 4 -31.71 -50.21 48.10
C PRO OA 4 -30.22 -50.16 47.80
N TRP OA 5 -29.71 -48.96 47.64
CA TRP OA 5 -28.30 -48.75 47.38
C TRP OA 5 -27.45 -48.83 48.63
N SER OA 6 -26.34 -49.57 48.54
CA SER OA 6 -25.39 -49.75 49.63
C SER OA 6 -24.00 -49.53 49.07
N GLY OA 7 -23.20 -48.69 49.72
CA GLY OA 7 -21.87 -48.39 49.23
C GLY OA 7 -20.80 -49.33 49.72
N TYR OA 8 -19.57 -49.01 49.30
CA TYR OA 8 -18.42 -49.81 49.71
C TYR OA 8 -18.22 -49.78 51.22
N LEU OA 9 -18.37 -48.61 51.83
CA LEU OA 9 -18.26 -48.53 53.28
C LEU OA 9 -19.36 -49.31 53.97
N ASP OA 10 -20.55 -49.35 53.38
CA ASP OA 10 -21.60 -50.18 53.94
C ASP OA 10 -21.24 -51.66 53.87
N ASP OA 11 -20.62 -52.08 52.78
CA ASP OA 11 -20.14 -53.46 52.70
C ASP OA 11 -19.12 -53.76 53.79
N VAL OA 12 -18.11 -52.91 53.91
CA VAL OA 12 -17.10 -53.09 54.96
C VAL OA 12 -17.75 -53.18 56.33
N SER OA 13 -18.66 -52.26 56.64
CA SER OA 13 -19.31 -52.31 57.94
C SER OA 13 -20.12 -53.60 58.10
N ALA OA 14 -20.99 -53.91 57.16
CA ALA OA 14 -21.81 -55.11 57.21
C ALA OA 14 -21.02 -56.38 57.44
N LYS OA 15 -19.80 -56.47 56.93
CA LYS OA 15 -19.03 -57.69 57.19
C LYS OA 15 -18.92 -57.99 58.68
N PHE OA 16 -18.76 -56.98 59.52
CA PHE OA 16 -18.71 -57.22 60.96
C PHE OA 16 -20.06 -57.70 61.50
N ASP OA 17 -21.14 -57.04 61.12
CA ASP OA 17 -22.45 -57.45 61.60
C ASP OA 17 -22.74 -58.91 61.26
N THR OA 18 -22.53 -59.30 60.01
CA THR OA 18 -22.69 -60.72 59.69
C THR OA 18 -21.59 -61.59 60.26
N GLY OA 19 -20.53 -61.00 60.78
CA GLY OA 19 -19.48 -61.78 61.41
C GLY OA 19 -19.89 -62.20 62.80
N VAL OA 20 -20.25 -61.24 63.63
CA VAL OA 20 -20.74 -61.54 64.97
C VAL OA 20 -22.21 -61.91 64.85
N ASP OA 21 -22.47 -63.21 64.74
CA ASP OA 21 -23.77 -63.68 64.31
C ASP OA 21 -24.89 -63.26 65.24
N ASN OA 22 -24.69 -63.45 66.54
CA ASN OA 22 -25.78 -63.38 67.51
C ASN OA 22 -25.48 -62.47 68.69
N LEU OA 23 -24.29 -61.91 68.75
CA LEU OA 23 -23.85 -61.19 69.93
C LEU OA 23 -24.84 -60.11 70.34
N GLN OA 24 -25.46 -59.45 69.36
CA GLN OA 24 -26.44 -58.43 69.68
C GLN OA 24 -27.62 -58.95 70.50
N THR OA 25 -28.05 -60.17 70.27
CA THR OA 25 -29.11 -60.75 71.09
C THR OA 25 -28.57 -61.32 72.39
N GLN OA 26 -27.42 -61.99 72.32
CA GLN OA 26 -26.79 -62.51 73.52
C GLN OA 26 -26.60 -61.45 74.60
N VAL OA 27 -26.13 -60.27 74.22
CA VAL OA 27 -25.93 -59.22 75.22
C VAL OA 27 -27.22 -58.75 75.85
N THR OA 28 -28.30 -58.73 75.08
CA THR OA 28 -29.57 -58.26 75.63
C THR OA 28 -30.14 -59.27 76.61
N GLU OA 29 -30.16 -60.55 76.22
CA GLU OA 29 -30.74 -61.53 77.12
C GLU OA 29 -29.85 -61.75 78.34
N ALA OA 30 -28.54 -61.73 78.17
CA ALA OA 30 -27.67 -61.82 79.34
C ALA OA 30 -27.87 -60.67 80.30
N LEU OA 31 -28.18 -59.47 79.79
CA LEU OA 31 -28.48 -58.35 80.68
C LEU OA 31 -29.81 -58.50 81.39
N ASP OA 32 -30.82 -59.06 80.73
CA ASP OA 32 -32.07 -59.29 81.44
C ASP OA 32 -31.96 -60.40 82.49
N LYS OA 33 -31.27 -61.48 82.16
CA LYS OA 33 -31.03 -62.54 83.14
C LYS OA 33 -30.25 -62.02 84.33
N LEU OA 34 -29.25 -61.17 84.11
CA LEU OA 34 -28.58 -60.55 85.25
C LEU OA 34 -29.54 -59.67 86.05
N ALA OA 35 -30.31 -58.83 85.36
CA ALA OA 35 -31.16 -57.90 86.08
C ALA OA 35 -32.14 -58.63 86.98
N ALA OA 36 -32.53 -59.85 86.60
CA ALA OA 36 -33.45 -60.60 87.46
C ALA OA 36 -32.81 -61.00 88.80
N LYS OA 37 -31.50 -61.21 88.84
CA LYS OA 37 -30.80 -61.56 90.07
C LYS OA 37 -29.45 -60.88 90.07
N PRO OA 38 -29.39 -59.63 90.44
CA PRO OA 38 -28.17 -58.83 90.28
C PRO OA 38 -26.95 -59.35 91.02
N SER OA 39 -27.05 -60.42 91.79
CA SER OA 39 -25.84 -61.00 92.37
C SER OA 39 -25.91 -62.52 92.29
N ASP OA 40 -25.31 -63.06 91.22
CA ASP OA 40 -25.14 -64.48 91.04
C ASP OA 40 -23.83 -64.72 90.28
N PRO OA 41 -22.85 -65.40 90.86
CA PRO OA 41 -21.51 -65.36 90.28
C PRO OA 41 -21.49 -65.82 88.84
N ALA OA 42 -22.40 -66.70 88.44
CA ALA OA 42 -22.37 -67.20 87.08
C ALA OA 42 -22.91 -66.17 86.10
N LEU OA 43 -23.86 -65.36 86.55
CA LEU OA 43 -24.41 -64.34 85.68
C LEU OA 43 -23.40 -63.22 85.53
N LEU OA 44 -22.76 -62.82 86.62
CA LEU OA 44 -21.71 -61.82 86.52
C LEU OA 44 -20.58 -62.27 85.61
N ALA OA 45 -20.10 -63.50 85.78
CA ALA OA 45 -19.01 -64.00 84.94
C ALA OA 45 -19.40 -64.12 83.47
N ALA OA 46 -20.63 -64.48 83.16
CA ALA OA 46 -21.07 -64.46 81.77
C ALA OA 46 -21.14 -63.04 81.21
N TYR OA 47 -21.77 -62.15 81.95
CA TYR OA 47 -22.00 -60.81 81.45
C TYR OA 47 -20.72 -60.04 81.22
N GLN OA 48 -19.75 -60.17 82.12
CA GLN OA 48 -18.48 -59.47 81.90
C GLN OA 48 -17.85 -59.83 80.55
N SER OA 49 -17.94 -61.10 80.16
CA SER OA 49 -17.43 -61.52 78.87
C SER OA 49 -18.21 -60.90 77.72
N LYS OA 50 -19.53 -61.01 77.76
CA LYS OA 50 -20.28 -60.55 76.59
C LYS OA 50 -20.19 -59.04 76.42
N LEU OA 51 -20.24 -58.29 77.50
CA LEU OA 51 -20.08 -56.85 77.39
C LEU OA 51 -18.69 -56.46 76.88
N SER OA 52 -17.65 -57.19 77.26
CA SER OA 52 -16.33 -56.89 76.71
C SER OA 52 -16.24 -57.16 75.21
N GLU OA 53 -16.74 -58.31 74.78
CA GLU OA 53 -16.75 -58.60 73.35
C GLU OA 53 -17.51 -57.55 72.56
N TYR OA 54 -18.60 -57.04 73.12
CA TYR OA 54 -19.35 -56.00 72.42
C TYR OA 54 -18.56 -54.71 72.29
N ASN OA 55 -17.90 -54.29 73.35
CA ASN OA 55 -17.10 -53.08 73.28
C ASN OA 55 -16.02 -53.16 72.20
N LEU OA 56 -15.31 -54.29 72.14
CA LEU OA 56 -14.29 -54.44 71.10
C LEU OA 56 -14.87 -54.46 69.69
N TYR OA 57 -16.01 -55.14 69.51
CA TYR OA 57 -16.63 -55.16 68.20
C TYR OA 57 -16.96 -53.76 67.68
N ARG OA 58 -17.62 -52.94 68.49
CA ARG OA 58 -17.97 -51.60 68.01
C ARG OA 58 -16.77 -50.70 67.77
N ASN OA 59 -15.70 -50.86 68.55
CA ASN OA 59 -14.51 -50.07 68.26
C ASN OA 59 -13.86 -50.45 66.94
N ALA OA 60 -13.64 -51.73 66.70
CA ALA OA 60 -12.94 -52.13 65.48
C ALA OA 60 -13.73 -51.74 64.24
N GLN OA 61 -15.06 -51.87 64.31
CA GLN OA 61 -15.87 -51.48 63.16
C GLN OA 61 -15.71 -50.00 62.84
N SER OA 62 -15.89 -49.13 63.82
CA SER OA 62 -15.89 -47.71 63.46
C SER OA 62 -14.52 -47.21 63.04
N ASN OA 63 -13.44 -47.71 63.66
CA ASN OA 63 -12.14 -47.24 63.21
C ASN OA 63 -11.83 -47.69 61.78
N THR OA 64 -12.22 -48.90 61.42
CA THR OA 64 -11.94 -49.33 60.06
C THR OA 64 -12.65 -48.45 59.03
N VAL OA 65 -13.93 -48.19 59.26
CA VAL OA 65 -14.63 -47.36 58.29
C VAL OA 65 -14.01 -45.98 58.17
N LYS OA 66 -13.49 -45.45 59.27
CA LYS OA 66 -12.84 -44.14 59.20
C LYS OA 66 -11.61 -44.17 58.29
N VAL OA 67 -10.75 -45.16 58.49
CA VAL OA 67 -9.54 -45.27 57.67
C VAL OA 67 -9.89 -45.33 56.18
N PHE OA 68 -10.81 -46.19 55.80
CA PHE OA 68 -11.18 -46.22 54.38
C PHE OA 68 -11.70 -44.88 53.86
N LYS OA 69 -12.49 -44.17 54.65
CA LYS OA 69 -12.93 -42.86 54.18
C LYS OA 69 -11.75 -41.96 53.85
N ASP OA 70 -10.70 -42.01 54.66
CA ASP OA 70 -9.57 -41.13 54.35
C ASP OA 70 -8.78 -41.60 53.13
N ILE OA 71 -8.66 -42.91 52.94
CA ILE OA 71 -7.98 -43.36 51.72
C ILE OA 71 -8.72 -42.91 50.47
N ASP OA 72 -10.04 -42.84 50.51
CA ASP OA 72 -10.76 -42.38 49.32
C ASP OA 72 -10.61 -40.88 49.12
N ALA OA 73 -10.91 -40.09 50.15
CA ALA OA 73 -10.76 -38.65 50.00
C ALA OA 73 -9.39 -38.24 49.50
N ALA OA 74 -8.33 -38.99 49.87
CA ALA OA 74 -7.01 -38.60 49.39
C ALA OA 74 -6.85 -38.79 47.89
N ILE OA 75 -7.60 -39.67 47.27
CA ILE OA 75 -7.54 -39.86 45.83
C ILE OA 75 -8.42 -38.86 45.11
N ILE OA 76 -9.65 -38.71 45.59
CA ILE OA 76 -10.54 -37.73 44.96
C ILE OA 76 -9.89 -36.37 44.89
N GLN OA 77 -9.18 -35.97 45.94
CA GLN OA 77 -8.53 -34.66 45.88
C GLN OA 77 -7.64 -34.45 44.65
N ASN OA 78 -7.00 -35.49 44.13
CA ASN OA 78 -6.11 -35.31 42.98
C ASN OA 78 -6.80 -35.14 41.63
N PHE OA 79 -8.10 -35.42 41.49
CA PHE OA 79 -8.73 -35.18 40.19
C PHE OA 79 -8.59 -33.73 39.79
N ARG OA 80 -8.81 -32.83 40.73
CA ARG OA 80 -8.77 -31.40 40.49
C ARG OA 80 -7.65 -31.03 39.55
N THR PA 3 6.73 -67.27 47.77
CA THR PA 3 6.21 -66.61 48.97
C THR PA 3 5.27 -65.48 48.59
N PRO PA 4 4.33 -65.16 49.47
CA PRO PA 4 3.47 -64.01 49.22
C PRO PA 4 4.24 -62.71 49.36
N TRP PA 5 3.71 -61.67 48.73
CA TRP PA 5 4.28 -60.34 48.88
C TRP PA 5 4.19 -59.85 50.33
N SER PA 6 5.29 -59.30 50.82
CA SER PA 6 5.39 -58.76 52.17
C SER PA 6 6.07 -57.41 52.08
N GLY PA 7 5.53 -56.42 52.79
CA GLY PA 7 6.12 -55.09 52.77
C GLY PA 7 7.16 -54.87 53.85
N TYR PA 8 7.71 -53.66 53.83
CA TYR PA 8 8.67 -53.27 54.85
C TYR PA 8 8.05 -53.28 56.25
N LEU PA 9 6.79 -52.87 56.35
CA LEU PA 9 6.12 -52.92 57.65
C LEU PA 9 5.88 -54.35 58.08
N ASP PA 10 5.70 -55.25 57.12
CA ASP PA 10 5.57 -56.66 57.45
C ASP PA 10 6.88 -57.21 57.99
N ASP PA 11 7.98 -56.93 57.31
CA ASP PA 11 9.29 -57.31 57.84
C ASP PA 11 9.50 -56.83 59.26
N VAL PA 12 9.24 -55.55 59.52
CA VAL PA 12 9.38 -55.01 60.87
C VAL PA 12 8.48 -55.75 61.85
N SER PA 13 7.22 -55.96 61.51
CA SER PA 13 6.32 -56.71 62.37
C SER PA 13 6.85 -58.10 62.68
N ALA PA 14 7.23 -58.86 61.66
CA ALA PA 14 7.72 -60.22 61.82
C ALA PA 14 9.01 -60.31 62.62
N LYS PA 15 9.86 -59.29 62.61
CA LYS PA 15 11.04 -59.37 63.46
C LYS PA 15 10.69 -59.68 64.91
N PHE PA 16 9.61 -59.09 65.42
CA PHE PA 16 9.20 -59.40 66.79
C PHE PA 16 8.77 -60.86 66.94
N ASP PA 17 7.79 -61.29 66.14
CA ASP PA 17 7.36 -62.68 66.22
C ASP PA 17 8.53 -63.66 66.19
N THR PA 18 9.43 -63.51 65.22
CA THR PA 18 10.59 -64.41 65.19
C THR PA 18 11.57 -64.13 66.32
N GLY PA 19 11.49 -62.99 66.97
CA GLY PA 19 12.33 -62.73 68.11
C GLY PA 19 11.90 -63.57 69.29
N VAL PA 20 10.63 -63.44 69.66
CA VAL PA 20 10.07 -64.29 70.72
C VAL PA 20 9.68 -65.63 70.12
N ASP PA 21 10.67 -66.51 69.98
CA ASP PA 21 10.48 -67.81 69.34
C ASP PA 21 9.29 -68.60 69.86
N ASN PA 22 9.19 -68.76 71.18
CA ASN PA 22 8.25 -69.72 71.75
C ASN PA 22 7.20 -69.14 72.68
N LEU PA 23 7.37 -67.90 73.15
CA LEU PA 23 6.37 -67.28 74.01
C LEU PA 23 4.95 -67.50 73.51
N GLN PA 24 4.75 -67.36 72.19
CA GLN PA 24 3.43 -67.52 71.59
C GLN PA 24 2.70 -68.75 72.06
N THR PA 25 3.40 -69.82 72.40
CA THR PA 25 2.77 -71.06 72.82
C THR PA 25 3.00 -71.36 74.28
N GLN PA 26 4.17 -71.03 74.81
CA GLN PA 26 4.38 -71.13 76.25
C GLN PA 26 3.21 -70.52 77.02
N VAL PA 27 2.78 -69.33 76.61
CA VAL PA 27 1.67 -68.65 77.29
C VAL PA 27 0.38 -69.45 77.26
N THR PA 28 0.18 -70.28 76.25
CA THR PA 28 -1.04 -71.08 76.19
C THR PA 28 -0.94 -72.33 77.06
N GLU PA 29 0.18 -73.04 76.94
CA GLU PA 29 0.40 -74.19 77.82
C GLU PA 29 0.28 -73.80 79.29
N ALA PA 30 0.88 -72.67 79.68
CA ALA PA 30 0.76 -72.22 81.06
C ALA PA 30 -0.68 -72.12 81.50
N LEU PA 31 -1.54 -71.56 80.65
CA LEU PA 31 -2.96 -71.46 80.95
C LEU PA 31 -3.61 -72.82 81.08
N ASP PA 32 -3.37 -73.71 80.12
CA ASP PA 32 -3.94 -75.05 80.20
C ASP PA 32 -3.57 -75.74 81.51
N LYS PA 33 -2.34 -75.60 81.95
CA LYS PA 33 -1.96 -76.17 83.24
C LYS PA 33 -2.65 -75.48 84.42
N LEU PA 34 -2.52 -74.16 84.51
CA LEU PA 34 -3.12 -73.43 85.62
C LEU PA 34 -4.61 -73.69 85.77
N ALA PA 35 -5.33 -73.82 84.67
CA ALA PA 35 -6.75 -74.12 84.77
C ALA PA 35 -7.01 -75.45 85.47
N ALA PA 36 -6.05 -76.38 85.42
CA ALA PA 36 -6.26 -77.67 86.06
C ALA PA 36 -6.34 -77.55 87.58
N LYS PA 37 -5.48 -76.75 88.20
CA LYS PA 37 -5.50 -76.51 89.64
C LYS PA 37 -5.26 -75.04 89.91
N PRO PA 38 -6.30 -74.22 89.78
CA PRO PA 38 -6.14 -72.77 89.93
C PRO PA 38 -5.51 -72.33 91.23
N SER PA 39 -5.37 -73.20 92.22
CA SER PA 39 -4.89 -72.81 93.54
C SER PA 39 -3.49 -73.33 93.84
N ASP PA 40 -2.65 -73.49 92.82
CA ASP PA 40 -1.27 -73.89 93.04
C ASP PA 40 -0.34 -72.68 92.88
N PRO PA 41 0.27 -72.18 93.95
CA PRO PA 41 1.10 -70.98 93.80
C PRO PA 41 2.28 -71.15 92.87
N ALA PA 42 2.78 -72.38 92.70
CA ALA PA 42 3.88 -72.58 91.78
C ALA PA 42 3.43 -72.32 90.35
N LEU PA 43 2.19 -72.66 90.06
CA LEU PA 43 1.61 -72.41 88.74
C LEU PA 43 1.32 -70.92 88.55
N LEU PA 44 0.69 -70.31 89.55
CA LEU PA 44 0.38 -68.88 89.46
C LEU PA 44 1.63 -68.04 89.25
N ALA PA 45 2.70 -68.33 90.00
CA ALA PA 45 3.91 -67.52 89.89
C ALA PA 45 4.49 -67.58 88.48
N ALA PA 46 4.28 -68.67 87.76
CA ALA PA 46 4.77 -68.80 86.40
C ALA PA 46 3.88 -68.05 85.42
N TYR PA 47 2.58 -68.23 85.57
CA TYR PA 47 1.66 -67.61 84.62
C TYR PA 47 1.73 -66.10 84.68
N GLN PA 48 1.84 -65.53 85.88
CA GLN PA 48 1.96 -64.08 85.97
C GLN PA 48 3.09 -63.54 85.08
N SER PA 49 4.23 -64.21 85.10
CA SER PA 49 5.38 -63.81 84.29
C SER PA 49 5.11 -63.93 82.80
N LYS PA 50 4.72 -65.12 82.36
CA LYS PA 50 4.43 -65.29 80.94
C LYS PA 50 3.43 -64.26 80.42
N LEU PA 51 2.34 -64.04 81.14
CA LEU PA 51 1.35 -63.10 80.65
C LEU PA 51 1.85 -61.65 80.63
N SER PA 52 2.64 -61.25 81.62
CA SER PA 52 3.23 -59.92 81.56
C SER PA 52 4.13 -59.75 80.34
N GLU PA 53 4.95 -60.76 80.05
CA GLU PA 53 5.80 -60.69 78.87
C GLU PA 53 4.99 -60.55 77.59
N TYR PA 54 3.93 -61.33 77.47
CA TYR PA 54 3.07 -61.22 76.30
C TYR PA 54 2.50 -59.82 76.12
N ASN PA 55 2.00 -59.24 77.21
CA ASN PA 55 1.48 -57.87 77.17
C ASN PA 55 2.49 -56.88 76.61
N LEU PA 56 3.69 -56.86 77.17
CA LEU PA 56 4.70 -55.91 76.68
C LEU PA 56 5.06 -56.16 75.22
N TYR PA 57 5.12 -57.42 74.81
CA TYR PA 57 5.45 -57.75 73.43
C TYR PA 57 4.45 -57.14 72.44
N ARG PA 58 3.17 -57.43 72.62
CA ARG PA 58 2.17 -56.86 71.71
C ARG PA 58 2.15 -55.33 71.69
N ASN PA 59 2.27 -54.68 72.84
CA ASN PA 59 2.27 -53.21 72.78
C ASN PA 59 3.49 -52.63 72.06
N ALA PA 60 4.68 -53.18 72.29
CA ALA PA 60 5.83 -52.65 71.56
C ALA PA 60 5.65 -52.83 70.06
N GLN PA 61 5.05 -53.96 69.69
CA GLN PA 61 4.88 -54.25 68.27
C GLN PA 61 4.03 -53.18 67.59
N SER PA 62 2.80 -53.00 68.09
CA SER PA 62 1.92 -52.04 67.46
C SER PA 62 2.51 -50.63 67.43
N ASN PA 63 3.06 -50.15 68.56
CA ASN PA 63 3.58 -48.78 68.52
C ASN PA 63 4.67 -48.59 67.47
N THR PA 64 5.57 -49.58 67.32
CA THR PA 64 6.61 -49.45 66.31
C THR PA 64 6.02 -49.33 64.91
N VAL PA 65 5.10 -50.23 64.58
CA VAL PA 65 4.47 -50.18 63.27
C VAL PA 65 3.90 -48.79 63.00
N LYS PA 66 3.18 -48.23 63.96
CA LYS PA 66 2.60 -46.92 63.72
C LYS PA 66 3.65 -45.84 63.46
N VAL PA 67 4.74 -45.83 64.20
CA VAL PA 67 5.74 -44.79 63.94
C VAL PA 67 6.28 -44.87 62.52
N PHE PA 68 6.48 -46.08 61.99
CA PHE PA 68 6.96 -46.11 60.61
C PHE PA 68 5.89 -45.73 59.61
N LYS PA 69 4.63 -46.03 59.90
CA LYS PA 69 3.59 -45.58 58.99
C LYS PA 69 3.58 -44.07 58.90
N ASP PA 70 3.78 -43.38 60.02
CA ASP PA 70 3.72 -41.93 59.95
C ASP PA 70 4.98 -41.31 59.37
N ILE PA 71 6.12 -42.00 59.37
CA ILE PA 71 7.26 -41.48 58.62
C ILE PA 71 7.00 -41.55 57.13
N ASP PA 72 6.61 -42.73 56.63
CA ASP PA 72 6.33 -42.86 55.21
C ASP PA 72 5.27 -41.89 54.72
N ALA PA 73 4.15 -41.78 55.44
CA ALA PA 73 3.11 -40.87 55.00
C ALA PA 73 3.62 -39.43 54.87
N ALA PA 74 4.49 -39.03 55.77
CA ALA PA 74 5.04 -37.68 55.73
C ALA PA 74 5.96 -37.48 54.55
N ILE PA 75 6.65 -38.51 54.10
CA ILE PA 75 7.49 -38.31 52.92
C ILE PA 75 6.63 -38.30 51.66
N ILE PA 76 5.72 -39.26 51.55
CA ILE PA 76 4.85 -39.35 50.38
C ILE PA 76 4.08 -38.07 50.14
N GLN PA 77 3.69 -37.39 51.22
CA GLN PA 77 2.98 -36.12 51.04
C GLN PA 77 3.70 -35.12 50.15
N ASN PA 78 5.02 -35.08 50.11
CA ASN PA 78 5.68 -34.00 49.39
C ASN PA 78 6.00 -34.31 47.95
N PHE PA 79 5.65 -35.48 47.41
CA PHE PA 79 5.95 -35.72 46.01
C PHE PA 79 5.26 -34.69 45.13
N ARG PA 80 4.08 -34.26 45.53
CA ARG PA 80 3.41 -33.15 44.86
C ARG PA 80 4.18 -31.87 45.00
N THR QA 3 29.98 -46.68 65.16
CA THR QA 3 29.63 -45.29 64.85
C THR QA 3 29.30 -44.52 66.13
N PRO QA 4 30.25 -43.81 66.66
CA PRO QA 4 29.99 -42.94 67.81
C PRO QA 4 29.23 -41.66 67.47
N TRP QA 5 28.11 -41.82 66.76
CA TRP QA 5 27.28 -40.71 66.35
C TRP QA 5 26.15 -40.55 67.35
N SER QA 6 25.99 -39.34 67.89
CA SER QA 6 25.01 -39.12 68.94
C SER QA 6 24.39 -37.74 68.80
N GLY QA 7 23.13 -37.71 68.37
CA GLY QA 7 22.39 -36.49 68.25
C GLY QA 7 22.15 -35.80 69.57
N TYR QA 8 21.41 -34.69 69.46
CA TYR QA 8 21.04 -33.92 70.64
C TYR QA 8 20.19 -34.73 71.61
N LEU QA 9 19.24 -35.51 71.10
CA LEU QA 9 18.45 -36.36 71.99
C LEU QA 9 19.30 -37.41 72.69
N ASP QA 10 20.22 -38.05 71.96
CA ASP QA 10 21.15 -38.97 72.59
C ASP QA 10 21.93 -38.29 73.71
N ASP QA 11 22.45 -37.09 73.47
CA ASP QA 11 23.12 -36.34 74.54
C ASP QA 11 22.23 -36.10 75.75
N VAL QA 12 21.02 -35.60 75.51
CA VAL QA 12 20.10 -35.33 76.60
C VAL QA 12 19.83 -36.58 77.42
N SER QA 13 19.75 -37.73 76.76
CA SER QA 13 19.54 -38.96 77.52
C SER QA 13 20.80 -39.37 78.27
N ALA QA 14 21.94 -39.37 77.59
CA ALA QA 14 23.21 -39.72 78.22
C ALA QA 14 23.48 -38.93 79.50
N LYS QA 15 23.07 -37.68 79.57
CA LYS QA 15 23.29 -36.96 80.82
C LYS QA 15 22.75 -37.71 82.04
N PHE QA 16 21.59 -38.32 81.95
CA PHE QA 16 21.10 -39.10 83.09
C PHE QA 16 21.97 -40.32 83.35
N ASP QA 17 22.27 -41.09 82.30
CA ASP QA 17 23.15 -42.25 82.46
C ASP QA 17 24.42 -41.88 83.21
N THR QA 18 25.04 -40.77 82.89
CA THR QA 18 26.26 -40.35 83.58
C THR QA 18 26.00 -39.57 84.86
N GLY QA 19 24.75 -39.28 85.18
CA GLY QA 19 24.42 -38.64 86.43
C GLY QA 19 24.25 -39.68 87.52
N VAL QA 20 23.62 -40.79 87.17
CA VAL QA 20 23.53 -41.94 88.09
C VAL QA 20 24.64 -42.93 87.75
N ASP QA 21 25.81 -42.66 88.31
CA ASP QA 21 27.02 -43.40 87.98
C ASP QA 21 26.89 -44.90 88.17
N ASN QA 22 26.50 -45.34 89.36
CA ASN QA 22 26.57 -46.74 89.74
C ASN QA 22 25.23 -47.39 90.03
N LEU QA 23 24.16 -46.61 90.18
CA LEU QA 23 22.83 -47.13 90.44
C LEU QA 23 22.53 -48.32 89.54
N GLN QA 24 22.89 -48.20 88.26
CA GLN QA 24 22.64 -49.26 87.30
C GLN QA 24 23.05 -50.63 87.83
N THR QA 25 24.13 -50.72 88.59
CA THR QA 25 24.54 -52.01 89.13
C THR QA 25 24.15 -52.21 90.57
N GLN QA 26 24.19 -51.15 91.39
CA GLN QA 26 23.71 -51.27 92.76
C GLN QA 26 22.35 -51.96 92.79
N VAL QA 27 21.50 -51.64 91.82
CA VAL QA 27 20.17 -52.23 91.77
C VAL QA 27 20.21 -53.73 91.59
N THR QA 28 21.24 -54.26 90.95
CA THR QA 28 21.33 -55.70 90.78
C THR QA 28 22.05 -56.37 91.95
N GLU QA 29 23.08 -55.73 92.47
CA GLU QA 29 23.72 -56.22 93.68
C GLU QA 29 22.71 -56.44 94.79
N ALA QA 30 21.93 -55.39 95.09
CA ALA QA 30 20.91 -55.51 96.12
C ALA QA 30 19.92 -56.63 95.83
N LEU QA 31 19.51 -56.79 94.57
CA LEU QA 31 18.60 -57.87 94.24
C LEU QA 31 19.19 -59.24 94.53
N ASP QA 32 20.42 -59.47 94.10
CA ASP QA 32 21.05 -60.77 94.32
C ASP QA 32 21.21 -61.08 95.81
N LYS QA 33 21.67 -60.12 96.59
CA LYS QA 33 21.81 -60.42 98.01
C LYS QA 33 20.47 -60.53 98.73
N LEU QA 34 19.45 -59.81 98.30
CA LEU QA 34 18.12 -60.04 98.86
C LEU QA 34 17.65 -61.44 98.54
N ALA QA 35 17.73 -61.84 97.27
CA ALA QA 35 17.24 -63.14 96.87
C ALA QA 35 17.98 -64.24 97.60
N ALA QA 36 19.20 -63.98 98.05
CA ALA QA 36 19.89 -64.97 98.86
C ALA QA 36 19.24 -65.19 100.22
N LYS QA 37 18.47 -64.24 100.74
CA LYS QA 37 17.86 -64.39 102.06
C LYS QA 37 16.68 -63.45 102.22
N PRO QA 38 15.55 -63.77 101.60
CA PRO QA 38 14.48 -62.77 101.46
C PRO QA 38 13.90 -62.22 102.75
N SER QA 39 14.10 -62.87 103.89
CA SER QA 39 13.39 -62.49 105.12
C SER QA 39 14.22 -61.59 106.04
N ASP QA 40 15.07 -60.72 105.52
CA ASP QA 40 15.91 -59.87 106.36
C ASP QA 40 15.53 -58.40 106.24
N PRO QA 41 15.14 -57.76 107.35
CA PRO QA 41 14.74 -56.35 107.30
C PRO QA 41 15.77 -55.40 106.74
N ALA QA 42 17.07 -55.65 106.95
CA ALA QA 42 18.06 -54.71 106.44
C ALA QA 42 18.14 -54.75 104.93
N LEU QA 43 17.93 -55.93 104.36
CA LEU QA 43 17.99 -56.06 102.92
C LEU QA 43 16.70 -55.53 102.30
N LEU QA 44 15.56 -55.81 102.93
CA LEU QA 44 14.32 -55.27 102.41
C LEU QA 44 14.35 -53.74 102.39
N ALA QA 45 14.77 -53.14 103.50
CA ALA QA 45 14.81 -51.68 103.58
C ALA QA 45 15.79 -51.09 102.59
N ALA QA 46 16.90 -51.76 102.32
CA ALA QA 46 17.83 -51.23 101.33
C ALA QA 46 17.23 -51.30 99.93
N TYR QA 47 16.72 -52.47 99.57
CA TYR QA 47 16.16 -52.65 98.23
C TYR QA 47 15.08 -51.63 97.93
N GLN QA 48 14.07 -51.51 98.80
CA GLN QA 48 13.04 -50.51 98.55
C GLN QA 48 13.59 -49.15 98.11
N SER QA 49 14.56 -48.63 98.88
CA SER QA 49 15.14 -47.34 98.58
C SER QA 49 15.94 -47.31 97.29
N LYS QA 50 16.43 -48.45 96.82
CA LYS QA 50 17.13 -48.42 95.54
C LYS QA 50 16.18 -48.55 94.35
N LEU QA 51 15.28 -49.52 94.44
CA LEU QA 51 14.29 -49.73 93.38
C LEU QA 51 13.47 -48.49 93.09
N SER QA 52 13.04 -47.76 94.12
CA SER QA 52 12.26 -46.55 93.85
C SER QA 52 13.06 -45.50 93.10
N GLU QA 53 14.31 -45.29 93.50
CA GLU QA 53 15.18 -44.36 92.78
C GLU QA 53 15.34 -44.75 91.33
N TYR QA 54 15.51 -46.03 91.06
CA TYR QA 54 15.64 -46.46 89.66
C TYR QA 54 14.36 -46.24 88.86
N ASN QA 55 13.21 -46.45 89.49
CA ASN QA 55 11.95 -46.15 88.83
C ASN QA 55 11.85 -44.69 88.40
N LEU QA 56 12.08 -43.77 89.34
CA LEU QA 56 11.96 -42.35 89.00
C LEU QA 56 13.03 -41.91 88.00
N TYR QA 57 14.20 -42.54 88.04
CA TYR QA 57 15.23 -42.27 87.06
C TYR QA 57 14.75 -42.55 85.64
N ARG QA 58 14.26 -43.76 85.39
CA ARG QA 58 13.81 -44.07 84.04
C ARG QA 58 12.60 -43.24 83.59
N ASN QA 59 11.70 -42.88 84.50
CA ASN QA 59 10.58 -42.03 84.06
C ASN QA 59 11.02 -40.63 83.65
N ALA QA 60 11.84 -39.96 84.44
CA ALA QA 60 12.29 -38.64 84.03
C ALA QA 60 13.10 -38.71 82.75
N GLN QA 61 13.86 -39.80 82.58
CA GLN QA 61 14.67 -39.95 81.39
C GLN QA 61 13.81 -39.96 80.14
N SER QA 62 12.74 -40.74 80.14
CA SER QA 62 11.96 -40.86 78.91
C SER QA 62 11.08 -39.65 78.65
N ASN QA 63 10.51 -39.04 79.68
CA ASN QA 63 9.67 -37.88 79.39
C ASN QA 63 10.48 -36.72 78.83
N THR QA 64 11.70 -36.50 79.31
CA THR QA 64 12.48 -35.39 78.75
C THR QA 64 12.70 -35.55 77.25
N VAL QA 65 13.06 -36.75 76.84
CA VAL QA 65 13.27 -37.06 75.43
C VAL QA 65 12.03 -36.74 74.62
N LYS QA 66 10.87 -37.18 75.08
CA LYS QA 66 9.68 -36.90 74.29
C LYS QA 66 9.41 -35.41 74.15
N VAL QA 67 9.55 -34.64 75.23
CA VAL QA 67 9.26 -33.21 75.11
C VAL QA 67 10.20 -32.51 74.14
N PHE QA 68 11.48 -32.86 74.14
CA PHE QA 68 12.35 -32.31 73.10
C PHE QA 68 11.93 -32.68 71.70
N LYS QA 69 11.57 -33.95 71.48
CA LYS QA 69 11.12 -34.30 70.15
C LYS QA 69 9.94 -33.46 69.71
N ASP QA 70 9.00 -33.20 70.61
CA ASP QA 70 7.87 -32.37 70.23
C ASP QA 70 8.23 -30.91 70.01
N ILE QA 71 9.35 -30.44 70.56
CA ILE QA 71 9.81 -29.09 70.21
C ILE QA 71 10.40 -29.05 68.81
N ASP QA 72 11.22 -30.05 68.46
CA ASP QA 72 11.81 -30.05 67.12
C ASP QA 72 10.75 -30.17 66.03
N ALA QA 73 9.83 -31.11 66.17
CA ALA QA 73 8.92 -31.39 65.06
C ALA QA 73 8.09 -30.15 64.70
N ALA QA 74 7.70 -29.37 65.70
CA ALA QA 74 6.96 -28.14 65.43
C ALA QA 74 7.77 -27.09 64.68
N ILE QA 75 9.10 -27.12 64.76
CA ILE QA 75 9.88 -26.19 63.95
C ILE QA 75 10.00 -26.72 62.53
N ILE QA 76 10.33 -28.00 62.41
CA ILE QA 76 10.59 -28.55 61.08
C ILE QA 76 9.35 -28.45 60.22
N GLN QA 77 8.17 -28.52 60.83
CA GLN QA 77 6.94 -28.36 60.06
C GLN QA 77 6.88 -27.03 59.31
N ASN QA 78 7.38 -25.95 59.91
CA ASN QA 78 7.32 -24.64 59.27
C ASN QA 78 8.32 -24.42 58.13
N PHE QA 79 9.20 -25.37 57.81
CA PHE QA 79 10.11 -25.12 56.71
C PHE QA 79 9.39 -24.90 55.40
N ARG QA 80 8.23 -25.49 55.21
CA ARG QA 80 7.47 -25.18 54.01
C ARG QA 80 6.92 -23.78 54.13
N ALA RA 2 14.32 -6.91 90.37
CA ALA RA 2 14.31 -7.82 89.23
C ALA RA 2 15.22 -9.01 89.48
N THR RA 3 14.94 -10.11 88.78
CA THR RA 3 15.47 -11.42 89.12
C THR RA 3 16.03 -12.07 87.87
N PRO RA 4 16.84 -13.12 88.01
CA PRO RA 4 17.80 -13.46 86.94
C PRO RA 4 17.18 -13.54 85.57
N TRP RA 5 16.05 -14.23 85.46
CA TRP RA 5 15.04 -13.98 84.44
C TRP RA 5 13.79 -14.66 84.96
N SER RA 6 12.64 -14.30 84.41
CA SER RA 6 11.48 -15.11 84.71
C SER RA 6 10.34 -14.86 83.75
N GLY RA 7 9.73 -15.95 83.29
CA GLY RA 7 8.52 -15.90 82.54
C GLY RA 7 7.33 -15.83 83.45
N TYR RA 8 6.14 -15.88 82.84
CA TYR RA 8 4.92 -15.82 83.62
C TYR RA 8 4.74 -17.09 84.44
N LEU RA 9 5.27 -18.21 83.96
CA LEU RA 9 5.10 -19.44 84.71
C LEU RA 9 5.99 -19.44 85.95
N ASP RA 10 7.21 -18.94 85.81
CA ASP RA 10 8.09 -18.82 86.97
C ASP RA 10 7.37 -18.04 88.06
N ASP RA 11 6.71 -16.97 87.68
CA ASP RA 11 5.98 -16.14 88.63
C ASP RA 11 4.89 -16.92 89.32
N VAL RA 12 4.09 -17.67 88.56
CA VAL RA 12 3.04 -18.46 89.19
C VAL RA 12 3.62 -19.46 90.18
N SER RA 13 4.77 -20.04 89.86
CA SER RA 13 5.45 -20.92 90.81
C SER RA 13 5.91 -20.18 92.07
N ALA RA 14 6.65 -19.10 91.88
CA ALA RA 14 7.13 -18.32 93.01
C ALA RA 14 6.00 -17.83 93.91
N LYS RA 15 4.80 -17.64 93.38
CA LYS RA 15 3.71 -17.24 94.26
C LYS RA 15 3.42 -18.29 95.32
N PHE RA 16 3.46 -19.57 94.98
CA PHE RA 16 3.39 -20.60 96.02
C PHE RA 16 4.64 -20.59 96.89
N ASP RA 17 5.81 -20.54 96.28
CA ASP RA 17 7.02 -20.64 97.09
C ASP RA 17 7.14 -19.52 98.12
N THR RA 18 6.53 -18.37 97.85
CA THR RA 18 6.49 -17.29 98.83
C THR RA 18 5.18 -17.25 99.61
N GLY RA 19 4.20 -18.05 99.23
CA GLY RA 19 2.98 -18.14 99.99
C GLY RA 19 3.09 -19.06 101.19
N VAL RA 20 3.81 -20.17 101.03
CA VAL RA 20 4.16 -21.00 102.19
C VAL RA 20 5.52 -20.53 102.72
N ASP RA 21 5.48 -19.68 103.75
CA ASP RA 21 6.63 -18.84 104.07
C ASP RA 21 7.89 -19.65 104.34
N ASN RA 22 7.77 -20.74 105.12
CA ASN RA 22 8.97 -21.46 105.54
C ASN RA 22 8.74 -22.97 105.67
N LEU RA 23 7.63 -23.47 105.14
CA LEU RA 23 7.28 -24.88 105.30
C LEU RA 23 8.41 -25.79 104.89
N GLN RA 24 9.18 -25.41 103.88
CA GLN RA 24 10.30 -26.24 103.46
C GLN RA 24 11.28 -26.52 104.59
N THR RA 25 11.65 -25.49 105.34
CA THR RA 25 12.61 -25.73 106.42
C THR RA 25 11.94 -26.35 107.63
N GLN RA 26 10.69 -25.97 107.90
CA GLN RA 26 9.98 -26.62 109.00
C GLN RA 26 9.94 -28.13 108.82
N VAL RA 27 9.56 -28.59 107.62
CA VAL RA 27 9.54 -30.03 107.35
C VAL RA 27 10.95 -30.60 107.36
N THR RA 28 11.93 -29.86 106.86
CA THR RA 28 13.28 -30.41 106.79
C THR RA 28 13.84 -30.68 108.18
N GLU RA 29 13.51 -29.83 109.15
CA GLU RA 29 14.00 -30.02 110.51
C GLU RA 29 13.13 -30.92 111.37
N ALA RA 30 11.80 -30.88 111.23
CA ALA RA 30 10.99 -31.70 112.13
C ALA RA 30 11.32 -33.17 111.95
N LEU RA 31 11.73 -33.56 110.74
CA LEU RA 31 12.27 -34.89 110.50
C LEU RA 31 13.53 -35.15 111.32
N ASP RA 32 14.43 -34.17 111.42
CA ASP RA 32 15.63 -34.38 112.20
C ASP RA 32 15.33 -34.50 113.68
N LYS RA 33 14.27 -33.85 114.16
CA LYS RA 33 13.79 -34.20 115.50
C LYS RA 33 13.30 -35.64 115.54
N LEU RA 34 12.33 -35.98 114.70
CA LEU RA 34 11.61 -37.24 114.81
C LEU RA 34 12.57 -38.44 114.71
N ALA RA 35 13.49 -38.40 113.77
CA ALA RA 35 14.40 -39.52 113.56
C ALA RA 35 15.22 -39.83 114.80
N ALA RA 36 15.56 -38.83 115.59
CA ALA RA 36 16.38 -39.08 116.76
C ALA RA 36 15.63 -39.71 117.93
N LYS RA 37 14.29 -39.69 117.93
CA LYS RA 37 13.52 -40.38 118.96
C LYS RA 37 12.20 -40.87 118.37
N PRO RA 38 12.26 -41.87 117.50
CA PRO RA 38 11.14 -42.20 116.61
C PRO RA 38 9.83 -42.55 117.30
N SER RA 39 9.78 -42.67 118.62
CA SER RA 39 8.63 -43.28 119.28
C SER RA 39 7.89 -42.32 120.19
N ASP RA 40 8.00 -41.01 119.95
CA ASP RA 40 7.29 -40.03 120.77
C ASP RA 40 6.04 -39.57 120.04
N PRO RA 41 4.84 -39.75 120.62
CA PRO RA 41 3.62 -39.45 119.88
C PRO RA 41 3.42 -37.98 119.54
N ALA RA 42 3.96 -37.06 120.32
CA ALA RA 42 3.88 -35.66 119.93
C ALA RA 42 4.69 -35.44 118.66
N LEU RA 43 5.91 -35.97 118.62
CA LEU RA 43 6.74 -35.77 117.45
C LEU RA 43 6.07 -36.37 116.23
N LEU RA 44 5.48 -37.56 116.38
CA LEU RA 44 4.80 -38.16 115.24
C LEU RA 44 3.67 -37.27 114.76
N ALA RA 45 2.79 -36.85 115.66
CA ALA RA 45 1.61 -36.13 115.21
C ALA RA 45 2.01 -34.84 114.49
N ALA RA 46 3.09 -34.22 114.96
CA ALA RA 46 3.63 -33.07 114.26
C ALA RA 46 4.02 -33.46 112.84
N TYR RA 47 4.85 -34.48 112.70
CA TYR RA 47 5.41 -34.76 111.39
C TYR RA 47 4.32 -35.13 110.40
N GLN RA 48 3.39 -35.97 110.80
CA GLN RA 48 2.19 -36.22 110.00
C GLN RA 48 1.53 -34.93 109.49
N SER RA 49 1.17 -34.04 110.41
CA SER RA 49 0.53 -32.78 110.01
C SER RA 49 1.37 -31.97 109.04
N LYS RA 50 2.69 -32.00 109.18
CA LYS RA 50 3.54 -31.23 108.28
C LYS RA 50 3.66 -31.86 106.90
N LEU RA 51 3.97 -33.15 106.85
CA LEU RA 51 4.17 -33.78 105.56
C LEU RA 51 2.90 -33.79 104.73
N SER RA 52 1.73 -33.83 105.34
CA SER RA 52 0.51 -33.70 104.55
C SER RA 52 0.43 -32.36 103.84
N GLU RA 53 0.81 -31.29 104.53
CA GLU RA 53 0.86 -29.95 103.94
C GLU RA 53 1.84 -29.90 102.80
N TYR RA 54 3.05 -30.41 103.00
CA TYR RA 54 4.04 -30.37 101.93
C TYR RA 54 3.58 -31.13 100.70
N ASN RA 55 2.93 -32.28 100.91
CA ASN RA 55 2.36 -33.01 99.80
C ASN RA 55 1.41 -32.14 99.00
N LEU RA 56 0.34 -31.66 99.64
CA LEU RA 56 -0.66 -30.89 98.90
C LEU RA 56 -0.07 -29.67 98.21
N TYR RA 57 0.87 -29.01 98.88
CA TYR RA 57 1.57 -27.88 98.29
C TYR RA 57 2.21 -28.22 96.95
N ARG RA 58 3.15 -29.16 96.95
CA ARG RA 58 3.79 -29.49 95.68
C ARG RA 58 2.82 -29.99 94.63
N ASN RA 59 1.78 -30.70 95.05
CA ASN RA 59 0.79 -31.18 94.08
C ASN RA 59 0.13 -30.03 93.34
N ALA RA 60 -0.58 -29.16 94.06
CA ALA RA 60 -1.27 -28.06 93.39
C ALA RA 60 -0.32 -27.14 92.67
N GLN RA 61 0.94 -27.07 93.12
CA GLN RA 61 1.90 -26.24 92.43
C GLN RA 61 2.13 -26.76 91.03
N SER RA 62 2.45 -28.04 90.90
CA SER RA 62 2.72 -28.55 89.56
C SER RA 62 1.48 -28.55 88.67
N ASN RA 63 0.28 -28.79 89.21
CA ASN RA 63 -0.89 -28.74 88.33
C ASN RA 63 -1.15 -27.34 87.73
N THR RA 64 -0.96 -26.28 88.50
CA THR RA 64 -1.28 -24.96 87.96
C THR RA 64 -0.42 -24.61 86.75
N VAL RA 65 0.85 -24.99 86.79
CA VAL RA 65 1.75 -24.66 85.68
C VAL RA 65 1.27 -25.33 84.41
N LYS RA 66 0.87 -26.60 84.52
CA LYS RA 66 0.39 -27.32 83.36
C LYS RA 66 -0.82 -26.64 82.75
N VAL RA 67 -1.72 -26.12 83.59
CA VAL RA 67 -2.89 -25.48 82.99
C VAL RA 67 -2.52 -24.20 82.25
N PHE RA 68 -1.63 -23.39 82.79
CA PHE RA 68 -1.22 -22.20 82.03
C PHE RA 68 -0.45 -22.53 80.76
N LYS RA 69 0.38 -23.57 80.78
CA LYS RA 69 1.02 -23.97 79.53
C LYS RA 69 0.02 -24.39 78.48
N ASP RA 70 -1.03 -25.09 78.88
CA ASP RA 70 -2.07 -25.46 77.93
C ASP RA 70 -2.75 -24.23 77.33
N ILE RA 71 -3.11 -23.27 78.17
CA ILE RA 71 -3.75 -22.06 77.65
C ILE RA 71 -2.85 -21.29 76.69
N ASP RA 72 -1.55 -21.22 76.95
CA ASP RA 72 -0.70 -20.50 76.01
C ASP RA 72 -0.56 -21.24 74.69
N ALA RA 73 -0.26 -22.54 74.73
CA ALA RA 73 -0.16 -23.31 73.50
C ALA RA 73 -1.39 -23.15 72.63
N ALA RA 74 -2.57 -23.06 73.23
CA ALA RA 74 -3.78 -22.94 72.43
C ALA RA 74 -3.84 -21.64 71.65
N ILE RA 75 -3.22 -20.58 72.11
CA ILE RA 75 -3.23 -19.30 71.41
C ILE RA 75 -2.11 -19.23 70.39
N ILE RA 76 -0.90 -19.62 70.78
CA ILE RA 76 0.20 -19.59 69.84
C ILE RA 76 -0.12 -20.43 68.61
N GLN RA 77 -0.80 -21.55 68.81
CA GLN RA 77 -1.16 -22.37 67.65
C GLN RA 77 -2.02 -21.61 66.64
N ASN RA 78 -2.87 -20.68 67.06
CA ASN RA 78 -3.72 -19.94 66.14
C ASN RA 78 -3.05 -18.79 65.38
N PHE RA 79 -1.81 -18.43 65.67
CA PHE RA 79 -1.18 -17.39 64.86
C PHE RA 79 -1.10 -17.80 63.40
N ARG RA 80 -0.50 -18.96 63.16
CA ARG RA 80 -0.34 -19.47 61.81
C ARG RA 80 -1.66 -19.84 61.18
N ALA SA 2 -22.72 -5.88 88.22
CA ALA SA 2 -22.86 -5.35 89.56
C ALA SA 2 -22.24 -6.28 90.58
N THR SA 3 -22.98 -7.29 91.02
CA THR SA 3 -22.38 -8.34 91.83
C THR SA 3 -21.17 -8.85 91.05
N PRO SA 4 -20.12 -9.29 91.71
CA PRO SA 4 -19.00 -9.88 90.97
C PRO SA 4 -19.45 -10.79 89.85
N TRP SA 5 -18.89 -10.56 88.66
CA TRP SA 5 -19.24 -11.36 87.49
C TRP SA 5 -19.18 -12.84 87.82
N SER SA 6 -20.20 -13.57 87.39
CA SER SA 6 -20.24 -15.02 87.57
C SER SA 6 -20.73 -15.64 86.28
N GLY SA 7 -20.05 -16.67 85.82
CA GLY SA 7 -20.46 -17.43 84.67
C GLY SA 7 -21.38 -18.59 84.96
N TYR SA 8 -21.48 -19.47 83.97
CA TYR SA 8 -22.29 -20.67 84.11
C TYR SA 8 -21.72 -21.63 85.14
N LEU SA 9 -20.43 -21.89 85.09
CA LEU SA 9 -19.82 -22.78 86.07
C LEU SA 9 -19.93 -22.21 87.49
N ASP SA 10 -19.63 -20.92 87.65
CA ASP SA 10 -19.87 -20.29 88.93
C ASP SA 10 -21.30 -20.50 89.42
N ASP SA 11 -22.28 -20.22 88.57
CA ASP SA 11 -23.67 -20.40 88.95
C ASP SA 11 -24.05 -21.85 89.16
N VAL SA 12 -23.26 -22.80 88.68
CA VAL SA 12 -23.51 -24.20 89.00
C VAL SA 12 -22.91 -24.57 90.34
N SER SA 13 -21.65 -24.24 90.55
CA SER SA 13 -21.00 -24.47 91.84
C SER SA 13 -21.78 -23.86 92.99
N ALA SA 14 -22.14 -22.58 92.88
CA ALA SA 14 -22.91 -21.93 93.93
C ALA SA 14 -24.24 -22.61 94.23
N LYS SA 15 -24.81 -23.34 93.28
CA LYS SA 15 -26.06 -24.04 93.58
C LYS SA 15 -25.90 -25.00 94.74
N PHE SA 16 -24.81 -25.77 94.77
CA PHE SA 16 -24.56 -26.66 95.90
C PHE SA 16 -24.48 -25.90 97.23
N ASP SA 17 -23.66 -24.85 97.26
CA ASP SA 17 -23.55 -24.06 98.48
C ASP SA 17 -24.90 -23.57 98.98
N THR SA 18 -25.75 -23.07 98.08
CA THR SA 18 -27.08 -22.69 98.56
C THR SA 18 -28.00 -23.87 98.78
N GLY SA 19 -27.62 -25.06 98.36
CA GLY SA 19 -28.38 -26.25 98.65
C GLY SA 19 -28.17 -26.73 100.07
N VAL SA 20 -26.91 -26.87 100.45
CA VAL SA 20 -26.55 -27.24 101.85
C VAL SA 20 -26.50 -25.94 102.65
N ASP SA 21 -27.68 -25.48 103.03
CA ASP SA 21 -27.86 -24.18 103.68
C ASP SA 21 -26.84 -23.83 104.77
N ASN SA 22 -26.62 -24.73 105.72
CA ASN SA 22 -25.80 -24.41 106.90
C ASN SA 22 -24.71 -25.41 107.23
N LEU SA 23 -24.61 -26.49 106.44
CA LEU SA 23 -23.64 -27.53 106.72
C LEU SA 23 -22.25 -26.96 106.99
N GLN SA 24 -21.84 -25.97 106.20
CA GLN SA 24 -20.52 -25.39 106.41
C GLN SA 24 -20.30 -24.93 107.84
N THR SA 25 -21.33 -24.45 108.51
CA THR SA 25 -21.19 -24.07 109.91
C THR SA 25 -21.33 -25.27 110.84
N GLN SA 26 -22.38 -26.06 110.64
CA GLN SA 26 -22.61 -27.24 111.48
C GLN SA 26 -21.36 -28.11 111.62
N VAL SA 27 -20.56 -28.24 110.57
CA VAL SA 27 -19.36 -29.05 110.69
C VAL SA 27 -18.38 -28.45 111.69
N THR SA 28 -18.12 -27.15 111.61
CA THR SA 28 -17.19 -26.55 112.57
C THR SA 28 -17.77 -26.52 113.98
N GLU SA 29 -19.06 -26.25 114.10
CA GLU SA 29 -19.71 -26.32 115.40
C GLU SA 29 -19.48 -27.66 116.08
N ALA SA 30 -19.96 -28.74 115.45
CA ALA SA 30 -19.76 -30.06 116.01
C ALA SA 30 -18.28 -30.35 116.27
N LEU SA 31 -17.40 -29.97 115.35
CA LEU SA 31 -15.98 -30.20 115.57
C LEU SA 31 -15.48 -29.58 116.86
N ASP SA 32 -15.90 -28.35 117.15
CA ASP SA 32 -15.48 -27.70 118.40
C ASP SA 32 -16.11 -28.36 119.63
N LYS SA 33 -17.42 -28.60 119.59
CA LYS SA 33 -18.05 -29.31 120.70
C LYS SA 33 -17.32 -30.60 121.02
N LEU SA 34 -17.02 -31.41 120.00
CA LEU SA 34 -16.35 -32.68 120.21
C LEU SA 34 -14.92 -32.49 120.71
N ALA SA 35 -14.18 -31.57 120.11
CA ALA SA 35 -12.83 -31.31 120.61
C ALA SA 35 -12.84 -30.92 122.07
N ALA SA 36 -13.95 -30.35 122.53
CA ALA SA 36 -14.07 -30.01 123.94
C ALA SA 36 -14.04 -31.24 124.85
N LYS SA 37 -14.55 -32.38 124.38
CA LYS SA 37 -14.67 -33.58 125.22
C LYS SA 37 -14.57 -34.82 124.34
N PRO SA 38 -13.37 -35.14 123.86
CA PRO SA 38 -13.19 -36.18 122.85
C PRO SA 38 -13.79 -37.54 123.16
N SER SA 39 -13.99 -37.90 124.42
CA SER SA 39 -14.41 -39.24 124.80
C SER SA 39 -15.91 -39.38 125.02
N ASP SA 40 -16.73 -38.63 124.28
CA ASP SA 40 -18.18 -38.68 124.48
C ASP SA 40 -18.91 -39.28 123.30
N PRO SA 41 -19.58 -40.42 123.47
CA PRO SA 41 -20.09 -41.15 122.31
C PRO SA 41 -21.17 -40.39 121.57
N ALA SA 42 -21.95 -39.57 122.28
CA ALA SA 42 -23.02 -38.83 121.62
C ALA SA 42 -22.44 -37.78 120.68
N LEU SA 43 -21.26 -37.27 120.99
CA LEU SA 43 -20.60 -36.31 120.12
C LEU SA 43 -19.94 -37.02 118.96
N LEU SA 44 -19.28 -38.13 119.23
CA LEU SA 44 -18.64 -38.89 118.15
C LEU SA 44 -19.66 -39.32 117.10
N ALA SA 45 -20.79 -39.87 117.55
CA ALA SA 45 -21.82 -40.34 116.62
C ALA SA 45 -22.41 -39.21 115.80
N ALA SA 46 -22.34 -37.97 116.28
CA ALA SA 46 -22.79 -36.81 115.51
C ALA SA 46 -21.76 -36.41 114.46
N TYR SA 47 -20.52 -36.25 114.91
CA TYR SA 47 -19.48 -35.78 114.02
C TYR SA 47 -19.17 -36.76 112.90
N GLN SA 48 -19.26 -38.06 113.15
CA GLN SA 48 -19.13 -39.00 112.03
C GLN SA 48 -20.09 -38.67 110.88
N SER SA 49 -21.35 -38.42 111.21
CA SER SA 49 -22.36 -38.13 110.20
C SER SA 49 -22.06 -36.81 109.50
N LYS SA 50 -21.81 -35.76 110.26
CA LYS SA 50 -21.51 -34.46 109.67
C LYS SA 50 -20.34 -34.54 108.71
N LEU SA 51 -19.23 -35.11 109.14
CA LEU SA 51 -18.06 -35.16 108.28
C LEU SA 51 -18.28 -36.01 107.03
N SER SA 52 -19.02 -37.12 107.15
CA SER SA 52 -19.35 -37.90 105.96
C SER SA 52 -20.14 -37.08 104.95
N GLU SA 53 -21.14 -36.34 105.42
CA GLU SA 53 -21.92 -35.49 104.54
C GLU SA 53 -21.05 -34.46 103.85
N TYR SA 54 -20.19 -33.79 104.60
CA TYR SA 54 -19.32 -32.78 104.01
C TYR SA 54 -18.42 -33.35 102.93
N ASN SA 55 -17.88 -34.54 103.17
CA ASN SA 55 -17.03 -35.17 102.17
C ASN SA 55 -17.78 -35.44 100.86
N LEU SA 56 -18.92 -36.11 100.95
CA LEU SA 56 -19.70 -36.39 99.75
C LEU SA 56 -20.06 -35.13 98.99
N TYR SA 57 -20.48 -34.09 99.69
CA TYR SA 57 -20.82 -32.83 99.06
C TYR SA 57 -19.66 -32.21 98.27
N ARG SA 58 -18.52 -31.99 98.92
CA ARG SA 58 -17.41 -31.38 98.19
C ARG SA 58 -16.96 -32.21 96.98
N ASN SA 59 -17.00 -33.53 97.12
CA ASN SA 59 -16.59 -34.40 96.02
C ASN SA 59 -17.52 -34.27 94.82
N ALA SA 60 -18.81 -34.49 95.02
CA ALA SA 60 -19.75 -34.41 93.90
C ALA SA 60 -19.75 -33.03 93.25
N GLN SA 61 -19.53 -31.98 94.03
CA GLN SA 61 -19.41 -30.66 93.43
C GLN SA 61 -18.27 -30.59 92.41
N SER SA 62 -17.08 -31.00 92.81
CA SER SA 62 -15.95 -30.84 91.90
C SER SA 62 -16.10 -31.71 90.65
N ASN SA 63 -16.61 -32.93 90.79
CA ASN SA 63 -16.81 -33.74 89.59
C ASN SA 63 -17.79 -33.10 88.61
N THR SA 64 -18.89 -32.55 89.11
CA THR SA 64 -19.84 -31.98 88.17
C THR SA 64 -19.28 -30.76 87.45
N VAL SA 65 -18.55 -29.91 88.15
CA VAL SA 65 -17.93 -28.77 87.46
C VAL SA 65 -16.94 -29.23 86.39
N LYS SA 66 -16.21 -30.32 86.62
CA LYS SA 66 -15.32 -30.76 85.55
C LYS SA 66 -16.09 -31.23 84.33
N VAL SA 67 -17.15 -32.00 84.53
CA VAL SA 67 -17.89 -32.48 83.36
C VAL SA 67 -18.42 -31.32 82.54
N PHE SA 68 -18.98 -30.31 83.20
CA PHE SA 68 -19.41 -29.16 82.41
C PHE SA 68 -18.26 -28.35 81.81
N LYS SA 69 -17.02 -28.55 82.24
CA LYS SA 69 -15.96 -27.90 81.45
C LYS SA 69 -15.70 -28.66 80.16
N ASP SA 70 -15.72 -29.98 80.23
CA ASP SA 70 -15.42 -30.76 79.03
C ASP SA 70 -16.48 -30.57 77.96
N ILE SA 71 -17.75 -30.54 78.36
CA ILE SA 71 -18.81 -30.35 77.36
C ILE SA 71 -18.60 -29.06 76.57
N ASP SA 72 -18.15 -28.00 77.21
CA ASP SA 72 -17.92 -26.75 76.50
C ASP SA 72 -16.69 -26.82 75.60
N ALA SA 73 -15.55 -27.25 76.15
CA ALA SA 73 -14.35 -27.29 75.33
C ALA SA 73 -14.54 -28.08 74.05
N ALA SA 74 -15.29 -29.19 74.12
CA ALA SA 74 -15.54 -29.95 72.90
C ALA SA 74 -16.26 -29.14 71.83
N ILE SA 75 -17.14 -28.24 72.23
CA ILE SA 75 -17.86 -27.40 71.27
C ILE SA 75 -16.98 -26.31 70.72
N ILE SA 76 -16.32 -25.58 71.61
CA ILE SA 76 -15.44 -24.50 71.16
C ILE SA 76 -14.44 -24.99 70.14
N GLN SA 77 -13.86 -26.16 70.35
CA GLN SA 77 -12.89 -26.65 69.38
C GLN SA 77 -13.41 -26.64 67.94
N ASN SA 78 -14.70 -26.95 67.73
CA ASN SA 78 -15.23 -27.01 66.37
C ASN SA 78 -15.43 -25.66 65.68
N PHE SA 79 -15.35 -24.51 66.37
CA PHE SA 79 -15.52 -23.26 65.65
C PHE SA 79 -14.54 -23.15 64.49
N ARG SA 80 -13.29 -23.47 64.73
CA ARG SA 80 -12.28 -23.34 63.71
C ARG SA 80 -12.42 -24.41 62.67
N THR TA 3 -43.90 -35.47 78.54
CA THR TA 3 -43.71 -36.88 78.24
C THR TA 3 -42.42 -37.39 78.91
N PRO TA 4 -42.45 -38.61 79.40
CA PRO TA 4 -41.24 -39.19 80.01
C PRO TA 4 -40.20 -39.59 78.98
N TRP TA 5 -39.58 -38.62 78.31
CA TRP TA 5 -38.56 -38.96 77.33
C TRP TA 5 -37.41 -39.67 78.02
N SER TA 6 -37.03 -40.83 77.50
CA SER TA 6 -35.90 -41.59 78.00
C SER TA 6 -34.96 -41.97 76.88
N GLY TA 7 -33.67 -41.86 77.13
CA GLY TA 7 -32.64 -42.32 76.23
C GLY TA 7 -32.34 -43.80 76.33
N TYR TA 8 -31.24 -44.18 75.70
CA TYR TA 8 -30.75 -45.55 75.79
C TYR TA 8 -30.22 -45.86 77.17
N LEU TA 9 -29.37 -45.00 77.72
CA LEU TA 9 -28.89 -45.21 79.07
C LEU TA 9 -30.04 -45.26 80.06
N ASP TA 10 -31.04 -44.41 79.88
CA ASP TA 10 -32.24 -44.46 80.70
C ASP TA 10 -32.92 -45.82 80.61
N ASP TA 11 -33.06 -46.35 79.41
CA ASP TA 11 -33.70 -47.65 79.26
C ASP TA 11 -32.86 -48.77 79.87
N VAL TA 12 -31.54 -48.62 79.87
CA VAL TA 12 -30.69 -49.58 80.56
C VAL TA 12 -30.92 -49.52 82.06
N SER TA 13 -30.66 -48.35 82.66
CA SER TA 13 -30.89 -48.15 84.08
C SER TA 13 -32.25 -48.65 84.55
N ALA TA 14 -33.32 -48.32 83.83
CA ALA TA 14 -34.65 -48.78 84.25
C ALA TA 14 -34.76 -50.29 84.35
N LYS TA 15 -33.97 -51.04 83.58
CA LYS TA 15 -34.03 -52.50 83.72
C LYS TA 15 -33.78 -52.93 85.15
N PHE TA 16 -32.72 -52.44 85.79
CA PHE TA 16 -32.45 -52.86 87.15
C PHE TA 16 -33.57 -52.47 88.11
N ASP TA 17 -34.12 -51.26 87.96
CA ASP TA 17 -35.22 -50.84 88.82
C ASP TA 17 -36.42 -51.77 88.71
N THR TA 18 -36.73 -52.26 87.52
CA THR TA 18 -37.81 -53.23 87.40
C THR TA 18 -37.39 -54.65 87.75
N GLY TA 19 -36.10 -54.95 87.65
CA GLY TA 19 -35.61 -56.28 88.02
C GLY TA 19 -35.66 -56.51 89.52
N VAL TA 20 -35.14 -55.58 90.30
CA VAL TA 20 -35.30 -55.66 91.75
C VAL TA 20 -36.68 -55.14 92.11
N ASP TA 21 -37.67 -56.01 91.94
CA ASP TA 21 -39.08 -55.67 92.12
C ASP TA 21 -39.40 -54.80 93.32
N ASN TA 22 -38.89 -55.16 94.49
CA ASN TA 22 -39.35 -54.56 95.74
C ASN TA 22 -38.23 -54.21 96.70
N LEU TA 23 -36.99 -54.58 96.38
CA LEU TA 23 -35.87 -54.40 97.28
C LEU TA 23 -35.83 -52.99 97.88
N GLN TA 24 -36.11 -51.98 97.07
CA GLN TA 24 -36.07 -50.61 97.58
C GLN TA 24 -36.96 -50.42 98.81
N THR TA 25 -38.19 -50.90 98.75
CA THR TA 25 -39.06 -50.79 99.92
C THR TA 25 -38.64 -51.76 101.03
N GLN TA 26 -38.40 -53.01 100.68
CA GLN TA 26 -37.96 -54.00 101.67
C GLN TA 26 -36.84 -53.49 102.57
N VAL TA 27 -35.77 -52.95 101.99
CA VAL TA 27 -34.67 -52.40 102.79
C VAL TA 27 -35.17 -51.40 103.82
N THR TA 28 -35.94 -50.40 103.35
CA THR TA 28 -36.45 -49.37 104.25
C THR TA 28 -37.27 -49.96 105.38
N GLU TA 29 -38.12 -50.95 105.09
CA GLU TA 29 -38.93 -51.55 106.13
C GLU TA 29 -38.11 -52.35 107.12
N ALA TA 30 -37.24 -53.23 106.63
CA ALA TA 30 -36.34 -53.96 107.52
C ALA TA 30 -35.62 -53.02 108.47
N LEU TA 31 -35.10 -51.92 107.96
CA LEU TA 31 -34.44 -50.94 108.82
C LEU TA 31 -35.41 -50.29 109.80
N ASP TA 32 -36.60 -49.97 109.33
CA ASP TA 32 -37.62 -49.36 110.17
C ASP TA 32 -37.92 -50.22 111.40
N LYS TA 33 -38.13 -51.51 111.21
CA LYS TA 33 -38.38 -52.38 112.34
C LYS TA 33 -37.12 -52.62 113.19
N LEU TA 34 -35.98 -52.89 112.56
CA LEU TA 34 -34.77 -53.15 113.35
C LEU TA 34 -34.42 -51.98 114.25
N ALA TA 35 -34.67 -50.75 113.80
CA ALA TA 35 -34.39 -49.59 114.63
C ALA TA 35 -35.11 -49.65 115.98
N ALA TA 36 -36.27 -50.28 116.04
CA ALA TA 36 -37.03 -50.39 117.29
C ALA TA 36 -36.48 -51.44 118.27
N LYS TA 37 -35.68 -52.40 117.82
CA LYS TA 37 -35.20 -53.48 118.68
C LYS TA 37 -33.87 -54.01 118.16
N PRO TA 38 -32.80 -53.21 118.32
CA PRO TA 38 -31.50 -53.58 117.75
C PRO TA 38 -30.93 -54.91 118.18
N SER TA 39 -31.40 -55.51 119.27
CA SER TA 39 -30.76 -56.72 119.79
C SER TA 39 -31.48 -58.00 119.39
N ASP TA 40 -32.44 -57.93 118.48
CA ASP TA 40 -33.04 -59.15 117.95
C ASP TA 40 -32.22 -59.73 116.80
N PRO TA 41 -31.56 -60.88 117.02
CA PRO TA 41 -30.73 -61.44 115.94
C PRO TA 41 -31.54 -61.87 114.75
N ALA TA 42 -32.79 -62.28 114.95
CA ALA TA 42 -33.61 -62.68 113.81
C ALA TA 42 -33.81 -61.52 112.85
N LEU TA 43 -33.69 -60.30 113.36
CA LEU TA 43 -33.82 -59.08 112.57
C LEU TA 43 -32.49 -58.61 112.01
N LEU TA 44 -31.44 -58.69 112.83
CA LEU TA 44 -30.12 -58.36 112.31
C LEU TA 44 -29.76 -59.22 111.11
N ALA TA 45 -30.02 -60.53 111.18
CA ALA TA 45 -29.69 -61.41 110.07
C ALA TA 45 -30.43 -61.03 108.79
N ALA TA 46 -31.69 -60.64 108.91
CA ALA TA 46 -32.45 -60.14 107.77
C ALA TA 46 -31.82 -58.88 107.18
N TYR TA 47 -31.50 -57.93 108.03
CA TYR TA 47 -31.00 -56.66 107.54
C TYR TA 47 -29.63 -56.79 106.88
N GLN TA 48 -28.76 -57.64 107.41
CA GLN TA 48 -27.47 -57.84 106.74
C GLN TA 48 -27.63 -58.27 105.28
N SER TA 49 -28.57 -59.18 105.02
CA SER TA 49 -28.81 -59.65 103.66
C SER TA 49 -29.40 -58.56 102.77
N LYS TA 50 -30.39 -57.84 103.28
CA LYS TA 50 -30.98 -56.79 102.45
C LYS TA 50 -29.98 -55.68 102.13
N LEU TA 51 -29.16 -55.27 103.10
CA LEU TA 51 -28.19 -54.24 102.78
C LEU TA 51 -27.12 -54.73 101.82
N SER TA 52 -26.74 -56.01 101.89
CA SER TA 52 -25.80 -56.54 100.91
C SER TA 52 -26.38 -56.49 99.49
N GLU TA 53 -27.60 -57.00 99.33
CA GLU TA 53 -28.28 -56.93 98.05
C GLU TA 53 -28.34 -55.51 97.49
N TYR TA 54 -28.68 -54.55 98.34
CA TYR TA 54 -28.74 -53.16 97.90
C TYR TA 54 -27.41 -52.66 97.38
N ASN TA 55 -26.36 -52.85 98.18
CA ASN TA 55 -25.02 -52.46 97.75
C ASN TA 55 -24.64 -53.01 96.38
N LEU TA 56 -24.79 -54.32 96.19
CA LEU TA 56 -24.41 -54.91 94.91
C LEU TA 56 -25.25 -54.39 93.75
N TYR TA 57 -26.54 -54.16 93.98
CA TYR TA 57 -27.39 -53.62 92.94
C TYR TA 57 -26.94 -52.22 92.48
N ARG TA 58 -26.69 -51.31 93.42
CA ARG TA 58 -26.27 -49.98 93.00
C ARG TA 58 -24.91 -49.94 92.33
N ASN TA 59 -23.99 -50.81 92.74
CA ASN TA 59 -22.71 -50.91 92.01
C ASN TA 59 -22.89 -51.38 90.59
N ALA TA 60 -23.56 -52.52 90.39
CA ALA TA 60 -23.67 -53.04 89.03
C ALA TA 60 -24.34 -52.03 88.11
N GLN TA 61 -25.37 -51.35 88.61
CA GLN TA 61 -26.08 -50.40 87.78
C GLN TA 61 -25.16 -49.27 87.30
N SER TA 62 -24.46 -48.62 88.22
CA SER TA 62 -23.68 -47.48 87.78
C SER TA 62 -22.47 -47.87 86.94
N ASN TA 63 -21.88 -49.05 87.18
CA ASN TA 63 -20.81 -49.49 86.30
C ASN TA 63 -21.28 -49.74 84.88
N THR TA 64 -22.44 -50.39 84.71
CA THR TA 64 -22.91 -50.66 83.36
C THR TA 64 -23.23 -49.38 82.60
N VAL TA 65 -23.87 -48.42 83.26
CA VAL TA 65 -24.12 -47.16 82.58
C VAL TA 65 -22.83 -46.48 82.17
N LYS TA 66 -21.81 -46.54 83.03
CA LYS TA 66 -20.57 -45.89 82.65
C LYS TA 66 -19.96 -46.54 81.42
N VAL TA 67 -19.99 -47.87 81.33
CA VAL TA 67 -19.40 -48.52 80.17
C VAL TA 67 -20.10 -48.13 78.87
N PHE TA 68 -21.43 -48.12 78.86
CA PHE TA 68 -22.09 -47.70 77.61
C PHE TA 68 -21.84 -46.24 77.25
N LYS TA 69 -21.54 -45.38 78.21
CA LYS TA 69 -21.20 -44.01 77.82
C LYS TA 69 -19.93 -43.99 76.98
N ASP TA 70 -18.94 -44.80 77.36
CA ASP TA 70 -17.69 -44.80 76.61
C ASP TA 70 -17.85 -45.44 75.25
N ILE TA 71 -18.68 -46.47 75.16
CA ILE TA 71 -18.90 -47.03 73.82
C ILE TA 71 -19.50 -45.97 72.89
N ASP TA 72 -20.46 -45.19 73.37
CA ASP TA 72 -21.02 -44.16 72.49
C ASP TA 72 -20.02 -43.08 72.13
N ALA TA 73 -19.41 -42.46 73.14
CA ALA TA 73 -18.44 -41.39 72.87
C ALA TA 73 -17.36 -41.80 71.89
N ALA TA 74 -16.90 -43.05 71.94
CA ALA TA 74 -15.87 -43.47 71.00
C ALA TA 74 -16.35 -43.40 69.56
N ILE TA 75 -17.57 -43.83 69.29
CA ILE TA 75 -18.10 -43.76 67.94
C ILE TA 75 -18.30 -42.31 67.52
N ILE TA 76 -18.94 -41.50 68.35
CA ILE TA 76 -19.15 -40.10 67.99
C ILE TA 76 -17.85 -39.44 67.58
N GLN TA 77 -16.78 -39.69 68.31
CA GLN TA 77 -15.52 -39.03 67.99
C GLN TA 77 -15.09 -39.19 66.54
N ASN TA 78 -15.37 -40.33 65.91
CA ASN TA 78 -14.90 -40.57 64.55
C ASN TA 78 -15.68 -39.90 63.42
N PHE TA 79 -16.77 -39.17 63.66
CA PHE TA 79 -17.40 -38.51 62.51
C PHE TA 79 -16.41 -37.62 61.78
N ARG TA 80 -15.55 -36.93 62.50
CA ARG TA 80 -14.59 -36.07 61.81
C ARG TA 80 -13.43 -36.91 61.30
N THR UA 3 -27.61 -72.48 68.33
CA THR UA 3 -26.27 -72.33 67.80
C THR UA 3 -25.52 -71.22 68.54
N PRO UA 4 -24.47 -71.57 69.26
CA PRO UA 4 -23.74 -70.56 70.04
C PRO UA 4 -22.85 -69.72 69.13
N TRP UA 5 -22.36 -68.63 69.71
CA TRP UA 5 -21.30 -67.84 69.10
C TRP UA 5 -20.37 -67.42 70.22
N SER UA 6 -19.07 -67.60 70.01
CA SER UA 6 -18.10 -67.34 71.06
C SER UA 6 -16.92 -66.61 70.48
N GLY UA 7 -16.46 -65.62 71.21
CA GLY UA 7 -15.26 -64.89 70.88
C GLY UA 7 -14.04 -65.56 71.43
N TYR UA 8 -12.99 -64.77 71.60
CA TYR UA 8 -11.74 -65.21 72.21
C TYR UA 8 -11.80 -65.12 73.72
N LEU UA 9 -12.34 -64.02 74.24
CA LEU UA 9 -12.52 -63.92 75.67
C LEU UA 9 -13.48 -65.00 76.19
N ASP UA 10 -14.51 -65.33 75.40
CA ASP UA 10 -15.37 -66.45 75.73
C ASP UA 10 -14.58 -67.74 75.89
N ASP UA 11 -13.72 -68.04 74.92
CA ASP UA 11 -12.87 -69.23 75.02
C ASP UA 11 -12.03 -69.23 76.27
N VAL UA 12 -11.28 -68.14 76.49
CA VAL UA 12 -10.46 -68.03 77.68
C VAL UA 12 -11.28 -68.29 78.94
N SER UA 13 -12.42 -67.64 79.07
CA SER UA 13 -13.26 -67.87 80.25
C SER UA 13 -13.67 -69.33 80.37
N ALA UA 14 -14.29 -69.87 79.34
CA ALA UA 14 -14.73 -71.25 79.35
C ALA UA 14 -13.63 -72.26 79.69
N LYS UA 15 -12.38 -71.94 79.38
CA LYS UA 15 -11.31 -72.85 79.78
C LYS UA 15 -11.33 -73.17 81.27
N PHE UA 16 -11.56 -72.18 82.12
CA PHE UA 16 -11.64 -72.47 83.55
C PHE UA 16 -12.84 -73.32 83.91
N ASP UA 17 -13.99 -73.05 83.30
CA ASP UA 17 -15.18 -73.85 83.57
C ASP UA 17 -14.97 -75.31 83.20
N THR UA 18 -14.47 -75.58 82.01
CA THR UA 18 -14.14 -76.96 81.66
C THR UA 18 -12.94 -77.50 82.41
N GLY UA 19 -12.19 -76.65 83.09
CA GLY UA 19 -11.07 -77.10 83.88
C GLY UA 19 -11.54 -77.70 85.18
N VAL UA 20 -12.30 -76.94 85.95
CA VAL UA 20 -12.85 -77.41 87.22
C VAL UA 20 -14.13 -78.21 86.93
N ASP UA 21 -14.00 -79.53 86.92
CA ASP UA 21 -15.04 -80.38 86.35
C ASP UA 21 -16.39 -80.20 87.02
N ASN UA 22 -16.40 -80.18 88.35
CA ASN UA 22 -17.64 -80.34 89.11
C ASN UA 22 -17.77 -79.37 90.26
N LEU UA 23 -16.76 -78.56 90.52
CA LEU UA 23 -16.73 -77.76 91.75
C LEU UA 23 -18.02 -77.00 91.97
N GLN UA 24 -18.64 -76.50 90.92
CA GLN UA 24 -19.88 -75.75 91.09
C GLN UA 24 -21.01 -76.58 91.67
N THR UA 25 -21.09 -77.87 91.37
CA THR UA 25 -22.06 -78.71 92.07
C THR UA 25 -21.57 -79.12 93.45
N GLN UA 26 -20.29 -79.46 93.56
CA GLN UA 26 -19.73 -79.87 94.84
C GLN UA 26 -20.00 -78.85 95.94
N VAL UA 27 -19.74 -77.57 95.66
CA VAL UA 27 -20.01 -76.54 96.66
C VAL UA 27 -21.47 -76.52 97.08
N THR UA 28 -22.38 -76.63 96.12
CA THR UA 28 -23.78 -76.50 96.46
C THR UA 28 -24.25 -77.67 97.29
N GLU UA 29 -23.75 -78.87 97.01
CA GLU UA 29 -24.15 -80.01 97.84
C GLU UA 29 -23.47 -80.01 99.20
N ALA UA 30 -22.23 -79.53 99.29
CA ALA UA 30 -21.60 -79.46 100.60
C ALA UA 30 -22.35 -78.49 101.50
N LEU UA 31 -22.72 -77.33 100.97
CA LEU UA 31 -23.59 -76.42 101.72
C LEU UA 31 -24.92 -77.06 102.05
N ASP UA 32 -25.50 -77.78 101.09
CA ASP UA 32 -26.78 -78.44 101.32
C ASP UA 32 -26.77 -79.36 102.52
N LYS UA 33 -25.78 -80.24 102.62
CA LYS UA 33 -25.72 -81.11 103.80
C LYS UA 33 -25.30 -80.38 105.07
N LEU UA 34 -24.31 -79.49 104.99
CA LEU UA 34 -23.94 -78.71 106.17
C LEU UA 34 -25.14 -78.03 106.80
N ALA UA 35 -25.95 -77.36 106.00
CA ALA UA 35 -27.14 -76.68 106.52
C ALA UA 35 -27.97 -77.58 107.41
N ALA UA 36 -28.09 -78.86 107.07
CA ALA UA 36 -28.86 -79.78 107.91
C ALA UA 36 -28.23 -80.03 109.27
N LYS UA 37 -26.93 -79.81 109.46
CA LYS UA 37 -26.27 -80.06 110.74
C LYS UA 37 -25.07 -79.14 110.88
N PRO UA 38 -25.31 -77.86 111.04
CA PRO UA 38 -24.23 -76.87 111.13
C PRO UA 38 -23.17 -77.15 112.19
N SER UA 39 -23.46 -78.02 113.16
CA SER UA 39 -22.56 -78.28 114.27
C SER UA 39 -21.60 -79.44 114.04
N ASP UA 40 -21.46 -79.93 112.80
CA ASP UA 40 -20.56 -81.08 112.64
C ASP UA 40 -19.20 -80.67 112.10
N PRO UA 41 -18.12 -81.05 112.80
CA PRO UA 41 -16.78 -80.67 112.36
C PRO UA 41 -16.36 -81.18 110.99
N ALA UA 42 -16.64 -82.43 110.65
CA ALA UA 42 -16.22 -82.94 109.34
C ALA UA 42 -16.87 -82.14 108.22
N LEU UA 43 -18.12 -81.74 108.42
CA LEU UA 43 -18.82 -80.97 107.40
C LEU UA 43 -18.22 -79.58 107.30
N LEU UA 44 -18.00 -78.94 108.44
CA LEU UA 44 -17.36 -77.62 108.44
C LEU UA 44 -16.00 -77.66 107.74
N ALA UA 45 -15.15 -78.63 108.10
CA ALA UA 45 -13.85 -78.76 107.48
C ALA UA 45 -13.92 -78.99 105.97
N ALA UA 46 -14.90 -79.74 105.48
CA ALA UA 46 -15.03 -79.91 104.04
C ALA UA 46 -15.46 -78.62 103.36
N TYR UA 47 -16.44 -77.93 103.94
CA TYR UA 47 -16.94 -76.71 103.34
C TYR UA 47 -15.88 -75.63 103.31
N GLN UA 48 -15.08 -75.52 104.38
CA GLN UA 48 -14.03 -74.52 104.41
C GLN UA 48 -13.10 -74.63 103.20
N SER UA 49 -12.75 -75.84 102.81
CA SER UA 49 -11.92 -76.03 101.62
C SER UA 49 -12.65 -75.63 100.35
N LYS UA 50 -13.79 -76.28 100.08
CA LYS UA 50 -14.50 -76.00 98.83
C LYS UA 50 -14.79 -74.51 98.62
N LEU UA 51 -15.27 -73.82 99.65
CA LEU UA 51 -15.52 -72.40 99.50
C LEU UA 51 -14.28 -71.63 99.05
N SER UA 52 -13.12 -72.00 99.56
CA SER UA 52 -11.89 -71.30 99.19
C SER UA 52 -11.50 -71.59 97.75
N GLU UA 53 -11.47 -72.87 97.38
CA GLU UA 53 -11.19 -73.21 95.99
C GLU UA 53 -12.07 -72.41 95.04
N TYR UA 54 -13.37 -72.32 95.36
CA TYR UA 54 -14.30 -71.57 94.53
C TYR UA 54 -13.95 -70.08 94.44
N ASN UA 55 -13.70 -69.46 95.57
CA ASN UA 55 -13.33 -68.04 95.57
C ASN UA 55 -12.10 -67.75 94.72
N LEU UA 56 -11.05 -68.57 94.83
CA LEU UA 56 -9.87 -68.35 94.02
C LEU UA 56 -10.15 -68.58 92.54
N TYR UA 57 -10.96 -69.59 92.24
CA TYR UA 57 -11.36 -69.84 90.86
C TYR UA 57 -11.99 -68.60 90.22
N ARG UA 58 -13.01 -68.05 90.87
CA ARG UA 58 -13.70 -66.92 90.28
C ARG UA 58 -12.79 -65.70 90.12
N ASN UA 59 -11.89 -65.46 91.09
CA ASN UA 59 -10.98 -64.33 90.93
C ASN UA 59 -10.06 -64.49 89.74
N ALA UA 60 -9.33 -65.59 89.68
CA ALA UA 60 -8.39 -65.76 88.57
C ALA UA 60 -9.08 -65.66 87.22
N GLN UA 61 -10.31 -66.14 87.15
CA GLN UA 61 -11.08 -65.97 85.92
C GLN UA 61 -11.24 -64.50 85.54
N SER UA 62 -11.79 -63.71 86.44
CA SER UA 62 -12.13 -62.36 86.03
C SER UA 62 -10.90 -61.51 85.78
N ASN UA 63 -9.83 -61.69 86.55
CA ASN UA 63 -8.63 -60.90 86.28
C ASN UA 63 -8.00 -61.24 84.94
N THR UA 64 -7.98 -62.51 84.54
CA THR UA 64 -7.45 -62.83 83.23
C THR UA 64 -8.26 -62.19 82.12
N VAL UA 65 -9.58 -62.29 82.20
CA VAL UA 65 -10.39 -61.72 81.13
C VAL UA 65 -10.19 -60.22 81.03
N LYS UA 66 -10.02 -59.53 82.15
CA LYS UA 66 -9.73 -58.12 82.04
C LYS UA 66 -8.40 -57.86 81.34
N VAL UA 67 -7.33 -58.56 81.73
CA VAL UA 67 -6.04 -58.29 81.11
C VAL UA 67 -6.09 -58.41 79.59
N PHE UA 68 -6.77 -59.44 79.09
CA PHE UA 68 -6.88 -59.57 77.64
C PHE UA 68 -7.66 -58.42 77.02
N LYS UA 69 -8.80 -58.07 77.60
CA LYS UA 69 -9.55 -56.94 77.08
C LYS UA 69 -8.67 -55.69 76.99
N ASP UA 70 -7.83 -55.46 78.01
CA ASP UA 70 -6.95 -54.30 78.01
C ASP UA 70 -5.90 -54.36 76.91
N ILE UA 71 -5.44 -55.54 76.52
CA ILE UA 71 -4.53 -55.62 75.39
C ILE UA 71 -5.23 -55.23 74.09
N ASP UA 72 -6.30 -55.95 73.75
CA ASP UA 72 -7.01 -55.65 72.51
C ASP UA 72 -7.37 -54.18 72.39
N ALA UA 73 -7.97 -53.61 73.43
CA ALA UA 73 -8.31 -52.19 73.38
C ALA UA 73 -7.12 -51.30 73.04
N ALA UA 74 -5.91 -51.72 73.37
CA ALA UA 74 -4.74 -50.93 73.04
C ALA UA 74 -4.21 -51.17 71.63
N ILE UA 75 -4.46 -52.34 71.07
CA ILE UA 75 -4.07 -52.55 69.68
C ILE UA 75 -5.01 -51.81 68.74
N ILE UA 76 -6.31 -51.94 68.95
CA ILE UA 76 -7.28 -51.31 68.04
C ILE UA 76 -7.08 -49.81 67.98
N GLN UA 77 -6.75 -49.19 69.11
CA GLN UA 77 -6.45 -47.76 69.14
C GLN UA 77 -5.45 -47.32 68.09
N ASN UA 78 -4.51 -48.16 67.69
CA ASN UA 78 -3.51 -47.76 66.72
C ASN UA 78 -3.93 -47.85 65.26
N PHE UA 79 -5.15 -48.28 64.93
CA PHE UA 79 -5.53 -48.22 63.52
C PHE UA 79 -5.66 -46.78 63.05
N ARG UA 80 -6.28 -45.94 63.86
CA ARG UA 80 -6.69 -44.63 63.41
C ARG UA 80 -5.48 -43.78 63.14
N THR VA 3 17.15 -73.15 77.43
CA THR VA 3 16.79 -73.58 76.10
C THR VA 3 15.53 -72.87 75.61
N PRO VA 4 14.37 -73.07 76.26
CA PRO VA 4 13.20 -72.31 75.86
C PRO VA 4 13.42 -70.82 76.09
N TRP VA 5 12.79 -70.01 75.24
CA TRP VA 5 12.90 -68.57 75.34
C TRP VA 5 12.46 -68.07 76.71
N SER VA 6 13.22 -67.14 77.27
CA SER VA 6 12.93 -66.54 78.56
C SER VA 6 13.19 -65.04 78.46
N GLY VA 7 12.30 -64.24 79.04
CA GLY VA 7 12.47 -62.81 79.08
C GLY VA 7 13.23 -62.29 80.30
N TYR VA 8 13.20 -60.96 80.42
CA TYR VA 8 13.80 -60.29 81.56
C TYR VA 8 12.99 -60.49 82.82
N LEU VA 9 11.65 -60.49 82.71
CA LEU VA 9 10.83 -60.76 83.88
C LEU VA 9 10.94 -62.22 84.29
N ASP VA 10 11.18 -63.10 83.34
CA ASP VA 10 11.45 -64.49 83.68
C ASP VA 10 12.76 -64.60 84.46
N ASP VA 11 13.82 -64.04 83.92
CA ASP VA 11 15.09 -64.00 84.66
C ASP VA 11 14.91 -63.47 86.08
N VAL VA 12 14.24 -62.33 86.23
CA VAL VA 12 14.03 -61.77 87.56
C VAL VA 12 13.20 -62.68 88.44
N SER VA 13 12.28 -63.43 87.87
CA SER VA 13 11.52 -64.38 88.67
C SER VA 13 12.39 -65.54 89.13
N ALA VA 14 13.02 -66.22 88.18
CA ALA VA 14 13.90 -67.35 88.46
C ALA VA 14 15.00 -67.03 89.45
N LYS VA 15 15.48 -65.79 89.50
CA LYS VA 15 16.48 -65.47 90.51
C LYS VA 15 16.06 -65.89 91.91
N PHE VA 16 14.79 -65.74 92.25
CA PHE VA 16 14.34 -66.17 93.57
C PHE VA 16 14.27 -67.70 93.68
N ASP VA 17 13.73 -68.36 92.67
CA ASP VA 17 13.68 -69.81 92.69
C ASP VA 17 15.05 -70.42 92.91
N THR VA 18 16.08 -69.88 92.28
CA THR VA 18 17.43 -70.36 92.54
C THR VA 18 18.01 -69.79 93.83
N GLY VA 19 17.47 -68.69 94.34
CA GLY VA 19 17.99 -68.11 95.56
C GLY VA 19 17.63 -68.97 96.75
N VAL VA 20 16.34 -69.20 96.97
CA VAL VA 20 15.92 -70.15 97.99
C VAL VA 20 16.03 -71.58 97.46
N ASP VA 21 17.18 -72.19 97.70
CA ASP VA 21 17.63 -73.34 96.91
C ASP VA 21 16.66 -74.51 96.99
N ASN VA 22 16.16 -74.82 98.18
CA ASN VA 22 15.42 -76.03 98.43
C ASN VA 22 14.11 -75.83 99.18
N LEU VA 23 13.77 -74.60 99.54
CA LEU VA 23 12.67 -74.34 100.45
C LEU VA 23 11.38 -75.00 100.00
N GLN VA 24 11.11 -75.05 98.69
CA GLN VA 24 9.93 -75.77 98.21
C GLN VA 24 9.92 -77.23 98.66
N THR VA 25 11.07 -77.88 98.60
CA THR VA 25 11.16 -79.26 99.08
C THR VA 25 11.06 -79.30 100.59
N GLN VA 26 11.79 -78.45 101.29
CA GLN VA 26 11.76 -78.49 102.74
C GLN VA 26 10.34 -78.34 103.26
N VAL VA 27 9.54 -77.45 102.66
CA VAL VA 27 8.15 -77.30 103.07
C VAL VA 27 7.33 -78.55 102.76
N THR VA 28 7.54 -79.15 101.59
CA THR VA 28 6.79 -80.36 101.28
C THR VA 28 7.12 -81.51 102.21
N GLU VA 29 8.37 -81.57 102.68
CA GLU VA 29 8.74 -82.58 103.66
C GLU VA 29 8.19 -82.27 105.04
N ALA VA 30 8.39 -81.05 105.52
CA ALA VA 30 8.01 -80.73 106.89
C ALA VA 30 6.52 -80.91 107.08
N LEU VA 31 5.71 -80.61 106.06
CA LEU VA 31 4.28 -80.85 106.20
C LEU VA 31 3.94 -82.32 106.30
N ASP VA 32 4.65 -83.19 105.60
CA ASP VA 32 4.38 -84.62 105.70
C ASP VA 32 4.75 -85.17 107.07
N LYS VA 33 5.96 -84.89 107.53
CA LYS VA 33 6.35 -85.39 108.84
C LYS VA 33 5.56 -84.75 109.97
N LEU VA 34 5.09 -83.52 109.82
CA LEU VA 34 4.15 -82.99 110.80
C LEU VA 34 2.84 -83.76 110.78
N ALA VA 35 2.22 -83.91 109.61
CA ALA VA 35 0.91 -84.56 109.56
C ALA VA 35 0.98 -85.98 110.06
N ALA VA 36 2.15 -86.61 109.97
CA ALA VA 36 2.33 -87.93 110.54
C ALA VA 36 2.20 -87.96 112.07
N LYS VA 37 2.44 -86.85 112.76
CA LYS VA 37 2.20 -86.76 114.20
C LYS VA 37 1.91 -85.33 114.62
N PRO VA 38 0.67 -84.88 114.44
CA PRO VA 38 0.37 -83.44 114.57
C PRO VA 38 0.68 -82.81 115.92
N SER VA 39 1.00 -83.58 116.94
CA SER VA 39 1.07 -83.04 118.31
C SER VA 39 2.47 -83.03 118.89
N ASP VA 40 3.52 -83.19 118.09
CA ASP VA 40 4.88 -82.99 118.57
C ASP VA 40 5.27 -81.52 118.51
N PRO VA 41 5.54 -80.86 119.64
CA PRO VA 41 5.84 -79.43 119.58
C PRO VA 41 7.15 -79.10 118.90
N ALA VA 42 8.10 -80.03 118.84
CA ALA VA 42 9.29 -79.77 118.06
C ALA VA 42 8.99 -79.72 116.58
N LEU VA 43 8.03 -80.53 116.14
CA LEU VA 43 7.64 -80.51 114.74
C LEU VA 43 6.85 -79.26 114.43
N LEU VA 44 5.94 -78.86 115.31
CA LEU VA 44 5.24 -77.60 115.11
C LEU VA 44 6.22 -76.43 115.01
N ALA VA 45 7.16 -76.35 115.95
CA ALA VA 45 8.13 -75.26 115.95
C ALA VA 45 9.03 -75.27 114.72
N ALA VA 46 9.34 -76.44 114.18
CA ALA VA 46 10.05 -76.49 112.91
C ALA VA 46 9.19 -76.00 111.76
N TYR VA 47 7.94 -76.45 111.70
CA TYR VA 47 7.07 -76.14 110.56
C TYR VA 47 6.73 -74.67 110.46
N GLN VA 48 6.52 -74.00 111.60
CA GLN VA 48 6.19 -72.58 111.57
C GLN VA 48 7.20 -71.74 110.80
N SER VA 49 8.49 -71.96 110.99
CA SER VA 49 9.49 -71.19 110.27
C SER VA 49 9.41 -71.41 108.77
N LYS VA 50 9.37 -72.66 108.35
CA LYS VA 50 9.34 -72.94 106.91
C LYS VA 50 8.13 -72.30 106.26
N LEU VA 51 6.96 -72.37 106.90
CA LEU VA 51 5.78 -71.74 106.33
C LEU VA 51 5.93 -70.23 106.22
N SER VA 52 6.37 -69.56 107.29
CA SER VA 52 6.53 -68.11 107.20
C SER VA 52 7.54 -67.72 106.13
N GLU VA 53 8.62 -68.47 106.00
CA GLU VA 53 9.60 -68.21 104.96
C GLU VA 53 8.98 -68.34 103.58
N TYR VA 54 8.22 -69.39 103.34
CA TYR VA 54 7.56 -69.55 102.06
C TYR VA 54 6.65 -68.39 101.74
N ASN VA 55 5.89 -67.93 102.73
CA ASN VA 55 5.00 -66.80 102.49
C ASN VA 55 5.76 -65.56 102.06
N LEU VA 56 6.75 -65.14 102.85
CA LEU VA 56 7.51 -63.94 102.48
C LEU VA 56 8.21 -64.07 101.14
N TYR VA 57 8.72 -65.27 100.85
CA TYR VA 57 9.32 -65.57 99.56
C TYR VA 57 8.38 -65.26 98.39
N ARG VA 58 7.23 -65.92 98.36
CA ARG VA 58 6.33 -65.71 97.24
C ARG VA 58 5.82 -64.27 97.16
N ASN VA 59 5.70 -63.60 98.29
CA ASN VA 59 5.16 -62.23 98.23
C ASN VA 59 6.15 -61.25 97.64
N ALA VA 60 7.40 -61.29 98.08
CA ALA VA 60 8.44 -60.47 97.47
C ALA VA 60 8.58 -60.78 95.99
N GLN VA 61 8.53 -62.07 95.65
CA GLN VA 61 8.65 -62.47 94.25
C GLN VA 61 7.64 -61.75 93.38
N SER VA 62 6.37 -61.74 93.78
CA SER VA 62 5.41 -61.13 92.87
C SER VA 62 5.45 -59.60 92.86
N ASN VA 63 5.66 -58.96 94.00
CA ASN VA 63 5.68 -57.50 93.97
C ASN VA 63 6.83 -56.96 93.12
N THR VA 64 7.98 -57.61 93.14
CA THR VA 64 9.08 -57.17 92.28
C THR VA 64 8.71 -57.19 90.81
N VAL VA 65 8.17 -58.31 90.35
CA VAL VA 65 7.73 -58.44 88.96
C VAL VA 65 6.78 -57.33 88.57
N LYS VA 66 5.77 -57.07 89.40
CA LYS VA 66 4.84 -56.01 89.02
C LYS VA 66 5.51 -54.66 88.87
N VAL VA 67 6.49 -54.35 89.71
CA VAL VA 67 7.17 -53.06 89.57
C VAL VA 67 7.93 -52.99 88.25
N PHE VA 68 8.67 -54.04 87.93
CA PHE VA 68 9.42 -54.00 86.67
C PHE VA 68 8.51 -54.00 85.45
N LYS VA 69 7.34 -54.62 85.53
CA LYS VA 69 6.38 -54.49 84.44
C LYS VA 69 5.97 -53.04 84.22
N ASP VA 70 5.62 -52.34 85.30
CA ASP VA 70 5.06 -51.01 85.08
C ASP VA 70 6.11 -49.98 84.69
N ILE VA 71 7.38 -50.17 85.05
CA ILE VA 71 8.40 -49.30 84.47
C ILE VA 71 8.47 -49.44 82.95
N ASP VA 72 8.32 -50.65 82.44
CA ASP VA 72 8.41 -50.82 81.00
C ASP VA 72 7.17 -50.31 80.29
N ALA VA 73 6.00 -50.58 80.82
CA ALA VA 73 4.80 -50.01 80.19
C ALA VA 73 4.86 -48.49 80.18
N ALA VA 74 5.50 -47.90 81.19
CA ALA VA 74 5.67 -46.45 81.19
C ALA VA 74 6.64 -45.98 80.12
N ILE VA 75 7.70 -46.75 79.84
CA ILE VA 75 8.57 -46.32 78.74
C ILE VA 75 7.89 -46.50 77.39
N ILE VA 76 7.27 -47.65 77.18
CA ILE VA 76 6.65 -47.94 75.89
C ILE VA 76 5.58 -46.93 75.56
N GLN VA 77 4.90 -46.40 76.57
CA GLN VA 77 3.87 -45.39 76.30
C GLN VA 77 4.37 -44.17 75.54
N ASN VA 78 5.67 -43.89 75.51
CA ASN VA 78 6.17 -42.71 74.84
C ASN VA 78 6.72 -42.95 73.44
N PHE VA 79 6.66 -44.17 72.90
CA PHE VA 79 7.12 -44.35 71.53
C PHE VA 79 6.32 -43.55 70.54
N ARG VA 80 5.05 -43.31 70.83
CA ARG VA 80 4.22 -42.48 69.96
C ARG VA 80 4.90 -41.15 69.72
N THR WA 3 32.43 -43.74 93.24
CA THR WA 3 32.06 -45.11 93.60
C THR WA 3 30.64 -45.12 94.22
N PRO WA 4 30.47 -44.72 95.49
CA PRO WA 4 29.10 -44.70 96.02
C PRO WA 4 28.28 -43.62 95.32
N TRP WA 5 26.98 -43.87 95.25
CA TRP WA 5 26.01 -42.91 94.74
C TRP WA 5 24.79 -42.95 95.65
N SER WA 6 24.29 -41.78 96.03
CA SER WA 6 23.14 -41.74 96.92
C SER WA 6 22.19 -40.65 96.48
N GLY WA 7 20.90 -40.99 96.46
CA GLY WA 7 19.82 -40.09 96.15
C GLY WA 7 19.12 -39.51 97.36
N TYR WA 8 18.06 -38.77 97.07
CA TYR WA 8 17.26 -38.14 98.10
C TYR WA 8 16.52 -39.17 98.96
N LEU WA 9 15.99 -40.21 98.34
CA LEU WA 9 15.25 -41.21 99.12
C LEU WA 9 16.16 -42.02 100.03
N ASP WA 10 17.27 -42.53 99.52
CA ASP WA 10 18.19 -43.21 100.41
C ASP WA 10 18.79 -42.26 101.44
N ASP WA 11 18.98 -40.99 101.11
CA ASP WA 11 19.34 -40.02 102.13
C ASP WA 11 18.31 -40.00 103.26
N VAL WA 12 17.04 -39.95 102.90
CA VAL WA 12 15.97 -39.95 103.90
C VAL WA 12 16.00 -41.20 104.76
N SER WA 13 16.39 -42.32 104.19
CA SER WA 13 16.56 -43.54 105.00
C SER WA 13 17.75 -43.40 105.95
N ALA WA 14 18.87 -42.97 105.40
CA ALA WA 14 20.09 -42.79 106.18
C ALA WA 14 19.85 -41.92 107.40
N LYS WA 15 19.02 -40.89 107.28
CA LYS WA 15 18.75 -40.09 108.47
C LYS WA 15 18.19 -40.93 109.62
N PHE WA 16 17.36 -41.93 109.33
CA PHE WA 16 16.91 -42.83 110.38
C PHE WA 16 18.05 -43.71 110.88
N ASP WA 17 18.79 -44.29 109.94
CA ASP WA 17 19.87 -45.19 110.35
C ASP WA 17 20.85 -44.50 111.28
N THR WA 18 21.18 -43.25 111.01
CA THR WA 18 22.04 -42.48 111.91
C THR WA 18 21.31 -41.98 113.14
N GLY WA 19 19.99 -41.88 113.11
CA GLY WA 19 19.29 -41.37 114.28
C GLY WA 19 19.10 -42.42 115.35
N VAL WA 20 19.00 -43.69 114.97
CA VAL WA 20 19.08 -44.77 115.96
C VAL WA 20 20.54 -45.22 115.99
N ASP WA 21 21.30 -44.57 116.86
CA ASP WA 21 22.75 -44.78 116.97
C ASP WA 21 23.16 -46.26 117.05
N ASN WA 22 22.51 -47.02 117.92
CA ASN WA 22 22.99 -48.37 118.23
C ASN WA 22 21.92 -49.46 118.30
N LEU WA 23 20.64 -49.11 118.21
CA LEU WA 23 19.58 -50.09 118.34
C LEU WA 23 19.86 -51.32 117.48
N GLN WA 24 20.35 -51.10 116.27
CA GLN WA 24 20.69 -52.20 115.38
C GLN WA 24 21.49 -53.29 116.09
N THR WA 25 22.38 -52.91 117.00
CA THR WA 25 23.18 -53.87 117.74
C THR WA 25 22.56 -54.28 119.06
N GLN WA 26 22.02 -53.31 119.80
CA GLN WA 26 21.36 -53.61 121.07
C GLN WA 26 20.33 -54.73 120.92
N VAL WA 27 19.50 -54.66 119.88
CA VAL WA 27 18.49 -55.70 119.71
C VAL WA 27 19.12 -57.05 119.44
N THR WA 28 20.25 -57.09 118.73
CA THR WA 28 20.92 -58.35 118.47
C THR WA 28 21.48 -58.96 119.75
N GLU WA 29 22.06 -58.13 120.60
CA GLU WA 29 22.63 -58.61 121.85
C GLU WA 29 21.57 -59.09 122.83
N ALA WA 30 20.57 -58.25 123.11
CA ALA WA 30 19.54 -58.64 124.05
C ALA WA 30 18.92 -59.98 123.70
N LEU WA 31 18.80 -60.28 122.41
CA LEU WA 31 18.32 -61.60 122.02
C LEU WA 31 19.26 -62.70 122.47
N ASP WA 32 20.57 -62.53 122.29
CA ASP WA 32 21.51 -63.54 122.74
C ASP WA 32 21.42 -63.76 124.24
N LYS WA 33 21.46 -62.66 125.00
CA LYS WA 33 21.29 -62.77 126.45
C LYS WA 33 20.04 -63.55 126.81
N LEU WA 34 18.88 -63.17 126.27
CA LEU WA 34 17.66 -63.89 126.59
C LEU WA 34 17.77 -65.36 126.18
N ALA WA 35 18.34 -65.64 125.02
CA ALA WA 35 18.49 -67.03 124.59
C ALA WA 35 19.32 -67.83 125.59
N ALA WA 36 20.22 -67.15 126.30
CA ALA WA 36 21.01 -67.85 127.31
C ALA WA 36 20.16 -68.31 128.50
N LYS WA 37 19.18 -67.53 128.92
CA LYS WA 37 18.39 -67.85 130.11
C LYS WA 37 16.99 -67.25 129.99
N PRO WA 38 16.11 -67.90 129.22
CA PRO WA 38 14.81 -67.29 128.91
C PRO WA 38 13.92 -66.94 130.09
N SER WA 39 14.06 -67.58 131.24
CA SER WA 39 13.16 -67.36 132.37
C SER WA 39 13.54 -66.19 133.27
N ASP WA 40 14.54 -65.39 132.93
CA ASP WA 40 14.83 -64.21 133.74
C ASP WA 40 13.94 -63.03 133.37
N PRO WA 41 13.09 -62.55 134.29
CA PRO WA 41 12.16 -61.46 133.92
C PRO WA 41 12.85 -60.15 133.64
N ALA WA 42 14.10 -60.01 134.06
CA ALA WA 42 14.84 -58.79 133.76
C ALA WA 42 15.11 -58.75 132.27
N LEU WA 43 15.76 -59.78 131.77
CA LEU WA 43 16.08 -59.88 130.36
C LEU WA 43 14.82 -59.89 129.52
N LEU WA 44 13.75 -60.49 130.03
CA LEU WA 44 12.48 -60.43 129.31
C LEU WA 44 11.98 -59.00 129.14
N ALA WA 45 11.98 -58.21 130.22
CA ALA WA 45 11.52 -56.82 130.08
C ALA WA 45 12.42 -56.01 129.17
N ALA WA 46 13.71 -56.31 129.20
CA ALA WA 46 14.64 -55.59 128.32
C ALA WA 46 14.34 -55.91 126.87
N TYR WA 47 14.27 -57.18 126.53
CA TYR WA 47 14.06 -57.52 125.14
C TYR WA 47 12.71 -57.04 124.64
N GLN WA 48 11.67 -57.04 125.49
CA GLN WA 48 10.40 -56.45 125.07
C GLN WA 48 10.55 -54.98 124.69
N SER WA 49 11.28 -54.22 125.49
CA SER WA 49 11.51 -52.81 125.17
C SER WA 49 12.23 -52.63 123.84
N LYS WA 50 13.32 -53.36 123.66
CA LYS WA 50 14.08 -53.21 122.43
C LYS WA 50 13.30 -53.64 121.21
N LEU WA 51 12.70 -54.83 121.24
CA LEU WA 51 12.01 -55.30 120.06
C LEU WA 51 10.88 -54.38 119.65
N SER WA 52 10.17 -53.77 120.61
CA SER WA 52 9.16 -52.80 120.20
C SER WA 52 9.77 -51.55 119.56
N GLU WA 53 10.88 -51.06 120.11
CA GLU WA 53 11.52 -49.91 119.49
C GLU WA 53 11.95 -50.21 118.05
N TYR WA 54 12.46 -51.41 117.81
CA TYR WA 54 12.89 -51.76 116.46
C TYR WA 54 11.71 -51.87 115.51
N ASN WA 55 10.60 -52.42 115.99
CA ASN WA 55 9.41 -52.51 115.15
C ASN WA 55 8.93 -51.15 114.70
N LEU WA 56 8.87 -50.18 115.61
CA LEU WA 56 8.48 -48.83 115.18
C LEU WA 56 9.49 -48.18 114.24
N TYR WA 57 10.78 -48.29 114.55
CA TYR WA 57 11.76 -47.67 113.67
C TYR WA 57 11.61 -48.12 112.22
N ARG WA 58 11.39 -49.42 112.01
CA ARG WA 58 11.26 -49.90 110.64
C ARG WA 58 9.95 -49.46 110.00
N ASN WA 59 8.85 -49.59 110.73
CA ASN WA 59 7.56 -49.18 110.16
C ASN WA 59 7.59 -47.73 109.71
N ALA WA 60 8.04 -46.81 110.55
CA ALA WA 60 8.00 -45.41 110.12
C ALA WA 60 8.96 -45.15 108.97
N GLN WA 61 10.12 -45.80 108.96
CA GLN WA 61 11.06 -45.59 107.87
C GLN WA 61 10.42 -45.87 106.51
N SER WA 62 9.86 -47.06 106.35
CA SER WA 62 9.32 -47.44 105.04
C SER WA 62 8.21 -46.51 104.56
N ASN WA 63 7.24 -46.19 105.41
CA ASN WA 63 6.18 -45.29 104.96
C ASN WA 63 6.71 -43.92 104.53
N THR WA 64 7.64 -43.35 105.29
CA THR WA 64 8.20 -42.08 104.87
C THR WA 64 8.77 -42.17 103.45
N VAL WA 65 9.60 -43.17 103.20
CA VAL WA 65 10.14 -43.34 101.85
C VAL WA 65 9.03 -43.42 100.81
N LYS WA 66 8.00 -44.21 101.08
CA LYS WA 66 6.95 -44.41 100.10
C LYS WA 66 6.23 -43.11 99.76
N VAL WA 67 5.92 -42.29 100.77
CA VAL WA 67 5.31 -40.99 100.52
C VAL WA 67 6.19 -40.11 99.65
N PHE WA 68 7.49 -40.05 99.92
CA PHE WA 68 8.32 -39.24 99.05
C PHE WA 68 8.47 -39.81 97.65
N LYS WA 69 8.27 -41.10 97.43
CA LYS WA 69 8.20 -41.56 96.05
C LYS WA 69 6.95 -41.03 95.37
N ASP WA 70 5.81 -41.13 96.03
CA ASP WA 70 4.57 -40.71 95.40
C ASP WA 70 4.58 -39.23 95.02
N ILE WA 71 5.11 -38.38 95.91
CA ILE WA 71 5.16 -36.96 95.59
C ILE WA 71 6.02 -36.66 94.38
N ASP WA 72 7.03 -37.48 94.11
CA ASP WA 72 7.83 -37.24 92.91
C ASP WA 72 7.12 -37.73 91.66
N ALA WA 73 6.54 -38.91 91.74
CA ALA WA 73 5.84 -39.44 90.58
C ALA WA 73 4.77 -38.47 90.10
N ALA WA 74 4.05 -37.85 91.04
CA ALA WA 74 3.03 -36.89 90.66
C ALA WA 74 3.55 -35.63 89.98
N ILE WA 75 4.82 -35.29 90.13
CA ILE WA 75 5.38 -34.18 89.35
C ILE WA 75 5.86 -34.66 88.00
N ILE WA 76 6.59 -35.76 87.96
CA ILE WA 76 7.14 -36.24 86.70
C ILE WA 76 6.02 -36.56 85.73
N GLN WA 77 4.86 -36.95 86.24
CA GLN WA 77 3.69 -37.12 85.39
C GLN WA 77 3.28 -35.86 84.65
N ASN WA 78 3.48 -34.67 85.22
CA ASN WA 78 3.10 -33.44 84.53
C ASN WA 78 4.13 -32.91 83.54
N PHE WA 79 5.30 -33.53 83.37
CA PHE WA 79 6.25 -32.97 82.41
C PHE WA 79 5.68 -32.94 81.01
N ARG WA 80 4.97 -33.98 80.64
CA ARG WA 80 4.55 -34.13 79.27
C ARG WA 80 3.51 -33.08 78.95
N ALA XA 2 9.31 -13.34 111.53
CA ALA XA 2 8.01 -13.73 110.98
C ALA XA 2 7.32 -14.72 111.90
N THR XA 3 5.99 -14.63 111.93
CA THR XA 3 5.20 -15.63 112.62
C THR XA 3 5.48 -17.01 112.04
N PRO XA 4 5.50 -18.06 112.87
CA PRO XA 4 5.60 -19.42 112.32
C PRO XA 4 4.39 -19.74 111.47
N TRP XA 5 4.64 -19.92 110.18
CA TRP XA 5 3.59 -20.21 109.22
C TRP XA 5 2.91 -21.54 109.54
N SER XA 6 1.59 -21.56 109.35
CA SER XA 6 0.80 -22.75 109.56
C SER XA 6 -0.32 -22.80 108.53
N GLY XA 7 -0.67 -24.01 108.14
CA GLY XA 7 -1.79 -24.27 107.25
C GLY XA 7 -3.12 -24.54 107.92
N TYR XA 8 -4.01 -25.13 107.13
CA TYR XA 8 -5.32 -25.57 107.60
C TYR XA 8 -5.22 -26.81 108.46
N LEU XA 9 -4.52 -27.84 107.96
CA LEU XA 9 -4.53 -29.11 108.66
C LEU XA 9 -3.86 -29.02 110.02
N ASP XA 10 -2.74 -28.30 110.11
CA ASP XA 10 -2.11 -28.11 111.40
C ASP XA 10 -2.91 -27.22 112.33
N ASP XA 11 -3.86 -26.45 111.81
CA ASP XA 11 -4.73 -25.69 112.71
C ASP XA 11 -5.86 -26.55 113.23
N VAL XA 12 -6.34 -27.48 112.42
CA VAL XA 12 -7.31 -28.44 112.93
C VAL XA 12 -6.64 -29.36 113.93
N SER XA 13 -5.39 -29.72 113.69
CA SER XA 13 -4.62 -30.47 114.66
C SER XA 13 -4.49 -29.72 115.98
N ALA XA 14 -4.07 -28.45 115.91
CA ALA XA 14 -3.94 -27.63 117.12
C ALA XA 14 -5.24 -27.47 117.88
N LYS XA 15 -6.38 -27.45 117.19
CA LYS XA 15 -7.65 -27.39 117.93
C LYS XA 15 -7.77 -28.44 119.02
N PHE XA 16 -7.35 -29.68 118.77
CA PHE XA 16 -7.40 -30.68 119.83
C PHE XA 16 -6.41 -30.41 120.96
N ASP XA 17 -5.17 -30.08 120.62
CA ASP XA 17 -4.18 -29.76 121.65
C ASP XA 17 -4.66 -28.64 122.57
N THR XA 18 -5.34 -27.65 122.02
CA THR XA 18 -5.89 -26.58 122.84
C THR XA 18 -7.26 -26.91 123.42
N GLY XA 19 -7.89 -27.97 122.95
CA GLY XA 19 -9.11 -28.47 123.56
C GLY XA 19 -8.84 -29.18 124.86
N VAL XA 20 -7.85 -30.07 124.86
CA VAL XA 20 -7.39 -30.70 126.10
C VAL XA 20 -6.35 -29.80 126.75
N ASP XA 21 -6.82 -28.99 127.69
CA ASP XA 21 -6.00 -27.96 128.33
C ASP XA 21 -4.68 -28.47 128.91
N ASN XA 22 -4.74 -29.55 129.70
CA ASN XA 22 -3.56 -30.00 130.44
C ASN XA 22 -3.33 -31.50 130.41
N LEU XA 23 -4.20 -32.28 129.77
CA LEU XA 23 -4.12 -33.72 129.77
C LEU XA 23 -2.68 -34.18 129.56
N GLN XA 24 -1.97 -33.49 128.66
CA GLN XA 24 -0.60 -33.85 128.36
C GLN XA 24 0.27 -33.91 129.60
N THR XA 25 0.15 -32.93 130.50
CA THR XA 25 0.93 -32.95 131.72
C THR XA 25 0.35 -33.90 132.76
N GLN XA 26 -0.98 -33.83 132.96
CA GLN XA 26 -1.62 -34.75 133.89
C GLN XA 26 -1.17 -36.19 133.67
N VAL XA 27 -1.10 -36.62 132.41
CA VAL XA 27 -0.68 -37.99 132.10
C VAL XA 27 0.69 -38.29 132.64
N THR XA 28 1.59 -37.32 132.68
CA THR XA 28 2.91 -37.58 133.24
C THR XA 28 2.89 -37.54 134.76
N GLU XA 29 2.23 -36.54 135.34
CA GLU XA 29 2.10 -36.46 136.80
C GLU XA 29 1.57 -37.75 137.40
N ALA XA 30 0.48 -38.28 136.82
CA ALA XA 30 -0.08 -39.53 137.32
C ALA XA 30 0.93 -40.68 137.22
N LEU XA 31 1.62 -40.78 136.09
CA LEU XA 31 2.62 -41.83 135.96
C LEU XA 31 3.69 -41.68 137.02
N ASP XA 32 4.17 -40.47 137.24
CA ASP XA 32 5.19 -40.21 138.24
C ASP XA 32 4.79 -40.72 139.62
N LYS XA 33 3.67 -40.24 140.12
CA LYS XA 33 3.22 -40.69 141.45
C LYS XA 33 2.90 -42.17 141.50
N LEU XA 34 2.37 -42.75 140.41
CA LEU XA 34 2.09 -44.18 140.45
C LEU XA 34 3.38 -44.98 140.48
N ALA XA 35 4.36 -44.62 139.66
CA ALA XA 35 5.65 -45.29 139.69
C ALA XA 35 6.29 -45.18 141.05
N ALA XA 36 6.01 -44.10 141.77
CA ALA XA 36 6.53 -43.97 143.13
C ALA XA 36 5.99 -45.05 144.06
N LYS XA 37 4.74 -45.50 143.86
CA LYS XA 37 4.12 -46.50 144.73
C LYS XA 37 3.19 -47.38 143.90
N PRO XA 38 3.76 -48.29 143.12
CA PRO XA 38 2.97 -49.05 142.14
C PRO XA 38 1.79 -49.85 142.67
N SER XA 39 1.76 -50.24 143.94
CA SER XA 39 0.67 -51.07 144.45
C SER XA 39 -0.51 -50.30 145.03
N ASP XA 40 -0.54 -48.98 144.92
CA ASP XA 40 -1.60 -48.20 145.55
C ASP XA 40 -2.85 -48.08 144.68
N PRO XA 41 -3.99 -48.65 145.10
CA PRO XA 41 -5.12 -48.75 144.17
C PRO XA 41 -5.78 -47.42 143.90
N ALA XA 42 -5.56 -46.41 144.74
CA ALA XA 42 -6.06 -45.08 144.43
C ALA XA 42 -5.38 -44.56 143.18
N LEU XA 43 -4.06 -44.70 143.14
CA LEU XA 43 -3.29 -44.26 141.99
C LEU XA 43 -3.63 -45.07 140.76
N LEU XA 44 -3.82 -46.38 140.90
CA LEU XA 44 -4.03 -47.20 139.71
C LEU XA 44 -5.28 -46.78 138.95
N ALA XA 45 -6.43 -46.63 139.62
CA ALA XA 45 -7.64 -46.26 138.89
C ALA XA 45 -7.51 -44.89 138.23
N ALA XA 46 -6.73 -44.00 138.85
CA ALA XA 46 -6.50 -42.68 138.28
C ALA XA 46 -5.70 -42.80 137.00
N TYR XA 47 -4.57 -43.49 137.05
CA TYR XA 47 -3.75 -43.61 135.86
C TYR XA 47 -4.50 -44.34 134.75
N GLN XA 48 -5.31 -45.34 135.11
CA GLN XA 48 -6.13 -46.00 134.09
C GLN XA 48 -7.01 -44.98 133.38
N SER XA 49 -7.68 -44.12 134.14
CA SER XA 49 -8.52 -43.08 133.53
C SER XA 49 -7.74 -42.18 132.60
N LYS XA 50 -6.65 -41.60 133.09
CA LYS XA 50 -5.86 -40.68 132.28
C LYS XA 50 -5.34 -41.33 131.00
N LEU XA 51 -4.77 -42.52 131.10
CA LEU XA 51 -4.25 -43.15 129.89
C LEU XA 51 -5.35 -43.50 128.91
N SER XA 52 -6.48 -44.03 129.39
CA SER XA 52 -7.60 -44.28 128.49
C SER XA 52 -8.07 -43.02 127.80
N GLU XA 53 -7.94 -41.87 128.45
CA GLU XA 53 -8.32 -40.61 127.80
C GLU XA 53 -7.32 -40.25 126.70
N TYR XA 54 -6.04 -40.29 127.03
CA TYR XA 54 -5.01 -39.88 126.08
C TYR XA 54 -5.06 -40.71 124.80
N ASN XA 55 -5.36 -41.99 124.93
CA ASN XA 55 -5.41 -42.87 123.76
C ASN XA 55 -6.49 -42.46 122.75
N LEU XA 56 -7.68 -42.15 123.24
CA LEU XA 56 -8.74 -41.68 122.34
C LEU XA 56 -8.45 -40.31 121.78
N TYR XA 57 -7.86 -39.43 122.59
CA TYR XA 57 -7.43 -38.13 122.10
C TYR XA 57 -6.56 -38.25 120.84
N ARG XA 58 -5.45 -38.96 120.95
CA ARG XA 58 -4.58 -39.12 119.78
C ARG XA 58 -5.27 -39.81 118.61
N ASN XA 59 -6.02 -40.88 118.84
CA ASN XA 59 -6.67 -41.53 117.71
C ASN XA 59 -7.58 -40.58 116.95
N ALA XA 60 -8.51 -39.93 117.64
CA ALA XA 60 -9.44 -39.05 116.94
C ALA XA 60 -8.72 -37.94 116.20
N GLN XA 61 -7.59 -37.49 116.74
CA GLN XA 61 -6.83 -36.45 116.07
C GLN XA 61 -6.32 -36.93 114.72
N SER XA 62 -5.48 -37.97 114.74
CA SER XA 62 -4.91 -38.49 113.50
C SER XA 62 -5.97 -38.83 112.46
N ASN XA 63 -7.05 -39.49 112.85
CA ASN XA 63 -8.06 -39.81 111.84
C ASN XA 63 -8.68 -38.57 111.21
N THR XA 64 -9.01 -37.56 112.01
CA THR XA 64 -9.60 -36.37 111.41
C THR XA 64 -8.65 -35.72 110.41
N VAL XA 65 -7.37 -35.65 110.76
CA VAL XA 65 -6.40 -35.08 109.82
C VAL XA 65 -6.38 -35.85 108.51
N LYS XA 66 -6.37 -37.18 108.59
CA LYS XA 66 -6.30 -37.98 107.37
C LYS XA 66 -7.52 -37.79 106.47
N VAL XA 67 -8.71 -37.70 107.05
CA VAL XA 67 -9.87 -37.43 106.20
C VAL XA 67 -9.80 -36.05 105.56
N PHE XA 68 -9.37 -35.04 106.29
CA PHE XA 68 -9.27 -33.72 105.67
C PHE XA 68 -8.17 -33.65 104.62
N LYS XA 69 -7.18 -34.52 104.67
CA LYS XA 69 -6.23 -34.62 103.56
C LYS XA 69 -6.90 -35.21 102.32
N ASP XA 70 -7.64 -36.29 102.50
CA ASP XA 70 -8.23 -36.96 101.35
C ASP XA 70 -9.23 -36.06 100.62
N ILE XA 71 -10.00 -35.29 101.37
CA ILE XA 71 -10.92 -34.35 100.72
C ILE XA 71 -10.20 -33.32 99.87
N ASP XA 72 -9.00 -32.90 100.26
CA ASP XA 72 -8.30 -31.91 99.45
C ASP XA 72 -7.67 -32.54 98.22
N ALA XA 73 -7.04 -33.70 98.39
CA ALA XA 73 -6.41 -34.34 97.24
C ALA XA 73 -7.42 -34.65 96.15
N ALA XA 74 -8.63 -35.04 96.53
CA ALA XA 74 -9.66 -35.30 95.53
C ALA XA 74 -10.04 -34.06 94.73
N ILE XA 75 -10.01 -32.86 95.31
CA ILE XA 75 -10.30 -31.67 94.53
C ILE XA 75 -9.10 -31.26 93.70
N ILE XA 76 -7.90 -31.31 94.27
CA ILE XA 76 -6.73 -30.83 93.53
C ILE XA 76 -6.50 -31.68 92.30
N GLN XA 77 -6.89 -32.95 92.33
CA GLN XA 77 -6.75 -33.76 91.12
C GLN XA 77 -7.56 -33.23 89.94
N ASN XA 78 -8.75 -32.70 90.19
CA ASN XA 78 -9.61 -32.19 89.14
C ASN XA 78 -9.15 -30.88 88.51
N PHE XA 79 -8.05 -30.26 88.92
CA PHE XA 79 -7.65 -29.03 88.26
C PHE XA 79 -7.22 -29.27 86.82
N ARG XA 80 -6.69 -30.43 86.50
CA ARG XA 80 -6.19 -30.64 85.15
C ARG XA 80 -7.33 -30.44 84.19
N THR YA 3 -35.92 -25.55 107.87
CA THR YA 3 -35.56 -25.98 109.22
C THR YA 3 -34.05 -26.28 109.17
N PRO YA 4 -33.45 -26.87 110.22
CA PRO YA 4 -32.02 -27.16 110.12
C PRO YA 4 -31.74 -28.24 109.09
N TRP YA 5 -30.72 -27.99 108.28
CA TRP YA 5 -30.37 -28.90 107.19
C TRP YA 5 -29.91 -30.25 107.71
N SER YA 6 -30.52 -31.32 107.21
CA SER YA 6 -30.13 -32.68 107.53
C SER YA 6 -30.04 -33.50 106.26
N GLY YA 7 -28.96 -34.29 106.14
CA GLY YA 7 -28.79 -35.19 105.03
C GLY YA 7 -29.43 -36.56 105.25
N TYR YA 8 -29.36 -37.38 104.20
CA TYR YA 8 -29.87 -38.74 104.26
C TYR YA 8 -29.18 -39.55 105.36
N LEU YA 9 -27.88 -39.33 105.55
CA LEU YA 9 -27.17 -39.99 106.65
C LEU YA 9 -27.67 -39.51 108.00
N ASP YA 10 -27.80 -38.19 108.15
CA ASP YA 10 -28.37 -37.64 109.38
C ASP YA 10 -29.73 -38.26 109.67
N ASP YA 11 -30.60 -38.30 108.67
CA ASP YA 11 -31.90 -38.93 108.84
C ASP YA 11 -31.78 -40.38 109.32
N VAL YA 12 -30.86 -41.16 108.76
CA VAL YA 12 -30.68 -42.54 109.26
C VAL YA 12 -30.24 -42.56 110.72
N SER YA 13 -29.23 -41.78 111.06
CA SER YA 13 -28.80 -41.67 112.44
C SER YA 13 -29.97 -41.31 113.36
N ALA YA 14 -30.71 -40.27 113.00
CA ALA YA 14 -31.89 -39.90 113.76
C ALA YA 14 -32.91 -41.02 113.81
N LYS YA 15 -32.95 -41.87 112.80
CA LYS YA 15 -33.86 -43.00 112.85
C LYS YA 15 -33.52 -43.91 114.01
N PHE YA 16 -32.23 -44.14 114.23
CA PHE YA 16 -31.83 -44.88 115.44
C PHE YA 16 -32.11 -44.09 116.73
N ASP YA 17 -31.80 -42.80 116.73
CA ASP YA 17 -32.01 -41.99 117.91
C ASP YA 17 -33.48 -42.00 118.37
N THR YA 18 -34.42 -41.86 117.45
CA THR YA 18 -35.83 -41.98 117.80
C THR YA 18 -36.28 -43.42 117.94
N GLY YA 19 -35.50 -44.38 117.46
CA GLY YA 19 -35.87 -45.77 117.66
C GLY YA 19 -35.69 -46.18 119.11
N VAL YA 20 -34.51 -45.93 119.68
CA VAL YA 20 -34.33 -46.13 121.11
C VAL YA 20 -34.98 -44.95 121.84
N ASP YA 21 -36.21 -45.16 122.28
CA ASP YA 21 -37.01 -44.09 122.88
C ASP YA 21 -36.28 -43.30 123.96
N ASN YA 22 -35.73 -44.00 124.96
CA ASN YA 22 -35.16 -43.31 126.11
C ASN YA 22 -33.92 -43.98 126.69
N LEU YA 23 -33.37 -44.97 125.99
CA LEU YA 23 -32.23 -45.72 126.51
C LEU YA 23 -31.16 -44.80 127.08
N GLN YA 24 -30.85 -43.70 126.37
CA GLN YA 24 -29.81 -42.80 126.85
C GLN YA 24 -30.06 -42.32 128.27
N THR YA 25 -31.31 -41.97 128.60
CA THR YA 25 -31.65 -41.57 129.96
C THR YA 25 -31.65 -42.76 130.91
N GLN YA 26 -32.29 -43.85 130.51
CA GLN YA 26 -32.32 -45.04 131.35
C GLN YA 26 -30.93 -45.44 131.84
N VAL YA 27 -29.95 -45.42 130.96
CA VAL YA 27 -28.58 -45.77 131.36
C VAL YA 27 -28.06 -44.81 132.42
N THR YA 28 -28.34 -43.52 132.26
CA THR YA 28 -27.87 -42.53 133.22
C THR YA 28 -28.50 -42.78 134.59
N GLU YA 29 -29.80 -43.03 134.62
CA GLU YA 29 -30.46 -43.26 135.90
C GLU YA 29 -29.98 -44.56 136.54
N ALA YA 30 -29.90 -45.63 135.75
CA ALA YA 30 -29.42 -46.89 136.31
C ALA YA 30 -28.04 -46.72 136.91
N LEU YA 31 -27.18 -45.95 136.25
CA LEU YA 31 -25.85 -45.67 136.79
C LEU YA 31 -25.93 -44.93 138.12
N ASP YA 32 -26.79 -43.92 138.21
CA ASP YA 32 -26.88 -43.18 139.47
C ASP YA 32 -27.44 -44.04 140.60
N LYS YA 33 -28.43 -44.88 140.31
CA LYS YA 33 -28.94 -45.79 141.33
C LYS YA 33 -27.85 -46.73 141.80
N LEU YA 34 -27.18 -47.39 140.85
CA LEU YA 34 -26.09 -48.30 141.20
C LEU YA 34 -25.06 -47.61 142.07
N ALA YA 35 -24.64 -46.42 141.69
CA ALA YA 35 -23.61 -45.73 142.46
C ALA YA 35 -23.99 -45.59 143.92
N ALA YA 36 -25.29 -45.50 144.21
CA ALA YA 36 -25.70 -45.33 145.60
C ALA YA 36 -25.42 -46.58 146.43
N LYS YA 37 -25.47 -47.76 145.83
CA LYS YA 37 -25.20 -49.01 146.55
C LYS YA 37 -24.61 -50.03 145.59
N PRO YA 38 -23.31 -49.93 145.32
CA PRO YA 38 -22.66 -50.83 144.36
C PRO YA 38 -22.83 -52.33 144.61
N SER YA 39 -23.28 -52.74 145.79
CA SER YA 39 -23.39 -54.16 146.12
C SER YA 39 -24.77 -54.75 145.95
N ASP YA 40 -25.75 -53.99 145.49
CA ASP YA 40 -27.09 -54.53 145.33
C ASP YA 40 -27.21 -55.39 144.07
N PRO YA 41 -27.53 -56.69 144.20
CA PRO YA 41 -27.61 -57.52 143.00
C PRO YA 41 -28.78 -57.15 142.10
N ALA YA 42 -29.87 -56.65 142.68
CA ALA YA 42 -31.01 -56.30 141.84
C ALA YA 42 -30.69 -55.08 140.99
N LEU YA 43 -29.80 -54.22 141.48
CA LEU YA 43 -29.34 -53.09 140.68
C LEU YA 43 -28.39 -53.56 139.59
N LEU YA 44 -27.34 -54.29 139.99
CA LEU YA 44 -26.38 -54.82 139.03
C LEU YA 44 -27.05 -55.54 137.86
N ALA YA 45 -28.00 -56.43 138.15
CA ALA YA 45 -28.66 -57.16 137.09
C ALA YA 45 -29.26 -56.22 136.03
N ALA YA 46 -29.95 -55.17 136.47
CA ALA YA 46 -30.51 -54.21 135.53
C ALA YA 46 -29.42 -53.46 134.77
N TYR YA 47 -28.45 -52.92 135.50
CA TYR YA 47 -27.36 -52.17 134.88
C TYR YA 47 -26.67 -52.94 133.77
N GLN YA 48 -26.30 -54.20 134.02
CA GLN YA 48 -25.67 -55.01 132.99
C GLN YA 48 -26.50 -55.07 131.70
N SER YA 49 -27.79 -55.33 131.83
CA SER YA 49 -28.66 -55.37 130.65
C SER YA 49 -28.66 -54.05 129.91
N LYS YA 50 -28.85 -52.95 130.63
CA LYS YA 50 -28.88 -51.64 129.99
C LYS YA 50 -27.58 -51.35 129.25
N LEU YA 51 -26.45 -51.51 129.92
CA LEU YA 51 -25.18 -51.21 129.27
C LEU YA 51 -24.95 -52.06 128.03
N SER YA 52 -25.38 -53.32 128.04
CA SER YA 52 -25.25 -54.14 126.85
C SER YA 52 -26.10 -53.60 125.70
N GLU YA 53 -27.37 -53.34 125.97
CA GLU YA 53 -28.24 -52.74 124.96
C GLU YA 53 -27.62 -51.49 124.35
N TYR YA 54 -27.08 -50.62 125.18
CA TYR YA 54 -26.47 -49.39 124.68
C TYR YA 54 -25.29 -49.69 123.76
N ASN YA 55 -24.46 -50.64 124.14
CA ASN YA 55 -23.35 -51.04 123.28
C ASN YA 55 -23.82 -51.44 121.89
N LEU YA 56 -24.80 -52.35 121.82
CA LEU YA 56 -25.25 -52.82 120.51
C LEU YA 56 -25.91 -51.70 119.70
N TYR YA 57 -26.63 -50.82 120.36
CA TYR YA 57 -27.20 -49.65 119.69
C TYR YA 57 -26.14 -48.82 118.99
N ARG YA 58 -25.11 -48.41 119.72
CA ARG YA 58 -24.06 -47.61 119.10
C ARG YA 58 -23.34 -48.32 117.96
N ASN YA 59 -23.05 -49.60 118.11
CA ASN YA 59 -22.32 -50.27 117.03
C ASN YA 59 -23.15 -50.43 115.76
N ALA YA 60 -24.43 -50.79 115.89
CA ALA YA 60 -25.25 -50.90 114.69
C ALA YA 60 -25.41 -49.57 113.99
N GLN YA 61 -25.59 -48.51 114.77
CA GLN YA 61 -25.68 -47.17 114.19
C GLN YA 61 -24.46 -46.85 113.33
N SER YA 62 -23.28 -46.81 113.94
CA SER YA 62 -22.10 -46.36 113.22
C SER YA 62 -21.75 -47.24 112.02
N ASN YA 63 -21.91 -48.55 112.14
CA ASN YA 63 -21.63 -49.37 110.96
C ASN YA 63 -22.60 -49.08 109.82
N THR YA 64 -23.89 -48.94 110.08
CA THR YA 64 -24.78 -48.65 108.97
C THR YA 64 -24.41 -47.36 108.28
N VAL YA 65 -24.06 -46.34 109.07
CA VAL YA 65 -23.65 -45.07 108.49
C VAL YA 65 -22.52 -45.26 107.50
N LYS YA 66 -21.47 -45.98 107.92
CA LYS YA 66 -20.35 -46.17 107.01
C LYS YA 66 -20.72 -46.94 105.75
N VAL YA 67 -21.54 -47.98 105.85
CA VAL YA 67 -21.90 -48.71 104.64
C VAL YA 67 -22.59 -47.82 103.62
N PHE YA 68 -23.44 -46.91 104.09
CA PHE YA 68 -24.04 -45.98 103.14
C PHE YA 68 -23.03 -45.03 102.52
N LYS YA 69 -22.19 -44.40 103.33
CA LYS YA 69 -21.18 -43.52 102.76
C LYS YA 69 -20.36 -44.24 101.69
N ASP YA 70 -20.03 -45.51 101.92
CA ASP YA 70 -19.22 -46.22 100.92
C ASP YA 70 -19.99 -46.50 99.65
N ILE YA 71 -21.31 -46.67 99.71
CA ILE YA 71 -22.05 -46.78 98.46
C ILE YA 71 -22.04 -45.47 97.68
N ASP YA 72 -22.43 -44.39 98.33
CA ASP YA 72 -22.45 -43.09 97.66
C ASP YA 72 -21.12 -42.73 97.01
N ALA YA 73 -20.01 -42.83 97.74
CA ALA YA 73 -18.72 -42.51 97.12
C ALA YA 73 -18.48 -43.28 95.82
N ALA YA 74 -18.91 -44.53 95.78
CA ALA YA 74 -18.72 -45.33 94.58
C ALA YA 74 -19.56 -44.81 93.43
N ILE YA 75 -20.80 -44.43 93.69
CA ILE YA 75 -21.60 -43.88 92.60
C ILE YA 75 -21.00 -42.58 92.07
N ILE YA 76 -20.60 -41.69 92.98
CA ILE YA 76 -19.99 -40.42 92.58
C ILE YA 76 -18.79 -40.65 91.67
N GLN YA 77 -17.93 -41.60 91.99
CA GLN YA 77 -16.75 -41.80 91.14
C GLN YA 77 -17.09 -42.04 89.67
N ASN YA 78 -18.20 -42.69 89.37
CA ASN YA 78 -18.53 -42.92 87.97
C ASN YA 78 -19.04 -41.69 87.21
N PHE YA 79 -19.17 -40.52 87.84
CA PHE YA 79 -19.47 -39.32 87.04
C PHE YA 79 -18.34 -39.01 86.09
N ARG YA 80 -17.16 -38.72 86.63
CA ARG YA 80 -16.06 -38.28 85.81
C ARG YA 80 -15.55 -39.45 84.99
N THR ZA 3 -43.97 -59.81 94.27
CA THR ZA 3 -43.54 -58.79 95.22
C THR ZA 3 -42.54 -59.31 96.30
N PRO ZA 4 -42.65 -60.58 96.73
CA PRO ZA 4 -41.68 -61.11 97.72
C PRO ZA 4 -40.37 -61.51 97.05
N TRP ZA 5 -39.70 -60.51 96.49
CA TRP ZA 5 -38.45 -60.74 95.77
C TRP ZA 5 -37.32 -61.11 96.73
N SER ZA 6 -36.49 -62.06 96.30
CA SER ZA 6 -35.36 -62.56 97.06
C SER ZA 6 -34.18 -62.76 96.13
N GLY ZA 7 -33.01 -62.26 96.54
CA GLY ZA 7 -31.79 -62.48 95.82
C GLY ZA 7 -31.13 -63.81 96.10
N TYR ZA 8 -29.89 -63.93 95.61
CA TYR ZA 8 -29.08 -65.13 95.82
C TYR ZA 8 -28.53 -65.23 97.23
N LEU ZA 9 -28.20 -64.11 97.87
CA LEU ZA 9 -27.76 -64.18 99.25
C LEU ZA 9 -28.92 -64.59 100.15
N ASP ZA 10 -30.09 -64.04 99.90
CA ASP ZA 10 -31.31 -64.48 100.58
C ASP ZA 10 -31.52 -65.97 100.37
N ASP ZA 11 -31.44 -66.42 99.12
CA ASP ZA 11 -31.58 -67.84 98.82
C ASP ZA 11 -30.58 -68.69 99.60
N VAL ZA 12 -29.45 -68.12 100.00
CA VAL ZA 12 -28.49 -68.90 100.77
C VAL ZA 12 -28.81 -68.87 102.26
N SER ZA 13 -29.03 -67.69 102.83
CA SER ZA 13 -29.43 -67.57 104.23
C SER ZA 13 -30.66 -68.41 104.55
N ALA ZA 14 -31.73 -68.22 103.79
CA ALA ZA 14 -32.92 -69.02 104.00
C ALA ZA 14 -32.64 -70.51 103.90
N LYS ZA 15 -31.58 -70.92 103.22
CA LYS ZA 15 -31.24 -72.33 103.17
C LYS ZA 15 -30.90 -72.89 104.54
N PHE ZA 16 -30.17 -72.13 105.36
CA PHE ZA 16 -30.00 -72.49 106.77
C PHE ZA 16 -31.31 -72.39 107.53
N ASP ZA 17 -32.03 -71.29 107.36
CA ASP ZA 17 -33.19 -71.10 108.21
C ASP ZA 17 -34.23 -72.21 107.99
N THR ZA 18 -34.37 -72.68 106.76
CA THR ZA 18 -35.20 -73.83 106.45
C THR ZA 18 -34.49 -75.16 106.60
N GLY ZA 19 -33.20 -75.16 106.91
CA GLY ZA 19 -32.49 -76.39 107.19
C GLY ZA 19 -32.61 -76.81 108.65
N VAL ZA 20 -32.40 -75.88 109.57
CA VAL ZA 20 -32.61 -76.19 110.98
C VAL ZA 20 -34.08 -76.03 111.33
N ASP ZA 21 -34.82 -77.14 111.20
CA ASP ZA 21 -36.27 -77.09 111.03
C ASP ZA 21 -36.97 -76.27 112.11
N ASN ZA 22 -36.61 -76.49 113.37
CA ASN ZA 22 -37.38 -75.98 114.49
C ASN ZA 22 -36.57 -75.26 115.55
N LEU ZA 23 -35.25 -75.24 115.44
CA LEU ZA 23 -34.41 -74.83 116.55
C LEU ZA 23 -34.87 -73.52 117.15
N GLN ZA 24 -35.29 -72.57 116.31
CA GLN ZA 24 -35.74 -71.29 116.83
C GLN ZA 24 -36.90 -71.39 117.80
N THR ZA 25 -37.81 -72.34 117.61
CA THR ZA 25 -38.87 -72.54 118.59
C THR ZA 25 -38.39 -73.40 119.76
N GLN ZA 26 -37.60 -74.43 119.46
CA GLN ZA 26 -37.11 -75.33 120.51
C GLN ZA 26 -36.38 -74.57 121.60
N VAL ZA 27 -35.49 -73.65 121.22
CA VAL ZA 27 -34.79 -72.84 122.20
C VAL ZA 27 -35.75 -71.97 122.99
N THR ZA 28 -36.73 -71.39 122.31
CA THR ZA 28 -37.67 -70.53 123.03
C THR ZA 28 -38.44 -71.30 124.07
N GLU ZA 29 -38.81 -72.54 123.77
CA GLU ZA 29 -39.49 -73.38 124.76
C GLU ZA 29 -38.58 -73.73 125.93
N ALA ZA 30 -37.42 -74.31 125.62
CA ALA ZA 30 -36.49 -74.72 126.67
C ALA ZA 30 -36.17 -73.56 127.61
N LEU ZA 31 -36.01 -72.35 127.07
CA LEU ZA 31 -35.77 -71.19 127.91
C LEU ZA 31 -36.85 -71.03 128.96
N ASP ZA 32 -38.11 -70.94 128.54
CA ASP ZA 32 -39.19 -70.73 129.49
C ASP ZA 32 -39.31 -71.88 130.49
N LYS ZA 33 -39.17 -73.13 130.04
CA LYS ZA 33 -39.17 -74.23 131.01
C LYS ZA 33 -38.11 -74.02 132.08
N LEU ZA 34 -36.85 -73.87 131.67
CA LEU ZA 34 -35.78 -73.65 132.64
C LEU ZA 34 -36.07 -72.47 133.56
N ALA ZA 35 -36.38 -71.31 132.98
CA ALA ZA 35 -36.66 -70.12 133.77
C ALA ZA 35 -37.80 -70.33 134.76
N ALA ZA 36 -38.76 -71.19 134.45
CA ALA ZA 36 -39.87 -71.38 135.37
C ALA ZA 36 -39.43 -72.07 136.65
N LYS ZA 37 -38.45 -72.97 136.58
CA LYS ZA 37 -38.02 -73.74 137.73
C LYS ZA 37 -36.53 -74.00 137.62
N PRO ZA 38 -35.71 -72.96 137.77
CA PRO ZA 38 -34.27 -73.14 137.67
C PRO ZA 38 -33.76 -74.13 138.69
N SER ZA 39 -32.48 -74.46 138.53
CA SER ZA 39 -31.78 -75.39 139.40
C SER ZA 39 -32.22 -76.83 139.17
N ASP ZA 40 -32.72 -77.14 137.97
CA ASP ZA 40 -33.08 -78.49 137.62
C ASP ZA 40 -32.02 -79.03 136.68
N PRO ZA 41 -31.20 -80.00 137.08
CA PRO ZA 41 -30.18 -80.51 136.15
C PRO ZA 41 -30.75 -80.97 134.82
N ALA ZA 42 -31.93 -81.58 134.82
CA ALA ZA 42 -32.52 -82.05 133.58
C ALA ZA 42 -32.78 -80.91 132.60
N LEU ZA 43 -33.20 -79.77 133.11
CA LEU ZA 43 -33.43 -78.59 132.28
C LEU ZA 43 -32.12 -77.96 131.82
N LEU ZA 44 -31.22 -77.70 132.77
CA LEU ZA 44 -29.94 -77.10 132.45
C LEU ZA 44 -29.18 -77.88 131.38
N ALA ZA 45 -29.07 -79.19 131.54
CA ALA ZA 45 -28.38 -80.00 130.54
C ALA ZA 45 -28.92 -79.78 129.13
N ALA ZA 46 -30.24 -79.80 128.96
CA ALA ZA 46 -30.83 -79.58 127.64
C ALA ZA 46 -30.57 -78.17 127.12
N TYR ZA 47 -30.85 -77.18 127.96
CA TYR ZA 47 -30.66 -75.79 127.57
C TYR ZA 47 -29.24 -75.52 127.08
N GLN ZA 48 -28.24 -75.97 127.82
CA GLN ZA 48 -26.87 -75.80 127.36
C GLN ZA 48 -26.70 -76.22 125.90
N SER ZA 49 -27.10 -77.44 125.58
CA SER ZA 49 -26.97 -77.94 124.21
C SER ZA 49 -27.69 -77.05 123.20
N LYS ZA 50 -28.96 -76.78 123.42
CA LYS ZA 50 -29.71 -75.98 122.45
C LYS ZA 50 -29.07 -74.61 122.22
N LEU ZA 51 -28.78 -73.88 123.28
CA LEU ZA 51 -28.20 -72.55 123.10
C LEU ZA 51 -26.82 -72.61 122.45
N SER ZA 52 -26.00 -73.57 122.88
CA SER ZA 52 -24.68 -73.74 122.29
C SER ZA 52 -24.75 -73.91 120.77
N GLU ZA 53 -25.56 -74.85 120.29
CA GLU ZA 53 -25.63 -75.01 118.84
C GLU ZA 53 -26.36 -73.88 118.14
N TYR ZA 54 -27.28 -73.18 118.81
CA TYR ZA 54 -27.87 -72.01 118.18
C TYR ZA 54 -26.82 -70.95 117.88
N ASN ZA 55 -25.85 -70.78 118.78
CA ASN ZA 55 -24.74 -69.88 118.51
C ASN ZA 55 -23.98 -70.22 117.23
N LEU ZA 56 -23.62 -71.49 117.07
CA LEU ZA 56 -22.93 -71.92 115.86
C LEU ZA 56 -23.75 -71.67 114.61
N TYR ZA 57 -25.02 -72.04 114.65
CA TYR ZA 57 -25.91 -71.78 113.52
C TYR ZA 57 -25.86 -70.33 113.05
N ARG ZA 58 -26.10 -69.40 113.96
CA ARG ZA 58 -26.04 -67.98 113.57
C ARG ZA 58 -24.67 -67.55 113.04
N ASN ZA 59 -23.58 -67.95 113.70
CA ASN ZA 59 -22.27 -67.54 113.20
C ASN ZA 59 -21.99 -68.08 111.80
N ALA ZA 60 -22.22 -69.37 111.59
CA ALA ZA 60 -21.96 -69.96 110.28
C ALA ZA 60 -22.72 -69.25 109.18
N GLN ZA 61 -24.00 -68.94 109.44
CA GLN ZA 61 -24.80 -68.25 108.45
C GLN ZA 61 -24.21 -66.88 108.08
N SER ZA 62 -23.96 -66.05 109.08
CA SER ZA 62 -23.46 -64.71 108.75
C SER ZA 62 -22.10 -64.73 108.07
N ASN ZA 63 -21.19 -65.62 108.48
CA ASN ZA 63 -19.90 -65.67 107.80
C ASN ZA 63 -20.03 -66.10 106.34
N THR ZA 64 -20.89 -67.07 106.08
CA THR ZA 64 -21.09 -67.51 104.69
C THR ZA 64 -21.59 -66.38 103.81
N VAL ZA 65 -22.55 -65.62 104.31
CA VAL ZA 65 -23.05 -64.50 103.50
C VAL ZA 65 -21.97 -63.47 103.23
N LYS ZA 66 -21.17 -63.10 104.23
CA LYS ZA 66 -20.14 -62.12 103.93
C LYS ZA 66 -19.15 -62.61 102.88
N VAL ZA 67 -18.73 -63.87 102.97
CA VAL ZA 67 -17.80 -64.40 101.97
C VAL ZA 67 -18.37 -64.24 100.55
N PHE ZA 68 -19.59 -64.71 100.34
CA PHE ZA 68 -20.20 -64.54 99.03
C PHE ZA 68 -20.24 -63.07 98.60
N LYS ZA 69 -20.66 -62.19 99.50
CA LYS ZA 69 -20.75 -60.78 99.11
C LYS ZA 69 -19.44 -60.28 98.54
N ASP ZA 70 -18.32 -60.61 99.18
CA ASP ZA 70 -17.07 -60.09 98.64
C ASP ZA 70 -16.58 -60.78 97.39
N ILE ZA 71 -16.99 -62.03 97.15
CA ILE ZA 71 -16.74 -62.61 95.83
C ILE ZA 71 -17.44 -61.82 94.74
N ASP ZA 72 -18.70 -61.46 94.97
CA ASP ZA 72 -19.42 -60.72 93.94
C ASP ZA 72 -18.86 -59.31 93.76
N ALA ZA 73 -18.60 -58.61 94.84
CA ALA ZA 73 -18.05 -57.27 94.68
C ALA ZA 73 -16.74 -57.29 93.91
N ALA ZA 74 -15.91 -58.32 94.12
CA ALA ZA 74 -14.67 -58.40 93.37
C ALA ZA 74 -14.92 -58.64 91.89
N ILE ZA 75 -15.91 -59.46 91.53
CA ILE ZA 75 -16.19 -59.62 90.10
C ILE ZA 75 -16.75 -58.34 89.48
N ILE ZA 76 -17.64 -57.66 90.20
CA ILE ZA 76 -18.20 -56.42 89.66
C ILE ZA 76 -17.14 -55.36 89.43
N GLN ZA 77 -16.12 -55.31 90.27
CA GLN ZA 77 -15.09 -54.31 90.08
C GLN ZA 77 -14.40 -54.41 88.71
N ASN ZA 78 -14.27 -55.60 88.14
CA ASN ZA 78 -13.66 -55.72 86.82
C ASN ZA 78 -14.55 -55.32 85.66
N PHE ZA 79 -15.78 -54.85 85.86
CA PHE ZA 79 -16.56 -54.45 84.68
C PHE ZA 79 -15.94 -53.26 83.99
N ARG ZA 80 -15.32 -52.36 84.73
CA ARG ZA 80 -14.91 -51.09 84.17
C ARG ZA 80 -13.82 -51.33 83.15
N THR AB 3 -12.05 -90.27 92.46
CA THR AB 3 -12.52 -89.80 91.15
C THR AB 3 -12.91 -88.32 91.09
N PRO AB 4 -13.70 -87.80 92.04
CA PRO AB 4 -14.10 -86.40 91.91
C PRO AB 4 -12.90 -85.46 91.91
N TRP AB 5 -13.07 -84.34 91.21
CA TRP AB 5 -12.04 -83.30 91.15
C TRP AB 5 -11.65 -82.81 92.54
N SER AB 6 -10.33 -82.66 92.73
CA SER AB 6 -9.76 -82.16 93.98
C SER AB 6 -8.69 -81.14 93.66
N GLY AB 7 -8.79 -79.96 94.27
CA GLY AB 7 -7.82 -78.92 94.10
C GLY AB 7 -6.55 -79.14 94.89
N TYR AB 8 -5.85 -78.03 95.15
CA TYR AB 8 -4.64 -78.03 95.96
C TYR AB 8 -4.93 -78.04 97.45
N LEU AB 9 -5.79 -77.13 97.90
CA LEU AB 9 -6.17 -77.12 99.31
C LEU AB 9 -6.80 -78.45 99.71
N ASP AB 10 -7.59 -79.04 98.82
CA ASP AB 10 -8.09 -80.38 99.04
C ASP AB 10 -6.98 -81.37 99.36
N ASP AB 11 -5.87 -81.29 98.63
CA ASP AB 11 -4.73 -82.16 98.89
C ASP AB 11 -4.12 -81.86 100.26
N VAL AB 12 -3.98 -80.59 100.60
CA VAL AB 12 -3.43 -80.23 101.90
C VAL AB 12 -4.28 -80.82 103.02
N SER AB 13 -5.59 -80.70 102.91
CA SER AB 13 -6.49 -81.29 103.90
C SER AB 13 -6.35 -82.81 103.94
N ALA AB 14 -6.42 -83.45 102.79
CA ALA AB 14 -6.31 -84.90 102.74
C ALA AB 14 -5.01 -85.41 103.35
N LYS AB 15 -3.92 -84.65 103.27
CA LYS AB 15 -2.71 -85.08 103.98
C LYS AB 15 -2.95 -85.29 105.47
N PHE AB 16 -3.71 -84.41 106.11
CA PHE AB 16 -4.08 -84.66 107.50
C PHE AB 16 -5.01 -85.85 107.64
N ASP AB 17 -6.03 -85.93 106.78
CA ASP AB 17 -6.97 -87.03 106.89
C ASP AB 17 -6.27 -88.39 106.80
N THR AB 18 -5.30 -88.52 105.90
CA THR AB 18 -4.53 -89.76 105.80
C THR AB 18 -3.41 -89.85 106.83
N GLY AB 19 -3.05 -88.76 107.49
CA GLY AB 19 -2.01 -88.82 108.49
C GLY AB 19 -2.53 -89.31 109.82
N VAL AB 20 -3.76 -88.99 110.15
CA VAL AB 20 -4.43 -89.60 111.31
C VAL AB 20 -5.30 -90.72 110.77
N ASP AB 21 -4.68 -91.89 110.64
CA ASP AB 21 -5.32 -93.10 110.10
C ASP AB 21 -6.72 -93.40 110.62
N ASN AB 22 -6.90 -93.44 111.93
CA ASN AB 22 -8.16 -93.89 112.50
C ASN AB 22 -8.64 -93.08 113.69
N LEU AB 23 -7.95 -92.00 114.04
CA LEU AB 23 -8.30 -91.19 115.20
C LEU AB 23 -9.79 -90.91 115.32
N GLN AB 24 -10.47 -90.59 114.21
CA GLN AB 24 -11.90 -90.29 114.29
C GLN AB 24 -12.70 -91.46 114.87
N THR AB 25 -12.42 -92.68 114.43
CA THR AB 25 -13.14 -93.81 114.98
C THR AB 25 -12.67 -94.15 116.39
N GLN AB 26 -11.37 -94.08 116.64
CA GLN AB 26 -10.90 -94.30 118.01
C GLN AB 26 -11.66 -93.41 118.98
N VAL AB 27 -11.77 -92.12 118.66
CA VAL AB 27 -12.53 -91.18 119.50
C VAL AB 27 -13.98 -91.61 119.63
N THR AB 28 -14.63 -91.92 118.51
CA THR AB 28 -16.05 -92.26 118.57
C THR AB 28 -16.29 -93.48 119.45
N GLU AB 29 -15.54 -94.55 119.21
CA GLU AB 29 -15.71 -95.76 120.00
C GLU AB 29 -15.32 -95.56 121.46
N ALA AB 30 -14.23 -94.84 121.73
CA ALA AB 30 -13.88 -94.56 123.11
C ALA AB 30 -15.03 -93.88 123.82
N LEU AB 31 -15.63 -92.87 123.19
CA LEU AB 31 -16.81 -92.24 123.76
C LEU AB 31 -17.95 -93.22 123.98
N ASP AB 32 -18.27 -94.03 122.96
CA ASP AB 32 -19.35 -95.00 123.09
C ASP AB 32 -19.15 -95.97 124.25
N LYS AB 33 -17.94 -96.47 124.44
CA LYS AB 33 -17.72 -97.37 125.58
C LYS AB 33 -17.70 -96.62 126.91
N LEU AB 34 -17.08 -95.45 126.97
CA LEU AB 34 -17.06 -94.69 128.22
C LEU AB 34 -18.46 -94.36 128.69
N ALA AB 35 -19.35 -94.02 127.75
CA ALA AB 35 -20.73 -93.69 128.11
C ALA AB 35 -21.38 -94.79 128.94
N ALA AB 36 -21.10 -96.06 128.63
CA ALA AB 36 -21.68 -97.16 129.38
C ALA AB 36 -21.22 -97.21 130.84
N LYS AB 37 -20.04 -96.70 131.17
CA LYS AB 37 -19.50 -96.80 132.53
C LYS AB 37 -18.67 -95.57 132.84
N PRO AB 38 -19.34 -94.42 132.99
CA PRO AB 38 -18.61 -93.13 133.10
C PRO AB 38 -17.66 -93.01 134.26
N SER AB 39 -17.64 -93.96 135.20
CA SER AB 39 -16.87 -93.82 136.43
C SER AB 39 -15.67 -94.77 136.48
N ASP AB 40 -15.22 -95.27 135.33
CA ASP AB 40 -14.00 -96.06 135.27
C ASP AB 40 -12.80 -95.21 134.89
N PRO AB 41 -11.82 -95.05 135.79
CA PRO AB 41 -10.71 -94.14 135.51
C PRO AB 41 -9.88 -94.56 134.31
N ALA AB 42 -9.78 -95.85 134.00
CA ALA AB 42 -9.02 -96.23 132.83
C ALA AB 42 -9.65 -95.64 131.58
N LEU AB 43 -10.98 -95.65 131.54
CA LEU AB 43 -11.70 -95.08 130.41
C LEU AB 43 -11.47 -93.58 130.35
N LEU AB 44 -11.62 -92.90 131.48
CA LEU AB 44 -11.41 -91.45 131.47
C LEU AB 44 -10.00 -91.08 131.02
N ALA AB 45 -8.99 -91.80 131.53
CA ALA AB 45 -7.61 -91.52 131.15
C ALA AB 45 -7.37 -91.76 129.66
N ALA AB 46 -7.98 -92.78 129.09
CA ALA AB 46 -7.89 -92.96 127.63
C ALA AB 46 -8.54 -91.81 126.89
N TYR AB 47 -9.78 -91.51 127.24
CA TYR AB 47 -10.56 -90.56 126.47
C TYR AB 47 -9.95 -89.17 126.50
N GLN AB 48 -9.42 -88.73 127.63
CA GLN AB 48 -8.79 -87.43 127.67
C GLN AB 48 -7.68 -87.30 126.61
N SER AB 49 -6.89 -88.35 126.44
CA SER AB 49 -5.84 -88.37 125.43
C SER AB 49 -6.41 -88.30 124.03
N LYS AB 50 -7.32 -89.22 123.72
CA LYS AB 50 -7.90 -89.23 122.38
C LYS AB 50 -8.54 -87.90 122.01
N LEU AB 51 -9.37 -87.35 122.90
CA LEU AB 51 -10.05 -86.11 122.56
C LEU AB 51 -9.07 -84.96 122.40
N SER AB 52 -8.02 -84.91 123.22
CA SER AB 52 -7.01 -83.88 123.02
C SER AB 52 -6.38 -83.97 121.64
N GLU AB 53 -5.91 -85.16 121.27
CA GLU AB 53 -5.33 -85.35 119.94
C GLU AB 53 -6.28 -84.91 118.83
N TYR AB 54 -7.56 -85.24 118.95
CA TYR AB 54 -8.53 -84.83 117.94
C TYR AB 54 -8.62 -83.31 117.83
N ASN AB 55 -8.76 -82.64 118.97
CA ASN AB 55 -8.80 -81.19 119.00
C ASN AB 55 -7.63 -80.58 118.24
N LEU AB 56 -6.41 -80.97 118.59
CA LEU AB 56 -5.25 -80.38 117.92
C LEU AB 56 -5.21 -80.69 116.43
N TYR AB 57 -5.58 -81.92 116.05
CA TYR AB 57 -5.64 -82.25 114.62
C TYR AB 57 -6.52 -81.28 113.85
N ARG AB 58 -7.76 -81.06 114.31
CA ARG AB 58 -8.64 -80.14 113.61
C ARG AB 58 -8.12 -78.72 113.60
N ASN AB 59 -7.62 -78.25 114.73
CA ASN AB 59 -7.11 -76.88 114.79
C ASN AB 59 -5.99 -76.65 113.78
N ALA AB 60 -4.95 -77.50 113.79
CA ALA AB 60 -3.84 -77.30 112.87
C ALA AB 60 -4.29 -77.37 111.42
N GLN AB 61 -5.22 -78.27 111.11
CA GLN AB 61 -5.72 -78.35 109.75
C GLN AB 61 -6.32 -77.03 109.28
N SER AB 62 -7.29 -76.53 110.05
CA SER AB 62 -7.99 -75.32 109.65
C SER AB 62 -7.07 -74.10 109.60
N ASN AB 63 -6.02 -74.03 110.42
CA ASN AB 63 -5.12 -72.89 110.27
C ASN AB 63 -4.27 -72.97 109.00
N THR AB 64 -3.66 -74.12 108.75
CA THR AB 64 -2.85 -74.25 107.53
C THR AB 64 -3.61 -73.92 106.25
N VAL AB 65 -4.84 -74.44 106.12
CA VAL AB 65 -5.58 -74.16 104.90
C VAL AB 65 -5.84 -72.66 104.70
N LYS AB 66 -6.04 -71.93 105.78
CA LYS AB 66 -6.18 -70.49 105.65
C LYS AB 66 -4.88 -69.86 105.18
N VAL AB 67 -3.76 -70.23 105.79
CA VAL AB 67 -2.51 -69.58 105.41
C VAL AB 67 -2.25 -69.74 103.91
N PHE AB 68 -2.53 -70.92 103.37
CA PHE AB 68 -2.35 -71.07 101.92
C PHE AB 68 -3.33 -70.22 101.12
N LYS AB 69 -4.60 -70.19 101.50
CA LYS AB 69 -5.52 -69.36 100.73
C LYS AB 69 -5.05 -67.91 100.70
N ASP AB 70 -4.55 -67.43 101.82
CA ASP AB 70 -4.04 -66.06 101.89
C ASP AB 70 -2.78 -65.85 101.08
N ILE AB 71 -1.99 -66.90 100.88
CA ILE AB 71 -0.85 -66.75 99.96
C ILE AB 71 -1.33 -66.61 98.53
N ASP AB 72 -2.30 -67.43 98.13
CA ASP AB 72 -2.73 -67.41 96.73
C ASP AB 72 -3.43 -66.12 96.36
N ALA AB 73 -4.31 -65.62 97.22
CA ALA AB 73 -5.05 -64.40 96.91
C ALA AB 73 -4.13 -63.23 96.63
N ALA AB 74 -3.00 -63.14 97.32
CA ALA AB 74 -2.08 -62.03 97.10
C ALA AB 74 -1.41 -62.08 95.73
N ILE AB 75 -1.14 -63.26 95.20
CA ILE AB 75 -0.60 -63.34 93.84
C ILE AB 75 -1.67 -63.01 92.82
N ILE AB 76 -2.87 -63.56 93.00
CA ILE AB 76 -3.94 -63.29 92.03
C ILE AB 76 -4.29 -61.82 91.99
N GLN AB 77 -4.20 -61.14 93.12
CA GLN AB 77 -4.39 -59.69 93.17
C GLN AB 77 -3.45 -58.88 92.29
N ASN AB 78 -2.30 -59.43 91.91
CA ASN AB 78 -1.34 -58.69 91.09
C ASN AB 78 -1.37 -58.98 89.59
N PHE AB 79 -2.27 -59.82 89.09
CA PHE AB 79 -2.42 -59.87 87.64
C PHE AB 79 -2.98 -58.57 87.11
N ARG AB 80 -4.02 -58.07 87.76
CA ARG AB 80 -4.69 -56.83 87.38
C ARG AB 80 -3.80 -55.63 87.58
N THR BB 3 24.89 -78.06 102.44
CA THR BB 3 24.29 -77.47 103.63
C THR BB 3 22.86 -77.05 103.31
N PRO BB 4 21.90 -77.39 104.18
CA PRO BB 4 20.52 -77.01 103.92
C PRO BB 4 20.32 -75.50 103.95
N TRP BB 5 19.51 -75.02 103.01
CA TRP BB 5 19.15 -73.60 102.97
C TRP BB 5 18.43 -73.19 104.24
N SER BB 6 18.98 -72.18 104.91
CA SER BB 6 18.38 -71.65 106.12
C SER BB 6 18.17 -70.15 105.93
N GLY BB 7 16.97 -69.69 106.23
CA GLY BB 7 16.61 -68.29 106.20
C GLY BB 7 17.11 -67.52 107.40
N TYR BB 8 16.40 -66.42 107.68
CA TYR BB 8 16.66 -65.58 108.84
C TYR BB 8 15.77 -65.92 110.02
N LEU BB 9 14.52 -66.30 109.78
CA LEU BB 9 13.68 -66.74 110.88
C LEU BB 9 14.19 -68.08 111.41
N ASP BB 10 14.77 -68.88 110.52
CA ASP BB 10 15.55 -70.05 110.91
C ASP BB 10 16.62 -69.68 111.91
N ASP BB 11 17.49 -68.74 111.52
CA ASP BB 11 18.54 -68.24 112.39
C ASP BB 11 18.01 -67.84 113.76
N VAL BB 12 16.94 -67.05 113.79
CA VAL BB 12 16.40 -66.60 115.06
C VAL BB 12 15.92 -67.79 115.90
N SER BB 13 15.27 -68.77 115.29
CA SER BB 13 14.87 -69.95 116.06
C SER BB 13 16.07 -70.75 116.55
N ALA BB 14 17.08 -70.91 115.72
CA ALA BB 14 18.24 -71.68 116.14
C ALA BB 14 19.05 -70.96 117.22
N LYS BB 15 18.92 -69.65 117.36
CA LYS BB 15 19.52 -69.02 118.53
C LYS BB 15 19.01 -69.66 119.81
N PHE BB 16 17.68 -69.77 119.94
CA PHE BB 16 17.09 -70.43 121.10
C PHE BB 16 17.51 -71.89 121.19
N ASP BB 17 17.47 -72.61 120.07
CA ASP BB 17 17.83 -74.03 120.16
C ASP BB 17 19.27 -74.25 120.60
N THR BB 18 20.22 -73.43 120.17
CA THR BB 18 21.58 -73.50 120.72
C THR BB 18 21.67 -72.90 122.10
N GLY BB 19 20.70 -72.10 122.50
CA GLY BB 19 20.68 -71.54 123.84
C GLY BB 19 20.35 -72.56 124.91
N VAL BB 20 19.31 -73.33 124.69
CA VAL BB 20 18.95 -74.41 125.64
C VAL BB 20 19.72 -75.65 125.18
N ASP BB 21 20.97 -75.73 125.62
CA ASP BB 21 21.91 -76.78 125.23
C ASP BB 21 21.34 -78.18 125.26
N ASN BB 22 20.75 -78.58 126.39
CA ASN BB 22 20.32 -79.96 126.57
C ASN BB 22 18.94 -80.09 127.18
N LEU BB 23 18.20 -79.00 127.36
CA LEU BB 23 16.93 -79.07 128.04
C LEU BB 23 16.00 -80.07 127.37
N GLN BB 24 16.03 -80.13 126.05
CA GLN BB 24 15.20 -81.09 125.34
C GLN BB 24 15.43 -82.52 125.82
N THR BB 25 16.69 -82.87 126.11
CA THR BB 25 16.95 -84.20 126.65
C THR BB 25 16.69 -84.31 128.15
N GLN BB 26 16.98 -83.24 128.89
CA GLN BB 26 16.76 -83.28 130.33
C GLN BB 26 15.30 -83.48 130.69
N VAL BB 27 14.39 -82.89 129.92
CA VAL BB 27 12.97 -83.14 130.13
C VAL BB 27 12.65 -84.61 129.85
N THR BB 28 13.16 -85.13 128.75
CA THR BB 28 12.83 -86.49 128.34
C THR BB 28 13.25 -87.49 129.40
N GLU BB 29 14.49 -87.39 129.86
CA GLU BB 29 14.99 -88.33 130.86
C GLU BB 29 14.35 -88.15 132.23
N ALA BB 30 14.12 -86.90 132.66
CA ALA BB 30 13.46 -86.71 133.95
C ALA BB 30 12.04 -87.25 133.93
N LEU BB 31 11.34 -87.15 132.80
CA LEU BB 31 10.02 -87.76 132.70
C LEU BB 31 10.07 -89.26 132.92
N ASP BB 32 11.04 -89.96 132.33
CA ASP BB 32 11.14 -91.39 132.52
C ASP BB 32 11.50 -91.76 133.95
N LYS BB 33 12.45 -91.03 134.53
CA LYS BB 33 12.79 -91.26 135.93
C LYS BB 33 11.56 -91.13 136.83
N LEU BB 34 10.79 -90.06 136.65
CA LEU BB 34 9.58 -89.89 137.45
C LEU BB 34 8.57 -91.00 137.17
N ALA BB 35 8.36 -91.33 135.90
CA ALA BB 35 7.39 -92.36 135.56
C ALA BB 35 7.73 -93.70 136.19
N ALA BB 36 9.01 -93.95 136.44
CA ALA BB 36 9.38 -95.18 137.13
C ALA BB 36 8.91 -95.18 138.58
N LYS BB 37 8.79 -94.01 139.21
CA LYS BB 37 8.45 -93.93 140.63
C LYS BB 37 7.72 -92.61 140.89
N PRO BB 38 6.47 -92.51 140.43
CA PRO BB 38 5.70 -91.27 140.58
C PRO BB 38 5.58 -90.73 141.99
N SER BB 39 5.82 -91.53 143.02
CA SER BB 39 5.55 -91.13 144.40
C SER BB 39 6.78 -90.60 145.14
N ASP BB 40 7.75 -90.03 144.44
CA ASP BB 40 8.97 -89.52 145.07
C ASP BB 40 9.04 -88.00 144.98
N PRO BB 41 9.00 -87.30 146.12
CA PRO BB 41 9.08 -85.83 146.07
C PRO BB 41 10.33 -85.29 145.41
N ALA BB 42 11.46 -85.97 145.55
CA ALA BB 42 12.69 -85.51 144.94
C ALA BB 42 12.73 -85.71 143.43
N LEU BB 43 11.84 -86.53 142.89
CA LEU BB 43 11.63 -86.57 141.45
C LEU BB 43 10.63 -85.51 141.01
N LEU BB 44 9.52 -85.42 141.74
CA LEU BB 44 8.47 -84.46 141.41
C LEU BB 44 8.99 -83.02 141.37
N ALA BB 45 9.72 -82.60 142.40
CA ALA BB 45 10.20 -81.23 142.44
C ALA BB 45 11.21 -80.91 141.34
N ALA BB 46 11.92 -81.92 140.83
CA ALA BB 46 12.77 -81.71 139.66
C ALA BB 46 11.94 -81.55 138.40
N TYR BB 47 11.01 -82.47 138.19
CA TYR BB 47 10.24 -82.47 136.95
C TYR BB 47 9.41 -81.21 136.81
N GLN BB 48 8.79 -80.73 137.89
CA GLN BB 48 8.06 -79.47 137.82
C GLN BB 48 8.91 -78.34 137.27
N SER BB 49 10.17 -78.29 137.67
CA SER BB 49 11.07 -77.24 137.20
C SER BB 49 11.36 -77.39 135.72
N LYS BB 50 11.83 -78.55 135.32
CA LYS BB 50 12.23 -78.69 133.93
C LYS BB 50 11.06 -78.55 132.97
N LEU BB 51 9.87 -79.01 133.36
CA LEU BB 51 8.69 -78.77 132.54
C LEU BB 51 8.35 -77.29 132.42
N SER BB 52 8.46 -76.53 133.52
CA SER BB 52 8.21 -75.09 133.41
C SER BB 52 9.22 -74.39 132.51
N GLU BB 53 10.50 -74.70 132.67
CA GLU BB 53 11.51 -74.09 131.81
C GLU BB 53 11.27 -74.43 130.33
N TYR BB 54 10.80 -75.64 130.06
CA TYR BB 54 10.49 -76.01 128.69
C TYR BB 54 9.30 -75.25 128.13
N ASN BB 55 8.25 -75.11 128.92
CA ASN BB 55 7.09 -74.32 128.50
C ASN BB 55 7.47 -72.88 128.16
N LEU BB 56 8.22 -72.22 129.03
CA LEU BB 56 8.63 -70.84 128.74
C LEU BB 56 9.59 -70.73 127.55
N TYR BB 57 10.45 -71.71 127.36
CA TYR BB 57 11.28 -71.74 126.15
C TYR BB 57 10.43 -71.78 124.89
N ARG BB 58 9.50 -72.71 124.81
CA ARG BB 58 8.70 -72.81 123.59
C ARG BB 58 7.86 -71.55 123.35
N ASN BB 59 7.32 -70.94 124.40
CA ASN BB 59 6.50 -69.75 124.17
C ASN BB 59 7.32 -68.55 123.70
N ALA BB 60 8.50 -68.33 124.27
CA ALA BB 60 9.32 -67.23 123.79
C ALA BB 60 9.75 -67.44 122.35
N GLN BB 61 10.12 -68.68 122.01
CA GLN BB 61 10.53 -68.94 120.64
C GLN BB 61 9.39 -68.68 119.67
N SER BB 62 8.21 -69.22 119.95
CA SER BB 62 7.15 -69.12 118.96
C SER BB 62 6.59 -67.70 118.83
N ASN BB 63 6.61 -66.87 119.87
CA ASN BB 63 6.20 -65.48 119.67
C ASN BB 63 7.23 -64.63 118.90
N THR BB 64 8.52 -64.87 119.11
CA THR BB 64 9.48 -63.99 118.43
C THR BB 64 9.39 -64.12 116.91
N VAL BB 65 9.21 -65.34 116.42
CA VAL BB 65 9.16 -65.55 114.98
C VAL BB 65 7.97 -64.83 114.35
N LYS BB 66 6.84 -64.80 115.05
CA LYS BB 66 5.71 -64.05 114.52
C LYS BB 66 5.99 -62.56 114.45
N VAL BB 67 6.62 -62.01 115.48
CA VAL BB 67 6.87 -60.56 115.43
C VAL BB 67 7.82 -60.20 114.31
N PHE BB 68 8.83 -61.04 114.07
CA PHE BB 68 9.70 -60.79 112.92
C PHE BB 68 9.04 -61.04 111.58
N LYS BB 69 8.05 -61.93 111.49
CA LYS BB 69 7.30 -62.02 110.25
C LYS BB 69 6.53 -60.73 109.98
N ASP BB 70 5.88 -60.19 111.01
CA ASP BB 70 5.11 -58.97 110.81
C ASP BB 70 5.98 -57.82 110.32
N ILE BB 71 7.15 -57.66 110.94
CA ILE BB 71 8.00 -56.54 110.55
C ILE BB 71 8.47 -56.61 109.11
N ASP BB 72 8.51 -57.80 108.51
CA ASP BB 72 8.85 -57.93 107.10
C ASP BB 72 7.66 -57.73 106.18
N ALA BB 73 6.54 -58.35 106.53
CA ALA BB 73 5.36 -58.19 105.69
C ALA BB 73 4.98 -56.73 105.54
N ALA BB 74 5.01 -55.97 106.64
CA ALA BB 74 4.67 -54.56 106.55
C ALA BB 74 5.63 -53.76 105.67
N ILE BB 75 6.85 -54.25 105.45
CA ILE BB 75 7.76 -53.60 104.51
C ILE BB 75 7.43 -53.98 103.08
N ILE BB 76 7.39 -55.28 102.80
CA ILE BB 76 7.05 -55.73 101.45
C ILE BB 76 5.79 -55.04 100.95
N GLN BB 77 4.82 -54.83 101.82
CA GLN BB 77 3.59 -54.16 101.41
C GLN BB 77 3.82 -52.82 100.70
N ASN BB 78 4.96 -52.17 100.90
CA ASN BB 78 5.21 -50.87 100.26
C ASN BB 78 5.97 -50.95 98.95
N PHE BB 79 6.45 -52.12 98.52
CA PHE BB 79 7.06 -52.17 97.20
C PHE BB 79 6.06 -51.74 96.14
N ARG BB 80 4.90 -52.38 96.12
CA ARG BB 80 3.84 -52.03 95.19
C ARG BB 80 3.17 -50.71 95.55
N PRO CB 4 24.74 -44.68 125.06
CA PRO CB 4 23.63 -45.64 125.12
C PRO CB 4 22.36 -45.06 124.55
N TRP CB 5 22.00 -45.39 123.32
CA TRP CB 5 20.77 -44.87 122.76
C TRP CB 5 19.57 -45.47 123.48
N SER CB 6 18.65 -44.61 123.92
CA SER CB 6 17.45 -45.01 124.62
C SER CB 6 16.25 -44.39 123.92
N GLY CB 7 15.24 -45.20 123.62
CA GLY CB 7 14.05 -44.70 122.97
C GLY CB 7 13.03 -44.19 123.97
N TYR CB 8 11.95 -43.64 123.42
CA TYR CB 8 10.89 -43.15 124.28
C TYR CB 8 10.28 -44.26 125.11
N LEU CB 9 10.29 -45.48 124.60
CA LEU CB 9 9.77 -46.60 125.38
C LEU CB 9 10.74 -46.96 126.50
N ASP CB 10 12.03 -46.96 126.18
CA ASP CB 10 13.06 -47.15 127.18
C ASP CB 10 12.91 -46.18 128.34
N ASP CB 11 12.67 -44.91 128.04
CA ASP CB 11 12.53 -43.92 129.12
C ASP CB 11 11.37 -44.23 130.05
N VAL CB 12 10.31 -44.82 129.52
CA VAL CB 12 9.16 -45.16 130.36
C VAL CB 12 9.45 -46.42 131.16
N SER CB 13 10.10 -47.40 130.53
CA SER CB 13 10.48 -48.61 131.24
C SER CB 13 11.41 -48.27 132.40
N ALA CB 14 12.50 -47.56 132.11
CA ALA CB 14 13.46 -47.16 133.15
C ALA CB 14 12.82 -46.32 134.25
N LYS CB 15 11.79 -45.52 133.92
CA LYS CB 15 11.13 -44.78 134.99
C LYS CB 15 10.79 -45.68 136.18
N PHE CB 16 10.09 -46.80 135.93
CA PHE CB 16 9.75 -47.71 137.02
C PHE CB 16 10.97 -48.22 137.77
N ASP CB 17 12.02 -48.57 137.04
CA ASP CB 17 13.26 -49.00 137.68
C ASP CB 17 13.79 -47.97 138.66
N THR CB 18 13.76 -46.70 138.30
CA THR CB 18 14.19 -45.68 139.25
C THR CB 18 13.15 -45.42 140.32
N GLY CB 19 11.90 -45.74 140.05
CA GLY CB 19 10.85 -45.56 141.04
C GLY CB 19 10.99 -46.50 142.22
N VAL CB 20 11.27 -47.77 141.95
CA VAL CB 20 11.53 -48.75 143.00
C VAL CB 20 13.02 -48.73 143.36
N ASP CB 21 13.34 -48.02 144.44
CA ASP CB 21 14.72 -47.80 144.84
C ASP CB 21 15.56 -49.07 144.87
N ASN CB 22 15.07 -50.12 145.53
CA ASN CB 22 15.91 -51.29 145.74
C ASN CB 22 15.19 -52.63 145.75
N LEU CB 23 13.89 -52.67 145.44
CA LEU CB 23 13.14 -53.92 145.47
C LEU CB 23 13.91 -55.05 144.79
N GLN CB 24 14.58 -54.73 143.69
CA GLN CB 24 15.37 -55.72 142.97
C GLN CB 24 16.32 -56.49 143.87
N THR CB 25 16.93 -55.82 144.85
CA THR CB 25 17.82 -56.49 145.79
C THR CB 25 17.12 -56.95 147.06
N GLN CB 26 16.25 -56.10 147.61
CA GLN CB 26 15.48 -56.48 148.79
C GLN CB 26 14.87 -57.87 148.64
N VAL CB 27 14.28 -58.16 147.48
CA VAL CB 27 13.72 -59.49 147.22
C VAL CB 27 14.77 -60.58 147.38
N THR CB 28 15.95 -60.36 146.80
CA THR CB 28 17.04 -61.34 146.90
C THR CB 28 17.44 -61.58 148.35
N GLU CB 29 17.66 -60.51 149.09
CA GLU CB 29 18.01 -60.63 150.50
C GLU CB 29 16.94 -61.40 151.27
N ALA CB 30 15.68 -60.96 151.19
CA ALA CB 30 14.59 -61.67 151.84
C ALA CB 30 14.59 -63.15 151.49
N LEU CB 31 14.74 -63.47 150.21
CA LEU CB 31 14.81 -64.87 149.79
C LEU CB 31 15.93 -65.63 150.49
N ASP CB 32 17.15 -65.09 150.47
CA ASP CB 32 18.25 -65.79 151.12
C ASP CB 32 18.01 -65.99 152.62
N LYS CB 33 17.52 -64.95 153.30
CA LYS CB 33 17.18 -65.12 154.70
C LYS CB 33 16.19 -66.25 154.91
N LEU CB 34 15.07 -66.22 154.20
CA LEU CB 34 14.08 -67.28 154.37
C LEU CB 34 14.63 -68.65 154.00
N ALA CB 35 15.40 -68.74 152.93
CA ALA CB 35 16.00 -70.02 152.56
C ALA CB 35 16.94 -70.53 153.63
N ALA CB 36 17.46 -69.65 154.47
CA ALA CB 36 18.29 -70.14 155.58
C ALA CB 36 17.47 -70.94 156.57
N LYS CB 37 16.29 -70.44 156.95
CA LYS CB 37 15.39 -71.13 157.89
C LYS CB 37 13.94 -71.04 157.41
N PRO CB 38 13.54 -71.92 156.49
CA PRO CB 38 12.19 -71.87 155.92
C PRO CB 38 11.03 -71.82 156.89
N SER CB 39 11.22 -72.21 158.15
CA SER CB 39 10.13 -72.32 159.10
C SER CB 39 9.98 -71.13 160.05
N ASP CB 40 10.72 -70.05 159.85
CA ASP CB 40 10.47 -68.87 160.67
C ASP CB 40 9.34 -68.01 160.12
N PRO CB 41 8.29 -67.74 160.91
CA PRO CB 41 7.15 -66.98 160.39
C PRO CB 41 7.47 -65.53 160.09
N ALA CB 42 8.46 -64.93 160.74
CA ALA CB 42 8.79 -63.54 160.43
C ALA CB 42 9.40 -63.45 159.04
N LEU CB 43 10.27 -64.40 158.72
CA LEU CB 43 10.86 -64.48 157.41
C LEU CB 43 9.78 -64.70 156.36
N LEU CB 44 8.91 -65.69 156.61
CA LEU CB 44 7.83 -65.96 155.68
C LEU CB 44 6.95 -64.74 155.43
N ALA CB 45 6.50 -64.08 156.50
CA ALA CB 45 5.63 -62.92 156.35
C ALA CB 45 6.29 -61.78 155.60
N ALA CB 46 7.59 -61.56 155.81
CA ALA CB 46 8.28 -60.52 155.04
C ALA CB 46 8.38 -60.89 153.57
N TYR CB 47 8.80 -62.13 153.32
CA TYR CB 47 9.03 -62.56 151.94
C TYR CB 47 7.76 -62.51 151.12
N GLN CB 48 6.63 -62.93 151.69
CA GLN CB 48 5.37 -62.85 150.96
C GLN CB 48 5.11 -61.43 150.45
N SER CB 49 5.36 -60.43 151.28
CA SER CB 49 5.21 -59.04 150.89
C SER CB 49 6.11 -58.68 149.73
N LYS CB 50 7.42 -58.85 149.91
CA LYS CB 50 8.34 -58.52 148.84
C LYS CB 50 7.97 -59.20 147.53
N LEU CB 51 7.67 -60.49 147.57
CA LEU CB 51 7.33 -61.20 146.34
C LEU CB 51 6.10 -60.63 145.66
N SER CB 52 5.10 -60.21 146.45
CA SER CB 52 3.92 -59.62 145.84
C SER CB 52 4.23 -58.26 145.20
N GLU CB 53 5.07 -57.48 145.85
CA GLU CB 53 5.48 -56.20 145.29
C GLU CB 53 6.21 -56.38 143.97
N TYR CB 54 7.15 -57.33 143.92
CA TYR CB 54 7.84 -57.62 142.67
C TYR CB 54 6.86 -58.00 141.57
N ASN CB 55 5.90 -58.87 141.91
CA ASN CB 55 4.87 -59.26 140.96
C ASN CB 55 4.16 -58.07 140.34
N LEU CB 56 3.53 -57.23 141.17
CA LEU CB 56 2.75 -56.13 140.61
C LEU CB 56 3.62 -55.09 139.91
N TYR CB 57 4.87 -54.95 140.33
CA TYR CB 57 5.81 -54.09 139.63
C TYR CB 57 6.02 -54.53 138.20
N ARG CB 58 6.44 -55.78 138.01
CA ARG CB 58 6.65 -56.29 136.65
C ARG CB 58 5.39 -56.27 135.80
N ASN CB 59 4.22 -56.50 136.39
CA ASN CB 59 3.01 -56.43 135.59
C ASN CB 59 2.72 -55.03 135.07
N ALA CB 60 2.69 -54.03 135.95
CA ALA CB 60 2.42 -52.68 135.45
C ALA CB 60 3.48 -52.24 134.44
N GLN CB 61 4.73 -52.61 134.70
CA GLN CB 61 5.81 -52.29 133.76
C GLN CB 61 5.54 -52.84 132.38
N SER CB 62 5.01 -54.05 132.29
CA SER CB 62 4.89 -54.65 130.96
C SER CB 62 3.54 -54.45 130.32
N ASN CB 63 2.55 -53.92 131.04
CA ASN CB 63 1.33 -53.53 130.35
C ASN CB 63 1.46 -52.14 129.74
N THR CB 64 2.03 -51.19 130.47
CA THR CB 64 2.07 -49.82 129.97
C THR CB 64 2.79 -49.73 128.63
N VAL CB 65 3.92 -50.45 128.51
CA VAL CB 65 4.71 -50.40 127.29
C VAL CB 65 3.91 -50.87 126.09
N LYS CB 66 3.07 -51.88 126.27
CA LYS CB 66 2.24 -52.30 125.15
C LYS CB 66 1.22 -51.25 124.80
N VAL CB 67 0.60 -50.63 125.79
CA VAL CB 67 -0.44 -49.64 125.43
C VAL CB 67 0.16 -48.49 124.64
N PHE CB 68 1.37 -48.06 124.99
CA PHE CB 68 1.99 -47.01 124.19
C PHE CB 68 2.42 -47.47 122.81
N LYS CB 69 3.02 -48.67 122.71
CA LYS CB 69 3.38 -49.16 121.38
C LYS CB 69 2.14 -49.24 120.50
N ASP CB 70 0.99 -49.61 121.07
CA ASP CB 70 -0.24 -49.68 120.30
C ASP CB 70 -0.77 -48.31 119.92
N ILE CB 71 -0.41 -47.26 120.65
CA ILE CB 71 -0.77 -45.93 120.20
C ILE CB 71 0.09 -45.54 119.00
N ASP CB 72 1.41 -45.66 119.17
CA ASP CB 72 2.29 -45.18 118.11
C ASP CB 72 2.05 -45.95 116.81
N ALA CB 73 1.84 -47.26 116.90
CA ALA CB 73 1.53 -48.04 115.70
C ALA CB 73 0.34 -47.46 114.94
N ALA CB 74 -0.71 -47.10 115.67
CA ALA CB 74 -1.92 -46.56 115.08
C ALA CB 74 -1.68 -45.22 114.42
N ILE CB 75 -0.82 -44.40 114.98
CA ILE CB 75 -0.53 -43.13 114.31
C ILE CB 75 0.35 -43.36 113.09
N ILE CB 76 1.40 -44.16 113.22
CA ILE CB 76 2.37 -44.32 112.14
C ILE CB 76 1.70 -44.94 110.92
N GLN CB 77 0.76 -45.85 111.13
CA GLN CB 77 0.06 -46.43 109.99
C GLN CB 77 -0.62 -45.38 109.15
N ASN CB 78 -1.06 -44.31 109.76
CA ASN CB 78 -1.85 -43.31 109.07
C ASN CB 78 -1.05 -42.45 108.11
N PHE CB 79 0.26 -42.65 107.97
CA PHE CB 79 0.99 -41.89 106.96
C PHE CB 79 0.64 -42.33 105.55
N ARG CB 80 0.36 -43.62 105.37
CA ARG CB 80 0.04 -44.16 104.05
C ARG CB 80 -1.23 -43.54 103.48
N THR DB 3 -7.29 -24.76 136.96
CA THR DB 3 -8.44 -25.63 136.84
C THR DB 3 -8.06 -26.90 136.06
N PRO DB 4 -8.06 -28.06 136.72
CA PRO DB 4 -7.72 -29.28 136.00
C PRO DB 4 -8.81 -29.68 135.02
N TRP DB 5 -8.39 -30.22 133.89
CA TRP DB 5 -9.32 -30.70 132.87
C TRP DB 5 -9.78 -32.12 133.21
N SER DB 6 -11.04 -32.41 132.90
CA SER DB 6 -11.58 -33.73 133.17
C SER DB 6 -12.36 -34.18 131.94
N GLY DB 7 -12.06 -35.40 131.48
CA GLY DB 7 -12.82 -36.03 130.44
C GLY DB 7 -14.12 -36.67 130.88
N TYR DB 8 -14.73 -37.36 129.91
CA TYR DB 8 -15.93 -38.14 130.14
C TYR DB 8 -15.62 -39.32 131.05
N LEU DB 9 -14.58 -40.07 130.72
CA LEU DB 9 -14.23 -41.21 131.58
C LEU DB 9 -13.79 -40.72 132.95
N ASP DB 10 -13.13 -39.57 133.01
CA ASP DB 10 -12.80 -38.98 134.31
C ASP DB 10 -14.05 -38.77 135.15
N ASP DB 11 -15.12 -38.25 134.54
CA ASP DB 11 -16.33 -38.01 135.31
C ASP DB 11 -17.06 -39.32 135.63
N VAL DB 12 -17.03 -40.28 134.72
CA VAL DB 12 -17.61 -41.59 135.02
C VAL DB 12 -16.94 -42.20 136.24
N SER DB 13 -15.62 -42.22 136.24
CA SER DB 13 -14.87 -42.71 137.39
C SER DB 13 -15.22 -41.96 138.68
N ALA DB 14 -15.08 -40.63 138.66
CA ALA DB 14 -15.38 -39.81 139.83
C ALA DB 14 -16.79 -40.04 140.38
N LYS DB 15 -17.77 -40.27 139.51
CA LYS DB 15 -19.11 -40.53 139.99
C LYS DB 15 -19.16 -41.57 141.10
N PHE DB 16 -18.52 -42.72 140.92
CA PHE DB 16 -18.45 -43.71 142.01
C PHE DB 16 -17.92 -43.11 143.30
N ASP DB 17 -16.83 -42.33 143.21
CA ASP DB 17 -16.26 -41.70 144.39
C ASP DB 17 -17.21 -40.72 145.04
N THR DB 18 -18.21 -40.24 144.32
CA THR DB 18 -19.19 -39.40 144.97
C THR DB 18 -20.34 -40.24 145.49
N GLY DB 19 -20.60 -41.37 144.84
CA GLY DB 19 -21.67 -42.24 145.30
C GLY DB 19 -21.36 -42.81 146.66
N VAL DB 20 -20.08 -43.05 146.94
CA VAL DB 20 -19.64 -43.52 148.25
C VAL DB 20 -18.98 -42.32 148.94
N ASP DB 21 -19.50 -41.97 150.11
CA ASP DB 21 -19.08 -40.74 150.78
C ASP DB 21 -17.69 -40.83 151.38
N ASN DB 22 -17.42 -41.87 152.19
CA ASN DB 22 -16.18 -41.91 152.94
C ASN DB 22 -15.56 -43.29 153.07
N LEU DB 23 -16.04 -44.27 152.32
CA LEU DB 23 -15.55 -45.64 152.48
C LEU DB 23 -14.03 -45.71 152.53
N GLN DB 24 -13.35 -44.89 151.74
CA GLN DB 24 -11.89 -44.91 151.76
C GLN DB 24 -11.32 -44.64 153.15
N THR DB 25 -11.91 -43.71 153.89
CA THR DB 25 -11.48 -43.45 155.27
C THR DB 25 -12.02 -44.48 156.26
N GLN DB 26 -13.30 -44.80 156.15
CA GLN DB 26 -13.89 -45.82 157.04
C GLN DB 26 -13.06 -47.09 157.07
N VAL DB 27 -12.68 -47.61 155.90
CA VAL DB 27 -11.87 -48.82 155.85
C VAL DB 27 -10.51 -48.60 156.50
N THR DB 28 -9.89 -47.45 156.26
CA THR DB 28 -8.59 -47.15 156.85
C THR DB 28 -8.65 -47.19 158.37
N GLU DB 29 -9.66 -46.56 158.95
CA GLU DB 29 -9.76 -46.51 160.40
C GLU DB 29 -10.17 -47.85 161.00
N ALA DB 30 -11.10 -48.55 160.36
CA ALA DB 30 -11.43 -49.89 160.81
C ALA DB 30 -10.19 -50.76 160.86
N LEU DB 31 -9.40 -50.78 159.79
CA LEU DB 31 -8.13 -51.48 159.80
C LEU DB 31 -7.22 -51.03 160.95
N ASP DB 32 -7.08 -49.73 161.13
CA ASP DB 32 -6.20 -49.22 162.19
C ASP DB 32 -6.57 -49.76 163.57
N LYS DB 33 -7.85 -49.68 163.94
CA LYS DB 33 -8.25 -50.18 165.25
C LYS DB 33 -8.21 -51.71 165.33
N LEU DB 34 -8.63 -52.40 164.27
CA LEU DB 34 -8.51 -53.85 164.28
C LEU DB 34 -7.06 -54.27 164.51
N ALA DB 35 -6.12 -53.55 163.91
CA ALA DB 35 -4.71 -53.81 164.19
C ALA DB 35 -4.36 -53.47 165.62
N ALA DB 36 -5.05 -52.48 166.19
CA ALA DB 36 -4.82 -52.15 167.59
C ALA DB 36 -5.23 -53.28 168.51
N LYS DB 37 -6.24 -54.07 168.13
CA LYS DB 37 -6.76 -55.15 168.98
C LYS DB 37 -7.24 -56.29 168.09
N PRO DB 38 -6.31 -57.05 167.50
CA PRO DB 38 -6.66 -58.02 166.45
C PRO DB 38 -7.62 -59.13 166.85
N SER DB 39 -7.88 -59.35 168.13
CA SER DB 39 -8.61 -60.53 168.59
C SER DB 39 -10.01 -60.21 169.07
N ASP DB 40 -10.66 -59.18 168.54
CA ASP DB 40 -12.02 -58.86 168.92
C ASP DB 40 -13.04 -59.13 167.82
N PRO DB 41 -14.00 -60.02 168.07
CA PRO DB 41 -14.95 -60.37 167.00
C PRO DB 41 -15.82 -59.20 166.61
N ALA DB 42 -16.06 -58.24 167.50
CA ALA DB 42 -16.94 -57.13 167.16
C ALA DB 42 -16.26 -56.22 166.15
N LEU DB 43 -14.93 -56.20 166.16
CA LEU DB 43 -14.14 -55.48 165.18
C LEU DB 43 -14.08 -56.26 163.89
N LEU DB 44 -13.74 -57.54 164.00
CA LEU DB 44 -13.60 -58.39 162.82
C LEU DB 44 -14.87 -58.43 161.98
N ALA DB 45 -16.02 -58.63 162.63
CA ALA DB 45 -17.27 -58.73 161.87
C ALA DB 45 -17.58 -57.47 161.08
N ALA DB 46 -17.12 -56.31 161.57
CA ALA DB 46 -17.30 -55.07 160.84
C ALA DB 46 -16.30 -54.96 159.69
N TYR DB 47 -15.02 -55.17 159.99
CA TYR DB 47 -13.99 -55.02 158.98
C TYR DB 47 -14.21 -55.96 157.80
N GLN DB 48 -14.68 -57.18 158.05
CA GLN DB 48 -15.04 -58.06 156.94
C GLN DB 48 -15.95 -57.36 155.95
N SER DB 49 -17.01 -56.72 156.46
CA SER DB 49 -17.98 -56.05 155.62
C SER DB 49 -17.37 -54.87 154.88
N LYS DB 50 -16.74 -53.97 155.61
CA LYS DB 50 -16.14 -52.81 154.97
C LYS DB 50 -15.17 -53.20 153.86
N LEU DB 51 -14.28 -54.14 154.13
CA LEU DB 51 -13.32 -54.53 153.10
C LEU DB 51 -13.99 -55.19 151.90
N SER DB 52 -14.99 -56.05 152.13
CA SER DB 52 -15.73 -56.62 150.99
C SER DB 52 -16.36 -55.53 150.12
N GLU DB 53 -17.06 -54.61 150.76
CA GLU DB 53 -17.68 -53.49 150.06
C GLU DB 53 -16.68 -52.72 149.21
N TYR DB 54 -15.54 -52.36 149.79
CA TYR DB 54 -14.53 -51.63 149.04
C TYR DB 54 -13.99 -52.42 147.86
N ASN DB 55 -13.77 -53.72 148.04
CA ASN DB 55 -13.32 -54.55 146.93
C ASN DB 55 -14.29 -54.48 145.75
N LEU DB 56 -15.57 -54.76 146.01
CA LEU DB 56 -16.58 -54.69 144.96
C LEU DB 56 -16.61 -53.33 144.28
N TYR DB 57 -16.77 -52.28 145.07
CA TYR DB 57 -16.68 -50.92 144.58
C TYR DB 57 -15.59 -50.70 143.53
N ARG DB 58 -14.32 -50.89 143.92
CA ARG DB 58 -13.24 -50.62 142.98
C ARG DB 58 -13.31 -51.49 141.74
N ASN DB 59 -13.72 -52.75 141.88
CA ASN DB 59 -13.80 -53.61 140.70
C ASN DB 59 -14.81 -53.09 139.69
N ALA DB 60 -16.05 -52.89 140.13
CA ALA DB 60 -17.09 -52.38 139.25
C ALA DB 60 -16.70 -51.08 138.58
N GLN DB 61 -16.04 -50.19 139.33
CA GLN DB 61 -15.54 -48.95 138.75
C GLN DB 61 -14.65 -49.19 137.53
N SER DB 62 -13.56 -49.93 137.73
CA SER DB 62 -12.61 -50.11 136.63
C SER DB 62 -13.24 -50.84 135.44
N ASN DB 63 -14.12 -51.80 135.68
CA ASN DB 63 -14.70 -52.50 134.54
C ASN DB 63 -15.63 -51.59 133.74
N THR DB 64 -16.42 -50.76 134.41
CA THR DB 64 -17.25 -49.80 133.68
C THR DB 64 -16.39 -48.89 132.80
N VAL DB 65 -15.31 -48.38 133.37
CA VAL DB 65 -14.40 -47.54 132.58
C VAL DB 65 -13.96 -48.24 131.30
N LYS DB 66 -13.52 -49.49 131.41
CA LYS DB 66 -13.07 -50.18 130.20
C LYS DB 66 -14.19 -50.37 129.18
N VAL DB 67 -15.39 -50.70 129.63
CA VAL DB 67 -16.47 -50.90 128.66
C VAL DB 67 -16.72 -49.63 127.86
N PHE DB 68 -16.78 -48.48 128.54
CA PHE DB 68 -16.96 -47.24 127.78
C PHE DB 68 -15.77 -46.91 126.90
N LYS DB 69 -14.56 -47.29 127.30
CA LYS DB 69 -13.42 -47.01 126.43
C LYS DB 69 -13.53 -47.77 125.12
N ASP DB 70 -13.93 -49.04 125.17
CA ASP DB 70 -14.03 -49.79 123.92
C ASP DB 70 -15.25 -49.39 123.09
N ILE DB 71 -16.32 -48.90 123.73
CA ILE DB 71 -17.39 -48.32 122.93
C ILE DB 71 -16.90 -47.08 122.17
N ASP DB 72 -16.07 -46.26 122.80
CA ASP DB 72 -15.57 -45.09 122.07
C ASP DB 72 -14.66 -45.50 120.93
N ALA DB 73 -13.71 -46.39 121.21
CA ALA DB 73 -12.74 -46.78 120.20
C ALA DB 73 -13.41 -47.36 118.96
N ALA DB 74 -14.49 -48.13 119.14
CA ALA DB 74 -15.17 -48.71 117.99
C ALA DB 74 -15.76 -47.63 117.07
N ILE DB 75 -16.29 -46.55 117.62
CA ILE DB 75 -16.82 -45.48 116.77
C ILE DB 75 -15.70 -44.68 116.13
N ILE DB 76 -14.63 -44.40 116.88
CA ILE DB 76 -13.54 -43.61 116.33
C ILE DB 76 -12.91 -44.33 115.15
N GLN DB 77 -12.83 -45.65 115.21
CA GLN DB 77 -12.21 -46.39 114.11
C GLN DB 77 -12.97 -46.26 112.80
N ASN DB 78 -14.26 -45.96 112.83
CA ASN DB 78 -15.03 -45.79 111.59
C ASN DB 78 -14.93 -44.41 110.95
N PHE DB 79 -14.18 -43.45 111.49
CA PHE DB 79 -14.02 -42.19 110.77
C PHE DB 79 -13.25 -42.40 109.47
N ARG DB 80 -12.26 -43.28 109.49
CA ARG DB 80 -11.49 -43.57 108.30
C ARG DB 80 -12.38 -44.23 107.27
N THR EB 3 -44.11 -44.54 128.77
CA THR EB 3 -44.05 -45.98 128.55
C THR EB 3 -42.62 -46.50 128.63
N PRO EB 4 -42.42 -47.65 129.28
CA PRO EB 4 -41.06 -48.18 129.38
C PRO EB 4 -40.63 -48.81 128.06
N TRP EB 5 -39.36 -48.66 127.73
CA TRP EB 5 -38.79 -49.24 126.53
C TRP EB 5 -37.88 -50.39 126.92
N SER EB 6 -38.06 -51.52 126.26
CA SER EB 6 -37.25 -52.71 126.53
C SER EB 6 -36.67 -53.25 125.23
N GLY EB 7 -35.45 -53.75 125.32
CA GLY EB 7 -34.84 -54.48 124.23
C GLY EB 7 -35.12 -55.96 124.31
N TYR EB 8 -34.34 -56.72 123.54
CA TYR EB 8 -34.41 -58.17 123.60
C TYR EB 8 -33.77 -58.70 124.89
N LEU EB 9 -32.58 -58.19 125.21
CA LEU EB 9 -31.85 -58.70 126.36
C LEU EB 9 -32.62 -58.50 127.65
N ASP EB 10 -33.21 -57.33 127.85
CA ASP EB 10 -33.99 -57.12 129.06
C ASP EB 10 -35.34 -57.81 129.02
N ASP EB 11 -35.75 -58.34 127.87
CA ASP EB 11 -36.92 -59.19 127.83
C ASP EB 11 -36.56 -60.57 128.36
N VAL EB 12 -35.50 -61.13 127.83
CA VAL EB 12 -35.00 -62.40 128.35
C VAL EB 12 -34.73 -62.28 129.85
N SER EB 13 -34.05 -61.20 130.26
CA SER EB 13 -33.84 -60.94 131.68
C SER EB 13 -35.14 -60.95 132.47
N ALA EB 14 -36.17 -60.24 131.99
CA ALA EB 14 -37.45 -60.22 132.69
C ALA EB 14 -38.11 -61.59 132.76
N LYS EB 15 -37.87 -62.45 131.79
CA LYS EB 15 -38.44 -63.80 131.86
C LYS EB 15 -38.04 -64.52 133.15
N PHE EB 16 -36.85 -64.27 133.66
CA PHE EB 16 -36.44 -64.86 134.94
C PHE EB 16 -37.25 -64.30 136.10
N ASP EB 17 -37.28 -62.98 136.24
CA ASP EB 17 -38.00 -62.37 137.35
C ASP EB 17 -39.48 -62.72 137.34
N THR EB 18 -40.07 -62.87 136.15
CA THR EB 18 -41.46 -63.31 136.12
C THR EB 18 -41.58 -64.82 136.20
N GLY EB 19 -40.47 -65.54 136.10
CA GLY EB 19 -40.50 -66.97 136.25
C GLY EB 19 -40.58 -67.30 137.72
N VAL EB 20 -39.65 -66.74 138.49
CA VAL EB 20 -39.66 -66.95 139.94
C VAL EB 20 -40.63 -65.93 140.54
N ASP EB 21 -41.85 -66.39 140.81
CA ASP EB 21 -42.95 -65.51 141.19
C ASP EB 21 -42.65 -64.62 142.39
N ASN EB 22 -42.05 -65.16 143.45
CA ASN EB 22 -41.87 -64.37 144.65
C ASN EB 22 -40.56 -64.62 145.40
N LEU EB 23 -39.65 -65.41 144.85
CA LEU EB 23 -38.41 -65.74 145.55
C LEU EB 23 -37.74 -64.52 146.14
N GLN EB 24 -37.73 -63.40 145.42
CA GLN EB 24 -37.05 -62.23 145.92
C GLN EB 24 -37.63 -61.74 147.24
N THR EB 25 -38.93 -61.90 147.43
CA THR EB 25 -39.53 -61.52 148.71
C THR EB 25 -39.34 -62.61 149.76
N GLN EB 26 -39.51 -63.87 149.36
CA GLN EB 26 -39.36 -64.97 150.29
C GLN EB 26 -38.00 -64.97 150.96
N VAL EB 27 -36.94 -64.69 150.21
CA VAL EB 27 -35.62 -64.60 150.82
C VAL EB 27 -35.58 -63.52 151.89
N THR EB 28 -36.18 -62.37 151.60
CA THR EB 28 -36.12 -61.25 152.53
C THR EB 28 -36.94 -61.54 153.78
N GLU EB 29 -38.04 -62.26 153.64
CA GLU EB 29 -38.85 -62.56 154.82
C GLU EB 29 -38.19 -63.65 155.66
N ALA EB 30 -37.75 -64.72 155.00
CA ALA EB 30 -37.05 -65.78 155.70
C ALA EB 30 -35.91 -65.22 156.54
N LEU EB 31 -35.17 -64.25 156.00
CA LEU EB 31 -34.07 -63.70 156.79
C LEU EB 31 -34.55 -62.91 157.99
N ASP EB 32 -35.73 -62.30 157.94
CA ASP EB 32 -36.20 -61.61 159.14
C ASP EB 32 -36.69 -62.60 160.18
N LYS EB 33 -37.29 -63.70 159.73
CA LYS EB 33 -37.62 -64.79 160.66
C LYS EB 33 -36.36 -65.28 161.36
N LEU EB 34 -35.32 -65.57 160.59
CA LEU EB 34 -34.07 -66.06 161.14
C LEU EB 34 -33.45 -65.06 162.12
N ALA EB 35 -33.32 -63.80 161.71
CA ALA EB 35 -32.60 -62.83 162.54
C ALA EB 35 -33.12 -62.78 163.97
N ALA EB 36 -34.42 -62.97 164.16
CA ALA EB 36 -34.96 -62.94 165.53
C ALA EB 36 -34.63 -64.20 166.34
N LYS EB 37 -34.25 -65.29 165.69
CA LYS EB 37 -34.02 -66.56 166.40
C LYS EB 37 -32.94 -67.35 165.69
N PRO EB 38 -31.71 -66.83 165.65
CA PRO EB 38 -30.63 -67.50 164.89
C PRO EB 38 -30.35 -68.96 165.24
N SER EB 39 -30.98 -69.56 166.23
CA SER EB 39 -30.65 -70.92 166.62
C SER EB 39 -31.73 -71.94 166.31
N ASP EB 40 -32.83 -71.52 165.70
CA ASP EB 40 -33.91 -72.42 165.30
C ASP EB 40 -33.57 -73.24 164.05
N PRO EB 41 -33.42 -74.55 164.18
CA PRO EB 41 -33.01 -75.33 163.00
C PRO EB 41 -34.05 -75.33 161.89
N ALA EB 42 -35.34 -75.19 162.18
CA ALA EB 42 -36.31 -75.12 161.09
C ALA EB 42 -36.09 -73.87 160.25
N LEU EB 43 -35.65 -72.80 160.89
CA LEU EB 43 -35.35 -71.57 160.17
C LEU EB 43 -34.09 -71.74 159.35
N LEU EB 44 -33.02 -72.24 159.98
CA LEU EB 44 -31.81 -72.52 159.20
C LEU EB 44 -32.13 -73.40 157.99
N ALA EB 45 -32.86 -74.49 158.20
CA ALA EB 45 -33.16 -75.41 157.11
C ALA EB 45 -33.91 -74.73 155.97
N ALA EB 46 -34.84 -73.83 156.30
CA ALA EB 46 -35.53 -73.11 155.23
C ALA EB 46 -34.59 -72.13 154.52
N TYR EB 47 -33.95 -71.27 155.31
CA TYR EB 47 -33.05 -70.25 154.80
C TYR EB 47 -31.97 -70.79 153.87
N GLN EB 48 -31.29 -71.86 154.27
CA GLN EB 48 -30.24 -72.39 153.40
C GLN EB 48 -30.77 -72.76 152.01
N SER EB 49 -31.95 -73.37 151.96
CA SER EB 49 -32.52 -73.73 150.67
C SER EB 49 -32.85 -72.50 149.85
N LYS EB 50 -33.54 -71.54 150.46
CA LYS EB 50 -33.93 -70.35 149.72
C LYS EB 50 -32.73 -69.57 149.21
N LEU EB 51 -31.70 -69.43 150.04
CA LEU EB 51 -30.50 -68.74 149.59
C LEU EB 51 -29.81 -69.47 148.43
N SER EB 52 -29.75 -70.80 148.48
CA SER EB 52 -29.14 -71.52 147.36
C SER EB 52 -29.95 -71.35 146.08
N GLU EB 53 -31.27 -71.45 146.17
CA GLU EB 53 -32.14 -71.18 145.04
C GLU EB 53 -31.83 -69.82 144.41
N TYR EB 54 -31.79 -68.80 145.25
CA TYR EB 54 -31.49 -67.44 144.80
C TYR EB 54 -30.13 -67.34 144.11
N ASN EB 55 -29.10 -67.91 144.72
CA ASN EB 55 -27.77 -67.93 144.10
C ASN EB 55 -27.79 -68.50 142.69
N LEU EB 56 -28.35 -69.69 142.51
CA LEU EB 56 -28.41 -70.30 141.18
C LEU EB 56 -29.20 -69.46 140.19
N TYR EB 57 -30.33 -68.94 140.62
CA TYR EB 57 -31.13 -68.06 139.80
C TYR EB 57 -30.31 -66.89 139.25
N ARG EB 58 -29.67 -66.13 140.13
CA ARG EB 58 -28.85 -65.01 139.67
C ARG EB 58 -27.73 -65.44 138.73
N ASN EB 59 -27.04 -66.54 139.02
CA ASN EB 59 -25.98 -66.99 138.12
C ASN EB 59 -26.49 -67.24 136.70
N ALA EB 60 -27.43 -68.16 136.55
CA ALA EB 60 -27.98 -68.43 135.22
C ALA EB 60 -28.48 -67.16 134.53
N GLN EB 61 -29.17 -66.29 135.27
CA GLN EB 61 -29.64 -65.04 134.69
C GLN EB 61 -28.50 -64.23 134.10
N SER EB 62 -27.37 -64.17 134.78
CA SER EB 62 -26.25 -63.39 134.26
C SER EB 62 -25.62 -64.02 133.03
N ASN EB 63 -25.26 -65.29 133.09
CA ASN EB 63 -24.60 -65.92 131.94
C ASN EB 63 -25.45 -65.90 130.66
N THR EB 64 -26.76 -66.08 130.77
CA THR EB 64 -27.56 -66.04 129.54
C THR EB 64 -27.40 -64.72 128.78
N VAL EB 65 -27.39 -63.60 129.50
CA VAL EB 65 -27.28 -62.31 128.80
C VAL EB 65 -25.96 -62.20 128.07
N LYS EB 66 -24.85 -62.59 128.69
CA LYS EB 66 -23.58 -62.51 127.98
C LYS EB 66 -23.61 -63.37 126.73
N VAL EB 67 -24.19 -64.57 126.83
CA VAL EB 67 -24.25 -65.45 125.68
C VAL EB 67 -25.12 -64.92 124.55
N PHE EB 68 -26.03 -63.99 124.80
CA PHE EB 68 -26.66 -63.32 123.66
C PHE EB 68 -25.97 -62.05 123.20
N LYS EB 69 -25.32 -61.33 124.10
CA LYS EB 69 -24.51 -60.18 123.67
C LYS EB 69 -23.44 -60.61 122.70
N ASP EB 70 -22.84 -61.78 122.93
CA ASP EB 70 -21.83 -62.29 122.01
C ASP EB 70 -22.40 -62.45 120.60
N ILE EB 71 -23.51 -63.14 120.47
CA ILE EB 71 -24.05 -63.45 119.16
C ILE EB 71 -24.42 -62.17 118.41
N ASP EB 72 -24.98 -61.21 119.13
CA ASP EB 72 -25.32 -59.95 118.48
C ASP EB 72 -24.08 -59.18 118.04
N ALA EB 73 -23.09 -59.06 118.91
CA ALA EB 73 -21.88 -58.34 118.52
C ALA EB 73 -21.20 -58.99 117.32
N ALA EB 74 -21.18 -60.33 117.29
CA ALA EB 74 -20.57 -61.02 116.17
C ALA EB 74 -21.32 -60.76 114.86
N ILE EB 75 -22.64 -60.80 114.87
CA ILE EB 75 -23.36 -60.50 113.64
C ILE EB 75 -23.17 -59.06 113.21
N ILE EB 76 -23.18 -58.11 114.15
CA ILE EB 76 -22.99 -56.71 113.80
C ILE EB 76 -21.61 -56.47 113.21
N GLN EB 77 -20.61 -57.18 113.69
CA GLN EB 77 -19.27 -57.01 113.15
C GLN EB 77 -19.14 -57.38 111.67
N ASN EB 78 -20.03 -58.19 111.12
CA ASN EB 78 -19.95 -58.53 109.70
C ASN EB 78 -20.63 -57.52 108.76
N PHE EB 79 -21.31 -56.49 109.26
CA PHE EB 79 -21.89 -55.54 108.33
C PHE EB 79 -20.80 -54.81 107.56
N ARG EB 80 -19.79 -54.35 108.27
CA ARG EB 80 -18.69 -53.62 107.66
C ARG EB 80 -17.78 -54.59 106.93
N PRO FB 4 -39.14 -83.73 115.42
CA PRO FB 4 -38.07 -83.02 116.13
C PRO FB 4 -36.82 -82.86 115.26
N TRP FB 5 -35.86 -82.08 115.75
CA TRP FB 5 -34.62 -81.85 115.03
C TRP FB 5 -33.45 -81.92 116.00
N SER FB 6 -32.41 -82.65 115.63
CA SER FB 6 -31.23 -82.78 116.47
C SER FB 6 -29.98 -82.47 115.69
N GLY FB 7 -29.01 -81.88 116.37
CA GLY FB 7 -27.70 -81.63 115.81
C GLY FB 7 -26.65 -82.61 116.29
N TYR FB 8 -25.39 -82.17 116.23
CA TYR FB 8 -24.26 -82.94 116.74
C TYR FB 8 -24.22 -82.95 118.25
N LEU FB 9 -24.17 -81.78 118.86
CA LEU FB 9 -24.02 -81.66 120.31
C LEU FB 9 -25.10 -82.40 121.07
N ASP FB 10 -26.35 -82.28 120.65
CA ASP FB 10 -27.40 -83.01 121.36
C ASP FB 10 -27.29 -84.51 121.17
N ASP FB 11 -26.76 -84.98 120.04
CA ASP FB 11 -26.52 -86.40 119.90
C ASP FB 11 -25.40 -86.86 120.82
N VAL FB 12 -24.36 -86.05 120.98
CA VAL FB 12 -23.31 -86.36 121.95
C VAL FB 12 -23.89 -86.45 123.36
N SER FB 13 -24.77 -85.53 123.72
CA SER FB 13 -25.46 -85.61 125.01
C SER FB 13 -26.31 -86.89 125.11
N ALA FB 14 -27.13 -87.14 124.10
CA ALA FB 14 -27.98 -88.33 124.10
C ALA FB 14 -27.18 -89.61 124.25
N LYS FB 15 -25.94 -89.65 123.75
CA LYS FB 15 -25.13 -90.84 124.01
C LYS FB 15 -25.04 -91.13 125.51
N PHE FB 16 -24.72 -90.13 126.32
CA PHE FB 16 -24.67 -90.32 127.76
C PHE FB 16 -26.03 -90.68 128.33
N ASP FB 17 -27.06 -89.92 127.95
CA ASP FB 17 -28.41 -90.20 128.45
C ASP FB 17 -28.83 -91.65 128.20
N THR FB 18 -28.69 -92.13 126.97
CA THR FB 18 -29.00 -93.54 126.69
C THR FB 18 -27.97 -94.49 127.25
N GLY FB 19 -26.77 -94.00 127.56
CA GLY FB 19 -25.77 -94.87 128.17
C GLY FB 19 -26.15 -95.26 129.58
N VAL FB 20 -26.47 -94.28 130.41
CA VAL FB 20 -26.97 -94.61 131.74
C VAL FB 20 -28.45 -94.93 131.63
N ASP FB 21 -28.71 -96.21 131.38
CA ASP FB 21 -30.04 -96.73 131.08
C ASP FB 21 -31.17 -96.19 131.95
N ASN FB 22 -30.99 -96.25 133.26
CA ASN FB 22 -32.09 -95.99 134.18
C ASN FB 22 -31.74 -95.15 135.39
N LEU FB 23 -30.48 -94.79 135.59
CA LEU FB 23 -30.00 -94.06 136.75
C LEU FB 23 -30.96 -92.97 137.23
N GLN FB 24 -31.50 -92.18 136.30
CA GLN FB 24 -32.39 -91.10 136.70
C GLN FB 24 -33.53 -91.58 137.60
N THR FB 25 -34.08 -92.76 137.34
CA THR FB 25 -35.10 -93.32 138.22
C THR FB 25 -34.53 -93.78 139.55
N GLN FB 26 -33.47 -94.61 139.50
CA GLN FB 26 -32.83 -95.11 140.70
C GLN FB 26 -32.50 -94.02 141.70
N VAL FB 27 -31.99 -92.90 141.24
CA VAL FB 27 -31.66 -91.81 142.16
C VAL FB 27 -32.92 -91.29 142.84
N THR FB 28 -34.02 -91.24 142.12
CA THR FB 28 -35.29 -90.84 142.73
C THR FB 28 -35.76 -91.84 143.78
N GLU FB 29 -35.89 -93.11 143.39
CA GLU FB 29 -36.33 -94.14 144.33
C GLU FB 29 -35.46 -94.21 145.58
N ALA FB 30 -34.15 -94.32 145.41
CA ALA FB 30 -33.24 -94.36 146.56
C ALA FB 30 -33.48 -93.19 147.50
N LEU FB 31 -33.70 -92.01 146.95
CA LEU FB 31 -33.99 -90.85 147.78
C LEU FB 31 -35.29 -91.02 148.54
N ASP FB 32 -36.34 -91.46 147.87
CA ASP FB 32 -37.61 -91.64 148.57
C ASP FB 32 -37.48 -92.63 149.73
N LYS FB 33 -36.72 -93.70 149.53
CA LYS FB 33 -36.49 -94.66 150.62
C LYS FB 33 -35.70 -94.04 151.78
N LEU FB 34 -34.53 -93.48 151.48
CA LEU FB 34 -33.73 -92.91 152.56
C LEU FB 34 -34.51 -91.82 153.28
N ALA FB 35 -35.23 -90.97 152.56
CA ALA FB 35 -36.06 -89.96 153.21
C ALA FB 35 -37.16 -90.61 154.05
N ALA FB 36 -37.62 -91.80 153.64
CA ALA FB 36 -38.60 -92.52 154.43
C ALA FB 36 -38.01 -92.99 155.75
N LYS FB 37 -36.74 -93.37 155.76
CA LYS FB 37 -36.09 -93.88 156.97
C LYS FB 37 -34.63 -93.43 157.02
N PRO FB 38 -34.39 -92.20 157.46
CA PRO FB 38 -33.03 -91.64 157.51
C PRO FB 38 -31.95 -92.44 158.23
N SER FB 39 -32.29 -93.43 159.04
CA SER FB 39 -31.32 -94.10 159.89
C SER FB 39 -30.99 -95.51 159.44
N ASP FB 40 -31.44 -95.92 158.25
CA ASP FB 40 -31.16 -97.25 157.75
C ASP FB 40 -29.85 -97.32 156.95
N PRO FB 41 -28.80 -97.93 157.49
CA PRO FB 41 -27.51 -97.93 156.76
C PRO FB 41 -27.60 -98.69 155.47
N ALA FB 42 -28.47 -99.70 155.39
CA ALA FB 42 -28.65 -100.43 154.13
C ALA FB 42 -29.06 -99.46 153.03
N LEU FB 43 -29.84 -98.46 153.39
CA LEU FB 43 -30.28 -97.44 152.45
C LEU FB 43 -29.16 -96.43 152.19
N LEU FB 44 -28.51 -95.95 153.24
CA LEU FB 44 -27.47 -94.95 153.07
C LEU FB 44 -26.34 -95.46 152.17
N ALA FB 45 -25.89 -96.70 152.40
CA ALA FB 45 -24.81 -97.24 151.58
C ALA FB 45 -25.19 -97.29 150.10
N ALA FB 46 -26.46 -97.47 149.80
CA ALA FB 46 -26.94 -97.43 148.43
C ALA FB 46 -26.93 -96.01 147.89
N TYR FB 47 -27.56 -95.10 148.62
CA TYR FB 47 -27.73 -93.73 148.13
C TYR FB 47 -26.41 -93.02 147.92
N GLN FB 48 -25.45 -93.19 148.83
CA GLN FB 48 -24.14 -92.60 148.61
C GLN FB 48 -23.58 -92.96 147.24
N SER FB 49 -23.66 -94.24 146.88
CA SER FB 49 -23.21 -94.71 145.58
C SER FB 49 -23.97 -94.05 144.45
N LYS FB 50 -25.28 -94.24 144.43
CA LYS FB 50 -26.10 -93.69 143.35
C LYS FB 50 -25.86 -92.20 143.14
N LEU FB 51 -25.84 -91.42 144.22
CA LEU FB 51 -25.61 -90.00 144.09
C LEU FB 51 -24.24 -89.68 143.52
N SER FB 52 -23.19 -90.33 144.00
CA SER FB 52 -21.86 -90.11 143.42
C SER FB 52 -21.85 -90.38 141.93
N GLU FB 53 -22.42 -91.51 141.53
CA GLU FB 53 -22.53 -91.86 140.11
C GLU FB 53 -23.22 -90.77 139.31
N TYR FB 54 -24.35 -90.30 139.79
CA TYR FB 54 -25.08 -89.22 139.11
C TYR FB 54 -24.21 -87.98 138.95
N ASN FB 55 -23.51 -87.60 140.01
CA ASN FB 55 -22.65 -86.42 139.93
C ASN FB 55 -21.62 -86.55 138.81
N LEU FB 56 -20.88 -87.66 138.80
CA LEU FB 56 -19.85 -87.80 137.77
C LEU FB 56 -20.44 -87.85 136.36
N TYR FB 57 -21.62 -88.47 136.23
CA TYR FB 57 -22.31 -88.51 134.95
C TYR FB 57 -22.57 -87.11 134.40
N ARG FB 58 -23.22 -86.27 135.19
CA ARG FB 58 -23.48 -84.90 134.76
C ARG FB 58 -22.21 -84.11 134.46
N ASN FB 59 -21.17 -84.25 135.27
CA ASN FB 59 -19.94 -83.51 134.98
C ASN FB 59 -19.28 -83.94 133.66
N ALA FB 60 -19.12 -85.25 133.43
CA ALA FB 60 -18.51 -85.67 132.18
C ALA FB 60 -19.32 -85.20 130.98
N GLN FB 61 -20.64 -85.21 131.09
CA GLN FB 61 -21.48 -84.79 129.98
C GLN FB 61 -21.27 -83.31 129.68
N SER FB 62 -21.47 -82.48 130.68
CA SER FB 62 -21.33 -81.05 130.49
C SER FB 62 -19.96 -80.65 129.94
N ASN FB 63 -18.88 -81.23 130.44
CA ASN FB 63 -17.59 -80.83 129.85
C ASN FB 63 -17.38 -81.32 128.42
N THR FB 64 -17.85 -82.52 128.07
CA THR FB 64 -17.69 -82.95 126.68
C THR FB 64 -18.39 -81.99 125.72
N VAL FB 65 -19.58 -81.52 126.10
CA VAL FB 65 -20.33 -80.66 125.20
C VAL FB 65 -19.56 -79.39 124.89
N LYS FB 66 -19.04 -78.73 125.92
CA LYS FB 66 -18.31 -77.49 125.70
C LYS FB 66 -17.05 -77.71 124.88
N VAL FB 67 -16.35 -78.82 125.09
CA VAL FB 67 -15.14 -79.04 124.30
C VAL FB 67 -15.48 -79.12 122.82
N PHE FB 68 -16.49 -79.92 122.45
CA PHE FB 68 -16.86 -79.95 121.03
C PHE FB 68 -17.34 -78.60 120.52
N LYS FB 69 -18.05 -77.85 121.35
CA LYS FB 69 -18.51 -76.53 120.94
C LYS FB 69 -17.34 -75.66 120.50
N ASP FB 70 -16.31 -75.55 121.32
CA ASP FB 70 -15.18 -74.71 120.91
C ASP FB 70 -14.41 -75.29 119.74
N ILE FB 71 -14.25 -76.61 119.66
CA ILE FB 71 -13.60 -77.15 118.47
C ILE FB 71 -14.29 -76.68 117.19
N ASP FB 72 -15.61 -76.63 117.20
CA ASP FB 72 -16.34 -76.16 116.02
C ASP FB 72 -16.17 -74.66 115.80
N ALA FB 73 -16.42 -73.86 116.83
CA ALA FB 73 -16.29 -72.42 116.65
C ALA FB 73 -14.91 -72.03 116.12
N ALA FB 74 -13.86 -72.75 116.51
CA ALA FB 74 -12.54 -72.42 115.99
C ALA FB 74 -12.44 -72.60 114.49
N ILE FB 75 -13.14 -73.59 113.94
CA ILE FB 75 -13.14 -73.78 112.48
C ILE FB 75 -13.99 -72.72 111.81
N ILE FB 76 -15.21 -72.53 112.28
CA ILE FB 76 -16.07 -71.51 111.68
C ILE FB 76 -15.34 -70.17 111.59
N GLN FB 77 -14.62 -69.80 112.65
CA GLN FB 77 -13.85 -68.57 112.62
C GLN FB 77 -13.04 -68.38 111.33
N ASN FB 78 -12.40 -69.43 110.81
CA ASN FB 78 -11.55 -69.23 109.63
C ASN FB 78 -12.27 -69.00 108.32
N PHE FB 79 -13.61 -68.98 108.24
CA PHE FB 79 -14.22 -68.65 106.94
C PHE FB 79 -13.86 -67.24 106.53
N ARG FB 80 -14.02 -66.28 107.42
CA ARG FB 80 -13.57 -64.92 107.16
C ARG FB 80 -12.06 -64.90 107.07
N PRO GB 4 -2.56 -99.45 115.04
CA PRO GB 4 -3.33 -98.48 115.82
C PRO GB 4 -2.59 -97.16 116.00
N TRP GB 5 -2.98 -96.17 115.21
CA TRP GB 5 -2.32 -94.87 115.27
C TRP GB 5 -2.41 -94.29 116.67
N SER GB 6 -1.28 -93.77 117.16
CA SER GB 6 -1.22 -93.13 118.46
C SER GB 6 -0.50 -91.79 118.30
N GLY GB 7 -0.99 -90.78 119.01
CA GLY GB 7 -0.37 -89.47 118.99
C GLY GB 7 0.80 -89.34 119.92
N TYR GB 8 1.18 -88.10 120.18
CA TYR GB 8 2.23 -87.81 121.14
C TYR GB 8 1.72 -87.90 122.57
N LEU GB 9 0.50 -87.40 122.81
CA LEU GB 9 -0.04 -87.47 124.15
C LEU GB 9 -0.27 -88.92 124.55
N ASP GB 10 -0.59 -89.76 123.57
CA ASP GB 10 -0.71 -91.18 123.82
C ASP GB 10 0.61 -91.74 124.31
N ASP GB 11 1.71 -91.32 123.69
CA ASP GB 11 3.03 -91.78 124.11
C ASP GB 11 3.32 -91.36 125.53
N VAL GB 12 2.97 -90.12 125.88
CA VAL GB 12 3.23 -89.67 127.24
C VAL GB 12 2.40 -90.49 128.24
N SER GB 13 1.14 -90.72 127.94
CA SER GB 13 0.30 -91.57 128.79
C SER GB 13 0.89 -92.97 128.95
N ALA GB 14 1.25 -93.60 127.83
CA ALA GB 14 1.82 -94.94 127.87
C ALA GB 14 3.14 -94.99 128.63
N LYS GB 15 3.92 -93.92 128.63
CA LYS GB 15 5.13 -93.92 129.44
C LYS GB 15 4.84 -94.20 130.90
N PHE GB 16 3.77 -93.63 131.46
CA PHE GB 16 3.32 -94.04 132.78
C PHE GB 16 2.77 -95.47 132.77
N ASP GB 17 1.89 -95.77 131.83
CA ASP GB 17 1.21 -97.07 131.89
C ASP GB 17 2.18 -98.23 131.83
N THR GB 18 3.37 -98.04 131.26
CA THR GB 18 4.41 -99.06 131.37
C THR GB 18 5.42 -98.73 132.46
N GLY GB 19 5.49 -97.48 132.89
CA GLY GB 19 6.43 -97.11 133.92
C GLY GB 19 6.12 -97.79 135.23
N VAL GB 20 4.85 -98.07 135.48
CA VAL GB 20 4.47 -98.93 136.60
C VAL GB 20 3.79 -100.19 136.08
N ASP GB 21 4.39 -101.34 136.38
CA ASP GB 21 4.03 -102.57 135.67
C ASP GB 21 2.67 -103.11 136.10
N ASN GB 22 2.44 -103.19 137.42
CA ASN GB 22 1.41 -104.08 137.94
C ASN GB 22 0.27 -103.36 138.65
N LEU GB 23 0.45 -102.09 138.98
CA LEU GB 23 -0.33 -101.49 140.05
C LEU GB 23 -1.82 -101.68 139.80
N GLN GB 24 -2.24 -101.58 138.53
CA GLN GB 24 -3.62 -101.83 138.17
C GLN GB 24 -4.12 -103.20 138.66
N THR GB 25 -3.31 -104.23 138.49
CA THR GB 25 -3.69 -105.55 138.98
C THR GB 25 -3.59 -105.62 140.50
N GLN GB 26 -2.44 -105.19 141.03
CA GLN GB 26 -2.19 -105.34 142.45
C GLN GB 26 -3.29 -104.71 143.31
N VAL GB 27 -3.75 -103.52 142.94
CA VAL GB 27 -4.81 -102.89 143.71
C VAL GB 27 -6.07 -103.72 143.69
N THR GB 28 -6.44 -104.26 142.53
CA THR GB 28 -7.65 -105.06 142.43
C THR GB 28 -7.54 -106.31 143.29
N GLU GB 29 -6.36 -106.92 143.31
CA GLU GB 29 -6.15 -108.10 144.13
C GLU GB 29 -6.29 -107.78 145.61
N ALA GB 30 -5.56 -106.77 146.08
CA ALA GB 30 -5.62 -106.38 147.48
C ALA GB 30 -7.05 -106.10 147.91
N LEU GB 31 -7.78 -105.32 147.10
CA LEU GB 31 -9.18 -105.04 147.39
C LEU GB 31 -10.03 -106.32 147.44
N ASP GB 32 -9.95 -107.14 146.40
CA ASP GB 32 -10.75 -108.35 146.36
C ASP GB 32 -10.51 -109.25 147.56
N LYS GB 33 -9.26 -109.43 147.98
CA LYS GB 33 -9.01 -110.28 149.14
C LYS GB 33 -9.45 -109.61 150.44
N LEU GB 34 -9.18 -108.32 150.61
CA LEU GB 34 -9.60 -107.65 151.84
C LEU GB 34 -11.11 -107.65 151.99
N ALA GB 35 -11.85 -107.57 150.89
CA ALA GB 35 -13.30 -107.57 150.94
C ALA GB 35 -13.84 -108.78 151.71
N ALA GB 36 -13.18 -109.93 151.56
CA ALA GB 36 -13.62 -111.13 152.25
C ALA GB 36 -13.42 -111.06 153.75
N LYS GB 37 -12.54 -110.19 154.24
CA LYS GB 37 -12.17 -110.16 155.64
C LYS GB 37 -11.66 -108.79 156.04
N PRO GB 38 -12.52 -107.79 156.07
CA PRO GB 38 -12.11 -106.40 156.29
C PRO GB 38 -11.77 -106.07 157.75
N SER GB 39 -10.91 -106.91 158.34
CA SER GB 39 -10.69 -106.87 159.79
C SER GB 39 -9.28 -107.31 160.16
N ASP GB 40 -8.33 -107.27 159.23
CA ASP GB 40 -6.96 -107.67 159.50
C ASP GB 40 -6.00 -106.52 159.20
N PRO GB 41 -5.25 -106.02 160.18
CA PRO GB 41 -4.47 -104.80 159.94
C PRO GB 41 -3.37 -105.03 158.92
N ALA GB 42 -2.89 -106.26 158.78
CA ALA GB 42 -1.85 -106.54 157.80
C ALA GB 42 -2.37 -106.30 156.40
N LEU GB 43 -3.65 -106.56 156.19
CA LEU GB 43 -4.32 -106.29 154.92
C LEU GB 43 -4.61 -104.80 154.76
N LEU GB 44 -5.09 -104.18 155.84
CA LEU GB 44 -5.46 -102.77 155.75
C LEU GB 44 -4.27 -101.90 155.39
N ALA GB 45 -3.13 -102.06 156.08
CA ALA GB 45 -1.97 -101.23 155.77
C ALA GB 45 -1.49 -101.43 154.34
N ALA GB 46 -1.67 -102.63 153.80
CA ALA GB 46 -1.27 -102.91 152.44
C ALA GB 46 -2.17 -102.17 151.46
N TYR GB 47 -3.48 -102.30 151.65
CA TYR GB 47 -4.40 -101.64 150.73
C TYR GB 47 -4.28 -100.13 150.82
N GLN GB 48 -4.10 -99.58 152.03
CA GLN GB 48 -3.84 -98.15 152.15
C GLN GB 48 -2.63 -97.71 151.33
N SER GB 49 -1.54 -98.47 151.39
CA SER GB 49 -0.35 -98.13 150.61
C SER GB 49 -0.64 -98.15 149.12
N LYS GB 50 -1.10 -99.29 148.62
CA LYS GB 50 -1.36 -99.43 147.19
C LYS GB 50 -2.36 -98.38 146.66
N LEU GB 51 -3.44 -98.13 147.39
CA LEU GB 51 -4.39 -97.15 146.89
C LEU GB 51 -3.83 -95.73 146.87
N SER GB 52 -3.03 -95.34 147.86
CA SER GB 52 -2.40 -94.03 147.79
C SER GB 52 -1.45 -93.92 146.58
N GLU GB 53 -0.72 -95.00 146.30
CA GLU GB 53 0.09 -95.06 145.10
C GLU GB 53 -0.74 -94.83 143.84
N TYR GB 54 -1.83 -95.57 143.71
CA TYR GB 54 -2.72 -95.40 142.56
C TYR GB 54 -3.20 -93.95 142.40
N ASN GB 55 -3.63 -93.33 143.49
CA ASN GB 55 -4.06 -91.94 143.45
C ASN GB 55 -2.99 -91.01 142.88
N LEU GB 56 -1.78 -91.08 143.42
CA LEU GB 56 -0.69 -90.24 142.91
C LEU GB 56 -0.39 -90.53 141.44
N TYR GB 57 -0.40 -91.80 141.06
CA TYR GB 57 -0.17 -92.19 139.67
C TYR GB 57 -1.15 -91.49 138.73
N ARG GB 58 -2.45 -91.68 138.93
CA ARG GB 58 -3.42 -91.06 138.04
C ARG GB 58 -3.34 -89.54 138.02
N ASN GB 59 -3.13 -88.91 139.18
CA ASN GB 59 -3.07 -87.45 139.15
C ASN GB 59 -1.84 -86.94 138.39
N ALA GB 60 -0.69 -87.57 138.57
CA ALA GB 60 0.50 -87.16 137.83
C ALA GB 60 0.28 -87.30 136.33
N GLN GB 61 -0.27 -88.44 135.92
CA GLN GB 61 -0.54 -88.67 134.51
C GLN GB 61 -1.40 -87.58 133.91
N SER GB 62 -2.60 -87.40 134.44
CA SER GB 62 -3.54 -86.46 133.84
C SER GB 62 -3.05 -85.03 133.88
N ASN GB 63 -2.28 -84.64 134.89
CA ASN GB 63 -1.72 -83.28 134.83
C ASN GB 63 -0.66 -83.14 133.75
N THR GB 64 0.21 -84.13 133.58
CA THR GB 64 1.22 -83.97 132.54
C THR GB 64 0.58 -83.88 131.16
N VAL GB 65 -0.43 -84.70 130.88
CA VAL GB 65 -1.08 -84.62 129.57
C VAL GB 65 -1.78 -83.28 129.39
N LYS GB 66 -2.38 -82.74 130.45
CA LYS GB 66 -2.98 -81.43 130.35
C LYS GB 66 -1.95 -80.36 130.01
N VAL GB 67 -0.83 -80.37 130.71
CA VAL GB 67 0.20 -79.36 130.43
C VAL GB 67 0.69 -79.46 129.00
N PHE GB 68 0.96 -80.68 128.52
CA PHE GB 68 1.43 -80.82 127.14
C PHE GB 68 0.43 -80.37 126.09
N LYS GB 69 -0.85 -80.35 126.42
CA LYS GB 69 -1.82 -79.83 125.44
C LYS GB 69 -1.63 -78.33 125.20
N ASP GB 70 -1.37 -77.56 126.25
CA ASP GB 70 -1.39 -76.11 126.16
C ASP GB 70 -0.17 -75.51 125.48
N ILE GB 71 0.93 -76.25 125.33
CA ILE GB 71 2.04 -75.75 124.53
C ILE GB 71 1.67 -75.77 123.06
N ASP GB 72 1.14 -76.90 122.61
CA ASP GB 72 0.74 -77.06 121.23
C ASP GB 72 -0.36 -76.07 120.88
N ALA GB 73 -1.30 -75.85 121.79
CA ALA GB 73 -2.33 -74.86 121.51
C ALA GB 73 -1.72 -73.53 121.08
N ALA GB 74 -0.77 -73.02 121.85
CA ALA GB 74 -0.17 -71.71 121.56
C ALA GB 74 0.67 -71.72 120.30
N ILE GB 75 1.39 -72.81 120.04
CA ILE GB 75 2.16 -72.86 118.80
C ILE GB 75 1.23 -72.87 117.59
N ILE GB 76 0.17 -73.67 117.63
CA ILE GB 76 -0.79 -73.65 116.54
C ILE GB 76 -1.39 -72.27 116.38
N GLN GB 77 -1.70 -71.61 117.48
CA GLN GB 77 -2.32 -70.30 117.39
C GLN GB 77 -1.43 -69.26 116.73
N ASN GB 78 -0.12 -69.36 116.89
CA ASN GB 78 0.75 -68.43 116.18
C ASN GB 78 0.91 -68.68 114.68
N PHE GB 79 0.37 -69.76 114.11
CA PHE GB 79 0.56 -69.94 112.67
C PHE GB 79 -0.03 -68.81 111.85
N ARG GB 80 -1.14 -68.25 112.28
CA ARG GB 80 -1.71 -67.12 111.56
C ARG GB 80 -1.00 -65.83 111.96
N PRO HB 4 26.34 -78.78 132.80
CA PRO HB 4 24.99 -78.89 133.35
C PRO HB 4 24.17 -77.61 133.19
N TRP HB 5 23.55 -77.47 132.02
CA TRP HB 5 22.74 -76.29 131.74
C TRP HB 5 21.63 -76.14 132.76
N SER HB 6 21.41 -74.90 133.22
CA SER HB 6 20.36 -74.64 134.19
C SER HB 6 19.78 -73.26 133.94
N GLY HB 7 18.51 -73.11 134.29
CA GLY HB 7 17.79 -71.87 134.12
C GLY HB 7 17.70 -71.05 135.40
N TYR HB 8 16.70 -70.16 135.43
CA TYR HB 8 16.48 -69.33 136.60
C TYR HB 8 15.66 -70.04 137.65
N LEU HB 9 14.64 -70.79 137.23
CA LEU HB 9 13.84 -71.54 138.20
C LEU HB 9 14.66 -72.66 138.82
N ASP HB 10 15.61 -73.20 138.07
CA ASP HB 10 16.61 -74.09 138.65
C ASP HB 10 17.37 -73.43 139.77
N ASP HB 11 17.74 -72.17 139.59
CA ASP HB 11 18.42 -71.41 140.64
C ASP HB 11 17.52 -71.20 141.85
N VAL HB 12 16.29 -70.77 141.61
CA VAL HB 12 15.33 -70.62 142.71
C VAL HB 12 15.23 -71.90 143.52
N SER HB 13 15.19 -73.05 142.85
CA SER HB 13 15.08 -74.31 143.58
C SER HB 13 16.39 -74.67 144.30
N ALA HB 14 17.52 -74.49 143.63
CA ALA HB 14 18.79 -74.81 144.25
C ALA HB 14 19.07 -73.92 145.45
N LYS HB 15 18.53 -72.71 145.50
CA LYS HB 15 18.66 -71.92 146.71
C LYS HB 15 18.13 -72.68 147.92
N PHE HB 16 16.98 -73.32 147.79
CA PHE HB 16 16.47 -74.16 148.87
C PHE HB 16 17.31 -75.40 149.10
N ASP HB 17 17.65 -76.12 148.02
CA ASP HB 17 18.43 -77.34 148.19
C ASP HB 17 19.78 -77.08 148.86
N THR HB 18 20.38 -75.92 148.64
CA THR HB 18 21.61 -75.58 149.37
C THR HB 18 21.33 -74.95 150.73
N GLY HB 19 20.21 -74.24 150.88
CA GLY HB 19 19.88 -73.67 152.16
C GLY HB 19 19.71 -74.71 153.23
N VAL HB 20 18.88 -75.72 152.98
CA VAL HB 20 18.85 -76.86 153.90
C VAL HB 20 20.07 -77.72 153.59
N ASP HB 21 21.01 -77.75 154.54
CA ASP HB 21 22.29 -78.41 154.32
C ASP HB 21 22.13 -79.90 154.07
N ASN HB 22 21.61 -80.62 155.07
CA ASN HB 22 21.48 -82.08 154.95
C ASN HB 22 20.17 -82.59 155.52
N LEU HB 23 19.14 -81.76 155.56
CA LEU HB 23 17.84 -82.17 156.07
C LEU HB 23 17.40 -83.51 155.48
N GLN HB 24 17.57 -83.68 154.17
CA GLN HB 24 17.22 -84.95 153.55
C GLN HB 24 17.84 -86.15 154.26
N THR HB 25 19.11 -86.04 154.61
CA THR HB 25 19.76 -87.16 155.27
C THR HB 25 19.34 -87.27 156.73
N GLN HB 26 19.26 -86.14 157.43
CA GLN HB 26 18.76 -86.18 158.79
C GLN HB 26 17.45 -86.93 158.88
N VAL HB 27 16.50 -86.59 158.00
CA VAL HB 27 15.21 -87.28 157.98
C VAL HB 27 15.36 -88.75 157.68
N THR HB 28 16.17 -89.08 156.67
CA THR HB 28 16.37 -90.49 156.33
C THR HB 28 16.89 -91.29 157.54
N GLU HB 29 17.97 -90.82 158.15
CA GLU HB 29 18.53 -91.51 159.31
C GLU HB 29 17.55 -91.58 160.48
N ALA HB 30 16.92 -90.46 160.80
CA ALA HB 30 15.91 -90.45 161.84
C ALA HB 30 14.89 -91.56 161.64
N LEU HB 31 14.33 -91.66 160.43
CA LEU HB 31 13.34 -92.70 160.18
C LEU HB 31 13.95 -94.11 160.24
N ASP HB 32 15.19 -94.28 159.79
CA ASP HB 32 15.83 -95.58 159.86
C ASP HB 32 15.99 -96.06 161.30
N LYS HB 33 16.58 -95.22 162.15
CA LYS HB 33 16.74 -95.59 163.56
C LYS HB 33 15.40 -95.69 164.27
N LEU HB 34 14.42 -94.86 163.91
CA LEU HB 34 13.12 -94.96 164.56
C LEU HB 34 12.46 -96.29 164.27
N ALA HB 35 12.54 -96.77 163.03
CA ALA HB 35 11.94 -98.05 162.71
C ALA HB 35 12.48 -99.17 163.60
N ALA HB 36 13.75 -99.07 164.00
CA ALA HB 36 14.37 -100.06 164.87
C ALA HB 36 13.78 -100.07 166.28
N LYS HB 37 13.14 -98.99 166.71
CA LYS HB 37 12.60 -98.88 168.07
C LYS HB 37 11.43 -97.90 168.10
N PRO HB 38 10.29 -98.29 167.51
CA PRO HB 38 9.18 -97.35 167.33
C PRO HB 38 8.63 -96.73 168.61
N SER HB 39 8.85 -97.33 169.78
CA SER HB 39 8.24 -96.86 171.02
C SER HB 39 9.16 -96.02 171.89
N ASP HB 40 10.35 -95.65 171.42
CA ASP HB 40 11.18 -94.73 172.18
C ASP HB 40 10.72 -93.27 172.02
N PRO HB 41 10.24 -92.62 173.09
CA PRO HB 41 9.75 -91.25 172.93
C PRO HB 41 10.84 -90.27 172.59
N ALA HB 42 12.08 -90.54 172.99
CA ALA HB 42 13.16 -89.61 172.67
C ALA HB 42 13.34 -89.55 171.17
N LEU HB 43 13.17 -90.69 170.50
CA LEU HB 43 13.25 -90.75 169.05
C LEU HB 43 12.02 -90.09 168.43
N LEU HB 44 10.84 -90.43 168.95
CA LEU HB 44 9.61 -89.91 168.36
C LEU HB 44 9.54 -88.39 168.39
N ALA HB 45 9.84 -87.77 169.53
CA ALA HB 45 9.75 -86.31 169.62
C ALA HB 45 10.70 -85.62 168.65
N ALA HB 46 11.89 -86.19 168.45
CA ALA HB 46 12.84 -85.65 167.46
C ALA HB 46 12.29 -85.79 166.04
N TYR HB 47 11.81 -86.99 165.72
CA TYR HB 47 11.37 -87.28 164.36
C TYR HB 47 10.18 -86.41 163.95
N GLN HB 48 9.22 -86.22 164.86
CA GLN HB 48 8.10 -85.33 164.55
C GLN HB 48 8.58 -83.94 164.12
N SER HB 49 9.61 -83.44 164.80
CA SER HB 49 10.18 -82.14 164.46
C SER HB 49 10.79 -82.15 163.07
N LYS HB 50 11.76 -83.03 162.85
CA LYS HB 50 12.39 -83.10 161.54
C LYS HB 50 11.38 -83.26 160.41
N LEU HB 51 10.40 -84.15 160.57
CA LEU HB 51 9.42 -84.34 159.51
C LEU HB 51 8.61 -83.08 159.24
N SER HB 52 8.28 -82.31 160.27
CA SER HB 52 7.57 -81.06 160.01
C SER HB 52 8.44 -80.08 159.24
N GLU HB 53 9.69 -79.92 159.67
CA GLU HB 53 10.64 -79.09 158.92
C GLU HB 53 10.66 -79.46 157.44
N TYR HB 54 10.81 -80.76 157.15
CA TYR HB 54 10.83 -81.25 155.77
C TYR HB 54 9.56 -80.87 155.02
N ASN HB 55 8.41 -81.19 155.60
CA ASN HB 55 7.14 -80.84 154.97
C ASN HB 55 7.09 -79.38 154.55
N LEU HB 56 7.32 -78.47 155.49
CA LEU HB 56 7.23 -77.04 155.17
C LEU HB 56 8.29 -76.60 154.17
N TYR HB 57 9.49 -77.16 154.25
CA TYR HB 57 10.53 -76.94 153.24
C TYR HB 57 10.01 -77.19 151.82
N ARG HB 58 9.57 -78.41 151.57
CA ARG HB 58 9.05 -78.77 150.25
C ARG HB 58 7.87 -77.89 149.81
N ASN HB 59 6.95 -77.60 150.74
CA ASN HB 59 5.83 -76.74 150.37
C ASN HB 59 6.29 -75.37 149.92
N ALA HB 60 7.12 -74.70 150.71
CA ALA HB 60 7.55 -73.36 150.32
C ALA HB 60 8.33 -73.37 149.02
N GLN HB 61 9.10 -74.41 148.77
CA GLN HB 61 9.83 -74.50 147.51
C GLN HB 61 8.89 -74.52 146.32
N SER HB 62 8.00 -75.50 146.29
CA SER HB 62 7.11 -75.64 145.14
C SER HB 62 6.19 -74.45 144.97
N ASN HB 63 5.67 -73.90 146.06
CA ASN HB 63 4.86 -72.68 145.91
C ASN HB 63 5.66 -71.53 145.32
N THR HB 64 6.89 -71.34 145.76
CA THR HB 64 7.67 -70.20 145.24
C THR HB 64 7.94 -70.30 143.74
N VAL HB 65 8.16 -71.52 143.23
CA VAL HB 65 8.47 -71.62 141.80
C VAL HB 65 7.29 -71.20 140.90
N LYS HB 66 6.07 -71.51 141.30
CA LYS HB 66 4.93 -71.17 140.47
C LYS HB 66 4.75 -69.66 140.26
N VAL HB 67 5.03 -68.86 141.27
CA VAL HB 67 4.85 -67.42 141.11
C VAL HB 67 5.78 -66.82 140.04
N PHE HB 68 6.98 -67.35 139.91
CA PHE HB 68 7.84 -66.89 138.83
C PHE HB 68 7.44 -67.43 137.48
N LYS HB 69 6.85 -68.62 137.44
CA LYS HB 69 6.25 -69.04 136.17
C LYS HB 69 5.12 -68.10 135.76
N ASP HB 70 4.29 -67.69 136.72
CA ASP HB 70 3.20 -66.77 136.43
C ASP HB 70 3.70 -65.43 135.90
N ILE HB 71 4.70 -64.85 136.55
CA ILE HB 71 5.24 -63.58 136.09
C ILE HB 71 5.85 -63.69 134.70
N ASP HB 72 6.58 -64.76 134.44
CA ASP HB 72 7.16 -64.89 133.10
C ASP HB 72 6.09 -65.04 132.02
N ALA HB 73 5.10 -65.90 132.25
CA ALA HB 73 4.05 -66.02 131.24
C ALA HB 73 3.33 -64.69 131.01
N ALA HB 74 3.10 -63.93 132.09
CA ALA HB 74 2.43 -62.65 131.96
C ALA HB 74 3.26 -61.62 131.21
N ILE HB 75 4.59 -61.75 131.22
CA ILE HB 75 5.39 -60.85 130.38
C ILE HB 75 5.42 -61.35 128.95
N ILE HB 76 5.61 -62.64 128.74
CA ILE HB 76 5.78 -63.18 127.40
C ILE HB 76 4.54 -62.98 126.55
N GLN HB 77 3.34 -63.01 127.14
CA GLN HB 77 2.14 -62.77 126.35
C GLN HB 77 2.11 -61.36 125.74
N ASN HB 78 2.63 -60.36 126.42
CA ASN HB 78 2.66 -58.99 125.88
C ASN HB 78 3.72 -58.77 124.81
N PHE HB 79 4.42 -59.81 124.38
CA PHE HB 79 5.23 -59.70 123.17
C PHE HB 79 4.37 -59.61 121.93
N ARG HB 80 3.26 -60.32 121.90
CA ARG HB 80 2.50 -60.49 120.67
C ARG HB 80 1.60 -59.30 120.43
N PRO IB 4 14.32 -47.49 153.78
CA PRO IB 4 14.23 -48.24 152.52
C PRO IB 4 12.84 -48.19 151.88
N TRP IB 5 12.75 -48.61 150.63
CA TRP IB 5 11.48 -48.59 149.92
C TRP IB 5 10.44 -49.40 150.68
N SER IB 6 9.18 -48.95 150.60
CA SER IB 6 8.09 -49.64 151.29
C SER IB 6 6.82 -49.47 150.45
N GLY IB 7 6.40 -50.56 149.83
CA GLY IB 7 5.15 -50.59 149.10
C GLY IB 7 3.94 -50.54 150.01
N TYR IB 8 2.78 -50.38 149.37
CA TYR IB 8 1.52 -50.30 150.09
C TYR IB 8 1.23 -51.58 150.88
N LEU IB 9 1.67 -52.73 150.40
CA LEU IB 9 1.56 -53.93 151.21
C LEU IB 9 2.45 -53.86 152.44
N ASP IB 10 3.58 -53.15 152.35
CA ASP IB 10 4.39 -52.97 153.55
C ASP IB 10 3.73 -52.00 154.50
N ASP IB 11 3.08 -50.97 153.96
CA ASP IB 11 2.29 -50.07 154.78
C ASP IB 11 1.22 -50.83 155.55
N VAL IB 12 0.63 -51.84 154.92
CA VAL IB 12 -0.36 -52.67 155.62
C VAL IB 12 0.31 -53.54 156.69
N SER IB 13 1.38 -54.25 156.33
CA SER IB 13 2.12 -55.05 157.29
C SER IB 13 2.51 -54.25 158.53
N ALA IB 14 3.06 -53.05 158.32
CA ALA IB 14 3.47 -52.19 159.41
C ALA IB 14 2.34 -51.87 160.39
N LYS IB 15 1.12 -51.68 159.91
CA LYS IB 15 0.03 -51.45 160.85
C LYS IB 15 -0.06 -52.57 161.88
N PHE IB 16 0.00 -53.82 161.44
CA PHE IB 16 0.00 -54.96 162.35
C PHE IB 16 1.25 -54.99 163.24
N ASP IB 17 2.43 -54.90 162.62
CA ASP IB 17 3.65 -54.91 163.43
C ASP IB 17 3.65 -53.86 164.53
N THR IB 18 3.22 -52.64 164.23
CA THR IB 18 3.09 -51.63 165.27
C THR IB 18 1.87 -51.84 166.15
N GLY IB 19 0.91 -52.65 165.71
CA GLY IB 19 -0.23 -52.94 166.56
C GLY IB 19 0.14 -53.86 167.71
N VAL IB 20 0.78 -54.98 167.40
CA VAL IB 20 1.30 -55.83 168.46
C VAL IB 20 2.62 -55.25 168.94
N ASP IB 21 2.52 -54.35 169.92
CA ASP IB 21 3.65 -53.59 170.45
C ASP IB 21 4.86 -54.45 170.80
N ASN IB 22 4.66 -55.50 171.58
CA ASN IB 22 5.77 -56.30 172.10
C ASN IB 22 5.53 -57.80 172.09
N LEU IB 23 4.38 -58.25 171.62
CA LEU IB 23 4.01 -59.66 171.65
C LEU IB 23 5.18 -60.53 171.21
N GLN IB 24 5.90 -60.11 170.17
CA GLN IB 24 7.06 -60.89 169.71
C GLN IB 24 8.00 -61.24 170.86
N THR IB 25 8.33 -60.27 171.70
CA THR IB 25 9.18 -60.54 172.86
C THR IB 25 8.45 -61.29 173.95
N GLN IB 26 7.25 -60.81 174.31
CA GLN IB 26 6.42 -61.47 175.32
C GLN IB 26 6.35 -62.98 175.13
N VAL IB 27 5.96 -63.42 173.93
CA VAL IB 27 5.85 -64.86 173.65
C VAL IB 27 7.20 -65.56 173.83
N THR IB 28 8.27 -64.95 173.34
CA THR IB 28 9.59 -65.56 173.50
C THR IB 28 9.92 -65.79 174.97
N GLU IB 29 9.65 -64.81 175.83
CA GLU IB 29 10.00 -65.00 177.23
C GLU IB 29 9.04 -65.92 177.97
N ALA IB 30 7.74 -65.84 177.67
CA ALA IB 30 6.81 -66.79 178.25
C ALA IB 30 7.23 -68.21 177.94
N LEU IB 31 7.60 -68.46 176.68
CA LEU IB 31 8.13 -69.76 176.29
C LEU IB 31 9.40 -70.09 177.06
N ASP IB 32 10.32 -69.15 177.16
CA ASP IB 32 11.59 -69.44 177.83
C ASP IB 32 11.37 -69.93 179.25
N LYS IB 33 10.56 -69.21 180.03
CA LYS IB 33 10.33 -69.67 181.39
C LYS IB 33 9.50 -70.94 181.45
N LEU IB 34 8.45 -71.06 180.62
CA LEU IB 34 7.72 -72.32 180.59
C LEU IB 34 8.68 -73.48 180.37
N ALA IB 35 9.55 -73.35 179.37
CA ALA IB 35 10.48 -74.41 179.06
C ALA IB 35 11.39 -74.69 180.24
N ALA IB 36 11.65 -73.67 181.06
CA ALA IB 36 12.48 -73.92 182.24
C ALA IB 36 11.70 -74.60 183.36
N LYS IB 37 10.38 -74.50 183.37
CA LYS IB 37 9.56 -75.16 184.40
C LYS IB 37 8.20 -75.51 183.83
N PRO IB 38 8.13 -76.56 183.01
CA PRO IB 38 6.86 -77.00 182.41
C PRO IB 38 5.68 -77.22 183.35
N SER IB 39 5.90 -77.36 184.66
CA SER IB 39 4.87 -77.82 185.58
C SER IB 39 4.15 -76.72 186.37
N ASP IB 40 4.13 -75.47 185.89
CA ASP IB 40 3.40 -74.44 186.64
C ASP IB 40 2.15 -74.00 185.90
N PRO IB 41 0.98 -74.04 186.54
CA PRO IB 41 -0.26 -73.71 185.81
C PRO IB 41 -0.38 -72.25 185.42
N ALA IB 42 0.23 -71.32 186.17
CA ALA IB 42 0.12 -69.93 185.76
C ALA IB 42 0.98 -69.67 184.54
N LEU IB 43 2.17 -70.29 184.52
CA LEU IB 43 3.01 -70.25 183.33
C LEU IB 43 2.29 -70.81 182.12
N LEU IB 44 1.59 -71.94 182.32
CA LEU IB 44 0.82 -72.54 181.24
C LEU IB 44 -0.28 -71.62 180.74
N ALA IB 45 -1.14 -71.14 181.62
CA ALA IB 45 -2.22 -70.24 181.19
C ALA IB 45 -1.69 -69.00 180.47
N ALA IB 46 -0.63 -68.40 181.01
CA ALA IB 46 0.00 -67.26 180.35
C ALA IB 46 0.45 -67.60 178.93
N TYR IB 47 1.25 -68.66 178.80
CA TYR IB 47 1.69 -69.06 177.48
C TYR IB 47 0.54 -69.33 176.53
N GLN IB 48 -0.44 -70.13 176.96
CA GLN IB 48 -1.62 -70.39 176.14
C GLN IB 48 -2.22 -69.10 175.60
N SER IB 49 -2.37 -68.10 176.47
CA SER IB 49 -2.90 -66.81 176.04
C SER IB 49 -2.04 -66.16 174.97
N LYS IB 50 -0.78 -65.87 175.32
CA LYS IB 50 0.13 -65.20 174.39
C LYS IB 50 0.20 -65.92 173.04
N LEU IB 51 0.34 -67.24 173.06
CA LEU IB 51 0.44 -67.98 171.80
C LEU IB 51 -0.84 -67.89 170.98
N SER IB 52 -2.01 -67.91 171.61
CA SER IB 52 -3.24 -67.70 170.85
C SER IB 52 -3.25 -66.32 170.19
N GLU IB 53 -2.92 -65.29 170.95
CA GLU IB 53 -2.83 -63.94 170.38
C GLU IB 53 -1.89 -63.88 169.19
N TYR IB 54 -0.71 -64.49 169.31
CA TYR IB 54 0.27 -64.47 168.22
C TYR IB 54 -0.21 -65.24 167.00
N ASN IB 55 -0.93 -66.33 167.21
CA ASN IB 55 -1.52 -67.05 166.09
C ASN IB 55 -2.50 -66.18 165.31
N LEU IB 56 -3.45 -65.56 166.02
CA LEU IB 56 -4.45 -64.77 165.32
C LEU IB 56 -3.83 -63.53 164.67
N TYR IB 57 -2.85 -62.93 165.33
CA TYR IB 57 -2.04 -61.86 164.74
C TYR IB 57 -1.51 -62.23 163.36
N ARG IB 58 -0.68 -63.27 163.29
CA ARG IB 58 -0.10 -63.65 162.00
C ARG IB 58 -1.16 -64.01 160.97
N ASN IB 59 -2.22 -64.70 161.38
CA ASN IB 59 -3.23 -65.07 160.41
C ASN IB 59 -3.92 -63.87 159.79
N ALA IB 60 -4.38 -62.92 160.62
CA ALA IB 60 -5.05 -61.76 160.05
C ALA IB 60 -4.13 -60.94 159.17
N GLN IB 61 -2.87 -60.79 159.57
CA GLN IB 61 -1.90 -60.13 158.69
C GLN IB 61 -1.83 -60.76 157.30
N SER IB 62 -1.53 -62.06 157.27
CA SER IB 62 -1.35 -62.72 155.98
C SER IB 62 -2.62 -62.72 155.14
N ASN IB 63 -3.78 -62.95 155.73
CA ASN IB 63 -4.99 -62.92 154.90
C ASN IB 63 -5.31 -61.52 154.38
N THR IB 64 -5.04 -60.46 155.15
CA THR IB 64 -5.27 -59.12 154.61
C THR IB 64 -4.40 -58.82 153.40
N VAL IB 65 -3.12 -59.16 153.50
CA VAL IB 65 -2.20 -58.91 152.38
C VAL IB 65 -2.70 -59.48 151.07
N LYS IB 66 -3.20 -60.72 151.10
CA LYS IB 66 -3.69 -61.38 149.89
C LYS IB 66 -4.79 -60.57 149.21
N VAL IB 67 -5.77 -60.12 149.99
CA VAL IB 67 -6.88 -59.38 149.41
C VAL IB 67 -6.41 -58.07 148.81
N PHE IB 68 -5.49 -57.38 149.47
CA PHE IB 68 -4.99 -56.16 148.86
C PHE IB 68 -4.15 -56.41 147.61
N LYS IB 69 -3.53 -57.58 147.49
CA LYS IB 69 -2.91 -57.92 146.22
C LYS IB 69 -3.94 -58.12 145.13
N ASP IB 70 -4.97 -58.90 145.41
CA ASP IB 70 -5.90 -59.28 144.35
C ASP IB 70 -6.87 -58.16 143.98
N ILE IB 71 -7.07 -57.17 144.84
CA ILE IB 71 -7.75 -55.96 144.37
C ILE IB 71 -6.92 -55.21 143.35
N ASP IB 72 -5.59 -55.29 143.44
CA ASP IB 72 -4.74 -54.62 142.46
C ASP IB 72 -4.72 -55.37 141.14
N ALA IB 73 -4.65 -56.69 141.21
CA ALA IB 73 -4.43 -57.49 140.00
C ALA IB 73 -5.48 -57.19 138.93
N ALA IB 74 -6.76 -57.22 139.31
CA ALA IB 74 -7.88 -56.97 138.41
C ALA IB 74 -8.01 -55.51 137.99
N ILE IB 75 -7.17 -54.61 138.48
CA ILE IB 75 -7.13 -53.24 138.00
C ILE IB 75 -5.97 -53.05 137.05
N ILE IB 76 -4.84 -53.70 137.31
CA ILE IB 76 -3.77 -53.69 136.33
C ILE IB 76 -4.20 -54.39 135.06
N GLN IB 77 -4.91 -55.51 135.20
CA GLN IB 77 -5.35 -56.25 134.02
C GLN IB 77 -6.09 -55.38 133.03
N ASN IB 78 -6.97 -54.51 133.51
CA ASN IB 78 -7.77 -53.67 132.63
C ASN IB 78 -6.99 -52.60 131.87
N PHE IB 79 -5.68 -52.44 132.07
CA PHE IB 79 -4.97 -51.49 131.21
C PHE IB 79 -4.89 -51.99 129.77
N ARG IB 80 -4.78 -53.29 129.57
CA ARG IB 80 -4.69 -53.83 128.21
C ARG IB 80 -6.00 -53.65 127.49
N PRO JB 4 -23.78 -42.53 158.72
CA PRO JB 4 -22.92 -42.50 157.54
C PRO JB 4 -23.32 -43.50 156.48
N TRP JB 5 -22.63 -43.45 155.35
CA TRP JB 5 -22.93 -44.36 154.26
C TRP JB 5 -22.82 -45.81 154.70
N SER JB 6 -23.72 -46.64 154.17
CA SER JB 6 -23.70 -48.08 154.44
C SER JB 6 -24.02 -48.80 153.14
N GLY JB 7 -23.33 -49.89 152.89
CA GLY JB 7 -23.64 -50.76 151.78
C GLY JB 7 -24.79 -51.73 152.03
N TYR JB 8 -24.96 -52.62 151.05
CA TYR JB 8 -25.90 -53.72 151.18
C TYR JB 8 -25.41 -54.74 152.18
N LEU JB 9 -24.14 -55.09 152.11
CA LEU JB 9 -23.57 -56.01 153.10
C LEU JB 9 -23.66 -55.43 154.50
N ASP JB 10 -23.40 -54.14 154.64
CA ASP JB 10 -23.62 -53.46 155.92
C ASP JB 10 -25.05 -53.61 156.38
N ASP JB 11 -26.01 -53.37 155.50
CA ASP JB 11 -27.40 -53.49 155.90
C ASP JB 11 -27.79 -54.94 156.19
N VAL JB 12 -27.06 -55.91 155.63
CA VAL JB 12 -27.30 -57.31 155.98
C VAL JB 12 -26.79 -57.61 157.38
N SER JB 13 -25.57 -57.18 157.69
CA SER JB 13 -25.06 -57.31 159.04
C SER JB 13 -26.00 -56.67 160.06
N ALA JB 14 -26.47 -55.47 159.74
CA ALA JB 14 -27.40 -54.75 160.60
C ALA JB 14 -28.59 -55.60 161.05
N LYS JB 15 -29.08 -56.51 160.21
CA LYS JB 15 -30.20 -57.34 160.64
C LYS JB 15 -29.83 -58.25 161.80
N PHE JB 16 -28.72 -58.95 161.70
CA PHE JB 16 -28.23 -59.76 162.82
C PHE JB 16 -28.01 -58.91 164.07
N ASP JB 17 -27.29 -57.80 163.91
CA ASP JB 17 -26.97 -56.93 165.02
C ASP JB 17 -28.22 -56.42 165.75
N THR JB 18 -29.26 -56.05 165.01
CA THR JB 18 -30.50 -55.64 165.67
C THR JB 18 -31.42 -56.81 165.99
N GLY JB 19 -31.09 -58.02 165.55
CA GLY JB 19 -31.89 -59.19 165.83
C GLY JB 19 -31.58 -59.70 167.21
N VAL JB 20 -30.28 -59.73 167.54
CA VAL JB 20 -29.88 -60.10 168.89
C VAL JB 20 -29.97 -58.84 169.77
N ASP JB 21 -31.14 -58.65 170.38
CA ASP JB 21 -31.43 -57.42 171.09
C ASP JB 21 -30.41 -57.05 172.14
N ASN JB 22 -29.99 -58.01 172.98
CA ASN JB 22 -29.06 -57.67 174.06
C ASN JB 22 -28.03 -58.75 174.36
N LEU JB 23 -27.99 -59.82 173.57
CA LEU JB 23 -27.01 -60.89 173.76
C LEU JB 23 -25.62 -60.33 174.00
N GLN JB 24 -25.29 -59.29 173.24
CA GLN JB 24 -23.99 -58.65 173.33
C GLN JB 24 -23.63 -58.28 174.75
N THR JB 25 -24.60 -57.81 175.54
CA THR JB 25 -24.30 -57.48 176.92
C THR JB 25 -24.51 -58.67 177.86
N GLN JB 26 -25.57 -59.44 177.63
CA GLN JB 26 -25.84 -60.59 178.50
C GLN JB 26 -24.61 -61.46 178.66
N VAL JB 27 -23.88 -61.70 177.57
CA VAL JB 27 -22.65 -62.47 177.64
C VAL JB 27 -21.64 -61.79 178.57
N THR JB 28 -21.56 -60.47 178.50
CA THR JB 28 -20.60 -59.76 179.35
C THR JB 28 -20.98 -59.85 180.82
N GLU JB 29 -22.28 -59.90 181.12
CA GLU JB 29 -22.67 -60.05 182.51
C GLU JB 29 -22.32 -61.44 183.04
N ALA JB 30 -22.66 -62.48 182.28
CA ALA JB 30 -22.27 -63.83 182.66
C ALA JB 30 -20.76 -63.92 182.89
N LEU JB 31 -19.98 -63.38 181.96
CA LEU JB 31 -18.52 -63.36 182.09
C LEU JB 31 -18.02 -62.83 183.42
N ASP JB 32 -18.77 -61.91 184.05
CA ASP JB 32 -18.32 -61.39 185.32
C ASP JB 32 -18.89 -62.14 186.52
N LYS JB 33 -20.17 -62.49 186.49
CA LYS JB 33 -20.74 -63.23 187.61
C LYS JB 33 -20.01 -64.56 187.82
N LEU JB 34 -19.70 -65.27 186.74
CA LEU JB 34 -18.94 -66.50 186.87
C LEU JB 34 -17.51 -66.24 187.33
N ALA JB 35 -16.87 -65.21 186.80
CA ALA JB 35 -15.50 -64.93 187.25
C ALA JB 35 -15.48 -64.66 188.74
N ALA JB 36 -16.50 -63.97 189.26
CA ALA JB 36 -16.55 -63.72 190.70
C ALA JB 36 -16.92 -64.99 191.49
N LYS JB 37 -17.57 -65.97 190.88
CA LYS JB 37 -18.01 -67.17 191.61
C LYS JB 37 -18.00 -68.37 190.66
N PRO JB 38 -16.81 -68.81 190.26
CA PRO JB 38 -16.68 -69.90 189.29
C PRO JB 38 -17.38 -71.23 189.60
N SER JB 39 -18.03 -71.39 190.76
CA SER JB 39 -18.57 -72.70 191.13
C SER JB 39 -20.08 -72.74 191.20
N ASP JB 40 -20.78 -71.68 190.85
CA ASP JB 40 -22.23 -71.68 190.89
C ASP JB 40 -22.84 -72.50 189.75
N PRO JB 41 -23.53 -73.61 190.03
CA PRO JB 41 -24.16 -74.36 188.94
C PRO JB 41 -25.12 -73.53 188.10
N ALA JB 42 -25.89 -72.64 188.73
CA ALA JB 42 -26.84 -71.83 187.97
C ALA JB 42 -26.13 -70.87 187.03
N LEU JB 43 -25.12 -70.16 187.53
CA LEU JB 43 -24.34 -69.28 186.67
C LEU JB 43 -23.75 -70.06 185.51
N LEU JB 44 -23.10 -71.18 185.80
CA LEU JB 44 -22.54 -72.03 184.76
C LEU JB 44 -23.58 -72.39 183.70
N ALA JB 45 -24.73 -72.90 184.13
CA ALA JB 45 -25.79 -73.29 183.20
C ALA JB 45 -26.22 -72.13 182.30
N ALA JB 46 -26.44 -70.95 182.88
CA ALA JB 46 -26.81 -69.80 182.06
C ALA JB 46 -25.70 -69.40 181.08
N TYR JB 47 -24.49 -69.24 181.59
CA TYR JB 47 -23.35 -68.86 180.77
C TYR JB 47 -23.14 -69.78 179.59
N GLN JB 48 -23.13 -71.10 179.81
CA GLN JB 48 -23.00 -72.04 178.71
C GLN JB 48 -23.98 -71.75 177.58
N SER JB 49 -25.24 -71.47 177.93
CA SER JB 49 -26.26 -71.14 176.93
C SER JB 49 -25.91 -69.87 176.17
N LYS JB 50 -25.72 -68.77 176.89
CA LYS JB 50 -25.34 -67.52 176.22
C LYS JB 50 -24.14 -67.71 175.30
N LEU JB 51 -23.10 -68.38 175.78
CA LEU JB 51 -21.93 -68.67 174.94
C LEU JB 51 -22.30 -69.37 173.64
N SER JB 52 -23.04 -70.45 173.72
CA SER JB 52 -23.49 -71.15 172.52
C SER JB 52 -24.26 -70.23 171.58
N GLU JB 53 -25.23 -69.49 172.11
CA GLU JB 53 -25.99 -68.54 171.30
C GLU JB 53 -25.08 -67.56 170.56
N TYR JB 54 -24.09 -67.02 171.25
CA TYR JB 54 -23.14 -66.11 170.62
C TYR JB 54 -22.38 -66.79 169.49
N ASN JB 55 -21.83 -67.97 169.76
CA ASN JB 55 -21.13 -68.73 168.73
C ASN JB 55 -21.97 -68.89 167.45
N LEU JB 56 -23.19 -69.41 167.60
CA LEU JB 56 -24.07 -69.58 166.43
C LEU JB 56 -24.36 -68.26 165.73
N TYR JB 57 -24.65 -67.22 166.51
CA TYR JB 57 -24.88 -65.89 165.97
C TYR JB 57 -23.76 -65.44 165.04
N ARG JB 58 -22.53 -65.43 165.55
CA ARG JB 58 -21.40 -64.99 164.73
C ARG JB 58 -21.15 -65.88 163.52
N ASN JB 59 -21.25 -67.20 163.67
CA ASN JB 59 -21.00 -68.06 162.50
C ASN JB 59 -22.03 -67.83 161.39
N ALA JB 60 -23.29 -67.66 161.74
CA ALA JB 60 -24.30 -67.43 160.73
C ALA JB 60 -24.10 -66.08 160.05
N GLN JB 61 -23.84 -65.04 160.84
CA GLN JB 61 -23.60 -63.73 160.25
C GLN JB 61 -22.48 -63.76 159.22
N SER JB 62 -21.29 -64.19 159.63
CA SER JB 62 -20.17 -64.12 158.70
C SER JB 62 -20.32 -65.03 157.49
N ASN JB 63 -20.98 -66.19 157.62
CA ASN JB 63 -21.18 -66.97 156.41
C ASN JB 63 -22.18 -66.33 155.45
N THR JB 64 -23.23 -65.71 155.97
CA THR JB 64 -24.16 -65.00 155.08
C THR JB 64 -23.45 -63.89 154.29
N VAL JB 65 -22.64 -63.10 154.98
CA VAL JB 65 -21.91 -62.04 154.27
C VAL JB 65 -20.99 -62.61 153.21
N LYS JB 66 -20.26 -63.67 153.53
CA LYS JB 66 -19.38 -64.25 152.52
C LYS JB 66 -20.15 -64.69 151.28
N VAL JB 67 -21.30 -65.32 151.49
CA VAL JB 67 -22.14 -65.76 150.39
C VAL JB 67 -22.56 -64.61 149.49
N PHE JB 68 -23.13 -63.55 150.07
CA PHE JB 68 -23.50 -62.41 149.23
C PHE JB 68 -22.31 -61.82 148.49
N LYS JB 69 -21.16 -61.68 149.15
CA LYS JB 69 -20.01 -61.14 148.43
C LYS JB 69 -19.71 -61.96 147.18
N ASP JB 70 -19.72 -63.28 147.32
CA ASP JB 70 -19.38 -64.09 146.15
C ASP JB 70 -20.49 -64.15 145.12
N ILE JB 71 -21.73 -63.86 145.51
CA ILE JB 71 -22.77 -63.64 144.51
C ILE JB 71 -22.49 -62.39 143.67
N ASP JB 72 -22.18 -61.27 144.33
CA ASP JB 72 -21.91 -60.04 143.60
C ASP JB 72 -20.71 -60.17 142.66
N ALA JB 73 -19.59 -60.68 143.16
CA ALA JB 73 -18.39 -60.80 142.34
C ALA JB 73 -18.63 -61.52 141.02
N ALA JB 74 -19.35 -62.64 141.06
CA ALA JB 74 -19.63 -63.37 139.83
C ALA JB 74 -20.36 -62.52 138.79
N ILE JB 75 -21.24 -61.63 139.22
CA ILE JB 75 -21.92 -60.75 138.27
C ILE JB 75 -20.99 -59.66 137.78
N ILE JB 76 -20.31 -58.98 138.70
CA ILE JB 76 -19.42 -57.90 138.29
C ILE JB 76 -18.41 -58.39 137.26
N GLN JB 77 -17.87 -59.58 137.43
CA GLN JB 77 -16.97 -60.11 136.42
C GLN JB 77 -17.65 -60.24 135.06
N ASN JB 78 -18.95 -60.51 135.06
CA ASN JB 78 -19.70 -60.69 133.82
C ASN JB 78 -19.77 -59.44 132.94
N PHE JB 79 -19.51 -58.24 133.47
CA PHE JB 79 -19.63 -57.05 132.63
C PHE JB 79 -18.63 -57.03 131.50
N ARG JB 80 -17.44 -57.54 131.71
CA ARG JB 80 -16.41 -57.45 130.70
C ARG JB 80 -16.54 -58.60 129.74
N PRO KB 4 -47.47 -71.96 147.32
CA PRO KB 4 -46.76 -70.87 146.64
C PRO KB 4 -45.68 -71.38 145.70
N TRP KB 5 -44.91 -70.47 145.12
CA TRP KB 5 -43.82 -70.86 144.25
C TRP KB 5 -42.75 -71.62 145.01
N SER KB 6 -42.25 -72.68 144.39
CA SER KB 6 -41.24 -73.54 144.98
C SER KB 6 -40.20 -73.86 143.91
N GLY KB 7 -38.97 -74.08 144.35
CA GLY KB 7 -37.90 -74.50 143.48
C GLY KB 7 -37.69 -76.00 143.45
N TYR KB 8 -36.52 -76.40 143.00
CA TYR KB 8 -36.10 -77.80 143.00
C TYR KB 8 -35.62 -78.23 144.38
N LEU KB 9 -34.69 -77.47 144.96
CA LEU KB 9 -34.05 -77.88 146.21
C LEU KB 9 -35.05 -77.90 147.37
N ASP KB 10 -35.94 -76.93 147.43
CA ASP KB 10 -36.98 -76.96 148.45
C ASP KB 10 -37.91 -78.14 148.26
N ASP KB 11 -38.27 -78.45 147.02
CA ASP KB 11 -39.07 -79.64 146.75
C ASP KB 11 -38.34 -80.93 147.06
N VAL KB 12 -37.01 -80.90 147.12
CA VAL KB 12 -36.28 -82.04 147.65
C VAL KB 12 -36.33 -82.09 149.18
N SER KB 13 -36.14 -80.95 149.84
CA SER KB 13 -36.39 -80.90 151.28
C SER KB 13 -37.78 -81.43 151.65
N ALA KB 14 -38.75 -81.20 150.76
CA ALA KB 14 -40.11 -81.67 151.00
C ALA KB 14 -40.16 -83.18 151.17
N LYS KB 15 -39.33 -83.91 150.46
CA LYS KB 15 -39.29 -85.37 150.62
C LYS KB 15 -38.91 -85.76 152.05
N PHE KB 16 -37.89 -85.13 152.61
CA PHE KB 16 -37.55 -85.36 154.02
C PHE KB 16 -38.70 -84.96 154.94
N ASP KB 17 -39.23 -83.76 154.77
CA ASP KB 17 -40.22 -83.28 155.74
C ASP KB 17 -41.52 -84.06 155.69
N THR KB 18 -41.89 -84.64 154.54
CA THR KB 18 -42.99 -85.59 154.50
C THR KB 18 -42.55 -87.00 154.89
N GLY KB 19 -41.26 -87.29 154.83
CA GLY KB 19 -40.78 -88.60 155.26
C GLY KB 19 -40.88 -88.77 156.77
N VAL KB 20 -40.31 -87.84 157.52
CA VAL KB 20 -40.55 -87.83 158.96
C VAL KB 20 -42.00 -87.39 159.19
N ASP KB 21 -42.84 -88.37 159.52
CA ASP KB 21 -44.27 -88.16 159.73
C ASP KB 21 -44.58 -87.09 160.77
N ASN KB 22 -44.06 -87.27 161.98
CA ASN KB 22 -44.40 -86.42 163.12
C ASN KB 22 -43.24 -86.16 164.06
N LEU KB 23 -42.02 -86.49 163.65
CA LEU KB 23 -40.90 -86.52 164.57
C LEU KB 23 -40.76 -85.21 165.34
N GLN KB 24 -40.93 -84.08 164.68
CA GLN KB 24 -40.73 -82.81 165.37
C GLN KB 24 -41.68 -82.66 166.56
N THR KB 25 -42.92 -83.13 166.42
CA THR KB 25 -43.84 -83.09 167.54
C THR KB 25 -43.51 -84.15 168.59
N GLN KB 26 -43.26 -85.36 168.14
CA GLN KB 26 -42.88 -86.40 169.10
C GLN KB 26 -41.71 -85.96 169.97
N VAL KB 27 -40.70 -85.34 169.36
CA VAL KB 27 -39.56 -84.81 170.10
C VAL KB 27 -39.97 -83.71 171.07
N THR KB 28 -40.76 -82.75 170.59
CA THR KB 28 -41.19 -81.68 171.49
C THR KB 28 -41.92 -82.22 172.71
N GLU KB 29 -42.85 -83.15 172.50
CA GLU KB 29 -43.63 -83.71 173.61
C GLU KB 29 -42.78 -84.59 174.53
N ALA KB 30 -41.95 -85.46 173.97
CA ALA KB 30 -41.05 -86.24 174.81
C ALA KB 30 -40.18 -85.34 175.67
N LEU KB 31 -39.61 -84.28 175.09
CA LEU KB 31 -38.85 -83.31 175.88
C LEU KB 31 -39.69 -82.70 176.98
N ASP KB 32 -40.95 -82.38 176.71
CA ASP KB 32 -41.77 -81.76 177.74
C ASP KB 32 -42.03 -82.70 178.90
N LYS KB 33 -42.53 -83.90 178.62
CA LYS KB 33 -42.84 -84.83 179.71
C LYS KB 33 -41.57 -85.32 180.40
N LEU KB 34 -40.44 -85.31 179.71
CA LEU KB 34 -39.16 -85.63 180.35
C LEU KB 34 -38.75 -84.53 181.32
N ALA KB 35 -38.61 -83.30 180.83
CA ALA KB 35 -38.15 -82.22 181.69
C ALA KB 35 -39.12 -82.00 182.85
N ALA KB 36 -40.38 -82.38 182.70
CA ALA KB 36 -41.27 -82.26 183.84
C ALA KB 36 -40.95 -83.30 184.92
N LYS KB 37 -40.31 -84.42 184.56
CA LYS KB 37 -40.03 -85.50 185.50
C LYS KB 37 -38.71 -86.16 185.09
N PRO KB 38 -37.61 -85.41 185.10
CA PRO KB 38 -36.32 -85.90 184.58
C PRO KB 38 -35.73 -87.18 185.13
N SER KB 39 -36.31 -87.82 186.13
CA SER KB 39 -35.66 -88.95 186.78
C SER KB 39 -36.24 -90.32 186.40
N ASP KB 40 -36.94 -90.42 185.27
CA ASP KB 40 -37.51 -91.70 184.86
C ASP KB 40 -36.66 -92.38 183.79
N PRO KB 41 -36.03 -93.53 184.08
CA PRO KB 41 -35.21 -94.20 183.06
C PRO KB 41 -36.04 -94.74 181.91
N ALA KB 42 -37.34 -94.93 182.09
CA ALA KB 42 -38.17 -95.40 180.98
C ALA KB 42 -38.36 -94.29 179.97
N LEU KB 43 -38.49 -93.06 180.45
CA LEU KB 43 -38.61 -91.90 179.58
C LEU KB 43 -37.29 -91.58 178.89
N LEU KB 44 -36.22 -91.50 179.67
CA LEU KB 44 -34.90 -91.17 179.14
C LEU KB 44 -34.51 -92.00 177.92
N ALA KB 45 -34.72 -93.31 177.95
CA ALA KB 45 -34.36 -94.13 176.79
C ALA KB 45 -35.11 -93.74 175.54
N ALA KB 46 -36.42 -93.51 175.65
CA ALA KB 46 -37.21 -93.08 174.50
C ALA KB 46 -36.77 -91.71 173.99
N TYR KB 47 -36.55 -90.78 174.92
CA TYR KB 47 -36.07 -89.46 174.52
C TYR KB 47 -34.75 -89.55 173.78
N GLN KB 48 -33.76 -90.23 174.35
CA GLN KB 48 -32.50 -90.47 173.68
C GLN KB 48 -32.70 -91.02 172.26
N SER KB 49 -33.57 -92.01 172.10
CA SER KB 49 -33.85 -92.58 170.79
C SER KB 49 -34.37 -91.54 169.80
N LYS KB 50 -35.45 -90.88 170.16
CA LYS KB 50 -36.04 -89.88 169.28
C LYS KB 50 -35.06 -88.76 168.94
N LEU KB 51 -34.34 -88.25 169.93
CA LEU KB 51 -33.36 -87.20 169.66
C LEU KB 51 -32.27 -87.66 168.71
N SER KB 52 -31.82 -88.91 168.83
CA SER KB 52 -30.84 -89.42 167.87
C SER KB 52 -31.42 -89.48 166.46
N GLU KB 53 -32.64 -90.01 166.32
CA GLU KB 53 -33.28 -90.02 165.01
C GLU KB 53 -33.40 -88.63 164.42
N TYR KB 54 -33.70 -87.64 165.25
CA TYR KB 54 -33.78 -86.26 164.80
C TYR KB 54 -32.43 -85.74 164.31
N ASN KB 55 -31.38 -85.97 165.10
CA ASN KB 55 -30.05 -85.53 164.70
C ASN KB 55 -29.63 -86.12 163.37
N LEU KB 56 -29.99 -87.38 163.11
CA LEU KB 56 -29.71 -87.97 161.82
C LEU KB 56 -30.52 -87.35 160.69
N TYR KB 57 -31.83 -87.17 160.89
CA TYR KB 57 -32.64 -86.56 159.86
C TYR KB 57 -32.12 -85.19 159.44
N ARG KB 58 -31.70 -84.37 160.42
CA ARG KB 58 -31.13 -83.07 160.07
C ARG KB 58 -29.80 -83.18 159.34
N ASN KB 59 -28.91 -84.06 159.81
CA ASN KB 59 -27.60 -84.15 159.18
C ASN KB 59 -27.69 -84.66 157.76
N ALA KB 60 -28.60 -85.59 157.50
CA ALA KB 60 -28.80 -86.04 156.12
C ALA KB 60 -29.32 -84.90 155.25
N GLN KB 61 -30.38 -84.23 155.69
CA GLN KB 61 -31.02 -83.22 154.86
C GLN KB 61 -30.04 -82.13 154.45
N SER KB 62 -29.41 -81.49 155.44
CA SER KB 62 -28.56 -80.34 155.12
C SER KB 62 -27.38 -80.68 154.20
N ASN KB 63 -26.88 -81.92 154.23
CA ASN KB 63 -25.86 -82.30 153.24
C ASN KB 63 -26.46 -82.53 151.86
N THR KB 64 -27.60 -83.20 151.80
CA THR KB 64 -28.17 -83.54 150.50
C THR KB 64 -28.49 -82.29 149.69
N VAL KB 65 -28.99 -81.24 150.35
CA VAL KB 65 -29.16 -79.96 149.65
C VAL KB 65 -27.88 -79.49 148.98
N LYS KB 66 -26.78 -79.49 149.72
CA LYS KB 66 -25.53 -78.94 149.20
C LYS KB 66 -25.03 -79.73 148.00
N VAL KB 67 -25.16 -81.05 148.05
CA VAL KB 67 -24.59 -81.82 146.95
C VAL KB 67 -25.28 -81.48 145.63
N PHE KB 68 -26.61 -81.34 145.63
CA PHE KB 68 -27.28 -80.87 144.42
C PHE KB 68 -26.86 -79.47 144.03
N LYS KB 69 -26.61 -78.60 145.00
CA LYS KB 69 -26.13 -77.26 144.64
C LYS KB 69 -24.83 -77.31 143.85
N ASP KB 70 -23.88 -78.11 144.32
CA ASP KB 70 -22.62 -78.24 143.60
C ASP KB 70 -22.68 -79.13 142.36
N ILE KB 71 -23.74 -79.93 142.19
CA ILE KB 71 -24.00 -80.47 140.86
C ILE KB 71 -24.41 -79.36 139.89
N ASP KB 72 -25.31 -78.49 140.31
CA ASP KB 72 -25.84 -77.50 139.37
C ASP KB 72 -24.82 -76.43 139.01
N ALA KB 73 -24.14 -75.85 140.00
CA ALA KB 73 -23.17 -74.80 139.71
C ALA KB 73 -22.15 -75.21 138.66
N ALA KB 74 -21.65 -76.45 138.71
CA ALA KB 74 -20.69 -76.90 137.70
C ALA KB 74 -21.26 -76.88 136.30
N ILE KB 75 -22.54 -77.17 136.14
CA ILE KB 75 -23.19 -77.11 134.82
C ILE KB 75 -23.39 -75.67 134.40
N ILE KB 76 -23.80 -74.81 135.33
CA ILE KB 76 -24.05 -73.41 134.99
C ILE KB 76 -22.78 -72.71 134.55
N GLN KB 77 -21.68 -72.90 135.27
CA GLN KB 77 -20.46 -72.23 134.84
C GLN KB 77 -20.10 -72.60 133.42
N ASN KB 78 -20.46 -73.81 133.00
CA ASN KB 78 -20.18 -74.29 131.66
C ASN KB 78 -20.79 -73.43 130.55
N PHE KB 79 -21.81 -72.62 130.84
CA PHE KB 79 -22.40 -71.80 129.79
C PHE KB 79 -21.48 -70.72 129.27
N ARG KB 80 -20.63 -70.14 130.11
CA ARG KB 80 -19.70 -69.13 129.62
C ARG KB 80 -18.86 -69.69 128.50
N PRO LB 4 -31.07 -104.33 135.28
CA PRO LB 4 -30.52 -103.31 136.18
C PRO LB 4 -29.24 -102.71 135.64
N TRP LB 5 -28.80 -101.59 136.21
CA TRP LB 5 -27.60 -100.90 135.77
C TRP LB 5 -26.74 -100.59 136.97
N SER LB 6 -25.43 -100.80 136.83
CA SER LB 6 -24.50 -100.53 137.91
C SER LB 6 -23.24 -99.88 137.37
N GLY LB 7 -22.75 -98.88 138.10
CA GLY LB 7 -21.50 -98.24 137.81
C GLY LB 7 -20.30 -98.92 138.46
N TYR LB 8 -19.14 -98.27 138.30
CA TYR LB 8 -17.91 -98.75 138.90
C TYR LB 8 -17.97 -98.71 140.42
N LEU LB 9 -18.45 -97.58 140.96
CA LEU LB 9 -18.62 -97.47 142.41
C LEU LB 9 -19.63 -98.50 142.93
N ASP LB 10 -20.74 -98.67 142.21
CA ASP LB 10 -21.68 -99.73 142.53
C ASP LB 10 -20.99 -101.09 142.62
N ASP LB 11 -20.17 -101.41 141.63
CA ASP LB 11 -19.47 -102.69 141.65
C ASP LB 11 -18.46 -102.80 142.77
N VAL LB 12 -17.85 -101.68 143.17
CA VAL LB 12 -16.98 -101.72 144.33
C VAL LB 12 -17.77 -102.06 145.59
N SER LB 13 -18.89 -101.37 145.81
CA SER LB 13 -19.77 -101.72 146.93
C SER LB 13 -20.18 -103.19 146.88
N ALA LB 14 -20.61 -103.65 145.71
CA ALA LB 14 -20.99 -105.05 145.54
C ALA LB 14 -19.86 -105.99 145.96
N LYS LB 15 -18.61 -105.63 145.71
CA LYS LB 15 -17.51 -106.48 146.15
C LYS LB 15 -17.57 -106.74 147.66
N PHE LB 16 -17.71 -105.68 148.45
CA PHE LB 16 -17.83 -105.87 149.89
C PHE LB 16 -19.07 -106.67 150.27
N ASP LB 17 -20.20 -106.40 149.62
CA ASP LB 17 -21.40 -107.16 149.95
C ASP LB 17 -21.24 -108.65 149.66
N THR LB 18 -20.55 -108.99 148.58
CA THR LB 18 -20.23 -110.39 148.29
C THR LB 18 -19.08 -110.92 149.12
N GLY LB 19 -18.36 -110.06 149.83
CA GLY LB 19 -17.31 -110.47 150.72
C GLY LB 19 -17.84 -110.89 152.08
N VAL LB 20 -18.67 -110.04 152.68
CA VAL LB 20 -19.34 -110.38 153.94
C VAL LB 20 -20.67 -111.03 153.58
N ASP LB 21 -20.60 -112.32 153.26
CA ASP LB 21 -21.75 -113.08 152.77
C ASP LB 21 -23.03 -112.86 153.58
N ASN LB 22 -22.96 -113.04 154.90
CA ASN LB 22 -24.16 -113.02 155.72
C ASN LB 22 -24.07 -112.21 156.99
N LEU LB 23 -22.99 -111.46 157.20
CA LEU LB 23 -22.82 -110.74 158.46
C LEU LB 23 -24.06 -109.93 158.84
N GLN LB 24 -24.74 -109.33 157.85
CA GLN LB 24 -25.97 -108.61 158.15
C GLN LB 24 -26.98 -109.49 158.85
N THR LB 25 -27.17 -110.72 158.39
CA THR LB 25 -28.13 -111.61 159.03
C THR LB 25 -27.61 -112.16 160.34
N GLN LB 26 -26.34 -112.55 160.38
CA GLN LB 26 -25.79 -113.07 161.62
C GLN LB 26 -25.88 -112.03 162.73
N VAL LB 27 -25.83 -110.75 162.37
CA VAL LB 27 -25.99 -109.66 163.34
C VAL LB 27 -27.44 -109.51 163.73
N THR LB 28 -28.32 -109.36 162.75
CA THR LB 28 -29.73 -109.20 163.05
C THR LB 28 -30.24 -110.32 163.96
N GLU LB 29 -29.96 -111.56 163.60
CA GLU LB 29 -30.46 -112.66 164.41
C GLU LB 29 -29.67 -112.88 165.69
N ALA LB 30 -28.41 -112.44 165.78
CA ALA LB 30 -27.74 -112.57 167.06
C ALA LB 30 -28.33 -111.57 168.04
N LEU LB 31 -28.52 -110.33 167.59
CA LEU LB 31 -29.24 -109.34 168.37
C LEU LB 31 -30.60 -109.86 168.80
N ASP LB 32 -31.31 -110.50 167.87
CA ASP LB 32 -32.66 -110.99 168.18
C ASP LB 32 -32.65 -112.06 169.26
N LYS LB 33 -31.73 -113.01 169.20
CA LYS LB 33 -31.72 -114.02 170.26
C LYS LB 33 -31.17 -113.44 171.57
N LEU LB 34 -30.22 -112.51 171.49
CA LEU LB 34 -29.69 -111.87 172.70
C LEU LB 34 -30.78 -111.09 173.44
N ALA LB 35 -31.62 -110.38 172.70
CA ALA LB 35 -32.67 -109.59 173.33
C ALA LB 35 -33.61 -110.41 174.18
N ALA LB 36 -33.67 -111.72 173.99
CA ALA LB 36 -34.55 -112.53 174.82
C ALA LB 36 -33.95 -112.85 176.19
N LYS LB 37 -32.64 -112.73 176.35
CA LYS LB 37 -31.98 -113.01 177.63
C LYS LB 37 -30.69 -112.21 177.72
N PRO LB 38 -30.79 -110.89 177.89
CA PRO LB 38 -29.60 -110.02 177.89
C PRO LB 38 -28.55 -110.39 178.92
N SER LB 39 -28.89 -111.18 179.92
CA SER LB 39 -27.99 -111.50 181.04
C SER LB 39 -27.10 -112.70 180.81
N ASP LB 40 -26.91 -113.15 179.56
CA ASP LB 40 -26.07 -114.31 179.31
C ASP LB 40 -24.75 -113.88 178.67
N PRO LB 41 -23.63 -114.17 179.32
CA PRO LB 41 -22.33 -113.76 178.73
C PRO LB 41 -21.99 -114.42 177.41
N ALA LB 42 -22.47 -115.63 177.12
CA ALA LB 42 -22.07 -116.21 175.83
C ALA LB 42 -22.68 -115.41 174.69
N LEU LB 43 -23.91 -114.97 174.87
CA LEU LB 43 -24.56 -114.18 173.85
C LEU LB 43 -23.99 -112.77 173.83
N LEU LB 44 -23.64 -112.24 175.00
CA LEU LB 44 -23.01 -110.92 175.02
C LEU LB 44 -21.71 -110.93 174.22
N ALA LB 45 -20.81 -111.87 174.51
CA ALA LB 45 -19.56 -111.99 173.78
C ALA LB 45 -19.77 -112.14 172.28
N ALA LB 46 -20.69 -113.03 171.88
CA ALA LB 46 -20.94 -113.22 170.46
C ALA LB 46 -21.43 -111.93 169.80
N TYR LB 47 -22.48 -111.34 170.36
CA TYR LB 47 -23.01 -110.09 169.80
C TYR LB 47 -21.94 -109.00 169.70
N GLN LB 48 -21.16 -108.81 170.75
CA GLN LB 48 -20.05 -107.84 170.69
C GLN LB 48 -19.12 -108.11 169.51
N SER LB 49 -18.74 -109.36 169.30
CA SER LB 49 -17.87 -109.69 168.16
C SER LB 49 -18.53 -109.31 166.83
N LYS LB 50 -19.72 -109.85 166.58
CA LYS LB 50 -20.43 -109.57 165.34
C LYS LB 50 -20.57 -108.07 165.10
N LEU LB 51 -21.03 -107.33 166.11
CA LEU LB 51 -21.17 -105.90 165.98
C LEU LB 51 -19.87 -105.21 165.59
N SER LB 52 -18.77 -105.53 166.26
CA SER LB 52 -17.50 -104.92 165.88
C SER LB 52 -17.15 -105.19 164.42
N GLU LB 53 -17.29 -106.43 163.98
CA GLU LB 53 -17.02 -106.75 162.57
C GLU LB 53 -17.90 -105.94 161.62
N TYR LB 54 -19.20 -105.90 161.89
CA TYR LB 54 -20.13 -105.15 161.06
C TYR LB 54 -19.75 -103.66 160.99
N ASN LB 55 -19.45 -103.08 162.14
CA ASN LB 55 -19.01 -101.68 162.19
C ASN LB 55 -17.83 -101.43 161.26
N LEU LB 56 -16.76 -102.21 161.43
CA LEU LB 56 -15.59 -101.99 160.57
C LEU LB 56 -15.92 -102.20 159.11
N TYR LB 57 -16.76 -103.18 158.80
CA TYR LB 57 -17.21 -103.42 157.44
C TYR LB 57 -17.82 -102.18 156.80
N ARG LB 58 -18.82 -101.60 157.45
CA ARG LB 58 -19.45 -100.40 156.91
C ARG LB 58 -18.50 -99.22 156.83
N ASN LB 59 -17.60 -99.05 157.80
CA ASN LB 59 -16.65 -97.94 157.70
C ASN LB 59 -15.72 -98.07 156.50
N ALA LB 60 -15.05 -99.21 156.35
CA ALA LB 60 -14.15 -99.40 155.22
C ALA LB 60 -14.88 -99.27 153.88
N GLN LB 61 -16.11 -99.75 153.83
CA GLN LB 61 -16.88 -99.63 152.60
C GLN LB 61 -17.14 -98.19 152.25
N SER LB 62 -17.72 -97.43 153.17
CA SER LB 62 -18.08 -96.07 152.86
C SER LB 62 -16.86 -95.17 152.64
N ASN LB 63 -15.73 -95.43 153.30
CA ASN LB 63 -14.56 -94.63 152.98
C ASN LB 63 -13.99 -94.92 151.58
N THR LB 64 -14.02 -96.16 151.12
CA THR LB 64 -13.42 -96.43 149.80
C THR LB 64 -14.09 -95.61 148.68
N VAL LB 65 -15.42 -95.53 148.73
CA VAL LB 65 -16.19 -94.87 147.68
C VAL LB 65 -15.75 -93.42 147.50
N LYS LB 66 -15.62 -92.68 148.60
CA LYS LB 66 -15.22 -91.28 148.46
C LYS LB 66 -13.87 -91.13 147.80
N VAL LB 67 -12.90 -91.97 148.15
CA VAL LB 67 -11.58 -91.84 147.53
C VAL LB 67 -11.65 -92.06 146.03
N PHE LB 68 -12.36 -93.09 145.59
CA PHE LB 68 -12.47 -93.28 144.14
C PHE LB 68 -13.21 -92.15 143.44
N LYS LB 69 -14.33 -91.70 144.00
CA LYS LB 69 -15.03 -90.57 143.42
C LYS LB 69 -14.14 -89.33 143.33
N ASP LB 70 -13.34 -89.07 144.37
CA ASP LB 70 -12.45 -87.92 144.37
C ASP LB 70 -11.26 -88.06 143.45
N ILE LB 71 -10.92 -89.29 143.03
CA ILE LB 71 -10.00 -89.43 141.90
C ILE LB 71 -10.68 -89.08 140.59
N ASP LB 72 -11.84 -89.69 140.32
CA ASP LB 72 -12.48 -89.45 139.04
C ASP LB 72 -12.81 -87.98 138.81
N ALA LB 73 -13.31 -87.29 139.83
CA ALA LB 73 -13.58 -85.86 139.68
C ALA LB 73 -12.34 -85.07 139.32
N ALA LB 74 -11.17 -85.54 139.73
CA ALA LB 74 -9.95 -84.85 139.37
C ALA LB 74 -9.54 -85.14 137.94
N ILE LB 75 -9.75 -86.37 137.48
CA ILE LB 75 -9.42 -86.65 136.09
C ILE LB 75 -10.35 -85.88 135.17
N ILE LB 76 -11.64 -85.82 135.52
CA ILE LB 76 -12.62 -85.14 134.68
C ILE LB 76 -12.37 -83.65 134.62
N GLN LB 77 -11.90 -83.05 135.72
CA GLN LB 77 -11.69 -81.61 135.71
C GLN LB 77 -10.71 -81.16 134.63
N ASN LB 78 -9.76 -82.00 134.23
CA ASN LB 78 -8.82 -81.61 133.18
C ASN LB 78 -9.40 -81.69 131.76
N PHE LB 79 -10.64 -82.10 131.57
CA PHE LB 79 -11.22 -82.04 130.23
C PHE LB 79 -11.33 -80.61 129.73
N ARG LB 80 -11.47 -79.64 130.62
CA ARG LB 80 -11.60 -78.27 130.18
C ARG LB 80 -10.26 -77.71 129.77
N PRO MB 4 6.40 -107.62 143.12
CA PRO MB 4 7.31 -107.22 142.05
C PRO MB 4 7.56 -105.72 142.03
N TRP MB 5 6.63 -104.94 141.49
CA TRP MB 5 6.79 -103.49 141.44
C TRP MB 5 6.41 -102.87 142.76
N SER MB 6 7.14 -101.84 143.16
CA SER MB 6 6.81 -101.10 144.38
C SER MB 6 7.13 -99.63 144.15
N GLY MB 7 6.40 -98.77 144.87
CA GLY MB 7 6.66 -97.36 144.89
C GLY MB 7 7.55 -96.89 146.02
N TYR MB 8 7.43 -95.59 146.31
CA TYR MB 8 8.13 -94.97 147.44
C TYR MB 8 7.45 -95.26 148.78
N LEU MB 9 6.15 -94.99 148.86
CA LEU MB 9 5.41 -95.15 150.11
C LEU MB 9 5.45 -96.59 150.63
N ASP MB 10 5.21 -97.56 149.75
CA ASP MB 10 5.29 -98.95 150.18
C ASP MB 10 6.71 -99.35 150.55
N ASP MB 11 7.71 -98.80 149.88
CA ASP MB 11 9.09 -99.04 150.30
C ASP MB 11 9.36 -98.45 151.67
N VAL MB 12 8.68 -97.37 152.01
CA VAL MB 12 8.82 -96.81 153.36
C VAL MB 12 8.16 -97.73 154.39
N SER MB 13 6.93 -98.15 154.13
CA SER MB 13 6.29 -99.13 155.01
C SER MB 13 7.19 -100.33 155.26
N ALA MB 14 7.80 -100.85 154.19
CA ALA MB 14 8.71 -101.97 154.35
C ALA MB 14 9.79 -101.68 155.39
N LYS MB 15 10.21 -100.43 155.57
CA LYS MB 15 11.15 -100.11 156.64
C LYS MB 15 10.65 -100.63 157.98
N PHE MB 16 9.44 -100.25 158.37
CA PHE MB 16 8.85 -100.76 159.61
C PHE MB 16 8.75 -102.28 159.61
N ASP MB 17 8.25 -102.84 158.51
CA ASP MB 17 8.14 -104.31 158.44
C ASP MB 17 9.46 -105.00 158.76
N THR MB 18 10.55 -104.60 158.12
CA THR MB 18 11.85 -105.18 158.45
C THR MB 18 12.40 -104.68 159.77
N GLY MB 19 11.87 -103.59 160.31
CA GLY MB 19 12.34 -103.11 161.60
C GLY MB 19 11.87 -103.99 162.74
N VAL MB 20 10.57 -104.24 162.83
CA VAL MB 20 10.09 -105.23 163.78
C VAL MB 20 10.33 -106.60 163.17
N ASP MB 21 11.51 -107.14 163.47
CA ASP MB 21 11.98 -108.40 162.87
C ASP MB 21 10.97 -109.53 162.98
N ASN MB 22 10.46 -109.77 164.18
CA ASN MB 22 9.62 -110.95 164.42
C ASN MB 22 8.37 -110.68 165.25
N LEU MB 23 8.12 -109.42 165.62
CA LEU MB 23 6.99 -109.10 166.48
C LEU MB 23 5.70 -109.75 166.03
N GLN MB 24 5.45 -109.79 164.72
CA GLN MB 24 4.22 -110.44 164.24
C GLN MB 24 4.10 -111.88 164.73
N THR MB 25 5.18 -112.64 164.62
CA THR MB 25 5.17 -114.03 165.09
C THR MB 25 5.08 -114.10 166.61
N GLN MB 26 5.92 -113.33 167.30
CA GLN MB 26 5.86 -113.30 168.75
C GLN MB 26 4.44 -113.02 169.25
N VAL MB 27 3.78 -112.02 168.67
CA VAL MB 27 2.42 -111.67 169.07
C VAL MB 27 1.45 -112.79 168.75
N THR MB 28 1.62 -113.44 167.60
CA THR MB 28 0.75 -114.56 167.26
C THR MB 28 0.87 -115.69 168.28
N GLU MB 29 2.09 -116.03 168.69
CA GLU MB 29 2.26 -117.18 169.57
C GLU MB 29 1.97 -116.87 171.04
N ALA MB 30 2.43 -115.72 171.54
CA ALA MB 30 2.18 -115.39 172.93
C ALA MB 30 0.70 -115.49 173.25
N LEU MB 31 -0.14 -114.94 172.37
CA LEU MB 31 -1.58 -115.07 172.52
C LEU MB 31 -2.02 -116.52 172.58
N ASP MB 32 -1.42 -117.39 171.76
CA ASP MB 32 -1.81 -118.79 171.80
C ASP MB 32 -1.51 -119.44 173.15
N LYS MB 33 -0.31 -119.17 173.67
CA LYS MB 33 0.02 -119.65 175.01
C LYS MB 33 -0.96 -119.12 176.05
N LEU MB 34 -1.10 -117.81 176.14
CA LEU MB 34 -2.02 -117.20 177.10
C LEU MB 34 -3.41 -117.80 176.98
N ALA MB 35 -3.96 -117.85 175.76
CA ALA MB 35 -5.28 -118.42 175.53
C ALA MB 35 -5.35 -119.85 176.06
N ALA MB 36 -4.24 -120.58 176.02
CA ALA MB 36 -4.28 -121.95 176.51
C ALA MB 36 -4.43 -122.01 178.04
N LYS MB 37 -4.05 -120.95 178.76
CA LYS MB 37 -4.12 -120.95 180.23
C LYS MB 37 -4.26 -119.51 180.72
N PRO MB 38 -5.45 -118.93 180.54
CA PRO MB 38 -5.60 -117.46 180.67
C PRO MB 38 -5.15 -116.83 181.98
N SER MB 39 -4.95 -117.58 183.05
CA SER MB 39 -4.73 -116.99 184.37
C SER MB 39 -3.28 -117.07 184.86
N ASP MB 40 -2.33 -117.48 184.05
CA ASP MB 40 -0.93 -117.42 184.46
C ASP MB 40 -0.37 -116.00 184.37
N PRO MB 41 0.13 -115.44 185.49
CA PRO MB 41 0.54 -114.03 185.46
C PRO MB 41 1.75 -113.78 184.59
N ALA MB 42 2.60 -114.78 184.37
CA ALA MB 42 3.73 -114.62 183.47
C ALA MB 42 3.23 -114.40 182.05
N LEU MB 43 2.31 -115.27 181.62
CA LEU MB 43 1.72 -115.13 180.29
C LEU MB 43 1.07 -113.77 180.14
N LEU MB 44 0.22 -113.39 181.09
CA LEU MB 44 -0.44 -112.10 181.00
C LEU MB 44 0.56 -110.94 180.94
N ALA MB 45 1.55 -110.94 181.83
CA ALA MB 45 2.50 -109.83 181.84
C ALA MB 45 3.32 -109.76 180.55
N ALA MB 46 3.52 -110.88 179.88
CA ALA MB 46 4.20 -110.84 178.58
C ALA MB 46 3.27 -110.32 177.48
N TYR MB 47 2.05 -110.83 177.45
CA TYR MB 47 1.13 -110.50 176.37
C TYR MB 47 0.70 -109.04 176.41
N GLN MB 48 0.54 -108.46 177.59
CA GLN MB 48 0.30 -107.02 177.67
C GLN MB 48 1.35 -106.23 176.90
N SER MB 49 2.63 -106.57 177.10
CA SER MB 49 3.72 -105.91 176.41
C SER MB 49 3.65 -106.10 174.91
N LYS MB 50 3.57 -107.37 174.47
CA LYS MB 50 3.51 -107.64 173.04
C LYS MB 50 2.36 -106.88 172.36
N LEU MB 51 1.16 -106.97 172.91
CA LEU MB 51 0.03 -106.28 172.28
C LEU MB 51 0.21 -104.77 172.24
N SER MB 52 0.73 -104.16 173.32
CA SER MB 52 0.94 -102.72 173.28
C SER MB 52 1.98 -102.32 172.24
N GLU MB 53 3.07 -103.07 172.13
CA GLU MB 53 4.04 -102.83 171.07
C GLU MB 53 3.42 -102.95 169.68
N TYR MB 54 2.58 -103.95 169.47
CA TYR MB 54 1.93 -104.11 168.17
C TYR MB 54 1.02 -102.95 167.85
N ASN MB 55 0.25 -102.49 168.83
CA ASN MB 55 -0.59 -101.31 168.62
C ASN MB 55 0.24 -100.10 168.20
N LEU MB 56 1.28 -99.77 168.95
CA LEU MB 56 2.05 -98.56 168.62
C LEU MB 56 2.77 -98.68 167.29
N TYR MB 57 3.28 -99.87 166.97
CA TYR MB 57 3.84 -100.15 165.66
C TYR MB 57 2.87 -99.79 164.55
N ARG MB 58 1.68 -100.38 164.58
CA ARG MB 58 0.70 -100.12 163.53
C ARG MB 58 0.31 -98.65 163.47
N ASN MB 59 0.06 -98.01 164.61
CA ASN MB 59 -0.37 -96.61 164.57
C ASN MB 59 0.68 -95.72 163.91
N ALA MB 60 1.92 -95.76 164.41
CA ALA MB 60 2.94 -94.90 163.82
C ALA MB 60 3.16 -95.20 162.35
N GLN MB 61 3.09 -96.47 161.96
CA GLN MB 61 3.18 -96.81 160.55
C GLN MB 61 2.09 -96.12 159.73
N SER MB 62 0.83 -96.30 160.13
CA SER MB 62 -0.25 -95.72 159.34
C SER MB 62 -0.20 -94.21 159.29
N ASN MB 63 0.28 -93.56 160.35
CA ASN MB 63 0.38 -92.10 160.26
C ASN MB 63 1.49 -91.63 159.34
N THR MB 64 2.62 -92.34 159.31
CA THR MB 64 3.73 -91.88 158.47
C THR MB 64 3.37 -91.77 156.99
N VAL MB 65 2.53 -92.68 156.49
CA VAL MB 65 2.15 -92.65 155.07
C VAL MB 65 1.39 -91.39 154.68
N LYS MB 66 0.40 -90.99 155.48
CA LYS MB 66 -0.47 -89.89 155.08
C LYS MB 66 0.27 -88.58 154.87
N VAL MB 67 1.32 -88.32 155.65
CA VAL MB 67 2.08 -87.09 155.48
C VAL MB 67 2.70 -87.03 154.09
N PHE MB 68 3.39 -88.09 153.69
CA PHE MB 68 3.96 -88.12 152.35
C PHE MB 68 2.89 -87.99 151.29
N LYS MB 69 1.76 -88.68 151.47
CA LYS MB 69 0.68 -88.56 150.51
C LYS MB 69 0.26 -87.11 150.30
N ASP MB 70 0.21 -86.33 151.39
CA ASP MB 70 -0.17 -84.92 151.24
C ASP MB 70 0.92 -84.10 150.55
N ILE MB 71 2.17 -84.29 150.96
CA ILE MB 71 3.24 -83.54 150.30
C ILE MB 71 3.20 -83.76 148.80
N ASP MB 72 3.13 -85.02 148.39
CA ASP MB 72 3.08 -85.34 146.96
C ASP MB 72 1.85 -84.75 146.29
N ALA MB 73 0.67 -84.91 146.90
CA ALA MB 73 -0.53 -84.31 146.31
C ALA MB 73 -0.34 -82.83 146.04
N ALA MB 74 0.21 -82.09 147.00
CA ALA MB 74 0.47 -80.66 146.81
C ALA MB 74 1.38 -80.41 145.62
N ILE MB 75 2.52 -81.10 145.56
CA ILE MB 75 3.43 -80.87 144.44
C ILE MB 75 2.77 -81.20 143.11
N ILE MB 76 1.91 -82.22 143.08
CA ILE MB 76 1.18 -82.51 141.85
C ILE MB 76 0.24 -81.38 141.49
N GLN MB 77 -0.48 -80.85 142.47
CA GLN MB 77 -1.38 -79.74 142.19
C GLN MB 77 -0.63 -78.53 141.64
N ASN MB 78 0.63 -78.38 141.96
CA ASN MB 78 1.38 -77.26 141.38
C ASN MB 78 1.87 -77.51 139.96
N PHE MB 79 1.60 -78.66 139.33
CA PHE MB 79 1.95 -78.82 137.93
C PHE MB 79 1.05 -78.05 136.99
N ARG MB 80 -0.15 -77.67 137.41
CA ARG MB 80 -1.09 -77.07 136.48
C ARG MB 80 -0.54 -75.75 135.97
N PRO NB 4 25.23 -78.82 162.84
CA PRO NB 4 24.47 -79.15 161.64
C PRO NB 4 23.24 -78.27 161.44
N TRP NB 5 22.56 -78.45 160.32
CA TRP NB 5 21.37 -77.67 160.04
C TRP NB 5 20.33 -77.84 161.15
N SER NB 6 19.79 -76.73 161.62
CA SER NB 6 18.74 -76.74 162.64
C SER NB 6 17.70 -75.71 162.22
N GLY NB 7 16.43 -76.09 162.28
CA GLY NB 7 15.35 -75.16 161.99
C GLY NB 7 14.80 -74.48 163.22
N TYR NB 8 13.66 -73.80 163.00
CA TYR NB 8 12.99 -73.11 164.09
C TYR NB 8 12.21 -74.06 164.97
N LEU NB 9 11.73 -75.18 164.43
CA LEU NB 9 11.18 -76.22 165.29
C LEU NB 9 12.27 -76.91 166.09
N ASP NB 10 13.48 -76.99 165.56
CA ASP NB 10 14.63 -77.41 166.36
C ASP NB 10 14.87 -76.42 167.49
N ASP NB 11 14.87 -75.13 167.15
CA ASP NB 11 15.02 -74.10 168.17
C ASP NB 11 13.98 -74.24 169.27
N VAL NB 12 12.76 -74.59 168.90
CA VAL NB 12 11.70 -74.77 169.89
C VAL NB 12 11.95 -76.00 170.77
N SER NB 13 12.01 -77.18 170.16
CA SER NB 13 12.23 -78.39 170.96
C SER NB 13 13.48 -78.31 171.82
N ALA NB 14 14.57 -77.78 171.26
CA ALA NB 14 15.79 -77.65 172.03
C ALA NB 14 15.61 -76.83 173.30
N LYS NB 15 14.69 -75.87 173.31
CA LYS NB 15 14.46 -75.15 174.56
C LYS NB 15 14.00 -76.09 175.67
N PHE NB 16 13.15 -77.06 175.35
CA PHE NB 16 12.76 -78.07 176.33
C PHE NB 16 13.93 -78.98 176.69
N ASP NB 17 14.55 -79.56 175.68
CA ASP NB 17 15.68 -80.45 175.92
C ASP NB 17 16.77 -79.81 176.79
N THR NB 18 17.03 -78.52 176.60
CA THR NB 18 17.99 -77.81 177.45
C THR NB 18 17.39 -77.21 178.71
N GLY NB 19 16.07 -77.13 178.83
CA GLY NB 19 15.48 -76.56 180.02
C GLY NB 19 15.48 -77.64 181.08
N VAL NB 20 14.95 -78.81 180.73
CA VAL NB 20 15.00 -79.94 181.64
C VAL NB 20 16.37 -80.59 181.47
N ASP NB 21 17.35 -80.08 182.23
CA ASP NB 21 18.75 -80.45 182.01
C ASP NB 21 18.99 -81.95 182.14
N ASN NB 22 18.45 -82.58 183.18
CA ASN NB 22 18.79 -83.97 183.46
C ASN NB 22 17.59 -84.87 183.78
N LEU NB 23 16.37 -84.33 183.71
CA LEU NB 23 15.19 -85.10 184.08
C LEU NB 23 15.19 -86.52 183.50
N GLN NB 24 15.67 -86.68 182.26
CA GLN NB 24 15.75 -88.01 181.67
C GLN NB 24 16.54 -88.98 182.53
N THR NB 25 17.73 -88.58 182.97
CA THR NB 25 18.51 -89.42 183.86
C THR NB 25 17.87 -89.55 185.24
N GLN NB 26 17.36 -88.45 185.78
CA GLN NB 26 16.67 -88.54 187.06
C GLN NB 26 15.61 -89.64 187.02
N VAL NB 27 14.83 -89.68 185.93
CA VAL NB 27 13.83 -90.74 185.75
C VAL NB 27 14.50 -92.10 185.64
N THR NB 28 15.51 -92.21 184.80
CA THR NB 28 16.22 -93.48 184.63
C THR NB 28 16.66 -94.07 185.96
N GLU NB 29 17.40 -93.28 186.74
CA GLU NB 29 17.93 -93.79 188.00
C GLU NB 29 16.86 -93.98 189.06
N ALA NB 30 15.84 -93.12 189.11
CA ALA NB 30 14.72 -93.38 190.02
C ALA NB 30 14.09 -94.74 189.71
N LEU NB 31 13.81 -94.98 188.43
CA LEU NB 31 13.30 -96.26 187.98
C LEU NB 31 14.19 -97.42 188.42
N ASP NB 32 15.50 -97.28 188.20
CA ASP NB 32 16.42 -98.34 188.59
C ASP NB 32 16.39 -98.61 190.09
N LYS NB 33 16.36 -97.55 190.90
CA LYS NB 33 16.29 -97.74 192.35
C LYS NB 33 15.02 -98.48 192.75
N LEU NB 34 13.88 -98.04 192.21
CA LEU NB 34 12.61 -98.72 192.48
C LEU NB 34 12.69 -100.19 192.08
N ALA NB 35 13.20 -100.48 190.89
CA ALA NB 35 13.36 -101.87 190.46
C ALA NB 35 14.27 -102.63 191.41
N ALA NB 36 15.29 -101.96 191.96
CA ALA NB 36 16.18 -102.61 192.92
C ALA NB 36 15.49 -102.91 194.24
N LYS NB 37 14.43 -102.18 194.57
CA LYS NB 37 13.69 -102.40 195.82
C LYS NB 37 12.25 -102.00 195.61
N PRO NB 38 11.47 -102.86 194.93
CA PRO NB 38 10.05 -102.54 194.65
C PRO NB 38 9.17 -102.25 195.84
N SER NB 39 9.58 -102.51 197.08
CA SER NB 39 8.67 -102.44 198.22
C SER NB 39 8.95 -101.28 199.17
N ASP NB 40 9.80 -100.33 198.79
CA ASP NB 40 10.11 -99.20 199.66
C ASP NB 40 9.29 -97.99 199.24
N PRO NB 41 8.42 -97.47 200.12
CA PRO NB 41 7.58 -96.33 199.72
C PRO NB 41 8.35 -95.08 199.31
N ALA NB 42 9.55 -94.85 199.84
CA ALA NB 42 10.31 -93.67 199.43
C ALA NB 42 10.58 -93.69 197.94
N LEU NB 43 10.89 -94.87 197.39
CA LEU NB 43 11.18 -94.98 195.96
C LEU NB 43 9.93 -94.75 195.12
N LEU NB 44 8.79 -95.20 195.62
CA LEU NB 44 7.54 -94.94 194.91
C LEU NB 44 7.21 -93.45 194.91
N ALA NB 45 7.25 -92.83 196.08
CA ALA NB 45 6.97 -91.40 196.17
C ALA NB 45 7.86 -90.59 195.23
N ALA NB 46 9.16 -90.90 195.20
CA ALA NB 46 10.07 -90.21 194.29
C ALA NB 46 9.73 -90.47 192.82
N TYR NB 47 9.70 -91.74 192.43
CA TYR NB 47 9.42 -92.09 191.05
C TYR NB 47 8.13 -91.48 190.53
N GLN NB 48 7.06 -91.53 191.33
CA GLN NB 48 5.81 -90.89 190.90
C GLN NB 48 6.02 -89.46 190.43
N SER NB 49 6.83 -88.70 191.17
CA SER NB 49 7.16 -87.33 190.78
C SER NB 49 7.90 -87.30 189.46
N LYS NB 50 9.04 -87.96 189.40
CA LYS NB 50 9.82 -87.95 188.16
C LYS NB 50 8.98 -88.35 186.94
N LEU NB 51 8.22 -89.44 187.05
CA LEU NB 51 7.43 -89.90 185.92
C LEU NB 51 6.36 -88.89 185.51
N SER NB 52 5.65 -88.29 186.47
CA SER NB 52 4.66 -87.28 186.12
C SER NB 52 5.30 -86.09 185.42
N GLU NB 53 6.43 -85.62 185.95
CA GLU NB 53 7.18 -84.56 185.32
C GLU NB 53 7.54 -84.89 183.87
N TYR NB 54 8.03 -86.10 183.63
CA TYR NB 54 8.38 -86.50 182.26
C TYR NB 54 7.17 -86.54 181.35
N ASN NB 55 6.04 -87.04 181.84
CA ASN NB 55 4.80 -87.01 181.08
C ASN NB 55 4.41 -85.59 180.67
N LEU NB 56 4.39 -84.68 181.63
CA LEU NB 56 4.08 -83.28 181.34
C LEU NB 56 5.03 -82.70 180.30
N TYR NB 57 6.33 -82.91 180.52
CA TYR NB 57 7.37 -82.45 179.60
C TYR NB 57 7.08 -82.84 178.16
N ARG NB 58 6.92 -84.14 177.90
CA ARG NB 58 6.71 -84.56 176.52
C ARG NB 58 5.37 -84.10 175.94
N ASN NB 59 4.31 -84.07 176.75
CA ASN NB 59 3.05 -83.55 176.24
C ASN NB 59 3.16 -82.09 175.82
N ALA NB 60 3.75 -81.25 176.67
CA ALA NB 60 3.89 -79.83 176.34
C ALA NB 60 4.72 -79.63 175.08
N GLN NB 61 5.86 -80.29 175.00
CA GLN NB 61 6.71 -80.18 173.81
C GLN NB 61 5.94 -80.52 172.54
N SER NB 62 5.43 -81.75 172.46
CA SER NB 62 4.77 -82.20 171.25
C SER NB 62 3.55 -81.37 170.88
N ASN NB 63 2.75 -80.93 171.85
CA ASN NB 63 1.64 -80.06 171.48
C ASN NB 63 2.10 -78.72 170.93
N THR NB 64 3.14 -78.14 171.52
CA THR NB 64 3.65 -76.85 171.01
C THR NB 64 4.06 -76.92 169.55
N VAL NB 65 4.84 -77.94 169.19
CA VAL NB 65 5.35 -78.03 167.82
C VAL NB 65 4.25 -78.07 166.77
N LYS NB 66 3.12 -78.72 167.06
CA LYS NB 66 1.99 -78.67 166.13
C LYS NB 66 1.51 -77.25 165.85
N VAL NB 67 1.45 -76.42 166.87
CA VAL NB 67 0.96 -75.06 166.67
C VAL NB 67 1.94 -74.26 165.83
N PHE NB 68 3.22 -74.41 166.09
CA PHE NB 68 4.16 -73.68 165.24
C PHE NB 68 4.17 -74.20 163.81
N LYS NB 69 3.90 -75.49 163.60
CA LYS NB 69 3.71 -75.97 162.22
C LYS NB 69 2.55 -75.26 161.54
N ASP NB 70 1.43 -75.12 162.22
CA ASP NB 70 0.27 -74.50 161.60
C ASP NB 70 0.50 -73.04 161.28
N ILE NB 71 1.10 -72.30 162.20
CA ILE NB 71 1.33 -70.88 161.96
C ILE NB 71 2.22 -70.63 160.76
N ASP NB 72 3.00 -71.61 160.32
CA ASP NB 72 3.71 -71.51 159.05
C ASP NB 72 2.85 -71.94 157.86
N ALA NB 73 2.26 -73.12 157.95
CA ALA NB 73 1.53 -73.65 156.80
C ALA NB 73 0.43 -72.70 156.34
N ALA NB 74 -0.25 -72.05 157.27
CA ALA NB 74 -1.26 -71.07 156.90
C ALA NB 74 -0.68 -69.92 156.08
N ILE NB 75 0.53 -69.46 156.41
CA ILE NB 75 1.14 -68.38 155.64
C ILE NB 75 1.55 -68.88 154.26
N ILE NB 76 2.14 -70.07 154.20
CA ILE NB 76 2.63 -70.59 152.92
C ILE NB 76 1.47 -70.80 151.96
N GLN NB 77 0.33 -71.24 152.47
CA GLN NB 77 -0.86 -71.38 151.62
C GLN NB 77 -1.27 -70.10 150.92
N ASN NB 78 -0.83 -68.94 151.39
CA ASN NB 78 -1.16 -67.68 150.74
C ASN NB 78 -0.04 -67.10 149.89
N PHE NB 79 1.01 -67.87 149.62
CA PHE NB 79 1.92 -67.46 148.56
C PHE NB 79 1.27 -67.53 147.19
N ARG NB 80 0.24 -68.35 147.03
CA ARG NB 80 -0.23 -68.72 145.70
C ARG NB 80 -0.84 -67.50 145.01
N PRO OB 4 3.61 -52.61 178.75
CA PRO OB 4 3.16 -53.96 178.40
C PRO OB 4 2.11 -53.95 177.32
N TRP OB 5 1.66 -55.14 176.93
CA TRP OB 5 0.68 -55.29 175.86
C TRP OB 5 -0.24 -56.44 176.20
N SER OB 6 -1.51 -56.30 175.80
CA SER OB 6 -2.48 -57.35 176.06
C SER OB 6 -3.49 -57.35 174.92
N GLY OB 7 -4.03 -58.53 174.64
CA GLY OB 7 -5.09 -58.71 173.68
C GLY OB 7 -6.43 -58.94 174.33
N TYR OB 8 -7.38 -59.35 173.51
CA TYR OB 8 -8.73 -59.63 174.00
C TYR OB 8 -8.76 -60.89 174.86
N LEU OB 9 -8.06 -61.94 174.45
CA LEU OB 9 -8.00 -63.13 175.27
C LEU OB 9 -7.23 -62.90 176.56
N ASP OB 10 -6.13 -62.16 176.51
CA ASP OB 10 -5.44 -61.73 177.72
C ASP OB 10 -6.39 -61.03 178.67
N ASP OB 11 -7.01 -59.96 178.18
CA ASP OB 11 -7.93 -59.15 178.96
C ASP OB 11 -9.14 -59.92 179.47
N VAL OB 12 -9.50 -61.01 178.82
CA VAL OB 12 -10.60 -61.84 179.33
C VAL OB 12 -10.09 -62.79 180.41
N SER OB 13 -9.00 -63.50 180.12
CA SER OB 13 -8.40 -64.40 181.11
C SER OB 13 -8.11 -63.68 182.42
N ALA OB 14 -7.48 -62.51 182.36
CA ALA OB 14 -7.21 -61.75 183.58
C ALA OB 14 -8.45 -61.45 184.40
N LYS OB 15 -9.63 -61.45 183.78
CA LYS OB 15 -10.86 -61.24 184.53
C LYS OB 15 -10.95 -62.19 185.72
N PHE OB 16 -10.80 -63.49 185.48
CA PHE OB 16 -10.79 -64.48 186.56
C PHE OB 16 -9.80 -64.14 187.65
N ASP OB 17 -8.58 -63.74 187.26
CA ASP OB 17 -7.55 -63.44 188.25
C ASP OB 17 -7.93 -62.25 189.12
N THR OB 18 -8.63 -61.28 188.55
CA THR OB 18 -9.10 -60.18 189.40
C THR OB 18 -10.33 -60.61 190.19
N GLY OB 19 -11.13 -61.51 189.64
CA GLY OB 19 -12.34 -61.94 190.32
C GLY OB 19 -12.05 -62.67 191.61
N VAL OB 20 -11.10 -63.59 191.59
CA VAL OB 20 -10.71 -64.28 192.81
C VAL OB 20 -9.61 -63.46 193.47
N ASP OB 21 -9.91 -62.93 194.65
CA ASP OB 21 -9.01 -61.98 195.30
C ASP OB 21 -7.68 -62.63 195.68
N ASN OB 22 -7.72 -63.81 196.28
CA ASN OB 22 -6.50 -64.38 196.82
C ASN OB 22 -6.46 -65.91 196.79
N LEU OB 23 -7.39 -66.57 196.11
CA LEU OB 23 -7.46 -68.03 196.13
C LEU OB 23 -6.10 -68.69 195.94
N GLN OB 24 -5.25 -68.12 195.09
CA GLN OB 24 -3.93 -68.69 194.90
C GLN OB 24 -3.17 -68.84 196.21
N THR OB 25 -3.16 -67.79 197.04
CA THR OB 25 -2.51 -67.93 198.34
C THR OB 25 -3.37 -68.72 199.32
N GLN OB 26 -4.69 -68.54 199.30
CA GLN OB 26 -5.52 -69.33 200.20
C GLN OB 26 -5.23 -70.81 200.08
N VAL OB 27 -4.85 -71.25 198.88
CA VAL OB 27 -4.41 -72.64 198.70
C VAL OB 27 -2.95 -72.82 199.08
N THR OB 28 -2.06 -72.02 198.49
CA THR OB 28 -0.63 -72.13 198.77
C THR OB 28 -0.31 -72.18 200.26
N GLU OB 29 -0.79 -71.20 201.02
CA GLU OB 29 -0.49 -71.14 202.45
C GLU OB 29 -1.19 -72.25 203.23
N ALA OB 30 -2.45 -72.54 202.93
CA ALA OB 30 -3.10 -73.61 203.67
C ALA OB 30 -2.33 -74.91 203.49
N LEU OB 31 -1.86 -75.18 202.27
CA LEU OB 31 -0.95 -76.31 202.06
C LEU OB 31 0.32 -76.17 202.87
N ASP OB 32 0.91 -74.98 202.89
CA ASP OB 32 2.25 -74.83 203.46
C ASP OB 32 2.24 -74.98 204.98
N LYS OB 33 1.13 -74.65 205.64
CA LYS OB 33 0.98 -75.06 207.03
C LYS OB 33 0.56 -76.51 207.19
N LEU OB 34 -0.42 -76.99 206.41
CA LEU OB 34 -0.95 -78.32 206.67
C LEU OB 34 0.12 -79.40 206.48
N ALA OB 35 0.94 -79.28 205.43
CA ALA OB 35 2.03 -80.22 205.24
C ALA OB 35 2.99 -80.26 206.42
N ALA OB 36 3.01 -79.21 207.25
CA ALA OB 36 3.80 -79.24 208.47
C ALA OB 36 3.11 -79.95 209.63
N LYS OB 37 1.82 -80.28 209.51
CA LYS OB 37 1.10 -81.00 210.55
C LYS OB 37 0.04 -81.87 209.90
N PRO OB 38 0.46 -82.97 209.24
CA PRO OB 38 -0.40 -83.67 208.28
C PRO OB 38 -1.69 -84.28 208.82
N SER OB 39 -1.98 -84.17 210.11
CA SER OB 39 -3.01 -84.99 210.73
C SER OB 39 -4.18 -84.21 211.30
N ASP OB 40 -4.19 -82.88 211.20
CA ASP OB 40 -5.30 -82.11 211.74
C ASP OB 40 -6.51 -82.13 210.82
N PRO OB 41 -7.60 -82.80 211.23
CA PRO OB 41 -8.79 -82.84 210.36
C PRO OB 41 -9.39 -81.47 210.14
N ALA OB 42 -9.22 -80.55 211.09
CA ALA OB 42 -9.76 -79.21 210.93
C ALA OB 42 -9.08 -78.48 209.78
N LEU OB 43 -7.81 -78.78 209.53
CA LEU OB 43 -7.06 -78.22 208.42
C LEU OB 43 -7.40 -78.93 207.12
N LEU OB 44 -7.33 -80.26 207.15
CA LEU OB 44 -7.65 -81.07 205.98
C LEU OB 44 -9.02 -80.75 205.40
N ALA OB 45 -10.05 -80.67 206.24
CA ALA OB 45 -11.39 -80.36 205.75
C ALA OB 45 -11.45 -79.02 205.01
N ALA OB 46 -10.54 -78.10 205.31
CA ALA OB 46 -10.47 -76.82 204.63
C ALA OB 46 -9.68 -76.91 203.33
N TYR OB 47 -8.48 -77.47 203.43
CA TYR OB 47 -7.60 -77.65 202.28
C TYR OB 47 -8.31 -78.36 201.14
N GLN OB 48 -8.98 -79.47 201.43
CA GLN OB 48 -9.78 -80.17 200.43
C GLN OB 48 -10.66 -79.22 199.61
N SER OB 49 -11.44 -78.38 200.29
CA SER OB 49 -12.34 -77.45 199.61
C SER OB 49 -11.61 -76.39 198.80
N LYS OB 50 -10.60 -75.76 199.40
CA LYS OB 50 -9.87 -74.72 198.66
C LYS OB 50 -9.24 -75.28 197.40
N LEU OB 51 -8.58 -76.43 197.50
CA LEU OB 51 -8.00 -77.06 196.31
C LEU OB 51 -9.05 -77.38 195.26
N SER OB 52 -10.20 -77.93 195.67
CA SER OB 52 -11.27 -78.20 194.71
C SER OB 52 -11.70 -76.93 193.96
N GLU OB 53 -11.96 -75.86 194.72
CA GLU OB 53 -12.28 -74.57 194.13
C GLU OB 53 -11.25 -74.14 193.10
N TYR OB 54 -9.97 -74.21 193.47
CA TYR OB 54 -8.90 -73.85 192.54
C TYR OB 54 -8.94 -74.67 191.26
N ASN OB 55 -9.08 -75.99 191.39
CA ASN OB 55 -9.21 -76.87 190.24
C ASN OB 55 -10.29 -76.40 189.26
N LEU OB 56 -11.52 -76.23 189.76
CA LEU OB 56 -12.59 -75.78 188.88
C LEU OB 56 -12.32 -74.40 188.28
N TYR OB 57 -11.75 -73.50 189.06
CA TYR OB 57 -11.40 -72.17 188.56
C TYR OB 57 -10.50 -72.26 187.34
N ARG OB 58 -9.38 -72.96 187.46
CA ARG OB 58 -8.49 -73.12 186.32
C ARG OB 58 -9.14 -73.81 185.13
N ASN OB 59 -9.92 -74.87 185.37
CA ASN OB 59 -10.61 -75.50 184.24
C ASN OB 59 -11.47 -74.51 183.46
N ALA OB 60 -12.33 -73.76 184.15
CA ALA OB 60 -13.16 -72.77 183.47
C ALA OB 60 -12.32 -71.75 182.72
N GLN OB 61 -11.30 -71.19 183.37
CA GLN OB 61 -10.45 -70.21 182.73
C GLN OB 61 -9.85 -70.72 181.44
N SER OB 62 -9.20 -71.88 181.48
CA SER OB 62 -8.58 -72.41 180.28
C SER OB 62 -9.58 -72.77 179.18
N ASN OB 63 -10.77 -73.26 179.52
CA ASN OB 63 -11.73 -73.55 178.45
C ASN OB 63 -12.29 -72.30 177.78
N THR OB 64 -12.51 -71.21 178.51
CA THR OB 64 -13.02 -70.00 177.86
C THR OB 64 -12.11 -69.52 176.72
N VAL OB 65 -10.81 -69.60 176.93
CA VAL OB 65 -9.84 -69.14 175.92
C VAL OB 65 -10.05 -69.89 174.61
N LYS OB 66 -10.16 -71.21 174.67
CA LYS OB 66 -10.38 -71.98 173.45
C LYS OB 66 -11.55 -71.44 172.64
N VAL OB 67 -12.69 -71.24 173.29
CA VAL OB 67 -13.87 -70.84 172.55
C VAL OB 67 -13.70 -69.47 171.92
N PHE OB 68 -13.17 -68.49 172.64
CA PHE OB 68 -12.96 -67.21 171.96
C PHE OB 68 -11.93 -67.30 170.83
N LYS OB 69 -10.83 -68.03 171.07
CA LYS OB 69 -9.85 -68.26 170.02
C LYS OB 69 -10.50 -68.79 168.75
N ASP OB 70 -11.46 -69.70 168.90
CA ASP OB 70 -12.00 -70.33 167.71
C ASP OB 70 -13.19 -69.59 167.13
N ILE OB 71 -13.85 -68.75 167.91
CA ILE OB 71 -14.83 -67.83 167.32
C ILE OB 71 -14.12 -66.81 166.44
N ASP OB 72 -12.89 -66.45 166.76
CA ASP OB 72 -12.14 -65.57 165.86
C ASP OB 72 -11.67 -66.27 164.58
N ALA OB 73 -11.22 -67.52 164.72
CA ALA OB 73 -10.56 -68.22 163.62
C ALA OB 73 -11.44 -68.38 162.38
N ALA OB 74 -12.71 -68.72 162.58
CA ALA OB 74 -13.61 -68.85 161.44
C ALA OB 74 -13.77 -67.53 160.69
N ILE OB 75 -13.91 -66.43 161.41
CA ILE OB 75 -14.09 -65.14 160.74
C ILE OB 75 -12.84 -64.77 159.96
N ILE OB 76 -11.67 -65.01 160.55
CA ILE OB 76 -10.45 -64.65 159.83
C ILE OB 76 -10.27 -65.52 158.60
N GLN OB 77 -10.67 -66.80 158.67
CA GLN OB 77 -10.69 -67.58 157.44
C GLN OB 77 -11.66 -67.00 156.42
N ASN OB 78 -12.84 -66.56 156.84
CA ASN OB 78 -13.79 -65.95 155.92
C ASN OB 78 -13.38 -64.56 155.43
N PHE OB 79 -12.26 -64.01 155.87
CA PHE OB 79 -11.70 -62.89 155.11
C PHE OB 79 -11.18 -63.36 153.75
N ARG OB 80 -10.65 -64.57 153.69
CA ARG OB 80 -10.35 -65.19 152.41
C ARG OB 80 -11.56 -66.05 152.03
N PRO PB 4 -36.17 -59.11 178.00
CA PRO PB 4 -34.87 -59.60 177.59
C PRO PB 4 -34.94 -60.52 176.38
N TRP PB 5 -33.79 -60.87 175.80
CA TRP PB 5 -33.75 -61.76 174.66
C TRP PB 5 -33.56 -63.20 175.09
N SER PB 6 -34.20 -64.11 174.37
CA SER PB 6 -34.15 -65.54 174.66
C SER PB 6 -33.97 -66.33 173.37
N GLY PB 7 -32.95 -67.18 173.34
CA GLY PB 7 -32.67 -68.01 172.18
C GLY PB 7 -33.42 -69.32 172.23
N TYR PB 8 -33.09 -70.17 171.26
CA TYR PB 8 -33.65 -71.52 171.21
C TYR PB 8 -33.01 -72.43 172.26
N LEU PB 9 -31.69 -72.53 172.26
CA LEU PB 9 -31.01 -73.29 173.31
C LEU PB 9 -31.31 -72.70 174.68
N ASP PB 10 -31.29 -71.37 174.79
CA ASP PB 10 -31.66 -70.72 176.04
C ASP PB 10 -33.05 -71.14 176.51
N ASP PB 11 -34.01 -71.21 175.59
CA ASP PB 11 -35.36 -71.60 175.97
C ASP PB 11 -35.44 -73.08 176.33
N VAL PB 12 -34.84 -73.94 175.51
CA VAL PB 12 -34.79 -75.36 175.85
C VAL PB 12 -34.26 -75.54 177.26
N SER PB 13 -33.11 -74.94 177.55
CA SER PB 13 -32.56 -75.05 178.90
C SER PB 13 -33.52 -74.54 179.95
N ALA PB 14 -34.21 -73.43 179.69
CA ALA PB 14 -35.14 -72.93 180.70
C ALA PB 14 -36.36 -73.83 180.87
N LYS PB 15 -36.62 -74.74 179.93
CA LYS PB 15 -37.69 -75.71 180.15
C LYS PB 15 -37.46 -76.52 181.41
N PHE PB 16 -36.21 -76.86 181.70
CA PHE PB 16 -35.93 -77.59 182.93
C PHE PB 16 -36.26 -76.76 184.17
N ASP PB 17 -35.76 -75.53 184.24
CA ASP PB 17 -36.06 -74.73 185.42
C ASP PB 17 -37.55 -74.47 185.55
N THR PB 18 -38.29 -74.48 184.45
CA THR PB 18 -39.73 -74.33 184.52
C THR PB 18 -40.46 -75.66 184.74
N GLY PB 19 -39.74 -76.77 184.68
CA GLY PB 19 -40.31 -78.09 184.96
C GLY PB 19 -40.11 -78.48 186.41
N VAL PB 20 -38.92 -78.20 186.92
CA VAL PB 20 -38.58 -78.45 188.33
C VAL PB 20 -38.93 -77.15 189.05
N ASP PB 21 -40.19 -77.07 189.49
CA ASP PB 21 -40.74 -75.82 190.02
C ASP PB 21 -39.94 -75.26 191.19
N ASN PB 22 -39.57 -76.10 192.15
CA ASN PB 22 -38.92 -75.57 193.35
C ASN PB 22 -37.81 -76.45 193.89
N LEU PB 23 -37.36 -77.47 193.15
CA LEU PB 23 -36.23 -78.27 193.60
C LEU PB 23 -35.09 -77.41 194.11
N GLN PB 24 -34.81 -76.29 193.42
CA GLN PB 24 -33.71 -75.44 193.84
C GLN PB 24 -33.92 -74.84 195.22
N THR PB 25 -35.18 -74.65 195.63
CA THR PB 25 -35.44 -74.24 197.00
C THR PB 25 -35.31 -75.41 197.97
N GLN PB 26 -36.01 -76.49 197.65
CA GLN PB 26 -36.02 -77.68 198.49
C GLN PB 26 -34.62 -78.16 198.86
N VAL PB 27 -33.68 -78.13 197.91
CA VAL PB 27 -32.32 -78.57 198.20
C VAL PB 27 -31.64 -77.70 199.26
N THR PB 28 -31.79 -76.38 199.18
CA THR PB 28 -31.17 -75.53 200.20
C THR PB 28 -31.90 -75.63 201.53
N GLU PB 29 -33.22 -75.71 201.49
CA GLU PB 29 -33.99 -75.93 202.70
C GLU PB 29 -33.52 -77.19 203.44
N ALA PB 30 -33.55 -78.34 202.76
CA ALA PB 30 -33.06 -79.58 203.33
C ALA PB 30 -31.62 -79.46 203.82
N LEU PB 31 -30.76 -78.77 203.06
CA LEU PB 31 -29.38 -78.57 203.51
C LEU PB 31 -29.33 -77.88 204.87
N ASP PB 32 -29.93 -76.71 204.97
CA ASP PB 32 -29.95 -75.98 206.24
C ASP PB 32 -30.64 -76.76 207.35
N LYS PB 33 -31.59 -77.62 207.03
CA LYS PB 33 -32.18 -78.50 208.03
C LYS PB 33 -31.16 -79.49 208.56
N LEU PB 34 -30.58 -80.29 207.66
CA LEU PB 34 -29.61 -81.31 208.07
C LEU PB 34 -28.44 -80.70 208.81
N ALA PB 35 -27.94 -79.56 208.35
CA ALA PB 35 -26.79 -78.93 209.01
C ALA PB 35 -27.09 -78.59 210.46
N ALA PB 36 -28.36 -78.38 210.81
CA ALA PB 36 -28.73 -78.10 212.18
C ALA PB 36 -28.67 -79.33 213.10
N LYS PB 37 -28.76 -80.54 212.55
CA LYS PB 37 -28.76 -81.77 213.35
C LYS PB 37 -28.22 -82.91 212.51
N PRO PB 38 -26.92 -82.91 212.21
CA PRO PB 38 -26.35 -83.88 211.27
C PRO PB 38 -26.60 -85.34 211.62
N SER PB 39 -26.88 -85.68 212.87
CA SER PB 39 -27.13 -87.06 213.25
C SER PB 39 -28.60 -87.47 213.10
N ASP PB 40 -29.44 -86.62 212.55
CA ASP PB 40 -30.83 -86.99 212.30
C ASP PB 40 -30.91 -88.14 211.30
N PRO PB 41 -31.62 -89.23 211.62
CA PRO PB 41 -31.63 -90.38 210.71
C PRO PB 41 -32.42 -90.13 209.44
N ALA PB 42 -33.45 -89.27 209.48
CA ALA PB 42 -34.33 -89.03 208.34
C ALA PB 42 -33.77 -87.95 207.41
N LEU PB 43 -33.25 -86.87 207.98
CA LEU PB 43 -32.69 -85.78 207.18
C LEU PB 43 -31.64 -86.29 206.20
N LEU PB 44 -30.83 -87.27 206.61
CA LEU PB 44 -29.83 -87.78 205.67
C LEU PB 44 -30.48 -88.45 204.46
N ALA PB 45 -31.51 -89.27 204.67
CA ALA PB 45 -32.18 -89.91 203.54
C ALA PB 45 -32.87 -88.88 202.65
N ALA PB 46 -33.43 -87.84 203.27
CA ALA PB 46 -34.07 -86.79 202.49
C ALA PB 46 -33.06 -86.04 201.64
N TYR PB 47 -31.97 -85.60 202.24
CA TYR PB 47 -30.99 -84.84 201.51
C TYR PB 47 -30.28 -85.68 200.46
N GLN PB 48 -30.01 -86.95 200.75
CA GLN PB 48 -29.54 -87.88 199.72
C GLN PB 48 -30.46 -87.89 198.51
N SER PB 49 -31.77 -88.03 198.75
CA SER PB 49 -32.73 -88.05 197.65
C SER PB 49 -32.66 -86.78 196.83
N LYS PB 50 -32.86 -85.63 197.48
CA LYS PB 50 -32.84 -84.35 196.79
C LYS PB 50 -31.53 -84.11 196.03
N LEU PB 51 -30.38 -84.33 196.68
CA LEU PB 51 -29.12 -84.08 196.00
C LEU PB 51 -28.92 -84.98 194.79
N SER PB 52 -29.39 -86.22 194.84
CA SER PB 52 -29.36 -87.06 193.65
C SER PB 52 -30.22 -86.47 192.52
N GLU PB 53 -31.47 -86.12 192.86
CA GLU PB 53 -32.35 -85.47 191.90
C GLU PB 53 -31.69 -84.25 191.24
N TYR PB 54 -31.01 -83.44 192.03
CA TYR PB 54 -30.33 -82.25 191.53
C TYR PB 54 -29.20 -82.60 190.58
N ASN PB 55 -28.35 -83.55 190.97
CA ASN PB 55 -27.28 -84.01 190.10
C ASN PB 55 -27.80 -84.40 188.72
N LEU PB 56 -28.77 -85.30 188.69
CA LEU PB 56 -29.35 -85.73 187.41
C LEU PB 56 -29.97 -84.57 186.63
N TYR PB 57 -30.72 -83.72 187.32
CA TYR PB 57 -31.30 -82.53 186.69
C TYR PB 57 -30.27 -81.72 185.91
N ARG PB 58 -29.23 -81.27 186.60
CA ARG PB 58 -28.21 -80.46 185.95
C ARG PB 58 -27.50 -81.18 184.80
N ASN PB 59 -27.14 -82.45 185.00
CA ASN PB 59 -26.48 -83.18 183.92
C ASN PB 59 -27.35 -83.27 182.67
N ALA PB 60 -28.60 -83.72 182.82
CA ALA PB 60 -29.50 -83.78 181.67
C ALA PB 60 -29.59 -82.43 180.94
N GLN PB 61 -29.82 -81.36 181.70
CA GLN PB 61 -29.87 -80.02 181.10
C GLN PB 61 -28.65 -79.69 180.25
N SER PB 62 -27.46 -79.86 180.82
CA SER PB 62 -26.24 -79.47 180.09
C SER PB 62 -26.00 -80.33 178.86
N ASN PB 63 -26.15 -81.65 178.99
CA ASN PB 63 -25.98 -82.49 177.81
C ASN PB 63 -26.95 -82.12 176.69
N THR PB 64 -28.21 -81.85 177.02
CA THR PB 64 -29.15 -81.44 175.98
C THR PB 64 -28.70 -80.18 175.25
N VAL PB 65 -28.30 -79.15 176.00
CA VAL PB 65 -27.83 -77.92 175.35
C VAL PB 65 -26.65 -78.20 174.43
N LYS PB 66 -25.70 -79.01 174.88
CA LYS PB 66 -24.55 -79.35 174.06
C LYS PB 66 -24.99 -80.01 172.75
N VAL PB 67 -25.86 -81.00 172.84
CA VAL PB 67 -26.31 -81.71 171.65
C VAL PB 67 -26.93 -80.77 170.63
N PHE PB 68 -27.82 -79.87 171.08
CA PHE PB 68 -28.41 -78.94 170.12
C PHE PB 68 -27.37 -78.03 169.47
N LYS PB 69 -26.41 -77.55 170.25
CA LYS PB 69 -25.34 -76.74 169.66
C LYS PB 69 -24.67 -77.51 168.52
N ASP PB 70 -24.36 -78.78 168.76
CA ASP PB 70 -23.67 -79.57 167.75
C ASP PB 70 -24.55 -79.86 166.55
N ILE PB 71 -25.86 -79.99 166.73
CA ILE PB 71 -26.72 -80.15 165.56
C ILE PB 71 -26.68 -78.90 164.69
N ASP PB 72 -26.81 -77.73 165.31
CA ASP PB 72 -26.80 -76.48 164.53
C ASP PB 72 -25.50 -76.28 163.77
N ALA PB 73 -24.37 -76.58 164.41
CA ALA PB 73 -23.06 -76.39 163.79
C ALA PB 73 -22.95 -76.92 162.36
N ALA PB 74 -23.40 -78.15 162.10
CA ALA PB 74 -23.28 -78.68 160.74
C ALA PB 74 -24.16 -77.93 159.75
N ILE PB 75 -25.36 -77.57 160.15
CA ILE PB 75 -26.23 -76.87 159.20
C ILE PB 75 -25.62 -75.53 158.83
N ILE PB 76 -25.08 -74.81 159.81
CA ILE PB 76 -24.48 -73.53 159.47
C ILE PB 76 -23.23 -73.73 158.60
N GLN PB 77 -22.45 -74.77 158.87
CA GLN PB 77 -21.32 -75.07 157.99
C GLN PB 77 -21.77 -75.29 156.55
N ASN PB 78 -22.94 -75.89 156.35
CA ASN PB 78 -23.40 -76.12 154.99
C ASN PB 78 -24.04 -74.90 154.33
N PHE PB 79 -23.86 -73.69 154.84
CA PHE PB 79 -24.21 -72.52 154.04
C PHE PB 79 -23.24 -72.34 152.89
N ARG PB 80 -21.95 -72.45 153.15
CA ARG PB 80 -20.95 -72.32 152.10
C ARG PB 80 -21.00 -73.52 151.17
N PRO QB 4 -48.26 -93.19 164.01
CA PRO QB 4 -46.95 -93.11 164.65
C PRO QB 4 -45.84 -93.52 163.69
N TRP QB 5 -44.59 -93.37 164.09
CA TRP QB 5 -43.49 -93.76 163.22
C TRP QB 5 -42.31 -94.18 164.08
N SER QB 6 -41.68 -95.27 163.67
CA SER QB 6 -40.48 -95.80 164.31
C SER QB 6 -39.27 -95.68 163.40
N GLY QB 7 -38.29 -94.91 163.81
CA GLY QB 7 -37.03 -94.91 163.12
C GLY QB 7 -36.30 -96.23 163.30
N TYR QB 8 -35.19 -96.38 162.59
CA TYR QB 8 -34.37 -97.58 162.73
C TYR QB 8 -33.94 -97.78 164.17
N LEU QB 9 -33.46 -96.72 164.82
CA LEU QB 9 -33.04 -96.82 166.20
C LEU QB 9 -34.21 -97.11 167.13
N ASP QB 10 -35.41 -96.73 166.73
CA ASP QB 10 -36.58 -97.10 167.51
C ASP QB 10 -36.83 -98.60 167.40
N ASP QB 11 -36.79 -99.14 166.19
CA ASP QB 11 -36.86 -100.58 166.01
C ASP QB 11 -35.82 -101.31 166.86
N VAL QB 12 -34.57 -100.86 166.78
CA VAL QB 12 -33.49 -101.44 167.58
C VAL QB 12 -33.81 -101.40 169.07
N SER QB 13 -34.46 -100.34 169.54
CA SER QB 13 -34.78 -100.26 170.96
C SER QB 13 -35.97 -101.14 171.33
N ALA QB 14 -37.03 -101.09 170.54
CA ALA QB 14 -38.25 -101.83 170.83
C ALA QB 14 -38.01 -103.32 170.99
N LYS QB 15 -36.99 -103.86 170.32
CA LYS QB 15 -36.69 -105.29 170.49
C LYS QB 15 -36.49 -105.65 171.95
N PHE QB 16 -35.86 -104.78 172.72
CA PHE QB 16 -35.66 -105.03 174.15
C PHE QB 16 -36.98 -105.00 174.92
N ASP QB 17 -37.81 -104.00 174.67
CA ASP QB 17 -39.05 -103.90 175.41
C ASP QB 17 -39.97 -105.06 175.09
N THR QB 18 -39.97 -105.53 173.84
CA THR QB 18 -40.74 -106.72 173.51
C THR QB 18 -40.01 -108.01 173.88
N GLY QB 19 -38.74 -107.92 174.24
CA GLY QB 19 -37.97 -109.07 174.65
C GLY QB 19 -38.31 -109.41 176.08
N VAL QB 20 -38.19 -108.44 176.97
CA VAL QB 20 -38.56 -108.62 178.36
C VAL QB 20 -40.06 -108.32 178.46
N ASP QB 21 -40.85 -109.38 178.41
CA ASP QB 21 -42.30 -109.22 178.33
C ASP QB 21 -42.88 -108.43 179.49
N ASN QB 22 -42.44 -108.71 180.71
CA ASN QB 22 -43.08 -108.08 181.86
C ASN QB 22 -42.12 -107.65 182.97
N LEU QB 23 -40.82 -107.69 182.74
CA LEU QB 23 -39.84 -107.35 183.76
C LEU QB 23 -40.19 -106.07 184.52
N GLN QB 24 -40.69 -105.05 183.81
CA GLN QB 24 -41.08 -103.81 184.49
C GLN QB 24 -42.07 -104.04 185.63
N THR QB 25 -43.13 -104.81 185.36
CA THR QB 25 -44.09 -105.15 186.42
C THR QB 25 -43.49 -106.09 187.46
N GLN QB 26 -42.70 -107.07 187.00
CA GLN QB 26 -42.04 -107.96 187.94
C GLN QB 26 -41.26 -107.16 188.97
N VAL QB 27 -40.72 -106.02 188.57
CA VAL QB 27 -40.02 -105.11 189.46
C VAL QB 27 -40.99 -104.26 190.28
N THR QB 28 -42.00 -103.70 189.63
CA THR QB 28 -42.89 -102.75 190.31
C THR QB 28 -43.72 -103.43 191.40
N GLU QB 29 -44.30 -104.59 191.12
CA GLU QB 29 -45.10 -105.28 192.12
C GLU QB 29 -44.23 -105.92 193.18
N ALA QB 30 -43.10 -106.50 192.79
CA ALA QB 30 -42.17 -107.01 193.78
C ALA QB 30 -41.75 -105.91 194.74
N LEU QB 31 -41.63 -104.67 194.27
CA LEU QB 31 -41.31 -103.57 195.18
C LEU QB 31 -42.39 -103.37 196.26
N ASP QB 32 -43.66 -103.48 195.89
CA ASP QB 32 -44.70 -103.36 196.90
C ASP QB 32 -44.68 -104.54 197.87
N LYS QB 33 -44.55 -105.75 197.34
CA LYS QB 33 -44.44 -106.92 198.20
C LYS QB 33 -43.28 -106.81 199.19
N LEU QB 34 -42.10 -106.41 198.70
CA LEU QB 34 -40.95 -106.22 199.58
C LEU QB 34 -41.20 -105.12 200.61
N ALA QB 35 -41.57 -103.92 200.16
CA ALA QB 35 -41.80 -102.84 201.11
C ALA QB 35 -42.84 -103.22 202.16
N ALA QB 36 -43.79 -104.10 201.82
CA ALA QB 36 -44.74 -104.56 202.83
C ALA QB 36 -44.06 -105.36 203.94
N LYS QB 37 -43.04 -106.15 203.59
CA LYS QB 37 -42.35 -107.01 204.54
C LYS QB 37 -40.85 -106.93 204.29
N PRO QB 38 -40.26 -105.76 204.53
CA PRO QB 38 -38.88 -105.53 204.08
C PRO QB 38 -37.86 -106.51 204.64
N SER QB 39 -38.07 -107.08 205.82
CA SER QB 39 -37.07 -107.95 206.42
C SER QB 39 -37.24 -109.42 206.07
N ASP QB 40 -38.27 -109.77 205.31
CA ASP QB 40 -38.48 -111.15 204.89
C ASP QB 40 -37.30 -111.65 204.04
N PRO QB 41 -36.53 -112.62 204.52
CA PRO QB 41 -35.33 -113.05 203.77
C PRO QB 41 -35.65 -113.72 202.46
N ALA QB 42 -36.91 -114.09 202.22
CA ALA QB 42 -37.30 -114.71 200.96
C ALA QB 42 -37.47 -113.67 199.86
N LEU QB 43 -37.94 -112.47 200.22
CA LEU QB 43 -38.26 -111.44 199.23
C LEU QB 43 -37.03 -110.78 198.64
N LEU QB 44 -36.03 -110.48 199.46
CA LEU QB 44 -34.92 -109.70 198.94
C LEU QB 44 -34.03 -110.47 197.97
N ALA QB 45 -33.96 -111.80 198.04
CA ALA QB 45 -33.25 -112.52 196.98
C ALA QB 45 -33.93 -112.32 195.63
N ALA QB 46 -35.26 -112.29 195.64
CA ALA QB 46 -36.04 -112.08 194.42
C ALA QB 46 -35.86 -110.66 193.89
N TYR QB 47 -35.96 -109.69 194.79
CA TYR QB 47 -35.82 -108.31 194.34
C TYR QB 47 -34.40 -108.04 193.85
N GLN QB 48 -33.39 -108.59 194.52
CA GLN QB 48 -32.03 -108.52 194.01
C GLN QB 48 -31.94 -109.06 192.58
N SER QB 49 -32.57 -110.21 192.34
CA SER QB 49 -32.56 -110.79 191.01
C SER QB 49 -33.15 -109.83 189.99
N LYS QB 50 -34.43 -109.54 190.14
CA LYS QB 50 -35.13 -108.65 189.21
C LYS QB 50 -34.37 -107.34 188.97
N LEU QB 51 -33.91 -106.67 190.03
CA LEU QB 51 -33.24 -105.40 189.81
C LEU QB 51 -31.90 -105.54 189.10
N SER QB 52 -31.18 -106.65 189.28
CA SER QB 52 -29.97 -106.84 188.49
C SER QB 52 -30.29 -107.06 187.02
N GLU QB 53 -31.25 -107.94 186.75
CA GLU QB 53 -31.73 -108.15 185.39
C GLU QB 53 -32.12 -106.83 184.72
N TYR QB 54 -32.82 -105.98 185.46
CA TYR QB 54 -33.24 -104.68 184.95
C TYR QB 54 -32.07 -103.77 184.61
N ASN QB 55 -31.15 -103.59 185.56
CA ASN QB 55 -29.93 -102.82 185.28
C ASN QB 55 -29.22 -103.28 184.01
N LEU QB 56 -28.99 -104.58 183.86
CA LEU QB 56 -28.35 -105.10 182.65
C LEU QB 56 -29.16 -104.80 181.40
N TYR QB 57 -30.47 -105.02 181.44
CA TYR QB 57 -31.34 -104.70 180.32
C TYR QB 57 -31.17 -103.26 179.85
N ARG QB 58 -31.32 -102.31 180.76
CA ARG QB 58 -31.17 -100.90 180.41
C ARG QB 58 -29.78 -100.58 179.84
N ASN QB 59 -28.73 -100.98 180.54
CA ASN QB 59 -27.38 -100.70 180.06
C ASN QB 59 -27.09 -101.30 178.70
N ALA QB 60 -27.57 -102.49 178.40
CA ALA QB 60 -27.40 -103.02 177.06
C ALA QB 60 -28.13 -102.19 176.02
N GLN QB 61 -29.34 -101.73 176.36
CA GLN QB 61 -30.14 -100.95 175.43
C GLN QB 61 -29.44 -99.65 175.02
N SER QB 62 -29.05 -98.84 176.01
CA SER QB 62 -28.45 -97.55 175.70
C SER QB 62 -27.19 -97.68 174.85
N ASN QB 63 -26.24 -98.54 175.25
CA ASN QB 63 -25.03 -98.73 174.47
C ASN QB 63 -25.34 -99.17 173.04
N THR QB 64 -26.28 -100.10 172.84
CA THR QB 64 -26.61 -100.51 171.49
C THR QB 64 -27.10 -99.34 170.64
N VAL QB 65 -27.96 -98.50 171.19
CA VAL QB 65 -28.44 -97.34 170.45
C VAL QB 65 -27.28 -96.42 170.08
N LYS QB 66 -26.42 -96.11 171.05
CA LYS QB 66 -25.26 -95.25 170.75
C LYS QB 66 -24.40 -95.79 169.62
N VAL QB 67 -24.03 -97.07 169.70
CA VAL QB 67 -23.21 -97.66 168.66
C VAL QB 67 -23.86 -97.54 167.29
N PHE QB 68 -25.17 -97.78 167.19
CA PHE QB 68 -25.82 -97.58 165.89
C PHE QB 68 -25.80 -96.11 165.45
N LYS QB 69 -25.99 -95.18 166.38
CA LYS QB 69 -25.88 -93.77 165.98
C LYS QB 69 -24.53 -93.47 165.37
N ASP QB 70 -23.46 -93.92 166.03
CA ASP QB 70 -22.13 -93.76 165.44
C ASP QB 70 -22.03 -94.38 164.06
N ILE QB 71 -22.52 -95.62 163.92
CA ILE QB 71 -22.46 -96.34 162.66
C ILE QB 71 -23.17 -95.61 161.54
N ASP QB 72 -24.16 -94.78 161.86
CA ASP QB 72 -24.80 -93.97 160.82
C ASP QB 72 -24.10 -92.64 160.57
N ALA QB 73 -23.78 -91.89 161.62
CA ALA QB 73 -23.11 -90.60 161.41
C ALA QB 73 -21.80 -90.76 160.66
N ALA QB 74 -21.07 -91.85 160.92
CA ALA QB 74 -19.84 -92.13 160.21
C ALA QB 74 -20.06 -92.43 158.73
N ILE QB 75 -21.28 -92.75 158.33
CA ILE QB 75 -21.58 -92.85 156.90
C ILE QB 75 -21.98 -91.50 156.35
N ILE QB 76 -22.92 -90.83 157.02
CA ILE QB 76 -23.48 -89.62 156.46
C ILE QB 76 -22.38 -88.61 156.21
N GLN QB 77 -21.41 -88.53 157.12
CA GLN QB 77 -20.35 -87.54 156.96
C GLN QB 77 -19.50 -87.76 155.70
N ASN QB 78 -19.61 -88.91 155.04
CA ASN QB 78 -18.96 -89.10 153.74
C ASN QB 78 -19.70 -88.46 152.57
N PHE QB 79 -20.92 -87.99 152.75
CA PHE QB 79 -21.56 -87.26 151.65
C PHE QB 79 -20.82 -85.98 151.31
N ARG QB 80 -20.10 -85.41 152.28
CA ARG QB 80 -19.47 -84.12 152.09
C ARG QB 80 -18.35 -84.23 151.07
N PRO RB 4 -19.86 -121.54 157.21
CA PRO RB 4 -20.33 -120.19 157.51
C PRO RB 4 -19.23 -119.15 157.37
N TRP RB 5 -19.63 -117.88 157.32
CA TRP RB 5 -18.66 -116.79 157.25
C TRP RB 5 -18.12 -116.49 158.64
N SER RB 6 -16.80 -116.30 158.73
CA SER RB 6 -16.13 -116.01 159.99
C SER RB 6 -15.10 -114.91 159.77
N GLY RB 7 -15.18 -113.86 160.57
CA GLY RB 7 -14.24 -112.77 160.50
C GLY RB 7 -12.93 -113.02 161.21
N TYR RB 8 -12.19 -111.92 161.41
CA TYR RB 8 -10.93 -111.90 162.15
C TYR RB 8 -11.15 -111.86 163.65
N LEU RB 9 -11.89 -110.84 164.13
CA LEU RB 9 -12.18 -110.75 165.54
C LEU RB 9 -12.97 -111.98 165.99
N ASP RB 10 -13.75 -112.54 165.08
CA ASP RB 10 -14.42 -113.82 165.35
C ASP RB 10 -13.39 -114.88 165.71
N ASP RB 11 -12.31 -114.96 164.95
CA ASP RB 11 -11.27 -115.94 165.21
C ASP RB 11 -10.54 -115.67 166.51
N VAL RB 12 -10.04 -114.46 166.68
CA VAL RB 12 -9.37 -114.11 167.93
C VAL RB 12 -10.24 -114.43 169.14
N SER RB 13 -11.54 -114.14 169.06
CA SER RB 13 -12.47 -114.49 170.13
C SER RB 13 -12.59 -116.00 170.31
N ALA RB 14 -12.76 -116.74 169.22
CA ALA RB 14 -12.89 -118.19 169.32
C ALA RB 14 -11.62 -118.88 169.80
N LYS RB 15 -10.46 -118.23 169.72
CA LYS RB 15 -9.26 -118.85 170.28
C LYS RB 15 -9.44 -119.22 171.75
N PHE RB 16 -10.08 -118.36 172.53
CA PHE RB 16 -10.38 -118.71 173.92
C PHE RB 16 -11.33 -119.91 173.99
N ASP RB 17 -12.42 -119.86 173.24
CA ASP RB 17 -13.37 -120.97 173.25
C ASP RB 17 -12.70 -122.30 172.90
N THR RB 18 -11.70 -122.29 172.02
CA THR RB 18 -10.97 -123.50 171.71
C THR RB 18 -9.77 -123.74 172.63
N GLY RB 19 -9.45 -122.78 173.49
CA GLY RB 19 -8.38 -122.91 174.45
C GLY RB 19 -8.87 -123.56 175.72
N VAL RB 20 -9.88 -122.97 176.33
CA VAL RB 20 -10.57 -123.64 177.44
C VAL RB 20 -11.41 -124.78 176.86
N ASP RB 21 -11.08 -126.00 177.27
CA ASP RB 21 -11.71 -127.20 176.71
C ASP RB 21 -13.16 -127.37 177.14
N ASN RB 22 -13.42 -127.32 178.45
CA ASN RB 22 -14.77 -127.56 178.96
C ASN RB 22 -15.15 -126.69 180.15
N LEU RB 23 -14.40 -125.63 180.42
CA LEU RB 23 -14.69 -124.78 181.57
C LEU RB 23 -16.17 -124.39 181.62
N GLN RB 24 -16.76 -124.05 180.48
CA GLN RB 24 -18.16 -123.66 180.50
C GLN RB 24 -19.07 -124.77 181.01
N THR RB 25 -18.80 -126.02 180.67
CA THR RB 25 -19.62 -127.09 181.25
C THR RB 25 -19.28 -127.30 182.71
N GLN RB 26 -18.00 -127.41 183.02
CA GLN RB 26 -17.53 -127.60 184.39
C GLN RB 26 -18.20 -126.64 185.38
N VAL RB 27 -18.23 -125.35 185.05
CA VAL RB 27 -18.84 -124.36 185.95
C VAL RB 27 -20.32 -124.63 186.20
N THR RB 28 -21.01 -125.27 185.27
CA THR RB 28 -22.42 -125.58 185.47
C THR RB 28 -22.60 -126.87 186.24
N GLU RB 29 -21.84 -127.91 185.88
CA GLU RB 29 -21.99 -129.18 186.57
C GLU RB 29 -21.53 -129.07 188.01
N ALA RB 30 -20.47 -128.31 188.27
CA ALA RB 30 -20.07 -128.03 189.64
C ALA RB 30 -21.20 -127.34 190.40
N LEU RB 31 -22.03 -126.56 189.70
CA LEU RB 31 -23.17 -125.94 190.37
C LEU RB 31 -24.24 -126.97 190.65
N ASP RB 32 -24.40 -127.93 189.76
CA ASP RB 32 -25.32 -129.03 190.03
C ASP RB 32 -24.87 -129.81 191.25
N LYS RB 33 -23.55 -129.90 191.47
CA LYS RB 33 -23.04 -130.50 192.69
C LYS RB 33 -23.37 -129.65 193.91
N LEU RB 34 -22.92 -128.40 193.90
CA LEU RB 34 -23.14 -127.48 195.01
C LEU RB 34 -24.60 -127.44 195.45
N ALA RB 35 -25.53 -127.32 194.49
CA ALA RB 35 -26.93 -127.23 194.85
C ALA RB 35 -27.42 -128.46 195.60
N ALA RB 36 -26.82 -129.63 195.34
CA ALA RB 36 -27.27 -130.83 196.04
C ALA RB 36 -26.79 -130.87 197.49
N LYS RB 37 -25.66 -130.22 197.79
CA LYS RB 37 -25.13 -130.18 199.15
C LYS RB 37 -24.38 -128.87 199.36
N PRO RB 38 -25.10 -127.78 199.52
CA PRO RB 38 -24.46 -126.47 199.71
C PRO RB 38 -23.40 -126.40 200.80
N SER RB 39 -23.39 -127.34 201.75
CA SER RB 39 -22.51 -127.27 202.90
C SER RB 39 -21.25 -128.13 202.78
N ASP RB 40 -20.83 -128.51 201.58
CA ASP RB 40 -19.61 -129.30 201.46
C ASP RB 40 -18.44 -128.44 201.05
N PRO RB 41 -17.41 -128.30 201.89
CA PRO RB 41 -16.26 -127.49 201.50
C PRO RB 41 -15.55 -128.03 200.26
N ALA RB 42 -15.56 -129.35 200.07
CA ALA RB 42 -14.94 -129.93 198.87
C ALA RB 42 -15.60 -129.38 197.61
N LEU RB 43 -16.89 -129.10 197.68
CA LEU RB 43 -17.60 -128.49 196.57
C LEU RB 43 -17.33 -126.99 196.50
N LEU RB 44 -17.46 -126.31 197.64
CA LEU RB 44 -17.24 -124.87 197.67
C LEU RB 44 -15.87 -124.46 197.12
N ALA RB 45 -14.79 -125.09 197.59
CA ALA RB 45 -13.46 -124.75 197.10
C ALA RB 45 -13.33 -124.93 195.59
N ALA RB 46 -13.80 -126.07 195.08
CA ALA RB 46 -13.78 -126.30 193.64
C ALA RB 46 -14.53 -125.20 192.91
N TYR RB 47 -15.76 -124.93 193.32
CA TYR RB 47 -16.55 -123.87 192.71
C TYR RB 47 -15.80 -122.54 192.72
N GLN RB 48 -15.26 -122.13 193.87
CA GLN RB 48 -14.57 -120.85 193.94
C GLN RB 48 -13.41 -120.79 192.94
N SER RB 49 -12.65 -121.87 192.82
CA SER RB 49 -11.55 -121.88 191.85
C SER RB 49 -12.06 -121.80 190.41
N LYS RB 50 -12.96 -122.70 190.03
CA LYS RB 50 -13.46 -122.73 188.67
C LYS RB 50 -14.10 -121.40 188.29
N LEU RB 51 -14.97 -120.88 189.15
CA LEU RB 51 -15.58 -119.58 188.89
C LEU RB 51 -14.56 -118.49 188.67
N SER RB 52 -13.52 -118.42 189.50
CA SER RB 52 -12.52 -117.38 189.28
C SER RB 52 -11.83 -117.53 187.92
N GLU RB 53 -11.47 -118.76 187.57
CA GLU RB 53 -10.92 -119.03 186.24
C GLU RB 53 -11.86 -118.54 185.14
N TYR RB 54 -13.13 -118.91 185.21
CA TYR RB 54 -14.13 -118.50 184.22
C TYR RB 54 -14.22 -116.99 184.10
N ASN RB 55 -14.31 -116.28 185.23
CA ASN RB 55 -14.40 -114.83 185.19
C ASN RB 55 -13.21 -114.21 184.47
N LEU RB 56 -11.99 -114.66 184.81
CA LEU RB 56 -10.82 -114.14 184.13
C LEU RB 56 -10.83 -114.46 182.64
N TYR RB 57 -11.25 -115.67 182.28
CA TYR RB 57 -11.43 -116.05 180.89
C TYR RB 57 -12.28 -115.04 180.11
N ARG RB 58 -13.47 -114.76 180.63
CA ARG RB 58 -14.37 -113.80 179.98
C ARG RB 58 -13.77 -112.40 179.89
N ASN RB 59 -13.22 -111.89 180.99
CA ASN RB 59 -12.64 -110.55 180.93
C ASN RB 59 -11.52 -110.43 179.89
N ALA RB 60 -10.56 -111.35 179.91
CA ALA RB 60 -9.50 -111.31 178.91
C ALA RB 60 -10.05 -111.38 177.49
N GLN RB 61 -11.04 -112.27 177.29
CA GLN RB 61 -11.67 -112.39 175.97
C GLN RB 61 -12.23 -111.06 175.50
N SER RB 62 -12.88 -110.33 176.39
CA SER RB 62 -13.48 -109.04 176.00
C SER RB 62 -12.41 -107.99 175.68
N ASN RB 63 -11.47 -107.78 176.61
CA ASN RB 63 -10.49 -106.73 176.39
C ASN RB 63 -9.66 -106.95 175.13
N THR RB 64 -9.29 -108.19 174.82
CA THR RB 64 -8.52 -108.44 173.61
C THR RB 64 -9.26 -107.94 172.36
N VAL RB 65 -10.55 -108.28 172.26
CA VAL RB 65 -11.33 -107.87 171.12
C VAL RB 65 -11.41 -106.36 171.02
N LYS RB 66 -11.66 -105.70 172.16
CA LYS RB 66 -11.73 -104.23 172.07
C LYS RB 66 -10.41 -103.65 171.58
N VAL RB 67 -9.30 -104.14 172.12
CA VAL RB 67 -8.00 -103.55 171.78
C VAL RB 67 -7.63 -103.74 170.32
N PHE RB 68 -8.11 -104.81 169.67
CA PHE RB 68 -7.90 -104.86 168.21
C PHE RB 68 -8.91 -104.02 167.43
N LYS RB 69 -10.16 -104.00 167.87
CA LYS RB 69 -11.15 -103.14 167.24
C LYS RB 69 -10.64 -101.72 167.09
N ASP RB 70 -10.07 -101.19 168.18
CA ASP RB 70 -9.61 -99.81 168.17
C ASP RB 70 -8.22 -99.62 167.58
N ILE RB 71 -7.61 -100.66 167.03
CA ILE RB 71 -6.57 -100.48 166.04
C ILE RB 71 -7.15 -100.32 164.65
N ASP RB 72 -8.04 -101.25 164.28
CA ASP RB 72 -8.57 -101.22 162.92
C ASP RB 72 -9.35 -99.93 162.67
N ALA RB 73 -10.13 -99.49 163.67
CA ALA RB 73 -10.87 -98.25 163.52
C ALA RB 73 -9.95 -97.05 163.34
N ALA RB 74 -8.70 -97.15 163.75
CA ALA RB 74 -7.75 -96.06 163.50
C ALA RB 74 -7.18 -96.14 162.11
N ILE RB 75 -6.71 -97.32 161.71
CA ILE RB 75 -6.09 -97.47 160.40
C ILE RB 75 -7.06 -97.09 159.28
N ILE RB 76 -8.34 -97.45 159.42
CA ILE RB 76 -9.29 -97.12 158.36
C ILE RB 76 -9.63 -95.63 158.25
N GLN RB 77 -9.30 -94.81 159.24
CA GLN RB 77 -9.40 -93.36 159.04
C GLN RB 77 -8.35 -92.83 158.09
N ASN RB 78 -7.14 -93.29 158.21
CA ASN RB 78 -6.10 -92.75 157.33
C ASN RB 78 -6.26 -93.19 155.89
N PHE RB 79 -7.37 -93.79 155.45
CA PHE RB 79 -7.64 -93.81 154.01
C PHE RB 79 -7.93 -92.42 153.48
N ARG RB 80 -8.46 -91.52 154.30
CA ARG RB 80 -8.66 -90.17 153.81
C ARG RB 80 -7.34 -89.45 153.75
N PRO SB 4 15.97 -113.08 168.67
CA PRO SB 4 14.78 -112.47 169.22
C PRO SB 4 14.75 -110.96 169.05
N TRP SB 5 13.67 -110.33 169.48
CA TRP SB 5 13.52 -108.89 169.34
C TRP SB 5 12.66 -108.39 170.49
N SER SB 6 12.90 -107.15 170.91
CA SER SB 6 12.15 -106.58 172.01
C SER SB 6 11.96 -105.08 171.77
N GLY SB 7 10.78 -104.59 172.15
CA GLY SB 7 10.49 -103.17 172.16
C GLY SB 7 11.00 -102.48 173.42
N TYR SB 8 10.82 -101.16 173.42
CA TYR SB 8 11.23 -100.37 174.57
C TYR SB 8 10.40 -100.73 175.80
N LEU SB 9 9.12 -101.01 175.62
CA LEU SB 9 8.30 -101.46 176.74
C LEU SB 9 8.80 -102.79 177.31
N ASP SB 10 9.20 -103.70 176.42
CA ASP SB 10 9.83 -104.95 176.86
C ASP SB 10 11.10 -104.68 177.65
N ASP SB 11 11.95 -103.80 177.13
CA ASP SB 11 13.19 -103.47 177.84
C ASP SB 11 12.92 -102.83 179.19
N VAL SB 12 11.81 -102.10 179.33
CA VAL SB 12 11.43 -101.57 180.63
C VAL SB 12 11.02 -102.69 181.57
N SER SB 13 10.09 -103.54 181.15
CA SER SB 13 9.68 -104.67 181.99
C SER SB 13 10.88 -105.52 182.41
N ALA SB 14 11.80 -105.76 181.49
CA ALA SB 14 13.00 -106.50 181.82
C ALA SB 14 13.70 -105.94 183.05
N LYS SB 15 13.65 -104.62 183.28
CA LYS SB 15 14.27 -104.07 184.48
C LYS SB 15 13.67 -104.66 185.75
N PHE SB 16 12.34 -104.75 185.82
CA PHE SB 16 11.68 -105.38 186.95
C PHE SB 16 12.05 -106.85 187.06
N ASP SB 17 12.00 -107.56 185.94
CA ASP SB 17 12.32 -108.99 185.96
C ASP SB 17 13.75 -109.24 186.41
N THR SB 18 14.71 -108.41 185.98
CA THR SB 18 16.08 -108.53 186.47
C THR SB 18 16.28 -107.90 187.84
N GLY SB 19 15.28 -107.20 188.36
CA GLY SB 19 15.38 -106.64 189.69
C GLY SB 19 15.02 -107.72 190.68
N VAL SB 20 13.86 -108.33 190.49
CA VAL SB 20 13.45 -109.46 191.34
C VAL SB 20 14.15 -110.70 190.82
N ASP SB 21 15.38 -110.92 191.28
CA ASP SB 21 16.21 -111.99 190.73
C ASP SB 21 15.60 -113.38 190.91
N ASN SB 22 15.15 -113.68 192.13
CA ASN SB 22 14.68 -115.03 192.46
C ASN SB 22 13.29 -115.09 193.05
N LEU SB 23 12.66 -113.95 193.33
CA LEU SB 23 11.37 -113.94 194.00
C LEU SB 23 10.43 -115.01 193.47
N GLN SB 24 10.32 -115.14 192.14
CA GLN SB 24 9.48 -116.20 191.58
C GLN SB 24 9.82 -117.58 192.12
N THR SB 25 11.11 -117.95 192.08
CA THR SB 25 11.54 -119.24 192.62
C THR SB 25 11.26 -119.36 194.12
N GLN SB 26 11.64 -118.34 194.88
CA GLN SB 26 11.37 -118.33 196.31
C GLN SB 26 9.90 -118.59 196.62
N VAL SB 27 9.00 -117.86 195.95
CA VAL SB 27 7.57 -118.07 196.18
C VAL SB 27 7.14 -119.46 195.77
N THR SB 28 7.73 -120.01 194.71
CA THR SB 28 7.37 -121.36 194.28
C THR SB 28 7.75 -122.39 195.35
N GLU SB 29 8.96 -122.30 195.88
CA GLU SB 29 9.40 -123.17 196.96
C GLU SB 29 8.51 -123.04 198.19
N ALA SB 30 8.37 -121.81 198.69
CA ALA SB 30 7.55 -121.57 199.88
C ALA SB 30 6.14 -122.12 199.70
N LEU SB 31 5.54 -121.94 198.52
CA LEU SB 31 4.20 -122.45 198.29
C LEU SB 31 4.09 -123.92 198.62
N ASP SB 32 5.04 -124.74 198.15
CA ASP SB 32 5.01 -126.17 198.42
C ASP SB 32 5.28 -126.45 199.89
N LYS SB 33 6.31 -125.85 200.47
CA LYS SB 33 6.57 -126.05 201.89
C LYS SB 33 5.34 -125.78 202.75
N LEU SB 34 4.83 -124.55 202.70
CA LEU SB 34 3.62 -124.18 203.44
C LEU SB 34 2.46 -125.13 203.16
N ALA SB 35 2.10 -125.34 201.90
CA ALA SB 35 0.99 -126.24 201.59
C ALA SB 35 1.22 -127.63 202.16
N ALA SB 36 2.49 -128.05 202.25
CA ALA SB 36 2.78 -129.35 202.84
C ALA SB 36 2.62 -129.34 204.35
N LYS SB 37 2.77 -128.19 204.99
CA LYS SB 37 2.67 -128.10 206.45
C LYS SB 37 2.00 -126.78 206.83
N PRO SB 38 0.72 -126.63 206.46
CA PRO SB 38 -0.02 -125.40 206.71
C PRO SB 38 -0.06 -124.84 208.13
N SER SB 39 0.44 -125.57 209.13
CA SER SB 39 0.27 -125.14 210.51
C SER SB 39 1.54 -124.71 211.21
N ASP SB 40 2.68 -124.80 210.56
CA ASP SB 40 3.91 -124.36 211.18
C ASP SB 40 4.03 -122.84 211.11
N PRO SB 41 4.01 -122.13 212.24
CA PRO SB 41 4.10 -120.66 212.19
C PRO SB 41 5.34 -120.13 211.50
N ALA SB 42 6.41 -120.93 211.42
CA ALA SB 42 7.61 -120.45 210.74
C ALA SB 42 7.36 -120.23 209.25
N LEU SB 43 6.58 -121.11 208.62
CA LEU SB 43 6.33 -121.02 207.19
C LEU SB 43 5.32 -119.94 206.82
N LEU SB 44 4.34 -119.70 207.70
CA LEU SB 44 3.27 -118.75 207.41
C LEU SB 44 3.77 -117.34 207.14
N ALA SB 45 4.40 -116.70 208.12
CA ALA SB 45 4.91 -115.34 207.93
C ALA SB 45 5.86 -115.25 206.74
N ALA SB 46 6.71 -116.25 206.53
CA ALA SB 46 7.60 -116.23 205.38
C ALA SB 46 6.83 -116.18 204.07
N TYR SB 47 5.86 -117.08 203.91
CA TYR SB 47 5.08 -117.13 202.69
C TYR SB 47 4.27 -115.85 202.50
N GLN SB 48 3.75 -115.30 203.60
CA GLN SB 48 3.08 -114.01 203.54
C GLN SB 48 4.00 -112.94 202.98
N SER SB 49 5.23 -112.88 203.49
CA SER SB 49 6.21 -111.91 203.02
C SER SB 49 6.41 -112.04 201.51
N LYS SB 50 6.84 -113.21 201.08
CA LYS SB 50 7.12 -113.43 199.66
C LYS SB 50 5.90 -113.14 198.78
N LEU SB 51 4.73 -113.60 199.17
CA LEU SB 51 3.55 -113.35 198.35
C LEU SB 51 3.24 -111.87 198.24
N SER SB 52 3.44 -111.11 199.33
CA SER SB 52 3.24 -109.67 199.27
C SER SB 52 4.26 -109.02 198.33
N GLU SB 53 5.51 -109.42 198.45
CA GLU SB 53 6.56 -108.94 197.55
C GLU SB 53 6.17 -109.14 196.10
N TYR SB 54 5.72 -110.34 195.76
CA TYR SB 54 5.29 -110.64 194.39
C TYR SB 54 4.12 -109.77 193.94
N ASN SB 55 3.11 -109.62 194.79
CA ASN SB 55 2.00 -108.75 194.45
C ASN SB 55 2.44 -107.33 194.09
N LEU SB 56 3.30 -106.73 194.93
CA LEU SB 56 3.79 -105.39 194.66
C LEU SB 56 4.59 -105.33 193.37
N TYR SB 57 5.51 -106.27 193.19
CA TYR SB 57 6.30 -106.34 191.96
C TYR SB 57 5.44 -106.38 190.71
N ARG SB 58 4.48 -107.30 190.63
CA ARG SB 58 3.63 -107.37 189.44
C ARG SB 58 2.77 -106.14 189.25
N ASN SB 59 2.29 -105.51 190.33
CA ASN SB 59 1.56 -104.26 190.15
C ASN SB 59 2.42 -103.16 189.54
N ALA SB 60 3.57 -102.87 190.16
CA ALA SB 60 4.42 -101.81 189.65
C ALA SB 60 4.82 -102.07 188.19
N GLN SB 61 5.20 -103.31 187.90
CA GLN SB 61 5.56 -103.67 186.54
C GLN SB 61 4.43 -103.37 185.55
N SER SB 62 3.22 -103.83 185.84
CA SER SB 62 2.16 -103.70 184.85
C SER SB 62 1.67 -102.26 184.69
N ASN SB 63 1.60 -101.49 185.78
CA ASN SB 63 1.19 -100.09 185.60
C ASN SB 63 2.23 -99.25 184.86
N THR SB 64 3.51 -99.46 185.11
CA THR SB 64 4.53 -98.70 184.39
C THR SB 64 4.39 -98.82 182.87
N VAL SB 65 4.20 -100.05 182.38
CA VAL SB 65 4.10 -100.27 180.96
C VAL SB 65 2.92 -99.52 180.36
N LYS SB 66 1.76 -99.56 181.02
CA LYS SB 66 0.61 -98.85 180.49
C LYS SB 66 0.87 -97.36 180.40
N VAL SB 67 1.47 -96.78 181.44
CA VAL SB 67 1.74 -95.35 181.39
C VAL SB 67 2.65 -94.99 180.22
N PHE SB 68 3.72 -95.75 180.02
CA PHE SB 68 4.58 -95.46 178.87
C PHE SB 68 3.89 -95.67 177.53
N LYS SB 69 3.02 -96.68 177.43
CA LYS SB 69 2.27 -96.85 176.18
C LYS SB 69 1.40 -95.64 175.88
N ASP SB 70 0.82 -95.03 176.92
CA ASP SB 70 0.02 -93.84 176.68
C ASP SB 70 0.89 -92.64 176.31
N ILE SB 71 2.01 -92.47 177.00
CA ILE SB 71 2.91 -91.37 176.67
C ILE SB 71 3.41 -91.46 175.24
N ASP SB 72 3.57 -92.67 174.70
CA ASP SB 72 3.89 -92.80 173.28
C ASP SB 72 2.71 -92.48 172.38
N ALA SB 73 1.56 -93.12 172.63
CA ALA SB 73 0.41 -92.92 171.76
C ALA SB 73 0.01 -91.45 171.65
N ALA SB 74 0.18 -90.68 172.73
CA ALA SB 74 -0.12 -89.25 172.66
C ALA SB 74 0.77 -88.50 171.67
N ILE SB 75 2.03 -88.87 171.55
CA ILE SB 75 2.88 -88.23 170.55
C ILE SB 75 2.58 -88.76 169.16
N ILE SB 76 2.38 -90.07 169.03
CA ILE SB 76 2.19 -90.66 167.71
C ILE SB 76 0.93 -90.12 167.06
N GLN SB 77 -0.13 -89.88 167.85
CA GLN SB 77 -1.32 -89.24 167.27
C GLN SB 77 -1.03 -87.82 166.82
N ASN SB 78 -0.13 -87.14 167.46
CA ASN SB 78 0.23 -85.77 167.15
C ASN SB 78 1.05 -85.64 165.87
N PHE SB 79 1.14 -86.66 165.02
CA PHE SB 79 1.61 -86.46 163.65
C PHE SB 79 0.51 -86.08 162.68
N ARG SB 80 -0.75 -86.35 163.01
CA ARG SB 80 -1.85 -85.97 162.14
C ARG SB 80 -1.99 -84.46 162.13
N PRO TB 4 21.05 -79.46 191.28
CA PRO TB 4 20.24 -80.39 190.48
C PRO TB 4 18.99 -79.72 189.91
N TRP TB 5 18.26 -80.45 189.08
CA TRP TB 5 17.04 -79.97 188.45
C TRP TB 5 15.82 -80.53 189.16
N SER TB 6 14.84 -79.66 189.46
CA SER TB 6 13.61 -80.09 190.09
C SER TB 6 12.44 -79.34 189.45
N GLY TB 7 11.25 -79.92 189.59
CA GLY TB 7 10.03 -79.31 189.13
C GLY TB 7 9.14 -78.79 190.23
N TYR TB 8 7.95 -78.34 189.81
CA TYR TB 8 6.95 -77.83 190.74
C TYR TB 8 6.34 -78.95 191.58
N LEU TB 9 6.09 -80.11 190.97
CA LEU TB 9 5.51 -81.21 191.71
C LEU TB 9 6.44 -81.72 192.82
N ASP TB 10 7.69 -82.00 192.49
CA ASP TB 10 8.64 -82.39 193.53
C ASP TB 10 8.92 -81.24 194.50
N ASP TB 11 8.91 -79.99 194.05
CA ASP TB 11 9.03 -78.90 195.02
C ASP TB 11 7.81 -78.81 195.93
N VAL TB 12 6.68 -79.39 195.53
CA VAL TB 12 5.52 -79.47 196.39
C VAL TB 12 5.68 -80.62 197.38
N SER TB 13 6.08 -81.79 196.88
CA SER TB 13 6.40 -82.91 197.75
C SER TB 13 7.39 -82.49 198.83
N ALA TB 14 8.41 -81.72 198.44
CA ALA TB 14 9.38 -81.19 199.40
C ALA TB 14 8.69 -80.52 200.58
N LYS TB 15 7.51 -79.95 200.37
CA LYS TB 15 6.78 -79.34 201.49
C LYS TB 15 6.45 -80.36 202.57
N PHE TB 16 5.91 -81.52 202.19
CA PHE TB 16 5.73 -82.60 203.16
C PHE TB 16 7.06 -83.14 203.68
N ASP TB 17 8.00 -83.40 202.78
CA ASP TB 17 9.26 -84.02 203.15
C ASP TB 17 10.13 -83.14 204.02
N THR TB 18 9.83 -81.86 204.14
CA THR TB 18 10.49 -80.99 205.11
C THR TB 18 9.50 -80.42 206.11
N GLY TB 19 8.24 -80.82 206.04
CA GLY TB 19 7.24 -80.41 206.98
C GLY TB 19 7.26 -81.37 208.16
N VAL TB 20 7.30 -82.67 207.87
CA VAL TB 20 7.44 -83.66 208.93
C VAL TB 20 8.93 -83.91 209.18
N ASP TB 21 9.42 -83.39 210.31
CA ASP TB 21 10.84 -83.09 210.42
C ASP TB 21 11.70 -84.33 210.59
N ASN TB 22 11.21 -85.35 211.30
CA ASN TB 22 11.94 -86.60 211.47
C ASN TB 22 11.06 -87.84 211.46
N LEU TB 23 9.77 -87.71 211.18
CA LEU TB 23 8.84 -88.81 211.40
C LEU TB 23 9.33 -90.10 210.74
N GLN TB 24 9.91 -89.98 209.55
CA GLN TB 24 10.46 -91.16 208.88
C GLN TB 24 11.57 -91.80 209.68
N THR TB 25 12.35 -91.01 210.42
CA THR TB 25 13.35 -91.60 211.31
C THR TB 25 12.75 -92.09 212.62
N GLN TB 26 11.77 -91.37 213.15
CA GLN TB 26 11.16 -91.72 214.43
C GLN TB 26 10.47 -93.07 214.38
N VAL TB 27 9.81 -93.39 213.27
CA VAL TB 27 9.27 -94.74 213.11
C VAL TB 27 10.37 -95.77 212.99
N THR TB 28 11.44 -95.45 212.24
CA THR TB 28 12.54 -96.37 212.07
C THR TB 28 13.17 -96.72 213.43
N GLU TB 29 13.29 -95.71 214.29
CA GLU TB 29 13.84 -95.89 215.62
C GLU TB 29 12.90 -96.70 216.52
N ALA TB 30 11.62 -96.30 216.57
CA ALA TB 30 10.67 -96.99 217.42
C ALA TB 30 10.48 -98.44 217.04
N LEU TB 31 10.70 -98.79 215.76
CA LEU TB 31 10.62 -100.20 215.39
C LEU TB 31 11.70 -101.03 216.10
N ASP TB 32 12.94 -100.55 216.08
CA ASP TB 32 14.00 -101.28 216.77
C ASP TB 32 13.84 -101.26 218.28
N LYS TB 33 13.41 -100.11 218.82
CA LYS TB 33 13.10 -100.05 220.24
C LYS TB 33 12.08 -101.11 220.64
N LEU TB 34 11.01 -101.27 219.85
CA LEU TB 34 10.09 -102.36 220.09
C LEU TB 34 10.76 -103.72 219.97
N ALA TB 35 11.53 -103.93 218.89
CA ALA TB 35 12.17 -105.22 218.69
C ALA TB 35 13.07 -105.60 219.86
N ALA TB 36 13.61 -104.61 220.57
CA ALA TB 36 14.38 -104.90 221.77
C ALA TB 36 13.53 -105.38 222.94
N LYS TB 37 12.28 -104.92 223.06
CA LYS TB 37 11.39 -105.32 224.15
C LYS TB 37 9.95 -105.37 223.66
N PRO TB 38 9.62 -106.34 222.80
CA PRO TB 38 8.30 -106.43 222.19
C PRO TB 38 7.08 -106.52 223.11
N SER TB 39 7.28 -106.53 224.43
CA SER TB 39 6.16 -106.66 225.36
C SER TB 39 5.99 -105.44 226.24
N ASP TB 40 6.43 -104.27 225.78
CA ASP TB 40 6.29 -103.04 226.54
C ASP TB 40 5.11 -102.24 226.00
N PRO TB 41 4.12 -101.92 226.83
CA PRO TB 41 2.96 -101.19 226.32
C PRO TB 41 3.30 -99.79 225.85
N ALA TB 42 4.26 -99.11 226.50
CA ALA TB 42 4.61 -97.77 226.06
C ALA TB 42 5.23 -97.80 224.67
N LEU TB 43 6.10 -98.78 224.43
CA LEU TB 43 6.65 -98.98 223.09
C LEU TB 43 5.53 -99.24 222.10
N LEU TB 44 4.62 -100.14 222.44
CA LEU TB 44 3.55 -100.48 221.50
C LEU TB 44 2.71 -99.25 221.17
N ALA TB 45 2.22 -98.56 222.19
CA ALA TB 45 1.31 -97.44 221.97
C ALA TB 45 1.98 -96.34 221.15
N ALA TB 46 3.24 -96.02 221.48
CA ALA TB 46 3.96 -95.04 220.68
C ALA TB 46 4.11 -95.49 219.24
N TYR TB 47 4.49 -96.75 219.05
CA TYR TB 47 4.73 -97.22 217.69
C TYR TB 47 3.45 -97.13 216.87
N GLN TB 48 2.32 -97.55 217.46
CA GLN TB 48 1.01 -97.38 216.83
C GLN TB 48 0.78 -95.95 216.37
N SER TB 49 0.94 -94.99 217.28
CA SER TB 49 0.77 -93.59 216.93
C SER TB 49 1.66 -93.17 215.77
N LYS TB 50 2.95 -93.41 215.91
CA LYS TB 50 3.91 -93.04 214.86
C LYS TB 50 3.58 -93.68 213.51
N LEU TB 51 3.20 -94.95 213.51
CA LEU TB 51 2.82 -95.62 212.26
C LEU TB 51 1.62 -94.96 211.62
N SER TB 52 0.60 -94.65 212.40
CA SER TB 52 -0.55 -93.94 211.86
C SER TB 52 -0.16 -92.61 211.23
N GLU TB 53 0.56 -91.78 211.98
CA GLU TB 53 1.07 -90.51 211.45
C GLU TB 53 1.82 -90.68 210.13
N TYR TB 54 2.79 -91.59 210.11
CA TYR TB 54 3.56 -91.86 208.89
C TYR TB 54 2.67 -92.25 207.71
N ASN TB 55 1.69 -93.11 207.93
CA ASN TB 55 0.79 -93.50 206.85
C ASN TB 55 0.04 -92.31 206.30
N LEU TB 56 -0.56 -91.51 207.18
CA LEU TB 56 -1.24 -90.29 206.72
C LEU TB 56 -0.29 -89.37 205.93
N TYR TB 57 0.95 -89.25 206.39
CA TYR TB 57 1.96 -88.46 205.67
C TYR TB 57 2.15 -88.95 204.24
N ARG TB 58 2.49 -90.23 204.08
CA ARG TB 58 2.70 -90.77 202.74
C ARG TB 58 1.45 -90.68 201.86
N ASN TB 59 0.28 -90.89 202.45
CA ASN TB 59 -0.95 -90.80 201.66
C ASN TB 59 -1.17 -89.41 201.10
N ALA TB 60 -1.27 -88.40 201.97
CA ALA TB 60 -1.40 -87.03 201.50
C ALA TB 60 -0.33 -86.67 200.47
N GLN TB 61 0.92 -87.06 200.74
CA GLN TB 61 2.01 -86.85 199.79
C GLN TB 61 1.65 -87.31 198.39
N SER TB 62 1.11 -88.53 198.27
CA SER TB 62 0.77 -89.06 196.94
C SER TB 62 -0.42 -88.35 196.30
N ASN TB 63 -1.52 -88.21 197.04
CA ASN TB 63 -2.71 -87.58 196.47
C ASN TB 63 -2.48 -86.15 195.98
N THR TB 64 -1.64 -85.38 196.67
CA THR TB 64 -1.39 -84.02 196.18
C THR TB 64 -0.78 -84.03 194.78
N VAL TB 65 0.23 -84.87 194.58
CA VAL TB 65 0.86 -85.01 193.27
C VAL TB 65 -0.16 -85.42 192.22
N LYS TB 66 -1.02 -86.39 192.55
CA LYS TB 66 -2.05 -86.77 191.58
C LYS TB 66 -2.89 -85.58 191.14
N VAL TB 67 -3.40 -84.82 192.10
CA VAL TB 67 -4.23 -83.66 191.79
C VAL TB 67 -3.51 -82.67 190.88
N PHE TB 68 -2.28 -82.27 191.23
CA PHE TB 68 -1.59 -81.32 190.35
C PHE TB 68 -1.32 -81.88 188.95
N LYS TB 69 -1.06 -83.18 188.84
CA LYS TB 69 -0.90 -83.77 187.52
C LYS TB 69 -2.17 -83.58 186.70
N ASP TB 70 -3.31 -84.00 187.26
CA ASP TB 70 -4.57 -83.88 186.54
C ASP TB 70 -4.88 -82.44 186.17
N ILE TB 71 -4.56 -81.48 187.04
CA ILE TB 71 -4.82 -80.09 186.70
C ILE TB 71 -3.97 -79.65 185.50
N ASP TB 72 -2.67 -79.93 185.54
CA ASP TB 72 -1.80 -79.48 184.46
C ASP TB 72 -2.18 -80.11 183.11
N ALA TB 73 -2.39 -81.43 183.10
CA ALA TB 73 -2.70 -82.14 181.87
C ALA TB 73 -3.83 -81.53 181.06
N ALA TB 74 -4.92 -81.13 181.71
CA ALA TB 74 -6.03 -80.51 180.98
C ALA TB 74 -5.59 -79.30 180.17
N ILE TB 75 -5.01 -78.30 180.83
CA ILE TB 75 -4.48 -77.13 180.12
C ILE TB 75 -3.54 -77.53 178.99
N ILE TB 76 -2.63 -78.46 179.27
CA ILE TB 76 -1.68 -78.88 178.26
C ILE TB 76 -2.41 -79.42 177.03
N GLN TB 77 -3.47 -80.19 177.23
CA GLN TB 77 -4.27 -80.61 176.08
C GLN TB 77 -4.96 -79.42 175.42
N ASN TB 78 -5.49 -78.51 176.23
CA ASN TB 78 -6.22 -77.35 175.75
C ASN TB 78 -5.36 -76.44 174.86
N PHE TB 79 -4.04 -76.59 174.87
CA PHE TB 79 -3.25 -75.75 173.97
C PHE TB 79 -3.55 -75.96 172.50
N ARG TB 80 -3.88 -77.18 172.09
CA ARG TB 80 -4.19 -77.38 170.67
C ARG TB 80 -5.57 -76.83 170.37
N PRO UB 4 -11.18 -62.26 202.95
CA PRO UB 4 -10.64 -63.19 201.97
C PRO UB 4 -11.75 -63.80 201.09
N TRP UB 5 -11.38 -64.21 199.88
CA TRP UB 5 -12.37 -64.75 198.95
C TRP UB 5 -12.91 -66.08 199.44
N SER UB 6 -14.17 -66.34 199.08
CA SER UB 6 -14.80 -67.64 199.33
C SER UB 6 -15.78 -67.93 198.21
N GLY UB 7 -15.93 -69.22 197.91
CA GLY UB 7 -16.84 -69.64 196.86
C GLY UB 7 -18.11 -70.34 197.31
N TYR UB 8 -18.63 -71.20 196.43
CA TYR UB 8 -19.80 -72.03 196.71
C TYR UB 8 -19.46 -73.22 197.62
N LEU UB 9 -18.42 -73.97 197.25
CA LEU UB 9 -18.05 -75.17 197.99
C LEU UB 9 -17.67 -74.85 199.43
N ASP UB 10 -16.80 -73.85 199.62
CA ASP UB 10 -16.39 -73.52 200.97
C ASP UB 10 -17.51 -72.84 201.74
N ASP UB 11 -18.44 -72.18 201.04
CA ASP UB 11 -19.63 -71.70 201.73
C ASP UB 11 -20.45 -72.88 202.27
N VAL UB 12 -20.69 -73.89 201.44
CA VAL UB 12 -21.39 -75.09 201.90
C VAL UB 12 -20.66 -75.76 203.07
N SER UB 13 -19.34 -75.70 203.07
CA SER UB 13 -18.57 -76.20 204.21
C SER UB 13 -18.81 -75.36 205.46
N ALA UB 14 -18.64 -74.05 205.34
CA ALA UB 14 -18.88 -73.18 206.48
C ALA UB 14 -20.31 -73.31 207.00
N LYS UB 15 -21.26 -73.65 206.14
CA LYS UB 15 -22.60 -73.93 206.67
C LYS UB 15 -22.58 -75.02 207.73
N PHE UB 16 -21.61 -75.92 207.67
CA PHE UB 16 -21.46 -76.97 208.68
C PHE UB 16 -20.63 -76.48 209.86
N ASP UB 17 -19.57 -75.73 209.55
CA ASP UB 17 -18.78 -75.12 210.63
C ASP UB 17 -19.66 -74.29 211.55
N THR UB 18 -20.52 -73.44 210.97
CA THR UB 18 -21.52 -72.69 211.71
C THR UB 18 -22.72 -73.52 212.12
N GLY UB 19 -22.91 -74.70 211.53
CA GLY UB 19 -23.99 -75.58 211.89
C GLY UB 19 -23.77 -76.23 213.24
N VAL UB 20 -22.63 -76.87 213.42
CA VAL UB 20 -22.34 -77.36 214.78
C VAL UB 20 -21.85 -76.18 215.61
N ASP UB 21 -22.82 -75.52 216.26
CA ASP UB 21 -22.56 -74.28 216.98
C ASP UB 21 -21.38 -74.39 217.93
N ASN UB 22 -21.32 -75.47 218.70
CA ASN UB 22 -20.28 -75.63 219.71
C ASN UB 22 -19.70 -77.04 219.82
N LEU UB 23 -20.10 -77.96 218.94
CA LEU UB 23 -19.64 -79.34 219.02
C LEU UB 23 -18.13 -79.43 219.21
N GLN UB 24 -17.38 -78.59 218.51
CA GLN UB 24 -15.92 -78.67 218.60
C GLN UB 24 -15.42 -78.38 220.00
N THR UB 25 -16.03 -77.43 220.70
CA THR UB 25 -15.62 -77.16 222.08
C THR UB 25 -16.12 -78.25 223.01
N GLN UB 26 -17.33 -78.74 222.77
CA GLN UB 26 -17.84 -79.81 223.62
C GLN UB 26 -16.90 -81.00 223.57
N VAL UB 27 -16.46 -81.36 222.36
CA VAL UB 27 -15.52 -82.45 222.20
C VAL UB 27 -14.19 -82.12 222.85
N THR UB 28 -13.74 -80.89 222.71
CA THR UB 28 -12.46 -80.48 223.29
C THR UB 28 -12.46 -80.69 224.79
N GLU UB 29 -13.49 -80.18 225.46
CA GLU UB 29 -13.49 -80.31 226.92
C GLU UB 29 -13.87 -81.71 227.38
N ALA UB 30 -14.69 -82.47 226.64
CA ALA UB 30 -14.94 -83.83 227.07
C ALA UB 30 -13.65 -84.64 227.02
N LEU UB 31 -12.89 -84.49 225.93
CA LEU UB 31 -11.61 -85.19 225.79
C LEU UB 31 -10.63 -84.76 226.87
N ASP UB 32 -10.62 -83.48 227.21
CA ASP UB 32 -9.66 -83.01 228.20
C ASP UB 32 -10.04 -83.44 229.62
N LYS UB 33 -11.30 -83.24 230.01
CA LYS UB 33 -11.72 -83.59 231.36
C LYS UB 33 -11.64 -85.09 231.60
N LEU UB 34 -12.06 -85.90 230.62
CA LEU UB 34 -12.03 -87.34 230.81
C LEU UB 34 -10.61 -87.84 231.07
N ALA UB 35 -9.63 -87.33 230.33
CA ALA UB 35 -8.27 -87.83 230.47
C ALA UB 35 -7.73 -87.74 231.89
N ALA UB 36 -8.27 -86.86 232.72
CA ALA UB 36 -7.84 -86.79 234.11
C ALA UB 36 -8.39 -87.90 234.98
N LYS UB 37 -9.48 -88.55 234.59
CA LYS UB 37 -10.05 -89.65 235.35
C LYS UB 37 -10.66 -90.67 234.40
N PRO UB 38 -9.82 -91.51 233.78
CA PRO UB 38 -10.30 -92.52 232.83
C PRO UB 38 -11.34 -93.50 233.33
N SER UB 39 -11.78 -93.41 234.59
CA SER UB 39 -12.63 -94.44 235.16
C SER UB 39 -14.05 -93.98 235.52
N ASP UB 40 -14.43 -92.74 235.19
CA ASP UB 40 -15.80 -92.31 235.46
C ASP UB 40 -16.73 -92.70 234.30
N PRO UB 41 -17.75 -93.53 234.54
CA PRO UB 41 -18.63 -93.93 233.44
C PRO UB 41 -19.44 -92.77 232.87
N ALA UB 42 -19.77 -91.78 233.69
CA ALA UB 42 -20.55 -90.66 233.18
C ALA UB 42 -19.73 -89.80 232.25
N LEU UB 43 -18.41 -89.78 232.45
CA LEU UB 43 -17.54 -89.05 231.53
C LEU UB 43 -17.31 -89.87 230.28
N LEU UB 44 -17.11 -91.18 230.44
CA LEU UB 44 -16.89 -92.06 229.29
C LEU UB 44 -18.05 -92.01 228.31
N ALA UB 45 -19.27 -92.22 228.79
CA ALA UB 45 -20.42 -92.26 227.89
C ALA UB 45 -20.63 -90.93 227.18
N ALA UB 46 -20.42 -89.82 227.89
CA ALA UB 46 -20.58 -88.50 227.27
C ALA UB 46 -19.55 -88.30 226.17
N TYR UB 47 -18.29 -88.58 226.48
CA TYR UB 47 -17.25 -88.41 225.48
C TYR UB 47 -17.50 -89.32 224.28
N GLN UB 48 -17.90 -90.56 224.52
CA GLN UB 48 -18.26 -91.46 223.42
C GLN UB 48 -19.33 -90.87 222.51
N SER UB 49 -20.35 -90.25 223.10
CA SER UB 49 -21.40 -89.61 222.32
C SER UB 49 -20.84 -88.48 221.46
N LYS UB 50 -20.18 -87.51 222.10
CA LYS UB 50 -19.61 -86.39 221.35
C LYS UB 50 -18.63 -86.84 220.27
N LEU UB 51 -17.84 -87.86 220.55
CA LEU UB 51 -16.91 -88.39 219.55
C LEU UB 51 -17.65 -88.94 218.33
N SER UB 52 -18.69 -89.71 218.56
CA SER UB 52 -19.48 -90.21 217.44
C SER UB 52 -20.08 -89.07 216.63
N GLU UB 53 -20.68 -88.10 217.31
CA GLU UB 53 -21.23 -86.92 216.64
C GLU UB 53 -20.17 -86.21 215.79
N TYR UB 54 -18.97 -86.02 216.34
CA TYR UB 54 -17.88 -85.41 215.57
C TYR UB 54 -17.54 -86.20 214.31
N ASN UB 55 -17.44 -87.52 214.45
CA ASN UB 55 -17.19 -88.36 213.29
C ASN UB 55 -18.22 -88.13 212.19
N LEU UB 56 -19.51 -88.25 212.54
CA LEU UB 56 -20.56 -88.07 211.54
C LEU UB 56 -20.57 -86.65 210.96
N TYR UB 57 -20.22 -85.66 211.78
CA TYR UB 57 -20.05 -84.29 211.29
C TYR UB 57 -19.04 -84.21 210.15
N ARG UB 58 -17.81 -84.65 210.42
CA ARG UB 58 -16.76 -84.60 209.40
C ARG UB 58 -17.12 -85.40 208.14
N ASN UB 59 -17.66 -86.61 208.29
CA ASN UB 59 -18.00 -87.37 207.09
C ASN UB 59 -19.12 -86.74 206.26
N ALA UB 60 -20.17 -86.23 206.90
CA ALA UB 60 -21.22 -85.57 206.13
C ALA UB 60 -20.70 -84.33 205.43
N GLN UB 61 -19.89 -83.53 206.12
CA GLN UB 61 -19.34 -82.31 205.52
C GLN UB 61 -18.52 -82.63 204.28
N SER UB 62 -17.54 -83.52 204.44
CA SER UB 62 -16.67 -83.88 203.33
C SER UB 62 -17.44 -84.44 202.13
N ASN UB 63 -18.36 -85.38 202.35
CA ASN UB 63 -19.06 -85.90 201.19
C ASN UB 63 -20.01 -84.89 200.55
N THR UB 64 -20.59 -83.98 201.34
CA THR UB 64 -21.38 -82.91 200.73
C THR UB 64 -20.53 -82.04 199.83
N VAL UB 65 -19.32 -81.70 200.25
CA VAL UB 65 -18.45 -80.90 199.39
C VAL UB 65 -18.08 -81.67 198.13
N LYS UB 66 -17.69 -82.93 198.30
CA LYS UB 66 -17.20 -83.74 197.19
C LYS UB 66 -18.24 -83.92 196.09
N VAL UB 67 -19.49 -84.19 196.46
CA VAL UB 67 -20.50 -84.36 195.41
C VAL UB 67 -20.71 -83.08 194.61
N PHE UB 68 -20.74 -81.93 195.28
CA PHE UB 68 -20.86 -80.67 194.52
C PHE UB 68 -19.68 -80.42 193.60
N LYS UB 69 -18.48 -80.75 194.06
CA LYS UB 69 -17.32 -80.65 193.16
C LYS UB 69 -17.54 -81.47 191.91
N ASP UB 70 -17.92 -82.74 192.09
CA ASP UB 70 -18.12 -83.60 190.93
C ASP UB 70 -19.28 -83.13 190.05
N ILE UB 71 -20.27 -82.46 190.63
CA ILE UB 71 -21.33 -81.88 189.82
C ILE UB 71 -20.78 -80.78 188.91
N ASP UB 72 -20.09 -79.80 189.49
CA ASP UB 72 -19.57 -78.70 188.69
C ASP UB 72 -18.57 -79.16 187.63
N ALA UB 73 -17.66 -80.06 188.01
CA ALA UB 73 -16.64 -80.53 187.08
C ALA UB 73 -17.24 -81.18 185.85
N ALA UB 74 -18.46 -81.70 185.93
CA ALA UB 74 -19.13 -82.23 184.75
C ALA UB 74 -19.58 -81.12 183.82
N ILE UB 75 -20.05 -80.01 184.38
CA ILE UB 75 -20.67 -78.98 183.56
C ILE UB 75 -19.62 -78.12 182.89
N ILE UB 76 -18.50 -77.86 183.58
CA ILE UB 76 -17.41 -77.16 182.93
C ILE UB 76 -16.88 -77.92 181.72
N GLN UB 77 -17.06 -79.23 181.67
CA GLN UB 77 -16.69 -79.98 180.48
C GLN UB 77 -17.48 -79.54 179.25
N ASN UB 78 -18.77 -79.24 179.41
CA ASN UB 78 -19.64 -78.98 178.27
C ASN UB 78 -19.46 -77.63 177.60
N PHE UB 79 -18.51 -76.79 178.02
CA PHE UB 79 -18.12 -75.71 177.13
C PHE UB 79 -17.41 -76.24 175.89
N ARG UB 80 -16.80 -77.42 175.97
CA ARG UB 80 -16.08 -77.98 174.85
C ARG UB 80 -17.06 -78.34 173.75
N PRO VB 4 -45.69 -79.91 197.22
CA PRO VB 4 -44.35 -79.52 196.74
C PRO VB 4 -43.84 -80.46 195.67
N TRP VB 5 -42.98 -79.95 194.78
CA TRP VB 5 -42.46 -80.77 193.70
C TRP VB 5 -41.64 -81.94 194.23
N SER VB 6 -41.89 -83.11 193.67
CA SER VB 6 -41.19 -84.33 194.06
C SER VB 6 -40.81 -85.07 192.79
N GLY VB 7 -39.62 -85.66 192.79
CA GLY VB 7 -39.16 -86.42 191.66
C GLY VB 7 -39.49 -87.90 191.77
N TYR VB 8 -39.06 -88.64 190.76
CA TYR VB 8 -39.25 -90.09 190.74
C TYR VB 8 -38.60 -90.74 191.95
N LEU VB 9 -37.37 -90.31 192.29
CA LEU VB 9 -36.70 -90.85 193.47
C LEU VB 9 -37.49 -90.57 194.74
N ASP VB 10 -37.97 -89.35 194.89
CA ASP VB 10 -38.82 -88.99 196.03
C ASP VB 10 -40.03 -89.89 196.12
N ASP VB 11 -40.83 -89.91 195.06
CA ASP VB 11 -42.04 -90.73 195.03
C ASP VB 11 -41.76 -92.21 195.27
N VAL VB 12 -40.62 -92.72 194.77
CA VAL VB 12 -40.26 -94.11 195.04
C VAL VB 12 -39.93 -94.31 196.52
N SER VB 13 -39.05 -93.47 197.08
CA SER VB 13 -38.75 -93.57 198.50
C SER VB 13 -40.01 -93.50 199.36
N ALA VB 14 -41.01 -92.73 198.93
CA ALA VB 14 -42.27 -92.70 199.65
C ALA VB 14 -42.86 -94.08 199.83
N LYS VB 15 -42.59 -95.01 198.92
CA LYS VB 15 -43.07 -96.37 199.08
C LYS VB 15 -42.56 -96.99 200.37
N PHE VB 16 -41.34 -96.69 200.76
CA PHE VB 16 -40.78 -97.21 202.01
C PHE VB 16 -41.51 -96.65 203.22
N ASP VB 17 -41.56 -95.33 203.34
CA ASP VB 17 -42.22 -94.71 204.49
C ASP VB 17 -43.68 -95.12 204.62
N THR VB 18 -44.41 -95.22 203.50
CA THR VB 18 -45.77 -95.72 203.58
C THR VB 18 -45.87 -97.24 203.71
N GLY VB 19 -44.77 -97.96 203.49
CA GLY VB 19 -44.74 -99.39 203.68
C GLY VB 19 -44.58 -99.74 205.14
N VAL VB 20 -43.68 -99.02 205.82
CA VAL VB 20 -43.57 -99.17 207.27
C VAL VB 20 -44.68 -98.35 207.91
N ASP VB 21 -45.88 -98.93 207.91
CA ASP VB 21 -47.10 -98.26 208.36
C ASP VB 21 -46.94 -97.47 209.65
N ASN VB 22 -46.32 -98.08 210.68
CA ASN VB 22 -46.21 -97.41 211.97
C ASN VB 22 -44.87 -97.67 212.66
N LEU VB 23 -43.92 -98.30 211.99
CA LEU VB 23 -42.65 -98.67 212.61
C LEU VB 23 -42.02 -97.57 213.43
N GLN VB 24 -41.94 -96.36 212.87
CA GLN VB 24 -41.32 -95.24 213.58
C GLN VB 24 -41.97 -95.00 214.94
N THR VB 25 -43.30 -95.02 214.99
CA THR VB 25 -43.98 -94.80 216.27
C THR VB 25 -43.79 -95.98 217.21
N GLN VB 26 -43.86 -97.20 216.68
CA GLN VB 26 -43.65 -98.34 217.55
C GLN VB 26 -42.25 -98.30 218.17
N VAL VB 27 -41.25 -97.95 217.38
CA VAL VB 27 -39.87 -97.82 217.86
C VAL VB 27 -39.75 -96.74 218.92
N THR VB 28 -40.34 -95.56 218.67
CA THR VB 28 -40.22 -94.49 219.63
C THR VB 28 -40.93 -94.84 220.94
N GLU VB 29 -42.12 -95.42 220.88
CA GLU VB 29 -42.80 -95.75 222.13
C GLU VB 29 -42.11 -96.91 222.83
N ALA VB 30 -41.48 -97.83 222.08
CA ALA VB 30 -40.73 -98.90 222.71
C ALA VB 30 -39.57 -98.32 223.51
N LEU VB 31 -38.91 -97.30 222.96
CA LEU VB 31 -37.84 -96.64 223.71
C LEU VB 31 -38.41 -95.85 224.87
N ASP VB 32 -39.60 -95.28 224.69
CA ASP VB 32 -40.23 -94.53 225.77
C ASP VB 32 -40.50 -95.41 226.98
N LYS VB 33 -41.11 -96.57 226.76
CA LYS VB 33 -41.36 -97.48 227.88
C LYS VB 33 -40.07 -98.11 228.39
N LEU VB 34 -39.08 -98.34 227.53
CA LEU VB 34 -37.80 -98.84 228.02
C LEU VB 34 -37.17 -97.86 229.01
N ALA VB 35 -37.13 -96.57 228.64
CA ALA VB 35 -36.61 -95.57 229.57
C ALA VB 35 -37.47 -95.50 230.82
N ALA VB 36 -38.78 -95.69 230.66
CA ALA VB 36 -39.68 -95.65 231.81
C ALA VB 36 -39.40 -96.79 232.79
N LYS VB 37 -38.95 -97.93 232.29
CA LYS VB 37 -38.68 -99.10 233.14
C LYS VB 37 -37.50 -99.88 232.57
N PRO VB 38 -36.30 -99.32 232.68
CA PRO VB 38 -35.10 -99.90 232.04
C PRO VB 38 -34.73 -101.33 232.39
N SER VB 39 -35.48 -102.04 233.26
CA SER VB 39 -35.07 -103.38 233.66
C SER VB 39 -36.07 -104.49 233.40
N ASP VB 40 -37.16 -104.25 232.69
CA ASP VB 40 -38.09 -105.34 232.43
C ASP VB 40 -37.59 -106.17 231.24
N PRO VB 41 -37.30 -107.47 231.44
CA PRO VB 41 -36.82 -108.29 230.32
C PRO VB 41 -37.79 -108.42 229.17
N ALA VB 42 -39.10 -108.37 229.44
CA ALA VB 42 -40.11 -108.45 228.40
C ALA VB 42 -40.09 -107.26 227.45
N LEU VB 43 -39.72 -106.08 227.96
CA LEU VB 43 -39.72 -104.87 227.14
C LEU VB 43 -38.52 -104.83 226.20
N LEU VB 44 -37.36 -105.28 226.67
CA LEU VB 44 -36.17 -105.26 225.83
C LEU VB 44 -36.30 -106.16 224.61
N ALA VB 45 -36.98 -107.30 224.73
CA ALA VB 45 -37.21 -108.15 223.56
C ALA VB 45 -37.92 -107.38 222.45
N ALA VB 46 -38.97 -106.65 222.81
CA ALA VB 46 -39.71 -105.87 221.82
C ALA VB 46 -38.85 -104.75 221.26
N TYR VB 47 -38.20 -104.00 222.15
CA TYR VB 47 -37.35 -102.91 221.67
C TYR VB 47 -36.29 -103.40 220.71
N GLN VB 48 -35.60 -104.49 221.06
CA GLN VB 48 -34.60 -105.08 220.19
C GLN VB 48 -35.17 -105.49 218.83
N SER VB 49 -36.38 -106.05 218.84
CA SER VB 49 -37.04 -106.41 217.59
C SER VB 49 -37.32 -105.19 216.72
N LYS VB 50 -38.02 -104.21 217.28
CA LYS VB 50 -38.37 -103.01 216.54
C LYS VB 50 -37.13 -102.29 216.02
N LEU VB 51 -36.10 -102.14 216.86
CA LEU VB 51 -34.87 -101.52 216.41
C LEU VB 51 -34.27 -102.25 215.21
N SER VB 52 -34.21 -103.58 215.26
CA SER VB 52 -33.73 -104.32 214.09
C SER VB 52 -34.56 -104.03 212.85
N GLU VB 53 -35.88 -104.10 212.98
CA GLU VB 53 -36.77 -103.78 211.87
C GLU VB 53 -36.47 -102.40 211.28
N TYR VB 54 -36.22 -101.42 212.13
CA TYR VB 54 -35.90 -100.07 211.69
C TYR VB 54 -34.58 -100.02 210.93
N ASN VB 55 -33.53 -100.63 211.49
CA ASN VB 55 -32.24 -100.66 210.81
C ASN VB 55 -32.38 -101.22 209.40
N LEU VB 56 -32.98 -102.39 209.28
CA LEU VB 56 -33.10 -103.04 207.97
C LEU VB 56 -33.93 -102.23 206.99
N TYR VB 57 -35.02 -101.63 207.48
CA TYR VB 57 -35.83 -100.71 206.68
C TYR VB 57 -35.02 -99.56 206.11
N ARG VB 58 -34.33 -98.81 206.96
CA ARG VB 58 -33.57 -97.66 206.48
C ARG VB 58 -32.44 -98.08 205.53
N ASN VB 59 -31.80 -99.21 205.81
CA ASN VB 59 -30.77 -99.71 204.91
C ASN VB 59 -31.32 -99.95 203.50
N ALA VB 60 -32.34 -100.81 203.40
CA ALA VB 60 -32.86 -101.12 202.07
C ALA VB 60 -33.34 -99.88 201.34
N GLN VB 61 -33.87 -98.90 202.07
CA GLN VB 61 -34.25 -97.64 201.42
C GLN VB 61 -33.05 -96.98 200.75
N SER VB 62 -32.01 -96.71 201.54
CA SER VB 62 -30.85 -96.04 201.00
C SER VB 62 -30.25 -96.80 199.82
N ASN VB 63 -30.02 -98.10 199.99
CA ASN VB 63 -29.47 -98.87 198.88
C ASN VB 63 -30.30 -98.78 197.60
N THR VB 64 -31.63 -98.83 197.71
CA THR VB 64 -32.46 -98.68 196.52
C THR VB 64 -32.26 -97.33 195.83
N VAL VB 65 -32.16 -96.27 196.61
CA VAL VB 65 -31.94 -94.95 196.02
C VAL VB 65 -30.59 -94.90 195.33
N LYS VB 66 -29.55 -95.43 195.97
CA LYS VB 66 -28.23 -95.42 195.37
C LYS VB 66 -28.19 -96.21 194.08
N VAL VB 67 -28.85 -97.36 194.04
CA VAL VB 67 -28.88 -98.15 192.81
C VAL VB 67 -29.54 -97.38 191.67
N PHE VB 68 -30.74 -96.83 191.90
CA PHE VB 68 -31.40 -96.15 190.79
C PHE VB 68 -30.68 -94.89 190.32
N LYS VB 69 -30.01 -94.17 191.22
CA LYS VB 69 -29.23 -93.02 190.79
C LYS VB 69 -28.18 -93.39 189.75
N ASP VB 70 -27.58 -94.57 189.87
CA ASP VB 70 -26.60 -94.96 188.86
C ASP VB 70 -27.24 -95.32 187.53
N ILE VB 71 -28.44 -95.88 187.54
CA ILE VB 71 -29.08 -96.22 186.27
C ILE VB 71 -29.39 -94.94 185.49
N ASP VB 72 -29.82 -93.91 186.21
CA ASP VB 72 -30.01 -92.63 185.54
C ASP VB 72 -28.69 -92.01 185.07
N ALA VB 73 -27.66 -92.04 185.92
CA ALA VB 73 -26.39 -91.45 185.49
C ALA VB 73 -25.84 -92.15 184.24
N ALA VB 74 -25.92 -93.48 184.22
CA ALA VB 74 -25.44 -94.26 183.08
C ALA VB 74 -26.21 -93.94 181.80
N ILE VB 75 -27.53 -93.74 181.90
CA ILE VB 75 -28.26 -93.40 180.67
C ILE VB 75 -27.97 -91.96 180.24
N ILE VB 76 -27.96 -91.03 181.18
CA ILE VB 76 -27.67 -89.62 180.86
C ILE VB 76 -26.32 -89.46 180.18
N GLN VB 77 -25.29 -90.12 180.70
CA GLN VB 77 -23.98 -90.01 180.06
C GLN VB 77 -24.00 -90.48 178.61
N ASN VB 78 -24.87 -91.43 178.27
CA ASN VB 78 -24.94 -91.94 176.91
C ASN VB 78 -25.29 -90.88 175.88
N PHE VB 79 -25.89 -89.76 176.27
CA PHE VB 79 -26.32 -88.78 175.27
C PHE VB 79 -25.16 -88.18 174.48
N ARG VB 80 -24.04 -87.87 175.13
CA ARG VB 80 -22.93 -87.29 174.38
C ARG VB 80 -22.34 -88.30 173.41
N PRO WB 4 -44.35 -116.66 183.09
CA PRO WB 4 -43.69 -115.36 183.19
C PRO WB 4 -42.23 -115.41 182.78
N TRP WB 5 -41.70 -114.28 182.31
CA TRP WB 5 -40.32 -114.23 181.89
C TRP WB 5 -39.36 -114.48 183.05
N SER WB 6 -38.22 -115.08 182.72
CA SER WB 6 -37.16 -115.34 183.67
C SER WB 6 -35.82 -115.15 182.96
N GLY WB 7 -34.86 -114.54 183.65
CA GLY WB 7 -33.55 -114.30 183.10
C GLY WB 7 -32.54 -115.37 183.48
N TYR WB 8 -31.28 -115.08 183.16
CA TYR WB 8 -30.20 -116.00 183.49
C TYR WB 8 -29.88 -115.96 184.98
N LEU WB 9 -29.83 -114.74 185.54
CA LEU WB 9 -29.63 -114.60 186.98
C LEU WB 9 -30.81 -115.18 187.74
N ASP WB 10 -32.01 -114.95 187.23
CA ASP WB 10 -33.21 -115.57 187.78
C ASP WB 10 -33.08 -117.08 187.83
N ASP WB 11 -32.76 -117.71 186.70
CA ASP WB 11 -32.62 -119.18 186.68
C ASP WB 11 -31.48 -119.67 187.57
N VAL WB 12 -30.38 -118.91 187.65
CA VAL WB 12 -29.32 -119.27 188.59
C VAL WB 12 -29.86 -119.28 190.01
N SER WB 13 -30.54 -118.21 190.41
CA SER WB 13 -31.16 -118.17 191.73
C SER WB 13 -32.06 -119.37 191.93
N ALA WB 14 -32.91 -119.66 190.94
CA ALA WB 14 -33.80 -120.80 191.01
C ALA WB 14 -33.06 -122.11 191.29
N LYS WB 15 -31.82 -122.24 190.82
CA LYS WB 15 -31.13 -123.50 191.11
C LYS WB 15 -30.90 -123.73 192.59
N PHE WB 16 -30.65 -122.69 193.37
CA PHE WB 16 -30.52 -122.85 194.81
C PHE WB 16 -31.81 -123.36 195.44
N ASP WB 17 -32.91 -122.66 195.18
CA ASP WB 17 -34.20 -123.04 195.72
C ASP WB 17 -34.57 -124.47 195.31
N THR WB 18 -34.35 -124.82 194.05
CA THR WB 18 -34.63 -126.19 193.64
C THR WB 18 -33.57 -127.18 194.12
N GLY WB 19 -32.45 -126.70 194.62
CA GLY WB 19 -31.42 -127.56 195.16
C GLY WB 19 -31.85 -127.99 196.53
N VAL WB 20 -32.36 -127.02 197.30
CA VAL WB 20 -32.88 -127.30 198.64
C VAL WB 20 -34.36 -127.66 198.45
N ASP WB 21 -34.59 -128.95 198.29
CA ASP WB 21 -35.90 -129.48 197.89
C ASP WB 21 -37.04 -128.99 198.78
N ASN WB 22 -36.87 -129.03 200.11
CA ASN WB 22 -37.95 -128.69 201.01
C ASN WB 22 -37.51 -127.95 202.27
N LEU WB 23 -36.25 -127.57 202.38
CA LEU WB 23 -35.71 -126.90 203.57
C LEU WB 23 -36.61 -125.79 204.09
N GLN WB 24 -37.18 -124.99 203.20
CA GLN WB 24 -38.03 -123.87 203.60
C GLN WB 24 -39.19 -124.29 204.51
N THR WB 25 -39.86 -125.39 204.17
CA THR WB 25 -40.95 -125.89 205.02
C THR WB 25 -40.42 -126.39 206.36
N GLN WB 26 -39.39 -127.24 206.32
CA GLN WB 26 -38.81 -127.80 207.54
C GLN WB 26 -38.40 -126.71 208.53
N VAL WB 27 -37.71 -125.68 208.05
CA VAL WB 27 -37.29 -124.57 208.90
C VAL WB 27 -38.48 -123.90 209.57
N THR WB 28 -39.60 -123.83 208.87
CA THR WB 28 -40.80 -123.19 209.40
C THR WB 28 -41.50 -124.05 210.45
N GLU WB 29 -41.82 -125.28 210.08
CA GLU WB 29 -42.55 -126.19 210.98
C GLU WB 29 -41.74 -126.55 212.22
N ALA WB 30 -40.47 -126.92 212.04
CA ALA WB 30 -39.70 -127.31 213.21
C ALA WB 30 -39.56 -126.17 214.21
N LEU WB 31 -39.69 -124.92 213.76
CA LEU WB 31 -39.67 -123.80 214.69
C LEU WB 31 -40.95 -123.73 215.52
N ASP WB 32 -42.09 -124.06 214.92
CA ASP WB 32 -43.34 -124.00 215.66
C ASP WB 32 -43.44 -125.15 216.66
N LYS WB 33 -43.03 -126.34 216.27
CA LYS WB 33 -42.98 -127.44 217.24
C LYS WB 33 -41.83 -127.35 218.24
N LEU WB 34 -40.77 -126.61 217.93
CA LEU WB 34 -39.84 -126.23 218.98
C LEU WB 34 -40.46 -125.25 219.97
N ALA WB 35 -41.08 -124.17 219.48
CA ALA WB 35 -41.68 -123.19 220.38
C ALA WB 35 -42.81 -123.79 221.19
N ALA WB 36 -43.41 -124.88 220.71
CA ALA WB 36 -44.36 -125.61 221.53
C ALA WB 36 -43.70 -126.20 222.77
N LYS WB 37 -42.42 -126.52 222.71
CA LYS WB 37 -41.69 -127.06 223.86
C LYS WB 37 -40.26 -126.51 223.84
N PRO WB 38 -40.12 -125.23 224.20
CA PRO WB 38 -38.80 -124.57 224.19
C PRO WB 38 -37.73 -125.24 225.04
N SER WB 39 -38.05 -126.29 225.80
CA SER WB 39 -37.09 -126.90 226.72
C SER WB 39 -36.72 -128.33 226.36
N ASP WB 40 -36.80 -128.72 225.09
CA ASP WB 40 -36.37 -130.07 224.72
C ASP WB 40 -35.03 -130.01 224.00
N PRO WB 41 -34.01 -130.70 224.51
CA PRO WB 41 -32.67 -130.63 223.88
C PRO WB 41 -32.63 -131.23 222.50
N ALA WB 42 -33.42 -132.27 222.24
CA ALA WB 42 -33.43 -132.87 220.92
C ALA WB 42 -33.97 -131.88 219.91
N LEU WB 43 -35.08 -131.22 220.24
CA LEU WB 43 -35.70 -130.33 219.29
C LEU WB 43 -34.85 -129.08 219.07
N LEU WB 44 -34.14 -128.65 220.11
CA LEU WB 44 -33.18 -127.56 219.95
C LEU WB 44 -32.06 -127.93 218.98
N ALA WB 45 -31.46 -129.11 219.17
CA ALA WB 45 -30.40 -129.54 218.26
C ALA WB 45 -30.92 -129.73 216.84
N ALA WB 46 -32.11 -130.29 216.70
CA ALA WB 46 -32.72 -130.44 215.39
C ALA WB 46 -32.93 -129.08 214.73
N TYR WB 47 -33.35 -128.08 215.49
CA TYR WB 47 -33.50 -126.76 214.91
C TYR WB 47 -32.18 -126.14 214.49
N GLN WB 48 -31.19 -126.17 215.37
CA GLN WB 48 -29.83 -125.75 214.99
C GLN WB 48 -29.40 -126.35 213.65
N SER WB 49 -29.66 -127.66 213.48
CA SER WB 49 -29.32 -128.37 212.26
C SER WB 49 -29.95 -127.76 211.01
N LYS WB 50 -31.13 -127.16 211.14
CA LYS WB 50 -31.78 -126.49 210.02
C LYS WB 50 -31.33 -125.05 209.86
N LEU WB 51 -31.23 -124.33 210.96
CA LEU WB 51 -30.87 -122.92 210.94
C LEU WB 51 -29.53 -122.70 210.25
N SER WB 52 -28.47 -123.37 210.71
CA SER WB 52 -27.17 -123.20 210.06
C SER WB 52 -27.20 -123.55 208.57
N GLU WB 53 -27.92 -124.62 208.21
CA GLU WB 53 -28.08 -125.00 206.81
C GLU WB 53 -28.69 -123.88 205.99
N TYR WB 54 -29.82 -123.36 206.44
CA TYR WB 54 -30.50 -122.26 205.77
C TYR WB 54 -29.58 -121.05 205.62
N ASN WB 55 -28.87 -120.70 206.69
CA ASN WB 55 -27.91 -119.62 206.64
C ASN WB 55 -26.92 -119.74 205.48
N LEU WB 56 -26.16 -120.84 205.46
CA LEU WB 56 -25.21 -121.04 204.37
C LEU WB 56 -25.88 -121.05 203.00
N TYR WB 57 -27.02 -121.73 202.87
CA TYR WB 57 -27.81 -121.70 201.65
C TYR WB 57 -28.02 -120.28 201.11
N ARG WB 58 -28.59 -119.40 201.93
CA ARG WB 58 -28.83 -118.04 201.47
C ARG WB 58 -27.56 -117.27 201.18
N ASN WB 59 -26.51 -117.48 201.97
CA ASN WB 59 -25.25 -116.80 201.68
C ASN WB 59 -24.70 -117.21 200.31
N ALA WB 60 -24.77 -118.49 200.00
CA ALA WB 60 -24.26 -118.97 198.72
C ALA WB 60 -25.03 -118.36 197.56
N GLN WB 61 -26.36 -118.44 197.63
CA GLN WB 61 -27.19 -117.89 196.57
C GLN WB 61 -26.89 -116.41 196.32
N SER WB 62 -27.01 -115.59 197.36
CA SER WB 62 -26.83 -114.16 197.16
C SER WB 62 -25.42 -113.80 196.70
N ASN WB 63 -24.37 -114.43 197.25
CA ASN WB 63 -23.04 -114.11 196.73
C ASN WB 63 -22.83 -114.54 195.29
N THR WB 64 -23.42 -115.65 194.85
CA THR WB 64 -23.31 -116.05 193.45
C THR WB 64 -23.91 -115.00 192.49
N VAL WB 65 -25.12 -114.56 192.81
CA VAL WB 65 -25.80 -113.60 191.93
C VAL WB 65 -24.95 -112.38 191.62
N LYS WB 66 -24.31 -111.79 192.64
CA LYS WB 66 -23.54 -110.57 192.39
C LYS WB 66 -22.38 -110.79 191.44
N VAL WB 67 -21.68 -111.92 191.57
CA VAL WB 67 -20.57 -112.21 190.66
C VAL WB 67 -21.07 -112.30 189.22
N PHE WB 68 -22.18 -113.00 189.01
CA PHE WB 68 -22.70 -113.06 187.64
C PHE WB 68 -23.20 -111.71 187.15
N LYS WB 69 -23.67 -110.85 188.04
CA LYS WB 69 -24.03 -109.50 187.59
C LYS WB 69 -22.80 -108.72 187.14
N ASP WB 70 -21.73 -108.78 187.93
CA ASP WB 70 -20.53 -108.00 187.62
C ASP WB 70 -19.86 -108.44 186.32
N ILE WB 71 -19.82 -109.75 186.05
CA ILE WB 71 -19.23 -110.19 184.78
C ILE WB 71 -19.96 -109.57 183.59
N ASP WB 72 -21.29 -109.60 183.62
CA ASP WB 72 -22.07 -109.00 182.54
C ASP WB 72 -21.84 -107.50 182.47
N ALA WB 73 -21.87 -106.83 183.61
CA ALA WB 73 -21.62 -105.38 183.61
C ALA WB 73 -20.29 -105.05 182.94
N ALA WB 74 -19.25 -105.85 183.21
CA ALA WB 74 -17.96 -105.62 182.57
C ALA WB 74 -18.03 -105.78 181.06
N ILE WB 75 -18.58 -106.90 180.60
CA ILE WB 75 -18.70 -107.12 179.15
C ILE WB 75 -19.50 -106.01 178.49
N ILE WB 76 -20.66 -105.66 179.04
CA ILE WB 76 -21.49 -104.60 178.48
C ILE WB 76 -20.71 -103.29 178.42
N GLN WB 77 -19.98 -102.95 179.47
CA GLN WB 77 -19.23 -101.70 179.40
C GLN WB 77 -18.16 -101.79 178.32
N ASN WB 78 -17.66 -102.99 178.04
CA ASN WB 78 -16.62 -103.10 177.01
C ASN WB 78 -17.13 -102.89 175.58
N PHE WB 79 -18.42 -102.64 175.33
CA PHE WB 79 -18.81 -102.22 173.98
C PHE WB 79 -18.17 -100.89 173.60
N ARG WB 80 -18.09 -99.97 174.54
CA ARG WB 80 -17.47 -98.67 174.30
C ARG WB 80 -15.95 -98.75 174.29
N PRO XB 4 -8.73 -133.71 183.34
CA PRO XB 4 -9.46 -132.64 182.67
C PRO XB 4 -8.68 -131.33 182.62
N TRP XB 5 -9.17 -130.36 181.86
CA TRP XB 5 -8.51 -129.07 181.82
C TRP XB 5 -8.44 -128.45 183.21
N SER XB 6 -7.36 -127.73 183.46
CA SER XB 6 -7.18 -127.02 184.73
C SER XB 6 -6.45 -125.71 184.44
N GLY XB 7 -6.62 -124.74 185.35
CA GLY XB 7 -5.91 -123.50 185.30
C GLY XB 7 -4.80 -123.38 186.33
N TYR XB 8 -4.42 -122.14 186.61
CA TYR XB 8 -3.38 -121.84 187.59
C TYR XB 8 -3.92 -121.98 189.01
N LEU XB 9 -5.12 -121.44 189.23
CA LEU XB 9 -5.70 -121.45 190.56
C LEU XB 9 -6.09 -122.86 190.96
N ASP XB 10 -6.69 -123.60 190.03
CA ASP XB 10 -6.95 -125.02 190.25
C ASP XB 10 -5.70 -125.75 190.68
N ASP XB 11 -4.55 -125.40 190.09
CA ASP XB 11 -3.31 -126.12 190.38
C ASP XB 11 -2.79 -125.77 191.76
N VAL XB 12 -2.79 -124.48 192.11
CA VAL XB 12 -2.41 -124.09 193.46
C VAL XB 12 -3.33 -124.73 194.50
N SER XB 13 -4.62 -124.83 194.21
CA SER XB 13 -5.53 -125.57 195.08
C SER XB 13 -5.17 -127.05 195.19
N ALA XB 14 -4.90 -127.70 194.05
CA ALA XB 14 -4.50 -129.10 194.06
C ALA XB 14 -3.22 -129.35 194.83
N LYS XB 15 -2.32 -128.36 194.88
CA LYS XB 15 -1.11 -128.51 195.66
C LYS XB 15 -1.39 -128.79 197.14
N PHE XB 16 -2.47 -128.23 197.68
CA PHE XB 16 -2.86 -128.59 199.04
C PHE XB 16 -3.38 -130.01 199.14
N ASP XB 17 -4.22 -130.42 198.19
CA ASP XB 17 -4.70 -131.80 198.16
C ASP XB 17 -3.54 -132.79 198.16
N THR XB 18 -2.58 -132.59 197.27
CA THR XB 18 -1.37 -133.42 197.24
C THR XB 18 -0.42 -133.14 198.40
N GLY XB 19 -0.63 -132.08 199.16
CA GLY XB 19 0.13 -131.83 200.36
C GLY XB 19 -0.33 -132.64 201.54
N VAL XB 20 -1.57 -132.39 201.98
CA VAL XB 20 -2.18 -133.20 203.05
C VAL XB 20 -2.87 -134.39 202.37
N ASP XB 21 -2.04 -135.36 201.96
CA ASP XB 21 -2.54 -136.51 201.22
C ASP XB 21 -3.63 -137.28 201.97
N ASN XB 22 -3.45 -137.49 203.28
CA ASN XB 22 -4.34 -138.34 204.05
C ASN XB 22 -5.18 -137.63 205.11
N LEU XB 23 -4.92 -136.36 205.40
CA LEU XB 23 -5.74 -135.63 206.36
C LEU XB 23 -7.22 -135.90 206.17
N GLN XB 24 -7.68 -135.84 204.92
CA GLN XB 24 -9.09 -136.06 204.62
C GLN XB 24 -9.61 -137.39 205.16
N THR XB 25 -8.95 -138.49 204.79
CA THR XB 25 -9.41 -139.80 205.24
C THR XB 25 -9.20 -140.01 206.73
N GLN XB 26 -8.09 -139.53 207.28
CA GLN XB 26 -7.89 -139.64 208.71
C GLN XB 26 -9.04 -138.99 209.48
N VAL XB 27 -9.46 -137.80 209.04
CA VAL XB 27 -10.58 -137.12 209.69
C VAL XB 27 -11.87 -137.86 209.44
N THR XB 28 -12.00 -138.48 208.26
CA THR XB 28 -13.20 -139.27 207.97
C THR XB 28 -13.36 -140.41 208.96
N GLU XB 29 -12.31 -141.20 209.16
CA GLU XB 29 -12.40 -142.35 210.06
C GLU XB 29 -12.51 -141.93 211.53
N ALA XB 30 -11.79 -140.89 211.94
CA ALA XB 30 -11.77 -140.50 213.35
C ALA XB 30 -13.17 -140.16 213.87
N LEU XB 31 -13.95 -139.42 213.07
CA LEU XB 31 -15.30 -139.04 213.47
C LEU XB 31 -16.15 -140.24 213.86
N ASP XB 32 -16.25 -141.24 213.00
CA ASP XB 32 -17.06 -142.41 213.31
C ASP XB 32 -16.71 -143.01 214.68
N LYS XB 33 -15.42 -143.25 214.90
CA LYS XB 33 -14.95 -143.82 216.17
C LYS XB 33 -15.35 -142.96 217.36
N LEU XB 34 -15.02 -141.67 217.33
CA LEU XB 34 -15.37 -140.81 218.46
C LEU XB 34 -16.87 -140.76 218.68
N ALA XB 35 -17.64 -140.60 217.60
CA ALA XB 35 -19.10 -140.54 217.70
C ALA XB 35 -19.64 -141.81 218.34
N ALA XB 36 -19.05 -142.97 218.04
CA ALA XB 36 -19.46 -144.20 218.69
C ALA XB 36 -19.03 -144.29 220.15
N LYS XB 37 -18.24 -143.33 220.64
CA LYS XB 37 -17.76 -143.39 222.01
C LYS XB 37 -17.31 -142.00 222.46
N PRO XB 38 -18.26 -141.07 222.63
CA PRO XB 38 -17.88 -139.71 223.01
C PRO XB 38 -17.18 -139.62 224.36
N SER XB 39 -17.30 -140.62 225.20
CA SER XB 39 -16.65 -140.62 226.50
C SER XB 39 -15.20 -141.11 226.46
N ASP XB 40 -14.69 -141.48 225.29
CA ASP XB 40 -13.30 -141.93 225.20
C ASP XB 40 -12.33 -140.81 225.56
N PRO XB 41 -11.44 -141.01 226.53
CA PRO XB 41 -10.49 -139.94 226.89
C PRO XB 41 -9.42 -139.67 225.85
N ALA XB 42 -9.08 -140.63 224.99
CA ALA XB 42 -8.01 -140.44 224.03
C ALA XB 42 -8.50 -139.92 222.68
N LEU XB 43 -9.62 -140.46 222.20
CA LEU XB 43 -10.13 -140.09 220.89
C LEU XB 43 -10.43 -138.60 220.80
N LEU XB 44 -10.94 -138.02 221.88
CA LEU XB 44 -11.30 -136.61 221.92
C LEU XB 44 -10.18 -135.68 221.43
N ALA XB 45 -9.03 -135.71 222.11
CA ALA XB 45 -7.95 -134.79 221.75
C ALA XB 45 -7.41 -135.02 220.34
N ALA XB 46 -7.36 -136.28 219.89
CA ALA XB 46 -6.88 -136.54 218.55
C ALA XB 46 -7.83 -135.97 217.52
N TYR XB 47 -9.11 -136.34 217.63
CA TYR XB 47 -10.15 -135.79 216.76
C TYR XB 47 -10.08 -134.26 216.71
N GLN XB 48 -10.01 -133.61 217.88
CA GLN XB 48 -9.94 -132.16 217.92
C GLN XB 48 -8.71 -131.62 217.18
N SER XB 49 -7.56 -132.25 217.36
CA SER XB 49 -6.36 -131.77 216.66
C SER XB 49 -6.52 -131.91 215.15
N LYS XB 50 -7.01 -133.06 214.69
CA LYS XB 50 -7.19 -133.25 213.25
C LYS XB 50 -8.22 -132.27 212.70
N LEU XB 51 -9.28 -132.00 213.45
CA LEU XB 51 -10.27 -131.01 213.04
C LEU XB 51 -9.66 -129.63 212.88
N SER XB 52 -8.83 -129.21 213.85
CA SER XB 52 -8.12 -127.94 213.74
C SER XB 52 -7.23 -127.89 212.50
N GLU XB 53 -6.47 -128.94 212.26
CA GLU XB 53 -5.64 -129.01 211.06
C GLU XB 53 -6.47 -128.89 209.79
N TYR XB 54 -7.57 -129.64 209.70
CA TYR XB 54 -8.49 -129.54 208.57
C TYR XB 54 -8.95 -128.11 208.35
N ASN XB 55 -9.43 -127.47 209.41
CA ASN XB 55 -9.82 -126.05 209.34
C ASN XB 55 -8.73 -125.18 208.73
N LEU XB 56 -7.54 -125.21 209.33
CA LEU XB 56 -6.43 -124.42 208.80
C LEU XB 56 -6.15 -124.71 207.32
N TYR XB 57 -6.13 -125.99 206.97
CA TYR XB 57 -5.97 -126.39 205.57
C TYR XB 57 -6.96 -125.69 204.64
N ARG XB 58 -8.25 -125.86 204.90
CA ARG XB 58 -9.28 -125.21 204.08
C ARG XB 58 -9.13 -123.69 204.05
N ASN XB 59 -8.78 -123.07 205.18
CA ASN XB 59 -8.64 -121.61 205.18
C ASN XB 59 -7.46 -121.14 204.33
N ALA XB 60 -6.30 -121.77 204.46
CA ALA XB 60 -5.18 -121.40 203.60
C ALA XB 60 -5.53 -121.62 202.12
N GLN XB 61 -6.20 -122.74 201.84
CA GLN XB 61 -6.60 -123.05 200.46
C GLN XB 61 -7.51 -121.98 199.89
N SER XB 62 -8.48 -121.51 200.65
CA SER XB 62 -9.44 -120.56 200.12
C SER XB 62 -8.97 -119.11 200.20
N ASN XB 63 -8.02 -118.79 201.07
CA ASN XB 63 -7.35 -117.49 200.96
C ASN XB 63 -6.50 -117.39 199.70
N THR XB 64 -5.65 -118.39 199.46
CA THR XB 64 -4.62 -118.23 198.43
C THR XB 64 -5.23 -118.01 197.05
N VAL XB 65 -6.32 -118.71 196.74
CA VAL XB 65 -6.96 -118.54 195.44
C VAL XB 65 -7.36 -117.08 195.22
N LYS XB 66 -8.00 -116.48 196.22
CA LYS XB 66 -8.42 -115.09 196.10
C LYS XB 66 -7.24 -114.16 195.92
N VAL XB 67 -6.20 -114.37 196.73
CA VAL XB 67 -5.03 -113.50 196.67
C VAL XB 67 -4.38 -113.57 195.29
N PHE XB 68 -4.32 -114.77 194.69
CA PHE XB 68 -3.79 -114.84 193.33
C PHE XB 68 -4.73 -114.24 192.30
N LYS XB 69 -6.02 -114.53 192.40
CA LYS XB 69 -7.00 -113.96 191.47
C LYS XB 69 -6.87 -112.45 191.36
N ASP XB 70 -6.72 -111.77 192.49
CA ASP XB 70 -6.75 -110.32 192.46
C ASP XB 70 -5.49 -109.66 191.91
N ILE XB 71 -4.43 -110.41 191.62
CA ILE XB 71 -3.37 -109.86 190.78
C ILE XB 71 -3.76 -109.87 189.30
N ASP XB 72 -4.43 -110.93 188.88
CA ASP XB 72 -4.87 -111.05 187.50
C ASP XB 72 -6.00 -110.05 187.20
N ALA XB 73 -6.93 -109.89 188.12
CA ALA XB 73 -7.98 -108.90 187.92
C ALA XB 73 -7.41 -107.50 187.76
N ALA XB 74 -6.22 -107.23 188.30
CA ALA XB 74 -5.54 -105.98 188.06
C ALA XB 74 -4.87 -105.95 186.68
N ILE XB 75 -4.08 -106.98 186.38
CA ILE XB 75 -3.34 -106.98 185.13
C ILE XB 75 -4.28 -106.92 183.94
N ILE XB 76 -5.38 -107.67 183.98
CA ILE XB 76 -6.28 -107.66 182.82
C ILE XB 76 -6.96 -106.30 182.68
N GLN XB 77 -7.17 -105.60 183.79
CA GLN XB 77 -7.68 -104.23 183.67
C GLN XB 77 -6.64 -103.33 183.03
N ASN XB 78 -5.37 -103.62 183.24
CA ASN XB 78 -4.30 -102.82 182.65
C ASN XB 78 -4.22 -102.96 181.14
N PHE XB 79 -5.09 -103.74 180.49
CA PHE XB 79 -5.13 -103.73 179.04
C PHE XB 79 -5.89 -102.56 178.43
N ARG XB 80 -6.86 -101.97 179.14
CA ARG XB 80 -7.48 -100.75 178.64
C ARG XB 80 -6.56 -99.55 178.77
N PRO YB 4 20.43 -114.65 199.77
CA PRO YB 4 19.47 -114.58 198.67
C PRO YB 4 18.85 -113.20 198.52
N TRP YB 5 18.12 -112.98 197.43
CA TRP YB 5 17.43 -111.72 197.22
C TRP YB 5 16.38 -111.49 198.30
N SER YB 6 16.34 -110.26 198.81
CA SER YB 6 15.38 -109.87 199.83
C SER YB 6 14.91 -108.45 199.52
N GLY YB 7 13.65 -108.18 199.85
CA GLY YB 7 13.08 -106.87 199.72
C GLY YB 7 13.06 -106.06 201.00
N TYR YB 8 12.15 -105.09 201.04
CA TYR YB 8 11.89 -104.28 202.22
C TYR YB 8 11.08 -105.03 203.28
N LEU YB 9 9.92 -105.56 202.89
CA LEU YB 9 9.05 -106.22 203.85
C LEU YB 9 9.74 -107.35 204.60
N ASP YB 10 10.48 -108.20 203.88
CA ASP YB 10 11.17 -109.31 204.53
C ASP YB 10 12.33 -108.85 205.40
N ASP YB 11 13.14 -107.91 204.92
CA ASP YB 11 14.24 -107.41 205.74
C ASP YB 11 13.74 -106.64 206.96
N VAL YB 12 12.53 -106.08 206.89
CA VAL YB 12 11.92 -105.48 208.08
C VAL YB 12 11.49 -106.58 209.05
N SER YB 13 10.69 -107.53 208.57
CA SER YB 13 10.27 -108.64 209.41
C SER YB 13 11.46 -109.30 210.10
N ALA YB 14 12.59 -109.39 209.40
CA ALA YB 14 13.80 -109.97 209.98
C ALA YB 14 14.21 -109.26 211.26
N LYS YB 15 13.81 -108.01 211.46
CA LYS YB 15 14.18 -107.33 212.70
C LYS YB 15 13.57 -108.02 213.91
N PHE YB 16 12.33 -108.47 213.82
CA PHE YB 16 11.73 -109.23 214.91
C PHE YB 16 12.48 -110.54 215.15
N ASP YB 17 12.78 -111.26 214.06
CA ASP YB 17 13.51 -112.51 214.18
C ASP YB 17 14.84 -112.31 214.90
N THR YB 18 15.59 -111.28 214.53
CA THR YB 18 16.81 -110.92 215.23
C THR YB 18 16.57 -110.24 216.57
N GLY YB 19 15.34 -109.87 216.88
CA GLY YB 19 15.03 -109.24 218.15
C GLY YB 19 14.81 -110.28 219.21
N VAL YB 20 13.90 -111.22 218.96
CA VAL YB 20 13.84 -112.39 219.83
C VAL YB 20 14.97 -113.31 219.41
N ASP YB 21 16.13 -113.09 220.02
CA ASP YB 21 17.34 -113.86 219.75
C ASP YB 21 17.12 -115.36 219.59
N ASN YB 22 16.46 -115.97 220.58
CA ASN YB 22 16.31 -117.42 220.59
C ASN YB 22 14.94 -117.88 221.07
N LEU YB 23 13.98 -116.97 221.25
CA LEU YB 23 12.69 -117.35 221.81
C LEU YB 23 12.13 -118.61 221.16
N GLN YB 24 12.32 -118.79 219.86
CA GLN YB 24 11.89 -120.02 219.21
C GLN YB 24 12.37 -121.27 219.96
N THR YB 25 13.66 -121.36 220.22
CA THR YB 25 14.18 -122.49 220.99
C THR YB 25 13.74 -122.42 222.44
N GLN YB 26 13.77 -121.24 223.04
CA GLN YB 26 13.42 -121.18 224.45
C GLN YB 26 12.02 -121.73 224.69
N VAL YB 27 11.12 -121.54 223.73
CA VAL YB 27 9.82 -122.20 223.73
C VAL YB 27 9.95 -123.70 223.46
N THR YB 28 10.67 -124.09 222.41
CA THR YB 28 10.74 -125.51 222.07
C THR YB 28 11.23 -126.33 223.25
N GLU YB 29 12.30 -125.85 223.88
CA GLU YB 29 12.92 -126.56 225.00
C GLU YB 29 12.11 -126.43 226.28
N ALA YB 30 11.56 -125.27 226.59
CA ALA YB 30 10.66 -125.22 227.74
C ALA YB 30 9.51 -126.21 227.57
N LEU YB 31 8.98 -126.32 226.36
CA LEU YB 31 7.89 -127.25 226.07
C LEU YB 31 8.29 -128.70 226.33
N ASP YB 32 9.41 -129.13 225.78
CA ASP YB 32 9.81 -130.54 225.98
C ASP YB 32 10.35 -130.81 227.39
N LYS YB 33 10.95 -129.82 228.04
CA LYS YB 33 11.32 -129.97 229.44
C LYS YB 33 10.08 -130.15 230.32
N LEU YB 34 9.08 -129.30 230.17
CA LEU YB 34 7.86 -129.48 230.94
C LEU YB 34 7.22 -130.83 230.63
N ALA YB 35 7.12 -131.18 229.35
CA ALA YB 35 6.57 -132.49 229.02
C ALA YB 35 7.38 -133.62 229.63
N ALA YB 36 8.66 -133.39 229.94
CA ALA YB 36 9.47 -134.44 230.56
C ALA YB 36 8.98 -134.80 231.96
N LYS YB 37 8.25 -133.92 232.62
CA LYS YB 37 7.50 -134.26 233.82
C LYS YB 37 6.39 -133.24 233.96
N PRO YB 38 5.23 -133.50 233.34
CA PRO YB 38 4.22 -132.45 233.14
C PRO YB 38 3.84 -131.64 234.36
N SER YB 39 4.02 -132.16 235.57
CA SER YB 39 3.54 -131.50 236.78
C SER YB 39 4.69 -130.94 237.61
N ASP YB 40 4.76 -129.62 237.69
CA ASP YB 40 5.34 -128.86 238.80
C ASP YB 40 5.09 -127.39 238.50
N PRO YB 41 5.10 -126.51 239.50
CA PRO YB 41 4.71 -125.11 239.23
C PRO YB 41 5.74 -124.32 238.44
N ALA YB 42 7.03 -124.51 238.71
CA ALA YB 42 8.04 -123.63 238.14
C ALA YB 42 8.08 -123.75 236.63
N LEU YB 43 8.18 -124.97 236.12
CA LEU YB 43 8.21 -125.20 234.69
C LEU YB 43 6.92 -124.72 234.03
N LEU YB 44 5.78 -124.94 234.68
CA LEU YB 44 4.52 -124.43 234.15
C LEU YB 44 4.56 -122.93 233.95
N ALA YB 45 4.83 -122.18 235.03
CA ALA YB 45 4.91 -120.72 234.89
C ALA YB 45 5.93 -120.27 233.85
N ALA YB 46 7.12 -120.87 233.85
CA ALA YB 46 8.13 -120.51 232.86
C ALA YB 46 7.68 -120.74 231.42
N TYR YB 47 7.28 -121.97 231.12
CA TYR YB 47 6.78 -122.33 229.81
C TYR YB 47 5.63 -121.44 229.38
N GLN YB 48 4.63 -121.27 230.24
CA GLN YB 48 3.53 -120.35 229.97
C GLN YB 48 4.02 -118.96 229.58
N SER YB 49 4.99 -118.44 230.33
CA SER YB 49 5.55 -117.13 230.01
C SER YB 49 6.16 -117.08 228.61
N LYS YB 50 7.09 -117.99 228.34
CA LYS YB 50 7.71 -118.05 227.01
C LYS YB 50 6.68 -118.19 225.90
N LEU YB 51 5.70 -119.07 226.08
CA LEU YB 51 4.62 -119.23 225.10
C LEU YB 51 3.89 -117.92 224.85
N SER YB 52 3.50 -117.22 225.91
CA SER YB 52 2.85 -115.93 225.73
C SER YB 52 3.72 -114.96 224.94
N GLU YB 53 5.00 -114.85 225.30
CA GLU YB 53 5.88 -113.97 224.54
C GLU YB 53 5.95 -114.36 223.07
N TYR YB 54 6.06 -115.65 222.77
CA TYR YB 54 6.11 -116.10 221.37
C TYR YB 54 4.84 -115.74 220.62
N ASN YB 55 3.69 -115.92 221.27
CA ASN YB 55 2.41 -115.53 220.71
C ASN YB 55 2.38 -114.04 220.35
N LEU YB 56 2.69 -113.19 221.31
CA LEU YB 56 2.69 -111.75 221.07
C LEU YB 56 3.68 -111.35 219.98
N TYR YB 57 4.86 -111.96 219.99
CA TYR YB 57 5.84 -111.69 218.94
C TYR YB 57 5.26 -111.94 217.55
N ARG YB 58 4.63 -113.09 217.36
CA ARG YB 58 4.08 -113.40 216.04
C ARG YB 58 2.92 -112.47 215.67
N ASN YB 59 2.00 -112.23 216.60
CA ASN YB 59 0.89 -111.32 216.33
C ASN YB 59 1.39 -109.94 215.90
N ALA YB 60 2.28 -109.35 216.69
CA ALA YB 60 2.77 -108.01 216.36
C ALA YB 60 3.51 -108.00 215.03
N GLN YB 61 4.30 -109.04 214.74
CA GLN YB 61 4.98 -109.11 213.46
C GLN YB 61 4.01 -109.08 212.28
N SER YB 62 3.03 -109.99 212.29
CA SER YB 62 2.08 -110.05 211.19
C SER YB 62 1.26 -108.76 211.03
N ASN YB 63 0.70 -108.25 212.13
CA ASN YB 63 -0.04 -107.00 212.03
C ASN YB 63 0.83 -105.82 211.61
N THR YB 64 2.13 -105.87 211.86
CA THR YB 64 3.00 -104.84 211.31
C THR YB 64 3.14 -104.98 209.80
N VAL YB 65 3.52 -106.18 209.35
CA VAL YB 65 3.73 -106.42 207.92
C VAL YB 65 2.53 -105.98 207.08
N LYS YB 66 1.33 -106.39 207.49
CA LYS YB 66 0.14 -106.01 206.72
C LYS YB 66 0.05 -104.51 206.46
N VAL YB 67 0.38 -103.69 207.46
CA VAL YB 67 0.30 -102.24 207.31
C VAL YB 67 1.15 -101.75 206.14
N PHE YB 68 2.40 -102.20 206.08
CA PHE YB 68 3.26 -101.81 204.95
C PHE YB 68 2.75 -102.33 203.62
N LYS YB 69 2.20 -103.55 203.61
CA LYS YB 69 1.58 -104.03 202.37
C LYS YB 69 0.51 -103.06 201.90
N ASP YB 70 -0.38 -102.65 202.80
CA ASP YB 70 -1.46 -101.76 202.40
C ASP YB 70 -0.94 -100.39 201.97
N ILE YB 71 0.03 -99.83 202.69
CA ILE YB 71 0.61 -98.55 202.28
C ILE YB 71 1.13 -98.62 200.85
N ASP YB 72 1.95 -99.64 200.55
CA ASP YB 72 2.48 -99.77 199.20
C ASP YB 72 1.39 -99.97 198.16
N ALA YB 73 0.43 -100.86 198.43
CA ALA YB 73 -0.68 -101.04 197.51
C ALA YB 73 -1.42 -99.73 197.24
N ALA YB 74 -1.63 -98.93 198.27
CA ALA YB 74 -2.28 -97.64 198.12
C ALA YB 74 -1.47 -96.67 197.27
N ILE YB 75 -0.16 -96.62 197.47
CA ILE YB 75 0.66 -95.69 196.69
C ILE YB 75 0.77 -96.12 195.24
N ILE YB 76 1.07 -97.40 194.99
CA ILE YB 76 1.27 -97.87 193.62
C ILE YB 76 0.05 -97.58 192.74
N GLN YB 77 -1.15 -97.85 193.23
CA GLN YB 77 -2.32 -97.60 192.42
C GLN YB 77 -2.44 -96.12 192.04
N ASN YB 78 -1.93 -95.23 192.87
CA ASN YB 78 -2.03 -93.82 192.57
C ASN YB 78 -1.28 -93.44 191.30
N PHE YB 79 -0.37 -94.29 190.80
CA PHE YB 79 0.35 -93.94 189.58
C PHE YB 79 -0.57 -93.75 188.38
N ARG YB 80 -1.64 -94.53 188.28
CA ARG YB 80 -2.44 -94.49 187.05
C ARG YB 80 -3.00 -93.09 186.79
N PRO ZB 4 12.19 -83.33 218.78
CA PRO ZB 4 11.35 -84.32 218.11
C PRO ZB 4 10.16 -83.70 217.40
N TRP ZB 5 9.36 -84.52 216.73
CA TRP ZB 5 8.18 -84.06 216.02
C TRP ZB 5 6.97 -84.85 216.49
N SER ZB 6 5.84 -84.15 216.62
CA SER ZB 6 4.58 -84.76 217.04
C SER ZB 6 3.46 -84.14 216.23
N GLY ZB 7 2.48 -84.96 215.86
CA GLY ZB 7 1.28 -84.50 215.19
C GLY ZB 7 0.05 -84.54 216.09
N TYR ZB 8 -1.10 -84.38 215.44
CA TYR ZB 8 -2.38 -84.42 216.14
C TYR ZB 8 -2.56 -85.71 216.92
N LEU ZB 9 -2.28 -86.85 216.30
CA LEU ZB 9 -2.46 -88.14 216.98
C LEU ZB 9 -1.53 -88.30 218.17
N ASP ZB 10 -0.26 -87.94 218.01
CA ASP ZB 10 0.68 -87.98 219.13
C ASP ZB 10 0.24 -87.06 220.26
N ASP ZB 11 -0.16 -85.84 219.93
CA ASP ZB 11 -0.61 -84.89 220.94
C ASP ZB 11 -1.88 -85.34 221.62
N VAL ZB 12 -2.76 -86.04 220.90
CA VAL ZB 12 -3.94 -86.62 221.53
C VAL ZB 12 -3.55 -87.73 222.50
N SER ZB 13 -2.72 -88.67 222.05
CA SER ZB 13 -2.23 -89.72 222.93
C SER ZB 13 -1.61 -89.13 224.20
N ALA ZB 14 -0.76 -88.13 224.04
CA ALA ZB 14 -0.13 -87.48 225.18
C ALA ZB 14 -1.12 -87.00 226.24
N LYS ZB 15 -2.35 -86.64 225.86
CA LYS ZB 15 -3.27 -86.18 226.88
C LYS ZB 15 -3.64 -87.25 227.90
N PHE ZB 16 -3.54 -88.52 227.53
CA PHE ZB 16 -3.78 -89.60 228.47
C PHE ZB 16 -2.59 -89.78 229.41
N ASP ZB 17 -1.39 -89.88 228.85
CA ASP ZB 17 -0.18 -89.98 229.65
C ASP ZB 17 -0.09 -88.84 230.66
N THR ZB 18 -0.34 -87.61 230.21
CA THR ZB 18 -0.38 -86.46 231.11
C THR ZB 18 -1.64 -86.39 231.96
N GLY ZB 19 -2.68 -87.15 231.66
CA GLY ZB 19 -3.87 -87.13 232.48
C GLY ZB 19 -3.65 -88.00 233.69
N VAL ZB 20 -3.25 -89.25 233.48
CA VAL ZB 20 -2.90 -90.13 234.59
C VAL ZB 20 -1.49 -89.73 235.03
N ASP ZB 21 -1.43 -88.85 236.04
CA ASP ZB 21 -0.16 -88.23 236.44
C ASP ZB 21 0.90 -89.25 236.87
N ASN ZB 22 0.53 -90.24 237.68
CA ASN ZB 22 1.54 -91.16 238.21
C ASN ZB 22 1.15 -92.63 238.21
N LEU ZB 23 -0.04 -92.99 237.74
CA LEU ZB 23 -0.47 -94.39 237.79
C LEU ZB 23 0.61 -95.34 237.31
N GLN ZB 24 1.35 -94.95 236.27
CA GLN ZB 24 2.42 -95.80 235.75
C GLN ZB 24 3.46 -96.13 236.82
N THR ZB 25 3.83 -95.16 237.65
CA THR ZB 25 4.76 -95.43 238.74
C THR ZB 25 4.07 -96.07 239.94
N GLN ZB 26 2.85 -95.65 240.23
CA GLN ZB 26 2.09 -96.28 241.30
C GLN ZB 26 2.04 -97.79 241.16
N VAL ZB 27 1.76 -98.27 239.95
CA VAL ZB 27 1.77 -99.72 239.68
C VAL ZB 27 3.17 -100.31 239.87
N THR ZB 28 4.19 -99.58 239.44
CA THR ZB 28 5.57 -100.04 239.57
C THR ZB 28 5.96 -100.22 241.03
N GLU ZB 29 5.52 -99.31 241.90
CA GLU ZB 29 5.84 -99.40 243.31
C GLU ZB 29 4.96 -100.46 243.99
N ALA ZB 30 3.67 -100.43 243.70
CA ALA ZB 30 2.74 -101.40 244.27
C ALA ZB 30 3.19 -102.83 244.04
N LEU ZB 31 3.61 -103.15 242.82
CA LEU ZB 31 4.10 -104.50 242.56
C LEU ZB 31 5.31 -104.86 243.41
N ASP ZB 32 6.27 -103.95 243.57
CA ASP ZB 32 7.41 -104.24 244.44
C ASP ZB 32 6.99 -104.47 245.89
N LYS ZB 33 6.06 -103.65 246.38
CA LYS ZB 33 5.54 -103.84 247.73
C LYS ZB 33 4.90 -105.21 247.89
N LEU ZB 34 3.91 -105.50 247.04
CA LEU ZB 34 3.23 -106.78 247.10
C LEU ZB 34 4.22 -107.94 246.97
N ALA ZB 35 5.08 -107.92 245.95
CA ALA ZB 35 6.04 -109.00 245.76
C ALA ZB 35 6.95 -109.16 246.98
N ALA ZB 36 7.20 -108.09 247.73
CA ALA ZB 36 7.99 -108.25 248.94
C ALA ZB 36 7.27 -109.13 249.98
N LYS ZB 37 5.94 -109.02 250.06
CA LYS ZB 37 5.15 -109.85 250.97
C LYS ZB 37 3.78 -110.08 250.37
N PRO ZB 38 3.66 -111.03 249.44
CA PRO ZB 38 2.39 -111.25 248.74
C PRO ZB 38 1.21 -111.55 249.65
N SER ZB 39 1.45 -111.84 250.92
CA SER ZB 39 0.37 -112.17 251.86
C SER ZB 39 -0.23 -110.96 252.55
N ASP ZB 40 0.23 -109.75 252.27
CA ASP ZB 40 -0.43 -108.56 252.79
C ASP ZB 40 -1.70 -108.22 252.01
N PRO ZB 41 -2.87 -108.34 252.63
CA PRO ZB 41 -4.11 -108.04 251.89
C PRO ZB 41 -4.21 -106.59 251.46
N ALA ZB 42 -3.64 -105.66 252.23
CA ALA ZB 42 -3.71 -104.26 251.82
C ALA ZB 42 -2.94 -104.04 250.52
N LEU ZB 43 -1.76 -104.66 250.42
CA LEU ZB 43 -0.98 -104.56 249.20
C LEU ZB 43 -1.70 -105.23 248.04
N LEU ZB 44 -2.32 -106.38 248.32
CA LEU ZB 44 -3.11 -107.05 247.29
C LEU ZB 44 -4.22 -106.15 246.75
N ALA ZB 45 -5.05 -105.60 247.63
CA ALA ZB 45 -6.16 -104.75 247.19
C ALA ZB 45 -5.67 -103.50 246.48
N ALA ZB 46 -4.61 -102.86 246.98
CA ALA ZB 46 -4.12 -101.65 246.32
C ALA ZB 46 -3.60 -101.96 244.92
N TYR ZB 47 -2.76 -103.00 244.80
CA TYR ZB 47 -2.27 -103.40 243.49
C TYR ZB 47 -3.42 -103.74 242.55
N GLN ZB 48 -4.43 -104.47 243.03
CA GLN ZB 48 -5.61 -104.76 242.22
C GLN ZB 48 -6.25 -103.49 241.66
N SER ZB 49 -6.50 -102.51 242.53
CA SER ZB 49 -7.11 -101.25 242.09
C SER ZB 49 -6.25 -100.53 241.06
N LYS ZB 50 -4.96 -100.37 241.35
CA LYS ZB 50 -4.09 -99.65 240.43
C LYS ZB 50 -3.95 -100.36 239.08
N LEU ZB 51 -3.79 -101.68 239.10
CA LEU ZB 51 -3.72 -102.42 237.86
C LEU ZB 51 -4.99 -102.28 237.05
N SER ZB 52 -6.16 -102.38 237.68
CA SER ZB 52 -7.42 -102.15 236.99
C SER ZB 52 -7.43 -100.78 236.31
N GLU ZB 53 -7.10 -99.74 237.06
CA GLU ZB 53 -7.01 -98.39 236.50
C GLU ZB 53 -6.09 -98.32 235.29
N TYR ZB 54 -4.89 -98.91 235.39
CA TYR ZB 54 -3.95 -98.83 234.28
C TYR ZB 54 -4.42 -99.59 233.06
N ASN ZB 55 -5.06 -100.74 233.26
CA ASN ZB 55 -5.66 -101.46 232.15
C ASN ZB 55 -6.64 -100.57 231.39
N LEU ZB 56 -7.63 -100.04 232.12
CA LEU ZB 56 -8.62 -99.17 231.51
C LEU ZB 56 -7.96 -97.97 230.81
N TYR ZB 57 -7.03 -97.33 231.49
CA TYR ZB 57 -6.26 -96.22 230.92
C TYR ZB 57 -5.67 -96.53 229.55
N ARG ZB 58 -4.83 -97.56 229.46
CA ARG ZB 58 -4.22 -97.88 228.18
C ARG ZB 58 -5.24 -98.30 227.13
N ASN ZB 59 -6.28 -99.03 227.52
CA ASN ZB 59 -7.32 -99.40 226.55
C ASN ZB 59 -7.96 -98.17 225.93
N ALA ZB 60 -8.48 -97.28 226.77
CA ALA ZB 60 -9.11 -96.05 226.27
C ALA ZB 60 -8.17 -95.23 225.41
N GLN ZB 61 -6.91 -95.08 225.82
CA GLN ZB 61 -5.94 -94.38 224.99
C GLN ZB 61 -5.87 -94.97 223.58
N SER ZB 62 -5.55 -96.26 223.49
CA SER ZB 62 -5.43 -96.90 222.18
C SER ZB 62 -6.68 -96.74 221.32
N ASN ZB 63 -7.87 -96.91 221.93
CA ASN ZB 63 -9.09 -96.74 221.14
C ASN ZB 63 -9.24 -95.32 220.62
N THR ZB 64 -9.02 -94.32 221.46
CA THR ZB 64 -9.07 -92.94 221.00
C THR ZB 64 -8.11 -92.69 219.83
N VAL ZB 65 -6.90 -93.21 219.94
CA VAL ZB 65 -5.91 -93.04 218.86
C VAL ZB 65 -6.45 -93.59 217.55
N LYS ZB 66 -6.92 -94.83 217.56
CA LYS ZB 66 -7.48 -95.42 216.35
C LYS ZB 66 -8.67 -94.63 215.81
N VAL ZB 67 -9.62 -94.29 216.69
CA VAL ZB 67 -10.78 -93.55 216.23
C VAL ZB 67 -10.40 -92.26 215.52
N PHE ZB 68 -9.42 -91.52 216.04
CA PHE ZB 68 -9.00 -90.33 215.29
C PHE ZB 68 -8.27 -90.66 213.99
N LYS ZB 69 -7.49 -91.75 213.97
CA LYS ZB 69 -6.86 -92.14 212.71
C LYS ZB 69 -7.88 -92.34 211.60
N ASP ZB 70 -8.97 -93.04 211.93
CA ASP ZB 70 -10.02 -93.33 210.96
C ASP ZB 70 -10.57 -92.09 210.27
N ILE ZB 71 -10.89 -91.06 211.05
CA ILE ZB 71 -11.47 -89.85 210.47
C ILE ZB 71 -10.57 -89.23 209.40
N ASP ZB 72 -9.30 -89.03 209.75
CA ASP ZB 72 -8.36 -88.46 208.78
C ASP ZB 72 -8.21 -89.34 207.56
N ALA ZB 73 -8.01 -90.65 207.76
CA ALA ZB 73 -7.93 -91.53 206.61
C ALA ZB 73 -9.13 -91.36 205.68
N ALA ZB 74 -10.32 -91.34 206.26
CA ALA ZB 74 -11.54 -91.21 205.47
C ALA ZB 74 -11.60 -89.88 204.73
N ILE ZB 75 -11.19 -88.78 205.38
CA ILE ZB 75 -11.18 -87.49 204.68
C ILE ZB 75 -10.18 -87.49 203.53
N ILE ZB 76 -8.99 -88.04 203.75
CA ILE ZB 76 -7.99 -88.06 202.68
C ILE ZB 76 -8.49 -88.87 201.49
N GLN ZB 77 -9.11 -90.03 201.74
CA GLN ZB 77 -9.70 -90.76 200.63
C GLN ZB 77 -10.86 -90.01 200.00
N ASN ZB 78 -11.75 -89.42 200.80
CA ASN ZB 78 -12.89 -88.70 200.24
C ASN ZB 78 -12.48 -87.54 199.36
N PHE ZB 79 -11.39 -86.84 199.65
CA PHE ZB 79 -11.14 -85.67 198.80
C PHE ZB 79 -10.67 -86.07 197.41
N ARG ZB 80 -10.48 -87.35 197.14
CA ARG ZB 80 -10.19 -87.81 195.79
C ARG ZB 80 -11.41 -87.61 194.91
N PRO AC 4 -25.32 -74.16 225.02
CA PRO AC 4 -25.27 -75.62 224.92
C PRO AC 4 -25.80 -76.16 223.60
N TRP AC 5 -25.36 -77.35 223.23
CA TRP AC 5 -25.76 -77.95 221.96
C TRP AC 5 -25.82 -79.46 222.14
N SER AC 6 -26.79 -80.09 221.49
CA SER AC 6 -26.95 -81.52 221.59
C SER AC 6 -27.36 -82.08 220.23
N GLY AC 7 -26.80 -83.23 219.90
CA GLY AC 7 -27.22 -83.98 218.74
C GLY AC 7 -28.39 -84.92 219.04
N TYR AC 8 -28.77 -85.66 218.01
CA TYR AC 8 -29.81 -86.67 218.17
C TYR AC 8 -29.33 -87.75 219.12
N LEU AC 9 -28.09 -88.22 218.93
CA LEU AC 9 -27.53 -89.23 219.81
C LEU AC 9 -27.48 -88.72 221.25
N ASP AC 10 -27.14 -87.45 221.43
CA ASP AC 10 -27.17 -86.82 222.75
C ASP AC 10 -28.56 -86.90 223.36
N ASP AC 11 -29.60 -86.57 222.60
CA ASP AC 11 -30.95 -86.64 223.14
C ASP AC 11 -31.35 -88.08 223.42
N VAL AC 12 -30.83 -89.02 222.64
CA VAL AC 12 -31.07 -90.43 222.91
C VAL AC 12 -30.47 -90.80 224.27
N SER AC 13 -29.20 -90.50 224.47
CA SER AC 13 -28.57 -90.77 225.76
C SER AC 13 -29.33 -90.08 226.89
N ALA AC 14 -29.74 -88.83 226.65
CA ALA AC 14 -30.51 -88.14 227.67
C ALA AC 14 -31.82 -88.87 227.96
N LYS AC 15 -32.29 -89.70 227.04
CA LYS AC 15 -33.52 -90.44 227.35
C LYS AC 15 -33.23 -91.51 228.40
N PHE AC 16 -32.04 -92.10 228.37
CA PHE AC 16 -31.68 -93.05 229.41
C PHE AC 16 -31.43 -92.32 230.72
N ASP AC 17 -30.78 -91.17 230.64
CA ASP AC 17 -30.54 -90.42 231.86
C ASP AC 17 -31.86 -90.02 232.52
N THR AC 18 -32.84 -89.57 231.73
CA THR AC 18 -34.16 -89.28 232.25
C THR AC 18 -34.98 -90.54 232.52
N GLY AC 19 -34.44 -91.71 232.21
CA GLY AC 19 -35.04 -92.97 232.56
C GLY AC 19 -34.67 -93.27 233.99
N VAL AC 20 -33.38 -93.20 234.27
CA VAL AC 20 -32.84 -93.40 235.61
C VAL AC 20 -32.71 -92.02 236.25
N ASP AC 21 -33.83 -91.58 236.85
CA ASP AC 21 -33.91 -90.22 237.39
C ASP AC 21 -32.92 -89.97 238.53
N ASN AC 22 -32.77 -90.93 239.45
CA ASN AC 22 -31.96 -90.74 240.64
C ASN AC 22 -31.01 -91.89 240.95
N LEU AC 23 -30.99 -92.92 240.12
CA LEU AC 23 -30.17 -94.10 240.38
C LEU AC 23 -28.76 -93.74 240.80
N GLN AC 24 -28.13 -92.77 240.15
CA GLN AC 24 -26.78 -92.39 240.54
C GLN AC 24 -26.66 -92.01 242.03
N THR AC 25 -27.56 -91.15 242.50
CA THR AC 25 -27.53 -90.79 243.92
C THR AC 25 -27.85 -91.98 244.81
N GLN AC 26 -28.88 -92.74 244.45
CA GLN AC 26 -29.21 -93.93 245.22
C GLN AC 26 -27.99 -94.83 245.40
N VAL AC 27 -27.34 -95.19 244.29
CA VAL AC 27 -26.15 -96.03 244.30
C VAL AC 27 -24.99 -95.40 245.06
N THR AC 28 -24.94 -94.07 245.13
CA THR AC 28 -23.85 -93.44 245.85
C THR AC 28 -24.08 -93.47 247.36
N GLU AC 29 -25.25 -92.98 247.79
CA GLU AC 29 -25.53 -92.90 249.21
C GLU AC 29 -25.69 -94.29 249.82
N ALA AC 30 -26.28 -95.25 249.10
CA ALA AC 30 -26.34 -96.59 249.66
C ALA AC 30 -24.96 -97.18 249.84
N LEU AC 31 -23.99 -96.79 249.01
CA LEU AC 31 -22.61 -97.23 249.24
C LEU AC 31 -21.98 -96.58 250.45
N ASP AC 32 -22.27 -95.31 250.67
CA ASP AC 32 -21.74 -94.65 251.86
C ASP AC 32 -22.43 -95.10 253.15
N LYS AC 33 -23.66 -95.58 253.07
CA LYS AC 33 -24.23 -96.39 254.14
C LYS AC 33 -23.51 -97.72 254.33
N LEU AC 34 -23.48 -98.54 253.27
CA LEU AC 34 -22.97 -99.91 253.39
C LEU AC 34 -21.55 -99.94 253.94
N ALA AC 35 -20.72 -98.97 253.56
CA ALA AC 35 -19.37 -98.96 254.10
C ALA AC 35 -19.36 -98.67 255.60
N ALA AC 36 -20.46 -98.20 256.18
CA ALA AC 36 -20.51 -97.97 257.61
C ALA AC 36 -20.72 -99.24 258.43
N LYS AC 37 -21.40 -100.26 257.90
CA LYS AC 37 -21.55 -101.54 258.60
C LYS AC 37 -21.61 -102.67 257.59
N PRO AC 38 -20.45 -103.19 257.16
CA PRO AC 38 -20.44 -104.25 256.14
C PRO AC 38 -21.30 -105.46 256.46
N SER AC 39 -21.62 -105.70 257.73
CA SER AC 39 -22.44 -106.84 258.11
C SER AC 39 -23.94 -106.60 257.99
N ASP AC 40 -24.39 -105.40 257.67
CA ASP AC 40 -25.82 -105.11 257.67
C ASP AC 40 -26.52 -105.82 256.50
N PRO AC 41 -27.32 -106.86 256.75
CA PRO AC 41 -27.91 -107.60 255.62
C PRO AC 41 -28.88 -106.78 254.79
N ALA AC 42 -29.69 -105.93 255.42
CA ALA AC 42 -30.63 -105.10 254.66
C ALA AC 42 -29.88 -104.22 253.67
N LEU AC 43 -28.79 -103.61 254.13
CA LEU AC 43 -27.96 -102.80 253.24
C LEU AC 43 -27.32 -103.65 252.16
N LEU AC 44 -26.80 -104.82 252.51
CA LEU AC 44 -26.22 -105.68 251.49
C LEU AC 44 -27.22 -106.00 250.38
N ALA AC 45 -28.42 -106.45 250.76
CA ALA AC 45 -29.46 -106.75 249.77
C ALA AC 45 -29.84 -105.53 248.93
N ALA AC 46 -30.05 -104.38 249.58
CA ALA AC 46 -30.38 -103.17 248.84
C ALA AC 46 -29.27 -102.80 247.84
N TYR AC 47 -28.04 -102.70 248.33
CA TYR AC 47 -26.93 -102.37 247.46
C TYR AC 47 -26.78 -103.35 246.31
N GLN AC 48 -26.84 -104.65 246.59
CA GLN AC 48 -26.76 -105.62 245.50
C GLN AC 48 -27.81 -105.36 244.43
N SER AC 49 -29.05 -105.06 244.84
CA SER AC 49 -30.09 -104.82 243.84
C SER AC 49 -29.84 -103.53 243.07
N LYS AC 50 -29.45 -102.46 243.76
CA LYS AC 50 -29.19 -101.19 243.09
C LYS AC 50 -28.00 -101.29 242.14
N LEU AC 51 -26.94 -101.97 242.56
CA LEU AC 51 -25.78 -102.17 241.70
C LEU AC 51 -26.14 -102.96 240.44
N SER AC 52 -26.96 -104.01 240.58
CA SER AC 52 -27.42 -104.70 239.38
C SER AC 52 -28.20 -103.76 238.46
N GLU AC 53 -29.08 -102.95 239.04
CA GLU AC 53 -29.81 -101.97 238.26
C GLU AC 53 -28.87 -101.06 237.48
N TYR AC 54 -27.86 -100.53 238.16
CA TYR AC 54 -26.88 -99.64 237.53
C TYR AC 54 -26.13 -100.32 236.40
N ASN AC 55 -25.66 -101.54 236.64
CA ASN AC 55 -24.92 -102.25 235.60
C ASN AC 55 -25.78 -102.42 234.35
N LEU AC 56 -27.01 -102.92 234.51
CA LEU AC 56 -27.82 -103.13 233.31
C LEU AC 56 -28.18 -101.81 232.65
N TYR AC 57 -28.45 -100.77 233.44
CA TYR AC 57 -28.70 -99.44 232.88
C TYR AC 57 -27.56 -98.97 231.99
N ARG AC 58 -26.34 -98.97 232.53
CA ARG AC 58 -25.21 -98.45 231.78
C ARG AC 58 -24.88 -99.30 230.57
N ASN AC 59 -25.04 -100.61 230.65
CA ASN AC 59 -24.64 -101.38 229.47
C ASN AC 59 -25.69 -101.33 228.38
N ALA AC 60 -26.97 -101.20 228.74
CA ALA AC 60 -27.98 -101.03 227.71
C ALA AC 60 -27.82 -99.67 227.04
N GLN AC 61 -27.56 -98.63 227.83
CA GLN AC 61 -27.39 -97.31 227.25
C GLN AC 61 -26.19 -97.28 226.32
N SER AC 62 -25.04 -97.74 226.78
CA SER AC 62 -23.85 -97.71 225.93
C SER AC 62 -24.07 -98.48 224.64
N ASN AC 63 -24.45 -99.75 224.73
CA ASN AC 63 -24.65 -100.54 223.52
C ASN AC 63 -25.75 -100.00 222.61
N THR AC 64 -26.68 -99.17 223.12
CA THR AC 64 -27.72 -98.62 222.25
C THR AC 64 -27.18 -97.64 221.21
N VAL AC 65 -26.29 -96.73 221.60
CA VAL AC 65 -25.75 -95.74 220.67
C VAL AC 65 -25.09 -96.40 219.46
N LYS AC 66 -24.40 -97.51 219.68
CA LYS AC 66 -23.78 -98.26 218.58
C LYS AC 66 -24.72 -98.47 217.39
N VAL AC 67 -25.99 -98.78 217.65
CA VAL AC 67 -26.93 -99.02 216.55
C VAL AC 67 -27.13 -97.77 215.70
N PHE AC 68 -27.27 -96.61 216.33
CA PHE AC 68 -27.41 -95.38 215.56
C PHE AC 68 -26.11 -95.00 214.84
N LYS AC 69 -24.97 -95.19 215.49
CA LYS AC 69 -23.70 -94.94 214.81
C LYS AC 69 -23.56 -95.78 213.53
N ASP AC 70 -23.83 -97.09 213.63
CA ASP AC 70 -23.82 -97.95 212.45
C ASP AC 70 -24.85 -97.51 211.40
N ILE AC 71 -26.04 -97.12 211.82
CA ILE AC 71 -27.05 -96.67 210.86
C ILE AC 71 -26.56 -95.44 210.12
N ASP AC 72 -26.18 -94.40 210.84
CA ASP AC 72 -25.84 -93.15 210.15
C ASP AC 72 -24.59 -93.31 209.31
N ALA AC 73 -23.61 -94.08 209.78
CA ALA AC 73 -22.43 -94.33 208.96
C ALA AC 73 -22.81 -95.05 207.65
N ALA AC 74 -23.74 -96.00 207.73
CA ALA AC 74 -24.20 -96.67 206.53
C ALA AC 74 -24.89 -95.70 205.59
N ILE AC 75 -25.87 -94.97 206.10
CA ILE AC 75 -26.66 -94.09 205.24
C ILE AC 75 -25.79 -92.99 204.64
N ILE AC 76 -24.77 -92.55 205.36
CA ILE AC 76 -23.83 -91.56 204.81
C ILE AC 76 -22.93 -92.17 203.75
N GLN AC 77 -22.56 -93.44 203.89
CA GLN AC 77 -21.83 -94.09 202.80
C GLN AC 77 -22.70 -94.28 201.55
N ASN AC 78 -23.96 -94.67 201.71
CA ASN AC 78 -24.86 -94.70 200.57
C ASN AC 78 -25.18 -93.31 200.04
N PHE AC 79 -25.00 -92.28 200.85
CA PHE AC 79 -25.37 -90.93 200.46
C PHE AC 79 -24.43 -90.40 199.39
N ARG AC 80 -23.16 -90.78 199.43
CA ARG AC 80 -22.23 -90.42 198.35
C ARG AC 80 -22.52 -91.25 197.10
N PRO BC 4 -52.04 -103.99 214.61
CA PRO BC 4 -51.30 -103.04 213.78
C PRO BC 4 -50.19 -103.69 212.95
N TRP BC 5 -49.65 -102.93 212.01
CA TRP BC 5 -48.54 -103.39 211.21
C TRP BC 5 -47.42 -103.92 212.08
N SER BC 6 -46.75 -104.97 211.59
CA SER BC 6 -45.68 -105.65 212.31
C SER BC 6 -44.69 -106.18 211.29
N GLY BC 7 -43.44 -106.34 211.72
CA GLY BC 7 -42.40 -106.92 210.90
C GLY BC 7 -42.34 -108.44 210.91
N TYR BC 8 -41.20 -108.94 210.46
CA TYR BC 8 -40.88 -110.37 210.49
C TYR BC 8 -40.33 -110.83 211.84
N LEU BC 9 -39.27 -110.16 212.31
CA LEU BC 9 -38.62 -110.57 213.54
C LEU BC 9 -39.51 -110.41 214.77
N ASP BC 10 -40.28 -109.33 214.84
CA ASP BC 10 -41.25 -109.19 215.93
C ASP BC 10 -42.27 -110.32 215.89
N ASP BC 11 -42.78 -110.64 214.71
CA ASP BC 11 -43.67 -111.79 214.55
C ASP BC 11 -43.02 -113.08 215.06
N VAL BC 12 -41.77 -113.31 214.69
CA VAL BC 12 -41.03 -114.46 215.20
C VAL BC 12 -41.04 -114.49 216.72
N SER BC 13 -40.70 -113.36 217.35
CA SER BC 13 -40.75 -113.29 218.81
C SER BC 13 -42.14 -113.62 219.33
N ALA BC 14 -43.16 -113.05 218.70
CA ALA BC 14 -44.54 -113.34 219.08
C ALA BC 14 -44.84 -114.83 219.01
N LYS BC 15 -44.19 -115.55 218.10
CA LYS BC 15 -44.43 -116.99 218.04
C LYS BC 15 -43.95 -117.69 219.30
N PHE BC 16 -42.86 -117.21 219.90
CA PHE BC 16 -42.43 -117.73 221.20
C PHE BC 16 -43.39 -117.30 222.31
N ASP BC 17 -43.76 -116.02 222.29
CA ASP BC 17 -44.72 -115.53 223.29
C ASP BC 17 -46.00 -116.38 223.30
N THR BC 18 -46.56 -116.66 222.13
CA THR BC 18 -47.72 -117.54 222.01
C THR BC 18 -47.38 -119.02 222.16
N GLY BC 19 -46.11 -119.39 222.15
CA GLY BC 19 -45.72 -120.77 222.38
C GLY BC 19 -45.76 -121.07 223.86
N VAL BC 20 -45.22 -120.16 224.68
CA VAL BC 20 -45.39 -120.26 226.13
C VAL BC 20 -46.75 -119.65 226.47
N ASP BC 21 -47.78 -120.49 226.43
CA ASP BC 21 -49.16 -120.06 226.66
C ASP BC 21 -49.34 -119.19 227.90
N ASN BC 22 -48.78 -119.62 229.04
CA ASN BC 22 -49.03 -118.92 230.29
C ASN BC 22 -47.81 -118.79 231.20
N LEU BC 23 -46.65 -119.28 230.78
CA LEU BC 23 -45.47 -119.25 231.65
C LEU BC 23 -45.24 -117.88 232.28
N GLN BC 24 -45.46 -116.81 231.51
CA GLN BC 24 -45.28 -115.48 232.09
C GLN BC 24 -46.13 -115.26 233.33
N THR BC 25 -47.40 -115.68 233.29
CA THR BC 25 -48.26 -115.58 234.47
C THR BC 25 -47.80 -116.52 235.58
N GLN BC 26 -47.50 -117.76 235.22
CA GLN BC 26 -47.00 -118.70 236.21
C GLN BC 26 -45.83 -118.12 236.99
N VAL BC 27 -44.84 -117.58 236.28
CA VAL BC 27 -43.67 -116.99 236.92
C VAL BC 27 -44.04 -115.70 237.65
N THR BC 28 -45.10 -115.02 237.20
CA THR BC 28 -45.55 -113.81 237.88
C THR BC 28 -46.13 -114.14 239.25
N GLU BC 29 -46.97 -115.15 239.32
CA GLU BC 29 -47.66 -115.49 240.57
C GLU BC 29 -46.85 -116.38 241.51
N ALA BC 30 -46.10 -117.34 240.97
CA ALA BC 30 -45.34 -118.25 241.84
C ALA BC 30 -44.38 -117.49 242.76
N LEU BC 31 -43.65 -116.52 242.23
CA LEU BC 31 -42.77 -115.72 243.08
C LEU BC 31 -43.52 -115.02 244.21
N ASP BC 32 -44.60 -114.32 243.89
CA ASP BC 32 -45.36 -113.62 244.92
C ASP BC 32 -45.95 -114.57 245.96
N LYS BC 33 -46.34 -115.78 245.56
CA LYS BC 33 -46.82 -116.78 246.52
C LYS BC 33 -45.68 -117.29 247.39
N LEU BC 34 -44.65 -117.86 246.78
CA LEU BC 34 -43.45 -118.27 247.50
C LEU BC 34 -43.01 -117.23 248.52
N ALA BC 35 -42.91 -115.97 248.11
CA ALA BC 35 -42.48 -114.93 249.02
C ALA BC 35 -43.35 -114.86 250.27
N ALA BC 36 -44.56 -115.41 250.24
CA ALA BC 36 -45.40 -115.41 251.45
C ALA BC 36 -44.84 -116.37 252.49
N LYS BC 37 -44.28 -117.50 252.06
CA LYS BC 37 -43.65 -118.47 252.96
C LYS BC 37 -42.42 -119.05 252.28
N PRO BC 38 -41.38 -118.24 252.09
CA PRO BC 38 -40.16 -118.70 251.39
C PRO BC 38 -39.57 -119.98 251.97
N SER BC 39 -39.89 -120.25 253.24
CA SER BC 39 -39.43 -121.42 253.96
C SER BC 39 -40.05 -122.73 253.51
N ASP BC 40 -41.01 -122.72 252.57
CA ASP BC 40 -41.76 -123.94 252.27
C ASP BC 40 -41.22 -124.71 251.07
N PRO BC 41 -40.79 -125.97 251.27
CA PRO BC 41 -40.35 -126.79 250.13
C PRO BC 41 -41.48 -127.16 249.18
N ALA BC 42 -42.74 -126.95 249.58
CA ALA BC 42 -43.84 -127.17 248.66
C ALA BC 42 -43.90 -126.09 247.59
N LEU BC 43 -43.18 -125.00 247.79
CA LEU BC 43 -43.14 -123.87 246.87
C LEU BC 43 -41.78 -123.69 246.24
N LEU BC 44 -40.71 -124.17 246.89
CA LEU BC 44 -39.38 -123.96 246.36
C LEU BC 44 -39.16 -124.69 245.03
N ALA BC 45 -39.37 -126.00 244.99
CA ALA BC 45 -39.12 -126.76 243.76
C ALA BC 45 -39.95 -126.25 242.60
N ALA BC 46 -41.21 -125.89 242.85
CA ALA BC 46 -42.07 -125.33 241.82
C ALA BC 46 -41.53 -124.02 241.27
N TYR BC 47 -41.25 -123.06 242.15
CA TYR BC 47 -40.70 -121.80 241.68
C TYR BC 47 -39.41 -122.01 240.91
N GLN BC 48 -38.50 -122.85 241.42
CA GLN BC 48 -37.28 -123.18 240.69
C GLN BC 48 -37.56 -123.66 239.26
N SER BC 49 -38.52 -124.56 239.11
CA SER BC 49 -38.87 -125.07 237.78
C SER BC 49 -39.34 -123.95 236.86
N LYS BC 50 -40.28 -123.14 237.32
CA LYS BC 50 -40.79 -122.05 236.49
C LYS BC 50 -39.71 -121.03 236.15
N LEU BC 51 -38.93 -120.61 237.13
CA LEU BC 51 -37.81 -119.70 236.87
C LEU BC 51 -36.88 -120.25 235.80
N SER BC 52 -36.56 -121.55 235.87
CA SER BC 52 -35.71 -122.16 234.85
C SER BC 52 -36.34 -122.10 233.46
N GLU BC 53 -37.60 -122.52 233.36
CA GLU BC 53 -38.29 -122.45 232.07
C GLU BC 53 -38.33 -121.02 231.53
N TYR BC 54 -38.49 -120.03 232.39
CA TYR BC 54 -38.48 -118.63 231.96
C TYR BC 54 -37.14 -118.23 231.39
N ASN BC 55 -36.06 -118.53 232.11
CA ASN BC 55 -34.72 -118.29 231.62
C ASN BC 55 -34.53 -118.85 230.21
N LEU BC 56 -34.80 -120.15 230.07
CA LEU BC 56 -34.57 -120.80 228.78
C LEU BC 56 -35.44 -120.21 227.68
N TYR BC 57 -36.68 -119.85 228.02
CA TYR BC 57 -37.55 -119.19 227.05
C TYR BC 57 -36.95 -117.90 226.51
N ARG BC 58 -36.65 -116.95 227.41
CA ARG BC 58 -36.06 -115.68 226.96
C ARG BC 58 -34.75 -115.86 226.19
N ASN BC 59 -33.91 -116.81 226.59
CA ASN BC 59 -32.65 -116.93 225.88
C ASN BC 59 -32.83 -117.56 224.51
N ALA BC 60 -33.62 -118.63 224.40
CA ALA BC 60 -33.88 -119.19 223.07
C ALA BC 60 -34.57 -118.19 222.18
N GLN BC 61 -35.39 -117.31 222.75
CA GLN BC 61 -36.08 -116.29 221.95
C GLN BC 61 -35.12 -115.30 221.32
N SER BC 62 -34.18 -114.77 222.11
CA SER BC 62 -33.25 -113.75 221.60
C SER BC 62 -32.37 -114.21 220.44
N ASN BC 63 -31.52 -115.22 220.68
CA ASN BC 63 -30.57 -115.65 219.65
C ASN BC 63 -31.21 -115.97 218.31
N THR BC 64 -32.34 -116.68 218.30
CA THR BC 64 -33.01 -116.97 217.04
C THR BC 64 -33.27 -115.70 216.23
N VAL BC 65 -33.74 -114.66 216.90
CA VAL BC 65 -34.01 -113.40 216.22
C VAL BC 65 -32.72 -112.79 215.70
N LYS BC 66 -31.67 -112.80 216.52
CA LYS BC 66 -30.37 -112.31 216.03
C LYS BC 66 -29.95 -113.00 214.74
N VAL BC 67 -30.12 -114.31 214.67
CA VAL BC 67 -29.78 -115.06 213.47
C VAL BC 67 -30.65 -114.63 212.29
N PHE BC 68 -31.97 -114.60 212.46
CA PHE BC 68 -32.82 -114.14 211.37
C PHE BC 68 -32.51 -112.71 210.94
N LYS BC 69 -31.99 -111.89 211.85
CA LYS BC 69 -31.54 -110.55 211.46
C LYS BC 69 -30.32 -110.61 210.53
N ASP BC 70 -29.25 -111.26 210.99
CA ASP BC 70 -28.02 -111.20 210.19
C ASP BC 70 -28.03 -112.08 208.95
N ILE BC 71 -28.86 -113.13 208.91
CA ILE BC 71 -29.15 -113.80 207.65
C ILE BC 71 -29.71 -112.84 206.61
N ASP BC 72 -30.47 -111.83 207.03
CA ASP BC 72 -31.02 -110.85 206.11
C ASP BC 72 -30.01 -109.73 205.81
N ALA BC 73 -29.27 -109.30 206.83
CA ALA BC 73 -28.26 -108.27 206.62
C ALA BC 73 -27.23 -108.71 205.59
N ALA BC 74 -26.83 -109.99 205.63
CA ALA BC 74 -25.90 -110.49 204.63
C ALA BC 74 -26.44 -110.41 203.21
N ILE BC 75 -27.76 -110.43 203.04
CA ILE BC 75 -28.34 -110.28 201.71
C ILE BC 75 -28.46 -108.82 201.32
N ILE BC 76 -28.68 -107.95 202.29
CA ILE BC 76 -28.72 -106.52 201.99
C ILE BC 76 -27.35 -105.99 201.61
N GLN BC 77 -26.29 -106.52 202.23
CA GLN BC 77 -24.98 -105.91 202.06
C GLN BC 77 -24.52 -105.91 200.59
N ASN BC 78 -24.99 -106.86 199.78
CA ASN BC 78 -24.45 -107.04 198.44
C ASN BC 78 -25.44 -106.65 197.34
N PHE BC 79 -26.37 -105.73 197.64
CA PHE BC 79 -27.19 -105.16 196.58
C PHE BC 79 -26.40 -104.16 195.74
N ARG BC 80 -25.40 -103.53 196.32
CA ARG BC 80 -24.66 -102.48 195.64
C ARG BC 80 -23.55 -103.06 194.77
N PRO CC 4 -38.17 -136.41 202.40
CA PRO CC 4 -37.00 -136.12 203.23
C PRO CC 4 -35.82 -135.56 202.44
N TRP CC 5 -34.97 -134.79 203.13
CA TRP CC 5 -33.80 -134.19 202.53
C TRP CC 5 -32.79 -133.91 203.63
N SER CC 6 -31.51 -133.88 203.27
CA SER CC 6 -30.48 -133.63 204.26
C SER CC 6 -29.27 -132.97 203.62
N GLY CC 7 -28.55 -132.22 204.43
CA GLY CC 7 -27.27 -131.63 204.07
C GLY CC 7 -26.09 -132.38 204.65
N TYR CC 8 -25.01 -131.63 204.89
CA TYR CC 8 -23.82 -132.13 205.56
C TYR CC 8 -23.95 -132.11 207.08
N LEU CC 9 -24.28 -130.96 207.64
CA LEU CC 9 -24.32 -130.79 209.10
C LEU CC 9 -25.36 -131.71 209.74
N ASP CC 10 -26.53 -131.83 209.15
CA ASP CC 10 -27.52 -132.75 209.69
C ASP CC 10 -27.08 -134.19 209.56
N ASP CC 11 -26.35 -134.54 208.49
CA ASP CC 11 -25.80 -135.90 208.41
C ASP CC 11 -24.79 -136.15 209.52
N VAL CC 12 -24.02 -135.13 209.90
CA VAL CC 12 -23.11 -135.27 211.04
C VAL CC 12 -23.90 -135.49 212.33
N SER CC 13 -24.95 -134.69 212.53
CA SER CC 13 -25.80 -134.88 213.69
C SER CC 13 -26.44 -136.27 213.70
N ALA CC 14 -26.83 -136.76 212.53
CA ALA CC 14 -27.39 -138.11 212.41
C ALA CC 14 -26.36 -139.18 212.69
N LYS CC 15 -25.09 -138.92 212.40
CA LYS CC 15 -24.03 -139.82 212.83
C LYS CC 15 -23.85 -139.80 214.34
N PHE CC 16 -24.05 -138.65 214.98
CA PHE CC 16 -24.14 -138.61 216.44
C PHE CC 16 -25.30 -139.46 216.95
N ASP CC 17 -26.49 -139.26 216.38
CA ASP CC 17 -27.68 -139.94 216.86
C ASP CC 17 -27.62 -141.45 216.66
N THR CC 18 -27.09 -141.92 215.54
CA THR CC 18 -26.80 -143.35 215.42
C THR CC 18 -25.51 -143.75 216.13
N GLY CC 19 -24.76 -142.79 216.65
CA GLY CC 19 -23.54 -143.08 217.37
C GLY CC 19 -23.85 -143.57 218.76
N VAL CC 20 -24.59 -142.77 219.51
CA VAL CC 20 -25.11 -143.21 220.80
C VAL CC 20 -26.41 -143.97 220.57
N ASP CC 21 -26.31 -145.29 220.49
CA ASP CC 21 -27.28 -146.06 219.71
C ASP CC 21 -28.69 -145.92 220.27
N ASN CC 22 -28.82 -146.04 221.60
CA ASN CC 22 -30.11 -146.07 222.28
C ASN CC 22 -30.16 -145.15 223.49
N LEU CC 23 -29.05 -144.46 223.79
CA LEU CC 23 -28.89 -143.83 225.09
C LEU CC 23 -30.08 -142.98 225.53
N GLN CC 24 -30.78 -142.36 224.58
CA GLN CC 24 -31.94 -141.56 224.98
C GLN CC 24 -33.03 -142.40 225.66
N THR CC 25 -33.34 -143.55 225.08
CA THR CC 25 -34.33 -144.42 225.71
C THR CC 25 -33.75 -145.12 226.91
N GLN CC 26 -32.47 -145.48 226.85
CA GLN CC 26 -31.82 -146.07 228.01
C GLN CC 26 -31.96 -145.16 229.23
N VAL CC 27 -31.76 -143.86 229.03
CA VAL CC 27 -31.92 -142.88 230.12
C VAL CC 27 -33.38 -142.76 230.54
N THR CC 28 -34.30 -142.75 229.57
CA THR CC 28 -35.72 -142.67 229.91
C THR CC 28 -36.15 -143.85 230.79
N GLU CC 29 -35.83 -145.06 230.36
CA GLU CC 29 -36.16 -146.25 231.15
C GLU CC 29 -35.44 -146.25 232.49
N ALA CC 30 -34.14 -145.92 232.51
CA ALA CC 30 -33.43 -145.80 233.78
C ALA CC 30 -34.14 -144.86 234.74
N LEU CC 31 -34.63 -143.72 234.24
CA LEU CC 31 -35.38 -142.79 235.07
C LEU CC 31 -36.68 -143.39 235.58
N ASP CC 32 -37.43 -144.05 234.71
CA ASP CC 32 -38.66 -144.70 235.15
C ASP CC 32 -38.39 -145.76 236.22
N LYS CC 33 -37.28 -146.48 236.08
CA LYS CC 33 -36.89 -147.46 237.08
C LYS CC 33 -36.49 -146.80 238.39
N LEU CC 34 -35.74 -145.69 238.31
CA LEU CC 34 -35.38 -144.93 239.50
C LEU CC 34 -36.61 -144.45 240.25
N ALA CC 35 -37.63 -144.01 239.52
CA ALA CC 35 -38.84 -143.53 240.20
C ALA CC 35 -39.38 -144.54 241.21
N ALA CC 36 -39.07 -145.83 241.03
CA ALA CC 36 -39.51 -146.86 241.97
C ALA CC 36 -39.08 -146.56 243.41
N LYS CC 37 -37.85 -146.08 243.60
CA LYS CC 37 -37.33 -145.79 244.93
C LYS CC 37 -36.17 -144.80 244.86
N PRO CC 38 -36.44 -143.50 244.97
CA PRO CC 38 -35.35 -142.51 244.91
C PRO CC 38 -34.23 -142.72 245.93
N SER CC 39 -34.44 -143.56 246.95
CA SER CC 39 -33.45 -143.80 248.00
C SER CC 39 -32.66 -145.10 247.78
N ASP CC 40 -32.73 -145.70 246.60
CA ASP CC 40 -32.02 -146.94 246.32
C ASP CC 40 -30.73 -146.66 245.56
N PRO CC 41 -29.55 -146.99 246.10
CA PRO CC 41 -28.31 -146.70 245.39
C PRO CC 41 -28.13 -147.51 244.12
N ALA CC 42 -28.82 -148.65 243.99
CA ALA CC 42 -28.74 -149.45 242.78
C ALA CC 42 -29.34 -148.73 241.59
N LEU CC 43 -30.22 -147.77 241.85
CA LEU CC 43 -30.85 -146.93 240.86
C LEU CC 43 -30.12 -145.61 240.73
N LEU CC 44 -29.79 -145.00 241.88
CA LEU CC 44 -29.11 -143.71 241.88
C LEU CC 44 -27.79 -143.77 241.12
N ALA CC 45 -26.89 -144.69 241.50
CA ALA CC 45 -25.61 -144.81 240.79
C ALA CC 45 -25.79 -145.09 239.30
N ALA CC 46 -26.79 -145.87 238.93
CA ALA CC 46 -27.06 -146.16 237.52
C ALA CC 46 -27.48 -144.90 236.77
N TYR CC 47 -28.41 -144.14 237.34
CA TYR CC 47 -28.83 -142.90 236.71
C TYR CC 47 -27.66 -141.93 236.59
N GLN CC 48 -26.89 -141.80 237.66
CA GLN CC 48 -25.69 -140.96 237.60
C GLN CC 48 -24.79 -141.35 236.44
N SER CC 49 -24.61 -142.65 236.22
CA SER CC 49 -23.81 -143.14 235.10
C SER CC 49 -24.41 -142.77 233.75
N LYS CC 50 -25.67 -143.15 233.52
CA LYS CC 50 -26.32 -142.91 232.23
C LYS CC 50 -26.41 -141.44 231.85
N LEU CC 51 -26.94 -140.61 232.75
CA LEU CC 51 -27.13 -139.21 232.39
C LEU CC 51 -25.82 -138.49 232.08
N SER CC 52 -24.72 -138.84 232.75
CA SER CC 52 -23.46 -138.19 232.44
C SER CC 52 -22.99 -138.51 231.02
N GLU CC 53 -23.28 -139.72 230.56
CA GLU CC 53 -22.99 -140.09 229.18
C GLU CC 53 -23.86 -139.32 228.20
N TYR CC 54 -25.13 -139.14 228.54
CA TYR CC 54 -26.03 -138.39 227.65
C TYR CC 54 -25.61 -136.93 227.57
N ASN CC 55 -25.21 -136.35 228.69
CA ASN CC 55 -24.71 -134.98 228.71
C ASN CC 55 -23.46 -134.82 227.84
N LEU CC 56 -22.47 -135.71 227.99
CA LEU CC 56 -21.29 -135.63 227.13
C LEU CC 56 -21.61 -135.80 225.65
N TYR CC 57 -22.52 -136.72 225.34
CA TYR CC 57 -22.98 -136.86 223.95
C TYR CC 57 -23.52 -135.56 223.38
N ARG CC 58 -24.55 -134.99 224.02
CA ARG CC 58 -25.15 -133.79 223.47
C ARG CC 58 -24.18 -132.60 223.45
N ASN CC 59 -23.35 -132.47 224.49
CA ASN CC 59 -22.40 -131.37 224.51
C ASN CC 59 -21.36 -131.46 223.41
N ALA CC 60 -20.86 -132.66 223.11
CA ALA CC 60 -19.97 -132.79 221.96
C ALA CC 60 -20.68 -132.50 220.64
N GLN CC 61 -21.91 -132.99 220.49
CA GLN CC 61 -22.65 -132.80 219.24
C GLN CC 61 -22.88 -131.32 218.92
N SER CC 62 -23.42 -130.57 219.88
CA SER CC 62 -23.77 -129.19 219.55
C SER CC 62 -22.55 -128.36 219.20
N ASN CC 63 -21.41 -128.58 219.87
CA ASN CC 63 -20.22 -127.83 219.48
C ASN CC 63 -19.69 -128.28 218.11
N THR CC 64 -19.83 -129.57 217.80
CA THR CC 64 -19.43 -130.04 216.48
C THR CC 64 -20.18 -129.34 215.37
N VAL CC 65 -21.50 -129.22 215.50
CA VAL CC 65 -22.29 -128.56 214.47
C VAL CC 65 -21.79 -127.14 214.19
N LYS CC 66 -21.62 -126.34 215.25
CA LYS CC 66 -21.09 -125.00 215.13
C LYS CC 66 -19.75 -124.98 214.38
N VAL CC 67 -18.77 -125.72 214.88
CA VAL CC 67 -17.46 -125.73 214.22
C VAL CC 67 -17.58 -126.08 212.75
N PHE CC 68 -18.32 -127.14 212.42
CA PHE CC 68 -18.49 -127.49 211.01
C PHE CC 68 -19.16 -126.39 210.19
N LYS CC 69 -19.99 -125.56 210.82
CA LYS CC 69 -20.56 -124.44 210.07
C LYS CC 69 -19.51 -123.38 209.76
N ASP CC 70 -18.65 -123.09 210.74
CA ASP CC 70 -17.63 -122.04 210.57
C ASP CC 70 -16.83 -122.16 209.28
N ILE CC 71 -16.38 -123.36 208.94
CA ILE CC 71 -15.58 -123.53 207.73
C ILE CC 71 -16.37 -123.16 206.48
N ASP CC 72 -17.66 -123.49 206.43
CA ASP CC 72 -18.47 -123.09 205.29
C ASP CC 72 -18.64 -121.58 205.23
N ALA CC 73 -19.02 -120.97 206.35
CA ALA CC 73 -19.12 -119.51 206.37
C ALA CC 73 -17.83 -118.85 205.87
N ALA CC 74 -16.69 -119.35 206.33
CA ALA CC 74 -15.40 -118.80 205.91
C ALA CC 74 -15.16 -118.97 204.42
N ILE CC 75 -15.46 -120.13 203.85
CA ILE CC 75 -15.23 -120.29 202.41
C ILE CC 75 -16.18 -119.41 201.62
N ILE CC 76 -17.48 -119.49 201.92
CA ILE CC 76 -18.46 -118.73 201.15
C ILE CC 76 -18.11 -117.25 201.14
N GLN CC 77 -17.69 -116.71 202.28
CA GLN CC 77 -17.39 -115.28 202.31
C GLN CC 77 -16.28 -114.89 201.33
N ASN CC 78 -15.31 -115.76 201.11
CA ASN CC 78 -14.20 -115.45 200.20
C ASN CC 78 -14.48 -115.74 198.74
N PHE CC 79 -15.74 -115.98 198.35
CA PHE CC 79 -16.06 -115.96 196.92
C PHE CC 79 -15.76 -114.60 196.32
N ARG CC 80 -16.00 -113.54 197.07
CA ARG CC 80 -15.73 -112.19 196.62
C ARG CC 80 -14.28 -111.85 196.90
N PRO DC 4 2.35 -142.36 209.07
CA PRO DC 4 1.42 -141.70 208.14
C PRO DC 4 1.60 -140.20 208.11
N TRP DC 5 0.93 -139.54 207.17
CA TRP DC 5 0.95 -138.08 207.13
C TRP DC 5 0.40 -137.52 208.44
N SER DC 6 1.06 -136.48 208.94
CA SER DC 6 0.62 -135.83 210.17
C SER DC 6 1.07 -134.38 210.14
N GLY DC 7 0.36 -133.56 210.90
CA GLY DC 7 0.59 -132.13 210.97
C GLY DC 7 1.47 -131.68 212.13
N TYR DC 8 1.33 -130.40 212.45
CA TYR DC 8 1.98 -129.76 213.59
C TYR DC 8 1.28 -130.08 214.90
N LEU DC 9 -0.03 -129.81 214.97
CA LEU DC 9 -0.77 -129.99 216.20
C LEU DC 9 -0.76 -131.45 216.68
N ASP DC 10 -0.88 -132.40 215.76
CA ASP DC 10 -0.82 -133.79 216.21
C ASP DC 10 0.59 -134.18 216.61
N ASP DC 11 1.59 -133.41 216.20
CA ASP DC 11 2.94 -133.61 216.70
C ASP DC 11 3.06 -133.09 218.13
N VAL DC 12 2.54 -131.89 218.36
CA VAL DC 12 2.43 -131.36 219.72
C VAL DC 12 1.77 -132.38 220.64
N SER DC 13 0.69 -133.00 220.17
CA SER DC 13 0.07 -134.10 220.89
C SER DC 13 1.06 -135.23 221.15
N ALA DC 14 1.66 -135.77 220.09
CA ALA DC 14 2.62 -136.85 220.22
C ALA DC 14 3.69 -136.55 221.27
N LYS DC 15 4.15 -135.31 221.35
CA LYS DC 15 5.13 -134.97 222.38
C LYS DC 15 4.63 -135.27 223.80
N PHE DC 16 3.38 -134.98 224.10
CA PHE DC 16 2.80 -135.38 225.38
C PHE DC 16 2.65 -136.89 225.50
N ASP DC 17 1.97 -137.49 224.51
CA ASP DC 17 1.74 -138.93 224.51
C ASP DC 17 3.02 -139.74 224.71
N THR DC 18 4.14 -139.28 224.17
CA THR DC 18 5.42 -139.96 224.39
C THR DC 18 6.17 -139.44 225.61
N GLY DC 19 5.89 -138.21 226.04
CA GLY DC 19 6.46 -137.74 227.29
C GLY DC 19 6.05 -138.62 228.44
N VAL DC 20 4.77 -138.99 228.48
CA VAL DC 20 4.32 -140.03 229.39
C VAL DC 20 4.76 -141.38 228.85
N ASP DC 21 5.54 -142.10 229.65
CA ASP DC 21 6.11 -143.38 229.22
C ASP DC 21 5.03 -144.39 228.83
N ASN DC 22 4.22 -144.79 229.81
CA ASN DC 22 3.18 -145.80 229.63
C ASN DC 22 2.04 -145.55 230.60
N LEU DC 23 1.86 -144.30 230.99
CA LEU DC 23 0.86 -143.88 231.96
C LEU DC 23 -0.49 -144.55 231.73
N GLN DC 24 -0.94 -144.68 230.48
CA GLN DC 24 -2.22 -145.32 230.25
C GLN DC 24 -2.25 -146.77 230.74
N THR DC 25 -1.18 -147.53 230.50
CA THR DC 25 -1.16 -148.90 231.01
C THR DC 25 -1.01 -148.91 232.53
N GLN DC 26 -0.14 -148.05 233.05
CA GLN DC 26 0.02 -147.93 234.49
C GLN DC 26 -1.30 -147.59 235.17
N VAL DC 27 -2.14 -146.82 234.50
CA VAL DC 27 -3.47 -146.48 235.01
C VAL DC 27 -4.42 -147.65 234.92
N THR DC 28 -4.43 -148.35 233.79
CA THR DC 28 -5.32 -149.50 233.65
C THR DC 28 -5.02 -150.53 234.74
N GLU DC 29 -3.74 -150.79 234.99
CA GLU DC 29 -3.38 -151.72 236.04
C GLU DC 29 -3.73 -151.18 237.42
N ALA DC 30 -3.41 -149.92 237.70
CA ALA DC 30 -3.79 -149.32 238.98
C ALA DC 30 -5.29 -149.48 239.22
N LEU DC 31 -6.09 -149.20 238.20
CA LEU DC 31 -7.54 -149.28 238.30
C LEU DC 31 -8.02 -150.70 238.55
N ASP DC 32 -7.44 -151.69 237.89
CA ASP DC 32 -7.94 -153.03 238.16
C ASP DC 32 -7.45 -153.56 239.50
N LYS DC 33 -6.27 -153.17 239.95
CA LYS DC 33 -5.82 -153.57 241.27
C LYS DC 33 -6.72 -152.98 242.35
N LEU DC 34 -7.01 -151.68 242.23
CA LEU DC 34 -7.97 -151.03 243.12
C LEU DC 34 -9.32 -151.75 243.10
N ALA DC 35 -9.94 -151.85 241.92
CA ALA DC 35 -11.24 -152.48 241.88
C ALA DC 35 -11.19 -153.92 242.36
N ALA DC 36 -10.02 -154.56 242.34
CA ALA DC 36 -9.91 -155.89 242.91
C ALA DC 36 -9.82 -155.86 244.43
N LYS DC 37 -9.44 -154.72 245.00
CA LYS DC 37 -9.30 -154.61 246.46
C LYS DC 37 -9.71 -153.20 246.90
N PRO DC 38 -10.98 -152.86 246.70
CA PRO DC 38 -11.45 -151.51 247.09
C PRO DC 38 -11.30 -151.23 248.57
N SER DC 39 -11.16 -152.25 249.41
CA SER DC 39 -10.96 -152.04 250.84
C SER DC 39 -9.52 -151.69 251.19
N ASP DC 40 -8.57 -151.93 250.29
CA ASP DC 40 -7.17 -151.68 250.58
C ASP DC 40 -6.88 -150.19 250.73
N PRO DC 41 -6.36 -149.74 251.89
CA PRO DC 41 -6.07 -148.31 252.07
C PRO DC 41 -4.79 -147.84 251.40
N ALA DC 42 -3.83 -148.74 251.23
CA ALA DC 42 -2.52 -148.34 250.72
C ALA DC 42 -2.58 -147.96 249.25
N LEU DC 43 -3.53 -148.54 248.50
CA LEU DC 43 -3.69 -148.21 247.10
C LEU DC 43 -4.18 -146.79 246.86
N LEU DC 44 -4.79 -146.15 247.86
CA LEU DC 44 -5.31 -144.79 247.66
C LEU DC 44 -4.21 -143.75 247.48
N ALA DC 45 -2.99 -144.01 247.96
CA ALA DC 45 -1.88 -143.11 247.68
C ALA DC 45 -1.46 -143.18 246.22
N ALA DC 46 -1.28 -144.39 245.71
CA ALA DC 46 -0.83 -144.58 244.32
C ALA DC 46 -1.92 -144.26 243.32
N TYR DC 47 -3.04 -144.99 243.38
CA TYR DC 47 -4.14 -144.80 242.44
C TYR DC 47 -4.59 -143.35 242.32
N GLN DC 48 -4.79 -142.68 243.46
CA GLN DC 48 -5.24 -141.29 243.40
C GLN DC 48 -4.18 -140.36 242.80
N SER DC 49 -2.90 -140.62 243.07
CA SER DC 49 -1.85 -139.85 242.42
C SER DC 49 -1.88 -140.04 240.92
N LYS DC 50 -2.00 -141.29 240.48
CA LYS DC 50 -2.03 -141.59 239.06
C LYS DC 50 -3.22 -140.94 238.37
N LEU DC 51 -4.40 -141.07 238.96
CA LEU DC 51 -5.59 -140.42 238.41
C LEU DC 51 -5.40 -138.91 238.28
N SER DC 52 -4.96 -138.25 239.35
CA SER DC 52 -4.77 -136.81 239.27
C SER DC 52 -3.74 -136.44 238.19
N GLU DC 53 -2.67 -137.23 238.08
CA GLU DC 53 -1.68 -137.01 237.04
C GLU DC 53 -2.28 -137.15 235.64
N TYR DC 54 -3.05 -138.21 235.41
CA TYR DC 54 -3.73 -138.40 234.14
C TYR DC 54 -4.63 -137.21 233.80
N ASN DC 55 -5.43 -136.77 234.77
CA ASN DC 55 -6.31 -135.63 234.56
C ASN DC 55 -5.54 -134.38 234.16
N LEU DC 56 -4.51 -134.02 234.94
CA LEU DC 56 -3.68 -132.87 234.60
C LEU DC 56 -3.06 -133.01 233.22
N TYR DC 57 -2.57 -134.21 232.89
CA TYR DC 57 -2.00 -134.50 231.58
C TYR DC 57 -2.99 -134.21 230.45
N ARG DC 58 -4.19 -134.75 230.55
CA ARG DC 58 -5.23 -134.48 229.54
C ARG DC 58 -5.54 -132.98 229.44
N ASN DC 59 -5.75 -132.32 230.57
CA ASN DC 59 -6.05 -130.89 230.53
C ASN DC 59 -4.95 -130.07 229.86
N ALA DC 60 -3.69 -130.43 230.07
CA ALA DC 60 -2.61 -129.67 229.45
C ALA DC 60 -2.66 -129.69 227.93
N GLN DC 61 -3.11 -130.79 227.34
CA GLN DC 61 -3.13 -130.91 225.88
C GLN DC 61 -4.09 -129.92 225.24
N SER DC 62 -5.37 -129.98 225.59
CA SER DC 62 -6.34 -129.03 225.04
C SER DC 62 -5.89 -127.58 225.23
N ASN DC 63 -5.50 -127.21 226.44
CA ASN DC 63 -5.04 -125.84 226.68
C ASN DC 63 -3.81 -125.48 225.86
N THR DC 64 -3.04 -126.45 225.39
CA THR DC 64 -1.94 -126.13 224.47
C THR DC 64 -2.43 -125.99 223.05
N VAL DC 65 -3.12 -127.02 222.57
CA VAL DC 65 -3.65 -127.09 221.22
C VAL DC 65 -4.45 -125.84 220.85
N LYS DC 66 -5.39 -125.44 221.71
CA LYS DC 66 -6.19 -124.26 221.38
C LYS DC 66 -5.31 -123.04 221.10
N VAL DC 67 -4.43 -122.70 222.05
CA VAL DC 67 -3.51 -121.58 221.85
C VAL DC 67 -2.79 -121.69 220.52
N PHE DC 68 -2.19 -122.85 220.25
CA PHE DC 68 -1.45 -123.03 219.00
C PHE DC 68 -2.32 -122.93 217.76
N LYS DC 69 -3.56 -123.37 217.83
CA LYS DC 69 -4.48 -123.26 216.71
C LYS DC 69 -4.79 -121.79 216.42
N ASP DC 70 -5.20 -121.06 217.45
CA ASP DC 70 -5.55 -119.66 217.27
C ASP DC 70 -4.36 -118.84 216.76
N ILE DC 71 -3.15 -119.15 217.24
CA ILE DC 71 -1.97 -118.44 216.73
C ILE DC 71 -1.91 -118.54 215.21
N ASP DC 72 -2.18 -119.73 214.67
CA ASP DC 72 -2.13 -119.92 213.23
C ASP DC 72 -3.30 -119.22 212.54
N ALA DC 73 -4.52 -119.47 213.03
CA ALA DC 73 -5.68 -118.83 212.44
C ALA DC 73 -5.51 -117.33 212.29
N ALA DC 74 -5.05 -116.66 213.35
CA ALA DC 74 -4.86 -115.21 213.30
C ALA DC 74 -3.95 -114.79 212.14
N ILE DC 75 -2.74 -115.35 212.08
CA ILE DC 75 -1.82 -115.00 211.00
C ILE DC 75 -2.37 -115.36 209.62
N ILE DC 76 -3.12 -116.46 209.51
CA ILE DC 76 -3.74 -116.77 208.23
C ILE DC 76 -4.72 -115.69 207.82
N GLN DC 77 -5.64 -115.33 208.71
CA GLN DC 77 -6.54 -114.21 208.38
C GLN DC 77 -5.76 -112.97 208.01
N ASN DC 78 -4.60 -112.76 208.65
CA ASN DC 78 -3.80 -111.59 208.33
C ASN DC 78 -3.41 -111.54 206.85
N PHE DC 79 -3.38 -112.69 206.16
CA PHE DC 79 -2.98 -112.68 204.76
C PHE DC 79 -3.89 -111.81 203.90
N ARG DC 80 -5.15 -111.66 204.30
CA ARG DC 80 -6.12 -111.00 203.44
C ARG DC 80 -5.87 -109.50 203.45
N PRO EC 4 20.68 -115.00 228.29
CA PRO EC 4 19.64 -115.14 227.27
C PRO EC 4 18.65 -113.97 227.25
N TRP EC 5 17.91 -113.84 226.17
CA TRP EC 5 16.90 -112.79 226.05
C TRP EC 5 15.78 -113.01 227.05
N SER EC 6 15.34 -111.92 227.69
CA SER EC 6 14.27 -111.96 228.67
C SER EC 6 13.27 -110.86 228.36
N GLY EC 7 11.98 -111.22 228.44
CA GLY EC 7 10.92 -110.28 228.13
C GLY EC 7 10.40 -109.55 229.36
N TYR EC 8 9.45 -108.67 229.11
CA TYR EC 8 8.76 -107.98 230.20
C TYR EC 8 8.02 -108.99 231.07
N LEU EC 9 7.45 -110.03 230.46
CA LEU EC 9 6.78 -111.06 231.24
C LEU EC 9 7.77 -111.79 232.14
N ASP EC 10 8.97 -112.05 231.60
CA ASP EC 10 10.04 -112.64 232.40
C ASP EC 10 10.42 -111.76 233.58
N ASP EC 11 10.60 -110.46 233.34
CA ASP EC 11 10.85 -109.53 234.44
C ASP EC 11 9.76 -109.58 235.50
N VAL EC 12 8.50 -109.59 235.07
CA VAL EC 12 7.38 -109.70 236.00
C VAL EC 12 7.49 -110.95 236.87
N SER EC 13 7.78 -112.10 236.25
CA SER EC 13 8.01 -113.34 237.00
C SER EC 13 9.22 -113.22 237.93
N ALA EC 14 10.32 -112.69 237.42
CA ALA EC 14 11.53 -112.51 238.21
C ALA EC 14 11.27 -111.66 239.45
N LYS EC 15 10.38 -110.67 239.38
CA LYS EC 15 10.08 -109.91 240.58
C LYS EC 15 9.65 -110.82 241.72
N PHE EC 16 8.87 -111.86 241.41
CA PHE EC 16 8.49 -112.84 242.43
C PHE EC 16 9.65 -113.75 242.81
N ASP EC 17 10.28 -114.36 241.81
CA ASP EC 17 11.40 -115.26 242.10
C ASP EC 17 12.49 -114.60 242.95
N THR EC 18 12.78 -113.33 242.74
CA THR EC 18 13.73 -112.60 243.57
C THR EC 18 13.12 -112.07 244.86
N GLY EC 19 11.80 -111.87 244.91
CA GLY EC 19 11.16 -111.46 246.15
C GLY EC 19 11.16 -112.56 247.19
N VAL EC 20 10.76 -113.76 246.78
CA VAL EC 20 10.85 -114.90 247.69
C VAL EC 20 12.30 -115.39 247.71
N ASP EC 21 13.07 -114.77 248.60
CA ASP EC 21 14.51 -115.02 248.72
C ASP EC 21 14.88 -116.50 248.67
N ASN EC 22 14.27 -117.30 249.54
CA ASN EC 22 14.64 -118.70 249.67
C ASN EC 22 13.43 -119.60 249.92
N LEU EC 23 12.21 -119.07 249.80
CA LEU EC 23 11.03 -119.82 250.21
C LEU EC 23 10.91 -121.16 249.51
N GLN EC 24 11.34 -121.28 248.25
CA GLN EC 24 11.28 -122.58 247.59
C GLN EC 24 12.12 -123.61 248.34
N THR EC 25 13.31 -123.21 248.76
CA THR EC 25 14.17 -124.11 249.53
C THR EC 25 13.55 -124.41 250.89
N GLN EC 26 13.03 -123.38 251.55
CA GLN EC 26 12.41 -123.59 252.85
C GLN EC 26 11.25 -124.56 252.78
N VAL EC 27 10.41 -124.43 251.76
CA VAL EC 27 9.28 -125.34 251.61
C VAL EC 27 9.75 -126.73 251.23
N THR EC 28 10.85 -126.84 250.49
CA THR EC 28 11.34 -128.17 250.17
C THR EC 28 11.89 -128.86 251.41
N GLU EC 29 12.64 -128.13 252.23
CA GLU EC 29 13.22 -128.69 253.45
C GLU EC 29 12.15 -129.03 254.48
N ALA EC 30 11.17 -128.15 254.65
CA ALA EC 30 10.19 -128.33 255.73
C ALA EC 30 9.44 -129.63 255.57
N LEU EC 31 8.98 -129.93 254.35
CA LEU EC 31 8.28 -131.18 254.10
C LEU EC 31 9.19 -132.39 254.24
N ASP EC 32 10.46 -132.27 253.84
CA ASP EC 32 11.38 -133.38 254.02
C ASP EC 32 11.61 -133.69 255.50
N LYS EC 33 11.75 -132.67 256.33
CA LYS EC 33 11.94 -132.91 257.76
C LYS EC 33 10.66 -133.31 258.46
N LEU EC 34 9.51 -132.86 257.97
CA LEU EC 34 8.24 -133.32 258.53
C LEU EC 34 7.97 -134.79 258.22
N ALA EC 35 7.98 -135.16 256.95
CA ALA EC 35 7.56 -136.50 256.56
C ALA EC 35 8.46 -137.60 257.11
N ALA EC 36 9.66 -137.26 257.59
CA ALA EC 36 10.48 -138.23 258.30
C ALA EC 36 9.85 -138.69 259.60
N LYS EC 37 9.03 -137.86 260.24
CA LYS EC 37 8.17 -138.26 261.36
C LYS EC 37 6.78 -137.71 261.13
N PRO EC 38 5.95 -138.42 260.36
CA PRO EC 38 4.62 -137.90 260.01
C PRO EC 38 3.75 -137.53 261.20
N SER EC 39 4.04 -138.03 262.39
CA SER EC 39 3.25 -137.73 263.57
C SER EC 39 3.72 -136.50 264.35
N ASP EC 40 4.84 -135.91 263.98
CA ASP EC 40 5.49 -134.95 264.86
C ASP EC 40 4.63 -133.70 265.06
N PRO EC 41 4.03 -133.50 266.25
CA PRO EC 41 3.19 -132.32 266.47
C PRO EC 41 4.00 -131.04 266.65
N ALA EC 42 5.33 -131.15 266.70
CA ALA EC 42 6.20 -129.98 266.65
C ALA EC 42 6.17 -129.32 265.29
N LEU EC 43 5.84 -130.07 264.26
CA LEU EC 43 5.87 -129.63 262.87
C LEU EC 43 4.51 -129.60 262.23
N LEU EC 44 3.63 -130.56 262.56
CA LEU EC 44 2.37 -130.68 261.84
C LEU EC 44 1.58 -129.38 261.83
N ALA EC 45 1.43 -128.75 263.00
CA ALA EC 45 0.71 -127.49 263.11
C ALA EC 45 1.49 -126.27 262.61
N ALA EC 46 2.80 -126.38 262.39
CA ALA EC 46 3.58 -125.26 261.88
C ALA EC 46 3.76 -125.26 260.37
N TYR EC 47 3.82 -126.44 259.75
CA TYR EC 47 4.16 -126.54 258.33
C TYR EC 47 3.13 -125.85 257.43
N GLN EC 48 1.84 -125.99 257.71
CA GLN EC 48 0.80 -125.61 256.76
C GLN EC 48 0.81 -124.12 256.42
N SER EC 49 1.36 -123.29 257.29
CA SER EC 49 1.60 -121.89 256.95
C SER EC 49 2.47 -121.76 255.71
N LYS EC 50 3.55 -122.54 255.64
CA LYS EC 50 4.50 -122.45 254.54
C LYS EC 50 3.86 -122.81 253.21
N LEU EC 51 3.09 -123.90 253.18
CA LEU EC 51 2.42 -124.29 251.94
C LEU EC 51 1.34 -123.28 251.55
N SER EC 52 0.66 -122.66 252.52
CA SER EC 52 -0.28 -121.61 252.17
C SER EC 52 0.45 -120.42 251.54
N GLU EC 53 1.54 -119.97 252.17
CA GLU EC 53 2.32 -118.87 251.62
C GLU EC 53 2.78 -119.17 250.20
N TYR EC 54 3.26 -120.38 249.96
CA TYR EC 54 3.71 -120.75 248.62
C TYR EC 54 2.57 -120.75 247.61
N ASN EC 55 1.45 -121.37 247.97
CA ASN EC 55 0.33 -121.43 247.03
C ASN EC 55 -0.17 -120.04 246.67
N LEU EC 56 -0.30 -119.15 247.65
CA LEU EC 56 -0.68 -117.76 247.38
C LEU EC 56 0.35 -117.02 246.53
N TYR EC 57 1.63 -117.28 246.76
CA TYR EC 57 2.67 -116.76 245.86
C TYR EC 57 2.44 -117.18 244.42
N ARG EC 58 2.26 -118.47 244.19
CA ARG EC 58 2.06 -118.95 242.82
C ARG EC 58 0.79 -118.38 242.19
N ASN EC 59 -0.29 -118.23 242.96
CA ASN EC 59 -1.48 -117.60 242.41
C ASN EC 59 -1.23 -116.15 241.99
N ALA EC 60 -0.65 -115.34 242.86
CA ALA EC 60 -0.36 -113.96 242.45
C ALA EC 60 0.54 -113.90 241.23
N GLN EC 61 1.58 -114.74 241.21
CA GLN EC 61 2.53 -114.75 240.10
C GLN EC 61 1.84 -115.10 238.79
N SER EC 62 0.98 -116.12 238.81
CA SER EC 62 0.31 -116.55 237.60
C SER EC 62 -0.74 -115.56 237.12
N ASN EC 63 -1.63 -115.10 238.01
CA ASN EC 63 -2.64 -114.15 237.58
C ASN EC 63 -2.04 -112.84 237.06
N THR EC 64 -0.99 -112.34 237.69
CA THR EC 64 -0.38 -111.09 237.22
C THR EC 64 0.04 -111.16 235.75
N VAL EC 65 0.83 -112.18 235.40
CA VAL EC 65 1.27 -112.35 234.01
C VAL EC 65 0.09 -112.41 233.07
N LYS EC 66 -0.95 -113.14 233.44
CA LYS EC 66 -2.18 -113.22 232.66
C LYS EC 66 -2.73 -111.84 232.32
N VAL EC 67 -3.03 -111.07 233.36
CA VAL EC 67 -3.55 -109.72 233.17
C VAL EC 67 -2.65 -108.88 232.27
N PHE EC 68 -1.34 -108.89 232.52
CA PHE EC 68 -0.43 -108.13 231.67
C PHE EC 68 -0.40 -108.61 230.23
N LYS EC 69 -0.58 -109.91 229.98
CA LYS EC 69 -0.68 -110.40 228.61
C LYS EC 69 -1.88 -109.78 227.93
N ASP EC 70 -3.04 -109.88 228.57
CA ASP EC 70 -4.27 -109.36 227.99
C ASP EC 70 -4.20 -107.87 227.73
N ILE EC 71 -3.56 -107.13 228.63
CA ILE EC 71 -3.39 -105.69 228.40
C ILE EC 71 -2.66 -105.41 227.09
N ASP EC 72 -1.66 -106.22 226.75
CA ASP EC 72 -0.91 -106.01 225.52
C ASP EC 72 -1.68 -106.48 224.29
N ALA EC 73 -2.21 -107.71 224.35
CA ALA EC 73 -2.86 -108.32 223.20
C ALA EC 73 -3.84 -107.37 222.51
N ALA EC 74 -4.67 -106.69 223.31
CA ALA EC 74 -5.59 -105.71 222.75
C ALA EC 74 -4.87 -104.63 221.94
N ILE EC 75 -3.89 -103.96 222.54
CA ILE EC 75 -3.21 -102.87 221.84
C ILE EC 75 -2.53 -103.38 220.58
N ILE EC 76 -1.97 -104.58 220.63
CA ILE EC 76 -1.34 -105.14 219.43
C ILE EC 76 -2.38 -105.37 218.34
N GLN EC 77 -3.53 -105.94 218.71
CA GLN EC 77 -4.59 -106.12 217.71
C GLN EC 77 -5.04 -104.79 217.15
N ASN EC 78 -5.06 -103.75 217.99
CA ASN EC 78 -5.43 -102.41 217.54
C ASN EC 78 -4.60 -101.91 216.37
N PHE EC 79 -3.47 -102.56 216.07
CA PHE EC 79 -2.68 -102.15 214.91
C PHE EC 79 -3.41 -102.42 213.60
N ARG EC 80 -4.26 -103.44 213.55
CA ARG EC 80 -5.02 -103.72 212.32
C ARG EC 80 -5.83 -102.49 211.94
N PRO FC 4 -0.78 -88.52 246.54
CA PRO FC 4 -0.59 -88.71 245.11
C PRO FC 4 -1.89 -88.94 244.35
N TRP FC 5 -1.77 -89.08 243.03
CA TRP FC 5 -2.93 -89.25 242.17
C TRP FC 5 -3.74 -90.47 242.59
N SER FC 6 -5.06 -90.33 242.55
CA SER FC 6 -5.97 -91.41 242.91
C SER FC 6 -7.02 -91.56 241.83
N GLY FC 7 -7.30 -92.80 241.45
CA GLY FC 7 -8.40 -93.11 240.57
C GLY FC 7 -9.75 -93.20 241.26
N TYR FC 8 -10.73 -93.58 240.45
CA TYR FC 8 -12.07 -93.83 240.96
C TYR FC 8 -12.09 -95.09 241.80
N LEU FC 9 -11.55 -96.19 241.27
CA LEU FC 9 -11.48 -97.42 242.04
C LEU FC 9 -10.74 -97.20 243.36
N ASP FC 10 -9.66 -96.42 243.31
CA ASP FC 10 -8.95 -96.02 244.53
C ASP FC 10 -9.88 -95.32 245.51
N ASP FC 11 -10.62 -94.32 245.04
CA ASP FC 11 -11.58 -93.64 245.91
C ASP FC 11 -12.60 -94.61 246.50
N VAL FC 12 -13.10 -95.54 245.68
CA VAL FC 12 -14.03 -96.55 246.17
C VAL FC 12 -13.40 -97.37 247.29
N SER FC 13 -12.13 -97.72 247.14
CA SER FC 13 -11.41 -98.38 248.23
C SER FC 13 -11.37 -97.51 249.48
N ALA FC 14 -11.02 -96.23 249.30
CA ALA FC 14 -10.99 -95.32 250.44
C ALA FC 14 -12.34 -95.26 251.14
N LYS FC 15 -13.44 -95.42 250.39
CA LYS FC 15 -14.75 -95.50 251.04
C LYS FC 15 -14.79 -96.57 252.11
N PHE FC 16 -14.21 -97.74 251.81
CA PHE FC 16 -14.11 -98.82 252.79
C PHE FC 16 -13.14 -98.46 253.92
N ASP FC 17 -11.96 -97.98 253.56
CA ASP FC 17 -10.98 -97.60 254.57
C ASP FC 17 -11.58 -96.64 255.60
N THR FC 18 -12.28 -95.60 255.14
CA THR FC 18 -12.98 -94.67 256.03
C THR FC 18 -14.31 -95.22 256.55
N GLY FC 19 -14.80 -96.33 256.02
CA GLY FC 19 -15.98 -96.97 256.57
C GLY FC 19 -15.59 -97.65 257.86
N VAL FC 20 -14.70 -98.63 257.76
CA VAL FC 20 -14.11 -99.24 258.97
C VAL FC 20 -12.80 -98.53 259.26
N ASP FC 21 -12.89 -97.37 259.91
CA ASP FC 21 -11.73 -96.50 260.12
C ASP FC 21 -10.55 -97.21 260.79
N ASN FC 22 -10.80 -97.99 261.84
CA ASN FC 22 -9.70 -98.53 262.63
C ASN FC 22 -9.78 -100.02 262.93
N LEU FC 23 -10.68 -100.75 262.27
CA LEU FC 23 -10.79 -102.19 262.48
C LEU FC 23 -9.43 -102.89 262.44
N GLN FC 24 -8.56 -102.45 261.53
CA GLN FC 24 -7.22 -103.05 261.40
C GLN FC 24 -6.46 -103.12 262.73
N THR FC 25 -6.43 -102.01 263.47
CA THR FC 25 -5.72 -102.03 264.74
C THR FC 25 -6.38 -102.93 265.75
N GLN FC 26 -7.70 -102.88 265.86
CA GLN FC 26 -8.38 -103.77 266.80
C GLN FC 26 -8.05 -105.23 266.48
N VAL FC 27 -8.01 -105.57 265.18
CA VAL FC 27 -7.67 -106.91 264.72
C VAL FC 27 -6.25 -107.29 265.12
N THR FC 28 -5.33 -106.35 265.11
CA THR FC 28 -3.96 -106.65 265.52
C THR FC 28 -3.81 -106.73 267.03
N GLU FC 29 -4.45 -105.79 267.74
CA GLU FC 29 -4.36 -105.79 269.19
C GLU FC 29 -4.95 -107.05 269.78
N ALA FC 30 -6.13 -107.46 269.32
CA ALA FC 30 -6.72 -108.67 269.90
C ALA FC 30 -5.79 -109.86 269.69
N LEU FC 31 -5.05 -109.88 268.59
CA LEU FC 31 -4.03 -110.89 268.36
C LEU FC 31 -2.95 -110.87 269.44
N ASP FC 32 -2.29 -109.72 269.57
CA ASP FC 32 -1.24 -109.59 270.59
C ASP FC 32 -1.73 -109.90 271.99
N LYS FC 33 -2.97 -109.52 272.30
CA LYS FC 33 -3.53 -109.77 273.63
C LYS FC 33 -3.81 -111.25 273.84
N LEU FC 34 -4.67 -111.83 273.00
CA LEU FC 34 -5.01 -113.24 273.11
C LEU FC 34 -3.77 -114.11 273.16
N ALA FC 35 -2.75 -113.80 272.37
CA ALA FC 35 -1.52 -114.59 272.41
C ALA FC 35 -0.94 -114.71 273.81
N ALA FC 36 -1.33 -113.83 274.75
CA ALA FC 36 -0.81 -113.93 276.11
C ALA FC 36 -1.24 -115.24 276.76
N LYS FC 37 -2.52 -115.60 276.62
CA LYS FC 37 -3.00 -116.88 277.10
C LYS FC 37 -4.21 -117.30 276.28
N PRO FC 38 -4.05 -118.27 275.38
CA PRO FC 38 -5.16 -118.69 274.51
C PRO FC 38 -6.46 -119.07 275.20
N SER FC 39 -6.48 -119.27 276.52
CA SER FC 39 -7.69 -119.76 277.18
C SER FC 39 -8.68 -118.68 277.58
N ASP FC 40 -8.38 -117.40 277.37
CA ASP FC 40 -9.33 -116.38 277.77
C ASP FC 40 -10.54 -116.40 276.84
N PRO FC 41 -11.73 -116.82 277.30
CA PRO FC 41 -12.88 -116.90 276.38
C PRO FC 41 -13.39 -115.53 275.96
N ALA FC 42 -13.17 -114.49 276.77
CA ALA FC 42 -13.63 -113.15 276.39
C ALA FC 42 -12.73 -112.60 275.29
N LEU FC 43 -11.43 -112.84 275.41
CA LEU FC 43 -10.52 -112.42 274.36
C LEU FC 43 -10.80 -113.24 273.11
N LEU FC 44 -11.15 -114.52 273.26
CA LEU FC 44 -11.49 -115.31 272.09
C LEU FC 44 -12.72 -114.75 271.39
N ALA FC 45 -13.69 -114.26 272.16
CA ALA FC 45 -14.88 -113.67 271.53
C ALA FC 45 -14.54 -112.38 270.80
N ALA FC 46 -13.71 -111.53 271.42
CA ALA FC 46 -13.31 -110.30 270.75
C ALA FC 46 -12.51 -110.59 269.49
N TYR FC 47 -11.54 -111.51 269.60
CA TYR FC 47 -10.76 -111.97 268.48
C TYR FC 47 -11.65 -112.40 267.32
N GLN FC 48 -12.60 -113.30 267.60
CA GLN FC 48 -13.50 -113.77 266.55
C GLN FC 48 -14.31 -112.62 265.95
N SER FC 49 -14.83 -111.73 266.80
CA SER FC 49 -15.60 -110.60 266.30
C SER FC 49 -14.80 -109.79 265.28
N LYS FC 50 -13.63 -109.30 265.71
CA LYS FC 50 -12.82 -108.46 264.84
C LYS FC 50 -12.33 -109.20 263.60
N LEU FC 51 -11.89 -110.45 263.74
CA LEU FC 51 -11.45 -111.22 262.58
C LEU FC 51 -12.59 -111.41 261.58
N SER FC 52 -13.79 -111.63 262.07
CA SER FC 52 -14.96 -111.77 261.22
C SER FC 52 -15.23 -110.48 260.45
N GLU FC 53 -15.36 -109.37 261.18
CA GLU FC 53 -15.55 -108.08 260.54
C GLU FC 53 -14.47 -107.80 259.50
N TYR FC 54 -13.23 -108.20 259.77
CA TYR FC 54 -12.15 -108.04 258.80
C TYR FC 54 -12.39 -108.86 257.54
N ASN FC 55 -12.74 -110.14 257.71
CA ASN FC 55 -13.06 -111.00 256.58
C ASN FC 55 -14.12 -110.38 255.69
N LEU FC 56 -15.26 -109.99 256.28
CA LEU FC 56 -16.32 -109.36 255.51
C LEU FC 56 -15.87 -108.07 254.84
N TYR FC 57 -15.12 -107.24 255.56
CA TYR FC 57 -14.56 -106.01 254.99
C TYR FC 57 -13.80 -106.30 253.70
N ARG FC 58 -12.81 -107.19 253.76
CA ARG FC 58 -12.02 -107.52 252.57
C ARG FC 58 -12.87 -108.12 251.46
N ASN FC 59 -13.71 -109.11 251.77
CA ASN FC 59 -14.55 -109.73 250.76
C ASN FC 59 -15.41 -108.72 249.99
N ALA FC 60 -16.24 -107.99 250.72
CA ALA FC 60 -17.12 -107.00 250.08
C ALA FC 60 -16.34 -105.93 249.33
N GLN FC 61 -15.26 -105.42 249.93
CA GLN FC 61 -14.42 -104.44 249.25
C GLN FC 61 -13.94 -104.96 247.90
N SER FC 62 -13.39 -106.17 247.89
CA SER FC 62 -12.82 -106.70 246.65
C SER FC 62 -13.88 -106.87 245.58
N ASN FC 63 -14.99 -107.56 245.89
CA ASN FC 63 -15.96 -107.75 244.81
C ASN FC 63 -16.59 -106.44 244.37
N THR FC 64 -16.83 -105.50 245.29
CA THR FC 64 -17.34 -104.19 244.93
C THR FC 64 -16.42 -103.49 243.94
N VAL FC 65 -15.12 -103.54 244.20
CA VAL FC 65 -14.14 -102.98 243.28
C VAL FC 65 -14.23 -103.66 241.92
N LYS FC 66 -14.26 -104.98 241.92
CA LYS FC 66 -14.24 -105.73 240.66
C LYS FC 66 -15.45 -105.44 239.78
N VAL FC 67 -16.62 -105.24 240.39
CA VAL FC 67 -17.80 -104.99 239.56
C VAL FC 67 -17.71 -103.76 238.66
N PHE FC 68 -16.86 -102.78 238.99
CA PHE FC 68 -16.68 -101.64 238.10
C PHE FC 68 -15.92 -101.97 236.82
N LYS FC 69 -15.12 -103.04 236.81
CA LYS FC 69 -14.45 -103.45 235.59
C LYS FC 69 -15.43 -103.74 234.48
N ASP FC 70 -16.51 -104.45 234.77
CA ASP FC 70 -17.44 -104.81 233.70
C ASP FC 70 -17.96 -103.56 232.99
N ILE FC 71 -18.42 -102.58 233.75
CA ILE FC 71 -18.99 -101.38 233.14
C ILE FC 71 -17.93 -100.58 232.41
N ASP FC 72 -16.74 -100.42 233.00
CA ASP FC 72 -15.75 -99.61 232.31
C ASP FC 72 -15.25 -100.30 231.05
N ALA FC 73 -14.96 -101.59 231.13
CA ALA FC 73 -14.49 -102.30 229.95
C ALA FC 73 -15.52 -102.24 228.84
N ALA FC 74 -16.80 -102.45 229.18
CA ALA FC 74 -17.86 -102.42 228.18
C ALA FC 74 -17.95 -101.05 227.51
N ILE FC 75 -17.88 -99.97 228.29
CA ILE FC 75 -18.00 -98.65 227.68
C ILE FC 75 -16.78 -98.31 226.83
N ILE FC 76 -15.59 -98.65 227.32
CA ILE FC 76 -14.38 -98.40 226.52
C ILE FC 76 -14.41 -99.20 225.22
N GLN FC 77 -14.87 -100.44 225.29
CA GLN FC 77 -15.03 -101.26 224.09
C GLN FC 77 -16.01 -100.66 223.11
N ASN FC 78 -17.13 -100.12 223.60
CA ASN FC 78 -18.05 -99.49 222.67
C ASN FC 78 -17.43 -98.33 221.89
N PHE FC 79 -16.24 -97.86 222.25
CA PHE FC 79 -15.60 -96.86 221.39
C PHE FC 79 -15.27 -97.43 220.02
N ARG FC 80 -14.92 -98.70 219.95
CA ARG FC 80 -14.51 -99.31 218.70
C ARG FC 80 -15.57 -100.30 218.22
N PRO GC 4 -40.61 -91.82 245.01
CA PRO GC 4 -39.20 -91.77 244.65
C PRO GC 4 -38.85 -92.74 243.53
N TRP GC 5 -37.66 -92.59 242.94
CA TRP GC 5 -37.28 -93.44 241.82
C TRP GC 5 -37.18 -94.89 242.27
N SER GC 6 -37.55 -95.80 241.38
CA SER GC 6 -37.50 -97.23 241.66
C SER GC 6 -37.49 -97.98 240.33
N GLY GC 7 -37.37 -99.30 240.42
CA GLY GC 7 -37.31 -100.11 239.21
C GLY GC 7 -37.76 -101.53 239.43
N TYR GC 8 -37.88 -102.25 238.31
CA TYR GC 8 -38.45 -103.58 238.36
C TYR GC 8 -37.67 -104.48 239.28
N LEU GC 9 -36.33 -104.36 239.30
CA LEU GC 9 -35.59 -105.19 240.24
C LEU GC 9 -35.85 -104.79 241.68
N ASP GC 10 -36.14 -103.50 241.91
CA ASP GC 10 -36.63 -103.07 243.21
C ASP GC 10 -37.85 -103.88 243.61
N ASP GC 11 -38.85 -103.94 242.71
CA ASP GC 11 -40.01 -104.79 242.93
C ASP GC 11 -39.63 -106.24 243.22
N VAL GC 12 -38.77 -106.81 242.37
CA VAL GC 12 -38.30 -108.18 242.55
C VAL GC 12 -37.79 -108.42 243.97
N SER GC 13 -36.97 -107.51 244.47
CA SER GC 13 -36.45 -107.67 245.84
C SER GC 13 -37.52 -107.38 246.89
N ALA GC 14 -38.30 -106.32 246.71
CA ALA GC 14 -39.34 -105.96 247.66
C ALA GC 14 -40.41 -107.03 247.82
N LYS GC 15 -40.62 -107.88 246.83
CA LYS GC 15 -41.58 -108.97 247.01
C LYS GC 15 -41.23 -109.81 248.23
N PHE GC 16 -39.94 -110.03 248.48
CA PHE GC 16 -39.50 -110.74 249.68
C PHE GC 16 -39.80 -109.94 250.94
N ASP GC 17 -39.34 -108.70 250.99
CA ASP GC 17 -39.54 -107.85 252.16
C ASP GC 17 -41.02 -107.71 252.51
N THR GC 18 -41.88 -107.57 251.51
CA THR GC 18 -43.32 -107.51 251.73
C THR GC 18 -43.95 -108.90 251.86
N GLY GC 19 -43.18 -109.95 251.63
CA GLY GC 19 -43.68 -111.30 251.76
C GLY GC 19 -43.55 -111.70 253.20
N VAL GC 20 -42.40 -111.46 253.81
CA VAL GC 20 -42.19 -111.76 255.22
C VAL GC 20 -42.69 -110.52 255.97
N ASP GC 21 -43.98 -110.59 256.33
CA ASP GC 21 -44.66 -109.49 257.00
C ASP GC 21 -43.98 -109.05 258.29
N ASN GC 22 -43.61 -110.01 259.13
CA ASN GC 22 -43.09 -109.72 260.46
C ASN GC 22 -41.73 -110.33 260.79
N LEU GC 23 -41.23 -111.27 259.99
CA LEU GC 23 -40.18 -112.19 260.42
C LEU GC 23 -38.94 -111.48 260.98
N GLN GC 24 -38.46 -110.42 260.32
CA GLN GC 24 -37.26 -109.74 260.80
C GLN GC 24 -37.42 -109.21 262.22
N THR GC 25 -38.54 -108.56 262.50
CA THR GC 25 -38.69 -108.00 263.84
C THR GC 25 -39.18 -109.04 264.83
N GLN GC 26 -39.85 -110.10 264.38
CA GLN GC 26 -40.01 -111.26 265.25
C GLN GC 26 -38.65 -111.75 265.73
N VAL GC 27 -37.69 -111.88 264.82
CA VAL GC 27 -36.35 -112.32 265.19
C VAL GC 27 -35.71 -111.34 266.17
N THR GC 28 -35.86 -110.04 265.90
CA THR GC 28 -35.33 -109.03 266.82
C THR GC 28 -35.93 -109.20 268.21
N GLU GC 29 -37.25 -109.38 268.29
CA GLU GC 29 -37.92 -109.62 269.57
C GLU GC 29 -37.39 -110.88 270.24
N ALA GC 30 -37.27 -111.97 269.49
CA ALA GC 30 -36.72 -113.21 270.03
C ALA GC 30 -35.35 -113.00 270.66
N LEU GC 31 -34.50 -112.23 269.99
CA LEU GC 31 -33.19 -111.93 270.54
C LEU GC 31 -33.29 -111.04 271.77
N ASP GC 32 -34.11 -109.99 271.72
CA ASP GC 32 -34.29 -109.14 272.88
C ASP GC 32 -34.82 -109.91 274.09
N LYS GC 33 -35.55 -110.99 273.86
CA LYS GC 33 -35.99 -111.84 274.96
C LYS GC 33 -34.86 -112.73 275.48
N LEU GC 34 -34.22 -113.49 274.58
CA LEU GC 34 -33.12 -114.36 274.99
C LEU GC 34 -31.99 -113.58 275.67
N ALA GC 35 -31.75 -112.34 275.27
CA ALA GC 35 -30.65 -111.58 275.83
C ALA GC 35 -30.68 -111.51 277.35
N ALA GC 36 -31.83 -111.72 277.98
CA ALA GC 36 -31.91 -111.65 279.43
C ALA GC 36 -31.76 -113.00 280.13
N LYS GC 37 -32.01 -114.11 279.43
CA LYS GC 37 -31.99 -115.44 280.06
C LYS GC 37 -31.48 -116.47 279.06
N PRO GC 38 -30.18 -116.79 279.11
CA PRO GC 38 -29.60 -117.77 278.17
C PRO GC 38 -30.09 -119.21 278.24
N SER GC 39 -30.97 -119.56 279.19
CA SER GC 39 -31.31 -120.97 279.42
C SER GC 39 -32.77 -121.34 279.22
N ASP GC 40 -33.63 -120.41 278.81
CA ASP GC 40 -35.04 -120.75 278.65
C ASP GC 40 -35.32 -121.47 277.34
N PRO GC 41 -35.90 -122.67 277.36
CA PRO GC 41 -36.17 -123.37 276.10
C PRO GC 41 -37.09 -122.58 275.18
N ALA GC 42 -38.03 -121.79 275.73
CA ALA GC 42 -38.88 -121.00 274.85
C ALA GC 42 -38.07 -119.93 274.13
N LEU GC 43 -36.96 -119.50 274.74
CA LEU GC 43 -36.06 -118.53 274.14
C LEU GC 43 -35.03 -119.20 273.24
N LEU GC 44 -34.90 -120.52 273.33
CA LEU GC 44 -33.98 -121.28 272.47
C LEU GC 44 -34.66 -121.81 271.20
N ALA GC 45 -35.69 -122.63 271.38
CA ALA GC 45 -36.32 -123.32 270.24
C ALA GC 45 -36.93 -122.34 269.25
N ALA GC 46 -37.86 -121.51 269.72
CA ALA GC 46 -38.48 -120.51 268.85
C ALA GC 46 -37.44 -119.61 268.21
N TYR GC 47 -36.45 -119.19 268.99
CA TYR GC 47 -35.35 -118.41 268.46
C TYR GC 47 -34.70 -119.07 267.26
N GLN GC 48 -34.16 -120.28 267.46
CA GLN GC 48 -33.51 -121.00 266.35
C GLN GC 48 -34.46 -121.25 265.19
N SER GC 49 -35.76 -121.44 265.46
CA SER GC 49 -36.73 -121.62 264.38
C SER GC 49 -36.83 -120.37 263.50
N LYS GC 50 -37.07 -119.23 264.13
CA LYS GC 50 -37.15 -117.99 263.36
C LYS GC 50 -35.82 -117.63 262.72
N LEU GC 51 -34.70 -117.98 263.35
CA LEU GC 51 -33.41 -117.76 262.71
C LEU GC 51 -33.29 -118.58 261.43
N SER GC 52 -33.71 -119.83 261.45
CA SER GC 52 -33.72 -120.65 260.24
C SER GC 52 -34.62 -120.05 259.16
N GLU GC 53 -35.86 -119.69 259.53
CA GLU GC 53 -36.75 -119.05 258.57
C GLU GC 53 -36.13 -117.81 257.93
N TYR GC 54 -35.58 -116.91 258.76
CA TYR GC 54 -34.89 -115.72 258.26
C TYR GC 54 -33.74 -116.06 257.32
N ASN GC 55 -32.89 -117.00 257.71
CA ASN GC 55 -31.81 -117.43 256.83
C ASN GC 55 -32.31 -117.91 255.48
N LEU GC 56 -33.29 -118.83 255.48
CA LEU GC 56 -33.89 -119.28 254.24
C LEU GC 56 -34.43 -118.13 253.39
N TYR GC 57 -35.16 -117.21 254.02
CA TYR GC 57 -35.64 -116.01 253.36
C TYR GC 57 -34.53 -115.23 252.65
N ARG GC 58 -33.51 -114.81 253.40
CA ARG GC 58 -32.39 -114.08 252.81
C ARG GC 58 -31.72 -114.87 251.70
N ASN GC 59 -31.52 -116.17 251.87
CA ASN GC 59 -30.85 -116.95 250.84
C ASN GC 59 -31.68 -117.04 249.57
N ALA GC 60 -32.97 -117.35 249.69
CA ALA GC 60 -33.85 -117.36 248.54
C ALA GC 60 -33.83 -116.02 247.81
N GLN GC 61 -33.89 -114.92 248.56
CA GLN GC 61 -33.77 -113.59 247.95
C GLN GC 61 -32.49 -113.45 247.13
N SER GC 62 -31.34 -113.73 247.74
CA SER GC 62 -30.08 -113.54 247.05
C SER GC 62 -29.95 -114.42 245.82
N ASN GC 63 -30.48 -115.64 245.88
CA ASN GC 63 -30.38 -116.51 244.72
C ASN GC 63 -31.33 -116.07 243.61
N THR GC 64 -32.61 -115.88 243.93
CA THR GC 64 -33.60 -115.55 242.92
C THR GC 64 -33.28 -114.24 242.20
N VAL GC 65 -32.85 -113.21 242.94
CA VAL GC 65 -32.64 -111.91 242.28
C VAL GC 65 -31.53 -111.93 241.23
N LYS GC 66 -30.48 -112.72 241.43
CA LYS GC 66 -29.38 -112.74 240.46
C LYS GC 66 -29.80 -113.29 239.10
N VAL GC 67 -30.70 -114.27 239.07
CA VAL GC 67 -31.19 -114.82 237.81
C VAL GC 67 -31.71 -113.74 236.87
N PHE GC 68 -32.42 -112.74 237.40
CA PHE GC 68 -32.92 -111.69 236.50
C PHE GC 68 -31.84 -110.73 236.05
N LYS GC 69 -30.74 -110.66 236.79
CA LYS GC 69 -29.61 -109.86 236.33
C LYS GC 69 -28.94 -110.58 235.16
N ASP GC 70 -28.75 -111.88 235.30
CA ASP GC 70 -28.13 -112.64 234.21
C ASP GC 70 -29.01 -112.62 232.95
N ILE GC 71 -30.32 -112.80 233.13
CA ILE GC 71 -31.26 -112.72 232.01
C ILE GC 71 -31.16 -111.37 231.29
N ASP GC 72 -31.19 -110.28 232.06
CA ASP GC 72 -31.12 -108.97 231.41
C ASP GC 72 -29.78 -108.79 230.71
N ALA GC 73 -28.69 -109.24 231.32
CA ALA GC 73 -27.39 -109.10 230.66
C ALA GC 73 -27.38 -109.84 229.33
N ALA GC 74 -27.99 -111.04 229.29
CA ALA GC 74 -28.09 -111.78 228.04
C ALA GC 74 -28.89 -111.03 226.98
N ILE GC 75 -29.98 -110.38 227.41
CA ILE GC 75 -30.77 -109.61 226.44
C ILE GC 75 -29.97 -108.42 225.92
N ILE GC 76 -29.27 -107.71 226.80
CA ILE GC 76 -28.49 -106.58 226.33
C ILE GC 76 -27.38 -107.06 225.41
N GLN GC 77 -26.76 -108.20 225.73
CA GLN GC 77 -25.75 -108.78 224.87
C GLN GC 77 -26.30 -109.03 223.47
N ASN GC 78 -27.56 -109.43 223.36
CA ASN GC 78 -28.14 -109.59 222.03
C ASN GC 78 -28.28 -108.30 221.24
N PHE GC 79 -27.92 -107.14 221.80
CA PHE GC 79 -27.85 -105.90 221.01
C PHE GC 79 -26.55 -105.79 220.22
N ARG GC 80 -25.45 -106.27 220.79
CA ARG GC 80 -24.14 -106.17 220.18
C ARG GC 80 -24.15 -106.82 218.80
N PRO HC 4 -53.01 -125.73 232.99
CA PRO HC 4 -52.09 -124.63 232.74
C PRO HC 4 -50.92 -125.04 231.87
N TRP HC 5 -50.18 -124.06 231.36
CA TRP HC 5 -48.99 -124.38 230.57
C TRP HC 5 -47.96 -125.13 231.40
N SER HC 6 -47.32 -126.12 230.78
CA SER HC 6 -46.29 -126.90 231.42
C SER HC 6 -45.21 -127.22 230.40
N GLY HC 7 -43.97 -127.27 230.88
CA GLY HC 7 -42.79 -127.38 230.03
C GLY HC 7 -42.25 -128.79 229.96
N TYR HC 8 -40.92 -128.88 230.05
CA TYR HC 8 -40.17 -130.12 230.17
C TYR HC 8 -39.68 -130.35 231.59
N LEU HC 9 -39.11 -129.31 232.20
CA LEU HC 9 -38.51 -129.45 233.52
C LEU HC 9 -39.55 -129.81 234.57
N ASP HC 10 -40.71 -129.16 234.52
CA ASP HC 10 -41.82 -129.48 235.43
C ASP HC 10 -42.35 -130.89 235.21
N ASP HC 11 -42.27 -131.40 233.98
CA ASP HC 11 -42.67 -132.79 233.75
C ASP HC 11 -41.65 -133.76 234.34
N VAL HC 12 -40.37 -133.52 234.10
CA VAL HC 12 -39.34 -134.34 234.74
C VAL HC 12 -39.52 -134.32 236.26
N SER HC 13 -39.76 -133.14 236.82
CA SER HC 13 -40.09 -133.05 238.24
C SER HC 13 -41.29 -133.92 238.61
N ALA HC 14 -42.39 -133.78 237.87
CA ALA HC 14 -43.57 -134.62 238.11
C ALA HC 14 -43.25 -136.11 238.07
N LYS HC 15 -42.22 -136.51 237.33
CA LYS HC 15 -41.81 -137.91 237.37
C LYS HC 15 -41.56 -138.37 238.80
N PHE HC 16 -40.93 -137.53 239.61
CA PHE HC 16 -40.70 -137.83 241.01
C PHE HC 16 -42.00 -137.91 241.80
N ASP HC 17 -42.87 -136.91 241.66
CA ASP HC 17 -44.12 -136.94 242.42
C ASP HC 17 -44.96 -138.17 242.04
N THR HC 18 -44.93 -138.58 240.78
CA THR HC 18 -45.61 -139.79 240.36
C THR HC 18 -44.84 -141.05 240.74
N GLY HC 19 -43.61 -140.90 241.22
CA GLY HC 19 -42.84 -141.99 241.77
C GLY HC 19 -43.23 -142.21 243.22
N VAL HC 20 -43.07 -141.17 244.03
CA VAL HC 20 -43.44 -141.22 245.45
C VAL HC 20 -44.92 -140.85 245.47
N ASP HC 21 -45.74 -141.90 245.39
CA ASP HC 21 -47.19 -141.72 245.26
C ASP HC 21 -47.80 -140.96 246.44
N ASN HC 22 -47.40 -141.31 247.66
CA ASN HC 22 -48.03 -140.74 248.85
C ASN HC 22 -47.05 -140.27 249.93
N LEU HC 23 -45.75 -140.41 249.71
CA LEU HC 23 -44.77 -140.05 250.74
C LEU HC 23 -45.03 -138.67 251.34
N GLN HC 24 -45.39 -137.68 250.50
CA GLN HC 24 -45.68 -136.34 251.00
C GLN HC 24 -46.71 -136.34 252.11
N THR HC 25 -47.80 -137.10 251.95
CA THR HC 25 -48.83 -137.21 252.98
C THR HC 25 -48.40 -138.12 254.14
N GLN HC 26 -47.84 -139.28 253.80
CA GLN HC 26 -47.39 -140.22 254.83
C GLN HC 26 -46.44 -139.56 255.84
N VAL HC 27 -45.49 -138.77 255.35
CA VAL HC 27 -44.59 -138.03 256.24
C VAL HC 27 -45.38 -137.13 257.18
N THR HC 28 -46.33 -136.38 256.63
CA THR HC 28 -47.11 -135.46 257.44
C THR HC 28 -47.90 -136.18 258.52
N GLU HC 29 -48.57 -137.27 258.16
CA GLU HC 29 -49.39 -137.98 259.14
C GLU HC 29 -48.54 -138.71 260.18
N ALA HC 30 -47.42 -139.30 259.77
CA ALA HC 30 -46.53 -139.95 260.73
C ALA HC 30 -45.94 -138.96 261.72
N LEU HC 31 -45.49 -137.79 261.24
CA LEU HC 31 -45.04 -136.76 262.17
C LEU HC 31 -46.16 -136.25 263.06
N ASP HC 32 -47.34 -136.02 262.49
CA ASP HC 32 -48.43 -135.48 263.29
C ASP HC 32 -48.84 -136.43 264.41
N LYS HC 33 -48.88 -137.74 264.14
CA LYS HC 33 -49.17 -138.69 265.21
C LYS HC 33 -48.02 -138.83 266.21
N LEU HC 34 -46.77 -138.80 265.74
CA LEU HC 34 -45.66 -138.78 266.69
C LEU HC 34 -45.75 -137.58 267.62
N ALA HC 35 -45.97 -136.40 267.07
CA ALA HC 35 -46.12 -135.19 267.89
C ALA HC 35 -47.34 -135.26 268.80
N ALA HC 36 -48.40 -135.93 268.37
CA ALA HC 36 -49.57 -136.10 269.21
C ALA HC 36 -49.37 -137.12 270.33
N LYS HC 37 -48.46 -138.07 270.15
CA LYS HC 37 -48.22 -139.10 271.18
C LYS HC 37 -46.73 -139.44 271.26
N PRO HC 38 -45.90 -138.47 271.66
CA PRO HC 38 -44.44 -138.65 271.57
C PRO HC 38 -43.90 -139.83 272.36
N SER HC 39 -44.65 -140.36 273.33
CA SER HC 39 -44.18 -141.40 274.22
C SER HC 39 -43.99 -142.76 273.56
N ASP HC 40 -44.43 -142.96 272.32
CA ASP HC 40 -44.36 -144.29 271.72
C ASP HC 40 -43.26 -144.34 270.68
N PRO HC 41 -42.22 -145.18 270.88
CA PRO HC 41 -41.15 -145.29 269.87
C PRO HC 41 -41.60 -145.79 268.51
N ALA HC 42 -42.74 -146.48 268.43
CA ALA HC 42 -43.22 -146.91 267.12
C ALA HC 42 -43.48 -145.72 266.21
N LEU HC 43 -43.89 -144.59 266.80
CA LEU HC 43 -44.10 -143.38 266.00
C LEU HC 43 -42.76 -142.77 265.58
N LEU HC 44 -41.73 -142.90 266.40
CA LEU HC 44 -40.39 -142.50 265.95
C LEU HC 44 -39.92 -143.34 264.79
N ALA HC 45 -40.06 -144.66 264.90
CA ALA HC 45 -39.73 -145.55 263.79
C ALA HC 45 -40.46 -145.15 262.51
N ALA HC 46 -41.78 -144.97 262.59
CA ALA HC 46 -42.56 -144.50 261.43
C ALA HC 46 -42.02 -143.18 260.90
N TYR HC 47 -41.90 -142.19 261.77
CA TYR HC 47 -41.41 -140.87 261.40
C TYR HC 47 -40.09 -140.96 260.64
N GLN HC 48 -39.11 -141.67 261.20
CA GLN HC 48 -37.85 -141.85 260.49
C GLN HC 48 -38.04 -142.54 259.15
N SER HC 49 -38.81 -143.62 259.13
CA SER HC 49 -39.05 -144.36 257.90
C SER HC 49 -39.60 -143.48 256.79
N LYS HC 50 -40.37 -142.46 257.14
CA LYS HC 50 -40.90 -141.54 256.11
C LYS HC 50 -39.96 -140.35 255.82
N LEU HC 51 -39.61 -139.59 256.86
CA LEU HC 51 -38.76 -138.41 256.68
C LEU HC 51 -37.43 -138.74 256.01
N SER HC 52 -36.80 -139.85 256.39
CA SER HC 52 -35.52 -140.22 255.78
C SER HC 52 -35.65 -140.34 254.27
N GLU HC 53 -36.76 -140.87 253.79
CA GLU HC 53 -36.97 -141.03 252.36
C GLU HC 53 -37.32 -139.69 251.70
N TYR HC 54 -38.19 -138.93 252.35
CA TYR HC 54 -38.62 -137.63 251.83
C TYR HC 54 -37.43 -136.68 251.63
N ASN HC 55 -36.53 -136.62 252.62
CA ASN HC 55 -35.36 -135.75 252.53
C ASN HC 55 -34.55 -135.97 251.27
N LEU HC 56 -34.33 -137.23 250.89
CA LEU HC 56 -33.57 -137.49 249.67
C LEU HC 56 -34.43 -137.33 248.42
N TYR HC 57 -35.71 -137.65 248.51
CA TYR HC 57 -36.63 -137.43 247.39
C TYR HC 57 -36.61 -136.00 246.88
N ARG HC 58 -36.81 -135.04 247.78
CA ARG HC 58 -36.85 -133.64 247.32
C ARG HC 58 -35.51 -133.16 246.75
N ASN HC 59 -34.41 -133.57 247.35
CA ASN HC 59 -33.11 -133.13 246.84
C ASN HC 59 -32.81 -133.74 245.48
N ALA HC 60 -32.97 -135.05 245.34
CA ALA HC 60 -32.78 -135.68 244.04
C ALA HC 60 -33.61 -135.00 242.96
N GLN HC 61 -34.89 -134.74 243.25
CA GLN HC 61 -35.76 -134.04 242.31
C GLN HC 61 -35.20 -132.69 241.88
N SER HC 62 -34.94 -131.82 242.85
CA SER HC 62 -34.44 -130.49 242.51
C SER HC 62 -33.10 -130.53 241.76
N ASN HC 63 -32.16 -131.37 242.20
CA ASN HC 63 -30.90 -131.50 241.48
C ASN HC 63 -31.09 -131.95 240.04
N THR HC 64 -31.91 -132.97 239.82
CA THR HC 64 -32.16 -133.42 238.43
C THR HC 64 -32.76 -132.31 237.57
N VAL HC 65 -33.73 -131.56 238.11
CA VAL HC 65 -34.28 -130.42 237.38
C VAL HC 65 -33.18 -129.44 237.00
N LYS HC 66 -32.34 -129.08 237.97
CA LYS HC 66 -31.21 -128.20 237.74
C LYS HC 66 -30.32 -128.71 236.61
N VAL HC 67 -29.92 -129.98 236.70
CA VAL HC 67 -29.09 -130.61 235.68
C VAL HC 67 -29.69 -130.47 234.28
N PHE HC 68 -30.93 -130.92 234.10
CA PHE HC 68 -31.52 -130.81 232.76
C PHE HC 68 -31.65 -129.37 232.28
N LYS HC 69 -31.94 -128.43 233.18
CA LYS HC 69 -31.93 -127.02 232.81
C LYS HC 69 -30.57 -126.64 232.25
N ASP HC 70 -29.51 -127.07 232.93
CA ASP HC 70 -28.15 -126.79 232.48
C ASP HC 70 -27.83 -127.50 231.19
N ILE HC 71 -28.53 -128.58 230.87
CA ILE HC 71 -28.29 -129.26 229.60
C ILE HC 71 -28.88 -128.45 228.46
N ASP HC 72 -30.05 -127.85 228.67
CA ASP HC 72 -30.64 -127.02 227.63
C ASP HC 72 -29.86 -125.72 227.45
N ALA HC 73 -29.42 -125.12 228.56
CA ALA HC 73 -28.63 -123.90 228.51
C ALA HC 73 -27.43 -124.05 227.57
N ALA HC 74 -26.74 -125.19 227.65
CA ALA HC 74 -25.60 -125.45 226.77
C ALA HC 74 -25.97 -125.39 225.30
N ILE HC 75 -27.23 -125.67 224.95
CA ILE HC 75 -27.63 -125.60 223.56
C ILE HC 75 -28.01 -124.18 223.17
N ILE HC 76 -28.71 -123.47 224.05
CA ILE HC 76 -29.01 -122.08 223.71
C ILE HC 76 -27.71 -121.30 223.53
N GLN HC 77 -26.73 -121.54 224.40
CA GLN HC 77 -25.40 -120.97 224.26
C GLN HC 77 -24.71 -121.38 222.96
N ASN HC 78 -25.24 -122.37 222.24
CA ASN HC 78 -24.63 -122.83 221.00
C ASN HC 78 -25.50 -122.58 219.79
N PHE HC 79 -26.65 -121.94 219.96
CA PHE HC 79 -27.45 -121.58 218.79
C PHE HC 79 -26.91 -120.36 218.08
N ARG HC 80 -26.12 -119.54 218.76
CA ARG HC 80 -25.49 -118.39 218.13
C ARG HC 80 -24.68 -118.85 216.94
N PRO IC 4 -27.25 -153.86 224.55
CA PRO IC 4 -27.45 -152.43 224.79
C PRO IC 4 -26.16 -151.60 224.68
N TRP IC 5 -26.34 -150.35 224.29
CA TRP IC 5 -25.24 -149.41 224.19
C TRP IC 5 -24.58 -149.20 225.56
N SER IC 6 -23.27 -148.95 225.53
CA SER IC 6 -22.51 -148.74 226.76
C SER IC 6 -21.27 -147.93 226.42
N GLY IC 7 -20.90 -147.03 227.34
CA GLY IC 7 -19.73 -146.20 227.19
C GLY IC 7 -18.62 -146.51 228.19
N TYR IC 8 -17.65 -145.59 228.23
CA TYR IC 8 -16.52 -145.71 229.13
C TYR IC 8 -16.90 -145.62 230.60
N LEU IC 9 -17.78 -144.69 230.95
CA LEU IC 9 -18.24 -144.62 232.34
C LEU IC 9 -19.03 -145.87 232.72
N ASP IC 10 -19.86 -146.38 231.81
CA ASP IC 10 -20.48 -147.69 232.03
C ASP IC 10 -19.42 -148.75 232.28
N ASP IC 11 -18.34 -148.73 231.49
CA ASP IC 11 -17.25 -149.68 231.69
C ASP IC 11 -16.63 -149.56 233.08
N VAL IC 12 -16.37 -148.35 233.54
CA VAL IC 12 -15.92 -148.11 234.92
C VAL IC 12 -16.89 -148.74 235.92
N SER IC 13 -18.18 -148.46 235.75
CA SER IC 13 -19.21 -149.03 236.59
C SER IC 13 -19.12 -150.55 236.63
N ALA IC 14 -19.10 -151.18 235.45
CA ALA IC 14 -19.00 -152.63 235.39
C ALA IC 14 -17.70 -153.13 235.99
N LYS IC 15 -16.61 -152.37 235.87
CA LYS IC 15 -15.36 -152.78 236.50
C LYS IC 15 -15.55 -152.90 238.00
N PHE IC 16 -16.14 -151.89 238.62
CA PHE IC 16 -16.47 -151.95 240.04
C PHE IC 16 -17.40 -153.12 240.36
N ASP IC 17 -18.51 -153.23 239.64
CA ASP IC 17 -19.50 -154.26 239.93
C ASP IC 17 -18.95 -155.67 239.75
N THR IC 18 -18.05 -155.88 238.79
CA THR IC 18 -17.40 -157.16 238.65
C THR IC 18 -16.23 -157.32 239.60
N GLY IC 19 -15.78 -156.22 240.22
CA GLY IC 19 -14.79 -156.33 241.27
C GLY IC 19 -15.43 -156.92 242.50
N VAL IC 20 -16.61 -156.40 242.85
CA VAL IC 20 -17.36 -156.94 243.99
C VAL IC 20 -18.07 -158.18 243.46
N ASP IC 21 -17.47 -159.34 243.72
CA ASP IC 21 -17.98 -160.60 243.17
C ASP IC 21 -19.43 -160.86 243.56
N ASN IC 22 -19.73 -160.77 244.85
CA ASN IC 22 -21.08 -161.11 245.31
C ASN IC 22 -21.47 -160.29 246.54
N LEU IC 23 -20.68 -159.29 246.92
CA LEU IC 23 -20.92 -158.58 248.16
C LEU IC 23 -22.35 -158.07 248.28
N GLN IC 24 -22.99 -157.68 247.17
CA GLN IC 24 -24.36 -157.21 247.28
C GLN IC 24 -25.25 -158.27 247.91
N THR IC 25 -25.12 -159.52 247.47
CA THR IC 25 -25.93 -160.60 248.02
C THR IC 25 -25.45 -160.98 249.41
N GLN IC 26 -24.13 -160.99 249.61
CA GLN IC 26 -23.60 -161.36 250.91
C GLN IC 26 -24.15 -160.43 251.98
N VAL IC 27 -24.09 -159.13 251.72
CA VAL IC 27 -24.59 -158.14 252.66
C VAL IC 27 -26.10 -158.24 252.81
N THR IC 28 -26.82 -158.48 251.71
CA THR IC 28 -28.27 -158.56 251.81
C THR IC 28 -28.70 -159.73 252.69
N GLU IC 29 -28.17 -160.92 252.44
CA GLU IC 29 -28.59 -162.05 253.26
C GLU IC 29 -27.98 -162.01 254.66
N ALA IC 30 -26.82 -161.37 254.84
CA ALA IC 30 -26.29 -161.22 256.18
C ALA IC 30 -27.18 -160.32 257.02
N LEU IC 31 -27.79 -159.32 256.38
CA LEU IC 31 -28.77 -158.50 257.08
C LEU IC 31 -30.06 -159.27 257.30
N ASP IC 32 -30.49 -160.04 256.29
CA ASP IC 32 -31.72 -160.79 256.38
C ASP IC 32 -31.69 -161.84 257.49
N LYS IC 33 -30.52 -162.40 257.78
CA LYS IC 33 -30.45 -163.35 258.89
C LYS IC 33 -30.58 -162.64 260.24
N LEU IC 34 -30.03 -161.43 260.35
CA LEU IC 34 -30.14 -160.68 261.60
C LEU IC 34 -31.54 -160.12 261.80
N ALA IC 35 -32.22 -159.74 260.72
CA ALA IC 35 -33.54 -159.14 260.82
C ALA IC 35 -34.54 -159.98 261.60
N ALA IC 36 -34.30 -161.28 261.76
CA ALA IC 36 -35.23 -162.12 262.51
C ALA IC 36 -34.99 -162.12 264.02
N LYS IC 37 -33.80 -161.74 264.47
CA LYS IC 37 -33.47 -161.77 265.91
C LYS IC 37 -32.40 -160.72 266.20
N PRO IC 38 -32.82 -159.46 266.30
CA PRO IC 38 -31.85 -158.35 266.46
C PRO IC 38 -30.93 -158.43 267.68
N SER IC 39 -31.32 -159.12 268.75
CA SER IC 39 -30.52 -159.11 269.97
C SER IC 39 -29.32 -160.05 269.95
N ASP IC 40 -29.23 -160.97 268.98
CA ASP IC 40 -28.09 -161.89 268.94
C ASP IC 40 -26.88 -161.21 268.31
N PRO IC 41 -25.77 -161.03 269.04
CA PRO IC 41 -24.60 -160.34 268.47
C PRO IC 41 -23.86 -161.16 267.42
N ALA IC 42 -23.96 -162.49 267.46
CA ALA IC 42 -23.25 -163.30 266.49
C ALA IC 42 -23.75 -163.09 265.07
N LEU IC 43 -24.97 -162.57 264.90
CA LEU IC 43 -25.49 -162.26 263.57
C LEU IC 43 -25.05 -160.89 263.07
N LEU IC 44 -24.59 -160.02 263.95
CA LEU IC 44 -24.21 -158.65 263.63
C LEU IC 44 -22.70 -158.46 263.50
N ALA IC 45 -21.93 -159.13 264.37
CA ALA IC 45 -20.49 -158.88 264.40
C ALA IC 45 -19.83 -159.18 263.07
N ALA IC 46 -20.36 -160.12 262.28
CA ALA IC 46 -19.81 -160.39 260.97
C ALA IC 46 -20.51 -159.57 259.87
N TYR IC 47 -21.74 -159.15 260.12
CA TYR IC 47 -22.48 -158.34 259.15
C TYR IC 47 -21.87 -156.96 258.98
N GLN IC 48 -21.56 -156.31 260.09
CA GLN IC 48 -21.04 -154.95 260.05
C GLN IC 48 -19.79 -154.83 259.20
N SER IC 49 -18.92 -155.85 259.22
CA SER IC 49 -17.69 -155.78 258.44
C SER IC 49 -17.98 -155.76 256.93
N LYS IC 50 -18.93 -156.57 256.48
CA LYS IC 50 -19.23 -156.59 255.05
C LYS IC 50 -19.99 -155.34 254.65
N LEU IC 51 -20.85 -154.82 255.54
CA LEU IC 51 -21.51 -153.57 255.24
C LEU IC 51 -20.48 -152.44 255.08
N SER IC 52 -19.43 -152.46 255.89
CA SER IC 52 -18.39 -151.43 255.76
C SER IC 52 -17.63 -151.58 254.45
N GLU IC 53 -17.22 -152.80 254.11
CA GLU IC 53 -16.60 -153.02 252.81
C GLU IC 53 -17.49 -152.52 251.67
N TYR IC 54 -18.79 -152.80 251.75
CA TYR IC 54 -19.72 -152.34 250.73
C TYR IC 54 -19.82 -150.82 250.68
N ASN IC 55 -19.74 -150.17 251.83
CA ASN IC 55 -19.76 -148.71 251.82
C ASN IC 55 -18.52 -148.14 251.15
N LEU IC 56 -17.34 -148.70 251.46
CA LEU IC 56 -16.12 -148.28 250.77
C LEU IC 56 -16.24 -148.50 249.26
N TYR IC 57 -16.77 -149.65 248.86
CA TYR IC 57 -17.02 -149.95 247.46
C TYR IC 57 -17.86 -148.89 246.76
N ARG IC 58 -18.99 -148.53 247.37
CA ARG IC 58 -19.87 -147.57 246.70
C ARG IC 58 -19.31 -146.17 246.72
N ASN IC 59 -18.64 -145.78 247.80
CA ASN IC 59 -18.01 -144.46 247.84
C ASN IC 59 -16.97 -144.31 246.73
N ALA IC 60 -16.01 -145.23 246.68
CA ALA IC 60 -15.00 -145.21 245.63
C ALA IC 60 -15.62 -145.25 244.23
N GLN IC 61 -16.58 -146.15 244.00
CA GLN IC 61 -17.24 -146.23 242.69
C GLN IC 61 -17.86 -144.91 242.28
N SER IC 62 -18.77 -144.37 243.09
CA SER IC 62 -19.43 -143.11 242.76
C SER IC 62 -18.44 -141.97 242.57
N ASN IC 63 -17.47 -141.83 243.48
CA ASN IC 63 -16.46 -140.78 243.32
C ASN IC 63 -15.69 -140.93 242.03
N THR IC 64 -15.31 -142.15 241.66
CA THR IC 64 -14.63 -142.38 240.40
C THR IC 64 -15.45 -141.90 239.20
N VAL IC 65 -16.72 -142.31 239.15
CA VAL IC 65 -17.61 -141.83 238.09
C VAL IC 65 -17.64 -140.31 238.06
N LYS IC 66 -18.01 -139.71 239.20
CA LYS IC 66 -18.09 -138.27 239.33
C LYS IC 66 -16.85 -137.56 238.79
N VAL IC 67 -15.67 -138.04 239.15
CA VAL IC 67 -14.44 -137.36 238.73
C VAL IC 67 -14.16 -137.62 237.25
N PHE IC 68 -14.16 -138.87 236.81
CA PHE IC 68 -13.79 -139.18 235.44
C PHE IC 68 -14.74 -138.55 234.42
N LYS IC 69 -16.02 -138.41 234.74
CA LYS IC 69 -16.96 -137.76 233.85
C LYS IC 69 -16.42 -136.45 233.27
N ASP IC 70 -16.04 -135.53 234.15
CA ASP IC 70 -15.64 -134.18 233.73
C ASP IC 70 -14.32 -134.10 232.99
N ILE IC 71 -13.43 -135.08 233.12
CA ILE IC 71 -12.18 -135.02 232.36
C ILE IC 71 -12.45 -134.85 230.87
N ASP IC 72 -13.44 -135.57 230.33
CA ASP IC 72 -13.79 -135.43 228.91
C ASP IC 72 -14.38 -134.06 228.59
N ALA IC 73 -15.29 -133.58 229.42
CA ALA IC 73 -15.85 -132.25 229.24
C ALA IC 73 -14.76 -131.18 229.18
N ALA IC 74 -13.81 -131.27 230.10
CA ALA IC 74 -12.69 -130.33 230.12
C ALA IC 74 -11.86 -130.37 228.84
N ILE IC 75 -12.03 -131.40 228.00
CA ILE IC 75 -11.40 -131.43 226.69
C ILE IC 75 -12.31 -130.84 225.62
N ILE IC 76 -13.54 -131.33 225.59
CA ILE IC 76 -14.53 -130.87 224.61
C ILE IC 76 -14.65 -129.35 224.61
N GLN IC 77 -14.95 -128.79 225.79
CA GLN IC 77 -15.17 -127.35 225.90
C GLN IC 77 -14.10 -126.51 225.21
N ASN IC 78 -12.82 -126.86 225.37
CA ASN IC 78 -11.75 -126.07 224.80
C ASN IC 78 -11.74 -125.98 223.27
N PHE IC 79 -12.41 -126.86 222.54
CA PHE IC 79 -12.30 -126.72 221.08
C PHE IC 79 -13.27 -125.70 220.51
N ARG IC 80 -14.18 -125.14 221.30
CA ARG IC 80 -15.10 -124.12 220.79
C ARG IC 80 -14.33 -123.05 220.05
N PRO JC 4 9.42 -148.66 235.08
CA PRO JC 4 8.35 -147.85 235.66
C PRO JC 4 8.60 -146.36 235.55
N TRP JC 5 7.54 -145.56 235.70
CA TRP JC 5 7.63 -144.11 235.59
C TRP JC 5 6.78 -143.47 236.68
N SER JC 6 7.27 -142.34 237.20
CA SER JC 6 6.61 -141.59 238.24
C SER JC 6 6.54 -140.13 237.82
N GLY JC 7 5.51 -139.45 238.29
CA GLY JC 7 5.36 -138.02 238.09
C GLY JC 7 5.95 -137.19 239.21
N TYR JC 8 5.20 -136.18 239.64
CA TYR JC 8 5.55 -135.36 240.79
C TYR JC 8 4.66 -135.59 242.00
N LEU JC 9 3.36 -135.76 241.81
CA LEU JC 9 2.47 -135.97 242.95
C LEU JC 9 2.81 -137.26 243.68
N ASP JC 10 3.13 -138.31 242.92
CA ASP JC 10 3.59 -139.58 243.47
C ASP JC 10 4.98 -139.53 244.08
N ASP JC 11 5.88 -138.71 243.53
CA ASP JC 11 7.18 -138.54 244.18
C ASP JC 11 7.09 -137.70 245.44
N VAL JC 12 6.08 -136.84 245.56
CA VAL JC 12 5.75 -136.25 246.85
C VAL JC 12 5.21 -137.31 247.81
N SER JC 13 4.24 -138.10 247.35
CA SER JC 13 3.68 -139.16 248.18
C SER JC 13 4.74 -140.15 248.70
N ALA JC 14 5.74 -140.46 247.88
CA ALA JC 14 6.82 -141.33 248.32
C ALA JC 14 7.67 -140.76 249.45
N LYS JC 15 7.54 -139.47 249.75
CA LYS JC 15 8.29 -138.93 250.89
C LYS JC 15 7.84 -139.54 252.21
N PHE JC 16 6.57 -139.87 252.35
CA PHE JC 16 6.11 -140.61 253.52
C PHE JC 16 6.70 -142.01 253.57
N ASP JC 17 6.56 -142.76 252.48
CA ASP JC 17 7.06 -144.13 252.44
C ASP JC 17 8.56 -144.21 252.66
N THR JC 18 9.31 -143.21 252.22
CA THR JC 18 10.74 -143.14 252.50
C THR JC 18 11.06 -142.48 253.84
N GLY JC 19 10.09 -141.86 254.49
CA GLY JC 19 10.29 -141.28 255.81
C GLY JC 19 10.13 -142.32 256.90
N VAL JC 20 9.04 -143.08 256.84
CA VAL JC 20 8.81 -144.18 257.78
C VAL JC 20 9.09 -145.49 257.06
N ASP JC 21 10.01 -146.27 257.63
CA ASP JC 21 10.70 -147.32 256.88
C ASP JC 21 9.87 -148.61 256.79
N ASN JC 22 9.13 -148.94 257.83
CA ASN JC 22 8.46 -150.23 257.91
C ASN JC 22 7.03 -150.13 258.43
N LEU JC 23 6.50 -148.93 258.63
CA LEU JC 23 5.31 -148.74 259.44
C LEU JC 23 4.15 -149.62 258.95
N GLN JC 24 3.96 -149.72 257.64
CA GLN JC 24 2.87 -150.55 257.13
C GLN JC 24 3.05 -152.04 257.46
N THR JC 25 4.29 -152.52 257.60
CA THR JC 25 4.51 -153.87 258.12
C THR JC 25 4.39 -153.93 259.65
N GLN JC 26 4.93 -152.93 260.33
CA GLN JC 26 4.93 -152.94 261.78
C GLN JC 26 3.51 -152.87 262.33
N VAL JC 27 2.59 -152.26 261.58
CA VAL JC 27 1.17 -152.37 261.88
C VAL JC 27 0.71 -153.82 261.89
N THR JC 28 1.18 -154.61 260.94
CA THR JC 28 0.79 -156.02 260.90
C THR JC 28 1.41 -156.78 262.06
N GLU JC 29 2.62 -156.39 262.45
CA GLU JC 29 3.24 -156.99 263.63
C GLU JC 29 2.48 -156.64 264.91
N ALA JC 30 2.07 -155.38 265.04
CA ALA JC 30 1.28 -154.93 266.19
C ALA JC 30 -0.11 -155.58 266.22
N LEU JC 31 -0.62 -155.99 265.07
CA LEU JC 31 -1.85 -156.78 265.06
C LEU JC 31 -1.58 -158.23 265.46
N ASP JC 32 -0.54 -158.86 264.91
CA ASP JC 32 -0.28 -160.27 265.19
C ASP JC 32 0.10 -160.50 266.65
N LYS JC 33 0.95 -159.64 267.21
CA LYS JC 33 1.31 -159.78 268.62
C LYS JC 33 0.10 -159.66 269.52
N LEU JC 34 -0.74 -158.65 269.29
CA LEU JC 34 -1.98 -158.54 270.06
C LEU JC 34 -2.82 -159.79 269.91
N ALA JC 35 -3.06 -160.24 268.67
CA ALA JC 35 -3.83 -161.45 268.44
C ALA JC 35 -3.23 -162.65 269.17
N ALA JC 36 -1.93 -162.61 269.50
CA ALA JC 36 -1.34 -163.71 270.26
C ALA JC 36 -1.85 -163.73 271.70
N LYS JC 37 -2.05 -162.57 272.31
CA LYS JC 37 -2.53 -162.49 273.70
C LYS JC 37 -3.38 -161.23 273.85
N PRO JC 38 -4.62 -161.26 273.34
CA PRO JC 38 -5.49 -160.08 273.39
C PRO JC 38 -5.65 -159.46 274.78
N SER JC 39 -5.42 -160.24 275.83
CA SER JC 39 -5.63 -159.77 277.19
C SER JC 39 -4.47 -158.96 277.75
N ASP JC 40 -3.34 -158.89 277.06
CA ASP JC 40 -2.19 -158.15 277.59
C ASP JC 40 -2.38 -156.64 277.40
N PRO JC 41 -2.40 -155.84 278.47
CA PRO JC 41 -2.51 -154.40 278.28
C PRO JC 41 -1.29 -153.81 277.61
N ALA JC 42 -0.13 -154.43 277.77
CA ALA JC 42 1.06 -153.95 277.08
C ALA JC 42 0.91 -154.09 275.57
N LEU JC 43 0.34 -155.21 275.13
CA LEU JC 43 0.08 -155.41 273.71
C LEU JC 43 -1.01 -154.48 273.20
N LEU JC 44 -2.09 -154.30 273.98
CA LEU JC 44 -3.10 -153.33 273.58
C LEU JC 44 -2.51 -151.93 273.43
N ALA JC 45 -1.68 -151.51 274.38
CA ALA JC 45 -1.01 -150.21 274.28
C ALA JC 45 -0.14 -150.10 273.03
N ALA JC 46 0.70 -151.11 272.79
CA ALA JC 46 1.53 -151.12 271.58
C ALA JC 46 0.66 -151.02 270.32
N TYR JC 47 -0.37 -151.85 270.24
CA TYR JC 47 -1.31 -151.79 269.12
C TYR JC 47 -1.88 -150.39 268.91
N GLN JC 48 -2.49 -149.82 269.95
CA GLN JC 48 -3.05 -148.46 269.83
C GLN JC 48 -2.00 -147.43 269.43
N SER JC 49 -0.76 -147.58 269.91
CA SER JC 49 0.32 -146.66 269.54
C SER JC 49 0.64 -146.74 268.04
N LYS JC 50 0.92 -147.94 267.56
CA LYS JC 50 1.22 -148.07 266.13
C LYS JC 50 -0.01 -147.79 265.27
N LEU JC 51 -1.21 -147.98 265.81
CA LEU JC 51 -2.43 -147.56 265.13
C LEU JC 51 -2.43 -146.07 264.89
N SER JC 52 -2.12 -145.30 265.93
CA SER JC 52 -2.08 -143.84 265.81
C SER JC 52 -1.01 -143.42 264.81
N GLU JC 53 0.18 -144.02 264.91
CA GLU JC 53 1.24 -143.72 263.95
C GLU JC 53 0.80 -144.00 262.51
N TYR JC 54 0.17 -145.15 262.26
CA TYR JC 54 -0.27 -145.49 260.91
C TYR JC 54 -1.38 -144.56 260.42
N ASN JC 55 -2.33 -144.23 261.29
CA ASN JC 55 -3.39 -143.30 260.93
C ASN JC 55 -2.83 -141.94 260.54
N LEU JC 56 -1.89 -141.41 261.34
CA LEU JC 56 -1.27 -140.12 261.01
C LEU JC 56 -0.39 -140.21 259.77
N TYR JC 57 0.24 -141.34 259.53
CA TYR JC 57 0.93 -141.59 258.26
C TYR JC 57 -0.01 -141.54 257.05
N ARG JC 58 -1.19 -142.17 257.17
CA ARG JC 58 -2.13 -142.19 256.04
C ARG JC 58 -2.90 -140.89 255.83
N ASN JC 59 -3.38 -140.25 256.89
CA ASN JC 59 -4.25 -139.09 256.75
C ASN JC 59 -3.54 -137.83 256.23
N ALA JC 60 -2.23 -137.70 256.43
CA ALA JC 60 -1.51 -136.58 255.82
C ALA JC 60 -1.27 -136.72 254.32
N GLN JC 61 -1.17 -137.93 253.79
CA GLN JC 61 -0.63 -138.11 252.45
C GLN JC 61 -1.57 -137.62 251.35
N SER JC 62 -2.80 -138.12 251.33
CA SER JC 62 -3.77 -137.61 250.37
C SER JC 62 -4.10 -136.15 250.60
N ASN JC 63 -4.21 -135.73 251.86
CA ASN JC 63 -4.54 -134.33 252.11
C ASN JC 63 -3.46 -133.41 251.53
N THR JC 64 -2.19 -133.81 251.66
CA THR JC 64 -1.10 -133.03 251.06
C THR JC 64 -1.15 -133.03 249.54
N VAL JC 65 -1.40 -134.19 248.95
CA VAL JC 65 -1.48 -134.29 247.49
C VAL JC 65 -2.62 -133.44 246.92
N LYS JC 66 -3.73 -133.38 247.64
CA LYS JC 66 -4.85 -132.56 247.20
C LYS JC 66 -4.53 -131.08 247.12
N VAL JC 67 -3.44 -130.62 247.75
CA VAL JC 67 -3.00 -129.24 247.52
C VAL JC 67 -2.25 -129.11 246.20
N PHE JC 68 -1.34 -130.04 245.88
CA PHE JC 68 -0.63 -129.90 244.63
C PHE JC 68 -1.58 -130.07 243.44
N LYS JC 69 -2.66 -130.81 243.64
CA LYS JC 69 -3.70 -130.89 242.61
C LYS JC 69 -4.09 -129.51 242.10
N ASP JC 70 -4.42 -128.60 243.02
CA ASP JC 70 -4.86 -127.27 242.63
C ASP JC 70 -3.69 -126.38 242.27
N ILE JC 71 -2.54 -126.59 242.91
CA ILE JC 71 -1.37 -125.79 242.58
C ILE JC 71 -1.04 -125.95 241.10
N ASP JC 72 -1.23 -127.15 240.55
CA ASP JC 72 -1.02 -127.34 239.12
C ASP JC 72 -2.23 -126.94 238.28
N ALA JC 73 -3.44 -127.35 238.70
CA ALA JC 73 -4.62 -127.08 237.89
C ALA JC 73 -4.84 -125.59 237.65
N ALA JC 74 -4.60 -124.74 238.64
CA ALA JC 74 -4.75 -123.31 238.44
C ALA JC 74 -3.84 -122.77 237.36
N ILE JC 75 -2.61 -123.28 237.28
CA ILE JC 75 -1.71 -122.80 236.23
C ILE JC 75 -2.11 -123.39 234.88
N ILE JC 76 -2.49 -124.66 234.84
CA ILE JC 76 -2.98 -125.24 233.60
C ILE JC 76 -4.13 -124.43 233.04
N GLN JC 77 -5.05 -123.98 233.91
CA GLN JC 77 -6.10 -123.09 233.43
C GLN JC 77 -5.54 -121.73 233.00
N ASN JC 78 -4.54 -121.22 233.73
CA ASN JC 78 -3.98 -119.91 233.40
C ASN JC 78 -3.47 -119.81 231.97
N PHE JC 79 -3.29 -120.92 231.25
CA PHE JC 79 -2.83 -120.84 229.88
C PHE JC 79 -3.82 -120.11 228.97
N ARG JC 80 -5.10 -120.14 229.30
CA ARG JC 80 -6.08 -119.41 228.50
C ARG JC 80 -5.85 -117.91 228.63
N PRO KC 4 16.72 -115.74 257.27
CA PRO KC 4 15.85 -116.48 256.34
C PRO KC 4 14.63 -115.68 255.94
N TRP KC 5 13.97 -116.10 254.86
CA TRP KC 5 12.78 -115.39 254.42
C TRP KC 5 11.62 -115.70 255.36
N SER KC 6 10.78 -114.70 255.60
CA SER KC 6 9.64 -114.85 256.48
C SER KC 6 8.50 -113.97 255.99
N GLY KC 7 7.27 -114.35 256.35
CA GLY KC 7 6.11 -113.73 255.75
C GLY KC 7 4.99 -113.47 256.75
N TYR KC 8 3.80 -113.13 256.24
CA TYR KC 8 2.72 -112.67 257.11
C TYR KC 8 2.15 -113.80 257.96
N LEU KC 9 2.00 -114.98 257.37
CA LEU KC 9 1.43 -116.09 258.10
C LEU KC 9 2.44 -116.72 259.03
N ASP KC 10 3.67 -116.91 258.57
CA ASP KC 10 4.67 -117.55 259.41
C ASP KC 10 5.16 -116.61 260.51
N ASP KC 11 5.07 -115.30 260.28
CA ASP KC 11 5.28 -114.34 261.37
C ASP KC 11 4.14 -114.35 262.38
N VAL KC 12 2.89 -114.49 261.92
CA VAL KC 12 1.81 -114.62 262.90
C VAL KC 12 1.97 -115.92 263.70
N SER KC 13 2.34 -117.00 263.03
CA SER KC 13 2.64 -118.25 263.72
C SER KC 13 3.77 -118.09 264.74
N ALA KC 14 4.82 -117.36 264.39
CA ALA KC 14 5.89 -117.11 265.36
C ALA KC 14 5.39 -116.27 266.54
N LYS KC 15 4.51 -115.29 266.27
CA LYS KC 15 3.86 -114.58 267.37
C LYS KC 15 3.12 -115.54 268.32
N PHE KC 16 2.41 -116.50 267.75
CA PHE KC 16 1.72 -117.50 268.56
C PHE KC 16 2.67 -118.40 269.32
N ASP KC 17 3.83 -118.70 268.75
CA ASP KC 17 4.84 -119.47 269.47
C ASP KC 17 5.39 -118.67 270.65
N THR KC 18 5.96 -117.49 270.35
CA THR KC 18 6.61 -116.69 271.39
C THR KC 18 5.66 -116.30 272.50
N GLY KC 19 4.42 -115.92 272.16
CA GLY KC 19 3.47 -115.62 273.21
C GLY KC 19 3.18 -116.77 274.15
N VAL KC 20 3.28 -118.01 273.65
CA VAL KC 20 3.02 -119.19 274.46
C VAL KC 20 4.30 -119.82 275.01
N ASP KC 21 5.47 -119.21 274.77
CA ASP KC 21 6.75 -119.78 275.20
C ASP KC 21 6.72 -120.41 276.59
N ASN KC 22 6.09 -119.71 277.54
CA ASN KC 22 5.99 -120.22 278.91
C ASN KC 22 5.25 -121.56 278.98
N LEU KC 23 4.01 -121.60 278.50
CA LEU KC 23 3.21 -122.82 278.56
C LEU KC 23 3.80 -123.95 277.71
N GLN KC 24 4.19 -123.64 276.47
CA GLN KC 24 4.84 -124.64 275.63
C GLN KC 24 6.15 -125.13 276.22
N THR KC 25 6.74 -124.39 277.15
CA THR KC 25 7.91 -124.88 277.87
C THR KC 25 7.51 -125.80 279.02
N GLN KC 26 6.60 -125.33 279.88
CA GLN KC 26 6.13 -126.14 281.00
C GLN KC 26 5.67 -127.51 280.54
N VAL KC 27 4.89 -127.58 279.46
CA VAL KC 27 4.37 -128.85 278.99
C VAL KC 27 5.49 -129.79 278.54
N THR KC 28 6.64 -129.25 278.17
CA THR KC 28 7.79 -130.10 277.85
C THR KC 28 8.27 -130.90 279.06
N GLU KC 29 7.90 -130.48 280.26
CA GLU KC 29 8.43 -131.03 281.49
C GLU KC 29 7.38 -131.64 282.39
N ALA KC 30 6.14 -131.16 282.32
CA ALA KC 30 5.07 -131.71 283.14
C ALA KC 30 4.89 -133.20 282.93
N LEU KC 31 5.22 -133.72 281.74
CA LEU KC 31 5.33 -135.16 281.57
C LEU KC 31 6.50 -135.73 282.35
N ASP KC 32 7.67 -135.10 282.26
CA ASP KC 32 8.92 -135.80 282.57
C ASP KC 32 8.92 -136.42 283.96
N LYS KC 33 8.37 -135.71 284.94
CA LYS KC 33 8.29 -136.22 286.31
C LYS KC 33 7.39 -137.45 286.42
N LEU KC 34 6.26 -137.47 285.72
CA LEU KC 34 5.40 -138.64 285.78
C LEU KC 34 5.83 -139.74 284.82
N ALA KC 35 6.61 -139.39 283.81
CA ALA KC 35 7.26 -140.38 282.95
C ALA KC 35 8.34 -141.12 283.72
N ALA KC 36 8.94 -140.48 284.71
CA ALA KC 36 9.85 -141.18 285.63
C ALA KC 36 9.11 -141.83 286.79
N LYS KC 37 8.05 -141.21 287.31
CA LYS KC 37 7.31 -141.73 288.47
C LYS KC 37 5.83 -141.52 288.20
N PRO KC 38 5.22 -142.40 287.40
CA PRO KC 38 3.79 -142.28 287.06
C PRO KC 38 2.80 -142.23 288.21
N SER KC 39 3.24 -142.31 289.46
CA SER KC 39 2.34 -142.43 290.60
C SER KC 39 2.28 -141.20 291.49
N ASP KC 40 2.52 -139.99 290.96
CA ASP KC 40 2.53 -138.83 291.82
C ASP KC 40 1.17 -138.14 291.79
N PRO KC 41 0.40 -138.18 292.88
CA PRO KC 41 -0.97 -137.61 292.86
C PRO KC 41 -1.05 -136.10 292.81
N ALA KC 42 -0.01 -135.39 293.27
CA ALA KC 42 -0.07 -133.93 293.33
C ALA KC 42 -0.23 -133.30 291.95
N LEU KC 43 0.47 -133.81 290.95
CA LEU KC 43 0.80 -133.02 289.76
C LEU KC 43 -0.16 -133.20 288.60
N LEU KC 44 -1.05 -134.19 288.67
CA LEU KC 44 -1.76 -134.63 287.46
C LEU KC 44 -2.74 -133.58 286.95
N ALA KC 45 -3.50 -132.94 287.84
CA ALA KC 45 -4.36 -131.83 287.44
C ALA KC 45 -3.58 -130.71 286.75
N ALA KC 46 -2.42 -130.33 287.29
CA ALA KC 46 -1.59 -129.31 286.64
C ALA KC 46 -1.14 -129.75 285.26
N TYR KC 47 -0.56 -130.94 285.18
CA TYR KC 47 -0.17 -131.51 283.89
C TYR KC 47 -1.31 -131.46 282.88
N GLN KC 48 -2.46 -132.02 283.25
CA GLN KC 48 -3.66 -131.98 282.39
C GLN KC 48 -4.03 -130.57 281.96
N SER KC 49 -4.08 -129.64 282.90
CA SER KC 49 -4.41 -128.24 282.59
C SER KC 49 -3.47 -127.65 281.55
N LYS KC 50 -2.16 -127.70 281.81
CA LYS KC 50 -1.20 -127.14 280.86
C LYS KC 50 -1.24 -127.86 279.51
N LEU KC 51 -1.34 -129.18 279.51
CA LEU KC 51 -1.51 -129.91 278.25
C LEU KC 51 -2.74 -129.43 277.47
N SER KC 52 -3.86 -129.28 278.15
CA SER KC 52 -5.07 -128.75 277.52
C SER KC 52 -4.83 -127.37 276.90
N GLU KC 53 -4.33 -126.43 277.70
CA GLU KC 53 -4.04 -125.10 277.17
C GLU KC 53 -3.05 -125.13 276.00
N TYR KC 54 -2.09 -126.05 276.02
CA TYR KC 54 -1.19 -126.24 274.88
C TYR KC 54 -1.91 -126.72 273.63
N ASN KC 55 -2.82 -127.68 273.77
CA ASN KC 55 -3.63 -128.09 272.63
C ASN KC 55 -4.49 -126.94 272.11
N LEU KC 56 -5.08 -126.15 273.01
CA LEU KC 56 -5.81 -124.97 272.59
C LEU KC 56 -4.91 -123.99 271.85
N TYR KC 57 -3.72 -123.74 272.38
CA TYR KC 57 -2.65 -123.05 271.67
C TYR KC 57 -2.47 -123.49 270.22
N ARG KC 58 -2.26 -124.78 270.00
CA ARG KC 58 -2.07 -125.27 268.64
C ARG KC 58 -3.33 -125.12 267.79
N ASN KC 59 -4.50 -125.32 268.38
CA ASN KC 59 -5.75 -125.16 267.63
C ASN KC 59 -5.96 -123.71 267.19
N ALA KC 60 -5.68 -122.77 268.09
CA ALA KC 60 -5.79 -121.37 267.76
C ALA KC 60 -4.79 -120.97 266.69
N GLN KC 61 -3.53 -121.38 266.85
CA GLN KC 61 -2.52 -120.98 265.87
C GLN KC 61 -2.87 -121.50 264.47
N SER KC 62 -3.04 -122.82 264.35
CA SER KC 62 -3.25 -123.39 263.02
C SER KC 62 -4.56 -122.92 262.37
N ASN KC 63 -5.62 -122.76 263.16
CA ASN KC 63 -6.85 -122.22 262.57
C ASN KC 63 -6.76 -120.74 262.25
N THR KC 64 -6.05 -119.95 263.07
CA THR KC 64 -5.78 -118.56 262.71
C THR KC 64 -5.10 -118.47 261.36
N VAL KC 65 -4.08 -119.29 261.14
CA VAL KC 65 -3.41 -119.29 259.84
C VAL KC 65 -4.38 -119.66 258.73
N LYS KC 66 -5.09 -120.78 258.89
CA LYS KC 66 -5.98 -121.25 257.82
C LYS KC 66 -7.11 -120.27 257.52
N VAL KC 67 -7.53 -119.48 258.49
CA VAL KC 67 -8.59 -118.49 258.29
C VAL KC 67 -8.25 -117.49 257.19
N PHE KC 68 -6.99 -117.06 257.10
CA PHE KC 68 -6.61 -116.11 256.07
C PHE KC 68 -6.77 -116.64 254.65
N LYS KC 69 -6.91 -117.95 254.47
CA LYS KC 69 -7.03 -118.49 253.11
C LYS KC 69 -8.24 -117.90 252.39
N ASP KC 70 -9.37 -117.75 253.10
CA ASP KC 70 -10.57 -117.18 252.50
C ASP KC 70 -10.36 -115.75 252.03
N ILE KC 71 -9.52 -115.01 252.72
CA ILE KC 71 -9.30 -113.60 252.41
C ILE KC 71 -8.34 -113.49 251.24
N ASP KC 72 -7.10 -113.95 251.47
CA ASP KC 72 -6.06 -113.79 250.45
C ASP KC 72 -6.38 -114.52 249.16
N ALA KC 73 -6.76 -115.79 249.22
CA ALA KC 73 -7.09 -116.51 247.99
C ALA KC 73 -8.19 -115.81 247.21
N ALA KC 74 -9.25 -115.41 247.90
CA ALA KC 74 -10.36 -114.70 247.27
C ALA KC 74 -9.90 -113.41 246.58
N ILE KC 75 -9.19 -112.55 247.31
CA ILE KC 75 -8.73 -111.30 246.70
C ILE KC 75 -7.81 -111.56 245.50
N ILE KC 76 -6.92 -112.55 245.59
CA ILE KC 76 -6.08 -112.87 244.44
C ILE KC 76 -6.93 -113.29 243.25
N GLN KC 77 -7.86 -114.22 243.46
CA GLN KC 77 -8.74 -114.62 242.37
C GLN KC 77 -9.55 -113.44 241.84
N ASN KC 78 -9.79 -112.44 242.68
CA ASN KC 78 -10.53 -111.25 242.28
C ASN KC 78 -9.79 -110.41 241.25
N PHE KC 79 -8.51 -110.67 241.02
CA PHE KC 79 -7.77 -109.94 240.00
C PHE KC 79 -8.26 -110.28 238.60
N ARG KC 80 -8.96 -111.39 238.43
CA ARG KC 80 -9.54 -111.77 237.14
C ARG KC 80 -10.17 -110.56 236.45
N VAL LC 30 -27.47 -39.97 -87.89
CA VAL LC 30 -26.58 -40.29 -86.79
C VAL LC 30 -27.42 -40.77 -85.61
N THR LC 31 -26.99 -41.88 -85.00
CA THR LC 31 -27.81 -42.59 -84.03
C THR LC 31 -27.64 -42.07 -82.61
N GLY LC 32 -26.41 -42.02 -82.12
CA GLY LC 32 -26.14 -41.53 -80.79
C GLY LC 32 -26.15 -40.03 -80.71
N SER LC 33 -25.86 -39.55 -79.49
CA SER LC 33 -25.75 -38.13 -79.23
C SER LC 33 -24.30 -37.83 -78.87
N GLY LC 34 -23.69 -36.94 -79.64
CA GLY LC 34 -22.39 -36.41 -79.32
C GLY LC 34 -22.32 -34.92 -79.52
N PHE LC 35 -21.13 -34.36 -79.48
CA PHE LC 35 -20.92 -32.93 -79.41
C PHE LC 35 -19.88 -32.57 -80.45
N VAL LC 36 -20.12 -31.49 -81.19
CA VAL LC 36 -19.14 -30.99 -82.14
C VAL LC 36 -18.49 -29.76 -81.54
N ALA LC 37 -17.28 -29.91 -81.00
CA ALA LC 37 -16.54 -28.78 -80.49
C ALA LC 37 -15.78 -28.07 -81.59
N LYS LC 38 -15.71 -26.74 -81.49
CA LYS LC 38 -14.97 -25.91 -82.45
C LYS LC 38 -14.27 -24.80 -81.67
N ASP LC 39 -13.15 -25.15 -81.05
CA ASP LC 39 -12.42 -24.25 -80.17
C ASP LC 39 -13.27 -23.78 -79.00
N ASP LC 40 -13.65 -24.74 -78.17
CA ASP LC 40 -14.52 -24.51 -77.02
C ASP LC 40 -13.72 -24.60 -75.74
N SER LC 41 -13.99 -23.70 -74.81
CA SER LC 41 -13.45 -23.85 -73.48
C SER LC 41 -13.85 -25.20 -72.90
N LEU LC 42 -12.92 -25.80 -72.16
CA LEU LC 42 -13.23 -27.06 -71.51
C LEU LC 42 -14.42 -26.98 -70.57
N ARG LC 43 -14.68 -25.81 -69.99
CA ARG LC 43 -15.91 -25.67 -69.22
C ARG LC 43 -17.16 -25.86 -70.06
N THR LC 44 -17.21 -25.27 -71.25
CA THR LC 44 -18.37 -25.45 -72.10
C THR LC 44 -18.43 -26.84 -72.72
N PHE LC 45 -17.30 -27.51 -72.85
CA PHE LC 45 -17.31 -28.90 -73.31
C PHE LC 45 -17.80 -29.86 -72.24
N PHE LC 46 -17.27 -29.78 -71.03
CA PHE LC 46 -17.73 -30.70 -70.01
C PHE LC 46 -19.14 -30.39 -69.56
N ASP LC 47 -19.62 -29.16 -69.67
CA ASP LC 47 -21.04 -28.95 -69.48
C ASP LC 47 -21.84 -29.82 -70.43
N ALA LC 48 -21.41 -29.92 -71.69
CA ALA LC 48 -22.12 -30.74 -72.65
C ALA LC 48 -22.10 -32.20 -72.25
N MET LC 49 -20.99 -32.65 -71.69
CA MET LC 49 -20.85 -34.04 -71.26
C MET LC 49 -21.65 -34.36 -69.98
N ALA LC 50 -21.98 -33.34 -69.20
CA ALA LC 50 -22.64 -33.55 -67.93
C ALA LC 50 -23.94 -34.35 -68.02
N LEU LC 51 -24.76 -34.12 -69.05
CA LEU LC 51 -26.01 -34.90 -69.15
C LEU LC 51 -25.77 -36.40 -69.15
N GLN LC 52 -24.83 -36.88 -69.97
CA GLN LC 52 -24.52 -38.31 -69.98
C GLN LC 52 -23.90 -38.75 -68.68
N LEU LC 53 -23.02 -37.95 -68.11
CA LEU LC 53 -22.48 -38.27 -66.79
C LEU LC 53 -23.58 -38.35 -65.74
N LYS LC 54 -24.69 -37.65 -65.93
CA LYS LC 54 -25.79 -37.58 -64.97
C LYS LC 54 -25.40 -36.91 -63.66
N GLU LC 55 -24.41 -36.03 -63.68
CA GLU LC 55 -23.94 -35.36 -62.48
C GLU LC 55 -23.53 -33.95 -62.86
N PRO LC 56 -23.68 -32.99 -61.96
CA PRO LC 56 -23.14 -31.65 -62.23
C PRO LC 56 -21.62 -31.66 -62.20
N VAL LC 57 -21.03 -30.80 -63.03
CA VAL LC 57 -19.59 -30.74 -63.20
C VAL LC 57 -19.10 -29.33 -62.87
N ILE LC 58 -18.13 -29.24 -61.96
CA ILE LC 58 -17.46 -28.01 -61.57
C ILE LC 58 -16.03 -28.03 -62.12
N VAL LC 59 -15.65 -26.98 -62.85
CA VAL LC 59 -14.34 -26.92 -63.49
C VAL LC 59 -13.58 -25.70 -62.98
N SER LC 60 -12.35 -25.94 -62.52
CA SER LC 60 -11.40 -24.90 -62.15
C SER LC 60 -11.14 -23.91 -63.27
N LYS LC 61 -10.93 -22.65 -62.88
CA LYS LC 61 -10.62 -21.58 -63.80
C LYS LC 61 -9.41 -21.86 -64.69
N MET LC 62 -8.28 -22.22 -64.10
CA MET LC 62 -7.10 -22.49 -64.91
C MET LC 62 -7.28 -23.70 -65.82
N ALA LC 63 -8.13 -24.65 -65.45
CA ALA LC 63 -8.47 -25.71 -66.40
C ALA LC 63 -9.37 -25.20 -67.50
N ALA LC 64 -10.30 -24.30 -67.17
CA ALA LC 64 -11.15 -23.67 -68.15
C ALA LC 64 -10.39 -22.82 -69.14
N ARG LC 65 -9.13 -22.52 -68.88
CA ARG LC 65 -8.34 -21.77 -69.86
C ARG LC 65 -7.96 -22.58 -71.10
N LYS LC 66 -7.93 -23.90 -71.03
CA LYS LC 66 -7.56 -24.75 -72.17
C LYS LC 66 -8.68 -24.87 -73.19
N LYS LC 67 -8.30 -25.10 -74.45
CA LYS LC 67 -9.22 -25.21 -75.58
C LYS LC 67 -9.17 -26.59 -76.20
N ILE LC 68 -10.31 -27.04 -76.72
CA ILE LC 68 -10.40 -28.31 -77.44
C ILE LC 68 -11.23 -28.13 -78.70
N THR LC 69 -10.92 -28.90 -79.72
CA THR LC 69 -11.69 -28.93 -80.96
C THR LC 69 -11.74 -30.34 -81.53
N GLY LC 70 -12.85 -30.69 -82.17
CA GLY LC 70 -13.05 -32.04 -82.69
C GLY LC 70 -14.46 -32.57 -82.56
N ASN LC 71 -14.72 -33.77 -83.08
CA ASN LC 71 -16.02 -34.41 -83.03
C ASN LC 71 -15.99 -35.58 -82.05
N PHE LC 72 -16.79 -35.50 -80.99
CA PHE LC 72 -16.73 -36.44 -79.87
C PHE LC 72 -18.05 -37.16 -79.69
N GLU LC 73 -17.98 -38.48 -79.64
CA GLU LC 73 -19.15 -39.34 -79.43
C GLU LC 73 -19.12 -39.92 -78.02
N PHE LC 74 -20.24 -39.85 -77.31
CA PHE LC 74 -20.31 -40.22 -75.90
C PHE LC 74 -20.83 -41.63 -75.69
N HIS LC 75 -20.15 -42.62 -76.26
CA HIS LC 75 -20.50 -44.01 -76.01
C HIS LC 75 -20.37 -44.38 -74.54
N ASP LC 76 -19.24 -44.09 -73.92
CA ASP LC 76 -19.04 -44.28 -72.49
C ASP LC 76 -18.30 -43.10 -71.90
N PRO LC 77 -19.01 -42.16 -71.30
CA PRO LC 77 -18.35 -41.00 -70.72
C PRO LC 77 -17.26 -41.30 -69.71
N ASN LC 78 -17.34 -42.40 -68.96
CA ASN LC 78 -16.30 -42.63 -67.97
C ASN LC 78 -14.98 -43.03 -68.61
N ALA LC 79 -15.04 -43.85 -69.65
CA ALA LC 79 -13.83 -44.15 -70.39
C ALA LC 79 -13.29 -42.92 -71.10
N LEU LC 80 -14.18 -42.12 -71.69
CA LEU LC 80 -13.69 -40.94 -72.38
C LEU LC 80 -13.06 -39.95 -71.41
N LEU LC 81 -13.70 -39.71 -70.27
CA LEU LC 81 -13.13 -38.82 -69.27
C LEU LC 81 -11.79 -39.33 -68.76
N GLU LC 82 -11.66 -40.64 -68.56
CA GLU LC 82 -10.39 -41.18 -68.10
C GLU LC 82 -9.28 -41.01 -69.13
N LYS LC 83 -9.58 -41.17 -70.42
CA LYS LC 83 -8.54 -40.91 -71.40
C LYS LC 83 -8.18 -39.43 -71.44
N LEU LC 84 -9.18 -38.57 -71.60
CA LEU LC 84 -8.88 -37.16 -71.78
C LEU LC 84 -8.14 -36.57 -70.59
N SER LC 85 -8.44 -37.02 -69.38
CA SER LC 85 -7.68 -36.51 -68.24
C SER LC 85 -6.19 -36.74 -68.42
N LEU LC 86 -5.81 -37.92 -68.88
CA LEU LC 86 -4.39 -38.23 -69.01
C LEU LC 86 -3.78 -37.62 -70.25
N GLN LC 87 -4.58 -37.27 -71.24
CA GLN LC 87 -4.02 -36.62 -72.41
C GLN LC 87 -3.91 -35.11 -72.25
N LEU LC 88 -4.82 -34.49 -71.53
CA LEU LC 88 -4.77 -33.04 -71.32
C LEU LC 88 -4.05 -32.65 -70.04
N GLY LC 89 -3.80 -33.58 -69.12
CA GLY LC 89 -3.14 -33.24 -67.88
C GLY LC 89 -4.03 -32.74 -66.77
N LEU LC 90 -5.28 -33.18 -66.74
CA LEU LC 90 -6.22 -32.80 -65.69
C LEU LC 90 -6.27 -33.87 -64.60
N ILE LC 91 -6.85 -33.49 -63.46
CA ILE LC 91 -7.09 -34.41 -62.36
C ILE LC 91 -8.54 -34.21 -61.96
N TRP LC 92 -9.19 -35.26 -61.47
CA TRP LC 92 -10.60 -35.15 -61.16
C TRP LC 92 -11.01 -36.03 -60.01
N TYR LC 93 -12.14 -35.67 -59.40
CA TYR LC 93 -12.68 -36.37 -58.25
C TYR LC 93 -14.21 -36.43 -58.33
N PHE LC 94 -14.79 -37.22 -57.44
CA PHE LC 94 -16.23 -37.44 -57.38
C PHE LC 94 -16.61 -37.79 -55.96
N ASP LC 95 -17.35 -36.91 -55.32
CA ASP LC 95 -17.80 -37.04 -53.94
C ASP LC 95 -19.13 -37.78 -53.79
N GLY LC 96 -19.76 -38.18 -54.88
CA GLY LC 96 -21.10 -38.74 -54.92
C GLY LC 96 -22.19 -37.76 -55.28
N GLN LC 97 -21.92 -36.47 -55.24
CA GLN LC 97 -22.87 -35.43 -55.61
C GLN LC 97 -22.46 -34.72 -56.89
N ALA LC 98 -21.18 -34.40 -57.05
CA ALA LC 98 -20.72 -33.67 -58.22
C ALA LC 98 -19.32 -34.12 -58.61
N ILE LC 99 -19.01 -33.95 -59.89
CA ILE LC 99 -17.68 -34.21 -60.45
C ILE LC 99 -16.88 -32.92 -60.44
N TYR LC 100 -15.63 -32.98 -59.99
CA TYR LC 100 -14.77 -31.80 -59.96
C TYR LC 100 -13.51 -32.05 -60.76
N ILE LC 101 -13.17 -31.06 -61.58
CA ILE LC 101 -12.04 -31.10 -62.50
C ILE LC 101 -11.05 -30.01 -62.17
N TYR LC 102 -9.76 -30.34 -62.16
CA TYR LC 102 -8.72 -29.39 -61.84
C TYR LC 102 -7.55 -29.61 -62.78
N ASP LC 103 -6.51 -28.83 -62.59
CA ASP LC 103 -5.27 -28.98 -63.31
C ASP LC 103 -4.28 -29.80 -62.49
N ALA LC 104 -3.50 -30.63 -63.17
CA ALA LC 104 -2.43 -31.39 -62.53
C ALA LC 104 -1.57 -30.55 -61.60
N SER LC 105 -1.19 -29.36 -62.01
CA SER LC 105 -0.36 -28.49 -61.19
C SER LC 105 -1.00 -28.03 -59.89
N GLU LC 106 -2.23 -28.45 -59.59
CA GLU LC 106 -2.90 -28.05 -58.36
C GLU LC 106 -2.87 -29.11 -57.25
N MET LC 107 -2.30 -30.28 -57.49
CA MET LC 107 -2.24 -31.34 -56.48
C MET LC 107 -1.83 -30.78 -55.13
N ARG LC 108 -2.40 -31.33 -54.07
CA ARG LC 108 -2.01 -30.96 -52.71
C ARG LC 108 -1.68 -32.20 -51.93
N ASN LC 109 -1.03 -32.01 -50.78
CA ASN LC 109 -0.71 -33.14 -49.93
C ASN LC 109 -0.51 -32.68 -48.50
N ALA LC 110 -0.60 -33.63 -47.59
CA ALA LC 110 -0.51 -33.34 -46.17
C ALA LC 110 -0.01 -34.57 -45.42
N VAL LC 111 0.44 -34.32 -44.19
CA VAL LC 111 0.94 -35.35 -43.30
C VAL LC 111 0.24 -35.18 -41.96
N VAL LC 112 -0.25 -36.28 -41.40
CA VAL LC 112 -1.20 -36.19 -40.28
C VAL LC 112 -0.82 -37.21 -39.23
N SER LC 113 -1.03 -36.85 -37.97
CA SER LC 113 -0.74 -37.74 -36.86
C SER LC 113 -1.92 -37.80 -35.89
N LEU LC 114 -2.37 -39.01 -35.59
CA LEU LC 114 -3.60 -39.24 -34.84
C LEU LC 114 -3.27 -39.83 -33.47
N ARG LC 115 -3.76 -39.21 -32.41
CA ARG LC 115 -3.41 -39.66 -31.08
C ARG LC 115 -4.35 -40.71 -30.52
N ASN LC 116 -5.54 -40.91 -31.10
CA ASN LC 116 -6.43 -41.97 -30.63
C ASN LC 116 -6.95 -42.94 -31.67
N VAL LC 117 -6.87 -42.65 -32.97
CA VAL LC 117 -7.53 -43.46 -34.01
C VAL LC 117 -6.49 -44.01 -34.96
N SER LC 118 -6.38 -45.34 -35.01
CA SER LC 118 -5.50 -45.98 -35.97
C SER LC 118 -5.98 -45.85 -37.42
N LEU LC 119 -5.01 -45.88 -38.32
CA LEU LC 119 -5.27 -45.80 -39.74
C LEU LC 119 -6.31 -46.82 -40.17
N ASN LC 120 -6.16 -48.06 -39.69
CA ASN LC 120 -7.16 -49.07 -40.03
C ASN LC 120 -8.52 -48.68 -39.49
N GLU LC 121 -8.57 -47.94 -38.39
CA GLU LC 121 -9.87 -47.47 -37.90
C GLU LC 121 -10.46 -46.46 -38.85
N PHE LC 122 -9.61 -45.71 -39.56
CA PHE LC 122 -10.15 -44.59 -40.31
C PHE LC 122 -10.57 -45.04 -41.70
N ASN LC 123 -9.75 -45.85 -42.35
CA ASN LC 123 -10.09 -46.34 -43.69
C ASN LC 123 -11.51 -46.90 -43.71
N ASN LC 124 -11.82 -47.71 -42.70
CA ASN LC 124 -13.15 -48.29 -42.57
C ASN LC 124 -14.24 -47.22 -42.56
N PHE LC 125 -14.05 -46.16 -41.77
CA PHE LC 125 -15.01 -45.08 -41.81
C PHE LC 125 -15.16 -44.55 -43.22
N LEU LC 126 -14.05 -44.37 -43.93
CA LEU LC 126 -14.17 -43.81 -45.27
C LEU LC 126 -14.98 -44.73 -46.16
N LYS LC 127 -14.80 -46.04 -45.98
CA LYS LC 127 -15.54 -47.00 -46.79
C LYS LC 127 -17.03 -46.91 -46.53
N ARG LC 128 -17.43 -47.00 -45.27
CA ARG LC 128 -18.86 -46.84 -44.95
C ARG LC 128 -19.41 -45.53 -45.48
N SER LC 129 -18.67 -44.43 -45.35
CA SER LC 129 -19.12 -43.18 -45.93
C SER LC 129 -19.24 -43.24 -47.43
N GLY LC 130 -18.48 -44.11 -48.10
CA GLY LC 130 -18.41 -44.04 -49.54
C GLY LC 130 -17.60 -42.88 -50.06
N LEU LC 131 -16.68 -42.40 -49.24
CA LEU LC 131 -15.74 -41.35 -49.58
C LEU LC 131 -14.44 -41.93 -50.09
N TYR LC 132 -14.13 -43.14 -49.64
CA TYR LC 132 -12.96 -43.87 -50.05
C TYR LC 132 -12.79 -43.82 -51.56
N ASN LC 133 -11.53 -43.72 -52.01
CA ASN LC 133 -11.21 -43.57 -53.42
C ASN LC 133 -9.88 -44.25 -53.70
N LYS LC 134 -9.94 -45.40 -54.38
CA LYS LC 134 -8.77 -46.24 -54.60
C LYS LC 134 -7.69 -45.62 -55.48
N ASN LC 135 -7.99 -44.53 -56.18
CA ASN LC 135 -6.96 -43.85 -56.94
C ASN LC 135 -6.05 -42.99 -56.08
N TYR LC 136 -6.50 -42.58 -54.90
CA TYR LC 136 -5.71 -41.72 -54.02
C TYR LC 136 -5.73 -42.26 -52.60
N PRO LC 137 -5.32 -43.51 -52.42
CA PRO LC 137 -5.44 -44.13 -51.10
C PRO LC 137 -4.53 -43.44 -50.10
N LEU LC 138 -4.82 -43.64 -48.82
CA LEU LC 138 -3.88 -43.17 -47.82
C LEU LC 138 -2.67 -44.09 -47.77
N ARG LC 139 -1.53 -43.52 -47.38
CA ARG LC 139 -0.26 -44.22 -47.38
C ARG LC 139 0.37 -44.19 -46.00
N GLY LC 140 0.50 -45.34 -45.36
CA GLY LC 140 1.10 -45.37 -44.03
C GLY LC 140 1.06 -46.76 -43.45
N ASP LC 141 1.30 -46.83 -42.14
CA ASP LC 141 1.24 -48.09 -41.39
C ASP LC 141 -0.12 -48.29 -40.74
N ASN LC 142 -0.84 -49.30 -41.21
CA ASN LC 142 -2.16 -49.61 -40.67
C ASN LC 142 -2.16 -49.71 -39.15
N ARG LC 143 -1.04 -50.12 -38.57
CA ARG LC 143 -0.95 -50.27 -37.12
C ARG LC 143 -0.78 -48.94 -36.40
N LYS LC 144 0.05 -48.04 -36.92
CA LYS LC 144 0.29 -46.76 -36.26
C LYS LC 144 -0.80 -45.75 -36.60
N GLY LC 145 -0.55 -44.49 -36.26
CA GLY LC 145 -1.48 -43.41 -36.52
C GLY LC 145 -0.97 -42.23 -37.32
N THR LC 146 0.14 -42.37 -38.02
CA THR LC 146 0.69 -41.30 -38.84
C THR LC 146 0.61 -41.69 -40.30
N PHE LC 147 0.19 -40.75 -41.15
CA PHE LC 147 0.14 -41.07 -42.57
C PHE LC 147 0.35 -39.84 -43.43
N TYR LC 148 0.48 -40.10 -44.73
CA TYR LC 148 0.69 -39.12 -45.79
C TYR LC 148 -0.44 -39.26 -46.81
N VAL LC 149 -0.93 -38.14 -47.35
CA VAL LC 149 -1.97 -38.21 -48.37
C VAL LC 149 -1.79 -37.08 -49.37
N SER LC 150 -2.16 -37.34 -50.62
CA SER LC 150 -2.17 -36.30 -51.63
C SER LC 150 -3.28 -36.53 -52.64
N GLY LC 151 -3.70 -35.44 -53.29
CA GLY LC 151 -4.84 -35.49 -54.17
C GLY LC 151 -5.42 -34.14 -54.51
N PRO LC 152 -6.58 -34.16 -55.17
CA PRO LC 152 -7.25 -32.92 -55.51
C PRO LC 152 -7.63 -32.15 -54.27
N PRO LC 153 -7.62 -30.82 -54.34
CA PRO LC 153 -7.70 -30.03 -53.11
C PRO LC 153 -8.95 -30.23 -52.26
N VAL LC 154 -10.12 -30.46 -52.86
CA VAL LC 154 -11.28 -30.67 -52.02
C VAL LC 154 -11.21 -32.00 -51.30
N TYR LC 155 -10.50 -32.95 -51.87
CA TYR LC 155 -10.39 -34.24 -51.24
C TYR LC 155 -9.41 -34.15 -50.08
N VAL LC 156 -8.24 -33.58 -50.34
CA VAL LC 156 -7.26 -33.43 -49.28
C VAL LC 156 -7.87 -32.66 -48.11
N ASP LC 157 -8.58 -31.57 -48.38
CA ASP LC 157 -9.12 -30.80 -47.27
C ASP LC 157 -10.20 -31.56 -46.52
N MET LC 158 -11.00 -32.35 -47.22
CA MET LC 158 -12.04 -33.10 -46.53
C MET LC 158 -11.41 -34.12 -45.61
N VAL LC 159 -10.43 -34.85 -46.11
CA VAL LC 159 -9.75 -35.87 -45.32
C VAL LC 159 -9.11 -35.27 -44.08
N VAL LC 160 -8.27 -34.25 -44.26
CA VAL LC 160 -7.60 -33.66 -43.11
C VAL LC 160 -8.57 -33.17 -42.06
N ASN LC 161 -9.71 -32.62 -42.47
CA ASN LC 161 -10.65 -32.16 -41.45
C ASN LC 161 -11.40 -33.29 -40.78
N ALA LC 162 -11.81 -34.31 -41.53
CA ALA LC 162 -12.57 -35.36 -40.88
C ALA LC 162 -11.69 -36.09 -39.88
N ALA LC 163 -10.47 -36.42 -40.29
CA ALA LC 163 -9.63 -37.20 -39.41
C ALA LC 163 -9.30 -36.40 -38.16
N THR LC 164 -9.04 -35.10 -38.32
CA THR LC 164 -8.56 -34.38 -37.15
C THR LC 164 -9.68 -34.05 -36.19
N MET LC 165 -10.92 -33.92 -36.66
CA MET LC 165 -12.03 -33.82 -35.71
C MET LC 165 -12.29 -35.14 -35.01
N MET LC 166 -12.30 -36.23 -35.74
CA MET LC 166 -12.66 -37.49 -35.12
C MET LC 166 -11.62 -37.92 -34.10
N ASP LC 167 -10.36 -37.55 -34.33
CA ASP LC 167 -9.32 -37.74 -33.32
C ASP LC 167 -9.66 -37.06 -32.00
N LYS LC 168 -10.44 -35.98 -32.01
CA LYS LC 168 -10.80 -35.36 -30.74
C LYS LC 168 -12.07 -35.97 -30.18
N GLN LC 169 -12.98 -36.40 -31.05
CA GLN LC 169 -14.19 -37.05 -30.55
C GLN LC 169 -13.82 -38.30 -29.77
N ASN LC 170 -12.82 -39.05 -30.24
CA ASN LC 170 -12.33 -40.20 -29.47
C ASN LC 170 -11.03 -39.86 -28.76
N SER MC 25 -57.37 -13.63 -81.30
CA SER MC 25 -56.87 -12.37 -80.79
C SER MC 25 -56.25 -11.55 -81.93
N GLU MC 26 -56.38 -10.23 -81.85
CA GLU MC 26 -55.75 -9.39 -82.85
C GLU MC 26 -54.24 -9.36 -82.66
N LYS MC 27 -53.79 -9.21 -81.42
CA LYS MC 27 -52.44 -9.54 -81.05
C LYS MC 27 -52.34 -11.04 -80.79
N ILE MC 28 -51.12 -11.53 -80.70
CA ILE MC 28 -50.84 -12.91 -80.30
C ILE MC 28 -51.67 -13.94 -81.07
N PRO MC 29 -51.71 -13.87 -82.40
CA PRO MC 29 -52.51 -14.83 -83.19
C PRO MC 29 -51.82 -16.19 -83.35
N VAL MC 30 -51.57 -16.87 -82.23
CA VAL MC 30 -50.90 -18.16 -82.22
C VAL MC 30 -51.76 -19.18 -81.50
N THR MC 31 -51.99 -20.32 -82.13
CA THR MC 31 -52.79 -21.40 -81.60
C THR MC 31 -52.02 -22.20 -80.55
N GLY MC 32 -52.74 -23.11 -79.88
CA GLY MC 32 -52.18 -23.99 -78.88
C GLY MC 32 -51.76 -23.29 -77.60
N SER MC 33 -50.69 -23.79 -76.99
CA SER MC 33 -50.17 -23.18 -75.77
C SER MC 33 -48.67 -23.37 -75.63
N GLY MC 34 -48.01 -22.38 -75.04
CA GLY MC 34 -46.60 -22.50 -74.75
C GLY MC 34 -46.01 -21.16 -74.32
N PHE MC 35 -44.69 -21.10 -74.37
CA PHE MC 35 -43.93 -19.88 -74.10
C PHE MC 35 -42.87 -19.73 -75.17
N VAL MC 36 -42.77 -18.55 -75.77
CA VAL MC 36 -41.71 -18.26 -76.73
C VAL MC 36 -40.75 -17.29 -76.09
N ALA MC 37 -39.48 -17.68 -76.00
CA ALA MC 37 -38.42 -16.84 -75.47
C ALA MC 37 -37.55 -16.39 -76.62
N LYS MC 38 -37.28 -15.09 -76.69
CA LYS MC 38 -36.14 -14.59 -77.45
C LYS MC 38 -35.17 -13.86 -76.55
N ASP MC 39 -33.96 -14.40 -76.44
CA ASP MC 39 -32.90 -13.87 -75.60
C ASP MC 39 -33.35 -13.56 -74.18
N ASP MC 40 -34.22 -14.38 -73.64
CA ASP MC 40 -34.66 -14.15 -72.28
C ASP MC 40 -33.51 -14.43 -71.33
N SER MC 41 -33.34 -13.56 -70.34
CA SER MC 41 -32.59 -13.98 -69.17
C SER MC 41 -33.33 -15.12 -68.49
N LEU MC 42 -32.56 -16.03 -67.91
CA LEU MC 42 -33.17 -17.08 -67.12
C LEU MC 42 -34.11 -16.51 -66.06
N ARG MC 43 -33.85 -15.31 -65.55
CA ARG MC 43 -34.72 -14.73 -64.56
C ARG MC 43 -36.16 -14.68 -65.07
N THR MC 44 -36.35 -14.20 -66.30
CA THR MC 44 -37.69 -14.10 -66.85
C THR MC 44 -38.20 -15.43 -67.37
N PHE MC 45 -37.32 -16.31 -67.83
CA PHE MC 45 -37.78 -17.61 -68.26
C PHE MC 45 -38.41 -18.40 -67.11
N PHE MC 46 -37.67 -18.56 -66.03
CA PHE MC 46 -38.26 -19.24 -64.88
C PHE MC 46 -39.41 -18.45 -64.28
N ASP MC 47 -39.41 -17.12 -64.37
CA ASP MC 47 -40.61 -16.41 -63.94
C ASP MC 47 -41.83 -16.89 -64.71
N ALA MC 48 -41.73 -16.94 -66.03
CA ALA MC 48 -42.83 -17.48 -66.84
C ALA MC 48 -43.21 -18.89 -66.45
N MET MC 49 -42.27 -19.68 -65.96
CA MET MC 49 -42.58 -21.06 -65.56
C MET MC 49 -43.19 -21.17 -64.17
N ALA MC 50 -42.99 -20.16 -63.32
CA ALA MC 50 -43.47 -20.21 -61.94
C ALA MC 50 -44.96 -20.50 -61.79
N LEU MC 51 -45.82 -19.97 -62.66
CA LEU MC 51 -47.25 -20.27 -62.51
C LEU MC 51 -47.53 -21.76 -62.58
N GLN MC 52 -46.90 -22.45 -63.53
CA GLN MC 52 -47.08 -23.89 -63.67
C GLN MC 52 -46.47 -24.62 -62.49
N LEU MC 53 -45.30 -24.19 -62.04
CA LEU MC 53 -44.71 -24.85 -60.87
C LEU MC 53 -45.52 -24.61 -59.61
N LYS MC 54 -46.33 -23.56 -59.56
CA LYS MC 54 -47.09 -23.18 -58.36
C LYS MC 54 -46.23 -22.75 -57.19
N GLU MC 55 -45.04 -22.23 -57.45
CA GLU MC 55 -44.13 -21.81 -56.40
C GLU MC 55 -43.39 -20.58 -56.88
N PRO MC 56 -43.04 -19.66 -55.98
CA PRO MC 56 -42.15 -18.57 -56.38
C PRO MC 56 -40.74 -19.08 -56.64
N VAL MC 57 -40.11 -18.57 -57.69
CA VAL MC 57 -38.77 -18.98 -58.09
C VAL MC 57 -37.79 -17.86 -57.85
N ILE MC 58 -36.72 -18.17 -57.12
CA ILE MC 58 -35.61 -17.27 -56.82
C ILE MC 58 -34.39 -17.68 -57.67
N VAL MC 59 -33.87 -16.75 -58.47
CA VAL MC 59 -32.73 -17.01 -59.34
C VAL MC 59 -31.59 -16.07 -58.97
N SER MC 60 -30.43 -16.63 -58.66
CA SER MC 60 -29.22 -15.87 -58.38
C SER MC 60 -28.71 -15.13 -59.62
N LYS MC 61 -27.92 -14.08 -59.36
CA LYS MC 61 -27.24 -13.30 -60.41
C LYS MC 61 -26.40 -14.12 -61.39
N MET MC 62 -25.49 -14.94 -60.86
CA MET MC 62 -24.61 -15.68 -61.75
C MET MC 62 -25.40 -16.53 -62.73
N ALA MC 63 -26.51 -17.12 -62.28
CA ALA MC 63 -27.38 -17.85 -63.19
C ALA MC 63 -28.11 -16.91 -64.13
N ALA MC 64 -28.61 -15.80 -63.60
CA ALA MC 64 -29.31 -14.82 -64.40
C ALA MC 64 -28.51 -14.30 -65.58
N ARG MC 65 -27.19 -14.40 -65.57
CA ARG MC 65 -26.45 -13.94 -66.75
C ARG MC 65 -26.66 -14.81 -67.99
N LYS MC 66 -26.88 -16.11 -67.84
CA LYS MC 66 -27.13 -16.98 -68.99
C LYS MC 66 -28.43 -16.63 -69.73
N LYS MC 67 -28.42 -16.87 -71.04
CA LYS MC 67 -29.53 -16.52 -71.94
C LYS MC 67 -30.01 -17.74 -72.71
N ILE MC 68 -31.31 -17.76 -73.04
CA ILE MC 68 -31.93 -18.88 -73.75
C ILE MC 68 -32.98 -18.38 -74.75
N THR MC 69 -33.12 -19.11 -75.86
CA THR MC 69 -34.10 -18.84 -76.92
C THR MC 69 -34.80 -20.12 -77.36
N GLY MC 70 -36.00 -19.98 -77.95
CA GLY MC 70 -36.76 -21.11 -78.45
C GLY MC 70 -38.22 -21.12 -78.03
N ASN MC 71 -38.88 -22.25 -78.31
CA ASN MC 71 -40.30 -22.49 -78.07
C ASN MC 71 -40.55 -23.68 -77.16
N PHE MC 72 -40.96 -23.42 -75.92
CA PHE MC 72 -41.10 -24.44 -74.89
C PHE MC 72 -42.54 -24.62 -74.43
N GLU MC 73 -42.82 -25.79 -73.87
CA GLU MC 73 -44.10 -26.12 -73.26
C GLU MC 73 -43.87 -26.70 -71.87
N PHE MC 74 -44.71 -26.31 -70.92
CA PHE MC 74 -44.56 -26.62 -69.50
C PHE MC 74 -45.50 -27.70 -68.96
N HIS MC 75 -46.07 -28.56 -69.80
CA HIS MC 75 -47.01 -29.55 -69.25
C HIS MC 75 -46.43 -30.47 -68.19
N ASP MC 76 -45.12 -30.53 -67.99
CA ASP MC 76 -44.53 -31.37 -66.94
C ASP MC 76 -43.36 -30.61 -66.34
N PRO MC 77 -43.66 -29.63 -65.50
CA PRO MC 77 -42.62 -28.74 -64.96
C PRO MC 77 -41.44 -29.40 -64.28
N ASN MC 78 -41.66 -30.30 -63.34
CA ASN MC 78 -40.54 -30.87 -62.60
C ASN MC 78 -39.57 -31.62 -63.51
N ALA MC 79 -40.09 -32.44 -64.40
CA ALA MC 79 -39.23 -33.15 -65.34
C ALA MC 79 -38.46 -32.17 -66.23
N LEU MC 80 -39.16 -31.17 -66.77
CA LEU MC 80 -38.47 -30.18 -67.58
C LEU MC 80 -37.36 -29.50 -66.82
N LEU MC 81 -37.68 -28.94 -65.66
CA LEU MC 81 -36.69 -28.33 -64.78
C LEU MC 81 -35.48 -29.23 -64.56
N GLU MC 82 -35.73 -30.48 -64.19
CA GLU MC 82 -34.62 -31.40 -63.94
C GLU MC 82 -33.74 -31.62 -65.16
N LYS MC 83 -34.32 -31.80 -66.34
CA LYS MC 83 -33.49 -31.93 -67.53
C LYS MC 83 -32.68 -30.67 -67.81
N LEU MC 84 -33.36 -29.53 -67.92
CA LEU MC 84 -32.64 -28.27 -68.17
C LEU MC 84 -31.52 -28.02 -67.17
N SER MC 85 -31.71 -28.42 -65.91
CA SER MC 85 -30.64 -28.28 -64.93
C SER MC 85 -29.33 -28.89 -65.43
N LEU MC 86 -29.39 -30.11 -65.93
CA LEU MC 86 -28.20 -30.77 -66.47
C LEU MC 86 -27.71 -30.10 -67.75
N GLN MC 87 -28.59 -29.91 -68.71
CA GLN MC 87 -28.15 -29.33 -69.98
C GLN MC 87 -27.51 -27.95 -69.82
N LEU MC 88 -27.98 -27.14 -68.88
CA LEU MC 88 -27.43 -25.80 -68.68
C LEU MC 88 -26.37 -25.75 -67.61
N GLY MC 89 -26.32 -26.71 -66.70
CA GLY MC 89 -25.42 -26.70 -65.57
C GLY MC 89 -25.82 -25.85 -64.38
N LEU MC 90 -27.02 -26.13 -63.89
CA LEU MC 90 -27.64 -25.43 -62.79
C LEU MC 90 -27.86 -26.42 -61.66
N ILE MC 91 -27.96 -25.91 -60.46
CA ILE MC 91 -28.37 -26.71 -59.32
C ILE MC 91 -29.60 -26.03 -58.74
N TRP MC 92 -30.54 -26.82 -58.27
CA TRP MC 92 -31.79 -26.30 -57.74
C TRP MC 92 -32.22 -27.06 -56.50
N TYR MC 93 -32.91 -26.35 -55.61
CA TYR MC 93 -33.40 -26.93 -54.37
C TYR MC 93 -34.79 -26.41 -54.11
N PHE MC 94 -35.50 -27.10 -53.21
CA PHE MC 94 -36.88 -26.73 -52.87
C PHE MC 94 -37.16 -27.05 -51.41
N ASP MC 95 -37.36 -26.00 -50.63
CA ASP MC 95 -37.63 -26.04 -49.20
C ASP MC 95 -39.09 -26.25 -48.84
N GLY MC 96 -39.99 -26.23 -49.82
CA GLY MC 96 -41.42 -26.31 -49.61
C GLY MC 96 -42.16 -25.01 -49.82
N GLN MC 97 -41.48 -23.89 -49.83
CA GLN MC 97 -42.09 -22.57 -50.03
C GLN MC 97 -41.63 -21.89 -51.30
N ALA MC 98 -40.38 -22.07 -51.71
CA ALA MC 98 -39.85 -21.41 -52.89
C ALA MC 98 -38.78 -22.30 -53.50
N ILE MC 99 -38.58 -22.18 -54.82
CA ILE MC 99 -37.54 -22.91 -55.52
C ILE MC 99 -36.33 -22.01 -55.78
N TYR MC 100 -35.15 -22.48 -55.38
CA TYR MC 100 -33.90 -21.73 -55.52
C TYR MC 100 -33.04 -22.33 -56.62
N ILE MC 101 -32.57 -21.50 -57.54
CA ILE MC 101 -31.72 -21.91 -58.66
C ILE MC 101 -30.38 -21.17 -58.60
N TYR MC 102 -29.29 -21.93 -58.74
CA TYR MC 102 -27.93 -21.40 -58.68
C TYR MC 102 -27.09 -21.99 -59.79
N ASP MC 103 -25.99 -21.29 -60.09
CA ASP MC 103 -24.98 -21.85 -60.97
C ASP MC 103 -24.23 -22.99 -60.28
N ALA MC 104 -23.91 -24.02 -61.06
CA ALA MC 104 -23.17 -25.18 -60.56
C ALA MC 104 -21.92 -24.84 -59.76
N SER MC 105 -21.12 -23.88 -60.22
CA SER MC 105 -19.91 -23.53 -59.50
C SER MC 105 -20.15 -23.05 -58.07
N GLU MC 106 -21.36 -22.64 -57.74
CA GLU MC 106 -21.68 -22.15 -56.41
C GLU MC 106 -21.84 -23.23 -55.34
N MET MC 107 -21.72 -24.50 -55.67
CA MET MC 107 -21.76 -25.57 -54.66
C MET MC 107 -20.95 -25.20 -53.44
N ARG MC 108 -21.46 -25.55 -52.25
CA ARG MC 108 -20.69 -25.42 -51.03
C ARG MC 108 -20.59 -26.73 -50.27
N ASN MC 109 -19.51 -26.88 -49.52
CA ASN MC 109 -19.11 -28.11 -48.87
C ASN MC 109 -18.72 -27.85 -47.42
N ALA MC 110 -19.06 -28.76 -46.51
CA ALA MC 110 -18.63 -28.58 -45.14
C ALA MC 110 -18.56 -29.91 -44.41
N VAL MC 111 -17.76 -29.93 -43.34
CA VAL MC 111 -17.65 -31.07 -42.44
C VAL MC 111 -18.12 -30.66 -41.07
N VAL MC 112 -18.90 -31.52 -40.43
CA VAL MC 112 -19.62 -31.21 -39.20
C VAL MC 112 -19.36 -32.34 -38.23
N SER MC 113 -19.22 -32.03 -36.94
CA SER MC 113 -18.83 -33.04 -35.97
C SER MC 113 -19.54 -32.82 -34.64
N LEU MC 114 -20.70 -33.45 -34.52
CA LEU MC 114 -21.57 -33.35 -33.38
C LEU MC 114 -20.97 -34.13 -32.22
N ARG MC 115 -21.53 -33.94 -31.04
CA ARG MC 115 -21.06 -34.61 -29.86
C ARG MC 115 -22.15 -35.45 -29.21
N ASN MC 116 -23.38 -34.93 -29.16
CA ASN MC 116 -24.48 -35.58 -28.45
C ASN MC 116 -25.53 -36.19 -29.37
N VAL MC 117 -25.56 -35.81 -30.64
CA VAL MC 117 -26.62 -36.17 -31.57
C VAL MC 117 -26.03 -37.02 -32.69
N SER MC 118 -26.29 -38.32 -32.65
CA SER MC 118 -25.89 -39.21 -33.74
C SER MC 118 -26.54 -38.84 -35.07
N LEU MC 119 -25.83 -39.18 -36.14
CA LEU MC 119 -26.29 -38.93 -37.49
C LEU MC 119 -27.69 -39.44 -37.70
N ASN MC 120 -27.96 -40.66 -37.24
CA ASN MC 120 -29.30 -41.19 -37.37
C ASN MC 120 -30.31 -40.35 -36.60
N GLU MC 121 -29.87 -39.70 -35.53
CA GLU MC 121 -30.76 -38.80 -34.81
C GLU MC 121 -31.10 -37.59 -35.66
N PHE MC 122 -30.16 -37.14 -36.47
CA PHE MC 122 -30.41 -35.92 -37.24
C PHE MC 122 -31.21 -36.22 -38.51
N ASN MC 123 -30.90 -37.31 -39.19
CA ASN MC 123 -31.67 -37.70 -40.36
C ASN MC 123 -33.17 -37.75 -40.04
N ASN MC 124 -33.53 -38.34 -38.90
CA ASN MC 124 -34.94 -38.43 -38.55
C ASN MC 124 -35.56 -37.04 -38.41
N PHE MC 125 -34.80 -36.09 -37.86
CA PHE MC 125 -35.34 -34.74 -37.76
C PHE MC 125 -35.60 -34.15 -39.12
N LEU MC 126 -34.62 -34.27 -40.03
CA LEU MC 126 -34.84 -33.81 -41.41
C LEU MC 126 -36.07 -34.44 -42.05
N LYS MC 127 -36.25 -35.74 -41.87
CA LYS MC 127 -37.40 -36.41 -42.48
C LYS MC 127 -38.71 -35.90 -41.88
N ARG MC 128 -38.82 -35.87 -40.56
CA ARG MC 128 -40.05 -35.39 -39.96
C ARG MC 128 -40.33 -33.94 -40.38
N SER MC 129 -39.28 -33.13 -40.49
CA SER MC 129 -39.41 -31.76 -40.96
C SER MC 129 -39.79 -31.65 -42.42
N GLY MC 130 -39.57 -32.68 -43.22
CA GLY MC 130 -39.88 -32.52 -44.63
C GLY MC 130 -38.85 -31.72 -45.38
N LEU MC 131 -37.61 -31.71 -44.89
CA LEU MC 131 -36.49 -30.97 -45.43
C LEU MC 131 -35.47 -31.86 -46.11
N TYR MC 132 -35.56 -33.16 -45.90
CA TYR MC 132 -34.65 -34.11 -46.53
C TYR MC 132 -34.72 -34.01 -48.05
N ASN MC 133 -33.59 -34.30 -48.68
CA ASN MC 133 -33.42 -34.27 -50.13
C ASN MC 133 -32.50 -35.41 -50.51
N LYS MC 134 -33.04 -36.41 -51.20
CA LYS MC 134 -32.28 -37.57 -51.61
C LYS MC 134 -31.22 -37.32 -52.67
N ASN MC 135 -31.12 -36.13 -53.25
CA ASN MC 135 -30.01 -35.88 -54.17
C ASN MC 135 -28.74 -35.44 -53.47
N TYR MC 136 -28.83 -34.96 -52.23
CA TYR MC 136 -27.67 -34.48 -51.49
C TYR MC 136 -27.63 -35.04 -50.08
N PRO MC 137 -27.77 -36.36 -49.93
CA PRO MC 137 -27.84 -36.92 -48.58
C PRO MC 137 -26.55 -36.71 -47.80
N LEU MC 138 -26.71 -36.75 -46.47
CA LEU MC 138 -25.55 -36.74 -45.58
C LEU MC 138 -24.76 -38.02 -45.73
N ARG MC 139 -23.44 -37.88 -45.77
CA ARG MC 139 -22.52 -39.00 -45.92
C ARG MC 139 -21.67 -39.21 -44.69
N GLY MC 140 -21.84 -40.36 -44.04
CA GLY MC 140 -21.08 -40.66 -42.85
C GLY MC 140 -21.56 -41.93 -42.19
N ASP MC 141 -21.17 -42.11 -40.93
CA ASP MC 141 -21.52 -43.28 -40.14
C ASP MC 141 -22.72 -43.02 -39.23
N ASN MC 142 -23.83 -43.69 -39.50
CA ASN MC 142 -25.03 -43.53 -38.68
C ASN MC 142 -24.75 -43.71 -37.19
N ARG MC 143 -23.74 -44.51 -36.85
CA ARG MC 143 -23.38 -44.75 -35.47
C ARG MC 143 -22.59 -43.59 -34.85
N LYS MC 144 -21.65 -43.02 -35.59
CA LYS MC 144 -20.83 -41.94 -35.06
C LYS MC 144 -21.57 -40.61 -35.18
N GLY MC 145 -20.87 -39.53 -34.90
CA GLY MC 145 -21.41 -38.19 -35.02
C GLY MC 145 -20.69 -37.23 -35.91
N THR MC 146 -19.95 -37.71 -36.91
CA THR MC 146 -19.21 -36.84 -37.81
C THR MC 146 -19.64 -37.14 -39.23
N PHE MC 147 -19.92 -36.09 -39.99
CA PHE MC 147 -20.44 -36.25 -41.33
C PHE MC 147 -19.98 -35.10 -42.22
N TYR MC 148 -20.17 -35.30 -43.52
CA TYR MC 148 -19.85 -34.33 -44.55
C TYR MC 148 -21.07 -34.04 -45.41
N VAL MC 149 -21.22 -32.78 -45.83
CA VAL MC 149 -22.40 -32.35 -46.57
C VAL MC 149 -21.98 -31.40 -47.69
N SER MC 150 -22.59 -31.57 -48.85
CA SER MC 150 -22.32 -30.70 -49.99
C SER MC 150 -23.56 -30.44 -50.80
N GLY MC 151 -23.73 -29.21 -51.28
CA GLY MC 151 -24.90 -28.86 -52.05
C GLY MC 151 -25.14 -27.38 -52.23
N PRO MC 152 -26.37 -27.02 -52.63
CA PRO MC 152 -26.72 -25.62 -52.73
C PRO MC 152 -26.54 -24.89 -51.42
N PRO MC 153 -26.14 -23.62 -51.48
CA PRO MC 153 -25.97 -22.79 -50.28
C PRO MC 153 -27.04 -22.84 -49.21
N VAL MC 154 -28.30 -22.58 -49.55
CA VAL MC 154 -29.37 -22.57 -48.56
C VAL MC 154 -29.44 -23.90 -47.83
N TYR MC 155 -29.38 -24.99 -48.57
CA TYR MC 155 -29.41 -26.31 -47.96
C TYR MC 155 -28.25 -26.50 -46.99
N VAL MC 156 -27.03 -26.26 -47.46
CA VAL MC 156 -25.85 -26.42 -46.61
C VAL MC 156 -25.96 -25.58 -45.34
N ASP MC 157 -26.28 -24.30 -45.47
CA ASP MC 157 -26.38 -23.43 -44.30
C ASP MC 157 -27.44 -23.90 -43.32
N MET MC 158 -28.62 -24.26 -43.80
CA MET MC 158 -29.64 -24.75 -42.91
C MET MC 158 -29.17 -25.99 -42.14
N VAL MC 159 -28.63 -26.96 -42.87
CA VAL MC 159 -28.09 -28.17 -42.22
C VAL MC 159 -27.10 -27.83 -41.12
N VAL MC 160 -26.08 -27.04 -41.44
CA VAL MC 160 -25.04 -26.77 -40.45
C VAL MC 160 -25.59 -26.05 -39.23
N ASN MC 161 -26.48 -25.08 -39.45
CA ASN MC 161 -27.07 -24.36 -38.32
C ASN MC 161 -27.90 -25.27 -37.42
N ALA MC 162 -28.86 -25.96 -38.01
CA ALA MC 162 -29.69 -26.87 -37.23
C ALA MC 162 -28.87 -27.87 -36.43
N ALA MC 163 -27.90 -28.52 -37.07
CA ALA MC 163 -27.05 -29.46 -36.35
C ALA MC 163 -26.34 -28.82 -35.16
N THR MC 164 -25.72 -27.67 -35.37
CA THR MC 164 -25.00 -27.05 -34.26
C THR MC 164 -25.92 -26.60 -33.14
N MET MC 165 -27.17 -26.21 -33.42
CA MET MC 165 -28.08 -25.90 -32.32
C MET MC 165 -28.54 -27.15 -31.57
N MET MC 166 -28.90 -28.20 -32.31
CA MET MC 166 -29.27 -29.46 -31.67
C MET MC 166 -28.19 -29.90 -30.69
N ASP MC 167 -26.93 -29.70 -31.06
CA ASP MC 167 -25.85 -30.24 -30.27
C ASP MC 167 -25.79 -29.57 -28.91
N LYS MC 168 -25.87 -28.25 -28.86
CA LYS MC 168 -25.80 -27.58 -27.58
C LYS MC 168 -27.07 -27.73 -26.77
N GLN MC 169 -28.23 -27.88 -27.43
CA GLN MC 169 -29.45 -28.17 -26.68
C GLN MC 169 -29.38 -29.47 -25.90
N ASN MC 170 -29.01 -30.57 -26.56
CA ASN MC 170 -28.96 -31.85 -25.84
C ASN MC 170 -27.86 -31.95 -24.79
N ASP MC 171 -27.06 -30.91 -24.55
CA ASP MC 171 -25.87 -31.03 -23.71
C ASP MC 171 -26.15 -31.16 -22.22
N GLY MC 172 -27.33 -30.78 -21.74
CA GLY MC 172 -27.72 -30.96 -20.35
C GLY MC 172 -28.02 -32.40 -19.94
N ILE MC 173 -28.19 -33.32 -20.88
CA ILE MC 173 -28.42 -34.73 -20.55
C ILE MC 173 -27.27 -35.29 -19.71
N GLU MC 174 -27.61 -35.77 -18.52
CA GLU MC 174 -26.69 -36.41 -17.59
C GLU MC 174 -26.79 -37.93 -17.75
N LEU MC 175 -25.64 -38.58 -17.98
CA LEU MC 175 -25.60 -40.01 -18.24
C LEU MC 175 -24.79 -40.86 -17.27
N GLY MC 176 -23.91 -40.28 -16.46
CA GLY MC 176 -23.19 -41.06 -15.45
C GLY MC 176 -23.91 -41.28 -14.14
N ARG MC 177 -24.07 -42.55 -13.73
CA ARG MC 177 -24.91 -42.90 -12.59
C ARG MC 177 -24.22 -43.93 -11.69
N GLN MC 178 -24.47 -43.77 -10.40
CA GLN MC 178 -23.96 -44.62 -9.32
C GLN MC 178 -24.95 -45.70 -8.90
N LYS MC 179 -24.42 -46.85 -8.48
CA LYS MC 179 -25.25 -47.97 -8.03
C LYS MC 179 -24.72 -48.54 -6.72
N ILE MC 180 -25.65 -49.19 -6.01
CA ILE MC 180 -25.45 -49.83 -4.71
C ILE MC 180 -25.44 -51.35 -4.83
N GLY MC 181 -24.35 -51.96 -4.39
CA GLY MC 181 -24.23 -53.41 -4.30
C GLY MC 181 -24.15 -53.90 -2.86
N VAL MC 182 -25.03 -54.84 -2.54
CA VAL MC 182 -25.14 -55.45 -1.20
C VAL MC 182 -24.40 -56.77 -1.21
N MET MC 183 -23.53 -57.00 -0.23
CA MET MC 183 -22.73 -58.23 -0.19
C MET MC 183 -22.65 -58.79 1.23
N ARG MC 184 -23.24 -59.95 1.44
CA ARG MC 184 -23.16 -60.67 2.71
C ARG MC 184 -21.89 -61.50 2.86
N LEU MC 185 -21.25 -61.37 4.01
CA LEU MC 185 -20.14 -62.25 4.37
C LEU MC 185 -20.68 -63.52 5.02
N ASN MC 186 -20.10 -64.65 4.63
CA ASN MC 186 -20.49 -65.97 5.09
C ASN MC 186 -19.57 -66.56 6.14
N ASN MC 187 -18.35 -66.08 6.27
CA ASN MC 187 -17.32 -66.75 7.03
C ASN MC 187 -16.63 -65.87 8.07
N THR MC 188 -17.04 -64.63 8.25
CA THR MC 188 -16.35 -63.73 9.17
C THR MC 188 -17.30 -62.61 9.59
N PHE MC 189 -17.01 -62.04 10.75
CA PHE MC 189 -17.73 -60.87 11.22
C PHE MC 189 -17.36 -59.61 10.43
N VAL MC 190 -18.40 -58.89 10.02
CA VAL MC 190 -18.22 -57.69 9.20
C VAL MC 190 -17.51 -56.57 9.95
N GLY MC 191 -17.95 -56.26 11.16
CA GLY MC 191 -17.38 -55.16 11.89
C GLY MC 191 -16.02 -55.40 12.53
N ASP MC 192 -15.43 -54.28 12.94
CA ASP MC 192 -14.16 -54.27 13.66
C ASP MC 192 -14.31 -55.02 14.97
N ARG MC 193 -13.41 -55.95 15.22
CA ARG MC 193 -13.67 -57.05 16.13
C ARG MC 193 -12.89 -56.88 17.42
N THR MC 194 -13.61 -56.90 18.53
CA THR MC 194 -13.04 -56.79 19.87
C THR MC 194 -12.97 -58.18 20.50
N TYR MC 195 -11.83 -58.45 21.14
CA TYR MC 195 -11.67 -59.55 22.06
C TYR MC 195 -11.38 -58.95 23.43
N ASN MC 196 -11.84 -59.58 24.48
CA ASN MC 196 -11.40 -59.21 25.82
C ASN MC 196 -10.43 -60.25 26.35
N LEU MC 197 -9.21 -59.81 26.59
CA LEU MC 197 -8.25 -60.55 27.40
C LEU MC 197 -8.62 -60.40 28.87
N ARG MC 198 -7.89 -61.12 29.72
CA ARG MC 198 -8.31 -61.30 31.11
C ARG MC 198 -8.79 -59.98 31.71
N ASP MC 199 -8.10 -58.89 31.41
CA ASP MC 199 -8.42 -57.59 31.98
C ASP MC 199 -8.60 -56.51 30.92
N GLN MC 200 -8.46 -56.84 29.65
CA GLN MC 200 -8.28 -55.81 28.63
C GLN MC 200 -8.98 -56.21 27.35
N LYS MC 201 -9.69 -55.24 26.77
CA LYS MC 201 -10.14 -55.31 25.39
C LYS MC 201 -9.01 -54.98 24.41
N MET MC 202 -8.98 -55.70 23.30
CA MET MC 202 -8.08 -55.41 22.19
C MET MC 202 -8.85 -55.66 20.90
N VAL MC 203 -8.49 -54.93 19.84
CA VAL MC 203 -9.39 -54.71 18.72
C VAL MC 203 -8.63 -54.85 17.40
N ILE MC 204 -9.30 -55.43 16.41
CA ILE MC 204 -8.69 -55.73 15.12
C ILE MC 204 -9.51 -55.13 13.98
N PRO MC 205 -8.83 -54.56 12.98
CA PRO MC 205 -9.52 -53.90 11.86
C PRO MC 205 -10.32 -54.83 10.94
N GLY MC 206 -11.52 -54.38 10.60
CA GLY MC 206 -12.35 -55.03 9.60
C GLY MC 206 -11.95 -54.75 8.16
N ILE MC 207 -12.63 -55.48 7.28
CA ILE MC 207 -12.44 -55.35 5.83
C ILE MC 207 -12.66 -53.93 5.37
N ALA MC 208 -13.82 -53.35 5.68
CA ALA MC 208 -14.12 -51.97 5.29
C ALA MC 208 -13.00 -51.02 5.69
N THR MC 209 -12.48 -51.19 6.91
CA THR MC 209 -11.38 -50.36 7.37
C THR MC 209 -10.15 -50.53 6.50
N ALA MC 210 -9.77 -51.78 6.23
CA ALA MC 210 -8.56 -52.01 5.44
C ALA MC 210 -8.70 -51.47 4.03
N ILE MC 211 -9.84 -51.68 3.38
CA ILE MC 211 -9.99 -51.19 2.01
C ILE MC 211 -10.06 -49.66 1.97
N GLU MC 212 -10.75 -49.05 2.93
CA GLU MC 212 -10.79 -47.60 2.99
C GLU MC 212 -9.42 -47.00 3.30
N ARG MC 213 -8.50 -47.79 3.87
CA ARG MC 213 -7.11 -47.35 3.98
C ARG MC 213 -6.31 -47.67 2.74
N LEU MC 214 -6.74 -48.64 1.97
CA LEU MC 214 -6.00 -49.01 0.77
C LEU MC 214 -6.22 -48.00 -0.36
N LEU MC 215 -7.46 -47.64 -0.62
CA LEU MC 215 -7.75 -46.82 -1.79
C LEU MC 215 -7.69 -45.32 -1.53
N GLN MC 216 -7.34 -44.88 -0.32
CA GLN MC 216 -7.67 -43.53 0.09
C GLN MC 216 -7.04 -42.48 -0.83
N GLY MC 217 -7.89 -41.72 -1.51
CA GLY MC 217 -7.48 -40.64 -2.38
C GLY MC 217 -6.94 -41.03 -3.74
N GLU MC 218 -7.07 -42.27 -4.16
CA GLU MC 218 -6.55 -42.66 -5.46
C GLU MC 218 -7.36 -42.05 -6.59
N GLU MC 219 -6.69 -41.80 -7.71
CA GLU MC 219 -7.33 -41.23 -8.90
C GLU MC 219 -7.30 -42.14 -10.12
N GLN MC 220 -6.36 -43.07 -10.20
CA GLN MC 220 -6.31 -44.03 -11.29
C GLN MC 220 -7.49 -45.00 -11.17
N PRO MC 221 -7.98 -45.53 -12.28
CA PRO MC 221 -9.02 -46.55 -12.19
C PRO MC 221 -8.46 -47.86 -11.65
N LEU MC 222 -9.32 -48.59 -10.95
CA LEU MC 222 -8.97 -49.90 -10.42
C LEU MC 222 -9.27 -50.99 -11.43
N GLY MC 223 -8.55 -52.11 -11.31
CA GLY MC 223 -8.98 -53.36 -11.88
C GLY MC 223 -8.11 -54.55 -11.53
N ASN MC 224 -8.09 -55.56 -12.39
CA ASN MC 224 -6.96 -56.47 -12.51
C ASN MC 224 -6.69 -57.29 -11.25
N ILE MC 225 -7.70 -57.51 -10.39
CA ILE MC 225 -7.42 -58.02 -9.05
C ILE MC 225 -6.79 -59.40 -9.14
N VAL MC 226 -5.71 -59.59 -8.37
CA VAL MC 226 -4.87 -60.78 -8.44
C VAL MC 226 -4.61 -61.28 -7.03
N SER MC 227 -4.56 -62.60 -6.88
CA SER MC 227 -4.10 -63.20 -5.63
C SER MC 227 -2.59 -63.10 -5.51
N LYS MC 259 -18.90 -44.26 -15.26
CA LYS MC 259 -18.25 -44.63 -16.52
C LYS MC 259 -16.98 -45.45 -16.31
N GLN MC 260 -16.55 -46.11 -17.38
CA GLN MC 260 -15.44 -47.05 -17.32
C GLN MC 260 -14.16 -46.41 -16.79
N ASN MC 261 -14.04 -45.08 -16.90
CA ASN MC 261 -12.86 -44.35 -16.47
C ASN MC 261 -13.08 -43.60 -15.15
N ALA MC 262 -14.12 -43.96 -14.40
CA ALA MC 262 -14.31 -43.40 -13.07
C ALA MC 262 -13.14 -43.74 -12.15
N ALA MC 263 -12.92 -42.89 -11.15
CA ALA MC 263 -11.78 -42.99 -10.26
C ALA MC 263 -11.99 -44.05 -9.18
N ALA MC 264 -10.88 -44.67 -8.78
CA ALA MC 264 -10.90 -45.62 -7.67
C ALA MC 264 -11.27 -44.96 -6.34
N GLY MC 265 -10.95 -43.68 -6.16
CA GLY MC 265 -11.26 -43.01 -4.91
C GLY MC 265 -12.73 -42.71 -4.67
N ASN MC 266 -13.61 -42.96 -5.64
CA ASN MC 266 -15.04 -42.69 -5.45
C ASN MC 266 -15.79 -43.80 -4.74
N ILE MC 267 -15.20 -44.98 -4.56
CA ILE MC 267 -15.91 -46.09 -3.94
C ILE MC 267 -16.15 -45.80 -2.47
N LYS MC 268 -17.34 -46.17 -1.97
CA LYS MC 268 -17.58 -46.10 -0.53
C LYS MC 268 -18.09 -47.45 0.00
N ILE MC 269 -17.59 -47.85 1.17
CA ILE MC 269 -17.98 -49.09 1.84
C ILE MC 269 -18.51 -48.81 3.24
N VAL MC 270 -19.68 -49.36 3.56
CA VAL MC 270 -20.31 -49.19 4.87
C VAL MC 270 -20.66 -50.55 5.45
N ALA MC 271 -20.07 -50.90 6.60
CA ALA MC 271 -20.38 -52.13 7.31
C ALA MC 271 -21.78 -52.06 7.93
N TYR MC 272 -22.52 -53.18 7.87
CA TYR MC 272 -23.86 -53.29 8.42
C TYR MC 272 -23.97 -54.58 9.22
N PRO MC 273 -23.51 -54.56 10.47
CA PRO MC 273 -23.55 -55.77 11.31
C PRO MC 273 -24.92 -56.33 11.58
N ASP MC 274 -25.97 -55.51 11.54
CA ASP MC 274 -27.32 -56.02 11.80
C ASP MC 274 -27.61 -57.32 11.05
N THR MC 275 -27.13 -57.42 9.82
CA THR MC 275 -27.32 -58.61 9.00
C THR MC 275 -25.99 -59.20 8.56
N ASN MC 276 -24.91 -58.78 9.20
CA ASN MC 276 -23.56 -59.20 8.84
C ASN MC 276 -23.26 -59.01 7.35
N SER MC 277 -23.53 -57.82 6.84
CA SER MC 277 -23.42 -57.56 5.41
C SER MC 277 -22.71 -56.23 5.18
N LEU MC 278 -22.35 -55.98 3.92
CA LEU MC 278 -21.68 -54.76 3.50
C LEU MC 278 -22.52 -54.04 2.44
N LEU MC 279 -22.48 -52.72 2.50
CA LEU MC 279 -23.06 -51.86 1.47
C LEU MC 279 -21.93 -51.18 0.71
N VAL MC 280 -21.95 -51.26 -0.62
CA VAL MC 280 -20.90 -50.71 -1.45
C VAL MC 280 -21.55 -49.78 -2.47
N LYS MC 281 -20.98 -48.60 -2.64
CA LYS MC 281 -21.45 -47.61 -3.61
C LYS MC 281 -20.37 -47.27 -4.62
N GLY MC 282 -20.69 -47.44 -5.89
CA GLY MC 282 -19.77 -47.10 -6.95
C GLY MC 282 -20.37 -47.37 -8.32
N THR MC 283 -19.50 -47.51 -9.32
CA THR MC 283 -19.90 -47.98 -10.64
C THR MC 283 -20.00 -49.50 -10.69
N ALA MC 284 -20.64 -50.00 -11.73
CA ALA MC 284 -20.82 -51.43 -11.92
C ALA MC 284 -19.50 -52.21 -11.91
N GLU MC 285 -18.51 -51.75 -12.68
CA GLU MC 285 -17.24 -52.45 -12.70
C GLU MC 285 -16.53 -52.39 -11.36
N GLN MC 286 -16.63 -51.26 -10.66
CA GLN MC 286 -16.05 -51.15 -9.34
C GLN MC 286 -16.70 -52.13 -8.37
N VAL MC 287 -18.02 -52.13 -8.31
CA VAL MC 287 -18.76 -53.11 -7.53
C VAL MC 287 -18.29 -54.53 -7.82
N HIS MC 288 -18.19 -54.87 -9.10
CA HIS MC 288 -17.70 -56.20 -9.48
C HIS MC 288 -16.33 -56.52 -8.89
N PHE MC 289 -15.35 -55.64 -9.11
CA PHE MC 289 -14.03 -55.84 -8.51
C PHE MC 289 -14.08 -55.97 -6.99
N ILE MC 290 -14.81 -55.08 -6.32
CA ILE MC 290 -14.96 -55.19 -4.87
C ILE MC 290 -15.48 -56.56 -4.48
N GLU MC 291 -16.53 -57.03 -5.14
CA GLU MC 291 -17.08 -58.35 -4.87
C GLU MC 291 -16.02 -59.45 -4.99
N MET MC 292 -15.26 -59.42 -6.08
CA MET MC 292 -14.19 -60.39 -6.24
C MET MC 292 -13.17 -60.33 -5.12
N LEU MC 293 -12.77 -59.14 -4.72
CA LEU MC 293 -11.84 -59.02 -3.60
C LEU MC 293 -12.41 -59.56 -2.29
N VAL MC 294 -13.65 -59.20 -1.98
CA VAL MC 294 -14.30 -59.71 -0.78
C VAL MC 294 -14.22 -61.23 -0.74
N LYS MC 295 -14.62 -61.88 -1.83
CA LYS MC 295 -14.60 -63.33 -1.83
C LYS MC 295 -13.21 -63.90 -1.98
N ALA MC 296 -12.22 -63.09 -2.34
CA ALA MC 296 -10.83 -63.51 -2.21
C ALA MC 296 -10.29 -63.36 -0.81
N LEU MC 297 -10.99 -62.63 0.05
CA LEU MC 297 -10.52 -62.38 1.41
C LEU MC 297 -11.13 -63.28 2.48
N ASP MC 298 -12.45 -63.41 2.54
CA ASP MC 298 -13.03 -64.19 3.63
C ASP MC 298 -12.96 -65.71 3.39
N VAL MC 299 -12.40 -66.43 4.38
CA VAL MC 299 -12.32 -67.88 4.39
C VAL MC 299 -12.58 -68.40 5.79
N ALA MC 300 -13.16 -69.60 5.89
CA ALA MC 300 -13.42 -70.28 7.17
C ALA MC 300 -12.11 -70.70 7.85
N LYS MC 301 -11.78 -70.03 8.96
CA LYS MC 301 -10.61 -70.38 9.77
C LYS MC 301 -10.62 -71.82 10.30
N ARG MC 302 -9.45 -72.43 10.30
CA ARG MC 302 -9.16 -73.72 10.94
C ARG MC 302 -9.22 -73.64 12.47
N HIS MC 303 -9.52 -74.78 13.10
CA HIS MC 303 -9.46 -74.94 14.55
C HIS MC 303 -8.17 -75.62 15.00
N VAL MC 304 -7.64 -75.16 16.13
CA VAL MC 304 -6.40 -75.64 16.73
C VAL MC 304 -6.65 -75.96 18.21
N GLU MC 305 -6.16 -77.10 18.68
CA GLU MC 305 -6.23 -77.48 20.09
C GLU MC 305 -4.84 -77.65 20.67
N LEU MC 306 -4.64 -77.11 21.87
CA LEU MC 306 -3.34 -77.06 22.53
C LEU MC 306 -3.41 -77.75 23.89
N SER MC 307 -2.55 -78.76 24.06
CA SER MC 307 -2.36 -79.49 25.31
C SER MC 307 -0.98 -79.17 25.89
N LEU MC 308 -0.95 -78.71 27.15
CA LEU MC 308 0.31 -78.40 27.85
C LEU MC 308 0.53 -79.32 29.04
N TRP MC 309 1.60 -80.13 29.00
CA TRP MC 309 1.96 -81.03 30.08
C TRP MC 309 2.96 -80.39 31.04
N ILE MC 310 2.59 -80.28 32.32
CA ILE MC 310 3.44 -79.79 33.40
C ILE MC 310 3.72 -80.93 34.37
N VAL MC 311 4.99 -81.30 34.52
CA VAL MC 311 5.39 -82.46 35.32
C VAL MC 311 6.38 -82.04 36.40
N ASP MC 312 6.14 -82.51 37.62
CA ASP MC 312 6.98 -82.23 38.79
C ASP MC 312 7.27 -83.49 39.58
N LEU MC 313 8.52 -83.63 40.04
CA LEU MC 313 8.98 -84.79 40.80
C LEU MC 313 9.91 -84.36 41.92
N ASN MC 314 9.90 -85.10 43.02
CA ASN MC 314 10.75 -84.74 44.17
C ASN MC 314 11.12 -85.95 45.02
N LYS MC 315 12.40 -85.98 45.43
CA LYS MC 315 13.00 -86.96 46.33
C LYS MC 315 13.81 -86.28 47.42
N SER MC 316 13.70 -86.75 48.66
CA SER MC 316 14.52 -86.17 49.71
C SER MC 316 14.72 -87.14 50.88
N ASP MC 317 15.93 -87.09 51.45
CA ASP MC 317 16.36 -87.91 52.59
C ASP MC 317 16.91 -87.01 53.69
N LEU MC 318 16.63 -87.37 54.94
CA LEU MC 318 17.17 -86.66 56.11
C LEU MC 318 17.61 -87.63 57.18
N GLU MC 319 18.79 -87.39 57.77
CA GLU MC 319 19.23 -88.12 58.95
C GLU MC 319 19.95 -87.22 59.94
N ARG MC 320 19.63 -87.39 61.22
CA ARG MC 320 20.32 -86.73 62.33
C ARG MC 320 20.58 -87.75 63.42
N LEU MC 321 21.80 -87.74 63.98
CA LEU MC 321 22.16 -88.74 64.96
C LEU MC 321 23.28 -88.26 65.85
N GLY MC 322 23.08 -88.33 67.16
CA GLY MC 322 24.15 -88.13 68.10
C GLY MC 322 23.71 -87.36 69.33
N THR MC 323 24.68 -86.81 70.05
CA THR MC 323 24.47 -86.30 71.40
C THR MC 323 25.29 -85.05 71.65
N SER MC 324 24.79 -84.21 72.56
CA SER MC 324 25.45 -82.96 72.93
C SER MC 324 25.42 -82.80 74.44
N TRP MC 325 26.47 -82.18 75.00
CA TRP MC 325 26.73 -82.21 76.43
C TRP MC 325 27.09 -80.84 76.99
N SER MC 326 26.67 -80.60 78.24
CA SER MC 326 27.11 -79.45 79.01
C SER MC 326 26.99 -79.79 80.49
N GLY MC 327 27.67 -79.03 81.35
CA GLY MC 327 27.53 -79.28 82.76
C GLY MC 327 28.47 -78.44 83.61
N SER MC 328 28.44 -78.70 84.92
CA SER MC 328 29.24 -77.90 85.84
C SER MC 328 29.40 -78.61 87.18
N ILE MC 329 30.44 -78.19 87.91
CA ILE MC 329 30.76 -78.73 89.23
C ILE MC 329 31.30 -77.60 90.11
N THR MC 330 31.24 -77.83 91.42
CA THR MC 330 31.72 -76.85 92.39
C THR MC 330 32.45 -77.53 93.54
N ILE MC 331 33.54 -76.91 93.99
CA ILE MC 331 34.27 -77.32 95.18
C ILE MC 331 34.02 -76.28 96.27
N GLY MC 332 33.47 -76.75 97.39
CA GLY MC 332 32.96 -75.89 98.44
C GLY MC 332 32.00 -74.86 97.89
N ASP MC 333 32.23 -73.61 98.25
CA ASP MC 333 31.81 -72.47 97.45
C ASP MC 333 33.01 -71.73 96.89
N LYS MC 334 34.19 -72.35 96.97
CA LYS MC 334 35.44 -71.67 96.62
C LYS MC 334 35.68 -71.70 95.12
N LEU MC 335 35.72 -72.88 94.52
CA LEU MC 335 36.01 -72.98 93.09
C LEU MC 335 34.82 -73.51 92.32
N GLY MC 336 34.33 -72.70 91.39
CA GLY MC 336 33.29 -73.11 90.47
C GLY MC 336 33.86 -73.40 89.09
N VAL MC 337 33.36 -74.45 88.46
CA VAL MC 337 33.82 -74.86 87.13
C VAL MC 337 32.59 -75.14 86.29
N SER MC 338 32.57 -74.62 85.07
CA SER MC 338 31.49 -74.85 84.14
C SER MC 338 32.07 -75.31 82.81
N LEU MC 339 31.48 -76.36 82.24
CA LEU MC 339 31.89 -76.94 80.97
C LEU MC 339 30.82 -76.66 79.93
N ASN MC 340 31.21 -75.88 78.92
CA ASN MC 340 30.38 -75.53 77.77
C ASN MC 340 29.02 -74.98 78.15
N GLN MC 341 29.01 -73.96 79.00
CA GLN MC 341 27.76 -73.33 79.41
C GLN MC 341 27.84 -71.83 79.22
N SER MC 342 26.81 -71.27 78.60
CA SER MC 342 26.65 -69.83 78.61
C SER MC 342 26.21 -69.38 80.00
N SER MC 343 25.60 -70.29 80.77
CA SER MC 343 25.24 -70.00 82.16
C SER MC 343 26.50 -69.80 82.99
N ILE MC 344 26.48 -68.73 83.78
CA ILE MC 344 27.61 -68.37 84.65
C ILE MC 344 27.58 -69.13 85.98
N SER MC 345 26.39 -69.32 86.56
CA SER MC 345 26.29 -69.92 87.88
C SER MC 345 26.58 -71.42 87.90
N THR MC 346 27.15 -71.85 89.02
CA THR MC 346 27.48 -73.25 89.33
C THR MC 346 27.04 -73.51 90.76
N LEU MC 347 25.77 -73.19 91.03
CA LEU MC 347 25.19 -73.24 92.36
C LEU MC 347 25.36 -74.57 93.08
N ASP MC 348 25.47 -75.68 92.34
CA ASP MC 348 25.52 -76.99 92.97
C ASP MC 348 26.85 -77.69 92.74
N GLY MC 349 27.11 -78.69 93.60
CA GLY MC 349 28.30 -79.50 93.48
C GLY MC 349 28.49 -80.14 92.12
N SER MC 350 27.42 -80.62 91.50
CA SER MC 350 27.58 -81.25 90.19
C SER MC 350 26.24 -81.39 89.50
N ARG MC 351 26.19 -81.01 88.22
CA ARG MC 351 24.97 -81.14 87.45
C ARG MC 351 25.33 -81.14 85.96
N PHE MC 352 24.71 -82.03 85.19
CA PHE MC 352 24.99 -82.16 83.78
C PHE MC 352 23.73 -82.38 82.96
N ILE MC 353 23.79 -81.95 81.70
CA ILE MC 353 22.69 -82.04 80.75
C ILE MC 353 23.21 -82.61 79.43
N ALA MC 354 22.43 -83.52 78.85
CA ALA MC 354 22.76 -84.16 77.58
C ALA MC 354 21.52 -84.28 76.72
N ALA MC 355 21.64 -83.89 75.45
CA ALA MC 355 20.56 -83.97 74.47
C ALA MC 355 20.88 -85.02 73.40
N VAL MC 356 20.02 -86.03 73.30
CA VAL MC 356 20.12 -87.12 72.31
C VAL MC 356 19.15 -86.87 71.17
N ASN MC 357 19.67 -86.88 69.93
CA ASN MC 357 18.88 -86.62 68.73
C ASN MC 357 19.13 -87.73 67.73
N ALA MC 358 18.12 -88.58 67.49
CA ALA MC 358 18.25 -89.72 66.58
C ALA MC 358 16.99 -89.89 65.74
N LEU MC 359 17.05 -89.48 64.47
CA LEU MC 359 15.87 -89.52 63.61
C LEU MC 359 16.26 -89.59 62.14
N GLU MC 360 15.46 -90.31 61.36
CA GLU MC 360 15.65 -90.48 59.92
C GLU MC 360 14.30 -90.39 59.21
N GLU MC 361 14.29 -89.76 58.02
CA GLU MC 361 13.05 -89.55 57.29
C GLU MC 361 13.29 -89.53 55.78
N LYS MC 362 12.32 -90.08 55.04
CA LYS MC 362 12.34 -90.08 53.58
C LYS MC 362 11.03 -89.51 53.06
N LYS MC 363 11.10 -88.81 51.93
CA LYS MC 363 9.93 -88.19 51.35
C LYS MC 363 10.03 -88.16 49.83
N GLN MC 364 8.91 -88.42 49.16
CA GLN MC 364 8.89 -88.44 47.70
C GLN MC 364 7.51 -87.96 47.22
N ALA MC 365 7.49 -87.26 46.09
CA ALA MC 365 6.24 -86.74 45.56
C ALA MC 365 6.26 -86.65 44.03
N THR MC 366 5.06 -86.73 43.44
CA THR MC 366 4.83 -86.69 41.99
C THR MC 366 3.56 -85.92 41.63
N VAL MC 367 3.67 -84.95 40.73
CA VAL MC 367 2.50 -84.16 40.31
C VAL MC 367 2.52 -83.97 38.80
N VAL MC 368 1.40 -84.26 38.15
CA VAL MC 368 1.20 -84.03 36.73
C VAL MC 368 -0.06 -83.22 36.52
N SER MC 369 0.05 -82.12 35.76
CA SER MC 369 -1.06 -81.24 35.45
C SER MC 369 -1.07 -81.00 33.95
N ARG MC 370 -2.24 -81.07 33.32
CA ARG MC 370 -2.33 -80.89 31.88
C ARG MC 370 -3.58 -80.11 31.48
N PRO MC 371 -3.44 -78.82 31.20
CA PRO MC 371 -4.52 -78.05 30.59
C PRO MC 371 -4.65 -78.27 29.10
N VAL MC 372 -5.89 -78.15 28.62
CA VAL MC 372 -6.23 -78.22 27.21
C VAL MC 372 -7.14 -77.06 26.84
N LEU MC 373 -6.87 -76.45 25.68
CA LEU MC 373 -7.61 -75.29 25.23
C LEU MC 373 -7.82 -75.33 23.72
N LEU MC 374 -8.95 -74.78 23.27
CA LEU MC 374 -9.30 -74.70 21.86
C LEU MC 374 -9.30 -73.25 21.37
N THR MC 375 -8.73 -73.04 20.18
CA THR MC 375 -8.49 -71.71 19.64
C THR MC 375 -8.66 -71.79 18.14
N GLN MC 376 -9.07 -70.69 17.51
CA GLN MC 376 -9.02 -70.63 16.07
C GLN MC 376 -7.67 -70.09 15.59
N GLU MC 377 -7.39 -70.35 14.32
CA GLU MC 377 -6.24 -69.76 13.66
C GLU MC 377 -6.24 -68.23 13.75
N ASN MC 378 -5.07 -67.68 14.04
CA ASN MC 378 -4.86 -66.23 14.16
C ASN MC 378 -5.59 -65.52 15.29
N VAL MC 379 -6.38 -66.23 16.08
CA VAL MC 379 -7.15 -65.61 17.16
C VAL MC 379 -6.47 -65.89 18.49
N PRO MC 380 -6.17 -64.86 19.29
CA PRO MC 380 -5.53 -65.11 20.59
C PRO MC 380 -6.52 -65.68 21.58
N ALA MC 381 -6.01 -66.49 22.51
CA ALA MC 381 -6.88 -67.03 23.55
C ALA MC 381 -6.13 -67.13 24.87
N ILE MC 382 -6.92 -67.23 25.94
CA ILE MC 382 -6.43 -67.21 27.31
C ILE MC 382 -7.19 -68.19 28.17
N PHE MC 383 -6.47 -68.86 29.07
CA PHE MC 383 -7.01 -69.81 30.02
C PHE MC 383 -6.42 -69.46 31.39
N ASP MC 384 -7.28 -69.39 32.40
CA ASP MC 384 -6.83 -69.00 33.74
C ASP MC 384 -7.56 -69.81 34.80
N ASN MC 385 -6.80 -70.50 35.65
CA ASN MC 385 -7.40 -71.45 36.57
C ASN MC 385 -6.64 -71.51 37.88
N ASN MC 386 -7.38 -71.78 38.97
CA ASN MC 386 -6.74 -72.05 40.25
C ASN MC 386 -7.69 -72.87 41.10
N ARG MC 387 -7.12 -73.59 42.06
CA ARG MC 387 -7.87 -74.46 42.95
C ARG MC 387 -7.20 -74.58 44.30
N THR MC 388 -7.99 -74.80 45.35
CA THR MC 388 -7.50 -74.91 46.70
C THR MC 388 -7.75 -76.30 47.27
N PHE MC 389 -6.83 -76.74 48.13
CA PHE MC 389 -6.86 -78.04 48.76
C PHE MC 389 -6.66 -77.88 50.26
N TYR MC 390 -7.24 -78.79 51.03
CA TYR MC 390 -7.17 -78.74 52.49
C TYR MC 390 -6.59 -80.05 52.99
N THR MC 391 -5.71 -79.97 53.97
CA THR MC 391 -5.25 -81.15 54.70
C THR MC 391 -6.34 -81.61 55.67
N LYS MC 392 -6.95 -82.75 55.39
CA LYS MC 392 -7.89 -83.35 56.34
C LYS MC 392 -7.15 -83.72 57.61
N LEU MC 393 -7.63 -83.21 58.74
CA LEU MC 393 -6.83 -83.15 59.95
C LEU MC 393 -7.48 -83.91 61.11
N ILE MC 394 -6.61 -84.47 61.94
CA ILE MC 394 -7.01 -85.29 63.08
C ILE MC 394 -7.64 -84.43 64.16
N GLY MC 395 -8.70 -84.95 64.77
CA GLY MC 395 -9.33 -84.28 65.89
C GLY MC 395 -10.36 -83.23 65.52
N GLU MC 396 -11.25 -83.57 64.58
CA GLU MC 396 -12.21 -82.60 64.04
C GLU MC 396 -13.09 -81.99 65.12
N ARG MC 397 -13.10 -82.58 66.32
CA ARG MC 397 -13.70 -81.92 67.47
C ARG MC 397 -13.09 -80.54 67.66
N ASN MC 398 -11.79 -80.43 67.45
CA ASN MC 398 -11.09 -79.16 67.45
C ASN MC 398 -11.02 -78.62 66.03
N VAL MC 399 -10.95 -77.30 65.92
CA VAL MC 399 -11.03 -76.60 64.64
C VAL MC 399 -9.63 -76.11 64.27
N ALA MC 400 -8.96 -76.85 63.38
CA ALA MC 400 -7.74 -76.38 62.74
C ALA MC 400 -7.62 -77.08 61.41
N LEU MC 401 -7.78 -76.32 60.33
CA LEU MC 401 -7.67 -76.82 58.96
C LEU MC 401 -6.75 -75.91 58.17
N GLU MC 402 -5.80 -76.48 57.43
CA GLU MC 402 -4.84 -75.68 56.66
C GLU MC 402 -4.93 -76.04 55.18
N HIS MC 403 -4.78 -75.01 54.35
CA HIS MC 403 -4.97 -75.12 52.91
C HIS MC 403 -3.77 -74.63 52.11
N VAL MC 404 -3.78 -75.01 50.84
CA VAL MC 404 -2.80 -74.59 49.84
C VAL MC 404 -3.57 -74.31 48.55
N THR MC 405 -3.08 -73.36 47.77
CA THR MC 405 -3.71 -73.02 46.49
C THR MC 405 -2.72 -73.09 45.34
N TYR MC 406 -3.17 -73.70 44.25
CA TYR MC 406 -2.40 -73.90 43.04
C TYR MC 406 -3.06 -73.09 41.93
N GLY MC 407 -2.26 -72.45 41.09
CA GLY MC 407 -2.82 -71.65 40.01
C GLY MC 407 -1.93 -71.60 38.80
N THR MC 408 -2.58 -71.42 37.64
CA THR MC 408 -1.94 -71.52 36.35
C THR MC 408 -2.63 -70.59 35.36
N MET MC 409 -1.83 -69.98 34.48
CA MET MC 409 -2.35 -69.08 33.47
C MET MC 409 -1.60 -69.31 32.17
N ILE MC 410 -2.35 -69.35 31.06
CA ILE MC 410 -1.80 -69.51 29.72
C ILE MC 410 -2.42 -68.50 28.77
N ARG MC 411 -1.58 -67.83 27.99
CA ARG MC 411 -2.01 -66.95 26.91
C ARG MC 411 -1.27 -67.42 25.65
N VAL MC 412 -1.99 -67.54 24.52
CA VAL MC 412 -1.38 -68.10 23.32
C VAL MC 412 -1.99 -67.53 22.05
N LEU MC 413 -1.14 -67.47 21.02
CA LEU MC 413 -1.54 -67.07 19.66
C LEU MC 413 -1.12 -68.15 18.65
N PRO MC 414 -2.06 -68.82 17.93
CA PRO MC 414 -1.69 -69.86 16.96
C PRO MC 414 -1.56 -69.43 15.49
N ARG MC 415 -0.51 -69.92 14.82
CA ARG MC 415 -0.21 -69.69 13.42
C ARG MC 415 0.01 -70.99 12.65
N PHE MC 416 -0.63 -71.12 11.48
CA PHE MC 416 -0.45 -72.27 10.59
C PHE MC 416 0.54 -71.94 9.49
N SER MC 417 1.62 -72.70 9.43
CA SER MC 417 2.58 -72.63 8.34
C SER MC 417 2.11 -73.46 7.17
N ALA MC 418 2.59 -73.09 5.98
CA ALA MC 418 2.31 -73.85 4.76
C ALA MC 418 2.85 -75.28 4.84
N ASP MC 419 3.94 -75.49 5.56
CA ASP MC 419 4.58 -76.80 5.69
C ASP MC 419 3.86 -77.74 6.65
N GLY MC 420 2.65 -77.41 7.08
CA GLY MC 420 1.96 -78.22 8.07
C GLY MC 420 2.53 -78.15 9.46
N GLN MC 421 3.03 -76.99 9.86
CA GLN MC 421 3.64 -76.78 11.17
C GLN MC 421 2.87 -75.68 11.88
N ILE MC 422 2.75 -75.79 13.20
CA ILE MC 422 2.11 -74.77 14.01
C ILE MC 422 3.17 -73.97 14.75
N GLU MC 423 3.05 -72.64 14.68
CA GLU MC 423 3.93 -71.71 15.37
C GLU MC 423 3.09 -70.92 16.37
N MET MC 424 3.57 -70.77 17.59
CA MET MC 424 2.78 -70.07 18.59
C MET MC 424 3.64 -69.17 19.45
N SER MC 425 3.02 -68.09 19.90
CA SER MC 425 3.58 -67.16 20.87
C SER MC 425 2.89 -67.45 22.20
N LEU MC 426 3.69 -67.71 23.24
CA LEU MC 426 3.20 -68.27 24.50
C LEU MC 426 3.66 -67.47 25.70
N ASP MC 427 2.71 -67.20 26.61
CA ASP MC 427 2.97 -66.65 27.94
C ASP MC 427 2.37 -67.63 28.94
N ILE MC 428 3.23 -68.20 29.78
CA ILE MC 428 2.84 -69.31 30.66
C ILE MC 428 3.36 -69.09 32.06
N GLU MC 429 2.49 -69.29 33.06
CA GLU MC 429 2.96 -69.17 34.43
C GLU MC 429 2.18 -70.13 35.32
N ASP MC 430 2.84 -70.59 36.38
CA ASP MC 430 2.25 -71.53 37.32
C ASP MC 430 2.88 -71.41 38.69
N GLY MC 431 2.12 -71.78 39.72
CA GLY MC 431 2.76 -72.08 40.99
C GLY MC 431 1.78 -72.29 42.12
N ASN MC 432 2.36 -72.49 43.30
CA ASN MC 432 1.66 -72.29 44.56
C ASN MC 432 1.59 -70.81 44.86
N ASP MC 433 0.38 -70.29 45.04
CA ASP MC 433 0.22 -68.86 45.20
C ASP MC 433 0.70 -68.35 46.56
N LYS MC 434 0.26 -69.00 47.64
CA LYS MC 434 0.80 -68.68 48.95
C LYS MC 434 0.58 -69.83 49.92
N THR MC 435 1.40 -69.87 50.96
CA THR MC 435 1.22 -70.78 52.08
C THR MC 435 1.75 -70.12 53.35
N PRO MC 436 1.22 -68.98 53.77
CA PRO MC 436 1.73 -68.31 54.97
C PRO MC 436 1.45 -69.06 56.26
N GLN MC 437 0.59 -70.08 56.20
CA GLN MC 437 0.25 -70.90 57.36
C GLN MC 437 1.47 -71.72 57.77
N SER MC 438 2.09 -71.35 58.90
CA SER MC 438 3.30 -72.04 59.33
C SER MC 438 3.01 -73.52 59.60
N ASP MC 439 1.93 -73.81 60.32
CA ASP MC 439 1.52 -75.17 60.64
C ASP MC 439 2.71 -75.93 61.18
N THR MC 440 3.07 -77.08 60.60
CA THR MC 440 4.00 -78.04 61.17
C THR MC 440 4.48 -78.92 60.03
N THR MC 441 5.35 -79.88 60.36
CA THR MC 441 5.68 -80.95 59.43
C THR MC 441 4.45 -81.46 58.70
N THR MC 442 3.31 -81.54 59.41
CA THR MC 442 2.10 -82.09 58.80
C THR MC 442 1.71 -81.32 57.54
N SER MC 443 2.12 -80.07 57.43
CA SER MC 443 1.86 -79.27 56.24
C SER MC 443 2.46 -79.92 55.00
N VAL MC 444 3.79 -80.02 54.94
CA VAL MC 444 4.42 -80.61 53.78
C VAL MC 444 4.12 -82.10 53.69
N ASP MC 445 4.01 -82.77 54.84
CA ASP MC 445 3.57 -84.16 54.82
C ASP MC 445 2.27 -84.31 54.05
N ALA MC 446 1.40 -83.31 54.11
CA ALA MC 446 0.12 -83.38 53.40
C ALA MC 446 0.22 -82.85 51.96
N LEU MC 447 0.66 -81.60 51.80
CA LEU MC 447 0.51 -80.90 50.53
C LEU MC 447 1.85 -80.50 49.90
N PRO MC 448 2.07 -80.82 48.62
CA PRO MC 448 3.39 -80.66 48.00
C PRO MC 448 3.73 -79.22 47.65
N GLU MC 449 4.93 -78.77 48.04
CA GLU MC 449 5.47 -77.51 47.55
C GLU MC 449 5.94 -77.60 46.11
N VAL MC 450 5.47 -76.68 45.27
CA VAL MC 450 6.06 -76.38 43.97
C VAL MC 450 6.18 -74.86 43.82
N GLY MC 451 7.33 -74.40 43.34
CA GLY MC 451 7.61 -72.98 43.23
C GLY MC 451 6.83 -72.26 42.14
N ARG MC 452 6.99 -70.94 42.14
CA ARG MC 452 6.45 -70.08 41.09
C ARG MC 452 7.37 -70.07 39.88
N THR MC 453 6.82 -70.35 38.70
CA THR MC 453 7.58 -70.41 37.46
C THR MC 453 6.87 -69.61 36.37
N LEU MC 454 7.64 -68.80 35.62
CA LEU MC 454 7.11 -67.95 34.57
C LEU MC 454 7.99 -68.04 33.33
N ILE MC 455 7.36 -68.22 32.17
CA ILE MC 455 8.06 -68.34 30.89
C ILE MC 455 7.30 -67.58 29.81
N SER MC 456 8.03 -66.95 28.91
CA SER MC 456 7.46 -66.43 27.66
C SER MC 456 8.38 -66.74 26.50
N THR MC 457 7.82 -67.23 25.39
CA THR MC 457 8.65 -67.61 24.25
C THR MC 457 7.78 -67.84 23.02
N ILE MC 458 8.44 -68.14 21.91
CA ILE MC 458 7.81 -68.52 20.65
C ILE MC 458 8.37 -69.87 20.21
N ALA MC 459 7.51 -70.76 19.74
CA ALA MC 459 7.99 -72.05 19.24
C ALA MC 459 7.11 -72.57 18.12
N ARG MC 460 7.74 -73.36 17.24
CA ARG MC 460 7.11 -73.99 16.08
C ARG MC 460 7.33 -75.49 16.13
N VAL MC 461 6.29 -76.26 15.82
CA VAL MC 461 6.40 -77.72 15.89
C VAL MC 461 5.55 -78.38 14.81
N PRO MC 462 6.04 -79.47 14.21
CA PRO MC 462 5.20 -80.27 13.31
C PRO MC 462 3.94 -80.74 14.01
N HIS MC 463 2.83 -80.68 13.28
CA HIS MC 463 1.54 -81.11 13.79
C HIS MC 463 1.62 -82.47 14.47
N GLY MC 464 1.07 -82.54 15.69
CA GLY MC 464 1.10 -83.73 16.51
C GLY MC 464 2.41 -84.07 17.19
N LYS MC 465 3.52 -83.42 16.84
CA LYS MC 465 4.72 -83.66 17.61
C LYS MC 465 4.71 -82.80 18.87
N SER MC 466 5.65 -83.09 19.78
CA SER MC 466 5.77 -82.36 21.03
C SER MC 466 7.14 -81.70 21.13
N LEU MC 467 7.19 -80.57 21.85
CA LEU MC 467 8.45 -79.90 22.14
C LEU MC 467 8.60 -79.59 23.61
N LEU MC 468 9.81 -79.79 24.14
CA LEU MC 468 10.20 -79.31 25.46
C LEU MC 468 10.48 -77.82 25.37
N VAL MC 469 9.67 -77.01 26.03
CA VAL MC 469 9.91 -75.57 26.03
C VAL MC 469 10.86 -75.15 27.16
N GLY MC 470 10.82 -75.80 28.32
CA GLY MC 470 11.72 -75.40 29.38
C GLY MC 470 11.63 -76.35 30.56
N GLY MC 471 12.64 -76.25 31.43
CA GLY MC 471 12.67 -77.09 32.61
C GLY MC 471 13.75 -76.65 33.57
N TYR MC 472 13.75 -77.29 34.73
CA TYR MC 472 14.66 -76.98 35.81
C TYR MC 472 14.97 -78.23 36.61
N THR MC 473 16.21 -78.32 37.08
CA THR MC 473 16.66 -79.44 37.90
C THR MC 473 17.57 -78.93 39.00
N ARG MC 474 17.47 -79.53 40.18
CA ARG MC 474 18.31 -79.17 41.31
C ARG MC 474 18.71 -80.42 42.07
N ASP MC 475 19.97 -80.45 42.50
CA ASP MC 475 20.53 -81.59 43.23
C ASP MC 475 21.51 -81.08 44.27
N ALA MC 476 21.40 -81.59 45.50
CA ALA MC 476 22.27 -81.09 46.55
C ALA MC 476 22.48 -82.14 47.64
N ASN MC 477 23.62 -82.02 48.31
CA ASN MC 477 24.03 -82.88 49.42
C ASN MC 477 24.77 -82.06 50.46
N THR MC 478 24.60 -82.41 51.73
CA THR MC 478 25.24 -81.70 52.82
C THR MC 478 25.49 -82.64 53.98
N ASP MC 479 26.64 -82.48 54.63
CA ASP MC 479 27.03 -83.33 55.76
C ASP MC 479 27.81 -82.51 56.77
N THR MC 480 27.69 -82.90 58.05
CA THR MC 480 28.46 -82.20 59.08
C THR MC 480 28.55 -83.07 60.33
N VAL MC 481 29.60 -82.80 61.12
CA VAL MC 481 29.85 -83.54 62.35
C VAL MC 481 30.54 -82.64 63.37
N GLN MC 482 30.15 -82.80 64.64
CA GLN MC 482 30.70 -82.07 65.77
C GLN MC 482 31.13 -83.04 66.85
N SER MC 483 32.21 -82.73 67.56
CA SER MC 483 32.66 -83.61 68.63
C SER MC 483 33.49 -82.86 69.64
N ILE MC 484 33.56 -83.43 70.84
CA ILE MC 484 34.56 -83.12 71.87
C ILE MC 484 35.96 -83.47 71.37
N PRO MC 485 36.91 -82.53 71.38
CA PRO MC 485 38.22 -82.79 70.75
C PRO MC 485 38.92 -84.09 71.14
N PHE MC 486 38.86 -84.53 72.40
CA PHE MC 486 39.58 -85.73 72.81
C PHE MC 486 38.70 -86.96 72.90
N LEU MC 487 37.58 -86.86 73.60
CA LEU MC 487 36.77 -88.04 73.86
C LEU MC 487 36.03 -88.49 72.62
N GLY MC 488 35.68 -87.57 71.73
CA GLY MC 488 35.01 -87.96 70.51
C GLY MC 488 35.81 -88.91 69.65
N LYS MC 489 37.07 -89.15 69.99
CA LYS MC 489 37.96 -89.97 69.18
C LYS MC 489 38.31 -91.26 69.90
N LEU MC 490 37.74 -91.47 71.08
CA LEU MC 490 37.96 -92.69 71.85
C LEU MC 490 37.24 -93.87 71.18
N PRO MC 491 37.86 -95.04 71.17
CA PRO MC 491 37.24 -96.19 70.47
C PRO MC 491 35.87 -96.59 70.97
N LEU MC 492 35.66 -96.66 72.29
CA LEU MC 492 34.39 -97.13 72.82
C LEU MC 492 33.37 -96.04 73.17
N ILE MC 493 33.79 -94.80 73.43
CA ILE MC 493 32.83 -93.79 73.87
C ILE MC 493 32.75 -92.58 72.95
N GLY MC 494 33.57 -92.50 71.91
CA GLY MC 494 33.47 -91.36 71.00
C GLY MC 494 32.05 -91.14 70.50
N SER MC 495 31.34 -92.23 70.25
CA SER MC 495 29.96 -92.15 69.79
C SER MC 495 29.07 -91.44 70.79
N LEU MC 496 29.47 -91.39 72.06
CA LEU MC 496 28.72 -90.60 73.03
C LEU MC 496 29.02 -89.11 72.90
N PHE MC 497 30.16 -88.75 72.34
CA PHE MC 497 30.62 -87.38 72.29
C PHE MC 497 30.66 -86.85 70.87
N ARG MC 498 29.95 -87.51 69.96
CA ARG MC 498 29.88 -87.07 68.57
C ARG MC 498 28.43 -86.86 68.17
N TYR MC 499 28.22 -85.94 67.23
CA TYR MC 499 26.93 -85.78 66.57
C TYR MC 499 27.12 -85.46 65.09
N SER MC 500 26.24 -86.02 64.25
CA SER MC 500 26.35 -85.96 62.80
C SER MC 500 25.00 -85.61 62.18
N SER MC 501 25.06 -85.05 60.96
CA SER MC 501 23.86 -84.69 60.23
C SER MC 501 24.10 -84.79 58.72
N LYS MC 502 23.09 -85.26 57.99
CA LYS MC 502 23.16 -85.48 56.55
C LYS MC 502 21.85 -85.08 55.86
N ASN MC 503 21.95 -84.48 54.68
CA ASN MC 503 20.78 -84.07 53.90
C ASN MC 503 21.02 -84.19 52.40
N LYS MC 504 20.05 -84.71 51.66
CA LYS MC 504 20.15 -84.86 50.22
C LYS MC 504 18.82 -84.55 49.54
N SER MC 505 18.86 -83.87 48.38
CA SER MC 505 17.64 -83.54 47.65
C SER MC 505 17.82 -83.48 46.13
N ASN MC 506 16.79 -83.93 45.40
CA ASN MC 506 16.78 -83.97 43.94
C ASN MC 506 15.39 -83.60 43.40
N VAL MC 507 15.31 -82.57 42.55
CA VAL MC 507 14.04 -81.99 42.11
C VAL MC 507 14.09 -81.73 40.61
N VAL MC 508 12.98 -82.02 39.92
CA VAL MC 508 12.84 -81.81 38.47
C VAL MC 508 11.46 -81.27 38.11
N ARG MC 509 11.41 -80.24 37.26
CA ARG MC 509 10.16 -79.71 36.71
C ARG MC 509 10.34 -79.40 35.23
N VAL MC 510 9.36 -79.79 34.40
CA VAL MC 510 9.44 -79.57 32.95
C VAL MC 510 8.09 -79.18 32.34
N PHE MC 511 8.18 -78.46 31.22
CA PHE MC 511 7.04 -77.97 30.43
C PHE MC 511 7.17 -78.43 28.98
N MET MC 512 6.17 -79.19 28.51
CA MET MC 512 6.20 -79.72 27.14
C MET MC 512 4.86 -79.46 26.47
N ILE MC 513 4.93 -78.93 25.25
CA ILE MC 513 3.76 -78.51 24.48
C ILE MC 513 3.50 -79.47 23.34
N GLU MC 514 2.25 -79.89 23.18
CA GLU MC 514 1.82 -80.75 22.07
C GLU MC 514 0.56 -80.16 21.43
N PRO MC 515 0.67 -79.51 20.27
CA PRO MC 515 -0.52 -79.04 19.57
C PRO MC 515 -1.15 -80.05 18.62
N LYS MC 516 -2.48 -80.07 18.61
CA LYS MC 516 -3.27 -80.93 17.74
C LYS MC 516 -4.30 -80.10 16.97
N GLU MC 517 -4.51 -80.47 15.71
CA GLU MC 517 -5.61 -79.93 14.93
C GLU MC 517 -6.91 -80.66 15.24
N ILE MC 518 -8.01 -79.91 15.27
CA ILE MC 518 -9.35 -80.43 15.51
C ILE MC 518 -10.20 -80.16 14.29
N VAL MC 519 -10.70 -81.24 13.69
CA VAL MC 519 -11.52 -81.17 12.49
C VAL MC 519 -12.90 -81.79 12.66
N ASP MC 520 -13.11 -82.66 13.64
CA ASP MC 520 -14.35 -83.39 13.81
C ASP MC 520 -14.98 -83.09 15.16
N PRO MC 521 -16.31 -83.12 15.26
CA PRO MC 521 -16.95 -83.01 16.57
C PRO MC 521 -16.66 -84.21 17.46
N LEU MC 522 -17.08 -84.07 18.72
CA LEU MC 522 -16.97 -85.15 19.69
C LEU MC 522 -17.76 -86.39 19.27
N THR MC 523 -17.35 -87.51 19.84
CA THR MC 523 -18.02 -88.79 19.70
C THR MC 523 -17.71 -89.68 20.90
N PRO MC 524 -18.69 -90.04 21.76
CA PRO MC 524 -20.11 -89.68 21.87
C PRO MC 524 -20.39 -88.20 22.08
N ASP MC 525 -21.66 -87.83 21.89
CA ASP MC 525 -22.10 -86.49 22.23
C ASP MC 525 -22.06 -86.23 23.73
N ALA MC 526 -21.88 -84.94 24.05
CA ALA MC 526 -21.86 -84.45 25.41
C ALA MC 526 -22.99 -85.01 26.26
N SER MC 527 -24.23 -84.90 25.77
CA SER MC 527 -25.35 -85.43 26.54
C SER MC 527 -25.20 -86.91 26.81
N GLU MC 528 -24.70 -87.66 25.84
CA GLU MC 528 -24.51 -89.10 26.05
C GLU MC 528 -23.57 -89.37 27.21
N SER MC 529 -22.39 -88.77 27.17
CA SER MC 529 -21.44 -88.92 28.26
C SER MC 529 -22.02 -88.45 29.59
N VAL MC 530 -22.70 -87.30 29.59
CA VAL MC 530 -23.36 -86.81 30.80
C VAL MC 530 -24.32 -87.85 31.36
N ASN MC 531 -25.23 -88.36 30.52
CA ASN MC 531 -26.16 -89.41 30.93
C ASN MC 531 -25.46 -90.57 31.62
N ASN MC 532 -24.46 -91.13 30.95
CA ASN MC 532 -23.73 -92.25 31.54
C ASN MC 532 -23.10 -91.90 32.88
N ILE MC 533 -22.39 -90.76 32.93
CA ILE MC 533 -21.81 -90.29 34.19
C ILE MC 533 -22.85 -90.23 35.30
N LEU MC 534 -23.92 -89.48 35.07
CA LEU MC 534 -24.97 -89.33 36.06
C LEU MC 534 -25.51 -90.66 36.54
N LYS MC 535 -25.88 -91.53 35.61
CA LYS MC 535 -26.44 -92.82 35.98
C LYS MC 535 -25.47 -93.65 36.80
N GLN MC 536 -24.24 -93.81 36.33
CA GLN MC 536 -23.25 -94.56 37.11
C GLN MC 536 -23.05 -93.96 38.49
N SER MC 537 -23.00 -92.63 38.58
CA SER MC 537 -22.85 -91.94 39.86
C SER MC 537 -24.11 -91.99 40.73
N GLY MC 538 -25.25 -92.39 40.19
CA GLY MC 538 -26.50 -92.27 40.89
C GLY MC 538 -26.96 -90.85 41.15
N ALA MC 539 -26.25 -89.86 40.62
CA ALA MC 539 -26.73 -88.48 40.71
C ALA MC 539 -28.03 -88.32 39.95
N TRP MC 540 -28.23 -89.13 38.92
CA TRP MC 540 -29.42 -89.10 38.10
C TRP MC 540 -30.70 -88.99 38.92
N SER MC 541 -31.53 -88.01 38.54
CA SER MC 541 -32.83 -87.77 39.13
C SER MC 541 -33.82 -87.30 38.07
N GLY MC 542 -33.48 -87.41 36.78
CA GLY MC 542 -34.33 -86.97 35.69
C GLY MC 542 -35.67 -87.67 35.62
N ASP MC 543 -35.81 -88.80 36.31
CA ASP MC 543 -37.08 -89.51 36.41
C ASP MC 543 -38.04 -88.89 37.41
N ASP MC 544 -37.65 -87.82 38.11
CA ASP MC 544 -38.52 -87.23 39.11
C ASP MC 544 -39.90 -86.93 38.55
N LYS MC 545 -40.91 -87.44 39.25
CA LYS MC 545 -42.30 -87.32 38.82
C LYS MC 545 -42.73 -85.88 38.64
N LEU MC 546 -42.05 -84.95 39.31
CA LEU MC 546 -42.43 -83.54 39.26
C LEU MC 546 -41.55 -82.69 38.35
N GLN MC 547 -40.23 -82.74 38.54
CA GLN MC 547 -39.33 -81.98 37.69
C GLN MC 547 -39.46 -82.35 36.21
N LYS MC 548 -39.91 -83.57 35.92
CA LYS MC 548 -40.16 -83.99 34.54
C LYS MC 548 -40.86 -82.90 33.74
N TRP MC 549 -41.85 -82.25 34.34
CA TRP MC 549 -42.70 -81.29 33.65
C TRP MC 549 -41.93 -80.09 33.15
N VAL MC 550 -40.71 -79.91 33.62
CA VAL MC 550 -39.83 -78.83 33.19
C VAL MC 550 -38.64 -79.37 32.41
N ARG MC 551 -37.93 -80.32 33.00
CA ARG MC 551 -36.79 -80.93 32.34
C ARG MC 551 -37.13 -81.34 30.91
N VAL MC 552 -38.35 -81.82 30.67
CA VAL MC 552 -38.80 -82.13 29.32
C VAL MC 552 -38.43 -81.03 28.34
N TYR MC 553 -38.80 -79.78 28.63
CA TYR MC 553 -38.48 -78.69 27.71
C TYR MC 553 -37.00 -78.59 27.45
N LEU MC 554 -36.17 -78.68 28.49
CA LEU MC 554 -34.74 -78.54 28.29
C LEU MC 554 -34.16 -79.66 27.46
N ASP MC 555 -34.55 -80.91 27.74
CA ASP MC 555 -34.01 -82.02 26.96
C ASP MC 555 -34.70 -82.14 25.61
N ARG MC 556 -36.02 -82.06 25.59
CA ARG MC 556 -36.74 -82.16 24.32
C ARG MC 556 -36.47 -80.92 23.47
N GLY MC 557 -36.71 -79.74 24.04
CA GLY MC 557 -36.65 -78.50 23.30
C GLY MC 557 -37.66 -78.38 22.18
N PRO NC 29 -65.97 0.70 -72.39
CA PRO NC 29 -66.07 0.60 -70.94
C PRO NC 29 -67.24 -0.27 -70.50
N VAL NC 30 -67.21 -0.73 -69.26
CA VAL NC 30 -68.11 -1.78 -68.80
C VAL NC 30 -68.65 -1.41 -67.43
N THR NC 31 -69.80 -2.01 -67.09
CA THR NC 31 -70.38 -1.84 -65.77
C THR NC 31 -69.45 -2.40 -64.69
N GLY NC 32 -69.68 -1.96 -63.46
CA GLY NC 32 -68.84 -2.33 -62.34
C GLY NC 32 -67.46 -1.71 -62.32
N SER NC 33 -66.77 -1.94 -61.22
CA SER NC 33 -65.44 -1.39 -60.98
C SER NC 33 -64.38 -2.09 -61.83
N GLY NC 34 -63.30 -1.35 -62.08
CA GLY NC 34 -62.16 -1.85 -62.82
C GLY NC 34 -61.18 -0.71 -63.00
N PHE NC 35 -60.03 -1.04 -63.56
CA PHE NC 35 -58.98 -0.06 -63.77
C PHE NC 35 -58.43 -0.19 -65.17
N VAL NC 36 -58.14 0.95 -65.80
CA VAL NC 36 -57.49 0.96 -67.10
C VAL NC 36 -56.09 1.50 -66.89
N ALA NC 37 -55.11 0.63 -67.02
CA ALA NC 37 -53.72 0.96 -66.73
C ALA NC 37 -52.95 1.15 -68.02
N LYS NC 38 -52.09 2.17 -68.05
CA LYS NC 38 -51.36 2.53 -69.25
C LYS NC 38 -49.93 2.86 -68.82
N ASP NC 39 -49.10 1.83 -68.74
CA ASP NC 39 -47.71 1.98 -68.36
C ASP NC 39 -47.56 2.45 -66.92
N ASP NC 40 -48.30 1.84 -66.01
CA ASP NC 40 -48.43 2.31 -64.65
C ASP NC 40 -47.53 1.50 -63.73
N SER NC 41 -46.86 2.18 -62.82
CA SER NC 41 -46.14 1.49 -61.76
C SER NC 41 -47.07 0.62 -60.93
N LEU NC 42 -46.55 -0.53 -60.55
CA LEU NC 42 -47.30 -1.43 -59.69
C LEU NC 42 -47.84 -0.72 -58.46
N ARG NC 43 -47.13 0.28 -57.96
CA ARG NC 43 -47.62 1.00 -56.79
C ARG NC 43 -48.98 1.62 -57.06
N THR NC 44 -49.12 2.34 -58.18
CA THR NC 44 -50.40 2.94 -58.51
C THR NC 44 -51.45 1.89 -58.79
N PHE NC 45 -51.05 0.77 -59.39
CA PHE NC 45 -52.02 -0.27 -59.70
C PHE NC 45 -52.62 -0.90 -58.45
N PHE NC 46 -51.79 -1.40 -57.56
CA PHE NC 46 -52.34 -1.96 -56.32
C PHE NC 46 -53.02 -0.91 -55.46
N ASP NC 47 -52.55 0.33 -55.44
CA ASP NC 47 -53.32 1.34 -54.72
C ASP NC 47 -54.73 1.46 -55.29
N ALA NC 48 -54.87 1.43 -56.61
CA ALA NC 48 -56.20 1.43 -57.21
C ALA NC 48 -57.03 0.23 -56.77
N MET NC 49 -56.37 -0.86 -56.44
CA MET NC 49 -57.07 -2.09 -56.02
C MET NC 49 -57.44 -2.11 -54.54
N ALA NC 50 -56.77 -1.27 -53.74
CA ALA NC 50 -57.00 -1.24 -52.31
C ALA NC 50 -58.46 -1.03 -51.92
N LEU NC 51 -59.21 -0.17 -52.60
CA LEU NC 51 -60.62 0.00 -52.26
C LEU NC 51 -61.41 -1.30 -52.25
N GLN NC 52 -61.19 -2.17 -53.22
CA GLN NC 52 -61.87 -3.45 -53.24
C GLN NC 52 -61.31 -4.41 -52.20
N LEU NC 53 -59.99 -4.42 -52.02
CA LEU NC 53 -59.42 -5.23 -50.96
C LEU NC 53 -59.91 -4.79 -49.59
N LYS NC 54 -60.34 -3.54 -49.45
CA LYS NC 54 -60.74 -2.94 -48.17
C LYS NC 54 -59.60 -2.88 -47.15
N GLU NC 55 -58.36 -2.83 -47.62
CA GLU NC 55 -57.19 -2.83 -46.77
C GLU NC 55 -56.14 -1.93 -47.42
N PRO NC 56 -55.37 -1.19 -46.65
CA PRO NC 56 -54.27 -0.43 -47.22
C PRO NC 56 -53.15 -1.34 -47.71
N VAL NC 57 -52.55 -0.99 -48.84
CA VAL NC 57 -51.52 -1.78 -49.50
C VAL NC 57 -50.20 -1.03 -49.47
N ILE NC 58 -49.13 -1.73 -49.11
CA ILE NC 58 -47.77 -1.19 -49.09
C ILE NC 58 -46.92 -1.97 -50.08
N VAL NC 59 -46.29 -1.26 -51.03
CA VAL NC 59 -45.50 -1.89 -52.08
C VAL NC 59 -44.02 -1.53 -51.90
N SER NC 60 -43.18 -2.55 -51.82
CA SER NC 60 -41.73 -2.42 -51.78
C SER NC 60 -41.18 -1.61 -52.96
N LYS NC 61 -40.12 -0.85 -52.66
CA LYS NC 61 -39.46 -0.03 -53.67
C LYS NC 61 -38.82 -0.85 -54.78
N MET NC 62 -38.44 -2.10 -54.52
CA MET NC 62 -37.93 -2.95 -55.60
C MET NC 62 -39.05 -3.42 -56.52
N ALA NC 63 -40.22 -3.70 -55.97
CA ALA NC 63 -41.37 -4.06 -56.79
C ALA NC 63 -41.89 -2.87 -57.59
N ALA NC 64 -41.81 -1.67 -57.05
CA ALA NC 64 -42.35 -0.50 -57.73
C ALA NC 64 -41.70 -0.21 -59.09
N ARG NC 65 -40.64 -0.90 -59.47
CA ARG NC 65 -40.06 -0.73 -60.81
C ARG NC 65 -40.84 -1.42 -61.93
N LYS NC 66 -41.63 -2.44 -61.63
CA LYS NC 66 -42.35 -3.17 -62.66
C LYS NC 66 -43.53 -2.35 -63.22
N LYS NC 67 -43.83 -2.57 -64.49
CA LYS NC 67 -44.81 -1.79 -65.24
C LYS NC 67 -45.89 -2.71 -65.80
N ILE NC 68 -47.12 -2.22 -65.93
CA ILE NC 68 -48.23 -3.03 -66.43
C ILE NC 68 -49.16 -2.20 -67.31
N THR NC 69 -49.84 -2.86 -68.26
CA THR NC 69 -50.90 -2.26 -69.07
C THR NC 69 -52.06 -3.22 -69.30
N GLY NC 70 -53.28 -2.70 -69.31
CA GLY NC 70 -54.44 -3.50 -69.67
C GLY NC 70 -55.68 -3.07 -68.91
N ASN NC 71 -56.79 -3.75 -69.22
CA ASN NC 71 -58.07 -3.58 -68.52
C ASN NC 71 -58.31 -4.71 -67.53
N PHE NC 72 -58.53 -4.35 -66.27
CA PHE NC 72 -58.75 -5.33 -65.21
C PHE NC 72 -60.05 -5.03 -64.48
N GLU NC 73 -60.81 -6.08 -64.19
CA GLU NC 73 -62.06 -5.96 -63.45
C GLU NC 73 -61.91 -6.62 -62.09
N PHE NC 74 -62.23 -5.86 -61.05
CA PHE NC 74 -62.10 -6.32 -59.67
C PHE NC 74 -63.31 -7.12 -59.18
N HIS NC 75 -63.54 -8.25 -59.84
CA HIS NC 75 -64.58 -9.18 -59.41
C HIS NC 75 -64.17 -9.83 -58.10
N ASP NC 76 -63.04 -10.53 -58.10
CA ASP NC 76 -62.48 -11.15 -56.90
C ASP NC 76 -61.02 -10.74 -56.79
N PRO NC 77 -60.76 -9.63 -56.11
CA PRO NC 77 -59.39 -9.17 -55.93
C PRO NC 77 -58.44 -10.21 -55.38
N ASN NC 78 -58.90 -11.15 -54.55
CA ASN NC 78 -57.94 -12.10 -53.99
C ASN NC 78 -57.44 -13.07 -55.05
N ALA NC 79 -58.32 -13.60 -55.87
CA ALA NC 79 -57.85 -14.49 -56.93
C ALA NC 79 -57.02 -13.73 -57.94
N LEU NC 80 -57.44 -12.52 -58.28
CA LEU NC 80 -56.64 -11.69 -59.16
C LEU NC 80 -55.24 -11.52 -58.60
N LEU NC 81 -55.15 -11.11 -57.34
CA LEU NC 81 -53.90 -10.92 -56.64
C LEU NC 81 -53.01 -12.17 -56.71
N GLU NC 82 -53.57 -13.35 -56.51
CA GLU NC 82 -52.69 -14.53 -56.52
C GLU NC 82 -52.22 -14.89 -57.92
N LYS NC 83 -53.10 -14.78 -58.91
CA LYS NC 83 -52.66 -14.98 -60.29
C LYS NC 83 -51.50 -14.06 -60.66
N LEU NC 84 -51.68 -12.76 -60.41
CA LEU NC 84 -50.62 -11.80 -60.70
C LEU NC 84 -49.37 -12.06 -59.91
N SER NC 85 -49.48 -12.42 -58.64
CA SER NC 85 -48.28 -12.73 -57.87
C SER NC 85 -47.46 -13.81 -58.55
N LEU NC 86 -48.10 -14.88 -58.99
CA LEU NC 86 -47.32 -15.93 -59.65
C LEU NC 86 -46.80 -15.52 -61.03
N GLN NC 87 -47.58 -14.78 -61.81
CA GLN NC 87 -47.11 -14.36 -63.13
C GLN NC 87 -45.96 -13.36 -63.06
N LEU NC 88 -46.02 -12.37 -62.18
CA LEU NC 88 -44.98 -11.35 -62.12
C LEU NC 88 -43.83 -11.72 -61.21
N GLY NC 89 -44.02 -12.66 -60.30
CA GLY NC 89 -43.01 -13.03 -59.32
C GLY NC 89 -42.99 -12.24 -58.05
N LEU NC 90 -44.13 -11.77 -57.59
CA LEU NC 90 -44.29 -11.05 -56.35
C LEU NC 90 -44.62 -12.03 -55.24
N ILE NC 91 -44.30 -11.65 -54.01
CA ILE NC 91 -44.74 -12.39 -52.83
C ILE NC 91 -45.45 -11.41 -51.94
N TRP NC 92 -46.48 -11.88 -51.25
CA TRP NC 92 -47.28 -11.00 -50.42
C TRP NC 92 -47.75 -11.63 -49.12
N TYR NC 93 -48.05 -10.76 -48.16
CA TYR NC 93 -48.44 -11.16 -46.82
C TYR NC 93 -49.55 -10.24 -46.34
N PHE NC 94 -50.30 -10.74 -45.35
CA PHE NC 94 -51.43 -10.00 -44.77
C PHE NC 94 -51.54 -10.27 -43.29
N ASP NC 95 -51.26 -9.25 -42.48
CA ASP NC 95 -51.18 -9.35 -41.02
C ASP NC 95 -52.51 -9.05 -40.34
N GLY NC 96 -53.55 -8.71 -41.09
CA GLY NC 96 -54.81 -8.27 -40.55
C GLY NC 96 -55.02 -6.78 -40.57
N GLN NC 97 -53.98 -5.99 -40.78
CA GLN NC 97 -54.10 -4.54 -40.81
C GLN NC 97 -53.73 -3.95 -42.15
N ALA NC 98 -52.81 -4.58 -42.89
CA ALA NC 98 -52.44 -4.10 -44.21
C ALA NC 98 -51.90 -5.26 -45.03
N ILE NC 99 -51.93 -5.09 -46.35
CA ILE NC 99 -51.33 -6.02 -47.30
C ILE NC 99 -49.95 -5.54 -47.73
N TYR NC 100 -48.93 -6.39 -47.60
CA TYR NC 100 -47.57 -6.02 -47.99
C TYR NC 100 -47.15 -6.86 -49.18
N ILE NC 101 -46.60 -6.18 -50.19
CA ILE NC 101 -46.14 -6.75 -51.44
C ILE NC 101 -44.65 -6.55 -51.59
N TYR NC 102 -43.93 -7.62 -51.94
CA TYR NC 102 -42.49 -7.56 -52.12
C TYR NC 102 -42.07 -8.33 -53.36
N ASP NC 103 -40.80 -8.19 -53.69
CA ASP NC 103 -40.18 -8.95 -54.75
C ASP NC 103 -39.72 -10.31 -54.23
N ALA NC 104 -39.88 -11.33 -55.08
CA ALA NC 104 -39.43 -12.68 -54.75
C ALA NC 104 -38.00 -12.76 -54.23
N SER NC 105 -37.10 -11.93 -54.75
CA SER NC 105 -35.73 -11.94 -54.27
C SER NC 105 -35.57 -11.60 -52.79
N GLU NC 106 -36.53 -10.95 -52.17
CA GLU NC 106 -36.45 -10.57 -50.76
C GLU NC 106 -36.77 -11.68 -49.75
N MET NC 107 -37.17 -12.88 -50.18
CA MET NC 107 -37.42 -13.98 -49.24
C MET NC 107 -36.31 -14.13 -48.21
N ARG NC 108 -36.65 -14.03 -46.93
CA ARG NC 108 -35.69 -14.34 -45.88
C ARG NC 108 -35.95 -15.73 -45.30
N ASN NC 109 -34.99 -16.21 -44.50
CA ASN NC 109 -35.11 -17.48 -43.83
C ASN NC 109 -34.18 -17.54 -42.62
N ALA NC 110 -34.60 -18.27 -41.58
CA ALA NC 110 -33.81 -18.34 -40.36
C ALA NC 110 -34.10 -19.64 -39.60
N VAL NC 111 -33.14 -20.03 -38.77
CA VAL NC 111 -33.24 -21.16 -37.84
C VAL NC 111 -33.34 -20.63 -36.41
N VAL NC 112 -34.36 -21.07 -35.68
CA VAL NC 112 -34.62 -20.63 -34.32
C VAL NC 112 -34.59 -21.83 -33.37
N SER NC 113 -34.10 -21.60 -32.15
CA SER NC 113 -34.07 -22.63 -31.11
C SER NC 113 -34.56 -22.10 -29.78
N LEU NC 114 -35.42 -22.89 -29.13
CA LEU NC 114 -36.10 -22.54 -27.89
C LEU NC 114 -35.67 -23.47 -26.76
N ARG NC 115 -35.23 -22.88 -25.65
CA ARG NC 115 -34.83 -23.66 -24.49
C ARG NC 115 -36.02 -24.29 -23.77
N ASN NC 116 -37.03 -23.49 -23.45
CA ASN NC 116 -38.13 -23.90 -22.58
C ASN NC 116 -39.44 -24.23 -23.27
N VAL NC 117 -39.59 -24.00 -24.57
CA VAL NC 117 -40.90 -24.07 -25.22
C VAL NC 117 -40.81 -24.96 -26.45
N SER NC 118 -41.75 -25.90 -26.56
CA SER NC 118 -41.89 -26.77 -27.71
C SER NC 118 -42.64 -26.09 -28.85
N LEU NC 119 -42.32 -26.54 -30.07
CA LEU NC 119 -42.90 -25.96 -31.28
C LEU NC 119 -44.42 -26.00 -31.26
N ASN NC 120 -45.00 -27.09 -30.78
CA ASN NC 120 -46.45 -27.14 -30.77
C ASN NC 120 -47.04 -26.14 -29.79
N GLU NC 121 -46.25 -25.71 -28.80
CA GLU NC 121 -46.68 -24.66 -27.89
C GLU NC 121 -46.76 -23.33 -28.60
N PHE NC 122 -45.90 -23.09 -29.57
CA PHE NC 122 -45.84 -21.82 -30.25
C PHE NC 122 -46.88 -21.74 -31.36
N ASN NC 123 -47.10 -22.84 -32.08
CA ASN NC 123 -48.16 -22.83 -33.08
C ASN NC 123 -49.49 -22.38 -32.49
N ASN NC 124 -49.87 -22.94 -31.35
CA ASN NC 124 -51.12 -22.54 -30.70
C ASN NC 124 -51.17 -21.04 -30.42
N PHE NC 125 -50.08 -20.46 -29.94
CA PHE NC 125 -50.04 -19.02 -29.74
C PHE NC 125 -50.33 -18.27 -31.03
N LEU NC 126 -49.62 -18.61 -32.10
CA LEU NC 126 -49.89 -17.95 -33.38
C LEU NC 126 -51.35 -18.08 -33.78
N LYS NC 127 -51.92 -19.27 -33.63
CA LYS NC 127 -53.33 -19.47 -33.96
C LYS NC 127 -54.24 -18.54 -33.16
N ARG NC 128 -54.11 -18.55 -31.84
CA ARG NC 128 -54.91 -17.65 -31.02
C ARG NC 128 -54.74 -16.19 -31.45
N SER NC 129 -53.50 -15.79 -31.72
CA SER NC 129 -53.22 -14.45 -32.22
C SER NC 129 -53.88 -14.17 -33.56
N GLY NC 130 -54.14 -15.19 -34.36
CA GLY NC 130 -54.56 -14.94 -35.72
C GLY NC 130 -53.43 -14.50 -36.64
N LEU NC 131 -52.22 -14.92 -36.33
CA LEU NC 131 -51.00 -14.58 -37.05
C LEU NC 131 -50.54 -15.73 -37.93
N TYR NC 132 -50.97 -16.94 -37.62
CA TYR NC 132 -50.65 -18.10 -38.41
C TYR NC 132 -50.97 -17.88 -39.88
N ASN NC 133 -50.10 -18.42 -40.72
CA ASN NC 133 -50.20 -18.30 -42.18
C ASN NC 133 -49.80 -19.64 -42.79
N LYS NC 134 -50.78 -20.36 -43.30
CA LYS NC 134 -50.53 -21.67 -43.87
C LYS NC 134 -49.72 -21.67 -45.16
N ASN NC 135 -49.42 -20.52 -45.76
CA ASN NC 135 -48.53 -20.57 -46.91
C ASN NC 135 -47.06 -20.59 -46.54
N TYR NC 136 -46.72 -20.16 -45.33
CA TYR NC 136 -45.34 -20.11 -44.86
C TYR NC 136 -45.19 -20.72 -43.48
N PRO NC 137 -45.72 -21.92 -43.26
CA PRO NC 137 -45.72 -22.47 -41.91
C PRO NC 137 -44.33 -22.84 -41.40
N LEU NC 138 -44.24 -22.93 -40.09
CA LEU NC 138 -43.04 -23.42 -39.42
C LEU NC 138 -42.81 -24.88 -39.76
N ARG NC 139 -41.55 -25.21 -40.02
CA ARG NC 139 -41.16 -26.57 -40.38
C ARG NC 139 -40.19 -27.10 -39.36
N GLY NC 140 -40.55 -28.20 -38.71
CA GLY NC 140 -39.70 -28.80 -37.70
C GLY NC 140 -40.41 -29.97 -37.04
N ASP NC 141 -39.88 -30.39 -35.89
CA ASP NC 141 -40.42 -31.48 -35.11
C ASP NC 141 -41.25 -30.95 -33.95
N ASN NC 142 -42.54 -31.33 -33.92
CA ASN NC 142 -43.45 -30.81 -32.89
C ASN NC 142 -43.00 -31.10 -31.47
N ARG NC 143 -42.19 -32.12 -31.26
CA ARG NC 143 -41.73 -32.42 -29.91
C ARG NC 143 -40.52 -31.60 -29.51
N LYS NC 144 -39.65 -31.27 -30.45
CA LYS NC 144 -38.45 -30.51 -30.13
C LYS NC 144 -38.74 -29.02 -30.09
N GLY NC 145 -37.69 -28.25 -29.91
CA GLY NC 145 -37.78 -26.80 -29.91
C GLY NC 145 -36.91 -26.12 -30.94
N THR NC 146 -36.59 -26.79 -32.03
CA THR NC 146 -35.74 -26.23 -33.07
C THR NC 146 -36.48 -26.26 -34.39
N PHE NC 147 -36.59 -25.11 -35.04
CA PHE NC 147 -37.37 -25.02 -36.26
C PHE NC 147 -36.75 -24.05 -37.26
N TYR NC 148 -37.13 -24.25 -38.52
CA TYR NC 148 -36.78 -23.42 -39.66
C TYR NC 148 -37.98 -22.66 -40.20
N VAL NC 149 -37.82 -21.35 -40.45
CA VAL NC 149 -38.89 -20.50 -40.98
C VAL NC 149 -38.36 -19.64 -42.12
N SER NC 150 -39.17 -19.50 -43.17
CA SER NC 150 -38.83 -18.71 -44.34
C SER NC 150 -40.05 -17.98 -44.90
N GLY NC 151 -39.85 -16.76 -45.38
CA GLY NC 151 -40.94 -15.97 -45.92
C GLY NC 151 -40.65 -14.49 -46.10
N PRO NC 152 -41.70 -13.68 -46.28
CA PRO NC 152 -41.52 -12.24 -46.35
C PRO NC 152 -40.85 -11.68 -45.10
N PRO NC 153 -40.10 -10.58 -45.26
CA PRO NC 153 -39.41 -9.94 -44.13
C PRO NC 153 -40.19 -9.60 -42.87
N VAL NC 154 -41.40 -9.06 -42.95
CA VAL NC 154 -42.09 -8.74 -41.70
C VAL NC 154 -42.63 -9.98 -41.03
N TYR NC 155 -42.81 -11.04 -41.78
CA TYR NC 155 -43.27 -12.28 -41.18
C TYR NC 155 -42.11 -12.92 -40.43
N VAL NC 156 -41.01 -13.11 -41.12
CA VAL NC 156 -39.82 -13.68 -40.50
C VAL NC 156 -39.40 -12.90 -39.25
N ASP NC 157 -39.28 -11.58 -39.35
CA ASP NC 157 -38.92 -10.79 -38.18
C ASP NC 157 -39.93 -10.87 -37.03
N MET NC 158 -41.22 -10.95 -37.34
CA MET NC 158 -42.18 -11.09 -36.25
C MET NC 158 -42.05 -12.44 -35.58
N VAL NC 159 -41.98 -13.50 -36.37
CA VAL NC 159 -41.83 -14.84 -35.83
C VAL NC 159 -40.61 -14.92 -34.92
N VAL NC 160 -39.46 -14.50 -35.42
CA VAL NC 160 -38.21 -14.58 -34.64
C VAL NC 160 -38.33 -13.86 -33.31
N ASN NC 161 -38.72 -12.58 -33.32
CA ASN NC 161 -38.79 -11.88 -32.05
C ASN NC 161 -39.85 -12.44 -31.10
N ALA NC 162 -41.03 -12.78 -31.60
CA ALA NC 162 -42.03 -13.35 -30.71
C ALA NC 162 -41.53 -14.63 -30.05
N ALA NC 163 -40.89 -15.50 -30.81
CA ALA NC 163 -40.40 -16.76 -30.26
C ALA NC 163 -39.34 -16.52 -29.21
N THR NC 164 -38.39 -15.63 -29.48
CA THR NC 164 -37.34 -15.40 -28.51
C THR NC 164 -37.87 -14.79 -27.21
N MET NC 165 -38.82 -13.87 -27.29
CA MET NC 165 -39.30 -13.31 -26.03
C MET NC 165 -40.20 -14.26 -25.26
N MET NC 166 -41.07 -15.02 -25.93
CA MET NC 166 -41.79 -16.05 -25.19
C MET NC 166 -40.85 -17.03 -24.52
N ASP NC 167 -39.74 -17.36 -25.17
CA ASP NC 167 -38.74 -18.21 -24.54
C ASP NC 167 -38.20 -17.60 -23.27
N LYS NC 168 -37.80 -16.33 -23.34
CA LYS NC 168 -37.19 -15.71 -22.16
C LYS NC 168 -38.18 -15.55 -21.01
N GLN NC 169 -39.46 -15.34 -21.29
CA GLN NC 169 -40.42 -15.19 -20.19
C GLN NC 169 -40.63 -16.45 -19.35
N ASN NC 170 -40.05 -17.60 -19.71
CA ASN NC 170 -40.22 -18.84 -18.97
C ASN NC 170 -39.01 -19.28 -18.16
N ASP NC 171 -37.85 -18.72 -18.41
CA ASP NC 171 -36.63 -19.15 -17.72
C ASP NC 171 -36.77 -19.14 -16.20
N GLY NC 172 -37.51 -18.18 -15.64
CA GLY NC 172 -37.69 -18.18 -14.20
C GLY NC 172 -38.57 -19.29 -13.63
N ILE NC 173 -39.38 -19.93 -14.46
CA ILE NC 173 -40.24 -21.02 -14.00
C ILE NC 173 -39.41 -22.24 -13.60
N GLU NC 174 -39.70 -22.80 -12.43
CA GLU NC 174 -39.10 -24.05 -11.97
C GLU NC 174 -40.08 -25.20 -12.13
N LEU NC 175 -39.57 -26.31 -12.65
CA LEU NC 175 -40.34 -27.50 -12.93
C LEU NC 175 -40.06 -28.69 -12.01
N GLY NC 176 -38.90 -28.74 -11.37
CA GLY NC 176 -38.63 -29.82 -10.43
C GLY NC 176 -39.50 -29.73 -9.19
N ARG NC 177 -39.60 -30.86 -8.51
CA ARG NC 177 -40.41 -30.92 -7.29
C ARG NC 177 -39.85 -31.99 -6.37
N GLN NC 178 -40.26 -31.93 -5.10
CA GLN NC 178 -39.89 -32.91 -4.09
C GLN NC 178 -41.13 -33.58 -3.52
N LYS NC 179 -41.02 -34.88 -3.27
CA LYS NC 179 -42.09 -35.64 -2.65
C LYS NC 179 -41.56 -36.41 -1.44
N ILE NC 180 -42.50 -36.74 -0.54
CA ILE NC 180 -42.24 -37.42 0.72
C ILE NC 180 -42.87 -38.80 0.76
N GLY NC 181 -42.03 -39.81 0.99
CA GLY NC 181 -42.46 -41.19 1.22
C GLY NC 181 -42.36 -41.68 2.66
N VAL NC 182 -43.48 -42.17 3.19
CA VAL NC 182 -43.58 -42.74 4.54
C VAL NC 182 -43.53 -44.25 4.42
N MET NC 183 -42.56 -44.89 5.07
CA MET NC 183 -42.33 -46.32 4.89
C MET NC 183 -42.13 -47.00 6.24
N ARG NC 184 -43.15 -47.72 6.70
CA ARG NC 184 -43.03 -48.52 7.92
C ARG NC 184 -42.08 -49.70 7.76
N LEU NC 185 -41.23 -49.89 8.77
CA LEU NC 185 -40.39 -51.08 8.88
C LEU NC 185 -41.17 -52.20 9.54
N ASN NC 186 -41.35 -53.30 8.83
CA ASN NC 186 -42.11 -54.45 9.30
C ASN NC 186 -41.31 -55.38 10.19
N ASN NC 187 -39.98 -55.36 10.12
CA ASN NC 187 -39.19 -56.41 10.76
C ASN NC 187 -38.08 -55.94 11.70
N THR NC 188 -37.92 -54.64 11.93
CA THR NC 188 -36.82 -54.24 12.80
C THR NC 188 -37.06 -52.85 13.34
N PHE NC 189 -36.38 -52.56 14.45
CA PHE NC 189 -36.38 -51.24 15.08
C PHE NC 189 -35.66 -50.21 14.24
N VAL NC 190 -36.30 -49.04 14.08
CA VAL NC 190 -35.76 -47.95 13.28
C VAL NC 190 -34.52 -47.34 13.93
N GLY NC 191 -34.60 -47.06 15.23
CA GLY NC 191 -33.49 -46.41 15.89
C GLY NC 191 -32.24 -47.26 16.05
N ASP NC 192 -31.14 -46.54 16.31
CA ASP NC 192 -29.87 -47.14 16.65
C ASP NC 192 -30.00 -47.90 17.97
N ARG NC 193 -29.50 -49.13 17.99
CA ARG NC 193 -29.60 -49.95 19.19
C ARG NC 193 -28.32 -49.90 20.01
N THR NC 194 -28.48 -49.98 21.33
CA THR NC 194 -27.35 -49.99 22.24
C THR NC 194 -27.63 -50.98 23.36
N TYR NC 195 -26.63 -51.78 23.67
CA TYR NC 195 -26.72 -52.82 24.70
C TYR NC 195 -25.71 -52.55 25.79
N ASN NC 196 -26.18 -52.60 27.03
CA ASN NC 196 -25.39 -52.43 28.24
C ASN NC 196 -25.20 -53.78 28.91
N LEU NC 197 -23.95 -54.15 29.13
CA LEU NC 197 -23.57 -55.44 29.68
C LEU NC 197 -22.61 -55.21 30.82
N ARG NC 198 -22.54 -56.21 31.70
CA ARG NC 198 -21.69 -56.21 32.88
C ARG NC 198 -20.32 -55.59 32.64
N ASP NC 199 -19.73 -55.82 31.48
CA ASP NC 199 -18.39 -55.32 31.24
C ASP NC 199 -18.26 -54.70 29.85
N GLN NC 200 -19.36 -54.35 29.21
CA GLN NC 200 -19.25 -53.94 27.82
C GLN NC 200 -20.42 -53.05 27.43
N LYS NC 201 -20.17 -52.19 26.47
CA LYS NC 201 -21.19 -51.35 25.86
C LYS NC 201 -21.09 -51.57 24.36
N MET NC 202 -22.21 -51.77 23.71
CA MET NC 202 -22.21 -52.02 22.27
C MET NC 202 -23.25 -51.15 21.57
N VAL NC 203 -22.86 -50.56 20.45
CA VAL NC 203 -23.71 -49.66 19.67
C VAL NC 203 -23.81 -50.19 18.25
N ILE NC 204 -25.04 -50.25 17.73
CA ILE NC 204 -25.31 -50.71 16.37
C ILE NC 204 -26.10 -49.64 15.63
N PRO NC 205 -25.61 -49.14 14.49
CA PRO NC 205 -26.36 -48.12 13.74
C PRO NC 205 -27.57 -48.67 13.02
N GLY NC 206 -28.61 -47.84 12.96
CA GLY NC 206 -29.80 -48.14 12.19
C GLY NC 206 -29.65 -47.94 10.69
N ILE NC 207 -30.75 -48.29 10.00
CA ILE NC 207 -30.80 -48.18 8.54
C ILE NC 207 -30.62 -46.73 8.09
N ALA NC 208 -31.36 -45.81 8.69
CA ALA NC 208 -31.21 -44.39 8.36
C ALA NC 208 -29.76 -43.93 8.51
N THR NC 209 -29.14 -44.27 9.62
CA THR NC 209 -27.75 -43.90 9.84
C THR NC 209 -26.84 -44.46 8.77
N ALA NC 210 -26.98 -45.74 8.45
CA ALA NC 210 -26.10 -46.35 7.45
C ALA NC 210 -26.33 -45.79 6.06
N ILE NC 211 -27.58 -45.61 5.66
CA ILE NC 211 -27.83 -45.10 4.32
C ILE NC 211 -27.34 -43.66 4.20
N GLU NC 212 -27.63 -42.84 5.19
CA GLU NC 212 -27.18 -41.46 5.14
C GLU NC 212 -25.67 -41.39 5.05
N ARG NC 213 -24.99 -42.15 5.91
CA ARG NC 213 -23.54 -42.21 5.89
C ARG NC 213 -23.01 -42.71 4.55
N LEU NC 214 -23.80 -43.47 3.80
CA LEU NC 214 -23.36 -43.89 2.48
C LEU NC 214 -23.56 -42.80 1.42
N LEU NC 215 -24.73 -42.17 1.40
CA LEU NC 215 -25.03 -41.22 0.33
C LEU NC 215 -24.43 -39.84 0.54
N GLN NC 216 -24.02 -39.51 1.75
CA GLN NC 216 -23.55 -38.17 2.08
C GLN NC 216 -22.54 -37.63 1.08
N GLY NC 217 -22.91 -36.54 0.42
CA GLY NC 217 -22.04 -35.83 -0.51
C GLY NC 217 -22.12 -36.26 -1.96
N GLU NC 218 -22.92 -37.28 -2.25
CA GLU NC 218 -23.01 -37.80 -3.62
C GLU NC 218 -23.52 -36.78 -4.62
N GLU NC 219 -22.84 -36.70 -5.76
CA GLU NC 219 -23.18 -35.85 -6.89
C GLU NC 219 -24.03 -36.55 -7.94
N GLN NC 220 -23.70 -37.79 -8.29
CA GLN NC 220 -24.40 -38.47 -9.36
C GLN NC 220 -25.78 -38.97 -8.95
N PRO NC 221 -26.71 -39.07 -9.90
CA PRO NC 221 -27.94 -39.82 -9.66
C PRO NC 221 -27.70 -41.29 -9.36
N LEU NC 222 -28.67 -41.91 -8.71
CA LEU NC 222 -28.65 -43.34 -8.46
C LEU NC 222 -29.34 -44.12 -9.57
N GLY NC 223 -29.08 -45.43 -9.59
CA GLY NC 223 -29.80 -46.33 -10.46
C GLY NC 223 -29.58 -47.77 -10.03
N ASN NC 224 -30.39 -48.65 -10.63
CA ASN NC 224 -30.12 -50.09 -10.70
C ASN NC 224 -29.53 -50.64 -9.40
N ILE NC 225 -30.33 -50.57 -8.34
CA ILE NC 225 -29.91 -51.16 -7.08
C ILE NC 225 -29.95 -52.68 -7.19
N VAL NC 226 -28.86 -53.33 -6.80
CA VAL NC 226 -28.70 -54.77 -6.92
C VAL NC 226 -28.29 -55.36 -5.58
N SER NC 227 -28.69 -56.60 -5.34
CA SER NC 227 -28.22 -57.36 -4.19
C SER NC 227 -26.75 -57.76 -4.38
N GLU NC 256 -36.15 -31.41 -20.87
CA GLU NC 256 -37.25 -31.84 -20.03
C GLU NC 256 -36.77 -32.90 -19.03
N ALA NC 257 -36.03 -33.88 -19.54
CA ALA NC 257 -35.49 -34.93 -18.68
C ALA NC 257 -34.57 -34.39 -17.60
N LEU NC 258 -34.12 -33.14 -17.73
CA LEU NC 258 -33.30 -32.51 -16.70
C LEU NC 258 -33.91 -32.69 -15.32
N LYS NC 259 -35.24 -32.67 -15.23
CA LYS NC 259 -35.90 -32.87 -13.95
C LYS NC 259 -35.52 -34.21 -13.35
N GLN NC 260 -35.31 -35.21 -14.21
CA GLN NC 260 -35.00 -36.57 -13.74
C GLN NC 260 -33.66 -36.63 -13.02
N ASN NC 261 -32.66 -35.86 -13.50
CA ASN NC 261 -31.29 -35.98 -13.02
C ASN NC 261 -31.03 -35.25 -11.70
N ALA NC 262 -31.86 -35.51 -10.69
CA ALA NC 262 -31.60 -34.97 -9.36
C ALA NC 262 -30.41 -35.66 -8.71
N ALA NC 263 -29.58 -34.87 -8.03
CA ALA NC 263 -28.43 -35.40 -7.31
C ALA NC 263 -28.85 -36.23 -6.11
N ALA NC 264 -28.20 -37.40 -5.97
CA ALA NC 264 -28.42 -38.28 -4.85
C ALA NC 264 -28.26 -37.60 -3.48
N GLY NC 265 -27.28 -36.71 -3.35
CA GLY NC 265 -27.12 -36.00 -2.09
C GLY NC 265 -28.33 -35.23 -1.60
N ASN NC 266 -29.30 -34.94 -2.46
CA ASN NC 266 -30.52 -34.30 -1.99
C ASN NC 266 -31.42 -35.22 -1.19
N ILE NC 267 -31.32 -36.53 -1.39
CA ILE NC 267 -32.14 -37.48 -0.63
C ILE NC 267 -31.92 -37.28 0.85
N LYS NC 268 -33.01 -37.17 1.61
CA LYS NC 268 -32.91 -37.11 3.06
C LYS NC 268 -33.79 -38.17 3.70
N ILE NC 269 -33.29 -38.76 4.79
CA ILE NC 269 -33.97 -39.80 5.55
C ILE NC 269 -33.99 -39.42 7.03
N VAL NC 270 -35.17 -39.52 7.65
CA VAL NC 270 -35.36 -39.23 9.06
C VAL NC 270 -36.11 -40.39 9.70
N ALA NC 271 -35.55 -40.96 10.76
CA ALA NC 271 -36.23 -42.01 11.51
C ALA NC 271 -37.29 -41.44 12.45
N TYR NC 272 -38.43 -42.13 12.53
CA TYR NC 272 -39.56 -41.73 13.37
C TYR NC 272 -39.97 -42.93 14.22
N PRO NC 273 -39.27 -43.16 15.32
CA PRO NC 273 -39.58 -44.29 16.22
C PRO NC 273 -41.00 -44.36 16.74
N ASP NC 274 -41.70 -43.22 16.88
CA ASP NC 274 -43.04 -43.25 17.45
C ASP NC 274 -43.94 -44.26 16.76
N THR NC 275 -43.74 -44.48 15.46
CA THR NC 275 -44.48 -45.49 14.71
C THR NC 275 -43.54 -46.51 14.12
N ASN NC 276 -42.25 -46.41 14.39
CA ASN NC 276 -41.25 -47.30 13.82
C ASN NC 276 -41.23 -47.21 12.29
N SER NC 277 -41.13 -45.98 11.78
CA SER NC 277 -41.24 -45.75 10.34
C SER NC 277 -40.14 -44.79 9.88
N LEU NC 278 -39.87 -44.82 8.57
CA LEU NC 278 -38.90 -43.93 7.95
C LEU NC 278 -39.58 -42.88 7.09
N LEU NC 279 -39.10 -41.64 7.19
CA LEU NC 279 -39.53 -40.53 6.36
C LEU NC 279 -38.45 -40.25 5.32
N VAL NC 280 -38.81 -40.24 4.04
CA VAL NC 280 -37.84 -40.05 2.96
C VAL NC 280 -38.30 -38.87 2.10
N LYS NC 281 -37.38 -37.95 1.83
CA LYS NC 281 -37.63 -36.78 1.00
C LYS NC 281 -36.74 -36.77 -0.23
N GLY NC 282 -37.35 -36.62 -1.40
CA GLY NC 282 -36.58 -36.54 -2.63
C GLY NC 282 -37.44 -36.66 -3.87
N THR NC 283 -36.83 -37.08 -4.97
CA THR NC 283 -37.54 -37.38 -6.21
C THR NC 283 -38.13 -38.78 -6.20
N ALA NC 284 -39.18 -38.95 -7.02
CA ALA NC 284 -39.90 -40.21 -7.08
C ALA NC 284 -39.02 -41.42 -7.38
N GLU NC 285 -38.09 -41.31 -8.32
CA GLU NC 285 -37.21 -42.45 -8.56
C GLU NC 285 -36.34 -42.74 -7.36
N GLN NC 286 -35.82 -41.71 -6.73
CA GLN NC 286 -35.04 -41.89 -5.51
C GLN NC 286 -35.86 -42.61 -4.43
N VAL NC 287 -37.04 -42.08 -4.12
CA VAL NC 287 -37.93 -42.74 -3.17
C VAL NC 287 -38.12 -44.22 -3.53
N HIS NC 288 -38.36 -44.50 -4.80
CA HIS NC 288 -38.50 -45.88 -5.25
C HIS NC 288 -37.29 -46.75 -4.94
N PHE NC 289 -36.12 -46.31 -5.39
CA PHE NC 289 -34.87 -47.02 -5.10
C PHE NC 289 -34.65 -47.24 -3.61
N ILE NC 290 -34.82 -46.20 -2.81
CA ILE NC 290 -34.71 -46.32 -1.36
C ILE NC 290 -35.64 -47.40 -0.82
N GLU NC 291 -36.90 -47.37 -1.22
CA GLU NC 291 -37.84 -48.39 -0.80
C GLU NC 291 -37.35 -49.80 -1.13
N MET NC 292 -36.92 -50.02 -2.37
CA MET NC 292 -36.36 -51.31 -2.74
C MET NC 292 -35.21 -51.72 -1.83
N LEU NC 293 -34.30 -50.78 -1.56
CA LEU NC 293 -33.17 -51.05 -0.68
C LEU NC 293 -33.61 -51.41 0.74
N VAL NC 294 -34.53 -50.65 1.30
CA VAL NC 294 -35.07 -50.94 2.63
C VAL NC 294 -35.62 -52.36 2.69
N LYS NC 295 -36.43 -52.74 1.69
CA LYS NC 295 -37.01 -54.07 1.69
C LYS NC 295 -35.98 -55.15 1.41
N ALA NC 296 -34.87 -54.82 0.79
CA ALA NC 296 -33.76 -55.75 0.71
C ALA NC 296 -33.09 -55.99 2.06
N LEU NC 297 -33.37 -55.18 3.07
CA LEU NC 297 -32.58 -55.18 4.30
C LEU NC 297 -33.34 -55.55 5.56
N ASP NC 298 -34.63 -55.20 5.68
CA ASP NC 298 -35.40 -55.56 6.87
C ASP NC 298 -35.91 -57.01 6.84
N VAL NC 299 -34.98 -57.94 6.98
CA VAL NC 299 -35.27 -59.38 7.04
C VAL NC 299 -35.17 -59.91 8.48
N ALA NC 300 -36.19 -60.66 8.91
CA ALA NC 300 -36.30 -61.13 10.28
C ALA NC 300 -35.25 -62.20 10.62
N LYS NC 301 -34.85 -62.23 11.90
CA LYS NC 301 -33.77 -63.08 12.40
C LYS NC 301 -34.20 -64.47 12.89
N ARG NC 302 -33.31 -65.44 12.66
CA ARG NC 302 -33.37 -66.80 13.22
C ARG NC 302 -32.96 -66.87 14.70
N HIS NC 303 -33.81 -67.45 15.54
CA HIS NC 303 -33.47 -67.67 16.96
C HIS NC 303 -32.48 -68.82 17.13
N VAL NC 304 -31.51 -68.62 18.04
CA VAL NC 304 -30.51 -69.62 18.39
C VAL NC 304 -30.50 -69.83 19.91
N GLU NC 305 -30.62 -71.08 20.34
CA GLU NC 305 -30.51 -71.46 21.74
C GLU NC 305 -29.19 -72.17 22.01
N LEU NC 306 -28.47 -71.72 23.03
CA LEU NC 306 -27.19 -72.28 23.44
C LEU NC 306 -27.33 -72.96 24.79
N SER NC 307 -26.74 -74.15 24.92
CA SER NC 307 -26.67 -74.89 26.17
C SER NC 307 -25.23 -75.26 26.50
N LEU NC 308 -24.86 -75.17 27.78
CA LEU NC 308 -23.49 -75.44 28.22
C LEU NC 308 -23.43 -76.48 29.33
N TRP NC 309 -22.52 -77.45 29.20
CA TRP NC 309 -22.28 -78.51 30.17
C TRP NC 309 -20.96 -78.31 30.93
N ILE NC 310 -21.04 -78.24 32.25
CA ILE NC 310 -19.88 -78.16 33.14
C ILE NC 310 -19.87 -79.41 34.01
N VAL NC 311 -18.75 -80.12 34.02
CA VAL NC 311 -18.61 -81.39 34.73
C VAL NC 311 -17.37 -81.39 35.61
N ASP NC 312 -17.53 -81.76 36.89
CA ASP NC 312 -16.44 -81.86 37.85
C ASP NC 312 -16.46 -83.20 38.58
N LEU NC 313 -15.30 -83.86 38.65
CA LEU NC 313 -15.12 -85.17 39.27
C LEU NC 313 -13.87 -85.20 40.14
N ASN NC 314 -13.97 -85.79 41.34
CA ASN NC 314 -12.85 -85.84 42.27
C ASN NC 314 -12.81 -87.15 43.05
N LYS NC 315 -11.60 -87.71 43.21
CA LYS NC 315 -11.32 -88.89 44.02
C LYS NC 315 -10.09 -88.70 44.90
N SER NC 316 -10.15 -89.16 46.14
CA SER NC 316 -8.99 -89.05 47.02
C SER NC 316 -8.93 -90.16 48.07
N ASP NC 317 -7.71 -90.63 48.33
CA ASP NC 317 -7.39 -91.66 49.31
C ASP NC 317 -6.36 -91.13 50.30
N LEU NC 318 -6.56 -91.41 51.59
CA LEU NC 318 -5.66 -90.92 52.63
C LEU NC 318 -5.38 -91.98 53.68
N GLU NC 319 -4.14 -91.99 54.18
CA GLU NC 319 -3.68 -93.01 55.12
C GLU NC 319 -2.55 -92.45 55.99
N ARG NC 320 -2.69 -92.58 57.30
CA ARG NC 320 -1.66 -92.23 58.27
C ARG NC 320 -1.57 -93.32 59.33
N LEU NC 321 -0.37 -93.80 59.61
CA LEU NC 321 -0.21 -94.88 60.58
C LEU NC 321 1.19 -94.93 61.17
N GLY NC 322 1.28 -95.00 62.50
CA GLY NC 322 2.54 -95.11 63.20
C GLY NC 322 2.59 -94.37 64.52
N THR NC 323 3.81 -94.23 65.04
CA THR NC 323 4.07 -93.64 66.35
C THR NC 323 5.25 -92.67 66.40
N SER NC 324 5.11 -91.63 67.21
CA SER NC 324 6.16 -90.66 67.51
C SER NC 324 6.50 -90.72 69.00
N TRP NC 325 7.79 -90.50 69.32
CA TRP NC 325 8.32 -90.71 70.67
C TRP NC 325 9.09 -89.49 71.20
N SER NC 326 9.03 -89.32 72.52
CA SER NC 326 9.90 -88.37 73.21
C SER NC 326 9.98 -88.73 74.68
N GLY NC 327 11.03 -88.25 75.36
CA GLY NC 327 11.14 -88.57 76.79
C GLY NC 327 12.35 -87.94 77.43
N SER NC 328 12.36 -87.96 78.77
CA SER NC 328 13.46 -87.34 79.50
C SER NC 328 13.69 -88.02 80.84
N ILE NC 329 14.95 -87.98 81.28
CA ILE NC 329 15.42 -88.59 82.52
C ILE NC 329 16.27 -87.59 83.28
N THR NC 330 15.97 -87.37 84.56
CA THR NC 330 16.86 -86.67 85.48
C THR NC 330 17.19 -87.62 86.62
N ILE NC 331 18.44 -88.09 86.68
CA ILE NC 331 18.85 -89.04 87.71
C ILE NC 331 19.24 -88.24 88.95
N GLY NC 332 18.35 -88.23 89.94
CA GLY NC 332 18.53 -87.47 91.16
C GLY NC 332 18.72 -85.98 90.94
N ASP NC 333 18.40 -85.51 89.73
CA ASP NC 333 18.80 -84.20 89.25
C ASP NC 333 20.31 -84.01 89.26
N LYS NC 334 21.08 -85.10 89.30
CA LYS NC 334 22.51 -84.99 89.08
C LYS NC 334 22.83 -84.90 87.59
N LEU NC 335 22.39 -85.90 86.83
CA LEU NC 335 22.61 -85.93 85.39
C LEU NC 335 21.26 -85.87 84.69
N GLY NC 336 21.09 -84.88 83.82
CA GLY NC 336 19.94 -84.80 82.93
C GLY NC 336 20.25 -85.29 81.52
N VAL NC 337 19.40 -86.19 81.05
CA VAL NC 337 19.44 -86.73 79.69
C VAL NC 337 18.06 -86.56 79.09
N SER NC 338 18.00 -86.13 77.83
CA SER NC 338 16.73 -86.00 77.14
C SER NC 338 16.79 -86.64 75.77
N LEU NC 339 15.71 -87.34 75.41
CA LEU NC 339 15.57 -88.00 74.13
C LEU NC 339 14.54 -87.25 73.30
N ASN NC 340 14.98 -86.74 72.16
CA ASN NC 340 14.12 -86.13 71.15
C ASN NC 340 13.17 -85.11 71.76
N GLN NC 341 13.58 -84.46 72.83
CA GLN NC 341 12.85 -83.31 73.35
C GLN NC 341 13.56 -82.06 72.87
N SER NC 342 12.83 -81.18 72.18
CA SER NC 342 13.31 -79.85 71.86
C SER NC 342 13.13 -78.88 73.01
N SER NC 343 12.37 -79.27 74.02
CA SER NC 343 12.23 -78.55 75.28
C SER NC 343 12.93 -79.34 76.37
N ILE NC 344 13.83 -78.68 77.09
CA ILE NC 344 14.58 -79.36 78.14
C ILE NC 344 13.64 -79.64 79.30
N SER NC 345 13.77 -80.82 79.89
CA SER NC 345 12.78 -81.30 80.85
C SER NC 345 13.07 -80.72 82.22
N THR NC 346 12.25 -79.76 82.65
CA THR NC 346 12.28 -79.32 84.03
C THR NC 346 11.57 -80.33 84.93
N LEU NC 347 10.75 -81.19 84.33
CA LEU NC 347 10.02 -82.21 85.07
C LEU NC 347 10.96 -83.15 85.79
N ASP NC 348 10.75 -83.30 87.09
CA ASP NC 348 11.61 -84.14 87.91
C ASP NC 348 11.36 -85.62 87.62
N GLY NC 349 12.43 -86.40 87.67
CA GLY NC 349 12.41 -87.83 87.41
C GLY NC 349 12.50 -88.26 85.96
N SER NC 350 11.81 -89.33 85.57
CA SER NC 350 11.79 -89.79 84.19
C SER NC 350 10.37 -89.94 83.67
N ARG NC 351 10.20 -89.67 82.38
CA ARG NC 351 8.88 -89.70 81.78
C ARG NC 351 9.03 -89.91 80.27
N PHE NC 352 8.12 -90.68 79.70
CA PHE NC 352 8.06 -90.92 78.26
C PHE NC 352 6.68 -90.58 77.70
N ILE NC 353 6.66 -90.18 76.43
CA ILE NC 353 5.43 -89.81 75.76
C ILE NC 353 5.43 -90.43 74.36
N ALA NC 354 4.28 -90.98 73.98
CA ALA NC 354 4.03 -91.58 72.68
C ALA NC 354 2.81 -90.94 72.03
N ALA NC 355 2.92 -90.62 70.75
CA ALA NC 355 1.80 -90.07 69.99
C ALA NC 355 1.50 -91.01 68.83
N VAL NC 356 0.28 -91.53 68.81
CA VAL NC 356 -0.12 -92.60 67.90
C VAL NC 356 -1.08 -92.03 66.86
N ASN NC 357 -0.88 -92.38 65.60
CA ASN NC 357 -1.85 -92.08 64.55
C ASN NC 357 -2.23 -93.35 63.81
N ALA NC 358 -3.53 -93.48 63.54
CA ALA NC 358 -4.06 -94.60 62.76
C ALA NC 358 -5.37 -94.15 62.10
N LEU NC 359 -5.31 -93.79 60.82
CA LEU NC 359 -6.54 -93.40 60.13
C LEU NC 359 -6.44 -93.62 58.64
N GLU NC 360 -7.57 -94.02 58.06
CA GLU NC 360 -7.77 -94.23 56.64
C GLU NC 360 -9.05 -93.56 56.18
N GLU NC 361 -9.00 -92.87 55.05
CA GLU NC 361 -10.16 -92.11 54.58
C GLU NC 361 -10.25 -92.13 53.06
N LYS NC 362 -11.49 -92.19 52.55
CA LYS NC 362 -11.74 -92.19 51.12
C LYS NC 362 -12.84 -91.18 50.80
N LYS NC 363 -12.69 -90.47 49.69
CA LYS NC 363 -13.69 -89.48 49.31
C LYS NC 363 -13.85 -89.41 47.80
N GLN NC 364 -15.10 -89.29 47.36
CA GLN NC 364 -15.44 -89.17 45.95
C GLN NC 364 -16.54 -88.14 45.79
N ALA NC 365 -16.48 -87.33 44.74
CA ALA NC 365 -17.46 -86.27 44.53
C ALA NC 365 -17.68 -86.02 43.05
N THR NC 366 -18.89 -85.54 42.74
CA THR NC 366 -19.35 -85.30 41.38
C THR NC 366 -20.36 -84.17 41.27
N VAL NC 367 -20.13 -83.21 40.38
CA VAL NC 367 -21.08 -82.12 40.17
C VAL NC 367 -21.22 -81.84 38.67
N VAL NC 368 -22.46 -81.69 38.22
CA VAL NC 368 -22.80 -81.37 36.84
C VAL NC 368 -23.75 -80.18 36.81
N SER NC 369 -23.46 -79.18 35.98
CA SER NC 369 -24.31 -77.99 35.87
C SER NC 369 -24.45 -77.59 34.42
N ARG NC 370 -25.65 -77.11 34.06
CA ARG NC 370 -25.95 -76.79 32.66
C ARG NC 370 -26.90 -75.61 32.50
N PRO NC 371 -26.39 -74.45 32.10
CA PRO NC 371 -27.26 -73.32 31.75
C PRO NC 371 -27.65 -73.28 30.28
N VAL NC 372 -28.85 -72.76 30.05
CA VAL NC 372 -29.45 -72.60 28.72
C VAL NC 372 -29.85 -71.15 28.51
N LEU NC 373 -29.44 -70.57 27.37
CA LEU NC 373 -29.72 -69.19 27.02
C LEU NC 373 -30.23 -69.06 25.59
N LEU NC 374 -31.31 -68.32 25.41
CA LEU NC 374 -31.89 -68.01 24.10
C LEU NC 374 -31.44 -66.65 23.59
N THR NC 375 -31.09 -66.58 22.31
CA THR NC 375 -30.58 -65.36 21.70
C THR NC 375 -31.01 -65.33 20.24
N GLN NC 376 -30.72 -64.23 19.57
CA GLN NC 376 -30.92 -64.09 18.14
C GLN NC 376 -29.60 -63.85 17.43
N GLU NC 377 -29.53 -64.35 16.20
CA GLU NC 377 -28.44 -64.13 15.28
C GLU NC 377 -27.94 -62.69 15.32
N ASN NC 378 -26.63 -62.55 15.46
CA ASN NC 378 -25.88 -61.30 15.53
C ASN NC 378 -26.18 -60.44 16.75
N VAL NC 379 -27.01 -60.89 17.68
CA VAL NC 379 -27.40 -60.11 18.85
C VAL NC 379 -26.55 -60.60 20.03
N PRO NC 380 -25.77 -59.73 20.68
CA PRO NC 380 -25.03 -60.16 21.86
C PRO NC 380 -25.97 -60.44 23.03
N ALA NC 381 -25.57 -61.39 23.87
CA ALA NC 381 -26.41 -61.76 25.00
C ALA NC 381 -25.55 -62.22 26.16
N ILE NC 382 -26.11 -62.11 27.37
CA ILE NC 382 -25.42 -62.52 28.58
C ILE NC 382 -26.36 -63.25 29.52
N PHE NC 383 -25.80 -64.21 30.25
CA PHE NC 383 -26.48 -64.93 31.31
C PHE NC 383 -25.59 -64.89 32.55
N ASP NC 384 -26.17 -64.58 33.70
CA ASP NC 384 -25.41 -64.46 34.93
C ASP NC 384 -26.19 -65.02 36.11
N ASN NC 385 -25.55 -65.92 36.87
CA ASN NC 385 -26.23 -66.59 37.96
C ASN NC 385 -25.33 -66.77 39.16
N ASN NC 386 -25.93 -66.68 40.35
CA ASN NC 386 -25.27 -66.93 41.62
C ASN NC 386 -26.23 -67.66 42.55
N ARG NC 387 -25.73 -68.65 43.28
CA ARG NC 387 -26.55 -69.37 44.26
C ARG NC 387 -25.73 -69.90 45.42
N THR NC 388 -26.41 -70.07 46.56
CA THR NC 388 -25.80 -70.46 47.82
C THR NC 388 -26.36 -71.78 48.31
N PHE NC 389 -25.54 -72.55 49.01
CA PHE NC 389 -25.95 -73.79 49.64
C PHE NC 389 -25.44 -73.87 51.07
N TYR NC 390 -26.25 -74.49 51.93
CA TYR NC 390 -25.98 -74.57 53.36
C TYR NC 390 -25.71 -76.02 53.76
N THR NC 391 -24.61 -76.26 54.45
CA THR NC 391 -24.31 -77.57 54.99
C THR NC 391 -25.18 -77.79 56.22
N LYS NC 392 -26.17 -78.69 56.11
CA LYS NC 392 -26.98 -79.05 57.27
C LYS NC 392 -26.19 -79.97 58.21
N LEU NC 393 -25.33 -79.36 59.01
CA LEU NC 393 -24.84 -79.97 60.23
C LEU NC 393 -25.60 -79.33 61.38
N ILE NC 394 -26.31 -80.12 62.16
CA ILE NC 394 -27.51 -79.63 62.84
C ILE NC 394 -27.45 -79.94 64.33
N GLY NC 395 -28.02 -79.02 65.10
CA GLY NC 395 -28.22 -79.20 66.52
C GLY NC 395 -28.50 -77.85 67.15
N GLU NC 396 -28.65 -77.86 68.47
CA GLU NC 396 -28.58 -76.63 69.25
C GLU NC 396 -27.18 -76.39 69.82
N ARG NC 397 -26.53 -77.44 70.31
CA ARG NC 397 -25.11 -77.41 70.63
C ARG NC 397 -24.31 -77.57 69.35
N ASN NC 398 -24.66 -76.79 68.33
CA ASN NC 398 -24.18 -77.00 66.98
C ASN NC 398 -22.97 -76.11 66.70
N VAL NC 399 -22.25 -76.46 65.63
CA VAL NC 399 -21.38 -75.50 64.98
C VAL NC 399 -22.23 -74.52 64.17
N ALA NC 400 -21.65 -73.37 63.86
CA ALA NC 400 -22.29 -72.45 62.94
C ALA NC 400 -22.55 -73.14 61.61
N LEU NC 401 -23.73 -72.90 61.04
CA LEU NC 401 -24.11 -73.53 59.78
C LEU NC 401 -23.24 -72.95 58.67
N GLU NC 402 -22.35 -73.79 58.13
CA GLU NC 402 -21.49 -73.37 57.05
C GLU NC 402 -22.23 -73.33 55.72
N HIS NC 403 -21.67 -72.59 54.77
CA HIS NC 403 -22.29 -72.43 53.47
C HIS NC 403 -21.22 -72.17 52.41
N VAL NC 404 -21.59 -72.46 51.16
CA VAL NC 404 -20.73 -72.22 49.99
C VAL NC 404 -21.57 -71.63 48.87
N THR NC 405 -20.95 -70.77 48.07
CA THR NC 405 -21.66 -70.05 47.02
C THR NC 405 -20.97 -70.23 45.68
N TYR NC 406 -21.77 -70.52 44.65
CA TYR NC 406 -21.31 -70.88 43.32
C TYR NC 406 -21.90 -69.90 42.32
N GLY NC 407 -21.16 -69.61 41.26
CA GLY NC 407 -21.67 -68.66 40.29
C GLY NC 407 -20.98 -68.68 38.95
N THR NC 408 -21.72 -68.21 37.94
CA THR NC 408 -21.37 -68.37 36.54
C THR NC 408 -21.74 -67.15 35.72
N MET NC 409 -20.85 -66.80 34.79
CA MET NC 409 -21.10 -65.87 33.69
C MET NC 409 -21.01 -66.61 32.38
N ILE NC 410 -21.91 -66.29 31.45
CA ILE NC 410 -21.71 -66.52 30.03
C ILE NC 410 -22.02 -65.23 29.27
N ARG NC 411 -21.14 -64.88 28.34
CA ARG NC 411 -21.38 -63.81 27.39
C ARG NC 411 -21.09 -64.34 26.00
N VAL NC 412 -21.99 -64.06 25.05
CA VAL NC 412 -21.95 -64.77 23.78
C VAL NC 412 -22.45 -63.88 22.65
N LEU NC 413 -21.97 -64.18 21.45
CA LEU NC 413 -22.45 -63.58 20.20
C LEU NC 413 -22.46 -64.61 19.07
N PRO NC 414 -23.67 -65.05 18.60
CA PRO NC 414 -23.77 -66.08 17.55
C PRO NC 414 -23.91 -65.61 16.11
N ARG NC 415 -23.37 -66.43 15.19
CA ARG NC 415 -23.36 -66.20 13.75
C ARG NC 415 -23.74 -67.46 12.95
N PHE NC 416 -24.66 -67.31 11.99
CA PHE NC 416 -25.02 -68.40 11.08
C PHE NC 416 -24.11 -68.41 9.86
N SER NC 417 -23.54 -69.57 9.56
CA SER NC 417 -22.73 -69.82 8.38
C SER NC 417 -23.52 -70.67 7.40
N ALA NC 418 -23.39 -70.36 6.12
CA ALA NC 418 -24.18 -71.01 5.08
C ALA NC 418 -24.00 -72.53 5.05
N ASP NC 419 -22.91 -73.04 5.60
CA ASP NC 419 -22.74 -74.49 5.69
C ASP NC 419 -23.69 -75.13 6.71
N GLY NC 420 -24.55 -74.38 7.37
CA GLY NC 420 -25.33 -74.93 8.46
C GLY NC 420 -24.47 -75.11 9.70
N GLN NC 421 -23.55 -74.19 9.94
CA GLN NC 421 -22.71 -74.17 11.11
C GLN NC 421 -22.96 -72.88 11.89
N ILE NC 422 -22.90 -72.96 13.21
CA ILE NC 422 -23.03 -71.80 14.09
C ILE NC 422 -21.67 -71.48 14.68
N GLU NC 423 -21.30 -70.22 14.61
CA GLU NC 423 -20.07 -69.67 15.17
C GLU NC 423 -20.41 -68.78 16.36
N MET NC 424 -19.64 -68.88 17.43
CA MET NC 424 -19.93 -68.09 18.62
C MET NC 424 -18.65 -67.47 19.14
N SER NC 425 -18.71 -66.18 19.45
CA SER NC 425 -17.71 -65.58 20.33
C SER NC 425 -18.14 -65.74 21.78
N LEU NC 426 -17.25 -66.30 22.61
CA LEU NC 426 -17.59 -66.79 23.93
C LEU NC 426 -16.68 -66.23 25.02
N ASP NC 427 -17.29 -65.74 26.09
CA ASP NC 427 -16.66 -65.50 27.38
C ASP NC 427 -17.35 -66.34 28.44
N ILE NC 428 -16.59 -67.13 29.19
CA ILE NC 428 -17.13 -68.01 30.23
C ILE NC 428 -16.36 -67.79 31.52
N GLU NC 429 -17.09 -67.59 32.62
CA GLU NC 429 -16.48 -67.45 33.93
C GLU NC 429 -17.24 -68.32 34.92
N ASP NC 430 -16.53 -69.10 35.73
CA ASP NC 430 -17.23 -70.01 36.61
C ASP NC 430 -16.45 -70.27 37.89
N GLY NC 431 -17.18 -70.61 38.95
CA GLY NC 431 -16.48 -71.07 40.14
C GLY NC 431 -17.30 -70.90 41.40
N ASN NC 432 -16.59 -70.83 42.52
CA ASN NC 432 -17.22 -70.67 43.82
C ASN NC 432 -16.35 -69.79 44.70
N ASP NC 433 -16.99 -69.13 45.65
CA ASP NC 433 -16.37 -68.03 46.38
C ASP NC 433 -15.38 -68.51 47.44
N LYS NC 434 -14.17 -67.96 47.39
CA LYS NC 434 -13.11 -68.29 48.34
C LYS NC 434 -13.54 -67.96 49.75
N THR NC 435 -13.46 -68.94 50.65
CA THR NC 435 -14.09 -68.83 51.96
C THR NC 435 -13.16 -69.36 53.05
N PRO NC 436 -12.18 -68.54 53.44
CA PRO NC 436 -11.36 -68.88 54.62
C PRO NC 436 -12.18 -69.03 55.88
N GLN NC 437 -13.29 -68.28 55.97
CA GLN NC 437 -14.16 -68.32 57.13
C GLN NC 437 -14.70 -69.71 57.42
N SER NC 438 -14.75 -70.60 56.43
CA SER NC 438 -15.20 -71.96 56.70
C SER NC 438 -14.03 -72.73 57.33
N ASP NC 439 -13.72 -72.29 58.56
CA ASP NC 439 -12.58 -72.79 59.33
C ASP NC 439 -12.79 -74.22 59.82
N THR NC 440 -14.03 -74.70 59.84
CA THR NC 440 -14.36 -75.93 60.54
C THR NC 440 -13.59 -77.13 60.01
N THR NC 441 -13.11 -77.95 60.94
CA THR NC 441 -12.63 -79.31 60.65
C THR NC 441 -13.80 -80.29 60.64
N THR NC 442 -14.73 -80.10 61.57
CA THR NC 442 -15.83 -81.06 61.76
C THR NC 442 -16.57 -81.31 60.46
N SER NC 443 -16.71 -80.28 59.62
CA SER NC 443 -17.24 -80.51 58.28
C SER NC 443 -16.08 -80.94 57.37
N VAL NC 444 -15.73 -82.23 57.47
CA VAL NC 444 -15.02 -82.90 56.38
C VAL NC 444 -15.98 -83.23 55.26
N ASP NC 445 -17.27 -83.21 55.53
CA ASP NC 445 -18.29 -83.33 54.50
C ASP NC 445 -18.50 -82.01 53.77
N ALA NC 446 -17.41 -81.29 53.52
CA ALA NC 446 -17.54 -79.98 52.93
C ALA NC 446 -18.29 -80.07 51.60
N LEU NC 447 -19.00 -79.00 51.28
CA LEU NC 447 -19.45 -78.81 49.92
C LEU NC 447 -18.26 -78.84 48.97
N PRO NC 448 -18.38 -79.49 47.81
CA PRO NC 448 -17.19 -79.83 47.00
C PRO NC 448 -16.52 -78.57 46.47
N GLU NC 449 -15.22 -78.43 46.76
CA GLU NC 449 -14.42 -77.34 46.22
C GLU NC 449 -14.13 -77.53 44.74
N VAL NC 450 -14.92 -76.83 43.91
CA VAL NC 450 -14.51 -76.57 42.54
C VAL NC 450 -13.50 -75.43 42.52
N GLY NC 451 -12.79 -75.30 41.39
CA GLY NC 451 -11.95 -74.14 41.16
C GLY NC 451 -12.66 -72.84 40.79
N ARG NC 452 -11.89 -71.91 40.24
CA ARG NC 452 -12.38 -70.72 39.57
C ARG NC 452 -11.70 -70.64 38.21
N THR NC 453 -12.47 -70.40 37.16
CA THR NC 453 -11.93 -70.50 35.82
C THR NC 453 -12.50 -69.42 34.92
N LEU NC 454 -11.64 -68.90 34.05
CA LEU NC 454 -11.98 -67.95 32.99
C LEU NC 454 -11.52 -68.49 31.65
N ILE NC 455 -12.40 -68.43 30.65
CA ILE NC 455 -12.06 -68.79 29.28
C ILE NC 455 -12.67 -67.74 28.36
N SER NC 456 -11.91 -67.32 27.36
CA SER NC 456 -12.50 -66.60 26.23
C SER NC 456 -11.93 -67.10 24.92
N THR NC 457 -12.82 -67.36 23.95
CA THR NC 457 -12.40 -67.90 22.67
C THR NC 457 -13.54 -67.84 21.66
N ILE NC 458 -13.25 -68.28 20.43
CA ILE NC 458 -14.21 -68.39 19.35
C ILE NC 458 -14.23 -69.84 18.89
N ALA NC 459 -15.42 -70.36 18.58
CA ALA NC 459 -15.55 -71.73 18.10
C ALA NC 459 -16.67 -71.82 17.08
N ARG NC 460 -16.55 -72.83 16.21
CA ARG NC 460 -17.49 -73.09 15.13
C ARG NC 460 -17.83 -74.57 15.12
N VAL NC 461 -19.11 -74.91 15.04
CA VAL NC 461 -19.52 -76.30 15.14
C VAL NC 461 -20.70 -76.58 14.23
N PRO NC 462 -20.77 -77.75 13.59
CA PRO NC 462 -21.98 -78.15 12.88
C PRO NC 462 -23.22 -78.16 13.78
N HIS NC 463 -24.31 -77.66 13.22
CA HIS NC 463 -25.59 -77.59 13.90
C HIS NC 463 -25.94 -78.85 14.67
N GLY NC 464 -26.22 -78.70 15.97
CA GLY NC 464 -26.52 -79.78 16.89
C GLY NC 464 -25.37 -80.64 17.35
N LYS NC 465 -24.19 -80.52 16.78
CA LYS NC 465 -23.03 -81.23 17.30
C LYS NC 465 -22.51 -80.51 18.54
N SER NC 466 -21.46 -81.07 19.15
CA SER NC 466 -20.88 -80.50 20.36
C SER NC 466 -19.37 -80.56 20.29
N LEU NC 467 -18.72 -79.61 20.95
CA LEU NC 467 -17.27 -79.51 21.00
C LEU NC 467 -16.80 -79.36 22.45
N LEU NC 468 -15.56 -79.80 22.69
CA LEU NC 468 -14.87 -79.56 23.94
C LEU NC 468 -14.07 -78.26 23.80
N VAL NC 469 -14.48 -77.23 24.54
CA VAL NC 469 -13.76 -75.97 24.50
C VAL NC 469 -12.54 -75.96 25.42
N GLY NC 470 -12.53 -76.77 26.47
CA GLY NC 470 -11.38 -76.76 27.36
C GLY NC 470 -11.65 -77.57 28.60
N GLY NC 471 -10.57 -77.83 29.32
CA GLY NC 471 -10.65 -78.62 30.53
C GLY NC 471 -9.33 -78.61 31.26
N TYR NC 472 -9.30 -79.38 32.34
CA TYR NC 472 -8.15 -79.47 33.23
C TYR NC 472 -8.16 -80.83 33.91
N THR NC 473 -6.96 -81.35 34.16
CA THR NC 473 -6.78 -82.60 34.88
C THR NC 473 -5.60 -82.51 35.82
N ARG NC 474 -5.75 -83.04 37.03
CA ARG NC 474 -4.66 -83.08 37.99
C ARG NC 474 -4.61 -84.46 38.62
N ASP NC 475 -3.41 -85.04 38.65
CA ASP NC 475 -3.18 -86.34 39.24
C ASP NC 475 -1.91 -86.28 40.08
N ALA NC 476 -2.00 -86.66 41.35
CA ALA NC 476 -0.83 -86.51 42.21
C ALA NC 476 -0.79 -87.62 43.25
N ASN NC 477 0.42 -87.83 43.78
CA ASN NC 477 0.72 -88.86 44.76
C ASN NC 477 1.81 -88.36 45.69
N THR NC 478 1.71 -88.74 46.96
CA THR NC 478 2.72 -88.39 47.96
C THR NC 478 2.93 -89.54 48.95
N ASP NC 479 4.19 -89.70 49.38
CA ASP NC 479 4.61 -90.80 50.24
C ASP NC 479 5.70 -90.33 51.19
N THR NC 480 5.57 -90.67 52.47
CA THR NC 480 6.53 -90.24 53.49
C THR NC 480 6.68 -91.31 54.55
N VAL NC 481 7.87 -91.41 55.14
CA VAL NC 481 8.15 -92.40 56.19
C VAL NC 481 9.25 -91.90 57.12
N GLN NC 482 9.05 -92.13 58.42
CA GLN NC 482 9.99 -91.76 59.48
C GLN NC 482 10.25 -92.96 60.38
N SER NC 483 11.47 -93.03 60.94
CA SER NC 483 11.73 -94.07 61.92
C SER NC 483 12.96 -93.75 62.75
N ILE NC 484 13.01 -94.35 63.93
CA ILE NC 484 14.21 -94.46 64.78
C ILE NC 484 15.23 -95.36 64.09
N PRO NC 485 16.45 -94.90 63.80
CA PRO NC 485 17.40 -95.74 63.04
C PRO NC 485 17.68 -97.14 63.59
N PHE NC 486 18.14 -97.26 64.84
CA PHE NC 486 18.44 -98.57 65.41
C PHE NC 486 17.20 -99.41 65.68
N LEU NC 487 16.12 -98.82 66.18
CA LEU NC 487 14.98 -99.63 66.57
C LEU NC 487 14.07 -99.97 65.41
N GLY NC 488 13.95 -99.11 64.41
CA GLY NC 488 13.07 -99.46 63.31
C GLY NC 488 13.54 -100.67 62.52
N LYS NC 489 14.77 -101.11 62.76
CA LYS NC 489 15.34 -102.26 62.05
C LYS NC 489 14.72 -103.58 62.52
N LEU NC 490 14.57 -103.77 63.82
CA LEU NC 490 14.12 -105.06 64.34
C LEU NC 490 12.76 -105.43 63.74
N PRO NC 491 12.59 -106.69 63.32
CA PRO NC 491 11.35 -107.08 62.60
C PRO NC 491 10.11 -107.21 63.47
N LEU NC 492 10.25 -107.56 64.74
CA LEU NC 492 9.06 -107.72 65.58
C LEU NC 492 8.61 -106.40 66.18
N ILE NC 493 9.53 -105.71 66.85
CA ILE NC 493 9.18 -104.48 67.54
C ILE NC 493 9.31 -103.22 66.67
N GLY NC 494 10.07 -103.29 65.58
CA GLY NC 494 10.31 -102.10 64.78
C GLY NC 494 9.04 -101.41 64.33
N SER NC 495 7.98 -102.18 64.09
CA SER NC 495 6.70 -101.59 63.72
C SER NC 495 6.28 -100.51 64.72
N LEU NC 496 6.57 -100.73 65.99
CA LEU NC 496 6.27 -99.78 67.05
C LEU NC 496 7.01 -98.45 66.91
N PHE NC 497 8.01 -98.35 66.03
CA PHE NC 497 8.87 -97.18 65.91
C PHE NC 497 8.87 -96.55 64.53
N ARG NC 498 7.94 -96.91 63.66
CA ARG NC 498 7.87 -96.41 62.30
C ARG NC 498 6.62 -95.56 62.13
N TYR NC 499 6.71 -94.62 61.20
CA TYR NC 499 5.59 -93.76 60.83
C TYR NC 499 5.63 -93.54 59.33
N SER NC 500 4.47 -93.67 58.70
CA SER NC 500 4.38 -93.47 57.26
C SER NC 500 3.02 -92.91 56.89
N SER NC 501 2.96 -92.27 55.72
CA SER NC 501 1.73 -91.72 55.21
C SER NC 501 1.75 -91.69 53.69
N LYS NC 502 0.56 -91.85 53.10
CA LYS NC 502 0.38 -91.83 51.65
C LYS NC 502 -0.86 -91.02 51.29
N ASN NC 503 -0.83 -90.44 50.10
CA ASN NC 503 -1.95 -89.64 49.62
C ASN NC 503 -2.03 -89.64 48.09
N LYS NC 504 -3.23 -89.82 47.55
CA LYS NC 504 -3.46 -89.85 46.12
C LYS NC 504 -4.66 -89.01 45.75
N SER NC 505 -4.58 -88.28 44.62
CA SER NC 505 -5.69 -87.43 44.21
C SER NC 505 -5.80 -87.31 42.69
N ASN NC 506 -7.04 -87.32 42.20
CA ASN NC 506 -7.34 -87.27 40.75
C ASN NC 506 -8.57 -86.42 40.49
N VAL NC 507 -8.42 -85.36 39.67
CA VAL NC 507 -9.50 -84.42 39.39
C VAL NC 507 -9.56 -84.15 37.89
N VAL NC 508 -10.78 -84.11 37.35
CA VAL NC 508 -11.05 -83.82 35.94
C VAL NC 508 -12.20 -82.83 35.79
N ARG NC 509 -12.03 -81.85 34.91
CA ARG NC 509 -13.02 -80.79 34.72
C ARG NC 509 -13.07 -80.39 33.25
N VAL NC 510 -14.28 -80.29 32.66
CA VAL NC 510 -14.40 -79.96 31.23
C VAL NC 510 -15.62 -79.09 30.96
N PHE NC 511 -15.49 -78.27 29.90
CA PHE NC 511 -16.53 -77.40 29.36
C PHE NC 511 -16.91 -77.81 27.94
N MET NC 512 -18.18 -78.20 27.74
CA MET NC 512 -18.67 -78.64 26.44
C MET NC 512 -19.90 -77.84 26.03
N ILE NC 513 -19.92 -77.38 24.77
CA ILE NC 513 -20.96 -76.51 24.21
C ILE NC 513 -21.79 -77.25 23.17
N GLU NC 514 -23.10 -77.02 23.20
CA GLU NC 514 -24.03 -77.55 22.20
C GLU NC 514 -25.07 -76.50 21.78
N PRO NC 515 -24.95 -75.91 20.59
CA PRO NC 515 -25.99 -74.99 20.12
C PRO NC 515 -27.11 -75.67 19.34
N LYS NC 516 -28.34 -75.20 19.58
CA LYS NC 516 -29.54 -75.68 18.90
C LYS NC 516 -30.31 -74.52 18.31
N GLU NC 517 -30.74 -74.67 17.06
CA GLU NC 517 -31.70 -73.73 16.47
C GLU NC 517 -33.09 -73.98 17.02
N ILE NC 518 -33.79 -72.88 17.34
CA ILE NC 518 -35.15 -72.93 17.88
C ILE NC 518 -36.09 -72.27 16.88
N VAL NC 519 -37.06 -73.04 16.41
CA VAL NC 519 -38.06 -72.58 15.46
C VAL NC 519 -39.49 -72.69 15.97
N ASP NC 520 -39.75 -73.49 17.00
CA ASP NC 520 -41.10 -73.76 17.46
C ASP NC 520 -41.30 -73.31 18.89
N PRO NC 521 -42.49 -72.83 19.24
CA PRO NC 521 -42.79 -72.54 20.64
C PRO NC 521 -42.93 -73.81 21.46
N LEU NC 522 -43.05 -73.61 22.77
CA LEU NC 522 -43.30 -74.69 23.70
C LEU NC 522 -44.67 -75.33 23.47
N THR NC 523 -44.77 -76.59 23.90
CA THR NC 523 -46.00 -77.37 23.83
C THR NC 523 -45.92 -78.54 24.81
N PRO NC 524 -46.79 -78.60 25.84
CA PRO NC 524 -47.80 -77.67 26.35
C PRO NC 524 -47.28 -76.28 26.63
N ASP NC 525 -48.18 -75.31 26.64
CA ASP NC 525 -47.82 -73.96 27.05
C ASP NC 525 -47.36 -73.94 28.50
N ALA NC 526 -46.55 -72.91 28.80
CA ALA NC 526 -46.02 -72.70 30.13
C ALA NC 526 -47.11 -72.81 31.20
N SER NC 527 -48.23 -72.14 31.00
CA SER NC 527 -49.33 -72.22 31.96
C SER NC 527 -49.85 -73.65 32.08
N GLU NC 528 -49.94 -74.36 30.97
CA GLU NC 528 -50.45 -75.73 31.00
C GLU NC 528 -49.57 -76.64 31.85
N SER NC 529 -48.25 -76.50 31.72
CA SER NC 529 -47.35 -77.26 32.58
C SER NC 529 -47.40 -76.78 34.03
N VAL NC 530 -47.37 -75.47 34.23
CA VAL NC 530 -47.42 -74.87 35.56
C VAL NC 530 -48.60 -75.40 36.36
N ASN NC 531 -49.79 -75.42 35.78
CA ASN NC 531 -50.95 -75.95 36.48
C ASN NC 531 -50.72 -77.37 36.99
N ASN NC 532 -50.15 -78.24 36.16
CA ASN NC 532 -49.87 -79.60 36.60
C ASN NC 532 -48.88 -79.62 37.75
N ILE NC 533 -47.80 -78.84 37.63
CA ILE NC 533 -46.85 -78.76 38.74
C ILE NC 533 -47.52 -78.32 40.02
N LEU NC 534 -48.33 -77.27 39.96
CA LEU NC 534 -49.00 -76.77 41.16
C LEU NC 534 -49.91 -77.82 41.78
N LYS NC 535 -50.77 -78.42 40.97
CA LYS NC 535 -51.69 -79.42 41.50
C LYS NC 535 -50.95 -80.61 42.08
N GLN NC 536 -49.96 -81.12 41.37
CA GLN NC 536 -49.22 -82.28 41.84
C GLN NC 536 -48.38 -81.93 43.07
N SER NC 537 -48.00 -80.66 43.23
CA SER NC 537 -47.27 -80.23 44.41
C SER NC 537 -48.16 -79.93 45.60
N GLY NC 538 -49.48 -79.83 45.41
CA GLY NC 538 -50.33 -79.25 46.43
C GLY NC 538 -50.18 -77.77 46.66
N ALA NC 539 -49.44 -77.07 45.80
CA ALA NC 539 -49.30 -75.64 45.87
C ALA NC 539 -50.49 -74.91 45.25
N TRP NC 540 -51.38 -75.64 44.58
CA TRP NC 540 -52.54 -75.05 43.94
C TRP NC 540 -53.38 -74.23 44.92
N SER NC 541 -54.02 -73.20 44.37
CA SER NC 541 -54.59 -72.10 45.14
C SER NC 541 -55.93 -71.61 44.65
N GLY NC 542 -56.29 -71.81 43.38
CA GLY NC 542 -57.46 -71.24 42.77
C GLY NC 542 -58.76 -71.79 43.31
N ASP NC 543 -58.66 -72.71 44.26
CA ASP NC 543 -59.80 -73.15 45.05
C ASP NC 543 -60.39 -72.02 45.88
N ASP NC 544 -59.60 -71.01 46.22
CA ASP NC 544 -59.98 -70.06 47.25
C ASP NC 544 -61.23 -69.28 46.86
N LYS NC 545 -62.18 -69.26 47.79
CA LYS NC 545 -63.48 -68.66 47.55
C LYS NC 545 -63.38 -67.18 47.26
N LEU NC 546 -62.30 -66.54 47.68
CA LEU NC 546 -62.18 -65.09 47.64
C LEU NC 546 -61.21 -64.61 46.59
N GLN NC 547 -60.01 -65.19 46.52
CA GLN NC 547 -59.05 -64.74 45.53
C GLN NC 547 -59.50 -65.01 44.09
N LYS NC 548 -60.44 -65.91 43.88
CA LYS NC 548 -61.05 -66.08 42.55
C LYS NC 548 -61.48 -64.75 41.95
N TRP NC 549 -62.02 -63.84 42.77
CA TRP NC 549 -62.54 -62.57 42.27
C TRP NC 549 -61.49 -61.78 41.51
N VAL NC 550 -60.23 -61.98 41.82
CA VAL NC 550 -59.13 -61.27 41.19
C VAL NC 550 -58.42 -62.17 40.19
N ARG NC 551 -58.07 -63.38 40.61
CA ARG NC 551 -57.34 -64.28 39.75
C ARG NC 551 -58.09 -64.56 38.46
N VAL NC 552 -59.42 -64.40 38.47
CA VAL NC 552 -60.20 -64.53 37.24
C VAL NC 552 -59.61 -63.70 36.11
N TYR NC 553 -59.34 -62.41 36.36
CA TYR NC 553 -58.77 -61.58 35.30
C TYR NC 553 -57.42 -62.08 34.80
N LEU NC 554 -56.52 -62.44 35.72
CA LEU NC 554 -55.19 -62.86 35.29
C LEU NC 554 -55.20 -64.22 34.60
N ASP NC 555 -55.81 -65.22 35.23
CA ASP NC 555 -55.75 -66.59 34.73
C ASP NC 555 -55.87 -66.74 33.22
N ARG NC 556 -57.02 -66.36 32.66
CA ARG NC 556 -57.26 -66.67 31.25
C ARG NC 556 -57.85 -65.52 30.44
N GLY NC 557 -58.22 -64.40 31.05
CA GLY NC 557 -58.79 -63.30 30.30
C GLY NC 557 -57.90 -62.84 29.18
N GLU OC 26 -71.15 40.72 -56.73
CA GLU OC 26 -70.76 39.46 -56.12
C GLU OC 26 -69.40 39.00 -56.57
N LYS OC 27 -68.70 38.30 -55.68
CA LYS OC 27 -67.43 37.68 -55.98
C LYS OC 27 -67.52 36.17 -56.13
N ILE OC 28 -68.40 35.51 -55.39
CA ILE OC 28 -68.59 34.06 -55.50
C ILE OC 28 -70.00 33.78 -56.00
N PRO OC 29 -70.29 34.07 -57.26
CA PRO OC 29 -71.64 33.85 -57.80
C PRO OC 29 -72.02 32.40 -58.03
N VAL OC 30 -71.89 31.54 -57.02
CA VAL OC 30 -72.16 30.12 -57.16
C VAL OC 30 -73.25 29.73 -56.17
N THR OC 31 -74.21 28.94 -56.64
CA THR OC 31 -75.31 28.43 -55.85
C THR OC 31 -74.89 27.24 -54.97
N GLY OC 32 -75.75 26.95 -54.01
CA GLY OC 32 -75.58 25.86 -53.06
C GLY OC 32 -74.40 26.00 -52.12
N SER OC 33 -73.73 24.88 -51.85
CA SER OC 33 -72.56 24.88 -50.98
C SER OC 33 -71.56 23.82 -51.42
N GLY OC 34 -70.33 23.99 -50.96
CA GLY OC 34 -69.29 23.01 -51.19
C GLY OC 34 -67.93 23.67 -51.21
N PHE OC 35 -66.93 22.88 -51.58
CA PHE OC 35 -65.56 23.33 -51.74
C PHE OC 35 -65.05 22.95 -53.11
N VAL OC 36 -64.48 23.91 -53.84
CA VAL OC 36 -63.88 23.62 -55.14
C VAL OC 36 -62.38 23.64 -54.97
N ALA OC 37 -61.77 22.50 -55.21
CA ALA OC 37 -60.32 22.31 -55.12
C ALA OC 37 -59.72 22.32 -56.51
N LYS OC 38 -58.65 23.08 -56.70
CA LYS OC 38 -57.86 22.97 -57.92
C LYS OC 38 -56.39 22.73 -57.58
N ASP OC 39 -55.97 21.48 -57.73
CA ASP OC 39 -54.61 20.99 -57.50
C ASP OC 39 -54.10 21.41 -56.12
N ASP OC 40 -55.03 21.54 -55.18
CA ASP OC 40 -54.66 21.86 -53.82
C ASP OC 40 -53.80 20.74 -53.26
N SER OC 41 -52.80 21.10 -52.47
CA SER OC 41 -52.12 20.12 -51.66
C SER OC 41 -53.03 19.61 -50.57
N LEU OC 42 -52.94 18.31 -50.33
CA LEU OC 42 -53.78 17.69 -49.31
C LEU OC 42 -53.75 18.44 -47.99
N ARG OC 43 -52.66 19.15 -47.69
CA ARG OC 43 -52.63 19.94 -46.47
C ARG OC 43 -53.71 21.02 -46.46
N THR OC 44 -53.80 21.79 -47.54
CA THR OC 44 -54.84 22.82 -47.60
C THR OC 44 -56.22 22.20 -47.76
N PHE OC 45 -56.32 21.04 -48.40
CA PHE OC 45 -57.62 20.40 -48.54
C PHE OC 45 -58.20 19.99 -47.18
N PHE OC 46 -57.49 19.11 -46.47
CA PHE OC 46 -57.95 18.77 -45.13
C PHE OC 46 -58.07 19.99 -44.21
N ASP OC 47 -57.24 21.01 -44.36
CA ASP OC 47 -57.47 22.19 -43.51
C ASP OC 47 -58.82 22.82 -43.81
N ALA OC 48 -59.25 22.80 -45.06
CA ALA OC 48 -60.59 23.28 -45.38
C ALA OC 48 -61.67 22.41 -44.76
N MET OC 49 -61.49 21.09 -44.79
CA MET OC 49 -62.44 20.15 -44.19
C MET OC 49 -62.52 20.24 -42.66
N ALA OC 50 -61.48 20.77 -42.03
CA ALA OC 50 -61.42 20.82 -40.56
C ALA OC 50 -62.64 21.46 -39.89
N LEU OC 51 -63.19 22.53 -40.45
CA LEU OC 51 -64.39 23.13 -39.82
C LEU OC 51 -65.52 22.13 -39.64
N GLN OC 52 -65.76 21.28 -40.62
CA GLN OC 52 -66.81 20.28 -40.50
C GLN OC 52 -66.41 19.16 -39.56
N LEU OC 53 -65.16 18.71 -39.64
CA LEU OC 53 -64.71 17.69 -38.70
C LEU OC 53 -64.73 18.19 -37.27
N LYS OC 54 -64.64 19.49 -37.05
CA LYS OC 54 -64.58 20.11 -35.71
C LYS OC 54 -63.35 19.71 -34.93
N GLU OC 55 -62.27 19.35 -35.63
CA GLU OC 55 -61.05 18.88 -35.02
C GLU OC 55 -59.88 19.40 -35.84
N PRO OC 56 -58.82 19.92 -35.23
CA PRO OC 56 -57.66 20.31 -36.01
C PRO OC 56 -57.04 19.10 -36.68
N VAL OC 57 -56.46 19.30 -37.86
CA VAL OC 57 -55.98 18.22 -38.72
C VAL OC 57 -54.53 18.45 -39.09
N ILE OC 58 -53.73 17.39 -39.00
CA ILE OC 58 -52.27 17.45 -39.11
C ILE OC 58 -51.79 16.45 -40.13
N VAL OC 59 -51.05 16.91 -41.14
CA VAL OC 59 -50.76 16.15 -42.34
C VAL OC 59 -49.25 15.99 -42.46
N SER OC 60 -48.80 14.76 -42.64
CA SER OC 60 -47.39 14.46 -42.88
C SER OC 60 -46.92 15.00 -44.22
N LYS OC 61 -45.62 15.33 -44.28
CA LYS OC 61 -45.02 15.88 -45.50
C LYS OC 61 -45.18 14.93 -46.70
N MET OC 62 -44.98 13.65 -46.47
CA MET OC 62 -45.15 12.67 -47.54
C MET OC 62 -46.58 12.59 -48.02
N ALA OC 63 -47.56 12.98 -47.20
CA ALA OC 63 -48.92 13.14 -47.70
C ALA OC 63 -49.12 14.50 -48.34
N ALA OC 64 -48.35 15.49 -47.93
CA ALA OC 64 -48.50 16.83 -48.46
C ALA OC 64 -48.07 16.90 -49.91
N ARG OC 65 -47.21 15.99 -50.33
CA ARG OC 65 -46.82 15.98 -51.74
C ARG OC 65 -47.98 15.70 -52.71
N LYS OC 66 -49.01 14.98 -52.31
CA LYS OC 66 -50.11 14.61 -53.21
C LYS OC 66 -51.10 15.74 -53.48
N LYS OC 67 -51.54 15.84 -54.75
CA LYS OC 67 -52.47 16.85 -55.26
C LYS OC 67 -53.86 16.30 -55.56
N ILE OC 68 -54.89 17.15 -55.45
CA ILE OC 68 -56.27 16.75 -55.71
C ILE OC 68 -57.03 17.90 -56.37
N THR OC 69 -57.97 17.56 -57.26
CA THR OC 69 -58.84 18.50 -57.96
C THR OC 69 -60.29 18.03 -58.00
N GLY OC 70 -61.24 18.97 -58.09
CA GLY OC 70 -62.66 18.68 -58.20
C GLY OC 70 -63.55 19.48 -57.27
N ASN OC 71 -64.82 19.07 -57.22
CA ASN OC 71 -65.88 19.68 -56.40
C ASN OC 71 -66.39 18.69 -55.34
N PHE OC 72 -66.16 19.01 -54.07
CA PHE OC 72 -66.49 18.14 -52.96
C PHE OC 72 -67.52 18.68 -51.99
N GLU OC 73 -68.37 17.78 -51.51
CA GLU OC 73 -69.42 18.02 -50.51
C GLU OC 73 -69.00 17.40 -49.17
N PHE OC 74 -68.82 18.23 -48.14
CA PHE OC 74 -68.44 17.75 -46.80
C PHE OC 74 -69.64 17.59 -45.86
N HIS OC 75 -70.29 16.44 -45.98
CA HIS OC 75 -71.40 16.02 -45.13
C HIS OC 75 -71.10 14.59 -44.76
N ASP OC 76 -71.31 14.24 -43.50
CA ASP OC 76 -70.85 12.97 -42.95
C ASP OC 76 -69.36 12.90 -43.31
N PRO OC 77 -68.58 13.88 -42.89
CA PRO OC 77 -67.17 13.93 -43.27
C PRO OC 77 -66.38 12.75 -42.79
N ASN OC 78 -66.77 12.09 -41.71
CA ASN OC 78 -66.04 10.89 -41.32
C ASN OC 78 -66.11 9.83 -42.39
N ALA OC 79 -67.30 9.61 -42.94
CA ALA OC 79 -67.45 8.66 -44.04
C ALA OC 79 -66.66 9.12 -45.26
N LEU OC 80 -66.76 10.39 -45.63
CA LEU OC 80 -65.96 10.87 -46.74
C LEU OC 80 -64.48 10.62 -46.51
N LEU OC 81 -63.99 10.96 -45.33
CA LEU OC 81 -62.60 10.77 -44.97
C LEU OC 81 -62.16 9.32 -45.11
N GLU OC 82 -62.91 8.40 -44.52
CA GLU OC 82 -62.52 7.00 -44.61
C GLU OC 82 -62.61 6.44 -46.03
N LYS OC 83 -63.44 7.01 -46.89
CA LYS OC 83 -63.43 6.56 -48.27
C LYS OC 83 -62.20 7.05 -49.02
N LEU OC 84 -61.97 8.36 -48.98
CA LEU OC 84 -60.77 8.89 -49.61
C LEU OC 84 -59.51 8.23 -49.10
N SER OC 85 -59.42 7.95 -47.79
CA SER OC 85 -58.27 7.21 -47.29
C SER OC 85 -57.90 6.02 -48.16
N LEU OC 86 -58.86 5.17 -48.48
CA LEU OC 86 -58.59 4.00 -49.30
C LEU OC 86 -58.32 4.35 -50.75
N GLN OC 87 -59.01 5.34 -51.30
CA GLN OC 87 -58.73 5.69 -52.69
C GLN OC 87 -57.33 6.29 -52.88
N LEU OC 88 -56.92 7.18 -52.00
CA LEU OC 88 -55.63 7.87 -52.10
C LEU OC 88 -54.49 7.15 -51.41
N GLY OC 89 -54.75 6.11 -50.63
CA GLY OC 89 -53.69 5.39 -49.95
C GLY OC 89 -53.08 6.07 -48.74
N LEU OC 90 -53.92 6.66 -47.91
CA LEU OC 90 -53.55 7.30 -46.66
C LEU OC 90 -53.95 6.41 -45.48
N ILE OC 91 -53.35 6.68 -44.33
CA ILE OC 91 -53.83 6.13 -43.06
C ILE OC 91 -54.01 7.27 -42.09
N TRP OC 92 -54.97 7.12 -41.18
CA TRP OC 92 -55.32 8.22 -40.30
C TRP OC 92 -55.74 7.74 -38.94
N TYR OC 93 -55.72 8.64 -37.97
CA TYR OC 93 -56.00 8.29 -36.59
C TYR OC 93 -56.50 9.49 -35.83
N PHE OC 94 -57.10 9.22 -34.67
CA PHE OC 94 -57.76 10.25 -33.87
C PHE OC 94 -57.59 9.92 -32.39
N ASP OC 95 -56.81 10.71 -31.66
CA ASP OC 95 -56.52 10.45 -30.26
C ASP OC 95 -57.55 11.06 -29.31
N GLY OC 96 -58.48 11.85 -29.81
CA GLY OC 96 -59.43 12.61 -29.02
C GLY OC 96 -59.20 14.10 -29.03
N GLN OC 97 -58.08 14.57 -29.51
CA GLN OC 97 -57.81 16.00 -29.58
C GLN OC 97 -57.61 16.48 -31.00
N ALA OC 98 -57.13 15.63 -31.90
CA ALA OC 98 -56.86 16.07 -33.26
C ALA OC 98 -56.64 14.87 -34.15
N ILE OC 99 -56.71 15.11 -35.45
CA ILE OC 99 -56.68 14.07 -36.47
C ILE OC 99 -55.31 14.07 -37.13
N TYR OC 100 -54.71 12.89 -37.28
CA TYR OC 100 -53.40 12.76 -37.89
C TYR OC 100 -53.53 11.94 -39.15
N ILE OC 101 -52.83 12.35 -40.21
CA ILE OC 101 -52.91 11.70 -41.51
C ILE OC 101 -51.52 11.46 -42.06
N TYR OC 102 -51.29 10.27 -42.60
CA TYR OC 102 -49.96 9.84 -43.06
C TYR OC 102 -50.11 9.14 -44.40
N ASP OC 103 -48.99 9.09 -45.13
CA ASP OC 103 -48.88 8.18 -46.25
C ASP OC 103 -48.81 6.75 -45.74
N ALA OC 104 -49.40 5.82 -46.50
CA ALA OC 104 -49.46 4.44 -46.05
C ALA OC 104 -48.10 3.82 -45.80
N SER OC 105 -47.12 4.15 -46.57
CA SER OC 105 -45.81 3.56 -46.34
C SER OC 105 -45.13 4.06 -45.11
N GLU OC 106 -45.74 4.85 -44.24
CA GLU OC 106 -45.18 5.18 -42.95
C GLU OC 106 -45.67 4.30 -41.81
N MET OC 107 -46.51 3.32 -42.07
CA MET OC 107 -46.94 2.39 -41.03
C MET OC 107 -45.75 1.75 -40.32
N ARG OC 108 -45.93 1.43 -39.04
CA ARG OC 108 -44.84 0.91 -38.21
C ARG OC 108 -45.31 -0.29 -37.40
N ASN OC 109 -44.38 -1.15 -37.01
CA ASN OC 109 -44.69 -2.42 -36.34
C ASN OC 109 -43.80 -2.59 -35.12
N ALA OC 110 -44.31 -3.29 -34.11
CA ALA OC 110 -43.49 -3.67 -32.97
C ALA OC 110 -44.02 -4.92 -32.30
N VAL OC 111 -43.15 -5.55 -31.50
CA VAL OC 111 -43.51 -6.64 -30.61
C VAL OC 111 -43.13 -6.26 -29.18
N VAL OC 112 -44.03 -6.50 -28.24
CA VAL OC 112 -43.88 -5.99 -26.88
C VAL OC 112 -44.16 -7.11 -25.90
N SER OC 113 -43.39 -7.14 -24.82
CA SER OC 113 -43.44 -8.25 -23.87
C SER OC 113 -43.47 -7.77 -22.43
N LEU OC 114 -44.62 -7.89 -21.79
CA LEU OC 114 -44.86 -7.42 -20.44
C LEU OC 114 -44.53 -8.50 -19.42
N ARG OC 115 -44.14 -8.07 -18.24
CA ARG OC 115 -43.67 -8.99 -17.21
C ARG OC 115 -44.60 -9.09 -16.02
N ASN OC 116 -45.30 -8.01 -15.67
CA ASN OC 116 -46.23 -7.96 -14.56
C ASN OC 116 -47.69 -7.93 -15.01
N VAL OC 117 -48.01 -7.09 -15.98
CA VAL OC 117 -49.37 -6.84 -16.46
C VAL OC 117 -49.69 -7.86 -17.54
N SER OC 118 -50.94 -7.91 -17.98
CA SER OC 118 -51.31 -8.80 -19.08
C SER OC 118 -52.35 -8.17 -20.00
N LEU OC 119 -52.40 -8.74 -21.21
CA LEU OC 119 -53.03 -8.06 -22.33
C LEU OC 119 -54.44 -7.65 -21.97
N ASN OC 120 -55.16 -8.54 -21.28
CA ASN OC 120 -56.53 -8.21 -20.89
C ASN OC 120 -56.54 -7.06 -19.90
N GLU OC 121 -55.49 -6.92 -19.11
CA GLU OC 121 -55.38 -5.79 -18.20
C GLU OC 121 -55.18 -4.50 -18.98
N PHE OC 122 -54.47 -4.57 -20.08
CA PHE OC 122 -54.09 -3.37 -20.80
C PHE OC 122 -55.17 -2.89 -21.76
N ASN OC 123 -55.89 -3.81 -22.39
CA ASN OC 123 -57.01 -3.40 -23.23
C ASN OC 123 -57.99 -2.53 -22.46
N ASN OC 124 -58.36 -2.96 -21.25
CA ASN OC 124 -59.27 -2.18 -20.42
C ASN OC 124 -58.78 -0.76 -20.22
N PHE OC 125 -57.48 -0.59 -19.97
CA PHE OC 125 -56.92 0.75 -19.87
C PHE OC 125 -57.18 1.55 -21.13
N LEU OC 126 -56.78 1.03 -22.28
CA LEU OC 126 -57.08 1.73 -23.53
C LEU OC 126 -58.56 2.09 -23.67
N LYS OC 127 -59.45 1.17 -23.32
CA LYS OC 127 -60.88 1.43 -23.40
C LYS OC 127 -61.28 2.63 -22.55
N ARG OC 128 -61.02 2.58 -21.26
CA ARG OC 128 -61.36 3.72 -20.41
C ARG OC 128 -60.69 5.01 -20.88
N SER OC 129 -59.49 4.93 -21.42
CA SER OC 129 -58.85 6.11 -21.98
C SER OC 129 -59.59 6.64 -23.20
N GLY OC 130 -60.31 5.77 -23.91
CA GLY OC 130 -60.88 6.19 -25.18
C GLY OC 130 -59.89 6.27 -26.32
N LEU OC 131 -58.80 5.50 -26.20
CA LEU OC 131 -57.69 5.39 -27.14
C LEU OC 131 -57.87 4.21 -28.08
N TYR OC 132 -58.45 3.14 -27.58
CA TYR OC 132 -58.71 1.94 -28.37
C TYR OC 132 -59.26 2.27 -29.75
N ASN OC 133 -58.80 1.49 -30.73
CA ASN OC 133 -59.14 1.64 -32.13
C ASN OC 133 -59.31 0.25 -32.75
N LYS OC 134 -60.55 -0.13 -33.05
CA LYS OC 134 -60.81 -1.44 -33.64
C LYS OC 134 -60.13 -1.66 -34.99
N ASN OC 135 -59.63 -0.63 -35.65
CA ASN OC 135 -58.87 -0.86 -36.88
C ASN OC 135 -57.47 -1.39 -36.63
N TYR OC 136 -56.87 -1.09 -35.49
CA TYR OC 136 -55.49 -1.47 -35.21
C TYR OC 136 -55.36 -2.14 -33.85
N PRO OC 137 -56.15 -3.16 -33.59
CA PRO OC 137 -56.09 -3.83 -32.28
C PRO OC 137 -54.78 -4.54 -32.02
N LEU OC 138 -54.51 -4.73 -30.73
CA LEU OC 138 -53.42 -5.57 -30.26
C LEU OC 138 -53.69 -7.03 -30.58
N ARG OC 139 -52.67 -7.73 -31.06
CA ARG OC 139 -52.80 -9.15 -31.42
C ARG OC 139 -51.94 -10.04 -30.54
N GLY OC 140 -52.58 -10.93 -29.79
CA GLY OC 140 -51.85 -11.83 -28.92
C GLY OC 140 -52.76 -12.72 -28.10
N ASP OC 141 -52.20 -13.33 -27.06
CA ASP OC 141 -52.94 -14.18 -26.12
C ASP OC 141 -53.34 -13.40 -24.87
N ASN OC 142 -54.64 -13.18 -24.71
CA ASN OC 142 -55.15 -12.40 -23.58
C ASN OC 142 -54.63 -12.89 -22.24
N ARG OC 143 -54.43 -14.20 -22.10
CA ARG OC 143 -53.94 -14.74 -20.83
C ARG OC 143 -52.48 -14.38 -20.61
N LYS OC 144 -51.70 -14.37 -21.68
CA LYS OC 144 -50.26 -14.14 -21.62
C LYS OC 144 -49.94 -12.66 -21.75
N GLY OC 145 -48.64 -12.37 -21.71
CA GLY OC 145 -48.12 -11.03 -21.68
C GLY OC 145 -47.19 -10.69 -22.82
N THR OC 146 -47.52 -11.12 -24.03
CA THR OC 146 -46.70 -10.75 -25.17
C THR OC 146 -47.61 -10.55 -26.35
N PHE OC 147 -47.36 -9.52 -27.14
CA PHE OC 147 -48.29 -9.17 -28.20
C PHE OC 147 -47.57 -8.42 -29.31
N TYR OC 148 -48.28 -8.28 -30.42
CA TYR OC 148 -47.83 -7.56 -31.59
C TYR OC 148 -48.75 -6.39 -31.87
N VAL OC 149 -48.19 -5.29 -32.35
CA VAL OC 149 -48.95 -4.08 -32.66
C VAL OC 149 -48.40 -3.43 -33.91
N SER OC 150 -49.30 -2.95 -34.77
CA SER OC 150 -48.89 -2.23 -35.97
C SER OC 150 -49.87 -1.10 -36.23
N GLY OC 151 -49.37 0.00 -36.77
CA GLY OC 151 -50.21 1.15 -36.99
C GLY OC 151 -49.49 2.45 -37.30
N PRO OC 152 -50.25 3.54 -37.30
CA PRO OC 152 -49.65 4.86 -37.46
C PRO OC 152 -48.67 5.17 -36.34
N PRO OC 153 -47.62 5.94 -36.65
CA PRO OC 153 -46.57 6.20 -35.66
C PRO OC 153 -47.03 6.66 -34.30
N VAL OC 154 -47.93 7.64 -34.22
CA VAL OC 154 -48.32 8.17 -32.91
C VAL OC 154 -48.95 7.08 -32.07
N TYR OC 155 -49.63 6.15 -32.72
CA TYR OC 155 -50.33 5.09 -32.02
C TYR OC 155 -49.35 4.06 -31.51
N VAL OC 156 -48.44 3.63 -32.37
CA VAL OC 156 -47.45 2.65 -31.94
C VAL OC 156 -46.55 3.23 -30.85
N ASP OC 157 -46.17 4.50 -30.96
CA ASP OC 157 -45.32 5.06 -29.91
C ASP OC 157 -46.04 5.21 -28.59
N MET OC 158 -47.33 5.50 -28.62
CA MET OC 158 -48.02 5.65 -27.35
C MET OC 158 -48.32 4.31 -26.72
N VAL OC 159 -48.54 3.27 -27.54
CA VAL OC 159 -48.77 1.95 -26.96
C VAL OC 159 -47.50 1.39 -26.36
N VAL OC 160 -46.38 1.51 -27.06
CA VAL OC 160 -45.11 1.03 -26.52
C VAL OC 160 -44.77 1.72 -25.20
N ASN OC 161 -44.87 3.05 -25.17
CA ASN OC 161 -44.56 3.77 -23.94
C ASN OC 161 -45.49 3.39 -22.79
N ALA OC 162 -46.80 3.50 -23.00
CA ALA OC 162 -47.70 3.22 -21.89
C ALA OC 162 -47.51 1.81 -21.36
N ALA OC 163 -47.43 0.82 -22.23
CA ALA OC 163 -47.29 -0.55 -21.75
C ALA OC 163 -46.04 -0.72 -20.90
N THR OC 164 -44.95 -0.09 -21.30
CA THR OC 164 -43.73 -0.26 -20.53
C THR OC 164 -43.81 0.42 -19.17
N MET OC 165 -44.32 1.64 -19.12
CA MET OC 165 -44.42 2.32 -17.83
C MET OC 165 -45.39 1.63 -16.88
N MET OC 166 -46.53 1.14 -17.36
CA MET OC 166 -47.36 0.33 -16.48
C MET OC 166 -46.62 -0.87 -15.91
N ASP OC 167 -45.90 -1.60 -16.76
CA ASP OC 167 -45.15 -2.74 -16.25
C ASP OC 167 -44.22 -2.34 -15.11
N LYS OC 168 -43.47 -1.26 -15.30
CA LYS OC 168 -42.59 -0.84 -14.21
C LYS OC 168 -43.34 -0.33 -12.99
N GLN OC 169 -44.53 0.22 -13.14
CA GLN OC 169 -45.27 0.58 -11.93
C GLN OC 169 -45.77 -0.64 -11.17
N ASN OC 170 -46.00 -1.76 -11.85
CA ASN OC 170 -46.51 -2.93 -11.15
C ASN OC 170 -45.43 -3.78 -10.52
N ASP OC 171 -44.21 -3.72 -11.04
CA ASP OC 171 -43.14 -4.60 -10.56
C ASP OC 171 -43.04 -4.71 -9.04
N GLY OC 172 -43.26 -3.62 -8.31
CA GLY OC 172 -43.14 -3.64 -6.85
C GLY OC 172 -44.24 -4.31 -6.04
N ILE OC 173 -45.45 -4.49 -6.58
CA ILE OC 173 -46.51 -5.14 -5.81
C ILE OC 173 -46.17 -6.59 -5.46
N GLU OC 174 -46.22 -6.90 -4.16
CA GLU OC 174 -46.06 -8.24 -3.62
C GLU OC 174 -47.41 -8.96 -3.59
N LEU OC 175 -47.52 -10.06 -4.32
CA LEU OC 175 -48.74 -10.86 -4.39
C LEU OC 175 -48.77 -12.11 -3.53
N GLY OC 176 -47.63 -12.61 -3.04
CA GLY OC 176 -47.65 -13.78 -2.16
C GLY OC 176 -48.25 -13.53 -0.78
N ARG OC 177 -49.06 -14.48 -0.33
CA ARG OC 177 -49.77 -14.48 0.94
C ARG OC 177 -49.35 -15.69 1.78
N GLN OC 178 -49.34 -15.50 3.09
CA GLN OC 178 -49.00 -16.54 4.08
C GLN OC 178 -50.20 -16.93 4.93
N LYS OC 179 -50.68 -18.15 4.74
CA LYS OC 179 -51.79 -18.71 5.52
C LYS OC 179 -51.30 -19.39 6.80
N ILE OC 180 -52.17 -19.37 7.81
CA ILE OC 180 -52.01 -20.05 9.09
C ILE OC 180 -53.07 -21.11 9.27
N GLY OC 181 -52.65 -22.36 9.39
CA GLY OC 181 -53.54 -23.48 9.70
C GLY OC 181 -53.33 -24.01 11.11
N VAL OC 182 -54.45 -24.30 11.78
CA VAL OC 182 -54.48 -24.85 13.14
C VAL OC 182 -55.01 -26.27 13.06
N MET OC 183 -54.27 -27.22 13.63
CA MET OC 183 -54.65 -28.63 13.55
C MET OC 183 -54.53 -29.31 14.91
N ARG OC 184 -55.60 -29.96 15.32
CA ARG OC 184 -55.63 -30.76 16.55
C ARG OC 184 -55.16 -32.18 16.33
N LEU OC 185 -54.30 -32.65 17.23
CA LEU OC 185 -53.92 -34.06 17.27
C LEU OC 185 -54.90 -34.83 18.14
N ASN OC 186 -55.30 -36.00 17.65
CA ASN OC 186 -56.30 -36.84 18.28
C ASN OC 186 -55.76 -38.12 18.87
N ASN OC 187 -54.61 -38.60 18.42
CA ASN OC 187 -54.13 -39.92 18.82
C ASN OC 187 -52.77 -39.92 19.49
N THR OC 188 -52.15 -38.75 19.70
CA THR OC 188 -50.82 -38.74 20.29
C THR OC 188 -50.55 -37.37 20.91
N PHE OC 189 -49.64 -37.36 21.89
CA PHE OC 189 -49.12 -36.12 22.46
C PHE OC 189 -48.31 -35.34 21.43
N VAL OC 190 -48.37 -34.01 21.55
CA VAL OC 190 -47.68 -33.13 20.62
C VAL OC 190 -46.17 -33.02 20.90
N GLY OC 191 -45.77 -32.85 22.16
CA GLY OC 191 -44.36 -32.66 22.44
C GLY OC 191 -43.49 -33.89 22.34
N ASP OC 192 -42.19 -33.66 22.48
CA ASP OC 192 -41.22 -34.75 22.60
C ASP OC 192 -41.37 -35.43 23.94
N ARG OC 193 -40.98 -36.71 24.00
CA ARG OC 193 -41.10 -37.44 25.25
C ARG OC 193 -39.79 -38.14 25.59
N THR OC 194 -39.35 -37.97 26.84
CA THR OC 194 -38.15 -38.62 27.34
C THR OC 194 -38.53 -39.61 28.43
N TYR OC 195 -38.11 -40.86 28.26
CA TYR OC 195 -38.33 -41.90 29.24
C TYR OC 195 -37.06 -42.13 30.04
N ASN OC 196 -37.17 -41.89 31.34
CA ASN OC 196 -36.07 -42.02 32.29
C ASN OC 196 -36.12 -43.40 32.95
N LEU OC 197 -35.83 -44.40 32.14
CA LEU OC 197 -35.74 -45.77 32.66
C LEU OC 197 -34.65 -45.85 33.71
N ARG OC 198 -34.89 -46.71 34.69
CA ARG OC 198 -33.96 -46.93 35.80
C ARG OC 198 -32.51 -46.95 35.35
N ASP OC 199 -32.24 -47.52 34.19
CA ASP OC 199 -30.88 -47.64 33.69
C ASP OC 199 -30.64 -46.91 32.38
N GLN OC 200 -31.66 -46.35 31.75
CA GLN OC 200 -31.44 -45.77 30.44
C GLN OC 200 -32.32 -44.55 30.24
N LYS OC 201 -31.74 -43.54 29.61
CA LYS OC 201 -32.42 -42.33 29.18
C LYS OC 201 -32.72 -42.46 27.68
N MET OC 202 -33.99 -42.38 27.30
CA MET OC 202 -34.39 -42.56 25.90
C MET OC 202 -35.29 -41.42 25.46
N VAL OC 203 -35.04 -40.89 24.27
CA VAL OC 203 -35.74 -39.72 23.75
C VAL OC 203 -36.49 -40.07 22.47
N ILE OC 204 -37.73 -39.59 22.37
CA ILE OC 204 -38.57 -39.72 21.19
C ILE OC 204 -38.96 -38.33 20.71
N PRO OC 205 -38.57 -37.92 19.50
CA PRO OC 205 -38.94 -36.60 18.98
C PRO OC 205 -40.36 -36.52 18.47
N GLY OC 206 -41.00 -35.38 18.72
CA GLY OC 206 -42.29 -35.11 18.17
C GLY OC 206 -42.28 -34.78 16.68
N ILE OC 207 -43.50 -34.85 16.12
CA ILE OC 207 -43.72 -34.55 14.71
C ILE OC 207 -43.09 -33.23 14.28
N ALA OC 208 -43.36 -32.17 15.05
CA ALA OC 208 -42.79 -30.86 14.74
C ALA OC 208 -41.29 -30.94 14.52
N THR OC 209 -40.57 -31.47 15.50
CA THR OC 209 -39.13 -31.64 15.37
C THR OC 209 -38.75 -32.46 14.14
N ALA OC 210 -39.38 -33.62 13.96
CA ALA OC 210 -38.98 -34.49 12.86
C ALA OC 210 -39.20 -33.83 11.51
N ILE OC 211 -40.30 -33.12 11.32
CA ILE OC 211 -40.54 -32.48 10.03
C ILE OC 211 -39.63 -31.28 9.82
N GLU OC 212 -39.49 -30.43 10.83
CA GLU OC 212 -38.57 -29.31 10.70
C GLU OC 212 -37.16 -29.79 10.41
N ARG OC 213 -36.81 -30.98 10.85
CA ARG OC 213 -35.51 -31.56 10.55
C ARG OC 213 -35.44 -32.12 9.14
N LEU OC 214 -36.53 -32.72 8.67
CA LEU OC 214 -36.56 -33.25 7.31
C LEU OC 214 -36.49 -32.16 6.25
N LEU OC 215 -37.23 -31.08 6.41
CA LEU OC 215 -37.29 -30.04 5.38
C LEU OC 215 -36.10 -29.09 5.40
N GLN OC 216 -35.16 -29.25 6.33
CA GLN OC 216 -34.17 -28.21 6.60
C GLN OC 216 -33.43 -27.76 5.35
N GLY OC 217 -33.49 -26.45 5.09
CA GLY OC 217 -32.87 -25.82 3.94
C GLY OC 217 -33.32 -26.21 2.55
N GLU OC 218 -34.43 -26.94 2.43
CA GLU OC 218 -34.89 -27.32 1.11
C GLU OC 218 -35.25 -26.10 0.27
N GLU OC 219 -34.88 -26.15 -1.00
CA GLU OC 219 -35.15 -25.05 -1.95
C GLU OC 219 -36.28 -25.34 -2.94
N GLN OC 220 -36.51 -26.58 -3.27
CA GLN OC 220 -37.54 -26.92 -4.23
C GLN OC 220 -38.90 -27.03 -3.53
N PRO OC 221 -39.98 -26.83 -4.27
CA PRO OC 221 -41.32 -27.00 -3.69
C PRO OC 221 -41.71 -28.46 -3.50
N LEU OC 222 -42.63 -28.65 -2.55
CA LEU OC 222 -43.21 -29.95 -2.24
C LEU OC 222 -44.37 -30.33 -3.16
N GLY OC 223 -44.56 -31.63 -3.32
CA GLY OC 223 -45.71 -32.14 -4.03
C GLY OC 223 -45.80 -33.64 -3.93
N ASN OC 224 -46.92 -34.16 -4.45
CA ASN OC 224 -47.18 -35.59 -4.62
C ASN OC 224 -46.81 -36.44 -3.41
N ILE OC 225 -47.05 -35.93 -2.20
CA ILE OC 225 -46.81 -36.69 -0.98
C ILE OC 225 -47.54 -38.02 -1.01
N VAL OC 226 -46.86 -39.09 -0.62
CA VAL OC 226 -47.41 -40.44 -0.63
C VAL OC 226 -46.95 -41.18 0.62
N SER OC 227 -47.68 -42.25 0.94
CA SER OC 227 -47.33 -43.13 2.05
C SER OC 227 -47.07 -44.54 1.55
N LEU OC 254 -50.51 -16.47 -15.54
CA LEU OC 254 -49.09 -16.18 -15.63
C LEU OC 254 -48.43 -16.21 -14.25
N GLN OC 255 -49.04 -15.52 -13.31
CA GLN OC 255 -48.49 -15.41 -11.96
C GLN OC 255 -48.68 -16.70 -11.17
N GLU OC 256 -49.64 -17.53 -11.57
CA GLU OC 256 -49.92 -18.76 -10.84
C GLU OC 256 -48.65 -19.56 -10.54
N ALA OC 257 -47.91 -19.92 -11.58
CA ALA OC 257 -46.64 -20.64 -11.40
C ALA OC 257 -45.65 -19.88 -10.53
N LEU OC 258 -45.62 -18.55 -10.63
CA LEU OC 258 -44.71 -17.77 -9.79
C LEU OC 258 -45.06 -17.88 -8.31
N LYS OC 259 -46.36 -17.90 -8.01
CA LYS OC 259 -46.82 -18.09 -6.64
C LYS OC 259 -46.57 -19.51 -6.17
N GLN OC 260 -46.98 -20.48 -6.99
CA GLN OC 260 -46.79 -21.89 -6.67
C GLN OC 260 -45.33 -22.22 -6.38
N ASN OC 261 -44.40 -21.60 -7.09
CA ASN OC 261 -42.98 -21.87 -6.89
C ASN OC 261 -42.48 -21.25 -5.58
N ALA OC 262 -43.04 -21.76 -4.49
CA ALA OC 262 -42.73 -21.34 -3.12
C ALA OC 262 -41.84 -22.39 -2.46
N ALA OC 263 -40.73 -21.95 -1.89
CA ALA OC 263 -39.75 -22.85 -1.27
C ALA OC 263 -40.29 -23.57 -0.05
N ALA OC 264 -39.95 -24.85 0.04
CA ALA OC 264 -40.28 -25.70 1.18
C ALA OC 264 -39.73 -25.16 2.50
N GLY OC 265 -38.49 -24.67 2.50
CA GLY OC 265 -37.86 -24.18 3.71
C GLY OC 265 -38.59 -23.05 4.43
N ASN OC 266 -39.64 -22.49 3.86
CA ASN OC 266 -40.42 -21.47 4.56
C ASN OC 266 -41.51 -22.06 5.45
N ILE OC 267 -41.83 -23.34 5.33
CA ILE OC 267 -42.84 -23.93 6.19
C ILE OC 267 -42.36 -23.87 7.63
N LYS OC 268 -43.25 -23.43 8.53
CA LYS OC 268 -42.93 -23.34 9.94
C LYS OC 268 -44.01 -24.03 10.77
N ILE OC 269 -43.57 -24.86 11.72
CA ILE OC 269 -44.47 -25.62 12.58
C ILE OC 269 -44.14 -25.36 14.05
N VAL OC 270 -45.14 -24.97 14.83
CA VAL OC 270 -44.98 -24.73 16.26
C VAL OC 270 -45.98 -25.59 17.02
N ALA OC 271 -45.45 -26.49 17.86
CA ALA OC 271 -46.26 -27.32 18.74
C ALA OC 271 -46.85 -26.51 19.90
N TYR OC 272 -48.18 -26.57 20.05
CA TYR OC 272 -48.92 -25.90 21.11
C TYR OC 272 -49.52 -26.93 22.06
N PRO OC 273 -48.84 -27.26 23.17
CA PRO OC 273 -49.35 -28.28 24.10
C PRO OC 273 -50.68 -27.98 24.77
N ASP OC 274 -50.98 -26.70 25.04
CA ASP OC 274 -52.17 -26.39 25.84
C ASP OC 274 -53.45 -26.96 25.25
N THR OC 275 -53.51 -27.12 23.93
CA THR OC 275 -54.68 -27.69 23.27
C THR OC 275 -54.29 -28.87 22.40
N ASN OC 276 -53.11 -29.43 22.63
CA ASN OC 276 -52.60 -30.56 21.87
C ASN OC 276 -52.73 -30.37 20.36
N SER OC 277 -52.18 -29.25 19.87
CA SER OC 277 -52.43 -28.84 18.49
C SER OC 277 -51.15 -28.27 17.89
N LEU OC 278 -51.10 -28.28 16.57
CA LEU OC 278 -50.00 -27.72 15.79
C LEU OC 278 -50.43 -26.45 15.08
N LEU OC 279 -49.56 -25.45 15.11
CA LEU OC 279 -49.70 -24.23 14.34
C LEU OC 279 -48.77 -24.31 13.13
N VAL OC 280 -49.32 -24.10 11.94
CA VAL OC 280 -48.58 -24.28 10.70
C VAL OC 280 -48.68 -23.01 9.89
N LYS OC 281 -47.53 -22.49 9.47
CA LYS OC 281 -47.39 -21.31 8.62
C LYS OC 281 -46.85 -21.71 7.26
N GLY OC 282 -47.60 -21.37 6.22
CA GLY OC 282 -47.17 -21.64 4.86
C GLY OC 282 -48.20 -21.18 3.87
N THR OC 283 -47.94 -21.45 2.61
CA THR OC 283 -48.93 -21.19 1.57
C THR OC 283 -50.05 -22.20 1.69
N ALA OC 284 -51.20 -21.87 1.10
CA ALA OC 284 -52.36 -22.76 1.17
C ALA OC 284 -52.03 -24.17 0.68
N GLU OC 285 -51.25 -24.29 -0.39
CA GLU OC 285 -50.89 -25.62 -0.87
C GLU OC 285 -50.03 -26.34 0.16
N GLN OC 286 -49.00 -25.67 0.66
CA GLN OC 286 -48.15 -26.28 1.65
C GLN OC 286 -48.95 -26.75 2.85
N VAL OC 287 -49.81 -25.88 3.37
CA VAL OC 287 -50.69 -26.23 4.49
C VAL OC 287 -51.46 -27.50 4.20
N HIS OC 288 -52.02 -27.61 3.00
CA HIS OC 288 -52.76 -28.81 2.62
C HIS OC 288 -51.89 -30.07 2.66
N PHE OC 289 -50.73 -30.01 2.01
CA PHE OC 289 -49.82 -31.16 2.05
C PHE OC 289 -49.42 -31.55 3.47
N ILE OC 290 -49.05 -30.56 4.28
CA ILE OC 290 -48.72 -30.81 5.68
C ILE OC 290 -49.85 -31.51 6.40
N GLU OC 291 -51.07 -31.00 6.27
CA GLU OC 291 -52.22 -31.62 6.90
C GLU OC 291 -52.37 -33.09 6.49
N MET OC 292 -52.30 -33.37 5.19
CA MET OC 292 -52.35 -34.76 4.76
C MET OC 292 -51.29 -35.61 5.44
N LEU OC 293 -50.07 -35.10 5.53
CA LEU OC 293 -49.02 -35.84 6.21
C LEU OC 293 -49.34 -36.10 7.68
N VAL OC 294 -49.76 -35.06 8.39
CA VAL OC 294 -50.18 -35.22 9.79
C VAL OC 294 -51.18 -36.35 9.94
N LYS OC 295 -52.22 -36.32 9.11
CA LYS OC 295 -53.24 -37.35 9.20
C LYS OC 295 -52.73 -38.71 8.77
N ALA OC 296 -51.58 -38.77 8.12
CA ALA OC 296 -50.97 -40.08 7.87
C ALA OC 296 -50.21 -40.59 9.07
N LEU OC 297 -49.86 -39.73 10.02
CA LEU OC 297 -48.89 -40.04 11.06
C LEU OC 297 -49.45 -40.21 12.46
N ASP OC 298 -50.59 -39.59 12.80
CA ASP OC 298 -51.18 -39.85 14.11
C ASP OC 298 -52.17 -41.03 14.13
N VAL OC 299 -51.67 -42.23 13.81
CA VAL OC 299 -52.41 -43.47 14.06
C VAL OC 299 -52.42 -43.85 15.53
N ALA OC 300 -53.56 -44.36 16.02
CA ALA OC 300 -53.70 -44.85 17.39
C ALA OC 300 -52.95 -46.17 17.63
N LYS OC 301 -52.33 -46.29 18.82
CA LYS OC 301 -51.51 -47.46 19.17
C LYS OC 301 -52.29 -48.61 19.83
N ARG OC 302 -51.86 -49.84 19.52
CA ARG OC 302 -52.27 -51.08 20.19
C ARG OC 302 -51.68 -51.25 21.58
N HIS OC 303 -52.36 -52.06 22.42
CA HIS OC 303 -51.90 -52.44 23.75
C HIS OC 303 -51.41 -53.90 23.79
N VAL OC 304 -50.34 -54.14 24.56
CA VAL OC 304 -49.73 -55.45 24.74
C VAL OC 304 -49.61 -55.75 26.23
N GLU OC 305 -50.18 -56.87 26.67
CA GLU OC 305 -50.02 -57.38 28.04
C GLU OC 305 -48.98 -58.49 28.08
N LEU OC 306 -47.95 -58.30 28.88
CA LEU OC 306 -46.84 -59.24 29.04
C LEU OC 306 -46.94 -59.95 30.39
N SER OC 307 -47.01 -61.28 30.36
CA SER OC 307 -47.01 -62.14 31.54
C SER OC 307 -45.76 -63.00 31.55
N LEU OC 308 -45.08 -63.06 32.70
CA LEU OC 308 -43.86 -63.84 32.85
C LEU OC 308 -43.98 -64.89 33.96
N TRP OC 309 -43.56 -66.12 33.65
CA TRP OC 309 -43.57 -67.25 34.59
C TRP OC 309 -42.18 -67.63 35.06
N ILE OC 310 -42.00 -67.71 36.38
CA ILE OC 310 -40.74 -68.12 37.01
C ILE OC 310 -41.02 -69.29 37.94
N VAL OC 311 -40.25 -70.37 37.81
CA VAL OC 311 -40.48 -71.60 38.57
C VAL OC 311 -39.17 -72.11 39.17
N ASP OC 312 -39.16 -72.32 40.48
CA ASP OC 312 -38.03 -72.87 41.24
C ASP OC 312 -38.42 -74.15 41.96
N LEU OC 313 -37.65 -75.21 41.76
CA LEU OC 313 -37.88 -76.53 42.34
C LEU OC 313 -36.60 -77.05 42.97
N ASN OC 314 -36.72 -77.70 44.14
CA ASN OC 314 -35.51 -78.16 44.84
C ASN OC 314 -35.78 -79.41 45.67
N LYS OC 315 -34.86 -80.37 45.55
CA LYS OC 315 -34.83 -81.65 46.26
C LYS OC 315 -33.49 -81.91 46.92
N SER OC 316 -33.48 -82.40 48.16
CA SER OC 316 -32.20 -82.75 48.77
C SER OC 316 -32.35 -83.85 49.81
N ASP OC 317 -31.33 -84.72 49.87
CA ASP OC 317 -31.24 -85.83 50.82
C ASP OC 317 -29.91 -85.82 51.56
N LEU OC 318 -29.94 -86.23 52.82
CA LEU OC 318 -28.74 -86.26 53.66
C LEU OC 318 -28.71 -87.47 54.58
N GLU OC 319 -27.51 -88.02 54.78
CA GLU OC 319 -27.31 -89.19 55.63
C GLU OC 319 -25.90 -89.17 56.22
N ARG OC 320 -25.81 -89.31 57.54
CA ARG OC 320 -24.54 -89.42 58.26
C ARG OC 320 -24.63 -90.51 59.31
N LEU OC 321 -23.66 -91.42 59.34
CA LEU OC 321 -23.68 -92.50 60.31
C LEU OC 321 -22.30 -93.04 60.66
N GLY OC 322 -22.07 -93.26 61.95
CA GLY OC 322 -20.84 -93.87 62.44
C GLY OC 322 -20.30 -93.26 63.72
N THR OC 323 -19.01 -93.51 63.94
CA THR OC 323 -18.28 -93.15 65.17
C THR OC 323 -16.87 -92.65 64.89
N SER OC 324 -16.38 -91.76 65.75
CA SER OC 324 -15.01 -91.26 65.71
C SER OC 324 -14.35 -91.32 67.09
N TRP OC 325 -13.06 -91.67 67.12
CA TRP OC 325 -12.34 -92.09 68.32
C TRP OC 325 -11.09 -91.26 68.52
N SER OC 326 -10.84 -90.84 69.76
CA SER OC 326 -9.58 -90.19 70.14
C SER OC 326 -9.52 -90.10 71.66
N GLY OC 327 -8.32 -89.82 72.18
CA GLY OC 327 -8.18 -89.72 73.63
C GLY OC 327 -6.74 -89.89 74.07
N SER OC 328 -6.56 -90.05 75.38
CA SER OC 328 -5.23 -90.26 75.94
C SER OC 328 -5.29 -91.13 77.19
N ILE OC 329 -4.15 -91.71 77.52
CA ILE OC 329 -3.99 -92.62 78.67
C ILE OC 329 -2.57 -92.47 79.21
N THR OC 330 -2.35 -93.02 80.40
CA THR OC 330 -1.00 -93.20 80.93
C THR OC 330 -0.93 -94.49 81.73
N ILE OC 331 0.27 -95.06 81.81
CA ILE OC 331 0.52 -96.26 82.59
C ILE OC 331 1.60 -95.99 83.63
N GLY OC 332 1.35 -96.48 84.85
CA GLY OC 332 2.04 -96.11 86.07
C GLY OC 332 2.04 -94.61 86.28
N ASP OC 333 3.26 -94.08 86.34
CA ASP OC 333 3.54 -92.72 85.93
C ASP OC 333 4.70 -92.74 84.96
N LYS OC 334 4.96 -93.92 84.39
CA LYS OC 334 6.14 -94.19 83.60
C LYS OC 334 5.95 -93.70 82.18
N LEU OC 335 4.76 -93.95 81.60
CA LEU OC 335 4.53 -93.61 80.20
C LEU OC 335 3.19 -92.90 80.02
N GLY OC 336 3.20 -91.83 79.23
CA GLY OC 336 1.98 -91.23 78.69
C GLY OC 336 1.83 -91.53 77.22
N VAL OC 337 0.59 -91.77 76.80
CA VAL OC 337 0.25 -92.21 75.44
C VAL OC 337 -1.00 -91.48 75.02
N SER OC 338 -1.08 -91.14 73.73
CA SER OC 338 -2.23 -90.43 73.21
C SER OC 338 -2.58 -90.90 71.81
N LEU OC 339 -3.87 -90.86 71.50
CA LEU OC 339 -4.37 -91.19 70.18
C LEU OC 339 -5.14 -90.01 69.59
N ASN OC 340 -4.80 -89.72 68.34
CA ASN OC 340 -5.58 -88.90 67.43
C ASN OC 340 -6.03 -87.56 68.04
N GLN OC 341 -5.11 -86.86 68.70
CA GLN OC 341 -5.21 -85.42 68.79
C GLN OC 341 -4.19 -84.79 67.85
N SER OC 342 -4.59 -83.69 67.20
CA SER OC 342 -3.63 -82.94 66.39
C SER OC 342 -2.55 -82.29 67.23
N SER OC 343 -2.87 -81.97 68.48
CA SER OC 343 -1.88 -81.62 69.50
C SER OC 343 -2.43 -82.09 70.83
N ILE OC 344 -1.53 -82.43 71.75
CA ILE OC 344 -1.87 -83.34 72.83
C ILE OC 344 -1.92 -82.56 74.14
N SER OC 345 -3.06 -82.65 74.81
CA SER OC 345 -3.20 -82.40 76.22
C SER OC 345 -3.61 -83.72 76.87
N THR OC 346 -3.12 -83.97 78.07
CA THR OC 346 -3.35 -85.26 78.70
C THR OC 346 -3.97 -85.06 80.08
N LEU OC 347 -4.83 -86.00 80.45
CA LEU OC 347 -5.24 -86.21 81.82
C LEU OC 347 -4.23 -87.11 82.53
N ASP OC 348 -4.21 -87.00 83.85
CA ASP OC 348 -3.80 -88.14 84.66
C ASP OC 348 -4.90 -89.19 84.67
N GLY OC 349 -4.51 -90.46 84.52
CA GLY OC 349 -5.45 -91.57 84.47
C GLY OC 349 -5.79 -92.08 83.07
N SER OC 350 -7.03 -92.51 82.87
CA SER OC 350 -7.45 -93.09 81.59
C SER OC 350 -8.92 -92.81 81.34
N ARG OC 351 -9.22 -91.99 80.32
CA ARG OC 351 -10.60 -91.83 79.88
C ARG OC 351 -10.59 -91.38 78.42
N PHE OC 352 -11.37 -92.07 77.59
CA PHE OC 352 -11.42 -91.84 76.15
C PHE OC 352 -12.82 -91.38 75.71
N ILE OC 353 -12.90 -90.90 74.48
CA ILE OC 353 -14.16 -90.41 73.91
C ILE OC 353 -14.47 -91.17 72.64
N ALA OC 354 -15.73 -91.56 72.49
CA ALA OC 354 -16.33 -91.97 71.22
C ALA OC 354 -17.46 -91.02 70.86
N ALA OC 355 -17.35 -90.36 69.71
CA ALA OC 355 -18.41 -89.49 69.22
C ALA OC 355 -19.23 -90.20 68.15
N VAL OC 356 -20.54 -90.30 68.39
CA VAL OC 356 -21.47 -91.02 67.52
C VAL OC 356 -22.31 -90.00 66.76
N ASN OC 357 -22.44 -90.18 65.44
CA ASN OC 357 -23.49 -89.49 64.70
C ASN OC 357 -24.39 -90.47 63.96
N ALA OC 358 -25.69 -90.18 63.97
CA ALA OC 358 -26.69 -90.95 63.24
C ALA OC 358 -27.84 -90.03 62.83
N LEU OC 359 -27.95 -89.69 61.55
CA LEU OC 359 -28.98 -88.73 61.17
C LEU OC 359 -29.28 -88.79 59.67
N GLU OC 360 -30.57 -88.77 59.34
CA GLU OC 360 -31.05 -88.73 57.97
C GLU OC 360 -32.09 -87.63 57.82
N GLU OC 361 -32.03 -86.90 56.71
CA GLU OC 361 -32.93 -85.76 56.50
C GLU OC 361 -33.25 -85.57 55.02
N LYS OC 362 -34.44 -85.07 54.73
CA LYS OC 362 -34.86 -84.81 53.35
C LYS OC 362 -35.62 -83.50 53.27
N LYS OC 363 -35.55 -82.85 52.10
CA LYS OC 363 -36.22 -81.58 51.89
C LYS OC 363 -36.72 -81.42 50.45
N GLN OC 364 -37.86 -80.74 50.32
CA GLN OC 364 -38.49 -80.38 49.05
C GLN OC 364 -39.03 -78.96 49.09
N ALA OC 365 -38.78 -78.18 48.03
CA ALA OC 365 -39.26 -76.81 47.93
C ALA OC 365 -39.75 -76.50 46.52
N THR OC 366 -40.71 -75.56 46.44
CA THR OC 366 -41.34 -75.16 45.18
C THR OC 366 -41.90 -73.75 45.24
N VAL OC 367 -41.52 -72.92 44.25
CA VAL OC 367 -41.91 -71.50 44.22
C VAL OC 367 -42.28 -71.09 42.80
N VAL OC 368 -43.48 -70.54 42.63
CA VAL OC 368 -44.01 -70.08 41.34
C VAL OC 368 -44.34 -68.59 41.43
N SER OC 369 -43.81 -67.79 40.49
CA SER OC 369 -44.04 -66.35 40.45
C SER OC 369 -44.50 -65.87 39.07
N ARG OC 370 -45.48 -64.98 39.08
CA ARG OC 370 -45.98 -64.32 37.86
C ARG OC 370 -46.00 -62.81 37.94
N PRO OC 371 -45.18 -62.10 37.17
CA PRO OC 371 -45.39 -60.66 36.99
C PRO OC 371 -46.20 -60.41 35.73
N VAL OC 372 -47.09 -59.41 35.81
CA VAL OC 372 -47.97 -59.03 34.71
C VAL OC 372 -47.89 -57.51 34.49
N LEU OC 373 -47.62 -57.11 33.25
CA LEU OC 373 -47.47 -55.70 32.90
C LEU OC 373 -48.24 -55.33 31.63
N LEU OC 374 -48.87 -54.15 31.65
CA LEU OC 374 -49.55 -53.58 30.49
C LEU OC 374 -48.76 -52.44 29.86
N THR OC 375 -48.57 -52.49 28.53
CA THR OC 375 -47.74 -51.52 27.83
C THR OC 375 -48.40 -51.20 26.50
N GLN OC 376 -48.16 -49.99 25.98
CA GLN OC 376 -48.46 -49.75 24.58
C GLN OC 376 -47.34 -50.20 23.66
N GLU OC 377 -47.72 -50.45 22.42
CA GLU OC 377 -46.79 -50.69 21.33
C GLU OC 377 -45.71 -49.61 21.24
N ASN OC 378 -44.48 -50.05 21.04
CA ASN OC 378 -43.31 -49.17 20.86
C ASN OC 378 -42.95 -48.31 22.06
N VAL OC 379 -43.70 -48.40 23.14
CA VAL OC 379 -43.48 -47.60 24.34
C VAL OC 379 -42.72 -48.45 25.34
N PRO OC 380 -41.55 -48.04 25.81
CA PRO OC 380 -40.83 -48.84 26.82
C PRO OC 380 -41.49 -48.71 28.19
N ALA OC 381 -41.47 -49.81 28.94
CA ALA OC 381 -42.08 -49.83 30.27
C ALA OC 381 -41.26 -50.68 31.22
N ILE OC 382 -41.42 -50.41 32.51
CA ILE OC 382 -40.74 -51.18 33.56
C ILE OC 382 -41.74 -51.56 34.64
N PHE OC 383 -41.46 -52.68 35.29
CA PHE OC 383 -42.16 -53.14 36.48
C PHE OC 383 -41.11 -53.56 37.50
N ASP OC 384 -41.31 -53.16 38.76
CA ASP OC 384 -40.31 -53.42 39.78
C ASP OC 384 -40.97 -53.66 41.13
N ASN OC 385 -40.59 -54.75 41.81
CA ASN OC 385 -41.21 -55.09 43.08
C ASN OC 385 -40.29 -55.89 43.97
N ASN OC 386 -40.56 -55.80 45.28
CA ASN OC 386 -39.85 -56.56 46.29
C ASN OC 386 -40.77 -56.71 47.49
N ARG OC 387 -40.61 -57.79 48.24
CA ARG OC 387 -41.46 -58.08 49.39
C ARG OC 387 -40.69 -58.88 50.42
N THR OC 388 -41.09 -58.75 51.67
CA THR OC 388 -40.46 -59.43 52.79
C THR OC 388 -41.40 -60.42 53.46
N PHE OC 389 -40.87 -61.61 53.76
CA PHE OC 389 -41.61 -62.68 54.44
C PHE OC 389 -40.91 -63.05 55.73
N TYR OC 390 -41.70 -63.13 56.81
CA TYR OC 390 -41.23 -63.35 58.17
C TYR OC 390 -41.64 -64.71 58.68
N THR OC 391 -40.86 -65.20 59.65
CA THR OC 391 -41.16 -66.43 60.35
C THR OC 391 -40.92 -66.23 61.84
N LYS OC 392 -41.85 -66.78 62.63
CA LYS OC 392 -41.85 -66.73 64.09
C LYS OC 392 -40.87 -67.74 64.66
N LEU OC 393 -39.85 -67.24 65.35
CA LEU OC 393 -38.92 -68.13 66.03
C LEU OC 393 -39.59 -68.78 67.23
N ILE OC 394 -39.03 -69.94 67.62
CA ILE OC 394 -39.51 -70.69 68.77
C ILE OC 394 -39.27 -69.92 70.06
N GLY OC 395 -40.04 -70.31 71.10
CA GLY OC 395 -39.93 -69.71 72.41
C GLY OC 395 -40.35 -68.27 72.48
N GLU OC 396 -41.65 -68.03 72.27
CA GLU OC 396 -42.12 -66.68 71.96
C GLU OC 396 -41.82 -65.69 73.07
N ARG OC 397 -41.61 -66.17 74.30
CA ARG OC 397 -41.09 -65.28 75.32
C ARG OC 397 -39.78 -64.66 74.88
N ASN OC 398 -38.99 -65.41 74.12
CA ASN OC 398 -37.73 -64.93 73.54
C ASN OC 398 -38.00 -64.23 72.21
N VAL OC 399 -38.73 -63.13 72.30
CA VAL OC 399 -39.38 -62.55 71.11
C VAL OC 399 -38.33 -62.24 70.05
N ALA OC 400 -38.47 -62.88 68.89
CA ALA OC 400 -37.57 -62.65 67.76
C ALA OC 400 -38.27 -63.08 66.49
N LEU OC 401 -37.75 -62.61 65.35
CA LEU OC 401 -38.23 -62.97 64.03
C LEU OC 401 -37.06 -63.27 63.11
N GLU OC 402 -37.35 -64.02 62.05
CA GLU OC 402 -36.44 -64.09 60.91
C GLU OC 402 -37.20 -63.67 59.67
N HIS OC 403 -36.50 -63.15 58.68
CA HIS OC 403 -37.17 -62.76 57.45
C HIS OC 403 -36.22 -62.86 56.27
N VAL OC 404 -36.81 -62.82 55.07
CA VAL OC 404 -36.04 -62.62 53.85
C VAL OC 404 -36.83 -61.76 52.89
N THR OC 405 -36.12 -61.09 52.00
CA THR OC 405 -36.72 -60.28 50.94
C THR OC 405 -36.50 -60.95 49.59
N TYR OC 406 -37.57 -61.04 48.81
CA TYR OC 406 -37.54 -61.46 47.41
C TYR OC 406 -37.83 -60.26 46.55
N GLY OC 407 -37.09 -60.10 45.46
CA GLY OC 407 -37.35 -58.97 44.57
C GLY OC 407 -37.04 -59.27 43.13
N THR OC 408 -37.76 -58.59 42.25
CA THR OC 408 -37.73 -58.85 40.82
C THR OC 408 -37.99 -57.58 40.04
N MET OC 409 -37.32 -57.43 38.91
CA MET OC 409 -37.50 -56.29 38.04
C MET OC 409 -37.52 -56.75 36.60
N ILE OC 410 -38.41 -56.14 35.82
CA ILE OC 410 -38.57 -56.39 34.39
C ILE OC 410 -38.60 -55.08 33.64
N ARG OC 411 -37.87 -55.02 32.52
CA ARG OC 411 -37.91 -53.88 31.63
C ARG OC 411 -38.10 -54.38 30.20
N VAL OC 412 -39.02 -53.77 29.47
CA VAL OC 412 -39.45 -54.34 28.20
C VAL OC 412 -39.76 -53.24 27.19
N LEU OC 413 -39.55 -53.56 25.91
CA LEU OC 413 -40.04 -52.76 24.79
C LEU OC 413 -40.63 -53.63 23.67
N PRO OC 414 -41.96 -53.62 23.48
CA PRO OC 414 -42.62 -54.45 22.46
C PRO OC 414 -42.77 -53.84 21.07
N ARG OC 415 -42.54 -54.69 20.06
CA ARG OC 415 -42.71 -54.42 18.64
C ARG OC 415 -43.67 -55.41 17.99
N PHE OC 416 -44.75 -54.90 17.37
CA PHE OC 416 -45.66 -55.75 16.60
C PHE OC 416 -45.09 -56.11 15.23
N SER OC 417 -45.08 -57.40 14.95
CA SER OC 417 -44.72 -57.93 13.65
C SER OC 417 -45.89 -57.80 12.68
N ALA OC 418 -45.56 -57.68 11.40
CA ALA OC 418 -46.59 -57.73 10.36
C ALA OC 418 -47.31 -59.07 10.33
N ASP OC 419 -46.64 -60.15 10.71
CA ASP OC 419 -47.21 -61.48 10.82
C ASP OC 419 -48.14 -61.62 12.03
N GLY OC 420 -48.29 -60.59 12.84
CA GLY OC 420 -48.95 -60.65 14.13
C GLY OC 420 -48.12 -61.24 15.24
N GLN OC 421 -46.85 -61.54 14.98
CA GLN OC 421 -45.95 -61.95 16.04
C GLN OC 421 -45.59 -60.73 16.90
N ILE OC 422 -45.03 -60.98 18.07
CA ILE OC 422 -44.56 -59.92 18.96
C ILE OC 422 -43.10 -60.13 19.29
N GLU OC 423 -42.30 -59.07 19.20
CA GLU OC 423 -40.87 -59.07 19.46
C GLU OC 423 -40.60 -58.12 20.62
N MET OC 424 -39.82 -58.56 21.60
CA MET OC 424 -39.62 -57.72 22.77
C MET OC 424 -38.17 -57.68 23.19
N SER OC 425 -37.67 -56.46 23.36
CA SER OC 425 -36.37 -56.23 23.99
C SER OC 425 -36.55 -56.32 25.50
N LEU OC 426 -35.91 -57.32 26.14
CA LEU OC 426 -36.18 -57.63 27.54
C LEU OC 426 -34.92 -57.67 28.40
N ASP OC 427 -35.07 -57.13 29.62
CA ASP OC 427 -34.10 -57.22 30.70
C ASP OC 427 -34.81 -57.68 31.96
N ILE OC 428 -34.28 -58.72 32.60
CA ILE OC 428 -34.91 -59.32 33.77
C ILE OC 428 -33.85 -59.53 34.85
N GLU OC 429 -34.20 -59.24 36.09
CA GLU OC 429 -33.41 -59.76 37.21
C GLU OC 429 -34.30 -60.14 38.37
N ASP OC 430 -33.86 -61.14 39.13
CA ASP OC 430 -34.71 -61.78 40.13
C ASP OC 430 -33.87 -62.42 41.22
N GLY OC 431 -34.40 -62.47 42.43
CA GLY OC 431 -33.81 -63.32 43.43
C GLY OC 431 -34.03 -62.84 44.86
N ASN OC 432 -33.29 -63.50 45.76
CA ASN OC 432 -33.05 -63.02 47.12
C ASN OC 432 -31.91 -62.03 47.16
N ASP OC 433 -32.06 -61.01 47.99
CA ASP OC 433 -30.95 -60.15 48.36
C ASP OC 433 -29.99 -60.87 49.30
N LYS OC 434 -28.69 -60.78 49.01
CA LYS OC 434 -27.67 -61.54 49.72
C LYS OC 434 -27.38 -60.92 51.09
N THR OC 435 -28.31 -61.13 52.02
CA THR OC 435 -28.12 -60.85 53.44
C THR OC 435 -28.41 -62.15 54.19
N PRO OC 436 -27.40 -63.02 54.37
CA PRO OC 436 -27.68 -64.36 54.91
C PRO OC 436 -27.98 -64.36 56.40
N GLN OC 437 -29.27 -64.25 56.73
CA GLN OC 437 -29.72 -64.33 58.11
C GLN OC 437 -29.56 -65.72 58.69
N SER OC 438 -29.21 -66.72 57.88
CA SER OC 438 -29.41 -68.12 58.24
C SER OC 438 -28.38 -68.57 59.27
N ASP OC 439 -28.50 -67.99 60.46
CA ASP OC 439 -27.70 -68.42 61.60
C ASP OC 439 -28.36 -69.54 62.40
N THR OC 440 -29.65 -69.80 62.16
CA THR OC 440 -30.40 -70.73 62.99
C THR OC 440 -31.30 -71.62 62.13
N THR OC 441 -31.42 -72.88 62.54
CA THR OC 441 -31.90 -73.94 61.65
C THR OC 441 -33.27 -73.59 61.08
N THR OC 442 -34.14 -73.00 61.89
CA THR OC 442 -35.49 -72.70 61.42
C THR OC 442 -35.46 -71.77 60.23
N SER OC 443 -34.50 -70.85 60.18
CA SER OC 443 -34.44 -69.90 59.07
C SER OC 443 -34.38 -70.64 57.73
N VAL OC 444 -33.37 -71.48 57.56
CA VAL OC 444 -33.20 -72.27 56.35
C VAL OC 444 -34.34 -73.25 56.15
N ASP OC 445 -34.86 -73.83 57.24
CA ASP OC 445 -36.00 -74.74 57.11
C ASP OC 445 -37.22 -74.04 56.50
N ALA OC 446 -37.52 -72.84 56.99
CA ALA OC 446 -38.74 -72.15 56.58
C ALA OC 446 -38.61 -71.40 55.26
N LEU OC 447 -37.50 -70.69 55.04
CA LEU OC 447 -37.46 -69.76 53.91
C LEU OC 447 -36.65 -70.28 52.74
N PRO OC 448 -37.30 -70.55 51.59
CA PRO OC 448 -36.58 -71.06 50.42
C PRO OC 448 -35.52 -70.09 49.90
N GLU OC 449 -34.30 -70.60 49.72
CA GLU OC 449 -33.33 -69.88 48.89
C GLU OC 449 -33.71 -70.02 47.42
N VAL OC 450 -33.72 -68.90 46.71
CA VAL OC 450 -33.71 -68.90 45.26
C VAL OC 450 -32.52 -68.09 44.76
N GLY OC 451 -31.94 -68.52 43.65
CA GLY OC 451 -30.75 -67.90 43.11
C GLY OC 451 -30.99 -66.46 42.68
N ARG OC 452 -29.90 -65.70 42.61
CA ARG OC 452 -29.90 -64.35 42.07
C ARG OC 452 -29.49 -64.42 40.61
N THR OC 453 -30.35 -63.92 39.72
CA THR OC 453 -30.22 -64.18 38.30
C THR OC 453 -30.51 -62.94 37.49
N LEU OC 454 -29.78 -62.79 36.38
CA LEU OC 454 -29.93 -61.68 35.45
C LEU OC 454 -29.91 -62.19 34.01
N ILE OC 455 -30.82 -61.68 33.19
CA ILE OC 455 -30.93 -62.04 31.78
C ILE OC 455 -31.17 -60.78 30.96
N SER OC 456 -30.58 -60.73 29.77
CA SER OC 456 -30.88 -59.65 28.83
C SER OC 456 -30.85 -60.18 27.41
N THR OC 457 -31.96 -60.05 26.68
CA THR OC 457 -32.04 -60.65 25.36
C THR OC 457 -33.25 -60.13 24.58
N ILE OC 458 -33.29 -60.49 23.30
CA ILE OC 458 -34.44 -60.27 22.43
C ILE OC 458 -35.06 -61.61 22.08
N ALA OC 459 -36.39 -61.66 22.05
CA ALA OC 459 -37.12 -62.81 21.56
C ALA OC 459 -38.37 -62.38 20.81
N ARG OC 460 -38.77 -63.19 19.83
CA ARG OC 460 -39.99 -62.98 19.06
C ARG OC 460 -40.83 -64.25 19.12
N VAL OC 461 -42.14 -64.09 19.29
CA VAL OC 461 -43.00 -65.22 19.61
C VAL OC 461 -44.30 -65.20 18.80
N PRO OC 462 -44.77 -66.35 18.32
CA PRO OC 462 -46.10 -66.42 17.71
C PRO OC 462 -47.20 -65.85 18.59
N HIS OC 463 -48.23 -65.32 17.92
CA HIS OC 463 -49.14 -64.35 18.51
C HIS OC 463 -49.64 -64.75 19.89
N GLY OC 464 -49.98 -66.03 20.07
CA GLY OC 464 -50.55 -66.51 21.31
C GLY OC 464 -49.71 -67.49 22.11
N LYS OC 465 -48.48 -67.77 21.71
CA LYS OC 465 -47.72 -68.88 22.25
C LYS OC 465 -46.72 -68.38 23.28
N SER OC 466 -46.13 -69.34 23.99
CA SER OC 466 -45.13 -69.06 25.01
C SER OC 466 -43.80 -69.70 24.64
N LEU OC 467 -42.73 -69.17 25.24
CA LEU OC 467 -41.37 -69.51 24.87
C LEU OC 467 -40.51 -69.49 26.12
N LEU OC 468 -39.53 -70.38 26.17
CA LEU OC 468 -38.55 -70.38 27.26
C LEU OC 468 -37.36 -69.51 26.90
N VAL OC 469 -37.17 -68.44 27.66
CA VAL OC 469 -36.08 -67.51 27.43
C VAL OC 469 -34.79 -67.92 28.12
N GLY OC 470 -34.85 -68.64 29.24
CA GLY OC 470 -33.63 -69.12 29.86
C GLY OC 470 -33.92 -70.03 31.03
N GLY OC 471 -32.92 -70.82 31.39
CA GLY OC 471 -33.07 -71.73 32.50
C GLY OC 471 -31.74 -72.30 32.93
N TYR OC 472 -31.77 -72.98 34.06
CA TYR OC 472 -30.58 -73.47 34.73
C TYR OC 472 -30.92 -74.75 35.48
N THR OC 473 -29.97 -75.66 35.53
CA THR OC 473 -30.13 -76.89 36.31
C THR OC 473 -28.80 -77.31 36.91
N ARG OC 474 -28.85 -77.91 38.09
CA ARG OC 474 -27.64 -78.44 38.70
C ARG OC 474 -27.95 -79.72 39.46
N ASP OC 475 -27.11 -80.73 39.27
CA ASP OC 475 -27.25 -82.03 39.92
C ASP OC 475 -25.92 -82.49 40.47
N ALA OC 476 -25.91 -82.94 41.73
CA ALA OC 476 -24.64 -83.22 42.37
C ALA OC 476 -24.80 -84.30 43.43
N ASN OC 477 -23.70 -85.02 43.68
CA ASN OC 477 -23.65 -86.08 44.67
C ASN OC 477 -22.27 -86.13 45.30
N THR OC 478 -22.23 -86.57 46.56
CA THR OC 478 -20.98 -86.76 47.26
C THR OC 478 -21.12 -87.85 48.30
N ASP OC 479 -20.04 -88.60 48.51
CA ASP OC 479 -20.04 -89.77 49.36
C ASP OC 479 -18.67 -89.94 49.98
N THR OC 480 -18.62 -90.32 51.26
CA THR OC 480 -17.31 -90.46 51.90
C THR OC 480 -17.40 -91.43 53.07
N VAL OC 481 -16.26 -92.02 53.41
CA VAL OC 481 -16.17 -92.98 54.51
C VAL OC 481 -14.80 -92.88 55.16
N GLN OC 482 -14.76 -93.18 56.46
CA GLN OC 482 -13.59 -92.99 57.31
C GLN OC 482 -13.56 -94.04 58.41
N SER OC 483 -12.38 -94.62 58.68
CA SER OC 483 -12.32 -95.67 59.69
C SER OC 483 -10.90 -95.86 60.22
N ILE OC 484 -10.84 -96.46 61.40
CA ILE OC 484 -9.62 -97.08 61.96
C ILE OC 484 -9.09 -98.15 61.02
N PRO OC 485 -7.82 -98.12 60.61
CA PRO OC 485 -7.34 -99.09 59.61
C PRO OC 485 -7.54 -100.57 59.97
N PHE OC 486 -7.12 -101.02 61.16
CA PHE OC 486 -7.18 -102.45 61.45
C PHE OC 486 -8.54 -102.89 61.95
N LEU OC 487 -9.18 -102.11 62.80
CA LEU OC 487 -10.43 -102.55 63.40
C LEU OC 487 -11.60 -102.39 62.45
N GLY OC 488 -11.53 -101.44 61.54
CA GLY OC 488 -12.63 -101.21 60.62
C GLY OC 488 -13.00 -102.42 59.79
N LYS OC 489 -12.19 -103.48 59.81
CA LYS OC 489 -12.48 -104.67 59.04
C LYS OC 489 -12.70 -105.91 59.91
N LEU OC 490 -12.82 -105.73 61.22
CA LEU OC 490 -13.11 -106.86 62.09
C LEU OC 490 -14.51 -107.39 61.78
N PRO OC 491 -14.67 -108.72 61.75
CA PRO OC 491 -15.97 -109.28 61.35
C PRO OC 491 -17.16 -108.88 62.21
N LEU OC 492 -17.03 -108.92 63.53
CA LEU OC 492 -18.15 -108.63 64.41
C LEU OC 492 -18.24 -107.20 64.90
N ILE OC 493 -17.12 -106.47 64.97
CA ILE OC 493 -17.13 -105.12 65.54
C ILE OC 493 -16.65 -104.06 64.56
N GLY OC 494 -16.24 -104.43 63.35
CA GLY OC 494 -15.75 -103.43 62.41
C GLY OC 494 -16.69 -102.25 62.27
N SER OC 495 -18.00 -102.50 62.26
CA SER OC 495 -19.00 -101.45 62.14
C SER OC 495 -18.92 -100.42 63.26
N LEU OC 496 -18.29 -100.76 64.38
CA LEU OC 496 -18.10 -99.79 65.46
C LEU OC 496 -17.04 -98.74 65.13
N PHE OC 497 -16.20 -98.96 64.13
CA PHE OC 497 -15.07 -98.09 63.84
C PHE OC 497 -15.17 -97.39 62.49
N ARG OC 498 -16.31 -97.46 61.82
CA ARG OC 498 -16.53 -96.78 60.56
C ARG OC 498 -17.34 -95.51 60.76
N TYR OC 499 -17.05 -94.51 59.93
CA TYR OC 499 -17.95 -93.40 59.69
C TYR OC 499 -18.12 -93.14 58.20
N SER OC 500 -19.34 -92.84 57.80
CA SER OC 500 -19.63 -92.55 56.40
C SER OC 500 -20.80 -91.59 56.28
N SER OC 501 -20.85 -90.87 55.16
CA SER OC 501 -21.91 -89.89 54.91
C SER OC 501 -22.13 -89.70 53.42
N LYS OC 502 -23.36 -89.29 53.07
CA LYS OC 502 -23.77 -89.13 51.68
C LYS OC 502 -24.68 -87.91 51.51
N ASN OC 503 -24.51 -87.21 50.39
CA ASN OC 503 -25.31 -86.03 50.05
C ASN OC 503 -25.70 -86.06 48.58
N LYS OC 504 -26.95 -85.72 48.28
CA LYS OC 504 -27.42 -85.64 46.90
C LYS OC 504 -28.32 -84.43 46.74
N SER OC 505 -28.22 -83.75 45.59
CA SER OC 505 -29.01 -82.54 45.37
C SER OC 505 -29.34 -82.34 43.89
N ASN OC 506 -30.53 -81.77 43.64
CA ASN OC 506 -31.04 -81.45 42.31
C ASN OC 506 -31.78 -80.12 42.33
N VAL OC 507 -31.55 -79.28 41.32
CA VAL OC 507 -32.15 -77.95 41.23
C VAL OC 507 -32.50 -77.64 39.78
N VAL OC 508 -33.69 -77.07 39.58
CA VAL OC 508 -34.20 -76.62 38.27
C VAL OC 508 -34.84 -75.24 38.40
N ARG OC 509 -34.53 -74.33 37.46
CA ARG OC 509 -35.00 -72.95 37.50
C ARG OC 509 -35.17 -72.45 36.07
N VAL OC 510 -36.39 -72.04 35.71
CA VAL OC 510 -36.75 -71.66 34.35
C VAL OC 510 -37.55 -70.35 34.30
N PHE OC 511 -37.34 -69.58 33.24
CA PHE OC 511 -38.05 -68.33 32.97
C PHE OC 511 -38.78 -68.42 31.63
N MET OC 512 -40.09 -68.22 31.65
CA MET OC 512 -40.93 -68.32 30.46
C MET OC 512 -41.74 -67.03 30.28
N ILE OC 513 -41.98 -66.68 29.02
CA ILE OC 513 -42.68 -65.45 28.63
C ILE OC 513 -43.90 -65.77 27.80
N GLU OC 514 -45.01 -65.09 28.09
CA GLU OC 514 -46.32 -65.37 27.47
C GLU OC 514 -47.08 -64.08 27.15
N PRO OC 515 -46.68 -63.36 26.11
CA PRO OC 515 -47.36 -62.10 25.78
C PRO OC 515 -48.72 -62.28 25.14
N LYS OC 516 -49.62 -61.34 25.44
CA LYS OC 516 -50.99 -61.36 24.96
C LYS OC 516 -51.44 -59.97 24.54
N GLU OC 517 -52.13 -59.87 23.40
CA GLU OC 517 -52.79 -58.62 23.03
C GLU OC 517 -54.03 -58.36 23.89
N ILE OC 518 -54.24 -57.09 24.22
CA ILE OC 518 -55.40 -56.62 24.99
C ILE OC 518 -56.27 -55.76 24.09
N VAL OC 519 -57.51 -56.20 23.89
CA VAL OC 519 -58.48 -55.50 23.05
C VAL OC 519 -59.67 -54.97 23.84
N ASP OC 520 -60.03 -55.66 24.92
CA ASP OC 520 -61.25 -55.34 25.67
C ASP OC 520 -60.95 -55.05 27.14
N PRO OC 521 -61.69 -54.11 27.75
CA PRO OC 521 -61.54 -53.87 29.19
C PRO OC 521 -62.00 -54.97 30.12
N LEU OC 522 -61.83 -54.72 31.41
CA LEU OC 522 -62.32 -55.62 32.46
C LEU OC 522 -63.83 -55.83 32.37
N THR OC 523 -64.25 -57.06 32.69
CA THR OC 523 -65.65 -57.46 32.74
C THR OC 523 -65.83 -58.63 33.71
N PRO OC 524 -66.46 -58.45 34.88
CA PRO OC 524 -67.05 -57.28 35.54
C PRO OC 524 -66.07 -56.16 35.89
N ASP OC 525 -66.64 -55.00 36.21
CA ASP OC 525 -65.85 -53.85 36.62
C ASP OC 525 -65.13 -54.07 37.94
N ALA OC 526 -64.07 -53.27 38.11
CA ALA OC 526 -63.28 -53.25 39.32
C ALA OC 526 -64.16 -53.11 40.55
N SER OC 527 -64.98 -52.07 40.59
CA SER OC 527 -65.87 -51.86 41.72
C SER OC 527 -66.76 -53.06 41.98
N GLU OC 528 -67.26 -53.69 40.92
CA GLU OC 528 -68.08 -54.90 41.11
C GLU OC 528 -67.32 -55.96 41.89
N SER OC 529 -66.14 -56.32 41.40
CA SER OC 529 -65.32 -57.30 42.12
C SER OC 529 -64.99 -56.86 43.54
N VAL OC 530 -64.56 -55.61 43.69
CA VAL OC 530 -64.19 -55.07 45.01
C VAL OC 530 -65.34 -55.18 46.00
N ASN OC 531 -66.56 -54.85 45.60
CA ASN OC 531 -67.69 -54.98 46.52
C ASN OC 531 -67.82 -56.40 47.07
N ASN OC 532 -67.71 -57.39 46.19
CA ASN OC 532 -67.74 -58.78 46.63
C ASN OC 532 -66.62 -59.06 47.63
N ILE OC 533 -65.38 -58.77 47.22
CA ILE OC 533 -64.25 -58.96 48.12
C ILE OC 533 -64.52 -58.36 49.49
N LEU OC 534 -64.88 -57.08 49.53
CA LEU OC 534 -65.15 -56.38 50.78
C LEU OC 534 -66.18 -57.10 51.65
N LYS OC 535 -67.36 -57.36 51.09
CA LYS OC 535 -68.42 -58.00 51.88
C LYS OC 535 -68.02 -59.40 52.33
N GLN OC 536 -67.51 -60.22 51.42
CA GLN OC 536 -67.11 -61.57 51.79
C GLN OC 536 -66.01 -61.56 52.84
N SER OC 537 -65.19 -60.53 52.87
CA SER OC 537 -64.16 -60.35 53.90
C SER OC 537 -64.69 -59.71 55.17
N GLY OC 538 -65.91 -59.19 55.16
CA GLY OC 538 -66.40 -58.40 56.27
C GLY OC 538 -65.66 -57.11 56.51
N ALA OC 539 -64.89 -56.66 55.52
CA ALA OC 539 -64.17 -55.39 55.59
C ALA OC 539 -65.08 -54.21 55.28
N TRP OC 540 -66.24 -54.47 54.69
CA TRP OC 540 -67.17 -53.43 54.25
C TRP OC 540 -67.43 -52.40 55.34
N SER OC 541 -67.57 -51.15 54.90
CA SER OC 541 -67.75 -49.99 55.79
C SER OC 541 -68.88 -49.07 55.39
N GLY OC 542 -69.36 -49.10 54.15
CA GLY OC 542 -70.39 -48.18 53.69
C GLY OC 542 -71.67 -48.25 54.51
N ASP OC 543 -71.85 -49.32 55.27
CA ASP OC 543 -72.99 -49.45 56.16
C ASP OC 543 -72.92 -48.46 57.32
N ASP OC 544 -71.79 -47.78 57.49
CA ASP OC 544 -71.66 -46.85 58.60
C ASP OC 544 -72.56 -45.64 58.42
N LYS OC 545 -73.23 -45.29 59.50
CA LYS OC 545 -74.19 -44.20 59.51
C LYS OC 545 -73.51 -42.85 59.40
N LEU OC 546 -72.22 -42.77 59.71
CA LEU OC 546 -71.51 -41.49 59.65
C LEU OC 546 -70.69 -41.30 58.39
N GLN OC 547 -69.91 -42.30 57.98
CA GLN OC 547 -69.08 -42.13 56.79
C GLN OC 547 -69.89 -41.98 55.51
N LYS OC 548 -71.14 -42.47 55.48
CA LYS OC 548 -71.98 -42.34 54.30
C LYS OC 548 -72.01 -40.91 53.75
N TRP OC 549 -72.04 -39.92 54.65
CA TRP OC 549 -72.14 -38.52 54.24
C TRP OC 549 -71.00 -38.06 53.36
N VAL OC 550 -69.90 -38.79 53.34
CA VAL OC 550 -68.75 -38.49 52.51
C VAL OC 550 -68.56 -39.53 51.44
N ARG OC 551 -68.65 -40.80 51.84
CA ARG OC 551 -68.56 -41.91 50.90
C ARG OC 551 -69.44 -41.65 49.67
N VAL OC 552 -70.65 -41.13 49.88
CA VAL OC 552 -71.55 -40.84 48.77
C VAL OC 552 -70.84 -40.13 47.61
N TYR OC 553 -70.16 -39.02 47.88
CA TYR OC 553 -69.51 -38.29 46.81
C TYR OC 553 -68.56 -39.16 46.00
N LEU OC 554 -67.85 -40.07 46.66
CA LEU OC 554 -66.90 -40.95 45.98
C LEU OC 554 -67.58 -42.08 45.23
N ASP OC 555 -68.45 -42.82 45.90
CA ASP OC 555 -69.08 -44.00 45.34
C ASP OC 555 -70.32 -43.66 44.51
N ARG OC 556 -71.16 -42.74 44.98
CA ARG OC 556 -72.33 -42.39 44.18
C ARG OC 556 -71.91 -41.53 42.99
N GLY OC 557 -71.20 -40.44 43.25
CA GLY OC 557 -70.83 -39.50 42.22
C GLY OC 557 -72.00 -38.63 41.83
N PRO PC 29 -67.23 52.71 -43.10
CA PRO PC 29 -67.88 51.79 -42.16
C PRO PC 29 -68.61 52.52 -41.05
N VAL PC 30 -69.78 52.01 -40.65
CA VAL PC 30 -70.75 52.82 -39.91
C VAL PC 30 -70.46 52.81 -38.41
N THR PC 31 -70.30 51.64 -37.80
CA THR PC 31 -70.13 51.56 -36.36
C THR PC 31 -69.57 50.18 -36.01
N GLY PC 32 -69.31 49.99 -34.72
CA GLY PC 32 -68.97 48.68 -34.20
C GLY PC 32 -67.52 48.31 -34.20
N SER PC 33 -66.61 49.26 -34.42
CA SER PC 33 -65.21 49.06 -34.10
C SER PC 33 -64.63 47.83 -34.78
N GLY PC 34 -64.86 47.70 -36.06
CA GLY PC 34 -64.25 46.63 -36.82
C GLY PC 34 -62.85 46.96 -37.24
N PHE PC 35 -62.24 46.03 -37.96
CA PHE PC 35 -60.90 46.21 -38.50
C PHE PC 35 -60.96 45.90 -39.99
N VAL PC 36 -60.22 46.64 -40.79
CA VAL PC 36 -60.16 46.43 -42.22
C VAL PC 36 -58.75 46.01 -42.57
N ALA PC 37 -58.59 44.77 -43.03
CA ALA PC 37 -57.28 44.19 -43.28
C ALA PC 37 -57.05 44.09 -44.78
N LYS PC 38 -55.85 44.43 -45.22
CA LYS PC 38 -55.48 44.41 -46.63
C LYS PC 38 -54.16 43.68 -46.78
N ASP PC 39 -54.22 42.36 -46.86
CA ASP PC 39 -53.03 41.52 -46.95
C ASP PC 39 -52.11 41.74 -45.74
N ASP PC 40 -52.64 41.43 -44.57
CA ASP PC 40 -51.97 41.68 -43.30
C ASP PC 40 -51.53 40.39 -42.65
N SER PC 41 -50.34 40.40 -42.07
CA SER PC 41 -49.90 39.25 -41.32
C SER PC 41 -50.84 38.98 -40.16
N LEU PC 42 -51.01 37.71 -39.83
CA LEU PC 42 -51.80 37.34 -38.67
C LEU PC 42 -51.33 38.00 -37.39
N ARG PC 43 -50.04 38.29 -37.24
CA ARG PC 43 -49.59 38.97 -36.03
C ARG PC 43 -50.18 40.37 -35.88
N THR PC 44 -50.18 41.14 -36.95
CA THR PC 44 -50.77 42.46 -36.91
C THR PC 44 -52.29 42.42 -37.01
N PHE PC 45 -52.85 41.30 -37.42
CA PHE PC 45 -54.30 41.17 -37.31
C PHE PC 45 -54.72 40.95 -35.86
N PHE PC 46 -54.18 39.92 -35.22
CA PHE PC 46 -54.62 39.60 -33.86
C PHE PC 46 -54.21 40.64 -32.84
N ASP PC 47 -53.19 41.47 -33.11
CA ASP PC 47 -53.00 42.59 -32.22
C ASP PC 47 -54.19 43.53 -32.24
N ALA PC 48 -54.79 43.74 -33.41
CA ALA PC 48 -55.96 44.62 -33.45
C ALA PC 48 -57.12 44.06 -32.65
N MET PC 49 -57.21 42.74 -32.51
CA MET PC 49 -58.27 42.12 -31.74
C MET PC 49 -57.98 42.08 -30.25
N ALA PC 50 -56.74 42.36 -29.87
CA ALA PC 50 -56.32 42.17 -28.49
C ALA PC 50 -57.03 43.11 -27.52
N LEU PC 51 -57.50 44.26 -27.96
CA LEU PC 51 -58.21 45.15 -27.05
C LEU PC 51 -59.62 44.65 -26.72
N GLN PC 52 -60.32 44.07 -27.70
CA GLN PC 52 -61.63 43.50 -27.42
C GLN PC 52 -61.52 42.20 -26.65
N LEU PC 53 -60.49 41.41 -26.92
CA LEU PC 53 -60.18 40.29 -26.04
C LEU PC 53 -59.72 40.71 -24.66
N LYS PC 54 -59.19 41.92 -24.51
CA LYS PC 54 -58.73 42.43 -23.21
C LYS PC 54 -57.55 41.64 -22.66
N GLU PC 55 -56.75 41.06 -23.54
CA GLU PC 55 -55.61 40.25 -23.13
C GLU PC 55 -54.51 40.45 -24.16
N PRO PC 56 -53.26 40.43 -23.75
CA PRO PC 56 -52.16 40.40 -24.71
C PRO PC 56 -52.14 39.12 -25.50
N VAL PC 57 -51.73 39.21 -26.76
CA VAL PC 57 -51.74 38.06 -27.66
C VAL PC 57 -50.33 37.85 -28.19
N ILE PC 58 -49.92 36.58 -28.24
CA ILE PC 58 -48.62 36.15 -28.73
C ILE PC 58 -48.81 35.16 -29.87
N VAL PC 59 -48.21 35.45 -31.01
CA VAL PC 59 -48.37 34.66 -32.22
C VAL PC 59 -47.02 34.09 -32.61
N SER PC 60 -46.96 32.79 -32.77
CA SER PC 60 -45.76 32.07 -33.17
C SER PC 60 -45.21 32.52 -34.52
N LYS PC 61 -43.91 32.25 -34.67
CA LYS PC 61 -43.17 32.60 -35.87
C LYS PC 61 -43.73 31.92 -37.11
N MET PC 62 -44.22 30.70 -36.98
CA MET PC 62 -44.75 29.96 -38.11
C MET PC 62 -46.18 30.30 -38.44
N ALA PC 63 -46.96 30.75 -37.46
CA ALA PC 63 -48.28 31.28 -37.76
C ALA PC 63 -48.19 32.65 -38.42
N ALA PC 64 -47.22 33.47 -38.05
CA ALA PC 64 -47.14 34.80 -38.62
C ALA PC 64 -46.96 34.84 -40.13
N ARG PC 65 -46.68 33.72 -40.80
CA ARG PC 65 -46.55 33.73 -42.25
C ARG PC 65 -47.88 33.88 -42.99
N LYS PC 66 -48.97 33.40 -42.41
CA LYS PC 66 -50.26 33.41 -43.09
C LYS PC 66 -50.82 34.82 -43.23
N LYS PC 67 -51.63 35.05 -44.26
CA LYS PC 67 -52.16 36.36 -44.60
C LYS PC 67 -53.66 36.33 -44.70
N ILE PC 68 -54.31 37.44 -44.32
CA ILE PC 68 -55.77 37.55 -44.33
C ILE PC 68 -56.18 38.92 -44.86
N THR PC 69 -57.36 38.97 -45.49
CA THR PC 69 -57.90 40.20 -46.08
C THR PC 69 -59.40 40.29 -45.89
N GLY PC 70 -59.90 41.49 -45.56
CA GLY PC 70 -61.34 41.71 -45.45
C GLY PC 70 -61.80 42.66 -44.36
N ASN PC 71 -63.12 42.83 -44.19
CA ASN PC 71 -63.70 43.55 -43.06
C ASN PC 71 -64.12 42.61 -41.95
N PHE PC 72 -63.82 42.97 -40.71
CA PHE PC 72 -64.27 42.16 -39.58
C PHE PC 72 -64.89 43.02 -38.50
N GLU PC 73 -66.03 42.58 -37.98
CA GLU PC 73 -66.71 43.22 -36.85
C GLU PC 73 -66.47 42.41 -35.59
N PHE PC 74 -66.02 43.07 -34.53
CA PHE PC 74 -65.62 42.40 -33.30
C PHE PC 74 -66.73 42.35 -32.25
N HIS PC 75 -67.95 41.96 -32.66
CA HIS PC 75 -69.03 41.81 -31.69
C HIS PC 75 -68.71 40.77 -30.62
N ASP PC 76 -68.18 39.61 -31.00
CA ASP PC 76 -67.86 38.55 -30.05
C ASP PC 76 -66.52 37.92 -30.41
N PRO PC 77 -65.43 38.53 -29.95
CA PRO PC 77 -64.10 38.03 -30.31
C PRO PC 77 -63.87 36.58 -29.98
N ASN PC 78 -64.52 36.02 -28.96
CA ASN PC 78 -64.30 34.62 -28.64
C ASN PC 78 -64.83 33.72 -29.76
N ALA PC 79 -66.06 33.99 -30.19
CA ALA PC 79 -66.63 33.24 -31.29
C ALA PC 79 -65.80 33.41 -32.55
N LEU PC 80 -65.44 34.65 -32.87
CA LEU PC 80 -64.63 34.86 -34.06
C LEU PC 80 -63.29 34.13 -33.97
N LEU PC 81 -62.68 34.12 -32.79
CA LEU PC 81 -61.42 33.41 -32.60
C LEU PC 81 -61.57 31.93 -32.87
N GLU PC 82 -62.66 31.32 -32.40
CA GLU PC 82 -62.84 29.90 -32.62
C GLU PC 82 -63.09 29.58 -34.09
N LYS PC 83 -63.98 30.34 -34.72
CA LYS PC 83 -64.25 30.14 -36.13
C LYS PC 83 -62.98 30.24 -36.97
N LEU PC 84 -62.22 31.31 -36.79
CA LEU PC 84 -61.00 31.45 -37.58
C LEU PC 84 -59.94 30.44 -37.22
N SER PC 85 -59.88 29.97 -35.98
CA SER PC 85 -58.96 28.88 -35.67
C SER PC 85 -59.25 27.65 -36.50
N LEU PC 86 -60.51 27.26 -36.59
CA LEU PC 86 -60.85 26.09 -37.39
C LEU PC 86 -60.68 26.33 -38.88
N GLN PC 87 -61.02 27.51 -39.37
CA GLN PC 87 -60.86 27.78 -40.80
C GLN PC 87 -59.41 27.81 -41.23
N LEU PC 88 -58.52 28.41 -40.44
CA LEU PC 88 -57.15 28.63 -40.90
C LEU PC 88 -56.15 27.61 -40.37
N GLY PC 89 -56.54 26.76 -39.43
CA GLY PC 89 -55.66 25.70 -39.00
C GLY PC 89 -54.68 26.10 -37.93
N LEU PC 90 -55.20 26.67 -36.85
CA LEU PC 90 -54.43 27.15 -35.74
C LEU PC 90 -54.92 26.47 -34.47
N ILE PC 91 -54.08 26.49 -33.44
CA ILE PC 91 -54.48 26.06 -32.12
C ILE PC 91 -54.13 27.18 -31.17
N TRP PC 92 -54.86 27.28 -30.07
CA TRP PC 92 -54.63 28.39 -29.16
C TRP PC 92 -54.96 28.02 -27.72
N TYR PC 93 -54.50 28.87 -26.81
CA TYR PC 93 -54.56 28.56 -25.39
C TYR PC 93 -54.55 29.84 -24.59
N PHE PC 94 -54.93 29.73 -23.32
CA PHE PC 94 -55.21 30.90 -22.47
C PHE PC 94 -54.90 30.54 -21.01
N ASP PC 95 -53.74 30.96 -20.54
CA ASP PC 95 -53.28 30.69 -19.18
C ASP PC 95 -53.96 31.56 -18.13
N GLY PC 96 -54.79 32.52 -18.54
CA GLY PC 96 -55.37 33.53 -17.68
C GLY PC 96 -54.69 34.87 -17.71
N GLN PC 97 -53.46 34.94 -18.19
CA GLN PC 97 -52.72 36.18 -18.35
C GLN PC 97 -52.65 36.63 -19.80
N ALA PC 98 -52.46 35.69 -20.72
CA ALA PC 98 -52.27 36.03 -22.13
C ALA PC 98 -52.76 34.89 -23.00
N ILE PC 99 -53.02 35.21 -24.27
CA ILE PC 99 -53.44 34.24 -25.28
C ILE PC 99 -52.25 33.88 -26.15
N TYR PC 100 -52.09 32.58 -26.40
CA TYR PC 100 -51.00 32.07 -27.23
C TYR PC 100 -51.59 31.33 -28.41
N ILE PC 101 -51.04 31.57 -29.60
CA ILE PC 101 -51.56 31.03 -30.84
C ILE PC 101 -50.43 30.37 -31.61
N TYR PC 102 -50.69 29.16 -32.12
CA TYR PC 102 -49.68 28.38 -32.82
C TYR PC 102 -50.26 27.83 -34.11
N ASP PC 103 -49.38 27.46 -35.02
CA ASP PC 103 -49.76 26.68 -36.19
C ASP PC 103 -50.08 25.25 -35.77
N ALA PC 104 -51.09 24.67 -36.39
CA ALA PC 104 -51.61 23.39 -35.92
C ALA PC 104 -50.59 22.26 -36.00
N SER PC 105 -49.62 22.35 -36.90
CA SER PC 105 -48.61 21.30 -36.95
C SER PC 105 -47.72 21.27 -35.71
N GLU PC 106 -47.67 22.34 -34.94
CA GLU PC 106 -46.80 22.44 -33.78
C GLU PC 106 -47.32 21.70 -32.55
N MET PC 107 -48.48 21.08 -32.62
CA MET PC 107 -49.02 20.35 -31.49
C MET PC 107 -48.05 19.30 -30.99
N ARG PC 108 -48.12 19.01 -29.69
CA ARG PC 108 -47.13 18.15 -29.04
C ARG PC 108 -47.84 17.21 -28.09
N ASN PC 109 -47.18 16.10 -27.71
CA ASN PC 109 -47.83 15.13 -26.85
C ASN PC 109 -46.82 14.33 -26.03
N ALA PC 110 -47.30 13.75 -24.94
CA ALA PC 110 -46.45 13.10 -23.95
C ALA PC 110 -47.25 12.06 -23.17
N VAL PC 111 -46.52 11.10 -22.58
CA VAL PC 111 -47.04 10.17 -21.58
C VAL PC 111 -46.34 10.41 -20.25
N VAL PC 112 -47.12 10.47 -19.17
CA VAL PC 112 -46.61 10.73 -17.83
C VAL PC 112 -47.04 9.61 -16.91
N SER PC 113 -46.21 9.32 -15.90
CA SER PC 113 -46.47 8.22 -14.97
C SER PC 113 -46.01 8.58 -13.57
N LEU PC 114 -46.97 8.79 -12.67
CA LEU PC 114 -46.76 9.19 -11.29
C LEU PC 114 -46.76 7.98 -10.39
N ARG PC 115 -46.09 8.10 -9.25
CA ARG PC 115 -46.09 7.04 -8.24
C ARG PC 115 -47.08 7.35 -7.12
N ASN PC 116 -47.01 8.54 -6.55
CA ASN PC 116 -47.59 8.83 -5.26
C ASN PC 116 -48.96 9.49 -5.35
N VAL PC 117 -49.45 9.75 -6.55
CA VAL PC 117 -50.62 10.58 -6.77
C VAL PC 117 -51.45 9.88 -7.84
N SER PC 118 -52.71 10.28 -7.96
CA SER PC 118 -53.60 9.67 -8.93
C SER PC 118 -54.25 10.73 -9.80
N LEU PC 119 -54.62 10.31 -11.00
CA LEU PC 119 -55.11 11.27 -11.99
C LEU PC 119 -56.27 12.05 -11.42
N ASN PC 120 -57.07 11.42 -10.57
CA ASN PC 120 -58.21 12.08 -9.97
C ASN PC 120 -57.75 13.15 -9.00
N GLU PC 121 -56.60 12.93 -8.37
CA GLU PC 121 -56.03 13.93 -7.48
C GLU PC 121 -55.51 15.11 -8.27
N PHE PC 122 -54.78 14.84 -9.35
CA PHE PC 122 -54.12 15.92 -10.06
C PHE PC 122 -55.12 16.79 -10.83
N ASN PC 123 -56.22 16.21 -11.31
CA ASN PC 123 -57.25 17.04 -11.93
C ASN PC 123 -57.75 18.12 -10.97
N ASN PC 124 -57.99 17.75 -9.71
CA ASN PC 124 -58.44 18.73 -8.72
C ASN PC 124 -57.49 19.91 -8.64
N PHE PC 125 -56.20 19.64 -8.56
CA PHE PC 125 -55.22 20.72 -8.54
C PHE PC 125 -55.36 21.62 -9.75
N LEU PC 126 -55.41 21.03 -10.94
CA LEU PC 126 -55.61 21.88 -12.13
C LEU PC 126 -56.85 22.75 -11.99
N LYS PC 127 -57.95 22.17 -11.53
CA LYS PC 127 -59.18 22.95 -11.35
C LYS PC 127 -58.99 24.10 -10.38
N ARG PC 128 -58.51 23.82 -9.18
CA ARG PC 128 -58.25 24.89 -8.22
C ARG PC 128 -57.35 25.97 -8.80
N SER PC 129 -56.30 25.57 -9.50
CA SER PC 129 -55.42 26.53 -10.16
C SER PC 129 -56.13 27.35 -11.22
N GLY PC 130 -57.19 26.83 -11.83
CA GLY PC 130 -57.75 27.50 -12.98
C GLY PC 130 -56.94 27.32 -14.24
N LEU PC 131 -56.23 26.21 -14.33
CA LEU PC 131 -55.36 25.83 -15.43
C LEU PC 131 -56.02 24.79 -16.31
N TYR PC 132 -56.99 24.09 -15.76
CA TYR PC 132 -57.78 23.08 -16.47
C TYR PC 132 -58.36 23.64 -17.77
N ASN PC 133 -58.36 22.78 -18.79
CA ASN PC 133 -58.84 23.11 -20.13
C ASN PC 133 -59.59 21.90 -20.68
N LYS PC 134 -60.90 22.02 -20.73
CA LYS PC 134 -61.78 20.97 -21.24
C LYS PC 134 -61.56 20.60 -22.70
N ASN PC 135 -60.83 21.40 -23.47
CA ASN PC 135 -60.50 21.02 -24.84
C ASN PC 135 -59.35 20.03 -24.93
N TYR PC 136 -58.45 20.05 -23.96
CA TYR PC 136 -57.25 19.21 -23.98
C TYR PC 136 -57.10 18.49 -22.64
N PRO PC 137 -58.10 17.73 -22.22
CA PRO PC 137 -58.00 17.02 -20.94
C PRO PC 137 -57.05 15.84 -20.96
N LEU PC 138 -56.55 15.52 -19.77
CA LEU PC 138 -55.76 14.31 -19.56
C LEU PC 138 -56.60 13.07 -19.83
N ARG PC 139 -56.00 12.06 -20.44
CA ARG PC 139 -56.68 10.81 -20.76
C ARG PC 139 -56.02 9.61 -20.10
N GLY PC 140 -56.79 8.88 -19.31
CA GLY PC 140 -56.29 7.75 -18.56
C GLY PC 140 -57.27 7.33 -17.49
N ASP PC 141 -56.95 6.21 -16.86
CA ASP PC 141 -57.76 5.68 -15.75
C ASP PC 141 -57.70 6.56 -14.52
N ASN PC 142 -58.84 7.12 -14.14
CA ASN PC 142 -58.92 8.01 -13.00
C ASN PC 142 -58.25 7.44 -11.75
N ARG PC 143 -58.33 6.14 -11.53
CA ARG PC 143 -57.71 5.56 -10.35
C ARG PC 143 -56.21 5.34 -10.48
N LYS PC 144 -55.73 5.09 -11.68
CA LYS PC 144 -54.33 4.78 -11.93
C LYS PC 144 -53.48 6.04 -11.98
N GLY PC 145 -52.17 5.83 -11.98
CA GLY PC 145 -51.21 6.91 -12.07
C GLY PC 145 -50.53 7.12 -13.41
N THR PC 146 -51.12 6.68 -14.51
CA THR PC 146 -50.50 6.88 -15.82
C THR PC 146 -51.51 7.58 -16.70
N PHE PC 147 -51.04 8.57 -17.45
CA PHE PC 147 -51.94 9.30 -18.34
C PHE PC 147 -51.21 9.84 -19.55
N TYR PC 148 -52.01 10.11 -20.59
CA TYR PC 148 -51.55 10.68 -21.84
C TYR PC 148 -52.10 12.10 -21.99
N VAL PC 149 -51.28 13.02 -22.49
CA VAL PC 149 -51.72 14.39 -22.73
C VAL PC 149 -51.13 14.94 -24.03
N SER PC 150 -51.91 15.72 -24.76
CA SER PC 150 -51.41 16.37 -25.96
C SER PC 150 -52.10 17.71 -26.14
N GLY PC 151 -51.40 18.63 -26.79
CA GLY PC 151 -51.88 19.98 -26.96
C GLY PC 151 -50.77 20.97 -27.25
N PRO PC 152 -51.07 22.26 -27.12
CA PRO PC 152 -50.09 23.31 -27.38
C PRO PC 152 -48.88 23.23 -26.47
N PRO PC 153 -47.69 23.56 -26.99
CA PRO PC 153 -46.47 23.41 -26.19
C PRO PC 153 -46.48 23.99 -24.79
N VAL PC 154 -46.93 25.24 -24.60
CA VAL PC 154 -46.90 25.79 -23.24
C VAL PC 154 -47.68 24.90 -22.32
N TYR PC 155 -48.74 24.30 -22.84
CA TYR PC 155 -49.65 23.53 -22.03
C TYR PC 155 -48.98 22.22 -21.63
N VAL PC 156 -48.47 21.49 -22.61
CA VAL PC 156 -47.91 20.20 -22.30
C VAL PC 156 -46.67 20.32 -21.42
N ASP PC 157 -45.88 21.39 -21.59
CA ASP PC 157 -44.71 21.48 -20.74
C ASP PC 157 -45.06 21.89 -19.33
N MET PC 158 -46.09 22.72 -19.17
CA MET PC 158 -46.53 23.08 -17.84
C MET PC 158 -47.04 21.84 -17.12
N VAL PC 159 -47.98 21.13 -17.74
CA VAL PC 159 -48.55 19.96 -17.11
C VAL PC 159 -47.50 18.91 -16.74
N VAL PC 160 -46.51 18.70 -17.59
CA VAL PC 160 -45.55 17.64 -17.26
C VAL PC 160 -44.59 18.05 -16.15
N ASN PC 161 -44.18 19.30 -16.13
CA ASN PC 161 -43.29 19.70 -15.05
C ASN PC 161 -44.02 19.77 -13.71
N ALA PC 162 -45.25 20.25 -13.72
CA ALA PC 162 -46.02 20.32 -12.48
C ALA PC 162 -46.26 18.94 -11.90
N ALA PC 163 -46.70 18.01 -12.74
CA ALA PC 163 -46.95 16.66 -12.22
C ALA PC 163 -45.69 16.02 -11.65
N THR PC 164 -44.54 16.19 -12.31
CA THR PC 164 -43.33 15.62 -11.73
C THR PC 164 -42.96 16.24 -10.39
N MET PC 165 -43.04 17.56 -10.27
CA MET PC 165 -42.76 18.20 -8.98
C MET PC 165 -43.71 17.73 -7.88
N MET PC 166 -45.01 17.67 -8.14
CA MET PC 166 -45.92 17.15 -7.13
C MET PC 166 -45.56 15.75 -6.69
N ASP PC 167 -45.27 14.86 -7.63
CA ASP PC 167 -44.89 13.52 -7.22
C ASP PC 167 -43.67 13.54 -6.31
N LYS PC 168 -42.64 14.30 -6.67
CA LYS PC 168 -41.47 14.33 -5.81
C LYS PC 168 -41.79 14.89 -4.42
N GLN PC 169 -42.69 15.88 -4.32
CA GLN PC 169 -43.05 16.40 -3.01
C GLN PC 169 -43.79 15.38 -2.16
N ASN PC 170 -44.85 14.78 -2.71
CA ASN PC 170 -45.57 13.74 -1.98
C ASN PC 170 -44.71 12.55 -1.60
N ASP PC 171 -43.61 12.32 -2.29
CA ASP PC 171 -42.77 11.17 -1.97
C ASP PC 171 -42.39 11.10 -0.49
N GLY PC 172 -42.27 12.25 0.19
CA GLY PC 172 -41.94 12.26 1.61
C GLY PC 172 -43.04 11.91 2.59
N ILE PC 173 -44.31 11.93 2.17
CA ILE PC 173 -45.41 11.56 3.05
C ILE PC 173 -45.40 10.07 3.37
N GLU PC 174 -45.62 9.75 4.64
CA GLU PC 174 -45.81 8.37 5.11
C GLU PC 174 -47.28 8.11 5.39
N LEU PC 175 -47.79 7.00 4.83
CA LEU PC 175 -49.18 6.58 5.00
C LEU PC 175 -49.40 5.43 5.98
N GLY PC 176 -48.40 4.60 6.24
CA GLY PC 176 -48.54 3.53 7.21
C GLY PC 176 -48.74 3.95 8.66
N ARG PC 177 -49.98 3.85 9.14
CA ARG PC 177 -50.33 4.16 10.51
C ARG PC 177 -50.49 2.85 11.28
N GLN PC 178 -49.83 2.76 12.43
CA GLN PC 178 -50.02 1.64 13.32
C GLN PC 178 -51.23 1.85 14.21
N LYS PC 179 -51.82 0.74 14.67
CA LYS PC 179 -52.80 0.77 15.74
C LYS PC 179 -52.46 -0.26 16.81
N ILE PC 180 -53.00 -0.04 18.00
CA ILE PC 180 -52.85 -0.94 19.13
C ILE PC 180 -54.21 -1.50 19.54
N GLY PC 181 -54.27 -2.82 19.66
CA GLY PC 181 -55.43 -3.49 20.20
C GLY PC 181 -55.18 -3.99 21.62
N VAL PC 182 -56.27 -4.20 22.35
CA VAL PC 182 -56.26 -4.82 23.66
C VAL PC 182 -57.30 -5.93 23.65
N MET PC 183 -56.96 -7.09 24.21
CA MET PC 183 -57.88 -8.22 24.12
C MET PC 183 -57.79 -9.06 25.39
N ARG PC 184 -58.89 -9.14 26.13
CA ARG PC 184 -58.97 -10.05 27.26
C ARG PC 184 -59.07 -11.49 26.80
N LEU PC 185 -58.40 -12.38 27.54
CA LEU PC 185 -58.59 -13.81 27.38
C LEU PC 185 -59.61 -14.29 28.41
N ASN PC 186 -60.62 -15.00 27.95
CA ASN PC 186 -61.69 -15.45 28.83
C ASN PC 186 -61.41 -16.78 29.49
N ASN PC 187 -60.71 -17.67 28.83
CA ASN PC 187 -60.62 -19.06 29.24
C ASN PC 187 -59.25 -19.52 29.73
N THR PC 188 -58.25 -18.65 29.84
CA THR PC 188 -56.91 -19.16 30.13
C THR PC 188 -56.01 -18.06 30.66
N PHE PC 189 -54.85 -18.48 31.17
CA PHE PC 189 -53.84 -17.57 31.69
C PHE PC 189 -52.86 -17.13 30.60
N VAL PC 190 -52.43 -15.88 30.69
CA VAL PC 190 -51.58 -15.29 29.67
C VAL PC 190 -50.17 -15.87 29.65
N GLY PC 191 -49.49 -15.87 30.78
CA GLY PC 191 -48.10 -16.30 30.80
C GLY PC 191 -47.81 -17.76 30.64
N ASP PC 192 -46.53 -18.01 30.37
CA ASP PC 192 -45.97 -19.35 30.38
C ASP PC 192 -46.12 -19.96 31.76
N ARG PC 193 -46.21 -21.28 31.80
CA ARG PC 193 -46.47 -21.99 33.04
C ARG PC 193 -45.41 -23.03 33.28
N THR PC 194 -45.23 -23.38 34.55
CA THR PC 194 -44.26 -24.37 34.96
C THR PC 194 -44.84 -25.18 36.11
N TYR PC 195 -44.81 -26.48 35.97
CA TYR PC 195 -45.25 -27.43 36.97
C TYR PC 195 -44.05 -28.14 37.55
N ASN PC 196 -43.79 -27.90 38.83
CA ASN PC 196 -42.62 -28.42 39.53
C ASN PC 196 -43.04 -29.56 40.44
N LEU PC 197 -43.26 -30.71 39.82
CA LEU PC 197 -43.63 -31.93 40.54
C LEU PC 197 -42.46 -32.41 41.37
N ARG PC 198 -42.76 -33.30 42.33
CA ARG PC 198 -41.73 -33.87 43.19
C ARG PC 198 -40.42 -34.23 42.51
N ASP PC 199 -40.49 -34.92 41.37
CA ASP PC 199 -39.28 -35.44 40.73
C ASP PC 199 -39.00 -34.82 39.39
N GLN PC 200 -39.96 -34.15 38.77
CA GLN PC 200 -39.86 -33.77 37.37
C GLN PC 200 -40.45 -32.38 37.23
N LYS PC 201 -39.87 -31.61 36.34
CA LYS PC 201 -40.33 -30.26 36.05
C LYS PC 201 -40.77 -30.19 34.60
N MET PC 202 -41.89 -29.52 34.36
CA MET PC 202 -42.49 -29.42 33.04
C MET PC 202 -42.84 -27.98 32.75
N VAL PC 203 -42.55 -27.53 31.52
CA VAL PC 203 -42.75 -26.14 31.13
C VAL PC 203 -43.64 -26.06 29.90
N ILE PC 204 -44.51 -25.06 29.87
CA ILE PC 204 -45.47 -24.87 28.79
C ILE PC 204 -45.45 -23.42 28.33
N PRO PC 205 -45.35 -23.16 27.03
CA PRO PC 205 -45.33 -21.78 26.52
C PRO PC 205 -46.72 -21.18 26.40
N GLY PC 206 -46.77 -19.86 26.56
CA GLY PC 206 -47.97 -19.11 26.29
C GLY PC 206 -48.24 -18.80 24.83
N ILE PC 207 -49.43 -18.26 24.63
CA ILE PC 207 -49.91 -17.89 23.30
C ILE PC 207 -48.96 -16.91 22.63
N ALA PC 208 -48.65 -15.81 23.32
CA ALA PC 208 -47.74 -14.81 22.78
C ALA PC 208 -46.43 -15.43 22.32
N THR PC 209 -45.81 -16.26 23.17
CA THR PC 209 -44.54 -16.86 22.80
C THR PC 209 -44.66 -17.75 21.57
N ALA PC 210 -45.68 -18.60 21.52
CA ALA PC 210 -45.84 -19.47 20.35
C ALA PC 210 -46.04 -18.67 19.07
N ILE PC 211 -46.88 -17.63 19.13
CA ILE PC 211 -47.09 -16.80 17.95
C ILE PC 211 -45.82 -16.11 17.51
N GLU PC 212 -45.14 -15.44 18.44
CA GLU PC 212 -43.88 -14.79 18.10
C GLU PC 212 -42.90 -15.76 17.44
N ARG PC 213 -42.75 -16.96 17.98
CA ARG PC 213 -41.88 -17.94 17.33
C ARG PC 213 -42.33 -18.23 15.91
N LEU PC 214 -43.63 -18.34 15.68
CA LEU PC 214 -44.09 -18.67 14.34
C LEU PC 214 -43.86 -17.54 13.34
N LEU PC 215 -44.26 -16.32 13.68
CA LEU PC 215 -44.13 -15.20 12.76
C LEU PC 215 -42.71 -14.67 12.62
N GLN PC 216 -41.79 -15.04 13.51
CA GLN PC 216 -40.43 -14.52 13.47
C GLN PC 216 -39.83 -14.42 12.07
N GLY PC 217 -39.52 -13.18 11.68
CA GLY PC 217 -38.92 -12.82 10.41
C GLY PC 217 -39.71 -12.97 9.14
N GLU PC 218 -41.02 -13.24 9.20
CA GLU PC 218 -41.80 -13.38 7.99
C GLU PC 218 -41.87 -12.05 7.24
N GLU PC 219 -41.61 -12.09 5.92
CA GLU PC 219 -41.65 -10.90 5.08
C GLU PC 219 -42.98 -10.71 4.34
N GLN PC 220 -43.62 -11.79 3.92
CA GLN PC 220 -44.88 -11.67 3.20
C GLN PC 220 -46.00 -11.27 4.15
N PRO PC 221 -47.04 -10.61 3.64
CA PRO PC 221 -48.21 -10.30 4.46
C PRO PC 221 -49.11 -11.51 4.69
N LEU PC 222 -49.83 -11.45 5.81
CA LEU PC 222 -50.77 -12.48 6.20
C LEU PC 222 -52.00 -12.53 5.30
N GLY PC 223 -52.40 -13.76 4.99
CA GLY PC 223 -53.68 -14.05 4.40
C GLY PC 223 -54.70 -14.43 5.46
N ASN PC 224 -55.86 -14.89 4.99
CA ASN PC 224 -56.89 -15.36 5.90
C ASN PC 224 -56.43 -16.56 6.72
N ILE PC 225 -57.13 -16.79 7.82
CA ILE PC 225 -56.87 -17.89 8.73
C ILE PC 225 -57.80 -19.04 8.42
N VAL PC 226 -57.27 -20.26 8.44
CA VAL PC 226 -58.05 -21.47 8.24
C VAL PC 226 -57.85 -22.38 9.45
N SER PC 227 -58.87 -23.17 9.75
CA SER PC 227 -58.81 -24.07 10.90
C SER PC 227 -59.63 -25.33 10.69
N LEU PC 254 -52.47 1.78 -7.50
CA LEU PC 254 -53.17 2.12 -6.27
C LEU PC 254 -52.22 2.26 -5.09
N GLN PC 255 -52.57 3.18 -4.21
CA GLN PC 255 -51.81 3.41 -2.99
C GLN PC 255 -52.13 2.36 -1.95
N GLU PC 256 -53.42 2.01 -1.86
CA GLU PC 256 -53.90 1.21 -0.74
C GLU PC 256 -53.24 -0.16 -0.71
N ALA PC 257 -53.11 -0.83 -1.85
CA ALA PC 257 -52.38 -2.10 -1.87
C ALA PC 257 -50.94 -1.94 -1.40
N LEU PC 258 -50.29 -0.83 -1.72
CA LEU PC 258 -48.96 -0.61 -1.19
C LEU PC 258 -49.00 -0.53 0.32
N LYS PC 259 -50.01 0.17 0.84
CA LYS PC 259 -50.16 0.28 2.29
C LYS PC 259 -50.41 -1.09 2.92
N GLN PC 260 -51.24 -1.91 2.27
CA GLN PC 260 -51.51 -3.25 2.76
C GLN PC 260 -50.30 -4.17 2.72
N ASN PC 261 -49.31 -3.89 1.89
CA ASN PC 261 -48.10 -4.70 1.96
C ASN PC 261 -47.30 -4.33 3.21
N ALA PC 262 -47.81 -4.69 4.37
CA ALA PC 262 -47.06 -4.65 5.62
C ALA PC 262 -46.65 -6.07 6.01
N ALA PC 263 -45.37 -6.24 6.33
CA ALA PC 263 -44.84 -7.58 6.56
C ALA PC 263 -45.36 -8.17 7.86
N ALA PC 264 -45.71 -9.45 7.80
CA ALA PC 264 -46.16 -10.18 8.98
C ALA PC 264 -45.13 -10.15 10.10
N GLY PC 265 -43.85 -10.09 9.76
CA GLY PC 265 -42.81 -10.27 10.75
C GLY PC 265 -42.66 -9.16 11.77
N ASN PC 266 -43.35 -8.03 11.61
CA ASN PC 266 -43.24 -6.94 12.57
C ASN PC 266 -44.52 -6.70 13.36
N ILE PC 267 -45.39 -7.71 13.46
CA ILE PC 267 -46.42 -7.72 14.50
C ILE PC 267 -45.76 -7.95 15.85
N LYS PC 268 -45.95 -7.00 16.77
CA LYS PC 268 -45.46 -7.11 18.15
C LYS PC 268 -46.58 -7.46 19.11
N ILE PC 269 -46.42 -8.54 19.87
CA ILE PC 269 -47.39 -9.00 20.86
C ILE PC 269 -46.75 -8.98 22.24
N VAL PC 270 -47.44 -8.38 23.21
CA VAL PC 270 -46.95 -8.31 24.59
C VAL PC 270 -48.03 -8.80 25.55
N ALA PC 271 -47.69 -9.78 26.37
CA ALA PC 271 -48.59 -10.28 27.41
C ALA PC 271 -48.67 -9.32 28.58
N TYR PC 272 -49.88 -9.13 29.11
CA TYR PC 272 -50.12 -8.22 30.23
C TYR PC 272 -50.90 -8.93 31.33
N PRO PC 273 -50.21 -9.63 32.22
CA PRO PC 273 -50.88 -10.40 33.29
C PRO PC 273 -51.86 -9.65 34.17
N ASP PC 274 -51.64 -8.36 34.45
CA ASP PC 274 -52.44 -7.70 35.47
C ASP PC 274 -53.94 -7.70 35.16
N THR PC 275 -54.31 -7.79 33.88
CA THR PC 275 -55.71 -7.89 33.49
C THR PC 275 -55.94 -9.16 32.67
N ASN PC 276 -54.96 -10.04 32.62
CA ASN PC 276 -55.02 -11.27 31.83
C ASN PC 276 -55.44 -11.01 30.39
N SER PC 277 -54.69 -10.13 29.72
CA SER PC 277 -55.03 -9.67 28.39
C SER PC 277 -53.76 -9.49 27.57
N LEU PC 278 -53.93 -9.48 26.24
CA LEU PC 278 -52.85 -9.26 25.28
C LEU PC 278 -52.92 -7.87 24.65
N LEU PC 279 -51.75 -7.24 24.52
CA LEU PC 279 -51.55 -6.00 23.78
C LEU PC 279 -51.00 -6.34 22.40
N VAL PC 280 -51.66 -5.88 21.35
CA VAL PC 280 -51.28 -6.22 19.98
C VAL PC 280 -50.99 -4.94 19.23
N LYS PC 281 -49.80 -4.85 18.63
CA LYS PC 281 -49.42 -3.71 17.79
C LYS PC 281 -49.31 -4.10 16.33
N GLY PC 282 -50.13 -3.50 15.48
CA GLY PC 282 -50.05 -3.80 14.06
C GLY PC 282 -51.01 -2.96 13.26
N THR PC 283 -51.16 -3.32 11.99
CA THR PC 283 -52.16 -2.68 11.14
C THR PC 283 -53.53 -3.28 11.41
N ALA PC 284 -54.57 -2.50 11.08
CA ALA PC 284 -55.95 -2.94 11.23
C ALA PC 284 -56.24 -4.35 10.76
N GLU PC 285 -55.83 -4.70 9.54
CA GLU PC 285 -56.08 -6.06 9.06
C GLU PC 285 -55.33 -7.10 9.88
N GLN PC 286 -54.05 -6.83 10.17
CA GLN PC 286 -53.30 -7.76 11.01
C GLN PC 286 -53.98 -7.98 12.34
N VAL PC 287 -54.35 -6.91 13.03
CA VAL PC 287 -55.07 -7.00 14.29
C VAL PC 287 -56.31 -7.86 14.14
N HIS PC 288 -57.06 -7.66 13.07
CA HIS PC 288 -58.24 -8.49 12.82
C HIS PC 288 -57.90 -9.97 12.75
N PHE PC 289 -56.93 -10.34 11.92
CA PHE PC 289 -56.52 -11.75 11.86
C PHE PC 289 -56.09 -12.29 13.22
N ILE PC 290 -55.25 -11.54 13.93
CA ILE PC 290 -54.81 -11.96 15.26
C ILE PC 290 -55.98 -12.25 16.17
N GLU PC 291 -56.94 -11.31 16.23
CA GLU PC 291 -58.14 -11.52 17.02
C GLU PC 291 -58.84 -12.84 16.65
N MET PC 292 -59.05 -13.06 15.35
CA MET PC 292 -59.68 -14.31 14.93
C MET PC 292 -58.89 -15.53 15.38
N LEU PC 293 -57.57 -15.44 15.41
CA LEU PC 293 -56.77 -16.58 15.86
C LEU PC 293 -56.90 -16.81 17.37
N VAL PC 294 -56.73 -15.77 18.17
CA VAL PC 294 -56.88 -15.91 19.61
C VAL PC 294 -58.23 -16.53 19.96
N LYS PC 295 -59.29 -16.09 19.28
CA LYS PC 295 -60.58 -16.71 19.53
C LYS PC 295 -60.65 -18.15 19.04
N ALA PC 296 -59.71 -18.59 18.23
CA ALA PC 296 -59.64 -19.99 17.87
C ALA PC 296 -58.82 -20.82 18.85
N LEU PC 297 -58.00 -20.16 19.66
CA LEU PC 297 -57.08 -20.87 20.55
C LEU PC 297 -57.51 -20.94 22.01
N ASP PC 298 -58.20 -19.94 22.54
CA ASP PC 298 -58.62 -20.02 23.96
C ASP PC 298 -59.95 -20.77 24.15
N VAL PC 299 -59.94 -22.07 23.82
CA VAL PC 299 -61.02 -22.99 24.17
C VAL PC 299 -61.01 -23.40 25.65
N ALA PC 300 -62.21 -23.68 26.18
CA ALA PC 300 -62.42 -24.19 27.54
C ALA PC 300 -62.14 -25.69 27.69
N LYS PC 301 -61.51 -26.06 28.82
CA LYS PC 301 -61.13 -27.44 29.09
C LYS PC 301 -62.15 -28.25 29.91
N ARG PC 302 -62.31 -29.53 29.55
CA ARG PC 302 -63.01 -30.55 30.34
C ARG PC 302 -62.25 -31.00 31.59
N HIS PC 303 -62.99 -31.35 32.65
CA HIS PC 303 -62.43 -31.95 33.86
C HIS PC 303 -62.46 -33.49 33.85
N VAL PC 304 -61.32 -34.09 34.22
CA VAL PC 304 -61.14 -35.53 34.37
C VAL PC 304 -60.86 -35.86 35.83
N GLU PC 305 -61.63 -36.79 36.39
CA GLU PC 305 -61.45 -37.29 37.75
C GLU PC 305 -61.06 -38.75 37.68
N LEU PC 306 -59.94 -39.12 38.31
CA LEU PC 306 -59.36 -40.45 38.22
C LEU PC 306 -59.39 -41.18 39.54
N SER PC 307 -59.77 -42.47 39.47
CA SER PC 307 -59.82 -43.37 40.62
C SER PC 307 -58.92 -44.57 40.37
N LEU PC 308 -58.22 -45.01 41.41
CA LEU PC 308 -57.28 -46.14 41.32
C LEU PC 308 -57.47 -47.12 42.46
N TRP PC 309 -57.93 -48.34 42.13
CA TRP PC 309 -58.12 -49.41 43.09
C TRP PC 309 -56.84 -50.25 43.24
N ILE PC 310 -56.40 -50.43 44.48
CA ILE PC 310 -55.22 -51.20 44.83
C ILE PC 310 -55.65 -52.28 45.80
N VAL PC 311 -55.36 -53.54 45.48
CA VAL PC 311 -55.84 -54.66 46.29
C VAL PC 311 -54.72 -55.64 46.61
N ASP PC 312 -54.70 -56.11 47.87
CA ASP PC 312 -53.75 -57.09 48.35
C ASP PC 312 -54.45 -58.18 49.16
N LEU PC 313 -54.09 -59.43 48.88
CA LEU PC 313 -54.65 -60.59 49.57
C LEU PC 313 -53.52 -61.57 49.91
N ASN PC 314 -53.55 -62.12 51.13
CA ASN PC 314 -52.49 -63.03 51.55
C ASN PC 314 -52.99 -64.08 52.52
N LYS PC 315 -52.56 -65.33 52.30
CA LYS PC 315 -52.92 -66.47 53.15
C LYS PC 315 -51.71 -67.36 53.40
N SER PC 316 -51.58 -67.86 54.62
CA SER PC 316 -50.46 -68.75 54.92
C SER PC 316 -50.77 -69.77 56.01
N ASP PC 317 -50.21 -70.97 55.84
CA ASP PC 317 -50.32 -72.08 56.78
C ASP PC 317 -48.94 -72.56 57.19
N LEU PC 318 -48.73 -72.75 58.50
CA LEU PC 318 -47.46 -73.24 59.02
C LEU PC 318 -47.65 -74.31 60.08
N GLU PC 319 -46.94 -75.43 59.99
CA GLU PC 319 -47.06 -76.49 60.99
C GLU PC 319 -45.72 -77.18 61.23
N ARG PC 320 -45.37 -77.40 62.50
CA ARG PC 320 -44.17 -78.15 62.87
C ARG PC 320 -44.47 -79.09 64.02
N LEU PC 321 -43.91 -80.31 63.93
CA LEU PC 321 -44.18 -81.34 64.92
C LEU PC 321 -43.05 -82.37 65.03
N GLY PC 322 -42.87 -82.89 66.23
CA GLY PC 322 -41.89 -83.91 66.57
C GLY PC 322 -40.85 -83.50 67.60
N THR PC 323 -39.81 -84.32 67.70
CA THR PC 323 -38.80 -84.22 68.74
C THR PC 323 -37.38 -84.43 68.23
N SER PC 324 -36.42 -83.77 68.88
CA SER PC 324 -35.00 -83.89 68.62
C SER PC 324 -34.27 -84.41 69.85
N TRP PC 325 -33.34 -85.34 69.66
CA TRP PC 325 -32.58 -86.01 70.73
C TRP PC 325 -31.08 -85.75 70.59
N SER PC 326 -30.44 -85.42 71.72
CA SER PC 326 -29.02 -85.17 71.76
C SER PC 326 -28.53 -85.29 73.20
N GLY PC 327 -27.24 -85.52 73.37
CA GLY PC 327 -26.70 -85.59 74.72
C GLY PC 327 -25.40 -86.37 74.80
N SER PC 328 -24.84 -86.39 76.01
CA SER PC 328 -23.55 -87.03 76.27
C SER PC 328 -23.49 -87.56 77.70
N ILE PC 329 -22.89 -88.74 77.88
CA ILE PC 329 -22.79 -89.36 79.20
C ILE PC 329 -21.36 -89.87 79.45
N THR PC 330 -20.84 -89.52 80.62
CA THR PC 330 -19.62 -90.06 81.21
C THR PC 330 -19.88 -91.45 81.78
N ILE PC 331 -19.10 -92.45 81.37
CA ILE PC 331 -19.28 -93.83 81.79
C ILE PC 331 -18.05 -94.31 82.57
N GLY PC 332 -18.22 -94.43 83.89
CA GLY PC 332 -17.24 -94.97 84.81
C GLY PC 332 -15.84 -94.39 84.92
N ASP PC 333 -15.60 -93.21 84.37
CA ASP PC 333 -14.24 -92.71 84.23
C ASP PC 333 -13.46 -93.62 83.29
N LYS PC 334 -14.18 -94.15 82.32
CA LYS PC 334 -13.67 -95.07 81.32
C LYS PC 334 -13.88 -94.48 79.94
N LEU PC 335 -15.11 -94.09 79.61
CA LEU PC 335 -15.39 -93.59 78.28
C LEU PC 335 -16.38 -92.44 78.34
N GLY PC 336 -16.17 -91.47 77.45
CA GLY PC 336 -17.17 -90.46 77.18
C GLY PC 336 -17.89 -90.81 75.90
N VAL PC 337 -19.22 -90.79 75.94
CA VAL PC 337 -20.02 -91.14 74.77
C VAL PC 337 -20.99 -89.99 74.54
N SER PC 338 -21.24 -89.68 73.28
CA SER PC 338 -22.08 -88.55 72.97
C SER PC 338 -22.81 -88.80 71.66
N LEU PC 339 -24.02 -88.27 71.59
CA LEU PC 339 -24.89 -88.38 70.44
C LEU PC 339 -25.32 -87.01 69.95
N ASN PC 340 -25.10 -86.82 68.66
CA ASN PC 340 -25.50 -85.67 67.85
C ASN PC 340 -25.08 -84.32 68.42
N GLN PC 341 -24.02 -84.25 69.21
CA GLN PC 341 -23.44 -82.96 69.57
C GLN PC 341 -22.38 -82.62 68.52
N SER PC 342 -22.44 -81.40 68.00
CA SER PC 342 -21.55 -81.00 66.93
C SER PC 342 -20.16 -80.64 67.42
N SER PC 343 -20.00 -80.40 68.72
CA SER PC 343 -18.69 -80.41 69.35
C SER PC 343 -18.91 -80.67 70.83
N ILE PC 344 -18.38 -81.80 71.32
CA ILE PC 344 -18.98 -82.47 72.47
C ILE PC 344 -18.76 -81.63 73.72
N SER PC 345 -19.86 -81.17 74.31
CA SER PC 345 -19.79 -80.42 75.56
C SER PC 345 -19.27 -81.30 76.69
N THR PC 346 -19.46 -82.62 76.57
CA THR PC 346 -18.83 -83.58 77.46
C THR PC 346 -19.13 -83.25 78.92
N LEU PC 347 -20.43 -83.12 79.20
CA LEU PC 347 -20.92 -82.99 80.56
C LEU PC 347 -20.49 -84.19 81.40
N ASP PC 348 -20.01 -83.91 82.60
CA ASP PC 348 -19.70 -84.98 83.55
C ASP PC 348 -20.98 -85.51 84.19
N GLY PC 349 -20.92 -86.78 84.58
CA GLY PC 349 -22.09 -87.56 84.94
C GLY PC 349 -22.87 -87.99 83.70
N SER PC 350 -24.20 -87.93 83.78
CA SER PC 350 -25.02 -88.21 82.62
C SER PC 350 -26.33 -87.42 82.65
N ARG PC 351 -26.75 -86.93 81.48
CA ARG PC 351 -28.17 -86.71 81.18
C ARG PC 351 -28.33 -86.44 79.70
N PHE PC 352 -29.17 -87.22 79.02
CA PHE PC 352 -29.66 -86.87 77.70
C PHE PC 352 -30.89 -85.99 77.78
N ILE PC 353 -31.17 -85.27 76.68
CA ILE PC 353 -32.28 -84.34 76.61
C ILE PC 353 -33.04 -84.57 75.31
N ALA PC 354 -34.36 -84.61 75.40
CA ALA PC 354 -35.26 -84.62 74.26
C ALA PC 354 -36.03 -83.31 74.21
N ALA PC 355 -35.91 -82.59 73.10
CA ALA PC 355 -36.56 -81.29 72.94
C ALA PC 355 -37.76 -81.43 72.01
N VAL PC 356 -38.92 -80.99 72.49
CA VAL PC 356 -40.20 -81.20 71.84
C VAL PC 356 -40.78 -79.85 71.45
N ASN PC 357 -41.35 -79.77 70.26
CA ASN PC 357 -42.29 -78.70 69.95
C ASN PC 357 -43.39 -79.20 69.03
N ALA PC 358 -44.51 -78.48 69.08
CA ALA PC 358 -45.73 -78.86 68.36
C ALA PC 358 -46.51 -77.57 68.17
N LEU PC 359 -46.61 -77.08 66.94
CA LEU PC 359 -47.33 -75.84 66.71
C LEU PC 359 -47.95 -75.80 65.32
N GLU PC 360 -49.15 -75.23 65.26
CA GLU PC 360 -49.82 -74.93 64.00
C GLU PC 360 -50.33 -73.50 64.00
N GLU PC 361 -50.24 -72.84 62.85
CA GLU PC 361 -50.64 -71.45 62.68
C GLU PC 361 -51.31 -71.25 61.32
N LYS PC 362 -52.31 -70.37 61.31
CA LYS PC 362 -53.03 -69.97 60.11
C LYS PC 362 -53.16 -68.46 60.10
N LYS PC 363 -53.06 -67.86 58.91
CA LYS PC 363 -53.12 -66.41 58.81
C LYS PC 363 -53.76 -65.98 57.49
N GLN PC 364 -54.58 -64.93 57.56
CA GLN PC 364 -55.21 -64.33 56.39
C GLN PC 364 -55.30 -62.82 56.55
N ALA PC 365 -54.86 -62.08 55.51
CA ALA PC 365 -54.91 -60.62 55.49
C ALA PC 365 -55.49 -60.09 54.19
N THR PC 366 -56.32 -59.04 54.31
CA THR PC 366 -56.97 -58.37 53.19
C THR PC 366 -56.83 -56.86 53.29
N VAL PC 367 -56.35 -56.21 52.21
CA VAL PC 367 -56.17 -54.76 52.20
C VAL PC 367 -56.66 -54.16 50.89
N VAL PC 368 -57.39 -53.05 50.97
CA VAL PC 368 -57.90 -52.31 49.82
C VAL PC 368 -57.65 -50.82 50.02
N SER PC 369 -57.12 -50.16 48.98
CA SER PC 369 -56.85 -48.73 49.00
C SER PC 369 -57.33 -48.09 47.71
N ARG PC 370 -57.87 -46.88 47.79
CA ARG PC 370 -58.40 -46.20 46.61
C ARG PC 370 -58.27 -44.68 46.69
N PRO PC 371 -57.27 -44.09 46.05
CA PRO PC 371 -57.17 -42.63 45.95
C PRO PC 371 -58.01 -42.07 44.80
N VAL PC 372 -58.39 -40.80 44.93
CA VAL PC 372 -59.15 -40.07 43.92
C VAL PC 372 -58.52 -38.71 43.66
N LEU PC 373 -58.32 -38.36 42.38
CA LEU PC 373 -57.69 -37.10 41.99
C LEU PC 373 -58.43 -36.39 40.86
N LEU PC 374 -58.66 -35.08 41.03
CA LEU PC 374 -59.29 -34.22 40.04
C LEU PC 374 -58.28 -33.33 39.28
N THR PC 375 -58.35 -33.34 37.95
CA THR PC 375 -57.49 -32.49 37.13
C THR PC 375 -58.25 -32.05 35.90
N GLN PC 376 -57.77 -30.98 35.28
CA GLN PC 376 -58.20 -30.68 33.91
C GLN PC 376 -57.40 -31.50 32.90
N GLU PC 377 -57.94 -31.58 31.69
CA GLU PC 377 -57.24 -32.18 30.57
C GLU PC 377 -55.95 -31.43 30.24
N ASN PC 378 -54.96 -32.17 29.76
CA ASN PC 378 -53.65 -31.68 29.31
C ASN PC 378 -52.85 -31.04 30.42
N VAL PC 379 -53.29 -31.13 31.67
CA VAL PC 379 -52.62 -30.49 32.80
C VAL PC 379 -52.06 -31.60 33.68
N PRO PC 380 -50.77 -31.62 33.97
CA PRO PC 380 -50.24 -32.67 34.84
C PRO PC 380 -50.68 -32.47 36.29
N ALA PC 381 -50.75 -33.58 37.03
CA ALA PC 381 -51.16 -33.47 38.43
C ALA PC 381 -50.47 -34.55 39.25
N ILE PC 382 -50.41 -34.30 40.56
CA ILE PC 382 -49.75 -35.19 41.50
C ILE PC 382 -50.56 -35.34 42.78
N PHE PC 383 -50.53 -36.54 43.35
CA PHE PC 383 -51.14 -36.85 44.65
C PHE PC 383 -50.11 -37.59 45.48
N ASP PC 384 -49.92 -37.18 46.73
CA ASP PC 384 -48.86 -37.75 47.56
C ASP PC 384 -49.29 -37.85 49.02
N ASN PC 385 -49.30 -39.08 49.57
CA ASN PC 385 -49.84 -39.29 50.91
C ASN PC 385 -49.04 -40.32 51.70
N ASN PC 386 -48.98 -40.10 53.02
CA ASN PC 386 -48.36 -40.99 53.98
C ASN PC 386 -49.25 -41.08 55.22
N ARG PC 387 -49.27 -42.25 55.84
CA ARG PC 387 -49.99 -42.44 57.08
C ARG PC 387 -49.28 -43.50 57.92
N THR PC 388 -49.43 -43.38 59.24
CA THR PC 388 -48.84 -44.34 60.16
C THR PC 388 -49.92 -44.93 61.05
N PHE PC 389 -49.78 -46.22 61.35
CA PHE PC 389 -50.70 -46.94 62.21
C PHE PC 389 -49.95 -47.59 63.36
N TYR PC 390 -50.61 -47.66 64.50
CA TYR PC 390 -50.03 -48.08 65.77
C TYR PC 390 -50.85 -49.21 66.37
N THR PC 391 -50.15 -50.11 67.06
CA THR PC 391 -50.78 -51.11 67.89
C THR PC 391 -50.08 -51.09 69.24
N LYS PC 392 -50.86 -51.19 70.30
CA LYS PC 392 -50.34 -51.14 71.66
C LYS PC 392 -49.64 -52.44 72.03
N LEU PC 393 -48.62 -52.32 72.87
CA LEU PC 393 -48.19 -53.48 73.64
C LEU PC 393 -49.29 -53.87 74.62
N ILE PC 394 -49.22 -55.11 75.09
CA ILE PC 394 -50.34 -55.71 75.81
C ILE PC 394 -50.55 -54.99 77.13
N GLY PC 395 -51.75 -54.45 77.31
CA GLY PC 395 -52.08 -53.66 78.48
C GLY PC 395 -51.49 -52.26 78.53
N GLU PC 396 -52.10 -51.40 79.36
CA GLU PC 396 -51.61 -50.06 79.62
C GLU PC 396 -50.41 -50.06 80.56
N ARG PC 397 -50.14 -51.18 81.22
CA ARG PC 397 -49.03 -51.27 82.15
C ARG PC 397 -47.69 -51.04 81.47
N ASN PC 398 -47.59 -51.31 80.16
CA ASN PC 398 -46.51 -50.79 79.35
C ASN PC 398 -47.04 -49.83 78.29
N VAL PC 399 -46.40 -48.66 78.21
CA VAL PC 399 -46.79 -47.60 77.28
C VAL PC 399 -46.39 -47.86 75.84
N ALA PC 400 -45.55 -48.87 75.59
CA ALA PC 400 -44.93 -49.07 74.29
C ALA PC 400 -45.93 -49.35 73.17
N LEU PC 401 -45.49 -49.04 71.95
CA LEU PC 401 -46.25 -49.28 70.73
C LEU PC 401 -45.36 -49.93 69.68
N GLU PC 402 -46.01 -50.60 68.74
CA GLU PC 402 -45.41 -51.04 67.48
C GLU PC 402 -46.18 -50.42 66.32
N HIS PC 403 -45.47 -49.96 65.28
CA HIS PC 403 -46.11 -49.12 64.29
C HIS PC 403 -45.51 -49.29 62.90
N VAL PC 404 -46.34 -49.05 61.89
CA VAL PC 404 -45.98 -49.20 60.49
C VAL PC 404 -46.49 -48.02 59.68
N THR PC 405 -45.73 -47.65 58.66
CA THR PC 405 -46.07 -46.56 57.75
C THR PC 405 -46.42 -47.06 56.36
N TYR PC 406 -47.46 -46.47 55.77
CA TYR PC 406 -47.96 -46.80 54.45
C TYR PC 406 -48.00 -45.53 53.60
N GLY PC 407 -47.69 -45.65 52.32
CA GLY PC 407 -47.66 -44.44 51.51
C GLY PC 407 -47.82 -44.69 50.02
N THR PC 408 -48.25 -43.63 49.34
CA THR PC 408 -48.66 -43.67 47.95
C THR PC 408 -48.32 -42.39 47.22
N MET PC 409 -47.88 -42.52 45.97
CA MET PC 409 -47.63 -41.38 45.11
C MET PC 409 -48.17 -41.67 43.72
N ILE PC 410 -48.86 -40.69 43.12
CA ILE PC 410 -49.38 -40.79 41.77
C ILE PC 410 -49.05 -39.52 41.00
N ARG PC 411 -48.50 -39.68 39.79
CA ARG PC 411 -48.26 -38.57 38.87
C ARG PC 411 -48.94 -38.92 37.55
N VAL PC 412 -49.76 -38.02 37.02
CA VAL PC 412 -50.59 -38.35 35.86
C VAL PC 412 -50.74 -37.18 34.91
N LEU PC 413 -50.87 -37.53 33.63
CA LEU PC 413 -51.13 -36.60 32.52
C LEU PC 413 -52.24 -37.12 31.60
N PRO PC 414 -53.49 -36.63 31.76
CA PRO PC 414 -54.63 -37.08 30.95
C PRO PC 414 -54.91 -36.34 29.64
N ARG PC 415 -55.34 -37.11 28.66
CA ARG PC 415 -55.64 -36.69 27.28
C ARG PC 415 -56.98 -37.25 26.80
N PHE PC 416 -57.81 -36.40 26.20
CA PHE PC 416 -59.08 -36.82 25.60
C PHE PC 416 -58.92 -37.28 24.17
N SER PC 417 -59.33 -38.52 23.91
CA SER PC 417 -59.42 -39.07 22.57
C SER PC 417 -60.55 -38.39 21.79
N ALA PC 418 -60.48 -38.49 20.47
CA ALA PC 418 -61.61 -38.12 19.63
C ALA PC 418 -62.79 -39.08 19.81
N ASP PC 419 -62.54 -40.31 20.23
CA ASP PC 419 -63.59 -41.31 20.36
C ASP PC 419 -64.24 -41.34 21.73
N GLY PC 420 -63.98 -40.33 22.56
CA GLY PC 420 -64.44 -40.35 23.93
C GLY PC 420 -63.65 -41.26 24.85
N GLN PC 421 -62.63 -41.93 24.32
CA GLN PC 421 -61.66 -42.61 25.14
C GLN PC 421 -60.76 -41.59 25.85
N ILE PC 422 -60.18 -42.02 26.97
CA ILE PC 422 -59.23 -41.21 27.73
C ILE PC 422 -57.91 -41.95 27.78
N GLU PC 423 -56.82 -41.20 27.64
CA GLU PC 423 -55.47 -41.71 27.62
C GLU PC 423 -54.67 -41.04 28.74
N MET PC 424 -53.83 -41.79 29.43
CA MET PC 424 -53.11 -41.25 30.57
C MET PC 424 -51.67 -41.72 30.55
N SER PC 425 -50.76 -40.81 30.84
CA SER PC 425 -49.39 -41.18 31.19
C SER PC 425 -49.24 -41.21 32.70
N LEU PC 426 -48.72 -42.32 33.24
CA LEU PC 426 -48.84 -42.65 34.66
C LEU PC 426 -47.48 -43.04 35.24
N ASP PC 427 -47.14 -42.46 36.37
CA ASP PC 427 -46.17 -43.01 37.32
C ASP PC 427 -46.84 -43.28 38.65
N ILE PC 428 -46.68 -44.48 39.20
CA ILE PC 428 -47.34 -44.86 40.43
C ILE PC 428 -46.35 -45.58 41.35
N GLU PC 429 -46.39 -45.25 42.64
CA GLU PC 429 -45.58 -45.97 43.62
C GLU PC 429 -46.34 -46.16 44.91
N ASP PC 430 -46.23 -47.34 45.51
CA ASP PC 430 -46.94 -47.58 46.77
C ASP PC 430 -46.27 -48.67 47.60
N GLY PC 431 -46.40 -48.54 48.92
CA GLY PC 431 -46.00 -49.62 49.79
C GLY PC 431 -45.74 -49.16 51.22
N ASN PC 432 -45.21 -50.10 51.99
CA ASN PC 432 -44.58 -49.83 53.28
C ASN PC 432 -43.10 -49.49 53.14
N ASP PC 433 -42.63 -48.63 54.04
CA ASP PC 433 -41.21 -48.37 54.16
C ASP PC 433 -40.50 -49.52 54.85
N LYS PC 434 -39.47 -50.05 54.19
CA LYS PC 434 -38.77 -51.24 54.65
C LYS PC 434 -38.08 -50.99 55.99
N THR PC 435 -38.45 -51.77 57.00
CA THR PC 435 -37.89 -51.60 58.35
C THR PC 435 -37.14 -52.88 58.69
N PRO PC 436 -35.83 -52.83 58.82
CA PRO PC 436 -35.05 -54.06 59.07
C PRO PC 436 -34.97 -54.48 60.54
N GLN PC 437 -35.08 -53.51 61.44
CA GLN PC 437 -34.50 -53.65 62.78
C GLN PC 437 -35.45 -54.36 63.75
N SER PC 438 -35.42 -55.69 63.67
CA SER PC 438 -35.80 -56.56 64.78
C SER PC 438 -37.29 -56.49 65.11
N ASP PC 439 -38.12 -56.39 64.08
CA ASP PC 439 -39.54 -56.16 64.33
C ASP PC 439 -40.09 -57.27 65.24
N THR PC 440 -41.15 -56.93 65.95
CA THR PC 440 -41.76 -57.87 66.90
C THR PC 440 -42.71 -58.82 66.18
N THR PC 441 -42.82 -60.03 66.72
CA THR PC 441 -43.81 -60.98 66.20
C THR PC 441 -45.21 -60.40 66.26
N THR PC 442 -45.55 -59.75 67.37
CA THR PC 442 -46.85 -59.10 67.50
C THR PC 442 -47.07 -58.04 66.44
N SER PC 443 -46.00 -57.36 66.03
CA SER PC 443 -46.12 -56.33 65.01
C SER PC 443 -46.60 -56.91 63.69
N VAL PC 444 -45.91 -57.93 63.18
CA VAL PC 444 -46.31 -58.52 61.91
C VAL PC 444 -47.60 -59.31 62.03
N ASP PC 445 -47.95 -59.78 63.22
CA ASP PC 445 -49.28 -60.33 63.42
C ASP PC 445 -50.36 -59.25 63.28
N ALA PC 446 -50.09 -58.06 63.79
CA ALA PC 446 -51.09 -56.99 63.75
C ALA PC 446 -51.21 -56.32 62.39
N LEU PC 447 -50.11 -55.78 61.86
CA LEU PC 447 -50.15 -54.99 60.63
C LEU PC 447 -49.56 -55.72 59.44
N PRO PC 448 -50.34 -55.98 58.39
CA PRO PC 448 -49.82 -56.67 57.20
C PRO PC 448 -48.63 -55.98 56.56
N GLU PC 449 -47.80 -56.78 55.91
CA GLU PC 449 -46.75 -56.29 55.01
C GLU PC 449 -47.29 -56.16 53.60
N VAL PC 450 -46.85 -55.12 52.90
CA VAL PC 450 -47.06 -55.01 51.46
C VAL PC 450 -45.80 -54.49 50.76
N GLY PC 451 -45.53 -55.06 49.59
CA GLY PC 451 -44.30 -54.75 48.87
C GLY PC 451 -44.29 -53.36 48.29
N ARG PC 452 -43.09 -52.82 48.12
CA ARG PC 452 -42.83 -51.44 47.71
C ARG PC 452 -42.92 -51.26 46.20
N THR PC 453 -44.06 -51.64 45.62
CA THR PC 453 -44.20 -51.73 44.17
C THR PC 453 -44.14 -50.36 43.47
N LEU PC 454 -43.46 -50.35 42.32
CA LEU PC 454 -43.32 -49.16 41.48
C LEU PC 454 -43.62 -49.48 40.02
N ILE PC 455 -44.46 -48.66 39.38
CA ILE PC 455 -44.93 -48.88 38.01
C ILE PC 455 -44.86 -47.59 37.21
N SER PC 456 -44.55 -47.72 35.92
CA SER PC 456 -44.43 -46.56 35.02
C SER PC 456 -44.89 -46.92 33.62
N THR PC 457 -46.02 -46.38 33.16
CA THR PC 457 -46.54 -46.81 31.86
C THR PC 457 -47.59 -45.82 31.33
N ILE PC 458 -48.15 -46.16 30.16
CA ILE PC 458 -49.18 -45.39 29.47
C ILE PC 458 -50.37 -46.29 29.14
N ALA PC 459 -51.59 -45.78 29.36
CA ALA PC 459 -52.78 -46.58 29.11
C ALA PC 459 -53.92 -45.72 28.57
N ARG PC 460 -54.74 -46.33 27.72
CA ARG PC 460 -55.94 -45.75 27.12
C ARG PC 460 -57.13 -46.64 27.41
N VAL PC 461 -58.27 -46.04 27.80
CA VAL PC 461 -59.45 -46.84 28.11
C VAL PC 461 -60.70 -46.10 27.65
N PRO PC 462 -61.71 -46.86 27.21
CA PRO PC 462 -63.03 -46.28 26.99
C PRO PC 462 -63.64 -45.68 28.24
N HIS PC 463 -64.31 -44.55 28.05
CA HIS PC 463 -64.83 -43.77 29.16
C HIS PC 463 -65.73 -44.60 30.07
N GLY PC 464 -65.47 -44.53 31.37
CA GLY PC 464 -66.27 -45.24 32.36
C GLY PC 464 -65.99 -46.71 32.50
N LYS PC 465 -65.16 -47.28 31.65
CA LYS PC 465 -64.65 -48.63 31.84
C LYS PC 465 -63.41 -48.55 32.74
N SER PC 466 -62.76 -49.70 32.95
CA SER PC 466 -61.61 -49.75 33.83
C SER PC 466 -60.63 -50.79 33.30
N LEU PC 467 -59.37 -50.66 33.70
CA LEU PC 467 -58.35 -51.60 33.25
C LEU PC 467 -57.46 -52.02 34.40
N LEU PC 468 -56.89 -53.22 34.29
CA LEU PC 468 -55.81 -53.66 35.16
C LEU PC 468 -54.48 -53.22 34.57
N VAL PC 469 -53.82 -52.26 35.24
CA VAL PC 469 -52.54 -51.79 34.73
C VAL PC 469 -51.40 -52.73 35.10
N GLY PC 470 -51.53 -53.50 36.17
CA GLY PC 470 -50.52 -54.48 36.49
C GLY PC 470 -50.88 -55.25 37.74
N GLY PC 471 -50.14 -56.32 37.95
CA GLY PC 471 -50.37 -57.16 39.11
C GLY PC 471 -49.27 -58.19 39.26
N TYR PC 472 -49.34 -58.90 40.38
CA TYR PC 472 -48.34 -59.87 40.77
C TYR PC 472 -49.01 -60.96 41.60
N THR PC 473 -48.55 -62.19 41.45
CA THR PC 473 -48.98 -63.27 42.32
C THR PC 473 -47.80 -64.16 42.67
N ARG PC 474 -47.82 -64.70 43.88
CA ARG PC 474 -46.83 -65.69 44.28
C ARG PC 474 -47.50 -66.82 45.05
N ASP PC 475 -47.10 -68.05 44.75
CA ASP PC 475 -47.56 -69.24 45.44
C ASP PC 475 -46.38 -70.13 45.76
N ALA PC 476 -46.31 -70.64 46.99
CA ALA PC 476 -45.15 -71.41 47.39
C ALA PC 476 -45.50 -72.41 48.47
N ASN PC 477 -44.68 -73.45 48.55
CA ASN PC 477 -44.85 -74.56 49.47
C ASN PC 477 -43.49 -75.14 49.82
N THR PC 478 -43.34 -75.60 51.06
CA THR PC 478 -42.16 -76.39 51.39
C THR PC 478 -42.44 -77.39 52.51
N ASP PC 479 -41.69 -78.49 52.51
CA ASP PC 479 -41.93 -79.62 53.39
C ASP PC 479 -40.62 -80.34 53.69
N THR PC 480 -40.43 -80.75 54.95
CA THR PC 480 -39.17 -81.38 55.31
C THR PC 480 -39.31 -82.22 56.59
N VAL PC 481 -38.40 -83.21 56.72
CA VAL PC 481 -38.49 -84.21 57.78
C VAL PC 481 -37.09 -84.71 58.16
N GLN PC 482 -36.93 -85.05 59.44
CA GLN PC 482 -35.68 -85.55 60.03
C GLN PC 482 -35.97 -86.76 60.90
N SER PC 483 -35.04 -87.71 60.94
CA SER PC 483 -35.21 -88.85 61.84
C SER PC 483 -33.90 -89.54 62.15
N ILE PC 484 -33.91 -90.29 63.25
CA ILE PC 484 -32.87 -91.25 63.63
C ILE PC 484 -32.99 -92.49 62.78
N PRO PC 485 -31.95 -92.91 62.05
CA PRO PC 485 -32.12 -93.89 60.98
C PRO PC 485 -32.92 -95.15 61.32
N PHE PC 486 -32.48 -95.95 62.29
CA PHE PC 486 -33.12 -97.22 62.55
C PHE PC 486 -34.31 -97.12 63.49
N LEU PC 487 -34.25 -96.24 64.48
CA LEU PC 487 -35.35 -96.15 65.43
C LEU PC 487 -36.55 -95.44 64.82
N GLY PC 488 -36.31 -94.56 63.85
CA GLY PC 488 -37.40 -93.86 63.19
C GLY PC 488 -38.40 -94.77 62.52
N LYS PC 489 -38.12 -96.07 62.41
CA LYS PC 489 -39.02 -97.01 61.77
C LYS PC 489 -39.55 -98.09 62.71
N LEU PC 490 -39.33 -97.95 64.01
CA LEU PC 490 -39.91 -98.92 64.94
C LEU PC 490 -41.44 -98.80 64.88
N PRO PC 491 -42.15 -99.93 64.87
CA PRO PC 491 -43.61 -99.88 64.64
C PRO PC 491 -44.40 -99.05 65.64
N LEU PC 492 -44.14 -99.20 66.93
CA LEU PC 492 -44.93 -98.51 67.94
C LEU PC 492 -44.34 -97.19 68.42
N ILE PC 493 -43.03 -97.01 68.34
CA ILE PC 493 -42.40 -95.81 68.89
C ILE PC 493 -41.63 -95.00 67.85
N GLY PC 494 -41.52 -95.50 66.62
CA GLY PC 494 -40.76 -94.77 65.61
C GLY PC 494 -41.15 -93.30 65.54
N SER PC 495 -42.43 -93.01 65.69
CA SER PC 495 -42.95 -91.65 65.66
C SER PC 495 -42.36 -90.74 66.74
N LEU PC 496 -41.80 -91.28 67.82
CA LEU PC 496 -41.09 -90.44 68.79
C LEU PC 496 -39.77 -89.92 68.27
N PHE PC 497 -39.24 -90.50 67.20
CA PHE PC 497 -37.91 -90.18 66.69
C PHE PC 497 -37.94 -89.47 65.34
N ARG PC 498 -39.07 -88.87 64.96
CA ARG PC 498 -39.16 -88.11 63.73
C ARG PC 498 -39.55 -86.67 64.05
N TYR PC 499 -39.11 -85.77 63.18
CA TYR PC 499 -39.54 -84.37 63.17
C TYR PC 499 -39.87 -83.91 61.76
N SER PC 500 -40.87 -83.04 61.64
CA SER PC 500 -41.38 -82.62 60.34
C SER PC 500 -41.94 -81.21 60.40
N SER PC 501 -41.96 -80.56 59.24
CA SER PC 501 -42.46 -79.19 59.12
C SER PC 501 -43.02 -78.95 57.71
N LYS PC 502 -44.07 -78.13 57.64
CA LYS PC 502 -44.74 -77.78 56.40
C LYS PC 502 -45.14 -76.31 56.37
N ASN PC 503 -45.01 -75.70 55.19
CA ASN PC 503 -45.38 -74.30 54.99
C ASN PC 503 -46.07 -74.14 53.64
N LYS PC 504 -47.01 -73.20 53.59
CA LYS PC 504 -47.70 -72.84 52.35
C LYS PC 504 -48.09 -71.37 52.38
N SER PC 505 -48.01 -70.71 51.23
CA SER PC 505 -48.25 -69.28 51.12
C SER PC 505 -48.81 -68.87 49.76
N ASN PC 506 -49.81 -67.98 49.77
CA ASN PC 506 -50.50 -67.46 48.58
C ASN PC 506 -50.66 -65.95 48.69
N VAL PC 507 -50.22 -65.22 47.66
CA VAL PC 507 -50.21 -63.76 47.65
C VAL PC 507 -50.68 -63.22 46.31
N VAL PC 508 -51.58 -62.22 46.36
CA VAL PC 508 -52.15 -61.54 45.19
C VAL PC 508 -52.13 -60.03 45.37
N ARG PC 509 -51.60 -59.31 44.38
CA ARG PC 509 -51.58 -57.84 44.39
C ARG PC 509 -51.95 -57.29 43.02
N VAL PC 510 -52.89 -56.34 42.96
CA VAL PC 510 -53.37 -55.79 41.69
C VAL PC 510 -53.62 -54.28 41.76
N PHE PC 511 -53.43 -53.61 40.61
CA PHE PC 511 -53.65 -52.19 40.40
C PHE PC 511 -54.61 -51.97 39.24
N MET PC 512 -55.72 -51.26 39.45
CA MET PC 512 -56.71 -51.03 38.41
C MET PC 512 -57.14 -49.57 38.36
N ILE PC 513 -57.27 -49.04 37.14
CA ILE PC 513 -57.52 -47.63 36.88
C ILE PC 513 -58.91 -47.40 36.29
N GLU PC 514 -59.54 -46.30 36.69
CA GLU PC 514 -60.94 -46.01 36.36
C GLU PC 514 -61.20 -44.50 36.25
N PRO PC 515 -60.98 -43.91 35.07
CA PRO PC 515 -61.30 -42.49 34.86
C PRO PC 515 -62.77 -42.17 34.63
N LYS PC 516 -63.20 -40.98 35.10
CA LYS PC 516 -64.55 -40.46 34.96
C LYS PC 516 -64.51 -39.00 34.52
N GLU PC 517 -65.29 -38.62 33.50
CA GLU PC 517 -65.46 -37.22 33.18
C GLU PC 517 -66.40 -36.55 34.17
N ILE PC 518 -66.00 -35.39 34.69
CA ILE PC 518 -66.78 -34.62 35.67
C ILE PC 518 -67.34 -33.35 35.03
N VAL PC 519 -68.66 -33.18 35.13
CA VAL PC 519 -69.34 -32.03 34.54
C VAL PC 519 -70.15 -31.22 35.54
N ASP PC 520 -70.58 -31.84 36.65
CA ASP PC 520 -71.47 -31.18 37.60
C ASP PC 520 -70.86 -31.07 39.00
N PRO PC 521 -71.10 -29.97 39.70
CA PRO PC 521 -70.65 -29.87 41.10
C PRO PC 521 -71.36 -30.86 42.01
N LEU PC 522 -70.83 -30.92 43.24
CA LEU PC 522 -71.41 -31.73 44.30
C LEU PC 522 -72.84 -31.35 44.62
N THR PC 523 -73.60 -32.35 45.11
CA THR PC 523 -74.98 -32.24 45.56
C THR PC 523 -75.28 -33.33 46.58
N PRO PC 524 -75.59 -33.01 47.85
CA PRO PC 524 -75.59 -31.74 48.58
C PRO PC 524 -74.28 -30.98 48.58
N ASP PC 525 -74.37 -29.68 48.84
CA ASP PC 525 -73.19 -28.87 49.03
C ASP PC 525 -72.31 -29.33 50.20
N ALA PC 526 -71.02 -29.06 50.05
CA ALA PC 526 -70.02 -29.39 51.05
C ALA PC 526 -70.45 -28.96 52.44
N SER PC 527 -70.85 -27.68 52.59
CA SER PC 527 -71.28 -27.19 53.89
C SER PC 527 -72.43 -28.00 54.46
N GLU PC 528 -73.34 -28.45 53.62
CA GLU PC 528 -74.46 -29.25 54.09
C GLU PC 528 -73.97 -30.56 54.69
N SER PC 529 -73.18 -31.31 53.92
CA SER PC 529 -72.70 -32.58 54.47
C SER PC 529 -71.82 -32.37 55.69
N VAL PC 530 -70.96 -31.36 55.66
CA VAL PC 530 -70.13 -31.04 56.83
C VAL PC 530 -70.97 -30.81 58.07
N ASN PC 531 -72.01 -29.98 57.94
CA ASN PC 531 -72.84 -29.67 59.10
C ASN PC 531 -73.54 -30.93 59.62
N ASN PC 532 -74.01 -31.78 58.71
CA ASN PC 532 -74.65 -33.01 59.17
C ASN PC 532 -73.66 -33.86 59.95
N ILE PC 533 -72.45 -33.99 59.43
CA ILE PC 533 -71.45 -34.80 60.12
C ILE PC 533 -71.15 -34.22 61.50
N LEU PC 534 -70.91 -32.91 61.57
CA LEU PC 534 -70.64 -32.28 62.86
C LEU PC 534 -71.72 -32.56 63.88
N LYS PC 535 -72.98 -32.45 63.48
CA LYS PC 535 -74.05 -32.65 64.46
C LYS PC 535 -74.21 -34.12 64.83
N GLN PC 536 -74.22 -35.01 63.86
CA GLN PC 536 -74.34 -36.43 64.19
C GLN PC 536 -73.16 -36.88 65.04
N SER PC 537 -71.99 -36.27 64.88
CA SER PC 537 -70.81 -36.56 65.68
C SER PC 537 -70.77 -35.82 67.00
N GLY PC 538 -71.65 -34.87 67.26
CA GLY PC 538 -71.59 -34.10 68.48
C GLY PC 538 -70.47 -33.10 68.54
N ALA PC 539 -69.67 -32.98 67.48
CA ALA PC 539 -68.61 -31.99 67.45
C ALA PC 539 -69.19 -30.58 67.34
N TRP PC 540 -70.41 -30.48 66.81
CA TRP PC 540 -71.06 -29.18 66.66
C TRP PC 540 -71.01 -28.37 67.94
N SER PC 541 -70.71 -27.08 67.76
CA SER PC 541 -70.58 -26.15 68.88
C SER PC 541 -71.14 -24.77 68.59
N GLY PC 542 -71.95 -24.60 67.55
CA GLY PC 542 -72.49 -23.29 67.26
C GLY PC 542 -73.51 -22.84 68.28
N ASP PC 543 -73.89 -23.74 69.18
CA ASP PC 543 -74.73 -23.43 70.31
C ASP PC 543 -74.03 -22.48 71.28
N ASP PC 544 -72.71 -22.36 71.17
CA ASP PC 544 -71.95 -21.55 72.12
C ASP PC 544 -72.42 -20.11 72.18
N LYS PC 545 -72.66 -19.65 73.41
CA LYS PC 545 -73.11 -18.29 73.66
C LYS PC 545 -72.17 -17.25 73.08
N LEU PC 546 -70.88 -17.56 72.96
CA LEU PC 546 -69.88 -16.58 72.61
C LEU PC 546 -69.33 -16.66 71.20
N GLN PC 547 -68.93 -17.84 70.73
CA GLN PC 547 -68.32 -17.92 69.41
C GLN PC 547 -69.26 -17.51 68.28
N LYS PC 548 -70.56 -17.45 68.53
CA LYS PC 548 -71.52 -16.99 67.53
C LYS PC 548 -71.13 -15.65 66.94
N TRP PC 549 -70.61 -14.74 67.78
CA TRP PC 549 -70.28 -13.38 67.35
C TRP PC 549 -69.29 -13.34 66.22
N VAL PC 550 -68.53 -14.41 66.01
CA VAL PC 550 -67.53 -14.47 64.95
C VAL PC 550 -67.91 -15.49 63.91
N ARG PC 551 -68.37 -16.66 64.34
CA ARG PC 551 -68.76 -17.68 63.39
C ARG PC 551 -69.82 -17.15 62.44
N VAL PC 552 -70.60 -16.16 62.86
CA VAL PC 552 -71.57 -15.56 61.95
C VAL PC 552 -70.89 -15.11 60.64
N TYR PC 553 -69.80 -14.36 60.74
CA TYR PC 553 -69.11 -13.89 59.53
C TYR PC 553 -68.74 -15.02 58.58
N LEU PC 554 -68.36 -16.17 59.10
CA LEU PC 554 -67.91 -17.26 58.23
C LEU PC 554 -69.09 -18.06 57.69
N ASP PC 555 -70.04 -18.39 58.55
CA ASP PC 555 -71.17 -19.23 58.16
C ASP PC 555 -72.22 -18.43 57.41
N ARG PC 556 -72.42 -17.17 57.79
CA ARG PC 556 -73.45 -16.38 57.13
C ARG PC 556 -73.03 -16.04 55.70
N GLY PC 557 -71.75 -15.78 55.48
CA GLY PC 557 -71.23 -15.45 54.17
C GLY PC 557 -71.57 -14.03 53.75
N GLU QC 26 -42.14 84.20 -31.76
CA GLU QC 26 -41.89 83.13 -30.81
C GLU QC 26 -41.52 81.87 -31.57
N LYS QC 27 -40.76 80.99 -30.92
CA LYS QC 27 -40.45 79.71 -31.56
C LYS QC 27 -41.66 78.77 -31.56
N ILE QC 28 -42.34 78.63 -30.43
CA ILE QC 28 -43.52 77.76 -30.40
C ILE QC 28 -44.81 78.57 -30.36
N PRO QC 29 -45.45 78.84 -31.50
CA PRO QC 29 -46.70 79.60 -31.49
C PRO QC 29 -47.94 78.79 -31.11
N VAL QC 30 -47.84 77.47 -30.99
CA VAL QC 30 -49.01 76.63 -30.75
C VAL QC 30 -49.55 76.82 -29.34
N THR QC 31 -50.83 77.17 -29.24
CA THR QC 31 -51.53 77.36 -27.98
C THR QC 31 -52.06 76.04 -27.42
N GLY QC 32 -52.47 76.07 -26.15
CA GLY QC 32 -52.92 74.89 -25.42
C GLY QC 32 -51.88 74.12 -24.64
N SER QC 33 -52.02 72.80 -24.54
CA SER QC 33 -50.99 71.94 -23.98
C SER QC 33 -51.06 70.53 -24.55
N GLY QC 34 -49.90 69.93 -24.75
CA GLY QC 34 -49.86 68.55 -25.22
C GLY QC 34 -48.47 68.18 -25.70
N PHE QC 35 -48.40 67.05 -26.39
CA PHE QC 35 -47.18 66.54 -26.99
C PHE QC 35 -47.43 66.23 -28.46
N VAL QC 36 -46.60 66.74 -29.35
CA VAL QC 36 -46.75 66.51 -30.77
C VAL QC 36 -45.62 65.60 -31.23
N ALA QC 37 -45.96 64.39 -31.63
CA ALA QC 37 -44.99 63.36 -32.00
C ALA QC 37 -45.02 63.16 -33.50
N LYS QC 38 -43.84 63.07 -34.12
CA LYS QC 38 -43.74 62.75 -35.54
C LYS QC 38 -42.73 61.63 -35.74
N ASP QC 39 -43.24 60.42 -35.98
CA ASP QC 39 -42.39 59.25 -36.21
C ASP QC 39 -41.39 59.02 -35.09
N ASP QC 40 -41.81 59.31 -33.85
CA ASP QC 40 -40.90 59.16 -32.72
C ASP QC 40 -40.86 57.70 -32.28
N SER QC 41 -39.66 57.24 -31.94
CA SER QC 41 -39.54 55.94 -31.30
C SER QC 41 -40.28 55.92 -29.97
N LEU QC 42 -40.77 54.74 -29.60
CA LEU QC 42 -41.38 54.59 -28.29
C LEU QC 42 -40.41 54.94 -27.17
N ARG QC 43 -39.11 54.78 -27.39
CA ARG QC 43 -38.12 55.24 -26.41
C ARG QC 43 -38.30 56.72 -26.10
N THR QC 44 -38.48 57.54 -27.13
CA THR QC 44 -38.70 58.97 -26.96
C THR QC 44 -40.09 59.27 -26.40
N PHE QC 45 -41.11 58.64 -26.97
CA PHE QC 45 -42.46 58.97 -26.56
C PHE QC 45 -42.69 58.68 -25.09
N PHE QC 46 -42.37 57.48 -24.64
CA PHE QC 46 -42.62 57.21 -23.23
C PHE QC 46 -41.66 57.91 -22.30
N ASP QC 47 -40.64 58.60 -22.81
CA ASP QC 47 -39.87 59.50 -21.97
C ASP QC 47 -40.56 60.84 -21.81
N ALA QC 48 -41.23 61.31 -22.86
CA ALA QC 48 -41.98 62.55 -22.74
C ALA QC 48 -43.13 62.47 -21.74
N MET QC 49 -43.61 61.28 -21.42
CA MET QC 49 -44.69 61.05 -20.48
C MET QC 49 -44.22 60.88 -19.04
N ALA QC 50 -42.91 60.89 -18.81
CA ALA QC 50 -42.36 60.57 -17.51
C ALA QC 50 -42.61 61.66 -16.48
N LEU QC 51 -42.46 62.93 -16.83
CA LEU QC 51 -42.74 63.98 -15.86
C LEU QC 51 -44.15 63.88 -15.28
N GLN QC 52 -45.13 63.50 -16.09
CA GLN QC 52 -46.49 63.28 -15.59
C GLN QC 52 -46.58 62.03 -14.73
N LEU QC 53 -46.02 60.92 -15.21
CA LEU QC 53 -46.00 59.71 -14.40
C LEU QC 53 -45.26 59.91 -13.07
N LYS QC 54 -44.31 60.84 -13.03
CA LYS QC 54 -43.44 61.10 -11.89
C LYS QC 54 -42.49 59.95 -11.57
N GLU QC 55 -42.24 59.06 -12.53
CA GLU QC 55 -41.39 57.90 -12.32
C GLU QC 55 -40.54 57.74 -13.56
N PRO QC 56 -39.28 57.35 -13.44
CA PRO QC 56 -38.49 57.06 -14.64
C PRO QC 56 -39.07 55.88 -15.41
N VAL QC 57 -38.86 55.89 -16.72
CA VAL QC 57 -39.41 54.89 -17.64
C VAL QC 57 -38.28 54.19 -18.37
N ILE QC 58 -38.35 52.86 -18.44
CA ILE QC 58 -37.35 52.02 -19.10
C ILE QC 58 -38.04 51.20 -20.18
N VAL QC 59 -37.59 51.36 -21.42
CA VAL QC 59 -38.16 50.66 -22.58
C VAL QC 59 -37.17 49.65 -23.12
N SER QC 60 -37.61 48.41 -23.24
CA SER QC 60 -36.82 47.34 -23.84
C SER QC 60 -36.46 47.63 -25.29
N LYS QC 61 -35.31 47.10 -25.70
CA LYS QC 61 -34.81 47.28 -27.06
C LYS QC 61 -35.81 46.89 -28.14
N MET QC 62 -36.44 45.73 -28.00
CA MET QC 62 -37.42 45.30 -29.00
C MET QC 62 -38.59 46.26 -29.09
N ALA QC 63 -39.15 46.66 -27.95
CA ALA QC 63 -40.26 47.61 -27.94
C ALA QC 63 -39.87 48.95 -28.52
N ALA QC 64 -38.59 49.33 -28.45
CA ALA QC 64 -38.17 50.60 -29.00
C ALA QC 64 -38.16 50.68 -30.53
N ARG QC 65 -38.46 49.61 -31.24
CA ARG QC 65 -38.48 49.68 -32.70
C ARG QC 65 -39.79 50.22 -33.29
N LYS QC 66 -40.87 50.24 -32.52
CA LYS QC 66 -42.15 50.76 -32.99
C LYS QC 66 -42.17 52.29 -33.05
N LYS QC 67 -42.98 52.80 -33.96
CA LYS QC 67 -43.11 54.24 -34.21
C LYS QC 67 -44.54 54.69 -33.97
N ILE QC 68 -44.71 55.92 -33.46
CA ILE QC 68 -46.02 56.50 -33.20
C ILE QC 68 -46.05 57.95 -33.65
N THR QC 69 -47.21 58.35 -34.19
CA THR QC 69 -47.45 59.70 -34.70
C THR QC 69 -48.82 60.22 -34.29
N GLY QC 70 -48.92 61.50 -33.99
CA GLY QC 70 -50.19 62.08 -33.61
C GLY QC 70 -50.04 63.21 -32.61
N ASN QC 71 -51.11 63.44 -31.85
CA ASN QC 71 -51.18 64.54 -30.88
C ASN QC 71 -51.83 64.11 -29.57
N PHE QC 72 -51.04 63.98 -28.50
CA PHE QC 72 -51.46 63.35 -27.24
C PHE QC 72 -51.43 64.31 -26.06
N GLU QC 73 -52.37 64.09 -25.12
CA GLU QC 73 -52.56 64.85 -23.88
C GLU QC 73 -51.76 64.40 -22.65
N PHE QC 74 -51.72 63.11 -22.36
CA PHE QC 74 -51.13 62.59 -21.12
C PHE QC 74 -51.83 63.08 -19.86
N HIS QC 75 -53.10 63.46 -19.94
CA HIS QC 75 -53.79 63.97 -18.75
C HIS QC 75 -53.78 62.96 -17.60
N ASP QC 76 -54.31 61.78 -17.83
CA ASP QC 76 -54.33 60.70 -16.84
C ASP QC 76 -53.42 59.58 -17.33
N PRO QC 77 -52.13 59.71 -17.06
CA PRO QC 77 -51.16 58.75 -17.63
C PRO QC 77 -51.42 57.30 -17.28
N ASN QC 78 -51.78 56.96 -16.05
CA ASN QC 78 -51.96 55.55 -15.74
C ASN QC 78 -53.05 54.91 -16.59
N ALA QC 79 -54.14 55.62 -16.84
CA ALA QC 79 -55.17 55.09 -17.74
C ALA QC 79 -54.68 55.04 -19.17
N LEU QC 80 -54.14 56.14 -19.67
CA LEU QC 80 -53.65 56.18 -21.04
C LEU QC 80 -52.65 55.07 -21.31
N LEU QC 81 -51.67 54.90 -20.43
CA LEU QC 81 -50.67 53.84 -20.58
C LEU QC 81 -51.31 52.46 -20.74
N GLU QC 82 -52.34 52.16 -19.96
CA GLU QC 82 -53.02 50.88 -20.13
C GLU QC 82 -53.67 50.79 -21.50
N LYS QC 83 -54.47 51.78 -21.86
CA LYS QC 83 -55.10 51.74 -23.17
C LYS QC 83 -54.08 51.51 -24.28
N LEU QC 84 -53.03 52.31 -24.34
CA LEU QC 84 -52.01 52.13 -25.37
C LEU QC 84 -51.37 50.75 -25.34
N SER QC 85 -51.17 50.17 -24.15
CA SER QC 85 -50.58 48.85 -24.10
C SER QC 85 -51.33 47.84 -24.95
N LEU QC 86 -52.64 47.84 -24.89
CA LEU QC 86 -53.40 46.83 -25.62
C LEU QC 86 -53.50 47.11 -27.10
N GLN QC 87 -53.37 48.36 -27.51
CA GLN QC 87 -53.37 48.68 -28.93
C GLN QC 87 -52.03 48.34 -29.57
N LEU QC 88 -50.94 48.67 -28.91
CA LEU QC 88 -49.60 48.43 -29.46
C LEU QC 88 -49.08 47.01 -29.20
N GLY QC 89 -49.63 46.28 -28.24
CA GLY QC 89 -49.14 44.97 -27.87
C GLY QC 89 -47.98 44.93 -26.91
N LEU QC 90 -47.93 45.87 -25.99
CA LEU QC 90 -46.91 46.03 -24.97
C LEU QC 90 -47.39 45.41 -23.67
N ILE QC 91 -46.46 45.13 -22.79
CA ILE QC 91 -46.75 44.70 -21.43
C ILE QC 91 -45.88 45.56 -20.54
N TRP QC 92 -46.36 45.86 -19.34
CA TRP QC 92 -45.63 46.75 -18.46
C TRP QC 92 -45.81 46.42 -16.99
N TYR QC 93 -44.80 46.78 -16.21
CA TYR QC 93 -44.75 46.50 -14.79
C TYR QC 93 -44.30 47.73 -14.04
N PHE QC 94 -44.63 47.77 -12.75
CA PHE QC 94 -44.26 48.89 -11.88
C PHE QC 94 -43.96 48.40 -10.48
N ASP QC 95 -42.68 48.46 -10.12
CA ASP QC 95 -42.13 48.01 -8.85
C ASP QC 95 -42.25 49.05 -7.74
N GLY QC 96 -42.68 50.26 -8.05
CA GLY QC 96 -42.66 51.38 -7.13
C GLY QC 96 -41.54 52.38 -7.33
N GLN QC 97 -40.53 52.04 -8.11
CA GLN QC 97 -39.41 52.93 -8.37
C GLN QC 97 -39.32 53.32 -9.84
N ALA QC 98 -39.65 52.42 -10.76
CA ALA QC 98 -39.55 52.72 -12.19
C ALA QC 98 -40.58 51.90 -12.94
N ILE QC 99 -41.04 52.43 -14.07
CA ILE QC 99 -41.96 51.72 -14.96
C ILE QC 99 -41.19 51.02 -16.08
N TYR QC 100 -41.37 49.71 -16.21
CA TYR QC 100 -40.71 48.90 -17.22
C TYR QC 100 -41.69 48.48 -18.30
N ILE QC 101 -41.38 48.81 -19.56
CA ILE QC 101 -42.19 48.50 -20.73
C ILE QC 101 -41.47 47.53 -21.64
N TYR QC 102 -42.13 46.42 -21.99
CA TYR QC 102 -41.60 45.34 -22.81
C TYR QC 102 -42.58 44.98 -23.91
N ASP QC 103 -42.05 44.36 -24.96
CA ASP QC 103 -42.89 43.75 -25.98
C ASP QC 103 -43.56 42.48 -25.45
N ALA QC 104 -44.82 42.30 -25.84
CA ALA QC 104 -45.60 41.11 -25.48
C ALA QC 104 -44.87 39.79 -25.69
N SER QC 105 -44.14 39.66 -26.79
CA SER QC 105 -43.45 38.41 -27.06
C SER QC 105 -42.40 38.05 -26.01
N GLU QC 106 -42.00 38.97 -25.16
CA GLU QC 106 -41.01 38.70 -24.11
C GLU QC 106 -41.56 38.00 -22.86
N MET QC 107 -42.85 37.79 -22.72
CA MET QC 107 -43.40 37.09 -21.56
C MET QC 107 -42.57 35.89 -21.15
N ARG QC 108 -42.23 35.82 -19.87
CA ARG QC 108 -41.57 34.65 -19.30
C ARG QC 108 -42.49 33.97 -18.31
N ASN QC 109 -42.34 32.67 -18.17
CA ASN QC 109 -43.13 31.91 -17.23
C ASN QC 109 -42.35 30.72 -16.67
N ALA QC 110 -42.75 30.26 -15.49
CA ALA QC 110 -42.02 29.21 -14.80
C ALA QC 110 -42.92 28.49 -13.80
N VAL QC 111 -42.46 27.30 -13.42
CA VAL QC 111 -43.06 26.48 -12.37
C VAL QC 111 -42.13 26.43 -11.17
N VAL QC 112 -42.66 26.69 -9.98
CA VAL QC 112 -41.89 26.75 -8.74
C VAL QC 112 -42.50 25.77 -7.75
N SER QC 113 -41.64 25.12 -6.96
CA SER QC 113 -42.07 24.17 -5.95
C SER QC 113 -41.26 24.33 -4.67
N LEU QC 114 -41.96 24.66 -3.59
CA LEU QC 114 -41.40 24.94 -2.27
C LEU QC 114 -41.82 23.87 -1.28
N ARG QC 115 -40.97 23.63 -0.29
CA ARG QC 115 -41.18 22.62 0.75
C ARG QC 115 -41.50 23.18 2.12
N ASN QC 116 -40.90 24.30 2.51
CA ASN QC 116 -41.08 24.89 3.83
C ASN QC 116 -42.05 26.06 3.88
N VAL QC 117 -42.58 26.52 2.75
CA VAL QC 117 -43.35 27.75 2.72
C VAL QC 117 -44.64 27.52 1.95
N SER QC 118 -45.73 28.03 2.51
CA SER QC 118 -47.05 28.00 1.87
C SER QC 118 -47.25 29.15 0.90
N LEU QC 119 -48.00 28.85 -0.15
CA LEU QC 119 -48.39 29.88 -1.12
C LEU QC 119 -49.00 31.08 -0.42
N ASN QC 120 -49.83 30.87 0.60
CA ASN QC 120 -50.39 31.98 1.35
C ASN QC 120 -49.29 32.82 1.99
N GLU QC 121 -48.34 32.15 2.64
CA GLU QC 121 -47.22 32.85 3.26
C GLU QC 121 -46.52 33.75 2.25
N PHE QC 122 -46.27 33.21 1.06
CA PHE QC 122 -45.60 34.01 0.04
C PHE QC 122 -46.48 35.17 -0.43
N ASN QC 123 -47.76 34.93 -0.65
CA ASN QC 123 -48.63 36.02 -1.06
C ASN QC 123 -48.66 37.13 -0.03
N ASN QC 124 -48.69 36.78 1.25
CA ASN QC 124 -48.65 37.83 2.27
C ASN QC 124 -47.34 38.59 2.22
N PHE QC 125 -46.24 37.90 1.97
CA PHE QC 125 -44.97 38.59 1.81
C PHE QC 125 -45.08 39.64 0.71
N LEU QC 126 -45.50 39.22 -0.47
CA LEU QC 126 -45.69 40.17 -1.58
C LEU QC 126 -46.60 41.33 -1.22
N LYS QC 127 -47.72 41.06 -0.56
CA LYS QC 127 -48.63 42.15 -0.22
C LYS QC 127 -47.97 43.15 0.72
N ARG QC 128 -47.34 42.67 1.79
CA ARG QC 128 -46.61 43.58 2.67
C ARG QC 128 -45.57 44.38 1.91
N SER QC 129 -44.85 43.73 1.02
CA SER QC 129 -43.85 44.41 0.19
C SER QC 129 -44.46 45.49 -0.69
N GLY QC 130 -45.72 45.36 -1.07
CA GLY QC 130 -46.25 46.27 -2.07
C GLY QC 130 -45.76 45.98 -3.47
N LEU QC 131 -45.42 44.72 -3.72
CA LEU QC 131 -44.89 44.19 -4.96
C LEU QC 131 -45.97 43.45 -5.73
N TYR QC 132 -47.04 43.05 -5.05
CA TYR QC 132 -48.12 42.31 -5.65
C TYR QC 132 -48.73 43.08 -6.81
N ASN QC 133 -49.20 42.34 -7.81
CA ASN QC 133 -49.81 42.87 -9.02
C ASN QC 133 -50.94 41.94 -9.44
N LYS QC 134 -52.18 42.42 -9.32
CA LYS QC 134 -53.35 41.61 -9.66
C LYS QC 134 -53.50 41.26 -11.13
N ASN QC 135 -52.70 41.81 -12.05
CA ASN QC 135 -52.79 41.32 -13.42
C ASN QC 135 -52.00 40.05 -13.66
N TYR QC 136 -51.05 39.72 -12.79
CA TYR QC 136 -50.20 38.55 -12.98
C TYR QC 136 -50.06 37.72 -11.70
N PRO QC 137 -51.16 37.35 -11.07
CA PRO QC 137 -51.08 36.69 -9.77
C PRO QC 137 -50.56 35.27 -9.88
N LEU QC 138 -50.11 34.75 -8.75
CA LEU QC 138 -49.67 33.36 -8.70
C LEU QC 138 -50.86 32.42 -8.78
N ARG QC 139 -50.70 31.32 -9.52
CA ARG QC 139 -51.76 30.34 -9.73
C ARG QC 139 -51.40 28.97 -9.15
N GLY QC 140 -52.15 28.52 -8.16
CA GLY QC 140 -51.89 27.22 -7.58
C GLY QC 140 -52.79 26.93 -6.40
N ASP QC 141 -52.42 25.94 -5.61
CA ASP QC 141 -53.19 25.57 -4.42
C ASP QC 141 -52.61 26.21 -3.17
N ASN QC 142 -53.41 27.06 -2.53
CA ASN QC 142 -53.00 27.69 -1.27
C ASN QC 142 -52.39 26.70 -0.29
N ARG QC 143 -52.98 25.52 -0.17
CA ARG QC 143 -52.43 24.51 0.73
C ARG QC 143 -51.06 24.06 0.27
N LYS QC 144 -50.87 23.86 -1.01
CA LYS QC 144 -49.66 23.25 -1.53
C LYS QC 144 -48.57 24.29 -1.77
N GLY QC 145 -47.38 23.79 -2.05
CA GLY QC 145 -46.22 24.57 -2.39
C GLY QC 145 -45.85 24.63 -3.85
N THR QC 146 -46.70 24.19 -4.77
CA THR QC 146 -46.36 24.13 -6.18
C THR QC 146 -47.26 25.06 -6.96
N PHE QC 147 -46.65 26.03 -7.65
CA PHE QC 147 -47.41 27.05 -8.35
C PHE QC 147 -46.76 27.40 -9.68
N TYR QC 148 -47.58 27.96 -10.55
CA TYR QC 148 -47.21 28.47 -11.87
C TYR QC 148 -47.27 29.99 -11.91
N VAL QC 149 -46.24 30.65 -12.46
CA VAL QC 149 -46.19 32.09 -12.55
C VAL QC 149 -45.76 32.52 -13.94
N SER QC 150 -46.42 33.55 -14.48
CA SER QC 150 -46.10 34.09 -15.79
C SER QC 150 -46.24 35.59 -15.81
N GLY QC 151 -45.35 36.27 -16.53
CA GLY QC 151 -45.41 37.71 -16.63
C GLY QC 151 -44.16 38.37 -17.19
N PRO QC 152 -44.05 39.69 -17.01
CA PRO QC 152 -42.87 40.39 -17.47
C PRO QC 152 -41.60 39.88 -16.82
N PRO QC 153 -40.49 39.92 -17.54
CA PRO QC 153 -39.20 39.47 -17.02
C PRO QC 153 -38.81 39.84 -15.61
N VAL QC 154 -38.79 41.14 -15.31
CA VAL QC 154 -38.37 41.59 -13.98
C VAL QC 154 -39.22 40.96 -12.90
N TYR QC 155 -40.53 40.97 -13.09
CA TYR QC 155 -41.43 40.36 -12.12
C TYR QC 155 -41.14 38.89 -11.92
N VAL QC 156 -41.13 38.11 -13.01
CA VAL QC 156 -40.85 36.68 -12.90
C VAL QC 156 -39.53 36.40 -12.20
N ASP QC 157 -38.44 36.99 -12.68
CA ASP QC 157 -37.14 36.75 -12.06
C ASP QC 157 -37.13 37.07 -10.57
N MET QC 158 -37.70 38.21 -10.20
CA MET QC 158 -37.74 38.57 -8.79
C MET QC 158 -38.50 37.54 -7.98
N VAL QC 159 -39.71 37.19 -8.42
CA VAL QC 159 -40.49 36.17 -7.72
C VAL QC 159 -39.72 34.87 -7.53
N VAL QC 160 -39.12 34.36 -8.60
CA VAL QC 160 -38.38 33.10 -8.50
C VAL QC 160 -37.25 33.17 -7.49
N ASN QC 161 -36.41 34.21 -7.58
CA ASN QC 161 -35.32 34.34 -6.62
C ASN QC 161 -35.82 34.44 -5.18
N ALA QC 162 -36.77 35.32 -4.93
CA ALA QC 162 -37.29 35.47 -3.58
C ALA QC 162 -37.83 34.16 -3.03
N ALA QC 163 -38.69 33.49 -3.79
CA ALA QC 163 -39.24 32.21 -3.34
C ALA QC 163 -38.15 31.21 -3.00
N THR QC 164 -37.19 30.99 -3.90
CA THR QC 164 -36.13 30.03 -3.62
C THR QC 164 -35.37 30.36 -2.33
N MET QC 165 -34.90 31.59 -2.20
CA MET QC 165 -34.14 31.96 -1.00
C MET QC 165 -34.98 31.84 0.27
N MET QC 166 -36.22 32.30 0.26
CA MET QC 166 -37.05 32.13 1.46
C MET QC 166 -37.21 30.66 1.82
N ASP QC 167 -37.42 29.80 0.83
CA ASP QC 167 -37.54 28.39 1.13
C ASP QC 167 -36.29 27.84 1.80
N LYS QC 168 -35.12 28.10 1.22
CA LYS QC 168 -33.90 27.59 1.85
C LYS QC 168 -33.68 28.12 3.25
N GLN QC 169 -33.92 29.42 3.48
CA GLN QC 169 -33.76 29.98 4.82
C GLN QC 169 -34.45 29.20 5.93
N ASN QC 170 -35.70 28.78 5.72
CA ASN QC 170 -36.48 28.14 6.79
C ASN QC 170 -35.98 26.78 7.23
N ASP QC 171 -35.01 26.17 6.55
CA ASP QC 171 -34.46 24.92 7.06
C ASP QC 171 -33.84 25.10 8.45
N GLY QC 172 -33.43 26.32 8.78
CA GLY QC 172 -32.94 26.66 10.09
C GLY QC 172 -33.99 26.64 11.20
N ILE QC 173 -35.22 26.20 10.90
CA ILE QC 173 -36.34 26.25 11.84
C ILE QC 173 -36.81 24.84 12.14
N GLU QC 174 -37.33 24.66 13.36
CA GLU QC 174 -37.92 23.41 13.81
C GLU QC 174 -39.23 23.70 14.53
N LEU QC 175 -40.26 22.91 14.23
CA LEU QC 175 -41.60 23.08 14.80
C LEU QC 175 -42.22 21.85 15.46
N GLY QC 176 -41.58 20.69 15.44
CA GLY QC 176 -42.12 19.55 16.17
C GLY QC 176 -42.00 19.61 17.67
N ARG QC 177 -42.62 20.63 18.25
CA ARG QC 177 -42.55 20.88 19.70
C ARG QC 177 -43.05 19.71 20.53
N GLN QC 178 -42.17 19.18 21.36
CA GLN QC 178 -42.50 18.13 22.30
C GLN QC 178 -43.31 18.67 23.47
N LYS QC 179 -44.23 17.83 23.97
CA LYS QC 179 -45.15 18.16 25.04
C LYS QC 179 -45.19 17.06 26.10
N ILE QC 180 -45.36 17.48 27.35
CA ILE QC 180 -45.35 16.62 28.54
C ILE QC 180 -46.74 16.53 29.16
N GLY QC 181 -47.19 15.31 29.42
CA GLY QC 181 -48.45 15.07 30.11
C GLY QC 181 -48.31 14.23 31.36
N VAL QC 182 -49.07 14.58 32.39
CA VAL QC 182 -49.11 13.90 33.69
C VAL QC 182 -50.44 13.15 33.81
N MET QC 183 -50.38 11.83 34.01
CA MET QC 183 -51.57 10.97 34.05
C MET QC 183 -51.61 10.11 35.31
N ARG QC 184 -52.31 10.60 36.34
CA ARG QC 184 -52.50 9.85 37.57
C ARG QC 184 -53.34 8.59 37.38
N LEU QC 185 -52.76 7.44 37.72
CA LEU QC 185 -53.48 6.18 37.77
C LEU QC 185 -54.39 6.13 39.00
N ASN QC 186 -55.69 5.92 38.77
CA ASN QC 186 -56.66 5.90 39.85
C ASN QC 186 -56.94 4.52 40.40
N ASN QC 187 -56.56 3.45 39.69
CA ASN QC 187 -57.02 2.12 40.05
C ASN QC 187 -55.90 1.09 40.23
N THR QC 188 -54.62 1.49 40.19
CA THR QC 188 -53.57 0.50 40.38
C THR QC 188 -52.26 1.19 40.71
N PHE QC 189 -51.36 0.43 41.35
CA PHE QC 189 -49.99 0.88 41.56
C PHE QC 189 -49.21 0.99 40.25
N VAL QC 190 -48.37 2.01 40.18
CA VAL QC 190 -47.56 2.25 38.99
C VAL QC 190 -46.44 1.23 38.82
N GLY QC 191 -45.72 0.91 39.88
CA GLY QC 191 -44.56 0.05 39.75
C GLY QC 191 -44.84 -1.43 39.51
N ASP QC 192 -43.78 -2.09 39.06
CA ASP QC 192 -43.71 -3.53 38.89
C ASP QC 192 -43.79 -4.21 40.25
N ARG QC 193 -44.35 -5.41 40.29
CA ARG QC 193 -44.51 -6.08 41.58
C ARG QC 193 -44.00 -7.51 41.55
N THR QC 194 -43.25 -7.86 42.60
CA THR QC 194 -42.68 -9.19 42.78
C THR QC 194 -43.43 -9.94 43.88
N TYR QC 195 -43.84 -11.15 43.56
CA TYR QC 195 -44.55 -12.05 44.47
C TYR QC 195 -43.64 -13.22 44.79
N ASN QC 196 -43.25 -13.29 46.06
CA ASN QC 196 -42.29 -14.25 46.58
C ASN QC 196 -42.95 -15.57 46.96
N LEU QC 197 -43.49 -16.26 45.97
CA LEU QC 197 -44.06 -17.58 46.21
C LEU QC 197 -42.96 -18.50 46.75
N ARG QC 198 -43.34 -19.32 47.73
CA ARG QC 198 -42.39 -20.20 48.40
C ARG QC 198 -41.61 -21.10 47.44
N ASP QC 199 -42.18 -21.40 46.27
CA ASP QC 199 -41.49 -22.22 45.29
C ASP QC 199 -41.09 -21.46 44.03
N GLN QC 200 -41.60 -20.25 43.83
CA GLN QC 200 -41.38 -19.54 42.59
C GLN QC 200 -41.40 -18.05 42.88
N LYS QC 201 -40.48 -17.33 42.26
CA LYS QC 201 -40.47 -15.88 42.29
C LYS QC 201 -41.16 -15.39 41.02
N MET QC 202 -42.28 -14.69 41.18
CA MET QC 202 -43.08 -14.21 40.06
C MET QC 202 -43.00 -12.69 39.97
N VAL QC 203 -42.89 -12.18 38.75
CA VAL QC 203 -42.79 -10.75 38.50
C VAL QC 203 -43.93 -10.34 37.58
N ILE QC 204 -44.60 -9.25 37.91
CA ILE QC 204 -45.65 -8.64 37.13
C ILE QC 204 -45.15 -7.28 36.64
N PRO QC 205 -45.02 -7.08 35.33
CA PRO QC 205 -44.56 -5.79 34.80
C PRO QC 205 -45.61 -4.71 34.85
N GLY QC 206 -45.17 -3.52 35.21
CA GLY QC 206 -46.00 -2.33 35.14
C GLY QC 206 -46.28 -1.84 33.72
N ILE QC 207 -47.19 -0.87 33.69
CA ILE QC 207 -47.65 -0.29 32.44
C ILE QC 207 -46.51 0.32 31.64
N ALA QC 208 -45.69 1.15 32.29
CA ALA QC 208 -44.56 1.76 31.60
C ALA QC 208 -43.64 0.71 30.99
N THR QC 209 -43.26 -0.29 31.76
CA THR QC 209 -42.43 -1.36 31.23
C THR QC 209 -43.05 -2.00 30.00
N ALA QC 210 -44.32 -2.35 30.09
CA ALA QC 210 -44.96 -3.01 28.96
C ALA QC 210 -45.07 -2.11 27.73
N ILE QC 211 -45.48 -0.85 27.90
CA ILE QC 211 -45.62 0.01 26.74
C ILE QC 211 -44.28 0.28 26.08
N GLU QC 212 -43.27 0.62 26.88
CA GLU QC 212 -41.97 0.88 26.29
C GLU QC 212 -41.41 -0.35 25.60
N ARG QC 213 -41.76 -1.54 26.07
CA ARG QC 213 -41.37 -2.76 25.39
C ARG QC 213 -42.19 -3.02 24.14
N LEU QC 214 -43.40 -2.49 24.08
CA LEU QC 214 -44.25 -2.71 22.92
C LEU QC 214 -43.88 -1.81 21.76
N LEU QC 215 -43.75 -0.51 22.01
CA LEU QC 215 -43.46 0.43 20.93
C LEU QC 215 -42.03 0.34 20.44
N GLN QC 216 -41.17 -0.39 21.12
CA GLN QC 216 -39.74 -0.31 20.91
C GLN QC 216 -39.35 -0.56 19.46
N GLY QC 217 -38.54 0.33 18.91
CA GLY QC 217 -38.12 0.27 17.54
C GLY QC 217 -39.16 0.59 16.50
N GLU QC 218 -40.36 1.00 16.90
CA GLU QC 218 -41.33 1.39 15.90
C GLU QC 218 -40.80 2.56 15.09
N GLU QC 219 -41.20 2.61 13.83
CA GLU QC 219 -40.75 3.65 12.91
C GLU QC 219 -41.88 4.44 12.28
N GLN QC 220 -43.05 3.84 12.14
CA GLN QC 220 -44.21 4.48 11.54
C GLN QC 220 -44.93 5.36 12.55
N PRO QC 221 -45.72 6.31 12.09
CA PRO QC 221 -46.58 7.05 13.00
C PRO QC 221 -47.55 6.14 13.73
N LEU QC 222 -48.02 6.62 14.89
CA LEU QC 222 -49.06 5.96 15.65
C LEU QC 222 -50.42 6.24 15.02
N GLY QC 223 -51.47 5.71 15.63
CA GLY QC 223 -52.82 5.90 15.13
C GLY QC 223 -53.89 5.59 16.15
N ASN QC 224 -54.92 4.84 15.74
CA ASN QC 224 -56.03 4.53 16.61
C ASN QC 224 -55.59 3.70 17.82
N ILE QC 225 -56.40 3.77 18.87
CA ILE QC 225 -56.31 2.85 20.00
C ILE QC 225 -57.70 2.29 20.23
N VAL QC 226 -57.78 0.97 20.42
CA VAL QC 226 -59.06 0.30 20.61
C VAL QC 226 -58.90 -0.83 21.61
N SER QC 227 -59.98 -1.17 22.29
CA SER QC 227 -60.09 -2.47 22.93
C SER QC 227 -60.23 -3.55 21.86
N LEU QC 254 -49.45 22.08 4.22
CA LEU QC 254 -48.74 20.81 4.10
C LEU QC 254 -48.01 20.49 5.40
N GLN QC 255 -47.35 21.51 5.95
CA GLN QC 255 -46.45 21.24 7.06
C GLN QC 255 -47.24 20.73 8.26
N GLU QC 256 -48.50 21.13 8.36
CA GLU QC 256 -49.36 20.55 9.38
C GLU QC 256 -49.61 19.07 9.14
N ALA QC 257 -49.38 18.59 7.92
CA ALA QC 257 -49.34 17.15 7.66
C ALA QC 257 -47.97 16.53 7.85
N LEU QC 258 -46.90 17.31 7.70
CA LEU QC 258 -45.56 16.79 7.96
C LEU QC 258 -45.28 16.62 9.45
N LYS QC 259 -45.75 17.55 10.26
CA LYS QC 259 -45.56 17.43 11.71
C LYS QC 259 -46.34 16.29 12.32
N GLN QC 260 -47.39 15.82 11.66
CA GLN QC 260 -48.08 14.60 12.06
C GLN QC 260 -47.26 13.33 11.83
N ASN QC 261 -46.15 13.41 11.11
CA ASN QC 261 -45.37 12.23 10.76
C ASN QC 261 -44.47 11.74 11.89
N ALA QC 262 -44.62 12.25 13.10
CA ALA QC 262 -43.74 11.89 14.21
C ALA QC 262 -43.77 10.40 14.54
N ALA QC 263 -42.59 9.78 14.50
CA ALA QC 263 -42.47 8.33 14.65
C ALA QC 263 -42.79 7.88 16.07
N ALA QC 264 -43.45 6.73 16.17
CA ALA QC 264 -43.90 6.19 17.46
C ALA QC 264 -42.77 5.88 18.42
N GLY QC 265 -41.57 5.59 17.91
CA GLY QC 265 -40.44 5.33 18.80
C GLY QC 265 -39.99 6.50 19.65
N ASN QC 266 -40.45 7.72 19.38
CA ASN QC 266 -40.06 8.88 20.16
C ASN QC 266 -40.91 9.13 21.39
N ILE QC 267 -41.98 8.37 21.59
CA ILE QC 267 -42.73 8.44 22.84
C ILE QC 267 -41.87 7.93 23.97
N LYS QC 268 -41.89 8.63 25.11
CA LYS QC 268 -41.20 8.13 26.30
C LYS QC 268 -42.13 8.17 27.50
N ILE QC 269 -42.14 7.08 28.26
CA ILE QC 269 -42.91 6.97 29.51
C ILE QC 269 -41.98 6.78 30.70
N VAL QC 270 -42.25 7.50 31.79
CA VAL QC 270 -41.58 7.30 33.07
C VAL QC 270 -42.61 7.17 34.18
N ALA QC 271 -42.50 6.11 34.98
CA ALA QC 271 -43.33 5.97 36.17
C ALA QC 271 -42.88 6.91 37.28
N TYR QC 272 -43.85 7.37 38.09
CA TYR QC 272 -43.58 8.29 39.19
C TYR QC 272 -44.37 7.85 40.42
N PRO QC 273 -43.86 6.86 41.16
CA PRO QC 273 -44.53 6.37 42.37
C PRO QC 273 -44.94 7.42 43.40
N ASP QC 274 -44.13 8.45 43.61
CA ASP QC 274 -44.42 9.41 44.68
C ASP QC 274 -45.84 9.94 44.63
N THR QC 275 -46.44 10.03 43.44
CA THR QC 275 -47.83 10.46 43.29
C THR QC 275 -48.64 9.43 42.53
N ASN QC 276 -48.07 8.25 42.30
CA ASN QC 276 -48.72 7.19 41.56
C ASN QC 276 -49.16 7.62 40.17
N SER QC 277 -48.29 8.31 39.44
CA SER QC 277 -48.68 8.86 38.15
C SER QC 277 -47.65 8.54 37.08
N LEU QC 278 -48.08 8.50 35.82
CA LEU QC 278 -47.19 8.40 34.68
C LEU QC 278 -46.85 9.75 34.07
N LEU QC 279 -45.59 9.90 33.67
CA LEU QC 279 -45.13 11.03 32.87
C LEU QC 279 -44.95 10.57 31.43
N VAL QC 280 -45.57 11.27 30.49
CA VAL QC 280 -45.52 10.90 29.08
C VAL QC 280 -45.00 12.08 28.29
N LYS QC 281 -43.97 11.83 27.48
CA LYS QC 281 -43.37 12.81 26.59
C LYS QC 281 -43.62 12.46 25.14
N GLY QC 282 -44.17 13.42 24.39
CA GLY QC 282 -44.41 13.24 22.97
C GLY QC 282 -45.17 14.43 22.42
N THR QC 283 -45.58 14.32 21.15
CA THR QC 283 -46.46 15.30 20.56
C THR QC 283 -47.83 15.28 21.21
N ALA QC 284 -48.57 16.37 21.01
CA ALA QC 284 -49.93 16.48 21.52
C ALA QC 284 -50.81 15.27 21.17
N GLU QC 285 -50.79 14.86 19.90
CA GLU QC 285 -51.57 13.69 19.50
C GLU QC 285 -51.08 12.42 20.17
N GLN QC 286 -49.77 12.20 20.18
CA GLN QC 286 -49.23 11.03 20.85
C GLN QC 286 -49.69 10.96 22.30
N VAL QC 287 -49.54 12.06 23.02
CA VAL QC 287 -50.01 12.14 24.40
C VAL QC 287 -51.47 11.76 24.51
N HIS QC 288 -52.33 12.39 23.70
CA HIS QC 288 -53.74 12.03 23.71
C HIS QC 288 -53.98 10.52 23.55
N PHE QC 289 -53.34 9.92 22.55
CA PHE QC 289 -53.48 8.48 22.35
C PHE QC 289 -53.07 7.69 23.60
N ILE QC 290 -51.87 7.92 24.09
CA ILE QC 290 -51.42 7.22 25.29
C ILE QC 290 -52.42 7.38 26.42
N GLU QC 291 -52.95 8.57 26.63
CA GLU QC 291 -53.94 8.76 27.69
C GLU QC 291 -55.20 7.93 27.48
N MET QC 292 -55.62 7.76 26.23
CA MET QC 292 -56.76 6.89 25.96
C MET QC 292 -56.45 5.45 26.32
N LEU QC 293 -55.26 4.99 25.98
CA LEU QC 293 -54.88 3.62 26.35
C LEU QC 293 -54.79 3.43 27.86
N VAL QC 294 -54.27 4.40 28.59
CA VAL QC 294 -54.25 4.31 30.05
C VAL QC 294 -55.67 4.17 30.60
N LYS QC 295 -56.61 4.95 30.06
CA LYS QC 295 -58.00 4.82 30.47
C LYS QC 295 -58.62 3.51 30.02
N ALA QC 296 -58.05 2.86 29.02
CA ALA QC 296 -58.49 1.52 28.69
C ALA QC 296 -57.96 0.47 29.65
N LEU QC 297 -56.79 0.70 30.22
CA LEU QC 297 -56.13 -0.36 30.98
C LEU QC 297 -56.42 -0.34 32.49
N ASP QC 298 -56.57 0.82 33.12
CA ASP QC 298 -56.68 0.81 34.59
C ASP QC 298 -58.07 0.53 35.20
N VAL QC 299 -58.75 -0.54 34.78
CA VAL QC 299 -59.97 -1.01 35.44
C VAL QC 299 -59.68 -1.74 36.75
N ALA QC 300 -60.46 -1.43 37.79
CA ALA QC 300 -60.31 -1.97 39.15
C ALA QC 300 -60.70 -3.46 39.26
N LYS QC 301 -60.05 -4.15 40.21
CA LYS QC 301 -60.16 -5.60 40.42
C LYS QC 301 -61.33 -6.00 41.35
N ARG QC 302 -61.89 -7.20 41.07
CA ARG QC 302 -62.85 -7.88 41.94
C ARG QC 302 -62.21 -8.66 43.10
N HIS QC 303 -62.74 -8.49 44.32
CA HIS QC 303 -62.39 -9.34 45.46
C HIS QC 303 -62.99 -10.75 45.40
N VAL QC 304 -62.20 -11.75 45.83
CA VAL QC 304 -62.61 -13.15 45.89
C VAL QC 304 -62.23 -13.76 47.24
N GLU QC 305 -63.19 -14.39 47.92
CA GLU QC 305 -62.93 -15.14 49.16
C GLU QC 305 -63.02 -16.64 48.91
N LEU QC 306 -62.01 -17.39 49.38
CA LEU QC 306 -61.92 -18.83 49.20
C LEU QC 306 -61.95 -19.55 50.53
N SER QC 307 -62.77 -20.60 50.62
CA SER QC 307 -62.92 -21.45 51.80
C SER QC 307 -62.61 -22.90 51.49
N LEU QC 308 -61.89 -23.57 52.38
CA LEU QC 308 -61.47 -24.96 52.18
C LEU QC 308 -61.91 -25.87 53.33
N TRP QC 309 -62.66 -26.92 53.01
CA TRP QC 309 -63.16 -27.92 53.95
C TRP QC 309 -62.31 -29.18 53.92
N ILE QC 310 -61.70 -29.53 55.05
CA ILE QC 310 -60.88 -30.74 55.18
C ILE QC 310 -61.49 -31.61 56.26
N VAL QC 311 -61.84 -32.85 55.87
CA VAL QC 311 -62.58 -33.78 56.71
C VAL QC 311 -61.90 -35.14 56.72
N ASP QC 312 -61.82 -35.77 57.90
CA ASP QC 312 -61.28 -37.11 58.02
C ASP QC 312 -62.00 -37.85 59.15
N LEU QC 313 -62.07 -39.17 59.02
CA LEU QC 313 -62.79 -40.01 59.97
C LEU QC 313 -62.07 -41.33 60.22
N ASN QC 314 -62.14 -41.85 61.44
CA ASN QC 314 -61.42 -43.09 61.74
C ASN QC 314 -62.21 -43.97 62.71
N LYS QC 315 -62.28 -45.27 62.41
CA LYS QC 315 -62.90 -46.30 63.25
C LYS QC 315 -62.04 -47.56 63.30
N SER QC 316 -61.89 -48.15 64.47
CA SER QC 316 -61.14 -49.40 64.57
C SER QC 316 -61.57 -50.28 65.73
N ASP QC 317 -61.58 -51.60 65.48
CA ASP QC 317 -61.88 -52.64 66.47
C ASP QC 317 -60.70 -53.59 66.59
N LEU QC 318 -60.28 -53.89 67.82
CA LEU QC 318 -59.15 -54.79 68.06
C LEU QC 318 -59.44 -55.78 69.18
N GLU QC 319 -59.20 -57.06 68.93
CA GLU QC 319 -59.44 -58.09 69.95
C GLU QC 319 -58.38 -59.18 69.91
N ARG QC 320 -57.94 -59.61 71.10
CA ARG QC 320 -56.97 -60.69 71.28
C ARG QC 320 -57.47 -61.61 72.38
N LEU QC 321 -57.42 -62.92 72.15
CA LEU QC 321 -57.89 -63.88 73.14
C LEU QC 321 -57.21 -65.24 73.02
N GLY QC 322 -56.99 -65.86 74.17
CA GLY QC 322 -56.38 -67.18 74.29
C GLY QC 322 -55.11 -67.37 75.10
N THR QC 323 -54.40 -68.48 74.85
CA THR QC 323 -53.28 -68.90 75.69
C THR QC 323 -52.09 -69.42 74.89
N SER QC 324 -50.89 -69.16 75.40
CA SER QC 324 -49.67 -69.77 74.89
C SER QC 324 -48.94 -70.53 76.00
N TRP QC 325 -48.21 -71.59 75.62
CA TRP QC 325 -47.76 -72.63 76.54
C TRP QC 325 -46.29 -72.94 76.35
N SER QC 326 -45.60 -73.22 77.46
CA SER QC 326 -44.27 -73.81 77.39
C SER QC 326 -43.95 -74.46 78.73
N GLY QC 327 -42.92 -75.30 78.75
CA GLY QC 327 -42.46 -75.79 80.05
C GLY QC 327 -41.48 -76.94 79.94
N SER QC 328 -41.10 -77.47 81.11
CA SER QC 328 -39.98 -78.40 81.20
C SER QC 328 -40.21 -79.47 82.27
N ILE QC 329 -39.50 -80.59 82.08
CA ILE QC 329 -39.49 -81.76 82.96
C ILE QC 329 -38.06 -82.30 83.00
N THR QC 330 -37.62 -82.78 84.17
CA THR QC 330 -36.43 -83.62 84.27
C THR QC 330 -36.72 -84.91 85.03
N ILE QC 331 -36.13 -86.01 84.58
CA ILE QC 331 -36.46 -87.36 85.05
C ILE QC 331 -35.17 -88.05 85.47
N GLY QC 332 -35.06 -88.33 86.78
CA GLY QC 332 -34.11 -89.28 87.33
C GLY QC 332 -32.64 -89.03 87.05
N ASP QC 333 -32.31 -87.83 86.57
CA ASP QC 333 -31.01 -87.55 85.97
C ASP QC 333 -30.68 -88.51 84.84
N LYS QC 334 -31.68 -89.25 84.36
CA LYS QC 334 -31.59 -89.95 83.09
C LYS QC 334 -31.76 -88.95 81.96
N LEU QC 335 -32.82 -88.15 82.03
CA LEU QC 335 -33.40 -87.56 80.84
C LEU QC 335 -33.98 -86.20 81.18
N GLY QC 336 -34.05 -85.35 80.18
CA GLY QC 336 -34.73 -84.08 80.30
C GLY QC 336 -35.56 -83.82 79.06
N VAL QC 337 -36.69 -83.17 79.28
CA VAL QC 337 -37.68 -82.97 78.23
C VAL QC 337 -38.25 -81.57 78.41
N SER QC 338 -38.53 -80.92 77.30
CA SER QC 338 -39.25 -79.65 77.37
C SER QC 338 -40.20 -79.53 76.20
N LEU QC 339 -41.21 -78.69 76.42
CA LEU QC 339 -42.20 -78.35 75.41
C LEU QC 339 -42.04 -76.89 75.04
N ASN QC 340 -41.83 -76.67 73.74
CA ASN QC 340 -42.02 -75.40 73.05
C ASN QC 340 -41.08 -74.30 73.54
N GLN QC 341 -40.12 -74.62 74.40
CA GLN QC 341 -39.12 -73.65 74.80
C GLN QC 341 -38.02 -73.56 73.74
N SER QC 342 -37.43 -72.38 73.61
CA SER QC 342 -36.37 -72.20 72.62
C SER QC 342 -35.03 -72.74 73.14
N SER QC 343 -34.83 -72.71 74.45
CA SER QC 343 -33.69 -73.32 75.09
C SER QC 343 -34.08 -73.53 76.54
N ILE QC 344 -33.36 -74.44 77.22
CA ILE QC 344 -33.71 -74.79 78.58
C ILE QC 344 -32.45 -75.06 79.39
N SER QC 345 -32.61 -74.91 80.71
CA SER QC 345 -31.59 -75.27 81.68
C SER QC 345 -31.86 -76.64 82.30
N THR QC 346 -33.02 -77.23 82.02
CA THR QC 346 -33.42 -78.53 82.57
C THR QC 346 -33.41 -78.53 84.09
N LEU QC 347 -34.21 -77.64 84.68
CA LEU QC 347 -34.29 -77.54 86.12
C LEU QC 347 -34.70 -78.89 86.70
N ASP QC 348 -34.20 -79.19 87.89
CA ASP QC 348 -34.50 -80.46 88.56
C ASP QC 348 -35.92 -80.44 89.13
N GLY QC 349 -36.88 -80.82 88.29
CA GLY QC 349 -38.30 -80.77 88.60
C GLY QC 349 -39.11 -80.70 87.32
N SER QC 350 -40.32 -80.15 87.43
CA SER QC 350 -41.09 -79.80 86.24
C SER QC 350 -41.99 -78.61 86.50
N ARG QC 351 -42.14 -77.76 85.48
CA ARG QC 351 -43.06 -76.63 85.59
C ARG QC 351 -43.47 -76.19 84.20
N PHE QC 352 -44.66 -75.58 84.11
CA PHE QC 352 -45.15 -75.03 82.86
C PHE QC 352 -45.69 -73.62 83.07
N ILE QC 353 -45.64 -72.83 82.01
CA ILE QC 353 -46.20 -71.48 81.98
C ILE QC 353 -47.25 -71.41 80.89
N ALA QC 354 -48.45 -70.98 81.29
CA ALA QC 354 -49.59 -70.66 80.43
C ALA QC 354 -49.82 -69.16 80.48
N ALA QC 355 -49.47 -68.46 79.40
CA ALA QC 355 -49.62 -67.01 79.30
C ALA QC 355 -50.96 -66.70 78.63
N VAL QC 356 -51.86 -66.11 79.42
CA VAL QC 356 -53.23 -65.78 79.03
C VAL QC 356 -53.33 -64.35 78.52
N ASN QC 357 -53.98 -64.18 77.36
CA ASN QC 357 -54.24 -62.88 76.76
C ASN QC 357 -55.73 -62.74 76.52
N ALA QC 358 -56.32 -61.64 76.98
CA ALA QC 358 -57.74 -61.40 76.78
C ALA QC 358 -58.02 -59.91 76.82
N LEU QC 359 -58.29 -59.30 75.66
CA LEU QC 359 -58.51 -57.86 75.62
C LEU QC 359 -59.28 -57.47 74.37
N GLU QC 360 -60.22 -56.54 74.55
CA GLU QC 360 -61.07 -56.00 73.50
C GLU QC 360 -61.06 -54.47 73.56
N GLU QC 361 -60.92 -53.82 72.40
CA GLU QC 361 -60.82 -52.36 72.33
C GLU QC 361 -61.53 -51.81 71.10
N LYS QC 362 -62.13 -50.63 71.25
CA LYS QC 362 -62.80 -49.90 70.17
C LYS QC 362 -62.33 -48.45 70.16
N LYS QC 363 -62.27 -47.86 68.95
CA LYS QC 363 -61.77 -46.50 68.80
C LYS QC 363 -62.47 -45.76 67.67
N GLN QC 364 -62.76 -44.48 67.88
CA GLN QC 364 -63.38 -43.62 66.89
C GLN QC 364 -62.85 -42.19 67.00
N ALA QC 365 -62.60 -41.54 65.86
CA ALA QC 365 -62.07 -40.17 65.83
C ALA QC 365 -62.64 -39.38 64.65
N THR QC 366 -62.70 -38.06 64.83
CA THR QC 366 -63.29 -37.15 63.85
C THR QC 366 -62.72 -35.74 63.96
N VAL QC 367 -62.20 -35.20 62.85
CA VAL QC 367 -61.59 -33.87 62.83
C VAL QC 367 -62.01 -33.12 61.56
N VAL QC 368 -62.35 -31.83 61.70
CA VAL QC 368 -62.72 -30.97 60.57
C VAL QC 368 -62.01 -29.62 60.67
N SER QC 369 -61.34 -29.21 59.59
CA SER QC 369 -60.66 -27.92 59.49
C SER QC 369 -61.21 -27.09 58.33
N ARG QC 370 -61.32 -25.77 58.52
CA ARG QC 370 -61.86 -24.88 57.49
C ARG QC 370 -61.11 -23.54 57.40
N PRO QC 371 -59.99 -23.51 56.69
CA PRO QC 371 -59.31 -22.24 56.41
C PRO QC 371 -60.07 -21.37 55.41
N VAL QC 372 -59.95 -20.05 55.60
CA VAL QC 372 -60.59 -19.04 54.75
C VAL QC 372 -59.58 -17.94 54.40
N LEU QC 373 -59.50 -17.58 53.12
CA LEU QC 373 -58.54 -16.58 52.62
C LEU QC 373 -59.16 -15.60 51.63
N LEU QC 374 -58.88 -14.31 51.83
CA LEU QC 374 -59.27 -13.21 50.95
C LEU QC 374 -58.18 -12.82 49.96
N THR QC 375 -58.57 -12.60 48.70
CA THR QC 375 -57.62 -12.25 47.63
C THR QC 375 -58.34 -11.37 46.62
N GLN QC 376 -57.60 -10.93 45.60
CA GLN QC 376 -58.19 -10.33 44.42
C GLN QC 376 -57.87 -11.15 43.17
N GLU QC 377 -58.73 -10.98 42.18
CA GLU QC 377 -58.50 -11.51 40.83
C GLU QC 377 -57.08 -11.26 40.35
N ASN QC 378 -56.50 -12.30 39.73
CA ASN QC 378 -55.14 -12.27 39.19
C ASN QC 378 -54.00 -12.04 40.17
N VAL QC 379 -54.27 -11.95 41.46
CA VAL QC 379 -53.21 -11.72 42.44
C VAL QC 379 -52.95 -13.03 43.18
N PRO QC 380 -51.73 -13.54 43.20
CA PRO QC 380 -51.45 -14.76 43.94
C PRO QC 380 -51.46 -14.50 45.43
N ALA QC 381 -51.82 -15.52 46.22
CA ALA QC 381 -51.90 -15.31 47.65
C ALA QC 381 -51.52 -16.58 48.40
N ILE QC 382 -51.15 -16.38 49.66
CA ILE QC 382 -50.60 -17.41 50.53
C ILE QC 382 -51.28 -17.35 51.88
N PHE QC 383 -51.60 -18.51 52.43
CA PHE QC 383 -52.04 -18.63 53.81
C PHE QC 383 -51.30 -19.77 54.49
N ASP QC 384 -50.90 -19.58 55.74
CA ASP QC 384 -50.07 -20.58 56.40
C ASP QC 384 -50.23 -20.53 57.91
N ASN QC 385 -50.53 -21.68 58.51
CA ASN QC 385 -50.70 -21.77 59.96
C ASN QC 385 -50.21 -23.10 60.48
N ASN QC 386 -49.75 -23.10 61.73
CA ASN QC 386 -49.64 -24.35 62.48
C ASN QC 386 -49.88 -24.07 63.95
N ARG QC 387 -50.28 -25.13 64.67
CA ARG QC 387 -50.59 -25.01 66.09
C ARG QC 387 -50.21 -26.28 66.84
N THR QC 388 -49.85 -26.10 68.11
CA THR QC 388 -49.61 -27.20 69.03
C THR QC 388 -50.81 -27.45 69.92
N PHE QC 389 -51.15 -28.73 70.11
CA PHE QC 389 -52.15 -29.17 71.08
C PHE QC 389 -51.51 -29.99 72.18
N TYR QC 390 -51.95 -29.75 73.42
CA TYR QC 390 -51.43 -30.40 74.62
C TYR QC 390 -52.53 -31.20 75.29
N THR QC 391 -52.15 -32.35 75.87
CA THR QC 391 -53.06 -33.17 76.65
C THR QC 391 -52.39 -33.64 77.94
N LYS QC 392 -53.07 -33.42 79.06
CA LYS QC 392 -52.61 -33.94 80.34
C LYS QC 392 -52.69 -35.46 80.33
N LEU QC 393 -51.71 -36.11 80.94
CA LEU QC 393 -51.63 -37.57 80.93
C LEU QC 393 -51.62 -38.07 82.37
N ILE QC 394 -52.65 -38.83 82.70
CA ILE QC 394 -52.86 -39.36 84.05
C ILE QC 394 -51.92 -40.53 84.32
N GLY QC 395 -51.81 -40.88 85.60
CA GLY QC 395 -50.73 -41.69 86.10
C GLY QC 395 -49.47 -40.87 86.29
N GLU QC 396 -48.45 -41.52 86.81
CA GLU QC 396 -47.14 -40.89 87.02
C GLU QC 396 -47.29 -39.61 87.84
N ARG QC 397 -48.09 -39.71 88.91
CA ARG QC 397 -48.50 -38.56 89.73
C ARG QC 397 -49.09 -37.42 88.91
N ASN QC 398 -49.65 -37.73 87.74
CA ASN QC 398 -50.15 -36.73 86.79
C ASN QC 398 -49.09 -35.71 86.40
N VAL QC 399 -47.80 -36.08 86.48
CA VAL QC 399 -46.77 -35.16 86.02
C VAL QC 399 -46.77 -35.07 84.50
N ALA QC 400 -47.23 -36.12 83.83
CA ALA QC 400 -46.98 -36.27 82.40
C ALA QC 400 -47.89 -35.40 81.53
N LEU QC 401 -47.34 -35.07 80.36
CA LEU QC 401 -48.00 -34.23 79.38
C LEU QC 401 -47.60 -34.73 78.00
N GLU QC 402 -48.50 -34.61 77.03
CA GLU QC 402 -48.22 -34.98 75.66
C GLU QC 402 -48.64 -33.86 74.73
N HIS QC 403 -48.08 -33.85 73.53
CA HIS QC 403 -48.40 -32.78 72.60
C HIS QC 403 -48.23 -33.26 71.16
N VAL QC 404 -48.87 -32.53 70.25
CA VAL QC 404 -48.75 -32.78 68.82
C VAL QC 404 -48.91 -31.45 68.07
N THR QC 405 -48.34 -31.39 66.87
CA THR QC 405 -48.45 -30.20 66.02
C THR QC 405 -49.19 -30.52 64.73
N TYR QC 406 -50.27 -29.79 64.46
CA TYR QC 406 -50.94 -29.80 63.16
C TYR QC 406 -50.70 -28.51 62.40
N GLY QC 407 -50.53 -28.62 61.08
CA GLY QC 407 -50.33 -27.41 60.29
C GLY QC 407 -50.73 -27.56 58.85
N THR QC 408 -51.05 -26.40 58.24
CA THR QC 408 -51.62 -26.33 56.91
C THR QC 408 -51.09 -25.11 56.16
N MET QC 409 -50.87 -25.27 54.86
CA MET QC 409 -50.42 -24.20 54.00
C MET QC 409 -51.14 -24.25 52.66
N ILE QC 410 -51.47 -23.07 52.12
CA ILE QC 410 -52.27 -22.94 50.90
C ILE QC 410 -51.70 -21.84 50.04
N ARG QC 411 -51.50 -22.12 48.76
CA ARG QC 411 -51.14 -21.12 47.76
C ARG QC 411 -52.21 -21.15 46.69
N VAL QC 412 -52.62 -19.98 46.21
CA VAL QC 412 -53.76 -19.91 45.31
C VAL QC 412 -53.61 -18.78 44.31
N LEU QC 413 -54.19 -18.99 43.13
CA LEU QC 413 -54.26 -17.99 42.07
C LEU QC 413 -55.65 -17.99 41.41
N PRO QC 414 -56.52 -17.03 41.76
CA PRO QC 414 -57.87 -16.94 41.20
C PRO QC 414 -58.01 -16.20 39.88
N ARG QC 415 -58.98 -16.67 39.08
CA ARG QC 415 -59.35 -16.14 37.78
C ARG QC 415 -60.86 -16.12 37.58
N PHE QC 416 -61.38 -15.07 36.95
CA PHE QC 416 -62.80 -14.95 36.63
C PHE QC 416 -63.07 -15.29 35.18
N SER QC 417 -63.89 -16.31 34.96
CA SER QC 417 -64.37 -16.66 33.63
C SER QC 417 -65.53 -15.75 33.23
N ALA QC 418 -65.71 -15.59 31.93
CA ALA QC 418 -66.89 -14.89 31.42
C ALA QC 418 -68.18 -15.64 31.71
N ASP QC 419 -68.09 -16.96 31.88
CA ASP QC 419 -69.22 -17.82 32.24
C ASP QC 419 -69.71 -17.58 33.66
N GLY QC 420 -69.10 -16.65 34.39
CA GLY QC 420 -69.32 -16.48 35.81
C GLY QC 420 -68.70 -17.55 36.66
N GLN QC 421 -67.97 -18.48 36.06
CA GLN QC 421 -67.24 -19.48 36.81
C GLN QC 421 -65.90 -18.91 37.26
N ILE QC 422 -65.40 -19.41 38.39
CA ILE QC 422 -64.10 -19.03 38.92
C ILE QC 422 -63.15 -20.19 38.76
N GLU QC 423 -61.93 -19.89 38.29
CA GLU QC 423 -60.88 -20.86 38.05
C GLU QC 423 -59.75 -20.64 39.03
N MET QC 424 -59.28 -21.73 39.63
CA MET QC 424 -58.28 -21.68 40.69
C MET QC 424 -57.07 -22.53 40.37
N SER QC 425 -55.89 -21.95 40.49
CA SER QC 425 -54.65 -22.71 40.51
C SER QC 425 -54.31 -22.92 41.97
N LEU QC 426 -54.19 -24.19 42.39
CA LEU QC 426 -54.12 -24.53 43.81
C LEU QC 426 -52.93 -25.39 44.16
N ASP QC 427 -52.32 -25.06 45.30
CA ASP QC 427 -51.32 -25.88 45.97
C ASP QC 427 -51.70 -25.97 47.43
N ILE QC 428 -51.85 -27.19 47.94
CA ILE QC 428 -52.24 -27.42 49.32
C ILE QC 428 -51.29 -28.42 49.95
N GLU QC 429 -50.81 -28.11 51.15
CA GLU QC 429 -50.04 -29.06 51.95
C GLU QC 429 -50.58 -29.08 53.37
N ASP QC 430 -50.84 -30.27 53.91
CA ASP QC 430 -51.52 -30.33 55.20
C ASP QC 430 -51.16 -31.57 55.98
N GLY QC 431 -51.17 -31.46 57.30
CA GLY QC 431 -51.16 -32.65 58.11
C GLY QC 431 -50.58 -32.46 59.51
N ASN QC 432 -50.39 -33.60 60.15
CA ASN QC 432 -49.55 -33.77 61.33
C ASN QC 432 -48.12 -34.12 60.99
N ASP QC 433 -47.18 -33.58 61.76
CA ASP QC 433 -45.77 -33.92 61.54
C ASP QC 433 -45.47 -35.34 61.96
N LYS QC 434 -44.73 -36.03 61.10
CA LYS QC 434 -44.29 -37.40 61.36
C LYS QC 434 -43.50 -37.50 62.66
N THR QC 435 -43.79 -38.52 63.46
CA THR QC 435 -43.33 -38.59 64.85
C THR QC 435 -42.97 -40.03 65.16
N PRO QC 436 -41.68 -40.40 65.08
CA PRO QC 436 -41.27 -41.74 65.50
C PRO QC 436 -41.23 -41.92 67.01
N GLN QC 437 -41.53 -40.84 67.74
CA GLN QC 437 -41.23 -40.70 69.15
C GLN QC 437 -42.32 -41.27 70.06
N SER QC 438 -43.41 -41.77 69.48
CA SER QC 438 -44.61 -42.07 70.27
C SER QC 438 -44.30 -43.07 71.37
N ASP QC 439 -44.59 -42.66 72.61
CA ASP QC 439 -44.20 -43.37 73.80
C ASP QC 439 -45.37 -43.85 74.65
N THR QC 440 -46.61 -43.58 74.28
CA THR QC 440 -47.72 -44.00 75.13
C THR QC 440 -48.98 -44.32 74.34
N THR QC 441 -49.87 -45.03 75.03
CA THR QC 441 -51.22 -45.32 74.55
C THR QC 441 -52.12 -44.10 74.56
N THR QC 442 -52.30 -43.48 75.73
CA THR QC 442 -53.43 -42.58 75.91
C THR QC 442 -53.35 -41.35 75.02
N SER QC 443 -52.14 -40.90 74.69
CA SER QC 443 -52.03 -39.77 73.76
C SER QC 443 -52.44 -40.17 72.36
N VAL QC 444 -52.04 -41.36 71.91
CA VAL QC 444 -52.53 -41.87 70.64
C VAL QC 444 -54.02 -42.15 70.70
N ASP QC 445 -54.56 -42.34 71.89
CA ASP QC 445 -56.00 -42.43 72.11
C ASP QC 445 -56.70 -41.08 72.24
N ALA QC 446 -55.96 -39.99 72.41
CA ALA QC 446 -56.56 -38.71 72.72
C ALA QC 446 -56.32 -37.65 71.65
N LEU QC 447 -55.19 -37.70 70.95
CA LEU QC 447 -54.92 -36.82 69.84
C LEU QC 447 -54.95 -37.60 68.54
N PRO QC 448 -55.88 -37.33 67.64
CA PRO QC 448 -55.96 -38.09 66.40
C PRO QC 448 -54.67 -38.03 65.61
N GLU QC 449 -54.35 -39.13 64.93
CA GLU QC 449 -53.47 -39.05 63.77
C GLU QC 449 -54.22 -38.53 62.55
N VAL QC 450 -53.51 -37.76 61.73
CA VAL QC 450 -53.96 -37.42 60.38
C VAL QC 450 -52.76 -37.50 59.43
N GLY QC 451 -53.04 -37.87 58.20
CA GLY QC 451 -51.98 -38.09 57.22
C GLY QC 451 -51.21 -36.82 56.90
N ARG QC 452 -50.09 -37.00 56.21
CA ARG QC 452 -49.33 -35.92 55.61
C ARG QC 452 -49.63 -35.91 54.11
N THR QC 453 -50.24 -34.84 53.62
CA THR QC 453 -50.84 -34.87 52.30
C THR QC 453 -50.51 -33.62 51.50
N LEU QC 454 -50.24 -33.82 50.21
CA LEU QC 454 -49.85 -32.78 49.27
C LEU QC 454 -50.70 -32.87 48.01
N ILE QC 455 -51.21 -31.74 47.54
CA ILE QC 455 -52.02 -31.67 46.33
C ILE QC 455 -51.59 -30.46 45.51
N SER QC 456 -51.55 -30.62 44.19
CA SER QC 456 -51.31 -29.51 43.27
C SER QC 456 -52.12 -29.72 42.01
N THR QC 457 -53.01 -28.78 41.69
CA THR QC 457 -53.94 -28.99 40.58
C THR QC 457 -54.63 -27.68 40.18
N ILE QC 458 -55.40 -27.76 39.11
CA ILE QC 458 -56.25 -26.66 38.64
C ILE QC 458 -57.70 -27.13 38.60
N ALA QC 459 -58.61 -26.26 39.02
CA ALA QC 459 -60.03 -26.58 38.98
C ALA QC 459 -60.84 -25.32 38.72
N ARG QC 460 -62.03 -25.50 38.13
CA ARG QC 460 -62.94 -24.40 37.84
C ARG QC 460 -64.34 -24.76 38.28
N VAL QC 461 -65.03 -23.81 38.91
CA VAL QC 461 -66.36 -24.07 39.46
C VAL QC 461 -67.23 -22.83 39.30
N PRO QC 462 -68.52 -23.03 39.07
CA PRO QC 462 -69.47 -21.92 39.24
C PRO QC 462 -69.45 -21.41 40.67
N HIS QC 463 -69.33 -20.10 40.82
CA HIS QC 463 -69.09 -19.55 42.15
C HIS QC 463 -70.31 -19.78 43.03
N GLY QC 464 -70.05 -20.06 44.31
CA GLY QC 464 -71.09 -20.46 45.25
C GLY QC 464 -71.48 -21.91 45.19
N LYS QC 465 -70.98 -22.69 44.24
CA LYS QC 465 -71.05 -24.14 44.33
C LYS QC 465 -69.75 -24.65 44.96
N SER QC 466 -69.53 -25.96 44.95
CA SER QC 466 -68.40 -26.56 45.64
C SER QC 466 -67.94 -27.80 44.88
N LEU QC 467 -66.67 -28.17 45.06
CA LEU QC 467 -66.13 -29.35 44.40
C LEU QC 467 -65.30 -30.18 45.36
N LEU QC 468 -65.22 -31.47 45.07
CA LEU QC 468 -64.27 -32.36 45.74
C LEU QC 468 -63.05 -32.48 44.84
N VAL QC 469 -61.89 -32.07 45.35
CA VAL QC 469 -60.66 -32.07 44.56
C VAL QC 469 -59.81 -33.31 44.78
N GLY QC 470 -59.77 -33.84 45.99
CA GLY QC 470 -58.97 -35.02 46.25
C GLY QC 470 -59.47 -35.77 47.46
N GLY QC 471 -59.20 -37.06 47.49
CA GLY QC 471 -59.64 -37.87 48.62
C GLY QC 471 -59.01 -39.24 48.58
N TYR QC 472 -59.23 -39.98 49.65
CA TYR QC 472 -58.62 -41.27 49.83
C TYR QC 472 -59.43 -42.09 50.82
N THR QC 473 -59.43 -43.41 50.62
CA THR QC 473 -60.14 -44.35 51.48
C THR QC 473 -59.33 -45.62 51.66
N ARG QC 474 -59.35 -46.16 52.88
CA ARG QC 474 -58.62 -47.37 53.17
C ARG QC 474 -59.45 -48.27 54.07
N ASP QC 475 -59.48 -49.55 53.73
CA ASP QC 475 -60.23 -50.57 54.47
C ASP QC 475 -59.42 -51.83 54.60
N ALA QC 476 -59.32 -52.39 55.80
CA ALA QC 476 -58.48 -53.57 55.97
C ALA QC 476 -58.97 -54.45 57.11
N ASN QC 477 -58.65 -55.74 56.99
CA ASN QC 477 -59.01 -56.76 57.96
C ASN QC 477 -57.89 -57.78 58.09
N THR QC 478 -57.73 -58.32 59.31
CA THR QC 478 -56.71 -59.31 59.61
C THR QC 478 -57.21 -60.32 60.62
N ASP QC 479 -56.88 -61.59 60.41
CA ASP QC 479 -57.29 -62.69 61.26
C ASP QC 479 -56.15 -63.68 61.45
N THR QC 480 -56.01 -64.20 62.67
CA THR QC 480 -54.92 -65.12 62.99
C THR QC 480 -55.33 -66.08 64.09
N VAL QC 481 -54.81 -67.31 64.02
CA VAL QC 481 -55.06 -68.32 65.05
C VAL QC 481 -53.85 -69.24 65.18
N GLN QC 482 -53.53 -69.59 66.43
CA GLN QC 482 -52.46 -70.53 66.79
C GLN QC 482 -53.01 -71.61 67.72
N SER QC 483 -52.59 -72.86 67.54
CA SER QC 483 -53.08 -73.90 68.43
C SER QC 483 -52.15 -75.10 68.43
N ILE QC 484 -52.23 -75.85 69.52
CA ILE QC 484 -51.59 -77.15 69.73
C ILE QC 484 -52.20 -78.21 68.83
N PRO QC 485 -51.42 -78.85 67.95
CA PRO QC 485 -52.02 -79.71 66.92
C PRO QC 485 -53.05 -80.73 67.39
N PHE QC 486 -52.84 -81.40 68.51
CA PHE QC 486 -53.83 -82.40 68.95
C PHE QC 486 -54.75 -81.94 70.05
N LEU QC 487 -54.29 -81.08 70.95
CA LEU QC 487 -55.14 -80.68 72.06
C LEU QC 487 -56.13 -79.60 71.65
N GLY QC 488 -55.77 -78.77 70.68
CA GLY QC 488 -56.62 -77.70 70.19
C GLY QC 488 -57.95 -78.16 69.65
N LYS QC 489 -58.16 -79.47 69.47
CA LYS QC 489 -59.40 -79.99 68.92
C LYS QC 489 -60.15 -80.87 69.90
N LEU QC 490 -59.76 -80.89 71.16
CA LEU QC 490 -60.51 -81.65 72.15
C LEU QC 490 -61.91 -81.06 72.29
N PRO QC 491 -62.94 -81.90 72.39
CA PRO QC 491 -64.32 -81.36 72.38
C PRO QC 491 -64.64 -80.41 73.53
N LEU QC 492 -64.29 -80.76 74.76
CA LEU QC 492 -64.64 -79.93 75.90
C LEU QC 492 -63.57 -78.96 76.36
N ILE QC 493 -62.29 -79.21 76.08
CA ILE QC 493 -61.22 -78.35 76.56
C ILE QC 493 -60.37 -77.76 75.43
N GLY QC 494 -60.65 -78.10 74.18
CA GLY QC 494 -59.85 -77.60 73.08
C GLY QC 494 -59.60 -76.11 73.15
N SER QC 495 -60.62 -75.35 73.58
CA SER QC 495 -60.51 -73.90 73.68
C SER QC 495 -59.41 -73.45 74.64
N LEU QC 496 -58.94 -74.31 75.54
CA LEU QC 496 -57.79 -73.96 76.37
C LEU QC 496 -56.49 -73.88 75.58
N PHE QC 497 -56.45 -74.42 74.37
CA PHE QC 497 -55.22 -74.56 73.61
C PHE QC 497 -55.21 -73.72 72.33
N ARG QC 498 -56.04 -72.69 72.23
CA ARG QC 498 -56.09 -71.81 71.07
C ARG QC 498 -55.84 -70.38 71.50
N TYR QC 499 -55.19 -69.64 70.61
CA TYR QC 499 -55.10 -68.19 70.70
C TYR QC 499 -55.40 -67.60 69.32
N SER QC 500 -56.14 -66.49 69.31
CA SER QC 500 -56.60 -65.86 68.09
C SER QC 500 -56.58 -64.34 68.20
N SER QC 501 -56.46 -63.69 67.06
CA SER QC 501 -56.43 -62.22 67.01
C SER QC 501 -57.11 -61.71 65.75
N LYS QC 502 -57.95 -60.68 65.92
CA LYS QC 502 -58.73 -60.07 64.85
C LYS QC 502 -58.58 -58.56 64.88
N ASN QC 503 -58.41 -57.97 63.69
CA ASN QC 503 -58.21 -56.53 63.56
C ASN QC 503 -58.94 -55.97 62.34
N LYS QC 504 -59.69 -54.87 62.52
CA LYS QC 504 -60.41 -54.22 61.42
C LYS QC 504 -60.18 -52.71 61.47
N SER QC 505 -59.97 -52.10 60.30
CA SER QC 505 -59.61 -50.67 60.21
C SER QC 505 -60.20 -49.98 58.99
N ASN QC 506 -60.87 -48.84 59.19
CA ASN QC 506 -61.52 -48.10 58.10
C ASN QC 506 -61.26 -46.59 58.21
N VAL QC 507 -60.80 -45.96 57.12
CA VAL QC 507 -60.35 -44.56 57.15
C VAL QC 507 -60.81 -43.85 55.87
N VAL QC 508 -61.25 -42.59 56.03
CA VAL QC 508 -61.72 -41.72 54.96
C VAL QC 508 -61.12 -40.32 55.10
N ARG QC 509 -60.66 -39.74 53.99
CA ARG QC 509 -60.14 -38.38 54.04
C ARG QC 509 -60.46 -37.65 52.72
N VAL QC 510 -60.97 -36.42 52.81
CA VAL QC 510 -61.44 -35.67 51.64
C VAL QC 510 -61.13 -34.18 51.73
N PHE QC 511 -60.93 -33.56 50.57
CA PHE QC 511 -60.72 -32.11 50.44
C PHE QC 511 -61.73 -31.53 49.46
N MET QC 512 -62.49 -30.54 49.93
CA MET QC 512 -63.50 -29.86 49.12
C MET QC 512 -63.26 -28.35 49.17
N ILE QC 513 -63.55 -27.69 48.05
CA ILE QC 513 -63.28 -26.27 47.86
C ILE QC 513 -64.57 -25.53 47.51
N GLU QC 514 -64.71 -24.31 48.04
CA GLU QC 514 -65.94 -23.53 47.93
C GLU QC 514 -65.67 -22.02 47.90
N PRO QC 515 -65.51 -21.43 46.72
CA PRO QC 515 -65.28 -19.99 46.61
C PRO QC 515 -66.53 -19.12 46.52
N LYS QC 516 -66.39 -17.87 46.97
CA LYS QC 516 -67.46 -16.86 46.93
C LYS QC 516 -66.91 -15.50 46.55
N GLU QC 517 -67.65 -14.74 45.75
CA GLU QC 517 -67.33 -13.33 45.52
C GLU QC 517 -67.76 -12.47 46.72
N ILE QC 518 -66.90 -11.50 47.08
CA ILE QC 518 -67.14 -10.57 48.18
C ILE QC 518 -67.35 -9.16 47.63
N VAL QC 519 -68.50 -8.58 47.95
CA VAL QC 519 -68.87 -7.26 47.49
C VAL QC 519 -69.18 -6.29 48.64
N ASP QC 520 -69.59 -6.82 49.79
CA ASP QC 520 -69.97 -5.95 50.89
C ASP QC 520 -69.09 -6.18 52.12
N PRO QC 521 -68.77 -5.12 52.86
CA PRO QC 521 -68.04 -5.29 54.12
C PRO QC 521 -68.80 -6.02 55.21
N LEU QC 522 -68.13 -6.19 56.34
CA LEU QC 522 -68.73 -6.77 57.55
C LEU QC 522 -69.91 -5.95 58.03
N THR QC 523 -70.84 -6.64 58.71
CA THR QC 523 -72.02 -6.06 59.35
C THR QC 523 -72.55 -7.02 60.41
N PRO QC 524 -72.49 -6.70 61.71
CA PRO QC 524 -71.90 -5.56 62.44
C PRO QC 524 -70.46 -5.27 62.17
N ASP QC 525 -70.05 -4.06 62.52
CA ASP QC 525 -68.65 -3.70 62.48
C ASP QC 525 -67.82 -4.48 63.51
N ALA QC 526 -66.57 -4.73 63.12
CA ALA QC 526 -65.60 -5.36 64.01
C ALA QC 526 -65.57 -4.72 65.38
N SER QC 527 -65.57 -3.39 65.44
CA SER QC 527 -65.55 -2.70 66.72
C SER QC 527 -66.73 -3.09 67.59
N GLU QC 528 -67.85 -3.47 66.99
CA GLU QC 528 -69.03 -3.86 67.74
C GLU QC 528 -68.94 -5.30 68.20
N SER QC 529 -68.70 -6.22 67.27
CA SER QC 529 -68.59 -7.63 67.65
C SER QC 529 -67.49 -7.87 68.67
N VAL QC 530 -66.31 -7.27 68.47
CA VAL QC 530 -65.23 -7.39 69.44
C VAL QC 530 -65.65 -6.88 70.82
N ASN QC 531 -66.32 -5.72 70.86
CA ASN QC 531 -66.75 -5.19 72.15
C ASN QC 531 -67.72 -6.13 72.83
N ASN QC 532 -68.62 -6.73 72.07
CA ASN QC 532 -69.56 -7.68 72.65
C ASN QC 532 -68.82 -8.87 73.25
N ILE QC 533 -67.90 -9.44 72.49
CA ILE QC 533 -67.13 -10.56 73.01
C ILE QC 533 -66.40 -10.18 74.29
N LEU QC 534 -65.74 -9.03 74.28
CA LEU QC 534 -65.01 -8.56 75.47
C LEU QC 534 -65.90 -8.49 76.69
N LYS QC 535 -67.02 -7.79 76.57
CA LYS QC 535 -67.90 -7.62 77.73
C LYS QC 535 -68.52 -8.94 78.16
N GLN QC 536 -68.95 -9.77 77.22
CA GLN QC 536 -69.54 -11.04 77.60
C GLN QC 536 -68.53 -11.96 78.26
N SER QC 537 -67.25 -11.86 77.89
CA SER QC 537 -66.20 -12.65 78.52
C SER QC 537 -65.59 -12.00 79.76
N GLY QC 538 -66.05 -10.82 80.13
CA GLY QC 538 -65.46 -10.09 81.23
C GLY QC 538 -64.01 -9.66 81.02
N ALA QC 539 -63.50 -9.86 79.81
CA ALA QC 539 -62.16 -9.40 79.48
C ALA QC 539 -62.10 -7.88 79.47
N TRP QC 540 -63.24 -7.24 79.23
CA TRP QC 540 -63.33 -5.79 79.17
C TRP QC 540 -62.56 -5.09 80.28
N SER QC 541 -61.93 -3.98 79.90
CA SER QC 541 -61.08 -3.19 80.79
C SER QC 541 -61.31 -1.70 80.65
N GLY QC 542 -62.10 -1.26 79.68
CA GLY QC 542 -62.32 0.16 79.47
C GLY QC 542 -62.95 0.84 80.65
N ASP QC 543 -63.50 0.05 81.58
CA ASP QC 543 -64.05 0.58 82.81
C ASP QC 543 -63.00 1.29 83.64
N ASP QC 544 -61.72 0.96 83.44
CA ASP QC 544 -60.67 1.54 84.26
C ASP QC 544 -60.64 3.05 84.18
N LYS QC 545 -60.58 3.67 85.35
CA LYS QC 545 -60.48 5.12 85.44
C LYS QC 545 -59.24 5.64 84.75
N LEU QC 546 -58.14 4.90 84.82
CA LEU QC 546 -56.85 5.37 84.33
C LEU QC 546 -56.60 5.12 82.84
N GLN QC 547 -56.69 3.87 82.41
CA GLN QC 547 -56.41 3.59 81.00
C GLN QC 547 -57.27 4.41 80.04
N LYS QC 548 -58.46 4.85 80.46
CA LYS QC 548 -59.32 5.63 79.57
C LYS QC 548 -58.57 6.82 78.96
N TRP QC 549 -57.67 7.44 79.73
CA TRP QC 549 -56.95 8.60 79.23
C TRP QC 549 -56.23 8.32 77.92
N VAL QC 550 -55.80 7.08 77.72
CA VAL QC 550 -55.11 6.68 76.50
C VAL QC 550 -56.06 6.02 75.53
N ARG QC 551 -56.81 5.02 75.99
CA ARG QC 551 -57.74 4.32 75.12
C ARG QC 551 -58.66 5.28 74.37
N VAL QC 552 -59.01 6.42 74.96
CA VAL QC 552 -59.80 7.41 74.22
C VAL QC 552 -59.19 7.67 72.84
N TYR QC 553 -57.89 7.95 72.78
CA TYR QC 553 -57.24 8.20 71.50
C TYR QC 553 -57.43 7.05 70.51
N LEU QC 554 -57.43 5.81 70.99
CA LEU QC 554 -57.59 4.67 70.09
C LEU QC 554 -59.04 4.48 69.66
N ASP QC 555 -59.97 4.50 70.60
CA ASP QC 555 -61.37 4.23 70.28
C ASP QC 555 -62.08 5.48 69.78
N ARG QC 556 -61.77 6.65 70.34
CA ARG QC 556 -62.40 7.88 69.89
C ARG QC 556 -61.67 8.45 68.68
N GLY QC 557 -60.35 8.52 68.74
CA GLY QC 557 -59.57 9.19 67.70
C GLY QC 557 -59.51 10.70 67.87
N PRO RC 29 -28.37 88.56 -20.05
CA PRO RC 29 -28.56 88.24 -18.64
C PRO RC 29 -27.71 89.10 -17.73
N VAL RC 30 -28.25 90.24 -17.30
CA VAL RC 30 -27.43 91.29 -16.73
C VAL RC 30 -26.92 90.91 -15.34
N THR RC 31 -27.68 90.13 -14.59
CA THR RC 31 -27.44 89.93 -13.17
C THR RC 31 -27.58 88.45 -12.82
N GLY RC 32 -27.22 88.13 -11.58
CA GLY RC 32 -27.18 86.75 -11.16
C GLY RC 32 -26.06 85.98 -11.84
N SER RC 33 -26.30 84.69 -12.06
CA SER RC 33 -25.33 83.85 -12.73
C SER RC 33 -26.04 82.71 -13.44
N GLY RC 34 -25.54 82.35 -14.60
CA GLY RC 34 -26.16 81.28 -15.38
C GLY RC 34 -25.28 80.93 -16.55
N PHE RC 35 -25.77 79.98 -17.35
CA PHE RC 35 -24.95 79.32 -18.34
C PHE RC 35 -25.69 79.32 -19.67
N VAL RC 36 -25.01 79.73 -20.73
CA VAL RC 36 -25.58 79.71 -22.08
C VAL RC 36 -24.99 78.54 -22.82
N ALA RC 37 -25.82 77.56 -23.14
CA ALA RC 37 -25.38 76.31 -23.74
C ALA RC 37 -25.72 76.27 -25.22
N LYS RC 38 -24.76 75.85 -26.04
CA LYS RC 38 -25.00 75.72 -27.47
C LYS RC 38 -24.67 74.29 -27.89
N ASP RC 39 -25.62 73.40 -27.66
CA ASP RC 39 -25.55 71.99 -28.05
C ASP RC 39 -24.31 71.28 -27.51
N ASP RC 40 -23.93 71.60 -26.29
CA ASP RC 40 -22.78 70.92 -25.70
C ASP RC 40 -23.24 69.74 -24.86
N SER RC 41 -22.33 68.82 -24.60
CA SER RC 41 -22.67 67.59 -23.92
C SER RC 41 -23.19 67.87 -22.52
N LEU RC 42 -24.05 66.97 -22.05
CA LEU RC 42 -24.47 67.00 -20.66
C LEU RC 42 -23.32 67.04 -19.67
N ARG RC 43 -22.18 66.45 -20.00
CA ARG RC 43 -21.05 66.50 -19.07
C ARG RC 43 -20.49 67.92 -18.93
N THR RC 44 -20.25 68.61 -20.03
CA THR RC 44 -19.85 70.00 -19.95
C THR RC 44 -20.96 70.88 -19.42
N PHE RC 45 -22.22 70.45 -19.49
CA PHE RC 45 -23.26 71.25 -18.88
C PHE RC 45 -23.25 71.14 -17.36
N PHE RC 46 -23.30 69.93 -16.82
CA PHE RC 46 -23.33 69.75 -15.37
C PHE RC 46 -22.03 70.16 -14.68
N ASP RC 47 -20.90 70.12 -15.40
CA ASP RC 47 -19.71 70.73 -14.82
C ASP RC 47 -19.91 72.22 -14.58
N ALA RC 48 -20.74 72.89 -15.35
CA ALA RC 48 -21.00 74.31 -15.10
C ALA RC 48 -21.86 74.51 -13.86
N MET RC 49 -22.64 73.52 -13.48
CA MET RC 49 -23.55 73.61 -12.36
C MET RC 49 -22.92 73.17 -11.05
N ALA RC 50 -21.81 72.45 -11.14
CA ALA RC 50 -21.19 71.86 -9.96
C ALA RC 50 -20.74 72.88 -8.93
N LEU RC 51 -20.39 74.10 -9.32
CA LEU RC 51 -20.03 75.10 -8.31
C LEU RC 51 -21.23 75.53 -7.48
N GLN RC 52 -22.38 75.75 -8.11
CA GLN RC 52 -23.58 76.13 -7.37
C GLN RC 52 -24.07 74.98 -6.51
N LEU RC 53 -23.95 73.76 -7.01
CA LEU RC 53 -24.26 72.59 -6.20
C LEU RC 53 -23.21 72.30 -5.14
N LYS RC 54 -22.01 72.86 -5.23
CA LYS RC 54 -20.99 72.73 -4.22
C LYS RC 54 -20.47 71.30 -4.07
N GLU RC 55 -20.59 70.50 -5.12
CA GLU RC 55 -20.21 69.09 -5.11
C GLU RC 55 -19.62 68.74 -6.46
N PRO RC 56 -18.61 67.88 -6.50
CA PRO RC 56 -18.13 67.36 -7.79
C PRO RC 56 -19.12 66.39 -8.41
N VAL RC 57 -19.30 66.48 -9.73
CA VAL RC 57 -20.28 65.69 -10.44
C VAL RC 57 -19.59 64.69 -11.36
N ILE RC 58 -20.06 63.45 -11.31
CA ILE RC 58 -19.65 62.31 -12.13
C ILE RC 58 -20.77 61.94 -13.09
N VAL RC 59 -20.48 61.91 -14.40
CA VAL RC 59 -21.50 61.60 -15.39
C VAL RC 59 -21.05 60.43 -16.25
N SER RC 60 -21.90 59.41 -16.30
CA SER RC 60 -21.74 58.24 -17.17
C SER RC 60 -21.62 58.59 -18.65
N LYS RC 61 -20.80 57.81 -19.35
CA LYS RC 61 -20.64 57.92 -20.81
C LYS RC 61 -21.96 57.91 -21.56
N MET RC 62 -22.83 56.97 -21.20
CA MET RC 62 -24.10 56.81 -21.89
C MET RC 62 -24.93 58.07 -21.81
N ALA RC 63 -24.90 58.76 -20.69
CA ALA RC 63 -25.59 60.03 -20.57
C ALA RC 63 -24.81 61.16 -21.24
N ALA RC 64 -23.49 61.13 -21.16
CA ALA RC 64 -22.70 62.15 -21.83
C ALA RC 64 -22.89 62.17 -23.32
N ARG RC 65 -23.50 61.14 -23.91
CA ARG RC 65 -23.85 61.22 -25.33
C ARG RC 65 -25.00 62.17 -25.66
N LYS RC 66 -25.81 62.56 -24.68
CA LYS RC 66 -26.92 63.48 -24.92
C LYS RC 66 -26.48 64.94 -25.01
N LYS RC 67 -27.08 65.68 -25.94
CA LYS RC 67 -26.82 67.12 -26.08
C LYS RC 67 -27.92 67.93 -25.43
N ILE RC 68 -27.62 69.21 -25.18
CA ILE RC 68 -28.64 70.18 -24.75
C ILE RC 68 -28.26 71.56 -25.27
N THR RC 69 -29.27 72.39 -25.51
CA THR RC 69 -29.05 73.78 -25.89
C THR RC 69 -30.14 74.68 -25.32
N GLY RC 70 -29.78 75.90 -25.00
CA GLY RC 70 -30.69 76.83 -24.37
C GLY RC 70 -29.97 77.75 -23.40
N ASN RC 71 -30.75 78.44 -22.57
CA ASN RC 71 -30.22 79.41 -21.62
C ASN RC 71 -30.76 79.14 -20.24
N PHE RC 72 -29.88 78.95 -19.28
CA PHE RC 72 -30.26 78.49 -17.94
C PHE RC 72 -29.71 79.42 -16.88
N GLU RC 73 -30.46 79.57 -15.79
CA GLU RC 73 -30.04 80.36 -14.65
C GLU RC 73 -30.21 79.59 -13.36
N PHE RC 74 -29.22 79.69 -12.48
CA PHE RC 74 -29.08 78.77 -11.36
C PHE RC 74 -29.48 79.37 -10.02
N HIS RC 75 -30.74 79.74 -9.85
CA HIS RC 75 -31.23 80.18 -8.54
C HIS RC 75 -31.26 79.04 -7.52
N ASP RC 76 -31.91 77.94 -7.84
CA ASP RC 76 -31.92 76.76 -6.99
C ASP RC 76 -31.57 75.53 -7.82
N PRO RC 77 -30.33 75.09 -7.80
CA PRO RC 77 -29.95 73.94 -8.64
C PRO RC 77 -30.72 72.67 -8.34
N ASN RC 78 -31.15 72.42 -7.11
CA ASN RC 78 -31.78 71.13 -6.81
C ASN RC 78 -33.10 70.93 -7.54
N ALA RC 79 -33.85 72.02 -7.72
CA ALA RC 79 -35.10 71.94 -8.46
C ALA RC 79 -34.84 71.70 -9.92
N LEU RC 80 -33.93 72.47 -10.51
CA LEU RC 80 -33.61 72.27 -11.90
C LEU RC 80 -33.07 70.87 -12.14
N LEU RC 81 -32.26 70.38 -11.21
CA LEU RC 81 -31.70 69.05 -11.34
C LEU RC 81 -32.81 68.00 -11.39
N GLU RC 82 -33.81 68.09 -10.51
CA GLU RC 82 -34.87 67.09 -10.53
C GLU RC 82 -35.75 67.20 -11.76
N LYS RC 83 -36.14 68.43 -12.11
CA LYS RC 83 -36.92 68.65 -13.32
C LYS RC 83 -36.22 68.07 -14.55
N LEU RC 84 -34.95 68.41 -14.75
CA LEU RC 84 -34.24 67.92 -15.91
C LEU RC 84 -34.02 66.42 -15.86
N SER RC 85 -33.88 65.83 -14.66
CA SER RC 85 -33.78 64.39 -14.59
C SER RC 85 -35.01 63.73 -15.17
N LEU RC 86 -36.19 64.20 -14.79
CA LEU RC 86 -37.41 63.61 -15.33
C LEU RC 86 -37.62 63.91 -16.81
N GLN RC 87 -37.26 65.11 -17.25
CA GLN RC 87 -37.43 65.45 -18.67
C GLN RC 87 -36.48 64.65 -19.56
N LEU RC 88 -35.24 64.45 -19.17
CA LEU RC 88 -34.24 63.84 -20.04
C LEU RC 88 -34.10 62.34 -19.81
N GLY RC 89 -34.71 61.80 -18.75
CA GLY RC 89 -34.61 60.41 -18.41
C GLY RC 89 -33.39 59.98 -17.65
N LEU RC 90 -32.83 60.87 -16.85
CA LEU RC 90 -31.66 60.59 -16.04
C LEU RC 90 -32.10 60.05 -14.69
N ILE RC 91 -31.16 59.44 -13.99
CA ILE RC 91 -31.34 59.04 -12.61
C ILE RC 91 -30.10 59.55 -11.91
N TRP RC 92 -30.26 59.97 -10.66
CA TRP RC 92 -29.12 60.52 -9.95
C TRP RC 92 -29.15 60.17 -8.48
N TYR RC 93 -27.95 60.19 -7.89
CA TYR RC 93 -27.76 59.79 -6.51
C TYR RC 93 -26.73 60.72 -5.87
N PHE RC 94 -26.76 60.80 -4.55
CA PHE RC 94 -25.87 61.65 -3.78
C PHE RC 94 -25.49 60.97 -2.47
N ASP RC 95 -24.23 60.55 -2.39
CA ASP RC 95 -23.67 59.82 -1.26
C ASP RC 95 -23.05 60.70 -0.20
N GLY RC 96 -23.06 62.02 -0.37
CA GLY RC 96 -22.46 62.96 0.55
C GLY RC 96 -21.17 63.57 0.08
N GLN RC 97 -20.50 62.97 -0.89
CA GLN RC 97 -19.24 63.48 -1.40
C GLN RC 97 -19.30 63.91 -2.85
N ALA RC 98 -20.10 63.22 -3.68
CA ALA RC 98 -20.18 63.55 -5.10
C ALA RC 98 -21.56 63.18 -5.61
N ILE RC 99 -22.01 63.90 -6.63
CA ILE RC 99 -23.25 63.57 -7.32
C ILE RC 99 -23.00 62.69 -8.53
N TYR RC 100 -23.70 61.55 -8.62
CA TYR RC 100 -23.57 60.56 -9.68
C TYR RC 100 -24.82 60.59 -10.54
N ILE RC 101 -24.64 60.82 -11.85
CA ILE RC 101 -25.75 60.87 -12.80
C ILE RC 101 -25.58 59.79 -13.86
N TYR RC 102 -26.63 58.97 -14.02
CA TYR RC 102 -26.72 57.86 -14.95
C TYR RC 102 -27.92 57.95 -15.87
N ASP RC 103 -27.83 57.23 -16.97
CA ASP RC 103 -28.98 57.02 -17.83
C ASP RC 103 -29.95 56.05 -17.17
N ALA RC 104 -31.25 56.32 -17.31
CA ALA RC 104 -32.29 55.45 -16.76
C ALA RC 104 -32.14 53.98 -17.12
N SER RC 105 -31.68 53.67 -18.31
CA SER RC 105 -31.48 52.28 -18.70
C SER RC 105 -30.54 51.51 -17.77
N GLU RC 106 -29.64 52.19 -17.07
CA GLU RC 106 -28.69 51.54 -16.16
C GLU RC 106 -29.27 51.05 -14.83
N MET RC 107 -30.55 51.26 -14.54
CA MET RC 107 -31.16 50.76 -13.31
C MET RC 107 -30.83 49.30 -13.03
N ARG RC 108 -30.29 49.03 -11.84
CA ARG RC 108 -30.01 47.67 -11.40
C ARG RC 108 -30.92 47.30 -10.24
N ASN RC 109 -31.10 46.01 -10.02
CA ASN RC 109 -31.88 45.55 -8.88
C ASN RC 109 -31.41 44.18 -8.41
N ALA RC 110 -31.71 43.87 -7.16
CA ALA RC 110 -31.23 42.65 -6.52
C ALA RC 110 -32.18 42.23 -5.41
N VAL RC 111 -32.18 40.92 -5.12
CA VAL RC 111 -32.81 40.35 -3.94
C VAL RC 111 -31.74 39.90 -2.95
N VAL RC 112 -31.86 40.34 -1.70
CA VAL RC 112 -30.88 40.11 -0.66
C VAL RC 112 -31.55 39.33 0.46
N SER RC 113 -30.78 38.42 1.07
CA SER RC 113 -31.28 37.62 2.18
C SER RC 113 -30.26 37.53 3.29
N LEU RC 114 -30.75 37.57 4.53
CA LEU RC 114 -29.96 37.75 5.73
C LEU RC 114 -30.28 36.65 6.71
N ARG RC 115 -29.37 36.40 7.65
CA ARG RC 115 -29.58 35.38 8.65
C ARG RC 115 -29.50 35.90 10.08
N ASN RC 116 -28.75 36.96 10.34
CA ASN RC 116 -28.53 37.45 11.69
C ASN RC 116 -29.05 38.86 11.93
N VAL RC 117 -29.77 39.44 10.98
CA VAL RC 117 -30.15 40.84 11.04
C VAL RC 117 -31.54 41.00 10.44
N SER RC 118 -32.25 42.04 10.86
CA SER RC 118 -33.57 42.34 10.35
C SER RC 118 -33.59 43.66 9.59
N LEU RC 119 -34.50 43.74 8.63
CA LEU RC 119 -34.59 44.93 7.78
C LEU RC 119 -34.73 46.18 8.64
N ASN RC 120 -35.48 46.08 9.73
CA ASN RC 120 -35.62 47.21 10.61
C ASN RC 120 -34.32 47.55 11.31
N GLU RC 121 -33.41 46.59 11.42
CA GLU RC 121 -32.10 46.92 11.94
C GLU RC 121 -31.30 47.67 10.89
N PHE RC 122 -31.27 47.11 9.69
CA PHE RC 122 -30.33 47.64 8.70
C PHE RC 122 -30.72 49.06 8.30
N ASN RC 123 -32.01 49.38 8.29
CA ASN RC 123 -32.42 50.76 8.05
C ASN RC 123 -31.75 51.72 9.02
N ASN RC 124 -31.77 51.39 10.30
CA ASN RC 124 -31.11 52.23 11.29
C ASN RC 124 -29.64 52.46 10.96
N PHE RC 125 -28.95 51.42 10.52
CA PHE RC 125 -27.56 51.58 10.10
C PHE RC 125 -27.44 52.62 8.98
N LEU RC 126 -28.23 52.45 7.92
CA LEU RC 126 -28.21 53.43 6.83
C LEU RC 126 -28.49 54.85 7.32
N LYS RC 127 -29.51 55.02 8.14
CA LYS RC 127 -29.82 56.36 8.66
C LYS RC 127 -28.65 56.96 9.42
N ARG RC 128 -28.11 56.24 10.39
CA ARG RC 128 -26.95 56.77 11.11
C ARG RC 128 -25.81 57.10 10.17
N SER RC 129 -25.53 56.23 9.19
CA SER RC 129 -24.52 56.51 8.20
C SER RC 129 -24.82 57.74 7.35
N GLY RC 130 -26.07 58.10 7.18
CA GLY RC 130 -26.38 59.17 6.25
C GLY RC 130 -26.37 58.74 4.80
N LEU RC 131 -26.59 57.46 4.56
CA LEU RC 131 -26.63 56.83 3.25
C LEU RC 131 -28.05 56.59 2.77
N TYR RC 132 -29.00 56.54 3.71
CA TYR RC 132 -30.41 56.35 3.38
C TYR RC 132 -30.89 57.32 2.32
N ASN RC 133 -31.77 56.82 1.45
CA ASN RC 133 -32.34 57.57 0.33
C ASN RC 133 -33.79 57.15 0.16
N LYS RC 134 -34.72 58.02 0.52
CA LYS RC 134 -36.15 57.72 0.44
C LYS RC 134 -36.71 57.59 -0.96
N ASN RC 135 -35.95 57.87 -2.02
CA ASN RC 135 -36.42 57.56 -3.37
C ASN RC 135 -36.31 56.08 -3.71
N TYR RC 136 -35.37 55.37 -3.09
CA TYR RC 136 -35.11 53.97 -3.42
C TYR RC 136 -35.06 53.11 -2.17
N PRO RC 137 -36.06 53.23 -1.30
CA PRO RC 137 -36.04 52.48 -0.04
C PRO RC 137 -36.09 50.98 -0.26
N LEU RC 138 -35.60 50.25 0.75
CA LEU RC 138 -35.72 48.81 0.78
C LEU RC 138 -37.18 48.39 0.92
N ARG RC 139 -37.58 47.41 0.14
CA ARG RC 139 -38.94 46.89 0.10
C ARG RC 139 -38.99 45.44 0.58
N GLY RC 140 -39.68 45.20 1.69
CA GLY RC 140 -39.79 43.85 2.20
C GLY RC 140 -40.53 43.83 3.53
N ASP RC 141 -40.39 42.72 4.26
CA ASP RC 141 -41.02 42.58 5.58
C ASP RC 141 -40.04 42.85 6.71
N ASN RC 142 -40.33 43.87 7.53
CA ASN RC 142 -39.54 44.16 8.71
C ASN RC 142 -39.28 42.96 9.60
N ARG RC 143 -40.25 42.04 9.70
CA ARG RC 143 -40.04 40.89 10.57
C ARG RC 143 -39.05 39.88 10.02
N LYS RC 144 -38.82 39.86 8.72
CA LYS RC 144 -38.04 38.81 8.10
C LYS RC 144 -36.82 39.38 7.40
N GLY RC 145 -35.88 38.50 7.10
CA GLY RC 145 -34.60 38.86 6.57
C GLY RC 145 -34.44 38.87 5.06
N THR RC 146 -35.51 38.99 4.30
CA THR RC 146 -35.42 38.95 2.85
C THR RC 146 -36.05 40.19 2.26
N PHE RC 147 -35.29 40.90 1.41
CA PHE RC 147 -35.80 42.13 0.83
C PHE RC 147 -35.31 42.29 -0.61
N TYR RC 148 -36.01 43.15 -1.34
CA TYR RC 148 -35.69 43.57 -2.69
C TYR RC 148 -35.22 45.02 -2.72
N VAL RC 149 -34.21 45.32 -3.55
CA VAL RC 149 -33.74 46.70 -3.70
C VAL RC 149 -33.44 46.99 -5.16
N SER RC 150 -33.68 48.23 -5.58
CA SER RC 150 -33.45 48.64 -6.95
C SER RC 150 -33.05 50.10 -7.03
N GLY RC 151 -32.15 50.43 -7.95
CA GLY RC 151 -31.69 51.79 -8.12
C GLY RC 151 -30.42 51.97 -8.93
N PRO RC 152 -29.81 53.14 -8.83
CA PRO RC 152 -28.52 53.35 -9.47
C PRO RC 152 -27.47 52.36 -9.04
N PRO RC 153 -26.57 51.98 -9.94
CA PRO RC 153 -25.48 51.06 -9.64
C PRO RC 153 -24.75 51.22 -8.34
N VAL RC 154 -24.20 52.41 -8.09
CA VAL RC 154 -23.44 52.66 -6.88
C VAL RC 154 -24.26 52.34 -5.65
N TYR RC 155 -25.48 52.84 -5.60
CA TYR RC 155 -26.34 52.59 -4.47
C TYR RC 155 -26.58 51.10 -4.26
N VAL RC 156 -27.03 50.40 -5.29
CA VAL RC 156 -27.26 48.96 -5.20
C VAL RC 156 -26.02 48.22 -4.70
N ASP RC 157 -24.88 48.42 -5.35
CA ASP RC 157 -23.65 47.75 -4.92
C ASP RC 157 -23.32 48.02 -3.47
N MET RC 158 -23.40 49.28 -3.04
CA MET RC 158 -23.11 49.58 -1.64
C MET RC 158 -24.02 48.80 -0.71
N VAL RC 159 -25.33 48.90 -0.93
CA VAL RC 159 -26.28 48.15 -0.12
C VAL RC 159 -25.94 46.67 -0.02
N VAL RC 160 -25.78 46.00 -1.16
CA VAL RC 160 -25.55 44.56 -1.13
C VAL RC 160 -24.23 44.18 -0.44
N ASN RC 161 -23.18 44.98 -0.64
CA ASN RC 161 -21.94 44.77 0.11
C ASN RC 161 -22.16 44.90 1.61
N ALA RC 162 -22.64 46.05 2.03
CA ALA RC 162 -22.78 46.31 3.45
C ALA RC 162 -23.63 45.26 4.14
N ALA RC 163 -24.78 44.93 3.55
CA ALA RC 163 -25.64 43.94 4.18
C ALA RC 163 -25.00 42.57 4.27
N THR RC 164 -24.26 42.14 3.26
CA THR RC 164 -23.61 40.85 3.38
C THR RC 164 -22.52 40.85 4.45
N MET RC 165 -21.75 41.93 4.54
CA MET RC 165 -20.67 41.90 5.51
C MET RC 165 -21.16 42.09 6.93
N MET RC 166 -22.18 42.91 7.16
CA MET RC 166 -22.74 42.97 8.50
C MET RC 166 -23.32 41.64 8.92
N ASP RC 167 -23.97 40.92 8.00
CA ASP RC 167 -24.47 39.61 8.36
C ASP RC 167 -23.35 38.67 8.79
N LYS RC 168 -22.21 38.73 8.10
CA LYS RC 168 -21.09 37.89 8.55
C LYS RC 168 -20.53 38.33 9.88
N GLN RC 169 -20.53 39.64 10.16
CA GLN RC 169 -19.99 40.09 11.44
C GLN RC 169 -20.87 39.63 12.60
N ASN RC 170 -22.18 39.85 12.48
CA ASN RC 170 -23.09 39.35 13.52
C ASN RC 170 -23.09 37.84 13.63
N ASP RC 171 -22.70 37.13 12.57
CA ASP RC 171 -22.66 35.67 12.63
C ASP RC 171 -21.77 35.16 13.76
N GLY RC 172 -20.79 35.95 14.19
CA GLY RC 172 -19.91 35.57 15.28
C GLY RC 172 -20.44 35.74 16.70
N ILE RC 173 -21.60 36.36 16.90
CA ILE RC 173 -22.10 36.65 18.24
C ILE RC 173 -23.17 35.63 18.61
N GLU RC 174 -23.00 35.00 19.77
CA GLU RC 174 -24.02 34.15 20.37
C GLU RC 174 -24.96 34.94 21.29
N LEU RC 175 -26.23 34.53 21.30
CA LEU RC 175 -27.27 35.17 22.09
C LEU RC 175 -28.09 34.21 22.95
N GLY RC 176 -27.85 32.91 22.87
CA GLY RC 176 -28.50 31.96 23.77
C GLY RC 176 -28.04 32.01 25.21
N ARG RC 177 -28.29 33.14 25.84
CA ARG RC 177 -27.97 33.37 27.24
C ARG RC 177 -28.60 32.32 28.15
N GLN RC 178 -27.76 31.54 28.84
CA GLN RC 178 -28.23 30.57 29.81
C GLN RC 178 -28.66 31.25 31.11
N LYS RC 179 -29.85 30.91 31.59
CA LYS RC 179 -30.41 31.44 32.83
C LYS RC 179 -30.48 30.35 33.90
N ILE RC 180 -30.03 30.70 35.11
CA ILE RC 180 -30.10 29.86 36.30
C ILE RC 180 -31.32 30.22 37.15
N GLY RC 181 -32.21 29.25 37.34
CA GLY RC 181 -33.35 29.37 38.24
C GLY RC 181 -33.20 28.50 39.47
N VAL RC 182 -33.51 29.08 40.64
CA VAL RC 182 -33.49 28.40 41.93
C VAL RC 182 -34.93 28.20 42.38
N MET RC 183 -35.33 26.94 42.58
CA MET RC 183 -36.72 26.61 42.94
C MET RC 183 -36.76 25.87 44.27
N ARG RC 184 -37.48 26.42 45.24
CA ARG RC 184 -37.74 25.70 46.49
C ARG RC 184 -38.88 24.71 46.32
N LEU RC 185 -38.74 23.55 46.94
CA LEU RC 185 -39.85 22.63 47.15
C LEU RC 185 -40.45 22.81 48.53
N ASN RC 186 -41.76 22.96 48.59
CA ASN RC 186 -42.47 23.24 49.83
C ASN RC 186 -43.11 22.02 50.46
N ASN RC 187 -43.34 20.95 49.70
CA ASN RC 187 -44.11 19.82 50.18
C ASN RC 187 -43.40 18.46 50.15
N THR RC 188 -42.11 18.39 49.81
CA THR RC 188 -41.49 17.07 49.76
C THR RC 188 -39.97 17.15 49.85
N PHE RC 189 -39.37 15.99 50.11
CA PHE RC 189 -37.92 15.86 50.14
C PHE RC 189 -37.33 15.68 48.75
N VAL RC 190 -36.20 16.37 48.52
CA VAL RC 190 -35.55 16.38 47.21
C VAL RC 190 -34.88 15.08 46.82
N GLY RC 191 -34.46 14.24 47.76
CA GLY RC 191 -33.63 13.10 47.41
C GLY RC 191 -34.40 11.85 47.05
N ASP RC 192 -33.73 10.93 46.34
CA ASP RC 192 -34.24 9.58 46.17
C ASP RC 192 -34.20 8.82 47.48
N ARG RC 193 -35.08 7.83 47.62
CA ARG RC 193 -35.08 7.06 48.85
C ARG RC 193 -35.27 5.57 48.58
N THR RC 194 -34.68 4.75 49.44
CA THR RC 194 -34.79 3.30 49.33
C THR RC 194 -35.56 2.75 50.53
N TYR RC 195 -36.51 1.86 50.25
CA TYR RC 195 -37.23 1.12 51.27
C TYR RC 195 -36.98 -0.37 51.06
N ASN RC 196 -36.42 -1.01 52.09
CA ASN RC 196 -36.07 -2.42 52.04
C ASN RC 196 -37.25 -3.25 52.53
N LEU RC 197 -38.20 -3.47 51.63
CA LEU RC 197 -39.24 -4.45 51.93
C LEU RC 197 -38.59 -5.80 52.14
N ARG RC 198 -39.32 -6.70 52.81
CA ARG RC 198 -38.87 -8.08 52.90
C ARG RC 198 -38.74 -8.67 51.51
N ASP RC 199 -39.74 -8.43 50.67
CA ASP RC 199 -39.81 -9.09 49.38
C ASP RC 199 -38.86 -8.48 48.37
N GLN RC 200 -38.61 -7.18 48.47
CA GLN RC 200 -37.84 -6.48 47.46
C GLN RC 200 -37.05 -5.37 48.11
N LYS RC 201 -35.89 -5.09 47.53
CA LYS RC 201 -35.30 -3.76 47.60
C LYS RC 201 -36.11 -2.84 46.69
N MET RC 202 -36.65 -1.75 47.23
CA MET RC 202 -37.50 -0.85 46.47
C MET RC 202 -36.92 0.56 46.52
N VAL RC 203 -36.99 1.27 45.41
CA VAL RC 203 -36.44 2.63 45.31
C VAL RC 203 -37.50 3.56 44.78
N ILE RC 204 -37.54 4.77 45.33
CA ILE RC 204 -38.41 5.84 44.87
C ILE RC 204 -37.55 6.97 44.33
N PRO RC 205 -37.67 7.32 43.05
CA PRO RC 205 -36.86 8.38 42.46
C PRO RC 205 -37.44 9.76 42.75
N GLY RC 206 -36.54 10.70 43.06
CA GLY RC 206 -36.94 12.08 43.18
C GLY RC 206 -37.16 12.81 41.85
N ILE RC 207 -37.56 14.07 42.00
CA ILE RC 207 -37.96 14.89 40.86
C ILE RC 207 -36.84 15.02 39.85
N ALA RC 208 -35.66 15.41 40.30
CA ALA RC 208 -34.53 15.56 39.41
C ALA RC 208 -34.29 14.31 38.58
N THR RC 209 -34.18 13.16 39.23
CA THR RC 209 -33.97 11.91 38.50
C THR RC 209 -35.05 11.67 37.47
N ALA RC 210 -36.32 11.78 37.86
CA ALA RC 210 -37.41 11.54 36.91
C ALA RC 210 -37.34 12.46 35.70
N ILE RC 211 -37.33 13.78 35.93
CA ILE RC 211 -37.28 14.74 34.83
C ILE RC 211 -36.05 14.52 33.95
N GLU RC 212 -34.87 14.42 34.55
CA GLU RC 212 -33.66 14.21 33.78
C GLU RC 212 -33.77 12.96 32.90
N ARG RC 213 -34.14 11.82 33.49
CA ARG RC 213 -34.34 10.62 32.69
C ARG RC 213 -35.30 10.84 31.53
N LEU RC 214 -36.36 11.62 31.77
CA LEU RC 214 -37.33 11.89 30.70
C LEU RC 214 -36.76 12.72 29.56
N LEU RC 215 -36.15 13.86 29.87
CA LEU RC 215 -35.60 14.71 28.82
C LEU RC 215 -34.33 14.15 28.18
N GLN RC 216 -33.66 13.21 28.82
CA GLN RC 216 -32.41 12.63 28.33
C GLN RC 216 -32.47 12.32 26.84
N GLY RC 217 -31.49 12.85 26.11
CA GLY RC 217 -31.35 12.73 24.68
C GLY RC 217 -32.38 13.41 23.82
N GLU RC 218 -33.21 14.28 24.37
CA GLU RC 218 -34.18 15.00 23.57
C GLU RC 218 -33.48 15.93 22.59
N GLU RC 219 -34.12 16.16 21.45
CA GLU RC 219 -33.55 17.01 20.41
C GLU RC 219 -34.50 18.08 19.88
N GLN RC 220 -35.78 17.91 19.99
CA GLN RC 220 -36.73 18.93 19.59
C GLN RC 220 -36.97 19.92 20.73
N PRO RC 221 -37.45 21.11 20.42
CA PRO RC 221 -37.77 22.07 21.48
C PRO RC 221 -38.89 21.60 22.38
N LEU RC 222 -38.82 22.04 23.64
CA LEU RC 222 -39.86 21.83 24.63
C LEU RC 222 -41.00 22.83 24.42
N GLY RC 223 -42.19 22.33 24.12
CA GLY RC 223 -43.33 23.21 23.90
C GLY RC 223 -44.24 23.55 25.07
N ASN RC 224 -44.97 22.61 25.63
CA ASN RC 224 -45.96 22.95 26.65
C ASN RC 224 -46.24 21.77 27.57
N ILE RC 225 -46.92 22.07 28.68
CA ILE RC 225 -47.26 21.10 29.71
C ILE RC 225 -48.75 21.11 30.01
N VAL RC 226 -49.34 19.92 30.15
CA VAL RC 226 -50.74 19.76 30.52
C VAL RC 226 -50.84 18.59 31.49
N SER RC 227 -51.91 18.56 32.26
CA SER RC 227 -52.16 17.45 33.16
C SER RC 227 -52.68 16.26 32.36
N SER RC 253 -39.32 38.88 14.03
CA SER RC 253 -39.74 37.69 14.76
C SER RC 253 -38.78 36.54 14.52
N LEU RC 254 -37.99 36.63 13.45
CA LEU RC 254 -37.00 35.59 13.18
C LEU RC 254 -35.99 35.50 14.32
N GLN RC 255 -35.61 36.65 14.87
CA GLN RC 255 -34.78 36.72 16.07
C GLN RC 255 -35.46 36.14 17.30
N GLU RC 256 -36.78 35.93 17.26
CA GLU RC 256 -37.49 35.18 18.28
C GLU RC 256 -37.53 33.68 17.99
N ALA RC 257 -37.91 33.31 16.78
CA ALA RC 257 -38.00 31.90 16.41
C ALA RC 257 -36.66 31.21 16.60
N LEU RC 258 -35.57 31.90 16.32
CA LEU RC 258 -34.25 31.32 16.54
C LEU RC 258 -33.89 31.19 18.01
N LYS RC 259 -34.58 31.88 18.92
CA LYS RC 259 -34.48 31.54 20.34
C LYS RC 259 -35.38 30.37 20.71
N GLN RC 260 -36.62 30.39 20.23
CA GLN RC 260 -37.55 29.30 20.46
C GLN RC 260 -37.05 27.96 19.95
N ASN RC 261 -36.09 27.95 19.03
CA ASN RC 261 -35.50 26.72 18.51
C ASN RC 261 -34.63 25.96 19.52
N ALA RC 262 -34.33 26.51 20.70
CA ALA RC 262 -33.41 25.85 21.62
C ALA RC 262 -33.87 24.45 22.02
N ALA RC 263 -32.94 23.49 21.97
CA ALA RC 263 -33.25 22.08 22.19
C ALA RC 263 -33.51 21.76 23.66
N ALA RC 264 -34.41 20.79 23.88
CA ALA RC 264 -34.80 20.35 25.22
C ALA RC 264 -33.70 19.61 25.98
N GLY RC 265 -32.79 18.94 25.29
CA GLY RC 265 -31.75 18.18 25.99
C GLY RC 265 -30.71 18.98 26.76
N ASN RC 266 -30.64 20.29 26.58
CA ASN RC 266 -29.70 21.11 27.34
C ASN RC 266 -30.11 21.37 28.79
N ILE RC 267 -31.38 21.22 29.14
CA ILE RC 267 -31.84 21.55 30.48
C ILE RC 267 -31.12 20.70 31.51
N LYS RC 268 -30.49 21.35 32.50
CA LYS RC 268 -29.76 20.64 33.55
C LYS RC 268 -30.40 20.92 34.91
N ILE RC 269 -30.64 19.86 35.69
CA ILE RC 269 -31.20 19.96 37.04
C ILE RC 269 -30.25 19.35 38.07
N VAL RC 270 -29.98 20.08 39.14
CA VAL RC 270 -29.13 19.63 40.25
C VAL RC 270 -29.89 19.76 41.56
N ALA RC 271 -30.12 18.64 42.23
CA ALA RC 271 -30.74 18.62 43.55
C ALA RC 271 -29.81 19.16 44.64
N TYR RC 272 -30.32 20.06 45.48
CA TYR RC 272 -29.56 20.69 46.56
C TYR RC 272 -30.29 20.52 47.88
N PRO RC 273 -30.10 19.38 48.54
CA PRO RC 273 -30.76 19.12 49.84
C PRO RC 273 -30.53 20.15 50.92
N ASP RC 274 -29.38 20.80 50.97
CA ASP RC 274 -29.10 21.73 52.06
C ASP RC 274 -30.25 22.70 52.31
N THR RC 275 -30.98 23.06 51.27
CA THR RC 275 -32.11 23.97 51.37
C THR RC 275 -33.35 23.35 50.76
N ASN RC 276 -33.30 22.05 50.50
CA ASN RC 276 -34.38 21.32 49.86
C ASN RC 276 -34.87 21.99 48.59
N SER RC 277 -33.93 22.30 47.69
CA SER RC 277 -34.26 23.11 46.53
C SER RC 277 -33.55 22.55 45.30
N LEU RC 278 -34.10 22.83 44.13
CA LEU RC 278 -33.51 22.48 42.86
C LEU RC 278 -32.84 23.66 42.17
N LEU RC 279 -31.72 23.39 41.53
CA LEU RC 279 -31.06 24.33 40.64
C LEU RC 279 -31.36 23.89 39.20
N VAL RC 280 -31.84 24.81 38.39
CA VAL RC 280 -32.28 24.54 37.03
C VAL RC 280 -31.51 25.47 36.11
N LYS RC 281 -30.96 24.93 35.04
CA LYS RC 281 -30.22 25.72 34.06
C LYS RC 281 -30.82 25.52 32.68
N GLY RC 282 -31.22 26.63 32.07
CA GLY RC 282 -31.73 26.60 30.71
C GLY RC 282 -32.09 28.00 30.27
N THR RC 283 -32.73 28.10 29.11
CA THR RC 283 -33.28 29.37 28.66
C THR RC 283 -34.41 29.83 29.57
N ALA RC 284 -34.70 31.13 29.50
CA ALA RC 284 -35.82 31.70 30.25
C ALA RC 284 -37.14 30.96 30.03
N GLU RC 285 -37.41 30.52 28.81
CA GLU RC 285 -38.64 29.75 28.57
C GLU RC 285 -38.57 28.39 29.27
N GLN RC 286 -37.49 27.66 29.04
CA GLN RC 286 -37.34 26.35 29.63
C GLN RC 286 -37.51 26.39 31.14
N VAL RC 287 -36.82 27.31 31.80
CA VAL RC 287 -36.94 27.42 33.25
C VAL RC 287 -38.39 27.61 33.67
N HIS RC 288 -39.12 28.45 32.93
CA HIS RC 288 -40.54 28.65 33.22
C HIS RC 288 -41.33 27.35 33.16
N PHE RC 289 -41.20 26.62 32.06
CA PHE RC 289 -41.89 25.33 31.96
C PHE RC 289 -41.52 24.41 33.12
N ILE RC 290 -40.23 24.27 33.42
CA ILE RC 290 -39.84 23.43 34.55
C ILE RC 290 -40.54 23.86 35.82
N GLU RC 291 -40.60 25.17 36.07
CA GLU RC 291 -41.32 25.67 37.24
C GLU RC 291 -42.76 25.16 37.28
N MET RC 292 -43.46 25.28 36.16
CA MET RC 292 -44.83 24.78 36.12
C MET RC 292 -44.91 23.29 36.44
N LEU RC 293 -44.06 22.48 35.82
CA LEU RC 293 -44.10 21.05 36.10
C LEU RC 293 -43.83 20.72 37.57
N VAL RC 294 -42.83 21.36 38.17
CA VAL RC 294 -42.57 21.18 39.59
C VAL RC 294 -43.81 21.47 40.43
N LYS RC 295 -44.47 22.60 40.14
CA LYS RC 295 -45.69 22.94 40.87
C LYS RC 295 -46.87 22.06 40.51
N ALA RC 296 -46.80 21.32 39.42
CA ALA RC 296 -47.79 20.29 39.17
C ALA RC 296 -47.49 18.99 39.91
N LEU RC 297 -46.25 18.81 40.34
CA LEU RC 297 -45.84 17.53 40.94
C LEU RC 297 -45.82 17.50 42.47
N ASP RC 298 -45.25 18.50 43.14
CA ASP RC 298 -45.06 18.40 44.60
C ASP RC 298 -46.32 18.67 45.45
N VAL RC 299 -47.38 17.90 45.19
CA VAL RC 299 -48.57 17.95 46.04
C VAL RC 299 -48.28 17.45 47.45
N ALA RC 300 -49.00 18.00 48.43
CA ALA RC 300 -48.94 17.55 49.83
C ALA RC 300 -49.70 16.24 50.03
N LYS RC 301 -49.07 15.27 50.68
CA LYS RC 301 -49.68 13.96 50.93
C LYS RC 301 -50.60 13.91 52.15
N ARG RC 302 -51.65 13.10 52.02
CA ARG RC 302 -52.58 12.70 53.08
C ARG RC 302 -52.01 11.63 54.03
N HIS RC 303 -52.51 11.61 55.27
CA HIS RC 303 -52.16 10.61 56.28
C HIS RC 303 -53.29 9.60 56.49
N VAL RC 304 -52.92 8.33 56.60
CA VAL RC 304 -53.83 7.21 56.84
C VAL RC 304 -53.42 6.47 58.10
N GLU RC 305 -54.40 6.06 58.91
CA GLU RC 305 -54.16 5.21 60.07
C GLU RC 305 -54.80 3.84 59.89
N LEU RC 306 -53.99 2.79 60.05
CA LEU RC 306 -54.42 1.40 59.92
C LEU RC 306 -54.48 0.76 61.32
N SER RC 307 -55.63 0.19 61.65
CA SER RC 307 -55.88 -0.53 62.88
C SER RC 307 -56.25 -1.97 62.56
N LEU RC 308 -55.68 -2.93 63.29
CA LEU RC 308 -55.91 -4.35 63.00
C LEU RC 308 -56.30 -5.15 64.24
N TRP RC 309 -57.42 -5.88 64.15
CA TRP RC 309 -57.95 -6.72 65.22
C TRP RC 309 -57.66 -8.20 65.01
N ILE RC 310 -57.15 -8.85 66.06
CA ILE RC 310 -56.84 -10.27 66.06
C ILE RC 310 -57.50 -10.91 67.29
N VAL RC 311 -58.29 -11.95 67.08
CA VAL RC 311 -59.09 -12.58 68.12
C VAL RC 311 -58.87 -14.09 68.13
N ASP RC 312 -58.67 -14.66 69.32
CA ASP RC 312 -58.50 -16.09 69.53
C ASP RC 312 -59.36 -16.60 70.68
N LEU RC 313 -60.16 -17.64 70.41
CA LEU RC 313 -61.09 -18.22 71.38
C LEU RC 313 -60.92 -19.73 71.40
N ASN RC 314 -60.97 -20.31 72.60
CA ASN RC 314 -60.70 -21.74 72.77
C ASN RC 314 -61.52 -22.34 73.90
N LYS RC 315 -62.05 -23.54 73.67
CA LYS RC 315 -62.81 -24.32 74.65
C LYS RC 315 -62.43 -25.78 74.54
N SER RC 316 -62.35 -26.45 75.69
CA SER RC 316 -62.06 -27.89 75.66
C SER RC 316 -62.58 -28.59 76.90
N ASP RC 317 -63.02 -29.84 76.70
CA ASP RC 317 -63.55 -30.67 77.77
C ASP RC 317 -62.99 -32.09 77.66
N LEU RC 318 -62.58 -32.65 78.80
CA LEU RC 318 -61.86 -33.91 78.87
C LEU RC 318 -62.42 -34.76 80.01
N GLU RC 319 -62.60 -36.05 79.76
CA GLU RC 319 -62.90 -36.97 80.85
C GLU RC 319 -62.29 -38.34 80.62
N ARG RC 320 -61.71 -38.91 81.67
CA ARG RC 320 -61.17 -40.26 81.67
C ARG RC 320 -61.65 -41.00 82.91
N LEU RC 321 -62.08 -42.25 82.73
CA LEU RC 321 -62.65 -42.98 83.86
C LEU RC 321 -62.62 -44.48 83.66
N GLY RC 322 -62.08 -45.22 84.64
CA GLY RC 322 -62.15 -46.66 84.65
C GLY RC 322 -60.90 -47.32 85.20
N THR RC 323 -60.80 -48.63 84.97
CA THR RC 323 -59.79 -49.47 85.60
C THR RC 323 -59.09 -50.38 84.59
N SER RC 324 -57.87 -50.79 84.93
CA SER RC 324 -57.16 -51.87 84.26
C SER RC 324 -56.70 -52.91 85.28
N TRP RC 325 -56.72 -54.18 84.87
CA TRP RC 325 -56.46 -55.31 85.75
C TRP RC 325 -55.33 -56.14 85.20
N SER RC 326 -54.49 -56.68 86.09
CA SER RC 326 -53.57 -57.73 85.67
C SER RC 326 -53.08 -58.47 86.90
N GLY RC 327 -52.49 -59.64 86.69
CA GLY RC 327 -52.01 -60.38 87.85
C GLY RC 327 -51.48 -61.76 87.49
N SER RC 328 -51.26 -62.56 88.54
CA SER RC 328 -50.69 -63.88 88.34
C SER RC 328 -51.02 -64.80 89.52
N ILE RC 329 -50.94 -66.10 89.23
CA ILE RC 329 -51.11 -67.16 90.21
C ILE RC 329 -50.13 -68.28 89.88
N THR RC 330 -49.57 -68.88 90.93
CA THR RC 330 -48.83 -70.13 90.83
C THR RC 330 -49.60 -71.24 91.54
N ILE RC 331 -49.70 -72.40 90.89
CA ILE RC 331 -50.34 -73.56 91.49
C ILE RC 331 -49.34 -74.71 91.50
N GLY RC 332 -49.30 -75.41 92.63
CA GLY RC 332 -48.43 -76.55 92.84
C GLY RC 332 -46.95 -76.25 92.69
N ASP RC 333 -46.61 -74.98 92.50
CA ASP RC 333 -45.31 -74.56 91.97
C ASP RC 333 -45.00 -75.23 90.64
N LYS RC 334 -45.99 -75.82 90.00
CA LYS RC 334 -45.80 -76.61 88.79
C LYS RC 334 -46.51 -76.03 87.59
N LEU RC 335 -47.57 -75.25 87.77
CA LEU RC 335 -48.17 -74.52 86.67
C LEU RC 335 -48.28 -73.06 87.07
N GLY RC 336 -47.71 -72.19 86.24
CA GLY RC 336 -47.89 -70.76 86.35
C GLY RC 336 -48.92 -70.21 85.39
N VAL RC 337 -49.77 -69.32 85.90
CA VAL RC 337 -50.81 -68.67 85.12
C VAL RC 337 -50.61 -67.18 85.34
N SER RC 338 -50.73 -66.41 84.27
CA SER RC 338 -50.70 -64.96 84.41
C SER RC 338 -51.66 -64.29 83.46
N LEU RC 339 -52.12 -63.11 83.88
CA LEU RC 339 -53.21 -62.37 83.26
C LEU RC 339 -52.70 -61.01 82.86
N ASN RC 340 -52.70 -60.76 81.55
CA ASN RC 340 -52.30 -59.51 80.93
C ASN RC 340 -50.97 -58.97 81.42
N GLN RC 341 -49.97 -59.85 81.48
CA GLN RC 341 -48.62 -59.48 81.88
C GLN RC 341 -47.70 -59.73 80.69
N SER RC 342 -46.94 -58.71 80.34
CA SER RC 342 -45.94 -58.82 79.29
C SER RC 342 -44.56 -59.17 79.83
N SER RC 343 -44.50 -59.88 80.96
CA SER RC 343 -43.23 -60.13 81.62
C SER RC 343 -43.30 -61.40 82.44
N ILE RC 344 -42.12 -61.97 82.67
CA ILE RC 344 -41.99 -63.14 83.54
C ILE RC 344 -42.41 -62.75 84.95
N SER RC 345 -42.81 -63.76 85.71
CA SER RC 345 -43.36 -63.56 87.06
C SER RC 345 -42.58 -64.31 88.12
N THR RC 346 -42.53 -63.69 89.30
CA THR RC 346 -42.05 -64.35 90.51
C THR RC 346 -43.21 -65.18 91.05
N LEU RC 347 -42.94 -66.45 91.31
CA LEU RC 347 -43.99 -67.47 91.36
C LEU RC 347 -44.46 -67.80 92.78
N ASP RC 348 -44.56 -66.78 93.64
CA ASP RC 348 -45.36 -66.95 94.84
C ASP RC 348 -46.84 -66.87 94.51
N GLY RC 349 -47.19 -66.12 93.45
CA GLY RC 349 -48.55 -66.06 92.94
C GLY RC 349 -49.53 -65.38 93.88
N SER RC 350 -50.79 -65.46 93.48
CA SER RC 350 -51.89 -64.79 94.17
C SER RC 350 -51.60 -63.29 94.29
N ARG RC 351 -51.46 -62.63 93.14
CA ARG RC 351 -51.00 -61.24 93.12
C ARG RC 351 -51.73 -60.55 91.98
N PHE RC 352 -52.62 -59.60 92.30
CA PHE RC 352 -53.34 -58.84 91.30
C PHE RC 352 -53.24 -57.34 91.56
N ILE RC 353 -53.40 -56.57 90.48
CA ILE RC 353 -53.39 -55.12 90.53
C ILE RC 353 -54.59 -54.59 89.74
N ALA RC 354 -55.25 -53.59 90.31
CA ALA RC 354 -56.31 -52.81 89.68
C ALA RC 354 -55.90 -51.34 89.66
N ALA RC 355 -55.56 -50.83 88.48
CA ALA RC 355 -55.18 -49.43 88.32
C ALA RC 355 -56.40 -48.58 87.98
N VAL RC 356 -56.76 -47.67 88.87
CA VAL RC 356 -57.98 -46.88 88.77
C VAL RC 356 -57.63 -45.46 88.38
N ASN RC 357 -58.31 -44.93 87.36
CA ASN RC 357 -58.18 -43.54 86.95
C ASN RC 357 -59.57 -42.89 86.90
N ALA RC 358 -59.66 -41.66 87.38
CA ALA RC 358 -60.90 -40.89 87.28
C ALA RC 358 -60.58 -39.42 87.29
N LEU RC 359 -60.84 -38.73 86.16
CA LEU RC 359 -60.58 -37.30 86.10
C LEU RC 359 -61.52 -36.65 85.08
N GLU RC 360 -61.88 -35.39 85.37
CA GLU RC 360 -62.69 -34.58 84.47
C GLU RC 360 -62.19 -33.15 84.47
N GLU RC 361 -62.28 -32.47 83.32
CA GLU RC 361 -61.76 -31.11 83.20
C GLU RC 361 -62.46 -30.32 82.11
N LYS RC 362 -62.54 -29.00 82.34
CA LYS RC 362 -63.06 -28.02 81.40
C LYS RC 362 -62.10 -26.84 81.34
N LYS RC 363 -61.94 -26.28 80.14
CA LYS RC 363 -61.03 -25.16 79.92
C LYS RC 363 -61.62 -24.17 78.92
N GLN RC 364 -61.44 -22.88 79.20
CA GLN RC 364 -61.89 -21.79 78.31
C GLN RC 364 -60.87 -20.67 78.32
N ALA RC 365 -60.49 -20.19 77.14
CA ALA RC 365 -59.51 -19.12 77.00
C ALA RC 365 -59.89 -18.17 75.88
N THR RC 366 -59.47 -16.92 76.03
CA THR RC 366 -59.78 -15.86 75.07
C THR RC 366 -58.72 -14.77 75.08
N VAL RC 367 -58.28 -14.36 73.89
CA VAL RC 367 -57.24 -13.35 73.73
C VAL RC 367 -57.59 -12.42 72.58
N VAL RC 368 -57.42 -11.12 72.80
CA VAL RC 368 -57.70 -10.08 71.81
C VAL RC 368 -56.51 -9.13 71.75
N SER RC 369 -56.09 -8.77 70.52
CA SER RC 369 -54.98 -7.85 70.33
C SER RC 369 -55.27 -6.92 69.17
N ARG RC 370 -54.87 -5.65 69.29
CA ARG RC 370 -55.18 -4.66 68.27
C ARG RC 370 -54.07 -3.62 68.09
N PRO RC 371 -53.16 -3.85 67.14
CA PRO RC 371 -52.17 -2.83 66.79
C PRO RC 371 -52.74 -1.66 65.99
N VAL RC 372 -52.06 -0.51 66.14
CA VAL RC 372 -52.39 0.74 65.44
C VAL RC 372 -51.13 1.34 64.83
N LEU RC 373 -51.20 1.74 63.55
CA LEU RC 373 -50.04 2.31 62.86
C LEU RC 373 -50.44 3.46 61.93
N LEU RC 374 -49.74 4.59 62.05
CA LEU RC 374 -49.91 5.77 61.21
C LEU RC 374 -48.91 5.82 60.05
N THR RC 375 -49.40 6.15 58.85
CA THR RC 375 -48.62 6.12 57.62
C THR RC 375 -49.05 7.29 56.75
N GLN RC 376 -48.22 7.66 55.79
CA GLN RC 376 -48.66 8.47 54.66
C GLN RC 376 -48.98 7.62 53.43
N GLU RC 377 -49.73 8.25 52.53
CA GLU RC 377 -50.00 7.72 51.22
C GLU RC 377 -48.72 7.35 50.48
N ASN RC 378 -48.75 6.20 49.80
CA ASN RC 378 -47.67 5.70 48.97
C ASN RC 378 -46.38 5.37 49.71
N VAL RC 379 -46.33 5.55 51.02
CA VAL RC 379 -45.11 5.35 51.80
C VAL RC 379 -45.23 4.01 52.51
N PRO RC 380 -44.31 3.07 52.30
CA PRO RC 380 -44.35 1.82 53.06
C PRO RC 380 -43.99 2.06 54.52
N ALA RC 381 -44.63 1.29 55.39
CA ALA RC 381 -44.40 1.42 56.82
C ALA RC 381 -44.40 0.05 57.48
N ILE RC 382 -43.67 -0.05 58.60
CA ILE RC 382 -43.48 -1.29 59.34
C ILE RC 382 -43.69 -1.07 60.84
N PHE RC 383 -44.37 -2.02 61.46
CA PHE RC 383 -44.58 -2.06 62.91
C PHE RC 383 -44.20 -3.45 63.40
N ASP RC 384 -43.52 -3.51 64.54
CA ASP RC 384 -43.01 -4.78 65.05
C ASP RC 384 -42.88 -4.74 66.57
N ASN RC 385 -43.39 -5.76 67.25
CA ASN RC 385 -43.41 -5.75 68.71
C ASN RC 385 -43.41 -7.14 69.31
N ASN RC 386 -42.42 -7.43 70.16
CA ASN RC 386 -42.32 -8.62 70.99
C ASN RC 386 -42.67 -8.31 72.43
N ARG RC 387 -43.23 -9.30 73.13
CA ARG RC 387 -43.53 -9.17 74.54
C ARG RC 387 -43.49 -10.53 75.20
N THR RC 388 -43.04 -10.55 76.46
CA THR RC 388 -42.89 -11.77 77.23
C THR RC 388 -43.71 -11.70 78.49
N PHE RC 389 -44.25 -12.85 78.90
CA PHE RC 389 -45.06 -12.95 80.10
C PHE RC 389 -44.56 -14.10 80.97
N TYR RC 390 -44.66 -13.90 82.27
CA TYR RC 390 -44.14 -14.82 83.28
C TYR RC 390 -45.26 -15.31 84.18
N THR RC 391 -45.05 -16.51 84.72
CA THR RC 391 -45.92 -17.04 85.76
C THR RC 391 -45.04 -17.70 86.81
N LYS RC 392 -45.56 -17.69 88.04
CA LYS RC 392 -44.80 -18.00 89.25
C LYS RC 392 -45.57 -19.04 90.06
N LEU RC 393 -44.83 -19.98 90.64
CA LEU RC 393 -45.38 -21.24 91.09
C LEU RC 393 -45.08 -21.46 92.57
N ILE RC 394 -45.96 -22.25 93.20
CA ILE RC 394 -45.88 -22.50 94.63
C ILE RC 394 -44.50 -23.08 94.96
N GLY RC 395 -44.03 -22.79 96.17
CA GLY RC 395 -42.61 -22.73 96.42
C GLY RC 395 -41.99 -21.46 95.92
N GLU RC 396 -42.74 -20.35 95.97
CA GLU RC 396 -42.51 -19.19 95.11
C GLU RC 396 -41.15 -18.56 95.35
N ARG RC 397 -40.53 -18.88 96.48
CA ARG RC 397 -39.16 -18.43 96.75
C ARG RC 397 -38.19 -19.08 95.79
N ASN RC 398 -38.53 -20.25 95.25
CA ASN RC 398 -37.61 -20.99 94.39
C ASN RC 398 -37.63 -20.46 92.96
N VAL RC 399 -36.44 -20.40 92.37
CA VAL RC 399 -36.15 -19.51 91.22
C VAL RC 399 -36.53 -20.28 89.95
N ALA RC 400 -37.82 -20.32 89.65
CA ALA RC 400 -38.23 -20.95 88.40
C ALA RC 400 -39.56 -20.34 87.94
N LEU RC 401 -39.46 -19.27 87.16
CA LEU RC 401 -40.60 -18.71 86.45
C LEU RC 401 -40.80 -19.43 85.13
N GLU RC 402 -42.04 -19.76 84.81
CA GLU RC 402 -42.37 -20.20 83.45
C GLU RC 402 -42.69 -18.97 82.62
N HIS RC 403 -42.36 -19.00 81.33
CA HIS RC 403 -42.60 -17.83 80.52
C HIS RC 403 -42.94 -18.18 79.08
N VAL RC 404 -43.61 -17.23 78.42
CA VAL RC 404 -44.01 -17.34 77.02
C VAL RC 404 -43.78 -16.00 76.34
N THR RC 405 -43.45 -16.05 75.05
CA THR RC 405 -43.21 -14.85 74.26
C THR RC 405 -44.11 -14.77 73.03
N TYR RC 406 -44.89 -13.68 72.94
CA TYR RC 406 -45.76 -13.42 71.80
C TYR RC 406 -45.17 -12.25 71.02
N GLY RC 407 -45.27 -12.30 69.71
CA GLY RC 407 -44.74 -11.24 68.89
C GLY RC 407 -45.50 -11.08 67.60
N THR RC 408 -45.49 -9.85 67.07
CA THR RC 408 -46.29 -9.50 65.91
C THR RC 408 -45.56 -8.49 65.04
N MET RC 409 -45.80 -8.58 63.73
CA MET RC 409 -45.32 -7.55 62.83
C MET RC 409 -46.27 -7.37 61.65
N ILE RC 410 -46.28 -6.12 61.16
CA ILE RC 410 -47.12 -5.67 60.07
C ILE RC 410 -46.30 -4.79 59.13
N ARG RC 411 -46.39 -5.04 57.84
CA ARG RC 411 -45.78 -4.21 56.81
C ARG RC 411 -46.86 -3.86 55.81
N VAL RC 412 -47.01 -2.56 55.51
CA VAL RC 412 -48.11 -2.09 54.66
C VAL RC 412 -47.71 -0.95 53.73
N LEU RC 413 -48.49 -0.85 52.65
CA LEU RC 413 -48.35 0.17 51.61
C LEU RC 413 -49.73 0.67 51.17
N PRO RC 414 -50.17 1.83 51.65
CA PRO RC 414 -51.50 2.37 51.29
C PRO RC 414 -51.58 3.19 50.01
N ARG RC 415 -52.76 3.09 49.38
CA ARG RC 415 -53.15 3.80 48.16
C ARG RC 415 -54.56 4.38 48.29
N PHE RC 416 -54.73 5.66 47.91
CA PHE RC 416 -56.06 6.30 47.87
C PHE RC 416 -56.71 6.22 46.49
N SER RC 417 -57.87 5.58 46.44
CA SER RC 417 -58.69 5.54 45.24
C SER RC 417 -59.52 6.81 45.08
N ALA RC 418 -59.78 7.16 43.82
CA ALA RC 418 -60.68 8.27 43.51
C ALA RC 418 -62.07 8.06 44.10
N ASP RC 419 -62.53 6.83 44.20
CA ASP RC 419 -63.84 6.49 44.76
C ASP RC 419 -63.95 6.73 46.25
N GLY RC 420 -62.90 7.23 46.89
CA GLY RC 420 -62.91 7.34 48.34
C GLY RC 420 -62.75 6.00 49.02
N GLN RC 421 -61.89 5.15 48.48
CA GLN RC 421 -61.64 3.82 49.02
C GLN RC 421 -60.14 3.70 49.25
N ILE RC 422 -59.78 2.93 50.27
CA ILE RC 422 -58.39 2.69 50.63
C ILE RC 422 -57.98 1.31 50.18
N GLU RC 423 -56.90 1.23 49.42
CA GLU RC 423 -56.34 -0.03 48.94
C GLU RC 423 -54.97 -0.21 49.58
N MET RC 424 -54.67 -1.43 50.01
CA MET RC 424 -53.50 -1.66 50.83
C MET RC 424 -52.83 -2.95 50.41
N SER RC 425 -51.51 -2.96 50.36
CA SER RC 425 -50.79 -4.21 50.25
C SER RC 425 -50.27 -4.63 51.61
N LEU RC 426 -50.53 -5.88 52.01
CA LEU RC 426 -50.37 -6.30 53.39
C LEU RC 426 -49.46 -7.50 53.52
N ASP RC 427 -48.64 -7.47 54.58
CA ASP RC 427 -48.14 -8.68 55.22
C ASP RC 427 -48.56 -8.63 56.68
N ILE RC 428 -48.98 -9.76 57.22
CA ILE RC 428 -49.16 -9.94 58.65
C ILE RC 428 -48.41 -11.20 59.08
N GLU RC 429 -47.60 -11.07 60.12
CA GLU RC 429 -46.98 -12.23 60.73
C GLU RC 429 -47.18 -12.16 62.23
N ASP RC 430 -47.76 -13.20 62.82
CA ASP RC 430 -48.17 -13.11 64.21
C ASP RC 430 -48.19 -14.48 64.87
N GLY RC 431 -47.95 -14.51 66.17
CA GLY RC 431 -48.23 -15.70 66.95
C GLY RC 431 -47.29 -15.85 68.12
N ASN RC 432 -47.49 -16.97 68.82
CA ASN RC 432 -46.59 -17.46 69.86
C ASN RC 432 -45.38 -18.18 69.28
N ASP RC 433 -44.24 -18.05 69.97
CA ASP RC 433 -43.04 -18.76 69.54
C ASP RC 433 -43.14 -20.27 69.69
N LYS RC 434 -42.58 -20.97 68.68
CA LYS RC 434 -42.74 -22.41 68.49
C LYS RC 434 -42.16 -23.27 69.62
N THR RC 435 -41.21 -22.77 70.40
CA THR RC 435 -40.37 -23.64 71.21
C THR RC 435 -40.45 -23.33 72.70
N PRO RC 436 -41.59 -23.61 73.32
CA PRO RC 436 -41.67 -23.53 74.78
C PRO RC 436 -40.95 -24.70 75.42
N GLN RC 437 -40.75 -24.59 76.72
CA GLN RC 437 -40.06 -25.57 77.52
C GLN RC 437 -40.85 -25.86 78.80
N SER RC 438 -42.17 -25.86 78.67
CA SER RC 438 -43.03 -26.27 79.77
C SER RC 438 -42.83 -27.73 80.11
N ASP RC 439 -42.49 -28.00 81.37
CA ASP RC 439 -42.39 -29.37 81.87
C ASP RC 439 -43.63 -29.83 82.61
N THR RC 440 -44.27 -28.97 83.41
CA THR RC 440 -45.55 -29.29 84.02
C THR RC 440 -46.68 -28.55 83.33
N THR RC 441 -47.90 -29.04 83.58
CA THR RC 441 -49.08 -28.46 82.95
C THR RC 441 -49.33 -27.03 83.41
N THR RC 442 -48.79 -26.65 84.57
CA THR RC 442 -49.08 -25.35 85.15
C THR RC 442 -48.90 -24.23 84.14
N SER RC 443 -47.84 -24.30 83.34
CA SER RC 443 -47.60 -23.29 82.32
C SER RC 443 -48.67 -23.30 81.23
N VAL RC 444 -49.16 -24.48 80.84
CA VAL RC 444 -50.17 -24.52 79.80
C VAL RC 444 -51.51 -24.02 80.31
N ASP RC 445 -51.88 -24.41 81.53
CA ASP RC 445 -53.11 -23.90 82.13
C ASP RC 445 -53.02 -22.42 82.45
N ALA RC 446 -51.83 -21.88 82.68
CA ALA RC 446 -51.70 -20.45 82.94
C ALA RC 446 -51.66 -19.59 81.68
N LEU RC 447 -50.85 -19.96 80.69
CA LEU RC 447 -50.57 -19.06 79.58
C LEU RC 447 -51.06 -19.65 78.27
N PRO RC 448 -51.92 -18.94 77.53
CA PRO RC 448 -52.64 -19.58 76.42
C PRO RC 448 -51.77 -19.70 75.18
N GLU RC 449 -51.68 -20.91 74.64
CA GLU RC 449 -51.10 -21.08 73.33
C GLU RC 449 -51.95 -20.41 72.25
N VAL RC 450 -51.26 -19.89 71.24
CA VAL RC 450 -51.86 -19.47 69.98
C VAL RC 450 -50.93 -19.94 68.87
N GLY RC 451 -51.50 -20.15 67.69
CA GLY RC 451 -50.72 -20.62 66.56
C GLY RC 451 -49.62 -19.67 66.13
N ARG RC 452 -48.87 -20.06 65.11
CA ARG RC 452 -48.05 -19.14 64.33
C ARG RC 452 -48.67 -18.99 62.96
N THR RC 453 -49.02 -17.77 62.58
CA THR RC 453 -49.84 -17.51 61.41
C THR RC 453 -49.19 -16.43 60.54
N LEU RC 454 -49.24 -16.67 59.24
CA LEU RC 454 -48.66 -15.77 58.24
C LEU RC 454 -49.64 -15.55 57.10
N ILE RC 455 -49.81 -14.29 56.71
CA ILE RC 455 -50.71 -13.92 55.62
C ILE RC 455 -50.03 -12.85 54.79
N SER RC 456 -50.16 -12.94 53.47
CA SER RC 456 -49.83 -11.81 52.62
C SER RC 456 -50.82 -11.69 51.48
N THR RC 457 -51.33 -10.47 51.27
CA THR RC 457 -52.42 -10.30 50.32
C THR RC 457 -52.64 -8.82 50.04
N ILE RC 458 -53.52 -8.53 49.08
CA ILE RC 458 -53.95 -7.18 48.79
C ILE RC 458 -55.45 -7.08 49.00
N ALA RC 459 -55.91 -5.97 49.56
CA ALA RC 459 -57.33 -5.76 49.79
C ALA RC 459 -57.67 -4.27 49.76
N ARG RC 460 -58.92 -3.97 49.42
CA ARG RC 460 -59.42 -2.60 49.35
C ARG RC 460 -60.75 -2.52 50.07
N VAL RC 461 -60.93 -1.50 50.89
CA VAL RC 461 -62.11 -1.42 51.75
C VAL RC 461 -62.73 -0.03 51.67
N PRO RC 462 -64.05 0.08 51.52
CA PRO RC 462 -64.69 1.40 51.57
C PRO RC 462 -64.31 2.15 52.84
N HIS RC 463 -64.20 3.47 52.70
CA HIS RC 463 -63.68 4.31 53.76
C HIS RC 463 -64.43 4.08 55.06
N GLY RC 464 -63.68 3.78 56.12
CA GLY RC 464 -64.25 3.65 57.46
C GLY RC 464 -64.98 2.35 57.75
N LYS RC 465 -65.20 1.51 56.76
CA LYS RC 465 -65.76 0.17 56.99
C LYS RC 465 -64.64 -0.77 57.42
N SER RC 466 -64.94 -2.07 57.49
CA SER RC 466 -63.99 -3.06 57.99
C SER RC 466 -64.17 -4.36 57.23
N LEU RC 467 -63.17 -5.23 57.32
CA LEU RC 467 -63.14 -6.38 56.43
C LEU RC 467 -62.39 -7.55 57.07
N LEU RC 468 -62.81 -8.76 56.70
CA LEU RC 468 -62.19 -10.01 57.15
C LEU RC 468 -61.15 -10.49 56.15
N VAL RC 469 -59.88 -10.47 56.53
CA VAL RC 469 -58.85 -10.94 55.61
C VAL RC 469 -58.59 -12.44 55.70
N GLY RC 470 -58.72 -13.04 56.88
CA GLY RC 470 -58.45 -14.46 57.02
C GLY RC 470 -58.97 -15.01 58.33
N GLY RC 471 -59.16 -16.32 58.35
CA GLY RC 471 -59.66 -16.97 59.54
C GLY RC 471 -59.55 -18.47 59.44
N TYR RC 472 -59.68 -19.11 60.60
CA TYR RC 472 -59.50 -20.55 60.74
C TYR RC 472 -60.36 -21.08 61.87
N THR RC 473 -60.97 -22.25 61.64
CA THR RC 473 -61.79 -22.92 62.63
C THR RC 473 -61.46 -24.40 62.64
N ARG RC 474 -61.42 -25.00 63.82
CA ARG RC 474 -61.13 -26.42 63.95
C ARG RC 474 -62.00 -27.04 65.02
N ASP RC 475 -62.56 -28.21 64.71
CA ASP RC 475 -63.44 -28.91 65.63
C ASP RC 475 -63.13 -30.39 65.62
N ALA RC 476 -63.12 -31.02 66.79
CA ALA RC 476 -62.78 -32.44 66.82
C ALA RC 476 -63.41 -33.10 68.03
N ASN RC 477 -63.57 -34.42 67.90
CA ASN RC 477 -64.13 -35.29 68.94
C ASN RC 477 -63.48 -36.66 68.89
N THR RC 478 -63.37 -37.30 70.07
CA THR RC 478 -62.76 -38.62 70.15
C THR RC 478 -63.37 -39.42 71.30
N ASP RC 479 -63.54 -40.72 71.07
CA ASP RC 479 -64.13 -41.67 72.02
C ASP RC 479 -63.34 -42.96 72.02
N THR RC 480 -63.13 -43.55 73.19
CA THR RC 480 -62.50 -44.88 73.23
C THR RC 480 -62.96 -45.67 74.45
N VAL RC 481 -63.12 -46.98 74.27
CA VAL RC 481 -63.56 -47.90 75.32
C VAL RC 481 -62.84 -49.24 75.21
N GLN RC 482 -62.40 -49.76 76.36
CA GLN RC 482 -61.79 -51.08 76.47
C GLN RC 482 -62.52 -51.91 77.51
N SER RC 483 -62.50 -53.23 77.34
CA SER RC 483 -63.12 -54.12 78.31
C SER RC 483 -62.55 -55.52 78.19
N ILE RC 484 -62.67 -56.27 79.28
CA ILE RC 484 -62.35 -57.70 79.33
C ILE RC 484 -63.46 -58.53 78.68
N PRO RC 485 -63.16 -59.34 77.67
CA PRO RC 485 -64.23 -59.93 76.84
C PRO RC 485 -65.37 -60.63 77.58
N PHE RC 486 -65.09 -61.43 78.61
CA PHE RC 486 -66.20 -62.08 79.32
C PHE RC 486 -66.76 -61.26 80.46
N LEU RC 487 -65.89 -60.61 81.24
CA LEU RC 487 -66.32 -59.90 82.44
C LEU RC 487 -66.93 -58.55 82.13
N GLY RC 488 -66.52 -57.92 81.03
CA GLY RC 488 -67.05 -56.61 80.71
C GLY RC 488 -68.56 -56.57 80.59
N LYS RC 489 -69.22 -57.73 80.57
CA LYS RC 489 -70.67 -57.78 80.41
C LYS RC 489 -71.37 -58.39 81.61
N LEU RC 490 -70.68 -58.58 82.73
CA LEU RC 490 -71.34 -59.13 83.91
C LEU RC 490 -72.42 -58.17 84.38
N PRO RC 491 -73.59 -58.68 84.76
CA PRO RC 491 -74.72 -57.79 85.08
C PRO RC 491 -74.48 -56.80 86.22
N LEU RC 492 -73.91 -57.23 87.33
CA LEU RC 492 -73.74 -56.37 88.49
C LEU RC 492 -72.38 -55.71 88.62
N ILE RC 493 -71.32 -56.29 88.06
CA ILE RC 493 -69.97 -55.76 88.21
C ILE RC 493 -69.29 -55.43 86.90
N GLY RC 494 -69.98 -55.64 85.76
CA GLY RC 494 -69.35 -55.40 84.47
C GLY RC 494 -68.62 -54.08 84.39
N SER RC 495 -69.18 -53.03 85.00
CA SER RC 495 -68.53 -51.72 84.95
C SER RC 495 -67.15 -51.71 85.59
N LEU RC 496 -66.83 -52.68 86.46
CA LEU RC 496 -65.49 -52.73 87.04
C LEU RC 496 -64.41 -53.08 86.02
N PHE RC 497 -64.78 -53.68 84.90
CA PHE RC 497 -63.83 -54.19 83.92
C PHE RC 497 -63.78 -53.34 82.64
N ARG RC 498 -64.16 -52.07 82.73
CA ARG RC 498 -64.25 -51.21 81.55
C ARG RC 498 -63.37 -49.99 81.73
N TYR RC 499 -62.91 -49.45 80.60
CA TYR RC 499 -62.21 -48.18 80.56
C TYR RC 499 -62.77 -47.32 79.44
N SER RC 500 -62.88 -46.02 79.69
CA SER RC 500 -63.56 -45.11 78.78
C SER RC 500 -62.89 -43.74 78.78
N SER RC 501 -62.90 -43.08 77.62
CA SER RC 501 -62.33 -41.75 77.50
C SER RC 501 -63.00 -40.97 76.37
N LYS RC 502 -63.09 -39.65 76.55
CA LYS RC 502 -63.71 -38.73 75.61
C LYS RC 502 -63.00 -37.39 75.54
N ASN RC 503 -62.90 -36.83 74.33
CA ASN RC 503 -62.28 -35.53 74.09
C ASN RC 503 -63.08 -34.70 73.09
N LYS RC 504 -63.26 -33.42 73.40
CA LYS RC 504 -63.90 -32.47 72.49
C LYS RC 504 -63.09 -31.17 72.44
N SER RC 505 -62.92 -30.62 71.24
CA SER RC 505 -62.16 -29.37 71.07
C SER RC 505 -62.73 -28.49 69.97
N ASN RC 506 -62.77 -27.18 70.24
CA ASN RC 506 -63.24 -26.17 69.28
C ASN RC 506 -62.36 -24.92 69.31
N VAL RC 507 -61.93 -24.45 68.15
CA VAL RC 507 -61.01 -23.31 68.05
C VAL RC 507 -61.42 -22.39 66.92
N VAL RC 508 -61.39 -21.07 67.18
CA VAL RC 508 -61.70 -20.01 66.21
C VAL RC 508 -60.63 -18.92 66.26
N ARG RC 509 -60.12 -18.54 65.09
CA ARG RC 509 -59.10 -17.50 64.95
C ARG RC 509 -59.42 -16.63 63.73
N VAL RC 510 -59.38 -15.30 63.87
CA VAL RC 510 -59.76 -14.42 62.76
C VAL RC 510 -58.97 -13.11 62.78
N PHE RC 511 -58.75 -12.56 61.58
CA PHE RC 511 -58.06 -11.30 61.31
C PHE RC 511 -58.94 -10.28 60.60
N MET RC 512 -59.19 -9.14 61.23
CA MET RC 512 -60.04 -8.11 60.66
C MET RC 512 -59.30 -6.78 60.61
N ILE RC 513 -59.41 -6.11 59.46
CA ILE RC 513 -58.74 -4.84 59.16
C ILE RC 513 -59.75 -3.71 59.09
N GLU RC 514 -59.37 -2.53 59.57
CA GLU RC 514 -60.28 -1.39 59.63
C GLU RC 514 -59.54 -0.06 59.51
N PRO RC 515 -59.30 0.42 58.28
CA PRO RC 515 -58.58 1.70 58.10
C PRO RC 515 -59.45 2.94 58.16
N LYS RC 516 -58.82 4.07 58.54
CA LYS RC 516 -59.48 5.37 58.62
C LYS RC 516 -58.53 6.47 58.21
N GLU RC 517 -59.06 7.54 57.61
CA GLU RC 517 -58.26 8.73 57.33
C GLU RC 517 -58.12 9.63 58.56
N ILE RC 518 -56.88 10.07 58.83
CA ILE RC 518 -56.55 10.96 59.93
C ILE RC 518 -56.35 12.38 59.42
N VAL RC 519 -57.25 13.27 59.80
CA VAL RC 519 -57.22 14.66 59.38
C VAL RC 519 -56.81 15.60 60.52
N ASP RC 520 -57.32 15.38 61.73
CA ASP RC 520 -57.11 16.29 62.86
C ASP RC 520 -56.20 15.69 63.93
N PRO RC 521 -55.29 16.50 64.49
CA PRO RC 521 -54.45 16.03 65.61
C PRO RC 521 -55.19 15.67 66.90
N LEU RC 522 -54.42 15.19 67.87
CA LEU RC 522 -54.93 14.81 69.18
C LEU RC 522 -55.40 16.00 70.01
N THR RC 523 -56.58 15.84 70.61
CA THR RC 523 -57.20 16.74 71.58
C THR RC 523 -57.78 15.91 72.72
N PRO RC 524 -57.40 16.15 73.99
CA PRO RC 524 -56.39 16.98 74.66
C PRO RC 524 -54.96 16.76 74.20
N ASP RC 525 -54.12 17.78 74.40
CA ASP RC 525 -52.70 17.64 74.14
C ASP RC 525 -52.11 16.46 74.92
N ALA RC 526 -51.17 15.78 74.27
CA ALA RC 526 -50.45 14.67 74.86
C ALA RC 526 -49.99 14.97 76.28
N SER RC 527 -49.22 16.03 76.45
CA SER RC 527 -48.73 16.42 77.77
C SER RC 527 -49.86 16.63 78.75
N GLU RC 528 -50.93 17.29 78.33
CA GLU RC 528 -52.06 17.52 79.21
C GLU RC 528 -52.69 16.23 79.69
N SER RC 529 -52.67 15.17 78.86
CA SER RC 529 -53.14 13.87 79.34
C SER RC 529 -52.14 13.22 80.28
N VAL RC 530 -50.88 13.19 79.87
CA VAL RC 530 -49.80 12.64 80.69
C VAL RC 530 -49.84 13.20 82.11
N ASN RC 531 -50.03 14.52 82.23
CA ASN RC 531 -50.10 15.12 83.56
C ASN RC 531 -51.23 14.55 84.40
N ASN RC 532 -52.35 14.17 83.78
CA ASN RC 532 -53.40 13.49 84.54
C ASN RC 532 -52.95 12.10 84.97
N ILE RC 533 -52.50 11.31 84.02
CA ILE RC 533 -52.04 9.95 84.31
C ILE RC 533 -51.04 9.93 85.46
N LEU RC 534 -49.99 10.75 85.36
CA LEU RC 534 -48.96 10.78 86.40
C LEU RC 534 -49.52 11.06 87.79
N LYS RC 535 -50.38 12.07 87.92
CA LYS RC 535 -50.97 12.38 89.21
C LYS RC 535 -51.89 11.27 89.69
N GLN RC 536 -52.84 10.87 88.87
CA GLN RC 536 -53.72 9.76 89.25
C GLN RC 536 -52.93 8.55 89.72
N SER RC 537 -51.84 8.22 89.03
CA SER RC 537 -51.02 7.09 89.42
C SER RC 537 -50.14 7.38 90.63
N GLY RC 538 -50.01 8.63 91.05
CA GLY RC 538 -49.04 8.97 92.09
C GLY RC 538 -47.60 8.86 91.67
N ALA RC 539 -47.34 8.50 90.42
CA ALA RC 539 -45.97 8.49 89.92
C ALA RC 539 -45.39 9.88 89.93
N TRP RC 540 -46.23 10.90 89.77
CA TRP RC 540 -45.83 12.28 89.80
C TRP RC 540 -44.85 12.59 90.92
N SER RC 541 -43.78 13.30 90.54
CA SER RC 541 -42.73 13.70 91.47
C SER RC 541 -42.19 15.09 91.13
N GLY RC 542 -42.88 15.85 90.28
CA GLY RC 542 -42.47 17.20 89.93
C GLY RC 542 -42.50 18.17 91.10
N ASP RC 543 -42.90 17.69 92.27
CA ASP RC 543 -42.95 18.50 93.48
C ASP RC 543 -41.58 18.78 94.08
N ASP RC 544 -40.57 17.98 93.77
CA ASP RC 544 -39.25 18.16 94.35
C ASP RC 544 -38.61 19.48 93.96
N LYS RC 545 -38.50 20.37 94.94
CA LYS RC 545 -37.81 21.65 94.74
C LYS RC 545 -36.49 21.48 94.02
N LEU RC 546 -35.82 20.34 94.20
CA LEU RC 546 -34.53 20.14 93.54
C LEU RC 546 -34.67 19.86 92.06
N GLN RC 547 -35.61 19.02 91.65
CA GLN RC 547 -35.75 18.71 90.22
C GLN RC 547 -36.42 19.83 89.42
N LYS RC 548 -37.37 20.57 90.00
CA LYS RC 548 -37.99 21.66 89.27
C LYS RC 548 -36.98 22.58 88.60
N TRP RC 549 -35.85 22.82 89.26
CA TRP RC 549 -34.82 23.70 88.71
C TRP RC 549 -34.47 23.39 87.26
N VAL RC 550 -34.52 22.11 86.86
CA VAL RC 550 -34.26 21.73 85.49
C VAL RC 550 -35.53 21.29 84.77
N ARG RC 551 -36.47 20.65 85.46
CA ARG RC 551 -37.70 20.25 84.80
C ARG RC 551 -38.38 21.44 84.13
N VAL RC 552 -38.20 22.63 84.70
CA VAL RC 552 -38.75 23.85 84.11
C VAL RC 552 -38.36 23.98 82.65
N TYR RC 553 -37.13 23.61 82.28
CA TYR RC 553 -36.74 23.77 80.89
C TYR RC 553 -37.43 22.79 79.97
N LEU RC 554 -37.76 21.61 80.47
CA LEU RC 554 -38.36 20.59 79.64
C LEU RC 554 -39.88 20.67 79.62
N ASP RC 555 -40.49 20.94 80.78
CA ASP RC 555 -41.93 20.77 80.87
C ASP RC 555 -42.68 21.73 79.97
N ARG RC 556 -42.15 22.93 79.78
CA ARG RC 556 -42.79 23.91 78.90
C ARG RC 556 -41.75 24.92 78.49
N GLY RC 557 -42.13 25.78 77.55
CA GLY RC 557 -41.21 26.74 76.98
C GLY RC 557 -40.49 27.54 78.05
N GLU SC 26 14.28 94.17 -19.38
CA GLU SC 26 14.22 94.32 -20.83
C GLU SC 26 13.23 93.29 -21.37
N LYS SC 27 13.55 92.00 -21.23
CA LYS SC 27 12.80 90.99 -21.94
C LYS SC 27 11.37 90.85 -21.42
N ILE SC 28 11.12 91.17 -20.15
CA ILE SC 28 9.76 91.13 -19.63
C ILE SC 28 9.30 92.51 -19.18
N PRO SC 29 8.79 93.35 -20.07
CA PRO SC 29 8.41 94.72 -19.75
C PRO SC 29 7.02 94.87 -19.13
N VAL SC 30 6.75 94.08 -18.10
CA VAL SC 30 5.43 94.05 -17.47
C VAL SC 30 5.59 94.30 -15.98
N THR SC 31 4.78 95.22 -15.46
CA THR SC 31 4.76 95.58 -14.05
C THR SC 31 3.96 94.57 -13.23
N GLY SC 32 4.02 94.74 -11.90
CA GLY SC 32 3.30 93.90 -10.97
C GLY SC 32 3.75 92.46 -10.91
N SER SC 33 2.81 91.56 -10.65
CA SER SC 33 3.12 90.15 -10.48
C SER SC 33 1.96 89.26 -10.94
N GLY SC 34 2.30 88.11 -11.49
CA GLY SC 34 1.30 87.14 -11.89
C GLY SC 34 1.89 86.12 -12.85
N PHE SC 35 1.02 85.25 -13.34
CA PHE SC 35 1.37 84.25 -14.34
C PHE SC 35 0.44 84.40 -15.53
N VAL SC 36 1.01 84.51 -16.73
CA VAL SC 36 0.21 84.62 -17.94
C VAL SC 36 0.24 83.27 -18.65
N ALA SC 37 -0.84 82.52 -18.54
CA ALA SC 37 -0.97 81.26 -19.24
C ALA SC 37 -1.44 81.52 -20.67
N LYS SC 38 -0.89 80.76 -21.62
CA LYS SC 38 -1.48 80.66 -22.94
C LYS SC 38 -1.52 79.21 -23.38
N ASP SC 39 -2.71 78.62 -23.30
CA ASP SC 39 -2.95 77.25 -23.74
C ASP SC 39 -2.03 76.28 -23.01
N ASP SC 40 -1.83 76.53 -21.74
CA ASP SC 40 -1.02 75.66 -20.90
C ASP SC 40 -1.79 74.44 -20.51
N SER SC 41 -1.20 73.27 -20.70
CA SER SC 41 -1.73 72.09 -20.04
C SER SC 41 -1.69 72.28 -18.53
N LEU SC 42 -2.71 71.76 -17.87
CA LEU SC 42 -2.79 71.86 -16.42
C LEU SC 42 -1.51 71.44 -15.73
N ARG SC 43 -0.78 70.46 -16.27
CA ARG SC 43 0.46 70.07 -15.61
C ARG SC 43 1.49 71.19 -15.59
N THR SC 44 1.51 72.03 -16.61
CA THR SC 44 2.44 73.14 -16.60
C THR SC 44 1.89 74.34 -15.88
N PHE SC 45 0.58 74.38 -15.67
CA PHE SC 45 0.01 75.48 -14.90
C PHE SC 45 0.23 75.25 -13.41
N PHE SC 46 -0.17 74.08 -12.92
CA PHE SC 46 0.06 73.79 -11.51
C PHE SC 46 1.54 73.63 -11.18
N ASP SC 47 2.41 73.31 -12.13
CA ASP SC 47 3.83 73.43 -11.83
C ASP SC 47 4.20 74.86 -11.47
N ALA SC 48 3.64 75.83 -12.17
CA ALA SC 48 3.95 77.22 -11.84
C ALA SC 48 3.40 77.57 -10.48
N MET SC 49 2.25 77.01 -10.12
CA MET SC 49 1.64 77.28 -8.82
C MET SC 49 2.40 76.65 -7.66
N ALA SC 50 3.28 75.69 -7.96
CA ALA SC 50 3.94 74.93 -6.90
C ALA SC 50 4.86 75.76 -6.01
N LEU SC 51 5.46 76.85 -6.49
CA LEU SC 51 6.32 77.62 -5.59
C LEU SC 51 5.57 78.37 -4.52
N GLN SC 52 4.35 78.81 -4.82
CA GLN SC 52 3.51 79.46 -3.82
C GLN SC 52 2.89 78.44 -2.88
N LEU SC 53 2.53 77.28 -3.41
CA LEU SC 53 2.03 76.21 -2.55
C LEU SC 53 3.12 75.61 -1.67
N LYS SC 54 4.37 75.62 -2.12
CA LYS SC 54 5.51 75.04 -1.42
C LYS SC 54 5.49 73.52 -1.40
N GLU SC 55 4.78 72.90 -2.34
CA GLU SC 55 4.64 71.46 -2.38
C GLU SC 55 4.77 70.99 -3.83
N PRO SC 56 5.45 69.88 -4.08
CA PRO SC 56 5.43 69.31 -5.42
C PRO SC 56 4.03 68.84 -5.78
N VAL SC 57 3.66 69.03 -7.06
CA VAL SC 57 2.32 68.70 -7.51
C VAL SC 57 2.41 67.60 -8.56
N ILE SC 58 1.56 66.59 -8.41
CA ILE SC 58 1.45 65.43 -9.27
C ILE SC 58 0.09 65.47 -9.95
N VAL SC 59 0.07 65.52 -11.28
CA VAL SC 59 -1.19 65.63 -12.01
C VAL SC 59 -1.43 64.38 -12.83
N SER SC 60 -2.57 63.77 -12.60
CA SER SC 60 -3.09 62.61 -13.33
C SER SC 60 -3.03 62.77 -14.84
N LYS SC 61 -2.68 61.68 -15.50
CA LYS SC 61 -2.66 61.60 -16.95
C LYS SC 61 -3.94 62.09 -17.60
N MET SC 62 -5.09 61.82 -16.99
CA MET SC 62 -6.35 62.25 -17.56
C MET SC 62 -6.55 63.75 -17.41
N ALA SC 63 -6.31 64.29 -16.22
CA ALA SC 63 -6.50 65.71 -16.01
C ALA SC 63 -5.51 66.55 -16.79
N ALA SC 64 -4.33 66.04 -17.10
CA ALA SC 64 -3.39 66.80 -17.89
C ALA SC 64 -3.83 67.08 -19.33
N ARG SC 65 -4.92 66.50 -19.81
CA ARG SC 65 -5.44 66.84 -21.14
C ARG SC 65 -6.13 68.19 -21.22
N LYS SC 66 -6.64 68.72 -20.11
CA LYS SC 66 -7.35 70.00 -20.11
C LYS SC 66 -6.39 71.17 -20.31
N LYS SC 67 -6.92 72.29 -20.83
CA LYS SC 67 -6.12 73.46 -21.17
C LYS SC 67 -6.71 74.66 -20.47
N ILE SC 68 -5.91 75.73 -20.34
CA ILE SC 68 -6.39 76.98 -19.75
C ILE SC 68 -5.65 78.17 -20.33
N THR SC 69 -6.28 79.35 -20.28
CA THR SC 69 -5.65 80.61 -20.70
C THR SC 69 -6.09 81.73 -19.75
N GLY SC 70 -5.31 82.81 -19.71
CA GLY SC 70 -5.67 83.97 -18.92
C GLY SC 70 -4.51 84.47 -18.09
N ASN SC 71 -4.81 85.49 -17.29
CA ASN SC 71 -3.85 86.13 -16.40
C ASN SC 71 -4.24 85.89 -14.95
N PHE SC 72 -3.39 85.21 -14.19
CA PHE SC 72 -3.76 84.68 -12.89
C PHE SC 72 -2.87 85.22 -11.78
N GLU SC 73 -3.46 85.37 -10.60
CA GLU SC 73 -2.77 85.82 -9.39
C GLU SC 73 -2.78 84.73 -8.32
N PHE SC 74 -1.61 84.23 -7.95
CA PHE SC 74 -1.51 83.13 -6.99
C PHE SC 74 -1.40 83.63 -5.55
N HIS SC 75 -2.26 84.57 -5.18
CA HIS SC 75 -2.12 85.22 -3.89
C HIS SC 75 -2.37 84.29 -2.70
N ASP SC 76 -3.42 83.48 -2.75
CA ASP SC 76 -3.66 82.44 -1.73
C ASP SC 76 -3.94 81.11 -2.41
N PRO SC 77 -2.91 80.32 -2.69
CA PRO SC 77 -3.10 79.17 -3.54
C PRO SC 77 -4.12 78.16 -3.03
N ASN SC 78 -4.23 77.95 -1.73
CA ASN SC 78 -5.20 76.96 -1.24
C ASN SC 78 -6.62 77.36 -1.64
N ALA SC 79 -6.90 78.66 -1.61
CA ALA SC 79 -8.21 79.16 -1.97
C ALA SC 79 -8.40 79.13 -3.47
N LEU SC 80 -7.40 79.57 -4.22
CA LEU SC 80 -7.56 79.54 -5.67
C LEU SC 80 -7.77 78.11 -6.14
N LEU SC 81 -6.97 77.18 -5.61
CA LEU SC 81 -7.11 75.77 -5.94
C LEU SC 81 -8.52 75.27 -5.64
N GLU SC 82 -9.05 75.56 -4.46
CA GLU SC 82 -10.44 75.21 -4.18
C GLU SC 82 -11.42 75.81 -5.18
N LYS SC 83 -11.19 77.06 -5.57
CA LYS SC 83 -12.06 77.69 -6.56
C LYS SC 83 -12.06 76.91 -7.87
N LEU SC 84 -10.89 76.76 -8.46
CA LEU SC 84 -10.81 76.13 -9.77
C LEU SC 84 -11.18 74.66 -9.74
N SER SC 85 -10.98 73.98 -8.62
CA SER SC 85 -11.40 72.58 -8.53
C SER SC 85 -12.82 72.38 -9.01
N LEU SC 86 -13.74 73.21 -8.56
CA LEU SC 86 -15.15 73.02 -8.91
C LEU SC 86 -15.46 73.52 -10.31
N GLN SC 87 -14.88 74.63 -10.71
CA GLN SC 87 -15.10 75.15 -12.05
C GLN SC 87 -14.64 74.16 -13.11
N LEU SC 88 -13.49 73.53 -12.92
CA LEU SC 88 -12.92 72.65 -13.93
C LEU SC 88 -13.29 71.19 -13.72
N GLY SC 89 -13.80 70.81 -12.56
CA GLY SC 89 -14.20 69.43 -12.31
C GLY SC 89 -13.11 68.53 -11.81
N LEU SC 90 -12.14 69.07 -11.07
CA LEU SC 90 -11.04 68.31 -10.53
C LEU SC 90 -11.32 67.90 -9.08
N ILE SC 91 -10.51 66.98 -8.59
CA ILE SC 91 -10.51 66.57 -7.20
C ILE SC 91 -9.05 66.52 -6.78
N TRP SC 92 -8.78 66.79 -5.51
CA TRP SC 92 -7.41 66.87 -5.05
C TRP SC 92 -7.26 66.40 -3.61
N TYR SC 93 -6.02 66.03 -3.28
CA TYR SC 93 -5.71 65.53 -1.96
C TYR SC 93 -4.31 65.98 -1.57
N PHE SC 94 -4.05 66.01 -0.27
CA PHE SC 94 -2.77 66.45 0.29
C PHE SC 94 -2.39 65.59 1.49
N ASP SC 95 -1.40 64.73 1.29
CA ASP SC 95 -0.88 63.78 2.25
C ASP SC 95 0.14 64.37 3.23
N GLY SC 96 0.56 65.61 3.02
CA GLY SC 96 1.59 66.25 3.83
C GLY SC 96 2.91 66.45 3.12
N GLN SC 97 3.16 65.77 2.03
CA GLN SC 97 4.39 65.88 1.29
C GLN SC 97 4.19 66.37 -0.14
N ALA SC 98 3.05 66.06 -0.76
CA ALA SC 98 2.81 66.46 -2.13
C ALA SC 98 1.31 66.59 -2.36
N ILE SC 99 0.95 67.33 -3.39
CA ILE SC 99 -0.44 67.52 -3.78
C ILE SC 99 -0.77 66.71 -5.02
N TYR SC 100 -1.74 65.80 -4.91
CA TYR SC 100 -2.18 64.95 -6.00
C TYR SC 100 -3.50 65.45 -6.53
N ILE SC 101 -3.60 65.58 -7.86
CA ILE SC 101 -4.77 66.13 -8.53
C ILE SC 101 -5.26 65.17 -9.60
N TYR SC 102 -6.57 64.92 -9.61
CA TYR SC 102 -7.23 63.98 -10.49
C TYR SC 102 -8.47 64.59 -11.13
N ASP SC 103 -8.91 63.92 -12.19
CA ASP SC 103 -10.20 64.20 -12.80
C ASP SC 103 -11.31 63.56 -11.97
N ALA SC 104 -12.37 64.31 -11.73
CA ALA SC 104 -13.55 63.84 -11.02
C ALA SC 104 -14.07 62.45 -11.38
N SER SC 105 -14.01 62.07 -12.65
CA SER SC 105 -14.47 60.75 -13.06
C SER SC 105 -13.72 59.58 -12.43
N GLU SC 106 -12.64 59.82 -11.70
CA GLU SC 106 -11.86 58.75 -11.10
C GLU SC 106 -12.21 58.38 -9.65
N MET SC 107 -13.08 59.11 -8.97
CA MET SC 107 -13.49 58.75 -7.61
C MET SC 107 -13.69 57.25 -7.40
N ARG SC 108 -12.94 56.68 -6.45
CA ARG SC 108 -13.11 55.29 -6.04
C ARG SC 108 -13.83 55.21 -4.70
N ASN SC 109 -14.50 54.09 -4.46
CA ASN SC 109 -15.22 53.90 -3.21
C ASN SC 109 -15.21 52.43 -2.82
N ALA SC 110 -15.25 52.17 -1.52
CA ALA SC 110 -15.20 50.80 -1.00
C ALA SC 110 -15.88 50.68 0.35
N VAL SC 111 -16.32 49.45 0.63
CA VAL SC 111 -16.85 49.02 1.92
C VAL SC 111 -15.81 48.18 2.65
N VAL SC 112 -15.47 48.59 3.87
CA VAL SC 112 -14.44 47.97 4.70
C VAL SC 112 -15.06 47.52 6.01
N SER SC 113 -14.70 46.32 6.47
CA SER SC 113 -15.13 45.89 7.79
C SER SC 113 -14.02 45.25 8.58
N LEU SC 114 -13.98 45.61 9.87
CA LEU SC 114 -12.94 45.27 10.83
C LEU SC 114 -13.51 44.46 11.98
N ARG SC 115 -12.78 43.41 12.38
CA ARG SC 115 -13.21 42.55 13.47
C ARG SC 115 -12.85 43.12 14.84
N ASN SC 116 -11.60 43.54 15.00
CA ASN SC 116 -11.03 43.94 16.28
C ASN SC 116 -10.93 45.44 16.53
N VAL SC 117 -11.34 46.30 15.60
CA VAL SC 117 -11.04 47.73 15.72
C VAL SC 117 -12.25 48.55 15.30
N SER SC 118 -12.82 49.29 16.24
CA SER SC 118 -13.92 50.20 15.99
C SER SC 118 -13.54 51.45 15.20
N LEU SC 119 -14.55 51.96 14.49
CA LEU SC 119 -14.42 53.17 13.69
C LEU SC 119 -13.84 54.32 14.50
N ASN SC 120 -14.34 54.53 15.70
CA ASN SC 120 -13.78 55.60 16.52
C ASN SC 120 -12.32 55.36 16.85
N GLU SC 121 -11.90 54.10 16.93
CA GLU SC 121 -10.49 53.81 17.16
C GLU SC 121 -9.66 54.16 15.94
N PHE SC 122 -10.22 53.96 14.75
CA PHE SC 122 -9.48 54.22 13.51
C PHE SC 122 -9.41 55.71 13.20
N ASN SC 123 -10.49 56.45 13.43
CA ASN SC 123 -10.44 57.88 13.17
C ASN SC 123 -9.34 58.53 13.97
N ASN SC 124 -9.17 58.15 15.23
CA ASN SC 124 -8.10 58.71 16.02
C ASN SC 124 -6.74 58.42 15.42
N PHE SC 125 -6.58 57.23 14.85
CA PHE SC 125 -5.33 56.89 14.17
C PHE SC 125 -5.06 57.88 13.05
N LEU SC 126 -6.05 58.12 12.20
CA LEU SC 126 -5.86 59.07 11.10
C LEU SC 126 -5.59 60.47 11.61
N LYS SC 127 -6.24 60.87 12.68
CA LYS SC 127 -6.00 62.20 13.23
C LYS SC 127 -4.57 62.33 13.74
N ARG SC 128 -4.11 61.36 14.52
CA ARG SC 128 -2.74 61.41 15.02
C ARG SC 128 -1.75 61.42 13.88
N SER SC 129 -2.02 60.66 12.82
CA SER SC 129 -1.14 60.65 11.65
C SER SC 129 -1.17 61.94 10.85
N GLY SC 130 -2.21 62.74 10.95
CA GLY SC 130 -2.27 63.90 10.10
C GLY SC 130 -2.67 63.58 8.68
N LEU SC 131 -3.37 62.48 8.50
CA LEU SC 131 -3.85 61.97 7.22
C LEU SC 131 -5.33 62.24 7.03
N TYR SC 132 -6.05 62.47 8.11
CA TYR SC 132 -7.48 62.73 8.07
C TYR SC 132 -7.80 63.93 7.17
N ASN SC 133 -8.97 63.87 6.54
CA ASN SC 133 -9.43 64.89 5.61
C ASN SC 133 -10.94 65.03 5.74
N LYS SC 134 -11.39 66.17 6.26
CA LYS SC 134 -12.81 66.41 6.50
C LYS SC 134 -13.67 66.52 5.25
N ASN SC 135 -13.10 66.53 4.05
CA ASN SC 135 -13.96 66.49 2.87
C ASN SC 135 -14.43 65.09 2.51
N TYR SC 136 -13.73 64.06 2.96
CA TYR SC 136 -14.07 62.68 2.62
C TYR SC 136 -14.12 61.78 3.84
N PRO SC 137 -14.81 62.20 4.90
CA PRO SC 137 -14.77 61.43 6.14
C PRO SC 137 -15.45 60.08 6.00
N LEU SC 138 -15.12 59.18 6.93
CA LEU SC 138 -15.76 57.87 6.96
C LEU SC 138 -17.19 57.96 7.44
N ARG SC 139 -18.04 57.14 6.83
CA ARG SC 139 -19.47 57.09 7.07
C ARG SC 139 -19.90 55.76 7.68
N GLY SC 140 -20.41 55.78 8.91
CA GLY SC 140 -20.85 54.55 9.53
C GLY SC 140 -21.29 54.75 10.96
N ASP SC 141 -21.36 53.65 11.70
CA ASP SC 141 -21.67 53.65 13.12
C ASP SC 141 -20.41 53.59 13.97
N ASN SC 142 -20.16 54.64 14.74
CA ASN SC 142 -19.00 54.67 15.61
C ASN SC 142 -18.89 53.44 16.49
N ARG SC 143 -20.02 52.84 16.86
CA ARG SC 143 -19.95 51.65 17.69
C ARG SC 143 -19.47 50.44 16.90
N LYS SC 144 -20.09 50.18 15.75
CA LYS SC 144 -19.75 49.02 14.94
C LYS SC 144 -18.45 49.23 14.18
N GLY SC 145 -17.99 48.14 13.57
CA GLY SC 145 -16.80 48.11 12.73
C GLY SC 145 -16.99 47.94 11.24
N THR SC 146 -17.95 48.63 10.64
CA THR SC 146 -18.21 48.51 9.22
C THR SC 146 -18.47 49.90 8.67
N PHE SC 147 -17.77 50.25 7.59
CA PHE SC 147 -17.89 51.61 7.07
C PHE SC 147 -17.65 51.67 5.57
N TYR SC 148 -18.17 52.74 4.98
CA TYR SC 148 -18.05 53.10 3.57
C TYR SC 148 -17.18 54.34 3.39
N VAL SC 149 -16.25 54.29 2.43
CA VAL SC 149 -15.37 55.43 2.15
C VAL SC 149 -15.25 55.64 0.65
N SER SC 150 -15.17 56.90 0.23
CA SER SC 150 -15.00 57.25 -1.18
C SER SC 150 -14.16 58.50 -1.33
N GLY SC 151 -13.37 58.55 -2.40
CA GLY SC 151 -12.49 59.67 -2.65
C GLY SC 151 -11.44 59.41 -3.71
N PRO SC 152 -10.44 60.29 -3.79
CA PRO SC 152 -9.34 60.05 -4.71
C PRO SC 152 -8.66 58.71 -4.48
N PRO SC 153 -8.17 58.08 -5.54
CA PRO SC 153 -7.50 56.78 -5.44
C PRO SC 153 -6.46 56.59 -4.34
N VAL SC 154 -5.49 57.50 -4.24
CA VAL SC 154 -4.45 57.37 -3.22
C VAL SC 154 -5.07 57.27 -1.83
N TYR SC 155 -5.94 58.22 -1.51
CA TYR SC 155 -6.62 58.21 -0.23
C TYR SC 155 -7.35 56.91 0.02
N VAL SC 156 -8.19 56.50 -0.91
CA VAL SC 156 -8.95 55.25 -0.75
C VAL SC 156 -8.04 54.05 -0.50
N ASP SC 157 -7.05 53.83 -1.36
CA ASP SC 157 -6.15 52.70 -1.17
C ASP SC 157 -5.40 52.74 0.15
N MET SC 158 -4.91 53.92 0.54
CA MET SC 158 -4.24 54.02 1.83
C MET SC 158 -5.16 53.60 2.96
N VAL SC 159 -6.37 54.14 2.98
CA VAL SC 159 -7.34 53.77 4.00
C VAL SC 159 -7.57 52.27 4.04
N VAL SC 160 -8.00 51.69 2.92
CA VAL SC 160 -8.30 50.26 2.90
C VAL SC 160 -7.15 49.40 3.40
N ASN SC 161 -5.93 49.70 2.98
CA ASN SC 161 -4.80 48.86 3.39
C ASN SC 161 -4.43 49.07 4.85
N ALA SC 162 -4.19 50.31 5.24
CA ALA SC 162 -3.88 50.55 6.65
C ALA SC 162 -4.90 49.92 7.57
N ALA SC 163 -6.19 50.08 7.28
CA ALA SC 163 -7.21 49.44 8.10
C ALA SC 163 -7.05 47.93 8.17
N THR SC 164 -6.96 47.26 7.02
CA THR SC 164 -6.79 45.80 7.06
C THR SC 164 -5.57 45.38 7.88
N MET SC 165 -4.45 46.06 7.72
CA MET SC 165 -3.27 45.69 8.49
C MET SC 165 -3.43 45.93 9.98
N MET SC 166 -3.94 47.09 10.38
CA MET SC 166 -4.18 47.33 11.79
C MET SC 166 -5.02 46.22 12.40
N ASP SC 167 -6.15 45.91 11.78
CA ASP SC 167 -6.98 44.82 12.26
C ASP SC 167 -6.19 43.52 12.41
N LYS SC 168 -5.43 43.15 11.39
CA LYS SC 168 -4.65 41.92 11.46
C LYS SC 168 -3.64 41.92 12.61
N GLN SC 169 -2.98 43.06 12.86
CA GLN SC 169 -2.07 43.14 14.00
C GLN SC 169 -2.80 43.03 15.32
N ASN SC 170 -3.93 43.71 15.48
CA ASN SC 170 -4.55 43.79 16.80
C ASN SC 170 -5.22 42.50 17.23
N ASP SC 171 -5.20 41.44 16.45
CA ASP SC 171 -5.74 40.19 16.93
C ASP SC 171 -4.95 39.69 18.14
N GLY SC 172 -5.61 38.88 18.97
CA GLY SC 172 -5.00 38.31 20.15
C GLY SC 172 -5.22 39.10 21.42
N ILE SC 173 -6.06 40.14 21.38
CA ILE SC 173 -6.13 41.10 22.48
C ILE SC 173 -6.43 40.42 23.81
N GLU SC 174 -5.88 41.01 24.88
CA GLU SC 174 -5.97 40.52 26.26
C GLU SC 174 -7.39 40.58 26.81
N LEU SC 175 -8.36 41.02 26.02
CA LEU SC 175 -9.72 41.32 26.46
C LEU SC 175 -10.29 40.30 27.44
N GLY SC 176 -9.93 39.04 27.31
CA GLY SC 176 -10.29 38.06 28.32
C GLY SC 176 -9.54 38.14 29.62
N ARG SC 177 -9.40 39.33 30.18
CA ARG SC 177 -8.75 39.50 31.48
C ARG SC 177 -9.49 38.74 32.55
N GLN SC 178 -8.86 37.72 33.13
CA GLN SC 178 -9.46 36.89 34.16
C GLN SC 178 -9.33 37.56 35.53
N LYS SC 179 -10.45 37.97 36.09
CA LYS SC 179 -10.51 38.47 37.46
C LYS SC 179 -10.50 37.31 38.44
N ILE SC 180 -10.26 37.60 39.72
CA ILE SC 180 -10.43 36.63 40.80
C ILE SC 180 -11.28 37.20 41.93
N GLY SC 181 -12.20 36.37 42.43
CA GLY SC 181 -13.06 36.75 43.55
C GLY SC 181 -12.94 35.85 44.76
N VAL SC 182 -12.78 36.44 45.94
CA VAL SC 182 -12.82 35.72 47.21
C VAL SC 182 -14.14 36.02 47.91
N MET SC 183 -14.89 34.99 48.29
CA MET SC 183 -16.20 35.15 48.89
C MET SC 183 -16.32 34.36 50.18
N ARG SC 184 -16.57 35.04 51.30
CA ARG SC 184 -16.85 34.34 52.55
C ARG SC 184 -18.29 33.89 52.65
N LEU SC 185 -18.47 32.75 53.29
CA LEU SC 185 -19.78 32.21 53.63
C LEU SC 185 -20.08 32.50 55.10
N ASN SC 186 -21.25 33.06 55.33
CA ASN SC 186 -21.73 33.50 56.64
C ASN SC 186 -22.62 32.50 57.35
N ASN SC 187 -23.30 31.64 56.62
CA ASN SC 187 -24.35 30.82 57.20
C ASN SC 187 -24.17 29.32 56.98
N THR SC 188 -23.01 28.87 56.50
CA THR SC 188 -22.86 27.46 56.17
C THR SC 188 -21.37 27.09 56.11
N PHE SC 189 -21.12 25.78 56.06
CA PHE SC 189 -19.78 25.22 55.92
C PHE SC 189 -19.45 24.99 54.45
N VAL SC 190 -18.28 25.46 54.03
CA VAL SC 190 -17.88 25.35 52.63
C VAL SC 190 -17.83 23.89 52.16
N GLY SC 191 -17.23 23.01 52.95
CA GLY SC 191 -17.10 21.62 52.53
C GLY SC 191 -18.38 20.80 52.54
N ASP SC 192 -18.27 19.64 51.90
CA ASP SC 192 -19.29 18.60 51.90
C ASP SC 192 -19.46 18.00 53.28
N ARG SC 193 -20.60 17.36 53.50
CA ARG SC 193 -20.91 16.81 54.81
C ARG SC 193 -21.29 15.34 54.73
N THR SC 194 -21.06 14.62 55.83
CA THR SC 194 -21.34 13.18 55.88
C THR SC 194 -21.76 12.74 57.27
N TYR SC 195 -22.74 11.84 57.30
CA TYR SC 195 -23.31 11.26 58.50
C TYR SC 195 -23.18 9.74 58.40
N ASN SC 196 -22.46 9.16 59.35
CA ASN SC 196 -21.92 7.80 59.31
C ASN SC 196 -22.85 6.69 59.82
N LEU SC 197 -24.11 6.95 60.14
CA LEU SC 197 -24.92 5.92 60.78
C LEU SC 197 -25.15 4.68 59.92
N ARG SC 198 -25.14 3.51 60.61
CA ARG SC 198 -25.44 2.21 60.00
C ARG SC 198 -26.85 2.15 59.41
N ASP SC 199 -27.82 2.79 60.04
CA ASP SC 199 -29.15 2.71 59.47
C ASP SC 199 -29.16 3.45 58.15
N GLN SC 200 -28.35 4.49 58.06
CA GLN SC 200 -28.19 5.20 56.81
C GLN SC 200 -27.01 6.13 56.95
N LYS SC 201 -26.05 5.98 56.04
CA LYS SC 201 -24.89 6.85 55.95
C LYS SC 201 -25.14 7.75 54.75
N MET SC 202 -25.13 9.06 54.97
CA MET SC 202 -25.51 10.01 53.96
C MET SC 202 -24.40 11.03 53.71
N VAL SC 203 -24.24 11.38 52.44
CA VAL SC 203 -23.25 12.34 51.97
C VAL SC 203 -24.00 13.45 51.25
N ILE SC 204 -23.73 14.69 51.65
CA ILE SC 204 -24.40 15.86 51.09
C ILE SC 204 -23.34 16.71 50.40
N PRO SC 205 -23.56 17.09 49.14
CA PRO SC 205 -22.64 17.98 48.43
C PRO SC 205 -22.66 19.41 48.92
N GLY SC 206 -21.49 20.04 48.82
CA GLY SC 206 -21.36 21.47 49.04
C GLY SC 206 -21.64 22.31 47.80
N ILE SC 207 -21.72 23.62 48.07
CA ILE SC 207 -22.00 24.62 47.04
C ILE SC 207 -21.06 24.45 45.84
N ALA SC 208 -19.76 24.35 46.11
CA ALA SC 208 -18.81 24.21 45.01
C ALA SC 208 -19.11 23.00 44.14
N THR SC 209 -19.33 21.84 44.75
CA THR SC 209 -19.65 20.65 43.97
C THR SC 209 -20.91 20.84 43.13
N ALA SC 210 -21.96 21.40 43.74
CA ALA SC 210 -23.19 21.62 43.00
C ALA SC 210 -23.00 22.55 41.80
N ILE SC 211 -22.40 23.72 42.02
CA ILE SC 211 -22.16 24.65 40.91
C ILE SC 211 -21.28 24.03 39.84
N GLU SC 212 -20.16 23.43 40.22
CA GLU SC 212 -19.30 22.79 39.23
C GLU SC 212 -20.04 21.74 38.42
N ARG SC 213 -21.03 21.08 39.01
CA ARG SC 213 -21.79 20.08 38.28
C ARG SC 213 -22.76 20.75 37.32
N LEU SC 214 -23.47 21.76 37.80
CA LEU SC 214 -24.40 22.49 36.94
C LEU SC 214 -23.70 23.09 35.73
N LEU SC 215 -22.60 23.81 35.94
CA LEU SC 215 -21.88 24.43 34.82
C LEU SC 215 -20.98 23.49 34.03
N GLN SC 216 -20.81 22.24 34.43
CA GLN SC 216 -19.85 21.37 33.77
C GLN SC 216 -20.01 21.30 32.25
N GLY SC 217 -18.99 21.78 31.54
CA GLY SC 217 -18.87 21.77 30.09
C GLY SC 217 -19.74 22.70 29.27
N GLU SC 218 -20.42 23.66 29.89
CA GLU SC 218 -21.23 24.60 29.13
C GLU SC 218 -20.36 25.36 28.12
N GLU SC 219 -20.92 25.63 26.94
CA GLU SC 219 -20.23 26.36 25.88
C GLU SC 219 -21.05 27.55 25.37
N GLN SC 220 -21.83 28.17 26.25
CA GLN SC 220 -22.73 29.26 25.95
C GLN SC 220 -22.57 30.30 27.05
N PRO SC 221 -22.81 31.58 26.74
CA PRO SC 221 -22.70 32.61 27.76
C PRO SC 221 -23.72 32.50 28.89
N LEU SC 222 -23.22 32.74 30.09
CA LEU SC 222 -24.02 32.84 31.29
C LEU SC 222 -24.87 34.10 31.27
N GLY SC 223 -26.13 33.98 31.67
CA GLY SC 223 -27.01 35.11 31.83
C GLY SC 223 -27.31 35.43 33.28
N ASN SC 224 -28.31 36.28 33.48
CA ASN SC 224 -28.69 36.69 34.82
C ASN SC 224 -29.43 35.61 35.61
N ILE SC 225 -29.16 35.60 36.91
CA ILE SC 225 -29.79 34.70 37.87
C ILE SC 225 -31.20 35.18 38.20
N VAL SC 226 -32.11 34.23 38.39
CA VAL SC 226 -33.48 34.50 38.79
C VAL SC 226 -33.87 33.52 39.87
N SER SC 227 -34.87 33.90 40.67
CA SER SC 227 -35.34 33.02 41.74
C SER SC 227 -36.81 33.27 42.05
N LEU SC 254 -18.96 45.21 18.60
CA LEU SC 254 -18.39 46.07 19.62
C LEU SC 254 -17.80 45.26 20.76
N GLN SC 255 -16.66 45.73 21.26
CA GLN SC 255 -15.79 44.86 22.05
C GLN SC 255 -16.43 44.47 23.37
N GLU SC 256 -17.33 45.29 23.92
CA GLU SC 256 -18.08 44.83 25.07
C GLU SC 256 -18.95 43.63 24.71
N ALA SC 257 -19.51 43.62 23.50
CA ALA SC 257 -20.27 42.46 23.07
C ALA SC 257 -19.37 41.24 22.87
N LEU SC 258 -18.17 41.44 22.33
CA LEU SC 258 -17.22 40.34 22.24
C LEU SC 258 -16.80 39.82 23.62
N LYS SC 259 -16.64 40.74 24.58
CA LYS SC 259 -16.33 40.38 25.95
C LYS SC 259 -17.44 39.57 26.61
N GLN SC 260 -18.69 39.85 26.27
CA GLN SC 260 -19.80 39.06 26.82
C GLN SC 260 -19.75 37.59 26.46
N ASN SC 261 -19.07 37.22 25.39
CA ASN SC 261 -19.16 35.87 24.81
C ASN SC 261 -18.35 34.80 25.55
N ALA SC 262 -17.70 35.12 26.66
CA ALA SC 262 -17.02 34.08 27.45
C ALA SC 262 -18.00 33.00 27.91
N ALA SC 263 -17.63 31.75 27.62
CA ALA SC 263 -18.47 30.61 27.96
C ALA SC 263 -18.45 30.31 29.46
N ALA SC 264 -19.62 29.90 29.96
CA ALA SC 264 -19.77 29.51 31.35
C ALA SC 264 -18.78 28.45 31.81
N GLY SC 265 -18.48 27.47 30.96
CA GLY SC 265 -17.52 26.44 31.34
C GLY SC 265 -16.14 26.93 31.70
N ASN SC 266 -15.80 28.20 31.43
CA ASN SC 266 -14.52 28.74 31.87
C ASN SC 266 -14.49 29.03 33.37
N ILE SC 267 -15.64 29.34 33.97
CA ILE SC 267 -15.68 29.61 35.40
C ILE SC 267 -15.11 28.44 36.18
N LYS SC 268 -14.32 28.77 37.21
CA LYS SC 268 -13.76 27.78 38.12
C LYS SC 268 -14.00 28.18 39.57
N ILE SC 269 -14.26 27.19 40.42
CA ILE SC 269 -14.48 27.40 41.84
C ILE SC 269 -13.63 26.44 42.66
N VAL SC 270 -13.02 26.94 43.73
CA VAL SC 270 -12.22 26.15 44.66
C VAL SC 270 -12.63 26.50 46.08
N ALA SC 271 -12.95 25.48 46.88
CA ALA SC 271 -13.25 25.68 48.28
C ALA SC 271 -11.99 25.86 49.11
N TYR SC 272 -12.06 26.75 50.10
CA TYR SC 272 -10.93 27.07 50.98
C TYR SC 272 -11.43 27.06 52.42
N PRO SC 273 -11.62 25.86 52.99
CA PRO SC 273 -12.08 25.75 54.38
C PRO SC 273 -11.24 26.50 55.39
N ASP SC 274 -9.94 26.69 55.14
CA ASP SC 274 -9.08 27.38 56.10
C ASP SC 274 -9.70 28.69 56.58
N THR SC 275 -10.50 29.34 55.75
CA THR SC 275 -11.16 30.60 56.09
C THR SC 275 -12.63 30.54 55.76
N ASN SC 276 -13.15 29.35 55.51
CA ASN SC 276 -14.54 29.14 55.14
C ASN SC 276 -14.97 30.01 53.96
N SER SC 277 -14.21 29.97 52.87
CA SER SC 277 -14.48 30.89 51.77
C SER SC 277 -14.25 30.20 50.43
N LEU SC 278 -14.93 30.70 49.41
CA LEU SC 278 -14.77 30.21 48.05
C LEU SC 278 -13.86 31.13 47.25
N LEU SC 279 -13.13 30.52 46.32
CA LEU SC 279 -12.31 31.22 45.34
C LEU SC 279 -12.93 31.00 43.98
N VAL SC 280 -13.13 32.06 43.22
CA VAL SC 280 -13.81 32.00 41.94
C VAL SC 280 -12.96 32.70 40.90
N LYS SC 281 -12.72 32.03 39.77
CA LYS SC 281 -12.02 32.61 38.65
C LYS SC 281 -12.94 32.71 37.45
N GLY SC 282 -12.93 33.89 36.83
CA GLY SC 282 -13.69 34.18 35.63
C GLY SC 282 -13.63 35.66 35.33
N THR SC 283 -14.37 36.06 34.30
CA THR SC 283 -14.51 37.47 33.98
C THR SC 283 -15.23 38.19 35.11
N ALA SC 284 -15.14 39.52 35.08
CA ALA SC 284 -15.84 40.37 36.05
C ALA SC 284 -17.35 40.10 36.10
N GLU SC 285 -18.00 40.01 34.95
CA GLU SC 285 -19.43 39.70 34.95
C GLU SC 285 -19.72 38.31 35.48
N GLN SC 286 -18.91 37.33 35.10
CA GLN SC 286 -19.11 35.99 35.59
C GLN SC 286 -18.96 35.91 37.10
N VAL SC 287 -17.94 36.57 37.64
CA VAL SC 287 -17.79 36.63 39.09
C VAL SC 287 -18.98 37.31 39.74
N HIS SC 288 -19.50 38.35 39.12
CA HIS SC 288 -20.65 39.05 39.71
C HIS SC 288 -21.90 38.17 39.76
N PHE SC 289 -22.17 37.41 38.69
CA PHE SC 289 -23.29 36.47 38.74
C PHE SC 289 -23.07 35.36 39.76
N ILE SC 290 -21.85 34.86 39.89
CA ILE SC 290 -21.61 33.85 40.91
C ILE SC 290 -21.82 34.41 42.31
N GLU SC 291 -21.40 35.65 42.54
CA GLU SC 291 -21.63 36.27 43.84
C GLU SC 291 -23.12 36.38 44.17
N MET SC 292 -23.93 36.78 43.20
CA MET SC 292 -25.36 36.84 43.45
C MET SC 292 -25.96 35.47 43.73
N LEU SC 293 -25.46 34.44 43.07
CA LEU SC 293 -25.96 33.10 43.34
C LEU SC 293 -25.60 32.62 44.74
N VAL SC 294 -24.34 32.80 45.15
CA VAL SC 294 -23.95 32.42 46.51
C VAL SC 294 -24.81 33.14 47.54
N LYS SC 295 -25.01 34.43 47.38
CA LYS SC 295 -25.86 35.14 48.32
C LYS SC 295 -27.30 34.65 48.27
N ALA SC 296 -27.74 34.07 47.16
CA ALA SC 296 -29.08 33.51 47.15
C ALA SC 296 -29.15 32.18 47.88
N LEU SC 297 -28.07 31.42 47.86
CA LEU SC 297 -28.09 30.07 48.42
C LEU SC 297 -27.81 29.97 49.92
N ASP SC 298 -26.90 30.75 50.50
CA ASP SC 298 -26.60 30.59 51.92
C ASP SC 298 -27.58 31.32 52.86
N VAL SC 299 -28.83 30.83 52.89
CA VAL SC 299 -29.80 31.19 53.92
C VAL SC 299 -29.55 30.49 55.26
N ALA SC 300 -29.85 31.20 56.35
CA ALA SC 300 -29.68 30.67 57.71
C ALA SC 300 -30.70 29.60 58.06
N LYS SC 301 -30.23 28.49 58.64
CA LYS SC 301 -31.10 27.42 59.12
C LYS SC 301 -31.82 27.75 60.45
N ARG SC 302 -33.08 27.26 60.56
CA ARG SC 302 -33.91 27.20 61.77
C ARG SC 302 -33.63 25.98 62.67
N HIS SC 303 -34.00 26.11 63.95
CA HIS SC 303 -33.92 25.06 64.98
C HIS SC 303 -35.26 24.42 65.33
N VAL SC 304 -35.30 23.09 65.38
CA VAL SC 304 -36.50 22.30 65.74
C VAL SC 304 -36.16 21.36 66.91
N GLU SC 305 -36.92 21.45 68.00
CA GLU SC 305 -36.84 20.52 69.13
C GLU SC 305 -37.93 19.44 69.05
N LEU SC 306 -37.52 18.17 69.18
CA LEU SC 306 -38.40 17.00 69.11
C LEU SC 306 -38.55 16.33 70.47
N SER SC 307 -39.78 16.36 71.02
CA SER SC 307 -40.17 15.71 72.27
C SER SC 307 -41.05 14.50 71.99
N LEU SC 308 -40.76 13.36 72.64
CA LEU SC 308 -41.48 12.10 72.44
C LEU SC 308 -41.91 11.45 73.75
N TRP SC 309 -43.21 11.15 73.88
CA TRP SC 309 -43.80 10.51 75.06
C TRP SC 309 -44.04 9.02 74.88
N ILE SC 310 -43.47 8.20 75.76
CA ILE SC 310 -43.69 6.75 75.82
C ILE SC 310 -44.38 6.44 77.14
N VAL SC 311 -45.50 5.72 77.08
CA VAL SC 311 -46.29 5.40 78.27
C VAL SC 311 -46.69 3.93 78.27
N ASP SC 312 -46.50 3.25 79.40
CA ASP SC 312 -46.87 1.85 79.57
C ASP SC 312 -47.63 1.63 80.87
N LEU SC 313 -48.74 0.89 80.77
CA LEU SC 313 -49.64 0.58 81.87
C LEU SC 313 -49.94 -0.92 81.89
N ASN SC 314 -49.98 -1.52 83.08
CA ASN SC 314 -50.16 -2.97 83.16
C ASN SC 314 -50.89 -3.35 84.45
N LYS SC 315 -51.98 -4.13 84.30
CA LYS SC 315 -52.77 -4.67 85.40
C LYS SC 315 -52.84 -6.19 85.33
N SER SC 316 -52.83 -6.83 86.51
CA SER SC 316 -52.87 -8.29 86.60
C SER SC 316 -53.68 -8.76 87.80
N ASP SC 317 -54.56 -9.74 87.57
CA ASP SC 317 -55.32 -10.41 88.62
C ASP SC 317 -55.13 -11.91 88.49
N LEU SC 318 -54.82 -12.60 89.59
CA LEU SC 318 -54.55 -14.03 89.57
C LEU SC 318 -55.14 -14.70 90.80
N GLU SC 319 -55.69 -15.91 90.62
CA GLU SC 319 -56.12 -16.70 91.77
C GLU SC 319 -55.99 -18.19 91.46
N ARG SC 320 -55.68 -18.97 92.50
CA ARG SC 320 -55.68 -20.42 92.47
C ARG SC 320 -56.32 -20.95 93.74
N LEU SC 321 -57.15 -22.00 93.61
CA LEU SC 321 -57.80 -22.58 94.77
C LEU SC 321 -58.27 -24.00 94.52
N GLY SC 322 -58.01 -24.90 95.48
CA GLY SC 322 -58.57 -26.24 95.50
C GLY SC 322 -57.56 -27.34 95.82
N THR SC 323 -57.90 -28.56 95.40
CA THR SC 323 -57.24 -29.76 95.92
C THR SC 323 -56.99 -30.80 94.83
N SER SC 324 -56.00 -31.67 95.08
CA SER SC 324 -55.73 -32.87 94.29
C SER SC 324 -55.53 -34.08 95.19
N TRP SC 325 -55.84 -35.28 94.67
CA TRP SC 325 -55.89 -36.51 95.45
C TRP SC 325 -55.28 -37.66 94.68
N SER SC 326 -54.67 -38.59 95.41
CA SER SC 326 -54.16 -39.86 94.86
C SER SC 326 -53.90 -40.82 96.02
N GLY SC 327 -53.67 -42.08 95.71
CA GLY SC 327 -53.18 -42.99 96.75
C GLY SC 327 -53.25 -44.45 96.38
N SER SC 328 -53.12 -45.31 97.39
CA SER SC 328 -53.10 -46.75 97.14
C SER SC 328 -53.69 -47.57 98.29
N ILE SC 329 -54.09 -48.79 97.96
CA ILE SC 329 -54.80 -49.68 98.87
C ILE SC 329 -54.29 -51.11 98.66
N THR SC 330 -54.29 -51.91 99.72
CA THR SC 330 -53.95 -53.33 99.63
C THR SC 330 -54.91 -54.13 100.49
N ILE SC 331 -55.18 -55.37 100.08
CA ILE SC 331 -56.09 -56.26 100.82
C ILE SC 331 -55.38 -57.58 101.10
N GLY SC 332 -54.79 -57.69 102.28
CA GLY SC 332 -54.09 -58.92 102.67
C GLY SC 332 -53.07 -59.43 101.68
N ASP SC 333 -52.49 -58.54 100.87
CA ASP SC 333 -51.58 -58.93 99.79
C ASP SC 333 -52.30 -59.80 98.76
N LYS SC 334 -53.61 -59.67 98.71
CA LYS SC 334 -54.44 -60.35 97.71
C LYS SC 334 -54.47 -59.47 96.48
N LEU SC 335 -54.90 -58.22 96.66
CA LEU SC 335 -55.10 -57.27 95.59
C LEU SC 335 -54.54 -55.94 96.02
N GLY SC 336 -53.98 -55.22 95.06
CA GLY SC 336 -53.52 -53.86 95.29
C GLY SC 336 -54.16 -52.93 94.29
N VAL SC 337 -54.48 -51.73 94.76
CA VAL SC 337 -55.22 -50.75 93.97
C VAL SC 337 -54.49 -49.42 94.06
N SER SC 338 -54.42 -48.71 92.94
CA SER SC 338 -53.85 -47.38 92.91
C SER SC 338 -54.85 -46.41 92.30
N LEU SC 339 -54.96 -45.23 92.90
CA LEU SC 339 -55.81 -44.15 92.43
C LEU SC 339 -54.90 -43.04 91.91
N ASN SC 340 -54.86 -42.91 90.59
CA ASN SC 340 -54.06 -41.92 89.87
C ASN SC 340 -52.55 -42.11 90.03
N GLN SC 341 -52.14 -43.19 90.68
CA GLN SC 341 -50.74 -43.47 90.92
C GLN SC 341 -50.32 -44.71 90.13
N SER SC 342 -49.09 -44.68 89.63
CA SER SC 342 -48.55 -45.76 88.81
C SER SC 342 -47.72 -46.75 89.62
N SER SC 343 -47.64 -46.60 90.93
CA SER SC 343 -47.07 -47.63 91.78
C SER SC 343 -47.75 -47.57 93.14
N ILE SC 344 -47.94 -48.74 93.75
CA ILE SC 344 -48.62 -48.82 95.04
C ILE SC 344 -47.65 -48.54 96.17
N SER SC 345 -48.20 -48.09 97.30
CA SER SC 345 -47.42 -47.88 98.51
C SER SC 345 -47.26 -49.16 99.33
N THR SC 346 -47.81 -50.28 98.86
CA THR SC 346 -48.01 -51.49 99.66
C THR SC 346 -48.77 -51.18 100.93
N LEU SC 347 -49.78 -50.32 100.83
CA LEU SC 347 -50.49 -49.82 102.00
C LEU SC 347 -51.97 -50.15 101.92
N ASP SC 348 -52.54 -50.41 103.09
CA ASP SC 348 -53.82 -51.10 103.25
C ASP SC 348 -55.00 -50.12 103.23
N GLY SC 349 -55.02 -49.23 102.25
CA GLY SC 349 -55.95 -48.13 102.27
C GLY SC 349 -55.49 -47.00 103.17
N SER SC 350 -54.20 -46.70 103.15
CA SER SC 350 -53.60 -45.74 104.06
C SER SC 350 -52.50 -44.98 103.36
N ARG SC 351 -52.15 -43.84 103.92
CA ARG SC 351 -51.37 -42.78 103.27
C ARG SC 351 -51.84 -42.51 101.84
N PHE SC 352 -53.08 -42.04 101.73
CA PHE SC 352 -53.44 -41.18 100.63
C PHE SC 352 -52.64 -39.88 100.74
N ILE SC 353 -52.66 -39.07 99.68
CA ILE SC 353 -52.04 -37.76 99.71
C ILE SC 353 -52.97 -36.73 99.10
N ALA SC 354 -53.10 -35.58 99.77
CA ALA SC 354 -53.89 -34.45 99.29
C ALA SC 354 -52.99 -33.23 99.16
N ALA SC 355 -53.01 -32.59 98.00
CA ALA SC 355 -52.24 -31.39 97.74
C ALA SC 355 -53.18 -30.20 97.62
N VAL SC 356 -52.96 -29.17 98.42
CA VAL SC 356 -53.88 -28.05 98.57
C VAL SC 356 -53.20 -26.79 98.04
N ASN SC 357 -53.94 -26.01 97.26
CA ASN SC 357 -53.46 -24.72 96.79
C ASN SC 357 -54.49 -23.65 97.11
N ALA SC 358 -54.00 -22.51 97.59
CA ALA SC 358 -54.87 -21.36 97.86
C ALA SC 358 -54.00 -20.11 97.78
N LEU SC 359 -54.17 -19.32 96.73
CA LEU SC 359 -53.40 -18.09 96.60
C LEU SC 359 -54.16 -17.08 95.75
N GLU SC 360 -54.01 -15.80 96.10
CA GLU SC 360 -54.56 -14.68 95.34
C GLU SC 360 -53.52 -13.60 95.19
N GLU SC 361 -53.47 -12.96 94.02
CA GLU SC 361 -52.55 -11.85 93.80
C GLU SC 361 -53.16 -10.81 92.89
N LYS SC 362 -52.82 -9.55 93.15
CA LYS SC 362 -53.06 -8.44 92.24
C LYS SC 362 -51.80 -7.63 92.05
N LYS SC 363 -51.64 -7.07 90.84
CA LYS SC 363 -50.45 -6.27 90.55
C LYS SC 363 -50.81 -5.16 89.59
N GLN SC 364 -50.10 -4.03 89.73
CA GLN SC 364 -50.17 -2.95 88.75
C GLN SC 364 -48.81 -2.29 88.59
N ALA SC 365 -48.51 -1.87 87.35
CA ALA SC 365 -47.29 -1.12 87.07
C ALA SC 365 -47.52 -0.02 86.03
N THR SC 366 -46.87 1.14 86.25
CA THR SC 366 -46.92 2.28 85.35
C THR SC 366 -45.53 2.84 85.09
N VAL SC 367 -45.18 3.01 83.81
CA VAL SC 367 -43.89 3.60 83.42
C VAL SC 367 -44.12 4.69 82.38
N VAL SC 368 -43.41 5.81 82.56
CA VAL SC 368 -43.49 6.96 81.65
C VAL SC 368 -42.07 7.39 81.31
N SER SC 369 -41.82 7.70 80.02
CA SER SC 369 -40.50 8.13 79.58
C SER SC 369 -40.61 9.22 78.52
N ARG SC 370 -39.70 10.19 78.56
CA ARG SC 370 -39.74 11.28 77.60
C ARG SC 370 -38.36 11.78 77.18
N PRO SC 371 -37.91 11.48 75.96
CA PRO SC 371 -36.67 12.05 75.44
C PRO SC 371 -36.87 13.42 74.79
N VAL SC 372 -35.75 14.13 74.61
CA VAL SC 372 -35.72 15.44 73.98
C VAL SC 372 -34.50 15.54 73.07
N LEU SC 373 -34.68 16.08 71.87
CA LEU SC 373 -33.57 16.21 70.92
C LEU SC 373 -33.67 17.48 70.10
N LEU SC 374 -32.61 18.30 70.09
CA LEU SC 374 -32.56 19.50 69.27
C LEU SC 374 -31.83 19.25 67.95
N THR SC 375 -32.37 19.80 66.86
CA THR SC 375 -31.84 19.57 65.53
C THR SC 375 -32.00 20.84 64.71
N GLN SC 376 -31.20 20.98 63.66
CA GLN SC 376 -31.40 22.03 62.68
C GLN SC 376 -32.13 21.50 61.46
N GLU SC 377 -32.94 22.40 60.88
CA GLU SC 377 -33.65 22.16 59.64
C GLU SC 377 -32.80 21.47 58.59
N ASN SC 378 -33.33 20.38 58.05
CA ASN SC 378 -32.74 19.52 57.02
C ASN SC 378 -31.53 18.71 57.48
N VAL SC 379 -31.16 18.74 58.74
CA VAL SC 379 -29.96 18.05 59.24
C VAL SC 379 -30.44 16.82 59.99
N PRO SC 380 -30.05 15.62 59.59
CA PRO SC 380 -30.43 14.44 60.35
C PRO SC 380 -29.66 14.36 61.66
N ALA SC 381 -30.31 13.78 62.67
CA ALA SC 381 -29.71 13.68 63.99
C ALA SC 381 -30.11 12.35 64.62
N ILE SC 382 -29.29 11.93 65.60
CA ILE SC 382 -29.49 10.70 66.33
C ILE SC 382 -29.37 10.94 67.82
N PHE SC 383 -30.21 10.27 68.59
CA PHE SC 383 -30.14 10.22 70.04
C PHE SC 383 -30.19 8.77 70.50
N ASP SC 384 -29.38 8.45 71.50
CA ASP SC 384 -29.22 7.07 71.96
C ASP SC 384 -28.90 7.03 73.44
N ASN SC 385 -29.73 6.32 74.21
CA ASN SC 385 -29.51 6.16 75.65
C ASN SC 385 -29.77 4.74 76.11
N ASN SC 386 -28.98 4.30 77.08
CA ASN SC 386 -29.03 2.95 77.62
C ASN SC 386 -28.81 3.02 79.12
N ARG SC 387 -29.65 2.34 79.90
CA ARG SC 387 -29.60 2.51 81.35
C ARG SC 387 -30.10 1.25 82.06
N THR SC 388 -29.69 1.09 83.32
CA THR SC 388 -29.85 -0.15 84.06
C THR SC 388 -30.36 0.13 85.46
N PHE SC 389 -31.13 -0.81 86.01
CA PHE SC 389 -31.72 -0.67 87.33
C PHE SC 389 -31.62 -1.97 88.10
N TYR SC 390 -31.53 -1.85 89.44
CA TYR SC 390 -31.20 -2.94 90.34
C TYR SC 390 -32.25 -3.06 91.44
N THR SC 391 -32.40 -4.28 91.95
CA THR SC 391 -33.23 -4.54 93.12
C THR SC 391 -32.47 -5.50 94.03
N LYS SC 392 -32.34 -5.11 95.29
CA LYS SC 392 -32.08 -6.02 96.40
C LYS SC 392 -33.28 -6.91 96.65
N LEU SC 393 -33.02 -8.04 97.33
CA LEU SC 393 -34.06 -8.99 97.69
C LEU SC 393 -34.05 -9.29 99.18
N ILE SC 394 -35.22 -9.69 99.68
CA ILE SC 394 -35.37 -10.14 101.06
C ILE SC 394 -34.80 -11.54 101.21
N GLY SC 395 -34.43 -11.87 102.45
CA GLY SC 395 -33.54 -12.97 102.72
C GLY SC 395 -32.16 -12.47 102.36
N GLU SC 396 -31.87 -11.23 102.77
CA GLU SC 396 -30.79 -10.36 102.35
C GLU SC 396 -29.41 -10.83 102.81
N ARG SC 397 -29.31 -11.97 103.49
CA ARG SC 397 -28.00 -12.46 103.88
C ARG SC 397 -27.08 -12.59 102.68
N ASN SC 398 -27.55 -13.23 101.61
CA ASN SC 398 -26.71 -13.34 100.41
C ASN SC 398 -27.61 -13.70 99.22
N VAL SC 399 -28.13 -12.67 98.55
CA VAL SC 399 -28.97 -12.80 97.36
C VAL SC 399 -28.52 -11.72 96.39
N ALA SC 400 -27.85 -12.12 95.32
CA ALA SC 400 -27.34 -11.17 94.34
C ALA SC 400 -28.45 -10.23 93.85
N LEU SC 401 -28.02 -9.03 93.49
CA LEU SC 401 -28.90 -7.99 92.97
C LEU SC 401 -29.49 -8.40 91.63
N GLU SC 402 -30.81 -8.35 91.54
CA GLU SC 402 -31.48 -8.56 90.26
C GLU SC 402 -31.46 -7.25 89.49
N HIS SC 403 -31.37 -7.33 88.16
CA HIS SC 403 -31.27 -6.09 87.39
C HIS SC 403 -31.93 -6.24 86.03
N VAL SC 404 -32.26 -5.08 85.45
CA VAL SC 404 -32.87 -5.00 84.12
C VAL SC 404 -32.33 -3.77 83.40
N THR SC 405 -32.21 -3.87 82.07
CA THR SC 405 -31.70 -2.79 81.23
C THR SC 405 -32.69 -2.31 80.19
N TYR SC 406 -32.92 -1.00 80.16
CA TYR SC 406 -33.80 -0.32 79.22
C TYR SC 406 -32.95 0.48 78.23
N GLY SC 407 -33.36 0.50 76.97
CA GLY SC 407 -32.62 1.24 75.97
C GLY SC 407 -33.50 1.83 74.89
N THR SC 408 -33.07 2.98 74.36
CA THR SC 408 -33.88 3.76 73.44
C THR SC 408 -33.00 4.47 72.42
N MET SC 409 -33.43 4.42 71.16
CA MET SC 409 -32.73 5.05 70.05
C MET SC 409 -33.71 5.74 69.11
N ILE SC 410 -33.33 6.93 68.65
CA ILE SC 410 -34.14 7.73 67.74
C ILE SC 410 -33.27 8.33 66.66
N ARG SC 411 -33.68 8.17 65.40
CA ARG SC 411 -33.08 8.86 64.26
C ARG SC 411 -34.15 9.78 63.67
N VAL SC 412 -33.80 11.01 63.30
CA VAL SC 412 -34.81 11.93 62.77
C VAL SC 412 -34.23 12.89 61.73
N LEU SC 413 -35.12 13.31 60.82
CA LEU SC 413 -34.83 14.30 59.78
C LEU SC 413 -36.01 15.24 59.61
N PRO SC 414 -35.91 16.48 60.12
CA PRO SC 414 -36.99 17.48 60.04
C PRO SC 414 -37.01 18.41 58.83
N ARG SC 415 -38.22 18.59 58.28
CA ARG SC 415 -38.55 19.46 57.15
C ARG SC 415 -39.61 20.48 57.54
N PHE SC 416 -39.41 21.75 57.14
CA PHE SC 416 -40.39 22.81 57.34
C PHE SC 416 -41.27 22.99 56.11
N SER SC 417 -42.58 22.90 56.31
CA SER SC 417 -43.59 23.20 55.33
C SER SC 417 -43.74 24.72 55.16
N ALA SC 418 -44.35 25.10 54.04
CA ALA SC 418 -44.74 26.49 53.82
C ALA SC 418 -45.88 26.92 54.72
N ASP SC 419 -46.78 26.01 55.07
CA ASP SC 419 -47.93 26.27 55.94
C ASP SC 419 -47.57 26.30 57.41
N GLY SC 420 -46.28 26.29 57.73
CA GLY SC 420 -45.78 26.17 59.09
C GLY SC 420 -45.90 24.80 59.72
N GLN SC 421 -46.19 23.77 58.95
CA GLN SC 421 -46.22 22.42 59.49
C GLN SC 421 -44.80 21.85 59.46
N ILE SC 422 -44.53 20.94 60.38
CA ILE SC 422 -43.25 20.25 60.44
C ILE SC 422 -43.46 18.80 60.06
N GLU SC 423 -42.61 18.28 59.18
CA GLU SC 423 -42.65 16.92 58.68
C GLU SC 423 -41.35 16.23 59.02
N MET SC 424 -41.42 15.01 59.55
CA MET SC 424 -40.20 14.35 59.98
C MET SC 424 -40.17 12.90 59.55
N SER SC 425 -39.00 12.47 59.09
CA SER SC 425 -38.74 11.05 58.89
C SER SC 425 -38.24 10.45 60.20
N LEU SC 426 -38.91 9.40 60.68
CA LEU SC 426 -38.61 8.84 61.99
C LEU SC 426 -38.31 7.36 61.95
N ASP SC 427 -37.42 6.98 62.86
CA ASP SC 427 -37.05 5.60 63.15
C ASP SC 427 -36.82 5.54 64.65
N ILE SC 428 -37.63 4.74 65.34
CA ILE SC 428 -37.63 4.66 66.79
C ILE SC 428 -37.53 3.21 67.22
N GLU SC 429 -36.73 2.97 68.26
CA GLU SC 429 -36.51 1.61 68.75
C GLU SC 429 -36.31 1.69 70.25
N ASP SC 430 -37.26 1.17 71.01
CA ASP SC 430 -37.20 1.18 72.47
C ASP SC 430 -37.59 -0.13 73.13
N GLY SC 431 -36.84 -0.54 74.14
CA GLY SC 431 -37.29 -1.69 74.91
C GLY SC 431 -36.37 -2.12 76.02
N ASN SC 432 -36.95 -2.96 76.89
CA ASN SC 432 -36.25 -3.89 77.75
C ASN SC 432 -35.64 -5.05 76.99
N ASP SC 433 -34.38 -5.35 77.26
CA ASP SC 433 -33.73 -6.51 76.64
C ASP SC 433 -34.27 -7.81 77.20
N LYS SC 434 -34.42 -8.80 76.31
CA LYS SC 434 -34.89 -10.13 76.68
C LYS SC 434 -34.00 -10.81 77.72
N THR SC 435 -34.63 -11.40 78.73
CA THR SC 435 -33.93 -12.22 79.71
C THR SC 435 -33.58 -13.57 79.09
N PRO SC 436 -32.31 -13.94 78.99
CA PRO SC 436 -31.93 -15.20 78.35
C PRO SC 436 -32.73 -16.45 78.74
N GLN SC 437 -32.77 -16.84 80.02
CA GLN SC 437 -33.53 -18.05 80.34
C GLN SC 437 -34.37 -18.06 81.61
N SER SC 438 -33.84 -17.66 82.77
CA SER SC 438 -34.62 -17.77 83.99
C SER SC 438 -34.25 -16.67 84.97
N ASP SC 439 -35.24 -16.28 85.78
CA ASP SC 439 -35.06 -15.24 86.78
C ASP SC 439 -35.90 -15.57 88.01
N THR SC 440 -35.48 -14.99 89.14
CA THR SC 440 -36.24 -15.09 90.38
C THR SC 440 -37.64 -14.52 90.25
N THR SC 441 -38.59 -15.15 90.95
CA THR SC 441 -39.97 -14.71 91.01
C THR SC 441 -40.14 -13.31 91.60
N THR SC 442 -39.19 -12.84 92.41
CA THR SC 442 -39.30 -11.54 93.04
C THR SC 442 -38.93 -10.41 92.09
N SER SC 443 -37.90 -10.63 91.29
CA SER SC 443 -37.46 -9.61 90.35
C SER SC 443 -38.60 -9.15 89.46
N VAL SC 444 -39.27 -10.08 88.78
CA VAL SC 444 -40.41 -9.71 87.95
C VAL SC 444 -41.43 -8.90 88.74
N ASP SC 445 -41.56 -9.16 90.04
CA ASP SC 445 -42.43 -8.36 90.88
C ASP SC 445 -41.95 -6.91 90.96
N ALA SC 446 -40.65 -6.71 91.11
CA ALA SC 446 -40.12 -5.35 91.28
C ALA SC 446 -39.89 -4.61 89.97
N LEU SC 447 -39.39 -5.26 88.93
CA LEU SC 447 -39.02 -4.63 87.68
C LEU SC 447 -40.05 -4.94 86.61
N PRO SC 448 -40.79 -3.95 86.09
CA PRO SC 448 -41.84 -4.25 85.12
C PRO SC 448 -41.31 -4.57 83.74
N GLU SC 449 -41.76 -5.68 83.19
CA GLU SC 449 -41.54 -6.02 81.80
C GLU SC 449 -42.16 -5.02 80.84
N VAL SC 450 -41.44 -4.73 79.77
CA VAL SC 450 -41.94 -3.92 78.67
C VAL SC 450 -41.42 -4.58 77.40
N GLY SC 451 -42.13 -4.39 76.31
CA GLY SC 451 -41.71 -4.91 75.04
C GLY SC 451 -40.45 -4.29 74.47
N ARG SC 452 -40.06 -4.84 73.33
CA ARG SC 452 -39.01 -4.36 72.46
C ARG SC 452 -39.68 -3.96 71.15
N THR SC 453 -39.80 -2.67 70.89
CA THR SC 453 -40.66 -2.19 69.83
C THR SC 453 -39.86 -1.33 68.86
N LEU SC 454 -40.25 -1.43 67.60
CA LEU SC 454 -39.58 -0.79 66.48
C LEU SC 454 -40.59 -0.19 65.50
N ILE SC 455 -40.45 1.10 65.20
CA ILE SC 455 -41.35 1.80 64.29
C ILE SC 455 -40.51 2.63 63.33
N SER SC 456 -40.97 2.70 62.08
CA SER SC 456 -40.32 3.48 61.03
C SER SC 456 -41.34 4.12 60.11
N THR SC 457 -41.50 5.45 60.18
CA THR SC 457 -42.57 6.09 59.43
C THR SC 457 -42.30 7.58 59.25
N ILE SC 458 -43.13 8.21 58.41
CA ILE SC 458 -43.14 9.65 58.20
C ILE SC 458 -44.44 10.22 58.74
N ALA SC 459 -44.36 11.37 59.40
CA ALA SC 459 -45.53 12.06 59.90
C ALA SC 459 -45.32 13.57 59.79
N ARG SC 460 -46.43 14.30 59.69
CA ARG SC 460 -46.42 15.75 59.63
C ARG SC 460 -47.48 16.31 60.58
N VAL SC 461 -47.13 17.36 61.31
CA VAL SC 461 -48.02 17.84 62.37
C VAL SC 461 -48.15 19.37 62.35
N PRO SC 462 -49.35 19.91 62.55
CA PRO SC 462 -49.50 21.34 62.83
C PRO SC 462 -48.66 21.79 64.01
N HIS SC 463 -48.24 23.04 63.95
CA HIS SC 463 -47.21 23.56 64.86
C HIS SC 463 -47.63 23.43 66.32
N GLY SC 464 -46.77 22.82 67.13
CA GLY SC 464 -47.04 22.67 68.55
C GLY SC 464 -48.14 21.72 68.93
N LYS SC 465 -48.78 21.05 67.98
CA LYS SC 465 -49.75 20.02 68.26
C LYS SC 465 -49.03 18.67 68.37
N SER SC 466 -49.78 17.58 68.50
CA SER SC 466 -49.18 16.27 68.70
C SER SC 466 -49.99 15.18 68.00
N LEU SC 467 -49.32 14.07 67.71
CA LEU SC 467 -49.92 12.93 67.00
C LEU SC 467 -49.54 11.62 67.69
N LEU SC 468 -50.43 10.64 67.60
CA LEU SC 468 -50.19 9.28 68.08
C LEU SC 468 -49.73 8.38 66.95
N VAL SC 469 -48.42 8.12 66.90
CA VAL SC 469 -47.85 7.45 65.74
C VAL SC 469 -48.03 5.93 65.80
N GLY SC 470 -48.12 5.35 66.98
CA GLY SC 470 -48.38 3.92 67.06
C GLY SC 470 -48.65 3.46 68.47
N GLY SC 471 -49.33 2.33 68.57
CA GLY SC 471 -49.73 1.82 69.87
C GLY SC 471 -50.25 0.41 69.76
N TYR SC 472 -50.42 -0.20 70.94
CA TYR SC 472 -50.78 -1.60 71.05
C TYR SC 472 -51.59 -1.82 72.32
N THR SC 473 -52.52 -2.76 72.28
CA THR SC 473 -53.25 -3.17 73.46
C THR SC 473 -53.51 -4.66 73.43
N ARG SC 474 -53.46 -5.29 74.59
CA ARG SC 474 -53.71 -6.72 74.72
C ARG SC 474 -54.61 -6.99 75.92
N ASP SC 475 -55.64 -7.81 75.71
CA ASP SC 475 -56.59 -8.16 76.76
C ASP SC 475 -56.87 -9.66 76.75
N ALA SC 476 -56.77 -10.31 77.91
CA ALA SC 476 -56.95 -11.75 77.92
C ALA SC 476 -57.49 -12.23 79.26
N ASN SC 477 -58.21 -13.35 79.21
CA ASN SC 477 -58.78 -13.99 80.39
C ASN SC 477 -58.80 -15.50 80.20
N THR SC 478 -58.62 -16.23 81.30
CA THR SC 478 -58.60 -17.69 81.29
C THR SC 478 -59.14 -18.25 82.59
N ASP SC 479 -59.78 -19.41 82.49
CA ASP SC 479 -60.38 -20.10 83.63
C ASP SC 479 -60.32 -21.60 83.43
N THR SC 480 -60.01 -22.33 84.50
CA THR SC 480 -59.96 -23.79 84.42
C THR SC 480 -60.44 -24.42 85.72
N VAL SC 481 -61.09 -25.58 85.61
CA VAL SC 481 -61.56 -26.35 86.75
C VAL SC 481 -61.37 -27.84 86.52
N GLN SC 482 -60.80 -28.53 87.52
CA GLN SC 482 -60.59 -29.97 87.53
C GLN SC 482 -61.41 -30.60 88.64
N SER SC 483 -61.95 -31.79 88.41
CA SER SC 483 -62.80 -32.43 89.40
C SER SC 483 -62.96 -33.92 89.14
N ILE SC 484 -63.19 -34.66 90.22
CA ILE SC 484 -63.53 -36.09 90.23
C ILE SC 484 -64.97 -36.30 89.78
N PRO SC 485 -65.21 -37.17 88.78
CA PRO SC 485 -66.52 -37.22 88.09
C PRO SC 485 -67.77 -37.29 88.94
N PHE SC 486 -67.77 -38.02 90.06
CA PHE SC 486 -68.95 -38.11 90.92
C PHE SC 486 -68.84 -37.32 92.21
N LEU SC 487 -67.66 -37.24 92.80
CA LEU SC 487 -67.53 -36.55 94.07
C LEU SC 487 -67.58 -35.04 93.89
N GLY SC 488 -67.05 -34.54 92.78
CA GLY SC 488 -67.10 -33.12 92.48
C GLY SC 488 -68.51 -32.57 92.38
N LYS SC 489 -69.51 -33.44 92.48
CA LYS SC 489 -70.90 -33.05 92.29
C LYS SC 489 -71.69 -33.18 93.58
N LEU SC 490 -71.03 -33.56 94.66
CA LEU SC 490 -71.70 -33.67 95.94
C LEU SC 490 -72.05 -32.30 96.47
N PRO SC 491 -73.25 -32.12 97.03
CA PRO SC 491 -73.67 -30.79 97.48
C PRO SC 491 -72.80 -30.16 98.57
N LEU SC 492 -72.43 -30.91 99.61
CA LEU SC 492 -71.66 -30.35 100.71
C LEU SC 492 -70.14 -30.53 100.64
N ILE SC 493 -69.60 -31.51 99.93
CA ILE SC 493 -68.17 -31.73 99.94
C ILE SC 493 -67.51 -31.59 98.57
N GLY SC 494 -68.27 -31.34 97.51
CA GLY SC 494 -67.65 -31.22 96.18
C GLY SC 494 -66.46 -30.28 96.17
N SER SC 495 -66.53 -29.21 96.95
CA SER SC 495 -65.42 -28.27 97.00
C SER SC 495 -64.14 -28.92 97.50
N LEU SC 496 -64.23 -30.05 98.19
CA LEU SC 496 -63.01 -30.77 98.53
C LEU SC 496 -62.44 -31.51 97.33
N PHE SC 497 -63.24 -31.70 96.27
CA PHE SC 497 -62.83 -32.49 95.11
C PHE SC 497 -62.90 -31.67 93.83
N ARG SC 498 -62.82 -30.36 93.96
CA ARG SC 498 -62.67 -29.48 92.80
C ARG SC 498 -61.41 -28.66 92.99
N TYR SC 499 -60.74 -28.35 91.87
CA TYR SC 499 -59.65 -27.40 91.83
C TYR SC 499 -59.81 -26.46 90.65
N SER SC 500 -59.44 -25.19 90.84
CA SER SC 500 -59.88 -24.11 89.97
C SER SC 500 -58.81 -23.04 89.90
N SER SC 501 -58.77 -22.34 88.77
CA SER SC 501 -57.77 -21.30 88.55
C SER SC 501 -58.32 -20.24 87.59
N LYS SC 502 -57.83 -19.01 87.77
CA LYS SC 502 -58.22 -17.86 86.95
C LYS SC 502 -57.02 -17.00 86.62
N ASN SC 503 -57.09 -16.32 85.47
CA ASN SC 503 -56.05 -15.40 85.03
C ASN SC 503 -56.63 -14.27 84.20
N LYS SC 504 -56.32 -13.01 84.54
CA LYS SC 504 -56.79 -11.86 83.76
C LYS SC 504 -55.67 -10.85 83.55
N SER SC 505 -55.56 -10.33 82.31
CA SER SC 505 -54.50 -9.38 81.97
C SER SC 505 -54.98 -8.30 80.99
N ASN SC 506 -54.44 -7.09 81.17
CA ASN SC 506 -54.75 -5.91 80.35
C ASN SC 506 -53.51 -5.03 80.19
N VAL SC 507 -53.10 -4.74 78.95
CA VAL SC 507 -51.88 -3.99 78.69
C VAL SC 507 -52.12 -2.95 77.60
N VAL SC 508 -51.50 -1.77 77.77
CA VAL SC 508 -51.57 -0.64 76.83
C VAL SC 508 -50.20 0.02 76.64
N ARG SC 509 -49.83 0.28 75.39
CA ARG SC 509 -48.57 0.93 75.01
C ARG SC 509 -48.77 1.92 73.88
N VAL SC 510 -48.22 3.14 73.99
CA VAL SC 510 -48.47 4.18 72.98
C VAL SC 510 -47.27 5.10 72.84
N PHE SC 511 -47.11 5.66 71.62
CA PHE SC 511 -46.08 6.63 71.25
C PHE SC 511 -46.71 7.89 70.67
N MET SC 512 -46.44 9.05 71.29
CA MET SC 512 -46.97 10.33 70.82
C MET SC 512 -45.82 11.30 70.59
N ILE SC 513 -45.88 12.02 69.47
CA ILE SC 513 -44.88 12.99 69.05
C ILE SC 513 -45.43 14.41 69.09
N GLU SC 514 -44.61 15.34 69.56
CA GLU SC 514 -45.01 16.74 69.78
C GLU SC 514 -43.85 17.69 69.53
N PRO SC 515 -43.56 18.00 68.26
CA PRO SC 515 -42.46 18.93 67.98
C PRO SC 515 -42.76 20.39 68.25
N LYS SC 516 -41.70 21.14 68.59
CA LYS SC 516 -41.75 22.56 68.88
C LYS SC 516 -40.56 23.29 68.28
N GLU SC 517 -40.81 24.46 67.68
CA GLU SC 517 -39.74 25.33 67.21
C GLU SC 517 -39.06 26.06 68.36
N ILE SC 518 -37.74 26.11 68.31
CA ILE SC 518 -36.90 26.82 69.28
C ILE SC 518 -36.32 28.07 68.64
N VAL SC 519 -36.49 29.20 69.32
CA VAL SC 519 -36.05 30.50 68.81
C VAL SC 519 -35.22 31.29 69.81
N ASP SC 520 -35.26 31.02 71.11
CA ASP SC 520 -34.58 31.84 72.10
C ASP SC 520 -33.72 30.96 72.99
N PRO SC 521 -32.59 31.48 73.46
CA PRO SC 521 -31.79 30.74 74.44
C PRO SC 521 -32.51 30.60 75.77
N LEU SC 522 -31.94 29.72 76.59
CA LEU SC 522 -32.44 29.47 77.93
C LEU SC 522 -32.50 30.74 78.77
N THR SC 523 -33.50 30.76 79.65
CA THR SC 523 -33.75 31.81 80.63
C THR SC 523 -34.24 31.14 81.91
N PRO SC 524 -33.50 31.18 83.02
CA PRO SC 524 -32.15 31.64 83.34
C PRO SC 524 -31.05 30.93 82.59
N ASP SC 525 -29.86 31.53 82.58
CA ASP SC 525 -28.69 30.84 82.05
C ASP SC 525 -28.37 29.62 82.90
N ALA SC 526 -27.99 28.55 82.21
CA ALA SC 526 -27.71 27.27 82.84
C ALA SC 526 -26.91 27.36 84.14
N SER SC 527 -25.79 28.08 84.11
CA SER SC 527 -24.92 28.19 85.27
C SER SC 527 -25.66 28.58 86.55
N GLU SC 528 -26.58 29.53 86.48
CA GLU SC 528 -27.32 29.92 87.68
C GLU SC 528 -28.13 28.76 88.24
N SER SC 529 -28.85 28.05 87.38
CA SER SC 529 -29.61 26.89 87.82
C SER SC 529 -28.69 25.83 88.43
N VAL SC 530 -27.59 25.53 87.74
CA VAL SC 530 -26.62 24.57 88.26
C VAL SC 530 -26.14 24.97 89.65
N ASN SC 531 -25.77 26.23 89.83
CA ASN SC 531 -25.35 26.70 91.15
C ASN SC 531 -26.43 26.52 92.21
N ASN SC 532 -27.67 26.81 91.86
CA ASN SC 532 -28.75 26.60 92.82
C ASN SC 532 -28.86 25.14 93.22
N ILE SC 533 -28.90 24.25 92.23
CA ILE SC 533 -28.92 22.82 92.52
C ILE SC 533 -27.77 22.42 93.43
N LEU SC 534 -26.55 22.82 93.09
CA LEU SC 534 -25.38 22.43 93.86
C LEU SC 534 -25.43 22.92 95.30
N LYS SC 535 -25.89 24.14 95.52
CA LYS SC 535 -26.01 24.65 96.88
C LYS SC 535 -27.11 23.94 97.65
N GLN SC 536 -28.28 23.79 97.05
CA GLN SC 536 -29.38 23.11 97.74
C GLN SC 536 -29.04 21.65 98.02
N SER SC 537 -28.26 21.02 97.14
CA SER SC 537 -27.80 19.65 97.39
C SER SC 537 -26.65 19.58 98.38
N GLY SC 538 -25.97 20.68 98.66
CA GLY SC 538 -24.75 20.62 99.43
C GLY SC 538 -23.55 20.05 98.70
N ALA SC 539 -23.69 19.72 97.43
CA ALA SC 539 -22.55 19.33 96.62
C ALA SC 539 -21.62 20.51 96.38
N TRP SC 540 -22.13 21.73 96.52
CA TRP SC 540 -21.35 22.95 96.40
C TRP SC 540 -19.96 22.81 97.03
N SER SC 541 -18.97 23.39 96.35
CA SER SC 541 -17.55 23.20 96.67
C SER SC 541 -16.83 24.48 97.04
N GLY SC 542 -17.39 25.64 96.71
CA GLY SC 542 -16.72 26.92 96.87
C GLY SC 542 -16.50 27.32 98.31
N ASP SC 543 -16.92 26.49 99.24
CA ASP SC 543 -16.49 26.60 100.63
C ASP SC 543 -15.02 26.21 100.81
N ASP SC 544 -14.41 25.54 99.85
CA ASP SC 544 -13.00 25.16 99.94
C ASP SC 544 -12.10 26.28 99.46
N LYS SC 545 -11.12 26.65 100.30
CA LYS SC 545 -10.20 27.73 99.99
C LYS SC 545 -9.09 27.32 99.03
N LEU SC 546 -8.91 26.03 98.76
CA LEU SC 546 -7.75 25.61 97.99
C LEU SC 546 -8.07 25.35 96.53
N GLN SC 547 -9.29 24.94 96.22
CA GLN SC 547 -9.69 24.77 94.84
C GLN SC 547 -10.03 26.09 94.17
N LYS SC 548 -10.53 27.06 94.94
CA LYS SC 548 -10.89 28.36 94.39
C LYS SC 548 -9.78 28.96 93.52
N TRP SC 549 -8.52 28.79 93.90
CA TRP SC 549 -7.44 29.37 93.10
C TRP SC 549 -7.50 28.91 91.65
N VAL SC 550 -8.03 27.73 91.39
CA VAL SC 550 -8.18 27.21 90.04
C VAL SC 550 -9.57 27.43 89.50
N ARG SC 551 -10.57 26.96 90.24
CA ARG SC 551 -11.97 27.13 89.83
C ARG SC 551 -12.27 28.54 89.37
N VAL SC 552 -11.65 29.54 90.00
CA VAL SC 552 -11.84 30.93 89.58
C VAL SC 552 -11.73 31.06 88.06
N TYR SC 553 -10.67 30.51 87.47
CA TYR SC 553 -10.53 30.59 86.01
C TYR SC 553 -11.73 29.98 85.31
N LEU SC 554 -12.18 28.81 85.76
CA LEU SC 554 -13.25 28.10 85.08
C LEU SC 554 -14.58 28.83 85.15
N ASP SC 555 -15.09 29.07 86.35
CA ASP SC 555 -16.46 29.53 86.50
C ASP SC 555 -16.64 31.04 86.54
N ARG SC 556 -15.72 31.79 87.13
CA ARG SC 556 -15.90 33.23 87.20
C ARG SC 556 -16.23 33.79 85.81
N GLY SC 557 -15.28 33.67 84.89
CA GLY SC 557 -15.42 34.33 83.60
C GLY SC 557 -14.15 34.26 82.78
N PRO TC 29 31.22 88.54 -16.17
CA PRO TC 29 31.25 87.87 -14.87
C PRO TC 29 32.60 88.08 -14.19
N VAL TC 30 32.86 89.36 -13.90
CA VAL TC 30 34.13 89.79 -13.32
C VAL TC 30 34.49 89.07 -12.03
N THR TC 31 33.51 88.60 -11.27
CA THR TC 31 33.79 88.02 -9.96
C THR TC 31 32.99 86.75 -9.70
N GLY TC 32 33.50 85.99 -8.74
CA GLY TC 32 32.95 84.72 -8.31
C GLY TC 32 33.06 83.57 -9.29
N SER TC 33 31.99 82.77 -9.39
CA SER TC 33 32.00 81.61 -10.28
C SER TC 33 30.59 81.18 -10.61
N GLY TC 34 30.27 81.07 -11.90
CA GLY TC 34 28.94 80.63 -12.24
C GLY TC 34 28.92 79.91 -13.57
N PHE TC 35 27.76 79.67 -14.15
CA PHE TC 35 27.66 78.89 -15.37
C PHE TC 35 26.73 79.58 -16.35
N VAL TC 36 27.15 79.68 -17.60
CA VAL TC 36 26.34 80.30 -18.65
C VAL TC 36 25.77 79.18 -19.48
N ALA TC 37 24.48 78.92 -19.31
CA ALA TC 37 23.79 77.82 -19.96
C ALA TC 37 23.21 78.25 -21.29
N LYS TC 38 23.15 77.30 -22.22
CA LYS TC 38 22.56 77.54 -23.54
C LYS TC 38 21.72 76.31 -23.90
N ASP TC 39 20.46 76.32 -23.50
CA ASP TC 39 19.54 75.19 -23.68
C ASP TC 39 20.22 73.88 -23.29
N ASP TC 40 20.89 73.89 -22.16
CA ASP TC 40 21.63 72.73 -21.71
C ASP TC 40 20.71 71.77 -21.00
N SER TC 41 20.96 70.48 -21.17
CA SER TC 41 20.25 69.49 -20.39
C SER TC 41 20.58 69.63 -18.91
N LEU TC 42 19.56 69.40 -18.10
CA LEU TC 42 19.73 69.44 -16.66
C LEU TC 42 20.88 68.58 -16.18
N ARG TC 43 21.16 67.46 -16.84
CA ARG TC 43 22.30 66.67 -16.40
C ARG TC 43 23.62 67.43 -16.50
N THR TC 44 23.83 68.17 -17.58
CA THR TC 44 25.06 68.96 -17.68
C THR TC 44 25.04 70.17 -16.76
N PHE TC 45 23.86 70.70 -16.48
CA PHE TC 45 23.80 71.86 -15.59
C PHE TC 45 24.10 71.48 -14.15
N PHE TC 46 23.42 70.48 -13.62
CA PHE TC 46 23.70 70.07 -12.26
C PHE TC 46 25.05 69.39 -12.11
N ASP TC 47 25.59 68.81 -13.18
CA ASP TC 47 26.98 68.39 -13.12
C ASP TC 47 27.92 69.57 -12.93
N ALA TC 48 27.67 70.68 -13.63
CA ALA TC 48 28.52 71.84 -13.40
C ALA TC 48 28.38 72.39 -11.99
N MET TC 49 27.22 72.23 -11.39
CA MET TC 49 26.99 72.66 -10.01
C MET TC 49 27.65 71.75 -8.97
N ALA TC 50 27.91 70.50 -9.33
CA ALA TC 50 28.47 69.53 -8.39
C ALA TC 50 29.71 69.99 -7.64
N LEU TC 51 30.64 70.68 -8.29
CA LEU TC 51 31.84 71.13 -7.58
C LEU TC 51 31.52 72.02 -6.37
N GLN TC 52 30.62 72.97 -6.52
CA GLN TC 52 30.22 73.80 -5.38
C GLN TC 52 29.44 73.01 -4.35
N LEU TC 53 28.57 72.12 -4.80
CA LEU TC 53 27.89 71.22 -3.87
C LEU TC 53 28.87 70.34 -3.11
N LYS TC 54 30.05 70.08 -3.67
CA LYS TC 54 31.03 69.16 -3.11
C LYS TC 54 30.53 67.72 -3.03
N GLU TC 55 29.59 67.35 -3.90
CA GLU TC 55 28.96 66.05 -3.89
C GLU TC 55 28.70 65.66 -5.33
N PRO TC 56 28.81 64.38 -5.67
CA PRO TC 56 28.38 63.94 -6.99
C PRO TC 56 26.86 63.96 -7.13
N VAL TC 57 26.38 64.39 -8.30
CA VAL TC 57 24.95 64.56 -8.57
C VAL TC 57 24.50 63.53 -9.59
N ILE TC 58 23.47 62.78 -9.24
CA ILE TC 58 22.82 61.79 -10.09
C ILE TC 58 21.47 62.33 -10.58
N VAL TC 59 21.30 62.44 -11.90
CA VAL TC 59 20.07 62.97 -12.49
C VAL TC 59 19.33 61.86 -13.22
N SER TC 60 18.12 61.59 -12.77
CA SER TC 60 17.20 60.64 -13.40
C SER TC 60 16.98 60.95 -14.88
N LYS TC 61 17.00 59.88 -15.68
CA LYS TC 61 16.73 59.96 -17.12
C LYS TC 61 15.52 60.81 -17.47
N MET TC 62 14.45 60.73 -16.69
CA MET TC 62 13.26 61.50 -17.01
C MET TC 62 13.50 62.99 -16.81
N ALA TC 63 14.13 63.35 -15.70
CA ALA TC 63 14.52 64.72 -15.45
C ALA TC 63 15.42 65.26 -16.54
N ALA TC 64 16.36 64.46 -17.02
CA ALA TC 64 17.28 64.91 -18.06
C ALA TC 64 16.63 65.47 -19.31
N ARG TC 65 15.35 65.23 -19.58
CA ARG TC 65 14.74 65.83 -20.78
C ARG TC 65 14.53 67.33 -20.72
N LYS TC 66 14.45 67.93 -19.53
CA LYS TC 66 14.23 69.37 -19.40
C LYS TC 66 15.47 70.19 -19.77
N LYS TC 67 15.24 71.38 -20.34
CA LYS TC 67 16.28 72.29 -20.82
C LYS TC 67 16.19 73.62 -20.07
N ILE TC 68 17.34 74.29 -19.92
CA ILE TC 68 17.41 75.57 -19.20
C ILE TC 68 18.40 76.51 -19.88
N THR TC 69 18.11 77.82 -19.79
CA THR TC 69 18.94 78.87 -20.36
C THR TC 69 19.11 80.11 -19.48
N GLY TC 70 20.35 80.58 -19.28
CA GLY TC 70 20.58 81.79 -18.52
C GLY TC 70 21.90 81.81 -17.76
N ASN TC 71 22.10 82.88 -16.97
CA ASN TC 71 23.25 83.06 -16.09
C ASN TC 71 22.93 82.78 -14.63
N PHE TC 72 23.72 81.93 -14.01
CA PHE TC 72 23.54 81.55 -12.63
C PHE TC 72 24.82 81.75 -11.83
N GLU TC 73 24.66 82.20 -10.59
CA GLU TC 73 25.76 82.53 -9.70
C GLU TC 73 25.72 81.58 -8.52
N PHE TC 74 26.80 80.84 -8.32
CA PHE TC 74 26.89 79.84 -7.26
C PHE TC 74 27.33 80.41 -5.91
N HIS TC 75 26.52 81.35 -5.40
CA HIS TC 75 26.75 81.90 -4.07
C HIS TC 75 26.36 80.87 -3.02
N ASP TC 76 25.10 80.42 -3.05
CA ASP TC 76 24.63 79.41 -2.11
C ASP TC 76 23.88 78.35 -2.91
N PRO TC 77 24.61 77.33 -3.38
CA PRO TC 77 24.00 76.24 -4.12
C PRO TC 77 22.80 75.59 -3.47
N ASN TC 78 22.73 75.52 -2.15
CA ASN TC 78 21.57 74.91 -1.51
C ASN TC 78 20.30 75.69 -1.79
N ALA TC 79 20.34 77.00 -1.58
CA ALA TC 79 19.19 77.83 -1.88
C ALA TC 79 18.84 77.77 -3.36
N LEU TC 80 19.85 77.88 -4.23
CA LEU TC 80 19.60 77.77 -5.66
C LEU TC 80 18.90 76.46 -6.00
N LEU TC 81 19.46 75.35 -5.53
CA LEU TC 81 18.87 74.04 -5.75
C LEU TC 81 17.41 73.96 -5.32
N GLU TC 82 17.09 74.49 -4.14
CA GLU TC 82 15.69 74.44 -3.69
C GLU TC 82 14.76 75.29 -4.54
N LYS TC 83 15.15 76.52 -4.81
CA LYS TC 83 14.33 77.35 -5.68
C LYS TC 83 14.06 76.72 -7.03
N LEU TC 84 15.11 76.25 -7.71
CA LEU TC 84 14.91 75.57 -8.98
C LEU TC 84 14.10 74.29 -8.86
N SER TC 85 14.26 73.53 -7.80
CA SER TC 85 13.43 72.35 -7.61
C SER TC 85 11.96 72.71 -7.63
N LEU TC 86 11.57 73.77 -6.93
CA LEU TC 86 10.14 74.06 -6.93
C LEU TC 86 9.68 74.73 -8.22
N GLN TC 87 10.51 75.58 -8.82
CA GLN TC 87 10.13 76.19 -10.09
C GLN TC 87 9.95 75.16 -11.20
N LEU TC 88 10.84 74.19 -11.31
CA LEU TC 88 10.79 73.23 -12.40
C LEU TC 88 9.97 71.98 -12.09
N GLY TC 89 9.75 71.64 -10.83
CA GLY TC 89 8.98 70.46 -10.50
C GLY TC 89 9.77 69.19 -10.30
N LEU TC 90 10.96 69.31 -9.75
CA LEU TC 90 11.86 68.22 -9.40
C LEU TC 90 11.74 67.95 -7.92
N ILE TC 91 12.20 66.78 -7.52
CA ILE TC 91 12.30 66.42 -6.11
C ILE TC 91 13.71 65.88 -5.97
N TRP TC 92 14.26 66.00 -4.77
CA TRP TC 92 15.64 65.60 -4.57
C TRP TC 92 15.88 65.09 -3.16
N TYR TC 93 17.01 64.41 -3.00
CA TYR TC 93 17.36 63.80 -1.73
C TYR TC 93 18.87 63.70 -1.61
N PHE TC 94 19.33 63.39 -0.41
CA PHE TC 94 20.75 63.31 -0.11
C PHE TC 94 20.97 62.30 1.01
N ASP TC 95 21.73 61.25 0.70
CA ASP TC 95 22.01 60.15 1.60
C ASP TC 95 23.33 60.28 2.34
N GLY TC 96 24.07 61.36 2.15
CA GLY TC 96 25.35 61.55 2.76
C GLY TC 96 26.52 61.33 1.82
N GLN TC 97 26.29 60.67 0.69
CA GLN TC 97 27.34 60.40 -0.29
C GLN TC 97 27.09 61.04 -1.64
N ALA TC 98 25.83 61.20 -2.04
CA ALA TC 98 25.53 61.84 -3.32
C ALA TC 98 24.15 62.45 -3.29
N ILE TC 99 23.94 63.46 -4.12
CA ILE TC 99 22.65 64.09 -4.31
C ILE TC 99 21.90 63.44 -5.46
N TYR TC 100 20.63 63.08 -5.27
CA TYR TC 100 19.84 62.45 -6.31
C TYR TC 100 18.64 63.34 -6.64
N ILE TC 101 18.43 63.54 -7.94
CA ILE TC 101 17.39 64.41 -8.48
C ILE TC 101 16.44 63.61 -9.38
N TYR TC 102 15.15 63.76 -9.14
CA TYR TC 102 14.08 63.05 -9.85
C TYR TC 102 13.02 64.04 -10.27
N ASP TC 103 12.15 63.57 -11.15
CA ASP TC 103 10.97 64.32 -11.54
C ASP TC 103 9.83 64.03 -10.56
N ALA TC 104 9.11 65.08 -10.21
CA ALA TC 104 7.95 65.04 -9.32
C ALA TC 104 6.98 63.88 -9.51
N SER TC 105 6.67 63.53 -10.74
CA SER TC 105 5.74 62.44 -10.99
C SER TC 105 6.24 61.08 -10.52
N GLU TC 106 7.52 60.94 -10.20
CA GLU TC 106 8.07 59.68 -9.71
C GLU TC 106 7.88 59.41 -8.21
N MET TC 107 7.26 60.30 -7.43
CA MET TC 107 7.05 60.02 -6.02
C MET TC 107 6.47 58.63 -5.83
N ARG TC 108 6.96 57.92 -4.80
CA ARG TC 108 6.49 56.59 -4.45
C ARG TC 108 5.85 56.59 -3.07
N ASN TC 109 4.87 55.71 -2.87
CA ASN TC 109 4.05 55.65 -1.67
C ASN TC 109 3.86 54.22 -1.22
N ALA TC 110 4.06 53.95 0.08
CA ALA TC 110 3.94 52.59 0.58
C ALA TC 110 3.41 52.60 2.01
N VAL TC 111 2.87 51.45 2.40
CA VAL TC 111 2.36 51.17 3.75
C VAL TC 111 3.12 50.01 4.34
N VAL TC 112 3.64 50.18 5.56
CA VAL TC 112 4.45 49.16 6.22
C VAL TC 112 3.84 48.82 7.57
N SER TC 113 3.87 47.53 7.90
CA SER TC 113 3.35 47.01 9.16
C SER TC 113 4.37 46.09 9.81
N LEU TC 114 4.66 46.35 11.08
CA LEU TC 114 5.68 45.64 11.85
C LEU TC 114 5.11 45.21 13.18
N ARG TC 115 5.40 43.98 13.58
CA ARG TC 115 4.95 43.47 14.87
C ARG TC 115 5.82 43.91 16.03
N ASN TC 116 7.11 43.61 15.98
CA ASN TC 116 8.01 43.83 17.11
C ASN TC 116 8.58 45.25 17.22
N VAL TC 117 8.69 46.00 16.13
CA VAL TC 117 9.38 47.30 16.16
C VAL TC 117 8.38 48.41 15.93
N SER TC 118 8.28 49.31 16.89
CA SER TC 118 7.42 50.48 16.83
C SER TC 118 8.06 51.63 16.05
N LEU TC 119 7.19 52.55 15.64
CA LEU TC 119 7.62 53.71 14.87
C LEU TC 119 8.58 54.58 15.67
N ASN TC 120 8.33 54.74 16.96
CA ASN TC 120 9.24 55.57 17.73
C ASN TC 120 10.60 54.93 17.83
N GLU TC 121 10.66 53.61 17.89
CA GLU TC 121 11.95 52.93 17.89
C GLU TC 121 12.67 53.15 16.58
N PHE TC 122 11.96 52.99 15.46
CA PHE TC 122 12.63 53.09 14.17
C PHE TC 122 13.11 54.51 13.86
N ASN TC 123 12.40 55.53 14.34
CA ASN TC 123 12.88 56.88 14.08
C ASN TC 123 14.25 57.11 14.73
N ASN TC 124 14.51 56.46 15.86
CA ASN TC 124 15.80 56.62 16.50
C ASN TC 124 16.90 56.04 15.62
N PHE TC 125 16.64 54.88 15.03
CA PHE TC 125 17.64 54.28 14.15
C PHE TC 125 17.95 55.21 13.01
N LEU TC 126 16.92 55.76 12.36
CA LEU TC 126 17.19 56.68 11.26
C LEU TC 126 17.99 57.91 11.72
N LYS TC 127 17.68 58.42 12.90
CA LYS TC 127 18.42 59.58 13.41
C LYS TC 127 19.88 59.26 13.67
N ARG TC 128 20.14 58.15 14.35
CA ARG TC 128 21.52 57.77 14.61
C ARG TC 128 22.27 57.51 13.32
N SER TC 129 21.61 56.91 12.33
CA SER TC 129 22.23 56.68 11.04
C SER TC 129 22.51 57.96 10.28
N GLY TC 130 21.83 59.05 10.59
CA GLY TC 130 22.03 60.23 9.79
C GLY TC 130 21.32 60.19 8.47
N LEU TC 131 20.25 59.41 8.39
CA LEU TC 131 19.44 59.18 7.21
C LEU TC 131 18.09 59.88 7.30
N TYR TC 132 17.70 60.31 8.48
CA TYR TC 132 16.44 60.97 8.68
C TYR TC 132 16.35 62.21 7.80
N ASN TC 133 15.13 62.52 7.37
CA ASN TC 133 14.85 63.64 6.47
C ASN TC 133 13.53 64.28 6.88
N LYS TC 134 13.58 65.49 7.41
CA LYS TC 134 12.37 66.17 7.85
C LYS TC 134 11.42 66.60 6.74
N ASN TC 135 11.78 66.46 5.47
CA ASN TC 135 10.81 66.76 4.42
C ASN TC 135 9.88 65.60 4.10
N TYR TC 136 10.26 64.38 4.45
CA TYR TC 136 9.47 63.19 4.13
C TYR TC 136 9.30 62.26 5.32
N PRO TC 137 8.93 62.77 6.48
CA PRO TC 137 8.92 61.92 7.67
C PRO TC 137 7.83 60.85 7.60
N LEU TC 138 8.03 59.81 8.39
CA LEU TC 138 7.05 58.74 8.52
C LEU TC 138 5.84 59.24 9.28
N ARG TC 139 4.65 58.78 8.85
CA ARG TC 139 3.40 59.23 9.44
C ARG TC 139 2.64 58.06 10.03
N GLY TC 140 2.37 58.13 11.33
CA GLY TC 140 1.63 57.08 12.01
C GLY TC 140 1.57 57.36 13.49
N ASP TC 141 1.17 56.35 14.24
CA ASP TC 141 1.05 56.47 15.69
C ASP TC 141 2.34 55.99 16.35
N ASN TC 142 3.03 56.90 17.03
CA ASN TC 142 4.30 56.59 17.66
C ASN TC 142 4.26 55.28 18.44
N ARG TC 143 3.16 54.98 19.09
CA ARG TC 143 3.13 53.77 19.90
C ARG TC 143 2.89 52.53 19.06
N LYS TC 144 2.19 52.66 17.94
CA LYS TC 144 1.88 51.52 17.10
C LYS TC 144 3.06 51.14 16.21
N GLY TC 145 2.88 50.06 15.48
CA GLY TC 145 3.82 49.60 14.49
C GLY TC 145 3.32 49.60 13.06
N THR TC 146 2.68 50.65 12.60
CA THR TC 146 2.08 50.66 11.28
C THR TC 146 2.12 52.07 10.77
N PHE TC 147 2.74 52.27 9.61
CA PHE TC 147 2.97 53.62 9.14
C PHE TC 147 2.92 53.72 7.62
N TYR TC 148 2.71 54.94 7.17
CA TYR TC 148 2.68 55.34 5.76
C TYR TC 148 3.91 56.17 5.42
N VAL TC 149 4.55 55.86 4.29
CA VAL TC 149 5.75 56.59 3.88
C VAL TC 149 5.67 56.92 2.40
N SER TC 150 6.09 58.12 2.04
CA SER TC 150 6.11 58.58 0.65
C SER TC 150 7.32 59.45 0.37
N GLY TC 151 7.88 59.33 -0.84
CA GLY TC 151 9.01 60.13 -1.22
C GLY TC 151 9.76 59.67 -2.46
N PRO TC 152 10.98 60.18 -2.66
CA PRO TC 152 11.81 59.71 -3.75
C PRO TC 152 12.07 58.22 -3.68
N PRO TC 153 12.19 57.56 -4.84
CA PRO TC 153 12.45 56.11 -4.87
C PRO TC 153 13.55 55.58 -3.98
N VAL TC 154 14.74 56.17 -4.01
CA VAL TC 154 15.85 55.70 -3.19
C VAL TC 154 15.45 55.64 -1.72
N TYR TC 155 14.95 56.75 -1.21
CA TYR TC 155 14.53 56.83 0.18
C TYR TC 155 13.48 55.79 0.52
N VAL TC 156 12.41 55.72 -0.27
CA VAL TC 156 11.35 54.75 0.02
C VAL TC 156 11.90 53.31 0.00
N ASP TC 157 12.69 52.97 -1.01
CA ASP TC 157 13.24 51.61 -1.10
C ASP TC 157 14.19 51.30 0.03
N MET TC 158 14.84 52.29 0.60
CA MET TC 158 15.74 52.00 1.71
C MET TC 158 14.95 51.79 3.00
N VAL TC 159 14.02 52.69 3.26
CA VAL TC 159 13.17 52.58 4.45
C VAL TC 159 12.45 51.25 4.50
N VAL TC 160 11.79 50.85 3.42
CA VAL TC 160 10.99 49.62 3.47
C VAL TC 160 11.86 48.39 3.74
N ASN TC 161 13.02 48.31 3.11
CA ASN TC 161 13.89 47.17 3.30
C ASN TC 161 14.47 47.12 4.71
N ALA TC 162 15.05 48.21 5.18
CA ALA TC 162 15.61 48.20 6.52
C ALA TC 162 14.56 47.92 7.58
N ALA TC 163 13.35 48.43 7.41
CA ALA TC 163 12.29 48.12 8.36
C ALA TC 163 11.95 46.64 8.40
N THR TC 164 11.71 46.05 7.24
CA THR TC 164 11.38 44.64 7.22
C THR TC 164 12.47 43.77 7.82
N MET TC 165 13.74 44.09 7.56
CA MET TC 165 14.80 43.27 8.14
C MET TC 165 14.92 43.46 9.64
N MET TC 166 14.85 44.69 10.14
CA MET TC 166 14.87 44.86 11.59
C MET TC 166 13.77 44.03 12.26
N ASP TC 167 12.58 44.03 11.67
CA ASP TC 167 11.53 43.20 12.25
C ASP TC 167 11.91 41.73 12.28
N LYS TC 168 12.29 41.16 11.13
CA LYS TC 168 12.71 39.76 11.14
C LYS TC 168 13.81 39.45 12.15
N GLN TC 169 14.75 40.36 12.36
CA GLN TC 169 15.79 40.13 13.36
C GLN TC 169 15.25 40.15 14.79
N ASN TC 170 14.31 41.02 15.09
CA ASN TC 170 13.82 41.14 16.46
C ASN TC 170 13.14 39.87 16.98
N ASP TC 171 12.73 38.96 16.11
CA ASP TC 171 12.23 37.67 16.60
C ASP TC 171 13.23 36.93 17.48
N GLY TC 172 14.52 37.17 17.28
CA GLY TC 172 15.54 36.58 18.13
C GLY TC 172 15.64 37.18 19.52
N ILE TC 173 15.34 38.47 19.66
CA ILE TC 173 15.31 39.10 20.98
C ILE TC 173 14.14 38.59 21.82
N GLU TC 174 14.43 38.34 23.11
CA GLU TC 174 13.45 37.87 24.08
C GLU TC 174 13.55 38.74 25.32
N LEU TC 175 12.39 39.21 25.80
CA LEU TC 175 12.33 40.16 26.91
C LEU TC 175 11.37 39.79 28.03
N GLY TC 176 10.47 38.83 27.84
CA GLY TC 176 9.55 38.42 28.89
C GLY TC 176 10.19 37.63 30.01
N ARG TC 177 11.37 38.07 30.44
CA ARG TC 177 12.11 37.37 31.49
C ARG TC 177 11.37 37.31 32.81
N GLN TC 178 11.39 36.09 33.39
CA GLN TC 178 10.81 35.76 34.68
C GLN TC 178 11.57 36.35 35.86
N LYS TC 179 10.85 36.59 36.96
CA LYS TC 179 11.43 37.01 38.22
C LYS TC 179 10.82 36.18 39.35
N ILE TC 180 11.58 36.11 40.46
CA ILE TC 180 11.24 35.31 41.63
C ILE TC 180 11.00 36.17 42.86
N GLY TC 181 9.89 35.91 43.54
CA GLY TC 181 9.53 36.58 44.78
C GLY TC 181 9.18 35.66 45.94
N VAL TC 182 9.88 35.86 47.06
CA VAL TC 182 9.71 35.10 48.29
C VAL TC 182 8.70 35.81 49.19
N MET TC 183 7.62 35.13 49.55
CA MET TC 183 6.53 35.72 50.33
C MET TC 183 6.31 34.92 51.62
N ARG TC 184 6.79 35.46 52.74
CA ARG TC 184 6.57 34.87 54.04
C ARG TC 184 5.12 35.01 54.49
N LEU TC 185 4.61 33.97 55.16
CA LEU TC 185 3.28 33.96 55.79
C LEU TC 185 3.39 34.21 57.29
N ASN TC 186 2.60 35.17 57.76
CA ASN TC 186 2.61 35.64 59.15
C ASN TC 186 1.49 35.09 60.02
N ASN TC 187 0.42 34.54 59.45
CA ASN TC 187 -0.71 34.12 60.28
C ASN TC 187 -1.19 32.70 60.03
N THR TC 188 -0.49 31.91 59.22
CA THR TC 188 -0.97 30.57 58.94
C THR TC 188 0.20 29.66 58.58
N PHE TC 189 -0.04 28.36 58.70
CA PHE TC 189 0.92 27.35 58.25
C PHE TC 189 0.90 27.21 56.75
N VAL TC 190 2.07 26.93 56.19
CA VAL TC 190 2.24 26.78 54.75
C VAL TC 190 1.69 25.45 54.21
N GLY TC 191 1.90 24.35 54.92
CA GLY TC 191 1.50 23.07 54.39
C GLY TC 191 0.06 22.64 54.62
N ASP TC 192 -0.30 21.58 53.92
CA ASP TC 192 -1.58 20.90 54.06
C ASP TC 192 -1.68 20.19 55.39
N ARG TC 193 -2.90 20.04 55.88
CA ARG TC 193 -3.12 19.47 57.20
C ARG TC 193 -4.25 18.46 57.16
N THR TC 194 -4.14 17.46 58.02
CA THR TC 194 -5.07 16.33 58.04
C THR TC 194 -5.56 16.07 59.45
N TYR TC 195 -6.86 15.81 59.57
CA TYR TC 195 -7.52 15.62 60.85
C TYR TC 195 -8.39 14.39 60.74
N ASN TC 196 -8.54 13.66 61.84
CA ASN TC 196 -9.41 12.49 61.85
C ASN TC 196 -10.78 12.85 62.42
N LEU TC 197 -11.83 12.46 61.70
CA LEU TC 197 -13.19 12.64 62.16
C LEU TC 197 -13.73 11.34 62.76
N ARG TC 198 -15.04 11.30 62.96
CA ARG TC 198 -15.68 10.14 63.59
C ARG TC 198 -15.25 8.84 62.93
N ASP TC 199 -15.34 8.77 61.60
CA ASP TC 199 -14.98 7.55 60.90
C ASP TC 199 -14.31 7.85 59.56
N GLN TC 200 -13.83 9.06 59.36
CA GLN TC 200 -13.21 9.46 58.11
C GLN TC 200 -12.25 10.58 58.38
N LYS TC 201 -11.36 10.82 57.44
CA LYS TC 201 -10.43 11.93 57.55
C LYS TC 201 -11.01 13.17 56.89
N MET TC 202 -10.50 14.31 57.34
CA MET TC 202 -10.72 15.61 56.73
C MET TC 202 -9.35 16.17 56.40
N VAL TC 203 -9.24 16.85 55.27
CA VAL TC 203 -7.99 17.43 54.82
C VAL TC 203 -8.22 18.86 54.40
N ILE TC 204 -7.30 19.73 54.80
CA ILE TC 204 -7.33 21.14 54.42
C ILE TC 204 -6.10 21.37 53.55
N PRO TC 205 -6.27 21.82 52.32
CA PRO TC 205 -5.13 22.15 51.47
C PRO TC 205 -4.41 23.43 51.87
N GLY TC 206 -3.18 23.54 51.40
CA GLY TC 206 -2.42 24.76 51.53
C GLY TC 206 -2.69 25.76 50.43
N ILE TC 207 -2.27 27.00 50.70
CA ILE TC 207 -2.40 28.07 49.73
C ILE TC 207 -1.80 27.67 48.39
N ALA TC 208 -0.61 27.06 48.43
CA ALA TC 208 0.03 26.61 47.19
C ALA TC 208 -0.86 25.65 46.44
N THR TC 209 -1.31 24.59 47.09
CA THR TC 209 -2.14 23.59 46.43
C THR TC 209 -3.40 24.21 45.85
N ALA TC 210 -4.10 25.01 46.65
CA ALA TC 210 -5.34 25.62 46.19
C ALA TC 210 -5.12 26.54 44.99
N ILE TC 211 -4.15 27.45 45.08
CA ILE TC 211 -3.96 28.37 43.97
C ILE TC 211 -3.49 27.65 42.72
N GLU TC 212 -2.55 26.71 42.87
CA GLU TC 212 -2.07 25.98 41.71
C GLU TC 212 -3.20 25.20 41.04
N ARG TC 213 -4.11 24.65 41.83
CA ARG TC 213 -5.29 24.02 41.26
C ARG TC 213 -6.17 25.04 40.55
N LEU TC 214 -6.29 26.23 41.11
CA LEU TC 214 -7.21 27.20 40.52
C LEU TC 214 -6.69 27.76 39.22
N LEU TC 215 -5.41 28.11 39.16
CA LEU TC 215 -4.83 28.61 37.93
C LEU TC 215 -4.52 27.53 36.91
N GLN TC 216 -4.65 26.25 37.27
CA GLN TC 216 -4.16 25.19 36.42
C GLN TC 216 -4.62 25.36 34.97
N GLY TC 217 -3.65 25.45 34.06
CA GLY TC 217 -3.92 25.53 32.63
C GLY TC 217 -4.63 26.74 32.08
N GLU TC 218 -4.80 27.80 32.87
CA GLU TC 218 -5.40 29.02 32.35
C GLU TC 218 -4.59 29.58 31.19
N GLU TC 219 -5.27 30.18 30.23
CA GLU TC 219 -4.61 30.72 29.05
C GLU TC 219 -4.63 32.23 28.93
N GLN TC 220 -5.54 32.90 29.58
CA GLN TC 220 -5.69 34.34 29.47
C GLN TC 220 -4.87 35.06 30.53
N PRO TC 221 -4.64 36.36 30.37
CA PRO TC 221 -3.89 37.10 31.38
C PRO TC 221 -4.67 37.28 32.67
N LEU TC 222 -3.91 37.36 33.76
CA LEU TC 222 -4.47 37.59 35.09
C LEU TC 222 -4.72 39.07 35.34
N GLY TC 223 -5.91 39.40 35.83
CA GLY TC 223 -6.26 40.76 36.19
C GLY TC 223 -6.24 40.99 37.69
N ASN TC 224 -6.88 42.08 38.10
CA ASN TC 224 -6.98 42.45 39.52
C ASN TC 224 -7.82 41.44 40.30
N ILE TC 225 -7.73 41.55 41.63
CA ILE TC 225 -8.40 40.68 42.58
C ILE TC 225 -9.36 41.49 43.44
N VAL TC 226 -10.55 40.93 43.68
CA VAL TC 226 -11.57 41.57 44.50
C VAL TC 226 -11.91 40.65 45.66
N SER TC 227 -11.97 41.21 46.87
CA SER TC 227 -12.37 40.46 48.04
C SER TC 227 -13.87 40.22 48.04
N LEU TC 254 1.16 50.21 23.14
CA LEU TC 254 2.58 50.16 23.46
C LEU TC 254 3.13 48.74 23.35
N GLN TC 255 4.38 48.62 22.91
CA GLN TC 255 5.04 47.32 22.94
C GLN TC 255 5.23 46.83 24.37
N GLU TC 256 5.30 47.76 25.32
CA GLU TC 256 5.29 47.38 26.73
C GLU TC 256 4.05 46.58 27.08
N ALA TC 257 2.94 46.87 26.42
CA ALA TC 257 1.71 46.11 26.62
C ALA TC 257 1.80 44.70 26.05
N LEU TC 258 2.67 44.48 25.08
CA LEU TC 258 2.80 43.15 24.50
C LEU TC 258 3.22 42.13 25.54
N LYS TC 259 4.26 42.45 26.32
CA LYS TC 259 4.71 41.55 27.38
C LYS TC 259 3.63 41.21 28.39
N GLN TC 260 2.68 42.12 28.62
CA GLN TC 260 1.59 41.83 29.55
C GLN TC 260 0.82 40.57 29.20
N ASN TC 261 0.84 40.16 27.94
CA ASN TC 261 0.10 38.99 27.45
C ASN TC 261 0.45 37.68 28.17
N ALA TC 262 1.50 37.64 28.98
CA ALA TC 262 1.85 36.40 29.68
C ALA TC 262 0.63 35.72 30.29
N ALA TC 263 0.47 34.44 29.96
CA ALA TC 263 -0.62 33.61 30.45
C ALA TC 263 -0.55 33.35 31.95
N ALA TC 264 -1.71 33.45 32.58
CA ALA TC 264 -1.85 33.14 34.01
C ALA TC 264 -1.40 31.72 34.34
N GLY TC 265 -1.72 30.76 33.50
CA GLY TC 265 -1.29 29.39 33.74
C GLY TC 265 0.19 29.13 33.67
N ASN TC 266 1.02 30.13 33.42
CA ASN TC 266 2.47 29.96 33.46
C ASN TC 266 3.10 30.26 34.80
N ILE TC 267 2.40 30.95 35.70
CA ILE TC 267 2.90 31.21 37.04
C ILE TC 267 3.19 29.90 37.76
N LYS TC 268 4.28 29.87 38.53
CA LYS TC 268 4.58 28.69 39.34
C LYS TC 268 4.77 29.08 40.80
N ILE TC 269 4.21 28.26 41.70
CA ILE TC 269 4.31 28.43 43.13
C ILE TC 269 4.90 27.19 43.80
N VAL TC 270 5.73 27.41 44.82
CA VAL TC 270 6.33 26.31 45.57
C VAL TC 270 6.33 26.63 47.05
N ALA TC 271 5.78 25.73 47.85
CA ALA TC 271 5.77 25.81 49.30
C ALA TC 271 7.15 25.53 49.90
N TYR TC 272 7.50 26.23 50.99
CA TYR TC 272 8.79 26.05 51.65
C TYR TC 272 8.62 26.06 53.16
N PRO TC 273 8.14 24.96 53.73
CA PRO TC 273 7.91 24.88 55.18
C PRO TC 273 9.09 25.25 56.05
N ASP TC 274 10.30 25.10 55.54
CA ASP TC 274 11.49 25.43 56.33
C ASP TC 274 11.41 26.82 56.92
N THR TC 275 10.94 27.79 56.15
CA THR TC 275 10.88 29.17 56.57
C THR TC 275 9.45 29.69 56.66
N ASN TC 276 8.47 28.88 56.32
CA ASN TC 276 7.08 29.29 56.29
C ASN TC 276 6.79 30.35 55.22
N SER TC 277 7.16 30.05 53.98
CA SER TC 277 7.08 31.03 52.91
C SER TC 277 6.83 30.35 51.57
N LEU TC 278 6.24 31.10 50.64
CA LEU TC 278 6.05 30.68 49.27
C LEU TC 278 7.11 31.27 48.33
N LEU TC 279 7.57 30.47 47.40
CA LEU TC 279 8.40 30.90 46.28
C LEU TC 279 7.50 31.07 45.07
N VAL TC 280 7.55 32.23 44.43
CA VAL TC 280 6.66 32.52 43.31
C VAL TC 280 7.50 32.95 42.12
N LYS TC 281 7.32 32.27 41.00
CA LYS TC 281 8.01 32.55 39.74
C LYS TC 281 7.05 33.04 38.67
N GLY TC 282 7.32 34.24 38.16
CA GLY TC 282 6.51 34.79 37.08
C GLY TC 282 7.00 36.18 36.74
N THR TC 283 6.26 36.86 35.86
CA THR TC 283 6.50 38.26 35.58
C THR TC 283 6.17 39.14 36.78
N ALA TC 284 6.80 40.32 36.79
CA ALA TC 284 6.58 41.28 37.86
C ALA TC 284 5.11 41.58 38.14
N GLU TC 285 4.31 41.76 37.10
CA GLU TC 285 2.88 41.98 37.32
C GLU TC 285 2.23 40.80 38.01
N GLN TC 286 2.46 39.60 37.50
CA GLN TC 286 1.90 38.41 38.10
C GLN TC 286 2.31 38.27 39.56
N VAL TC 287 3.60 38.38 39.84
CA VAL TC 287 4.07 38.30 41.23
C VAL TC 287 3.39 39.33 42.11
N HIS TC 288 3.17 40.54 41.60
CA HIS TC 288 2.47 41.55 42.38
C HIS TC 288 1.03 41.13 42.69
N PHE TC 289 0.28 40.75 41.66
CA PHE TC 289 -1.07 40.25 41.87
C PHE TC 289 -1.13 39.12 42.88
N ILE TC 290 -0.23 38.15 42.76
CA ILE TC 290 -0.16 37.05 43.71
C ILE TC 290 0.04 37.54 45.13
N GLU TC 291 0.98 38.46 45.32
CA GLU TC 291 1.18 39.06 46.64
C GLU TC 291 -0.12 39.64 47.20
N MET TC 292 -0.78 40.48 46.41
CA MET TC 292 -2.06 41.04 46.86
C MET TC 292 -3.05 39.96 47.24
N LEU TC 293 -3.10 38.88 46.46
CA LEU TC 293 -3.99 37.77 46.81
C LEU TC 293 -3.65 37.15 48.15
N VAL TC 294 -2.40 36.75 48.33
CA VAL TC 294 -1.97 36.14 49.59
C VAL TC 294 -2.35 37.01 50.79
N LYS TC 295 -2.20 38.32 50.64
CA LYS TC 295 -2.53 39.18 51.76
C LYS TC 295 -4.02 39.25 52.05
N ALA TC 296 -4.86 38.76 51.16
CA ALA TC 296 -6.28 38.58 51.48
C ALA TC 296 -6.59 37.30 52.23
N LEU TC 297 -5.68 36.35 52.23
CA LEU TC 297 -5.96 35.00 52.70
C LEU TC 297 -5.27 34.62 54.01
N ASP TC 298 -4.04 35.05 54.28
CA ASP TC 298 -3.45 34.74 55.59
C ASP TC 298 -3.90 35.69 56.71
N VAL TC 299 -5.21 35.71 56.98
CA VAL TC 299 -5.78 36.39 58.13
C VAL TC 299 -5.62 35.57 59.41
N ALA TC 300 -5.59 36.25 60.56
CA ALA TC 300 -5.51 35.59 61.87
C ALA TC 300 -6.86 35.07 62.34
N LYS TC 301 -6.87 33.88 62.93
CA LYS TC 301 -8.04 33.27 63.55
C LYS TC 301 -8.27 33.70 65.00
N ARG TC 302 -9.52 33.54 65.43
CA ARG TC 302 -10.01 33.83 66.79
C ARG TC 302 -10.25 32.57 67.61
N HIS TC 303 -9.90 32.62 68.90
CA HIS TC 303 -10.14 31.50 69.81
C HIS TC 303 -11.55 31.44 70.37
N VAL TC 304 -12.07 30.22 70.47
CA VAL TC 304 -13.38 29.87 71.02
C VAL TC 304 -13.20 28.85 72.13
N GLU TC 305 -13.83 29.09 73.27
CA GLU TC 305 -13.90 28.11 74.35
C GLU TC 305 -15.30 27.55 74.52
N LEU TC 306 -15.40 26.23 74.58
CA LEU TC 306 -16.63 25.47 74.76
C LEU TC 306 -16.76 24.95 76.18
N SER TC 307 -17.89 25.27 76.81
CA SER TC 307 -18.28 24.83 78.15
C SER TC 307 -19.54 23.99 78.04
N LEU TC 308 -19.53 22.82 78.70
CA LEU TC 308 -20.63 21.86 78.61
C LEU TC 308 -21.00 21.34 79.99
N TRP TC 309 -22.30 21.38 80.32
CA TRP TC 309 -22.83 20.91 81.59
C TRP TC 309 -23.60 19.60 81.48
N ILE TC 310 -23.34 18.67 82.39
CA ILE TC 310 -23.99 17.37 82.45
C ILE TC 310 -24.50 17.15 83.88
N VAL TC 311 -25.81 16.99 84.03
CA VAL TC 311 -26.48 16.93 85.33
C VAL TC 311 -27.29 15.66 85.45
N ASP TC 312 -27.17 14.97 86.60
CA ASP TC 312 -27.85 13.70 86.86
C ASP TC 312 -28.48 13.69 88.24
N LEU TC 313 -29.81 13.58 88.29
CA LEU TC 313 -30.58 13.53 89.52
C LEU TC 313 -31.35 12.22 89.60
N ASN TC 314 -31.36 11.60 90.78
CA ASN TC 314 -32.06 10.34 90.95
C ASN TC 314 -32.68 10.26 92.34
N LYS TC 315 -33.89 9.70 92.41
CA LYS TC 315 -34.64 9.51 93.65
C LYS TC 315 -35.36 8.19 93.62
N SER TC 316 -35.36 7.48 94.76
CA SER TC 316 -35.87 6.11 94.84
C SER TC 316 -36.47 5.81 96.19
N ASP TC 317 -37.57 5.05 96.18
CA ASP TC 317 -38.33 4.73 97.39
C ASP TC 317 -38.89 3.32 97.29
N LEU TC 318 -38.71 2.51 98.35
CA LEU TC 318 -39.05 1.10 98.31
C LEU TC 318 -39.57 0.61 99.65
N GLU TC 319 -40.48 -0.38 99.60
CA GLU TC 319 -41.06 -0.97 100.80
C GLU TC 319 -41.53 -2.39 100.55
N ARG TC 320 -41.26 -3.27 101.52
CA ARG TC 320 -41.69 -4.66 101.52
C ARG TC 320 -42.23 -4.98 102.91
N LEU TC 321 -43.50 -5.39 102.99
CA LEU TC 321 -44.10 -5.63 104.30
C LEU TC 321 -45.20 -6.68 104.28
N GLY TC 322 -44.98 -7.79 104.97
CA GLY TC 322 -45.97 -8.86 105.06
C GLY TC 322 -45.34 -10.22 105.28
N THR TC 323 -46.15 -11.26 105.06
CA THR TC 323 -45.74 -12.63 105.34
C THR TC 323 -46.21 -13.61 104.27
N SER TC 324 -45.62 -14.80 104.32
CA SER TC 324 -45.97 -15.92 103.46
C SER TC 324 -45.99 -17.19 104.30
N TRP TC 325 -46.96 -18.08 104.04
CA TRP TC 325 -47.23 -19.25 104.88
C TRP TC 325 -47.09 -20.55 104.12
N SER TC 326 -46.45 -21.53 104.76
CA SER TC 326 -46.31 -22.87 104.19
C SER TC 326 -46.30 -23.91 105.31
N GLY TC 327 -46.58 -25.16 104.95
CA GLY TC 327 -46.55 -26.21 105.94
C GLY TC 327 -47.24 -27.48 105.52
N SER TC 328 -47.36 -28.38 106.50
CA SER TC 328 -47.85 -29.73 106.26
C SER TC 328 -48.29 -30.40 107.56
N ILE TC 329 -49.01 -31.51 107.37
CA ILE TC 329 -49.57 -32.35 108.42
C ILE TC 329 -49.51 -33.78 107.90
N THR TC 330 -49.32 -34.74 108.80
CA THR TC 330 -49.74 -36.11 108.53
C THR TC 330 -50.51 -36.69 109.70
N ILE TC 331 -51.60 -37.38 109.40
CA ILE TC 331 -52.53 -37.87 110.41
C ILE TC 331 -52.38 -39.38 110.50
N GLY TC 332 -51.87 -39.85 111.64
CA GLY TC 332 -51.47 -41.24 111.77
C GLY TC 332 -50.51 -41.64 110.68
N ASP TC 333 -50.95 -42.55 109.81
CA ASP TC 333 -50.38 -42.69 108.48
C ASP TC 333 -51.49 -42.76 107.44
N LYS TC 334 -52.69 -42.31 107.78
CA LYS TC 334 -53.80 -42.37 106.85
C LYS TC 334 -53.58 -41.41 105.69
N LEU TC 335 -53.20 -40.16 106.00
CA LEU TC 335 -53.14 -39.13 104.99
C LEU TC 335 -52.01 -38.16 105.31
N GLY TC 336 -51.32 -37.73 104.25
CA GLY TC 336 -50.55 -36.50 104.27
C GLY TC 336 -51.28 -35.33 103.62
N VAL TC 337 -51.41 -34.25 104.37
CA VAL TC 337 -51.88 -32.97 103.84
C VAL TC 337 -50.68 -32.04 103.78
N SER TC 338 -50.54 -31.34 102.66
CA SER TC 338 -49.55 -30.27 102.56
C SER TC 338 -50.14 -29.06 101.84
N LEU TC 339 -49.61 -27.89 102.17
CA LEU TC 339 -49.91 -26.67 101.45
C LEU TC 339 -48.74 -26.26 100.56
N ASN TC 340 -47.55 -26.63 100.97
CA ASN TC 340 -46.38 -26.65 100.11
C ASN TC 340 -46.57 -27.69 99.03
N GLN TC 341 -46.10 -27.41 97.83
CA GLN TC 341 -46.20 -28.39 96.76
C GLN TC 341 -44.93 -28.43 95.92
N SER TC 342 -43.80 -28.17 96.56
CA SER TC 342 -42.49 -28.43 95.97
C SER TC 342 -42.19 -29.91 96.05
N SER TC 343 -42.55 -30.52 97.17
CA SER TC 343 -42.40 -31.94 97.47
C SER TC 343 -43.28 -32.22 98.68
N ILE TC 344 -43.22 -33.43 99.21
CA ILE TC 344 -43.92 -33.74 100.46
C ILE TC 344 -42.98 -34.45 101.43
N SER TC 345 -42.83 -33.86 102.62
CA SER TC 345 -42.03 -34.40 103.70
C SER TC 345 -42.86 -34.23 104.95
N THR TC 346 -43.08 -35.29 105.72
CA THR TC 346 -44.02 -35.20 106.82
C THR TC 346 -43.77 -36.30 107.84
N LEU TC 347 -43.73 -35.89 109.11
CA LEU TC 347 -43.52 -36.81 110.23
C LEU TC 347 -44.42 -36.48 111.43
N ASP TC 348 -45.09 -35.32 111.44
CA ASP TC 348 -45.77 -34.79 112.60
C ASP TC 348 -47.18 -34.34 112.23
N GLY TC 349 -47.96 -34.08 113.27
CA GLY TC 349 -49.25 -33.43 113.12
C GLY TC 349 -49.18 -31.97 112.73
N SER TC 350 -48.01 -31.34 112.78
CA SER TC 350 -47.92 -29.94 112.38
C SER TC 350 -46.49 -29.57 112.04
N ARG TC 351 -46.34 -28.86 110.92
CA ARG TC 351 -45.04 -28.32 110.50
C ARG TC 351 -45.34 -27.06 109.70
N PHE TC 352 -45.15 -25.89 110.31
CA PHE TC 352 -45.51 -24.64 109.64
C PHE TC 352 -44.38 -23.62 109.68
N ILE TC 353 -44.30 -22.85 108.60
CA ILE TC 353 -43.34 -21.78 108.40
C ILE TC 353 -44.06 -20.50 108.00
N ALA TC 354 -43.71 -19.39 108.65
CA ALA TC 354 -44.20 -18.07 108.30
C ALA TC 354 -42.99 -17.17 108.02
N ALA TC 355 -42.77 -16.85 106.75
CA ALA TC 355 -41.68 -15.96 106.34
C ALA TC 355 -42.13 -14.50 106.37
N VAL TC 356 -41.49 -13.71 107.23
CA VAL TC 356 -41.80 -12.30 107.46
C VAL TC 356 -40.81 -11.39 106.74
N ASN TC 357 -41.30 -10.55 105.83
CA ASN TC 357 -40.51 -9.55 105.11
C ASN TC 357 -40.93 -8.16 105.60
N ALA TC 358 -39.99 -7.40 106.13
CA ALA TC 358 -40.30 -6.06 106.65
C ALA TC 358 -39.12 -5.11 106.50
N LEU TC 359 -39.17 -4.25 105.48
CA LEU TC 359 -38.09 -3.30 105.20
C LEU TC 359 -38.60 -2.10 104.41
N GLU TC 360 -38.10 -0.92 104.75
CA GLU TC 360 -38.38 0.34 104.07
C GLU TC 360 -37.08 1.08 103.78
N GLU TC 361 -36.94 1.59 102.55
CA GLU TC 361 -35.68 2.21 102.13
C GLU TC 361 -35.89 3.37 101.18
N LYS TC 362 -35.09 4.42 101.35
CA LYS TC 362 -35.13 5.61 100.51
C LYS TC 362 -33.72 5.96 100.06
N LYS TC 363 -33.61 6.52 98.85
CA LYS TC 363 -32.31 6.87 98.29
C LYS TC 363 -32.40 8.09 97.39
N GLN TC 364 -31.39 8.94 97.45
CA GLN TC 364 -31.30 10.13 96.61
C GLN TC 364 -29.84 10.34 96.20
N ALA TC 365 -29.64 10.75 94.95
CA ALA TC 365 -28.28 10.99 94.47
C ALA TC 365 -28.26 12.11 93.44
N THR TC 366 -27.11 12.76 93.34
CA THR TC 366 -26.90 13.89 92.43
C THR TC 366 -25.47 13.97 91.96
N VAL TC 367 -25.29 14.23 90.67
CA VAL TC 367 -23.96 14.37 90.06
C VAL TC 367 -23.98 15.50 89.05
N VAL TC 368 -22.91 16.30 89.07
CA VAL TC 368 -22.72 17.40 88.14
C VAL TC 368 -21.30 17.30 87.58
N SER TC 369 -21.16 17.43 86.27
CA SER TC 369 -19.84 17.39 85.65
C SER TC 369 -19.78 18.36 84.49
N ARG TC 370 -18.59 18.90 84.26
CA ARG TC 370 -18.41 19.90 83.22
C ARG TC 370 -17.03 19.90 82.59
N PRO TC 371 -16.89 19.41 81.37
CA PRO TC 371 -15.63 19.58 80.66
C PRO TC 371 -15.55 20.93 79.96
N VAL TC 372 -14.32 21.37 79.71
CA VAL TC 372 -14.03 22.64 79.04
C VAL TC 372 -12.97 22.39 77.99
N LEU TC 373 -13.12 23.02 76.82
CA LEU TC 373 -12.15 22.84 75.75
C LEU TC 373 -11.99 24.14 74.97
N LEU TC 374 -10.76 24.40 74.53
CA LEU TC 374 -10.44 25.59 73.74
C LEU TC 374 -9.90 25.24 72.37
N THR TC 375 -10.37 25.95 71.34
CA THR TC 375 -9.92 25.69 69.97
C THR TC 375 -10.07 26.94 69.14
N GLN TC 376 -9.37 26.95 68.00
CA GLN TC 376 -9.50 28.01 67.01
C GLN TC 376 -10.60 27.74 66.01
N GLU TC 377 -11.23 28.84 65.59
CA GLU TC 377 -12.23 28.86 64.54
C GLU TC 377 -11.86 27.95 63.38
N ASN TC 378 -12.83 27.15 62.95
CA ASN TC 378 -12.75 26.21 61.84
C ASN TC 378 -11.82 25.01 62.06
N VAL TC 379 -11.29 24.81 63.25
CA VAL TC 379 -10.35 23.72 63.51
C VAL TC 379 -11.06 22.71 64.42
N PRO TC 380 -11.28 21.48 63.98
CA PRO TC 380 -11.93 20.49 64.86
C PRO TC 380 -11.08 20.14 66.06
N ALA TC 381 -11.75 19.93 67.19
CA ALA TC 381 -11.07 19.61 68.45
C ALA TC 381 -11.66 18.37 69.08
N ILE TC 382 -10.79 17.63 69.79
CA ILE TC 382 -11.10 16.36 70.44
C ILE TC 382 -10.71 16.43 71.90
N PHE TC 383 -11.62 15.99 72.78
CA PHE TC 383 -11.35 15.84 74.21
C PHE TC 383 -11.82 14.46 74.65
N ASP TC 384 -11.00 13.76 75.43
CA ASP TC 384 -11.31 12.40 75.86
C ASP TC 384 -10.79 12.10 77.26
N ASN TC 385 -11.65 11.57 78.13
CA ASN TC 385 -11.26 11.33 79.52
C ASN TC 385 -11.88 10.08 80.11
N ASN TC 386 -11.07 9.35 80.89
CA ASN TC 386 -11.45 8.17 81.66
C ASN TC 386 -10.98 8.32 83.10
N ARG TC 387 -11.81 7.92 84.06
CA ARG TC 387 -11.41 8.00 85.45
C ARG TC 387 -12.13 6.95 86.28
N THR TC 388 -11.45 6.38 87.26
CA THR TC 388 -12.03 5.42 88.18
C THR TC 388 -12.20 6.01 89.58
N PHE TC 389 -13.20 5.51 90.29
CA PHE TC 389 -13.52 5.91 91.65
C PHE TC 389 -13.69 4.67 92.52
N TYR TC 390 -13.20 4.78 93.77
CA TYR TC 390 -13.14 3.68 94.71
C TYR TC 390 -13.98 3.96 95.95
N THR TC 391 -14.67 2.93 96.42
CA THR TC 391 -15.41 2.88 97.67
C THR TC 391 -14.57 2.21 98.76
N LYS TC 392 -14.99 2.39 100.00
CA LYS TC 392 -14.50 1.62 101.14
C LYS TC 392 -15.66 0.97 101.87
N LEU TC 393 -15.48 -0.30 102.22
CA LEU TC 393 -16.54 -1.16 102.72
C LEU TC 393 -15.98 -2.02 103.84
N ILE TC 394 -16.87 -2.57 104.66
CA ILE TC 394 -16.48 -3.57 105.65
C ILE TC 394 -16.51 -4.96 105.02
N GLY TC 395 -15.33 -5.55 104.88
CA GLY TC 395 -15.17 -6.94 104.47
C GLY TC 395 -15.44 -7.88 105.63
N GLU TC 396 -14.84 -9.07 105.57
CA GLU TC 396 -15.01 -10.03 106.65
C GLU TC 396 -14.50 -9.45 107.97
N ARG TC 397 -13.29 -8.91 107.96
CA ARG TC 397 -12.80 -8.14 109.09
C ARG TC 397 -12.16 -6.86 108.57
N ASN TC 398 -11.27 -7.00 107.59
CA ASN TC 398 -10.59 -5.85 107.04
C ASN TC 398 -11.51 -5.03 106.15
N VAL TC 399 -11.09 -3.78 105.93
CA VAL TC 399 -11.72 -2.93 104.93
C VAL TC 399 -11.50 -3.51 103.52
N ALA TC 400 -12.52 -3.37 102.67
CA ALA TC 400 -12.51 -3.84 101.29
C ALA TC 400 -12.91 -2.67 100.40
N LEU TC 401 -12.78 -2.87 99.09
CA LEU TC 401 -13.14 -1.80 98.15
C LEU TC 401 -13.74 -2.34 96.86
N GLU TC 402 -14.49 -1.46 96.19
CA GLU TC 402 -15.05 -1.70 94.88
C GLU TC 402 -15.06 -0.38 94.12
N HIS TC 403 -15.18 -0.44 92.80
CA HIS TC 403 -14.91 0.74 92.00
C HIS TC 403 -15.80 0.82 90.78
N VAL TC 404 -15.87 2.02 90.20
CA VAL TC 404 -16.55 2.26 88.93
C VAL TC 404 -15.67 3.15 88.05
N THR TC 405 -15.75 2.95 86.73
CA THR TC 405 -15.08 3.82 85.78
C THR TC 405 -16.07 4.66 84.98
N TYR TC 406 -15.86 5.97 84.99
CA TYR TC 406 -16.61 6.95 84.21
C TYR TC 406 -15.78 7.43 83.02
N GLY TC 407 -16.44 7.67 81.88
CA GLY TC 407 -15.76 8.16 80.70
C GLY TC 407 -16.58 9.17 79.93
N THR TC 408 -15.85 9.95 79.13
CA THR TC 408 -16.40 11.09 78.40
C THR TC 408 -15.59 11.34 77.14
N MET TC 409 -16.29 11.73 76.07
CA MET TC 409 -15.64 12.10 74.81
C MET TC 409 -16.42 13.21 74.12
N ILE TC 410 -15.69 14.14 73.50
CA ILE TC 410 -16.28 15.25 72.78
C ILE TC 410 -15.48 15.55 71.52
N ARG TC 411 -16.18 15.69 70.41
CA ARG TC 411 -15.65 16.20 69.15
C ARG TC 411 -16.44 17.45 68.82
N VAL TC 412 -15.77 18.48 68.31
CA VAL TC 412 -16.47 19.74 68.06
C VAL TC 412 -15.82 20.49 66.91
N LEU TC 413 -16.62 21.34 66.27
CA LEU TC 413 -16.16 22.17 65.15
C LEU TC 413 -16.89 23.52 65.17
N PRO TC 414 -16.25 24.56 65.70
CA PRO TC 414 -16.86 25.90 65.82
C PRO TC 414 -16.67 26.83 64.63
N ARG TC 415 -17.76 27.49 64.27
CA ARG TC 415 -17.88 28.46 63.18
C ARG TC 415 -18.45 29.78 63.67
N PHE TC 416 -17.75 30.88 63.44
CA PHE TC 416 -18.29 32.20 63.78
C PHE TC 416 -19.25 32.70 62.72
N SER TC 417 -20.45 33.06 63.15
CA SER TC 417 -21.41 33.72 62.28
C SER TC 417 -20.93 35.14 61.99
N ALA TC 418 -21.63 35.81 61.09
CA ALA TC 418 -21.38 37.20 60.76
C ALA TC 418 -22.12 38.20 61.64
N ASP TC 419 -22.75 37.75 62.73
CA ASP TC 419 -23.60 38.63 63.51
C ASP TC 419 -23.52 38.35 65.02
N GLY TC 420 -22.44 37.75 65.48
CA GLY TC 420 -22.26 37.39 66.88
C GLY TC 420 -22.81 36.07 67.36
N GLN TC 421 -23.12 35.14 66.47
CA GLN TC 421 -23.61 33.82 66.85
C GLN TC 421 -22.53 32.80 66.51
N ILE TC 422 -22.46 31.73 67.28
CA ILE TC 422 -21.51 30.64 67.04
C ILE TC 422 -22.29 29.38 66.70
N GLU TC 423 -21.85 28.70 65.63
CA GLU TC 423 -22.42 27.46 65.14
C GLU TC 423 -21.43 26.34 65.38
N MET TC 424 -21.90 25.20 65.90
CA MET TC 424 -20.96 24.12 66.18
C MET TC 424 -21.51 22.78 65.75
N SER TC 425 -20.64 21.99 65.15
CA SER TC 425 -20.92 20.57 64.91
C SER TC 425 -20.45 19.80 66.13
N LEU TC 426 -21.38 19.12 66.82
CA LEU TC 426 -21.11 18.51 68.12
C LEU TC 426 -21.36 17.00 68.17
N ASP TC 427 -20.35 16.27 68.62
CA ASP TC 427 -20.43 14.85 68.95
C ASP TC 427 -20.11 14.70 70.43
N ILE TC 428 -21.03 14.09 71.19
CA ILE TC 428 -20.89 13.95 72.63
C ILE TC 428 -21.20 12.53 73.06
N GLU TC 429 -20.36 11.96 73.93
CA GLU TC 429 -20.56 10.61 74.44
C GLU TC 429 -20.15 10.56 75.90
N ASP TC 430 -20.98 9.95 76.74
CA ASP TC 430 -20.70 9.97 78.18
C ASP TC 430 -21.33 8.83 78.94
N GLY TC 431 -20.66 8.42 80.04
CA GLY TC 431 -21.23 7.43 80.93
C GLY TC 431 -20.26 6.48 81.59
N ASN TC 432 -20.76 5.61 82.47
CA ASN TC 432 -19.93 4.51 82.94
C ASN TC 432 -19.77 3.46 81.85
N ASP TC 433 -18.54 2.98 81.68
CA ASP TC 433 -18.20 2.13 80.55
C ASP TC 433 -18.96 0.82 80.47
N LYS TC 434 -19.41 0.27 81.59
CA LYS TC 434 -20.06 -1.03 81.55
C LYS TC 434 -21.59 -0.91 81.60
N THR TC 435 -22.24 -1.79 80.84
CA THR TC 435 -23.69 -1.86 80.84
C THR TC 435 -24.23 -2.28 82.20
N PRO TC 436 -23.79 -3.40 82.78
CA PRO TC 436 -23.90 -3.56 84.22
C PRO TC 436 -22.76 -2.82 84.92
N GLN TC 437 -23.06 -2.34 86.11
CA GLN TC 437 -22.05 -1.69 86.92
C GLN TC 437 -20.99 -2.67 87.40
N SER TC 438 -19.75 -2.18 87.45
CA SER TC 438 -18.58 -3.06 87.52
C SER TC 438 -18.62 -3.91 88.78
N ASP TC 439 -18.80 -3.27 89.94
CA ASP TC 439 -18.72 -3.93 91.22
C ASP TC 439 -19.68 -3.26 92.18
N THR TC 440 -20.33 -4.08 93.02
CA THR TC 440 -21.36 -3.61 93.94
C THR TC 440 -21.37 -4.53 95.17
N THR TC 441 -22.34 -4.32 96.06
CA THR TC 441 -22.50 -5.11 97.26
C THR TC 441 -23.90 -5.70 97.29
N THR TC 442 -24.05 -6.86 97.94
CA THR TC 442 -25.35 -7.52 97.98
C THR TC 442 -26.37 -6.72 98.79
N SER TC 443 -25.92 -5.94 99.78
CA SER TC 443 -26.79 -5.20 100.66
C SER TC 443 -26.66 -3.69 100.54
N VAL TC 444 -25.71 -3.19 99.77
CA VAL TC 444 -25.35 -1.77 99.78
C VAL TC 444 -25.03 -1.35 98.36
N ASP TC 445 -25.36 -0.11 98.02
CA ASP TC 445 -24.85 0.53 96.81
C ASP TC 445 -24.34 1.92 97.17
N ALA TC 446 -23.19 2.27 96.61
CA ALA TC 446 -22.42 3.39 97.10
C ALA TC 446 -21.93 4.34 96.03
N LEU TC 447 -22.01 3.98 94.74
CA LEU TC 447 -21.67 4.91 93.69
C LEU TC 447 -22.89 5.16 92.80
N PRO TC 448 -23.25 6.43 92.55
CA PRO TC 448 -24.27 6.74 91.53
C PRO TC 448 -24.15 6.04 90.20
N GLU TC 449 -25.14 5.18 89.92
CA GLU TC 449 -25.30 4.62 88.58
C GLU TC 449 -25.77 5.69 87.60
N VAL TC 450 -25.18 5.69 86.41
CA VAL TC 450 -25.57 6.58 85.32
C VAL TC 450 -25.57 5.77 84.04
N GLY TC 451 -26.41 6.17 83.10
CA GLY TC 451 -26.45 5.54 81.80
C GLY TC 451 -25.18 5.76 81.01
N ARG TC 452 -25.15 5.16 79.83
CA ARG TC 452 -24.25 5.57 78.76
C ARG TC 452 -25.04 6.13 77.59
N THR TC 453 -24.64 7.32 77.15
CA THR TC 453 -25.45 8.19 76.31
C THR TC 453 -24.61 8.72 75.15
N LEU TC 454 -25.26 8.87 74.00
CA LEU TC 454 -24.63 9.37 72.78
C LEU TC 454 -25.51 10.41 72.11
N ILE TC 455 -24.89 11.50 71.66
CA ILE TC 455 -25.59 12.56 70.93
C ILE TC 455 -24.72 13.03 69.78
N SER TC 456 -25.35 13.29 68.63
CA SER TC 456 -24.69 13.98 67.52
C SER TC 456 -25.63 14.98 66.88
N THR TC 457 -25.20 16.23 66.73
CA THR TC 457 -26.11 17.26 66.22
C THR TC 457 -25.34 18.50 65.80
N ILE TC 458 -26.08 19.48 65.28
CA ILE TC 458 -25.60 20.84 65.02
C ILE TC 458 -26.47 21.82 65.79
N ALA TC 459 -25.85 22.87 66.32
CA ALA TC 459 -26.58 23.91 67.03
C ALA TC 459 -25.88 25.24 66.87
N ARG TC 460 -26.62 26.32 67.07
CA ARG TC 460 -26.10 27.68 66.98
C ARG TC 460 -26.63 28.52 68.13
N VAL TC 461 -25.78 29.37 68.70
CA VAL TC 461 -26.16 30.13 69.89
C VAL TC 461 -25.48 31.50 69.95
N PRO TC 462 -26.14 32.52 70.49
CA PRO TC 462 -25.48 33.81 70.71
C PRO TC 462 -24.39 33.75 71.78
N HIS TC 463 -23.54 34.77 71.76
CA HIS TC 463 -22.40 34.88 72.68
C HIS TC 463 -22.82 34.71 74.14
N GLY TC 464 -22.21 33.72 74.80
CA GLY TC 464 -22.36 33.57 76.22
C GLY TC 464 -23.72 33.11 76.70
N LYS TC 465 -24.64 32.83 75.79
CA LYS TC 465 -25.92 32.24 76.15
C LYS TC 465 -25.77 30.72 76.18
N SER TC 466 -26.85 30.01 76.49
CA SER TC 466 -26.79 28.57 76.58
C SER TC 466 -28.02 27.96 75.92
N LEU TC 467 -27.89 26.69 75.54
CA LEU TC 467 -28.97 25.94 74.92
C LEU TC 467 -29.05 24.56 75.54
N LEU TC 468 -30.21 23.94 75.45
CA LEU TC 468 -30.36 22.54 75.83
C LEU TC 468 -30.39 21.67 74.59
N VAL TC 469 -29.41 20.78 74.46
CA VAL TC 469 -29.32 19.92 73.29
C VAL TC 469 -30.10 18.62 73.44
N GLY TC 470 -30.27 18.12 74.66
CA GLY TC 470 -31.02 16.89 74.84
C GLY TC 470 -31.14 16.54 76.30
N GLY TC 471 -31.93 15.49 76.55
CA GLY TC 471 -32.23 15.11 77.91
C GLY TC 471 -33.17 13.93 77.95
N TYR TC 472 -33.47 13.50 79.16
CA TYR TC 472 -34.23 12.29 79.40
C TYR TC 472 -34.86 12.36 80.77
N THR TC 473 -36.12 11.94 80.86
CA THR TC 473 -36.84 11.90 82.12
C THR TC 473 -37.60 10.59 82.22
N ARG TC 474 -37.54 9.94 83.37
CA ARG TC 474 -38.25 8.68 83.56
C ARG TC 474 -38.91 8.68 84.92
N ASP TC 475 -40.18 8.27 84.96
CA ASP TC 475 -40.96 8.15 86.19
C ASP TC 475 -41.68 6.81 86.21
N ALA TC 476 -41.59 6.09 87.33
CA ALA TC 476 -42.19 4.76 87.36
C ALA TC 476 -42.64 4.41 88.76
N ASN TC 477 -43.78 3.71 88.83
CA ASN TC 477 -44.33 3.22 90.09
C ASN TC 477 -44.96 1.84 89.94
N THR TC 478 -44.71 0.98 90.92
CA THR TC 478 -45.16 -0.41 90.92
C THR TC 478 -45.72 -0.76 92.29
N ASP TC 479 -46.82 -1.52 92.29
CA ASP TC 479 -47.49 -1.93 93.52
C ASP TC 479 -47.99 -3.37 93.42
N THR TC 480 -47.83 -4.12 94.50
CA THR TC 480 -48.17 -5.54 94.54
C THR TC 480 -48.82 -5.89 95.87
N VAL TC 481 -49.81 -6.78 95.84
CA VAL TC 481 -50.36 -7.37 97.06
C VAL TC 481 -50.72 -8.83 96.87
N GLN TC 482 -50.44 -9.65 97.88
CA GLN TC 482 -50.76 -11.08 97.91
C GLN TC 482 -51.55 -11.38 99.17
N SER TC 483 -52.44 -12.37 99.09
CA SER TC 483 -53.15 -12.82 100.28
C SER TC 483 -53.62 -14.26 100.11
N ILE TC 484 -53.84 -14.91 101.25
CA ILE TC 484 -54.53 -16.20 101.32
C ILE TC 484 -56.03 -16.01 101.14
N PRO TC 485 -56.64 -16.61 100.12
CA PRO TC 485 -57.95 -16.14 99.64
C PRO TC 485 -59.02 -15.86 100.71
N PHE TC 486 -59.20 -16.73 101.69
CA PHE TC 486 -60.19 -16.45 102.74
C PHE TC 486 -59.59 -15.70 103.92
N LEU TC 487 -58.39 -16.05 104.36
CA LEU TC 487 -57.90 -15.51 105.63
C LEU TC 487 -57.48 -14.06 105.46
N GLY TC 488 -56.99 -13.69 104.28
CA GLY TC 488 -56.67 -12.31 104.00
C GLY TC 488 -57.83 -11.36 104.15
N LYS TC 489 -59.05 -11.87 104.29
CA LYS TC 489 -60.23 -11.02 104.39
C LYS TC 489 -60.91 -11.11 105.75
N LEU TC 490 -60.29 -11.78 106.69
CA LEU TC 490 -60.75 -11.69 108.08
C LEU TC 490 -60.48 -10.29 108.62
N PRO TC 491 -61.44 -9.67 109.29
CA PRO TC 491 -61.31 -8.23 109.61
C PRO TC 491 -60.11 -7.93 110.51
N LEU TC 492 -59.87 -8.74 111.53
CA LEU TC 492 -58.84 -8.45 112.53
C LEU TC 492 -57.47 -9.02 112.21
N ILE TC 493 -57.37 -10.10 111.45
CA ILE TC 493 -56.10 -10.81 111.32
C ILE TC 493 -55.61 -10.93 109.87
N GLY TC 494 -56.39 -10.50 108.88
CA GLY TC 494 -55.97 -10.64 107.49
C GLY TC 494 -54.57 -10.13 107.24
N SER TC 495 -54.20 -9.05 107.91
CA SER TC 495 -52.84 -8.53 107.80
C SER TC 495 -51.82 -9.57 108.20
N LEU TC 496 -52.21 -10.59 108.96
CA LEU TC 496 -51.30 -11.70 109.18
C LEU TC 496 -51.23 -12.62 107.97
N PHE TC 497 -52.19 -12.50 107.05
CA PHE TC 497 -52.29 -13.35 105.88
C PHE TC 497 -52.19 -12.56 104.58
N ARG TC 498 -51.48 -11.43 104.62
CA ARG TC 498 -51.45 -10.50 103.52
C ARG TC 498 -50.00 -10.03 103.34
N TYR TC 499 -49.68 -9.59 102.12
CA TYR TC 499 -48.34 -9.10 101.81
C TYR TC 499 -48.39 -8.08 100.70
N SER TC 500 -47.83 -6.90 100.93
CA SER TC 500 -47.79 -5.81 99.96
C SER TC 500 -46.37 -5.30 99.75
N SER TC 501 -46.17 -4.67 98.59
CA SER TC 501 -44.89 -4.08 98.20
C SER TC 501 -45.11 -2.87 97.29
N LYS TC 502 -44.33 -1.81 97.52
CA LYS TC 502 -44.37 -0.57 96.77
C LYS TC 502 -43.00 -0.19 96.24
N ASN TC 503 -42.96 0.46 95.08
CA ASN TC 503 -41.70 0.85 94.45
C ASN TC 503 -41.89 2.07 93.56
N LYS TC 504 -41.15 3.15 93.84
CA LYS TC 504 -41.26 4.40 93.08
C LYS TC 504 -39.89 4.95 92.72
N SER TC 505 -39.75 5.48 91.50
CA SER TC 505 -38.48 6.05 91.06
C SER TC 505 -38.68 7.17 90.05
N ASN TC 506 -37.75 8.12 90.06
CA ASN TC 506 -37.72 9.28 89.18
C ASN TC 506 -36.29 9.63 88.80
N VAL TC 507 -36.02 9.88 87.52
CA VAL TC 507 -34.68 10.17 87.05
C VAL TC 507 -34.74 11.28 85.99
N VAL TC 508 -33.78 12.20 86.06
CA VAL TC 508 -33.64 13.31 85.12
C VAL TC 508 -32.18 13.45 84.71
N ARG TC 509 -31.96 13.68 83.41
CA ARG TC 509 -30.60 13.77 82.87
C ARG TC 509 -30.58 14.72 81.68
N VAL TC 510 -29.76 15.76 81.70
CA VAL TC 510 -29.82 16.79 80.66
C VAL TC 510 -28.41 17.26 80.28
N PHE TC 511 -28.29 17.70 79.02
CA PHE TC 511 -27.06 18.24 78.45
C PHE TC 511 -27.27 19.68 77.98
N MET TC 512 -26.45 20.59 78.49
CA MET TC 512 -26.61 22.01 78.23
C MET TC 512 -25.28 22.61 77.84
N ILE TC 513 -25.29 23.50 76.84
CA ILE TC 513 -24.10 23.93 76.14
C ILE TC 513 -24.03 25.45 76.18
N GLU TC 514 -22.81 26.00 76.31
CA GLU TC 514 -22.64 27.39 76.72
C GLU TC 514 -21.30 27.97 76.23
N PRO TC 515 -21.17 28.22 74.94
CA PRO TC 515 -19.88 28.66 74.40
C PRO TC 515 -19.62 30.14 74.66
N LYS TC 516 -18.34 30.51 74.65
CA LYS TC 516 -17.96 31.92 74.74
C LYS TC 516 -16.65 32.15 73.99
N GLU TC 517 -16.46 33.38 73.52
CA GLU TC 517 -15.18 33.79 72.96
C GLU TC 517 -14.15 34.13 74.04
N ILE TC 518 -12.90 33.79 73.76
CA ILE TC 518 -11.75 34.09 74.61
C ILE TC 518 -10.85 35.10 73.89
N VAL TC 519 -10.36 36.09 74.62
CA VAL TC 519 -9.52 37.13 74.04
C VAL TC 519 -8.26 37.38 74.86
N ASP TC 520 -8.41 37.64 76.16
CA ASP TC 520 -7.26 37.91 77.00
C ASP TC 520 -6.59 36.63 77.50
N PRO TC 521 -5.27 36.65 77.66
CA PRO TC 521 -4.60 35.59 78.41
C PRO TC 521 -4.92 35.61 79.89
N LEU TC 522 -4.53 34.52 80.55
CA LEU TC 522 -4.88 34.27 81.94
C LEU TC 522 -4.38 35.37 82.87
N THR TC 523 -5.22 35.72 83.85
CA THR TC 523 -4.83 36.59 84.94
C THR TC 523 -5.36 36.00 86.26
N PRO TC 524 -4.54 35.88 87.31
CA PRO TC 524 -3.08 35.94 87.43
C PRO TC 524 -2.35 34.91 86.60
N ASP TC 525 -1.04 35.07 86.49
CA ASP TC 525 -0.22 34.11 85.76
C ASP TC 525 -0.31 32.71 86.38
N ALA TC 526 -0.21 31.70 85.51
CA ALA TC 526 -0.27 30.32 85.94
C ALA TC 526 0.84 29.98 86.92
N SER TC 527 2.08 30.34 86.57
CA SER TC 527 3.23 30.07 87.43
C SER TC 527 3.17 30.84 88.74
N GLU TC 528 2.39 31.90 88.80
CA GLU TC 528 2.12 32.53 90.08
C GLU TC 528 1.08 31.74 90.87
N SER TC 529 -0.05 31.41 90.25
CA SER TC 529 -1.14 30.80 90.98
C SER TC 529 -0.85 29.37 91.40
N VAL TC 530 0.06 28.69 90.73
CA VAL TC 530 0.51 27.37 91.21
C VAL TC 530 1.13 27.48 92.61
N ASN TC 531 1.93 28.51 92.84
CA ASN TC 531 2.65 28.59 94.11
C ASN TC 531 1.71 28.72 95.29
N ASN TC 532 0.56 29.35 95.12
CA ASN TC 532 -0.42 29.36 96.20
C ASN TC 532 -0.87 27.96 96.55
N ILE TC 533 -1.15 27.13 95.54
CA ILE TC 533 -1.58 25.77 95.81
C ILE TC 533 -0.48 24.99 96.51
N LEU TC 534 0.75 25.12 96.01
CA LEU TC 534 1.86 24.41 96.62
C LEU TC 534 1.99 24.80 98.10
N LYS TC 535 2.19 26.09 98.36
CA LYS TC 535 2.50 26.52 99.71
C LYS TC 535 1.35 26.27 100.67
N GLN TC 536 0.10 26.50 100.24
CA GLN TC 536 -1.02 26.17 101.10
C GLN TC 536 -1.13 24.68 101.36
N SER TC 537 -0.76 23.84 100.40
CA SER TC 537 -0.85 22.40 100.59
C SER TC 537 0.32 21.85 101.40
N GLY TC 538 1.43 22.57 101.47
CA GLY TC 538 2.65 22.08 102.02
C GLY TC 538 3.39 21.07 101.16
N ALA TC 539 2.87 20.72 99.99
CA ALA TC 539 3.73 20.26 98.91
C ALA TC 539 4.54 21.44 98.42
N TRP TC 540 5.85 21.45 98.72
CA TRP TC 540 6.64 22.66 98.55
C TRP TC 540 8.10 22.26 98.50
N SER TC 541 8.79 22.69 97.45
CA SER TC 541 10.15 22.23 97.17
C SER TC 541 11.23 23.23 97.55
N GLY TC 542 10.91 24.52 97.61
CA GLY TC 542 11.91 25.56 97.75
C GLY TC 542 12.66 25.54 99.07
N ASP TC 543 12.28 24.64 99.97
CA ASP TC 543 13.07 24.39 101.18
C ASP TC 543 14.48 23.91 100.88
N ASP TC 544 14.66 23.06 99.85
CA ASP TC 544 15.83 22.19 99.80
C ASP TC 544 16.97 22.76 98.95
N LYS TC 545 18.13 22.89 99.59
CA LYS TC 545 19.30 23.47 98.95
C LYS TC 545 19.68 22.69 97.70
N LEU TC 546 19.72 21.37 97.85
CA LEU TC 546 20.22 20.50 96.81
C LEU TC 546 19.27 20.47 95.62
N GLN TC 547 17.97 20.62 95.85
CA GLN TC 547 17.08 20.73 94.70
C GLN TC 547 17.14 22.12 94.07
N LYS TC 548 17.22 23.19 94.89
CA LYS TC 548 17.16 24.52 94.31
C LYS TC 548 18.41 24.89 93.53
N TRP TC 549 19.51 24.16 93.75
CA TRP TC 549 20.65 24.28 92.84
C TRP TC 549 20.27 24.03 91.39
N VAL TC 550 19.37 23.10 91.13
CA VAL TC 550 18.92 22.88 89.76
C VAL TC 550 17.68 23.69 89.45
N ARG TC 551 16.69 23.64 90.34
CA ARG TC 551 15.41 24.27 90.04
C ARG TC 551 15.59 25.73 89.71
N VAL TC 552 16.66 26.36 90.18
CA VAL TC 552 16.91 27.75 89.80
C VAL TC 552 17.05 27.93 88.30
N TYR TC 553 17.38 26.89 87.54
CA TYR TC 553 17.30 26.99 86.08
C TYR TC 553 15.88 27.01 85.53
N LEU TC 554 14.90 26.46 86.25
CA LEU TC 554 13.59 26.23 85.66
C LEU TC 554 12.52 27.18 86.16
N ASP TC 555 12.38 27.36 87.46
CA ASP TC 555 11.22 28.07 87.99
C ASP TC 555 11.41 29.57 88.02
N ARG TC 556 12.66 30.05 88.03
CA ARG TC 556 12.90 31.48 87.94
C ARG TC 556 12.45 32.07 86.62
N GLY TC 557 12.32 31.25 85.58
CA GLY TC 557 11.95 31.75 84.27
C GLY TC 557 13.20 32.20 83.54
N GLU UC 26 65.26 68.41 -31.96
CA GLU UC 26 64.47 67.31 -31.42
C GLU UC 26 63.10 67.34 -32.06
N LYS UC 27 62.46 66.17 -32.21
CA LYS UC 27 61.07 66.17 -32.65
C LYS UC 27 60.10 66.72 -31.61
N ILE UC 28 60.55 67.01 -30.39
CA ILE UC 28 59.67 67.51 -29.33
C ILE UC 28 60.16 68.88 -28.86
N PRO UC 29 59.99 69.92 -29.65
CA PRO UC 29 60.52 71.25 -29.33
C PRO UC 29 59.66 72.03 -28.34
N VAL UC 30 59.40 71.45 -27.17
CA VAL UC 30 58.65 72.14 -26.11
C VAL UC 30 59.46 72.09 -24.82
N THR UC 31 59.41 73.18 -24.06
CA THR UC 31 60.43 73.48 -23.07
C THR UC 31 60.20 72.79 -21.72
N GLY UC 32 58.97 72.78 -21.22
CA GLY UC 32 58.74 72.32 -19.85
C GLY UC 32 58.59 70.83 -19.66
N SER UC 33 57.59 70.42 -18.88
CA SER UC 33 57.09 69.06 -18.90
C SER UC 33 55.59 69.04 -18.63
N GLY UC 34 54.92 68.06 -19.20
CA GLY UC 34 53.48 67.95 -19.02
C GLY UC 34 52.90 66.96 -20.02
N PHE UC 35 51.58 66.96 -20.11
CA PHE UC 35 50.86 66.15 -21.07
C PHE UC 35 49.92 67.03 -21.86
N VAL UC 36 49.98 66.95 -23.17
CA VAL UC 36 49.13 67.76 -24.03
C VAL UC 36 48.09 66.81 -24.61
N ALA UC 37 46.89 66.84 -24.04
CA ALA UC 37 45.77 66.09 -24.58
C ALA UC 37 45.17 66.85 -25.73
N LYS UC 38 44.73 66.12 -26.76
CA LYS UC 38 43.90 66.72 -27.78
C LYS UC 38 42.83 65.73 -28.20
N ASP UC 39 41.63 65.92 -27.66
CA ASP UC 39 40.49 65.04 -27.93
C ASP UC 39 40.80 63.59 -27.60
N ASP UC 40 41.14 63.36 -26.34
CA ASP UC 40 41.51 62.05 -25.84
C ASP UC 40 40.36 61.42 -25.08
N SER UC 41 40.04 60.18 -25.40
CA SER UC 41 39.18 59.41 -24.52
C SER UC 41 39.78 59.34 -23.13
N LEU UC 42 38.94 59.42 -22.12
CA LEU UC 42 39.45 59.38 -20.76
C LEU UC 42 40.31 58.16 -20.48
N ARG UC 43 40.08 57.04 -21.17
CA ARG UC 43 40.97 55.90 -20.96
C ARG UC 43 42.40 56.23 -21.33
N THR UC 44 42.60 56.81 -22.50
CA THR UC 44 43.94 57.13 -22.96
C THR UC 44 44.52 58.34 -22.27
N PHE UC 45 43.68 59.14 -21.62
CA PHE UC 45 44.21 60.22 -20.81
C PHE UC 45 44.67 59.74 -19.44
N PHE UC 46 43.85 58.97 -18.73
CA PHE UC 46 44.23 58.51 -17.41
C PHE UC 46 45.35 57.48 -17.46
N ASP UC 47 45.51 56.76 -18.56
CA ASP UC 47 46.72 55.97 -18.69
C ASP UC 47 47.98 56.82 -18.60
N ALA UC 48 47.97 58.00 -19.21
CA ALA UC 48 49.14 58.86 -19.11
C ALA UC 48 49.40 59.30 -17.68
N MET UC 49 48.39 59.29 -16.84
CA MET UC 49 48.52 59.67 -15.44
C MET UC 49 48.92 58.51 -14.56
N ALA UC 50 48.84 57.29 -15.10
CA ALA UC 50 49.05 56.12 -14.28
C ALA UC 50 50.48 56.00 -13.75
N LEU UC 51 51.48 56.50 -14.48
CA LEU UC 51 52.85 56.38 -13.97
C LEU UC 51 53.11 57.29 -12.78
N GLN UC 52 52.56 58.50 -12.79
CA GLN UC 52 52.67 59.37 -11.62
C GLN UC 52 51.85 58.84 -10.45
N LEU UC 53 50.70 58.25 -10.74
CA LEU UC 53 49.95 57.55 -9.71
C LEU UC 53 50.65 56.30 -9.22
N LYS UC 54 51.53 55.72 -10.01
CA LYS UC 54 52.22 54.48 -9.66
C LYS UC 54 51.26 53.31 -9.50
N GLU UC 55 50.12 53.36 -10.19
CA GLU UC 55 49.11 52.33 -10.09
C GLU UC 55 48.46 52.11 -11.44
N PRO UC 56 48.11 50.87 -11.78
CA PRO UC 56 47.33 50.63 -12.99
C PRO UC 56 45.90 51.15 -12.83
N VAL UC 57 45.36 51.72 -13.91
CA VAL UC 57 44.03 52.33 -13.88
C VAL UC 57 43.09 51.54 -14.76
N ILE UC 58 41.92 51.24 -14.21
CA ILE UC 58 40.80 50.57 -14.87
C ILE UC 58 39.64 51.55 -15.06
N VAL UC 59 39.19 51.72 -16.31
CA VAL UC 59 38.13 52.67 -16.62
C VAL UC 59 36.96 51.95 -17.28
N SER UC 60 35.77 52.16 -16.73
CA SER UC 60 34.51 51.71 -17.30
C SER UC 60 34.24 52.28 -18.69
N LYS UC 61 33.62 51.47 -19.56
CA LYS UC 61 33.22 51.90 -20.90
C LYS UC 61 32.35 53.15 -20.91
N MET UC 62 31.42 53.24 -19.97
CA MET UC 62 30.54 54.40 -19.88
C MET UC 62 31.34 55.67 -19.64
N ALA UC 63 32.34 55.62 -18.79
CA ALA UC 63 33.21 56.77 -18.60
C ALA UC 63 34.12 56.99 -19.79
N ALA UC 64 34.60 55.92 -20.40
CA ALA UC 64 35.45 56.01 -21.57
C ALA UC 64 34.75 56.62 -22.77
N ARG UC 65 33.45 56.81 -22.72
CA ARG UC 65 32.80 57.62 -23.77
C ARG UC 65 33.06 59.12 -23.69
N LYS UC 66 33.48 59.66 -22.55
CA LYS UC 66 33.76 61.08 -22.39
C LYS UC 66 35.11 61.49 -22.99
N LYS UC 67 35.24 62.78 -23.32
CA LYS UC 67 36.40 63.32 -24.01
C LYS UC 67 36.99 64.49 -23.24
N ILE UC 68 38.27 64.79 -23.48
CA ILE UC 68 38.91 65.94 -22.86
C ILE UC 68 39.97 66.52 -23.79
N THR UC 69 40.21 67.83 -23.65
CA THR UC 69 41.26 68.55 -24.38
C THR UC 69 41.92 69.58 -23.48
N GLY UC 70 43.24 69.72 -23.55
CA GLY UC 70 43.93 70.72 -22.77
C GLY UC 70 45.38 70.35 -22.52
N ASN UC 71 46.03 71.16 -21.68
CA ASN UC 71 47.43 70.99 -21.28
C ASN UC 71 47.56 70.88 -19.77
N PHE UC 72 48.08 69.74 -19.28
CA PHE UC 72 47.93 69.39 -17.87
C PHE UC 72 49.25 69.11 -17.18
N GLU UC 73 49.32 69.52 -15.92
CA GLU UC 73 50.44 69.29 -15.00
C GLU UC 73 50.09 68.15 -14.03
N PHE UC 74 50.68 66.98 -14.21
CA PHE UC 74 50.46 65.88 -13.27
C PHE UC 74 51.33 65.97 -12.02
N HIS UC 75 51.44 67.16 -11.43
CA HIS UC 75 52.38 67.35 -10.32
C HIS UC 75 51.94 66.66 -9.03
N ASP UC 76 50.64 66.66 -8.72
CA ASP UC 76 50.14 65.99 -7.51
C ASP UC 76 48.90 65.17 -7.82
N PRO UC 77 49.09 63.93 -8.28
CA PRO UC 77 48.01 63.21 -8.95
C PRO UC 77 46.76 63.05 -8.11
N ASN UC 78 46.87 62.72 -6.83
CA ASN UC 78 45.66 62.54 -6.03
C ASN UC 78 44.82 63.81 -6.01
N ALA UC 79 45.48 64.95 -5.79
CA ALA UC 79 44.76 66.21 -5.72
C ALA UC 79 44.19 66.62 -7.07
N LEU UC 80 44.83 66.21 -8.16
CA LEU UC 80 44.23 66.47 -9.47
C LEU UC 80 43.03 65.57 -9.72
N LEU UC 81 43.19 64.28 -9.43
CA LEU UC 81 42.14 63.31 -9.66
C LEU UC 81 40.88 63.65 -8.87
N GLU UC 82 41.03 64.05 -7.61
CA GLU UC 82 39.88 64.50 -6.84
C GLU UC 82 39.13 65.64 -7.52
N LYS UC 83 39.85 66.64 -8.01
CA LYS UC 83 39.19 67.78 -8.62
C LYS UC 83 38.47 67.38 -9.90
N LEU UC 84 39.17 66.68 -10.79
CA LEU UC 84 38.55 66.29 -12.03
C LEU UC 84 37.35 65.37 -11.83
N SER UC 85 37.35 64.53 -10.80
CA SER UC 85 36.16 63.76 -10.50
C SER UC 85 34.92 64.64 -10.35
N LEU UC 86 35.05 65.73 -9.61
CA LEU UC 86 33.92 66.63 -9.39
C LEU UC 86 33.58 67.45 -10.62
N GLN UC 87 34.57 67.77 -11.44
CA GLN UC 87 34.26 68.56 -12.62
C GLN UC 87 33.65 67.71 -13.73
N LEU UC 88 34.00 66.44 -13.85
CA LEU UC 88 33.56 65.62 -14.96
C LEU UC 88 32.45 64.65 -14.56
N GLY UC 89 32.12 64.57 -13.28
CA GLY UC 89 31.12 63.64 -12.80
C GLY UC 89 31.52 62.20 -12.63
N LEU UC 90 32.78 61.92 -12.40
CA LEU UC 90 33.25 60.57 -12.19
C LEU UC 90 33.21 60.23 -10.71
N ILE UC 91 33.37 58.95 -10.40
CA ILE UC 91 33.56 58.46 -9.05
C ILE UC 91 34.74 57.50 -9.14
N TRP UC 92 35.51 57.41 -8.07
CA TRP UC 92 36.70 56.59 -8.10
C TRP UC 92 37.00 55.93 -6.77
N TYR UC 93 37.72 54.81 -6.85
CA TYR UC 93 38.06 54.01 -5.69
C TYR UC 93 39.47 53.44 -5.84
N PHE UC 94 40.07 53.06 -4.71
CA PHE UC 94 41.43 52.50 -4.68
C PHE UC 94 41.53 51.42 -3.62
N ASP UC 95 41.67 50.18 -4.07
CA ASP UC 95 41.74 48.99 -3.22
C ASP UC 95 43.15 48.61 -2.79
N GLY UC 96 44.16 49.37 -3.18
CA GLY UC 96 45.55 49.09 -2.87
C GLY UC 96 46.36 48.54 -4.02
N GLN UC 97 45.73 48.03 -5.07
CA GLN UC 97 46.42 47.46 -6.21
C GLN UC 97 46.13 48.21 -7.50
N ALA UC 98 44.92 48.73 -7.69
CA ALA UC 98 44.57 49.43 -8.91
C ALA UC 98 43.53 50.48 -8.61
N ILE UC 99 43.52 51.53 -9.41
CA ILE UC 99 42.51 52.59 -9.32
C ILE UC 99 41.36 52.33 -10.31
N TYR UC 100 40.13 52.35 -9.81
CA TYR UC 100 38.92 52.10 -10.59
C TYR UC 100 38.12 53.37 -10.71
N ILE UC 101 37.78 53.76 -11.95
CA ILE UC 101 37.03 54.98 -12.22
C ILE UC 101 35.76 54.65 -13.00
N TYR UC 102 34.63 55.12 -12.49
CA TYR UC 102 33.30 54.90 -13.04
C TYR UC 102 32.55 56.20 -13.22
N ASP UC 103 31.52 56.15 -14.06
CA ASP UC 103 30.58 57.26 -14.17
C ASP UC 103 29.68 57.30 -12.93
N ALA UC 104 29.39 58.51 -12.47
CA ALA UC 104 28.50 58.73 -11.32
C ALA UC 104 27.15 58.01 -11.40
N SER UC 105 26.58 57.87 -12.59
CA SER UC 105 25.30 57.17 -12.72
C SER UC 105 25.36 55.70 -12.34
N GLU UC 106 26.53 55.12 -12.20
CA GLU UC 106 26.69 53.72 -11.80
C GLU UC 106 26.65 53.44 -10.30
N MET UC 107 26.52 54.44 -9.44
CA MET UC 107 26.47 54.20 -8.00
C MET UC 107 25.54 53.04 -7.63
N ARG UC 108 25.99 52.21 -6.69
CA ARG UC 108 25.24 51.08 -6.15
C ARG UC 108 24.94 51.32 -4.67
N ASN UC 109 23.85 50.75 -4.18
CA ASN UC 109 23.52 50.86 -2.77
C ASN UC 109 22.84 49.58 -2.31
N ALA UC 110 23.04 49.23 -1.05
CA ALA UC 110 22.47 48.00 -0.51
C ALA UC 110 22.32 48.08 0.99
N VAL UC 111 21.35 47.31 1.49
CA VAL UC 111 21.07 47.11 2.90
C VAL UC 111 21.55 45.73 3.32
N VAL UC 112 22.32 45.68 4.41
CA VAL UC 112 22.88 44.43 4.92
C VAL UC 112 22.41 44.22 6.34
N SER UC 113 22.14 42.97 6.68
CA SER UC 113 21.73 42.57 8.03
C SER UC 113 22.58 41.42 8.50
N LEU UC 114 23.24 41.61 9.63
CA LEU UC 114 24.14 40.67 10.29
C LEU UC 114 23.57 40.25 11.63
N ARG UC 115 23.67 38.96 11.90
CA ARG UC 115 23.17 38.36 13.13
C ARG UC 115 24.24 38.18 14.19
N ASN UC 116 25.46 37.82 13.79
CA ASN UC 116 26.51 37.49 14.72
C ASN UC 116 27.58 38.56 14.91
N VAL UC 117 27.63 39.61 14.09
CA VAL UC 117 28.75 40.55 14.12
C VAL UC 117 28.21 41.97 14.17
N SER UC 118 28.76 42.77 15.08
CA SER UC 118 28.48 44.21 15.17
C SER UC 118 29.12 45.02 14.06
N LEU UC 119 28.42 46.10 13.69
CA LEU UC 119 28.93 47.06 12.72
C LEU UC 119 30.35 47.49 13.02
N ASN UC 120 30.62 47.93 14.26
CA ASN UC 120 31.96 48.36 14.58
C ASN UC 120 32.97 47.22 14.51
N GLU UC 121 32.54 45.99 14.78
CA GLU UC 121 33.45 44.87 14.59
C GLU UC 121 33.85 44.75 13.13
N PHE UC 122 32.89 44.90 12.24
CA PHE UC 122 33.21 44.84 10.82
C PHE UC 122 34.13 45.99 10.41
N ASN UC 123 33.89 47.18 10.97
CA ASN UC 123 34.80 48.29 10.66
C ASN UC 123 36.25 47.93 10.93
N ASN UC 124 36.54 47.34 12.08
CA ASN UC 124 37.91 46.92 12.39
C ASN UC 124 38.48 46.03 11.29
N PHE UC 125 37.68 45.11 10.78
CA PHE UC 125 38.14 44.28 9.68
C PHE UC 125 38.52 45.13 8.49
N LEU UC 126 37.63 46.02 8.05
CA LEU UC 126 37.98 46.91 6.94
C LEU UC 126 39.26 47.70 7.19
N LYS UC 127 39.43 48.24 8.40
CA LYS UC 127 40.63 49.04 8.67
C LYS UC 127 41.89 48.19 8.60
N ARG UC 128 41.90 47.05 9.27
CA ARG UC 128 43.06 46.17 9.17
C ARG UC 128 43.35 45.81 7.73
N SER UC 129 42.31 45.51 6.96
CA SER UC 129 42.48 45.22 5.55
C SER UC 129 43.07 46.37 4.76
N GLY UC 130 42.86 47.61 5.20
CA GLY UC 130 43.30 48.72 4.37
C GLY UC 130 42.36 48.97 3.23
N LEU UC 131 41.11 48.58 3.41
CA LEU UC 131 40.00 48.70 2.46
C LEU UC 131 39.07 49.84 2.81
N TYR UC 132 39.09 50.31 4.06
CA TYR UC 132 38.20 51.37 4.47
C TYR UC 132 38.39 52.60 3.61
N ASN UC 133 37.30 53.33 3.42
CA ASN UC 133 37.24 54.53 2.58
C ASN UC 133 36.32 55.55 3.23
N LYS UC 134 36.87 56.60 3.79
CA LYS UC 134 36.06 57.60 4.48
C LYS UC 134 35.15 58.42 3.59
N ASN UC 135 35.22 58.30 2.26
CA ASN UC 135 34.20 58.96 1.43
C ASN UC 135 32.88 58.20 1.39
N TYR UC 136 32.89 56.90 1.59
CA TYR UC 136 31.69 56.06 1.48
C TYR UC 136 31.50 55.18 2.71
N PRO UC 137 31.58 55.74 3.90
CA PRO UC 137 31.55 54.91 5.11
C PRO UC 137 30.20 54.25 5.31
N LEU UC 138 30.21 53.23 6.15
CA LEU UC 138 28.96 52.55 6.50
C LEU UC 138 28.13 53.41 7.42
N ARG UC 139 26.81 53.29 7.28
CA ARG UC 139 25.88 54.10 8.05
C ARG UC 139 24.93 53.20 8.83
N GLY UC 140 24.86 53.38 10.14
CA GLY UC 140 24.00 52.55 10.96
C GLY UC 140 24.28 52.71 12.43
N ASP UC 141 23.83 51.75 13.21
CA ASP UC 141 24.02 51.75 14.67
C ASP UC 141 25.17 50.83 15.07
N ASN UC 142 26.24 51.43 15.62
CA ASN UC 142 27.39 50.65 16.07
C ASN UC 142 26.97 49.44 16.90
N ARG UC 143 25.92 49.57 17.69
CA ARG UC 143 25.52 48.51 18.61
C ARG UC 143 24.63 47.45 17.96
N LYS UC 144 24.01 47.75 16.84
CA LYS UC 144 23.08 46.83 16.21
C LYS UC 144 23.74 46.14 15.01
N GLY UC 145 22.98 45.26 14.37
CA GLY UC 145 23.46 44.56 13.21
C GLY UC 145 22.80 44.83 11.87
N THR UC 146 22.53 46.07 11.54
CA THR UC 146 21.86 46.37 10.28
C THR UC 146 22.40 47.70 9.79
N PHE UC 147 22.76 47.76 8.52
CA PHE UC 147 23.34 48.98 8.01
C PHE UC 147 23.07 49.14 6.52
N TYR UC 148 23.29 50.36 6.06
CA TYR UC 148 23.17 50.77 4.66
C TYR UC 148 24.52 51.20 4.12
N VAL UC 149 24.83 50.82 2.89
CA VAL UC 149 26.10 51.16 2.25
C VAL UC 149 25.87 51.48 0.79
N SER UC 150 26.55 52.50 0.29
CA SER UC 150 26.45 52.85 -1.12
C SER UC 150 27.78 53.37 -1.64
N GLY UC 151 28.08 53.08 -2.89
CA GLY UC 151 29.32 53.48 -3.50
C GLY UC 151 29.60 52.82 -4.84
N PRO UC 152 30.83 52.92 -5.32
CA PRO UC 152 31.19 52.25 -6.54
C PRO UC 152 30.93 50.76 -6.48
N PRO UC 153 30.57 50.15 -7.61
CA PRO UC 153 30.32 48.71 -7.70
C PRO UC 153 31.28 47.78 -6.98
N VAL UC 154 32.57 47.93 -7.25
CA VAL UC 154 33.56 47.04 -6.64
C VAL UC 154 33.47 47.08 -5.12
N TYR UC 155 33.43 48.28 -4.57
CA TYR UC 155 33.40 48.43 -3.12
C TYR UC 155 32.13 47.83 -2.54
N VAL UC 156 30.98 48.13 -3.16
CA VAL UC 156 29.74 47.57 -2.66
C VAL UC 156 29.77 46.04 -2.67
N ASP UC 157 30.08 45.44 -3.82
CA ASP UC 157 30.13 43.99 -3.90
C ASP UC 157 31.05 43.37 -2.86
N MET UC 158 32.28 43.89 -2.76
CA MET UC 158 33.19 43.34 -1.77
C MET UC 158 32.61 43.41 -0.37
N VAL UC 159 32.13 44.58 0.04
CA VAL UC 159 31.52 44.71 1.36
C VAL UC 159 30.42 43.67 1.60
N VAL UC 160 29.45 43.60 0.70
CA VAL UC 160 28.34 42.66 0.90
C VAL UC 160 28.82 41.22 1.05
N ASN UC 161 29.74 40.79 0.19
CA ASN UC 161 30.24 39.42 0.29
C ASN UC 161 30.98 39.18 1.59
N ALA UC 162 32.02 39.96 1.84
CA ALA UC 162 32.77 39.84 3.08
C ALA UC 162 31.88 39.76 4.30
N ALA UC 163 30.98 40.72 4.48
CA ALA UC 163 30.10 40.68 5.64
C ALA UC 163 29.27 39.40 5.73
N THR UC 164 28.70 38.95 4.62
CA THR UC 164 27.93 37.71 4.67
C THR UC 164 28.77 36.52 5.10
N MET UC 165 30.01 36.44 4.63
CA MET UC 165 30.87 35.34 5.05
C MET UC 165 31.29 35.45 6.51
N MET UC 166 31.64 36.64 6.97
CA MET UC 166 31.92 36.81 8.40
C MET UC 166 30.78 36.27 9.24
N ASP UC 167 29.56 36.68 8.90
CA ASP UC 167 28.41 36.24 9.68
C ASP UC 167 28.23 34.73 9.63
N LYS UC 168 28.41 34.12 8.47
CA LYS UC 168 28.23 32.67 8.42
C LYS UC 168 29.30 31.94 9.22
N GLN UC 169 30.57 32.34 9.09
CA GLN UC 169 31.61 31.64 9.82
C GLN UC 169 31.42 31.75 11.32
N ASN UC 170 30.90 32.87 11.80
CA ASN UC 170 30.68 32.98 13.25
C ASN UC 170 29.57 32.08 13.78
N ASP UC 171 28.87 31.32 12.94
CA ASP UC 171 28.04 30.22 13.42
C ASP UC 171 28.84 29.05 13.99
N GLY UC 172 30.13 28.98 13.74
CA GLY UC 172 30.98 27.99 14.38
C GLY UC 172 31.59 28.38 15.71
N ILE UC 173 31.54 29.66 16.05
CA ILE UC 173 32.04 30.11 17.34
C ILE UC 173 30.97 29.93 18.40
N GLU UC 174 31.41 29.87 19.67
CA GLU UC 174 30.51 29.72 20.81
C GLU UC 174 30.88 30.68 21.93
N LEU UC 175 29.85 31.29 22.52
CA LEU UC 175 29.96 32.24 23.60
C LEU UC 175 29.66 31.66 24.98
N GLY UC 176 28.76 30.71 25.08
CA GLY UC 176 28.13 30.35 26.34
C GLY UC 176 28.91 29.38 27.19
N ARG UC 177 30.14 29.72 27.52
CA ARG UC 177 30.91 28.94 28.47
C ARG UC 177 30.23 28.94 29.83
N GLN UC 178 30.01 27.74 30.36
CA GLN UC 178 29.43 27.59 31.68
C GLN UC 178 30.46 27.93 32.75
N LYS UC 179 29.98 28.37 33.91
CA LYS UC 179 30.79 28.48 35.10
C LYS UC 179 30.13 27.75 36.27
N ILE UC 180 30.96 27.39 37.23
CA ILE UC 180 30.59 26.65 38.44
C ILE UC 180 30.80 27.50 39.68
N GLY UC 181 29.74 27.72 40.45
CA GLY UC 181 29.84 28.33 41.77
C GLY UC 181 29.70 27.31 42.88
N VAL UC 182 30.62 27.36 43.84
CA VAL UC 182 30.54 26.56 45.05
C VAL UC 182 30.11 27.47 46.21
N MET UC 183 28.96 27.17 46.83
CA MET UC 183 28.42 28.05 47.86
C MET UC 183 28.11 27.27 49.13
N ARG UC 184 28.88 27.53 50.19
CA ARG UC 184 28.62 26.98 51.51
C ARG UC 184 27.43 27.61 52.21
N LEU UC 185 26.52 26.78 52.73
CA LEU UC 185 25.45 27.24 53.61
C LEU UC 185 25.93 27.42 55.05
N ASN UC 186 25.70 28.60 55.60
CA ASN UC 186 26.16 28.97 56.93
C ASN UC 186 25.15 28.69 58.03
N ASN UC 187 23.86 28.58 57.71
CA ASN UC 187 22.83 28.50 58.74
C ASN UC 187 21.91 27.28 58.67
N THR UC 188 22.12 26.34 57.77
CA THR UC 188 21.18 25.24 57.67
C THR UC 188 21.82 24.06 56.95
N PHE UC 189 21.24 22.88 57.16
CA PHE UC 189 21.66 21.68 56.46
C PHE UC 189 21.20 21.68 55.01
N VAL UC 190 22.11 21.27 54.12
CA VAL UC 190 21.82 21.23 52.70
C VAL UC 190 20.76 20.18 52.36
N GLY UC 191 20.87 18.99 52.93
CA GLY UC 191 19.94 17.94 52.57
C GLY UC 191 18.54 18.11 53.13
N ASP UC 192 17.60 17.48 52.43
CA ASP UC 192 16.22 17.35 52.85
C ASP UC 192 16.11 16.44 54.07
N ARG UC 193 15.06 16.63 54.85
CA ARG UC 193 14.88 15.88 56.09
C ARG UC 193 13.48 15.29 56.18
N THR UC 194 13.41 14.14 56.85
CA THR UC 194 12.16 13.45 57.09
C THR UC 194 11.98 13.24 58.58
N TYR UC 195 10.81 13.64 59.09
CA TYR UC 195 10.44 13.51 60.48
C TYR UC 195 9.32 12.49 60.59
N ASN UC 196 9.69 11.29 61.00
CA ASN UC 196 8.78 10.19 61.24
C ASN UC 196 8.02 10.44 62.54
N LEU UC 197 6.96 11.25 62.44
CA LEU UC 197 6.11 11.39 63.61
C LEU UC 197 5.51 10.02 63.89
N ARG UC 198 5.38 9.71 65.18
CA ARG UC 198 4.79 8.45 65.57
C ARG UC 198 3.48 8.17 64.86
N ASP UC 199 2.78 9.22 64.42
CA ASP UC 199 1.53 9.07 63.70
C ASP UC 199 1.65 9.34 62.21
N GLN UC 200 2.67 10.07 61.77
CA GLN UC 200 2.75 10.54 60.40
C GLN UC 200 4.18 10.83 60.02
N LYS UC 201 4.55 10.47 58.79
CA LYS UC 201 5.82 10.83 58.20
C LYS UC 201 5.69 12.15 57.43
N MET UC 202 6.61 13.08 57.68
CA MET UC 202 6.51 14.42 57.08
C MET UC 202 7.88 14.80 56.55
N VAL UC 203 7.89 15.53 55.44
CA VAL UC 203 9.13 15.84 54.73
C VAL UC 203 9.33 17.34 54.59
N ILE UC 204 10.57 17.78 54.81
CA ILE UC 204 11.00 19.15 54.61
C ILE UC 204 12.05 19.11 53.52
N PRO UC 205 11.77 19.62 52.33
CA PRO UC 205 12.74 19.57 51.24
C PRO UC 205 13.91 20.52 51.42
N GLY UC 206 15.03 20.15 50.78
CA GLY UC 206 16.18 21.02 50.69
C GLY UC 206 16.07 22.06 49.60
N ILE UC 207 16.89 23.10 49.78
CA ILE UC 207 16.93 24.23 48.84
C ILE UC 207 17.13 23.74 47.41
N ALA UC 208 18.06 22.81 47.21
CA ALA UC 208 18.28 22.27 45.87
C ALA UC 208 16.99 21.73 45.27
N THR UC 209 16.28 20.89 46.02
CA THR UC 209 15.03 20.34 45.53
C THR UC 209 14.02 21.43 45.22
N ALA UC 210 13.78 22.32 46.17
CA ALA UC 210 12.84 23.42 45.95
C ALA UC 210 13.15 24.24 44.70
N ILE UC 211 14.39 24.68 44.54
CA ILE UC 211 14.75 25.49 43.39
C ILE UC 211 14.64 24.71 42.09
N GLU UC 212 15.18 23.49 42.04
CA GLU UC 212 15.01 22.70 40.83
C GLU UC 212 13.55 22.58 40.46
N ARG UC 213 12.70 22.16 41.39
CA ARG UC 213 11.27 22.05 41.11
C ARG UC 213 10.67 23.37 40.61
N LEU UC 214 11.11 24.50 41.16
CA LEU UC 214 10.63 25.79 40.69
C LEU UC 214 11.01 26.09 39.26
N LEU UC 215 12.29 25.96 38.92
CA LEU UC 215 12.76 26.30 37.58
C LEU UC 215 12.43 25.28 36.50
N GLN UC 216 12.21 24.03 36.86
CA GLN UC 216 12.03 22.95 35.89
C GLN UC 216 11.07 23.30 34.76
N GLY UC 217 11.58 23.14 33.53
CA GLY UC 217 10.89 23.45 32.29
C GLY UC 217 10.76 24.89 31.88
N GLU UC 218 11.43 25.81 32.57
CA GLU UC 218 11.39 27.21 32.17
C GLU UC 218 12.01 27.41 30.78
N GLU UC 219 11.44 28.34 30.03
CA GLU UC 219 11.90 28.70 28.68
C GLU UC 219 12.60 30.06 28.62
N GLN UC 220 12.22 31.00 29.47
CA GLN UC 220 12.68 32.38 29.42
C GLN UC 220 13.81 32.63 30.42
N PRO UC 221 14.56 33.71 30.24
CA PRO UC 221 15.59 34.09 31.23
C PRO UC 221 15.01 34.51 32.57
N LEU UC 222 15.91 34.57 33.55
CA LEU UC 222 15.71 35.12 34.89
C LEU UC 222 16.09 36.58 34.98
N GLY UC 223 15.62 37.22 36.05
CA GLY UC 223 16.01 38.58 36.34
C GLY UC 223 15.37 39.12 37.61
N ASN UC 224 16.05 40.09 38.23
CA ASN UC 224 15.55 40.84 39.37
C ASN UC 224 15.02 39.92 40.48
N ILE UC 225 15.92 39.12 41.04
CA ILE UC 225 15.63 38.35 42.23
C ILE UC 225 15.28 39.32 43.36
N VAL UC 226 14.13 39.12 44.00
CA VAL UC 226 13.70 40.00 45.07
C VAL UC 226 13.18 39.18 46.24
N SER UC 227 13.25 39.78 47.42
CA SER UC 227 12.65 39.20 48.62
C SER UC 227 11.14 39.16 48.51
N MET UC 252 27.76 47.00 21.01
CA MET UC 252 27.90 46.11 22.16
C MET UC 252 26.58 45.50 22.56
N SER UC 253 25.50 46.29 22.48
CA SER UC 253 24.21 45.82 22.96
C SER UC 253 23.87 44.45 22.40
N LEU UC 254 24.24 44.21 21.14
CA LEU UC 254 23.99 42.89 20.55
C LEU UC 254 24.65 41.76 21.32
N GLN UC 255 25.85 41.99 21.84
CA GLN UC 255 26.53 40.95 22.62
C GLN UC 255 25.79 40.65 23.92
N GLU UC 256 25.43 41.68 24.69
CA GLU UC 256 24.65 41.45 25.90
C GLU UC 256 23.29 40.82 25.58
N ALA UC 257 22.63 41.29 24.53
CA ALA UC 257 21.36 40.71 24.11
C ALA UC 257 21.49 39.24 23.79
N LEU UC 258 22.65 38.81 23.32
CA LEU UC 258 22.84 37.39 23.05
C LEU UC 258 23.20 36.61 24.31
N LYS UC 259 24.13 37.13 25.10
CA LYS UC 259 24.56 36.44 26.31
C LYS UC 259 23.42 36.26 27.31
N GLN UC 260 22.61 37.29 27.50
CA GLN UC 260 21.50 37.26 28.43
C GLN UC 260 20.29 36.50 27.92
N ASN UC 261 20.43 35.77 26.82
CA ASN UC 261 19.34 34.98 26.27
C ASN UC 261 19.21 33.59 26.91
N ALA UC 262 20.20 33.13 27.67
CA ALA UC 262 20.19 31.76 28.18
C ALA UC 262 19.02 31.49 29.10
N ALA UC 263 18.35 30.35 28.86
CA ALA UC 263 17.15 29.95 29.58
C ALA UC 263 17.45 29.42 30.98
N ALA UC 264 16.59 29.82 31.92
CA ALA UC 264 16.65 29.34 33.30
C ALA UC 264 16.71 27.83 33.42
N GLY UC 265 15.98 27.11 32.57
CA GLY UC 265 15.97 25.66 32.66
C GLY UC 265 17.32 24.98 32.57
N ASN UC 266 18.35 25.63 32.02
CA ASN UC 266 19.68 25.04 32.01
C ASN UC 266 20.40 25.12 33.35
N ILE UC 267 19.98 25.99 34.26
CA ILE UC 267 20.66 26.09 35.54
C ILE UC 267 20.57 24.74 36.24
N LYS UC 268 21.68 24.32 36.85
CA LYS UC 268 21.66 23.08 37.64
C LYS UC 268 22.22 23.31 39.03
N ILE UC 269 21.52 22.79 40.04
CA ILE UC 269 22.00 22.75 41.42
C ILE UC 269 22.22 21.31 41.86
N VAL UC 270 23.34 21.03 42.51
CA VAL UC 270 23.61 19.74 43.14
C VAL UC 270 23.98 19.94 44.60
N ALA UC 271 23.37 19.15 45.48
CA ALA UC 271 23.67 19.14 46.91
C ALA UC 271 24.92 18.33 47.22
N TYR UC 272 25.82 18.86 48.07
CA TYR UC 272 27.04 18.15 48.43
C TYR UC 272 27.20 18.21 49.94
N PRO UC 273 26.54 17.30 50.67
CA PRO UC 273 26.58 17.30 52.13
C PRO UC 273 27.96 17.19 52.76
N ASP UC 274 28.96 16.66 52.06
CA ASP UC 274 30.27 16.46 52.67
C ASP UC 274 30.84 17.75 53.25
N THR UC 275 30.67 18.86 52.54
CA THR UC 275 31.11 20.17 52.98
C THR UC 275 29.92 21.06 53.27
N ASN UC 276 28.71 20.51 53.21
CA ASN UC 276 27.49 21.29 53.39
C ASN UC 276 27.42 22.44 52.40
N SER UC 277 27.62 22.12 51.12
CA SER UC 277 27.73 23.16 50.10
C SER UC 277 26.96 22.77 48.85
N LEU UC 278 26.42 23.79 48.17
CA LEU UC 278 25.79 23.60 46.86
C LEU UC 278 26.77 23.84 45.73
N LEU UC 279 26.71 22.99 44.73
CA LEU UC 279 27.35 23.24 43.45
C LEU UC 279 26.31 23.78 42.47
N VAL UC 280 26.64 24.88 41.80
CA VAL UC 280 25.72 25.55 40.89
C VAL UC 280 26.40 25.70 39.54
N LYS UC 281 25.70 25.38 38.47
CA LYS UC 281 26.25 25.44 37.13
C LYS UC 281 25.34 26.26 36.25
N GLY UC 282 25.93 27.24 35.56
CA GLY UC 282 25.15 28.08 34.66
C GLY UC 282 26.02 29.14 34.02
N THR UC 283 25.39 30.16 33.46
CA THR UC 283 26.14 31.35 33.09
C THR UC 283 26.45 32.19 34.32
N ALA UC 284 27.40 33.12 34.17
CA ALA UC 284 27.80 33.99 35.27
C ALA UC 284 26.65 34.82 35.82
N GLU UC 285 25.76 35.30 34.95
CA GLU UC 285 24.57 35.99 35.41
C GLU UC 285 23.72 35.07 36.28
N GLN UC 286 23.49 33.86 35.79
CA GLN UC 286 22.65 32.92 36.52
C GLN UC 286 23.24 32.58 37.87
N VAL UC 287 24.56 32.34 37.92
CA VAL UC 287 25.20 32.05 39.18
C VAL UC 287 25.08 33.22 40.15
N HIS UC 288 25.16 34.44 39.65
CA HIS UC 288 24.98 35.59 40.53
C HIS UC 288 23.57 35.68 41.09
N PHE UC 289 22.56 35.39 40.28
CA PHE UC 289 21.20 35.40 40.79
C PHE UC 289 20.95 34.29 41.80
N ILE UC 290 21.43 33.08 41.52
CA ILE UC 290 21.22 32.00 42.47
C ILE UC 290 21.93 32.29 43.78
N GLU UC 291 23.11 32.89 43.73
CA GLU UC 291 23.76 33.33 44.95
C GLU UC 291 22.92 34.30 45.75
N MET UC 292 22.30 35.27 45.09
CA MET UC 292 21.46 36.22 45.84
C MET UC 292 20.23 35.55 46.44
N LEU UC 293 19.65 34.58 45.75
CA LEU UC 293 18.51 33.87 46.33
C LEU UC 293 18.91 33.01 47.52
N VAL UC 294 20.00 32.25 47.39
CA VAL UC 294 20.44 31.45 48.52
C VAL UC 294 20.66 32.32 49.75
N LYS UC 295 21.30 33.48 49.55
CA LYS UC 295 21.48 34.41 50.66
C LYS UC 295 20.17 35.00 51.15
N ALA UC 296 19.13 35.00 50.32
CA ALA UC 296 17.81 35.37 50.83
C ALA UC 296 17.17 34.28 51.69
N LEU UC 297 17.57 33.03 51.50
CA LEU UC 297 16.84 31.91 52.10
C LEU UC 297 17.45 31.34 53.37
N ASP UC 298 18.77 31.24 53.48
CA ASP UC 298 19.40 30.64 54.67
C ASP UC 298 19.54 31.62 55.86
N VAL UC 299 18.41 31.99 56.45
CA VAL UC 299 18.38 32.75 57.70
C VAL UC 299 18.17 31.85 58.93
N ALA UC 300 19.00 32.05 59.95
CA ALA UC 300 19.06 31.20 61.15
C ALA UC 300 17.79 31.25 62.01
N LYS UC 301 17.31 30.08 62.42
CA LYS UC 301 16.13 29.95 63.28
C LYS UC 301 16.34 30.41 64.73
N ARG UC 302 15.29 31.04 65.29
CA ARG UC 302 15.13 31.27 66.74
C ARG UC 302 14.74 30.02 67.53
N HIS UC 303 15.21 29.95 68.80
CA HIS UC 303 14.83 28.90 69.77
C HIS UC 303 13.61 29.27 70.61
N VAL UC 304 12.77 28.27 70.89
CA VAL UC 304 11.59 28.41 71.74
C VAL UC 304 11.56 27.34 72.82
N GLU UC 305 11.44 27.74 74.08
CA GLU UC 305 11.21 26.81 75.19
C GLU UC 305 9.74 26.79 75.58
N LEU UC 306 9.16 25.59 75.63
CA LEU UC 306 7.78 25.33 75.99
C LEU UC 306 7.69 24.68 77.36
N SER UC 307 6.78 25.16 78.20
CA SER UC 307 6.56 24.63 79.54
C SER UC 307 5.07 24.37 79.73
N LEU UC 308 4.73 23.26 80.40
CA LEU UC 308 3.34 22.87 80.60
C LEU UC 308 3.05 22.49 82.05
N TRP UC 309 2.02 23.11 82.64
CA TRP UC 309 1.57 22.80 84.00
C TRP UC 309 0.31 21.94 84.02
N ILE UC 310 0.35 20.86 84.79
CA ILE UC 310 -0.78 19.96 85.01
C ILE UC 310 -1.07 19.92 86.50
N VAL UC 311 -2.31 20.20 86.89
CA VAL UC 311 -2.71 20.31 88.29
C VAL UC 311 -3.95 19.46 88.55
N ASP UC 312 -3.92 18.69 89.64
CA ASP UC 312 -5.00 17.77 89.97
C ASP UC 312 -5.24 17.71 91.48
N LEU UC 313 -6.48 17.98 91.89
CA LEU UC 313 -6.86 18.11 93.30
C LEU UC 313 -8.09 17.26 93.59
N ASN UC 314 -8.08 16.55 94.72
CA ASN UC 314 -9.20 15.69 95.08
C ASN UC 314 -9.53 15.77 96.57
N LYS UC 315 -10.82 15.92 96.88
CA LYS UC 315 -11.37 15.92 98.24
C LYS UC 315 -12.59 15.04 98.35
N SER UC 316 -12.71 14.28 99.45
CA SER UC 316 -13.89 13.44 99.61
C SER UC 316 -14.17 13.12 101.06
N ASP UC 317 -15.47 12.99 101.37
CA ASP UC 317 -16.00 12.61 102.66
C ASP UC 317 -16.89 11.38 102.54
N LEU UC 318 -16.81 10.50 103.53
CA LEU UC 318 -17.59 9.27 103.55
C LEU UC 318 -17.93 8.85 104.98
N GLU UC 319 -19.18 8.43 105.20
CA GLU UC 319 -19.50 7.86 106.50
C GLU UC 319 -20.68 6.91 106.40
N ARG UC 320 -20.68 5.89 107.27
CA ARG UC 320 -21.76 4.93 107.38
C ARG UC 320 -22.01 4.63 108.86
N LEU UC 321 -23.29 4.56 109.22
CA LEU UC 321 -23.67 4.38 110.61
C LEU UC 321 -25.03 3.71 110.74
N GLY UC 322 -25.14 2.76 111.66
CA GLY UC 322 -26.40 2.10 111.94
C GLY UC 322 -26.35 0.58 112.06
N THR UC 323 -27.55 -0.01 112.07
CA THR UC 323 -27.78 -1.42 112.38
C THR UC 323 -28.65 -2.14 111.36
N SER UC 324 -28.52 -3.47 111.36
CA SER UC 324 -29.30 -4.41 110.57
C SER UC 324 -29.70 -5.57 111.47
N TRP UC 325 -30.92 -6.09 111.30
CA TRP UC 325 -31.52 -7.07 112.21
C TRP UC 325 -32.13 -8.25 111.49
N SER UC 326 -32.00 -9.43 112.11
CA SER UC 326 -32.54 -10.65 111.51
C SER UC 326 -32.63 -11.73 112.58
N GLY UC 327 -33.74 -12.48 112.58
CA GLY UC 327 -33.85 -13.50 113.63
C GLY UC 327 -34.78 -14.63 113.29
N SER UC 328 -34.71 -15.69 114.11
CA SER UC 328 -35.54 -16.86 113.92
C SER UC 328 -36.08 -17.35 115.25
N ILE UC 329 -37.38 -17.64 115.29
CA ILE UC 329 -38.05 -18.08 116.51
C ILE UC 329 -38.94 -19.27 116.17
N THR UC 330 -39.30 -20.04 117.19
CA THR UC 330 -40.15 -21.20 116.96
C THR UC 330 -41.14 -21.40 118.10
N ILE UC 331 -42.19 -22.15 117.78
CA ILE UC 331 -43.20 -22.62 118.72
C ILE UC 331 -43.29 -24.12 118.52
N GLY UC 332 -42.80 -24.89 119.51
CA GLY UC 332 -42.67 -26.31 119.34
C GLY UC 332 -41.94 -26.59 118.04
N ASP UC 333 -42.31 -27.69 117.39
CA ASP UC 333 -41.87 -27.93 116.03
C ASP UC 333 -43.05 -27.73 115.09
N LYS UC 334 -44.08 -27.07 115.59
CA LYS UC 334 -45.30 -26.79 114.85
C LYS UC 334 -45.08 -25.58 113.96
N LEU UC 335 -44.67 -24.45 114.54
CA LEU UC 335 -44.54 -23.22 113.77
C LEU UC 335 -43.13 -22.66 113.89
N GLY UC 336 -42.52 -22.41 112.73
CA GLY UC 336 -41.25 -21.70 112.63
C GLY UC 336 -41.46 -20.34 112.00
N VAL UC 337 -40.79 -19.33 112.53
CA VAL UC 337 -40.95 -17.95 112.09
C VAL UC 337 -39.56 -17.37 111.88
N SER UC 338 -39.38 -16.66 110.76
CA SER UC 338 -38.08 -16.08 110.44
C SER UC 338 -38.24 -14.66 109.91
N LEU UC 339 -37.33 -13.80 110.35
CA LEU UC 339 -37.25 -12.41 109.96
C LEU UC 339 -35.95 -12.18 109.18
N ASN UC 340 -36.10 -11.89 107.90
CA ASN UC 340 -35.02 -11.55 106.97
C ASN UC 340 -33.86 -12.53 106.95
N GLN UC 341 -34.16 -13.83 106.94
CA GLN UC 341 -33.11 -14.85 106.89
C GLN UC 341 -33.38 -15.91 105.83
N SER UC 342 -32.31 -16.28 105.13
CA SER UC 342 -32.37 -17.42 104.22
C SER UC 342 -32.59 -18.69 105.04
N SER UC 343 -31.89 -18.82 106.15
CA SER UC 343 -32.08 -19.93 107.07
C SER UC 343 -33.35 -19.65 107.86
N ILE UC 344 -34.22 -20.65 107.94
CA ILE UC 344 -35.54 -20.44 108.52
C ILE UC 344 -35.69 -20.93 109.96
N SER UC 345 -34.89 -21.87 110.41
CA SER UC 345 -35.12 -22.34 111.77
C SER UC 345 -33.91 -23.10 112.31
N THR UC 346 -33.86 -23.14 113.63
CA THR UC 346 -32.93 -23.94 114.41
C THR UC 346 -33.65 -24.97 115.27
N LEU UC 347 -34.98 -24.87 115.38
CA LEU UC 347 -35.76 -25.72 116.26
C LEU UC 347 -35.26 -25.66 117.70
N ASP UC 348 -34.81 -24.46 118.12
CA ASP UC 348 -34.28 -24.29 119.47
C ASP UC 348 -34.62 -22.90 120.01
N GLY UC 349 -35.90 -22.73 120.32
CA GLY UC 349 -36.43 -21.46 120.81
C GLY UC 349 -36.30 -20.26 119.89
N SER UC 350 -35.61 -19.23 120.39
CA SER UC 350 -35.38 -17.97 119.70
C SER UC 350 -33.90 -17.60 119.59
N ARG UC 351 -33.53 -17.03 118.44
CA ARG UC 351 -32.17 -16.61 118.16
C ARG UC 351 -32.25 -15.34 117.31
N PHE UC 352 -31.38 -14.37 117.59
CA PHE UC 352 -31.35 -13.12 116.84
C PHE UC 352 -29.94 -12.62 116.64
N ILE UC 353 -29.66 -12.10 115.44
CA ILE UC 353 -28.37 -11.49 115.14
C ILE UC 353 -28.58 -10.09 114.55
N ALA UC 354 -27.71 -9.18 114.98
CA ALA UC 354 -27.67 -7.80 114.53
C ALA UC 354 -26.25 -7.43 114.09
N ALA UC 355 -26.17 -6.72 112.97
CA ALA UC 355 -24.93 -6.22 112.41
C ALA UC 355 -24.88 -4.72 112.57
N VAL UC 356 -23.71 -4.19 112.94
CA VAL UC 356 -23.54 -2.76 113.19
C VAL UC 356 -22.34 -2.24 112.41
N ASN UC 357 -22.53 -1.09 111.75
CA ASN UC 357 -21.46 -0.38 111.06
C ASN UC 357 -21.38 1.05 111.58
N ALA UC 358 -20.15 1.51 111.82
CA ALA UC 358 -19.91 2.88 112.31
C ALA UC 358 -18.50 3.29 111.88
N LEU UC 359 -18.41 4.08 110.81
CA LEU UC 359 -17.12 4.46 110.28
C LEU UC 359 -17.22 5.77 109.51
N GLU UC 360 -16.17 6.60 109.61
CA GLU UC 360 -16.10 7.87 108.92
C GLU UC 360 -14.69 8.11 108.38
N GLU UC 361 -14.61 8.66 107.17
CA GLU UC 361 -13.34 8.94 106.52
C GLU UC 361 -13.35 10.25 105.74
N LYS UC 362 -12.24 10.97 105.80
CA LYS UC 362 -12.00 12.19 105.03
C LYS UC 362 -10.68 12.04 104.31
N LYS UC 363 -10.60 12.53 103.06
CA LYS UC 363 -9.40 12.31 102.27
C LYS UC 363 -9.16 13.49 101.34
N GLN UC 364 -7.87 13.80 101.14
CA GLN UC 364 -7.44 14.88 100.27
C GLN UC 364 -6.11 14.55 99.59
N ALA UC 365 -6.00 14.92 98.31
CA ALA UC 365 -4.78 14.65 97.54
C ALA UC 365 -4.54 15.77 96.54
N THR UC 366 -3.26 15.95 96.18
CA THR UC 366 -2.82 17.02 95.28
C THR UC 366 -1.59 16.61 94.49
N VAL UC 367 -1.60 16.86 93.18
CA VAL UC 367 -0.49 16.52 92.29
C VAL UC 367 -0.27 17.63 91.28
N VAL UC 368 1.01 17.95 91.05
CA VAL UC 368 1.45 18.94 90.06
C VAL UC 368 2.57 18.35 89.22
N SER UC 369 2.45 18.47 87.90
CA SER UC 369 3.45 18.01 86.95
C SER UC 369 3.83 19.13 85.98
N ARG UC 370 5.11 19.20 85.63
CA ARG UC 370 5.60 20.25 84.74
C ARG UC 370 6.66 19.80 83.75
N PRO UC 371 6.26 19.32 82.58
CA PRO UC 371 7.23 19.05 81.52
C PRO UC 371 7.73 20.32 80.85
N VAL UC 372 9.00 20.30 80.45
CA VAL UC 372 9.67 21.42 79.78
C VAL UC 372 10.46 20.90 78.58
N LEU UC 373 10.29 21.53 77.41
CA LEU UC 373 10.93 21.09 76.18
C LEU UC 373 11.45 22.27 75.36
N LEU UC 374 12.67 22.11 74.83
CA LEU UC 374 13.30 23.10 73.94
C LEU UC 374 13.18 22.71 72.47
N THR UC 375 12.82 23.68 71.62
CA THR UC 375 12.60 23.42 70.21
C THR UC 375 13.09 24.62 69.39
N GLN UC 376 13.08 24.46 68.07
CA GLN UC 376 13.34 25.53 67.12
C GLN UC 376 12.13 25.80 66.26
N GLU UC 377 11.95 27.06 65.92
CA GLU UC 377 10.92 27.52 65.00
C GLU UC 377 10.75 26.60 63.80
N ASN UC 378 9.52 26.19 63.56
CA ASN UC 378 9.09 25.32 62.47
C ASN UC 378 9.64 23.89 62.53
N VAL UC 379 10.19 23.45 63.64
CA VAL UC 379 10.74 22.10 63.74
C VAL UC 379 9.89 21.33 64.74
N PRO UC 380 9.29 20.21 64.36
CA PRO UC 380 8.50 19.44 65.32
C PRO UC 380 9.36 18.84 66.43
N ALA UC 381 8.72 18.60 67.58
CA ALA UC 381 9.42 18.07 68.73
C ALA UC 381 8.48 17.18 69.53
N ILE UC 382 9.07 16.15 70.15
CA ILE UC 382 8.31 15.17 70.93
C ILE UC 382 9.02 14.88 72.25
N PHE UC 383 8.25 14.85 73.33
CA PHE UC 383 8.71 14.48 74.66
C PHE UC 383 7.87 13.32 75.17
N ASP UC 384 8.53 12.32 75.77
CA ASP UC 384 7.83 11.14 76.27
C ASP UC 384 8.51 10.60 77.52
N ASN UC 385 7.73 10.39 78.59
CA ASN UC 385 8.30 9.96 79.87
C ASN UC 385 7.37 9.04 80.66
N ASN UC 386 7.94 8.01 81.26
CA ASN UC 386 7.26 7.07 82.15
C ASN UC 386 8.03 6.88 83.43
N ARG UC 387 7.32 6.80 84.56
CA ARG UC 387 7.96 6.57 85.85
C ARG UC 387 7.06 5.76 86.77
N THR UC 388 7.66 4.82 87.46
CA THR UC 388 6.99 3.90 88.37
C THR UC 388 7.30 4.25 89.82
N PHE UC 389 6.26 4.46 90.62
CA PHE UC 389 6.38 4.85 92.01
C PHE UC 389 5.93 3.69 92.88
N TYR UC 390 6.77 3.36 93.85
CA TYR UC 390 6.56 2.24 94.76
C TYR UC 390 6.04 2.71 96.10
N THR UC 391 5.09 1.96 96.66
CA THR UC 391 4.68 2.09 98.04
C THR UC 391 5.18 0.88 98.82
N LYS UC 392 5.94 1.14 99.88
CA LYS UC 392 6.39 0.07 100.76
C LYS UC 392 5.19 -0.49 101.53
N LEU UC 393 4.71 -1.64 101.07
CA LEU UC 393 3.63 -2.31 101.77
C LEU UC 393 4.08 -2.76 103.15
N ILE UC 394 3.09 -3.06 103.99
CA ILE UC 394 3.33 -3.18 105.43
C ILE UC 394 4.48 -4.14 105.70
N GLY UC 395 5.38 -3.73 106.58
CA GLY UC 395 6.55 -4.51 106.91
C GLY UC 395 6.25 -5.72 107.76
N GLU UC 396 5.03 -6.25 107.64
CA GLU UC 396 4.65 -7.42 108.43
C GLU UC 396 5.32 -8.68 107.89
N ARG UC 397 5.42 -8.81 106.58
CA ARG UC 397 5.96 -9.99 105.93
C ARG UC 397 6.39 -9.57 104.53
N ASN UC 398 7.21 -10.40 103.89
CA ASN UC 398 7.33 -10.28 102.45
C ASN UC 398 6.07 -10.79 101.78
N VAL UC 399 4.99 -10.01 101.91
CA VAL UC 399 3.69 -10.34 101.36
C VAL UC 399 3.55 -9.86 99.93
N ALA UC 400 3.91 -8.61 99.67
CA ALA UC 400 3.73 -8.00 98.35
C ALA UC 400 4.50 -6.69 98.33
N LEU UC 401 4.60 -6.12 97.13
CA LEU UC 401 4.92 -4.71 96.97
C LEU UC 401 4.00 -4.14 95.91
N GLU UC 402 3.54 -2.91 96.09
CA GLU UC 402 2.63 -2.28 95.15
C GLU UC 402 3.24 -1.03 94.53
N HIS UC 403 2.81 -0.76 93.29
CA HIS UC 403 3.37 0.33 92.52
C HIS UC 403 2.36 0.84 91.52
N VAL UC 404 2.57 2.07 91.06
CA VAL UC 404 1.77 2.68 90.00
C VAL UC 404 2.71 3.35 89.01
N THR UC 405 2.40 3.27 87.72
CA THR UC 405 3.19 3.93 86.68
C THR UC 405 2.46 5.10 86.06
N TYR UC 406 3.11 6.25 86.06
CA TYR UC 406 2.58 7.49 85.49
C TYR UC 406 3.36 7.83 84.23
N GLY UC 407 2.66 8.26 83.19
CA GLY UC 407 3.34 8.59 81.94
C GLY UC 407 2.71 9.76 81.21
N THR UC 408 3.54 10.45 80.43
CA THR UC 408 3.16 11.68 79.76
C THR UC 408 3.83 11.78 78.40
N MET UC 409 3.08 12.28 77.41
CA MET UC 409 3.63 12.51 76.08
C MET UC 409 3.11 13.84 75.54
N ILE UC 410 4.00 14.58 74.89
CA ILE UC 410 3.65 15.82 74.22
C ILE UC 410 4.29 15.86 72.84
N ARG UC 411 3.52 16.27 71.84
CA ARG UC 411 4.06 16.61 70.54
C ARG UC 411 3.63 18.02 70.14
N VAL UC 412 4.57 18.77 69.55
CA VAL UC 412 4.37 20.20 69.30
C VAL UC 412 5.13 20.63 68.05
N LEU UC 413 4.62 21.68 67.41
CA LEU UC 413 5.27 22.33 66.27
C LEU UC 413 5.10 23.85 66.37
N PRO UC 414 6.13 24.59 66.80
CA PRO UC 414 5.94 26.03 67.06
C PRO UC 414 6.18 26.95 65.87
N ARG UC 415 5.39 28.03 65.87
CA ARG UC 415 5.38 29.08 64.85
C ARG UC 415 5.48 30.47 65.47
N PHE UC 416 6.36 31.32 64.92
CA PHE UC 416 6.51 32.70 65.35
C PHE UC 416 5.63 33.65 64.56
N SER UC 417 4.70 34.29 65.27
CA SER UC 417 3.87 35.33 64.70
C SER UC 417 4.67 36.59 64.44
N ALA UC 418 4.20 37.39 63.48
CA ALA UC 418 4.78 38.70 63.20
C ALA UC 418 4.48 39.71 64.31
N ASP UC 419 3.53 39.43 65.19
CA ASP UC 419 3.10 40.34 66.24
C ASP UC 419 3.75 40.04 67.59
N GLY UC 420 4.73 39.16 67.62
CA GLY UC 420 5.33 38.69 68.85
C GLY UC 420 4.41 37.80 69.65
N GLN UC 421 3.86 36.82 68.94
CA GLN UC 421 2.99 35.79 69.48
C GLN UC 421 3.49 34.46 68.97
N ILE UC 422 3.32 33.42 69.77
CA ILE UC 422 3.74 32.07 69.42
C ILE UC 422 2.50 31.19 69.27
N GLU UC 423 2.41 30.52 68.13
CA GLU UC 423 1.32 29.62 67.81
C GLU UC 423 1.82 28.18 67.79
N MET UC 424 1.09 27.30 68.47
CA MET UC 424 1.52 25.91 68.55
C MET UC 424 0.35 24.97 68.31
N SER UC 425 0.63 23.91 67.57
CA SER UC 425 -0.28 22.79 67.34
C SER UC 425 0.13 21.69 68.30
N LEU UC 426 -0.77 21.29 69.18
CA LEU UC 426 -0.41 20.42 70.30
C LEU UC 426 -1.22 19.15 70.37
N ASP UC 427 -0.52 18.10 70.82
CA ASP UC 427 -1.11 16.81 71.16
C ASP UC 427 -0.54 16.43 72.51
N ILE UC 428 -1.42 16.22 73.48
CA ILE UC 428 -1.06 15.95 74.86
C ILE UC 428 -1.76 14.69 75.33
N GLU UC 429 -1.01 13.80 75.97
CA GLU UC 429 -1.58 12.63 76.61
C GLU UC 429 -0.96 12.44 77.98
N ASP UC 430 -1.78 12.23 79.00
CA ASP UC 430 -1.27 11.97 80.33
C ASP UC 430 -2.21 11.10 81.16
N GLY UC 431 -1.60 10.34 82.06
CA GLY UC 431 -2.31 9.74 83.17
C GLY UC 431 -1.54 8.54 83.69
N ASN UC 432 -2.11 7.91 84.73
CA ASN UC 432 -1.72 6.56 85.05
C ASN UC 432 -2.40 5.56 84.10
N ASP UC 433 -1.83 4.37 84.04
CA ASP UC 433 -2.35 3.32 83.17
C ASP UC 433 -3.39 2.45 83.88
N LYS UC 434 -4.32 1.92 83.10
CA LYS UC 434 -5.46 1.13 83.59
C LYS UC 434 -5.03 -0.31 83.87
N THR UC 435 -4.19 -0.47 84.89
CA THR UC 435 -3.66 -1.79 85.17
C THR UC 435 -4.78 -2.76 85.52
N PRO UC 436 -4.75 -3.99 84.98
CA PRO UC 436 -5.69 -5.04 85.40
C PRO UC 436 -5.26 -5.81 86.63
N GLN UC 437 -3.97 -5.70 87.00
CA GLN UC 437 -3.37 -6.63 87.93
C GLN UC 437 -4.02 -6.55 89.32
N SER UC 438 -4.13 -5.34 89.88
CA SER UC 438 -4.52 -5.27 91.28
C SER UC 438 -5.13 -3.92 91.61
N ASP UC 439 -6.03 -3.94 92.59
CA ASP UC 439 -6.39 -2.79 93.39
C ASP UC 439 -6.46 -3.25 94.84
N THR UC 440 -5.97 -2.40 95.75
CA THR UC 440 -6.01 -2.73 97.17
C THR UC 440 -5.91 -1.46 97.99
N THR UC 441 -6.39 -1.55 99.24
CA THR UC 441 -6.53 -0.35 100.06
C THR UC 441 -5.21 0.38 100.22
N THR UC 442 -4.10 -0.36 100.39
CA THR UC 442 -2.82 0.31 100.57
C THR UC 442 -2.44 1.09 99.32
N SER UC 443 -2.66 0.50 98.15
CA SER UC 443 -2.35 1.17 96.90
C SER UC 443 -3.20 2.43 96.70
N VAL UC 444 -4.51 2.32 96.83
CA VAL UC 444 -5.34 3.50 96.68
C VAL UC 444 -5.00 4.57 97.71
N ASP UC 445 -4.64 4.15 98.92
CA ASP UC 445 -4.23 5.09 99.96
C ASP UC 445 -2.96 5.84 99.58
N ALA UC 446 -1.91 5.12 99.19
CA ALA UC 446 -0.62 5.73 98.91
C ALA UC 446 -0.56 6.47 97.58
N LEU UC 447 -1.05 5.87 96.50
CA LEU UC 447 -0.74 6.41 95.18
C LEU UC 447 -1.98 6.96 94.49
N PRO UC 448 -1.99 8.25 94.20
CA PRO UC 448 -3.19 8.90 93.65
C PRO UC 448 -3.66 8.33 92.31
N GLU UC 449 -4.94 7.99 92.24
CA GLU UC 449 -5.67 7.84 90.98
C GLU UC 449 -5.96 9.21 90.39
N VAL UC 450 -5.07 9.70 89.53
CA VAL UC 450 -5.44 10.67 88.50
C VAL UC 450 -6.19 9.96 87.38
N GLY UC 451 -6.82 10.74 86.50
CA GLY UC 451 -7.48 10.18 85.34
C GLY UC 451 -6.49 9.70 84.30
N ARG UC 452 -7.01 9.47 83.11
CA ARG UC 452 -6.22 9.53 81.89
C ARG UC 452 -6.92 10.35 80.82
N THR UC 453 -6.20 11.28 80.20
CA THR UC 453 -6.78 12.35 79.40
C THR UC 453 -5.96 12.56 78.15
N LEU UC 454 -6.65 12.90 77.05
CA LEU UC 454 -5.99 13.21 75.80
C LEU UC 454 -6.60 14.46 75.18
N ILE UC 455 -5.75 15.32 74.64
CA ILE UC 455 -6.18 16.60 74.06
C ILE UC 455 -5.39 16.85 72.78
N SER UC 456 -6.07 17.36 71.76
CA SER UC 456 -5.43 17.83 70.54
C SER UC 456 -6.06 19.14 70.11
N THR UC 457 -5.23 20.16 69.88
CA THR UC 457 -5.78 21.49 69.62
C THR UC 457 -4.70 22.41 69.05
N ILE UC 458 -5.13 23.61 68.66
CA ILE UC 458 -4.22 24.69 68.27
C ILE UC 458 -4.49 25.90 69.16
N ALA UC 459 -3.42 26.59 69.56
CA ALA UC 459 -3.58 27.80 70.35
C ALA UC 459 -2.47 28.80 70.03
N ARG UC 460 -2.79 30.08 70.18
CA ARG UC 460 -1.85 31.18 69.99
C ARG UC 460 -1.83 32.06 71.23
N VAL UC 461 -0.65 32.32 71.76
CA VAL UC 461 -0.53 33.09 73.00
C VAL UC 461 0.49 34.21 72.89
N PRO UC 462 0.18 35.41 73.38
CA PRO UC 462 1.20 36.46 73.49
C PRO UC 462 2.46 36.00 74.21
N HIS UC 463 3.59 36.44 73.69
CA HIS UC 463 4.92 36.15 74.22
C HIS UC 463 5.08 36.26 75.74
N GLY UC 464 5.37 35.14 76.38
CA GLY UC 464 5.52 35.05 77.82
C GLY UC 464 4.27 35.06 78.65
N LYS UC 465 3.09 34.96 78.04
CA LYS UC 465 1.84 34.88 78.77
C LYS UC 465 1.48 33.40 78.95
N SER UC 466 0.28 33.12 79.44
CA SER UC 466 -0.14 31.75 79.70
C SER UC 466 -1.62 31.60 79.35
N LEU UC 467 -1.98 30.41 78.85
CA LEU UC 467 -3.36 30.11 78.49
C LEU UC 467 -3.83 28.75 79.00
N LEU UC 468 -5.11 28.70 79.36
CA LEU UC 468 -5.78 27.45 79.70
C LEU UC 468 -6.25 26.76 78.43
N VAL UC 469 -6.00 25.46 78.33
CA VAL UC 469 -6.41 24.68 77.16
C VAL UC 469 -7.55 23.72 77.44
N GLY UC 470 -7.76 23.29 78.68
CA GLY UC 470 -8.83 22.36 78.95
C GLY UC 470 -8.83 21.96 80.41
N GLY UC 471 -9.99 21.45 80.83
CA GLY UC 471 -10.12 21.03 82.21
C GLY UC 471 -11.33 20.14 82.41
N TYR UC 472 -11.47 19.70 83.65
CA TYR UC 472 -12.57 18.84 84.08
C TYR UC 472 -12.86 19.14 85.53
N THR UC 473 -14.13 19.28 85.87
CA THR UC 473 -14.58 19.44 87.25
C THR UC 473 -15.77 18.55 87.50
N ARG UC 474 -15.80 17.91 88.67
CA ARG UC 474 -16.86 16.97 88.96
C ARG UC 474 -17.25 17.03 90.42
N ASP UC 475 -18.54 17.00 90.69
CA ASP UC 475 -19.09 17.05 92.04
C ASP UC 475 -20.20 16.03 92.17
N ALA UC 476 -20.24 15.35 93.30
CA ALA UC 476 -21.31 14.37 93.52
C ALA UC 476 -21.59 14.22 95.01
N ASN UC 477 -22.81 13.78 95.31
CA ASN UC 477 -23.22 13.47 96.66
C ASN UC 477 -24.32 12.43 96.65
N THR UC 478 -24.35 11.58 97.69
CA THR UC 478 -25.42 10.60 97.82
C THR UC 478 -25.81 10.40 99.28
N ASP UC 479 -27.04 9.91 99.46
CA ASP UC 479 -27.65 9.63 100.75
C ASP UC 479 -28.47 8.35 100.70
N THR UC 480 -28.50 7.60 101.81
CA THR UC 480 -29.36 6.44 101.94
C THR UC 480 -29.92 6.36 103.36
N VAL UC 481 -31.10 5.74 103.49
CA VAL UC 481 -31.59 5.31 104.80
C VAL UC 481 -32.37 4.01 104.68
N GLN UC 482 -32.20 3.12 105.68
CA GLN UC 482 -32.88 1.84 105.77
C GLN UC 482 -33.47 1.69 107.17
N SER UC 483 -34.69 1.16 107.27
CA SER UC 483 -35.27 1.01 108.59
C SER UC 483 -36.39 -0.02 108.60
N ILE UC 484 -36.68 -0.51 109.79
CA ILE UC 484 -37.79 -1.43 110.08
C ILE UC 484 -39.10 -0.66 110.17
N PRO UC 485 -40.08 -0.91 109.31
CA PRO UC 485 -41.16 0.05 109.08
C PRO UC 485 -41.81 0.71 110.29
N PHE UC 486 -42.24 -0.03 111.31
CA PHE UC 486 -42.87 0.61 112.47
C PHE UC 486 -41.89 1.06 113.54
N LEU UC 487 -40.73 0.42 113.65
CA LEU UC 487 -39.80 0.79 114.70
C LEU UC 487 -39.02 2.05 114.34
N GLY UC 488 -38.88 2.34 113.06
CA GLY UC 488 -38.14 3.50 112.62
C GLY UC 488 -38.63 4.81 113.19
N LYS UC 489 -39.81 4.83 113.83
CA LYS UC 489 -40.34 6.06 114.41
C LYS UC 489 -40.50 5.99 115.92
N LEU UC 490 -39.97 4.97 116.57
CA LEU UC 490 -40.04 4.94 118.02
C LEU UC 490 -39.15 6.06 118.58
N PRO UC 491 -39.63 6.79 119.59
CA PRO UC 491 -38.87 7.95 120.10
C PRO UC 491 -37.49 7.61 120.67
N LEU UC 492 -37.39 6.59 121.51
CA LEU UC 492 -36.12 6.29 122.17
C LEU UC 492 -35.24 5.25 121.47
N ILE UC 493 -35.80 4.35 120.66
CA ILE UC 493 -34.99 3.29 120.07
C ILE UC 493 -34.97 3.28 118.54
N GLY UC 494 -35.72 4.15 117.87
CA GLY UC 494 -35.68 4.17 116.42
C GLY UC 494 -34.27 4.23 115.88
N SER UC 495 -33.41 4.99 116.57
CA SER UC 495 -32.02 5.08 116.17
C SER UC 495 -31.34 3.71 116.20
N LEU UC 496 -31.89 2.76 116.95
CA LEU UC 496 -31.37 1.40 116.89
C LEU UC 496 -31.91 0.63 115.70
N PHE UC 497 -32.99 1.11 115.07
CA PHE UC 497 -33.59 0.45 113.93
C PHE UC 497 -33.42 1.24 112.64
N ARG UC 498 -32.43 2.14 112.61
CA ARG UC 498 -32.13 2.87 111.39
C ARG UC 498 -30.70 2.58 110.94
N TYR UC 499 -30.50 2.59 109.63
CA TYR UC 499 -29.21 2.60 108.96
C TYR UC 499 -29.10 3.75 107.97
N SER UC 500 -27.94 4.39 107.91
CA SER UC 500 -27.78 5.55 107.04
C SER UC 500 -26.35 5.63 106.53
N SER UC 501 -26.20 6.31 105.39
CA SER UC 501 -24.92 6.46 104.70
C SER UC 501 -24.94 7.73 103.85
N LYS UC 502 -23.80 8.43 103.82
CA LYS UC 502 -23.64 9.66 103.08
C LYS UC 502 -22.25 9.75 102.44
N ASN UC 503 -22.17 10.35 101.26
CA ASN UC 503 -20.87 10.56 100.65
C ASN UC 503 -20.88 11.81 99.77
N LYS UC 504 -19.70 12.44 99.66
CA LYS UC 504 -19.48 13.65 98.88
C LYS UC 504 -18.12 13.61 98.19
N SER UC 505 -18.04 14.15 96.97
CA SER UC 505 -16.77 14.17 96.25
C SER UC 505 -16.66 15.36 95.29
N ASN UC 506 -15.46 15.95 95.22
CA ASN UC 506 -15.15 17.09 94.36
C ASN UC 506 -13.77 16.90 93.72
N VAL UC 507 -13.69 17.04 92.40
CA VAL UC 507 -12.47 16.83 91.63
C VAL UC 507 -12.26 17.97 90.65
N VAL UC 508 -11.00 18.37 90.48
CA VAL UC 508 -10.59 19.40 89.51
C VAL UC 508 -9.30 18.99 88.83
N ARG UC 509 -9.24 19.15 87.50
CA ARG UC 509 -8.07 18.83 86.70
C ARG UC 509 -7.95 19.84 85.57
N VAL UC 510 -6.79 20.47 85.39
CA VAL UC 510 -6.65 21.52 84.39
C VAL UC 510 -5.28 21.51 83.73
N PHE UC 511 -5.24 21.97 82.49
CA PHE UC 511 -4.05 22.07 81.66
C PHE UC 511 -3.84 23.49 81.16
N MET UC 512 -2.62 24.00 81.32
CA MET UC 512 -2.32 25.36 80.89
C MET UC 512 -0.88 25.42 80.40
N ILE UC 513 -0.67 26.29 79.42
CA ILE UC 513 0.57 26.39 78.65
C ILE UC 513 1.20 27.77 78.83
N GLU UC 514 2.53 27.80 78.85
CA GLU UC 514 3.28 29.03 79.14
C GLU UC 514 4.62 29.03 78.41
N PRO UC 515 4.64 29.33 77.12
CA PRO UC 515 5.88 29.32 76.35
C PRO UC 515 6.76 30.54 76.59
N LYS UC 516 8.07 30.35 76.40
CA LYS UC 516 9.09 31.37 76.57
C LYS UC 516 10.06 31.36 75.40
N GLU UC 517 10.39 32.52 74.88
CA GLU UC 517 11.50 32.66 73.96
C GLU UC 517 12.82 32.51 74.71
N ILE UC 518 13.74 31.72 74.14
CA ILE UC 518 15.06 31.46 74.71
C ILE UC 518 16.10 32.19 73.87
N VAL UC 519 16.88 33.03 74.51
CA VAL UC 519 17.86 33.87 73.84
C VAL UC 519 19.28 33.70 74.37
N ASP UC 520 19.48 33.20 75.58
CA ASP UC 520 20.80 33.14 76.20
C ASP UC 520 21.07 31.78 76.82
N PRO UC 521 22.33 31.36 76.85
CA PRO UC 521 22.68 30.11 77.55
C PRO UC 521 22.44 30.19 79.05
N LEU UC 522 22.64 29.04 79.68
CA LEU UC 522 22.58 28.92 81.13
C LEU UC 522 23.65 29.76 81.81
N THR UC 523 23.36 30.19 83.04
CA THR UC 523 24.25 30.96 83.90
C THR UC 523 23.97 30.71 85.37
N PRO UC 524 24.86 30.06 86.14
CA PRO UC 524 26.14 29.39 85.90
C PRO UC 524 26.07 28.24 84.91
N ASP UC 525 27.22 27.70 84.52
CA ASP UC 525 27.26 26.55 83.66
C ASP UC 525 26.86 25.25 84.38
N ALA UC 526 26.43 24.30 83.55
CA ALA UC 526 26.06 22.96 84.00
C ALA UC 526 27.11 22.33 84.89
N SER UC 527 28.34 22.22 84.38
CA SER UC 527 29.42 21.64 85.15
C SER UC 527 29.55 22.29 86.52
N GLU UC 528 29.52 23.62 86.57
CA GLU UC 528 29.60 24.32 87.83
C GLU UC 528 28.52 23.86 88.80
N SER UC 529 27.27 23.87 88.35
CA SER UC 529 26.19 23.42 89.22
C SER UC 529 26.36 21.98 89.66
N VAL UC 530 26.62 21.09 88.71
CA VAL UC 530 26.83 19.67 89.03
C VAL UC 530 27.89 19.48 90.10
N ASN UC 531 29.03 20.15 89.96
CA ASN UC 531 30.07 20.04 90.98
C ASN UC 531 29.54 20.34 92.38
N ASN UC 532 28.78 21.43 92.51
CA ASN UC 532 28.21 21.78 93.81
C ASN UC 532 27.27 20.72 94.31
N ILE UC 533 26.38 20.23 93.45
CA ILE UC 533 25.48 19.15 93.84
C ILE UC 533 26.25 17.94 94.34
N LEU UC 534 27.19 17.46 93.55
CA LEU UC 534 28.02 16.32 93.94
C LEU UC 534 28.73 16.52 95.27
N LYS UC 535 29.42 17.64 95.44
CA LYS UC 535 30.13 17.89 96.70
C LYS UC 535 29.19 17.97 97.89
N GLN UC 536 28.15 18.80 97.79
CA GLN UC 536 27.20 18.89 98.90
C GLN UC 536 26.60 17.53 99.25
N SER UC 537 26.36 16.69 98.25
CA SER UC 537 25.89 15.33 98.49
C SER UC 537 26.97 14.40 99.02
N GLY UC 538 28.25 14.76 98.87
CA GLY UC 538 29.35 13.86 99.14
C GLY UC 538 29.49 12.72 98.17
N ALA UC 539 28.67 12.67 97.12
CA ALA UC 539 28.87 11.68 96.07
C ALA UC 539 30.25 11.85 95.43
N TRP UC 540 30.78 13.07 95.47
CA TRP UC 540 32.06 13.42 94.86
C TRP UC 540 33.10 12.33 94.99
N SER UC 541 33.77 12.07 93.86
CA SER UC 541 34.78 11.04 93.71
C SER UC 541 36.14 11.55 93.26
N GLY UC 542 36.19 12.73 92.65
CA GLY UC 542 37.41 13.26 92.05
C GLY UC 542 38.61 13.30 92.97
N ASP UC 543 38.39 13.07 94.26
CA ASP UC 543 39.49 12.92 95.18
C ASP UC 543 40.24 11.62 94.97
N ASP UC 544 39.61 10.60 94.37
CA ASP UC 544 40.28 9.31 94.25
C ASP UC 544 41.62 9.42 93.57
N LYS UC 545 42.64 9.05 94.32
CA LYS UC 545 44.01 9.02 93.82
C LYS UC 545 44.12 8.31 92.48
N LEU UC 546 43.45 7.17 92.36
CA LEU UC 546 43.50 6.39 91.12
C LEU UC 546 42.66 6.97 89.99
N GLN UC 547 41.37 7.22 90.21
CA GLN UC 547 40.53 7.72 89.12
C GLN UC 547 41.00 9.09 88.63
N LYS UC 548 41.60 9.89 89.51
CA LYS UC 548 42.17 11.17 89.11
C LYS UC 548 43.05 11.05 87.88
N TRP UC 549 43.73 9.91 87.72
CA TRP UC 549 44.56 9.68 86.54
C TRP UC 549 43.79 9.75 85.23
N VAL UC 550 42.49 9.53 85.24
CA VAL UC 550 41.68 9.48 84.02
C VAL UC 550 40.69 10.64 83.96
N ARG UC 551 39.90 10.82 85.02
CA ARG UC 551 38.90 11.87 85.02
C ARG UC 551 39.45 13.22 84.56
N VAL UC 552 40.72 13.49 84.86
CA VAL UC 552 41.39 14.68 84.35
C VAL UC 552 41.05 14.91 82.89
N TYR UC 553 41.18 13.88 82.05
CA TYR UC 553 40.84 14.05 80.64
C TYR UC 553 39.43 14.56 80.42
N LEU UC 554 38.51 14.25 81.34
CA LEU UC 554 37.11 14.62 81.19
C LEU UC 554 36.75 15.93 81.84
N ASP UC 555 37.63 16.47 82.69
CA ASP UC 555 37.36 17.74 83.36
C ASP UC 555 38.36 18.80 82.95
N ARG UC 556 39.65 18.59 83.16
CA ARG UC 556 40.64 19.55 82.71
C ARG UC 556 40.66 19.61 81.18
N GLY UC 557 40.74 18.45 80.54
CA GLY UC 557 40.90 18.37 79.10
C GLY UC 557 42.34 18.65 78.70
N PRO VC 29 74.37 51.40 -33.60
CA PRO VC 29 75.06 51.34 -32.30
C PRO VC 29 76.16 50.28 -32.28
N VAL VC 30 77.37 50.75 -31.98
CA VAL VC 30 78.58 49.93 -32.00
C VAL VC 30 78.64 48.96 -30.82
N THR VC 31 78.08 49.32 -29.68
CA THR VC 31 78.22 48.55 -28.45
C THR VC 31 76.89 48.08 -27.87
N GLY VC 32 76.98 46.94 -27.20
CA GLY VC 32 75.87 46.24 -26.56
C GLY VC 32 74.84 45.61 -27.48
N SER VC 33 73.60 45.61 -27.01
CA SER VC 33 72.50 45.01 -27.75
C SER VC 33 71.21 45.77 -27.51
N GLY VC 34 70.31 45.69 -28.49
CA GLY VC 34 69.04 46.33 -28.37
C GLY VC 34 68.14 45.88 -29.49
N PHE VC 35 67.03 46.60 -29.67
CA PHE VC 35 66.06 46.24 -30.69
C PHE VC 35 65.57 47.51 -31.35
N VAL VC 36 65.24 47.40 -32.62
CA VAL VC 36 64.77 48.54 -33.40
C VAL VC 36 63.39 48.20 -33.93
N ALA VC 37 62.37 48.49 -33.15
CA ALA VC 37 61.00 48.22 -33.54
C ALA VC 37 60.53 49.23 -34.57
N LYS VC 38 59.75 48.78 -35.53
CA LYS VC 38 59.12 49.68 -36.50
C LYS VC 38 57.68 49.21 -36.69
N ASP VC 39 56.78 49.80 -35.92
CA ASP VC 39 55.36 49.45 -35.95
C ASP VC 39 55.14 47.98 -35.66
N ASP VC 40 55.80 47.47 -34.62
CA ASP VC 40 55.81 46.05 -34.33
C ASP VC 40 54.88 45.76 -33.15
N SER VC 41 54.08 44.73 -33.30
CA SER VC 41 53.19 44.31 -32.23
C SER VC 41 53.98 43.98 -30.97
N LEU VC 42 53.35 44.28 -29.83
CA LEU VC 42 53.95 43.95 -28.56
C LEU VC 42 54.31 42.47 -28.45
N ARG VC 43 53.59 41.59 -29.15
CA ARG VC 43 53.98 40.19 -29.12
C ARG VC 43 55.41 40.00 -29.60
N THR VC 44 55.73 40.56 -30.77
CA THR VC 44 57.07 40.40 -31.32
C THR VC 44 58.09 41.18 -30.51
N PHE VC 45 57.70 42.30 -29.94
CA PHE VC 45 58.66 43.07 -29.17
C PHE VC 45 59.06 42.33 -27.89
N PHE VC 46 58.09 41.88 -27.10
CA PHE VC 46 58.49 41.18 -25.90
C PHE VC 46 59.11 39.84 -26.20
N ASP VC 47 58.85 39.26 -27.37
CA ASP VC 47 59.67 38.13 -27.76
C ASP VC 47 61.12 38.56 -27.94
N ALA VC 48 61.35 39.71 -28.55
CA ALA VC 48 62.74 40.14 -28.71
C ALA VC 48 63.40 40.42 -27.36
N MET VC 49 62.61 40.68 -26.33
CA MET VC 49 63.16 40.86 -25.00
C MET VC 49 63.38 39.54 -24.26
N ALA VC 50 62.80 38.45 -24.76
CA ALA VC 50 62.74 37.23 -23.97
C ALA VC 50 64.11 36.62 -23.67
N LEU VC 51 65.08 36.72 -24.57
CA LEU VC 51 66.40 36.15 -24.26
C LEU VC 51 67.12 36.92 -23.15
N GLN VC 52 67.07 38.24 -23.19
CA GLN VC 52 67.64 39.03 -22.11
C GLN VC 52 66.93 38.83 -20.79
N LEU VC 53 65.64 38.51 -20.83
CA LEU VC 53 64.94 38.14 -19.61
C LEU VC 53 65.19 36.71 -19.18
N LYS VC 54 65.62 35.84 -20.10
CA LYS VC 54 65.97 34.45 -19.81
C LYS VC 54 64.74 33.61 -19.47
N GLU VC 55 63.57 34.01 -19.93
CA GLU VC 55 62.32 33.36 -19.60
C GLU VC 55 61.41 33.42 -20.82
N PRO VC 56 60.60 32.40 -21.06
CA PRO VC 56 59.58 32.50 -22.10
C PRO VC 56 58.48 33.47 -21.71
N VAL VC 57 58.03 34.29 -22.66
CA VAL VC 57 57.02 35.31 -22.42
C VAL VC 57 55.76 34.97 -23.18
N ILE VC 58 54.63 34.99 -22.45
CA ILE VC 58 53.28 34.77 -22.94
C ILE VC 58 52.49 36.08 -22.94
N VAL VC 59 51.95 36.48 -24.09
CA VAL VC 59 51.23 37.74 -24.21
C VAL VC 59 49.79 37.49 -24.67
N SER VC 60 48.84 38.00 -23.90
CA SER VC 60 47.43 38.02 -24.25
C SER VC 60 47.15 38.78 -25.55
N LYS VC 61 46.21 38.26 -26.32
CA LYS VC 61 45.76 38.91 -27.57
C LYS VC 61 45.31 40.36 -27.36
N MET VC 62 44.52 40.61 -26.32
CA MET VC 62 44.07 41.96 -26.02
C MET VC 62 45.23 42.92 -25.88
N ALA VC 63 46.35 42.47 -25.34
CA ALA VC 63 47.53 43.33 -25.31
C ALA VC 63 48.22 43.36 -26.66
N ALA VC 64 48.31 42.21 -27.33
CA ALA VC 64 48.98 42.14 -28.61
C ALA VC 64 48.36 43.04 -29.67
N ARG VC 65 47.21 43.63 -29.41
CA ARG VC 65 46.72 44.66 -30.33
C ARG VC 65 47.54 45.96 -30.33
N LYS VC 66 48.26 46.28 -29.27
CA LYS VC 66 48.96 47.56 -29.17
C LYS VC 66 50.25 47.57 -29.99
N LYS VC 67 50.56 48.70 -30.61
CA LYS VC 67 51.81 48.89 -31.35
C LYS VC 67 52.84 49.66 -30.55
N ILE VC 68 54.10 49.57 -30.98
CA ILE VC 68 55.19 50.36 -30.42
C ILE VC 68 56.19 50.68 -31.52
N THR VC 69 56.97 51.74 -31.33
CA THR VC 69 57.97 52.14 -32.32
C THR VC 69 59.13 52.87 -31.64
N GLY VC 70 60.31 52.72 -32.23
CA GLY VC 70 61.55 53.25 -31.69
C GLY VC 70 62.56 52.16 -31.44
N ASN VC 71 63.71 52.56 -30.86
CA ASN VC 71 64.79 51.62 -30.60
C ASN VC 71 65.28 51.68 -29.16
N PHE VC 72 65.50 50.50 -28.59
CA PHE VC 72 65.58 50.33 -27.14
C PHE VC 72 66.82 49.52 -26.82
N GLU VC 73 67.48 49.87 -25.72
CA GLU VC 73 68.67 49.15 -25.25
C GLU VC 73 68.33 48.30 -24.03
N PHE VC 74 68.72 47.03 -24.08
CA PHE VC 74 68.33 46.07 -23.04
C PHE VC 74 69.42 45.93 -21.97
N HIS VC 75 69.72 47.05 -21.31
CA HIS VC 75 70.67 47.01 -20.20
C HIS VC 75 70.08 46.30 -18.99
N ASP VC 76 68.86 46.68 -18.58
CA ASP VC 76 68.21 46.11 -17.41
C ASP VC 76 66.74 45.84 -17.74
N PRO VC 77 66.46 44.69 -18.34
CA PRO VC 77 65.09 44.38 -18.76
C PRO VC 77 64.04 44.52 -17.67
N ASN VC 78 64.36 44.26 -16.41
CA ASN VC 78 63.35 44.37 -15.36
C ASN VC 78 62.86 45.80 -15.22
N ALA VC 79 63.79 46.75 -15.13
CA ALA VC 79 63.46 48.16 -15.07
C ALA VC 79 62.70 48.58 -16.32
N LEU VC 80 63.21 48.24 -17.49
CA LEU VC 80 62.53 48.63 -18.70
C LEU VC 80 61.10 48.09 -18.72
N LEU VC 81 60.93 46.85 -18.26
CA LEU VC 81 59.61 46.24 -18.23
C LEU VC 81 58.66 46.98 -17.30
N GLU VC 82 59.13 47.40 -16.12
CA GLU VC 82 58.25 48.13 -15.23
C GLU VC 82 57.86 49.49 -15.79
N LYS VC 83 58.83 50.22 -16.34
CA LYS VC 83 58.50 51.49 -16.98
C LYS VC 83 57.43 51.30 -18.06
N LEU VC 84 57.68 50.40 -19.01
CA LEU VC 84 56.72 50.23 -20.08
C LEU VC 84 55.37 49.71 -19.59
N SER VC 85 55.37 48.91 -18.54
CA SER VC 85 54.11 48.48 -17.95
C SER VC 85 53.28 49.67 -17.53
N LEU VC 86 53.88 50.62 -16.83
CA LEU VC 86 53.06 51.74 -16.38
C LEU VC 86 52.76 52.75 -17.49
N GLN VC 87 53.63 52.87 -18.49
CA GLN VC 87 53.31 53.76 -19.61
C GLN VC 87 52.17 53.22 -20.46
N LEU VC 88 52.13 51.92 -20.74
CA LEU VC 88 51.18 51.37 -21.68
C LEU VC 88 49.95 50.78 -21.00
N GLY VC 89 49.97 50.64 -19.69
CA GLY VC 89 48.86 50.05 -18.97
C GLY VC 89 48.78 48.55 -18.91
N LEU VC 90 49.91 47.87 -18.96
CA LEU VC 90 49.92 46.42 -18.90
C LEU VC 90 50.06 45.99 -17.44
N ILE VC 91 49.78 44.73 -17.19
CA ILE VC 91 50.01 44.11 -15.90
C ILE VC 91 50.75 42.83 -16.19
N TRP VC 92 51.64 42.43 -15.29
CA TRP VC 92 52.44 41.24 -15.54
C TRP VC 92 52.71 40.47 -14.27
N TYR VC 93 52.97 39.18 -14.46
CA TYR VC 93 53.20 38.24 -13.37
C TYR VC 93 54.31 37.29 -13.75
N PHE VC 94 54.92 36.68 -12.74
CA PHE VC 94 56.04 35.76 -12.93
C PHE VC 94 55.97 34.64 -11.90
N ASP VC 95 55.64 33.45 -12.39
CA ASP VC 95 55.48 32.22 -11.62
C ASP VC 95 56.78 31.48 -11.36
N GLY VC 96 57.88 31.90 -11.99
CA GLY VC 96 59.16 31.23 -11.92
C GLY VC 96 59.53 30.47 -13.16
N GLN VC 97 58.58 30.20 -14.03
CA GLN VC 97 58.79 29.48 -15.27
C GLN VC 97 58.52 30.33 -16.50
N ALA VC 98 57.54 31.22 -16.45
CA ALA VC 98 57.23 32.05 -17.60
C ALA VC 98 56.66 33.38 -17.14
N ILE VC 99 56.86 34.41 -17.93
CA ILE VC 99 56.28 35.73 -17.71
C ILE VC 99 54.98 35.91 -18.49
N TYR VC 100 53.90 36.27 -17.78
CA TYR VC 100 52.56 36.44 -18.36
C TYR VC 100 52.20 37.91 -18.33
N ILE VC 101 51.87 38.48 -19.49
CA ILE VC 101 51.50 39.88 -19.61
C ILE VC 101 50.09 40.03 -20.17
N TYR VC 102 49.27 40.79 -19.45
CA TYR VC 102 47.87 41.03 -19.74
C TYR VC 102 47.56 42.52 -19.79
N ASP VC 103 46.45 42.86 -20.44
CA ASP VC 103 45.94 44.23 -20.36
C ASP VC 103 45.33 44.48 -18.97
N ALA VC 104 45.55 45.70 -18.47
CA ALA VC 104 44.99 46.12 -17.18
C ALA VC 104 43.49 45.90 -17.01
N SER VC 105 42.71 46.03 -18.06
CA SER VC 105 41.28 45.77 -17.94
C SER VC 105 40.93 44.38 -17.44
N GLU VC 106 41.82 43.40 -17.63
CA GLU VC 106 41.57 42.03 -17.19
C GLU VC 106 41.72 41.76 -15.69
N MET VC 107 42.15 42.72 -14.88
CA MET VC 107 42.24 42.50 -13.43
C MET VC 107 41.00 41.84 -12.82
N ARG VC 108 41.20 40.68 -12.21
CA ARG VC 108 40.13 39.96 -11.49
C ARG VC 108 40.31 40.08 -9.98
N ASN VC 109 39.21 39.92 -9.25
CA ASN VC 109 39.24 39.96 -7.80
C ASN VC 109 38.17 39.05 -7.22
N ALA VC 110 38.44 38.51 -6.03
CA ALA VC 110 37.54 37.57 -5.38
C ALA VC 110 37.69 37.62 -3.87
N VAL VC 111 36.60 37.22 -3.18
CA VAL VC 111 36.56 37.02 -1.74
C VAL VC 111 36.57 35.54 -1.41
N VAL VC 112 37.56 35.13 -0.62
CA VAL VC 112 37.76 33.73 -0.24
C VAL VC 112 37.62 33.62 1.28
N SER VC 113 36.88 32.60 1.74
CA SER VC 113 36.73 32.37 3.16
C SER VC 113 36.91 30.91 3.52
N LEU VC 114 37.82 30.65 4.47
CA LEU VC 114 38.31 29.33 4.83
C LEU VC 114 37.97 29.02 6.28
N ARG VC 115 37.67 27.76 6.57
CA ARG VC 115 37.18 27.38 7.88
C ARG VC 115 38.31 26.95 8.82
N ASN VC 116 39.20 26.10 8.33
CA ASN VC 116 40.27 25.51 9.12
C ASN VC 116 41.57 26.28 9.10
N VAL VC 117 41.88 26.94 7.99
CA VAL VC 117 43.18 27.57 7.77
C VAL VC 117 43.07 29.06 7.97
N SER VC 118 43.96 29.62 8.77
CA SER VC 118 44.10 31.05 8.94
C SER VC 118 45.00 31.65 7.86
N LEU VC 119 44.69 32.89 7.51
CA LEU VC 119 45.46 33.62 6.49
C LEU VC 119 46.96 33.60 6.77
N ASN VC 120 47.34 33.81 8.03
CA ASN VC 120 48.76 33.91 8.37
C ASN VC 120 49.56 32.72 7.85
N GLU VC 121 49.11 31.50 8.12
CA GLU VC 121 49.85 30.34 7.61
C GLU VC 121 49.76 30.20 6.10
N PHE VC 122 48.63 30.56 5.50
CA PHE VC 122 48.56 30.48 4.05
C PHE VC 122 49.63 31.36 3.41
N ASN VC 123 49.87 32.54 3.98
CA ASN VC 123 51.00 33.35 3.51
C ASN VC 123 52.30 32.57 3.58
N ASN VC 124 52.53 31.84 4.67
CA ASN VC 124 53.76 31.08 4.79
C ASN VC 124 53.82 30.00 3.72
N PHE VC 125 52.70 29.39 3.40
CA PHE VC 125 52.70 28.41 2.33
C PHE VC 125 53.14 29.04 1.02
N LEU VC 126 52.57 30.18 0.68
CA LEU VC 126 52.96 30.84 -0.56
C LEU VC 126 54.43 31.18 -0.55
N LYS VC 127 54.95 31.61 0.60
CA LYS VC 127 56.36 31.95 0.66
C LYS VC 127 57.22 30.72 0.41
N ARG VC 128 56.94 29.61 1.08
CA ARG VC 128 57.73 28.42 0.85
C ARG VC 128 57.64 27.96 -0.60
N SER VC 129 56.47 28.06 -1.20
CA SER VC 129 56.33 27.70 -2.60
C SER VC 129 57.06 28.63 -3.56
N GLY VC 130 57.37 29.85 -3.15
CA GLY VC 130 57.97 30.76 -4.11
C GLY VC 130 56.96 31.35 -5.06
N LEU VC 131 55.69 31.40 -4.64
CA LEU VC 131 54.54 31.90 -5.38
C LEU VC 131 54.11 33.27 -4.91
N TYR VC 132 54.52 33.66 -3.72
CA TYR VC 132 54.16 34.95 -3.14
C TYR VC 132 54.61 36.08 -4.07
N ASN VC 133 53.84 37.17 -4.03
CA ASN VC 133 54.09 38.36 -4.86
C ASN VC 133 53.72 39.59 -4.07
N LYS VC 134 54.71 40.40 -3.69
CA LYS VC 134 54.44 41.59 -2.92
C LYS VC 134 53.70 42.71 -3.66
N ASN VC 135 53.47 42.61 -4.96
CA ASN VC 135 52.64 43.63 -5.60
C ASN VC 135 51.15 43.35 -5.52
N TYR VC 136 50.73 42.12 -5.25
CA TYR VC 136 49.32 41.76 -5.18
C TYR VC 136 49.00 40.93 -3.94
N PRO VC 137 49.45 41.36 -2.76
CA PRO VC 137 49.29 40.52 -1.58
C PRO VC 137 47.85 40.37 -1.14
N LEU VC 138 47.61 39.32 -0.37
CA LEU VC 138 46.30 39.10 0.26
C LEU VC 138 46.04 40.18 1.31
N ARG VC 139 44.82 40.68 1.31
CA ARG VC 139 44.39 41.74 2.22
C ARG VC 139 43.31 41.27 3.18
N GLY VC 140 43.63 41.25 4.47
CA GLY VC 140 42.67 40.81 5.46
C GLY VC 140 43.29 40.75 6.84
N ASP VC 141 42.61 40.07 7.76
CA ASP VC 141 43.07 39.87 9.13
C ASP VC 141 43.80 38.55 9.30
N ASN VC 142 45.10 38.63 9.57
CA ASN VC 142 45.90 37.43 9.76
C ASN VC 142 45.29 36.45 10.75
N ARG VC 143 44.56 36.95 11.75
CA ARG VC 143 43.94 36.06 12.72
C ARG VC 143 42.76 35.29 12.14
N LYS VC 144 41.91 35.96 11.37
CA LYS VC 144 40.71 35.35 10.81
C LYS VC 144 41.06 34.48 9.61
N GLY VC 145 40.03 33.99 8.93
CA GLY VC 145 40.17 33.21 7.73
C GLY VC 145 39.44 33.71 6.50
N THR VC 146 39.07 34.98 6.46
CA THR VC 146 38.39 35.55 5.30
C THR VC 146 39.26 36.65 4.74
N PHE VC 147 39.56 36.57 3.44
CA PHE VC 147 40.43 37.52 2.78
C PHE VC 147 39.93 37.88 1.38
N TYR VC 148 40.39 39.02 0.92
CA TYR VC 148 40.15 39.57 -0.42
C TYR VC 148 41.43 39.54 -1.24
N VAL VC 149 41.34 39.08 -2.50
CA VAL VC 149 42.49 39.00 -3.40
C VAL VC 149 42.16 39.57 -4.77
N SER VC 150 43.10 40.31 -5.36
CA SER VC 150 42.91 40.83 -6.71
C SER VC 150 44.24 40.86 -7.45
N GLY VC 151 44.17 40.63 -8.76
CA GLY VC 151 45.33 40.60 -9.61
C GLY VC 151 45.10 39.99 -10.97
N PRO VC 152 46.19 39.66 -11.67
CA PRO VC 152 46.06 38.97 -12.94
C PRO VC 152 45.31 37.66 -12.82
N PRO VC 153 44.60 37.26 -13.87
CA PRO VC 153 43.87 36.00 -13.91
C PRO VC 153 44.55 34.75 -13.34
N VAL VC 154 45.72 34.39 -13.87
CA VAL VC 154 46.39 33.18 -13.41
C VAL VC 154 46.63 33.23 -11.92
N TYR VC 155 47.14 34.35 -11.44
CA TYR VC 155 47.42 34.49 -10.02
C TYR VC 155 46.15 34.25 -9.20
N VAL VC 156 45.08 34.96 -9.53
CA VAL VC 156 43.82 34.78 -8.81
C VAL VC 156 43.34 33.34 -8.82
N ASP VC 157 43.23 32.74 -10.01
CA ASP VC 157 42.74 31.35 -10.10
C ASP VC 157 43.58 30.38 -9.28
N MET VC 158 44.91 30.48 -9.37
CA MET VC 158 45.76 29.62 -8.59
C MET VC 158 45.52 29.78 -7.10
N VAL VC 159 45.57 31.02 -6.61
CA VAL VC 159 45.30 31.29 -5.19
C VAL VC 159 44.00 30.67 -4.74
N VAL VC 160 42.91 30.95 -5.45
CA VAL VC 160 41.59 30.42 -5.09
C VAL VC 160 41.60 28.90 -4.98
N ASN VC 161 42.04 28.21 -6.02
CA ASN VC 161 42.01 26.75 -5.99
C ASN VC 161 42.90 26.18 -4.90
N ALA VC 162 44.10 26.70 -4.74
CA ALA VC 162 44.99 26.23 -3.69
C ALA VC 162 44.34 26.33 -2.32
N ALA VC 163 43.82 27.51 -1.97
CA ALA VC 163 43.16 27.67 -0.68
C ALA VC 163 42.01 26.70 -0.48
N THR VC 164 41.14 26.55 -1.48
CA THR VC 164 40.04 25.60 -1.36
C THR VC 164 40.52 24.18 -1.07
N MET VC 165 41.46 23.69 -1.87
CA MET VC 165 41.98 22.35 -1.65
C MET VC 165 42.58 22.18 -0.26
N MET VC 166 43.44 23.09 0.16
CA MET VC 166 43.97 23.01 1.52
C MET VC 166 42.88 22.90 2.57
N ASP VC 167 41.88 23.78 2.51
CA ASP VC 167 40.81 23.72 3.48
C ASP VC 167 40.10 22.38 3.50
N LYS VC 168 39.83 21.79 2.34
CA LYS VC 168 39.23 20.46 2.35
C LYS VC 168 40.17 19.41 2.93
N GLN VC 169 41.45 19.46 2.59
CA GLN VC 169 42.40 18.48 3.13
C GLN VC 169 42.44 18.49 4.66
N ASN VC 170 42.58 19.67 5.27
CA ASN VC 170 42.66 19.71 6.72
C ASN VC 170 41.43 19.16 7.43
N ASP VC 171 40.27 19.15 6.79
CA ASP VC 171 39.09 18.52 7.38
C ASP VC 171 39.37 17.09 7.84
N GLY VC 172 40.18 16.36 7.08
CA GLY VC 172 40.57 14.99 7.41
C GLY VC 172 41.58 14.84 8.53
N ILE VC 173 42.08 15.93 9.10
CA ILE VC 173 43.12 15.86 10.12
C ILE VC 173 42.51 16.12 11.50
N GLU VC 174 42.57 15.10 12.35
CA GLU VC 174 42.07 15.18 13.70
C GLU VC 174 43.09 15.90 14.59
N LEU VC 175 42.59 16.79 15.45
CA LEU VC 175 43.44 17.57 16.35
C LEU VC 175 43.03 17.52 17.82
N GLY VC 176 41.88 16.96 18.17
CA GLY VC 176 41.43 16.97 19.55
C GLY VC 176 42.01 15.89 20.42
N ARG VC 177 43.34 15.85 20.51
CA ARG VC 177 44.03 14.79 21.23
C ARG VC 177 43.70 14.83 22.71
N GLN VC 178 43.09 13.75 23.19
CA GLN VC 178 42.73 13.62 24.60
C GLN VC 178 43.97 13.44 25.48
N LYS VC 179 43.82 13.82 26.75
CA LYS VC 179 44.82 13.53 27.77
C LYS VC 179 44.15 12.98 29.02
N ILE VC 180 44.95 12.29 29.84
CA ILE VC 180 44.50 11.71 31.10
C ILE VC 180 45.32 12.25 32.25
N GLY VC 181 44.64 12.65 33.32
CA GLY VC 181 45.23 13.05 34.58
C GLY VC 181 44.91 12.17 35.76
N VAL VC 182 45.74 12.25 36.81
CA VAL VC 182 45.63 11.45 38.02
C VAL VC 182 45.74 12.39 39.20
N MET VC 183 44.81 12.30 40.14
CA MET VC 183 44.74 13.26 41.24
C MET VC 183 44.41 12.57 42.57
N ARG VC 184 45.43 12.36 43.38
CA ARG VC 184 45.25 11.84 44.73
C ARG VC 184 44.53 12.83 45.62
N LEU VC 185 43.55 12.33 46.37
CA LEU VC 185 42.84 13.10 47.39
C LEU VC 185 43.57 12.97 48.73
N ASN VC 186 43.74 14.11 49.39
CA ASN VC 186 44.51 14.24 50.62
C ASN VC 186 43.65 14.38 51.88
N ASN VC 187 42.40 14.81 51.76
CA ASN VC 187 41.57 15.09 52.92
C ASN VC 187 40.29 14.27 53.03
N THR VC 188 40.02 13.37 52.10
CA THR VC 188 38.73 12.70 52.11
C THR VC 188 38.83 11.34 51.42
N PHE VC 189 37.82 10.50 51.68
CA PHE VC 189 37.70 9.20 51.03
C PHE VC 189 36.96 9.33 49.71
N VAL VC 190 37.54 8.71 48.68
CA VAL VC 190 36.97 8.75 47.32
C VAL VC 190 35.58 8.13 47.25
N GLY VC 191 35.35 7.00 47.91
CA GLY VC 191 34.06 6.34 47.81
C GLY VC 191 32.92 6.97 48.60
N ASP VC 192 31.74 6.86 48.01
CA ASP VC 192 30.47 7.28 48.60
C ASP VC 192 30.14 6.37 49.78
N ARG VC 193 29.39 6.90 50.74
CA ARG VC 193 29.18 6.13 51.97
C ARG VC 193 27.76 6.32 52.50
N THR VC 194 27.36 5.40 53.39
CA THR VC 194 25.99 5.31 53.86
C THR VC 194 25.95 5.04 55.35
N TYR VC 195 24.94 5.61 56.01
CA TYR VC 195 24.89 5.72 57.46
C TYR VC 195 23.51 5.31 57.94
N ASN VC 196 23.50 4.64 59.08
CA ASN VC 196 22.41 3.78 59.53
C ASN VC 196 21.48 4.49 60.51
N LEU VC 197 20.89 5.60 60.08
CA LEU VC 197 19.84 6.20 60.88
C LEU VC 197 18.58 5.39 60.73
N ARG VC 198 17.86 5.22 61.83
CA ARG VC 198 16.64 4.40 61.78
C ARG VC 198 15.59 5.01 60.89
N ASP VC 199 15.45 6.34 60.92
CA ASP VC 199 14.53 7.02 60.02
C ASP VC 199 15.02 7.03 58.59
N GLN VC 200 16.32 6.91 58.35
CA GLN VC 200 16.88 7.14 57.03
C GLN VC 200 18.16 6.35 56.88
N LYS VC 201 18.19 5.44 55.90
CA LYS VC 201 19.46 4.89 55.46
C LYS VC 201 20.21 5.96 54.67
N MET VC 202 20.69 6.98 55.36
CA MET VC 202 21.17 8.20 54.74
C MET VC 202 22.43 7.95 53.93
N VAL VC 203 22.56 8.64 52.79
CA VAL VC 203 23.67 8.42 51.87
C VAL VC 203 24.36 9.73 51.62
N ILE VC 204 25.68 9.68 51.50
CA ILE VC 204 26.52 10.81 51.12
C ILE VC 204 27.30 10.40 49.87
N PRO VC 205 27.14 11.10 48.75
CA PRO VC 205 27.75 10.65 47.49
C PRO VC 205 29.21 11.02 47.40
N GLY VC 206 29.93 10.24 46.59
CA GLY VC 206 31.31 10.58 46.28
C GLY VC 206 31.44 11.69 45.28
N ILE VC 207 32.59 12.37 45.36
CA ILE VC 207 32.88 13.50 44.48
C ILE VC 207 32.72 13.14 43.01
N ALA VC 208 33.29 12.00 42.60
CA ALA VC 208 33.13 11.56 41.22
C ALA VC 208 31.66 11.45 40.83
N THR VC 209 30.81 11.14 41.79
CA THR VC 209 29.39 11.01 41.51
C THR VC 209 28.72 12.36 41.40
N ALA VC 210 28.94 13.23 42.38
CA ALA VC 210 28.32 14.54 42.33
C ALA VC 210 28.76 15.31 41.10
N ILE VC 211 30.04 15.27 40.77
CA ILE VC 211 30.54 15.98 39.59
C ILE VC 211 29.98 15.39 38.31
N GLU VC 212 30.02 14.06 38.16
CA GLU VC 212 29.53 13.47 36.93
C GLU VC 212 28.04 13.74 36.73
N ARG VC 213 27.27 13.65 37.81
CA ARG VC 213 25.87 14.02 37.78
C ARG VC 213 25.66 15.49 37.43
N LEU VC 214 26.51 16.38 37.91
CA LEU VC 214 26.37 17.79 37.58
C LEU VC 214 26.65 18.04 36.10
N LEU VC 215 27.73 17.49 35.57
CA LEU VC 215 28.04 17.73 34.17
C LEU VC 215 27.12 17.02 33.20
N GLN VC 216 26.43 15.98 33.63
CA GLN VC 216 25.72 15.10 32.71
C GLN VC 216 24.96 15.87 31.65
N GLY VC 217 25.22 15.51 30.40
CA GLY VC 217 24.50 16.01 29.24
C GLY VC 217 24.86 17.40 28.73
N GLU VC 218 25.77 18.13 29.37
CA GLU VC 218 26.04 19.48 28.92
C GLU VC 218 26.78 19.48 27.59
N GLU VC 219 26.31 20.31 26.66
CA GLU VC 219 26.96 20.50 25.37
C GLU VC 219 27.85 21.73 25.30
N GLN VC 220 27.64 22.73 26.15
CA GLN VC 220 28.49 23.90 26.14
C GLN VC 220 29.88 23.59 26.69
N PRO VC 221 30.88 24.36 26.28
CA PRO VC 221 32.19 24.30 26.95
C PRO VC 221 32.11 24.84 28.37
N LEU VC 222 33.22 24.66 29.08
CA LEU VC 222 33.31 25.03 30.49
C LEU VC 222 34.50 25.96 30.70
N GLY VC 223 34.33 26.88 31.65
CA GLY VC 223 35.47 27.65 32.14
C GLY VC 223 35.22 28.30 33.47
N ASN VC 224 36.26 28.95 33.97
CA ASN VC 224 36.18 29.93 35.06
C ASN VC 224 35.49 29.39 36.30
N ILE VC 225 36.06 28.33 36.87
CA ILE VC 225 35.61 27.86 38.18
C ILE VC 225 35.91 28.92 39.23
N VAL VC 226 34.95 29.19 40.10
CA VAL VC 226 35.11 30.19 41.14
C VAL VC 226 34.40 29.71 42.40
N SER VC 227 34.79 30.29 43.53
CA SER VC 227 34.07 30.06 44.77
C SER VC 227 32.72 30.76 44.74
N GLN VC 255 41.83 29.10 15.26
CA GLN VC 255 42.26 27.87 15.93
C GLN VC 255 41.89 27.81 17.41
N GLU VC 256 41.89 28.96 18.08
CA GLU VC 256 41.56 28.98 19.50
C GLU VC 256 40.19 28.39 19.74
N ALA VC 257 39.17 28.93 19.06
CA ALA VC 257 37.82 28.39 19.22
C ALA VC 257 37.75 26.92 18.83
N LEU VC 258 38.61 26.48 17.92
CA LEU VC 258 38.57 25.06 17.53
C LEU VC 258 38.97 24.15 18.67
N LYS VC 259 39.85 24.63 19.54
CA LYS VC 259 40.27 23.88 20.71
C LYS VC 259 39.28 24.04 21.86
N GLN VC 260 38.87 25.28 22.12
CA GLN VC 260 37.96 25.60 23.21
C GLN VC 260 36.52 25.15 22.95
N ASN VC 261 36.18 24.74 21.74
CA ASN VC 261 34.83 24.26 21.46
C ASN VC 261 34.51 22.90 22.07
N ALA VC 262 35.42 22.27 22.81
CA ALA VC 262 35.20 20.92 23.30
C ALA VC 262 33.99 20.89 24.23
N ALA VC 263 33.18 19.84 24.10
CA ALA VC 263 31.97 19.70 24.90
C ALA VC 263 32.26 19.24 26.32
N ALA VC 264 31.77 20.02 27.28
CA ALA VC 264 32.02 19.75 28.69
C ALA VC 264 31.47 18.40 29.12
N GLY VC 265 30.31 18.00 28.60
CA GLY VC 265 29.78 16.68 28.90
C GLY VC 265 30.62 15.53 28.40
N ASN VC 266 31.69 15.79 27.66
CA ASN VC 266 32.59 14.72 27.24
C ASN VC 266 33.58 14.32 28.32
N ILE VC 267 33.82 15.18 29.31
CA ILE VC 267 34.72 14.85 30.41
C ILE VC 267 34.29 13.56 31.07
N LYS VC 268 35.27 12.75 31.47
CA LYS VC 268 34.96 11.52 32.22
C LYS VC 268 35.81 11.44 33.48
N ILE VC 269 35.18 10.99 34.56
CA ILE VC 269 35.80 10.82 35.87
C ILE VC 269 35.58 9.40 36.36
N VAL VC 270 36.64 8.76 36.88
CA VAL VC 270 36.51 7.45 37.49
C VAL VC 270 37.21 7.44 38.84
N ALA VC 271 36.53 6.93 39.86
CA ALA VC 271 37.11 6.74 41.17
C ALA VC 271 38.03 5.52 41.21
N TYR VC 272 39.15 5.65 41.91
CA TYR VC 272 40.14 4.57 42.07
C TYR VC 272 40.50 4.51 43.55
N PRO VC 273 39.73 3.76 44.35
CA PRO VC 273 40.00 3.67 45.78
C PRO VC 273 41.25 2.88 46.13
N ASP VC 274 41.84 2.18 45.17
CA ASP VC 274 43.08 1.45 45.44
C ASP VC 274 44.11 2.36 46.08
N THR VC 275 44.29 3.54 45.49
CA THR VC 275 45.25 4.54 45.94
C THR VC 275 44.57 5.79 46.44
N ASN VC 276 43.25 5.78 46.57
CA ASN VC 276 42.48 6.95 46.98
C ASN VC 276 42.66 8.13 46.02
N SER VC 277 42.38 7.90 44.73
CA SER VC 277 42.67 8.88 43.71
C SER VC 277 41.56 8.90 42.65
N LEU VC 278 41.50 10.02 41.95
CA LEU VC 278 40.59 10.24 40.84
C LEU VC 278 41.34 10.16 39.52
N LEU VC 279 40.73 9.52 38.53
CA LEU VC 279 41.26 9.50 37.18
C LEU VC 279 40.35 10.38 36.32
N VAL VC 280 40.96 11.24 35.53
CA VAL VC 280 40.24 12.24 34.74
C VAL VC 280 40.65 12.11 33.28
N LYS VC 281 39.68 12.02 32.39
CA LYS VC 281 39.95 12.05 30.97
C LYS VC 281 39.29 13.28 30.36
N GLY VC 282 40.07 14.05 29.61
CA GLY VC 282 39.53 15.20 28.92
C GLY VC 282 40.59 15.90 28.12
N THR VC 283 40.29 17.13 27.72
CA THR VC 283 41.30 18.02 27.16
C THR VC 283 42.19 18.56 28.26
N ALA VC 284 43.36 19.07 27.88
CA ALA VC 284 44.26 19.71 28.84
C ALA VC 284 43.59 20.84 29.62
N GLU VC 285 42.83 21.70 28.92
CA GLU VC 285 42.11 22.77 29.61
C GLU VC 285 41.14 22.23 30.64
N GLN VC 286 40.26 21.32 30.21
CA GLN VC 286 39.31 20.71 31.12
C GLN VC 286 39.99 20.08 32.32
N VAL VC 287 41.04 19.30 32.08
CA VAL VC 287 41.79 18.70 33.17
C VAL VC 287 42.26 19.75 34.16
N HIS VC 288 42.84 20.83 33.65
CA HIS VC 288 43.26 21.94 34.52
C HIS VC 288 42.11 22.45 35.37
N PHE VC 289 40.96 22.66 34.76
CA PHE VC 289 39.79 23.15 35.51
C PHE VC 289 39.35 22.16 36.59
N ILE VC 290 39.14 20.91 36.20
CA ILE VC 290 38.66 19.92 37.16
C ILE VC 290 39.61 19.81 38.34
N GLU VC 291 40.91 19.95 38.10
CA GLU VC 291 41.86 19.97 39.21
C GLU VC 291 41.55 21.07 40.21
N MET VC 292 41.25 22.27 39.72
CA MET VC 292 40.90 23.37 40.61
C MET VC 292 39.64 23.07 41.41
N LEU VC 293 38.63 22.52 40.75
CA LEU VC 293 37.41 22.20 41.50
C LEU VC 293 37.67 21.14 42.58
N VAL VC 294 38.43 20.09 42.25
CA VAL VC 294 38.81 19.08 43.22
C VAL VC 294 39.45 19.71 44.45
N LYS VC 295 40.40 20.63 44.22
CA LYS VC 295 41.03 21.31 45.33
C LYS VC 295 40.12 22.29 46.03
N ALA VC 296 39.10 22.80 45.35
CA ALA VC 296 38.15 23.66 46.05
C ALA VC 296 37.27 22.84 46.98
N LEU VC 297 37.11 21.56 46.70
CA LEU VC 297 36.20 20.74 47.50
C LEU VC 297 36.86 20.04 48.68
N ASP VC 298 38.05 19.45 48.51
CA ASP VC 298 38.55 18.59 49.60
C ASP VC 298 39.24 19.31 50.76
N VAL VC 299 38.58 20.29 51.39
CA VAL VC 299 39.04 20.82 52.68
C VAL VC 299 38.91 19.80 53.81
N ALA VC 300 39.85 19.87 54.77
CA ALA VC 300 39.89 19.04 55.97
C ALA VC 300 38.82 19.43 56.98
N LYS VC 301 38.29 18.44 57.70
CA LYS VC 301 37.27 18.62 58.74
C LYS VC 301 37.82 18.84 60.15
N ARG VC 302 37.14 19.71 60.91
CA ARG VC 302 37.30 19.90 62.35
C ARG VC 302 36.67 18.77 63.16
N HIS VC 303 37.26 18.52 64.35
CA HIS VC 303 36.73 17.56 65.33
C HIS VC 303 35.91 18.25 66.42
N VAL VC 304 34.83 17.59 66.82
CA VAL VC 304 33.92 18.06 67.87
C VAL VC 304 33.80 17.03 68.99
N GLU VC 305 33.98 17.49 70.23
CA GLU VC 305 33.70 16.73 71.45
C GLU VC 305 32.34 17.09 72.01
N LEU VC 306 31.48 16.09 72.17
CA LEU VC 306 30.13 16.25 72.71
C LEU VC 306 30.03 15.57 74.08
N SER VC 307 29.49 16.29 75.06
CA SER VC 307 29.36 15.77 76.42
C SER VC 307 27.97 16.09 76.94
N LEU VC 308 27.34 15.13 77.63
CA LEU VC 308 25.96 15.28 78.11
C LEU VC 308 25.83 14.99 79.60
N TRP VC 309 25.05 15.85 80.28
CA TRP VC 309 24.78 15.74 81.71
C TRP VC 309 23.34 15.33 82.01
N ILE VC 310 23.18 14.30 82.84
CA ILE VC 310 21.87 13.80 83.27
C ILE VC 310 21.85 13.78 84.79
N VAL VC 311 20.82 14.41 85.36
CA VAL VC 311 20.67 14.57 86.81
C VAL VC 311 19.23 14.32 87.24
N ASP VC 312 19.05 13.65 88.37
CA ASP VC 312 17.73 13.46 88.95
C ASP VC 312 17.81 13.33 90.47
N LEU VC 313 16.74 13.76 91.14
CA LEU VC 313 16.68 13.83 92.60
C LEU VC 313 15.34 13.30 93.09
N ASN VC 314 15.33 12.74 94.30
CA ASN VC 314 14.11 12.12 94.83
C ASN VC 314 14.10 12.18 96.35
N LYS VC 315 13.02 12.74 96.92
CA LYS VC 315 12.76 12.89 98.34
C LYS VC 315 11.37 12.36 98.67
N SER VC 316 11.24 11.64 99.79
CA SER VC 316 9.91 11.16 100.20
C SER VC 316 9.79 10.94 101.70
N ASP VC 317 8.60 11.22 102.24
CA ASP VC 317 8.25 10.99 103.64
C ASP VC 317 6.94 10.22 103.74
N LEU VC 318 6.86 9.26 104.68
CA LEU VC 318 5.66 8.46 104.86
C LEU VC 318 5.37 8.20 106.34
N GLU VC 319 4.09 8.20 106.71
CA GLU VC 319 3.70 7.91 108.09
C GLU VC 319 2.36 7.20 108.17
N ARG VC 320 2.30 6.15 109.01
CA ARG VC 320 1.06 5.42 109.31
C ARG VC 320 0.91 5.29 110.83
N LEU VC 321 -0.26 5.62 111.36
CA LEU VC 321 -0.45 5.57 112.80
C LEU VC 321 -1.90 5.44 113.24
N GLY VC 322 -2.16 4.57 114.24
CA GLY VC 322 -3.46 4.40 114.84
C GLY VC 322 -3.99 2.98 114.95
N THR VC 323 -5.32 2.87 115.12
CA THR VC 323 -6.01 1.61 115.40
C THR VC 323 -7.26 1.33 114.57
N SER VC 324 -7.40 0.06 114.20
CA SER VC 324 -8.57 -0.52 113.53
C SER VC 324 -9.32 -1.42 114.51
N TRP VC 325 -10.62 -1.20 114.71
CA TRP VC 325 -11.40 -1.89 115.74
C TRP VC 325 -12.51 -2.73 115.11
N SER VC 326 -12.78 -3.88 115.74
CA SER VC 326 -13.85 -4.78 115.35
C SER VC 326 -14.08 -5.76 116.49
N GLY VC 327 -15.23 -6.43 116.46
CA GLY VC 327 -15.46 -7.48 117.44
C GLY VC 327 -16.90 -7.92 117.50
N SER VC 328 -17.20 -8.76 118.50
CA SER VC 328 -18.54 -9.29 118.69
C SER VC 328 -18.78 -9.64 120.15
N ILE VC 329 -20.06 -9.72 120.50
CA ILE VC 329 -20.54 -10.11 121.82
C ILE VC 329 -21.67 -11.12 121.68
N THR VC 330 -21.67 -12.14 122.53
CA THR VC 330 -22.76 -13.10 122.64
C THR VC 330 -23.48 -12.87 123.96
N ILE VC 331 -24.80 -12.78 123.92
CA ILE VC 331 -25.60 -12.63 125.13
C ILE VC 331 -26.81 -13.56 125.06
N GLY VC 332 -27.08 -14.21 126.19
CA GLY VC 332 -27.91 -15.39 126.28
C GLY VC 332 -27.37 -16.45 125.33
N ASP VC 333 -28.27 -17.36 124.97
CA ASP VC 333 -28.12 -18.14 123.75
C ASP VC 333 -28.69 -17.42 122.55
N LYS VC 334 -29.65 -16.52 122.80
CA LYS VC 334 -30.47 -15.97 121.74
C LYS VC 334 -29.70 -14.99 120.86
N LEU VC 335 -28.86 -14.14 121.46
CA LEU VC 335 -28.34 -12.98 120.75
C LEU VC 335 -26.85 -13.07 120.49
N GLY VC 336 -26.48 -12.71 119.27
CA GLY VC 336 -25.10 -12.40 118.94
C GLY VC 336 -25.05 -11.12 118.14
N VAL VC 337 -24.08 -10.27 118.46
CA VAL VC 337 -23.98 -8.95 117.87
C VAL VC 337 -22.54 -8.73 117.44
N SER VC 338 -22.35 -8.13 116.26
CA SER VC 338 -21.02 -7.93 115.73
C SER VC 338 -20.86 -6.53 115.17
N LEU VC 339 -19.67 -5.97 115.39
CA LEU VC 339 -19.30 -4.63 115.00
C LEU VC 339 -18.15 -4.73 114.02
N ASN VC 340 -18.33 -4.09 112.86
CA ASN VC 340 -17.28 -3.97 111.86
C ASN VC 340 -16.65 -5.33 111.58
N GLN VC 341 -17.51 -6.34 111.47
CA GLN VC 341 -17.07 -7.72 111.37
C GLN VC 341 -18.24 -8.47 110.73
N SER VC 342 -18.02 -8.97 109.51
CA SER VC 342 -19.15 -9.24 108.63
C SER VC 342 -20.01 -10.41 109.09
N SER VC 343 -19.41 -11.45 109.65
CA SER VC 343 -20.21 -12.63 110.01
C SER VC 343 -19.48 -13.47 111.04
N ILE VC 344 -20.08 -13.64 112.20
CA ILE VC 344 -19.51 -14.40 113.30
C ILE VC 344 -20.64 -15.16 113.99
N SER VC 345 -20.42 -16.44 114.23
CA SER VC 345 -21.18 -17.16 115.25
C SER VC 345 -20.55 -16.77 116.57
N THR VC 346 -21.17 -15.81 117.24
CA THR VC 346 -20.47 -15.02 118.24
C THR VC 346 -19.89 -15.92 119.32
N LEU VC 347 -18.67 -15.60 119.76
CA LEU VC 347 -18.04 -16.35 120.82
C LEU VC 347 -18.81 -16.16 122.12
N ASP VC 348 -19.01 -17.28 122.83
CA ASP VC 348 -20.05 -17.37 123.83
C ASP VC 348 -19.96 -16.32 124.93
N GLY VC 349 -18.80 -15.70 125.12
CA GLY VC 349 -18.70 -14.44 125.83
C GLY VC 349 -18.53 -13.28 124.85
N SER VC 350 -17.29 -12.90 124.57
CA SER VC 350 -17.04 -11.79 123.66
C SER VC 350 -15.66 -11.93 123.06
N ARG VC 351 -15.45 -11.24 121.94
CA ARG VC 351 -14.11 -11.10 121.38
C ARG VC 351 -14.00 -9.71 120.79
N PHE VC 352 -12.92 -9.00 121.11
CA PHE VC 352 -12.58 -7.77 120.42
C PHE VC 352 -11.14 -7.84 119.93
N ILE VC 353 -10.89 -7.19 118.81
CA ILE VC 353 -9.57 -7.20 118.19
C ILE VC 353 -9.24 -5.79 117.77
N ALA VC 354 -8.06 -5.31 118.15
CA ALA VC 354 -7.58 -4.01 117.73
C ALA VC 354 -6.27 -4.17 116.99
N ALA VC 355 -6.22 -3.68 115.76
CA ALA VC 355 -5.02 -3.75 114.95
C ALA VC 355 -4.35 -2.38 114.99
N VAL VC 356 -3.10 -2.34 115.41
CA VAL VC 356 -2.38 -1.11 115.66
C VAL VC 356 -1.26 -1.01 114.65
N ASN VC 357 -1.07 0.18 114.09
CA ASN VC 357 0.10 0.47 113.27
C ASN VC 357 0.80 1.71 113.78
N ALA VC 358 2.13 1.69 113.70
CA ALA VC 358 2.93 2.89 113.91
C ALA VC 358 4.22 2.77 113.10
N LEU VC 359 4.38 3.60 112.07
CA LEU VC 359 5.55 3.56 111.24
C LEU VC 359 5.84 4.93 110.64
N GLU VC 360 7.12 5.25 110.52
CA GLU VC 360 7.59 6.49 109.92
C GLU VC 360 8.80 6.25 109.06
N GLU VC 361 8.86 6.86 107.88
CA GLU VC 361 9.93 6.55 106.93
C GLU VC 361 10.33 7.79 106.14
N LYS VC 362 11.62 7.89 105.84
CA LYS VC 362 12.20 8.99 105.06
C LYS VC 362 13.18 8.42 104.05
N LYS VC 363 13.17 8.96 102.83
CA LYS VC 363 14.04 8.44 101.78
C LYS VC 363 14.55 9.54 100.85
N GLN VC 364 15.81 9.43 100.43
CA GLN VC 364 16.41 10.39 99.52
C GLN VC 364 17.46 9.71 98.65
N ALA VC 365 17.50 10.08 97.37
CA ALA VC 365 18.43 9.48 96.40
C ALA VC 365 18.93 10.52 95.39
N THR VC 366 20.09 10.22 94.78
CA THR VC 366 20.70 11.12 93.80
C THR VC 366 21.57 10.39 92.81
N VAL VC 367 21.40 10.67 91.52
CA VAL VC 367 22.17 10.02 90.46
C VAL VC 367 22.60 11.06 89.42
N VAL VC 368 23.86 10.96 88.98
CA VAL VC 368 24.44 11.84 87.96
C VAL VC 368 25.15 10.99 86.91
N SER VC 369 24.99 11.33 85.63
CA SER VC 369 25.65 10.55 84.58
C SER VC 369 26.09 11.43 83.42
N ARG VC 370 27.20 11.03 82.79
CA ARG VC 370 27.77 11.72 81.64
C ARG VC 370 28.30 10.85 80.51
N PRO VC 371 27.65 10.79 79.37
CA PRO VC 371 28.31 10.22 78.19
C PRO VC 371 29.08 11.28 77.42
N VAL VC 372 30.17 10.84 76.80
CA VAL VC 372 31.07 11.69 76.02
C VAL VC 372 31.41 11.01 74.71
N LEU VC 373 31.26 11.73 73.60
CA LEU VC 373 31.48 11.17 72.27
C LEU VC 373 32.28 12.13 71.40
N LEU VC 374 33.10 11.56 70.52
CA LEU VC 374 33.92 12.30 69.57
C LEU VC 374 33.40 12.10 68.14
N THR VC 375 33.19 13.21 67.43
CA THR VC 375 32.69 13.14 66.06
C THR VC 375 33.32 14.26 65.26
N GLN VC 376 33.68 13.98 64.02
CA GLN VC 376 34.05 15.07 63.14
C GLN VC 376 32.83 15.91 62.80
N GLU VC 377 33.10 17.16 62.44
CA GLU VC 377 32.10 18.02 61.83
C GLU VC 377 31.33 17.28 60.75
N ASN VC 378 30.01 17.48 60.76
CA ASN VC 378 29.17 17.17 59.62
C ASN VC 378 29.08 15.67 59.33
N VAL VC 379 29.45 14.83 60.27
CA VAL VC 379 29.35 13.38 60.14
C VAL VC 379 28.53 12.84 61.30
N PRO VC 380 27.55 11.97 61.08
CA PRO VC 380 26.72 11.48 62.18
C PRO VC 380 27.42 10.40 62.98
N ALA VC 381 27.06 10.31 64.27
CA ALA VC 381 27.61 9.24 65.09
C ALA VC 381 26.61 8.85 66.17
N ILE VC 382 26.84 7.68 66.75
CA ILE VC 382 25.97 7.09 67.76
C ILE VC 382 26.80 6.65 68.95
N PHE VC 383 26.18 6.68 70.13
CA PHE VC 383 26.74 6.10 71.34
C PHE VC 383 25.66 5.32 72.05
N ASP VC 384 25.99 4.09 72.44
CA ASP VC 384 25.03 3.22 73.11
C ASP VC 384 25.68 2.45 74.24
N ASN VC 385 25.03 2.44 75.41
CA ASN VC 385 25.57 1.74 76.56
C ASN VC 385 24.45 1.21 77.43
N ASN VC 386 24.69 0.06 78.07
CA ASN VC 386 23.84 -0.39 79.16
C ASN VC 386 24.66 -1.20 80.14
N ARG VC 387 24.25 -1.14 81.40
CA ARG VC 387 24.99 -1.76 82.48
C ARG VC 387 24.05 -2.20 83.59
N THR VC 388 24.48 -3.23 84.32
CA THR VC 388 23.66 -3.87 85.35
C THR VC 388 24.36 -3.84 86.68
N PHE VC 389 23.59 -3.55 87.73
CA PHE VC 389 24.10 -3.44 89.09
C PHE VC 389 23.31 -4.37 90.01
N TYR VC 390 24.00 -4.85 91.05
CA TYR VC 390 23.53 -5.95 91.86
C TYR VC 390 23.53 -5.58 93.34
N THR VC 391 22.69 -6.30 94.08
CA THR VC 391 22.65 -6.24 95.53
C THR VC 391 22.30 -7.62 96.04
N LYS VC 392 22.82 -7.97 97.21
CA LYS VC 392 22.41 -9.18 97.89
C LYS VC 392 21.45 -8.85 99.01
N LEU VC 393 20.35 -9.60 99.08
CA LEU VC 393 19.44 -9.46 100.21
C LEU VC 393 20.06 -10.03 101.48
N ILE VC 394 19.33 -9.80 102.58
CA ILE VC 394 19.87 -9.94 103.92
C ILE VC 394 20.37 -11.36 104.15
N GLY VC 395 21.65 -11.48 104.49
CA GLY VC 395 22.15 -12.61 105.26
C GLY VC 395 22.64 -13.86 104.58
N GLU VC 396 22.57 -14.96 105.34
CA GLU VC 396 23.20 -16.22 104.97
C GLU VC 396 22.49 -16.93 103.82
N ARG VC 397 21.20 -16.69 103.61
CA ARG VC 397 20.49 -17.48 102.62
C ARG VC 397 21.09 -17.26 101.23
N ASN VC 398 21.07 -18.32 100.43
CA ASN VC 398 21.78 -18.36 99.16
C ASN VC 398 20.95 -17.68 98.08
N VAL VC 399 20.44 -16.49 98.39
CA VAL VC 399 19.51 -15.79 97.50
C VAL VC 399 20.25 -15.34 96.24
N ALA VC 400 19.64 -15.59 95.09
CA ALA VC 400 20.11 -15.01 93.84
C ALA VC 400 19.96 -13.50 93.87
N LEU VC 401 21.06 -12.80 93.59
CA LEU VC 401 21.14 -11.38 93.83
C LEU VC 401 20.10 -10.61 93.04
N GLU VC 402 19.54 -9.58 93.66
CA GLU VC 402 18.61 -8.68 92.98
C GLU VC 402 19.39 -7.67 92.15
N HIS VC 403 18.83 -7.29 91.00
CA HIS VC 403 19.56 -6.42 90.08
C HIS VC 403 18.66 -5.39 89.44
N VAL VC 404 19.31 -4.37 88.87
CA VAL VC 404 18.68 -3.35 88.02
C VAL VC 404 19.59 -3.04 86.83
N THR VC 405 18.98 -2.71 85.70
CA THR VC 405 19.73 -2.36 84.50
C THR VC 405 19.40 -0.97 84.00
N TYR VC 406 20.44 -0.20 83.66
CA TYR VC 406 20.33 1.18 83.21
C TYR VC 406 21.02 1.32 81.86
N GLY VC 407 20.41 2.10 80.96
CA GLY VC 407 20.96 2.23 79.63
C GLY VC 407 20.63 3.56 78.96
N THR VC 408 21.49 3.90 78.00
CA THR VC 408 21.53 5.23 77.42
C THR VC 408 21.90 5.14 75.94
N MET VC 409 21.27 6.00 75.14
CA MET VC 409 21.44 6.05 73.70
C MET VC 409 21.48 7.49 73.24
N ILE VC 410 22.42 7.78 72.33
CA ILE VC 410 22.50 9.08 71.69
C ILE VC 410 22.76 8.88 70.21
N ARG VC 411 22.06 9.62 69.36
CA ARG VC 411 22.51 9.88 67.99
C ARG VC 411 22.66 11.37 67.75
N VAL VC 412 23.73 11.77 67.05
CA VAL VC 412 24.01 13.19 66.89
C VAL VC 412 24.69 13.45 65.55
N LEU VC 413 24.44 14.66 65.02
CA LEU VC 413 24.99 15.18 63.79
C LEU VC 413 25.26 16.68 63.96
N PRO VC 414 26.54 17.09 64.07
CA PRO VC 414 26.91 18.49 64.28
C PRO VC 414 27.18 19.33 63.04
N ARG VC 415 26.95 20.63 63.19
CA ARG VC 415 27.17 21.67 62.20
C ARG VC 415 27.89 22.88 62.82
N PHE VC 416 28.88 23.42 62.10
CA PHE VC 416 29.60 24.63 62.51
C PHE VC 416 29.04 25.91 61.88
N SER VC 417 28.48 26.76 62.72
CA SER VC 417 28.04 28.08 62.31
C SER VC 417 29.23 28.97 61.96
N ALA VC 418 29.07 29.78 60.92
CA ALA VC 418 30.06 30.79 60.56
C ALA VC 418 30.37 31.76 61.69
N ASP VC 419 29.45 31.92 62.65
CA ASP VC 419 29.63 32.78 63.81
C ASP VC 419 30.36 32.08 64.94
N GLY VC 420 30.91 30.91 64.68
CA GLY VC 420 31.52 30.07 65.70
C GLY VC 420 30.57 29.48 66.73
N GLN VC 421 29.52 28.82 66.22
CA GLN VC 421 28.48 28.21 67.02
C GLN VC 421 28.27 26.81 66.47
N ILE VC 422 27.72 25.93 67.31
CA ILE VC 422 27.47 24.54 66.93
C ILE VC 422 25.98 24.23 67.01
N GLU VC 423 25.47 23.60 65.96
CA GLU VC 423 24.09 23.18 65.83
C GLU VC 423 24.05 21.68 65.69
N MET VC 424 23.13 21.00 66.39
CA MET VC 424 23.14 19.54 66.37
C MET VC 424 21.74 18.95 66.35
N SER VC 425 21.58 17.90 65.55
CA SER VC 425 20.38 17.08 65.60
C SER VC 425 20.51 16.09 66.76
N LEU VC 426 19.51 16.02 67.66
CA LEU VC 426 19.65 15.21 68.86
C LEU VC 426 18.51 14.24 69.10
N ASP VC 427 18.88 12.96 69.24
CA ASP VC 427 18.02 11.87 69.70
C ASP VC 427 18.64 11.33 70.98
N ILE VC 428 17.90 11.40 72.09
CA ILE VC 428 18.34 10.93 73.39
C ILE VC 428 17.32 9.96 73.96
N GLU VC 429 17.79 8.80 74.40
CA GLU VC 429 16.91 7.84 75.07
C GLU VC 429 17.65 7.31 76.29
N ASP VC 430 17.03 7.38 77.46
CA ASP VC 430 17.74 6.97 78.66
C ASP VC 430 16.82 6.56 79.79
N GLY VC 431 17.30 5.62 80.59
CA GLY VC 431 16.56 5.19 81.76
C GLY VC 431 16.84 3.76 82.12
N ASN VC 432 16.02 3.26 83.04
CA ASN VC 432 16.04 1.87 83.47
C ASN VC 432 14.81 1.13 82.97
N ASP VC 433 15.04 -0.10 82.50
CA ASP VC 433 13.97 -0.95 82.00
C ASP VC 433 12.87 -1.16 83.03
N LYS VC 434 11.62 -1.07 82.58
CA LYS VC 434 10.47 -1.36 83.40
C LYS VC 434 10.57 -2.73 84.02
N THR VC 435 10.14 -2.84 85.28
CA THR VC 435 10.26 -4.06 86.07
C THR VC 435 8.91 -4.39 86.69
N PRO VC 436 8.03 -5.07 85.92
CA PRO VC 436 6.74 -5.50 86.46
C PRO VC 436 6.83 -6.45 87.63
N GLN VC 437 8.00 -7.02 87.89
CA GLN VC 437 8.11 -8.10 88.86
C GLN VC 437 7.77 -7.59 90.26
N SER VC 438 7.44 -8.54 91.13
CA SER VC 438 7.21 -8.23 92.54
C SER VC 438 8.56 -8.01 93.22
N ASP VC 439 9.12 -6.83 92.94
CA ASP VC 439 10.33 -6.40 93.59
C ASP VC 439 10.20 -6.48 95.11
N THR VC 440 11.27 -6.95 95.76
CA THR VC 440 11.25 -7.07 97.20
C THR VC 440 11.32 -5.69 97.85
N THR VC 441 10.80 -5.62 99.09
CA THR VC 441 10.70 -4.36 99.81
C THR VC 441 12.07 -3.66 99.91
N THR VC 442 13.10 -4.41 100.27
CA THR VC 442 14.45 -3.85 100.29
C THR VC 442 15.00 -3.58 98.90
N SER VC 443 14.39 -4.10 97.84
CA SER VC 443 14.96 -3.95 96.51
C SER VC 443 14.98 -2.49 96.10
N VAL VC 444 13.87 -1.80 96.33
CA VAL VC 444 13.78 -0.37 96.02
C VAL VC 444 14.49 0.49 97.04
N ASP VC 445 14.84 -0.05 98.19
CA ASP VC 445 15.70 0.69 99.11
C ASP VC 445 17.14 0.61 98.65
N ALA VC 446 17.52 -0.53 98.07
CA ALA VC 446 18.91 -0.74 97.66
C ALA VC 446 19.23 -0.09 96.32
N LEU VC 447 18.26 -0.02 95.40
CA LEU VC 447 18.59 0.58 94.11
C LEU VC 447 17.56 1.60 93.64
N PRO VC 448 18.01 2.74 93.11
CA PRO VC 448 17.11 3.83 92.75
C PRO VC 448 16.45 3.64 91.39
N GLU VC 449 15.26 4.22 91.25
CA GLU VC 449 14.43 4.11 90.05
C GLU VC 449 14.50 5.39 89.23
N VAL VC 450 14.78 5.26 87.93
CA VAL VC 450 14.84 6.41 87.02
C VAL VC 450 14.05 6.13 85.74
N GLY VC 451 13.00 6.93 85.52
CA GLY VC 451 12.05 6.70 84.45
C GLY VC 451 12.69 6.73 83.07
N ARG VC 452 11.97 6.12 82.13
CA ARG VC 452 12.45 5.76 80.79
C ARG VC 452 12.27 6.91 79.78
N THR VC 453 12.93 8.03 80.06
CA THR VC 453 12.77 9.24 79.27
C THR VC 453 13.30 9.12 77.85
N LEU VC 454 12.54 9.72 76.91
CA LEU VC 454 12.91 9.78 75.50
C LEU VC 454 12.66 11.19 74.95
N ILE VC 455 13.64 11.76 74.25
CA ILE VC 455 13.56 13.11 73.72
C ILE VC 455 14.19 13.18 72.33
N SER VC 456 13.60 13.97 71.44
CA SER VC 456 14.22 14.32 70.17
C SER VC 456 13.98 15.78 69.81
N THR VC 457 15.02 16.46 69.35
CA THR VC 457 14.93 17.89 69.06
C THR VC 457 16.16 18.36 68.28
N ILE VC 458 16.21 19.68 68.03
CA ILE VC 458 17.37 20.37 67.49
C ILE VC 458 17.79 21.49 68.44
N ALA VC 459 19.10 21.70 68.59
CA ALA VC 459 19.60 22.79 69.42
C ALA VC 459 20.90 23.36 68.87
N ARG VC 460 21.08 24.67 69.10
CA ARG VC 460 22.26 25.42 68.69
C ARG VC 460 22.81 26.17 69.89
N VAL VC 461 24.12 26.13 70.09
CA VAL VC 461 24.72 26.71 71.29
C VAL VC 461 26.02 27.46 70.99
N PRO VC 462 26.29 28.56 71.68
CA PRO VC 462 27.60 29.22 71.56
C PRO VC 462 28.77 28.33 71.98
N HIS VC 463 29.92 28.63 71.39
CA HIS VC 463 31.02 27.66 71.29
C HIS VC 463 31.29 26.93 72.59
N GLY VC 464 31.46 27.66 73.69
CA GLY VC 464 31.87 27.08 74.94
C GLY VC 464 30.78 26.91 75.98
N LYS VC 465 29.53 27.11 75.61
CA LYS VC 465 28.47 27.28 76.58
C LYS VC 465 27.64 26.01 76.68
N SER VC 466 26.71 26.00 77.63
CA SER VC 466 25.84 24.86 77.86
C SER VC 466 24.39 25.33 77.92
N LEU VC 467 23.48 24.41 77.63
CA LEU VC 467 22.09 24.77 77.38
C LEU VC 467 21.19 23.67 77.91
N LEU VC 468 20.00 24.07 78.38
CA LEU VC 468 18.99 23.13 78.89
C LEU VC 468 18.11 22.61 77.76
N VAL VC 469 18.31 21.35 77.38
CA VAL VC 469 17.47 20.76 76.34
C VAL VC 469 16.14 20.27 76.88
N GLY VC 470 16.03 19.93 78.15
CA GLY VC 470 14.74 19.54 78.68
C GLY VC 470 14.74 19.01 80.10
N GLY VC 471 13.57 18.95 80.71
CA GLY VC 471 13.48 18.47 82.08
C GLY VC 471 12.04 18.21 82.48
N TYR VC 472 11.90 17.59 83.65
CA TYR VC 472 10.63 17.13 84.17
C TYR VC 472 10.59 17.32 85.68
N THR VC 473 9.44 17.77 86.18
CA THR VC 473 9.23 17.96 87.61
C THR VC 473 7.91 17.33 88.02
N ARG VC 474 7.91 16.66 89.17
CA ARG VC 474 6.69 16.11 89.73
C ARG VC 474 6.64 16.38 91.22
N ASP VC 475 5.43 16.61 91.73
CA ASP VC 475 5.26 17.03 93.11
C ASP VC 475 3.90 16.59 93.61
N ALA VC 476 3.86 15.89 94.75
CA ALA VC 476 2.57 15.37 95.21
C ALA VC 476 2.51 15.25 96.73
N ASN VC 477 1.27 15.29 97.24
CA ASN VC 477 0.97 15.20 98.66
C ASN VC 477 -0.35 14.47 98.85
N THR VC 478 -0.45 13.71 99.94
CA THR VC 478 -1.67 12.98 100.25
C THR VC 478 -1.88 12.88 101.76
N ASP VC 479 -3.15 12.87 102.16
CA ASP VC 479 -3.54 12.79 103.56
C ASP VC 479 -4.91 12.13 103.73
N THR VC 480 -5.01 11.24 104.72
CA THR VC 480 -6.29 10.58 105.03
C THR VC 480 -6.45 10.38 106.53
N VAL VC 481 -7.70 10.25 106.98
CA VAL VC 481 -8.02 9.99 108.38
C VAL VC 481 -9.32 9.21 108.49
N GLN VC 482 -9.33 8.23 109.42
CA GLN VC 482 -10.48 7.40 109.74
C GLN VC 482 -10.76 7.47 111.24
N SER VC 483 -12.03 7.39 111.62
CA SER VC 483 -12.35 7.39 113.05
C SER VC 483 -13.74 6.83 113.30
N ILE VC 484 -13.93 6.35 114.52
CA ILE VC 484 -15.24 5.99 115.07
C ILE VC 484 -16.11 7.21 115.36
N PRO VC 485 -17.27 7.35 114.72
CA PRO VC 485 -18.04 8.61 114.81
C PRO VC 485 -18.34 9.15 116.20
N PHE VC 486 -18.68 8.31 117.18
CA PHE VC 486 -18.89 8.83 118.53
C PHE VC 486 -17.58 9.13 119.24
N LEU VC 487 -16.65 8.19 119.21
CA LEU VC 487 -15.52 8.22 120.13
C LEU VC 487 -14.43 9.15 119.64
N GLY VC 488 -14.34 9.34 118.33
CA GLY VC 488 -13.27 10.13 117.75
C GLY VC 488 -13.16 11.53 118.29
N LYS VC 489 -14.18 12.02 119.02
CA LYS VC 489 -14.12 13.35 119.59
C LYS VC 489 -14.19 13.35 121.11
N LEU VC 490 -14.10 12.20 121.74
CA LEU VC 490 -13.91 12.16 123.19
C LEU VC 490 -12.53 12.70 123.54
N PRO VC 491 -12.42 13.58 124.53
CA PRO VC 491 -11.21 14.41 124.65
C PRO VC 491 -9.92 13.63 124.90
N LEU VC 492 -9.96 12.64 125.77
CA LEU VC 492 -8.78 11.94 126.25
C LEU VC 492 -8.41 10.71 125.43
N ILE VC 493 -9.34 10.11 124.71
CA ILE VC 493 -9.14 8.77 124.15
C ILE VC 493 -9.24 8.74 122.63
N GLY VC 494 -9.58 9.85 121.98
CA GLY VC 494 -9.77 9.83 120.54
C GLY VC 494 -8.62 9.15 119.81
N SER VC 495 -7.40 9.36 120.30
CA SER VC 495 -6.24 8.71 119.72
C SER VC 495 -6.34 7.20 119.77
N LEU VC 496 -7.16 6.64 120.67
CA LEU VC 496 -7.40 5.21 120.60
C LEU VC 496 -8.32 4.84 119.45
N PHE VC 497 -9.03 5.81 118.88
CA PHE VC 497 -10.03 5.54 117.86
C PHE VC 497 -9.73 6.25 116.55
N ARG VC 498 -8.51 6.71 116.35
CA ARG VC 498 -8.16 7.34 115.08
C ARG VC 498 -7.07 6.57 114.34
N TYR VC 499 -7.15 6.65 113.01
CA TYR VC 499 -6.09 6.27 112.08
C TYR VC 499 -5.81 7.41 111.11
N SER VC 500 -4.56 7.55 110.70
CA SER VC 500 -4.18 8.64 109.81
C SER VC 500 -3.03 8.21 108.91
N SER VC 501 -2.97 8.82 107.74
CA SER VC 501 -1.91 8.56 106.76
C SER VC 501 -1.47 9.85 106.10
N LYS VC 502 -0.16 10.06 105.98
CA LYS VC 502 0.43 11.23 105.34
C LYS VC 502 1.55 10.84 104.40
N ASN VC 503 1.59 11.47 103.23
CA ASN VC 503 2.60 11.16 102.22
C ASN VC 503 2.96 12.40 101.40
N LYS VC 504 4.23 12.49 100.99
CA LYS VC 504 4.74 13.62 100.23
C LYS VC 504 5.92 13.20 99.36
N SER VC 505 6.05 13.81 98.18
CA SER VC 505 7.19 13.50 97.32
C SER VC 505 7.45 14.58 96.27
N ASN VC 506 8.74 14.80 95.97
CA ASN VC 506 9.24 15.77 94.99
C ASN VC 506 10.33 15.16 94.11
N VAL VC 507 10.19 15.27 92.79
CA VAL VC 507 11.12 14.66 91.85
C VAL VC 507 11.51 15.64 90.74
N VAL VC 508 12.80 15.69 90.42
CA VAL VC 508 13.35 16.54 89.35
C VAL VC 508 14.29 15.73 88.46
N ARG VC 509 14.17 15.92 87.15
CA ARG VC 509 15.06 15.29 86.17
C ARG VC 509 15.41 16.28 85.07
N VAL VC 510 16.69 16.38 84.68
CA VAL VC 510 17.10 17.43 83.73
C VAL VC 510 18.25 16.95 82.85
N PHE VC 511 18.25 17.44 81.60
CA PHE VC 511 19.25 17.13 80.57
C PHE VC 511 19.91 18.40 80.04
N MET VC 512 21.24 18.49 80.16
CA MET VC 512 22.00 19.65 79.71
C MET VC 512 23.17 19.21 78.83
N ILE VC 513 23.36 19.93 77.73
CA ILE VC 513 24.37 19.62 76.71
C ILE VC 513 25.47 20.68 76.69
N GLU VC 514 26.72 20.25 76.47
CA GLU VC 514 27.88 21.12 76.57
C GLU VC 514 28.98 20.71 75.60
N PRO VC 515 28.82 21.01 74.31
CA PRO VC 515 29.85 20.64 73.32
C PRO VC 515 31.09 21.52 73.34
N LYS VC 516 32.20 20.94 72.88
CA LYS VC 516 33.49 21.62 72.78
C LYS VC 516 34.26 21.21 71.54
N GLU VC 517 34.98 22.17 70.96
CA GLU VC 517 35.94 21.90 69.89
C GLU VC 517 37.23 21.28 70.41
N ILE VC 518 37.72 20.27 69.71
CA ILE VC 518 38.94 19.55 70.07
C ILE VC 518 39.96 19.69 68.94
N VAL VC 519 41.14 20.21 69.28
CA VAL VC 519 42.21 20.40 68.30
C VAL VC 519 43.52 19.75 68.72
N ASP VC 520 43.75 19.44 70.00
CA ASP VC 520 45.03 18.92 70.48
C ASP VC 520 44.90 17.52 71.04
N PRO VC 521 45.90 16.67 70.85
CA PRO VC 521 45.88 15.35 71.49
C PRO VC 521 45.99 15.44 73.00
N LEU VC 522 45.80 14.28 73.62
CA LEU VC 522 45.94 14.11 75.05
C LEU VC 522 47.37 14.35 75.51
N THR VC 523 47.49 14.71 76.79
CA THR VC 523 48.74 14.92 77.50
C THR VC 523 48.54 14.62 78.98
N PRO VC 524 49.21 13.62 79.56
CA PRO VC 524 50.09 12.57 79.04
C PRO VC 524 49.46 11.63 78.02
N ASP VC 525 50.32 10.85 77.37
CA ASP VC 525 49.85 9.80 76.48
C ASP VC 525 48.99 8.77 77.21
N ALA VC 526 48.19 8.07 76.42
CA ALA VC 526 47.40 6.95 76.94
C ALA VC 526 48.29 5.94 77.66
N SER VC 527 49.32 5.45 76.97
CA SER VC 527 50.25 4.50 77.59
C SER VC 527 50.89 5.07 78.85
N GLU VC 528 51.39 6.30 78.77
CA GLU VC 528 51.97 6.95 79.94
C GLU VC 528 51.01 6.99 81.12
N SER VC 529 49.71 7.09 80.85
CA SER VC 529 48.73 7.15 81.92
C SER VC 529 48.38 5.76 82.46
N VAL VC 530 48.13 4.82 81.55
CA VAL VC 530 47.75 3.46 81.94
C VAL VC 530 48.71 2.88 82.97
N ASN VC 531 50.01 2.99 82.70
CA ASN VC 531 51.01 2.42 83.61
C ASN VC 531 50.86 2.89 85.05
N ASN VC 532 50.57 4.18 85.26
CA ASN VC 532 50.38 4.64 86.63
C ASN VC 532 49.30 3.84 87.33
N ILE VC 533 48.16 3.69 86.67
CA ILE VC 533 47.06 2.89 87.24
C ILE VC 533 47.51 1.46 87.49
N LEU VC 534 48.05 0.81 86.47
CA LEU VC 534 48.51 -0.58 86.62
C LEU VC 534 49.45 -0.78 87.80
N LYS VC 535 50.48 0.06 87.92
CA LYS VC 535 51.43 -0.10 89.01
C LYS VC 535 50.81 0.23 90.37
N GLN VC 536 50.05 1.32 90.46
CA GLN VC 536 49.42 1.61 91.74
C GLN VC 536 48.42 0.53 92.13
N SER VC 537 47.85 -0.18 91.16
CA SER VC 537 46.98 -1.32 91.45
C SER VC 537 47.74 -2.60 91.75
N GLY VC 538 48.99 -2.73 91.31
CA GLY VC 538 49.67 -4.00 91.35
C GLY VC 538 49.32 -4.99 90.26
N ALA VC 539 48.48 -4.59 89.31
CA ALA VC 539 48.11 -5.47 88.21
C ALA VC 539 49.27 -5.70 87.25
N TRP VC 540 50.31 -4.87 87.33
CA TRP VC 540 51.41 -4.92 86.38
C TRP VC 540 51.98 -6.33 86.25
N SER VC 541 52.56 -6.59 85.07
CA SER VC 541 53.18 -7.88 84.77
C SER VC 541 54.46 -7.77 83.95
N GLY VC 542 54.92 -6.57 83.62
CA GLY VC 542 56.20 -6.41 82.95
C GLY VC 542 57.35 -6.83 83.81
N ASP VC 543 57.10 -6.93 85.12
CA ASP VC 543 58.04 -7.49 86.08
C ASP VC 543 58.17 -8.99 85.92
N ASP VC 544 57.35 -9.60 85.06
CA ASP VC 544 57.34 -11.04 84.92
C ASP VC 544 58.61 -11.54 84.22
N LYS VC 545 59.03 -12.72 84.65
CA LYS VC 545 60.24 -13.32 84.12
C LYS VC 545 60.08 -13.80 82.69
N LEU VC 546 58.85 -14.02 82.24
CA LEU VC 546 58.61 -14.77 81.01
C LEU VC 546 57.84 -13.99 79.97
N GLN VC 547 56.76 -13.31 80.34
CA GLN VC 547 55.93 -12.68 79.33
C GLN VC 547 56.69 -11.59 78.58
N LYS VC 548 57.82 -11.15 79.13
CA LYS VC 548 58.71 -10.21 78.45
C LYS VC 548 58.92 -10.54 76.98
N TRP VC 549 59.17 -11.81 76.67
CA TRP VC 549 59.47 -12.21 75.29
C TRP VC 549 58.41 -11.73 74.30
N VAL VC 550 57.16 -11.65 74.73
CA VAL VC 550 56.07 -11.21 73.86
C VAL VC 550 55.75 -9.74 74.08
N ARG VC 551 55.49 -9.36 75.33
CA ARG VC 551 55.17 -7.97 75.64
C ARG VC 551 56.16 -6.98 75.03
N VAL VC 552 57.44 -7.35 74.99
CA VAL VC 552 58.42 -6.46 74.37
C VAL VC 552 57.96 -5.98 72.99
N TYR VC 553 57.48 -6.89 72.16
CA TYR VC 553 57.04 -6.50 70.82
C TYR VC 553 55.84 -5.56 70.82
N LEU VC 554 54.96 -5.66 71.82
CA LEU VC 554 53.80 -4.78 71.88
C LEU VC 554 54.15 -3.39 72.42
N ASP VC 555 54.84 -3.34 73.55
CA ASP VC 555 55.13 -2.04 74.16
C ASP VC 555 56.30 -1.34 73.48
N ARG VC 556 57.40 -2.04 73.25
CA ARG VC 556 58.52 -1.42 72.54
C ARG VC 556 58.32 -1.49 71.03
N GLY VC 557 58.10 -2.69 70.50
CA GLY VC 557 58.00 -2.89 69.07
C GLY VC 557 59.29 -2.56 68.32
N GLU WC 26 79.74 17.03 -60.36
CA GLU WC 26 79.31 17.44 -59.02
C GLU WC 26 78.00 18.20 -59.09
N LYS WC 27 77.20 18.06 -58.03
CA LYS WC 27 75.99 18.85 -57.89
C LYS WC 27 75.96 19.69 -56.63
N ILE WC 28 76.77 19.39 -55.63
CA ILE WC 28 76.85 20.22 -54.44
C ILE WC 28 78.25 20.83 -54.41
N PRO WC 29 78.51 21.83 -55.23
CA PRO WC 29 79.85 22.43 -55.23
C PRO WC 29 80.12 23.33 -54.03
N VAL WC 30 79.97 22.80 -52.82
CA VAL WC 30 80.14 23.56 -51.59
C VAL WC 30 81.16 22.83 -50.72
N THR WC 31 82.11 23.57 -50.18
CA THR WC 31 83.13 23.05 -49.29
C THR WC 31 82.75 23.16 -47.82
N GLY WC 32 83.27 22.23 -47.03
CA GLY WC 32 82.98 22.09 -45.62
C GLY WC 32 81.74 21.32 -45.20
N SER WC 33 81.07 21.76 -44.14
CA SER WC 33 79.88 21.09 -43.65
C SER WC 33 78.91 22.05 -42.98
N GLY WC 34 77.63 21.74 -43.07
CA GLY WC 34 76.60 22.51 -42.39
C GLY WC 34 75.24 22.24 -43.01
N PHE WC 35 74.28 23.10 -42.68
CA PHE WC 35 72.94 23.03 -43.24
C PHE WC 35 72.52 24.40 -43.73
N VAL WC 36 72.03 24.48 -44.97
CA VAL WC 36 71.57 25.74 -45.53
C VAL WC 36 70.05 25.69 -45.63
N ALA WC 37 69.39 26.53 -44.86
CA ALA WC 37 67.94 26.64 -44.83
C ALA WC 37 67.52 27.81 -45.68
N LYS WC 38 66.57 27.62 -46.58
CA LYS WC 38 65.98 28.73 -47.30
C LYS WC 38 64.47 28.67 -47.18
N ASP WC 39 63.92 29.58 -46.37
CA ASP WC 39 62.48 29.69 -46.17
C ASP WC 39 61.85 28.39 -45.68
N ASP WC 40 62.58 27.63 -44.88
CA ASP WC 40 62.10 26.35 -44.40
C ASP WC 40 61.14 26.52 -43.24
N SER WC 41 60.12 25.68 -43.20
CA SER WC 41 59.36 25.51 -41.97
C SER WC 41 60.23 24.92 -40.87
N LEU WC 42 59.94 25.33 -39.65
CA LEU WC 42 60.60 24.75 -38.49
C LEU WC 42 60.53 23.22 -38.45
N ARG WC 43 59.49 22.62 -39.02
CA ARG WC 43 59.44 21.16 -39.03
C ARG WC 43 60.56 20.56 -39.87
N THR WC 44 60.80 21.15 -41.03
CA THR WC 44 61.91 20.73 -41.87
C THR WC 44 63.25 21.00 -41.19
N PHE WC 45 63.39 22.17 -40.57
CA PHE WC 45 64.66 22.52 -39.95
C PHE WC 45 65.00 21.57 -38.81
N PHE WC 46 64.07 21.34 -37.90
CA PHE WC 46 64.40 20.47 -36.79
C PHE WC 46 64.50 19.01 -37.20
N ASP WC 47 63.84 18.60 -38.28
CA ASP WC 47 64.15 17.26 -38.75
C ASP WC 47 65.58 17.19 -39.23
N ALA WC 48 66.06 18.23 -39.90
CA ALA WC 48 67.45 18.20 -40.34
C ALA WC 48 68.40 18.12 -39.16
N MET WC 49 68.03 18.71 -38.04
CA MET WC 49 68.86 18.67 -36.84
C MET WC 49 68.75 17.36 -36.06
N ALA WC 50 67.75 16.53 -36.38
CA ALA WC 50 67.47 15.35 -35.58
C ALA WC 50 68.53 14.24 -35.64
N LEU WC 51 69.37 14.18 -36.67
CA LEU WC 51 70.42 13.16 -36.65
C LEU WC 51 71.54 13.49 -35.68
N GLN WC 52 71.94 14.76 -35.62
CA GLN WC 52 72.94 15.19 -34.67
C GLN WC 52 72.41 15.16 -33.24
N LEU WC 53 71.13 15.48 -33.07
CA LEU WC 53 70.49 15.22 -31.78
C LEU WC 53 70.39 13.75 -31.46
N LYS WC 54 70.33 12.88 -32.46
CA LYS WC 54 70.26 11.43 -32.27
C LYS WC 54 68.93 10.99 -31.67
N GLU WC 55 67.88 11.79 -31.86
CA GLU WC 55 66.58 11.56 -31.27
C GLU WC 55 65.54 12.00 -32.30
N PRO WC 56 64.41 11.32 -32.39
CA PRO WC 56 63.32 11.81 -33.23
C PRO WC 56 62.67 13.05 -32.62
N VAL WC 57 62.34 14.03 -33.48
CA VAL WC 57 61.80 15.30 -33.02
C VAL WC 57 60.37 15.47 -33.52
N ILE WC 58 59.47 15.76 -32.59
CA ILE WC 58 58.06 16.04 -32.80
C ILE WC 58 57.79 17.54 -32.65
N VAL WC 59 57.20 18.16 -33.67
CA VAL WC 59 56.96 19.60 -33.64
C VAL WC 59 55.47 19.85 -33.86
N SER WC 60 54.88 20.62 -32.94
CA SER WC 60 53.50 21.10 -33.01
C SER WC 60 53.19 21.86 -34.29
N LYS WC 61 51.95 21.71 -34.76
CA LYS WC 61 51.49 22.37 -35.98
C LYS WC 61 51.34 23.87 -35.82
N MET WC 62 51.37 24.38 -34.59
CA MET WC 62 51.37 25.82 -34.34
C MET WC 62 52.76 26.42 -34.54
N ALA WC 63 53.77 25.70 -34.06
CA ALA WC 63 55.16 26.09 -34.23
C ALA WC 63 55.63 25.88 -35.67
N ALA WC 64 55.17 24.83 -36.32
CA ALA WC 64 55.57 24.58 -37.70
C ALA WC 64 55.09 25.62 -38.69
N ARG WC 65 54.29 26.61 -38.28
CA ARG WC 65 53.97 27.73 -39.15
C ARG WC 65 54.98 28.88 -39.12
N LYS WC 66 55.92 28.89 -38.19
CA LYS WC 66 57.05 29.82 -38.23
C LYS WC 66 58.07 29.39 -39.29
N LYS WC 67 58.88 30.35 -39.74
CA LYS WC 67 59.82 30.12 -40.83
C LYS WC 67 61.21 30.57 -40.39
N ILE WC 68 62.25 30.04 -41.03
CA ILE WC 68 63.62 30.46 -40.78
C ILE WC 68 64.44 30.36 -42.05
N THR WC 69 65.53 31.14 -42.12
CA THR WC 69 66.50 30.97 -43.19
C THR WC 69 67.89 31.38 -42.69
N GLY WC 70 68.91 30.82 -43.34
CA GLY WC 70 70.30 31.06 -42.95
C GLY WC 70 71.21 29.86 -43.07
N ASN WC 71 72.51 30.04 -42.79
CA ASN WC 71 73.51 28.98 -42.80
C ASN WC 71 73.90 28.58 -41.37
N PHE WC 72 73.68 27.33 -41.02
CA PHE WC 72 73.78 26.88 -39.64
C PHE WC 72 74.81 25.76 -39.44
N GLU WC 73 75.31 25.65 -38.21
CA GLU WC 73 76.19 24.57 -37.76
C GLU WC 73 75.56 23.87 -36.57
N PHE WC 74 75.80 22.57 -36.43
CA PHE WC 74 75.21 21.77 -35.36
C PHE WC 74 76.28 21.13 -34.48
N HIS WC 75 77.36 21.87 -34.22
CA HIS WC 75 78.42 21.39 -33.32
C HIS WC 75 77.88 20.87 -31.99
N ASP WC 76 76.96 21.60 -31.37
CA ASP WC 76 76.39 21.19 -30.08
C ASP WC 76 74.88 21.41 -30.09
N PRO WC 77 74.13 20.40 -30.50
CA PRO WC 77 72.69 20.57 -30.67
C PRO WC 77 71.95 21.09 -29.45
N ASN WC 78 72.32 20.68 -28.24
CA ASN WC 78 71.56 21.10 -27.06
C ASN WC 78 71.67 22.61 -26.85
N ALA WC 79 72.88 23.14 -26.89
CA ALA WC 79 73.07 24.58 -26.75
C ALA WC 79 72.40 25.33 -27.88
N LEU WC 80 72.55 24.86 -29.12
CA LEU WC 80 71.86 25.56 -30.21
C LEU WC 80 70.36 25.54 -29.98
N LEU WC 81 69.83 24.42 -29.53
CA LEU WC 81 68.40 24.30 -29.28
C LEU WC 81 67.94 25.31 -28.24
N GLU WC 82 68.76 25.55 -27.22
CA GLU WC 82 68.36 26.50 -26.18
C GLU WC 82 68.39 27.94 -26.67
N LYS WC 83 69.44 28.31 -27.38
CA LYS WC 83 69.51 29.65 -27.92
C LYS WC 83 68.33 29.91 -28.84
N LEU WC 84 68.03 29.00 -29.76
CA LEU WC 84 66.91 29.22 -30.65
C LEU WC 84 65.56 29.18 -29.93
N SER WC 85 65.42 28.38 -28.89
CA SER WC 85 64.18 28.42 -28.11
C SER WC 85 63.92 29.81 -27.57
N LEU WC 86 64.93 30.44 -26.97
CA LEU WC 86 64.66 31.77 -26.43
C LEU WC 86 64.64 32.88 -27.48
N GLN WC 87 65.24 32.68 -28.64
CA GLN WC 87 65.14 33.70 -29.68
C GLN WC 87 63.85 33.62 -30.46
N LEU WC 88 63.21 32.46 -30.54
CA LEU WC 88 62.03 32.29 -31.37
C LEU WC 88 60.76 32.14 -30.54
N GLY WC 89 60.90 31.94 -29.23
CA GLY WC 89 59.77 31.72 -28.36
C GLY WC 89 59.23 30.32 -28.28
N LEU WC 90 60.07 29.33 -28.50
CA LEU WC 90 59.63 27.96 -28.42
C LEU WC 90 59.82 27.47 -26.98
N ILE WC 91 59.20 26.34 -26.67
CA ILE WC 91 59.41 25.62 -25.44
C ILE WC 91 59.64 24.17 -25.84
N TRP WC 92 60.48 23.46 -25.10
CA TRP WC 92 60.81 22.10 -25.48
C TRP WC 92 61.04 21.20 -24.28
N TYR WC 93 60.96 19.91 -24.53
CA TYR WC 93 61.08 18.90 -23.49
C TYR WC 93 61.64 17.61 -24.08
N PHE WC 94 62.10 16.73 -23.19
CA PHE WC 94 62.70 15.46 -23.58
C PHE WC 94 62.42 14.38 -22.54
N ASP WC 95 61.72 13.34 -22.98
CA ASP WC 95 61.28 12.24 -22.13
C ASP WC 95 62.23 11.03 -22.17
N GLY WC 96 63.36 11.15 -22.83
CA GLY WC 96 64.33 10.08 -22.98
C GLY WC 96 64.25 9.36 -24.32
N GLN WC 97 63.13 9.45 -25.02
CA GLN WC 97 62.96 8.81 -26.32
C GLN WC 97 62.83 9.80 -27.47
N ALA WC 98 62.08 10.88 -27.31
CA ALA WC 98 61.88 11.85 -28.37
C ALA WC 98 61.84 13.25 -27.80
N ILE WC 99 62.25 14.22 -28.60
CA ILE WC 99 62.16 15.63 -28.24
C ILE WC 99 60.88 16.25 -28.76
N TYR WC 100 60.17 16.99 -27.91
CA TYR WC 100 58.90 17.64 -28.23
C TYR WC 100 59.07 19.14 -28.14
N ILE WC 101 58.60 19.84 -29.18
CA ILE WC 101 58.73 21.29 -29.29
C ILE WC 101 57.37 21.92 -29.54
N TYR WC 102 57.04 22.93 -28.75
CA TYR WC 102 55.77 23.64 -28.81
C TYR WC 102 55.97 25.14 -28.81
N ASP WC 103 54.93 25.87 -29.22
CA ASP WC 103 54.92 27.31 -29.07
C ASP WC 103 54.70 27.68 -27.61
N ALA WC 104 55.37 28.73 -27.16
CA ALA WC 104 55.21 29.24 -25.80
C ALA WC 104 53.78 29.48 -25.35
N SER WC 105 52.91 29.95 -26.23
CA SER WC 105 51.51 30.18 -25.85
C SER WC 105 50.81 28.92 -25.36
N GLU WC 106 51.26 27.74 -25.75
CA GLU WC 106 50.67 26.46 -25.34
C GLU WC 106 50.97 26.02 -23.91
N MET WC 107 51.78 26.74 -23.14
CA MET WC 107 52.05 26.36 -21.76
C MET WC 107 50.80 26.03 -20.96
N ARG WC 108 50.72 24.80 -20.45
CA ARG WC 108 49.62 24.40 -19.57
C ARG WC 108 50.06 24.39 -18.12
N ASN WC 109 49.10 24.59 -17.23
CA ASN WC 109 49.38 24.59 -15.79
C ASN WC 109 48.18 24.06 -15.01
N ALA WC 110 48.45 23.42 -13.88
CA ALA WC 110 47.42 22.80 -13.06
C ALA WC 110 47.81 22.75 -11.58
N VAL WC 111 46.80 22.73 -10.72
CA VAL WC 111 46.91 22.56 -9.27
C VAL WC 111 46.47 21.15 -8.89
N VAL WC 112 47.36 20.40 -8.24
CA VAL WC 112 47.11 19.02 -7.84
C VAL WC 112 47.16 18.88 -6.33
N SER WC 113 46.19 18.15 -5.78
CA SER WC 113 46.09 17.83 -4.36
C SER WC 113 46.06 16.32 -4.14
N LEU WC 114 47.04 15.83 -3.38
CA LEU WC 114 47.18 14.44 -2.99
C LEU WC 114 46.98 14.29 -1.49
N ARG WC 115 46.29 13.23 -1.10
CA ARG WC 115 46.00 12.95 0.30
C ARG WC 115 46.98 11.96 0.94
N ASN WC 116 47.33 10.88 0.26
CA ASN WC 116 48.18 9.84 0.84
C ASN WC 116 49.67 9.98 0.54
N VAL WC 117 50.05 10.76 -0.47
CA VAL WC 117 51.44 10.85 -0.91
C VAL WC 117 51.92 12.30 -0.83
N SER WC 118 53.10 12.48 -0.21
CA SER WC 118 53.73 13.79 -0.08
C SER WC 118 54.56 14.16 -1.30
N LEU WC 119 54.69 15.47 -1.49
CA LEU WC 119 55.46 16.01 -2.61
C LEU WC 119 56.89 15.51 -2.60
N ASN WC 120 57.50 15.42 -1.43
CA ASN WC 120 58.86 14.94 -1.39
C ASN WC 120 58.94 13.47 -1.73
N GLU WC 121 57.87 12.72 -1.52
CA GLU WC 121 57.83 11.31 -1.90
C GLU WC 121 57.62 11.16 -3.39
N PHE WC 122 57.00 12.13 -4.04
CA PHE WC 122 56.74 12.03 -5.47
C PHE WC 122 57.94 12.52 -6.28
N ASN WC 123 58.68 13.49 -5.75
CA ASN WC 123 59.87 13.94 -6.44
C ASN WC 123 60.85 12.79 -6.60
N ASN WC 124 60.99 11.97 -5.57
CA ASN WC 124 61.90 10.83 -5.64
C ASN WC 124 61.49 9.90 -6.78
N PHE WC 125 60.19 9.76 -7.00
CA PHE WC 125 59.75 8.92 -8.11
C PHE WC 125 60.20 9.50 -9.43
N LEU WC 126 59.96 10.80 -9.63
CA LEU WC 126 60.38 11.40 -10.89
C LEU WC 126 61.88 11.27 -11.09
N LYS WC 127 62.66 11.42 -10.02
CA LYS WC 127 64.11 11.29 -10.14
C LYS WC 127 64.51 9.89 -10.54
N ARG WC 128 64.07 8.89 -9.78
CA ARG WC 128 64.42 7.52 -10.11
C ARG WC 128 63.97 7.15 -11.52
N SER WC 129 62.89 7.73 -12.01
CA SER WC 129 62.44 7.40 -13.35
C SER WC 129 63.20 8.12 -14.45
N GLY WC 130 63.84 9.24 -14.15
CA GLY WC 130 64.53 9.97 -15.21
C GLY WC 130 63.65 10.93 -15.95
N LEU WC 131 62.56 11.36 -15.33
CA LEU WC 131 61.56 12.27 -15.87
C LEU WC 131 61.76 13.69 -15.39
N TYR WC 132 62.31 13.85 -14.18
CA TYR WC 132 62.51 15.14 -13.58
C TYR WC 132 63.18 16.11 -14.55
N ASN WC 133 62.80 17.38 -14.43
CA ASN WC 133 63.30 18.46 -15.26
C ASN WC 133 63.38 19.71 -14.41
N LYS WC 134 64.60 20.17 -14.13
CA LYS WC 134 64.79 21.33 -13.28
C LYS WC 134 64.30 22.65 -13.86
N ASN WC 135 63.87 22.72 -15.11
CA ASN WC 135 63.28 23.97 -15.59
C ASN WC 135 61.82 24.13 -15.24
N TYR WC 136 61.14 23.05 -14.92
CA TYR WC 136 59.71 23.09 -14.61
C TYR WC 136 59.38 22.34 -13.33
N PRO WC 137 60.12 22.58 -12.26
CA PRO WC 137 59.95 21.78 -11.05
C PRO WC 137 58.61 22.04 -10.39
N LEU WC 138 58.21 21.08 -9.57
CA LEU WC 138 56.99 21.24 -8.79
C LEU WC 138 57.20 22.26 -7.71
N ARG WC 139 56.18 23.06 -7.44
CA ARG WC 139 56.27 24.14 -6.46
C ARG WC 139 55.25 23.91 -5.37
N GLY WC 140 55.72 23.80 -4.13
CA GLY WC 140 54.85 23.58 -2.99
C GLY WC 140 55.67 23.35 -1.75
N ASP WC 141 55.03 22.82 -0.73
CA ASP WC 141 55.71 22.49 0.52
C ASP WC 141 56.00 20.99 0.55
N ASN WC 142 57.28 20.64 0.65
CA ASN WC 142 57.67 19.24 0.62
C ASN WC 142 56.93 18.38 1.64
N ARG WC 143 56.52 18.97 2.76
CA ARG WC 143 55.81 18.20 3.77
C ARG WC 143 54.34 17.97 3.44
N LYS WC 144 53.73 18.81 2.62
CA LYS WC 144 52.31 18.72 2.33
C LYS WC 144 52.04 17.98 1.03
N GLY WC 145 50.76 17.89 0.67
CA GLY WC 145 50.31 17.25 -0.54
C GLY WC 145 49.72 18.12 -1.62
N THR WC 146 49.86 19.45 -1.55
CA THR WC 146 49.25 20.34 -2.53
C THR WC 146 50.33 21.09 -3.28
N PHE WC 147 50.35 20.95 -4.61
CA PHE WC 147 51.38 21.59 -5.40
C PHE WC 147 50.80 22.13 -6.71
N TYR WC 148 51.54 23.11 -7.26
CA TYR WC 148 51.28 23.74 -8.54
C TYR WC 148 52.33 23.34 -9.56
N VAL WC 149 51.90 22.98 -10.77
CA VAL WC 149 52.81 22.54 -11.82
C VAL WC 149 52.45 23.23 -13.13
N SER WC 150 53.46 23.67 -13.86
CA SER WC 150 53.28 24.33 -15.15
C SER WC 150 54.37 23.94 -16.12
N GLY WC 151 54.00 23.78 -17.40
CA GLY WC 151 54.95 23.41 -18.42
C GLY WC 151 54.34 22.92 -19.72
N PRO WC 152 55.16 22.32 -20.57
CA PRO WC 152 54.65 21.75 -21.81
C PRO WC 152 53.58 20.71 -21.57
N PRO WC 153 52.64 20.59 -22.49
CA PRO WC 153 51.57 19.59 -22.40
C PRO WC 153 51.93 18.17 -21.98
N VAL WC 154 52.87 17.54 -22.68
CA VAL WC 154 53.25 16.16 -22.36
C VAL WC 154 53.66 16.03 -20.90
N TYR WC 155 54.48 16.95 -20.43
CA TYR WC 155 54.97 16.87 -19.07
C TYR WC 155 53.85 17.10 -18.07
N VAL WC 156 53.05 18.13 -18.27
CA VAL WC 156 51.93 18.37 -17.36
C VAL WC 156 50.98 17.17 -17.30
N ASP WC 157 50.54 16.67 -18.45
CA ASP WC 157 49.68 15.50 -18.49
C ASP WC 157 50.24 14.30 -17.76
N MET WC 158 51.49 13.95 -18.04
CA MET WC 158 52.11 12.82 -17.35
C MET WC 158 52.14 13.03 -15.84
N VAL WC 159 52.67 14.16 -15.40
CA VAL WC 159 52.71 14.44 -13.97
C VAL WC 159 51.34 14.27 -13.30
N VAL WC 160 50.31 14.88 -13.88
CA VAL WC 160 48.98 14.77 -13.28
C VAL WC 160 48.49 13.33 -13.19
N ASN WC 161 48.55 12.60 -14.30
CA ASN WC 161 48.10 11.20 -14.26
C ASN WC 161 48.86 10.39 -13.24
N ALA WC 162 50.19 10.40 -13.31
CA ALA WC 162 50.98 9.58 -12.39
C ALA WC 162 50.68 9.91 -10.93
N ALA WC 163 50.65 11.20 -10.58
CA ALA WC 163 50.34 11.55 -9.20
C ALA WC 163 49.00 10.99 -8.75
N THR WC 164 47.94 11.24 -9.53
CA THR WC 164 46.62 10.76 -9.17
C THR WC 164 46.58 9.24 -8.97
N MET WC 165 47.17 8.51 -9.89
CA MET WC 165 47.16 7.05 -9.78
C MET WC 165 47.94 6.56 -8.58
N MET WC 166 49.15 7.09 -8.36
CA MET WC 166 49.89 6.71 -7.16
C MET WC 166 49.06 6.89 -5.89
N ASP WC 167 48.43 8.05 -5.74
CA ASP WC 167 47.58 8.25 -4.57
C ASP WC 167 46.52 7.18 -4.43
N LYS WC 168 45.76 6.93 -5.50
CA LYS WC 168 44.76 5.86 -5.44
C LYS WC 168 45.35 4.52 -5.04
N GLN WC 169 46.56 4.20 -5.50
CA GLN WC 169 47.21 2.95 -5.09
C GLN WC 169 47.56 2.94 -3.61
N ASN WC 170 48.27 3.95 -3.14
CA ASN WC 170 48.66 3.95 -1.73
C ASN WC 170 47.46 3.94 -0.81
N ASP WC 171 46.29 4.35 -1.29
CA ASP WC 171 45.07 4.21 -0.51
C ASP WC 171 44.95 2.86 0.21
N GLY WC 172 45.10 1.76 -0.52
CA GLY WC 172 44.99 0.41 0.01
C GLY WC 172 46.12 -0.08 0.92
N ILE WC 173 47.26 0.61 0.93
CA ILE WC 173 48.34 0.23 1.85
C ILE WC 173 47.84 0.34 3.29
N GLU WC 174 48.17 -0.68 4.08
CA GLU WC 174 47.70 -0.81 5.46
C GLU WC 174 48.65 -0.20 6.49
N LEU WC 175 48.08 0.62 7.37
CA LEU WC 175 48.76 1.26 8.49
C LEU WC 175 48.41 0.68 9.85
N GLY WC 176 47.18 0.19 10.02
CA GLY WC 176 46.74 -0.40 11.27
C GLY WC 176 47.19 -1.79 11.64
N ARG WC 177 48.40 -1.89 12.19
CA ARG WC 177 48.98 -3.17 12.61
C ARG WC 177 49.08 -3.18 14.13
N GLN WC 178 48.22 -3.97 14.76
CA GLN WC 178 48.18 -4.11 16.21
C GLN WC 178 49.34 -4.94 16.73
N LYS WC 179 49.90 -4.51 17.85
CA LYS WC 179 50.88 -5.29 18.59
C LYS WC 179 50.26 -5.72 19.92
N ILE WC 180 50.91 -6.67 20.59
CA ILE WC 180 50.46 -7.18 21.88
C ILE WC 180 51.53 -6.95 22.92
N GLY WC 181 51.21 -6.14 23.92
CA GLY WC 181 52.04 -5.93 25.07
C GLY WC 181 51.67 -6.81 26.25
N VAL WC 182 52.66 -7.09 27.10
CA VAL WC 182 52.53 -7.93 28.28
C VAL WC 182 53.17 -7.18 29.42
N MET WC 183 52.42 -6.97 30.50
CA MET WC 183 52.89 -6.11 31.60
C MET WC 183 52.57 -6.71 32.96
N ARG WC 184 53.57 -7.31 33.58
CA ARG WC 184 53.43 -7.80 34.94
C ARG WC 184 53.24 -6.66 35.94
N LEU WC 185 52.28 -6.85 36.85
CA LEU WC 185 52.07 -5.97 37.98
C LEU WC 185 52.96 -6.40 39.15
N ASN WC 186 53.82 -5.49 39.58
CA ASN WC 186 54.83 -5.80 40.58
C ASN WC 186 54.38 -5.50 42.00
N ASN WC 187 53.43 -4.60 42.19
CA ASN WC 187 53.04 -4.13 43.52
C ASN WC 187 51.58 -4.38 43.86
N THR WC 188 50.82 -5.10 43.06
CA THR WC 188 49.43 -5.31 43.41
C THR WC 188 48.86 -6.53 42.71
N PHE WC 189 47.72 -6.98 43.20
CA PHE WC 189 46.94 -8.04 42.59
C PHE WC 189 46.11 -7.53 41.43
N VAL WC 190 45.89 -8.39 40.44
CA VAL WC 190 45.04 -8.05 39.30
C VAL WC 190 43.55 -8.17 39.58
N GLY WC 191 43.14 -8.87 40.65
CA GLY WC 191 41.74 -9.13 40.85
C GLY WC 191 40.98 -8.03 41.60
N ASP WC 192 39.65 -8.11 41.47
CA ASP WC 192 38.71 -7.14 42.07
C ASP WC 192 38.45 -7.49 43.53
N ARG WC 193 39.45 -7.21 44.37
CA ARG WC 193 39.32 -7.49 45.80
C ARG WC 193 38.05 -6.86 46.35
N THR WC 194 37.41 -7.55 47.29
CA THR WC 194 36.08 -7.18 47.73
C THR WC 194 35.91 -7.50 49.21
N TYR WC 195 35.20 -6.63 49.92
CA TYR WC 195 35.15 -6.70 51.38
C TYR WC 195 33.77 -6.26 51.85
N ASN WC 196 33.42 -6.66 53.06
CA ASN WC 196 32.11 -6.42 53.64
C ASN WC 196 32.26 -5.45 54.80
N LEU WC 197 31.61 -4.29 54.71
CA LEU WC 197 31.64 -3.32 55.79
C LEU WC 197 30.32 -3.26 56.53
N ARG WC 198 30.37 -2.61 57.70
CA ARG WC 198 29.19 -2.47 58.53
C ARG WC 198 28.04 -1.81 57.79
N ASP WC 199 28.34 -0.92 56.85
CA ASP WC 199 27.31 -0.16 56.15
C ASP WC 199 27.20 -0.49 54.67
N GLN WC 200 28.27 -0.96 54.05
CA GLN WC 200 28.35 -0.94 52.60
C GLN WC 200 29.29 -2.03 52.10
N LYS WC 201 28.78 -2.88 51.22
CA LYS WC 201 29.64 -3.79 50.46
C LYS WC 201 30.65 -2.97 49.66
N MET WC 202 31.94 -3.19 49.92
CA MET WC 202 33.01 -2.38 49.35
C MET WC 202 33.73 -3.20 48.29
N VAL WC 203 33.79 -2.66 47.07
CA VAL WC 203 34.40 -3.32 45.92
C VAL WC 203 35.56 -2.48 45.42
N ILE WC 204 36.71 -3.11 45.25
CA ILE WC 204 37.88 -2.46 44.65
C ILE WC 204 37.95 -2.88 43.19
N PRO WC 205 37.68 -1.99 42.25
CA PRO WC 205 37.79 -2.35 40.83
C PRO WC 205 39.22 -2.57 40.39
N GLY WC 206 39.41 -3.56 39.52
CA GLY WC 206 40.72 -3.84 38.99
C GLY WC 206 41.17 -2.83 37.95
N ILE WC 207 42.48 -2.79 37.73
CA ILE WC 207 43.07 -1.82 36.83
C ILE WC 207 42.50 -1.96 35.43
N ALA WC 208 42.35 -3.18 34.94
CA ALA WC 208 41.78 -3.39 33.61
C ALA WC 208 40.37 -2.85 33.54
N THR WC 209 39.58 -3.05 34.58
CA THR WC 209 38.22 -2.55 34.60
C THR WC 209 38.18 -1.03 34.61
N ALA WC 210 38.86 -0.41 35.55
CA ALA WC 210 38.79 1.04 35.67
C ALA WC 210 39.38 1.75 34.44
N ILE WC 211 40.42 1.19 33.85
CA ILE WC 211 40.95 1.78 32.63
C ILE WC 211 40.00 1.62 31.46
N GLU WC 212 39.50 0.41 31.23
CA GLU WC 212 38.62 0.24 30.08
C GLU WC 212 37.34 1.02 30.24
N ARG WC 213 36.82 1.13 31.46
CA ARG WC 213 35.69 1.99 31.74
C ARG WC 213 36.00 3.45 31.44
N LEU WC 214 37.23 3.88 31.67
CA LEU WC 214 37.56 5.28 31.37
C LEU WC 214 37.74 5.54 29.88
N LEU WC 215 38.38 4.63 29.16
CA LEU WC 215 38.49 4.79 27.72
C LEU WC 215 37.20 4.51 26.96
N GLN WC 216 36.17 4.00 27.62
CA GLN WC 216 35.02 3.46 26.90
C GLN WC 216 34.43 4.45 25.92
N GLY WC 217 34.24 3.99 24.68
CA GLY WC 217 33.60 4.74 23.62
C GLY WC 217 34.34 5.93 23.06
N GLU WC 218 35.55 6.21 23.52
CA GLU WC 218 36.23 7.41 23.06
C GLU WC 218 36.72 7.22 21.63
N GLU WC 219 36.50 8.24 20.80
CA GLU WC 219 36.88 8.18 19.39
C GLU WC 219 38.06 9.08 19.04
N GLN WC 220 38.39 10.04 19.89
CA GLN WC 220 39.61 10.78 19.72
C GLN WC 220 40.84 9.91 19.96
N PRO WC 221 41.97 10.24 19.35
CA PRO WC 221 43.24 9.65 19.76
C PRO WC 221 43.69 10.23 21.09
N LEU WC 222 44.59 9.51 21.74
CA LEU WC 222 44.98 9.80 23.11
C LEU WC 222 46.47 10.07 23.19
N GLY WC 223 46.85 10.92 24.15
CA GLY WC 223 48.27 11.09 24.41
C GLY WC 223 48.53 11.88 25.67
N ASN WC 224 49.82 12.15 25.89
CA ASN WC 224 50.32 13.08 26.88
C ASN WC 224 49.84 12.79 28.31
N ILE WC 225 49.92 11.52 28.72
CA ILE WC 225 49.51 11.15 30.07
C ILE WC 225 50.23 12.03 31.08
N VAL WC 226 49.48 12.61 32.01
CA VAL WC 226 50.08 13.43 33.05
C VAL WC 226 49.68 12.88 34.41
N SER WC 227 50.06 13.60 35.47
CA SER WC 227 49.72 13.20 36.83
C SER WC 227 49.65 14.42 37.73
N LEU WC 254 51.49 14.57 5.39
CA LEU WC 254 52.27 13.73 6.28
C LEU WC 254 51.62 12.37 6.43
N GLN WC 255 52.46 11.34 6.62
CA GLN WC 255 51.96 10.01 6.93
C GLN WC 255 51.74 9.81 8.43
N GLU WC 256 52.62 10.38 9.25
CA GLU WC 256 52.44 10.35 10.69
C GLU WC 256 51.06 10.86 11.10
N ALA WC 257 50.65 11.99 10.53
CA ALA WC 257 49.32 12.51 10.80
C ALA WC 257 48.21 11.51 10.49
N LEU WC 258 48.47 10.51 9.66
CA LEU WC 258 47.50 9.47 9.37
C LEU WC 258 47.63 8.28 10.32
N LYS WC 259 48.85 7.80 10.49
CA LYS WC 259 49.11 6.68 11.38
C LYS WC 259 48.70 6.96 12.81
N GLN WC 260 49.11 8.11 13.35
CA GLN WC 260 48.86 8.46 14.73
C GLN WC 260 47.39 8.57 15.12
N ASN WC 261 46.45 8.49 14.17
CA ASN WC 261 45.04 8.73 14.47
C ASN WC 261 44.32 7.59 15.18
N ALA WC 262 45.00 6.50 15.55
CA ALA WC 262 44.33 5.33 16.07
C ALA WC 262 43.50 5.66 17.31
N ALA WC 263 42.20 5.41 17.23
CA ALA WC 263 41.25 5.87 18.23
C ALA WC 263 41.45 5.19 19.58
N ALA WC 264 41.35 5.99 20.64
CA ALA WC 264 41.61 5.54 22.00
C ALA WC 264 40.70 4.41 22.45
N GLY WC 265 39.45 4.40 22.02
CA GLY WC 265 38.58 3.29 22.39
C GLY WC 265 38.87 1.99 21.69
N ASN WC 266 39.76 2.00 20.71
CA ASN WC 266 40.18 0.77 20.03
C ASN WC 266 41.05 -0.13 20.91
N ILE WC 267 41.69 0.41 21.94
CA ILE WC 267 42.55 -0.38 22.82
C ILE WC 267 41.73 -1.40 23.61
N LYS WC 268 42.28 -2.61 23.72
CA LYS WC 268 41.70 -3.66 24.56
C LYS WC 268 42.68 -4.14 25.63
N ILE WC 269 42.17 -4.41 26.83
CA ILE WC 269 42.96 -4.94 27.94
C ILE WC 269 42.32 -6.20 28.49
N VAL WC 270 43.13 -7.23 28.72
CA VAL WC 270 42.69 -8.50 29.29
C VAL WC 270 43.52 -8.83 30.53
N ALA WC 271 42.85 -9.04 31.66
CA ALA WC 271 43.52 -9.42 32.90
C ALA WC 271 43.94 -10.88 32.86
N TYR WC 272 45.09 -11.19 33.47
CA TYR WC 272 45.64 -12.55 33.49
C TYR WC 272 46.19 -12.89 34.87
N PRO WC 273 45.30 -13.15 35.83
CA PRO WC 273 45.71 -13.53 37.18
C PRO WC 273 46.63 -14.74 37.27
N ASP WC 274 46.73 -15.51 36.19
CA ASP WC 274 47.57 -16.70 36.22
C ASP WC 274 49.01 -16.34 36.52
N THR WC 275 49.54 -15.32 35.86
CA THR WC 275 50.90 -14.82 36.07
C THR WC 275 50.87 -13.44 36.69
N ASN WC 276 49.68 -12.94 37.02
CA ASN WC 276 49.51 -11.60 37.55
C ASN WC 276 49.97 -10.53 36.56
N SER WC 277 49.49 -10.64 35.32
CA SER WC 277 49.95 -9.75 34.26
C SER WC 277 48.77 -9.25 33.44
N LEU WC 278 48.99 -8.15 32.71
CA LEU WC 278 48.01 -7.57 31.80
C LEU WC 278 48.41 -7.79 30.35
N LEU WC 279 47.45 -8.20 29.53
CA LEU WC 279 47.61 -8.29 28.08
C LEU WC 279 46.98 -7.05 27.46
N VAL WC 280 47.71 -6.38 26.57
CA VAL WC 280 47.25 -5.14 25.96
C VAL WC 280 47.32 -5.24 24.45
N LYS WC 281 46.21 -4.93 23.79
CA LYS WC 281 46.11 -4.89 22.33
C LYS WC 281 45.91 -3.45 21.84
N GLY WC 282 46.89 -2.95 21.09
CA GLY WC 282 46.85 -1.61 20.53
C GLY WC 282 48.07 -1.38 19.66
N THR WC 283 48.13 -0.17 19.10
CA THR WC 283 49.30 0.25 18.34
C THR WC 283 50.49 0.49 19.26
N ALA WC 284 51.68 0.54 18.66
CA ALA WC 284 52.91 0.76 19.42
C ALA WC 284 52.88 2.01 20.29
N GLU WC 285 52.27 3.09 19.80
CA GLU WC 285 52.11 4.29 20.63
C GLU WC 285 51.18 4.03 21.81
N GLN WC 286 49.98 3.56 21.51
CA GLN WC 286 49.00 3.24 22.54
C GLN WC 286 49.61 2.38 23.64
N VAL WC 287 50.27 1.30 23.27
CA VAL WC 287 50.93 0.42 24.22
C VAL WC 287 51.86 1.20 25.13
N HIS WC 288 52.70 2.05 24.56
CA HIS WC 288 53.60 2.90 25.35
C HIS WC 288 52.84 3.72 26.39
N PHE WC 289 51.84 4.47 25.93
CA PHE WC 289 51.02 5.25 26.85
C PHE WC 289 50.43 4.41 27.97
N ILE WC 290 49.81 3.29 27.63
CA ILE WC 290 49.26 2.40 28.64
C ILE WC 290 50.32 1.96 29.64
N GLU WC 291 51.52 1.64 29.15
CA GLU WC 291 52.62 1.27 30.05
C GLU WC 291 52.92 2.37 31.06
N MET WC 292 53.12 3.59 30.57
CA MET WC 292 53.32 4.72 31.49
C MET WC 292 52.20 4.81 32.51
N LEU WC 293 50.96 4.69 32.05
CA LEU WC 293 49.82 4.77 32.97
C LEU WC 293 49.87 3.69 34.05
N VAL WC 294 50.11 2.44 33.67
CA VAL WC 294 50.24 1.37 34.65
C VAL WC 294 51.32 1.68 35.68
N LYS WC 295 52.47 2.15 35.21
CA LYS WC 295 53.54 2.49 36.12
C LYS WC 295 53.19 3.65 37.01
N ALA WC 296 52.23 4.47 36.61
CA ALA WC 296 51.76 5.51 37.51
C ALA WC 296 50.86 4.97 38.62
N LEU WC 297 50.25 3.82 38.43
CA LEU WC 297 49.26 3.31 39.39
C LEU WC 297 49.81 2.27 40.37
N ASP WC 298 50.68 1.37 39.94
CA ASP WC 298 51.13 0.28 40.83
C ASP WC 298 52.20 0.70 41.85
N VAL WC 299 51.88 1.69 42.69
CA VAL WC 299 52.68 1.99 43.88
C VAL WC 299 52.37 1.02 45.02
N ALA WC 300 53.40 0.75 45.85
CA ALA WC 300 53.32 -0.18 46.98
C ALA WC 300 52.83 0.51 48.26
N LYS WC 301 51.87 -0.13 48.93
CA LYS WC 301 51.27 0.36 50.17
C LYS WC 301 52.20 0.34 51.39
N ARG WC 302 52.09 1.40 52.20
CA ARG WC 302 52.59 1.47 53.57
C ARG WC 302 51.81 0.60 54.57
N HIS WC 303 52.50 0.05 55.57
CA HIS WC 303 51.84 -0.66 56.67
C HIS WC 303 51.54 0.24 57.86
N VAL WC 304 50.40 -0.03 58.51
CA VAL WC 304 49.96 0.66 59.72
C VAL WC 304 49.50 -0.34 60.76
N GLU WC 305 49.91 -0.14 62.01
CA GLU WC 305 49.44 -0.88 63.17
C GLU WC 305 48.58 0.03 64.04
N LEU WC 306 47.54 -0.53 64.63
CA LEU WC 306 46.65 0.21 65.52
C LEU WC 306 46.54 -0.49 66.86
N SER WC 307 46.57 0.29 67.94
CA SER WC 307 46.37 -0.21 69.29
C SER WC 307 45.24 0.53 69.97
N LEU WC 308 44.49 -0.19 70.83
CA LEU WC 308 43.31 0.40 71.48
C LEU WC 308 43.32 0.11 72.98
N TRP WC 309 43.27 1.16 73.79
CA TRP WC 309 43.27 1.07 75.25
C TRP WC 309 41.86 1.22 75.81
N ILE WC 310 41.39 0.23 76.55
CA ILE WC 310 40.07 0.22 77.16
C ILE WC 310 40.27 0.11 78.66
N VAL WC 311 39.69 1.03 79.42
CA VAL WC 311 39.92 1.11 80.86
C VAL WC 311 38.59 1.18 81.59
N ASP WC 312 38.42 0.32 82.59
CA ASP WC 312 37.30 0.35 83.51
C ASP WC 312 37.78 0.48 84.95
N LEU WC 313 37.08 1.32 85.72
CA LEU WC 313 37.33 1.53 87.14
C LEU WC 313 36.03 1.56 87.92
N ASN WC 314 36.02 0.91 89.09
CA ASN WC 314 34.79 0.75 89.86
C ASN WC 314 35.06 0.81 91.36
N LYS WC 315 34.22 1.56 92.08
CA LYS WC 315 34.21 1.62 93.53
C LYS WC 315 32.80 1.58 94.08
N SER WC 316 32.63 0.92 95.23
CA SER WC 316 31.33 0.85 95.87
C SER WC 316 31.47 0.71 97.38
N ASP WC 317 30.50 1.28 98.10
CA ASP WC 317 30.38 1.14 99.54
C ASP WC 317 28.91 0.93 99.88
N LEU WC 318 28.63 0.07 100.86
CA LEU WC 318 27.28 0.05 101.42
C LEU WC 318 27.32 -0.32 102.90
N GLU WC 319 26.25 0.08 103.60
CA GLU WC 319 26.09 -0.26 105.01
C GLU WC 319 24.62 -0.36 105.36
N ARG WC 320 24.31 -1.32 106.22
CA ARG WC 320 22.95 -1.58 106.70
C ARG WC 320 23.00 -1.81 108.20
N LEU WC 321 22.11 -1.16 108.95
CA LEU WC 321 22.17 -1.34 110.40
C LEU WC 321 20.82 -1.02 111.04
N GLY WC 322 20.45 -1.83 112.03
CA GLY WC 322 19.31 -1.52 112.86
C GLY WC 322 18.35 -2.69 113.03
N THR WC 323 17.12 -2.35 113.41
CA THR WC 323 16.20 -3.30 114.02
C THR WC 323 14.79 -3.15 113.48
N SER WC 324 14.05 -4.26 113.51
CA SER WC 324 12.62 -4.27 113.22
C SER WC 324 11.86 -4.98 114.34
N TRP WC 325 10.62 -4.54 114.56
CA TRP WC 325 9.78 -4.98 115.68
C TRP WC 325 8.34 -5.25 115.26
N SER WC 326 7.76 -6.30 115.82
CA SER WC 326 6.37 -6.66 115.63
C SER WC 326 5.99 -7.60 116.76
N GLY WC 327 4.69 -7.74 117.00
CA GLY WC 327 4.30 -8.67 118.04
C GLY WC 327 2.79 -8.84 118.17
N SER WC 328 2.42 -9.57 119.21
CA SER WC 328 1.03 -9.88 119.51
C SER WC 328 0.84 -10.05 121.01
N ILE WC 329 -0.22 -9.47 121.54
CA ILE WC 329 -0.50 -9.44 122.97
C ILE WC 329 -1.94 -9.87 123.18
N THR WC 330 -2.19 -10.66 124.22
CA THR WC 330 -3.52 -11.15 124.52
C THR WC 330 -3.89 -10.87 125.97
N ILE WC 331 -5.06 -10.27 126.18
CA ILE WC 331 -5.59 -9.97 127.50
C ILE WC 331 -6.89 -10.75 127.61
N GLY WC 332 -6.92 -11.67 128.55
CA GLY WC 332 -7.97 -12.65 128.71
C GLY WC 332 -8.20 -13.35 127.38
N ASP WC 333 -9.35 -14.00 127.25
CA ASP WC 333 -9.77 -14.55 125.97
C ASP WC 333 -10.36 -13.47 125.06
N LYS WC 334 -11.31 -12.73 125.60
CA LYS WC 334 -12.02 -11.69 124.87
C LYS WC 334 -11.14 -10.63 124.20
N LEU WC 335 -9.97 -10.28 124.74
CA LEU WC 335 -9.24 -9.19 124.12
C LEU WC 335 -7.86 -9.62 123.63
N GLY WC 336 -7.45 -9.00 122.52
CA GLY WC 336 -6.12 -9.16 121.98
C GLY WC 336 -5.78 -8.04 121.03
N VAL WC 337 -4.48 -7.84 120.83
CA VAL WC 337 -3.95 -6.76 120.00
C VAL WC 337 -2.82 -7.32 119.15
N SER WC 338 -2.78 -6.92 117.89
CA SER WC 338 -1.68 -7.22 116.98
C SER WC 338 -0.93 -5.95 116.63
N LEU WC 339 0.38 -5.96 116.83
CA LEU WC 339 1.24 -4.83 116.51
C LEU WC 339 2.08 -5.13 115.28
N ASN WC 340 1.92 -4.32 114.24
CA ASN WC 340 2.68 -4.45 113.00
C ASN WC 340 2.58 -5.81 112.34
N GLN WC 341 1.48 -6.53 112.54
CA GLN WC 341 1.35 -7.84 111.93
C GLN WC 341 -0.12 -8.07 111.60
N SER WC 342 -0.35 -8.74 110.48
CA SER WC 342 -1.70 -8.87 109.93
C SER WC 342 -2.68 -9.48 110.92
N SER WC 343 -2.24 -10.29 111.86
CA SER WC 343 -3.19 -10.96 112.73
C SER WC 343 -2.59 -11.25 114.10
N ILE WC 344 -3.48 -11.36 115.08
CA ILE WC 344 -3.09 -11.72 116.43
C ILE WC 344 -2.62 -13.17 116.44
N SER WC 345 -1.49 -13.41 117.10
CA SER WC 345 -1.06 -14.77 117.39
C SER WC 345 -1.98 -15.39 118.43
N THR WC 346 -2.59 -16.52 118.08
CA THR WC 346 -3.57 -17.16 118.96
C THR WC 346 -2.80 -17.78 120.11
N LEU WC 347 -2.39 -16.92 121.03
CA LEU WC 347 -1.31 -17.23 121.95
C LEU WC 347 -1.55 -16.51 123.27
N ASP WC 348 -1.07 -17.11 124.35
CA ASP WC 348 -1.20 -16.53 125.67
C ASP WC 348 -0.10 -15.52 125.97
N GLY WC 349 -0.44 -14.56 126.82
CA GLY WC 349 0.47 -13.52 127.23
C GLY WC 349 0.90 -12.56 126.13
N SER WC 350 2.18 -12.59 125.79
CA SER WC 350 2.69 -11.68 124.77
C SER WC 350 3.83 -12.35 124.03
N ARG WC 351 4.05 -11.90 122.80
CA ARG WC 351 5.25 -12.29 122.08
C ARG WC 351 5.68 -11.14 121.18
N PHE WC 352 6.99 -10.99 121.04
CA PHE WC 352 7.58 -9.95 120.23
C PHE WC 352 8.76 -10.52 119.46
N ILE WC 353 9.11 -9.87 118.36
CA ILE WC 353 10.30 -10.28 117.61
C ILE WC 353 11.09 -9.05 117.19
N ALA WC 354 12.40 -9.09 117.38
CA ALA WC 354 13.31 -7.98 117.11
C ALA WC 354 14.36 -8.42 116.09
N ALA WC 355 13.99 -8.42 114.81
CA ALA WC 355 14.96 -8.72 113.76
C ALA WC 355 16.09 -7.70 113.77
N VAL WC 356 17.33 -8.18 113.72
CA VAL WC 356 18.52 -7.32 113.78
C VAL WC 356 19.36 -7.52 112.51
N ASN WC 357 19.72 -6.41 111.88
CA ASN WC 357 20.62 -6.38 110.73
C ASN WC 357 21.85 -5.52 111.03
N ALA WC 358 23.03 -6.06 110.75
CA ALA WC 358 24.28 -5.31 110.96
C ALA WC 358 25.31 -5.76 109.94
N LEU WC 359 25.62 -4.90 108.96
CA LEU WC 359 26.53 -5.30 107.90
C LEU WC 359 27.14 -4.09 107.21
N GLU WC 360 28.40 -4.23 106.77
CA GLU WC 360 29.13 -3.18 106.08
C GLU WC 360 30.07 -3.77 105.04
N GLU WC 361 30.12 -3.17 103.84
CA GLU WC 361 30.95 -3.72 102.77
C GLU WC 361 31.55 -2.64 101.87
N LYS WC 362 32.78 -2.89 101.43
CA LYS WC 362 33.54 -2.05 100.51
C LYS WC 362 34.07 -2.89 99.36
N LYS WC 363 34.00 -2.38 98.14
CA LYS WC 363 34.46 -3.12 96.97
C LYS WC 363 35.12 -2.20 95.96
N GLN WC 364 36.22 -2.67 95.36
CA GLN WC 364 36.95 -1.89 94.37
C GLN WC 364 37.54 -2.80 93.31
N ALA WC 365 37.51 -2.36 92.05
CA ALA WC 365 37.98 -3.19 90.94
C ALA WC 365 38.52 -2.32 89.80
N THR WC 366 39.36 -2.95 88.97
CA THR WC 366 40.01 -2.32 87.84
C THR WC 366 40.34 -3.29 86.72
N VAL WC 367 40.02 -2.92 85.47
CA VAL WC 367 40.25 -3.79 84.31
C VAL WC 367 40.79 -2.98 83.15
N VAL WC 368 41.83 -3.50 82.48
CA VAL WC 368 42.43 -2.86 81.32
C VAL WC 368 42.62 -3.88 80.20
N SER WC 369 42.12 -3.56 79.01
CA SER WC 369 42.24 -4.38 77.80
C SER WC 369 42.88 -3.60 76.66
N ARG WC 370 43.77 -4.24 75.90
CA ARG WC 370 44.49 -3.55 74.83
C ARG WC 370 44.77 -4.48 73.66
N PRO WC 371 43.84 -4.59 72.72
CA PRO WC 371 44.13 -5.19 71.41
C PRO WC 371 45.07 -4.38 70.52
N VAL WC 372 45.76 -5.11 69.64
CA VAL WC 372 46.64 -4.57 68.61
C VAL WC 372 46.42 -5.30 67.29
N LEU WC 373 46.37 -4.55 66.18
CA LEU WC 373 46.08 -5.11 64.86
C LEU WC 373 46.95 -4.46 63.77
N LEU WC 374 47.35 -5.26 62.77
CA LEU WC 374 48.12 -4.78 61.63
C LEU WC 374 47.32 -4.73 60.34
N THR WC 375 47.46 -3.64 59.58
CA THR WC 375 46.69 -3.39 58.38
C THR WC 375 47.57 -2.69 57.35
N GLN WC 376 47.15 -2.72 56.10
CA GLN WC 376 47.75 -1.88 55.08
C GLN WC 376 46.87 -0.67 54.80
N GLU WC 377 47.50 0.39 54.33
CA GLU WC 377 46.82 1.59 53.89
C GLU WC 377 45.65 1.29 52.96
N ASN WC 378 44.51 1.91 53.24
CA ASN WC 378 43.26 1.81 52.49
C ASN WC 378 42.63 0.43 52.51
N VAL WC 379 43.17 -0.52 53.26
CA VAL WC 379 42.66 -1.88 53.32
C VAL WC 379 41.84 -2.03 54.60
N PRO WC 380 40.58 -2.44 54.52
CA PRO WC 380 39.80 -2.64 55.75
C PRO WC 380 40.28 -3.85 56.53
N ALA WC 381 40.10 -3.81 57.86
CA ALA WC 381 40.55 -4.91 58.71
C ALA WC 381 39.55 -5.19 59.83
N ILE WC 382 39.53 -6.46 60.23
CA ILE WC 382 38.61 -7.01 61.23
C ILE WC 382 39.38 -7.80 62.28
N PHE WC 383 39.12 -7.52 63.56
CA PHE WC 383 39.64 -8.31 64.66
C PHE WC 383 38.51 -8.58 65.64
N ASP WC 384 38.36 -9.82 66.08
CA ASP WC 384 37.36 -10.10 67.09
C ASP WC 384 37.79 -11.28 67.96
N ASN WC 385 37.37 -11.25 69.22
CA ASN WC 385 37.80 -12.26 70.17
C ASN WC 385 36.83 -12.35 71.32
N ASN WC 386 36.74 -13.53 71.92
CA ASN WC 386 35.93 -13.73 73.10
C ASN WC 386 36.58 -14.82 73.95
N ARG WC 387 36.51 -14.65 75.26
CA ARG WC 387 37.16 -15.55 76.21
C ARG WC 387 36.32 -15.71 77.47
N THR WC 388 36.29 -16.93 77.99
CA THR WC 388 35.52 -17.28 79.17
C THR WC 388 36.43 -17.51 80.36
N PHE WC 389 36.02 -16.96 81.51
CA PHE WC 389 36.75 -17.10 82.77
C PHE WC 389 35.83 -17.75 83.79
N TYR WC 390 36.44 -18.43 84.76
CA TYR WC 390 35.72 -19.27 85.70
C TYR WC 390 36.05 -18.91 87.14
N THR WC 391 35.10 -19.21 88.02
CA THR WC 391 35.32 -19.28 89.45
C THR WC 391 34.83 -20.63 89.96
N LYS WC 392 35.51 -21.14 90.98
CA LYS WC 392 35.11 -22.32 91.73
C LYS WC 392 34.60 -21.86 93.09
N LEU WC 393 33.42 -22.36 93.46
CA LEU WC 393 32.70 -21.85 94.62
C LEU WC 393 33.27 -22.34 95.95
N ILE WC 394 33.28 -23.65 96.18
CA ILE WC 394 33.64 -24.19 97.49
C ILE WC 394 34.51 -25.43 97.34
N GLY WC 395 35.44 -25.57 98.29
CA GLY WC 395 36.19 -26.80 98.47
C GLY WC 395 36.80 -27.36 97.20
N GLU WC 396 36.63 -28.67 97.00
CA GLU WC 396 36.97 -29.35 95.75
C GLU WC 396 35.80 -30.18 95.23
N ARG WC 397 34.58 -29.86 95.64
CA ARG WC 397 33.42 -30.59 95.16
C ARG WC 397 33.34 -30.59 93.63
N ASN WC 398 32.81 -31.70 93.10
CA ASN WC 398 32.97 -32.03 91.68
C ASN WC 398 32.38 -30.96 90.78
N VAL WC 399 31.24 -30.38 91.14
CA VAL WC 399 30.63 -29.29 90.38
C VAL WC 399 30.56 -28.05 91.26
N ALA WC 400 31.30 -27.02 90.86
CA ALA WC 400 31.40 -25.78 91.61
C ALA WC 400 31.70 -24.59 90.70
N LEU WC 401 31.66 -24.79 89.38
CA LEU WC 401 32.06 -23.78 88.41
C LEU WC 401 30.95 -22.79 88.04
N GLU WC 402 31.35 -21.53 87.95
CA GLU WC 402 30.54 -20.44 87.43
C GLU WC 402 31.43 -19.67 86.48
N HIS WC 403 30.84 -19.08 85.43
CA HIS WC 403 31.68 -18.49 84.41
C HIS WC 403 31.06 -17.26 83.77
N VAL WC 404 31.95 -16.44 83.19
CA VAL WC 404 31.61 -15.18 82.54
C VAL WC 404 32.40 -15.07 81.25
N THR WC 405 31.77 -14.56 80.20
CA THR WC 405 32.41 -14.44 78.89
C THR WC 405 32.53 -12.99 78.46
N TYR WC 406 33.77 -12.56 78.17
CA TYR WC 406 34.07 -11.22 77.69
C TYR WC 406 34.41 -11.29 76.21
N GLY WC 407 33.83 -10.39 75.43
CA GLY WC 407 34.10 -10.31 74.01
C GLY WC 407 34.37 -8.90 73.53
N THR WC 408 35.10 -8.81 72.42
CA THR WC 408 35.57 -7.55 71.88
C THR WC 408 35.64 -7.68 70.36
N MET WC 409 35.32 -6.58 69.66
CA MET WC 409 35.45 -6.54 68.21
C MET WC 409 35.89 -5.15 67.78
N ILE WC 410 36.75 -5.10 66.76
CA ILE WC 410 37.11 -3.86 66.08
C ILE WC 410 37.05 -4.07 64.58
N ARG WC 411 36.35 -3.16 63.90
CA ARG WC 411 36.41 -3.02 62.45
C ARG WC 411 36.96 -1.64 62.12
N VAL WC 412 37.89 -1.57 61.16
CA VAL WC 412 38.65 -0.35 60.96
C VAL WC 412 39.02 -0.17 59.50
N LEU WC 413 39.10 1.10 59.09
CA LEU WC 413 39.67 1.48 57.80
C LEU WC 413 40.67 2.63 57.97
N PRO WC 414 41.94 2.46 57.52
CA PRO WC 414 42.95 3.52 57.65
C PRO WC 414 43.13 4.42 56.42
N ARG WC 415 43.46 5.70 56.64
CA ARG WC 415 43.85 6.63 55.59
C ARG WC 415 45.05 7.46 56.02
N PHE WC 416 46.00 7.66 55.11
CA PHE WC 416 47.13 8.57 55.32
C PHE WC 416 46.86 9.95 54.75
N SER WC 417 46.93 10.97 55.58
CA SER WC 417 47.05 12.34 55.13
C SER WC 417 48.48 12.60 54.67
N ALA WC 418 48.64 13.51 53.71
CA ALA WC 418 49.97 14.00 53.36
C ALA WC 418 50.63 14.74 54.52
N ASP WC 419 49.86 15.16 55.52
CA ASP WC 419 50.39 15.83 56.70
C ASP WC 419 51.19 14.93 57.63
N GLY WC 420 51.13 13.61 57.45
CA GLY WC 420 51.57 12.70 58.48
C GLY WC 420 50.57 12.50 59.59
N GLN WC 421 49.29 12.59 59.26
CA GLN WC 421 48.18 12.31 60.16
C GLN WC 421 47.45 11.09 59.63
N ILE WC 422 47.00 10.21 60.51
CA ILE WC 422 46.25 9.05 60.10
C ILE WC 422 44.79 9.24 60.49
N GLU WC 423 43.91 9.02 59.53
CA GLU WC 423 42.46 9.14 59.68
C GLU WC 423 41.84 7.76 59.73
N MET WC 424 40.98 7.52 60.72
CA MET WC 424 40.48 6.18 60.97
C MET WC 424 38.96 6.18 60.94
N SER WC 425 38.39 5.19 60.25
CA SER WC 425 36.99 4.84 60.33
C SER WC 425 36.88 3.68 61.29
N LEU WC 426 36.11 3.84 62.38
CA LEU WC 426 36.12 2.87 63.47
C LEU WC 426 34.73 2.42 63.86
N ASP WC 427 34.65 1.12 64.14
CA ASP WC 427 33.47 0.45 64.69
C ASP WC 427 33.96 -0.42 65.83
N ILE WC 428 33.44 -0.18 67.03
CA ILE WC 428 33.95 -0.81 68.24
C ILE WC 428 32.81 -1.32 69.09
N GLU WC 429 32.97 -2.52 69.63
CA GLU WC 429 31.95 -3.17 70.44
C GLU WC 429 32.63 -4.03 71.49
N ASP WC 430 32.34 -3.78 72.77
CA ASP WC 430 33.09 -4.46 73.82
C ASP WC 430 32.36 -4.55 75.15
N GLY WC 431 32.57 -5.67 75.85
CA GLY WC 431 32.05 -5.94 77.17
C GLY WC 431 31.56 -7.36 77.33
N ASN WC 432 30.69 -7.55 78.31
CA ASN WC 432 29.97 -8.82 78.50
C ASN WC 432 29.31 -9.29 77.22
N ASP WC 433 29.43 -10.59 76.94
CA ASP WC 433 28.84 -11.15 75.72
C ASP WC 433 27.34 -11.34 75.86
N LYS WC 434 26.82 -11.38 77.09
CA LYS WC 434 25.40 -11.54 77.34
C LYS WC 434 25.10 -10.89 78.69
N THR WC 435 23.83 -10.87 79.05
CA THR WC 435 23.50 -10.88 80.46
C THR WC 435 24.24 -12.06 81.08
N PRO WC 436 24.98 -11.88 82.17
CA PRO WC 436 26.08 -12.81 82.46
C PRO WC 436 25.56 -14.22 82.64
N GLN WC 437 26.29 -15.18 82.05
CA GLN WC 437 25.67 -16.43 81.64
C GLN WC 437 25.28 -17.28 82.84
N SER WC 438 26.18 -17.43 83.80
CA SER WC 438 25.86 -18.08 85.06
C SER WC 438 25.05 -17.16 85.96
N ASP WC 439 24.03 -17.74 86.57
CA ASP WC 439 23.20 -17.09 87.59
C ASP WC 439 24.00 -17.05 88.88
N THR WC 440 24.75 -15.97 89.07
CA THR WC 440 25.65 -15.85 90.21
C THR WC 440 24.87 -15.69 91.50
N THR WC 441 25.04 -16.65 92.41
CA THR WC 441 24.46 -16.59 93.74
C THR WC 441 25.44 -16.15 94.82
N THR WC 442 26.74 -16.27 94.60
CA THR WC 442 27.70 -15.69 95.52
C THR WC 442 27.74 -14.18 95.36
N SER WC 443 27.68 -13.47 96.47
CA SER WC 443 27.74 -12.01 96.42
C SER WC 443 29.13 -11.55 95.98
N VAL WC 444 30.17 -12.15 96.53
CA VAL WC 444 31.54 -11.92 96.04
C VAL WC 444 31.83 -13.03 95.05
N ASP WC 445 31.38 -12.83 93.81
CA ASP WC 445 31.83 -13.67 92.71
C ASP WC 445 33.24 -13.31 92.27
N ALA WC 446 33.67 -12.09 92.55
CA ALA WC 446 34.92 -11.53 92.03
C ALA WC 446 35.03 -11.60 90.51
N LEU WC 447 33.90 -11.51 89.81
CA LEU WC 447 33.92 -11.34 88.36
C LEU WC 447 33.41 -9.93 88.07
N PRO WC 448 34.22 -9.03 87.52
CA PRO WC 448 33.73 -7.66 87.31
C PRO WC 448 32.70 -7.60 86.19
N GLU WC 449 31.51 -7.08 86.52
CA GLU WC 449 30.40 -6.93 85.59
C GLU WC 449 30.56 -5.73 84.65
N VAL WC 450 31.56 -5.83 83.76
CA VAL WC 450 31.68 -4.84 82.70
C VAL WC 450 30.39 -4.84 81.90
N GLY WC 451 29.89 -3.66 81.57
CA GLY WC 451 28.71 -3.62 80.71
C GLY WC 451 28.94 -4.00 79.27
N ARG WC 452 28.11 -3.45 78.37
CA ARG WC 452 28.24 -3.60 76.93
C ARG WC 452 28.22 -2.23 76.28
N THR WC 453 29.20 -1.95 75.42
CA THR WC 453 29.29 -0.63 74.82
C THR WC 453 29.61 -0.75 73.34
N LEU WC 454 28.99 0.13 72.57
CA LEU WC 454 29.06 0.14 71.12
C LEU WC 454 29.23 1.57 70.61
N ILE WC 455 30.19 1.76 69.72
CA ILE WC 455 30.51 3.09 69.20
C ILE WC 455 30.89 2.98 67.73
N SER WC 456 30.51 4.00 66.95
CA SER WC 456 30.83 4.08 65.54
C SER WC 456 31.19 5.52 65.20
N THR WC 457 32.42 5.76 64.75
CA THR WC 457 32.83 7.14 64.50
C THR WC 457 34.07 7.19 63.62
N ILE WC 458 34.41 8.42 63.21
CA ILE WC 458 35.64 8.72 62.50
C ILE WC 458 36.52 9.62 63.35
N ALA WC 459 37.83 9.40 63.30
CA ALA WC 459 38.78 10.26 64.00
C ALA WC 459 40.09 10.29 63.25
N ARG WC 460 40.82 11.40 63.43
CA ARG WC 460 42.14 11.59 62.82
C ARG WC 460 43.13 12.07 63.86
N VAL WC 461 44.34 11.51 63.84
CA VAL WC 461 45.34 11.83 64.87
C VAL WC 461 46.76 11.81 64.30
N PRO WC 462 47.65 12.69 64.76
CA PRO WC 462 49.05 12.66 64.31
C PRO WC 462 49.79 11.37 64.66
N HIS WC 463 50.85 11.10 63.89
CA HIS WC 463 51.70 9.92 64.12
C HIS WC 463 52.05 9.77 65.59
N GLY WC 464 51.80 8.58 66.12
CA GLY WC 464 52.27 8.25 67.45
C GLY WC 464 51.55 8.96 68.57
N LYS WC 465 50.63 9.87 68.27
CA LYS WC 465 49.81 10.46 69.30
C LYS WC 465 48.64 9.54 69.62
N SER WC 466 47.82 9.93 70.58
CA SER WC 466 46.69 9.12 71.00
C SER WC 466 45.52 10.02 71.37
N LEU WC 467 44.32 9.46 71.32
CA LEU WC 467 43.14 10.31 71.44
C LEU WC 467 41.98 9.58 72.10
N LEU WC 468 41.20 10.32 72.90
CA LEU WC 468 40.01 9.81 73.56
C LEU WC 468 38.82 9.75 72.60
N VAL WC 469 38.44 8.55 72.17
CA VAL WC 469 37.31 8.43 71.24
C VAL WC 469 35.96 8.37 71.95
N GLY WC 470 35.90 7.92 73.19
CA GLY WC 470 34.65 7.98 73.93
C GLY WC 470 34.83 7.58 75.38
N GLY WC 471 33.88 8.04 76.20
CA GLY WC 471 33.97 7.75 77.62
C GLY WC 471 32.63 7.87 78.31
N TYR WC 472 32.60 7.35 79.53
CA TYR WC 472 31.39 7.29 80.33
C TYR WC 472 31.76 7.41 81.80
N THR WC 473 30.92 8.08 82.58
CA THR WC 473 31.06 8.11 84.02
C THR WC 473 29.69 8.05 84.68
N ARG WC 474 29.64 7.44 85.85
CA ARG WC 474 28.41 7.40 86.63
C ARG WC 474 28.75 7.49 88.11
N ASP WC 475 28.00 8.31 88.83
CA ASP WC 475 28.18 8.49 90.26
C ASP WC 475 26.84 8.53 90.96
N ALA WC 476 26.69 7.80 92.05
CA ALA WC 476 25.38 7.75 92.69
C ALA WC 476 25.52 7.55 94.19
N ASN WC 477 24.47 7.98 94.90
CA ASN WC 477 24.40 7.91 96.35
C ASN WC 477 22.96 7.64 96.76
N THR WC 478 22.80 6.95 97.89
CA THR WC 478 21.46 6.65 98.40
C THR WC 478 21.51 6.54 99.91
N ASP WC 479 20.45 7.02 100.56
CA ASP WC 479 20.40 7.09 102.02
C ASP WC 479 18.96 6.96 102.48
N THR WC 480 18.74 6.15 103.52
CA THR WC 480 17.38 5.97 104.01
C THR WC 480 17.38 5.59 105.48
N VAL WC 481 16.32 6.01 106.19
CA VAL WC 481 16.14 5.73 107.60
C VAL WC 481 14.66 5.56 107.89
N GLN WC 482 14.34 4.69 108.84
CA GLN WC 482 12.98 4.45 109.28
C GLN WC 482 13.00 4.10 110.76
N SER WC 483 11.91 4.39 111.46
CA SER WC 483 11.87 4.16 112.90
C SER WC 483 10.44 4.14 113.41
N ILE WC 484 10.28 3.62 114.62
CA ILE WC 484 9.03 3.77 115.38
C ILE WC 484 8.78 5.24 115.66
N PRO WC 485 7.62 5.79 115.31
CA PRO WC 485 7.45 7.25 115.31
C PRO WC 485 7.83 7.99 116.58
N PHE WC 486 7.49 7.48 117.76
CA PHE WC 486 7.75 8.23 118.99
C PHE WC 486 8.95 7.73 119.78
N LEU WC 487 9.15 6.42 119.86
CA LEU WC 487 10.24 5.88 120.68
C LEU WC 487 11.58 6.07 120.00
N GLY WC 488 11.60 6.09 118.67
CA GLY WC 488 12.84 6.27 117.93
C GLY WC 488 13.58 7.53 118.26
N LYS WC 489 12.99 8.45 119.01
CA LYS WC 489 13.64 9.70 119.37
C LYS WC 489 13.90 9.81 120.86
N LEU WC 490 13.65 8.77 121.63
CA LEU WC 490 13.97 8.79 123.04
C LEU WC 490 15.49 8.84 123.22
N PRO WC 491 15.99 9.69 124.12
CA PRO WC 491 17.44 9.85 124.26
C PRO WC 491 18.20 8.58 124.59
N LEU WC 492 17.67 7.73 125.46
CA LEU WC 492 18.40 6.54 125.89
C LEU WC 492 18.10 5.28 125.10
N ILE WC 493 16.93 5.14 124.48
CA ILE WC 493 16.59 3.90 123.77
C ILE WC 493 16.28 4.11 122.30
N GLY WC 494 16.24 5.35 121.83
CA GLY WC 494 15.88 5.59 120.43
C GLY WC 494 16.67 4.74 119.46
N SER WC 495 17.97 4.56 119.72
CA SER WC 495 18.81 3.76 118.84
C SER WC 495 18.36 2.32 118.70
N LEU WC 496 17.57 1.80 119.64
CA LEU WC 496 17.05 0.45 119.50
C LEU WC 496 15.92 0.33 118.48
N PHE WC 497 15.40 1.44 117.98
CA PHE WC 497 14.18 1.44 117.18
C PHE WC 497 14.36 2.10 115.82
N ARG WC 498 15.59 2.24 115.36
CA ARG WC 498 15.87 2.82 114.05
C ARG WC 498 16.52 1.76 113.16
N TYR WC 499 16.28 1.89 111.86
CA TYR WC 499 16.94 1.11 110.84
C TYR WC 499 17.35 2.02 109.71
N SER WC 500 18.58 1.87 109.21
CA SER WC 500 19.08 2.78 108.20
C SER WC 500 20.00 2.06 107.25
N SER WC 501 20.11 2.62 106.04
CA SER WC 501 20.93 2.08 104.97
C SER WC 501 21.56 3.18 104.14
N LYS WC 502 22.80 2.94 103.72
CA LYS WC 502 23.55 3.90 102.92
C LYS WC 502 24.31 3.18 101.81
N ASN WC 503 24.41 3.83 100.65
CA ASN WC 503 25.07 3.24 99.50
C ASN WC 503 25.72 4.32 98.63
N LYS WC 504 26.95 4.05 98.17
CA LYS WC 504 27.68 4.94 97.29
C LYS WC 504 28.36 4.17 96.17
N SER WC 505 28.34 4.71 94.95
CA SER WC 505 28.97 4.03 93.82
C SER WC 505 29.58 5.01 92.82
N ASN WC 506 30.72 4.62 92.26
CA ASN WC 506 31.48 5.44 91.31
C ASN WC 506 32.07 4.55 90.22
N VAL WC 507 31.80 4.88 88.95
CA VAL WC 507 32.21 4.06 87.82
C VAL WC 507 32.74 4.95 86.70
N VAL WC 508 33.83 4.52 86.06
CA VAL WC 508 34.43 5.22 84.93
C VAL WC 508 34.87 4.23 83.86
N ARG WC 509 34.58 4.55 82.59
CA ARG WC 509 34.93 3.72 81.45
C ARG WC 509 35.42 4.57 80.28
N VAL WC 510 36.58 4.26 79.71
CA VAL WC 510 37.13 5.11 78.64
C VAL WC 510 37.80 4.27 77.56
N PHE WC 511 37.69 4.75 76.31
CA PHE WC 511 38.27 4.16 75.10
C PHE WC 511 39.23 5.15 74.46
N MET WC 512 40.50 4.77 74.31
CA MET WC 512 41.53 5.63 73.74
C MET WC 512 42.30 4.91 72.65
N ILE WC 513 42.65 5.61 71.58
CA ILE WC 513 43.16 5.01 70.35
C ILE WC 513 44.57 5.52 70.06
N GLU WC 514 45.39 4.66 69.45
CA GLU WC 514 46.81 4.96 69.25
C GLU WC 514 47.35 4.28 67.99
N PRO WC 515 47.32 4.96 66.85
CA PRO WC 515 47.90 4.41 65.62
C PRO WC 515 49.40 4.65 65.49
N LYS WC 516 50.08 3.71 64.83
CA LYS WC 516 51.49 3.84 64.50
C LYS WC 516 51.73 3.32 63.09
N GLU WC 517 52.62 3.97 62.34
CA GLU WC 517 53.15 3.39 61.12
C GLU WC 517 54.17 2.28 61.44
N ILE WC 518 54.22 1.25 60.58
CA ILE WC 518 55.19 0.17 60.72
C ILE WC 518 56.05 0.08 59.47
N VAL WC 519 57.36 -0.09 59.66
CA VAL WC 519 58.30 -0.03 58.55
C VAL WC 519 59.35 -1.13 58.58
N ASP WC 520 59.46 -1.87 59.68
CA ASP WC 520 60.55 -2.83 59.84
C ASP WC 520 60.05 -4.11 60.50
N PRO WC 521 60.64 -5.26 60.15
CA PRO WC 521 60.21 -6.53 60.73
C PRO WC 521 60.61 -6.74 62.19
N LEU WC 522 60.17 -7.85 62.75
CA LEU WC 522 60.50 -8.22 64.12
C LEU WC 522 62.00 -8.36 64.33
N THR WC 523 62.43 -8.03 65.54
CA THR WC 523 63.78 -8.26 66.06
C THR WC 523 63.71 -8.33 67.59
N PRO WC 524 64.15 -9.42 68.23
CA PRO WC 524 64.51 -10.77 67.76
C PRO WC 524 63.46 -11.41 66.88
N ASP WC 525 63.82 -12.47 66.18
CA ASP WC 525 62.84 -13.19 65.39
C ASP WC 525 61.92 -14.07 66.23
N ALA WC 526 60.93 -14.60 65.51
CA ALA WC 526 59.93 -15.48 66.10
C ALA WC 526 60.58 -16.68 66.79
N SER WC 527 61.27 -17.50 66.00
CA SER WC 527 61.89 -18.70 66.55
C SER WC 527 62.82 -18.37 67.72
N GLU WC 528 63.57 -17.29 67.63
CA GLU WC 528 64.40 -16.90 68.77
C GLU WC 528 63.57 -16.73 70.03
N SER WC 529 62.47 -15.99 69.94
CA SER WC 529 61.62 -15.82 71.11
C SER WC 529 60.96 -17.12 71.57
N VAL WC 530 60.34 -17.83 70.65
CA VAL WC 530 59.66 -19.09 70.97
C VAL WC 530 60.58 -20.10 71.65
N ASN WC 531 61.80 -20.29 71.12
CA ASN WC 531 62.75 -21.20 71.75
C ASN WC 531 63.01 -20.83 73.21
N ASN WC 532 63.29 -19.56 73.46
CA ASN WC 532 63.50 -19.10 74.83
C ASN WC 532 62.30 -19.39 75.70
N ILE WC 533 61.11 -19.07 75.20
CA ILE WC 533 59.89 -19.31 75.96
C ILE WC 533 59.78 -20.79 76.34
N LEU WC 534 59.85 -21.67 75.36
CA LEU WC 534 59.78 -23.11 75.63
C LEU WC 534 60.80 -23.57 76.66
N LYS WC 535 62.08 -23.27 76.43
CA LYS WC 535 63.12 -23.68 77.36
C LYS WC 535 62.88 -23.16 78.77
N GLN WC 536 62.67 -21.85 78.92
CA GLN WC 536 62.42 -21.29 80.24
C GLN WC 536 61.19 -21.91 80.90
N SER WC 537 60.13 -22.16 80.13
CA SER WC 537 58.93 -22.81 80.65
C SER WC 537 59.14 -24.29 80.94
N GLY WC 538 60.24 -24.88 80.48
CA GLY WC 538 60.37 -26.31 80.52
C GLY WC 538 59.42 -27.07 79.63
N ALA WC 539 58.71 -26.37 78.75
CA ALA WC 539 57.88 -27.03 77.77
C ALA WC 539 58.71 -27.70 76.70
N TRP WC 540 59.96 -27.23 76.52
CA TRP WC 540 60.87 -27.75 75.51
C TRP WC 540 60.81 -29.26 75.41
N SER WC 541 60.89 -29.75 74.18
CA SER WC 541 60.78 -31.16 73.85
C SER WC 541 61.80 -31.65 72.84
N GLY WC 542 62.55 -30.78 72.18
CA GLY WC 542 63.46 -31.22 71.13
C GLY WC 542 64.57 -32.14 71.62
N ASP WC 543 64.64 -32.35 72.92
CA ASP WC 543 65.56 -33.32 73.51
C ASP WC 543 65.12 -34.75 73.22
N ASP WC 544 63.93 -34.93 72.66
CA ASP WC 544 63.37 -36.25 72.46
C ASP WC 544 64.23 -37.12 71.54
N LYS WC 545 64.28 -38.40 71.88
CA LYS WC 545 65.03 -39.38 71.12
C LYS WC 545 64.48 -39.58 69.71
N LEU WC 546 63.18 -39.38 69.51
CA LEU WC 546 62.56 -39.82 68.25
C LEU WC 546 61.89 -38.73 67.44
N GLN WC 547 61.18 -37.79 68.05
CA GLN WC 547 60.51 -36.80 67.21
C GLN WC 547 61.49 -35.94 66.43
N LYS WC 548 62.77 -35.96 66.79
CA LYS WC 548 63.79 -35.23 66.06
C LYS WC 548 63.79 -35.54 64.57
N TRP WC 549 63.49 -36.79 64.21
CA TRP WC 549 63.55 -37.19 62.80
C TRP WC 549 62.55 -36.44 61.95
N VAL WC 550 61.47 -35.96 62.53
CA VAL WC 550 60.47 -35.22 61.79
C VAL WC 550 60.60 -33.72 62.05
N ARG WC 551 60.77 -33.35 63.31
CA ARG WC 551 60.92 -31.93 63.65
C ARG WC 551 62.03 -31.29 62.85
N VAL WC 552 63.10 -32.01 62.54
CA VAL WC 552 64.19 -31.41 61.80
C VAL WC 552 63.71 -30.82 60.48
N TYR WC 553 62.79 -31.51 59.80
CA TYR WC 553 62.34 -30.96 58.51
C TYR WC 553 61.58 -29.66 58.69
N LEU WC 554 60.88 -29.49 59.81
CA LEU WC 554 60.16 -28.24 60.07
C LEU WC 554 61.11 -27.12 60.45
N ASP WC 555 61.89 -27.36 61.51
CA ASP WC 555 62.78 -26.33 62.04
C ASP WC 555 63.91 -26.02 61.07
N ARG WC 556 64.54 -27.05 60.51
CA ARG WC 556 65.64 -26.80 59.59
C ARG WC 556 65.12 -26.51 58.18
N GLY WC 557 64.26 -27.38 57.65
CA GLY WC 557 63.78 -27.24 56.29
C GLY WC 557 64.73 -27.70 55.21
N VAL XC 30 77.83 -2.61 -62.64
CA VAL XC 30 77.77 -2.48 -61.19
C VAL XC 30 77.82 -3.86 -60.56
N THR XC 31 78.13 -3.88 -59.26
CA THR XC 31 78.41 -5.10 -58.53
C THR XC 31 77.42 -5.27 -57.38
N GLY XC 32 77.24 -6.51 -56.95
CA GLY XC 32 76.29 -6.77 -55.89
C GLY XC 32 74.85 -6.57 -56.32
N SER XC 33 74.03 -6.05 -55.39
CA SER XC 33 72.65 -5.73 -55.67
C SER XC 33 72.22 -4.48 -54.91
N GLY XC 34 71.30 -3.74 -55.51
CA GLY XC 34 70.79 -2.52 -54.92
C GLY XC 34 69.65 -2.01 -55.77
N PHE XC 35 69.13 -0.86 -55.37
CA PHE XC 35 67.90 -0.33 -55.94
C PHE XC 35 68.13 1.07 -56.47
N VAL XC 36 67.52 1.37 -57.61
CA VAL XC 36 67.57 2.69 -58.21
C VAL XC 36 66.18 3.28 -58.11
N ALA XC 37 66.02 4.30 -57.28
CA ALA XC 37 64.75 4.95 -57.06
C ALA XC 37 64.68 6.25 -57.84
N LYS XC 38 63.53 6.52 -58.44
CA LYS XC 38 63.32 7.73 -59.22
C LYS XC 38 61.99 8.33 -58.79
N ASP XC 39 62.03 9.19 -57.79
CA ASP XC 39 60.83 9.83 -57.26
C ASP XC 39 59.81 8.81 -56.79
N ASP XC 40 60.26 7.85 -55.98
CA ASP XC 40 59.41 6.74 -55.56
C ASP XC 40 58.92 6.97 -54.14
N SER XC 41 57.68 6.59 -53.90
CA SER XC 41 57.13 6.60 -52.55
C SER XC 41 57.85 5.61 -51.66
N LEU XC 42 58.04 5.99 -50.41
CA LEU XC 42 58.60 5.06 -49.44
C LEU XC 42 57.86 3.74 -49.41
N ARG XC 43 56.56 3.75 -49.71
CA ARG XC 43 55.81 2.50 -49.82
C ARG XC 43 56.46 1.52 -50.78
N THR XC 44 56.96 2.01 -51.90
CA THR XC 44 57.57 1.16 -52.91
C THR XC 44 59.06 1.00 -52.70
N PHE XC 45 59.69 1.95 -52.02
CA PHE XC 45 61.12 1.82 -51.75
C PHE XC 45 61.40 0.76 -50.69
N PHE XC 46 60.70 0.78 -49.57
CA PHE XC 46 61.02 -0.20 -48.52
C PHE XC 46 60.69 -1.63 -48.91
N ASP XC 47 59.77 -1.84 -49.84
CA ASP XC 47 59.55 -3.20 -50.31
C ASP XC 47 60.70 -3.70 -51.16
N ALA XC 48 61.51 -2.84 -51.75
CA ALA XC 48 62.76 -3.30 -52.32
C ALA XC 48 63.73 -3.83 -51.26
N MET XC 49 63.62 -3.35 -50.03
CA MET XC 49 64.55 -3.69 -48.97
C MET XC 49 64.07 -4.87 -48.15
N ALA XC 50 62.81 -5.23 -48.29
CA ALA XC 50 62.24 -6.30 -47.48
C ALA XC 50 62.94 -7.64 -47.73
N LEU XC 51 63.35 -7.92 -48.96
CA LEU XC 51 64.04 -9.18 -49.21
C LEU XC 51 65.37 -9.30 -48.48
N GLN XC 52 66.08 -8.18 -48.29
CA GLN XC 52 67.34 -8.22 -47.53
C GLN XC 52 67.09 -8.24 -46.04
N LEU XC 53 66.05 -7.57 -45.58
CA LEU XC 53 65.71 -7.65 -44.16
C LEU XC 53 65.17 -9.02 -43.81
N LYS XC 54 64.61 -9.75 -44.78
CA LYS XC 54 64.01 -11.06 -44.58
C LYS XC 54 62.75 -11.01 -43.74
N GLU XC 55 61.97 -9.94 -43.85
CA GLU XC 55 60.73 -9.77 -43.13
C GLU XC 55 59.74 -9.03 -44.03
N PRO XC 56 58.45 -9.24 -43.85
CA PRO XC 56 57.47 -8.27 -44.36
C PRO XC 56 57.60 -6.90 -43.71
N VAL XC 57 57.53 -5.87 -44.55
CA VAL XC 57 57.64 -4.47 -44.13
C VAL XC 57 56.31 -3.76 -44.35
N ILE XC 58 55.84 -3.05 -43.32
CA ILE XC 58 54.52 -2.42 -43.31
C ILE XC 58 54.72 -0.92 -43.12
N VAL XC 59 54.30 -0.13 -44.10
CA VAL XC 59 54.47 1.32 -44.10
C VAL XC 59 53.15 2.02 -43.82
N SER XC 60 53.13 2.87 -42.79
CA SER XC 60 51.96 3.68 -42.46
C SER XC 60 51.57 4.65 -43.56
N LYS XC 61 50.27 4.85 -43.71
CA LYS XC 61 49.72 5.72 -44.76
C LYS XC 61 50.32 7.12 -44.73
N MET XC 62 50.49 7.69 -43.55
CA MET XC 62 51.07 9.03 -43.45
C MET XC 62 52.53 9.06 -43.84
N ALA XC 63 53.24 7.95 -43.71
CA ALA XC 63 54.61 7.89 -44.17
C ALA XC 63 54.70 7.65 -45.67
N ALA XC 64 53.69 7.03 -46.25
CA ALA XC 64 53.74 6.78 -47.69
C ALA XC 64 53.75 8.04 -48.53
N ARG XC 65 53.44 9.20 -47.96
CA ARG XC 65 53.47 10.44 -48.73
C ARG XC 65 54.86 10.94 -49.10
N LYS XC 66 55.89 10.56 -48.37
CA LYS XC 66 57.23 11.06 -48.63
C LYS XC 66 57.87 10.39 -49.85
N LYS XC 67 58.58 11.18 -50.64
CA LYS XC 67 59.19 10.72 -51.88
C LYS XC 67 60.70 10.76 -51.76
N ILE XC 68 61.37 9.74 -52.29
CA ILE XC 68 62.82 9.65 -52.30
C ILE XC 68 63.30 9.42 -53.73
N THR XC 69 64.50 9.90 -54.03
CA THR XC 69 65.16 9.62 -55.29
C THR XC 69 66.67 9.50 -55.10
N GLY XC 70 67.28 8.63 -55.90
CA GLY XC 70 68.68 8.23 -55.76
C GLY XC 70 68.89 6.75 -55.98
N ASN XC 71 70.11 6.23 -55.81
CA ASN XC 71 70.35 4.79 -55.83
C ASN XC 71 71.17 4.34 -54.62
N PHE XC 72 70.83 3.16 -54.10
CA PHE XC 72 71.25 2.74 -52.78
C PHE XC 72 71.81 1.32 -52.79
N GLU XC 73 72.91 1.12 -52.05
CA GLU XC 73 73.55 -0.17 -51.89
C GLU XC 73 73.13 -0.81 -50.58
N PHE XC 74 72.50 -1.97 -50.66
CA PHE XC 74 72.04 -2.71 -49.48
C PHE XC 74 73.11 -3.61 -48.87
N HIS XC 75 74.30 -3.07 -48.61
CA HIS XC 75 75.32 -3.84 -47.89
C HIS XC 75 74.84 -4.26 -46.51
N ASP XC 76 74.26 -3.34 -45.74
CA ASP XC 76 73.69 -3.67 -44.44
C ASP XC 76 72.41 -2.87 -44.25
N PRO XC 77 71.27 -3.50 -44.50
CA PRO XC 77 70.00 -2.81 -44.28
C PRO XC 77 69.80 -2.27 -42.89
N ASN XC 78 70.32 -2.89 -41.85
CA ASN XC 78 69.98 -2.41 -40.51
C ASN XC 78 70.58 -1.04 -40.24
N ALA XC 79 71.80 -0.82 -40.72
CA ALA XC 79 72.42 0.49 -40.61
C ALA XC 79 71.80 1.48 -41.60
N LEU XC 80 71.46 1.03 -42.80
CA LEU XC 80 70.82 1.94 -43.72
C LEU XC 80 69.45 2.39 -43.20
N LEU XC 81 68.72 1.47 -42.58
CA LEU XC 81 67.45 1.80 -41.96
C LEU XC 81 67.60 2.77 -40.79
N GLU XC 82 68.63 2.59 -39.96
CA GLU XC 82 68.84 3.54 -38.87
C GLU XC 82 69.17 4.94 -39.37
N LYS XC 83 70.06 5.03 -40.35
CA LYS XC 83 70.41 6.33 -40.90
C LYS XC 83 69.20 7.01 -41.53
N LEU XC 84 68.52 6.32 -42.43
CA LEU XC 84 67.37 6.95 -43.08
C LEU XC 84 66.26 7.30 -42.10
N SER XC 85 66.02 6.47 -41.09
CA SER XC 85 65.03 6.85 -40.08
C SER XC 85 65.37 8.15 -39.39
N LEU XC 86 66.63 8.33 -38.99
CA LEU XC 86 67.01 9.60 -38.37
C LEU XC 86 67.00 10.77 -39.36
N GLN XC 87 67.28 10.53 -40.63
CA GLN XC 87 67.30 11.65 -41.57
C GLN XC 87 65.91 12.06 -42.03
N LEU XC 88 64.99 11.14 -42.17
CA LEU XC 88 63.67 11.46 -42.69
C LEU XC 88 62.63 11.66 -41.61
N GLY XC 89 62.92 11.26 -40.38
CA GLY XC 89 61.97 11.41 -39.29
C GLY XC 89 60.99 10.28 -39.09
N LEU XC 90 61.36 9.07 -39.45
CA LEU XC 90 60.50 7.92 -39.27
C LEU XC 90 60.81 7.26 -37.93
N ILE XC 91 59.88 6.43 -37.48
CA ILE XC 91 60.06 5.61 -36.29
C ILE XC 91 59.70 4.20 -36.68
N TRP XC 92 60.37 3.21 -36.11
CA TRP XC 92 60.24 1.86 -36.63
C TRP XC 92 60.35 0.86 -35.49
N TYR XC 93 59.73 -0.29 -35.70
CA TYR XC 93 59.62 -1.33 -34.69
C TYR XC 93 59.59 -2.71 -35.32
N PHE XC 94 60.00 -3.70 -34.54
CA PHE XC 94 60.10 -5.07 -35.01
C PHE XC 94 59.72 -6.01 -33.88
N ASP XC 95 58.68 -6.80 -34.12
CA ASP XC 95 58.11 -7.75 -33.19
C ASP XC 95 58.68 -9.16 -33.33
N GLY XC 96 59.53 -9.40 -34.32
CA GLY XC 96 60.00 -10.72 -34.66
C GLY XC 96 59.30 -11.34 -35.84
N GLN XC 97 58.23 -10.72 -36.33
CA GLN XC 97 57.50 -11.21 -37.49
C GLN XC 97 57.41 -10.19 -38.61
N ALA XC 98 57.40 -8.89 -38.31
CA ALA XC 98 57.29 -7.87 -39.34
C ALA XC 98 57.91 -6.59 -38.83
N ILE XC 99 58.31 -5.71 -39.75
CA ILE XC 99 58.86 -4.41 -39.41
C ILE XC 99 57.85 -3.32 -39.78
N TYR XC 100 57.45 -2.52 -38.79
CA TYR XC 100 56.54 -1.41 -38.98
C TYR XC 100 57.29 -0.08 -39.04
N ILE XC 101 57.03 0.70 -40.08
CA ILE XC 101 57.52 2.07 -40.22
C ILE XC 101 56.35 3.04 -40.07
N TYR XC 102 56.42 3.95 -39.09
CA TYR XC 102 55.50 5.07 -38.93
C TYR XC 102 56.21 6.42 -39.05
N ASP XC 103 55.39 7.45 -39.13
CA ASP XC 103 55.85 8.83 -39.03
C ASP XC 103 56.02 9.22 -37.56
N ALA XC 104 57.08 9.98 -37.28
CA ALA XC 104 57.34 10.47 -35.93
C ALA XC 104 56.17 11.16 -35.24
N SER XC 105 55.36 11.90 -35.97
CA SER XC 105 54.21 12.55 -35.36
C SER XC 105 53.26 11.56 -34.69
N GLU XC 106 53.26 10.31 -35.13
CA GLU XC 106 52.38 9.29 -34.57
C GLU XC 106 52.79 8.70 -33.22
N MET XC 107 53.94 9.05 -32.66
CA MET XC 107 54.32 8.56 -31.33
C MET XC 107 53.17 8.68 -30.35
N ARG XC 108 52.88 7.60 -29.62
CA ARG XC 108 51.86 7.63 -28.57
C ARG XC 108 52.50 7.31 -27.23
N ASN XC 109 51.82 7.72 -26.16
CA ASN XC 109 52.32 7.50 -24.81
C ASN XC 109 51.18 7.30 -23.84
N ALA XC 110 51.46 6.56 -22.76
CA ALA XC 110 50.44 6.22 -21.78
C ALA XC 110 51.09 5.98 -20.43
N VAL XC 111 50.29 6.12 -19.38
CA VAL XC 111 50.68 5.77 -18.02
C VAL XC 111 49.87 4.58 -17.55
N VAL XC 112 50.54 3.59 -16.99
CA VAL XC 112 49.93 2.35 -16.55
C VAL XC 112 50.16 2.15 -15.06
N SER XC 113 49.15 1.61 -14.38
CA SER XC 113 49.26 1.32 -12.96
C SER XC 113 48.70 -0.07 -12.66
N LEU XC 114 49.47 -0.83 -11.87
CA LEU XC 114 49.20 -2.22 -11.54
C LEU XC 114 49.04 -2.37 -10.02
N ARG XC 115 48.08 -3.19 -9.63
CA ARG XC 115 47.75 -3.46 -8.23
C ARG XC 115 48.52 -4.63 -7.63
N ASN XC 116 48.73 -5.71 -8.39
CA ASN XC 116 49.34 -6.93 -7.89
C ASN XC 116 50.69 -7.26 -8.50
N VAL XC 117 51.29 -6.37 -9.27
CA VAL XC 117 52.48 -6.71 -10.03
C VAL XC 117 53.53 -5.64 -9.84
N SER XC 118 54.79 -6.05 -9.96
CA SER XC 118 55.97 -5.19 -9.91
C SER XC 118 56.61 -5.03 -11.28
N LEU XC 119 57.06 -3.81 -11.55
CA LEU XC 119 57.69 -3.52 -12.82
C LEU XC 119 58.86 -4.47 -13.09
N ASN XC 120 59.55 -4.91 -12.05
CA ASN XC 120 60.64 -5.85 -12.29
C ASN XC 120 60.09 -7.17 -12.81
N GLU XC 121 58.93 -7.58 -12.33
CA GLU XC 121 58.31 -8.80 -12.81
C GLU XC 121 57.91 -8.65 -14.26
N PHE XC 122 57.18 -7.58 -14.57
CA PHE XC 122 56.73 -7.37 -15.95
C PHE XC 122 57.90 -7.32 -16.93
N ASN XC 123 59.00 -6.65 -16.57
CA ASN XC 123 60.13 -6.62 -17.50
C ASN XC 123 60.59 -8.03 -17.83
N ASN XC 124 60.61 -8.93 -16.85
CA ASN XC 124 61.04 -10.28 -17.14
C ASN XC 124 60.08 -10.96 -18.10
N PHE XC 125 58.79 -10.68 -17.98
CA PHE XC 125 57.84 -11.21 -18.94
C PHE XC 125 58.20 -10.78 -20.35
N LEU XC 126 58.43 -9.48 -20.53
CA LEU XC 126 58.84 -8.98 -21.84
C LEU XC 126 60.10 -9.68 -22.34
N LYS XC 127 61.09 -9.83 -21.48
CA LYS XC 127 62.33 -10.44 -21.95
C LYS XC 127 62.12 -11.89 -22.36
N ARG XC 128 61.45 -12.69 -21.54
CA ARG XC 128 61.18 -14.07 -21.92
C ARG XC 128 60.43 -14.14 -23.24
N SER XC 129 59.43 -13.27 -23.43
CA SER XC 129 58.72 -13.20 -24.69
C SER XC 129 59.62 -12.80 -25.86
N GLY XC 130 60.68 -12.05 -25.59
CA GLY XC 130 61.44 -11.45 -26.67
C GLY XC 130 60.80 -10.24 -27.31
N LEU XC 131 59.95 -9.55 -26.56
CA LEU XC 131 59.23 -8.36 -27.00
C LEU XC 131 59.99 -7.11 -26.60
N TYR XC 132 60.72 -7.20 -25.48
CA TYR XC 132 61.55 -6.11 -24.97
C TYR XC 132 62.31 -5.40 -26.07
N ASN XC 133 62.40 -4.08 -25.93
CA ASN XC 133 63.04 -3.20 -26.90
C ASN XC 133 63.77 -2.11 -26.14
N LYS XC 134 65.10 -2.20 -26.11
CA LYS XC 134 65.94 -1.24 -25.42
C LYS XC 134 65.81 0.20 -25.89
N ASN XC 135 65.24 0.46 -27.07
CA ASN XC 135 65.07 1.85 -27.48
C ASN XC 135 63.88 2.54 -26.84
N TYR XC 136 62.89 1.79 -26.38
CA TYR XC 136 61.67 2.36 -25.79
C TYR XC 136 61.38 1.74 -24.42
N PRO XC 137 62.37 1.71 -23.54
CA PRO XC 137 62.21 1.00 -22.28
C PRO XC 137 61.19 1.65 -21.37
N LEU XC 138 60.63 0.84 -20.49
CA LEU XC 138 59.73 1.35 -19.46
C LEU XC 138 60.52 2.18 -18.46
N ARG XC 139 59.87 3.21 -17.93
CA ARG XC 139 60.49 4.11 -16.96
C ARG XC 139 59.63 4.19 -15.72
N GLY XC 140 60.22 3.84 -14.58
CA GLY XC 140 59.48 3.80 -13.33
C GLY XC 140 60.30 3.12 -12.27
N ASP XC 141 59.81 3.22 -11.03
CA ASP XC 141 60.49 2.63 -9.89
C ASP XC 141 60.26 1.12 -9.89
N ASN XC 142 61.36 0.36 -9.96
CA ASN XC 142 61.27 -1.09 -10.02
C ASN XC 142 60.46 -1.71 -8.90
N ARG XC 143 60.38 -1.05 -7.76
CA ARG XC 143 59.64 -1.61 -6.63
C ARG XC 143 58.16 -1.28 -6.66
N LYS XC 144 57.77 -0.24 -7.39
CA LYS XC 144 56.38 0.18 -7.45
C LYS XC 144 55.67 -0.51 -8.59
N GLY XC 145 54.42 -0.14 -8.78
CA GLY XC 145 53.60 -0.66 -9.85
C GLY XC 145 53.01 0.43 -10.71
N THR XC 146 53.82 1.39 -11.13
CA THR XC 146 53.33 2.47 -11.97
C THR XC 146 54.45 2.92 -12.88
N PHE XC 147 54.12 3.14 -14.15
CA PHE XC 147 55.18 3.52 -15.07
C PHE XC 147 54.60 4.24 -16.27
N TYR XC 148 55.50 4.88 -17.01
CA TYR XC 148 55.19 5.62 -18.22
C TYR XC 148 55.80 4.91 -19.42
N VAL XC 149 55.08 4.92 -20.55
CA VAL XC 149 55.51 4.24 -21.76
C VAL XC 149 55.28 5.15 -22.94
N SER XC 150 56.21 5.16 -23.88
CA SER XC 150 56.00 5.92 -25.11
C SER XC 150 56.67 5.23 -26.28
N GLY XC 151 56.04 5.28 -27.45
CA GLY XC 151 56.56 4.63 -28.61
C GLY XC 151 55.58 4.47 -29.76
N PRO XC 152 55.97 3.67 -30.74
CA PRO XC 152 55.06 3.35 -31.83
C PRO XC 152 53.76 2.75 -31.34
N PRO XC 153 52.67 3.01 -32.07
CA PRO XC 153 51.34 2.48 -31.73
C PRO XC 153 51.21 1.01 -31.33
N VAL XC 154 51.64 0.09 -32.19
CA VAL XC 154 51.52 -1.34 -31.87
C VAL XC 154 52.24 -1.68 -30.60
N TYR XC 155 53.40 -1.08 -30.38
CA TYR XC 155 54.14 -1.32 -29.16
C TYR XC 155 53.35 -0.87 -27.94
N VAL XC 156 52.96 0.39 -27.92
CA VAL XC 156 52.19 0.91 -26.79
C VAL XC 156 50.95 0.08 -26.52
N ASP XC 157 50.18 -0.25 -27.55
CA ASP XC 157 48.97 -1.03 -27.37
C ASP XC 157 49.24 -2.42 -26.81
N MET XC 158 50.17 -3.15 -27.40
CA MET XC 158 50.50 -4.46 -26.86
C MET XC 158 50.90 -4.37 -25.40
N VAL XC 159 51.78 -3.43 -25.06
CA VAL XC 159 52.20 -3.25 -23.67
C VAL XC 159 51.02 -3.03 -22.74
N VAL XC 160 50.17 -2.05 -23.03
CA VAL XC 160 49.04 -1.76 -22.15
C VAL XC 160 48.12 -2.97 -21.99
N ASN XC 161 47.74 -3.61 -23.10
CA ASN XC 161 46.88 -4.78 -23.00
C ASN XC 161 47.49 -5.88 -22.15
N ALA XC 162 48.71 -6.29 -22.49
CA ALA XC 162 49.37 -7.35 -21.74
C ALA XC 162 49.42 -7.04 -20.25
N ALA XC 163 49.86 -5.84 -19.89
CA ALA XC 163 49.90 -5.49 -18.48
C ALA XC 163 48.55 -5.61 -17.80
N THR XC 164 47.52 -5.04 -18.39
CA THR XC 164 46.19 -5.14 -17.78
C THR XC 164 45.73 -6.58 -17.57
N MET XC 165 45.80 -7.40 -18.61
CA MET XC 165 45.36 -8.79 -18.46
C MET XC 165 46.19 -9.56 -17.44
N MET XC 166 47.51 -9.51 -17.55
CA MET XC 166 48.34 -10.23 -16.59
C MET XC 166 48.04 -9.82 -15.17
N ASP XC 167 47.90 -8.51 -14.93
CA ASP XC 167 47.53 -8.04 -13.60
C ASP XC 167 46.22 -8.63 -13.11
N LYS XC 168 45.18 -8.65 -13.96
CA LYS XC 168 43.92 -9.25 -13.52
C LYS XC 168 44.04 -10.74 -13.22
N GLN XC 169 44.76 -11.50 -14.05
CA GLN XC 169 44.90 -12.91 -13.72
C GLN XC 169 45.57 -13.09 -12.37
N ASN XC 170 46.67 -12.38 -12.13
CA ASN XC 170 47.36 -12.52 -10.84
C ASN XC 170 46.47 -12.07 -9.69
N ASP XC 171 45.69 -11.00 -9.92
CA ASP XC 171 44.71 -10.54 -8.94
C ASP XC 171 43.72 -11.64 -8.58
N GLY XC 172 43.44 -12.53 -9.52
CA GLY XC 172 42.47 -13.58 -9.25
C GLY XC 172 42.96 -14.65 -8.26
N ILE XC 173 44.25 -14.71 -7.98
CA ILE XC 173 44.80 -15.68 -7.04
C ILE XC 173 44.49 -15.26 -5.61
N GLU XC 174 44.17 -16.23 -4.76
CA GLU XC 174 44.35 -16.03 -3.31
C GLU XC 174 44.74 -17.36 -2.66
N LEU XC 175 46.03 -17.51 -2.37
CA LEU XC 175 46.56 -18.65 -1.62
C LEU XC 175 46.40 -18.42 -0.11
N GLY XC 176 45.14 -18.19 0.30
CA GLY XC 176 44.81 -18.12 1.70
C GLY XC 176 44.78 -19.48 2.40
N ARG XC 177 45.84 -20.26 2.19
CA ARG XC 177 45.89 -21.62 2.70
C ARG XC 177 45.96 -21.64 4.23
N GLN XC 178 44.97 -22.26 4.85
CA GLN XC 178 44.99 -22.48 6.29
C GLN XC 178 45.99 -23.58 6.63
N LYS XC 179 46.71 -23.38 7.73
CA LYS XC 179 47.45 -24.46 8.35
C LYS XC 179 47.24 -24.48 9.85
N ILE XC 180 47.52 -25.65 10.42
CA ILE XC 180 47.14 -25.99 11.78
C ILE XC 180 48.39 -26.19 12.63
N GLY XC 181 48.45 -25.49 13.76
CA GLY XC 181 49.45 -25.71 14.77
C GLY XC 181 48.94 -26.64 15.86
N VAL XC 182 49.87 -27.37 16.46
CA VAL XC 182 49.62 -28.17 17.66
C VAL XC 182 50.75 -27.89 18.63
N MET XC 183 50.42 -27.56 19.88
CA MET XC 183 51.44 -27.06 20.82
C MET XC 183 51.17 -27.61 22.20
N ARG XC 184 52.04 -28.50 22.68
CA ARG XC 184 51.94 -28.97 24.05
C ARG XC 184 52.31 -27.85 25.02
N LEU XC 185 51.61 -27.79 26.14
CA LEU XC 185 51.98 -26.94 27.26
C LEU XC 185 52.83 -27.72 28.23
N ASN XC 186 54.08 -27.29 28.40
CA ASN XC 186 55.03 -27.97 29.26
C ASN XC 186 54.97 -27.52 30.71
N ASN XC 187 54.26 -26.44 31.04
CA ASN XC 187 54.35 -25.86 32.37
C ASN XC 187 53.01 -25.63 33.06
N THR XC 188 51.89 -25.92 32.43
CA THR XC 188 50.62 -25.60 33.07
C THR XC 188 49.50 -26.44 32.46
N PHE XC 189 48.40 -26.53 33.20
CA PHE XC 189 47.18 -27.13 32.69
C PHE XC 189 46.48 -26.22 31.69
N VAL XC 190 45.89 -26.83 30.67
CA VAL XC 190 45.17 -26.10 29.63
C VAL XC 190 43.88 -25.47 30.15
N GLY XC 191 43.17 -26.12 31.04
CA GLY XC 191 41.84 -25.67 31.38
C GLY XC 191 41.78 -24.56 32.41
N ASP XC 192 40.62 -23.92 32.45
CA ASP XC 192 40.29 -22.97 33.51
C ASP XC 192 40.24 -23.67 34.86
N ARG XC 193 40.48 -22.88 35.91
CA ARG XC 193 40.55 -23.41 37.27
C ARG XC 193 39.55 -22.68 38.17
N THR XC 194 39.04 -23.39 39.17
CA THR XC 194 38.00 -22.84 40.04
C THR XC 194 38.33 -23.07 41.51
N TYR XC 195 38.07 -22.05 42.34
CA TYR XC 195 38.32 -22.13 43.76
C TYR XC 195 37.21 -21.45 44.56
N ASN XC 196 36.83 -22.06 45.68
CA ASN XC 196 35.82 -21.52 46.58
C ASN XC 196 36.48 -20.86 47.79
N LEU XC 197 35.95 -19.70 48.18
CA LEU XC 197 36.42 -18.91 49.31
C LEU XC 197 35.25 -18.53 50.18
N ARG XC 198 35.57 -18.06 51.38
CA ARG XC 198 34.51 -17.63 52.30
C ARG XC 198 33.70 -16.47 51.75
N ASP XC 199 34.32 -15.61 50.95
CA ASP XC 199 33.66 -14.41 50.46
C ASP XC 199 33.42 -14.38 48.97
N GLN XC 200 34.01 -15.30 48.21
CA GLN XC 200 33.88 -15.29 46.76
C GLN XC 200 33.98 -16.72 46.24
N LYS XC 201 33.48 -16.93 45.03
CA LYS XC 201 33.96 -18.02 44.19
C LYS XC 201 34.78 -17.44 43.05
N MET XC 202 35.99 -17.98 42.87
CA MET XC 202 37.02 -17.45 41.99
C MET XC 202 37.21 -18.38 40.81
N VAL XC 203 37.39 -17.78 39.63
CA VAL XC 203 37.69 -18.53 38.41
C VAL XC 203 38.90 -17.91 37.74
N ILE XC 204 39.80 -18.76 37.27
CA ILE XC 204 41.02 -18.39 36.57
C ILE XC 204 40.90 -18.86 35.13
N PRO XC 205 40.86 -17.96 34.15
CA PRO XC 205 40.73 -18.35 32.75
C PRO XC 205 42.00 -18.95 32.18
N GLY XC 206 41.83 -19.94 31.32
CA GLY XC 206 42.95 -20.48 30.57
C GLY XC 206 43.42 -19.59 29.43
N ILE XC 207 44.61 -19.96 28.93
CA ILE XC 207 45.25 -19.26 27.83
C ILE XC 207 44.32 -19.10 26.63
N ALA XC 208 43.70 -20.19 26.18
CA ALA XC 208 42.79 -20.11 25.05
C ALA XC 208 41.69 -19.09 25.29
N THR XC 209 41.06 -19.15 26.46
CA THR XC 209 40.02 -18.19 26.82
C THR XC 209 40.50 -16.75 26.71
N ALA XC 210 41.59 -16.43 27.42
CA ALA XC 210 42.13 -15.08 27.40
C ALA XC 210 42.50 -14.60 26.01
N ILE XC 211 43.18 -15.43 25.24
CA ILE XC 211 43.57 -15.02 23.88
C ILE XC 211 42.36 -14.77 23.01
N GLU XC 212 41.43 -15.73 22.97
CA GLU XC 212 40.25 -15.54 22.16
C GLU XC 212 39.48 -14.28 22.57
N ARG XC 213 39.49 -13.95 23.86
CA ARG XC 213 38.89 -12.67 24.26
C ARG XC 213 39.65 -11.49 23.67
N LEU XC 214 40.96 -11.46 23.86
CA LEU XC 214 41.76 -10.35 23.35
C LEU XC 214 41.58 -10.14 21.86
N LEU XC 215 41.50 -11.21 21.08
CA LEU XC 215 41.35 -11.09 19.63
C LEU XC 215 39.92 -11.00 19.14
N GLN XC 216 38.94 -11.16 20.03
CA GLN XC 216 37.53 -11.20 19.64
C GLN XC 216 37.10 -10.10 18.68
N GLY XC 217 36.73 -10.51 17.46
CA GLY XC 217 36.29 -9.66 16.38
C GLY XC 217 37.25 -8.65 15.80
N GLU XC 218 38.54 -8.77 16.05
CA GLU XC 218 39.50 -7.86 15.44
C GLU XC 218 39.47 -8.02 13.93
N GLU XC 219 39.45 -6.89 13.20
CA GLU XC 219 39.43 -6.93 11.74
C GLU XC 219 40.75 -6.61 11.07
N GLN XC 220 41.69 -6.05 11.78
CA GLN XC 220 42.97 -5.68 11.23
C GLN XC 220 43.94 -6.86 11.31
N PRO XC 221 45.05 -6.81 10.59
CA PRO XC 221 46.09 -7.84 10.74
C PRO XC 221 46.86 -7.67 12.04
N LEU XC 222 47.58 -8.72 12.39
CA LEU XC 222 48.33 -8.80 13.62
C LEU XC 222 49.78 -8.35 13.40
N GLY XC 223 50.60 -8.46 14.44
CA GLY XC 223 51.96 -7.98 14.36
C GLY XC 223 52.76 -8.42 15.56
N ASN XC 224 53.85 -7.71 15.82
CA ASN XC 224 54.83 -8.16 16.80
C ASN XC 224 54.24 -8.32 18.19
N ILE XC 225 54.98 -9.06 19.01
CA ILE XC 225 54.71 -9.25 20.43
C ILE XC 225 55.93 -8.76 21.19
N VAL XC 226 55.72 -8.13 22.35
CA VAL XC 226 56.79 -7.55 23.13
C VAL XC 226 56.56 -7.90 24.60
N SER XC 227 57.60 -7.65 25.41
CA SER XC 227 57.49 -7.90 26.85
C SER XC 227 58.44 -7.01 27.64
N GLU XC 256 52.47 -9.93 -2.03
CA GLU XC 256 53.12 -10.06 -0.73
C GLU XC 256 52.31 -9.33 0.35
N ALA XC 257 52.38 -8.00 0.33
CA ALA XC 257 51.69 -7.22 1.34
C ALA XC 257 50.17 -7.34 1.22
N LEU XC 258 49.68 -7.89 0.11
CA LEU XC 258 48.26 -8.13 -0.07
C LEU XC 258 47.88 -9.56 0.29
N LYS XC 259 48.84 -10.47 0.29
CA LYS XC 259 48.59 -11.80 0.83
C LYS XC 259 48.58 -11.78 2.35
N GLN XC 260 49.62 -11.19 2.95
CA GLN XC 260 49.74 -11.16 4.41
C GLN XC 260 48.79 -10.10 4.97
N ASN XC 261 47.50 -10.37 4.80
CA ASN XC 261 46.42 -9.52 5.26
C ASN XC 261 45.35 -10.27 6.03
N ALA XC 262 45.52 -11.58 6.22
CA ALA XC 262 44.50 -12.38 6.88
C ALA XC 262 44.19 -11.82 8.26
N ALA XC 263 42.92 -11.48 8.47
CA ALA XC 263 42.51 -10.68 9.61
C ALA XC 263 42.69 -11.42 10.93
N ALA XC 264 43.01 -10.65 11.97
CA ALA XC 264 43.30 -11.21 13.28
C ALA XC 264 42.12 -12.00 13.85
N GLY XC 265 40.89 -11.66 13.48
CA GLY XC 265 39.76 -12.42 13.93
C GLY XC 265 39.60 -13.78 13.30
N ASN XC 266 40.38 -14.12 12.27
CA ASN XC 266 40.27 -15.45 11.70
C ASN XC 266 40.96 -16.52 12.53
N ILE XC 267 41.84 -16.14 13.45
CA ILE XC 267 42.56 -17.12 14.25
C ILE XC 267 41.56 -17.94 15.05
N LYS XC 268 41.78 -19.25 15.12
CA LYS XC 268 40.93 -20.11 15.92
C LYS XC 268 41.77 -20.94 16.87
N ILE XC 269 41.40 -20.96 18.15
CA ILE XC 269 42.09 -21.73 19.17
C ILE XC 269 41.13 -22.69 19.84
N VAL XC 270 41.57 -23.93 20.02
CA VAL XC 270 40.80 -24.97 20.69
C VAL XC 270 41.70 -25.66 21.72
N ALA XC 271 41.23 -25.74 22.97
CA ALA XC 271 41.97 -26.43 24.01
C ALA XC 271 41.75 -27.93 23.93
N TYR XC 272 42.81 -28.71 24.16
CA TYR XC 272 42.77 -30.16 24.09
C TYR XC 272 43.48 -30.73 25.30
N PRO XC 273 42.76 -30.89 26.43
CA PRO XC 273 43.38 -31.38 27.66
C PRO XC 273 43.79 -32.83 27.62
N ASP XC 274 43.32 -33.60 26.65
CA ASP XC 274 43.64 -35.02 26.63
C ASP XC 274 45.14 -35.24 26.52
N THR XC 275 45.83 -34.35 25.82
CA THR XC 275 47.28 -34.37 25.69
C THR XC 275 47.90 -33.11 26.27
N ASN XC 276 47.07 -32.23 26.84
CA ASN XC 276 47.50 -30.94 27.37
C ASN XC 276 48.13 -30.03 26.32
N SER XC 277 47.39 -29.79 25.24
CA SER XC 277 47.93 -29.04 24.12
C SER XC 277 46.86 -28.14 23.51
N LEU XC 278 47.30 -27.02 22.95
CA LEU XC 278 46.45 -26.17 22.14
C LEU XC 278 46.46 -26.61 20.68
N LEU XC 279 45.33 -26.40 20.03
CA LEU XC 279 45.18 -26.50 18.59
C LEU XC 279 44.91 -25.11 18.04
N VAL XC 280 45.61 -24.74 16.98
CA VAL XC 280 45.53 -23.39 16.43
C VAL XC 280 45.34 -23.50 14.93
N LYS XC 281 44.45 -22.67 14.39
CA LYS XC 281 44.18 -22.61 12.96
C LYS XC 281 44.37 -21.21 12.44
N GLY XC 282 45.23 -21.07 11.43
CA GLY XC 282 45.45 -19.78 10.80
C GLY XC 282 46.49 -19.86 9.71
N THR XC 283 47.00 -18.70 9.30
CA THR XC 283 48.16 -18.64 8.40
C THR XC 283 49.46 -18.82 9.16
N ALA XC 284 50.48 -19.29 8.45
CA ALA XC 284 51.79 -19.53 9.04
C ALA XC 284 52.30 -18.35 9.88
N GLU XC 285 52.20 -17.13 9.37
CA GLU XC 285 52.61 -15.98 10.17
C GLU XC 285 51.86 -15.92 11.50
N GLN XC 286 50.53 -15.96 11.43
CA GLN XC 286 49.71 -15.94 12.64
C GLN XC 286 50.11 -17.05 13.60
N VAL XC 287 50.22 -18.28 13.10
CA VAL XC 287 50.65 -19.40 13.93
C VAL XC 287 51.96 -19.10 14.64
N HIS XC 288 52.95 -18.60 13.90
CA HIS XC 288 54.22 -18.24 14.52
C HIS XC 288 54.06 -17.23 15.64
N PHE XC 289 53.33 -16.15 15.38
CA PHE XC 289 53.07 -15.18 16.43
C PHE XC 289 52.40 -15.80 17.65
N ILE XC 290 51.34 -16.57 17.45
CA ILE XC 290 50.67 -17.25 18.55
C ILE XC 290 51.64 -18.11 19.34
N GLU XC 291 52.50 -18.85 18.65
CA GLU XC 291 53.53 -19.65 19.33
C GLU XC 291 54.41 -18.80 20.22
N MET XC 292 54.85 -17.65 19.72
CA MET XC 292 55.65 -16.75 20.54
C MET XC 292 54.88 -16.30 21.77
N LEU XC 293 53.65 -15.87 21.57
CA LEU XC 293 52.80 -15.46 22.69
C LEU XC 293 52.67 -16.55 23.75
N VAL XC 294 52.37 -17.77 23.32
CA VAL XC 294 52.30 -18.91 24.23
C VAL XC 294 53.57 -19.04 25.08
N LYS XC 295 54.72 -19.12 24.42
CA LYS XC 295 55.96 -19.26 25.18
C LYS XC 295 56.30 -18.03 26.00
N ALA XC 296 55.65 -16.90 25.76
CA ALA XC 296 55.80 -15.78 26.66
C ALA XC 296 54.86 -15.86 27.84
N LEU XC 297 53.69 -16.47 27.64
CA LEU XC 297 52.69 -16.54 28.70
C LEU XC 297 53.03 -17.57 29.77
N ASP XC 298 53.45 -18.78 29.39
CA ASP XC 298 53.66 -19.79 30.42
C ASP XC 298 55.06 -19.78 31.03
N VAL XC 299 55.12 -19.98 32.35
CA VAL XC 299 56.36 -20.14 33.11
C VAL XC 299 56.12 -21.12 34.25
N ALA XC 300 57.20 -21.75 34.71
CA ALA XC 300 57.16 -22.56 35.93
C ALA XC 300 56.88 -21.69 37.16
N LYS XC 301 55.90 -22.11 37.96
CA LYS XC 301 55.63 -21.45 39.23
C LYS XC 301 56.64 -21.78 40.32
N ARG XC 302 57.03 -20.76 41.10
CA ARG XC 302 57.76 -20.94 42.36
C ARG XC 302 56.90 -21.54 43.48
N HIS XC 303 57.51 -22.39 44.32
CA HIS XC 303 56.87 -22.89 45.54
C HIS XC 303 57.16 -22.01 46.75
N VAL XC 304 56.17 -21.86 47.62
CA VAL XC 304 56.29 -21.06 48.83
C VAL XC 304 55.72 -21.84 50.00
N GLU XC 305 56.49 -21.94 51.08
CA GLU XC 305 56.05 -22.49 52.35
C GLU XC 305 55.71 -21.35 53.30
N LEU XC 306 54.64 -21.53 54.05
CA LEU XC 306 54.21 -20.57 55.05
C LEU XC 306 54.09 -21.25 56.39
N SER XC 307 54.45 -20.53 57.45
CA SER XC 307 54.47 -21.10 58.78
C SER XC 307 54.07 -20.03 59.77
N LEU XC 308 53.46 -20.44 60.87
CA LEU XC 308 52.66 -19.55 61.68
C LEU XC 308 52.75 -19.97 63.13
N TRP XC 309 53.22 -19.06 63.97
CA TRP XC 309 53.47 -19.29 65.39
C TRP XC 309 52.34 -18.65 66.19
N ILE XC 310 51.76 -19.42 67.10
CA ILE XC 310 50.66 -18.95 67.93
C ILE XC 310 51.05 -19.23 69.37
N VAL XC 311 50.89 -18.24 70.24
CA VAL XC 311 51.43 -18.34 71.59
C VAL XC 311 50.43 -17.76 72.57
N ASP XC 312 50.18 -18.49 73.65
CA ASP XC 312 49.29 -18.06 74.72
C ASP XC 312 49.89 -18.31 76.08
N LEU XC 313 49.72 -17.34 76.97
CA LEU XC 313 50.31 -17.38 78.30
C LEU XC 313 49.29 -16.87 79.29
N ASN XC 314 49.27 -17.47 80.49
CA ASN XC 314 48.31 -17.08 81.51
C ASN XC 314 48.94 -17.20 82.89
N LYS XC 315 48.58 -16.26 83.76
CA LYS XC 315 48.90 -16.32 85.18
C LYS XC 315 47.67 -15.93 85.99
N SER XC 316 47.50 -16.56 87.15
CA SER XC 316 46.41 -16.19 88.03
C SER XC 316 46.72 -16.48 89.49
N ASP XC 317 46.25 -15.60 90.37
CA ASP XC 317 46.49 -15.69 91.80
C ASP XC 317 45.20 -15.35 92.55
N LEU XC 318 44.86 -16.15 93.56
CA LEU XC 318 43.55 -16.06 94.18
C LEU XC 318 43.64 -16.32 95.67
N GLU XC 319 42.75 -15.70 96.45
CA GLU XC 319 42.82 -15.84 97.90
C GLU XC 319 41.50 -15.46 98.54
N ARG XC 320 40.92 -16.38 99.30
CA ARG XC 320 39.71 -16.17 100.10
C ARG XC 320 40.01 -16.52 101.54
N LEU XC 321 39.62 -15.66 102.47
CA LEU XC 321 39.90 -15.97 103.86
C LEU XC 321 39.07 -15.14 104.81
N GLY XC 322 38.36 -15.83 105.70
CA GLY XC 322 37.61 -15.18 106.76
C GLY XC 322 36.33 -15.93 107.09
N THR XC 323 35.43 -15.21 107.74
CA THR XC 323 34.35 -15.81 108.50
C THR XC 323 33.08 -15.00 108.34
N SER XC 324 31.95 -15.68 108.55
CA SER XC 324 30.62 -15.09 108.60
C SER XC 324 29.86 -15.71 109.75
N TRP XC 325 28.73 -15.09 110.12
CA TRP XC 325 28.05 -15.44 111.36
C TRP XC 325 26.56 -15.24 111.18
N SER XC 326 25.78 -15.99 111.96
CA SER XC 326 24.36 -15.67 112.12
C SER XC 326 23.87 -16.37 113.38
N GLY XC 327 22.68 -16.00 113.85
CA GLY XC 327 22.08 -16.81 114.90
C GLY XC 327 20.80 -16.21 115.46
N SER XC 328 20.49 -16.65 116.68
CA SER XC 328 19.15 -16.57 117.25
C SER XC 328 19.27 -16.80 118.75
N ILE XC 329 18.50 -16.05 119.54
CA ILE XC 329 18.21 -16.43 120.92
C ILE XC 329 16.71 -16.31 121.20
N THR XC 330 16.30 -16.89 122.33
CA THR XC 330 14.99 -16.66 122.92
C THR XC 330 15.12 -16.33 124.40
N ILE XC 331 14.34 -15.35 124.85
CA ILE XC 331 14.31 -14.88 126.23
C ILE XC 331 12.88 -14.93 126.74
N GLY XC 332 12.69 -15.66 127.84
CA GLY XC 332 11.52 -15.55 128.69
C GLY XC 332 10.20 -15.86 128.04
N ASP XC 333 10.21 -16.51 126.88
CA ASP XC 333 9.01 -16.65 126.05
C ASP XC 333 8.37 -15.31 125.75
N LYS XC 334 9.13 -14.23 125.87
CA LYS XC 334 8.73 -12.92 125.39
C LYS XC 334 9.39 -12.64 124.05
N LEU XC 335 10.72 -12.67 124.01
CA LEU XC 335 11.48 -12.10 122.90
C LEU XC 335 12.23 -13.21 122.18
N GLY XC 336 11.99 -13.33 120.88
CA GLY XC 336 12.98 -13.86 119.98
C GLY XC 336 13.89 -12.77 119.47
N VAL XC 337 15.15 -13.12 119.24
CA VAL XC 337 16.08 -12.26 118.55
C VAL XC 337 16.76 -13.09 117.47
N SER XC 338 16.93 -12.51 116.30
CA SER XC 338 17.68 -13.13 115.22
C SER XC 338 18.64 -12.15 114.61
N LEU XC 339 19.85 -12.60 114.34
CA LEU XC 339 20.88 -11.80 113.73
C LEU XC 339 21.24 -12.42 112.39
N ASN XC 340 21.15 -11.59 111.35
CA ASN XC 340 21.56 -11.91 109.99
C ASN XC 340 20.95 -13.23 109.52
N GLN XC 341 19.72 -13.49 109.95
CA GLN XC 341 18.92 -14.57 109.40
C GLN XC 341 17.64 -13.99 108.83
N SER XC 342 17.20 -14.53 107.70
CA SER XC 342 15.84 -14.33 107.22
C SER XC 342 14.89 -15.37 107.79
N SER XC 343 15.33 -16.14 108.77
CA SER XC 343 14.52 -17.21 109.32
C SER XC 343 13.56 -16.69 110.38
N ILE XC 344 12.70 -17.60 110.83
CA ILE XC 344 11.75 -17.33 111.91
C ILE XC 344 12.36 -17.49 113.30
N SER XC 345 13.59 -17.98 113.39
CA SER XC 345 14.21 -18.35 114.66
C SER XC 345 13.42 -19.47 115.35
N THR XC 346 13.09 -20.49 114.56
CA THR XC 346 12.01 -21.42 114.88
C THR XC 346 12.28 -22.25 116.12
N LEU XC 347 13.53 -22.35 116.56
CA LEU XC 347 13.89 -23.35 117.56
C LEU XC 347 13.38 -23.01 118.95
N ASP XC 348 13.03 -21.77 119.23
CA ASP XC 348 12.72 -21.33 120.58
C ASP XC 348 13.88 -21.59 121.55
N GLY XC 349 15.09 -21.71 121.02
CA GLY XC 349 16.27 -21.89 121.85
C GLY XC 349 17.50 -21.37 121.14
N SER XC 350 18.51 -21.00 121.94
CA SER XC 350 19.63 -20.24 121.42
C SER XC 350 20.47 -21.06 120.47
N ARG XC 351 20.67 -20.54 119.26
CA ARG XC 351 21.59 -21.13 118.28
C ARG XC 351 22.46 -20.06 117.66
N PHE XC 352 23.72 -20.40 117.44
CA PHE XC 352 24.64 -19.57 116.67
C PHE XC 352 25.31 -20.44 115.63
N ILE XC 353 25.65 -19.86 114.49
CA ILE XC 353 26.27 -20.60 113.41
C ILE XC 353 27.34 -19.73 112.76
N ALA XC 354 28.58 -20.10 112.97
CA ALA XC 354 29.75 -19.56 112.31
C ALA XC 354 29.93 -20.23 110.96
N ALA XC 355 30.69 -19.57 110.09
CA ALA XC 355 31.08 -20.12 108.80
C ALA XC 355 32.50 -19.64 108.56
N VAL XC 356 33.38 -20.58 108.21
CA VAL XC 356 34.79 -20.30 108.05
C VAL XC 356 35.28 -20.82 106.71
N ASN XC 357 36.11 -20.03 106.04
CA ASN XC 357 36.75 -20.50 104.82
C ASN XC 357 38.13 -19.90 104.74
N ALA XC 358 39.06 -20.68 104.18
CA ALA XC 358 40.45 -20.28 104.06
C ALA XC 358 41.08 -21.04 102.89
N LEU XC 359 41.46 -20.31 101.85
CA LEU XC 359 41.97 -20.96 100.65
C LEU XC 359 42.80 -19.97 99.85
N GLU XC 360 43.87 -20.48 99.24
CA GLU XC 360 44.74 -19.69 98.37
C GLU XC 360 45.13 -20.55 97.18
N GLU XC 361 45.30 -19.93 96.02
CA GLU XC 361 45.58 -20.70 94.82
C GLU XC 361 46.47 -19.91 93.87
N LYS XC 362 47.31 -20.64 93.14
CA LYS XC 362 48.15 -20.07 92.10
C LYS XC 362 48.13 -20.96 90.88
N LYS XC 363 48.08 -20.36 89.69
CA LYS XC 363 47.99 -21.14 88.46
C LYS XC 363 48.76 -20.43 87.36
N GLN XC 364 49.42 -21.21 86.51
CA GLN XC 364 50.16 -20.67 85.38
C GLN XC 364 50.09 -21.64 84.22
N ALA XC 365 49.88 -21.13 83.01
CA ALA XC 365 49.78 -21.99 81.83
C ALA XC 365 50.45 -21.35 80.62
N THR XC 366 50.82 -22.21 79.67
CA THR XC 366 51.52 -21.82 78.46
C THR XC 366 51.26 -22.80 77.32
N VAL XC 367 50.81 -22.28 76.17
CA VAL XC 367 50.47 -23.10 75.00
C VAL XC 367 51.08 -22.50 73.75
N VAL XC 368 51.66 -23.35 72.90
CA VAL XC 368 52.30 -22.94 71.65
C VAL XC 368 51.90 -23.87 70.53
N SER XC 369 51.58 -23.31 69.36
CA SER XC 369 51.21 -24.12 68.20
C SER XC 369 51.75 -23.51 66.91
N ARG XC 370 52.14 -24.36 65.95
CA ARG XC 370 52.74 -23.87 64.70
C ARG XC 370 52.41 -24.75 63.50
N PRO XC 371 51.40 -24.38 62.71
CA PRO XC 371 51.13 -25.08 61.44
C PRO XC 371 52.10 -24.73 60.33
N VAL XC 372 52.23 -25.65 59.38
CA VAL XC 372 53.08 -25.51 58.20
C VAL XC 372 52.30 -25.89 56.94
N LEU XC 373 52.30 -25.01 55.94
CA LEU XC 373 51.61 -25.26 54.68
C LEU XC 373 52.46 -24.92 53.48
N LEU XC 374 52.33 -25.70 52.41
CA LEU XC 374 53.05 -25.49 51.17
C LEU XC 374 52.10 -25.16 50.03
N THR XC 375 52.44 -24.14 49.24
CA THR XC 375 51.62 -23.70 48.12
C THR XC 375 52.52 -23.31 46.96
N GLN XC 376 51.92 -22.83 45.89
CA GLN XC 376 52.61 -22.19 44.78
C GLN XC 376 52.26 -20.72 44.71
N GLU XC 377 53.02 -20.02 43.87
CA GLU XC 377 52.75 -18.63 43.56
C GLU XC 377 51.40 -18.44 42.89
N ASN XC 378 50.65 -17.44 43.37
CA ASN XC 378 49.34 -17.03 42.87
C ASN XC 378 48.24 -18.08 43.04
N VAL XC 379 48.47 -19.13 43.82
CA VAL XC 379 47.51 -20.21 44.00
C VAL XC 379 46.94 -20.10 45.41
N PRO XC 380 45.62 -20.06 45.58
CA PRO XC 380 45.05 -20.03 46.93
C PRO XC 380 45.09 -21.41 47.59
N ALA XC 381 45.34 -21.41 48.91
CA ALA XC 381 45.48 -22.66 49.64
C ALA XC 381 44.74 -22.63 50.97
N ILE XC 382 44.31 -23.82 51.39
CA ILE XC 382 43.46 -24.04 52.56
C ILE XC 382 44.09 -25.10 53.45
N PHE XC 383 44.21 -24.79 54.75
CA PHE XC 383 44.65 -25.73 55.77
C PHE XC 383 43.64 -25.75 56.89
N ASP XC 384 43.22 -26.94 57.31
CA ASP XC 384 42.16 -27.06 58.32
C ASP XC 384 42.37 -28.28 59.20
N ASN XC 385 42.38 -28.07 60.52
CA ASN XC 385 42.65 -29.16 61.44
C ASN XC 385 41.87 -29.05 62.75
N ASN XC 386 41.50 -30.21 63.27
CA ASN XC 386 40.80 -30.37 64.54
C ASN XC 386 41.48 -31.44 65.38
N ARG XC 387 41.45 -31.27 66.69
CA ARG XC 387 41.99 -32.29 67.58
C ARG XC 387 41.27 -32.25 68.91
N THR XC 388 41.27 -33.39 69.60
CA THR XC 388 40.57 -33.57 70.85
C THR XC 388 41.50 -34.08 71.93
N PHE XC 389 41.39 -33.49 73.11
CA PHE XC 389 42.18 -33.84 74.28
C PHE XC 389 41.26 -34.23 75.43
N TYR XC 390 41.72 -35.20 76.21
CA TYR XC 390 40.92 -35.80 77.28
C TYR XC 390 41.75 -35.77 78.56
N THR XC 391 41.05 -35.85 79.68
CA THR XC 391 41.69 -36.19 80.93
C THR XC 391 40.74 -37.09 81.71
N LYS XC 392 41.34 -37.92 82.54
CA LYS XC 392 40.65 -38.89 83.38
C LYS XC 392 40.51 -38.40 84.81
N LEU XC 393 39.32 -38.57 85.36
CA LEU XC 393 39.17 -38.42 86.79
C LEU XC 393 40.07 -39.43 87.50
N ILE XC 394 40.21 -39.23 88.81
CA ILE XC 394 41.07 -40.09 89.62
C ILE XC 394 40.63 -41.55 89.50
N GLY XC 395 41.62 -42.42 89.29
CA GLY XC 395 41.55 -43.84 89.03
C GLY XC 395 40.78 -44.20 87.77
N GLU XC 396 40.25 -45.43 87.75
CA GLU XC 396 39.39 -45.88 86.66
C GLU XC 396 38.04 -46.41 87.09
N ARG XC 397 37.82 -46.69 88.38
CA ARG XC 397 36.49 -47.11 88.82
C ARG XC 397 35.51 -45.97 88.59
N ASN XC 398 35.90 -44.76 88.97
CA ASN XC 398 35.17 -43.54 88.66
C ASN XC 398 35.49 -43.18 87.22
N VAL XC 399 34.49 -43.14 86.34
CA VAL XC 399 34.71 -42.98 84.90
C VAL XC 399 34.00 -41.75 84.37
N ALA XC 400 34.78 -40.73 84.02
CA ALA XC 400 34.34 -39.53 83.33
C ALA XC 400 35.55 -39.02 82.58
N LEU XC 401 35.30 -38.32 81.47
CA LEU XC 401 36.38 -37.74 80.67
C LEU XC 401 36.11 -36.28 80.38
N GLU XC 402 37.14 -35.46 80.54
CA GLU XC 402 37.00 -34.00 80.43
C GLU XC 402 37.39 -33.59 79.01
N HIS XC 403 36.48 -33.82 78.07
CA HIS XC 403 36.69 -33.45 76.69
C HIS XC 403 36.99 -31.97 76.51
N VAL XC 404 37.93 -31.70 75.62
CA VAL XC 404 38.22 -30.36 75.10
C VAL XC 404 38.64 -30.54 73.66
N THR XC 405 38.23 -29.63 72.79
CA THR XC 405 38.66 -29.70 71.40
C THR XC 405 39.20 -28.36 70.92
N TYR XC 406 40.30 -28.45 70.18
CA TYR XC 406 41.02 -27.29 69.66
C TYR XC 406 41.14 -27.43 68.16
N GLY XC 407 41.07 -26.31 67.46
CA GLY XC 407 41.06 -26.39 66.02
C GLY XC 407 41.31 -25.05 65.36
N THR XC 408 41.75 -25.14 64.11
CA THR XC 408 42.43 -24.04 63.44
C THR XC 408 42.26 -24.16 61.93
N MET XC 409 42.20 -23.00 61.28
CA MET XC 409 42.11 -22.93 59.83
C MET XC 409 42.95 -21.77 59.34
N ILE XC 410 43.47 -21.92 58.13
CA ILE XC 410 44.05 -20.82 57.37
C ILE XC 410 43.58 -20.91 55.92
N ARG XC 411 43.21 -19.78 55.35
CA ARG XC 411 43.23 -19.58 53.91
C ARG XC 411 44.31 -18.55 53.58
N VAL XC 412 44.92 -18.69 52.41
CA VAL XC 412 46.01 -17.79 52.03
C VAL XC 412 46.13 -17.71 50.52
N LEU XC 413 46.72 -16.60 50.06
CA LEU XC 413 47.11 -16.42 48.66
C LEU XC 413 48.42 -15.64 48.54
N PRO XC 414 49.52 -16.27 48.03
CA PRO XC 414 50.82 -15.60 47.91
C PRO XC 414 51.13 -14.83 46.63
N ARG XC 415 51.63 -13.60 46.78
CA ARG XC 415 52.10 -12.73 45.71
C ARG XC 415 53.59 -12.44 45.85
N PHE XC 416 54.34 -12.69 44.78
CA PHE XC 416 55.78 -12.41 44.74
C PHE XC 416 56.06 -10.98 44.29
N SER XC 417 56.71 -10.22 45.16
CA SER XC 417 57.16 -8.87 44.87
C SER XC 417 58.46 -8.90 44.06
N ALA XC 418 58.63 -7.88 43.21
CA ALA XC 418 59.90 -7.68 42.51
C ALA XC 418 61.07 -7.47 43.48
N ASP XC 419 60.79 -6.96 44.67
CA ASP XC 419 61.82 -6.76 45.71
C ASP XC 419 62.27 -8.07 46.34
N GLY XC 420 61.63 -9.18 46.00
CA GLY XC 420 61.76 -10.44 46.69
C GLY XC 420 60.98 -10.52 47.97
N GLN XC 421 60.16 -9.52 48.25
CA GLN XC 421 59.21 -9.58 49.35
C GLN XC 421 58.07 -10.50 48.97
N ILE XC 422 57.46 -11.11 49.98
CA ILE XC 422 56.29 -11.96 49.82
C ILE XC 422 55.10 -11.28 50.46
N GLU XC 423 54.00 -11.18 49.71
CA GLU XC 423 52.77 -10.55 50.15
C GLU XC 423 51.68 -11.59 50.22
N MET XC 424 50.89 -11.57 51.29
CA MET XC 424 49.97 -12.66 51.57
C MET XC 424 48.60 -12.13 51.91
N SER XC 425 47.60 -12.63 51.19
CA SER XC 425 46.21 -12.47 51.58
C SER XC 425 45.92 -13.55 52.62
N LEU XC 426 45.56 -13.15 53.85
CA LEU XC 426 45.45 -14.09 54.96
C LEU XC 426 44.08 -14.05 55.61
N ASP XC 427 43.64 -15.25 56.00
CA ASP XC 427 42.42 -15.46 56.77
C ASP XC 427 42.70 -16.57 57.77
N ILE XC 428 42.66 -16.24 59.05
CA ILE XC 428 43.15 -17.10 60.12
C ILE XC 428 42.06 -17.25 61.17
N GLU XC 429 41.78 -18.48 61.57
CA GLU XC 429 40.76 -18.76 62.57
C GLU XC 429 41.27 -19.80 63.53
N ASP XC 430 41.16 -19.55 64.84
CA ASP XC 430 41.78 -20.50 65.75
C ASP XC 430 41.17 -20.42 67.14
N GLY XC 431 41.11 -21.57 67.80
CA GLY XC 431 40.76 -21.54 69.22
C GLY XC 431 40.29 -22.91 69.69
N ASN XC 432 39.50 -22.87 70.77
CA ASN XC 432 38.78 -24.03 71.27
C ASN XC 432 37.28 -23.82 71.15
N ASP XC 433 36.55 -24.93 71.04
CA ASP XC 433 35.11 -24.89 70.84
C ASP XC 433 34.39 -24.21 71.99
N LYS XC 434 33.58 -23.21 71.65
CA LYS XC 434 32.85 -22.41 72.63
C LYS XC 434 31.76 -23.18 73.37
N THR XC 435 31.33 -24.32 72.85
CA THR XC 435 30.14 -24.97 73.39
C THR XC 435 30.25 -25.16 74.89
N PRO XC 436 29.23 -24.71 75.69
CA PRO XC 436 29.36 -24.52 77.14
C PRO XC 436 29.24 -25.80 77.96
N GLN XC 437 30.00 -26.82 77.60
CA GLN XC 437 29.93 -28.12 78.24
C GLN XC 437 30.75 -28.20 79.52
N SER XC 438 31.32 -27.07 79.97
CA SER XC 438 32.28 -27.10 81.08
C SER XC 438 31.57 -27.48 82.36
N ASP XC 439 31.98 -28.59 82.95
CA ASP XC 439 31.25 -29.25 84.03
C ASP XC 439 31.95 -29.24 85.38
N THR XC 440 33.27 -29.45 85.44
CA THR XC 440 33.87 -29.90 86.69
C THR XC 440 35.27 -29.33 86.86
N THR XC 441 35.71 -29.33 88.12
CA THR XC 441 36.98 -28.72 88.50
C THR XC 441 38.15 -29.25 87.68
N THR XC 442 38.27 -30.57 87.55
CA THR XC 442 39.33 -31.13 86.73
C THR XC 442 39.25 -30.66 85.28
N SER XC 443 38.05 -30.37 84.79
CA SER XC 443 37.90 -29.94 83.40
C SER XC 443 38.45 -28.54 83.15
N VAL XC 444 38.64 -27.74 84.18
CA VAL XC 444 39.31 -26.45 84.04
C VAL XC 444 40.75 -26.53 84.52
N ASP XC 445 41.02 -27.37 85.51
CA ASP XC 445 42.37 -27.54 86.00
C ASP XC 445 43.29 -28.16 84.95
N ALA XC 446 42.82 -29.18 84.23
CA ALA XC 446 43.72 -29.96 83.40
C ALA XC 446 43.98 -29.35 82.04
N LEU XC 447 43.07 -28.56 81.48
CA LEU XC 447 43.21 -28.19 80.08
C LEU XC 447 43.14 -26.67 79.91
N PRO XC 448 44.13 -26.06 79.27
CA PRO XC 448 44.07 -24.62 79.00
C PRO XC 448 42.84 -24.19 78.23
N GLU XC 449 42.27 -23.06 78.64
CA GLU XC 449 41.24 -22.39 77.88
C GLU XC 449 41.88 -21.35 76.96
N VAL XC 450 41.52 -21.39 75.68
CA VAL XC 450 41.94 -20.40 74.71
C VAL XC 450 40.71 -19.89 73.98
N GLY XC 451 40.48 -18.59 74.02
CA GLY XC 451 39.37 -18.00 73.31
C GLY XC 451 39.42 -18.24 71.82
N ARG XC 452 38.24 -18.10 71.22
CA ARG XC 452 38.07 -18.10 69.77
C ARG XC 452 38.52 -16.78 69.16
N THR XC 453 39.39 -16.85 68.15
CA THR XC 453 39.92 -15.64 67.55
C THR XC 453 39.86 -15.78 66.03
N LEU XC 454 39.52 -14.66 65.39
CA LEU XC 454 39.35 -14.57 63.95
C LEU XC 454 39.96 -13.30 63.40
N ILE XC 455 40.90 -13.44 62.46
CA ILE XC 455 41.65 -12.32 61.92
C ILE XC 455 41.73 -12.46 60.41
N SER XC 456 41.54 -11.35 59.70
CA SER XC 456 41.65 -11.34 58.25
C SER XC 456 42.37 -10.07 57.81
N THR XC 457 43.48 -10.23 57.08
CA THR XC 457 44.26 -9.05 56.72
C THR XC 457 45.23 -9.37 55.59
N ILE XC 458 45.80 -8.31 55.02
CA ILE XC 458 46.93 -8.39 54.09
C ILE XC 458 48.20 -7.95 54.79
N ALA XC 459 49.29 -8.66 54.53
CA ALA XC 459 50.62 -8.27 55.00
C ALA XC 459 51.66 -8.60 53.94
N ARG XC 460 52.79 -7.88 54.01
CA ARG XC 460 53.95 -8.11 53.15
C ARG XC 460 55.21 -8.12 53.99
N VAL XC 461 56.11 -9.06 53.70
CA VAL XC 461 57.34 -9.22 54.48
C VAL XC 461 58.47 -9.65 53.57
N PRO XC 462 59.70 -9.17 53.86
CA PRO XC 462 60.88 -9.77 53.23
C PRO XC 462 61.06 -11.23 53.64
N HIS XC 463 61.40 -12.07 52.67
CA HIS XC 463 61.43 -13.50 52.93
C HIS XC 463 62.46 -13.81 54.01
N GLY XC 464 62.13 -14.81 54.84
CA GLY XC 464 62.92 -15.17 55.99
C GLY XC 464 62.73 -14.27 57.19
N LYS XC 465 62.09 -13.12 57.04
CA LYS XC 465 61.71 -12.32 58.18
C LYS XC 465 60.33 -12.73 58.67
N SER XC 466 59.90 -12.14 59.79
CA SER XC 466 58.64 -12.49 60.40
C SER XC 466 57.93 -11.23 60.88
N LEU XC 467 56.60 -11.34 61.03
CA LEU XC 467 55.79 -10.21 61.48
C LEU XC 467 54.84 -10.66 62.57
N LEU XC 468 54.59 -9.78 63.55
CA LEU XC 468 53.41 -9.87 64.40
C LEU XC 468 52.20 -9.33 63.66
N VAL XC 469 51.21 -10.18 63.40
CA VAL XC 469 49.98 -9.73 62.74
C VAL XC 469 48.89 -9.32 63.73
N GLY XC 470 48.82 -9.94 64.89
CA GLY XC 470 47.79 -9.58 65.85
C GLY XC 470 48.10 -10.11 67.23
N GLY XC 471 47.61 -9.39 68.23
CA GLY XC 471 47.90 -9.76 69.60
C GLY XC 471 46.95 -9.08 70.56
N TYR XC 472 46.90 -9.61 71.77
CA TYR XC 472 45.92 -9.20 72.75
C TYR XC 472 46.49 -9.45 74.14
N THR XC 473 46.14 -8.57 75.08
CA THR XC 473 46.51 -8.75 76.48
C THR XC 473 45.40 -8.26 77.38
N ARG XC 474 45.21 -8.98 78.49
CA ARG XC 474 44.25 -8.58 79.51
C ARG XC 474 44.86 -8.68 80.90
N ASP XC 475 44.64 -7.65 81.71
CA ASP XC 475 45.20 -7.58 83.05
C ASP XC 475 44.13 -7.08 84.01
N ALA XC 476 43.92 -7.79 85.11
CA ALA XC 476 42.83 -7.40 86.00
C ALA XC 476 43.14 -7.76 87.44
N ASN XC 477 42.53 -7.02 88.36
CA ASN XC 477 42.66 -7.26 89.80
C ASN XC 477 41.39 -6.85 90.52
N THR XC 478 41.06 -7.61 91.57
CA THR XC 478 39.84 -7.43 92.33
C THR XC 478 40.08 -7.66 93.81
N ASP XC 479 39.41 -6.86 94.65
CA ASP XC 479 39.59 -6.93 96.10
C ASP XC 479 38.28 -6.59 96.82
N THR XC 480 37.91 -7.39 97.83
CA THR XC 480 36.70 -7.12 98.60
C THR XC 480 36.91 -7.46 100.07
N VAL XC 481 36.12 -6.79 100.92
CA VAL XC 481 36.11 -7.03 102.36
C VAL XC 481 34.71 -6.77 102.93
N GLN XC 482 34.36 -7.52 103.96
CA GLN XC 482 33.10 -7.36 104.68
C GLN XC 482 33.35 -7.41 106.17
N SER XC 483 32.50 -6.76 106.95
CA SER XC 483 32.66 -6.83 108.40
C SER XC 483 31.36 -6.45 109.11
N ILE XC 484 31.31 -6.80 110.40
CA ILE XC 484 30.28 -6.38 111.35
C ILE XC 484 30.50 -4.95 111.84
N PRO XC 485 29.54 -4.05 111.66
CA PRO XC 485 29.81 -2.62 111.90
C PRO XC 485 30.51 -2.25 113.22
N PHE XC 486 30.09 -2.78 114.36
CA PHE XC 486 30.77 -2.43 115.60
C PHE XC 486 32.05 -3.23 115.83
N LEU XC 487 31.99 -4.55 115.68
CA LEU XC 487 33.01 -5.40 116.24
C LEU XC 487 34.24 -5.50 115.35
N GLY XC 488 34.08 -5.36 114.04
CA GLY XC 488 35.17 -5.56 113.10
C GLY XC 488 36.36 -4.67 113.32
N LYS XC 489 36.23 -3.63 114.14
CA LYS XC 489 37.35 -2.74 114.40
C LYS XC 489 37.80 -2.79 115.86
N LEU XC 490 37.32 -3.75 116.62
CA LEU XC 490 37.80 -3.91 117.98
C LEU XC 490 39.27 -4.31 117.93
N PRO XC 491 40.10 -3.70 118.78
CA PRO XC 491 41.55 -3.97 118.69
C PRO XC 491 41.94 -5.42 118.89
N LEU XC 492 41.32 -6.11 119.84
CA LEU XC 492 41.71 -7.48 120.15
C LEU XC 492 40.92 -8.55 119.41
N ILE XC 493 39.71 -8.27 118.96
CA ILE XC 493 38.88 -9.28 118.33
C ILE XC 493 38.42 -8.91 116.93
N GLY XC 494 38.73 -7.71 116.45
CA GLY XC 494 38.23 -7.28 115.15
C GLY XC 494 38.44 -8.30 114.05
N SER XC 495 39.59 -8.96 114.03
CA SER XC 495 39.88 -9.96 113.01
C SER XC 495 38.90 -11.13 113.02
N LEU XC 496 38.19 -11.34 114.11
CA LEU XC 496 37.16 -12.38 114.18
C LEU XC 496 35.94 -12.07 113.31
N PHE XC 497 35.76 -10.82 112.89
CA PHE XC 497 34.55 -10.35 112.22
C PHE XC 497 34.82 -9.83 110.82
N ARG XC 498 35.85 -10.30 110.15
CA ARG XC 498 36.19 -9.86 108.81
C ARG XC 498 36.17 -11.00 107.81
N TYR XC 499 35.90 -10.64 106.57
CA TYR XC 499 35.98 -11.51 105.40
C TYR XC 499 36.79 -10.79 104.34
N SER XC 500 37.66 -11.51 103.64
CA SER XC 500 38.49 -10.86 102.64
C SER XC 500 38.69 -11.75 101.44
N SER XC 501 38.85 -11.11 100.28
CA SER XC 501 39.00 -11.85 99.04
C SER XC 501 39.75 -11.02 98.01
N LYS XC 502 40.68 -11.67 97.31
CA LYS XC 502 41.54 -11.02 96.33
C LYS XC 502 41.68 -11.92 95.11
N ASN XC 503 41.89 -11.27 93.96
CA ASN XC 503 42.05 -11.95 92.69
C ASN XC 503 42.91 -11.14 91.73
N LYS XC 504 43.77 -11.82 90.98
CA LYS XC 504 44.61 -11.15 89.98
C LYS XC 504 44.81 -12.08 88.79
N SER XC 505 44.77 -11.51 87.58
CA SER XC 505 44.94 -12.30 86.37
C SER XC 505 45.66 -11.53 85.26
N ASN XC 506 46.44 -12.27 84.48
CA ASN XC 506 47.19 -11.74 83.34
C ASN XC 506 47.21 -12.71 82.17
N VAL XC 507 46.84 -12.23 80.98
CA VAL XC 507 46.70 -13.07 79.80
C VAL XC 507 47.36 -12.40 78.61
N VAL XC 508 48.09 -13.19 77.81
CA VAL XC 508 48.77 -12.71 76.60
C VAL XC 508 48.58 -13.71 75.45
N ARG XC 509 48.20 -13.21 74.28
CA ARG XC 509 47.96 -14.01 73.09
C ARG XC 509 48.53 -13.33 71.85
N VAL XC 510 49.31 -14.06 71.04
CA VAL XC 510 49.93 -13.45 69.86
C VAL XC 510 50.01 -14.43 68.68
N PHE XC 511 49.89 -13.84 67.48
CA PHE XC 511 50.00 -14.47 66.15
C PHE XC 511 51.17 -13.89 65.36
N MET XC 512 52.18 -14.73 65.09
CA MET XC 512 53.37 -14.33 64.35
C MET XC 512 53.50 -15.18 63.09
N ILE XC 513 53.80 -14.54 61.96
CA ILE XC 513 53.84 -15.20 60.66
C ILE XC 513 55.24 -15.14 60.05
N GLU XC 514 55.63 -16.23 59.37
CA GLU XC 514 56.94 -16.36 58.74
C GLU XC 514 56.88 -17.15 57.43
N PRO XC 515 56.99 -16.48 56.28
CA PRO XC 515 57.09 -17.19 54.99
C PRO XC 515 58.52 -17.59 54.63
N LYS XC 516 58.64 -18.66 53.83
CA LYS XC 516 59.92 -19.15 53.31
C LYS XC 516 59.75 -19.58 51.86
N GLU XC 517 60.67 -19.18 50.99
CA GLU XC 517 60.70 -19.71 49.64
C GLU XC 517 61.24 -21.14 49.63
N ILE XC 518 60.60 -22.05 48.88
CA ILE XC 518 61.01 -23.45 48.82
C ILE XC 518 61.60 -23.76 47.46
N VAL XC 519 62.87 -24.16 47.45
CA VAL XC 519 63.59 -24.44 46.21
C VAL XC 519 64.16 -25.85 46.17
N ASP XC 520 64.40 -26.51 47.31
CA ASP XC 520 65.04 -27.82 47.32
C ASP XC 520 64.16 -28.88 47.98
N PRO XC 521 64.22 -30.13 47.50
CA PRO XC 521 63.46 -31.22 48.14
C PRO XC 521 63.99 -31.69 49.49
N LEU XC 522 63.24 -32.61 50.09
CA LEU XC 522 63.58 -33.18 51.38
C LEU XC 522 64.88 -33.99 51.33
N THR XC 523 65.71 -33.82 52.36
CA THR XC 523 66.94 -34.59 52.56
C THR XC 523 67.23 -34.73 54.05
N PRO XC 524 67.32 -35.95 54.61
CA PRO XC 524 67.09 -37.30 54.10
C PRO XC 524 65.70 -37.48 53.52
N ASP XC 525 65.52 -38.49 52.69
CA ASP XC 525 64.20 -38.71 52.12
C ASP XC 525 63.20 -39.19 53.16
N ALA XC 526 61.93 -39.02 52.79
CA ALA XC 526 60.82 -39.39 53.65
C ALA XC 526 60.88 -40.86 54.02
N SER XC 527 61.11 -41.73 53.05
CA SER XC 527 61.08 -43.17 53.34
C SER XC 527 62.19 -43.56 54.31
N GLU XC 528 63.35 -42.93 54.20
CA GLU XC 528 64.42 -43.25 55.13
C GLU XC 528 64.08 -42.78 56.53
N SER XC 529 63.58 -41.56 56.68
CA SER XC 529 63.19 -41.11 58.00
C SER XC 529 62.10 -42.00 58.59
N VAL XC 530 61.13 -42.37 57.77
CA VAL XC 530 60.04 -43.25 58.24
C VAL XC 530 60.60 -44.59 58.72
N ASN XC 531 61.51 -45.19 57.94
CA ASN XC 531 62.08 -46.46 58.35
C ASN XC 531 62.83 -46.33 59.66
N ASN XC 532 63.54 -45.22 59.85
CA ASN XC 532 64.23 -45.02 61.12
C ASN XC 532 63.24 -44.95 62.27
N ILE XC 533 62.15 -44.22 62.08
CA ILE XC 533 61.15 -44.10 63.13
C ILE XC 533 60.57 -45.47 63.48
N LEU XC 534 60.19 -46.24 62.45
CA LEU XC 534 59.63 -47.57 62.69
C LEU XC 534 60.60 -48.46 63.46
N LYS XC 535 61.86 -48.51 63.05
CA LYS XC 535 62.84 -49.33 63.73
C LYS XC 535 63.07 -48.89 65.17
N GLN XC 536 63.34 -47.60 65.37
CA GLN XC 536 63.60 -47.14 66.73
C GLN XC 536 62.38 -47.30 67.63
N SER XC 537 61.18 -47.23 67.08
CA SER XC 537 59.95 -47.41 67.85
C SER XC 537 59.54 -48.87 67.98
N GLY XC 538 60.26 -49.79 67.35
CA GLY XC 538 59.84 -51.18 67.34
C GLY XC 538 58.58 -51.49 66.56
N ALA XC 539 58.09 -50.54 65.77
CA ALA XC 539 56.90 -50.77 64.96
C ALA XC 539 57.24 -51.59 63.72
N TRP XC 540 58.51 -51.59 63.32
CA TRP XC 540 58.95 -52.29 62.13
C TRP XC 540 58.32 -53.66 61.98
N SER XC 541 58.02 -54.00 60.73
CA SER XC 541 57.32 -55.23 60.37
C SER XC 541 58.01 -56.01 59.26
N GLY XC 542 58.97 -55.43 58.56
CA GLY XC 542 59.64 -56.12 57.46
C GLY XC 542 60.37 -57.37 57.89
N ASP XC 543 60.45 -57.62 59.19
CA ASP XC 543 61.00 -58.86 59.71
C ASP XC 543 60.02 -60.01 59.50
N ASP XC 544 58.74 -59.72 59.25
CA ASP XC 544 57.73 -60.76 59.17
C ASP XC 544 58.01 -61.68 57.98
N LYS XC 545 57.94 -62.98 58.26
CA LYS XC 545 58.17 -64.04 57.27
C LYS XC 545 57.15 -64.06 56.15
N LEU XC 546 55.98 -63.45 56.31
CA LEU XC 546 54.90 -63.61 55.33
C LEU XC 546 54.55 -62.34 54.58
N GLN XC 547 54.28 -61.24 55.28
CA GLN XC 547 53.95 -59.99 54.59
C GLN XC 547 55.02 -59.58 53.59
N LYS XC 548 56.27 -59.97 53.80
CA LYS XC 548 57.34 -59.66 52.85
C LYS XC 548 56.95 -59.92 51.40
N TRP XC 549 56.20 -60.99 51.12
CA TRP XC 549 55.81 -61.30 49.75
C TRP XC 549 55.04 -60.17 49.08
N VAL XC 550 54.30 -59.37 49.84
CA VAL XC 550 53.56 -58.25 49.31
C VAL XC 550 54.32 -56.95 49.50
N ARG XC 551 54.76 -56.69 50.73
CA ARG XC 551 55.49 -55.47 51.02
C ARG XC 551 56.62 -55.23 50.03
N VAL XC 552 57.29 -56.28 49.57
CA VAL XC 552 58.33 -56.08 48.56
C VAL XC 552 57.87 -55.14 47.45
N TYR XC 553 56.70 -55.40 46.87
CA TYR XC 553 56.24 -54.56 45.76
C TYR XC 553 56.11 -53.09 46.16
N LEU XC 554 55.73 -52.83 47.40
CA LEU XC 554 55.58 -51.46 47.88
C LEU XC 554 56.91 -50.79 48.21
N ASP XC 555 57.67 -51.40 49.12
CA ASP XC 555 58.93 -50.82 49.57
C ASP XC 555 60.00 -50.91 48.48
N ARG XC 556 60.25 -52.11 47.95
CA ARG XC 556 61.28 -52.20 46.92
C ARG XC 556 60.78 -51.71 45.57
N GLY XC 557 59.58 -52.12 45.19
CA GLY XC 557 59.03 -51.74 43.90
C GLY XC 557 59.86 -52.26 42.75
N GLU YC 26 51.49 -25.79 -85.00
CA GLU YC 26 50.42 -25.75 -84.01
C GLU YC 26 50.23 -24.37 -83.45
N LYS YC 27 49.12 -24.17 -82.77
CA LYS YC 27 49.09 -23.11 -81.77
C LYS YC 27 50.03 -23.47 -80.63
N ILE YC 28 50.48 -22.45 -79.91
CA ILE YC 28 51.53 -22.60 -78.91
C ILE YC 28 52.79 -23.20 -79.52
N PRO YC 29 53.43 -22.52 -80.48
CA PRO YC 29 54.65 -23.05 -81.09
C PRO YC 29 55.90 -22.95 -80.22
N VAL YC 30 55.82 -22.41 -79.01
CA VAL YC 30 57.00 -22.32 -78.16
C VAL YC 30 57.38 -23.70 -77.65
N THR YC 31 58.63 -24.10 -77.91
CA THR YC 31 59.07 -25.49 -77.76
C THR YC 31 59.29 -25.91 -76.31
N GLY YC 32 59.50 -24.98 -75.39
CA GLY YC 32 59.84 -25.33 -74.03
C GLY YC 32 58.71 -25.71 -73.10
N SER YC 33 58.85 -25.34 -71.82
CA SER YC 33 57.83 -25.52 -70.80
C SER YC 33 57.83 -24.33 -69.86
N GLY YC 34 56.66 -23.99 -69.34
CA GLY YC 34 56.55 -22.93 -68.37
C GLY YC 34 55.19 -22.25 -68.45
N PHE YC 35 55.13 -21.05 -67.92
CA PHE YC 35 53.97 -20.17 -68.02
C PHE YC 35 54.42 -18.78 -68.42
N VAL YC 36 53.73 -18.17 -69.37
CA VAL YC 36 54.07 -16.84 -69.85
C VAL YC 36 52.96 -15.89 -69.44
N ALA YC 37 53.28 -14.99 -68.51
CA ALA YC 37 52.34 -13.99 -68.02
C ALA YC 37 52.53 -12.70 -68.79
N LYS YC 38 51.42 -11.99 -69.03
CA LYS YC 38 51.45 -10.71 -69.74
C LYS YC 38 50.41 -9.80 -69.10
N ASP YC 39 50.83 -9.09 -68.07
CA ASP YC 39 49.94 -8.21 -67.32
C ASP YC 39 48.82 -8.99 -66.64
N ASP YC 40 49.16 -10.15 -66.10
CA ASP YC 40 48.19 -10.93 -65.39
C ASP YC 40 47.94 -10.35 -64.01
N SER YC 41 46.70 -10.39 -63.56
CA SER YC 41 46.43 -10.17 -62.15
C SER YC 41 47.05 -11.30 -61.35
N LEU YC 42 47.44 -10.99 -60.12
CA LEU YC 42 47.85 -12.06 -59.22
C LEU YC 42 46.78 -13.12 -59.03
N ARG YC 43 45.50 -12.76 -59.13
CA ARG YC 43 44.45 -13.77 -58.98
C ARG YC 43 44.42 -14.76 -60.13
N THR YC 44 44.68 -14.30 -61.35
CA THR YC 44 44.78 -15.20 -62.49
C THR YC 44 46.14 -15.85 -62.59
N PHE YC 45 47.15 -15.29 -61.96
CA PHE YC 45 48.49 -15.87 -61.96
C PHE YC 45 48.60 -17.06 -61.03
N PHE YC 46 48.27 -16.88 -59.75
CA PHE YC 46 48.54 -18.00 -58.86
C PHE YC 46 47.66 -19.20 -59.16
N ASP YC 47 46.50 -19.00 -59.78
CA ASP YC 47 45.74 -20.13 -60.27
C ASP YC 47 46.50 -20.99 -61.27
N ALA YC 48 47.49 -20.43 -61.96
CA ALA YC 48 48.29 -21.27 -62.85
C ALA YC 48 49.22 -22.18 -62.07
N MET YC 49 49.40 -21.92 -60.79
CA MET YC 49 50.42 -22.52 -59.98
C MET YC 49 49.88 -23.70 -59.19
N ALA YC 50 48.54 -23.81 -59.12
CA ALA YC 50 47.89 -24.73 -58.20
C ALA YC 50 48.09 -26.18 -58.58
N LEU YC 51 48.07 -26.52 -59.86
CA LEU YC 51 48.32 -27.91 -60.23
C LEU YC 51 49.66 -28.40 -59.70
N GLN YC 52 50.66 -27.53 -59.69
CA GLN YC 52 51.98 -27.88 -59.14
C GLN YC 52 52.00 -27.85 -57.64
N LEU YC 53 51.29 -26.90 -57.04
CA LEU YC 53 51.14 -26.90 -55.59
C LEU YC 53 50.35 -28.10 -55.08
N LYS YC 54 49.56 -28.75 -55.92
CA LYS YC 54 48.60 -29.78 -55.51
C LYS YC 54 47.60 -29.29 -54.47
N GLU YC 55 47.34 -27.99 -54.42
CA GLU YC 55 46.47 -27.38 -53.42
C GLU YC 55 45.72 -26.24 -54.10
N PRO YC 56 44.46 -26.01 -53.75
CA PRO YC 56 43.79 -24.82 -54.25
C PRO YC 56 44.35 -23.58 -53.60
N VAL YC 57 44.10 -22.45 -54.26
CA VAL YC 57 44.63 -21.14 -53.86
C VAL YC 57 43.50 -20.15 -53.72
N ILE YC 58 43.69 -19.18 -52.83
CA ILE YC 58 42.76 -18.08 -52.69
C ILE YC 58 43.55 -16.81 -52.49
N VAL YC 59 43.11 -15.73 -53.14
CA VAL YC 59 43.81 -14.46 -53.13
C VAL YC 59 42.90 -13.38 -52.58
N SER YC 60 43.42 -12.59 -51.65
CA SER YC 60 42.66 -11.48 -51.11
C SER YC 60 42.39 -10.45 -52.19
N LYS YC 61 41.31 -9.70 -52.03
CA LYS YC 61 40.94 -8.74 -53.06
C LYS YC 61 41.96 -7.62 -53.16
N MET YC 62 42.55 -7.20 -52.04
CA MET YC 62 43.56 -6.16 -52.13
C MET YC 62 44.78 -6.66 -52.89
N ALA YC 63 45.24 -7.87 -52.58
CA ALA YC 63 46.37 -8.44 -53.30
C ALA YC 63 46.05 -8.62 -54.78
N ALA YC 64 44.79 -8.86 -55.12
CA ALA YC 64 44.44 -9.13 -56.51
C ALA YC 64 44.63 -7.93 -57.43
N ARG YC 65 44.91 -6.74 -56.90
CA ARG YC 65 45.12 -5.58 -57.75
C ARG YC 65 46.50 -5.52 -58.38
N LYS YC 66 47.49 -6.18 -57.80
CA LYS YC 66 48.84 -6.14 -58.36
C LYS YC 66 48.94 -6.94 -59.66
N LYS YC 67 49.87 -6.53 -60.52
CA LYS YC 67 50.04 -7.07 -61.86
C LYS YC 67 51.45 -7.64 -61.98
N ILE YC 68 51.59 -8.70 -62.78
CA ILE YC 68 52.90 -9.29 -63.03
C ILE YC 68 53.01 -9.66 -64.50
N THR YC 69 54.24 -9.77 -64.97
CA THR YC 69 54.53 -10.20 -66.33
C THR YC 69 55.91 -10.82 -66.41
N GLY YC 70 56.11 -11.68 -67.41
CA GLY YC 70 57.36 -12.36 -67.65
C GLY YC 70 57.17 -13.85 -67.88
N ASN YC 71 58.29 -14.57 -67.95
CA ASN YC 71 58.31 -16.00 -68.24
C ASN YC 71 58.83 -16.80 -67.06
N PHE YC 72 58.03 -17.75 -66.58
CA PHE YC 72 58.23 -18.40 -65.29
C PHE YC 72 58.28 -19.91 -65.41
N GLU YC 73 59.10 -20.54 -64.57
CA GLU YC 73 59.09 -21.99 -64.36
C GLU YC 73 58.61 -22.34 -62.96
N PHE YC 74 57.52 -23.10 -62.88
CA PHE YC 74 56.94 -23.58 -61.62
C PHE YC 74 57.58 -24.87 -61.15
N HIS YC 75 58.90 -25.00 -61.27
CA HIS YC 75 59.56 -26.27 -60.94
C HIS YC 75 59.63 -26.56 -59.44
N ASP YC 76 59.72 -25.54 -58.59
CA ASP YC 76 59.80 -25.74 -57.14
C ASP YC 76 58.87 -24.79 -56.40
N PRO YC 77 57.57 -25.07 -56.45
CA PRO YC 77 56.59 -24.06 -56.03
C PRO YC 77 56.79 -23.54 -54.62
N ASN YC 78 57.01 -24.39 -53.63
CA ASN YC 78 57.10 -23.89 -52.27
C ASN YC 78 58.30 -22.98 -52.04
N ALA YC 79 59.33 -23.03 -52.87
CA ALA YC 79 60.42 -22.06 -52.77
C ALA YC 79 60.18 -20.81 -53.60
N LEU YC 80 59.57 -20.96 -54.77
CA LEU YC 80 59.24 -19.79 -55.56
C LEU YC 80 58.19 -18.92 -54.89
N LEU YC 81 57.16 -19.53 -54.34
CA LEU YC 81 56.15 -18.80 -53.60
C LEU YC 81 56.74 -18.00 -52.45
N GLU YC 82 57.65 -18.60 -51.70
CA GLU YC 82 58.25 -17.88 -50.58
C GLU YC 82 59.13 -16.72 -51.03
N LYS YC 83 59.93 -16.87 -52.08
CA LYS YC 83 60.74 -15.71 -52.46
C LYS YC 83 59.88 -14.62 -53.09
N LEU YC 84 58.93 -15.00 -53.95
CA LEU YC 84 58.05 -13.99 -54.53
C LEU YC 84 57.28 -13.23 -53.46
N SER YC 85 56.89 -13.91 -52.38
CA SER YC 85 56.16 -13.21 -51.33
C SER YC 85 56.95 -12.07 -50.74
N LEU YC 86 58.25 -12.23 -50.61
CA LEU YC 86 59.10 -11.15 -50.11
C LEU YC 86 59.39 -10.12 -51.19
N GLN YC 87 59.43 -10.51 -52.44
CA GLN YC 87 59.67 -9.49 -53.46
C GLN YC 87 58.45 -8.64 -53.71
N LEU YC 88 57.24 -9.17 -53.55
CA LEU YC 88 56.04 -8.40 -53.86
C LEU YC 88 55.34 -7.84 -52.64
N GLY YC 89 55.68 -8.27 -51.43
CA GLY YC 89 55.01 -7.74 -50.27
C GLY YC 89 53.72 -8.45 -49.89
N LEU YC 90 53.78 -9.76 -49.81
CA LEU YC 90 52.63 -10.61 -49.54
C LEU YC 90 52.89 -11.40 -48.28
N ILE YC 91 51.84 -12.01 -47.75
CA ILE YC 91 51.95 -12.94 -46.65
C ILE YC 91 51.04 -14.11 -46.97
N TRP YC 92 51.37 -15.28 -46.47
CA TRP YC 92 50.66 -16.47 -46.90
C TRP YC 92 50.74 -17.57 -45.87
N TYR YC 93 49.91 -18.58 -46.05
CA TYR YC 93 49.55 -19.45 -44.94
C TYR YC 93 49.01 -20.73 -45.55
N PHE YC 94 49.05 -21.81 -44.77
CA PHE YC 94 48.61 -23.11 -45.27
C PHE YC 94 47.98 -23.93 -44.15
N ASP YC 95 46.67 -24.15 -44.25
CA ASP YC 95 45.88 -24.89 -43.27
C ASP YC 95 45.91 -26.40 -43.48
N GLY YC 96 46.45 -26.87 -44.60
CA GLY YC 96 46.41 -28.26 -45.01
C GLY YC 96 45.39 -28.59 -46.08
N GLN YC 97 44.44 -27.69 -46.34
CA GLN YC 97 43.43 -27.86 -47.38
C GLN YC 97 43.57 -26.83 -48.50
N ALA YC 98 43.99 -25.61 -48.19
CA ALA YC 98 44.13 -24.57 -49.19
C ALA YC 98 45.23 -23.60 -48.78
N ILE YC 99 45.87 -23.00 -49.76
CA ILE YC 99 46.86 -21.95 -49.55
C ILE YC 99 46.21 -20.58 -49.62
N TYR YC 100 46.41 -19.76 -48.60
CA TYR YC 100 45.84 -18.42 -48.52
C TYR YC 100 46.95 -17.40 -48.70
N ILE YC 101 46.65 -16.35 -49.45
CA ILE YC 101 47.54 -15.24 -49.71
C ILE YC 101 46.83 -13.94 -49.35
N TYR YC 102 47.59 -13.02 -48.75
CA TYR YC 102 47.08 -11.72 -48.37
C TYR YC 102 48.14 -10.67 -48.68
N ASP YC 103 47.71 -9.42 -48.75
CA ASP YC 103 48.64 -8.30 -48.81
C ASP YC 103 49.18 -7.99 -47.42
N ALA YC 104 50.47 -7.65 -47.37
CA ALA YC 104 51.18 -7.52 -46.10
C ALA YC 104 50.58 -6.47 -45.18
N SER YC 105 49.84 -5.50 -45.68
CA SER YC 105 49.23 -4.50 -44.82
C SER YC 105 48.05 -5.05 -44.02
N GLU YC 106 47.50 -6.18 -44.42
CA GLU YC 106 46.36 -6.79 -43.75
C GLU YC 106 46.71 -7.55 -42.47
N MET YC 107 47.95 -7.51 -42.02
CA MET YC 107 48.47 -8.44 -41.01
C MET YC 107 47.99 -8.07 -39.61
N ARG YC 108 46.87 -8.64 -39.19
CA ARG YC 108 46.31 -8.40 -37.86
C ARG YC 108 47.22 -8.95 -36.75
N ASN YC 109 46.99 -8.47 -35.53
CA ASN YC 109 47.63 -9.01 -34.34
C ASN YC 109 46.72 -8.84 -33.13
N ALA YC 110 46.89 -9.69 -32.13
CA ALA YC 110 46.00 -9.68 -30.96
C ALA YC 110 46.69 -10.29 -29.75
N VAL YC 111 46.11 -10.02 -28.58
CA VAL YC 111 46.56 -10.54 -27.28
C VAL YC 111 45.47 -11.42 -26.69
N VAL YC 112 45.87 -12.52 -26.07
CA VAL YC 112 44.97 -13.47 -25.44
C VAL YC 112 45.48 -13.82 -24.06
N SER YC 113 44.56 -14.00 -23.12
CA SER YC 113 44.91 -14.49 -21.78
C SER YC 113 43.94 -15.57 -21.34
N LEU YC 114 44.51 -16.61 -20.72
CA LEU YC 114 43.82 -17.87 -20.46
C LEU YC 114 43.71 -18.12 -18.97
N ARG YC 115 42.57 -18.68 -18.58
CA ARG YC 115 42.29 -18.97 -17.17
C ARG YC 115 43.04 -20.21 -16.68
N ASN YC 116 42.98 -21.31 -17.43
CA ASN YC 116 43.52 -22.59 -17.00
C ASN YC 116 44.61 -23.17 -17.89
N VAL YC 117 44.43 -23.13 -19.20
CA VAL YC 117 45.40 -23.71 -20.12
C VAL YC 117 46.70 -22.93 -20.11
N SER YC 118 47.82 -23.64 -20.16
CA SER YC 118 49.14 -23.05 -20.26
C SER YC 118 49.55 -22.90 -21.72
N LEU YC 119 50.52 -22.02 -21.96
CA LEU YC 119 51.00 -21.81 -23.31
C LEU YC 119 51.66 -23.04 -23.89
N ASN YC 120 52.44 -23.77 -23.11
CA ASN YC 120 53.03 -24.98 -23.68
C ASN YC 120 51.94 -26.01 -23.97
N GLU YC 121 50.97 -26.11 -23.06
CA GLU YC 121 49.87 -27.04 -23.28
C GLU YC 121 49.14 -26.71 -24.57
N PHE YC 122 49.06 -25.42 -24.91
CA PHE YC 122 48.34 -25.03 -26.11
C PHE YC 122 49.17 -25.33 -27.34
N ASN YC 123 50.47 -25.09 -27.25
CA ASN YC 123 51.35 -25.45 -28.35
C ASN YC 123 51.23 -26.93 -28.68
N ASN YC 124 51.18 -27.78 -27.65
CA ASN YC 124 50.98 -29.21 -27.91
C ASN YC 124 49.72 -29.44 -28.75
N PHE YC 125 48.61 -28.84 -28.36
CA PHE YC 125 47.40 -28.93 -29.16
C PHE YC 125 47.62 -28.56 -30.61
N LEU YC 126 48.21 -27.39 -30.84
CA LEU YC 126 48.49 -26.96 -32.21
C LEU YC 126 49.35 -27.96 -32.97
N LYS YC 127 50.37 -28.50 -32.32
CA LYS YC 127 51.22 -29.48 -32.99
C LYS YC 127 50.44 -30.72 -33.38
N ARG YC 128 49.76 -31.33 -32.41
CA ARG YC 128 48.92 -32.49 -32.71
C ARG YC 128 47.97 -32.21 -33.87
N SER YC 129 47.30 -31.07 -33.84
CA SER YC 129 46.40 -30.67 -34.91
C SER YC 129 47.10 -30.40 -36.23
N GLY YC 130 48.40 -30.18 -36.23
CA GLY YC 130 49.05 -29.83 -37.48
C GLY YC 130 48.73 -28.43 -37.97
N LEU YC 131 48.17 -27.61 -37.11
CA LEU YC 131 47.88 -26.21 -37.41
C LEU YC 131 49.10 -25.34 -37.17
N TYR YC 132 49.92 -25.73 -36.20
CA TYR YC 132 51.10 -24.97 -35.83
C TYR YC 132 51.90 -24.50 -37.04
N ASN YC 133 52.37 -23.25 -36.93
CA ASN YC 133 53.17 -22.58 -37.95
C ASN YC 133 54.41 -21.99 -37.30
N LYS YC 134 55.57 -22.41 -37.81
CA LYS YC 134 56.86 -21.97 -37.30
C LYS YC 134 57.19 -20.51 -37.62
N ASN YC 135 56.68 -19.98 -38.71
CA ASN YC 135 56.90 -18.57 -39.01
C ASN YC 135 56.07 -17.57 -38.22
N TYR YC 136 54.99 -17.98 -37.55
CA TYR YC 136 54.25 -17.05 -36.69
C TYR YC 136 54.00 -17.65 -35.31
N PRO YC 137 55.05 -18.10 -34.64
CA PRO YC 137 54.88 -18.69 -33.30
C PRO YC 137 54.28 -17.75 -32.28
N LEU YC 138 53.58 -18.34 -31.31
CA LEU YC 138 53.08 -17.61 -30.16
C LEU YC 138 54.24 -17.15 -29.29
N ARG YC 139 54.20 -15.90 -28.86
CA ARG YC 139 55.23 -15.30 -28.04
C ARG YC 139 54.72 -15.00 -26.63
N GLY YC 140 55.34 -15.61 -25.63
CA GLY YC 140 54.92 -15.41 -24.25
C GLY YC 140 55.76 -16.16 -23.23
N ASP YC 141 55.16 -16.66 -22.15
CA ASP YC 141 55.86 -17.46 -21.15
C ASP YC 141 55.21 -18.82 -20.98
N ASN YC 142 55.96 -19.88 -21.26
CA ASN YC 142 55.44 -21.24 -21.19
C ASN YC 142 54.65 -21.54 -19.91
N ARG YC 143 55.01 -20.92 -18.79
CA ARG YC 143 54.29 -21.21 -17.56
C ARG YC 143 53.02 -20.38 -17.43
N LYS YC 144 52.99 -19.18 -17.98
CA LYS YC 144 51.90 -18.26 -17.81
C LYS YC 144 50.78 -18.50 -18.80
N GLY YC 145 49.65 -17.89 -18.51
CA GLY YC 145 48.50 -17.87 -19.40
C GLY YC 145 48.35 -16.59 -20.20
N THR YC 146 49.43 -16.09 -20.76
CA THR YC 146 49.40 -14.83 -21.48
C THR YC 146 50.39 -14.95 -22.62
N PHE YC 147 49.92 -14.63 -23.83
CA PHE YC 147 50.75 -14.72 -25.02
C PHE YC 147 50.27 -13.72 -26.06
N TYR YC 148 51.17 -13.38 -26.98
CA TYR YC 148 50.89 -12.49 -28.10
C TYR YC 148 51.04 -13.23 -29.41
N VAL YC 149 50.13 -12.94 -30.35
CA VAL YC 149 50.07 -13.60 -31.65
C VAL YC 149 49.85 -12.59 -32.76
N SER YC 150 50.50 -12.80 -33.89
CA SER YC 150 50.35 -11.90 -35.03
C SER YC 150 50.56 -12.66 -36.33
N GLY YC 151 49.80 -12.29 -37.36
CA GLY YC 151 49.97 -12.85 -38.68
C GLY YC 151 48.75 -12.71 -39.57
N PRO YC 152 48.57 -13.61 -40.52
CA PRO YC 152 47.41 -13.53 -41.40
C PRO YC 152 46.08 -13.60 -40.65
N PRO YC 153 45.08 -12.84 -41.11
CA PRO YC 153 43.78 -12.81 -40.43
C PRO YC 153 43.16 -14.15 -40.07
N VAL YC 154 43.10 -15.08 -41.02
CA VAL YC 154 42.51 -16.38 -40.72
C VAL YC 154 43.25 -17.06 -39.58
N TYR YC 155 44.56 -17.12 -39.66
CA TYR YC 155 45.35 -17.74 -38.61
C TYR YC 155 45.09 -17.08 -37.26
N VAL YC 156 45.08 -15.76 -37.22
CA VAL YC 156 44.85 -15.05 -35.97
C VAL YC 156 43.48 -15.36 -35.38
N ASP YC 157 42.43 -15.27 -36.20
CA ASP YC 157 41.10 -15.58 -35.67
C ASP YC 157 40.96 -17.03 -35.24
N MET YC 158 41.51 -17.96 -36.01
CA MET YC 158 41.48 -19.35 -35.58
C MET YC 158 42.11 -19.52 -34.22
N VAL YC 159 43.36 -19.08 -34.06
CA VAL YC 159 44.04 -19.17 -32.76
C VAL YC 159 43.23 -18.57 -31.64
N VAL YC 160 42.76 -17.33 -31.81
CA VAL YC 160 42.01 -16.67 -30.74
C VAL YC 160 40.76 -17.45 -30.33
N ASN YC 161 39.91 -17.78 -31.30
CA ASN YC 161 38.69 -18.50 -30.99
C ASN YC 161 38.95 -19.87 -30.38
N ALA YC 162 39.75 -20.69 -31.07
CA ALA YC 162 40.09 -22.00 -30.53
C ALA YC 162 40.59 -21.92 -29.10
N ALA YC 163 41.59 -21.09 -28.84
CA ALA YC 163 42.07 -20.95 -27.46
C ALA YC 163 40.97 -20.59 -26.49
N THR YC 164 40.14 -19.60 -26.82
CA THR YC 164 39.08 -19.23 -25.90
C THR YC 164 38.14 -20.39 -25.57
N MET YC 165 37.68 -21.11 -26.59
CA MET YC 165 36.78 -22.24 -26.34
C MET YC 165 37.47 -23.36 -25.56
N MET YC 166 38.65 -23.76 -26.00
CA MET YC 166 39.38 -24.82 -25.31
C MET YC 166 39.58 -24.50 -23.84
N ASP YC 167 39.96 -23.26 -23.54
CA ASP YC 167 40.10 -22.85 -22.15
C ASP YC 167 38.78 -22.90 -21.39
N LYS YC 168 37.72 -22.33 -21.96
CA LYS YC 168 36.45 -22.34 -21.25
C LYS YC 168 35.92 -23.75 -20.98
N GLN YC 169 36.22 -24.72 -21.85
CA GLN YC 169 35.82 -26.09 -21.56
C GLN YC 169 36.48 -26.64 -20.30
N ASN YC 170 37.80 -26.76 -20.31
CA ASN YC 170 38.52 -27.28 -19.16
C ASN YC 170 38.33 -26.45 -17.90
N ASP YC 171 38.11 -25.14 -18.05
CA ASP YC 171 37.85 -24.29 -16.89
C ASP YC 171 36.70 -24.83 -16.05
N GLY YC 172 35.69 -25.38 -16.70
CA GLY YC 172 34.55 -26.00 -16.05
C GLY YC 172 34.86 -27.30 -15.33
N ILE YC 173 36.08 -27.81 -15.47
CA ILE YC 173 36.43 -29.13 -14.94
C ILE YC 173 37.02 -29.00 -13.53
N GLU YC 174 36.29 -29.55 -12.57
CA GLU YC 174 36.74 -29.77 -11.21
C GLU YC 174 36.46 -31.24 -10.91
N LEU YC 175 37.45 -31.94 -10.36
CA LEU YC 175 37.34 -33.38 -10.22
C LEU YC 175 36.02 -33.77 -9.56
N GLY YC 176 35.69 -33.13 -8.45
CA GLY YC 176 34.38 -33.29 -7.85
C GLY YC 176 34.00 -34.72 -7.51
N ARG YC 177 34.84 -35.43 -6.77
CA ARG YC 177 34.50 -36.77 -6.34
C ARG YC 177 35.00 -36.93 -4.92
N GLN YC 178 34.26 -37.69 -4.12
CA GLN YC 178 34.61 -37.87 -2.72
C GLN YC 178 35.14 -39.27 -2.40
N LYS YC 179 35.73 -39.33 -1.22
CA LYS YC 179 36.39 -40.49 -0.64
C LYS YC 179 35.97 -40.69 0.81
N ILE YC 180 35.86 -41.95 1.20
CA ILE YC 180 35.53 -42.36 2.57
C ILE YC 180 36.71 -43.13 3.15
N GLY YC 181 37.37 -42.55 4.14
CA GLY YC 181 38.44 -43.20 4.87
C GLY YC 181 38.02 -43.72 6.24
N VAL YC 182 38.47 -44.94 6.55
CA VAL YC 182 38.20 -45.61 7.82
C VAL YC 182 39.51 -45.65 8.58
N MET YC 183 39.54 -45.12 9.81
CA MET YC 183 40.79 -45.02 10.56
C MET YC 183 40.60 -45.48 12.00
N ARG YC 184 41.09 -46.68 12.30
CA ARG YC 184 41.13 -47.18 13.66
C ARG YC 184 42.08 -46.39 14.54
N LEU YC 185 41.63 -46.03 15.73
CA LEU YC 185 42.48 -45.47 16.76
C LEU YC 185 43.06 -46.61 17.58
N ASN YC 186 44.35 -46.48 17.89
CA ASN YC 186 45.11 -47.51 18.57
C ASN YC 186 45.44 -47.20 20.01
N ASN YC 187 45.51 -45.92 20.38
CA ASN YC 187 45.96 -45.53 21.71
C ASN YC 187 44.89 -44.89 22.57
N THR YC 188 43.69 -44.64 22.07
CA THR YC 188 42.72 -43.92 22.86
C THR YC 188 41.30 -44.30 22.50
N PHE YC 189 40.40 -44.03 23.45
CA PHE YC 189 38.97 -44.23 23.28
C PHE YC 189 38.33 -43.11 22.46
N VAL YC 190 37.47 -43.50 21.53
CA VAL YC 190 36.85 -42.54 20.61
C VAL YC 190 35.88 -41.58 21.29
N GLY YC 191 35.34 -41.90 22.45
CA GLY YC 191 34.26 -41.10 23.01
C GLY YC 191 34.71 -39.89 23.81
N ASP YC 192 33.80 -38.92 23.92
CA ASP YC 192 33.90 -37.86 24.92
C ASP YC 192 33.69 -38.46 26.30
N ARG YC 193 34.53 -38.07 27.26
CA ARG YC 193 34.47 -38.63 28.60
C ARG YC 193 34.40 -37.52 29.63
N THR YC 194 33.75 -37.81 30.76
CA THR YC 194 33.49 -36.76 31.74
C THR YC 194 33.65 -37.31 33.15
N TYR YC 195 34.28 -36.51 34.00
CA TYR YC 195 34.68 -36.94 35.34
C TYR YC 195 34.12 -35.96 36.35
N ASN YC 196 33.33 -36.48 37.30
CA ASN YC 196 32.61 -35.62 38.24
C ASN YC 196 33.55 -35.30 39.40
N LEU YC 197 34.19 -34.14 39.35
CA LEU YC 197 35.13 -33.76 40.38
C LEU YC 197 34.40 -33.06 41.53
N ARG YC 198 35.17 -32.56 42.49
CA ARG YC 198 34.60 -31.81 43.61
C ARG YC 198 33.82 -30.60 43.12
N ASP YC 199 34.37 -29.86 42.16
CA ASP YC 199 33.66 -28.73 41.57
C ASP YC 199 33.35 -28.97 40.10
N GLN YC 200 34.37 -29.13 39.26
CA GLN YC 200 34.15 -29.20 37.82
C GLN YC 200 33.61 -30.57 37.45
N LYS YC 201 32.54 -30.56 36.64
CA LYS YC 201 32.17 -31.70 35.83
C LYS YC 201 33.14 -31.71 34.66
N MET YC 202 34.34 -32.25 34.89
CA MET YC 202 35.46 -32.06 33.98
C MET YC 202 35.22 -32.84 32.70
N VAL YC 203 35.08 -32.11 31.61
CA VAL YC 203 34.81 -32.64 30.27
C VAL YC 203 36.13 -32.84 29.52
N ILE YC 204 36.22 -33.96 28.82
CA ILE YC 204 37.37 -34.32 27.99
C ILE YC 204 36.81 -34.68 26.63
N PRO YC 205 36.79 -33.73 25.69
CA PRO YC 205 36.21 -33.99 24.36
C PRO YC 205 37.01 -34.97 23.53
N GLY YC 206 36.27 -35.72 22.72
CA GLY YC 206 36.87 -36.59 21.74
C GLY YC 206 37.44 -35.87 20.53
N ILE YC 207 38.27 -36.62 19.82
CA ILE YC 207 38.95 -36.12 18.64
C ILE YC 207 37.95 -35.57 17.62
N ALA YC 208 36.91 -36.35 17.31
CA ALA YC 208 35.91 -35.88 16.35
C ALA YC 208 35.34 -34.53 16.77
N THR YC 209 35.00 -34.40 18.05
CA THR YC 209 34.46 -33.14 18.55
C THR YC 209 35.42 -31.98 18.31
N ALA YC 210 36.63 -32.09 18.82
CA ALA YC 210 37.59 -30.99 18.71
C ALA YC 210 37.93 -30.67 17.26
N ILE YC 211 38.09 -31.69 16.42
CA ILE YC 211 38.37 -31.44 15.01
C ILE YC 211 37.23 -30.67 14.35
N GLU YC 212 36.02 -31.21 14.44
CA GLU YC 212 34.93 -30.61 13.68
C GLU YC 212 34.62 -29.21 14.18
N ARG YC 213 34.81 -28.98 15.48
CA ARG YC 213 34.71 -27.64 16.03
C ARG YC 213 35.77 -26.71 15.47
N LEU YC 214 37.00 -27.19 15.32
CA LEU YC 214 38.03 -26.32 14.76
C LEU YC 214 37.78 -26.00 13.30
N LEU YC 215 37.37 -26.98 12.50
CA LEU YC 215 37.10 -26.71 11.09
C LEU YC 215 35.79 -25.99 10.85
N GLN YC 216 34.97 -25.79 11.87
CA GLN YC 216 33.61 -25.31 11.65
C GLN YC 216 33.56 -24.03 10.81
N GLY YC 217 32.74 -24.07 9.76
CA GLY YC 217 32.56 -22.97 8.83
C GLY YC 217 33.74 -22.49 7.99
N GLU YC 218 34.88 -23.16 8.06
CA GLU YC 218 36.06 -22.70 7.35
C GLU YC 218 35.90 -22.88 5.84
N GLU YC 219 35.83 -21.76 5.11
CA GLU YC 219 35.82 -21.81 3.65
C GLU YC 219 37.19 -22.03 3.03
N GLN YC 220 38.24 -21.54 3.68
CA GLN YC 220 39.59 -21.70 3.17
C GLN YC 220 40.02 -23.17 3.18
N PRO YC 221 40.84 -23.58 2.23
CA PRO YC 221 41.37 -24.95 2.23
C PRO YC 221 42.52 -25.16 3.21
N LEU YC 222 42.69 -26.43 3.57
CA LEU YC 222 43.75 -26.89 4.47
C LEU YC 222 45.07 -27.16 3.77
N GLY YC 223 46.13 -27.08 4.56
CA GLY YC 223 47.43 -27.52 4.08
C GLY YC 223 48.46 -27.52 5.19
N ASN YC 224 49.55 -28.23 4.93
CA ASN YC 224 50.76 -28.22 5.73
C ASN YC 224 50.52 -28.39 7.23
N ILE YC 225 49.78 -29.43 7.60
CA ILE YC 225 49.61 -29.72 9.02
C ILE YC 225 50.97 -29.93 9.66
N VAL YC 226 51.26 -29.18 10.72
CA VAL YC 226 52.56 -29.27 11.38
C VAL YC 226 52.38 -29.14 12.88
N SER YC 227 53.40 -29.57 13.61
CA SER YC 227 53.43 -29.40 15.06
C SER YC 227 53.44 -27.92 15.39
N LYS YC 259 45.83 -26.56 -7.90
CA LYS YC 259 44.89 -27.27 -8.77
C LYS YC 259 43.63 -27.66 -8.01
N GLN YC 260 43.72 -28.71 -7.22
CA GLN YC 260 42.60 -29.13 -6.40
C GLN YC 260 42.30 -28.08 -5.34
N ASN YC 261 41.02 -27.80 -5.13
CA ASN YC 261 40.60 -26.71 -4.26
C ASN YC 261 39.24 -27.02 -3.66
N ALA YC 262 39.22 -27.43 -2.39
CA ALA YC 262 37.99 -27.77 -1.70
C ALA YC 262 37.98 -27.11 -0.32
N ALA YC 263 36.82 -26.60 0.05
CA ALA YC 263 36.62 -25.98 1.35
C ALA YC 263 36.95 -26.92 2.51
N ALA YC 264 37.66 -26.36 3.49
CA ALA YC 264 37.99 -27.09 4.72
C ALA YC 264 36.73 -27.58 5.42
N GLY YC 265 35.75 -26.71 5.59
CA GLY YC 265 34.52 -27.06 6.28
C GLY YC 265 33.64 -28.09 5.59
N ASN YC 266 34.03 -28.59 4.43
CA ASN YC 266 33.27 -29.64 3.77
C ASN YC 266 33.57 -31.01 4.35
N ILE YC 267 34.70 -31.15 5.03
CA ILE YC 267 35.09 -32.41 5.66
C ILE YC 267 34.05 -32.81 6.70
N LYS YC 268 33.76 -34.12 6.77
CA LYS YC 268 32.86 -34.61 7.81
C LYS YC 268 33.44 -35.82 8.53
N ILE YC 269 33.31 -35.83 9.85
CA ILE YC 269 33.82 -36.89 10.72
C ILE YC 269 32.69 -37.50 11.55
N VAL YC 270 32.64 -38.84 11.59
CA VAL YC 270 31.65 -39.58 12.38
C VAL YC 270 32.38 -40.62 13.24
N ALA YC 271 32.22 -40.51 14.56
CA ALA YC 271 32.78 -41.49 15.49
C ALA YC 271 32.05 -42.82 15.38
N TYR YC 272 32.78 -43.92 15.59
CA TYR YC 272 32.20 -45.27 15.52
C TYR YC 272 32.81 -46.14 16.61
N PRO YC 273 32.32 -46.01 17.84
CA PRO YC 273 32.86 -46.81 18.95
C PRO YC 273 32.78 -48.31 18.77
N ASP YC 274 31.83 -48.82 17.99
CA ASP YC 274 31.69 -50.25 17.84
C ASP YC 274 33.01 -50.93 17.49
N THR YC 275 33.86 -50.24 16.74
CA THR YC 275 35.19 -50.71 16.39
C THR YC 275 36.26 -49.74 16.85
N ASN YC 276 35.88 -48.72 17.61
CA ASN YC 276 36.78 -47.67 18.05
C ASN YC 276 37.50 -47.00 16.89
N SER YC 277 36.73 -46.60 15.87
CA SER YC 277 37.30 -46.08 14.65
C SER YC 277 36.59 -44.79 14.24
N LEU YC 278 37.27 -43.99 13.42
CA LEU YC 278 36.72 -42.76 12.86
C LEU YC 278 36.40 -42.93 11.38
N LEU YC 279 35.23 -42.47 10.96
CA LEU YC 279 34.86 -42.40 9.56
C LEU YC 279 35.04 -40.96 9.10
N VAL YC 280 35.83 -40.77 8.04
CA VAL YC 280 36.18 -39.44 7.53
C VAL YC 280 35.75 -39.38 6.08
N LYS YC 281 35.07 -38.30 5.71
CA LYS YC 281 34.61 -38.09 4.35
C LYS YC 281 35.10 -36.77 3.78
N GLY YC 282 35.68 -36.87 2.58
CA GLY YC 282 36.17 -35.69 1.87
C GLY YC 282 36.98 -36.10 0.65
N THR YC 283 37.73 -35.16 0.09
CA THR YC 283 38.65 -35.49 -0.98
C THR YC 283 39.84 -36.28 -0.45
N ALA YC 284 40.47 -37.05 -1.34
CA ALA YC 284 41.66 -37.82 -0.98
C ALA YC 284 42.74 -36.96 -0.33
N GLU YC 285 42.97 -35.76 -0.87
CA GLU YC 285 43.92 -34.83 -0.26
C GLU YC 285 43.57 -34.56 1.19
N GLN YC 286 42.33 -34.13 1.43
CA GLN YC 286 41.87 -33.84 2.78
C GLN YC 286 41.99 -35.06 3.68
N VAL YC 287 41.45 -36.20 3.24
CA VAL YC 287 41.54 -37.44 4.00
C VAL YC 287 42.96 -37.73 4.43
N HIS YC 288 43.92 -37.49 3.53
CA HIS YC 288 45.33 -37.68 3.86
C HIS YC 288 45.75 -36.74 4.99
N PHE YC 289 45.55 -35.46 4.78
CA PHE YC 289 45.86 -34.48 5.82
C PHE YC 289 45.27 -34.89 7.17
N ILE YC 290 43.98 -35.18 7.18
CA ILE YC 290 43.30 -35.63 8.39
C ILE YC 290 44.02 -36.80 9.04
N GLU YC 291 44.40 -37.81 8.26
CA GLU YC 291 45.09 -38.94 8.86
C GLU YC 291 46.42 -38.53 9.48
N MET YC 292 47.11 -37.57 8.88
CA MET YC 292 48.34 -37.07 9.48
C MET YC 292 48.05 -36.45 10.84
N LEU YC 293 47.03 -35.61 10.90
CA LEU YC 293 46.61 -35.01 12.16
C LEU YC 293 46.30 -36.06 13.21
N VAL YC 294 45.47 -37.05 12.86
CA VAL YC 294 45.12 -38.11 13.79
C VAL YC 294 46.35 -38.80 14.34
N LYS YC 295 47.31 -39.11 13.48
CA LYS YC 295 48.53 -39.76 13.95
C LYS YC 295 49.39 -38.83 14.79
N ALA YC 296 49.25 -37.52 14.62
CA ALA YC 296 49.94 -36.59 15.51
C ALA YC 296 49.25 -36.45 16.86
N LEU YC 297 47.97 -36.78 16.92
CA LEU YC 297 47.19 -36.60 18.16
C LEU YC 297 47.11 -37.84 19.05
N ASP YC 298 47.04 -39.05 18.49
CA ASP YC 298 46.83 -40.21 19.37
C ASP YC 298 48.07 -40.75 20.07
N VAL YC 299 48.78 -39.86 20.78
CA VAL YC 299 49.91 -40.26 21.64
C VAL YC 299 49.49 -41.14 22.82
N ALA YC 300 50.34 -42.13 23.13
CA ALA YC 300 50.13 -43.07 24.23
C ALA YC 300 50.43 -42.45 25.60
N LYS YC 301 49.56 -42.73 26.58
CA LYS YC 301 49.73 -42.22 27.94
C LYS YC 301 50.70 -43.04 28.80
N ARG YC 302 51.49 -42.34 29.62
CA ARG YC 302 52.33 -42.89 30.67
C ARG YC 302 51.56 -43.18 31.97
N HIS YC 303 52.18 -44.00 32.83
CA HIS YC 303 51.66 -44.39 34.15
C HIS YC 303 52.47 -43.76 35.27
N VAL YC 304 51.77 -43.27 36.31
CA VAL YC 304 52.35 -42.64 37.48
C VAL YC 304 51.86 -43.34 38.75
N GLU YC 305 52.77 -43.66 39.65
CA GLU YC 305 52.45 -44.19 40.98
C GLU YC 305 52.68 -43.12 42.05
N LEU YC 306 51.65 -42.87 42.84
CA LEU YC 306 51.65 -41.90 43.91
C LEU YC 306 51.59 -42.58 45.28
N SER YC 307 52.57 -42.32 46.13
CA SER YC 307 52.61 -42.82 47.50
C SER YC 307 52.54 -41.65 48.46
N LEU YC 308 51.93 -41.88 49.63
CA LEU YC 308 51.68 -40.78 50.58
C LEU YC 308 51.92 -41.20 52.03
N TRP YC 309 53.08 -40.85 52.57
CA TRP YC 309 53.40 -41.17 53.96
C TRP YC 309 52.73 -40.21 54.94
N ILE YC 310 52.10 -40.77 55.98
CA ILE YC 310 51.43 -40.04 57.07
C ILE YC 310 51.98 -40.55 58.40
N VAL YC 311 52.37 -39.64 59.29
CA VAL YC 311 53.01 -39.99 60.56
C VAL YC 311 52.44 -39.17 61.71
N ASP YC 312 52.11 -39.84 62.82
CA ASP YC 312 51.59 -39.21 64.03
C ASP YC 312 52.35 -39.70 65.26
N LEU YC 313 52.79 -38.75 66.11
CA LEU YC 313 53.57 -39.04 67.32
C LEU YC 313 53.02 -38.28 68.51
N ASN YC 314 52.91 -38.94 69.66
CA ASN YC 314 52.31 -38.31 70.84
C ASN YC 314 52.89 -38.83 72.14
N LYS YC 315 53.46 -37.93 72.95
CA LYS YC 315 54.00 -38.23 74.27
C LYS YC 315 53.31 -37.37 75.32
N SER YC 316 52.89 -37.96 76.44
CA SER YC 316 52.23 -37.21 77.50
C SER YC 316 52.55 -37.74 78.89
N ASP YC 317 52.72 -36.83 79.84
CA ASP YC 317 53.08 -37.16 81.22
C ASP YC 317 52.25 -36.38 82.21
N LEU YC 318 51.75 -37.05 83.26
CA LEU YC 318 50.85 -36.47 84.24
C LEU YC 318 51.27 -36.86 85.64
N GLU YC 319 51.15 -35.92 86.59
CA GLU YC 319 51.29 -36.23 88.00
C GLU YC 319 50.26 -35.46 88.83
N ARG YC 320 49.64 -36.15 89.78
CA ARG YC 320 48.80 -35.54 90.82
C ARG YC 320 49.27 -36.04 92.18
N LEU YC 321 49.40 -35.12 93.13
CA LEU YC 321 49.75 -35.53 94.48
C LEU YC 321 49.30 -34.49 95.50
N GLY YC 322 48.78 -34.97 96.63
CA GLY YC 322 48.47 -34.13 97.78
C GLY YC 322 47.06 -34.32 98.32
N THR YC 323 46.57 -33.30 99.02
CA THR YC 323 45.47 -33.46 99.97
C THR YC 323 44.43 -32.35 99.80
N SER YC 324 43.26 -32.60 100.40
CA SER YC 324 42.23 -31.59 100.64
C SER YC 324 41.50 -31.90 101.94
N TRP YC 325 40.99 -30.86 102.61
CA TRP YC 325 40.55 -30.95 103.99
C TRP YC 325 39.23 -30.20 104.19
N SER YC 326 38.35 -30.75 105.03
CA SER YC 326 37.16 -30.02 105.43
C SER YC 326 36.59 -30.65 106.70
N GLY YC 327 35.70 -29.92 107.38
CA GLY YC 327 35.11 -30.52 108.56
C GLY YC 327 34.15 -29.60 109.30
N SER YC 328 33.75 -30.05 110.49
CA SER YC 328 32.74 -29.39 111.30
C SER YC 328 32.95 -29.70 112.78
N ILE YC 329 32.48 -28.78 113.63
CA ILE YC 329 32.62 -28.87 115.07
C ILE YC 329 31.36 -28.32 115.72
N THR YC 330 31.08 -28.82 116.92
CA THR YC 330 29.98 -28.33 117.75
C THR YC 330 30.48 -27.94 119.14
N ILE YC 331 29.99 -26.81 119.63
CA ILE YC 331 30.31 -26.32 120.97
C ILE YC 331 29.00 -26.30 121.73
N GLY YC 332 28.92 -27.15 122.76
CA GLY YC 332 27.71 -27.46 123.48
C GLY YC 332 26.56 -27.74 122.53
N ASP YC 333 25.48 -26.99 122.70
CA ASP YC 333 24.42 -26.93 121.71
C ASP YC 333 24.17 -25.48 121.34
N LYS YC 334 25.16 -24.63 121.61
CA LYS YC 334 25.08 -23.21 121.31
C LYS YC 334 25.66 -22.93 119.93
N LEU YC 335 26.98 -23.14 119.76
CA LEU YC 335 27.65 -22.70 118.53
C LEU YC 335 28.09 -23.86 117.65
N GLY YC 336 27.63 -23.85 116.41
CA GLY YC 336 28.12 -24.75 115.37
C GLY YC 336 29.13 -24.04 114.48
N VAL YC 337 30.16 -24.78 114.07
CA VAL YC 337 31.26 -24.23 113.29
C VAL YC 337 31.57 -25.19 112.16
N SER YC 338 31.90 -24.66 110.98
CA SER YC 338 32.25 -25.52 109.87
C SER YC 338 33.33 -24.90 109.02
N LEU YC 339 34.18 -25.77 108.47
CA LEU YC 339 35.27 -25.42 107.58
C LEU YC 339 35.02 -26.03 106.21
N ASN YC 340 34.86 -25.16 105.21
CA ASN YC 340 34.60 -25.55 103.81
C ASN YC 340 33.41 -26.49 103.64
N GLN YC 341 32.40 -26.38 104.51
CA GLN YC 341 31.28 -27.29 104.47
C GLN YC 341 29.99 -26.53 104.74
N SER YC 342 28.88 -27.15 104.35
CA SER YC 342 27.56 -26.61 104.63
C SER YC 342 27.25 -26.66 106.13
N SER YC 343 26.19 -25.94 106.51
CA SER YC 343 25.77 -25.91 107.90
C SER YC 343 25.21 -27.24 108.40
N ILE YC 344 24.93 -28.19 107.51
CA ILE YC 344 24.57 -29.53 107.98
C ILE YC 344 25.73 -30.17 108.74
N SER YC 345 26.96 -29.89 108.32
CA SER YC 345 28.11 -30.64 108.82
C SER YC 345 28.26 -30.54 110.33
N THR YC 346 27.91 -29.39 110.92
CA THR YC 346 27.94 -29.25 112.36
C THR YC 346 26.93 -30.14 113.07
N LEU YC 347 25.92 -30.64 112.36
CA LEU YC 347 24.95 -31.53 112.98
C LEU YC 347 25.53 -32.90 113.33
N ASP YC 348 26.65 -33.29 112.70
CA ASP YC 348 27.33 -34.52 113.03
C ASP YC 348 28.21 -34.41 114.27
N GLY YC 349 28.44 -33.20 114.77
CA GLY YC 349 29.47 -32.98 115.77
C GLY YC 349 30.86 -32.82 115.18
N SER YC 350 31.85 -33.21 115.97
CA SER YC 350 33.22 -33.33 115.48
C SER YC 350 33.31 -34.27 114.28
N ARG YC 351 33.71 -33.73 113.14
CA ARG YC 351 33.90 -34.53 111.92
C ARG YC 351 34.94 -33.85 111.05
N PHE YC 352 35.96 -34.58 110.65
CA PHE YC 352 36.92 -34.09 109.68
C PHE YC 352 37.15 -35.12 108.60
N ILE YC 353 37.31 -34.64 107.37
CA ILE YC 353 37.55 -35.53 106.23
C ILE YC 353 38.67 -34.93 105.40
N ALA YC 354 39.68 -35.75 105.12
CA ALA YC 354 40.82 -35.39 104.29
C ALA YC 354 40.89 -36.36 103.12
N ALA YC 355 40.90 -35.83 101.90
CA ALA YC 355 40.96 -36.61 100.68
C ALA YC 355 42.37 -36.54 100.13
N VAL YC 356 42.91 -37.70 99.77
CA VAL YC 356 44.28 -37.86 99.31
C VAL YC 356 44.28 -38.37 97.87
N ASN YC 357 45.08 -37.72 97.02
CA ASN YC 357 45.26 -38.11 95.64
C ASN YC 357 46.75 -38.31 95.37
N ALA YC 358 47.10 -39.47 94.82
CA ALA YC 358 48.49 -39.77 94.48
C ALA YC 358 48.59 -40.66 93.25
N LEU YC 359 49.09 -40.12 92.15
CA LEU YC 359 49.13 -40.88 90.90
C LEU YC 359 50.06 -40.22 89.88
N GLU YC 360 50.80 -41.03 89.13
CA GLU YC 360 51.58 -40.57 88.00
C GLU YC 360 51.32 -41.45 86.79
N GLU YC 361 51.42 -40.86 85.60
CA GLU YC 361 51.17 -41.57 84.36
C GLU YC 361 52.07 -41.09 83.24
N LYS YC 362 52.49 -42.03 82.39
CA LYS YC 362 53.31 -41.76 81.21
C LYS YC 362 52.70 -42.51 80.04
N LYS YC 363 52.65 -41.86 78.88
CA LYS YC 363 52.01 -42.46 77.72
C LYS YC 363 52.70 -42.02 76.43
N GLN YC 364 52.83 -42.95 75.50
CA GLN YC 364 53.42 -42.69 74.20
C GLN YC 364 52.70 -43.51 73.12
N ALA YC 365 52.49 -42.88 71.97
CA ALA YC 365 51.84 -43.55 70.84
C ALA YC 365 52.40 -43.04 69.52
N THR YC 366 52.48 -43.95 68.54
CA THR YC 366 53.01 -43.65 67.21
C THR YC 366 52.23 -44.42 66.15
N VAL YC 367 51.82 -43.73 65.09
CA VAL YC 367 51.07 -44.32 64.00
C VAL YC 367 51.68 -43.90 62.67
N VAL YC 368 51.83 -44.85 61.76
CA VAL YC 368 52.28 -44.62 60.39
C VAL YC 368 51.31 -45.25 59.40
N SER YC 369 51.02 -44.52 58.32
CA SER YC 369 50.13 -45.01 57.27
C SER YC 369 50.69 -44.57 55.93
N ARG YC 370 50.54 -45.41 54.91
CA ARG YC 370 51.12 -45.13 53.60
C ARG YC 370 50.23 -45.67 52.48
N PRO YC 371 49.27 -44.88 52.03
CA PRO YC 371 48.49 -45.28 50.84
C PRO YC 371 49.30 -45.17 49.56
N VAL YC 372 48.88 -45.98 48.58
CA VAL YC 372 49.48 -46.03 47.25
C VAL YC 372 48.38 -46.08 46.19
N LEU YC 373 48.53 -45.29 45.14
CA LEU YC 373 47.59 -45.27 44.03
C LEU YC 373 48.32 -45.16 42.70
N LEU YC 374 47.76 -45.78 41.67
CA LEU YC 374 48.32 -45.74 40.33
C LEU YC 374 47.32 -45.14 39.34
N THR YC 375 47.82 -44.27 38.47
CA THR YC 375 46.99 -43.57 37.50
C THR YC 375 47.75 -43.47 36.20
N GLN YC 376 47.04 -43.31 35.08
CA GLN YC 376 47.72 -42.77 33.93
C GLN YC 376 47.98 -41.28 34.14
N GLU YC 377 48.90 -40.74 33.35
CA GLU YC 377 49.10 -39.31 33.28
C GLU YC 377 47.80 -38.63 32.86
N ASN YC 378 47.64 -37.39 33.29
CA ASN YC 378 46.68 -36.48 32.67
C ASN YC 378 45.23 -36.94 32.85
N VAL YC 379 44.98 -37.87 33.75
CA VAL YC 379 43.62 -38.34 34.03
C VAL YC 379 43.39 -38.30 35.54
N PRO YC 380 42.26 -37.79 36.02
CA PRO YC 380 42.05 -37.70 37.46
C PRO YC 380 41.75 -39.06 38.06
N ALA YC 381 42.13 -39.24 39.32
CA ALA YC 381 41.88 -40.52 39.97
C ALA YC 381 41.68 -40.30 41.46
N ILE YC 382 41.03 -41.29 42.10
CA ILE YC 382 40.71 -41.20 43.51
C ILE YC 382 40.92 -42.55 44.18
N PHE YC 383 41.13 -42.48 45.49
CA PHE YC 383 41.23 -43.62 46.38
C PHE YC 383 40.52 -43.28 47.67
N ASP YC 384 39.79 -44.23 48.24
CA ASP YC 384 39.04 -43.94 49.46
C ASP YC 384 38.93 -45.19 50.31
N ASN YC 385 39.33 -45.09 51.57
CA ASN YC 385 39.34 -46.25 52.45
C ASN YC 385 38.97 -45.86 53.87
N ASN YC 386 38.30 -46.78 54.57
CA ASN YC 386 38.11 -46.67 56.00
C ASN YC 386 38.10 -48.06 56.62
N ARG YC 387 38.46 -48.11 57.91
CA ARG YC 387 38.60 -49.38 58.62
C ARG YC 387 38.32 -49.16 60.10
N THR YC 388 37.85 -50.22 60.77
CA THR YC 388 37.51 -50.17 62.18
C THR YC 388 38.43 -51.07 62.99
N PHE YC 389 38.82 -50.61 64.18
CA PHE YC 389 39.61 -51.37 65.14
C PHE YC 389 38.88 -51.52 66.46
N TYR YC 390 38.87 -52.76 66.98
CA TYR YC 390 38.19 -53.12 68.22
C TYR YC 390 39.22 -53.58 69.24
N THR YC 391 38.90 -53.37 70.52
CA THR YC 391 39.75 -53.79 71.63
C THR YC 391 38.88 -54.40 72.73
N LYS YC 392 39.43 -55.46 73.32
CA LYS YC 392 38.87 -56.13 74.49
C LYS YC 392 39.12 -55.36 75.78
N LEU YC 393 38.21 -55.55 76.75
CA LEU YC 393 38.33 -54.96 78.07
C LEU YC 393 38.15 -56.02 79.15
N ILE YC 394 38.73 -55.72 80.32
CA ILE YC 394 38.74 -56.64 81.46
C ILE YC 394 37.32 -56.92 81.94
N GLY YC 395 37.14 -58.09 82.56
CA GLY YC 395 35.81 -58.59 82.84
C GLY YC 395 35.14 -59.21 81.62
N GLU YC 396 35.85 -60.16 80.99
CA GLU YC 396 35.49 -60.60 79.64
C GLU YC 396 34.08 -61.19 79.59
N ARG YC 397 33.60 -61.73 80.72
CA ARG YC 397 32.23 -62.22 80.75
C ARG YC 397 31.22 -61.07 80.76
N ASN YC 398 31.57 -59.98 81.44
CA ASN YC 398 30.83 -58.73 81.30
C ASN YC 398 31.25 -58.02 80.01
N VAL YC 399 31.08 -58.76 78.91
CA VAL YC 399 31.88 -58.54 77.71
C VAL YC 399 31.77 -57.09 77.25
N ALA YC 400 32.92 -56.51 76.89
CA ALA YC 400 32.93 -55.14 76.39
C ALA YC 400 34.00 -55.02 75.32
N LEU YC 401 33.65 -54.34 74.24
CA LEU YC 401 34.59 -53.88 73.23
C LEU YC 401 34.51 -52.37 73.10
N GLU YC 402 35.67 -51.75 72.92
CA GLU YC 402 35.73 -50.35 72.52
C GLU YC 402 36.56 -50.21 71.27
N HIS YC 403 36.18 -49.26 70.40
CA HIS YC 403 36.60 -49.31 69.02
C HIS YC 403 36.64 -47.90 68.46
N VAL YC 404 37.35 -47.75 67.35
CA VAL YC 404 37.42 -46.49 66.62
C VAL YC 404 37.59 -46.79 65.14
N THR YC 405 37.16 -45.85 64.30
CA THR YC 405 37.25 -46.03 62.86
C THR YC 405 38.06 -44.91 62.23
N TYR YC 406 39.06 -45.30 61.43
CA TYR YC 406 39.92 -44.40 60.68
C TYR YC 406 39.48 -44.37 59.23
N GLY YC 407 39.70 -43.22 58.58
CA GLY YC 407 39.34 -43.09 57.18
C GLY YC 407 40.08 -41.99 56.48
N THR YC 408 40.29 -42.18 55.18
CA THR YC 408 41.10 -41.26 54.38
C THR YC 408 40.69 -41.34 52.92
N MET YC 409 40.76 -40.18 52.26
CA MET YC 409 40.48 -40.00 50.85
C MET YC 409 41.66 -39.33 50.16
N ILE YC 410 41.84 -39.66 48.89
CA ILE YC 410 42.83 -39.01 48.05
C ILE YC 410 42.21 -38.80 46.67
N ARG YC 411 42.31 -37.58 46.18
CA ARG YC 411 42.00 -37.23 44.80
C ARG YC 411 43.25 -36.61 44.22
N VAL YC 412 43.54 -36.91 42.95
CA VAL YC 412 44.76 -36.41 42.34
C VAL YC 412 44.60 -36.26 40.84
N LEU YC 413 45.32 -35.28 40.31
CA LEU YC 413 45.45 -35.06 38.87
C LEU YC 413 46.91 -34.78 38.51
N PRO YC 414 47.61 -35.72 37.84
CA PRO YC 414 49.03 -35.52 37.52
C PRO YC 414 49.33 -34.98 36.12
N ARG YC 415 50.45 -34.28 36.02
CA ARG YC 415 50.99 -33.66 34.82
C ARG YC 415 52.49 -33.90 34.73
N PHE YC 416 52.98 -34.28 33.54
CA PHE YC 416 54.40 -34.49 33.28
C PHE YC 416 55.08 -33.26 32.68
N SER YC 417 56.07 -32.74 33.41
CA SER YC 417 56.94 -31.68 32.93
C SER YC 417 57.92 -32.22 31.88
N ALA YC 418 58.45 -31.29 31.08
CA ALA YC 418 59.56 -31.62 30.18
C ALA YC 418 60.83 -31.99 30.95
N ASP YC 419 61.10 -31.31 32.06
CA ASP YC 419 62.25 -31.57 32.92
C ASP YC 419 62.19 -32.90 33.65
N GLY YC 420 61.16 -33.70 33.42
CA GLY YC 420 60.88 -34.88 34.19
C GLY YC 420 60.32 -34.60 35.57
N GLN YC 421 60.05 -33.34 35.89
CA GLN YC 421 59.36 -33.03 37.13
C GLN YC 421 57.90 -33.42 36.97
N ILE YC 422 57.33 -33.96 38.04
CA ILE YC 422 55.92 -34.31 38.09
C ILE YC 422 55.19 -33.26 38.91
N GLU YC 423 54.09 -32.76 38.37
CA GLU YC 423 53.23 -31.76 38.98
C GLU YC 423 51.86 -32.37 39.20
N MET YC 424 51.23 -32.05 40.31
CA MET YC 424 49.92 -32.66 40.52
C MET YC 424 49.06 -31.80 41.42
N SER YC 425 47.76 -31.85 41.14
CA SER YC 425 46.72 -31.22 41.96
C SER YC 425 46.19 -32.23 42.98
N LEU YC 426 46.28 -31.88 44.28
CA LEU YC 426 46.03 -32.83 45.35
C LEU YC 426 45.15 -32.25 46.44
N ASP YC 427 44.30 -33.10 47.00
CA ASP YC 427 43.52 -32.79 48.20
C ASP YC 427 43.38 -34.08 48.99
N ILE YC 428 43.47 -33.99 50.31
CA ILE YC 428 43.47 -35.15 51.19
C ILE YC 428 42.68 -34.86 52.45
N GLU YC 429 41.67 -35.69 52.71
CA GLU YC 429 40.97 -35.77 53.98
C GLU YC 429 41.48 -37.00 54.72
N ASP YC 430 41.93 -36.81 55.96
CA ASP YC 430 42.41 -37.94 56.74
C ASP YC 430 42.13 -37.80 58.22
N GLY YC 431 41.76 -38.90 58.87
CA GLY YC 431 41.60 -38.84 60.30
C GLY YC 431 40.76 -39.97 60.86
N ASN YC 432 40.23 -39.72 62.05
CA ASN YC 432 39.25 -40.56 62.71
C ASN YC 432 37.97 -39.81 63.05
N ASP YC 433 36.91 -40.59 63.24
CA ASP YC 433 35.61 -40.07 63.62
C ASP YC 433 35.61 -39.54 65.06
N LYS YC 434 35.17 -38.29 65.22
CA LYS YC 434 35.07 -37.65 66.52
C LYS YC 434 34.30 -38.50 67.53
N THR YC 435 34.88 -38.62 68.73
CA THR YC 435 34.27 -39.40 69.81
C THR YC 435 32.85 -38.92 70.10
N PRO YC 436 32.00 -39.82 70.58
CA PRO YC 436 30.62 -39.43 70.89
C PRO YC 436 30.40 -38.70 72.20
N GLN YC 437 31.33 -37.87 72.66
CA GLN YC 437 31.14 -37.12 73.90
C GLN YC 437 30.86 -38.05 75.09
N SER YC 438 31.57 -39.17 75.17
CA SER YC 438 31.16 -40.27 76.03
C SER YC 438 32.39 -40.98 76.58
N ASP YC 439 32.15 -41.87 77.54
CA ASP YC 439 33.22 -42.47 78.32
C ASP YC 439 34.06 -43.49 77.55
N THR YC 440 35.29 -43.65 78.04
CA THR YC 440 36.34 -44.47 77.45
C THR YC 440 37.28 -44.81 78.60
N THR YC 441 38.25 -45.69 78.34
CA THR YC 441 39.20 -46.09 79.37
C THR YC 441 40.62 -45.89 78.87
N THR YC 442 41.55 -45.65 79.80
CA THR YC 442 42.95 -45.42 79.43
C THR YC 442 43.57 -46.57 78.65
N SER YC 443 43.05 -47.78 78.79
CA SER YC 443 43.45 -48.86 77.88
C SER YC 443 42.88 -48.64 76.49
N VAL YC 444 41.61 -48.25 76.39
CA VAL YC 444 41.03 -48.00 75.08
C VAL YC 444 41.73 -46.83 74.41
N ASP YC 445 42.28 -45.94 75.20
CA ASP YC 445 43.17 -44.93 74.64
C ASP YC 445 44.44 -45.55 74.09
N ALA YC 446 44.57 -46.89 74.13
CA ALA YC 446 45.49 -47.58 73.26
C ALA YC 446 44.99 -47.66 71.83
N LEU YC 447 43.72 -47.38 71.59
CA LEU YC 447 43.26 -46.99 70.26
C LEU YC 447 43.45 -45.49 70.13
N PRO YC 448 44.44 -45.02 69.40
CA PRO YC 448 44.97 -43.68 69.63
C PRO YC 448 44.17 -42.62 68.90
N GLU YC 449 44.08 -41.45 69.52
CA GLU YC 449 43.55 -40.30 68.81
C GLU YC 449 44.52 -39.83 67.75
N VAL YC 450 43.96 -39.48 66.59
CA VAL YC 450 44.57 -38.54 65.66
C VAL YC 450 43.49 -37.54 65.28
N GLY YC 451 43.92 -36.37 64.83
CA GLY YC 451 43.00 -35.33 64.49
C GLY YC 451 42.15 -35.69 63.29
N ARG YC 452 41.49 -34.67 62.76
CA ARG YC 452 40.85 -34.70 61.46
C ARG YC 452 41.44 -33.57 60.63
N THR YC 453 42.03 -33.91 59.49
CA THR YC 453 42.81 -32.93 58.74
C THR YC 453 42.38 -32.93 57.29
N LEU YC 454 42.36 -31.74 56.71
CA LEU YC 454 42.08 -31.54 55.30
C LEU YC 454 43.14 -30.64 54.70
N ILE YC 455 43.67 -31.05 53.55
CA ILE YC 455 44.70 -30.30 52.85
C ILE YC 455 44.33 -30.24 51.38
N SER YC 456 44.57 -29.11 50.74
CA SER YC 456 44.31 -28.98 49.31
C SER YC 456 45.27 -28.00 48.68
N THR YC 457 46.05 -28.45 47.71
CA THR YC 457 47.16 -27.66 47.18
C THR YC 457 47.64 -28.24 45.86
N ILE YC 458 48.57 -27.52 45.25
CA ILE YC 458 49.24 -27.91 44.01
C ILE YC 458 50.72 -28.04 44.30
N ALA YC 459 51.33 -29.12 43.83
CA ALA YC 459 52.75 -29.33 44.11
C ALA YC 459 53.46 -29.90 42.90
N ARG YC 460 54.70 -29.47 42.73
CA ARG YC 460 55.60 -29.95 41.68
C ARG YC 460 56.89 -30.39 42.35
N VAL YC 461 57.34 -31.59 42.01
CA VAL YC 461 58.53 -32.17 42.64
C VAL YC 461 59.32 -32.94 41.59
N PRO YC 462 60.65 -32.91 41.64
CA PRO YC 462 61.43 -33.72 40.70
C PRO YC 462 61.18 -35.20 40.90
N HIS YC 463 61.31 -35.94 39.82
CA HIS YC 463 61.11 -37.38 39.83
C HIS YC 463 61.86 -38.08 40.95
N GLY YC 464 61.14 -38.84 41.77
CA GLY YC 464 61.72 -39.61 42.84
C GLY YC 464 62.05 -38.86 44.12
N LYS YC 465 61.90 -37.55 44.16
CA LYS YC 465 62.15 -36.82 45.39
C LYS YC 465 60.89 -36.84 46.24
N SER YC 466 60.87 -36.04 47.31
CA SER YC 466 59.69 -35.97 48.17
C SER YC 466 59.60 -34.58 48.78
N LEU YC 467 58.39 -34.18 49.16
CA LEU YC 467 58.19 -32.86 49.74
C LEU YC 467 57.23 -32.92 50.92
N LEU YC 468 57.46 -32.03 51.87
CA LEU YC 468 56.57 -31.82 53.02
C LEU YC 468 55.44 -30.89 52.60
N VAL YC 469 54.25 -31.45 52.37
CA VAL YC 469 53.12 -30.61 52.01
C VAL YC 469 52.54 -29.90 53.23
N GLY YC 470 52.53 -30.54 54.39
CA GLY YC 470 51.97 -29.87 55.56
C GLY YC 470 52.20 -30.67 56.82
N GLY YC 471 51.98 -29.98 57.94
CA GLY YC 471 52.18 -30.58 59.24
C GLY YC 471 51.72 -29.64 60.34
N TYR YC 472 51.69 -30.20 61.55
CA TYR YC 472 51.20 -29.51 62.73
C TYR YC 472 51.97 -29.98 63.96
N THR YC 473 52.25 -29.04 64.85
CA THR YC 473 52.95 -29.34 66.10
C THR YC 473 52.30 -28.61 67.25
N ARG YC 474 52.10 -29.31 68.37
CA ARG YC 474 51.51 -28.69 69.55
C ARG YC 474 52.31 -29.07 70.77
N ASP YC 475 52.61 -28.07 71.61
CA ASP YC 475 53.33 -28.27 72.85
C ASP YC 475 52.69 -27.46 73.97
N ALA YC 476 52.45 -28.09 75.12
CA ALA YC 476 51.76 -27.40 76.20
C ALA YC 476 52.22 -27.90 77.56
N ASN YC 477 52.19 -27.01 78.54
CA ASN YC 477 52.57 -27.31 79.91
C ASN YC 477 51.63 -26.61 80.88
N THR YC 478 51.26 -27.32 81.94
CA THR YC 478 50.34 -26.80 82.97
C THR YC 478 50.84 -27.17 84.36
N ASP YC 479 50.60 -26.26 85.30
CA ASP YC 479 51.03 -26.42 86.68
C ASP YC 479 50.09 -25.68 87.61
N THR YC 480 49.69 -26.33 88.71
CA THR YC 480 48.81 -25.69 89.68
C THR YC 480 49.13 -26.18 91.08
N VAL YC 481 48.86 -25.32 92.06
CA VAL YC 481 49.06 -25.64 93.47
C VAL YC 481 47.97 -24.99 94.32
N GLN YC 482 47.55 -25.68 95.38
CA GLN YC 482 46.53 -25.19 96.31
C GLN YC 482 46.99 -25.48 97.73
N SER YC 483 46.61 -24.60 98.66
CA SER YC 483 47.05 -24.77 100.04
C SER YC 483 46.26 -23.86 100.96
N ILE YC 484 46.22 -24.25 102.24
CA ILE YC 484 45.70 -23.43 103.33
C ILE YC 484 46.64 -22.26 103.55
N PRO YC 485 46.16 -21.02 103.44
CA PRO YC 485 47.05 -19.86 103.54
C PRO YC 485 48.13 -19.84 104.62
N PHE YC 486 47.79 -20.03 105.89
CA PHE YC 486 48.81 -20.01 106.94
C PHE YC 486 49.42 -21.39 107.22
N LEU YC 487 48.59 -22.42 107.37
CA LEU YC 487 49.08 -23.75 107.68
C LEU YC 487 49.97 -24.29 106.56
N GLY YC 488 49.63 -23.97 105.32
CA GLY YC 488 50.45 -24.39 104.19
C GLY YC 488 51.86 -23.84 104.23
N LYS YC 489 52.10 -22.80 105.01
CA LYS YC 489 53.42 -22.22 105.13
C LYS YC 489 54.19 -22.75 106.33
N LEU YC 490 53.63 -23.69 107.08
CA LEU YC 490 54.35 -24.22 108.23
C LEU YC 490 55.64 -24.89 107.76
N PRO YC 491 56.75 -24.72 108.48
CA PRO YC 491 58.02 -25.25 107.98
C PRO YC 491 58.14 -26.77 107.97
N LEU YC 492 57.62 -27.45 108.99
CA LEU YC 492 57.79 -28.90 109.06
C LEU YC 492 56.76 -29.67 108.25
N ILE YC 493 55.47 -29.40 108.46
CA ILE YC 493 54.40 -30.20 107.89
C ILE YC 493 53.53 -29.44 106.89
N GLY YC 494 53.91 -28.21 106.55
CA GLY YC 494 53.10 -27.45 105.61
C GLY YC 494 52.75 -28.21 104.35
N SER YC 495 53.67 -29.05 103.88
CA SER YC 495 53.39 -29.91 102.72
C SER YC 495 52.15 -30.78 102.92
N LEU YC 496 51.84 -31.14 104.16
CA LEU YC 496 50.64 -31.90 104.42
C LEU YC 496 49.37 -31.17 103.98
N PHE YC 497 49.40 -29.85 103.94
CA PHE YC 497 48.24 -29.01 103.63
C PHE YC 497 48.22 -28.45 102.22
N ARG YC 498 48.94 -29.05 101.27
CA ARG YC 498 49.02 -28.51 99.93
C ARG YC 498 48.69 -29.58 98.90
N TYR YC 499 48.24 -29.10 97.75
CA TYR YC 499 47.89 -29.90 96.58
C TYR YC 499 48.54 -29.31 95.34
N SER YC 500 49.14 -30.17 94.52
CA SER YC 500 49.76 -29.72 93.28
C SER YC 500 49.48 -30.71 92.16
N SER YC 501 49.55 -30.20 90.94
CA SER YC 501 49.32 -30.98 89.73
C SER YC 501 50.18 -30.43 88.60
N LYS YC 502 50.67 -31.32 87.74
CA LYS YC 502 51.49 -30.95 86.60
C LYS YC 502 51.11 -31.77 85.37
N ASN YC 503 51.16 -31.13 84.21
CA ASN YC 503 50.83 -31.81 82.96
C ASN YC 503 51.68 -31.26 81.81
N LYS YC 504 52.08 -32.14 80.89
CA LYS YC 504 52.87 -31.73 79.74
C LYS YC 504 52.50 -32.57 78.53
N SER YC 505 52.45 -31.95 77.35
CA SER YC 505 52.07 -32.65 76.13
C SER YC 505 52.82 -32.13 74.92
N ASN YC 506 53.15 -33.04 74.00
CA ASN YC 506 53.91 -32.73 72.79
C ASN YC 506 53.48 -33.64 71.65
N VAL YC 507 53.01 -33.06 70.54
CA VAL YC 507 52.40 -33.81 69.45
C VAL YC 507 52.88 -33.28 68.10
N VAL YC 508 53.09 -34.19 67.15
CA VAL YC 508 53.53 -33.87 65.79
C VAL YC 508 52.76 -34.70 64.76
N ARG YC 509 52.41 -34.05 63.65
CA ARG YC 509 51.66 -34.66 62.55
C ARG YC 509 52.18 -34.11 61.22
N VAL YC 510 52.49 -34.98 60.25
CA VAL YC 510 53.05 -34.51 58.98
C VAL YC 510 52.58 -35.37 57.82
N PHE YC 511 52.60 -34.77 56.62
CA PHE YC 511 52.21 -35.42 55.36
C PHE YC 511 53.30 -35.24 54.30
N MET YC 512 53.90 -36.34 53.86
CA MET YC 512 54.96 -36.34 52.85
C MET YC 512 54.53 -37.17 51.64
N ILE YC 513 54.70 -36.60 50.45
CA ILE YC 513 54.34 -37.22 49.18
C ILE YC 513 55.60 -37.64 48.42
N GLU YC 514 55.47 -38.74 47.64
CA GLU YC 514 56.60 -39.32 46.93
C GLU YC 514 56.13 -40.01 45.64
N PRO YC 515 56.30 -39.39 44.48
CA PRO YC 515 55.89 -40.04 43.22
C PRO YC 515 56.96 -40.93 42.60
N LYS YC 516 56.49 -41.88 41.78
CA LYS YC 516 57.33 -42.79 41.00
C LYS YC 516 56.68 -43.03 39.65
N GLU YC 517 57.48 -43.02 38.58
CA GLU YC 517 57.02 -43.49 37.29
C GLU YC 517 57.06 -45.02 37.23
N ILE YC 518 56.00 -45.63 36.71
CA ILE YC 518 55.85 -47.07 36.56
C ILE YC 518 56.21 -47.47 35.14
N VAL YC 519 57.24 -48.31 35.02
CA VAL YC 519 57.79 -48.74 33.73
C VAL YC 519 57.44 -50.19 33.42
N ASP YC 520 57.76 -51.11 34.33
CA ASP YC 520 57.57 -52.53 34.05
C ASP YC 520 56.58 -53.20 35.00
N PRO YC 521 55.93 -54.29 34.55
CA PRO YC 521 55.01 -55.04 35.42
C PRO YC 521 55.63 -55.74 36.62
N LEU YC 522 54.75 -56.38 37.39
CA LEU YC 522 55.12 -57.10 38.60
C LEU YC 522 56.08 -58.25 38.33
N THR YC 523 56.99 -58.47 39.29
CA THR YC 523 57.96 -59.56 39.33
C THR YC 523 58.28 -59.91 40.77
N PRO YC 524 58.02 -61.14 41.24
CA PRO YC 524 57.37 -62.30 40.62
C PRO YC 524 55.94 -62.03 40.22
N ASP YC 525 55.34 -62.97 39.48
CA ASP YC 525 53.93 -62.85 39.16
C ASP YC 525 53.05 -62.90 40.40
N ALA YC 526 51.99 -62.11 40.35
CA ALA YC 526 50.97 -62.09 41.39
C ALA YC 526 50.54 -63.48 41.80
N SER YC 527 50.23 -64.34 40.84
CA SER YC 527 49.82 -65.71 41.17
C SER YC 527 50.89 -66.46 41.97
N GLU YC 528 52.16 -66.24 41.65
CA GLU YC 528 53.23 -66.87 42.42
C GLU YC 528 53.24 -66.38 43.85
N SER YC 529 53.23 -65.06 44.03
CA SER YC 529 53.20 -64.53 45.39
C SER YC 529 51.99 -65.04 46.16
N VAL YC 530 50.82 -65.06 45.52
CA VAL YC 530 49.60 -65.58 46.13
C VAL YC 530 49.79 -67.03 46.57
N ASN YC 531 50.33 -67.86 45.68
CA ASN YC 531 50.56 -69.25 46.04
C ASN YC 531 51.48 -69.38 47.25
N ASN YC 532 52.56 -68.61 47.26
CA ASN YC 532 53.47 -68.66 48.41
C ASN YC 532 52.73 -68.32 49.69
N ILE YC 533 52.00 -67.21 49.66
CA ILE YC 533 51.24 -66.78 50.83
C ILE YC 533 50.28 -67.87 51.31
N LEU YC 534 49.43 -68.35 50.41
CA LEU YC 534 48.45 -69.37 50.78
C LEU YC 534 49.09 -70.61 51.38
N LYS YC 535 50.14 -71.12 50.76
CA LYS YC 535 50.74 -72.35 51.28
C LYS YC 535 51.44 -72.11 52.61
N GLN YC 536 52.19 -71.02 52.74
CA GLN YC 536 52.79 -70.72 54.03
C GLN YC 536 51.74 -70.57 55.11
N SER YC 537 50.62 -69.92 54.78
CA SER YC 537 49.51 -69.76 55.70
C SER YC 537 48.76 -71.05 55.99
N GLY YC 538 48.93 -72.08 55.16
CA GLY YC 538 48.12 -73.27 55.33
C GLY YC 538 46.67 -73.10 54.92
N ALA YC 539 46.34 -71.98 54.29
CA ALA YC 539 45.00 -71.75 53.77
C ALA YC 539 44.73 -72.55 52.51
N TRP YC 540 45.78 -72.98 51.81
CA TRP YC 540 45.65 -73.72 50.57
C TRP YC 540 44.57 -74.79 50.63
N SER YC 541 43.88 -74.95 49.50
CA SER YC 541 42.74 -75.85 49.36
C SER YC 541 42.68 -76.61 48.05
N GLY YC 542 43.40 -76.18 47.01
CA GLY YC 542 43.35 -76.82 45.71
C GLY YC 542 43.67 -78.30 45.75
N ASP YC 543 44.26 -78.77 46.84
CA ASP YC 543 44.44 -80.21 47.05
C ASP YC 543 43.11 -80.95 47.02
N ASP YC 544 42.02 -80.28 47.36
CA ASP YC 544 40.74 -80.95 47.45
C ASP YC 544 40.46 -81.74 46.19
N LYS YC 545 40.34 -83.05 46.37
CA LYS YC 545 40.01 -83.97 45.29
C LYS YC 545 38.86 -83.47 44.43
N LEU YC 546 37.87 -82.83 45.06
CA LEU YC 546 36.68 -82.37 44.36
C LEU YC 546 36.88 -80.98 43.73
N GLN YC 547 37.22 -79.97 44.54
CA GLN YC 547 37.35 -78.62 44.02
C GLN YC 547 38.31 -78.51 42.83
N LYS YC 548 39.32 -79.38 42.75
CA LYS YC 548 40.22 -79.34 41.59
C LYS YC 548 39.45 -79.25 40.28
N TRP YC 549 38.35 -80.00 40.17
CA TRP YC 549 37.55 -80.01 38.94
C TRP YC 549 37.13 -78.63 38.50
N VAL YC 550 36.89 -77.73 39.43
CA VAL YC 550 36.48 -76.36 39.10
C VAL YC 550 37.70 -75.45 39.02
N ARG YC 551 38.49 -75.40 40.09
CA ARG YC 551 39.65 -74.52 40.11
C ARG YC 551 40.51 -74.68 38.86
N VAL YC 552 40.63 -75.90 38.34
CA VAL YC 552 41.42 -76.10 37.13
C VAL YC 552 41.00 -75.09 36.05
N TYR YC 553 39.70 -74.96 35.79
CA TYR YC 553 39.25 -74.00 34.79
C TYR YC 553 39.72 -72.59 35.09
N LEU YC 554 39.89 -72.26 36.37
CA LEU YC 554 40.30 -70.92 36.76
C LEU YC 554 41.82 -70.78 36.77
N ASP YC 555 42.52 -71.79 37.27
CA ASP YC 555 43.97 -71.75 37.34
C ASP YC 555 44.60 -72.20 36.04
N ARG YC 556 44.09 -73.26 35.44
CA ARG YC 556 44.63 -73.76 34.18
C ARG YC 556 44.09 -72.98 32.99
N GLY YC 557 42.78 -72.75 32.95
CA GLY YC 557 42.15 -72.14 31.80
C GLY YC 557 42.26 -72.96 30.53
N PRO ZC 29 34.95 -36.11 -84.73
CA PRO ZC 29 35.54 -37.29 -84.11
C PRO ZC 29 34.99 -38.59 -84.69
N VAL ZC 30 35.87 -39.58 -84.80
CA VAL ZC 30 35.54 -40.84 -85.45
C VAL ZC 30 34.86 -41.85 -84.51
N THR ZC 31 35.30 -41.95 -83.25
CA THR ZC 31 34.82 -43.04 -82.40
C THR ZC 31 34.44 -42.63 -80.98
N GLY ZC 32 33.67 -43.53 -80.37
CA GLY ZC 32 33.19 -43.41 -79.00
C GLY ZC 32 32.28 -42.25 -78.65
N SER ZC 33 32.68 -41.47 -77.65
CA SER ZC 33 31.88 -40.33 -77.21
C SER ZC 33 32.77 -39.23 -76.67
N GLY ZC 34 32.18 -38.05 -76.61
CA GLY ZC 34 32.84 -36.89 -76.04
C GLY ZC 34 32.02 -35.66 -76.36
N PHE ZC 35 32.61 -34.50 -76.09
CA PHE ZC 35 31.88 -33.25 -76.23
C PHE ZC 35 32.75 -32.21 -76.91
N VAL ZC 36 32.12 -31.39 -77.73
CA VAL ZC 36 32.80 -30.34 -78.47
C VAL ZC 36 32.20 -29.03 -78.03
N ALA ZC 37 33.02 -28.17 -77.44
CA ALA ZC 37 32.54 -27.00 -76.71
C ALA ZC 37 33.15 -25.74 -77.29
N LYS ZC 38 32.33 -24.70 -77.39
CA LYS ZC 38 32.70 -23.48 -78.12
C LYS ZC 38 32.17 -22.29 -77.32
N ASP ZC 39 33.01 -21.77 -76.44
CA ASP ZC 39 32.66 -20.62 -75.62
C ASP ZC 39 31.44 -20.92 -74.74
N ASP ZC 40 31.45 -22.07 -74.09
CA ASP ZC 40 30.32 -22.60 -73.36
C ASP ZC 40 30.48 -22.36 -71.87
N SER ZC 41 29.39 -21.95 -71.22
CA SER ZC 41 29.40 -21.85 -69.77
C SER ZC 41 29.69 -23.20 -69.13
N LEU ZC 42 30.44 -23.15 -68.04
CA LEU ZC 42 30.68 -24.36 -67.27
C LEU ZC 42 29.39 -25.05 -66.86
N ARG ZC 43 28.29 -24.32 -66.69
CA ARG ZC 43 27.04 -25.00 -66.33
C ARG ZC 43 26.56 -25.93 -67.43
N THR ZC 44 26.75 -25.58 -68.68
CA THR ZC 44 26.38 -26.50 -69.76
C THR ZC 44 27.43 -27.57 -69.93
N PHE ZC 45 28.69 -27.22 -69.71
CA PHE ZC 45 29.75 -28.20 -69.93
C PHE ZC 45 29.66 -29.34 -68.92
N PHE ZC 46 29.53 -29.05 -67.64
CA PHE ZC 46 29.47 -30.14 -66.68
C PHE ZC 46 28.18 -30.94 -66.81
N ASP ZC 47 27.11 -30.32 -67.29
CA ASP ZC 47 25.91 -31.10 -67.55
C ASP ZC 47 26.18 -32.12 -68.64
N ALA ZC 48 26.98 -31.76 -69.64
CA ALA ZC 48 27.28 -32.75 -70.66
C ALA ZC 48 28.07 -33.91 -70.10
N MET ZC 49 28.84 -33.70 -69.03
CA MET ZC 49 29.64 -34.74 -68.38
C MET ZC 49 28.83 -35.57 -67.40
N ALA ZC 50 27.62 -35.13 -67.05
CA ALA ZC 50 26.91 -35.75 -65.95
C ALA ZC 50 26.58 -37.21 -66.22
N LEU ZC 51 26.20 -37.56 -67.45
CA LEU ZC 51 25.79 -38.94 -67.70
C LEU ZC 51 26.96 -39.89 -67.50
N GLN ZC 52 28.14 -39.51 -67.96
CA GLN ZC 52 29.31 -40.34 -67.73
C GLN ZC 52 29.65 -40.42 -66.26
N LEU ZC 53 29.36 -39.36 -65.51
CA LEU ZC 53 29.54 -39.43 -64.06
C LEU ZC 53 28.47 -40.25 -63.37
N LYS ZC 54 27.35 -40.52 -64.03
CA LYS ZC 54 26.22 -41.25 -63.45
C LYS ZC 54 25.51 -40.49 -62.33
N GLU ZC 55 25.71 -39.18 -62.23
CA GLU ZC 55 25.16 -38.45 -61.10
C GLU ZC 55 24.72 -37.08 -61.59
N PRO ZC 56 23.71 -36.49 -60.96
CA PRO ZC 56 23.42 -35.08 -61.24
C PRO ZC 56 24.49 -34.15 -60.69
N VAL ZC 57 24.70 -33.05 -61.42
CA VAL ZC 57 25.78 -32.10 -61.16
C VAL ZC 57 25.18 -30.72 -60.93
N ILE ZC 58 25.71 -30.00 -59.94
CA ILE ZC 58 25.16 -28.73 -59.52
C ILE ZC 58 26.28 -27.70 -59.45
N VAL ZC 59 26.08 -26.55 -60.08
CA VAL ZC 59 27.12 -25.55 -60.27
C VAL ZC 59 26.62 -24.23 -59.73
N SER ZC 60 27.42 -23.58 -58.88
CA SER ZC 60 27.02 -22.31 -58.30
C SER ZC 60 27.01 -21.20 -59.36
N LYS ZC 61 26.28 -20.14 -59.04
CA LYS ZC 61 26.19 -18.99 -59.94
C LYS ZC 61 27.56 -18.38 -60.22
N MET ZC 62 28.35 -18.18 -59.18
CA MET ZC 62 29.68 -17.60 -59.35
C MET ZC 62 30.59 -18.45 -60.22
N ALA ZC 63 30.52 -19.77 -60.07
CA ALA ZC 63 31.29 -20.65 -60.95
C ALA ZC 63 30.78 -20.60 -62.38
N ALA ZC 64 29.47 -20.48 -62.58
CA ALA ZC 64 28.93 -20.51 -63.92
C ALA ZC 64 29.37 -19.35 -64.81
N ARG ZC 65 30.09 -18.36 -64.27
CA ARG ZC 65 30.57 -17.27 -65.12
C ARG ZC 65 31.70 -17.70 -66.05
N LYS ZC 66 32.47 -18.70 -65.67
CA LYS ZC 66 33.66 -19.05 -66.42
C LYS ZC 66 33.29 -19.72 -67.74
N LYS ZC 67 34.14 -19.53 -68.74
CA LYS ZC 67 33.89 -20.01 -70.08
C LYS ZC 67 35.00 -20.96 -70.49
N ILE ZC 68 34.68 -21.96 -71.32
CA ILE ZC 68 35.64 -22.93 -71.79
C ILE ZC 68 35.41 -23.21 -73.26
N THR ZC 69 36.48 -23.60 -73.96
CA THR ZC 69 36.36 -24.07 -75.33
C THR ZC 69 37.42 -25.11 -75.61
N GLY ZC 70 37.09 -26.06 -76.48
CA GLY ZC 70 38.01 -27.15 -76.74
C GLY ZC 70 37.31 -28.38 -77.29
N ASN ZC 71 37.86 -29.54 -76.97
CA ASN ZC 71 37.36 -30.81 -77.49
C ASN ZC 71 37.79 -31.92 -76.56
N PHE ZC 72 36.84 -32.67 -76.01
CA PHE ZC 72 37.13 -33.53 -74.88
C PHE ZC 72 36.54 -34.91 -75.09
N GLU ZC 73 37.15 -35.89 -74.44
CA GLU ZC 73 36.69 -37.27 -74.42
C GLU ZC 73 36.47 -37.71 -72.98
N PHE ZC 74 35.43 -38.52 -72.78
CA PHE ZC 74 35.06 -38.88 -71.42
C PHE ZC 74 35.42 -40.33 -71.10
N HIS ZC 75 36.71 -40.62 -71.12
CA HIS ZC 75 37.22 -41.94 -70.74
C HIS ZC 75 37.17 -42.15 -69.23
N ASP ZC 76 37.57 -41.14 -68.45
CA ASP ZC 76 37.55 -41.22 -67.00
C ASP ZC 76 37.21 -39.86 -66.43
N PRO ZC 77 35.92 -39.53 -66.40
CA PRO ZC 77 35.50 -38.23 -65.89
C PRO ZC 77 36.05 -37.88 -64.54
N ASN ZC 78 36.29 -38.85 -63.65
CA ASN ZC 78 36.81 -38.50 -62.33
C ASN ZC 78 38.19 -37.87 -62.43
N ALA ZC 79 39.08 -38.49 -63.19
CA ALA ZC 79 40.40 -37.91 -63.40
C ALA ZC 79 40.30 -36.56 -64.08
N LEU ZC 80 39.50 -36.48 -65.14
CA LEU ZC 80 39.38 -35.21 -65.84
C LEU ZC 80 38.85 -34.12 -64.92
N LEU ZC 81 37.83 -34.44 -64.15
CA LEU ZC 81 37.26 -33.51 -63.18
C LEU ZC 81 38.29 -33.03 -62.18
N GLU ZC 82 39.14 -33.91 -61.68
CA GLU ZC 82 40.13 -33.46 -60.70
C GLU ZC 82 41.15 -32.52 -61.35
N LYS ZC 83 41.67 -32.91 -62.50
CA LYS ZC 83 42.62 -32.05 -63.18
C LYS ZC 83 42.03 -30.68 -63.47
N LEU ZC 84 40.84 -30.64 -64.06
CA LEU ZC 84 40.21 -29.36 -64.35
C LEU ZC 84 39.90 -28.55 -63.11
N SER ZC 85 39.56 -29.19 -61.99
CA SER ZC 85 39.39 -28.45 -60.74
C SER ZC 85 40.66 -27.70 -60.36
N LEU ZC 86 41.81 -28.37 -60.44
CA LEU ZC 86 43.05 -27.68 -60.09
C LEU ZC 86 43.45 -26.62 -61.13
N GLN ZC 87 43.17 -26.86 -62.39
CA GLN ZC 87 43.54 -25.89 -63.42
C GLN ZC 87 42.64 -24.66 -63.43
N LEU ZC 88 41.36 -24.81 -63.14
CA LEU ZC 88 40.41 -23.70 -63.19
C LEU ZC 88 40.14 -23.08 -61.83
N GLY ZC 89 40.67 -23.64 -60.75
CA GLY ZC 89 40.43 -23.10 -59.43
C GLY ZC 89 39.09 -23.42 -58.82
N LEU ZC 90 38.50 -24.55 -59.19
CA LEU ZC 90 37.24 -24.97 -58.61
C LEU ZC 90 37.51 -25.88 -57.40
N ILE ZC 91 36.45 -26.11 -56.63
CA ILE ZC 91 36.44 -27.03 -55.51
C ILE ZC 91 35.17 -27.86 -55.70
N TRP ZC 92 35.22 -29.11 -55.30
CA TRP ZC 92 34.08 -29.98 -55.53
C TRP ZC 92 33.89 -30.99 -54.41
N TYR ZC 93 32.67 -31.50 -54.35
CA TYR ZC 93 32.26 -32.45 -53.33
C TYR ZC 93 31.25 -33.45 -53.89
N PHE ZC 94 31.05 -34.53 -53.13
CA PHE ZC 94 30.14 -35.59 -53.50
C PHE ZC 94 29.56 -36.23 -52.26
N ASP ZC 95 28.25 -36.07 -52.09
CA ASP ZC 95 27.50 -36.55 -50.94
C ASP ZC 95 26.97 -37.96 -51.10
N GLY ZC 96 27.13 -38.57 -52.27
CA GLY ZC 96 26.54 -39.84 -52.62
C GLY ZC 96 25.31 -39.74 -53.48
N GLN ZC 97 24.72 -38.55 -53.59
CA GLN ZC 97 23.55 -38.32 -54.43
C GLN ZC 97 23.80 -37.33 -55.55
N ALA ZC 98 24.63 -36.31 -55.33
CA ALA ZC 98 24.91 -35.33 -56.36
C ALA ZC 98 26.29 -34.74 -56.18
N ILE ZC 99 26.90 -34.33 -57.29
CA ILE ZC 99 28.19 -33.66 -57.28
C ILE ZC 99 27.99 -32.15 -57.26
N TYR ZC 100 28.68 -31.46 -56.35
CA TYR ZC 100 28.60 -30.01 -56.17
C TYR ZC 100 29.92 -29.35 -56.53
N ILE ZC 101 29.84 -28.30 -57.35
CA ILE ZC 101 31.01 -27.58 -57.85
C ILE ZC 101 30.88 -26.11 -57.45
N TYR ZC 102 31.90 -25.60 -56.78
CA TYR ZC 102 31.99 -24.23 -56.27
C TYR ZC 102 33.30 -23.57 -56.64
N ASP ZC 103 33.26 -22.26 -56.86
CA ASP ZC 103 34.47 -21.52 -57.14
C ASP ZC 103 35.28 -21.37 -55.85
N ALA ZC 104 36.59 -21.55 -55.95
CA ALA ZC 104 37.44 -21.68 -54.77
C ALA ZC 104 37.27 -20.57 -53.75
N SER ZC 105 36.97 -19.36 -54.18
CA SER ZC 105 36.84 -18.29 -53.21
C SER ZC 105 35.71 -18.52 -52.22
N GLU ZC 106 34.82 -19.48 -52.48
CA GLU ZC 106 33.70 -19.80 -51.60
C GLU ZC 106 34.02 -20.81 -50.49
N MET ZC 107 35.29 -21.16 -50.29
CA MET ZC 107 35.65 -21.98 -49.14
C MET ZC 107 35.05 -21.43 -47.85
N ARG ZC 108 34.72 -22.34 -46.94
CA ARG ZC 108 34.19 -22.00 -45.62
C ARG ZC 108 35.09 -22.55 -44.53
N ASN ZC 109 35.07 -21.89 -43.37
CA ASN ZC 109 35.88 -22.27 -42.22
C ASN ZC 109 35.05 -22.14 -40.95
N ALA ZC 110 35.21 -23.09 -40.02
CA ALA ZC 110 34.52 -22.98 -38.75
C ALA ZC 110 35.32 -23.66 -37.64
N VAL ZC 111 35.08 -23.20 -36.42
CA VAL ZC 111 35.62 -23.80 -35.20
C VAL ZC 111 34.47 -24.30 -34.34
N VAL ZC 112 34.57 -25.52 -33.82
CA VAL ZC 112 33.47 -26.16 -33.10
C VAL ZC 112 33.99 -26.69 -31.77
N SER ZC 113 33.18 -26.60 -30.73
CA SER ZC 113 33.52 -27.16 -29.43
C SER ZC 113 32.36 -27.93 -28.81
N LEU ZC 114 32.63 -29.13 -28.32
CA LEU ZC 114 31.65 -30.08 -27.82
C LEU ZC 114 31.98 -30.50 -26.40
N ARG ZC 115 30.96 -30.80 -25.60
CA ARG ZC 115 31.20 -31.30 -24.25
C ARG ZC 115 31.04 -32.81 -24.09
N ASN ZC 116 30.16 -33.46 -24.84
CA ASN ZC 116 29.86 -34.87 -24.61
C ASN ZC 116 30.28 -35.78 -25.76
N VAL ZC 117 31.13 -35.31 -26.66
CA VAL ZC 117 31.51 -36.12 -27.82
C VAL ZC 117 32.97 -35.81 -28.17
N SER ZC 118 33.83 -36.81 -28.08
CA SER ZC 118 35.18 -36.62 -28.59
C SER ZC 118 35.26 -36.75 -30.10
N LEU ZC 119 36.29 -36.10 -30.65
CA LEU ZC 119 36.46 -36.08 -32.09
C LEU ZC 119 36.57 -37.48 -32.65
N ASN ZC 120 37.18 -38.38 -31.90
CA ASN ZC 120 37.27 -39.76 -32.35
C ASN ZC 120 35.90 -40.42 -32.42
N GLU ZC 121 35.00 -40.03 -31.53
CA GLU ZC 121 33.65 -40.58 -31.58
C GLU ZC 121 32.89 -40.03 -32.77
N PHE ZC 122 33.17 -38.78 -33.15
CA PHE ZC 122 32.42 -38.20 -34.25
C PHE ZC 122 32.92 -38.74 -35.58
N ASN ZC 123 34.23 -38.97 -35.71
CA ASN ZC 123 34.75 -39.51 -36.96
C ASN ZC 123 34.13 -40.86 -37.27
N ASN ZC 124 33.88 -41.68 -36.24
CA ASN ZC 124 33.20 -42.96 -36.44
C ASN ZC 124 31.84 -42.76 -37.07
N PHE ZC 125 31.08 -41.78 -36.59
CA PHE ZC 125 29.78 -41.48 -37.17
C PHE ZC 125 29.91 -41.14 -38.64
N LEU ZC 126 30.81 -40.21 -38.97
CA LEU ZC 126 31.02 -39.90 -40.39
C LEU ZC 126 31.36 -41.12 -41.21
N LYS ZC 127 32.25 -41.98 -40.72
CA LYS ZC 127 32.61 -43.19 -41.46
C LYS ZC 127 31.41 -44.10 -41.68
N ARG ZC 128 30.69 -44.46 -40.62
CA ARG ZC 128 29.50 -45.29 -40.79
C ARG ZC 128 28.53 -44.68 -41.78
N SER ZC 129 28.31 -43.37 -41.69
CA SER ZC 129 27.47 -42.67 -42.65
C SER ZC 129 27.99 -42.77 -44.07
N GLY ZC 130 29.30 -42.91 -44.25
CA GLY ZC 130 29.88 -42.79 -45.57
C GLY ZC 130 29.95 -41.37 -46.07
N LEU ZC 131 29.99 -40.41 -45.16
CA LEU ZC 131 30.08 -38.99 -45.43
C LEU ZC 131 31.52 -38.52 -45.41
N TYR ZC 132 32.34 -39.19 -44.60
CA TYR ZC 132 33.75 -38.88 -44.48
C TYR ZC 132 34.42 -38.68 -45.84
N ASN ZC 133 35.14 -37.56 -45.95
CA ASN ZC 133 35.85 -37.12 -47.15
C ASN ZC 133 37.28 -36.80 -46.76
N LYS ZC 134 38.21 -37.66 -47.17
CA LYS ZC 134 39.62 -37.51 -46.82
C LYS ZC 134 40.33 -36.31 -47.44
N ASN ZC 135 39.72 -35.52 -48.31
CA ASN ZC 135 40.38 -34.27 -48.72
C ASN ZC 135 40.23 -33.15 -47.70
N TYR ZC 136 39.18 -33.18 -46.89
CA TYR ZC 136 38.90 -32.10 -45.93
C TYR ZC 136 38.63 -32.64 -44.53
N PRO ZC 137 39.47 -33.52 -44.02
CA PRO ZC 137 39.20 -34.10 -42.71
C PRO ZC 137 39.21 -33.08 -41.59
N LEU ZC 138 38.55 -33.44 -40.49
CA LEU ZC 138 38.57 -32.63 -39.28
C LEU ZC 138 39.97 -32.66 -38.69
N ARG ZC 139 40.45 -31.49 -38.28
CA ARG ZC 139 41.78 -31.33 -37.71
C ARG ZC 139 41.72 -30.92 -36.25
N GLY ZC 140 42.26 -31.77 -35.37
CA GLY ZC 140 42.24 -31.46 -33.95
C GLY ZC 140 42.84 -32.57 -33.12
N ASP ZC 141 42.52 -32.58 -31.82
CA ASP ZC 141 42.96 -33.63 -30.91
C ASP ZC 141 41.87 -34.69 -30.72
N ASN ZC 142 42.16 -35.90 -31.18
CA ASN ZC 142 41.19 -37.00 -31.08
C ASN ZC 142 40.66 -37.22 -29.67
N ARG ZC 143 41.43 -36.88 -28.65
CA ARG ZC 143 40.96 -37.05 -27.28
C ARG ZC 143 39.97 -35.96 -26.86
N LYS ZC 144 40.23 -34.72 -27.25
CA LYS ZC 144 39.41 -33.57 -26.88
C LYS ZC 144 38.15 -33.46 -27.74
N GLY ZC 145 37.42 -32.38 -27.54
CA GLY ZC 145 36.23 -32.07 -28.31
C GLY ZC 145 36.20 -30.73 -29.01
N THR ZC 146 37.36 -30.14 -29.29
CA THR ZC 146 37.45 -28.85 -29.97
C THR ZC 146 38.21 -29.04 -31.27
N PHE ZC 147 37.59 -28.65 -32.38
CA PHE ZC 147 38.19 -28.92 -33.68
C PHE ZC 147 37.89 -27.82 -34.70
N TYR ZC 148 38.72 -27.81 -35.74
CA TYR ZC 148 38.66 -26.92 -36.90
C TYR ZC 148 38.24 -27.66 -38.16
N VAL ZC 149 37.28 -27.10 -38.91
CA VAL ZC 149 36.80 -27.71 -40.14
C VAL ZC 149 36.77 -26.67 -41.25
N SER ZC 150 37.21 -27.06 -42.44
CA SER ZC 150 37.23 -26.18 -43.60
C SER ZC 150 36.87 -26.92 -44.88
N GLY ZC 151 36.09 -26.28 -45.75
CA GLY ZC 151 35.71 -26.90 -46.99
C GLY ZC 151 34.53 -26.26 -47.71
N PRO ZC 152 33.99 -26.97 -48.71
CA PRO ZC 152 32.80 -26.50 -49.40
C PRO ZC 152 31.64 -26.22 -48.45
N PRO ZC 153 30.82 -25.23 -48.79
CA PRO ZC 153 29.66 -24.91 -47.94
C PRO ZC 153 28.76 -26.06 -47.55
N VAL ZC 154 28.37 -26.91 -48.50
CA VAL ZC 154 27.49 -28.03 -48.20
C VAL ZC 154 28.09 -28.95 -47.15
N TYR ZC 155 29.38 -29.18 -47.22
CA TYR ZC 155 30.07 -30.03 -46.25
C TYR ZC 155 30.17 -29.37 -44.89
N VAL ZC 156 30.73 -28.16 -44.85
CA VAL ZC 156 30.90 -27.48 -43.57
C VAL ZC 156 29.56 -27.30 -42.85
N ASP ZC 157 28.54 -26.82 -43.54
CA ASP ZC 157 27.24 -26.60 -42.92
C ASP ZC 157 26.59 -27.89 -42.47
N MET ZC 158 26.96 -29.02 -43.07
CA MET ZC 158 26.44 -30.29 -42.63
C MET ZC 158 27.13 -30.72 -41.33
N VAL ZC 159 28.45 -30.78 -41.37
CA VAL ZC 159 29.24 -31.14 -40.19
C VAL ZC 159 28.84 -30.33 -38.96
N VAL ZC 160 28.81 -29.01 -39.09
CA VAL ZC 160 28.50 -28.18 -37.92
C VAL ZC 160 27.13 -28.51 -37.32
N ASN ZC 161 26.12 -28.70 -38.16
CA ASN ZC 161 24.80 -29.03 -37.66
C ASN ZC 161 24.77 -30.40 -37.01
N ALA ZC 162 25.23 -31.40 -37.72
CA ALA ZC 162 25.28 -32.74 -37.15
C ALA ZC 162 25.95 -32.77 -35.78
N ALA ZC 163 27.18 -32.26 -35.70
CA ALA ZC 163 27.88 -32.22 -34.42
C ALA ZC 163 27.10 -31.51 -33.32
N THR ZC 164 26.57 -30.33 -33.61
CA THR ZC 164 25.84 -29.60 -32.58
C THR ZC 164 24.61 -30.36 -32.07
N MET ZC 165 23.78 -30.86 -32.97
CA MET ZC 165 22.60 -31.59 -32.51
C MET ZC 165 22.96 -32.90 -31.84
N MET ZC 166 23.95 -33.61 -32.33
CA MET ZC 166 24.33 -34.87 -31.71
C MET ZC 166 24.86 -34.64 -30.31
N ASP ZC 167 25.51 -33.50 -30.08
CA ASP ZC 167 25.88 -33.15 -28.71
C ASP ZC 167 24.67 -32.88 -27.84
N LYS ZC 168 23.74 -32.05 -28.29
CA LYS ZC 168 22.62 -31.75 -27.41
C LYS ZC 168 21.73 -32.96 -27.15
N GLN ZC 169 21.65 -33.90 -28.08
CA GLN ZC 169 21.03 -35.17 -27.78
C GLN ZC 169 21.79 -35.96 -26.74
N ASN ZC 170 23.12 -35.97 -26.81
CA ASN ZC 170 23.88 -36.76 -25.85
C ASN ZC 170 23.99 -36.04 -24.51
N ASP ZC 171 22.85 -35.58 -23.99
CA ASP ZC 171 22.82 -34.81 -22.74
C ASP ZC 171 23.42 -35.57 -21.55
N GLY ZC 172 23.64 -36.88 -21.64
CA GLY ZC 172 24.23 -37.63 -20.54
C GLY ZC 172 23.36 -37.90 -19.32
N ILE ZC 173 22.06 -37.63 -19.37
CA ILE ZC 173 21.20 -37.75 -18.19
C ILE ZC 173 20.75 -39.22 -18.06
N GLU ZC 174 21.41 -39.95 -17.15
CA GLU ZC 174 21.01 -41.32 -16.83
C GLU ZC 174 19.71 -41.35 -16.04
N LEU ZC 175 18.88 -42.36 -16.33
CA LEU ZC 175 17.59 -42.51 -15.66
C LEU ZC 175 17.75 -42.81 -14.17
N GLY ZC 176 18.68 -43.69 -13.81
CA GLY ZC 176 18.85 -44.03 -12.41
C GLY ZC 176 17.74 -44.89 -11.84
N ARG ZC 177 17.32 -45.92 -12.58
CA ARG ZC 177 16.37 -46.89 -12.05
C ARG ZC 177 16.94 -47.63 -10.84
N GLN ZC 178 16.29 -47.46 -9.70
CA GLN ZC 178 16.89 -47.82 -8.41
C GLN ZC 178 16.95 -49.33 -8.16
N LYS ZC 179 18.15 -49.81 -7.85
CA LYS ZC 179 18.36 -51.14 -7.30
C LYS ZC 179 18.04 -51.15 -5.81
N ILE ZC 180 17.54 -52.30 -5.34
CA ILE ZC 180 17.35 -52.58 -3.91
C ILE ZC 180 18.25 -53.72 -3.50
N GLY ZC 181 19.19 -53.45 -2.60
CA GLY ZC 181 20.05 -54.47 -2.01
C GLY ZC 181 19.52 -54.94 -0.67
N VAL ZC 182 19.59 -56.25 -0.44
CA VAL ZC 182 19.31 -56.85 0.85
C VAL ZC 182 20.58 -57.55 1.32
N MET ZC 183 21.01 -57.28 2.55
CA MET ZC 183 22.32 -57.74 2.99
C MET ZC 183 22.24 -58.20 4.44
N ARG ZC 184 22.27 -59.51 4.67
CA ARG ZC 184 22.47 -60.01 6.02
C ARG ZC 184 23.82 -59.62 6.59
N LEU ZC 185 23.80 -59.22 7.85
CA LEU ZC 185 25.01 -59.09 8.64
C LEU ZC 185 25.33 -60.45 9.24
N ASN ZC 186 26.62 -60.72 9.41
CA ASN ZC 186 27.13 -61.99 9.88
C ASN ZC 186 27.72 -61.94 11.28
N ASN ZC 187 28.42 -60.86 11.64
CA ASN ZC 187 29.20 -60.82 12.87
C ASN ZC 187 28.68 -59.85 13.91
N THR ZC 188 27.60 -59.11 13.65
CA THR ZC 188 27.14 -58.12 14.60
C THR ZC 188 25.64 -57.88 14.45
N PHE ZC 189 25.05 -57.33 15.51
CA PHE ZC 189 23.65 -56.93 15.48
C PHE ZC 189 23.44 -55.70 14.61
N VAL ZC 190 22.37 -55.73 13.82
CA VAL ZC 190 22.07 -54.62 12.92
C VAL ZC 190 21.67 -53.37 13.69
N GLY ZC 191 20.93 -53.52 14.77
CA GLY ZC 191 20.37 -52.35 15.42
C GLY ZC 191 21.36 -51.59 16.28
N ASP ZC 192 20.92 -50.41 16.70
CA ASP ZC 192 21.60 -49.69 17.77
C ASP ZC 192 21.72 -50.57 19.00
N ARG ZC 193 22.88 -50.52 19.64
CA ARG ZC 193 23.21 -51.43 20.72
C ARG ZC 193 23.01 -50.72 22.04
N THR ZC 194 22.35 -51.39 22.98
CA THR ZC 194 21.98 -50.81 24.25
C THR ZC 194 22.41 -51.77 25.34
N TYR ZC 195 23.06 -51.25 26.37
CA TYR ZC 195 23.53 -52.06 27.49
C TYR ZC 195 22.94 -51.48 28.77
N ASN ZC 196 22.00 -52.22 29.35
CA ASN ZC 196 21.34 -51.87 30.60
C ASN ZC 196 22.22 -52.22 31.81
N LEU ZC 197 23.39 -51.60 31.87
CA LEU ZC 197 24.15 -51.67 33.11
C LEU ZC 197 23.38 -50.93 34.19
N ARG ZC 198 23.11 -51.61 35.30
CA ARG ZC 198 22.13 -51.10 36.25
C ARG ZC 198 22.51 -49.74 36.79
N ASP ZC 199 23.80 -49.44 36.88
CA ASP ZC 199 24.22 -48.13 37.35
C ASP ZC 199 24.31 -47.10 36.24
N GLN ZC 200 24.77 -47.49 35.04
CA GLN ZC 200 24.95 -46.53 33.96
C GLN ZC 200 24.74 -47.24 32.63
N LYS ZC 201 23.57 -47.03 32.05
CA LYS ZC 201 23.23 -47.53 30.73
C LYS ZC 201 24.16 -46.94 29.67
N MET ZC 202 24.38 -47.68 28.59
CA MET ZC 202 25.19 -47.17 27.49
C MET ZC 202 24.55 -47.47 26.15
N VAL ZC 203 24.71 -46.54 25.21
CA VAL ZC 203 24.14 -46.62 23.86
C VAL ZC 203 25.23 -46.47 22.81
N ILE ZC 204 25.16 -47.30 21.77
CA ILE ZC 204 26.10 -47.28 20.67
C ILE ZC 204 25.32 -47.23 19.36
N PRO ZC 205 25.63 -46.27 18.48
CA PRO ZC 205 24.89 -46.15 17.21
C PRO ZC 205 25.07 -47.34 16.29
N GLY ZC 206 23.99 -47.65 15.57
CA GLY ZC 206 24.04 -48.66 14.54
C GLY ZC 206 24.69 -48.19 13.25
N ILE ZC 207 25.17 -49.20 12.51
CA ILE ZC 207 25.83 -48.96 11.22
C ILE ZC 207 24.96 -48.08 10.32
N ALA ZC 208 23.70 -48.46 10.16
CA ALA ZC 208 22.78 -47.71 9.31
C ALA ZC 208 22.78 -46.21 9.62
N THR ZC 209 22.52 -45.86 10.87
CA THR ZC 209 22.47 -44.45 11.24
C THR ZC 209 23.83 -43.76 11.10
N ALA ZC 210 24.91 -44.43 11.52
CA ALA ZC 210 26.21 -43.79 11.41
C ALA ZC 210 26.58 -43.52 9.95
N ILE ZC 211 26.23 -44.43 9.06
CA ILE ZC 211 26.45 -44.21 7.63
C ILE ZC 211 25.58 -43.09 7.09
N GLU ZC 212 24.28 -43.10 7.39
CA GLU ZC 212 23.45 -42.05 6.84
C GLU ZC 212 23.82 -40.68 7.38
N ARG ZC 213 24.39 -40.63 8.59
CA ARG ZC 213 24.95 -39.38 9.08
C ARG ZC 213 26.18 -38.98 8.29
N LEU ZC 214 27.03 -39.94 7.93
CA LEU ZC 214 28.20 -39.59 7.13
C LEU ZC 214 27.82 -39.11 5.73
N LEU ZC 215 26.81 -39.72 5.12
CA LEU ZC 215 26.33 -39.27 3.81
C LEU ZC 215 25.39 -38.08 3.87
N GLN ZC 216 25.10 -37.57 5.05
CA GLN ZC 216 24.04 -36.58 5.22
C GLN ZC 216 24.23 -35.36 4.33
N GLY ZC 217 23.22 -35.11 3.48
CA GLY ZC 217 23.23 -34.00 2.54
C GLY ZC 217 24.32 -33.98 1.49
N GLU ZC 218 24.94 -35.10 1.20
CA GLU ZC 218 25.99 -35.14 0.21
C GLU ZC 218 25.51 -34.64 -1.14
N GLU ZC 219 26.46 -34.15 -1.96
CA GLU ZC 219 26.17 -33.63 -3.29
C GLU ZC 219 26.89 -34.34 -4.42
N GLN ZC 220 28.10 -34.84 -4.21
CA GLN ZC 220 28.92 -35.47 -5.23
C GLN ZC 220 28.78 -36.99 -5.18
N PRO ZC 221 29.09 -37.67 -6.27
CA PRO ZC 221 29.16 -39.13 -6.21
C PRO ZC 221 30.25 -39.66 -5.29
N LEU ZC 222 30.35 -40.98 -5.17
CA LEU ZC 222 31.30 -41.62 -4.27
C LEU ZC 222 32.16 -42.66 -4.98
N GLY ZC 223 33.29 -42.96 -4.35
CA GLY ZC 223 34.14 -44.03 -4.79
C GLY ZC 223 35.37 -44.12 -3.92
N ASN ZC 224 36.31 -44.96 -4.35
CA ASN ZC 224 37.63 -45.05 -3.75
C ASN ZC 224 37.58 -45.38 -2.26
N ILE ZC 225 36.56 -46.14 -1.85
CA ILE ZC 225 36.41 -46.47 -0.44
C ILE ZC 225 37.63 -47.25 0.04
N VAL ZC 226 38.35 -46.71 1.01
CA VAL ZC 226 39.58 -47.34 1.49
C VAL ZC 226 39.70 -47.13 2.99
N SER ZC 227 40.49 -48.01 3.62
CA SER ZC 227 40.85 -47.85 5.02
C SER ZC 227 41.59 -46.53 5.20
N LYS ZC 259 29.33 -40.98 -17.52
CA LYS ZC 259 29.60 -41.24 -16.12
C LYS ZC 259 28.35 -41.07 -15.27
N GLN ZC 260 28.29 -41.80 -14.16
CA GLN ZC 260 27.18 -41.67 -13.24
C GLN ZC 260 27.31 -40.37 -12.43
N ASN ZC 261 26.15 -39.82 -12.08
CA ASN ZC 261 26.09 -38.54 -11.38
C ASN ZC 261 25.21 -38.55 -10.14
N ALA ZC 262 24.41 -39.58 -9.91
CA ALA ZC 262 23.52 -39.63 -8.76
C ALA ZC 262 24.28 -39.37 -7.47
N ALA ZC 263 23.87 -38.30 -6.78
CA ALA ZC 263 24.47 -37.89 -5.52
C ALA ZC 263 24.14 -38.85 -4.39
N ALA ZC 264 25.13 -39.07 -3.53
CA ALA ZC 264 24.97 -39.88 -2.33
C ALA ZC 264 23.78 -39.45 -1.48
N GLY ZC 265 23.40 -38.18 -1.54
CA GLY ZC 265 22.25 -37.71 -0.78
C GLY ZC 265 20.95 -38.45 -1.06
N ASN ZC 266 20.91 -39.36 -2.04
CA ASN ZC 266 19.71 -40.14 -2.30
C ASN ZC 266 19.73 -41.52 -1.65
N ILE ZC 267 20.90 -42.06 -1.30
CA ILE ZC 267 20.97 -43.36 -0.66
C ILE ZC 267 20.14 -43.33 0.62
N LYS ZC 268 19.33 -44.37 0.80
CA LYS ZC 268 18.40 -44.51 1.91
C LYS ZC 268 18.61 -45.90 2.52
N ILE ZC 269 18.74 -45.96 3.83
CA ILE ZC 269 18.99 -47.20 4.57
C ILE ZC 269 17.92 -47.42 5.61
N VAL ZC 270 17.42 -48.66 5.69
CA VAL ZC 270 16.49 -49.07 6.74
C VAL ZC 270 17.00 -50.35 7.38
N ALA ZC 271 17.06 -50.37 8.70
CA ALA ZC 271 17.41 -51.55 9.47
C ALA ZC 271 16.24 -52.50 9.59
N TYR ZC 272 16.54 -53.80 9.60
CA TYR ZC 272 15.52 -54.85 9.70
C TYR ZC 272 16.01 -55.94 10.63
N PRO ZC 273 15.89 -55.73 11.94
CA PRO ZC 273 16.36 -56.72 12.92
C PRO ZC 273 15.71 -58.09 12.80
N ASP ZC 274 14.52 -58.18 12.22
CA ASP ZC 274 13.82 -59.46 12.20
C ASP ZC 274 14.57 -60.54 11.44
N THR ZC 275 15.45 -60.19 10.51
CA THR ZC 275 16.35 -61.16 9.90
C THR ZC 275 17.80 -60.70 10.02
N ASN ZC 276 18.08 -59.80 10.94
CA ASN ZC 276 19.40 -59.22 11.13
C ASN ZC 276 20.03 -58.79 9.82
N SER ZC 277 19.26 -58.10 8.99
CA SER ZC 277 19.70 -57.72 7.66
C SER ZC 277 19.41 -56.24 7.43
N LEU ZC 278 20.31 -55.59 6.69
CA LEU ZC 278 20.06 -54.25 6.16
C LEU ZC 278 19.30 -54.31 4.84
N LEU ZC 279 18.48 -53.28 4.62
CA LEU ZC 279 17.97 -52.95 3.30
C LEU ZC 279 18.59 -51.65 2.81
N VAL ZC 280 19.04 -51.64 1.56
CA VAL ZC 280 19.81 -50.55 0.97
C VAL ZC 280 19.17 -50.21 -0.37
N LYS ZC 281 19.16 -48.93 -0.70
CA LYS ZC 281 18.53 -48.47 -1.94
C LYS ZC 281 19.45 -47.49 -2.64
N GLY ZC 282 19.56 -47.62 -3.96
CA GLY ZC 282 20.34 -46.64 -4.71
C GLY ZC 282 20.44 -47.01 -6.16
N THR ZC 283 21.48 -46.53 -6.83
CA THR ZC 283 21.90 -47.13 -8.09
C THR ZC 283 22.75 -48.36 -7.83
N ALA ZC 284 22.97 -49.15 -8.89
CA ALA ZC 284 23.76 -50.37 -8.75
C ALA ZC 284 25.17 -50.07 -8.27
N GLU ZC 285 25.78 -49.01 -8.80
CA GLU ZC 285 27.10 -48.59 -8.33
C GLU ZC 285 27.07 -48.22 -6.87
N GLN ZC 286 26.07 -47.44 -6.48
CA GLN ZC 286 25.93 -47.05 -5.08
C GLN ZC 286 25.81 -48.27 -4.18
N VAL ZC 287 24.88 -49.17 -4.49
CA VAL ZC 287 24.65 -50.34 -3.67
C VAL ZC 287 25.88 -51.23 -3.58
N HIS ZC 288 26.68 -51.28 -4.64
CA HIS ZC 288 27.96 -51.99 -4.53
C HIS ZC 288 28.94 -51.28 -3.60
N PHE ZC 289 29.06 -49.97 -3.72
CA PHE ZC 289 29.90 -49.24 -2.77
C PHE ZC 289 29.46 -49.48 -1.33
N ILE ZC 290 28.16 -49.38 -1.07
CA ILE ZC 290 27.64 -49.65 0.26
C ILE ZC 290 28.04 -51.04 0.75
N GLU ZC 291 27.85 -52.05 -0.09
CA GLU ZC 291 28.28 -53.40 0.27
C GLU ZC 291 29.76 -53.47 0.64
N MET ZC 292 30.62 -52.92 -0.21
CA MET ZC 292 32.04 -52.88 0.08
C MET ZC 292 32.33 -52.19 1.41
N LEU ZC 293 31.58 -51.14 1.72
CA LEU ZC 293 31.77 -50.45 2.99
C LEU ZC 293 31.39 -51.35 4.17
N VAL ZC 294 30.17 -51.87 4.16
CA VAL ZC 294 29.69 -52.66 5.30
C VAL ZC 294 30.61 -53.85 5.57
N LYS ZC 295 31.06 -54.51 4.50
CA LYS ZC 295 32.01 -55.59 4.69
C LYS ZC 295 33.32 -55.12 5.30
N ALA ZC 296 33.63 -53.83 5.21
CA ALA ZC 296 34.78 -53.29 5.93
C ALA ZC 296 34.49 -53.05 7.39
N LEU ZC 297 33.23 -52.87 7.77
CA LEU ZC 297 32.89 -52.43 9.10
C LEU ZC 297 32.58 -53.56 10.08
N ASP ZC 298 31.82 -54.56 9.66
CA ASP ZC 298 31.43 -55.65 10.57
C ASP ZC 298 32.54 -56.72 10.74
N VAL ZC 299 33.63 -56.30 11.38
CA VAL ZC 299 34.61 -57.24 11.93
C VAL ZC 299 34.06 -58.04 13.10
N ALA ZC 300 34.62 -59.24 13.32
CA ALA ZC 300 34.36 -60.07 14.50
C ALA ZC 300 35.14 -59.60 15.74
N LYS ZC 301 34.50 -59.74 16.91
CA LYS ZC 301 35.09 -59.35 18.19
C LYS ZC 301 35.86 -60.45 18.93
N ARG ZC 302 37.00 -60.08 19.52
CA ARG ZC 302 37.73 -60.88 20.51
C ARG ZC 302 37.05 -60.94 21.88
N HIS ZC 303 37.28 -62.07 22.59
CA HIS ZC 303 36.85 -62.28 23.96
C HIS ZC 303 38.04 -62.08 24.92
N VAL ZC 304 37.83 -61.30 25.97
CA VAL ZC 304 38.83 -61.01 27.00
C VAL ZC 304 38.32 -61.42 28.38
N GLU ZC 305 39.05 -62.32 29.05
CA GLU ZC 305 38.83 -62.67 30.45
C GLU ZC 305 39.62 -61.75 31.37
N LEU ZC 306 38.98 -61.28 32.44
CA LEU ZC 306 39.59 -60.44 33.46
C LEU ZC 306 39.59 -61.17 34.79
N SER ZC 307 40.74 -61.20 35.46
CA SER ZC 307 40.87 -61.76 36.80
C SER ZC 307 41.40 -60.71 37.76
N LEU ZC 308 40.91 -60.72 38.99
CA LEU ZC 308 41.38 -59.79 40.01
C LEU ZC 308 41.71 -60.51 41.31
N TRP ZC 309 42.84 -60.15 41.90
CA TRP ZC 309 43.29 -60.65 43.20
C TRP ZC 309 43.14 -59.55 44.26
N ILE ZC 310 42.44 -59.88 45.35
CA ILE ZC 310 42.33 -59.03 46.53
C ILE ZC 310 42.95 -59.79 47.68
N VAL ZC 311 43.98 -59.21 48.29
CA VAL ZC 311 44.70 -59.90 49.36
C VAL ZC 311 44.74 -59.03 50.60
N ASP ZC 312 44.45 -59.64 51.76
CA ASP ZC 312 44.36 -58.91 53.02
C ASP ZC 312 44.99 -59.72 54.13
N LEU ZC 313 45.87 -59.09 54.91
CA LEU ZC 313 46.69 -59.77 55.90
C LEU ZC 313 46.73 -58.92 57.16
N ASN ZC 314 46.68 -59.58 58.33
CA ASN ZC 314 46.67 -58.81 59.57
C ASN ZC 314 47.35 -59.57 60.70
N LYS ZC 315 47.99 -58.81 61.60
CA LYS ZC 315 48.55 -59.35 62.84
C LYS ZC 315 48.41 -58.34 63.97
N SER ZC 316 48.28 -58.86 65.20
CA SER ZC 316 48.38 -57.99 66.37
C SER ZC 316 48.79 -58.74 67.63
N ASP ZC 317 49.47 -58.03 68.52
CA ASP ZC 317 49.84 -58.49 69.86
C ASP ZC 317 49.34 -57.54 70.93
N LEU ZC 318 48.85 -58.08 72.05
CA LEU ZC 318 48.35 -57.26 73.14
C LEU ZC 318 48.76 -57.78 74.51
N GLU ZC 319 49.09 -56.87 75.42
CA GLU ZC 319 49.49 -57.20 76.78
C GLU ZC 319 48.88 -56.20 77.74
N ARG ZC 320 48.39 -56.68 78.89
CA ARG ZC 320 48.10 -55.86 80.05
C ARG ZC 320 48.63 -56.55 81.31
N LEU ZC 321 49.24 -55.78 82.21
CA LEU ZC 321 49.66 -56.35 83.48
C LEU ZC 321 49.77 -55.29 84.56
N GLY ZC 322 49.40 -55.67 85.80
CA GLY ZC 322 49.65 -54.86 86.98
C GLY ZC 322 48.42 -54.62 87.83
N THR ZC 323 48.52 -53.61 88.70
CA THR ZC 323 47.61 -53.44 89.82
C THR ZC 323 47.02 -52.04 89.87
N SER ZC 324 45.84 -51.95 90.49
CA SER ZC 324 45.17 -50.69 90.82
C SER ZC 324 44.81 -50.68 92.30
N TRP ZC 325 44.93 -49.52 92.95
CA TRP ZC 325 44.86 -49.42 94.41
C TRP ZC 325 43.91 -48.32 94.86
N SER ZC 326 43.21 -48.58 95.96
CA SER ZC 326 42.37 -47.59 96.61
C SER ZC 326 42.17 -48.03 98.06
N GLY ZC 327 41.65 -47.14 98.89
CA GLY ZC 327 41.41 -47.52 100.28
C GLY ZC 327 40.86 -46.37 101.08
N SER ZC 328 40.41 -46.71 102.29
CA SER ZC 328 39.90 -45.69 103.21
C SER ZC 328 40.02 -46.17 104.64
N ILE ZC 329 40.17 -45.22 105.56
CA ILE ZC 329 40.31 -45.49 106.99
C ILE ZC 329 39.47 -44.50 107.78
N THR ZC 330 39.49 -44.68 109.10
CA THR ZC 330 38.79 -43.82 110.03
C THR ZC 330 39.52 -43.87 111.37
N ILE ZC 331 39.82 -42.71 111.93
CA ILE ZC 331 40.58 -42.61 113.17
C ILE ZC 331 39.80 -41.79 114.18
N GLY ZC 332 39.60 -42.38 115.37
CA GLY ZC 332 38.92 -41.74 116.49
C GLY ZC 332 37.49 -41.34 116.22
N ASP ZC 333 36.98 -41.74 115.06
CA ASP ZC 333 35.68 -41.32 114.56
C ASP ZC 333 35.60 -39.82 114.41
N LYS ZC 334 36.72 -39.13 114.56
CA LYS ZC 334 36.84 -37.71 114.29
C LYS ZC 334 37.26 -37.51 112.84
N LEU ZC 335 38.25 -38.29 112.40
CA LEU ZC 335 38.89 -38.03 111.12
C LEU ZC 335 38.79 -39.26 110.21
N GLY ZC 336 37.83 -39.18 109.30
CA GLY ZC 336 37.75 -40.10 108.18
C GLY ZC 336 38.79 -39.72 107.15
N VAL ZC 337 39.35 -40.73 106.49
CA VAL ZC 337 40.40 -40.51 105.51
C VAL ZC 337 40.17 -41.46 104.35
N SER ZC 338 40.41 -40.99 103.13
CA SER ZC 338 40.18 -41.79 101.96
C SER ZC 338 41.23 -41.48 100.91
N LEU ZC 339 41.45 -42.45 100.03
CA LEU ZC 339 42.44 -42.34 98.98
C LEU ZC 339 41.76 -42.55 97.64
N ASN ZC 340 42.19 -41.78 96.64
CA ASN ZC 340 41.70 -41.93 95.27
C ASN ZC 340 40.17 -41.83 95.19
N GLN ZC 341 39.64 -40.81 95.87
CA GLN ZC 341 38.20 -40.53 95.86
C GLN ZC 341 37.35 -41.67 96.39
N SER ZC 342 37.86 -42.47 97.33
CA SER ZC 342 37.00 -43.44 97.99
C SER ZC 342 36.12 -42.65 98.95
N SER ZC 343 35.31 -41.75 98.38
CA SER ZC 343 34.49 -40.77 99.10
C SER ZC 343 33.50 -41.38 100.08
N ILE ZC 344 33.33 -42.71 100.10
CA ILE ZC 344 32.30 -43.29 100.96
C ILE ZC 344 32.57 -42.98 102.43
N SER ZC 345 33.84 -42.95 102.83
CA SER ZC 345 34.23 -42.60 104.20
C SER ZC 345 33.52 -43.45 105.26
N THR ZC 346 33.02 -44.63 104.88
CA THR ZC 346 32.18 -45.45 105.74
C THR ZC 346 32.92 -46.62 106.36
N LEU ZC 347 34.10 -46.96 105.85
CA LEU ZC 347 34.86 -48.11 106.31
C LEU ZC 347 35.90 -47.69 107.36
N ASP ZC 348 35.81 -48.32 108.53
CA ASP ZC 348 36.57 -47.98 109.75
C ASP ZC 348 37.98 -48.54 109.68
N GLY ZC 349 38.78 -47.99 108.77
CA GLY ZC 349 40.08 -48.60 108.52
C GLY ZC 349 39.96 -50.00 108.02
N SER ZC 350 38.76 -50.36 107.56
CA SER ZC 350 38.41 -51.73 107.24
C SER ZC 350 38.41 -51.98 105.75
N ARG ZC 351 39.05 -51.13 104.96
CA ARG ZC 351 39.17 -51.45 103.55
C ARG ZC 351 40.38 -50.80 102.88
N PHE ZC 352 41.15 -51.66 102.24
CA PHE ZC 352 41.95 -51.31 101.08
C PHE ZC 352 41.51 -52.26 99.97
N ILE ZC 353 41.56 -51.80 98.74
CA ILE ZC 353 41.18 -52.63 97.61
C ILE ZC 353 42.30 -52.57 96.59
N ALA ZC 354 42.71 -53.73 96.11
CA ALA ZC 354 43.59 -53.88 94.97
C ALA ZC 354 42.85 -54.64 93.90
N ALA ZC 355 43.05 -54.26 92.64
CA ALA ZC 355 42.51 -55.00 91.51
C ALA ZC 355 43.65 -55.34 90.56
N VAL ZC 356 43.74 -56.61 90.21
CA VAL ZC 356 44.83 -57.13 89.40
C VAL ZC 356 44.31 -57.35 87.99
N ASN ZC 357 45.08 -56.92 87.00
CA ASN ZC 357 44.88 -57.30 85.62
C ASN ZC 357 46.12 -58.00 85.10
N ALA ZC 358 45.92 -59.08 84.35
CA ALA ZC 358 47.02 -59.80 83.74
C ALA ZC 358 46.47 -60.58 82.56
N LEU ZC 359 46.87 -60.20 81.35
CA LEU ZC 359 46.44 -60.94 80.18
C LEU ZC 359 47.39 -60.66 79.02
N GLU ZC 360 47.54 -61.66 78.15
CA GLU ZC 360 48.34 -61.53 76.95
C GLU ZC 360 47.72 -62.31 75.82
N GLU ZC 361 47.81 -61.78 74.60
CA GLU ZC 361 47.06 -62.34 73.48
C GLU ZC 361 47.78 -62.04 72.17
N LYS ZC 362 47.64 -62.97 71.22
CA LYS ZC 362 48.12 -62.80 69.87
C LYS ZC 362 47.02 -63.16 68.89
N LYS ZC 363 46.99 -62.49 67.75
CA LYS ZC 363 45.99 -62.76 66.74
C LYS ZC 363 46.59 -62.57 65.35
N GLN ZC 364 46.19 -63.44 64.41
CA GLN ZC 364 46.59 -63.30 63.01
C GLN ZC 364 45.48 -63.73 62.08
N ALA ZC 365 45.36 -63.05 60.94
CA ALA ZC 365 44.29 -63.35 59.99
C ALA ZC 365 44.77 -63.18 58.54
N THR ZC 366 44.05 -63.83 57.63
CA THR ZC 366 44.36 -63.85 56.20
C THR ZC 366 43.15 -64.10 55.33
N VAL ZC 367 42.98 -63.31 54.27
CA VAL ZC 367 41.85 -63.48 53.34
C VAL ZC 367 42.30 -63.22 51.91
N VAL ZC 368 41.90 -64.09 50.99
CA VAL ZC 368 42.20 -63.96 49.57
C VAL ZC 368 40.93 -64.16 48.76
N SER ZC 369 40.60 -63.19 47.91
CA SER ZC 369 39.43 -63.26 47.04
C SER ZC 369 39.84 -63.03 45.59
N ARG ZC 370 39.29 -63.80 44.66
CA ARG ZC 370 39.67 -63.69 43.26
C ARG ZC 370 38.50 -63.91 42.32
N PRO ZC 371 37.81 -62.84 41.93
CA PRO ZC 371 36.78 -62.96 40.89
C PRO ZC 371 37.34 -63.00 39.46
N VAL ZC 372 36.56 -63.64 38.60
CA VAL ZC 372 36.86 -63.80 37.17
C VAL ZC 372 35.62 -63.48 36.35
N LEU ZC 373 35.81 -62.75 35.25
CA LEU ZC 373 34.73 -62.32 34.39
C LEU ZC 373 35.13 -62.41 32.92
N LEU ZC 374 34.18 -62.76 32.06
CA LEU ZC 374 34.37 -62.78 30.62
C LEU ZC 374 33.69 -61.60 29.94
N THR ZC 375 34.35 -61.01 28.95
CA THR ZC 375 33.84 -59.82 28.29
C THR ZC 375 34.26 -59.85 26.83
N GLN ZC 376 33.62 -59.01 26.03
CA GLN ZC 376 34.05 -58.76 24.66
C GLN ZC 376 34.67 -57.38 24.51
N GLU ZC 377 35.57 -57.29 23.55
CA GLU ZC 377 36.22 -56.04 23.17
C GLU ZC 377 35.22 -54.91 22.98
N ASN ZC 378 35.51 -53.77 23.60
CA ASN ZC 378 34.70 -52.56 23.52
C ASN ZC 378 33.31 -52.70 24.14
N VAL ZC 379 33.09 -53.66 25.01
CA VAL ZC 379 31.78 -53.89 25.60
C VAL ZC 379 31.90 -53.78 27.12
N PRO ZC 380 31.13 -52.92 27.78
CA PRO ZC 380 31.18 -52.85 29.24
C PRO ZC 380 30.58 -54.08 29.89
N ALA ZC 381 31.12 -54.44 31.05
CA ALA ZC 381 30.62 -55.59 31.80
C ALA ZC 381 30.65 -55.28 33.28
N ILE ZC 382 29.70 -55.89 34.01
CA ILE ZC 382 29.55 -55.73 35.45
C ILE ZC 382 29.51 -57.09 36.12
N PHE ZC 383 30.19 -57.19 37.26
CA PHE ZC 383 30.18 -58.37 38.11
C PHE ZC 383 29.86 -57.90 39.52
N ASP ZC 384 28.88 -58.53 40.14
CA ASP ZC 384 28.46 -58.15 41.48
C ASP ZC 384 28.12 -59.39 42.30
N ASN ZC 385 28.74 -59.51 43.47
CA ASN ZC 385 28.56 -60.65 44.34
C ASN ZC 385 28.42 -60.22 45.79
N ASN ZC 386 27.63 -60.98 46.53
CA ASN ZC 386 27.34 -60.68 47.92
C ASN ZC 386 27.17 -61.98 48.67
N ARG ZC 387 27.79 -62.08 49.86
CA ARG ZC 387 27.66 -63.31 50.64
C ARG ZC 387 27.74 -63.04 52.12
N THR ZC 388 27.01 -63.86 52.89
CA THR ZC 388 26.91 -63.74 54.33
C THR ZC 388 27.48 -64.98 55.03
N PHE ZC 389 28.18 -64.77 56.13
CA PHE ZC 389 28.74 -65.86 56.92
C PHE ZC 389 28.30 -65.73 58.37
N TYR ZC 390 27.87 -66.85 58.93
CA TYR ZC 390 27.42 -66.99 60.29
C TYR ZC 390 28.47 -67.68 61.16
N THR ZC 391 28.33 -67.52 62.47
CA THR ZC 391 29.20 -68.17 63.43
C THR ZC 391 28.34 -68.79 64.53
N LYS ZC 392 28.60 -70.07 64.82
CA LYS ZC 392 28.01 -70.75 65.96
C LYS ZC 392 28.71 -70.33 67.24
N LEU ZC 393 27.92 -69.86 68.20
CA LEU ZC 393 28.44 -69.47 69.50
C LEU ZC 393 28.81 -70.71 70.30
N ILE ZC 394 29.57 -70.48 71.38
CA ILE ZC 394 29.73 -71.49 72.40
C ILE ZC 394 28.44 -71.66 73.19
N GLY ZC 395 28.13 -72.92 73.52
CA GLY ZC 395 26.98 -73.31 74.29
C GLY ZC 395 25.69 -73.39 73.51
N GLU ZC 396 24.89 -74.41 73.85
CA GLU ZC 396 23.54 -74.56 73.31
C GLU ZC 396 22.60 -73.47 73.80
N ARG ZC 397 22.96 -72.79 74.89
CA ARG ZC 397 22.04 -71.89 75.56
C ARG ZC 397 21.66 -70.70 74.69
N ASN ZC 398 22.64 -70.06 74.03
CA ASN ZC 398 22.37 -68.83 73.30
C ASN ZC 398 21.81 -69.14 71.92
N VAL ZC 399 20.50 -68.91 71.75
CA VAL ZC 399 19.78 -69.14 70.50
C VAL ZC 399 20.02 -68.08 69.43
N ALA ZC 400 20.82 -67.05 69.70
CA ALA ZC 400 21.23 -66.13 68.64
C ALA ZC 400 22.38 -66.69 67.81
N LEU ZC 401 22.75 -65.92 66.78
CA LEU ZC 401 23.98 -66.09 66.04
C LEU ZC 401 24.58 -64.72 65.73
N GLU ZC 402 25.88 -64.70 65.46
CA GLU ZC 402 26.57 -63.50 64.97
C GLU ZC 402 27.03 -63.72 63.53
N HIS ZC 403 26.88 -62.69 62.70
CA HIS ZC 403 27.06 -62.85 61.27
C HIS ZC 403 27.60 -61.58 60.64
N VAL ZC 404 28.14 -61.73 59.43
CA VAL ZC 404 28.80 -60.66 58.70
C VAL ZC 404 28.53 -60.84 57.20
N THR ZC 405 28.55 -59.73 56.46
CA THR ZC 405 28.34 -59.79 55.02
C THR ZC 405 29.44 -59.08 54.24
N TYR ZC 406 29.85 -59.71 53.13
CA TYR ZC 406 30.89 -59.23 52.22
C TYR ZC 406 30.29 -58.95 50.86
N GLY ZC 407 30.48 -57.72 50.39
CA GLY ZC 407 30.00 -57.30 49.08
C GLY ZC 407 31.14 -56.83 48.20
N THR ZC 408 31.11 -57.27 46.94
CA THR ZC 408 32.22 -57.04 46.00
C THR ZC 408 31.66 -56.80 44.61
N MET ZC 409 31.98 -55.66 44.02
CA MET ZC 409 31.49 -55.36 42.68
C MET ZC 409 32.55 -54.66 41.83
N ILE ZC 410 32.56 -55.02 40.55
CA ILE ZC 410 33.54 -54.54 39.57
C ILE ZC 410 32.84 -54.25 38.24
N ARG ZC 411 33.27 -53.18 37.59
CA ARG ZC 411 32.79 -52.78 36.27
C ARG ZC 411 33.99 -52.48 35.39
N VAL ZC 412 33.97 -52.96 34.13
CA VAL ZC 412 35.14 -52.79 33.27
C VAL ZC 412 34.76 -52.67 31.79
N LEU ZC 413 35.63 -51.99 31.05
CA LEU ZC 413 35.56 -51.84 29.59
C LEU ZC 413 36.90 -52.19 28.93
N PRO ZC 414 37.00 -53.28 28.16
CA PRO ZC 414 38.27 -53.64 27.51
C PRO ZC 414 38.52 -53.00 26.14
N ARG ZC 415 39.78 -52.60 25.95
CA ARG ZC 415 40.31 -52.04 24.70
C ARG ZC 415 41.61 -52.72 24.30
N PHE ZC 416 41.70 -53.15 23.04
CA PHE ZC 416 42.89 -53.82 22.48
C PHE ZC 416 43.81 -52.84 21.77
N SER ZC 417 45.09 -52.91 22.13
CA SER ZC 417 46.15 -52.11 21.55
C SER ZC 417 47.05 -53.00 20.69
N ALA ZC 418 47.50 -52.46 19.56
CA ALA ZC 418 48.36 -53.19 18.63
C ALA ZC 418 49.64 -53.71 19.27
N ASP ZC 419 50.10 -53.10 20.36
CA ASP ZC 419 51.29 -53.58 21.06
C ASP ZC 419 51.05 -54.87 21.83
N GLY ZC 420 49.87 -55.47 21.72
CA GLY ZC 420 49.52 -56.60 22.55
C GLY ZC 420 49.17 -56.25 23.97
N GLN ZC 421 48.79 -55.01 24.22
CA GLN ZC 421 48.45 -54.54 25.55
C GLN ZC 421 46.94 -54.37 25.65
N ILE ZC 422 46.40 -54.71 26.81
CA ILE ZC 422 44.97 -54.55 27.10
C ILE ZC 422 44.80 -53.36 28.02
N GLU ZC 423 43.82 -52.51 27.70
CA GLU ZC 423 43.53 -51.29 28.44
C GLU ZC 423 42.11 -51.34 28.98
N MET ZC 424 41.94 -50.84 30.21
CA MET ZC 424 40.65 -50.93 30.88
C MET ZC 424 40.41 -49.69 31.73
N SER ZC 425 39.17 -49.23 31.74
CA SER ZC 425 38.67 -48.30 32.73
C SER ZC 425 38.00 -49.08 33.87
N LEU ZC 426 38.43 -48.84 35.10
CA LEU ZC 426 38.13 -49.72 36.22
C LEU ZC 426 37.53 -48.95 37.38
N ASP ZC 427 36.48 -49.53 37.96
CA ASP ZC 427 35.94 -49.12 39.24
C ASP ZC 427 35.72 -50.38 40.07
N ILE ZC 428 36.12 -50.31 41.34
CA ILE ZC 428 36.08 -51.47 42.22
C ILE ZC 428 35.55 -51.03 43.56
N GLU ZC 429 34.59 -51.78 44.10
CA GLU ZC 429 34.18 -51.62 45.49
C GLU ZC 429 34.23 -52.99 46.17
N ASP ZC 430 34.77 -53.01 47.38
CA ASP ZC 430 34.80 -54.26 48.14
C ASP ZC 430 34.73 -53.98 49.63
N GLY ZC 431 34.20 -54.94 50.37
CA GLY ZC 431 34.40 -54.92 51.81
C GLY ZC 431 33.32 -55.69 52.52
N ASN ZC 432 33.51 -55.82 53.83
CA ASN ZC 432 32.39 -56.17 54.68
C ASN ZC 432 31.55 -54.93 54.93
N ASP ZC 433 30.25 -55.15 55.08
CA ASP ZC 433 29.36 -54.07 55.48
C ASP ZC 433 29.55 -53.73 56.97
N LYS ZC 434 29.47 -52.44 57.27
CA LYS ZC 434 29.75 -51.93 58.61
C LYS ZC 434 28.87 -52.58 59.66
N THR ZC 435 29.50 -53.26 60.61
CA THR ZC 435 28.82 -53.84 61.76
C THR ZC 435 29.65 -53.46 62.98
N PRO ZC 436 29.71 -52.17 63.32
CA PRO ZC 436 30.68 -51.71 64.32
C PRO ZC 436 30.31 -52.14 65.71
N GLN ZC 437 29.06 -52.50 65.94
CA GLN ZC 437 28.58 -52.91 67.25
C GLN ZC 437 28.53 -54.43 67.38
N SER ZC 438 29.38 -55.15 66.65
CA SER ZC 438 29.52 -56.58 66.88
C SER ZC 438 29.75 -56.82 68.35
N ASP ZC 439 28.86 -57.60 68.96
CA ASP ZC 439 28.70 -57.56 70.40
C ASP ZC 439 29.80 -58.33 71.11
N THR ZC 440 29.91 -59.64 70.85
CA THR ZC 440 30.84 -60.47 71.60
C THR ZC 440 32.23 -60.39 70.99
N THR ZC 441 33.24 -60.43 71.85
CA THR ZC 441 34.63 -60.55 71.43
C THR ZC 441 34.84 -61.75 70.50
N THR ZC 442 34.23 -62.88 70.84
CA THR ZC 442 34.42 -64.09 70.07
C THR ZC 442 33.92 -63.99 68.63
N SER ZC 443 32.87 -63.21 68.38
CA SER ZC 443 32.43 -63.03 67.00
C SER ZC 443 33.45 -62.27 66.17
N VAL ZC 444 34.06 -61.23 66.74
CA VAL ZC 444 35.10 -60.51 66.01
C VAL ZC 444 36.31 -61.41 65.80
N ASP ZC 445 36.68 -62.17 66.82
CA ASP ZC 445 37.76 -63.13 66.65
C ASP ZC 445 37.43 -64.13 65.55
N ALA ZC 446 36.15 -64.50 65.44
CA ALA ZC 446 35.72 -65.47 64.43
C ALA ZC 446 35.66 -64.88 63.02
N LEU ZC 447 35.48 -63.58 62.87
CA LEU ZC 447 35.26 -62.99 61.55
C LEU ZC 447 36.25 -61.86 61.27
N PRO ZC 448 37.03 -61.94 60.19
CA PRO ZC 448 38.02 -60.90 59.90
C PRO ZC 448 37.38 -59.59 59.48
N GLU ZC 449 37.81 -58.51 60.13
CA GLU ZC 449 37.53 -57.16 59.67
C GLU ZC 449 38.33 -56.86 58.40
N VAL ZC 450 37.64 -56.48 57.33
CA VAL ZC 450 38.26 -56.11 56.06
C VAL ZC 450 37.60 -54.81 55.62
N GLY ZC 451 38.30 -53.71 55.81
CA GLY ZC 451 37.76 -52.38 55.55
C GLY ZC 451 37.22 -52.07 54.17
N ARG ZC 452 36.04 -51.46 54.19
CA ARG ZC 452 35.32 -51.03 53.01
C ARG ZC 452 36.15 -50.10 52.16
N THR ZC 453 36.44 -50.49 50.91
CA THR ZC 453 37.36 -49.74 50.08
C THR ZC 453 36.79 -49.57 48.68
N LEU ZC 454 37.07 -48.40 48.11
CA LEU ZC 454 36.62 -48.03 46.78
C LEU ZC 454 37.77 -47.45 45.99
N ILE ZC 455 37.92 -47.90 44.75
CA ILE ZC 455 39.00 -47.49 43.85
C ILE ZC 455 38.42 -47.18 42.49
N SER ZC 456 38.94 -46.13 41.85
CA SER ZC 456 38.53 -45.77 40.49
C SER ZC 456 39.74 -45.26 39.72
N THR ZC 457 40.05 -45.91 38.60
CA THR ZC 457 41.25 -45.54 37.85
C THR ZC 457 41.23 -46.17 36.46
N ILE ZC 458 42.22 -45.80 35.67
CA ILE ZC 458 42.42 -46.29 34.31
C ILE ZC 458 43.82 -46.88 34.21
N ALA ZC 459 43.93 -48.09 33.62
CA ALA ZC 459 45.22 -48.75 33.57
C ALA ZC 459 45.34 -49.62 32.32
N ARG ZC 460 46.59 -49.78 31.88
CA ARG ZC 460 46.98 -50.61 30.73
C ARG ZC 460 48.07 -51.58 31.15
N VAL ZC 461 48.04 -52.78 30.60
CA VAL ZC 461 49.02 -53.81 30.95
C VAL ZC 461 49.38 -54.68 29.75
N PRO ZC 462 50.64 -55.05 29.57
CA PRO ZC 462 50.98 -56.03 28.54
C PRO ZC 462 50.30 -57.35 28.79
N HIS ZC 463 49.80 -57.94 27.71
CA HIS ZC 463 49.08 -59.21 27.76
C HIS ZC 463 49.76 -60.26 28.63
N GLY ZC 464 48.98 -60.86 29.53
CA GLY ZC 464 49.43 -61.84 30.49
C GLY ZC 464 50.19 -61.32 31.68
N LYS ZC 465 50.68 -60.08 31.64
CA LYS ZC 465 51.30 -59.51 32.82
C LYS ZC 465 50.22 -59.13 33.83
N SER ZC 466 50.66 -58.74 35.03
CA SER ZC 466 49.76 -58.32 36.08
C SER ZC 466 50.28 -57.05 36.71
N LEU ZC 467 49.38 -56.28 37.31
CA LEU ZC 467 49.76 -55.00 37.91
C LEU ZC 467 49.06 -54.74 39.23
N LEU ZC 468 49.78 -54.10 40.14
CA LEU ZC 468 49.21 -53.54 41.35
C LEU ZC 468 48.55 -52.21 41.03
N VAL ZC 469 47.27 -52.06 41.39
CA VAL ZC 469 46.56 -50.81 41.17
C VAL ZC 469 46.51 -49.98 42.44
N GLY ZC 470 46.49 -50.60 43.60
CA GLY ZC 470 46.43 -49.85 44.83
C GLY ZC 470 46.56 -50.76 46.04
N GLY ZC 471 46.83 -50.12 47.17
CA GLY ZC 471 47.00 -50.87 48.40
C GLY ZC 471 47.00 -49.95 49.60
N TYR ZC 472 47.21 -50.55 50.76
CA TYR ZC 472 47.15 -49.83 52.03
C TYR ZC 472 47.91 -50.62 53.06
N THR ZC 473 48.80 -49.94 53.79
CA THR ZC 473 49.56 -50.55 54.87
C THR ZC 473 49.49 -49.69 56.12
N ARG ZC 474 49.26 -50.34 57.26
CA ARG ZC 474 49.16 -49.64 58.53
C ARG ZC 474 50.02 -50.35 59.56
N ASP ZC 475 50.78 -49.56 60.33
CA ASP ZC 475 51.64 -50.06 61.39
C ASP ZC 475 51.54 -49.16 62.60
N ALA ZC 476 51.27 -49.74 63.78
CA ALA ZC 476 51.06 -48.90 64.95
C ALA ZC 476 51.43 -49.63 66.22
N ASN ZC 477 51.85 -48.86 67.22
CA ASN ZC 477 52.20 -49.39 68.52
C ASN ZC 477 51.90 -48.38 69.62
N THR ZC 478 51.58 -48.88 70.81
CA THR ZC 478 51.30 -48.04 71.96
C THR ZC 478 51.86 -48.66 73.23
N ASP ZC 479 52.27 -47.78 74.14
CA ASP ZC 479 52.82 -48.13 75.44
C ASP ZC 479 52.25 -47.22 76.51
N THR ZC 480 51.86 -47.81 77.64
CA THR ZC 480 51.30 -47.04 78.75
C THR ZC 480 51.73 -47.65 80.08
N VAL ZC 481 51.98 -46.79 81.06
CA VAL ZC 481 52.37 -47.23 82.40
C VAL ZC 481 51.86 -46.23 83.42
N GLN ZC 482 51.34 -46.77 84.53
CA GLN ZC 482 50.79 -45.98 85.62
C GLN ZC 482 51.28 -46.54 86.95
N SER ZC 483 51.52 -45.65 87.92
CA SER ZC 483 52.00 -46.11 89.21
C SER ZC 483 51.74 -45.06 90.29
N ILE ZC 484 51.64 -45.53 91.52
CA ILE ZC 484 51.69 -44.64 92.70
C ILE ZC 484 53.04 -43.94 92.74
N PRO ZC 485 53.08 -42.63 93.00
CA PRO ZC 485 54.35 -41.90 92.84
C PRO ZC 485 55.52 -42.41 93.66
N PHE ZC 486 55.34 -42.64 94.97
CA PHE ZC 486 56.45 -42.95 95.85
C PHE ZC 486 56.77 -44.43 95.93
N LEU ZC 487 55.77 -45.31 95.86
CA LEU ZC 487 56.02 -46.74 95.99
C LEU ZC 487 56.57 -47.34 94.71
N GLY ZC 488 56.25 -46.72 93.56
CA GLY ZC 488 56.67 -47.23 92.28
C GLY ZC 488 58.16 -47.42 92.11
N LYS ZC 489 58.97 -46.91 93.05
CA LYS ZC 489 60.41 -47.05 92.92
C LYS ZC 489 61.00 -47.85 94.09
N LEU ZC 490 60.16 -48.45 94.92
CA LEU ZC 490 60.64 -49.28 96.02
C LEU ZC 490 61.31 -50.55 95.47
N PRO ZC 491 62.44 -50.95 96.05
CA PRO ZC 491 63.17 -52.12 95.50
C PRO ZC 491 62.41 -53.43 95.51
N LEU ZC 492 61.78 -53.80 96.62
CA LEU ZC 492 61.09 -55.09 96.71
C LEU ZC 492 59.59 -55.04 96.43
N ILE ZC 493 58.91 -53.91 96.62
CA ILE ZC 493 57.47 -53.86 96.43
C ILE ZC 493 57.04 -52.93 95.32
N GLY ZC 494 57.96 -52.20 94.70
CA GLY ZC 494 57.56 -51.31 93.62
C GLY ZC 494 56.73 -52.01 92.57
N SER ZC 495 57.10 -53.24 92.23
CA SER ZC 495 56.36 -54.03 91.26
C SER ZC 495 54.92 -54.31 91.70
N LEU ZC 496 54.61 -54.12 92.97
CA LEU ZC 496 53.26 -54.29 93.49
C LEU ZC 496 52.36 -53.08 93.22
N PHE ZC 497 52.93 -51.95 92.81
CA PHE ZC 497 52.23 -50.68 92.70
C PHE ZC 497 52.32 -50.08 91.29
N ARG ZC 498 52.47 -50.95 90.29
CA ARG ZC 498 52.60 -50.53 88.90
C ARG ZC 498 51.51 -51.17 88.04
N TYR ZC 499 51.18 -50.47 86.96
CA TYR ZC 499 50.26 -50.94 85.94
C TYR ZC 499 50.81 -50.53 84.58
N SER ZC 500 50.72 -51.44 83.60
CA SER ZC 500 51.15 -51.13 82.25
C SER ZC 500 50.37 -51.92 81.22
N SER ZC 501 50.42 -51.43 79.99
CA SER ZC 501 49.86 -52.16 78.84
C SER ZC 501 50.58 -51.77 77.56
N LYS ZC 502 50.64 -52.73 76.64
CA LYS ZC 502 51.36 -52.56 75.38
C LYS ZC 502 50.59 -53.21 74.23
N ASN ZC 503 50.72 -52.63 73.04
CA ASN ZC 503 49.86 -53.04 71.93
C ASN ZC 503 50.53 -52.78 70.58
N LYS ZC 504 50.64 -53.81 69.74
CA LYS ZC 504 51.25 -53.68 68.42
C LYS ZC 504 50.33 -54.25 67.34
N SER ZC 505 50.21 -53.55 66.20
CA SER ZC 505 49.37 -54.05 65.13
C SER ZC 505 49.87 -53.67 63.74
N ASN ZC 506 49.67 -54.59 62.78
CA ASN ZC 506 50.12 -54.41 61.40
C ASN ZC 506 49.09 -54.95 60.42
N VAL ZC 507 48.81 -54.19 59.36
CA VAL ZC 507 47.77 -54.51 58.39
C VAL ZC 507 48.27 -54.24 56.98
N VAL ZC 508 47.97 -55.15 56.05
CA VAL ZC 508 48.33 -55.00 54.63
C VAL ZC 508 47.17 -55.41 53.74
N ARG ZC 509 46.93 -54.63 52.68
CA ARG ZC 509 45.81 -54.90 51.77
C ARG ZC 509 46.19 -54.45 50.36
N VAL ZC 510 45.99 -55.32 49.35
CA VAL ZC 510 46.41 -55.01 47.99
C VAL ZC 510 45.43 -55.51 46.92
N PHE ZC 511 45.37 -54.75 45.81
CA PHE ZC 511 44.55 -54.99 44.63
C PHE ZC 511 45.42 -55.22 43.39
N MET ZC 512 45.37 -56.42 42.82
CA MET ZC 512 46.17 -56.79 41.66
C MET ZC 512 45.28 -57.27 40.53
N ILE ZC 513 45.56 -56.83 39.29
CA ILE ZC 513 44.75 -57.13 38.12
C ILE ZC 513 45.55 -57.93 37.10
N GLU ZC 514 44.88 -58.90 36.44
CA GLU ZC 514 45.46 -59.74 35.38
C GLU ZC 514 44.47 -60.13 34.27
N PRO ZC 515 44.57 -59.55 33.08
CA PRO ZC 515 43.75 -60.01 31.95
C PRO ZC 515 44.38 -61.12 31.13
N LYS ZC 516 43.51 -61.95 30.52
CA LYS ZC 516 43.90 -63.07 29.65
C LYS ZC 516 43.00 -63.11 28.43
N GLU ZC 517 43.57 -63.18 27.23
CA GLU ZC 517 42.77 -63.42 26.04
C GLU ZC 517 42.29 -64.87 25.99
N ILE ZC 518 41.00 -65.06 25.72
CA ILE ZC 518 40.36 -66.37 25.68
C ILE ZC 518 39.94 -66.69 24.25
N VAL ZC 519 40.47 -67.79 23.73
CA VAL ZC 519 40.16 -68.22 22.36
C VAL ZC 519 39.58 -69.63 22.28
N ASP ZC 520 39.80 -70.50 23.27
CA ASP ZC 520 39.34 -71.88 23.22
C ASP ZC 520 38.30 -72.15 24.31
N PRO ZC 521 37.25 -72.92 24.00
CA PRO ZC 521 36.30 -73.29 25.04
C PRO ZC 521 36.88 -74.23 26.09
N LEU ZC 522 36.05 -74.48 27.10
CA LEU ZC 522 36.39 -75.39 28.19
C LEU ZC 522 36.73 -76.79 27.71
N THR ZC 523 37.82 -77.33 28.26
CA THR ZC 523 38.26 -78.69 28.00
C THR ZC 523 38.64 -79.34 29.34
N PRO ZC 524 38.00 -80.44 29.74
CA PRO ZC 524 36.83 -81.19 29.29
C PRO ZC 524 35.54 -80.39 29.15
N ASP ZC 525 34.58 -80.96 28.43
CA ASP ZC 525 33.26 -80.38 28.37
C ASP ZC 525 32.67 -80.22 29.77
N ALA ZC 526 32.07 -79.05 30.00
CA ALA ZC 526 31.48 -78.71 31.30
C ALA ZC 526 30.68 -79.85 31.92
N SER ZC 527 29.76 -80.42 31.15
CA SER ZC 527 28.93 -81.52 31.63
C SER ZC 527 29.74 -82.68 32.21
N GLU ZC 528 30.87 -83.03 31.58
CA GLU ZC 528 31.66 -84.14 32.08
C GLU ZC 528 32.20 -83.83 33.48
N SER ZC 529 32.63 -82.60 33.70
CA SER ZC 529 33.12 -82.21 35.02
C SER ZC 529 31.98 -82.18 36.03
N VAL ZC 530 30.82 -81.70 35.61
CA VAL ZC 530 29.65 -81.73 36.50
C VAL ZC 530 29.34 -83.17 36.94
N ASN ZC 531 29.29 -84.09 35.97
CA ASN ZC 531 29.09 -85.50 36.28
C ASN ZC 531 30.11 -86.02 37.28
N ASN ZC 532 31.40 -85.75 37.03
CA ASN ZC 532 32.43 -86.18 37.96
C ASN ZC 532 32.18 -85.64 39.36
N ILE ZC 533 31.90 -84.34 39.45
CA ILE ZC 533 31.61 -83.71 40.73
C ILE ZC 533 30.48 -84.41 41.47
N LEU ZC 534 29.37 -84.61 40.78
CA LEU ZC 534 28.21 -85.25 41.41
C LEU ZC 534 28.52 -86.66 41.90
N LYS ZC 535 29.12 -87.48 41.05
CA LYS ZC 535 29.40 -88.86 41.45
C LYS ZC 535 30.41 -88.91 42.59
N GLN ZC 536 31.46 -88.12 42.52
CA GLN ZC 536 32.44 -88.09 43.60
C GLN ZC 536 31.86 -87.53 44.89
N SER ZC 537 30.91 -86.61 44.81
CA SER ZC 537 30.23 -86.10 46.00
C SER ZC 537 29.17 -87.05 46.54
N GLY ZC 538 28.78 -88.08 45.80
CA GLY ZC 538 27.57 -88.79 46.17
C GLY ZC 538 26.29 -88.02 45.96
N ALA ZC 539 26.37 -86.84 45.34
CA ALA ZC 539 25.18 -86.04 45.07
C ALA ZC 539 24.34 -86.66 43.96
N TRP ZC 540 24.92 -87.57 43.20
CA TRP ZC 540 24.24 -88.18 42.07
C TRP ZC 540 22.93 -88.84 42.45
N SER ZC 541 21.91 -88.59 41.62
CA SER ZC 541 20.67 -89.35 41.67
C SER ZC 541 20.07 -89.50 40.27
N GLY ZC 542 20.81 -89.17 39.22
CA GLY ZC 542 20.34 -89.12 37.85
C GLY ZC 542 19.96 -90.46 37.27
N ASP ZC 543 20.35 -91.54 37.92
CA ASP ZC 543 19.96 -92.89 37.55
C ASP ZC 543 18.75 -93.40 38.33
N ASP ZC 544 18.05 -92.52 39.04
CA ASP ZC 544 16.86 -92.93 39.75
C ASP ZC 544 15.89 -93.64 38.80
N LYS ZC 545 15.30 -94.73 39.31
CA LYS ZC 545 14.49 -95.62 38.50
C LYS ZC 545 13.37 -94.89 37.77
N LEU ZC 546 12.92 -93.76 38.32
CA LEU ZC 546 11.87 -92.98 37.71
C LEU ZC 546 12.36 -91.74 36.98
N GLN ZC 547 13.26 -90.98 37.59
CA GLN ZC 547 13.64 -89.70 37.00
C GLN ZC 547 14.33 -89.85 35.65
N LYS ZC 548 14.93 -91.01 35.37
CA LYS ZC 548 15.46 -91.29 34.04
C LYS ZC 548 14.50 -90.89 32.92
N TRP ZC 549 13.20 -91.11 33.13
CA TRP ZC 549 12.21 -90.86 32.08
C TRP ZC 549 12.18 -89.41 31.65
N VAL ZC 550 12.55 -88.50 32.55
CA VAL ZC 550 12.56 -87.07 32.27
C VAL ZC 550 13.97 -86.59 31.99
N ARG ZC 551 14.91 -86.94 32.86
CA ARG ZC 551 16.29 -86.51 32.71
C ARG ZC 551 16.88 -86.95 31.38
N VAL ZC 552 16.28 -87.92 30.72
CA VAL ZC 552 16.73 -88.29 29.38
C VAL ZC 552 16.73 -87.07 28.46
N TYR ZC 553 15.59 -86.35 28.38
CA TYR ZC 553 15.52 -85.26 27.40
C TYR ZC 553 16.47 -84.12 27.72
N LEU ZC 554 16.76 -83.89 28.99
CA LEU ZC 554 17.70 -82.84 29.40
C LEU ZC 554 19.13 -83.22 29.04
N ASP ZC 555 19.56 -84.41 29.46
CA ASP ZC 555 20.93 -84.85 29.28
C ASP ZC 555 21.17 -85.40 27.88
N ARG ZC 556 20.19 -86.06 27.28
CA ARG ZC 556 20.39 -86.68 25.98
C ARG ZC 556 20.19 -85.69 24.85
N GLY ZC 557 19.02 -85.06 24.79
CA GLY ZC 557 18.68 -84.19 23.66
C GLY ZC 557 17.96 -84.92 22.54
N GLU AD 26 -6.09 -39.48 -92.53
CA GLU AD 26 -5.40 -38.80 -93.63
C GLU AD 26 -4.92 -37.42 -93.24
N LYS AD 27 -5.68 -36.72 -92.41
CA LYS AD 27 -5.26 -35.37 -92.03
C LYS AD 27 -3.85 -35.38 -91.47
N ILE AD 28 -3.46 -36.44 -90.76
CA ILE AD 28 -2.07 -36.72 -90.47
C ILE AD 28 -1.57 -37.75 -91.49
N PRO AD 29 -0.64 -37.39 -92.38
CA PRO AD 29 -0.14 -38.38 -93.34
C PRO AD 29 0.79 -39.43 -92.77
N VAL AD 30 1.68 -39.06 -91.84
CA VAL AD 30 2.82 -39.90 -91.47
C VAL AD 30 2.37 -41.13 -90.69
N THR AD 31 2.82 -42.30 -91.16
CA THR AD 31 2.50 -43.60 -90.60
C THR AD 31 3.47 -44.04 -89.50
N GLY AD 32 2.98 -44.92 -88.63
CA GLY AD 32 3.74 -45.43 -87.50
C GLY AD 32 3.29 -44.96 -86.13
N SER AD 33 4.24 -44.58 -85.26
CA SER AD 33 3.89 -44.03 -83.96
C SER AD 33 5.01 -43.12 -83.49
N GLY AD 34 4.68 -42.22 -82.59
CA GLY AD 34 5.69 -41.43 -81.91
C GLY AD 34 5.11 -40.07 -81.55
N PHE AD 35 5.96 -39.25 -80.95
CA PHE AD 35 5.65 -37.86 -80.67
C PHE AD 35 6.65 -36.98 -81.35
N VAL AD 36 6.18 -36.00 -82.09
CA VAL AD 36 7.07 -35.16 -82.89
C VAL AD 36 7.07 -33.76 -82.30
N ALA AD 37 8.02 -33.49 -81.41
CA ALA AD 37 8.13 -32.19 -80.79
C ALA AD 37 8.84 -31.21 -81.71
N LYS AD 38 8.42 -29.95 -81.66
CA LYS AD 38 9.05 -28.88 -82.43
C LYS AD 38 9.15 -27.68 -81.51
N ASP AD 39 10.26 -27.59 -80.80
CA ASP AD 39 10.52 -26.52 -79.86
C ASP AD 39 9.41 -26.44 -78.81
N ASP AD 40 9.04 -27.59 -78.27
CA ASP AD 40 8.08 -27.68 -77.21
C ASP AD 40 8.72 -27.37 -75.87
N SER AD 41 8.02 -26.61 -75.03
CA SER AD 41 8.44 -26.52 -73.65
C SER AD 41 8.30 -27.89 -73.00
N LEU AD 42 9.21 -28.19 -72.08
CA LEU AD 42 9.13 -29.46 -71.37
C LEU AD 42 7.78 -29.68 -70.68
N ARG AD 43 7.10 -28.62 -70.26
CA ARG AD 43 5.79 -28.83 -69.65
C ARG AD 43 4.78 -29.40 -70.61
N THR AD 44 4.84 -29.03 -71.88
CA THR AD 44 3.93 -29.60 -72.86
C THR AD 44 4.51 -30.80 -73.57
N PHE AD 45 5.78 -31.13 -73.32
CA PHE AD 45 6.32 -32.41 -73.75
C PHE AD 45 5.93 -33.54 -72.83
N PHE AD 46 6.17 -33.39 -71.53
CA PHE AD 46 5.93 -34.47 -70.59
C PHE AD 46 4.45 -34.79 -70.39
N ASP AD 47 3.55 -33.91 -70.79
CA ASP AD 47 2.14 -34.30 -70.82
C ASP AD 47 1.87 -35.36 -71.88
N ALA AD 48 2.53 -35.27 -73.04
CA ALA AD 48 2.28 -36.31 -74.03
C ALA AD 48 2.79 -37.66 -73.57
N MET AD 49 3.81 -37.67 -72.72
CA MET AD 49 4.36 -38.88 -72.13
C MET AD 49 3.54 -39.38 -70.94
N ALA AD 50 2.65 -38.55 -70.41
CA ALA AD 50 1.95 -38.93 -69.21
C ALA AD 50 0.98 -40.08 -69.41
N LEU AD 51 0.36 -40.21 -70.58
CA LEU AD 51 -0.56 -41.34 -70.76
C LEU AD 51 0.17 -42.67 -70.72
N GLN AD 52 1.34 -42.74 -71.37
CA GLN AD 52 2.15 -43.95 -71.33
C GLN AD 52 2.66 -44.23 -69.93
N LEU AD 53 2.97 -43.18 -69.17
CA LEU AD 53 3.32 -43.37 -67.77
C LEU AD 53 2.13 -43.73 -66.89
N LYS AD 54 0.91 -43.43 -67.30
CA LYS AD 54 -0.28 -43.79 -66.53
C LYS AD 54 -0.32 -43.08 -65.18
N GLU AD 55 0.33 -41.92 -65.11
CA GLU AD 55 0.33 -41.07 -63.94
C GLU AD 55 0.29 -39.62 -64.41
N PRO AD 56 -0.32 -38.73 -63.63
CA PRO AD 56 -0.18 -37.30 -63.93
C PRO AD 56 1.23 -36.83 -63.62
N VAL AD 57 1.68 -35.84 -64.40
CA VAL AD 57 3.03 -35.30 -64.31
C VAL AD 57 2.99 -33.82 -63.97
N ILE AD 58 3.83 -33.41 -63.03
CA ILE AD 58 3.94 -32.03 -62.57
C ILE AD 58 5.36 -31.56 -62.87
N VAL AD 59 5.47 -30.42 -63.56
CA VAL AD 59 6.77 -29.89 -63.95
C VAL AD 59 6.99 -28.55 -63.24
N SER AD 60 8.09 -28.46 -62.50
CA SER AD 60 8.47 -27.22 -61.84
C SER AD 60 8.67 -26.07 -62.83
N LYS AD 61 8.32 -24.88 -62.38
CA LYS AD 61 8.37 -23.69 -63.23
C LYS AD 61 9.75 -23.50 -63.85
N MET AD 62 10.79 -23.62 -63.04
CA MET AD 62 12.15 -23.43 -63.55
C MET AD 62 12.52 -24.45 -64.60
N ALA AD 63 12.01 -25.68 -64.49
CA ALA AD 63 12.23 -26.67 -65.52
C ALA AD 63 11.44 -26.37 -66.78
N ALA AD 64 10.29 -25.75 -66.66
CA ALA AD 64 9.47 -25.49 -67.84
C ALA AD 64 10.10 -24.51 -68.82
N ARG AD 65 11.18 -23.83 -68.45
CA ARG AD 65 11.86 -22.94 -69.39
C ARG AD 65 12.64 -23.68 -70.47
N LYS AD 66 13.06 -24.91 -70.22
CA LYS AD 66 13.88 -25.62 -71.18
C LYS AD 66 13.07 -26.06 -72.40
N LYS AD 67 13.76 -26.23 -73.52
CA LYS AD 67 13.13 -26.52 -74.81
C LYS AD 67 13.71 -27.81 -75.37
N ILE AD 68 12.91 -28.55 -76.14
CA ILE AD 68 13.35 -29.80 -76.74
C ILE AD 68 12.75 -29.95 -78.13
N THR AD 69 13.48 -30.64 -78.99
CA THR AD 69 13.07 -30.84 -80.38
C THR AD 69 13.47 -32.24 -80.84
N GLY AD 70 12.73 -32.80 -81.78
CA GLY AD 70 13.04 -34.08 -82.36
C GLY AD 70 11.87 -35.03 -82.35
N ASN AD 71 12.13 -36.25 -82.83
CA ASN AD 71 11.13 -37.30 -83.00
C ASN AD 71 11.37 -38.42 -81.99
N PHE AD 72 10.39 -38.66 -81.12
CA PHE AD 72 10.59 -39.50 -79.95
C PHE AD 72 9.63 -40.68 -79.92
N GLU AD 73 10.11 -41.80 -79.37
CA GLU AD 73 9.35 -43.04 -79.21
C GLU AD 73 9.16 -43.36 -77.73
N PHE AD 74 7.91 -43.28 -77.25
CA PHE AD 74 7.61 -43.58 -75.86
C PHE AD 74 7.40 -45.06 -75.59
N HIS AD 75 8.35 -45.90 -76.02
CA HIS AD 75 8.17 -47.34 -75.90
C HIS AD 75 8.31 -47.84 -74.46
N ASP AD 76 9.33 -47.39 -73.73
CA ASP AD 76 9.49 -47.70 -72.31
C ASP AD 76 9.73 -46.44 -71.50
N PRO AD 77 8.67 -45.83 -70.98
CA PRO AD 77 8.83 -44.49 -70.41
C PRO AD 77 9.79 -44.39 -69.25
N ASN AD 78 9.81 -45.33 -68.30
CA ASN AD 78 10.70 -45.14 -67.15
C ASN AD 78 12.16 -45.10 -67.57
N ALA AD 79 12.52 -45.93 -68.54
CA ALA AD 79 13.89 -45.96 -69.04
C ALA AD 79 14.19 -44.73 -69.88
N LEU AD 80 13.20 -44.20 -70.58
CA LEU AD 80 13.46 -42.96 -71.31
C LEU AD 80 13.60 -41.79 -70.34
N LEU AD 81 12.72 -41.74 -69.36
CA LEU AD 81 12.68 -40.65 -68.40
C LEU AD 81 13.99 -40.53 -67.63
N GLU AD 82 14.53 -41.63 -67.12
CA GLU AD 82 15.79 -41.51 -66.37
C GLU AD 82 16.95 -41.08 -67.26
N LYS AD 83 17.01 -41.56 -68.49
CA LYS AD 83 18.09 -41.15 -69.38
C LYS AD 83 18.01 -39.68 -69.68
N LEU AD 84 16.82 -39.18 -70.03
CA LEU AD 84 16.71 -37.76 -70.29
C LEU AD 84 16.97 -36.94 -69.03
N SER AD 85 16.56 -37.43 -67.86
CA SER AD 85 16.92 -36.76 -66.62
C SER AD 85 18.41 -36.49 -66.54
N LEU AD 86 19.20 -37.51 -66.84
CA LEU AD 86 20.66 -37.35 -66.79
C LEU AD 86 21.18 -36.41 -67.87
N GLN AD 87 20.64 -36.48 -69.07
CA GLN AD 87 21.15 -35.61 -70.14
C GLN AD 87 20.74 -34.15 -69.93
N LEU AD 88 19.52 -33.88 -69.50
CA LEU AD 88 19.03 -32.51 -69.38
C LEU AD 88 19.30 -31.87 -68.03
N GLY AD 89 19.63 -32.64 -67.00
CA GLY AD 89 19.88 -32.05 -65.70
C GLY AD 89 18.68 -31.93 -64.80
N LEU AD 90 17.69 -32.79 -64.95
CA LEU AD 90 16.49 -32.79 -64.14
C LEU AD 90 16.62 -33.79 -63.01
N ILE AD 91 15.76 -33.64 -62.01
CA ILE AD 91 15.61 -34.59 -60.92
C ILE AD 91 14.13 -34.87 -60.82
N TRP AD 92 13.79 -36.10 -60.43
CA TRP AD 92 12.40 -36.50 -60.41
C TRP AD 92 12.10 -37.46 -59.26
N TYR AD 93 10.80 -37.55 -58.95
CA TYR AD 93 10.32 -38.39 -57.87
C TYR AD 93 8.93 -38.90 -58.18
N PHE AD 94 8.51 -39.92 -57.43
CA PHE AD 94 7.22 -40.56 -57.61
C PHE AD 94 6.67 -41.05 -56.28
N ASP AD 95 5.60 -40.40 -55.82
CA ASP AD 95 4.93 -40.66 -54.55
C ASP AD 95 3.93 -41.82 -54.61
N GLY AD 96 3.66 -42.35 -55.79
CA GLY AD 96 2.61 -43.32 -56.04
C GLY AD 96 1.34 -42.76 -56.64
N GLN AD 97 1.18 -41.45 -56.65
CA GLN AD 97 0.01 -40.80 -57.25
C GLN AD 97 0.39 -39.89 -58.40
N ALA AD 98 1.54 -39.22 -58.34
CA ALA AD 98 1.95 -38.33 -59.42
C ALA AD 98 3.46 -38.27 -59.50
N ILE AD 99 3.96 -38.03 -60.70
CA ILE AD 99 5.39 -37.82 -60.93
C ILE AD 99 5.73 -36.33 -60.87
N TYR AD 100 6.77 -35.99 -60.13
CA TYR AD 100 7.24 -34.62 -59.93
C TYR AD 100 8.61 -34.45 -60.55
N ILE AD 101 8.80 -33.36 -61.31
CA ILE AD 101 10.06 -33.09 -61.98
C ILE AD 101 10.51 -31.67 -61.68
N TYR AD 102 11.77 -31.53 -61.29
CA TYR AD 102 12.43 -30.30 -60.89
C TYR AD 102 13.76 -30.15 -61.60
N ASP AD 103 14.25 -28.91 -61.64
CA ASP AD 103 15.61 -28.68 -62.10
C ASP AD 103 16.60 -29.06 -60.99
N ALA AD 104 17.73 -29.62 -61.40
CA ALA AD 104 18.80 -30.01 -60.49
C ALA AD 104 19.20 -28.96 -59.47
N SER AD 105 19.20 -27.69 -59.85
CA SER AD 105 19.54 -26.64 -58.89
C SER AD 105 18.62 -26.62 -57.66
N GLU AD 106 17.40 -27.11 -57.78
CA GLU AD 106 16.46 -27.12 -56.66
C GLU AD 106 16.70 -28.16 -55.58
N MET AD 107 17.72 -29.01 -55.68
CA MET AD 107 18.00 -29.99 -54.62
C MET AD 107 17.98 -29.37 -53.23
N ARG AD 108 17.31 -30.04 -52.30
CA ARG AD 108 17.26 -29.61 -50.90
C ARG AD 108 17.84 -30.68 -50.01
N ASN AD 109 18.41 -30.26 -48.88
CA ASN AD 109 19.05 -31.19 -47.96
C ASN AD 109 18.95 -30.66 -46.54
N ALA AD 110 18.82 -31.57 -45.57
CA ALA AD 110 18.63 -31.20 -44.18
C ALA AD 110 19.21 -32.26 -43.26
N VAL AD 111 19.35 -31.87 -41.99
CA VAL AD 111 19.78 -32.74 -40.89
C VAL AD 111 18.66 -32.83 -39.88
N VAL AD 112 18.32 -34.07 -39.47
CA VAL AD 112 17.22 -34.32 -38.56
C VAL AD 112 17.71 -35.15 -37.39
N SER AD 113 17.23 -34.81 -36.20
CA SER AD 113 17.54 -35.53 -34.96
C SER AD 113 16.28 -35.88 -34.21
N LEU AD 114 16.18 -37.14 -33.78
CA LEU AD 114 15.00 -37.74 -33.19
C LEU AD 114 15.29 -38.19 -31.77
N ARG AD 115 14.37 -37.90 -30.86
CA ARG AD 115 14.56 -38.23 -29.45
C ARG AD 115 14.20 -39.68 -29.14
N ASN AD 116 13.10 -40.18 -29.67
CA ASN AD 116 12.52 -41.44 -29.22
C ASN AD 116 12.55 -42.56 -30.24
N VAL AD 117 13.14 -42.34 -31.41
CA VAL AD 117 13.03 -43.28 -32.52
C VAL AD 117 14.41 -43.46 -33.12
N SER AD 118 14.74 -44.70 -33.47
CA SER AD 118 15.97 -45.00 -34.17
C SER AD 118 15.78 -44.92 -35.68
N LEU AD 119 16.90 -44.68 -36.37
CA LEU AD 119 16.84 -44.59 -37.81
C LEU AD 119 16.35 -45.87 -38.45
N ASN AD 120 16.74 -47.02 -37.91
CA ASN AD 120 16.23 -48.27 -38.43
C ASN AD 120 14.75 -48.44 -38.14
N GLU AD 121 14.28 -47.86 -37.05
CA GLU AD 121 12.86 -47.88 -36.73
C GLU AD 121 12.05 -46.98 -37.65
N PHE AD 122 12.62 -45.87 -38.09
CA PHE AD 122 11.94 -45.00 -39.04
C PHE AD 122 11.96 -45.57 -40.45
N ASN AD 123 13.06 -46.18 -40.88
CA ASN AD 123 13.12 -46.74 -42.22
C ASN AD 123 11.96 -47.66 -42.51
N ASN AD 124 11.57 -48.49 -41.53
CA ASN AD 124 10.49 -49.41 -41.75
C ASN AD 124 9.19 -48.70 -42.06
N PHE AD 125 8.96 -47.54 -41.48
CA PHE AD 125 7.74 -46.82 -41.81
C PHE AD 125 7.74 -46.42 -43.28
N LEU AD 126 8.88 -45.99 -43.81
CA LEU AD 126 8.92 -45.62 -45.22
C LEU AD 126 8.74 -46.84 -46.11
N LYS AD 127 9.28 -47.98 -45.71
CA LYS AD 127 9.08 -49.19 -46.51
C LYS AD 127 7.61 -49.60 -46.53
N ARG AD 128 6.94 -49.52 -45.39
CA ARG AD 128 5.53 -49.90 -45.33
C ARG AD 128 4.68 -48.92 -46.13
N SER AD 129 4.96 -47.64 -45.99
CA SER AD 129 4.28 -46.60 -46.78
C SER AD 129 4.52 -46.75 -48.28
N GLY AD 130 5.63 -47.35 -48.68
CA GLY AD 130 5.95 -47.34 -50.10
C GLY AD 130 6.45 -46.02 -50.62
N LEU AD 131 7.07 -45.23 -49.75
CA LEU AD 131 7.62 -43.91 -50.04
C LEU AD 131 9.12 -43.97 -50.21
N TYR AD 132 9.75 -44.99 -49.65
CA TYR AD 132 11.18 -45.22 -49.76
C TYR AD 132 11.65 -45.16 -51.20
N ASN AD 133 12.83 -44.57 -51.38
CA ASN AD 133 13.45 -44.38 -52.70
C ASN AD 133 14.95 -44.59 -52.57
N LYS AD 134 15.43 -45.72 -53.08
CA LYS AD 134 16.83 -46.09 -53.02
C LYS AD 134 17.79 -45.12 -53.70
N ASN AD 135 17.32 -44.18 -54.49
CA ASN AD 135 18.25 -43.18 -55.03
C ASN AD 135 18.63 -42.12 -54.00
N TYR AD 136 17.77 -41.89 -53.02
CA TYR AD 136 17.98 -40.84 -52.02
C TYR AD 136 17.80 -41.36 -50.60
N PRO AD 137 18.44 -42.47 -50.27
CA PRO AD 137 18.25 -43.05 -48.95
C PRO AD 137 18.76 -42.15 -47.83
N LEU AD 138 18.27 -42.43 -46.63
CA LEU AD 138 18.77 -41.77 -45.43
C LEU AD 138 20.17 -42.27 -45.08
N ARG AD 139 21.02 -41.33 -44.70
CA ARG AD 139 22.41 -41.58 -44.34
C ARG AD 139 22.70 -41.30 -42.87
N GLY AD 140 23.14 -42.32 -42.15
CA GLY AD 140 23.45 -42.18 -40.75
C GLY AD 140 23.63 -43.53 -40.09
N ASP AD 141 23.93 -43.47 -38.79
CA ASP AD 141 24.07 -44.65 -37.95
C ASP AD 141 22.71 -45.24 -37.59
N ASN AD 142 22.42 -46.42 -38.14
CA ASN AD 142 21.15 -47.09 -37.90
C ASN AD 142 20.78 -47.17 -36.44
N ARG AD 143 21.75 -47.26 -35.54
CA ARG AD 143 21.42 -47.35 -34.13
C ARG AD 143 21.04 -45.99 -33.56
N LYS AD 144 21.77 -44.94 -33.95
CA LYS AD 144 21.51 -43.62 -33.42
C LYS AD 144 20.24 -43.02 -34.01
N GLY AD 145 19.86 -41.89 -33.45
CA GLY AD 145 18.73 -41.10 -33.90
C GLY AD 145 19.06 -39.81 -34.64
N THR AD 146 20.05 -39.81 -35.51
CA THR AD 146 20.41 -38.57 -36.20
C THR AD 146 20.86 -38.91 -37.61
N PHE AD 147 20.31 -38.21 -38.59
CA PHE AD 147 20.64 -38.51 -39.97
C PHE AD 147 20.58 -37.29 -40.86
N TYR AD 148 21.17 -37.44 -42.04
CA TYR AD 148 21.22 -36.47 -43.11
C TYR AD 148 20.39 -36.95 -44.29
N VAL AD 149 19.70 -36.03 -44.98
CA VAL AD 149 18.84 -36.39 -46.10
C VAL AD 149 18.93 -35.32 -47.17
N SER AD 150 18.91 -35.74 -48.43
CA SER AD 150 18.94 -34.81 -49.56
C SER AD 150 18.19 -35.35 -50.76
N GLY AD 151 17.58 -34.45 -51.52
CA GLY AD 151 16.81 -34.81 -52.70
C GLY AD 151 15.81 -33.77 -53.17
N PRO AD 152 14.80 -34.21 -53.92
CA PRO AD 152 13.76 -33.27 -54.35
C PRO AD 152 13.00 -32.68 -53.18
N PRO AD 153 12.59 -31.42 -53.29
CA PRO AD 153 11.81 -30.74 -52.24
C PRO AD 153 10.66 -31.48 -51.60
N VAL AD 154 9.71 -31.96 -52.41
CA VAL AD 154 8.56 -32.66 -51.86
C VAL AD 154 8.99 -33.84 -51.01
N TYR AD 155 10.04 -34.53 -51.42
CA TYR AD 155 10.53 -35.67 -50.67
C TYR AD 155 11.14 -35.23 -49.35
N VAL AD 156 12.09 -34.30 -49.40
CA VAL AD 156 12.72 -33.80 -48.19
C VAL AD 156 11.68 -33.32 -47.18
N ASP AD 157 10.79 -32.44 -47.62
CA ASP AD 157 9.76 -31.90 -46.73
C ASP AD 157 8.86 -32.97 -46.12
N MET AD 158 8.42 -33.95 -46.92
CA MET AD 158 7.62 -35.03 -46.36
C MET AD 158 8.38 -35.80 -45.30
N VAL AD 159 9.63 -36.15 -45.57
CA VAL AD 159 10.43 -36.88 -44.60
C VAL AD 159 10.58 -36.09 -43.30
N VAL AD 160 10.96 -34.82 -43.40
CA VAL AD 160 11.20 -34.02 -42.19
C VAL AD 160 9.93 -33.86 -41.36
N ASN AD 161 8.78 -33.69 -42.01
CA ASN AD 161 7.55 -33.62 -41.24
C ASN AD 161 7.24 -34.94 -40.56
N ALA AD 162 7.15 -36.03 -41.32
CA ALA AD 162 6.76 -37.29 -40.72
C ALA AD 162 7.67 -37.65 -39.54
N ALA AD 163 8.98 -37.47 -39.71
CA ALA AD 163 9.90 -37.75 -38.61
C ALA AD 163 9.66 -36.88 -37.39
N THR AD 164 9.41 -35.59 -37.61
CA THR AD 164 9.15 -34.72 -36.46
C THR AD 164 7.90 -35.12 -35.71
N MET AD 165 6.87 -35.59 -36.41
CA MET AD 165 5.65 -35.90 -35.67
C MET AD 165 5.69 -37.29 -35.03
N MET AD 166 6.29 -38.27 -35.71
CA MET AD 166 6.47 -39.55 -35.05
C MET AD 166 7.25 -39.39 -33.76
N ASP AD 167 8.24 -38.49 -33.74
CA ASP AD 167 8.98 -38.32 -32.49
C ASP AD 167 8.07 -37.85 -31.36
N LYS AD 168 7.24 -36.84 -31.64
CA LYS AD 168 6.33 -36.28 -30.64
C LYS AD 168 5.21 -37.20 -30.21
N GLN AD 169 5.00 -38.32 -30.89
CA GLN AD 169 4.00 -39.27 -30.39
C GLN AD 169 4.54 -40.25 -29.34
N ASN AD 170 5.83 -40.54 -29.35
CA ASN AD 170 6.38 -41.65 -28.60
C ASN AD 170 6.82 -41.29 -27.18
N ASP AD 171 6.65 -40.03 -26.76
CA ASP AD 171 6.84 -39.66 -25.38
C ASP AD 171 5.68 -40.06 -24.46
N GLY AD 172 4.53 -40.40 -25.03
CA GLY AD 172 3.30 -40.58 -24.27
C GLY AD 172 3.24 -41.83 -23.41
N ILE AD 173 4.20 -41.98 -22.50
CA ILE AD 173 4.09 -42.96 -21.42
C ILE AD 173 2.99 -42.55 -20.46
N GLU AD 174 1.97 -43.42 -20.33
CA GLU AD 174 0.79 -43.16 -19.51
C GLU AD 174 0.75 -44.14 -18.34
N LEU AD 175 0.57 -43.59 -17.13
CA LEU AD 175 0.24 -44.39 -15.95
C LEU AD 175 -1.21 -44.86 -16.01
N GLY AD 176 -1.41 -46.18 -15.91
CA GLY AD 176 -2.69 -46.79 -16.22
C GLY AD 176 -3.44 -47.42 -15.06
N ARG AD 177 -4.23 -48.44 -15.38
CA ARG AD 177 -5.04 -49.15 -14.39
C ARG AD 177 -4.21 -49.70 -13.25
N GLN AD 178 -4.75 -49.62 -12.04
CA GLN AD 178 -4.12 -50.19 -10.86
C GLN AD 178 -4.42 -51.69 -10.76
N LYS AD 179 -3.55 -52.41 -10.05
CA LYS AD 179 -3.77 -53.80 -9.67
C LYS AD 179 -3.68 -53.97 -8.16
N ILE AD 180 -4.49 -54.87 -7.61
CA ILE AD 180 -4.36 -55.33 -6.23
C ILE AD 180 -3.76 -56.72 -6.17
N GLY AD 181 -2.66 -56.87 -5.42
CA GLY AD 181 -2.12 -58.16 -5.05
C GLY AD 181 -2.38 -58.47 -3.59
N VAL AD 182 -2.97 -59.65 -3.35
CA VAL AD 182 -3.25 -60.16 -2.01
C VAL AD 182 -2.29 -61.30 -1.72
N MET AD 183 -1.50 -61.18 -0.66
CA MET AD 183 -0.28 -61.97 -0.51
C MET AD 183 -0.19 -62.53 0.90
N ARG AD 184 -0.35 -63.85 1.01
CA ARG AD 184 -0.17 -64.54 2.28
C ARG AD 184 1.30 -64.70 2.68
N LEU AD 185 1.58 -64.46 3.95
CA LEU AD 185 2.87 -64.79 4.55
C LEU AD 185 2.77 -66.16 5.18
N ASN AD 186 3.82 -66.96 5.01
CA ASN AD 186 3.85 -68.35 5.42
C ASN AD 186 4.83 -68.65 6.53
N ASN AD 187 5.74 -67.74 6.83
CA ASN AD 187 6.78 -68.03 7.82
C ASN AD 187 6.87 -67.00 8.93
N THR AD 188 6.03 -65.96 8.91
CA THR AD 188 6.11 -64.95 9.95
C THR AD 188 4.77 -64.23 10.08
N PHE AD 189 4.56 -63.66 11.26
CA PHE AD 189 3.41 -62.82 11.54
C PHE AD 189 3.52 -61.49 10.81
N VAL AD 190 2.41 -61.05 10.21
CA VAL AD 190 2.41 -59.82 9.43
C VAL AD 190 2.64 -58.57 10.27
N GLY AD 191 2.34 -58.60 11.55
CA GLY AD 191 2.46 -57.41 12.36
C GLY AD 191 3.86 -57.08 12.82
N ASP AD 192 4.00 -55.85 13.30
CA ASP AD 192 5.03 -55.48 14.26
C ASP AD 192 4.88 -56.31 15.52
N ARG AD 193 5.95 -56.36 16.32
CA ARG AD 193 5.93 -57.16 17.53
C ARG AD 193 6.45 -56.39 18.72
N THR AD 194 5.87 -56.68 19.89
CA THR AD 194 6.20 -56.00 21.13
C THR AD 194 6.31 -57.05 22.22
N TYR AD 195 7.36 -56.94 23.03
CA TYR AD 195 7.73 -57.96 24.01
C TYR AD 195 7.80 -57.32 25.40
N ASN AD 196 6.88 -57.73 26.28
CA ASN AD 196 6.74 -57.18 27.61
C ASN AD 196 7.73 -57.80 28.61
N LEU AD 197 9.01 -57.78 28.29
CA LEU AD 197 10.00 -58.35 29.20
C LEU AD 197 10.12 -57.48 30.44
N ARG AD 198 10.46 -58.13 31.56
CA ARG AD 198 10.43 -57.50 32.87
C ARG AD 198 11.06 -56.11 32.86
N ASP AD 199 12.22 -55.98 32.21
CA ASP AD 199 12.97 -54.73 32.23
C ASP AD 199 12.99 -54.02 30.89
N GLN AD 200 12.31 -54.54 29.87
CA GLN AD 200 12.48 -54.00 28.53
C GLN AD 200 11.28 -54.38 27.68
N LYS AD 201 10.43 -53.38 27.40
CA LYS AD 201 9.30 -53.50 26.49
C LYS AD 201 9.79 -53.36 25.05
N MET AD 202 10.45 -54.42 24.57
CA MET AD 202 11.15 -54.37 23.29
C MET AD 202 10.17 -54.30 22.13
N VAL AD 203 10.51 -53.50 21.11
CA VAL AD 203 9.65 -53.25 19.96
C VAL AD 203 10.41 -53.52 18.67
N ILE AD 204 9.76 -54.24 17.74
CA ILE AD 204 10.35 -54.56 16.45
C ILE AD 204 9.35 -54.23 15.34
N PRO AD 205 9.78 -53.50 14.29
CA PRO AD 205 8.87 -53.18 13.18
C PRO AD 205 8.58 -54.38 12.29
N GLY AD 206 7.41 -54.30 11.63
CA GLY AD 206 7.02 -55.28 10.63
C GLY AD 206 7.36 -54.90 9.20
N ILE AD 207 7.14 -55.87 8.31
CA ILE AD 207 7.42 -55.71 6.89
C ILE AD 207 6.75 -54.47 6.30
N ALA AD 208 5.43 -54.36 6.47
CA ALA AD 208 4.71 -53.20 5.95
C ALA AD 208 5.38 -51.90 6.38
N THR AD 209 5.74 -51.80 7.64
CA THR AD 209 6.42 -50.61 8.17
C THR AD 209 7.76 -50.39 7.48
N ALA AD 210 8.62 -51.40 7.51
CA ALA AD 210 9.96 -51.25 6.94
C ALA AD 210 9.92 -50.86 5.47
N ILE AD 211 9.02 -51.45 4.69
CA ILE AD 211 8.98 -51.12 3.27
C ILE AD 211 8.37 -49.76 3.01
N GLU AD 212 7.27 -49.42 3.68
CA GLU AD 212 6.71 -48.10 3.47
C GLU AD 212 7.65 -46.99 3.90
N ARG AD 213 8.46 -47.24 4.94
CA ARG AD 213 9.56 -46.33 5.24
C ARG AD 213 10.61 -46.31 4.16
N LEU AD 214 10.99 -47.47 3.63
CA LEU AD 214 12.05 -47.50 2.63
C LEU AD 214 11.65 -46.72 1.38
N LEU AD 215 10.40 -46.84 0.96
CA LEU AD 215 9.93 -46.13 -0.22
C LEU AD 215 9.39 -44.75 0.08
N GLN AD 216 9.38 -44.34 1.34
CA GLN AD 216 8.63 -43.16 1.72
C GLN AD 216 9.09 -41.93 0.98
N GLY AD 217 8.20 -41.33 0.22
CA GLY AD 217 8.53 -40.19 -0.62
C GLY AD 217 9.49 -40.40 -1.76
N GLU AD 218 9.48 -41.56 -2.40
CA GLU AD 218 10.35 -41.79 -3.55
C GLU AD 218 9.56 -41.67 -4.85
N GLU AD 219 10.12 -40.92 -5.79
CA GLU AD 219 9.52 -40.72 -7.11
C GLU AD 219 10.20 -41.54 -8.20
N GLN AD 220 11.43 -41.98 -7.99
CA GLN AD 220 12.07 -42.87 -8.94
C GLN AD 220 11.27 -44.15 -9.08
N PRO AD 221 11.18 -44.72 -10.27
CA PRO AD 221 10.60 -46.06 -10.42
C PRO AD 221 11.57 -47.15 -9.99
N LEU AD 222 11.00 -48.30 -9.68
CA LEU AD 222 11.76 -49.47 -9.28
C LEU AD 222 12.43 -50.14 -10.47
N GLY AD 223 13.64 -50.61 -10.24
CA GLY AD 223 14.38 -51.44 -11.18
C GLY AD 223 14.16 -52.91 -10.91
N ASN AD 224 14.88 -53.47 -9.95
CA ASN AD 224 14.70 -54.86 -9.56
C ASN AD 224 15.45 -55.09 -8.27
N ILE AD 225 15.21 -56.24 -7.66
CA ILE AD 225 15.93 -56.64 -6.46
C ILE AD 225 17.29 -57.21 -6.81
N VAL AD 226 18.25 -56.90 -5.95
CA VAL AD 226 19.59 -57.48 -5.99
C VAL AD 226 19.76 -58.28 -4.71
N SER AD 227 19.94 -59.59 -4.84
CA SER AD 227 20.13 -60.47 -3.70
C SER AD 227 21.13 -59.93 -2.69
N GLN AD 260 4.79 -46.33 -16.77
CA GLN AD 260 6.03 -47.04 -17.08
C GLN AD 260 7.21 -46.37 -16.39
N ASN AD 261 6.92 -45.25 -15.72
CA ASN AD 261 7.85 -44.56 -14.83
C ASN AD 261 7.16 -44.23 -13.51
N ALA AD 262 6.26 -45.10 -13.06
CA ALA AD 262 5.40 -44.82 -11.92
C ALA AD 262 6.20 -44.67 -10.63
N ALA AD 263 5.77 -43.70 -9.83
CA ALA AD 263 6.50 -43.31 -8.63
C ALA AD 263 6.48 -44.44 -7.60
N ALA AD 264 7.66 -44.87 -7.18
CA ALA AD 264 7.76 -45.91 -6.18
C ALA AD 264 6.96 -45.58 -4.93
N GLY AD 265 6.88 -44.31 -4.58
CA GLY AD 265 6.13 -43.88 -3.42
C GLY AD 265 4.63 -44.04 -3.55
N ASN AD 266 4.11 -44.21 -4.77
CA ASN AD 266 2.68 -44.47 -4.92
C ASN AD 266 2.28 -45.86 -4.48
N ILE AD 267 3.22 -46.81 -4.40
CA ILE AD 267 2.90 -48.15 -3.92
C ILE AD 267 2.33 -48.06 -2.51
N LYS AD 268 1.19 -48.72 -2.29
CA LYS AD 268 0.53 -48.72 -0.98
C LYS AD 268 0.47 -50.14 -0.42
N ILE AD 269 0.85 -50.30 0.84
CA ILE AD 269 0.89 -51.59 1.52
C ILE AD 269 0.00 -51.56 2.76
N VAL AD 270 -0.82 -52.59 2.94
CA VAL AD 270 -1.74 -52.68 4.08
C VAL AD 270 -1.67 -54.06 4.70
N ALA AD 271 -1.24 -54.12 5.97
CA ALA AD 271 -1.22 -55.36 6.73
C ALA AD 271 -2.63 -55.83 7.07
N TYR AD 272 -2.85 -57.15 7.01
CA TYR AD 272 -4.16 -57.76 7.27
C TYR AD 272 -3.99 -59.01 8.12
N PRO AD 273 -3.74 -58.83 9.42
CA PRO AD 273 -3.53 -59.98 10.33
C PRO AD 273 -4.63 -61.02 10.28
N ASP AD 274 -5.88 -60.62 10.06
CA ASP AD 274 -7.02 -61.53 10.04
C ASP AD 274 -6.70 -62.82 9.30
N THR AD 275 -5.98 -62.71 8.18
CA THR AD 275 -5.55 -63.86 7.39
C THR AD 275 -4.03 -63.89 7.26
N ASN AD 276 -3.33 -63.16 8.12
CA ASN AD 276 -1.89 -63.04 8.05
C ASN AD 276 -1.41 -62.77 6.63
N SER AD 277 -2.02 -61.76 6.01
CA SER AD 277 -1.82 -61.48 4.60
C SER AD 277 -1.54 -60.00 4.39
N LEU AD 278 -0.98 -59.65 3.25
CA LEU AD 278 -0.69 -58.26 2.90
C LEU AD 278 -1.46 -57.89 1.65
N LEU AD 279 -1.97 -56.66 1.62
CA LEU AD 279 -2.54 -56.06 0.42
C LEU AD 279 -1.55 -55.08 -0.15
N VAL AD 280 -1.31 -55.17 -1.46
CA VAL AD 280 -0.45 -54.22 -2.16
C VAL AD 280 -1.22 -53.61 -3.31
N LYS AD 281 -1.25 -52.27 -3.35
CA LYS AD 281 -1.82 -51.53 -4.47
C LYS AD 281 -0.70 -50.91 -5.29
N GLY AD 282 -0.70 -51.18 -6.59
CA GLY AD 282 0.24 -50.57 -7.51
C GLY AD 282 -0.09 -50.93 -8.94
N THR AD 283 0.87 -50.70 -9.83
CA THR AD 283 0.86 -51.33 -11.14
C THR AD 283 1.42 -52.75 -11.05
N ALA AD 284 1.10 -53.56 -12.06
CA ALA AD 284 1.47 -54.97 -12.06
C ALA AD 284 2.99 -55.18 -11.94
N GLU AD 285 3.79 -54.38 -12.62
CA GLU AD 285 5.24 -54.44 -12.45
C GLU AD 285 5.63 -54.27 -10.99
N GLN AD 286 5.12 -53.23 -10.36
CA GLN AD 286 5.44 -52.97 -8.97
C GLN AD 286 4.98 -54.11 -8.08
N VAL AD 287 3.75 -54.59 -8.27
CA VAL AD 287 3.26 -55.69 -7.46
C VAL AD 287 4.16 -56.90 -7.61
N HIS AD 288 4.68 -57.14 -8.81
CA HIS AD 288 5.62 -58.25 -9.02
C HIS AD 288 6.90 -58.06 -8.22
N PHE AD 289 7.54 -56.89 -8.38
CA PHE AD 289 8.72 -56.58 -7.59
C PHE AD 289 8.48 -56.77 -6.10
N ILE AD 290 7.38 -56.21 -5.60
CA ILE AD 290 7.00 -56.36 -4.19
C ILE AD 290 6.91 -57.82 -3.78
N GLU AD 291 6.27 -58.64 -4.62
CA GLU AD 291 6.20 -60.06 -4.34
C GLU AD 291 7.58 -60.69 -4.23
N MET AD 292 8.44 -60.45 -5.22
CA MET AD 292 9.81 -60.97 -5.15
C MET AD 292 10.51 -60.55 -3.87
N LEU AD 293 10.29 -59.32 -3.42
CA LEU AD 293 10.90 -58.84 -2.19
C LEU AD 293 10.38 -59.58 -0.96
N VAL AD 294 9.07 -59.61 -0.78
CA VAL AD 294 8.45 -60.36 0.30
C VAL AD 294 9.03 -61.77 0.36
N LYS AD 295 9.09 -62.43 -0.79
CA LYS AD 295 9.57 -63.80 -0.80
C LYS AD 295 11.07 -63.88 -0.55
N ALA AD 296 11.81 -62.82 -0.83
CA ALA AD 296 13.21 -62.76 -0.44
C ALA AD 296 13.38 -62.52 1.06
N LEU AD 297 12.32 -62.15 1.75
CA LEU AD 297 12.44 -61.74 3.15
C LEU AD 297 11.88 -62.72 4.17
N ASP AD 298 10.69 -63.29 3.95
CA ASP AD 298 10.05 -64.13 4.97
C ASP AD 298 10.61 -65.56 5.06
N VAL AD 299 11.92 -65.65 5.30
CA VAL AD 299 12.55 -66.93 5.66
C VAL AD 299 12.06 -67.43 7.03
N ALA AD 300 12.20 -68.74 7.24
CA ALA AD 300 11.96 -69.39 8.53
C ALA AD 300 13.09 -69.18 9.53
N LYS AD 301 12.75 -69.28 10.82
CA LYS AD 301 13.72 -69.19 11.92
C LYS AD 301 14.14 -70.55 12.47
N ARG AD 302 15.38 -70.64 12.94
CA ARG AD 302 15.94 -71.81 13.62
C ARG AD 302 15.83 -71.74 15.15
N HIS AD 303 15.22 -72.76 15.75
CA HIS AD 303 15.17 -72.89 17.20
C HIS AD 303 16.53 -73.21 17.84
N VAL AD 304 16.79 -72.56 18.98
CA VAL AD 304 18.00 -72.77 19.77
C VAL AD 304 17.63 -73.05 21.23
N GLU AD 305 18.23 -74.10 21.80
CA GLU AD 305 18.13 -74.44 23.22
C GLU AD 305 19.38 -74.00 23.97
N LEU AD 306 19.18 -73.31 25.09
CA LEU AD 306 20.27 -72.82 25.92
C LEU AD 306 20.21 -73.53 27.27
N SER AD 307 21.33 -74.11 27.68
CA SER AD 307 21.47 -74.70 29.01
C SER AD 307 22.54 -73.96 29.80
N LEU AD 308 22.30 -73.81 31.10
CA LEU AD 308 23.27 -73.16 31.98
C LEU AD 308 23.51 -73.98 33.22
N TRP AD 309 24.77 -74.19 33.55
CA TRP AD 309 25.19 -74.85 34.79
C TRP AD 309 25.63 -73.81 35.80
N ILE AD 310 25.04 -73.86 36.98
CA ILE AD 310 25.47 -73.08 38.13
C ILE AD 310 25.93 -74.06 39.19
N VAL AD 311 27.16 -73.87 39.67
CA VAL AD 311 27.74 -74.80 40.63
C VAL AD 311 28.30 -74.03 41.81
N ASP AD 312 28.03 -74.53 43.01
CA ASP AD 312 28.60 -73.99 44.24
C ASP AD 312 29.15 -75.12 45.11
N LEU AD 313 30.32 -74.86 45.69
CA LEU AD 313 30.99 -75.76 46.62
C LEU AD 313 31.47 -75.00 47.84
N ASN AD 314 31.33 -75.61 49.01
CA ASN AD 314 31.83 -75.00 50.24
C ASN AD 314 32.38 -76.04 51.21
N LYS AD 315 33.44 -75.66 51.91
CA LYS AD 315 34.02 -76.45 52.99
C LYS AD 315 34.41 -75.54 54.15
N SER AD 316 34.29 -76.04 55.37
CA SER AD 316 34.78 -75.30 56.52
C SER AD 316 35.21 -76.23 57.65
N ASP AD 317 36.16 -75.71 58.44
CA ASP AD 317 36.72 -76.38 59.62
C ASP AD 317 36.80 -75.39 60.77
N LEU AD 318 36.44 -75.84 61.98
CA LEU AD 318 36.47 -75.00 63.16
C LEU AD 318 36.97 -75.81 64.34
N GLU AD 319 37.78 -75.18 65.20
CA GLU AD 319 38.05 -75.72 66.52
C GLU AD 319 38.24 -74.61 67.54
N ARG AD 320 37.74 -74.84 68.75
CA ARG AD 320 37.96 -73.95 69.89
C ARG AD 320 38.27 -74.76 71.13
N LEU AD 321 39.28 -74.35 71.90
CA LEU AD 321 39.68 -75.12 73.06
C LEU AD 321 40.45 -74.26 74.05
N GLY AD 322 40.04 -74.30 75.32
CA GLY AD 322 40.80 -73.66 76.39
C GLY AD 322 39.90 -73.15 77.49
N THR AD 323 40.46 -72.22 78.29
CA THR AD 323 39.94 -71.88 79.60
C THR AD 323 40.03 -70.38 79.86
N SER AD 324 39.15 -69.90 80.74
CA SER AD 324 39.18 -68.54 81.26
C SER AD 324 39.00 -68.56 82.78
N TRP AD 325 39.53 -67.55 83.46
CA TRP AD 325 39.69 -67.55 84.91
C TRP AD 325 39.38 -66.18 85.50
N SER AD 326 38.80 -66.18 86.70
CA SER AD 326 38.62 -64.94 87.46
C SER AD 326 38.37 -65.28 88.91
N GLY AD 327 38.50 -64.28 89.79
CA GLY AD 327 38.30 -64.58 91.20
C GLY AD 327 38.24 -63.36 92.08
N SER AD 328 37.88 -63.59 93.34
CA SER AD 328 37.87 -62.55 94.36
C SER AD 328 38.16 -63.13 95.74
N ILE AD 329 38.90 -62.38 96.54
CA ILE AD 329 39.37 -62.81 97.85
C ILE AD 329 39.16 -61.66 98.81
N THR AD 330 38.75 -61.98 100.03
CA THR AD 330 38.75 -61.04 101.15
C THR AD 330 39.67 -61.54 102.24
N ILE AD 331 40.51 -60.66 102.77
CA ILE AD 331 41.37 -60.97 103.89
C ILE AD 331 40.92 -60.05 105.01
N GLY AD 332 40.41 -60.65 106.08
CA GLY AD 332 39.75 -59.97 107.15
C GLY AD 332 38.70 -59.03 106.59
N ASP AD 333 38.37 -58.01 107.36
CA ASP AD 333 37.58 -56.89 106.85
C ASP AD 333 38.46 -55.91 106.08
N LYS AD 334 39.69 -55.74 106.54
CA LYS AD 334 40.59 -54.71 106.02
C LYS AD 334 40.88 -54.83 104.53
N LEU AD 335 40.95 -56.03 103.96
CA LEU AD 335 41.48 -56.12 102.60
C LEU AD 335 40.56 -56.87 101.63
N GLY AD 336 40.39 -56.27 100.46
CA GLY AD 336 39.70 -56.89 99.35
C GLY AD 336 40.61 -56.96 98.13
N VAL AD 337 40.57 -58.09 97.43
CA VAL AD 337 41.45 -58.35 96.29
C VAL AD 337 40.61 -59.03 95.22
N SER AD 338 40.87 -58.70 93.96
CA SER AD 338 40.15 -59.33 92.86
C SER AD 338 41.04 -59.54 91.64
N LEU AD 339 40.78 -60.63 90.94
CA LEU AD 339 41.47 -61.00 89.71
C LEU AD 339 40.48 -60.96 88.56
N ASN AD 340 40.74 -60.05 87.63
CA ASN AD 340 40.00 -59.90 86.38
C ASN AD 340 38.49 -59.84 86.58
N GLN AD 341 38.05 -59.08 87.58
CA GLN AD 341 36.62 -58.89 87.81
C GLN AD 341 36.35 -57.39 87.83
N SER AD 342 35.29 -56.99 87.14
CA SER AD 342 34.90 -55.58 87.14
C SER AD 342 34.54 -55.11 88.54
N SER AD 343 33.74 -55.88 89.26
CA SER AD 343 33.36 -55.58 90.63
C SER AD 343 34.26 -56.33 91.60
N ILE AD 344 34.74 -55.62 92.62
CA ILE AD 344 35.52 -56.28 93.67
C ILE AD 344 34.75 -57.47 94.21
N SER AD 345 33.44 -57.30 94.39
CA SER AD 345 32.56 -58.40 94.78
C SER AD 345 33.19 -59.23 95.90
N THR AD 346 33.60 -58.52 96.95
CA THR AD 346 34.25 -59.12 98.10
C THR AD 346 33.47 -60.32 98.60
N LEU AD 347 32.25 -60.06 99.08
CA LEU AD 347 31.34 -61.05 99.63
C LEU AD 347 31.92 -61.80 100.82
N ASP AD 348 33.02 -61.30 101.40
CA ASP AD 348 33.62 -61.89 102.59
C ASP AD 348 34.19 -63.29 102.38
N GLY AD 349 34.60 -63.64 101.17
CA GLY AD 349 35.13 -64.99 100.99
C GLY AD 349 36.32 -65.12 100.04
N SER AD 350 36.63 -66.37 99.69
CA SER AD 350 37.74 -66.72 98.80
C SER AD 350 37.22 -67.57 97.65
N ARG AD 351 36.77 -66.95 96.56
CA ARG AD 351 36.06 -67.67 95.53
C ARG AD 351 36.68 -67.42 94.18
N PHE AD 352 36.79 -68.49 93.39
CA PHE AD 352 37.32 -68.45 92.04
C PHE AD 352 36.36 -69.12 91.08
N ILE AD 353 36.36 -68.65 89.85
CA ILE AD 353 35.51 -69.18 88.80
C ILE AD 353 36.35 -69.44 87.57
N ALA AD 354 36.07 -70.57 86.91
CA ALA AD 354 36.75 -70.99 85.69
C ALA AD 354 35.70 -71.41 84.67
N ALA AD 355 36.05 -71.26 83.40
CA ALA AD 355 35.16 -71.64 82.30
C ALA AD 355 35.98 -72.36 81.23
N VAL AD 356 35.45 -73.48 80.74
CA VAL AD 356 36.15 -74.34 79.79
C VAL AD 356 35.32 -74.47 78.53
N ASN AD 357 35.97 -74.30 77.38
CA ASN AD 357 35.35 -74.40 76.06
C ASN AD 357 36.11 -75.45 75.25
N ALA AD 358 35.38 -76.41 74.68
CA ALA AD 358 35.99 -77.47 73.89
C ALA AD 358 35.04 -77.94 72.81
N LEU AD 359 35.39 -77.71 71.54
CA LEU AD 359 34.51 -78.06 70.43
C LEU AD 359 35.29 -78.12 69.13
N GLU AD 360 34.94 -79.10 68.29
CA GLU AD 360 35.50 -79.26 66.96
C GLU AD 360 34.40 -79.56 65.95
N GLU AD 361 34.50 -78.98 64.75
CA GLU AD 361 33.41 -79.11 63.78
C GLU AD 361 33.93 -79.00 62.35
N LYS AD 362 33.28 -79.76 61.46
CA LYS AD 362 33.58 -79.77 60.04
C LYS AD 362 32.28 -79.74 59.24
N LYS AD 363 32.31 -79.13 58.06
CA LYS AD 363 31.10 -78.99 57.27
C LYS AD 363 31.43 -78.90 55.79
N GLN AD 364 30.61 -79.57 54.96
CA GLN AD 364 30.79 -79.59 53.52
C GLN AD 364 29.45 -79.50 52.80
N ALA AD 365 29.38 -78.68 51.75
CA ALA AD 365 28.12 -78.45 51.02
C ALA AD 365 28.35 -78.36 49.52
N THR AD 366 27.45 -79.01 48.76
CA THR AD 366 27.49 -79.10 47.30
C THR AD 366 26.15 -78.78 46.67
N VAL AD 367 26.13 -77.87 45.68
CA VAL AD 367 24.88 -77.47 45.04
C VAL AD 367 25.08 -77.33 43.53
N VAL AD 368 24.13 -77.87 42.76
CA VAL AD 368 24.15 -77.80 41.30
C VAL AD 368 22.75 -77.47 40.78
N SER AD 369 22.63 -76.34 40.07
CA SER AD 369 21.39 -75.89 39.42
C SER AD 369 21.60 -75.80 37.92
N ARG AD 370 20.67 -76.33 37.13
CA ARG AD 370 20.84 -76.34 35.67
C ARG AD 370 19.54 -76.06 34.94
N PRO AD 371 19.26 -74.80 34.62
CA PRO AD 371 18.09 -74.47 33.82
C PRO AD 371 18.31 -74.62 32.32
N VAL AD 372 17.20 -74.85 31.63
CA VAL AD 372 17.15 -75.05 30.19
C VAL AD 372 16.01 -74.22 29.60
N LEU AD 373 16.28 -73.52 28.49
CA LEU AD 373 15.30 -72.65 27.86
C LEU AD 373 15.35 -72.76 26.34
N LEU AD 374 14.19 -72.74 25.71
CA LEU AD 374 14.05 -72.76 24.27
C LEU AD 374 13.68 -71.38 23.72
N THR AD 375 14.37 -70.96 22.65
CA THR AD 375 14.18 -69.64 22.08
C THR AD 375 14.36 -69.74 20.58
N GLN AD 376 13.83 -68.76 19.85
CA GLN AD 376 14.10 -68.64 18.43
C GLN AD 376 15.19 -67.64 18.11
N GLU AD 377 15.86 -67.90 17.00
CA GLU AD 377 16.83 -67.01 16.39
C GLU AD 377 16.35 -65.57 16.32
N ASN AD 378 17.09 -64.67 16.95
CA ASN AD 378 16.84 -63.24 17.02
C ASN AD 378 15.63 -62.85 17.86
N VAL AD 379 15.02 -63.78 18.58
CA VAL AD 379 13.84 -63.50 19.40
C VAL AD 379 14.27 -63.54 20.87
N PRO AD 380 14.10 -62.47 21.63
CA PRO AD 380 14.49 -62.50 23.05
C PRO AD 380 13.58 -63.38 23.89
N ALA AD 381 14.12 -63.82 25.03
CA ALA AD 381 13.34 -64.67 25.91
C ALA AD 381 13.79 -64.48 27.35
N ILE AD 382 12.90 -64.86 28.28
CA ILE AD 382 13.12 -64.73 29.71
C ILE AD 382 12.68 -66.00 30.43
N PHE AD 383 13.43 -66.37 31.46
CA PHE AD 383 13.10 -67.47 32.37
C PHE AD 383 13.23 -66.99 33.80
N ASP AD 384 12.18 -67.20 34.59
CA ASP AD 384 12.16 -66.80 36.00
C ASP AD 384 11.61 -67.94 36.84
N ASN AD 385 12.40 -68.40 37.82
CA ASN AD 385 11.98 -69.47 38.72
C ASN AD 385 12.27 -69.12 40.16
N ASN AD 386 11.35 -69.51 41.04
CA ASN AD 386 11.42 -69.20 42.46
C ASN AD 386 10.83 -70.35 43.27
N ARG AD 387 11.59 -70.90 44.20
CA ARG AD 387 11.15 -72.08 44.96
C ARG AD 387 11.58 -71.98 46.42
N THR AD 388 10.76 -72.56 47.30
CA THR AD 388 11.02 -72.60 48.74
C THR AD 388 11.23 -74.02 49.25
N PHE AD 389 12.10 -74.15 50.26
CA PHE AD 389 12.37 -75.42 50.92
C PHE AD 389 12.25 -75.26 52.43
N TYR AD 390 11.90 -76.36 53.10
CA TYR AD 390 11.63 -76.40 54.53
C TYR AD 390 12.60 -77.32 55.26
N THR AD 391 13.11 -76.82 56.38
CA THR AD 391 14.03 -77.50 57.30
C THR AD 391 13.27 -78.18 58.43
N LYS AD 392 12.97 -79.46 58.27
CA LYS AD 392 12.33 -80.21 59.36
C LYS AD 392 13.31 -80.44 60.51
N LEU AD 393 12.76 -80.53 61.71
CA LEU AD 393 13.54 -80.54 62.94
C LEU AD 393 12.89 -81.47 63.96
N ILE AD 394 13.68 -81.83 64.98
CA ILE AD 394 13.15 -82.54 66.13
C ILE AD 394 12.15 -81.67 66.90
N GLY AD 395 11.14 -82.32 67.46
CA GLY AD 395 10.06 -81.67 68.17
C GLY AD 395 8.89 -81.41 67.25
N GLU AD 396 8.37 -82.50 66.67
CA GLU AD 396 7.38 -82.41 65.60
C GLU AD 396 6.33 -81.33 65.84
N ARG AD 397 5.66 -81.36 66.99
CA ARG AD 397 4.64 -80.37 67.29
C ARG AD 397 5.25 -79.04 67.70
N ASN AD 398 6.45 -79.06 68.25
CA ASN AD 398 7.06 -77.84 68.78
C ASN AD 398 7.68 -77.03 67.64
N VAL AD 399 8.25 -77.71 66.66
CA VAL AD 399 9.00 -77.05 65.61
C VAL AD 399 8.07 -76.12 64.82
N ALA AD 400 8.42 -74.84 64.78
CA ALA AD 400 8.03 -74.02 63.64
C ALA AD 400 9.10 -74.25 62.57
N LEU AD 401 8.69 -74.76 61.41
CA LEU AD 401 9.66 -75.05 60.36
C LEU AD 401 10.37 -73.79 59.90
N GLU AD 402 11.69 -73.87 59.84
CA GLU AD 402 12.48 -72.86 59.14
C GLU AD 402 12.43 -73.12 57.64
N HIS AD 403 12.67 -72.08 56.86
CA HIS AD 403 12.58 -72.23 55.42
C HIS AD 403 13.54 -71.27 54.74
N VAL AD 404 13.92 -71.62 53.51
CA VAL AD 404 14.77 -70.77 52.69
C VAL AD 404 14.26 -70.81 51.26
N THR AD 405 14.37 -69.67 50.58
CA THR AD 405 13.86 -69.52 49.22
C THR AD 405 14.99 -69.17 48.27
N TYR AD 406 14.92 -69.76 47.07
CA TYR AD 406 15.92 -69.58 46.03
C TYR AD 406 15.22 -69.06 44.78
N GLY AD 407 15.95 -68.23 44.03
CA GLY AD 407 15.40 -67.62 42.84
C GLY AD 407 16.46 -67.35 41.80
N THR AD 408 16.12 -67.66 40.55
CA THR AD 408 17.04 -67.53 39.44
C THR AD 408 16.30 -67.01 38.22
N MET AD 409 16.91 -66.08 37.50
CA MET AD 409 16.30 -65.61 36.27
C MET AD 409 17.35 -65.26 35.23
N ILE AD 410 16.95 -65.42 33.98
CA ILE AD 410 17.80 -65.24 32.82
C ILE AD 410 17.04 -64.52 31.73
N ARG AD 411 17.68 -63.55 31.09
CA ARG AD 411 17.17 -62.93 29.88
C ARG AD 411 18.25 -62.98 28.79
N VAL AD 412 17.85 -63.36 27.57
CA VAL AD 412 18.81 -63.70 26.54
C VAL AD 412 18.25 -63.41 25.14
N LEU AD 413 19.16 -63.15 24.21
CA LEU AD 413 18.84 -62.91 22.80
C LEU AD 413 19.74 -63.73 21.87
N PRO AD 414 19.20 -64.74 21.18
CA PRO AD 414 20.03 -65.55 20.26
C PRO AD 414 20.40 -64.87 18.94
N ARG AD 415 21.67 -65.03 18.56
CA ARG AD 415 22.17 -64.61 17.25
C ARG AD 415 22.99 -65.73 16.62
N PHE AD 416 22.72 -66.05 15.36
CA PHE AD 416 23.47 -67.06 14.61
C PHE AD 416 24.59 -66.43 13.79
N SER AD 417 25.81 -66.91 14.03
CA SER AD 417 26.97 -66.51 13.25
C SER AD 417 26.92 -67.19 11.88
N ALA AD 418 27.71 -66.65 10.95
CA ALA AD 418 27.95 -67.36 9.69
C ALA AD 418 28.81 -68.61 9.82
N ASP AD 419 29.63 -68.72 10.86
CA ASP AD 419 30.61 -69.79 10.97
C ASP AD 419 30.24 -70.83 12.02
N GLY AD 420 28.95 -71.11 12.18
CA GLY AD 420 28.56 -72.17 13.08
C GLY AD 420 28.71 -71.83 14.55
N GLN AD 421 28.56 -70.56 14.90
CA GLN AD 421 28.65 -70.11 16.28
C GLN AD 421 27.34 -69.47 16.69
N ILE AD 422 27.08 -69.52 17.99
CA ILE AD 422 25.94 -68.86 18.62
C ILE AD 422 26.46 -67.72 19.47
N GLU AD 423 25.87 -66.54 19.30
CA GLU AD 423 26.22 -65.34 20.04
C GLU AD 423 25.04 -64.93 20.92
N MET AD 424 25.33 -64.62 22.18
CA MET AD 424 24.31 -64.40 23.18
C MET AD 424 24.64 -63.17 24.03
N SER AD 425 23.65 -62.30 24.18
CA SER AD 425 23.66 -61.28 25.22
C SER AD 425 22.91 -61.82 26.44
N LEU AD 426 23.56 -61.79 27.61
CA LEU AD 426 23.10 -62.52 28.77
C LEU AD 426 22.95 -61.58 29.94
N ASP AD 427 21.74 -61.52 30.50
CA ASP AD 427 21.51 -61.00 31.84
C ASP AD 427 21.13 -62.16 32.74
N ILE AD 428 21.88 -62.35 33.83
CA ILE AD 428 21.71 -63.50 34.71
C ILE AD 428 21.70 -63.02 36.15
N GLU AD 429 20.73 -63.47 36.91
CA GLU AD 429 20.65 -63.11 38.32
C GLU AD 429 20.26 -64.32 39.13
N ASP AD 430 20.90 -64.51 40.28
CA ASP AD 430 20.62 -65.71 41.07
C ASP AD 430 20.91 -65.48 42.54
N GLY AD 431 20.21 -66.25 43.37
CA GLY AD 431 20.63 -66.39 44.75
C GLY AD 431 19.49 -66.92 45.60
N ASN AD 432 19.74 -66.99 46.90
CA ASN AD 432 18.68 -67.07 47.89
C ASN AD 432 18.33 -65.71 48.45
N ASP AD 433 17.13 -65.62 49.02
CA ASP AD 433 16.64 -64.39 49.64
C ASP AD 433 17.57 -63.90 50.76
N LYS AD 434 18.05 -62.67 50.61
CA LYS AD 434 18.92 -62.05 51.60
C LYS AD 434 18.15 -61.66 52.85
N THR AD 435 18.07 -62.56 53.82
CA THR AD 435 17.69 -62.15 55.18
C THR AD 435 18.34 -63.05 56.22
N PRO AD 436 19.07 -62.48 57.18
CA PRO AD 436 19.79 -63.28 58.18
C PRO AD 436 18.92 -63.81 59.32
N GLN AD 437 17.60 -63.67 59.21
CA GLN AD 437 16.65 -64.03 60.25
C GLN AD 437 16.56 -65.53 60.48
N SER AD 438 17.32 -66.33 59.73
CA SER AD 438 17.36 -67.79 59.92
C SER AD 438 18.14 -68.17 61.17
N ASP AD 439 17.61 -67.76 62.32
CA ASP AD 439 18.34 -67.81 63.59
C ASP AD 439 18.45 -69.22 64.16
N THR AD 440 17.62 -70.15 63.72
CA THR AD 440 17.74 -71.54 64.12
C THR AD 440 19.03 -72.14 63.57
N THR AD 441 19.96 -72.47 64.46
CA THR AD 441 21.32 -72.83 64.07
C THR AD 441 21.32 -73.93 63.02
N THR AD 442 20.48 -74.95 63.21
CA THR AD 442 20.45 -76.08 62.29
C THR AD 442 19.87 -75.72 60.94
N SER AD 443 19.40 -74.49 60.76
CA SER AD 443 19.14 -74.02 59.40
C SER AD 443 20.39 -74.08 58.55
N VAL AD 444 21.55 -73.66 59.07
CA VAL AD 444 22.76 -73.81 58.28
C VAL AD 444 23.35 -75.21 58.37
N ASP AD 445 22.89 -76.01 59.32
CA ASP AD 445 23.20 -77.44 59.31
C ASP AD 445 22.46 -78.17 58.21
N ALA AD 446 21.43 -77.54 57.64
CA ALA AD 446 20.62 -78.18 56.61
C ALA AD 446 20.74 -77.46 55.27
N LEU AD 447 20.24 -76.24 55.16
CA LEU AD 447 20.16 -75.55 53.87
C LEU AD 447 21.36 -74.63 53.65
N PRO AD 448 22.04 -74.76 52.52
CA PRO AD 448 23.32 -74.04 52.31
C PRO AD 448 23.12 -72.58 51.95
N GLU AD 449 23.88 -71.71 52.62
CA GLU AD 449 23.91 -70.29 52.28
C GLU AD 449 24.74 -70.05 51.02
N VAL AD 450 24.10 -70.25 49.87
CA VAL AD 450 24.58 -69.63 48.64
C VAL AD 450 24.44 -68.11 48.74
N GLY AD 451 25.26 -67.41 47.96
CA GLY AD 451 25.23 -65.97 47.92
C GLY AD 451 24.14 -65.42 47.00
N ARG AD 452 24.34 -64.18 46.56
CA ARG AD 452 23.54 -63.56 45.52
C ARG AD 452 24.44 -62.89 44.51
N THR AD 453 24.13 -63.07 43.23
CA THR AD 453 25.02 -62.64 42.16
C THR AD 453 24.24 -62.13 40.96
N LEU AD 454 24.82 -61.14 40.29
CA LEU AD 454 24.29 -60.51 39.11
C LEU AD 454 25.40 -60.40 38.07
N ILE AD 455 25.12 -60.83 36.85
CA ILE AD 455 26.07 -60.76 35.75
C ILE AD 455 25.35 -60.30 34.49
N SER AD 456 25.99 -59.41 33.75
CA SER AD 456 25.55 -59.06 32.40
C SER AD 456 26.74 -59.00 31.48
N THR AD 457 26.66 -59.67 30.34
CA THR AD 457 27.80 -59.71 29.42
C THR AD 457 27.36 -60.25 28.07
N ILE AD 458 28.28 -60.26 27.12
CA ILE AD 458 28.05 -60.78 25.78
C ILE AD 458 29.13 -61.79 25.43
N ALA AD 459 28.75 -62.90 24.80
CA ALA AD 459 29.71 -63.96 24.50
C ALA AD 459 29.26 -64.76 23.28
N ARG AD 460 30.22 -65.46 22.67
CA ARG AD 460 30.01 -66.23 21.44
C ARG AD 460 30.75 -67.55 21.57
N VAL AD 461 30.12 -68.65 21.11
CA VAL AD 461 30.73 -69.97 21.24
C VAL AD 461 30.36 -70.87 20.06
N PRO AD 462 31.24 -71.78 19.64
CA PRO AD 462 30.87 -72.80 18.65
C PRO AD 462 29.79 -73.76 19.15
N HIS AD 463 29.11 -74.38 18.19
CA HIS AD 463 28.03 -75.31 18.46
C HIS AD 463 28.37 -76.33 19.53
N GLY AD 464 27.50 -76.46 20.52
CA GLY AD 464 27.59 -77.55 21.47
C GLY AD 464 28.79 -77.55 22.38
N LYS AD 465 29.66 -76.57 22.26
CA LYS AD 465 30.73 -76.41 23.23
C LYS AD 465 30.26 -75.51 24.36
N SER AD 466 31.04 -75.46 25.43
CA SER AD 466 30.63 -74.76 26.63
C SER AD 466 31.76 -73.84 27.07
N LEU AD 467 31.39 -72.71 27.65
CA LEU AD 467 32.40 -71.77 28.14
C LEU AD 467 31.97 -71.16 29.47
N LEU AD 468 32.97 -70.66 30.20
CA LEU AD 468 32.78 -70.15 31.55
C LEU AD 468 32.67 -68.63 31.54
N VAL AD 469 31.47 -68.12 31.84
CA VAL AD 469 31.21 -66.69 31.75
C VAL AD 469 31.68 -65.95 33.00
N GLY AD 470 31.65 -66.57 34.16
CA GLY AD 470 32.19 -65.94 35.35
C GLY AD 470 32.09 -66.84 36.56
N GLY AD 471 32.81 -66.44 37.60
CA GLY AD 471 32.85 -67.23 38.82
C GLY AD 471 33.63 -66.50 39.90
N TYR AD 472 33.70 -67.17 41.05
CA TYR AD 472 34.30 -66.59 42.24
C TYR AD 472 34.91 -67.69 43.08
N THR AD 473 35.99 -67.35 43.80
CA THR AD 473 36.55 -68.22 44.84
C THR AD 473 36.98 -67.39 46.03
N ARG AD 474 36.79 -67.93 47.23
CA ARG AD 474 37.27 -67.30 48.45
C ARG AD 474 37.90 -68.34 49.36
N ASP AD 475 39.05 -68.00 49.93
CA ASP AD 475 39.71 -68.88 50.87
C ASP AD 475 40.21 -68.06 52.06
N ALA AD 476 39.90 -68.49 53.27
CA ALA AD 476 40.26 -67.70 54.44
C ALA AD 476 40.65 -68.60 55.60
N ASN AD 477 41.51 -68.06 56.47
CA ASN AD 477 42.00 -68.77 57.64
C ASN AD 477 42.25 -67.78 58.77
N THR AD 478 42.09 -68.27 60.00
CA THR AD 478 42.33 -67.43 61.17
C THR AD 478 42.75 -68.30 62.34
N ASP AD 479 43.53 -67.70 63.24
CA ASP AD 479 44.06 -68.39 64.41
C ASP AD 479 44.26 -67.39 65.54
N THR AD 480 44.05 -67.86 66.77
CA THR AD 480 44.20 -67.00 67.94
C THR AD 480 44.55 -67.84 69.16
N VAL AD 481 45.23 -67.21 70.12
CA VAL AD 481 45.60 -67.82 71.39
C VAL AD 481 45.65 -66.74 72.47
N GLN AD 482 45.10 -67.06 73.64
CA GLN AD 482 45.01 -66.15 74.77
C GLN AD 482 45.37 -66.84 76.08
N SER AD 483 46.22 -66.21 76.91
CA SER AD 483 46.66 -66.88 78.12
C SER AD 483 47.14 -65.90 79.19
N ILE AD 484 47.14 -66.41 80.43
CA ILE AD 484 47.68 -65.82 81.66
C ILE AD 484 49.21 -65.73 81.61
N PRO AD 485 49.81 -64.54 81.73
CA PRO AD 485 51.27 -64.42 81.55
C PRO AD 485 52.17 -65.33 82.39
N PHE AD 486 52.08 -65.30 83.72
CA PHE AD 486 53.03 -66.05 84.54
C PHE AD 486 52.76 -67.55 84.52
N LEU AD 487 51.49 -67.95 84.53
CA LEU AD 487 51.16 -69.37 84.59
C LEU AD 487 51.23 -70.02 83.22
N GLY AD 488 50.99 -69.25 82.16
CA GLY AD 488 51.00 -69.79 80.83
C GLY AD 488 52.27 -70.50 80.43
N LYS AD 489 53.34 -70.38 81.23
CA LYS AD 489 54.60 -71.03 80.91
C LYS AD 489 55.05 -72.02 81.99
N LEU AD 490 54.18 -72.34 82.94
CA LEU AD 490 54.48 -73.40 83.89
C LEU AD 490 54.61 -74.72 83.13
N PRO AD 491 55.63 -75.52 83.41
CA PRO AD 491 55.89 -76.70 82.55
C PRO AD 491 54.75 -77.69 82.44
N LEU AD 492 54.09 -78.06 83.54
CA LEU AD 492 53.03 -79.06 83.45
C LEU AD 492 51.61 -78.52 83.33
N ILE AD 493 51.35 -77.29 83.74
CA ILE AD 493 49.99 -76.77 83.77
C ILE AD 493 49.74 -75.60 82.84
N GLY AD 494 50.77 -75.08 82.17
CA GLY AD 494 50.57 -73.91 81.33
C GLY AD 494 49.39 -74.04 80.39
N SER AD 495 49.20 -75.23 79.81
CA SER AD 495 48.04 -75.46 78.95
C SER AD 495 46.72 -75.25 79.69
N LEU AD 496 46.71 -75.35 81.01
CA LEU AD 496 45.49 -75.12 81.77
C LEU AD 496 45.00 -73.68 81.69
N PHE AD 497 45.89 -72.74 81.36
CA PHE AD 497 45.61 -71.31 81.38
C PHE AD 497 45.55 -70.67 79.99
N ARG AD 498 45.27 -71.44 78.95
CA ARG AD 498 45.30 -70.97 77.58
C ARG AD 498 43.99 -71.29 76.88
N TYR AD 499 43.76 -70.52 75.82
CA TYR AD 499 42.59 -70.65 74.96
C TYR AD 499 43.00 -70.32 73.54
N SER AD 500 42.57 -71.15 72.61
CA SER AD 500 42.91 -70.94 71.21
C SER AD 500 41.74 -71.33 70.33
N SER AD 501 41.75 -70.74 69.13
CA SER AD 501 40.72 -70.98 68.13
C SER AD 501 41.27 -70.93 66.72
N LYS AD 502 40.81 -71.86 65.88
CA LYS AD 502 41.24 -71.98 64.50
C LYS AD 502 40.02 -72.10 63.59
N ASN AD 503 40.03 -71.36 62.49
CA ASN AD 503 38.92 -71.31 61.56
C ASN AD 503 39.40 -71.28 60.11
N LYS AD 504 38.92 -72.21 59.28
CA LYS AD 504 39.30 -72.29 57.88
C LYS AD 504 38.09 -72.48 56.98
N SER AD 505 38.06 -71.77 55.85
CA SER AD 505 36.94 -71.89 54.93
C SER AD 505 37.36 -71.73 53.48
N ASN AD 506 36.68 -72.49 52.61
CA ASN AD 506 36.93 -72.51 51.17
C ASN AD 506 35.62 -72.51 50.40
N VAL AD 507 35.46 -71.60 49.44
CA VAL AD 507 34.22 -71.43 48.69
C VAL AD 507 34.54 -71.27 47.21
N VAL AD 508 33.73 -71.91 46.36
CA VAL AD 508 33.86 -71.86 44.91
C VAL AD 508 32.48 -71.76 44.28
N ARG AD 509 32.37 -70.94 43.22
CA ARG AD 509 31.07 -70.69 42.57
C ARG AD 509 31.29 -70.36 41.10
N VAL AD 510 30.67 -71.10 40.17
CA VAL AD 510 30.90 -70.86 38.74
C VAL AD 510 29.64 -70.99 37.91
N PHE AD 511 29.60 -70.21 36.83
CA PHE AD 511 28.54 -70.17 35.81
C PHE AD 511 29.07 -70.60 34.43
N MET AD 512 28.58 -71.72 33.91
CA MET AD 512 29.01 -72.27 32.62
C MET AD 512 27.83 -72.36 31.66
N ILE AD 513 28.02 -71.88 30.43
CA ILE AD 513 26.96 -71.78 29.44
C ILE AD 513 27.22 -72.73 28.27
N GLU AD 514 26.10 -73.35 27.77
CA GLU AD 514 26.17 -74.33 26.68
C GLU AD 514 24.94 -74.26 25.76
N PRO AD 515 25.04 -73.55 24.63
CA PRO AD 515 23.94 -73.51 23.66
C PRO AD 515 23.99 -74.67 22.67
N LYS AD 516 22.82 -75.00 22.11
CA LYS AD 516 22.72 -76.09 21.14
C LYS AD 516 21.51 -75.87 20.23
N GLU AD 517 21.71 -75.90 18.92
CA GLU AD 517 20.58 -75.80 17.99
C GLU AD 517 19.64 -76.99 18.12
N ILE AD 518 18.33 -76.72 18.12
CA ILE AD 518 17.29 -77.74 18.19
C ILE AD 518 16.62 -77.86 16.83
N VAL AD 519 16.66 -79.06 16.26
CA VAL AD 519 16.12 -79.32 14.93
C VAL AD 519 14.94 -80.29 14.95
N ASP AD 520 14.93 -81.26 15.87
CA ASP AD 520 13.94 -82.32 15.83
C ASP AD 520 13.10 -82.38 17.11
N PRO AD 521 11.81 -82.68 16.98
CA PRO AD 521 10.96 -82.88 18.17
C PRO AD 521 11.37 -84.08 18.99
N LEU AD 522 10.79 -84.15 20.18
CA LEU AD 522 11.12 -85.17 21.17
C LEU AD 522 10.84 -86.58 20.64
N THR AD 523 11.56 -87.54 21.20
CA THR AD 523 11.38 -88.97 20.98
C THR AD 523 11.83 -89.71 22.24
N PRO AD 524 10.96 -90.47 22.92
CA PRO AD 524 9.51 -90.68 22.83
C PRO AD 524 8.71 -89.41 22.90
N ASP AD 525 7.47 -89.44 22.44
CA ASP AD 525 6.57 -88.33 22.71
C ASP AD 525 6.31 -88.15 24.20
N ALA AD 526 6.00 -86.90 24.55
CA ALA AD 526 5.84 -86.53 25.94
C ALA AD 526 4.88 -87.46 26.66
N SER AD 527 3.71 -87.69 26.05
CA SER AD 527 2.71 -88.58 26.63
C SER AD 527 3.21 -90.00 26.73
N GLU AD 528 4.07 -90.42 25.79
CA GLU AD 528 4.63 -91.76 25.83
C GLU AD 528 5.53 -91.94 27.04
N SER AD 529 6.13 -90.85 27.52
CA SER AD 529 6.91 -90.97 28.75
C SER AD 529 6.07 -90.70 30.00
N VAL AD 530 5.12 -89.78 29.89
CA VAL AD 530 4.27 -89.44 31.02
C VAL AD 530 3.47 -90.64 31.50
N ASN AD 531 2.92 -91.41 30.58
CA ASN AD 531 2.16 -92.59 31.00
C ASN AD 531 3.04 -93.54 31.79
N ASN AD 532 4.30 -93.67 31.40
CA ASN AD 532 5.23 -94.51 32.14
C ASN AD 532 5.44 -93.99 33.54
N ILE AD 533 5.75 -92.71 33.65
CA ILE AD 533 5.92 -92.08 34.96
C ILE AD 533 4.71 -92.32 35.85
N LEU AD 534 3.51 -92.04 35.33
CA LEU AD 534 2.29 -92.26 36.10
C LEU AD 534 2.16 -93.69 36.59
N LYS AD 535 2.27 -94.66 35.69
CA LYS AD 535 2.15 -96.06 36.10
C LYS AD 535 3.19 -96.46 37.14
N GLN AD 536 4.45 -96.13 36.90
CA GLN AD 536 5.50 -96.46 37.85
C GLN AD 536 5.25 -95.81 39.21
N SER AD 537 4.77 -94.57 39.21
CA SER AD 537 4.40 -93.89 40.44
C SER AD 537 3.13 -94.44 41.08
N GLY AD 538 2.34 -95.19 40.33
CA GLY AD 538 1.00 -95.57 40.77
C GLY AD 538 0.01 -94.44 40.81
N ALA AD 539 0.34 -93.28 40.26
CA ALA AD 539 -0.61 -92.19 40.16
C ALA AD 539 -1.68 -92.50 39.12
N TRP AD 540 -1.39 -93.41 38.20
CA TRP AD 540 -2.31 -93.83 37.15
C TRP AD 540 -3.74 -93.94 37.64
N SER AD 541 -4.66 -93.44 36.81
CA SER AD 541 -6.08 -93.37 37.13
C SER AD 541 -6.99 -93.77 35.97
N GLY AD 542 -6.44 -94.12 34.81
CA GLY AD 542 -7.25 -94.51 33.67
C GLY AD 542 -8.15 -95.69 33.93
N ASP AD 543 -7.85 -96.47 34.98
CA ASP AD 543 -8.75 -97.54 35.39
C ASP AD 543 -10.14 -97.04 35.78
N ASP AD 544 -10.27 -95.77 36.17
CA ASP AD 544 -11.51 -95.37 36.80
C ASP AD 544 -12.71 -95.44 35.87
N LYS AD 545 -13.69 -96.22 36.32
CA LYS AD 545 -14.91 -96.54 35.58
C LYS AD 545 -15.78 -95.33 35.35
N LEU AD 546 -15.57 -94.25 36.08
CA LEU AD 546 -16.42 -93.08 35.89
C LEU AD 546 -15.69 -92.01 35.10
N GLN AD 547 -14.46 -91.71 35.47
CA GLN AD 547 -13.73 -90.68 34.74
C GLN AD 547 -13.43 -91.10 33.31
N LYS AD 548 -13.47 -92.41 33.01
CA LYS AD 548 -13.29 -92.89 31.65
C LYS AD 548 -14.13 -92.13 30.62
N TRP AD 549 -15.36 -91.78 30.98
CA TRP AD 549 -16.32 -91.17 30.06
C TRP AD 549 -15.89 -89.81 29.57
N VAL AD 550 -14.93 -89.16 30.23
CA VAL AD 550 -14.43 -87.86 29.83
C VAL AD 550 -12.95 -87.94 29.47
N ARG AD 551 -12.17 -88.67 30.25
CA ARG AD 551 -10.75 -88.81 29.95
C ARG AD 551 -10.56 -89.38 28.55
N VAL AD 552 -11.54 -90.14 28.05
CA VAL AD 552 -11.49 -90.53 26.64
C VAL AD 552 -11.25 -89.32 25.75
N TYR AD 553 -12.01 -88.25 25.93
CA TYR AD 553 -11.88 -87.10 25.05
C TYR AD 553 -10.49 -86.47 25.15
N LEU AD 554 -9.91 -86.47 26.34
CA LEU AD 554 -8.63 -85.80 26.56
C LEU AD 554 -7.45 -86.61 26.02
N ASP AD 555 -7.44 -87.91 26.25
CA ASP AD 555 -6.29 -88.75 25.87
C ASP AD 555 -6.43 -89.34 24.48
N ARG AD 556 -7.65 -89.58 24.01
CA ARG AD 556 -7.82 -90.06 22.65
C ARG AD 556 -7.68 -88.93 21.64
N GLY AD 557 -8.50 -87.90 21.77
CA GLY AD 557 -8.61 -86.91 20.71
C GLY AD 557 -9.08 -87.51 19.40
N ASP BD 20 84.37 79.79 -98.47
CA ASP BD 20 83.68 79.48 -97.24
C ASP BD 20 82.87 78.20 -97.41
N LYS BD 21 82.79 77.41 -96.35
CA LYS BD 21 82.08 76.14 -96.36
C LYS BD 21 80.78 76.22 -95.57
N ASP BD 22 79.73 75.62 -96.14
CA ASP BD 22 78.43 75.53 -95.51
C ASP BD 22 78.39 74.44 -94.44
N LEU BD 23 78.07 74.85 -93.21
CA LEU BD 23 77.82 73.92 -92.11
C LEU BD 23 76.37 73.45 -92.07
N LEU BD 24 75.44 74.39 -92.00
CA LEU BD 24 74.05 74.03 -91.75
C LEU BD 24 73.15 74.96 -92.53
N LYS BD 25 71.99 74.42 -92.95
CA LYS BD 25 71.00 75.19 -93.69
C LYS BD 25 69.60 74.86 -93.22
N GLY BD 26 68.66 75.72 -93.60
CA GLY BD 26 67.28 75.60 -93.18
C GLY BD 26 67.04 75.63 -91.69
N LEU BD 27 67.85 76.37 -90.94
CA LEU BD 27 67.68 76.50 -89.50
C LEU BD 27 66.57 77.48 -89.17
N ASP BD 28 65.97 77.28 -88.00
CA ASP BD 28 65.19 78.34 -87.36
C ASP BD 28 66.07 79.38 -86.69
N GLN BD 29 65.45 80.54 -86.45
CA GLN BD 29 66.09 81.65 -85.77
C GLN BD 29 66.77 81.24 -84.47
N GLU BD 30 66.12 80.36 -83.72
CA GLU BD 30 66.61 79.99 -82.41
C GLU BD 30 67.53 78.80 -82.45
N GLN BD 31 67.62 78.13 -83.58
CA GLN BD 31 68.68 77.16 -83.78
C GLN BD 31 69.95 77.88 -84.20
N ALA BD 32 69.81 78.85 -85.09
CA ALA BD 32 70.97 79.61 -85.56
C ALA BD 32 71.64 80.35 -84.42
N ASN BD 33 70.87 81.03 -83.58
CA ASN BD 33 71.53 81.81 -82.54
C ASN BD 33 72.25 80.91 -81.55
N GLU BD 34 71.73 79.71 -81.32
CA GLU BD 34 72.41 78.75 -80.44
C GLU BD 34 73.71 78.24 -81.05
N VAL BD 35 73.70 77.99 -82.35
CA VAL BD 35 74.93 77.55 -83.00
C VAL BD 35 75.97 78.64 -82.98
N ILE BD 36 75.59 79.88 -83.28
CA ILE BD 36 76.57 80.95 -83.25
C ILE BD 36 77.16 81.09 -81.85
N ALA BD 37 76.31 81.06 -80.82
CA ALA BD 37 76.82 81.19 -79.46
C ALA BD 37 77.85 80.13 -79.13
N VAL BD 38 77.55 78.89 -79.47
CA VAL BD 38 78.49 77.82 -79.13
C VAL BD 38 79.77 77.88 -79.94
N LEU BD 39 79.72 78.36 -81.19
CA LEU BD 39 80.99 78.44 -81.89
C LEU BD 39 81.84 79.62 -81.45
N GLN BD 40 81.24 80.78 -81.25
CA GLN BD 40 81.99 81.91 -80.71
C GLN BD 40 82.67 81.57 -79.40
N MET BD 41 82.02 80.81 -78.53
CA MET BD 41 82.69 80.49 -77.28
C MET BD 41 84.03 79.81 -77.49
N HIS BD 42 84.18 79.00 -78.54
CA HIS BD 42 85.44 78.31 -78.82
C HIS BD 42 86.36 79.07 -79.79
N ASN BD 43 86.16 80.37 -79.94
CA ASN BD 43 86.95 81.23 -80.83
C ASN BD 43 86.80 80.94 -82.32
N ILE BD 44 85.61 80.58 -82.77
CA ILE BD 44 85.34 80.35 -84.18
C ILE BD 44 84.37 81.43 -84.65
N GLU BD 45 84.83 82.29 -85.56
CA GLU BD 45 84.01 83.31 -86.19
C GLU BD 45 83.08 82.72 -87.24
N ALA BD 46 81.77 82.90 -87.06
CA ALA BD 46 80.76 82.31 -87.93
C ALA BD 46 79.85 83.40 -88.50
N ASN BD 47 79.16 83.07 -89.60
CA ASN BD 47 78.27 84.01 -90.27
C ASN BD 47 76.88 83.41 -90.49
N LYS BD 48 75.86 84.22 -90.19
CA LYS BD 48 74.46 83.86 -90.37
C LYS BD 48 73.86 84.60 -91.55
N ILE BD 49 73.26 83.86 -92.47
CA ILE BD 49 72.66 84.37 -93.70
C ILE BD 49 71.20 83.96 -93.74
N ASP BD 50 70.34 84.86 -94.21
CA ASP BD 50 68.90 84.64 -94.29
C ASP BD 50 68.43 84.48 -95.73
N SER BD 51 67.73 83.38 -96.01
CA SER BD 51 67.16 83.07 -97.30
C SER BD 51 65.64 83.12 -97.30
N GLY BD 52 65.04 83.69 -96.26
CA GLY BD 52 63.61 83.74 -96.05
C GLY BD 52 62.83 82.46 -95.86
N LYS BD 53 61.97 82.10 -96.81
CA LYS BD 53 61.26 80.83 -96.72
C LYS BD 53 62.20 79.63 -96.59
N LEU BD 54 63.47 79.78 -96.93
CA LEU BD 54 64.41 78.68 -96.81
C LEU BD 54 65.13 78.69 -95.47
N GLY BD 55 64.86 79.67 -94.62
CA GLY BD 55 65.55 79.82 -93.35
C GLY BD 55 66.96 80.38 -93.38
N TYR BD 56 67.64 80.18 -92.27
CA TYR BD 56 69.01 80.64 -92.07
C TYR BD 56 70.07 79.59 -92.39
N SER BD 57 71.22 80.09 -92.84
CA SER BD 57 72.39 79.31 -93.19
C SER BD 57 73.58 79.83 -92.38
N ILE BD 58 74.47 78.92 -92.03
CA ILE BD 58 75.66 79.22 -91.24
C ILE BD 58 76.90 78.84 -92.03
N THR BD 59 77.87 79.75 -92.07
CA THR BD 59 79.09 79.50 -92.84
C THR BD 59 80.31 79.93 -92.03
N VAL BD 60 81.44 79.26 -92.30
CA VAL BD 60 82.71 79.52 -91.65
C VAL BD 60 83.84 79.39 -92.66
N ALA BD 61 85.00 79.94 -92.29
CA ALA BD 61 86.22 79.76 -93.08
C ALA BD 61 86.80 78.34 -92.99
N GLU BD 62 87.56 78.01 -94.03
CA GLU BD 62 88.22 76.71 -94.14
C GLU BD 62 89.16 76.37 -93.00
N PRO BD 63 90.10 77.23 -92.61
CA PRO BD 63 90.96 76.88 -91.45
C PRO BD 63 90.18 76.49 -90.22
N ASP BD 64 88.95 76.94 -90.06
CA ASP BD 64 88.15 76.63 -88.89
C ASP BD 64 87.12 75.55 -89.14
N PHE BD 65 87.01 75.09 -90.38
CA PHE BD 65 85.99 74.10 -90.72
C PHE BD 65 86.11 72.83 -89.87
N THR BD 66 87.31 72.24 -89.81
CA THR BD 66 87.50 71.03 -89.02
C THR BD 66 87.04 71.17 -87.57
N ALA BD 67 87.53 72.19 -86.88
CA ALA BD 67 87.10 72.43 -85.51
C ALA BD 67 85.60 72.61 -85.40
N ALA BD 68 85.01 73.40 -86.30
CA ALA BD 68 83.58 73.62 -86.20
C ALA BD 68 82.81 72.33 -86.34
N VAL BD 69 83.27 71.43 -87.22
CA VAL BD 69 82.65 70.11 -87.35
C VAL BD 69 82.75 69.33 -86.04
N TYR BD 70 83.93 69.29 -85.45
CA TYR BD 70 84.09 68.54 -84.21
C TYR BD 70 83.20 69.07 -83.09
N TRP BD 71 83.04 70.38 -82.98
CA TRP BD 71 82.14 70.90 -81.95
C TRP BD 71 80.68 70.66 -82.28
N ILE BD 72 80.29 70.75 -83.55
CA ILE BD 72 78.92 70.42 -83.93
C ILE BD 72 78.57 68.99 -83.54
N LYS BD 73 79.49 68.07 -83.76
CA LYS BD 73 79.28 66.70 -83.30
C LYS BD 73 79.23 66.63 -81.78
N THR BD 74 80.18 67.25 -81.09
CA THR BD 74 80.25 67.09 -79.65
C THR BD 74 79.00 67.60 -78.97
N TYR BD 75 78.48 68.74 -79.40
CA TYR BD 75 77.26 69.26 -78.79
C TYR BD 75 75.99 68.71 -79.43
N GLN BD 76 76.08 67.85 -80.42
CA GLN BD 76 74.90 67.34 -81.10
C GLN BD 76 73.98 68.44 -81.59
N LEU BD 77 74.57 69.45 -82.19
CA LEU BD 77 73.79 70.52 -82.76
C LEU BD 77 73.23 70.09 -84.10
N PRO BD 78 72.23 70.81 -84.64
CA PRO BD 78 71.41 71.85 -84.06
C PRO BD 78 70.47 71.32 -83.00
N PRO BD 79 70.04 72.18 -82.09
CA PRO BD 79 69.23 71.69 -80.98
C PRO BD 79 67.84 71.30 -81.45
N ARG BD 80 67.18 70.52 -80.64
CA ARG BD 80 65.88 69.98 -80.96
C ARG BD 80 64.78 70.84 -80.37
N PRO BD 81 63.53 70.66 -80.81
CA PRO BD 81 62.42 71.41 -80.19
C PRO BD 81 62.15 70.95 -78.78
N ARG BD 82 61.66 71.88 -77.97
CA ARG BD 82 61.38 71.61 -76.56
C ARG BD 82 60.09 70.81 -76.41
N VAL BD 83 60.11 69.84 -75.49
CA VAL BD 83 59.04 68.86 -75.32
C VAL BD 83 58.20 69.20 -74.10
N GLU BD 84 56.88 69.15 -74.26
CA GLU BD 84 55.94 69.31 -73.16
C GLU BD 84 54.83 68.27 -73.27
N ILE BD 85 54.43 67.71 -72.13
CA ILE BD 85 53.61 66.50 -72.12
C ILE BD 85 52.27 66.75 -72.80
N ALA BD 86 51.75 67.96 -72.71
CA ALA BD 86 50.51 68.29 -73.40
C ALA BD 86 50.56 68.03 -74.89
N GLN BD 87 51.74 67.94 -75.49
CA GLN BD 87 51.82 67.68 -76.92
C GLN BD 87 51.47 66.26 -77.33
N MET BD 88 51.41 65.31 -76.39
CA MET BD 88 51.01 63.96 -76.72
C MET BD 88 49.52 63.70 -76.59
N PHE BD 89 48.75 64.63 -76.06
CA PHE BD 89 47.33 64.40 -75.76
C PHE BD 89 46.51 65.58 -76.27
N PRO BD 90 46.51 65.79 -77.56
CA PRO BD 90 45.81 66.95 -78.12
C PRO BD 90 44.31 66.82 -77.90
N ALA BD 91 43.67 67.97 -77.80
CA ALA BD 91 42.28 68.11 -77.40
C ALA BD 91 41.29 67.61 -78.43
N ASP BD 92 41.71 66.94 -79.51
CA ASP BD 92 40.81 66.58 -80.61
C ASP BD 92 40.14 65.24 -80.34
N SER BD 93 39.14 65.26 -79.47
CA SER BD 93 38.18 64.17 -79.36
C SER BD 93 36.86 64.72 -78.85
N LEU BD 94 35.78 64.01 -79.19
CA LEU BD 94 34.46 64.33 -78.63
C LEU BD 94 34.28 63.82 -77.21
N VAL BD 95 34.80 62.65 -76.88
CA VAL BD 95 35.10 62.27 -75.50
C VAL BD 95 36.59 62.09 -75.31
N SER BD 96 37.14 62.75 -74.30
CA SER BD 96 38.55 62.65 -73.96
C SER BD 96 38.64 61.86 -72.66
N SER BD 97 39.51 60.88 -72.64
CA SER BD 97 39.62 60.00 -71.49
C SER BD 97 40.19 60.71 -70.26
N PRO BD 98 39.78 60.27 -69.08
CA PRO BD 98 40.27 60.90 -67.85
C PRO BD 98 41.77 60.96 -67.74
N ARG BD 99 42.46 59.94 -68.26
CA ARG BD 99 43.92 59.96 -68.22
C ARG BD 99 44.49 61.11 -69.02
N ALA BD 100 43.92 61.37 -70.19
CA ALA BD 100 44.45 62.47 -70.98
C ALA BD 100 44.06 63.82 -70.40
N GLU BD 101 42.90 63.91 -69.76
CA GLU BD 101 42.58 65.15 -69.06
C GLU BD 101 43.55 65.46 -67.93
N LYS BD 102 43.80 64.49 -67.05
CA LYS BD 102 44.77 64.75 -65.99
C LYS BD 102 46.17 65.00 -66.53
N ALA BD 103 46.55 64.37 -67.63
CA ALA BD 103 47.83 64.70 -68.21
C ALA BD 103 47.92 66.15 -68.66
N ARG BD 104 46.86 66.68 -69.25
CA ARG BD 104 46.95 68.08 -69.65
C ARG BD 104 46.98 68.98 -68.43
N LEU BD 105 46.29 68.59 -67.38
CA LEU BD 105 46.24 69.43 -66.18
C LEU BD 105 47.63 69.59 -65.57
N TYR BD 106 48.26 68.48 -65.24
CA TYR BD 106 49.62 68.55 -64.71
C TYR BD 106 50.61 69.18 -65.68
N SER BD 107 50.46 68.92 -66.98
CA SER BD 107 51.36 69.57 -67.91
C SER BD 107 51.15 71.06 -68.01
N ALA BD 108 50.07 71.59 -67.46
CA ALA BD 108 49.91 73.03 -67.43
C ALA BD 108 50.47 73.62 -66.14
N ILE BD 109 50.26 72.92 -65.03
CA ILE BD 109 50.76 73.40 -63.75
C ILE BD 109 52.28 73.46 -63.73
N GLU BD 110 52.96 72.44 -64.26
CA GLU BD 110 54.41 72.51 -64.32
C GLU BD 110 54.92 73.77 -65.00
N GLN BD 111 54.33 74.11 -66.14
CA GLN BD 111 54.81 75.27 -66.88
C GLN BD 111 54.53 76.55 -66.13
N ARG BD 112 53.39 76.63 -65.46
CA ARG BD 112 53.07 77.87 -64.77
C ARG BD 112 53.99 78.06 -63.57
N LEU BD 113 54.39 76.97 -62.92
CA LEU BD 113 55.36 77.11 -61.84
C LEU BD 113 56.74 77.54 -62.36
N GLU BD 114 57.20 76.98 -63.47
CA GLU BD 114 58.48 77.46 -63.99
C GLU BD 114 58.45 78.96 -64.29
N GLN BD 115 57.36 79.42 -64.90
CA GLN BD 115 57.28 80.85 -65.19
C GLN BD 115 57.23 81.68 -63.94
N SER BD 116 56.66 81.16 -62.85
CA SER BD 116 56.67 81.97 -61.64
C SER BD 116 58.04 81.99 -61.01
N LEU BD 117 58.76 80.87 -61.01
CA LEU BD 117 60.11 80.88 -60.44
C LEU BD 117 61.04 81.85 -61.14
N GLN BD 118 60.95 81.97 -62.46
CA GLN BD 118 61.89 82.89 -63.09
C GLN BD 118 61.73 84.34 -62.64
N THR BD 119 60.68 84.69 -61.92
CA THR BD 119 60.52 86.04 -61.40
C THR BD 119 61.17 86.28 -60.04
N MET BD 120 61.68 85.26 -59.37
CA MET BD 120 62.33 85.51 -58.10
C MET BD 120 63.60 86.30 -58.29
N GLU BD 121 64.12 86.82 -57.18
CA GLU BD 121 65.24 87.76 -57.16
C GLU BD 121 66.52 87.11 -57.66
N GLY BD 122 66.94 87.47 -58.87
CA GLY BD 122 68.21 87.06 -59.43
C GLY BD 122 68.28 85.68 -60.01
N VAL BD 123 67.16 84.97 -60.16
CA VAL BD 123 67.16 83.75 -60.94
C VAL BD 123 67.27 84.09 -62.41
N LEU BD 124 68.01 83.27 -63.16
CA LEU BD 124 68.11 83.45 -64.60
C LEU BD 124 67.30 82.44 -65.37
N SER BD 125 67.28 81.17 -64.96
CA SER BD 125 66.44 80.18 -65.60
C SER BD 125 66.18 79.05 -64.61
N ALA BD 126 65.13 78.28 -64.90
CA ALA BD 126 64.71 77.22 -63.99
C ALA BD 126 64.00 76.11 -64.75
N ARG BD 127 63.86 74.98 -64.08
CA ARG BD 127 63.07 73.85 -64.56
C ARG BD 127 62.37 73.20 -63.38
N VAL BD 128 61.18 72.68 -63.61
CA VAL BD 128 60.41 71.98 -62.59
C VAL BD 128 59.89 70.66 -63.16
N HIS BD 129 59.84 69.63 -62.31
CA HIS BD 129 59.28 68.34 -62.65
C HIS BD 129 58.35 67.86 -61.55
N ILE BD 130 57.25 67.22 -61.94
CA ILE BD 130 56.26 66.71 -61.01
C ILE BD 130 56.06 65.22 -61.23
N SER BD 131 55.83 64.50 -60.12
CA SER BD 131 55.50 63.08 -60.21
C SER BD 131 54.11 62.88 -60.81
N TYR BD 132 54.05 62.37 -62.04
CA TYR BD 132 52.77 62.01 -62.64
C TYR BD 132 52.18 60.73 -62.07
N ASP BD 133 51.32 60.85 -61.08
CA ASP BD 133 50.61 59.72 -60.50
C ASP BD 133 49.50 59.21 -61.40
N ILE BD 134 49.38 59.79 -62.60
CA ILE BD 134 48.28 59.51 -63.51
C ILE BD 134 48.55 58.32 -64.41
N ASP BD 135 49.75 57.74 -64.39
CA ASP BD 135 49.99 56.52 -65.14
C ASP BD 135 49.21 55.35 -64.60
N ALA BD 136 48.53 55.56 -63.48
CA ALA BD 136 47.32 54.82 -63.13
C ALA BD 136 46.24 55.84 -62.84
N GLY BD 137 45.00 55.47 -63.15
CA GLY BD 137 43.92 56.43 -62.97
C GLY BD 137 43.70 56.79 -61.53
N GLU BD 138 44.22 55.99 -60.60
CA GLU BD 138 43.85 56.08 -59.19
C GLU BD 138 42.35 55.89 -58.99
N ASN BD 139 41.70 55.25 -59.96
CA ASN BD 139 40.35 54.75 -59.78
C ASN BD 139 40.39 53.54 -58.85
N GLY BD 140 39.70 53.63 -57.73
CA GLY BD 140 39.62 52.53 -56.80
C GLY BD 140 40.85 52.33 -55.93
N ARG BD 141 41.88 53.17 -56.07
CA ARG BD 141 43.09 53.03 -55.28
C ARG BD 141 43.43 54.38 -54.65
N PRO BD 142 43.85 54.41 -53.39
CA PRO BD 142 44.12 55.68 -52.71
C PRO BD 142 45.32 56.38 -53.34
N PRO BD 143 45.21 57.68 -53.61
CA PRO BD 143 46.22 58.35 -54.44
C PRO BD 143 47.53 58.59 -53.71
N LYS BD 144 48.64 58.41 -54.43
CA LYS BD 144 49.97 58.57 -53.86
C LYS BD 144 50.30 60.05 -53.64
N PRO BD 145 51.18 60.35 -52.70
CA PRO BD 145 51.58 61.73 -52.47
C PRO BD 145 52.51 62.25 -53.56
N VAL BD 146 52.56 63.57 -53.67
CA VAL BD 146 53.28 64.25 -54.75
C VAL BD 146 54.76 64.39 -54.42
N HIS BD 147 55.59 64.39 -55.48
CA HIS BD 147 57.00 64.73 -55.40
C HIS BD 147 57.35 65.75 -56.49
N LEU BD 148 58.29 66.65 -56.17
CA LEU BD 148 58.73 67.69 -57.09
C LEU BD 148 60.24 67.74 -57.16
N SER BD 149 60.76 68.17 -58.32
CA SER BD 149 62.17 68.48 -58.48
C SER BD 149 62.36 69.81 -59.18
N ALA BD 150 63.39 70.56 -58.79
CA ALA BD 150 63.66 71.86 -59.42
C ALA BD 150 65.14 72.10 -59.65
N LEU BD 151 65.45 72.68 -60.80
CA LEU BD 151 66.81 73.09 -61.17
C LEU BD 151 66.81 74.59 -61.39
N ALA BD 152 67.86 75.29 -60.95
CA ALA BD 152 67.87 76.72 -61.19
C ALA BD 152 69.27 77.29 -61.29
N VAL BD 153 69.39 78.40 -62.02
CA VAL BD 153 70.67 79.04 -62.30
C VAL BD 153 70.63 80.49 -61.81
N TYR BD 154 71.71 80.91 -61.15
CA TYR BD 154 71.77 82.21 -60.48
C TYR BD 154 72.86 83.10 -61.03
N GLU BD 155 72.66 84.40 -60.84
CA GLU BD 155 73.73 85.39 -60.97
C GLU BD 155 74.89 85.11 -60.03
N ARG BD 156 76.07 85.54 -60.45
CA ARG BD 156 77.31 85.34 -59.70
C ARG BD 156 77.34 86.16 -58.42
N GLY BD 157 77.79 85.53 -57.32
CA GLY BD 157 77.79 86.15 -56.01
C GLY BD 157 76.53 85.97 -55.20
N SER BD 158 75.80 84.90 -55.43
CA SER BD 158 74.53 84.56 -54.79
C SER BD 158 74.72 83.56 -53.66
N PRO BD 159 74.17 83.79 -52.45
CA PRO BD 159 74.25 82.77 -51.39
C PRO BD 159 73.27 81.62 -51.60
N LEU BD 160 73.73 80.65 -52.39
CA LEU BD 160 72.90 79.50 -52.75
C LEU BD 160 72.30 78.81 -51.53
N ALA BD 161 73.14 78.56 -50.52
CA ALA BD 161 72.65 77.91 -49.32
C ALA BD 161 71.47 78.63 -48.71
N HIS BD 162 71.55 79.95 -48.58
CA HIS BD 162 70.42 80.67 -48.03
C HIS BD 162 69.24 80.75 -48.97
N GLN BD 163 69.44 80.53 -50.27
CA GLN BD 163 68.29 80.64 -51.17
C GLN BD 163 67.56 79.33 -51.39
N ILE BD 164 68.13 78.19 -51.02
CA ILE BD 164 67.36 76.96 -51.17
C ILE BD 164 66.13 76.98 -50.27
N SER BD 165 66.27 77.54 -49.08
CA SER BD 165 65.15 77.62 -48.14
C SER BD 165 63.94 78.30 -48.77
N ASP BD 166 64.14 79.46 -49.37
CA ASP BD 166 63.04 80.18 -50.01
C ASP BD 166 62.30 79.30 -51.01
N ILE BD 167 63.03 78.64 -51.89
CA ILE BD 167 62.38 77.85 -52.92
C ILE BD 167 61.61 76.69 -52.32
N LYS BD 168 62.20 75.99 -51.36
CA LYS BD 168 61.44 74.91 -50.73
C LYS BD 168 60.18 75.42 -50.07
N ARG BD 169 60.27 76.53 -49.35
CA ARG BD 169 59.09 77.12 -48.73
C ARG BD 169 58.01 77.42 -49.76
N PHE BD 170 58.40 78.05 -50.86
CA PHE BD 170 57.43 78.40 -51.89
C PHE BD 170 56.80 77.18 -52.52
N LEU BD 171 57.58 76.16 -52.87
CA LEU BD 171 56.99 74.99 -53.51
C LEU BD 171 56.11 74.18 -52.56
N LYS BD 172 56.46 74.09 -51.28
CA LYS BD 172 55.69 73.27 -50.36
C LYS BD 172 54.18 73.52 -50.40
N ASN BD 173 53.77 74.78 -50.37
CA ASN BD 173 52.35 75.10 -50.29
C ASN BD 173 51.66 75.30 -51.62
N SER BD 174 52.33 75.10 -52.72
CA SER BD 174 51.64 75.14 -54.01
C SER BD 174 50.88 73.86 -54.30
N PHE BD 175 50.83 72.90 -53.38
CA PHE BD 175 50.26 71.60 -53.67
C PHE BD 175 49.58 71.03 -52.43
N ALA BD 176 48.74 70.03 -52.65
CA ALA BD 176 47.82 69.57 -51.61
C ALA BD 176 48.53 68.95 -50.42
N ASP BD 177 49.59 68.18 -50.64
CA ASP BD 177 50.26 67.53 -49.50
C ASP BD 177 51.68 67.15 -49.91
N VAL BD 178 52.64 67.90 -49.42
CA VAL BD 178 54.04 67.78 -49.81
C VAL BD 178 54.89 67.92 -48.56
N ASP BD 179 55.93 67.11 -48.45
CA ASP BD 179 56.85 67.16 -47.34
C ASP BD 179 58.20 67.68 -47.81
N TYR BD 180 58.85 68.49 -46.99
CA TYR BD 180 60.18 68.97 -47.33
C TYR BD 180 61.10 67.84 -47.69
N ASP BD 181 60.87 66.67 -47.12
CA ASP BD 181 61.66 65.49 -47.45
C ASP BD 181 61.45 65.03 -48.88
N ASN BD 182 60.41 65.51 -49.56
CA ASN BD 182 60.07 65.06 -50.90
C ASN BD 182 60.23 66.14 -51.95
N ILE BD 183 60.96 67.21 -51.66
CA ILE BD 183 61.30 68.24 -52.64
C ILE BD 183 62.81 68.24 -52.82
N SER BD 184 63.25 68.11 -54.08
CA SER BD 184 64.66 68.18 -54.44
C SER BD 184 64.95 69.47 -55.18
N VAL BD 185 66.06 70.13 -54.82
CA VAL BD 185 66.46 71.39 -55.42
C VAL BD 185 67.94 71.35 -55.75
N VAL BD 186 68.30 71.76 -56.96
CA VAL BD 186 69.70 71.80 -57.39
C VAL BD 186 70.00 73.14 -58.06
N LEU BD 187 71.06 73.80 -57.61
CA LEU BD 187 71.38 75.16 -58.02
C LEU BD 187 72.75 75.22 -58.69
N SER BD 188 72.92 76.19 -59.57
CA SER BD 188 74.22 76.41 -60.22
C SER BD 188 74.38 77.88 -60.53
N GLU BD 189 75.64 78.35 -60.53
CA GLU BD 189 75.97 79.71 -60.92
C GLU BD 189 76.18 79.84 -62.42
N ARG BD 190 75.96 81.05 -62.93
CA ARG BD 190 76.29 81.37 -64.31
C ARG BD 190 77.78 81.26 -64.59
N SER BD 191 78.10 80.83 -65.81
CA SER BD 191 79.46 80.78 -66.32
C SER BD 191 80.02 82.18 -66.59
N ASP BD 192 81.32 82.23 -66.80
CA ASP BD 192 81.99 83.47 -67.20
C ASP BD 192 81.39 84.05 -68.47
N ALA BD 193 81.28 85.38 -68.49
CA ALA BD 193 80.76 86.12 -69.63
C ALA BD 193 81.70 86.15 -70.83
N GLN BD 194 81.15 85.88 -72.01
CA GLN BD 194 81.82 85.98 -73.31
C GLN BD 194 81.63 87.36 -73.94
N LEU BD 195 82.52 88.29 -73.64
CA LEU BD 195 82.40 89.67 -74.09
C LEU BD 195 83.31 90.02 -75.26
N GLN BD 196 84.55 89.54 -75.28
CA GLN BD 196 85.47 89.83 -76.38
C GLN BD 196 85.18 88.97 -77.60
N ALA BD 197 85.30 89.61 -78.77
CA ALA BD 197 85.08 88.94 -80.05
C ALA BD 197 86.21 88.00 -80.44
N PRO BD 198 85.89 86.91 -81.15
CA PRO BD 198 86.93 86.02 -81.64
C PRO BD 198 87.79 86.66 -82.72
N GLY BD 199 89.02 86.18 -82.82
CA GLY BD 199 89.94 86.65 -83.85
C GLY BD 199 89.71 86.04 -85.23
N THR BD 200 89.85 86.87 -86.26
CA THR BD 200 89.70 86.44 -87.64
C THR BD 200 90.97 85.73 -88.11
N PRO BD 201 90.87 84.59 -88.79
CA PRO BD 201 92.06 83.93 -89.33
C PRO BD 201 92.92 84.87 -90.16
N VAL BD 202 94.23 84.72 -90.01
CA VAL BD 202 95.20 85.47 -90.79
C VAL BD 202 95.27 84.92 -92.19
N ASP CD 20 75.09 96.77 -89.57
CA ASP CD 20 74.32 96.28 -88.44
C ASP CD 20 73.95 94.83 -88.70
N LYS CD 21 73.90 94.03 -87.65
CA LYS CD 21 73.58 92.62 -87.74
C LYS CD 21 72.19 92.33 -87.17
N ASP CD 22 71.43 91.50 -87.87
CA ASP CD 22 70.11 91.09 -87.42
C ASP CD 22 70.19 90.03 -86.33
N LEU CD 23 69.62 90.34 -85.17
CA LEU CD 23 69.45 89.37 -84.09
C LEU CD 23 68.16 88.58 -84.22
N LEU CD 24 67.03 89.27 -84.35
CA LEU CD 24 65.75 88.60 -84.31
C LEU CD 24 64.80 89.29 -85.27
N LYS CD 25 63.86 88.52 -85.81
CA LYS CD 25 62.80 89.06 -86.64
C LYS CD 25 61.44 88.48 -86.25
N GLY CD 26 60.40 89.14 -86.74
CA GLY CD 26 59.04 88.71 -86.49
C GLY CD 26 58.63 88.69 -85.05
N LEU CD 27 59.15 89.59 -84.23
CA LEU CD 27 58.79 89.62 -82.82
C LEU CD 27 57.46 90.33 -82.62
N ASP CD 28 56.78 89.98 -81.54
CA ASP CD 28 55.73 90.81 -80.99
C ASP CD 28 56.27 92.09 -80.36
N GLN CD 29 55.37 93.04 -80.19
CA GLN CD 29 55.65 94.24 -79.40
C GLN CD 29 56.15 93.92 -78.00
N GLU CD 30 55.59 92.87 -77.40
CA GLU CD 30 55.93 92.50 -76.03
C GLU CD 30 57.27 91.83 -75.94
N GLN CD 31 57.65 91.13 -77.00
CA GLN CD 31 58.94 90.49 -77.04
C GLN CD 31 60.01 91.51 -77.33
N ALA CD 32 59.73 92.43 -78.25
CA ALA CD 32 60.70 93.46 -78.57
C ALA CD 32 61.05 94.30 -77.35
N ASN CD 33 60.04 94.76 -76.60
CA ASN CD 33 60.39 95.67 -75.52
C ASN CD 33 61.12 94.98 -74.38
N GLU CD 34 60.92 93.68 -74.22
CA GLU CD 34 61.70 92.93 -73.25
C GLU CD 34 63.15 92.75 -73.69
N VAL CD 35 63.34 92.45 -74.98
CA VAL CD 35 64.71 92.29 -75.47
C VAL CD 35 65.48 93.60 -75.34
N ILE CD 36 64.88 94.70 -75.78
CA ILE CD 36 65.56 95.97 -75.65
C ILE CD 36 65.90 96.27 -74.21
N ALA CD 37 64.96 96.05 -73.29
CA ALA CD 37 65.26 96.29 -71.88
C ALA CD 37 66.47 95.52 -71.40
N VAL CD 38 66.55 94.24 -71.76
CA VAL CD 38 67.66 93.42 -71.29
C VAL CD 38 68.99 93.82 -71.93
N LEU CD 39 69.00 94.16 -73.21
CA LEU CD 39 70.28 94.59 -73.76
C LEU CD 39 70.73 95.93 -73.23
N GLN CD 40 69.83 96.90 -73.14
CA GLN CD 40 70.20 98.19 -72.56
C GLN CD 40 70.79 98.04 -71.17
N MET CD 41 70.24 97.14 -70.36
CA MET CD 41 70.80 96.98 -69.03
C MET CD 41 72.29 96.64 -69.05
N HIS CD 42 72.76 95.90 -70.04
CA HIS CD 42 74.17 95.52 -70.15
C HIS CD 42 74.99 96.45 -71.02
N ASN CD 43 74.53 97.68 -71.25
CA ASN CD 43 75.24 98.67 -72.07
C ASN CD 43 75.36 98.34 -73.55
N ILE CD 44 74.34 97.74 -74.13
CA ILE CD 44 74.31 97.43 -75.55
C ILE CD 44 73.23 98.30 -76.18
N GLU CD 45 73.65 99.20 -77.06
CA GLU CD 45 72.73 100.03 -77.84
C GLU CD 45 72.06 99.24 -78.96
N ALA CD 46 70.73 99.18 -78.94
CA ALA CD 46 69.97 98.39 -79.89
C ALA CD 46 68.95 99.27 -80.61
N ASN CD 47 68.48 98.78 -81.76
CA ASN CD 47 67.51 99.50 -82.58
C ASN CD 47 66.32 98.60 -82.91
N LYS CD 48 65.12 99.17 -82.78
CA LYS CD 48 63.87 98.49 -83.07
C LYS CD 48 63.27 99.04 -84.36
N ILE CD 49 62.95 98.15 -85.29
CA ILE CD 49 62.40 98.50 -86.59
C ILE CD 49 61.07 97.78 -86.76
N ASP CD 50 60.10 98.46 -87.35
CA ASP CD 50 58.76 97.92 -87.57
C ASP CD 50 58.51 97.65 -89.04
N SER CD 51 58.12 96.41 -89.36
CA SER CD 51 57.81 95.97 -90.71
C SER CD 51 56.34 95.64 -90.91
N GLY CD 52 55.48 96.05 -89.99
CA GLY CD 52 54.06 95.73 -89.99
C GLY CD 52 53.61 94.29 -89.89
N LYS CD 53 53.01 93.74 -90.95
CA LYS CD 53 52.64 92.33 -90.93
C LYS CD 53 53.82 91.39 -90.67
N LEU CD 54 55.05 91.86 -90.84
CA LEU CD 54 56.21 91.03 -90.57
C LEU CD 54 56.73 91.19 -89.16
N GLY CD 55 56.12 92.04 -88.35
CA GLY CD 55 56.56 92.34 -87.00
C GLY CD 55 57.78 93.24 -86.86
N TYR CD 56 58.32 93.21 -85.65
CA TYR CD 56 59.49 93.99 -85.28
C TYR CD 56 60.80 93.23 -85.44
N SER CD 57 61.84 93.99 -85.73
CA SER CD 57 63.20 93.50 -85.91
C SER CD 57 64.12 94.27 -84.97
N ILE CD 58 65.15 93.59 -84.48
CA ILE CD 58 66.11 94.14 -83.55
C ILE CD 58 67.50 94.07 -84.16
N THR CD 59 68.25 95.17 -84.10
CA THR CD 59 69.58 95.20 -84.67
C THR CD 59 70.58 95.89 -83.75
N VAL CD 60 71.84 95.49 -83.87
CA VAL CD 60 72.95 96.02 -83.08
C VAL CD 60 74.17 96.13 -83.96
N ALA CD 61 75.14 96.93 -83.50
CA ALA CD 61 76.44 97.02 -84.14
C ALA CD 61 77.31 95.77 -83.93
N GLU CD 62 78.23 95.59 -84.86
CA GLU CD 62 79.17 94.47 -84.84
C GLU CD 62 80.01 94.40 -83.57
N PRO CD 63 80.66 95.47 -83.12
CA PRO CD 63 81.42 95.38 -81.86
C PRO CD 63 80.61 94.83 -80.71
N ASP CD 64 79.29 94.96 -80.72
CA ASP CD 64 78.45 94.49 -79.64
C ASP CD 64 77.76 93.18 -79.97
N PHE CD 65 77.92 92.69 -81.18
CA PHE CD 65 77.24 91.47 -81.63
C PHE CD 65 77.53 90.27 -80.72
N THR CD 66 78.81 89.98 -80.46
CA THR CD 66 79.15 88.85 -79.61
C THR CD 66 78.45 88.88 -78.26
N ALA CD 67 78.58 89.99 -77.54
CA ALA CD 67 77.90 90.11 -76.26
C ALA CD 67 76.40 89.95 -76.39
N ALA CD 68 75.79 90.58 -77.39
CA ALA CD 68 74.34 90.47 -77.51
C ALA CD 68 73.92 89.03 -77.71
N VAL CD 69 74.69 88.27 -78.47
CA VAL CD 69 74.41 86.86 -78.65
C VAL CD 69 74.50 86.11 -77.33
N TYR CD 70 75.61 86.29 -76.61
CA TYR CD 70 75.77 85.60 -75.35
C TYR CD 70 74.64 85.89 -74.37
N TRP CD 71 74.21 87.13 -74.28
CA TRP CD 71 73.08 87.44 -73.39
C TRP CD 71 71.77 86.84 -73.87
N ILE CD 72 71.51 86.88 -75.17
CA ILE CD 72 70.28 86.28 -75.67
C ILE CD 72 70.22 84.80 -75.32
N LYS CD 73 71.34 84.11 -75.42
CA LYS CD 73 71.35 82.72 -74.98
C LYS CD 73 71.16 82.59 -73.48
N THR CD 74 71.85 83.41 -72.70
CA THR CD 74 71.81 83.20 -71.26
C THR CD 74 70.42 83.46 -70.70
N TYR CD 75 69.73 84.48 -71.19
CA TYR CD 75 68.36 84.73 -70.76
C TYR CD 75 67.31 83.95 -71.52
N GLN CD 76 67.68 83.14 -72.51
CA GLN CD 76 66.70 82.44 -73.33
C GLN CD 76 65.65 83.36 -73.92
N LEU CD 77 66.08 84.46 -74.49
CA LEU CD 77 65.16 85.35 -75.16
C LEU CD 77 64.83 84.77 -76.52
N PRO CD 78 63.76 85.25 -77.18
CA PRO CD 78 62.66 86.08 -76.72
C PRO CD 78 61.76 85.34 -75.76
N PRO CD 79 61.06 86.04 -74.91
CA PRO CD 79 60.21 85.37 -73.93
C PRO CD 79 59.05 84.67 -74.61
N ARG CD 80 58.50 83.70 -73.90
CA ARG CD 80 57.39 82.90 -74.39
C ARG CD 80 56.06 83.49 -73.94
N PRO CD 81 54.95 83.02 -74.51
CA PRO CD 81 53.64 83.44 -74.03
C PRO CD 81 53.36 82.92 -72.63
N ARG CD 82 52.42 83.59 -71.96
CA ARG CD 82 52.17 83.37 -70.55
C ARG CD 82 50.99 82.42 -70.38
N VAL CD 83 51.20 81.36 -69.61
CA VAL CD 83 50.29 80.23 -69.51
C VAL CD 83 49.23 80.48 -68.45
N GLU CD 84 48.00 80.04 -68.73
CA GLU CD 84 46.93 79.97 -67.75
C GLU CD 84 46.14 78.69 -67.94
N ILE CD 85 45.75 78.07 -66.82
CA ILE CD 85 45.22 76.71 -66.89
C ILE CD 85 43.95 76.65 -67.72
N ALA CD 86 43.13 77.69 -67.68
CA ALA CD 86 41.92 77.71 -68.49
C ALA CD 86 42.18 77.53 -69.97
N GLN CD 87 43.39 77.77 -70.45
CA GLN CD 87 43.68 77.55 -71.87
C GLN CD 87 43.57 76.09 -72.27
N MET CD 88 43.67 75.16 -71.32
CA MET CD 88 43.60 73.75 -71.66
C MET CD 88 42.18 73.21 -71.77
N PHE CD 89 41.17 73.97 -71.40
CA PHE CD 89 39.85 73.40 -71.25
C PHE CD 89 38.78 74.31 -71.83
N PRO CD 90 38.90 74.73 -73.08
CA PRO CD 90 37.83 75.54 -73.67
C PRO CD 90 36.65 74.64 -73.99
N ALA CD 91 35.48 75.00 -73.48
CA ALA CD 91 34.32 74.13 -73.51
C ALA CD 91 33.54 74.27 -74.82
N ASP CD 92 33.37 73.15 -75.52
CA ASP CD 92 32.47 73.05 -76.65
C ASP CD 92 31.38 72.02 -76.45
N SER CD 93 31.52 71.13 -75.47
CA SER CD 93 30.61 70.02 -75.27
C SER CD 93 29.23 70.50 -74.83
N LEU CD 94 28.27 69.59 -74.94
CA LEU CD 94 27.07 69.72 -74.13
C LEU CD 94 27.39 69.56 -72.66
N VAL CD 95 28.21 68.56 -72.32
CA VAL CD 95 28.49 68.18 -70.94
C VAL CD 95 30.00 68.12 -70.84
N SER CD 96 30.58 69.04 -70.09
CA SER CD 96 31.98 68.91 -69.71
C SER CD 96 32.12 68.41 -68.28
N SER CD 97 33.25 67.76 -68.03
CA SER CD 97 33.40 66.98 -66.82
C SER CD 97 33.36 67.86 -65.58
N PRO CD 98 32.92 67.31 -64.45
CA PRO CD 98 33.11 67.98 -63.17
C PRO CD 98 34.56 68.38 -62.95
N ARG CD 99 35.48 67.78 -63.69
CA ARG CD 99 36.87 68.16 -63.58
C ARG CD 99 37.11 69.45 -64.33
N ALA CD 100 36.62 69.53 -65.56
CA ALA CD 100 36.91 70.66 -66.41
C ALA CD 100 36.28 71.93 -65.86
N GLU CD 101 35.00 71.87 -65.48
CA GLU CD 101 34.37 73.06 -64.92
C GLU CD 101 35.14 73.59 -63.70
N LYS CD 102 35.44 72.73 -62.75
CA LYS CD 102 36.19 73.14 -61.57
C LYS CD 102 37.55 73.72 -61.92
N ALA CD 103 38.21 73.16 -62.92
CA ALA CD 103 39.49 73.69 -63.34
C ALA CD 103 39.36 75.12 -63.86
N ARG CD 104 38.42 75.35 -64.76
CA ARG CD 104 38.23 76.73 -65.22
C ARG CD 104 37.90 77.69 -64.08
N LEU CD 105 37.09 77.24 -63.12
CA LEU CD 105 36.76 78.11 -62.00
C LEU CD 105 38.00 78.53 -61.22
N TYR CD 106 38.82 77.57 -60.81
CA TYR CD 106 40.00 77.94 -60.06
C TYR CD 106 40.95 78.77 -60.91
N SER CD 107 41.05 78.46 -62.19
CA SER CD 107 41.89 79.22 -63.08
C SER CD 107 41.42 80.64 -63.31
N ALA CD 108 40.22 80.97 -62.86
CA ALA CD 108 39.79 82.37 -62.93
C ALA CD 108 39.98 83.08 -61.61
N ILE CD 109 39.78 82.37 -60.51
CA ILE CD 109 39.99 82.98 -59.21
C ILE CD 109 41.45 83.38 -59.02
N GLU CD 110 42.38 82.53 -59.47
CA GLU CD 110 43.80 82.91 -59.44
C GLU CD 110 44.07 84.27 -60.07
N GLN CD 111 43.59 84.46 -61.30
CA GLN CD 111 43.86 85.71 -62.00
C GLN CD 111 43.19 86.88 -61.33
N ARG CD 112 42.02 86.68 -60.75
CA ARG CD 112 41.35 87.82 -60.13
C ARG CD 112 42.05 88.21 -58.84
N LEU CD 113 42.65 87.26 -58.14
CA LEU CD 113 43.43 87.62 -56.96
C LEU CD 113 44.70 88.39 -57.34
N GLU CD 114 45.41 87.94 -58.37
CA GLU CD 114 46.59 88.71 -58.77
C GLU CD 114 46.23 90.14 -59.14
N GLN CD 115 45.07 90.32 -59.79
CA GLN CD 115 44.67 91.68 -60.13
C GLN CD 115 44.27 92.48 -58.91
N SER CD 116 43.75 91.84 -57.88
CA SER CD 116 43.39 92.62 -56.70
C SER CD 116 44.64 93.03 -55.94
N LEU CD 117 45.54 92.08 -55.69
CA LEU CD 117 46.79 92.41 -55.02
C LEU CD 117 47.54 93.55 -55.69
N GLN CD 118 47.57 93.58 -57.02
CA GLN CD 118 48.32 94.68 -57.62
C GLN CD 118 47.81 96.06 -57.23
N THR CD 119 46.62 96.18 -56.66
CA THR CD 119 46.15 97.50 -56.23
C THR CD 119 46.64 97.91 -54.85
N MET CD 120 47.16 97.00 -54.05
CA MET CD 120 47.56 97.38 -52.70
C MET CD 120 48.67 98.41 -52.75
N GLU CD 121 48.86 99.10 -51.63
CA GLU CD 121 49.80 100.21 -51.56
C GLU CD 121 51.25 99.80 -51.80
N GLY CD 122 51.81 100.24 -52.92
CA GLY CD 122 53.22 100.08 -53.24
C GLY CD 122 53.64 98.74 -53.78
N VAL CD 123 52.72 97.81 -54.00
CA VAL CD 123 53.05 96.59 -54.73
C VAL CD 123 53.18 96.93 -56.21
N LEU CD 124 54.24 96.44 -56.85
CA LEU CD 124 54.41 96.64 -58.28
C LEU CD 124 53.83 95.49 -59.08
N SER CD 125 54.05 94.26 -58.65
CA SER CD 125 53.47 93.11 -59.34
C SER CD 125 53.43 91.95 -58.38
N ALA CD 126 52.64 90.94 -58.74
CA ALA CD 126 52.52 89.77 -57.89
C ALA CD 126 52.01 88.59 -58.71
N ARG CD 127 52.18 87.40 -58.16
CA ARG CD 127 51.67 86.18 -58.75
C ARG CD 127 51.14 85.28 -57.65
N VAL CD 128 50.17 84.43 -58.00
CA VAL CD 128 49.45 83.63 -57.01
C VAL CD 128 49.21 82.22 -57.54
N HIS CD 129 49.25 81.23 -56.63
CA HIS CD 129 49.02 79.84 -56.98
C HIS CD 129 48.12 79.16 -55.95
N ILE CD 130 47.24 78.29 -56.44
CA ILE CD 130 46.30 77.54 -55.60
C ILE CD 130 46.49 76.05 -55.82
N SER CD 131 46.36 75.25 -54.75
CA SER CD 131 46.39 73.79 -54.87
C SER CD 131 45.15 73.25 -55.55
N TYR CD 132 45.29 72.72 -56.77
CA TYR CD 132 44.15 72.10 -57.46
C TYR CD 132 43.85 70.73 -56.90
N ASP CD 133 42.83 70.62 -56.05
CA ASP CD 133 42.37 69.30 -55.62
C ASP CD 133 41.82 68.50 -56.79
N ILE CD 134 41.38 69.20 -57.82
CA ILE CD 134 40.78 68.68 -59.02
C ILE CD 134 41.63 67.67 -59.77
N ASP CD 135 42.91 67.53 -59.43
CA ASP CD 135 43.62 66.41 -60.03
C ASP CD 135 43.04 65.08 -59.61
N ALA CD 136 42.13 65.08 -58.63
CA ALA CD 136 41.11 64.06 -58.49
C ALA CD 136 39.76 64.72 -58.71
N GLY CD 137 38.85 64.03 -59.39
CA GLY CD 137 37.52 64.57 -59.50
C GLY CD 137 36.83 64.71 -58.17
N GLU CD 138 37.36 64.06 -57.13
CA GLU CD 138 36.69 63.91 -55.85
C GLU CD 138 35.36 63.16 -55.96
N ASN CD 139 35.20 62.36 -57.01
CA ASN CD 139 34.19 61.31 -57.01
C ASN CD 139 34.56 60.24 -56.00
N GLY CD 140 33.62 59.91 -55.10
CA GLY CD 140 33.82 58.90 -54.09
C GLY CD 140 34.64 59.31 -52.88
N ARG CD 141 35.47 60.34 -52.96
CA ARG CD 141 36.38 60.63 -51.85
C ARG CD 141 36.20 62.05 -51.33
N PRO CD 142 36.43 62.26 -50.03
CA PRO CD 142 36.16 63.57 -49.44
C PRO CD 142 37.18 64.63 -49.87
N PRO CD 143 36.76 65.88 -49.99
CA PRO CD 143 37.64 66.93 -50.51
C PRO CD 143 38.69 67.40 -49.50
N LYS CD 144 39.89 67.74 -50.01
CA LYS CD 144 41.06 68.14 -49.21
C LYS CD 144 41.12 69.66 -49.05
N PRO CD 145 41.77 70.13 -47.99
CA PRO CD 145 41.86 71.57 -47.74
C PRO CD 145 42.83 72.26 -48.66
N VAL CD 146 42.61 73.56 -48.84
CA VAL CD 146 43.31 74.38 -49.82
C VAL CD 146 44.63 74.89 -49.26
N HIS CD 147 45.60 75.08 -50.16
CA HIS CD 147 46.84 75.78 -49.89
C HIS CD 147 47.10 76.85 -50.95
N LEU CD 148 47.79 77.91 -50.54
CA LEU CD 148 48.02 79.09 -51.37
C LEU CD 148 49.47 79.53 -51.28
N SER CD 149 50.01 80.00 -52.40
CA SER CD 149 51.35 80.60 -52.43
C SER CD 149 51.32 81.91 -53.22
N ALA CD 150 52.10 82.89 -52.78
CA ALA CD 150 52.16 84.15 -53.50
C ALA CD 150 53.57 84.72 -53.54
N LEU CD 151 53.88 85.39 -54.65
CA LEU CD 151 55.10 86.15 -54.84
C LEU CD 151 54.75 87.61 -55.07
N ALA CD 152 55.52 88.53 -54.49
CA ALA CD 152 55.25 89.93 -54.78
C ALA CD 152 56.49 90.80 -54.73
N VAL CD 153 56.43 91.90 -55.48
CA VAL CD 153 57.55 92.82 -55.66
C VAL CD 153 57.14 94.19 -55.15
N TYR CD 154 58.03 94.84 -54.41
CA TYR CD 154 57.74 96.09 -53.73
C TYR CD 154 58.64 97.24 -54.16
N GLU CD 155 58.13 98.46 -54.03
CA GLU CD 155 58.94 99.66 -54.15
C GLU CD 155 60.00 99.73 -53.06
N ARG CD 156 61.07 100.44 -53.36
CA ARG CD 156 62.22 100.51 -52.46
C ARG CD 156 61.86 101.25 -51.17
N GLY CD 157 62.36 100.73 -50.05
CA GLY CD 157 62.06 101.30 -48.76
C GLY CD 157 60.79 100.80 -48.09
N SER CD 158 60.38 99.60 -48.37
CA SER CD 158 59.18 98.97 -47.84
C SER CD 158 59.51 98.04 -46.68
N PRO CD 159 58.84 98.13 -45.53
CA PRO CD 159 59.09 97.16 -44.45
C PRO CD 159 58.44 95.82 -44.72
N LEU CD 160 59.17 94.97 -45.45
CA LEU CD 160 58.65 93.67 -45.86
C LEU CD 160 58.11 92.84 -44.70
N ALA CD 161 58.88 92.75 -43.62
CA ALA CD 161 58.44 91.99 -42.47
C ALA CD 161 57.08 92.45 -41.99
N HIS CD 162 56.90 93.77 -41.86
CA HIS CD 162 55.62 94.29 -41.43
C HIS CD 162 54.53 94.15 -42.48
N GLN CD 163 54.89 93.94 -43.75
CA GLN CD 163 53.86 93.88 -44.78
C GLN CD 163 53.38 92.47 -45.10
N ILE CD 164 54.04 91.44 -44.59
CA ILE CD 164 53.52 90.09 -44.84
C ILE CD 164 52.16 89.88 -44.15
N SER CD 165 51.98 90.46 -42.97
CA SER CD 165 50.74 90.33 -42.24
C SER CD 165 49.53 90.72 -43.07
N ASP CD 166 49.58 91.89 -43.70
CA ASP CD 166 48.46 92.32 -44.53
C ASP CD 166 48.07 91.29 -45.56
N ILE CD 167 49.05 90.78 -46.32
CA ILE CD 167 48.72 89.82 -47.36
C ILE CD 167 48.10 88.57 -46.77
N LYS CD 168 48.69 88.01 -45.72
CA LYS CD 168 48.08 86.83 -45.13
C LYS CD 168 46.64 87.10 -44.70
N ARG CD 169 46.41 88.19 -43.99
CA ARG CD 169 45.06 88.52 -43.57
C ARG CD 169 44.12 88.60 -44.77
N PHE CD 170 44.53 89.27 -45.82
CA PHE CD 170 43.67 89.41 -46.99
C PHE CD 170 43.35 88.07 -47.63
N LEU CD 171 44.33 87.19 -47.77
CA LEU CD 171 44.05 85.94 -48.47
C LEU CD 171 43.31 84.91 -47.62
N LYS CD 172 43.56 84.87 -46.32
CA LYS CD 172 42.90 83.88 -45.48
C LYS CD 172 41.39 83.79 -45.69
N ASN CD 173 40.73 84.92 -45.81
CA ASN CD 173 39.27 84.95 -45.91
C ASN CD 173 38.74 84.98 -47.32
N SER CD 174 39.55 84.73 -48.32
CA SER CD 174 39.03 84.55 -49.67
C SER CD 174 38.59 83.12 -49.95
N PHE CD 175 38.74 82.21 -48.98
CA PHE CD 175 38.43 80.80 -49.20
C PHE CD 175 37.84 80.19 -47.95
N ALA CD 176 37.10 79.11 -48.12
CA ALA CD 176 36.23 78.63 -47.05
C ALA CD 176 36.99 77.97 -45.91
N ASP CD 177 38.15 77.37 -46.17
CA ASP CD 177 38.92 76.75 -45.10
C ASP CD 177 40.40 76.92 -45.38
N VAL CD 178 41.04 77.85 -44.72
CA VAL CD 178 42.45 78.11 -44.91
C VAL CD 178 43.05 78.46 -43.55
N ASP CD 179 44.22 77.91 -43.28
CA ASP CD 179 44.96 78.20 -42.06
C ASP CD 179 46.21 78.99 -42.39
N TYR CD 180 46.55 79.93 -41.53
CA TYR CD 180 47.76 80.71 -41.74
C TYR CD 180 48.95 79.81 -41.96
N ASP CD 181 48.97 78.64 -41.36
CA ASP CD 181 50.07 77.71 -41.59
C ASP CD 181 50.18 77.30 -43.05
N ASN CD 182 49.07 77.25 -43.77
CA ASN CD 182 49.06 76.79 -45.16
C ASN CD 182 49.27 77.89 -46.20
N ILE CD 183 49.69 79.09 -45.81
CA ILE CD 183 49.89 80.19 -46.75
C ILE CD 183 51.36 80.59 -46.76
N SER CD 184 51.98 80.48 -47.92
CA SER CD 184 53.36 80.88 -48.17
C SER CD 184 53.42 82.20 -48.93
N VAL CD 185 54.26 83.11 -48.47
CA VAL CD 185 54.40 84.44 -49.06
C VAL CD 185 55.87 84.76 -49.20
N VAL CD 186 56.28 85.15 -50.40
CA VAL CD 186 57.66 85.52 -50.71
C VAL CD 186 57.70 86.91 -51.33
N LEU CD 187 58.52 87.80 -50.76
CA LEU CD 187 58.59 89.19 -51.17
C LEU CD 187 59.99 89.57 -51.61
N SER CD 188 60.07 90.54 -52.52
CA SER CD 188 61.36 91.07 -52.98
C SER CD 188 61.21 92.54 -53.35
N GLU CD 189 62.31 93.27 -53.28
CA GLU CD 189 62.38 94.67 -53.69
C GLU CD 189 62.74 94.85 -55.16
N ARG CD 190 62.33 95.99 -55.72
CA ARG CD 190 62.80 96.41 -57.03
C ARG CD 190 64.31 96.60 -57.05
N SER CD 191 64.94 96.16 -58.14
CA SER CD 191 66.33 96.50 -58.44
C SER CD 191 66.51 97.99 -58.77
N ASP CD 192 67.78 98.40 -58.77
CA ASP CD 192 68.18 99.76 -59.14
C ASP CD 192 67.64 100.18 -60.51
N ALA CD 193 67.23 101.44 -60.59
CA ALA CD 193 66.71 102.03 -61.83
C ALA CD 193 67.78 102.28 -62.89
N GLN CD 194 67.48 101.89 -64.13
CA GLN CD 194 68.28 102.15 -65.32
C GLN CD 194 67.85 103.41 -66.06
N LEU CD 195 68.44 104.55 -65.70
CA LEU CD 195 68.04 105.83 -66.26
C LEU CD 195 68.98 106.38 -67.33
N GLN CD 196 70.29 106.23 -67.18
CA GLN CD 196 71.23 106.73 -68.18
C GLN CD 196 71.32 105.80 -69.37
N ALA CD 197 71.41 106.39 -70.56
CA ALA CD 197 71.52 105.66 -71.81
C ALA CD 197 72.89 105.02 -72.00
N PRO CD 198 72.93 103.87 -72.67
CA PRO CD 198 74.22 103.24 -72.99
C PRO CD 198 75.04 104.06 -73.98
N GLY CD 199 76.35 103.87 -73.89
CA GLY CD 199 77.28 104.52 -74.80
C GLY CD 199 77.38 103.89 -76.18
N THR CD 200 77.49 104.75 -77.19
CA THR CD 200 77.64 104.36 -78.59
C THR CD 200 79.07 103.94 -78.87
N PRO CD 201 79.30 102.84 -79.59
CA PRO CD 201 80.67 102.47 -79.96
C PRO CD 201 81.42 103.61 -80.63
N VAL CD 202 82.69 103.74 -80.29
CA VAL CD 202 83.55 104.73 -80.91
C VAL CD 202 83.93 104.28 -82.32
N ASP DD 20 61.64 110.71 -82.86
CA ASP DD 20 60.80 110.08 -81.86
C ASP DD 20 60.78 108.58 -82.04
N LYS DD 21 60.77 107.85 -80.93
CA LYS DD 21 60.74 106.40 -80.96
C LYS DD 21 59.38 105.88 -80.55
N ASP DD 22 58.90 104.88 -81.28
CA ASP DD 22 57.63 104.22 -80.97
C ASP DD 22 57.79 103.25 -79.80
N LEU DD 23 57.01 103.47 -78.75
CA LEU DD 23 56.93 102.52 -77.65
C LEU DD 23 55.86 101.47 -77.90
N LEU DD 24 54.64 101.89 -78.20
CA LEU DD 24 53.52 100.97 -78.29
C LEU DD 24 52.59 101.43 -79.40
N LYS DD 25 51.90 100.47 -80.01
CA LYS DD 25 50.86 100.76 -80.99
C LYS DD 25 49.64 99.88 -80.76
N GLY DD 26 48.55 100.27 -81.41
CA GLY DD 26 47.29 99.55 -81.30
C GLY DD 26 46.70 99.46 -79.91
N LEU DD 27 46.87 100.49 -79.10
CA LEU DD 27 46.33 100.49 -77.76
C LEU DD 27 44.86 100.88 -77.77
N ASP DD 28 44.14 100.42 -76.75
CA ASP DD 28 42.86 101.00 -76.39
C ASP DD 28 43.00 102.32 -75.66
N GLN DD 29 41.90 103.06 -75.66
CA GLN DD 29 41.77 104.29 -74.91
C GLN DD 29 42.27 104.15 -73.47
N GLU DD 30 41.71 103.19 -72.75
CA GLU DD 30 41.97 103.02 -71.34
C GLU DD 30 43.29 102.32 -71.03
N GLN DD 31 43.96 101.76 -72.03
CA GLN DD 31 45.35 101.36 -71.83
C GLN DD 31 46.26 102.56 -71.99
N ALA DD 32 46.03 103.34 -73.04
CA ALA DD 32 46.87 104.50 -73.31
C ALA DD 32 46.87 105.46 -72.14
N ASN DD 33 45.71 105.74 -71.57
CA ASN DD 33 45.66 106.69 -70.46
C ASN DD 33 46.45 106.21 -69.25
N GLU DD 34 46.45 104.90 -68.99
CA GLU DD 34 47.27 104.38 -67.91
C GLU DD 34 48.75 104.54 -68.20
N VAL DD 35 49.16 104.28 -69.44
CA VAL DD 35 50.57 104.41 -69.77
C VAL DD 35 51.02 105.86 -69.62
N ILE DD 36 50.26 106.79 -70.16
CA ILE DD 36 50.58 108.20 -69.98
C ILE DD 36 50.72 108.56 -68.51
N ALA DD 37 49.76 108.14 -67.69
CA ALA DD 37 49.81 108.47 -66.27
C ALA DD 37 51.09 107.98 -65.60
N VAL DD 38 51.49 106.75 -65.90
CA VAL DD 38 52.71 106.24 -65.27
C VAL DD 38 53.96 106.90 -65.80
N LEU DD 39 54.02 107.26 -67.08
CA LEU DD 39 55.21 107.95 -67.51
C LEU DD 39 55.28 109.35 -66.92
N GLN DD 40 54.19 110.09 -66.94
CA GLN DD 40 54.20 111.43 -66.34
C GLN DD 40 54.62 111.40 -64.89
N MET DD 41 54.22 110.38 -64.14
CA MET DD 41 54.59 110.38 -62.74
C MET DD 41 56.10 110.36 -62.53
N HIS DD 42 56.85 109.78 -63.46
CA HIS DD 42 58.31 109.71 -63.31
C HIS DD 42 59.03 110.75 -64.17
N ASN DD 43 58.37 111.83 -64.51
CA ASN DD 43 58.96 112.96 -65.24
C ASN DD 43 59.31 112.67 -66.69
N ILE DD 44 58.50 111.87 -67.38
CA ILE DD 44 58.71 111.57 -68.79
C ILE DD 44 57.56 112.18 -69.57
N GLU DD 45 57.87 113.16 -70.41
CA GLU DD 45 56.87 113.75 -71.30
C GLU DD 45 56.56 112.85 -72.48
N ALA DD 46 55.29 112.45 -72.62
CA ALA DD 46 54.87 111.52 -73.65
C ALA DD 46 53.75 112.13 -74.49
N ASN DD 47 53.55 111.57 -75.68
CA ASN DD 47 52.52 112.03 -76.61
C ASN DD 47 51.65 110.88 -77.09
N LYS DD 48 50.34 111.13 -77.10
CA LYS DD 48 49.32 110.18 -77.56
C LYS DD 48 48.78 110.60 -78.91
N ILE DD 49 48.81 109.68 -79.86
CA ILE DD 49 48.37 109.90 -81.24
C ILE DD 49 47.29 108.90 -81.59
N ASP DD 50 46.27 109.35 -82.32
CA ASP DD 50 45.13 108.53 -82.72
C ASP DD 50 45.17 108.23 -84.22
N SER DD 51 45.12 106.93 -84.54
CA SER DD 51 45.11 106.44 -85.91
C SER DD 51 43.78 105.79 -86.29
N GLY DD 52 42.73 106.00 -85.50
CA GLY DD 52 41.44 105.37 -85.69
C GLY DD 52 41.32 103.87 -85.61
N LYS DD 53 41.04 103.21 -86.72
CA LYS DD 53 40.99 101.75 -86.72
C LYS DD 53 42.30 101.11 -86.25
N LEU DD 54 43.39 101.84 -86.24
CA LEU DD 54 44.66 101.30 -85.78
C LEU DD 54 44.90 101.57 -84.30
N GLY DD 55 44.00 102.27 -83.62
CA GLY DD 55 44.18 102.64 -82.24
C GLY DD 55 45.15 103.77 -81.97
N TYR DD 56 45.55 103.84 -80.72
CA TYR DD 56 46.48 104.85 -80.24
C TYR DD 56 47.93 104.40 -80.26
N SER DD 57 48.80 105.38 -80.45
CA SER DD 57 50.24 105.25 -80.49
C SER DD 57 50.82 106.19 -79.45
N ILE DD 58 51.94 105.80 -78.86
CA ILE DD 58 52.59 106.58 -77.82
C ILE DD 58 54.03 106.83 -78.23
N THR DD 59 54.48 108.07 -78.06
CA THR DD 59 55.83 108.46 -78.45
C THR DD 59 56.50 109.29 -77.37
N VAL DD 60 57.84 109.20 -77.33
CA VAL DD 60 58.68 109.92 -76.40
C VAL DD 60 59.94 110.37 -77.11
N ALA DD 61 60.64 111.33 -76.51
CA ALA DD 61 61.95 111.72 -76.99
C ALA DD 61 63.03 110.69 -76.69
N GLU DD 62 64.09 110.74 -77.50
CA GLU DD 62 65.23 109.84 -77.36
C GLU DD 62 65.88 109.91 -75.99
N PRO DD 63 66.22 111.08 -75.46
CA PRO DD 63 66.80 111.12 -74.11
C PRO DD 63 65.98 110.40 -73.06
N ASP DD 64 64.67 110.25 -73.26
CA ASP DD 64 63.81 109.60 -72.30
C ASP DD 64 63.48 108.18 -72.68
N PHE DD 65 63.92 107.73 -73.85
CA PHE DD 65 63.60 106.41 -74.33
C PHE DD 65 64.03 105.30 -73.36
N THR DD 66 65.28 105.31 -72.94
CA THR DD 66 65.77 104.30 -72.02
C THR DD 66 64.93 104.18 -70.75
N ALA DD 67 64.71 105.29 -70.07
CA ALA DD 67 63.88 105.30 -68.88
C ALA DD 67 62.47 104.79 -69.15
N ALA DD 68 61.86 105.23 -70.24
CA ALA DD 68 60.52 104.77 -70.54
C ALA DD 68 60.45 103.27 -70.75
N VAL DD 69 61.45 102.68 -71.42
CA VAL DD 69 61.47 101.23 -71.55
C VAL DD 69 61.67 100.55 -70.20
N TYR DD 70 62.54 101.09 -69.36
CA TYR DD 70 62.69 100.49 -68.03
C TYR DD 70 61.40 100.51 -67.24
N TRP DD 71 60.63 101.58 -67.31
CA TRP DD 71 59.39 101.62 -66.54
C TRP DD 71 58.33 100.73 -67.16
N ILE DD 72 58.27 100.64 -68.48
CA ILE DD 72 57.32 99.74 -69.11
C ILE DD 72 57.58 98.31 -68.69
N LYS DD 73 58.84 97.91 -68.64
CA LYS DD 73 59.12 96.59 -68.10
C LYS DD 73 58.69 96.47 -66.65
N THR DD 74 59.08 97.43 -65.82
CA THR DD 74 58.88 97.24 -64.38
C THR DD 74 57.40 97.18 -64.02
N TYR DD 75 56.57 98.00 -64.64
CA TYR DD 75 55.13 97.94 -64.39
C TYR DD 75 54.37 96.96 -65.26
N GLN DD 76 55.05 96.22 -66.15
CA GLN DD 76 54.35 95.29 -67.04
C GLN DD 76 53.24 95.93 -67.85
N LEU DD 77 53.40 97.17 -68.24
CA LEU DD 77 52.40 97.82 -69.06
C LEU DD 77 52.39 97.17 -70.44
N PRO DD 78 51.32 97.36 -71.22
CA PRO DD 78 50.00 97.88 -70.95
C PRO DD 78 49.11 96.88 -70.25
N PRO DD 79 48.16 97.34 -69.45
CA PRO DD 79 47.48 96.42 -68.54
C PRO DD 79 46.53 95.51 -69.29
N ARG DD 80 46.39 94.29 -68.77
CA ARG DD 80 45.37 93.36 -69.22
C ARG DD 80 44.00 93.78 -68.74
N PRO DD 81 42.94 93.41 -69.45
CA PRO DD 81 41.59 93.78 -69.01
C PRO DD 81 41.17 93.06 -67.74
N ARG DD 82 40.17 93.63 -67.09
CA ARG DD 82 39.63 93.06 -65.86
C ARG DD 82 39.02 91.69 -66.10
N VAL DD 83 39.22 90.78 -65.16
CA VAL DD 83 38.67 89.43 -65.20
C VAL DD 83 37.50 89.29 -64.25
N GLU DD 84 36.39 88.76 -64.75
CA GLU DD 84 35.19 88.49 -63.96
C GLU DD 84 34.68 87.09 -64.24
N ILE DD 85 34.27 86.40 -63.19
CA ILE DD 85 34.11 84.95 -63.26
C ILE DD 85 33.05 84.54 -64.27
N ALA DD 86 32.00 85.34 -64.42
CA ALA DD 86 30.97 85.04 -65.40
C ALA DD 86 31.52 84.89 -66.82
N GLN DD 87 32.66 85.48 -67.13
CA GLN DD 87 33.27 85.24 -68.44
C GLN DD 87 33.60 83.78 -68.68
N MET DD 88 33.77 82.99 -67.64
CA MET DD 88 34.04 81.57 -67.82
C MET DD 88 32.79 80.75 -68.08
N PHE DD 89 31.61 81.27 -67.81
CA PHE DD 89 30.38 80.48 -67.84
C PHE DD 89 29.32 81.27 -68.56
N PRO DD 90 29.44 81.41 -69.87
CA PRO DD 90 28.54 82.29 -70.61
C PRO DD 90 27.09 81.89 -70.38
N ALA DD 91 26.21 82.88 -70.41
CA ALA DD 91 24.79 82.63 -70.20
C ALA DD 91 24.15 81.85 -71.33
N ASP DD 92 24.82 81.71 -72.48
CA ASP DD 92 24.15 81.30 -73.71
C ASP DD 92 24.52 79.91 -74.19
N SER DD 93 25.31 79.16 -73.44
CA SER DD 93 25.54 77.77 -73.82
C SER DD 93 24.22 77.00 -73.80
N LEU DD 94 24.20 75.90 -74.56
CA LEU DD 94 22.98 75.10 -74.67
C LEU DD 94 22.50 74.62 -73.31
N VAL DD 95 23.41 74.26 -72.41
CA VAL DD 95 23.04 73.61 -71.16
C VAL DD 95 23.94 74.16 -70.07
N SER DD 96 23.46 74.08 -68.82
CA SER DD 96 24.28 74.40 -67.67
C SER DD 96 24.01 73.42 -66.54
N SER DD 97 25.08 72.90 -65.96
CA SER DD 97 24.98 72.21 -64.69
C SER DD 97 24.71 73.22 -63.58
N PRO DD 98 24.23 72.76 -62.42
CA PRO DD 98 23.99 73.69 -61.32
C PRO DD 98 25.21 74.50 -60.94
N ARG DD 99 26.40 73.91 -61.05
CA ARG DD 99 27.61 74.60 -60.64
C ARG DD 99 27.81 75.89 -61.41
N ALA DD 100 27.59 75.84 -62.73
CA ALA DD 100 27.73 77.03 -63.55
C ALA DD 100 26.75 78.13 -63.16
N GLU DD 101 25.48 77.80 -63.02
CA GLU DD 101 24.50 78.80 -62.61
C GLU DD 101 24.90 79.45 -61.28
N LYS DD 102 25.20 78.64 -60.29
CA LYS DD 102 25.62 79.13 -58.98
C LYS DD 102 26.84 80.05 -59.04
N ALA DD 103 27.80 79.72 -59.92
CA ALA DD 103 28.93 80.61 -60.14
C ALA DD 103 28.54 81.93 -60.80
N ARG DD 104 27.66 81.91 -61.79
CA ARG DD 104 27.20 83.20 -62.32
C ARG DD 104 26.53 84.04 -61.25
N LEU DD 105 25.80 83.40 -60.35
CA LEU DD 105 25.12 84.15 -59.30
C LEU DD 105 26.11 84.88 -58.40
N TYR DD 106 27.05 84.15 -57.81
CA TYR DD 106 28.02 84.86 -56.99
C TYR DD 106 28.87 85.85 -57.79
N SER DD 107 29.18 85.52 -59.03
CA SER DD 107 29.95 86.46 -59.85
C SER DD 107 29.20 87.74 -60.11
N ALA DD 108 27.90 87.77 -59.86
CA ALA DD 108 27.16 89.02 -60.00
C ALA DD 108 27.03 89.75 -58.67
N ILE DD 109 26.88 89.01 -57.59
CA ILE DD 109 26.78 89.64 -56.28
C ILE DD 109 28.07 90.38 -55.92
N GLU DD 110 29.22 89.81 -56.27
CA GLU DD 110 30.48 90.53 -56.05
C GLU DD 110 30.46 91.91 -56.71
N GLN DD 111 30.06 91.97 -57.97
CA GLN DD 111 30.13 93.23 -58.69
C GLN DD 111 29.13 94.23 -58.15
N ARG DD 112 28.00 93.74 -57.66
CA ARG DD 112 27.00 94.65 -57.14
C ARG DD 112 27.44 95.25 -55.80
N LEU DD 113 28.04 94.45 -54.93
CA LEU DD 113 28.59 95.03 -53.70
C LEU DD 113 29.71 96.03 -53.99
N GLU DD 114 30.59 95.75 -54.93
CA GLU DD 114 31.61 96.75 -55.24
C GLU DD 114 30.98 98.06 -55.66
N GLN DD 115 30.00 97.99 -56.55
CA GLN DD 115 29.35 99.22 -57.00
C GLN DD 115 28.61 99.91 -55.87
N SER DD 116 28.20 99.18 -54.85
CA SER DD 116 27.51 99.86 -53.76
C SER DD 116 28.51 100.56 -52.85
N LEU DD 117 29.59 99.88 -52.48
CA LEU DD 117 30.58 100.50 -51.61
C LEU DD 117 31.15 101.77 -52.22
N GLN DD 118 31.30 101.81 -53.55
CA GLN DD 118 31.83 103.05 -54.11
C GLN DD 118 30.97 104.27 -53.85
N THR DD 119 29.77 104.12 -53.31
CA THR DD 119 28.96 105.27 -52.95
C THR DD 119 29.13 105.73 -51.51
N MET DD 120 29.83 104.98 -50.68
CA MET DD 120 30.01 105.44 -49.30
C MET DD 120 30.86 106.70 -49.27
N GLU DD 121 30.76 107.43 -48.18
CA GLU DD 121 31.37 108.74 -48.05
C GLU DD 121 32.89 108.71 -48.12
N GLY DD 122 33.44 109.31 -49.18
CA GLY DD 122 34.87 109.48 -49.34
C GLY DD 122 35.64 108.27 -49.81
N VAL DD 123 34.98 107.18 -50.16
CA VAL DD 123 35.65 106.04 -50.80
C VAL DD 123 35.90 106.36 -52.26
N LEU DD 124 37.11 106.07 -52.72
CA LEU DD 124 37.46 106.29 -54.13
C LEU DD 124 37.28 105.05 -54.98
N SER DD 125 37.74 103.89 -54.51
CA SER DD 125 37.50 102.64 -55.22
C SER DD 125 37.66 101.48 -54.26
N ALA DD 126 37.13 100.33 -54.67
CA ALA DD 126 37.08 99.17 -53.80
C ALA DD 126 37.06 97.88 -54.60
N ARG DD 127 37.38 96.80 -53.91
CA ARG DD 127 37.39 95.44 -54.46
C ARG DD 127 36.77 94.50 -53.43
N VAL DD 128 36.01 93.51 -53.88
CA VAL DD 128 35.39 92.54 -53.01
C VAL DD 128 35.66 91.13 -53.51
N HIS DD 129 35.84 90.19 -52.59
CA HIS DD 129 36.00 88.77 -52.90
C HIS DD 129 35.10 87.94 -51.99
N ILE DD 130 34.46 86.92 -52.55
CA ILE DD 130 33.60 86.00 -51.82
C ILE DD 130 34.13 84.58 -51.93
N SER DD 131 34.05 83.83 -50.85
CA SER DD 131 34.44 82.41 -50.87
C SER DD 131 33.48 81.61 -51.73
N TYR DD 132 33.96 81.13 -52.88
CA TYR DD 132 33.14 80.26 -53.71
C TYR DD 132 33.01 78.84 -53.15
N ASP DD 133 31.97 78.61 -52.36
CA ASP DD 133 31.69 77.27 -51.87
C ASP DD 133 31.27 76.35 -53.00
N ILE DD 134 30.87 76.93 -54.13
CA ILE DD 134 30.34 76.19 -55.26
C ILE DD 134 31.28 75.11 -55.77
N ASP DD 135 32.56 75.20 -55.45
CA ASP DD 135 33.52 74.21 -55.93
C ASP DD 135 33.32 72.85 -55.28
N ALA DD 136 32.38 72.72 -54.35
CA ALA DD 136 31.87 71.41 -53.97
C ALA DD 136 30.36 71.51 -53.78
N GLY DD 137 29.72 70.35 -53.83
CA GLY DD 137 28.27 70.32 -53.73
C GLY DD 137 27.74 70.68 -52.37
N GLU DD 138 28.41 70.22 -51.31
CA GLU DD 138 27.84 70.23 -49.97
C GLU DD 138 26.52 69.47 -49.93
N ASN DD 139 26.32 68.56 -50.87
CA ASN DD 139 25.15 67.69 -50.89
C ASN DD 139 25.25 66.61 -49.81
N GLY DD 140 24.11 66.27 -49.22
CA GLY DD 140 24.11 65.34 -48.11
C GLY DD 140 24.94 65.82 -46.95
N ARG DD 141 25.32 67.09 -46.97
CA ARG DD 141 26.38 67.61 -46.13
C ARG DD 141 26.03 69.01 -45.67
N PRO DD 142 26.60 69.47 -44.57
CA PRO DD 142 26.38 70.84 -44.12
C PRO DD 142 27.13 71.83 -44.99
N PRO DD 143 26.43 72.76 -45.64
CA PRO DD 143 27.15 73.76 -46.42
C PRO DD 143 27.91 74.71 -45.52
N LYS DD 144 29.12 75.04 -45.92
CA LYS DD 144 30.03 75.83 -45.11
C LYS DD 144 29.57 77.29 -45.06
N PRO DD 145 29.94 78.02 -44.01
CA PRO DD 145 29.63 79.44 -43.96
C PRO DD 145 30.47 80.23 -44.94
N VAL DD 146 30.06 81.46 -45.18
CA VAL DD 146 30.67 82.32 -46.18
C VAL DD 146 31.81 83.12 -45.58
N HIS DD 147 32.79 83.47 -46.42
CA HIS DD 147 33.88 84.37 -46.07
C HIS DD 147 33.99 85.48 -47.10
N LEU DD 148 34.42 86.67 -46.63
CA LEU DD 148 34.44 87.89 -47.43
C LEU DD 148 35.74 88.64 -47.21
N SER DD 149 36.28 89.22 -48.29
CA SER DD 149 37.42 90.13 -48.18
C SER DD 149 37.17 91.40 -48.97
N ALA DD 150 37.61 92.54 -48.45
CA ALA DD 150 37.45 93.80 -49.17
C ALA DD 150 38.69 94.69 -49.05
N LEU DD 151 38.97 95.41 -50.14
CA LEU DD 151 40.05 96.39 -50.23
C LEU DD 151 39.45 97.74 -50.59
N ALA DD 152 39.96 98.82 -49.99
CA ALA DD 152 39.41 100.12 -50.35
C ALA DD 152 40.44 101.25 -50.23
N VAL DD 153 40.23 102.30 -51.03
CA VAL DD 153 41.12 103.45 -51.08
C VAL DD 153 40.35 104.69 -50.69
N TYR DD 154 40.94 105.51 -49.81
CA TYR DD 154 40.27 106.65 -49.21
C TYR DD 154 40.95 107.97 -49.54
N GLU DD 155 40.17 109.04 -49.53
CA GLU DD 155 40.72 110.39 -49.60
C GLU DD 155 41.55 110.70 -48.37
N ARG DD 156 42.53 111.58 -48.55
CA ARG DD 156 43.45 111.91 -47.48
C ARG DD 156 42.72 112.58 -46.31
N GLY DD 157 43.13 112.23 -45.10
CA GLY DD 157 42.52 112.72 -43.88
C GLY DD 157 41.30 112.00 -43.35
N SER DD 158 41.17 110.73 -43.63
CA SER DD 158 40.07 109.88 -43.22
C SER DD 158 40.45 109.05 -41.99
N PRO DD 159 39.66 109.01 -40.93
CA PRO DD 159 39.99 108.14 -39.79
C PRO DD 159 39.70 106.66 -40.08
N LEU DD 160 40.70 106.02 -40.67
CA LEU DD 160 40.58 104.63 -41.10
C LEU DD 160 40.11 103.70 -39.98
N ALA DD 161 40.72 103.84 -38.80
CA ALA DD 161 40.32 103.01 -37.67
C ALA DD 161 38.83 103.11 -37.42
N HIS DD 162 38.30 104.33 -37.39
CA HIS DD 162 36.87 104.50 -37.17
C HIS DD 162 36.05 104.06 -38.37
N GLN DD 163 36.65 103.92 -39.55
CA GLN DD 163 35.86 103.56 -40.71
C GLN DD 163 35.84 102.08 -41.02
N ILE DD 164 36.62 101.26 -40.34
CA ILE DD 164 36.51 99.83 -40.58
C ILE DD 164 35.17 99.30 -40.07
N SER DD 165 34.70 99.83 -38.95
CA SER DD 165 33.43 99.42 -38.36
C SER DD 165 32.28 99.52 -39.34
N ASP DD 166 32.12 100.66 -39.99
CA ASP DD 166 31.04 100.82 -40.95
C ASP DD 166 31.04 99.73 -41.99
N ILE DD 167 32.19 99.47 -42.61
CA ILE DD 167 32.20 98.48 -43.67
C ILE DD 167 31.89 97.09 -43.14
N LYS DD 168 32.45 96.72 -42.00
CA LYS DD 168 32.08 95.42 -41.43
C LYS DD 168 30.59 95.32 -41.16
N ARG DD 169 30.02 96.32 -40.51
CA ARG DD 169 28.59 96.33 -40.24
C ARG DD 169 27.77 96.19 -41.50
N PHE DD 170 28.12 96.92 -42.54
CA PHE DD 170 27.38 96.85 -43.79
C PHE DD 170 27.48 95.48 -44.44
N LEU DD 171 28.68 94.91 -44.55
CA LEU DD 171 28.79 93.62 -45.21
C LEU DD 171 28.17 92.48 -44.42
N LYS DD 172 28.24 92.52 -43.09
CA LYS DD 172 27.71 91.41 -42.30
C LYS DD 172 26.31 90.97 -42.69
N ASN DD 173 25.40 91.90 -42.88
CA ASN DD 173 24.02 91.58 -43.21
C ASN DD 173 23.75 91.35 -44.68
N SER DD 174 24.76 91.32 -45.52
CA SER DD 174 24.56 91.07 -46.93
C SER DD 174 24.36 89.59 -47.22
N PHE DD 175 24.57 88.72 -46.24
CA PHE DD 175 24.48 87.28 -46.46
C PHE DD 175 23.88 86.60 -45.23
N ALA DD 176 23.31 85.42 -45.48
CA ALA DD 176 22.59 84.67 -44.46
C ALA DD 176 23.40 84.35 -43.22
N ASP DD 177 24.70 84.11 -43.33
CA ASP DD 177 25.47 83.70 -42.14
C ASP DD 177 26.91 84.15 -42.31
N VAL DD 178 27.25 85.24 -41.63
CA VAL DD 178 28.59 85.79 -41.68
C VAL DD 178 28.92 86.28 -40.28
N ASP DD 179 30.14 86.02 -39.85
CA ASP DD 179 30.63 86.47 -38.56
C ASP DD 179 31.68 87.55 -38.77
N TYR DD 180 31.67 88.53 -37.89
CA TYR DD 180 32.68 89.57 -37.97
C TYR DD 180 34.07 88.97 -38.05
N ASP DD 181 34.26 87.83 -37.42
CA ASP DD 181 35.55 87.15 -37.48
C ASP DD 181 35.91 86.74 -38.91
N ASN DD 182 34.94 86.45 -39.75
CA ASN DD 182 35.19 85.98 -41.11
C ASN DD 182 35.28 87.09 -42.15
N ILE DD 183 35.37 88.35 -41.75
CA ILE DD 183 35.46 89.47 -42.69
C ILE DD 183 36.79 90.17 -42.54
N SER DD 184 37.56 90.20 -43.61
CA SER DD 184 38.85 90.90 -43.70
C SER DD 184 38.70 92.19 -44.48
N VAL DD 185 39.24 93.28 -43.95
CA VAL DD 185 39.15 94.60 -44.56
C VAL DD 185 40.51 95.26 -44.54
N VAL DD 186 40.97 95.73 -45.70
CA VAL DD 186 42.25 96.41 -45.85
C VAL DD 186 42.04 97.77 -46.51
N LEU DD 187 42.53 98.82 -45.86
CA LEU DD 187 42.32 100.20 -46.31
C LEU DD 187 43.64 100.90 -46.57
N SER DD 188 43.62 101.84 -47.52
CA SER DD 188 44.80 102.64 -47.83
C SER DD 188 44.37 104.04 -48.24
N GLU DD 189 45.25 105.01 -48.01
CA GLU DD 189 45.03 106.39 -48.43
C GLU DD 189 45.55 106.62 -49.84
N ARG DD 190 44.99 107.64 -50.48
CA ARG DD 190 45.50 108.10 -51.76
C ARG DD 190 46.91 108.67 -51.65
N SER DD 191 47.69 108.44 -52.71
CA SER DD 191 49.02 108.98 -52.88
C SER DD 191 48.97 110.48 -53.16
N ASP DD 192 50.14 111.11 -53.07
CA ASP DD 192 50.27 112.52 -53.44
C ASP DD 192 49.78 112.81 -54.85
N ALA DD 193 49.11 113.94 -55.01
CA ALA DD 193 48.58 114.40 -56.28
C ALA DD 193 49.66 114.88 -57.25
N GLN DD 194 49.56 114.43 -58.51
CA GLN DD 194 50.42 114.86 -59.61
C GLN DD 194 49.81 116.02 -60.40
N LEU DD 195 50.11 117.24 -59.98
CA LEU DD 195 49.53 118.43 -60.59
C LEU DD 195 50.45 119.18 -61.54
N GLN DD 196 51.74 119.30 -61.23
CA GLN DD 196 52.66 120.00 -62.12
C GLN DD 196 53.10 119.12 -63.29
N ALA DD 197 53.20 119.73 -64.46
CA ALA DD 197 53.62 119.05 -65.67
C ALA DD 197 55.11 118.74 -65.69
N PRO DD 198 55.52 117.63 -66.31
CA PRO DD 198 56.94 117.33 -66.46
C PRO DD 198 57.68 118.29 -67.37
N GLY DD 199 58.97 118.41 -67.12
CA GLY DD 199 59.84 119.25 -67.94
C GLY DD 199 60.28 118.62 -69.25
N THR DD 200 60.32 119.45 -70.29
CA THR DD 200 60.76 119.05 -71.63
C THR DD 200 62.29 119.00 -71.70
N PRO DD 201 62.87 117.96 -72.30
CA PRO DD 201 64.32 117.92 -72.46
C PRO DD 201 64.88 119.18 -73.12
N VAL DD 202 66.04 119.61 -72.62
CA VAL DD 202 66.75 120.74 -73.18
C VAL DD 202 67.40 120.36 -74.49
N ASP ED 20 43.96 121.94 -77.97
CA ASP ED 20 43.26 121.07 -77.03
C ASP ED 20 43.65 119.62 -77.23
N LYS ED 21 43.71 118.87 -76.14
CA LYS ED 21 44.09 117.46 -76.19
C LYS ED 21 42.87 116.60 -75.94
N ASP ED 22 42.74 115.53 -76.73
CA ASP ED 22 41.65 114.57 -76.56
C ASP ED 22 41.90 113.64 -75.38
N LEU ED 23 40.98 113.65 -74.42
CA LEU ED 23 41.01 112.66 -73.34
C LEU ED 23 40.23 111.41 -73.73
N LEU ED 24 38.97 111.56 -74.11
CA LEU ED 24 38.10 110.41 -74.30
C LEU ED 24 37.17 110.63 -75.49
N LYS ED 25 36.81 109.53 -76.14
CA LYS ED 25 35.92 109.55 -77.29
C LYS ED 25 34.90 108.42 -77.20
N GLY ED 26 33.81 108.60 -77.94
CA GLY ED 26 32.73 107.63 -78.01
C GLY ED 26 32.05 107.34 -76.70
N LEU ED 27 32.01 108.31 -75.80
CA LEU ED 27 31.31 108.17 -74.53
C LEU ED 27 29.81 108.31 -74.74
N ASP ED 28 29.06 107.75 -73.81
CA ASP ED 28 27.63 108.00 -73.75
C ASP ED 28 27.35 109.25 -72.92
N GLN ED 29 26.10 109.68 -72.96
CA GLN ED 29 25.64 110.84 -72.20
C GLN ED 29 25.89 110.75 -70.70
N GLU ED 30 25.64 109.61 -70.08
CA GLU ED 30 25.80 109.56 -68.63
C GLU ED 30 27.26 109.55 -68.23
N GLN ED 31 28.10 108.91 -69.05
CA GLN ED 31 29.53 108.89 -68.78
C GLN ED 31 30.09 110.28 -68.93
N ALA ED 32 29.74 110.96 -70.01
CA ALA ED 32 30.20 112.32 -70.21
C ALA ED 32 29.85 113.22 -69.04
N ASN ED 33 28.59 113.24 -68.62
CA ASN ED 33 28.25 114.15 -67.53
C ASN ED 33 28.91 113.77 -66.22
N GLU ED 34 29.21 112.49 -66.01
CA GLU ED 34 29.97 112.13 -64.81
C GLU ED 34 31.39 112.69 -64.84
N VAL ED 35 32.08 112.47 -65.96
CA VAL ED 35 33.45 112.96 -66.09
C VAL ED 35 33.50 114.47 -65.92
N ILE ED 36 32.63 115.19 -66.62
CA ILE ED 36 32.57 116.64 -66.46
C ILE ED 36 32.41 117.04 -64.99
N ALA ED 37 31.48 116.42 -64.27
CA ALA ED 37 31.29 116.78 -62.87
C ALA ED 37 32.55 116.59 -62.03
N VAL ED 38 33.23 115.46 -62.21
CA VAL ED 38 34.44 115.22 -61.43
C VAL ED 38 35.53 116.23 -61.78
N LEU ED 39 35.72 116.54 -63.05
CA LEU ED 39 36.78 117.50 -63.38
C LEU ED 39 36.46 118.88 -62.84
N GLN ED 40 35.26 119.39 -63.09
CA GLN ED 40 34.91 120.70 -62.55
C GLN ED 40 35.14 120.80 -61.06
N MET ED 41 34.86 119.74 -60.31
CA MET ED 41 35.10 119.84 -58.88
C MET ED 41 36.55 120.20 -58.54
N HIS ED 42 37.51 119.75 -59.33
CA HIS ED 42 38.92 120.03 -59.10
C HIS ED 42 39.47 121.25 -59.83
N ASN ED 43 38.61 122.17 -60.27
CA ASN ED 43 39.04 123.36 -60.99
C ASN ED 43 39.64 123.13 -62.37
N ILE ED 44 39.13 122.15 -63.10
CA ILE ED 44 39.59 121.86 -64.46
C ILE ED 44 38.44 122.18 -65.42
N GLU ED 45 38.65 123.17 -66.28
CA GLU ED 45 37.70 123.51 -67.33
C GLU ED 45 37.73 122.51 -68.48
N ALA ED 46 36.60 121.86 -68.75
CA ALA ED 46 36.51 120.82 -69.75
C ALA ED 46 35.43 121.18 -70.76
N ASN ED 47 35.48 120.56 -71.94
CA ASN ED 47 34.50 120.80 -72.99
C ASN ED 47 33.97 119.50 -73.55
N LYS ED 48 32.67 119.48 -73.80
CA LYS ED 48 31.94 118.34 -74.35
C LYS ED 48 31.53 118.60 -75.80
N ILE ED 49 31.88 117.67 -76.68
CA ILE ED 49 31.62 117.77 -78.11
C ILE ED 49 30.80 116.55 -78.52
N ASP ED 50 29.85 116.77 -79.42
CA ASP ED 50 28.96 115.73 -79.91
C ASP ED 50 29.26 115.39 -81.36
N SER ED 51 29.48 114.09 -81.62
CA SER ED 51 29.76 113.57 -82.95
C SER ED 51 28.62 112.68 -83.45
N GLY ED 52 27.47 112.73 -82.80
CA GLY ED 52 26.33 111.88 -83.09
C GLY ED 52 26.48 110.40 -82.90
N LYS ED 53 26.44 109.61 -83.99
CA LYS ED 53 26.62 108.18 -83.83
C LYS ED 53 27.98 107.80 -83.27
N LEU ED 54 28.92 108.73 -83.19
CA LEU ED 54 30.23 108.45 -82.64
C LEU ED 54 30.35 108.86 -81.18
N GLY ED 55 29.26 109.32 -80.57
CA GLY ED 55 29.24 109.75 -79.20
C GLY ED 55 29.88 111.10 -78.88
N TYR ED 56 30.10 111.27 -77.58
CA TYR ED 56 30.70 112.46 -77.01
C TYR ED 56 32.20 112.36 -76.83
N SER ED 57 32.85 113.52 -76.94
CA SER ED 57 34.27 113.69 -76.76
C SER ED 57 34.50 114.75 -75.71
N ILE ED 58 35.57 114.58 -74.94
CA ILE ED 58 35.95 115.47 -73.85
C ILE ED 58 37.33 116.03 -74.15
N THR ED 59 37.48 117.35 -74.00
CA THR ED 59 38.75 117.99 -74.27
C THR ED 59 39.07 119.00 -73.18
N VAL ED 60 40.37 119.21 -72.98
CA VAL ED 60 40.87 120.15 -71.98
C VAL ED 60 42.09 120.88 -72.54
N ALA ED 61 42.43 121.99 -71.90
CA ALA ED 61 43.66 122.71 -72.22
C ALA ED 61 44.91 121.97 -71.75
N GLU ED 62 46.01 122.29 -72.43
CA GLU ED 62 47.31 121.70 -72.12
C GLU ED 62 47.74 121.94 -70.69
N PRO ED 63 47.71 123.15 -70.16
CA PRO ED 63 48.09 123.34 -68.75
C PRO ED 63 47.34 122.45 -67.79
N ASP ED 64 46.15 121.97 -68.15
CA ASP ED 64 45.34 121.13 -67.29
C ASP ED 64 45.40 119.66 -67.67
N PHE ED 65 46.07 119.32 -68.76
CA PHE ED 65 46.11 117.95 -69.24
C PHE ED 65 46.66 116.99 -68.18
N THR ED 66 47.83 117.29 -67.62
CA THR ED 66 48.42 116.43 -66.60
C THR ED 66 47.50 116.11 -65.45
N ALA ED 67 46.94 117.14 -64.81
CA ALA ED 67 46.00 116.91 -63.72
C ALA ED 67 44.80 116.11 -64.17
N ALA ED 68 44.22 116.44 -65.31
CA ALA ED 68 43.09 115.68 -65.81
C ALA ED 68 43.40 114.20 -65.92
N VAL ED 69 44.53 113.85 -66.50
CA VAL ED 69 44.93 112.45 -66.60
C VAL ED 69 45.02 111.81 -65.22
N TYR ED 70 45.69 112.48 -64.28
CA TYR ED 70 45.82 111.90 -62.96
C TYR ED 70 44.48 111.66 -62.27
N TRP ED 71 43.54 112.58 -62.40
CA TRP ED 71 42.23 112.34 -61.78
C TRP ED 71 41.45 111.25 -62.51
N ILE ED 72 41.50 111.21 -63.83
CA ILE ED 72 40.85 110.13 -64.56
C ILE ED 72 41.35 108.77 -64.10
N LYS ED 73 42.65 108.65 -63.89
CA LYS ED 73 43.15 107.40 -63.33
C LYS ED 73 42.64 107.18 -61.91
N THR ED 74 42.68 108.21 -61.07
CA THR ED 74 42.38 108.00 -59.67
C THR ED 74 40.94 107.57 -59.46
N TYR ED 75 40.00 108.14 -60.19
CA TYR ED 75 38.61 107.72 -60.09
C TYR ED 75 38.23 106.57 -61.01
N GLN ED 76 39.14 106.10 -61.86
CA GLN ED 76 38.82 105.02 -62.78
C GLN ED 76 37.67 105.37 -63.73
N LEU ED 77 37.61 106.61 -64.17
CA LEU ED 77 36.60 107.00 -65.12
C LEU ED 77 36.94 106.41 -66.48
N PRO ED 78 35.95 106.26 -67.37
CA PRO ED 78 34.50 106.43 -67.25
C PRO ED 78 33.82 105.31 -66.51
N PRO ED 79 32.67 105.58 -65.91
CA PRO ED 79 32.02 104.57 -65.06
C PRO ED 79 31.48 103.40 -65.87
N ARG ED 80 31.48 102.23 -65.23
CA ARG ED 80 30.92 101.04 -65.82
C ARG ED 80 29.40 101.11 -65.81
N PRO ED 81 28.73 100.36 -66.68
CA PRO ED 81 27.27 100.24 -66.57
C PRO ED 81 26.86 99.60 -65.26
N ARG ED 82 25.68 99.97 -64.77
CA ARG ED 82 25.19 99.44 -63.50
C ARG ED 82 24.74 97.99 -63.64
N VAL ED 83 25.13 97.17 -62.66
CA VAL ED 83 24.87 95.72 -62.64
C VAL ED 83 23.57 95.38 -61.90
N GLU ED 84 22.73 94.55 -62.52
CA GLU ED 84 21.56 93.96 -61.89
C GLU ED 84 21.53 92.45 -62.09
N ILE ED 85 21.21 91.73 -61.02
CA ILE ED 85 21.30 90.27 -61.02
C ILE ED 85 20.50 89.65 -62.14
N ALA ED 86 19.33 90.19 -62.45
CA ALA ED 86 18.51 89.58 -63.49
C ALA ED 86 19.18 89.59 -64.85
N GLN ED 87 20.23 90.38 -65.04
CA GLN ED 87 20.95 90.36 -66.31
C GLN ED 87 21.60 89.00 -66.58
N MET ED 88 21.92 88.24 -65.53
CA MET ED 88 22.57 86.96 -65.73
C MET ED 88 21.59 85.85 -66.06
N PHE ED 89 20.31 86.06 -65.83
CA PHE ED 89 19.26 85.07 -66.04
C PHE ED 89 18.16 85.70 -66.88
N PRO ED 90 18.46 86.06 -68.11
CA PRO ED 90 17.47 86.71 -68.96
C PRO ED 90 16.20 85.91 -69.04
N ALA ED 91 15.09 86.63 -68.97
CA ALA ED 91 13.76 86.03 -69.05
C ALA ED 91 13.43 85.63 -70.47
N ASP ED 92 13.96 86.33 -71.47
CA ASP ED 92 13.74 86.00 -72.87
C ASP ED 92 14.67 84.87 -73.31
N SER ED 93 14.40 83.69 -72.77
CA SER ED 93 15.21 82.51 -73.04
C SER ED 93 14.26 81.33 -73.10
N LEU ED 94 14.68 80.25 -73.74
CA LEU ED 94 13.72 79.21 -74.06
C LEU ED 94 13.18 78.54 -72.81
N VAL ED 95 14.05 78.24 -71.85
CA VAL ED 95 13.63 77.59 -70.62
C VAL ED 95 14.43 78.16 -69.46
N SER ED 96 13.83 78.11 -68.28
CA SER ED 96 14.34 78.77 -67.09
C SER ED 96 14.23 77.80 -65.95
N SER ED 97 15.38 77.45 -65.38
CA SER ED 97 15.39 76.60 -64.22
C SER ED 97 14.77 77.30 -63.01
N PRO ED 98 14.27 76.54 -62.05
CA PRO ED 98 13.77 77.14 -60.82
C PRO ED 98 14.75 78.08 -60.17
N ARG ED 99 16.03 77.75 -60.16
CA ARG ED 99 17.02 78.66 -59.59
C ARG ED 99 16.97 80.01 -60.28
N ALA ED 100 16.88 80.01 -61.61
CA ALA ED 100 16.80 81.26 -62.35
C ALA ED 100 15.55 82.06 -62.03
N GLU ED 101 14.39 81.40 -62.01
CA GLU ED 101 13.18 82.15 -61.65
C GLU ED 101 13.24 82.70 -60.23
N LYS ED 102 13.73 81.89 -59.29
CA LYS ED 102 13.85 82.30 -57.91
C LYS ED 102 14.84 83.43 -57.75
N ALA ED 103 15.72 83.60 -58.72
CA ALA ED 103 16.69 84.70 -58.71
C ALA ED 103 16.08 85.98 -59.24
N ARG ED 104 15.43 85.91 -60.39
CA ARG ED 104 14.75 87.07 -60.94
C ARG ED 104 13.72 87.67 -59.99
N LEU ED 105 13.01 86.85 -59.23
CA LEU ED 105 12.08 87.44 -58.26
C LEU ED 105 12.77 88.37 -57.27
N TYR ED 106 13.83 87.90 -56.62
CA TYR ED 106 14.54 88.74 -55.65
C TYR ED 106 15.16 89.94 -56.32
N SER ED 107 15.76 89.75 -57.48
CA SER ED 107 16.37 90.88 -58.15
C SER ED 107 15.36 91.90 -58.61
N ALA ED 108 14.07 91.57 -58.63
CA ALA ED 108 13.10 92.63 -58.85
C ALA ED 108 12.63 93.30 -57.55
N ILE ED 109 12.51 92.52 -56.48
CA ILE ED 109 12.12 93.14 -55.20
C ILE ED 109 13.15 94.15 -54.74
N GLU ED 110 14.43 93.85 -54.87
CA GLU ED 110 15.47 94.81 -54.51
C GLU ED 110 15.26 96.16 -55.17
N GLN ED 111 15.11 96.17 -56.49
CA GLN ED 111 14.93 97.39 -57.23
C GLN ED 111 13.67 98.13 -56.82
N ARG ED 112 12.58 97.40 -56.56
CA ARG ED 112 11.37 98.11 -56.18
C ARG ED 112 11.48 98.73 -54.79
N LEU ED 113 12.28 98.14 -53.90
CA LEU ED 113 12.48 98.81 -52.62
C LEU ED 113 13.36 100.05 -52.76
N GLU ED 114 14.44 99.97 -53.52
CA GLU ED 114 15.23 101.18 -53.76
C GLU ED 114 14.34 102.31 -54.25
N GLN ED 115 13.54 102.03 -55.29
CA GLN ED 115 12.66 103.05 -55.82
C GLN ED 115 11.64 103.53 -54.82
N SER ED 116 11.27 102.74 -53.82
CA SER ED 116 10.35 103.29 -52.84
C SER ED 116 11.07 104.19 -51.85
N LEU ED 117 12.22 103.76 -51.35
CA LEU ED 117 13.00 104.61 -50.44
C LEU ED 117 13.25 105.98 -51.02
N GLN ED 118 13.55 106.07 -52.32
CA GLN ED 118 13.80 107.39 -52.87
C GLN ED 118 12.65 108.36 -52.68
N THR ED 119 11.45 107.88 -52.37
CA THR ED 119 10.32 108.77 -52.20
C THR ED 119 10.16 109.31 -50.79
N MET ED 120 10.89 108.79 -49.80
CA MET ED 120 10.79 109.36 -48.46
C MET ED 120 11.28 110.79 -48.45
N GLU ED 121 10.83 111.52 -47.44
CA GLU ED 121 11.17 112.93 -47.26
C GLU ED 121 12.65 113.15 -46.95
N GLY ED 122 13.30 113.92 -47.82
CA GLY ED 122 14.69 114.31 -47.64
C GLY ED 122 15.73 113.35 -48.17
N VAL ED 123 15.35 112.19 -48.64
CA VAL ED 123 16.31 111.24 -49.18
C VAL ED 123 16.63 111.61 -50.62
N LEU ED 124 17.90 111.53 -51.00
CA LEU ED 124 18.32 111.75 -52.37
C LEU ED 124 18.56 110.46 -53.14
N SER ED 125 19.16 109.45 -52.51
CA SER ED 125 19.36 108.19 -53.20
C SER ED 125 19.63 107.10 -52.17
N ALA ED 126 19.48 105.85 -52.62
CA ALA ED 126 19.64 104.70 -51.74
C ALA ED 126 20.10 103.48 -52.52
N ARG ED 127 20.66 102.52 -51.79
CA ARG ED 127 20.95 101.17 -52.28
C ARG ED 127 20.47 100.16 -51.27
N VAL ED 128 19.91 99.04 -51.75
CA VAL ED 128 19.45 97.97 -50.89
C VAL ED 128 20.03 96.64 -51.33
N HIS ED 129 20.27 95.74 -50.37
CA HIS ED 129 20.75 94.40 -50.63
C HIS ED 129 19.98 93.39 -49.79
N ILE ED 130 19.65 92.25 -50.38
CA ILE ED 130 18.96 91.15 -49.70
C ILE ED 130 19.82 89.89 -49.75
N SER ED 131 19.77 89.10 -48.68
CA SER ED 131 20.41 87.78 -48.68
C SER ED 131 19.72 86.82 -49.64
N TYR ED 132 20.40 86.42 -50.71
CA TYR ED 132 19.87 85.46 -51.69
C TYR ED 132 19.93 84.02 -51.19
N ASP ED 133 18.90 83.56 -50.49
CA ASP ED 133 18.91 82.18 -50.01
C ASP ED 133 18.84 81.17 -51.13
N ILE ED 134 18.56 81.61 -52.36
CA ILE ED 134 18.54 80.74 -53.53
C ILE ED 134 19.87 80.05 -53.76
N ASP ED 135 20.96 80.57 -53.19
CA ASP ED 135 22.25 79.93 -53.34
C ASP ED 135 22.31 78.57 -52.67
N ALA ED 136 21.26 78.18 -51.97
CA ALA ED 136 20.90 76.79 -51.81
C ALA ED 136 19.45 76.63 -52.22
N GLY ED 137 19.11 75.48 -52.77
CA GLY ED 137 17.71 75.20 -53.05
C GLY ED 137 16.91 75.05 -51.78
N GLU ED 138 17.57 74.58 -50.72
CA GLU ED 138 16.93 74.26 -49.44
C GLU ED 138 15.84 73.22 -49.60
N ASN ED 139 15.87 72.47 -50.70
CA ASN ED 139 15.04 71.29 -50.82
C ASN ED 139 15.37 70.31 -49.71
N GLY ED 140 14.34 69.73 -49.11
CA GLY ED 140 14.58 68.87 -47.97
C GLY ED 140 15.18 69.55 -46.77
N ARG ED 141 15.14 70.90 -46.72
CA ARG ED 141 15.84 71.65 -45.70
C ARG ED 141 14.98 72.81 -45.23
N PRO ED 142 15.16 73.26 -43.99
CA PRO ED 142 14.45 74.45 -43.51
C PRO ED 142 15.08 75.72 -44.06
N PRO ED 143 14.27 76.68 -44.52
CA PRO ED 143 14.84 77.88 -45.13
C PRO ED 143 15.41 78.84 -44.09
N LYS ED 144 16.57 79.40 -44.40
CA LYS ED 144 17.23 80.37 -43.54
C LYS ED 144 16.39 81.64 -43.43
N PRO ED 145 16.55 82.41 -42.37
CA PRO ED 145 15.93 83.74 -42.33
C PRO ED 145 16.61 84.74 -43.24
N VAL ED 146 15.86 85.79 -43.58
CA VAL ED 146 16.31 86.89 -44.43
C VAL ED 146 17.10 87.94 -43.67
N HIS ED 147 18.12 88.51 -44.34
CA HIS ED 147 18.91 89.63 -43.87
C HIS ED 147 18.90 90.73 -44.93
N LEU ED 148 18.91 91.99 -44.47
CA LEU ED 148 18.81 93.16 -45.32
C LEU ED 148 19.86 94.21 -44.96
N SER ED 149 20.38 94.91 -45.97
CA SER ED 149 21.33 95.99 -45.80
C SER ED 149 20.93 97.19 -46.66
N ALA ED 150 21.08 98.40 -46.11
CA ALA ED 150 20.68 99.60 -46.83
C ALA ED 150 21.62 100.77 -46.60
N LEU ED 151 21.84 101.55 -47.68
CA LEU ED 151 22.68 102.74 -47.68
C LEU ED 151 21.84 103.90 -48.19
N ALA ED 152 21.99 105.08 -47.58
CA ALA ED 152 21.20 106.24 -48.03
C ALA ED 152 21.91 107.57 -47.82
N VAL ED 153 21.58 108.53 -48.70
CA VAL ED 153 22.17 109.86 -48.69
C VAL ED 153 21.08 110.90 -48.41
N TYR ED 154 21.32 111.76 -47.43
CA TYR ED 154 20.37 112.79 -46.99
C TYR ED 154 20.83 114.21 -47.27
N GLU ED 155 19.84 115.09 -47.38
CA GLU ED 155 20.05 116.53 -47.41
C GLU ED 155 20.67 117.05 -46.12
N ARG ED 156 21.46 118.11 -46.27
CA ARG ED 156 22.12 118.76 -45.14
C ARG ED 156 21.13 119.29 -44.11
N GLY ED 157 21.45 119.06 -42.84
CA GLY ED 157 20.58 119.41 -41.72
C GLY ED 157 19.51 118.41 -41.37
N SER ED 158 19.72 117.15 -41.66
CA SER ED 158 18.80 116.05 -41.39
C SER ED 158 19.18 115.33 -40.12
N PRO ED 159 18.26 115.08 -39.16
CA PRO ED 159 18.63 114.28 -37.98
C PRO ED 159 18.71 112.79 -38.28
N LEU ED 160 19.90 112.39 -38.75
CA LEU ED 160 20.16 111.02 -39.15
C LEU ED 160 19.80 110.01 -38.06
N ALA ED 161 20.24 110.30 -36.83
CA ALA ED 161 19.96 109.41 -35.72
C ALA ED 161 18.47 109.13 -35.60
N HIS ED 162 17.65 110.16 -35.67
CA HIS ED 162 16.23 109.93 -35.55
C HIS ED 162 15.61 109.38 -36.81
N GLN ED 163 16.32 109.39 -37.93
CA GLN ED 163 15.75 108.84 -39.16
C GLN ED 163 16.05 107.37 -39.37
N ILE ED 164 17.00 106.79 -38.65
CA ILE ED 164 17.23 105.35 -38.83
C ILE ED 164 16.01 104.53 -38.43
N SER ED 165 15.33 104.94 -37.36
CA SER ED 165 14.15 104.22 -36.89
C SER ED 165 13.09 104.02 -37.97
N ASP ED 166 12.70 105.09 -38.65
CA ASP ED 166 11.70 104.96 -39.71
C ASP ED 166 12.07 103.92 -40.74
N ILE ED 167 13.28 103.99 -41.27
CA ILE ED 167 13.73 103.01 -42.24
C ILE ED 167 13.62 101.59 -41.69
N LYS ED 168 14.19 101.33 -40.52
CA LYS ED 168 14.08 99.99 -39.96
C LYS ED 168 12.62 99.54 -39.85
N ARG ED 169 11.76 100.37 -39.31
CA ARG ED 169 10.35 100.02 -39.21
C ARG ED 169 9.77 99.66 -40.57
N PHE ED 170 10.04 100.48 -41.57
CA PHE ED 170 9.50 100.24 -42.90
C PHE ED 170 10.01 98.94 -43.49
N LEU ED 171 11.30 98.67 -43.38
CA LEU ED 171 11.86 97.46 -43.95
C LEU ED 171 11.38 96.19 -43.26
N LYS ED 172 11.28 96.21 -41.94
CA LYS ED 172 10.90 95.00 -41.19
C LYS ED 172 9.67 94.29 -41.76
N ASN ED 173 8.63 95.03 -42.08
CA ASN ED 173 7.40 94.41 -42.58
C ASN ED 173 7.41 94.11 -44.06
N SER ED 174 8.51 94.33 -44.76
CA SER ED 174 8.54 94.02 -46.18
C SER ED 174 8.69 92.54 -46.45
N PHE ED 175 9.02 91.74 -45.44
CA PHE ED 175 9.36 90.35 -45.62
C PHE ED 175 8.81 89.53 -44.47
N ALA ED 176 8.59 88.24 -44.74
CA ALA ED 176 7.79 87.43 -43.82
C ALA ED 176 8.42 87.27 -42.45
N ASP ED 177 9.74 87.37 -42.33
CA ASP ED 177 10.39 87.10 -41.06
C ASP ED 177 11.70 87.87 -41.03
N VAL ED 178 11.72 88.98 -40.31
CA VAL ED 178 12.90 89.81 -40.21
C VAL ED 178 12.98 90.33 -38.79
N ASP ED 179 14.18 90.35 -38.25
CA ASP ED 179 14.45 90.86 -36.93
C ASP ED 179 15.24 92.15 -37.04
N TYR ED 180 14.94 93.09 -36.17
CA TYR ED 180 15.69 94.34 -36.16
C TYR ED 180 17.17 94.07 -36.10
N ASP ED 181 17.59 92.99 -35.47
CA ASP ED 181 19.00 92.71 -35.39
C ASP ED 181 19.61 92.37 -36.75
N ASN ED 182 18.83 91.88 -37.70
CA ASN ED 182 19.32 91.50 -39.01
C ASN ED 182 19.26 92.61 -40.05
N ILE ED 183 19.01 93.86 -39.66
CA ILE ED 183 18.91 94.97 -40.59
C ILE ED 183 20.02 95.96 -40.33
N SER ED 184 20.86 96.18 -41.33
CA SER ED 184 21.95 97.15 -41.30
C SER ED 184 21.59 98.40 -42.11
N VAL ED 185 21.81 99.57 -41.52
CA VAL ED 185 21.49 100.85 -42.15
C VAL ED 185 22.67 101.80 -41.98
N VAL ED 186 23.12 102.38 -43.09
CA VAL ED 186 24.21 103.35 -43.11
C VAL ED 186 23.76 104.61 -43.82
N LEU ED 187 23.92 105.76 -43.16
CA LEU ED 187 23.47 107.05 -43.66
C LEU ED 187 24.62 108.03 -43.78
N SER ED 188 24.50 108.94 -44.75
CA SER ED 188 25.51 109.98 -44.93
C SER ED 188 24.84 111.22 -45.48
N GLU ED 189 25.48 112.37 -45.25
CA GLU ED 189 25.02 113.65 -45.77
C GLU ED 189 25.64 114.03 -47.09
N ARG ED 190 24.89 114.83 -47.86
CA ARG ED 190 25.39 115.45 -49.07
C ARG ED 190 26.60 116.33 -48.79
N SER ED 191 27.59 116.26 -49.67
CA SER ED 191 28.76 117.13 -49.67
C SER ED 191 28.39 118.56 -50.04
N ASP ED 192 29.35 119.47 -49.81
CA ASP ED 192 29.21 120.86 -50.23
C ASP ED 192 28.92 121.01 -51.72
N ALA ED 193 28.03 121.95 -52.03
CA ALA ED 193 27.64 122.27 -53.40
C ALA ED 193 28.71 122.99 -54.21
N GLN ED 194 28.92 122.53 -55.44
CA GLN ED 194 29.80 123.16 -56.43
C GLN ED 194 29.03 124.11 -57.35
N LEU ED 195 28.94 125.38 -56.94
CA LEU ED 195 28.15 126.37 -57.67
C LEU ED 195 28.98 127.32 -58.52
N GLN ED 196 30.13 127.78 -58.04
CA GLN ED 196 30.97 128.68 -58.81
C GLN ED 196 31.77 127.96 -59.87
N ALA ED 197 31.88 128.61 -61.04
CA ALA ED 197 32.61 128.05 -62.17
C ALA ED 197 34.12 128.08 -61.99
N PRO ED 198 34.82 127.10 -62.55
CA PRO ED 198 36.29 127.11 -62.51
C PRO ED 198 36.89 128.23 -63.33
N GLY ED 199 38.09 128.63 -62.93
CA GLY ED 199 38.83 129.66 -63.65
C GLY ED 199 39.53 129.15 -64.90
N THR ED 200 39.49 129.99 -65.94
CA THR ED 200 40.13 129.70 -67.21
C THR ED 200 41.64 129.94 -67.14
N PRO ED 201 42.46 129.02 -67.66
CA PRO ED 201 43.91 129.26 -67.69
C PRO ED 201 44.26 130.59 -68.35
N VAL ED 202 45.24 131.26 -67.78
CA VAL ED 202 45.73 132.52 -68.35
C VAL ED 202 46.58 132.26 -69.58
N ASP FD 20 24.07 128.41 -75.73
CA ASP FD 20 23.46 127.45 -74.83
C ASP FD 20 24.18 126.11 -74.92
N LYS FD 21 24.30 125.43 -73.79
CA LYS FD 21 24.98 124.14 -73.72
C LYS FD 21 23.97 123.02 -73.54
N ASP FD 22 24.19 121.94 -74.28
CA ASP FD 22 23.37 120.74 -74.18
C ASP FD 22 23.68 119.91 -72.95
N LEU FD 23 22.68 119.71 -72.11
CA LEU FD 23 22.77 118.79 -70.98
C LEU FD 23 22.37 117.38 -71.39
N LEU FD 24 21.19 117.23 -71.98
CA LEU FD 24 20.65 115.90 -72.24
C LEU FD 24 19.93 115.90 -73.56
N LYS FD 25 19.93 114.74 -74.22
CA LYS FD 25 19.21 114.56 -75.46
C LYS FD 25 18.48 113.23 -75.46
N GLY FD 26 17.50 113.12 -76.35
CA GLY FD 26 16.73 111.91 -76.48
C GLY FD 26 15.90 111.53 -75.28
N LEU FD 27 15.49 112.50 -74.47
CA LEU FD 27 14.64 112.22 -73.34
C LEU FD 27 13.22 111.92 -73.83
N ASP FD 28 12.44 111.26 -73.00
CA ASP FD 28 11.00 111.28 -73.14
C ASP FD 28 10.35 112.41 -72.35
N GLN FD 29 9.02 112.50 -72.48
CA GLN FD 29 8.22 113.55 -71.88
C GLN FD 29 8.24 113.54 -70.35
N GLU FD 30 8.20 112.36 -69.75
CA GLU FD 30 8.28 112.26 -68.29
C GLU FD 30 9.65 112.61 -67.77
N GLN FD 31 10.68 112.16 -68.47
CA GLN FD 31 12.03 112.46 -68.04
C GLN FD 31 12.28 113.94 -68.13
N ALA FD 32 11.79 114.58 -69.20
CA ALA FD 32 12.04 116.00 -69.37
C ALA FD 32 11.35 116.79 -68.28
N ASN FD 33 10.08 116.47 -67.98
CA ASN FD 33 9.39 117.27 -66.97
C ASN FD 33 9.98 117.08 -65.59
N GLU FD 34 10.49 115.89 -65.26
CA GLU FD 34 11.15 115.71 -63.98
C GLU FD 34 12.46 116.48 -63.88
N VAL FD 35 13.22 116.51 -64.98
CA VAL FD 35 14.43 117.31 -64.97
C VAL FD 35 14.11 118.78 -64.76
N ILE FD 36 13.20 119.32 -65.58
CA ILE FD 36 12.88 120.73 -65.48
C ILE FD 36 12.44 121.10 -64.08
N ALA FD 37 11.58 120.28 -63.47
CA ALA FD 37 11.13 120.54 -62.11
C ALA FD 37 12.30 120.67 -61.14
N VAL FD 38 13.22 119.70 -61.16
CA VAL FD 38 14.31 119.77 -60.21
C VAL FD 38 15.25 120.94 -60.49
N LEU FD 39 15.42 121.34 -61.74
CA LEU FD 39 16.29 122.49 -61.97
C LEU FD 39 15.64 123.79 -61.54
N GLN FD 40 14.38 124.03 -61.92
CA GLN FD 40 13.68 125.21 -61.43
C GLN FD 40 13.73 125.35 -59.93
N MET FD 41 13.63 124.26 -59.19
CA MET FD 41 13.68 124.41 -57.74
C MET FD 41 14.95 125.10 -57.25
N HIS FD 42 16.09 124.91 -57.90
CA HIS FD 42 17.36 125.53 -57.49
C HIS FD 42 17.67 126.84 -58.18
N ASN FD 43 16.67 127.51 -58.75
CA ASN FD 43 16.87 128.77 -59.44
C ASN FD 43 17.69 128.69 -60.73
N ILE FD 44 17.53 127.62 -61.48
CA ILE FD 44 18.20 127.45 -62.76
C ILE FD 44 17.14 127.49 -63.83
N GLU FD 45 17.17 128.51 -64.68
CA GLU FD 45 16.28 128.61 -65.84
C GLU FD 45 16.71 127.67 -66.95
N ALA FD 46 15.83 126.76 -67.36
CA ALA FD 46 16.14 125.74 -68.35
C ALA FD 46 15.15 125.81 -69.51
N ASN FD 47 15.53 125.24 -70.65
CA ASN FD 47 14.70 125.23 -71.85
C ASN FD 47 14.55 123.82 -72.40
N LYS FD 48 13.31 123.48 -72.75
CA LYS FD 48 12.94 122.18 -73.33
C LYS FD 48 12.62 122.34 -74.81
N ILE FD 49 13.27 121.53 -75.64
CA ILE FD 49 13.13 121.56 -77.09
C ILE FD 49 12.70 120.18 -77.57
N ASP FD 50 11.81 120.15 -78.54
CA ASP FD 50 11.25 118.92 -79.12
C ASP FD 50 11.78 118.70 -80.53
N SER FD 51 12.37 117.53 -80.76
CA SER FD 51 12.92 117.13 -82.05
C SER FD 51 12.12 115.99 -82.67
N GLY FD 52 10.92 115.72 -82.15
CA GLY FD 52 10.11 114.60 -82.60
C GLY FD 52 10.65 113.20 -82.41
N LYS FD 53 10.96 112.52 -83.51
CA LYS FD 53 11.56 111.19 -83.39
C LYS FD 53 12.83 111.16 -82.56
N LEU FD 54 13.49 112.30 -82.36
CA LEU FD 54 14.70 112.32 -81.55
C LEU FD 54 14.43 112.64 -80.08
N GLY FD 55 13.18 112.88 -79.70
CA GLY FD 55 12.84 113.26 -78.34
C GLY FD 55 13.15 114.70 -77.95
N TYR FD 56 13.16 114.91 -76.64
CA TYR FD 56 13.40 116.21 -76.04
C TYR FD 56 14.86 116.46 -75.65
N SER FD 57 15.24 117.72 -75.72
CA SER FD 57 16.55 118.22 -75.37
C SER FD 57 16.41 119.32 -74.34
N ILE FD 58 17.39 119.40 -73.44
CA ILE FD 58 17.41 120.38 -72.35
C ILE FD 58 18.64 121.24 -72.50
N THR FD 59 18.47 122.56 -72.39
CA THR FD 59 19.58 123.48 -72.53
C THR FD 59 19.50 124.55 -71.46
N VAL FD 60 20.66 125.08 -71.11
CA VAL FD 60 20.79 126.13 -70.10
C VAL FD 60 21.86 127.11 -70.51
N ALA FD 61 21.85 128.28 -69.88
CA ALA FD 61 22.91 129.26 -70.06
C ALA FD 61 24.22 128.82 -69.38
N GLU FD 62 25.29 129.39 -69.91
CA GLU FD 62 26.64 129.11 -69.40
C GLU FD 62 26.82 129.42 -67.94
N PRO FD 63 26.46 130.59 -67.44
CA PRO FD 63 26.61 130.84 -66.00
C PRO FD 63 25.96 129.79 -65.12
N ASP FD 64 24.95 129.07 -65.62
CA ASP FD 64 24.26 128.07 -64.85
C ASP FD 64 24.70 126.65 -65.19
N PHE FD 65 25.55 126.49 -66.18
CA PHE FD 65 25.97 125.16 -66.61
C PHE FD 65 26.59 124.35 -65.48
N THR FD 66 27.56 124.93 -64.78
CA THR FD 66 28.21 124.22 -63.67
C THR FD 66 27.22 123.70 -62.64
N ALA FD 67 26.35 124.57 -62.13
CA ALA FD 67 25.34 124.14 -61.18
C ALA FD 67 24.46 123.04 -61.76
N ALA FD 68 24.00 123.21 -62.99
CA ALA FD 68 23.14 122.19 -63.56
C ALA FD 68 23.82 120.83 -63.59
N VAL FD 69 25.09 120.80 -63.97
CA VAL FD 69 25.84 119.55 -63.96
C VAL FD 69 25.89 118.94 -62.56
N TYR FD 70 26.21 119.75 -61.56
CA TYR FD 70 26.29 119.22 -60.21
C TYR FD 70 24.97 118.65 -59.73
N TRP FD 71 23.86 119.34 -60.00
CA TRP FD 71 22.58 118.80 -59.53
C TRP FD 71 22.15 117.57 -60.32
N ILE FD 72 22.39 117.55 -61.62
CA ILE FD 72 22.11 116.34 -62.39
C ILE FD 72 22.84 115.15 -61.78
N LYS FD 73 24.12 115.33 -61.47
CA LYS FD 73 24.84 114.23 -60.83
C LYS FD 73 24.22 113.84 -59.51
N THR FD 74 23.93 114.82 -58.65
CA THR FD 74 23.48 114.49 -57.31
C THR FD 74 22.14 113.77 -57.30
N TYR FD 75 21.20 114.22 -58.11
CA TYR FD 75 19.91 113.53 -58.16
C TYR FD 75 19.89 112.34 -59.11
N GLN FD 76 20.98 112.07 -59.83
CA GLN FD 76 21.06 110.91 -60.69
C GLN FD 76 20.02 110.93 -61.80
N LEU FD 77 19.63 112.11 -62.26
CA LEU FD 77 18.69 112.22 -63.34
C LEU FD 77 19.36 111.71 -64.61
N PRO FD 78 18.59 111.45 -65.67
CA PRO FD 78 17.15 111.29 -65.76
C PRO FD 78 16.70 109.98 -65.14
N PRO FD 79 15.49 109.94 -64.61
CA PRO FD 79 15.11 108.79 -63.77
C PRO FD 79 14.97 107.53 -64.60
N ARG FD 80 15.30 106.40 -63.99
CA ARG FD 80 15.01 105.11 -64.57
C ARG FD 80 13.50 104.87 -64.62
N PRO FD 81 13.03 104.07 -65.56
CA PRO FD 81 11.61 103.74 -65.60
C PRO FD 81 11.19 102.93 -64.39
N ARG FD 82 9.89 102.98 -64.10
CA ARG FD 82 9.34 102.38 -62.90
C ARG FD 82 9.29 100.86 -63.03
N VAL FD 83 9.57 100.16 -61.94
CA VAL FD 83 9.74 98.71 -61.94
C VAL FD 83 8.54 98.02 -61.30
N GLU FD 84 7.98 97.03 -62.00
CA GLU FD 84 6.94 96.16 -61.47
C GLU FD 84 7.25 94.69 -61.71
N ILE FD 85 6.96 93.86 -60.71
CA ILE FD 85 7.44 92.47 -60.70
C ILE FD 85 6.92 91.69 -61.90
N ALA FD 86 5.72 91.98 -62.35
CA ALA FD 86 5.17 91.28 -63.50
C ALA FD 86 6.05 91.38 -64.73
N GLN FD 87 6.92 92.37 -64.80
CA GLN FD 87 7.82 92.50 -65.94
C GLN FD 87 8.78 91.34 -66.06
N MET FD 88 9.03 90.62 -64.98
CA MET FD 88 9.97 89.51 -65.00
C MET FD 88 9.36 88.19 -65.45
N PHE FD 89 8.05 88.13 -65.66
CA PHE FD 89 7.37 86.87 -65.98
C PHE FD 89 6.39 87.09 -67.11
N PRO FD 90 6.88 87.31 -68.31
CA PRO FD 90 5.98 87.57 -69.44
C PRO FD 90 5.04 86.39 -69.68
N ALA FD 91 3.76 86.71 -69.87
CA ALA FD 91 2.76 85.68 -70.11
C ALA FD 91 2.92 84.96 -71.44
N ASP FD 92 3.66 85.52 -72.36
CA ASP FD 92 3.95 84.90 -73.65
C ASP FD 92 4.95 83.78 -73.55
N SER FD 93 5.36 83.37 -72.36
CA SER FD 93 6.30 82.27 -72.24
C SER FD 93 5.68 80.95 -72.70
N LEU FD 94 6.56 80.03 -73.10
CA LEU FD 94 6.12 78.71 -73.51
C LEU FD 94 5.48 77.94 -72.37
N VAL FD 95 5.89 78.21 -71.13
CA VAL FD 95 5.47 77.47 -69.96
C VAL FD 95 5.27 78.49 -68.85
N SER FD 96 4.28 78.23 -67.98
CA SER FD 96 4.18 78.96 -66.72
C SER FD 96 4.09 77.97 -65.57
N SER FD 97 4.94 78.14 -64.59
CA SER FD 97 4.82 77.40 -63.35
C SER FD 97 3.89 78.09 -62.38
N PRO FD 98 3.51 77.39 -61.30
CA PRO FD 98 2.78 78.05 -60.22
C PRO FD 98 3.50 79.25 -59.64
N ARG FD 99 4.82 79.21 -59.55
CA ARG FD 99 5.55 80.35 -59.02
C ARG FD 99 5.37 81.57 -59.90
N ALA FD 100 5.36 81.38 -61.22
CA ALA FD 100 5.19 82.52 -62.10
C ALA FD 100 3.76 83.03 -62.07
N GLU FD 101 2.79 82.14 -61.89
CA GLU FD 101 1.41 82.60 -61.85
C GLU FD 101 1.15 83.40 -60.58
N LYS FD 102 1.57 82.88 -59.43
CA LYS FD 102 1.38 83.64 -58.19
C LYS FD 102 2.16 84.93 -58.18
N ALA FD 103 3.32 84.98 -58.83
CA ALA FD 103 4.02 86.24 -58.97
C ALA FD 103 3.22 87.28 -59.74
N ARG FD 104 2.60 86.90 -60.85
CA ARG FD 104 1.81 87.92 -61.54
C ARG FD 104 0.56 88.30 -60.76
N LEU FD 105 -0.02 87.37 -60.01
CA LEU FD 105 -1.18 87.74 -59.20
C LEU FD 105 -0.81 88.79 -58.17
N TYR FD 106 0.24 88.56 -57.39
CA TYR FD 106 0.56 89.55 -56.36
C TYR FD 106 1.00 90.87 -56.99
N SER FD 107 1.73 90.80 -58.09
CA SER FD 107 2.15 92.02 -58.76
C SER FD 107 0.98 92.84 -59.25
N ALA FD 108 -0.19 92.24 -59.41
CA ALA FD 108 -1.34 93.04 -59.83
C ALA FD 108 -2.17 93.53 -58.66
N ILE FD 109 -2.19 92.79 -57.56
CA ILE FD 109 -2.90 93.28 -56.39
C ILE FD 109 -2.21 94.50 -55.79
N GLU FD 110 -0.88 94.49 -55.72
CA GLU FD 110 -0.18 95.66 -55.19
C GLU FD 110 -0.54 96.94 -55.96
N GLN FD 111 -0.56 96.86 -57.27
CA GLN FD 111 -0.89 98.02 -58.07
C GLN FD 111 -2.32 98.47 -57.85
N ARG FD 112 -3.25 97.52 -57.69
CA ARG FD 112 -4.63 97.94 -57.52
C ARG FD 112 -4.87 98.54 -56.14
N LEU FD 113 -4.09 98.16 -55.13
CA LEU FD 113 -4.20 98.86 -53.86
C LEU FD 113 -3.62 100.27 -53.94
N GLU FD 114 -2.46 100.44 -54.56
CA GLU FD 114 -1.95 101.81 -54.67
C GLU FD 114 -2.97 102.72 -55.35
N GLN FD 115 -3.58 102.22 -56.43
CA GLN FD 115 -4.56 103.03 -57.13
C GLN FD 115 -5.78 103.32 -56.27
N SER FD 116 -6.08 102.44 -55.32
CA SER FD 116 -7.23 102.74 -54.48
C SER FD 116 -6.88 103.78 -53.43
N LEU FD 117 -5.71 103.67 -52.81
CA LEU FD 117 -5.33 104.67 -51.80
C LEU FD 117 -5.26 106.07 -52.38
N GLN FD 118 -4.82 106.23 -53.62
CA GLN FD 118 -4.80 107.59 -54.16
C GLN FD 118 -6.16 108.27 -54.13
N THR FD 119 -7.26 107.53 -53.99
CA THR FD 119 -8.58 108.13 -53.95
C THR FD 119 -9.01 108.63 -52.58
N MET FD 120 -8.33 108.26 -51.51
CA MET FD 120 -8.79 108.68 -50.19
C MET FD 120 -8.63 110.18 -50.01
N GLU FD 121 -9.30 110.69 -48.99
CA GLU FD 121 -9.35 112.13 -48.75
C GLU FD 121 -7.98 112.70 -48.39
N GLY FD 122 -7.48 113.58 -49.25
CA GLY FD 122 -6.29 114.35 -49.00
C GLY FD 122 -4.98 113.65 -49.30
N VAL FD 123 -5.01 112.42 -49.78
CA VAL FD 123 -3.78 111.77 -50.22
C VAL FD 123 -3.39 112.28 -51.59
N LEU FD 124 -2.08 112.43 -51.80
CA LEU FD 124 -1.52 112.80 -53.09
C LEU FD 124 -0.88 111.62 -53.80
N SER FD 125 -0.12 110.79 -53.09
CA SER FD 125 0.48 109.61 -53.69
C SER FD 125 0.83 108.62 -52.60
N ALA FD 126 0.99 107.35 -53.00
CA ALA FD 126 1.25 106.27 -52.07
C ALA FD 126 1.98 105.14 -52.77
N ARG FD 127 2.63 104.30 -51.96
CA ARG FD 127 3.31 103.10 -52.41
C ARG FD 127 3.00 101.97 -51.44
N VAL FD 128 2.85 100.74 -51.96
CA VAL FD 128 2.49 99.59 -51.15
C VAL FD 128 3.38 98.40 -51.47
N HIS FD 129 3.74 97.63 -50.44
CA HIS FD 129 4.55 96.43 -50.55
C HIS FD 129 3.91 95.27 -49.81
N ILE FD 130 3.98 94.07 -50.41
CA ILE FD 130 3.43 92.84 -49.84
C ILE FD 130 4.53 91.80 -49.72
N SER FD 131 4.48 90.99 -48.67
CA SER FD 131 5.43 89.89 -48.51
C SER FD 131 5.15 88.76 -49.51
N TYR FD 132 6.00 88.59 -50.51
CA TYR FD 132 5.92 87.46 -51.44
C TYR FD 132 6.38 86.18 -50.78
N ASP FD 133 5.44 85.36 -50.30
CA ASP FD 133 5.74 84.02 -49.82
C ASP FD 133 6.00 83.03 -50.95
N ILE FD 134 5.74 83.42 -52.19
CA ILE FD 134 5.94 82.59 -53.36
C ILE FD 134 7.38 82.14 -53.57
N ASP FD 135 8.34 82.75 -52.89
CA ASP FD 135 9.73 82.31 -53.01
C ASP FD 135 9.97 80.93 -52.41
N ALA FD 136 8.98 80.35 -51.74
CA ALA FD 136 8.86 78.90 -51.63
C ALA FD 136 7.55 78.46 -52.24
N GLY FD 137 7.52 77.23 -52.70
CA GLY FD 137 6.44 76.76 -53.54
C GLY FD 137 5.11 76.65 -52.83
N GLU FD 138 5.04 76.99 -51.54
CA GLU FD 138 3.87 76.72 -50.71
C GLU FD 138 3.55 75.23 -50.73
N ASN FD 139 4.59 74.41 -50.76
CA ASN FD 139 4.47 72.96 -50.89
C ASN FD 139 5.27 72.30 -49.79
N GLY FD 140 4.75 71.19 -49.27
CA GLY FD 140 5.32 70.63 -48.08
C GLY FD 140 5.04 71.45 -46.83
N ARG FD 141 5.66 72.62 -46.75
CA ARG FD 141 5.43 73.49 -45.61
C ARG FD 141 4.13 74.28 -45.78
N PRO FD 142 3.36 74.45 -44.71
CA PRO FD 142 2.16 75.27 -44.77
C PRO FD 142 2.51 76.73 -44.99
N PRO FD 143 1.60 77.52 -45.55
CA PRO FD 143 1.88 78.92 -45.85
C PRO FD 143 1.99 79.79 -44.61
N LYS FD 144 2.65 80.94 -44.77
CA LYS FD 144 2.97 81.84 -43.68
C LYS FD 144 2.21 83.16 -43.80
N PRO FD 145 1.90 83.81 -42.69
CA PRO FD 145 1.02 84.98 -42.73
C PRO FD 145 1.64 86.14 -43.49
N VAL FD 146 0.77 87.00 -44.01
CA VAL FD 146 1.13 88.09 -44.90
C VAL FD 146 1.55 89.32 -44.10
N HIS FD 147 2.53 90.06 -44.62
CA HIS FD 147 2.94 91.35 -44.08
C HIS FD 147 2.81 92.43 -45.15
N LEU FD 148 2.57 93.65 -44.70
CA LEU FD 148 2.30 94.79 -45.58
C LEU FD 148 3.09 96.01 -45.13
N SER FD 149 3.50 96.84 -46.09
CA SER FD 149 4.07 98.15 -45.78
C SER FD 149 3.51 99.23 -46.72
N ALA FD 150 3.26 100.42 -46.18
CA ALA FD 150 2.76 101.52 -46.99
C ALA FD 150 3.50 102.83 -46.71
N LEU FD 151 3.66 103.63 -47.77
CA LEU FD 151 4.17 104.99 -47.68
C LEU FD 151 3.16 105.94 -48.31
N ALA FD 152 3.00 107.14 -47.76
CA ALA FD 152 2.09 108.07 -48.39
C ALA FD 152 2.42 109.53 -48.09
N VAL FD 153 1.86 110.41 -48.92
CA VAL FD 153 2.12 111.85 -48.86
C VAL FD 153 0.80 112.59 -48.71
N TYR FD 154 0.78 113.58 -47.82
CA TYR FD 154 -0.44 114.28 -47.43
C TYR FD 154 -0.37 115.78 -47.70
N GLU FD 155 -1.53 116.37 -47.94
CA GLU FD 155 -1.69 117.81 -47.97
C GLU FD 155 -1.28 118.45 -46.65
N ARG FD 156 -0.77 119.67 -46.75
CA ARG FD 156 -0.39 120.45 -45.58
C ARG FD 156 -1.54 120.70 -44.61
N GLY FD 157 -1.26 120.52 -43.31
CA GLY FD 157 -2.27 120.64 -42.28
C GLY FD 157 -3.09 119.41 -41.98
N SER FD 158 -2.56 118.24 -42.23
CA SER FD 158 -3.25 116.98 -41.99
C SER FD 158 -2.83 116.37 -40.66
N PRO FD 159 -3.75 115.94 -39.78
CA PRO FD 159 -3.32 115.24 -38.57
C PRO FD 159 -2.93 113.80 -38.85
N LEU FD 160 -1.65 113.66 -39.22
CA LEU FD 160 -1.09 112.38 -39.62
C LEU FD 160 -1.35 111.28 -38.58
N ALA FD 161 -1.11 111.60 -37.31
CA ALA FD 161 -1.34 110.63 -36.26
C ALA FD 161 -2.75 110.07 -36.32
N HIS FD 162 -3.74 110.95 -36.46
CA HIS FD 162 -5.12 110.47 -36.55
C HIS FD 162 -5.42 109.79 -37.87
N GLN FD 163 -4.63 109.99 -38.90
CA GLN FD 163 -4.93 109.37 -40.19
C GLN FD 163 -4.30 108.02 -40.40
N ILE FD 164 -3.34 107.61 -39.58
CA ILE FD 164 -2.78 106.26 -39.75
C ILE FD 164 -3.84 105.19 -39.51
N SER FD 165 -4.73 105.41 -38.55
CA SER FD 165 -5.77 104.45 -38.24
C SER FD 165 -6.61 104.04 -39.45
N ASP FD 166 -7.12 105.02 -40.20
CA ASP FD 166 -7.91 104.70 -41.39
C ASP FD 166 -7.19 103.76 -42.33
N ILE FD 167 -5.96 104.09 -42.68
CA ILE FD 167 -5.19 103.23 -43.57
C ILE FD 167 -5.09 101.81 -43.01
N LYS FD 168 -4.64 101.67 -41.77
CA LYS FD 168 -4.57 100.33 -41.21
C LYS FD 168 -5.90 99.59 -41.28
N ARG FD 169 -6.98 100.24 -40.87
CA ARG FD 169 -8.30 99.60 -40.94
C ARG FD 169 -8.61 99.13 -42.34
N PHE FD 170 -8.39 99.97 -43.33
CA PHE FD 170 -8.69 99.60 -44.70
C PHE FD 170 -7.85 98.43 -45.17
N LEU FD 171 -6.55 98.43 -44.89
CA LEU FD 171 -5.68 97.35 -45.34
C LEU FD 171 -5.96 96.02 -44.66
N LYS FD 172 -6.22 96.03 -43.35
CA LYS FD 172 -6.41 94.78 -42.63
C LYS FD 172 -7.37 93.80 -43.29
N ASN FD 173 -8.52 94.26 -43.76
CA ASN FD 173 -9.51 93.36 -44.35
C ASN FD 173 -9.28 93.04 -45.82
N SER FD 174 -8.21 93.50 -46.42
CA SER FD 174 -7.99 93.22 -47.83
C SER FD 174 -7.33 91.86 -48.07
N PHE FD 175 -6.98 91.14 -47.00
CA PHE FD 175 -6.35 89.83 -47.11
C PHE FD 175 -6.89 88.88 -46.07
N ALA FD 176 -6.67 87.59 -46.33
CA ALA FD 176 -7.21 86.53 -45.48
C ALA FD 176 -6.67 86.55 -44.05
N ASP FD 177 -5.42 86.94 -43.84
CA ASP FD 177 -4.86 86.89 -42.48
C ASP FD 177 -3.80 87.97 -42.32
N VAL FD 178 -4.18 89.05 -41.65
CA VAL FD 178 -3.28 90.16 -41.40
C VAL FD 178 -3.57 90.66 -40.01
N ASP FD 179 -2.53 90.97 -39.26
CA ASP FD 179 -2.64 91.52 -37.93
C ASP FD 179 -2.16 92.96 -37.92
N TYR FD 180 -2.83 93.80 -37.13
CA TYR FD 180 -2.37 95.17 -37.01
C TYR FD 180 -0.92 95.26 -36.65
N ASP FD 181 -0.40 94.30 -35.90
CA ASP FD 181 1.03 94.32 -35.59
C ASP FD 181 1.89 94.21 -36.83
N ASN FD 182 1.42 93.53 -37.87
CA ASN FD 182 2.19 93.29 -39.08
C ASN FD 182 2.02 94.36 -40.16
N ILE FD 183 1.43 95.51 -39.86
CA ILE FD 183 1.23 96.57 -40.85
C ILE FD 183 2.02 97.79 -40.44
N SER FD 184 2.96 98.19 -41.30
CA SER FD 184 3.78 99.39 -41.14
C SER FD 184 3.29 100.50 -42.06
N VAL FD 185 3.16 101.70 -41.52
CA VAL FD 185 2.66 102.86 -42.27
C VAL FD 185 3.54 104.06 -41.99
N VAL FD 186 4.03 104.70 -43.05
CA VAL FD 186 4.85 105.91 -42.94
C VAL FD 186 4.23 107.03 -43.78
N LEU FD 187 4.01 108.17 -43.14
CA LEU FD 187 3.38 109.33 -43.75
C LEU FD 187 4.29 110.54 -43.73
N SER FD 188 4.10 111.42 -44.70
CA SER FD 188 4.87 112.66 -44.77
C SER FD 188 4.02 113.74 -45.42
N GLU FD 189 4.34 115.00 -45.12
CA GLU FD 189 3.68 116.16 -45.71
C GLU FD 189 4.36 116.67 -46.97
N ARG FD 190 3.55 117.25 -47.85
CA ARG FD 190 4.06 117.93 -49.03
C ARG FD 190 4.95 119.12 -48.65
N SER FD 191 6.04 119.26 -49.38
CA SER FD 191 6.95 120.39 -49.27
C SER FD 191 6.29 121.70 -49.71
N ASP FD 192 6.96 122.79 -49.39
CA ASP FD 192 6.55 124.12 -49.83
C ASP FD 192 6.43 124.22 -51.35
N ALA FD 193 5.40 124.92 -51.80
CA ALA FD 193 5.13 125.15 -53.21
C ALA FD 193 6.12 126.10 -53.88
N GLN FD 194 6.61 125.70 -55.05
CA GLN FD 194 7.46 126.51 -55.94
C GLN FD 194 6.63 127.24 -56.98
N LEU FD 195 6.19 128.46 -56.64
CA LEU FD 195 5.31 129.23 -57.50
C LEU FD 195 6.00 130.33 -58.29
N GLN FD 196 6.96 131.04 -57.70
CA GLN FD 196 7.66 132.09 -58.43
C GLN FD 196 8.72 131.54 -59.37
N ALA FD 197 8.81 132.15 -60.55
CA ALA FD 197 9.78 131.76 -61.56
C ALA FD 197 11.20 132.16 -61.19
N PRO FD 198 12.19 131.38 -61.61
CA PRO FD 198 13.58 131.76 -61.39
C PRO FD 198 14.02 132.98 -62.18
N GLY FD 199 15.03 133.66 -61.62
CA GLY FD 199 15.62 134.82 -62.28
C GLY FD 199 16.59 134.48 -63.39
N THR FD 200 16.53 135.26 -64.47
CA THR FD 200 17.43 135.07 -65.60
C THR FD 200 18.82 135.63 -65.33
N PRO FD 201 19.88 134.89 -65.66
CA PRO FD 201 21.24 135.40 -65.50
C PRO FD 201 21.45 136.75 -66.17
N VAL FD 202 22.22 137.61 -65.50
CA VAL FD 202 22.58 138.90 -66.05
C VAL FD 202 23.63 138.71 -67.13
N ASP GD 20 3.29 130.23 -76.31
CA ASP GD 20 2.78 129.19 -75.44
C ASP GD 20 3.79 128.07 -75.32
N LYS GD 21 3.89 127.47 -74.14
CA LYS GD 21 4.82 126.38 -73.90
C LYS GD 21 4.07 125.06 -73.80
N ASP GD 22 4.64 124.04 -74.42
CA ASP GD 22 4.10 122.69 -74.37
C ASP GD 22 4.40 121.97 -73.07
N LEU GD 23 3.35 121.57 -72.36
CA LEU GD 23 3.47 120.70 -71.20
C LEU GD 23 3.49 119.24 -71.60
N LEU GD 24 2.47 118.81 -72.35
CA LEU GD 24 2.31 117.39 -72.64
C LEU GD 24 1.78 117.23 -74.05
N LYS GD 25 2.11 116.08 -74.66
CA LYS GD 25 1.61 115.73 -75.97
C LYS GD 25 1.16 114.28 -75.99
N GLY GD 26 0.34 113.96 -77.00
CA GLY GD 26 -0.14 112.61 -77.19
C GLY GD 26 -0.97 112.05 -76.07
N LEU GD 27 -1.72 112.90 -75.39
CA LEU GD 27 -2.56 112.44 -74.31
C LEU GD 27 -3.84 111.81 -74.85
N ASP GD 28 -4.41 110.92 -74.04
CA ASP GD 28 -5.78 110.48 -74.21
C ASP GD 28 -6.77 111.52 -73.70
N GLN GD 29 -7.99 111.45 -74.23
CA GLN GD 29 -9.08 112.32 -73.80
C GLN GD 29 -9.32 112.31 -72.30
N GLU GD 30 -9.25 111.14 -71.68
CA GLU GD 30 -9.48 111.04 -70.25
C GLU GD 30 -8.24 111.35 -69.43
N GLN GD 31 -7.08 111.41 -70.05
CA GLN GD 31 -5.93 111.99 -69.40
C GLN GD 31 -6.02 113.51 -69.44
N ALA GD 32 -6.39 114.05 -70.59
CA ALA GD 32 -6.42 115.49 -70.77
C ALA GD 32 -7.41 116.14 -69.82
N ASN GD 33 -8.63 115.60 -69.73
CA ASN GD 33 -9.61 116.24 -68.86
C ASN GD 33 -9.21 116.20 -67.38
N GLU GD 34 -8.46 115.19 -66.98
CA GLU GD 34 -7.93 115.17 -65.62
C GLU GD 34 -6.84 116.21 -65.40
N VAL GD 35 -5.97 116.39 -66.38
CA VAL GD 35 -4.94 117.41 -66.23
C VAL GD 35 -5.56 118.79 -66.17
N ILE GD 36 -6.52 119.06 -67.06
CA ILE GD 36 -7.18 120.35 -67.06
C ILE GD 36 -7.85 120.62 -65.71
N ALA GD 37 -8.55 119.62 -65.17
CA ALA GD 37 -9.20 119.78 -63.88
C ALA GD 37 -8.22 120.16 -62.77
N VAL GD 38 -7.08 119.48 -62.72
CA VAL GD 38 -6.12 119.79 -61.67
C VAL GD 38 -5.44 121.12 -61.86
N LEU GD 39 -5.23 121.57 -63.10
CA LEU GD 39 -4.66 122.90 -63.25
C LEU GD 39 -5.67 123.99 -62.88
N GLN GD 40 -6.89 123.88 -63.39
CA GLN GD 40 -7.90 124.87 -63.02
C GLN GD 40 -8.08 125.01 -61.52
N MET GD 41 -8.02 123.91 -60.78
CA MET GD 41 -8.18 124.06 -59.34
C MET GD 41 -7.16 125.03 -58.73
N HIS GD 42 -5.94 125.08 -59.26
CA HIS GD 42 -4.92 125.97 -58.73
C HIS GD 42 -4.84 127.31 -59.44
N ASN GD 43 -5.89 127.72 -60.15
CA ASN GD 43 -5.91 128.99 -60.86
C ASN GD 43 -4.95 129.09 -62.04
N ILE GD 44 -4.74 128.01 -62.76
CA ILE GD 44 -3.87 128.02 -63.94
C ILE GD 44 -4.78 127.81 -65.14
N GLU GD 45 -4.87 128.81 -66.01
CA GLU GD 45 -5.60 128.70 -67.26
C GLU GD 45 -4.84 127.89 -68.31
N ALA GD 46 -5.43 126.79 -68.77
CA ALA GD 46 -4.77 125.89 -69.70
C ALA GD 46 -5.61 125.72 -70.96
N ASN GD 47 -4.98 125.27 -72.04
CA ASN GD 47 -5.64 125.06 -73.32
C ASN GD 47 -5.39 123.66 -73.85
N LYS GD 48 -6.46 123.02 -74.32
CA LYS GD 48 -6.43 121.69 -74.90
C LYS GD 48 -6.60 121.77 -76.41
N ILE GD 49 -5.67 121.15 -77.13
CA ILE GD 49 -5.64 121.14 -78.60
C ILE GD 49 -5.66 119.70 -79.08
N ASP GD 50 -6.40 119.46 -80.15
CA ASP GD 50 -6.55 118.12 -80.73
C ASP GD 50 -5.86 118.02 -82.08
N SER GD 51 -4.96 117.05 -82.20
CA SER GD 51 -4.20 116.76 -83.42
C SER GD 51 -4.64 115.44 -84.05
N GLY GD 52 -5.77 114.89 -83.61
CA GLY GD 52 -6.27 113.59 -84.03
C GLY GD 52 -5.47 112.34 -83.73
N LYS GD 53 -4.91 111.70 -84.77
CA LYS GD 53 -4.05 110.54 -84.53
C LYS GD 53 -2.88 110.84 -83.61
N LEU GD 54 -2.53 112.10 -83.41
CA LEU GD 54 -1.44 112.45 -82.51
C LEU GD 54 -1.94 112.73 -81.10
N GLY GD 55 -3.24 112.67 -80.86
CA GLY GD 55 -3.82 113.00 -79.59
C GLY GD 55 -3.90 114.47 -79.23
N TYR GD 56 -4.13 114.69 -77.94
CA TYR GD 56 -4.26 116.01 -77.35
C TYR GD 56 -2.97 116.58 -76.79
N SER GD 57 -2.88 117.90 -76.84
CA SER GD 57 -1.77 118.68 -76.35
C SER GD 57 -2.31 119.71 -75.36
N ILE GD 58 -1.51 120.01 -74.35
CA ILE GD 58 -1.86 120.95 -73.30
C ILE GD 58 -0.85 122.08 -73.30
N THR GD 59 -1.34 123.31 -73.26
CA THR GD 59 -0.44 124.46 -73.29
C THR GD 59 -0.89 125.49 -72.27
N VAL GD 60 0.08 126.26 -71.77
CA VAL GD 60 -0.15 127.31 -70.78
C VAL GD 60 0.73 128.50 -71.10
N ALA GD 61 0.38 129.64 -70.51
CA ALA GD 61 1.22 130.82 -70.58
C ALA GD 61 2.50 130.68 -69.74
N GLU GD 62 3.48 131.47 -70.14
CA GLU GD 62 4.78 131.51 -69.47
C GLU GD 62 4.70 131.87 -68.00
N PRO GD 63 4.04 132.94 -67.59
CA PRO GD 63 3.94 133.23 -66.15
C PRO GD 63 3.44 132.07 -65.33
N ASP GD 64 2.66 131.15 -65.91
CA ASP GD 64 2.11 130.02 -65.17
C ASP GD 64 2.90 128.74 -65.41
N PHE GD 65 3.89 128.77 -66.28
CA PHE GD 65 4.63 127.58 -66.64
C PHE GD 65 5.28 126.92 -65.41
N THR GD 66 6.01 127.70 -64.62
CA THR GD 66 6.66 127.17 -63.42
C THR GD 66 5.69 126.41 -62.51
N ALA GD 67 4.61 127.07 -62.12
CA ALA GD 67 3.60 126.42 -61.30
C ALA GD 67 3.08 125.15 -61.95
N ALA GD 68 2.76 125.21 -63.23
CA ALA GD 68 2.20 124.04 -63.88
C ALA GD 68 3.16 122.86 -63.78
N VAL GD 69 4.44 123.09 -64.03
CA VAL GD 69 5.43 122.03 -63.92
C VAL GD 69 5.43 121.43 -62.53
N TYR GD 70 5.48 122.29 -61.51
CA TYR GD 70 5.51 121.78 -60.14
C TYR GD 70 4.28 120.97 -59.79
N TRP GD 71 3.10 121.35 -60.27
CA TRP GD 71 1.92 120.54 -59.98
C TRP GD 71 1.90 119.23 -60.76
N ILE GD 72 2.33 119.23 -62.02
CA ILE GD 72 2.45 117.97 -62.74
C ILE GD 72 3.38 117.02 -62.01
N LYS GD 73 4.47 117.54 -61.47
CA LYS GD 73 5.32 116.69 -60.63
C LYS GD 73 4.59 116.19 -59.40
N THR GD 74 3.91 117.08 -58.69
CA THR GD 74 3.37 116.68 -57.40
C THR GD 74 2.27 115.64 -57.54
N TYR GD 75 1.43 115.76 -58.56
CA TYR GD 75 0.38 114.77 -58.78
C TYR GD 75 0.77 113.64 -59.71
N GLN GD 76 2.00 113.59 -60.20
CA GLN GD 76 2.45 112.48 -61.04
C GLN GD 76 1.59 112.30 -62.28
N LEU GD 77 1.07 113.38 -62.83
CA LEU GD 77 0.27 113.29 -64.05
C LEU GD 77 1.16 112.98 -65.24
N PRO GD 78 0.59 112.49 -66.34
CA PRO GD 78 -0.78 112.02 -66.56
C PRO GD 78 -1.07 110.70 -65.89
N PRO GD 79 -2.33 110.44 -65.56
CA PRO GD 79 -2.64 109.23 -64.79
C PRO GD 79 -2.39 107.97 -65.61
N ARG GD 80 -1.89 106.94 -64.94
CA ARG GD 80 -1.80 105.62 -65.52
C ARG GD 80 -3.18 104.99 -65.70
N PRO GD 81 -3.35 104.09 -66.66
CA PRO GD 81 -4.65 103.45 -66.85
C PRO GD 81 -5.01 102.56 -65.66
N ARG GD 82 -6.31 102.28 -65.56
CA ARG GD 82 -6.86 101.59 -64.40
C ARG GD 82 -6.63 100.10 -64.50
N VAL GD 83 -6.23 99.49 -63.38
CA VAL GD 83 -5.77 98.10 -63.33
C VAL GD 83 -6.87 97.19 -62.79
N GLU GD 84 -7.09 96.06 -63.47
CA GLU GD 84 -7.98 94.99 -63.02
C GLU GD 84 -7.34 93.64 -63.24
N ILE GD 85 -7.55 92.72 -62.30
CA ILE GD 85 -6.76 91.49 -62.25
C ILE GD 85 -6.99 90.62 -63.48
N ALA GD 86 -8.18 90.67 -64.07
CA ALA GD 86 -8.45 89.92 -65.28
C ALA GD 86 -7.50 90.26 -66.42
N GLN GD 87 -6.81 91.39 -66.36
CA GLN GD 87 -5.83 91.70 -67.40
C GLN GD 87 -4.61 90.79 -67.39
N MET GD 88 -4.35 90.09 -66.30
CA MET GD 88 -3.16 89.25 -66.21
C MET GD 88 -3.40 87.81 -66.62
N PHE GD 89 -4.64 87.45 -66.91
CA PHE GD 89 -5.02 86.08 -67.24
C PHE GD 89 -5.96 86.11 -68.43
N PRO GD 90 -5.43 86.42 -69.62
CA PRO GD 90 -6.26 86.95 -70.69
C PRO GD 90 -7.36 86.02 -71.17
N ALA GD 91 -7.42 84.78 -70.72
CA ALA GD 91 -8.37 83.80 -71.21
C ALA GD 91 -8.21 83.47 -72.68
N ASP GD 92 -7.12 83.89 -73.30
CA ASP GD 92 -6.75 83.44 -74.64
C ASP GD 92 -5.91 82.18 -74.61
N SER GD 93 -5.74 81.59 -73.43
CA SER GD 93 -4.88 80.45 -73.26
C SER GD 93 -5.36 79.28 -74.11
N LEU GD 94 -4.49 78.29 -74.26
CA LEU GD 94 -4.93 76.98 -74.70
C LEU GD 94 -5.82 76.36 -73.63
N VAL GD 95 -5.29 76.22 -72.42
CA VAL GD 95 -6.08 75.84 -71.26
C VAL GD 95 -5.55 76.65 -70.09
N SER GD 96 -6.42 76.91 -69.12
CA SER GD 96 -6.05 77.66 -67.93
C SER GD 96 -6.30 76.83 -66.68
N SER GD 97 -5.37 76.93 -65.72
CA SER GD 97 -5.49 76.18 -64.50
C SER GD 97 -6.68 76.64 -63.66
N PRO GD 98 -7.03 75.85 -62.66
CA PRO GD 98 -8.01 76.32 -61.67
C PRO GD 98 -7.64 77.64 -61.06
N ARG GD 99 -6.36 77.88 -60.85
CA ARG GD 99 -5.92 79.12 -60.26
C ARG GD 99 -6.33 80.30 -61.13
N ALA GD 100 -6.13 80.19 -62.44
CA ALA GD 100 -6.47 81.31 -63.30
C ALA GD 100 -7.97 81.51 -63.41
N GLU GD 101 -8.72 80.42 -63.58
CA GLU GD 101 -10.16 80.57 -63.65
C GLU GD 101 -10.73 81.23 -62.40
N LYS GD 102 -10.28 80.82 -61.22
CA LYS GD 102 -10.84 81.39 -60.00
C LYS GD 102 -10.49 82.87 -59.85
N ALA GD 103 -9.39 83.29 -60.46
CA ALA GD 103 -9.02 84.69 -60.42
C ALA GD 103 -9.94 85.51 -61.31
N ARG GD 104 -10.11 85.10 -62.56
CA ARG GD 104 -11.05 85.83 -63.41
C ARG GD 104 -12.41 85.95 -62.74
N LEU GD 105 -12.91 84.86 -62.18
CA LEU GD 105 -14.20 84.92 -61.49
C LEU GD 105 -14.25 86.03 -60.42
N TYR GD 106 -13.34 85.99 -59.46
CA TYR GD 106 -13.33 87.03 -58.44
C TYR GD 106 -13.19 88.44 -59.01
N SER GD 107 -12.31 88.61 -60.00
CA SER GD 107 -12.15 89.93 -60.58
C SER GD 107 -13.40 90.43 -61.28
N ALA GD 108 -14.29 89.53 -61.70
CA ALA GD 108 -15.53 90.01 -62.29
C ALA GD 108 -16.56 90.36 -61.24
N ILE GD 109 -16.56 89.62 -60.13
CA ILE GD 109 -17.46 89.98 -59.03
C ILE GD 109 -17.11 91.34 -58.42
N GLU GD 110 -15.83 91.65 -58.25
CA GLU GD 110 -15.48 92.97 -57.74
C GLU GD 110 -16.03 94.10 -58.59
N GLN GD 111 -15.92 93.99 -59.91
CA GLN GD 111 -16.40 95.07 -60.76
C GLN GD 111 -17.91 95.18 -60.72
N ARG GD 112 -18.60 94.03 -60.66
CA ARG GD 112 -20.04 94.11 -60.64
C ARG GD 112 -20.54 94.72 -59.34
N LEU GD 113 -19.86 94.48 -58.23
CA LEU GD 113 -20.28 95.11 -56.99
C LEU GD 113 -20.02 96.61 -56.98
N GLU GD 114 -18.85 97.06 -57.45
CA GLU GD 114 -18.65 98.50 -57.52
C GLU GD 114 -19.72 99.18 -58.36
N GLN GD 115 -20.13 98.55 -59.45
CA GLN GD 115 -21.18 99.16 -60.26
C GLN GD 115 -22.52 99.13 -59.57
N SER GD 116 -22.78 98.15 -58.72
CA SER GD 116 -24.06 98.18 -58.01
C SER GD 116 -24.05 99.28 -56.97
N LEU GD 117 -22.98 99.40 -56.20
CA LEU GD 117 -22.96 100.43 -55.17
C LEU GD 117 -23.13 101.82 -55.77
N GLN GD 118 -22.55 102.07 -56.94
CA GLN GD 118 -22.76 103.40 -57.50
C GLN GD 118 -24.22 103.77 -57.71
N THR GD 119 -25.14 102.81 -57.67
CA THR GD 119 -26.56 103.13 -57.79
C THR GD 119 -27.25 103.49 -56.49
N MET GD 120 -26.62 103.26 -55.34
CA MET GD 120 -27.30 103.60 -54.10
C MET GD 120 -27.50 105.09 -53.99
N GLU GD 121 -28.32 105.48 -53.02
CA GLU GD 121 -28.72 106.89 -52.86
C GLU GD 121 -27.55 107.77 -52.45
N GLY GD 122 -27.24 108.75 -53.30
CA GLY GD 122 -26.26 109.76 -53.03
C GLY GD 122 -24.82 109.35 -53.12
N VAL GD 123 -24.52 108.09 -53.45
CA VAL GD 123 -23.14 107.71 -53.72
C VAL GD 123 -22.72 108.24 -55.07
N LEU GD 124 -21.52 108.83 -55.13
CA LEU GD 124 -20.93 109.28 -56.38
C LEU GD 124 -19.95 108.28 -56.96
N SER GD 125 -19.17 107.60 -56.13
CA SER GD 125 -18.19 106.64 -56.61
C SER GD 125 -17.81 105.73 -55.46
N ALA GD 126 -17.24 104.58 -55.81
CA ALA GD 126 -16.83 103.61 -54.81
C ALA GD 126 -15.75 102.71 -55.37
N ARG GD 127 -15.06 102.03 -54.44
CA ARG GD 127 -14.08 101.01 -54.77
C ARG GD 127 -14.27 99.82 -53.83
N VAL GD 128 -14.12 98.61 -54.35
CA VAL GD 128 -14.28 97.40 -53.54
C VAL GD 128 -13.10 96.47 -53.76
N HIS GD 129 -12.69 95.77 -52.71
CA HIS GD 129 -11.62 94.78 -52.77
C HIS GD 129 -12.05 93.51 -52.05
N ILE GD 130 -11.63 92.36 -52.58
CA ILE GD 130 -11.95 91.05 -52.01
C ILE GD 130 -10.67 90.27 -51.77
N SER GD 131 -10.60 89.55 -50.65
CA SER GD 131 -9.44 88.69 -50.41
C SER GD 131 -9.38 87.52 -51.37
N TYR GD 132 -8.34 87.46 -52.21
CA TYR GD 132 -8.16 86.39 -53.17
C TYR GD 132 -7.68 85.12 -52.48
N ASP GD 133 -8.59 84.21 -52.16
CA ASP GD 133 -8.22 82.89 -51.68
C ASP GD 133 -7.41 82.09 -52.68
N ILE GD 134 -7.33 82.54 -53.93
CA ILE GD 134 -6.61 81.81 -54.97
C ILE GD 134 -5.14 81.62 -54.67
N ASP GD 135 -4.55 82.43 -53.80
CA ASP GD 135 -3.12 82.33 -53.54
C ASP GD 135 -2.69 80.88 -53.33
N ALA GD 136 -3.44 80.11 -52.56
CA ALA GD 136 -3.17 78.70 -52.37
C ALA GD 136 -4.41 77.87 -52.66
N GLY GD 137 -5.09 78.21 -53.75
CA GLY GD 137 -6.06 77.29 -54.31
C GLY GD 137 -5.38 76.01 -54.77
N GLU GD 138 -6.06 74.88 -54.56
CA GLU GD 138 -5.64 73.63 -55.19
C GLU GD 138 -4.24 73.19 -54.76
N ASN GD 139 -4.00 73.20 -53.44
CA ASN GD 139 -2.85 72.50 -52.87
C ASN GD 139 -3.31 71.38 -51.93
N GLY GD 140 -4.56 70.96 -52.05
CA GLY GD 140 -5.14 69.99 -51.16
C GLY GD 140 -5.78 70.55 -49.91
N ARG GD 141 -5.48 71.77 -49.55
CA ARG GD 141 -6.00 72.31 -48.29
C ARG GD 141 -7.36 72.98 -48.49
N PRO GD 142 -8.19 73.04 -47.45
CA PRO GD 142 -9.51 73.65 -47.56
C PRO GD 142 -9.43 75.16 -47.68
N PRO GD 143 -10.49 75.80 -48.16
CA PRO GD 143 -10.50 77.25 -48.32
C PRO GD 143 -10.69 77.99 -47.00
N LYS GD 144 -10.46 79.30 -47.05
CA LYS GD 144 -10.43 80.22 -45.92
C LYS GD 144 -11.55 81.26 -46.07
N PRO GD 145 -12.05 81.80 -44.96
CA PRO GD 145 -13.17 82.75 -45.04
C PRO GD 145 -12.76 84.04 -45.73
N VAL GD 146 -13.75 84.67 -46.36
CA VAL GD 146 -13.54 85.84 -47.22
C VAL GD 146 -13.54 87.13 -46.39
N HIS GD 147 -12.81 88.13 -46.89
CA HIS GD 147 -12.82 89.47 -46.33
C HIS GD 147 -13.07 90.48 -47.45
N LEU GD 148 -13.65 91.63 -47.09
CA LEU GD 148 -14.09 92.65 -48.04
C LEU GD 148 -13.74 94.04 -47.54
N SER GD 149 -13.33 94.92 -48.45
CA SER GD 149 -13.10 96.32 -48.09
C SER GD 149 -13.75 97.25 -49.10
N ALA GD 150 -14.34 98.35 -48.62
CA ALA GD 150 -15.01 99.31 -49.49
C ALA GD 150 -14.66 100.76 -49.15
N LEU GD 151 -14.54 101.58 -50.20
CA LEU GD 151 -14.43 103.03 -50.09
C LEU GD 151 -15.59 103.68 -50.83
N ALA GD 152 -16.11 104.78 -50.31
CA ALA GD 152 -17.14 105.49 -51.06
C ALA GD 152 -17.15 106.99 -50.80
N VAL GD 153 -17.66 107.73 -51.79
CA VAL GD 153 -17.75 109.19 -51.73
C VAL GD 153 -19.22 109.60 -51.76
N TYR GD 154 -19.59 110.53 -50.88
CA TYR GD 154 -20.96 110.97 -50.69
C TYR GD 154 -21.13 112.44 -51.03
N GLU GD 155 -22.36 112.80 -51.41
CA GLU GD 155 -22.73 114.22 -51.46
C GLU GD 155 -22.68 114.88 -50.10
N ARG GD 156 -22.45 116.19 -50.12
CA ARG GD 156 -22.35 117.03 -48.93
C ARG GD 156 -23.64 117.08 -48.10
N GLY GD 157 -23.50 116.95 -46.79
CA GLY GD 157 -24.63 116.90 -45.88
C GLY GD 157 -25.29 115.57 -45.66
N SER GD 158 -24.57 114.50 -45.83
CA SER GD 158 -25.05 113.13 -45.68
C SER GD 158 -24.68 112.58 -44.31
N PRO GD 159 -25.60 112.00 -43.53
CA PRO GD 159 -25.19 111.37 -42.27
C PRO GD 159 -24.49 110.04 -42.47
N LEU GD 160 -23.17 110.17 -42.67
CA LEU GD 160 -22.30 109.04 -42.96
C LEU GD 160 -22.43 107.93 -41.93
N ALA GD 161 -22.43 108.30 -40.65
CA ALA GD 161 -22.55 107.29 -39.61
C ALA GD 161 -23.79 106.43 -39.81
N HIS GD 162 -24.93 107.05 -40.08
CA HIS GD 162 -26.14 106.27 -40.31
C HIS GD 162 -26.10 105.52 -41.63
N GLN GD 163 -25.25 105.92 -42.56
CA GLN GD 163 -25.24 105.24 -43.85
C GLN GD 163 -24.27 104.07 -43.93
N ILE GD 164 -23.34 103.93 -43.00
CA ILE GD 164 -22.45 102.77 -43.04
C ILE GD 164 -23.22 101.47 -42.88
N SER GD 165 -24.24 101.47 -42.02
CA SER GD 165 -25.03 100.26 -41.78
C SER GD 165 -25.60 99.67 -43.07
N ASP GD 166 -26.23 100.48 -43.90
CA ASP GD 166 -26.78 99.98 -45.15
C ASP GD 166 -25.75 99.25 -45.99
N ILE GD 167 -24.59 99.87 -46.21
CA ILE GD 167 -23.55 99.23 -46.99
C ILE GD 167 -23.16 97.89 -46.40
N LYS GD 168 -22.81 97.86 -45.10
CA LYS GD 168 -22.47 96.58 -44.50
C LYS GD 168 -23.55 95.54 -44.70
N ARG GD 169 -24.80 95.91 -44.43
CA ARG GD 169 -25.91 94.99 -44.63
C ARG GD 169 -25.94 94.45 -46.04
N PHE GD 170 -25.80 95.33 -47.03
CA PHE GD 170 -25.85 94.89 -48.42
C PHE GD 170 -24.71 93.93 -48.76
N LEU GD 171 -23.50 94.23 -48.31
CA LEU GD 171 -22.36 93.37 -48.63
C LEU GD 171 -22.39 92.02 -47.93
N LYS GD 172 -22.80 91.99 -46.67
CA LYS GD 172 -22.77 90.73 -45.92
C LYS GD 172 -23.38 89.55 -46.65
N ASN GD 173 -24.52 89.72 -47.29
CA ASN GD 173 -25.19 88.59 -47.92
C ASN GD 173 -24.82 88.37 -49.37
N SER GD 174 -23.83 89.06 -49.89
CA SER GD 174 -23.36 88.78 -51.24
C SER GD 174 -22.42 87.58 -51.30
N PHE GD 175 -22.00 87.04 -50.17
CA PHE GD 175 -21.03 85.95 -50.14
C PHE GD 175 -21.43 84.91 -49.11
N ALA GD 176 -20.94 83.69 -49.32
CA ALA GD 176 -21.47 82.55 -48.57
C ALA GD 176 -21.13 82.58 -47.09
N ASP GD 177 -20.05 83.26 -46.71
CA ASP GD 177 -19.65 83.30 -45.30
C ASP GD 177 -18.90 84.60 -45.07
N VAL GD 178 -19.56 85.57 -44.46
CA VAL GD 178 -18.97 86.86 -44.18
C VAL GD 178 -19.49 87.31 -42.83
N ASP GD 179 -18.61 87.86 -42.02
CA ASP GD 179 -18.95 88.40 -40.71
C ASP GD 179 -18.83 89.91 -40.71
N TYR GD 180 -19.73 90.58 -40.01
CA TYR GD 180 -19.65 92.02 -39.89
C TYR GD 180 -18.27 92.45 -39.44
N ASP GD 181 -17.61 91.62 -38.63
CA ASP GD 181 -16.26 91.93 -38.21
C ASP GD 181 -15.29 92.00 -39.39
N ASN GD 182 -15.53 91.23 -40.45
CA ASN GD 182 -14.63 91.17 -41.60
C ASN GD 182 -14.94 92.17 -42.69
N ILE GD 183 -15.79 93.17 -42.47
CA ILE GD 183 -16.13 94.15 -43.49
C ILE GD 183 -15.66 95.52 -43.02
N SER GD 184 -14.75 96.13 -43.79
CA SER GD 184 -14.25 97.46 -43.55
C SER GD 184 -14.86 98.46 -44.52
N VAL GD 185 -15.31 99.60 -44.01
CA VAL GD 185 -15.97 100.62 -44.82
C VAL GD 185 -15.40 101.99 -44.47
N VAL GD 186 -14.97 102.72 -45.49
CA VAL GD 186 -14.44 104.08 -45.32
C VAL GD 186 -15.21 105.03 -46.25
N LEU GD 187 -15.75 106.10 -45.67
CA LEU GD 187 -16.57 107.08 -46.38
C LEU GD 187 -15.98 108.47 -46.30
N SER GD 188 -16.25 109.27 -47.33
CA SER GD 188 -15.78 110.65 -47.34
C SER GD 188 -16.77 111.51 -48.11
N GLU GD 189 -16.77 112.80 -47.80
CA GLU GD 189 -17.58 113.81 -48.47
C GLU GD 189 -16.83 114.48 -49.62
N ARG GD 190 -17.60 114.90 -50.61
CA ARG GD 190 -17.09 115.70 -51.71
C ARG GD 190 -16.50 117.02 -51.26
N SER GD 191 -15.45 117.44 -51.95
CA SER GD 191 -14.82 118.74 -51.79
C SER GD 191 -15.68 119.87 -52.33
N ASP GD 192 -15.29 121.09 -52.00
CA ASP GD 192 -15.90 122.31 -52.53
C ASP GD 192 -15.94 122.34 -54.04
N ALA GD 193 -17.06 122.84 -54.58
CA ALA GD 193 -17.25 122.97 -56.02
C ALA GD 193 -16.42 124.08 -56.65
N GLN GD 194 -15.76 123.75 -57.76
CA GLN GD 194 -15.02 124.70 -58.60
C GLN GD 194 -15.88 125.26 -59.72
N LEU GD 195 -16.58 126.36 -59.46
CA LEU GD 195 -17.50 126.94 -60.43
C LEU GD 195 -16.96 128.17 -61.15
N GLN GD 196 -16.25 129.05 -60.45
CA GLN GD 196 -15.68 130.25 -61.08
C GLN GD 196 -14.42 129.96 -61.88
N ALA GD 197 -14.30 130.64 -63.01
CA ALA GD 197 -13.15 130.51 -63.90
C ALA GD 197 -11.90 131.19 -63.36
N PRO GD 198 -10.72 130.64 -63.66
CA PRO GD 198 -9.48 131.29 -63.27
C PRO GD 198 -9.22 132.61 -64.00
N GLY GD 199 -8.45 133.47 -63.34
CA GLY GD 199 -8.06 134.75 -63.93
C GLY GD 199 -6.92 134.64 -64.93
N THR GD 200 -7.02 135.42 -65.99
CA THR GD 200 -6.00 135.46 -67.05
C THR GD 200 -4.81 136.31 -66.63
N PRO GD 201 -3.58 135.85 -66.86
CA PRO GD 201 -2.40 136.67 -66.56
C PRO GD 201 -2.47 138.06 -67.18
N VAL GD 202 -2.01 139.04 -66.41
CA VAL GD 202 -1.90 140.42 -66.87
C VAL GD 202 -0.75 140.59 -67.84
N ASP HD 20 -17.43 127.46 -78.85
CA ASP HD 20 -17.69 126.23 -78.09
C ASP HD 20 -16.45 125.37 -78.00
N LYS HD 21 -16.28 124.74 -76.84
CA LYS HD 21 -15.15 123.86 -76.57
C LYS HD 21 -15.60 122.40 -76.56
N ASP HD 22 -14.78 121.55 -77.16
CA ASP HD 22 -15.03 120.12 -77.18
C ASP HD 22 -14.68 119.48 -75.85
N LEU HD 23 -15.67 118.83 -75.23
CA LEU HD 23 -15.49 118.03 -74.04
C LEU HD 23 -15.14 116.59 -74.36
N LEU HD 24 -15.93 115.93 -75.21
CA LEU HD 24 -15.76 114.51 -75.44
C LEU HD 24 -16.08 114.22 -76.90
N LYS HD 25 -15.44 113.18 -77.43
CA LYS HD 25 -15.71 112.72 -78.78
C LYS HD 25 -15.79 111.20 -78.82
N GLY HD 26 -16.40 110.70 -79.89
CA GLY HD 26 -16.54 109.26 -80.07
C GLY HD 26 -17.37 108.54 -79.04
N LEU HD 27 -18.41 109.18 -78.51
CA LEU HD 27 -19.26 108.52 -77.53
C LEU HD 27 -20.25 107.58 -78.21
N ASP HD 28 -20.72 106.61 -77.43
CA ASP HD 28 -21.96 105.90 -77.73
C ASP HD 28 -23.19 106.73 -77.39
N GLN HD 29 -24.30 106.30 -77.98
CA GLN HD 29 -25.59 106.90 -77.70
C GLN HD 29 -25.95 106.86 -76.22
N GLU HD 30 -25.65 105.75 -75.56
CA GLU HD 30 -25.96 105.59 -74.15
C GLU HD 30 -25.00 106.33 -73.25
N GLN HD 31 -23.82 106.67 -73.74
CA GLN HD 31 -22.89 107.48 -72.96
C GLN HD 31 -23.22 108.96 -73.11
N ALA HD 32 -23.63 109.35 -74.31
CA ALA HD 32 -23.97 110.73 -74.56
C ALA HD 32 -25.19 111.12 -73.74
N ASN HD 33 -26.22 110.29 -73.73
CA ASN HD 33 -27.43 110.73 -73.01
C ASN HD 33 -27.20 110.81 -71.50
N GLU HD 34 -26.35 109.96 -70.94
CA GLU HD 34 -26.01 110.09 -69.53
C GLU HD 34 -25.21 111.34 -69.23
N VAL HD 35 -24.32 111.73 -70.14
CA VAL HD 35 -23.57 112.96 -69.90
C VAL HD 35 -24.49 114.15 -69.96
N ILE HD 36 -25.35 114.21 -70.98
CA ILE HD 36 -26.27 115.33 -71.08
C ILE HD 36 -27.14 115.43 -69.84
N ALA HD 37 -27.63 114.30 -69.34
CA ALA HD 37 -28.47 114.33 -68.15
C ALA HD 37 -27.76 114.92 -66.94
N VAL HD 38 -26.49 114.54 -66.74
CA VAL HD 38 -25.79 115.09 -65.59
C VAL HD 38 -25.41 116.55 -65.77
N LEU HD 39 -25.07 116.98 -66.97
CA LEU HD 39 -24.80 118.41 -67.12
C LEU HD 39 -26.05 119.23 -66.90
N GLN HD 40 -27.17 118.83 -67.50
CA GLN HD 40 -28.41 119.58 -67.32
C GLN HD 40 -28.83 119.68 -65.85
N MET HD 41 -28.64 118.62 -65.09
CA MET HD 41 -29.04 118.71 -63.68
C MET HD 41 -28.37 119.87 -62.95
N HIS HD 42 -27.13 120.21 -63.28
CA HIS HD 42 -26.42 121.30 -62.63
C HIS HD 42 -26.57 122.64 -63.35
N ASN HD 43 -27.58 122.79 -64.19
CA ASN HD 43 -27.82 124.03 -64.94
C ASN HD 43 -26.78 124.37 -65.99
N ILE HD 44 -26.25 123.35 -66.67
CA ILE HD 44 -25.28 123.56 -67.74
C ILE HD 44 -25.94 123.14 -69.05
N GLU HD 45 -26.15 124.10 -69.94
CA GLU HD 45 -26.66 123.84 -71.29
C GLU HD 45 -25.60 123.23 -72.19
N ALA HD 46 -25.87 122.03 -72.71
CA ALA HD 46 -24.92 121.29 -73.52
C ALA HD 46 -25.53 120.95 -74.87
N ASN HD 47 -24.66 120.63 -75.84
CA ASN HD 47 -25.09 120.28 -77.19
C ASN HD 47 -24.48 118.96 -77.62
N LYS HD 48 -25.31 118.11 -78.21
CA LYS HD 48 -24.92 116.81 -78.73
C LYS HD 48 -24.88 116.84 -80.25
N ILE HD 49 -23.76 116.42 -80.82
CA ILE HD 49 -23.54 116.43 -82.27
C ILE HD 49 -23.20 115.01 -82.72
N ASP HD 50 -23.73 114.64 -83.87
CA ASP HD 50 -23.55 113.31 -84.46
C ASP HD 50 -22.65 113.37 -85.69
N SER HD 51 -21.58 112.57 -85.68
CA SER HD 51 -20.64 112.46 -86.78
C SER HD 51 -20.69 111.10 -87.45
N GLY HD 52 -21.73 110.33 -87.18
CA GLY HD 52 -21.89 108.97 -87.67
C GLY HD 52 -20.91 107.89 -87.26
N LYS HD 53 -20.11 107.39 -88.20
CA LYS HD 53 -19.08 106.41 -87.85
C LYS HD 53 -18.10 106.91 -86.79
N LEU HD 54 -18.00 108.21 -86.56
CA LEU HD 54 -17.11 108.73 -85.54
C LEU HD 54 -17.80 108.91 -84.19
N GLY HD 55 -19.09 108.61 -84.09
CA GLY HD 55 -19.89 108.82 -82.90
C GLY HD 55 -20.31 110.25 -82.59
N TYR HD 56 -20.74 110.41 -81.35
CA TYR HD 56 -21.22 111.69 -80.82
C TYR HD 56 -20.14 112.51 -80.11
N SER HD 57 -20.32 113.82 -80.20
CA SER HD 57 -19.47 114.84 -79.61
C SER HD 57 -20.34 115.74 -78.75
N ILE HD 58 -19.77 116.26 -77.67
CA ILE HD 58 -20.49 117.10 -76.71
C ILE HD 58 -19.76 118.42 -76.57
N THR HD 59 -20.51 119.52 -76.63
CA THR HD 59 -19.91 120.85 -76.54
C THR HD 59 -20.70 121.75 -75.60
N VAL HD 60 -19.99 122.72 -75.01
CA VAL HD 60 -20.57 123.69 -74.09
C VAL HD 60 -19.92 125.04 -74.34
N ALA HD 61 -20.58 126.09 -73.84
CA ALA HD 61 -20.03 127.43 -73.85
C ALA HD 61 -18.89 127.60 -72.84
N GLU HD 62 -18.06 128.60 -73.14
CA GLU HD 62 -16.92 128.95 -72.30
C GLU HD 62 -17.28 129.29 -70.87
N PRO HD 63 -18.23 130.16 -70.59
CA PRO HD 63 -18.58 130.41 -69.18
C PRO HD 63 -18.90 129.15 -68.40
N ASP HD 64 -19.33 128.08 -69.04
CA ASP HD 64 -19.68 126.84 -68.36
C ASP HD 64 -18.60 125.77 -68.47
N PHE HD 65 -17.55 126.02 -69.24
CA PHE HD 65 -16.52 125.01 -69.45
C PHE HD 65 -15.91 124.52 -68.15
N THR HD 66 -15.45 125.43 -67.30
CA THR HD 66 -14.86 125.05 -66.02
C THR HD 66 -15.74 124.13 -65.20
N ALA HD 67 -16.98 124.53 -64.98
CA ALA HD 67 -17.91 123.69 -64.24
C ALA HD 67 -18.09 122.34 -64.90
N ALA HD 68 -18.27 122.31 -66.22
CA ALA HD 68 -18.47 121.03 -66.87
C ALA HD 68 -17.29 120.11 -66.67
N VAL HD 69 -16.08 120.64 -66.70
CA VAL HD 69 -14.88 119.85 -66.43
C VAL HD 69 -14.91 119.28 -65.01
N TYR HD 70 -15.19 120.14 -64.04
CA TYR HD 70 -15.23 119.66 -62.65
C TYR HD 70 -16.27 118.58 -62.42
N TRP HD 71 -17.45 118.69 -63.02
CA TRP HD 71 -18.45 117.63 -62.86
C TRP HD 71 -18.08 116.35 -63.61
N ILE HD 72 -17.52 116.46 -64.81
CA ILE HD 72 -17.05 115.26 -65.50
C ILE HD 72 -16.02 114.54 -64.66
N LYS HD 73 -15.14 115.26 -63.99
CA LYS HD 73 -14.23 114.58 -63.07
C LYS HD 73 -14.98 113.97 -61.91
N THR HD 74 -15.90 114.69 -61.30
CA THR HD 74 -16.48 114.19 -60.07
C THR HD 74 -17.28 112.93 -60.31
N TYR HD 75 -18.05 112.87 -61.39
CA TYR HD 75 -18.79 111.65 -61.70
C TYR HD 75 -18.00 110.64 -62.51
N GLN HD 76 -16.76 110.94 -62.87
CA GLN HD 76 -15.95 110.01 -63.67
C GLN HD 76 -16.62 109.59 -64.97
N LEU HD 77 -17.33 110.51 -65.60
CA LEU HD 77 -17.95 110.24 -66.87
C LEU HD 77 -16.88 110.11 -67.94
N PRO HD 78 -17.21 109.54 -69.10
CA PRO HD 78 -18.40 108.78 -69.47
C PRO HD 78 -18.47 107.44 -68.78
N PRO HD 79 -19.65 106.86 -68.67
CA PRO HD 79 -19.78 105.60 -67.94
C PRO HD 79 -19.12 104.45 -68.68
N ARG HD 80 -18.60 103.51 -67.89
CA ARG HD 80 -18.10 102.25 -68.40
C ARG HD 80 -19.24 101.30 -68.74
N PRO HD 81 -19.01 100.34 -69.63
CA PRO HD 81 -20.06 99.38 -69.96
C PRO HD 81 -20.40 98.49 -68.79
N ARG HD 82 -21.62 97.97 -68.81
CA ARG HD 82 -22.11 97.09 -67.76
C ARG HD 82 -21.42 95.73 -67.81
N VAL HD 83 -21.12 95.19 -66.63
CA VAL HD 83 -20.35 93.96 -66.48
C VAL HD 83 -21.28 92.82 -66.08
N GLU HD 84 -21.13 91.67 -66.74
CA GLU HD 84 -21.86 90.46 -66.37
C GLU HD 84 -20.94 89.25 -66.43
N ILE HD 85 -21.08 88.36 -65.44
CA ILE HD 85 -20.07 87.32 -65.21
C ILE HD 85 -19.94 86.40 -66.41
N ALA HD 86 -21.02 86.17 -67.13
CA ALA HD 86 -20.96 85.35 -68.33
C ALA HD 86 -19.92 85.82 -69.33
N GLN HD 87 -19.54 87.08 -69.31
CA GLN HD 87 -18.57 87.57 -70.28
C GLN HD 87 -17.18 86.98 -70.06
N MET HD 88 -16.85 86.58 -68.84
CA MET HD 88 -15.53 86.00 -68.58
C MET HD 88 -15.40 84.56 -69.02
N PHE HD 89 -16.48 83.91 -69.40
CA PHE HD 89 -16.46 82.50 -69.78
C PHE HD 89 -17.31 82.32 -71.02
N PRO HD 90 -16.89 82.90 -72.14
CA PRO HD 90 -17.70 82.85 -73.35
C PRO HD 90 -18.12 81.42 -73.67
N ALA HD 91 -19.38 81.28 -74.05
CA ALA HD 91 -19.93 79.98 -74.42
C ALA HD 91 -19.36 79.46 -75.73
N ASP HD 92 -18.66 80.28 -76.49
CA ASP HD 92 -18.05 79.87 -77.74
C ASP HD 92 -16.76 79.08 -77.55
N SER HD 93 -16.38 78.76 -76.31
CA SER HD 93 -15.19 77.96 -76.10
C SER HD 93 -15.42 76.54 -76.62
N LEU HD 94 -14.32 75.87 -76.93
CA LEU HD 94 -14.36 74.47 -77.32
C LEU HD 94 -14.23 73.52 -76.14
N VAL HD 95 -13.88 74.03 -74.97
CA VAL HD 95 -13.79 73.22 -73.76
C VAL HD 95 -14.51 73.96 -72.65
N SER HD 96 -15.09 73.22 -71.73
CA SER HD 96 -15.62 73.82 -70.51
C SER HD 96 -15.36 72.92 -69.32
N SER HD 97 -14.88 73.52 -68.25
CA SER HD 97 -14.82 72.87 -66.96
C SER HD 97 -16.20 72.88 -66.34
N PRO HD 98 -16.44 72.04 -65.33
CA PRO HD 98 -17.67 72.21 -64.55
C PRO HD 98 -17.84 73.62 -64.01
N ARG HD 99 -16.72 74.27 -63.67
CA ARG HD 99 -16.76 75.56 -63.01
C ARG HD 99 -17.31 76.63 -63.93
N ALA HD 100 -16.86 76.65 -65.18
CA ALA HD 100 -17.35 77.61 -66.15
C ALA HD 100 -18.84 77.43 -66.40
N GLU HD 101 -19.27 76.20 -66.64
CA GLU HD 101 -20.69 75.95 -66.85
C GLU HD 101 -21.52 76.45 -65.67
N LYS HD 102 -21.14 76.08 -64.46
CA LYS HD 102 -21.86 76.53 -63.28
C LYS HD 102 -21.90 78.05 -63.17
N ALA HD 103 -20.80 78.72 -63.51
CA ALA HD 103 -20.79 80.17 -63.49
C ALA HD 103 -21.77 80.76 -64.49
N ARG HD 104 -21.72 80.32 -65.75
CA ARG HD 104 -22.70 80.81 -66.71
C ARG HD 104 -24.13 80.64 -66.20
N LEU HD 105 -24.44 79.47 -65.65
CA LEU HD 105 -25.76 79.24 -65.09
C LEU HD 105 -26.17 80.33 -64.11
N TYR HD 106 -25.38 80.53 -63.06
CA TYR HD 106 -25.74 81.57 -62.10
C TYR HD 106 -25.75 82.96 -62.71
N SER HD 107 -24.85 83.25 -63.64
CA SER HD 107 -24.83 84.55 -64.27
C SER HD 107 -26.01 84.80 -65.16
N ALA HD 108 -26.80 83.78 -65.46
CA ALA HD 108 -28.04 83.98 -66.20
C ALA HD 108 -29.26 84.01 -65.30
N ILE HD 109 -29.23 83.28 -64.19
CA ILE HD 109 -30.30 83.41 -63.22
C ILE HD 109 -30.35 84.82 -62.62
N GLU HD 110 -29.21 85.40 -62.28
CA GLU HD 110 -29.21 86.76 -61.75
C GLU HD 110 -29.93 87.73 -62.68
N GLN HD 111 -29.60 87.68 -63.96
CA GLN HD 111 -30.20 88.61 -64.90
C GLN HD 111 -31.69 88.37 -65.04
N ARG HD 112 -32.09 87.10 -65.07
CA ARG HD 112 -33.51 86.84 -65.26
C ARG HD 112 -34.33 87.31 -64.07
N LEU HD 113 -33.75 87.26 -62.87
CA LEU HD 113 -34.48 87.79 -61.72
C LEU HD 113 -34.56 89.31 -61.74
N GLU HD 114 -33.47 90.00 -62.03
CA GLU HD 114 -33.59 91.46 -62.15
C GLU HD 114 -34.66 91.86 -63.16
N GLN HD 115 -34.73 91.12 -64.27
CA GLN HD 115 -35.75 91.43 -65.27
C GLN HD 115 -37.14 91.14 -64.78
N SER HD 116 -37.30 90.17 -63.88
CA SER HD 116 -38.65 89.94 -63.38
C SER HD 116 -39.04 90.98 -62.35
N LEU HD 117 -38.15 91.34 -61.44
CA LEU HD 117 -38.49 92.37 -60.45
C LEU HD 117 -38.88 93.68 -61.09
N GLN HD 118 -38.25 94.06 -62.20
CA GLN HD 118 -38.70 95.33 -62.79
C GLN HD 118 -40.16 95.34 -63.22
N THR HD 119 -40.83 94.21 -63.28
CA THR HD 119 -42.25 94.19 -63.63
C THR HD 119 -43.20 94.40 -62.46
N MET HD 120 -42.75 94.35 -61.21
CA MET HD 120 -43.67 94.53 -60.11
C MET HD 120 -44.25 95.94 -60.14
N GLU HD 121 -45.19 96.18 -59.24
CA GLU HD 121 -45.85 97.49 -59.15
C GLU HD 121 -44.93 98.64 -58.76
N GLY HD 122 -44.72 99.56 -59.69
CA GLY HD 122 -44.03 100.80 -59.40
C GLY HD 122 -42.56 100.69 -59.10
N VAL HD 123 -41.93 99.57 -59.40
CA VAL HD 123 -40.47 99.49 -59.37
C VAL HD 123 -39.91 100.05 -60.66
N LEU HD 124 -38.92 100.93 -60.54
CA LEU HD 124 -38.29 101.47 -61.74
C LEU HD 124 -37.10 100.62 -62.17
N SER HD 125 -36.24 100.26 -61.24
CA SER HD 125 -35.05 99.51 -61.57
C SER HD 125 -34.58 98.76 -60.33
N ALA HD 126 -33.81 97.71 -60.57
CA ALA HD 126 -33.39 96.84 -59.48
C ALA HD 126 -32.11 96.12 -59.87
N ARG HD 127 -31.46 95.57 -58.85
CA ARG HD 127 -30.23 94.81 -59.01
C ARG HD 127 -30.27 93.64 -58.05
N VAL HD 128 -29.64 92.53 -58.44
CA VAL HD 128 -29.62 91.33 -57.61
C VAL HD 128 -28.24 90.71 -57.66
N HIS HD 129 -27.85 90.08 -56.55
CA HIS HD 129 -26.58 89.38 -56.44
C HIS HD 129 -26.79 88.04 -55.77
N ILE HD 130 -26.07 87.01 -56.24
CA ILE HD 130 -26.16 85.66 -55.71
C ILE HD 130 -24.78 85.21 -55.24
N SER HD 131 -24.74 84.53 -54.10
CA SER HD 131 -23.49 83.95 -53.61
C SER HD 131 -23.03 82.79 -54.49
N TYR HD 132 -21.96 83.00 -55.25
CA TYR HD 132 -21.29 81.92 -56.00
C TYR HD 132 -20.52 81.01 -55.06
N ASP HD 133 -21.06 79.84 -54.73
CA ASP HD 133 -20.21 78.78 -54.19
C ASP HD 133 -19.30 78.20 -55.24
N ILE HD 134 -19.52 78.53 -56.51
CA ILE HD 134 -18.87 77.88 -57.63
C ILE HD 134 -17.36 78.03 -57.60
N ASP HD 135 -16.84 79.00 -56.87
CA ASP HD 135 -15.41 79.15 -56.73
C ASP HD 135 -14.76 78.00 -55.96
N ALA HD 136 -15.54 77.09 -55.39
CA ALA HD 136 -15.03 75.81 -54.93
C ALA HD 136 -16.01 74.72 -55.32
N GLY HD 137 -15.50 73.49 -55.38
CA GLY HD 137 -16.35 72.32 -55.52
C GLY HD 137 -17.05 71.87 -54.25
N GLU HD 138 -16.78 72.53 -53.12
CA GLU HD 138 -17.31 72.08 -51.83
C GLU HD 138 -16.97 70.61 -51.61
N ASN HD 139 -15.76 70.26 -52.06
CA ASN HD 139 -15.38 68.88 -52.34
C ASN HD 139 -15.43 68.03 -51.06
N GLY HD 140 -16.30 67.03 -51.06
CA GLY HD 140 -16.44 66.17 -49.89
C GLY HD 140 -17.15 66.81 -48.73
N ARG HD 141 -17.70 68.01 -48.92
CA ARG HD 141 -18.31 68.79 -47.87
C ARG HD 141 -19.79 68.99 -48.18
N PRO HD 142 -20.64 69.09 -47.16
CA PRO HD 142 -22.03 69.47 -47.40
C PRO HD 142 -22.13 70.88 -47.94
N PRO HD 143 -22.65 71.08 -49.14
CA PRO HD 143 -22.51 72.38 -49.78
C PRO HD 143 -23.30 73.47 -49.06
N LYS HD 144 -22.68 74.64 -48.95
CA LYS HD 144 -23.19 75.74 -48.15
C LYS HD 144 -24.50 76.28 -48.73
N PRO HD 145 -25.36 76.85 -47.88
CA PRO HD 145 -26.59 77.46 -48.38
C PRO HD 145 -26.34 78.74 -49.14
N VAL HD 146 -27.31 79.10 -49.97
CA VAL HD 146 -27.26 80.28 -50.84
C VAL HD 146 -27.65 81.55 -50.10
N HIS HD 147 -27.06 82.66 -50.53
CA HIS HD 147 -27.38 83.99 -50.04
C HIS HD 147 -27.68 84.90 -51.22
N LEU HD 148 -28.51 85.91 -50.98
CA LEU HD 148 -28.99 86.84 -51.99
C LEU HD 148 -28.95 88.27 -51.50
N SER HD 149 -28.75 89.21 -52.41
CA SER HD 149 -28.91 90.63 -52.10
C SER HD 149 -29.66 91.34 -53.22
N ALA HD 150 -30.50 92.32 -52.87
CA ALA HD 150 -31.20 93.09 -53.88
C ALA HD 150 -31.32 94.55 -53.52
N LEU HD 151 -31.27 95.39 -54.55
CA LEU HD 151 -31.47 96.83 -54.46
C LEU HD 151 -32.62 97.22 -55.37
N ALA HD 152 -33.43 98.20 -54.95
CA ALA HD 152 -34.48 98.66 -55.85
C ALA HD 152 -34.83 100.13 -55.63
N VAL HD 153 -35.36 100.74 -56.69
CA VAL HD 153 -35.76 102.14 -56.71
C VAL HD 153 -37.27 102.24 -56.94
N TYR HD 154 -37.97 102.86 -56.00
CA TYR HD 154 -39.42 103.03 -56.06
C TYR HD 154 -39.83 104.43 -56.46
N GLU HD 155 -41.08 104.53 -56.95
CA GLU HD 155 -41.74 105.80 -57.15
C GLU HD 155 -42.12 106.47 -55.83
N ARG HD 156 -42.22 107.79 -55.88
CA ARG HD 156 -42.54 108.62 -54.72
C ARG HD 156 -43.90 108.30 -54.12
N GLY HD 157 -43.94 108.20 -52.79
CA GLY HD 157 -45.15 107.83 -52.08
C GLY HD 157 -45.42 106.35 -51.92
N SER HD 158 -44.40 105.53 -51.92
CA SER HD 158 -44.51 104.09 -51.79
C SER HD 158 -44.25 103.65 -50.35
N PRO HD 159 -45.11 102.83 -49.73
CA PRO HD 159 -44.79 102.34 -48.38
C PRO HD 159 -43.73 101.25 -48.39
N LEU HD 160 -42.50 101.74 -48.37
CA LEU HD 160 -41.32 100.89 -48.45
C LEU HD 160 -41.33 99.77 -47.41
N ALA HD 161 -41.64 100.12 -46.16
CA ALA HD 161 -41.68 99.12 -45.10
C ALA HD 161 -42.60 97.96 -45.47
N HIS HD 162 -43.80 98.28 -45.93
CA HIS HD 162 -44.71 97.22 -46.33
C HIS HD 162 -44.30 96.51 -47.61
N GLN HD 163 -43.45 97.09 -48.42
CA GLN HD 163 -43.09 96.41 -49.65
C GLN HD 163 -41.86 95.52 -49.53
N ILE HD 164 -41.06 95.64 -48.48
CA ILE HD 164 -39.93 94.71 -48.37
C ILE HD 164 -40.40 93.27 -48.21
N SER HD 165 -41.49 93.07 -47.47
CA SER HD 165 -42.01 91.72 -47.27
C SER HD 165 -42.29 90.99 -48.56
N ASP HD 166 -43.01 91.63 -49.49
CA ASP HD 166 -43.31 90.98 -50.76
C ASP HD 166 -42.05 90.50 -51.47
N ILE HD 167 -41.06 91.37 -51.60
CA ILE HD 167 -39.82 90.98 -52.25
C ILE HD 167 -39.19 89.78 -51.56
N LYS HD 168 -39.00 89.84 -50.25
CA LYS HD 168 -38.43 88.67 -49.57
C LYS HD 168 -39.23 87.41 -49.85
N ARG HD 169 -40.55 87.47 -49.74
CA ARG HD 169 -41.38 86.31 -50.02
C ARG HD 169 -41.13 85.77 -51.43
N PHE HD 170 -41.09 86.64 -52.42
CA PHE HD 170 -40.88 86.18 -53.78
C PHE HD 170 -39.52 85.54 -53.97
N LEU HD 171 -38.48 86.11 -53.39
CA LEU HD 171 -37.15 85.52 -53.55
C LEU HD 171 -37.00 84.19 -52.83
N LYS HD 172 -37.54 84.08 -51.62
CA LYS HD 172 -37.36 82.86 -50.83
C LYS HD 172 -37.64 81.58 -51.60
N ASN HD 173 -38.72 81.51 -52.35
CA ASN HD 173 -39.05 80.29 -53.06
C ASN HD 173 -38.36 80.12 -54.40
N SER HD 174 -37.49 81.02 -54.80
CA SER HD 174 -36.81 80.83 -56.07
C SER HD 174 -35.65 79.86 -55.95
N PHE HD 175 -35.29 79.39 -54.76
CA PHE HD 175 -34.14 78.52 -54.59
C PHE HD 175 -34.42 77.43 -53.57
N ALA HD 176 -33.69 76.32 -53.72
CA ALA HD 176 -33.89 75.13 -52.91
C ALA HD 176 -33.79 75.37 -51.41
N ASP HD 177 -32.94 76.28 -50.95
CA ASP HD 177 -32.77 76.47 -49.52
C ASP HD 177 -32.35 77.91 -49.24
N VAL HD 178 -33.29 78.71 -48.78
CA VAL HD 178 -33.03 80.10 -48.48
C VAL HD 178 -33.83 80.44 -47.23
N ASP HD 179 -33.21 81.17 -46.33
CA ASP HD 179 -33.83 81.64 -45.11
C ASP HD 179 -34.01 83.14 -45.17
N TYR HD 180 -35.13 83.61 -44.63
CA TYR HD 180 -35.34 85.05 -44.58
C TYR HD 180 -34.16 85.77 -43.96
N ASP HD 181 -33.48 85.11 -43.02
CA ASP HD 181 -32.31 85.72 -42.42
C ASP HD 181 -31.19 85.97 -43.42
N ASN HD 182 -31.09 85.17 -44.48
CA ASN HD 182 -30.02 85.31 -45.47
C ASN HD 182 -30.34 86.22 -46.65
N ILE HD 183 -31.41 86.99 -46.60
CA ILE HD 183 -31.79 87.88 -47.70
C ILE HD 183 -31.74 89.33 -47.23
N SER HD 184 -30.90 90.12 -47.88
CA SER HD 184 -30.77 91.55 -47.64
C SER HD 184 -31.45 92.32 -48.77
N VAL HD 185 -32.25 93.32 -48.40
CA VAL HD 185 -33.00 94.12 -49.36
C VAL HD 185 -32.86 95.59 -48.99
N VAL HD 186 -32.45 96.41 -49.96
CA VAL HD 186 -32.31 97.85 -49.76
C VAL HD 186 -33.12 98.60 -50.81
N LEU HD 187 -33.97 99.50 -50.35
CA LEU HD 187 -34.89 100.26 -51.17
C LEU HD 187 -34.66 101.76 -51.03
N SER HD 188 -34.95 102.49 -52.11
CA SER HD 188 -34.83 103.94 -52.09
C SER HD 188 -35.86 104.56 -53.02
N GLU HD 189 -36.21 105.82 -52.74
CA GLU HD 189 -37.12 106.59 -53.58
C GLU HD 189 -36.41 107.41 -54.65
N ARG HD 190 -37.13 107.63 -55.74
CA ARG HD 190 -36.67 108.51 -56.81
C ARG HD 190 -36.52 109.95 -56.34
N SER HD 191 -35.44 110.58 -56.81
CA SER HD 191 -35.15 111.99 -56.61
C SER HD 191 -36.16 112.89 -57.30
N ASP HD 192 -36.10 114.18 -56.95
CA ASP HD 192 -36.90 115.21 -57.58
C ASP HD 192 -36.73 115.25 -59.10
N ALA HD 193 -37.83 115.47 -59.79
CA ALA HD 193 -37.87 115.57 -61.24
C ALA HD 193 -37.23 116.84 -61.78
N GLN HD 194 -36.39 116.68 -62.81
CA GLN HD 194 -35.78 117.79 -63.56
C GLN HD 194 -36.62 118.15 -64.78
N LEU HD 195 -37.56 119.06 -64.60
CA LEU HD 195 -38.50 119.42 -65.66
C LEU HD 195 -38.18 120.75 -66.33
N GLN HD 196 -37.76 121.77 -65.59
CA GLN HD 196 -37.44 123.06 -66.20
C GLN HD 196 -36.08 123.05 -66.87
N ALA HD 197 -36.01 123.71 -68.03
CA ALA HD 197 -34.78 123.81 -68.80
C ALA HD 197 -33.77 124.77 -68.18
N PRO HD 198 -32.48 124.51 -68.35
CA PRO HD 198 -31.45 125.43 -67.89
C PRO HD 198 -31.44 126.75 -68.65
N GLY HD 199 -30.94 127.77 -67.97
CA GLY HD 199 -30.80 129.10 -68.55
C GLY HD 199 -29.57 129.22 -69.45
N THR HD 200 -29.73 129.94 -70.54
CA THR HD 200 -28.65 130.18 -71.48
C THR HD 200 -27.71 131.27 -70.97
N PRO HD 201 -26.39 131.07 -71.05
CA PRO HD 201 -25.45 132.12 -70.66
C PRO HD 201 -25.74 133.44 -71.36
N VAL HD 202 -25.60 134.53 -70.61
CA VAL HD 202 -25.77 135.86 -71.19
C VAL HD 202 -24.55 136.19 -72.03
N ASP ID 20 -35.92 119.96 -84.20
CA ASP ID 20 -36.15 118.76 -83.40
C ASP ID 20 -34.84 118.10 -83.05
N LYS ID 21 -34.77 117.52 -81.86
CA LYS ID 21 -33.56 116.86 -81.38
C LYS ID 21 -33.72 115.35 -81.37
N ASP ID 22 -32.67 114.67 -81.81
CA ASP ID 22 -32.60 113.21 -81.81
C ASP ID 22 -32.29 112.67 -80.42
N LEU ID 23 -33.18 111.82 -79.92
CA LEU ID 23 -32.95 111.08 -78.69
C LEU ID 23 -32.22 109.77 -78.97
N LEU ID 24 -32.77 108.93 -79.84
CA LEU ID 24 -32.25 107.58 -80.01
C LEU ID 24 -32.33 107.21 -81.48
N LYS ID 25 -31.39 106.39 -81.93
CA LYS ID 25 -31.35 105.91 -83.30
C LYS ID 25 -31.00 104.43 -83.35
N GLY ID 26 -31.25 103.84 -84.50
CA GLY ID 26 -31.01 102.41 -84.70
C GLY ID 26 -31.77 101.51 -83.75
N LEU ID 27 -32.97 101.91 -83.34
CA LEU ID 27 -33.77 101.09 -82.45
C LEU ID 27 -34.43 99.96 -83.22
N ASP ID 28 -34.79 98.90 -82.48
CA ASP ID 28 -35.73 97.92 -82.97
C ASP ID 28 -37.17 98.39 -82.78
N GLN ID 29 -38.07 97.79 -83.55
CA GLN ID 29 -39.50 98.08 -83.48
C GLN ID 29 -40.06 97.94 -82.06
N GLU ID 30 -39.87 96.75 -81.48
CA GLU ID 30 -40.36 96.46 -80.15
C GLU ID 30 -39.69 97.33 -79.11
N GLN ID 31 -38.52 97.81 -79.42
CA GLN ID 31 -37.70 98.61 -78.52
C GLN ID 31 -38.04 100.08 -78.59
N ALA ID 32 -38.64 100.52 -79.69
CA ALA ID 32 -39.11 101.88 -79.91
C ALA ID 32 -40.51 102.12 -79.36
N ASN ID 33 -41.42 101.19 -79.61
CA ASN ID 33 -42.78 101.38 -79.10
C ASN ID 33 -42.83 101.48 -77.59
N GLU ID 34 -41.88 100.87 -76.88
CA GLU ID 34 -41.80 101.08 -75.45
C GLU ID 34 -41.40 102.50 -75.09
N VAL ID 35 -40.49 103.09 -75.83
CA VAL ID 35 -40.08 104.46 -75.54
C VAL ID 35 -41.25 105.41 -75.77
N ILE ID 36 -41.92 105.27 -76.91
CA ILE ID 36 -43.09 106.10 -77.16
C ILE ID 36 -44.09 105.97 -76.03
N ALA ID 37 -44.34 104.75 -75.57
CA ALA ID 37 -45.31 104.55 -74.50
C ALA ID 37 -44.92 105.29 -73.23
N VAL ID 38 -43.66 105.17 -72.83
CA VAL ID 38 -43.22 105.83 -71.61
C VAL ID 38 -43.25 107.34 -71.73
N LEU ID 39 -42.90 107.89 -72.89
CA LEU ID 39 -42.98 109.33 -73.01
C LEU ID 39 -44.41 109.84 -73.00
N GLN ID 40 -45.29 109.22 -73.80
CA GLN ID 40 -46.69 109.61 -73.79
C GLN ID 40 -47.28 109.62 -72.40
N MET ID 41 -46.92 108.66 -71.57
CA MET ID 41 -47.47 108.67 -70.22
C MET ID 41 -47.18 109.97 -69.47
N HIS ID 42 -46.03 110.59 -69.69
CA HIS ID 42 -45.65 111.82 -69.01
C HIS ID 42 -46.00 113.10 -69.77
N ASN ID 43 -46.91 113.04 -70.73
CA ASN ID 43 -47.31 114.19 -71.53
C ASN ID 43 -46.23 114.76 -72.45
N ILE ID 44 -45.42 113.88 -73.03
CA ILE ID 44 -44.38 114.29 -73.98
C ILE ID 44 -44.77 113.73 -75.34
N GLU ID 45 -45.06 114.61 -76.29
CA GLU ID 45 -45.34 114.24 -77.67
C GLU ID 45 -44.09 113.85 -78.44
N ALA ID 46 -44.04 112.62 -78.95
CA ALA ID 46 -42.87 112.10 -79.63
C ALA ID 46 -43.24 111.60 -81.03
N ASN ID 47 -42.23 111.48 -81.88
CA ASN ID 47 -42.39 111.02 -83.27
C ASN ID 47 -41.43 109.89 -83.58
N LYS ID 48 -41.94 108.85 -84.23
CA LYS ID 48 -41.17 107.69 -84.66
C LYS ID 48 -40.98 107.73 -86.16
N ILE ID 49 -39.73 107.64 -86.60
CA ILE ID 49 -39.34 107.70 -88.00
C ILE ID 49 -38.59 106.43 -88.37
N ASP ID 50 -38.84 105.93 -89.58
CA ASP ID 50 -38.22 104.71 -90.09
C ASP ID 50 -37.22 105.00 -91.19
N SER ID 51 -35.99 104.52 -91.00
CA SER ID 51 -34.90 104.65 -91.95
C SER ID 51 -34.51 103.31 -92.56
N GLY ID 52 -35.34 102.29 -92.40
CA GLY ID 52 -35.07 100.93 -92.83
C GLY ID 52 -33.90 100.17 -92.23
N LYS ID 53 -32.87 99.89 -93.02
CA LYS ID 53 -31.69 99.24 -92.47
C LYS ID 53 -31.06 99.99 -91.32
N LEU ID 54 -31.37 101.27 -91.15
CA LEU ID 54 -30.83 102.03 -90.04
C LEU ID 54 -31.75 102.02 -88.82
N GLY ID 55 -32.91 101.36 -88.92
CA GLY ID 55 -33.90 101.32 -87.87
C GLY ID 55 -34.74 102.57 -87.65
N TYR ID 56 -35.36 102.59 -86.49
CA TYR ID 56 -36.22 103.68 -86.06
C TYR ID 56 -35.49 104.74 -85.26
N SER ID 57 -35.98 105.96 -85.40
CA SER ID 57 -35.47 107.14 -84.72
C SER ID 57 -36.63 107.78 -83.98
N ILE ID 58 -36.31 108.39 -82.84
CA ILE ID 58 -37.29 109.02 -81.97
C ILE ID 58 -36.91 110.49 -81.86
N THR ID 59 -37.90 111.37 -82.02
CA THR ID 59 -37.63 112.80 -81.95
C THR ID 59 -38.71 113.50 -81.14
N VAL ID 60 -38.31 114.61 -80.52
CA VAL ID 60 -39.20 115.43 -79.69
C VAL ID 60 -38.87 116.89 -79.92
N ALA ID 61 -39.80 117.75 -79.52
CA ALA ID 61 -39.57 119.18 -79.53
C ALA ID 61 -38.59 119.64 -78.43
N GLU ID 62 -37.98 120.79 -78.70
CA GLU ID 62 -37.03 121.39 -77.79
C GLU ID 62 -37.59 121.67 -76.40
N PRO ID 63 -38.73 122.32 -76.24
CA PRO ID 63 -39.26 122.53 -74.90
C PRO ID 63 -39.38 121.26 -74.07
N ASP ID 64 -39.50 120.10 -74.71
CA ASP ID 64 -39.65 118.84 -74.00
C ASP ID 64 -38.36 118.04 -73.94
N PHE ID 65 -37.31 118.51 -74.60
CA PHE ID 65 -36.06 117.75 -74.65
C PHE ID 65 -35.52 117.44 -73.25
N THR ID 66 -35.38 118.44 -72.40
CA THR ID 66 -34.90 118.21 -71.04
C THR ID 66 -35.65 117.11 -70.31
N ALA ID 67 -36.98 117.22 -70.25
CA ALA ID 67 -37.77 116.19 -69.61
C ALA ID 67 -37.55 114.83 -70.23
N ALA ID 68 -37.57 114.75 -71.56
CA ALA ID 68 -37.39 113.46 -72.20
C ALA ID 68 -36.06 112.82 -71.81
N VAL ID 69 -34.99 113.61 -71.75
CA VAL ID 69 -33.70 113.10 -71.31
C VAL ID 69 -33.78 112.56 -69.89
N TYR ID 70 -34.41 113.31 -68.99
CA TYR ID 70 -34.51 112.84 -67.62
C TYR ID 70 -35.28 111.54 -67.50
N TRP ID 71 -36.38 111.38 -68.25
CA TRP ID 71 -37.11 110.13 -68.17
C TRP ID 71 -36.37 108.97 -68.79
N ILE ID 72 -35.72 109.18 -69.93
CA ILE ID 72 -34.92 108.11 -70.52
C ILE ID 72 -33.88 107.62 -69.52
N LYS ID 73 -33.20 108.54 -68.85
CA LYS ID 73 -32.26 108.09 -67.82
C LYS ID 73 -32.99 107.34 -66.71
N THR ID 74 -34.08 107.90 -66.21
CA THR ID 74 -34.69 107.34 -65.01
C THR ID 74 -35.20 105.92 -65.24
N TYR ID 75 -35.81 105.66 -66.39
CA TYR ID 75 -36.23 104.30 -66.72
C TYR ID 75 -35.15 103.45 -67.36
N GLN ID 76 -33.95 103.98 -67.58
CA GLN ID 76 -32.89 103.24 -68.24
C GLN ID 76 -33.32 102.66 -69.58
N LEU ID 77 -33.86 103.51 -70.42
CA LEU ID 77 -34.26 103.10 -71.75
C LEU ID 77 -33.07 103.20 -72.70
N PRO ID 78 -33.10 102.48 -73.83
CA PRO ID 78 -34.06 101.50 -74.32
C PRO ID 78 -33.99 100.19 -73.57
N PRO ID 79 -35.05 99.40 -73.61
CA PRO ID 79 -35.02 98.10 -72.91
C PRO ID 79 -34.09 97.13 -73.61
N ARG ID 80 -33.68 96.12 -72.86
CA ARG ID 80 -32.77 95.10 -73.34
C ARG ID 80 -33.54 93.94 -73.94
N PRO ID 81 -32.86 93.03 -74.63
CA PRO ID 81 -33.46 91.73 -74.92
C PRO ID 81 -33.71 90.92 -73.65
N ARG ID 82 -34.74 90.08 -73.72
CA ARG ID 82 -35.11 89.22 -72.60
C ARG ID 82 -34.23 87.97 -72.57
N VAL ID 83 -33.92 87.51 -71.36
CA VAL ID 83 -32.97 86.43 -71.15
C VAL ID 83 -33.69 85.13 -70.82
N GLU ID 84 -33.23 84.03 -71.43
CA GLU ID 84 -33.65 82.68 -71.09
C GLU ID 84 -32.44 81.76 -70.99
N ILE ID 85 -32.47 80.88 -69.99
CA ILE ID 85 -31.27 80.13 -69.63
C ILE ID 85 -30.78 79.28 -70.78
N ALA ID 86 -31.69 78.79 -71.62
CA ALA ID 86 -31.26 78.00 -72.77
C ALA ID 86 -30.31 78.73 -73.68
N GLN ID 87 -30.27 80.06 -73.63
CA GLN ID 87 -29.31 80.80 -74.44
C GLN ID 87 -27.87 80.57 -74.01
N MET ID 88 -27.65 80.08 -72.80
CA MET ID 88 -26.32 79.86 -72.27
C MET ID 88 -25.71 78.51 -72.64
N PHE ID 89 -26.50 77.57 -73.14
CA PHE ID 89 -26.01 76.21 -73.40
C PHE ID 89 -26.51 75.75 -74.76
N PRO ID 90 -26.05 76.38 -75.83
CA PRO ID 90 -26.68 76.19 -77.12
C PRO ID 90 -26.70 74.72 -77.52
N ALA ID 91 -27.83 74.30 -78.08
CA ALA ID 91 -28.00 72.91 -78.53
C ALA ID 91 -27.09 72.56 -79.69
N ASP ID 92 -26.50 73.55 -80.35
CA ASP ID 92 -25.59 73.32 -81.45
C ASP ID 92 -24.17 72.99 -81.00
N SER ID 93 -23.95 72.76 -79.71
CA SER ID 93 -22.64 72.39 -79.23
C SER ID 93 -22.23 71.05 -79.83
N LEU ID 94 -20.93 70.73 -79.71
CA LEU ID 94 -20.47 69.40 -80.11
C LEU ID 94 -20.95 68.34 -79.13
N VAL ID 95 -20.96 68.65 -77.85
CA VAL ID 95 -21.30 67.68 -76.81
C VAL ID 95 -22.21 68.39 -75.83
N SER ID 96 -23.08 67.61 -75.20
CA SER ID 96 -23.87 68.09 -74.08
C SER ID 96 -23.50 67.31 -72.84
N SER ID 97 -23.02 68.02 -71.83
CA SER ID 97 -22.98 67.41 -70.51
C SER ID 97 -24.39 67.21 -70.00
N PRO ID 98 -24.59 66.27 -69.09
CA PRO ID 98 -25.90 66.12 -68.46
C PRO ID 98 -26.38 67.40 -67.85
N ARG ID 99 -25.47 68.24 -67.37
CA ARG ID 99 -25.85 69.54 -66.86
C ARG ID 99 -26.51 70.37 -67.95
N ALA ID 100 -25.91 70.43 -69.13
CA ALA ID 100 -26.47 71.29 -70.16
C ALA ID 100 -27.81 70.77 -70.63
N GLU ID 101 -27.97 69.45 -70.75
CA GLU ID 101 -29.28 68.93 -71.13
C GLU ID 101 -30.33 69.27 -70.09
N LYS ID 102 -29.99 69.11 -68.81
CA LYS ID 102 -30.98 69.30 -67.76
C LYS ID 102 -31.39 70.76 -67.68
N ALA ID 103 -30.43 71.66 -67.88
CA ALA ID 103 -30.73 73.09 -67.88
C ALA ID 103 -31.65 73.46 -69.03
N ARG ID 104 -31.33 73.05 -70.25
CA ARG ID 104 -32.25 73.34 -71.34
C ARG ID 104 -33.67 72.85 -71.03
N LEU ID 105 -33.79 71.62 -70.53
CA LEU ID 105 -35.11 71.10 -70.18
C LEU ID 105 -35.89 72.04 -69.27
N TYR ID 106 -35.33 72.37 -68.11
CA TYR ID 106 -36.02 73.28 -67.20
C TYR ID 106 -36.34 74.62 -67.84
N SER ID 107 -35.40 75.17 -68.59
CA SER ID 107 -35.61 76.47 -69.23
C SER ID 107 -36.62 76.41 -70.36
N ALA ID 108 -37.08 75.23 -70.74
CA ALA ID 108 -38.20 75.15 -71.67
C ALA ID 108 -39.53 74.97 -70.95
N ILE ID 109 -39.51 74.22 -69.85
CA ILE ID 109 -40.74 74.07 -69.07
C ILE ID 109 -41.20 75.42 -68.51
N GLU ID 110 -40.26 76.24 -68.02
CA GLU ID 110 -40.64 77.57 -67.55
C GLU ID 110 -41.43 78.36 -68.58
N GLN ID 111 -40.93 78.42 -69.80
CA GLN ID 111 -41.61 79.20 -70.82
C GLN ID 111 -42.98 78.62 -71.15
N ARG ID 112 -43.07 77.30 -71.21
CA ARG ID 112 -44.36 76.72 -71.57
C ARG ID 112 -45.40 76.95 -70.49
N LEU ID 113 -44.97 77.02 -69.23
CA LEU ID 113 -45.92 77.34 -68.18
C LEU ID 113 -46.38 78.78 -68.26
N GLU ID 114 -45.47 79.72 -68.48
CA GLU ID 114 -45.92 81.11 -68.63
C GLU ID 114 -46.94 81.23 -69.75
N GLN ID 115 -46.66 80.62 -70.90
CA GLN ID 115 -47.61 80.71 -71.99
C GLN ID 115 -48.95 80.09 -71.64
N SER ID 116 -48.97 79.09 -70.76
CA SER ID 116 -50.27 78.57 -70.40
C SER ID 116 -51.00 79.48 -69.43
N LEU ID 117 -50.30 80.04 -68.44
CA LEU ID 117 -50.97 80.92 -67.48
C LEU ID 117 -51.61 82.11 -68.18
N GLN ID 118 -50.98 82.63 -69.22
CA GLN ID 118 -51.64 83.75 -69.89
C GLN ID 118 -53.00 83.41 -70.47
N THR ID 119 -53.33 82.13 -70.62
CA THR ID 119 -54.65 81.78 -71.13
C THR ID 119 -55.75 81.75 -70.07
N MET ID 120 -55.44 81.79 -68.78
CA MET ID 120 -56.50 81.84 -67.80
C MET ID 120 -57.33 83.11 -67.95
N GLU ID 121 -58.54 83.05 -67.43
CA GLU ID 121 -59.48 84.17 -67.48
C GLU ID 121 -59.02 85.37 -66.66
N GLY ID 122 -58.85 86.50 -67.35
CA GLY ID 122 -58.42 87.76 -66.76
C GLY ID 122 -56.94 88.02 -66.69
N VAL ID 123 -56.10 86.99 -66.74
CA VAL ID 123 -54.67 87.24 -66.64
C VAL ID 123 -54.19 87.97 -67.89
N LEU ID 124 -53.52 89.11 -67.69
CA LEU ID 124 -52.90 89.80 -68.81
C LEU ID 124 -51.48 89.31 -69.07
N SER ID 125 -50.66 89.16 -68.03
CA SER ID 125 -49.30 88.65 -68.21
C SER ID 125 -48.85 87.99 -66.93
N ALA ID 126 -47.79 87.18 -67.04
CA ALA ID 126 -47.27 86.47 -65.90
C ALA ID 126 -45.82 86.09 -66.14
N ARG ID 127 -45.14 85.72 -65.06
CA ARG ID 127 -43.78 85.21 -65.13
C ARG ID 127 -43.62 84.11 -64.08
N VAL ID 128 -42.73 83.15 -64.35
CA VAL ID 128 -42.56 82.00 -63.47
C VAL ID 128 -41.09 81.66 -63.32
N HIS ID 129 -40.72 81.13 -62.16
CA HIS ID 129 -39.36 80.73 -61.85
C HIS ID 129 -39.34 79.36 -61.17
N ILE ID 130 -38.36 78.52 -61.53
CA ILE ID 130 -38.17 77.22 -60.88
C ILE ID 130 -36.79 77.15 -60.23
N SER ID 131 -36.71 76.48 -59.09
CA SER ID 131 -35.42 76.16 -58.48
C SER ID 131 -34.56 75.21 -59.30
N TYR ID 132 -33.49 75.71 -59.92
CA TYR ID 132 -32.53 74.90 -60.68
C TYR ID 132 -31.62 74.12 -59.74
N ASP ID 133 -32.09 72.96 -59.29
CA ASP ID 133 -31.28 72.11 -58.41
C ASP ID 133 -30.04 71.61 -59.12
N ILE ID 134 -30.01 71.73 -60.46
CA ILE ID 134 -28.97 71.20 -61.32
C ILE ID 134 -27.61 71.80 -61.02
N ASP ID 135 -27.55 72.89 -60.25
CA ASP ID 135 -26.25 73.47 -59.89
C ASP ID 135 -25.42 72.50 -59.06
N ALA ID 136 -26.00 71.38 -58.65
CA ALA ID 136 -25.25 70.16 -58.39
C ALA ID 136 -25.91 69.04 -59.15
N GLY ID 137 -25.10 68.09 -59.60
CA GLY ID 137 -25.63 67.01 -60.42
C GLY ID 137 -26.59 66.11 -59.67
N GLU ID 138 -26.57 66.15 -58.34
CA GLU ID 138 -27.27 65.19 -57.48
C GLU ID 138 -26.76 63.77 -57.70
N ASN ID 139 -25.70 63.60 -58.48
CA ASN ID 139 -25.06 62.30 -58.63
C ASN ID 139 -24.56 61.81 -57.28
N GLY ID 140 -25.08 60.67 -56.83
CA GLY ID 140 -24.80 60.19 -55.51
C GLY ID 140 -25.43 61.00 -54.40
N ARG ID 141 -26.37 61.90 -54.71
CA ARG ID 141 -27.07 62.62 -53.68
C ARG ID 141 -28.58 62.41 -53.82
N PRO ID 142 -29.33 62.37 -52.72
CA PRO ID 142 -30.78 62.33 -52.80
C PRO ID 142 -31.36 63.66 -53.27
N PRO ID 143 -32.10 63.66 -54.37
CA PRO ID 143 -32.45 64.92 -55.03
C PRO ID 143 -33.46 65.74 -54.23
N LYS ID 144 -33.24 67.05 -54.20
CA LYS ID 144 -33.96 67.96 -53.34
C LYS ID 144 -35.32 68.33 -53.94
N PRO ID 145 -36.27 68.77 -53.12
CA PRO ID 145 -37.58 69.15 -53.65
C PRO ID 145 -37.56 70.46 -54.43
N VAL ID 146 -38.52 70.57 -55.34
CA VAL ID 146 -38.70 71.73 -56.22
C VAL ID 146 -39.46 72.85 -55.53
N HIS ID 147 -39.06 74.09 -55.84
CA HIS ID 147 -39.68 75.33 -55.42
C HIS ID 147 -40.03 76.17 -56.64
N LEU ID 148 -41.17 76.85 -56.59
CA LEU ID 148 -41.72 77.62 -57.70
C LEU ID 148 -42.16 78.99 -57.25
N SER ID 149 -41.96 80.00 -58.10
CA SER ID 149 -42.50 81.33 -57.84
C SER ID 149 -43.18 81.90 -59.09
N ALA ID 150 -44.23 82.70 -58.87
CA ALA ID 150 -44.96 83.30 -59.99
C ALA ID 150 -45.42 84.72 -59.68
N LEU ID 151 -45.42 85.54 -60.72
CA LEU ID 151 -45.97 86.91 -60.70
C LEU ID 151 -47.07 86.99 -61.75
N ALA ID 152 -48.14 87.73 -61.47
CA ALA ID 152 -49.15 87.94 -62.50
C ALA ID 152 -49.90 89.26 -62.36
N VAL ID 153 -50.33 89.78 -63.51
CA VAL ID 153 -51.07 91.02 -63.62
C VAL ID 153 -52.51 90.75 -64.04
N TYR ID 154 -53.47 91.34 -63.34
CA TYR ID 154 -54.89 91.13 -63.57
C TYR ID 154 -55.63 92.36 -64.08
N GLU ID 155 -56.73 92.10 -64.77
CA GLU ID 155 -57.69 93.13 -65.11
C GLU ID 155 -58.30 93.74 -63.85
N ARG ID 156 -58.64 95.01 -63.93
CA ARG ID 156 -59.25 95.74 -62.83
C ARG ID 156 -60.57 95.14 -62.36
N GLY ID 157 -60.74 95.06 -61.04
CA GLY ID 157 -61.93 94.50 -60.42
C GLY ID 157 -61.91 93.01 -60.19
N SER ID 158 -60.77 92.41 -60.08
CA SER ID 158 -60.57 90.99 -59.83
C SER ID 158 -60.32 90.71 -58.35
N PRO ID 159 -61.02 89.75 -57.72
CA PRO ID 159 -60.71 89.43 -56.32
C PRO ID 159 -59.49 88.54 -56.24
N LEU ID 160 -58.35 89.22 -56.14
CA LEU ID 160 -57.04 88.58 -56.11
C LEU ID 160 -56.95 87.49 -55.05
N ALA ID 161 -57.41 87.79 -53.84
CA ALA ID 161 -57.38 86.81 -52.76
C ALA ID 161 -58.06 85.51 -53.18
N HIS ID 162 -59.25 85.61 -53.76
CA HIS ID 162 -59.92 84.40 -54.20
C HIS ID 162 -59.27 83.75 -55.41
N GLN ID 163 -58.45 84.48 -56.17
CA GLN ID 163 -57.84 83.88 -57.35
C GLN ID 163 -56.48 83.24 -57.11
N ILE ID 164 -55.83 83.49 -55.98
CA ILE ID 164 -54.54 82.81 -55.74
C ILE ID 164 -54.72 81.29 -55.66
N SER ID 165 -55.83 80.84 -55.09
CA SER ID 165 -56.09 79.41 -54.96
C SER ID 165 -55.98 78.68 -56.29
N ASP ID 166 -56.65 79.18 -57.33
CA ASP ID 166 -56.59 78.54 -58.63
C ASP ID 166 -55.16 78.35 -59.12
N ILE ID 167 -54.36 79.41 -59.08
CA ILE ID 167 -52.97 79.32 -59.51
C ILE ID 167 -52.21 78.25 -58.73
N LYS ID 168 -52.23 78.31 -57.40
CA LYS ID 168 -51.53 77.27 -56.64
C LYS ID 168 -51.98 75.87 -57.04
N ARG ID 169 -53.29 75.64 -57.11
CA ARG ID 169 -53.79 74.34 -57.51
C ARG ID 169 -53.24 73.93 -58.87
N PHE ID 170 -53.25 74.82 -59.83
CA PHE ID 170 -52.77 74.47 -61.16
C PHE ID 170 -51.28 74.14 -61.15
N LEU ID 171 -50.46 74.90 -60.45
CA LEU ID 171 -49.03 74.63 -60.51
C LEU ID 171 -48.63 73.38 -59.72
N LYS ID 172 -49.30 73.12 -58.60
CA LYS ID 172 -48.92 71.97 -57.77
C LYS ID 172 -48.73 70.67 -58.54
N ASN ID 173 -49.63 70.32 -59.42
CA ASN ID 173 -49.54 69.06 -60.14
C ASN ID 173 -48.66 69.08 -61.38
N SER ID 174 -48.00 70.18 -61.69
CA SER ID 174 -47.17 70.16 -62.88
C SER ID 174 -45.81 69.51 -62.61
N PHE ID 175 -45.51 69.16 -61.37
CA PHE ID 175 -44.22 68.59 -61.00
C PHE ID 175 -44.41 67.39 -60.10
N ALA ID 176 -43.40 66.52 -60.10
CA ALA ID 176 -43.45 65.30 -59.30
C ALA ID 176 -43.60 65.52 -57.81
N ASP ID 177 -43.03 66.58 -57.25
CA ASP ID 177 -43.10 66.74 -55.80
C ASP ID 177 -43.06 68.22 -55.43
N VAL ID 178 -44.22 68.76 -55.10
CA VAL ID 178 -44.36 70.16 -54.74
C VAL ID 178 -45.37 70.25 -53.63
N ASP ID 179 -45.09 71.08 -52.64
CA ASP ID 179 -45.99 71.33 -51.53
C ASP ID 179 -46.52 72.75 -51.63
N TYR ID 180 -47.79 72.92 -51.27
CA TYR ID 180 -48.36 74.25 -51.27
C TYR ID 180 -47.50 75.24 -50.49
N ASP ID 181 -46.84 74.77 -49.46
CA ASP ID 181 -45.95 75.64 -48.71
C ASP ID 181 -44.80 76.21 -49.55
N ASN ID 182 -44.34 75.49 -50.56
CA ASN ID 182 -43.20 75.92 -51.37
C ASN ID 182 -43.56 76.75 -52.59
N ILE ID 183 -44.78 77.25 -52.74
CA ILE ID 183 -45.17 78.03 -53.91
C ILE ID 183 -45.52 79.44 -53.49
N SER ID 184 -44.79 80.42 -54.02
CA SER ID 184 -45.03 81.85 -53.81
C SER ID 184 -45.71 82.46 -55.03
N VAL ID 185 -46.76 83.25 -54.78
CA VAL ID 185 -47.54 83.89 -55.83
C VAL ID 185 -47.77 85.34 -55.46
N VAL ID 186 -47.44 86.25 -56.37
CA VAL ID 186 -47.65 87.68 -56.18
C VAL ID 186 -48.48 88.24 -57.35
N LEU ID 187 -49.57 88.92 -57.03
CA LEU ID 187 -50.51 89.45 -58.01
C LEU ID 187 -50.64 90.96 -57.90
N SER ID 188 -50.93 91.60 -59.03
CA SER ID 188 -51.13 93.04 -59.05
C SER ID 188 -52.15 93.40 -60.14
N GLU ID 189 -52.79 94.55 -59.98
CA GLU ID 189 -53.72 95.08 -60.96
C GLU ID 189 -53.09 96.01 -61.98
N ARG ID 190 -53.70 96.04 -63.16
CA ARG ID 190 -53.39 97.01 -64.21
C ARG ID 190 -53.56 98.45 -63.73
N SER ID 191 -52.61 99.30 -64.13
CA SER ID 191 -52.69 100.74 -63.91
C SER ID 191 -53.80 101.39 -64.74
N ASP ID 192 -54.08 102.64 -64.38
CA ASP ID 192 -55.03 103.46 -65.13
C ASP ID 192 -54.66 103.58 -66.61
N ALA ID 193 -55.68 103.54 -67.46
CA ALA ID 193 -55.54 103.65 -68.91
C ALA ID 193 -55.19 105.05 -69.39
N GLN ID 194 -54.19 105.14 -70.28
CA GLN ID 194 -53.78 106.36 -70.97
C GLN ID 194 -54.48 106.52 -72.32
N LEU ID 195 -55.64 107.16 -72.33
CA LEU ID 195 -56.44 107.28 -73.55
C LEU ID 195 -56.34 108.64 -74.23
N GLN ID 196 -56.31 109.74 -73.48
CA GLN ID 196 -56.20 111.05 -74.09
C GLN ID 196 -54.78 111.38 -74.51
N ALA ID 197 -54.67 112.03 -75.66
CA ALA ID 197 -53.38 112.44 -76.22
C ALA ID 197 -52.76 113.62 -75.48
N PRO ID 198 -51.43 113.68 -75.42
CA PRO ID 198 -50.75 114.85 -74.82
C PRO ID 198 -50.92 116.11 -75.65
N GLY ID 199 -50.82 117.25 -74.96
CA GLY ID 199 -50.88 118.56 -75.60
C GLY ID 199 -49.58 118.98 -76.26
N THR ID 200 -49.70 119.61 -77.42
CA THR ID 200 -48.57 120.11 -78.18
C THR ID 200 -48.05 121.42 -77.60
N PRO ID 201 -46.73 121.59 -77.47
CA PRO ID 201 -46.18 122.87 -77.00
C PRO ID 201 -46.70 124.05 -77.79
N VAL ID 202 -46.97 125.14 -77.08
CA VAL ID 202 -47.39 126.39 -77.70
C VAL ID 202 -46.21 127.08 -78.36
N ASP JD 20 -52.26 108.17 -91.61
CA ASP JD 20 -52.14 106.94 -90.86
C ASP JD 20 -50.72 106.75 -90.33
N LYS JD 21 -50.62 106.22 -89.12
CA LYS JD 21 -49.34 105.95 -88.47
C LYS JD 21 -49.07 104.46 -88.43
N ASP JD 22 -47.84 104.10 -88.73
CA ASP JD 22 -47.39 102.71 -88.67
C ASP JD 22 -47.13 102.25 -87.24
N LEU JD 23 -47.84 101.21 -86.83
CA LEU JD 23 -47.59 100.53 -85.57
C LEU JD 23 -46.55 99.43 -85.70
N LEU JD 24 -46.77 98.49 -86.61
CA LEU JD 24 -45.92 97.32 -86.71
C LEU JD 24 -45.74 96.96 -88.17
N LYS JD 25 -44.58 96.36 -88.47
CA LYS JD 25 -44.27 95.87 -89.81
C LYS JD 25 -43.66 94.49 -89.75
N GLY JD 26 -43.68 93.82 -90.90
CA GLY JD 26 -43.13 92.48 -91.00
C GLY JD 26 -43.79 91.45 -90.14
N LEU JD 27 -45.08 91.58 -89.88
CA LEU JD 27 -45.79 90.55 -89.15
C LEU JD 27 -45.99 89.34 -90.04
N ASP JD 28 -46.22 88.20 -89.42
CA ASP JD 28 -46.91 87.11 -90.07
C ASP JD 28 -48.42 87.15 -89.87
N GLN JD 29 -49.09 86.26 -90.58
CA GLN JD 29 -50.54 86.18 -90.62
C GLN JD 29 -51.17 85.97 -89.25
N GLU JD 30 -50.61 85.04 -88.48
CA GLU JD 30 -51.18 84.71 -87.18
C GLU JD 30 -50.87 85.73 -86.11
N GLN JD 31 -49.86 86.56 -86.29
CA GLN JD 31 -49.67 87.68 -85.39
C GLN JD 31 -50.62 88.82 -85.75
N ALA JD 32 -50.71 89.12 -87.05
CA ALA JD 32 -51.52 90.23 -87.50
C ALA JD 32 -52.96 90.07 -87.03
N ASN JD 33 -53.53 88.88 -87.22
CA ASN JD 33 -54.92 88.69 -86.84
C ASN JD 33 -55.16 88.79 -85.34
N GLU JD 34 -54.18 88.40 -84.53
CA GLU JD 34 -54.33 88.58 -83.09
C GLU JD 34 -54.28 90.04 -82.68
N VAL JD 35 -53.42 90.82 -83.32
CA VAL JD 35 -53.38 92.24 -82.99
C VAL JD 35 -54.67 92.93 -83.40
N ILE JD 36 -55.16 92.65 -84.60
CA ILE JD 36 -56.43 93.24 -85.01
C ILE JD 36 -57.54 92.90 -84.03
N ALA JD 37 -57.63 91.63 -83.64
CA ALA JD 37 -58.66 91.21 -82.70
C ALA JD 37 -58.60 92.02 -81.40
N VAL JD 38 -57.40 92.15 -80.84
CA VAL JD 38 -57.29 92.88 -79.58
C VAL JD 38 -57.57 94.36 -79.73
N LEU JD 39 -57.24 94.97 -80.86
CA LEU JD 39 -57.59 96.39 -80.97
C LEU JD 39 -59.09 96.58 -81.15
N GLN JD 40 -59.70 95.84 -82.07
CA GLN JD 40 -61.14 95.94 -82.25
C GLN JD 40 -61.90 95.76 -80.94
N MET JD 41 -61.45 94.88 -80.07
CA MET JD 41 -62.18 94.72 -78.81
C MET JD 41 -62.27 96.04 -78.04
N HIS JD 42 -61.26 96.90 -78.10
CA HIS JD 42 -61.25 98.18 -77.38
C HIS JD 42 -61.75 99.36 -78.21
N ASN JD 43 -62.50 99.12 -79.27
CA ASN JD 43 -63.02 100.18 -80.13
C ASN JD 43 -61.99 100.96 -80.94
N ILE JD 44 -60.94 100.30 -81.41
CA ILE JD 44 -59.94 100.94 -82.26
C ILE JD 44 -60.03 100.30 -83.64
N GLU JD 45 -60.42 101.09 -84.64
CA GLU JD 45 -60.45 100.65 -86.03
C GLU JD 45 -59.07 100.59 -86.65
N ALA JD 46 -58.64 99.41 -87.10
CA ALA JD 46 -57.30 99.21 -87.63
C ALA JD 46 -57.37 98.64 -89.05
N ASN JD 47 -56.25 98.76 -89.78
CA ASN JD 47 -56.16 98.27 -91.16
C ASN JD 47 -54.95 97.39 -91.31
N LYS JD 48 -55.15 96.25 -91.98
CA LYS JD 48 -54.12 95.27 -92.27
C LYS JD 48 -53.77 95.32 -93.75
N ILE JD 49 -52.49 95.48 -94.04
CA ILE JD 49 -51.96 95.58 -95.39
C ILE JD 49 -50.93 94.48 -95.60
N ASP JD 50 -50.94 93.88 -96.78
CA ASP JD 50 -50.03 92.80 -97.15
C ASP JD 50 -49.01 93.28 -98.16
N SER JD 51 -47.74 93.10 -97.84
CA SER JD 51 -46.63 93.47 -98.71
C SER JD 51 -45.86 92.25 -99.21
N GLY JD 52 -46.43 91.05 -99.05
CA GLY JD 52 -45.77 89.81 -99.40
C GLY JD 52 -44.49 89.41 -98.69
N LYS JD 53 -43.38 89.41 -99.41
CA LYS JD 53 -42.09 89.12 -98.79
C LYS JD 53 -41.79 90.04 -97.62
N LEU JD 54 -42.45 91.18 -97.52
CA LEU JD 54 -42.22 92.08 -96.40
C LEU JD 54 -43.19 91.85 -95.26
N GLY JD 55 -44.11 90.91 -95.40
CA GLY JD 55 -45.14 90.64 -94.41
C GLY JD 55 -46.26 91.65 -94.35
N TYR JD 56 -46.99 91.58 -93.24
CA TYR JD 56 -48.12 92.45 -92.97
C TYR JD 56 -47.76 93.68 -92.15
N SER JD 57 -48.50 94.75 -92.40
CA SER JD 57 -48.39 96.04 -91.74
C SER JD 57 -49.74 96.41 -91.17
N ILE JD 58 -49.74 97.10 -90.04
CA ILE JD 58 -50.96 97.48 -89.34
C ILE JD 58 -50.94 98.98 -89.12
N THR JD 59 -52.04 99.64 -89.43
CA THR JD 59 -52.13 101.09 -89.32
C THR JD 59 -53.41 101.52 -88.62
N VAL JD 60 -53.34 102.69 -87.96
CA VAL JD 60 -54.46 103.29 -87.25
C VAL JD 60 -54.45 104.79 -87.46
N ALA JD 61 -55.59 105.41 -87.19
CA ALA JD 61 -55.69 106.86 -87.18
C ALA JD 61 -55.00 107.52 -85.98
N GLU JD 62 -54.65 108.79 -86.20
CA GLU JD 62 -53.98 109.60 -85.18
C GLU JD 62 -54.76 109.75 -83.88
N PRO JD 63 -56.04 110.10 -83.90
CA PRO JD 63 -56.79 110.18 -82.64
C PRO JD 63 -56.73 108.91 -81.80
N ASP JD 64 -56.49 107.77 -82.42
CA ASP JD 64 -56.44 106.49 -81.71
C ASP JD 64 -55.01 105.99 -81.48
N PHE JD 65 -54.02 106.69 -82.01
CA PHE JD 65 -52.63 106.24 -81.89
C PHE JD 65 -52.21 106.03 -80.44
N THR JD 66 -52.41 107.03 -79.59
CA THR JD 66 -52.03 106.90 -78.18
C THR JD 66 -52.62 105.66 -77.51
N ALA JD 67 -53.93 105.47 -77.62
CA ALA JD 67 -54.55 104.29 -77.05
C ALA JD 67 -53.97 103.00 -77.61
N ALA JD 68 -53.80 102.94 -78.93
CA ALA JD 68 -53.27 101.72 -79.51
C ALA JD 68 -51.88 101.41 -78.98
N VAL JD 69 -51.05 102.43 -78.78
CA VAL JD 69 -49.74 102.22 -78.18
C VAL JD 69 -49.87 101.67 -76.77
N TYR JD 70 -50.76 102.25 -75.97
CA TYR JD 70 -50.92 101.76 -74.61
C TYR JD 70 -51.38 100.31 -74.54
N TRP JD 71 -52.31 99.91 -75.40
CA TRP JD 71 -52.72 98.51 -75.36
C TRP JD 71 -51.64 97.58 -75.91
N ILE JD 72 -50.93 97.99 -76.96
CA ILE JD 72 -49.85 97.16 -77.46
C ILE JD 72 -48.82 96.90 -76.36
N LYS JD 73 -48.50 97.92 -75.57
CA LYS JD 73 -47.61 97.67 -74.44
C LYS JD 73 -48.25 96.73 -73.44
N THR JD 74 -49.49 97.01 -73.04
CA THR JD 74 -50.05 96.24 -71.93
C THR JD 74 -50.13 94.76 -72.28
N TYR JD 75 -50.58 94.42 -73.48
CA TYR JD 75 -50.67 93.02 -73.88
C TYR JD 75 -49.39 92.45 -74.46
N GLN JD 76 -48.30 93.22 -74.51
CA GLN JD 76 -47.04 92.68 -75.01
C GLN JD 76 -47.14 92.12 -76.41
N LEU JD 77 -47.80 92.85 -77.29
CA LEU JD 77 -47.98 92.38 -78.66
C LEU JD 77 -46.75 92.75 -79.48
N PRO JD 78 -46.52 92.07 -80.61
CA PRO JD 78 -47.15 90.88 -81.15
C PRO JD 78 -46.75 89.63 -80.41
N PRO JD 79 -47.57 88.58 -80.49
CA PRO JD 79 -47.30 87.40 -79.68
C PRO JD 79 -46.09 86.66 -80.17
N ARG JD 80 -45.51 85.87 -79.29
CA ARG JD 80 -44.41 84.98 -79.60
C ARG JD 80 -44.94 83.65 -80.12
N PRO JD 81 -44.10 82.83 -80.74
CA PRO JD 81 -44.52 81.48 -81.11
C PRO JD 81 -44.65 80.57 -79.90
N ARG JD 82 -45.49 79.55 -80.06
CA ARG JD 82 -45.62 78.51 -79.04
C ARG JD 82 -44.33 77.73 -78.87
N VAL JD 83 -44.04 77.38 -77.63
CA VAL JD 83 -42.87 76.57 -77.27
C VAL JD 83 -43.30 75.14 -77.02
N GLU JD 84 -42.58 74.19 -77.60
CA GLU JD 84 -42.74 72.78 -77.32
C GLU JD 84 -41.39 72.14 -77.01
N ILE JD 85 -41.37 71.26 -76.01
CA ILE JD 85 -40.10 70.75 -75.49
C ILE JD 85 -39.29 70.05 -76.56
N ALA JD 86 -39.94 69.42 -77.52
CA ALA JD 86 -39.22 68.76 -78.61
C ALA JD 86 -38.32 69.69 -79.40
N GLN JD 87 -38.49 71.01 -79.28
CA GLN JD 87 -37.57 71.91 -79.95
C GLN JD 87 -36.19 71.97 -79.31
N MET JD 88 -36.06 71.52 -78.07
CA MET JD 88 -34.76 71.52 -77.40
C MET JD 88 -33.92 70.28 -77.68
N PHE JD 89 -34.42 69.29 -78.39
CA PHE JD 89 -33.75 67.99 -78.50
C PHE JD 89 -33.87 67.45 -79.92
N PRO JD 90 -33.32 68.15 -80.90
CA PRO JD 90 -33.48 67.71 -82.29
C PRO JD 90 -32.94 66.30 -82.44
N ALA JD 91 -33.66 65.49 -83.21
CA ALA JD 91 -33.22 64.14 -83.49
C ALA JD 91 -31.99 64.07 -84.38
N ASP JD 92 -31.57 65.20 -84.95
CA ASP JD 92 -30.42 65.22 -85.84
C ASP JD 92 -29.10 64.97 -85.13
N SER JD 93 -29.06 65.08 -83.81
CA SER JD 93 -27.78 64.98 -83.13
C SER JD 93 -27.15 63.60 -83.34
N LEU JD 94 -25.83 63.57 -83.38
CA LEU JD 94 -25.11 62.34 -83.63
C LEU JD 94 -25.27 61.35 -82.48
N VAL JD 95 -25.30 61.86 -81.25
CA VAL JD 95 -25.56 61.04 -80.08
C VAL JD 95 -26.90 61.45 -79.49
N SER JD 96 -27.65 60.47 -79.00
CA SER JD 96 -28.84 60.70 -78.19
C SER JD 96 -28.70 59.93 -76.90
N SER JD 97 -28.67 60.65 -75.78
CA SER JD 97 -28.82 60.01 -74.49
C SER JD 97 -30.24 59.46 -74.36
N PRO JD 98 -30.46 58.56 -73.42
CA PRO JD 98 -31.84 58.21 -73.09
C PRO JD 98 -32.68 59.40 -72.75
N ARG JD 99 -32.05 60.44 -72.18
CA ARG JD 99 -32.80 61.56 -71.64
C ARG JD 99 -33.52 62.29 -72.75
N ALA JD 100 -32.84 62.53 -73.87
CA ALA JD 100 -33.43 63.20 -75.01
C ALA JD 100 -34.58 62.40 -75.60
N GLU JD 101 -34.39 61.11 -75.85
CA GLU JD 101 -35.47 60.29 -76.38
C GLU JD 101 -36.70 60.33 -75.49
N LYS JD 102 -36.51 60.10 -74.19
CA LYS JD 102 -37.63 60.15 -73.27
C LYS JD 102 -38.34 61.50 -73.28
N ALA JD 103 -37.56 62.58 -73.39
CA ALA JD 103 -38.16 63.90 -73.47
C ALA JD 103 -39.01 64.06 -74.72
N ARG JD 104 -38.47 63.73 -75.89
CA ARG JD 104 -39.27 63.80 -77.10
C ARG JD 104 -40.58 63.01 -76.96
N LEU JD 105 -40.50 61.80 -76.43
CA LEU JD 105 -41.70 60.99 -76.24
C LEU JD 105 -42.78 61.74 -75.45
N TYR JD 106 -42.44 62.19 -74.24
CA TYR JD 106 -43.41 62.93 -73.45
C TYR JD 106 -43.94 64.17 -74.17
N SER JD 107 -43.06 64.90 -74.84
CA SER JD 107 -43.50 66.10 -75.54
C SER JD 107 -44.41 65.79 -76.71
N ALA JD 108 -44.41 64.57 -77.21
CA ALA JD 108 -45.40 64.23 -78.24
C ALA JD 108 -46.73 63.81 -77.62
N ILE JD 109 -46.68 63.06 -76.54
CA ILE JD 109 -47.91 62.65 -75.85
C ILE JD 109 -48.72 63.86 -75.39
N GLU JD 110 -48.07 64.87 -74.83
CA GLU JD 110 -48.79 66.09 -74.46
C GLU JD 110 -49.60 66.68 -75.59
N GLN JD 111 -48.99 66.83 -76.76
CA GLN JD 111 -49.67 67.42 -77.89
C GLN JD 111 -50.81 66.54 -78.38
N ARG JD 112 -50.65 65.23 -78.30
CA ARG JD 112 -51.70 64.35 -78.78
C ARG JD 112 -52.91 64.40 -77.85
N LEU JD 113 -52.67 64.53 -76.54
CA LEU JD 113 -53.80 64.66 -75.63
C LEU JD 113 -54.54 65.97 -75.85
N GLU JD 114 -53.82 67.08 -75.96
CA GLU JD 114 -54.51 68.34 -76.25
C GLU JD 114 -55.43 68.19 -77.45
N GLN JD 115 -54.90 67.60 -78.53
CA GLN JD 115 -55.71 67.48 -79.73
C GLN JD 115 -56.90 66.57 -79.52
N SER JD 116 -56.81 65.65 -78.58
CA SER JD 116 -57.98 64.82 -78.33
C SER JD 116 -59.03 65.55 -77.52
N LEU JD 117 -58.62 66.27 -76.48
CA LEU JD 117 -59.60 67.02 -75.69
C LEU JD 117 -60.37 68.00 -76.54
N GLN JD 118 -59.73 68.63 -77.52
CA GLN JD 118 -60.51 69.55 -78.34
C GLN JD 118 -61.69 68.90 -79.06
N THR JD 119 -61.73 67.57 -79.16
CA THR JD 119 -62.89 66.92 -79.80
C THR JD 119 -64.08 66.73 -78.88
N MET JD 120 -63.92 66.81 -77.57
CA MET JD 120 -65.07 66.64 -76.68
C MET JD 120 -66.14 67.68 -76.96
N GLU JD 121 -67.35 67.35 -76.53
CA GLU JD 121 -68.52 68.20 -76.69
C GLU JD 121 -68.43 69.49 -75.89
N GLY JD 122 -68.48 70.61 -76.60
CA GLY JD 122 -68.42 71.94 -76.01
C GLY JD 122 -67.06 72.54 -75.81
N VAL JD 123 -66.00 71.74 -75.73
CA VAL JD 123 -64.68 72.30 -75.49
C VAL JD 123 -64.21 73.10 -76.69
N LEU JD 124 -63.81 74.35 -76.46
CA LEU JD 124 -63.28 75.19 -77.51
C LEU JD 124 -61.76 75.08 -77.63
N SER JD 125 -61.05 75.09 -76.50
CA SER JD 125 -59.61 74.83 -76.55
C SER JD 125 -59.14 74.36 -75.18
N ALA JD 126 -57.92 73.85 -75.15
CA ALA JD 126 -57.38 73.30 -73.92
C ALA JD 126 -55.85 73.29 -73.99
N ARG JD 127 -55.24 73.10 -72.83
CA ARG JD 127 -53.81 72.88 -72.71
C ARG JD 127 -53.55 71.85 -71.62
N VAL JD 128 -52.46 71.08 -71.76
CA VAL JD 128 -52.16 69.97 -70.88
C VAL JD 128 -50.69 69.97 -70.52
N HIS JD 129 -50.38 69.51 -69.30
CA HIS JD 129 -49.01 69.44 -68.82
C HIS JD 129 -48.75 68.11 -68.12
N ILE JD 130 -47.55 67.56 -68.33
CA ILE JD 130 -47.11 66.30 -67.75
C ILE JD 130 -45.85 66.53 -66.90
N SER JD 131 -45.74 65.82 -65.79
CA SER JD 131 -44.53 65.86 -64.96
C SER JD 131 -43.36 65.15 -65.65
N TYR JD 132 -42.39 65.91 -66.17
CA TYR JD 132 -41.20 65.33 -66.79
C TYR JD 132 -40.21 64.83 -65.75
N ASP JD 133 -40.41 63.61 -65.25
CA ASP JD 133 -39.38 63.04 -64.39
C ASP JD 133 -38.10 62.72 -65.14
N ILE JD 134 -38.14 62.82 -66.47
CA ILE JD 134 -36.97 62.70 -67.33
C ILE JD 134 -35.86 63.64 -66.90
N ASP JD 135 -36.19 64.66 -66.11
CA ASP JD 135 -35.14 65.46 -65.52
C ASP JD 135 -34.28 64.66 -64.56
N ALA JD 136 -34.66 63.43 -64.26
CA ALA JD 136 -33.72 62.40 -63.87
C ALA JD 136 -33.86 61.21 -64.79
N GLY JD 137 -32.77 60.45 -64.93
CA GLY JD 137 -32.82 59.21 -65.65
C GLY JD 137 -33.51 58.09 -64.90
N GLU JD 138 -33.73 58.25 -63.60
CA GLU JD 138 -34.17 57.17 -62.72
C GLU JD 138 -33.24 55.97 -62.78
N ASN JD 139 -32.03 56.17 -63.30
CA ASN JD 139 -30.98 55.15 -63.24
C ASN JD 139 -30.73 54.72 -61.79
N GLY JD 140 -31.01 53.45 -61.50
CA GLY JD 140 -30.88 52.90 -60.18
C GLY JD 140 -31.93 53.31 -59.17
N ARG JD 141 -32.96 54.06 -59.57
CA ARG JD 141 -33.99 54.46 -58.61
C ARG JD 141 -35.37 54.06 -59.09
N PRO JD 142 -36.25 53.66 -58.17
CA PRO JD 142 -37.62 53.30 -58.54
C PRO JD 142 -38.39 54.49 -59.07
N PRO JD 143 -39.10 54.33 -60.18
CA PRO JD 143 -39.62 55.49 -60.91
C PRO JD 143 -40.83 56.13 -60.25
N LYS JD 144 -40.83 57.46 -60.25
CA LYS JD 144 -41.86 58.24 -59.56
C LYS JD 144 -43.21 58.14 -60.27
N PRO JD 145 -44.31 58.41 -59.56
CA PRO JD 145 -45.61 58.51 -60.21
C PRO JD 145 -45.79 59.77 -61.03
N VAL JD 146 -46.64 59.65 -62.05
CA VAL JD 146 -46.97 60.73 -62.98
C VAL JD 146 -48.01 61.70 -62.41
N HIS JD 147 -47.85 62.99 -62.72
CA HIS JD 147 -48.78 64.07 -62.42
C HIS JD 147 -49.17 64.81 -63.69
N LEU JD 148 -50.44 65.22 -63.77
CA LEU JD 148 -51.01 65.87 -64.94
C LEU JD 148 -51.81 67.11 -64.54
N SER JD 149 -51.78 68.13 -65.39
CA SER JD 149 -52.63 69.31 -65.23
C SER JD 149 -53.30 69.69 -66.53
N ALA JD 150 -54.55 70.15 -66.47
CA ALA JD 150 -55.25 70.61 -67.67
C ALA JD 150 -56.02 71.91 -67.46
N LEU JD 151 -56.01 72.75 -68.49
CA LEU JD 151 -56.80 73.97 -68.58
C LEU JD 151 -57.75 73.85 -69.77
N ALA JD 152 -59.00 74.28 -69.61
CA ALA JD 152 -59.89 74.23 -70.77
C ALA JD 152 -60.96 75.31 -70.74
N VAL JD 153 -61.44 75.66 -71.93
CA VAL JD 153 -62.43 76.71 -72.12
C VAL JD 153 -63.70 76.11 -72.72
N TYR JD 154 -64.85 76.52 -72.20
CA TYR JD 154 -66.15 75.97 -72.57
C TYR JD 154 -67.08 77.01 -73.17
N GLU JD 155 -68.01 76.53 -73.98
CA GLU JD 155 -69.14 77.31 -74.44
C GLU JD 155 -70.01 77.75 -73.27
N ARG JD 156 -70.61 78.94 -73.42
CA ARG JD 156 -71.51 79.50 -72.41
C ARG JD 156 -72.71 78.60 -72.16
N GLY JD 157 -73.03 78.42 -70.87
CA GLY JD 157 -74.16 77.59 -70.47
C GLY JD 157 -73.84 76.12 -70.27
N SER JD 158 -72.60 75.80 -69.98
CA SER JD 158 -72.10 74.46 -69.73
C SER JD 158 -72.02 74.19 -68.24
N PRO JD 159 -72.54 73.06 -67.73
CA PRO JD 159 -72.35 72.76 -66.30
C PRO JD 159 -70.94 72.25 -66.01
N LEU JD 160 -70.08 73.23 -65.77
CA LEU JD 160 -68.66 72.98 -65.54
C LEU JD 160 -68.42 71.95 -64.45
N ALA JD 161 -69.12 72.10 -63.33
CA ALA JD 161 -68.97 71.15 -62.23
C ALA JD 161 -69.20 69.73 -62.70
N HIS JD 162 -70.28 69.50 -63.45
CA HIS JD 162 -70.55 68.16 -63.93
C HIS JD 162 -69.57 67.71 -65.01
N GLN JD 163 -68.88 68.63 -65.67
CA GLN JD 163 -67.97 68.20 -66.74
C GLN JD 163 -66.54 67.95 -66.26
N ILE JD 164 -66.17 68.37 -65.06
CA ILE JD 164 -64.81 68.05 -64.60
C ILE JD 164 -64.64 66.54 -64.47
N SER JD 165 -65.69 65.84 -64.04
CA SER JD 165 -65.63 64.39 -63.89
C SER JD 165 -65.20 63.70 -65.18
N ASP JD 166 -65.82 64.04 -66.30
CA ASP JD 166 -65.46 63.44 -67.57
C ASP JD 166 -63.98 63.58 -67.87
N ILE JD 167 -63.45 64.79 -67.77
CA ILE JD 167 -62.03 64.99 -68.03
C ILE JD 167 -61.18 64.11 -67.13
N LYS JD 168 -61.39 64.17 -65.83
CA LYS JD 168 -60.60 63.30 -64.95
C LYS JD 168 -60.69 61.83 -65.35
N ARG JD 169 -61.89 61.33 -65.58
CA ARG JD 169 -62.03 59.94 -65.99
C ARG JD 169 -61.22 59.64 -67.23
N PHE JD 170 -61.31 60.49 -68.23
CA PHE JD 170 -60.60 60.22 -69.47
C PHE JD 170 -59.09 60.26 -69.29
N LEU JD 171 -58.57 61.21 -68.54
CA LEU JD 171 -57.12 61.28 -68.35
C LEU JD 171 -56.57 60.14 -67.50
N LYS JD 172 -57.26 59.76 -66.43
CA LYS JD 172 -56.74 58.74 -65.53
C LYS JD 172 -56.22 57.49 -66.22
N ASN JD 173 -56.95 56.94 -67.17
CA ASN JD 173 -56.51 55.71 -67.81
C ASN JD 173 -55.52 55.89 -68.94
N SER JD 174 -55.07 57.10 -69.22
CA SER JD 174 -54.12 57.28 -70.30
C SER JD 174 -52.68 56.99 -69.87
N PHE JD 175 -52.46 56.69 -68.59
CA PHE JD 175 -51.12 56.45 -68.06
C PHE JD 175 -51.14 55.23 -67.15
N ALA JD 176 -49.97 54.63 -66.99
CA ALA JD 176 -49.84 53.43 -66.16
C ALA JD 176 -50.24 53.63 -64.71
N ASP JD 177 -50.02 54.80 -64.12
CA ASP JD 177 -50.34 54.96 -62.70
C ASP JD 177 -50.68 56.42 -62.40
N VAL JD 178 -51.96 56.70 -62.25
CA VAL JD 178 -52.41 58.05 -61.96
C VAL JD 178 -53.57 57.96 -60.99
N ASP JD 179 -53.58 58.85 -60.02
CA ASP JD 179 -54.62 58.95 -59.02
C ASP JD 179 -55.42 60.21 -59.23
N TYR JD 180 -56.73 60.13 -58.99
CA TYR JD 180 -57.56 61.30 -59.10
C TYR JD 180 -56.99 62.44 -58.29
N ASP JD 181 -56.33 62.12 -57.18
CA ASP JD 181 -55.69 63.15 -56.38
C ASP JD 181 -54.60 63.90 -57.14
N ASN JD 182 -53.93 63.26 -58.08
CA ASN JD 182 -52.82 63.87 -58.80
C ASN JD 182 -53.22 64.59 -60.08
N ILE JD 183 -54.49 64.82 -60.35
CA ILE JD 183 -54.94 65.48 -61.56
C ILE JD 183 -55.62 66.80 -61.19
N SER JD 184 -55.07 67.90 -61.68
CA SER JD 184 -55.63 69.23 -61.52
C SER JD 184 -56.31 69.68 -62.80
N VAL JD 185 -57.53 70.22 -62.68
CA VAL JD 185 -58.32 70.64 -63.83
C VAL JD 185 -58.92 72.01 -63.54
N VAL JD 186 -58.70 72.96 -64.45
CA VAL JD 186 -59.25 74.31 -64.34
C VAL JD 186 -60.04 74.65 -65.61
N LEU JD 187 -61.28 75.09 -65.42
CA LEU JD 187 -62.20 75.38 -66.52
C LEU JD 187 -62.67 76.83 -66.47
N SER JD 188 -62.97 77.37 -67.64
CA SER JD 188 -63.48 78.74 -67.74
C SER JD 188 -64.41 78.87 -68.93
N GLU JD 189 -65.31 79.84 -68.88
CA GLU JD 189 -66.22 80.14 -69.99
C GLU JD 189 -65.70 81.19 -70.96
N ARG JD 190 -66.17 81.08 -72.20
CA ARG JD 190 -65.95 82.09 -73.23
C ARG JD 190 -66.51 83.44 -72.81
N SER JD 191 -65.76 84.48 -73.10
CA SER JD 191 -66.20 85.86 -72.91
C SER JD 191 -67.30 86.23 -73.91
N ASP JD 192 -67.94 87.37 -73.64
CA ASP JD 192 -68.94 87.93 -74.55
C ASP JD 192 -68.40 88.13 -75.96
N ALA JD 193 -69.26 87.84 -76.93
CA ALA JD 193 -68.95 88.00 -78.36
C ALA JD 193 -68.88 89.46 -78.81
N GLN JD 194 -67.84 89.77 -79.56
CA GLN JD 194 -67.62 91.06 -80.22
C GLN JD 194 -68.17 91.06 -81.64
N LEU JD 195 -69.43 91.43 -81.79
CA LEU JD 195 -70.11 91.37 -83.10
C LEU JD 195 -70.24 92.73 -83.79
N GLN JD 196 -70.54 93.80 -83.07
CA GLN JD 196 -70.66 95.11 -83.70
C GLN JD 196 -69.31 95.74 -83.98
N ALA JD 197 -69.22 96.41 -85.12
CA ALA JD 197 -68.00 97.08 -85.56
C ALA JD 197 -67.74 98.37 -84.78
N PRO JD 198 -66.47 98.71 -84.58
CA PRO JD 198 -66.13 99.99 -83.94
C PRO JD 198 -66.47 101.20 -84.78
N GLY JD 199 -66.68 102.32 -84.07
CA GLY JD 199 -66.97 103.59 -84.72
C GLY JD 199 -65.73 104.28 -85.27
N THR JD 200 -65.89 104.90 -86.45
CA THR JD 200 -64.82 105.63 -87.12
C THR JD 200 -64.64 107.01 -86.50
N PRO JD 201 -63.39 107.44 -86.24
CA PRO JD 201 -63.15 108.79 -85.74
C PRO JD 201 -63.82 109.87 -86.56
N VAL JD 202 -64.36 110.87 -85.87
CA VAL JD 202 -64.95 112.03 -86.52
C VAL JD 202 -63.85 112.92 -87.07
N ASP KD 20 -63.76 93.18 -100.54
CA ASP KD 20 -63.56 92.02 -99.69
C ASP KD 20 -62.25 92.14 -98.94
N LYS KD 21 -62.21 91.66 -97.70
CA LYS KD 21 -61.02 91.72 -96.89
C LYS KD 21 -60.43 90.34 -96.76
N ASP KD 22 -59.11 90.26 -96.89
CA ASP KD 22 -58.39 89.01 -96.74
C ASP KD 22 -58.23 88.60 -95.29
N LEU KD 23 -58.75 87.43 -94.94
CA LEU KD 23 -58.54 86.83 -93.63
C LEU KD 23 -57.28 85.98 -93.63
N LEU KD 24 -57.21 85.02 -94.54
CA LEU KD 24 -56.16 84.02 -94.51
C LEU KD 24 -55.75 83.72 -95.94
N LYS KD 25 -54.48 83.39 -96.12
CA LYS KD 25 -53.94 83.02 -97.42
C LYS KD 25 -53.00 81.84 -97.29
N GLY KD 26 -52.74 81.21 -98.43
CA GLY KD 26 -51.89 80.04 -98.44
C GLY KD 26 -52.38 78.88 -97.61
N LEU KD 27 -53.70 78.71 -97.49
CA LEU KD 27 -54.21 77.60 -96.73
C LEU KD 27 -54.13 76.31 -97.55
N ASP KD 28 -54.06 75.20 -96.84
CA ASP KD 28 -54.32 73.91 -97.43
C ASP KD 28 -55.82 73.65 -97.52
N GLN KD 29 -56.17 72.73 -98.42
CA GLN KD 29 -57.56 72.37 -98.68
C GLN KD 29 -58.30 71.91 -97.42
N GLU KD 30 -57.66 71.10 -96.60
CA GLU KD 30 -58.28 70.60 -95.38
C GLU KD 30 -58.40 71.67 -94.31
N GLN KD 31 -57.58 72.71 -94.39
CA GLN KD 31 -57.74 73.83 -93.48
C GLN KD 31 -58.83 74.77 -93.95
N ALA KD 32 -58.87 75.06 -95.24
CA ALA KD 32 -59.87 75.97 -95.78
C ALA KD 32 -61.27 75.44 -95.52
N ASN KD 33 -61.51 74.16 -95.79
CA ASN KD 33 -62.85 73.64 -95.56
C ASN KD 33 -63.25 73.67 -94.10
N GLU KD 34 -62.29 73.53 -93.19
CA GLU KD 34 -62.61 73.71 -91.77
C GLU KD 34 -62.98 75.15 -91.42
N VAL KD 35 -62.25 76.12 -91.96
CA VAL KD 35 -62.59 77.51 -91.68
C VAL KD 35 -63.95 77.86 -92.26
N ILE KD 36 -64.22 77.44 -93.49
CA ILE KD 36 -65.52 77.72 -94.08
C ILE KD 36 -66.63 77.14 -93.23
N ALA KD 37 -66.45 75.90 -92.77
CA ALA KD 37 -67.47 75.27 -91.94
C ALA KD 37 -67.76 76.05 -90.68
N VAL KD 38 -66.69 76.48 -90.00
CA VAL KD 38 -66.90 77.22 -88.75
C VAL KD 38 -67.53 78.58 -88.99
N LEU KD 39 -67.18 79.26 -90.09
CA LEU KD 39 -67.81 80.54 -90.30
C LEU KD 39 -69.28 80.40 -90.68
N GLN KD 40 -69.60 79.50 -91.60
CA GLN KD 40 -71.00 79.29 -91.94
C GLN KD 40 -71.85 78.98 -90.73
N MET KD 41 -71.33 78.21 -89.78
CA MET KD 41 -72.15 77.92 -88.61
C MET KD 41 -72.62 79.19 -87.90
N HIS KD 42 -71.82 80.25 -87.88
CA HIS KD 42 -72.18 81.51 -87.22
C HIS KD 42 -72.85 82.53 -88.12
N ASN KD 43 -73.40 82.11 -89.25
CA ASN KD 43 -74.08 83.00 -90.19
C ASN KD 43 -73.18 84.01 -90.89
N ILE KD 44 -71.96 83.61 -91.22
CA ILE KD 44 -71.03 84.47 -91.96
C ILE KD 44 -70.82 83.83 -93.32
N GLU KD 45 -71.23 84.53 -94.37
CA GLU KD 45 -70.99 84.09 -95.75
C GLU KD 45 -69.55 84.33 -96.16
N ALA KD 46 -68.84 83.28 -96.53
CA ALA KD 46 -67.42 83.37 -96.87
C ALA KD 46 -67.20 82.84 -98.27
N ASN KD 47 -66.07 83.21 -98.86
CA ASN KD 47 -65.71 82.79 -100.22
C ASN KD 47 -64.31 82.22 -100.23
N LYS KD 48 -64.16 81.08 -100.91
CA LYS KD 48 -62.90 80.38 -101.07
C LYS KD 48 -62.38 80.56 -102.50
N ILE KD 49 -61.13 81.02 -102.61
CA ILE KD 49 -60.48 81.29 -103.88
C ILE KD 49 -59.21 80.47 -103.97
N ASP KD 50 -58.93 79.93 -105.14
CA ASP KD 50 -57.76 79.09 -105.39
C ASP KD 50 -56.72 79.79 -106.26
N SER KD 51 -55.49 79.86 -105.75
CA SER KD 51 -54.36 80.46 -106.45
C SER KD 51 -53.32 79.41 -106.84
N GLY KD 52 -53.66 78.13 -106.76
CA GLY KD 52 -52.76 77.02 -107.01
C GLY KD 52 -51.54 76.84 -106.12
N LYS KD 53 -50.34 77.03 -106.67
CA LYS KD 53 -49.13 76.96 -105.87
C LYS KD 53 -49.13 77.93 -104.69
N LEU KD 54 -49.98 78.94 -104.70
CA LEU KD 54 -50.06 79.88 -103.60
C LEU KD 54 -51.13 79.48 -102.57
N GLY KD 55 -51.84 78.39 -102.81
CA GLY KD 55 -52.93 77.90 -102.00
C GLY KD 55 -54.26 78.64 -102.10
N TYR KD 56 -55.10 78.37 -101.10
CA TYR KD 56 -56.42 78.94 -100.98
C TYR KD 56 -56.47 80.19 -100.12
N SER KD 57 -57.41 81.07 -100.47
CA SER KD 57 -57.68 82.32 -99.79
C SER KD 57 -59.14 82.36 -99.37
N ILE KD 58 -59.40 83.02 -98.25
CA ILE KD 58 -60.73 83.15 -97.67
C ILE KD 58 -61.06 84.63 -97.58
N THR KD 59 -62.26 84.99 -98.02
CA THR KD 59 -62.67 86.39 -98.00
C THR KD 59 -64.11 86.52 -97.51
N VAL KD 60 -64.40 87.67 -96.89
CA VAL KD 60 -65.71 87.99 -96.36
C VAL KD 60 -66.02 89.47 -96.62
N ALA KD 61 -67.29 89.82 -96.49
CA ALA KD 61 -67.72 91.20 -96.53
C ALA KD 61 -67.33 91.99 -95.28
N GLU KD 62 -67.24 93.31 -95.47
CA GLU KD 62 -66.90 94.23 -94.40
C GLU KD 62 -67.83 94.16 -93.20
N PRO KD 63 -69.15 94.21 -93.35
CA PRO KD 63 -70.01 94.08 -92.17
C PRO KD 63 -69.71 92.85 -91.33
N ASP KD 64 -69.14 91.80 -91.91
CA ASP KD 64 -68.84 90.56 -91.20
C ASP KD 64 -67.38 90.43 -90.81
N PHE KD 65 -66.55 91.37 -91.23
CA PHE KD 65 -65.12 91.26 -90.95
C PHE KD 65 -64.84 91.14 -89.46
N THR KD 66 -65.37 92.04 -88.66
CA THR KD 66 -65.17 91.99 -87.21
C THR KD 66 -65.51 90.65 -86.59
N ALA KD 67 -66.72 90.16 -86.85
CA ALA KD 67 -67.11 88.85 -86.33
C ALA KD 67 -66.17 87.76 -86.80
N ALA KD 68 -65.82 87.75 -88.08
CA ALA KD 68 -64.93 86.70 -88.57
C ALA KD 68 -63.60 86.70 -87.82
N VAL KD 69 -63.07 87.89 -87.55
CA VAL KD 69 -61.83 88.00 -86.77
C VAL KD 69 -62.00 87.42 -85.38
N TYR KD 70 -63.07 87.81 -84.69
CA TYR KD 70 -63.28 87.31 -83.34
C TYR KD 70 -63.48 85.80 -83.29
N TRP KD 71 -64.14 85.20 -84.27
CA TRP KD 71 -64.26 83.75 -84.25
C TRP KD 71 -62.96 83.06 -84.60
N ILE KD 72 -62.20 83.59 -85.56
CA ILE KD 72 -60.90 82.99 -85.84
C ILE KD 72 -60.01 82.99 -84.60
N LYS KD 73 -60.02 84.08 -83.84
CA LYS KD 73 -59.29 84.06 -82.58
C LYS KD 73 -59.87 83.05 -81.60
N THR KD 74 -61.19 83.01 -81.45
CA THR KD 74 -61.75 82.17 -80.41
C THR KD 74 -61.52 80.69 -80.68
N TYR KD 75 -61.57 80.27 -81.93
CA TYR KD 75 -61.31 78.86 -82.25
C TYR KD 75 -59.85 78.57 -82.55
N GLN KD 76 -58.97 79.56 -82.58
CA GLN KD 76 -57.57 79.35 -82.92
C GLN KD 76 -57.38 78.72 -84.29
N LEU KD 77 -58.18 79.14 -85.25
CA LEU KD 77 -58.02 78.67 -86.61
C LEU KD 77 -56.80 79.34 -87.23
N PRO KD 78 -56.25 78.76 -88.32
CA PRO KD 78 -56.48 77.48 -88.98
C PRO KD 78 -55.89 76.33 -88.21
N PRO KD 79 -56.43 75.14 -88.35
CA PRO KD 79 -56.00 74.03 -87.49
C PRO KD 79 -54.59 73.57 -87.85
N ARG KD 80 -53.88 73.15 -86.81
CA ARG KD 80 -52.58 72.52 -86.97
C ARG KD 80 -52.71 71.13 -87.56
N PRO KD 81 -51.63 70.57 -88.08
CA PRO KD 81 -51.66 69.17 -88.51
C PRO KD 81 -51.70 68.21 -87.33
N ARG KD 82 -52.24 67.02 -87.61
CA ARG KD 82 -52.41 66.00 -86.58
C ARG KD 82 -51.08 65.34 -86.21
N VAL KD 83 -50.87 65.14 -84.92
CA VAL KD 83 -49.62 64.58 -84.39
C VAL KD 83 -49.77 63.08 -84.15
N GLU KD 84 -48.74 62.33 -84.53
CA GLU KD 84 -48.63 60.91 -84.21
C GLU KD 84 -47.21 60.54 -83.82
N ILE KD 85 -47.11 59.67 -82.81
CA ILE KD 85 -45.84 59.47 -82.10
C ILE KD 85 -44.75 58.92 -83.01
N ALA KD 86 -45.12 58.17 -84.04
CA ALA KD 86 -44.14 57.68 -85.00
C ALA KD 86 -43.37 58.78 -85.71
N GLN KD 87 -43.87 60.01 -85.71
CA GLN KD 87 -43.11 61.10 -86.31
C GLN KD 87 -41.87 61.49 -85.52
N MET KD 88 -41.81 61.19 -84.23
CA MET KD 88 -40.64 61.49 -83.44
C MET KD 88 -39.51 60.48 -83.60
N PHE KD 89 -39.73 59.34 -84.25
CA PHE KD 89 -38.76 58.25 -84.28
C PHE KD 89 -38.66 57.67 -85.69
N PRO KD 90 -38.25 58.48 -86.66
CA PRO KD 90 -38.25 58.01 -88.04
C PRO KD 90 -37.32 56.81 -88.21
N ALA KD 91 -37.73 55.88 -89.05
CA ALA KD 91 -36.94 54.68 -89.31
C ALA KD 91 -35.71 54.94 -90.15
N ASP KD 92 -35.58 56.16 -90.70
CA ASP KD 92 -34.49 56.45 -91.62
C ASP KD 92 -33.13 56.18 -91.01
N SER KD 93 -32.99 56.30 -89.69
CA SER KD 93 -31.68 56.13 -89.09
C SER KD 93 -31.20 54.69 -89.21
N LEU KD 94 -29.88 54.54 -89.22
CA LEU KD 94 -29.25 53.23 -89.18
C LEU KD 94 -29.40 52.58 -87.82
N VAL KD 95 -29.63 53.36 -86.77
CA VAL KD 95 -29.66 52.85 -85.40
C VAL KD 95 -31.07 53.00 -84.87
N SER KD 96 -31.47 52.05 -84.03
CA SER KD 96 -32.60 52.23 -83.15
C SER KD 96 -32.38 51.45 -81.88
N SER KD 97 -32.57 52.11 -80.74
CA SER KD 97 -32.64 51.42 -79.47
C SER KD 97 -33.91 50.60 -79.43
N PRO KD 98 -34.03 49.69 -78.48
CA PRO KD 98 -35.33 49.04 -78.27
C PRO KD 98 -36.45 50.03 -78.08
N ARG KD 99 -36.14 51.18 -77.50
CA ARG KD 99 -37.17 52.11 -77.08
C ARG KD 99 -37.89 52.69 -78.30
N ALA KD 100 -37.14 53.07 -79.32
CA ALA KD 100 -37.75 53.61 -80.53
C ALA KD 100 -38.62 52.58 -81.24
N GLU KD 101 -38.11 51.37 -81.44
CA GLU KD 101 -38.94 50.34 -82.06
C GLU KD 101 -40.24 50.11 -81.30
N LYS KD 102 -40.14 49.92 -79.99
CA LYS KD 102 -41.35 49.71 -79.19
C LYS KD 102 -42.32 50.87 -79.30
N ALA KD 103 -41.79 52.09 -79.37
CA ALA KD 103 -42.65 53.27 -79.55
C ALA KD 103 -43.37 53.24 -80.88
N ARG KD 104 -42.65 53.00 -81.97
CA ARG KD 104 -43.31 52.88 -83.27
C ARG KD 104 -44.38 51.79 -83.28
N LEU KD 105 -44.13 50.66 -82.63
CA LEU KD 105 -45.13 49.61 -82.59
C LEU KD 105 -46.43 50.07 -81.94
N TYR KD 106 -46.33 50.67 -80.75
CA TYR KD 106 -47.56 51.13 -80.10
C TYR KD 106 -48.23 52.24 -80.90
N SER KD 107 -47.45 53.17 -81.44
CA SER KD 107 -48.02 54.24 -82.24
C SER KD 107 -48.73 53.74 -83.48
N ALA KD 108 -48.45 52.53 -83.92
CA ALA KD 108 -49.19 51.98 -85.06
C ALA KD 108 -50.43 51.21 -84.64
N ILE KD 109 -50.37 50.55 -83.49
CA ILE KD 109 -51.56 49.88 -82.99
C ILE KD 109 -52.67 50.89 -82.69
N GLU KD 110 -52.32 52.00 -82.05
CA GLU KD 110 -53.32 53.03 -81.78
C GLU KD 110 -54.10 53.44 -83.03
N GLN KD 111 -53.38 53.69 -84.12
CA GLN KD 111 -54.04 54.10 -85.35
C GLN KD 111 -54.90 52.98 -85.91
N ARG KD 112 -54.46 51.74 -85.78
CA ARG KD 112 -55.23 50.67 -86.39
C ARG KD 112 -56.50 50.40 -85.61
N LEU KD 113 -56.47 50.60 -84.30
CA LEU KD 113 -57.70 50.46 -83.53
C LEU KD 113 -58.68 51.57 -83.86
N GLU KD 114 -58.23 52.82 -83.96
CA GLU KD 114 -59.18 53.86 -84.34
C GLU KD 114 -59.84 53.55 -85.67
N GLN KD 115 -59.05 53.11 -86.65
CA GLN KD 115 -59.63 52.77 -87.94
C GLN KD 115 -60.59 51.61 -87.86
N SER KD 116 -60.42 50.69 -86.92
CA SER KD 116 -61.40 49.62 -86.82
C SER KD 116 -62.68 50.08 -86.13
N LEU KD 117 -62.57 50.87 -85.08
CA LEU KD 117 -63.78 51.37 -84.41
C LEU KD 117 -64.65 52.21 -85.33
N GLN KD 118 -64.05 52.99 -86.22
CA GLN KD 118 -64.91 53.74 -87.14
C GLN KD 118 -65.81 52.85 -87.98
N THR KD 119 -65.54 51.56 -88.10
CA THR KD 119 -66.42 50.69 -88.87
C THR KD 119 -67.62 50.18 -88.09
N MET KD 120 -67.66 50.32 -86.77
CA MET KD 120 -68.83 49.89 -86.03
C MET KD 120 -70.06 50.68 -86.44
N GLU KD 121 -71.21 50.09 -86.16
CA GLU KD 121 -72.50 50.66 -86.48
C GLU KD 121 -72.82 51.94 -85.71
N GLY KD 122 -73.04 53.02 -86.46
CA GLY KD 122 -73.38 54.32 -85.92
C GLY KD 122 -72.22 55.23 -85.57
N VAL KD 123 -71.03 54.70 -85.37
CA VAL KD 123 -69.91 55.54 -84.97
C VAL KD 123 -69.47 56.42 -86.13
N LEU KD 124 -69.27 57.70 -85.87
CA LEU KD 124 -68.84 58.66 -86.87
C LEU KD 124 -67.36 58.95 -86.79
N SER KD 125 -66.81 59.07 -85.59
CA SER KD 125 -65.39 59.25 -85.41
C SER KD 125 -65.03 58.80 -84.02
N ALA KD 126 -63.75 58.46 -83.84
CA ALA KD 126 -63.26 57.97 -82.57
C ALA KD 126 -61.78 58.31 -82.42
N ARG KD 127 -61.30 58.21 -81.19
CA ARG KD 127 -59.88 58.39 -80.92
C ARG KD 127 -59.47 57.53 -79.73
N VAL KD 128 -58.24 56.99 -79.75
CA VAL KD 128 -57.78 56.02 -78.77
C VAL KD 128 -56.41 56.39 -78.24
N HIS KD 129 -56.17 56.05 -76.96
CA HIS KD 129 -54.88 56.26 -76.30
C HIS KD 129 -54.47 55.02 -75.52
N ILE KD 130 -53.20 54.63 -75.64
CA ILE KD 130 -52.64 53.50 -74.89
C ILE KD 130 -51.56 53.99 -73.93
N SER KD 131 -51.47 53.33 -72.77
CA SER KD 131 -50.36 53.57 -71.85
C SER KD 131 -49.01 53.16 -72.42
N TYR KD 132 -48.15 54.12 -72.80
CA TYR KD 132 -46.78 53.83 -73.24
C TYR KD 132 -45.87 53.48 -72.07
N ASP KD 133 -45.90 52.22 -71.65
CA ASP KD 133 -45.08 51.83 -70.51
C ASP KD 133 -43.60 51.92 -70.85
N ILE KD 134 -43.29 52.01 -72.14
CA ILE KD 134 -41.94 52.17 -72.64
C ILE KD 134 -41.27 53.45 -72.16
N ASP KD 135 -42.02 54.36 -71.55
CA ASP KD 135 -41.37 55.51 -70.93
C ASP KD 135 -40.45 55.11 -69.79
N ALA KD 136 -40.43 53.82 -69.46
CA ALA KD 136 -39.27 53.16 -68.87
C ALA KD 136 -39.06 51.87 -69.62
N GLY KD 137 -37.84 51.35 -69.56
CA GLY KD 137 -37.54 50.18 -70.37
C GLY KD 137 -38.24 48.92 -69.92
N GLU KD 138 -38.71 48.86 -68.68
CA GLU KD 138 -39.09 47.59 -68.07
C GLU KD 138 -37.92 46.61 -68.06
N ASN KD 139 -36.71 47.13 -68.15
CA ASN KD 139 -35.50 46.37 -67.90
C ASN KD 139 -35.32 46.13 -66.41
N GLY KD 140 -34.88 44.92 -66.07
CA GLY KD 140 -34.66 44.56 -64.68
C GLY KD 140 -35.91 44.62 -63.83
N ARG KD 141 -37.07 44.78 -64.45
CA ARG KD 141 -38.28 45.11 -63.70
C ARG KD 141 -39.48 44.45 -64.36
N PRO KD 142 -40.49 44.09 -63.61
CA PRO KD 142 -41.69 43.50 -64.19
C PRO KD 142 -42.52 44.51 -64.96
N PRO KD 143 -43.02 44.14 -66.13
CA PRO KD 143 -43.80 45.08 -66.93
C PRO KD 143 -45.19 45.31 -66.34
N LYS KD 144 -45.62 46.57 -66.35
CA LYS KD 144 -46.88 47.00 -65.75
C LYS KD 144 -48.06 46.66 -66.66
N PRO KD 145 -49.28 46.59 -66.11
CA PRO KD 145 -50.45 46.36 -66.96
C PRO KD 145 -50.80 47.55 -67.83
N VAL KD 146 -51.45 47.24 -68.95
CA VAL KD 146 -51.93 48.21 -69.93
C VAL KD 146 -53.22 48.89 -69.51
N HIS KD 147 -53.32 50.18 -69.86
CA HIS KD 147 -54.50 51.03 -69.71
C HIS KD 147 -54.85 51.64 -71.06
N LEU KD 148 -56.16 51.78 -71.33
CA LEU KD 148 -56.68 52.29 -72.59
C LEU KD 148 -57.76 53.33 -72.35
N SER KD 149 -57.81 54.36 -73.19
CA SER KD 149 -58.91 55.32 -73.19
C SER KD 149 -59.43 55.58 -74.60
N ALA KD 150 -60.76 55.69 -74.74
CA ALA KD 150 -61.36 55.95 -76.05
C ALA KD 150 -62.48 56.97 -76.01
N LEU KD 151 -62.53 57.80 -77.05
CA LEU KD 151 -63.56 58.81 -77.25
C LEU KD 151 -64.31 58.52 -78.54
N ALA KD 152 -65.64 58.66 -78.54
CA ALA KD 152 -66.38 58.40 -79.76
C ALA KD 152 -67.63 59.25 -79.90
N VAL KD 153 -68.01 59.52 -81.15
CA VAL KD 153 -69.19 60.32 -81.47
C VAL KD 153 -70.20 59.48 -82.22
N TYR KD 154 -71.48 59.60 -81.84
CA TYR KD 154 -72.57 58.81 -82.39
C TYR KD 154 -73.63 59.64 -83.10
N GLU KD 155 -74.32 58.98 -84.03
CA GLU KD 155 -75.53 59.52 -84.63
C GLU KD 155 -76.63 59.73 -83.60
N ARG KD 156 -77.46 60.73 -83.84
CA ARG KD 156 -78.59 61.05 -82.97
C ARG KD 156 -79.57 59.89 -82.84
N GLY KD 157 -80.00 59.62 -81.61
CA GLY KD 157 -80.93 58.55 -81.32
C GLY KD 157 -80.32 57.19 -81.05
N SER KD 158 -79.09 57.14 -80.60
CA SER KD 158 -78.30 55.96 -80.25
C SER KD 158 -78.33 55.69 -78.76
N PRO KD 159 -78.61 54.45 -78.29
CA PRO KD 159 -78.55 54.19 -76.85
C PRO KD 159 -77.13 54.00 -76.36
N LEU KD 160 -76.55 55.13 -75.99
CA LEU KD 160 -75.16 55.20 -75.54
C LEU KD 160 -74.88 54.24 -74.39
N ALA KD 161 -75.76 54.24 -73.40
CA ALA KD 161 -75.59 53.36 -72.26
C ALA KD 161 -75.43 51.91 -72.70
N HIS KD 162 -76.29 51.46 -73.59
CA HIS KD 162 -76.18 50.07 -74.01
C HIS KD 162 -75.06 49.84 -75.00
N GLN KD 163 -74.46 50.90 -75.56
CA GLN KD 163 -73.35 50.71 -76.49
C GLN KD 163 -71.99 50.76 -75.84
N ILE KD 164 -71.85 51.23 -74.61
CA ILE KD 164 -70.54 51.21 -73.98
C ILE KD 164 -70.03 49.79 -73.79
N SER KD 165 -70.92 48.88 -73.43
CA SER KD 165 -70.54 47.49 -73.20
C SER KD 165 -69.83 46.88 -74.41
N ASP KD 166 -70.41 47.02 -75.59
CA ASP KD 166 -69.77 46.47 -76.79
C ASP KD 166 -68.34 46.96 -76.96
N ILE KD 167 -68.13 48.26 -76.87
CA ILE KD 167 -66.77 48.80 -76.99
C ILE KD 167 -65.85 48.16 -75.97
N LYS KD 168 -66.21 48.18 -74.69
CA LYS KD 168 -65.35 47.55 -73.70
C LYS KD 168 -65.03 46.10 -74.03
N ARG KD 169 -66.05 45.32 -74.37
CA ARG KD 169 -65.82 43.93 -74.75
C ARG KD 169 -64.82 43.82 -75.89
N PHE KD 170 -64.99 44.64 -76.92
CA PHE KD 170 -64.07 44.58 -78.05
C PHE KD 170 -62.65 44.94 -77.66
N LEU KD 171 -62.46 45.98 -76.86
CA LEU KD 171 -61.11 46.41 -76.54
C LEU KD 171 -60.41 45.48 -75.57
N LYS KD 172 -61.15 44.86 -74.65
CA LYS KD 172 -60.53 43.98 -73.67
C LYS KD 172 -59.59 42.94 -74.27
N ASN KD 173 -60.00 42.28 -75.33
CA ASN KD 173 -59.19 41.22 -75.93
C ASN KD 173 -58.13 41.69 -76.91
N SER KD 174 -57.93 42.97 -77.10
CA SER KD 174 -56.89 43.38 -78.04
C SER KD 174 -55.50 43.35 -77.41
N PHE KD 175 -55.38 43.05 -76.12
CA PHE KD 175 -54.10 43.06 -75.42
C PHE KD 175 -54.03 41.87 -74.47
N ALA KD 176 -52.79 41.48 -74.16
CA ALA KD 176 -52.55 40.33 -73.30
C ALA KD 176 -53.14 40.44 -71.91
N ASP KD 177 -53.21 41.63 -71.33
CA ASP KD 177 -53.70 41.74 -69.94
C ASP KD 177 -54.36 43.10 -69.74
N VAL KD 178 -55.68 43.10 -69.74
CA VAL KD 178 -56.45 44.32 -69.55
C VAL KD 178 -57.66 43.98 -68.70
N ASP KD 179 -57.99 44.85 -67.77
CA ASP KD 179 -59.14 44.70 -66.91
C ASP KD 179 -60.18 45.74 -67.26
N TYR KD 180 -61.46 45.34 -67.21
CA TYR KD 180 -62.53 46.29 -67.47
C TYR KD 180 -62.40 47.54 -66.63
N ASP KD 181 -61.87 47.40 -65.42
CA ASP KD 181 -61.67 48.57 -64.58
C ASP KD 181 -60.71 49.58 -65.19
N ASN KD 182 -59.75 49.13 -65.99
CA ASN KD 182 -58.72 49.99 -66.57
C ASN KD 182 -59.08 50.58 -67.93
N ILE KD 183 -60.33 50.50 -68.37
CA ILE KD 183 -60.75 51.03 -69.67
C ILE KD 183 -61.76 52.15 -69.45
N SER KD 184 -61.40 53.34 -69.93
CA SER KD 184 -62.26 54.53 -69.90
C SER KD 184 -62.85 54.79 -71.28
N VAL KD 185 -64.16 55.05 -71.32
CA VAL KD 185 -64.88 55.29 -72.58
C VAL KD 185 -65.77 56.49 -72.41
N VAL KD 186 -65.66 57.45 -73.33
CA VAL KD 186 -66.49 58.66 -73.33
C VAL KD 186 -67.19 58.81 -74.68
N LEU KD 187 -68.51 58.96 -74.65
CA LEU KD 187 -69.33 59.05 -75.84
C LEU KD 187 -70.10 60.36 -75.88
N SER KD 188 -70.36 60.83 -77.09
CA SER KD 188 -71.13 62.05 -77.27
C SER KD 188 -71.91 61.96 -78.56
N GLU KD 189 -72.99 62.73 -78.65
CA GLU KD 189 -73.79 62.80 -79.87
C GLU KD 189 -73.39 63.93 -80.81
N ARG KD 190 -73.65 63.70 -82.08
CA ARG KD 190 -73.54 64.72 -83.11
C ARG KD 190 -74.44 65.91 -82.82
N SER KD 191 -73.91 67.11 -83.05
CA SER KD 191 -74.68 68.33 -82.96
C SER KD 191 -75.71 68.44 -84.09
N ASP KD 192 -76.62 69.41 -83.93
CA ASP KD 192 -77.60 69.73 -84.95
C ASP KD 192 -76.98 70.05 -86.31
N ALA KD 193 -77.64 69.58 -87.36
CA ALA KD 193 -77.22 69.79 -88.74
C ALA KD 193 -77.43 71.22 -89.24
N GLN KD 194 -76.41 71.76 -89.88
CA GLN KD 194 -76.42 73.05 -90.56
C GLN KD 194 -76.77 72.91 -92.03
N LEU KD 195 -78.06 72.97 -92.35
CA LEU KD 195 -78.53 72.74 -93.71
C LEU KD 195 -78.89 74.01 -94.47
N GLN KD 196 -79.52 75.00 -93.84
CA GLN KD 196 -79.86 76.23 -94.53
C GLN KD 196 -78.66 77.17 -94.65
N ALA KD 197 -78.56 77.82 -95.81
CA ALA KD 197 -77.48 78.76 -96.08
C ALA KD 197 -77.63 80.07 -95.31
N PRO KD 198 -76.52 80.69 -94.92
CA PRO KD 198 -76.57 82.00 -94.28
C PRO KD 198 -77.05 83.11 -95.21
N GLY KD 199 -77.61 84.15 -94.58
CA GLY KD 199 -78.08 85.33 -95.30
C GLY KD 199 -76.96 86.30 -95.66
N THR KD 200 -77.08 86.87 -96.86
CA THR KD 200 -76.11 87.85 -97.37
C THR KD 200 -76.35 89.23 -96.75
N PRO KD 201 -75.30 89.92 -96.32
CA PRO KD 201 -75.45 91.30 -95.82
C PRO KD 201 -76.18 92.19 -96.80
N VAL KD 202 -77.04 93.05 -96.27
CA VAL KD 202 -77.74 94.03 -97.08
C VAL KD 202 -76.77 95.14 -97.49
N ASP LD 20 -70.95 76.24 -110.16
CA ASP LD 20 -70.57 75.16 -109.27
C ASP LD 20 -69.36 75.52 -108.45
N LYS LD 21 -69.33 75.04 -107.21
CA LYS LD 21 -68.23 75.31 -106.29
C LYS LD 21 -67.38 74.06 -106.10
N ASP LD 22 -66.06 74.25 -106.10
CA ASP LD 22 -65.10 73.16 -105.86
C ASP LD 22 -65.02 72.80 -104.40
N LEU LD 23 -65.29 71.54 -104.08
CA LEU LD 23 -65.09 70.98 -102.76
C LEU LD 23 -63.69 70.44 -102.58
N LEU LD 24 -63.26 69.55 -103.46
CA LEU LD 24 -62.00 68.86 -103.26
C LEU LD 24 -61.33 68.64 -104.61
N LYS LD 25 -60.01 68.66 -104.58
CA LYS LD 25 -59.20 68.37 -105.76
C LYS LD 25 -58.08 67.40 -105.44
N GLY LD 26 -57.50 66.86 -106.51
CA GLY LD 26 -56.41 65.92 -106.41
C GLY LD 26 -56.74 64.65 -105.65
N LEU LD 27 -58.00 64.25 -105.64
CA LEU LD 27 -58.34 62.98 -105.03
C LEU LD 27 -57.85 61.86 -105.92
N ASP LD 28 -57.65 60.69 -105.35
CA ASP LD 28 -57.60 59.47 -106.13
C ASP LD 28 -58.95 58.75 -106.18
N GLN LD 29 -58.91 57.62 -106.87
CA GLN LD 29 -60.10 56.86 -107.23
C GLN LD 29 -60.97 56.49 -106.04
N GLU LD 30 -60.36 55.79 -105.07
CA GLU LD 30 -61.08 55.25 -103.93
C GLU LD 30 -61.36 56.27 -102.84
N GLN LD 31 -60.71 57.43 -102.87
CA GLN LD 31 -61.20 58.54 -102.08
C GLN LD 31 -62.45 59.15 -102.70
N ALA LD 32 -62.41 59.41 -104.00
CA ALA LD 32 -63.53 60.08 -104.64
C ALA LD 32 -64.81 59.26 -104.51
N ASN LD 33 -64.73 57.95 -104.77
CA ASN LD 33 -65.92 57.12 -104.66
C ASN LD 33 -66.55 57.14 -103.27
N GLU LD 34 -65.71 57.16 -102.23
CA GLU LD 34 -66.25 57.26 -100.88
C GLU LD 34 -66.95 58.58 -100.64
N VAL LD 35 -66.38 59.67 -101.14
CA VAL LD 35 -67.02 60.96 -100.92
C VAL LD 35 -68.35 61.02 -101.64
N ILE LD 36 -68.38 60.58 -102.90
CA ILE LD 36 -69.63 60.58 -103.65
C ILE LD 36 -70.70 59.77 -102.92
N ALA LD 37 -70.33 58.59 -102.43
CA ALA LD 37 -71.29 57.76 -101.69
C ALA LD 37 -71.89 58.47 -100.49
N VAL LD 38 -71.05 59.14 -99.71
CA VAL LD 38 -71.58 59.81 -98.53
C VAL LD 38 -72.46 61.01 -98.90
N LEU LD 39 -72.11 61.75 -99.94
CA LEU LD 39 -73.01 62.84 -100.29
C LEU LD 39 -74.33 62.34 -100.83
N GLN LD 40 -74.32 61.36 -101.73
CA GLN LD 40 -75.58 60.82 -102.23
C GLN LD 40 -76.51 60.33 -101.11
N MET LD 41 -75.95 59.72 -100.08
CA MET LD 41 -76.83 59.25 -99.01
C MET LD 41 -77.68 60.36 -98.40
N HIS LD 42 -77.16 61.59 -98.33
CA HIS LD 42 -77.87 62.72 -97.75
C HIS LD 42 -78.63 63.57 -98.77
N ASN LD 43 -78.94 63.03 -99.93
CA ASN LD 43 -79.64 63.76 -100.98
C ASN LD 43 -78.89 64.92 -101.58
N ILE LD 44 -77.57 64.79 -101.75
CA ILE LD 44 -76.75 65.82 -102.37
C ILE LD 44 -76.23 65.24 -103.69
N GLU LD 45 -76.66 65.83 -104.81
CA GLU LD 45 -76.17 65.47 -106.13
C GLU LD 45 -74.78 66.03 -106.38
N ALA LD 46 -73.81 65.17 -106.66
CA ALA LD 46 -72.42 65.57 -106.82
C ALA LD 46 -71.91 65.12 -108.18
N ASN LD 47 -70.82 65.75 -108.63
CA ASN LD 47 -70.21 65.44 -109.92
C ASN LD 47 -68.73 65.17 -109.76
N LYS LD 48 -68.26 64.10 -110.41
CA LYS LD 48 -66.86 63.69 -110.40
C LYS LD 48 -66.22 63.99 -111.74
N ILE LD 49 -65.10 64.71 -111.72
CA ILE LD 49 -64.37 65.14 -112.90
C ILE LD 49 -62.95 64.63 -112.82
N ASP LD 50 -62.41 64.20 -113.96
CA ASP LD 50 -61.05 63.66 -114.05
C ASP LD 50 -60.12 64.62 -114.80
N SER LD 51 -59.01 64.94 -114.14
CA SER LD 51 -57.97 65.82 -114.68
C SER LD 51 -56.66 65.08 -114.93
N GLY LD 52 -56.70 63.75 -114.94
CA GLY LD 52 -55.52 62.90 -115.07
C GLY LD 52 -54.43 62.95 -114.02
N LYS LD 53 -53.24 63.44 -114.38
CA LYS LD 53 -52.18 63.59 -113.38
C LYS LD 53 -52.60 64.46 -112.20
N LEU LD 54 -53.65 65.25 -112.34
CA LEU LD 54 -54.12 66.10 -111.25
C LEU LD 54 -55.19 65.43 -110.41
N GLY LD 55 -55.59 64.21 -110.75
CA GLY LD 55 -56.65 63.51 -110.07
C GLY LD 55 -58.07 63.96 -110.33
N TYR LD 56 -58.95 63.50 -109.44
CA TYR LD 56 -60.37 63.79 -109.49
C TYR LD 56 -60.78 65.00 -108.66
N SER LD 57 -61.82 65.68 -109.13
CA SER LD 57 -62.43 66.83 -108.51
C SER LD 57 -63.92 66.56 -108.31
N ILE LD 58 -64.46 67.10 -107.24
CA ILE LD 58 -65.87 66.93 -106.87
C ILE LD 58 -66.52 68.30 -106.83
N THR LD 59 -67.68 68.42 -107.45
CA THR LD 59 -68.38 69.70 -107.49
C THR LD 59 -69.86 69.51 -107.23
N VAL LD 60 -70.47 70.56 -106.67
CA VAL LD 60 -71.88 70.61 -106.33
C VAL LD 60 -72.44 71.98 -106.63
N ALA LD 61 -73.78 72.06 -106.70
CA ALA LD 61 -74.46 73.34 -106.80
C ALA LD 61 -74.42 74.14 -105.51
N GLU LD 62 -74.58 75.45 -105.68
CA GLU LD 62 -74.58 76.39 -104.56
C GLU LD 62 -75.63 76.10 -103.51
N PRO LD 63 -76.90 75.89 -103.84
CA PRO LD 63 -77.87 75.55 -102.79
C PRO LD 63 -77.46 74.37 -101.92
N ASP LD 64 -76.62 73.48 -102.40
CA ASP LD 64 -76.19 72.32 -101.64
C ASP LD 64 -74.78 72.49 -101.05
N PHE LD 65 -74.11 73.59 -101.37
CA PHE LD 65 -72.74 73.78 -100.90
C PHE LD 65 -72.64 73.73 -99.38
N THR LD 66 -73.46 74.51 -98.68
CA THR LD 66 -73.42 74.52 -97.22
C THR LD 66 -73.54 73.13 -96.61
N ALA LD 67 -74.56 72.38 -97.00
CA ALA LD 67 -74.72 71.02 -96.50
C ALA LD 67 -73.50 70.17 -96.82
N ALA LD 68 -73.00 70.24 -98.04
CA ALA LD 68 -71.84 69.42 -98.38
C ALA LD 68 -70.65 69.73 -97.49
N VAL LD 69 -70.42 71.00 -97.20
CA VAL LD 69 -69.35 71.37 -96.29
C VAL LD 69 -69.56 70.76 -94.92
N TYR LD 70 -70.75 70.91 -94.36
CA TYR LD 70 -71.01 70.37 -93.03
C TYR LD 70 -70.84 68.86 -92.97
N TRP LD 71 -71.26 68.14 -93.98
CA TRP LD 71 -71.06 66.70 -93.95
C TRP LD 71 -69.60 66.29 -94.13
N ILE LD 72 -68.85 66.92 -95.04
CA ILE LD 72 -67.47 66.46 -95.14
C ILE LD 72 -66.70 66.79 -93.87
N LYS LD 73 -67.06 67.86 -93.18
CA LYS LD 73 -66.46 68.07 -91.87
C LYS LD 73 -66.85 66.96 -90.91
N THR LD 74 -68.13 66.65 -90.83
CA THR LD 74 -68.57 65.69 -89.82
C THR LD 74 -67.97 64.31 -90.02
N TYR LD 75 -67.95 63.82 -91.25
CA TYR LD 75 -67.30 62.53 -91.50
C TYR LD 75 -65.80 62.61 -91.67
N GLN LD 76 -65.18 63.78 -91.60
CA GLN LD 76 -63.73 63.89 -91.78
C GLN LD 76 -63.26 63.29 -93.10
N LEU LD 77 -63.95 63.61 -94.17
CA LEU LD 77 -63.54 63.13 -95.47
C LEU LD 77 -62.43 64.01 -96.00
N PRO LD 78 -61.64 63.53 -96.98
CA PRO LD 78 -61.53 62.20 -97.57
C PRO LD 78 -60.79 61.22 -96.67
N PRO LD 79 -61.03 59.93 -96.83
CA PRO LD 79 -60.43 58.96 -95.91
C PRO LD 79 -58.94 58.84 -96.15
N ARG LD 80 -58.19 58.86 -95.07
CA ARG LD 80 -56.77 58.58 -95.06
C ARG LD 80 -56.53 57.06 -95.10
N PRO LD 81 -55.41 56.63 -95.68
CA PRO LD 81 -55.28 55.21 -96.05
C PRO LD 81 -55.08 54.28 -94.88
N ARG LD 82 -55.31 52.99 -95.16
CA ARG LD 82 -55.22 51.94 -94.16
C ARG LD 82 -53.81 51.78 -93.60
N VAL LD 83 -53.71 51.73 -92.28
CA VAL LD 83 -52.45 51.51 -91.58
C VAL LD 83 -52.29 50.03 -91.28
N GLU LD 84 -51.11 49.49 -91.61
CA GLU LD 84 -50.75 48.11 -91.34
C GLU LD 84 -49.38 48.05 -90.69
N ILE LD 85 -49.24 47.20 -89.68
CA ILE LD 85 -48.06 47.27 -88.81
C ILE LD 85 -46.78 46.99 -89.58
N ALA LD 86 -46.84 46.13 -90.58
CA ALA LD 86 -45.69 45.87 -91.43
C ALA LD 86 -45.15 47.10 -92.14
N GLN LD 87 -45.88 48.21 -92.18
CA GLN LD 87 -45.31 49.44 -92.73
C GLN LD 87 -44.26 50.05 -91.83
N MET LD 88 -44.26 49.73 -90.55
CA MET LD 88 -43.33 50.35 -89.63
C MET LD 88 -41.98 49.67 -89.61
N PHE LD 89 -41.84 48.51 -90.23
CA PHE LD 89 -40.61 47.73 -90.17
C PHE LD 89 -40.29 47.24 -91.58
N PRO LD 90 -39.86 48.15 -92.45
CA PRO LD 90 -39.51 47.74 -93.82
C PRO LD 90 -38.42 46.68 -93.82
N ALA LD 91 -38.58 45.70 -94.70
CA ALA LD 91 -37.57 44.64 -94.87
C ALA LD 91 -36.26 45.15 -95.41
N ASP LD 92 -36.23 46.37 -95.98
CA ASP LD 92 -35.01 46.98 -96.48
C ASP LD 92 -34.02 47.36 -95.38
N SER LD 93 -34.37 47.24 -94.11
CA SER LD 93 -33.39 47.41 -93.05
C SER LD 93 -32.23 46.45 -93.23
N LEU LD 94 -31.06 46.89 -92.76
CA LEU LD 94 -29.82 46.18 -93.07
C LEU LD 94 -29.84 44.77 -92.48
N VAL LD 95 -29.95 44.68 -91.15
CA VAL LD 95 -30.13 43.41 -90.46
C VAL LD 95 -31.07 43.64 -89.29
N SER LD 96 -32.17 42.89 -89.26
CA SER LD 96 -33.26 43.19 -88.34
C SER LD 96 -33.00 42.59 -86.96
N SER LD 97 -33.52 43.26 -85.95
CA SER LD 97 -33.72 42.64 -84.65
C SER LD 97 -34.79 41.56 -84.77
N PRO LD 98 -34.83 40.63 -83.82
CA PRO LD 98 -35.97 39.69 -83.77
C PRO LD 98 -37.31 40.39 -83.73
N ARG LD 99 -37.36 41.56 -83.09
CA ARG LD 99 -38.63 42.21 -82.81
C ARG LD 99 -39.35 42.56 -84.12
N ALA LD 100 -38.60 43.13 -85.06
CA ALA LD 100 -39.20 43.50 -86.33
C ALA LD 100 -39.68 42.30 -87.13
N GLU LD 101 -38.90 41.22 -87.16
CA GLU LD 101 -39.36 40.02 -87.85
C GLU LD 101 -40.66 39.49 -87.25
N LYS LD 102 -40.68 39.35 -85.94
CA LYS LD 102 -41.88 38.86 -85.26
C LYS LD 102 -43.10 39.74 -85.54
N ALA LD 103 -42.93 41.05 -85.51
CA ALA LD 103 -44.05 41.93 -85.84
C ALA LD 103 -44.48 41.87 -87.30
N ARG LD 104 -43.55 41.73 -88.25
CA ARG LD 104 -43.97 41.49 -89.62
C ARG LD 104 -44.74 40.18 -89.79
N LEU LD 105 -44.35 39.15 -89.05
CA LEU LD 105 -45.07 37.89 -89.15
C LEU LD 105 -46.51 38.06 -88.70
N TYR LD 106 -46.70 38.52 -87.47
CA TYR LD 106 -48.07 38.68 -87.00
C TYR LD 106 -48.86 39.63 -87.88
N SER LD 107 -48.23 40.70 -88.35
CA SER LD 107 -48.93 41.62 -89.23
C SER LD 107 -49.32 41.00 -90.55
N ALA LD 108 -48.82 39.83 -90.88
CA ALA LD 108 -49.27 39.19 -92.12
C ALA LD 108 -50.32 38.12 -91.85
N ILE LD 109 -50.20 37.42 -90.73
CA ILE LD 109 -51.26 36.51 -90.30
C ILE LD 109 -52.59 37.23 -90.18
N GLU LD 110 -52.62 38.37 -89.52
CA GLU LD 110 -53.87 39.12 -89.38
C GLU LD 110 -54.55 39.39 -90.73
N GLN LD 111 -53.79 39.83 -91.71
CA GLN LD 111 -54.39 40.12 -93.01
C GLN LD 111 -54.87 38.86 -93.70
N ARG LD 112 -54.13 37.76 -93.58
CA ARG LD 112 -54.57 36.54 -94.22
C ARG LD 112 -55.84 35.99 -93.58
N LEU LD 113 -56.01 36.18 -92.28
CA LEU LD 113 -57.25 35.75 -91.65
C LEU LD 113 -58.42 36.60 -92.10
N GLU LD 114 -58.25 37.92 -92.14
CA GLU LD 114 -59.33 38.75 -92.66
C GLU LD 114 -59.77 38.28 -94.04
N GLN LD 115 -58.80 38.04 -94.92
CA GLN LD 115 -59.16 37.63 -96.27
C GLN LD 115 -59.81 36.26 -96.30
N SER LD 116 -59.55 35.42 -95.31
CA SER LD 116 -60.23 34.13 -95.32
C SER LD 116 -61.66 34.25 -94.79
N LEU LD 117 -61.85 35.01 -93.73
CA LEU LD 117 -63.22 35.22 -93.23
C LEU LD 117 -64.12 35.81 -94.29
N GLN LD 118 -63.60 36.69 -95.14
CA GLN LD 118 -64.48 37.22 -96.18
C GLN LD 118 -65.09 36.15 -97.07
N THR LD 119 -64.57 34.93 -97.08
CA THR LD 119 -65.15 33.90 -97.93
C THR LD 119 -66.29 33.12 -97.27
N MET LD 120 -66.52 33.24 -95.97
CA MET LD 120 -67.65 32.56 -95.38
C MET LD 120 -68.96 33.07 -95.98
N GLU LD 121 -69.98 32.24 -95.85
CA GLU LD 121 -71.31 32.52 -96.35
C GLU LD 121 -72.00 33.67 -95.65
N GLY LD 122 -72.35 34.70 -96.42
CA GLY LD 122 -73.02 35.88 -95.94
C GLY LD 122 -72.15 37.02 -95.47
N VAL LD 123 -70.90 36.77 -95.11
CA VAL LD 123 -70.07 37.86 -94.60
C VAL LD 123 -69.72 38.81 -95.72
N LEU LD 124 -69.85 40.11 -95.46
CA LEU LD 124 -69.46 41.14 -96.42
C LEU LD 124 -68.09 41.72 -96.13
N SER LD 125 -67.73 41.96 -94.87
CA SER LD 125 -66.40 42.46 -94.56
C SER LD 125 -66.10 42.15 -93.10
N ALA LD 126 -64.81 42.20 -92.77
CA ALA LD 126 -64.36 41.87 -91.43
C ALA LD 126 -63.06 42.57 -91.09
N ARG LD 127 -62.75 42.59 -89.79
CA ARG LD 127 -61.48 43.07 -89.26
C ARG LD 127 -61.04 42.14 -88.14
N VAL LD 128 -59.72 41.95 -88.01
CA VAL LD 128 -59.16 41.09 -86.98
C VAL LD 128 -58.01 41.81 -86.28
N HIS LD 129 -57.87 41.58 -84.97
CA HIS LD 129 -56.77 42.10 -84.18
C HIS LD 129 -56.20 40.99 -83.30
N ILE LD 130 -54.86 40.89 -83.26
CA ILE LD 130 -54.15 39.95 -82.40
C ILE LD 130 -53.34 40.67 -81.33
N SER LD 131 -53.27 40.07 -80.14
CA SER LD 131 -52.38 40.52 -79.07
C SER LD 131 -50.91 40.45 -79.42
N TYR LD 132 -50.24 41.57 -79.67
CA TYR LD 132 -48.81 41.58 -79.96
C TYR LD 132 -48.00 41.43 -78.67
N ASP LD 133 -47.59 40.21 -78.36
CA ASP LD 133 -46.68 39.98 -77.24
C ASP LD 133 -45.27 40.50 -77.52
N ILE LD 134 -44.97 40.82 -78.79
CA ILE LD 134 -43.64 41.26 -79.17
C ILE LD 134 -43.23 42.53 -78.46
N ASP LD 135 -44.19 43.25 -77.89
CA ASP LD 135 -43.88 44.42 -77.09
C ASP LD 135 -43.20 44.07 -75.78
N ALA LD 136 -43.02 42.79 -75.49
CA ALA LD 136 -42.03 42.34 -74.52
C ALA LD 136 -41.10 41.34 -75.20
N GLY LD 137 -39.85 41.32 -74.74
CA GLY LD 137 -38.90 40.36 -75.30
C GLY LD 137 -39.12 38.94 -74.84
N GLU LD 138 -39.71 38.76 -73.66
CA GLU LD 138 -39.94 37.43 -73.08
C GLU LD 138 -38.65 36.64 -72.91
N ASN LD 139 -37.49 37.32 -72.89
CA ASN LD 139 -36.22 36.62 -72.71
C ASN LD 139 -36.18 35.96 -71.33
N GLY LD 140 -36.09 34.63 -71.33
CA GLY LD 140 -36.18 33.91 -70.08
C GLY LD 140 -37.51 34.05 -69.38
N ARG LD 141 -38.55 34.49 -70.09
CA ARG LD 141 -39.86 34.67 -69.49
C ARG LD 141 -40.87 33.76 -70.17
N PRO LD 142 -41.84 33.25 -69.42
CA PRO LD 142 -42.87 32.42 -70.03
C PRO LD 142 -43.74 33.22 -70.97
N PRO LD 143 -44.03 32.70 -72.17
CA PRO LD 143 -44.81 33.47 -73.13
C PRO LD 143 -46.28 33.55 -72.72
N LYS LD 144 -46.84 34.74 -72.82
CA LYS LD 144 -48.23 34.97 -72.46
C LYS LD 144 -49.16 34.34 -73.50
N PRO LD 145 -50.36 33.96 -73.11
CA PRO LD 145 -51.33 33.43 -74.07
C PRO LD 145 -51.85 34.50 -75.04
N VAL LD 146 -52.33 34.01 -76.18
CA VAL LD 146 -52.87 34.84 -77.26
C VAL LD 146 -54.32 35.26 -77.01
N HIS LD 147 -54.64 36.48 -77.40
CA HIS LD 147 -55.99 37.05 -77.41
C HIS LD 147 -56.31 37.56 -78.81
N LEU LD 148 -57.57 37.42 -79.22
CA LEU LD 148 -58.04 37.80 -80.54
C LEU LD 148 -59.34 38.57 -80.46
N SER LD 149 -59.53 39.54 -81.35
CA SER LD 149 -60.81 40.21 -81.52
C SER LD 149 -61.20 40.36 -82.98
N ALA LD 150 -62.48 40.13 -83.29
CA ALA LD 150 -62.98 40.25 -84.66
C ALA LD 150 -64.27 41.05 -84.76
N LEU LD 151 -64.37 41.84 -85.82
CA LEU LD 151 -65.56 42.60 -86.19
C LEU LD 151 -66.05 42.13 -87.55
N ALA LD 152 -67.37 42.01 -87.74
CA ALA LD 152 -67.84 41.65 -89.07
C ALA LD 152 -69.24 42.19 -89.38
N VAL LD 153 -69.55 42.24 -90.68
CA VAL LD 153 -70.83 42.74 -91.17
C VAL LD 153 -71.54 41.66 -91.99
N TYR LD 154 -72.84 41.49 -91.75
CA TYR LD 154 -73.67 40.46 -92.37
C TYR LD 154 -74.80 41.00 -93.23
N GLU LD 155 -75.21 40.16 -94.17
CA GLU LD 155 -76.43 40.38 -94.95
C GLU LD 155 -77.66 40.37 -94.05
N ARG LD 156 -78.65 41.15 -94.45
CA ARG LD 156 -79.92 41.25 -93.73
C ARG LD 156 -80.65 39.91 -93.64
N GLY LD 157 -81.16 39.61 -92.45
CA GLY LD 157 -81.88 38.38 -92.19
C GLY LD 157 -81.04 37.19 -91.77
N SER LD 158 -79.89 37.43 -91.20
CA SER LD 158 -78.96 36.42 -90.72
C SER LD 158 -79.10 36.19 -89.22
N PRO LD 159 -79.23 34.96 -88.73
CA PRO LD 159 -79.26 34.73 -87.29
C PRO LD 159 -77.88 34.84 -86.66
N LEU LD 160 -77.55 36.09 -86.32
CA LEU LD 160 -76.25 36.44 -85.79
C LEU LD 160 -75.86 35.57 -84.60
N ALA LD 161 -76.78 35.40 -83.66
CA ALA LD 161 -76.49 34.58 -82.50
C ALA LD 161 -76.01 33.19 -82.90
N HIS LD 162 -76.70 32.56 -83.83
CA HIS LD 162 -76.26 31.24 -84.27
C HIS LD 162 -75.00 31.28 -85.10
N GLN LD 163 -74.63 32.42 -85.67
CA GLN LD 163 -73.42 32.47 -86.49
C GLN LD 163 -72.15 32.82 -85.75
N ILE LD 164 -72.24 33.31 -84.52
CA ILE LD 164 -71.01 33.58 -83.77
C ILE LD 164 -70.21 32.31 -83.53
N SER LD 165 -70.90 31.19 -83.30
CA SER LD 165 -70.24 29.91 -83.05
C SER LD 165 -69.25 29.54 -84.14
N ASP LD 166 -69.66 29.60 -85.40
CA ASP LD 166 -68.75 29.27 -86.49
C ASP LD 166 -67.45 30.06 -86.42
N ILE LD 167 -67.55 31.38 -86.30
CA ILE LD 167 -66.35 32.20 -86.21
C ILE LD 167 -65.47 31.75 -85.05
N LYS LD 168 -66.01 31.66 -83.85
CA LYS LD 168 -65.17 31.21 -82.75
C LYS LD 168 -64.49 29.88 -83.04
N ARG LD 169 -65.24 28.89 -83.52
CA ARG LD 169 -64.65 27.59 -83.84
C ARG LD 169 -63.51 27.73 -84.84
N PHE LD 170 -63.72 28.48 -85.90
CA PHE LD 170 -62.68 28.63 -86.91
C PHE LD 170 -61.44 29.33 -86.39
N LEU LD 171 -61.61 30.38 -85.59
CA LEU LD 171 -60.44 31.09 -85.07
C LEU LD 171 -59.66 30.30 -84.05
N LYS LD 172 -60.35 29.60 -83.16
CA LYS LD 172 -59.66 28.87 -82.09
C LYS LD 172 -58.50 28.02 -82.57
N ASN LD 173 -58.67 27.27 -83.63
CA ASN LD 173 -57.60 26.39 -84.09
C ASN LD 173 -56.54 27.03 -84.97
N SER LD 174 -56.59 28.32 -85.23
CA SER LD 174 -55.54 28.92 -86.04
C SER LD 174 -54.29 29.22 -85.23
N PHE LD 175 -54.30 29.01 -83.91
CA PHE LD 175 -53.17 29.32 -83.06
C PHE LD 175 -52.91 28.19 -82.07
N ALA LD 176 -51.67 28.15 -81.60
CA ALA LD 176 -51.23 27.12 -80.67
C ALA LD 176 -51.98 27.09 -79.35
N ASP LD 177 -52.42 28.23 -78.83
CA ASP LD 177 -53.07 28.22 -77.51
C ASP LD 177 -54.06 29.38 -77.42
N VAL LD 178 -55.33 29.06 -77.56
CA VAL LD 178 -56.39 30.05 -77.50
C VAL LD 178 -57.58 29.43 -76.79
N ASP LD 179 -58.21 30.20 -75.93
CA ASP LD 179 -59.39 29.76 -75.20
C ASP LD 179 -60.60 30.53 -75.71
N TYR LD 180 -61.73 29.84 -75.78
CA TYR LD 180 -62.95 30.52 -76.19
C TYR LD 180 -63.21 31.75 -75.35
N ASP LD 181 -62.82 31.73 -74.09
CA ASP LD 181 -63.00 32.91 -73.27
C ASP LD 181 -62.22 34.12 -73.77
N ASN LD 182 -61.10 33.91 -74.42
CA ASN LD 182 -60.23 34.99 -74.88
C ASN LD 182 -60.54 35.50 -76.28
N ILE LD 183 -61.66 35.13 -76.88
CA ILE LD 183 -62.00 35.57 -78.24
C ILE LD 183 -63.26 36.41 -78.17
N SER LD 184 -63.15 37.67 -78.61
CA SER LD 184 -64.25 38.61 -78.69
C SER LD 184 -64.71 38.76 -80.13
N VAL LD 185 -66.03 38.69 -80.35
CA VAL LD 185 -66.62 38.77 -81.68
C VAL LD 185 -67.80 39.72 -81.64
N VAL LD 186 -67.80 40.70 -82.55
CA VAL LD 186 -68.88 41.67 -82.68
C VAL LD 186 -69.40 41.67 -84.12
N LEU LD 187 -70.71 41.51 -84.28
CA LEU LD 187 -71.38 41.43 -85.57
C LEU LD 187 -72.41 42.52 -85.72
N SER LD 188 -72.62 42.95 -86.97
CA SER LD 188 -73.63 43.96 -87.25
C SER LD 188 -74.18 43.71 -88.65
N GLU LD 189 -75.39 44.18 -88.90
CA GLU LD 189 -76.02 44.08 -90.22
C GLU LD 189 -75.79 45.29 -91.11
N ARG LD 190 -75.84 45.01 -92.42
CA ARG LD 190 -75.85 46.02 -93.45
C ARG LD 190 -77.04 46.96 -93.29
N SER LD 191 -76.78 48.25 -93.50
CA SER LD 191 -77.81 49.28 -93.53
C SER LD 191 -78.68 49.15 -94.78
N ASP LD 192 -79.80 49.88 -94.76
CA ASP LD 192 -80.69 49.97 -95.91
C ASP LD 192 -79.99 50.42 -97.19
N ALA LD 193 -80.38 49.80 -98.30
CA ALA LD 193 -79.83 50.10 -99.62
C ALA LD 193 -80.29 51.45 -100.19
N GLN LD 194 -79.33 52.21 -100.70
CA GLN LD 194 -79.54 53.47 -101.42
C GLN LD 194 -79.65 53.25 -102.92
N LEU LD 195 -80.87 53.03 -103.40
CA LEU LD 195 -81.13 52.70 -104.80
C LEU LD 195 -81.68 53.88 -105.60
N GLN LD 196 -82.57 54.68 -105.03
CA GLN LD 196 -83.11 55.82 -105.76
C GLN LD 196 -82.14 56.99 -105.77
N ALA LD 197 -82.08 57.67 -106.92
CA ALA LD 197 -81.21 58.82 -107.11
C ALA LD 197 -81.71 60.07 -106.39
N PRO LD 198 -80.79 60.93 -105.93
CA PRO LD 198 -81.21 62.20 -105.32
C PRO LD 198 -81.85 63.15 -106.31
N GLY LD 199 -82.68 64.03 -105.77
CA GLY LD 199 -83.33 65.06 -106.57
C GLY LD 199 -82.45 66.25 -106.90
N THR LD 200 -82.59 66.75 -108.13
CA THR LD 200 -81.83 67.90 -108.61
C THR LD 200 -82.45 69.20 -108.07
N PRO LD 201 -81.64 70.13 -107.58
CA PRO LD 201 -82.17 71.43 -107.15
C PRO LD 201 -83.02 72.12 -108.20
N VAL LD 202 -84.11 72.74 -107.76
CA VAL LD 202 -84.99 73.50 -108.63
C VAL LD 202 -84.34 74.83 -108.99
N ASP MD 20 -72.31 57.81 -120.46
CA ASP MD 20 -71.85 56.82 -119.50
C ASP MD 20 -70.91 57.46 -118.49
N LYS MD 21 -70.96 57.00 -117.26
CA LYS MD 21 -70.12 57.54 -116.19
C LYS MD 21 -69.03 56.55 -115.82
N ASP MD 22 -67.82 57.07 -115.62
CA ASP MD 22 -66.68 56.25 -115.20
C ASP MD 22 -66.72 55.94 -113.72
N LEU MD 23 -66.75 54.64 -113.40
CA LEU MD 23 -66.61 54.18 -112.03
C LEU MD 23 -65.14 53.99 -111.68
N LEU MD 24 -64.43 53.19 -112.47
CA LEU MD 24 -63.09 52.75 -112.13
C LEU MD 24 -62.23 52.69 -113.39
N LYS MD 25 -60.95 52.94 -113.21
CA LYS MD 25 -59.98 52.91 -114.31
C LYS MD 25 -58.71 52.20 -113.87
N GLY MD 26 -57.96 51.74 -114.87
CA GLY MD 26 -56.71 51.06 -114.65
C GLY MD 26 -56.80 49.77 -113.87
N LEU MD 27 -57.91 49.08 -113.97
CA LEU MD 27 -58.08 47.80 -113.30
C LEU MD 27 -57.31 46.72 -114.05
N ASP MD 28 -56.97 45.66 -113.34
CA ASP MD 28 -56.45 44.45 -113.95
C ASP MD 28 -57.58 43.53 -114.36
N GLN MD 29 -57.22 42.52 -115.15
CA GLN MD 29 -58.18 41.54 -115.64
C GLN MD 29 -59.02 40.91 -114.53
N GLU MD 30 -58.40 40.57 -113.42
CA GLU MD 30 -59.12 39.83 -112.38
C GLU MD 30 -60.06 40.74 -111.62
N GLN MD 31 -59.61 41.95 -111.30
CA GLN MD 31 -60.47 42.89 -110.61
C GLN MD 31 -61.64 43.29 -111.49
N ALA MD 32 -61.39 43.50 -112.77
CA ALA MD 32 -62.47 43.78 -113.69
C ALA MD 32 -63.54 42.71 -113.64
N ASN MD 33 -63.14 41.44 -113.80
CA ASN MD 33 -64.14 40.39 -113.82
C ASN MD 33 -64.84 40.18 -112.49
N GLU MD 34 -64.21 40.54 -111.38
CA GLU MD 34 -64.91 40.51 -110.10
C GLU MD 34 -65.99 41.58 -110.02
N VAL MD 35 -65.62 42.82 -110.36
CA VAL MD 35 -66.59 43.90 -110.31
C VAL MD 35 -67.78 43.60 -111.20
N ILE MD 36 -67.53 43.19 -112.44
CA ILE MD 36 -68.63 42.80 -113.32
C ILE MD 36 -69.54 41.77 -112.68
N ALA MD 37 -68.98 40.71 -112.11
CA ALA MD 37 -69.84 39.70 -111.49
C ALA MD 37 -70.71 40.27 -110.38
N VAL MD 38 -70.13 41.08 -109.51
CA VAL MD 38 -70.91 41.66 -108.42
C VAL MD 38 -72.01 42.58 -108.94
N LEU MD 39 -71.72 43.41 -109.94
CA LEU MD 39 -72.78 44.30 -110.41
C LEU MD 39 -73.90 43.50 -111.07
N GLN MD 40 -73.58 42.60 -112.00
CA GLN MD 40 -74.64 41.80 -112.60
C GLN MD 40 -75.53 41.12 -111.58
N MET MD 41 -74.97 40.64 -110.48
CA MET MD 41 -75.82 39.99 -109.50
C MET MD 41 -76.96 40.90 -109.02
N HIS MD 42 -76.73 42.21 -108.92
CA HIS MD 42 -77.76 43.14 -108.46
C HIS MD 42 -78.58 43.77 -109.58
N ASN MD 43 -78.60 43.19 -110.76
CA ASN MD 43 -79.34 43.72 -111.90
C ASN MD 43 -78.81 45.05 -112.44
N ILE MD 44 -77.50 45.21 -112.45
CA ILE MD 44 -76.87 46.41 -112.99
C ILE MD 44 -76.08 46.00 -114.23
N GLU MD 45 -76.49 46.52 -115.39
CA GLU MD 45 -75.75 46.31 -116.63
C GLU MD 45 -74.49 47.17 -116.67
N ALA MD 46 -73.33 46.52 -116.79
CA ALA MD 46 -72.05 47.22 -116.75
C ALA MD 46 -71.27 46.88 -118.01
N ASN MD 47 -70.28 47.72 -118.33
CA ASN MD 47 -69.45 47.50 -119.50
C ASN MD 47 -67.98 47.61 -119.16
N LYS MD 48 -67.21 46.71 -119.77
CA LYS MD 48 -65.76 46.62 -119.62
C LYS MD 48 -65.08 47.11 -120.89
N ILE MD 49 -64.16 48.05 -120.75
CA ILE MD 49 -63.45 48.67 -121.86
C ILE MD 49 -61.97 48.46 -121.63
N ASP MD 50 -61.24 48.18 -122.69
CA ASP MD 50 -59.82 47.93 -122.67
C ASP MD 50 -59.02 49.07 -123.30
N SER MD 51 -58.07 49.61 -122.54
CA SER MD 51 -57.19 50.68 -122.98
C SER MD 51 -55.75 50.21 -123.11
N GLY MD 52 -55.54 48.89 -123.11
CA GLY MD 52 -54.24 48.26 -123.12
C GLY MD 52 -53.30 48.52 -121.96
N LYS MD 53 -52.20 49.22 -122.21
CA LYS MD 53 -51.27 49.51 -121.12
C LYS MD 53 -51.88 50.36 -120.02
N LEU MD 54 -53.06 50.94 -120.22
CA LEU MD 54 -53.72 51.72 -119.20
C LEU MD 54 -54.78 50.93 -118.45
N GLY MD 55 -54.90 49.64 -118.73
CA GLY MD 55 -55.87 48.76 -118.12
C GLY MD 55 -57.32 48.89 -118.59
N TYR MD 56 -58.18 48.31 -117.77
CA TYR MD 56 -59.62 48.29 -117.97
C TYR MD 56 -60.37 49.39 -117.27
N SER MD 57 -61.48 49.79 -117.89
CA SER MD 57 -62.39 50.80 -117.42
C SER MD 57 -63.77 50.20 -117.35
N ILE MD 58 -64.56 50.64 -116.38
CA ILE MD 58 -65.92 50.16 -116.15
C ILE MD 58 -66.88 51.31 -116.26
N THR MD 59 -67.96 51.12 -117.01
CA THR MD 59 -68.94 52.19 -117.19
C THR MD 59 -70.36 51.64 -117.07
N VAL MD 60 -71.26 52.52 -116.62
CA VAL MD 60 -72.67 52.21 -116.43
C VAL MD 60 -73.52 53.40 -116.86
N ALA MD 61 -74.81 53.12 -117.05
CA ALA MD 61 -75.79 54.18 -117.29
C ALA MD 61 -76.09 55.00 -116.03
N GLU MD 62 -76.54 56.22 -116.28
CA GLU MD 62 -76.90 57.14 -115.20
C GLU MD 62 -77.97 56.62 -114.25
N PRO MD 63 -79.11 56.12 -114.72
CA PRO MD 63 -80.09 55.56 -113.77
C PRO MD 63 -79.54 54.52 -112.83
N ASP MD 64 -78.46 53.84 -113.19
CA ASP MD 64 -77.87 52.80 -112.35
C ASP MD 64 -76.63 53.28 -111.61
N PHE MD 65 -76.19 54.51 -111.88
CA PHE MD 65 -74.97 55.01 -111.27
C PHE MD 65 -75.03 54.99 -109.74
N THR MD 66 -76.08 55.55 -109.16
CA THR MD 66 -76.22 55.58 -107.71
C THR MD 66 -76.08 54.20 -107.06
N ALA MD 67 -76.85 53.24 -107.54
CA ALA MD 67 -76.74 51.88 -107.02
C ALA MD 67 -75.35 51.32 -107.18
N ALA MD 68 -74.75 51.48 -108.36
CA ALA MD 68 -73.39 50.99 -108.56
C ALA MD 68 -72.43 51.54 -107.52
N VAL MD 69 -72.48 52.83 -107.26
CA VAL MD 69 -71.63 53.42 -106.24
C VAL MD 69 -71.88 52.78 -104.88
N TYR MD 70 -73.15 52.66 -104.49
CA TYR MD 70 -73.44 52.08 -103.18
C TYR MD 70 -72.91 50.67 -103.03
N TRP MD 71 -73.03 49.84 -104.05
CA TRP MD 71 -72.51 48.48 -103.92
C TRP MD 71 -70.99 48.43 -104.00
N ILE MD 72 -70.35 49.27 -104.79
CA ILE MD 72 -68.90 49.35 -104.74
C ILE MD 72 -68.43 49.66 -103.34
N LYS MD 73 -69.10 50.59 -102.67
CA LYS MD 73 -68.73 50.85 -101.28
C LYS MD 73 -68.98 49.64 -100.41
N THR MD 74 -70.17 49.06 -100.48
CA THR MD 74 -70.51 48.03 -99.52
C THR MD 74 -69.62 46.80 -99.66
N TYR MD 75 -69.19 46.45 -100.86
CA TYR MD 75 -68.26 45.34 -101.01
C TYR MD 75 -66.79 45.75 -100.99
N GLN MD 76 -66.48 47.03 -100.82
CA GLN MD 76 -65.08 47.44 -100.80
C GLN MD 76 -64.32 47.04 -102.05
N LEU MD 77 -64.94 47.18 -103.21
CA LEU MD 77 -64.30 46.84 -104.45
C LEU MD 77 -63.38 47.99 -104.88
N PRO MD 78 -62.42 47.72 -105.77
CA PRO MD 78 -61.91 46.48 -106.34
C PRO MD 78 -61.10 45.70 -105.35
N PRO MD 79 -61.04 44.38 -105.50
CA PRO MD 79 -60.44 43.57 -104.44
C PRO MD 79 -58.93 43.74 -104.39
N ARG MD 80 -58.40 43.67 -103.18
CA ARG MD 80 -56.97 43.67 -102.95
C ARG MD 80 -56.34 42.37 -103.43
N PRO MD 81 -55.02 42.37 -103.66
CA PRO MD 81 -54.33 41.14 -104.01
C PRO MD 81 -54.19 40.20 -102.83
N ARG MD 82 -54.10 38.90 -103.14
CA ARG MD 82 -53.95 37.89 -102.10
C ARG MD 82 -52.64 38.07 -101.35
N VAL MD 83 -52.67 37.77 -100.05
CA VAL MD 83 -51.49 37.77 -99.19
C VAL MD 83 -51.02 36.34 -98.97
N GLU MD 84 -49.71 36.14 -99.05
CA GLU MD 84 -49.08 34.91 -98.62
C GLU MD 84 -47.82 35.24 -97.82
N ILE MD 85 -47.59 34.51 -96.74
CA ILE MD 85 -46.59 34.93 -95.77
C ILE MD 85 -45.21 34.97 -96.39
N ALA MD 86 -44.92 34.09 -97.34
CA ALA MD 86 -43.64 34.09 -98.02
C ALA MD 86 -43.28 35.41 -98.68
N GLN MD 87 -44.20 36.35 -98.83
CA GLN MD 87 -43.82 37.65 -99.35
C GLN MD 87 -43.13 38.53 -98.33
N MET MD 88 -43.28 38.26 -97.05
CA MET MD 88 -42.66 39.08 -96.02
C MET MD 88 -41.21 38.72 -95.77
N PHE MD 89 -40.76 37.56 -96.23
CA PHE MD 89 -39.41 37.07 -95.98
C PHE MD 89 -38.76 36.64 -97.28
N PRO MD 90 -38.49 37.59 -98.17
CA PRO MD 90 -38.07 37.24 -99.52
C PRO MD 90 -36.80 36.41 -99.48
N ALA MD 91 -36.77 35.35 -100.28
CA ALA MD 91 -35.69 34.37 -100.27
C ALA MD 91 -34.37 34.92 -100.79
N ASP MD 92 -34.31 36.21 -101.11
CA ASP MD 92 -33.17 36.77 -101.82
C ASP MD 92 -32.06 37.29 -100.91
N SER MD 93 -32.32 37.51 -99.63
CA SER MD 93 -31.28 38.01 -98.75
C SER MD 93 -30.25 36.92 -98.45
N LEU MD 94 -29.00 37.35 -98.30
CA LEU MD 94 -27.92 36.41 -97.97
C LEU MD 94 -28.02 35.95 -96.52
N VAL MD 95 -28.30 36.87 -95.60
CA VAL MD 95 -28.76 36.48 -94.27
C VAL MD 95 -30.14 35.87 -94.37
N SER MD 96 -30.38 34.81 -93.59
CA SER MD 96 -31.73 34.31 -93.39
C SER MD 96 -31.75 33.58 -92.06
N SER MD 97 -32.50 34.11 -91.11
CA SER MD 97 -32.58 33.50 -89.82
C SER MD 97 -33.31 32.16 -89.89
N PRO MD 98 -33.13 31.32 -88.89
CA PRO MD 98 -33.99 30.14 -88.75
C PRO MD 98 -35.46 30.46 -88.78
N ARG MD 99 -35.86 31.61 -88.25
CA ARG MD 99 -37.26 31.99 -88.32
C ARG MD 99 -37.70 32.21 -89.76
N ALA MD 100 -36.91 32.95 -90.53
CA ALA MD 100 -37.33 33.21 -91.90
C ALA MD 100 -37.42 31.91 -92.69
N GLU MD 101 -36.45 31.01 -92.51
CA GLU MD 101 -36.52 29.75 -93.24
C GLU MD 101 -37.76 28.97 -92.86
N LYS MD 102 -38.12 29.00 -91.58
CA LYS MD 102 -39.20 28.17 -91.09
C LYS MD 102 -40.53 28.72 -91.57
N ALA MD 103 -40.64 30.03 -91.61
CA ALA MD 103 -41.83 30.67 -92.12
C ALA MD 103 -42.03 30.35 -93.59
N ARG MD 104 -41.00 30.54 -94.41
CA ARG MD 104 -41.17 30.15 -95.82
C ARG MD 104 -41.66 28.71 -95.96
N LEU MD 105 -41.05 27.79 -95.24
CA LEU MD 105 -41.49 26.39 -95.32
C LEU MD 105 -43.00 26.22 -95.08
N TYR MD 106 -43.47 26.68 -93.91
CA TYR MD 106 -44.90 26.58 -93.62
C TYR MD 106 -45.76 27.28 -94.67
N SER MD 107 -45.32 28.43 -95.14
CA SER MD 107 -46.10 29.16 -96.12
C SER MD 107 -46.14 28.48 -97.47
N ALA MD 108 -45.28 27.50 -97.71
CA ALA MD 108 -45.42 26.72 -98.93
C ALA MD 108 -46.26 25.49 -98.72
N ILE MD 109 -46.25 24.93 -97.51
CA ILE MD 109 -47.12 23.78 -97.25
C ILE MD 109 -48.59 24.18 -97.27
N GLU MD 110 -48.95 25.32 -96.67
CA GLU MD 110 -50.34 25.79 -96.74
C GLU MD 110 -50.86 25.83 -98.17
N GLN MD 111 -50.10 26.41 -99.08
CA GLN MD 111 -50.55 26.50 -100.46
C GLN MD 111 -50.68 25.14 -101.11
N ARG MD 112 -49.69 24.27 -100.91
CA ARG MD 112 -49.77 22.97 -101.55
C ARG MD 112 -50.97 22.17 -101.05
N LEU MD 113 -51.36 22.33 -99.79
CA LEU MD 113 -52.55 21.64 -99.31
C LEU MD 113 -53.83 22.25 -99.89
N GLU MD 114 -53.93 23.56 -99.96
CA GLU MD 114 -55.10 24.13 -100.63
C GLU MD 114 -55.26 23.55 -102.03
N GLN MD 115 -54.17 23.50 -102.78
CA GLN MD 115 -54.25 22.99 -104.13
C GLN MD 115 -54.55 21.50 -104.16
N SER MD 116 -54.27 20.78 -103.10
CA SER MD 116 -54.61 19.36 -103.13
C SER MD 116 -56.09 19.16 -102.82
N LEU MD 117 -56.62 19.88 -101.82
CA LEU MD 117 -58.03 19.74 -101.53
C LEU MD 117 -58.91 20.13 -102.70
N GLN MD 118 -58.50 21.10 -103.51
CA GLN MD 118 -59.32 21.40 -104.67
C GLN MD 118 -59.50 20.24 -105.61
N THR MD 119 -58.72 19.18 -105.48
CA THR MD 119 -58.91 18.00 -106.33
C THR MD 119 -59.92 17.00 -105.77
N MET MD 120 -60.34 17.14 -104.53
CA MET MD 120 -61.31 16.20 -103.98
C MET MD 120 -62.67 16.38 -104.66
N GLU MD 121 -63.45 15.31 -104.65
CA GLU MD 121 -64.70 15.21 -105.37
C GLU MD 121 -65.74 16.26 -105.00
N GLY MD 122 -66.07 17.13 -105.94
CA GLY MD 122 -67.13 18.10 -105.77
C GLY MD 122 -66.81 19.30 -104.90
N VAL MD 123 -65.55 19.48 -104.52
CA VAL MD 123 -65.11 20.72 -103.90
C VAL MD 123 -64.86 21.76 -104.97
N LEU MD 124 -65.30 23.00 -104.72
CA LEU MD 124 -65.07 24.09 -105.66
C LEU MD 124 -63.90 24.97 -105.24
N SER MD 125 -63.75 25.26 -103.96
CA SER MD 125 -62.59 26.01 -103.50
C SER MD 125 -62.44 25.80 -102.01
N ALA MD 126 -61.24 26.11 -101.51
CA ALA MD 126 -60.94 25.88 -100.10
C ALA MD 126 -59.83 26.81 -99.67
N ARG MD 127 -59.72 26.95 -98.35
CA ARG MD 127 -58.61 27.68 -97.73
C ARG MD 127 -58.14 26.93 -96.50
N VAL MD 128 -56.84 26.98 -96.23
CA VAL MD 128 -56.25 26.26 -95.11
C VAL MD 128 -55.33 27.19 -94.33
N HIS MD 129 -55.31 27.03 -93.00
CA HIS MD 129 -54.45 27.78 -92.11
C HIS MD 129 -53.74 26.84 -91.15
N ILE MD 130 -52.46 27.12 -90.89
CA ILE MD 130 -51.63 26.35 -89.96
C ILE MD 130 -51.18 27.25 -88.82
N SER MD 131 -51.12 26.70 -87.61
CA SER MD 131 -50.56 27.47 -86.50
C SER MD 131 -49.06 27.63 -86.70
N TYR MD 132 -48.60 28.88 -86.86
CA TYR MD 132 -47.17 29.18 -86.98
C TYR MD 132 -46.48 29.10 -85.62
N ASP MD 133 -46.19 27.90 -85.17
CA ASP MD 133 -45.53 27.74 -83.88
C ASP MD 133 -44.12 28.32 -83.88
N ILE MD 134 -43.67 28.83 -85.02
CA ILE MD 134 -42.42 29.57 -85.12
C ILE MD 134 -42.46 30.87 -84.34
N ASP MD 135 -43.65 31.41 -84.08
CA ASP MD 135 -43.77 32.78 -83.63
C ASP MD 135 -42.97 33.04 -82.37
N ALA MD 136 -42.62 31.99 -81.64
CA ALA MD 136 -41.45 31.98 -80.78
C ALA MD 136 -40.56 30.83 -81.22
N GLY MD 137 -39.28 31.12 -81.44
CA GLY MD 137 -38.47 30.27 -82.28
C GLY MD 137 -38.24 28.88 -81.76
N GLU MD 138 -38.83 28.51 -80.64
CA GLU MD 138 -38.53 27.25 -79.97
C GLU MD 138 -37.08 27.12 -79.53
N ASN MD 139 -36.36 28.24 -79.48
CA ASN MD 139 -35.03 28.25 -78.86
C ASN MD 139 -35.19 28.14 -77.35
N GLY MD 140 -34.77 27.02 -76.79
CA GLY MD 140 -34.83 26.78 -75.36
C GLY MD 140 -36.19 26.43 -74.82
N ARG MD 141 -37.23 26.32 -75.66
CA ARG MD 141 -38.54 25.95 -75.20
C ARG MD 141 -39.04 24.74 -75.98
N PRO MD 142 -39.69 23.79 -75.31
CA PRO MD 142 -40.14 22.57 -76.00
C PRO MD 142 -41.26 22.87 -76.97
N PRO MD 143 -41.24 22.28 -78.16
CA PRO MD 143 -42.15 22.69 -79.23
C PRO MD 143 -43.59 22.27 -78.97
N LYS MD 144 -44.57 23.10 -79.48
CA LYS MD 144 -46.00 22.91 -79.34
C LYS MD 144 -46.55 22.02 -80.45
N PRO MD 145 -47.65 21.31 -80.21
CA PRO MD 145 -48.33 20.60 -81.29
C PRO MD 145 -49.08 21.52 -82.23
N VAL MD 146 -49.12 21.12 -83.50
CA VAL MD 146 -49.73 21.91 -84.56
C VAL MD 146 -51.26 21.90 -84.48
N HIS MD 147 -51.87 22.99 -84.93
CA HIS MD 147 -53.29 23.10 -85.17
C HIS MD 147 -53.57 23.51 -86.61
N LEU MD 148 -54.74 23.10 -87.13
CA LEU MD 148 -55.13 23.32 -88.52
C LEU MD 148 -56.57 23.79 -88.61
N SER MD 149 -56.85 24.67 -89.57
CA SER MD 149 -58.23 25.08 -89.84
C SER MD 149 -58.49 25.14 -91.34
N ALA MD 150 -59.68 24.74 -91.77
CA ALA MD 150 -60.01 24.76 -93.19
C ALA MD 150 -61.44 25.18 -93.45
N LEU MD 151 -61.61 25.85 -94.59
CA LEU MD 151 -62.90 26.31 -95.10
C LEU MD 151 -63.10 25.74 -96.49
N ALA MD 152 -64.33 25.37 -96.84
CA ALA MD 152 -64.54 24.88 -98.21
C ALA MD 152 -65.96 25.10 -98.70
N VAL MD 153 -66.09 25.17 -100.02
CA VAL MD 153 -67.37 25.33 -100.69
C VAL MD 153 -67.67 24.10 -101.55
N TYR MD 154 -68.88 23.57 -101.42
CA TYR MD 154 -69.35 22.39 -102.13
C TYR MD 154 -70.43 22.68 -103.15
N GLU MD 155 -70.51 21.80 -104.14
CA GLU MD 155 -71.64 21.79 -105.06
C GLU MD 155 -72.94 21.47 -104.32
N ARG MD 156 -74.03 22.02 -104.83
CA ARG MD 156 -75.35 21.80 -104.25
C ARG MD 156 -75.72 20.32 -104.23
N GLY MD 157 -76.28 19.90 -103.10
CA GLY MD 157 -76.69 18.52 -102.91
C GLY MD 157 -75.65 17.57 -102.36
N SER MD 158 -74.66 18.07 -101.65
CA SER MD 158 -73.58 17.31 -101.04
C SER MD 158 -73.87 17.03 -99.56
N PRO MD 159 -73.77 15.79 -99.07
CA PRO MD 159 -73.95 15.56 -97.63
C PRO MD 159 -72.74 15.99 -96.83
N LEU MD 160 -72.76 17.28 -96.49
CA LEU MD 160 -71.67 17.93 -95.79
C LEU MD 160 -71.28 17.18 -94.53
N ALA MD 161 -72.26 16.78 -93.74
CA ALA MD 161 -71.99 16.05 -92.51
C ALA MD 161 -71.14 14.82 -92.79
N HIS MD 162 -71.49 14.04 -93.80
CA HIS MD 162 -70.71 12.86 -94.09
C HIS MD 162 -69.41 13.15 -94.81
N GLN MD 163 -69.21 14.37 -95.30
CA GLN MD 163 -67.96 14.72 -95.96
C GLN MD 163 -66.93 15.34 -95.04
N ILE MD 164 -67.31 15.76 -93.84
CA ILE MD 164 -66.28 16.30 -92.94
C ILE MD 164 -65.26 15.24 -92.56
N SER MD 165 -65.71 14.00 -92.39
CA SER MD 165 -64.80 12.92 -92.01
C SER MD 165 -63.62 12.78 -92.96
N ASP MD 166 -63.88 12.73 -94.27
CA ASP MD 166 -62.78 12.61 -95.22
C ASP MD 166 -61.73 13.71 -95.04
N ILE MD 167 -62.17 14.96 -94.97
CA ILE MD 167 -61.22 16.05 -94.78
C ILE MD 167 -60.40 15.84 -93.51
N LYS MD 168 -61.05 15.63 -92.39
CA LYS MD 168 -60.28 15.40 -91.17
C LYS MD 168 -59.27 14.27 -91.31
N ARG MD 169 -59.71 13.12 -91.83
CA ARG MD 169 -58.79 12.01 -92.03
C ARG MD 169 -57.61 12.39 -92.90
N PHE MD 170 -57.85 13.06 -94.01
CA PHE MD 170 -56.76 13.44 -94.90
C PHE MD 170 -55.78 14.40 -94.25
N LEU MD 171 -56.28 15.40 -93.53
CA LEU MD 171 -55.38 16.37 -92.91
C LEU MD 171 -54.58 15.78 -91.76
N LYS MD 172 -55.20 14.93 -90.95
CA LYS MD 172 -54.50 14.39 -89.78
C LYS MD 172 -53.11 13.84 -90.07
N ASN MD 173 -52.94 13.08 -91.13
CA ASN MD 173 -51.63 12.49 -91.42
C ASN MD 173 -50.65 13.38 -92.15
N SER MD 174 -50.99 14.63 -92.44
CA SER MD 174 -50.02 15.47 -93.13
C SER MD 174 -48.96 16.06 -92.20
N PHE MD 175 -49.06 15.83 -90.89
CA PHE MD 175 -48.14 16.40 -89.92
C PHE MD 175 -47.77 15.37 -88.87
N ALA MD 176 -46.62 15.59 -88.25
CA ALA MD 176 -46.07 14.68 -87.24
C ALA MD 176 -46.97 14.49 -86.02
N ASP MD 177 -47.73 15.49 -85.59
CA ASP MD 177 -48.53 15.32 -84.37
C ASP MD 177 -49.76 16.21 -84.44
N VAL MD 178 -50.89 15.60 -84.75
CA VAL MD 178 -52.14 16.32 -84.86
C VAL MD 178 -53.24 15.42 -84.32
N ASP MD 179 -54.16 16.01 -83.56
CA ASP MD 179 -55.31 15.32 -83.01
C ASP MD 179 -56.57 15.81 -83.68
N TYR MD 180 -57.51 14.91 -83.89
CA TYR MD 180 -58.78 15.31 -84.47
C TYR MD 180 -59.41 16.46 -83.72
N ASP MD 181 -59.16 16.55 -82.42
CA ASP MD 181 -59.68 17.67 -81.65
C ASP MD 181 -59.13 19.01 -82.11
N ASN MD 182 -57.92 19.05 -82.64
CA ASN MD 182 -57.27 20.28 -83.06
C ASN MD 182 -57.52 20.68 -84.52
N ILE MD 183 -58.47 20.05 -85.19
CA ILE MD 183 -58.76 20.35 -86.59
C ILE MD 183 -60.18 20.91 -86.68
N SER MD 184 -60.30 22.15 -87.16
CA SER MD 184 -61.56 22.83 -87.40
C SER MD 184 -61.90 22.85 -88.88
N VAL MD 185 -63.15 22.52 -89.21
CA VAL MD 185 -63.60 22.46 -90.60
C VAL MD 185 -64.95 23.15 -90.72
N VAL MD 186 -65.04 24.08 -91.66
CA VAL MD 186 -66.30 24.80 -91.94
C VAL MD 186 -66.62 24.66 -93.42
N LEU MD 187 -67.84 24.20 -93.71
CA LEU MD 187 -68.29 23.94 -95.06
C LEU MD 187 -69.54 24.75 -95.41
N SER MD 188 -69.67 25.08 -96.69
CA SER MD 188 -70.85 25.80 -97.16
C SER MD 188 -71.15 25.39 -98.59
N GLU MD 189 -72.41 25.54 -98.99
CA GLU MD 189 -72.84 25.27 -100.36
C GLU MD 189 -72.81 26.50 -101.27
N ARG MD 190 -72.64 26.23 -102.56
CA ARG MD 190 -72.78 27.24 -103.59
C ARG MD 190 -74.17 27.86 -103.58
N SER MD 191 -74.20 29.18 -103.76
CA SER MD 191 -75.40 29.97 -103.94
C SER MD 191 -76.07 29.70 -105.28
N ASP MD 192 -77.29 30.20 -105.42
CA ASP MD 192 -78.01 30.12 -106.68
C ASP MD 192 -77.24 30.71 -107.86
N ALA MD 193 -77.36 30.03 -108.99
CA ALA MD 193 -76.72 30.43 -110.25
C ALA MD 193 -77.34 31.65 -110.90
N GLN MD 194 -76.48 32.58 -111.34
CA GLN MD 194 -76.86 33.76 -112.11
C GLN MD 194 -76.78 33.51 -113.61
N LEU MD 195 -77.87 33.03 -114.20
CA LEU MD 195 -77.89 32.67 -115.61
C LEU MD 195 -78.58 33.70 -116.49
N GLN MD 196 -79.67 34.29 -116.05
CA GLN MD 196 -80.37 35.29 -116.84
C GLN MD 196 -79.69 36.66 -116.79
N ALA MD 197 -79.66 37.33 -117.94
CA ALA MD 197 -79.05 38.65 -118.08
C ALA MD 197 -79.91 39.74 -117.45
N PRO MD 198 -79.28 40.80 -116.93
CA PRO MD 198 -80.03 41.94 -116.41
C PRO MD 198 -80.76 42.72 -117.49
N GLY MD 199 -81.84 43.37 -117.06
CA GLY MD 199 -82.62 44.24 -117.95
C GLY MD 199 -82.00 45.60 -118.17
N THR MD 200 -82.09 46.07 -119.41
CA THR MD 200 -81.58 47.38 -119.81
C THR MD 200 -82.53 48.50 -119.39
N PRO MD 201 -82.03 49.60 -118.82
CA PRO MD 201 -82.91 50.73 -118.50
C PRO MD 201 -83.72 51.18 -119.70
N VAL MD 202 -84.98 51.51 -119.45
CA VAL MD 202 -85.86 52.05 -120.49
C VAL MD 202 -85.49 53.48 -120.83
N ASP ND 20 -68.73 39.62 -130.20
CA ASP ND 20 -68.17 38.76 -129.16
C ASP ND 20 -67.50 39.61 -128.10
N LYS ND 21 -67.59 39.16 -126.85
CA LYS ND 21 -67.02 39.86 -125.71
C LYS ND 21 -65.79 39.11 -125.21
N ASP ND 22 -64.75 39.88 -124.89
CA ASP ND 22 -63.52 39.35 -124.34
C ASP ND 22 -63.64 39.00 -122.86
N LEU ND 23 -63.39 37.73 -122.54
CA LEU ND 23 -63.31 37.27 -121.17
C LEU ND 23 -61.90 37.39 -120.60
N LEU ND 24 -60.91 36.86 -121.29
CA LEU ND 24 -59.56 36.77 -120.74
C LEU ND 24 -58.54 36.95 -121.84
N LYS ND 25 -57.38 37.49 -121.47
CA LYS ND 25 -56.26 37.64 -122.38
C LYS ND 25 -54.96 37.20 -121.74
N GLY ND 26 -53.98 36.93 -122.58
CA GLY ND 26 -52.65 36.55 -122.12
C GLY ND 26 -52.56 35.25 -121.36
N LEU ND 27 -53.39 34.27 -121.69
CA LEU ND 27 -53.35 33.00 -121.02
C LEU ND 27 -52.23 32.11 -121.57
N ASP ND 28 -51.75 31.20 -120.73
CA ASP ND 28 -50.98 30.05 -121.20
C ASP ND 28 -51.89 28.97 -121.77
N GLN ND 29 -51.27 28.11 -122.55
CA GLN ND 29 -51.95 26.98 -123.18
C GLN ND 29 -52.73 26.14 -122.17
N GLU ND 30 -52.08 25.77 -121.08
CA GLU ND 30 -52.71 24.92 -120.07
C GLU ND 30 -53.75 25.64 -119.25
N GLN ND 31 -53.70 26.97 -119.20
CA GLN ND 31 -54.79 27.72 -118.59
C GLN ND 31 -55.98 27.79 -119.53
N ALA ND 32 -55.70 27.99 -120.81
CA ALA ND 32 -56.77 28.11 -121.78
C ALA ND 32 -57.59 26.82 -121.86
N ASN ND 33 -56.92 25.68 -121.95
CA ASN ND 33 -57.67 24.43 -122.08
C ASN ND 33 -58.51 24.12 -120.84
N GLU ND 34 -58.03 24.49 -119.65
CA GLU ND 34 -58.85 24.33 -118.46
C GLU ND 34 -60.09 25.23 -118.49
N VAL ND 35 -59.92 26.47 -118.94
CA VAL ND 35 -61.10 27.34 -119.04
C VAL ND 35 -62.10 26.79 -120.03
N ILE ND 36 -61.62 26.36 -121.19
CA ILE ND 36 -62.53 25.83 -122.20
C ILE ND 36 -63.28 24.62 -121.69
N ALA ND 37 -62.58 23.71 -121.02
CA ALA ND 37 -63.21 22.52 -120.47
C ALA ND 37 -64.32 22.85 -119.49
N VAL ND 38 -64.07 23.81 -118.59
CA VAL ND 38 -65.09 24.15 -117.61
C VAL ND 38 -66.27 24.84 -118.26
N LEU ND 39 -66.05 25.65 -119.29
CA LEU ND 39 -67.20 26.27 -119.92
C LEU ND 39 -68.03 25.26 -120.69
N GLN ND 40 -67.39 24.41 -121.50
CA GLN ND 40 -68.16 23.38 -122.20
C GLN ND 40 -68.99 22.52 -121.28
N MET ND 41 -68.48 22.18 -120.11
CA MET ND 41 -69.28 21.35 -119.22
C MET ND 41 -70.63 21.99 -118.91
N HIS ND 42 -70.71 23.31 -118.82
CA HIS ND 42 -71.95 24.02 -118.51
C HIS ND 42 -72.72 24.47 -119.76
N ASN ND 43 -72.44 23.89 -120.91
CA ASN ND 43 -73.10 24.26 -122.16
C ASN ND 43 -72.81 25.67 -122.66
N ILE ND 44 -71.59 26.14 -122.49
CA ILE ND 44 -71.19 27.46 -122.97
C ILE ND 44 -70.17 27.26 -124.08
N GLU ND 45 -70.53 27.64 -125.29
CA GLU ND 45 -69.63 27.62 -126.43
C GLU ND 45 -68.62 28.76 -126.40
N ALA ND 46 -67.32 28.43 -126.38
CA ALA ND 46 -66.27 29.43 -126.26
C ALA ND 46 -65.30 29.29 -127.42
N ASN ND 47 -64.52 30.34 -127.66
CA ASN ND 47 -63.54 30.35 -128.76
C ASN ND 47 -62.18 30.77 -128.22
N LYS ND 48 -61.16 30.03 -128.64
CA LYS ND 48 -59.77 30.27 -128.27
C LYS ND 48 -59.00 30.83 -129.46
N ILE ND 49 -58.33 31.95 -129.25
CA ILE ND 49 -57.58 32.66 -130.28
C ILE ND 49 -56.14 32.80 -129.82
N ASP ND 50 -55.20 32.63 -130.73
CA ASP ND 50 -53.77 32.71 -130.45
C ASP ND 50 -53.16 33.97 -131.05
N SER ND 51 -52.49 34.75 -130.20
CA SER ND 51 -51.81 35.99 -130.59
C SER ND 51 -50.29 35.87 -130.45
N GLY ND 52 -49.77 34.66 -130.32
CA GLY ND 52 -48.35 34.40 -130.10
C GLY ND 52 -47.68 34.92 -128.85
N LYS ND 53 -46.76 35.87 -128.97
CA LYS ND 53 -46.16 36.45 -127.77
C LYS ND 53 -47.18 37.04 -126.80
N LEU ND 54 -48.40 37.31 -127.24
CA LEU ND 54 -49.42 37.84 -126.35
C LEU ND 54 -50.27 36.74 -125.73
N GLY ND 55 -50.04 35.49 -126.06
CA GLY ND 55 -50.85 34.38 -125.58
C GLY ND 55 -52.22 34.21 -126.21
N TYR ND 56 -53.03 33.43 -125.52
CA TYR ND 56 -54.39 33.11 -125.91
C TYR ND 56 -55.45 34.03 -125.31
N SER ND 57 -56.52 34.20 -126.08
CA SER ND 57 -57.69 34.98 -125.74
C SER ND 57 -58.91 34.10 -125.85
N ILE ND 58 -59.89 34.36 -124.99
CA ILE ND 58 -61.13 33.60 -124.93
C ILE ND 58 -62.30 34.55 -125.18
N THR ND 59 -63.21 34.13 -126.05
CA THR ND 59 -64.36 34.97 -126.38
C THR ND 59 -65.62 34.11 -126.40
N VAL ND 60 -66.75 34.76 -126.12
CA VAL ND 60 -68.05 34.12 -126.09
C VAL ND 60 -69.10 35.06 -126.67
N ALA ND 61 -70.24 34.48 -127.02
CA ALA ND 61 -71.39 35.25 -127.42
C ALA ND 61 -72.05 35.99 -126.25
N GLU ND 62 -72.75 37.05 -126.62
CA GLU ND 62 -73.47 37.88 -125.65
C GLU ND 62 -74.47 37.11 -124.81
N PRO ND 63 -75.37 36.32 -125.39
CA PRO ND 63 -76.30 35.55 -124.54
C PRO ND 63 -75.62 34.70 -123.48
N ASP ND 64 -74.37 34.32 -123.66
CA ASP ND 64 -73.64 33.49 -122.70
C ASP ND 64 -72.68 34.28 -121.82
N PHE ND 65 -72.52 35.56 -122.08
CA PHE ND 65 -71.55 36.35 -121.32
C PHE ND 65 -71.81 36.29 -119.82
N THR ND 66 -73.03 36.58 -119.40
CA THR ND 66 -73.38 36.55 -117.97
C THR ND 66 -73.01 35.23 -117.29
N ALA ND 67 -73.46 34.11 -117.84
CA ALA ND 67 -73.10 32.82 -117.28
C ALA ND 67 -71.60 32.61 -117.23
N ALA ND 68 -70.90 32.94 -118.30
CA ALA ND 68 -69.46 32.71 -118.29
C ALA ND 68 -68.77 33.51 -117.20
N VAL ND 69 -69.20 34.75 -116.99
CA VAL ND 69 -68.65 35.54 -115.89
C VAL ND 69 -68.90 34.87 -114.55
N TYR ND 70 -70.13 34.48 -114.30
CA TYR ND 70 -70.44 33.85 -113.02
C TYR ND 70 -69.64 32.58 -112.79
N TRP ND 71 -69.41 31.77 -113.82
CA TRP ND 71 -68.62 30.55 -113.60
C TRP ND 71 -67.14 30.85 -113.41
N ILE ND 72 -66.61 31.82 -114.14
CA ILE ND 72 -65.22 32.20 -113.91
C ILE ND 72 -65.02 32.66 -112.48
N LYS ND 73 -65.97 33.40 -111.95
CA LYS ND 73 -65.91 33.74 -110.53
C LYS ND 73 -65.98 32.49 -109.66
N THR ND 74 -66.97 31.64 -109.89
CA THR ND 74 -67.22 30.55 -108.95
C THR ND 74 -66.05 29.59 -108.87
N TYR ND 75 -65.44 29.27 -110.01
CA TYR ND 75 -64.25 28.41 -109.99
C TYR ND 75 -62.94 29.15 -109.81
N GLN ND 76 -62.94 30.47 -109.75
CA GLN ND 76 -61.70 31.22 -109.59
C GLN ND 76 -60.70 30.94 -110.70
N LEU ND 77 -61.17 30.83 -111.92
CA LEU ND 77 -60.29 30.65 -113.05
C LEU ND 77 -59.65 31.99 -113.39
N PRO ND 78 -58.53 31.98 -114.13
CA PRO ND 78 -57.68 30.88 -114.55
C PRO ND 78 -56.84 30.33 -113.40
N PRO ND 79 -56.40 29.08 -113.52
CA PRO ND 79 -55.73 28.43 -112.40
C PRO ND 79 -54.35 29.03 -112.13
N ARG ND 80 -54.00 29.07 -110.85
CA ARG ND 80 -52.65 29.42 -110.45
C ARG ND 80 -51.66 28.40 -110.99
N PRO ND 81 -50.38 28.75 -111.08
CA PRO ND 81 -49.37 27.74 -111.33
C PRO ND 81 -49.22 26.76 -110.16
N ARG ND 82 -48.72 25.58 -110.49
CA ARG ND 82 -48.54 24.51 -109.51
C ARG ND 82 -47.38 24.82 -108.56
N VAL ND 83 -47.60 24.63 -107.26
CA VAL ND 83 -46.59 24.91 -106.23
C VAL ND 83 -45.86 23.63 -105.85
N GLU ND 84 -44.53 23.75 -105.68
CA GLU ND 84 -43.69 22.68 -105.16
C GLU ND 84 -42.64 23.26 -104.22
N ILE ND 85 -42.39 22.55 -103.13
CA ILE ND 85 -41.64 23.13 -102.02
C ILE ND 85 -40.23 23.52 -102.44
N ALA ND 86 -39.65 22.80 -103.39
CA ALA ND 86 -38.31 23.11 -103.87
C ALA ND 86 -38.18 24.53 -104.40
N GLN ND 87 -39.28 25.19 -104.74
CA GLN ND 87 -39.21 26.57 -105.22
C GLN ND 87 -38.88 27.57 -104.14
N MET ND 88 -39.06 27.23 -102.87
CA MET ND 88 -38.69 28.14 -101.80
C MET ND 88 -37.23 28.07 -101.42
N PHE ND 89 -36.49 27.07 -101.90
CA PHE ND 89 -35.10 26.86 -101.52
C PHE ND 89 -34.29 26.51 -102.75
N PRO ND 90 -34.10 27.48 -103.64
CA PRO ND 90 -33.47 27.17 -104.93
C PRO ND 90 -32.00 26.87 -104.73
N ALA ND 91 -31.52 25.87 -105.48
CA ALA ND 91 -30.15 25.39 -105.34
C ALA ND 91 -29.11 26.39 -105.82
N ASP ND 92 -29.49 27.32 -106.70
CA ASP ND 92 -28.61 28.43 -107.04
C ASP ND 92 -28.54 29.45 -105.90
N SER ND 93 -27.86 29.07 -104.82
CA SER ND 93 -27.65 29.92 -103.66
C SER ND 93 -26.28 29.57 -103.09
N LEU ND 94 -25.63 30.55 -102.47
CA LEU ND 94 -24.23 30.38 -102.11
C LEU ND 94 -24.06 29.49 -100.90
N VAL ND 95 -25.07 29.40 -100.04
CA VAL ND 95 -25.02 28.56 -98.85
C VAL ND 95 -26.35 27.81 -98.79
N SER ND 96 -26.29 26.55 -98.38
CA SER ND 96 -27.49 25.79 -98.05
C SER ND 96 -27.40 25.31 -96.61
N SER ND 97 -28.43 25.60 -95.83
CA SER ND 97 -28.51 25.02 -94.51
C SER ND 97 -28.82 23.53 -94.59
N PRO ND 98 -28.51 22.80 -93.51
CA PRO ND 98 -29.03 21.43 -93.38
C PRO ND 98 -30.52 21.36 -93.44
N ARG ND 99 -31.22 22.46 -93.17
CA ARG ND 99 -32.66 22.47 -93.34
C ARG ND 99 -33.04 22.52 -94.81
N ALA ND 100 -32.42 23.40 -95.57
CA ALA ND 100 -32.79 23.54 -96.98
C ALA ND 100 -32.47 22.28 -97.77
N GLU ND 101 -31.28 21.71 -97.57
CA GLU ND 101 -30.97 20.50 -98.32
C GLU ND 101 -32.00 19.41 -98.05
N LYS ND 102 -32.36 19.23 -96.78
CA LYS ND 102 -33.29 18.18 -96.41
C LYS ND 102 -34.66 18.44 -97.01
N ALA ND 103 -35.08 19.70 -97.05
CA ALA ND 103 -36.35 20.05 -97.65
C ALA ND 103 -36.37 19.72 -99.14
N ARG ND 104 -35.36 20.16 -99.89
CA ARG ND 104 -35.32 19.77 -101.29
C ARG ND 104 -35.43 18.26 -101.47
N LEU ND 105 -34.69 17.51 -100.67
CA LEU ND 105 -34.78 16.06 -100.76
C LEU ND 105 -36.22 15.55 -100.65
N TYR ND 106 -36.90 15.89 -99.56
CA TYR ND 106 -38.30 15.47 -99.40
C TYR ND 106 -39.16 15.95 -100.55
N SER ND 107 -38.98 17.17 -101.00
CA SER ND 107 -39.82 17.70 -102.06
C SER ND 107 -39.57 17.02 -103.39
N ALA ND 108 -38.47 16.30 -103.54
CA ALA ND 108 -38.31 15.51 -104.74
C ALA ND 108 -38.86 14.10 -104.60
N ILE ND 109 -38.74 13.53 -103.41
CA ILE ND 109 -39.34 12.21 -103.18
C ILE ND 109 -40.85 12.23 -103.36
N GLU ND 110 -41.51 13.26 -102.85
CA GLU ND 110 -42.96 13.40 -103.06
C GLU ND 110 -43.34 13.29 -104.54
N GLN ND 111 -42.62 13.99 -105.39
CA GLN ND 111 -42.95 14.00 -106.80
C GLN ND 111 -42.66 12.67 -107.45
N ARG ND 112 -41.58 12.02 -107.04
CA ARG ND 112 -41.28 10.73 -107.64
C ARG ND 112 -42.30 9.67 -107.26
N LEU ND 113 -42.83 9.72 -106.03
CA LEU ND 113 -43.91 8.80 -105.69
C LEU ND 113 -45.19 9.08 -106.45
N GLU ND 114 -45.56 10.35 -106.60
CA GLU ND 114 -46.76 10.63 -107.40
C GLU ND 114 -46.63 10.07 -108.81
N GLN ND 115 -45.46 10.26 -109.43
CA GLN ND 115 -45.28 9.76 -110.79
C GLN ND 115 -45.23 8.24 -110.82
N SER ND 116 -44.86 7.59 -109.73
CA SER ND 116 -44.89 6.14 -109.76
C SER ND 116 -46.32 5.64 -109.63
N LEU ND 117 -47.10 6.20 -108.72
CA LEU ND 117 -48.48 5.76 -108.58
C LEU ND 117 -49.25 5.93 -109.88
N GLN ND 118 -48.96 6.98 -110.64
CA GLN ND 118 -49.72 7.11 -111.88
C GLN ND 118 -49.52 5.94 -112.85
N THR ND 119 -48.57 5.06 -112.61
CA THR ND 119 -48.40 3.89 -113.47
C THR ND 119 -49.22 2.68 -113.03
N MET ND 120 -49.78 2.66 -111.83
CA MET ND 120 -50.61 1.53 -111.44
C MET ND 120 -51.82 1.39 -112.34
N GLU ND 121 -52.36 0.18 -112.35
CA GLU ND 121 -53.53 -0.17 -113.15
C GLU ND 121 -54.79 0.55 -112.72
N GLY ND 122 -55.37 1.33 -113.65
CA GLY ND 122 -56.57 2.07 -113.43
C GLY ND 122 -56.41 3.48 -112.89
N VAL ND 123 -55.28 3.81 -112.28
CA VAL ND 123 -55.12 5.13 -111.69
C VAL ND 123 -54.97 6.17 -112.79
N LEU ND 124 -55.74 7.25 -112.69
CA LEU ND 124 -55.65 8.36 -113.64
C LEU ND 124 -54.76 9.49 -113.14
N SER ND 125 -54.89 9.86 -111.87
CA SER ND 125 -53.98 10.84 -111.29
C SER ND 125 -54.02 10.71 -109.78
N ALA ND 126 -52.97 11.24 -109.15
CA ALA ND 126 -52.80 11.06 -107.72
C ALA ND 126 -52.00 12.21 -107.14
N ARG ND 127 -52.04 12.31 -105.82
CA ARG ND 127 -51.20 13.24 -105.09
C ARG ND 127 -50.76 12.62 -103.78
N VAL ND 128 -49.56 12.99 -103.32
CA VAL ND 128 -48.98 12.44 -102.11
C VAL ND 128 -48.42 13.58 -101.26
N HIS ND 129 -48.52 13.44 -99.94
CA HIS ND 129 -48.00 14.42 -98.99
C HIS ND 129 -47.21 13.70 -97.92
N ILE ND 130 -46.07 14.27 -97.54
CA ILE ND 130 -45.19 13.70 -96.51
C ILE ND 130 -45.02 14.68 -95.36
N SER ND 131 -44.98 14.17 -94.14
CA SER ND 131 -44.65 14.99 -92.97
C SER ND 131 -43.24 15.56 -92.99
N TYR ND 132 -43.10 16.86 -93.21
CA TYR ND 132 -41.80 17.51 -93.15
C TYR ND 132 -41.32 17.71 -91.72
N ASP ND 133 -40.60 16.75 -91.14
CA ASP ND 133 -40.02 16.99 -89.81
C ASP ND 133 -38.91 18.03 -89.87
N ILE ND 134 -38.46 18.36 -91.07
CA ILE ND 134 -37.37 19.28 -91.31
C ILE ND 134 -37.70 20.69 -90.84
N ASP ND 135 -38.97 20.95 -90.51
CA ASP ND 135 -39.32 22.22 -89.90
C ASP ND 135 -38.69 22.41 -88.53
N ALA ND 136 -38.08 21.37 -87.99
CA ALA ND 136 -37.00 21.53 -87.04
C ALA ND 136 -35.77 20.89 -87.65
N GLY ND 137 -34.60 21.35 -87.24
CA GLY ND 137 -33.39 20.72 -87.72
C GLY ND 137 -33.34 19.24 -87.37
N GLU ND 138 -34.14 18.82 -86.38
CA GLU ND 138 -33.85 17.64 -85.58
C GLU ND 138 -32.48 17.75 -84.95
N ASN ND 139 -32.12 18.97 -84.58
CA ASN ND 139 -30.92 19.21 -83.79
C ASN ND 139 -31.15 18.82 -82.33
N GLY ND 140 -30.25 18.03 -81.78
CA GLY ND 140 -30.34 17.60 -80.41
C GLY ND 140 -31.42 16.57 -80.14
N ARG ND 141 -32.67 16.86 -80.52
CA ARG ND 141 -33.73 15.88 -80.38
C ARG ND 141 -33.55 14.75 -81.40
N PRO ND 142 -33.95 13.53 -81.04
CA PRO ND 142 -34.02 12.45 -82.01
C PRO ND 142 -35.16 12.67 -83.00
N PRO ND 143 -35.12 12.00 -84.15
CA PRO ND 143 -36.14 12.20 -85.17
C PRO ND 143 -37.47 11.54 -84.81
N LYS ND 144 -38.55 12.12 -85.32
CA LYS ND 144 -39.93 11.63 -85.21
C LYS ND 144 -40.29 10.68 -86.34
N PRO ND 145 -41.27 9.81 -86.13
CA PRO ND 145 -41.73 8.95 -87.23
C PRO ND 145 -42.48 9.71 -88.31
N VAL ND 146 -42.42 9.15 -89.51
CA VAL ND 146 -43.01 9.72 -90.73
C VAL ND 146 -44.50 9.40 -90.86
N HIS ND 147 -45.24 10.36 -91.39
CA HIS ND 147 -46.66 10.24 -91.73
C HIS ND 147 -46.84 10.59 -93.20
N LEU ND 148 -47.79 9.91 -93.85
CA LEU ND 148 -48.07 10.06 -95.28
C LEU ND 148 -49.56 10.21 -95.52
N SER ND 149 -49.92 10.92 -96.59
CA SER ND 149 -51.29 10.93 -97.09
C SER ND 149 -51.32 10.87 -98.60
N ALA ND 150 -52.37 10.24 -99.16
CA ALA ND 150 -52.50 10.17 -100.60
C ALA ND 150 -53.96 10.31 -101.05
N LEU ND 151 -54.11 10.82 -102.27
CA LEU ND 151 -55.38 10.95 -102.97
C LEU ND 151 -55.25 10.32 -104.36
N ALA ND 152 -56.28 9.65 -104.83
CA ALA ND 152 -56.23 9.15 -106.20
C ALA ND 152 -57.60 9.06 -106.86
N VAL ND 153 -57.59 9.18 -108.19
CA VAL ND 153 -58.78 9.02 -109.03
C VAL ND 153 -58.70 7.73 -109.83
N TYR ND 154 -59.79 6.98 -109.86
CA TYR ND 154 -59.89 5.72 -110.59
C TYR ND 154 -60.90 5.78 -111.73
N GLU ND 155 -60.68 4.92 -112.71
CA GLU ND 155 -61.66 4.66 -113.76
C GLU ND 155 -62.93 4.06 -113.18
N ARG ND 156 -64.05 4.37 -113.83
CA ARG ND 156 -65.36 3.87 -113.42
C ARG ND 156 -65.42 2.34 -113.43
N GLY ND 157 -65.99 1.77 -112.37
CA GLY ND 157 -66.13 0.33 -112.20
C GLY ND 157 -64.96 -0.37 -111.53
N SER ND 158 -64.19 0.32 -110.75
CA SER ND 158 -63.03 -0.13 -110.00
C SER ND 158 -63.39 -0.44 -108.54
N PRO ND 159 -63.02 -1.60 -107.97
CA PRO ND 159 -63.33 -1.83 -106.55
C PRO ND 159 -62.36 -1.11 -105.62
N LEU ND 160 -62.75 0.12 -105.31
CA LEU ND 160 -61.94 1.00 -104.48
C LEU ND 160 -61.56 0.37 -103.16
N ALA ND 161 -62.53 -0.24 -102.49
CA ALA ND 161 -62.27 -0.89 -101.22
C ALA ND 161 -61.13 -1.89 -101.33
N HIS ND 162 -61.16 -2.73 -102.35
CA HIS ND 162 -60.10 -3.72 -102.47
C HIS ND 162 -58.81 -3.15 -103.02
N GLN ND 163 -58.81 -1.92 -103.55
CA GLN ND 163 -57.58 -1.34 -104.06
C GLN ND 163 -56.84 -0.49 -103.03
N ILE ND 164 -57.47 -0.13 -101.92
CA ILE ND 164 -56.72 0.64 -100.92
C ILE ND 164 -55.56 -0.17 -100.34
N SER ND 165 -55.77 -1.47 -100.14
CA SER ND 165 -54.72 -2.32 -99.58
C SER ND 165 -53.42 -2.24 -100.36
N ASP ND 166 -53.49 -2.41 -101.68
CA ASP ND 166 -52.29 -2.34 -102.50
C ASP ND 166 -51.51 -1.05 -102.29
N ILE ND 167 -52.18 0.09 -102.37
CA ILE ND 167 -51.50 1.36 -102.16
C ILE ND 167 -50.82 1.39 -100.80
N LYS ND 168 -51.55 1.09 -99.73
CA LYS ND 168 -50.91 1.07 -98.42
C LYS ND 168 -49.68 0.18 -98.38
N ARG ND 169 -49.80 -1.04 -98.89
CA ARG ND 169 -48.66 -1.95 -98.93
C ARG ND 169 -47.47 -1.33 -99.65
N PHE ND 170 -47.71 -0.72 -100.80
CA PHE ND 170 -46.63 -0.14 -101.57
C PHE ND 170 -45.97 1.03 -100.83
N LEU ND 171 -46.75 1.89 -100.19
CA LEU ND 171 -46.14 3.05 -99.54
C LEU ND 171 -45.40 2.67 -98.26
N LYS ND 172 -45.92 1.69 -97.51
CA LYS ND 172 -45.30 1.32 -96.24
C LYS ND 172 -43.79 1.12 -96.32
N ASN ND 173 -43.31 0.41 -97.33
CA ASN ND 173 -41.89 0.12 -97.45
C ASN ND 173 -41.02 1.19 -98.08
N SER ND 174 -41.55 2.36 -98.42
CA SER ND 174 -40.69 3.37 -99.03
C SER ND 174 -39.91 4.18 -97.99
N PHE ND 175 -40.15 3.96 -96.69
CA PHE ND 175 -39.49 4.72 -95.65
C PHE ND 175 -39.07 3.79 -94.52
N ALA ND 176 -38.08 4.26 -93.76
CA ALA ND 176 -37.53 3.49 -92.66
C ALA ND 176 -38.53 3.11 -91.58
N ASP ND 177 -39.53 3.93 -91.29
CA ASP ND 177 -40.44 3.59 -90.19
C ASP ND 177 -41.81 4.17 -90.44
N VAL ND 178 -42.74 3.33 -90.87
CA VAL ND 178 -44.10 3.75 -91.15
C VAL ND 178 -45.03 2.64 -90.70
N ASP ND 179 -46.13 3.02 -90.08
CA ASP ND 179 -47.15 2.10 -89.63
C ASP ND 179 -48.41 2.28 -90.46
N TYR ND 180 -49.08 1.17 -90.74
CA TYR ND 180 -50.33 1.25 -91.47
C TYR ND 180 -51.28 2.23 -90.82
N ASP ND 181 -51.22 2.37 -89.51
CA ASP ND 181 -52.06 3.35 -88.84
C ASP ND 181 -51.77 4.77 -89.28
N ASN ND 182 -50.53 5.08 -89.67
CA ASN ND 182 -50.14 6.44 -90.05
C ASN ND 182 -50.28 6.75 -91.53
N ILE ND 183 -50.96 5.91 -92.32
CA ILE ND 183 -51.11 6.14 -93.75
C ILE ND 183 -52.59 6.34 -94.05
N SER ND 184 -52.92 7.51 -94.59
CA SER ND 184 -54.26 7.87 -95.03
C SER ND 184 -54.37 7.82 -96.55
N VAL ND 185 -55.44 7.19 -97.04
CA VAL ND 185 -55.67 7.03 -98.47
C VAL ND 185 -57.13 7.38 -98.78
N VAL ND 186 -57.34 8.28 -99.73
CA VAL ND 186 -58.67 8.67 -100.18
C VAL ND 186 -58.78 8.48 -101.69
N LEU ND 187 -59.82 7.76 -102.12
CA LEU ND 187 -60.04 7.43 -103.52
C LEU ND 187 -61.36 7.96 -104.01
N SER ND 188 -61.42 8.25 -105.31
CA SER ND 188 -62.66 8.72 -105.93
C SER ND 188 -62.70 8.25 -107.38
N GLU ND 189 -63.91 8.15 -107.93
CA GLU ND 189 -64.11 7.80 -109.33
C GLU ND 189 -64.23 9.00 -110.26
N ARG ND 190 -63.85 8.77 -111.51
CA ARG ND 190 -64.09 9.71 -112.61
C ARG ND 190 -65.56 10.04 -112.77
N SER ND 191 -65.82 11.31 -113.02
CA SER ND 191 -67.14 11.83 -113.36
C SER ND 191 -67.55 11.40 -114.78
N ASP ND 192 -68.83 11.61 -115.07
CA ASP ND 192 -69.38 11.38 -116.40
C ASP ND 192 -68.62 12.12 -117.50
N ALA ND 193 -68.45 11.44 -118.63
CA ALA ND 193 -67.79 11.99 -119.82
C ALA ND 193 -68.60 13.05 -120.55
N GLN ND 194 -67.94 14.15 -120.89
CA GLN ND 194 -68.49 15.23 -121.72
C GLN ND 194 -68.16 15.02 -123.19
N LEU ND 195 -69.03 14.31 -123.90
CA LEU ND 195 -68.78 13.96 -125.29
C LEU ND 195 -69.57 14.79 -126.29
N GLN ND 196 -70.82 15.10 -126.04
CA GLN ND 196 -71.61 15.91 -126.97
C GLN ND 196 -71.28 17.39 -126.87
N ALA ND 197 -71.24 18.03 -128.03
CA ALA ND 197 -70.94 19.46 -128.12
C ALA ND 197 -72.11 20.33 -127.66
N PRO ND 198 -71.82 21.49 -127.08
CA PRO ND 198 -72.88 22.44 -126.71
C PRO ND 198 -73.58 23.03 -127.91
N GLY ND 199 -74.83 23.44 -127.69
CA GLY ND 199 -75.62 24.10 -128.72
C GLY ND 199 -75.27 25.57 -128.89
N THR ND 200 -75.28 26.02 -130.13
CA THR ND 200 -74.98 27.41 -130.48
C THR ND 200 -76.21 28.29 -130.22
N PRO ND 201 -76.03 29.47 -129.61
CA PRO ND 201 -77.16 30.38 -129.43
C PRO ND 201 -77.92 30.67 -130.72
N VAL ND 202 -79.24 30.74 -130.59
CA VAL ND 202 -80.09 31.10 -131.71
C VAL ND 202 -79.98 32.58 -131.99
N ASP OD 20 -59.59 22.49 -138.93
CA ASP OD 20 -59.01 21.83 -137.76
C ASP OD 20 -58.66 22.84 -136.69
N LYS OD 21 -58.81 22.44 -135.44
CA LYS OD 21 -58.54 23.27 -134.28
C LYS OD 21 -57.26 22.84 -133.59
N ASP OD 22 -56.47 23.81 -133.18
CA ASP OD 22 -55.23 23.56 -132.44
C ASP OD 22 -55.48 23.21 -130.97
N LEU OD 23 -55.00 22.05 -130.56
CA LEU OD 23 -55.00 21.62 -129.17
C LEU OD 23 -53.75 22.09 -128.45
N LEU OD 24 -52.58 21.76 -128.97
CA LEU OD 24 -51.34 22.02 -128.25
C LEU OD 24 -50.26 22.42 -129.25
N LYS OD 25 -49.32 23.24 -128.78
CA LYS OD 25 -48.19 23.65 -129.58
C LYS OD 25 -46.90 23.55 -128.79
N GLY OD 26 -45.78 23.51 -129.52
CA GLY OD 26 -44.47 23.47 -128.91
C GLY OD 26 -44.18 22.23 -128.08
N LEU OD 27 -44.70 21.07 -128.48
CA LEU OD 27 -44.44 19.84 -127.76
C LEU OD 27 -43.09 19.25 -128.16
N ASP OD 28 -42.53 18.46 -127.25
CA ASP OD 28 -41.48 17.50 -127.58
C ASP OD 28 -42.03 16.23 -128.23
N GLN OD 29 -41.10 15.51 -128.85
CA GLN OD 29 -41.39 14.24 -129.50
C GLN OD 29 -42.13 13.25 -128.59
N GLU OD 30 -41.61 12.99 -127.40
CA GLU OD 30 -42.25 12.03 -126.50
C GLU OD 30 -43.61 12.50 -126.03
N GLN OD 31 -43.77 13.81 -125.88
CA GLN OD 31 -45.05 14.32 -125.44
C GLN OD 31 -46.07 14.16 -126.55
N ALA OD 32 -45.69 14.48 -127.78
CA ALA OD 32 -46.62 14.33 -128.88
C ALA OD 32 -47.06 12.89 -129.00
N ASN OD 33 -46.12 11.96 -128.91
CA ASN OD 33 -46.49 10.55 -129.07
C ASN OD 33 -47.36 10.01 -127.94
N GLU OD 34 -47.15 10.50 -126.71
CA GLU OD 34 -48.07 10.12 -125.63
C GLU OD 34 -49.47 10.71 -125.81
N VAL OD 35 -49.56 11.94 -126.31
CA VAL OD 35 -50.88 12.52 -126.55
C VAL OD 35 -51.59 11.75 -127.66
N ILE OD 36 -50.89 11.44 -128.73
CA ILE OD 36 -51.53 10.72 -129.83
C ILE OD 36 -52.03 9.37 -129.33
N ALA OD 37 -51.22 8.66 -128.56
CA ALA OD 37 -51.64 7.35 -128.05
C ALA OD 37 -52.91 7.44 -127.23
N VAL OD 38 -53.02 8.43 -126.35
CA VAL OD 38 -54.22 8.55 -125.54
C VAL OD 38 -55.42 8.96 -126.36
N LEU OD 39 -55.26 9.81 -127.37
CA LEU OD 39 -56.42 10.13 -128.18
C LEU OD 39 -56.90 8.93 -128.98
N GLN OD 40 -55.98 8.23 -129.62
CA GLN OD 40 -56.36 7.05 -130.40
C GLN OD 40 -57.10 6.03 -129.55
N MET OD 41 -56.70 5.84 -128.31
CA MET OD 41 -57.42 4.86 -127.50
C MET OD 41 -58.91 5.16 -127.39
N HIS OD 42 -59.31 6.43 -127.36
CA HIS OD 42 -60.72 6.81 -127.26
C HIS OD 42 -61.41 7.07 -128.60
N ASN OD 43 -60.85 6.57 -129.69
CA ASN OD 43 -61.43 6.77 -131.03
C ASN OD 43 -61.43 8.20 -131.54
N ILE OD 44 -60.38 8.95 -131.25
CA ILE OD 44 -60.25 10.32 -131.74
C ILE OD 44 -59.07 10.33 -132.71
N GLU OD 45 -59.35 10.60 -133.97
CA GLU OD 45 -58.31 10.77 -134.99
C GLU OD 45 -57.61 12.11 -134.87
N ALA OD 46 -56.29 12.08 -134.65
CA ALA OD 46 -55.51 13.29 -134.43
C ALA OD 46 -54.36 13.36 -135.43
N ASN OD 47 -53.81 14.56 -135.61
CA ASN OD 47 -52.70 14.77 -136.54
C ASN OD 47 -51.55 15.50 -135.86
N LYS OD 48 -50.34 15.01 -136.10
CA LYS OD 48 -49.11 15.58 -135.58
C LYS OD 48 -48.33 16.26 -136.68
N ILE OD 49 -47.98 17.53 -136.46
CA ILE OD 49 -47.26 18.36 -137.43
C ILE OD 49 -45.98 18.86 -136.77
N ASP OD 50 -44.90 18.90 -137.54
CA ASP OD 50 -43.60 19.34 -137.07
C ASP OD 50 -43.23 20.68 -137.69
N SER OD 51 -42.91 21.65 -136.85
CA SER OD 51 -42.50 22.99 -137.24
C SER OD 51 -41.04 23.28 -136.90
N GLY OD 52 -40.27 22.24 -136.58
CA GLY OD 52 -38.89 22.37 -136.14
C GLY OD 52 -38.56 23.11 -134.86
N LYS OD 53 -37.90 24.26 -134.95
CA LYS OD 53 -37.65 25.06 -133.76
C LYS OD 53 -38.92 25.41 -132.99
N LEU OD 54 -40.08 25.32 -133.60
CA LEU OD 54 -41.31 25.62 -132.91
C LEU OD 54 -41.96 24.40 -132.30
N GLY OD 55 -41.37 23.22 -132.49
CA GLY OD 55 -41.92 21.96 -132.02
C GLY OD 55 -43.10 21.40 -132.80
N TYR OD 56 -43.76 20.45 -132.17
CA TYR OD 56 -44.92 19.76 -132.72
C TYR OD 56 -46.25 20.38 -132.31
N SER OD 57 -47.22 20.25 -133.22
CA SER OD 57 -48.57 20.72 -133.05
C SER OD 57 -49.53 19.55 -133.27
N ILE OD 58 -50.63 19.57 -132.54
CA ILE OD 58 -51.65 18.52 -132.58
C ILE OD 58 -52.97 19.14 -132.99
N THR OD 59 -53.64 18.52 -133.95
CA THR OD 59 -54.91 19.05 -134.43
C THR OD 59 -55.94 17.95 -134.58
N VAL OD 60 -57.21 18.33 -134.44
CA VAL OD 60 -58.35 17.43 -134.55
C VAL OD 60 -59.49 18.13 -135.26
N ALA OD 61 -60.44 17.32 -135.73
CA ALA OD 61 -61.67 17.83 -136.29
C ALA OD 61 -62.62 18.40 -135.22
N GLU OD 62 -63.48 19.29 -135.69
CA GLU OD 62 -64.48 19.93 -134.84
C GLU OD 62 -65.39 18.97 -134.12
N PRO OD 63 -66.02 18.00 -134.78
CA PRO OD 63 -66.86 17.05 -134.04
C PRO OD 63 -66.17 16.37 -132.90
N ASP OD 64 -64.84 16.25 -132.92
CA ASP OD 64 -64.10 15.57 -131.86
C ASP OD 64 -63.41 16.53 -130.91
N PHE OD 65 -63.47 17.84 -131.18
CA PHE OD 65 -62.77 18.81 -130.35
C PHE OD 65 -63.21 18.75 -128.89
N THR OD 66 -64.51 18.79 -128.64
CA THR OD 66 -65.03 18.72 -127.28
C THR OD 66 -64.50 17.53 -126.48
N ALA OD 67 -64.65 16.34 -127.04
CA ALA OD 67 -64.12 15.15 -126.37
C ALA OD 67 -62.63 15.25 -126.14
N ALA OD 68 -61.88 15.68 -127.15
CA ALA OD 68 -60.43 15.75 -126.98
C ALA OD 68 -60.05 16.70 -125.86
N VAL OD 69 -60.78 17.80 -125.72
CA VAL OD 69 -60.53 18.71 -124.59
C VAL OD 69 -60.80 18.02 -123.26
N TYR OD 70 -61.93 17.35 -123.16
CA TYR OD 70 -62.24 16.65 -121.91
C TYR OD 70 -61.20 15.59 -121.54
N TRP OD 71 -60.68 14.85 -122.50
CA TRP OD 71 -59.63 13.89 -122.18
C TRP OD 71 -58.30 14.55 -121.84
N ILE OD 72 -57.93 15.62 -122.54
CA ILE OD 72 -56.70 16.30 -122.19
C ILE OD 72 -56.78 16.80 -120.77
N LYS OD 73 -57.93 17.31 -120.36
CA LYS OD 73 -58.11 17.65 -118.96
C LYS OD 73 -57.95 16.44 -118.06
N THR OD 74 -58.69 15.38 -118.34
CA THR OD 74 -58.73 14.27 -117.39
C THR OD 74 -57.37 13.64 -117.18
N TYR OD 75 -56.57 13.52 -118.24
CA TYR OD 75 -55.23 12.96 -118.09
C TYR OD 75 -54.16 13.98 -117.82
N GLN OD 76 -54.47 15.27 -117.75
CA GLN OD 76 -53.47 16.27 -117.44
C GLN OD 76 -52.31 16.28 -118.42
N LEU OD 77 -52.61 16.07 -119.70
CA LEU OD 77 -51.57 16.06 -120.69
C LEU OD 77 -51.16 17.50 -120.99
N PRO OD 78 -49.98 17.71 -121.57
CA PRO OD 78 -48.89 16.78 -121.83
C PRO OD 78 -48.19 16.37 -120.56
N PRO OD 79 -47.52 15.22 -120.58
CA PRO OD 79 -46.87 14.74 -119.35
C PRO OD 79 -45.70 15.62 -118.95
N ARG OD 80 -45.58 15.86 -117.64
CA ARG OD 80 -44.39 16.45 -117.08
C ARG OD 80 -43.19 15.54 -117.26
N PRO OD 81 -41.98 16.09 -117.26
CA PRO OD 81 -40.79 15.26 -117.41
C PRO OD 81 -40.52 14.43 -116.16
N ARG OD 82 -39.78 13.34 -116.37
CA ARG OD 82 -39.50 12.38 -115.32
C ARG OD 82 -38.51 12.95 -114.31
N VAL OD 83 -38.77 12.69 -113.04
CA VAL OD 83 -38.03 13.30 -111.92
C VAL OD 83 -37.06 12.30 -111.31
N GLU OD 84 -35.79 12.71 -111.17
CA GLU OD 84 -34.76 11.92 -110.52
C GLU OD 84 -33.96 12.75 -109.52
N ILE OD 85 -33.62 12.12 -108.39
CA ILE OD 85 -33.15 12.88 -107.22
C ILE OD 85 -31.83 13.56 -107.50
N ALA OD 86 -31.00 12.99 -108.38
CA ALA OD 86 -29.76 13.65 -108.75
C ALA OD 86 -29.97 15.03 -109.36
N GLN OD 87 -31.17 15.34 -109.83
CA GLN OD 87 -31.41 16.68 -110.35
C GLN OD 87 -31.32 17.76 -109.28
N MET OD 88 -31.62 17.43 -108.03
CA MET OD 88 -31.65 18.44 -106.98
C MET OD 88 -30.26 18.79 -106.45
N PHE OD 89 -29.25 17.98 -106.71
CA PHE OD 89 -27.90 18.20 -106.22
C PHE OD 89 -26.93 18.16 -107.40
N PRO OD 90 -27.00 19.13 -108.28
CA PRO OD 90 -26.15 19.11 -109.47
C PRO OD 90 -24.69 18.93 -109.09
N ALA OD 91 -24.04 17.97 -109.74
CA ALA OD 91 -22.66 17.63 -109.43
C ALA OD 91 -21.66 18.71 -109.82
N ASP OD 92 -22.08 19.71 -110.59
CA ASP OD 92 -21.19 20.78 -111.01
C ASP OD 92 -20.85 21.75 -109.89
N SER OD 93 -21.39 21.56 -108.69
CA SER OD 93 -21.20 22.53 -107.63
C SER OD 93 -19.74 22.56 -107.17
N LEU OD 94 -19.32 23.72 -106.70
CA LEU OD 94 -17.97 23.88 -106.17
C LEU OD 94 -17.81 23.27 -104.79
N VAL OD 95 -18.88 23.11 -104.04
CA VAL OD 95 -18.83 22.53 -102.70
C VAL OD 95 -19.95 21.51 -102.58
N SER OD 96 -19.66 20.41 -101.87
CA SER OD 96 -20.67 19.40 -101.60
C SER OD 96 -20.53 18.93 -100.17
N SER OD 97 -21.66 18.74 -99.51
CA SER OD 97 -21.66 18.07 -98.24
C SER OD 97 -21.67 16.57 -98.44
N PRO OD 98 -21.32 15.80 -97.42
CA PRO OD 98 -21.55 14.36 -97.51
C PRO OD 98 -22.98 13.99 -97.86
N ARG OD 99 -23.94 14.78 -97.40
CA ARG OD 99 -25.34 14.47 -97.65
C ARG OD 99 -25.64 14.45 -99.13
N ALA OD 100 -25.15 15.44 -99.87
CA ALA OD 100 -25.36 15.50 -101.32
C ALA OD 100 -24.70 14.33 -102.04
N GLU OD 101 -23.44 14.04 -101.72
CA GLU OD 101 -22.78 12.91 -102.35
C GLU OD 101 -23.56 11.62 -102.13
N LYS OD 102 -23.92 11.35 -100.88
CA LYS OD 102 -24.69 10.16 -100.56
C LYS OD 102 -26.01 10.11 -101.33
N ALA OD 103 -26.66 11.26 -101.49
CA ALA OD 103 -27.89 11.30 -102.27
C ALA OD 103 -27.66 10.93 -103.72
N ARG OD 104 -26.69 11.56 -104.38
CA ARG OD 104 -26.40 11.17 -105.76
C ARG OD 104 -26.15 9.67 -105.88
N LEU OD 105 -25.35 9.11 -104.98
CA LEU OD 105 -25.11 7.68 -105.02
C LEU OD 105 -26.40 6.86 -105.04
N TYR OD 106 -27.26 7.06 -104.04
CA TYR OD 106 -28.51 6.31 -104.03
C TYR OD 106 -29.36 6.55 -105.28
N SER OD 107 -29.41 7.78 -105.76
CA SER OD 107 -30.21 8.05 -106.95
C SER OD 107 -29.64 7.45 -108.21
N ALA OD 108 -28.38 7.03 -108.19
CA ALA OD 108 -27.88 6.29 -109.34
C ALA OD 108 -28.10 4.79 -109.20
N ILE OD 109 -28.08 4.28 -107.98
CA ILE OD 109 -28.36 2.86 -107.80
C ILE OD 109 -29.80 2.53 -108.16
N GLU OD 110 -30.76 3.36 -107.75
CA GLU OD 110 -32.15 3.13 -108.15
C GLU OD 110 -32.33 3.02 -109.66
N GLN OD 111 -31.65 3.87 -110.43
CA GLN OD 111 -31.80 3.81 -111.86
C GLN OD 111 -31.16 2.57 -112.43
N ARG OD 112 -30.00 2.18 -111.90
CA ARG OD 112 -29.35 1.01 -112.46
C ARG OD 112 -30.14 -0.25 -112.17
N LEU OD 113 -30.86 -0.29 -111.05
CA LEU OD 113 -31.72 -1.44 -110.80
C LEU OD 113 -32.94 -1.48 -111.71
N GLU OD 114 -33.61 -0.35 -111.91
CA GLU OD 114 -34.70 -0.40 -112.90
C GLU OD 114 -34.22 -0.82 -114.28
N GLN OD 115 -33.02 -0.41 -114.67
CA GLN OD 115 -32.51 -0.85 -115.96
C GLN OD 115 -32.20 -2.32 -115.96
N SER OD 116 -31.93 -2.89 -114.80
CA SER OD 116 -31.63 -4.32 -114.80
C SER OD 116 -32.92 -5.11 -114.84
N LEU OD 117 -33.91 -4.73 -114.03
CA LEU OD 117 -35.18 -5.43 -114.05
C LEU OD 117 -35.79 -5.46 -115.43
N GLN OD 118 -35.70 -4.37 -116.19
CA GLN OD 118 -36.29 -4.44 -117.52
C GLN OD 118 -35.72 -5.53 -118.41
N THR OD 119 -34.60 -6.14 -118.07
CA THR OD 119 -34.05 -7.22 -118.89
C THR OD 119 -34.58 -8.60 -118.56
N MET OD 120 -35.22 -8.79 -117.40
CA MET OD 120 -35.77 -10.09 -117.09
C MET OD 120 -36.79 -10.53 -118.14
N GLU OD 121 -36.99 -11.84 -118.19
CA GLU OD 121 -37.93 -12.47 -119.11
C GLU OD 121 -39.38 -12.10 -118.83
N GLY OD 122 -40.03 -11.49 -119.81
CA GLY OD 122 -41.41 -11.06 -119.74
C GLY OD 122 -41.68 -9.67 -119.19
N VAL OD 123 -40.74 -9.07 -118.47
CA VAL OD 123 -41.00 -7.74 -117.91
C VAL OD 123 -41.01 -6.71 -119.02
N LEU OD 124 -42.01 -5.84 -119.02
CA LEU OD 124 -42.06 -4.72 -119.95
C LEU OD 124 -41.52 -3.43 -119.36
N SER OD 125 -41.85 -3.12 -118.11
CA SER OD 125 -41.16 -2.05 -117.41
C SER OD 125 -41.31 -2.23 -115.91
N ALA OD 126 -40.47 -1.53 -115.16
CA ALA OD 126 -40.51 -1.56 -113.72
C ALA OD 126 -40.15 -0.20 -113.15
N ARG OD 127 -40.51 0.01 -111.90
CA ARG OD 127 -40.06 1.17 -111.14
C ARG OD 127 -39.66 0.73 -109.74
N VAL OD 128 -38.60 1.34 -109.19
CA VAL OD 128 -38.05 0.93 -107.91
C VAL OD 128 -37.82 2.14 -107.03
N HIS OD 129 -38.06 1.97 -105.72
CA HIS OD 129 -37.81 3.00 -104.71
C HIS OD 129 -36.98 2.43 -103.57
N ILE OD 130 -36.06 3.24 -103.06
CA ILE OD 130 -35.26 2.91 -101.89
C ILE OD 130 -35.54 3.88 -100.75
N SER OD 131 -35.52 3.37 -99.53
CA SER OD 131 -35.54 4.19 -98.33
C SER OD 131 -34.31 5.07 -98.18
N TYR OD 132 -34.41 6.37 -98.46
CA TYR OD 132 -33.29 7.27 -98.18
C TYR OD 132 -33.24 7.57 -96.69
N ASP OD 133 -32.09 7.32 -96.09
CA ASP OD 133 -31.82 7.66 -94.69
C ASP OD 133 -30.65 8.62 -94.61
N ILE OD 134 -30.25 9.19 -95.75
CA ILE OD 134 -29.22 10.21 -95.80
C ILE OD 134 -29.64 11.47 -95.08
N ASP OD 135 -30.93 11.63 -94.81
CA ASP OD 135 -31.37 12.71 -93.94
C ASP OD 135 -30.85 12.55 -92.53
N ALA OD 136 -30.42 11.37 -92.11
CA ALA OD 136 -29.65 11.28 -90.88
C ALA OD 136 -28.24 11.79 -91.10
N GLY OD 137 -27.70 12.44 -90.07
CA GLY OD 137 -26.29 12.74 -90.02
C GLY OD 137 -25.43 11.58 -89.61
N GLU OD 138 -26.03 10.55 -89.01
CA GLU OD 138 -25.32 9.33 -88.64
C GLU OD 138 -24.23 9.62 -87.62
N ASN OD 139 -24.36 10.74 -86.92
CA ASN OD 139 -23.43 11.14 -85.88
C ASN OD 139 -23.59 10.23 -84.66
N GLY OD 140 -22.58 9.43 -84.37
CA GLY OD 140 -22.62 8.66 -83.14
C GLY OD 140 -23.84 7.80 -83.03
N ARG OD 141 -24.36 7.32 -84.16
CA ARG OD 141 -25.72 6.83 -84.24
C ARG OD 141 -25.81 5.65 -85.18
N PRO OD 142 -26.55 4.61 -84.81
CA PRO OD 142 -26.58 3.40 -85.63
C PRO OD 142 -27.37 3.61 -86.90
N PRO OD 143 -26.99 2.95 -87.99
CA PRO OD 143 -27.78 3.03 -89.23
C PRO OD 143 -29.04 2.19 -89.17
N LYS OD 144 -30.14 2.76 -89.69
CA LYS OD 144 -31.38 2.02 -89.82
C LYS OD 144 -31.32 1.03 -90.97
N PRO OD 145 -32.14 -0.01 -90.94
CA PRO OD 145 -32.19 -0.94 -92.07
C PRO OD 145 -32.84 -0.32 -93.31
N VAL OD 146 -32.48 -0.89 -94.45
CA VAL OD 146 -32.99 -0.50 -95.76
C VAL OD 146 -34.35 -1.13 -96.06
N HIS OD 147 -35.21 -0.36 -96.74
CA HIS OD 147 -36.51 -0.78 -97.24
C HIS OD 147 -36.57 -0.52 -98.75
N LEU OD 148 -37.22 -1.43 -99.49
CA LEU OD 148 -37.30 -1.36 -100.94
C LEU OD 148 -38.71 -1.62 -101.41
N SER OD 149 -39.15 -0.88 -102.44
CA SER OD 149 -40.43 -1.13 -103.08
C SER OD 149 -40.30 -1.20 -104.59
N ALA OD 150 -41.07 -2.09 -105.23
CA ALA OD 150 -41.01 -2.23 -106.68
C ALA OD 150 -42.38 -2.45 -107.32
N LEU OD 151 -42.55 -1.89 -108.52
CA LEU OD 151 -43.70 -2.12 -109.38
C LEU OD 151 -43.22 -2.71 -110.70
N ALA OD 152 -44.00 -3.63 -111.29
CA ALA OD 152 -43.65 -4.10 -112.63
C ALA OD 152 -44.85 -4.54 -113.45
N VAL OD 153 -44.70 -4.42 -114.77
CA VAL OD 153 -45.73 -4.81 -115.73
C VAL OD 153 -45.26 -6.03 -116.53
N TYR OD 154 -46.15 -7.01 -116.68
CA TYR OD 154 -45.85 -8.26 -117.38
C TYR OD 154 -46.68 -8.47 -118.63
N GLU OD 155 -46.12 -9.26 -119.55
CA GLU OD 155 -46.87 -9.76 -120.70
C GLU OD 155 -48.03 -10.66 -120.25
N ARG OD 156 -49.08 -10.63 -121.05
CA ARG OD 156 -50.29 -11.43 -120.80
C ARG OD 156 -50.04 -12.93 -120.78
N GLY OD 157 -50.64 -13.59 -119.79
CA GLY OD 157 -50.51 -15.02 -119.59
C GLY OD 157 -49.35 -15.45 -118.72
N SER OD 158 -48.88 -14.60 -117.86
CA SER OD 158 -47.79 -14.78 -116.91
C SER OD 158 -48.31 -15.12 -115.53
N PRO OD 159 -47.80 -16.16 -114.87
CA PRO OD 159 -48.25 -16.44 -113.49
C PRO OD 159 -47.58 -15.52 -112.49
N LEU OD 160 -48.25 -14.39 -112.27
CA LEU OD 160 -47.76 -13.33 -111.40
C LEU OD 160 -47.38 -13.87 -110.02
N ALA OD 161 -48.26 -14.69 -109.44
CA ALA OD 161 -48.00 -15.25 -108.13
C ALA OD 161 -46.65 -15.95 -108.11
N HIS OD 162 -46.36 -16.77 -109.11
CA HIS OD 162 -45.08 -17.45 -109.09
C HIS OD 162 -43.92 -16.57 -109.51
N GLN OD 163 -44.17 -15.39 -110.07
CA GLN OD 163 -43.06 -14.52 -110.45
C GLN OD 163 -42.64 -13.53 -109.38
N ILE OD 164 -43.43 -13.32 -108.34
CA ILE OD 164 -42.97 -12.40 -107.30
C ILE OD 164 -41.70 -12.92 -106.62
N SER OD 165 -41.60 -14.23 -106.44
CA SER OD 165 -40.45 -14.83 -105.80
C SER OD 165 -39.12 -14.44 -106.44
N ASP OD 166 -39.02 -14.57 -107.77
CA ASP OD 166 -37.79 -14.21 -108.46
C ASP OD 166 -37.34 -12.78 -108.15
N ILE OD 167 -38.24 -11.83 -108.29
CA ILE OD 167 -37.91 -10.44 -108.01
C ILE OD 167 -37.40 -10.29 -106.58
N LYS OD 168 -38.14 -10.77 -105.60
CA LYS OD 168 -37.66 -10.67 -104.22
C LYS OD 168 -36.26 -11.26 -104.06
N ARG OD 169 -36.05 -12.46 -104.56
CA ARG OD 169 -34.72 -13.08 -104.47
C ARG OD 169 -33.65 -12.18 -105.07
N PHE OD 170 -33.91 -11.64 -106.24
CA PHE OD 170 -32.91 -10.80 -106.89
C PHE OD 170 -32.61 -9.54 -106.10
N LEU OD 171 -33.63 -8.89 -105.56
CA LEU OD 171 -33.42 -7.65 -104.81
C LEU OD 171 -32.72 -7.87 -103.48
N LYS OD 172 -33.08 -8.93 -102.75
CA LYS OD 172 -32.51 -9.13 -101.42
C LYS OD 172 -31.00 -8.99 -101.34
N ASN OD 173 -30.26 -9.56 -102.27
CA ASN OD 173 -28.81 -9.50 -102.20
C ASN OD 173 -28.17 -8.25 -102.78
N SER OD 174 -28.93 -7.27 -103.24
CA SER OD 174 -28.30 -6.07 -103.77
C SER OD 174 -27.88 -5.08 -102.68
N PHE OD 175 -28.18 -5.35 -101.42
CA PHE OD 175 -27.85 -4.44 -100.32
C PHE OD 175 -27.32 -5.22 -99.13
N ALA OD 176 -26.59 -4.50 -98.29
CA ALA OD 176 -25.97 -5.09 -97.10
C ALA OD 176 -26.97 -5.69 -96.12
N ASP OD 177 -28.17 -5.13 -95.98
CA ASP OD 177 -29.07 -5.67 -94.96
C ASP OD 177 -30.52 -5.45 -95.38
N VAL OD 178 -31.16 -6.50 -95.87
CA VAL OD 178 -32.53 -6.44 -96.31
C VAL OD 178 -33.21 -7.74 -95.91
N ASP OD 179 -34.44 -7.64 -95.43
CA ASP OD 179 -35.24 -8.79 -95.05
C ASP OD 179 -36.40 -8.93 -96.02
N TYR OD 180 -36.74 -10.18 -96.35
CA TYR OD 180 -37.89 -10.40 -97.22
C TYR OD 180 -39.12 -9.67 -96.71
N ASP OD 181 -39.25 -9.54 -95.39
CA ASP OD 181 -40.37 -8.80 -94.84
C ASP OD 181 -40.37 -7.34 -95.28
N ASN OD 182 -39.21 -6.75 -95.54
CA ASN OD 182 -39.09 -5.34 -95.89
C ASN OD 182 -39.14 -5.06 -97.39
N ILE OD 183 -39.54 -6.01 -98.22
CA ILE OD 183 -39.58 -5.81 -99.67
C ILE OD 183 -41.03 -5.94 -100.13
N SER OD 184 -41.56 -4.87 -100.71
CA SER OD 184 -42.89 -4.83 -101.30
C SER OD 184 -42.81 -4.90 -102.81
N VAL OD 185 -43.64 -5.76 -103.41
CA VAL OD 185 -43.65 -5.97 -104.85
C VAL OD 185 -45.09 -5.98 -105.33
N VAL OD 186 -45.38 -5.15 -106.34
CA VAL OD 186 -46.70 -5.07 -106.96
C VAL OD 186 -46.58 -5.29 -108.46
N LEU OD 187 -47.37 -6.24 -108.98
CA LEU OD 187 -47.33 -6.61 -110.39
C LEU OD 187 -48.68 -6.41 -111.06
N SER OD 188 -48.63 -6.13 -112.36
CA SER OD 188 -49.86 -5.97 -113.14
C SER OD 188 -49.59 -6.41 -114.57
N GLU OD 189 -50.65 -6.79 -115.28
CA GLU OD 189 -50.58 -7.16 -116.68
C GLU OD 189 -50.85 -6.01 -117.65
N ARG OD 190 -50.27 -6.13 -118.83
CA ARG OD 190 -50.56 -5.26 -119.95
C ARG OD 190 -52.04 -5.32 -120.34
N SER OD 191 -52.58 -4.14 -120.64
CA SER OD 191 -53.93 -3.99 -121.17
C SER OD 191 -54.04 -4.53 -122.61
N ASP OD 192 -55.28 -4.66 -123.05
CA ASP OD 192 -55.59 -5.05 -124.42
C ASP OD 192 -54.92 -4.15 -125.45
N ALA OD 193 -54.45 -4.77 -126.54
CA ALA OD 193 -53.80 -4.06 -127.64
C ALA OD 193 -54.76 -3.24 -128.49
N GLN OD 194 -54.37 -2.01 -128.77
CA GLN OD 194 -55.08 -1.09 -129.69
C GLN OD 194 -54.50 -1.19 -131.10
N LEU OD 195 -55.05 -2.08 -131.91
CA LEU OD 195 -54.54 -2.35 -133.25
C LEU OD 195 -55.36 -1.71 -134.36
N GLN OD 196 -56.67 -1.71 -134.28
CA GLN OD 196 -57.50 -1.11 -135.34
C GLN OD 196 -57.53 0.41 -135.23
N ALA OD 197 -57.49 1.05 -136.39
CA ALA OD 197 -57.52 2.51 -136.50
C ALA OD 197 -58.89 3.09 -136.20
N PRO OD 198 -58.94 4.29 -135.63
CA PRO OD 198 -60.22 4.98 -135.40
C PRO OD 198 -60.92 5.39 -136.69
N GLY OD 199 -62.24 5.50 -136.60
CA GLY OD 199 -63.05 5.94 -137.72
C GLY OD 199 -63.04 7.45 -137.93
N THR OD 200 -63.02 7.83 -139.20
CA THR OD 200 -63.04 9.24 -139.60
C THR OD 200 -64.45 9.81 -139.51
N PRO OD 201 -64.62 11.01 -138.96
CA PRO OD 201 -65.95 11.64 -138.96
C PRO OD 201 -66.56 11.67 -140.35
N VAL OD 202 -67.86 11.42 -140.42
CA VAL OD 202 -68.56 11.50 -141.69
C VAL OD 202 -68.76 12.96 -142.06
N ASP PD 20 -46.03 8.08 -145.97
CA ASP PD 20 -45.41 7.59 -144.75
C ASP PD 20 -45.46 8.65 -143.65
N LYS PD 21 -45.63 8.19 -142.42
CA LYS PD 21 -45.70 9.05 -141.25
C LYS PD 21 -44.44 8.94 -140.42
N ASP PD 22 -43.95 10.08 -139.96
CA ASP PD 22 -42.78 10.14 -139.07
C ASP PD 22 -43.12 9.75 -137.65
N LEU PD 23 -42.45 8.72 -137.15
CA LEU PD 23 -42.52 8.32 -135.75
C LEU PD 23 -41.50 9.06 -134.89
N LEU PD 24 -40.23 9.01 -135.27
CA LEU PD 24 -39.18 9.57 -134.44
C LEU PD 24 -38.11 10.19 -135.34
N LYS PD 25 -37.43 11.20 -134.79
CA LYS PD 25 -36.31 11.84 -135.46
C LYS PD 25 -35.17 12.06 -134.50
N GLY PD 26 -33.99 12.29 -135.07
CA GLY PD 26 -32.81 12.55 -134.28
C GLY PD 26 -32.37 11.40 -133.41
N LEU PD 27 -32.61 10.17 -133.83
CA LEU PD 27 -32.17 9.04 -133.04
C LEU PD 27 -30.68 8.81 -133.20
N ASP PD 28 -30.10 8.18 -132.20
CA ASP PD 28 -28.80 7.53 -132.35
C ASP PD 28 -28.94 6.17 -133.02
N GLN PD 29 -27.83 5.73 -133.61
CA GLN PD 29 -27.75 4.42 -134.26
C GLN PD 29 -28.27 3.30 -133.37
N GLU PD 30 -27.82 3.27 -132.12
CA GLU PD 30 -28.20 2.19 -131.22
C GLU PD 30 -29.64 2.30 -130.74
N GLN PD 31 -30.20 3.51 -130.77
CA GLN PD 31 -31.62 3.65 -130.50
C GLN PD 31 -32.43 3.16 -131.70
N ALA PD 32 -31.97 3.49 -132.90
CA ALA PD 32 -32.71 3.15 -134.11
C ALA PD 32 -32.82 1.65 -134.26
N ASN PD 33 -31.71 0.93 -134.10
CA ASN PD 33 -31.78 -0.50 -134.33
C ASN PD 33 -32.65 -1.22 -133.30
N GLU PD 34 -32.72 -0.71 -132.08
CA GLU PD 34 -33.63 -1.28 -131.10
C GLU PD 34 -35.08 -1.01 -131.41
N VAL PD 35 -35.39 0.17 -131.95
CA VAL PD 35 -36.75 0.42 -132.38
C VAL PD 35 -37.12 -0.51 -133.53
N ILE PD 36 -36.26 -0.59 -134.53
CA ILE PD 36 -36.58 -1.45 -135.68
C ILE PD 36 -36.84 -2.87 -135.21
N ALA PD 37 -35.99 -3.39 -134.34
CA ALA PD 37 -36.19 -4.75 -133.82
C ALA PD 37 -37.55 -4.93 -133.17
N VAL PD 38 -37.96 -3.96 -132.35
CA VAL PD 38 -39.24 -4.11 -131.67
C VAL PD 38 -40.42 -3.97 -132.62
N LEU PD 39 -40.33 -3.15 -133.66
CA LEU PD 39 -41.44 -3.12 -134.61
C LEU PD 39 -41.52 -4.39 -135.43
N GLN PD 40 -40.39 -4.85 -135.97
CA GLN PD 40 -40.40 -6.08 -136.74
C GLN PD 40 -40.98 -7.25 -135.97
N MET PD 41 -40.68 -7.35 -134.68
CA MET PD 41 -41.24 -8.49 -133.94
C MET PD 41 -42.76 -8.55 -134.02
N HIS PD 42 -43.44 -7.41 -134.09
CA HIS PD 42 -44.90 -7.37 -134.17
C HIS PD 42 -45.43 -7.28 -135.59
N ASN PD 43 -44.63 -7.64 -136.58
CA ASN PD 43 -45.03 -7.59 -138.00
C ASN PD 43 -45.27 -6.19 -138.56
N ILE PD 44 -44.48 -5.22 -138.15
CA ILE PD 44 -44.59 -3.86 -138.67
C ILE PD 44 -43.32 -3.57 -139.45
N GLU PD 45 -43.46 -3.38 -140.75
CA GLU PD 45 -42.36 -2.98 -141.63
C GLU PD 45 -42.01 -1.51 -141.44
N ALA PD 46 -40.78 -1.22 -141.07
CA ALA PD 46 -40.34 0.13 -140.77
C ALA PD 46 -39.14 0.49 -141.64
N ASN PD 47 -38.87 1.79 -141.78
CA ASN PD 47 -37.77 2.28 -142.59
C ASN PD 47 -36.90 3.24 -141.80
N LYS PD 48 -35.59 3.06 -141.93
CA LYS PD 48 -34.59 3.89 -141.29
C LYS PD 48 -33.91 4.79 -142.31
N ILE PD 49 -33.89 6.09 -142.03
CA ILE PD 49 -33.33 7.11 -142.91
C ILE PD 49 -32.26 7.87 -142.15
N ASP PD 50 -31.17 8.18 -142.84
CA ASP PD 50 -30.03 8.90 -142.27
C ASP PD 50 -29.92 10.32 -142.81
N SER PD 51 -29.89 11.29 -141.89
CA SER PD 51 -29.75 12.70 -142.21
C SER PD 51 -28.43 13.28 -141.72
N GLY PD 52 -27.48 12.42 -141.36
CA GLY PD 52 -26.21 12.82 -140.79
C GLY PD 52 -26.17 13.55 -139.45
N LYS PD 53 -25.78 14.82 -139.45
CA LYS PD 53 -25.81 15.60 -138.23
C LYS PD 53 -27.18 15.64 -137.57
N LEU PD 54 -28.24 15.32 -138.29
CA LEU PD 54 -29.57 15.32 -137.71
C LEU PD 54 -29.97 13.94 -137.20
N GLY PD 55 -29.12 12.93 -137.36
CA GLY PD 55 -29.40 11.56 -136.99
C GLY PD 55 -30.34 10.77 -137.88
N TYR PD 56 -30.83 9.68 -137.33
CA TYR PD 56 -31.75 8.77 -137.99
C TYR PD 56 -33.21 9.05 -137.70
N SER PD 57 -34.04 8.74 -138.69
CA SER PD 57 -35.48 8.89 -138.66
C SER PD 57 -36.13 7.56 -138.99
N ILE PD 58 -37.28 7.29 -138.39
CA ILE PD 58 -38.03 6.05 -138.57
C ILE PD 58 -39.41 6.37 -139.14
N THR PD 59 -39.80 5.65 -140.18
CA THR PD 59 -41.09 5.89 -140.81
C THR PD 59 -41.80 4.58 -141.11
N VAL PD 60 -43.14 4.65 -141.13
CA VAL PD 60 -44.01 3.51 -141.39
C VAL PD 60 -45.21 3.97 -142.23
N ALA PD 61 -45.88 2.98 -142.83
CA ALA PD 61 -47.13 3.21 -143.53
C ALA PD 61 -48.29 3.50 -142.58
N GLU PD 62 -49.29 4.17 -143.15
CA GLU PD 62 -50.50 4.54 -142.41
C GLU PD 62 -51.23 3.35 -141.79
N PRO PD 63 -51.52 2.28 -142.52
CA PRO PD 63 -52.18 1.13 -141.87
C PRO PD 63 -51.47 0.62 -140.65
N ASP PD 64 -50.17 0.83 -140.52
CA ASP PD 64 -49.43 0.35 -139.36
C ASP PD 64 -49.12 1.44 -138.35
N PHE PD 65 -49.46 2.70 -138.66
CA PHE PD 65 -49.13 3.81 -137.77
C PHE PD 65 -49.71 3.63 -136.37
N THR PD 66 -51.00 3.35 -136.28
CA THR PD 66 -51.65 3.16 -134.98
C THR PD 66 -50.95 2.11 -134.12
N ALA PD 67 -50.74 0.92 -134.67
CA ALA PD 67 -50.04 -0.12 -133.93
C ALA PD 67 -48.65 0.34 -133.51
N ALA PD 68 -47.90 0.96 -134.41
CA ALA PD 68 -46.56 1.37 -134.05
C ALA PD 68 -46.59 2.36 -132.89
N VAL PD 69 -47.54 3.26 -132.88
CA VAL PD 69 -47.68 4.19 -131.76
C VAL PD 69 -47.94 3.44 -130.47
N TYR PD 70 -48.87 2.49 -130.50
CA TYR PD 70 -49.17 1.75 -129.29
C TYR PD 70 -47.96 0.99 -128.75
N TRP PD 71 -47.16 0.39 -129.63
CA TRP PD 71 -45.99 -0.34 -129.13
C TRP PD 71 -44.91 0.60 -128.60
N ILE PD 72 -44.66 1.69 -129.28
CA ILE PD 72 -43.65 2.64 -128.79
C ILE PD 72 -44.03 3.14 -127.41
N LYS PD 73 -45.32 3.40 -127.18
CA LYS PD 73 -45.72 3.76 -125.82
C LYS PD 73 -45.50 2.61 -124.86
N THR PD 74 -45.96 1.42 -125.21
CA THR PD 74 -45.91 0.33 -124.24
C THR PD 74 -44.49 0.02 -123.83
N TYR PD 75 -43.53 0.07 -124.76
CA TYR PD 75 -42.15 -0.22 -124.44
C TYR PD 75 -41.34 1.03 -124.07
N GLN PD 76 -41.97 2.18 -123.93
CA GLN PD 76 -41.25 3.39 -123.54
C GLN PD 76 -40.06 3.70 -124.44
N LEU PD 77 -40.23 3.49 -125.72
CA LEU PD 77 -39.15 3.76 -126.64
C LEU PD 77 -39.08 5.26 -126.92
N PRO PD 78 -37.94 5.76 -127.40
CA PRO PD 78 -36.64 5.12 -127.57
C PRO PD 78 -35.92 4.93 -126.24
N PRO PD 79 -35.02 3.97 -126.17
CA PRO PD 79 -34.45 3.60 -124.88
C PRO PD 79 -33.55 4.69 -124.31
N ARG PD 80 -33.53 4.75 -122.98
CA ARG PD 80 -32.60 5.60 -122.25
C ARG PD 80 -31.18 5.09 -122.45
N PRO PD 81 -30.18 5.97 -122.34
CA PRO PD 81 -28.79 5.50 -122.30
C PRO PD 81 -28.49 4.78 -121.00
N ARG PD 82 -27.47 3.94 -121.05
CA ARG PD 82 -27.18 3.03 -119.95
C ARG PD 82 -26.38 3.71 -118.84
N VAL PD 83 -26.86 3.61 -117.60
CA VAL PD 83 -26.25 4.23 -116.45
C VAL PD 83 -25.08 3.41 -115.92
N GLU PD 84 -24.00 4.09 -115.52
CA GLU PD 84 -22.94 3.51 -114.71
C GLU PD 84 -22.53 4.48 -113.61
N ILE PD 85 -22.26 3.93 -112.42
CA ILE PD 85 -22.15 4.77 -111.23
C ILE PD 85 -21.01 5.75 -111.34
N ALA PD 86 -19.94 5.37 -112.05
CA ALA PD 86 -18.84 6.30 -112.29
C ALA PD 86 -19.28 7.60 -112.94
N GLN PD 87 -20.42 7.61 -113.61
CA GLN PD 87 -20.88 8.86 -114.23
C GLN PD 87 -21.28 9.93 -113.23
N MET PD 88 -21.58 9.58 -111.99
CA MET PD 88 -21.92 10.57 -110.98
C MET PD 88 -20.72 11.20 -110.31
N PHE PD 89 -19.52 10.67 -110.49
CA PHE PD 89 -18.33 11.18 -109.82
C PHE PD 89 -17.21 11.29 -110.84
N PRO PD 90 -17.32 12.22 -111.78
CA PRO PD 90 -16.35 12.27 -112.87
C PRO PD 90 -14.94 12.46 -112.34
N ALA PD 91 -14.00 11.76 -112.94
CA ALA PD 91 -12.60 11.94 -112.59
C ALA PD 91 -12.10 13.34 -112.90
N ASP PD 92 -12.83 14.09 -113.73
CA ASP PD 92 -12.57 15.50 -113.95
C ASP PD 92 -12.88 16.38 -112.76
N SER PD 93 -13.41 15.85 -111.68
CA SER PD 93 -13.75 16.70 -110.54
C SER PD 93 -12.52 17.47 -110.08
N LEU PD 94 -12.76 18.69 -109.59
CA LEU PD 94 -11.67 19.54 -109.12
C LEU PD 94 -11.06 19.00 -107.85
N VAL PD 95 -11.81 18.24 -107.06
CA VAL PD 95 -11.33 17.65 -105.83
C VAL PD 95 -12.05 16.33 -105.62
N SER PD 96 -11.46 15.46 -104.81
CA SER PD 96 -12.08 14.18 -104.50
C SER PD 96 -12.03 13.91 -103.01
N SER PD 97 -13.13 13.42 -102.49
CA SER PD 97 -13.20 12.80 -101.18
C SER PD 97 -12.92 11.31 -101.31
N PRO PD 98 -12.67 10.63 -100.19
CA PRO PD 98 -12.57 9.16 -100.24
C PRO PD 98 -13.82 8.47 -100.77
N ARG PD 99 -14.99 9.00 -100.47
CA ARG PD 99 -16.23 8.37 -100.93
C ARG PD 99 -16.27 8.26 -102.44
N ALA PD 100 -15.90 9.32 -103.15
CA ALA PD 100 -15.90 9.27 -104.60
C ALA PD 100 -14.92 8.23 -105.14
N GLU PD 101 -13.69 8.23 -104.65
CA GLU PD 101 -12.73 7.24 -105.11
C GLU PD 101 -13.23 5.82 -104.92
N LYS PD 102 -13.70 5.51 -103.71
CA LYS PD 102 -14.24 4.18 -103.45
C LYS PD 102 -15.41 3.83 -104.37
N ALA PD 103 -16.26 4.81 -104.66
CA ALA PD 103 -17.36 4.56 -105.59
C ALA PD 103 -16.85 4.21 -106.98
N ARG PD 104 -15.96 5.03 -107.53
CA ARG PD 104 -15.40 4.70 -108.83
C ARG PD 104 -14.80 3.30 -108.85
N LEU PD 105 -14.05 2.94 -107.83
CA LEU PD 105 -13.48 1.60 -107.77
C LEU PD 105 -14.54 0.51 -107.92
N TYR PD 106 -15.54 0.51 -107.06
CA TYR PD 106 -16.60 -0.49 -107.18
C TYR PD 106 -17.31 -0.46 -108.53
N SER PD 107 -17.53 0.71 -109.08
CA SER PD 107 -18.20 0.76 -110.37
C SER PD 107 -17.34 0.24 -111.49
N ALA PD 108 -16.04 0.19 -111.33
CA ALA PD 108 -15.21 -0.42 -112.36
C ALA PD 108 -15.09 -1.92 -112.20
N ILE PD 109 -15.12 -2.40 -110.97
CA ILE PD 109 -15.13 -3.85 -110.76
C ILE PD 109 -16.41 -4.49 -111.31
N GLU PD 110 -17.58 -3.88 -111.09
CA GLU PD 110 -18.80 -4.46 -111.66
C GLU PD 110 -18.71 -4.65 -113.17
N GLN PD 111 -18.24 -3.63 -113.88
CA GLN PD 111 -18.14 -3.75 -115.32
C GLN PD 111 -17.15 -4.82 -115.74
N ARG PD 112 -16.03 -4.91 -115.03
CA ARG PD 112 -15.04 -5.90 -115.45
C ARG PD 112 -15.55 -7.32 -115.19
N LEU PD 113 -16.37 -7.52 -114.18
CA LEU PD 113 -16.96 -8.84 -114.00
C LEU PD 113 -18.00 -9.18 -115.06
N GLU PD 114 -18.87 -8.25 -115.43
CA GLU PD 114 -19.80 -8.57 -116.52
C GLU PD 114 -19.06 -8.93 -117.80
N GLN PD 115 -18.02 -8.16 -118.13
CA GLN PD 115 -17.25 -8.49 -119.32
C GLN PD 115 -16.57 -9.84 -119.19
N SER PD 116 -16.26 -10.26 -117.98
CA SER PD 116 -15.62 -11.57 -117.86
C SER PD 116 -16.65 -12.68 -118.01
N LEU PD 117 -17.82 -12.52 -117.40
CA LEU PD 117 -18.83 -13.57 -117.49
C LEU PD 117 -19.27 -13.82 -118.92
N GLN PD 118 -19.37 -12.78 -119.74
CA GLN PD 118 -19.77 -13.06 -121.12
C GLN PD 118 -18.86 -14.02 -121.85
N THR PD 119 -17.61 -14.19 -121.42
CA THR PD 119 -16.74 -15.16 -122.07
C THR PD 119 -17.06 -16.61 -121.75
N MET PD 120 -17.84 -16.89 -120.71
CA MET PD 120 -18.18 -18.27 -120.42
C MET PD 120 -18.96 -18.89 -121.58
N GLU PD 121 -18.93 -20.22 -121.62
CA GLU PD 121 -19.60 -21.02 -122.64
C GLU PD 121 -21.12 -20.94 -122.58
N GLY PD 122 -21.72 -20.47 -123.68
CA GLY PD 122 -23.16 -20.35 -123.83
C GLY PD 122 -23.77 -19.06 -123.37
N VAL PD 123 -23.14 -18.30 -122.49
CA VAL PD 123 -23.76 -17.07 -122.02
C VAL PD 123 -23.83 -16.06 -123.16
N LEU PD 124 -24.99 -15.47 -123.35
CA LEU PD 124 -25.16 -14.39 -124.32
C LEU PD 124 -24.97 -13.02 -123.70
N SER PD 125 -25.52 -12.78 -122.51
CA SER PD 125 -25.25 -11.55 -121.81
C SER PD 125 -25.58 -11.72 -120.34
N ALA PD 126 -25.06 -10.79 -119.52
CA ALA PD 126 -25.26 -10.85 -118.09
C ALA PD 126 -25.20 -9.45 -117.51
N ARG PD 127 -25.71 -9.32 -116.30
CA ARG PD 127 -25.59 -8.09 -115.53
C ARG PD 127 -25.28 -8.44 -114.08
N VAL PD 128 -24.46 -7.62 -113.41
CA VAL PD 128 -24.04 -7.91 -112.05
C VAL PD 128 -24.18 -6.66 -111.19
N HIS PD 129 -24.45 -6.88 -109.89
CA HIS PD 129 -24.64 -5.81 -108.92
C HIS PD 129 -23.88 -6.12 -107.64
N ILE PD 130 -23.38 -5.07 -107.00
CA ILE PD 130 -22.58 -5.17 -105.78
C ILE PD 130 -23.18 -4.30 -104.67
N SER PD 131 -22.96 -4.72 -103.42
CA SER PD 131 -23.25 -3.90 -102.25
C SER PD 131 -22.30 -2.71 -102.15
N TYR PD 132 -22.72 -1.53 -102.58
CA TYR PD 132 -21.95 -0.34 -102.31
C TYR PD 132 -22.05 0.13 -100.87
N ASP PD 133 -21.46 -0.58 -99.92
CA ASP PD 133 -21.57 -0.14 -98.53
C ASP PD 133 -20.82 1.15 -98.27
N ILE PD 134 -20.15 1.68 -99.30
CA ILE PD 134 -19.44 2.94 -99.22
C ILE PD 134 -20.28 4.11 -98.73
N ASP PD 135 -21.61 4.02 -98.83
CA ASP PD 135 -22.42 5.15 -98.42
C ASP PD 135 -22.18 5.54 -96.99
N ALA PD 136 -21.87 4.60 -96.12
CA ALA PD 136 -21.13 4.90 -94.90
C ALA PD 136 -19.64 4.88 -95.21
N GLY PD 137 -18.97 6.02 -95.00
CA GLY PD 137 -17.57 6.12 -95.31
C GLY PD 137 -16.69 5.36 -94.34
N GLU PD 138 -17.29 4.51 -93.50
CA GLU PD 138 -16.54 3.74 -92.51
C GLU PD 138 -15.64 4.61 -91.66
N ASN PD 139 -16.06 5.84 -91.39
CA ASN PD 139 -15.46 6.55 -90.26
C ASN PD 139 -15.81 5.83 -88.96
N GLY PD 140 -14.78 5.32 -88.28
CA GLY PD 140 -14.94 4.55 -87.07
C GLY PD 140 -15.56 3.18 -87.25
N ARG PD 141 -16.73 3.13 -87.87
CA ARG PD 141 -17.48 1.89 -87.97
C ARG PD 141 -16.73 0.86 -88.81
N PRO PD 142 -16.77 -0.42 -88.44
CA PRO PD 142 -16.13 -1.45 -89.23
C PRO PD 142 -16.89 -1.71 -90.52
N PRO PD 143 -16.26 -2.34 -91.50
CA PRO PD 143 -16.96 -2.65 -92.76
C PRO PD 143 -17.96 -3.76 -92.58
N LYS PD 144 -18.94 -3.80 -93.47
CA LYS PD 144 -19.88 -4.90 -93.58
C LYS PD 144 -19.47 -5.84 -94.71
N PRO PD 145 -19.91 -7.09 -94.67
CA PRO PD 145 -19.63 -8.01 -95.77
C PRO PD 145 -20.36 -7.65 -97.06
N VAL PD 146 -19.76 -8.08 -98.18
CA VAL PD 146 -20.28 -7.83 -99.52
C VAL PD 146 -21.41 -8.79 -99.86
N HIS PD 147 -22.40 -8.28 -100.60
CA HIS PD 147 -23.42 -9.08 -101.26
C HIS PD 147 -23.40 -8.81 -102.77
N LEU PD 148 -23.76 -9.83 -103.55
CA LEU PD 148 -23.67 -9.80 -105.01
C LEU PD 148 -24.95 -10.36 -105.63
N SER PD 149 -25.37 -9.77 -106.75
CA SER PD 149 -26.47 -10.33 -107.54
C SER PD 149 -26.07 -10.43 -109.01
N ALA PD 150 -26.57 -11.46 -109.71
CA ALA PD 150 -26.28 -11.62 -111.12
C ALA PD 150 -27.47 -12.16 -111.92
N LEU PD 151 -27.62 -11.66 -113.14
CA LEU PD 151 -28.58 -12.16 -114.13
C LEU PD 151 -27.83 -12.62 -115.36
N ALA PD 152 -28.32 -13.69 -116.01
CA ALA PD 152 -27.72 -14.06 -117.29
C ALA PD 152 -28.70 -14.77 -118.22
N VAL PD 153 -28.45 -14.63 -119.52
CA VAL PD 153 -29.23 -15.26 -120.58
C VAL PD 153 -28.40 -16.33 -121.28
N TYR PD 154 -29.01 -17.49 -121.51
CA TYR PD 154 -28.34 -18.64 -122.10
C TYR PD 154 -28.91 -19.03 -123.46
N GLU PD 155 -28.08 -19.68 -124.26
CA GLU PD 155 -28.52 -20.34 -125.48
C GLU PD 155 -29.50 -21.46 -125.16
N ARG PD 156 -30.42 -21.70 -126.08
CA ARG PD 156 -31.43 -22.75 -125.94
C ARG PD 156 -30.80 -24.14 -125.81
N GLY PD 157 -31.33 -24.92 -124.87
CA GLY PD 157 -30.85 -26.26 -124.59
C GLY PD 157 -29.74 -26.38 -123.57
N SER PD 158 -29.63 -25.43 -122.69
CA SER PD 158 -28.64 -25.35 -121.63
C SER PD 158 -29.21 -25.84 -120.30
N PRO PD 159 -28.53 -26.73 -119.58
CA PRO PD 159 -29.05 -27.15 -118.27
C PRO PD 159 -28.74 -26.11 -117.21
N LEU PD 160 -29.70 -25.19 -117.08
CA LEU PD 160 -29.59 -24.06 -116.17
C LEU PD 160 -29.25 -24.50 -114.75
N ALA PD 161 -29.96 -25.51 -114.26
CA ALA PD 161 -29.70 -26.00 -112.91
C ALA PD 161 -28.23 -26.37 -112.73
N HIS PD 162 -27.67 -27.10 -113.67
CA HIS PD 162 -26.25 -27.46 -113.57
C HIS PD 162 -25.32 -26.29 -113.80
N GLN PD 163 -25.77 -25.21 -114.43
CA GLN PD 163 -24.86 -24.10 -114.69
C GLN PD 163 -24.85 -23.04 -113.60
N ILE PD 164 -25.82 -23.02 -112.69
CA ILE PD 164 -25.77 -22.03 -111.61
C ILE PD 164 -24.54 -22.26 -110.74
N SER PD 165 -24.19 -23.52 -110.50
CA SER PD 165 -23.04 -23.85 -109.67
C SER PD 165 -21.76 -23.17 -110.15
N ASP PD 166 -21.46 -23.29 -111.44
CA ASP PD 166 -20.26 -22.66 -111.97
C ASP PD 166 -20.21 -21.17 -111.65
N ILE PD 167 -21.28 -20.44 -111.95
CA ILE PD 167 -21.29 -19.02 -111.65
C ILE PD 167 -21.02 -18.75 -110.17
N LYS PD 168 -21.77 -19.39 -109.29
CA LYS PD 168 -21.51 -19.17 -107.87
C LYS PD 168 -20.07 -19.45 -107.50
N ARG PD 169 -19.52 -20.57 -107.93
CA ARG PD 169 -18.13 -20.88 -107.65
C ARG PD 169 -17.21 -19.77 -108.14
N PHE PD 170 -17.43 -19.30 -109.35
CA PHE PD 170 -16.59 -18.24 -109.89
C PHE PD 170 -16.67 -16.97 -109.07
N LEU PD 171 -17.87 -16.54 -108.70
CA LEU PD 171 -17.99 -15.25 -108.02
C LEU PD 171 -17.48 -15.31 -106.58
N LYS PD 172 -17.69 -16.42 -105.89
CA LYS PD 172 -17.29 -16.50 -104.48
C LYS PD 172 -15.87 -16.02 -104.21
N ASN PD 173 -14.91 -16.43 -105.01
CA ASN PD 173 -13.52 -16.05 -104.76
C ASN PD 173 -13.11 -14.69 -105.31
N SER PD 174 -14.00 -13.92 -105.89
CA SER PD 174 -13.58 -12.63 -106.41
C SER PD 174 -13.51 -11.56 -105.33
N PHE PD 175 -13.93 -11.86 -104.10
CA PHE PD 175 -13.96 -10.89 -103.02
C PHE PD 175 -13.45 -11.51 -101.73
N ALA PD 176 -12.99 -10.64 -100.84
CA ALA PD 176 -12.43 -11.07 -99.57
C ALA PD 176 -13.37 -11.88 -98.70
N ASP PD 177 -14.68 -11.61 -98.73
CA ASP PD 177 -15.57 -12.33 -97.82
C ASP PD 177 -16.95 -12.45 -98.42
N VAL PD 178 -17.26 -13.62 -98.96
CA VAL PD 178 -18.56 -13.88 -99.57
C VAL PD 178 -18.96 -15.29 -99.24
N ASP PD 179 -20.23 -15.47 -98.92
CA ASP PD 179 -20.82 -16.77 -98.61
C ASP PD 179 -21.78 -17.16 -99.72
N TYR PD 180 -21.81 -18.45 -100.05
CA TYR PD 180 -22.75 -18.91 -101.05
C TYR PD 180 -24.16 -18.44 -100.74
N ASP PD 181 -24.49 -18.30 -99.46
CA ASP PD 181 -25.78 -17.79 -99.09
C ASP PD 181 -26.01 -16.36 -99.59
N ASN PD 182 -24.97 -15.55 -99.71
CA ASN PD 182 -25.11 -14.15 -100.08
C ASN PD 182 -25.04 -13.88 -101.59
N ILE PD 183 -25.11 -14.90 -102.45
CA ILE PD 183 -25.04 -14.71 -103.89
C ILE PD 183 -26.35 -15.17 -104.49
N SER PD 184 -27.04 -14.26 -105.16
CA SER PD 184 -28.28 -14.51 -105.88
C SER PD 184 -28.00 -14.58 -107.38
N VAL PD 185 -28.53 -15.60 -108.04
CA VAL PD 185 -28.33 -15.82 -109.46
C VAL PD 185 -29.65 -16.14 -110.11
N VAL PD 186 -29.99 -15.41 -111.17
CA VAL PD 186 -31.21 -15.63 -111.95
C VAL PD 186 -30.84 -15.82 -113.41
N LEU PD 187 -31.32 -16.92 -114.00
CA LEU PD 187 -31.00 -17.30 -115.37
C LEU PD 187 -32.26 -17.41 -116.21
N SER PD 188 -32.11 -17.15 -117.50
CA SER PD 188 -33.23 -17.27 -118.44
C SER PD 188 -32.69 -17.66 -119.81
N GLU PD 189 -33.55 -18.28 -120.61
CA GLU PD 189 -33.21 -18.64 -121.99
C GLU PD 189 -33.60 -17.58 -123.00
N ARG PD 190 -32.85 -17.58 -124.10
CA ARG PD 190 -33.19 -16.79 -125.28
C ARG PD 190 -34.56 -17.15 -125.82
N SER PD 191 -35.29 -16.11 -126.22
CA SER PD 191 -36.56 -16.26 -126.90
C SER PD 191 -36.40 -16.84 -128.31
N ASP PD 192 -37.53 -17.24 -128.88
CA ASP PD 192 -37.57 -17.70 -130.26
C ASP PD 192 -37.00 -16.71 -131.27
N ALA PD 193 -36.29 -17.25 -132.25
CA ALA PD 193 -35.67 -16.46 -133.32
C ALA PD 193 -36.67 -15.89 -134.32
N GLN PD 194 -36.50 -14.61 -134.63
CA GLN PD 194 -37.25 -13.88 -135.65
C GLN PD 194 -36.54 -13.90 -137.00
N LEU PD 195 -36.85 -14.91 -137.81
CA LEU PD 195 -36.19 -15.12 -139.10
C LEU PD 195 -37.00 -14.68 -140.30
N GLN PD 196 -38.31 -14.94 -140.32
CA GLN PD 196 -39.14 -14.54 -141.46
C GLN PD 196 -39.48 -13.06 -141.43
N ALA PD 197 -39.48 -12.45 -142.62
CA ALA PD 197 -39.78 -11.04 -142.80
C ALA PD 197 -41.27 -10.73 -142.65
N PRO PD 198 -41.59 -9.54 -142.15
CA PRO PD 198 -43.01 -9.13 -142.07
C PRO PD 198 -43.64 -8.92 -143.42
N GLY PD 199 -44.97 -9.08 -143.44
CA GLY PD 199 -45.74 -8.85 -144.64
C GLY PD 199 -46.02 -7.37 -144.91
N THR PD 200 -45.95 -7.01 -146.19
CA THR PD 200 -46.22 -5.65 -146.63
C THR PD 200 -47.71 -5.39 -146.72
N PRO PD 201 -48.20 -4.24 -146.23
CA PRO PD 201 -49.61 -3.91 -146.39
C PRO PD 201 -50.08 -4.03 -147.82
N VAL PD 202 -51.28 -4.54 -148.00
CA VAL PD 202 -51.88 -4.64 -149.32
C VAL PD 202 -52.36 -3.28 -149.79
N ASP QD 20 -28.95 -2.55 -150.96
CA ASP QD 20 -28.34 -2.98 -149.72
C ASP QD 20 -28.67 -2.00 -148.60
N LYS QD 21 -28.85 -2.51 -147.39
CA LYS QD 21 -29.19 -1.70 -146.24
C LYS QD 21 -28.02 -1.56 -145.27
N ASP QD 22 -27.83 -0.35 -144.78
CA ASP QD 22 -26.81 -0.04 -143.79
C ASP QD 22 -27.21 -0.51 -142.39
N LEU QD 23 -26.39 -1.36 -141.80
CA LEU QD 23 -26.55 -1.77 -140.41
C LEU QD 23 -25.84 -0.82 -139.46
N LEU QD 24 -24.55 -0.60 -139.66
CA LEU QD 24 -23.76 0.15 -138.71
C LEU QD 24 -22.73 0.97 -139.44
N LYS QD 25 -22.43 2.13 -138.88
CA LYS QD 25 -21.45 3.04 -139.44
C LYS QD 25 -20.51 3.56 -138.37
N GLY QD 26 -19.35 4.03 -138.81
CA GLY QD 26 -18.37 4.57 -137.89
C GLY QD 26 -17.78 3.57 -136.92
N LEU QD 27 -17.72 2.30 -137.30
CA LEU QD 27 -17.12 1.31 -136.42
C LEU QD 27 -15.61 1.44 -136.45
N ASP QD 28 -14.96 0.91 -135.42
CA ASP QD 28 -13.55 0.63 -135.50
C ASP QD 28 -13.25 -0.79 -135.99
N GLN QD 29 -11.97 -1.02 -136.24
CA GLN QD 29 -11.49 -2.28 -136.82
C GLN QD 29 -11.88 -3.51 -136.01
N GLU QD 30 -11.82 -3.42 -134.69
CA GLU QD 30 -12.10 -4.57 -133.84
C GLU QD 30 -13.58 -4.82 -133.67
N GLN QD 31 -14.37 -3.76 -133.66
CA GLN QD 31 -15.81 -3.93 -133.63
C GLN QD 31 -16.29 -4.50 -134.94
N ALA QD 32 -15.72 -4.04 -136.05
CA ALA QD 32 -16.18 -4.53 -137.33
C ALA QD 32 -15.89 -6.02 -137.46
N ASN QD 33 -14.66 -6.43 -137.16
CA ASN QD 33 -14.35 -7.85 -137.28
C ASN QD 33 -15.16 -8.71 -136.33
N GLU QD 34 -15.54 -8.17 -135.17
CA GLU QD 34 -16.41 -8.91 -134.27
C GLU QD 34 -17.81 -9.10 -134.84
N VAL QD 35 -18.39 -8.04 -135.40
CA VAL QD 35 -19.71 -8.18 -136.01
C VAL QD 35 -19.66 -9.17 -137.16
N ILE QD 36 -18.69 -9.02 -138.05
CA ILE QD 36 -18.61 -9.95 -139.17
C ILE QD 36 -18.53 -11.39 -138.68
N ALA QD 37 -17.70 -11.66 -137.68
CA ALA QD 37 -17.62 -13.01 -137.14
C ALA QD 37 -18.97 -13.54 -136.67
N VAL QD 38 -19.69 -12.73 -135.92
CA VAL QD 38 -20.98 -13.19 -135.42
C VAL QD 38 -21.98 -13.40 -136.54
N LEU QD 39 -21.97 -12.56 -137.56
CA LEU QD 39 -22.93 -12.76 -138.63
C LEU QD 39 -22.60 -13.98 -139.47
N GLN QD 40 -21.34 -14.15 -139.84
CA GLN QD 40 -20.94 -15.35 -140.56
C GLN QD 40 -21.33 -16.63 -139.84
N MET QD 41 -21.22 -16.65 -138.52
CA MET QD 41 -21.60 -17.88 -137.83
C MET QD 41 -23.04 -18.29 -138.10
N HIS QD 42 -23.96 -17.34 -138.28
CA HIS QD 42 -25.36 -17.64 -138.54
C HIS QD 42 -25.74 -17.67 -140.03
N ASN QD 43 -24.77 -17.84 -140.92
CA ASN QD 43 -25.03 -17.88 -142.35
C ASN QD 43 -25.51 -16.58 -142.99
N ILE QD 44 -25.01 -15.43 -142.54
CA ILE QD 44 -25.37 -14.15 -143.12
C ILE QD 44 -24.13 -13.58 -143.78
N GLU QD 45 -24.16 -13.44 -145.10
CA GLU QD 45 -23.07 -12.82 -145.85
C GLU QD 45 -23.07 -11.29 -145.69
N ALA QD 46 -21.98 -10.74 -145.17
CA ALA QD 46 -21.88 -9.32 -144.87
C ALA QD 46 -20.66 -8.73 -145.58
N ASN QD 47 -20.67 -7.40 -145.71
CA ASN QD 47 -19.60 -6.65 -146.37
C ASN QD 47 -19.10 -5.54 -145.48
N LYS QD 48 -17.78 -5.41 -145.41
CA LYS QD 48 -17.08 -4.37 -144.65
C LYS QD 48 -16.50 -3.35 -145.62
N ILE QD 49 -16.83 -2.09 -145.40
CA ILE QD 49 -16.41 -0.98 -146.25
C ILE QD 49 -15.66 0.03 -145.39
N ASP QD 50 -14.60 0.59 -145.95
CA ASP QD 50 -13.75 1.56 -145.27
C ASP QD 50 -13.93 2.94 -145.86
N SER QD 51 -14.24 3.90 -144.99
CA SER QD 51 -14.42 5.30 -145.35
C SER QD 51 -13.32 6.18 -144.77
N GLY QD 52 -12.24 5.57 -144.30
CA GLY QD 52 -11.14 6.24 -143.63
C GLY QD 52 -11.39 6.97 -142.33
N LYS QD 53 -11.28 8.30 -142.35
CA LYS QD 53 -11.60 9.09 -141.17
C LYS QD 53 -13.00 8.85 -140.63
N LEU QD 54 -13.89 8.30 -141.43
CA LEU QD 54 -15.26 8.01 -141.00
C LEU QD 54 -15.42 6.59 -140.46
N GLY QD 55 -14.37 5.79 -140.47
CA GLY QD 55 -14.39 4.39 -140.07
C GLY QD 55 -15.02 3.40 -141.04
N TYR QD 56 -15.31 2.23 -140.51
CA TYR QD 56 -15.91 1.14 -141.25
C TYR QD 56 -17.42 1.07 -141.15
N SER QD 57 -18.03 0.57 -142.23
CA SER QD 57 -19.46 0.36 -142.39
C SER QD 57 -19.72 -1.09 -142.76
N ILE QD 58 -20.85 -1.61 -142.30
CA ILE QD 58 -21.26 -2.99 -142.52
C ILE QD 58 -22.58 -3.01 -143.27
N THR QD 59 -22.66 -3.83 -144.31
CA THR QD 59 -23.89 -3.91 -145.11
C THR QD 59 -24.24 -5.35 -145.43
N VAL QD 60 -25.54 -5.59 -145.61
CA VAL QD 60 -26.10 -6.90 -145.92
C VAL QD 60 -27.23 -6.73 -146.92
N ALA QD 61 -27.60 -7.84 -147.55
CA ALA QD 61 -28.77 -7.89 -148.41
C ALA QD 61 -30.10 -7.83 -147.64
N GLU QD 62 -31.11 -7.38 -148.38
CA GLU QD 62 -32.47 -7.25 -147.85
C GLU QD 62 -33.04 -8.53 -147.29
N PRO QD 63 -33.01 -9.66 -148.00
CA PRO QD 63 -33.53 -10.90 -147.40
C PRO QD 63 -32.92 -11.22 -146.05
N ASP QD 64 -31.72 -10.74 -145.76
CA ASP QD 64 -31.04 -11.03 -144.50
C ASP QD 64 -31.13 -9.89 -143.51
N PHE QD 65 -31.70 -8.75 -143.90
CA PHE QD 65 -31.75 -7.59 -143.02
C PHE QD 65 -32.44 -7.93 -141.70
N THR QD 66 -33.63 -8.51 -141.76
CA THR QD 66 -34.37 -8.88 -140.54
C THR QD 66 -33.56 -9.72 -139.57
N ALA QD 67 -32.99 -10.82 -140.06
CA ALA QD 67 -32.14 -11.66 -139.19
C ALA QD 67 -30.98 -10.89 -138.62
N ALA QD 68 -30.29 -10.10 -139.45
CA ALA QD 68 -29.14 -9.37 -138.93
C ALA QD 68 -29.54 -8.42 -137.81
N VAL QD 69 -30.69 -7.78 -137.95
CA VAL QD 69 -31.19 -6.92 -136.87
C VAL QD 69 -31.42 -7.71 -135.60
N TYR QD 70 -32.11 -8.83 -135.71
CA TYR QD 70 -32.40 -9.63 -134.53
C TYR QD 70 -31.14 -10.10 -133.81
N TRP QD 71 -30.11 -10.49 -134.56
CA TRP QD 71 -28.87 -10.90 -133.89
C TRP QD 71 -28.09 -9.73 -133.32
N ILE QD 72 -28.06 -8.60 -134.01
CA ILE QD 72 -27.41 -7.42 -133.44
C ILE QD 72 -28.02 -7.07 -132.09
N LYS QD 73 -29.35 -7.12 -132.00
CA LYS QD 73 -29.96 -6.92 -130.69
C LYS QD 73 -29.58 -8.01 -129.71
N THR QD 74 -29.69 -9.28 -130.11
CA THR QD 74 -29.54 -10.35 -129.13
C THR QD 74 -28.14 -10.40 -128.56
N TYR QD 75 -27.11 -10.13 -129.36
CA TYR QD 75 -25.76 -10.05 -128.81
C TYR QD 75 -25.37 -8.66 -128.31
N GLN QD 76 -26.24 -7.66 -128.43
CA GLN QD 76 -25.89 -6.31 -128.00
C GLN QD 76 -24.61 -5.81 -128.66
N LEU QD 77 -24.56 -5.90 -129.95
CA LEU QD 77 -23.42 -5.39 -130.70
C LEU QD 77 -23.60 -3.91 -130.98
N PRO QD 78 -22.52 -3.19 -131.32
CA PRO QD 78 -21.10 -3.54 -131.26
C PRO QD 78 -20.55 -3.58 -129.85
N PRO QD 79 -19.46 -4.31 -129.64
CA PRO QD 79 -18.92 -4.43 -128.29
C PRO QD 79 -18.21 -3.16 -127.86
N ARG QD 80 -18.62 -2.62 -126.72
CA ARG QD 80 -17.90 -1.52 -126.11
C ARG QD 80 -16.58 -2.00 -125.50
N PRO QD 81 -15.59 -1.13 -125.42
CA PRO QD 81 -14.21 -1.58 -125.27
C PRO QD 81 -13.90 -2.06 -123.86
N ARG QD 82 -12.76 -2.74 -123.75
CA ARG QD 82 -12.41 -3.48 -122.54
C ARG QD 82 -12.02 -2.52 -121.41
N VAL QD 83 -12.52 -2.83 -120.21
CA VAL QD 83 -12.34 -2.01 -119.02
C VAL QD 83 -11.19 -2.56 -118.20
N GLU QD 84 -10.31 -1.66 -117.74
CA GLU QD 84 -9.25 -2.00 -116.80
C GLU QD 84 -9.17 -0.97 -115.69
N ILE QD 85 -8.97 -1.45 -114.46
CA ILE QD 85 -9.21 -0.60 -113.29
C ILE QD 85 -8.29 0.62 -113.29
N ALA QD 86 -7.08 0.48 -113.80
CA ALA QD 86 -6.21 1.63 -113.91
C ALA QD 86 -6.80 2.78 -114.71
N GLN QD 87 -7.81 2.52 -115.55
CA GLN QD 87 -8.44 3.61 -116.28
C GLN QD 87 -9.22 4.58 -115.40
N MET QD 88 -9.62 4.18 -114.20
CA MET QD 88 -10.35 5.10 -113.32
C MET QD 88 -9.42 6.04 -112.58
N PHE QD 89 -8.15 5.69 -112.42
CA PHE QD 89 -7.22 6.44 -111.58
C PHE QD 89 -6.00 6.77 -112.41
N PRO QD 90 -6.18 7.49 -113.51
CA PRO QD 90 -5.14 7.51 -114.53
C PRO QD 90 -3.81 7.98 -113.94
N ALA QD 91 -2.76 7.25 -114.25
CA ALA QD 91 -1.45 7.50 -113.65
C ALA QD 91 -0.95 8.89 -114.00
N ASP QD 92 -1.14 9.30 -115.23
CA ASP QD 92 -0.77 10.64 -115.66
C ASP QD 92 -1.70 11.67 -115.01
N SER QD 93 -1.17 12.34 -114.00
CA SER QD 93 -1.90 13.35 -113.26
C SER QD 93 -0.88 14.22 -112.56
N LEU QD 94 -1.33 15.38 -112.11
CA LEU QD 94 -0.50 16.19 -111.23
C LEU QD 94 -0.38 15.57 -109.85
N VAL QD 95 -1.36 14.76 -109.45
CA VAL QD 95 -1.47 14.33 -108.07
C VAL QD 95 -1.89 12.87 -107.96
N SER QD 96 -1.51 12.24 -106.85
CA SER QD 96 -1.85 10.86 -106.56
C SER QD 96 -2.01 10.70 -105.05
N SER QD 97 -2.70 9.66 -104.65
CA SER QD 97 -2.95 9.37 -103.24
C SER QD 97 -2.82 7.89 -103.00
N PRO QD 98 -2.55 7.48 -101.77
CA PRO QD 98 -2.19 6.08 -101.53
C PRO QD 98 -3.19 5.11 -102.12
N ARG QD 99 -4.47 5.44 -102.02
CA ARG QD 99 -5.50 4.57 -102.59
C ARG QD 99 -5.33 4.41 -104.08
N ALA QD 100 -5.07 5.50 -104.78
CA ALA QD 100 -4.86 5.44 -106.22
C ALA QD 100 -3.62 4.63 -106.58
N GLU QD 101 -2.50 4.91 -105.91
CA GLU QD 101 -1.30 4.13 -106.20
C GLU QD 101 -1.52 2.64 -106.00
N LYS QD 102 -2.08 2.26 -104.86
CA LYS QD 102 -2.34 0.85 -104.59
C LYS QD 102 -3.26 0.23 -105.63
N ALA QD 103 -4.26 0.98 -106.09
CA ALA QD 103 -5.14 0.47 -107.13
C ALA QD 103 -4.40 0.22 -108.43
N ARG QD 104 -3.64 1.20 -108.92
CA ARG QD 104 -2.85 0.97 -110.12
C ARG QD 104 -1.98 -0.26 -109.99
N LEU QD 105 -1.29 -0.41 -108.87
CA LEU QD 105 -0.44 -1.59 -108.67
C LEU QD 105 -1.20 -2.89 -108.90
N TYR QD 106 -2.29 -3.11 -108.17
CA TYR QD 106 -3.07 -4.33 -108.37
C TYR QD 106 -3.57 -4.48 -109.80
N SER QD 107 -4.04 -3.41 -110.41
CA SER QD 107 -4.51 -3.50 -111.78
C SER QD 107 -3.41 -3.74 -112.79
N ALA QD 108 -2.15 -3.60 -112.41
CA ALA QD 108 -1.08 -4.02 -113.30
C ALA QD 108 -0.69 -5.47 -113.10
N ILE QD 109 -0.70 -5.94 -111.85
CA ILE QD 109 -0.42 -7.36 -111.62
C ILE QD 109 -1.46 -8.24 -112.30
N GLU QD 110 -2.74 -7.87 -112.22
CA GLU QD 110 -3.77 -8.66 -112.92
C GLU QD 110 -3.44 -8.86 -114.40
N GLN QD 111 -3.08 -7.79 -115.08
CA GLN QD 111 -2.83 -7.88 -116.52
C GLN QD 111 -1.58 -8.68 -116.81
N ARG QD 112 -0.55 -8.54 -115.99
CA ARG QD 112 0.66 -9.29 -116.26
C ARG QD 112 0.45 -10.78 -116.03
N LEU QD 113 -0.41 -11.15 -115.07
CA LEU QD 113 -0.68 -12.57 -114.90
C LEU QD 113 -1.47 -13.13 -116.06
N GLU QD 114 -2.51 -12.44 -116.53
CA GLU QD 114 -3.22 -12.98 -117.70
C GLU QD 114 -2.29 -13.16 -118.89
N GLN QD 115 -1.42 -12.19 -119.12
CA GLN QD 115 -0.48 -12.31 -120.23
C GLN QD 115 0.45 -13.48 -120.03
N SER QD 116 0.75 -13.86 -118.79
CA SER QD 116 1.61 -15.01 -118.61
C SER QD 116 0.87 -16.31 -118.82
N LEU QD 117 -0.36 -16.42 -118.34
CA LEU QD 117 -1.11 -17.67 -118.53
C LEU QD 117 -1.33 -17.97 -120.00
N GLN QD 118 -1.55 -16.95 -120.82
CA GLN QD 118 -1.74 -17.30 -122.23
C GLN QD 118 -0.54 -17.95 -122.89
N THR QD 119 0.62 -17.99 -122.24
CA THR QD 119 1.77 -18.72 -122.78
C THR QD 119 1.79 -20.21 -122.44
N MET QD 120 0.99 -20.67 -121.50
CA MET QD 120 0.95 -22.10 -121.20
C MET QD 120 0.48 -22.89 -122.42
N GLU QD 121 0.82 -24.17 -122.43
CA GLU QD 121 0.46 -25.09 -123.50
C GLU QD 121 -1.03 -25.35 -123.64
N GLY QD 122 -1.56 -25.02 -124.82
CA GLY QD 122 -2.96 -25.22 -125.14
C GLY QD 122 -3.89 -24.08 -124.82
N VAL QD 123 -3.54 -23.19 -123.90
CA VAL QD 123 -4.48 -22.15 -123.51
C VAL QD 123 -4.62 -21.16 -124.65
N LEU QD 124 -5.85 -20.91 -125.07
CA LEU QD 124 -6.11 -19.91 -126.11
C LEU QD 124 -6.36 -18.52 -125.54
N SER QD 125 -7.13 -18.42 -124.47
CA SER QD 125 -7.26 -17.15 -123.76
C SER QD 125 -7.67 -17.41 -122.32
N ALA QD 126 -7.40 -16.42 -121.47
CA ALA QD 126 -7.72 -16.54 -120.06
C ALA QD 126 -8.04 -15.17 -119.49
N ARG QD 127 -8.72 -15.17 -118.36
CA ARG QD 127 -8.99 -13.95 -117.62
C ARG QD 127 -8.78 -14.20 -116.13
N VAL QD 128 -8.30 -13.19 -115.42
CA VAL QD 128 -7.96 -13.32 -114.00
C VAL QD 128 -8.54 -12.16 -113.22
N HIS QD 129 -8.97 -12.44 -111.97
CA HIS QD 129 -9.49 -11.44 -111.06
C HIS QD 129 -8.83 -11.57 -109.69
N ILE QD 130 -8.57 -10.43 -109.04
CA ILE QD 130 -7.97 -10.35 -107.71
C ILE QD 130 -8.89 -9.62 -106.75
N SER QD 131 -8.92 -10.07 -105.48
CA SER QD 131 -9.60 -9.36 -104.41
C SER QD 131 -8.92 -8.03 -104.08
N TYR QD 132 -9.54 -6.91 -104.46
CA TYR QD 132 -9.06 -5.57 -104.11
C TYR QD 132 -9.32 -5.17 -102.66
N ASP QD 133 -8.38 -5.46 -101.75
CA ASP QD 133 -8.53 -5.05 -100.36
C ASP QD 133 -8.31 -3.55 -100.17
N ILE QD 134 -7.89 -2.86 -101.24
CA ILE QD 134 -7.52 -1.46 -101.15
C ILE QD 134 -8.71 -0.57 -100.88
N ASP QD 135 -9.91 -1.08 -101.05
CA ASP QD 135 -11.12 -0.34 -100.70
C ASP QD 135 -11.22 -0.10 -99.21
N ALA QD 136 -10.37 -0.75 -98.41
CA ALA QD 136 -9.98 -0.24 -97.12
C ALA QD 136 -8.49 0.12 -97.17
N GLY QD 137 -8.13 1.13 -96.39
CA GLY QD 137 -6.76 1.61 -96.44
C GLY QD 137 -5.76 0.59 -95.93
N GLU QD 138 -6.21 -0.37 -95.14
CA GLU QD 138 -5.30 -1.30 -94.47
C GLU QD 138 -4.27 -0.55 -93.63
N ASN QD 139 -4.61 0.67 -93.23
CA ASN QD 139 -3.81 1.45 -92.29
C ASN QD 139 -4.48 1.37 -90.92
N GLY QD 140 -3.71 0.96 -89.92
CA GLY QD 140 -4.29 0.55 -88.66
C GLY QD 140 -5.03 -0.76 -88.73
N ARG QD 141 -6.05 -0.83 -89.56
CA ARG QD 141 -6.78 -2.08 -89.74
C ARG QD 141 -5.83 -3.13 -90.33
N PRO QD 142 -5.79 -4.35 -89.80
CA PRO QD 142 -4.86 -5.35 -90.33
C PRO QD 142 -5.26 -5.82 -91.70
N PRO QD 143 -4.30 -6.08 -92.59
CA PRO QD 143 -4.62 -6.49 -93.96
C PRO QD 143 -5.14 -7.92 -94.03
N LYS QD 144 -5.91 -8.21 -95.08
CA LYS QD 144 -6.74 -9.39 -95.21
C LYS QD 144 -6.27 -10.26 -96.37
N PRO QD 145 -6.44 -11.58 -96.27
CA PRO QD 145 -5.83 -12.49 -97.24
C PRO QD 145 -6.48 -12.45 -98.61
N VAL QD 146 -5.68 -12.79 -99.61
CA VAL QD 146 -5.99 -12.65 -101.04
C VAL QD 146 -6.80 -13.81 -101.59
N HIS QD 147 -7.71 -13.47 -102.51
CA HIS QD 147 -8.51 -14.41 -103.29
C HIS QD 147 -8.31 -14.12 -104.77
N LEU QD 148 -8.31 -15.19 -105.58
CA LEU QD 148 -8.03 -15.12 -107.01
C LEU QD 148 -9.02 -15.99 -107.76
N SER QD 149 -9.46 -15.53 -108.93
CA SER QD 149 -10.29 -16.34 -109.82
C SER QD 149 -9.77 -16.32 -111.25
N ALA QD 150 -9.83 -17.46 -111.95
CA ALA QD 150 -9.40 -17.52 -113.33
C ALA QD 150 -10.35 -18.32 -114.22
N LEU QD 151 -10.54 -17.82 -115.44
CA LEU QD 151 -11.26 -18.50 -116.52
C LEU QD 151 -10.27 -18.82 -117.63
N ALA QD 152 -10.39 -19.98 -118.26
CA ALA QD 152 -9.57 -20.21 -119.44
C ALA QD 152 -10.20 -21.16 -120.46
N VAL QD 153 -9.87 -20.92 -121.73
CA VAL QD 153 -10.35 -21.73 -122.86
C VAL QD 153 -9.21 -22.56 -123.44
N TYR QD 154 -9.48 -23.84 -123.70
CA TYR QD 154 -8.50 -24.79 -124.20
C TYR QD 154 -8.83 -25.32 -125.58
N GLU QD 155 -7.78 -25.73 -126.29
CA GLU QD 155 -7.93 -26.50 -127.52
C GLU QD 155 -8.61 -27.84 -127.25
N ARG QD 156 -9.35 -28.30 -128.25
CA ARG QD 156 -10.07 -29.56 -128.19
C ARG QD 156 -9.16 -30.77 -127.97
N GLY QD 157 -9.58 -31.66 -127.08
CA GLY QD 157 -8.85 -32.87 -126.73
C GLY QD 157 -7.84 -32.72 -125.61
N SER QD 158 -8.04 -31.78 -124.73
CA SER QD 158 -7.22 -31.44 -123.57
C SER QD 158 -7.80 -32.05 -122.29
N PRO QD 159 -7.01 -32.74 -121.47
CA PRO QD 159 -7.54 -33.24 -120.19
C PRO QD 159 -7.67 -32.16 -119.13
N LEU QD 160 -8.84 -31.49 -119.18
CA LEU QD 160 -9.12 -30.37 -118.29
C LEU QD 160 -8.88 -30.71 -116.82
N ALA QD 161 -9.40 -31.85 -116.38
CA ALA QD 161 -9.22 -32.25 -115.00
C ALA QD 161 -7.75 -32.27 -114.62
N HIS QD 162 -6.91 -32.87 -115.44
CA HIS QD 162 -5.50 -32.89 -115.12
C HIS QD 162 -4.84 -31.53 -115.27
N GLN QD 163 -5.44 -30.59 -116.00
CA GLN QD 163 -4.78 -29.30 -116.15
C GLN QD 163 -5.16 -28.26 -115.11
N ILE QD 164 -6.22 -28.46 -114.34
CA ILE QD 164 -6.51 -27.48 -113.29
C ILE QD 164 -5.41 -27.43 -112.24
N SER QD 165 -4.84 -28.59 -111.90
CA SER QD 165 -3.79 -28.66 -110.90
C SER QD 165 -2.63 -27.72 -111.21
N ASP QD 166 -2.12 -27.77 -112.44
CA ASP QD 166 -1.02 -26.90 -112.83
C ASP QD 166 -1.35 -25.44 -112.58
N ILE QD 167 -2.51 -24.98 -113.04
CA ILE QD 167 -2.89 -23.59 -112.81
C ILE QD 167 -2.89 -23.25 -111.33
N LYS QD 168 -3.58 -24.03 -110.51
CA LYS QD 168 -3.56 -23.74 -109.08
C LYS QD 168 -2.15 -23.66 -108.53
N ARG QD 169 -1.31 -24.63 -108.86
CA ARG QD 169 0.07 -24.60 -108.39
C ARG QD 169 0.76 -23.31 -108.80
N PHE QD 170 0.61 -22.91 -110.04
CA PHE QD 170 1.25 -21.69 -110.51
C PHE QD 170 0.75 -20.47 -109.76
N LEU QD 171 -0.57 -20.36 -109.58
CA LEU QD 171 -1.10 -19.15 -108.96
C LEU QD 171 -0.77 -19.06 -107.48
N LYS QD 172 -0.77 -20.19 -106.78
CA LYS QD 172 -0.55 -20.19 -105.34
C LYS QD 172 0.69 -19.40 -104.92
N ASN QD 173 1.79 -19.58 -105.61
CA ASN QD 173 3.03 -18.91 -105.23
C ASN QD 173 3.18 -17.50 -105.76
N SER QD 174 2.21 -16.94 -106.47
CA SER QD 174 2.38 -15.58 -106.94
C SER QD 174 2.12 -14.54 -105.86
N PHE QD 175 1.64 -14.94 -104.68
CA PHE QD 175 1.28 -14.02 -103.61
C PHE QD 175 1.78 -14.53 -102.28
N ALA QD 176 1.93 -13.61 -101.34
CA ALA QD 176 2.45 -13.93 -100.01
C ALA QD 176 1.59 -14.92 -99.24
N ASP QD 177 0.28 -14.91 -99.41
CA ASP QD 177 -0.55 -15.83 -98.60
C ASP QD 177 -1.80 -16.20 -99.37
N VAL QD 178 -1.81 -17.40 -99.92
CA VAL QD 178 -2.93 -17.91 -100.69
C VAL QD 178 -3.07 -19.37 -100.36
N ASP QD 179 -4.30 -19.83 -100.18
CA ASP QD 179 -4.61 -21.21 -99.92
C ASP QD 179 -5.34 -21.79 -101.12
N TYR QD 180 -5.05 -23.05 -101.43
CA TYR QD 180 -5.75 -23.70 -102.52
C TYR QD 180 -7.25 -23.58 -102.40
N ASP QD 181 -7.76 -23.56 -101.18
CA ASP QD 181 -9.19 -23.38 -101.01
C ASP QD 181 -9.69 -22.06 -101.57
N ASN QD 182 -8.88 -21.01 -101.57
CA ASN QD 182 -9.32 -19.69 -102.02
C ASN QD 182 -9.11 -19.41 -103.49
N ILE QD 183 -8.79 -20.40 -104.32
CA ILE QD 183 -8.57 -20.17 -105.74
C ILE QD 183 -9.62 -20.94 -106.54
N SER QD 184 -10.40 -20.20 -107.32
CA SER QD 184 -11.40 -20.76 -108.21
C SER QD 184 -10.92 -20.74 -109.66
N VAL QD 185 -11.11 -21.86 -110.34
CA VAL QD 185 -10.66 -22.02 -111.73
C VAL QD 185 -11.78 -22.67 -112.53
N VAL QD 186 -12.15 -22.04 -113.65
CA VAL QD 186 -13.18 -22.55 -114.55
C VAL QD 186 -12.61 -22.66 -115.96
N LEU QD 187 -12.74 -23.84 -116.56
CA LEU QD 187 -12.18 -24.13 -117.88
C LEU QD 187 -13.27 -24.55 -118.86
N SER QD 188 -13.03 -24.25 -120.14
CA SER QD 188 -13.95 -24.65 -121.19
C SER QD 188 -13.18 -24.90 -122.48
N GLU QD 189 -13.77 -25.70 -123.37
CA GLU QD 189 -13.19 -25.96 -124.68
C GLU QD 189 -13.71 -25.03 -125.77
N ARG QD 190 -12.86 -24.85 -126.78
CA ARG QD 190 -13.23 -24.15 -128.02
C ARG QD 190 -14.40 -24.81 -128.71
N SER QD 191 -15.30 -23.97 -129.23
CA SER QD 191 -16.41 -24.42 -130.06
C SER QD 191 -15.93 -24.92 -131.44
N ASP QD 192 -16.83 -25.58 -132.14
CA ASP QD 192 -16.57 -26.03 -133.50
C ASP QD 192 -16.15 -24.88 -134.42
N ALA QD 193 -15.19 -25.18 -135.29
CA ALA QD 193 -14.67 -24.23 -136.27
C ALA QD 193 -15.62 -23.92 -137.43
N GLN QD 194 -15.76 -22.62 -137.72
CA GLN QD 194 -16.51 -22.09 -138.86
C GLN QD 194 -15.62 -21.90 -140.09
N LEU QD 195 -15.51 -22.92 -140.92
CA LEU QD 195 -14.61 -22.90 -142.07
C LEU QD 195 -15.31 -22.65 -143.40
N GLN QD 196 -16.48 -23.23 -143.62
CA GLN QD 196 -17.21 -23.03 -144.86
C GLN QD 196 -17.92 -21.68 -144.90
N ALA QD 197 -17.89 -21.05 -146.06
CA ALA QD 197 -18.53 -19.76 -146.28
C ALA QD 197 -20.05 -19.86 -146.36
N PRO QD 198 -20.75 -18.82 -145.89
CA PRO QD 198 -22.21 -18.79 -146.04
C PRO QD 198 -22.66 -18.66 -147.49
N GLY QD 199 -23.86 -19.16 -147.74
CA GLY QD 199 -24.46 -19.05 -149.06
C GLY QD 199 -25.09 -17.69 -149.33
N THR QD 200 -24.92 -17.23 -150.58
CA THR QD 200 -25.47 -15.96 -151.03
C THR QD 200 -26.95 -16.10 -151.35
N PRO QD 201 -27.80 -15.16 -150.92
CA PRO QD 201 -29.22 -15.23 -151.29
C PRO QD 201 -29.42 -15.38 -152.79
N VAL QD 202 -30.39 -16.21 -153.14
CA VAL QD 202 -30.78 -16.42 -154.52
C VAL QD 202 -31.58 -15.24 -155.06
N ASP RD 20 -8.83 -9.00 -153.32
CA ASP RD 20 -8.33 -9.23 -151.97
C ASP RD 20 -9.08 -8.40 -150.95
N LYS RD 21 -9.28 -8.96 -149.76
CA LYS RD 21 -9.99 -8.27 -148.70
C LYS RD 21 -9.02 -7.85 -147.61
N ASP RD 22 -9.20 -6.63 -147.12
CA ASP RD 22 -8.41 -6.10 -146.02
C ASP RD 22 -8.88 -6.64 -144.68
N LEU RD 23 -7.98 -7.31 -143.95
CA LEU RD 23 -8.24 -7.74 -142.59
C LEU RD 23 -7.86 -6.66 -141.58
N LEU RD 24 -6.62 -6.19 -141.61
CA LEU RD 24 -6.13 -5.32 -140.55
C LEU RD 24 -5.18 -4.31 -141.17
N LYS RD 25 -5.13 -3.12 -140.57
CA LYS RD 25 -4.30 -2.04 -141.05
C LYS RD 25 -3.65 -1.31 -139.88
N GLY RD 26 -2.59 -0.57 -140.20
CA GLY RD 26 -1.86 0.15 -139.17
C GLY RD 26 -1.23 -0.71 -138.10
N LEU RD 27 -0.81 -1.91 -138.44
CA LEU RD 27 -0.17 -2.77 -137.46
C LEU RD 27 1.28 -2.36 -137.25
N ASP RD 28 1.80 -2.72 -136.07
CA ASP RD 28 3.22 -2.76 -135.84
C ASP RD 28 3.88 -3.99 -136.45
N GLN RD 29 5.18 -3.87 -136.68
CA GLN RD 29 5.99 -4.97 -137.17
C GLN RD 29 5.82 -6.24 -136.33
N GLU RD 30 5.79 -6.09 -135.02
CA GLU RD 30 5.71 -7.23 -134.11
C GLU RD 30 4.28 -7.69 -133.85
N GLN RD 31 3.29 -6.97 -134.33
CA GLN RD 31 1.95 -7.52 -134.39
C GLN RD 31 1.77 -8.30 -135.68
N ALA RD 32 2.21 -7.70 -136.78
CA ALA RD 32 1.99 -8.28 -138.09
C ALA RD 32 2.64 -9.65 -138.18
N ASN RD 33 3.90 -9.76 -137.75
CA ASN RD 33 4.55 -11.07 -137.83
C ASN RD 33 3.83 -12.14 -137.00
N GLU RD 34 3.19 -11.76 -135.90
CA GLU RD 34 2.44 -12.72 -135.10
C GLU RD 34 1.15 -13.15 -135.78
N VAL RD 35 0.48 -12.22 -136.46
CA VAL RD 35 -0.71 -12.62 -137.20
C VAL RD 35 -0.33 -13.56 -138.34
N ILE RD 36 0.70 -13.21 -139.09
CA ILE RD 36 1.13 -14.06 -140.19
C ILE RD 36 1.43 -15.47 -139.69
N ALA RD 37 2.17 -15.57 -138.59
CA ALA RD 37 2.46 -16.88 -138.02
C ALA RD 37 1.21 -17.68 -137.71
N VAL RD 38 0.22 -17.03 -137.09
CA VAL RD 38 -0.98 -17.77 -136.73
C VAL RD 38 -1.79 -18.19 -137.94
N LEU RD 39 -1.86 -17.36 -138.97
CA LEU RD 39 -2.61 -17.80 -140.15
C LEU RD 39 -1.91 -18.91 -140.90
N GLN RD 40 -0.61 -18.79 -141.12
CA GLN RD 40 0.12 -19.89 -141.77
C GLN RD 40 -0.06 -21.21 -141.04
N MET RD 41 -0.09 -21.19 -139.71
CA MET RD 41 -0.28 -22.45 -139.02
C MET RD 41 -1.55 -23.18 -139.44
N HIS RD 42 -2.62 -22.45 -139.76
CA HIS RD 42 -3.88 -23.05 -140.19
C HIS RD 42 -4.05 -23.18 -141.69
N ASN RD 43 -2.95 -23.15 -142.43
CA ASN RD 43 -2.97 -23.27 -143.89
C ASN RD 43 -3.63 -22.12 -144.65
N ILE RD 44 -3.46 -20.89 -144.17
CA ILE RD 44 -4.00 -19.71 -144.83
C ILE RD 44 -2.81 -18.89 -145.32
N GLU RD 45 -2.68 -18.76 -146.63
CA GLU RD 45 -1.66 -17.92 -147.24
C GLU RD 45 -2.01 -16.44 -147.15
N ALA RD 46 -1.15 -15.64 -146.51
CA ALA RD 46 -1.43 -14.23 -146.26
C ALA RD 46 -0.31 -13.35 -146.82
N ASN RD 47 -0.63 -12.06 -146.99
CA ASN RD 47 0.31 -11.08 -147.54
C ASN RD 47 0.43 -9.87 -146.63
N LYS RD 48 1.66 -9.43 -146.41
CA LYS RD 48 2.00 -8.26 -145.61
C LYS RD 48 2.45 -7.12 -146.50
N ILE RD 49 1.83 -5.96 -146.34
CA ILE RD 49 2.09 -4.76 -147.15
C ILE RD 49 2.49 -3.61 -146.24
N ASP RD 50 3.46 -2.82 -146.68
CA ASP RD 50 3.98 -1.68 -145.93
C ASP RD 50 3.58 -0.35 -146.54
N SER RD 51 2.94 0.51 -145.74
CA SER RD 51 2.52 1.85 -146.13
C SER RD 51 3.29 2.94 -145.41
N GLY RD 52 4.41 2.59 -144.76
CA GLY RD 52 5.19 3.51 -143.96
C GLY RD 52 4.57 4.15 -142.72
N LYS RD 53 4.35 5.47 -142.74
CA LYS RD 53 3.68 6.11 -141.61
C LYS RD 53 2.31 5.51 -141.31
N LEU RD 54 1.72 4.79 -142.24
CA LEU RD 54 0.42 4.16 -142.02
C LEU RD 54 0.53 2.73 -141.49
N GLY RD 55 1.74 2.22 -141.34
CA GLY RD 55 1.96 0.85 -140.92
C GLY RD 55 1.72 -0.24 -141.95
N TYR RD 56 1.61 -1.45 -141.43
CA TYR RD 56 1.39 -2.66 -142.20
C TYR RD 56 -0.08 -3.05 -142.34
N SER RD 57 -0.36 -3.69 -143.47
CA SER RD 57 -1.68 -4.20 -143.83
C SER RD 57 -1.55 -5.68 -144.14
N ILE RD 58 -2.61 -6.43 -143.83
CA ILE RD 58 -2.66 -7.88 -144.02
C ILE RD 58 -3.81 -8.20 -144.96
N THR RD 59 -3.55 -9.04 -145.95
CA THR RD 59 -4.58 -9.40 -146.91
C THR RD 59 -4.57 -10.88 -147.21
N VAL RD 60 -5.75 -11.40 -147.56
CA VAL RD 60 -5.99 -12.79 -147.91
C VAL RD 60 -6.99 -12.87 -149.05
N ALA RD 61 -7.03 -14.03 -149.68
CA ALA RD 61 -8.04 -14.33 -150.69
C ALA RD 61 -9.43 -14.56 -150.10
N GLU RD 62 -10.42 -14.36 -150.96
CA GLU RD 62 -11.82 -14.54 -150.60
C GLU RD 62 -12.14 -15.93 -150.08
N PRO RD 63 -11.76 -17.02 -150.77
CA PRO RD 63 -12.05 -18.35 -150.22
C PRO RD 63 -11.55 -18.55 -148.81
N ASP RD 64 -10.54 -17.82 -148.36
CA ASP RD 64 -9.98 -17.98 -147.03
C ASP RD 64 -10.44 -16.91 -146.06
N PHE RD 65 -11.20 -15.93 -146.54
CA PHE RD 65 -11.62 -14.82 -145.69
C PHE RD 65 -12.37 -15.27 -144.44
N THR RD 66 -13.40 -16.10 -144.60
CA THR RD 66 -14.15 -16.59 -143.45
C THR RD 66 -13.29 -17.22 -142.38
N ALA RD 67 -12.45 -18.18 -142.77
CA ALA RD 67 -11.55 -18.81 -141.81
C ALA RD 67 -10.64 -17.79 -141.15
N ALA RD 68 -10.06 -16.89 -141.93
CA ALA RD 68 -9.17 -15.91 -141.31
C ALA RD 68 -9.89 -15.09 -140.25
N VAL RD 69 -11.14 -14.70 -140.53
CA VAL RD 69 -11.93 -13.99 -139.54
C VAL RD 69 -12.15 -14.81 -138.29
N TYR RD 70 -12.56 -16.06 -138.46
CA TYR RD 70 -12.79 -16.91 -137.30
C TYR RD 70 -11.55 -17.07 -136.43
N TRP RD 71 -10.39 -17.27 -137.03
CA TRP RD 71 -9.18 -17.40 -136.21
C TRP RD 71 -8.77 -16.09 -135.58
N ILE RD 72 -8.86 -14.97 -136.31
CA ILE RD 72 -8.55 -13.70 -135.69
C ILE RD 72 -9.40 -13.47 -134.45
N LYS RD 73 -10.69 -13.77 -134.52
CA LYS RD 73 -11.50 -13.66 -133.32
C LYS RD 73 -11.04 -14.63 -132.24
N THR RD 74 -10.82 -15.90 -132.60
CA THR RD 74 -10.60 -16.89 -131.57
C THR RD 74 -9.31 -16.64 -130.82
N TYR RD 75 -8.27 -16.15 -131.49
CA TYR RD 75 -7.04 -15.77 -130.78
C TYR RD 75 -7.03 -14.34 -130.30
N GLN RD 76 -8.09 -13.58 -130.54
CA GLN RD 76 -8.15 -12.18 -130.11
C GLN RD 76 -6.95 -11.38 -130.61
N LEU RD 77 -6.66 -11.52 -131.89
CA LEU RD 77 -5.59 -10.77 -132.50
C LEU RD 77 -6.09 -9.38 -132.84
N PRO RD 78 -5.20 -8.40 -133.04
CA PRO RD 78 -3.75 -8.36 -132.86
C PRO RD 78 -3.34 -8.29 -131.42
N PRO RD 79 -2.14 -8.74 -131.09
CA PRO RD 79 -1.72 -8.82 -129.69
C PRO RD 79 -1.48 -7.45 -129.10
N ARG RD 80 -1.57 -7.39 -127.78
CA ARG RD 80 -1.37 -6.16 -127.02
C ARG RD 80 0.11 -5.82 -126.94
N PRO RD 81 0.45 -4.61 -126.52
CA PRO RD 81 1.76 -4.38 -125.91
C PRO RD 81 1.93 -5.18 -124.64
N ARG RD 82 3.17 -5.52 -124.33
CA ARG RD 82 3.50 -6.25 -123.12
C ARG RD 82 3.65 -5.31 -121.92
N VAL RD 83 3.14 -5.75 -120.77
CA VAL RD 83 2.94 -4.90 -119.59
C VAL RD 83 4.01 -5.15 -118.55
N GLU RD 84 4.58 -4.07 -118.01
CA GLU RD 84 5.59 -4.14 -116.97
C GLU RD 84 5.31 -3.12 -115.88
N ILE RD 85 5.43 -3.56 -114.62
CA ILE RD 85 4.92 -2.76 -113.50
C ILE RD 85 5.54 -1.38 -113.47
N ALA RD 86 6.80 -1.25 -113.85
CA ALA RD 86 7.46 0.05 -113.84
C ALA RD 86 6.74 1.10 -114.66
N GLN RD 87 5.86 0.73 -115.59
CA GLN RD 87 5.10 1.73 -116.33
C GLN RD 87 4.09 2.50 -115.48
N MET RD 88 3.63 1.93 -114.38
CA MET RD 88 2.63 2.61 -113.56
C MET RD 88 3.22 3.67 -112.63
N PHE RD 89 4.54 3.74 -112.53
CA PHE RD 89 5.20 4.63 -111.56
C PHE RD 89 6.37 5.32 -112.23
N PRO RD 90 6.09 6.14 -113.23
CA PRO RD 90 7.15 6.79 -113.99
C PRO RD 90 7.98 7.71 -113.10
N ALA RD 91 9.29 7.68 -113.31
CA ALA RD 91 10.24 8.35 -112.44
C ALA RD 91 10.19 9.87 -112.55
N ASP RD 92 9.42 10.43 -113.48
CA ASP RD 92 9.16 11.85 -113.43
C ASP RD 92 8.22 12.19 -112.28
N SER RD 93 8.80 12.41 -111.10
CA SER RD 93 8.03 12.69 -109.90
C SER RD 93 8.70 13.83 -109.15
N LEU RD 94 7.87 14.67 -108.52
CA LEU RD 94 8.39 15.56 -107.49
C LEU RD 94 8.74 14.80 -106.22
N VAL RD 95 7.84 13.92 -105.78
CA VAL RD 95 8.09 13.05 -104.64
C VAL RD 95 7.66 11.64 -105.00
N SER RD 96 8.51 10.66 -104.71
CA SER RD 96 8.11 9.27 -104.69
C SER RD 96 8.02 8.79 -103.25
N SER RD 97 6.90 8.18 -102.91
CA SER RD 97 6.74 7.45 -101.67
C SER RD 97 7.66 6.24 -101.64
N PRO RD 98 7.84 5.59 -100.49
CA PRO RD 98 8.52 4.29 -100.49
C PRO RD 98 7.94 3.32 -101.49
N ARG RD 99 6.65 3.42 -101.76
CA ARG RD 99 5.94 2.35 -102.44
C ARG RD 99 6.36 2.30 -103.90
N ALA RD 100 6.43 3.46 -104.53
CA ALA RD 100 6.85 3.52 -105.92
C ALA RD 100 8.29 3.04 -106.11
N GLU RD 101 9.21 3.55 -105.29
CA GLU RD 101 10.58 3.09 -105.41
C GLU RD 101 10.70 1.58 -105.26
N LYS RD 102 10.12 1.02 -104.21
CA LYS RD 102 10.19 -0.43 -104.06
C LYS RD 102 9.58 -1.17 -105.24
N ALA RD 103 8.48 -0.66 -105.79
CA ALA RD 103 7.89 -1.29 -106.95
C ALA RD 103 8.81 -1.27 -108.16
N ARG RD 104 9.35 -0.12 -108.52
CA ARG RD 104 10.30 -0.08 -109.62
C ARG RD 104 11.44 -1.07 -109.41
N LEU RD 105 12.00 -1.09 -108.21
CA LEU RD 105 13.07 -2.04 -107.91
C LEU RD 105 12.68 -3.47 -108.25
N TYR RD 106 11.59 -3.97 -107.66
CA TYR RD 106 11.20 -5.34 -107.92
C TYR RD 106 10.85 -5.59 -109.39
N SER RD 107 10.25 -4.61 -110.05
CA SER RD 107 9.92 -4.78 -111.45
C SER RD 107 11.15 -4.78 -112.35
N ALA RD 108 12.28 -4.29 -111.87
CA ALA RD 108 13.51 -4.43 -112.64
C ALA RD 108 14.16 -5.78 -112.39
N ILE RD 109 14.13 -6.25 -111.14
CA ILE RD 109 14.67 -7.57 -110.85
C ILE RD 109 13.96 -8.65 -111.64
N GLU RD 110 12.63 -8.63 -111.68
CA GLU RD 110 11.90 -9.63 -112.45
C GLU RD 110 12.40 -9.75 -113.89
N GLN RD 111 12.66 -8.62 -114.53
CA GLN RD 111 13.07 -8.65 -115.93
C GLN RD 111 14.49 -9.14 -116.06
N ARG RD 112 15.35 -8.77 -115.13
CA ARG RD 112 16.73 -9.22 -115.24
C ARG RD 112 16.85 -10.71 -114.98
N LEU RD 113 15.97 -11.26 -114.15
CA LEU RD 113 15.96 -12.71 -113.98
C LEU RD 113 15.50 -13.42 -115.23
N GLU RD 114 14.41 -12.97 -115.86
CA GLU RD 114 14.02 -13.65 -117.10
C GLU RD 114 15.14 -13.62 -118.13
N GLN RD 115 15.78 -12.46 -118.30
CA GLN RD 115 16.85 -12.39 -119.26
C GLN RD 115 18.00 -13.31 -118.91
N SER RD 116 18.21 -13.60 -117.64
CA SER RD 116 19.29 -14.54 -117.32
C SER RD 116 18.87 -15.98 -117.60
N LEU RD 117 17.64 -16.34 -117.27
CA LEU RD 117 17.21 -17.72 -117.55
C LEU RD 117 17.26 -18.05 -119.01
N GLN RD 118 16.99 -17.11 -119.90
CA GLN RD 118 17.10 -17.49 -121.30
C GLN RD 118 18.50 -17.89 -121.73
N THR RD 119 19.53 -17.62 -120.93
CA THR RD 119 20.87 -18.08 -121.29
C THR RD 119 21.16 -19.51 -120.88
N MET RD 120 20.37 -20.11 -120.01
CA MET RD 120 20.62 -21.50 -119.66
C MET RD 120 20.54 -22.38 -120.90
N GLU RD 121 21.15 -23.55 -120.80
CA GLU RD 121 21.17 -24.51 -121.90
C GLU RD 121 19.80 -25.07 -122.21
N GLY RD 122 19.36 -24.87 -123.45
CA GLY RD 122 18.13 -25.43 -123.97
C GLY RD 122 16.86 -24.66 -123.72
N VAL RD 123 16.86 -23.66 -122.85
CA VAL RD 123 15.67 -22.86 -122.64
C VAL RD 123 15.47 -21.92 -123.82
N LEU RD 124 14.23 -21.81 -124.28
CA LEU RD 124 13.88 -20.92 -125.39
C LEU RD 124 13.22 -19.64 -124.92
N SER RD 125 12.30 -19.72 -123.97
CA SER RD 125 11.78 -18.50 -123.36
C SER RD 125 11.25 -18.84 -121.98
N ALA RD 126 11.08 -17.80 -121.16
CA ALA RD 126 10.64 -17.99 -119.79
C ALA RD 126 9.96 -16.73 -119.29
N ARG RD 127 9.20 -16.88 -118.21
CA ARG RD 127 8.60 -15.75 -117.52
C ARG RD 127 8.70 -15.97 -116.03
N VAL RD 128 8.78 -14.87 -115.28
CA VAL RD 128 9.01 -14.93 -113.84
C VAL RD 128 8.07 -13.96 -113.13
N HIS RD 129 7.67 -14.33 -111.91
CA HIS RD 129 6.82 -13.50 -111.08
C HIS RD 129 7.33 -13.48 -109.64
N ILE RD 130 7.25 -12.32 -109.00
CA ILE RD 130 7.64 -12.13 -107.61
C ILE RD 130 6.45 -11.63 -106.82
N SER RD 131 6.28 -12.12 -105.59
CA SER RD 131 5.25 -11.60 -104.69
C SER RD 131 5.57 -10.18 -104.24
N TYR RD 132 4.84 -9.19 -104.76
CA TYR RD 132 5.00 -7.82 -104.29
C TYR RD 132 4.47 -7.58 -102.89
N ASP RD 133 5.31 -7.72 -101.87
CA ASP RD 133 4.94 -7.22 -100.55
C ASP RD 133 4.66 -5.73 -100.57
N ILE RD 134 5.15 -5.02 -101.58
CA ILE RD 134 5.14 -3.57 -101.61
C ILE RD 134 3.75 -2.98 -101.58
N ASP RD 135 2.71 -3.79 -101.77
CA ASP RD 135 1.35 -3.30 -101.67
C ASP RD 135 0.98 -2.86 -100.27
N ALA RD 136 1.85 -3.08 -99.28
CA ALA RD 136 1.85 -2.28 -98.08
C ALA RD 136 3.29 -1.99 -97.69
N GLY RD 137 3.48 -0.89 -96.98
CA GLY RD 137 4.80 -0.48 -96.60
C GLY RD 137 5.43 -1.29 -95.50
N GLU RD 138 4.74 -2.30 -94.97
CA GLU RD 138 5.09 -2.92 -93.70
C GLU RD 138 5.08 -1.91 -92.56
N ASN RD 139 4.25 -0.87 -92.67
CA ASN RD 139 4.32 0.26 -91.76
C ASN RD 139 3.94 -0.20 -90.36
N GLY RD 140 4.94 -0.28 -89.49
CA GLY RD 140 4.79 -0.84 -88.18
C GLY RD 140 4.52 -2.33 -88.18
N ARG RD 141 4.80 -3.02 -89.28
CA ARG RD 141 4.47 -4.44 -89.37
C ARG RD 141 5.70 -5.25 -89.75
N PRO RD 142 5.80 -6.47 -89.23
CA PRO RD 142 6.94 -7.31 -89.58
C PRO RD 142 6.89 -7.71 -91.04
N PRO RD 143 8.05 -7.90 -91.67
CA PRO RD 143 8.09 -8.18 -93.10
C PRO RD 143 7.65 -9.62 -93.39
N LYS RD 144 7.16 -9.83 -94.61
CA LYS RD 144 6.68 -11.12 -95.09
C LYS RD 144 7.67 -11.76 -96.06
N PRO RD 145 7.76 -13.09 -96.05
CA PRO RD 145 8.69 -13.78 -96.95
C PRO RD 145 8.25 -13.69 -98.40
N VAL RD 146 9.19 -13.98 -99.29
CA VAL RD 146 9.05 -13.82 -100.72
C VAL RD 146 8.71 -15.14 -101.39
N HIS RD 147 7.82 -15.10 -102.37
CA HIS RD 147 7.46 -16.22 -103.21
C HIS RD 147 7.76 -15.91 -104.67
N LEU RD 148 8.06 -16.95 -105.45
CA LEU RD 148 8.46 -16.83 -106.84
C LEU RD 148 7.73 -17.85 -107.69
N SER RD 149 7.36 -17.46 -108.91
CA SER RD 149 6.83 -18.39 -109.90
C SER RD 149 7.60 -18.27 -111.20
N ALA RD 150 7.81 -19.38 -111.91
CA ALA RD 150 8.47 -19.33 -113.20
C ALA RD 150 7.87 -20.31 -114.20
N LEU RD 151 7.78 -19.86 -115.45
CA LEU RD 151 7.33 -20.67 -116.57
C LEU RD 151 8.46 -20.76 -117.58
N ALA RD 152 8.67 -21.92 -118.19
CA ALA RD 152 9.67 -21.98 -119.25
C ALA RD 152 9.39 -23.04 -120.31
N VAL RD 153 9.87 -22.76 -121.52
CA VAL RD 153 9.68 -23.61 -122.69
C VAL RD 153 11.03 -24.18 -123.11
N TYR RD 154 11.07 -25.50 -123.33
CA TYR RD 154 12.30 -26.22 -123.65
C TYR RD 154 12.28 -26.78 -125.07
N GLU RD 155 13.46 -27.00 -125.61
CA GLU RD 155 13.61 -27.79 -126.83
C GLU RD 155 13.22 -29.25 -126.62
N ARG RD 156 12.83 -29.86 -127.73
CA ARG RD 156 12.37 -31.25 -127.79
C ARG RD 156 13.44 -32.26 -127.38
N GLY RD 157 13.04 -33.23 -126.55
CA GLY RD 157 13.94 -34.22 -126.01
C GLY RD 157 14.70 -33.86 -124.76
N SER RD 158 14.18 -32.99 -123.96
CA SER RD 158 14.77 -32.51 -122.72
C SER RD 158 14.21 -33.26 -121.52
N PRO RD 159 15.03 -33.78 -120.61
CA PRO RD 159 14.47 -34.40 -119.39
C PRO RD 159 14.00 -33.36 -118.38
N LEU RD 160 12.75 -32.94 -118.58
CA LEU RD 160 12.14 -31.89 -117.79
C LEU RD 160 12.25 -32.15 -116.28
N ALA RD 161 11.93 -33.38 -115.87
CA ALA RD 161 12.02 -33.72 -114.46
C ALA RD 161 13.40 -33.41 -113.90
N HIS RD 162 14.44 -33.82 -114.60
CA HIS RD 162 15.78 -33.54 -114.13
C HIS RD 162 16.17 -32.08 -114.25
N GLN RD 163 15.48 -31.29 -115.07
CA GLN RD 163 15.87 -29.90 -115.21
C GLN RD 163 15.17 -28.95 -114.24
N ILE RD 164 14.10 -29.36 -113.58
CA ILE RD 164 13.48 -28.44 -112.61
C ILE RD 164 14.43 -28.12 -111.46
N SER RD 165 15.22 -29.12 -111.03
CA SER RD 165 16.16 -28.92 -109.93
C SER RD 165 17.08 -27.74 -110.16
N ASP RD 166 17.70 -27.69 -111.34
CA ASP RD 166 18.60 -26.58 -111.64
C ASP RD 166 17.94 -25.23 -111.44
N ILE RD 167 16.76 -25.03 -112.02
CA ILE RD 167 16.06 -23.77 -111.86
C ILE RD 167 15.82 -23.44 -110.39
N LYS RD 168 15.22 -24.36 -109.64
CA LYS RD 168 15.02 -24.07 -108.22
C LYS RD 168 16.30 -23.68 -107.51
N ARG RD 169 17.36 -24.45 -107.70
CA ARG RD 169 18.63 -24.10 -107.07
C ARG RD 169 19.06 -22.70 -107.45
N PHE RD 170 18.98 -22.35 -108.71
CA PHE RD 170 19.40 -21.04 -109.15
C PHE RD 170 18.57 -19.92 -108.54
N LEU RD 171 17.26 -20.08 -108.49
CA LEU RD 171 16.42 -19.02 -107.92
C LEU RD 171 16.58 -18.87 -106.42
N LYS RD 172 16.68 -19.97 -105.69
CA LYS RD 172 16.76 -19.89 -104.22
C LYS RD 172 17.76 -18.87 -103.71
N ASN RD 173 18.97 -18.85 -104.25
CA ASN RD 173 19.99 -17.92 -103.76
C ASN RD 173 19.90 -16.52 -104.33
N SER RD 174 18.92 -16.24 -105.16
CA SER RD 174 18.81 -14.89 -105.70
C SER RD 174 18.13 -13.94 -104.73
N PHE RD 175 17.68 -14.41 -103.56
CA PHE RD 175 16.97 -13.58 -102.61
C PHE RD 175 17.37 -13.93 -101.19
N ALA RD 176 17.20 -12.95 -100.30
CA ALA RD 176 17.60 -13.09 -98.91
C ALA RD 176 16.94 -14.26 -98.19
N ASP RD 177 15.70 -14.60 -98.50
CA ASP RD 177 15.05 -15.67 -97.73
C ASP RD 177 13.99 -16.36 -98.60
N VAL RD 178 14.33 -17.54 -99.10
CA VAL RD 178 13.43 -18.30 -99.95
C VAL RD 178 13.58 -19.76 -99.60
N ASP RD 179 12.46 -20.47 -99.54
CA ASP RD 179 12.44 -21.89 -99.29
C ASP RD 179 12.00 -22.62 -100.54
N TYR RD 180 12.60 -23.78 -100.78
CA TYR RD 180 12.21 -24.58 -101.93
C TYR RD 180 10.72 -24.80 -101.94
N ASP RD 181 10.10 -24.87 -100.78
CA ASP RD 181 8.66 -25.02 -100.71
C ASP RD 181 7.93 -23.85 -101.35
N ASN RD 182 8.50 -22.65 -101.31
CA ASN RD 182 7.84 -21.45 -101.83
C ASN RD 182 8.13 -21.13 -103.28
N ILE RD 183 8.72 -22.04 -104.06
CA ILE RD 183 9.04 -21.78 -105.46
C ILE RD 183 8.27 -22.74 -106.35
N SER RD 184 7.43 -22.20 -107.24
CA SER RD 184 6.68 -22.95 -108.23
C SER RD 184 7.30 -22.82 -109.61
N VAL RD 185 7.47 -23.95 -110.30
CA VAL RD 185 8.10 -24.00 -111.62
C VAL RD 185 7.27 -24.88 -112.55
N VAL RD 186 6.93 -24.35 -113.72
CA VAL RD 186 6.17 -25.08 -114.73
C VAL RD 186 6.93 -25.05 -116.07
N LEU RD 187 7.15 -26.23 -116.65
CA LEU RD 187 7.90 -26.39 -117.87
C LEU RD 187 7.06 -27.05 -118.96
N SER RD 188 7.36 -26.73 -120.21
CA SER RD 188 6.68 -27.33 -121.35
C SER RD 188 7.62 -27.40 -122.53
N GLU RD 189 7.34 -28.32 -123.45
CA GLU RD 189 8.10 -28.47 -124.70
C GLU RD 189 7.54 -27.69 -125.86
N ARG RD 190 8.44 -27.30 -126.75
CA ARG RD 190 8.06 -26.68 -128.02
C ARG RD 190 7.21 -27.61 -128.87
N SER RD 191 6.22 -27.03 -129.55
CA SER RD 191 5.39 -27.70 -130.53
C SER RD 191 6.18 -28.05 -131.79
N ASP RD 192 5.56 -28.90 -132.61
CA ASP RD 192 6.10 -29.26 -133.92
C ASP RD 192 6.38 -28.04 -134.81
N ALA RD 193 7.49 -28.11 -135.54
CA ALA RD 193 7.91 -27.07 -136.47
C ALA RD 193 7.05 -26.99 -137.72
N GLN RD 194 6.65 -25.75 -138.08
CA GLN RD 194 5.93 -25.41 -139.31
C GLN RD 194 6.88 -25.00 -140.44
N LEU RD 195 7.31 -25.97 -141.24
CA LEU RD 195 8.30 -25.73 -142.29
C LEU RD 195 7.71 -25.65 -143.69
N GLN RD 196 6.74 -26.49 -144.05
CA GLN RD 196 6.15 -26.43 -145.38
C GLN RD 196 5.15 -25.29 -145.52
N ALA RD 197 5.19 -24.65 -146.69
CA ALA RD 197 4.31 -23.53 -147.00
C ALA RD 197 2.86 -23.96 -147.27
N PRO RD 198 1.89 -23.12 -146.92
CA PRO RD 198 0.50 -23.42 -147.23
C PRO RD 198 0.20 -23.38 -148.72
N GLY RD 199 -0.83 -24.14 -149.10
CA GLY RD 199 -1.29 -24.18 -150.49
C GLY RD 199 -2.16 -23.00 -150.90
N THR RD 200 -1.95 -22.56 -152.14
CA THR RD 200 -2.69 -21.47 -152.75
C THR RD 200 -4.06 -21.95 -153.24
N PRO RD 201 -5.13 -21.21 -152.99
CA PRO RD 201 -6.44 -21.59 -153.54
C PRO RD 201 -6.38 -21.84 -155.03
N VAL RD 202 -7.11 -22.87 -155.47
CA VAL RD 202 -7.23 -23.18 -156.89
C VAL RD 202 -8.15 -22.20 -157.58
N ASP SD 20 12.13 -11.06 -153.04
CA ASP SD 20 12.45 -11.19 -151.63
C ASP SD 20 11.39 -10.50 -150.79
N LYS SD 21 11.12 -11.09 -149.63
CA LYS SD 21 10.13 -10.58 -148.69
C LYS SD 21 10.83 -9.97 -147.50
N ASP SD 22 10.33 -8.81 -147.06
CA ASP SD 22 10.84 -8.14 -145.88
C ASP SD 22 10.35 -8.77 -144.59
N LEU SD 23 11.28 -9.20 -143.74
CA LEU SD 23 10.96 -9.67 -142.40
C LEU SD 23 10.95 -8.53 -141.40
N LEU SD 24 12.01 -7.73 -141.35
CA LEU SD 24 12.13 -6.74 -140.31
C LEU SD 24 12.82 -5.50 -140.87
N LYS SD 25 12.48 -4.36 -140.29
CA LYS SD 25 13.08 -3.08 -140.62
C LYS SD 25 13.48 -2.30 -139.38
N GLY SD 26 14.40 -1.37 -139.60
CA GLY SD 26 14.82 -0.46 -138.55
C GLY SD 26 15.54 -1.11 -137.39
N LEU SD 27 16.17 -2.25 -137.62
CA LEU SD 27 16.95 -2.86 -136.56
C LEU SD 27 18.21 -2.05 -136.35
N ASP SD 28 18.80 -2.20 -135.18
CA ASP SD 28 20.20 -1.82 -135.01
C ASP SD 28 21.14 -3.01 -135.11
N GLN SD 29 22.42 -2.67 -135.15
CA GLN SD 29 23.49 -3.60 -135.49
C GLN SD 29 23.47 -4.89 -134.65
N GLU SD 30 23.29 -4.75 -133.34
CA GLU SD 30 23.33 -5.90 -132.46
C GLU SD 30 22.06 -6.73 -132.49
N GLN SD 31 20.96 -6.17 -132.95
CA GLN SD 31 19.77 -6.96 -133.20
C GLN SD 31 19.91 -7.72 -134.52
N ALA SD 32 20.42 -7.06 -135.54
CA ALA SD 32 20.57 -7.71 -136.83
C ALA SD 32 21.50 -8.91 -136.75
N ASN SD 33 22.66 -8.74 -136.12
CA ASN SD 33 23.59 -9.87 -136.09
C ASN SD 33 23.04 -11.07 -135.33
N GLU SD 34 22.23 -10.84 -134.31
CA GLU SD 34 21.55 -11.95 -133.65
C GLU SD 34 20.53 -12.63 -134.55
N VAL SD 35 19.75 -11.86 -135.30
CA VAL SD 35 18.78 -12.50 -136.18
C VAL SD 35 19.48 -13.33 -137.25
N ILE SD 36 20.56 -12.81 -137.81
CA ILE SD 36 21.31 -13.60 -138.79
C ILE SD 36 21.82 -14.89 -138.18
N ALA SD 37 22.45 -14.80 -137.00
CA ALA SD 37 23.00 -16.00 -136.38
C ALA SD 37 21.93 -17.07 -136.19
N VAL SD 38 20.77 -16.67 -135.70
CA VAL SD 38 19.71 -17.65 -135.45
C VAL SD 38 19.18 -18.24 -136.74
N LEU SD 39 19.00 -17.45 -137.78
CA LEU SD 39 18.45 -18.05 -138.99
C LEU SD 39 19.47 -18.96 -139.67
N GLN SD 40 20.73 -18.54 -139.77
CA GLN SD 40 21.75 -19.42 -140.31
C GLN SD 40 21.83 -20.75 -139.60
N MET SD 41 21.67 -20.76 -138.28
CA MET SD 41 21.74 -22.04 -137.57
C MET SD 41 20.74 -23.06 -138.10
N HIS SD 42 19.56 -22.63 -138.53
CA HIS SD 42 18.52 -23.51 -139.03
C HIS SD 42 18.55 -23.70 -140.55
N ASN SD 43 19.66 -23.42 -141.19
CA ASN SD 43 19.82 -23.55 -142.64
C ASN SD 43 19.00 -22.58 -143.49
N ILE SD 44 18.84 -21.35 -143.03
CA ILE SD 44 18.13 -20.32 -143.79
C ILE SD 44 19.15 -19.27 -144.19
N GLU SD 45 19.39 -19.12 -145.48
CA GLU SD 45 20.26 -18.07 -146.01
C GLU SD 45 19.56 -16.71 -146.01
N ALA SD 46 20.11 -15.74 -145.28
CA ALA SD 46 19.50 -14.43 -145.13
C ALA SD 46 20.45 -13.33 -145.57
N ASN SD 47 19.90 -12.14 -145.83
CA ASN SD 47 20.66 -10.98 -146.28
C ASN SD 47 20.37 -9.76 -145.43
N LYS SD 48 21.44 -9.05 -145.04
CA LYS SD 48 21.39 -7.82 -144.25
C LYS SD 48 21.71 -6.61 -145.12
N ILE SD 49 20.84 -5.61 -145.09
CA ILE SD 49 20.98 -4.40 -145.87
C ILE SD 49 20.98 -3.21 -144.93
N ASP SD 50 21.83 -2.24 -145.23
CA ASP SD 50 21.99 -1.03 -144.42
C ASP SD 50 21.43 0.20 -145.13
N SER SD 51 20.53 0.91 -144.46
CA SER SD 51 19.91 2.12 -144.95
C SER SD 51 20.33 3.35 -144.14
N GLY SD 52 21.38 3.20 -143.33
CA GLY SD 52 21.84 4.24 -142.42
C GLY SD 52 20.95 4.74 -141.30
N LYS SD 53 20.50 6.00 -141.39
CA LYS SD 53 19.57 6.50 -140.38
C LYS SD 53 18.31 5.67 -140.25
N LEU SD 54 17.99 4.84 -141.23
CA LEU SD 54 16.82 3.99 -141.15
C LEU SD 54 17.13 2.61 -140.59
N GLY SD 55 18.39 2.34 -140.27
CA GLY SD 55 18.86 1.06 -139.79
C GLY SD 55 18.99 -0.07 -140.82
N TYR SD 56 19.10 -1.26 -140.28
CA TYR SD 56 19.24 -2.49 -141.05
C TYR SD 56 17.93 -3.20 -141.33
N SER SD 57 17.91 -3.89 -142.48
CA SER SD 57 16.78 -4.67 -142.98
C SER SD 57 17.27 -6.08 -143.24
N ILE SD 58 16.39 -7.04 -143.03
CA ILE SD 58 16.66 -8.46 -143.20
C ILE SD 58 15.73 -9.04 -144.24
N THR SD 59 16.27 -9.80 -145.18
CA THR SD 59 15.46 -10.39 -146.25
C THR SD 59 15.85 -11.84 -146.47
N VAL SD 60 14.87 -12.61 -146.94
CA VAL SD 60 15.02 -14.03 -147.24
C VAL SD 60 14.23 -14.39 -148.49
N ALA SD 61 14.56 -15.54 -149.07
CA ALA SD 61 13.81 -16.10 -150.17
C ALA SD 61 12.44 -16.63 -149.75
N GLU SD 62 11.54 -16.67 -150.75
CA GLU SD 62 10.18 -17.17 -150.56
C GLU SD 62 10.12 -18.60 -150.04
N PRO SD 63 10.81 -19.57 -150.62
CA PRO SD 63 10.77 -20.93 -150.06
C PRO SD 63 11.11 -20.99 -148.58
N ASP SD 64 11.86 -20.03 -148.06
CA ASP SD 64 12.25 -20.02 -146.66
C ASP SD 64 11.44 -19.06 -145.82
N PHE SD 65 10.53 -18.29 -146.44
CA PHE SD 65 9.76 -17.31 -145.70
C PHE SD 65 8.99 -17.93 -144.54
N THR SD 66 8.21 -18.97 -144.82
CA THR SD 66 7.44 -19.65 -143.78
C THR SD 66 8.27 -20.06 -142.58
N ALA SD 67 9.35 -20.79 -142.81
CA ALA SD 67 10.24 -21.18 -141.73
C ALA SD 67 10.78 -19.98 -140.98
N ALA SD 68 11.25 -18.97 -141.70
CA ALA SD 68 11.80 -17.80 -141.03
C ALA SD 68 10.79 -17.16 -140.10
N VAL SD 69 9.55 -17.07 -140.53
CA VAL SD 69 8.50 -16.52 -139.67
C VAL SD 69 8.32 -17.37 -138.42
N TYR SD 70 8.22 -18.68 -138.61
CA TYR SD 70 8.03 -19.56 -137.46
C TYR SD 70 9.17 -19.47 -136.45
N TRP SD 71 10.41 -19.37 -136.91
CA TRP SD 71 11.50 -19.25 -135.94
C TRP SD 71 11.52 -17.89 -135.26
N ILE SD 72 11.26 -16.82 -136.01
CA ILE SD 72 11.15 -15.51 -135.39
C ILE SD 72 10.14 -15.52 -134.25
N LYS SD 73 8.98 -16.13 -134.47
CA LYS SD 73 8.03 -16.31 -133.39
C LYS SD 73 8.61 -17.14 -132.26
N THR SD 74 9.18 -18.29 -132.56
CA THR SD 74 9.56 -19.21 -131.49
C THR SD 74 10.60 -18.60 -130.57
N TYR SD 75 11.59 -17.91 -131.12
CA TYR SD 75 12.60 -17.27 -130.28
C TYR SD 75 12.22 -15.87 -129.82
N GLN SD 76 11.08 -15.33 -130.24
CA GLN SD 76 10.69 -13.97 -129.87
C GLN SD 76 11.74 -12.93 -130.26
N LEU SD 77 12.18 -12.98 -131.50
CA LEU SD 77 13.11 -11.99 -132.00
C LEU SD 77 12.36 -10.74 -132.43
N PRO SD 78 13.04 -9.60 -132.58
CA PRO SD 78 14.41 -9.23 -132.24
C PRO SD 78 14.60 -9.02 -130.76
N PRO SD 79 15.81 -9.22 -130.25
CA PRO SD 79 16.00 -9.25 -128.81
C PRO SD 79 15.81 -7.90 -128.17
N ARG SD 80 15.46 -7.93 -126.89
CA ARG SD 80 15.33 -6.74 -126.08
C ARG SD 80 16.68 -6.07 -125.85
N PRO SD 81 16.68 -4.82 -125.44
CA PRO SD 81 17.87 -4.23 -124.82
C PRO SD 81 18.08 -4.78 -123.42
N ARG SD 82 19.33 -4.86 -123.00
CA ARG SD 82 19.67 -5.46 -121.71
C ARG SD 82 19.38 -4.50 -120.57
N VAL SD 83 18.83 -5.04 -119.48
CA VAL SD 83 18.31 -4.27 -118.36
C VAL SD 83 19.30 -4.28 -117.21
N GLU SD 84 19.54 -3.10 -116.62
CA GLU SD 84 20.36 -2.99 -115.43
C GLU SD 84 19.71 -2.07 -114.40
N ILE SD 85 19.77 -2.48 -113.13
CA ILE SD 85 18.98 -1.83 -112.10
C ILE SD 85 19.32 -0.35 -111.96
N ALA SD 86 20.57 0.02 -112.19
CA ALA SD 86 20.96 1.42 -112.21
C ALA SD 86 20.19 2.29 -113.21
N GLN SD 87 19.48 1.69 -114.16
CA GLN SD 87 18.65 2.47 -115.05
C GLN SD 87 17.35 2.97 -114.42
N MET SD 88 16.92 2.38 -113.32
CA MET SD 88 15.73 2.85 -112.64
C MET SD 88 15.97 4.06 -111.76
N PHE SD 89 17.22 4.40 -111.47
CA PHE SD 89 17.54 5.42 -110.47
C PHE SD 89 18.61 6.36 -111.03
N PRO SD 90 18.24 7.18 -112.00
CA PRO SD 90 19.25 7.96 -112.72
C PRO SD 90 20.03 8.88 -111.80
N ALA SD 91 21.35 8.81 -111.89
CA ALA SD 91 22.24 9.74 -111.20
C ALA SD 91 22.10 11.19 -111.67
N ASP SD 92 21.32 11.46 -112.71
CA ASP SD 92 20.98 12.84 -113.03
C ASP SD 92 20.13 13.53 -111.97
N SER SD 93 19.40 12.77 -111.16
CA SER SD 93 18.46 13.39 -110.22
C SER SD 93 19.19 14.26 -109.21
N LEU SD 94 18.59 15.40 -108.90
CA LEU SD 94 19.27 16.42 -108.12
C LEU SD 94 19.37 16.03 -106.64
N VAL SD 95 18.33 15.43 -106.10
CA VAL SD 95 18.36 14.85 -104.77
C VAL SD 95 17.72 13.49 -104.83
N SER SD 96 18.30 12.52 -104.12
CA SER SD 96 17.75 11.19 -104.13
C SER SD 96 17.98 10.53 -102.79
N SER SD 97 17.05 9.67 -102.42
CA SER SD 97 17.00 9.13 -101.07
C SER SD 97 18.10 8.11 -100.87
N PRO SD 98 18.41 7.76 -99.61
CA PRO SD 98 19.42 6.73 -99.38
C PRO SD 98 19.10 5.40 -100.03
N ARG SD 99 17.83 5.11 -100.25
CA ARG SD 99 17.48 3.85 -100.90
C ARG SD 99 18.01 3.81 -102.32
N ALA SD 100 17.77 4.88 -103.07
CA ALA SD 100 18.22 4.91 -104.45
C ALA SD 100 19.72 4.73 -104.54
N GLU SD 101 20.48 5.49 -103.74
CA GLU SD 101 21.94 5.34 -103.72
C GLU SD 101 22.36 3.90 -103.43
N LYS SD 102 21.82 3.31 -102.38
CA LYS SD 102 22.20 1.93 -102.08
C LYS SD 102 21.90 1.00 -103.25
N ALA SD 103 20.80 1.23 -103.95
CA ALA SD 103 20.50 0.42 -105.12
C ALA SD 103 21.55 0.61 -106.21
N ARG SD 104 21.84 1.85 -106.58
CA ARG SD 104 22.91 2.06 -107.58
C ARG SD 104 24.20 1.37 -107.19
N LEU SD 105 24.63 1.52 -105.94
CA LEU SD 105 25.85 0.86 -105.49
C LEU SD 105 25.84 -0.63 -105.79
N TYR SD 106 24.84 -1.35 -105.29
CA TYR SD 106 24.75 -2.78 -105.58
C TYR SD 106 24.71 -3.08 -107.07
N SER SD 107 23.93 -2.32 -107.83
CA SER SD 107 23.82 -2.56 -109.25
C SER SD 107 25.09 -2.26 -110.01
N ALA SD 108 26.05 -1.58 -109.41
CA ALA SD 108 27.35 -1.44 -110.03
C ALA SD 108 28.29 -2.58 -109.65
N ILE SD 109 28.23 -3.02 -108.40
CA ILE SD 109 29.05 -4.15 -108.00
C ILE SD 109 28.73 -5.39 -108.81
N GLU SD 110 27.44 -5.65 -109.05
CA GLU SD 110 27.07 -6.78 -109.91
C GLU SD 110 27.80 -6.77 -111.24
N GLN SD 111 27.82 -5.62 -111.90
CA GLN SD 111 28.44 -5.56 -113.22
C GLN SD 111 29.95 -5.73 -113.13
N ARG SD 112 30.56 -5.16 -112.10
CA ARG SD 112 32.01 -5.30 -112.01
C ARG SD 112 32.39 -6.75 -111.76
N LEU SD 113 31.56 -7.49 -111.02
CA LEU SD 113 31.85 -8.91 -110.83
C LEU SD 113 31.72 -9.67 -112.13
N GLU SD 114 30.63 -9.45 -112.88
CA GLU SD 114 30.50 -10.15 -114.15
C GLU SD 114 31.73 -9.93 -115.02
N GLN SD 115 32.21 -8.69 -115.07
CA GLN SD 115 33.35 -8.40 -115.91
C GLN SD 115 34.62 -9.03 -115.38
N SER SD 116 34.70 -9.30 -114.08
CA SER SD 116 35.91 -9.97 -113.62
C SER SD 116 35.87 -11.46 -113.94
N LEU SD 117 34.72 -12.11 -113.72
CA LEU SD 117 34.63 -13.52 -114.05
C LEU SD 117 34.93 -13.78 -115.52
N GLN SD 118 34.50 -12.88 -116.39
CA GLN SD 118 34.82 -13.13 -117.79
C GLN SD 118 36.31 -13.17 -118.11
N THR SD 119 37.19 -12.84 -117.17
CA THR SD 119 38.61 -12.97 -117.43
C THR SD 119 39.21 -14.31 -116.99
N MET SD 120 38.52 -15.11 -116.19
CA MET SD 120 39.07 -16.41 -115.84
C MET SD 120 39.29 -17.27 -117.07
N GLU SD 121 40.15 -18.26 -116.90
CA GLU SD 121 40.51 -19.20 -117.96
C GLU SD 121 39.37 -20.10 -118.39
N GLY SD 122 39.00 -20.02 -119.67
CA GLY SD 122 37.95 -20.80 -120.27
C GLY SD 122 36.55 -20.23 -120.23
N VAL SD 123 36.27 -19.25 -119.39
CA VAL SD 123 34.92 -18.71 -119.35
C VAL SD 123 34.68 -17.91 -120.63
N LEU SD 124 33.55 -18.17 -121.28
CA LEU SD 124 33.13 -17.38 -122.44
C LEU SD 124 32.18 -16.27 -122.06
N SER SD 125 31.27 -16.52 -121.12
CA SER SD 125 30.36 -15.48 -120.67
C SER SD 125 29.81 -15.89 -119.30
N ALA SD 126 29.23 -14.90 -118.61
CA ALA SD 126 28.77 -15.10 -117.24
C ALA SD 126 27.65 -14.15 -116.91
N ARG SD 127 26.97 -14.44 -115.80
CA ARG SD 127 25.97 -13.56 -115.20
C ARG SD 127 26.04 -13.71 -113.70
N VAL SD 128 25.72 -12.63 -112.98
CA VAL SD 128 25.69 -12.65 -111.52
C VAL SD 128 24.45 -11.95 -111.01
N HIS SD 129 23.94 -12.41 -109.87
CA HIS SD 129 22.81 -11.81 -109.18
C HIS SD 129 23.12 -11.72 -107.68
N ILE SD 130 22.70 -10.63 -107.05
CA ILE SD 130 22.92 -10.39 -105.62
C ILE SD 130 21.59 -10.16 -104.92
N SER SD 131 21.47 -10.66 -103.69
CA SER SD 131 20.32 -10.39 -102.84
C SER SD 131 20.29 -8.93 -102.39
N TYR SD 132 19.37 -8.13 -102.94
CA TYR SD 132 19.15 -6.74 -102.51
C TYR SD 132 18.34 -6.66 -101.22
N ASP SD 133 19.02 -6.64 -100.08
CA ASP SD 133 18.28 -6.48 -98.82
C ASP SD 133 17.59 -5.14 -98.72
N ILE SD 134 17.96 -4.17 -99.57
CA ILE SD 134 17.34 -2.86 -99.61
C ILE SD 134 15.84 -2.92 -99.84
N ASP SD 135 15.31 -4.09 -100.20
CA ASP SD 135 13.86 -4.25 -100.18
C ASP SD 135 13.29 -3.94 -98.82
N ALA SD 136 14.14 -3.93 -97.80
CA ALA SD 136 13.83 -3.26 -96.55
C ALA SD 136 14.98 -2.31 -96.28
N GLY SD 137 14.70 -1.26 -95.51
CA GLY SD 137 15.77 -0.43 -95.01
C GLY SD 137 16.54 -1.07 -93.88
N GLU SD 138 16.04 -2.18 -93.34
CA GLU SD 138 16.63 -2.78 -92.15
C GLU SD 138 16.60 -1.78 -91.00
N ASN SD 139 15.51 -1.03 -90.90
CA ASN SD 139 15.30 -0.10 -89.81
C ASN SD 139 15.00 -0.83 -88.50
N GLY SD 140 15.73 -0.49 -87.45
CA GLY SD 140 15.49 -1.10 -86.16
C GLY SD 140 15.71 -2.59 -86.14
N ARG SD 141 16.50 -3.12 -87.08
CA ARG SD 141 16.59 -4.54 -87.31
C ARG SD 141 17.99 -4.86 -87.81
N PRO SD 142 18.53 -6.02 -87.47
CA PRO SD 142 19.85 -6.39 -87.98
C PRO SD 142 19.82 -6.69 -89.47
N PRO SD 143 20.88 -6.34 -90.20
CA PRO SD 143 20.93 -6.64 -91.62
C PRO SD 143 21.14 -8.12 -91.90
N LYS SD 144 20.41 -8.62 -92.90
CA LYS SD 144 20.44 -10.04 -93.25
C LYS SD 144 21.74 -10.40 -93.97
N PRO SD 145 22.10 -11.69 -93.99
CA PRO SD 145 23.26 -12.12 -94.78
C PRO SD 145 23.01 -12.07 -96.28
N VAL SD 146 24.10 -11.87 -97.02
CA VAL SD 146 24.12 -11.85 -98.48
C VAL SD 146 24.04 -13.23 -99.11
N HIS SD 147 23.33 -13.30 -100.23
CA HIS SD 147 23.20 -14.48 -101.10
C HIS SD 147 23.59 -14.07 -102.53
N LEU SD 148 24.24 -14.99 -103.25
CA LEU SD 148 24.77 -14.75 -104.59
C LEU SD 148 24.47 -15.90 -105.52
N SER SD 149 24.12 -15.60 -106.77
CA SER SD 149 23.92 -16.62 -107.81
C SER SD 149 24.71 -16.28 -109.06
N ALA SD 150 25.35 -17.30 -109.67
CA ALA SD 150 26.14 -17.06 -110.87
C ALA SD 150 25.98 -18.15 -111.92
N LEU SD 151 25.93 -17.72 -113.18
CA LEU SD 151 25.85 -18.59 -114.35
C LEU SD 151 27.10 -18.42 -115.20
N ALA SD 152 27.62 -19.50 -115.77
CA ALA SD 152 28.73 -19.32 -116.71
C ALA SD 152 28.83 -20.43 -117.75
N VAL SD 153 29.39 -20.07 -118.91
CA VAL SD 153 29.57 -20.96 -120.05
C VAL SD 153 31.05 -21.22 -120.29
N TYR SD 154 31.43 -22.49 -120.46
CA TYR SD 154 32.82 -22.91 -120.65
C TYR SD 154 33.11 -23.47 -122.04
N GLU SD 155 34.38 -23.38 -122.41
CA GLU SD 155 34.90 -24.08 -123.59
C GLU SD 155 34.78 -25.59 -123.43
N ARG SD 156 34.58 -26.26 -124.55
CA ARG SD 156 34.46 -27.72 -124.59
C ARG SD 156 35.70 -28.43 -124.05
N GLY SD 157 35.46 -29.45 -123.23
CA GLY SD 157 36.52 -30.23 -122.61
C GLY SD 157 37.04 -29.72 -121.30
N SER SD 158 36.26 -28.98 -120.56
CA SER SD 158 36.56 -28.40 -119.26
C SER SD 158 35.99 -29.25 -118.13
N PRO SD 159 36.77 -29.59 -117.10
CA PRO SD 159 36.21 -30.32 -115.95
C PRO SD 159 35.39 -29.43 -115.01
N LEU SD 160 34.12 -29.31 -115.37
CA LEU SD 160 33.19 -28.44 -114.65
C LEU SD 160 33.17 -28.70 -113.15
N ALA SD 161 33.09 -29.97 -112.76
CA ALA SD 161 33.08 -30.29 -111.34
C ALA SD 161 34.28 -29.67 -110.63
N HIS SD 162 35.47 -29.81 -111.18
CA HIS SD 162 36.64 -29.21 -110.55
C HIS SD 162 36.69 -27.70 -110.67
N GLN SD 163 35.95 -27.09 -111.60
CA GLN SD 163 36.04 -25.64 -111.71
C GLN SD 163 35.01 -24.89 -110.88
N ILE SD 164 33.98 -25.55 -110.36
CA ILE SD 164 33.03 -24.83 -109.50
C ILE SD 164 33.71 -24.32 -108.24
N SER SD 165 34.65 -25.10 -107.70
CA SER SD 165 35.35 -24.70 -106.48
C SER SD 165 35.99 -23.33 -106.61
N ASP SD 166 36.75 -23.10 -107.68
CA ASP SD 166 37.38 -21.79 -107.87
C ASP SD 166 36.39 -20.65 -107.81
N ILE SD 167 35.30 -20.74 -108.56
CA ILE SD 167 34.30 -19.69 -108.53
C ILE SD 167 33.79 -19.44 -107.13
N LYS SD 168 33.35 -20.49 -106.43
CA LYS SD 168 32.90 -20.26 -105.06
C LYS SD 168 33.95 -19.56 -104.21
N ARG SD 169 35.18 -20.05 -104.27
CA ARG SD 169 36.26 -19.40 -103.51
C ARG SD 169 36.38 -17.94 -103.85
N PHE SD 170 36.37 -17.60 -105.14
CA PHE SD 170 36.53 -16.21 -105.54
C PHE SD 170 35.38 -15.33 -105.07
N LEU SD 171 34.15 -15.81 -105.18
CA LEU SD 171 33.00 -15.00 -104.78
C LEU SD 171 32.90 -14.81 -103.28
N LYS SD 172 33.19 -15.85 -102.49
CA LYS SD 172 33.04 -15.75 -101.04
C LYS SD 172 33.62 -14.48 -100.42
N ASN SD 173 34.83 -14.09 -100.82
CA ASN SD 173 35.47 -12.93 -100.21
C ASN SD 173 35.07 -11.58 -100.78
N SER SD 174 34.13 -11.49 -101.70
CA SER SD 174 33.78 -10.17 -102.19
C SER SD 174 32.82 -9.43 -101.29
N PHE SD 175 32.35 -10.04 -100.21
CA PHE SD 175 31.38 -9.42 -99.31
C PHE SD 175 31.74 -9.73 -97.86
N ALA SD 176 31.26 -8.87 -96.97
CA ALA SD 176 31.54 -8.97 -95.55
C ALA SD 176 31.08 -10.28 -94.92
N ASP SD 177 29.98 -10.88 -95.38
CA ASP SD 177 29.50 -12.09 -94.71
C ASP SD 177 28.77 -12.97 -95.70
N VAL SD 178 29.45 -14.02 -96.14
CA VAL SD 178 28.90 -14.97 -97.10
C VAL SD 178 29.38 -16.36 -96.71
N ASP SD 179 28.48 -17.32 -96.81
CA ASP SD 179 28.76 -18.72 -96.53
C ASP SD 179 28.71 -19.50 -97.83
N TYR SD 180 29.60 -20.48 -97.96
CA TYR SD 180 29.57 -21.32 -99.15
C TYR SD 180 28.18 -21.89 -99.39
N ASP SD 181 27.43 -22.13 -98.33
CA ASP SD 181 26.07 -22.62 -98.50
C ASP SD 181 25.18 -21.66 -99.27
N ASN SD 182 25.42 -20.36 -99.18
CA ASN SD 182 24.59 -19.35 -99.82
C ASN SD 182 25.01 -18.97 -101.24
N ILE SD 183 25.91 -19.71 -101.88
CA ILE SD 183 26.36 -19.39 -103.23
C ILE SD 183 25.94 -20.51 -104.17
N SER SD 184 25.15 -20.16 -105.17
CA SER SD 184 24.70 -21.05 -106.23
C SER SD 184 25.46 -20.80 -107.51
N VAL SD 185 25.94 -21.85 -108.14
CA VAL SD 185 26.73 -21.76 -109.37
C VAL SD 185 26.20 -22.78 -110.37
N VAL SD 186 25.89 -22.32 -111.58
CA VAL SD 186 25.42 -23.18 -112.66
C VAL SD 186 26.30 -22.99 -113.88
N LEU SD 187 26.84 -24.10 -114.40
CA LEU SD 187 27.76 -24.09 -115.52
C LEU SD 187 27.22 -24.91 -116.69
N SER SD 188 27.62 -24.50 -117.89
CA SER SD 188 27.23 -25.24 -119.09
C SER SD 188 28.33 -25.09 -120.13
N GLU SD 189 28.37 -26.04 -121.06
CA GLU SD 189 29.32 -25.99 -122.18
C GLU SD 189 28.74 -25.33 -123.41
N ARG SD 190 29.64 -24.74 -124.20
CA ARG SD 190 29.33 -24.23 -125.52
C ARG SD 190 28.78 -25.32 -126.43
N SER SD 191 27.76 -24.97 -127.21
CA SER SD 191 27.23 -25.85 -128.24
C SER SD 191 28.22 -26.01 -129.39
N ASP SD 192 27.93 -26.98 -130.26
CA ASP SD 192 28.72 -27.20 -131.47
C ASP SD 192 28.80 -25.96 -132.36
N ALA SD 193 29.99 -25.76 -132.92
CA ALA SD 193 30.26 -24.65 -133.83
C ALA SD 193 29.60 -24.79 -135.19
N GLN SD 194 28.99 -23.70 -135.64
CA GLN SD 194 28.38 -23.53 -136.97
C GLN SD 194 29.36 -22.92 -137.97
N LEU SD 195 30.10 -23.77 -138.67
CA LEU SD 195 31.14 -23.31 -139.59
C LEU SD 195 30.73 -23.37 -141.06
N GLN SD 196 30.01 -24.39 -141.49
CA GLN SD 196 29.59 -24.47 -142.89
C GLN SD 196 28.38 -23.58 -143.17
N ALA SD 197 28.40 -22.95 -144.34
CA ALA SD 197 27.33 -22.07 -144.79
C ALA SD 197 26.07 -22.83 -145.21
N PRO SD 198 24.90 -22.24 -145.01
CA PRO SD 198 23.67 -22.86 -145.49
C PRO SD 198 23.56 -22.90 -147.01
N GLY SD 199 22.80 -23.88 -147.49
CA GLY SD 199 22.55 -24.01 -148.92
C GLY SD 199 21.49 -23.06 -149.46
N THR SD 200 21.75 -22.54 -150.65
CA THR SD 200 20.83 -21.64 -151.34
C THR SD 200 19.68 -22.42 -151.98
N PRO SD 201 18.44 -21.95 -151.85
CA PRO SD 201 17.33 -22.61 -152.52
C PRO SD 201 17.57 -22.82 -154.00
N VAL SD 202 17.14 -23.97 -154.50
CA VAL SD 202 17.22 -24.27 -155.91
C VAL SD 202 16.13 -23.48 -156.62
N ASP TD 20 32.87 -8.16 -150.16
CA ASP TD 20 33.05 -8.23 -148.73
C ASP TD 20 31.77 -7.84 -148.01
N LYS TD 21 31.50 -8.50 -146.88
CA LYS TD 21 30.31 -8.23 -146.10
C LYS TD 21 30.69 -7.49 -144.83
N ASP TD 22 29.90 -6.47 -144.49
CA ASP TD 22 30.07 -5.68 -143.27
C ASP TD 22 29.59 -6.40 -142.02
N LEU TD 23 30.49 -6.59 -141.07
CA LEU TD 23 30.15 -7.11 -139.74
C LEU TD 23 29.76 -5.98 -138.79
N LEU TD 24 30.63 -5.00 -138.60
CA LEU TD 24 30.38 -3.99 -137.59
C LEU TD 24 30.84 -2.63 -138.10
N LYS TD 25 30.19 -1.59 -137.60
CA LYS TD 25 30.52 -0.21 -137.91
C LYS TD 25 30.54 0.65 -136.67
N GLY TD 26 31.20 1.80 -136.77
CA GLY TD 26 31.25 2.74 -135.67
C GLY TD 26 31.93 2.25 -134.42
N LEU TD 27 32.90 1.37 -134.54
CA LEU TD 27 33.61 0.87 -133.37
C LEU TD 27 34.62 1.91 -132.89
N ASP TD 28 35.02 1.78 -131.63
CA ASP TD 28 36.22 2.42 -131.14
C ASP TD 28 37.46 1.62 -131.48
N GLN TD 29 38.61 2.30 -131.39
CA GLN TD 29 39.92 1.69 -131.55
C GLN TD 29 40.10 0.43 -130.70
N GLU TD 30 39.81 0.54 -129.40
CA GLU TD 30 39.99 -0.58 -128.48
C GLU TD 30 38.92 -1.63 -128.60
N GLN TD 31 37.86 -1.38 -129.34
CA GLN TD 31 36.90 -2.43 -129.66
C GLN TD 31 37.33 -3.18 -130.91
N ALA TD 32 37.76 -2.43 -131.92
CA ALA TD 32 38.22 -3.05 -133.16
C ALA TD 32 39.37 -3.99 -132.90
N ASN TD 33 40.39 -3.56 -132.15
CA ASN TD 33 41.52 -4.43 -131.94
C ASN TD 33 41.16 -5.72 -131.21
N GLU TD 34 40.21 -5.65 -130.28
CA GLU TD 34 39.75 -6.85 -129.61
C GLU TD 34 39.04 -7.80 -130.58
N VAL TD 35 38.17 -7.26 -131.42
CA VAL TD 35 37.49 -8.11 -132.39
C VAL TD 35 38.49 -8.77 -133.32
N ILE TD 36 39.41 -7.99 -133.87
CA ILE TD 36 40.41 -8.56 -134.78
C ILE TD 36 41.15 -9.70 -134.11
N ALA TD 37 41.61 -9.48 -132.88
CA ALA TD 37 42.31 -10.53 -132.15
C ALA TD 37 41.50 -11.81 -132.04
N VAL TD 38 40.22 -11.68 -131.67
CA VAL TD 38 39.41 -12.88 -131.51
C VAL TD 38 39.17 -13.59 -132.83
N LEU TD 39 39.01 -12.86 -133.92
CA LEU TD 39 38.81 -13.56 -135.19
C LEU TD 39 40.08 -14.23 -135.68
N GLN TD 40 41.20 -13.52 -135.67
CA GLN TD 40 42.46 -14.16 -136.05
C GLN TD 40 42.72 -15.44 -135.27
N MET TD 41 42.38 -15.48 -133.99
CA MET TD 41 42.62 -16.71 -133.27
C MET TD 41 41.93 -17.91 -133.91
N HIS TD 42 40.76 -17.72 -134.51
CA HIS TD 42 40.01 -18.79 -135.15
C HIS TD 42 40.26 -18.97 -136.63
N ASN TD 43 41.37 -18.44 -137.14
CA ASN TD 43 41.74 -18.54 -138.55
C ASN TD 43 40.82 -17.79 -139.52
N ILE TD 44 40.33 -16.62 -139.13
CA ILE TD 44 39.50 -15.78 -139.98
C ILE TD 44 40.28 -14.51 -140.29
N GLU TD 45 40.63 -14.31 -141.55
CA GLU TD 45 41.27 -13.08 -141.99
C GLU TD 45 40.29 -11.92 -142.10
N ALA TD 46 40.55 -10.84 -141.35
CA ALA TD 46 39.63 -9.70 -141.31
C ALA TD 46 40.39 -8.44 -141.67
N ASN TD 47 39.65 -7.40 -142.06
CA ASN TD 47 40.22 -6.11 -142.46
C ASN TD 47 39.56 -4.98 -141.71
N LYS TD 48 40.38 -4.05 -141.22
CA LYS TD 48 39.96 -2.86 -140.49
C LYS TD 48 40.11 -1.61 -141.33
N ILE TD 49 39.04 -0.84 -141.44
CA ILE TD 49 38.99 0.37 -142.25
C ILE TD 49 38.58 1.51 -141.33
N ASP TD 50 39.19 2.68 -141.53
CA ASP TD 50 38.94 3.87 -140.71
C ASP TD 50 38.18 4.94 -141.48
N SER TD 51 37.05 5.38 -140.93
CA SER TD 51 36.21 6.43 -141.49
C SER TD 51 36.22 7.70 -140.65
N GLY TD 52 37.15 7.82 -139.71
CA GLY TD 52 37.22 8.92 -138.77
C GLY TD 52 36.09 9.16 -137.80
N LYS TD 53 35.35 10.26 -137.96
CA LYS TD 53 34.16 10.49 -137.13
C LYS TD 53 33.16 9.36 -137.19
N LEU TD 54 33.21 8.50 -138.19
CA LEU TD 54 32.28 7.39 -138.27
C LEU TD 54 32.85 6.13 -137.62
N GLY TD 55 34.08 6.19 -137.12
CA GLY TD 55 34.79 5.07 -136.54
C GLY TD 55 35.36 4.03 -137.49
N TYR TD 56 35.71 2.90 -136.90
CA TYR TD 56 36.27 1.77 -137.61
C TYR TD 56 35.21 0.77 -138.05
N SER TD 57 35.51 0.13 -139.18
CA SER TD 57 34.67 -0.89 -139.77
C SER TD 57 35.50 -2.16 -139.95
N ILE TD 58 34.84 -3.30 -139.82
CA ILE TD 58 35.45 -4.62 -139.92
C ILE TD 58 34.77 -5.37 -141.05
N THR TD 59 35.57 -5.99 -141.91
CA THR TD 59 35.02 -6.73 -143.04
C THR TD 59 35.76 -8.06 -143.21
N VAL TD 60 35.03 -9.04 -143.78
CA VAL TD 60 35.55 -10.37 -144.03
C VAL TD 60 35.01 -10.87 -145.36
N ALA TD 61 35.65 -11.90 -145.90
CA ALA TD 61 35.16 -12.58 -147.08
C ALA TD 61 33.91 -13.43 -146.79
N GLU TD 62 33.16 -13.66 -147.87
CA GLU TD 62 31.93 -14.46 -147.80
C GLU TD 62 32.16 -15.86 -147.28
N PRO TD 63 33.11 -16.64 -147.77
CA PRO TD 63 33.33 -17.98 -147.20
C PRO TD 63 33.51 -17.98 -145.70
N ASP TD 64 33.96 -16.87 -145.11
CA ASP TD 64 34.17 -16.79 -143.67
C ASP TD 64 33.06 -16.06 -142.93
N PHE TD 65 32.09 -15.51 -143.66
CA PHE TD 65 31.03 -14.74 -143.04
C PHE TD 65 30.27 -15.53 -141.98
N THR TD 66 29.79 -16.72 -142.32
CA THR TD 66 29.06 -17.54 -141.37
C THR TD 66 29.80 -17.76 -140.06
N ALA TD 67 31.04 -18.23 -140.15
CA ALA TD 67 31.85 -18.42 -138.96
C ALA TD 67 32.02 -17.14 -138.16
N ALA TD 68 32.34 -16.04 -138.84
CA ALA TD 68 32.54 -14.81 -138.09
C ALA TD 68 31.29 -14.40 -137.33
N VAL TD 69 30.12 -14.56 -137.94
CA VAL TD 69 28.87 -14.28 -137.24
C VAL TD 69 28.73 -15.16 -136.01
N TYR TD 70 28.92 -16.46 -136.17
CA TYR TD 70 28.76 -17.34 -135.02
C TYR TD 70 29.71 -16.99 -133.89
N TRP TD 71 30.96 -16.67 -134.19
CA TRP TD 71 31.87 -16.29 -133.11
C TRP TD 71 31.47 -14.96 -132.47
N ILE TD 72 31.03 -13.99 -133.27
CA ILE TD 72 30.58 -12.74 -132.69
C ILE TD 72 29.47 -12.96 -131.68
N LYS TD 73 28.52 -13.83 -132.01
CA LYS TD 73 27.48 -14.14 -131.04
C LYS TD 73 28.03 -14.90 -129.83
N THR TD 74 28.93 -15.85 -130.04
CA THR TD 74 29.40 -16.66 -128.92
C THR TD 74 30.18 -15.84 -127.90
N TYR TD 75 30.96 -14.86 -128.35
CA TYR TD 75 31.67 -14.00 -127.41
C TYR TD 75 30.93 -12.71 -127.06
N GLN TD 76 29.81 -12.41 -127.69
CA GLN TD 76 29.10 -11.16 -127.46
C GLN TD 76 30.00 -9.95 -127.69
N LEU TD 77 30.60 -9.88 -128.86
CA LEU TD 77 31.35 -8.71 -129.25
C LEU TD 77 30.40 -7.66 -129.78
N PRO TD 78 30.84 -6.40 -129.87
CA PRO TD 78 32.02 -5.74 -129.34
C PRO TD 78 31.87 -5.49 -127.85
N PRO TD 79 32.98 -5.40 -127.13
CA PRO TD 79 32.90 -5.39 -125.67
C PRO TD 79 32.38 -4.07 -125.15
N ARG TD 80 31.89 -4.12 -123.90
CA ARG TD 80 31.41 -2.95 -123.19
C ARG TD 80 32.57 -2.02 -122.86
N PRO TD 81 32.26 -0.81 -122.42
CA PRO TD 81 33.21 -0.08 -121.57
C PRO TD 81 33.35 -0.76 -120.21
N ARG TD 82 34.38 -0.36 -119.47
CA ARG TD 82 34.73 -1.01 -118.22
C ARG TD 82 34.20 -0.21 -117.04
N VAL TD 83 33.44 -0.89 -116.19
CA VAL TD 83 32.71 -0.26 -115.08
C VAL TD 83 33.62 -0.04 -113.88
N GLU TD 84 33.56 1.16 -113.31
CA GLU TD 84 34.18 1.48 -112.04
C GLU TD 84 33.21 2.22 -111.15
N ILE TD 85 33.18 1.89 -109.87
CA ILE TD 85 32.10 2.35 -109.00
C ILE TD 85 32.09 3.86 -108.89
N ALA TD 86 33.25 4.49 -108.96
CA ALA TD 86 33.31 5.95 -108.96
C ALA TD 86 32.47 6.59 -110.06
N GLN TD 87 32.21 5.89 -111.15
CA GLN TD 87 31.39 6.48 -112.20
C GLN TD 87 29.95 6.68 -111.78
N MET TD 88 29.49 5.96 -110.77
CA MET TD 88 28.13 6.10 -110.29
C MET TD 88 27.92 7.31 -109.39
N PHE TD 89 28.99 7.95 -108.91
CA PHE TD 89 28.87 9.05 -107.96
C PHE TD 89 29.82 10.15 -108.38
N PRO TD 90 29.55 10.78 -109.52
CA PRO TD 90 30.53 11.68 -110.12
C PRO TD 90 30.89 12.81 -109.16
N ALA TD 91 32.17 13.17 -109.15
CA ALA TD 91 32.60 14.35 -108.40
C ALA TD 91 31.94 15.61 -108.93
N ASP TD 92 31.64 15.63 -110.23
CA ASP TD 92 30.87 16.71 -110.85
C ASP TD 92 29.36 16.57 -110.58
N SER TD 93 28.98 16.89 -109.36
CA SER TD 93 27.57 16.81 -108.98
C SER TD 93 27.32 17.86 -107.92
N LEU TD 94 26.09 18.38 -107.87
CA LEU TD 94 25.82 19.53 -107.03
C LEU TD 94 25.66 19.18 -105.56
N VAL TD 95 25.47 17.91 -105.24
CA VAL TD 95 25.20 17.50 -103.87
C VAL TD 95 25.99 16.23 -103.60
N SER TD 96 26.30 15.96 -102.34
CA SER TD 96 26.84 14.65 -102.00
C SER TD 96 26.41 14.25 -100.60
N SER TD 97 25.86 13.06 -100.47
CA SER TD 97 25.76 12.40 -99.19
C SER TD 97 27.12 11.87 -98.76
N PRO TD 98 27.32 11.64 -97.47
CA PRO TD 98 28.55 10.96 -97.05
C PRO TD 98 28.76 9.60 -97.70
N ARG TD 99 27.68 8.87 -97.94
CA ARG TD 99 27.77 7.59 -98.65
C ARG TD 99 28.50 7.73 -99.98
N ALA TD 100 28.17 8.78 -100.75
CA ALA TD 100 28.84 8.97 -102.03
C ALA TD 100 30.33 9.21 -101.86
N GLU TD 101 30.73 10.10 -100.97
CA GLU TD 101 32.15 10.30 -100.75
C GLU TD 101 32.87 9.00 -100.37
N LYS TD 102 32.32 8.28 -99.41
CA LYS TD 102 32.91 7.02 -98.99
C LYS TD 102 33.04 6.03 -100.15
N ALA TD 103 32.04 5.99 -101.03
CA ALA TD 103 32.12 5.13 -102.19
C ALA TD 103 33.26 5.53 -103.12
N ARG TD 104 33.34 6.80 -103.48
CA ARG TD 104 34.47 7.23 -104.30
C ARG TD 104 35.81 6.82 -103.70
N LEU TD 105 35.98 7.06 -102.40
CA LEU TD 105 37.22 6.67 -101.74
C LEU TD 105 37.60 5.21 -101.99
N TYR TD 106 36.69 4.29 -101.63
CA TYR TD 106 36.98 2.88 -101.88
C TYR TD 106 37.25 2.59 -103.36
N SER TD 107 36.43 3.15 -104.23
CA SER TD 107 36.62 2.91 -105.66
C SER TD 107 37.97 3.37 -106.17
N ALA TD 108 38.62 4.32 -105.51
CA ALA TD 108 39.96 4.69 -105.94
C ALA TD 108 41.04 3.82 -105.31
N ILE TD 109 40.83 3.36 -104.09
CA ILE TD 109 41.80 2.43 -103.50
C ILE TD 109 41.90 1.16 -104.32
N GLU TD 110 40.77 0.62 -104.74
CA GLU TD 110 40.79 -0.57 -105.59
C GLU TD 110 41.69 -0.39 -106.81
N GLN TD 111 41.47 0.67 -107.57
CA GLN TD 111 42.25 0.91 -108.77
C GLN TD 111 43.73 1.13 -108.47
N ARG TD 112 44.05 1.70 -107.33
CA ARG TD 112 45.48 1.87 -107.04
C ARG TD 112 46.15 0.56 -106.69
N LEU TD 113 45.42 -0.37 -106.08
CA LEU TD 113 46.01 -1.69 -105.87
C LEU TD 113 46.16 -2.42 -107.19
N GLU TD 114 45.16 -2.36 -108.06
CA GLU TD 114 45.29 -3.04 -109.34
C GLU TD 114 46.51 -2.53 -110.08
N GLN TD 115 46.77 -1.23 -110.00
CA GLN TD 115 47.90 -0.65 -110.70
C GLN TD 115 49.22 -1.01 -110.03
N SER TD 116 49.20 -1.34 -108.75
CA SER TD 116 50.43 -1.69 -108.07
C SER TD 116 50.85 -3.12 -108.38
N LEU TD 117 49.92 -4.07 -108.33
CA LEU TD 117 50.28 -5.46 -108.59
C LEU TD 117 50.94 -5.66 -109.95
N GLN TD 118 50.51 -4.94 -110.97
CA GLN TD 118 51.11 -5.13 -112.29
C GLN TD 118 52.59 -4.82 -112.34
N THR TD 119 53.15 -4.19 -111.32
CA THR TD 119 54.59 -4.00 -111.32
C THR TD 119 55.37 -5.16 -110.75
N MET TD 120 54.71 -6.14 -110.14
CA MET TD 120 55.42 -7.31 -109.65
C MET TD 120 56.00 -8.10 -110.83
N GLU TD 121 57.02 -8.89 -110.50
CA GLU TD 121 57.72 -9.74 -111.47
C GLU TD 121 56.86 -10.85 -112.04
N GLY TD 122 56.69 -10.83 -113.36
CA GLY TD 122 55.92 -11.81 -114.09
C GLY TD 122 54.44 -11.54 -114.27
N VAL TD 123 53.82 -10.71 -113.44
CA VAL TD 123 52.39 -10.49 -113.56
C VAL TD 123 52.10 -9.71 -114.83
N LEU TD 124 51.20 -10.24 -115.66
CA LEU TD 124 50.75 -9.56 -116.86
C LEU TD 124 49.56 -8.64 -116.60
N SER TD 125 48.55 -9.13 -115.90
CA SER TD 125 47.46 -8.25 -115.49
C SER TD 125 46.74 -8.84 -114.28
N ALA TD 126 45.97 -7.99 -113.61
CA ALA TD 126 45.34 -8.34 -112.34
C ALA TD 126 44.05 -7.55 -112.15
N ARG TD 127 43.20 -8.07 -111.27
CA ARG TD 127 41.99 -7.37 -110.84
C ARG TD 127 41.75 -7.60 -109.36
N VAL TD 128 41.20 -6.59 -108.67
CA VAL TD 128 41.02 -6.63 -107.23
C VAL TD 128 39.60 -6.21 -106.86
N HIS TD 129 39.07 -6.82 -105.80
CA HIS TD 129 37.77 -6.46 -105.23
C HIS TD 129 37.84 -6.28 -103.73
N ILE TD 130 37.17 -5.25 -103.21
CA ILE TD 130 37.07 -4.98 -101.78
C ILE TD 130 35.63 -5.11 -101.29
N SER TD 131 35.46 -5.61 -100.07
CA SER TD 131 34.15 -5.61 -99.41
C SER TD 131 33.70 -4.19 -99.07
N TYR TD 132 32.72 -3.67 -99.79
CA TYR TD 132 32.12 -2.36 -99.50
C TYR TD 132 31.20 -2.39 -98.28
N ASP TD 133 31.77 -2.33 -97.08
CA ASP TD 133 30.93 -2.42 -95.90
C ASP TD 133 30.02 -1.21 -95.79
N ILE TD 134 30.32 -0.16 -96.56
CA ILE TD 134 29.59 1.10 -96.61
C ILE TD 134 28.14 0.93 -97.02
N ASP TD 135 27.78 -0.24 -97.54
CA ASP TD 135 26.39 -0.52 -97.85
C ASP TD 135 25.53 -0.62 -96.60
N ALA TD 136 26.16 -0.60 -95.43
CA ALA TD 136 25.51 -0.10 -94.23
C ALA TD 136 26.41 0.98 -93.65
N GLY TD 137 25.82 1.86 -92.85
CA GLY TD 137 26.60 2.95 -92.29
C GLY TD 137 27.59 2.52 -91.24
N GLU TD 138 27.44 1.31 -90.69
CA GLU TD 138 28.14 0.94 -89.46
C GLU TD 138 27.79 1.89 -88.32
N ASN TD 139 26.63 2.52 -88.41
CA ASN TD 139 26.07 3.29 -87.31
C ASN TD 139 25.50 2.37 -86.25
N GLY TD 140 25.64 2.78 -84.99
CA GLY TD 140 25.07 2.04 -83.88
C GLY TD 140 25.66 0.67 -83.68
N ARG TD 141 26.66 0.30 -84.47
CA ARG TD 141 27.18 -1.05 -84.45
C ARG TD 141 28.67 -1.00 -84.70
N PRO TD 142 29.43 -1.96 -84.19
CA PRO TD 142 30.85 -2.03 -84.51
C PRO TD 142 31.05 -2.39 -85.96
N PRO TD 143 32.10 -1.86 -86.60
CA PRO TD 143 32.33 -2.14 -88.01
C PRO TD 143 32.78 -3.58 -88.24
N LYS TD 144 32.49 -4.09 -89.42
CA LYS TD 144 32.88 -5.43 -89.81
C LYS TD 144 34.30 -5.43 -90.37
N PRO TD 145 34.98 -6.58 -90.35
CA PRO TD 145 36.30 -6.67 -90.98
C PRO TD 145 36.22 -6.65 -92.50
N VAL TD 146 37.32 -6.17 -93.09
CA VAL TD 146 37.53 -6.17 -94.54
C VAL TD 146 37.86 -7.54 -95.12
N HIS TD 147 37.34 -7.78 -96.33
CA HIS TD 147 37.61 -8.95 -97.18
C HIS TD 147 38.10 -8.46 -98.55
N LEU TD 148 39.04 -9.22 -99.13
CA LEU TD 148 39.71 -8.87 -100.38
C LEU TD 148 39.79 -10.07 -101.31
N SER TD 149 39.59 -9.84 -102.62
CA SER TD 149 39.78 -10.88 -103.62
C SER TD 149 40.62 -10.40 -104.79
N ALA TD 150 41.52 -11.25 -105.29
CA ALA TD 150 42.38 -10.88 -106.40
C ALA TD 150 42.54 -11.99 -107.44
N LEU TD 151 42.48 -11.59 -108.71
CA LEU TD 151 42.76 -12.45 -109.87
C LEU TD 151 44.01 -11.97 -110.59
N ALA TD 152 44.86 -12.90 -111.03
CA ALA TD 152 46.02 -12.45 -111.81
C ALA TD 152 46.47 -13.48 -112.84
N VAL TD 153 47.23 -12.99 -113.82
CA VAL TD 153 47.71 -13.81 -114.94
C VAL TD 153 49.22 -13.74 -115.02
N TYR TD 154 49.86 -14.89 -115.14
CA TYR TD 154 51.31 -15.07 -115.13
C TYR TD 154 51.88 -15.59 -116.44
N GLU TD 155 53.15 -15.30 -116.65
CA GLU TD 155 53.91 -15.84 -117.77
C GLU TD 155 54.19 -17.33 -117.58
N ARG TD 156 54.33 -18.03 -118.69
CA ARG TD 156 54.57 -19.47 -118.69
C ARG TD 156 55.85 -19.87 -117.97
N GLY TD 157 55.76 -20.91 -117.14
CA GLY TD 157 56.90 -21.40 -116.38
C GLY TD 157 57.17 -20.79 -115.04
N SER TD 158 56.16 -20.22 -114.38
CA SER TD 158 56.14 -19.56 -113.08
C SER TD 158 55.61 -20.47 -111.98
N PRO TD 159 56.24 -20.49 -110.79
CA PRO TD 159 55.70 -21.30 -109.68
C PRO TD 159 54.55 -20.62 -108.96
N LEU TD 160 53.34 -20.89 -109.46
CA LEU TD 160 52.14 -20.27 -108.91
C LEU TD 160 52.04 -20.50 -107.40
N ALA TD 161 52.25 -21.74 -106.98
CA ALA TD 161 52.19 -22.08 -105.56
C ALA TD 161 53.11 -21.19 -104.74
N HIS TD 162 54.34 -21.01 -105.19
CA HIS TD 162 55.24 -20.18 -104.42
C HIS TD 162 54.96 -18.70 -104.57
N GLN TD 163 54.14 -18.30 -105.54
CA GLN TD 163 53.84 -16.89 -105.70
C GLN TD 163 52.60 -16.44 -104.95
N ILE TD 164 51.74 -17.35 -104.48
CA ILE TD 164 50.56 -16.83 -103.80
C ILE TD 164 50.91 -16.24 -102.44
N SER TD 165 51.94 -16.76 -101.79
CA SER TD 165 52.39 -16.23 -100.52
C SER TD 165 52.72 -14.74 -100.60
N ASP TD 166 53.53 -14.35 -101.59
CA ASP TD 166 53.88 -12.95 -101.74
C ASP TD 166 52.66 -12.05 -101.85
N ILE TD 167 51.73 -12.38 -102.73
CA ILE TD 167 50.53 -11.57 -102.86
C ILE TD 167 49.80 -11.44 -101.53
N LYS TD 168 49.51 -12.55 -100.87
CA LYS TD 168 48.84 -12.45 -99.58
C LYS TD 168 49.59 -11.54 -98.61
N ARG TD 169 50.89 -11.74 -98.48
CA ARG TD 169 51.68 -10.89 -97.59
C ARG TD 169 51.52 -9.42 -97.95
N PHE TD 170 51.60 -9.09 -99.23
CA PHE TD 170 51.49 -7.71 -99.63
C PHE TD 170 50.12 -7.13 -99.29
N LEU TD 171 49.05 -7.84 -99.64
CA LEU TD 171 47.71 -7.32 -99.41
C LEU TD 171 47.38 -7.17 -97.93
N LYS TD 172 47.80 -8.11 -97.10
CA LYS TD 172 47.45 -8.07 -95.68
C LYS TD 172 47.68 -6.71 -95.02
N ASN TD 173 48.82 -6.08 -95.26
CA ASN TD 173 49.10 -4.80 -94.60
C ASN TD 173 48.52 -3.58 -95.29
N SER TD 174 47.73 -3.72 -96.33
CA SER TD 174 47.17 -2.54 -96.96
C SER TD 174 45.93 -2.03 -96.24
N PHE TD 175 45.47 -2.71 -95.19
CA PHE TD 175 44.27 -2.35 -94.46
C PHE TD 175 44.50 -2.56 -92.98
N ALA TD 176 43.71 -1.85 -92.18
CA ALA TD 176 43.83 -1.90 -90.72
C ALA TD 176 43.62 -3.29 -90.13
N ASP TD 177 42.76 -4.12 -90.70
CA ASP TD 177 42.48 -5.41 -90.06
C ASP TD 177 42.08 -6.42 -91.12
N VAL TD 178 43.01 -7.29 -91.47
CA VAL TD 178 42.78 -8.31 -92.47
C VAL TD 178 43.49 -9.58 -92.01
N ASP TD 179 42.81 -10.70 -92.18
CA ASP TD 179 43.34 -12.01 -91.85
C ASP TD 179 43.60 -12.78 -93.13
N TYR TD 180 44.68 -13.56 -93.14
CA TYR TD 180 44.98 -14.39 -94.28
C TYR TD 180 43.78 -15.23 -94.69
N ASP TD 181 42.96 -15.62 -93.73
CA ASP TD 181 41.76 -16.37 -94.07
C ASP TD 181 40.81 -15.58 -94.95
N ASN TD 182 40.78 -14.27 -94.84
CA ASN TD 182 39.84 -13.44 -95.59
C ASN TD 182 40.36 -12.96 -96.93
N ILE TD 183 41.47 -13.49 -97.43
CA ILE TD 183 42.04 -13.06 -98.71
C ILE TD 183 42.00 -14.24 -99.67
N SER TD 184 41.29 -14.06 -100.79
CA SER TD 184 41.21 -15.03 -101.87
C SER TD 184 42.07 -14.62 -103.04
N VAL TD 185 42.85 -15.56 -103.57
CA VAL TD 185 43.77 -15.30 -104.68
C VAL TD 185 43.63 -16.41 -105.69
N VAL TD 186 43.40 -16.04 -106.95
CA VAL TD 186 43.30 -16.98 -108.07
C VAL TD 186 44.27 -16.58 -109.16
N LEU TD 187 45.11 -17.53 -109.58
CA LEU TD 187 46.15 -17.29 -110.58
C LEU TD 187 45.94 -18.19 -111.78
N SER TD 188 46.36 -17.71 -112.94
CA SER TD 188 46.28 -18.51 -114.16
C SER TD 188 47.42 -18.14 -115.09
N GLU TD 189 47.77 -19.07 -115.99
CA GLU TD 189 48.80 -18.84 -117.00
C GLU TD 189 48.26 -18.33 -118.33
N ARG TD 190 49.11 -17.58 -119.02
CA ARG TD 190 48.88 -17.17 -120.40
C ARG TD 190 48.70 -18.36 -121.34
N SER TD 191 47.74 -18.24 -122.25
CA SER TD 191 47.54 -19.21 -123.33
C SER TD 191 48.67 -19.15 -124.36
N ASP TD 192 48.69 -20.16 -125.23
CA ASP TD 192 49.64 -20.19 -126.34
C ASP TD 192 49.56 -18.96 -127.23
N ALA TD 193 50.73 -18.51 -127.67
CA ALA TD 193 50.87 -17.35 -128.55
C ALA TD 193 50.40 -17.61 -129.98
N GLN TD 194 49.61 -16.67 -130.51
CA GLN TD 194 49.16 -16.65 -131.91
C GLN TD 194 50.11 -15.83 -132.77
N LEU TD 195 51.11 -16.48 -133.33
CA LEU TD 195 52.17 -15.82 -134.10
C LEU TD 195 52.00 -15.96 -135.61
N GLN TD 196 51.62 -17.14 -136.12
CA GLN TD 196 51.45 -17.29 -137.55
C GLN TD 196 50.12 -16.72 -138.02
N ALA TD 197 50.15 -16.14 -139.22
CA ALA TD 197 48.99 -15.54 -139.86
C ALA TD 197 47.98 -16.56 -140.36
N PRO TD 198 46.70 -16.21 -140.34
CA PRO TD 198 45.68 -17.09 -140.91
C PRO TD 198 45.80 -17.22 -142.41
N GLY TD 199 45.30 -18.35 -142.92
CA GLY TD 199 45.28 -18.59 -144.35
C GLY TD 199 44.15 -17.86 -145.06
N THR TD 200 44.46 -17.35 -146.25
CA THR TD 200 43.49 -16.65 -147.07
C THR TD 200 42.57 -17.62 -147.82
N PRO TD 201 41.27 -17.37 -147.84
CA PRO TD 201 40.36 -18.22 -148.62
C PRO TD 201 40.81 -18.39 -150.05
N VAL TD 202 40.65 -19.59 -150.57
CA VAL TD 202 40.96 -19.88 -151.96
C VAL TD 202 39.89 -19.28 -152.85
N ASP UD 20 51.92 -0.46 -144.76
CA ASP UD 20 51.88 -0.49 -143.30
C ASP UD 20 50.46 -0.45 -142.79
N LYS UD 21 50.20 -1.15 -141.69
CA LYS UD 21 48.87 -1.20 -141.10
C LYS UD 21 48.85 -0.39 -139.82
N ASP UD 22 47.79 0.39 -139.63
CA ASP UD 22 47.61 1.19 -138.43
C ASP UD 22 47.13 0.36 -137.25
N LEU UD 23 47.92 0.37 -136.17
CA LEU UD 23 47.53 -0.22 -134.90
C LEU UD 23 46.78 0.78 -134.03
N LEU UD 24 47.39 1.93 -133.77
CA LEU UD 24 46.84 2.86 -132.80
C LEU UD 24 47.10 4.29 -133.25
N LYS UD 25 46.18 5.17 -132.89
CA LYS UD 25 46.27 6.59 -133.18
C LYS UD 25 45.95 7.43 -131.95
N GLY UD 26 46.34 8.70 -132.03
CA GLY UD 26 46.05 9.66 -130.96
C GLY UD 26 46.63 9.36 -129.61
N LEU UD 27 47.79 8.72 -129.55
CA LEU UD 27 48.40 8.42 -128.26
C LEU UD 27 49.06 9.65 -127.67
N ASP UD 28 49.33 9.59 -126.37
CA ASP UD 28 50.30 10.45 -125.73
C ASP UD 28 51.72 9.96 -125.93
N GLN UD 29 52.65 10.89 -125.77
CA GLN UD 29 54.08 10.58 -125.70
C GLN UD 29 54.40 9.36 -124.85
N GLU UD 30 53.96 9.37 -123.60
CA GLU UD 30 54.32 8.33 -122.66
C GLU UD 30 53.51 7.05 -122.84
N GLN UD 31 52.49 7.08 -123.68
CA GLN UD 31 51.83 5.85 -124.07
C GLN UD 31 52.59 5.22 -125.24
N ALA UD 32 52.92 6.04 -126.22
CA ALA UD 32 53.60 5.55 -127.40
C ALA UD 32 54.93 4.91 -127.02
N ASN UD 33 55.72 5.57 -126.18
CA ASN UD 33 57.01 4.99 -125.82
C ASN UD 33 56.87 3.66 -125.11
N GLU UD 34 55.82 3.48 -124.32
CA GLU UD 34 55.59 2.20 -123.68
C GLU UD 34 55.22 1.12 -124.67
N VAL UD 35 54.37 1.45 -125.64
CA VAL UD 35 54.00 0.47 -126.65
C VAL UD 35 55.21 0.06 -127.46
N ILE UD 36 56.02 1.03 -127.89
CA ILE UD 36 57.22 0.71 -128.64
C ILE UD 36 58.13 -0.22 -127.86
N ALA UD 37 58.36 0.10 -126.59
CA ALA UD 37 59.19 -0.75 -125.75
C ALA UD 37 58.70 -2.19 -125.71
N VAL UD 38 57.40 -2.37 -125.50
CA VAL UD 38 56.86 -3.72 -125.41
C VAL UD 38 56.94 -4.45 -126.74
N LEU UD 39 56.77 -3.75 -127.85
CA LEU UD 39 56.86 -4.47 -129.11
C LEU UD 39 58.30 -4.85 -129.43
N GLN UD 40 59.25 -3.94 -129.25
CA GLN UD 40 60.65 -4.32 -129.43
C GLN UD 40 61.05 -5.52 -128.60
N MET UD 41 60.56 -5.62 -127.37
CA MET UD 41 60.94 -6.78 -126.57
C MET UD 41 60.59 -8.11 -127.25
N HIS UD 42 59.50 -8.17 -128.02
CA HIS UD 42 59.12 -9.39 -128.70
C HIS UD 42 59.63 -9.49 -130.13
N ASN UD 43 60.64 -8.71 -130.47
CA ASN UD 43 61.22 -8.71 -131.82
C ASN UD 43 60.29 -8.21 -132.91
N ILE UD 44 59.48 -7.20 -132.62
CA ILE UD 44 58.58 -6.60 -133.59
C ILE UD 44 59.06 -5.17 -133.83
N GLU UD 45 59.50 -4.89 -135.05
CA GLU UD 45 59.88 -3.55 -135.46
C GLU UD 45 58.69 -2.64 -135.71
N ALA UD 46 58.60 -1.54 -134.97
CA ALA UD 46 57.48 -0.62 -135.06
C ALA UD 46 57.98 0.77 -135.39
N ASN UD 47 57.06 1.62 -135.88
CA ASN UD 47 57.37 2.99 -136.26
C ASN UD 47 56.40 3.94 -135.59
N LYS UD 48 56.96 5.03 -135.06
CA LYS UD 48 56.21 6.08 -134.38
C LYS UD 48 56.16 7.32 -135.27
N ILE UD 49 54.96 7.83 -135.49
CA ILE UD 49 54.71 8.99 -136.34
C ILE UD 49 53.99 10.04 -135.52
N ASP UD 50 54.36 11.30 -135.72
CA ASP UD 50 53.79 12.43 -135.00
C ASP UD 50 52.92 13.30 -135.91
N SER UD 51 51.67 13.50 -135.48
CA SER UD 51 50.70 14.33 -136.20
C SER UD 51 50.35 15.59 -135.42
N GLY UD 52 51.13 15.92 -134.40
CA GLY UD 52 50.87 17.04 -133.51
C GLY UD 52 49.62 17.06 -132.66
N LYS UD 53 48.70 17.99 -132.95
CA LYS UD 53 47.42 18.01 -132.25
C LYS UD 53 46.65 16.71 -132.35
N LEU UD 54 46.99 15.87 -133.31
CA LEU UD 54 46.32 14.59 -133.48
C LEU UD 54 47.03 13.46 -132.74
N GLY UD 55 48.14 13.75 -132.09
CA GLY UD 55 48.99 12.78 -131.40
C GLY UD 55 49.87 11.87 -132.25
N TYR UD 56 50.34 10.82 -131.60
CA TYR UD 56 51.20 9.82 -132.20
C TYR UD 56 50.44 8.62 -132.75
N SER UD 57 51.01 8.04 -133.79
CA SER UD 57 50.50 6.85 -134.47
C SER UD 57 51.60 5.80 -134.49
N ILE UD 58 51.19 4.54 -134.41
CA ILE UD 58 52.09 3.39 -134.39
C ILE UD 58 51.77 2.50 -135.57
N THR UD 59 52.80 2.10 -136.32
CA THR UD 59 52.60 1.25 -137.48
C THR UD 59 53.62 0.13 -137.54
N VAL UD 60 53.24 -0.98 -138.17
CA VAL UD 60 54.09 -2.15 -138.34
C VAL UD 60 53.84 -2.74 -139.72
N ALA UD 61 54.78 -3.58 -140.15
CA ALA UD 61 54.62 -4.37 -141.36
C ALA UD 61 53.60 -5.50 -141.20
N GLU UD 62 53.07 -5.91 -142.35
CA GLU UD 62 52.08 -6.98 -142.42
C GLU UD 62 52.54 -8.29 -141.81
N PRO UD 63 53.71 -8.83 -142.15
CA PRO UD 63 54.16 -10.06 -141.50
C PRO UD 63 54.13 -9.99 -139.99
N ASP UD 64 54.22 -8.81 -139.40
CA ASP UD 64 54.23 -8.66 -137.95
C ASP UD 64 52.89 -8.21 -137.40
N PHE UD 65 51.93 -7.92 -138.25
CA PHE UD 65 50.64 -7.42 -137.80
C PHE UD 65 49.96 -8.36 -136.82
N THR UD 66 49.82 -9.63 -137.19
CA THR UD 66 49.19 -10.60 -136.31
C THR UD 66 49.79 -10.64 -134.91
N ALA UD 67 51.10 -10.81 -134.82
CA ALA UD 67 51.76 -10.80 -133.52
C ALA UD 67 51.51 -9.52 -132.77
N ALA UD 68 51.66 -8.38 -133.43
CA ALA UD 68 51.46 -7.12 -132.71
C ALA UD 68 50.08 -7.05 -132.11
N VAL UD 69 49.05 -7.41 -132.87
CA VAL UD 69 47.69 -7.43 -132.35
C VAL UD 69 47.57 -8.31 -131.13
N TYR UD 70 48.09 -9.54 -131.21
CA TYR UD 70 47.98 -10.44 -130.08
C TYR UD 70 48.68 -9.92 -128.83
N TRP UD 71 49.82 -9.28 -128.98
CA TRP UD 71 50.47 -8.73 -127.80
C TRP UD 71 49.74 -7.52 -127.24
N ILE UD 72 49.20 -6.68 -128.11
CA ILE UD 72 48.39 -5.56 -127.61
C ILE UD 72 47.23 -6.07 -126.78
N LYS UD 73 46.57 -7.13 -127.24
CA LYS UD 73 45.52 -7.71 -126.42
C LYS UD 73 46.06 -8.27 -125.11
N THR UD 74 47.20 -8.93 -125.13
CA THR UD 74 47.64 -9.62 -123.92
C THR UD 74 48.09 -8.63 -122.86
N TYR UD 75 48.77 -7.56 -123.24
CA TYR UD 75 49.19 -6.56 -122.27
C TYR UD 75 48.16 -5.47 -122.00
N GLN UD 76 47.04 -5.44 -122.74
CA GLN UD 76 46.04 -4.39 -122.57
C GLN UD 76 46.65 -3.00 -122.71
N LEU UD 77 47.17 -2.74 -123.87
CA LEU UD 77 47.73 -1.45 -124.21
C LEU UD 77 46.68 -0.61 -124.91
N PRO UD 78 46.85 0.72 -124.95
CA PRO UD 78 47.81 1.57 -124.27
C PRO UD 78 47.51 1.67 -122.79
N PRO UD 79 48.51 2.03 -121.99
CA PRO UD 79 48.32 1.97 -120.54
C PRO UD 79 47.34 3.02 -120.06
N ARG UD 80 46.60 2.66 -119.01
CA ARG UD 80 45.69 3.58 -118.38
C ARG UD 80 46.48 4.70 -117.70
N PRO UD 81 45.87 5.87 -117.50
CA PRO UD 81 46.53 6.90 -116.71
C PRO UD 81 46.69 6.47 -115.27
N ARG UD 82 47.70 7.03 -114.61
CA ARG UD 82 48.01 6.66 -113.23
C ARG UD 82 47.05 7.33 -112.26
N VAL UD 83 46.60 6.59 -111.25
CA VAL UD 83 45.57 7.02 -110.33
C VAL UD 83 46.17 7.46 -109.00
N GLU UD 84 45.75 8.62 -108.51
CA GLU UD 84 46.08 9.09 -107.17
C GLU UD 84 44.81 9.55 -106.46
N ILE UD 85 44.70 9.22 -105.17
CA ILE UD 85 43.43 9.39 -104.48
C ILE UD 85 43.02 10.85 -104.44
N ALA UD 86 43.98 11.77 -104.40
CA ALA UD 86 43.67 13.19 -104.42
C ALA UD 86 42.79 13.60 -105.59
N GLN UD 87 42.86 12.88 -106.72
CA GLN UD 87 42.03 13.23 -107.87
C GLN UD 87 40.54 13.04 -107.60
N MET UD 88 40.16 12.27 -106.60
CA MET UD 88 38.76 12.14 -106.26
C MET UD 88 38.25 13.30 -105.41
N PHE UD 89 39.14 14.10 -104.83
CA PHE UD 89 38.75 15.17 -103.92
C PHE UD 89 39.49 16.44 -104.25
N PRO UD 90 39.28 16.97 -105.44
CA PRO UD 90 40.14 18.07 -105.90
C PRO UD 90 39.94 19.31 -105.06
N ALA UD 91 41.06 19.94 -104.70
CA ALA UD 91 41.00 21.10 -103.82
C ALA UD 91 40.25 22.27 -104.41
N ASP UD 92 40.05 22.29 -105.73
CA ASP UD 92 39.20 23.30 -106.36
C ASP UD 92 37.74 23.15 -105.99
N SER UD 93 37.31 21.98 -105.52
CA SER UD 93 35.89 21.74 -105.34
C SER UD 93 35.28 22.78 -104.40
N LEU UD 94 34.03 23.11 -104.68
CA LEU UD 94 33.38 24.23 -104.02
C LEU UD 94 33.06 23.95 -102.56
N VAL UD 95 33.09 22.70 -102.12
CA VAL UD 95 33.06 22.41 -100.69
C VAL UD 95 34.07 21.31 -100.39
N SER UD 96 34.83 21.49 -99.31
CA SER UD 96 35.61 20.43 -98.72
C SER UD 96 34.76 19.63 -97.74
N SER UD 97 35.42 18.80 -96.94
CA SER UD 97 34.82 18.21 -95.75
C SER UD 97 35.93 17.65 -94.88
N PRO UD 98 35.65 17.36 -93.61
CA PRO UD 98 36.64 16.68 -92.78
C PRO UD 98 37.17 15.39 -93.38
N ARG UD 99 36.37 14.68 -94.14
CA ARG UD 99 36.85 13.49 -94.83
C ARG UD 99 37.75 13.84 -96.00
N ALA UD 100 37.35 14.82 -96.81
CA ALA UD 100 38.13 15.14 -98.00
C ALA UD 100 39.50 15.68 -97.65
N GLU UD 101 39.58 16.56 -96.65
CA GLU UD 101 40.89 17.11 -96.31
C GLU UD 101 41.84 16.01 -95.85
N LYS UD 102 41.36 15.14 -94.99
CA LYS UD 102 42.18 14.05 -94.47
C LYS UD 102 42.64 13.12 -95.59
N ALA UD 103 41.76 12.87 -96.56
CA ALA UD 103 42.16 12.04 -97.70
C ALA UD 103 43.27 12.70 -98.50
N ARG UD 104 43.10 13.96 -98.89
CA ARG UD 104 44.18 14.64 -99.59
C ARG UD 104 45.50 14.58 -98.84
N LEU UD 105 45.48 14.84 -97.53
CA LEU UD 105 46.69 14.75 -96.74
C LEU UD 105 47.42 13.42 -96.91
N TYR UD 106 46.73 12.32 -96.63
CA TYR UD 106 47.35 11.01 -96.82
C TYR UD 106 47.84 10.81 -98.25
N SER UD 107 47.03 11.18 -99.23
CA SER UD 107 47.41 10.97 -100.61
C SER UD 107 48.60 11.80 -101.02
N ALA UD 108 48.98 12.81 -100.26
CA ALA UD 108 50.23 13.51 -100.57
C ALA UD 108 51.41 12.96 -99.80
N ILE UD 109 51.18 12.42 -98.60
CA ILE UD 109 52.27 11.75 -97.89
C ILE UD 109 52.77 10.54 -98.67
N GLU UD 110 51.85 9.74 -99.19
CA GLU UD 110 52.24 8.59 -100.02
C GLU UD 110 53.22 8.99 -101.12
N GLN UD 111 52.87 10.01 -101.89
CA GLN UD 111 53.72 10.45 -103.00
C GLN UD 111 55.06 10.99 -102.53
N ARG UD 112 55.11 11.64 -101.38
CA ARG UD 112 56.40 12.14 -100.93
C ARG UD 112 57.30 11.01 -100.48
N LEU UD 113 56.73 9.94 -99.92
CA LEU UD 113 57.57 8.81 -99.56
C LEU UD 113 58.09 8.09 -100.81
N GLU UD 114 57.22 7.86 -101.79
CA GLU UD 114 57.70 7.21 -103.00
C GLU UD 114 58.89 7.97 -103.60
N GLN UD 115 58.77 9.30 -103.66
CA GLN UD 115 59.86 10.08 -104.24
C GLN UD 115 61.08 10.09 -103.35
N SER UD 116 60.94 9.82 -102.06
CA SER UD 116 62.14 9.76 -101.24
C SER UD 116 62.85 8.42 -101.42
N LEU UD 117 62.10 7.32 -101.42
CA LEU UD 117 62.72 6.02 -101.61
C LEU UD 117 63.46 5.94 -102.93
N GLN UD 118 62.94 6.60 -103.97
CA GLN UD 118 63.69 6.54 -105.23
C GLN UD 118 65.10 7.11 -105.16
N THR UD 119 65.48 7.81 -104.11
CA THR UD 119 66.86 8.26 -103.98
C THR UD 119 67.76 7.34 -103.20
N MET UD 120 67.25 6.28 -102.59
CA MET UD 120 68.14 5.35 -101.92
C MET UD 120 69.00 4.61 -102.93
N GLU UD 121 70.19 4.21 -102.47
CA GLU UD 121 71.19 3.59 -103.32
C GLU UD 121 70.69 2.31 -103.97
N GLY UD 122 70.70 2.29 -105.30
CA GLY UD 122 70.32 1.12 -106.07
C GLY UD 122 68.87 1.03 -106.47
N VAL UD 123 67.97 1.74 -105.80
CA VAL UD 123 66.56 1.65 -106.13
C VAL UD 123 66.30 2.27 -107.49
N LEU UD 124 65.47 1.60 -108.29
CA LEU UD 124 65.03 2.11 -109.58
C LEU UD 124 63.60 2.63 -109.55
N SER UD 125 62.73 2.00 -108.78
CA SER UD 125 61.41 2.56 -108.56
C SER UD 125 60.78 1.88 -107.36
N ALA UD 126 59.73 2.51 -106.84
CA ALA UD 126 59.02 1.99 -105.69
C ALA UD 126 57.58 2.47 -105.70
N ARG UD 127 56.74 1.78 -104.94
CA ARG UD 127 55.39 2.25 -104.67
C ARG UD 127 55.01 1.94 -103.24
N VAL UD 128 54.25 2.84 -102.61
CA VAL UD 128 53.92 2.75 -101.20
C VAL UD 128 52.41 2.85 -101.01
N HIS UD 129 51.88 2.08 -100.06
CA HIS UD 129 50.46 2.10 -99.69
C HIS UD 129 50.31 2.28 -98.19
N ILE UD 130 49.39 3.16 -97.78
CA ILE UD 130 49.08 3.41 -96.37
C ILE UD 130 47.65 3.02 -96.09
N SER UD 131 47.39 2.48 -94.90
CA SER UD 131 46.02 2.22 -94.45
C SER UD 131 45.17 3.47 -94.25
N TYR UD 132 44.22 3.74 -95.14
CA TYR UD 132 43.28 4.85 -94.98
C TYR UD 132 42.21 4.59 -93.92
N ASP UD 133 42.55 4.82 -92.67
CA ASP UD 133 41.56 4.59 -91.61
C ASP UD 133 40.44 5.63 -91.67
N ILE UD 134 40.65 6.70 -92.43
CA ILE UD 134 39.72 7.79 -92.61
C ILE UD 134 38.39 7.36 -93.19
N ASP UD 135 38.27 6.14 -93.69
CA ASP UD 135 36.98 5.68 -94.19
C ASP UD 135 35.93 5.63 -93.09
N ALA UD 136 36.35 5.71 -91.84
CA ALA UD 136 35.50 6.25 -90.79
C ALA UD 136 36.24 7.43 -90.19
N GLY UD 137 35.48 8.42 -89.73
CA GLY UD 137 36.10 9.65 -89.28
C GLY UD 137 36.99 9.47 -88.07
N GLU UD 138 36.89 8.35 -87.38
CA GLU UD 138 37.47 8.19 -86.05
C GLU UD 138 36.86 9.17 -85.06
N ASN UD 139 35.71 9.75 -85.44
CA ASN UD 139 34.87 10.45 -84.48
C ASN UD 139 34.15 9.43 -83.62
N GLY UD 140 34.12 9.67 -82.31
CA GLY UD 140 33.42 8.80 -81.40
C GLY UD 140 34.07 7.45 -81.18
N ARG UD 141 35.09 7.10 -81.96
CA ARG UD 141 35.76 5.82 -81.81
C ARG UD 141 37.26 6.07 -81.75
N PRO UD 142 37.98 5.34 -80.91
CA PRO UD 142 39.42 5.56 -80.77
C PRO UD 142 40.16 5.19 -82.04
N PRO UD 143 41.19 5.95 -82.43
CA PRO UD 143 41.82 5.73 -83.74
C PRO UD 143 42.64 4.45 -83.77
N LYS UD 144 42.69 3.84 -84.95
CA LYS UD 144 43.39 2.59 -85.19
C LYS UD 144 44.85 2.82 -85.53
N PRO UD 145 45.70 1.82 -85.33
CA PRO UD 145 47.10 1.93 -85.74
C PRO UD 145 47.25 1.86 -87.25
N VAL UD 146 48.36 2.42 -87.74
CA VAL UD 146 48.67 2.48 -89.16
C VAL UD 146 49.36 1.22 -89.65
N HIS UD 147 49.11 0.88 -90.91
CA HIS UD 147 49.82 -0.17 -91.63
C HIS UD 147 50.40 0.38 -92.94
N LEU UD 148 51.52 -0.21 -93.39
CA LEU UD 148 52.25 0.23 -94.57
C LEU UD 148 52.65 -0.96 -95.44
N SER UD 149 52.63 -0.78 -96.77
CA SER UD 149 53.20 -1.76 -97.69
C SER UD 149 54.04 -1.10 -98.78
N ALA UD 150 55.17 -1.72 -99.16
CA ALA UD 150 56.02 -1.17 -100.21
C ALA UD 150 56.50 -2.22 -101.20
N LEU UD 151 56.57 -1.83 -102.47
CA LEU UD 151 57.19 -2.61 -103.55
C LEU UD 151 58.39 -1.85 -104.09
N ALA UD 152 59.47 -2.56 -104.43
CA ALA UD 152 60.61 -1.87 -105.04
C ALA UD 152 61.42 -2.77 -105.98
N VAL UD 153 62.15 -2.11 -106.89
CA VAL UD 153 62.94 -2.79 -107.91
C VAL UD 153 64.39 -2.37 -107.80
N TYR UD 154 65.31 -3.34 -107.86
CA TYR UD 154 66.74 -3.13 -107.64
C TYR UD 154 67.59 -3.47 -108.85
N GLU UD 155 68.76 -2.83 -108.91
CA GLU UD 155 69.78 -3.15 -109.89
C GLU UD 155 70.40 -4.52 -109.58
N ARG UD 156 70.92 -5.16 -110.62
CA ARG UD 156 71.33 -6.54 -110.54
C ARG UD 156 72.51 -6.73 -109.59
N GLY UD 157 72.42 -7.76 -108.75
CA GLY UD 157 73.46 -8.10 -107.80
C GLY UD 157 73.36 -7.40 -106.46
N SER UD 158 72.18 -6.90 -106.12
CA SER UD 158 71.88 -6.30 -104.82
C SER UD 158 71.48 -7.36 -103.81
N PRO UD 159 72.07 -7.36 -102.60
CA PRO UD 159 71.68 -8.36 -101.61
C PRO UD 159 70.38 -7.96 -100.93
N LEU UD 160 69.31 -8.35 -101.62
CA LEU UD 160 67.95 -8.03 -101.21
C LEU UD 160 67.68 -8.37 -99.75
N ALA UD 161 68.08 -9.57 -99.34
CA ALA UD 161 67.74 -10.00 -98.00
C ALA UD 161 68.29 -9.02 -96.98
N HIS UD 162 69.45 -8.45 -97.24
CA HIS UD 162 70.00 -7.48 -96.32
C HIS UD 162 69.35 -6.13 -96.47
N GLN UD 163 68.95 -5.77 -97.68
CA GLN UD 163 68.45 -4.41 -97.90
C GLN UD 163 67.03 -4.16 -97.42
N ILE UD 164 66.22 -5.20 -97.24
CA ILE UD 164 64.94 -5.00 -96.52
C ILE UD 164 65.06 -4.30 -95.17
N SER UD 165 66.15 -4.54 -94.44
CA SER UD 165 66.36 -3.89 -93.14
C SER UD 165 66.40 -2.37 -93.21
N ASP UD 166 66.98 -1.80 -94.26
CA ASP UD 166 67.03 -0.34 -94.32
C ASP UD 166 65.68 0.26 -94.64
N ILE UD 167 64.91 -0.36 -95.51
CA ILE UD 167 63.60 0.18 -95.82
C ILE UD 167 62.67 0.10 -94.62
N LYS UD 168 62.73 -0.99 -93.86
CA LYS UD 168 61.94 -1.03 -92.63
C LYS UD 168 62.37 0.01 -91.60
N ARG UD 169 63.67 0.10 -91.30
CA ARG UD 169 64.13 1.22 -90.47
C ARG UD 169 63.75 2.60 -90.96
N PHE UD 170 63.70 2.81 -92.26
CA PHE UD 170 63.28 4.13 -92.73
C PHE UD 170 61.79 4.37 -92.54
N LEU UD 171 60.95 3.43 -92.97
CA LEU UD 171 59.52 3.67 -92.90
C LEU UD 171 58.99 3.72 -91.48
N LYS UD 172 59.55 2.95 -90.55
CA LYS UD 172 58.98 2.90 -89.21
C LYS UD 172 58.79 4.26 -88.55
N ASN UD 173 59.75 5.15 -88.69
CA ASN UD 173 59.66 6.45 -88.04
C ASN UD 173 58.91 7.54 -88.82
N SER UD 174 58.34 7.25 -89.97
CA SER UD 174 57.58 8.27 -90.65
C SER UD 174 56.20 8.50 -90.04
N PHE UD 175 55.73 7.63 -89.15
CA PHE UD 175 54.43 7.81 -88.53
C PHE UD 175 54.49 7.55 -87.04
N ALA UD 176 53.48 8.07 -86.35
CA ALA UD 176 53.53 8.19 -84.90
C ALA UD 176 53.57 6.84 -84.20
N ASP UD 177 52.99 5.80 -84.78
CA ASP UD 177 53.00 4.49 -84.13
C ASP UD 177 52.88 3.42 -85.20
N VAL UD 178 54.00 2.79 -85.53
CA VAL UD 178 54.04 1.66 -86.44
C VAL UD 178 54.93 0.60 -85.83
N ASP UD 179 54.53 -0.65 -85.95
CA ASP UD 179 55.35 -1.77 -85.49
C ASP UD 179 56.02 -2.45 -86.68
N TYR UD 180 57.22 -2.96 -86.45
CA TYR UD 180 57.90 -3.70 -87.49
C TYR UD 180 57.09 -4.89 -87.97
N ASP UD 181 56.14 -5.35 -87.18
CA ASP UD 181 55.25 -6.41 -87.60
C ASP UD 181 54.27 -5.96 -88.68
N ASN UD 182 53.99 -4.67 -88.78
CA ASN UD 182 52.96 -4.13 -89.66
C ASN UD 182 53.51 -3.50 -90.93
N ILE UD 183 54.74 -3.82 -91.32
CA ILE UD 183 55.31 -3.32 -92.56
C ILE UD 183 55.60 -4.50 -93.46
N SER UD 184 54.96 -4.52 -94.63
CA SER UD 184 55.23 -5.45 -95.71
C SER UD 184 56.16 -4.86 -96.75
N VAL UD 185 57.17 -5.61 -97.16
CA VAL UD 185 58.15 -5.16 -98.13
C VAL UD 185 58.39 -6.27 -99.14
N VAL UD 186 58.24 -5.95 -100.43
CA VAL UD 186 58.49 -6.89 -101.51
C VAL UD 186 59.48 -6.28 -102.50
N LEU UD 187 60.55 -7.03 -102.78
CA LEU UD 187 61.62 -6.58 -103.65
C LEU UD 187 61.82 -7.51 -104.84
N SER UD 188 62.29 -6.93 -105.95
CA SER UD 188 62.58 -7.73 -107.13
C SER UD 188 63.73 -7.09 -107.90
N GLU UD 189 64.41 -7.92 -108.69
CA GLU UD 189 65.50 -7.47 -109.56
C GLU UD 189 65.04 -7.12 -110.97
N ARG UD 190 65.77 -6.19 -111.58
CA ARG UD 190 65.57 -5.85 -112.97
C ARG UD 190 65.88 -7.01 -113.92
N SER UD 191 65.04 -7.14 -114.94
CA SER UD 191 65.21 -8.09 -116.03
C SER UD 191 66.44 -7.78 -116.88
N ASP UD 192 66.79 -8.75 -117.72
CA ASP UD 192 67.85 -8.61 -118.71
C ASP UD 192 67.61 -7.43 -119.65
N ALA UD 193 68.70 -6.72 -119.96
CA ALA UD 193 68.65 -5.55 -120.84
C ALA UD 193 68.47 -5.88 -122.32
N GLN UD 194 67.48 -5.25 -122.93
CA GLN UD 194 67.16 -5.30 -124.37
C GLN UD 194 67.98 -4.27 -125.15
N LEU UD 195 69.18 -4.63 -125.58
CA LEU UD 195 70.07 -3.69 -126.24
C LEU UD 195 70.17 -3.86 -127.74
N GLN UD 196 70.05 -5.07 -128.27
CA GLN UD 196 70.11 -5.26 -129.72
C GLN UD 196 68.77 -4.95 -130.38
N ALA UD 197 68.82 -4.35 -131.56
CA ALA UD 197 67.64 -4.01 -132.33
C ALA UD 197 66.97 -5.23 -132.96
N PRO UD 198 65.65 -5.21 -133.10
CA PRO UD 198 64.96 -6.29 -133.79
C PRO UD 198 65.28 -6.33 -135.28
N GLY UD 199 65.16 -7.53 -135.85
CA GLY UD 199 65.37 -7.74 -137.27
C GLY UD 199 64.19 -7.35 -138.15
N THR UD 200 64.51 -6.76 -139.30
CA THR UD 200 63.48 -6.36 -140.26
C THR UD 200 63.01 -7.56 -141.06
N PRO UD 201 61.70 -7.73 -141.27
CA PRO UD 201 61.21 -8.83 -142.10
C PRO UD 201 61.89 -8.88 -143.47
N VAL UD 202 62.17 -10.08 -143.92
CA VAL UD 202 62.74 -10.31 -145.24
C VAL UD 202 61.67 -10.13 -146.31
N ASP VD 20 68.09 11.31 -137.16
CA ASP VD 20 67.81 11.25 -135.74
C ASP VD 20 66.34 11.01 -135.47
N LYS VD 21 66.06 10.26 -134.40
CA LYS VD 21 64.70 9.95 -134.01
C LYS VD 21 64.34 10.72 -132.75
N ASP VD 22 63.13 11.26 -132.74
CA ASP VD 22 62.60 11.98 -131.58
C ASP VD 22 62.15 11.03 -130.48
N LEU VD 23 62.74 11.19 -129.30
CA LEU VD 23 62.31 10.48 -128.10
C LEU VD 23 61.23 11.24 -127.35
N LEU VD 24 61.48 12.51 -127.02
CA LEU VD 24 60.59 13.26 -126.16
C LEU VD 24 60.52 14.70 -126.64
N LYS VD 25 59.37 15.33 -126.43
CA LYS VD 25 59.16 16.73 -126.76
C LYS VD 25 58.54 17.48 -125.60
N GLY VD 26 58.71 18.81 -125.64
CA GLY VD 26 58.11 19.69 -124.65
C GLY VD 26 58.61 19.52 -123.23
N LEU VD 27 59.86 19.15 -123.05
CA LEU VD 27 60.38 18.99 -121.70
C LEU VD 27 60.73 20.34 -121.11
N ASP VD 28 60.77 20.40 -119.78
CA ASP VD 28 61.44 21.47 -119.06
C ASP VD 28 62.94 21.29 -119.02
N GLN VD 29 63.62 22.40 -118.74
CA GLN VD 29 65.05 22.42 -118.50
C GLN VD 29 65.51 21.35 -117.49
N GLU VD 30 64.87 21.31 -116.33
CA GLU VD 30 65.25 20.39 -115.28
C GLU VD 30 64.77 18.97 -115.52
N GLN VD 31 64.00 18.74 -116.56
CA GLN VD 31 63.71 17.38 -116.99
C GLN VD 31 64.76 16.95 -118.00
N ALA VD 32 65.04 17.83 -118.96
CA ALA VD 32 65.98 17.50 -120.01
C ALA VD 32 67.34 17.17 -119.46
N ASN VD 33 67.83 17.95 -118.50
CA ASN VD 33 69.17 17.65 -117.97
C ASN VD 33 69.22 16.34 -117.22
N GLU VD 34 68.11 15.90 -116.64
CA GLU VD 34 68.08 14.57 -116.04
C GLU VD 34 68.10 13.48 -117.09
N VAL VD 35 67.32 13.64 -118.14
CA VAL VD 35 67.31 12.62 -119.19
C VAL VD 35 68.69 12.49 -119.80
N ILE VD 36 69.31 13.63 -120.11
CA ILE VD 36 70.65 13.60 -120.69
C ILE VD 36 71.62 12.88 -119.78
N ALA VD 37 71.60 13.20 -118.48
CA ALA VD 37 72.49 12.54 -117.53
C ALA VD 37 72.34 11.03 -117.52
N VAL VD 38 71.10 10.54 -117.46
CA VAL VD 38 70.90 9.10 -117.40
C VAL VD 38 71.27 8.42 -118.70
N LEU VD 39 71.04 9.06 -119.85
CA LEU VD 39 71.50 8.40 -121.07
C LEU VD 39 73.01 8.37 -121.14
N GLN VD 40 73.67 9.51 -120.89
CA GLN VD 40 75.12 9.54 -121.01
C GLN VD 40 75.79 8.54 -120.08
N MET VD 41 75.16 8.22 -118.96
CA MET VD 41 75.75 7.21 -118.09
C MET VD 41 75.85 5.85 -118.79
N HIS VD 42 74.90 5.51 -119.65
CA HIS VD 42 74.88 4.20 -120.29
C HIS VD 42 75.53 4.20 -121.67
N ASN VD 43 76.35 5.18 -121.97
CA ASN VD 43 77.02 5.26 -123.27
C ASN VD 43 76.08 5.55 -124.44
N ILE VD 44 75.08 6.40 -124.26
CA ILE VD 44 74.25 6.84 -125.37
C ILE VD 44 74.48 8.33 -125.56
N GLU VD 45 74.99 8.70 -126.73
CA GLU VD 45 75.09 10.10 -127.16
C GLU VD 45 73.73 10.68 -127.52
N ALA VD 46 73.32 11.74 -126.83
CA ALA VD 46 72.00 12.33 -127.04
C ALA VD 46 72.18 13.81 -127.38
N ASN VD 47 71.14 14.39 -127.99
CA ASN VD 47 71.16 15.80 -128.37
C ASN VD 47 69.94 16.52 -127.84
N LYS VD 48 70.15 17.71 -127.28
CA LYS VD 48 69.10 18.56 -126.75
C LYS VD 48 68.87 19.75 -127.65
N ILE VD 49 67.62 19.96 -128.05
CA ILE VD 49 67.23 21.03 -128.97
C ILE VD 49 66.18 21.88 -128.27
N ASP VD 50 66.26 23.18 -128.49
CA ASP VD 50 65.37 24.17 -127.89
C ASP VD 50 64.44 24.79 -128.91
N SER VD 51 63.14 24.73 -128.64
CA SER VD 51 62.09 25.29 -129.49
C SER VD 51 61.38 26.46 -128.83
N GLY VD 52 61.95 27.00 -127.75
CA GLY VD 52 61.35 28.05 -126.96
C GLY VD 52 60.04 27.80 -126.24
N LYS VD 53 58.96 28.46 -126.66
CA LYS VD 53 57.65 28.20 -126.08
C LYS VD 53 57.22 26.74 -126.18
N LEU VD 54 57.84 25.97 -127.05
CA LEU VD 54 57.50 24.55 -127.18
C LEU VD 54 58.37 23.65 -126.33
N GLY VD 55 59.33 24.22 -125.59
CA GLY VD 55 60.29 23.46 -124.79
C GLY VD 55 61.41 22.75 -125.52
N TYR VD 56 62.04 21.84 -124.78
CA TYR VD 56 63.15 21.04 -125.27
C TYR VD 56 62.76 19.69 -125.85
N SER VD 57 63.55 19.25 -126.82
CA SER VD 57 63.41 17.97 -127.51
C SER VD 57 64.71 17.21 -127.39
N ILE VD 58 64.62 15.88 -127.32
CA ILE VD 58 65.76 14.99 -127.18
C ILE VD 58 65.77 14.05 -128.37
N THR VD 59 66.94 13.90 -128.99
CA THR VD 59 67.07 13.03 -130.16
C THR VD 59 68.34 12.20 -130.05
N VAL VD 60 68.29 11.02 -130.67
CA VAL VD 60 69.41 10.08 -130.68
C VAL VD 60 69.51 9.43 -132.05
N ALA VD 61 70.66 8.83 -132.30
CA ALA VD 61 70.84 8.01 -133.50
C ALA VD 61 70.07 6.70 -133.42
N GLU VD 62 69.79 6.17 -134.62
CA GLU VD 62 69.06 4.91 -134.76
C GLU VD 62 69.73 3.74 -134.06
N PRO VD 63 71.01 3.47 -134.25
CA PRO VD 63 71.64 2.37 -133.51
C PRO VD 63 71.44 2.43 -132.00
N ASP VD 64 71.20 3.61 -131.44
CA ASP VD 64 71.02 3.76 -130.01
C ASP VD 64 69.55 3.92 -129.61
N PHE VD 65 68.66 4.00 -130.59
CA PHE VD 65 67.24 4.21 -130.29
C PHE VD 65 66.68 3.14 -129.37
N THR VD 66 66.87 1.87 -129.72
CA THR VD 66 66.36 0.76 -128.90
C THR VD 66 66.79 0.85 -127.44
N ALA VD 67 68.08 0.99 -127.20
CA ALA VD 67 68.56 1.13 -125.83
C ALA VD 67 67.94 2.34 -125.14
N ALA VD 68 67.90 3.48 -125.81
CA ALA VD 68 67.34 4.65 -125.16
C ALA VD 68 65.90 4.40 -124.73
N VAL VD 69 65.10 3.79 -125.60
CA VAL VD 69 63.73 3.45 -125.25
C VAL VD 69 63.67 2.56 -124.01
N TYR VD 70 64.47 1.50 -124.00
CA TYR VD 70 64.43 0.58 -122.86
C TYR VD 70 64.83 1.24 -121.55
N TRP VD 71 65.85 2.09 -121.56
CA TRP VD 71 66.19 2.78 -120.32
C TRP VD 71 65.14 3.80 -119.91
N ILE VD 72 64.55 4.51 -120.87
CA ILE VD 72 63.48 5.43 -120.53
C ILE VD 72 62.34 4.70 -119.84
N LYS VD 73 61.95 3.54 -120.36
CA LYS VD 73 60.96 2.72 -119.67
C LYS VD 73 61.42 2.33 -118.28
N THR VD 74 62.68 1.96 -118.12
CA THR VD 74 63.08 1.39 -116.83
C THR VD 74 63.17 2.44 -115.74
N TYR VD 75 63.72 3.61 -116.05
CA TYR VD 75 63.74 4.69 -115.06
C TYR VD 75 62.45 5.49 -115.00
N GLN VD 76 61.47 5.22 -115.85
CA GLN VD 76 60.20 5.95 -115.83
C GLN VD 76 60.39 7.45 -116.02
N LEU VD 77 61.23 7.84 -116.95
CA LEU VD 77 61.41 9.24 -117.29
C LEU VD 77 60.25 9.74 -118.13
N PRO VD 78 60.06 11.06 -118.24
CA PRO VD 78 60.66 12.16 -117.51
C PRO VD 78 60.12 12.32 -116.11
N PRO VD 79 60.90 12.87 -115.19
CA PRO VD 79 60.51 12.86 -113.79
C PRO VD 79 59.31 13.76 -113.52
N ARG VD 80 58.52 13.37 -112.52
CA ARG VD 80 57.45 14.21 -112.02
C ARG VD 80 58.01 15.41 -111.27
N PRO VD 81 57.24 16.49 -111.18
CA PRO VD 81 57.61 17.59 -110.29
C PRO VD 81 57.57 17.17 -108.83
N ARG VD 82 58.34 17.87 -108.01
CA ARG VD 82 58.50 17.50 -106.61
C ARG VD 82 57.27 17.89 -105.80
N VAL VD 83 56.89 17.03 -104.86
CA VAL VD 83 55.64 17.16 -104.10
C VAL VD 83 55.91 17.70 -102.70
N GLU VD 84 55.14 18.72 -102.30
CA GLU VD 84 55.18 19.29 -100.96
C GLU VD 84 53.77 19.45 -100.42
N ILE VD 85 53.60 19.11 -99.14
CA ILE VD 85 52.26 18.93 -98.59
C ILE VD 85 51.46 20.22 -98.64
N ALA VD 86 52.13 21.36 -98.47
CA ALA VD 86 51.45 22.64 -98.56
C ALA VD 86 50.70 22.84 -99.87
N GLN VD 87 51.10 22.15 -100.94
CA GLN VD 87 50.39 22.32 -102.20
C GLN VD 87 48.96 21.82 -102.16
N MET VD 88 48.61 20.97 -101.22
CA MET VD 88 47.23 20.51 -101.08
C MET VD 88 46.32 21.50 -100.38
N PHE VD 89 46.84 22.58 -99.82
CA PHE VD 89 46.06 23.47 -98.95
C PHE VD 89 46.32 24.92 -99.29
N PRO VD 90 45.90 25.36 -100.47
CA PRO VD 90 46.23 26.72 -100.90
C PRO VD 90 45.73 27.75 -99.91
N ALA VD 91 46.57 28.75 -99.64
CA ALA VD 91 46.27 29.76 -98.64
C ALA VD 91 45.16 30.73 -99.04
N ASP VD 92 44.76 30.77 -100.31
CA ASP VD 92 43.63 31.60 -100.70
C ASP VD 92 42.33 30.93 -100.28
N SER VD 93 41.89 31.31 -99.08
CA SER VD 93 40.63 30.85 -98.51
C SER VD 93 40.07 32.00 -97.69
N LEU VD 94 38.76 31.98 -97.49
CA LEU VD 94 38.16 32.95 -96.58
C LEU VD 94 38.24 32.48 -95.13
N VAL VD 95 38.06 31.20 -94.89
CA VAL VD 95 38.23 30.61 -93.56
C VAL VD 95 38.95 29.29 -93.71
N SER VD 96 39.82 28.97 -92.76
CA SER VD 96 40.58 27.73 -92.80
C SER VD 96 40.33 26.92 -91.54
N SER VD 97 40.31 25.61 -91.70
CA SER VD 97 40.19 24.72 -90.57
C SER VD 97 41.45 24.76 -89.71
N PRO VD 98 41.34 24.36 -88.45
CA PRO VD 98 42.55 24.08 -87.66
C PRO VD 98 43.45 23.02 -88.28
N ARG VD 99 42.98 22.26 -89.26
CA ARG VD 99 43.78 21.20 -89.84
C ARG VD 99 44.73 21.74 -90.90
N ALA VD 100 44.26 22.71 -91.67
CA ALA VD 100 45.01 23.19 -92.82
C ALA VD 100 46.21 24.02 -92.35
N GLU VD 101 45.98 24.93 -91.42
CA GLU VD 101 47.07 25.73 -90.89
C GLU VD 101 48.16 24.83 -90.32
N LYS VD 102 47.79 23.87 -89.49
CA LYS VD 102 48.78 22.96 -88.93
C LYS VD 102 49.55 22.21 -90.01
N ALA VD 103 48.86 21.80 -91.07
CA ALA VD 103 49.55 21.13 -92.15
C ALA VD 103 50.57 22.05 -92.83
N ARG VD 104 50.15 23.24 -93.23
CA ARG VD 104 51.09 24.19 -93.82
C ARG VD 104 52.31 24.42 -92.92
N LEU VD 105 52.08 24.65 -91.63
CA LEU VD 105 53.18 24.86 -90.70
C LEU VD 105 54.20 23.72 -90.76
N TYR VD 106 53.76 22.49 -90.54
CA TYR VD 106 54.69 21.36 -90.56
C TYR VD 106 55.37 21.22 -91.91
N SER VD 107 54.64 21.43 -92.99
CA SER VD 107 55.21 21.33 -94.32
C SER VD 107 56.22 22.43 -94.63
N ALA VD 108 56.26 23.49 -93.84
CA ALA VD 108 57.33 24.46 -93.99
C ALA VD 108 58.54 24.14 -93.11
N ILE VD 109 58.30 23.55 -91.95
CA ILE VD 109 59.41 23.13 -91.11
C ILE VD 109 60.24 22.05 -91.80
N GLU VD 110 59.59 21.10 -92.46
CA GLU VD 110 60.34 20.07 -93.20
C GLU VD 110 61.31 20.67 -94.21
N GLN VD 111 60.85 21.66 -94.97
CA GLN VD 111 61.70 22.26 -95.98
C GLN VD 111 62.83 23.07 -95.38
N ARG VD 112 62.59 23.70 -94.24
CA ARG VD 112 63.68 24.47 -93.66
C ARG VD 112 64.74 23.56 -93.07
N LEU VD 113 64.35 22.40 -92.55
CA LEU VD 113 65.37 21.48 -92.06
C LEU VD 113 66.18 20.86 -93.21
N GLU VD 114 65.53 20.45 -94.29
CA GLU VD 114 66.31 19.98 -95.43
C GLU VD 114 67.34 21.01 -95.87
N GLN VD 115 66.90 22.25 -96.04
CA GLN VD 115 67.85 23.27 -96.48
C GLN VD 115 68.95 23.51 -95.47
N SER VD 116 68.69 23.30 -94.18
CA SER VD 116 69.76 23.50 -93.21
C SER VD 116 70.78 22.37 -93.29
N LEU VD 117 70.32 21.12 -93.32
CA LEU VD 117 71.26 20.01 -93.41
C LEU VD 117 72.16 20.13 -94.62
N GLN VD 118 71.65 20.61 -95.74
CA GLN VD 118 72.55 20.71 -96.88
C GLN VD 118 73.76 21.60 -96.64
N THR VD 119 73.78 22.37 -95.56
CA THR VD 119 74.95 23.17 -95.23
C THR VD 119 75.98 22.45 -94.37
N MET VD 120 75.67 21.30 -93.81
CA MET VD 120 76.64 20.56 -93.01
C MET VD 120 77.78 20.07 -93.89
N GLU VD 121 78.97 20.03 -93.33
CA GLU VD 121 80.18 19.81 -94.11
C GLU VD 121 80.18 18.45 -94.79
N GLY VD 122 80.36 18.47 -96.12
CA GLY VD 122 80.45 17.29 -96.94
C GLY VD 122 79.13 16.66 -97.31
N VAL VD 123 77.99 17.18 -96.83
CA VAL VD 123 76.72 16.70 -97.32
C VAL VD 123 76.50 17.22 -98.74
N LEU VD 124 75.91 16.38 -99.59
CA LEU VD 124 75.54 16.75 -100.95
C LEU VD 124 74.06 16.99 -101.11
N SER VD 125 73.22 16.14 -100.54
CA SER VD 125 71.78 16.39 -100.50
C SER VD 125 71.15 15.54 -99.42
N ALA VD 126 69.92 15.90 -99.06
CA ALA VD 126 69.24 15.26 -97.94
C ALA VD 126 67.73 15.27 -98.15
N ARG VD 127 67.05 14.49 -97.31
CA ARG VD 127 65.60 14.49 -97.20
C ARG VD 127 65.22 14.35 -95.74
N VAL VD 128 64.11 14.96 -95.35
CA VAL VD 128 63.59 14.82 -93.99
C VAL VD 128 62.09 14.55 -94.03
N HIS VD 129 61.61 13.73 -93.10
CA HIS VD 129 60.19 13.44 -92.95
C HIS VD 129 59.79 13.53 -91.48
N ILE VD 130 58.62 14.12 -91.22
CA ILE VD 130 58.10 14.35 -89.88
C ILE VD 130 56.75 13.68 -89.72
N SER VD 131 56.50 13.11 -88.54
CA SER VD 131 55.19 12.51 -88.26
C SER VD 131 54.11 13.57 -88.19
N TYR VD 132 53.20 13.56 -89.16
CA TYR VD 132 52.05 14.45 -89.19
C TYR VD 132 50.96 14.07 -88.19
N ASP VD 133 51.05 14.57 -86.97
CA ASP VD 133 49.98 14.37 -85.99
C ASP VD 133 48.78 15.27 -86.26
N ILE VD 134 48.27 15.23 -87.49
CA ILE VD 134 47.19 16.11 -87.92
C ILE VD 134 46.10 15.23 -88.52
N ASP VD 135 46.39 13.96 -88.72
CA ASP VD 135 45.37 13.00 -89.09
C ASP VD 135 44.33 12.85 -87.99
N ALA VD 136 44.60 13.39 -86.82
CA ALA VD 136 43.57 13.82 -85.88
C ALA VD 136 43.87 15.25 -85.48
N GLY VD 137 42.81 16.01 -85.25
CA GLY VD 137 43.01 17.39 -84.86
C GLY VD 137 43.68 17.56 -83.52
N GLU VD 138 43.81 16.47 -82.74
CA GLU VD 138 44.19 16.53 -81.34
C GLU VD 138 43.21 17.35 -80.50
N ASN VD 139 42.00 17.56 -81.02
CA ASN VD 139 40.92 18.03 -80.17
C ASN VD 139 40.52 16.94 -79.18
N GLY VD 140 40.45 17.32 -77.90
CA GLY VD 140 40.00 16.45 -76.85
C GLY VD 140 40.98 15.40 -76.39
N ARG VD 141 42.14 15.27 -77.01
CA ARG VD 141 43.06 14.19 -76.69
C ARG VD 141 44.48 14.73 -76.57
N PRO VD 142 45.29 14.14 -75.71
CA PRO VD 142 46.67 14.60 -75.54
C PRO VD 142 47.50 14.33 -76.78
N PRO VD 143 48.43 15.23 -77.12
CA PRO VD 143 49.15 15.09 -78.39
C PRO VD 143 50.18 13.98 -78.33
N LYS VD 144 50.32 13.25 -79.44
CA LYS VD 144 51.34 12.22 -79.54
C LYS VD 144 52.73 12.83 -79.77
N PRO VD 145 53.78 12.14 -79.35
CA PRO VD 145 55.13 12.63 -79.60
C PRO VD 145 55.55 12.49 -81.06
N VAL VD 146 56.43 13.39 -81.48
CA VAL VD 146 56.92 13.44 -82.85
C VAL VD 146 57.95 12.35 -83.11
N HIS VD 147 57.95 11.86 -84.35
CA HIS VD 147 59.01 11.02 -84.91
C HIS VD 147 59.58 11.66 -86.17
N LEU VD 148 60.87 11.39 -86.42
CA LEU VD 148 61.63 12.00 -87.51
C LEU VD 148 62.42 10.94 -88.28
N SER VD 149 62.57 11.15 -89.59
CA SER VD 149 63.47 10.32 -90.38
C SER VD 149 64.24 11.16 -91.38
N ALA VD 150 65.49 10.77 -91.67
CA ALA VD 150 66.30 11.51 -92.63
C ALA VD 150 67.16 10.60 -93.49
N LEU VD 151 67.41 11.07 -94.71
CA LEU VD 151 68.28 10.41 -95.69
C LEU VD 151 69.34 11.38 -96.17
N ALA VD 152 70.57 10.92 -96.38
CA ALA VD 152 71.59 11.85 -96.84
C ALA VD 152 72.68 11.18 -97.67
N VAL VD 153 73.36 12.00 -98.48
CA VAL VD 153 74.41 11.53 -99.38
C VAL VD 153 75.70 12.30 -99.12
N TYR VD 154 76.83 11.60 -99.11
CA TYR VD 154 78.13 12.18 -98.74
C TYR VD 154 79.14 12.12 -99.87
N GLU VD 155 80.08 13.06 -99.83
CA GLU VD 155 81.36 12.93 -100.55
C GLU VD 155 82.08 11.65 -100.20
N ARG VD 156 82.75 11.07 -101.19
CA ARG VD 156 83.48 9.82 -101.02
C ARG VD 156 84.64 9.96 -100.03
N GLY VD 157 84.89 8.89 -99.30
CA GLY VD 157 85.91 8.87 -98.27
C GLY VD 157 85.51 9.52 -96.97
N SER VD 158 84.26 9.45 -96.62
CA SER VD 158 83.73 9.95 -95.37
C SER VD 158 83.47 8.82 -94.39
N PRO VD 159 83.86 8.93 -93.13
CA PRO VD 159 83.69 7.81 -92.17
C PRO VD 159 82.26 7.75 -91.65
N LEU VD 160 81.35 7.26 -92.50
CA LEU VD 160 79.92 7.48 -92.30
C LEU VD 160 79.45 7.15 -90.90
N ALA VD 161 79.98 6.08 -90.31
CA ALA VD 161 79.52 5.67 -88.99
C ALA VD 161 79.80 6.69 -87.89
N HIS VD 162 80.79 7.56 -88.07
CA HIS VD 162 81.02 8.61 -87.10
C HIS VD 162 80.11 9.82 -87.27
N GLN VD 163 79.36 9.91 -88.37
CA GLN VD 163 78.58 11.11 -88.65
C GLN VD 163 77.10 10.99 -88.32
N ILE VD 164 76.62 9.81 -87.96
CA ILE VD 164 75.23 9.70 -87.51
C ILE VD 164 75.02 10.48 -86.23
N SER VD 165 76.00 10.47 -85.34
CA SER VD 165 75.85 11.14 -84.05
C SER VD 165 75.63 12.64 -84.20
N ASP VD 166 76.29 13.28 -85.16
CA ASP VD 166 76.04 14.70 -85.38
C ASP VD 166 74.63 14.98 -85.84
N ILE VD 167 74.13 14.20 -86.80
CA ILE VD 167 72.78 14.44 -87.28
C ILE VD 167 71.75 14.21 -86.19
N LYS VD 168 71.90 13.12 -85.42
CA LYS VD 168 70.99 12.93 -84.30
C LYS VD 168 71.07 14.07 -83.29
N ARG VD 169 72.28 14.47 -82.91
CA ARG VD 169 72.39 15.54 -81.94
C ARG VD 169 71.79 16.83 -82.44
N PHE VD 170 71.91 17.10 -83.72
CA PHE VD 170 71.32 18.29 -84.30
C PHE VD 170 69.80 18.22 -84.35
N LEU VD 171 69.24 17.12 -84.85
CA LEU VD 171 67.78 17.05 -84.96
C LEU VD 171 67.09 17.01 -83.61
N LYS VD 172 67.68 16.33 -82.62
CA LYS VD 172 66.94 16.11 -81.38
C LYS VD 172 66.35 17.37 -80.78
N ASN VD 173 67.12 18.44 -80.70
CA ASN VD 173 66.62 19.67 -80.08
C ASN VD 173 65.82 20.55 -81.00
N SER VD 174 65.49 20.13 -82.20
CA SER VD 174 64.62 20.94 -83.06
C SER VD 174 63.16 20.88 -82.65
N PHE VD 175 62.78 19.99 -81.73
CA PHE VD 175 61.40 19.81 -81.35
C PHE VD 175 61.28 19.61 -79.84
N ALA VD 176 60.06 19.84 -79.34
CA ALA VD 176 59.83 19.93 -77.91
C ALA VD 176 60.02 18.61 -77.18
N ASP VD 177 59.76 17.48 -77.83
CA ASP VD 177 60.05 16.19 -77.22
C ASP VD 177 60.37 15.19 -78.30
N VAL VD 178 61.62 14.77 -78.36
CA VAL VD 178 62.03 13.70 -79.24
C VAL VD 178 63.12 12.88 -78.55
N ASP VD 179 63.07 11.58 -78.73
CA ASP VD 179 64.02 10.66 -78.14
C ASP VD 179 64.96 10.16 -79.24
N TYR VD 180 66.18 9.82 -78.86
CA TYR VD 180 67.09 9.26 -79.85
C TYR VD 180 66.52 7.97 -80.43
N ASP VD 181 65.76 7.24 -79.64
CA ASP VD 181 65.06 6.05 -80.11
C ASP VD 181 64.04 6.33 -81.19
N ASN VD 182 63.74 7.58 -81.51
CA ASN VD 182 62.73 7.92 -82.51
C ASN VD 182 63.29 8.69 -83.68
N ILE VD 183 64.60 8.68 -83.89
CA ILE VD 183 65.19 9.31 -85.06
C ILE VD 183 65.88 8.24 -85.90
N SER VD 184 65.38 8.05 -87.12
CA SER VD 184 66.01 7.22 -88.12
C SER VD 184 66.94 8.03 -89.02
N VAL VD 185 68.11 7.49 -89.31
CA VAL VD 185 69.07 8.12 -90.22
C VAL VD 185 69.60 7.05 -91.19
N VAL VD 186 69.58 7.35 -92.47
CA VAL VD 186 70.17 6.46 -93.48
C VAL VD 186 71.07 7.24 -94.43
N LEU VD 187 72.31 6.77 -94.60
CA LEU VD 187 73.36 7.50 -95.27
C LEU VD 187 73.91 6.70 -96.45
N SER VD 188 74.45 7.40 -97.44
CA SER VD 188 75.13 6.76 -98.56
C SER VD 188 76.26 7.64 -99.05
N GLU VD 189 77.11 7.10 -99.93
CA GLU VD 189 78.17 7.88 -100.56
C GLU VD 189 77.97 8.01 -102.07
N ARG VD 190 78.50 9.10 -102.61
CA ARG VD 190 78.42 9.38 -104.03
C ARG VD 190 78.91 8.21 -104.88
N SER VD 191 78.16 7.92 -105.94
CA SER VD 191 78.58 6.98 -106.96
C SER VD 191 79.83 7.48 -107.68
N ASP VD 192 80.49 6.55 -108.37
CA ASP VD 192 81.65 6.90 -109.17
C ASP VD 192 81.33 7.88 -110.28
N ALA VD 193 82.26 8.80 -110.55
CA ALA VD 193 82.01 9.93 -111.42
C ALA VD 193 81.94 9.51 -112.89
N GLN VD 194 81.11 10.22 -113.66
CA GLN VD 194 81.05 10.12 -115.11
C GLN VD 194 81.74 11.33 -115.74
N LEU VD 195 83.02 11.18 -116.05
CA LEU VD 195 83.82 12.26 -116.62
C LEU VD 195 84.06 12.14 -118.12
N GLN VD 196 84.33 10.95 -118.63
CA GLN VD 196 84.57 10.79 -120.06
C GLN VD 196 83.27 10.77 -120.87
N ALA VD 197 83.37 11.32 -122.08
CA ALA VD 197 82.25 11.40 -123.00
C ALA VD 197 81.90 10.05 -123.62
N PRO VD 198 80.63 9.83 -123.94
CA PRO VD 198 80.22 8.61 -124.64
C PRO VD 198 80.74 8.56 -126.07
N GLY VD 199 80.93 7.33 -126.54
CA GLY VD 199 81.54 7.12 -127.86
C GLY VD 199 80.52 7.27 -128.97
N THR VD 200 80.94 7.93 -130.05
CA THR VD 200 80.06 8.16 -131.20
C THR VD 200 79.87 6.90 -132.02
N PRO VD 201 78.63 6.57 -132.44
CA PRO VD 201 78.41 5.42 -133.30
C PRO VD 201 79.29 5.45 -134.56
N VAL VD 202 79.79 4.28 -134.94
CA VAL VD 202 80.57 4.17 -136.17
C VAL VD 202 79.64 4.23 -137.37
N ASP WD 20 79.53 26.25 -128.19
CA ASP WD 20 79.18 26.19 -126.78
C ASP WD 20 77.79 25.62 -126.61
N LYS WD 21 77.60 24.86 -125.53
CA LYS WD 21 76.31 24.24 -125.25
C LYS WD 21 75.62 24.91 -124.08
N ASP WD 22 74.32 25.13 -124.24
CA ASP WD 22 73.49 25.70 -123.18
C ASP WD 22 73.13 24.68 -122.12
N LEU WD 23 73.51 24.98 -120.88
CA LEU WD 23 73.10 24.20 -119.72
C LEU WD 23 71.78 24.71 -119.17
N LEU WD 24 71.73 25.99 -118.80
CA LEU WD 24 70.64 26.54 -118.03
C LEU WD 24 70.34 27.93 -118.56
N LYS WD 25 69.07 28.31 -118.48
CA LYS WD 25 68.62 29.61 -118.98
C LYS WD 25 67.62 30.21 -118.03
N GLY WD 26 67.37 31.50 -118.21
CA GLY WD 26 66.47 32.23 -117.35
C GLY WD 26 66.80 32.18 -115.88
N LEU WD 27 68.07 32.00 -115.54
CA LEU WD 27 68.46 31.95 -114.15
C LEU WD 27 68.52 33.34 -113.56
N ASP WD 28 68.34 33.40 -112.24
CA ASP WD 28 68.57 34.61 -111.48
C ASP WD 28 70.04 34.75 -111.10
N GLN WD 29 70.43 35.98 -110.78
CA GLN WD 29 71.80 36.29 -110.39
C GLN WD 29 72.28 35.45 -109.21
N GLU WD 30 71.43 35.28 -108.20
CA GLU WD 30 71.78 34.54 -107.01
C GLU WD 30 71.94 33.06 -107.28
N GLN WD 31 71.41 32.59 -108.39
CA GLN WD 31 71.53 31.20 -108.79
C GLN WD 31 72.76 31.02 -109.68
N ALA WD 32 72.91 31.94 -110.62
CA ALA WD 32 74.00 31.87 -111.57
C ALA WD 32 75.35 31.85 -110.87
N ASN WD 33 75.53 32.72 -109.87
CA ASN WD 33 76.83 32.73 -109.20
C ASN WD 33 77.11 31.47 -108.40
N GLU WD 34 76.07 30.78 -107.93
CA GLU WD 34 76.30 29.50 -107.28
C GLU WD 34 76.71 28.42 -108.28
N VAL WD 35 76.07 28.41 -109.44
CA VAL WD 35 76.44 27.43 -110.45
C VAL WD 35 77.87 27.65 -110.89
N ILE WD 36 78.22 28.91 -111.18
CA ILE WD 36 79.58 29.21 -111.58
C ILE WD 36 80.58 28.71 -110.54
N ALA WD 37 80.29 28.94 -109.27
CA ALA WD 37 81.20 28.50 -108.21
C ALA WD 37 81.41 27.00 -108.21
N VAL WD 38 80.33 26.24 -108.27
CA VAL WD 38 80.49 24.79 -108.22
C VAL WD 38 81.19 24.27 -109.46
N LEU WD 39 80.93 24.85 -110.63
CA LEU WD 39 81.63 24.31 -111.79
C LEU WD 39 83.12 24.61 -111.74
N GLN WD 40 83.50 25.85 -111.44
CA GLN WD 40 84.92 26.16 -111.26
C GLN WD 40 85.61 25.25 -110.27
N MET WD 41 84.94 24.88 -109.18
CA MET WD 41 85.61 24.00 -108.22
C MET WD 41 86.09 22.69 -108.84
N HIS WD 42 85.38 22.14 -109.81
CA HIS WD 42 85.76 20.89 -110.46
C HIS WD 42 86.58 21.08 -111.73
N ASN WD 43 87.19 22.24 -111.92
CA ASN WD 43 87.99 22.53 -113.10
C ASN WD 43 87.22 22.62 -114.40
N ILE WD 44 86.01 23.15 -114.37
CA ILE WD 44 85.20 23.34 -115.57
C ILE WD 44 85.08 24.84 -115.79
N GLU WD 45 85.63 25.33 -116.90
CA GLU WD 45 85.49 26.73 -117.28
C GLU WD 45 84.11 27.01 -117.85
N ALA WD 46 83.38 27.92 -117.22
CA ALA WD 46 82.01 28.22 -117.61
C ALA WD 46 81.87 29.71 -117.89
N ASN WD 47 80.82 30.07 -118.62
CA ASN WD 47 80.56 31.46 -118.98
C ASN WD 47 79.14 31.86 -118.63
N LYS WD 48 79.01 33.05 -118.04
CA LYS WD 48 77.75 33.65 -117.65
C LYS WD 48 77.41 34.78 -118.60
N ILE WD 49 76.22 34.74 -119.18
CA ILE WD 49 75.75 35.72 -120.15
C ILE WD 49 74.46 36.32 -119.64
N ASP WD 50 74.31 37.63 -119.85
CA ASP WD 50 73.14 38.39 -119.41
C ASP WD 50 72.30 38.80 -120.62
N SER WD 51 71.01 38.44 -120.59
CA SER WD 51 70.06 38.77 -121.63
C SER WD 51 68.97 39.72 -121.15
N GLY WD 52 69.24 40.43 -120.06
CA GLY WD 52 68.27 41.31 -119.43
C GLY WD 52 66.99 40.74 -118.87
N LYS WD 53 65.85 41.08 -119.47
CA LYS WD 53 64.57 40.52 -119.07
C LYS WD 53 64.54 38.99 -119.10
N LEU WD 54 65.46 38.33 -119.80
CA LEU WD 54 65.44 36.89 -119.89
C LEU WD 54 66.45 36.24 -118.94
N GLY WD 55 67.10 37.02 -118.10
CA GLY WD 55 68.04 36.49 -117.14
C GLY WD 55 69.39 36.07 -117.70
N TYR WD 56 70.09 35.30 -116.87
CA TYR WD 56 71.40 34.76 -117.19
C TYR WD 56 71.35 33.35 -117.78
N SER WD 57 72.33 33.10 -118.63
CA SER WD 57 72.54 31.83 -119.31
C SER WD 57 73.95 31.36 -119.00
N ILE WD 58 74.13 30.05 -118.91
CA ILE WD 58 75.41 29.43 -118.59
C ILE WD 58 75.81 28.53 -119.74
N THR WD 59 77.05 28.66 -120.19
CA THR WD 59 77.53 27.85 -121.31
C THR WD 59 78.91 27.30 -121.02
N VAL WD 60 79.20 26.16 -121.63
CA VAL WD 60 80.48 25.47 -121.49
C VAL WD 60 80.88 24.86 -122.82
N ALA WD 61 82.16 24.53 -122.93
CA ALA WD 61 82.67 23.78 -124.07
C ALA WD 61 82.25 22.32 -124.06
N GLU WD 62 82.25 21.76 -125.28
CA GLU WD 62 81.89 20.36 -125.50
C GLU WD 62 82.71 19.36 -124.73
N PRO WD 63 84.03 19.42 -124.74
CA PRO WD 63 84.80 18.46 -123.92
C PRO WD 63 84.39 18.43 -122.47
N ASP WD 64 83.82 19.51 -121.94
CA ASP WD 64 83.40 19.58 -120.55
C ASP WD 64 81.90 19.41 -120.36
N PHE WD 65 81.14 19.33 -121.44
CA PHE WD 65 79.69 19.23 -121.33
C PHE WD 65 79.25 18.06 -120.48
N THR WD 66 79.74 16.86 -120.78
CA THR WD 66 79.38 15.66 -120.01
C THR WD 66 79.61 15.83 -118.51
N ALA WD 67 80.81 16.23 -118.13
CA ALA WD 67 81.10 16.46 -116.72
C ALA WD 67 80.17 17.49 -116.10
N ALA WD 68 80.02 18.64 -116.74
CA ALA WD 68 79.12 19.65 -116.18
C ALA WD 68 77.71 19.11 -115.97
N VAL WD 69 77.18 18.38 -116.94
CA VAL WD 69 75.86 17.77 -116.79
C VAL WD 69 75.80 16.86 -115.58
N TYR WD 70 76.84 16.07 -115.37
CA TYR WD 70 76.85 15.20 -114.20
C TYR WD 70 76.89 15.96 -112.90
N TRP WD 71 77.71 16.99 -112.80
CA TRP WD 71 77.77 17.73 -111.54
C TRP WD 71 76.49 18.51 -111.27
N ILE WD 72 75.88 19.08 -112.29
CA ILE WD 72 74.59 19.72 -112.11
C ILE WD 72 73.59 18.73 -111.53
N LYS WD 73 73.54 17.52 -112.08
CA LYS WD 73 72.68 16.51 -111.49
C LYS WD 73 73.04 16.26 -110.03
N THR WD 74 74.31 16.06 -109.75
CA THR WD 74 74.68 15.58 -108.43
C THR WD 74 74.43 16.61 -107.35
N TYR WD 75 74.59 17.90 -107.64
CA TYR WD 75 74.24 18.92 -106.67
C TYR WD 75 72.80 19.41 -106.75
N GLN WD 76 72.00 18.90 -107.68
CA GLN WD 76 70.63 19.37 -107.83
C GLN WD 76 70.54 20.88 -108.03
N LEU WD 77 71.46 21.44 -108.78
CA LEU WD 77 71.36 22.84 -109.11
C LEU WD 77 70.26 23.03 -110.15
N PRO WD 78 69.76 24.25 -110.32
CA PRO WD 78 70.00 25.48 -109.58
C PRO WD 78 69.33 25.47 -108.23
N PRO WD 79 69.84 26.25 -107.28
CA PRO WD 79 69.34 26.15 -105.91
C PRO WD 79 67.92 26.69 -105.80
N ARG WD 80 67.22 26.19 -104.79
CA ARG WD 80 65.90 26.70 -104.46
C ARG WD 80 65.99 28.13 -103.96
N PRO WD 81 64.85 28.82 -103.88
CA PRO WD 81 64.74 29.96 -102.97
C PRO WD 81 64.80 29.55 -101.51
N ARG WD 82 65.27 30.48 -100.68
CA ARG WD 82 65.37 30.24 -99.24
C ARG WD 82 64.02 30.40 -98.54
N VAL WD 83 63.72 29.47 -97.64
CA VAL WD 83 62.40 29.34 -97.03
C VAL WD 83 62.39 29.89 -95.60
N GLU WD 84 61.38 30.71 -95.29
CA GLU WD 84 61.14 31.21 -93.95
C GLU WD 84 59.67 31.12 -93.58
N ILE WD 85 59.40 30.71 -92.35
CA ILE WD 85 58.05 30.28 -91.98
C ILE WD 85 57.03 31.39 -92.17
N ALA WD 86 57.42 32.63 -91.93
CA ALA WD 86 56.50 33.75 -92.11
C ALA WD 86 55.82 33.78 -93.46
N GLN WD 87 56.44 33.19 -94.48
CA GLN WD 87 55.82 33.18 -95.80
C GLN WD 87 54.53 32.37 -95.87
N MET WD 88 54.29 31.47 -94.93
CA MET WD 88 53.02 30.75 -94.91
C MET WD 88 51.88 31.54 -94.28
N PHE WD 89 52.14 32.67 -93.68
CA PHE WD 89 51.12 33.41 -92.91
C PHE WD 89 51.25 34.89 -93.19
N PRO WD 90 50.85 35.33 -94.38
CA PRO WD 90 51.27 36.63 -94.87
C PRO WD 90 50.58 37.83 -94.23
N ALA WD 91 49.87 37.62 -93.11
CA ALA WD 91 49.37 38.68 -92.25
C ALA WD 91 48.32 39.57 -92.92
N ASP WD 92 47.85 39.20 -94.10
CA ASP WD 92 46.97 40.08 -94.85
C ASP WD 92 45.51 39.86 -94.56
N SER WD 93 45.17 38.86 -93.74
CA SER WD 93 43.78 38.69 -93.39
C SER WD 93 43.31 39.84 -92.51
N LEU WD 94 42.00 39.97 -92.39
CA LEU WD 94 41.46 40.97 -91.48
C LEU WD 94 41.80 40.63 -90.03
N VAL WD 95 41.49 39.40 -89.60
CA VAL WD 95 41.99 38.89 -88.33
C VAL WD 95 42.63 37.54 -88.53
N SER WD 96 43.54 37.20 -87.62
CA SER WD 96 44.29 35.95 -87.70
C SER WD 96 44.12 35.16 -86.41
N SER WD 97 44.18 33.84 -86.53
CA SER WD 97 44.13 32.99 -85.36
C SER WD 97 45.28 33.32 -84.43
N PRO WD 98 45.14 33.02 -83.14
CA PRO WD 98 46.28 33.17 -82.23
C PRO WD 98 47.47 32.32 -82.63
N ARG WD 99 47.26 31.30 -83.45
CA ARG WD 99 48.35 30.49 -83.95
C ARG WD 99 49.24 31.28 -84.90
N ALA WD 100 48.65 31.93 -85.90
CA ALA WD 100 49.45 32.48 -86.97
C ALA WD 100 50.31 33.64 -86.50
N GLU WD 101 49.76 34.51 -85.65
CA GLU WD 101 50.56 35.55 -85.02
C GLU WD 101 51.76 34.98 -84.27
N LYS WD 102 51.54 33.99 -83.43
CA LYS WD 102 52.63 33.37 -82.69
C LYS WD 102 53.68 32.79 -83.61
N ALA WD 103 53.26 32.21 -84.73
CA ALA WD 103 54.21 31.70 -85.71
C ALA WD 103 55.04 32.82 -86.30
N ARG WD 104 54.41 33.87 -86.78
CA ARG WD 104 55.17 35.00 -87.30
C ARG WD 104 56.20 35.49 -86.28
N LEU WD 105 55.77 35.65 -85.02
CA LEU WD 105 56.70 36.08 -83.99
C LEU WD 105 57.94 35.22 -83.93
N TYR WD 106 57.78 33.91 -83.73
CA TYR WD 106 58.94 33.02 -83.69
C TYR WD 106 59.78 33.09 -84.96
N SER WD 107 59.13 33.10 -86.12
CA SER WD 107 59.88 33.14 -87.36
C SER WD 107 60.64 34.43 -87.56
N ALA WD 108 60.30 35.48 -86.82
CA ALA WD 108 61.10 36.69 -86.87
C ALA WD 108 62.24 36.68 -85.87
N ILE WD 109 62.02 36.05 -84.72
CA ILE WD 109 63.10 35.92 -83.75
C ILE WD 109 64.24 35.06 -84.29
N GLU WD 110 63.93 33.94 -84.95
CA GLU WD 110 64.99 33.11 -85.51
C GLU WD 110 65.91 33.91 -86.43
N GLN WD 111 65.33 34.67 -87.34
CA GLN WD 111 66.14 35.44 -88.27
C GLN WD 111 66.97 36.47 -87.53
N ARG WD 112 66.41 37.10 -86.51
CA ARG WD 112 67.19 38.11 -85.80
C ARG WD 112 68.36 37.49 -85.06
N LEU WD 113 68.22 36.27 -84.57
CA LEU WD 113 69.35 35.62 -83.93
C LEU WD 113 70.43 35.21 -84.93
N GLU WD 114 70.06 34.69 -86.09
CA GLU WD 114 71.12 34.37 -87.06
C GLU WD 114 71.89 35.63 -87.43
N GLN WD 115 71.18 36.72 -87.69
CA GLN WD 115 71.87 37.96 -87.99
C GLN WD 115 72.69 38.47 -86.83
N SER WD 116 72.38 38.07 -85.60
CA SER WD 116 73.24 38.51 -84.52
C SER WD 116 74.50 37.67 -84.47
N LEU WD 117 74.39 36.34 -84.61
CA LEU WD 117 75.58 35.52 -84.48
C LEU WD 117 76.57 35.82 -85.59
N GLN WD 118 76.09 36.14 -86.79
CA GLN WD 118 77.04 36.47 -87.84
C GLN WD 118 77.96 37.62 -87.46
N THR WD 119 77.63 38.41 -86.45
CA THR WD 119 78.51 39.49 -86.02
C THR WD 119 79.58 39.04 -85.03
N MET WD 120 79.52 37.82 -84.50
CA MET WD 120 80.59 37.38 -83.63
C MET WD 120 81.89 37.24 -84.40
N GLU WD 121 82.98 37.27 -83.64
CA GLU WD 121 84.33 37.15 -84.17
C GLU WD 121 84.62 35.79 -84.78
N GLY WD 122 84.95 35.80 -86.08
CA GLY WD 122 85.28 34.61 -86.84
C GLY WD 122 84.14 33.91 -87.52
N VAL WD 123 82.90 34.11 -87.10
CA VAL WD 123 81.79 33.41 -87.74
C VAL WD 123 81.64 33.91 -89.17
N LEU WD 124 81.59 32.98 -90.11
CA LEU WD 124 81.28 33.33 -91.49
C LEU WD 124 79.79 33.24 -91.77
N SER WD 125 79.12 32.22 -91.26
CA SER WD 125 77.66 32.18 -91.34
C SER WD 125 77.13 31.21 -90.31
N ALA WD 126 75.85 31.34 -90.03
CA ALA WD 126 75.21 30.48 -89.04
C ALA WD 126 73.75 30.30 -89.38
N ARG WD 127 73.16 29.27 -88.79
CA ARG WD 127 71.74 29.00 -88.93
C ARG WD 127 71.17 28.53 -87.59
N VAL WD 128 69.94 28.93 -87.28
CA VAL WD 128 69.36 28.70 -85.96
C VAL WD 128 67.94 28.17 -86.13
N HIS WD 129 67.56 27.23 -85.26
CA HIS WD 129 66.23 26.63 -85.26
C HIS WD 129 65.65 26.66 -83.86
N ILE WD 130 64.34 26.90 -83.76
CA ILE WD 130 63.64 26.96 -82.49
C ILE WD 130 62.48 25.97 -82.49
N SER WD 131 62.20 25.40 -81.32
CA SER WD 131 61.04 24.54 -81.17
C SER WD 131 59.74 25.35 -81.23
N TYR WD 132 59.02 25.28 -82.34
CA TYR WD 132 57.69 25.87 -82.41
C TYR WD 132 56.73 25.06 -81.55
N ASP WD 133 56.36 25.58 -80.37
CA ASP WD 133 55.28 24.95 -79.64
C ASP WD 133 53.91 25.34 -80.19
N ILE WD 134 53.90 26.29 -81.13
CA ILE WD 134 52.67 26.85 -81.68
C ILE WD 134 51.81 25.81 -82.36
N ASP WD 135 52.36 24.65 -82.69
CA ASP WD 135 51.54 23.57 -83.19
C ASP WD 135 50.58 23.03 -82.14
N ALA WD 136 50.75 23.40 -80.88
CA ALA WD 136 49.70 23.24 -79.89
C ALA WD 136 49.23 24.62 -79.44
N GLY WD 137 47.91 24.78 -79.35
CA GLY WD 137 47.35 25.99 -78.79
C GLY WD 137 47.59 26.10 -77.30
N GLU WD 138 47.84 24.97 -76.63
CA GLU WD 138 48.14 24.94 -75.21
C GLU WD 138 47.02 25.54 -74.37
N ASN WD 139 45.81 25.63 -74.93
CA ASN WD 139 44.68 26.08 -74.14
C ASN WD 139 44.44 25.08 -73.03
N GLY WD 140 44.49 25.56 -71.79
CA GLY WD 140 44.43 24.70 -70.63
C GLY WD 140 45.65 23.84 -70.40
N ARG WD 141 46.73 24.04 -71.16
CA ARG WD 141 47.92 23.24 -70.97
C ARG WD 141 49.06 24.11 -70.45
N PRO WD 142 49.93 23.57 -69.60
CA PRO WD 142 51.19 24.24 -69.32
C PRO WD 142 52.12 24.13 -70.53
N PRO WD 143 52.88 25.17 -70.84
CA PRO WD 143 53.74 25.12 -72.02
C PRO WD 143 54.97 24.26 -71.80
N LYS WD 144 55.42 23.61 -72.87
CA LYS WD 144 56.72 22.97 -72.86
C LYS WD 144 57.83 24.01 -72.88
N PRO WD 145 58.99 23.70 -72.31
CA PRO WD 145 60.13 24.60 -72.45
C PRO WD 145 60.68 24.60 -73.87
N VAL WD 146 61.38 25.67 -74.20
CA VAL WD 146 61.94 25.88 -75.53
C VAL WD 146 63.22 25.09 -75.72
N HIS WD 147 63.43 24.63 -76.95
CA HIS WD 147 64.68 24.01 -77.40
C HIS WD 147 65.24 24.76 -78.59
N LEU WD 148 66.57 24.71 -78.75
CA LEU WD 148 67.30 25.48 -79.76
C LEU WD 148 68.37 24.62 -80.41
N SER WD 149 68.61 24.86 -81.71
CA SER WD 149 69.76 24.30 -82.41
C SER WD 149 70.48 25.34 -83.25
N ALA WD 150 71.82 25.27 -83.28
CA ALA WD 150 72.63 26.19 -84.07
C ALA WD 150 73.73 25.50 -84.85
N LEU WD 151 73.94 25.95 -86.09
CA LEU WD 151 75.05 25.53 -86.94
C LEU WD 151 75.92 26.73 -87.26
N ALA WD 152 77.24 26.55 -87.34
CA ALA WD 152 78.10 27.67 -87.73
C ALA WD 152 79.34 27.22 -88.49
N VAL WD 153 79.84 28.12 -89.35
CA VAL WD 153 81.09 27.92 -90.09
C VAL WD 153 82.14 28.92 -89.60
N TYR WD 154 83.29 28.42 -89.17
CA TYR WD 154 84.41 29.23 -88.71
C TYR WD 154 85.58 29.30 -89.71
N GLU WD 155 86.35 30.37 -89.59
CA GLU WD 155 87.66 30.47 -90.22
C GLU WD 155 88.62 29.38 -89.73
N ARG WD 156 89.52 28.98 -90.62
CA ARG WD 156 90.53 27.97 -90.35
C ARG WD 156 91.48 28.33 -89.21
N GLY WD 157 91.73 27.33 -88.35
CA GLY WD 157 92.55 27.47 -87.16
C GLY WD 157 91.86 27.99 -85.92
N SER WD 158 90.55 27.87 -85.82
CA SER WD 158 89.82 28.41 -84.68
C SER WD 158 89.72 27.37 -83.57
N PRO WD 159 89.86 27.76 -82.30
CA PRO WD 159 89.84 26.82 -81.17
C PRO WD 159 88.41 26.41 -80.79
N LEU WD 160 87.79 25.61 -81.66
CA LEU WD 160 86.34 25.50 -81.71
C LEU WD 160 85.75 25.12 -80.34
N ALA WD 161 86.43 24.24 -79.62
CA ALA WD 161 85.92 23.79 -78.34
C ALA WD 161 85.76 24.94 -77.38
N HIS WD 162 86.63 25.94 -77.44
CA HIS WD 162 86.49 27.05 -76.52
C HIS WD 162 85.45 28.06 -76.96
N GLN WD 163 84.84 27.87 -78.12
CA GLN WD 163 83.80 28.77 -78.59
C GLN WD 163 82.42 28.15 -78.51
N ILE WD 164 82.34 26.85 -78.34
CA ILE WD 164 81.03 26.25 -78.08
C ILE WD 164 80.44 26.83 -76.81
N SER WD 165 81.25 26.93 -75.76
CA SER WD 165 80.76 27.47 -74.50
C SER WD 165 80.26 28.89 -74.66
N ASP WD 166 80.97 29.70 -75.45
CA ASP WD 166 80.60 31.09 -75.60
C ASP WD 166 79.28 31.25 -76.33
N ILE WD 167 79.03 30.41 -77.32
CA ILE WD 167 77.73 30.48 -78.00
C ILE WD 167 76.63 29.94 -77.10
N LYS WD 168 76.84 28.83 -76.42
CA LYS WD 168 75.81 28.38 -75.48
C LYS WD 168 75.48 29.45 -74.46
N ARG WD 169 76.50 30.11 -73.92
CA ARG WD 169 76.25 31.16 -72.93
C ARG WD 169 75.43 32.29 -73.51
N PHE WD 170 75.70 32.67 -74.75
CA PHE WD 170 74.88 33.71 -75.36
C PHE WD 170 73.44 33.26 -75.54
N LEU WD 171 73.22 32.07 -76.09
CA LEU WD 171 71.85 31.64 -76.37
C LEU WD 171 71.02 31.43 -75.11
N LYS WD 172 71.62 30.93 -74.04
CA LYS WD 172 70.83 30.57 -72.86
C LYS WD 172 69.93 31.68 -72.34
N ASN WD 173 70.34 32.93 -72.44
CA ASN WD 173 69.57 34.02 -71.86
C ASN WD 173 68.62 34.72 -72.81
N SER WD 174 68.48 34.26 -74.04
CA SER WD 174 67.57 34.92 -74.97
C SER WD 174 66.12 34.53 -74.75
N PHE WD 175 65.84 33.56 -73.88
CA PHE WD 175 64.49 33.05 -73.67
C PHE WD 175 64.21 32.90 -72.18
N ALA WD 176 62.92 32.93 -71.85
CA ALA WD 176 62.49 32.82 -70.46
C ALA WD 176 62.92 31.56 -69.77
N ASP WD 177 63.04 30.43 -70.46
CA ASP WD 177 63.48 29.23 -69.78
C ASP WD 177 64.19 28.30 -70.75
N VAL WD 178 65.47 28.06 -70.49
CA VAL WD 178 66.26 27.15 -71.29
C VAL WD 178 67.31 26.55 -70.39
N ASP WD 179 67.67 25.31 -70.66
CA ASP WD 179 68.73 24.63 -69.95
C ASP WD 179 69.86 24.30 -70.91
N TYR WD 180 71.09 24.28 -70.39
CA TYR WD 180 72.21 23.94 -71.25
C TYR WD 180 72.06 22.56 -71.85
N ASP WD 181 71.27 21.70 -71.21
CA ASP WD 181 70.94 20.41 -71.76
C ASP WD 181 70.16 20.48 -73.06
N ASN WD 182 69.52 21.61 -73.36
CA ASN WD 182 68.59 21.72 -74.46
C ASN WD 182 69.09 22.64 -75.58
N ILE WD 183 70.37 22.94 -75.62
CA ILE WD 183 70.97 23.66 -76.74
C ILE WD 183 71.96 22.75 -77.44
N SER WD 184 71.73 22.48 -78.72
CA SER WD 184 72.65 21.79 -79.59
C SER WD 184 73.45 22.77 -80.44
N VAL WD 185 74.76 22.57 -80.51
CA VAL WD 185 75.66 23.42 -81.28
C VAL WD 185 76.57 22.56 -82.14
N VAL WD 186 76.64 22.87 -83.44
CA VAL WD 186 77.47 22.12 -84.37
C VAL WD 186 78.32 23.07 -85.21
N LEU WD 187 79.62 22.83 -85.24
CA LEU WD 187 80.61 23.74 -85.82
C LEU WD 187 81.38 23.05 -86.94
N SER WD 188 81.81 23.85 -87.91
CA SER WD 188 82.68 23.33 -88.97
C SER WD 188 83.63 24.44 -89.40
N GLU WD 189 84.72 24.06 -90.05
CA GLU WD 189 85.64 25.04 -90.62
C GLU WD 189 85.45 25.25 -92.11
N ARG WD 190 85.83 26.44 -92.57
CA ARG WD 190 85.95 26.75 -93.99
C ARG WD 190 86.78 25.71 -94.74
N SER WD 191 86.31 25.36 -95.93
CA SER WD 191 87.05 24.50 -96.85
C SER WD 191 88.25 25.24 -97.43
N ASP WD 192 89.12 24.47 -98.09
CA ASP WD 192 90.26 25.03 -98.79
C ASP WD 192 89.83 26.08 -99.82
N ALA WD 193 90.61 27.15 -99.91
CA ALA WD 193 90.35 28.24 -100.86
C ALA WD 193 90.64 27.87 -102.31
N GLN WD 194 89.70 28.19 -103.19
CA GLN WD 194 89.82 28.04 -104.65
C GLN WD 194 90.32 29.34 -105.30
N LEU WD 195 91.63 29.50 -105.43
CA LEU WD 195 92.21 30.73 -105.94
C LEU WD 195 92.69 30.63 -107.39
N GLN WD 196 93.29 29.52 -107.79
CA GLN WD 196 93.76 29.36 -109.16
C GLN WD 196 92.61 29.04 -110.12
N ALA WD 197 92.68 29.60 -111.32
CA ALA WD 197 91.64 29.45 -112.32
C ALA WD 197 91.77 28.14 -113.10
N PRO WD 198 90.67 27.62 -113.61
CA PRO WD 198 90.72 26.39 -114.40
C PRO WD 198 91.44 26.55 -115.73
N GLY WD 199 91.97 25.42 -116.20
CA GLY WD 199 92.64 25.36 -117.49
C GLY WD 199 91.69 25.28 -118.68
N THR WD 200 92.06 25.97 -119.75
CA THR WD 200 91.27 25.98 -120.98
C THR WD 200 91.52 24.71 -121.78
N PRO WD 201 90.47 24.06 -122.30
CA PRO WD 201 90.67 22.89 -123.16
C PRO WD 201 91.64 23.18 -124.30
N VAL WD 202 92.50 22.20 -124.59
CA VAL WD 202 93.42 22.31 -125.71
C VAL WD 202 92.67 22.11 -127.01
N ASP XD 20 86.37 43.11 -118.49
CA ASP XD 20 85.90 43.02 -117.12
C ASP XD 20 84.63 42.20 -117.07
N LYS XD 21 84.48 41.40 -116.02
CA LYS XD 21 83.30 40.58 -115.84
C LYS XD 21 82.41 41.12 -114.73
N ASP XD 22 81.12 41.10 -114.98
CA ASP XD 22 80.10 41.51 -114.03
C ASP XD 22 79.83 40.47 -112.96
N LEU XD 23 80.01 40.87 -111.71
CA LEU XD 23 79.65 40.06 -110.55
C LEU XD 23 78.20 40.29 -110.16
N LEU XD 24 77.81 41.54 -109.95
CA LEU XD 24 76.52 41.81 -109.36
C LEU XD 24 75.95 43.07 -109.99
N LYS XD 25 74.61 43.12 -110.07
CA LYS XD 25 73.91 44.28 -110.58
C LYS XD 25 72.70 44.58 -109.72
N GLY XD 26 72.18 45.79 -109.90
CA GLY XD 26 71.02 46.27 -109.16
C GLY XD 26 71.20 46.30 -107.66
N LEU XD 27 72.41 46.56 -107.19
CA LEU XD 27 72.67 46.63 -105.76
C LEU XD 27 72.22 47.95 -105.17
N ASP XD 28 71.89 47.91 -103.89
CA ASP XD 28 71.81 49.10 -103.05
C ASP XD 28 73.19 49.59 -102.65
N GLN XD 29 73.26 50.87 -102.32
CA GLN XD 29 74.51 51.51 -101.92
C GLN XD 29 75.20 50.80 -100.75
N GLU XD 30 74.44 50.44 -99.73
CA GLU XD 30 75.04 49.81 -98.56
C GLU XD 30 75.56 48.42 -98.88
N GLN XD 31 74.92 47.77 -99.85
CA GLN XD 31 75.36 46.47 -100.28
C GLN XD 31 76.65 46.60 -101.09
N ALA XD 32 76.72 47.61 -101.94
CA ALA XD 32 77.93 47.83 -102.71
C ALA XD 32 79.11 48.10 -101.79
N ASN XD 33 78.92 48.92 -100.76
CA ASN XD 33 80.03 49.20 -99.86
C ASN XD 33 80.44 48.00 -99.03
N GLU XD 34 79.50 47.12 -98.69
CA GLU XD 34 79.90 45.89 -98.02
C GLU XD 34 80.71 44.98 -98.92
N VAL XD 35 80.32 44.86 -100.18
CA VAL XD 35 81.04 43.98 -101.09
C VAL XD 35 82.45 44.51 -101.34
N ILE XD 36 82.57 45.80 -101.59
CA ILE XD 36 83.90 46.38 -101.78
C ILE XD 36 84.78 46.14 -100.56
N ALA XD 37 84.23 46.32 -99.36
CA ALA XD 37 85.03 46.07 -98.16
C ALA XD 37 85.57 44.66 -98.09
N VAL XD 38 84.71 43.68 -98.37
CA VAL XD 38 85.14 42.29 -98.26
C VAL XD 38 86.14 41.90 -99.35
N LEU XD 39 86.01 42.44 -100.56
CA LEU XD 39 87.02 42.07 -101.56
C LEU XD 39 88.37 42.74 -101.29
N GLN XD 40 88.36 44.02 -100.95
CA GLN XD 40 89.62 44.65 -100.58
C GLN XD 40 90.32 43.90 -99.47
N MET XD 41 89.57 43.40 -98.49
CA MET XD 41 90.27 42.66 -97.44
C MET XD 41 91.05 41.49 -98.01
N HIS XD 42 90.56 40.83 -99.06
CA HIS XD 42 91.28 39.70 -99.65
C HIS XD 42 92.15 40.08 -100.82
N ASN XD 43 92.47 41.36 -100.97
CA ASN XD 43 93.34 41.83 -102.06
C ASN XD 43 92.78 41.72 -103.48
N ILE XD 44 91.50 41.94 -103.65
CA ILE XD 44 90.88 41.93 -104.96
C ILE XD 44 90.46 43.36 -105.25
N GLU XD 45 91.06 43.96 -106.26
CA GLU XD 45 90.69 45.30 -106.71
C GLU XD 45 89.38 45.27 -107.50
N ALA XD 46 88.38 46.01 -107.01
CA ALA XD 46 87.05 46.01 -107.59
C ALA XD 46 86.64 47.43 -107.97
N ASN XD 47 85.65 47.53 -108.84
CA ASN XD 47 85.14 48.81 -109.32
C ASN XD 47 83.64 48.88 -109.14
N LYS XD 48 83.17 50.02 -108.62
CA LYS XD 48 81.76 50.31 -108.38
C LYS XD 48 81.27 51.33 -109.40
N ILE XD 49 80.17 50.99 -110.09
CA ILE XD 49 79.56 51.80 -111.13
C ILE XD 49 78.12 52.10 -110.78
N ASP XD 50 77.68 53.32 -111.06
CA ASP XD 50 76.32 53.80 -110.79
C ASP XD 50 75.52 53.97 -112.07
N SER XD 51 74.36 53.32 -112.12
CA SER XD 51 73.43 53.38 -113.24
C SER XD 51 72.14 54.11 -112.87
N GLY XD 52 72.13 54.82 -111.74
CA GLY XD 52 70.97 55.49 -111.19
C GLY XD 52 69.76 54.68 -110.76
N LYS XD 53 68.64 54.81 -111.46
CA LYS XD 53 67.47 53.98 -111.15
C LYS XD 53 67.76 52.49 -111.22
N LEU XD 54 68.84 52.07 -111.86
CA LEU XD 54 69.20 50.67 -111.95
C LEU XD 54 70.14 50.22 -110.84
N GLY XD 55 70.55 51.12 -109.96
CA GLY XD 55 71.51 50.83 -108.92
C GLY XD 55 72.97 50.69 -109.34
N TYR XD 56 73.73 50.09 -108.43
CA TYR XD 56 75.16 49.86 -108.60
C TYR XD 56 75.50 48.50 -109.18
N SER XD 57 76.61 48.50 -109.90
CA SER XD 57 77.21 47.36 -110.57
C SER XD 57 78.64 47.22 -110.08
N ILE XD 58 79.12 45.99 -110.00
CA ILE XD 58 80.43 45.68 -109.47
C ILE XD 58 81.19 44.88 -110.52
N THR XD 59 82.44 45.29 -110.78
CA THR XD 59 83.26 44.62 -111.77
C THR XD 59 84.66 44.35 -111.27
N VAL XD 60 85.28 43.31 -111.82
CA VAL XD 60 86.63 42.90 -111.47
C VAL XD 60 87.34 42.46 -112.75
N ALA XD 61 88.67 42.40 -112.66
CA ALA XD 61 89.48 41.82 -113.72
C ALA XD 61 89.36 40.31 -113.80
N GLU XD 62 89.67 39.80 -115.00
CA GLU XD 62 89.62 38.37 -115.26
C GLU XD 62 90.52 37.56 -114.33
N PRO XD 63 91.80 37.89 -114.15
CA PRO XD 63 92.61 37.12 -113.21
C PRO XD 63 92.04 36.98 -111.81
N ASP XD 64 91.19 37.91 -111.39
CA ASP XD 64 90.61 37.87 -110.05
C ASP XD 64 89.18 37.36 -110.03
N PHE XD 65 88.60 37.09 -111.19
CA PHE XD 65 87.20 36.67 -111.24
C PHE XD 65 86.96 35.41 -110.39
N THR XD 66 87.75 34.36 -110.60
CA THR XD 66 87.59 33.12 -109.83
C THR XD 66 87.57 33.35 -108.33
N ALA XD 67 88.58 34.03 -107.80
CA ALA XD 67 88.60 34.33 -106.38
C ALA XD 67 87.38 35.11 -105.95
N ALA XD 68 87.00 36.12 -106.72
CA ALA XD 68 85.84 36.90 -106.33
C ALA XD 68 84.60 36.03 -106.20
N VAL XD 69 84.39 35.15 -107.17
CA VAL XD 69 83.27 34.22 -107.10
C VAL XD 69 83.31 33.40 -105.83
N TYR XD 70 84.46 32.83 -105.52
CA TYR XD 70 84.56 31.98 -104.34
C TYR XD 70 84.28 32.72 -103.04
N TRP XD 71 84.76 33.96 -102.91
CA TRP XD 71 84.44 34.70 -101.69
C TRP XD 71 82.99 35.15 -101.64
N ILE XD 72 82.43 35.58 -102.76
CA ILE XD 72 81.01 35.90 -102.78
C ILE XD 72 80.19 34.73 -102.29
N LYS XD 73 80.51 33.52 -102.74
CA LYS XD 73 79.83 32.36 -102.21
C LYS XD 73 80.05 32.19 -100.71
N THR XD 74 81.30 32.26 -100.26
CA THR XD 74 81.57 31.93 -98.88
C THR XD 74 80.89 32.89 -97.92
N TYR XD 75 80.91 34.18 -98.21
CA TYR XD 75 80.21 35.15 -97.37
C TYR XD 75 78.73 35.34 -97.71
N GLN XD 76 78.21 34.64 -98.70
CA GLN XD 76 76.79 34.74 -99.03
C GLN XD 76 76.38 36.18 -99.34
N LEU XD 77 77.25 36.93 -99.99
CA LEU XD 77 76.92 38.28 -100.34
C LEU XD 77 75.95 38.28 -101.51
N PRO XD 78 75.28 39.40 -101.77
CA PRO XD 78 75.14 40.63 -100.99
C PRO XD 78 74.25 40.45 -99.78
N PRO XD 79 74.42 41.31 -98.78
CA PRO XD 79 73.76 41.08 -97.50
C PRO XD 79 72.26 41.35 -97.58
N ARG XD 80 71.51 40.59 -96.81
CA ARG XD 80 70.08 40.80 -96.67
C ARG XD 80 69.77 41.87 -95.63
N PRO XD 81 68.60 42.49 -95.71
CA PRO XD 81 68.28 43.60 -94.82
C PRO XD 81 68.08 43.18 -93.39
N ARG XD 82 68.28 44.13 -92.48
CA ARG XD 82 68.10 43.87 -91.05
C ARG XD 82 66.64 43.55 -90.73
N VAL XD 83 66.46 42.64 -89.78
CA VAL XD 83 65.15 42.18 -89.33
C VAL XD 83 64.82 42.80 -87.97
N GLU XD 84 63.67 43.45 -87.88
CA GLU XD 84 63.15 43.95 -86.61
C GLU XD 84 61.70 43.55 -86.42
N ILE XD 85 61.36 43.10 -85.21
CA ILE XD 85 60.09 42.41 -85.00
C ILE XD 85 58.91 43.30 -85.37
N ALA XD 86 59.02 44.60 -85.13
CA ALA XD 86 57.96 45.52 -85.50
C ALA XD 86 57.54 45.42 -86.94
N GLN XD 87 58.40 44.92 -87.83
CA GLN XD 87 58.00 44.75 -89.22
C GLN XD 87 56.87 43.75 -89.38
N MET XD 88 56.81 42.74 -88.52
CA MET XD 88 55.75 41.76 -88.62
C MET XD 88 54.41 42.25 -88.13
N PHE XD 89 54.36 43.41 -87.47
CA PHE XD 89 53.14 43.90 -86.84
C PHE XD 89 52.98 45.38 -87.14
N PRO XD 90 52.83 45.74 -88.40
CA PRO XD 90 52.77 47.16 -88.76
C PRO XD 90 51.63 47.87 -88.04
N ALA XD 91 51.85 49.15 -87.76
CA ALA XD 91 50.85 49.99 -87.12
C ALA XD 91 49.67 50.31 -88.04
N ASP XD 92 49.80 50.08 -89.34
CA ASP XD 92 48.75 50.40 -90.30
C ASP XD 92 47.54 49.47 -90.25
N SER XD 93 47.62 48.34 -89.57
CA SER XD 93 46.56 47.36 -89.67
C SER XD 93 45.28 47.88 -89.05
N LEU XD 94 44.15 47.42 -89.59
CA LEU XD 94 42.85 47.89 -89.14
C LEU XD 94 42.52 47.40 -87.74
N VAL XD 95 43.12 46.29 -87.30
CA VAL XD 95 42.91 45.79 -85.96
C VAL XD 95 44.27 45.42 -85.39
N SER XD 96 44.40 45.52 -84.07
CA SER XD 96 45.54 44.93 -83.39
C SER XD 96 45.10 44.20 -82.13
N SER XD 97 45.64 43.01 -81.94
CA SER XD 97 45.46 42.31 -80.69
C SER XD 97 46.40 42.87 -79.64
N PRO XD 98 46.06 42.71 -78.37
CA PRO XD 98 47.03 43.03 -77.33
C PRO XD 98 48.39 42.38 -77.53
N ARG XD 99 48.44 41.18 -78.08
CA ARG XD 99 49.72 40.54 -78.36
C ARG XD 99 50.54 41.36 -79.34
N ALA XD 100 49.91 41.85 -80.40
CA ALA XD 100 50.62 42.67 -81.37
C ALA XD 100 51.12 43.97 -80.75
N GLU XD 101 50.26 44.68 -80.04
CA GLU XD 101 50.72 45.91 -79.40
C GLU XD 101 51.92 45.67 -78.49
N LYS XD 102 51.81 44.68 -77.61
CA LYS XD 102 52.90 44.34 -76.70
C LYS XD 102 54.19 43.99 -77.44
N ALA XD 103 54.07 43.29 -78.56
CA ALA XD 103 55.26 42.98 -79.36
C ALA XD 103 55.92 44.24 -79.90
N ARG XD 104 55.15 45.12 -80.53
CA ARG XD 104 55.76 46.37 -80.99
C ARG XD 104 56.49 47.08 -79.86
N LEU XD 105 55.87 47.17 -78.70
CA LEU XD 105 56.52 47.81 -77.57
C LEU XD 105 57.91 47.23 -77.29
N TYR XD 106 57.98 45.92 -77.05
CA TYR XD 106 59.30 45.31 -76.80
C TYR XD 106 60.28 45.54 -77.93
N SER XD 107 59.82 45.47 -79.18
CA SER XD 107 60.74 45.66 -80.28
C SER XD 107 61.25 47.07 -80.40
N ALA XD 108 60.57 48.03 -79.81
CA ALA XD 108 61.11 49.38 -79.81
C ALA XD 108 62.05 49.63 -78.63
N ILE XD 109 61.80 48.96 -77.52
CA ILE XD 109 62.74 49.06 -76.40
C ILE XD 109 64.09 48.47 -76.75
N GLU XD 110 64.12 47.31 -77.42
CA GLU XD 110 65.40 46.75 -77.87
C GLU XD 110 66.23 47.74 -78.69
N GLN XD 111 65.61 48.35 -79.68
CA GLN XD 111 66.34 49.25 -80.56
C GLN XD 111 66.83 50.46 -79.81
N ARG XD 112 66.05 50.96 -78.86
CA ARG XD 112 66.50 52.14 -78.14
C ARG XD 112 67.67 51.81 -77.22
N LEU XD 113 67.70 50.61 -76.64
CA LEU XD 113 68.85 50.27 -75.82
C LEU XD 113 70.12 50.09 -76.66
N GLU XD 114 70.04 49.43 -77.81
CA GLU XD 114 71.24 49.36 -78.67
C GLU XD 114 71.77 50.75 -79.02
N GLN XD 115 70.87 51.67 -79.36
CA GLN XD 115 71.36 53.00 -79.68
C GLN XD 115 71.96 53.68 -78.46
N SER XD 116 71.49 53.34 -77.26
CA SER XD 116 72.11 53.96 -76.10
C SER XD 116 73.50 53.39 -75.87
N LEU XD 117 73.66 52.07 -75.94
CA LEU XD 117 74.97 51.49 -75.68
C LEU XD 117 76.03 52.02 -76.62
N GLN XD 118 75.69 52.25 -77.89
CA GLN XD 118 76.74 52.75 -78.76
C GLN XD 118 77.34 54.08 -78.35
N THR XD 119 76.73 54.84 -77.45
CA THR XD 119 77.33 56.09 -77.00
C THR XD 119 78.32 55.93 -75.85
N MET XD 120 78.39 54.78 -75.20
CA MET XD 120 79.42 54.56 -74.19
C MET XD 120 80.81 54.71 -74.80
N GLU XD 121 81.76 54.98 -73.91
CA GLU XD 121 83.17 55.16 -74.26
C GLU XD 121 83.83 53.89 -74.79
N GLY XD 122 84.31 53.96 -76.03
CA GLY XD 122 84.98 52.86 -76.69
C GLY XD 122 84.09 51.91 -77.48
N VAL XD 123 82.80 51.83 -77.19
CA VAL XD 123 81.97 50.89 -77.92
C VAL XD 123 81.83 51.35 -79.37
N LEU XD 124 82.07 50.46 -80.31
CA LEU XD 124 81.86 50.74 -81.72
C LEU XD 124 80.52 50.25 -82.24
N SER XD 125 80.07 49.09 -81.80
CA SER XD 125 78.75 48.59 -82.18
C SER XD 125 78.30 47.56 -81.16
N ALA XD 126 76.98 47.38 -81.08
CA ALA XD 126 76.41 46.45 -80.10
C ALA XD 126 75.09 45.90 -80.61
N ARG XD 127 74.67 44.80 -79.97
CA ARG XD 127 73.42 44.12 -80.25
C ARG XD 127 72.80 43.74 -78.91
N VAL XD 128 71.46 43.82 -78.81
CA VAL XD 128 70.78 43.44 -77.57
C VAL XD 128 69.56 42.60 -77.88
N HIS XD 129 69.28 41.61 -77.02
CA HIS XD 129 68.11 40.74 -77.15
C HIS XD 129 67.36 40.66 -75.84
N ILE XD 130 66.03 40.61 -75.92
CA ILE XD 130 65.14 40.51 -74.76
C ILE XD 130 64.24 39.29 -74.88
N SER XD 131 63.96 38.64 -73.76
CA SER XD 131 62.98 37.55 -73.71
C SER XD 131 61.56 38.05 -73.99
N TYR XD 132 61.02 37.72 -75.16
CA TYR XD 132 59.63 38.06 -75.52
C TYR XD 132 58.65 37.13 -74.79
N ASP XD 133 58.38 37.47 -73.53
CA ASP XD 133 57.56 36.61 -72.68
C ASP XD 133 56.12 36.49 -73.16
N ILE XD 134 55.66 37.42 -73.99
CA ILE XD 134 54.25 37.51 -74.41
C ILE XD 134 53.88 36.37 -75.34
N ASP XD 135 54.81 35.47 -75.62
CA ASP XD 135 54.47 34.25 -76.35
C ASP XD 135 53.59 33.32 -75.55
N ALA XD 136 53.33 33.66 -74.29
CA ALA XD 136 52.14 33.23 -73.56
C ALA XD 136 51.42 34.47 -73.07
N GLY XD 137 50.11 34.35 -72.86
CA GLY XD 137 49.34 35.53 -72.53
C GLY XD 137 49.67 36.10 -71.18
N GLU XD 138 50.26 35.31 -70.31
CA GLU XD 138 50.59 35.71 -68.95
C GLU XD 138 49.36 36.10 -68.13
N ASN XD 139 48.17 35.73 -68.59
CA ASN XD 139 47.03 35.62 -67.70
C ASN XD 139 47.02 34.27 -67.02
N GLY XD 140 46.36 34.21 -65.87
CA GLY XD 140 46.23 32.96 -65.15
C GLY XD 140 47.51 32.41 -64.57
N ARG XD 141 48.66 32.93 -64.97
CA ARG XD 141 49.94 32.58 -64.39
C ARG XD 141 50.67 33.85 -63.98
N PRO XD 142 51.44 33.80 -62.89
CA PRO XD 142 52.28 34.93 -62.55
C PRO XD 142 53.34 35.15 -63.61
N PRO XD 143 53.77 36.39 -63.83
CA PRO XD 143 54.71 36.67 -64.92
C PRO XD 143 56.11 36.16 -64.62
N LYS XD 144 56.79 35.74 -65.66
CA LYS XD 144 58.13 35.18 -65.58
C LYS XD 144 59.15 36.33 -65.48
N PRO XD 145 60.32 36.07 -64.93
CA PRO XD 145 61.38 37.10 -64.98
C PRO XD 145 61.92 37.32 -66.37
N VAL XD 146 62.36 38.56 -66.60
CA VAL XD 146 63.02 38.98 -67.84
C VAL XD 146 64.46 38.49 -67.93
N HIS XD 147 64.88 38.14 -69.14
CA HIS XD 147 66.25 37.77 -69.50
C HIS XD 147 66.74 38.65 -70.64
N LEU XD 148 68.02 39.03 -70.57
CA LEU XD 148 68.66 39.93 -71.52
C LEU XD 148 70.00 39.38 -71.97
N SER XD 149 70.35 39.60 -73.24
CA SER XD 149 71.68 39.24 -73.76
C SER XD 149 72.27 40.36 -74.61
N ALA XD 150 73.58 40.58 -74.49
CA ALA XD 150 74.24 41.66 -75.23
C ALA XD 150 75.58 41.25 -75.85
N LEU XD 151 75.83 41.77 -77.04
CA LEU XD 151 77.12 41.64 -77.73
C LEU XD 151 77.70 43.02 -77.99
N ALA XD 152 79.01 43.19 -77.86
CA ALA XD 152 79.62 44.46 -78.20
C ALA XD 152 81.05 44.33 -78.71
N VAL XD 153 81.44 45.30 -79.55
CA VAL XD 153 82.80 45.40 -80.09
C VAL XD 153 83.49 46.66 -79.58
N TYR XD 154 84.71 46.50 -79.08
CA TYR XD 154 85.50 47.57 -78.47
C TYR XD 154 86.72 47.95 -79.29
N GLU XD 155 87.15 49.19 -79.09
CA GLU XD 155 88.43 49.67 -79.59
C GLU XD 155 89.58 48.87 -78.95
N ARG XD 156 90.65 48.73 -79.73
CA ARG XD 156 91.85 48.02 -79.29
C ARG XD 156 92.50 48.64 -78.06
N GLY XD 157 92.88 47.77 -77.12
CA GLY XD 157 93.48 48.20 -75.87
C GLY XD 157 92.53 48.48 -74.74
N SER XD 158 91.35 47.89 -74.77
CA SER XD 158 90.31 48.03 -73.76
C SER XD 158 90.33 46.88 -72.78
N PRO XD 159 90.32 47.12 -71.46
CA PRO XD 159 90.24 46.01 -70.50
C PRO XD 159 88.83 45.44 -70.43
N LEU XD 160 88.57 44.50 -71.34
CA LEU XD 160 87.25 43.90 -71.48
C LEU XD 160 86.71 43.36 -70.17
N ALA XD 161 87.54 42.62 -69.44
CA ALA XD 161 87.10 42.08 -68.16
C ALA XD 161 86.57 43.16 -67.25
N HIS XD 162 87.30 44.28 -67.12
CA HIS XD 162 86.81 45.35 -66.27
C HIS XD 162 85.63 46.10 -66.87
N GLN XD 163 85.39 45.99 -68.17
CA GLN XD 163 84.27 46.74 -68.74
C GLN XD 163 82.97 45.96 -68.76
N ILE XD 164 82.98 44.65 -68.52
CA ILE XD 164 81.69 43.96 -68.49
C ILE XD 164 80.83 44.49 -67.35
N SER XD 165 81.46 44.82 -66.22
CA SER XD 165 80.74 45.33 -65.07
C SER XD 165 79.86 46.54 -65.42
N ASP XD 166 80.43 47.54 -66.07
CA ASP XD 166 79.64 48.72 -66.44
C ASP XD 166 78.40 48.37 -67.24
N ILE XD 167 78.55 47.56 -68.28
CA ILE XD 167 77.39 47.16 -69.08
C ILE XD 167 76.33 46.50 -68.20
N LYS XD 168 76.72 45.48 -67.44
CA LYS XD 168 75.74 44.84 -66.57
C LYS XD 168 75.03 45.83 -65.66
N ARG XD 169 75.78 46.72 -65.02
CA ARG XD 169 75.17 47.70 -64.14
C ARG XD 169 74.17 48.57 -64.88
N PHE XD 170 74.51 48.94 -66.11
CA PHE XD 170 73.62 49.76 -66.91
C PHE XD 170 72.34 49.03 -67.29
N LEU XD 171 72.43 47.77 -67.69
CA LEU XD 171 71.24 47.06 -68.13
C LEU XD 171 70.33 46.65 -66.99
N LYS XD 172 70.89 46.27 -65.85
CA LYS XD 172 70.07 45.80 -64.73
C LYS XD 172 68.88 46.70 -64.42
N ASN XD 173 69.06 48.00 -64.36
CA ASN XD 173 67.97 48.91 -64.00
C ASN XD 173 67.04 49.32 -65.13
N SER XD 174 67.20 48.83 -66.34
CA SER XD 174 66.26 49.24 -67.37
C SER XD 174 64.95 48.47 -67.32
N PHE XD 175 64.81 47.49 -66.43
CA PHE XD 175 63.60 46.68 -66.34
C PHE XD 175 63.20 46.50 -64.89
N ALA XD 176 61.92 46.21 -64.70
CA ALA XD 176 61.37 46.04 -63.36
C ALA XD 176 62.00 44.91 -62.56
N ASP XD 177 62.42 43.82 -63.19
CA ASP XD 177 62.96 42.71 -62.39
C ASP XD 177 63.97 41.93 -63.22
N VAL XD 178 65.24 42.17 -62.94
CA VAL XD 178 66.32 41.51 -63.64
C VAL XD 178 67.41 41.22 -62.62
N ASP XD 179 68.00 40.04 -62.72
CA ASP XD 179 69.09 39.63 -61.86
C ASP XD 179 70.38 39.55 -62.66
N TYR XD 180 71.48 39.93 -62.02
CA TYR XD 180 72.77 39.83 -62.69
C TYR XD 180 72.98 38.43 -63.24
N ASP XD 181 72.43 37.43 -62.57
CA ASP XD 181 72.52 36.07 -63.07
C ASP XD 181 71.87 35.91 -64.44
N ASN XD 182 70.83 36.68 -64.73
CA ASN XD 182 70.09 36.57 -65.99
C ASN XD 182 70.61 37.46 -67.12
N ILE XD 183 71.79 38.04 -67.01
CA ILE XD 183 72.34 38.89 -68.05
C ILE XD 183 73.61 38.28 -68.62
N SER XD 184 73.59 37.99 -69.92
CA SER XD 184 74.74 37.47 -70.66
C SER XD 184 75.38 38.57 -71.49
N VAL XD 185 76.71 38.67 -71.42
CA VAL XD 185 77.46 39.70 -72.12
C VAL XD 185 78.67 39.08 -72.81
N VAL XD 186 78.82 39.35 -74.10
CA VAL XD 186 79.96 38.88 -74.90
C VAL XD 186 80.62 40.08 -75.58
N LEU XD 187 81.93 40.20 -75.39
CA LEU XD 187 82.72 41.31 -75.91
C LEU XD 187 83.82 40.84 -76.85
N SER XD 188 84.17 41.68 -77.81
CA SER XD 188 85.26 41.36 -78.73
C SER XD 188 85.97 42.63 -79.16
N GLU XD 189 87.22 42.50 -79.59
CA GLU XD 189 88.00 43.61 -80.12
C GLU XD 189 87.91 43.76 -81.63
N ARG XD 190 88.09 44.98 -82.08
CA ARG XD 190 88.24 45.30 -83.50
C ARG XD 190 89.43 44.58 -84.11
N SER XD 191 89.24 44.08 -85.33
CA SER XD 191 90.29 43.49 -86.13
C SER XD 191 91.30 44.53 -86.61
N ASP XD 192 92.42 44.03 -87.14
CA ASP XD 192 93.45 44.86 -87.75
C ASP XD 192 92.89 45.74 -88.86
N ALA XD 193 93.40 46.97 -88.91
CA ALA XD 193 93.00 47.95 -89.91
C ALA XD 193 93.51 47.64 -91.32
N GLN XD 194 92.63 47.74 -92.30
CA GLN XD 194 92.98 47.63 -93.72
C GLN XD 194 93.25 48.99 -94.33
N LEU XD 195 94.51 49.42 -94.28
CA LEU XD 195 94.92 50.74 -94.75
C LEU XD 195 95.62 50.73 -96.10
N GLN XD 196 96.47 49.75 -96.37
CA GLN XD 196 97.16 49.69 -97.66
C GLN XD 196 96.27 49.14 -98.76
N ALA XD 197 96.39 49.74 -99.94
CA ALA XD 197 95.62 49.36 -101.12
C ALA XD 197 96.08 48.04 -101.73
N PRO XD 198 95.16 47.28 -102.32
CA PRO XD 198 95.53 46.05 -103.04
C PRO XD 198 96.34 46.32 -104.28
N GLY XD 199 97.15 45.33 -104.66
CA GLY XD 199 97.94 45.41 -105.88
C GLY XD 199 97.16 45.11 -107.15
N THR XD 200 97.46 45.87 -108.19
CA THR XD 200 96.83 45.69 -109.50
C THR XD 200 97.46 44.52 -110.25
N PRO XD 201 96.66 43.65 -110.87
CA PRO XD 201 97.24 42.57 -111.68
C PRO XD 201 98.22 43.12 -112.71
N VAL XD 202 99.32 42.39 -112.90
CA VAL XD 202 100.29 42.76 -113.91
C VAL XD 202 99.75 42.41 -115.29
N ASP YD 20 88.19 61.58 -108.24
CA ASP YD 20 87.58 61.34 -106.94
C ASP YD 20 86.53 60.25 -107.04
N LYS YD 21 86.40 59.45 -106.00
CA LYS YD 21 85.45 58.36 -105.96
C LYS YD 21 84.30 58.68 -105.02
N ASP YD 22 83.10 58.36 -105.47
CA ASP YD 22 81.88 58.53 -104.67
C ASP YD 22 81.73 57.45 -103.62
N LEU YD 23 81.63 57.89 -102.36
CA LEU YD 23 81.31 57.01 -101.24
C LEU YD 23 79.82 56.88 -101.02
N LEU YD 24 79.12 57.99 -100.87
CA LEU YD 24 77.73 57.96 -100.44
C LEU YD 24 76.98 59.08 -101.13
N LYS YD 25 75.70 58.84 -101.39
CA LYS YD 25 74.83 59.84 -102.00
C LYS YD 25 73.47 59.84 -101.33
N GLY YD 26 72.72 60.90 -101.60
CA GLY YD 26 71.41 61.08 -101.00
C GLY YD 26 71.38 61.13 -99.49
N LEU YD 27 72.45 61.61 -98.86
CA LEU YD 27 72.48 61.71 -97.42
C LEU YD 27 71.63 62.88 -96.94
N ASP YD 28 71.21 62.82 -95.68
CA ASP YD 28 70.70 63.98 -94.98
C ASP YD 28 71.82 64.78 -94.32
N GLN YD 29 71.53 66.06 -94.08
CA GLN YD 29 72.49 66.99 -93.49
C GLN YD 29 73.15 66.46 -92.23
N GLU YD 30 72.39 65.80 -91.37
CA GLU YD 30 72.88 65.33 -90.09
C GLU YD 30 73.48 63.94 -90.17
N GLN YD 31 73.33 63.27 -91.29
CA GLN YD 31 74.18 62.14 -91.57
C GLN YD 31 75.52 62.60 -92.11
N ALA YD 32 75.49 63.54 -93.05
CA ALA YD 32 76.72 63.98 -93.70
C ALA YD 32 77.70 64.58 -92.70
N ASN YD 33 77.21 65.35 -91.73
CA ASN YD 33 78.16 65.94 -90.79
C ASN YD 33 78.78 64.90 -89.85
N GLU YD 34 78.05 63.83 -89.55
CA GLU YD 34 78.63 62.74 -88.78
C GLU YD 34 79.67 61.99 -89.58
N VAL YD 35 79.42 61.76 -90.86
CA VAL YD 35 80.40 61.06 -91.69
C VAL YD 35 81.68 61.88 -91.80
N ILE YD 36 81.56 63.17 -92.10
CA ILE YD 36 82.76 63.98 -92.20
C ILE YD 36 83.54 63.96 -90.90
N ALA YD 37 82.84 64.01 -89.76
CA ALA YD 37 83.55 63.98 -88.49
C ALA YD 37 84.36 62.70 -88.31
N VAL YD 38 83.74 61.56 -88.62
CA VAL YD 38 84.45 60.30 -88.45
C VAL YD 38 85.59 60.13 -89.43
N LEU YD 39 85.47 60.64 -90.65
CA LEU YD 39 86.61 60.51 -91.55
C LEU YD 39 87.76 61.43 -91.15
N GLN YD 40 87.48 62.68 -90.85
CA GLN YD 40 88.53 63.59 -90.39
C GLN YD 40 89.29 63.05 -89.20
N MET YD 41 88.60 62.41 -88.26
CA MET YD 41 89.34 61.90 -87.11
C MET YD 41 90.48 60.95 -87.49
N HIS YD 42 90.34 60.16 -88.55
CA HIS YD 42 91.38 59.23 -88.99
C HIS YD 42 92.30 59.79 -90.06
N ASN YD 43 92.35 61.10 -90.20
CA ASN YD 43 93.19 61.78 -91.19
C ASN YD 43 92.81 61.57 -92.65
N ILE YD 44 91.52 61.48 -92.95
CA ILE YD 44 91.06 61.36 -94.33
C ILE YD 44 90.33 62.65 -94.66
N GLU YD 45 90.86 63.40 -95.60
CA GLU YD 45 90.23 64.62 -96.11
C GLU YD 45 89.07 64.31 -97.05
N ALA YD 46 87.88 64.79 -96.70
CA ALA YD 46 86.68 64.48 -97.45
C ALA YD 46 86.00 65.78 -97.90
N ASN YD 47 85.14 65.66 -98.91
CA ASN YD 47 84.41 66.79 -99.47
C ASN YD 47 82.92 66.50 -99.52
N LYS YD 48 82.14 67.49 -99.10
CA LYS YD 48 80.69 67.44 -99.09
C LYS YD 48 80.13 68.33 -100.19
N ILE YD 49 79.26 67.77 -101.01
CA ILE YD 49 78.65 68.44 -102.15
C ILE YD 49 77.14 68.39 -102.00
N ASP YD 50 76.48 69.49 -102.34
CA ASP YD 50 75.03 69.64 -102.23
C ASP YD 50 74.36 69.64 -103.60
N SER YD 51 73.39 68.74 -103.77
CA SER YD 51 72.59 68.62 -104.98
C SER YD 51 71.13 69.01 -104.77
N GLY YD 52 70.83 69.67 -103.66
CA GLY YD 52 69.48 70.03 -103.26
C GLY YD 52 68.48 68.93 -103.00
N LYS YD 53 67.46 68.82 -103.85
CA LYS YD 53 66.50 67.72 -103.72
C LYS YD 53 67.14 66.34 -103.75
N LEU YD 54 68.36 66.21 -104.23
CA LEU YD 54 69.04 64.92 -104.26
C LEU YD 54 69.90 64.69 -103.02
N GLY YD 55 69.97 65.65 -102.12
CA GLY YD 55 70.82 65.59 -100.94
C GLY YD 55 72.31 65.83 -101.12
N TYR YD 56 73.04 65.43 -100.08
CA TYR YD 56 74.49 65.56 -100.03
C TYR YD 56 75.25 64.32 -100.50
N SER YD 57 76.41 64.56 -101.07
CA SER YD 57 77.33 63.54 -101.55
C SER YD 57 78.68 63.75 -100.90
N ILE YD 58 79.39 62.65 -100.67
CA ILE YD 58 80.70 62.66 -100.02
C ILE YD 58 81.71 62.04 -100.97
N THR YD 59 82.85 62.71 -101.13
CA THR YD 59 83.89 62.22 -102.03
C THR YD 59 85.25 62.35 -101.37
N VAL YD 60 86.15 61.45 -101.79
CA VAL YD 60 87.52 61.40 -101.29
C VAL YD 60 88.45 61.07 -102.44
N ALA YD 61 89.74 61.32 -102.22
CA ALA YD 61 90.78 60.92 -103.15
C ALA YD 61 91.01 59.40 -103.14
N GLU YD 62 91.55 58.95 -104.26
CA GLU YD 62 91.87 57.54 -104.46
C GLU YD 62 92.81 56.97 -103.41
N PRO YD 63 93.93 57.59 -103.09
CA PRO YD 63 94.79 57.03 -102.04
C PRO YD 63 94.08 56.79 -100.73
N ASP YD 64 93.00 57.49 -100.45
CA ASP YD 64 92.28 57.32 -99.19
C ASP YD 64 91.01 56.51 -99.34
N PHE YD 65 90.64 56.12 -100.55
CA PHE YD 65 89.40 55.40 -100.77
C PHE YD 65 89.34 54.12 -99.94
N THR YD 66 90.36 53.27 -100.04
CA THR YD 66 90.39 52.02 -99.28
C THR YD 66 90.15 52.21 -97.79
N ALA YD 67 90.93 53.09 -97.16
CA ALA YD 67 90.74 53.35 -95.74
C ALA YD 67 89.33 53.85 -95.44
N ALA YD 68 88.83 54.77 -96.24
CA ALA YD 68 87.50 55.30 -95.96
C ALA YD 68 86.45 54.21 -96.03
N VAL YD 69 86.59 53.28 -96.97
CA VAL YD 69 85.68 52.14 -97.05
C VAL YD 69 85.75 51.31 -95.79
N TYR YD 70 86.95 50.98 -95.34
CA TYR YD 70 87.07 50.17 -94.13
C TYR YD 70 86.46 50.85 -92.91
N TRP YD 71 86.65 52.16 -92.76
CA TRP YD 71 86.04 52.83 -91.61
C TRP YD 71 84.52 52.92 -91.73
N ILE YD 72 83.99 53.22 -92.90
CA ILE YD 72 82.54 53.23 -93.07
C ILE YD 72 81.95 51.88 -92.68
N LYS YD 73 82.58 50.79 -93.10
CA LYS YD 73 82.11 49.50 -92.62
C LYS YD 73 82.25 49.37 -91.11
N THR YD 74 83.40 49.73 -90.55
CA THR YD 74 83.62 49.46 -89.13
C THR YD 74 82.63 50.21 -88.26
N TYR YD 75 82.28 51.44 -88.61
CA TYR YD 75 81.28 52.17 -87.84
C TYR YD 75 79.85 51.94 -88.32
N GLN YD 76 79.63 51.14 -89.34
CA GLN YD 76 78.29 50.96 -89.89
C GLN YD 76 77.61 52.28 -90.25
N LEU YD 77 78.37 53.19 -90.81
CA LEU YD 77 77.80 54.45 -91.23
C LEU YD 77 77.02 54.22 -92.52
N PRO YD 78 76.12 55.13 -92.90
CA PRO YD 78 75.62 56.31 -92.20
C PRO YD 78 74.72 55.98 -91.04
N PRO YD 79 74.54 56.91 -90.11
CA PRO YD 79 73.77 56.61 -88.91
C PRO YD 79 72.27 56.56 -89.18
N ARG YD 80 71.55 56.00 -88.22
CA ARG YD 80 70.10 55.87 -88.27
C ARG YD 80 69.44 57.09 -87.66
N PRO YD 81 68.14 57.25 -87.87
CA PRO YD 81 67.37 58.15 -87.02
C PRO YD 81 67.21 57.61 -85.60
N ARG YD 82 67.05 58.53 -84.66
CA ARG YD 82 66.78 58.17 -83.27
C ARG YD 82 65.42 57.49 -83.15
N VAL YD 83 65.34 56.52 -82.24
CA VAL YD 83 64.12 55.79 -81.96
C VAL YD 83 63.49 56.29 -80.67
N GLU YD 84 62.19 56.61 -80.73
CA GLU YD 84 61.42 57.00 -79.55
C GLU YD 84 60.12 56.22 -79.52
N ILE YD 85 59.75 55.75 -78.33
CA ILE YD 85 58.65 54.79 -78.23
C ILE YD 85 57.36 55.41 -78.73
N ALA YD 86 57.20 56.71 -78.56
CA ALA YD 86 56.04 57.41 -79.12
C ALA YD 86 55.85 57.20 -80.60
N GLN YD 87 56.92 56.87 -81.35
CA GLN YD 87 56.77 56.65 -82.78
C GLN YD 87 56.00 55.38 -83.11
N MET YD 88 55.91 54.43 -82.19
CA MET YD 88 55.15 53.22 -82.46
C MET YD 88 53.65 53.39 -82.26
N PHE YD 89 53.21 54.41 -81.53
CA PHE YD 89 51.80 54.57 -81.16
C PHE YD 89 51.37 55.99 -81.45
N PRO YD 90 51.35 56.39 -82.71
CA PRO YD 90 51.18 57.81 -83.02
C PRO YD 90 49.88 58.35 -82.48
N ALA YD 91 49.93 59.56 -81.95
CA ALA YD 91 48.72 60.25 -81.52
C ALA YD 91 47.75 60.51 -82.67
N ASP YD 92 48.18 60.28 -83.90
CA ASP YD 92 47.34 60.49 -85.06
C ASP YD 92 46.53 59.25 -85.45
N SER YD 93 46.75 58.12 -84.81
CA SER YD 93 45.83 57.01 -84.98
C SER YD 93 44.47 57.41 -84.43
N LEU YD 94 43.42 56.95 -85.10
CA LEU YD 94 42.07 57.34 -84.70
C LEU YD 94 41.64 56.72 -83.39
N VAL YD 95 42.20 55.59 -83.01
CA VAL YD 95 41.94 54.97 -81.72
C VAL YD 95 43.25 54.76 -81.00
N SER YD 96 43.24 54.93 -79.68
CA SER YD 96 44.36 54.54 -78.84
C SER YD 96 43.86 53.73 -77.66
N SER YD 97 44.44 52.56 -77.46
CA SER YD 97 44.15 51.78 -76.29
C SER YD 97 44.84 52.39 -75.06
N PRO YD 98 44.38 52.03 -73.87
CA PRO YD 98 45.08 52.49 -72.67
C PRO YD 98 46.56 52.18 -72.69
N ARG YD 99 46.94 51.01 -73.20
CA ARG YD 99 48.35 50.66 -73.33
C ARG YD 99 49.09 51.70 -74.16
N ALA YD 100 48.50 52.10 -75.28
CA ALA YD 100 49.11 53.11 -76.13
C ALA YD 100 49.25 54.44 -75.41
N GLU YD 101 48.19 54.89 -74.76
CA GLU YD 101 48.28 56.19 -74.11
C GLU YD 101 49.33 56.21 -73.00
N LYS YD 102 49.38 55.15 -72.20
CA LYS YD 102 50.39 55.09 -71.15
C LYS YD 102 51.81 55.01 -71.71
N ALA YD 103 51.96 54.38 -72.88
CA ALA YD 103 53.26 54.35 -73.53
C ALA YD 103 53.69 55.74 -73.99
N ARG YD 104 52.79 56.47 -74.65
CA ARG YD 104 53.13 57.83 -75.04
C ARG YD 104 53.50 58.68 -73.84
N LEU YD 105 52.77 58.54 -72.73
CA LEU YD 105 53.10 59.33 -71.56
C LEU YD 105 54.54 59.09 -71.10
N TYR YD 106 54.92 57.83 -70.93
CA TYR YD 106 56.28 57.59 -70.46
C TYR YD 106 57.32 58.03 -71.48
N SER YD 107 57.04 57.81 -72.76
CA SER YD 107 58.00 58.22 -73.77
C SER YD 107 58.17 59.74 -73.85
N ALA YD 108 57.20 60.49 -73.35
CA ALA YD 108 57.40 61.94 -73.30
C ALA YD 108 58.17 62.36 -72.06
N ILE YD 109 57.94 61.69 -70.94
CA ILE YD 109 58.71 62.02 -69.75
C ILE YD 109 60.19 61.73 -69.93
N GLU YD 110 60.54 60.61 -70.57
CA GLU YD 110 61.95 60.33 -70.83
C GLU YD 110 62.66 61.47 -71.55
N GLN YD 111 62.06 61.98 -72.61
CA GLN YD 111 62.68 63.05 -73.37
C GLN YD 111 62.76 64.33 -72.56
N ARG YD 112 61.75 64.61 -71.74
CA ARG YD 112 61.79 65.85 -70.99
C ARG YD 112 62.86 65.80 -69.90
N LEU YD 113 63.13 64.62 -69.36
CA LEU YD 113 64.26 64.51 -68.43
C LEU YD 113 65.60 64.65 -69.12
N GLU YD 114 65.80 64.05 -70.29
CA GLU YD 114 67.08 64.27 -70.95
C GLU YD 114 67.32 65.75 -71.21
N GLN YD 115 66.31 66.44 -71.72
CA GLN YD 115 66.48 67.87 -71.97
C GLN YD 115 66.77 68.64 -70.70
N SER YD 116 66.25 68.19 -69.56
CA SER YD 116 66.58 68.94 -68.35
C SER YD 116 67.99 68.65 -67.89
N LEU YD 117 68.43 67.39 -67.94
CA LEU YD 117 69.78 67.06 -67.52
C LEU YD 117 70.83 67.82 -68.30
N GLN YD 118 70.61 68.03 -69.60
CA GLN YD 118 71.63 68.78 -70.34
C GLN YD 118 71.82 70.21 -69.85
N THR YD 119 70.91 70.76 -69.06
CA THR YD 119 71.10 72.08 -68.49
C THR YD 119 72.00 72.11 -67.26
N MET YD 120 72.25 70.99 -66.60
CA MET YD 120 73.13 71.03 -65.46
C MET YD 120 74.51 71.53 -65.86
N GLU YD 121 75.27 71.93 -64.85
CA GLU YD 121 76.61 72.47 -65.05
C GLU YD 121 77.63 71.45 -65.53
N GLY YD 122 78.21 71.68 -66.71
CA GLY YD 122 79.21 70.82 -67.29
C GLY YD 122 78.72 69.70 -68.16
N VAL YD 123 77.45 69.30 -68.05
CA VAL YD 123 76.98 68.15 -68.81
C VAL YD 123 76.87 68.53 -70.28
N LEU YD 124 77.57 67.79 -71.15
CA LEU YD 124 77.46 67.99 -72.58
C LEU YD 124 76.30 67.22 -73.20
N SER YD 125 76.04 65.99 -72.75
CA SER YD 125 74.89 65.25 -73.25
C SER YD 125 74.54 64.16 -72.26
N ALA YD 126 73.31 63.66 -72.37
CA ALA YD 126 72.87 62.60 -71.47
C ALA YD 126 71.76 61.80 -72.14
N ARG YD 127 71.52 60.62 -71.59
CA ARG YD 127 70.42 59.77 -72.02
C ARG YD 127 69.80 59.10 -70.81
N VAL YD 128 68.48 58.89 -70.84
CA VAL YD 128 67.77 58.31 -69.71
C VAL YD 128 66.81 57.23 -70.20
N HIS YD 129 66.58 56.23 -69.34
CA HIS YD 129 65.66 55.14 -69.61
C HIS YD 129 64.80 54.87 -68.38
N ILE YD 130 63.53 54.48 -68.62
CA ILE YD 130 62.56 54.20 -67.56
C ILE YD 130 61.98 52.81 -67.76
N SER YD 131 61.79 52.08 -66.66
CA SER YD 131 61.12 50.77 -66.72
C SER YD 131 59.66 50.91 -67.12
N TYR YD 132 59.31 50.48 -68.33
CA TYR YD 132 57.91 50.44 -68.74
C TYR YD 132 57.13 49.33 -68.03
N ASP YD 133 56.17 49.72 -67.20
CA ASP YD 133 55.24 48.76 -66.59
C ASP YD 133 54.12 48.36 -67.54
N ILE YD 134 53.98 49.08 -68.65
CA ILE YD 134 52.89 48.92 -69.60
C ILE YD 134 52.99 47.57 -70.31
N ASP YD 135 54.04 46.82 -70.04
CA ASP YD 135 54.06 45.44 -70.48
C ASP YD 135 53.00 44.59 -69.81
N ALA YD 136 52.34 45.12 -68.78
CA ALA YD 136 51.02 44.67 -68.39
C ALA YD 136 50.14 45.89 -68.16
N GLY YD 137 48.83 45.67 -68.18
CA GLY YD 137 47.97 46.74 -67.74
C GLY YD 137 48.11 47.05 -66.28
N GLU YD 138 48.76 46.16 -65.52
CA GLU YD 138 48.76 46.13 -64.06
C GLU YD 138 47.37 45.81 -63.50
N ASN YD 139 46.48 45.26 -64.31
CA ASN YD 139 45.15 44.89 -63.84
C ASN YD 139 45.23 43.68 -62.92
N GLY YD 140 44.39 43.69 -61.89
CA GLY YD 140 44.38 42.61 -60.93
C GLY YD 140 45.63 42.46 -60.08
N ARG YD 141 46.58 43.37 -60.17
CA ARG YD 141 47.89 43.15 -59.56
C ARG YD 141 48.41 44.45 -58.95
N PRO YD 142 49.17 44.36 -57.86
CA PRO YD 142 49.78 45.56 -57.29
C PRO YD 142 50.86 46.08 -58.21
N PRO YD 143 50.91 47.40 -58.42
CA PRO YD 143 51.87 47.94 -59.38
C PRO YD 143 53.31 47.82 -58.92
N LYS YD 144 54.18 47.42 -59.84
CA LYS YD 144 55.61 47.32 -59.53
C LYS YD 144 56.22 48.70 -59.36
N PRO YD 145 57.29 48.82 -58.57
CA PRO YD 145 58.02 50.09 -58.49
C PRO YD 145 58.82 50.35 -59.75
N VAL YD 146 59.21 51.60 -59.92
CA VAL YD 146 59.91 52.08 -61.11
C VAL YD 146 61.42 51.93 -60.96
N HIS YD 147 62.10 51.77 -62.10
CA HIS YD 147 63.55 51.85 -62.19
C HIS YD 147 63.98 52.84 -63.25
N LEU YD 148 65.18 53.42 -63.07
CA LEU YD 148 65.74 54.44 -63.96
C LEU YD 148 67.20 54.12 -64.29
N SER YD 149 67.62 54.44 -65.51
CA SER YD 149 69.03 54.40 -65.89
C SER YD 149 69.46 55.68 -66.60
N ALA YD 150 70.67 56.17 -66.31
CA ALA YD 150 71.19 57.36 -66.97
C ALA YD 150 72.64 57.22 -67.40
N LEU YD 151 72.94 57.75 -68.59
CA LEU YD 151 74.30 57.94 -69.10
C LEU YD 151 74.57 59.43 -69.26
N ALA YD 152 75.79 59.88 -68.96
CA ALA YD 152 76.13 61.27 -69.25
C ALA YD 152 77.60 61.48 -69.59
N VAL YD 153 77.85 62.49 -70.42
CA VAL YD 153 79.19 62.90 -70.84
C VAL YD 153 79.53 64.24 -70.19
N TYR YD 154 80.74 64.36 -69.64
CA TYR YD 154 81.18 65.56 -68.95
C TYR YD 154 82.38 66.22 -69.61
N GLU YD 155 82.53 67.51 -69.32
CA GLU YD 155 83.75 68.24 -69.66
C GLU YD 155 84.94 67.72 -68.86
N ARG YD 156 86.11 67.79 -69.49
CA ARG YD 156 87.37 67.36 -68.90
C ARG YD 156 87.73 68.10 -67.61
N GLY YD 157 88.17 67.34 -66.60
CA GLY YD 157 88.47 67.88 -65.28
C GLY YD 157 87.31 68.00 -64.31
N SER YD 158 86.29 67.18 -64.44
CA SER YD 158 85.09 67.14 -63.62
C SER YD 158 85.19 66.05 -62.55
N PRO YD 159 84.92 66.33 -61.26
CA PRO YD 159 84.90 65.27 -60.26
C PRO YD 159 83.66 64.40 -60.34
N LEU YD 160 83.78 63.39 -61.21
CA LEU YD 160 82.68 62.49 -61.51
C LEU YD 160 82.09 61.88 -60.25
N ALA YD 161 82.96 61.39 -59.36
CA ALA YD 161 82.49 60.80 -58.11
C ALA YD 161 81.57 61.75 -57.36
N HIS YD 162 81.99 63.01 -57.23
CA HIS YD 162 81.16 63.99 -56.54
C HIS YD 162 79.92 64.40 -57.31
N GLN YD 163 79.81 64.08 -58.60
CA GLN YD 163 78.62 64.50 -59.34
C GLN YD 163 77.59 63.39 -59.55
N ILE YD 164 77.95 62.14 -59.30
CA ILE YD 164 76.91 61.11 -59.25
C ILE YD 164 75.91 61.38 -58.14
N SER YD 165 76.36 61.93 -57.02
CA SER YD 165 75.44 62.26 -55.94
C SER YD 165 74.39 63.26 -56.40
N ASP YD 166 74.81 64.28 -57.13
CA ASP YD 166 73.87 65.29 -57.60
C ASP YD 166 72.85 64.68 -58.53
N ILE YD 167 73.30 63.90 -59.51
CA ILE YD 167 72.34 63.37 -60.46
C ILE YD 167 71.35 62.45 -59.76
N LYS YD 168 71.83 61.53 -58.93
CA LYS YD 168 70.89 60.67 -58.20
C LYS YD 168 69.90 61.47 -57.37
N ARG YD 169 70.34 62.54 -56.74
CA ARG YD 169 69.42 63.33 -55.93
C ARG YD 169 68.34 63.92 -56.81
N PHE YD 170 68.72 64.49 -57.93
CA PHE YD 170 67.73 65.09 -58.82
C PHE YD 170 66.71 64.06 -59.28
N LEU YD 171 67.18 62.91 -59.77
CA LEU YD 171 66.26 61.93 -60.33
C LEU YD 171 65.32 61.35 -59.28
N LYS YD 172 65.78 61.13 -58.06
CA LYS YD 172 64.97 60.37 -57.12
C LYS YD 172 63.56 60.92 -56.92
N ASN YD 173 63.40 62.23 -56.81
CA ASN YD 173 62.08 62.81 -56.60
C ASN YD 173 61.28 63.06 -57.86
N SER YD 174 61.83 62.79 -59.03
CA SER YD 174 61.00 62.92 -60.23
C SER YD 174 59.91 61.86 -60.31
N PHE YD 175 59.82 60.91 -59.39
CA PHE YD 175 58.84 59.84 -59.51
C PHE YD 175 58.31 59.44 -58.14
N ALA YD 176 57.16 58.77 -58.17
CA ALA YD 176 56.34 58.63 -56.98
C ALA YD 176 56.89 57.66 -55.95
N ASP YD 177 57.72 56.70 -56.36
CA ASP YD 177 58.42 55.88 -55.38
C ASP YD 177 59.64 55.25 -56.03
N VAL YD 178 60.82 55.73 -55.66
CA VAL YD 178 62.08 55.25 -56.20
C VAL YD 178 63.09 55.21 -55.08
N ASP YD 179 63.96 54.23 -55.10
CA ASP YD 179 64.99 54.05 -54.07
C ASP YD 179 66.36 54.31 -54.68
N TYR YD 180 67.26 54.89 -53.89
CA TYR YD 180 68.58 55.17 -54.44
C TYR YD 180 69.24 53.91 -54.94
N ASP YD 181 68.85 52.78 -54.37
CA ASP YD 181 69.30 51.48 -54.86
C ASP YD 181 68.93 51.24 -56.33
N ASN YD 182 67.76 51.70 -56.75
CA ASN YD 182 67.25 51.40 -58.08
C ASN YD 182 67.56 52.44 -59.13
N ILE YD 183 68.57 53.29 -58.93
CA ILE YD 183 69.00 54.23 -59.95
C ILE YD 183 70.45 53.93 -60.31
N SER YD 184 70.68 53.65 -61.58
CA SER YD 184 72.02 53.47 -62.14
C SER YD 184 72.51 54.72 -62.86
N VAL YD 185 73.78 55.09 -62.66
CA VAL YD 185 74.38 56.22 -63.35
C VAL YD 185 75.74 55.82 -63.88
N VAL YD 186 75.96 56.05 -65.17
CA VAL YD 186 77.26 55.86 -65.83
C VAL YD 186 77.74 57.17 -66.43
N LEU YD 187 78.96 57.60 -66.06
CA LEU YD 187 79.50 58.87 -66.52
C LEU YD 187 80.80 58.64 -67.28
N SER YD 188 81.06 59.52 -68.24
CA SER YD 188 82.31 59.45 -69.00
C SER YD 188 82.77 60.85 -69.38
N GLU YD 189 84.07 60.99 -69.62
CA GLU YD 189 84.65 62.25 -70.08
C GLU YD 189 84.75 62.37 -71.58
N ARG YD 190 84.71 63.62 -72.06
CA ARG YD 190 85.00 63.95 -73.45
C ARG YD 190 86.39 63.51 -73.87
N SER YD 191 86.47 62.97 -75.08
CA SER YD 191 87.73 62.64 -75.72
C SER YD 191 88.51 63.89 -76.10
N ASP YD 192 89.78 63.68 -76.46
CA ASP YD 192 90.63 64.75 -76.96
C ASP YD 192 90.03 65.47 -78.17
N ALA YD 193 90.20 66.78 -78.19
CA ALA YD 193 89.73 67.64 -79.27
C ALA YD 193 90.52 67.48 -80.56
N GLN YD 194 89.78 67.36 -81.67
CA GLN YD 194 90.30 67.33 -83.04
C GLN YD 194 90.31 68.73 -83.65
N LEU YD 195 91.41 69.44 -83.47
CA LEU YD 195 91.52 70.84 -83.91
C LEU YD 195 92.32 71.01 -85.20
N GLN YD 196 93.42 70.29 -85.37
CA GLN YD 196 94.22 70.42 -86.58
C GLN YD 196 93.62 69.68 -87.76
N ALA YD 197 93.72 70.30 -88.93
CA ALA YD 197 93.20 69.73 -90.18
C ALA YD 197 94.03 68.57 -90.70
N PRO YD 198 93.40 67.61 -91.36
CA PRO YD 198 94.13 66.52 -91.98
C PRO YD 198 95.00 66.96 -93.16
N GLY YD 199 96.04 66.18 -93.39
CA GLY YD 199 96.95 66.42 -94.51
C GLY YD 199 96.42 65.93 -95.85
N THR YD 200 96.70 66.73 -96.89
CA THR YD 200 96.31 66.41 -98.26
C THR YD 200 97.28 65.39 -98.87
N PRO YD 201 96.79 64.37 -99.55
CA PRO YD 201 97.68 63.42 -100.24
C PRO YD 201 98.68 64.13 -101.14
N VAL YD 202 99.92 63.64 -101.13
CA VAL YD 202 100.95 64.16 -102.01
C VAL YD 202 100.72 63.71 -103.44
N ALA ZD 171 91.08 111.24 -75.16
CA ALA ZD 171 89.85 110.69 -74.63
C ALA ZD 171 90.11 109.95 -73.32
N GLU ZD 172 89.89 110.62 -72.20
CA GLU ZD 172 90.15 109.96 -70.93
C GLU ZD 172 89.09 108.89 -70.66
N LEU ZD 173 89.45 107.98 -69.77
CA LEU ZD 173 88.54 106.90 -69.44
C LEU ZD 173 87.26 107.39 -68.77
N ASP ZD 174 87.36 108.39 -67.90
CA ASP ZD 174 86.17 108.89 -67.21
C ASP ZD 174 85.11 109.38 -68.19
N SER ZD 175 85.51 109.93 -69.32
CA SER ZD 175 84.55 110.44 -70.30
C SER ZD 175 83.75 109.33 -70.97
N LEU ZD 176 84.25 108.11 -70.95
CA LEU ZD 176 83.62 106.98 -71.63
C LEU ZD 176 82.69 106.16 -70.76
N LEU ZD 177 82.77 106.26 -69.44
CA LEU ZD 177 81.96 105.40 -68.59
C LEU ZD 177 80.52 105.84 -68.46
N GLY ZD 178 80.19 107.07 -68.82
CA GLY ZD 178 78.81 107.51 -68.65
C GLY ZD 178 78.57 108.93 -68.20
N GLN ZD 179 77.30 109.24 -67.97
CA GLN ZD 179 76.91 110.52 -67.40
C GLN ZD 179 77.17 110.61 -65.90
N GLU ZD 180 76.86 109.57 -65.15
CA GLU ZD 180 76.94 109.64 -63.69
C GLU ZD 180 78.39 109.42 -63.24
N LYS ZD 181 79.16 110.51 -63.28
CA LYS ZD 181 80.57 110.45 -62.95
C LYS ZD 181 80.83 109.95 -61.54
N GLU ZD 182 79.87 110.09 -60.63
CA GLU ZD 182 80.03 109.61 -59.27
C GLU ZD 182 80.06 108.10 -59.15
N ARG ZD 183 79.60 107.38 -60.17
CA ARG ZD 183 79.33 105.96 -59.99
C ARG ZD 183 80.61 105.12 -59.94
N PHE ZD 184 81.66 105.57 -60.62
CA PHE ZD 184 82.91 104.83 -60.77
C PHE ZD 184 84.05 105.66 -60.22
N GLN ZD 185 85.16 104.99 -59.93
CA GLN ZD 185 86.34 105.65 -59.43
C GLN ZD 185 87.56 105.06 -60.16
N VAL ZD 186 88.34 105.94 -60.77
CA VAL ZD 186 89.52 105.60 -61.55
C VAL ZD 186 90.78 105.80 -60.72
N LEU ZD 187 91.65 104.79 -60.68
CA LEU ZD 187 92.88 104.86 -59.92
C LEU ZD 187 94.06 104.41 -60.78
N PRO ZD 188 95.16 105.19 -60.81
CA PRO ZD 188 96.35 104.77 -61.55
C PRO ZD 188 97.24 103.85 -60.72
N GLY ZD 189 97.72 102.77 -61.33
CA GLY ZD 189 98.56 101.81 -60.64
C GLY ZD 189 100.03 101.94 -60.99
N ARG ZD 190 100.87 101.43 -60.10
CA ARG ZD 190 102.32 101.49 -60.28
C ARG ZD 190 102.80 100.75 -61.52
N ASP ZD 191 102.05 99.76 -61.99
CA ASP ZD 191 102.39 99.09 -63.24
C ASP ZD 191 101.95 99.89 -64.46
N LYS ZD 192 101.52 101.13 -64.26
CA LYS ZD 192 101.06 102.01 -65.34
C LYS ZD 192 99.83 101.45 -66.05
N MET ZD 193 98.82 101.11 -65.25
CA MET ZD 193 97.58 100.55 -65.75
C MET ZD 193 96.46 101.24 -64.99
N LEU ZD 194 95.34 101.52 -65.66
CA LEU ZD 194 94.19 102.10 -64.97
C LEU ZD 194 93.29 101.04 -64.34
N TYR ZD 195 92.99 101.20 -63.05
CA TYR ZD 195 92.11 100.33 -62.29
C TYR ZD 195 90.79 101.05 -62.01
N VAL ZD 196 89.70 100.48 -62.49
CA VAL ZD 196 88.35 101.02 -62.32
C VAL ZD 196 87.68 100.28 -61.16
N ALA ZD 197 87.36 101.01 -60.10
CA ALA ZD 197 86.69 100.46 -58.92
C ALA ZD 197 85.18 100.56 -59.06
N ALA ZD 198 84.51 99.41 -58.99
CA ALA ZD 198 83.06 99.26 -59.05
C ALA ZD 198 82.51 98.81 -57.71
N GLN ZD 199 81.20 98.98 -57.55
CA GLN ZD 199 80.48 98.64 -56.33
C GLN ZD 199 79.74 97.32 -56.39
N ASN ZD 200 79.42 96.80 -57.56
CA ASN ZD 200 78.60 95.60 -57.67
C ASN ZD 200 78.84 94.96 -59.03
N GLU ZD 201 78.23 93.78 -59.21
CA GLU ZD 201 78.33 93.07 -60.47
C GLU ZD 201 77.75 93.81 -61.66
N ARG ZD 202 76.50 94.27 -61.55
CA ARG ZD 202 75.88 94.99 -62.65
C ARG ZD 202 76.77 96.12 -63.15
N ASP ZD 203 77.27 96.95 -62.23
CA ASP ZD 203 78.22 98.00 -62.60
C ASP ZD 203 79.51 97.43 -63.17
N THR ZD 204 80.00 96.35 -62.60
CA THR ZD 204 81.20 95.72 -63.12
C THR ZD 204 81.05 95.40 -64.60
N LEU ZD 205 79.97 94.72 -64.96
CA LEU ZD 205 79.77 94.40 -66.37
C LEU ZD 205 79.51 95.64 -67.22
N TRP ZD 206 78.85 96.65 -66.65
CA TRP ZD 206 78.70 97.90 -67.39
C TRP ZD 206 80.04 98.49 -67.77
N ALA ZD 207 81.03 98.34 -66.90
CA ALA ZD 207 82.37 98.81 -67.24
C ALA ZD 207 83.11 97.86 -68.18
N ARG ZD 208 83.12 96.58 -67.86
CA ARG ZD 208 83.86 95.62 -68.69
C ARG ZD 208 83.43 95.66 -70.14
N GLN ZD 209 82.15 95.90 -70.41
CA GLN ZD 209 81.75 96.02 -71.82
C GLN ZD 209 82.54 97.09 -72.55
N VAL ZD 210 82.83 98.21 -71.90
CA VAL ZD 210 83.52 99.30 -72.59
C VAL ZD 210 84.93 98.90 -72.97
N LEU ZD 211 85.64 98.23 -72.06
CA LEU ZD 211 86.99 97.77 -72.35
C LEU ZD 211 86.99 96.67 -73.39
N ALA ZD 212 86.13 95.66 -73.22
CA ALA ZD 212 86.12 94.54 -74.16
C ALA ZD 212 85.71 94.97 -75.55
N ARG ZD 213 84.81 95.95 -75.66
CA ARG ZD 213 84.50 96.50 -76.97
C ARG ZD 213 85.72 97.13 -77.61
N GLY ZD 214 86.67 97.60 -76.80
CA GLY ZD 214 87.84 98.29 -77.30
C GLY ZD 214 87.62 99.76 -77.58
N ASP ZD 215 86.84 100.43 -76.73
CA ASP ZD 215 86.71 101.88 -76.87
C ASP ZD 215 87.97 102.60 -76.39
N TYR ZD 216 88.53 102.18 -75.27
CA TYR ZD 216 89.77 102.75 -74.78
C TYR ZD 216 90.97 102.07 -75.42
N ASP ZD 217 92.10 102.78 -75.44
CA ASP ZD 217 93.29 102.31 -76.14
C ASP ZD 217 94.44 101.84 -75.25
N LYS ZD 218 94.66 102.47 -74.10
CA LYS ZD 218 95.65 101.99 -73.13
C LYS ZD 218 95.10 100.84 -72.29
N ASN ZD 219 95.96 100.30 -71.42
CA ASN ZD 219 95.57 99.23 -70.52
C ASN ZD 219 94.73 99.68 -69.32
N ALA ZD 220 93.75 98.85 -69.01
CA ALA ZD 220 92.82 99.10 -67.93
C ALA ZD 220 92.29 97.77 -67.42
N ARG ZD 221 91.78 97.79 -66.20
CA ARG ZD 221 91.25 96.62 -65.53
C ARG ZD 221 90.11 97.06 -64.65
N VAL ZD 222 89.19 96.15 -64.37
CA VAL ZD 222 88.04 96.40 -63.50
C VAL ZD 222 88.18 95.55 -62.25
N ILE ZD 223 87.89 96.13 -61.09
CA ILE ZD 223 88.04 95.42 -59.83
C ILE ZD 223 86.92 95.72 -58.85
N ASN ZD 224 86.69 94.79 -57.92
CA ASN ZD 224 85.71 94.97 -56.87
C ASN ZD 224 86.16 94.18 -55.64
N GLU ZD 225 85.55 94.55 -54.51
CA GLU ZD 225 85.90 93.97 -53.21
C GLU ZD 225 85.82 92.45 -53.17
N ASN ZD 226 84.73 91.86 -53.66
CA ASN ZD 226 84.62 90.41 -53.60
C ASN ZD 226 85.72 89.71 -54.38
N GLU ZD 227 85.94 90.12 -55.62
CA GLU ZD 227 87.00 89.52 -56.42
C GLU ZD 227 88.35 89.64 -55.74
N GLU ZD 228 88.66 90.81 -55.20
CA GLU ZD 228 89.98 90.92 -54.59
C GLU ZD 228 90.10 90.10 -53.32
N ASN ZD 229 89.06 90.04 -52.49
CA ASN ZD 229 89.09 89.13 -51.36
C ASN ZD 229 89.43 87.71 -51.79
N LYS ZD 230 88.72 87.20 -52.79
CA LYS ZD 230 89.01 85.85 -53.31
C LYS ZD 230 90.46 85.69 -53.76
N ARG ZD 231 90.93 86.56 -54.64
CA ARG ZD 231 92.29 86.45 -55.15
C ARG ZD 231 93.32 86.46 -54.02
N ILE ZD 232 93.18 87.37 -53.08
CA ILE ZD 232 94.12 87.43 -51.97
C ILE ZD 232 94.07 86.15 -51.13
N SER ZD 233 92.87 85.64 -50.85
CA SER ZD 233 92.79 84.41 -50.10
C SER ZD 233 93.51 83.26 -50.81
N ILE ZD 234 93.34 83.16 -52.13
CA ILE ZD 234 94.07 82.15 -52.87
C ILE ZD 234 95.57 82.29 -52.70
N TRP ZD 235 96.09 83.52 -52.69
CA TRP ZD 235 97.53 83.66 -52.52
C TRP ZD 235 97.98 83.31 -51.09
N LEU ZD 236 97.25 83.78 -50.11
CA LEU ZD 236 97.55 83.42 -48.72
C LEU ZD 236 97.56 81.92 -48.53
N ASP ZD 237 96.63 81.21 -49.17
CA ASP ZD 237 96.62 79.75 -49.07
C ASP ZD 237 97.97 79.13 -49.39
N THR ZD 238 98.75 79.74 -50.27
CA THR ZD 238 100.03 79.17 -50.65
C THR ZD 238 101.15 79.64 -49.73
N TYR ZD 239 101.25 80.93 -49.44
CA TYR ZD 239 102.43 81.38 -48.68
C TYR ZD 239 102.23 81.51 -47.17
N TYR ZD 240 101.00 81.51 -46.67
CA TYR ZD 240 100.71 81.59 -45.23
C TYR ZD 240 99.58 80.62 -44.91
N PRO ZD 241 99.83 79.32 -45.03
CA PRO ZD 241 98.77 78.32 -44.91
C PRO ZD 241 98.19 78.15 -43.51
N GLN ZD 242 98.65 78.87 -42.50
CA GLN ZD 242 98.13 78.70 -41.15
C GLN ZD 242 97.69 80.03 -40.54
N LEU ZD 243 97.66 81.10 -41.32
CA LEU ZD 243 97.23 82.40 -40.83
C LEU ZD 243 95.72 82.47 -40.63
N ALA ZD 244 95.31 82.90 -39.45
CA ALA ZD 244 93.90 83.12 -39.09
C ALA ZD 244 93.52 84.57 -39.29
N TYR ZD 245 92.52 84.83 -40.15
CA TYR ZD 245 92.17 86.19 -40.48
C TYR ZD 245 90.70 86.24 -40.89
N TYR ZD 246 90.16 87.47 -40.95
CA TYR ZD 246 88.76 87.70 -41.28
C TYR ZD 246 88.52 88.25 -42.68
N ARG ZD 247 88.77 89.54 -42.90
CA ARG ZD 247 88.40 90.12 -44.19
C ARG ZD 247 89.23 91.38 -44.44
N ILE ZD 248 89.36 91.72 -45.72
CA ILE ZD 248 89.99 92.96 -46.17
C ILE ZD 248 88.95 93.94 -46.70
N HIS ZD 249 88.91 95.12 -46.08
CA HIS ZD 249 87.98 96.20 -46.40
C HIS ZD 249 88.61 97.23 -47.33
N PHE ZD 250 87.85 97.65 -48.34
CA PHE ZD 250 88.28 98.64 -49.33
C PHE ZD 250 87.44 99.91 -49.32
N ASP ZD 251 86.97 100.33 -48.14
CA ASP ZD 251 86.22 101.58 -48.07
C ASP ZD 251 87.04 102.71 -48.67
N GLU ZD 252 88.30 102.81 -48.28
CA GLU ZD 252 89.26 103.72 -48.88
C GLU ZD 252 90.20 102.82 -49.67
N PRO ZD 253 89.98 102.64 -50.98
CA PRO ZD 253 90.77 101.66 -51.72
C PRO ZD 253 92.26 101.94 -51.71
N ARG ZD 254 92.69 103.16 -51.42
CA ARG ZD 254 94.12 103.39 -51.37
C ARG ZD 254 94.75 102.95 -50.05
N LYS ZD 255 93.97 102.63 -49.03
CA LYS ZD 255 94.50 102.19 -47.74
C LYS ZD 255 93.64 101.10 -47.16
N PRO ZD 256 93.67 99.90 -47.74
CA PRO ZD 256 92.87 98.81 -47.21
C PRO ZD 256 93.23 98.47 -45.78
N VAL ZD 257 92.27 97.84 -45.10
CA VAL ZD 257 92.37 97.42 -43.72
C VAL ZD 257 92.23 95.91 -43.66
N PHE ZD 258 93.19 95.24 -43.05
CA PHE ZD 258 93.23 93.79 -42.96
C PHE ZD 258 93.07 93.38 -41.50
N TRP ZD 259 92.00 92.65 -41.20
CA TRP ZD 259 91.68 92.17 -39.85
C TRP ZD 259 92.23 90.78 -39.56
N LEU ZD 260 93.14 90.70 -38.60
CA LEU ZD 260 93.72 89.44 -38.13
C LEU ZD 260 93.17 89.12 -36.74
N SER ZD 261 93.16 87.83 -36.41
CA SER ZD 261 92.85 87.42 -35.05
C SER ZD 261 93.98 87.75 -34.07
N ARG ZD 262 93.59 88.23 -32.90
CA ARG ZD 262 94.53 88.43 -31.80
C ARG ZD 262 94.93 87.15 -31.09
N GLN ZD 263 94.00 86.21 -30.90
CA GLN ZD 263 94.34 84.97 -30.19
C GLN ZD 263 95.04 83.97 -31.09
N ARG ZD 264 94.49 83.70 -32.26
CA ARG ZD 264 94.94 82.57 -33.06
C ARG ZD 264 96.21 82.87 -33.85
N ASN ZD 265 96.78 84.07 -33.73
CA ASN ZD 265 98.06 84.39 -34.35
C ASN ZD 265 99.06 84.82 -33.30
N THR ZD 266 100.27 84.30 -33.43
CA THR ZD 266 101.43 84.76 -32.65
C THR ZD 266 102.56 85.10 -33.63
N MET ZD 267 102.80 86.38 -33.84
CA MET ZD 267 103.77 86.85 -34.82
C MET ZD 267 104.49 88.06 -34.24
N SER ZD 268 105.70 88.30 -34.70
CA SER ZD 268 106.38 89.53 -34.32
C SER ZD 268 105.94 90.71 -35.18
N LYS ZD 269 106.23 91.89 -34.65
CA LYS ZD 269 105.99 93.14 -35.37
C LYS ZD 269 106.69 93.15 -36.72
N LYS ZD 270 107.94 92.69 -36.76
CA LYS ZD 270 108.67 92.58 -38.02
C LYS ZD 270 107.94 91.70 -39.02
N GLU ZD 271 107.50 90.53 -38.57
CA GLU ZD 271 106.74 89.64 -39.44
C GLU ZD 271 105.49 90.31 -39.99
N LEU ZD 272 104.74 90.98 -39.12
CA LEU ZD 272 103.55 91.69 -39.59
C LEU ZD 272 103.90 92.75 -40.62
N GLU ZD 273 104.97 93.50 -40.39
CA GLU ZD 273 105.40 94.51 -41.34
C GLU ZD 273 105.75 93.89 -42.70
N VAL ZD 274 106.48 92.78 -42.68
CA VAL ZD 274 106.80 92.07 -43.91
C VAL ZD 274 105.54 91.67 -44.64
N LEU ZD 275 104.60 91.06 -43.93
CA LEU ZD 275 103.31 90.71 -44.51
C LEU ZD 275 102.67 91.91 -45.18
N SER ZD 276 102.67 93.04 -44.49
CA SER ZD 276 102.15 94.28 -45.04
C SER ZD 276 102.79 94.61 -46.38
N GLN ZD 277 104.12 94.56 -46.42
CA GLN ZD 277 104.80 94.91 -47.66
C GLN ZD 277 104.46 93.94 -48.79
N LYS ZD 278 104.33 92.65 -48.50
CA LYS ZD 278 103.99 91.72 -49.58
C LYS ZD 278 102.57 91.94 -50.10
N LEU ZD 279 101.63 92.24 -49.21
CA LEU ZD 279 100.31 92.62 -49.69
C LEU ZD 279 100.39 93.85 -50.57
N ARG ZD 280 101.17 94.84 -50.15
CA ARG ZD 280 101.27 96.04 -50.97
C ARG ZD 280 101.83 95.71 -52.33
N ALA ZD 281 102.69 94.69 -52.42
CA ALA ZD 281 103.20 94.33 -53.73
C ALA ZD 281 102.15 93.63 -54.56
N LEU ZD 282 101.21 92.92 -53.93
CA LEU ZD 282 100.11 92.31 -54.68
C LEU ZD 282 99.06 93.31 -55.16
N MET ZD 283 98.93 94.46 -54.50
CA MET ZD 283 97.91 95.43 -54.82
C MET ZD 283 98.59 96.70 -55.32
N PRO ZD 284 98.92 96.76 -56.61
CA PRO ZD 284 99.62 97.93 -57.14
C PRO ZD 284 98.81 99.21 -57.14
N TYR ZD 285 97.54 99.17 -56.78
CA TYR ZD 285 96.75 100.39 -56.69
C TYR ZD 285 96.68 100.95 -55.29
N ALA ZD 286 97.19 100.25 -54.29
CA ALA ZD 286 97.11 100.68 -52.91
C ALA ZD 286 98.45 101.22 -52.43
N ASP ZD 287 98.40 102.32 -51.69
CA ASP ZD 287 99.62 102.92 -51.16
C ASP ZD 287 100.11 102.22 -49.90
N SER ZD 288 99.22 101.67 -49.09
CA SER ZD 288 99.67 100.95 -47.91
C SER ZD 288 98.52 100.10 -47.37
N VAL ZD 289 98.88 99.09 -46.59
CA VAL ZD 289 97.93 98.17 -45.97
C VAL ZD 289 98.01 98.28 -44.46
N ASN ZD 290 96.91 98.63 -43.82
CA ASN ZD 290 96.87 98.76 -42.37
C ASN ZD 290 96.35 97.45 -41.78
N ILE ZD 291 97.14 96.84 -40.90
CA ILE ZD 291 96.78 95.60 -40.24
C ILE ZD 291 96.23 95.87 -38.84
N THR ZD 292 95.02 95.40 -38.59
CA THR ZD 292 94.30 95.60 -37.33
C THR ZD 292 93.96 94.25 -36.72
N LEU ZD 293 94.15 94.14 -35.41
CA LEU ZD 293 93.84 92.94 -34.64
C LEU ZD 293 92.47 93.03 -33.99
N MET ZD 294 91.64 92.02 -34.23
CA MET ZD 294 90.26 91.96 -33.76
C MET ZD 294 90.09 90.83 -32.76
N ASP ZD 295 89.09 90.95 -31.91
CA ASP ZD 295 88.78 89.96 -30.88
C ASP ZD 295 87.71 88.95 -31.29
N ASP ZD 296 88.07 87.66 -31.18
CA ASP ZD 296 87.14 86.58 -31.50
C ASP ZD 296 85.93 86.57 -30.59
N VAL ZD 297 86.14 86.78 -29.29
CA VAL ZD 297 85.00 86.81 -28.37
C VAL ZD 297 83.99 87.85 -28.82
N THR ZD 298 84.48 89.01 -29.24
CA THR ZD 298 83.59 90.04 -29.78
C THR ZD 298 82.81 89.53 -30.98
N ALA ZD 299 83.50 88.97 -31.96
CA ALA ZD 299 82.82 88.43 -33.14
C ALA ZD 299 81.67 87.47 -32.77
N ALA ZD 300 82.01 86.42 -32.02
CA ALA ZD 300 80.99 85.47 -31.59
C ALA ZD 300 79.86 86.12 -30.80
N GLY ZD 301 80.18 87.05 -29.91
CA GLY ZD 301 79.14 87.69 -29.14
C GLY ZD 301 78.18 88.49 -29.97
N GLN ZD 302 78.69 89.28 -30.91
CA GLN ZD 302 77.78 90.02 -31.78
C GLN ZD 302 76.93 89.11 -32.66
N ALA ZD 303 77.42 87.93 -33.00
CA ALA ZD 303 76.56 86.97 -33.67
C ALA ZD 303 75.42 86.50 -32.78
N GLU ZD 304 75.75 85.98 -31.60
CA GLU ZD 304 74.70 85.42 -30.75
C GLU ZD 304 73.71 86.48 -30.32
N ALA ZD 305 74.19 87.68 -29.97
CA ALA ZD 305 73.28 88.76 -29.66
C ALA ZD 305 72.36 89.10 -30.83
N GLY ZD 306 72.87 89.09 -32.06
CA GLY ZD 306 71.98 89.33 -33.19
C GLY ZD 306 70.88 88.30 -33.33
N LEU ZD 307 71.19 87.04 -33.03
CA LEU ZD 307 70.12 86.03 -33.07
C LEU ZD 307 69.10 86.22 -31.95
N LYS ZD 308 69.56 86.50 -30.74
CA LYS ZD 308 68.58 86.76 -29.67
C LYS ZD 308 67.73 87.97 -29.99
N GLN ZD 309 68.33 89.00 -30.58
CA GLN ZD 309 67.59 90.17 -30.99
C GLN ZD 309 66.47 89.79 -31.94
N GLN ZD 310 66.77 88.95 -32.93
CA GLN ZD 310 65.73 88.51 -33.85
C GLN ZD 310 64.80 87.46 -33.26
N ALA ZD 311 65.06 87.01 -32.04
CA ALA ZD 311 64.22 86.00 -31.38
C ALA ZD 311 64.13 84.67 -32.12
N LEU ZD 312 65.11 84.34 -32.95
CA LEU ZD 312 65.09 83.04 -33.60
C LEU ZD 312 65.43 81.96 -32.57
N PRO ZD 313 64.87 80.76 -32.72
CA PRO ZD 313 65.43 79.60 -32.01
C PRO ZD 313 66.73 79.14 -32.62
N TYR ZD 314 67.69 78.76 -31.77
CA TYR ZD 314 68.99 78.33 -32.30
C TYR ZD 314 69.70 77.44 -31.30
N SER ZD 315 70.73 76.75 -31.81
CA SER ZD 315 71.70 76.00 -31.02
C SER ZD 315 73.11 76.45 -31.37
N ARG ZD 316 73.99 76.51 -30.36
CA ARG ZD 316 75.38 76.91 -30.54
C ARG ZD 316 76.33 75.73 -30.32
N ARG ZD 317 77.29 75.58 -31.23
CA ARG ZD 317 78.34 74.58 -31.10
C ARG ZD 317 79.71 75.23 -31.25
N ASN ZD 318 80.62 74.89 -30.34
CA ASN ZD 318 81.94 75.50 -30.25
C ASN ZD 318 83.02 74.50 -30.63
N HIS ZD 319 83.99 74.97 -31.42
CA HIS ZD 319 85.15 74.18 -31.79
C HIS ZD 319 86.39 75.01 -31.58
N LYS ZD 320 87.54 74.35 -31.65
CA LYS ZD 320 88.82 75.03 -31.48
C LYS ZD 320 88.95 76.23 -32.41
N GLY ZD 321 88.53 76.08 -33.66
CA GLY ZD 321 88.73 77.11 -34.65
C GLY ZD 321 87.48 77.68 -35.28
N GLY ZD 322 86.31 77.51 -34.68
CA GLY ZD 322 85.11 78.04 -35.29
C GLY ZD 322 83.90 77.85 -34.40
N VAL ZD 323 82.84 78.58 -34.77
CA VAL ZD 323 81.56 78.52 -34.07
C VAL ZD 323 80.47 78.27 -35.10
N THR ZD 324 79.54 77.38 -34.77
CA THR ZD 324 78.44 77.03 -35.66
C THR ZD 324 77.08 77.23 -34.97
N PHE ZD 325 76.20 77.99 -35.61
CA PHE ZD 325 74.84 78.20 -35.14
C PHE ZD 325 73.87 77.46 -36.04
N VAL ZD 326 73.13 76.54 -35.44
CA VAL ZD 326 72.13 75.74 -36.14
C VAL ZD 326 70.75 76.28 -35.83
N ILE ZD 327 70.00 76.61 -36.87
CA ILE ZD 327 68.62 77.07 -36.78
C ILE ZD 327 67.80 76.06 -37.57
N GLN ZD 328 66.93 75.32 -36.89
CA GLN ZD 328 66.13 74.33 -37.57
C GLN ZD 328 64.75 74.24 -36.97
N GLY ZD 329 63.80 73.80 -37.79
CA GLY ZD 329 62.43 73.62 -37.35
C GLY ZD 329 61.44 74.01 -38.43
N ALA ZD 330 60.16 74.00 -38.06
CA ALA ZD 330 59.08 74.48 -38.93
C ALA ZD 330 58.94 76.00 -38.83
N LEU ZD 331 59.93 76.69 -39.39
CA LEU ZD 331 59.95 78.14 -39.33
C LEU ZD 331 58.82 78.76 -40.15
N ASP ZD 332 58.38 79.94 -39.70
CA ASP ZD 332 57.42 80.80 -40.39
C ASP ZD 332 58.10 81.67 -41.45
N ASP ZD 333 57.30 82.14 -42.41
CA ASP ZD 333 57.85 83.03 -43.44
C ASP ZD 333 58.46 84.30 -42.88
N VAL ZD 334 57.91 84.82 -41.79
CA VAL ZD 334 58.49 86.03 -41.20
C VAL ZD 334 59.81 85.71 -40.52
N GLU ZD 335 59.99 84.48 -40.09
CA GLU ZD 335 61.24 84.09 -39.49
C GLU ZD 335 62.29 83.82 -40.55
N ILE ZD 336 61.91 83.16 -41.64
CA ILE ZD 336 62.87 82.99 -42.71
C ILE ZD 336 63.34 84.33 -43.23
N LEU ZD 337 62.42 85.28 -43.41
CA LEU ZD 337 62.84 86.59 -43.89
C LEU ZD 337 63.78 87.29 -42.93
N ARG ZD 338 63.47 87.27 -41.64
CA ARG ZD 338 64.35 87.94 -40.69
C ARG ZD 338 65.73 87.28 -40.65
N ALA ZD 339 65.77 85.95 -40.62
CA ALA ZD 339 67.06 85.28 -40.59
C ALA ZD 339 67.89 85.64 -41.80
N ARG ZD 340 67.27 85.61 -42.97
CA ARG ZD 340 68.02 85.89 -44.20
C ARG ZD 340 68.64 87.28 -44.16
N GLN ZD 341 67.82 88.29 -43.84
CA GLN ZD 341 68.34 89.66 -43.75
C GLN ZD 341 69.50 89.77 -42.76
N PHE ZD 342 69.34 89.24 -41.56
CA PHE ZD 342 70.41 89.33 -40.57
C PHE ZD 342 71.70 88.66 -41.02
N VAL ZD 343 71.62 87.38 -41.37
CA VAL ZD 343 72.81 86.65 -41.81
C VAL ZD 343 73.53 87.39 -42.93
N ASP ZD 344 72.79 87.86 -43.92
CA ASP ZD 344 73.43 88.59 -44.99
C ASP ZD 344 74.06 89.90 -44.52
N SER ZD 345 73.52 90.52 -43.48
CA SER ZD 345 74.15 91.73 -42.96
C SER ZD 345 75.45 91.42 -42.23
N TYR ZD 346 75.47 90.35 -41.45
CA TYR ZD 346 76.66 89.96 -40.71
C TYR ZD 346 77.80 89.54 -41.62
N TYR ZD 347 77.50 88.69 -42.59
CA TYR ZD 347 78.54 88.17 -43.46
C TYR ZD 347 79.33 89.28 -44.12
N ARG ZD 348 78.68 90.36 -44.54
CA ARG ZD 348 79.40 91.44 -45.20
C ARG ZD 348 80.47 92.05 -44.31
N THR ZD 349 80.19 92.18 -43.01
CA THR ZD 349 81.19 92.71 -42.10
C THR ZD 349 82.30 91.70 -41.81
N TRP ZD 350 81.95 90.49 -41.43
CA TRP ZD 350 82.92 89.60 -40.82
C TRP ZD 350 83.48 88.52 -41.74
N GLY ZD 351 82.91 88.32 -42.91
CA GLY ZD 351 83.21 87.14 -43.70
C GLY ZD 351 82.69 85.86 -43.09
N GLY ZD 352 83.04 84.75 -43.74
CA GLY ZD 352 82.50 83.46 -43.38
C GLY ZD 352 83.46 82.47 -42.76
N ARG ZD 353 84.62 82.93 -42.30
CA ARG ZD 353 85.66 81.97 -41.93
C ARG ZD 353 85.49 81.43 -40.50
N TYR ZD 354 85.17 82.29 -39.54
CA TYR ZD 354 85.05 81.86 -38.15
C TYR ZD 354 83.66 81.37 -37.74
N VAL ZD 355 82.60 82.12 -38.06
CA VAL ZD 355 81.23 81.78 -37.68
C VAL ZD 355 80.43 81.30 -38.89
N GLN ZD 356 79.75 80.16 -38.74
CA GLN ZD 356 78.88 79.57 -39.76
C GLN ZD 356 77.45 79.41 -39.25
N PHE ZD 357 76.47 79.74 -40.11
CA PHE ZD 357 75.04 79.56 -39.84
C PHE ZD 357 74.44 78.50 -40.75
N ALA ZD 358 73.58 77.65 -40.19
CA ALA ZD 358 72.88 76.59 -40.93
C ALA ZD 358 71.38 76.66 -40.68
N ILE ZD 359 70.60 76.84 -41.74
CA ILE ZD 359 69.14 76.92 -41.70
C ILE ZD 359 68.52 75.65 -42.29
N GLU ZD 360 67.70 74.95 -41.50
CA GLU ZD 360 67.13 73.66 -41.89
C GLU ZD 360 65.65 73.54 -41.55
N LEU ZD 361 64.81 73.60 -42.57
CA LEU ZD 361 63.37 73.46 -42.42
C LEU ZD 361 63.01 71.98 -42.27
N LYS ZD 362 62.13 71.69 -41.32
CA LYS ZD 362 61.65 70.33 -41.10
C LYS ZD 362 60.15 70.31 -40.87
N ASP ZD 363 59.55 69.15 -41.12
CA ASP ZD 363 58.11 68.96 -41.00
C ASP ZD 363 57.69 68.86 -39.54
N ASP ZD 364 56.38 68.98 -39.32
CA ASP ZD 364 55.80 69.04 -37.98
C ASP ZD 364 55.11 67.72 -37.67
N TRP ZD 365 55.57 67.06 -36.62
CA TRP ZD 365 54.99 65.80 -36.19
C TRP ZD 365 53.85 65.98 -35.21
N LEU ZD 366 53.76 67.14 -34.57
CA LEU ZD 366 52.89 67.34 -33.42
C LEU ZD 366 51.48 67.81 -33.78
N LYS ZD 367 51.31 68.46 -34.91
CA LYS ZD 367 50.00 68.99 -35.24
C LYS ZD 367 48.96 67.88 -35.29
N GLY ZD 368 48.01 67.93 -34.37
CA GLY ZD 368 46.91 67.00 -34.31
C GLY ZD 368 47.15 65.74 -33.49
N ARG ZD 369 48.28 65.64 -32.80
CA ARG ZD 369 48.59 64.50 -31.96
C ARG ZD 369 48.79 64.96 -30.52
N SER ZD 370 48.42 64.09 -29.58
CA SER ZD 370 48.75 64.30 -28.18
C SER ZD 370 50.09 63.70 -27.84
N PHE ZD 371 50.75 64.23 -26.82
CA PHE ZD 371 52.08 63.76 -26.48
C PHE ZD 371 52.46 64.16 -25.07
N GLN ZD 372 53.46 63.47 -24.54
CA GLN ZD 372 54.11 63.84 -23.30
C GLN ZD 372 55.46 64.46 -23.63
N TYR ZD 373 55.82 65.51 -22.90
CA TYR ZD 373 57.08 66.21 -23.13
C TYR ZD 373 57.80 66.48 -21.82
N GLY ZD 374 59.08 66.82 -21.95
CA GLY ZD 374 60.04 66.70 -20.87
C GLY ZD 374 60.70 65.35 -20.81
N ALA ZD 375 61.14 64.93 -19.64
CA ALA ZD 375 61.73 63.62 -19.50
C ALA ZD 375 60.71 62.55 -19.87
N GLU ZD 376 61.20 61.44 -20.41
CA GLU ZD 376 60.32 60.33 -20.78
C GLU ZD 376 59.25 60.77 -21.75
N GLY ZD 377 59.65 61.61 -22.71
CA GLY ZD 377 58.72 62.10 -23.70
C GLY ZD 377 58.45 61.09 -24.81
N TYR ZD 378 57.21 61.08 -25.29
CA TYR ZD 378 56.85 60.23 -26.41
C TYR ZD 378 55.66 60.87 -27.10
N ILE ZD 379 55.56 60.60 -28.38
CA ILE ZD 379 54.39 60.93 -29.17
C ILE ZD 379 53.53 59.70 -29.21
N LYS ZD 380 52.26 59.87 -29.57
CA LYS ZD 380 51.50 58.70 -29.96
C LYS ZD 380 50.69 59.00 -31.20
N MET ZD 381 51.00 58.24 -32.25
CA MET ZD 381 50.44 58.46 -33.57
C MET ZD 381 48.92 58.37 -33.54
N SER ZD 382 48.41 57.43 -32.79
CA SER ZD 382 46.98 57.13 -32.71
C SER ZD 382 46.78 56.33 -31.45
N PRO ZD 383 45.56 56.26 -30.94
CA PRO ZD 383 45.36 55.42 -29.77
C PRO ZD 383 45.92 54.04 -30.02
N GLY ZD 384 46.59 53.50 -29.01
CA GLY ZD 384 47.27 52.24 -29.16
C GLY ZD 384 48.57 52.22 -29.93
N HIS ZD 385 49.12 53.36 -30.35
CA HIS ZD 385 50.40 53.34 -31.07
C HIS ZD 385 51.33 54.43 -30.53
N TRP ZD 386 52.21 54.02 -29.62
CA TRP ZD 386 53.23 54.89 -29.03
C TRP ZD 386 54.47 55.01 -29.92
N TYR ZD 387 55.12 56.15 -29.83
CA TYR ZD 387 56.38 56.39 -30.52
C TYR ZD 387 57.36 57.07 -29.58
N PHE ZD 388 58.60 56.58 -29.53
CA PHE ZD 388 59.63 57.06 -28.60
C PHE ZD 388 60.80 57.63 -29.39
N PRO ZD 389 60.76 58.87 -29.79
CA PRO ZD 389 61.97 59.52 -30.32
C PRO ZD 389 63.14 59.44 -29.36
N SER ZD 390 64.34 59.65 -29.88
CA SER ZD 390 65.56 59.61 -29.06
C SER ZD 390 65.79 60.88 -28.27
N ALA AE 171 71.64 129.17 -66.74
CA ALA AE 171 70.59 128.20 -66.44
C ALA AE 171 70.83 127.53 -65.10
N GLU AE 172 70.22 128.05 -64.05
CA GLU AE 172 70.43 127.47 -62.74
C GLU AE 172 69.68 126.16 -62.61
N LEU AE 173 70.09 125.35 -61.64
CA LEU AE 173 69.44 124.07 -61.41
C LEU AE 173 68.00 124.23 -60.92
N ASP AE 174 67.76 125.19 -60.05
CA ASP AE 174 66.42 125.41 -59.53
C ASP AE 174 65.40 125.67 -60.63
N SER AE 175 65.82 126.29 -61.74
CA SER AE 175 64.89 126.54 -62.82
C SER AE 175 64.48 125.26 -63.56
N LEU AE 176 65.26 124.20 -63.42
CA LEU AE 176 65.04 122.94 -64.11
C LEU AE 176 64.22 121.93 -63.32
N LEU AE 177 64.09 122.08 -62.01
CA LEU AE 177 63.41 121.06 -61.22
C LEU AE 177 61.90 121.12 -61.27
N GLY AE 178 61.29 122.20 -61.75
CA GLY AE 178 59.85 122.28 -61.75
C GLY AE 178 59.33 123.66 -61.43
N GLN AE 179 58.01 123.74 -61.33
CA GLN AE 179 57.34 124.94 -60.85
C GLN AE 179 57.32 125.08 -59.34
N GLU AE 180 57.11 124.00 -58.60
CA GLU AE 180 57.10 124.06 -57.15
C GLU AE 180 58.54 124.14 -56.64
N LYS AE 181 59.01 125.36 -56.44
CA LYS AE 181 60.42 125.59 -56.12
C LYS AE 181 60.79 124.99 -54.77
N GLU AE 182 59.96 125.18 -53.76
CA GLU AE 182 60.27 124.75 -52.40
C GLU AE 182 60.18 123.24 -52.22
N ARG AE 183 59.75 122.51 -53.24
CA ARG AE 183 59.68 121.06 -53.12
C ARG AE 183 61.06 120.44 -52.90
N PHE AE 184 62.12 121.09 -53.39
CA PHE AE 184 63.48 120.59 -53.29
C PHE AE 184 64.34 121.67 -52.65
N GLN AE 185 65.54 121.29 -52.20
CA GLN AE 185 66.45 122.30 -51.66
C GLN AE 185 67.86 122.07 -52.18
N VAL AE 186 68.53 123.13 -52.62
CA VAL AE 186 69.82 123.03 -53.28
C VAL AE 186 70.91 123.58 -52.37
N LEU AE 187 71.94 122.78 -52.14
CA LEU AE 187 73.04 123.09 -51.24
C LEU AE 187 74.37 123.08 -51.99
N PRO AE 188 75.15 124.14 -51.96
CA PRO AE 188 76.56 124.02 -52.38
C PRO AE 188 77.39 123.32 -51.32
N GLY AE 189 78.53 122.79 -51.75
CA GLY AE 189 79.39 122.08 -50.82
C GLY AE 189 80.85 122.13 -51.21
N ARG AE 190 81.70 121.80 -50.23
CA ARG AE 190 83.14 121.89 -50.42
C ARG AE 190 83.64 121.04 -51.57
N ASP AE 191 82.89 120.01 -51.94
CA ASP AE 191 83.21 119.20 -53.10
C ASP AE 191 83.18 119.98 -54.40
N LYS AE 192 82.66 121.21 -54.40
CA LYS AE 192 82.40 121.93 -55.64
C LYS AE 192 81.45 121.14 -56.54
N MET AE 193 80.39 120.62 -55.92
CA MET AE 193 79.35 119.85 -56.57
C MET AE 193 78.05 120.29 -55.92
N LEU AE 194 76.98 120.42 -56.70
CA LEU AE 194 75.69 120.75 -56.10
C LEU AE 194 75.02 119.52 -55.49
N TYR AE 195 74.52 119.66 -54.28
CA TYR AE 195 73.73 118.60 -53.64
C TYR AE 195 72.27 119.02 -53.59
N VAL AE 196 71.39 118.17 -54.09
CA VAL AE 196 69.95 118.41 -54.08
C VAL AE 196 69.32 117.53 -53.02
N ALA AE 197 68.66 118.14 -52.05
CA ALA AE 197 68.02 117.44 -50.96
C ALA AE 197 66.53 117.25 -51.27
N ALA AE 198 66.07 116.00 -51.15
CA ALA AE 198 64.70 115.61 -51.45
C ALA AE 198 64.05 114.89 -50.27
N GLN AE 199 62.72 114.98 -50.20
CA GLN AE 199 61.96 114.47 -49.05
C GLN AE 199 61.69 112.97 -49.10
N ASN AE 200 61.53 112.37 -50.28
CA ASN AE 200 61.05 111.00 -50.39
C ASN AE 200 61.49 110.41 -51.70
N GLU AE 201 61.30 109.10 -51.84
CA GLU AE 201 61.80 108.40 -53.03
C GLU AE 201 61.20 108.94 -54.32
N ARG AE 202 59.91 109.25 -54.31
CA ARG AE 202 59.29 109.68 -55.57
C ARG AE 202 59.86 110.99 -56.05
N ASP AE 203 60.04 111.95 -55.14
CA ASP AE 203 60.75 113.19 -55.45
C ASP AE 203 62.19 112.92 -55.85
N THR AE 204 62.83 111.96 -55.18
CA THR AE 204 64.18 111.59 -55.53
C THR AE 204 64.29 111.21 -57.01
N LEU AE 205 63.42 110.32 -57.48
CA LEU AE 205 63.48 109.95 -58.88
C LEU AE 205 63.07 111.10 -59.79
N TRP AE 206 62.09 111.90 -59.39
CA TRP AE 206 61.75 113.09 -60.17
C TRP AE 206 62.95 113.98 -60.39
N ALA AE 207 63.83 114.08 -59.40
CA ALA AE 207 65.05 114.85 -59.57
C ALA AE 207 66.09 114.12 -60.39
N ARG AE 208 66.39 112.87 -60.02
CA ARG AE 208 67.43 112.13 -60.71
C ARG AE 208 67.23 112.09 -62.21
N GLN AE 209 65.98 112.05 -62.67
CA GLN AE 209 65.77 112.06 -64.11
C GLN AE 209 66.37 113.28 -64.77
N VAL AE 210 66.30 114.44 -64.13
CA VAL AE 210 66.84 115.65 -64.75
C VAL AE 210 68.34 115.52 -64.96
N LEU AE 211 69.05 115.05 -63.94
CA LEU AE 211 70.49 114.87 -64.06
C LEU AE 211 70.84 113.81 -65.09
N ALA AE 212 70.25 112.62 -64.95
CA ALA AE 212 70.62 111.51 -65.81
C ALA AE 212 70.30 111.79 -67.26
N ARG AE 213 69.27 112.58 -67.54
CA ARG AE 213 69.02 112.98 -68.91
C ARG AE 213 70.12 113.87 -69.46
N GLY AE 214 70.90 114.50 -68.59
CA GLY AE 214 71.91 115.43 -69.04
C GLY AE 214 71.42 116.82 -69.35
N ASP AE 215 70.36 117.26 -68.69
CA ASP AE 215 69.89 118.63 -68.86
C ASP AE 215 70.79 119.65 -68.19
N TYR AE 216 71.65 119.20 -67.28
CA TYR AE 216 72.57 120.09 -66.58
C TYR AE 216 73.99 119.62 -66.83
N ASP AE 217 74.93 120.56 -66.82
CA ASP AE 217 76.29 120.33 -67.31
C ASP AE 217 77.33 120.19 -66.22
N LYS AE 218 77.24 120.97 -65.15
CA LYS AE 218 78.13 120.78 -64.01
C LYS AE 218 77.75 119.55 -63.19
N ASN AE 219 78.53 119.27 -62.16
CA ASN AE 219 78.28 118.15 -61.26
C ASN AE 219 77.19 118.41 -60.24
N ALA AE 220 76.37 117.38 -60.03
CA ALA AE 220 75.27 117.44 -59.10
C ALA AE 220 74.95 116.05 -58.59
N ARG AE 221 74.31 115.99 -57.44
CA ARG AE 221 73.97 114.74 -56.79
C ARG AE 221 72.65 114.91 -56.04
N VAL AE 222 71.93 113.81 -55.85
CA VAL AE 222 70.65 113.81 -55.15
C VAL AE 222 70.79 113.02 -53.86
N ILE AE 223 70.22 113.55 -52.78
CA ILE AE 223 70.34 112.90 -51.47
C ILE AE 223 69.04 112.97 -50.67
N ASN AE 224 68.95 112.03 -49.73
CA ASN AE 224 67.83 111.91 -48.81
C ASN AE 224 68.32 111.29 -47.50
N GLU AE 225 67.50 111.47 -46.47
CA GLU AE 225 67.82 110.99 -45.13
C GLU AE 225 68.12 109.50 -45.06
N ASN AE 226 67.26 108.66 -45.65
CA ASN AE 226 67.49 107.21 -45.57
C ASN AE 226 68.79 106.79 -46.23
N GLU AE 227 69.05 107.26 -47.44
CA GLU AE 227 70.30 106.91 -48.10
C GLU AE 227 71.49 107.32 -47.26
N GLU AE 228 71.47 108.54 -46.71
CA GLU AE 228 72.60 108.96 -45.90
C GLU AE 228 72.75 108.11 -44.65
N ASN AE 229 71.66 107.80 -43.95
CA ASN AE 229 71.77 106.90 -42.82
C ASN AE 229 72.46 105.59 -43.18
N LYS AE 230 72.02 104.95 -44.26
CA LYS AE 230 72.66 103.70 -44.69
C LYS AE 230 74.15 103.86 -44.95
N ARG AE 231 74.51 104.80 -45.82
CA ARG AE 231 75.92 105.05 -46.13
C ARG AE 231 76.78 105.28 -44.88
N ILE AE 232 76.35 106.19 -44.01
CA ILE AE 232 77.11 106.46 -42.80
C ILE AE 232 77.24 105.23 -41.92
N SER AE 233 76.16 104.46 -41.78
CA SER AE 233 76.25 103.26 -40.95
C SER AE 233 77.23 102.26 -41.53
N ILE AE 234 77.30 102.16 -42.85
CA ILE AE 234 78.29 101.30 -43.48
C ILE AE 234 79.71 101.76 -43.19
N TRP AE 235 79.93 103.07 -43.16
CA TRP AE 235 81.29 103.54 -42.84
C TRP AE 235 81.64 103.28 -41.37
N LEU AE 236 80.70 103.55 -40.47
CA LEU AE 236 80.92 103.27 -39.06
C LEU AE 236 81.19 101.80 -38.81
N ASP AE 237 80.53 100.90 -39.52
CA ASP AE 237 80.81 99.49 -39.35
C ASP AE 237 82.28 99.15 -39.57
N THR AE 238 82.94 99.83 -40.50
CA THR AE 238 84.39 99.63 -40.66
C THR AE 238 85.22 100.29 -39.57
N TYR AE 239 85.00 101.57 -39.27
CA TYR AE 239 85.97 102.26 -38.42
C TYR AE 239 85.62 102.34 -36.94
N TYR AE 240 84.36 102.16 -36.56
CA TYR AE 240 83.94 102.22 -35.16
C TYR AE 240 83.00 101.06 -34.90
N PRO AE 241 83.51 99.84 -34.98
CA PRO AE 241 82.65 98.65 -34.97
C PRO AE 241 81.95 98.36 -33.65
N GLN AE 242 82.15 99.15 -32.60
CA GLN AE 242 81.51 98.90 -31.32
C GLN AE 242 80.77 100.11 -30.79
N LEU AE 243 80.64 101.16 -31.58
CA LEU AE 243 79.89 102.34 -31.18
C LEU AE 243 78.40 102.04 -31.12
N ALA AE 244 77.78 102.38 -29.99
CA ALA AE 244 76.34 102.24 -29.79
C ALA AE 244 75.66 103.57 -30.06
N TYR AE 245 74.75 103.61 -31.02
CA TYR AE 245 74.16 104.86 -31.44
C TYR AE 245 72.79 104.60 -32.02
N TYR AE 246 71.99 105.67 -32.11
CA TYR AE 246 70.63 105.59 -32.61
C TYR AE 246 70.48 106.05 -34.06
N ARG AE 247 70.45 107.35 -34.32
CA ARG AE 247 70.18 107.81 -35.66
C ARG AE 247 70.70 109.22 -35.85
N ILE AE 248 70.92 109.58 -37.11
CA ILE AE 248 71.27 110.94 -37.51
C ILE AE 248 70.11 111.63 -38.22
N HIS AE 249 69.66 112.75 -37.66
CA HIS AE 249 68.55 113.56 -38.17
C HIS AE 249 69.05 114.69 -39.05
N PHE AE 250 68.39 114.89 -40.20
CA PHE AE 250 68.73 115.92 -41.17
C PHE AE 250 67.63 116.95 -41.35
N ASP AE 251 66.90 117.26 -40.28
CA ASP AE 251 65.86 118.29 -40.39
C ASP AE 251 66.45 119.59 -40.92
N GLU AE 252 67.58 120.02 -40.36
CA GLU AE 252 68.36 121.14 -40.85
C GLU AE 252 69.62 120.52 -41.47
N PRO AE 253 69.64 120.30 -42.78
CA PRO AE 253 70.76 119.57 -43.38
C PRO AE 253 72.12 120.20 -43.20
N ARG AE 254 72.21 121.49 -42.92
CA ARG AE 254 73.52 122.06 -42.66
C ARG AE 254 74.09 121.71 -41.30
N LYS AE 255 73.28 121.28 -40.34
CA LYS AE 255 73.75 120.99 -38.99
C LYS AE 255 73.05 119.77 -38.44
N PRO AE 256 73.38 118.59 -38.97
CA PRO AE 256 72.75 117.36 -38.50
C PRO AE 256 73.01 117.12 -37.01
N VAL AE 257 72.13 116.29 -36.45
CA VAL AE 257 72.15 115.91 -35.04
C VAL AE 257 72.32 114.40 -34.97
N PHE AE 258 73.33 113.95 -34.23
CA PHE AE 258 73.67 112.54 -34.09
C PHE AE 258 73.45 112.11 -32.64
N TRP AE 259 72.53 111.18 -32.44
CA TRP AE 259 72.14 110.66 -31.13
C TRP AE 259 72.93 109.41 -30.74
N LEU AE 260 73.70 109.52 -29.66
CA LEU AE 260 74.46 108.41 -29.11
C LEU AE 260 73.79 107.96 -27.82
N SER AE 261 73.99 106.70 -27.46
CA SER AE 261 73.61 106.24 -26.12
C SER AE 261 74.54 106.76 -25.04
N ARG AE 262 73.95 107.23 -23.95
CA ARG AE 262 74.74 107.62 -22.78
C ARG AE 262 75.29 106.44 -22.00
N GLN AE 263 74.53 105.36 -21.86
CA GLN AE 263 75.03 104.24 -21.05
C GLN AE 263 76.06 103.40 -21.79
N ARG AE 264 75.79 103.01 -23.02
CA ARG AE 264 76.59 101.96 -23.63
C ARG AE 264 77.87 102.47 -24.27
N ASN AE 265 78.12 103.77 -24.29
CA ASN AE 265 79.36 104.33 -24.82
C ASN AE 265 80.19 104.93 -23.70
N THR AE 266 81.50 104.75 -23.78
CA THR AE 266 82.46 105.43 -22.91
C THR AE 266 83.56 106.08 -23.73
N MET AE 267 83.52 107.40 -23.87
CA MET AE 267 84.47 108.14 -24.68
C MET AE 267 84.78 109.47 -24.01
N SER AE 268 85.94 110.02 -24.31
CA SER AE 268 86.24 111.37 -23.86
C SER AE 268 85.74 112.41 -24.86
N LYS AE 269 85.67 113.65 -24.37
CA LYS AE 269 85.33 114.78 -25.22
C LYS AE 269 86.23 114.89 -26.45
N LYS AE 270 87.53 114.69 -26.28
CA LYS AE 270 88.43 114.71 -27.43
C LYS AE 270 88.05 113.67 -28.47
N GLU AE 271 87.79 112.45 -28.04
CA GLU AE 271 87.38 111.41 -28.97
C GLU AE 271 86.09 111.79 -29.68
N LEU AE 272 85.12 112.34 -28.94
CA LEU AE 272 83.89 112.81 -29.55
C LEU AE 272 84.15 113.88 -30.61
N GLU AE 273 85.05 114.81 -30.30
CA GLU AE 273 85.42 115.85 -31.25
C GLU AE 273 86.02 115.26 -32.51
N VAL AE 274 86.94 114.31 -32.36
CA VAL AE 274 87.53 113.64 -33.52
C VAL AE 274 86.45 112.97 -34.36
N LEU AE 275 85.55 112.23 -33.72
CA LEU AE 275 84.42 111.63 -34.43
C LEU AE 275 83.63 112.66 -35.22
N SER AE 276 83.28 113.77 -34.57
CA SER AE 276 82.57 114.86 -35.23
C SER AE 276 83.30 115.33 -36.48
N GLN AE 277 84.59 115.60 -36.36
CA GLN AE 277 85.36 116.04 -37.52
C GLN AE 277 85.34 115.03 -38.66
N LYS AE 278 85.53 113.75 -38.35
CA LYS AE 278 85.48 112.73 -39.39
C LYS AE 278 84.13 112.68 -40.09
N LEU AE 279 83.05 112.74 -39.33
CA LEU AE 279 81.74 112.82 -39.96
C LEU AE 279 81.64 114.04 -40.86
N ARG AE 280 82.12 115.19 -40.37
CA ARG AE 280 82.11 116.38 -41.21
C ARG AE 280 82.83 116.12 -42.53
N ALA AE 281 83.88 115.31 -42.48
CA ALA AE 281 84.58 114.97 -43.72
C ALA AE 281 83.70 114.11 -44.63
N LEU AE 282 82.90 113.21 -44.05
CA LEU AE 282 82.00 112.41 -44.88
C LEU AE 282 80.89 113.24 -45.53
N MET AE 283 80.44 114.30 -44.88
CA MET AE 283 79.32 115.09 -45.37
C MET AE 283 79.77 116.47 -45.84
N PRO AE 284 80.32 116.56 -47.05
CA PRO AE 284 80.81 117.85 -47.56
C PRO AE 284 79.76 118.94 -47.69
N TYR AE 285 78.50 118.63 -47.55
CA TYR AE 285 77.46 119.65 -47.59
C TYR AE 285 77.14 120.20 -46.21
N ALA AE 286 77.58 119.51 -45.15
CA ALA AE 286 77.30 119.91 -43.79
C ALA AE 286 78.43 120.75 -43.21
N ASP AE 287 78.06 121.82 -42.52
CA ASP AE 287 79.03 122.70 -41.87
C ASP AE 287 79.51 122.15 -40.53
N SER AE 288 78.65 121.47 -39.79
CA SER AE 288 79.05 120.92 -38.50
C SER AE 288 78.05 119.86 -38.10
N VAL AE 289 78.50 118.94 -37.25
CA VAL AE 289 77.68 117.84 -36.72
C VAL AE 289 77.57 117.97 -35.21
N ASN AE 290 76.35 118.04 -34.71
CA ASN AE 290 76.09 118.14 -33.27
C ASN AE 290 75.82 116.75 -32.71
N ILE AE 291 76.59 116.34 -31.72
CA ILE AE 291 76.42 115.06 -31.04
C ILE AE 291 75.67 115.24 -29.72
N THR AE 292 74.57 114.51 -29.57
CA THR AE 292 73.70 114.55 -28.41
C THR AE 292 73.56 113.18 -27.79
N LEU AE 293 73.62 113.12 -26.47
CA LEU AE 293 73.48 111.89 -25.69
C LEU AE 293 72.05 111.68 -25.22
N MET AE 294 71.51 110.48 -25.51
CA MET AE 294 70.14 110.11 -25.20
C MET AE 294 70.13 108.95 -24.21
N ASP AE 295 69.02 108.81 -23.48
CA ASP AE 295 68.85 107.74 -22.50
C ASP AE 295 68.06 106.53 -23.01
N ASP AE 296 68.68 105.36 -22.87
CA ASP AE 296 68.05 104.10 -23.27
C ASP AE 296 66.77 103.83 -22.51
N VAL AE 297 66.76 104.09 -21.21
CA VAL AE 297 65.54 103.87 -20.44
C VAL AE 297 64.40 104.69 -21.04
N THR AE 298 64.68 105.90 -21.45
CA THR AE 298 63.68 106.72 -22.12
C THR AE 298 63.18 106.05 -23.40
N ALA AE 299 64.08 105.63 -24.26
CA ALA AE 299 63.65 104.96 -25.50
C ALA AE 299 62.77 103.74 -25.24
N ALA AE 300 63.15 102.88 -24.30
CA ALA AE 300 62.34 101.72 -24.00
C ALA AE 300 60.99 102.09 -23.40
N GLY AE 301 60.97 103.06 -22.50
CA GLY AE 301 59.71 103.46 -21.90
C GLY AE 301 58.74 104.05 -22.90
N GLN AE 302 59.24 104.89 -23.81
CA GLN AE 302 58.38 105.39 -24.88
C GLN AE 302 57.84 104.29 -25.79
N ALA AE 303 58.63 103.26 -26.06
CA ALA AE 303 58.07 102.12 -26.77
C ALA AE 303 56.92 101.45 -26.00
N GLU AE 304 57.19 101.06 -24.77
CA GLU AE 304 56.19 100.29 -24.04
C GLU AE 304 54.92 101.10 -23.80
N ALA AE 305 55.07 102.36 -23.42
CA ALA AE 305 53.89 103.19 -23.25
C ALA AE 305 53.13 103.39 -24.55
N GLY AE 306 53.82 103.42 -25.69
CA GLY AE 306 53.08 103.50 -26.94
C GLY AE 306 52.25 102.28 -27.24
N LEU AE 307 52.72 101.09 -26.86
CA LEU AE 307 51.86 99.91 -27.01
C LEU AE 307 50.68 99.91 -26.05
N LYS AE 308 50.91 100.25 -24.79
CA LYS AE 308 49.80 100.29 -23.85
C LYS AE 308 48.76 101.29 -24.27
N GLN AE 309 49.18 102.44 -24.77
CA GLN AE 309 48.24 103.44 -25.27
C GLN AE 309 47.39 102.93 -26.42
N GLN AE 310 47.73 101.81 -27.04
CA GLN AE 310 46.90 101.24 -28.10
C GLN AE 310 46.25 99.94 -27.67
N ALA AE 311 46.45 99.50 -26.45
CA ALA AE 311 45.86 98.27 -25.96
C ALA AE 311 46.19 97.05 -26.81
N LEU AE 312 47.32 97.05 -27.43
CA LEU AE 312 47.74 95.86 -28.15
C LEU AE 312 48.21 94.80 -27.16
N PRO AE 313 47.98 93.52 -27.42
CA PRO AE 313 48.59 92.48 -26.60
C PRO AE 313 50.03 92.26 -27.03
N TYR AE 314 50.92 92.15 -26.05
CA TYR AE 314 52.33 92.03 -26.36
C TYR AE 314 53.07 91.32 -25.25
N SER AE 315 54.26 90.84 -25.58
CA SER AE 315 55.28 90.40 -24.62
C SER AE 315 56.55 91.23 -24.79
N ARG AE 316 57.23 91.46 -23.68
CA ARG AE 316 58.53 92.12 -23.69
C ARG AE 316 59.61 91.15 -23.25
N ARG AE 317 60.75 91.17 -23.95
CA ARG AE 317 61.92 90.41 -23.59
C ARG AE 317 63.13 91.33 -23.54
N ASN AE 318 63.97 91.13 -22.52
CA ASN AE 318 65.13 91.98 -22.29
C ASN AE 318 66.42 91.22 -22.54
N HIS AE 319 67.33 91.84 -23.27
CA HIS AE 319 68.67 91.34 -23.52
C HIS AE 319 69.66 92.38 -23.03
N LYS AE 320 70.94 92.03 -23.09
CA LYS AE 320 71.97 92.96 -22.67
C LYS AE 320 71.95 94.21 -23.53
N GLY AE 321 71.84 94.02 -24.84
CA GLY AE 321 71.92 95.10 -25.80
C GLY AE 321 70.64 95.50 -26.48
N GLY AE 322 69.49 94.99 -26.07
CA GLY AE 322 68.26 95.33 -26.79
C GLY AE 322 67.02 94.79 -26.12
N VAL AE 323 65.89 95.21 -26.66
CA VAL AE 323 64.56 94.88 -26.15
C VAL AE 323 63.71 94.41 -27.32
N THR AE 324 63.01 93.29 -27.13
CA THR AE 324 62.14 92.76 -28.17
C THR AE 324 60.68 92.69 -27.72
N PHE AE 325 59.79 93.28 -28.50
CA PHE AE 325 58.35 93.21 -28.28
C PHE AE 325 57.75 92.25 -29.29
N VAL AE 326 57.08 91.21 -28.79
CA VAL AE 326 56.46 90.17 -29.61
C VAL AE 326 54.95 90.28 -29.55
N ILE AE 327 54.34 90.51 -30.72
CA ILE AE 327 52.90 90.64 -30.88
C ILE AE 327 52.47 89.54 -31.84
N GLN AE 328 51.62 88.63 -31.37
CA GLN AE 328 51.29 87.48 -32.19
C GLN AE 328 49.92 86.92 -31.84
N GLY AE 329 49.33 86.20 -32.80
CA GLY AE 329 48.12 85.44 -32.63
C GLY AE 329 47.11 85.76 -33.72
N ALA AE 330 45.84 85.41 -33.44
CA ALA AE 330 44.71 85.80 -34.28
C ALA AE 330 44.30 87.25 -34.05
N LEU AE 331 45.17 88.16 -34.45
CA LEU AE 331 44.87 89.58 -34.35
C LEU AE 331 43.71 89.96 -35.26
N ASP AE 332 42.94 90.97 -34.83
CA ASP AE 332 41.88 91.56 -35.62
C ASP AE 332 42.42 92.61 -36.58
N ASP AE 333 41.61 92.93 -37.60
CA ASP AE 333 42.04 93.88 -38.63
C ASP AE 333 42.31 95.27 -38.08
N VAL AE 334 41.54 95.71 -37.09
CA VAL AE 334 41.75 97.04 -36.54
C VAL AE 334 42.97 97.07 -35.63
N GLU AE 335 43.28 95.94 -35.01
CA GLU AE 335 44.51 95.84 -34.24
C GLU AE 335 45.73 95.85 -35.15
N ILE AE 336 45.67 95.12 -36.25
CA ILE AE 336 46.77 95.18 -37.21
C ILE AE 336 47.00 96.60 -37.72
N LEU AE 337 45.93 97.29 -38.06
CA LEU AE 337 46.09 98.65 -38.54
C LEU AE 337 46.72 99.57 -37.50
N ARG AE 338 46.18 99.60 -36.29
CA ARG AE 338 46.75 100.47 -35.28
C ARG AE 338 48.21 100.14 -34.99
N ALA AE 339 48.54 98.85 -34.89
CA ALA AE 339 49.91 98.46 -34.63
C ALA AE 339 50.86 98.96 -35.72
N ARG AE 340 50.50 98.78 -36.98
CA ARG AE 340 51.44 99.17 -38.02
C ARG AE 340 51.56 100.68 -38.17
N GLN AE 341 50.52 101.43 -37.82
CA GLN AE 341 50.70 102.88 -37.77
C GLN AE 341 51.65 103.30 -36.66
N PHE AE 342 51.51 102.71 -35.48
CA PHE AE 342 52.42 103.09 -34.41
C PHE AE 342 53.85 102.75 -34.77
N VAL AE 343 54.11 101.50 -35.13
CA VAL AE 343 55.49 101.09 -35.39
C VAL AE 343 56.11 101.94 -36.48
N ASP AE 344 55.35 102.23 -37.54
CA ASP AE 344 55.90 103.08 -38.58
C ASP AE 344 56.18 104.49 -38.11
N SER AE 345 55.57 104.93 -37.02
CA SER AE 345 55.93 106.24 -36.53
C SER AE 345 57.15 106.21 -35.62
N TYR AE 346 57.25 105.21 -34.77
CA TYR AE 346 58.40 105.07 -33.88
C TYR AE 346 59.70 104.83 -34.64
N TYR AE 347 59.68 103.94 -35.63
CA TYR AE 347 60.88 103.62 -36.38
C TYR AE 347 61.53 104.87 -36.96
N ARG AE 348 60.74 105.81 -37.47
CA ARG AE 348 61.30 107.02 -38.03
C ARG AE 348 62.10 107.82 -37.02
N THR AE 349 61.77 107.71 -35.75
CA THR AE 349 62.45 108.52 -34.76
C THR AE 349 63.64 107.81 -34.17
N TRP AE 350 63.46 106.60 -33.68
CA TRP AE 350 64.54 105.91 -32.98
C TRP AE 350 65.34 104.94 -33.83
N GLY AE 351 64.92 104.65 -35.05
CA GLY AE 351 65.55 103.59 -35.82
C GLY AE 351 65.33 102.22 -35.23
N GLY AE 352 65.72 101.19 -35.97
CA GLY AE 352 65.62 99.80 -35.59
C GLY AE 352 66.76 99.16 -34.85
N ARG AE 353 67.82 99.88 -34.51
CA ARG AE 353 68.96 99.25 -33.86
C ARG AE 353 68.62 98.69 -32.48
N TYR AE 354 68.17 99.53 -31.56
CA TYR AE 354 68.00 99.06 -30.19
C TYR AE 354 66.70 98.29 -29.96
N VAL AE 355 65.55 98.81 -30.40
CA VAL AE 355 64.24 98.16 -30.19
C VAL AE 355 63.73 97.49 -31.47
N GLN AE 356 63.31 96.24 -31.34
CA GLN AE 356 62.73 95.43 -32.42
C GLN AE 356 61.30 95.03 -32.13
N PHE AE 357 60.44 95.10 -33.15
CA PHE AE 357 59.05 94.65 -33.07
C PHE AE 357 58.82 93.52 -34.06
N ALA AE 358 58.30 92.39 -33.57
CA ALA AE 358 57.88 91.27 -34.39
C ALA AE 358 56.35 91.13 -34.40
N ILE AE 359 55.77 91.10 -35.59
CA ILE AE 359 54.33 90.94 -35.76
C ILE AE 359 54.07 89.65 -36.54
N GLU AE 360 53.39 88.69 -35.91
CA GLU AE 360 53.25 87.35 -36.48
C GLU AE 360 51.82 86.85 -36.32
N LEU AE 361 51.25 86.31 -37.38
CA LEU AE 361 49.90 85.77 -37.35
C LEU AE 361 49.91 84.26 -37.16
N LYS AE 362 49.17 83.78 -36.16
CA LYS AE 362 49.15 82.38 -35.78
C LYS AE 362 47.71 81.92 -35.72
N ASP AE 363 47.51 80.60 -35.84
CA ASP AE 363 46.20 80.00 -35.67
C ASP AE 363 45.83 79.86 -34.21
N ASP AE 364 45.95 80.94 -33.43
CA ASP AE 364 45.83 80.84 -31.97
C ASP AE 364 45.00 82.00 -31.46
N TRP AE 365 43.97 81.67 -30.67
CA TRP AE 365 43.00 82.65 -30.21
C TRP AE 365 43.33 83.30 -28.88
N LEU AE 366 44.27 82.77 -28.11
CA LEU AE 366 44.64 83.43 -26.87
C LEU AE 366 45.66 84.53 -27.08
N LYS AE 367 46.01 84.83 -28.32
CA LYS AE 367 46.92 85.92 -28.66
C LYS AE 367 48.21 85.90 -27.86
N GLY AE 368 48.81 84.72 -27.72
CA GLY AE 368 50.12 84.57 -27.11
C GLY AE 368 50.16 84.14 -25.65
N ARG AE 369 49.08 84.27 -24.90
CA ARG AE 369 49.09 83.74 -23.55
C ARG AE 369 49.06 82.21 -23.57
N SER AE 370 49.44 81.61 -22.44
CA SER AE 370 49.54 80.16 -22.37
C SER AE 370 49.53 79.71 -20.91
N PHE AE 371 48.76 78.66 -20.62
CA PHE AE 371 48.60 78.17 -19.26
C PHE AE 371 48.61 76.65 -19.18
N GLN AE 372 49.02 76.15 -18.02
CA GLN AE 372 48.95 74.74 -17.66
C GLN AE 372 47.95 74.59 -16.54
N TYR AE 373 47.18 73.50 -16.57
CA TYR AE 373 46.23 73.19 -15.51
C TYR AE 373 46.81 72.16 -14.57
N GLY AE 374 46.77 72.46 -13.28
CA GLY AE 374 47.21 71.56 -12.23
C GLY AE 374 46.23 71.54 -11.08
N ALA AE 375 46.59 70.80 -10.03
CA ALA AE 375 45.75 70.72 -8.84
C ALA AE 375 45.38 72.10 -8.30
N GLU AE 376 46.33 73.02 -8.28
CA GLU AE 376 46.10 74.37 -7.77
C GLU AE 376 45.48 75.30 -8.81
N GLY AE 377 45.01 74.78 -9.93
CA GLY AE 377 44.51 75.57 -11.03
C GLY AE 377 45.48 75.94 -12.14
N TYR AE 378 45.23 77.05 -12.81
CA TYR AE 378 46.10 77.51 -13.88
C TYR AE 378 47.42 78.10 -13.41
N ILE AE 379 48.44 77.87 -14.23
CA ILE AE 379 49.79 78.37 -14.04
C ILE AE 379 50.21 78.97 -15.38
N LYS AE 380 50.68 80.21 -15.35
CA LYS AE 380 51.19 80.84 -16.57
C LYS AE 380 52.48 80.19 -17.03
N MET AE 381 52.56 79.90 -18.32
CA MET AE 381 53.71 79.24 -18.93
C MET AE 381 54.60 80.26 -19.62
N SER AE 382 55.89 80.15 -19.36
CA SER AE 382 56.91 81.00 -19.97
C SER AE 382 56.83 81.00 -21.50
N PRO AE 383 57.29 82.07 -22.13
CA PRO AE 383 57.38 82.12 -23.60
C PRO AE 383 58.10 80.92 -24.21
N GLY AE 384 57.78 80.65 -25.47
CA GLY AE 384 58.40 79.57 -26.21
C GLY AE 384 57.86 79.52 -27.62
N HIS AE 385 58.64 78.89 -28.49
CA HIS AE 385 58.28 78.78 -29.90
C HIS AE 385 57.01 77.98 -30.15
N TRP AE 386 56.78 76.91 -29.41
CA TRP AE 386 55.60 76.09 -29.65
C TRP AE 386 54.37 76.68 -28.99
N TYR AE 387 53.25 76.63 -29.72
CA TYR AE 387 51.96 77.10 -29.28
C TYR AE 387 50.90 76.07 -29.65
N PHE AE 388 49.86 76.00 -28.85
CA PHE AE 388 48.76 75.07 -29.05
C PHE AE 388 47.78 75.68 -30.02
N PRO AE 389 47.64 75.13 -31.24
CA PRO AE 389 46.70 75.71 -32.20
C PRO AE 389 45.25 75.62 -31.72
N SER AE 390 44.48 76.62 -32.11
CA SER AE 390 43.12 76.78 -31.69
C SER AE 390 42.26 75.56 -31.98
N PRO AE 391 41.66 74.95 -30.95
CA PRO AE 391 40.72 73.85 -31.21
C PRO AE 391 39.33 74.33 -31.56
N LEU AE 392 38.98 75.56 -31.21
CA LEU AE 392 37.69 76.12 -31.56
C LEU AE 392 37.56 76.22 -33.07
N ALA BE 171 47.12 141.71 -62.05
CA ALA BE 171 46.34 140.55 -61.66
C ALA BE 171 46.73 140.05 -60.28
N GLU BE 172 46.01 140.46 -59.26
CA GLU BE 172 46.31 140.05 -57.91
C GLU BE 172 45.93 138.59 -57.71
N LEU BE 173 46.50 137.99 -56.67
CA LEU BE 173 46.20 136.59 -56.39
C LEU BE 173 44.74 136.38 -56.02
N ASP BE 174 44.16 137.29 -55.23
CA ASP BE 174 42.77 137.14 -54.84
C ASP BE 174 41.84 137.07 -56.04
N SER BE 175 42.19 137.74 -57.13
CA SER BE 175 41.37 137.71 -58.35
C SER BE 175 41.39 136.36 -59.04
N LEU BE 176 42.37 135.51 -58.74
CA LEU BE 176 42.50 134.22 -59.39
C LEU BE 176 41.86 133.08 -58.62
N LEU BE 177 41.57 133.27 -57.33
CA LEU BE 177 41.06 132.17 -56.54
C LEU BE 177 39.57 131.90 -56.77
N GLY BE 178 38.84 132.81 -57.39
CA GLY BE 178 37.43 132.58 -57.56
C GLY BE 178 36.50 133.76 -57.39
N GLN BE 179 35.20 133.47 -57.50
CA GLN BE 179 34.18 134.46 -57.20
C GLN BE 179 33.89 134.57 -55.71
N GLU BE 180 33.87 133.45 -54.98
CA GLU BE 180 33.60 133.48 -53.56
C GLU BE 180 34.83 133.95 -52.81
N LYS BE 181 34.94 135.26 -52.70
CA LYS BE 181 36.13 135.90 -52.14
C LYS BE 181 36.42 135.45 -50.72
N GLU BE 182 35.38 135.26 -49.91
CA GLU BE 182 35.53 134.90 -48.51
C GLU BE 182 35.98 133.47 -48.27
N ARG BE 183 36.17 132.67 -49.31
CA ARG BE 183 36.49 131.26 -49.09
C ARG BE 183 37.94 131.04 -48.66
N PHE BE 184 38.86 131.95 -48.97
CA PHE BE 184 40.30 131.79 -48.78
C PHE BE 184 40.83 133.02 -48.08
N GLN BE 185 42.01 132.90 -47.47
CA GLN BE 185 42.58 134.08 -46.80
C GLN BE 185 44.06 134.17 -47.13
N VAL BE 186 44.47 135.32 -47.65
CA VAL BE 186 45.86 135.58 -48.06
C VAL BE 186 46.60 136.36 -46.98
N LEU BE 187 47.77 135.86 -46.60
CA LEU BE 187 48.60 136.47 -45.58
C LEU BE 187 50.03 136.65 -46.10
N PRO BE 188 50.64 137.82 -45.92
CA PRO BE 188 52.04 138.01 -46.30
C PRO BE 188 53.01 137.52 -45.24
N GLY BE 189 54.10 136.89 -45.68
CA GLY BE 189 55.09 136.34 -44.77
C GLY BE 189 56.44 137.03 -44.82
N ARG BE 190 57.18 136.94 -43.71
CA ARG BE 190 58.50 137.55 -43.61
C ARG BE 190 59.47 137.07 -44.69
N ASP BE 191 59.31 135.85 -45.16
CA ASP BE 191 60.16 135.33 -46.22
C ASP BE 191 59.78 135.83 -47.61
N LYS BE 192 58.96 136.87 -47.68
CA LYS BE 192 58.53 137.44 -48.96
C LYS BE 192 57.73 136.46 -49.79
N MET BE 193 56.73 135.85 -49.16
CA MET BE 193 55.92 134.85 -49.84
C MET BE 193 54.48 135.01 -49.35
N LEU BE 194 53.54 134.78 -50.24
CA LEU BE 194 52.12 134.76 -49.91
C LEU BE 194 51.68 133.38 -49.43
N TYR BE 195 51.00 133.35 -48.29
CA TYR BE 195 50.45 132.13 -47.70
C TYR BE 195 48.94 132.18 -47.80
N VAL BE 196 48.36 131.24 -48.53
CA VAL BE 196 46.92 131.14 -48.72
C VAL BE 196 46.41 130.11 -47.73
N ALA BE 197 45.76 130.58 -46.68
CA ALA BE 197 45.13 129.70 -45.70
C ALA BE 197 43.79 129.21 -46.24
N ALA BE 198 43.58 127.89 -46.11
CA ALA BE 198 42.40 127.15 -46.53
C ALA BE 198 41.77 126.42 -45.35
N GLN BE 199 40.51 126.03 -45.52
CA GLN BE 199 39.75 125.34 -44.48
C GLN BE 199 39.66 123.83 -44.62
N ASN BE 200 39.88 123.25 -45.80
CA ASN BE 200 39.68 121.81 -45.96
C ASN BE 200 40.48 121.32 -47.15
N GLU BE 201 40.50 120.00 -47.32
CA GLU BE 201 41.18 119.38 -48.46
C GLU BE 201 40.65 119.82 -49.81
N ARG BE 202 39.34 119.76 -50.01
CA ARG BE 202 38.78 120.18 -51.28
C ARG BE 202 39.24 121.59 -51.66
N ASP BE 203 39.11 122.55 -50.74
CA ASP BE 203 39.60 123.90 -51.00
C ASP BE 203 41.10 123.96 -51.20
N THR BE 204 41.85 123.19 -50.44
CA THR BE 204 43.30 123.12 -50.61
C THR BE 204 43.67 122.75 -52.03
N LEU BE 205 43.05 121.71 -52.56
CA LEU BE 205 43.33 121.32 -53.94
C LEU BE 205 42.80 122.33 -54.94
N TRP BE 206 41.70 123.00 -54.64
CA TRP BE 206 41.23 124.06 -55.52
C TRP BE 206 42.27 125.18 -55.66
N ALA BE 207 42.96 125.50 -54.58
CA ALA BE 207 44.01 126.53 -54.66
C ALA BE 207 45.30 125.99 -55.30
N ARG BE 208 45.74 124.83 -54.85
CA ARG BE 208 46.96 124.27 -55.40
C ARG BE 208 46.89 124.13 -56.91
N GLN BE 209 45.74 123.76 -57.46
CA GLN BE 209 45.66 123.70 -58.91
C GLN BE 209 45.99 125.05 -59.54
N VAL BE 210 45.55 126.14 -58.93
CA VAL BE 210 45.80 127.46 -59.50
C VAL BE 210 47.27 127.80 -59.46
N LEU BE 211 47.94 127.53 -58.33
CA LEU BE 211 49.37 127.81 -58.28
C LEU BE 211 50.16 126.89 -59.20
N ALA BE 212 49.90 125.59 -59.15
CA ALA BE 212 50.66 124.63 -59.95
C ALA BE 212 50.47 124.84 -61.44
N ARG BE 213 49.30 125.28 -61.88
CA ARG BE 213 49.15 125.63 -63.28
C ARG BE 213 50.08 126.76 -63.69
N GLY BE 214 50.53 127.57 -62.73
CA GLY BE 214 51.32 128.73 -63.04
C GLY BE 214 50.55 129.93 -63.52
N ASP BE 215 49.34 130.14 -63.01
CA ASP BE 215 48.62 131.35 -63.35
C ASP BE 215 49.25 132.57 -62.70
N TYR BE 216 49.66 132.43 -61.44
CA TYR BE 216 50.45 133.42 -60.75
C TYR BE 216 51.92 133.21 -61.04
N ASP BE 217 52.71 134.26 -60.87
CA ASP BE 217 54.09 134.26 -61.32
C ASP BE 217 55.13 134.49 -60.23
N LYS BE 218 54.79 135.18 -59.14
CA LYS BE 218 55.63 135.18 -57.96
C LYS BE 218 55.44 133.89 -57.14
N ASN BE 219 56.17 133.80 -56.04
CA ASN BE 219 56.06 132.67 -55.11
C ASN BE 219 54.83 132.76 -54.21
N ALA BE 220 54.22 131.60 -53.99
CA ALA BE 220 53.03 131.48 -53.15
C ALA BE 220 52.95 130.06 -52.62
N ARG BE 221 52.19 129.89 -51.54
CA ARG BE 221 52.03 128.57 -50.94
C ARG BE 221 50.63 128.45 -50.35
N VAL BE 222 50.14 127.21 -50.24
CA VAL BE 222 48.84 126.90 -49.67
C VAL BE 222 49.03 126.12 -48.37
N ILE BE 223 48.27 126.48 -47.34
CA ILE BE 223 48.42 125.86 -46.03
C ILE BE 223 47.07 125.60 -45.35
N ASN BE 224 47.08 124.64 -44.43
CA ASN BE 224 45.92 124.29 -43.63
C ASN BE 224 46.36 123.76 -42.29
N GLU BE 225 45.41 123.72 -41.36
CA GLU BE 225 45.68 123.38 -39.97
C GLU BE 225 46.23 121.97 -39.77
N ASN BE 226 45.67 120.97 -40.44
CA ASN BE 226 46.17 119.61 -40.26
C ASN BE 226 47.62 119.47 -40.71
N GLU BE 227 47.93 119.93 -41.92
CA GLU BE 227 49.31 119.86 -42.40
C GLU BE 227 50.25 120.58 -41.46
N GLU BE 228 49.87 121.75 -40.97
CA GLU BE 228 50.78 122.46 -40.11
C GLU BE 228 50.97 121.76 -38.77
N ASN BE 229 49.91 121.19 -38.21
CA ASN BE 229 50.12 120.41 -36.99
C ASN BE 229 51.09 119.27 -37.19
N LYS BE 230 50.97 118.54 -38.30
CA LYS BE 230 51.93 117.47 -38.59
C LYS BE 230 53.36 117.97 -38.66
N ARG BE 231 53.60 118.98 -39.51
CA ARG BE 231 54.94 119.55 -39.65
C ARG BE 231 55.54 119.98 -38.31
N ILE BE 232 54.80 120.72 -37.52
CA ILE BE 232 55.38 121.20 -36.27
C ILE BE 232 55.62 120.05 -35.29
N SER BE 233 54.73 119.06 -35.26
CA SER BE 233 54.98 117.91 -34.40
C SER BE 233 56.26 117.19 -34.80
N ILE BE 234 56.49 117.02 -36.10
CA ILE BE 234 57.73 116.42 -36.58
C ILE BE 234 58.97 117.18 -36.12
N TRP BE 235 58.91 118.52 -36.10
CA TRP BE 235 60.08 119.25 -35.62
C TRP BE 235 60.27 119.11 -34.11
N LEU BE 236 59.17 119.19 -33.35
CA LEU BE 236 59.27 118.98 -31.91
C LEU BE 236 59.86 117.62 -31.59
N ASP BE 237 59.49 116.59 -32.34
CA ASP BE 237 60.06 115.27 -32.10
C ASP BE 237 61.58 115.27 -32.08
N THR BE 238 62.21 116.17 -32.82
CA THR BE 238 63.67 116.25 -32.83
C THR BE 238 64.22 117.09 -31.68
N TYR BE 239 63.76 118.33 -31.55
CA TYR BE 239 64.37 119.23 -30.56
C TYR BE 239 63.77 119.19 -29.15
N TYR BE 240 62.54 118.74 -28.97
CA TYR BE 240 61.89 118.66 -27.66
C TYR BE 240 61.20 117.32 -27.55
N PRO BE 241 61.97 116.23 -27.53
CA PRO BE 241 61.41 114.88 -27.59
C PRO BE 241 60.64 114.45 -26.35
N GLN BE 242 60.51 115.29 -25.33
CA GLN BE 242 59.81 114.90 -24.11
C GLN BE 242 58.76 115.93 -23.71
N LEU BE 243 58.48 116.89 -24.57
CA LEU BE 243 57.46 117.89 -24.29
C LEU BE 243 56.07 117.29 -24.39
N ALA BE 244 55.26 117.51 -23.36
CA ALA BE 244 53.87 117.08 -23.31
C ALA BE 244 52.97 118.22 -23.75
N TYR BE 245 52.16 117.98 -24.78
CA TYR BE 245 51.33 119.03 -25.33
C TYR BE 245 50.11 118.40 -26.00
N TYR BE 246 49.13 119.26 -26.31
CA TYR BE 246 47.89 118.84 -26.95
C TYR BE 246 47.78 119.22 -28.42
N ARG BE 247 47.52 120.48 -28.73
CA ARG BE 247 47.26 120.88 -30.10
C ARG BE 247 47.52 122.37 -30.25
N ILE BE 248 47.78 122.77 -31.48
CA ILE BE 248 47.91 124.17 -31.88
C ILE BE 248 46.69 124.59 -32.70
N HIS BE 249 45.99 125.60 -32.20
CA HIS BE 249 44.78 126.15 -32.80
C HIS BE 249 45.10 127.36 -33.67
N PHE BE 250 44.50 127.41 -34.85
CA PHE BE 250 44.70 128.47 -35.83
C PHE BE 250 43.40 129.16 -36.17
N ASP BE 251 42.56 129.39 -35.15
CA ASP BE 251 41.34 130.14 -35.39
C ASP BE 251 41.67 131.53 -35.89
N GLU BE 252 42.68 132.15 -35.30
CA GLU BE 252 43.24 133.42 -35.73
C GLU BE 252 44.62 133.08 -36.27
N PRO BE 253 44.79 132.93 -37.59
CA PRO BE 253 46.07 132.44 -38.09
C PRO BE 253 47.23 133.36 -37.85
N ARG BE 254 47.00 134.62 -37.52
CA ARG BE 254 48.08 135.51 -37.18
C ARG BE 254 48.54 135.38 -35.74
N LYS BE 255 47.78 134.69 -34.89
CA LYS BE 255 48.16 134.54 -33.48
C LYS BE 255 47.72 133.18 -32.98
N PRO BE 256 48.45 132.13 -33.34
CA PRO BE 256 48.07 130.79 -32.88
C PRO BE 256 48.18 130.63 -31.37
N VAL BE 257 47.47 129.60 -30.89
CA VAL BE 257 47.40 129.25 -29.47
C VAL BE 257 47.90 127.83 -29.31
N PHE BE 258 48.88 127.63 -28.43
CA PHE BE 258 49.50 126.33 -28.21
C PHE BE 258 49.21 125.87 -26.77
N TRP BE 259 48.50 124.75 -26.66
CA TRP BE 259 48.10 124.16 -25.37
C TRP BE 259 49.10 123.14 -24.83
N LEU BE 260 49.65 123.42 -23.67
CA LEU BE 260 50.59 122.52 -22.99
C LEU BE 260 49.95 121.95 -21.74
N SER BE 261 50.39 120.77 -21.34
CA SER BE 261 49.96 120.18 -20.07
C SER BE 261 50.56 120.90 -18.88
N ARG BE 262 49.71 121.26 -17.92
CA ARG BE 262 50.19 121.83 -16.66
C ARG BE 262 50.94 120.83 -15.78
N GLN BE 263 50.48 119.60 -15.68
CA GLN BE 263 51.18 118.65 -14.80
C GLN BE 263 52.44 118.08 -15.43
N ARG BE 264 52.36 117.57 -16.64
CA ARG BE 264 53.41 116.70 -17.15
C ARG BE 264 54.57 117.45 -17.75
N ASN BE 265 54.68 118.75 -17.52
CA ASN BE 265 55.81 119.54 -17.99
C ASN BE 265 56.36 120.33 -16.83
N THR BE 266 57.68 120.38 -16.73
CA THR BE 266 58.39 121.30 -15.85
C THR BE 266 59.32 122.17 -16.68
N MET BE 267 58.98 123.44 -16.81
CA MET BE 267 59.80 124.38 -17.54
C MET BE 267 59.66 125.74 -16.86
N SER BE 268 60.68 126.57 -16.99
CA SER BE 268 60.57 127.94 -16.49
C SER BE 268 59.97 128.87 -17.54
N LYS BE 269 59.51 130.02 -17.04
CA LYS BE 269 59.00 131.09 -17.89
C LYS BE 269 59.98 131.45 -19.00
N LYS BE 270 61.27 131.55 -18.67
CA LYS BE 270 62.30 131.82 -19.66
C LYS BE 270 62.31 130.77 -20.76
N GLU BE 271 62.30 129.51 -20.37
CA GLU BE 271 62.28 128.42 -21.35
C GLU BE 271 61.05 128.51 -22.24
N LEU BE 272 59.89 128.78 -21.64
CA LEU BE 272 58.68 128.94 -22.43
C LEU BE 272 58.82 130.06 -23.46
N GLU BE 273 59.41 131.18 -23.05
CA GLU BE 273 59.66 132.26 -24.00
C GLU BE 273 60.57 131.82 -25.15
N VAL BE 274 61.65 131.11 -24.82
CA VAL BE 274 62.53 130.60 -25.86
C VAL BE 274 61.77 129.71 -26.84
N LEU BE 275 60.99 128.78 -26.30
CA LEU BE 275 60.13 127.93 -27.13
C LEU BE 275 59.23 128.76 -28.04
N SER BE 276 58.59 129.76 -27.48
CA SER BE 276 57.75 130.67 -28.25
C SER BE 276 58.51 131.27 -29.42
N GLN BE 277 59.71 131.78 -29.17
CA GLN BE 277 60.47 132.40 -30.24
C GLN BE 277 60.84 131.41 -31.33
N LYS BE 278 61.18 130.18 -30.96
CA LYS BE 278 61.52 129.19 -31.98
C LYS BE 278 60.29 128.82 -32.82
N LEU BE 279 59.13 128.69 -32.18
CA LEU BE 279 57.91 128.50 -32.96
C LEU BE 279 57.69 129.65 -33.92
N ARG BE 280 57.88 130.87 -33.42
CA ARG BE 280 57.70 132.02 -34.29
C ARG BE 280 58.65 131.95 -35.47
N ALA BE 281 59.80 131.32 -35.28
CA ALA BE 281 60.72 131.16 -36.41
C ALA BE 281 60.21 130.10 -37.38
N LEU BE 282 59.49 129.10 -36.89
CA LEU BE 282 58.92 128.10 -37.80
C LEU BE 282 57.74 128.62 -38.59
N MET BE 283 57.02 129.60 -38.07
CA MET BE 283 55.81 130.08 -38.75
C MET BE 283 55.98 131.52 -39.22
N PRO BE 284 56.57 131.75 -40.40
CA PRO BE 284 56.81 133.12 -40.85
C PRO BE 284 55.57 133.94 -41.13
N TYR BE 285 54.39 133.35 -41.07
CA TYR BE 285 53.17 134.13 -41.27
C TYR BE 285 52.54 134.57 -39.96
N ALA BE 286 53.04 134.09 -38.82
CA ALA BE 286 52.48 134.41 -37.52
C ALA BE 286 53.28 135.51 -36.82
N ASP BE 287 52.56 136.42 -36.16
CA ASP BE 287 53.20 137.51 -35.43
C ASP BE 287 53.66 137.09 -34.04
N SER BE 288 52.97 136.16 -33.40
CA SER BE 288 53.37 135.66 -32.09
C SER BE 288 52.61 134.39 -31.80
N VAL BE 289 53.16 133.58 -30.89
CA VAL BE 289 52.55 132.32 -30.47
C VAL BE 289 52.20 132.42 -29.00
N ASN BE 290 50.91 132.23 -28.68
CA ASN BE 290 50.44 132.32 -27.31
C ASN BE 290 50.38 130.92 -26.72
N ILE BE 291 51.08 130.70 -25.61
CA ILE BE 291 51.11 129.41 -24.90
C ILE BE 291 50.17 129.41 -23.69
N THR BE 292 49.26 128.45 -23.67
CA THR BE 292 48.26 128.29 -22.62
C THR BE 292 48.39 126.91 -21.96
N LEU BE 293 48.31 126.88 -20.64
CA LEU BE 293 48.39 125.65 -19.85
C LEU BE 293 47.01 125.09 -19.55
N MET BE 294 46.80 123.81 -19.87
CA MET BE 294 45.53 123.12 -19.73
C MET BE 294 45.64 121.99 -18.70
N ASP BE 295 44.49 121.62 -18.13
CA ASP BE 295 44.39 120.55 -17.14
C ASP BE 295 43.96 119.19 -17.70
N ASP BE 296 44.77 118.18 -17.39
CA ASP BE 296 44.49 116.80 -17.80
C ASP BE 296 43.19 116.30 -17.21
N VAL BE 297 42.94 116.56 -15.94
CA VAL BE 297 41.68 116.10 -15.34
C VAL BE 297 40.50 116.65 -16.11
N THR BE 298 40.58 117.91 -16.54
CA THR BE 298 39.52 118.46 -17.37
C THR BE 298 39.33 117.67 -18.64
N ALA BE 299 40.42 117.45 -19.39
CA ALA BE 299 40.32 116.63 -20.59
C ALA BE 299 39.63 115.29 -20.36
N ALA BE 300 40.17 114.49 -19.43
CA ALA BE 300 39.59 113.19 -19.11
C ALA BE 300 38.12 113.30 -18.71
N GLY BE 301 37.77 114.30 -17.91
CA GLY BE 301 36.39 114.45 -17.50
C GLY BE 301 35.44 114.74 -18.64
N GLN BE 302 35.85 115.61 -19.57
CA GLN BE 302 35.01 115.82 -20.74
C GLN BE 302 34.86 114.56 -21.57
N ALA BE 303 35.89 113.74 -21.66
CA ALA BE 303 35.74 112.49 -22.41
C ALA BE 303 34.74 111.54 -21.78
N GLU BE 304 34.89 111.29 -20.48
CA GLU BE 304 33.95 110.38 -19.81
C GLU BE 304 32.54 110.93 -19.75
N ALA BE 305 32.38 112.22 -19.51
CA ALA BE 305 31.05 112.82 -19.57
C ALA BE 305 30.42 112.68 -20.94
N GLY BE 306 31.21 112.83 -22.02
CA GLY BE 306 30.65 112.61 -23.33
C GLY BE 306 30.16 111.19 -23.57
N LEU BE 307 30.94 110.20 -23.14
CA LEU BE 307 30.48 108.82 -23.35
C LEU BE 307 29.26 108.48 -22.49
N LYS BE 308 29.19 109.02 -21.29
CA LYS BE 308 27.99 108.81 -20.49
C LYS BE 308 26.79 109.48 -21.15
N GLN BE 309 26.95 110.74 -21.53
CA GLN BE 309 25.83 111.44 -22.14
C GLN BE 309 25.33 110.69 -23.34
N GLN BE 310 26.22 110.11 -24.13
CA GLN BE 310 25.75 109.35 -25.29
C GLN BE 310 25.31 107.94 -24.95
N ALA BE 311 25.35 107.53 -23.68
CA ALA BE 311 24.89 106.19 -23.28
C ALA BE 311 25.61 105.03 -23.95
N LEU BE 312 26.86 105.19 -24.28
CA LEU BE 312 27.60 104.06 -24.83
C LEU BE 312 28.14 103.19 -23.69
N PRO BE 313 28.26 101.88 -23.90
CA PRO BE 313 28.98 101.04 -22.95
C PRO BE 313 30.48 101.12 -23.19
N TYR BE 314 31.25 101.20 -22.11
CA TYR BE 314 32.67 101.45 -22.25
C TYR BE 314 33.44 100.97 -21.02
N SER BE 315 34.77 100.85 -21.19
CA SER BE 315 35.68 100.62 -20.08
C SER BE 315 36.82 101.62 -20.13
N ARG BE 316 37.30 102.02 -18.96
CA ARG BE 316 38.38 102.99 -18.84
C ARG BE 316 39.63 102.32 -18.27
N ARG BE 317 40.76 102.51 -18.95
CA ARG BE 317 42.07 102.16 -18.45
C ARG BE 317 42.94 103.39 -18.25
N ASN BE 318 43.66 103.43 -17.14
CA ASN BE 318 44.56 104.52 -16.80
C ASN BE 318 46.01 104.07 -16.85
N HIS BE 319 46.86 104.88 -17.47
CA HIS BE 319 48.29 104.70 -17.50
C HIS BE 319 48.93 105.99 -17.01
N LYS BE 320 50.24 105.95 -16.83
CA LYS BE 320 50.95 107.17 -16.44
C LYS BE 320 50.73 108.26 -17.46
N GLY BE 321 50.98 107.96 -18.73
CA GLY BE 321 50.93 108.96 -19.77
C GLY BE 321 49.61 109.14 -20.49
N GLY BE 322 48.54 108.43 -20.13
CA GLY BE 322 47.35 108.50 -20.96
C GLY BE 322 46.20 107.71 -20.39
N VAL BE 323 45.04 107.91 -21.01
CA VAL BE 323 43.79 107.26 -20.67
C VAL BE 323 43.24 106.61 -21.94
N THR BE 324 42.70 105.41 -21.81
CA THR BE 324 42.14 104.69 -22.95
C THR BE 324 40.73 104.23 -22.65
N PHE BE 325 39.81 104.47 -23.58
CA PHE BE 325 38.43 104.04 -23.46
C PHE BE 325 38.15 102.98 -24.51
N VAL BE 326 37.78 101.79 -24.07
CA VAL BE 326 37.49 100.66 -24.95
C VAL BE 326 35.99 100.47 -25.06
N ILE BE 327 35.49 100.65 -26.27
CA ILE BE 327 34.08 100.49 -26.65
C ILE BE 327 34.01 99.27 -27.55
N GLN BE 328 33.47 98.17 -27.06
CA GLN BE 328 33.49 96.96 -27.85
C GLN BE 328 32.35 96.03 -27.49
N GLY BE 329 32.05 95.13 -28.43
CA GLY BE 329 30.97 94.18 -28.32
C GLY BE 329 30.01 94.24 -29.49
N ALA BE 330 28.78 93.80 -29.29
CA ALA BE 330 27.73 93.93 -30.27
C ALA BE 330 27.07 95.30 -30.14
N LEU BE 331 27.23 96.14 -31.15
CA LEU BE 331 26.70 97.49 -31.15
C LEU BE 331 25.63 97.62 -32.22
N ASP BE 332 24.58 98.36 -31.89
CA ASP BE 332 23.55 98.67 -32.86
C ASP BE 332 23.96 99.84 -33.75
N ASP BE 333 23.31 99.93 -34.90
CA ASP BE 333 23.56 100.99 -35.87
C ASP BE 333 23.49 102.38 -35.26
N VAL BE 334 22.43 102.65 -34.49
CA VAL BE 334 22.31 103.95 -33.83
C VAL BE 334 23.51 104.23 -32.94
N GLU BE 335 23.94 103.23 -32.18
CA GLU BE 335 25.09 103.42 -31.31
C GLU BE 335 26.35 103.72 -32.12
N ILE BE 336 26.61 102.94 -33.16
CA ILE BE 336 27.77 103.21 -34.01
C ILE BE 336 27.76 104.63 -34.55
N LEU BE 337 26.61 105.10 -35.02
CA LEU BE 337 26.53 106.47 -35.52
C LEU BE 337 26.83 107.51 -34.45
N ARG BE 338 26.15 107.42 -33.31
CA ARG BE 338 26.43 108.33 -32.21
C ARG BE 338 27.92 108.36 -31.85
N ALA BE 339 28.51 107.18 -31.67
CA ALA BE 339 29.93 107.10 -31.35
C ALA BE 339 30.80 107.82 -32.36
N ARG BE 340 30.64 107.48 -33.64
CA ARG BE 340 31.46 108.15 -34.65
C ARG BE 340 31.33 109.66 -34.59
N GLN BE 341 30.11 110.18 -34.46
CA GLN BE 341 29.93 111.62 -34.40
C GLN BE 341 30.65 112.24 -33.20
N PHE BE 342 30.41 111.71 -32.00
CA PHE BE 342 31.06 112.24 -30.82
C PHE BE 342 32.58 112.24 -30.93
N VAL BE 343 33.16 111.08 -31.20
CA VAL BE 343 34.62 110.99 -31.29
C VAL BE 343 35.17 111.98 -32.29
N ASP BE 344 34.57 112.07 -33.47
CA ASP BE 344 35.03 113.06 -34.42
C ASP BE 344 34.99 114.47 -33.85
N SER BE 345 34.00 114.76 -33.02
CA SER BE 345 33.93 116.10 -32.43
C SER BE 345 35.05 116.32 -31.42
N TYR BE 346 35.24 115.39 -30.51
CA TYR BE 346 36.29 115.48 -29.49
C TYR BE 346 37.67 115.66 -30.11
N TYR BE 347 38.02 114.77 -31.02
CA TYR BE 347 39.35 114.79 -31.61
C TYR BE 347 39.70 116.14 -32.20
N ARG BE 348 38.74 116.87 -32.74
CA ARG BE 348 39.09 118.15 -33.33
C ARG BE 348 39.48 119.19 -32.30
N THR BE 349 39.06 119.02 -31.07
CA THR BE 349 39.40 119.93 -29.98
C THR BE 349 40.70 119.54 -29.31
N TRP BE 350 40.78 118.31 -28.82
CA TRP BE 350 41.92 117.86 -28.03
C TRP BE 350 43.00 117.10 -28.78
N GLY BE 351 42.82 116.75 -30.04
CA GLY BE 351 43.79 115.90 -30.70
C GLY BE 351 43.78 114.48 -30.17
N GLY BE 352 44.71 113.69 -30.69
CA GLY BE 352 44.86 112.30 -30.28
C GLY BE 352 46.04 111.89 -29.44
N ARG BE 353 46.65 112.80 -28.70
CA ARG BE 353 47.86 112.44 -27.96
C ARG BE 353 47.58 111.88 -26.57
N TYR BE 354 46.70 112.49 -25.80
CA TYR BE 354 46.48 112.00 -24.44
C TYR BE 354 45.41 110.92 -24.33
N VAL BE 355 44.25 111.06 -24.99
CA VAL BE 355 43.14 110.10 -24.88
C VAL BE 355 42.91 109.38 -26.20
N GLN BE 356 42.80 108.05 -26.14
CA GLN BE 356 42.53 107.19 -27.29
C GLN BE 356 41.24 106.40 -27.09
N PHE BE 357 40.42 106.35 -28.14
CA PHE BE 357 39.17 105.58 -28.18
C PHE BE 357 39.30 104.38 -29.10
N ALA BE 358 39.22 103.18 -28.55
CA ALA BE 358 39.26 101.93 -29.30
C ALA BE 358 37.85 101.40 -29.51
N ILE BE 359 37.39 101.37 -30.75
CA ILE BE 359 36.07 100.89 -31.14
C ILE BE 359 36.24 99.57 -31.89
N GLU BE 360 35.64 98.50 -31.37
CA GLU BE 360 35.85 97.17 -31.94
C GLU BE 360 34.58 96.34 -31.88
N LEU BE 361 34.05 95.97 -33.06
CA LEU BE 361 32.91 95.06 -33.16
C LEU BE 361 33.29 93.61 -32.90
N LYS BE 362 32.70 93.03 -31.87
CA LYS BE 362 32.95 91.66 -31.45
C LYS BE 362 31.68 90.83 -31.67
N ASP BE 363 31.88 89.62 -32.15
CA ASP BE 363 30.86 88.59 -32.01
C ASP BE 363 30.64 88.28 -30.54
N ASP BE 364 29.72 87.36 -30.26
CA ASP BE 364 29.64 86.81 -28.91
C ASP BE 364 30.97 86.19 -28.53
N TRP BE 365 31.41 86.46 -27.30
CA TRP BE 365 32.79 86.18 -26.93
C TRP BE 365 33.13 84.72 -27.23
N LEU BE 366 32.40 83.81 -26.61
CA LEU BE 366 32.47 82.40 -26.95
C LEU BE 366 31.29 82.05 -27.83
N LYS BE 367 31.57 81.32 -28.90
CA LYS BE 367 30.73 81.34 -30.10
C LYS BE 367 29.46 80.51 -29.91
N GLY BE 368 28.66 80.91 -28.93
CA GLY BE 368 27.47 80.12 -28.61
C GLY BE 368 27.71 78.82 -27.87
N ARG BE 369 28.71 78.76 -27.02
CA ARG BE 369 29.05 77.53 -26.30
C ARG BE 369 28.92 77.79 -24.81
N SER BE 370 28.45 76.80 -24.08
CA SER BE 370 28.34 76.93 -22.64
C SER BE 370 29.71 76.84 -21.99
N PHE BE 371 29.87 77.57 -20.90
CA PHE BE 371 31.15 77.58 -20.22
C PHE BE 371 30.95 77.95 -18.77
N GLN BE 372 31.95 77.63 -17.97
CA GLN BE 372 32.03 78.07 -16.59
C GLN BE 372 33.15 79.08 -16.47
N TYR BE 373 32.85 80.23 -15.90
CA TYR BE 373 33.81 81.30 -15.69
C TYR BE 373 34.39 81.25 -14.28
N GLY BE 374 35.42 82.04 -14.07
CA GLY BE 374 36.18 82.08 -12.84
C GLY BE 374 37.49 81.33 -12.94
N ALA BE 375 38.15 81.26 -11.79
CA ALA BE 375 39.50 80.70 -11.75
C ALA BE 375 39.55 79.22 -12.10
N GLU BE 376 38.43 78.50 -12.03
CA GLU BE 376 38.37 77.10 -12.44
C GLU BE 376 37.60 76.93 -13.73
N GLY BE 377 37.46 77.97 -14.53
CA GLY BE 377 36.60 77.92 -15.68
C GLY BE 377 37.05 76.92 -16.73
N TYR BE 378 36.09 76.60 -17.60
CA TYR BE 378 36.33 75.70 -18.71
C TYR BE 378 35.23 75.90 -19.73
N ILE BE 379 35.43 75.36 -20.92
CA ILE BE 379 34.46 75.45 -22.00
C ILE BE 379 33.92 74.07 -22.33
N LYS BE 380 32.60 73.99 -22.53
CA LYS BE 380 31.96 72.79 -23.05
C LYS BE 380 31.99 72.83 -24.57
N MET BE 381 32.90 72.07 -25.17
CA MET BE 381 32.91 72.00 -26.63
C MET BE 381 31.60 71.40 -27.09
N SER BE 382 31.18 70.34 -26.41
CA SER BE 382 29.90 69.68 -26.64
C SER BE 382 29.57 68.96 -25.36
N PRO BE 383 28.33 68.52 -25.19
CA PRO BE 383 28.07 67.58 -24.10
C PRO BE 383 29.08 66.45 -24.13
N GLY BE 384 29.62 66.11 -22.97
CA GLY BE 384 30.67 65.12 -22.89
C GLY BE 384 32.04 65.50 -23.39
N HIS BE 385 32.32 66.77 -23.67
CA HIS BE 385 33.64 67.17 -24.17
C HIS BE 385 34.05 68.48 -23.52
N TRP BE 386 35.00 68.42 -22.59
CA TRP BE 386 35.52 69.59 -21.88
C TRP BE 386 36.81 70.09 -22.48
N TYR BE 387 37.01 71.40 -22.47
CA TYR BE 387 38.24 72.03 -22.93
C TYR BE 387 38.71 73.03 -21.89
N PHE BE 388 39.99 72.99 -21.52
CA PHE BE 388 40.55 73.77 -20.42
C PHE BE 388 41.57 74.80 -20.90
N PRO BE 389 41.14 75.86 -21.52
CA PRO BE 389 42.09 76.76 -22.17
C PRO BE 389 42.79 77.70 -21.23
N SER BE 390 42.09 78.20 -20.22
CA SER BE 390 42.49 79.40 -19.51
C SER BE 390 41.61 79.54 -18.28
N PRO BE 391 42.02 80.34 -17.29
CA PRO BE 391 41.01 80.92 -16.40
C PRO BE 391 40.05 81.77 -17.20
N LEU BE 392 38.78 81.74 -16.80
CA LEU BE 392 37.77 82.52 -17.48
C LEU BE 392 37.07 83.47 -16.51
N ALA CE 171 20.73 148.76 -59.50
CA ALA CE 171 20.19 147.42 -59.29
C ALA CE 171 20.51 146.93 -57.90
N GLU CE 172 19.57 147.11 -56.97
CA GLU CE 172 19.82 146.69 -55.61
C GLU CE 172 19.79 145.18 -55.50
N LEU CE 173 20.35 144.67 -54.42
CA LEU CE 173 20.36 143.23 -54.23
C LEU CE 173 18.96 142.66 -54.05
N ASP CE 174 18.10 143.36 -53.32
CA ASP CE 174 16.74 142.88 -53.12
C ASP CE 174 15.99 142.68 -54.44
N SER CE 175 16.30 143.48 -55.46
CA SER CE 175 15.61 143.35 -56.74
C SER CE 175 16.00 142.08 -57.48
N LEU CE 176 17.12 141.47 -57.12
CA LEU CE 176 17.62 140.28 -57.80
C LEU CE 176 17.15 138.99 -57.17
N LEU CE 177 16.70 139.02 -55.92
CA LEU CE 177 16.34 137.79 -55.22
C LEU CE 177 14.99 137.24 -55.60
N GLY CE 178 14.13 137.99 -56.26
CA GLY CE 178 12.82 137.45 -56.58
C GLY CE 178 11.63 138.37 -56.48
N GLN CE 179 10.45 137.80 -56.74
CA GLN CE 179 9.19 138.49 -56.53
C GLN CE 179 8.73 138.48 -55.08
N GLU CE 180 8.87 137.38 -54.37
CA GLU CE 180 8.49 137.33 -52.96
C GLU CE 180 9.50 138.07 -52.09
N LYS CE 181 9.36 139.40 -52.10
CA LYS CE 181 10.34 140.28 -51.48
C LYS CE 181 10.59 139.91 -50.02
N GLU CE 182 9.54 139.62 -49.27
CA GLU CE 182 9.64 139.41 -47.83
C GLU CE 182 10.26 138.08 -47.46
N ARG CE 183 10.53 137.21 -48.43
CA ARG CE 183 11.11 135.91 -48.10
C ARG CE 183 12.51 136.07 -47.52
N PHE CE 184 13.21 137.14 -47.87
CA PHE CE 184 14.60 137.38 -47.48
C PHE CE 184 14.70 138.72 -46.77
N GLN CE 185 15.79 138.89 -46.03
CA GLN CE 185 16.05 140.13 -45.31
C GLN CE 185 17.51 140.50 -45.49
N VAL CE 186 17.75 141.70 -46.04
CA VAL CE 186 19.07 142.24 -46.32
C VAL CE 186 19.51 143.16 -45.20
N LEU CE 187 20.68 142.92 -44.63
CA LEU CE 187 21.20 143.72 -43.55
C LEU CE 187 22.62 144.18 -43.86
N PRO CE 188 22.96 145.45 -43.64
CA PRO CE 188 24.34 145.89 -43.81
C PRO CE 188 25.17 145.57 -42.58
N GLY CE 189 26.50 145.70 -42.72
CA GLY CE 189 27.34 145.44 -41.56
C GLY CE 189 28.61 146.26 -41.52
N ARG CE 190 29.26 146.19 -40.34
CA ARG CE 190 30.43 146.99 -40.06
C ARG CE 190 31.60 146.70 -40.99
N ASP CE 191 31.77 145.46 -41.42
CA ASP CE 191 32.81 145.13 -42.39
C ASP CE 191 32.47 145.55 -43.80
N LYS CE 192 31.44 146.39 -43.97
CA LYS CE 192 31.03 146.87 -45.28
C LYS CE 192 30.60 145.74 -46.20
N MET CE 193 29.70 144.89 -45.70
CA MET CE 193 29.23 143.75 -46.48
C MET CE 193 27.74 143.58 -46.18
N LEU CE 194 27.00 143.21 -47.22
CA LEU CE 194 25.58 142.87 -47.14
C LEU CE 194 25.37 141.41 -46.73
N TYR CE 195 24.70 141.21 -45.61
CA TYR CE 195 24.33 139.89 -45.10
C TYR CE 195 22.87 139.61 -45.40
N VAL CE 196 22.61 138.53 -46.12
CA VAL CE 196 21.27 138.09 -46.49
C VAL CE 196 20.86 136.98 -45.55
N ALA CE 197 19.84 137.23 -44.76
CA ALA CE 197 19.30 136.25 -43.80
C ALA CE 197 18.20 135.42 -44.44
N ALA CE 198 18.39 134.11 -44.42
CA ALA CE 198 17.48 133.10 -44.94
C ALA CE 198 16.90 132.28 -43.80
N GLN CE 199 15.80 131.58 -44.09
CA GLN CE 199 15.09 130.78 -43.10
C GLN CE 199 15.40 129.29 -43.17
N ASN CE 200 15.88 128.76 -44.29
CA ASN CE 200 16.06 127.31 -44.39
C ASN CE 200 17.09 127.04 -45.48
N GLU CE 201 17.44 125.77 -45.63
CA GLU CE 201 18.40 125.35 -46.65
C GLU CE 201 17.94 125.66 -48.07
N ARG CE 202 16.74 125.26 -48.43
CA ARG CE 202 16.27 125.53 -49.79
C ARG CE 202 16.39 127.01 -50.15
N ASP CE 203 15.91 127.89 -49.28
CA ASP CE 203 16.06 129.33 -49.51
C ASP CE 203 17.52 129.76 -49.53
N THR CE 204 18.32 129.19 -48.64
CA THR CE 204 19.76 129.48 -48.63
C THR CE 204 20.40 129.22 -49.98
N LEU CE 205 20.12 128.06 -50.57
CA LEU CE 205 20.68 127.77 -51.88
C LEU CE 205 20.06 128.63 -52.97
N TRP CE 206 18.79 128.99 -52.84
CA TRP CE 206 18.20 129.94 -53.77
C TRP CE 206 18.96 131.26 -53.78
N ALA CE 207 19.38 131.72 -52.60
CA ALA CE 207 20.15 132.95 -52.54
C ALA CE 207 21.57 132.75 -53.05
N ARG CE 208 22.25 131.72 -52.55
CA ARG CE 208 23.64 131.48 -52.94
C ARG CE 208 23.81 131.38 -54.45
N GLN CE 209 22.85 130.81 -55.16
CA GLN CE 209 22.99 130.75 -56.61
C GLN CE 209 23.13 132.13 -57.24
N VAL CE 210 22.43 133.12 -56.71
CA VAL CE 210 22.51 134.46 -57.30
C VAL CE 210 23.90 135.05 -57.13
N LEU CE 211 24.49 134.91 -55.96
CA LEU CE 211 25.83 135.44 -55.73
C LEU CE 211 26.87 134.65 -56.52
N ALA CE 212 26.78 133.34 -56.48
CA ALA CE 212 27.77 132.50 -57.17
C ALA CE 212 27.72 132.71 -58.67
N ARG CE 213 26.54 133.00 -59.22
CA ARG CE 213 26.45 133.35 -60.61
C ARG CE 213 27.18 134.65 -60.91
N GLY CE 214 27.34 135.51 -59.90
CA GLY CE 214 27.92 136.83 -60.10
C GLY CE 214 26.99 137.87 -60.67
N ASP CE 215 25.69 137.79 -60.37
CA ASP CE 215 24.77 138.83 -60.79
C ASP CE 215 24.96 140.13 -60.02
N TYR CE 216 25.58 140.06 -58.84
CA TYR CE 216 25.87 141.24 -58.04
C TYR CE 216 27.37 141.47 -57.97
N ASP CE 217 27.77 142.74 -58.00
CA ASP CE 217 29.18 143.11 -58.16
C ASP CE 217 29.91 143.38 -56.87
N LYS CE 218 29.27 143.94 -55.86
CA LYS CE 218 29.91 144.12 -54.55
C LYS CE 218 29.94 142.82 -53.75
N ASN CE 219 30.53 142.92 -52.56
CA ASN CE 219 30.60 141.79 -51.64
C ASN CE 219 29.26 141.56 -50.95
N ALA CE 220 28.92 140.29 -50.78
CA ALA CE 220 27.67 139.89 -50.13
C ALA CE 220 27.87 138.50 -49.56
N ARG CE 221 27.00 138.14 -48.62
CA ARG CE 221 27.10 136.86 -47.93
C ARG CE 221 25.72 136.39 -47.53
N VAL CE 222 25.53 135.07 -47.48
CA VAL CE 222 24.29 134.43 -47.07
C VAL CE 222 24.50 133.75 -45.74
N ILE CE 223 23.53 133.89 -44.82
CA ILE CE 223 23.64 133.32 -43.49
C ILE CE 223 22.31 132.76 -43.02
N ASN CE 224 22.38 131.82 -42.08
CA ASN CE 224 21.20 131.23 -41.46
C ASN CE 224 21.54 130.81 -40.04
N GLU CE 225 20.48 130.57 -39.27
CA GLU CE 225 20.61 130.29 -37.86
C GLU CE 225 21.45 129.06 -37.54
N ASN CE 226 21.27 127.96 -38.26
CA ASN CE 226 22.03 126.78 -37.90
C ASN CE 226 23.52 126.95 -38.19
N GLU CE 227 23.86 127.51 -39.35
CA GLU CE 227 25.25 127.77 -39.66
C GLU CE 227 25.89 128.66 -38.62
N GLU CE 228 25.19 129.72 -38.23
CA GLU CE 228 25.78 130.63 -37.25
C GLU CE 228 25.92 129.98 -35.89
N ASN CE 229 24.95 129.19 -35.46
CA ASN CE 229 25.12 128.51 -34.19
C ASN CE 229 26.35 127.63 -34.20
N LYS CE 230 26.57 126.90 -35.30
CA LYS CE 230 27.75 126.05 -35.37
C LYS CE 230 29.05 126.87 -35.33
N ARG CE 231 29.13 127.92 -36.13
CA ARG CE 231 30.35 128.73 -36.13
C ARG CE 231 30.67 129.28 -34.76
N ILE CE 232 29.66 129.79 -34.06
CA ILE CE 232 29.92 130.37 -32.76
C ILE CE 232 30.32 129.29 -31.75
N SER CE 233 29.72 128.12 -31.83
CA SER CE 233 30.12 127.08 -30.89
C SER CE 233 31.55 126.66 -31.13
N ILE CE 234 31.97 126.61 -32.40
CA ILE CE 234 33.36 126.27 -32.68
C ILE CE 234 34.33 127.30 -32.12
N TRP CE 235 33.97 128.57 -32.12
CA TRP CE 235 34.88 129.56 -31.55
C TRP CE 235 34.92 129.47 -30.03
N LEU CE 236 33.75 129.29 -29.41
CA LEU CE 236 33.69 129.07 -27.97
C LEU CE 236 34.53 127.88 -27.55
N ASP CE 237 34.51 126.81 -28.34
CA ASP CE 237 35.32 125.65 -28.02
C ASP CE 237 36.78 126.00 -27.78
N THR CE 238 37.28 127.02 -28.45
CA THR CE 238 38.68 127.39 -28.30
C THR CE 238 38.89 128.39 -27.17
N TYR CE 239 38.11 129.46 -27.10
CA TYR CE 239 38.44 130.48 -26.10
C TYR CE 239 37.69 130.35 -24.77
N TYR CE 240 36.62 129.59 -24.70
CA TYR CE 240 35.85 129.37 -23.48
C TYR CE 240 35.51 127.90 -23.41
N PRO CE 241 36.52 127.04 -23.24
CA PRO CE 241 36.29 125.60 -23.32
C PRO CE 241 35.50 125.01 -22.16
N GLN CE 242 35.05 125.80 -21.19
CA GLN CE 242 34.34 125.25 -20.05
C GLN CE 242 33.01 125.95 -19.79
N LEU CE 243 32.58 126.83 -20.69
CA LEU CE 243 31.33 127.56 -20.52
C LEU CE 243 30.15 126.65 -20.81
N ALA CE 244 29.17 126.66 -19.90
CA ALA CE 244 27.92 125.92 -20.04
C ALA CE 244 26.84 126.83 -20.61
N TYR CE 245 26.27 126.44 -21.75
CA TYR CE 245 25.30 127.27 -22.44
C TYR CE 245 24.37 126.38 -23.27
N TYR CE 246 23.27 126.98 -23.73
CA TYR CE 246 22.27 126.28 -24.53
C TYR CE 246 22.28 126.63 -26.01
N ARG CE 247 21.75 127.79 -26.38
CA ARG CE 247 21.61 128.12 -27.78
C ARG CE 247 21.49 129.63 -27.90
N ILE CE 248 21.83 130.13 -29.10
CA ILE CE 248 21.64 131.52 -29.47
C ILE CE 248 20.50 131.66 -30.47
N HIS CE 249 19.49 132.46 -30.10
CA HIS CE 249 18.29 132.70 -30.87
C HIS CE 249 18.41 133.96 -31.71
N PHE CE 250 18.00 133.87 -32.97
CA PHE CE 250 18.07 134.95 -33.96
C PHE CE 250 16.70 135.31 -34.49
N ASP CE 251 15.69 135.35 -33.63
CA ASP CE 251 14.38 135.76 -34.09
C ASP CE 251 14.42 137.19 -34.62
N GLU CE 252 15.13 138.07 -33.93
CA GLU CE 252 15.42 139.42 -34.40
C GLU CE 252 16.91 139.42 -34.66
N PRO CE 253 17.37 139.30 -35.90
CA PRO CE 253 18.80 139.12 -36.15
C PRO CE 253 19.66 140.30 -35.74
N ARG CE 254 19.09 141.48 -35.52
CA ARG CE 254 19.91 142.57 -35.05
C ARG CE 254 20.17 142.54 -33.55
N LYS CE 255 19.47 141.71 -32.79
CA LYS CE 255 19.69 141.63 -31.34
C LYS CE 255 19.50 140.22 -30.85
N PRO CE 256 20.49 139.35 -31.07
CA PRO CE 256 20.36 137.97 -30.61
C PRO CE 256 20.31 137.84 -29.08
N VAL CE 257 19.80 136.69 -28.66
CA VAL CE 257 19.63 136.33 -27.26
C VAL CE 257 20.44 135.06 -27.01
N PHE CE 258 21.33 135.10 -26.01
CA PHE CE 258 22.20 133.98 -25.70
C PHE CE 258 21.85 133.44 -24.31
N TRP CE 259 21.42 132.18 -24.27
CA TRP CE 259 21.01 131.51 -23.04
C TRP CE 259 22.13 130.74 -22.35
N LEU CE 260 22.46 131.14 -21.13
CA LEU CE 260 23.49 130.51 -20.31
C LEU CE 260 22.82 129.80 -19.15
N SER CE 261 23.43 128.72 -18.69
CA SER CE 261 22.97 128.07 -17.46
C SER CE 261 23.30 128.91 -16.25
N ARG CE 262 22.32 129.04 -15.36
CA ARG CE 262 22.52 129.74 -14.10
C ARG CE 262 23.40 128.99 -13.11
N GLN CE 263 23.18 127.68 -12.97
CA GLN CE 263 23.96 126.93 -11.98
C GLN CE 263 25.37 126.60 -12.45
N ARG CE 264 25.51 126.08 -13.66
CA ARG CE 264 26.79 125.54 -14.11
C ARG CE 264 27.77 126.60 -14.56
N ASN CE 265 27.50 127.88 -14.35
CA ASN CE 265 28.49 128.92 -14.60
C ASN CE 265 28.64 129.81 -13.38
N THR CE 266 29.88 130.17 -13.09
CA THR CE 266 30.22 131.26 -12.18
C THR CE 266 30.99 132.32 -12.94
N MET CE 267 30.41 133.50 -13.08
CA MET CE 267 31.07 134.62 -13.74
C MET CE 267 30.62 135.90 -13.07
N SER CE 268 31.44 136.94 -13.18
CA SER CE 268 31.04 138.26 -12.73
C SER CE 268 30.41 139.07 -13.85
N LYS CE 269 29.79 140.18 -13.45
CA LYS CE 269 29.16 141.10 -14.40
C LYS CE 269 30.16 141.61 -15.42
N LYS CE 270 31.37 141.96 -14.98
CA LYS CE 270 32.41 142.39 -15.90
C LYS CE 270 32.75 141.30 -16.92
N GLU CE 271 32.92 140.08 -16.44
CA GLU CE 271 33.18 138.97 -17.34
C GLU CE 271 32.06 138.81 -18.36
N LEU CE 272 30.81 138.88 -17.92
CA LEU CE 272 29.70 138.80 -18.86
C LEU CE 272 29.76 139.92 -19.90
N GLU CE 273 30.08 141.13 -19.47
CA GLU CE 273 30.22 142.22 -20.43
C GLU CE 273 31.31 141.96 -21.46
N VAL CE 274 32.47 141.50 -21.01
CA VAL CE 274 33.55 141.15 -21.93
C VAL CE 274 33.10 140.11 -22.94
N LEU CE 275 32.48 139.04 -22.45
CA LEU CE 275 31.94 138.02 -23.34
C LEU CE 275 31.00 138.62 -24.38
N SER CE 276 30.08 139.46 -23.91
CA SER CE 276 29.15 140.15 -24.80
C SER CE 276 29.87 140.90 -25.90
N GLN CE 277 30.88 141.69 -25.54
CA GLN CE 277 31.57 142.47 -26.56
C GLN CE 277 32.29 141.58 -27.55
N LYS CE 278 32.89 140.48 -27.10
CA LYS CE 278 33.56 139.62 -28.06
C LYS CE 278 32.57 138.95 -29.01
N LEU CE 279 31.41 138.56 -28.50
CA LEU CE 279 30.37 138.06 -29.40
C LEU CE 279 29.98 139.11 -30.42
N ARG CE 280 29.79 140.35 -29.97
CA ARG CE 280 29.44 141.39 -30.91
C ARG CE 280 30.50 141.56 -31.96
N ALA CE 281 31.76 141.27 -31.62
CA ALA CE 281 32.81 141.35 -32.63
C ALA CE 281 32.73 140.20 -33.60
N LEU CE 282 32.24 139.03 -33.16
CA LEU CE 282 32.09 137.92 -34.10
C LEU CE 282 30.92 138.13 -35.05
N MET CE 283 29.93 138.90 -34.66
CA MET CE 283 28.75 139.07 -35.50
C MET CE 283 28.65 140.50 -35.99
N PRO CE 284 29.35 140.85 -37.07
CA PRO CE 284 29.35 142.25 -37.53
C PRO CE 284 28.02 142.76 -38.04
N TYR CE 285 26.99 141.93 -38.14
CA TYR CE 285 25.69 142.42 -38.56
C TYR CE 285 24.78 142.71 -37.37
N ALA CE 286 25.18 142.33 -36.17
CA ALA CE 286 24.38 142.55 -34.97
C ALA CE 286 24.83 143.80 -34.23
N ASP CE 287 23.87 144.50 -33.64
CA ASP CE 287 24.16 145.70 -32.87
C ASP CE 287 24.49 145.42 -31.41
N SER CE 288 23.95 144.36 -30.84
CA SER CE 288 24.27 143.98 -29.47
C SER CE 288 23.78 142.57 -29.23
N VAL CE 289 24.34 141.93 -28.20
CA VAL CE 289 23.94 140.58 -27.81
C VAL CE 289 23.44 140.61 -26.38
N ASN CE 290 22.23 140.11 -26.16
CA ASN CE 290 21.63 140.07 -24.84
C ASN CE 290 21.89 138.71 -24.22
N ILE CE 291 22.51 138.67 -23.05
CA ILE CE 291 22.78 137.42 -22.33
C ILE CE 291 21.73 137.21 -21.24
N THR CE 292 21.06 136.06 -21.30
CA THR CE 292 20.01 135.65 -20.38
C THR CE 292 20.33 134.34 -19.69
N LEU CE 293 20.09 134.27 -18.39
CA LEU CE 293 20.32 133.07 -17.58
C LEU CE 293 19.04 132.24 -17.44
N MET CE 294 19.15 130.94 -17.76
CA MET CE 294 18.04 130.00 -17.76
C MET CE 294 18.25 128.94 -16.69
N ASP CE 295 17.14 128.31 -16.28
CA ASP CE 295 17.13 127.27 -15.27
C ASP CE 295 17.14 125.83 -15.81
N ASP CE 296 18.12 125.06 -15.35
CA ASP CE 296 18.24 123.65 -15.73
C ASP CE 296 17.03 122.83 -15.32
N VAL CE 297 16.54 123.05 -14.10
CA VAL CE 297 15.38 122.30 -13.64
C VAL CE 297 14.21 122.52 -14.58
N THR CE 298 14.04 123.75 -15.04
CA THR CE 298 13.01 124.03 -16.02
C THR CE 298 13.20 123.20 -17.29
N ALA CE 299 14.39 123.25 -17.87
CA ALA CE 299 14.65 122.43 -19.05
C ALA CE 299 14.28 120.96 -18.87
N ALA CE 300 14.86 120.33 -17.86
CA ALA CE 300 14.55 118.93 -17.58
C ALA CE 300 13.06 118.68 -17.36
N GLY CE 301 12.40 119.56 -16.63
CA GLY CE 301 10.98 119.37 -16.39
C GLY CE 301 10.12 119.44 -17.63
N GLN CE 302 10.38 120.40 -18.52
CA GLN CE 302 9.65 120.39 -19.78
C GLN CE 302 9.92 119.15 -20.62
N ALA CE 303 11.13 118.60 -20.55
CA ALA CE 303 11.39 117.36 -21.28
C ALA CE 303 10.54 116.21 -20.76
N GLU CE 304 10.53 116.03 -19.45
CA GLU CE 304 9.78 114.92 -18.88
C GLU CE 304 8.27 115.12 -19.00
N ALA CE 305 7.81 116.36 -18.84
CA ALA CE 305 6.41 116.61 -19.10
C ALA CE 305 6.03 116.24 -20.52
N GLY CE 306 6.88 116.55 -21.50
CA GLY CE 306 6.53 116.23 -22.87
C GLY CE 306 6.42 114.73 -23.12
N LEU CE 307 7.35 113.96 -22.57
CA LEU CE 307 7.24 112.52 -22.77
C LEU CE 307 6.01 111.93 -22.09
N LYS CE 308 5.69 112.40 -20.89
CA LYS CE 308 4.46 111.94 -20.25
C LYS CE 308 3.25 112.32 -21.09
N GLN CE 309 3.22 113.54 -21.59
CA GLN CE 309 2.09 114.00 -22.38
C GLN CE 309 1.89 113.18 -23.64
N GLN CE 310 2.96 112.64 -24.22
CA GLN CE 310 2.77 111.72 -25.35
C GLN CE 310 2.65 110.26 -24.91
N ALA CE 311 2.60 109.99 -23.61
CA ALA CE 311 2.43 108.63 -23.10
C ALA CE 311 3.49 107.65 -23.56
N LEU CE 312 4.66 108.11 -23.94
CA LEU CE 312 5.69 107.19 -24.37
C LEU CE 312 6.31 106.51 -23.16
N PRO CE 313 6.73 105.26 -23.30
CA PRO CE 313 7.51 104.61 -22.22
C PRO CE 313 8.94 105.10 -22.25
N TYR CE 314 9.49 105.35 -21.06
CA TYR CE 314 10.84 105.89 -21.00
C TYR CE 314 11.53 105.54 -19.69
N SER CE 315 12.85 105.70 -19.70
CA SER CE 315 13.67 105.69 -18.50
C SER CE 315 14.59 106.91 -18.48
N ARG CE 316 14.70 107.54 -17.33
CA ARG CE 316 15.52 108.72 -17.15
C ARG CE 316 16.81 108.37 -16.42
N ARG CE 317 17.93 108.94 -16.89
CA ARG CE 317 19.20 108.89 -16.18
C ARG CE 317 19.77 110.29 -16.03
N ASN CE 318 20.33 110.57 -14.86
CA ASN CE 318 20.95 111.85 -14.57
C ASN CE 318 22.45 111.70 -14.41
N HIS CE 319 23.20 112.66 -14.95
CA HIS CE 319 24.64 112.71 -14.83
C HIS CE 319 25.03 114.12 -14.45
N LYS CE 320 26.26 114.26 -13.98
CA LYS CE 320 26.71 115.52 -13.39
C LYS CE 320 26.45 116.69 -14.31
N GLY CE 321 26.48 116.48 -15.61
CA GLY CE 321 26.29 117.56 -16.55
C GLY CE 321 25.24 117.33 -17.61
N GLY CE 322 24.32 116.40 -17.42
CA GLY CE 322 23.36 116.13 -18.49
C GLY CE 322 22.33 115.12 -18.09
N VAL CE 323 21.26 115.08 -18.87
CA VAL CE 323 20.15 114.17 -18.66
C VAL CE 323 19.94 113.34 -19.92
N THR CE 324 19.70 112.05 -19.75
CA THR CE 324 19.45 111.15 -20.87
C THR CE 324 18.13 110.42 -20.70
N PHE CE 325 17.28 110.50 -21.71
CA PHE CE 325 16.01 109.79 -21.77
C PHE CE 325 16.08 108.67 -22.80
N VAL CE 326 15.90 107.44 -22.34
CA VAL CE 326 15.94 106.27 -23.20
C VAL CE 326 14.51 105.80 -23.43
N ILE CE 327 14.15 105.67 -24.70
CA ILE CE 327 12.82 105.27 -25.15
C ILE CE 327 13.06 104.05 -26.02
N GLN CE 328 12.85 102.86 -25.46
CA GLN CE 328 13.19 101.64 -26.18
C GLN CE 328 12.15 100.56 -25.96
N GLY CE 329 12.02 99.70 -26.96
CA GLY CE 329 11.11 98.57 -26.95
C GLY CE 329 10.42 98.40 -28.28
N ALA CE 330 9.35 97.60 -28.26
CA ALA CE 330 8.48 97.35 -29.41
C ALA CE 330 7.44 98.47 -29.61
N LEU CE 331 7.92 99.63 -30.02
CA LEU CE 331 7.03 100.76 -30.23
C LEU CE 331 6.24 100.60 -31.51
N ASP CE 332 5.01 101.09 -31.48
CA ASP CE 332 4.10 101.13 -32.61
C ASP CE 332 4.32 102.36 -33.49
N ASP CE 333 3.86 102.26 -34.73
CA ASP CE 333 3.91 103.36 -35.70
C ASP CE 333 3.43 104.71 -35.14
N VAL CE 334 2.27 104.72 -34.51
CA VAL CE 334 1.75 105.96 -33.94
C VAL CE 334 2.71 106.54 -32.91
N GLU CE 335 3.31 105.69 -32.10
CA GLU CE 335 4.26 106.15 -31.10
C GLU CE 335 5.51 106.71 -31.75
N ILE CE 336 6.13 105.96 -32.65
CA ILE CE 336 7.30 106.49 -33.34
C ILE CE 336 7.01 107.87 -33.92
N LEU CE 337 5.89 108.03 -34.61
CA LEU CE 337 5.53 109.33 -35.16
C LEU CE 337 5.45 110.44 -34.10
N ARG CE 338 4.66 110.21 -33.05
CA ARG CE 338 4.56 111.22 -32.00
C ARG CE 338 5.91 111.56 -31.37
N ALA CE 339 6.68 110.55 -30.99
CA ALA CE 339 8.01 110.79 -30.44
C ALA CE 339 8.85 111.66 -31.36
N ARG CE 340 8.95 111.28 -32.62
CA ARG CE 340 9.74 112.07 -33.57
C ARG CE 340 9.31 113.53 -33.60
N GLN CE 341 8.00 113.78 -33.74
CA GLN CE 341 7.52 115.16 -33.73
C GLN CE 341 7.92 115.92 -32.47
N PHE CE 342 7.71 115.32 -31.30
CA PHE CE 342 8.06 115.99 -30.06
C PHE CE 342 9.54 116.31 -29.97
N VAL CE 343 10.38 115.30 -30.12
CA VAL CE 343 11.83 115.52 -30.05
C VAL CE 343 12.27 116.63 -30.98
N ASP CE 344 11.75 116.62 -32.21
CA ASP CE 344 12.16 117.68 -33.12
C ASP CE 344 11.67 119.05 -32.67
N SER CE 345 10.54 119.10 -31.96
CA SER CE 345 10.10 120.40 -31.45
C SER CE 345 11.01 120.90 -30.35
N TYR CE 346 11.33 120.02 -29.40
CA TYR CE 346 12.20 120.38 -28.28
C TYR CE 346 13.57 120.85 -28.74
N TYR CE 347 14.20 120.09 -29.62
CA TYR CE 347 15.55 120.44 -30.05
C TYR CE 347 15.63 121.84 -30.64
N ARG CE 348 14.60 122.31 -31.33
CA ARG CE 348 14.71 123.64 -31.90
C ARG CE 348 14.69 124.75 -30.86
N THR CE 349 14.18 124.48 -29.67
CA THR CE 349 14.17 125.44 -28.58
C THR CE 349 15.42 125.38 -27.72
N TRP CE 350 15.71 124.20 -27.18
CA TRP CE 350 16.81 124.03 -26.23
C TRP CE 350 18.12 123.51 -26.82
N GLY CE 351 18.17 123.12 -28.08
CA GLY CE 351 19.34 122.45 -28.60
C GLY CE 351 19.57 121.06 -28.01
N GLY CE 352 20.70 120.50 -28.38
CA GLY CE 352 21.11 119.18 -27.93
C GLY CE 352 22.25 119.03 -26.95
N ARG CE 353 22.54 120.05 -26.17
CA ARG CE 353 23.68 119.99 -25.27
C ARG CE 353 23.39 119.36 -23.91
N TYR CE 354 22.31 119.75 -23.25
CA TYR CE 354 22.02 119.23 -21.92
C TYR CE 354 21.21 117.93 -21.89
N VAL CE 355 20.10 117.87 -22.63
CA VAL CE 355 19.19 116.72 -22.66
C VAL CE 355 19.32 115.95 -23.96
N GLN CE 356 19.52 114.63 -23.85
CA GLN CE 356 19.65 113.73 -24.99
C GLN CE 356 18.57 112.64 -24.97
N PHE CE 357 18.01 112.35 -26.14
CA PHE CE 357 17.01 111.31 -26.33
C PHE CE 357 17.57 110.17 -27.18
N ALA CE 358 17.29 108.94 -26.77
CA ALA CE 358 17.73 107.73 -27.48
C ALA CE 358 16.53 106.82 -27.74
N ILE CE 359 16.17 106.66 -29.00
CA ILE CE 359 15.04 105.84 -29.44
C ILE CE 359 15.53 104.53 -30.04
N GLU CE 360 15.12 103.40 -29.46
CA GLU CE 360 15.59 102.10 -29.90
C GLU CE 360 14.45 101.09 -30.03
N LEU CE 361 14.43 100.40 -31.17
CA LEU CE 361 13.47 99.36 -31.51
C LEU CE 361 14.06 97.97 -31.31
N LYS CE 362 13.34 97.13 -30.59
CA LYS CE 362 13.78 95.77 -30.35
C LYS CE 362 12.59 94.81 -30.38
N ASP CE 363 12.87 93.58 -30.80
CA ASP CE 363 11.87 92.53 -30.94
C ASP CE 363 11.17 92.19 -29.63
N ASP CE 364 10.00 91.58 -29.77
CA ASP CE 364 9.17 91.17 -28.64
C ASP CE 364 9.25 89.65 -28.49
N TRP CE 365 9.80 89.21 -27.36
CA TRP CE 365 9.96 87.80 -27.06
C TRP CE 365 8.68 87.15 -26.55
N LEU CE 366 7.81 87.93 -25.93
CA LEU CE 366 6.63 87.40 -25.26
C LEU CE 366 5.49 86.98 -26.18
N LYS CE 367 5.39 87.53 -27.37
CA LYS CE 367 4.28 87.18 -28.24
C LYS CE 367 4.09 85.68 -28.40
N GLY CE 368 2.98 85.18 -27.85
CA GLY CE 368 2.55 83.80 -27.91
C GLY CE 368 3.17 82.82 -26.94
N ARG CE 369 3.89 83.29 -25.94
CA ARG CE 369 4.57 82.45 -24.96
C ARG CE 369 4.00 82.74 -23.59
N SER CE 370 3.83 81.73 -22.76
CA SER CE 370 3.45 82.00 -21.39
C SER CE 370 4.69 82.28 -20.57
N PHE CE 371 4.52 83.07 -19.53
CA PHE CE 371 5.63 83.57 -18.75
C PHE CE 371 5.17 84.03 -17.39
N GLN CE 372 6.11 84.10 -16.45
CA GLN CE 372 5.86 84.71 -15.16
C GLN CE 372 6.58 86.04 -15.10
N TYR CE 373 5.93 87.03 -14.50
CA TYR CE 373 6.47 88.38 -14.36
C TYR CE 373 6.39 88.81 -12.91
N GLY CE 374 7.38 89.53 -12.46
CA GLY CE 374 7.44 89.97 -11.09
C GLY CE 374 8.89 90.14 -10.65
N ALA CE 375 9.16 89.67 -9.43
CA ALA CE 375 10.53 89.70 -8.92
C ALA CE 375 11.41 88.65 -9.58
N GLU CE 376 10.90 87.44 -9.78
CA GLU CE 376 11.67 86.35 -10.36
C GLU CE 376 10.91 85.71 -11.53
N GLY CE 377 10.58 86.52 -12.52
CA GLY CE 377 9.91 85.99 -13.69
C GLY CE 377 10.83 85.17 -14.58
N TYR CE 378 10.21 84.54 -15.56
CA TYR CE 378 10.91 83.73 -16.54
C TYR CE 378 9.96 83.46 -17.69
N ILE CE 379 10.52 82.94 -18.77
CA ILE CE 379 9.79 82.68 -20.00
C ILE CE 379 9.83 81.19 -20.30
N LYS CE 380 8.73 80.64 -20.78
CA LYS CE 380 8.70 79.26 -21.22
C LYS CE 380 8.84 79.24 -22.73
N MET CE 381 10.05 78.98 -23.20
CA MET CE 381 10.28 78.96 -24.64
C MET CE 381 9.38 77.94 -25.30
N SER CE 382 9.16 76.84 -24.64
CA SER CE 382 8.20 75.79 -24.97
C SER CE 382 7.93 75.12 -23.64
N PRO CE 383 7.06 74.16 -23.54
CA PRO CE 383 7.11 73.28 -22.38
C PRO CE 383 8.49 72.69 -22.22
N GLY CE 384 8.85 72.31 -21.01
CA GLY CE 384 10.15 71.74 -20.75
C GLY CE 384 11.35 72.64 -20.95
N HIS CE 385 11.19 73.87 -21.44
CA HIS CE 385 12.33 74.74 -21.67
C HIS CE 385 12.12 76.09 -21.01
N TRP CE 386 12.89 76.37 -19.96
CA TRP CE 386 12.81 77.61 -19.20
C TRP CE 386 13.94 78.56 -19.58
N TYR CE 387 13.61 79.82 -19.80
CA TYR CE 387 14.59 80.87 -20.01
C TYR CE 387 14.52 81.87 -18.87
N PHE CE 388 15.65 82.10 -18.20
CA PHE CE 388 15.79 83.04 -17.09
C PHE CE 388 16.57 84.28 -17.52
N PRO CE 389 15.92 85.31 -18.04
CA PRO CE 389 16.63 86.56 -18.29
C PRO CE 389 16.96 87.26 -16.97
N SER CE 390 17.81 88.27 -17.07
CA SER CE 390 18.17 89.06 -15.90
C SER CE 390 18.33 90.54 -16.18
N ALA DE 171 -6.38 149.52 -60.88
CA ALA DE 171 -6.70 148.11 -60.74
C ALA DE 171 -6.54 147.68 -59.28
N GLU DE 172 -7.63 147.68 -58.53
CA GLU DE 172 -7.53 147.32 -57.14
C GLU DE 172 -7.31 145.82 -56.99
N LEU DE 173 -6.80 145.45 -55.82
CA LEU DE 173 -6.51 144.04 -55.57
C LEU DE 173 -7.77 143.19 -55.52
N ASP DE 174 -8.85 143.71 -54.94
CA ASP DE 174 -10.08 142.94 -54.86
C ASP DE 174 -10.60 142.53 -56.24
N SER DE 175 -10.38 143.36 -57.25
CA SER DE 175 -10.83 143.05 -58.61
C SER DE 175 -10.07 141.90 -59.25
N LEU DE 176 -8.91 141.55 -58.73
CA LEU DE 176 -8.06 140.51 -59.30
C LEU DE 176 -8.27 139.13 -58.69
N LEU DE 177 -8.88 139.03 -57.53
CA LEU DE 177 -8.99 137.75 -56.87
C LEU DE 177 -10.10 136.86 -57.42
N GLY DE 178 -11.03 137.38 -58.20
CA GLY DE 178 -12.13 136.54 -58.66
C GLY DE 178 -13.52 137.15 -58.74
N GLN DE 179 -14.47 136.31 -59.15
CA GLN DE 179 -15.87 136.71 -59.18
C GLN DE 179 -16.54 136.63 -57.81
N GLU DE 180 -16.20 135.64 -57.00
CA GLU DE 180 -16.81 135.51 -55.67
C GLU DE 180 -16.08 136.45 -54.71
N LYS DE 181 -16.41 137.74 -54.83
CA LYS DE 181 -15.70 138.76 -54.07
C LYS DE 181 -15.79 138.55 -52.56
N GLU DE 182 -16.84 137.91 -52.08
CA GLU DE 182 -16.98 137.64 -50.65
C GLU DE 182 -15.98 136.63 -50.12
N ARG DE 183 -15.33 135.87 -50.99
CA ARG DE 183 -14.50 134.76 -50.56
C ARG DE 183 -13.25 135.19 -49.79
N PHE DE 184 -12.76 136.40 -50.01
CA PHE DE 184 -11.48 136.88 -49.49
C PHE DE 184 -11.72 138.20 -48.77
N GLN DE 185 -10.76 138.60 -47.93
CA GLN DE 185 -10.90 139.88 -47.23
C GLN DE 185 -9.57 140.63 -47.26
N VAL DE 186 -9.58 141.84 -47.79
CA VAL DE 186 -8.38 142.67 -47.94
C VAL DE 186 -8.32 143.68 -46.81
N LEU DE 187 -7.21 143.69 -46.08
CA LEU DE 187 -6.97 144.58 -44.96
C LEU DE 187 -5.70 145.39 -45.14
N PRO DE 188 -5.74 146.69 -44.87
CA PRO DE 188 -4.52 147.50 -44.89
C PRO DE 188 -3.73 147.35 -43.61
N GLY DE 189 -2.40 147.39 -43.73
CA GLY DE 189 -1.52 147.25 -42.58
C GLY DE 189 -0.65 148.47 -42.39
N ARG DE 190 -0.31 148.74 -41.13
CA ARG DE 190 0.51 149.89 -40.79
C ARG DE 190 1.86 149.91 -41.48
N ASP DE 191 2.41 148.75 -41.81
CA ASP DE 191 3.65 148.68 -42.57
C ASP DE 191 3.48 148.98 -44.05
N LYS DE 192 2.32 149.51 -44.45
CA LYS DE 192 2.01 149.84 -45.83
C LYS DE 192 2.03 148.62 -46.76
N MET DE 193 1.31 147.58 -46.35
CA MET DE 193 1.27 146.34 -47.10
C MET DE 193 -0.16 145.85 -47.03
N LEU DE 194 -0.66 145.27 -48.13
CA LEU DE 194 -2.00 144.68 -48.12
C LEU DE 194 -1.99 143.23 -47.65
N TYR DE 195 -2.81 142.92 -46.66
CA TYR DE 195 -2.95 141.58 -46.11
C TYR DE 195 -4.26 140.96 -46.58
N VAL DE 196 -4.17 139.88 -47.33
CA VAL DE 196 -5.32 139.14 -47.83
C VAL DE 196 -5.59 138.01 -46.85
N ALA DE 197 -6.72 138.09 -46.16
CA ALA DE 197 -7.14 137.07 -45.22
C ALA DE 197 -7.97 136.04 -45.98
N ALA DE 198 -7.55 134.78 -45.86
CA ALA DE 198 -8.16 133.61 -46.47
C ALA DE 198 -8.75 132.69 -45.39
N GLN DE 199 -9.61 131.78 -45.83
CA GLN DE 199 -10.30 130.84 -44.94
C GLN DE 199 -9.72 129.43 -44.93
N ASN DE 200 -8.96 129.01 -45.94
CA ASN DE 200 -8.50 127.64 -46.00
C ASN DE 200 -7.28 127.57 -46.90
N GLU DE 201 -6.66 126.39 -46.92
CA GLU DE 201 -5.48 126.16 -47.74
C GLU DE 201 -5.71 126.35 -49.23
N ARG DE 202 -6.72 125.69 -49.79
CA ARG DE 202 -7.03 125.83 -51.20
C ARG DE 202 -7.16 127.30 -51.60
N ASP DE 203 -7.94 128.07 -50.85
CA ASP DE 203 -8.05 129.50 -51.12
C ASP DE 203 -6.73 130.23 -50.96
N THR DE 204 -5.94 129.84 -49.96
CA THR DE 204 -4.62 130.44 -49.77
C THR DE 204 -3.79 130.33 -51.03
N LEU DE 205 -3.76 129.15 -51.63
CA LEU DE 205 -3.03 128.99 -52.89
C LEU DE 205 -3.71 129.71 -54.04
N TRP DE 206 -5.03 129.82 -54.04
CA TRP DE 206 -5.69 130.60 -55.08
C TRP DE 206 -5.23 132.05 -55.06
N ALA DE 207 -4.96 132.60 -53.89
CA ALA DE 207 -4.39 133.95 -53.81
C ALA DE 207 -2.91 133.98 -54.13
N ARG DE 208 -2.13 133.12 -53.50
CA ARG DE 208 -0.69 133.14 -53.72
C ARG DE 208 -0.34 133.03 -55.18
N GLN DE 209 -1.06 132.23 -55.97
CA GLN DE 209 -0.74 132.19 -57.39
C GLN DE 209 -0.86 133.57 -58.02
N VAL DE 210 -1.85 134.36 -57.60
CA VAL DE 210 -2.03 135.69 -58.16
C VAL DE 210 -0.86 136.59 -57.80
N LEU DE 211 -0.45 136.55 -56.55
CA LEU DE 211 0.69 137.37 -56.15
C LEU DE 211 1.98 136.92 -56.81
N ALA DE 212 2.26 135.62 -56.80
CA ALA DE 212 3.50 135.09 -57.36
C ALA DE 212 3.60 135.35 -58.85
N ARG DE 213 2.48 135.30 -59.57
CA ARG DE 213 2.52 135.65 -60.97
C ARG DE 213 2.96 137.08 -61.19
N GLY DE 214 2.78 137.94 -60.19
CA GLY DE 214 3.08 139.35 -60.32
C GLY DE 214 2.02 140.19 -60.98
N ASP DE 215 0.76 139.80 -60.87
CA ASP DE 215 -0.30 140.62 -61.41
C ASP DE 215 -0.47 141.94 -60.66
N TYR DE 216 0.01 142.03 -59.43
CA TYR DE 216 -0.10 143.24 -58.65
C TYR DE 216 1.27 143.80 -58.31
N ASP DE 217 1.36 145.13 -58.25
CA ASP DE 217 2.64 145.82 -58.19
C ASP DE 217 3.06 146.34 -56.81
N LYS DE 218 2.12 146.73 -55.95
CA LYS DE 218 2.49 147.07 -54.58
C LYS DE 218 2.72 145.81 -53.75
N ASN DE 219 3.12 146.01 -52.49
CA ASN DE 219 3.35 144.90 -51.58
C ASN DE 219 2.07 144.29 -51.01
N ALA DE 220 2.06 142.96 -50.92
CA ALA DE 220 0.92 142.23 -50.42
C ALA DE 220 1.39 140.91 -49.82
N ARG DE 221 0.54 140.34 -48.98
CA ARG DE 221 0.84 139.11 -48.27
C ARG DE 221 -0.47 138.38 -48.03
N VAL DE 222 -0.41 137.05 -47.97
CA VAL DE 222 -1.57 136.20 -47.70
C VAL DE 222 -1.44 135.56 -46.33
N ILE DE 223 -2.54 135.54 -45.57
CA ILE DE 223 -2.54 135.00 -44.22
C ILE DE 223 -3.80 134.20 -43.92
N ASN DE 224 -3.65 133.30 -42.96
CA ASN DE 224 -4.72 132.46 -42.45
C ASN DE 224 -4.42 132.13 -40.99
N GLU DE 225 -5.47 131.68 -40.31
CA GLU DE 225 -5.41 131.47 -38.87
C GLU DE 225 -4.37 130.45 -38.45
N ASN DE 226 -4.25 129.33 -39.16
CA ASN DE 226 -3.28 128.33 -38.72
C ASN DE 226 -1.85 128.82 -38.83
N GLU DE 227 -1.51 129.44 -39.96
CA GLU DE 227 -0.18 130.00 -40.12
C GLU DE 227 0.14 131.01 -39.04
N GLU DE 228 -0.80 131.90 -38.75
CA GLU DE 228 -0.50 132.90 -37.75
C GLU DE 228 -0.38 132.29 -36.36
N ASN DE 229 -1.18 131.29 -36.05
CA ASN DE 229 -1.01 130.63 -34.77
C ASN DE 229 0.38 130.02 -34.65
N LYS DE 230 0.87 129.38 -35.71
CA LYS DE 230 2.21 128.81 -35.64
C LYS DE 230 3.29 129.86 -35.45
N ARG DE 231 3.25 130.92 -36.26
CA ARG DE 231 4.24 131.97 -36.15
C ARG DE 231 4.27 132.58 -34.75
N ILE DE 232 3.09 132.87 -34.20
CA ILE DE 232 3.06 133.50 -32.90
C ILE DE 232 3.52 132.55 -31.81
N SER DE 233 3.21 131.26 -31.95
CA SER DE 233 3.70 130.33 -30.94
C SER DE 233 5.21 130.25 -30.98
N ILE DE 234 5.80 130.31 -32.17
CA ILE DE 234 7.25 130.31 -32.25
C ILE DE 234 7.87 131.54 -31.62
N TRP DE 235 7.19 132.70 -31.70
CA TRP DE 235 7.77 133.87 -31.05
C TRP DE 235 7.66 133.78 -29.53
N LEU DE 236 6.50 133.36 -29.05
CA LEU DE 236 6.32 133.14 -27.61
C LEU DE 236 7.34 132.17 -27.06
N ASP DE 237 7.64 131.11 -27.80
CA ASP DE 237 8.66 130.16 -27.38
C ASP DE 237 9.96 130.83 -26.97
N THR DE 238 10.30 131.95 -27.60
CA THR DE 238 11.55 132.62 -27.30
C THR DE 238 11.40 133.65 -26.18
N TYR DE 239 10.40 134.51 -26.24
CA TYR DE 239 10.38 135.58 -25.23
C TYR DE 239 9.53 135.30 -23.99
N TYR DE 240 8.65 134.33 -24.02
CA TYR DE 240 7.82 133.94 -22.87
C TYR DE 240 7.81 132.43 -22.81
N PRO DE 241 8.96 131.83 -22.52
CA PRO DE 241 9.06 130.37 -22.58
C PRO DE 241 8.29 129.60 -21.52
N GLN DE 242 7.58 130.25 -20.61
CA GLN DE 242 6.86 129.54 -19.56
C GLN DE 242 5.40 129.98 -19.47
N LEU DE 243 4.91 130.74 -20.43
CA LEU DE 243 3.52 131.17 -20.46
C LEU DE 243 2.60 130.04 -20.86
N ALA DE 244 1.55 129.82 -20.07
CA ALA DE 244 0.51 128.83 -20.33
C ALA DE 244 -0.66 129.48 -21.05
N TYR DE 245 -0.99 128.98 -22.25
CA TYR DE 245 -2.03 129.60 -23.06
C TYR DE 245 -2.65 128.54 -23.95
N TYR DE 246 -3.79 128.89 -24.54
CA TYR DE 246 -4.54 127.99 -25.42
C TYR DE 246 -4.46 128.31 -26.91
N ARG DE 247 -5.18 129.33 -27.36
CA ARG DE 247 -5.26 129.59 -28.79
C ARG DE 247 -5.66 131.03 -29.01
N ILE DE 248 -5.31 131.53 -30.20
CA ILE DE 248 -5.74 132.85 -30.67
C ILE DE 248 -6.79 132.72 -31.76
N HIS DE 249 -7.94 133.33 -31.52
CA HIS DE 249 -9.10 133.33 -32.40
C HIS DE 249 -9.14 134.59 -33.26
N PHE DE 250 -9.42 134.41 -34.54
CA PHE DE 250 -9.51 135.49 -35.52
C PHE DE 250 -10.87 135.58 -36.16
N ASP DE 251 -11.93 135.41 -35.37
CA ASP DE 251 -13.27 135.55 -35.92
C ASP DE 251 -13.46 136.97 -36.46
N GLU DE 252 -12.97 137.96 -35.74
CA GLU DE 252 -12.93 139.34 -36.20
C GLU DE 252 -11.45 139.67 -36.39
N PRO DE 253 -10.92 139.67 -37.61
CA PRO DE 253 -9.47 139.78 -37.76
C PRO DE 253 -8.90 141.09 -37.29
N ARG DE 254 -9.71 142.12 -37.13
CA ARG DE 254 -9.21 143.38 -36.59
C ARG DE 254 -9.10 143.38 -35.07
N LYS DE 255 -9.68 142.40 -34.38
CA LYS DE 255 -9.65 142.35 -32.91
C LYS DE 255 -9.54 140.93 -32.42
N PRO DE 256 -8.35 140.33 -32.49
CA PRO DE 256 -8.19 138.95 -32.04
C PRO DE 256 -8.40 138.79 -30.54
N VAL DE 257 -8.66 137.55 -30.16
CA VAL DE 257 -8.91 137.13 -28.78
C VAL DE 257 -7.86 136.10 -28.39
N PHE DE 258 -7.15 136.33 -27.30
CA PHE DE 258 -6.10 135.46 -26.82
C PHE DE 258 -6.51 134.84 -25.49
N TRP DE 259 -6.64 133.51 -25.47
CA TRP DE 259 -7.06 132.74 -24.29
C TRP DE 259 -5.90 132.24 -23.44
N LEU DE 260 -5.80 132.73 -22.21
CA LEU DE 260 -4.79 132.30 -21.25
C LEU DE 260 -5.47 131.42 -20.20
N SER DE 261 -4.72 130.47 -19.66
CA SER DE 261 -5.17 129.73 -18.49
C SER DE 261 -5.21 130.61 -17.24
N ARG DE 262 -6.29 130.47 -16.46
CA ARG DE 262 -6.41 131.18 -15.19
C ARG DE 262 -5.47 130.64 -14.11
N GLN DE 263 -5.45 129.32 -13.90
CA GLN DE 263 -4.66 128.81 -12.78
C GLN DE 263 -3.17 128.76 -13.07
N ARG DE 264 -2.79 128.35 -14.27
CA ARG DE 264 -1.38 128.14 -14.56
C ARG DE 264 -0.64 129.43 -14.90
N ASN DE 265 -1.26 130.59 -14.78
CA ASN DE 265 -0.55 131.85 -14.98
C ASN DE 265 -0.66 132.74 -13.76
N THR DE 266 0.42 133.47 -13.48
CA THR DE 266 0.45 134.52 -12.47
C THR DE 266 1.07 135.78 -13.07
N MET DE 267 0.25 136.79 -13.31
CA MET DE 267 0.73 138.05 -13.88
C MET DE 267 -0.06 139.19 -13.27
N SER DE 268 0.56 140.38 -13.28
CA SER DE 268 -0.18 141.60 -13.01
C SER DE 268 -0.87 142.12 -14.26
N LYS DE 269 -1.79 143.06 -14.03
CA LYS DE 269 -2.42 143.79 -15.12
C LYS DE 269 -1.41 144.51 -16.00
N LYS DE 270 -0.39 145.12 -15.40
CA LYS DE 270 0.66 145.76 -16.18
C LYS DE 270 1.35 144.77 -17.12
N GLU DE 271 1.72 143.61 -16.59
CA GLU DE 271 2.34 142.59 -17.41
C GLU DE 271 1.42 142.19 -18.56
N LEU DE 272 0.13 141.98 -18.26
CA LEU DE 272 -0.81 141.67 -19.33
C LEU DE 272 -0.87 142.76 -20.39
N GLU DE 273 -0.87 144.02 -19.96
CA GLU DE 273 -0.88 145.14 -20.91
C GLU DE 273 0.37 145.15 -21.80
N VAL DE 274 1.54 144.97 -21.20
CA VAL DE 274 2.77 144.91 -21.98
C VAL DE 274 2.68 143.79 -23.02
N LEU DE 275 2.27 142.60 -22.58
CA LEU DE 275 2.05 141.49 -23.51
C LEU DE 275 1.12 141.89 -24.66
N SER DE 276 0.00 142.52 -24.31
CA SER DE 276 -0.94 143.01 -25.31
C SER DE 276 -0.26 143.90 -26.34
N GLN DE 277 0.52 144.86 -25.88
CA GLN DE 277 1.17 145.78 -26.80
C GLN DE 277 2.20 145.07 -27.69
N LYS DE 278 2.94 144.12 -27.14
CA LYS DE 278 3.91 143.43 -27.99
C LYS DE 278 3.22 142.56 -29.04
N LEU DE 279 2.14 141.89 -28.67
CA LEU DE 279 1.37 141.17 -29.68
C LEU DE 279 0.86 142.10 -30.76
N ARG DE 280 0.34 143.27 -30.35
CA ARG DE 280 -0.13 144.22 -31.34
C ARG DE 280 0.99 144.65 -32.26
N ALA DE 281 2.21 144.71 -31.76
CA ALA DE 281 3.31 145.07 -32.66
C ALA DE 281 3.65 143.93 -33.60
N LEU DE 282 3.44 142.70 -33.17
CA LEU DE 282 3.67 141.57 -34.07
C LEU DE 282 2.62 141.44 -35.16
N MET DE 283 1.41 141.97 -34.94
CA MET DE 283 0.31 141.83 -35.89
C MET DE 283 -0.07 143.22 -36.42
N PRO DE 284 0.61 143.70 -37.46
CA PRO DE 284 0.35 145.05 -37.96
C PRO DE 284 -1.01 145.24 -38.60
N TYR DE 285 -1.82 144.21 -38.77
CA TYR DE 285 -3.15 144.38 -39.32
C TYR DE 285 -4.23 144.47 -38.25
N ALA DE 286 -3.91 144.27 -36.98
CA ALA DE 286 -4.88 144.30 -35.91
C ALA DE 286 -4.77 145.59 -35.12
N ASP DE 287 -5.92 146.14 -34.72
CA ASP DE 287 -5.93 147.36 -33.94
C ASP DE 287 -5.73 147.12 -32.45
N SER DE 288 -6.14 145.97 -31.93
CA SER DE 288 -5.94 145.68 -30.52
C SER DE 288 -6.15 144.20 -30.30
N VAL DE 289 -5.62 143.69 -29.19
CA VAL DE 289 -5.75 142.29 -28.83
C VAL DE 289 -6.43 142.18 -27.48
N ASN DE 290 -7.49 141.39 -27.40
CA ASN DE 290 -8.25 141.18 -26.18
C ASN DE 290 -7.75 139.90 -25.50
N ILE DE 291 -7.31 140.01 -24.25
CA ILE DE 291 -6.85 138.86 -23.47
C ILE DE 291 -7.94 138.38 -22.52
N THR DE 292 -8.30 137.10 -22.64
CA THR DE 292 -9.36 136.47 -21.86
C THR DE 292 -8.81 135.27 -21.10
N LEU DE 293 -9.21 135.16 -19.84
CA LEU DE 293 -8.81 134.06 -18.95
C LEU DE 293 -9.86 132.95 -18.93
N MET DE 294 -9.43 131.72 -19.18
CA MET DE 294 -10.29 130.56 -19.27
C MET DE 294 -9.95 129.56 -18.16
N ASP DE 295 -10.92 128.70 -17.84
CA ASP DE 295 -10.78 127.69 -16.78
C ASP DE 295 -10.39 126.31 -17.31
N ASP DE 296 -9.32 125.77 -16.74
CA ASP DE 296 -8.84 124.43 -17.12
C ASP DE 296 -9.87 123.36 -16.80
N VAL DE 297 -10.50 123.44 -15.64
CA VAL DE 297 -11.51 122.44 -15.30
C VAL DE 297 -12.60 122.41 -16.36
N THR DE 298 -13.00 123.58 -16.84
CA THR DE 298 -13.97 123.63 -17.93
C THR DE 298 -13.48 122.91 -19.17
N ALA DE 299 -12.28 123.24 -19.63
CA ALA DE 299 -11.71 122.53 -20.78
C ALA DE 299 -11.75 121.01 -20.62
N ALA DE 300 -11.14 120.50 -19.55
CA ALA DE 300 -11.14 119.06 -19.31
C ALA DE 300 -12.55 118.48 -19.23
N GLY DE 301 -13.46 119.17 -18.58
CA GLY DE 301 -14.82 118.68 -18.48
C GLY DE 301 -15.50 118.54 -19.82
N GLN DE 302 -15.40 119.55 -20.66
CA GLN DE 302 -16.00 119.43 -21.99
C GLN DE 302 -15.36 118.34 -22.84
N ALA DE 303 -14.06 118.11 -22.71
CA ALA DE 303 -13.47 116.96 -23.39
C ALA DE 303 -14.09 115.64 -22.96
N GLU DE 304 -14.20 115.43 -21.65
CA GLU DE 304 -14.72 114.14 -21.21
C GLU DE 304 -16.19 113.99 -21.54
N ALA DE 305 -16.97 115.05 -21.36
CA ALA DE 305 -18.38 114.99 -21.72
C ALA DE 305 -18.57 114.65 -23.19
N GLY DE 306 -17.73 115.20 -24.07
CA GLY DE 306 -17.87 114.81 -25.47
C GLY DE 306 -17.55 113.35 -25.74
N LEU DE 307 -16.57 112.78 -25.05
CA LEU DE 307 -16.31 111.35 -25.25
C LEU DE 307 -17.45 110.48 -24.75
N LYS DE 308 -18.00 110.82 -23.58
CA LYS DE 308 -19.15 110.08 -23.09
C LYS DE 308 -20.35 110.25 -24.00
N GLN DE 309 -20.62 111.47 -24.44
CA GLN DE 309 -21.74 111.71 -25.33
C GLN DE 309 -21.59 110.95 -26.63
N GLN DE 310 -20.37 110.63 -27.04
CA GLN DE 310 -20.22 109.79 -28.22
C GLN DE 310 -20.20 108.30 -27.89
N ALA DE 311 -20.19 107.94 -26.61
CA ALA DE 311 -20.03 106.56 -26.15
C ALA DE 311 -18.74 105.88 -26.58
N LEU DE 312 -17.67 106.60 -26.71
CA LEU DE 312 -16.39 106.00 -27.04
C LEU DE 312 -15.78 105.34 -25.80
N PRO DE 313 -15.08 104.22 -25.95
CA PRO DE 313 -14.31 103.68 -24.82
C PRO DE 313 -12.96 104.38 -24.69
N TYR DE 314 -12.63 104.80 -23.47
CA TYR DE 314 -11.45 105.63 -23.26
C TYR DE 314 -10.86 105.41 -21.88
N SER DE 315 -9.63 105.88 -21.71
CA SER DE 315 -8.97 105.99 -20.41
C SER DE 315 -8.41 107.39 -20.22
N ARG DE 316 -8.52 107.93 -19.00
CA ARG DE 316 -8.08 109.28 -18.68
C ARG DE 316 -6.88 109.26 -17.75
N ARG DE 317 -5.91 110.14 -18.02
CA ARG DE 317 -4.70 110.24 -17.21
C ARG DE 317 -4.36 111.70 -16.95
N ASN DE 318 -4.01 112.01 -15.70
CA ASN DE 318 -3.76 113.38 -15.26
C ASN DE 318 -2.30 113.57 -14.91
N HIS DE 319 -1.75 114.72 -15.26
CA HIS DE 319 -0.40 115.10 -14.91
C HIS DE 319 -0.40 116.51 -14.35
N LYS DE 320 0.79 116.92 -13.89
CA LYS DE 320 0.95 118.25 -13.32
C LYS DE 320 0.31 119.32 -14.19
N GLY DE 321 0.46 119.20 -15.50
CA GLY DE 321 0.04 120.25 -16.40
C GLY DE 321 -0.59 119.78 -17.69
N GLY DE 322 -1.23 118.62 -17.68
CA GLY DE 322 -1.85 118.11 -18.89
C GLY DE 322 -2.71 116.90 -18.62
N VAL DE 323 -3.60 116.62 -19.55
CA VAL DE 323 -4.53 115.50 -19.48
C VAL DE 323 -4.44 114.74 -20.77
N THR DE 324 -4.48 113.41 -20.68
CA THR DE 324 -4.47 112.59 -21.89
C THR DE 324 -5.59 111.57 -21.85
N PHE DE 325 -6.28 111.46 -22.98
CA PHE DE 325 -7.32 110.47 -23.20
C PHE DE 325 -6.81 109.47 -24.22
N VAL DE 326 -6.71 108.21 -23.82
CA VAL DE 326 -6.25 107.14 -24.70
C VAL DE 326 -7.43 106.29 -25.12
N ILE DE 327 -7.61 106.17 -26.43
CA ILE DE 327 -8.65 105.37 -27.07
C ILE DE 327 -7.91 104.31 -27.86
N GLN DE 328 -7.99 103.05 -27.43
CA GLN DE 328 -7.23 102.02 -28.11
C GLN DE 328 -7.88 100.66 -28.00
N GLY DE 329 -7.61 99.82 -28.98
CA GLY DE 329 -8.11 98.47 -29.05
C GLY DE 329 -8.58 98.12 -30.44
N ALA DE 330 -9.37 97.05 -30.52
CA ALA DE 330 -10.05 96.63 -31.75
C ALA DE 330 -11.32 97.45 -31.99
N LEU DE 331 -11.13 98.72 -32.30
CA LEU DE 331 -12.25 99.62 -32.52
C LEU DE 331 -12.98 99.25 -33.81
N ASP DE 332 -14.23 99.68 -33.88
CA ASP DE 332 -15.10 99.49 -35.03
C ASP DE 332 -15.17 100.73 -35.92
N ASP DE 333 -15.50 100.50 -37.19
CA ASP DE 333 -15.61 101.57 -38.18
C ASP DE 333 -16.45 102.76 -37.72
N VAL DE 334 -17.63 102.50 -37.17
CA VAL DE 334 -18.48 103.61 -36.73
C VAL DE 334 -17.81 104.37 -35.59
N GLU DE 335 -17.10 103.66 -34.72
CA GLU DE 335 -16.37 104.32 -33.65
C GLU DE 335 -15.26 105.19 -34.20
N ILE DE 336 -14.41 104.64 -35.05
CA ILE DE 336 -13.35 105.44 -35.67
C ILE DE 336 -13.92 106.71 -36.28
N LEU DE 337 -14.97 106.58 -37.08
CA LEU DE 337 -15.56 107.76 -37.70
C LEU DE 337 -16.01 108.81 -36.68
N ARG DE 338 -16.85 108.42 -35.72
CA ARG DE 338 -17.27 109.38 -34.70
C ARG DE 338 -16.09 110.03 -33.98
N ALA DE 339 -15.13 109.22 -33.55
CA ALA DE 339 -13.95 109.75 -32.88
C ALA DE 339 -13.23 110.81 -33.72
N ARG DE 340 -12.85 110.45 -34.94
CA ARG DE 340 -12.20 111.44 -35.80
C ARG DE 340 -12.99 112.74 -35.87
N GLN DE 341 -14.31 112.65 -36.01
CA GLN DE 341 -15.10 113.88 -36.11
C GLN DE 341 -15.02 114.71 -34.84
N PHE DE 342 -15.27 114.09 -33.69
CA PHE DE 342 -15.20 114.81 -32.43
C PHE DE 342 -13.83 115.44 -32.19
N VAL DE 343 -12.79 114.63 -32.24
CA VAL DE 343 -11.43 115.12 -32.04
C VAL DE 343 -11.16 116.33 -32.91
N ASP DE 344 -11.48 116.24 -34.19
CA ASP DE 344 -11.20 117.38 -35.05
C ASP DE 344 -12.05 118.59 -34.72
N SER DE 345 -13.24 118.39 -34.16
CA SER DE 345 -14.03 119.54 -33.75
C SER DE 345 -13.43 120.24 -32.55
N TYR DE 346 -13.11 119.48 -31.51
CA TYR DE 346 -12.51 120.02 -30.29
C TYR DE 346 -11.21 120.77 -30.56
N TYR DE 347 -10.30 120.13 -31.29
CA TYR DE 347 -9.00 120.76 -31.51
C TYR DE 347 -9.14 122.15 -32.09
N ARG DE 348 -10.14 122.38 -32.94
CA ARG DE 348 -10.26 123.70 -33.52
C ARG DE 348 -10.67 124.76 -32.52
N THR DE 349 -11.26 124.38 -31.41
CA THR DE 349 -11.63 125.31 -30.36
C THR DE 349 -10.51 125.54 -29.35
N TRP DE 350 -10.05 124.46 -28.73
CA TRP DE 350 -9.09 124.55 -27.64
C TRP DE 350 -7.64 124.35 -28.06
N GLY DE 351 -7.36 123.99 -29.29
CA GLY DE 351 -6.02 123.60 -29.67
C GLY DE 351 -5.54 122.29 -29.05
N GLY DE 352 -4.26 122.02 -29.27
CA GLY DE 352 -3.62 120.83 -28.75
C GLY DE 352 -2.60 120.94 -27.63
N ARG DE 353 -2.62 122.01 -26.87
CA ARG DE 353 -1.59 122.21 -25.84
C ARG DE 353 -1.94 121.55 -24.52
N TYR DE 354 -3.15 121.70 -24.03
CA TYR DE 354 -3.48 121.14 -22.73
C TYR DE 354 -3.99 119.69 -22.80
N VAL DE 355 -4.92 119.38 -23.70
CA VAL DE 355 -5.54 118.06 -23.81
C VAL DE 355 -5.14 117.36 -25.11
N GLN DE 356 -4.62 116.14 -25.00
CA GLN DE 356 -4.18 115.31 -26.11
C GLN DE 356 -5.00 114.02 -26.22
N PHE DE 357 -5.25 113.58 -27.46
CA PHE DE 357 -6.00 112.38 -27.78
C PHE DE 357 -5.14 111.39 -28.57
N ALA DE 358 -5.19 110.12 -28.19
CA ALA DE 358 -4.46 109.05 -28.89
C ALA DE 358 -5.42 107.98 -29.35
N ILE DE 359 -5.34 107.62 -30.63
CA ILE DE 359 -6.18 106.59 -31.26
C ILE DE 359 -5.27 105.50 -31.81
N GLU DE 360 -5.24 104.35 -31.14
CA GLU DE 360 -4.38 103.24 -31.52
C GLU DE 360 -5.17 101.95 -31.74
N LEU DE 361 -4.99 101.33 -32.90
CA LEU DE 361 -5.59 100.02 -33.17
C LEU DE 361 -4.69 98.89 -32.68
N LYS DE 362 -5.32 97.90 -32.07
CA LYS DE 362 -4.65 96.77 -31.42
C LYS DE 362 -5.43 95.50 -31.68
N ASP DE 363 -4.72 94.37 -31.67
CA ASP DE 363 -5.32 93.05 -31.71
C ASP DE 363 -5.92 92.65 -30.39
N ASP DE 364 -6.81 93.48 -29.83
CA ASP DE 364 -7.28 93.33 -28.47
C ASP DE 364 -8.78 93.64 -28.45
N TRP DE 365 -9.57 92.59 -28.24
CA TRP DE 365 -11.03 92.67 -28.20
C TRP DE 365 -11.56 93.36 -26.95
N LEU DE 366 -10.80 93.41 -25.85
CA LEU DE 366 -11.31 94.04 -24.64
C LEU DE 366 -11.26 95.57 -24.72
N LYS DE 367 -10.62 96.13 -25.73
CA LYS DE 367 -10.52 97.57 -25.92
C LYS DE 367 -9.83 98.31 -24.78
N GLY DE 368 -8.78 97.71 -24.24
CA GLY DE 368 -7.99 98.24 -23.16
C GLY DE 368 -8.39 97.93 -21.74
N ARG DE 369 -9.55 97.35 -21.50
CA ARG DE 369 -9.82 96.92 -20.13
C ARG DE 369 -8.88 95.77 -19.80
N SER DE 370 -8.55 95.61 -18.52
CA SER DE 370 -7.62 94.57 -18.14
C SER DE 370 -7.91 94.07 -16.74
N PHE DE 371 -7.73 92.77 -16.52
CA PHE DE 371 -8.03 92.19 -15.22
C PHE DE 371 -7.08 91.04 -14.92
N GLN DE 372 -6.94 90.74 -13.64
CA GLN DE 372 -6.40 89.48 -13.17
C GLN DE 372 -7.50 88.69 -12.50
N TYR DE 373 -7.48 87.37 -12.65
CA TYR DE 373 -8.41 86.52 -11.92
C TYR DE 373 -7.70 85.88 -10.74
N GLY DE 374 -8.33 85.94 -9.58
CA GLY DE 374 -7.69 85.45 -8.38
C GLY DE 374 -8.63 84.76 -7.42
N ALA DE 375 -8.19 84.61 -6.17
CA ALA DE 375 -8.97 83.86 -5.20
C ALA DE 375 -10.33 84.48 -4.98
N GLU DE 376 -10.52 85.74 -5.34
CA GLU DE 376 -11.77 86.44 -5.11
C GLU DE 376 -12.33 87.01 -6.40
N GLY DE 377 -12.08 86.37 -7.52
CA GLY DE 377 -12.58 86.88 -8.76
C GLY DE 377 -11.74 88.02 -9.27
N TYR DE 378 -12.25 88.66 -10.32
CA TYR DE 378 -11.41 89.56 -11.08
C TYR DE 378 -11.04 90.81 -10.30
N ILE DE 379 -9.89 91.36 -10.65
CA ILE DE 379 -9.37 92.62 -10.14
C ILE DE 379 -8.98 93.44 -11.35
N LYS DE 380 -9.35 94.71 -11.39
CA LYS DE 380 -8.96 95.54 -12.51
C LYS DE 380 -7.51 95.96 -12.37
N MET DE 381 -6.79 95.99 -13.49
CA MET DE 381 -5.40 96.45 -13.50
C MET DE 381 -5.31 97.89 -13.99
N SER DE 382 -4.18 98.53 -13.67
CA SER DE 382 -3.83 99.80 -14.26
C SER DE 382 -3.29 99.65 -15.68
N PRO DE 383 -3.35 100.73 -16.46
CA PRO DE 383 -2.85 100.70 -17.84
C PRO DE 383 -1.33 100.56 -17.96
N GLY DE 384 -0.91 100.12 -19.14
CA GLY DE 384 0.51 99.95 -19.43
C GLY DE 384 0.71 99.59 -20.89
N HIS DE 385 1.99 99.50 -21.26
CA HIS DE 385 2.34 99.14 -22.63
C HIS DE 385 1.92 97.72 -22.99
N TRP DE 386 1.97 96.80 -22.04
CA TRP DE 386 1.56 95.42 -22.28
C TRP DE 386 0.05 95.27 -22.43
N TYR DE 387 -0.35 94.39 -23.34
CA TYR DE 387 -1.74 94.02 -23.56
C TYR DE 387 -1.78 92.60 -24.09
N PHE DE 388 -2.72 91.81 -23.61
CA PHE DE 388 -2.85 90.41 -24.00
C PHE DE 388 -3.65 90.31 -25.29
N PRO DE 389 -3.07 89.78 -26.37
CA PRO DE 389 -3.79 89.72 -27.64
C PRO DE 389 -4.95 88.74 -27.62
N SER DE 390 -6.00 89.11 -28.33
CA SER DE 390 -7.24 88.36 -28.46
C SER DE 390 -6.99 86.94 -28.95
N PRO DE 391 -7.22 85.92 -28.13
CA PRO DE 391 -7.17 84.55 -28.67
C PRO DE 391 -8.36 84.22 -29.52
N LEU DE 392 -9.52 84.83 -29.26
CA LEU DE 392 -10.69 84.60 -30.08
C LEU DE 392 -10.37 84.96 -31.52
N ALA EE 171 -32.79 143.63 -65.81
CA ALA EE 171 -32.80 142.19 -65.62
C ALA EE 171 -32.72 141.85 -64.15
N GLU EE 172 -33.87 141.60 -63.53
CA GLU EE 172 -33.85 141.29 -62.11
C GLU EE 172 -33.28 139.90 -61.90
N LEU EE 173 -32.87 139.64 -60.66
CA LEU EE 173 -32.32 138.32 -60.35
C LEU EE 173 -33.37 137.23 -60.47
N ASP EE 174 -34.61 137.49 -60.05
CA ASP EE 174 -35.65 136.47 -60.13
C ASP EE 174 -35.86 135.99 -61.57
N SER EE 175 -35.63 136.85 -62.55
CA SER EE 175 -35.79 136.44 -63.94
C SER EE 175 -34.69 135.49 -64.40
N LEU EE 176 -33.57 135.44 -63.70
CA LEU EE 176 -32.44 134.61 -64.09
C LEU EE 176 -32.42 133.26 -63.43
N LEU EE 177 -33.16 133.05 -62.35
CA LEU EE 177 -33.09 131.79 -61.64
C LEU EE 177 -33.89 130.69 -62.30
N GLY EE 178 -34.79 131.00 -63.22
CA GLY EE 178 -35.61 129.96 -63.81
C GLY EE 178 -37.05 130.27 -64.10
N GLN EE 179 -37.76 129.26 -64.61
CA GLN EE 179 -39.19 129.37 -64.86
C GLN EE 179 -40.04 129.18 -63.62
N GLU EE 180 -39.69 128.23 -62.76
CA GLU EE 180 -40.34 128.18 -61.46
C GLU EE 180 -39.84 129.32 -60.59
N LYS EE 181 -40.77 130.04 -59.99
CA LYS EE 181 -40.46 131.26 -59.23
C LYS EE 181 -40.49 131.03 -57.73
N GLU EE 182 -41.50 130.33 -57.24
CA GLU EE 182 -41.63 130.08 -55.81
C GLU EE 182 -40.55 129.17 -55.27
N ARG EE 183 -39.78 128.53 -56.14
CA ARG EE 183 -38.73 127.63 -55.68
C ARG EE 183 -37.64 128.36 -54.91
N PHE EE 184 -37.33 129.60 -55.28
CA PHE EE 184 -36.29 130.41 -54.65
C PHE EE 184 -36.91 131.66 -54.04
N GLN EE 185 -36.24 132.26 -53.06
CA GLN EE 185 -36.77 133.47 -52.43
C GLN EE 185 -35.67 134.52 -52.29
N VAL EE 186 -35.91 135.70 -52.86
CA VAL EE 186 -34.93 136.79 -52.86
C VAL EE 186 -35.24 137.80 -51.76
N LEU EE 187 -34.25 138.09 -50.92
CA LEU EE 187 -34.38 139.04 -49.82
C LEU EE 187 -33.31 140.12 -49.90
N PRO EE 188 -33.68 141.40 -49.76
CA PRO EE 188 -32.69 142.50 -49.70
C PRO EE 188 -32.04 142.63 -48.33
N GLY EE 189 -30.71 142.52 -48.28
CA GLY EE 189 -30.00 142.62 -47.02
C GLY EE 189 -29.54 144.04 -46.74
N ARG EE 190 -29.45 144.36 -45.44
CA ARG EE 190 -28.98 145.68 -45.02
C ARG EE 190 -27.57 146.00 -45.50
N ASP EE 191 -26.78 144.99 -45.80
CA ASP EE 191 -25.45 145.17 -46.39
C ASP EE 191 -25.52 145.50 -47.88
N LYS EE 192 -26.71 145.73 -48.41
CA LYS EE 192 -26.92 146.05 -49.82
C LYS EE 192 -26.49 144.91 -50.75
N MET EE 193 -26.95 143.71 -50.42
CA MET EE 193 -26.64 142.51 -51.18
C MET EE 193 -27.92 141.72 -51.27
N LEU EE 194 -28.18 141.09 -52.42
CA LEU EE 194 -29.33 140.22 -52.52
C LEU EE 194 -29.02 138.83 -51.98
N TYR EE 195 -29.81 138.38 -51.01
CA TYR EE 195 -29.69 137.05 -50.43
C TYR EE 195 -30.74 136.13 -51.04
N VAL EE 196 -30.30 135.08 -51.72
CA VAL EE 196 -31.18 134.09 -52.31
C VAL EE 196 -31.27 132.92 -51.36
N ALA EE 197 -32.45 132.71 -50.79
CA ALA EE 197 -32.74 131.61 -49.91
C ALA EE 197 -33.23 130.41 -50.71
N ALA EE 198 -32.54 129.28 -50.52
CA ALA EE 198 -32.81 127.98 -51.14
C ALA EE 198 -33.24 126.98 -50.08
N GLN EE 199 -33.83 125.87 -50.54
CA GLN EE 199 -34.32 124.83 -49.64
C GLN EE 199 -33.41 123.61 -49.51
N ASN EE 200 -32.51 123.35 -50.46
CA ASN EE 200 -31.73 122.12 -50.41
C ASN EE 200 -30.45 122.33 -51.21
N GLU EE 201 -29.55 121.36 -51.11
CA GLU EE 201 -28.26 121.42 -51.80
C GLU EE 201 -28.36 121.53 -53.32
N ARG EE 202 -29.10 120.62 -53.94
CA ARG EE 202 -29.26 120.69 -55.39
C ARG EE 202 -29.71 122.08 -55.86
N ASP EE 203 -30.74 122.63 -55.22
CA ASP EE 203 -31.19 123.98 -55.55
C ASP EE 203 -30.10 125.01 -55.27
N THR EE 204 -29.37 124.85 -54.18
CA THR EE 204 -28.27 125.75 -53.87
C THR EE 204 -27.29 125.82 -55.01
N LEU EE 205 -26.90 124.68 -55.56
CA LEU EE 205 -25.97 124.70 -56.68
C LEU EE 205 -26.61 125.24 -57.96
N TRP EE 206 -27.90 124.98 -58.15
CA TRP EE 206 -28.60 125.59 -59.28
C TRP EE 206 -28.55 127.11 -59.22
N ALA EE 207 -28.59 127.66 -58.03
CA ALA EE 207 -28.46 129.09 -57.88
C ALA EE 207 -27.02 129.57 -58.04
N ARG EE 208 -26.10 128.96 -57.32
CA ARG EE 208 -24.70 129.39 -57.38
C ARG EE 208 -24.15 129.41 -58.78
N GLN EE 209 -24.58 128.51 -59.65
CA GLN EE 209 -24.10 128.56 -61.03
C GLN EE 209 -24.42 129.90 -61.70
N VAL EE 210 -25.59 130.47 -61.41
CA VAL EE 210 -25.97 131.73 -62.04
C VAL EE 210 -25.07 132.86 -61.59
N LEU EE 211 -24.71 132.88 -60.31
CA LEU EE 211 -23.81 133.92 -59.81
C LEU EE 211 -22.42 133.74 -60.36
N ALA EE 212 -21.84 132.55 -60.19
CA ALA EE 212 -20.46 132.34 -60.60
C ALA EE 212 -20.29 132.48 -62.09
N ARG EE 213 -21.32 132.22 -62.88
CA ARG EE 213 -21.23 132.52 -64.30
C ARG EE 213 -21.14 134.03 -64.54
N GLY EE 214 -21.62 134.82 -63.60
CA GLY EE 214 -21.64 136.27 -63.74
C GLY EE 214 -22.82 136.83 -64.50
N ASP EE 215 -23.97 136.18 -64.43
CA ASP EE 215 -25.14 136.70 -65.10
C ASP EE 215 -25.72 137.94 -64.43
N TYR EE 216 -25.37 138.20 -63.18
CA TYR EE 216 -25.86 139.36 -62.48
C TYR EE 216 -24.69 140.25 -62.10
N ASP EE 217 -24.89 141.56 -62.18
CA ASP EE 217 -23.81 142.53 -62.02
C ASP EE 217 -23.65 143.07 -60.60
N LYS EE 218 -24.74 143.22 -59.86
CA LYS EE 218 -24.66 143.62 -58.47
C LYS EE 218 -24.24 142.44 -57.58
N ASN EE 219 -24.09 142.73 -56.29
CA ASN EE 219 -23.75 141.71 -55.30
C ASN EE 219 -24.92 140.83 -54.87
N ALA EE 220 -24.61 139.55 -54.70
CA ALA EE 220 -25.60 138.57 -54.29
C ALA EE 220 -24.90 137.43 -53.56
N ARG EE 221 -25.68 136.67 -52.82
CA ARG EE 221 -25.18 135.57 -52.01
C ARG EE 221 -26.27 134.53 -51.92
N VAL EE 222 -25.89 133.26 -51.77
CA VAL EE 222 -26.82 132.16 -51.65
C VAL EE 222 -26.76 131.57 -50.25
N ILE EE 223 -27.92 131.27 -49.67
CA ILE EE 223 -27.97 130.74 -48.31
C ILE EE 223 -29.03 129.65 -48.15
N ASN EE 224 -28.81 128.82 -47.14
CA ASN EE 224 -29.72 127.75 -46.73
C ASN EE 224 -29.55 127.52 -45.23
N GLU EE 225 -30.53 126.82 -44.67
CA GLU EE 225 -30.59 126.61 -43.22
C GLU EE 225 -29.39 125.86 -42.66
N ASN EE 226 -28.93 124.81 -43.30
CA ASN EE 226 -27.83 124.06 -42.69
C ASN EE 226 -26.55 124.87 -42.64
N GLU EE 227 -26.22 125.56 -43.72
CA GLU EE 227 -25.05 126.42 -43.73
C GLU EE 227 -25.15 127.50 -42.66
N GLU EE 228 -26.31 128.13 -42.51
CA GLU EE 228 -26.38 129.19 -41.51
C GLU EE 228 -26.30 128.63 -40.10
N ASN EE 229 -26.90 127.47 -39.83
CA ASN EE 229 -26.74 126.90 -38.51
C ASN EE 229 -25.28 126.65 -38.19
N LYS EE 230 -24.53 126.11 -39.15
CA LYS EE 230 -23.11 125.85 -38.88
C LYS EE 230 -22.34 127.14 -38.63
N ARG EE 231 -22.53 128.14 -39.49
CA ARG EE 231 -21.82 129.40 -39.31
C ARG EE 231 -22.11 130.04 -37.96
N ILE EE 232 -23.36 130.06 -37.55
CA ILE EE 232 -23.69 130.70 -36.28
C ILE EE 232 -23.15 129.89 -35.11
N SER EE 233 -23.18 128.57 -35.21
CA SER EE 233 -22.63 127.79 -34.11
C SER EE 233 -21.15 128.04 -33.97
N ILE EE 234 -20.45 128.21 -35.08
CA ILE EE 234 -19.03 128.51 -34.98
C ILE EE 234 -18.79 129.86 -34.33
N TRP EE 235 -19.67 130.83 -34.52
CA TRP EE 235 -19.45 132.10 -33.84
C TRP EE 235 -19.75 132.01 -32.34
N LEU EE 236 -20.86 131.36 -32.00
CA LEU EE 236 -21.18 131.14 -30.59
C LEU EE 236 -20.06 130.41 -29.87
N ASP EE 237 -19.44 129.44 -30.53
CA ASP EE 237 -18.32 128.71 -29.95
C ASP EE 237 -17.24 129.63 -29.42
N THR EE 238 -17.07 130.80 -30.03
CA THR EE 238 -16.03 131.71 -29.61
C THR EE 238 -16.51 132.68 -28.55
N TYR EE 239 -17.66 133.33 -28.73
CA TYR EE 239 -18.03 134.37 -27.76
C TYR EE 239 -18.94 133.90 -26.62
N TYR EE 240 -19.56 132.73 -26.72
CA TYR EE 240 -20.43 132.17 -25.69
C TYR EE 240 -20.11 130.69 -25.54
N PRO EE 241 -18.91 130.37 -25.07
CA PRO EE 241 -18.45 128.97 -25.03
C PRO EE 241 -19.17 128.09 -24.04
N GLN EE 242 -20.16 128.58 -23.30
CA GLN EE 242 -20.85 127.75 -22.33
C GLN EE 242 -22.37 127.80 -22.50
N LEU EE 243 -22.85 128.41 -23.58
CA LEU EE 243 -24.28 128.48 -23.84
C LEU EE 243 -24.83 127.15 -24.30
N ALA EE 244 -25.90 126.70 -23.65
CA ALA EE 244 -26.61 125.48 -24.02
C ALA EE 244 -27.81 125.83 -24.88
N TYR EE 245 -27.87 125.29 -26.09
CA TYR EE 245 -28.91 125.64 -27.05
C TYR EE 245 -29.15 124.47 -28.00
N TYR EE 246 -30.26 124.54 -28.71
CA TYR EE 246 -30.68 123.51 -29.66
C TYR EE 246 -30.50 123.87 -31.12
N ARG EE 247 -31.39 124.69 -31.68
CA ARG EE 247 -31.35 124.97 -33.10
C ARG EE 247 -32.04 126.27 -33.40
N ILE EE 248 -31.68 126.87 -34.53
CA ILE EE 248 -32.33 128.05 -35.07
C ILE EE 248 -33.16 127.68 -36.29
N HIS EE 249 -34.46 127.95 -36.22
CA HIS EE 249 -35.42 127.64 -37.27
C HIS EE 249 -35.66 128.86 -38.16
N PHE EE 250 -35.69 128.63 -39.46
CA PHE EE 250 -35.88 129.67 -40.47
C PHE EE 250 -37.09 129.42 -41.33
N ASP EE 251 -38.19 128.96 -40.74
CA ASP EE 251 -39.40 128.77 -41.53
C ASP EE 251 -39.86 130.09 -42.14
N GLU EE 252 -39.79 131.17 -41.36
CA GLU EE 252 -40.04 132.52 -41.84
C GLU EE 252 -38.67 133.20 -41.80
N PRO EE 253 -37.99 133.34 -42.93
CA PRO EE 253 -36.59 133.79 -42.87
C PRO EE 253 -36.40 135.20 -42.35
N ARG EE 254 -37.43 136.03 -42.31
CA ARG EE 254 -37.27 137.35 -41.75
C ARG EE 254 -37.34 137.40 -40.23
N LYS EE 255 -37.76 136.33 -39.56
CA LYS EE 255 -37.89 136.33 -38.11
C LYS EE 255 -37.54 134.96 -37.55
N PRO EE 256 -36.27 134.63 -37.47
CA PRO EE 256 -35.86 133.33 -36.95
C PRO EE 256 -36.22 133.14 -35.49
N VAL EE 257 -36.25 131.88 -35.10
CA VAL EE 257 -36.58 131.42 -33.76
C VAL EE 257 -35.38 130.65 -33.22
N PHE EE 258 -34.90 131.05 -32.04
CA PHE EE 258 -33.74 130.44 -31.41
C PHE EE 258 -34.18 129.74 -30.13
N TRP EE 259 -33.99 128.43 -30.07
CA TRP EE 259 -34.35 127.60 -28.92
C TRP EE 259 -33.20 127.41 -27.93
N LEU EE 260 -33.40 127.85 -26.69
CA LEU EE 260 -32.43 127.70 -25.61
C LEU EE 260 -33.00 126.76 -24.56
N SER EE 261 -32.11 126.08 -23.86
CA SER EE 261 -32.53 125.27 -22.71
C SER EE 261 -32.94 126.14 -21.53
N ARG EE 262 -34.09 125.81 -20.94
CA ARG EE 262 -34.53 126.49 -19.72
C ARG EE 262 -33.71 126.09 -18.49
N GLN EE 263 -33.39 124.82 -18.32
CA GLN EE 263 -32.61 124.45 -17.14
C GLN EE 263 -31.15 124.83 -17.26
N ARG EE 264 -30.53 124.51 -18.37
CA ARG EE 264 -29.08 124.61 -18.48
C ARG EE 264 -28.59 126.00 -18.81
N ASN EE 265 -29.41 127.03 -18.61
CA ASN EE 265 -28.99 128.40 -18.80
C ASN EE 265 -29.37 129.22 -17.58
N THR EE 266 -28.51 130.20 -17.28
CA THR EE 266 -28.68 131.09 -16.12
C THR EE 266 -28.41 132.53 -16.56
N MET EE 267 -29.42 133.19 -17.10
CA MET EE 267 -29.22 134.48 -17.73
C MET EE 267 -30.41 135.39 -17.43
N SER EE 268 -30.13 136.69 -17.38
CA SER EE 268 -31.16 137.69 -17.20
C SER EE 268 -31.76 138.11 -18.54
N LYS EE 269 -32.97 138.68 -18.46
CA LYS EE 269 -33.62 139.21 -19.64
C LYS EE 269 -32.74 140.19 -20.40
N LYS EE 270 -32.03 141.06 -19.68
CA LYS EE 270 -31.12 142.00 -20.32
C LYS EE 270 -30.07 141.26 -21.15
N GLU EE 271 -29.44 140.25 -20.57
CA GLU EE 271 -28.48 139.46 -21.31
C GLU EE 271 -29.10 138.83 -22.54
N LEU EE 272 -30.29 138.27 -22.39
CA LEU EE 272 -30.97 137.69 -23.53
C LEU EE 272 -31.18 138.72 -24.64
N GLU EE 273 -31.59 139.93 -24.27
CA GLU EE 273 -31.75 140.99 -25.26
C GLU EE 273 -30.43 141.30 -25.98
N VAL EE 274 -29.34 141.42 -25.23
CA VAL EE 274 -28.05 141.67 -25.85
C VAL EE 274 -27.71 140.57 -26.86
N LEU EE 275 -27.86 139.31 -26.43
CA LEU EE 275 -27.66 138.18 -27.33
C LEU EE 275 -28.49 138.33 -28.60
N SER EE 276 -29.77 138.66 -28.43
CA SER EE 276 -30.66 138.90 -29.56
C SER EE 276 -30.09 139.92 -30.52
N GLN EE 277 -29.66 141.07 -30.00
CA GLN EE 277 -29.12 142.09 -30.89
C GLN EE 277 -27.87 141.64 -31.61
N LYS EE 278 -26.98 140.91 -30.94
CA LYS EE 278 -25.77 140.48 -31.63
C LYS EE 278 -26.09 139.47 -32.74
N LEU EE 279 -27.04 138.57 -32.50
CA LEU EE 279 -27.48 137.70 -33.58
C LEU EE 279 -28.06 138.51 -34.73
N ARG EE 280 -28.87 139.51 -34.43
CA ARG EE 280 -29.41 140.32 -35.50
C ARG EE 280 -28.31 140.99 -36.27
N ALA EE 281 -27.19 141.30 -35.61
CA ALA EE 281 -26.09 141.89 -36.36
C ALA EE 281 -25.40 140.87 -37.25
N LEU EE 282 -25.41 139.60 -36.85
CA LEU EE 282 -24.83 138.58 -37.73
C LEU EE 282 -25.69 138.26 -38.94
N MET EE 283 -26.99 138.49 -38.87
CA MET EE 283 -27.90 138.12 -39.97
C MET EE 283 -28.53 139.36 -40.56
N PRO EE 284 -27.86 140.00 -41.52
CA PRO EE 284 -28.37 141.25 -42.09
C PRO EE 284 -29.64 141.10 -42.90
N TYR EE 285 -30.15 139.89 -43.13
CA TYR EE 285 -31.42 139.72 -43.82
C TYR EE 285 -32.59 139.53 -42.88
N ALA EE 286 -32.35 139.37 -41.57
CA ALA EE 286 -33.41 139.14 -40.61
C ALA EE 286 -33.72 140.42 -39.84
N ASP EE 287 -35.01 140.67 -39.66
CA ASP EE 287 -35.44 141.87 -38.95
C ASP EE 287 -35.37 141.71 -37.43
N SER EE 288 -35.54 140.51 -36.91
CA SER EE 288 -35.43 140.30 -35.47
C SER EE 288 -35.28 138.81 -35.20
N VAL EE 289 -34.74 138.50 -34.03
CA VAL EE 289 -34.55 137.12 -33.58
C VAL EE 289 -35.38 136.89 -32.32
N ASN EE 290 -36.27 135.90 -32.37
CA ASN EE 290 -37.11 135.56 -31.23
C ASN EE 290 -36.47 134.42 -30.45
N ILE EE 291 -36.22 134.63 -29.16
CA ILE EE 291 -35.64 133.61 -28.29
C ILE EE 291 -36.73 132.92 -27.49
N THR EE 292 -36.75 131.58 -27.59
CA THR EE 292 -37.71 130.71 -26.93
C THR EE 292 -37.00 129.70 -26.05
N LEU EE 293 -37.53 129.48 -24.85
CA LEU EE 293 -37.00 128.51 -23.90
C LEU EE 293 -37.75 127.19 -23.99
N MET EE 294 -37.02 126.09 -24.18
CA MET EE 294 -37.56 124.76 -24.35
C MET EE 294 -37.15 123.86 -23.19
N ASP EE 295 -37.95 122.82 -22.95
CA ASP EE 295 -37.72 121.86 -21.88
C ASP EE 295 -37.00 120.59 -22.31
N ASP EE 296 -35.90 120.30 -21.60
CA ASP EE 296 -35.10 119.10 -21.84
C ASP EE 296 -35.92 117.84 -21.60
N VAL EE 297 -36.70 117.80 -20.53
CA VAL EE 297 -37.50 116.61 -20.27
C VAL EE 297 -38.40 116.32 -21.46
N THR EE 298 -38.97 117.35 -22.06
CA THR EE 298 -39.77 117.17 -23.27
C THR EE 298 -38.95 116.55 -24.39
N ALA EE 299 -37.80 117.15 -24.71
CA ALA EE 299 -36.94 116.57 -25.75
C ALA EE 299 -36.64 115.09 -25.55
N ALA EE 300 -36.13 114.72 -24.38
CA ALA EE 300 -35.91 113.31 -24.09
C ALA EE 300 -37.18 112.48 -24.18
N GLY EE 301 -38.30 113.04 -23.73
CA GLY EE 301 -39.55 112.30 -23.81
C GLY EE 301 -39.88 111.92 -25.23
N GLN EE 302 -39.85 112.89 -26.14
CA GLN EE 302 -40.19 112.58 -27.52
C GLN EE 302 -39.21 111.61 -28.15
N ALA EE 303 -37.93 111.68 -27.80
CA ALA EE 303 -37.01 110.68 -28.33
C ALA EE 303 -37.44 109.27 -27.92
N GLU EE 304 -37.73 109.08 -26.63
CA GLU EE 304 -38.03 107.72 -26.19
C GLU EE 304 -39.39 107.26 -26.67
N ALA EE 305 -40.36 108.18 -26.75
CA ALA EE 305 -41.63 107.84 -27.35
C ALA EE 305 -41.44 107.30 -28.76
N GLY EE 306 -40.66 108.00 -29.57
CA GLY EE 306 -40.44 107.52 -30.92
C GLY EE 306 -39.83 106.13 -30.96
N LEU EE 307 -38.81 105.88 -30.14
CA LEU EE 307 -38.20 104.55 -30.19
C LEU EE 307 -39.17 103.46 -29.78
N LYS EE 308 -39.92 103.66 -28.71
CA LYS EE 308 -40.88 102.64 -28.32
C LYS EE 308 -41.90 102.43 -29.41
N GLN EE 309 -42.44 103.52 -29.94
CA GLN EE 309 -43.45 103.42 -30.97
C GLN EE 309 -42.93 102.64 -32.17
N GLN EE 310 -41.66 102.81 -32.51
CA GLN EE 310 -41.08 102.01 -33.59
C GLN EE 310 -40.67 100.61 -33.15
N ALA EE 311 -40.91 100.23 -31.91
CA ALA EE 311 -40.57 98.88 -31.43
C ALA EE 311 -39.11 98.50 -31.56
N LEU EE 312 -38.22 99.45 -31.52
CA LEU EE 312 -36.81 99.14 -31.66
C LEU EE 312 -36.24 98.69 -30.31
N PRO EE 313 -35.25 97.78 -30.32
CA PRO EE 313 -34.51 97.48 -29.09
C PRO EE 313 -33.44 98.54 -28.84
N TYR EE 314 -33.40 99.06 -27.61
CA TYR EE 314 -32.46 100.13 -27.30
C TYR EE 314 -32.05 100.10 -25.84
N SER EE 315 -30.95 100.80 -25.54
CA SER EE 315 -30.51 101.07 -24.18
C SER EE 315 -30.30 102.55 -23.98
N ARG EE 316 -30.71 103.07 -22.82
CA ARG EE 316 -30.64 104.49 -22.53
C ARG EE 316 -29.56 104.78 -21.50
N ARG EE 317 -28.81 105.85 -21.72
CA ARG EE 317 -27.78 106.31 -20.81
C ARG EE 317 -27.95 107.81 -20.55
N ASN EE 318 -27.96 108.20 -19.28
CA ASN EE 318 -28.11 109.59 -18.88
C ASN EE 318 -26.80 110.15 -18.35
N HIS EE 319 -26.34 111.25 -18.95
CA HIS EE 319 -25.20 112.00 -18.48
C HIS EE 319 -25.69 113.35 -18.00
N LYS EE 320 -24.77 114.12 -17.43
CA LYS EE 320 -25.12 115.43 -16.92
C LYS EE 320 -25.61 116.34 -18.03
N GLY EE 321 -24.95 116.30 -19.19
CA GLY EE 321 -25.27 117.19 -20.28
C GLY EE 321 -25.81 116.55 -21.54
N GLY EE 322 -26.32 115.32 -21.47
CA GLY EE 322 -26.71 114.63 -22.68
C GLY EE 322 -27.30 113.26 -22.39
N VAL EE 323 -27.97 112.73 -23.40
CA VAL EE 323 -28.64 111.44 -23.33
C VAL EE 323 -28.21 110.63 -24.55
N THR EE 324 -27.96 109.34 -24.35
CA THR EE 324 -27.54 108.47 -25.45
C THR EE 324 -28.40 107.22 -25.53
N PHE EE 325 -28.92 106.95 -26.73
CA PHE EE 325 -29.66 105.74 -27.02
C PHE EE 325 -28.82 104.86 -27.92
N VAL EE 326 -28.51 103.64 -27.46
CA VAL EE 326 -27.72 102.69 -28.22
C VAL EE 326 -28.62 101.59 -28.76
N ILE EE 327 -28.68 101.50 -30.08
CA ILE EE 327 -29.40 100.48 -30.83
C ILE EE 327 -28.36 99.61 -31.53
N GLN EE 328 -28.21 98.36 -31.12
CA GLN EE 328 -27.14 97.55 -31.69
C GLN EE 328 -27.48 96.07 -31.65
N GLY EE 329 -26.77 95.30 -32.49
CA GLY EE 329 -26.92 93.87 -32.60
C GLY EE 329 -27.31 93.42 -34.00
N ALA EE 330 -28.18 92.42 -34.07
CA ALA EE 330 -28.66 91.81 -35.31
C ALA EE 330 -29.97 92.41 -35.85
N LEU EE 331 -30.01 93.71 -36.06
CA LEU EE 331 -31.21 94.34 -36.60
C LEU EE 331 -31.61 93.74 -37.94
N ASP EE 332 -32.91 93.65 -38.17
CA ASP EE 332 -33.48 93.24 -39.45
C ASP EE 332 -33.61 94.43 -40.41
N ASP EE 333 -33.76 94.10 -41.69
CA ASP EE 333 -33.95 95.11 -42.74
C ASP EE 333 -35.07 96.11 -42.42
N VAL EE 334 -36.24 95.60 -42.05
CA VAL EE 334 -37.34 96.48 -41.70
C VAL EE 334 -36.96 97.42 -40.56
N GLU EE 335 -36.30 96.87 -39.54
CA GLU EE 335 -35.90 97.69 -38.41
C GLU EE 335 -34.92 98.77 -38.83
N ILE EE 336 -33.88 98.40 -39.57
CA ILE EE 336 -32.94 99.39 -40.10
C ILE EE 336 -33.64 100.52 -40.82
N LEU EE 337 -34.56 100.18 -41.72
CA LEU EE 337 -35.29 101.24 -42.44
C LEU EE 337 -36.09 102.14 -41.52
N ARG EE 338 -36.93 101.56 -40.67
CA ARG EE 338 -37.69 102.35 -39.71
C ARG EE 338 -36.80 103.30 -38.92
N ALA EE 339 -35.76 102.76 -38.30
CA ALA EE 339 -34.84 103.56 -37.51
C ALA EE 339 -34.23 104.71 -38.31
N ARG EE 340 -33.66 104.42 -39.47
CA ARG EE 340 -33.07 105.51 -40.24
C ARG EE 340 -34.08 106.61 -40.51
N GLN EE 341 -35.32 106.26 -40.82
CA GLN EE 341 -36.32 107.30 -41.06
C GLN EE 341 -36.62 108.13 -39.83
N PHE EE 342 -36.94 107.47 -38.72
CA PHE EE 342 -37.24 108.20 -37.49
C PHE EE 342 -36.09 109.10 -37.04
N VAL EE 343 -34.88 108.57 -36.95
CA VAL EE 343 -33.75 109.38 -36.53
C VAL EE 343 -33.58 110.60 -37.43
N ASP EE 344 -33.63 110.39 -38.74
CA ASP EE 344 -33.47 111.53 -39.62
C ASP EE 344 -34.60 112.54 -39.42
N SER EE 345 -35.78 112.10 -39.02
CA SER EE 345 -36.86 113.05 -38.76
C SER EE 345 -36.61 113.87 -37.50
N TYR EE 346 -36.30 113.19 -36.40
CA TYR EE 346 -36.01 113.85 -35.13
C TYR EE 346 -34.90 114.88 -35.24
N TYR EE 347 -33.78 114.49 -35.86
CA TYR EE 347 -32.64 115.39 -35.92
C TYR EE 347 -33.00 116.70 -36.60
N ARG EE 348 -33.84 116.68 -37.61
CA ARG EE 348 -34.20 117.94 -38.25
C ARG EE 348 -34.95 118.90 -37.33
N THR EE 349 -35.57 118.40 -36.28
CA THR EE 349 -36.29 119.23 -35.33
C THR EE 349 -35.39 119.72 -34.19
N TRP EE 350 -34.77 118.79 -33.49
CA TRP EE 350 -34.00 119.08 -32.30
C TRP EE 350 -32.50 119.25 -32.49
N GLY EE 351 -31.95 118.99 -33.66
CA GLY EE 351 -30.51 119.01 -33.85
C GLY EE 351 -29.82 117.85 -33.16
N GLY EE 352 -28.49 117.85 -33.25
CA GLY EE 352 -27.68 116.80 -32.64
C GLY EE 352 -26.87 117.14 -31.42
N ARG EE 353 -27.26 118.16 -30.68
CA ARG EE 353 -26.48 118.59 -29.53
C ARG EE 353 -26.84 117.86 -28.24
N TYR EE 354 -28.12 117.70 -27.94
CA TYR EE 354 -28.47 117.06 -26.68
C TYR EE 354 -28.61 115.54 -26.75
N VAL EE 355 -29.32 115.00 -27.75
CA VAL EE 355 -29.56 113.55 -27.86
C VAL EE 355 -28.81 112.93 -29.04
N GLN EE 356 -28.11 111.81 -28.77
CA GLN EE 356 -27.36 111.04 -29.75
C GLN EE 356 -27.90 109.62 -29.92
N PHE EE 357 -27.92 109.14 -31.18
CA PHE EE 357 -28.37 107.79 -31.54
C PHE EE 357 -27.23 107.01 -32.20
N ALA EE 358 -26.72 105.99 -31.50
CA ALA EE 358 -25.69 105.09 -32.02
C ALA EE 358 -26.33 103.82 -32.57
N ILE EE 359 -26.13 103.56 -33.86
CA ILE EE 359 -26.71 102.40 -34.56
C ILE EE 359 -25.56 101.53 -35.05
N GLU EE 360 -25.19 100.50 -34.28
CA GLU EE 360 -24.05 99.65 -34.60
C GLU EE 360 -24.44 98.19 -34.81
N LEU EE 361 -24.32 97.74 -36.05
CA LEU EE 361 -24.48 96.33 -36.40
C LEU EE 361 -23.33 95.48 -35.85
N LYS EE 362 -23.69 94.42 -35.13
CA LYS EE 362 -22.74 93.51 -34.53
C LYS EE 362 -23.25 92.09 -34.74
N ASP EE 363 -22.30 91.17 -34.88
CA ASP EE 363 -22.64 89.75 -34.77
C ASP EE 363 -23.06 89.43 -33.35
N ASP EE 364 -23.47 88.18 -33.14
CA ASP EE 364 -23.65 87.69 -31.79
C ASP EE 364 -22.40 87.96 -30.98
N TRP EE 365 -22.60 88.32 -29.72
CA TRP EE 365 -21.53 88.87 -28.93
C TRP EE 365 -20.35 87.90 -28.85
N LEU EE 366 -20.59 86.71 -28.33
CA LEU EE 366 -19.58 85.65 -28.35
C LEU EE 366 -19.95 84.64 -29.41
N LYS EE 367 -18.99 84.37 -30.29
CA LYS EE 367 -19.25 83.93 -31.66
C LYS EE 367 -19.65 82.46 -31.68
N GLY EE 368 -20.81 82.17 -31.11
CA GLY EE 368 -21.22 80.78 -31.03
C GLY EE 368 -20.40 79.92 -30.09
N ARG EE 369 -20.11 80.41 -28.90
CA ARG EE 369 -19.36 79.66 -27.91
C ARG EE 369 -20.19 79.60 -26.63
N SER EE 370 -20.08 78.50 -25.91
CA SER EE 370 -20.66 78.45 -24.58
C SER EE 370 -19.89 79.33 -23.62
N PHE EE 371 -20.62 79.98 -22.71
CA PHE EE 371 -19.97 80.75 -21.66
C PHE EE 371 -20.88 80.84 -20.46
N GLN EE 372 -20.26 81.09 -19.31
CA GLN EE 372 -20.96 81.39 -18.08
C GLN EE 372 -20.86 82.89 -17.85
N TYR EE 373 -21.99 83.57 -17.72
CA TYR EE 373 -21.96 84.97 -17.34
C TYR EE 373 -21.97 85.11 -15.83
N GLY EE 374 -21.61 86.29 -15.36
CA GLY EE 374 -21.61 86.61 -13.96
C GLY EE 374 -20.27 87.16 -13.52
N ALA EE 375 -20.19 87.50 -12.23
CA ALA EE 375 -18.94 88.00 -11.68
C ALA EE 375 -17.80 86.99 -11.74
N GLU EE 376 -18.07 85.73 -12.04
CA GLU EE 376 -17.04 84.71 -12.21
C GLU EE 376 -17.17 84.02 -13.55
N GLY EE 377 -17.80 84.66 -14.51
CA GLY EE 377 -17.99 84.06 -15.81
C GLY EE 377 -16.70 83.71 -16.51
N TYR EE 378 -16.85 82.86 -17.51
CA TYR EE 378 -15.75 82.43 -18.36
C TYR EE 378 -16.29 81.90 -19.68
N ILE EE 379 -15.40 81.85 -20.66
CA ILE EE 379 -15.69 81.42 -22.02
C ILE EE 379 -15.05 80.07 -22.26
N LYS EE 380 -15.76 79.17 -22.92
CA LYS EE 380 -15.18 77.90 -23.29
C LYS EE 380 -14.78 77.95 -24.75
N MET EE 381 -13.48 77.92 -24.99
CA MET EE 381 -12.95 77.87 -26.34
C MET EE 381 -13.42 76.61 -27.04
N SER EE 382 -13.51 75.54 -26.30
CA SER EE 382 -13.92 74.24 -26.81
C SER EE 382 -14.14 73.40 -25.57
N PRO EE 383 -14.71 72.21 -25.68
CA PRO EE 383 -14.66 71.30 -24.53
C PRO EE 383 -13.23 71.10 -24.05
N GLY EE 384 -13.04 71.26 -22.74
CA GLY EE 384 -11.72 71.14 -22.17
C GLY EE 384 -10.81 72.34 -22.26
N HIS EE 385 -11.29 73.52 -22.65
CA HIS EE 385 -10.41 74.69 -22.77
C HIS EE 385 -11.14 75.93 -22.31
N TRP EE 386 -10.72 76.51 -21.18
CA TRP EE 386 -11.39 77.61 -20.51
C TRP EE 386 -10.56 78.88 -20.65
N TYR EE 387 -11.20 80.06 -20.71
CA TYR EE 387 -10.45 81.27 -21.02
C TYR EE 387 -10.46 82.40 -19.98
N PHE EE 388 -11.40 82.45 -19.05
CA PHE EE 388 -11.33 83.46 -17.98
C PHE EE 388 -10.91 84.88 -18.35
N PRO EE 389 -11.56 85.52 -19.30
CA PRO EE 389 -11.05 86.80 -19.81
C PRO EE 389 -11.38 88.01 -18.95
N SER EE 390 -12.56 88.00 -18.33
CA SER EE 390 -13.16 89.17 -17.73
C SER EE 390 -14.36 88.72 -16.93
N PRO EE 391 -14.87 89.54 -16.02
CA PRO EE 391 -16.27 89.35 -15.63
C PRO EE 391 -17.16 89.52 -16.84
N LEU EE 392 -18.25 88.78 -16.86
CA LEU EE 392 -19.15 88.81 -18.00
C LEU EE 392 -20.54 89.21 -17.55
N ALA FE 171 -56.54 132.44 -73.17
CA ALA FE 171 -56.21 131.02 -73.04
C ALA FE 171 -56.27 130.60 -71.59
N GLU FE 172 -57.41 130.05 -71.16
CA GLU FE 172 -57.53 129.68 -69.77
C GLU FE 172 -56.66 128.46 -69.48
N LEU FE 173 -56.38 128.26 -68.19
CA LEU FE 173 -55.56 127.12 -67.82
C LEU FE 173 -56.27 125.79 -68.07
N ASP FE 174 -57.57 125.72 -67.80
CA ASP FE 174 -58.32 124.49 -68.01
C ASP FE 174 -58.24 124.00 -69.46
N SER FE 175 -58.13 124.91 -70.41
CA SER FE 175 -58.06 124.51 -71.81
C SER FE 175 -56.76 123.80 -72.15
N LEU FE 176 -55.72 123.97 -71.36
CA LEU FE 176 -54.40 123.41 -71.61
C LEU FE 176 -54.17 122.06 -70.97
N LEU FE 177 -54.96 121.68 -69.97
CA LEU FE 177 -54.69 120.45 -69.24
C LEU FE 177 -55.15 119.20 -69.96
N GLY FE 178 -55.96 119.30 -71.00
CA GLY FE 178 -56.45 118.10 -71.65
C GLY FE 178 -57.88 118.07 -72.10
N GLN FE 179 -58.26 116.91 -72.64
CA GLN FE 179 -59.65 116.63 -73.00
C GLN FE 179 -60.49 116.18 -71.82
N GLU FE 180 -59.93 115.41 -70.90
CA GLU FE 180 -60.67 114.97 -69.71
C GLU FE 180 -60.79 116.14 -68.74
N LYS FE 181 -61.82 116.96 -68.96
CA LYS FE 181 -61.91 118.24 -68.28
C LYS FE 181 -61.97 118.09 -66.76
N GLU FE 182 -62.84 117.22 -66.27
CA GLU FE 182 -63.10 117.04 -64.85
C GLU FE 182 -61.94 116.40 -64.10
N ARG FE 183 -60.92 115.90 -64.79
CA ARG FE 183 -59.85 115.21 -64.09
C ARG FE 183 -59.12 116.13 -63.11
N PHE FE 184 -59.11 117.43 -63.38
CA PHE FE 184 -58.39 118.42 -62.59
C PHE FE 184 -59.39 119.48 -62.12
N GLN FE 185 -59.01 120.19 -61.07
CA GLN FE 185 -59.86 121.26 -60.54
C GLN FE 185 -58.97 122.46 -60.24
N VAL FE 186 -59.32 123.59 -60.84
CA VAL FE 186 -58.59 124.85 -60.74
C VAL FE 186 -59.26 125.76 -59.72
N LEU FE 187 -58.48 126.21 -58.74
CA LEU FE 187 -58.95 127.06 -57.67
C LEU FE 187 -58.19 128.37 -57.63
N PRO FE 188 -58.88 129.52 -57.52
CA PRO FE 188 -58.19 130.81 -57.37
C PRO FE 188 -57.75 131.05 -55.94
N GLY FE 189 -56.60 131.69 -55.77
CA GLY FE 189 -56.07 131.97 -54.44
C GLY FE 189 -55.93 133.46 -54.20
N ARG FE 190 -55.98 133.84 -52.91
CA ARG FE 190 -55.88 135.23 -52.52
C ARG FE 190 -54.54 135.85 -52.86
N ASP FE 191 -53.49 135.05 -53.00
CA ASP FE 191 -52.17 135.54 -53.36
C ASP FE 191 -52.02 135.81 -54.85
N LYS FE 192 -53.12 135.92 -55.58
CA LYS FE 192 -53.09 136.14 -57.02
C LYS FE 192 -52.42 134.99 -57.76
N MET FE 193 -52.76 133.77 -57.39
CA MET FE 193 -52.13 132.60 -57.98
C MET FE 193 -53.19 131.53 -58.14
N LEU FE 194 -53.08 130.77 -59.21
CA LEU FE 194 -53.96 129.63 -59.46
C LEU FE 194 -53.39 128.34 -58.91
N TYR FE 195 -54.22 127.57 -58.23
CA TYR FE 195 -53.86 126.29 -57.64
C TYR FE 195 -54.58 125.18 -58.36
N VAL FE 196 -53.82 124.23 -58.88
CA VAL FE 196 -54.34 123.08 -59.60
C VAL FE 196 -54.29 121.90 -58.65
N ALA FE 197 -55.45 121.36 -58.31
CA ALA FE 197 -55.56 120.23 -57.40
C ALA FE 197 -55.61 118.93 -58.19
N ALA FE 198 -54.68 118.03 -57.88
CA ALA FE 198 -54.54 116.72 -58.47
C ALA FE 198 -54.88 115.65 -57.43
N GLN FE 199 -55.15 114.44 -57.91
CA GLN FE 199 -55.53 113.33 -57.06
C GLN FE 199 -54.39 112.35 -56.80
N ASN FE 200 -53.35 112.32 -57.61
CA ASN FE 200 -52.30 111.32 -57.48
C ASN FE 200 -51.04 111.84 -58.14
N GLU FE 201 -49.95 111.10 -57.97
CA GLU FE 201 -48.66 111.46 -58.57
C GLU FE 201 -48.67 111.56 -60.09
N ARG FE 202 -49.13 110.51 -60.76
CA ARG FE 202 -49.18 110.55 -62.22
C ARG FE 202 -49.87 111.80 -62.75
N ASP FE 203 -51.06 112.10 -62.23
CA ASP FE 203 -51.74 113.33 -62.62
C ASP FE 203 -50.95 114.58 -62.22
N THR FE 204 -50.33 114.55 -61.06
CA THR FE 204 -49.51 115.68 -60.63
C THR FE 204 -48.44 116.00 -61.67
N LEU FE 205 -47.74 114.98 -62.16
CA LEU FE 205 -46.71 115.21 -63.18
C LEU FE 205 -47.32 115.64 -64.50
N TRP FE 206 -48.47 115.07 -64.88
CA TRP FE 206 -49.13 115.50 -66.10
C TRP FE 206 -49.47 116.98 -66.05
N ALA FE 207 -49.83 117.48 -64.88
CA ALA FE 207 -50.08 118.91 -64.72
C ALA FE 207 -48.79 119.72 -64.71
N ARG FE 208 -47.82 119.31 -63.91
CA ARG FE 208 -46.58 120.07 -63.79
C ARG FE 208 -45.85 120.25 -65.12
N GLN FE 209 -45.93 119.27 -66.01
CA GLN FE 209 -45.29 119.46 -67.31
C GLN FE 209 -45.79 120.69 -68.04
N VAL FE 210 -47.08 121.00 -67.92
CA VAL FE 210 -47.63 122.15 -68.64
C VAL FE 210 -47.01 123.44 -68.12
N LEU FE 211 -46.91 123.58 -66.81
CA LEU FE 211 -46.31 124.77 -66.24
C LEU FE 211 -44.84 124.86 -66.58
N ALA FE 212 -44.09 123.80 -66.31
CA ALA FE 212 -42.64 123.83 -66.50
C ALA FE 212 -42.24 124.01 -67.97
N ARG FE 213 -43.05 123.50 -68.90
CA ARG FE 213 -42.81 123.79 -70.29
C ARG FE 213 -43.00 125.26 -70.62
N GLY FE 214 -43.76 125.97 -69.80
CA GLY FE 214 -44.08 127.36 -70.06
C GLY FE 214 -45.19 127.59 -71.05
N ASP FE 215 -46.16 126.68 -71.12
CA ASP FE 215 -47.32 126.91 -71.98
C ASP FE 215 -48.24 127.98 -71.44
N TYR FE 216 -48.10 128.35 -70.17
CA TYR FE 216 -48.93 129.37 -69.55
C TYR FE 216 -48.02 130.50 -69.09
N ASP FE 217 -48.55 131.72 -69.17
CA ASP FE 217 -47.73 132.90 -68.89
C ASP FE 217 -47.81 133.41 -67.46
N LYS FE 218 -48.98 133.37 -66.85
CA LYS FE 218 -49.13 133.81 -65.47
C LYS FE 218 -48.59 132.76 -64.49
N ASN FE 219 -48.63 133.10 -63.20
CA ASN FE 219 -48.22 132.20 -62.14
C ASN FE 219 -49.26 131.14 -61.83
N ALA FE 220 -48.78 129.94 -61.52
CA ALA FE 220 -49.65 128.81 -61.19
C ALA FE 220 -48.87 127.84 -60.32
N ARG FE 221 -49.59 126.97 -59.63
CA ARG FE 221 -48.97 126.00 -58.74
C ARG FE 221 -49.81 124.74 -58.72
N VAL FE 222 -49.15 123.59 -58.54
CA VAL FE 222 -49.80 122.28 -58.46
C VAL FE 222 -49.72 121.75 -57.03
N ILE FE 223 -50.82 121.18 -56.54
CA ILE FE 223 -50.90 120.67 -55.17
C ILE FE 223 -51.66 119.37 -55.08
N ASN FE 224 -51.35 118.60 -54.03
CA ASN FE 224 -52.04 117.36 -53.74
C ASN FE 224 -52.02 117.14 -52.23
N GLU FE 225 -52.89 116.22 -51.79
CA GLU FE 225 -53.10 115.98 -50.37
C GLU FE 225 -51.84 115.53 -49.64
N ASN FE 226 -51.04 114.64 -50.20
CA ASN FE 226 -49.89 114.18 -49.44
C ASN FE 226 -48.87 115.29 -49.25
N GLU FE 227 -48.59 116.05 -50.30
CA GLU FE 227 -47.68 117.18 -50.17
C GLU FE 227 -48.18 118.18 -49.14
N GLU FE 228 -49.47 118.49 -49.14
CA GLU FE 228 -49.95 119.47 -48.19
C GLU FE 228 -49.92 118.94 -46.77
N ASN FE 229 -50.24 117.67 -46.55
CA ASN FE 229 -50.11 117.14 -45.21
C ASN FE 229 -48.68 117.25 -44.72
N LYS FE 230 -47.71 116.92 -45.56
CA LYS FE 230 -46.32 117.04 -45.13
C LYS FE 230 -45.92 118.47 -44.81
N ARG FE 231 -46.23 119.41 -45.70
CA ARG FE 231 -45.86 120.80 -45.47
C ARG FE 231 -46.46 121.34 -44.17
N ILE FE 232 -47.74 121.07 -43.95
CA ILE FE 232 -48.37 121.60 -42.74
C ILE FE 232 -47.81 120.92 -41.51
N SER FE 233 -47.50 119.63 -41.59
CA SER FE 233 -46.92 119.00 -40.40
C SER FE 233 -45.56 119.59 -40.09
N ILE FE 234 -44.79 119.94 -41.12
CA ILE FE 234 -43.51 120.58 -40.89
C ILE FE 234 -43.65 121.94 -40.23
N TRP FE 235 -44.71 122.68 -40.57
CA TRP FE 235 -44.90 123.98 -39.90
C TRP FE 235 -45.36 123.80 -38.45
N LEU FE 236 -46.29 122.88 -38.22
CA LEU FE 236 -46.71 122.57 -36.86
C LEU FE 236 -45.54 122.16 -35.99
N ASP FE 237 -44.63 121.36 -36.54
CA ASP FE 237 -43.44 120.97 -35.80
C ASP FE 237 -42.70 122.16 -35.22
N THR FE 238 -42.77 123.32 -35.87
CA THR FE 238 -42.06 124.49 -35.38
C THR FE 238 -42.88 125.31 -34.40
N TYR FE 239 -44.13 125.63 -34.73
CA TYR FE 239 -44.88 126.53 -33.84
C TYR FE 239 -45.77 125.86 -32.80
N TYR FE 240 -46.07 124.58 -32.95
CA TYR FE 240 -46.91 123.82 -32.01
C TYR FE 240 -46.28 122.46 -31.79
N PRO FE 241 -45.11 122.44 -31.15
CA PRO FE 241 -44.36 121.20 -30.98
C PRO FE 241 -44.98 120.18 -30.04
N GLN FE 242 -46.15 120.44 -29.46
CA GLN FE 242 -46.75 119.50 -28.53
C GLN FE 242 -48.20 119.20 -28.87
N LEU FE 243 -48.68 119.63 -30.04
CA LEU FE 243 -50.03 119.36 -30.46
C LEU FE 243 -50.22 117.92 -30.91
N ALA FE 244 -51.23 117.26 -30.37
CA ALA FE 244 -51.60 115.90 -30.73
C ALA FE 244 -52.72 115.93 -31.77
N TYR FE 245 -52.47 115.36 -32.94
CA TYR FE 245 -53.43 115.45 -34.03
C TYR FE 245 -53.26 114.23 -34.93
N TYR FE 246 -54.24 114.02 -35.81
CA TYR FE 246 -54.27 112.88 -36.72
C TYR FE 246 -53.95 113.23 -38.17
N ARG FE 247 -54.90 113.81 -38.89
CA ARG FE 247 -54.72 114.07 -40.31
C ARG FE 247 -55.65 115.19 -40.73
N ILE FE 248 -55.29 115.85 -41.82
CA ILE FE 248 -56.11 116.87 -42.46
C ILE FE 248 -56.69 116.35 -43.77
N HIS FE 249 -58.02 116.33 -43.85
CA HIS FE 249 -58.79 115.84 -44.98
C HIS FE 249 -59.18 116.97 -45.91
N PHE FE 250 -59.03 116.74 -47.22
CA PHE FE 250 -59.30 117.70 -48.28
C PHE FE 250 -60.35 117.21 -49.25
N ASP FE 251 -61.39 116.56 -48.75
CA ASP FE 251 -62.46 116.11 -49.63
C ASP FE 251 -63.11 117.29 -50.34
N GLU FE 252 -63.35 118.38 -49.62
CA GLU FE 252 -63.79 119.64 -50.22
C GLU FE 252 -62.64 120.61 -50.08
N PRO FE 253 -61.86 120.85 -51.14
CA PRO FE 253 -60.62 121.61 -50.96
C PRO FE 253 -60.83 123.04 -50.52
N ARG FE 254 -62.03 123.58 -50.63
CA ARG FE 254 -62.28 124.91 -50.13
C ARG FE 254 -62.54 124.96 -48.63
N LYS FE 255 -62.78 123.82 -47.97
CA LYS FE 255 -63.09 123.80 -46.54
C LYS FE 255 -62.48 122.57 -45.88
N PRO FE 256 -61.18 122.59 -45.64
CA PRO FE 256 -60.55 121.42 -45.02
C PRO FE 256 -61.03 121.14 -43.61
N VAL FE 257 -60.83 119.90 -43.21
CA VAL FE 257 -61.23 119.35 -41.92
C VAL FE 257 -59.98 118.86 -41.20
N PHE FE 258 -59.76 119.33 -39.99
CA PHE FE 258 -58.58 119.00 -39.20
C PHE FE 258 -59.03 118.22 -37.96
N TRP FE 259 -58.57 116.98 -37.85
CA TRP FE 259 -58.92 116.08 -36.73
C TRP FE 259 -57.90 116.16 -35.59
N LEU FE 260 -58.36 116.61 -34.43
CA LEU FE 260 -57.55 116.72 -33.23
C LEU FE 260 -58.01 115.70 -32.19
N SER FE 261 -57.07 115.22 -31.39
CA SER FE 261 -57.42 114.36 -30.26
C SER FE 261 -58.17 115.11 -29.18
N ARG FE 262 -59.23 114.49 -28.68
CA ARG FE 262 -59.94 115.02 -27.52
C ARG FE 262 -59.19 114.83 -26.21
N GLN FE 263 -58.71 113.63 -25.95
CA GLN FE 263 -58.05 113.37 -24.68
C GLN FE 263 -56.70 114.06 -24.54
N ARG FE 264 -55.85 113.99 -25.56
CA ARG FE 264 -54.48 114.41 -25.36
C ARG FE 264 -54.27 115.92 -25.44
N ASN FE 265 -55.21 116.69 -25.99
CA ASN FE 265 -55.05 118.13 -26.08
C ASN FE 265 -55.94 118.85 -25.07
N THR FE 266 -55.33 119.74 -24.30
CA THR FE 266 -56.02 120.74 -23.50
C THR FE 266 -55.84 122.11 -24.13
N MET FE 267 -56.92 122.64 -24.71
CA MET FE 267 -56.89 123.96 -25.31
C MET FE 267 -58.24 124.64 -25.07
N SER FE 268 -58.22 125.96 -24.91
CA SER FE 268 -59.45 126.71 -24.91
C SER FE 268 -59.95 126.99 -26.33
N LYS FE 269 -61.24 127.34 -26.40
CA LYS FE 269 -61.87 127.70 -27.66
C LYS FE 269 -61.15 128.84 -28.37
N LYS FE 270 -60.75 129.86 -27.63
CA LYS FE 270 -59.98 130.97 -28.20
C LYS FE 270 -58.70 130.47 -28.85
N GLU FE 271 -57.98 129.61 -28.15
CA GLU FE 271 -56.75 129.04 -28.70
C GLU FE 271 -57.05 128.28 -29.99
N LEU FE 272 -58.10 127.46 -29.98
CA LEU FE 272 -58.49 126.77 -31.19
C LEU FE 272 -58.81 127.73 -32.33
N GLU FE 273 -59.49 128.82 -32.04
CA GLU FE 273 -59.77 129.82 -33.06
C GLU FE 273 -58.50 130.43 -33.63
N VAL FE 274 -57.56 130.79 -32.77
CA VAL FE 274 -56.28 131.31 -33.23
C VAL FE 274 -55.60 130.32 -34.15
N LEU FE 275 -55.52 129.05 -33.72
CA LEU FE 275 -54.98 127.99 -34.56
C LEU FE 275 -55.65 127.94 -35.92
N SER FE 276 -56.98 127.99 -35.91
CA SER FE 276 -57.76 128.00 -37.14
C SER FE 276 -57.32 129.13 -38.06
N GLN FE 277 -57.22 130.33 -37.52
CA GLN FE 277 -56.86 131.46 -38.36
C GLN FE 277 -55.45 131.32 -38.92
N LYS FE 278 -54.51 130.79 -38.13
CA LYS FE 278 -53.16 130.65 -38.68
C LYS FE 278 -53.10 129.59 -39.77
N LEU FE 279 -53.84 128.50 -39.62
CA LEU FE 279 -53.95 127.56 -40.72
C LEU FE 279 -54.53 128.23 -41.95
N ARG FE 280 -55.56 129.03 -41.76
CA ARG FE 280 -56.14 129.70 -42.91
C ARG FE 280 -55.13 130.62 -43.58
N ALA FE 281 -54.19 131.15 -42.81
CA ALA FE 281 -53.16 131.96 -43.44
C ALA FE 281 -52.17 131.09 -44.22
N LEU FE 282 -51.96 129.85 -43.79
CA LEU FE 282 -51.06 128.98 -44.55
C LEU FE 282 -51.70 128.48 -45.83
N MET FE 283 -53.02 128.41 -45.88
CA MET FE 283 -53.70 127.86 -47.04
C MET FE 283 -54.51 128.94 -47.76
N PRO FE 284 -53.89 129.72 -48.64
CA PRO FE 284 -54.59 130.82 -49.31
C PRO FE 284 -55.70 130.40 -50.25
N TYR FE 285 -55.90 129.12 -50.50
CA TYR FE 285 -56.99 128.68 -51.35
C TYR FE 285 -58.21 128.22 -50.57
N ALA FE 286 -58.12 128.15 -49.25
CA ALA FE 286 -59.20 127.70 -48.40
C ALA FE 286 -59.91 128.88 -47.75
N ASP FE 287 -61.24 128.78 -47.65
CA ASP FE 287 -62.03 129.83 -47.02
C ASP FE 287 -62.10 129.67 -45.51
N SER FE 288 -62.01 128.46 -45.00
CA SER FE 288 -62.02 128.26 -43.56
C SER FE 288 -61.54 126.86 -43.26
N VAL FE 289 -61.11 126.65 -42.02
CA VAL FE 289 -60.64 125.36 -41.54
C VAL FE 289 -61.55 124.91 -40.41
N ASN FE 290 -62.17 123.75 -40.56
CA ASN FE 290 -63.05 123.20 -39.53
C ASN FE 290 -62.25 122.24 -38.67
N ILE FE 291 -62.22 122.48 -37.37
CA ILE FE 291 -61.54 121.62 -36.41
C ILE FE 291 -62.54 120.72 -35.71
N THR FE 292 -62.29 119.41 -35.77
CA THR FE 292 -63.13 118.38 -35.19
C THR FE 292 -62.34 117.52 -34.21
N LEU FE 293 -62.95 117.21 -33.07
CA LEU FE 293 -62.35 116.37 -32.05
C LEU FE 293 -62.76 114.90 -32.19
N MET FE 294 -61.77 114.02 -32.24
CA MET FE 294 -61.94 112.58 -32.42
C MET FE 294 -61.46 111.82 -31.19
N ASP FE 295 -62.00 110.62 -31.02
CA ASP FE 295 -61.68 109.74 -29.89
C ASP FE 295 -60.62 108.68 -30.20
N ASP FE 296 -59.59 108.66 -29.36
CA ASP FE 296 -58.51 107.69 -29.48
C ASP FE 296 -59.01 106.26 -29.33
N VAL FE 297 -59.89 106.02 -28.35
CA VAL FE 297 -60.42 104.67 -28.19
C VAL FE 297 -61.10 104.21 -29.46
N THR FE 298 -61.83 105.10 -30.12
CA THR FE 298 -62.44 104.76 -31.39
C THR FE 298 -61.39 104.33 -32.42
N ALA FE 299 -60.37 105.14 -32.61
CA ALA FE 299 -59.28 104.77 -33.51
C ALA FE 299 -58.70 103.38 -33.21
N ALA FE 300 -58.21 103.19 -31.99
CA ALA FE 300 -57.63 101.92 -31.59
C ALA FE 300 -58.59 100.75 -31.79
N GLY FE 301 -59.86 100.94 -31.45
CA GLY FE 301 -60.82 99.87 -31.63
C GLY FE 301 -61.03 99.49 -33.08
N GLN FE 302 -61.21 100.46 -33.94
CA GLN FE 302 -61.33 100.13 -35.36
C GLN FE 302 -60.08 99.48 -35.95
N ALA FE 303 -58.91 99.74 -35.38
CA ALA FE 303 -57.74 98.96 -35.78
C ALA FE 303 -57.83 97.51 -35.34
N GLU FE 304 -58.01 97.27 -34.05
CA GLU FE 304 -58.04 95.90 -33.58
C GLU FE 304 -59.15 95.10 -34.24
N ALA FE 305 -60.34 95.70 -34.37
CA ALA FE 305 -61.45 95.06 -35.04
C ALA FE 305 -61.12 94.71 -36.48
N GLY FE 306 -60.39 95.56 -37.19
CA GLY FE 306 -59.99 95.18 -38.53
C GLY FE 306 -59.05 93.98 -38.58
N LEU FE 307 -58.10 93.92 -37.66
CA LEU FE 307 -57.23 92.73 -37.64
C LEU FE 307 -58.02 91.46 -37.31
N LYS FE 308 -58.93 91.52 -36.34
CA LYS FE 308 -59.72 90.34 -36.03
C LYS FE 308 -60.58 89.94 -37.23
N GLN FE 309 -61.22 90.91 -37.87
CA GLN FE 309 -61.99 90.62 -39.07
C GLN FE 309 -61.14 89.93 -40.12
N GLN FE 310 -59.86 90.26 -40.22
CA GLN FE 310 -59.01 89.57 -41.18
C GLN FE 310 -58.41 88.28 -40.64
N ALA FE 311 -58.70 87.93 -39.39
CA ALA FE 311 -58.15 86.73 -38.76
C ALA FE 311 -56.63 86.66 -38.74
N LEU FE 312 -55.97 87.78 -38.71
CA LEU FE 312 -54.51 87.79 -38.63
C LEU FE 312 -54.05 87.51 -37.19
N PRO FE 313 -52.95 86.82 -36.98
CA PRO FE 313 -52.34 86.75 -35.65
C PRO FE 313 -51.54 88.00 -35.33
N TYR FE 314 -51.66 88.48 -34.09
CA TYR FE 314 -51.01 89.73 -33.72
C TYR FE 314 -50.79 89.82 -32.23
N SER FE 315 -49.96 90.78 -31.84
CA SER FE 315 -49.76 91.19 -30.46
C SER FE 315 -49.90 92.70 -30.35
N ARG FE 316 -50.54 93.17 -29.29
CA ARG FE 316 -50.82 94.58 -29.09
C ARG FE 316 -50.02 95.13 -27.92
N ARG FE 317 -49.30 96.22 -28.16
CA ARG FE 317 -48.58 96.96 -27.14
C ARG FE 317 -49.15 98.36 -26.99
N ASN FE 318 -49.45 98.76 -25.76
CA ASN FE 318 -49.98 100.09 -25.45
C ASN FE 318 -48.92 100.97 -24.83
N HIS FE 319 -48.85 102.22 -25.28
CA HIS FE 319 -48.00 103.23 -24.68
C HIS FE 319 -48.80 104.51 -24.52
N LYS FE 320 -48.22 105.38 -23.70
CA LYS FE 320 -48.86 106.64 -23.34
C LYS FE 320 -49.35 107.40 -24.57
N GLY FE 321 -48.54 107.44 -25.61
CA GLY FE 321 -48.88 108.20 -26.79
C GLY FE 321 -49.03 107.37 -28.05
N GLY FE 322 -49.22 106.07 -27.95
CA GLY FE 322 -49.32 105.30 -29.19
C GLY FE 322 -49.61 103.84 -28.95
N VAL FE 323 -50.07 103.19 -30.01
CA VAL FE 323 -50.41 101.77 -29.97
C VAL FE 323 -49.67 101.08 -31.10
N THR FE 324 -49.09 99.91 -30.81
CA THR FE 324 -48.36 99.13 -31.79
C THR FE 324 -48.91 97.72 -31.93
N PHE FE 325 -49.21 97.31 -33.16
CA PHE FE 325 -49.63 95.95 -33.47
C PHE FE 325 -48.53 95.24 -34.24
N VAL FE 326 -48.02 94.15 -33.67
CA VAL FE 326 -46.96 93.35 -34.26
C VAL FE 326 -47.58 92.09 -34.86
N ILE FE 327 -47.30 91.87 -36.14
CA ILE FE 327 -47.82 90.77 -36.93
C ILE FE 327 -46.62 90.03 -37.50
N GLN FE 328 -46.24 88.92 -36.88
CA GLN FE 328 -45.01 88.25 -37.28
C GLN FE 328 -45.19 86.74 -37.29
N GLY FE 329 -44.34 86.09 -38.10
CA GLY FE 329 -44.32 84.65 -38.26
C GLY FE 329 -44.21 84.20 -39.70
N ALA FE 330 -44.57 82.94 -39.93
CA ALA FE 330 -44.56 82.32 -41.26
C ALA FE 330 -45.86 82.54 -42.05
N LEU FE 331 -46.21 83.80 -42.24
CA LEU FE 331 -47.44 84.13 -42.96
C LEU FE 331 -47.42 83.55 -44.38
N ASP FE 332 -48.61 83.13 -44.83
CA ASP FE 332 -48.89 82.70 -46.18
C ASP FE 332 -49.13 83.87 -47.13
N ASP FE 333 -48.95 83.62 -48.42
CA ASP FE 333 -49.23 84.61 -49.47
C ASP FE 333 -50.57 85.29 -49.30
N VAL FE 334 -51.63 84.51 -49.08
CA VAL FE 334 -52.95 85.08 -48.88
C VAL FE 334 -52.95 86.06 -47.72
N GLU FE 335 -52.41 85.64 -46.58
CA GLU FE 335 -52.33 86.52 -45.41
C GLU FE 335 -51.57 87.80 -45.71
N ILE FE 336 -50.40 87.69 -46.34
CA ILE FE 336 -49.66 88.89 -46.71
C ILE FE 336 -50.52 89.84 -47.54
N LEU FE 337 -51.18 89.32 -48.57
CA LEU FE 337 -52.04 90.16 -49.38
C LEU FE 337 -53.14 90.85 -48.58
N ARG FE 338 -53.90 90.09 -47.80
CA ARG FE 338 -54.95 90.68 -46.98
C ARG FE 338 -54.42 91.76 -46.04
N ALA FE 339 -53.35 91.45 -45.31
CA ALA FE 339 -52.75 92.43 -44.41
C ALA FE 339 -52.38 93.71 -45.13
N ARG FE 340 -51.63 93.59 -46.22
CA ARG FE 340 -51.24 94.76 -46.98
C ARG FE 340 -52.43 95.62 -47.40
N GLN FE 341 -53.46 94.99 -47.97
CA GLN FE 341 -54.66 95.75 -48.35
C GLN FE 341 -55.28 96.49 -47.16
N PHE FE 342 -55.45 95.80 -46.04
CA PHE FE 342 -56.05 96.43 -44.87
C PHE FE 342 -55.25 97.62 -44.37
N VAL FE 343 -53.98 97.41 -44.08
CA VAL FE 343 -53.13 98.50 -43.59
C VAL FE 343 -53.19 99.69 -44.54
N ASP FE 344 -53.12 99.44 -45.84
CA ASP FE 344 -53.21 100.54 -46.79
C ASP FE 344 -54.54 101.27 -46.69
N SER FE 345 -55.62 100.56 -46.39
CA SER FE 345 -56.90 101.23 -46.26
C SER FE 345 -56.94 102.10 -45.01
N TYR FE 346 -56.52 101.55 -43.89
CA TYR FE 346 -56.52 102.28 -42.62
C TYR FE 346 -55.67 103.55 -42.66
N TYR FE 347 -54.44 103.43 -43.12
CA TYR FE 347 -53.55 104.59 -43.11
C TYR FE 347 -54.12 105.78 -43.83
N ARG FE 348 -54.88 105.58 -44.90
CA ARG FE 348 -55.41 106.75 -45.60
C ARG FE 348 -56.49 107.48 -44.82
N THR FE 349 -57.11 106.81 -43.87
CA THR FE 349 -58.13 107.42 -43.03
C THR FE 349 -57.54 108.10 -41.80
N TRP FE 350 -56.77 107.36 -41.03
CA TRP FE 350 -56.25 107.85 -39.76
C TRP FE 350 -54.82 108.38 -39.78
N GLY FE 351 -54.08 108.25 -40.87
CA GLY FE 351 -52.68 108.61 -40.84
C GLY FE 351 -51.85 107.63 -40.03
N GLY FE 352 -50.57 107.96 -39.90
CA GLY FE 352 -49.63 107.14 -39.17
C GLY FE 352 -49.07 107.63 -37.85
N ARG FE 353 -49.77 108.53 -37.17
CA ARG FE 353 -49.25 109.09 -35.94
C ARG FE 353 -49.57 108.29 -34.69
N TYR FE 354 -50.80 107.86 -34.50
CA TYR FE 354 -51.15 107.19 -33.24
C TYR FE 354 -50.95 105.67 -33.27
N VAL FE 355 -51.43 104.97 -34.30
CA VAL FE 355 -51.33 103.51 -34.40
C VAL FE 355 -50.29 103.11 -35.46
N GLN FE 356 -49.40 102.20 -35.07
CA GLN FE 356 -48.35 101.66 -35.94
C GLN FE 356 -48.48 100.15 -36.07
N PHE FE 357 -48.30 99.64 -37.29
CA PHE FE 357 -48.29 98.22 -37.60
C PHE FE 357 -46.92 97.79 -38.06
N ALA FE 358 -46.45 96.65 -37.55
CA ALA FE 358 -45.14 96.09 -37.90
C ALA FE 358 -45.33 94.64 -38.34
N ILE FE 359 -45.04 94.36 -39.61
CA ILE FE 359 -45.17 93.03 -40.21
C ILE FE 359 -43.79 92.43 -40.43
N GLU FE 360 -43.56 91.26 -39.83
CA GLU FE 360 -42.26 90.60 -39.92
C GLU FE 360 -42.40 89.11 -40.22
N LEU FE 361 -41.63 88.65 -41.20
CA LEU FE 361 -41.59 87.24 -41.57
C LEU FE 361 -40.41 86.59 -40.85
N LYS FE 362 -40.65 85.41 -40.29
CA LYS FE 362 -39.53 84.61 -39.81
C LYS FE 362 -39.82 83.13 -39.88
N ASP FE 363 -38.77 82.35 -40.10
CA ASP FE 363 -38.86 80.98 -40.56
C ASP FE 363 -39.51 80.09 -39.52
N ASP FE 364 -39.94 78.91 -39.97
CA ASP FE 364 -40.61 77.96 -39.10
C ASP FE 364 -39.66 76.86 -38.66
N TRP FE 365 -39.58 76.65 -37.35
CA TRP FE 365 -38.76 75.61 -36.75
C TRP FE 365 -39.48 74.29 -36.61
N LEU FE 366 -40.80 74.30 -36.56
CA LEU FE 366 -41.57 73.14 -36.15
C LEU FE 366 -41.86 72.15 -37.26
N LYS FE 367 -41.69 72.52 -38.52
CA LYS FE 367 -41.95 71.58 -39.58
C LYS FE 367 -40.97 70.41 -39.54
N GLY FE 368 -41.50 69.22 -39.35
CA GLY FE 368 -40.71 68.01 -39.30
C GLY FE 368 -40.12 67.63 -37.96
N ARG FE 369 -40.45 68.33 -36.88
CA ARG FE 369 -39.92 68.01 -35.56
C ARG FE 369 -41.06 67.71 -34.61
N SER FE 370 -40.75 66.94 -33.57
CA SER FE 370 -41.68 66.70 -32.48
C SER FE 370 -41.32 67.59 -31.30
N PHE FE 371 -42.34 68.01 -30.56
CA PHE FE 371 -42.11 69.01 -29.54
C PHE FE 371 -43.18 68.94 -28.47
N GLN FE 372 -42.86 69.51 -27.32
CA GLN FE 372 -43.74 69.67 -26.18
C GLN FE 372 -44.18 71.12 -26.10
N TYR FE 373 -45.45 71.36 -25.85
CA TYR FE 373 -45.95 72.71 -25.71
C TYR FE 373 -46.86 72.80 -24.50
N GLY FE 374 -47.03 74.03 -24.02
CA GLY FE 374 -47.65 74.26 -22.74
C GLY FE 374 -46.79 75.15 -21.86
N ALA FE 375 -46.88 74.97 -20.55
CA ALA FE 375 -46.07 75.78 -19.65
C ALA FE 375 -44.58 75.48 -19.76
N GLU FE 376 -44.19 74.31 -20.23
CA GLU FE 376 -42.83 73.81 -20.10
C GLU FE 376 -42.26 73.42 -21.45
N GLY FE 377 -42.59 74.16 -22.49
CA GLY FE 377 -42.30 73.68 -23.84
C GLY FE 377 -40.82 73.51 -24.09
N TYR FE 378 -40.51 72.57 -24.98
CA TYR FE 378 -39.18 72.34 -25.49
C TYR FE 378 -39.33 71.64 -26.83
N ILE FE 379 -38.26 71.60 -27.61
CA ILE FE 379 -38.30 71.05 -28.95
C ILE FE 379 -37.22 69.98 -29.05
N LYS FE 380 -37.58 68.86 -29.66
CA LYS FE 380 -36.61 67.83 -30.03
C LYS FE 380 -35.93 68.18 -31.33
N MET FE 381 -34.81 68.89 -31.24
CA MET FE 381 -34.13 69.27 -32.47
C MET FE 381 -33.82 68.02 -33.27
N SER FE 382 -33.46 66.96 -32.56
CA SER FE 382 -33.24 65.63 -33.10
C SER FE 382 -33.43 64.67 -31.95
N PRO FE 383 -33.51 63.38 -32.23
CA PRO FE 383 -33.40 62.43 -31.13
C PRO FE 383 -32.11 62.68 -30.37
N GLY FE 384 -32.21 62.66 -29.05
CA GLY FE 384 -31.10 63.01 -28.22
C GLY FE 384 -30.69 64.47 -28.10
N HIS FE 385 -31.50 65.44 -28.56
CA HIS FE 385 -31.07 66.83 -28.49
C HIS FE 385 -32.27 67.71 -28.18
N TRP FE 386 -32.31 68.24 -26.96
CA TRP FE 386 -33.34 69.14 -26.47
C TRP FE 386 -33.00 70.62 -26.62
N TYR FE 387 -33.96 71.40 -27.08
CA TYR FE 387 -33.86 72.84 -27.18
C TYR FE 387 -34.93 73.50 -26.34
N PHE FE 388 -34.53 74.36 -25.40
CA PHE FE 388 -35.46 75.03 -24.51
C PHE FE 388 -35.57 76.53 -24.83
N PRO FE 389 -36.39 76.91 -25.80
CA PRO FE 389 -36.56 78.34 -26.09
C PRO FE 389 -36.90 79.13 -24.84
N SER FE 390 -36.58 80.41 -24.88
CA SER FE 390 -36.85 81.32 -23.77
C SER FE 390 -38.34 81.57 -23.59
N ALA GE 171 -76.11 115.87 -83.47
CA ALA GE 171 -75.52 114.55 -83.30
C ALA GE 171 -75.60 114.11 -81.84
N GLU GE 172 -76.61 113.32 -81.49
CA GLU GE 172 -76.73 112.91 -80.10
C GLU GE 172 -75.64 111.94 -79.74
N LEU GE 173 -75.40 111.82 -78.43
CA LEU GE 173 -74.36 110.93 -77.95
C LEU GE 173 -74.71 109.46 -78.22
N ASP GE 174 -75.97 109.10 -78.04
CA ASP GE 174 -76.38 107.71 -78.28
C ASP GE 174 -76.08 107.27 -79.70
N SER GE 175 -76.10 108.19 -80.65
CA SER GE 175 -75.77 107.85 -82.03
C SER GE 175 -74.30 107.50 -82.19
N LEU GE 176 -73.46 107.92 -81.26
CA LEU GE 176 -72.03 107.67 -81.36
C LEU GE 176 -71.57 106.42 -80.63
N LEU GE 177 -72.36 105.88 -79.71
CA LEU GE 177 -71.90 104.75 -78.93
C LEU GE 177 -71.98 103.42 -79.68
N GLY GE 178 -72.71 103.35 -80.78
CA GLY GE 178 -72.82 102.08 -81.48
C GLY GE 178 -74.16 101.71 -82.08
N GLN GE 179 -74.18 100.56 -82.75
CA GLN GE 179 -75.40 100.03 -83.35
C GLN GE 179 -76.34 99.42 -82.32
N GLU GE 180 -75.80 98.71 -81.34
CA GLU GE 180 -76.61 98.31 -80.20
C GLU GE 180 -76.88 99.53 -79.33
N LYS GE 181 -78.16 99.72 -78.98
CA LYS GE 181 -78.61 100.93 -78.30
C LYS GE 181 -78.85 100.69 -76.81
N GLU GE 182 -79.52 99.60 -76.47
CA GLU GE 182 -79.87 99.30 -75.10
C GLU GE 182 -78.64 99.00 -74.24
N ARG GE 183 -77.49 98.75 -74.84
CA ARG GE 183 -76.32 98.40 -74.04
C ARG GE 183 -75.90 99.51 -73.10
N PHE GE 184 -76.15 100.77 -73.45
CA PHE GE 184 -75.77 101.92 -72.65
C PHE GE 184 -77.03 102.69 -72.27
N GLN GE 185 -76.91 103.49 -71.21
CA GLN GE 185 -78.08 104.29 -70.82
C GLN GE 185 -77.59 105.70 -70.53
N VAL GE 186 -78.18 106.69 -71.23
CA VAL GE 186 -77.82 108.10 -71.12
C VAL GE 186 -78.79 108.84 -70.22
N LEU GE 187 -78.24 109.55 -69.23
CA LEU GE 187 -79.03 110.30 -68.27
C LEU GE 187 -78.54 111.74 -68.15
N PRO GE 188 -79.46 112.71 -68.11
CA PRO GE 188 -79.07 114.09 -67.84
C PRO GE 188 -78.94 114.34 -66.35
N GLY GE 189 -78.07 115.29 -65.99
CA GLY GE 189 -77.84 115.62 -64.60
C GLY GE 189 -77.93 117.11 -64.33
N ARG GE 190 -78.24 117.42 -63.06
CA ARG GE 190 -78.44 118.79 -62.62
C ARG GE 190 -77.21 119.67 -62.80
N ASP GE 191 -76.02 119.10 -62.84
CA ASP GE 191 -74.83 119.90 -63.11
C ASP GE 191 -74.65 120.21 -64.59
N LYS GE 192 -75.69 119.99 -65.40
CA LYS GE 192 -75.62 120.25 -66.83
C LYS GE 192 -74.57 119.39 -67.53
N MET GE 193 -74.58 118.09 -67.21
CA MET GE 193 -73.60 117.18 -67.78
C MET GE 193 -74.30 115.87 -68.06
N LEU GE 194 -73.93 115.23 -69.17
CA LEU GE 194 -74.44 113.90 -69.50
C LEU GE 194 -73.67 112.78 -68.81
N TYR GE 195 -74.42 111.82 -68.27
CA TYR GE 195 -73.87 110.64 -67.61
C TYR GE 195 -74.26 109.40 -68.40
N VAL GE 196 -73.27 108.59 -68.75
CA VAL GE 196 -73.46 107.34 -69.47
C VAL GE 196 -73.27 106.21 -68.48
N ALA GE 197 -74.32 105.42 -68.29
CA ALA GE 197 -74.31 104.29 -67.39
C ALA GE 197 -74.00 103.02 -68.16
N ALA GE 198 -72.94 102.34 -67.70
CA ALA GE 198 -72.43 101.09 -68.25
C ALA GE 198 -72.60 99.95 -67.25
N GLN GE 199 -72.50 98.72 -67.74
CA GLN GE 199 -72.67 97.54 -66.90
C GLN GE 199 -71.38 96.85 -66.46
N ASN GE 200 -70.26 97.07 -67.12
CA ASN GE 200 -69.05 96.33 -66.78
C ASN GE 200 -67.84 97.11 -67.27
N GLU GE 201 -66.66 96.63 -66.91
CA GLU GE 201 -65.41 97.26 -67.32
C GLU GE 201 -65.22 97.33 -68.82
N ARG GE 202 -65.40 96.21 -69.52
CA ARG GE 202 -65.25 96.20 -70.97
C ARG GE 202 -66.12 97.26 -71.63
N ASP GE 203 -67.39 97.30 -71.29
CA ASP GE 203 -68.29 98.33 -71.83
C ASP GE 203 -67.88 99.72 -71.40
N THR GE 204 -67.45 99.88 -70.16
CA THR GE 204 -66.97 101.16 -69.68
C THR GE 204 -65.85 101.71 -70.56
N LEU GE 205 -64.87 100.87 -70.88
CA LEU GE 205 -63.80 101.33 -71.76
C LEU GE 205 -64.28 101.57 -73.20
N TRP GE 206 -65.19 100.74 -73.69
CA TRP GE 206 -65.76 100.99 -75.01
C TRP GE 206 -66.42 102.35 -75.08
N ALA GE 207 -67.03 102.81 -74.00
CA ALA GE 207 -67.59 104.15 -73.95
C ALA GE 207 -66.52 105.22 -73.80
N ARG GE 208 -65.65 105.07 -72.80
CA ARG GE 208 -64.65 106.08 -72.52
C ARG GE 208 -63.81 106.43 -73.74
N GLN GE 209 -63.50 105.44 -74.58
CA GLN GE 209 -62.74 105.76 -75.78
C GLN GE 209 -63.41 106.84 -76.62
N VAL GE 210 -64.74 106.81 -76.75
CA VAL GE 210 -65.42 107.78 -77.57
C VAL GE 210 -65.19 109.19 -77.06
N LEU GE 211 -65.40 109.39 -75.76
CA LEU GE 211 -65.22 110.72 -75.19
C LEU GE 211 -63.79 111.19 -75.27
N ALA GE 212 -62.85 110.36 -74.83
CA ALA GE 212 -61.45 110.80 -74.81
C ALA GE 212 -60.91 111.04 -76.20
N ARG GE 213 -61.41 110.31 -77.20
CA ARG GE 213 -61.06 110.62 -78.58
C ARG GE 213 -61.54 112.00 -78.99
N GLY GE 214 -62.57 112.52 -78.33
CA GLY GE 214 -63.18 113.77 -78.72
C GLY GE 214 -64.20 113.70 -79.83
N ASP GE 215 -64.88 112.56 -79.98
CA ASP GE 215 -65.99 112.47 -80.93
C ASP GE 215 -67.19 113.30 -80.49
N TYR GE 216 -67.25 113.69 -79.22
CA TYR GE 216 -68.32 114.53 -78.71
C TYR GE 216 -67.74 115.85 -78.23
N ASP GE 217 -68.53 116.91 -78.34
CA ASP GE 217 -68.07 118.26 -78.09
C ASP GE 217 -68.40 118.78 -76.71
N LYS GE 218 -69.57 118.49 -76.17
CA LYS GE 218 -69.93 118.91 -74.83
C LYS GE 218 -69.34 117.99 -73.76
N ASN GE 219 -69.60 118.33 -72.51
CA ASN GE 219 -69.11 117.55 -71.37
C ASN GE 219 -69.95 116.29 -71.16
N ALA GE 220 -69.26 115.20 -70.79
CA ALA GE 220 -69.90 113.92 -70.55
C ALA GE 220 -69.02 113.13 -69.59
N ARG GE 221 -69.61 112.10 -68.98
CA ARG GE 221 -68.90 111.27 -68.02
C ARG GE 221 -69.49 109.87 -68.05
N VAL GE 222 -68.65 108.88 -67.76
CA VAL GE 222 -69.06 107.47 -67.73
C VAL GE 222 -69.04 106.95 -66.29
N ILE GE 223 -70.07 106.19 -65.92
CA ILE GE 223 -70.21 105.68 -64.57
C ILE GE 223 -70.71 104.24 -64.54
N ASN GE 224 -70.38 103.57 -63.42
CA ASN GE 224 -70.77 102.21 -63.15
C ASN GE 224 -70.89 102.02 -61.64
N GLU GE 225 -71.58 100.95 -61.27
CA GLU GE 225 -71.88 100.61 -59.88
C GLU GE 225 -70.65 100.49 -59.00
N ASN GE 226 -69.63 99.74 -59.43
CA ASN GE 226 -68.45 99.57 -58.58
C ASN GE 226 -67.76 100.90 -58.30
N GLU GE 227 -67.51 101.69 -59.33
CA GLU GE 227 -66.87 102.98 -59.13
C GLU GE 227 -67.67 103.85 -58.17
N GLU GE 228 -68.99 103.91 -58.35
CA GLU GE 228 -69.74 104.79 -57.46
C GLU GE 228 -69.79 104.27 -56.03
N ASN GE 229 -69.90 102.96 -55.84
CA ASN GE 229 -69.80 102.42 -54.50
C ASN GE 229 -68.52 102.87 -53.81
N LYS GE 230 -67.38 102.73 -54.51
CA LYS GE 230 -66.11 103.18 -53.96
C LYS GE 230 -66.12 104.67 -53.60
N ARG GE 231 -66.49 105.53 -54.55
CA ARG GE 231 -66.47 106.96 -54.28
C ARG GE 231 -67.35 107.34 -53.09
N ILE GE 232 -68.56 106.79 -53.02
CA ILE GE 232 -69.42 107.11 -51.90
C ILE GE 232 -68.81 106.62 -50.59
N SER GE 233 -68.24 105.42 -50.57
CA SER GE 233 -67.60 104.96 -49.35
C SER GE 233 -66.50 105.91 -48.91
N ILE GE 234 -65.69 106.38 -49.85
CA ILE GE 234 -64.66 107.36 -49.51
C ILE GE 234 -65.25 108.60 -48.85
N TRP GE 235 -66.40 109.07 -49.33
CA TRP GE 235 -66.98 110.27 -48.69
C TRP GE 235 -67.56 109.96 -47.30
N LEU GE 236 -68.25 108.83 -47.18
CA LEU GE 236 -68.75 108.41 -45.87
C LEU GE 236 -67.65 108.26 -44.85
N ASP GE 237 -66.50 107.72 -45.25
CA ASP GE 237 -65.38 107.61 -44.33
C ASP GE 237 -65.02 108.93 -43.69
N THR GE 238 -65.23 110.04 -44.36
CA THR GE 238 -64.86 111.31 -43.79
C THR GE 238 -65.99 111.94 -42.97
N TYR GE 239 -67.21 111.98 -43.49
CA TYR GE 239 -68.24 112.71 -42.74
C TYR GE 239 -69.12 111.86 -41.81
N TYR GE 240 -69.11 110.54 -41.96
CA TYR GE 240 -69.88 109.63 -41.11
C TYR GE 240 -68.98 108.44 -40.79
N PRO GE 241 -67.91 108.69 -40.03
CA PRO GE 241 -66.90 107.65 -39.77
C PRO GE 241 -67.35 106.50 -38.90
N GLN GE 242 -68.60 106.47 -38.44
CA GLN GE 242 -69.06 105.41 -37.56
C GLN GE 242 -70.35 104.76 -38.05
N LEU GE 243 -70.79 105.09 -39.26
CA LEU GE 243 -72.00 104.50 -39.82
C LEU GE 243 -71.78 103.07 -40.27
N ALA GE 244 -72.66 102.18 -39.84
CA ALA GE 244 -72.67 100.77 -40.25
C ALA GE 244 -73.65 100.58 -41.40
N TYR GE 245 -73.16 100.10 -42.54
CA TYR GE 245 -73.99 99.98 -43.73
C TYR GE 245 -73.46 98.86 -44.61
N TYR GE 246 -74.27 98.46 -45.59
CA TYR GE 246 -73.92 97.38 -46.50
C TYR GE 246 -73.52 97.82 -47.90
N ARG GE 247 -74.49 98.18 -48.73
CA ARG GE 247 -74.20 98.48 -50.13
C ARG GE 247 -75.29 99.38 -50.69
N ILE GE 248 -74.94 100.09 -51.75
CA ILE GE 248 -75.88 100.87 -52.53
C ILE GE 248 -76.14 100.21 -53.88
N HIS GE 249 -77.41 99.90 -54.14
CA HIS GE 249 -77.89 99.25 -55.36
C HIS GE 249 -78.38 100.30 -56.34
N PHE GE 250 -78.00 100.15 -57.60
CA PHE GE 250 -78.36 101.07 -58.69
C PHE GE 250 -79.10 100.35 -59.80
N ASP GE 251 -80.00 99.46 -59.43
CA ASP GE 251 -80.81 98.76 -60.44
C ASP GE 251 -81.62 99.77 -61.24
N GLU GE 252 -82.21 100.74 -60.57
CA GLU GE 252 -82.90 101.87 -61.19
C GLU GE 252 -82.04 103.08 -60.89
N PRO GE 253 -81.23 103.55 -61.83
CA PRO GE 253 -80.25 104.60 -61.50
C PRO GE 253 -80.86 105.91 -61.06
N ARG GE 254 -82.13 106.15 -61.32
CA ARG GE 254 -82.77 107.36 -60.84
C ARG GE 254 -83.22 107.29 -59.39
N LYS GE 255 -83.25 106.11 -58.78
CA LYS GE 255 -83.72 105.98 -57.39
C LYS GE 255 -82.93 104.90 -56.67
N PRO GE 256 -81.71 105.22 -56.26
CA PRO GE 256 -80.88 104.22 -55.59
C PRO GE 256 -81.46 103.78 -54.25
N VAL GE 257 -80.98 102.63 -53.81
CA VAL GE 257 -81.38 101.99 -52.56
C VAL GE 257 -80.14 101.81 -51.70
N PHE GE 258 -80.19 102.33 -50.47
CA PHE GE 258 -79.07 102.28 -49.55
C PHE GE 258 -79.46 101.42 -48.35
N TRP GE 259 -78.75 100.30 -48.15
CA TRP GE 259 -79.01 99.36 -47.08
C TRP GE 259 -78.20 99.65 -45.82
N LEU GE 260 -78.89 100.00 -44.74
CA LEU GE 260 -78.29 100.30 -43.45
C LEU GE 260 -78.62 99.18 -42.49
N SER GE 261 -77.72 98.93 -41.53
CA SER GE 261 -78.02 97.99 -40.47
C SER GE 261 -79.02 98.55 -39.48
N ARG GE 262 -80.00 97.72 -39.12
CA ARG GE 262 -80.95 98.10 -38.08
C ARG GE 262 -80.32 98.11 -36.69
N GLN GE 263 -79.62 97.05 -36.31
CA GLN GE 263 -79.09 97.00 -34.95
C GLN GE 263 -77.92 97.95 -34.73
N ARG GE 264 -76.99 98.02 -35.67
CA ARG GE 264 -75.73 98.68 -35.34
C ARG GE 264 -75.81 100.19 -35.39
N ASN GE 265 -76.82 100.77 -36.04
CA ASN GE 265 -76.97 102.22 -36.13
C ASN GE 265 -78.07 102.66 -35.18
N THR GE 266 -77.80 103.72 -34.42
CA THR GE 266 -78.83 104.56 -33.83
C THR GE 266 -78.89 105.92 -34.53
N MET GE 267 -80.03 106.20 -35.15
CA MET GE 267 -80.27 107.49 -35.79
C MET GE 267 -81.74 107.86 -35.60
N SER GE 268 -82.01 109.16 -35.55
CA SER GE 268 -83.39 109.58 -35.67
C SER GE 268 -83.85 109.62 -37.12
N LYS GE 269 -85.16 109.68 -37.29
CA LYS GE 269 -85.78 109.91 -38.59
C LYS GE 269 -85.25 111.15 -39.26
N LYS GE 270 -85.14 112.25 -38.51
CA LYS GE 270 -84.61 113.50 -39.06
C LYS GE 270 -83.18 113.31 -39.57
N GLU GE 271 -82.34 112.68 -38.77
CA GLU GE 271 -80.97 112.42 -39.20
C GLU GE 271 -80.93 111.60 -40.48
N LEU GE 272 -81.76 110.57 -40.54
CA LEU GE 272 -81.84 109.77 -41.76
C LEU GE 272 -82.23 110.62 -42.97
N GLU GE 273 -83.20 111.51 -42.79
CA GLU GE 273 -83.58 112.42 -43.88
C GLU GE 273 -82.44 113.32 -44.32
N VAL GE 274 -81.73 113.92 -43.37
CA VAL GE 274 -80.58 114.75 -43.73
C VAL GE 274 -79.56 113.95 -44.51
N LEU GE 275 -79.22 112.76 -44.02
CA LEU GE 275 -78.30 111.89 -44.74
C LEU GE 275 -78.77 111.68 -46.17
N SER GE 276 -80.05 111.39 -46.34
CA SER GE 276 -80.63 111.23 -47.67
C SER GE 276 -80.35 112.44 -48.54
N GLN GE 277 -80.61 113.64 -48.02
CA GLN GE 277 -80.40 114.84 -48.83
C GLN GE 277 -78.94 115.03 -49.20
N LYS GE 278 -78.02 114.75 -48.30
CA LYS GE 278 -76.62 114.90 -48.65
C LYS GE 278 -76.19 113.89 -49.71
N LEU GE 279 -76.68 112.66 -49.63
CA LEU GE 279 -76.42 111.72 -50.71
C LEU GE 279 -76.96 112.26 -52.03
N ARG GE 280 -78.17 112.80 -52.01
CA ARG GE 280 -78.72 113.34 -53.23
C ARG GE 280 -77.84 114.45 -53.77
N ALA GE 281 -77.15 115.16 -52.88
CA ALA GE 281 -76.23 116.19 -53.37
C ALA GE 281 -74.99 115.58 -53.99
N LEU GE 282 -74.56 114.42 -53.51
CA LEU GE 282 -73.41 113.77 -54.16
C LEU GE 282 -73.73 113.15 -55.51
N MET GE 283 -74.99 112.79 -55.75
CA MET GE 283 -75.39 112.11 -56.98
C MET GE 283 -76.31 113.02 -57.79
N PRO GE 284 -75.75 113.92 -58.59
CA PRO GE 284 -76.59 114.85 -59.36
C PRO GE 284 -77.44 114.21 -60.43
N TYR GE 285 -77.29 112.91 -60.67
CA TYR GE 285 -78.11 112.23 -61.66
C TYR GE 285 -79.29 111.51 -61.04
N ALA GE 286 -79.37 111.45 -59.71
CA ALA GE 286 -80.44 110.76 -59.02
C ALA GE 286 -81.49 111.73 -58.53
N ASP GE 287 -82.75 111.31 -58.60
CA ASP GE 287 -83.86 112.13 -58.13
C ASP GE 287 -84.13 111.99 -56.65
N SER GE 288 -83.85 110.83 -56.07
CA SER GE 288 -84.03 110.62 -54.64
C SER GE 288 -83.30 109.36 -54.24
N VAL GE 289 -83.02 109.23 -52.95
CA VAL GE 289 -82.37 108.04 -52.41
C VAL GE 289 -83.25 107.40 -51.35
N ASN GE 290 -83.52 106.11 -51.50
CA ASN GE 290 -84.34 105.37 -50.55
C ASN GE 290 -83.44 104.64 -49.56
N ILE GE 291 -83.62 104.89 -48.28
CA ILE GE 291 -82.86 104.23 -47.22
C ILE GE 291 -83.69 103.11 -46.61
N THR GE 292 -83.15 101.90 -46.62
CA THR GE 292 -83.79 100.69 -46.13
C THR GE 292 -82.96 100.04 -45.05
N LEU GE 293 -83.60 99.58 -43.99
CA LEU GE 293 -82.95 98.90 -42.89
C LEU GE 293 -83.02 97.37 -43.05
N MET GE 294 -81.88 96.70 -42.96
CA MET GE 294 -81.74 95.26 -43.13
C MET GE 294 -81.26 94.61 -41.83
N ASP GE 295 -81.55 93.32 -41.69
CA ASP GE 295 -81.18 92.54 -40.51
C ASP GE 295 -79.89 91.74 -40.65
N ASP GE 296 -78.98 91.96 -39.70
CA ASP GE 296 -77.70 91.26 -39.68
C ASP GE 296 -77.86 89.75 -39.54
N VAL GE 297 -78.76 89.31 -38.67
CA VAL GE 297 -78.99 87.87 -38.53
C VAL GE 297 -79.40 87.29 -39.87
N THR GE 298 -80.22 87.99 -40.62
CA THR GE 298 -80.58 87.54 -41.96
C THR GE 298 -79.35 87.36 -42.83
N ALA GE 299 -78.53 88.39 -42.92
CA ALA GE 299 -77.28 88.27 -43.69
C ALA GE 299 -76.45 87.05 -43.30
N ALA GE 300 -76.08 86.97 -42.03
CA ALA GE 300 -75.30 85.83 -41.54
C ALA GE 300 -75.95 84.48 -41.83
N GLY GE 301 -77.26 84.40 -41.67
CA GLY GE 301 -77.95 83.16 -41.94
C GLY GE 301 -77.87 82.74 -43.40
N GLN GE 302 -78.16 83.67 -44.30
CA GLN GE 302 -78.04 83.34 -45.71
C GLN GE 302 -76.64 82.91 -46.11
N ALA GE 303 -75.61 83.52 -45.51
CA ALA GE 303 -74.26 83.01 -45.71
C ALA GE 303 -74.07 81.57 -45.27
N GLU GE 304 -74.47 81.26 -44.04
CA GLU GE 304 -74.25 79.91 -43.55
C GLU GE 304 -75.04 78.89 -44.34
N ALA GE 305 -76.29 79.19 -44.64
CA ALA GE 305 -77.08 78.28 -45.46
C ALA GE 305 -76.46 78.04 -46.82
N GLY GE 306 -75.94 79.09 -47.47
CA GLY GE 306 -75.25 78.85 -48.73
C GLY GE 306 -74.04 77.94 -48.64
N LEU GE 307 -73.29 78.02 -47.55
CA LEU GE 307 -72.19 77.06 -47.40
C LEU GE 307 -72.66 75.64 -47.13
N LYS GE 308 -73.65 75.47 -46.27
CA LYS GE 308 -74.15 74.12 -46.02
C LYS GE 308 -74.76 73.53 -47.28
N GLN GE 309 -75.47 74.37 -48.04
CA GLN GE 309 -76.09 73.92 -49.27
C GLN GE 309 -75.05 73.45 -50.26
N GLN GE 310 -73.89 74.10 -50.29
CA GLN GE 310 -72.85 73.59 -51.18
C GLN GE 310 -72.07 72.43 -50.56
N ALA GE 311 -72.27 72.16 -49.29
CA ALA GE 311 -71.49 71.14 -48.55
C ALA GE 311 -69.99 71.37 -48.63
N LEU GE 312 -69.58 72.59 -48.39
CA LEU GE 312 -68.17 72.91 -48.16
C LEU GE 312 -67.84 72.75 -46.69
N PRO GE 313 -66.65 72.25 -46.32
CA PRO GE 313 -66.22 72.33 -44.93
C PRO GE 313 -65.77 73.74 -44.57
N TYR GE 314 -66.14 74.19 -43.37
CA TYR GE 314 -65.83 75.54 -42.96
C TYR GE 314 -65.79 75.63 -41.44
N SER GE 315 -65.28 76.78 -40.96
CA SER GE 315 -65.41 77.17 -39.56
C SER GE 315 -65.86 78.62 -39.45
N ARG GE 316 -66.73 78.89 -38.48
CA ARG GE 316 -67.30 80.21 -38.26
C ARG GE 316 -66.70 80.85 -37.03
N ARG GE 317 -66.42 82.15 -37.12
CA ARG GE 317 -65.94 82.93 -35.99
C ARG GE 317 -66.70 84.25 -35.93
N ASN GE 318 -67.10 84.65 -34.73
CA ASN GE 318 -67.95 85.82 -34.54
C ASN GE 318 -67.22 86.92 -33.82
N HIS GE 319 -67.48 88.16 -34.23
CA HIS GE 319 -66.93 89.33 -33.58
C HIS GE 319 -68.06 90.33 -33.43
N LYS GE 320 -67.84 91.29 -32.53
CA LYS GE 320 -68.85 92.30 -32.27
C LYS GE 320 -69.25 93.06 -33.52
N GLY GE 321 -68.38 93.11 -34.51
CA GLY GE 321 -68.69 93.85 -35.71
C GLY GE 321 -68.66 93.03 -36.98
N GLY GE 322 -68.67 91.71 -36.90
CA GLY GE 322 -68.56 90.96 -38.14
C GLY GE 322 -68.53 89.47 -37.90
N VAL GE 323 -68.55 88.74 -39.00
CA VAL GE 323 -68.48 87.29 -38.97
C VAL GE 323 -67.50 86.83 -40.03
N THR GE 324 -66.67 85.86 -39.69
CA THR GE 324 -65.72 85.27 -40.62
C THR GE 324 -66.07 83.80 -40.84
N PHE GE 325 -66.01 83.36 -42.09
CA PHE GE 325 -66.00 81.94 -42.41
C PHE GE 325 -64.66 81.59 -43.03
N VAL GE 326 -63.96 80.62 -42.45
CA VAL GE 326 -62.66 80.15 -42.93
C VAL GE 326 -62.83 78.78 -43.55
N ILE GE 327 -62.37 78.66 -44.80
CA ILE GE 327 -62.43 77.42 -45.57
C ILE GE 327 -61.00 77.08 -45.96
N GLN GE 328 -60.47 75.98 -45.43
CA GLN GE 328 -59.05 75.71 -45.63
C GLN GE 328 -58.77 74.22 -45.62
N GLY GE 329 -57.68 73.85 -46.27
CA GLY GE 329 -57.18 72.50 -46.32
C GLY GE 329 -56.82 72.08 -47.72
N ALA GE 330 -56.65 70.78 -47.90
CA ALA GE 330 -56.43 70.16 -49.21
C ALA GE 330 -57.78 69.98 -49.90
N LEU GE 331 -58.29 71.06 -50.47
CA LEU GE 331 -59.57 71.01 -51.15
C LEU GE 331 -59.44 70.45 -52.55
N ASP GE 332 -60.52 69.81 -52.99
CA ASP GE 332 -60.65 69.29 -54.35
C ASP GE 332 -61.05 70.37 -55.34
N ASP GE 333 -60.71 70.12 -56.61
CA ASP GE 333 -61.08 71.00 -57.72
C ASP GE 333 -62.56 71.36 -57.74
N VAL GE 334 -63.43 70.40 -57.52
CA VAL GE 334 -64.86 70.67 -57.54
C VAL GE 334 -65.24 71.61 -56.40
N GLU GE 335 -64.73 71.34 -55.20
CA GLU GE 335 -64.99 72.23 -54.08
C GLU GE 335 -64.52 73.65 -54.37
N ILE GE 336 -63.29 73.79 -54.84
CA ILE GE 336 -62.79 75.13 -55.21
C ILE GE 336 -63.75 75.84 -56.16
N LEU GE 337 -64.10 75.19 -57.26
CA LEU GE 337 -65.02 75.80 -58.22
C LEU GE 337 -66.33 76.24 -57.59
N ARG GE 338 -67.02 75.34 -56.89
CA ARG GE 338 -68.29 75.70 -56.28
C ARG GE 338 -68.15 76.82 -55.26
N ALA GE 339 -67.14 76.75 -54.39
CA ALA GE 339 -66.86 77.81 -53.44
C ALA GE 339 -66.70 79.17 -54.10
N ARG GE 340 -65.78 79.28 -55.04
CA ARG GE 340 -65.55 80.56 -55.70
C ARG GE 340 -66.79 81.09 -56.39
N GLN GE 341 -67.61 80.23 -56.99
CA GLN GE 341 -68.86 80.71 -57.58
C GLN GE 341 -69.78 81.30 -56.54
N PHE GE 342 -70.01 80.58 -55.45
CA PHE GE 342 -70.89 81.07 -54.40
C PHE GE 342 -70.43 82.41 -53.82
N VAL GE 343 -69.19 82.49 -53.37
CA VAL GE 343 -68.68 83.75 -52.83
C VAL GE 343 -68.88 84.89 -53.80
N ASP GE 344 -68.48 84.69 -55.07
CA ASP GE 344 -68.71 85.74 -56.06
C ASP GE 344 -70.17 86.16 -56.13
N SER GE 345 -71.10 85.23 -55.97
CA SER GE 345 -72.50 85.59 -56.04
C SER GE 345 -72.95 86.40 -54.83
N TYR GE 346 -72.67 85.90 -53.65
CA TYR GE 346 -73.06 86.59 -52.41
C TYR GE 346 -72.51 88.00 -52.32
N TYR GE 347 -71.21 88.17 -52.56
CA TYR GE 347 -70.61 89.50 -52.47
C TYR GE 347 -71.36 90.52 -53.31
N ARG GE 348 -71.77 90.17 -54.51
CA ARG GE 348 -72.54 91.11 -55.33
C ARG GE 348 -73.80 91.59 -54.64
N THR GE 349 -74.39 90.78 -53.79
CA THR GE 349 -75.61 91.18 -53.11
C THR GE 349 -75.36 91.96 -51.84
N TRP GE 350 -74.50 91.46 -50.96
CA TRP GE 350 -74.32 92.10 -49.66
C TRP GE 350 -73.06 92.94 -49.52
N GLY GE 351 -72.14 92.89 -50.46
CA GLY GE 351 -70.86 93.55 -50.26
C GLY GE 351 -70.00 93.00 -49.15
N GLY GE 352 -68.73 93.40 -49.16
CA GLY GE 352 -67.70 92.88 -48.28
C GLY GE 352 -67.66 93.38 -46.85
N ARG GE 353 -68.55 94.26 -46.43
CA ARG GE 353 -68.30 95.04 -45.22
C ARG GE 353 -68.59 94.27 -43.94
N TYR GE 354 -69.31 93.17 -43.99
CA TYR GE 354 -69.72 92.49 -42.77
C TYR GE 354 -69.25 91.04 -42.69
N VAL GE 355 -69.38 90.26 -43.76
CA VAL GE 355 -68.92 88.87 -43.78
C VAL GE 355 -67.68 88.73 -44.66
N GLN GE 356 -66.64 88.08 -44.14
CA GLN GE 356 -65.45 87.72 -44.91
C GLN GE 356 -65.33 86.22 -45.11
N PHE GE 357 -65.01 85.81 -46.34
CA PHE GE 357 -64.71 84.43 -46.69
C PHE GE 357 -63.23 84.30 -47.01
N ALA GE 358 -62.53 83.39 -46.33
CA ALA GE 358 -61.11 83.15 -46.59
C ALA GE 358 -60.89 81.74 -47.12
N ILE GE 359 -60.24 81.62 -48.27
CA ILE GE 359 -59.93 80.34 -48.90
C ILE GE 359 -58.41 80.16 -48.92
N GLU GE 360 -57.91 79.12 -48.25
CA GLU GE 360 -56.48 78.89 -48.16
C GLU GE 360 -56.16 77.40 -48.25
N LEU GE 361 -55.39 77.03 -49.28
CA LEU GE 361 -54.89 75.67 -49.44
C LEU GE 361 -53.75 75.33 -48.49
N LYS GE 362 -53.80 74.11 -47.95
CA LYS GE 362 -52.84 73.59 -46.98
C LYS GE 362 -52.60 72.13 -47.27
N ASP GE 363 -51.42 71.64 -46.86
CA ASP GE 363 -51.10 70.22 -46.87
C ASP GE 363 -51.76 69.49 -45.69
N ASP GE 364 -53.08 69.54 -45.66
CA ASP GE 364 -53.84 69.05 -44.51
C ASP GE 364 -55.10 68.35 -45.01
N TRP GE 365 -55.14 67.03 -44.89
CA TRP GE 365 -56.26 66.23 -45.34
C TRP GE 365 -57.47 66.30 -44.42
N LEU GE 366 -57.33 66.74 -43.17
CA LEU GE 366 -58.49 66.86 -42.30
C LEU GE 366 -59.35 68.07 -42.64
N LYS GE 367 -58.82 68.98 -43.44
CA LYS GE 367 -59.54 70.19 -43.86
C LYS GE 367 -59.94 71.09 -42.69
N GLY GE 368 -58.97 71.38 -41.84
CA GLY GE 368 -59.10 72.21 -40.65
C GLY GE 368 -59.63 71.57 -39.38
N ARG GE 369 -60.07 70.33 -39.40
CA ARG GE 369 -60.46 69.69 -38.16
C ARG GE 369 -59.21 69.30 -37.37
N SER GE 370 -59.33 69.21 -36.06
CA SER GE 370 -58.19 68.80 -35.25
C SER GE 370 -58.66 68.16 -33.95
N PHE GE 371 -57.89 67.19 -33.48
CA PHE GE 371 -58.25 66.45 -32.27
C PHE GE 371 -57.00 66.06 -31.48
N GLN GE 372 -57.21 65.82 -30.20
CA GLN GE 372 -56.21 65.29 -29.29
C GLN GE 372 -56.67 63.95 -28.76
N TYR GE 373 -55.76 63.01 -28.65
CA TYR GE 373 -56.01 61.68 -28.12
C TYR GE 373 -55.61 61.64 -26.66
N GLY GE 374 -56.60 61.44 -25.79
CA GLY GE 374 -56.38 61.25 -24.37
C GLY GE 374 -56.91 59.90 -23.93
N ALA GE 375 -56.82 59.65 -22.63
CA ALA GE 375 -57.35 58.40 -22.10
C ALA GE 375 -58.84 58.25 -22.39
N GLU GE 376 -59.56 59.36 -22.53
CA GLU GE 376 -60.97 59.34 -22.87
C GLU GE 376 -61.21 59.28 -24.38
N GLY GE 377 -60.19 59.02 -25.16
CA GLY GE 377 -60.26 59.04 -26.59
C GLY GE 377 -60.08 60.43 -27.16
N TYR GE 378 -60.62 60.62 -28.35
CA TYR GE 378 -60.54 61.90 -29.05
C TYR GE 378 -61.33 63.03 -28.41
N ILE GE 379 -60.73 64.22 -28.46
CA ILE GE 379 -61.35 65.46 -28.02
C ILE GE 379 -61.07 66.48 -29.11
N LYS GE 380 -62.10 67.24 -29.49
CA LYS GE 380 -61.93 68.26 -30.52
C LYS GE 380 -61.14 69.47 -30.07
N MET GE 381 -60.08 69.79 -30.80
CA MET GE 381 -59.26 70.98 -30.55
C MET GE 381 -59.98 72.25 -30.98
N SER GE 382 -59.74 73.32 -30.22
CA SER GE 382 -60.14 74.63 -30.67
C SER GE 382 -59.38 75.00 -31.95
N PRO GE 383 -59.92 75.91 -32.75
CA PRO GE 383 -59.20 76.38 -33.94
C PRO GE 383 -57.95 77.17 -33.57
N GLY GE 384 -57.16 77.47 -34.59
CA GLY GE 384 -55.94 78.24 -34.39
C GLY GE 384 -55.17 78.37 -35.68
N HIS GE 385 -54.01 79.05 -35.57
CA HIS GE 385 -53.12 79.24 -36.71
C HIS GE 385 -52.37 77.96 -37.08
N TRP GE 386 -51.59 77.43 -36.15
CA TRP GE 386 -50.78 76.25 -36.44
C TRP GE 386 -51.64 75.04 -36.79
N TYR GE 387 -51.09 74.19 -37.66
CA TYR GE 387 -51.72 72.96 -38.10
C TYR GE 387 -50.66 71.88 -38.30
N PHE GE 388 -51.08 70.64 -38.17
CA PHE GE 388 -50.31 69.42 -38.37
C PHE GE 388 -50.32 68.99 -39.84
N PRO GE 389 -49.23 69.20 -40.57
CA PRO GE 389 -49.18 68.72 -41.95
C PRO GE 389 -49.25 67.20 -41.98
N SER GE 390 -50.15 66.69 -42.80
CA SER GE 390 -50.42 65.27 -42.85
C SER GE 390 -49.23 64.47 -43.38
N PRO GE 391 -48.87 63.38 -42.73
CA PRO GE 391 -47.93 62.43 -43.32
C PRO GE 391 -48.61 61.60 -44.39
N LEU GE 392 -49.85 61.23 -44.11
CA LEU GE 392 -50.67 60.47 -45.05
C LEU GE 392 -51.02 61.30 -46.27
N ALA HE 171 -89.37 95.23 -95.82
CA ALA HE 171 -88.55 94.10 -95.42
C ALA HE 171 -88.78 93.75 -93.96
N GLU HE 172 -89.68 92.80 -93.70
CA GLU HE 172 -89.95 92.45 -92.31
C GLU HE 172 -88.78 91.66 -91.74
N LEU HE 173 -88.74 91.59 -90.41
CA LEU HE 173 -87.66 90.89 -89.73
C LEU HE 173 -87.68 89.39 -90.01
N ASP HE 174 -88.85 88.78 -90.05
CA ASP HE 174 -88.95 87.35 -90.32
C ASP HE 174 -88.32 86.97 -91.66
N SER HE 175 -88.40 87.86 -92.65
CA SER HE 175 -87.82 87.55 -93.95
C SER HE 175 -86.30 87.50 -93.91
N LEU HE 176 -85.69 88.08 -92.89
CA LEU HE 176 -84.24 88.13 -92.75
C LEU HE 176 -83.65 86.99 -91.93
N LEU HE 177 -84.45 86.28 -91.14
CA LEU HE 177 -83.89 85.26 -90.27
C LEU HE 177 -83.56 83.96 -90.96
N GLY HE 178 -84.08 83.69 -92.15
CA GLY HE 178 -83.78 82.42 -92.78
C GLY HE 178 -84.87 81.72 -93.55
N GLN HE 179 -84.56 80.51 -94.02
CA GLN HE 179 -85.57 79.66 -94.63
C GLN HE 179 -86.41 78.87 -93.63
N GLU HE 180 -85.81 78.34 -92.57
CA GLU HE 180 -86.57 77.54 -91.60
C GLU HE 180 -87.43 78.46 -90.74
N LYS HE 181 -88.60 78.80 -91.28
CA LYS HE 181 -89.44 79.85 -90.73
C LYS HE 181 -89.76 79.67 -89.25
N GLU HE 182 -90.14 78.45 -88.86
CA GLU HE 182 -90.55 78.18 -87.49
C GLU HE 182 -89.41 78.14 -86.48
N ARG HE 183 -88.16 78.26 -86.90
CA ARG HE 183 -87.08 78.18 -85.93
C ARG HE 183 -87.14 79.30 -84.89
N PHE HE 184 -87.65 80.47 -85.26
CA PHE HE 184 -87.64 81.66 -84.42
C PHE HE 184 -89.05 82.19 -84.23
N GLN HE 185 -89.26 82.99 -83.19
CA GLN HE 185 -90.61 83.54 -82.96
C GLN HE 185 -90.52 85.02 -82.66
N VAL HE 186 -91.26 85.83 -83.42
CA VAL HE 186 -91.25 87.29 -83.33
C VAL HE 186 -92.50 87.78 -82.63
N LEU HE 187 -92.32 88.57 -81.57
CA LEU HE 187 -93.39 89.14 -80.77
C LEU HE 187 -93.25 90.65 -80.65
N PRO HE 188 -94.36 91.38 -80.63
CA PRO HE 188 -94.28 92.82 -80.38
C PRO HE 188 -94.16 93.13 -78.90
N GLY HE 189 -93.71 94.34 -78.60
CA GLY HE 189 -93.53 94.77 -77.23
C GLY HE 189 -94.09 96.15 -76.97
N ARG HE 190 -94.67 96.32 -75.77
CA ARG HE 190 -95.23 97.60 -75.38
C ARG HE 190 -94.21 98.72 -75.39
N ASP HE 191 -92.93 98.39 -75.38
CA ASP HE 191 -91.84 99.34 -75.52
C ASP HE 191 -91.60 99.75 -76.96
N LYS HE 192 -92.51 99.38 -77.86
CA LYS HE 192 -92.36 99.69 -79.29
C LYS HE 192 -91.15 99.00 -79.90
N MET HE 193 -90.93 97.74 -79.55
CA MET HE 193 -89.74 97.01 -79.99
C MET HE 193 -90.14 95.57 -80.26
N LEU HE 194 -89.48 94.98 -81.26
CA LEU HE 194 -89.65 93.56 -81.55
C LEU HE 194 -88.75 92.68 -80.69
N TYR HE 195 -89.36 91.68 -80.07
CA TYR HE 195 -88.66 90.67 -79.28
C TYR HE 195 -88.62 89.37 -80.09
N VAL HE 196 -87.43 88.84 -80.29
CA VAL HE 196 -87.22 87.58 -81.00
C VAL HE 196 -86.85 86.52 -79.99
N ALA HE 197 -87.69 85.50 -79.90
CA ALA HE 197 -87.49 84.39 -78.98
C ALA HE 197 -86.77 83.27 -79.71
N ALA HE 198 -85.66 82.84 -79.11
CA ALA HE 198 -84.80 81.75 -79.56
C ALA HE 198 -84.86 80.60 -78.57
N GLN HE 199 -84.40 79.42 -79.00
CA GLN HE 199 -84.42 78.23 -78.18
C GLN HE 199 -83.08 77.86 -77.55
N ASN HE 200 -81.95 78.33 -78.07
CA ASN HE 200 -80.67 77.88 -77.57
C ASN HE 200 -79.61 78.92 -77.94
N GLU HE 201 -78.40 78.68 -77.43
CA GLU HE 201 -77.27 79.58 -77.71
C GLU HE 201 -76.94 79.69 -79.19
N ARG HE 202 -76.77 78.56 -79.87
CA ARG HE 202 -76.43 78.60 -81.29
C ARG HE 202 -77.42 79.47 -82.07
N ASP HE 203 -78.72 79.23 -81.87
CA ASP HE 203 -79.73 80.06 -82.52
C ASP HE 203 -79.65 81.50 -82.07
N THR HE 204 -79.40 81.74 -80.79
CA THR HE 204 -79.24 83.09 -80.29
C THR HE 204 -78.19 83.85 -81.07
N LEU HE 205 -77.02 83.25 -81.26
CA LEU HE 205 -75.98 83.92 -82.04
C LEU HE 205 -76.34 84.05 -83.51
N TRP HE 206 -77.01 83.04 -84.06
CA TRP HE 206 -77.51 83.16 -85.44
C TRP HE 206 -78.45 84.35 -85.62
N ALA HE 207 -79.23 84.66 -84.60
CA ALA HE 207 -80.10 85.83 -84.66
C ALA HE 207 -79.35 87.12 -84.40
N ARG HE 208 -78.59 87.19 -83.31
CA ARG HE 208 -77.87 88.40 -82.96
C ARG HE 208 -77.00 88.90 -84.10
N GLN HE 209 -76.40 88.00 -84.87
CA GLN HE 209 -75.59 88.47 -85.98
C GLN HE 209 -76.37 89.34 -86.94
N VAL HE 210 -77.64 89.01 -87.18
CA VAL HE 210 -78.45 89.79 -88.10
C VAL HE 210 -78.61 91.22 -87.62
N LEU HE 211 -78.87 91.39 -86.32
CA LEU HE 211 -79.06 92.73 -85.78
C LEU HE 211 -77.75 93.50 -85.73
N ALA HE 212 -76.70 92.87 -85.22
CA ALA HE 212 -75.42 93.55 -85.08
C ALA HE 212 -74.83 93.92 -86.44
N ARG HE 213 -75.11 93.13 -87.47
CA ARG HE 213 -74.72 93.54 -88.81
C ARG HE 213 -75.45 94.81 -89.24
N GLY HE 214 -76.64 95.03 -88.68
CA GLY HE 214 -77.47 96.15 -89.10
C GLY HE 214 -78.30 95.91 -90.34
N ASP HE 215 -78.82 94.69 -90.52
CA ASP HE 215 -79.72 94.43 -91.63
C ASP HE 215 -81.12 94.97 -91.40
N TYR HE 216 -81.48 95.32 -90.18
CA TYR HE 216 -82.80 95.86 -89.88
C TYR HE 216 -82.63 97.24 -89.26
N ASP HE 217 -83.55 98.15 -89.59
CA ASP HE 217 -83.37 99.55 -89.22
C ASP HE 217 -84.04 99.94 -87.90
N LYS HE 218 -85.16 99.35 -87.55
CA LYS HE 218 -85.76 99.63 -86.26
C LYS HE 218 -85.08 98.87 -85.13
N ASN HE 219 -85.57 99.10 -83.91
CA ASN HE 219 -85.07 98.40 -82.73
C ASN HE 219 -85.62 96.99 -82.64
N ALA HE 220 -84.76 96.08 -82.17
CA ALA HE 220 -85.12 94.68 -81.96
C ALA HE 220 -84.20 94.10 -80.90
N ARG HE 221 -84.64 93.00 -80.29
CA ARG HE 221 -83.85 92.39 -79.23
C ARG HE 221 -84.10 90.89 -79.27
N VAL HE 222 -83.08 90.11 -78.87
CA VAL HE 222 -83.16 88.65 -78.84
C VAL HE 222 -83.15 88.15 -77.40
N ILE HE 223 -83.99 87.14 -77.11
CA ILE HE 223 -84.15 86.61 -75.76
C ILE HE 223 -84.28 85.09 -75.73
N ASN HE 224 -83.96 84.54 -74.56
CA ASN HE 224 -84.10 83.12 -74.28
C ASN HE 224 -84.40 82.90 -72.80
N GLU HE 225 -84.89 81.71 -72.50
CA GLU HE 225 -85.30 81.33 -71.15
C GLU HE 225 -84.22 81.49 -70.09
N ASN HE 226 -83.03 80.95 -70.32
CA ASN HE 226 -81.99 81.04 -69.29
C ASN HE 226 -81.63 82.48 -68.97
N GLU HE 227 -81.37 83.27 -70.00
CA GLU HE 227 -81.03 84.67 -69.78
C GLU HE 227 -82.12 85.39 -69.01
N GLU HE 228 -83.38 85.17 -69.37
CA GLU HE 228 -84.43 85.89 -68.66
C GLU HE 228 -84.59 85.42 -67.22
N ASN HE 229 -84.44 84.12 -66.98
CA ASN HE 229 -84.42 83.63 -65.61
C ASN HE 229 -83.37 84.36 -64.78
N LYS HE 230 -82.14 84.46 -65.31
CA LYS HE 230 -81.10 85.18 -64.60
C LYS HE 230 -81.47 86.63 -64.31
N ARG HE 231 -81.89 87.37 -65.32
CA ARG HE 231 -82.24 88.77 -65.11
C ARG HE 231 -83.32 88.94 -64.06
N ILE HE 232 -84.37 88.14 -64.12
CA ILE HE 232 -85.43 88.28 -63.12
C ILE HE 232 -84.90 87.95 -61.73
N SER HE 233 -84.09 86.91 -61.60
CA SER HE 233 -83.53 86.61 -60.29
C SER HE 233 -82.70 87.77 -59.76
N ILE HE 234 -81.91 88.41 -60.61
CA ILE HE 234 -81.15 89.59 -60.19
C ILE HE 234 -82.05 90.70 -59.66
N TRP HE 235 -83.20 90.92 -60.29
CA TRP HE 235 -84.09 91.98 -59.79
C TRP HE 235 -84.75 91.57 -58.47
N LEU HE 236 -85.21 90.33 -58.38
CA LEU HE 236 -85.77 89.81 -57.14
C LEU HE 236 -84.80 89.94 -55.98
N ASP HE 237 -83.52 89.68 -56.24
CA ASP HE 237 -82.50 89.85 -55.19
C ASP HE 237 -82.56 91.21 -54.54
N THR HE 238 -82.95 92.24 -55.28
CA THR HE 238 -82.98 93.58 -54.71
C THR HE 238 -84.31 93.89 -54.04
N TYR HE 239 -85.44 93.63 -54.69
CA TYR HE 239 -86.69 94.08 -54.08
C TYR HE 239 -87.43 93.04 -53.24
N TYR HE 240 -87.10 91.77 -53.36
CA TYR HE 240 -87.71 90.69 -52.58
C TYR HE 240 -86.60 89.74 -52.13
N PRO HE 241 -85.71 90.22 -51.27
CA PRO HE 241 -84.53 89.44 -50.91
C PRO HE 241 -84.80 88.21 -50.06
N GLN HE 242 -86.05 87.91 -49.73
CA GLN HE 242 -86.36 86.77 -48.89
C GLN HE 242 -87.41 85.86 -49.50
N LEU HE 243 -87.77 86.10 -50.76
CA LEU HE 243 -88.74 85.26 -51.46
C LEU HE 243 -88.14 83.93 -51.89
N ALA HE 244 -88.83 82.85 -51.53
CA ALA HE 244 -88.47 81.49 -51.90
C ALA HE 244 -89.28 81.06 -53.11
N TYR HE 245 -88.59 80.67 -54.18
CA TYR HE 245 -89.25 80.35 -55.43
C TYR HE 245 -88.40 79.36 -56.21
N TYR HE 246 -89.01 78.76 -57.24
CA TYR HE 246 -88.33 77.77 -58.07
C TYR HE 246 -87.89 78.28 -59.43
N ARG HE 247 -88.81 78.41 -60.38
CA ARG HE 247 -88.42 78.75 -61.74
C ARG HE 247 -89.58 79.36 -62.48
N ILE HE 248 -89.25 80.12 -63.51
CA ILE HE 248 -90.23 80.67 -64.44
C ILE HE 248 -90.12 79.96 -65.79
N HIS HE 249 -91.24 79.38 -66.23
CA HIS HE 249 -91.35 78.61 -67.47
C HIS HE 249 -91.88 79.52 -68.57
N PHE HE 250 -91.30 79.42 -69.75
CA PHE HE 250 -91.66 80.21 -70.92
C PHE HE 250 -92.08 79.32 -72.07
N ASP HE 251 -92.84 78.27 -71.76
CA ASP HE 251 -93.34 77.41 -72.83
C ASP HE 251 -94.22 78.22 -73.77
N GLU HE 252 -95.08 79.06 -73.19
CA GLU HE 252 -95.89 80.02 -73.92
C GLU HE 252 -95.38 81.41 -73.57
N PRO HE 253 -94.56 82.04 -74.41
CA PRO HE 253 -93.91 83.29 -73.99
C PRO HE 253 -94.87 84.43 -73.72
N ARG HE 254 -96.11 84.35 -74.17
CA ARG HE 254 -97.08 85.38 -73.85
C ARG HE 254 -97.71 85.21 -72.47
N LYS HE 255 -97.53 84.07 -71.83
CA LYS HE 255 -98.15 83.82 -70.52
C LYS HE 255 -97.23 82.99 -69.65
N PRO HE 256 -96.19 83.60 -69.11
CA PRO HE 256 -95.26 82.83 -68.28
C PRO HE 256 -95.88 82.33 -66.99
N VAL HE 257 -95.23 81.30 -66.45
CA VAL HE 257 -95.65 80.61 -65.23
C VAL HE 257 -94.52 80.73 -64.21
N PHE HE 258 -94.84 81.23 -63.02
CA PHE HE 258 -93.88 81.42 -61.95
C PHE HE 258 -94.24 80.49 -60.79
N TRP HE 259 -93.34 79.57 -60.46
CA TRP HE 259 -93.52 78.58 -59.39
C TRP HE 259 -92.97 79.08 -58.06
N LEU HE 260 -93.85 79.30 -57.10
CA LEU HE 260 -93.46 79.66 -55.74
C LEU HE 260 -93.61 78.44 -54.85
N SER HE 261 -92.90 78.45 -53.73
CA SER HE 261 -93.10 77.44 -52.71
C SER HE 261 -94.33 77.73 -51.85
N ARG HE 262 -95.02 76.66 -51.47
CA ARG HE 262 -96.16 76.80 -50.56
C ARG HE 262 -95.76 77.00 -49.11
N GLN HE 263 -94.80 76.23 -48.60
CA GLN HE 263 -94.48 76.34 -47.18
C GLN HE 263 -93.70 77.60 -46.84
N ARG HE 264 -92.68 77.91 -47.63
CA ARG HE 264 -91.70 78.90 -47.22
C ARG HE 264 -92.14 80.32 -47.44
N ASN HE 265 -93.23 80.56 -48.18
CA ASN HE 265 -93.75 81.89 -48.40
C ASN HE 265 -95.04 82.09 -47.62
N THR HE 266 -95.14 83.23 -46.94
CA THR HE 266 -96.33 83.65 -46.22
C THR HE 266 -96.75 85.02 -46.76
N MET HE 267 -97.43 85.02 -47.90
CA MET HE 267 -97.85 86.23 -48.56
C MET HE 267 -99.36 86.22 -48.74
N SER HE 268 -99.96 87.40 -48.68
CA SER HE 268 -101.39 87.53 -48.94
C SER HE 268 -101.66 87.61 -50.44
N LYS HE 269 -102.93 87.40 -50.80
CA LYS HE 269 -103.32 87.48 -52.20
C LYS HE 269 -102.99 88.84 -52.80
N LYS HE 270 -103.25 89.92 -52.06
CA LYS HE 270 -102.92 91.26 -52.54
C LYS HE 270 -101.44 91.37 -52.87
N GLU HE 271 -100.59 90.90 -51.96
CA GLU HE 271 -99.16 90.91 -52.21
C GLU HE 271 -98.80 90.12 -53.45
N LEU HE 272 -99.40 88.94 -53.62
CA LEU HE 272 -99.16 88.14 -54.81
C LEU HE 272 -99.56 88.90 -56.07
N GLU HE 273 -100.69 89.58 -56.03
CA GLU HE 273 -101.13 90.40 -57.15
C GLU HE 273 -100.13 91.50 -57.48
N VAL HE 274 -99.66 92.22 -56.46
CA VAL HE 274 -98.66 93.25 -56.69
C VAL HE 274 -97.40 92.66 -57.33
N LEU HE 275 -96.89 91.58 -56.77
CA LEU HE 275 -95.74 90.90 -57.37
C LEU HE 275 -95.99 90.58 -58.83
N SER HE 276 -97.15 90.02 -59.12
CA SER HE 276 -97.53 89.72 -60.49
C SER HE 276 -97.44 90.96 -61.38
N GLN HE 277 -98.01 92.07 -60.93
CA GLN HE 277 -97.99 93.28 -61.73
C GLN HE 277 -96.58 93.78 -61.96
N LYS HE 278 -95.71 93.68 -60.96
CA LYS HE 278 -94.34 94.15 -61.18
C LYS HE 278 -93.59 93.25 -62.17
N LEU HE 279 -93.80 91.94 -62.09
CA LEU HE 279 -93.22 91.07 -63.12
C LEU HE 279 -93.73 91.45 -64.49
N ARG HE 280 -95.03 91.70 -64.60
CA ARG HE 280 -95.57 92.10 -65.89
C ARG HE 280 -94.94 93.39 -66.37
N ALA HE 281 -94.54 94.26 -65.47
CA ALA HE 281 -93.87 95.47 -65.92
C ALA HE 281 -92.44 95.18 -66.36
N LEU HE 282 -91.79 94.16 -65.77
CA LEU HE 282 -90.45 93.81 -66.22
C LEU HE 282 -90.44 93.11 -67.57
N MET HE 283 -91.52 92.46 -67.94
CA MET HE 283 -91.54 91.71 -69.20
C MET HE 283 -92.53 92.34 -70.17
N PRO HE 284 -92.11 93.36 -70.93
CA PRO HE 284 -93.03 94.06 -71.82
C PRO HE 284 -93.57 93.22 -72.97
N TYR HE 285 -93.12 92.00 -73.15
CA TYR HE 285 -93.65 91.15 -74.19
C TYR HE 285 -94.71 90.19 -73.66
N ALA HE 286 -94.90 90.12 -72.35
CA ALA HE 286 -95.85 89.21 -71.74
C ALA HE 286 -97.14 89.92 -71.36
N ASP HE 287 -98.27 89.25 -71.61
CA ASP HE 287 -99.55 89.85 -71.25
C ASP HE 287 -99.91 89.63 -69.79
N SER HE 288 -99.47 88.54 -69.18
CA SER HE 288 -99.76 88.29 -67.77
C SER HE 288 -98.84 87.21 -67.25
N VAL HE 289 -98.68 87.18 -65.94
CA VAL HE 289 -97.83 86.22 -65.24
C VAL HE 289 -98.70 85.41 -64.30
N ASN HE 290 -98.71 84.08 -64.47
CA ASN HE 290 -99.49 83.19 -63.62
C ASN HE 290 -98.59 82.63 -62.53
N ILE HE 291 -98.97 82.83 -61.27
CA ILE HE 291 -98.24 82.32 -60.12
C ILE HE 291 -98.89 81.05 -59.59
N THR HE 292 -98.09 79.98 -59.51
CA THR HE 292 -98.53 78.68 -59.06
C THR HE 292 -97.69 78.23 -57.86
N LEU HE 293 -98.36 77.68 -56.85
CA LEU HE 293 -97.70 77.18 -55.64
C LEU HE 293 -97.42 75.69 -55.73
N MET HE 294 -96.17 75.30 -55.50
CA MET HE 294 -95.69 73.93 -55.60
C MET HE 294 -95.23 73.44 -54.23
N ASP HE 295 -95.23 72.11 -54.07
CA ASP HE 295 -94.82 71.46 -52.84
C ASP HE 295 -93.37 70.98 -52.80
N ASP HE 296 -92.66 71.41 -51.76
CA ASP HE 296 -91.28 71.02 -51.56
C ASP HE 296 -91.13 69.51 -51.39
N VAL HE 297 -92.02 68.88 -50.62
CA VAL HE 297 -91.93 67.43 -50.45
C VAL HE 297 -92.00 66.74 -51.80
N THR HE 298 -92.85 67.23 -52.68
CA THR HE 298 -92.91 66.67 -54.02
C THR HE 298 -91.57 66.80 -54.73
N ALA HE 299 -90.99 68.00 -54.74
CA ALA HE 299 -89.67 68.18 -55.35
C ALA HE 299 -88.62 67.19 -54.83
N ALA HE 300 -88.40 67.19 -53.53
CA ALA HE 300 -87.44 66.27 -52.92
C ALA HE 300 -87.73 64.81 -53.24
N GLY HE 301 -89.00 64.42 -53.21
CA GLY HE 301 -89.33 63.04 -53.53
C GLY HE 301 -89.00 62.65 -54.95
N GLN HE 302 -89.37 63.46 -55.91
CA GLN HE 302 -88.99 63.15 -57.30
C GLN HE 302 -87.49 63.07 -57.51
N ALA HE 303 -86.71 63.89 -56.80
CA ALA HE 303 -85.26 63.73 -56.87
C ALA HE 303 -84.80 62.36 -56.34
N GLU HE 304 -85.23 62.00 -55.14
CA GLU HE 304 -84.71 60.76 -54.57
C GLU HE 304 -85.20 59.54 -55.35
N ALA HE 305 -86.45 59.55 -55.77
CA ALA HE 305 -86.94 58.46 -56.59
C ALA HE 305 -86.18 58.34 -57.90
N GLY HE 306 -85.76 59.46 -58.49
CA GLY HE 306 -84.93 59.34 -59.69
C GLY HE 306 -83.57 58.71 -59.45
N LEU HE 307 -82.93 59.03 -58.32
CA LEU HE 307 -81.66 58.35 -58.06
C LEU HE 307 -81.84 56.86 -57.80
N LYS HE 308 -82.86 56.49 -57.04
CA LYS HE 308 -83.11 55.06 -56.87
C LYS HE 308 -83.41 54.40 -58.20
N GLN HE 309 -84.23 55.04 -59.02
CA GLN HE 309 -84.53 54.49 -60.33
C GLN HE 309 -83.28 54.32 -61.17
N GLN HE 310 -82.22 55.04 -60.87
CA GLN HE 310 -80.97 54.86 -61.63
C GLN HE 310 -79.96 53.99 -60.88
N ALA HE 311 -80.33 53.45 -59.73
CA ALA HE 311 -79.44 52.62 -58.92
C ALA HE 311 -78.12 53.28 -58.55
N LEU HE 312 -78.07 54.57 -58.47
CA LEU HE 312 -76.83 55.24 -58.10
C LEU HE 312 -76.63 55.16 -56.58
N PRO HE 313 -75.40 55.03 -56.12
CA PRO HE 313 -75.13 55.19 -54.68
C PRO HE 313 -75.13 56.65 -54.29
N TYR HE 314 -75.76 56.96 -53.16
CA TYR HE 314 -75.88 58.35 -52.73
C TYR HE 314 -76.06 58.44 -51.23
N SER HE 315 -75.85 59.65 -50.69
CA SER HE 315 -76.29 60.02 -49.35
C SER HE 315 -77.12 61.29 -49.42
N ARG HE 316 -78.10 61.39 -48.52
CA ARG HE 316 -79.01 62.53 -48.48
C ARG HE 316 -78.82 63.33 -47.20
N ARG HE 317 -78.82 64.65 -47.32
CA ARG HE 317 -78.73 65.55 -46.17
C ARG HE 317 -79.79 66.63 -46.24
N ASN HE 318 -80.43 66.89 -45.10
CA ASN HE 318 -81.54 67.82 -45.01
C ASN HE 318 -81.15 69.05 -44.21
N HIS HE 319 -81.59 70.22 -44.67
CA HIS HE 319 -81.35 71.48 -44.00
C HIS HE 319 -82.65 72.27 -43.94
N LYS HE 320 -82.62 73.31 -43.13
CA LYS HE 320 -83.77 74.21 -42.99
C LYS HE 320 -84.36 74.58 -44.34
N GLY HE 321 -83.51 74.79 -45.34
CA GLY HE 321 -83.98 75.27 -46.62
C GLY HE 321 -83.39 74.62 -47.86
N GLY HE 322 -82.96 73.36 -47.76
CA GLY HE 322 -82.47 72.69 -48.94
C GLY HE 322 -82.08 71.26 -48.63
N VAL HE 323 -81.94 70.49 -49.70
CA VAL HE 323 -81.60 69.08 -49.62
C VAL HE 323 -80.41 68.84 -50.53
N THR HE 324 -79.37 68.21 -49.99
CA THR HE 324 -78.16 67.91 -50.73
C THR HE 324 -77.97 66.41 -50.88
N PHE HE 325 -77.87 65.94 -52.12
CA PHE HE 325 -77.56 64.55 -52.42
C PHE HE 325 -76.10 64.47 -52.84
N VAL HE 326 -75.30 63.73 -52.09
CA VAL HE 326 -73.87 63.57 -52.34
C VAL HE 326 -73.62 62.21 -52.94
N ILE HE 327 -73.17 62.21 -54.20
CA ILE HE 327 -72.81 61.03 -54.97
C ILE HE 327 -71.30 61.04 -55.11
N GLN HE 328 -70.60 60.15 -54.42
CA GLN HE 328 -69.14 60.19 -54.50
C GLN HE 328 -68.55 58.81 -54.28
N GLY HE 329 -67.35 58.62 -54.85
CA GLY HE 329 -66.59 57.39 -54.77
C GLY HE 329 -66.05 57.01 -56.13
N ALA HE 330 -65.69 55.74 -56.25
CA ALA HE 330 -65.28 55.14 -57.52
C ALA HE 330 -66.51 54.74 -58.32
N LEU HE 331 -66.72 55.42 -59.43
CA LEU HE 331 -67.90 55.23 -60.27
C LEU HE 331 -67.48 54.70 -61.63
N ASP HE 332 -68.28 53.77 -62.16
CA ASP HE 332 -68.11 53.27 -63.49
C ASP HE 332 -68.58 54.28 -64.54
N ASP HE 333 -68.03 54.13 -65.75
CA ASP HE 333 -68.43 54.95 -66.89
C ASP HE 333 -69.93 54.97 -67.09
N VAL HE 334 -70.57 53.82 -66.97
CA VAL HE 334 -72.02 53.76 -67.12
C VAL HE 334 -72.71 54.62 -66.07
N GLU HE 335 -72.29 54.49 -64.82
CA GLU HE 335 -72.85 55.30 -63.75
C GLU HE 335 -72.67 56.79 -64.02
N ILE HE 336 -71.47 57.20 -64.43
CA ILE HE 336 -71.25 58.61 -64.73
C ILE HE 336 -72.19 59.12 -65.82
N LEU HE 337 -72.33 58.34 -66.89
CA LEU HE 337 -73.24 58.74 -67.96
C LEU HE 337 -74.69 58.86 -67.50
N ARG HE 338 -75.23 57.80 -66.90
CA ARG HE 338 -76.59 57.86 -66.39
C ARG HE 338 -76.80 59.05 -65.46
N ALA HE 339 -75.90 59.22 -64.50
CA ALA HE 339 -75.97 60.34 -63.57
C ALA HE 339 -76.07 61.68 -64.28
N ARG HE 340 -75.12 62.00 -65.14
CA ARG HE 340 -75.18 63.30 -65.80
C ARG HE 340 -76.45 63.48 -66.64
N GLN HE 341 -76.96 62.41 -67.24
CA GLN HE 341 -78.20 62.56 -68.00
C GLN HE 341 -79.39 62.92 -67.10
N PHE HE 342 -79.58 62.13 -66.04
CA PHE HE 342 -80.67 62.41 -65.12
C PHE HE 342 -80.57 63.80 -64.53
N VAL HE 343 -79.41 64.15 -63.98
CA VAL HE 343 -79.25 65.47 -63.37
C VAL HE 343 -79.61 66.57 -64.35
N ASP HE 344 -79.04 66.55 -65.55
CA ASP HE 344 -79.43 67.57 -66.52
C ASP HE 344 -80.93 67.61 -66.76
N SER HE 345 -81.60 66.47 -66.72
CA SER HE 345 -83.04 66.49 -66.95
C SER HE 345 -83.80 67.15 -65.81
N TYR HE 346 -83.54 66.71 -64.58
CA TYR HE 346 -84.20 67.30 -63.41
C TYR HE 346 -83.96 68.79 -63.27
N TYR HE 347 -82.71 69.21 -63.40
CA TYR HE 347 -82.39 70.63 -63.30
C TYR HE 347 -83.26 71.47 -64.23
N ARG HE 348 -83.41 71.03 -65.47
CA ARG HE 348 -84.22 71.80 -66.41
C ARG HE 348 -85.63 72.04 -65.92
N THR HE 349 -86.16 71.14 -65.12
CA THR HE 349 -87.52 71.29 -64.62
C THR HE 349 -87.60 72.13 -63.35
N TRP HE 350 -86.79 71.83 -62.34
CA TRP HE 350 -86.95 72.55 -61.06
C TRP HE 350 -85.96 73.68 -60.82
N GLY HE 351 -84.86 73.78 -61.56
CA GLY HE 351 -83.76 74.66 -61.21
C GLY HE 351 -82.97 74.33 -59.97
N GLY HE 352 -81.78 74.91 -59.86
CA GLY HE 352 -80.84 74.62 -58.80
C GLY HE 352 -81.03 75.32 -57.47
N ARG HE 353 -82.24 75.73 -57.14
CA ARG HE 353 -82.44 76.63 -56.00
C ARG HE 353 -82.76 75.91 -54.70
N TYR HE 354 -83.26 74.68 -54.76
CA TYR HE 354 -83.62 73.96 -53.55
C TYR HE 354 -82.84 72.66 -53.39
N VAL HE 355 -82.75 71.84 -54.42
CA VAL HE 355 -81.99 70.60 -54.36
C VAL HE 355 -80.69 70.76 -55.11
N GLN HE 356 -79.59 70.33 -54.49
CA GLN HE 356 -78.27 70.31 -55.12
C GLN HE 356 -77.73 68.90 -55.20
N PHE HE 357 -77.00 68.62 -56.28
CA PHE HE 357 -76.32 67.35 -56.48
C PHE HE 357 -74.82 67.60 -56.56
N ALA HE 358 -74.06 66.91 -55.71
CA ALA HE 358 -72.61 66.97 -55.73
C ALA HE 358 -72.05 65.63 -56.20
N ILE HE 359 -71.28 65.65 -57.27
CA ILE HE 359 -70.74 64.45 -57.91
C ILE HE 359 -69.23 64.52 -57.84
N GLU HE 360 -68.61 63.57 -57.17
CA GLU HE 360 -67.17 63.59 -56.97
C GLU HE 360 -66.57 62.22 -57.14
N LEU HE 361 -65.49 62.14 -57.92
CA LEU HE 361 -64.70 60.92 -58.02
C LEU HE 361 -63.67 60.86 -56.91
N LYS HE 362 -63.66 59.76 -56.19
CA LYS HE 362 -62.74 59.53 -55.09
C LYS HE 362 -61.99 58.24 -55.35
N ASP HE 363 -60.76 58.19 -54.89
CA ASP HE 363 -60.02 56.94 -54.86
C ASP HE 363 -60.40 56.15 -53.61
N ASP HE 364 -59.61 55.14 -53.27
CA ASP HE 364 -59.74 54.50 -51.96
C ASP HE 364 -59.65 55.53 -50.84
N TRP HE 365 -60.51 55.36 -49.85
CA TRP HE 365 -60.68 56.39 -48.84
C TRP HE 365 -59.35 56.70 -48.15
N LEU HE 366 -58.56 55.66 -47.84
CA LEU HE 366 -57.30 55.85 -47.12
C LEU HE 366 -56.11 55.32 -47.92
N LYS HE 367 -56.22 55.29 -49.24
CA LYS HE 367 -55.10 54.95 -50.10
C LYS HE 367 -54.59 53.52 -49.89
N GLY HE 368 -55.44 52.59 -49.50
CA GLY HE 368 -55.04 51.20 -49.55
C GLY HE 368 -54.19 50.72 -48.39
N ARG HE 369 -54.50 51.11 -47.16
CA ARG HE 369 -53.75 50.66 -46.00
C ARG HE 369 -54.69 50.38 -44.84
N SER HE 370 -54.24 49.54 -43.93
CA SER HE 370 -55.13 48.98 -42.92
C SER HE 370 -55.41 49.98 -41.81
N PHE HE 371 -56.62 49.91 -41.28
CA PHE HE 371 -57.02 50.85 -40.25
C PHE HE 371 -58.14 50.26 -39.42
N GLN HE 372 -58.32 50.82 -38.23
CA GLN HE 372 -59.43 50.47 -37.37
C GLN HE 372 -60.37 51.66 -37.39
N TYR HE 373 -61.66 51.40 -37.61
CA TYR HE 373 -62.68 52.42 -37.80
C TYR HE 373 -63.58 52.65 -36.60
N GLY HE 374 -63.26 52.09 -35.45
CA GLY HE 374 -64.04 52.37 -34.26
C GLY HE 374 -63.92 53.81 -33.79
N ALA HE 375 -64.59 54.07 -32.66
CA ALA HE 375 -64.53 55.38 -32.02
C ALA HE 375 -63.12 55.70 -31.55
N GLU HE 376 -62.21 54.74 -31.59
CA GLU HE 376 -60.82 54.88 -31.19
C GLU HE 376 -59.93 54.41 -32.33
N GLY HE 377 -60.45 54.57 -33.54
CA GLY HE 377 -59.78 54.15 -34.75
C GLY HE 377 -58.42 54.79 -34.94
N TYR HE 378 -57.66 54.17 -35.84
CA TYR HE 378 -56.31 54.62 -36.15
C TYR HE 378 -55.88 53.98 -37.46
N ILE HE 379 -54.76 54.45 -38.00
CA ILE HE 379 -54.21 54.02 -39.27
C ILE HE 379 -52.85 53.38 -39.08
N LYS HE 380 -52.65 52.22 -39.70
CA LYS HE 380 -51.33 51.61 -39.77
C LYS HE 380 -50.61 52.15 -41.00
N MET HE 381 -49.64 53.04 -40.78
CA MET HE 381 -48.83 53.52 -41.88
C MET HE 381 -48.04 52.39 -42.49
N SER HE 382 -47.52 51.53 -41.64
CA SER HE 382 -46.72 50.37 -41.97
C SER HE 382 -46.75 49.46 -40.76
N PRO HE 383 -46.43 48.20 -40.90
CA PRO HE 383 -46.34 47.38 -39.70
C PRO HE 383 -45.36 48.05 -38.75
N GLY HE 384 -45.75 48.13 -37.49
CA GLY HE 384 -44.98 48.89 -36.51
C GLY HE 384 -45.16 50.39 -36.51
N HIS HE 385 -46.12 50.97 -37.23
CA HIS HE 385 -46.28 52.42 -37.24
C HIS HE 385 -47.76 52.79 -37.16
N TRP HE 386 -48.17 53.38 -36.03
CA TRP HE 386 -49.54 53.83 -35.76
C TRP HE 386 -49.67 55.33 -35.94
N TYR HE 387 -50.84 55.79 -36.41
CA TYR HE 387 -51.01 57.22 -36.69
C TYR HE 387 -52.08 57.98 -35.89
N PHE HE 388 -53.12 57.35 -35.36
CA PHE HE 388 -54.10 58.09 -34.54
C PHE HE 388 -54.50 59.50 -34.99
N PRO HE 389 -54.88 59.70 -36.25
CA PRO HE 389 -55.18 61.06 -36.70
C PRO HE 389 -56.47 61.64 -36.17
N SER HE 390 -57.51 60.84 -36.04
CA SER HE 390 -58.86 61.34 -35.78
C SER HE 390 -59.77 60.14 -35.57
N PRO HE 391 -60.91 60.31 -34.90
CA PRO HE 391 -61.88 59.21 -34.91
C PRO HE 391 -62.31 58.90 -36.33
N LEU HE 392 -62.05 57.68 -36.75
CA LEU HE 392 -62.41 57.23 -38.08
C LEU HE 392 -63.76 56.57 -38.04
N ALA IE 171 -96.55 71.82 -108.93
CA ALA IE 171 -95.55 70.95 -108.34
C ALA IE 171 -95.90 70.60 -106.91
N GLU IE 172 -96.54 69.45 -106.71
CA GLU IE 172 -96.94 69.05 -105.39
C GLU IE 172 -95.72 68.60 -104.60
N LEU IE 173 -95.88 68.55 -103.28
CA LEU IE 173 -94.77 68.14 -102.43
C LEU IE 173 -94.37 66.69 -102.66
N ASP IE 174 -95.34 65.81 -102.87
CA ASP IE 174 -95.02 64.40 -103.11
C ASP IE 174 -94.13 64.20 -104.32
N SER IE 175 -94.25 65.06 -105.34
CA SER IE 175 -93.41 64.92 -106.53
C SER IE 175 -91.95 65.24 -106.25
N LEU IE 176 -91.66 65.95 -105.18
CA LEU IE 176 -90.31 66.36 -104.84
C LEU IE 176 -89.59 65.41 -103.90
N LEU IE 177 -90.30 64.53 -103.21
CA LEU IE 177 -89.65 63.67 -102.24
C LEU IE 177 -88.94 62.46 -102.84
N GLY IE 178 -89.21 62.09 -104.07
CA GLY IE 178 -88.54 60.93 -104.62
C GLY IE 178 -89.43 60.05 -105.46
N GLN IE 179 -88.85 58.92 -105.87
CA GLN IE 179 -89.56 57.86 -106.58
C GLN IE 179 -90.34 56.93 -105.66
N GLU IE 180 -89.77 56.55 -104.51
CA GLU IE 180 -90.44 55.63 -103.60
C GLU IE 180 -91.55 56.35 -102.84
N LYS IE 181 -92.64 56.63 -103.57
CA LYS IE 181 -93.65 57.53 -103.05
C LYS IE 181 -94.25 57.02 -101.74
N GLU IE 182 -94.36 55.71 -101.57
CA GLU IE 182 -94.93 55.20 -100.33
C GLU IE 182 -94.03 55.40 -99.13
N ARG IE 183 -92.77 55.75 -99.34
CA ARG IE 183 -91.84 55.90 -98.23
C ARG IE 183 -92.25 57.03 -97.28
N PHE IE 184 -92.93 58.05 -97.79
CA PHE IE 184 -93.36 59.22 -97.04
C PHE IE 184 -94.88 59.37 -97.04
N GLN IE 185 -95.37 60.11 -96.06
CA GLN IE 185 -96.79 60.39 -95.92
C GLN IE 185 -96.96 61.86 -95.59
N VAL IE 186 -97.78 62.53 -96.40
CA VAL IE 186 -98.07 63.96 -96.28
C VAL IE 186 -99.46 64.15 -95.68
N LEU IE 187 -99.54 64.97 -94.63
CA LEU IE 187 -100.79 65.22 -93.95
C LEU IE 187 -101.02 66.73 -93.84
N PRO IE 188 -102.21 67.22 -94.19
CA PRO IE 188 -102.52 68.63 -93.97
C PRO IE 188 -102.92 68.91 -92.53
N GLY IE 189 -102.52 70.08 -92.04
CA GLY IE 189 -102.84 70.44 -90.66
C GLY IE 189 -103.77 71.65 -90.53
N ARG IE 190 -104.40 71.74 -89.36
CA ARG IE 190 -105.37 72.81 -89.10
C ARG IE 190 -104.74 74.19 -89.12
N ASP IE 191 -103.44 74.32 -88.87
CA ASP IE 191 -102.75 75.59 -88.92
C ASP IE 191 -102.33 76.01 -90.33
N LYS IE 192 -102.91 75.39 -91.35
CA LYS IE 192 -102.57 75.69 -92.75
C LYS IE 192 -101.12 75.33 -93.09
N MET IE 193 -100.69 74.13 -92.71
CA MET IE 193 -99.30 73.73 -92.92
C MET IE 193 -99.27 72.25 -93.30
N LEU IE 194 -98.28 71.88 -94.12
CA LEU IE 194 -98.07 70.49 -94.49
C LEU IE 194 -97.08 69.79 -93.57
N TYR IE 195 -97.49 68.64 -93.03
CA TYR IE 195 -96.70 67.81 -92.14
C TYR IE 195 -96.26 66.54 -92.85
N VAL IE 196 -94.95 66.31 -92.91
CA VAL IE 196 -94.37 65.15 -93.57
C VAL IE 196 -93.90 64.20 -92.49
N ALA IE 197 -94.48 63.00 -92.47
CA ALA IE 197 -94.16 61.97 -91.50
C ALA IE 197 -93.08 61.03 -92.03
N ALA IE 198 -92.02 60.87 -91.25
CA ALA IE 198 -90.88 60.01 -91.54
C ALA IE 198 -90.83 58.85 -90.55
N GLN IE 199 -90.06 57.82 -90.92
CA GLN IE 199 -89.91 56.62 -90.10
C GLN IE 199 -88.61 56.55 -89.31
N ASN IE 200 -87.57 57.28 -89.71
CA ASN IE 200 -86.27 57.14 -89.06
C ASN IE 200 -85.46 58.40 -89.35
N GLU IE 201 -84.30 58.49 -88.69
CA GLU IE 201 -83.39 59.61 -88.86
C GLU IE 201 -82.89 59.78 -90.29
N ARG IE 202 -82.37 58.74 -90.90
CA ARG IE 202 -81.88 58.85 -92.27
C ARG IE 202 -82.93 59.46 -93.20
N ASP IE 203 -84.15 58.92 -93.17
CA ASP IE 203 -85.23 59.49 -93.97
C ASP IE 203 -85.57 60.91 -93.54
N THR IE 204 -85.55 61.19 -92.25
CA THR IE 204 -85.79 62.54 -91.77
C THR IE 204 -84.86 63.55 -92.41
N LEU IE 205 -83.56 63.27 -92.39
CA LEU IE 205 -82.62 64.20 -93.02
C LEU IE 205 -82.77 64.24 -94.53
N TRP IE 206 -83.12 63.12 -95.16
CA TRP IE 206 -83.45 63.14 -96.57
C TRP IE 206 -84.58 64.10 -96.87
N ALA IE 207 -85.58 64.16 -96.00
CA ALA IE 207 -86.69 65.08 -96.20
C ALA IE 207 -86.29 66.52 -95.92
N ARG IE 208 -85.66 66.76 -94.78
CA ARG IE 208 -85.29 68.12 -94.41
C ARG IE 208 -84.46 68.81 -95.47
N GLN IE 209 -83.58 68.07 -96.16
CA GLN IE 209 -82.78 68.73 -97.20
C GLN IE 209 -83.64 69.43 -98.24
N VAL IE 210 -84.74 68.81 -98.65
CA VAL IE 210 -85.56 69.40 -99.71
C VAL IE 210 -86.12 70.74 -99.30
N LEU IE 211 -86.65 70.81 -98.08
CA LEU IE 211 -87.19 72.07 -97.57
C LEU IE 211 -86.09 73.11 -97.37
N ALA IE 212 -85.01 72.73 -96.71
CA ALA IE 212 -83.96 73.69 -96.42
C ALA IE 212 -83.35 74.24 -97.70
N ARG IE 213 -83.27 73.44 -98.74
CA ARG IE 213 -82.83 73.93 -100.03
C ARG IE 213 -83.81 74.96 -100.59
N GLY IE 214 -85.06 74.94 -100.13
CA GLY IE 214 -86.07 75.84 -100.66
C GLY IE 214 -86.70 75.42 -101.96
N ASP IE 215 -86.83 74.12 -102.20
CA ASP IE 215 -87.49 73.62 -103.39
C ASP IE 215 -89.01 73.80 -103.36
N TYR IE 216 -89.61 74.11 -102.21
CA TYR IE 216 -91.06 74.24 -102.12
C TYR IE 216 -91.41 75.59 -101.52
N ASP IE 217 -92.38 76.26 -102.13
CA ASP IE 217 -92.66 77.66 -101.84
C ASP IE 217 -93.48 77.89 -100.57
N LYS IE 218 -94.41 77.01 -100.24
CA LYS IE 218 -95.23 77.18 -99.06
C LYS IE 218 -94.54 76.64 -97.82
N ASN IE 219 -95.21 76.77 -96.68
CA ASN IE 219 -94.72 76.25 -95.40
C ASN IE 219 -94.88 74.74 -95.31
N ALA IE 220 -93.89 74.08 -94.70
CA ALA IE 220 -93.91 72.65 -94.52
C ALA IE 220 -93.05 72.30 -93.31
N ARG IE 221 -93.27 71.10 -92.77
CA ARG IE 221 -92.54 70.66 -91.59
C ARG IE 221 -92.37 69.15 -91.64
N VAL IE 222 -91.27 68.67 -91.07
CA VAL IE 222 -90.96 67.24 -90.98
C VAL IE 222 -91.05 66.80 -89.52
N ILE IE 223 -91.67 65.63 -89.29
CA ILE IE 223 -91.87 65.14 -87.94
C ILE IE 223 -91.66 63.63 -87.87
N ASN IE 224 -91.35 63.15 -86.67
CA ASN IE 224 -91.17 61.73 -86.43
C ASN IE 224 -91.57 61.41 -84.99
N GLU IE 225 -91.78 60.12 -84.74
CA GLU IE 225 -92.30 59.68 -83.47
C GLU IE 225 -91.42 60.04 -82.29
N ASN IE 226 -90.10 59.88 -82.39
CA ASN IE 226 -89.29 60.18 -81.22
C ASN IE 226 -89.28 61.67 -80.90
N GLU IE 227 -89.15 62.51 -81.91
CA GLU IE 227 -89.21 63.95 -81.68
C GLU IE 227 -90.51 64.35 -81.04
N GLU IE 228 -91.63 63.81 -81.51
CA GLU IE 228 -92.90 64.21 -80.93
C GLU IE 228 -93.06 63.68 -79.52
N ASN IE 229 -92.60 62.47 -79.24
CA ASN IE 229 -92.66 62.01 -77.86
C ASN IE 229 -91.90 62.96 -76.95
N LYS IE 230 -90.71 63.39 -77.37
CA LYS IE 230 -89.94 64.32 -76.55
C LYS IE 230 -90.67 65.65 -76.33
N ARG IE 231 -91.17 66.23 -77.40
CA ARG IE 231 -91.86 67.52 -77.29
C ARG IE 231 -93.07 67.44 -76.36
N ILE IE 232 -93.86 66.38 -76.50
CA ILE IE 232 -95.04 66.27 -75.66
C ILE IE 232 -94.66 66.02 -74.21
N SER IE 233 -93.60 65.25 -73.97
CA SER IE 233 -93.20 65.05 -72.59
C SER IE 233 -92.72 66.35 -71.97
N ILE IE 234 -92.04 67.19 -72.74
CA ILE IE 234 -91.61 68.48 -72.23
C ILE IE 234 -92.80 69.35 -71.86
N TRP IE 235 -93.89 69.26 -72.62
CA TRP IE 235 -95.05 70.08 -72.26
C TRP IE 235 -95.74 69.53 -71.01
N LEU IE 236 -95.91 68.22 -70.96
CA LEU IE 236 -96.48 67.59 -69.77
C LEU IE 236 -95.70 67.95 -68.53
N ASP IE 237 -94.37 67.98 -68.62
CA ASP IE 237 -93.54 68.37 -67.48
C ASP IE 237 -93.96 69.70 -66.88
N THR IE 238 -94.48 70.61 -67.68
CA THR IE 238 -94.85 71.93 -67.16
C THR IE 238 -96.28 71.96 -66.64
N TYR IE 239 -97.26 71.46 -67.41
CA TYR IE 239 -98.63 71.63 -66.95
C TYR IE 239 -99.21 70.45 -66.16
N TYR IE 240 -98.58 69.29 -66.22
CA TYR IE 240 -99.04 68.09 -65.51
C TYR IE 240 -97.83 67.40 -64.90
N PRO IE 241 -97.18 68.05 -63.92
CA PRO IE 241 -95.91 67.53 -63.40
C PRO IE 241 -96.00 66.23 -62.62
N GLN IE 242 -97.18 65.63 -62.44
CA GLN IE 242 -97.30 64.42 -61.67
C GLN IE 242 -98.05 63.32 -62.41
N LEU IE 243 -98.31 63.50 -63.69
CA LEU IE 243 -98.99 62.48 -64.48
C LEU IE 243 -98.08 61.28 -64.75
N ALA IE 244 -98.59 60.08 -64.45
CA ALA IE 244 -97.90 58.82 -64.71
C ALA IE 244 -98.38 58.24 -66.03
N TYR IE 245 -97.45 58.05 -66.98
CA TYR IE 245 -97.82 57.61 -68.30
C TYR IE 245 -96.66 56.85 -68.93
N TYR IE 246 -96.96 56.16 -70.03
CA TYR IE 246 -95.97 55.36 -70.75
C TYR IE 246 -95.49 55.98 -72.05
N ARG IE 247 -96.26 55.87 -73.11
CA ARG IE 247 -95.78 56.32 -74.41
C ARG IE 247 -96.96 56.63 -75.30
N ILE IE 248 -96.72 57.44 -76.32
CA ILE IE 248 -97.69 57.74 -77.36
C ILE IE 248 -97.29 57.06 -78.66
N HIS IE 249 -98.19 56.24 -79.18
CA HIS IE 249 -98.04 55.47 -80.40
C HIS IE 249 -98.65 56.20 -81.59
N PHE IE 250 -97.92 56.23 -82.71
CA PHE IE 250 -98.34 56.91 -83.92
C PHE IE 250 -98.43 55.98 -85.11
N ASP IE 251 -98.91 54.75 -84.89
CA ASP IE 251 -99.08 53.83 -86.00
C ASP IE 251 -100.03 54.41 -87.04
N GLU IE 252 -101.13 55.00 -86.58
CA GLU IE 252 -102.05 55.77 -87.42
C GLU IE 252 -101.90 57.22 -87.00
N PRO IE 253 -101.18 58.05 -87.75
CA PRO IE 253 -100.88 59.40 -87.25
C PRO IE 253 -102.09 60.27 -87.07
N ARG IE 254 -103.22 59.92 -87.67
CA ARG IE 254 -104.43 60.69 -87.49
C ARG IE 254 -105.16 60.36 -86.20
N LYS IE 255 -104.80 59.28 -85.51
CA LYS IE 255 -105.48 58.90 -84.26
C LYS IE 255 -104.48 58.28 -83.30
N PRO IE 256 -103.66 59.09 -82.65
CA PRO IE 256 -102.68 58.55 -81.71
C PRO IE 256 -103.33 57.90 -80.49
N VAL IE 257 -102.55 57.04 -79.85
CA VAL IE 257 -102.94 56.27 -78.68
C VAL IE 257 -102.00 56.62 -77.54
N PHE IE 258 -102.57 57.06 -76.41
CA PHE IE 258 -101.79 57.49 -75.25
C PHE IE 258 -102.06 56.53 -74.09
N TRP IE 259 -101.02 55.86 -73.63
CA TRP IE 259 -101.09 54.88 -72.54
C TRP IE 259 -100.82 55.47 -71.16
N LEU IE 260 -101.83 55.42 -70.29
CA LEU IE 260 -101.76 55.93 -68.93
C LEU IE 260 -101.77 54.76 -67.96
N SER IE 261 -101.15 54.96 -66.80
CA SER IE 261 -101.23 53.97 -65.74
C SER IE 261 -102.60 53.92 -65.09
N ARG IE 262 -103.16 52.72 -65.00
CA ARG IE 262 -104.38 52.50 -64.24
C ARG IE 262 -104.21 52.72 -62.75
N GLN IE 263 -103.14 52.23 -62.15
CA GLN IE 263 -103.00 52.35 -60.70
C GLN IE 263 -102.51 53.71 -60.23
N ARG IE 264 -101.48 54.25 -60.86
CA ARG IE 264 -100.85 55.42 -60.28
C ARG IE 264 -101.58 56.73 -60.55
N ASN IE 265 -102.59 56.74 -61.42
CA ASN IE 265 -103.34 57.95 -61.70
C ASN IE 265 -104.75 57.84 -61.15
N THR IE 266 -105.25 58.93 -60.57
CA THR IE 266 -106.66 59.09 -60.23
C THR IE 266 -107.20 60.37 -60.85
N MET IE 267 -108.09 60.22 -61.83
CA MET IE 267 -108.68 61.34 -62.53
C MET IE 267 -110.13 60.98 -62.85
N SER IE 268 -110.95 62.00 -63.03
CA SER IE 268 -112.28 61.76 -63.58
C SER IE 268 -112.26 61.73 -65.10
N LYS IE 269 -113.34 61.17 -65.65
CA LYS IE 269 -113.56 61.20 -67.09
C LYS IE 269 -113.50 62.61 -67.67
N LYS IE 270 -114.09 63.58 -66.98
CA LYS IE 270 -114.01 64.97 -67.41
C LYS IE 270 -112.57 65.45 -67.51
N GLU IE 271 -111.79 65.18 -66.48
CA GLU IE 271 -110.38 65.56 -66.51
C GLU IE 271 -109.65 64.91 -67.67
N LEU IE 272 -109.90 63.62 -67.89
CA LEU IE 272 -109.32 62.91 -69.02
C LEU IE 272 -109.70 63.56 -70.35
N GLU IE 273 -110.97 63.92 -70.51
CA GLU IE 273 -111.41 64.58 -71.73
C GLU IE 273 -110.71 65.92 -71.94
N VAL IE 274 -110.61 66.73 -70.89
CA VAL IE 274 -109.89 67.99 -71.01
C VAL IE 274 -108.46 67.75 -71.47
N LEU IE 275 -107.77 66.80 -70.83
CA LEU IE 275 -106.44 66.41 -71.26
C LEU IE 275 -106.41 66.05 -72.74
N SER IE 276 -107.37 65.23 -73.17
CA SER IE 276 -107.48 64.85 -74.57
C SER IE 276 -107.56 66.08 -75.47
N GLN IE 277 -108.41 67.02 -75.13
CA GLN IE 277 -108.56 68.20 -75.99
C GLN IE 277 -107.29 69.04 -76.03
N LYS IE 278 -106.60 69.16 -74.90
CA LYS IE 278 -105.36 69.94 -74.94
C LYS IE 278 -104.29 69.26 -75.79
N LEU IE 279 -104.21 67.93 -75.71
CA LEU IE 279 -103.31 67.21 -76.61
C LEU IE 279 -103.69 67.46 -78.07
N ARG IE 280 -104.98 67.40 -78.37
CA ARG IE 280 -105.38 67.66 -79.75
C ARG IE 280 -104.95 69.05 -80.17
N ALA IE 281 -104.91 69.99 -79.22
CA ALA IE 281 -104.46 71.33 -79.58
C ALA IE 281 -102.95 71.37 -79.83
N LEU IE 282 -102.20 70.51 -79.15
CA LEU IE 282 -100.75 70.47 -79.41
C LEU IE 282 -100.40 69.81 -80.74
N MET IE 283 -101.27 68.93 -81.24
CA MET IE 283 -100.99 68.18 -82.46
C MET IE 283 -101.96 68.60 -83.54
N PRO IE 284 -101.66 69.65 -84.30
CA PRO IE 284 -102.59 70.13 -85.33
C PRO IE 284 -102.79 69.19 -86.51
N TYR IE 285 -102.05 68.10 -86.59
CA TYR IE 285 -102.28 67.13 -87.65
C TYR IE 285 -103.16 65.97 -87.22
N ALA IE 286 -103.51 65.87 -85.94
CA ALA IE 286 -104.31 64.79 -85.43
C ALA IE 286 -105.77 65.19 -85.28
N ASP IE 287 -106.68 64.27 -85.60
CA ASP IE 287 -108.10 64.54 -85.44
C ASP IE 287 -108.59 64.27 -84.03
N SER IE 288 -108.00 63.30 -83.32
CA SER IE 288 -108.38 62.99 -81.96
C SER IE 288 -107.31 62.14 -81.33
N VAL IE 289 -107.30 62.11 -80.00
CA VAL IE 289 -106.34 61.31 -79.24
C VAL IE 289 -107.11 60.34 -78.37
N ASN IE 290 -106.78 59.05 -78.47
CA ASN IE 290 -107.42 58.00 -77.70
C ASN IE 290 -106.57 57.69 -76.48
N ILE IE 291 -107.15 57.81 -75.29
CA ILE IE 291 -106.48 57.49 -74.03
C ILE IE 291 -106.87 56.11 -73.54
N THR IE 292 -105.86 55.26 -73.32
CA THR IE 292 -106.00 53.89 -72.87
C THR IE 292 -105.24 53.65 -71.58
N LEU IE 293 -105.86 52.94 -70.64
CA LEU IE 293 -105.26 52.59 -69.36
C LEU IE 293 -104.62 51.21 -69.40
N MET IE 294 -103.35 51.13 -69.02
CA MET IE 294 -102.54 49.92 -69.03
C MET IE 294 -102.17 49.52 -67.61
N ASP IE 295 -101.90 48.23 -67.41
CA ASP IE 295 -101.52 47.67 -66.11
C ASP IE 295 -100.02 47.52 -65.89
N ASP IE 296 -99.56 48.10 -64.77
CA ASP IE 296 -98.16 48.03 -64.39
C ASP IE 296 -97.70 46.59 -64.15
N VAL IE 297 -98.52 45.79 -63.48
CA VAL IE 297 -98.14 44.39 -63.25
C VAL IE 297 -97.88 43.71 -64.57
N THR IE 298 -98.71 43.97 -65.57
CA THR IE 298 -98.48 43.41 -66.89
C THR IE 298 -97.12 43.82 -67.43
N ALA IE 299 -96.83 45.12 -67.44
CA ALA IE 299 -95.51 45.58 -67.89
C ALA IE 299 -94.35 44.84 -67.21
N ALA IE 300 -94.32 44.89 -65.89
CA ALA IE 300 -93.26 44.21 -65.12
C ALA IE 300 -93.18 42.71 -65.44
N GLY IE 301 -94.32 42.05 -65.58
CA GLY IE 301 -94.30 40.63 -65.89
C GLY IE 301 -93.70 40.35 -67.24
N GLN IE 302 -94.11 41.08 -68.26
CA GLN IE 302 -93.53 40.88 -69.58
C GLN IE 302 -92.02 41.13 -69.60
N ALA IE 303 -91.52 42.07 -68.80
CA ALA IE 303 -90.08 42.24 -68.70
C ALA IE 303 -89.38 41.06 -68.04
N GLU IE 304 -89.91 40.58 -66.91
CA GLU IE 304 -89.22 39.50 -66.22
C GLU IE 304 -89.28 38.20 -67.02
N ALA IE 305 -90.44 37.89 -67.60
CA ALA IE 305 -90.52 36.76 -68.51
C ALA IE 305 -89.55 36.89 -69.66
N GLY IE 306 -89.37 38.09 -70.22
CA GLY IE 306 -88.37 38.23 -71.26
C GLY IE 306 -86.96 37.87 -70.81
N LEU IE 307 -86.54 38.34 -69.64
CA LEU IE 307 -85.21 37.97 -69.17
C LEU IE 307 -85.07 36.47 -68.88
N LYS IE 308 -86.09 35.84 -68.33
CA LYS IE 308 -86.01 34.40 -68.12
C LYS IE 308 -85.94 33.67 -69.45
N GLN IE 309 -86.77 34.07 -70.40
CA GLN IE 309 -86.75 33.44 -71.70
C GLN IE 309 -85.38 33.56 -72.35
N GLN IE 310 -84.69 34.68 -72.14
CA GLN IE 310 -83.32 34.76 -72.64
C GLN IE 310 -82.31 34.05 -71.75
N ALA IE 311 -82.74 33.48 -70.63
CA ALA IE 311 -81.81 32.83 -69.68
C ALA IE 311 -80.66 33.70 -69.22
N LEU IE 312 -80.89 34.99 -69.08
CA LEU IE 312 -79.87 35.89 -68.57
C LEU IE 312 -79.85 35.85 -67.05
N PRO IE 313 -78.68 36.03 -66.43
CA PRO IE 313 -78.63 36.24 -64.98
C PRO IE 313 -78.95 37.68 -64.62
N TYR IE 314 -79.78 37.86 -63.60
CA TYR IE 314 -80.29 39.19 -63.26
C TYR IE 314 -80.74 39.21 -61.81
N SER IE 315 -80.97 40.42 -61.30
CA SER IE 315 -81.68 40.62 -60.05
C SER IE 315 -82.68 41.76 -60.22
N ARG IE 316 -83.75 41.70 -59.43
CA ARG IE 316 -84.87 42.63 -59.54
C ARG IE 316 -85.00 43.45 -58.27
N ARG IE 317 -85.20 44.76 -58.44
CA ARG IE 317 -85.45 45.68 -57.34
C ARG IE 317 -86.72 46.45 -57.63
N ASN IE 318 -87.60 46.54 -56.64
CA ASN IE 318 -88.87 47.24 -56.77
C ASN IE 318 -88.86 48.52 -55.94
N HIS IE 319 -89.41 49.59 -56.49
CA HIS IE 319 -89.55 50.84 -55.78
C HIS IE 319 -90.98 51.33 -55.90
N LYS IE 320 -91.27 52.31 -55.06
CA LYS IE 320 -92.57 52.96 -55.00
C LYS IE 320 -93.05 53.43 -56.35
N GLY IE 321 -92.16 53.57 -57.33
CA GLY IE 321 -92.58 54.03 -58.62
C GLY IE 321 -91.87 53.39 -59.79
N GLY IE 322 -91.27 52.22 -59.63
CA GLY IE 322 -90.53 51.69 -60.77
C GLY IE 322 -89.80 50.42 -60.44
N VAL IE 323 -89.30 49.79 -61.50
CA VAL IE 323 -88.59 48.52 -61.37
C VAL IE 323 -87.22 48.63 -62.02
N THR IE 324 -86.22 48.03 -61.39
CA THR IE 324 -84.86 48.02 -61.91
C THR IE 324 -84.31 46.61 -61.98
N PHE IE 325 -83.83 46.21 -63.15
CA PHE IE 325 -83.20 44.91 -63.37
C PHE IE 325 -81.70 45.13 -63.56
N VAL IE 326 -80.90 44.46 -62.74
CA VAL IE 326 -79.45 44.55 -62.78
C VAL IE 326 -78.86 43.25 -63.30
N ILE IE 327 -78.12 43.35 -64.40
CA ILE IE 327 -77.46 42.24 -65.07
C ILE IE 327 -75.97 42.53 -64.97
N GLN IE 328 -75.23 41.71 -64.22
CA GLN IE 328 -73.81 42.00 -64.03
C GLN IE 328 -73.01 40.72 -63.91
N GLY IE 329 -71.77 40.79 -64.37
CA GLY IE 329 -70.87 39.67 -64.29
C GLY IE 329 -69.92 39.61 -65.48
N ALA IE 330 -69.40 38.42 -65.72
CA ALA IE 330 -68.54 38.13 -66.86
C ALA IE 330 -69.34 37.53 -68.01
N LEU IE 331 -70.25 38.33 -68.55
CA LEU IE 331 -71.11 37.86 -69.64
C LEU IE 331 -70.31 37.55 -70.89
N ASP IE 332 -70.78 36.54 -71.61
CA ASP IE 332 -70.26 36.12 -72.91
C ASP IE 332 -70.80 36.98 -74.03
N ASP IE 333 -70.08 36.97 -75.16
CA ASP IE 333 -70.54 37.68 -76.36
C ASP IE 333 -71.97 37.34 -76.76
N VAL IE 334 -72.31 36.06 -76.78
CA VAL IE 334 -73.67 35.66 -77.12
C VAL IE 334 -74.68 36.30 -76.18
N GLU IE 335 -74.40 36.25 -74.88
CA GLU IE 335 -75.30 36.85 -73.91
C GLU IE 335 -75.43 38.35 -74.12
N ILE IE 336 -74.32 39.05 -74.33
CA ILE IE 336 -74.39 40.48 -74.60
C ILE IE 336 -75.29 40.77 -75.79
N LEU IE 337 -75.08 40.05 -76.90
CA LEU IE 337 -75.92 40.25 -78.07
C LEU IE 337 -77.40 40.02 -77.79
N ARG IE 338 -77.73 38.88 -77.20
CA ARG IE 338 -79.12 38.60 -76.87
C ARG IE 338 -79.73 39.70 -76.02
N ALA IE 339 -79.07 40.08 -74.93
CA ALA IE 339 -79.53 41.15 -74.07
C ALA IE 339 -79.79 42.45 -74.83
N ARG IE 340 -78.80 42.92 -75.59
CA ARG IE 340 -79.01 44.15 -76.36
C ARG IE 340 -80.23 44.09 -77.26
N GLN IE 341 -80.42 42.98 -77.96
CA GLN IE 341 -81.60 42.86 -78.82
C GLN IE 341 -82.89 42.93 -78.03
N PHE IE 342 -83.02 42.12 -76.98
CA PHE IE 342 -84.24 42.13 -76.19
C PHE IE 342 -84.54 43.51 -75.62
N VAL IE 343 -83.59 44.10 -74.92
CA VAL IE 343 -83.81 45.43 -74.34
C VAL IE 343 -84.27 46.42 -75.39
N ASP IE 344 -83.59 46.48 -76.53
CA ASP IE 344 -84.02 47.41 -77.55
C ASP IE 344 -85.42 47.10 -78.04
N SER IE 345 -85.83 45.84 -78.00
CA SER IE 345 -87.20 45.53 -78.42
C SER IE 345 -88.22 46.04 -77.41
N TYR IE 346 -88.04 45.69 -76.15
CA TYR IE 346 -88.96 46.11 -75.10
C TYR IE 346 -89.11 47.62 -75.03
N TYR IE 347 -87.99 48.33 -75.03
CA TYR IE 347 -88.05 49.77 -74.90
C TYR IE 347 -88.88 50.43 -75.99
N ARG IE 348 -88.84 49.89 -77.20
CA ARG IE 348 -89.67 50.50 -78.24
C ARG IE 348 -91.15 50.40 -77.96
N THR IE 349 -91.58 49.45 -77.14
CA THR IE 349 -92.97 49.28 -76.78
C THR IE 349 -93.35 50.13 -75.57
N TRP IE 350 -92.64 49.95 -74.46
CA TRP IE 350 -92.99 50.57 -73.19
C TRP IE 350 -92.25 51.86 -72.85
N GLY IE 351 -91.26 52.26 -73.60
CA GLY IE 351 -90.41 53.35 -73.16
C GLY IE 351 -89.59 53.03 -71.92
N GLY IE 352 -88.91 54.07 -71.44
CA GLY IE 352 -88.07 54.00 -70.27
C GLY IE 352 -88.58 54.55 -68.97
N ARG IE 353 -89.81 55.02 -68.90
CA ARG IE 353 -90.27 55.68 -67.69
C ARG IE 353 -90.52 54.75 -66.50
N TYR IE 354 -90.77 53.46 -66.70
CA TYR IE 354 -91.13 52.62 -65.55
C TYR IE 354 -90.16 51.49 -65.24
N VAL IE 355 -89.45 50.95 -66.23
CA VAL IE 355 -88.53 49.82 -66.02
C VAL IE 355 -87.17 50.18 -66.59
N GLN IE 356 -86.10 49.95 -65.82
CA GLN IE 356 -84.72 50.19 -66.25
C GLN IE 356 -83.86 48.94 -66.21
N PHE IE 357 -83.02 48.78 -67.22
CA PHE IE 357 -82.08 47.67 -67.35
C PHE IE 357 -80.64 48.19 -67.27
N ALA IE 358 -79.90 47.72 -66.28
CA ALA IE 358 -78.50 48.08 -66.06
C ALA IE 358 -77.61 46.88 -66.35
N ILE IE 359 -76.61 47.07 -67.21
CA ILE IE 359 -75.66 46.01 -67.60
C ILE IE 359 -74.26 46.39 -67.14
N GLU IE 360 -73.64 45.52 -66.33
CA GLU IE 360 -72.34 45.77 -65.69
C GLU IE 360 -71.34 44.61 -65.85
N LEU IE 361 -70.50 44.70 -66.88
CA LEU IE 361 -69.39 43.77 -67.09
C LEU IE 361 -68.29 43.93 -66.05
N LYS IE 362 -67.87 42.84 -65.41
CA LYS IE 362 -66.82 42.91 -64.40
C LYS IE 362 -65.99 41.63 -64.41
N ASP IE 363 -64.76 41.76 -63.96
CA ASP IE 363 -63.75 40.70 -64.02
C ASP IE 363 -64.03 39.50 -63.12
N ASP IE 364 -63.71 38.32 -63.67
CA ASP IE 364 -63.82 37.03 -62.98
C ASP IE 364 -62.67 36.82 -62.00
N TRP IE 365 -62.96 36.82 -60.71
CA TRP IE 365 -61.96 36.54 -59.68
C TRP IE 365 -61.60 35.07 -59.52
N LEU IE 366 -62.56 34.17 -59.78
CA LEU IE 366 -62.41 32.76 -59.46
C LEU IE 366 -61.59 31.93 -60.43
N LYS IE 367 -61.40 32.38 -61.66
CA LYS IE 367 -60.64 31.58 -62.60
C LYS IE 367 -59.29 31.15 -62.05
N GLY IE 368 -59.09 29.84 -61.98
CA GLY IE 368 -57.94 29.16 -61.42
C GLY IE 368 -57.77 29.17 -59.91
N ARG IE 369 -58.62 29.84 -59.15
CA ARG IE 369 -58.49 29.90 -57.70
C ARG IE 369 -59.45 28.93 -57.03
N SER IE 370 -58.95 28.17 -56.06
CA SER IE 370 -59.82 27.34 -55.24
C SER IE 370 -60.51 28.20 -54.19
N PHE IE 371 -61.74 27.83 -53.86
CA PHE IE 371 -62.57 28.64 -52.97
C PHE IE 371 -63.66 27.81 -52.34
N GLN IE 372 -64.22 28.35 -51.27
CA GLN IE 372 -65.39 27.80 -50.59
C GLN IE 372 -66.60 28.70 -50.84
N TYR IE 373 -67.72 28.09 -51.16
CA TYR IE 373 -68.95 28.81 -51.45
C TYR IE 373 -70.10 28.32 -50.58
N GLY IE 374 -71.04 29.24 -50.32
CA GLY IE 374 -72.17 29.00 -49.44
C GLY IE 374 -72.25 30.05 -48.33
N ALA IE 375 -72.68 29.61 -47.14
CA ALA IE 375 -72.80 30.50 -46.00
C ALA IE 375 -71.50 31.11 -45.50
N GLU IE 376 -70.36 30.50 -45.77
CA GLU IE 376 -69.10 30.93 -45.20
C GLU IE 376 -68.01 31.03 -46.25
N GLY IE 377 -68.40 31.33 -47.48
CA GLY IE 377 -67.44 31.34 -48.56
C GLY IE 377 -66.30 32.32 -48.35
N TYR IE 378 -65.18 31.97 -48.98
CA TYR IE 378 -63.93 32.69 -48.93
C TYR IE 378 -63.11 32.20 -50.11
N ILE IE 379 -62.10 32.97 -50.49
CA ILE IE 379 -61.25 32.66 -51.63
C ILE IE 379 -59.81 32.54 -51.20
N LYS IE 380 -59.16 31.49 -51.68
CA LYS IE 380 -57.71 31.30 -51.53
C LYS IE 380 -57.00 32.07 -52.62
N MET IE 381 -56.63 33.32 -52.34
CA MET IE 381 -55.87 34.07 -53.33
C MET IE 381 -54.68 33.25 -53.74
N SER IE 382 -54.01 32.68 -52.75
CA SER IE 382 -52.85 31.83 -52.95
C SER IE 382 -52.76 30.92 -51.74
N PRO IE 383 -51.99 29.86 -51.81
CA PRO IE 383 -51.70 29.10 -50.60
C PRO IE 383 -51.26 30.03 -49.49
N GLY IE 384 -51.89 29.88 -48.32
CA GLY IE 384 -51.67 30.78 -47.22
C GLY IE 384 -52.28 32.16 -47.25
N HIS IE 385 -53.15 32.50 -48.20
CA HIS IE 385 -53.73 33.84 -48.24
C HIS IE 385 -55.24 33.74 -48.44
N TRP IE 386 -55.99 33.96 -47.37
CA TRP IE 386 -57.44 33.98 -47.37
C TRP IE 386 -58.04 35.35 -47.66
N TYR IE 387 -59.18 35.34 -48.34
CA TYR IE 387 -59.96 36.54 -48.64
C TYR IE 387 -61.40 36.27 -48.28
N PHE IE 388 -62.00 37.12 -47.44
CA PHE IE 388 -63.41 36.95 -47.03
C PHE IE 388 -64.29 38.07 -47.58
N PRO IE 389 -64.79 37.95 -48.79
CA PRO IE 389 -65.72 38.96 -49.31
C PRO IE 389 -66.91 39.17 -48.38
N SER IE 390 -67.63 40.27 -48.56
CA SER IE 390 -68.83 40.52 -47.78
C SER IE 390 -70.08 40.00 -48.47
N ALA JE 171 -96.65 48.13 -121.57
CA ALA JE 171 -95.57 47.35 -120.99
C ALA JE 171 -95.94 46.89 -119.59
N GLU JE 172 -96.44 45.67 -119.47
CA GLU JE 172 -96.82 45.17 -118.16
C GLU JE 172 -95.58 44.89 -117.33
N LEU JE 173 -95.79 44.81 -116.03
CA LEU JE 173 -94.67 44.58 -115.12
C LEU JE 173 -94.04 43.22 -115.34
N ASP JE 174 -94.84 42.19 -115.60
CA ASP JE 174 -94.24 40.88 -115.79
C ASP JE 174 -93.22 40.88 -116.92
N SER JE 175 -93.45 41.69 -117.96
CA SER JE 175 -92.51 41.74 -119.08
C SER JE 175 -91.18 42.37 -118.69
N LEU JE 176 -91.15 43.13 -117.60
CA LEU JE 176 -89.96 43.85 -117.15
C LEU JE 176 -89.10 43.09 -116.16
N LEU JE 177 -89.63 42.06 -115.50
CA LEU JE 177 -88.84 41.39 -114.47
C LEU JE 177 -87.84 40.38 -114.99
N GLY JE 178 -87.92 39.94 -116.24
CA GLY JE 178 -86.98 38.92 -116.68
C GLY JE 178 -87.50 37.83 -117.58
N GLN JE 179 -86.61 36.91 -117.94
CA GLN JE 179 -86.99 35.73 -118.70
C GLN JE 179 -87.57 34.63 -117.84
N GLU JE 180 -87.05 34.41 -116.65
CA GLU JE 180 -87.67 33.50 -115.70
C GLU JE 180 -88.93 34.13 -115.11
N LYS JE 181 -90.09 33.76 -115.64
CA LYS JE 181 -91.34 34.35 -115.17
C LYS JE 181 -91.71 33.87 -113.79
N GLU JE 182 -91.67 32.55 -113.57
CA GLU JE 182 -92.19 31.95 -112.36
C GLU JE 182 -91.44 32.38 -111.12
N ARG JE 183 -90.27 32.98 -111.26
CA ARG JE 183 -89.51 33.43 -110.11
C ARG JE 183 -90.28 34.44 -109.27
N PHE JE 184 -91.16 35.22 -109.88
CA PHE JE 184 -91.88 36.30 -109.21
C PHE JE 184 -93.38 36.08 -109.36
N GLN JE 185 -94.17 36.72 -108.51
CA GLN JE 185 -95.62 36.59 -108.63
C GLN JE 185 -96.24 37.97 -108.48
N VAL JE 186 -97.01 38.39 -109.48
CA VAL JE 186 -97.65 39.70 -109.52
C VAL JE 186 -99.11 39.59 -109.12
N LEU JE 187 -99.53 40.40 -108.16
CA LEU JE 187 -100.88 40.42 -107.65
C LEU JE 187 -101.49 41.82 -107.67
N PRO JE 188 -102.78 41.92 -107.94
CA PRO JE 188 -103.49 43.21 -107.79
C PRO JE 188 -103.81 43.50 -106.35
N GLY JE 189 -104.21 44.73 -106.08
CA GLY JE 189 -104.57 45.13 -104.73
C GLY JE 189 -105.66 46.16 -104.70
N ARG JE 190 -106.49 46.10 -103.64
CA ARG JE 190 -107.64 46.98 -103.52
C ARG JE 190 -107.27 48.47 -103.51
N ASP JE 191 -106.06 48.81 -103.08
CA ASP JE 191 -105.62 50.21 -103.16
C ASP JE 191 -105.15 50.59 -104.56
N LYS JE 192 -105.40 49.76 -105.56
CA LYS JE 192 -105.00 50.01 -106.93
C LYS JE 192 -103.48 50.13 -107.09
N MET JE 193 -102.77 49.12 -106.58
CA MET JE 193 -101.31 49.12 -106.62
C MET JE 193 -100.91 47.70 -106.93
N LEU JE 194 -99.84 47.51 -107.70
CA LEU JE 194 -99.34 46.17 -107.95
C LEU JE 194 -98.40 45.67 -106.85
N TYR JE 195 -98.65 44.46 -106.36
CA TYR JE 195 -97.83 43.83 -105.33
C TYR JE 195 -97.05 42.66 -105.93
N VAL JE 196 -95.73 42.73 -105.86
CA VAL JE 196 -94.83 41.72 -106.38
C VAL JE 196 -94.33 40.89 -105.21
N ALA JE 197 -94.67 39.61 -105.21
CA ALA JE 197 -94.28 38.66 -104.17
C ALA JE 197 -93.02 37.93 -104.61
N ALA JE 198 -92.00 38.01 -103.75
CA ALA JE 198 -90.69 37.40 -103.91
C ALA JE 198 -90.48 36.32 -102.86
N GLN JE 199 -89.48 35.46 -103.12
CA GLN JE 199 -89.16 34.35 -102.23
C GLN JE 199 -87.97 34.59 -101.31
N ASN JE 200 -87.08 35.53 -101.61
CA ASN JE 200 -85.87 35.67 -100.83
C ASN JE 200 -85.33 37.08 -101.01
N GLU JE 201 -84.31 37.40 -100.24
CA GLU JE 201 -83.66 38.71 -100.30
C GLU JE 201 -83.07 39.04 -101.67
N ARG JE 202 -82.24 38.16 -102.21
CA ARG JE 202 -81.64 38.41 -103.51
C ARG JE 202 -82.69 38.75 -104.57
N ASP JE 203 -83.73 37.93 -104.68
CA ASP JE 203 -84.82 38.22 -105.61
C ASP JE 203 -85.53 39.51 -105.26
N THR JE 204 -85.72 39.78 -103.98
CA THR JE 204 -86.33 41.04 -103.56
C THR JE 204 -85.59 42.24 -104.12
N LEU JE 205 -84.27 42.25 -103.96
CA LEU JE 205 -83.50 43.37 -104.50
C LEU JE 205 -83.49 43.38 -106.02
N TRP JE 206 -83.50 42.20 -106.65
CA TRP JE 206 -83.64 42.15 -108.11
C TRP JE 206 -84.91 42.83 -108.57
N ALA JE 207 -85.98 42.72 -107.81
CA ALA JE 207 -87.20 43.43 -108.15
C ALA JE 207 -87.15 44.90 -107.81
N ARG JE 208 -86.76 45.23 -106.58
CA ARG JE 208 -86.74 46.61 -106.14
C ARG JE 208 -85.93 47.50 -107.07
N GLN JE 209 -84.84 47.00 -107.62
CA GLN JE 209 -84.10 47.83 -108.56
C GLN JE 209 -84.95 48.28 -109.74
N VAL JE 210 -85.81 47.42 -110.25
CA VAL JE 210 -86.61 47.77 -111.42
C VAL JE 210 -87.57 48.91 -111.10
N LEU JE 211 -88.13 48.92 -109.91
CA LEU JE 211 -89.01 50.02 -109.51
C LEU JE 211 -88.23 51.29 -109.27
N ALA JE 212 -87.18 51.20 -108.44
CA ALA JE 212 -86.46 52.41 -108.06
C ALA JE 212 -85.77 53.06 -109.25
N ARG JE 213 -85.40 52.28 -110.25
CA ARG JE 213 -84.90 52.88 -111.48
C ARG JE 213 -85.97 53.71 -112.17
N GLY JE 214 -87.23 53.40 -111.93
CA GLY JE 214 -88.31 54.03 -112.64
C GLY JE 214 -88.61 53.48 -114.01
N ASP JE 215 -88.43 52.19 -114.21
CA ASP JE 215 -88.81 51.58 -115.47
C ASP JE 215 -90.32 51.44 -115.62
N TYR JE 216 -91.08 51.52 -114.54
CA TYR JE 216 -92.53 51.39 -114.58
C TYR JE 216 -93.18 52.67 -114.09
N ASP JE 217 -94.32 53.02 -114.69
CA ASP JE 217 -94.95 54.31 -114.44
C ASP JE 217 -96.04 54.28 -113.37
N LYS JE 218 -96.77 53.18 -113.21
CA LYS JE 218 -97.77 53.12 -112.16
C LYS JE 218 -97.14 52.72 -110.82
N ASN JE 219 -97.97 52.69 -109.78
CA ASN JE 219 -97.51 52.27 -108.46
C ASN JE 219 -97.37 50.75 -108.29
N ALA JE 220 -96.31 50.38 -107.60
CA ALA JE 220 -96.01 48.98 -107.33
C ALA JE 220 -95.18 48.90 -106.06
N ARG JE 221 -95.16 47.71 -105.48
CA ARG JE 221 -94.47 47.47 -104.24
C ARG JE 221 -94.00 46.02 -104.23
N VAL JE 222 -92.87 45.77 -103.58
CA VAL JE 222 -92.29 44.44 -103.46
C VAL JE 222 -92.44 43.96 -102.02
N ILE JE 223 -92.81 42.69 -101.86
CA ILE JE 223 -93.06 42.12 -100.55
C ILE JE 223 -92.54 40.69 -100.45
N ASN JE 224 -92.28 40.29 -99.21
CA ASN JE 224 -91.83 38.96 -98.87
C ASN JE 224 -92.33 38.60 -97.48
N GLU JE 225 -92.31 37.30 -97.21
CA GLU JE 225 -92.86 36.75 -95.98
C GLU JE 225 -92.21 37.30 -94.72
N ASN JE 226 -90.88 37.43 -94.68
CA ASN JE 226 -90.29 37.89 -93.42
C ASN JE 226 -90.62 39.35 -93.12
N GLU JE 227 -90.53 40.23 -94.11
CA GLU JE 227 -90.89 41.62 -93.88
C GLU JE 227 -92.33 41.74 -93.43
N GLU JE 228 -93.23 40.99 -94.05
CA GLU JE 228 -94.62 41.10 -93.65
C GLU JE 228 -94.85 40.55 -92.26
N ASN JE 229 -94.19 39.46 -91.89
CA ASN JE 229 -94.34 38.99 -90.53
C ASN JE 229 -93.91 40.06 -89.53
N LYS JE 230 -92.80 40.73 -89.80
CA LYS JE 230 -92.35 41.79 -88.89
C LYS JE 230 -93.35 42.93 -88.81
N ARG JE 231 -93.81 43.43 -89.95
CA ARG JE 231 -94.76 44.53 -89.94
C ARG JE 231 -96.03 44.18 -89.17
N ILE JE 232 -96.56 42.98 -89.38
CA ILE JE 232 -97.79 42.62 -88.68
C ILE JE 232 -97.54 42.46 -87.21
N SER JE 233 -96.37 41.95 -86.82
CA SER JE 233 -96.11 41.84 -85.39
C SER JE 233 -96.02 43.21 -84.75
N ILE JE 234 -95.44 44.18 -85.45
CA ILE JE 234 -95.38 45.53 -84.90
C ILE JE 234 -96.76 46.14 -84.71
N TRP JE 235 -97.70 45.84 -85.61
CA TRP JE 235 -99.04 46.38 -85.39
C TRP JE 235 -99.75 45.69 -84.24
N LEU JE 236 -99.64 44.36 -84.17
CA LEU JE 236 -100.19 43.59 -83.07
C LEU JE 236 -99.65 44.08 -81.73
N ASP JE 237 -98.36 44.40 -81.66
CA ASP JE 237 -97.79 44.92 -80.44
C ASP JE 237 -98.56 46.11 -79.90
N THR JE 238 -99.16 46.91 -80.77
CA THR JE 238 -99.87 48.10 -80.31
C THR JE 238 -101.33 47.82 -79.98
N TYR JE 239 -102.06 47.12 -80.84
CA TYR JE 239 -103.50 46.98 -80.57
C TYR JE 239 -103.90 45.68 -79.86
N TYR JE 240 -103.02 44.69 -79.81
CA TYR JE 240 -103.28 43.42 -79.12
C TYR JE 240 -102.05 43.05 -78.32
N PRO JE 241 -101.72 43.84 -77.29
CA PRO JE 241 -100.46 43.64 -76.57
C PRO JE 241 -100.38 42.37 -75.74
N GLN JE 242 -101.40 41.53 -75.72
CA GLN JE 242 -101.40 40.34 -74.90
C GLN JE 242 -101.76 39.08 -75.69
N LEU JE 243 -101.85 39.18 -77.01
CA LEU JE 243 -102.18 38.03 -77.83
C LEU JE 243 -101.02 37.06 -77.95
N ALA JE 244 -101.31 35.78 -77.70
CA ALA JE 244 -100.34 34.69 -77.86
C ALA JE 244 -100.53 34.04 -79.23
N TYR JE 245 -99.49 34.05 -80.05
CA TYR JE 245 -99.59 33.54 -81.40
C TYR JE 245 -98.22 33.06 -81.85
N TYR JE 246 -98.19 32.33 -82.96
CA TYR JE 246 -96.95 31.80 -83.51
C TYR JE 246 -96.47 32.50 -84.76
N ARG JE 247 -97.08 32.23 -85.91
CA ARG JE 247 -96.56 32.78 -87.16
C ARG JE 247 -97.68 32.82 -88.19
N ILE JE 248 -97.49 33.69 -89.17
CA ILE JE 248 -98.35 33.78 -90.34
C ILE JE 248 -97.65 33.22 -91.58
N HIS JE 249 -98.28 32.21 -92.19
CA HIS JE 249 -97.79 31.51 -93.37
C HIS JE 249 -98.41 32.09 -94.64
N PHE JE 250 -97.58 32.27 -95.66
CA PHE JE 250 -98.00 32.83 -96.95
C PHE JE 250 -97.72 31.87 -98.10
N ASP JE 251 -97.97 30.58 -97.91
CA ASP JE 251 -97.80 29.65 -99.01
C ASP JE 251 -98.72 30.02 -100.17
N GLU JE 252 -99.94 30.39 -99.86
CA GLU JE 252 -100.90 30.93 -100.81
C GLU JE 252 -101.11 32.37 -100.43
N PRO JE 253 -100.50 33.33 -101.11
CA PRO JE 253 -100.55 34.71 -100.63
C PRO JE 253 -101.94 35.30 -100.63
N ARG JE 254 -102.88 34.73 -101.36
CA ARG JE 254 -104.24 35.24 -101.33
C ARG JE 254 -105.03 34.74 -100.13
N LYS JE 255 -104.54 33.76 -99.38
CA LYS JE 255 -105.25 33.23 -98.23
C LYS JE 255 -104.28 32.83 -97.14
N PRO JE 256 -103.73 33.80 -96.41
CA PRO JE 256 -102.78 33.46 -95.35
C PRO JE 256 -103.41 32.65 -94.24
N VAL JE 257 -102.53 31.99 -93.49
CA VAL JE 257 -102.88 31.13 -92.36
C VAL JE 257 -102.20 31.70 -91.12
N PHE JE 258 -102.99 31.98 -90.09
CA PHE JE 258 -102.50 32.57 -88.85
C PHE JE 258 -102.69 31.58 -87.70
N TRP JE 259 -101.59 31.14 -87.10
CA TRP JE 259 -101.58 30.18 -86.00
C TRP JE 259 -101.62 30.83 -84.61
N LEU JE 260 -102.69 30.58 -83.88
CA LEU JE 260 -102.88 31.08 -82.52
C LEU JE 260 -102.73 29.93 -81.53
N SER JE 261 -102.28 30.25 -80.32
CA SER JE 261 -102.28 29.26 -79.25
C SER JE 261 -103.68 28.96 -78.75
N ARG JE 262 -103.95 27.67 -78.53
CA ARG JE 262 -105.19 27.25 -77.90
C ARG JE 262 -105.22 27.50 -76.40
N GLN JE 263 -104.16 27.12 -75.68
CA GLN JE 263 -104.22 27.25 -74.22
C GLN JE 263 -104.06 28.69 -73.75
N ARG JE 264 -103.16 29.45 -74.35
CA ARG JE 264 -102.83 30.76 -73.80
C ARG JE 264 -103.76 31.88 -74.23
N ASN JE 265 -104.77 31.62 -75.05
CA ASN JE 265 -105.69 32.65 -75.49
C ASN JE 265 -107.10 32.36 -74.97
N THR JE 266 -107.79 33.43 -74.56
CA THR JE 266 -109.18 33.37 -74.14
C THR JE 266 -109.98 34.39 -74.95
N MET JE 267 -110.66 33.95 -76.00
CA MET JE 267 -111.39 34.83 -76.88
C MET JE 267 -112.68 34.16 -77.32
N SER JE 268 -113.60 34.96 -77.84
CA SER JE 268 -114.81 34.46 -78.45
C SER JE 268 -114.70 34.43 -79.97
N LYS JE 269 -115.60 33.67 -80.59
CA LYS JE 269 -115.66 33.58 -82.03
C LYS JE 269 -115.86 34.95 -82.67
N LYS JE 270 -116.71 35.78 -82.09
CA LYS JE 270 -116.89 37.14 -82.59
C LYS JE 270 -115.59 37.92 -82.60
N GLU JE 271 -114.84 37.85 -81.50
CA GLU JE 271 -113.54 38.50 -81.45
C GLU JE 271 -112.59 37.98 -82.51
N LEU JE 272 -112.54 36.66 -82.69
CA LEU JE 272 -111.71 36.13 -83.76
C LEU JE 272 -112.12 36.67 -85.13
N GLU JE 273 -113.42 36.75 -85.39
CA GLU JE 273 -113.89 37.34 -86.64
C GLU JE 273 -113.45 38.78 -86.82
N VAL JE 274 -113.61 39.60 -85.77
CA VAL JE 274 -113.16 40.99 -85.84
C VAL JE 274 -111.67 41.07 -86.14
N LEU JE 275 -110.88 40.30 -85.41
CA LEU JE 275 -109.45 40.21 -85.66
C LEU JE 275 -109.15 39.88 -87.13
N SER JE 276 -109.86 38.88 -87.66
CA SER JE 276 -109.73 38.52 -89.06
C SER JE 276 -109.97 39.70 -89.97
N GLN JE 277 -111.05 40.43 -89.75
CA GLN JE 277 -111.37 41.55 -90.63
C GLN JE 277 -110.32 42.65 -90.54
N LYS JE 278 -109.81 42.94 -89.35
CA LYS JE 278 -108.79 43.97 -89.25
C LYS JE 278 -107.50 43.56 -89.94
N LEU JE 279 -107.12 42.29 -89.82
CA LEU JE 279 -105.98 41.79 -90.59
C LEU JE 279 -106.22 41.96 -92.08
N ARG JE 280 -107.43 41.63 -92.53
CA ARG JE 280 -107.73 41.78 -93.96
C ARG JE 280 -107.60 43.23 -94.38
N ALA JE 281 -107.88 44.16 -93.47
CA ALA JE 281 -107.68 45.55 -93.83
C ALA JE 281 -106.21 45.90 -93.91
N LEU JE 282 -105.36 45.24 -93.12
CA LEU JE 282 -103.92 45.49 -93.21
C LEU JE 282 -103.28 44.88 -94.44
N MET JE 283 -103.86 43.82 -95.01
CA MET JE 283 -103.27 43.11 -96.15
C MET JE 283 -104.18 43.28 -97.36
N PRO JE 284 -104.01 44.38 -98.10
CA PRO JE 284 -104.90 44.61 -99.24
C PRO JE 284 -104.77 43.63 -100.38
N TYR JE 285 -103.81 42.72 -100.34
CA TYR JE 285 -103.68 41.72 -101.40
C TYR JE 285 -104.32 40.38 -101.05
N ALA JE 286 -104.80 40.20 -99.82
CA ALA JE 286 -105.39 38.94 -99.41
C ALA JE 286 -106.90 39.01 -99.36
N ASP JE 287 -107.55 37.92 -99.79
CA ASP JE 287 -109.00 37.86 -99.78
C ASP JE 287 -109.56 37.46 -98.42
N SER JE 288 -108.82 36.69 -97.64
CA SER JE 288 -109.28 36.32 -96.31
C SER JE 288 -108.11 35.77 -95.51
N VAL JE 289 -108.28 35.78 -94.20
CA VAL JE 289 -107.29 35.29 -93.26
C VAL JE 289 -107.88 34.10 -92.52
N ASN JE 290 -107.23 32.95 -92.61
CA ASN JE 290 -107.70 31.75 -91.93
C ASN JE 290 -106.98 31.63 -90.61
N ILE JE 291 -107.73 31.58 -89.51
CA ILE JE 291 -107.18 31.43 -88.16
C ILE JE 291 -107.28 29.99 -87.69
N THR JE 292 -106.15 29.42 -87.32
CA THR JE 292 -106.02 28.03 -86.87
C THR JE 292 -105.41 27.99 -85.47
N LEU JE 293 -105.97 27.14 -84.62
CA LEU JE 293 -105.50 26.95 -83.25
C LEU JE 293 -104.54 25.77 -83.15
N MET JE 294 -103.36 26.01 -82.58
CA MET JE 294 -102.29 25.03 -82.47
C MET JE 294 -102.01 24.71 -81.00
N ASP JE 295 -101.45 23.52 -80.76
CA ASP JE 295 -101.14 23.05 -79.42
C ASP JE 295 -99.69 23.28 -79.01
N ASP JE 296 -99.52 23.95 -77.86
CA ASP JE 296 -98.20 24.24 -77.31
C ASP JE 296 -97.43 22.96 -76.99
N VAL JE 297 -98.09 21.97 -76.40
CA VAL JE 297 -97.43 20.71 -76.10
C VAL JE 297 -96.87 20.10 -77.37
N THR JE 298 -97.61 20.17 -78.46
CA THR JE 298 -97.11 19.67 -79.73
C THR JE 298 -95.84 20.40 -80.16
N ALA JE 299 -95.87 21.73 -80.15
CA ALA JE 299 -94.68 22.51 -80.47
C ALA JE 299 -93.45 22.09 -79.66
N ALA JE 300 -93.57 22.13 -78.33
CA ALA JE 300 -92.46 21.69 -77.47
C ALA JE 300 -92.00 20.27 -77.77
N GLY JE 301 -92.94 19.36 -77.99
CA GLY JE 301 -92.57 17.98 -78.26
C GLY JE 301 -91.79 17.80 -79.55
N GLN JE 302 -92.23 18.46 -80.62
CA GLN JE 302 -91.43 18.44 -81.84
C GLN JE 302 -90.04 19.04 -81.67
N ALA JE 303 -89.89 20.06 -80.83
CA ALA JE 303 -88.55 20.56 -80.55
C ALA JE 303 -87.68 19.51 -79.84
N GLU JE 304 -88.20 18.90 -78.78
CA GLU JE 304 -87.39 17.96 -78.03
C GLU JE 304 -87.06 16.72 -78.85
N ALA JE 305 -88.05 16.15 -79.53
CA ALA JE 305 -87.78 15.01 -80.40
C ALA JE 305 -86.81 15.35 -81.52
N GLY JE 306 -86.76 16.60 -81.98
CA GLY JE 306 -85.73 16.96 -82.95
C GLY JE 306 -84.32 16.94 -82.38
N LEU JE 307 -84.14 17.53 -81.20
CA LEU JE 307 -82.81 17.45 -80.60
C LEU JE 307 -82.40 16.01 -80.32
N LYS JE 308 -83.33 15.18 -79.84
CA LYS JE 308 -83.00 13.79 -79.62
C LYS JE 308 -82.60 13.10 -80.91
N GLN JE 309 -83.37 13.31 -81.97
CA GLN JE 309 -83.04 12.70 -83.24
C GLN JE 309 -81.66 13.12 -83.73
N GLN JE 310 -81.21 14.32 -83.37
CA GLN JE 310 -79.83 14.66 -83.74
C GLN JE 310 -78.81 14.13 -82.75
N ALA JE 311 -79.23 13.61 -81.61
CA ALA JE 311 -78.32 13.18 -80.54
C ALA JE 311 -77.43 14.30 -80.02
N LEU JE 312 -77.95 15.49 -79.94
CA LEU JE 312 -77.22 16.60 -79.33
C LEU JE 312 -77.38 16.55 -77.81
N PRO JE 313 -76.40 17.03 -77.05
CA PRO JE 313 -76.60 17.24 -75.62
C PRO JE 313 -77.35 18.55 -75.38
N TYR JE 314 -78.27 18.54 -74.42
CA TYR JE 314 -79.06 19.73 -74.16
C TYR JE 314 -79.59 19.76 -72.73
N SER JE 315 -80.01 20.97 -72.32
CA SER JE 315 -80.83 21.20 -71.14
C SER JE 315 -82.15 21.83 -71.54
N ARG JE 316 -83.23 21.45 -70.86
CA ARG JE 316 -84.55 22.04 -71.05
C ARG JE 316 -84.96 22.80 -69.80
N ARG JE 317 -85.46 24.03 -69.99
CA ARG JE 317 -85.96 24.86 -68.90
C ARG JE 317 -87.34 25.38 -69.25
N ASN JE 318 -88.28 25.23 -68.33
CA ASN JE 318 -89.69 25.56 -68.57
C ASN JE 318 -90.09 26.81 -67.82
N HIS JE 319 -90.84 27.67 -68.50
CA HIS JE 319 -91.39 28.88 -67.90
C HIS JE 319 -92.85 28.99 -68.32
N LYS JE 320 -93.58 29.82 -67.58
CA LYS JE 320 -95.00 29.98 -67.83
C LYS JE 320 -95.26 30.38 -69.27
N GLY JE 321 -94.39 31.18 -69.85
CA GLY JE 321 -94.58 31.65 -71.19
C GLY JE 321 -93.74 31.00 -72.25
N GLY JE 322 -92.91 30.01 -71.93
CA GLY JE 322 -91.97 29.57 -72.93
C GLY JE 322 -91.11 28.42 -72.46
N VAL JE 323 -90.29 27.92 -73.37
CA VAL JE 323 -89.33 26.87 -73.10
C VAL JE 323 -88.00 27.28 -73.70
N THR JE 324 -86.92 27.02 -72.98
CA THR JE 324 -85.57 27.25 -73.48
C THR JE 324 -84.79 25.94 -73.54
N PHE JE 325 -84.15 25.68 -74.68
CA PHE JE 325 -83.20 24.59 -74.81
C PHE JE 325 -81.79 25.15 -74.93
N VAL JE 326 -80.91 24.75 -74.03
CA VAL JE 326 -79.54 25.23 -73.98
C VAL JE 326 -78.57 24.14 -74.40
N ILE JE 327 -77.74 24.46 -75.39
CA ILE JE 327 -76.66 23.59 -75.86
C ILE JE 327 -75.35 24.32 -75.58
N GLN JE 328 -74.49 23.73 -74.76
CA GLN JE 328 -73.26 24.43 -74.42
C GLN JE 328 -72.14 23.45 -74.11
N GLY JE 329 -70.91 23.89 -74.34
CA GLY JE 329 -69.71 23.19 -73.97
C GLY JE 329 -68.72 23.16 -75.12
N ALA JE 330 -67.81 22.19 -75.06
CA ALA JE 330 -66.82 21.98 -76.12
C ALA JE 330 -67.43 21.05 -77.16
N LEU JE 331 -68.23 21.63 -78.04
CA LEU JE 331 -68.88 20.87 -79.10
C LEU JE 331 -67.89 20.48 -80.18
N ASP JE 332 -68.34 19.60 -81.06
CA ASP JE 332 -67.61 19.15 -82.22
C ASP JE 332 -68.21 19.73 -83.49
N ASP JE 333 -67.38 19.84 -84.52
CA ASP JE 333 -67.82 20.35 -85.83
C ASP JE 333 -69.07 19.67 -86.37
N VAL JE 334 -69.14 18.34 -86.29
CA VAL JE 334 -70.32 17.65 -86.79
C VAL JE 334 -71.55 18.05 -86.00
N GLU JE 335 -71.41 18.18 -84.68
CA GLU JE 335 -72.50 18.61 -83.84
C GLU JE 335 -72.95 20.03 -84.18
N ILE JE 336 -72.01 20.96 -84.25
CA ILE JE 336 -72.38 22.33 -84.61
C ILE JE 336 -73.15 22.37 -85.93
N LEU JE 337 -72.62 21.70 -86.96
CA LEU JE 337 -73.32 21.68 -88.24
C LEU JE 337 -74.74 21.15 -88.14
N ARG JE 338 -74.92 19.95 -87.59
CA ARG JE 338 -76.26 19.41 -87.42
C ARG JE 338 -77.17 20.36 -86.67
N ALA JE 339 -76.69 20.84 -85.51
CA ALA JE 339 -77.44 21.77 -84.69
C ALA JE 339 -77.97 22.95 -85.48
N ARG JE 340 -77.10 23.72 -86.12
CA ARG JE 340 -77.60 24.86 -86.86
C ARG JE 340 -78.57 24.47 -87.98
N GLN JE 341 -78.29 23.41 -88.73
CA GLN JE 341 -79.26 23.00 -89.75
C GLN JE 341 -80.65 22.78 -89.17
N PHE JE 342 -80.73 22.00 -88.10
CA PHE JE 342 -82.02 21.74 -87.47
C PHE JE 342 -82.69 23.01 -86.97
N VAL JE 343 -81.99 23.79 -86.16
CA VAL JE 343 -82.56 25.03 -85.64
C VAL JE 343 -83.14 25.88 -86.76
N ASP JE 344 -82.35 26.11 -87.80
CA ASP JE 344 -82.84 26.87 -88.94
C ASP JE 344 -84.08 26.27 -89.55
N SER JE 345 -84.20 24.94 -89.58
CA SER JE 345 -85.41 24.35 -90.16
C SER JE 345 -86.63 24.59 -89.28
N TYR JE 346 -86.52 24.30 -88.00
CA TYR JE 346 -87.62 24.48 -87.07
C TYR JE 346 -88.13 25.93 -87.05
N TYR JE 347 -87.21 26.88 -86.90
CA TYR JE 347 -87.59 28.27 -86.86
C TYR JE 347 -88.49 28.68 -88.02
N ARG JE 348 -88.16 28.23 -89.23
CA ARG JE 348 -88.98 28.59 -90.38
C ARG JE 348 -90.44 28.16 -90.22
N THR JE 349 -90.70 27.11 -89.46
CA THR JE 349 -92.06 26.63 -89.25
C THR JE 349 -92.76 27.34 -88.09
N TRP JE 350 -92.16 27.30 -86.91
CA TRP JE 350 -92.79 27.80 -85.69
C TRP JE 350 -92.39 29.22 -85.32
N GLY JE 351 -91.44 29.83 -85.99
CA GLY JE 351 -90.93 31.10 -85.50
C GLY JE 351 -90.19 31.00 -84.17
N GLY JE 352 -89.86 32.18 -83.65
CA GLY JE 352 -89.15 32.31 -82.39
C GLY JE 352 -89.86 32.84 -81.16
N ARG JE 353 -91.17 32.72 -81.08
CA ARG JE 353 -91.86 33.33 -79.93
C ARG JE 353 -91.95 32.38 -78.74
N TYR JE 354 -92.32 31.13 -78.94
CA TYR JE 354 -92.51 30.23 -77.82
C TYR JE 354 -91.24 29.47 -77.41
N VAL JE 355 -90.52 28.87 -78.35
CA VAL JE 355 -89.32 28.08 -78.05
C VAL JE 355 -88.04 28.80 -78.49
N GLN JE 356 -87.10 28.96 -77.56
CA GLN JE 356 -85.78 29.57 -77.76
C GLN JE 356 -84.66 28.54 -77.71
N PHE JE 357 -83.77 28.59 -78.71
CA PHE JE 357 -82.56 27.75 -78.74
C PHE JE 357 -81.33 28.63 -78.54
N ALA JE 358 -80.55 28.32 -77.50
CA ALA JE 358 -79.30 29.01 -77.19
C ALA JE 358 -78.10 28.08 -77.44
N ILE JE 359 -77.19 28.52 -78.31
CA ILE JE 359 -75.96 27.78 -78.63
C ILE JE 359 -74.78 28.58 -78.11
N GLU JE 360 -73.99 27.96 -77.22
CA GLU JE 360 -72.83 28.62 -76.63
C GLU JE 360 -71.63 27.70 -76.56
N LEU JE 361 -70.45 28.21 -76.88
CA LEU JE 361 -69.21 27.47 -76.75
C LEU JE 361 -68.48 27.83 -75.46
N LYS JE 362 -68.02 26.81 -74.74
CA LYS JE 362 -67.34 26.97 -73.46
C LYS JE 362 -66.18 26.00 -73.39
N ASP JE 363 -65.18 26.34 -72.58
CA ASP JE 363 -64.08 25.41 -72.28
C ASP JE 363 -64.50 24.35 -71.26
N ASP JE 364 -65.52 23.58 -71.61
CA ASP JE 364 -66.14 22.65 -70.67
C ASP JE 364 -66.32 21.31 -71.37
N TRP JE 365 -65.46 20.34 -71.05
CA TRP JE 365 -65.47 19.06 -71.74
C TRP JE 365 -66.65 18.18 -71.34
N LEU JE 366 -67.29 18.42 -70.21
CA LEU JE 366 -68.46 17.65 -69.83
C LEU JE 366 -69.73 18.10 -70.56
N LYS JE 367 -69.65 19.17 -71.33
CA LYS JE 367 -70.78 19.69 -72.09
C LYS JE 367 -72.03 19.92 -71.23
N GLY JE 368 -71.85 20.65 -70.14
CA GLY JE 368 -72.94 21.12 -69.32
C GLY JE 368 -73.32 20.27 -68.12
N ARG JE 369 -72.97 19.00 -68.09
CA ARG JE 369 -73.24 18.20 -66.90
C ARG JE 369 -72.31 18.60 -65.76
N SER JE 370 -72.75 18.31 -64.53
CA SER JE 370 -71.98 18.73 -63.36
C SER JE 370 -72.35 17.89 -62.15
N PHE JE 371 -71.35 17.55 -61.33
CA PHE JE 371 -71.55 16.68 -60.20
C PHE JE 371 -70.72 17.08 -58.99
N GLN JE 372 -71.28 16.80 -57.82
CA GLN JE 372 -70.59 16.87 -56.54
C GLN JE 372 -70.25 15.46 -56.08
N TYR JE 373 -69.09 15.33 -55.46
CA TYR JE 373 -68.62 14.08 -54.87
C TYR JE 373 -68.76 14.12 -53.36
N GLY JE 374 -69.28 13.04 -52.79
CA GLY JE 374 -69.45 12.94 -51.36
C GLY JE 374 -69.43 11.50 -50.87
N ALA JE 375 -69.76 11.29 -49.60
CA ALA JE 375 -69.77 9.94 -49.05
C ALA JE 375 -70.61 8.97 -49.87
N GLU JE 376 -71.77 9.42 -50.35
CA GLU JE 376 -72.65 8.62 -51.18
C GLU JE 376 -72.18 8.53 -52.62
N GLY JE 377 -71.06 9.14 -52.96
CA GLY JE 377 -70.59 9.29 -54.32
C GLY JE 377 -71.05 10.52 -55.06
N TYR JE 378 -71.11 10.43 -56.37
CA TYR JE 378 -71.58 11.53 -57.21
C TYR JE 378 -73.06 11.80 -57.13
N ILE JE 379 -73.39 13.08 -57.18
CA ILE JE 379 -74.78 13.57 -57.23
C ILE JE 379 -74.78 14.73 -58.21
N LYS JE 380 -75.83 14.81 -59.02
CA LYS JE 380 -75.96 15.87 -60.00
C LYS JE 380 -76.31 17.22 -59.40
N MET JE 381 -75.65 18.27 -59.91
CA MET JE 381 -75.96 19.65 -59.57
C MET JE 381 -76.92 20.26 -60.57
N SER JE 382 -77.80 21.13 -60.07
CA SER JE 382 -78.69 21.88 -60.94
C SER JE 382 -77.92 22.89 -61.78
N PRO JE 383 -78.44 23.25 -62.96
CA PRO JE 383 -77.76 24.23 -63.81
C PRO JE 383 -77.63 25.62 -63.20
N GLY JE 384 -76.62 26.33 -63.67
CA GLY JE 384 -76.37 27.72 -63.29
C GLY JE 384 -75.33 28.33 -64.22
N HIS JE 385 -75.05 29.61 -63.96
CA HIS JE 385 -74.05 30.33 -64.75
C HIS JE 385 -72.61 29.88 -64.49
N TRP JE 386 -72.31 29.38 -63.30
CA TRP JE 386 -70.98 28.84 -63.07
C TRP JE 386 -70.76 27.51 -63.80
N TYR JE 387 -69.50 27.29 -64.19
CA TYR JE 387 -69.03 25.98 -64.63
C TYR JE 387 -67.54 25.89 -64.37
N PHE JE 388 -67.06 24.66 -64.18
CA PHE JE 388 -65.65 24.38 -63.98
C PHE JE 388 -64.91 24.28 -65.30
N PRO JE 389 -63.98 25.20 -65.60
CA PRO JE 389 -63.25 25.08 -66.87
C PRO JE 389 -62.39 23.83 -66.89
N SER JE 390 -62.34 23.18 -68.04
CA SER JE 390 -61.76 21.85 -68.12
C SER JE 390 -60.29 21.89 -67.74
N PRO JE 391 -59.84 21.12 -66.75
CA PRO JE 391 -58.40 20.98 -66.53
C PRO JE 391 -57.76 19.96 -67.43
N LEU JE 392 -58.56 19.11 -68.06
CA LEU JE 392 -58.05 17.93 -68.74
C LEU JE 392 -57.27 18.36 -69.97
N ALA KE 171 -89.40 24.72 -133.99
CA ALA KE 171 -88.29 24.26 -133.18
C ALA KE 171 -88.76 23.68 -131.87
N GLU KE 172 -88.91 22.36 -131.81
CA GLU KE 172 -89.39 21.75 -130.58
C GLU KE 172 -88.32 21.81 -129.51
N LEU KE 173 -88.75 21.69 -128.27
CA LEU KE 173 -87.80 21.76 -127.17
C LEU KE 173 -86.83 20.59 -127.19
N ASP KE 174 -87.30 19.39 -127.50
CA ASP KE 174 -86.41 18.24 -127.55
C ASP KE 174 -85.28 18.42 -128.55
N SER KE 175 -85.52 19.14 -129.64
CA SER KE 175 -84.49 19.39 -130.63
C SER KE 175 -83.38 20.31 -130.13
N LEU KE 176 -83.64 21.10 -129.10
CA LEU KE 176 -82.69 22.05 -128.57
C LEU KE 176 -81.82 21.51 -127.46
N LEU KE 177 -82.19 20.40 -126.82
CA LEU KE 177 -81.44 19.94 -125.67
C LEU KE 177 -80.16 19.20 -126.04
N GLY KE 178 -79.98 18.79 -127.29
CA GLY KE 178 -78.77 18.06 -127.63
C GLY KE 178 -78.90 16.92 -128.61
N GLN KE 179 -77.78 16.25 -128.86
CA GLN KE 179 -77.77 15.03 -129.65
C GLN KE 179 -78.24 13.81 -128.87
N GLU KE 180 -77.91 13.71 -127.59
CA GLU KE 180 -78.41 12.60 -126.78
C GLU KE 180 -79.85 12.90 -126.38
N LYS KE 181 -80.79 12.28 -127.09
CA LYS KE 181 -82.21 12.50 -126.82
C LYS KE 181 -82.62 11.90 -125.48
N GLU KE 182 -82.20 10.67 -125.21
CA GLU KE 182 -82.69 9.95 -124.05
C GLU KE 182 -82.34 10.64 -122.73
N ARG KE 183 -81.29 11.44 -122.70
CA ARG KE 183 -80.82 11.99 -121.43
C ARG KE 183 -81.91 12.75 -120.68
N PHE KE 184 -82.88 13.34 -121.37
CA PHE KE 184 -83.90 14.19 -120.79
C PHE KE 184 -85.27 13.66 -121.15
N GLN KE 185 -86.29 14.05 -120.39
CA GLN KE 185 -87.64 13.60 -120.73
C GLN KE 185 -88.61 14.78 -120.64
N VAL KE 186 -89.36 15.02 -121.71
CA VAL KE 186 -90.28 16.15 -121.80
C VAL KE 186 -91.72 15.70 -121.58
N LEU KE 187 -92.44 16.45 -120.74
CA LEU KE 187 -93.82 16.14 -120.43
C LEU KE 187 -94.66 17.40 -120.52
N PRO KE 188 -95.84 17.36 -121.15
CA PRO KE 188 -96.77 18.47 -121.04
C PRO KE 188 -97.60 18.38 -119.77
N GLY KE 189 -97.89 19.54 -119.19
CA GLY KE 189 -98.68 19.58 -117.98
C GLY KE 189 -99.96 20.36 -118.18
N ARG KE 190 -100.95 20.06 -117.34
CA ARG KE 190 -102.30 20.58 -117.54
C ARG KE 190 -102.31 22.08 -117.73
N ASP KE 191 -101.48 22.81 -116.99
CA ASP KE 191 -101.47 24.27 -117.03
C ASP KE 191 -100.56 24.84 -118.11
N LYS KE 192 -100.66 24.32 -119.32
CA LYS KE 192 -100.11 24.98 -120.51
C LYS KE 192 -98.60 25.15 -120.45
N MET KE 193 -97.90 24.30 -119.70
CA MET KE 193 -96.47 24.45 -119.55
C MET KE 193 -95.80 23.10 -119.71
N LEU KE 194 -94.59 23.10 -120.25
CA LEU KE 194 -93.81 21.89 -120.41
C LEU KE 194 -92.83 21.73 -119.25
N TYR KE 195 -92.64 20.50 -118.81
CA TYR KE 195 -91.70 20.16 -117.77
C TYR KE 195 -90.63 19.25 -118.33
N VAL KE 196 -89.38 19.61 -118.10
CA VAL KE 196 -88.22 18.82 -118.49
C VAL KE 196 -87.73 18.09 -117.25
N ALA KE 197 -87.83 16.77 -117.27
CA ALA KE 197 -87.39 15.94 -116.16
C ALA KE 197 -85.95 15.52 -116.41
N ALA KE 198 -85.09 15.83 -115.44
CA ALA KE 198 -83.67 15.51 -115.42
C ALA KE 198 -83.36 14.51 -114.32
N GLN KE 199 -82.18 13.90 -114.41
CA GLN KE 199 -81.72 12.90 -113.46
C GLN KE 199 -80.72 13.40 -112.43
N ASN KE 200 -80.03 14.51 -112.67
CA ASN KE 200 -79.00 14.94 -111.74
C ASN KE 200 -78.78 16.44 -111.90
N GLU KE 201 -77.97 16.99 -110.99
CA GLU KE 201 -77.65 18.42 -111.00
C GLU KE 201 -76.96 18.89 -112.28
N ARG KE 202 -75.88 18.22 -112.67
CA ARG KE 202 -75.18 18.61 -113.89
C ARG KE 202 -76.14 18.69 -115.08
N ASP KE 203 -76.95 17.66 -115.27
CA ASP KE 203 -77.96 17.68 -116.34
C ASP KE 203 -78.97 18.80 -116.14
N THR KE 204 -79.40 19.02 -114.90
CA THR KE 204 -80.32 20.11 -114.60
C THR KE 204 -79.79 21.44 -115.09
N LEU KE 205 -78.54 21.74 -114.79
CA LEU KE 205 -77.95 23.00 -115.23
C LEU KE 205 -77.71 23.02 -116.74
N TRP KE 206 -77.43 21.87 -117.33
CA TRP KE 206 -77.38 21.80 -118.79
C TRP KE 206 -78.70 22.21 -119.40
N ALA KE 207 -79.80 21.82 -118.78
CA ALA KE 207 -81.10 22.20 -119.32
C ALA KE 207 -81.41 23.65 -119.05
N ARG KE 208 -81.26 24.08 -117.79
CA ARG KE 208 -81.60 25.44 -117.43
C ARG KE 208 -80.90 26.49 -118.28
N GLN KE 209 -79.65 26.22 -118.70
CA GLN KE 209 -78.98 27.19 -119.57
C GLN KE 209 -79.77 27.47 -120.84
N VAL KE 210 -80.39 26.45 -121.43
CA VAL KE 210 -81.11 26.63 -122.68
C VAL KE 210 -82.28 27.59 -122.49
N LEU KE 211 -83.04 27.40 -121.42
CA LEU KE 211 -84.18 28.25 -121.14
C LEU KE 211 -83.75 29.66 -120.78
N ALA KE 212 -82.78 29.79 -119.88
CA ALA KE 212 -82.33 31.12 -119.45
C ALA KE 212 -81.74 31.91 -120.59
N ARG KE 213 -81.07 31.25 -121.53
CA ARG KE 213 -80.60 31.97 -122.70
C ARG KE 213 -81.75 32.55 -123.51
N GLY KE 214 -82.94 31.96 -123.39
CA GLY KE 214 -84.07 32.38 -124.19
C GLY KE 214 -84.11 31.82 -125.59
N ASP KE 215 -83.59 30.61 -125.79
CA ASP KE 215 -83.69 29.98 -127.09
C ASP KE 215 -85.13 29.58 -127.40
N TYR KE 216 -85.83 29.02 -126.42
CA TYR KE 216 -87.24 28.70 -126.55
C TYR KE 216 -88.11 29.91 -126.23
N ASP KE 217 -89.33 29.89 -126.73
CA ASP KE 217 -90.23 31.04 -126.71
C ASP KE 217 -91.48 30.89 -125.85
N LYS KE 218 -92.08 29.71 -125.79
CA LYS KE 218 -93.14 29.46 -124.82
C LYS KE 218 -92.58 29.23 -123.42
N ASN KE 219 -93.48 29.03 -122.47
CA ASN KE 219 -93.09 28.73 -121.09
C ASN KE 219 -92.62 27.30 -120.95
N ALA KE 220 -91.61 27.11 -120.10
CA ALA KE 220 -91.06 25.80 -119.84
C ALA KE 220 -90.43 25.81 -118.46
N ARG KE 221 -90.24 24.62 -117.90
CA ARG KE 221 -89.70 24.53 -116.55
C ARG KE 221 -88.88 23.26 -116.44
N VAL KE 222 -87.85 23.28 -115.60
CA VAL KE 222 -86.96 22.15 -115.36
C VAL KE 222 -87.20 21.59 -113.96
N ILE KE 223 -87.24 20.27 -113.83
CA ILE KE 223 -87.51 19.62 -112.56
C ILE KE 223 -86.65 18.38 -112.36
N ASN KE 224 -86.49 18.03 -111.08
CA ASN KE 224 -85.77 16.85 -110.66
C ASN KE 224 -86.37 16.39 -109.32
N GLU KE 225 -86.05 15.15 -108.98
CA GLU KE 225 -86.63 14.52 -107.79
C GLU KE 225 -86.31 15.26 -106.49
N ASN KE 226 -85.06 15.69 -106.29
CA ASN KE 226 -84.76 16.32 -105.00
C ASN KE 226 -85.47 17.66 -104.82
N GLU KE 227 -85.48 18.49 -105.86
CA GLU KE 227 -86.23 19.74 -105.77
C GLU KE 227 -87.70 19.49 -105.49
N GLU KE 228 -88.29 18.53 -106.18
CA GLU KE 228 -89.70 18.25 -105.95
C GLU KE 228 -89.95 17.76 -104.52
N ASN KE 229 -89.12 16.86 -104.02
CA ASN KE 229 -89.30 16.43 -102.64
C ASN KE 229 -89.21 17.60 -101.67
N LYS KE 230 -88.26 18.51 -101.85
CA LYS KE 230 -88.18 19.64 -100.92
C LYS KE 230 -89.41 20.54 -100.98
N ARG KE 231 -89.83 20.91 -102.19
CA ARG KE 231 -91.03 21.72 -102.36
C ARG KE 231 -92.25 21.11 -101.68
N ILE KE 232 -92.49 19.83 -101.95
CA ILE KE 232 -93.66 19.19 -101.39
C ILE KE 232 -93.55 19.06 -99.88
N SER KE 233 -92.35 18.83 -99.36
CA SER KE 233 -92.23 18.74 -97.92
C SER KE 233 -92.54 20.08 -97.27
N ILE KE 234 -92.14 21.18 -97.91
CA ILE KE 234 -92.48 22.49 -97.35
C ILE KE 234 -93.98 22.72 -97.35
N TRP KE 235 -94.70 22.21 -98.35
CA TRP KE 235 -96.16 22.40 -98.31
C TRP KE 235 -96.82 21.53 -97.24
N LEU KE 236 -96.40 20.27 -97.14
CA LEU KE 236 -96.91 19.40 -96.10
C LEU KE 236 -96.66 19.99 -94.71
N ASP KE 237 -95.50 20.59 -94.51
CA ASP KE 237 -95.19 21.23 -93.23
C ASP KE 237 -96.27 22.19 -92.79
N THR KE 238 -96.96 22.84 -93.73
CA THR KE 238 -97.97 23.82 -93.40
C THR KE 238 -99.35 23.19 -93.24
N TYR KE 239 -99.79 22.34 -94.16
CA TYR KE 239 -101.17 21.87 -94.05
C TYR KE 239 -101.35 20.53 -93.35
N TYR KE 240 -100.29 19.75 -93.16
CA TYR KE 240 -100.35 18.47 -92.45
C TYR KE 240 -99.14 18.40 -91.53
N PRO KE 241 -99.10 19.26 -90.51
CA PRO KE 241 -97.91 19.36 -89.66
C PRO KE 241 -97.66 18.16 -88.77
N GLN KE 242 -98.47 17.11 -88.83
CA GLN KE 242 -98.27 15.94 -87.98
C GLN KE 242 -98.25 14.64 -88.78
N LEU KE 243 -98.24 14.71 -90.10
CA LEU KE 243 -98.20 13.52 -90.94
C LEU KE 243 -96.83 12.86 -90.92
N ALA KE 244 -96.83 11.56 -90.67
CA ALA KE 244 -95.63 10.73 -90.68
C ALA KE 244 -95.50 10.04 -92.04
N TYR KE 245 -94.40 10.29 -92.74
CA TYR KE 245 -94.23 9.77 -94.08
C TYR KE 245 -92.75 9.61 -94.37
N TYR KE 246 -92.43 8.90 -95.45
CA TYR KE 246 -91.05 8.66 -95.86
C TYR KE 246 -90.60 9.45 -97.08
N ARG KE 247 -90.99 9.04 -98.28
CA ARG KE 247 -90.46 9.68 -99.47
C ARG KE 247 -91.41 9.45 -100.63
N ILE KE 248 -91.32 10.33 -101.62
CA ILE KE 248 -92.04 10.20 -102.88
C ILE KE 248 -91.09 9.83 -104.02
N HIS KE 249 -91.37 8.70 -104.66
CA HIS KE 249 -90.57 8.15 -105.76
C HIS KE 249 -91.16 8.54 -107.11
N PHE KE 250 -90.29 8.95 -108.04
CA PHE KE 250 -90.65 9.39 -109.38
C PHE KE 250 -90.07 8.51 -110.47
N ASP KE 251 -89.95 7.21 -110.22
CA ASP KE 251 -89.45 6.31 -111.25
C ASP KE 251 -90.28 6.45 -112.52
N GLU KE 252 -91.60 6.41 -112.37
CA GLU KE 252 -92.55 6.71 -113.44
C GLU KE 252 -93.12 8.07 -113.08
N PRO KE 253 -92.59 9.16 -113.63
CA PRO KE 253 -93.03 10.49 -113.18
C PRO KE 253 -94.49 10.78 -113.39
N ARG KE 254 -95.18 10.06 -114.26
CA ARG KE 254 -96.60 10.30 -114.40
C ARG KE 254 -97.40 9.73 -113.24
N LYS KE 255 -96.86 8.79 -112.47
CA LYS KE 255 -97.59 8.14 -111.39
C LYS KE 255 -96.69 7.92 -110.20
N PRO KE 256 -96.35 8.99 -109.49
CA PRO KE 256 -95.50 8.87 -108.30
C PRO KE 256 -96.12 7.98 -107.23
N VAL KE 257 -95.25 7.48 -106.36
CA VAL KE 257 -95.60 6.59 -105.27
C VAL KE 257 -95.21 7.27 -103.97
N PHE KE 258 -96.16 7.38 -103.05
CA PHE KE 258 -95.96 8.06 -101.79
C PHE KE 258 -96.08 7.06 -100.64
N TRP KE 259 -94.99 6.89 -99.91
CA TRP KE 259 -94.87 5.96 -98.78
C TRP KE 259 -95.22 6.60 -97.44
N LEU KE 260 -96.29 6.12 -96.82
CA LEU KE 260 -96.72 6.58 -95.51
C LEU KE 260 -96.44 5.49 -94.50
N SER KE 261 -96.13 5.91 -93.27
CA SER KE 261 -96.02 4.93 -92.19
C SER KE 261 -97.38 4.36 -91.83
N ARG KE 262 -97.42 3.04 -91.67
CA ARG KE 262 -98.61 2.38 -91.16
C ARG KE 262 -98.87 2.64 -89.69
N GLN KE 263 -97.86 2.45 -88.84
CA GLN KE 263 -98.12 2.59 -87.41
C GLN KE 263 -98.32 4.03 -86.98
N ARG KE 264 -97.53 4.95 -87.49
CA ARG KE 264 -97.54 6.31 -86.94
C ARG KE 264 -98.65 7.19 -87.49
N ASN KE 265 -99.53 6.68 -88.34
CA ASN KE 265 -100.62 7.47 -88.87
C ASN KE 265 -101.94 6.84 -88.48
N THR KE 266 -102.98 7.68 -88.43
CA THR KE 266 -104.35 7.19 -88.26
C THR KE 266 -105.25 8.04 -89.14
N MET KE 267 -105.66 7.47 -90.26
CA MET KE 267 -106.48 8.18 -91.24
C MET KE 267 -107.46 7.19 -91.81
N SER KE 268 -108.57 7.69 -92.33
CA SER KE 268 -109.50 6.87 -93.09
C SER KE 268 -109.24 6.99 -94.58
N LYS KE 269 -109.88 6.09 -95.32
CA LYS KE 269 -109.74 6.07 -96.77
C LYS KE 269 -110.14 7.40 -97.39
N LYS KE 270 -111.22 7.99 -96.88
CA LYS KE 270 -111.66 9.29 -97.38
C LYS KE 270 -110.57 10.35 -97.23
N GLU KE 271 -109.97 10.41 -96.05
CA GLU KE 271 -108.88 11.35 -95.82
C GLU KE 271 -107.72 11.10 -96.78
N LEU KE 272 -107.35 9.84 -96.95
CA LEU KE 272 -106.29 9.52 -97.90
C LEU KE 272 -106.64 9.97 -99.31
N GLU KE 273 -107.88 9.75 -99.75
CA GLU KE 273 -108.30 10.22 -101.06
C GLU KE 273 -108.18 11.73 -101.21
N VAL KE 274 -108.65 12.47 -100.22
CA VAL KE 274 -108.52 13.92 -100.26
C VAL KE 274 -107.05 14.33 -100.38
N LEU KE 275 -106.20 13.75 -99.53
CA LEU KE 275 -104.77 14.00 -99.63
C LEU KE 275 -104.21 13.73 -101.03
N SER KE 276 -104.56 12.58 -101.59
CA SER KE 276 -104.15 12.24 -102.94
C SER KE 276 -104.55 13.31 -103.96
N GLN KE 277 -105.81 13.72 -103.93
CA GLN KE 277 -106.26 14.76 -104.86
C GLN KE 277 -105.48 16.05 -104.69
N LYS KE 278 -105.26 16.49 -103.45
CA LYS KE 278 -104.48 17.71 -103.24
C LYS KE 278 -103.06 17.60 -103.80
N LEU KE 279 -102.39 16.48 -103.58
CA LEU KE 279 -101.08 16.28 -104.21
C LEU KE 279 -101.17 16.35 -105.72
N ARG KE 280 -102.18 15.70 -106.30
CA ARG KE 280 -102.36 15.79 -107.74
C ARG KE 280 -102.47 17.22 -108.19
N ALA KE 281 -103.10 18.07 -107.38
CA ALA KE 281 -103.18 19.48 -107.72
C ALA KE 281 -101.82 20.17 -107.65
N LEU KE 282 -100.97 19.78 -106.69
CA LEU KE 282 -99.63 20.37 -106.65
C LEU KE 282 -98.78 19.98 -107.83
N MET KE 283 -98.96 18.79 -108.38
CA MET KE 283 -98.11 18.29 -109.45
C MET KE 283 -98.83 18.23 -110.79
N PRO KE 284 -98.95 19.36 -111.50
CA PRO KE 284 -99.72 19.36 -112.75
C PRO KE 284 -99.17 18.46 -113.84
N TYR KE 285 -97.99 17.88 -113.69
CA TYR KE 285 -97.48 16.97 -114.70
C TYR KE 285 -97.83 15.51 -114.39
N ALA KE 286 -98.26 15.22 -113.17
CA ALA KE 286 -98.58 13.85 -112.75
C ALA KE 286 -100.06 13.60 -112.90
N ASP KE 287 -100.42 12.47 -113.50
CA ASP KE 287 -101.81 12.11 -113.65
C ASP KE 287 -102.44 11.64 -112.34
N SER KE 288 -101.68 10.95 -111.49
CA SER KE 288 -102.24 10.48 -110.24
C SER KE 288 -101.10 10.09 -109.32
N VAL KE 289 -101.38 10.10 -108.02
CA VAL KE 289 -100.44 9.74 -106.97
C VAL KE 289 -100.94 8.51 -106.24
N ASN KE 290 -100.14 7.45 -106.22
CA ASN KE 290 -100.48 6.21 -105.54
C ASN KE 290 -99.89 6.23 -104.15
N ILE KE 291 -100.73 6.06 -103.13
CA ILE KE 291 -100.30 6.03 -101.72
C ILE KE 291 -100.18 4.60 -101.22
N THR KE 292 -99.00 4.27 -100.71
CA THR KE 292 -98.67 2.95 -100.18
C THR KE 292 -98.20 3.06 -98.73
N LEU KE 293 -98.67 2.14 -97.89
CA LEU KE 293 -98.30 2.06 -96.49
C LEU KE 293 -97.15 1.09 -96.27
N MET KE 294 -96.10 1.57 -95.58
CA MET KE 294 -94.88 0.83 -95.35
C MET KE 294 -94.72 0.55 -93.86
N ASP KE 295 -93.95 -0.48 -93.53
CA ASP KE 295 -93.70 -0.89 -92.15
C ASP KE 295 -92.38 -0.38 -91.58
N ASP KE 296 -92.49 0.31 -90.44
CA ASP KE 296 -91.33 0.84 -89.73
C ASP KE 296 -90.37 -0.25 -89.29
N VAL KE 297 -90.89 -1.37 -88.78
CA VAL KE 297 -90.01 -2.45 -88.35
C VAL KE 297 -89.14 -2.89 -89.51
N THR KE 298 -89.71 -3.00 -90.70
CA THR KE 298 -88.92 -3.35 -91.88
C THR KE 298 -87.82 -2.33 -92.11
N ALA KE 299 -88.16 -1.05 -92.14
CA ALA KE 299 -87.14 -0.01 -92.31
C ALA KE 299 -85.97 -0.16 -91.32
N ALA KE 300 -86.27 -0.15 -90.03
CA ALA KE 300 -85.24 -0.30 -89.01
C ALA KE 300 -84.42 -1.57 -89.17
N GLY KE 301 -85.06 -2.68 -89.50
CA GLY KE 301 -84.34 -3.92 -89.69
C GLY KE 301 -83.37 -3.91 -90.86
N GLN KE 302 -83.80 -3.36 -91.99
CA GLN KE 302 -82.85 -3.22 -93.10
C GLN KE 302 -81.68 -2.32 -92.76
N ALA KE 303 -81.89 -1.28 -91.95
CA ALA KE 303 -80.75 -0.47 -91.52
C ALA KE 303 -79.76 -1.26 -90.66
N GLU KE 304 -80.26 -1.95 -89.64
CA GLU KE 304 -79.35 -2.67 -88.78
C GLU KE 304 -78.65 -3.83 -89.50
N ALA KE 305 -79.37 -4.54 -90.35
CA ALA KE 305 -78.73 -5.58 -91.13
C ALA KE 305 -77.66 -5.05 -92.07
N GLY KE 306 -77.84 -3.85 -92.61
CA GLY KE 306 -76.77 -3.26 -93.40
C GLY KE 306 -75.52 -2.97 -92.58
N LEU KE 307 -75.69 -2.42 -91.39
CA LEU KE 307 -74.49 -2.17 -90.57
C LEU KE 307 -73.80 -3.45 -90.15
N LYS KE 308 -74.56 -4.49 -89.83
CA LYS KE 308 -73.92 -5.76 -89.51
C LYS KE 308 -73.19 -6.33 -90.72
N GLN KE 309 -73.85 -6.36 -91.86
CA GLN KE 309 -73.21 -6.90 -93.05
C GLN KE 309 -71.95 -6.14 -93.39
N GLN KE 310 -71.89 -4.85 -93.07
CA GLN KE 310 -70.65 -4.11 -93.26
C GLN KE 310 -69.66 -4.27 -92.11
N ALA KE 311 -70.03 -4.98 -91.04
CA ALA KE 311 -69.17 -5.12 -89.88
C ALA KE 311 -68.67 -3.81 -89.29
N LEU KE 312 -69.50 -2.79 -89.34
CA LEU KE 312 -69.10 -1.53 -88.75
C LEU KE 312 -69.46 -1.53 -87.27
N PRO KE 313 -68.63 -1.04 -86.35
CA PRO KE 313 -69.07 -0.90 -84.96
C PRO KE 313 -70.10 0.21 -84.82
N TYR KE 314 -71.15 -0.06 -84.06
CA TYR KE 314 -72.24 0.90 -83.94
C TYR KE 314 -72.95 0.74 -82.60
N SER KE 315 -73.78 1.73 -82.28
CA SER KE 315 -74.71 1.66 -81.16
C SER KE 315 -76.06 2.18 -81.61
N ARG KE 316 -77.13 1.64 -81.02
CA ARG KE 316 -78.49 1.95 -81.44
C ARG KE 316 -79.27 2.59 -80.29
N ARG KE 317 -80.07 3.60 -80.63
CA ARG KE 317 -80.90 4.30 -79.67
C ARG KE 317 -82.30 4.50 -80.23
N ASN KE 318 -83.32 4.16 -79.43
CA ASN KE 318 -84.70 4.17 -79.85
C ASN KE 318 -85.47 5.31 -79.18
N HIS KE 319 -86.32 5.97 -79.95
CA HIS KE 319 -87.20 7.00 -79.45
C HIS KE 319 -88.57 6.77 -80.06
N LYS KE 320 -89.57 7.38 -79.43
CA LYS KE 320 -90.94 7.24 -79.89
C LYS KE 320 -91.07 7.55 -81.36
N GLY KE 321 -90.26 8.47 -81.86
CA GLY KE 321 -90.38 8.91 -83.23
C GLY KE 321 -89.22 8.57 -84.14
N GLY KE 322 -88.28 7.73 -83.72
CA GLY KE 322 -87.10 7.58 -84.55
C GLY KE 322 -86.07 6.66 -83.93
N VAL KE 323 -85.12 6.29 -84.77
CA VAL KE 323 -84.01 5.42 -84.42
C VAL KE 323 -82.73 6.12 -84.82
N THR KE 324 -81.74 6.14 -83.94
CA THR KE 324 -80.45 6.70 -84.29
C THR KE 324 -79.36 5.65 -84.12
N PHE KE 325 -78.46 5.60 -85.10
CA PHE KE 325 -77.27 4.77 -85.06
C PHE KE 325 -76.05 5.67 -84.92
N VAL KE 326 -75.28 5.45 -83.86
CA VAL KE 326 -74.09 6.23 -83.56
C VAL KE 326 -72.87 5.39 -83.88
N ILE KE 327 -72.03 5.89 -84.79
CA ILE KE 327 -70.80 5.24 -85.23
C ILE KE 327 -69.67 6.20 -84.90
N GLN KE 328 -68.84 5.85 -83.94
CA GLN KE 328 -67.82 6.79 -83.50
C GLN KE 328 -66.61 6.07 -82.95
N GLY KE 329 -65.49 6.77 -82.95
CA GLY KE 329 -64.21 6.26 -82.50
C GLY KE 329 -63.08 6.39 -83.48
N ALA KE 330 -62.14 5.45 -83.47
CA ALA KE 330 -61.06 5.39 -84.46
C ALA KE 330 -61.42 4.41 -85.58
N LEU KE 331 -61.70 4.94 -86.75
CA LEU KE 331 -62.12 4.16 -87.91
C LEU KE 331 -60.99 4.11 -88.93
N ASP KE 332 -60.80 2.95 -89.53
CA ASP KE 332 -59.86 2.84 -90.63
C ASP KE 332 -60.47 3.37 -91.92
N ASP KE 333 -59.57 3.69 -92.86
CA ASP KE 333 -59.97 4.18 -94.18
C ASP KE 333 -60.97 3.27 -94.88
N VAL KE 334 -60.72 1.97 -94.88
CA VAL KE 334 -61.64 1.02 -95.51
C VAL KE 334 -63.03 1.15 -94.90
N GLU KE 335 -63.10 1.24 -93.58
CA GLU KE 335 -64.38 1.39 -92.90
C GLU KE 335 -65.06 2.70 -93.29
N ILE KE 336 -64.34 3.81 -93.25
CA ILE KE 336 -64.93 5.07 -93.69
C ILE KE 336 -65.54 4.96 -95.07
N LEU KE 337 -64.81 4.34 -96.01
CA LEU KE 337 -65.36 4.17 -97.35
C LEU KE 337 -66.63 3.34 -97.37
N ARG KE 338 -66.58 2.13 -96.80
CA ARG KE 338 -67.77 1.30 -96.74
C ARG KE 338 -68.96 2.04 -96.16
N ALA KE 339 -68.76 2.68 -95.01
CA ALA KE 339 -69.83 3.42 -94.34
C ALA KE 339 -70.44 4.47 -95.25
N ARG KE 340 -69.63 5.37 -95.79
CA ARG KE 340 -70.22 6.40 -96.65
C ARG KE 340 -70.98 5.79 -97.83
N GLN KE 341 -70.48 4.70 -98.41
CA GLN KE 341 -71.21 4.09 -99.52
C GLN KE 341 -72.57 3.54 -99.10
N PHE KE 342 -72.59 2.73 -98.04
CA PHE KE 342 -73.86 2.18 -97.56
C PHE KE 342 -74.86 3.27 -97.21
N VAL KE 343 -74.45 4.21 -96.35
CA VAL KE 343 -75.33 5.30 -95.97
C VAL KE 343 -75.93 5.97 -97.19
N ASP KE 344 -75.08 6.37 -98.14
CA ASP KE 344 -75.63 7.04 -99.31
C ASP KE 344 -76.58 6.14 -100.08
N SER KE 345 -76.41 4.82 -100.00
CA SER KE 345 -77.35 3.94 -100.68
C SER KE 345 -78.70 3.93 -99.99
N TYR KE 346 -78.69 3.74 -98.68
CA TYR KE 346 -79.92 3.71 -97.88
C TYR KE 346 -80.72 5.00 -98.01
N TYR KE 347 -80.07 6.13 -97.79
CA TYR KE 347 -80.77 7.40 -97.82
C TYR KE 347 -81.54 7.60 -99.11
N ARG KE 348 -81.02 7.15 -100.24
CA ARG KE 348 -81.77 7.34 -101.46
C ARG KE 348 -83.07 6.58 -101.51
N THR KE 349 -83.18 5.50 -100.76
CA THR KE 349 -84.41 4.71 -100.71
C THR KE 349 -85.39 5.22 -99.68
N TRP KE 350 -84.95 5.30 -98.43
CA TRP KE 350 -85.82 5.63 -97.31
C TRP KE 350 -85.84 7.10 -96.89
N GLY KE 351 -85.01 7.96 -97.44
CA GLY KE 351 -84.92 9.32 -96.96
C GLY KE 351 -84.27 9.43 -95.58
N GLY KE 352 -84.24 10.66 -95.08
CA GLY KE 352 -83.68 10.93 -93.78
C GLY KE 352 -84.59 11.28 -92.61
N ARG KE 353 -85.85 10.88 -92.67
CA ARG KE 353 -86.79 11.26 -91.63
C ARG KE 353 -86.82 10.30 -90.45
N TYR KE 354 -86.87 9.00 -90.69
CA TYR KE 354 -87.00 8.10 -89.56
C TYR KE 354 -85.68 7.65 -88.95
N VAL KE 355 -84.69 7.26 -89.75
CA VAL KE 355 -83.41 6.76 -89.25
C VAL KE 355 -82.27 7.72 -89.60
N GLN KE 356 -81.50 8.13 -88.58
CA GLN KE 356 -80.34 9.00 -88.71
C GLN KE 356 -79.04 8.26 -88.34
N PHE KE 357 -77.98 8.52 -89.11
CA PHE KE 357 -76.64 7.96 -88.90
C PHE KE 357 -75.65 9.07 -88.56
N ALA KE 358 -75.09 9.03 -87.35
CA ALA KE 358 -74.08 9.98 -86.90
C ALA KE 358 -72.70 9.33 -86.92
N ILE KE 359 -71.80 9.84 -87.75
CA ILE KE 359 -70.43 9.34 -87.89
C ILE KE 359 -69.46 10.37 -87.36
N GLU KE 360 -68.71 10.02 -86.31
CA GLU KE 360 -67.79 10.94 -85.65
C GLU KE 360 -66.43 10.29 -85.38
N LEU KE 361 -65.36 11.00 -85.70
CA LEU KE 361 -63.98 10.56 -85.44
C LEU KE 361 -63.45 11.13 -84.13
N LYS KE 362 -63.06 10.25 -83.21
CA LYS KE 362 -62.59 10.58 -81.87
C LYS KE 362 -61.20 9.99 -81.68
N ASP KE 363 -60.32 10.73 -81.00
CA ASP KE 363 -59.06 10.18 -80.55
C ASP KE 363 -59.29 9.17 -79.43
N ASP KE 364 -58.20 8.54 -78.97
CA ASP KE 364 -58.28 7.71 -77.77
C ASP KE 364 -59.02 8.43 -76.67
N TRP KE 365 -60.05 7.78 -76.15
CA TRP KE 365 -60.84 8.37 -75.09
C TRP KE 365 -59.97 8.71 -73.89
N LEU KE 366 -60.15 9.90 -73.35
CA LEU KE 366 -59.33 10.48 -72.29
C LEU KE 366 -57.83 10.45 -72.60
N LYS KE 367 -57.48 10.51 -73.88
CA LYS KE 367 -56.11 10.84 -74.29
C LYS KE 367 -55.03 9.94 -73.71
N GLY KE 368 -55.34 8.70 -73.36
CA GLY KE 368 -54.30 7.85 -72.83
C GLY KE 368 -53.92 8.05 -71.38
N ARG KE 369 -54.70 8.78 -70.60
CA ARG KE 369 -54.53 8.80 -69.17
C ARG KE 369 -55.13 7.54 -68.54
N SER KE 370 -54.69 7.22 -67.33
CA SER KE 370 -55.24 6.10 -66.59
C SER KE 370 -56.42 6.53 -65.74
N PHE KE 371 -57.40 5.64 -65.59
CA PHE KE 371 -58.59 6.01 -64.85
C PHE KE 371 -59.28 4.77 -64.31
N GLN KE 372 -60.14 4.99 -63.33
CA GLN KE 372 -60.99 3.96 -62.74
C GLN KE 372 -62.41 4.26 -63.17
N TYR KE 373 -63.07 3.31 -63.83
CA TYR KE 373 -64.28 3.59 -64.60
C TYR KE 373 -65.54 3.15 -63.88
N GLY KE 374 -65.55 3.15 -62.56
CA GLY KE 374 -66.74 2.79 -61.82
C GLY KE 374 -67.68 3.97 -61.63
N ALA KE 375 -68.75 3.70 -60.90
CA ALA KE 375 -69.53 4.77 -60.31
C ALA KE 375 -68.75 5.54 -59.25
N GLU KE 376 -67.73 4.94 -58.67
CA GLU KE 376 -66.73 5.62 -57.86
C GLU KE 376 -65.53 6.10 -58.69
N GLY KE 377 -65.68 6.23 -60.01
CA GLY KE 377 -64.53 6.43 -60.87
C GLY KE 377 -63.79 7.72 -60.64
N TYR KE 378 -62.59 7.77 -61.21
CA TYR KE 378 -61.78 8.99 -61.24
C TYR KE 378 -60.68 8.88 -62.29
N ILE KE 379 -60.10 10.02 -62.64
CA ILE KE 379 -59.00 10.11 -63.59
C ILE KE 379 -57.71 10.49 -62.88
N LYS KE 380 -56.63 9.80 -63.21
CA LYS KE 380 -55.30 10.13 -62.71
C LYS KE 380 -54.60 11.10 -63.65
N MET KE 381 -54.50 12.36 -63.25
CA MET KE 381 -53.82 13.34 -64.09
C MET KE 381 -52.38 12.92 -64.27
N SER KE 382 -51.74 12.54 -63.18
CA SER KE 382 -50.35 12.13 -63.16
C SER KE 382 -50.16 11.27 -61.93
N PRO KE 383 -49.09 10.53 -61.85
CA PRO KE 383 -48.82 9.85 -60.59
C PRO KE 383 -48.82 10.84 -59.44
N GLY KE 384 -49.67 10.57 -58.47
CA GLY KE 384 -49.91 11.46 -57.35
C GLY KE 384 -50.95 12.56 -57.57
N HIS KE 385 -51.73 12.53 -58.65
CA HIS KE 385 -52.71 13.57 -58.89
C HIS KE 385 -54.02 12.94 -59.33
N TRP KE 386 -55.11 13.20 -58.60
CA TRP KE 386 -56.44 12.66 -58.85
C TRP KE 386 -57.40 13.77 -59.26
N TYR KE 387 -58.44 13.42 -60.04
CA TYR KE 387 -59.33 14.46 -60.54
C TYR KE 387 -60.84 14.29 -60.31
N PHE KE 388 -61.38 13.11 -60.07
CA PHE KE 388 -62.80 13.01 -59.72
C PHE KE 388 -63.84 13.84 -60.47
N PRO KE 389 -63.89 13.82 -61.79
CA PRO KE 389 -64.79 14.72 -62.51
C PRO KE 389 -66.24 14.30 -62.53
N SER KE 390 -66.49 13.00 -62.56
CA SER KE 390 -67.77 12.43 -62.96
C SER KE 390 -67.75 10.95 -62.62
N PRO KE 391 -68.90 10.30 -62.51
CA PRO KE 391 -68.90 8.85 -62.67
C PRO KE 391 -68.54 8.47 -64.10
N LEU KE 392 -67.97 7.30 -64.24
CA LEU KE 392 -67.47 6.84 -65.53
C LEU KE 392 -67.98 5.43 -65.82
N ALA LE 171 -75.83 3.38 -144.70
CA ALA LE 171 -74.73 3.19 -143.77
C ALA LE 171 -75.20 2.51 -142.51
N GLU LE 172 -75.05 1.19 -142.42
CA GLU LE 172 -75.50 0.50 -141.23
C GLU LE 172 -74.58 0.82 -140.07
N LEU LE 173 -75.08 0.57 -138.87
CA LEU LE 173 -74.28 0.85 -137.68
C LEU LE 173 -73.06 -0.06 -137.58
N ASP LE 174 -73.21 -1.33 -137.92
CA ASP LE 174 -72.07 -2.24 -137.85
C ASP LE 174 -70.89 -1.76 -138.69
N SER LE 175 -71.17 -1.09 -139.81
CA SER LE 175 -70.09 -0.59 -140.66
C SER LE 175 -69.33 0.57 -140.02
N LEU LE 176 -69.92 1.23 -139.03
CA LEU LE 176 -69.33 2.38 -138.37
C LEU LE 176 -68.55 2.03 -137.11
N LEU LE 177 -68.74 0.85 -136.55
CA LEU LE 177 -68.08 0.51 -135.29
C LEU LE 177 -66.64 0.07 -135.48
N GLY LE 178 -66.20 -0.25 -136.69
CA GLY LE 178 -64.84 -0.73 -136.85
C GLY LE 178 -64.63 -1.84 -137.84
N GLN LE 179 -63.39 -2.29 -137.94
CA GLN LE 179 -63.04 -3.50 -138.68
C GLN LE 179 -63.35 -4.78 -137.90
N GLU LE 180 -63.09 -4.80 -136.61
CA GLU LE 180 -63.32 -5.99 -135.79
C GLU LE 180 -64.82 -6.21 -135.59
N LYS LE 181 -65.46 -6.78 -136.61
CA LYS LE 181 -66.92 -6.83 -136.67
C LYS LE 181 -67.55 -7.41 -135.42
N GLU LE 182 -67.06 -8.56 -134.96
CA GLU LE 182 -67.69 -9.26 -133.85
C GLU LE 182 -67.36 -8.67 -132.48
N ARG LE 183 -66.53 -7.63 -132.40
CA ARG LE 183 -66.27 -7.01 -131.11
C ARG LE 183 -67.54 -6.46 -130.47
N PHE LE 184 -68.56 -6.14 -131.28
CA PHE LE 184 -69.79 -5.51 -130.82
C PHE LE 184 -70.97 -6.33 -131.31
N GLN LE 185 -72.12 -6.13 -130.67
CA GLN LE 185 -73.32 -6.84 -131.07
C GLN LE 185 -74.51 -5.89 -131.09
N VAL LE 186 -75.19 -5.84 -132.22
CA VAL LE 186 -76.32 -4.94 -132.49
C VAL LE 186 -77.63 -5.69 -132.39
N LEU LE 187 -78.55 -5.18 -131.58
CA LEU LE 187 -79.87 -5.79 -131.42
C LEU LE 187 -80.98 -4.78 -131.67
N PRO LE 188 -82.08 -5.21 -132.28
CA PRO LE 188 -83.24 -4.34 -132.44
C PRO LE 188 -84.14 -4.31 -131.21
N GLY LE 189 -84.60 -3.11 -130.84
CA GLY LE 189 -85.46 -2.94 -129.69
C GLY LE 189 -86.89 -2.64 -130.11
N ARG LE 190 -87.85 -3.17 -129.35
CA ARG LE 190 -89.26 -2.95 -129.63
C ARG LE 190 -89.64 -1.48 -129.61
N ASP LE 191 -88.89 -0.64 -128.92
CA ASP LE 191 -89.12 0.80 -128.90
C ASP LE 191 -88.62 1.49 -130.16
N LYS LE 192 -88.28 0.73 -131.20
CA LYS LE 192 -87.76 1.29 -132.45
C LYS LE 192 -86.39 1.97 -132.27
N MET LE 193 -85.49 1.31 -131.54
CA MET LE 193 -84.19 1.88 -131.24
C MET LE 193 -83.17 0.75 -131.31
N LEU LE 194 -81.97 1.04 -131.81
CA LEU LE 194 -80.92 0.03 -131.81
C LEU LE 194 -80.13 -0.01 -130.51
N TYR LE 195 -79.83 -1.21 -130.04
CA TYR LE 195 -79.10 -1.46 -128.80
C TYR LE 195 -77.76 -2.13 -129.10
N VAL LE 196 -76.67 -1.46 -128.78
CA VAL LE 196 -75.32 -1.96 -128.98
C VAL LE 196 -74.84 -2.55 -127.67
N ALA LE 197 -74.57 -3.85 -127.68
CA ALA LE 197 -74.06 -4.57 -126.52
C ALA LE 197 -72.53 -4.64 -126.55
N ALA LE 198 -71.91 -4.14 -125.49
CA ALA LE 198 -70.46 -4.10 -125.31
C ALA LE 198 -70.06 -5.00 -124.14
N GLN LE 199 -68.77 -5.33 -124.09
CA GLN LE 199 -68.21 -6.19 -123.07
C GLN LE 199 -67.49 -5.48 -121.93
N ASN LE 200 -67.07 -4.23 -122.11
CA ASN LE 200 -66.31 -3.57 -121.05
C ASN LE 200 -66.41 -2.06 -121.24
N GLU LE 201 -65.87 -1.33 -120.28
CA GLU LE 201 -65.90 0.13 -120.31
C GLU LE 201 -65.19 0.74 -121.51
N ARG LE 202 -63.95 0.33 -121.75
CA ARG LE 202 -63.22 0.85 -122.90
C ARG LE 202 -64.02 0.71 -124.20
N ASP LE 203 -64.55 -0.49 -124.45
CA ASP LE 203 -65.38 -0.70 -125.65
C ASP LE 203 -66.63 0.15 -125.61
N THR LE 204 -67.26 0.27 -124.45
CA THR LE 204 -68.43 1.13 -124.31
C THR LE 204 -68.14 2.55 -124.76
N LEU LE 205 -67.02 3.11 -124.31
CA LEU LE 205 -66.67 4.46 -124.77
C LEU LE 205 -66.28 4.51 -126.23
N TRP LE 206 -65.65 3.46 -126.75
CA TRP LE 206 -65.38 3.43 -128.19
C TRP LE 206 -66.66 3.51 -129.00
N ALA LE 207 -67.71 2.82 -128.55
CA ALA LE 207 -68.99 2.91 -129.24
C ALA LE 207 -69.63 4.27 -129.04
N ARG LE 208 -69.74 4.69 -127.78
CA ARG LE 208 -70.43 5.94 -127.46
C ARG LE 208 -69.86 7.13 -128.21
N GLN LE 209 -68.57 7.15 -128.49
CA GLN LE 209 -68.02 8.26 -129.28
C GLN LE 209 -68.69 8.37 -130.64
N VAL LE 210 -69.02 7.25 -131.27
CA VAL LE 210 -69.63 7.32 -132.60
C VAL LE 210 -70.98 7.98 -132.53
N LEU LE 211 -71.82 7.56 -131.59
CA LEU LE 211 -73.15 8.14 -131.46
C LEU LE 211 -73.08 9.60 -131.05
N ALA LE 212 -72.24 9.93 -130.07
CA ALA LE 212 -72.13 11.31 -129.61
C ALA LE 212 -71.58 12.22 -130.67
N ARG LE 213 -70.72 11.72 -131.55
CA ARG LE 213 -70.32 12.52 -132.69
C ARG LE 213 -71.49 12.77 -133.63
N GLY LE 214 -72.52 11.95 -133.56
CA GLY LE 214 -73.66 12.05 -134.46
C GLY LE 214 -73.44 11.48 -135.83
N ASP LE 215 -72.64 10.42 -135.94
CA ASP LE 215 -72.45 9.79 -137.24
C ASP LE 215 -73.72 9.09 -137.72
N TYR LE 216 -74.56 8.62 -136.82
CA TYR LE 216 -75.75 7.87 -137.18
C TYR LE 216 -77.00 8.72 -136.95
N ASP LE 217 -77.96 8.60 -137.86
CA ASP LE 217 -79.16 9.43 -137.85
C ASP LE 217 -80.37 8.85 -137.12
N LYS LE 218 -80.53 7.53 -137.07
CA LYS LE 218 -81.61 6.94 -136.28
C LYS LE 218 -81.24 6.89 -134.79
N ASN LE 219 -82.18 6.42 -133.96
CA ASN LE 219 -81.93 6.25 -132.54
C ASN LE 219 -81.13 5.00 -132.22
N ALA LE 220 -80.22 5.15 -131.26
CA ALA LE 220 -79.37 4.06 -130.82
C ALA LE 220 -78.95 4.30 -129.38
N ARG LE 221 -78.52 3.23 -128.74
CA ARG LE 221 -78.15 3.26 -127.34
C ARG LE 221 -77.07 2.21 -127.10
N VAL LE 222 -76.19 2.47 -126.14
CA VAL LE 222 -75.11 1.57 -125.78
C VAL LE 222 -75.41 1.02 -124.39
N ILE LE 223 -75.20 -0.28 -124.20
CA ILE LE 223 -75.52 -0.94 -122.93
C ILE LE 223 -74.47 -1.97 -122.58
N ASN LE 224 -74.37 -2.25 -121.28
CA ASN LE 224 -73.46 -3.26 -120.77
C ASN LE 224 -74.03 -3.86 -119.50
N GLU LE 225 -73.50 -5.01 -119.13
CA GLU LE 225 -74.04 -5.80 -118.02
C GLU LE 225 -74.02 -5.07 -116.68
N ASN LE 226 -72.94 -4.37 -116.34
CA ASN LE 226 -72.94 -3.75 -115.02
C ASN LE 226 -73.94 -2.61 -114.93
N GLU LE 227 -74.01 -1.76 -115.95
CA GLU LE 227 -75.00 -0.70 -115.97
C GLU LE 227 -76.41 -1.25 -115.88
N GLU LE 228 -76.70 -2.32 -116.62
CA GLU LE 228 -78.05 -2.85 -116.56
C GLU LE 228 -78.36 -3.46 -115.20
N ASN LE 229 -77.40 -4.15 -114.60
CA ASN LE 229 -77.66 -4.65 -113.26
C ASN LE 229 -77.99 -3.53 -112.30
N LYS LE 230 -77.27 -2.41 -112.38
CA LYS LE 230 -77.56 -1.29 -111.49
C LYS LE 230 -78.95 -0.71 -111.74
N ARG LE 231 -79.31 -0.45 -113.00
CA ARG LE 231 -80.63 0.10 -113.30
C ARG LE 231 -81.75 -0.81 -112.82
N ILE LE 232 -81.62 -2.11 -113.03
CA ILE LE 232 -82.70 -3.01 -112.62
C ILE LE 232 -82.77 -3.08 -111.10
N SER LE 233 -81.63 -3.05 -110.42
CA SER LE 233 -81.72 -3.07 -108.97
C SER LE 233 -82.41 -1.81 -108.45
N ILE LE 234 -82.17 -0.67 -109.09
CA ILE LE 234 -82.86 0.55 -108.67
C ILE LE 234 -84.36 0.44 -108.87
N TRP LE 235 -84.80 -0.25 -109.92
CA TRP LE 235 -86.26 -0.39 -110.09
C TRP LE 235 -86.86 -1.36 -109.06
N LEU LE 236 -86.19 -2.49 -108.85
CA LEU LE 236 -86.63 -3.41 -107.82
C LEU LE 236 -86.68 -2.77 -106.45
N ASP LE 237 -85.71 -1.92 -106.11
CA ASP LE 237 -85.74 -1.22 -104.84
C ASP LE 237 -87.07 -0.50 -104.61
N THR LE 238 -87.71 -0.03 -105.66
CA THR LE 238 -88.96 0.69 -105.48
C THR LE 238 -90.17 -0.23 -105.48
N TYR LE 239 -90.29 -1.14 -106.44
CA TYR LE 239 -91.54 -1.92 -106.47
C TYR LE 239 -91.50 -3.27 -105.77
N TYR LE 240 -90.32 -3.80 -105.46
CA TYR LE 240 -90.18 -5.08 -104.76
C TYR LE 240 -89.10 -4.92 -103.71
N PRO LE 241 -89.35 -4.09 -102.71
CA PRO LE 241 -88.31 -3.76 -101.72
C PRO LE 241 -87.94 -4.89 -100.78
N GLN LE 242 -88.52 -6.08 -100.91
CA GLN LE 242 -88.23 -7.16 -99.99
C GLN LE 242 -87.84 -8.44 -100.71
N LEU LE 243 -87.64 -8.38 -102.02
CA LEU LE 243 -87.23 -9.53 -102.81
C LEU LE 243 -85.76 -9.85 -102.60
N ALA LE 244 -85.46 -11.10 -102.30
CA ALA LE 244 -84.09 -11.60 -102.14
C ALA LE 244 -83.58 -12.23 -103.42
N TYR LE 245 -82.49 -11.70 -103.97
CA TYR LE 245 -81.97 -12.15 -105.25
C TYR LE 245 -80.47 -11.89 -105.32
N TYR LE 246 -79.83 -12.53 -106.30
CA TYR LE 246 -78.39 -12.45 -106.50
C TYR LE 246 -77.96 -11.57 -107.67
N ARG LE 247 -78.10 -12.05 -108.89
CA ARG LE 247 -77.60 -11.32 -110.04
C ARG LE 247 -78.35 -11.77 -111.28
N ILE LE 248 -78.35 -10.91 -112.29
CA ILE LE 248 -78.85 -11.21 -113.62
C ILE LE 248 -77.72 -11.36 -114.62
N HIS LE 249 -77.66 -12.53 -115.25
CA HIS LE 249 -76.64 -12.89 -116.23
C HIS LE 249 -77.14 -12.62 -117.64
N PHE LE 250 -76.28 -12.03 -118.45
CA PHE LE 250 -76.58 -11.66 -119.84
C PHE LE 250 -75.61 -12.32 -120.80
N ASP LE 251 -75.28 -13.59 -120.55
CA ASP LE 251 -74.42 -14.31 -121.48
C ASP LE 251 -75.10 -14.39 -122.85
N GLU LE 252 -76.39 -14.63 -122.85
CA GLU LE 252 -77.23 -14.59 -124.04
C GLU LE 252 -78.12 -13.37 -123.88
N PRO LE 253 -77.81 -12.24 -124.53
CA PRO LE 253 -78.57 -11.02 -124.25
C PRO LE 253 -80.02 -11.11 -124.66
N ARG LE 254 -80.40 -12.04 -125.50
CA ARG LE 254 -81.82 -12.18 -125.83
C ARG LE 254 -82.59 -12.97 -124.79
N LYS LE 255 -81.94 -13.66 -123.86
CA LYS LE 255 -82.64 -14.46 -122.85
C LYS LE 255 -81.90 -14.45 -121.53
N PRO LE 256 -81.99 -13.36 -120.80
CA PRO LE 256 -81.28 -13.28 -119.52
C PRO LE 256 -81.81 -14.28 -118.50
N VAL LE 257 -80.97 -14.53 -117.50
CA VAL LE 257 -81.23 -15.48 -116.43
C VAL LE 257 -81.20 -14.73 -115.11
N PHE LE 258 -82.27 -14.86 -114.33
CA PHE LE 258 -82.41 -14.15 -113.06
C PHE LE 258 -82.42 -15.16 -111.91
N TRP LE 259 -81.43 -15.06 -111.04
CA TRP LE 259 -81.24 -15.94 -109.89
C TRP LE 259 -81.90 -15.41 -108.62
N LEU LE 260 -82.84 -16.18 -108.08
CA LEU LE 260 -83.52 -15.82 -106.82
C LEU LE 260 -83.15 -16.82 -105.74
N SER LE 261 -83.15 -16.36 -104.50
CA SER LE 261 -82.95 -17.24 -103.37
C SER LE 261 -84.14 -18.14 -103.12
N ARG LE 262 -83.87 -19.43 -102.98
CA ARG LE 262 -84.89 -20.41 -102.63
C ARG LE 262 -85.44 -20.26 -101.22
N GLN LE 263 -84.58 -19.99 -100.24
CA GLN LE 263 -85.07 -19.87 -98.87
C GLN LE 263 -85.67 -18.50 -98.54
N ARG LE 264 -84.97 -17.43 -98.86
CA ARG LE 264 -85.37 -16.13 -98.33
C ARG LE 264 -86.57 -15.52 -99.05
N ASN LE 265 -87.12 -16.17 -100.07
CA ASN LE 265 -88.35 -15.73 -100.70
C ASN LE 265 -89.42 -16.79 -100.52
N THR LE 266 -90.66 -16.33 -100.39
CA THR LE 266 -91.84 -17.12 -100.73
C THR LE 266 -92.66 -16.40 -101.79
N MET LE 267 -92.87 -17.06 -102.92
CA MET LE 267 -93.71 -16.51 -103.98
C MET LE 267 -94.44 -17.67 -104.64
N SER LE 268 -95.62 -17.39 -105.16
CA SER LE 268 -96.34 -18.34 -106.00
C SER LE 268 -95.91 -18.23 -107.45
N LYS LE 269 -96.22 -19.28 -108.21
CA LYS LE 269 -95.93 -19.31 -109.63
C LYS LE 269 -96.50 -18.11 -110.37
N LYS LE 270 -97.73 -17.73 -110.03
CA LYS LE 270 -98.36 -16.56 -110.64
C LYS LE 270 -97.53 -15.32 -110.40
N GLU LE 271 -97.10 -15.10 -109.16
CA GLU LE 271 -96.25 -13.97 -108.84
C GLU LE 271 -94.96 -14.00 -109.62
N LEU LE 272 -94.32 -15.16 -109.70
CA LEU LE 272 -93.09 -15.26 -110.49
C LEU LE 272 -93.32 -14.88 -111.94
N GLU LE 273 -94.41 -15.35 -112.53
CA GLU LE 273 -94.72 -14.98 -113.91
C GLU LE 273 -94.91 -13.47 -114.06
N VAL LE 274 -95.68 -12.85 -113.18
CA VAL LE 274 -95.88 -11.41 -113.24
C VAL LE 274 -94.54 -10.68 -113.18
N LEU LE 275 -93.70 -11.05 -112.22
CA LEU LE 275 -92.36 -10.49 -112.14
C LEU LE 275 -91.61 -10.64 -113.45
N SER LE 276 -91.66 -11.84 -114.03
CA SER LE 276 -91.03 -12.09 -115.32
C SER LE 276 -91.49 -11.11 -116.39
N GLN LE 277 -92.80 -10.93 -116.51
CA GLN LE 277 -93.31 -10.04 -117.53
C GLN LE 277 -92.91 -8.59 -117.28
N LYS LE 278 -92.91 -8.14 -116.04
CA LYS LE 278 -92.50 -6.75 -115.80
C LYS LE 278 -91.03 -6.54 -116.12
N LEU LE 279 -90.17 -7.50 -115.78
CA LEU LE 279 -88.77 -7.39 -116.21
C LEU LE 279 -88.66 -7.32 -117.72
N ARG LE 280 -89.42 -8.17 -118.41
CA ARG LE 280 -89.38 -8.15 -119.85
C ARG LE 280 -89.81 -6.80 -120.38
N ALA LE 281 -90.72 -6.13 -119.67
CA ALA LE 281 -91.12 -4.81 -120.12
C ALA LE 281 -90.02 -3.79 -119.88
N LEU LE 282 -89.19 -3.99 -118.86
CA LEU LE 282 -88.07 -3.09 -118.65
C LEU LE 282 -86.96 -3.29 -119.67
N MET LE 283 -86.84 -4.47 -120.25
CA MET LE 283 -85.75 -4.77 -121.19
C MET LE 283 -86.33 -5.00 -122.58
N PRO LE 284 -86.52 -3.94 -123.37
CA PRO LE 284 -87.13 -4.10 -124.69
C PRO LE 284 -86.31 -4.88 -125.70
N TYR LE 285 -85.09 -5.27 -125.40
CA TYR LE 285 -84.31 -6.08 -126.34
C TYR LE 285 -84.34 -7.56 -126.02
N ALA LE 286 -84.94 -7.97 -124.92
CA ALA LE 286 -84.97 -9.36 -124.51
C ALA LE 286 -86.30 -10.00 -124.85
N ASP LE 287 -86.25 -11.21 -125.41
CA ASP LE 287 -87.47 -11.92 -125.76
C ASP LE 287 -88.12 -12.59 -124.57
N SER LE 288 -87.36 -13.00 -123.56
CA SER LE 288 -87.94 -13.60 -122.38
C SER LE 288 -86.89 -13.62 -121.28
N VAL LE 289 -87.34 -13.76 -120.05
CA VAL LE 289 -86.45 -13.83 -118.89
C VAL LE 289 -86.69 -15.14 -118.16
N ASN LE 290 -85.63 -15.91 -117.94
CA ASN LE 290 -85.70 -17.18 -117.27
C ASN LE 290 -85.38 -17.00 -115.79
N ILE LE 291 -86.28 -17.39 -114.90
CA ILE LE 291 -86.06 -17.30 -113.46
C ILE LE 291 -85.63 -18.64 -112.90
N THR LE 292 -84.49 -18.65 -112.23
CA THR LE 292 -83.91 -19.84 -111.62
C THR LE 292 -83.68 -19.62 -110.13
N LEU LE 293 -84.03 -20.60 -109.32
CA LEU LE 293 -83.83 -20.57 -107.88
C LEU LE 293 -82.53 -21.24 -107.49
N MET LE 294 -81.70 -20.52 -106.71
CA MET LE 294 -80.39 -20.97 -106.30
C MET LE 294 -80.37 -21.16 -104.78
N ASP LE 295 -79.45 -21.99 -104.32
CA ASP LE 295 -79.28 -22.29 -102.90
C ASP LE 295 -78.21 -21.47 -102.18
N ASP LE 296 -78.63 -20.84 -101.09
CA ASP LE 296 -77.72 -20.05 -100.26
C ASP LE 296 -76.61 -20.89 -99.67
N VAL LE 297 -76.93 -22.09 -99.18
CA VAL LE 297 -75.89 -22.93 -98.61
C VAL LE 297 -74.80 -23.18 -99.64
N THR LE 298 -75.19 -23.40 -100.89
CA THR LE 298 -74.21 -23.55 -101.96
C THR LE 298 -73.33 -22.32 -102.08
N ALA LE 299 -73.95 -21.15 -102.20
CA ALA LE 299 -73.16 -19.92 -102.25
C ALA LE 299 -72.13 -19.79 -101.12
N ALA LE 300 -72.60 -19.87 -99.88
CA ALA LE 300 -71.71 -19.80 -98.72
C ALA LE 300 -70.62 -20.86 -98.76
N GLY LE 301 -70.96 -22.09 -99.11
CA GLY LE 301 -69.97 -23.14 -99.18
C GLY LE 301 -68.90 -22.91 -100.20
N GLN LE 302 -69.28 -22.49 -101.40
CA GLN LE 302 -68.27 -22.14 -102.40
C GLN LE 302 -67.39 -20.98 -101.97
N ALA LE 303 -67.91 -20.04 -101.18
CA ALA LE 303 -67.04 -19.00 -100.63
C ALA LE 303 -66.02 -19.58 -99.66
N GLU LE 304 -66.46 -20.42 -98.74
CA GLU LE 304 -65.51 -20.89 -97.74
C GLU LE 304 -64.50 -21.85 -98.35
N ALA LE 305 -64.96 -22.72 -99.24
CA ALA LE 305 -64.04 -23.62 -99.91
C ALA LE 305 -62.98 -22.87 -100.69
N GLY LE 306 -63.36 -21.78 -101.37
CA GLY LE 306 -62.34 -21.01 -102.07
C GLY LE 306 -61.32 -20.39 -101.14
N LEU LE 307 -61.77 -19.83 -100.01
CA LEU LE 307 -60.78 -19.29 -99.06
C LEU LE 307 -59.85 -20.35 -98.53
N LYS LE 308 -60.36 -21.55 -98.25
CA LYS LE 308 -59.47 -22.60 -97.79
C LYS LE 308 -58.51 -23.02 -98.89
N GLN LE 309 -59.00 -23.20 -100.10
CA GLN LE 309 -58.13 -23.58 -101.18
C GLN LE 309 -57.01 -22.57 -101.35
N GLN LE 310 -57.28 -21.29 -101.10
CA GLN LE 310 -56.20 -20.31 -101.19
C GLN LE 310 -55.38 -20.23 -99.92
N ALA LE 311 -55.71 -20.99 -98.89
CA ALA LE 311 -54.96 -20.98 -97.62
C ALA LE 311 -54.81 -19.58 -96.99
N LEU LE 312 -55.82 -18.76 -97.12
CA LEU LE 312 -55.82 -17.49 -96.43
C LEU LE 312 -56.32 -17.68 -95.00
N PRO LE 313 -55.83 -16.89 -94.04
CA PRO LE 313 -56.44 -16.87 -92.71
C PRO LE 313 -57.71 -16.03 -92.69
N TYR LE 314 -58.73 -16.51 -92.00
CA TYR LE 314 -60.01 -15.80 -92.02
C TYR LE 314 -60.85 -16.13 -90.79
N SER LE 315 -61.87 -15.30 -90.59
CA SER LE 315 -62.93 -15.52 -89.60
C SER LE 315 -64.28 -15.38 -90.30
N ARG LE 316 -65.25 -16.19 -89.90
CA ARG LE 316 -66.56 -16.21 -90.51
C ARG LE 316 -67.62 -15.78 -89.50
N ARG LE 317 -68.48 -14.84 -89.90
CA ARG LE 317 -69.59 -14.37 -89.09
C ARG LE 317 -70.89 -14.57 -89.86
N ASN LE 318 -71.89 -15.13 -89.19
CA ASN LE 318 -73.19 -15.41 -89.79
C ASN LE 318 -74.25 -14.46 -89.27
N HIS LE 319 -75.03 -13.88 -90.17
CA HIS LE 319 -76.14 -13.03 -89.81
C HIS LE 319 -77.36 -13.55 -90.54
N LYS LE 320 -78.53 -13.09 -90.11
CA LYS LE 320 -79.78 -13.59 -90.65
C LYS LE 320 -79.79 -13.55 -92.16
N GLY LE 321 -79.35 -12.43 -92.73
CA GLY LE 321 -79.42 -12.23 -94.15
C GLY LE 321 -78.09 -12.22 -94.87
N GLY LE 322 -77.01 -12.69 -94.25
CA GLY LE 322 -75.75 -12.57 -94.95
C GLY LE 322 -74.60 -13.19 -94.18
N VAL LE 323 -73.49 -13.35 -94.89
CA VAL LE 323 -72.28 -13.93 -94.33
C VAL LE 323 -71.12 -12.98 -94.56
N THR LE 324 -70.28 -12.82 -93.55
CA THR LE 324 -69.13 -11.93 -93.61
C THR LE 324 -67.84 -12.66 -93.29
N PHE LE 325 -66.87 -12.57 -94.18
CA PHE LE 325 -65.54 -13.14 -93.97
C PHE LE 325 -64.54 -12.01 -93.75
N VAL LE 326 -63.92 -12.01 -92.59
CA VAL LE 326 -62.91 -11.03 -92.21
C VAL LE 326 -61.54 -11.65 -92.35
N ILE LE 327 -60.68 -11.00 -93.13
CA ILE LE 327 -59.33 -11.43 -93.43
C ILE LE 327 -58.41 -10.30 -92.98
N GLN LE 328 -57.87 -10.40 -91.77
CA GLN LE 328 -57.12 -9.30 -91.19
C GLN LE 328 -55.83 -9.78 -90.58
N GLY LE 329 -54.81 -8.92 -90.64
CA GLY LE 329 -53.51 -9.22 -90.11
C GLY LE 329 -52.39 -8.70 -90.99
N ALA LE 330 -51.18 -9.17 -90.68
CA ALA LE 330 -49.95 -8.88 -91.40
C ALA LE 330 -49.76 -9.68 -92.69
N LEU LE 331 -50.75 -9.65 -93.57
CA LEU LE 331 -50.68 -10.40 -94.82
C LEU LE 331 -49.43 -10.04 -95.63
N ASP LE 332 -48.96 -11.02 -96.39
CA ASP LE 332 -47.86 -10.91 -97.33
C ASP LE 332 -48.35 -10.52 -98.73
N ASP LE 333 -47.40 -10.03 -99.54
CA ASP LE 333 -47.68 -9.67 -100.94
C ASP LE 333 -48.33 -10.81 -101.74
N VAL LE 334 -47.79 -12.01 -101.62
CA VAL LE 334 -48.35 -13.16 -102.33
C VAL LE 334 -49.79 -13.41 -101.91
N GLU LE 335 -50.06 -13.27 -100.61
CA GLU LE 335 -51.42 -13.43 -100.11
C GLU LE 335 -52.34 -12.36 -100.64
N ILE LE 336 -51.96 -11.09 -100.51
CA ILE LE 336 -52.78 -10.02 -101.05
C ILE LE 336 -53.13 -10.27 -102.50
N LEU LE 337 -52.15 -10.65 -103.31
CA LEU LE 337 -52.43 -10.93 -104.71
C LEU LE 337 -53.44 -12.07 -104.90
N ARG LE 338 -53.19 -13.22 -104.28
CA ARG LE 338 -54.15 -14.32 -104.39
C ARG LE 338 -55.55 -13.92 -103.97
N ALA LE 339 -55.68 -13.34 -102.79
CA ALA LE 339 -56.98 -12.88 -102.31
C ALA LE 339 -57.69 -11.97 -103.30
N ARG LE 340 -57.00 -10.93 -103.77
CA ARG LE 340 -57.63 -10.05 -104.75
C ARG LE 340 -58.16 -10.82 -105.96
N GLN LE 341 -57.34 -11.67 -106.55
CA GLN LE 341 -57.81 -12.46 -107.69
C GLN LE 341 -59.06 -13.28 -107.35
N PHE LE 342 -59.03 -13.99 -106.24
CA PHE LE 342 -60.17 -14.82 -105.84
C PHE LE 342 -61.43 -14.00 -105.65
N VAL LE 343 -61.37 -12.97 -104.81
CA VAL LE 343 -62.53 -12.12 -104.57
C VAL LE 343 -63.10 -11.63 -105.88
N ASP LE 344 -62.25 -11.15 -106.78
CA ASP LE 344 -62.79 -10.64 -108.02
C ASP LE 344 -63.42 -11.74 -108.86
N SER LE 345 -62.96 -12.98 -108.72
CA SER LE 345 -63.60 -14.06 -109.47
C SER LE 345 -64.98 -14.37 -108.92
N TYR LE 346 -65.09 -14.51 -107.61
CA TYR LE 346 -66.36 -14.80 -106.96
C TYR LE 346 -67.41 -13.73 -107.23
N TYR LE 347 -67.04 -12.47 -107.00
CA TYR LE 347 -67.99 -11.39 -107.17
C TYR LE 347 -68.60 -11.35 -108.55
N ARG LE 348 -67.86 -11.71 -109.59
CA ARG LE 348 -68.42 -11.63 -110.92
C ARG LE 348 -69.49 -12.67 -111.17
N THR LE 349 -69.50 -13.73 -110.38
CA THR LE 349 -70.52 -14.78 -110.45
C THR LE 349 -71.73 -14.47 -109.57
N TRP LE 350 -71.50 -14.26 -108.29
CA TRP LE 350 -72.56 -14.12 -107.30
C TRP LE 350 -72.94 -12.69 -106.92
N GLY LE 351 -72.24 -11.68 -107.38
CA GLY LE 351 -72.48 -10.35 -106.87
C GLY LE 351 -72.08 -10.17 -105.40
N GLY LE 352 -72.42 -8.98 -104.90
CA GLY LE 352 -72.15 -8.60 -103.51
C GLY LE 352 -73.27 -8.49 -102.50
N ARG LE 353 -74.40 -9.15 -102.72
CA ARG LE 353 -75.54 -9.00 -101.82
C ARG LE 353 -75.52 -9.94 -100.62
N TYR LE 354 -75.23 -11.21 -100.80
CA TYR LE 354 -75.29 -12.15 -99.67
C TYR LE 354 -73.97 -12.28 -98.89
N VAL LE 355 -72.85 -12.50 -99.57
CA VAL LE 355 -71.54 -12.70 -98.94
C VAL LE 355 -70.64 -11.48 -99.14
N GLN LE 356 -70.03 -11.00 -98.05
CA GLN LE 356 -69.11 -9.88 -98.02
C GLN LE 356 -67.73 -10.28 -97.50
N PHE LE 357 -66.67 -9.77 -98.14
CA PHE LE 357 -65.27 -9.97 -97.73
C PHE LE 357 -64.63 -8.66 -97.28
N ALA LE 358 -63.89 -8.71 -96.18
CA ALA LE 358 -63.22 -7.52 -95.63
C ALA LE 358 -61.74 -7.81 -95.40
N ILE LE 359 -60.87 -7.10 -96.12
CA ILE LE 359 -59.40 -7.23 -96.04
C ILE LE 359 -58.82 -6.10 -95.20
N GLU LE 360 -58.09 -6.43 -94.13
CA GLU LE 360 -57.62 -5.43 -93.17
C GLU LE 360 -56.16 -5.62 -92.74
N LEU LE 361 -55.26 -4.89 -93.40
CA LEU LE 361 -53.84 -4.88 -93.04
C LEU LE 361 -53.60 -4.18 -91.72
N LYS LE 362 -52.76 -4.76 -90.87
CA LYS LE 362 -52.44 -4.16 -89.59
C LYS LE 362 -51.03 -4.57 -89.17
N ASP LE 363 -50.46 -3.77 -88.28
CA ASP LE 363 -49.11 -3.96 -87.79
C ASP LE 363 -48.93 -5.21 -86.94
N ASP LE 364 -47.66 -5.65 -86.87
CA ASP LE 364 -47.22 -6.81 -86.12
C ASP LE 364 -46.61 -6.39 -84.79
N TRP LE 365 -47.17 -6.88 -83.69
CA TRP LE 365 -46.68 -6.59 -82.35
C TRP LE 365 -45.67 -7.61 -81.85
N LEU LE 366 -45.71 -8.84 -82.33
CA LEU LE 366 -44.90 -9.92 -81.78
C LEU LE 366 -43.45 -9.94 -82.25
N LYS LE 367 -43.17 -9.51 -83.47
CA LYS LE 367 -41.81 -9.50 -83.95
C LYS LE 367 -40.82 -8.92 -82.95
N GLY LE 368 -39.83 -9.74 -82.59
CA GLY LE 368 -38.81 -9.47 -81.59
C GLY LE 368 -39.21 -9.42 -80.13
N ARG LE 369 -40.38 -9.92 -79.76
CA ARG LE 369 -40.82 -9.91 -78.36
C ARG LE 369 -41.11 -11.31 -77.87
N SER LE 370 -40.81 -11.55 -76.60
CA SER LE 370 -41.16 -12.80 -75.94
C SER LE 370 -42.59 -12.75 -75.47
N PHE LE 371 -43.28 -13.88 -75.52
CA PHE LE 371 -44.69 -13.88 -75.14
C PHE LE 371 -45.16 -15.26 -74.76
N GLN LE 372 -46.26 -15.29 -74.02
CA GLN LE 372 -46.97 -16.50 -73.65
C GLN LE 372 -48.31 -16.53 -74.36
N TYR LE 373 -48.66 -17.67 -74.93
CA TYR LE 373 -49.87 -17.80 -75.73
C TYR LE 373 -50.72 -18.96 -75.27
N GLY LE 374 -52.02 -18.85 -75.55
CA GLY LE 374 -53.02 -19.79 -75.08
C GLY LE 374 -54.12 -19.08 -74.29
N ALA LE 375 -54.59 -19.76 -73.24
CA ALA LE 375 -55.63 -19.18 -72.39
C ALA LE 375 -55.19 -17.93 -71.63
N GLU LE 376 -53.96 -17.90 -71.16
CA GLU LE 376 -53.46 -16.80 -70.32
C GLU LE 376 -52.35 -15.97 -70.96
N GLY LE 377 -52.49 -15.65 -72.24
CA GLY LE 377 -51.38 -15.01 -72.92
C GLY LE 377 -51.18 -13.57 -72.50
N TYR LE 378 -49.95 -13.12 -72.69
CA TYR LE 378 -49.53 -11.74 -72.47
C TYR LE 378 -48.22 -11.55 -73.21
N ILE LE 379 -47.84 -10.29 -73.40
CA ILE LE 379 -46.64 -9.96 -74.16
C ILE LE 379 -45.67 -9.23 -73.25
N LYS LE 380 -44.39 -9.54 -73.38
CA LYS LE 380 -43.34 -8.78 -72.71
C LYS LE 380 -42.95 -7.62 -73.60
N MET LE 381 -43.40 -6.42 -73.26
CA MET LE 381 -42.97 -5.25 -74.02
C MET LE 381 -41.46 -5.09 -73.87
N SER LE 382 -40.98 -5.28 -72.65
CA SER LE 382 -39.56 -5.35 -72.35
C SER LE 382 -39.45 -6.03 -71.00
N PRO LE 383 -38.26 -6.46 -70.61
CA PRO LE 383 -38.10 -6.93 -69.23
C PRO LE 383 -38.69 -5.93 -68.25
N GLY LE 384 -39.53 -6.44 -67.35
CA GLY LE 384 -40.22 -5.58 -66.43
C GLY LE 384 -41.51 -4.92 -66.91
N HIS LE 385 -41.93 -5.10 -68.15
CA HIS LE 385 -43.18 -4.50 -68.62
C HIS LE 385 -44.08 -5.55 -69.27
N TRP LE 386 -45.21 -5.84 -68.65
CA TRP LE 386 -46.15 -6.85 -69.12
C TRP LE 386 -47.37 -6.18 -69.73
N TYR LE 387 -47.76 -6.64 -70.91
CA TYR LE 387 -48.98 -6.20 -71.58
C TYR LE 387 -49.99 -7.32 -71.63
N PHE LE 388 -51.20 -7.08 -71.15
CA PHE LE 388 -52.26 -8.08 -71.22
C PHE LE 388 -53.26 -7.65 -72.26
N PRO LE 389 -53.43 -8.37 -73.36
CA PRO LE 389 -54.49 -8.05 -74.31
C PRO LE 389 -55.85 -8.52 -73.81
N SER LE 390 -56.88 -8.06 -74.50
CA SER LE 390 -58.25 -8.33 -74.09
C SER LE 390 -58.64 -9.79 -74.26
N ALA ME 171 -56.74 -14.21 -153.27
CA ALA ME 171 -55.68 -14.16 -152.27
C ALA ME 171 -56.12 -14.86 -151.00
N GLU ME 172 -55.72 -16.12 -150.85
CA GLU ME 172 -56.13 -16.88 -149.69
C GLU ME 172 -55.41 -16.38 -148.45
N LEU ME 173 -55.98 -16.70 -147.29
CA LEU ME 173 -55.40 -16.24 -146.04
C LEU ME 173 -54.03 -16.84 -145.78
N ASP ME 174 -53.85 -18.12 -146.12
CA ASP ME 174 -52.56 -18.76 -145.89
C ASP ME 174 -51.42 -18.04 -146.62
N SER ME 175 -51.70 -17.45 -147.78
CA SER ME 175 -50.67 -16.75 -148.52
C SER ME 175 -50.24 -15.45 -147.85
N LEU ME 176 -51.06 -14.90 -146.98
CA LEU ME 176 -50.78 -13.62 -146.32
C LEU ME 176 -50.08 -13.74 -144.98
N LEU ME 177 -50.09 -14.91 -144.35
CA LEU ME 177 -49.51 -14.99 -143.02
C LEU ME 177 -48.00 -15.09 -143.00
N GLY ME 178 -47.34 -15.42 -144.11
CA GLY ME 178 -45.90 -15.58 -144.02
C GLY ME 178 -45.28 -16.70 -144.82
N GLN ME 179 -43.95 -16.76 -144.74
CA GLN ME 179 -43.19 -17.85 -145.33
C GLN ME 179 -43.26 -19.13 -144.50
N GLU ME 180 -43.18 -19.02 -143.18
CA GLU ME 180 -43.32 -20.18 -142.32
C GLU ME 180 -44.75 -20.71 -142.29
N LYS ME 181 -45.18 -21.33 -143.38
CA LYS ME 181 -46.56 -21.79 -143.52
C LYS ME 181 -47.01 -22.67 -142.35
N GLU ME 182 -46.12 -23.49 -141.83
CA GLU ME 182 -46.45 -24.49 -140.81
C GLU ME 182 -46.76 -23.89 -139.45
N ARG ME 183 -46.47 -22.61 -139.25
CA ARG ME 183 -46.62 -22.00 -137.94
C ARG ME 183 -48.09 -21.83 -137.52
N PHE ME 184 -49.03 -21.85 -138.46
CA PHE ME 184 -50.43 -21.50 -138.23
C PHE ME 184 -51.33 -22.58 -138.81
N GLN ME 185 -52.59 -22.62 -138.36
CA GLN ME 185 -53.53 -23.62 -138.91
C GLN ME 185 -54.88 -22.95 -139.15
N VAL ME 186 -55.39 -23.04 -140.37
CA VAL ME 186 -56.62 -22.38 -140.79
C VAL ME 186 -57.75 -23.38 -140.94
N LEU ME 187 -58.81 -23.21 -140.13
CA LEU ME 187 -59.97 -24.08 -140.14
C LEU ME 187 -61.23 -23.34 -140.58
N PRO ME 188 -62.03 -23.93 -141.46
CA PRO ME 188 -63.33 -23.33 -141.83
C PRO ME 188 -64.39 -23.59 -140.77
N GLY ME 189 -65.03 -22.54 -140.31
CA GLY ME 189 -66.07 -22.65 -139.29
C GLY ME 189 -67.45 -22.72 -139.92
N ARG ME 190 -68.35 -23.45 -139.25
CA ARG ME 190 -69.72 -23.57 -139.74
C ARG ME 190 -70.45 -22.25 -139.82
N ASP ME 191 -70.03 -21.24 -139.06
CA ASP ME 191 -70.63 -19.91 -139.09
C ASP ME 191 -70.13 -19.04 -140.24
N LYS ME 192 -69.52 -19.63 -141.27
CA LYS ME 192 -69.01 -18.88 -142.41
C LYS ME 192 -67.88 -17.92 -142.04
N MET ME 193 -66.93 -18.40 -141.26
CA MET ME 193 -65.84 -17.56 -140.79
C MET ME 193 -64.58 -18.42 -140.74
N LEU ME 194 -63.44 -17.82 -141.07
CA LEU ME 194 -62.16 -18.53 -140.97
C LEU ME 194 -61.53 -18.40 -139.59
N TYR ME 195 -61.19 -19.52 -138.97
CA TYR ME 195 -60.55 -19.55 -137.65
C TYR ME 195 -59.08 -19.93 -137.79
N VAL ME 196 -58.21 -19.05 -137.33
CA VAL ME 196 -56.77 -19.25 -137.36
C VAL ME 196 -56.33 -19.68 -135.97
N ALA ME 197 -55.82 -20.90 -135.88
CA ALA ME 197 -55.30 -21.47 -134.65
C ALA ME 197 -53.81 -21.17 -134.54
N ALA ME 198 -53.44 -20.55 -133.42
CA ALA ME 198 -52.09 -20.15 -133.06
C ALA ME 198 -51.62 -20.96 -131.85
N GLN ME 199 -50.30 -20.93 -131.60
CA GLN ME 199 -49.70 -21.67 -130.49
C GLN ME 199 -49.37 -20.80 -129.27
N ASN ME 200 -49.22 -19.50 -129.42
CA ASN ME 200 -48.76 -18.68 -128.31
C ASN ME 200 -49.17 -17.24 -128.56
N GLU ME 201 -48.93 -16.40 -127.56
CA GLU ME 201 -49.24 -14.97 -127.66
C GLU ME 201 -48.52 -14.26 -128.80
N ARG ME 202 -47.21 -14.38 -128.87
CA ARG ME 202 -46.45 -13.73 -129.93
C ARG ME 202 -47.01 -14.06 -131.31
N ASP ME 203 -47.22 -15.34 -131.60
CA ASP ME 203 -47.83 -15.74 -132.87
C ASP ME 203 -49.24 -15.20 -133.03
N THR ME 204 -50.01 -15.22 -131.95
CA THR ME 204 -51.35 -14.67 -131.96
C THR ME 204 -51.37 -13.22 -132.43
N LEU ME 205 -50.48 -12.41 -131.88
CA LEU ME 205 -50.40 -11.02 -132.33
C LEU ME 205 -49.86 -10.90 -133.75
N TRP ME 206 -48.95 -11.78 -134.15
CA TRP ME 206 -48.49 -11.77 -135.53
C TRP ME 206 -49.64 -11.98 -136.50
N ALA ME 207 -50.60 -12.82 -136.13
CA ALA ME 207 -51.77 -13.02 -136.97
C ALA ME 207 -52.74 -11.86 -136.87
N ARG ME 208 -53.10 -11.47 -135.65
CA ARG ME 208 -54.08 -10.40 -135.48
C ARG ME 208 -53.68 -9.12 -136.20
N GLN ME 209 -52.39 -8.80 -136.30
CA GLN ME 209 -52.03 -7.62 -137.06
C GLN ME 209 -52.48 -7.70 -138.52
N VAL ME 210 -52.42 -8.89 -139.11
CA VAL ME 210 -52.83 -9.03 -140.51
C VAL ME 210 -54.30 -8.69 -140.68
N LEU ME 211 -55.14 -9.24 -139.82
CA LEU ME 211 -56.58 -8.98 -139.90
C LEU ME 211 -56.89 -7.53 -139.58
N ALA ME 212 -56.36 -7.01 -138.48
CA ALA ME 212 -56.71 -5.68 -138.04
C ALA ME 212 -56.23 -4.61 -139.01
N ARG ME 213 -55.10 -4.83 -139.67
CA ARG ME 213 -54.73 -3.93 -140.75
C ARG ME 213 -55.78 -3.97 -141.85
N GLY ME 214 -56.48 -5.09 -142.00
CA GLY ME 214 -57.48 -5.24 -143.03
C GLY ME 214 -56.97 -5.77 -144.35
N ASP ME 215 -55.95 -6.62 -144.32
CA ASP ME 215 -55.44 -7.20 -145.55
C ASP ME 215 -56.38 -8.23 -146.15
N TYR ME 216 -57.23 -8.85 -145.33
CA TYR ME 216 -58.18 -9.86 -145.79
C TYR ME 216 -59.59 -9.29 -145.72
N ASP ME 217 -60.41 -9.62 -146.72
CA ASP ME 217 -61.72 -9.00 -146.87
C ASP ME 217 -62.86 -9.76 -146.20
N LYS ME 218 -62.82 -11.09 -146.20
CA LYS ME 218 -63.85 -11.86 -145.53
C LYS ME 218 -63.64 -11.90 -144.02
N ASN ME 219 -64.57 -12.56 -143.32
CA ASN ME 219 -64.49 -12.70 -141.87
C ASN ME 219 -63.49 -13.75 -141.41
N ALA ME 220 -62.76 -13.40 -140.36
CA ALA ME 220 -61.76 -14.29 -139.80
C ALA ME 220 -61.58 -13.95 -138.33
N ARG ME 221 -61.01 -14.89 -137.60
CA ARG ME 221 -60.84 -14.77 -136.17
C ARG ME 221 -59.59 -15.55 -135.79
N VAL ME 222 -58.92 -15.13 -134.73
CA VAL ME 222 -57.72 -15.79 -134.22
C VAL ME 222 -58.03 -16.42 -132.87
N ILE ME 223 -57.55 -17.64 -132.65
CA ILE ME 223 -57.83 -18.36 -131.41
C ILE ME 223 -56.62 -19.16 -130.94
N ASN ME 224 -56.61 -19.40 -129.63
CA ASN ME 224 -55.58 -20.21 -128.97
C ASN ME 224 -56.21 -20.88 -127.76
N GLU ME 225 -55.49 -21.90 -127.29
CA GLU ME 225 -55.98 -22.77 -126.23
C GLU ME 225 -56.28 -22.05 -124.91
N ASN ME 226 -55.45 -21.12 -124.47
CA ASN ME 226 -55.75 -20.50 -123.18
C ASN ME 226 -56.98 -19.61 -123.25
N GLU ME 227 -57.11 -18.81 -124.29
CA GLU ME 227 -58.30 -17.99 -124.44
C GLU ME 227 -59.55 -18.86 -124.47
N GLU ME 228 -59.51 -19.95 -125.22
CA GLU ME 228 -60.71 -20.77 -125.30
C GLU ME 228 -61.02 -21.46 -123.97
N ASN ME 229 -60.02 -21.92 -123.24
CA ASN ME 229 -60.31 -22.48 -121.93
C ASN ME 229 -61.01 -21.45 -121.05
N LYS ME 230 -60.54 -20.21 -121.07
CA LYS ME 230 -61.19 -19.19 -120.25
C LYS ME 230 -62.63 -18.94 -120.67
N ARG ME 231 -62.86 -18.77 -121.97
CA ARG ME 231 -64.21 -18.50 -122.46
C ARG ME 231 -65.18 -19.63 -122.09
N ILE ME 232 -64.76 -20.88 -122.29
CA ILE ME 232 -65.66 -21.97 -122.00
C ILE ME 232 -65.91 -22.08 -120.50
N SER ME 233 -64.89 -21.81 -119.68
CA SER ME 233 -65.14 -21.87 -118.25
C SER ME 233 -66.12 -20.80 -117.82
N ILE ME 234 -66.05 -19.63 -118.44
CA ILE ME 234 -67.02 -18.60 -118.10
C ILE ME 234 -68.43 -19.00 -118.48
N TRP ME 235 -68.61 -19.74 -119.57
CA TRP ME 235 -69.96 -20.19 -119.91
C TRP ME 235 -70.46 -21.28 -118.95
N LEU ME 236 -69.58 -22.24 -118.65
CA LEU ME 236 -69.92 -23.27 -117.67
C LEU ME 236 -70.35 -22.66 -116.35
N ASP ME 237 -69.67 -21.60 -115.92
CA ASP ME 237 -70.03 -20.92 -114.68
C ASP ME 237 -71.49 -20.54 -114.64
N THR ME 238 -72.09 -20.25 -115.79
CA THR ME 238 -73.48 -19.84 -115.80
C THR ME 238 -74.44 -21.01 -115.91
N TYR ME 239 -74.20 -21.95 -116.83
CA TYR ME 239 -75.21 -23.01 -116.99
C TYR ME 239 -74.95 -24.30 -116.22
N TYR ME 240 -73.75 -24.53 -115.74
CA TYR ME 240 -73.39 -25.73 -114.97
C TYR ME 240 -72.53 -25.30 -113.80
N PRO ME 241 -73.10 -24.54 -112.87
CA PRO ME 241 -72.29 -23.96 -111.78
C PRO ME 241 -71.75 -24.96 -110.77
N GLN ME 242 -72.02 -26.25 -110.89
CA GLN ME 242 -71.55 -27.22 -109.91
C GLN ME 242 -70.80 -28.37 -110.57
N LEU ME 243 -70.50 -28.27 -111.87
CA LEU ME 243 -69.74 -29.30 -112.55
C LEU ME 243 -68.27 -29.25 -112.15
N ALA ME 244 -67.72 -30.40 -111.76
CA ALA ME 244 -66.31 -30.56 -111.42
C ALA ME 244 -65.55 -31.08 -112.63
N TYR ME 245 -64.54 -30.33 -113.07
CA TYR ME 245 -63.81 -30.69 -114.27
C TYR ME 245 -62.40 -30.16 -114.18
N TYR ME 246 -61.53 -30.64 -115.07
CA TYR ME 246 -60.13 -30.24 -115.12
C TYR ME 246 -59.77 -29.29 -116.26
N ARG ME 247 -59.67 -29.78 -117.47
CA ARG ME 247 -59.22 -28.95 -118.57
C ARG ME 247 -59.73 -29.54 -119.88
N ILE ME 248 -59.81 -28.66 -120.89
CA ILE ME 248 -60.10 -29.05 -122.27
C ILE ME 248 -58.84 -28.95 -123.12
N HIS ME 249 -58.43 -30.08 -123.70
CA HIS ME 249 -57.24 -30.21 -124.53
C HIS ME 249 -57.58 -30.07 -126.01
N PHE ME 250 -56.77 -29.28 -126.72
CA PHE ME 250 -56.94 -29.01 -128.15
C PHE ME 250 -55.72 -29.44 -128.94
N ASP ME 251 -55.14 -30.58 -128.61
CA ASP ME 251 -54.02 -31.08 -129.40
C ASP ME 251 -54.45 -31.32 -130.84
N GLU ME 252 -55.64 -31.89 -131.02
CA GLU ME 252 -56.28 -32.08 -132.31
C GLU ME 252 -57.50 -31.17 -132.30
N PRO ME 253 -57.43 -29.99 -132.93
CA PRO ME 253 -58.52 -29.02 -132.75
C PRO ME 253 -59.86 -29.44 -133.32
N ARG ME 254 -59.92 -30.43 -134.20
CA ARG ME 254 -61.23 -30.89 -134.66
C ARG ME 254 -61.91 -31.85 -133.70
N LYS ME 255 -61.23 -32.37 -132.69
CA LYS ME 255 -61.83 -33.32 -131.76
C LYS ME 255 -61.27 -33.11 -130.37
N PRO ME 256 -61.72 -32.06 -129.69
CA PRO ME 256 -61.22 -31.79 -128.34
C PRO ME 256 -61.59 -32.88 -127.35
N VAL ME 257 -60.84 -32.90 -126.26
CA VAL ME 257 -60.97 -33.87 -125.18
C VAL ME 257 -61.25 -33.09 -123.90
N PHE ME 258 -62.34 -33.42 -123.23
CA PHE ME 258 -62.78 -32.74 -122.02
C PHE ME 258 -62.68 -33.70 -120.84
N TRP ME 259 -61.84 -33.36 -119.87
CA TRP ME 259 -61.61 -34.18 -118.68
C TRP ME 259 -62.51 -33.83 -117.52
N LEU ME 260 -63.29 -34.79 -117.04
CA LEU ME 260 -64.19 -34.61 -115.91
C LEU ME 260 -63.71 -35.48 -114.77
N SER ME 261 -63.95 -35.04 -113.54
CA SER ME 261 -63.73 -35.91 -112.39
C SER ME 261 -64.74 -37.04 -112.37
N ARG ME 262 -64.26 -38.24 -112.04
CA ARG ME 262 -65.16 -39.37 -111.79
C ARG ME 262 -65.86 -39.31 -110.43
N GLN ME 263 -65.14 -39.02 -109.36
CA GLN ME 263 -65.78 -39.10 -108.05
C GLN ME 263 -66.72 -37.93 -107.79
N ARG ME 264 -66.33 -36.74 -108.18
CA ARG ME 264 -67.09 -35.56 -107.77
C ARG ME 264 -68.30 -35.29 -108.65
N ASN ME 265 -68.33 -35.77 -109.88
CA ASN ME 265 -69.53 -35.61 -110.68
C ASN ME 265 -70.46 -36.80 -110.49
N THR ME 266 -71.73 -36.59 -110.84
CA THR ME 266 -72.67 -37.70 -110.97
C THR ME 266 -73.73 -37.35 -112.01
N MET ME 267 -73.68 -38.00 -113.17
CA MET ME 267 -74.50 -37.64 -114.31
C MET ME 267 -74.80 -38.91 -115.08
N SER ME 268 -75.90 -38.88 -115.82
CA SER ME 268 -76.25 -40.00 -116.70
C SER ME 268 -75.66 -39.82 -118.09
N LYS ME 269 -75.67 -40.92 -118.84
CA LYS ME 269 -75.21 -40.89 -120.23
C LYS ME 269 -75.98 -39.87 -121.06
N LYS ME 270 -77.29 -39.80 -120.88
CA LYS ME 270 -78.08 -38.81 -121.59
C LYS ME 270 -77.61 -37.38 -121.29
N GLU ME 271 -77.42 -37.08 -120.02
CA GLU ME 271 -76.92 -35.76 -119.63
C GLU ME 271 -75.56 -35.48 -120.23
N LEU ME 272 -74.67 -36.46 -120.20
CA LEU ME 272 -73.37 -36.28 -120.84
C LEU ME 272 -73.50 -35.98 -122.32
N GLU ME 273 -74.39 -36.68 -123.02
CA GLU ME 273 -74.62 -36.39 -124.42
C GLU ME 273 -75.14 -34.98 -124.65
N VAL ME 274 -76.11 -34.54 -123.86
CA VAL ME 274 -76.61 -33.18 -123.97
C VAL ME 274 -75.49 -32.17 -123.76
N LEU ME 275 -74.71 -32.34 -122.70
CA LEU ME 275 -73.55 -31.51 -122.47
C LEU ME 275 -72.62 -31.47 -123.67
N SER ME 276 -72.33 -32.64 -124.22
CA SER ME 276 -71.52 -32.74 -125.41
C SER ME 276 -72.06 -31.88 -126.54
N GLN ME 277 -73.35 -32.00 -126.80
CA GLN ME 277 -73.93 -31.21 -127.89
C GLN ME 277 -73.88 -29.71 -127.62
N LYS ME 278 -74.11 -29.29 -126.39
CA LYS ME 278 -74.04 -27.85 -126.11
C LYS ME 278 -72.62 -27.32 -126.27
N LEU ME 279 -71.62 -28.08 -125.84
CA LEU ME 279 -70.24 -27.68 -126.12
C LEU ME 279 -70.00 -27.59 -127.61
N ARG ME 280 -70.48 -28.58 -128.37
CA ARG ME 280 -70.29 -28.52 -129.80
C ARG ME 280 -70.95 -27.29 -130.38
N ALA ME 281 -72.05 -26.84 -129.79
CA ALA ME 281 -72.68 -25.63 -130.31
C ALA ME 281 -71.85 -24.40 -129.97
N LEU ME 282 -71.11 -24.42 -128.85
CA LEU ME 282 -70.24 -23.30 -128.54
C LEU ME 282 -69.00 -23.25 -129.42
N MET ME 283 -68.56 -24.37 -129.96
CA MET ME 283 -67.31 -24.40 -130.71
C MET ME 283 -67.60 -24.72 -132.17
N PRO ME 284 -67.90 -23.71 -132.99
CA PRO ME 284 -68.24 -23.98 -134.39
C PRO ME 284 -67.11 -24.50 -135.24
N TYR ME 285 -65.89 -24.59 -134.74
CA TYR ME 285 -64.81 -25.16 -135.52
C TYR ME 285 -64.55 -26.62 -135.18
N ALA ME 286 -65.21 -27.16 -134.15
CA ALA ME 286 -64.98 -28.53 -133.72
C ALA ME 286 -66.10 -29.43 -134.21
N ASP ME 287 -65.72 -30.61 -134.71
CA ASP ME 287 -66.72 -31.56 -135.18
C ASP ME 287 -67.37 -32.36 -134.06
N SER ME 288 -66.67 -32.59 -132.96
CA SER ME 288 -67.25 -33.32 -131.84
C SER ME 288 -66.37 -33.13 -130.63
N VAL ME 289 -66.94 -33.39 -129.45
CA VAL ME 289 -66.21 -33.28 -128.19
C VAL ME 289 -66.24 -34.63 -127.50
N ASN ME 290 -65.07 -35.13 -127.13
CA ASN ME 290 -64.94 -36.41 -126.44
C ASN ME 290 -64.82 -36.14 -124.96
N ILE ME 291 -65.69 -36.74 -124.15
CA ILE ME 291 -65.66 -36.59 -122.70
C ILE ME 291 -65.00 -37.81 -122.07
N THR ME 292 -63.97 -37.56 -121.26
CA THR ME 292 -63.19 -38.58 -120.58
C THR ME 292 -63.19 -38.35 -119.08
N LEU ME 293 -63.37 -39.42 -118.32
CA LEU ME 293 -63.38 -39.38 -116.85
C LEU ME 293 -62.00 -39.72 -116.30
N MET ME 294 -61.47 -38.86 -115.45
CA MET ME 294 -60.15 -38.97 -114.86
C MET ME 294 -60.28 -39.17 -113.35
N ASP ME 295 -59.25 -39.74 -112.75
CA ASP ME 295 -59.19 -39.98 -111.31
C ASP ME 295 -58.44 -38.92 -110.52
N ASP ME 296 -59.13 -38.39 -109.51
CA ASP ME 296 -58.55 -37.38 -108.62
C ASP ME 296 -57.35 -37.92 -107.86
N VAL ME 297 -57.45 -39.14 -107.33
CA VAL ME 297 -56.32 -39.71 -106.61
C VAL ME 297 -55.09 -39.79 -107.51
N THR ME 298 -55.28 -40.14 -108.77
CA THR ME 298 -54.18 -40.14 -109.71
C THR ME 298 -53.55 -38.76 -109.83
N ALA ME 299 -54.37 -37.74 -110.09
CA ALA ME 299 -53.84 -36.38 -110.16
C ALA ME 299 -53.01 -36.00 -108.94
N ALA ME 300 -53.61 -36.09 -107.76
CA ALA ME 300 -52.90 -35.77 -106.52
C ALA ME 300 -51.61 -36.58 -106.34
N GLY ME 301 -51.65 -37.87 -106.66
CA GLY ME 301 -50.46 -38.67 -106.51
C GLY ME 301 -49.34 -38.22 -107.42
N GLN ME 302 -49.65 -37.93 -108.68
CA GLN ME 302 -48.61 -37.41 -109.56
C GLN ME 302 -48.04 -36.09 -109.06
N ALA ME 303 -48.87 -35.23 -108.48
CA ALA ME 303 -48.36 -34.00 -107.88
C ALA ME 303 -47.33 -34.27 -106.79
N GLU ME 304 -47.69 -35.13 -105.84
CA GLU ME 304 -46.76 -35.40 -104.75
C GLU ME 304 -45.52 -36.14 -105.23
N ALA ME 305 -45.69 -37.08 -106.16
CA ALA ME 305 -44.54 -37.76 -106.72
C ALA ME 305 -43.55 -36.80 -107.38
N GLY ME 306 -44.04 -35.82 -108.13
CA GLY ME 306 -43.14 -34.84 -108.70
C GLY ME 306 -42.43 -33.99 -107.67
N LEU ME 307 -43.11 -33.64 -106.58
CA LEU ME 307 -42.39 -32.92 -105.53
C LEU ME 307 -41.28 -33.77 -104.93
N LYS ME 308 -41.59 -35.00 -104.58
CA LYS ME 308 -40.54 -35.84 -104.01
C LYS ME 308 -39.40 -36.04 -104.99
N GLN ME 309 -39.73 -36.23 -106.26
CA GLN ME 309 -38.70 -36.39 -107.28
C GLN ME 309 -37.78 -35.20 -107.37
N GLN ME 310 -38.26 -34.02 -107.04
CA GLN ME 310 -37.35 -32.87 -106.98
C GLN ME 310 -36.71 -32.67 -105.61
N ALA ME 311 -37.18 -33.39 -104.60
CA ALA ME 311 -36.73 -33.17 -103.23
C ALA ME 311 -36.92 -31.73 -102.75
N LEU ME 312 -38.01 -31.15 -103.14
CA LEU ME 312 -38.42 -29.87 -102.58
C LEU ME 312 -39.03 -30.07 -101.19
N PRO ME 313 -38.76 -29.21 -100.22
CA PRO ME 313 -39.47 -29.29 -98.95
C PRO ME 313 -40.88 -28.74 -99.09
N TYR ME 314 -41.85 -29.40 -98.47
CA TYR ME 314 -43.23 -29.02 -98.69
C TYR ME 314 -44.13 -29.53 -97.58
N SER ME 315 -45.34 -28.94 -97.52
CA SER ME 315 -46.44 -29.43 -96.72
C SER ME 315 -47.66 -29.70 -97.59
N ARG ME 316 -48.45 -30.69 -97.20
CA ARG ME 316 -49.69 -31.05 -97.90
C ARG ME 316 -50.90 -30.81 -97.01
N ARG ME 317 -51.92 -30.18 -97.55
CA ARG ME 317 -53.18 -29.92 -96.87
C ARG ME 317 -54.34 -30.39 -97.74
N ASN ME 318 -55.28 -31.12 -97.15
CA ASN ME 318 -56.42 -31.67 -97.88
C ASN ME 318 -57.73 -31.05 -97.45
N HIS ME 319 -58.60 -30.80 -98.44
CA HIS ME 319 -59.91 -30.25 -98.24
C HIS ME 319 -60.88 -31.06 -99.07
N LYS ME 320 -62.16 -30.86 -98.80
CA LYS ME 320 -63.21 -31.58 -99.53
C LYS ME 320 -63.02 -31.43 -101.02
N GLY ME 321 -62.80 -30.22 -101.47
CA GLY ME 321 -62.70 -29.97 -102.89
C GLY ME 321 -61.31 -29.95 -103.47
N GLY ME 322 -60.25 -30.18 -102.69
CA GLY ME 322 -58.95 -29.90 -103.28
C GLY ME 322 -57.79 -30.19 -102.36
N VAL ME 323 -56.60 -30.04 -102.92
CA VAL ME 323 -55.33 -30.27 -102.27
C VAL ME 323 -54.46 -29.04 -102.43
N THR ME 324 -53.72 -28.68 -101.38
CA THR ME 324 -52.82 -27.54 -101.43
C THR ME 324 -51.45 -27.96 -100.93
N PHE ME 325 -50.42 -27.61 -101.70
CA PHE ME 325 -49.03 -27.87 -101.34
C PHE ME 325 -48.35 -26.54 -101.11
N VAL ME 326 -47.78 -26.36 -99.93
CA VAL ME 326 -47.08 -25.14 -99.54
C VAL ME 326 -45.59 -25.38 -99.47
N ILE ME 327 -44.84 -24.49 -100.13
CA ILE ME 327 -43.38 -24.52 -100.22
C ILE ME 327 -42.93 -23.14 -99.75
N GLN ME 328 -42.31 -23.07 -98.57
CA GLN ME 328 -42.03 -21.76 -98.01
C GLN ME 328 -40.80 -21.74 -97.11
N GLY ME 329 -40.23 -20.54 -96.96
CA GLY ME 329 -39.08 -20.30 -96.12
C GLY ME 329 -37.90 -19.74 -96.89
N ALA ME 330 -36.71 -20.00 -96.38
CA ALA ME 330 -35.43 -19.60 -96.98
C ALA ME 330 -34.99 -20.55 -98.10
N LEU ME 331 -35.74 -20.51 -99.19
CA LEU ME 331 -35.41 -21.37 -100.33
C LEU ME 331 -34.10 -20.92 -100.96
N ASP ME 332 -33.48 -21.85 -101.69
CA ASP ME 332 -32.27 -21.60 -102.45
C ASP ME 332 -32.56 -21.43 -103.92
N ASP ME 333 -31.69 -20.69 -104.60
CA ASP ME 333 -31.83 -20.43 -106.03
C ASP ME 333 -32.14 -21.69 -106.85
N VAL ME 334 -31.43 -22.77 -106.58
CA VAL ME 334 -31.62 -23.98 -107.38
C VAL ME 334 -33.00 -24.56 -107.12
N GLU ME 335 -33.44 -24.51 -105.87
CA GLU ME 335 -34.78 -24.97 -105.54
C GLU ME 335 -35.83 -24.12 -106.23
N ILE ME 336 -35.72 -22.80 -106.10
CA ILE ME 336 -36.67 -21.92 -106.79
C ILE ME 336 -36.77 -22.27 -108.26
N LEU ME 337 -35.63 -22.45 -108.93
CA LEU ME 337 -35.68 -22.80 -110.35
C LEU ME 337 -36.41 -24.10 -110.61
N ARG ME 338 -36.00 -25.19 -109.94
CA ARG ME 338 -36.68 -26.46 -110.13
C ARG ME 338 -38.18 -26.36 -109.88
N ALA ME 339 -38.56 -25.77 -108.75
CA ALA ME 339 -39.96 -25.59 -108.41
C ALA ME 339 -40.75 -24.90 -109.51
N ARG ME 340 -40.32 -23.71 -109.91
CA ARG ME 340 -41.06 -23.03 -110.98
C ARG ME 340 -41.19 -23.88 -112.24
N GLN ME 341 -40.12 -24.58 -112.62
CA GLN ME 341 -40.23 -25.43 -113.82
C GLN ME 341 -41.26 -26.54 -113.65
N PHE ME 342 -41.19 -27.28 -112.54
CA PHE ME 342 -42.15 -28.35 -112.31
C PHE ME 342 -43.58 -27.85 -112.30
N VAL ME 343 -43.86 -26.85 -111.47
CA VAL ME 343 -45.21 -26.29 -111.39
C VAL ME 343 -45.70 -25.90 -112.78
N ASP ME 344 -44.89 -25.18 -113.53
CA ASP ME 344 -45.34 -24.77 -114.85
C ASP ME 344 -45.60 -25.96 -115.76
N SER ME 345 -44.90 -27.07 -115.56
CA SER ME 345 -45.18 -28.26 -116.37
C SER ME 345 -46.53 -28.87 -116.00
N TYR ME 346 -46.75 -29.09 -114.71
CA TYR ME 346 -47.99 -29.67 -114.21
C TYR ME 346 -49.22 -28.88 -114.58
N TYR ME 347 -49.19 -27.57 -114.35
CA TYR ME 347 -50.35 -26.75 -114.64
C TYR ME 347 -50.80 -26.91 -116.07
N ARG ME 348 -49.87 -27.06 -117.01
CA ARG ME 348 -50.30 -27.19 -118.39
C ARG ME 348 -51.07 -28.47 -118.66
N THR ME 349 -50.88 -29.50 -117.84
CA THR ME 349 -51.60 -30.76 -118.01
C THR ME 349 -52.93 -30.77 -117.29
N TRP ME 350 -52.90 -30.53 -115.98
CA TRP ME 350 -54.08 -30.65 -115.12
C TRP ME 350 -54.81 -29.34 -114.84
N GLY ME 351 -54.29 -28.19 -115.24
CA GLY ME 351 -54.90 -26.94 -114.85
C GLY ME 351 -54.73 -26.62 -113.37
N GLY ME 352 -55.32 -25.50 -112.97
CA GLY ME 352 -55.27 -25.05 -111.59
C GLY ME 352 -56.52 -25.16 -110.74
N ARG ME 353 -57.43 -26.06 -111.09
CA ARG ME 353 -58.69 -26.16 -110.38
C ARG ME 353 -58.62 -27.08 -109.18
N TYR ME 354 -58.01 -28.25 -109.29
CA TYR ME 354 -58.02 -29.16 -108.16
C TYR ME 354 -56.83 -29.00 -107.22
N VAL ME 355 -55.60 -28.88 -107.73
CA VAL ME 355 -54.40 -28.80 -106.90
C VAL ME 355 -53.74 -27.43 -107.04
N GLN ME 356 -53.40 -26.83 -105.90
CA GLN ME 356 -52.77 -25.52 -105.78
C GLN ME 356 -51.38 -25.60 -105.19
N PHE ME 357 -50.45 -24.81 -105.73
CA PHE ME 357 -49.08 -24.68 -105.26
C PHE ME 357 -48.81 -23.24 -104.84
N ALA ME 358 -48.41 -23.04 -103.58
CA ALA ME 358 -48.08 -21.74 -103.04
C ALA ME 358 -46.61 -21.67 -102.66
N ILE ME 359 -45.88 -20.73 -103.27
CA ILE ME 359 -44.44 -20.54 -103.05
C ILE ME 359 -44.22 -19.18 -102.39
N GLU ME 360 -43.72 -19.18 -101.16
CA GLU ME 360 -43.50 -17.95 -100.41
C GLU ME 360 -42.15 -17.94 -99.70
N LEU ME 361 -41.35 -16.91 -99.94
CA LEU ME 361 -40.09 -16.72 -99.23
C LEU ME 361 -40.28 -16.05 -97.88
N LYS ME 362 -39.71 -16.66 -96.85
CA LYS ME 362 -39.75 -16.17 -95.48
C LYS ME 362 -38.35 -16.25 -94.93
N ASP ME 363 -38.03 -15.35 -93.99
CA ASP ME 363 -36.77 -15.42 -93.26
C ASP ME 363 -36.86 -16.50 -92.17
N ASP ME 364 -36.87 -17.75 -92.64
CA ASP ME 364 -37.06 -18.92 -91.80
C ASP ME 364 -36.16 -20.04 -92.31
N TRP ME 365 -35.10 -20.33 -91.57
CA TRP ME 365 -34.14 -21.35 -91.98
C TRP ME 365 -34.71 -22.76 -91.95
N LEU ME 366 -35.71 -23.05 -91.12
CA LEU ME 366 -36.23 -24.41 -91.07
C LEU ME 366 -37.11 -24.77 -92.27
N LYS ME 367 -37.45 -23.81 -93.11
CA LYS ME 367 -38.27 -24.04 -94.31
C LYS ME 367 -39.63 -24.67 -94.02
N GLY ME 368 -40.38 -24.05 -93.11
CA GLY ME 368 -41.71 -24.47 -92.70
C GLY ME 368 -41.83 -25.56 -91.64
N ARG ME 369 -40.80 -26.34 -91.36
CA ARG ME 369 -40.91 -27.23 -90.23
C ARG ME 369 -41.05 -26.40 -88.95
N SER ME 370 -41.64 -27.01 -87.92
CA SER ME 370 -41.74 -26.32 -86.65
C SER ME 370 -41.86 -27.33 -85.53
N PHE ME 371 -41.22 -27.03 -84.39
CA PHE ME 371 -41.20 -27.96 -83.28
C PHE ME 371 -41.33 -27.20 -81.97
N GLN ME 372 -41.80 -27.93 -80.96
CA GLN ME 372 -41.93 -27.42 -79.62
C GLN ME 372 -41.19 -28.36 -78.69
N TYR ME 373 -40.48 -27.79 -77.71
CA TYR ME 373 -39.60 -28.56 -76.85
C TYR ME 373 -40.20 -28.74 -75.46
N GLY ME 374 -40.10 -29.97 -74.94
CA GLY ME 374 -40.72 -30.29 -73.68
C GLY ME 374 -40.00 -31.42 -72.97
N ALA ME 375 -40.56 -31.89 -71.87
CA ALA ME 375 -39.86 -32.85 -71.02
C ALA ME 375 -39.50 -34.14 -71.75
N GLU ME 376 -40.30 -34.55 -72.74
CA GLU ME 376 -39.98 -35.74 -73.50
C GLU ME 376 -39.08 -35.48 -74.71
N GLY ME 377 -38.83 -34.22 -75.05
CA GLY ME 377 -38.11 -33.90 -76.25
C GLY ME 377 -38.90 -32.99 -77.17
N TYR ME 378 -38.55 -32.97 -78.44
CA TYR ME 378 -39.32 -32.23 -79.41
C TYR ME 378 -40.60 -32.95 -79.79
N ILE ME 379 -41.63 -32.17 -80.09
CA ILE ME 379 -42.82 -32.66 -80.78
C ILE ME 379 -43.07 -31.71 -81.94
N LYS ME 380 -43.61 -32.24 -83.03
CA LYS ME 380 -43.93 -31.39 -84.17
C LYS ME 380 -45.11 -30.50 -83.86
N MET ME 381 -45.03 -29.25 -84.31
CA MET ME 381 -46.17 -28.35 -84.23
C MET ME 381 -47.19 -28.70 -85.31
N SER ME 382 -48.42 -28.23 -85.11
CA SER ME 382 -49.37 -28.20 -86.21
C SER ME 382 -49.07 -27.08 -87.19
N PRO ME 383 -49.56 -27.19 -88.42
CA PRO ME 383 -49.50 -26.07 -89.36
C PRO ME 383 -50.08 -24.79 -88.80
N GLY ME 384 -49.53 -23.65 -89.24
CA GLY ME 384 -50.04 -22.38 -88.79
C GLY ME 384 -49.43 -21.22 -89.56
N HIS ME 385 -50.09 -20.07 -89.43
CA HIS ME 385 -49.63 -18.83 -90.06
C HIS ME 385 -48.38 -18.27 -89.42
N TRP ME 386 -48.32 -18.31 -88.08
CA TRP ME 386 -47.16 -17.84 -87.33
C TRP ME 386 -45.89 -18.64 -87.62
N TYR ME 387 -44.77 -17.92 -87.74
CA TYR ME 387 -43.46 -18.50 -87.93
C TYR ME 387 -42.42 -17.69 -87.16
N PHE ME 388 -41.45 -18.42 -86.59
CA PHE ME 388 -40.35 -17.84 -85.82
C PHE ME 388 -39.19 -17.42 -86.71
N PRO ME 389 -38.98 -16.12 -86.94
CA PRO ME 389 -37.84 -15.69 -87.75
C PRO ME 389 -36.53 -16.23 -87.18
N SER ME 390 -35.69 -16.74 -88.08
CA SER ME 390 -34.40 -17.33 -87.74
C SER ME 390 -33.42 -16.34 -87.13
N PRO ME 391 -33.09 -16.46 -85.85
CA PRO ME 391 -32.02 -15.63 -85.29
C PRO ME 391 -30.68 -15.80 -85.99
N LEU ME 392 -30.36 -17.02 -86.44
CA LEU ME 392 -29.08 -17.26 -87.11
C LEU ME 392 -28.88 -16.28 -88.27
N ALA NE 171 -32.47 -27.41 -158.84
CA ALA NE 171 -31.70 -27.05 -157.66
C ALA NE 171 -32.20 -27.81 -156.44
N GLU NE 172 -31.54 -28.91 -156.11
CA GLU NE 172 -31.97 -29.67 -154.96
C GLU NE 172 -31.61 -28.95 -153.68
N LEU NE 173 -32.27 -29.37 -152.60
CA LEU NE 173 -32.05 -28.75 -151.31
C LEU NE 173 -30.65 -29.02 -150.79
N ASP NE 174 -30.12 -30.22 -151.00
CA ASP NE 174 -28.78 -30.52 -150.52
C ASP NE 174 -27.75 -29.58 -151.12
N SER NE 175 -27.98 -29.10 -152.34
CA SER NE 175 -27.05 -28.18 -152.98
C SER NE 175 -27.02 -26.81 -152.35
N LEU NE 176 -28.05 -26.46 -151.58
CA LEU NE 176 -28.18 -25.14 -150.96
C LEU NE 176 -27.62 -25.04 -149.55
N LEU NE 177 -27.43 -26.17 -148.86
CA LEU NE 177 -27.03 -26.11 -147.47
C LEU NE 177 -25.54 -25.85 -147.26
N GLY NE 178 -24.71 -25.98 -148.28
CA GLY NE 178 -23.29 -25.81 -148.05
C GLY NE 178 -22.33 -26.71 -148.79
N GLN NE 179 -21.04 -26.51 -148.51
CA GLN NE 179 -20.00 -27.36 -149.03
C GLN NE 179 -19.85 -28.68 -148.26
N GLU NE 180 -19.94 -28.67 -146.94
CA GLU NE 180 -19.83 -29.92 -146.19
C GLU NE 180 -21.12 -30.72 -146.35
N LYS NE 181 -21.21 -31.39 -147.50
CA LYS NE 181 -22.45 -32.03 -147.93
C LYS NE 181 -23.01 -32.99 -146.88
N GLU NE 182 -22.14 -33.67 -146.16
CA GLU NE 182 -22.53 -34.69 -145.20
C GLU NE 182 -23.07 -34.15 -143.89
N ARG NE 183 -22.97 -32.85 -143.64
CA ARG NE 183 -23.34 -32.29 -142.35
C ARG NE 183 -24.84 -32.45 -142.04
N PHE NE 184 -25.68 -32.66 -143.05
CA PHE NE 184 -27.14 -32.62 -142.95
C PHE NE 184 -27.70 -33.86 -143.62
N GLN NE 185 -28.95 -34.19 -143.32
CA GLN NE 185 -29.56 -35.35 -143.95
C GLN NE 185 -30.98 -35.02 -144.41
N VAL NE 186 -31.25 -35.25 -145.69
CA VAL NE 186 -32.54 -34.97 -146.32
C VAL NE 186 -33.39 -36.23 -146.37
N LEU NE 187 -34.63 -36.13 -145.89
CA LEU NE 187 -35.55 -37.26 -145.89
C LEU NE 187 -36.88 -36.84 -146.52
N PRO NE 188 -37.40 -37.60 -147.49
CA PRO NE 188 -38.75 -37.35 -148.01
C PRO NE 188 -39.82 -37.87 -147.06
N GLY NE 189 -40.91 -37.14 -146.92
CA GLY NE 189 -42.00 -37.54 -146.05
C GLY NE 189 -43.28 -37.85 -146.79
N ARG NE 190 -44.09 -38.74 -146.20
CA ARG NE 190 -45.38 -39.11 -146.78
C ARG NE 190 -46.32 -37.91 -146.88
N ASP NE 191 -46.05 -36.84 -146.14
CA ASP NE 191 -46.79 -35.59 -146.23
C ASP NE 191 -46.37 -34.74 -147.42
N LYS NE 192 -45.52 -35.27 -148.29
CA LYS NE 192 -45.01 -34.53 -149.44
C LYS NE 192 -44.20 -33.32 -149.00
N MET NE 193 -43.36 -33.51 -147.99
CA MET NE 193 -42.56 -32.41 -147.44
C MET NE 193 -41.17 -32.95 -147.17
N LEU NE 194 -40.15 -32.13 -147.44
CA LEU NE 194 -38.78 -32.52 -147.14
C LEU NE 194 -38.42 -32.21 -145.69
N TYR NE 195 -37.82 -33.18 -145.01
CA TYR NE 195 -37.36 -33.04 -143.64
C TYR NE 195 -35.84 -33.04 -143.59
N VAL NE 196 -35.27 -31.94 -143.11
CA VAL NE 196 -33.84 -31.77 -142.96
C VAL NE 196 -33.47 -32.11 -141.51
N ALA NE 197 -32.74 -33.21 -141.35
CA ALA NE 197 -32.28 -33.67 -140.05
C ALA NE 197 -30.91 -33.06 -139.75
N ALA NE 198 -30.85 -32.35 -138.63
CA ALA NE 198 -29.68 -31.67 -138.09
C ALA NE 198 -29.22 -32.34 -136.80
N GLN NE 199 -27.98 -32.05 -136.40
CA GLN NE 199 -27.38 -32.63 -135.21
C GLN NE 199 -27.38 -31.74 -133.98
N ASN NE 200 -27.51 -30.43 -134.12
CA ASN NE 200 -27.38 -29.55 -132.96
C ASN NE 200 -28.08 -28.24 -133.26
N GLU NE 201 -28.15 -27.39 -132.24
CA GLU NE 201 -28.76 -26.07 -132.38
C GLU NE 201 -28.09 -25.20 -133.44
N ARG NE 202 -26.77 -25.05 -133.36
CA ARG NE 202 -26.06 -24.24 -134.33
C ARG NE 202 -26.38 -24.65 -135.77
N ASP NE 203 -26.29 -25.94 -136.06
CA ASP NE 203 -26.64 -26.45 -137.38
C ASP NE 203 -28.11 -26.23 -137.70
N THR NE 204 -28.97 -26.39 -136.71
CA THR NE 204 -30.39 -26.12 -136.91
C THR NE 204 -30.63 -24.70 -137.41
N LEU NE 205 -30.01 -23.71 -136.78
CA LEU NE 205 -30.19 -22.35 -137.26
C LEU NE 205 -29.50 -22.09 -138.59
N TRP NE 206 -28.38 -22.74 -138.84
CA TRP NE 206 -27.78 -22.64 -140.17
C TRP NE 206 -28.73 -23.12 -141.24
N ALA NE 207 -29.49 -24.16 -140.97
CA ALA NE 207 -30.46 -24.65 -141.95
C ALA NE 207 -31.68 -23.73 -142.05
N ARG NE 208 -32.29 -23.42 -140.92
CA ARG NE 208 -33.51 -22.60 -140.93
C ARG NE 208 -33.32 -21.28 -141.66
N GLN NE 209 -32.13 -20.69 -141.59
CA GLN NE 209 -31.91 -19.45 -142.35
C GLN NE 209 -32.20 -19.63 -143.84
N VAL NE 210 -31.79 -20.75 -144.42
CA VAL NE 210 -31.99 -20.96 -145.86
C VAL NE 210 -33.47 -20.99 -146.21
N LEU NE 211 -34.25 -21.71 -145.43
CA LEU NE 211 -35.69 -21.77 -145.68
C LEU NE 211 -36.35 -20.41 -145.46
N ALA NE 212 -36.09 -19.79 -144.32
CA ALA NE 212 -36.77 -18.55 -143.98
C ALA NE 212 -36.42 -17.43 -144.94
N ARG NE 213 -35.19 -17.40 -145.45
CA ARG NE 213 -34.86 -16.44 -146.49
C ARG NE 213 -35.68 -16.68 -147.74
N GLY NE 214 -36.13 -17.92 -147.94
CA GLY NE 214 -36.90 -18.29 -149.11
C GLY NE 214 -36.11 -18.75 -150.31
N ASP NE 215 -34.94 -19.34 -150.10
CA ASP NE 215 -34.16 -19.85 -151.22
C ASP NE 215 -34.75 -21.11 -151.83
N TYR NE 216 -35.66 -21.79 -151.14
CA TYR NE 216 -36.30 -22.99 -151.65
C TYR NE 216 -37.80 -22.77 -151.75
N ASP NE 217 -38.42 -23.45 -152.72
CA ASP NE 217 -39.79 -23.16 -153.11
C ASP NE 217 -40.82 -24.21 -152.73
N LYS NE 218 -40.46 -25.49 -152.69
CA LYS NE 218 -41.35 -26.48 -152.10
C LYS NE 218 -41.32 -26.43 -150.58
N ASN NE 219 -42.15 -27.28 -149.95
CA ASN NE 219 -42.18 -27.36 -148.50
C ASN NE 219 -41.03 -28.15 -147.90
N ALA NE 220 -40.51 -27.63 -146.79
CA ALA NE 220 -39.42 -28.26 -146.07
C ALA NE 220 -39.51 -27.85 -144.61
N ARG NE 221 -38.88 -28.63 -143.77
CA ARG NE 221 -38.91 -28.42 -142.33
C ARG NE 221 -37.60 -28.92 -141.75
N VAL NE 222 -37.16 -28.33 -140.64
CA VAL NE 222 -35.93 -28.69 -139.97
C VAL NE 222 -36.24 -29.38 -138.64
N ILE NE 223 -35.52 -30.45 -138.34
CA ILE NE 223 -35.77 -31.24 -137.14
C ILE NE 223 -34.48 -31.72 -136.47
N ASN NE 224 -34.59 -32.00 -135.18
CA ASN NE 224 -33.52 -32.55 -134.37
C ASN NE 224 -34.13 -33.37 -133.25
N GLU NE 225 -33.29 -34.21 -132.65
CA GLU NE 225 -33.74 -35.17 -131.65
C GLU NE 225 -34.40 -34.54 -130.43
N ASN NE 226 -33.85 -33.46 -129.89
CA ASN NE 226 -34.45 -32.92 -128.67
C ASN NE 226 -35.83 -32.34 -128.95
N GLU NE 227 -35.97 -31.60 -130.03
CA GLU NE 227 -37.27 -31.06 -130.40
C GLU NE 227 -38.29 -32.17 -130.56
N GLU NE 228 -37.88 -33.26 -131.22
CA GLU NE 228 -38.85 -34.33 -131.44
C GLU NE 228 -39.20 -35.05 -130.14
N ASN NE 229 -38.23 -35.26 -129.26
CA ASN NE 229 -38.57 -35.86 -127.98
C ASN NE 229 -39.59 -35.03 -127.23
N LYS NE 230 -39.41 -33.71 -127.22
CA LYS NE 230 -40.38 -32.85 -126.54
C LYS NE 230 -41.77 -32.93 -127.15
N ARG NE 231 -41.86 -32.83 -128.48
CA ARG NE 231 -43.16 -32.90 -129.12
C ARG NE 231 -43.88 -34.22 -128.83
N ILE NE 232 -43.16 -35.33 -128.92
CA ILE NE 232 -43.83 -36.61 -128.69
C ILE NE 232 -44.23 -36.75 -127.23
N SER NE 233 -43.43 -36.24 -126.30
CA SER NE 233 -43.82 -36.34 -124.91
C SER NE 233 -45.08 -35.53 -124.65
N ILE NE 234 -45.21 -34.38 -125.29
CA ILE NE 234 -46.42 -33.59 -125.12
C ILE NE 234 -47.64 -34.32 -125.65
N TRP NE 235 -47.49 -35.10 -126.73
CA TRP NE 235 -48.67 -35.84 -127.20
C TRP NE 235 -49.02 -37.00 -126.27
N LEU NE 236 -48.00 -37.73 -125.83
CA LEU NE 236 -48.22 -38.80 -124.86
C LEU NE 236 -48.91 -38.30 -123.61
N ASP NE 237 -48.55 -37.11 -123.13
CA ASP NE 237 -49.19 -36.54 -121.95
C ASP NE 237 -50.70 -36.52 -122.08
N THR NE 238 -51.22 -36.36 -123.28
CA THR NE 238 -52.66 -36.28 -123.47
C THR NE 238 -53.29 -37.66 -123.68
N TYR NE 239 -52.73 -38.51 -124.53
CA TYR NE 239 -53.43 -39.76 -124.82
C TYR NE 239 -52.97 -40.98 -124.02
N TYR NE 240 -51.81 -40.94 -123.36
CA TYR NE 240 -51.30 -42.04 -122.54
C TYR NE 240 -50.77 -41.45 -121.25
N PRO NE 241 -51.64 -40.89 -120.41
CA PRO NE 241 -51.19 -40.15 -119.23
C PRO NE 241 -50.57 -40.99 -118.14
N GLN NE 242 -50.46 -42.31 -118.27
CA GLN NE 242 -49.89 -43.12 -117.22
C GLN NE 242 -48.78 -44.05 -117.71
N LEU NE 243 -48.34 -43.90 -118.96
CA LEU NE 243 -47.27 -44.73 -119.49
C LEU NE 243 -45.91 -44.33 -118.90
N ALA NE 244 -45.17 -45.33 -118.44
CA ALA NE 244 -43.81 -45.16 -117.93
C ALA NE 244 -42.79 -45.48 -119.02
N TYR NE 245 -41.93 -44.52 -119.36
CA TYR NE 245 -41.00 -44.68 -120.46
C TYR NE 245 -39.77 -43.82 -120.23
N TYR NE 246 -38.74 -44.09 -121.04
CA TYR NE 246 -37.46 -43.38 -120.98
C TYR NE 246 -37.20 -42.38 -122.09
N ARG NE 247 -36.85 -42.83 -123.29
CA ARG NE 247 -36.46 -41.93 -124.36
C ARG NE 247 -36.61 -42.59 -125.71
N ILE NE 248 -36.73 -41.76 -126.73
CA ILE NE 248 -36.71 -42.19 -128.13
C ILE NE 248 -35.41 -41.78 -128.80
N HIS NE 249 -34.68 -42.76 -129.31
CA HIS NE 249 -33.39 -42.59 -129.98
C HIS NE 249 -33.59 -42.53 -131.49
N PHE NE 250 -32.90 -41.60 -132.14
CA PHE NE 250 -32.98 -41.39 -133.57
C PHE NE 250 -31.62 -41.54 -134.26
N ASP NE 251 -30.84 -42.53 -133.84
CA ASP NE 251 -29.57 -42.75 -134.50
C ASP NE 251 -29.79 -43.12 -135.97
N GLU NE 252 -30.79 -43.94 -136.24
CA GLU NE 252 -31.24 -44.26 -137.59
C GLU NE 252 -32.60 -43.59 -137.74
N PRO NE 253 -32.69 -42.42 -138.36
CA PRO NE 253 -33.96 -41.69 -138.34
C PRO NE 253 -35.09 -42.39 -139.05
N ARG NE 254 -34.82 -43.37 -139.90
CA ARG NE 254 -35.92 -44.10 -140.51
C ARG NE 254 -36.50 -45.20 -139.62
N LYS NE 255 -35.83 -45.58 -138.53
CA LYS NE 255 -36.33 -46.63 -137.66
C LYS NE 255 -35.99 -46.32 -136.22
N PRO NE 256 -36.74 -45.41 -135.59
CA PRO NE 256 -36.48 -45.07 -134.20
C PRO NE 256 -36.73 -46.23 -133.24
N VAL NE 257 -36.13 -46.09 -132.07
CA VAL NE 257 -36.20 -47.06 -130.99
C VAL NE 257 -36.80 -46.38 -129.77
N PHE NE 258 -37.85 -46.98 -129.20
CA PHE NE 258 -38.57 -46.43 -128.06
C PHE NE 258 -38.38 -47.35 -126.87
N TRP NE 259 -37.78 -46.84 -125.79
CA TRP NE 259 -37.51 -47.59 -124.56
C TRP NE 259 -38.59 -47.45 -123.50
N LEU NE 260 -39.28 -48.54 -123.20
CA LEU NE 260 -40.28 -48.59 -122.14
C LEU NE 260 -39.71 -49.37 -120.97
N SER NE 261 -40.14 -49.01 -119.76
CA SER NE 261 -39.86 -49.82 -118.59
C SER NE 261 -40.59 -51.14 -118.60
N ARG NE 262 -39.88 -52.21 -118.27
CA ARG NE 262 -40.50 -53.52 -118.16
C ARG NE 262 -41.37 -53.70 -116.92
N GLN NE 263 -40.93 -53.21 -115.76
CA GLN NE 263 -41.75 -53.40 -114.57
C GLN NE 263 -42.99 -52.52 -114.54
N ARG NE 264 -42.82 -51.23 -114.75
CA ARG NE 264 -43.88 -50.30 -114.42
C ARG NE 264 -45.00 -50.25 -115.44
N ASN NE 265 -44.89 -50.97 -116.55
CA ASN NE 265 -45.96 -51.03 -117.55
C ASN NE 265 -46.52 -52.43 -117.64
N THR NE 266 -47.84 -52.50 -117.72
CA THR NE 266 -48.57 -53.69 -118.12
C THR NE 266 -49.39 -53.40 -119.37
N MET NE 267 -49.02 -54.04 -120.48
CA MET NE 267 -49.72 -53.85 -121.73
C MET NE 267 -49.67 -55.18 -122.49
N SER NE 268 -50.66 -55.40 -123.35
CA SER NE 268 -50.62 -56.56 -124.22
C SER NE 268 -49.91 -56.26 -125.54
N LYS NE 269 -49.63 -57.34 -126.26
CA LYS NE 269 -49.02 -57.24 -127.59
C LYS NE 269 -49.83 -56.36 -128.53
N LYS NE 270 -51.15 -56.53 -128.54
CA LYS NE 270 -52.00 -55.69 -129.37
C LYS NE 270 -51.87 -54.22 -129.02
N GLU NE 271 -51.91 -53.91 -127.73
CA GLU NE 271 -51.75 -52.52 -127.28
C GLU NE 271 -50.41 -51.95 -127.71
N LEU NE 272 -49.34 -52.72 -127.53
CA LEU NE 272 -48.03 -52.26 -127.99
C LEU NE 272 -48.02 -51.98 -129.49
N GLU NE 273 -48.62 -52.86 -130.27
CA GLU NE 273 -48.69 -52.65 -131.71
C GLU NE 273 -49.48 -51.38 -132.06
N VAL NE 274 -50.63 -51.18 -131.42
CA VAL NE 274 -51.40 -49.96 -131.66
C VAL NE 274 -50.58 -48.72 -131.33
N LEU NE 275 -49.93 -48.71 -130.17
CA LEU NE 275 -49.04 -47.61 -129.83
C LEU NE 275 -48.02 -47.36 -130.92
N SER NE 276 -47.39 -48.42 -131.39
CA SER NE 276 -46.42 -48.32 -132.48
C SER NE 276 -47.03 -47.62 -133.69
N GLN NE 277 -48.21 -48.06 -134.10
CA GLN NE 277 -48.84 -47.47 -135.27
C GLN NE 277 -49.16 -45.99 -135.07
N LYS NE 278 -49.63 -45.61 -133.89
CA LYS NE 278 -49.92 -44.19 -133.70
C LYS NE 278 -48.66 -43.34 -133.67
N LEU NE 279 -47.57 -43.83 -133.09
CA LEU NE 279 -46.32 -43.11 -133.21
C LEU NE 279 -45.93 -42.96 -134.66
N ARG NE 280 -46.06 -44.04 -135.42
CA ARG NE 280 -45.72 -43.97 -136.83
C ARG NE 280 -46.59 -42.95 -137.54
N ALA NE 281 -47.81 -42.74 -137.06
CA ALA NE 281 -48.63 -41.71 -137.68
C ALA NE 281 -48.14 -40.32 -137.30
N LEU NE 282 -47.51 -40.18 -136.13
CA LEU NE 282 -46.94 -38.88 -135.77
C LEU NE 282 -45.67 -38.56 -136.52
N MET NE 283 -44.94 -39.57 -136.96
CA MET NE 283 -43.64 -39.34 -137.62
C MET NE 283 -43.71 -39.77 -139.07
N PRO NE 284 -44.16 -38.88 -139.97
CA PRO NE 284 -44.28 -39.27 -141.38
C PRO NE 284 -42.97 -39.53 -142.09
N TYR NE 285 -41.83 -39.31 -141.46
CA TYR NE 285 -40.55 -39.64 -142.08
C TYR NE 285 -40.01 -40.99 -141.64
N ALA NE 286 -40.63 -41.63 -140.66
CA ALA NE 286 -40.17 -42.92 -140.14
C ALA NE 286 -40.97 -44.06 -140.73
N ASP NE 287 -40.28 -45.14 -141.08
CA ASP NE 287 -40.97 -46.31 -141.63
C ASP NE 287 -41.55 -47.21 -140.55
N SER NE 288 -40.93 -47.25 -139.36
CA SER NE 288 -41.48 -48.05 -138.28
C SER NE 288 -40.82 -47.63 -136.98
N VAL NE 289 -41.49 -47.92 -135.88
CA VAL NE 289 -41.01 -47.62 -134.54
C VAL NE 289 -40.84 -48.93 -133.80
N ASN NE 290 -39.62 -49.22 -133.35
CA ASN NE 290 -39.33 -50.46 -132.64
C ASN NE 290 -39.39 -50.18 -131.15
N ILE NE 291 -40.22 -50.92 -130.43
CA ILE NE 291 -40.39 -50.79 -128.99
C ILE NE 291 -39.56 -51.84 -128.25
N THR NE 292 -38.71 -51.36 -127.34
CA THR NE 292 -37.79 -52.18 -126.55
C THR NE 292 -38.03 -51.96 -125.06
N LEU NE 293 -38.06 -53.04 -124.31
CA LEU NE 293 -38.25 -53.01 -122.87
C LEU NE 293 -36.91 -53.04 -122.13
N MET NE 294 -36.71 -52.08 -121.22
CA MET NE 294 -35.49 -51.91 -120.45
C MET NE 294 -35.78 -52.11 -118.97
N ASP NE 295 -34.73 -52.42 -118.22
CA ASP NE 295 -34.81 -52.63 -116.78
C ASP NE 295 -34.43 -51.41 -115.93
N ASP NE 296 -35.34 -51.05 -115.03
CA ASP NE 296 -35.11 -49.94 -114.10
C ASP NE 296 -33.91 -50.23 -113.21
N VAL NE 297 -33.81 -51.45 -112.68
CA VAL NE 297 -32.69 -51.78 -111.81
C VAL NE 297 -31.38 -51.54 -112.55
N THR NE 298 -31.32 -51.92 -113.82
CA THR NE 298 -30.13 -51.64 -114.62
C THR NE 298 -29.83 -50.15 -114.68
N ALA NE 299 -30.83 -49.35 -115.03
CA ALA NE 299 -30.63 -47.89 -115.05
C ALA NE 299 -30.05 -47.36 -113.73
N ALA NE 300 -30.74 -47.61 -112.63
CA ALA NE 300 -30.28 -47.16 -111.33
C ALA NE 300 -28.88 -47.66 -110.99
N GLY NE 301 -28.59 -48.91 -111.31
CA GLY NE 301 -27.26 -49.42 -111.03
C GLY NE 301 -26.16 -48.71 -111.80
N GLN NE 302 -26.37 -48.50 -113.09
CA GLN NE 302 -25.38 -47.76 -113.86
C GLN NE 302 -25.17 -46.35 -113.33
N ALA NE 303 -26.24 -45.71 -112.86
CA ALA NE 303 -26.05 -44.40 -112.24
C ALA NE 303 -25.17 -44.47 -111.00
N GLU NE 304 -25.50 -45.36 -110.06
CA GLU NE 304 -24.72 -45.39 -108.83
C GLU NE 304 -23.28 -45.83 -109.07
N ALA NE 305 -23.07 -46.81 -109.96
CA ALA NE 305 -21.71 -47.19 -110.31
C ALA NE 305 -20.93 -46.03 -110.90
N GLY NE 306 -21.57 -45.18 -111.69
CA GLY NE 306 -20.84 -44.03 -112.21
C GLY NE 306 -20.47 -43.02 -111.15
N LEU NE 307 -21.35 -42.81 -110.17
CA LEU NE 307 -20.97 -41.90 -109.08
C LEU NE 307 -19.81 -42.47 -108.27
N LYS NE 308 -19.84 -43.76 -107.97
CA LYS NE 308 -18.72 -44.35 -107.23
C LYS NE 308 -17.44 -44.26 -108.02
N GLN NE 309 -17.48 -44.62 -109.30
CA GLN NE 309 -16.33 -44.48 -110.16
C GLN NE 309 -15.81 -43.06 -110.24
N GLN NE 310 -16.65 -42.06 -109.98
CA GLN NE 310 -16.15 -40.69 -109.95
C GLN NE 310 -15.80 -40.23 -108.54
N ALA NE 311 -15.99 -41.08 -107.54
CA ALA NE 311 -15.64 -40.75 -106.15
C ALA NE 311 -16.32 -39.49 -105.62
N LEU NE 312 -17.53 -39.25 -106.03
CA LEU NE 312 -18.28 -38.11 -105.51
C LEU NE 312 -18.94 -38.49 -104.19
N PRO NE 313 -19.07 -37.56 -103.24
CA PRO NE 313 -19.93 -37.80 -102.07
C PRO NE 313 -21.38 -37.60 -102.45
N TYR NE 314 -22.24 -38.54 -102.04
CA TYR NE 314 -23.64 -38.45 -102.40
C TYR NE 314 -24.52 -39.11 -101.35
N SER NE 315 -25.82 -38.84 -101.46
CA SER NE 315 -26.86 -39.58 -100.76
C SER NE 315 -27.91 -40.06 -101.74
N ARG NE 316 -28.43 -41.26 -101.53
CA ARG NE 316 -29.45 -41.87 -102.38
C ARG NE 316 -30.78 -41.93 -101.66
N ARG NE 317 -31.86 -41.60 -102.38
CA ARG NE 317 -33.22 -41.73 -101.89
C ARG NE 317 -34.08 -42.44 -102.91
N ASN NE 318 -34.87 -43.42 -102.45
CA ASN NE 318 -35.76 -44.19 -103.31
C ASN NE 318 -37.21 -43.83 -103.04
N HIS NE 319 -38.00 -43.78 -104.12
CA HIS NE 319 -39.42 -43.52 -104.04
C HIS NE 319 -40.15 -44.52 -104.92
N LYS NE 320 -41.47 -44.50 -104.81
CA LYS NE 320 -42.30 -45.40 -105.59
C LYS NE 320 -42.01 -45.30 -107.07
N GLY NE 321 -41.67 -44.10 -107.54
CA GLY NE 321 -41.49 -43.88 -108.96
C GLY NE 321 -40.17 -43.33 -109.43
N GLY NE 322 -39.20 -43.15 -108.53
CA GLY NE 322 -37.96 -42.56 -108.98
C GLY NE 322 -36.89 -42.59 -107.90
N VAL NE 323 -35.67 -42.29 -108.32
CA VAL NE 323 -34.51 -42.28 -107.46
C VAL NE 323 -33.85 -40.92 -107.54
N THR NE 324 -33.41 -40.41 -106.40
CA THR NE 324 -32.76 -39.11 -106.31
C THR NE 324 -31.39 -39.25 -105.69
N PHE NE 325 -30.39 -38.64 -106.33
CA PHE NE 325 -29.04 -38.58 -105.82
C PHE NE 325 -28.70 -37.14 -105.49
N VAL NE 326 -28.45 -36.86 -104.22
CA VAL NE 326 -28.14 -35.54 -103.75
C VAL NE 326 -26.63 -35.43 -103.54
N ILE NE 327 -26.04 -34.41 -104.17
CA ILE NE 327 -24.60 -34.14 -104.12
C ILE NE 327 -24.51 -32.70 -103.66
N GLN NE 328 -24.23 -32.48 -102.39
CA GLN NE 328 -24.22 -31.11 -101.87
C GLN NE 328 -23.15 -30.95 -100.80
N GLY NE 329 -22.65 -29.72 -100.67
CA GLY NE 329 -21.64 -29.41 -99.69
C GLY NE 329 -20.56 -28.44 -100.13
N ALA NE 330 -19.34 -28.64 -99.67
CA ALA NE 330 -18.18 -27.85 -100.05
C ALA NE 330 -17.37 -28.48 -101.18
N LEU NE 331 -18.03 -28.71 -102.31
CA LEU NE 331 -17.37 -29.34 -103.44
C LEU NE 331 -16.22 -28.48 -103.95
N ASP NE 332 -15.16 -29.16 -104.39
CA ASP NE 332 -14.00 -28.57 -105.05
C ASP NE 332 -14.22 -28.41 -106.55
N ASP NE 333 -13.39 -27.56 -107.17
CA ASP NE 333 -13.44 -27.33 -108.61
C ASP NE 333 -13.32 -28.60 -109.44
N VAL NE 334 -12.40 -29.49 -109.08
CA VAL NE 334 -12.24 -30.73 -109.83
C VAL NE 334 -13.49 -31.58 -109.73
N GLU NE 335 -14.05 -31.69 -108.53
CA GLU NE 335 -15.27 -32.45 -108.36
C GLU NE 335 -16.41 -31.87 -109.16
N ILE NE 336 -16.60 -30.56 -109.09
CA ILE NE 336 -17.65 -29.94 -109.90
C ILE NE 336 -17.49 -30.25 -111.37
N LEU NE 337 -16.27 -30.17 -111.89
CA LEU NE 337 -16.07 -30.50 -113.30
C LEU NE 337 -16.42 -31.96 -113.62
N ARG NE 338 -15.84 -32.90 -112.88
CA ARG NE 338 -16.17 -34.30 -113.08
C ARG NE 338 -17.67 -34.56 -113.06
N ALA NE 339 -18.34 -34.11 -112.00
CA ALA NE 339 -19.79 -34.25 -111.89
C ALA NE 339 -20.53 -33.74 -113.12
N ARG NE 340 -20.31 -32.48 -113.47
CA ARG NE 340 -20.97 -31.94 -114.66
C ARG NE 340 -20.78 -32.85 -115.88
N GLN NE 341 -19.58 -33.37 -116.07
CA GLN NE 341 -19.34 -34.23 -117.22
C GLN NE 341 -20.14 -35.52 -117.16
N PHE NE 342 -20.07 -36.22 -116.04
CA PHE NE 342 -20.82 -37.46 -115.89
C PHE NE 342 -22.32 -37.28 -116.10
N VAL NE 343 -22.91 -36.34 -115.36
CA VAL NE 343 -24.35 -36.08 -115.50
C VAL NE 343 -24.71 -35.80 -116.95
N ASP NE 344 -23.96 -34.93 -117.60
CA ASP NE 344 -24.30 -34.63 -118.99
C ASP NE 344 -24.19 -35.86 -119.89
N SER NE 345 -23.30 -36.79 -119.57
CA SER NE 345 -23.23 -38.00 -120.38
C SER NE 345 -24.44 -38.89 -120.16
N TYR NE 346 -24.75 -39.17 -118.90
CA TYR NE 346 -25.89 -40.01 -118.54
C TYR NE 346 -27.21 -39.51 -119.12
N TYR NE 347 -27.50 -38.24 -118.90
CA TYR NE 347 -28.78 -37.71 -119.34
C TYR NE 347 -29.01 -37.95 -120.82
N ARG NE 348 -27.96 -37.89 -121.64
CA ARG NE 348 -28.18 -38.09 -123.06
C ARG NE 348 -28.58 -39.51 -123.41
N THR NE 349 -28.28 -40.47 -122.56
CA THR NE 349 -28.66 -41.86 -122.78
C THR NE 349 -30.03 -42.18 -122.22
N TRP NE 350 -30.22 -41.95 -120.92
CA TRP NE 350 -31.44 -42.35 -120.24
C TRP NE 350 -32.50 -41.28 -120.08
N GLY NE 351 -32.24 -40.03 -120.44
CA GLY NE 351 -33.18 -38.96 -120.20
C GLY NE 351 -33.30 -38.60 -118.72
N GLY NE 352 -34.21 -37.66 -118.45
CA GLY NE 352 -34.47 -37.19 -117.11
C GLY NE 352 -35.75 -37.57 -116.40
N ARG NE 353 -36.39 -38.65 -116.78
CA ARG NE 353 -37.67 -39.00 -116.19
C ARG NE 353 -37.54 -39.87 -114.94
N TYR NE 354 -36.69 -40.88 -114.96
CA TYR NE 354 -36.62 -41.77 -113.81
C TYR NE 354 -35.60 -41.36 -112.73
N VAL NE 355 -34.38 -40.92 -113.09
CA VAL NE 355 -33.34 -40.61 -112.11
C VAL NE 355 -32.95 -39.14 -112.18
N GLN NE 356 -32.89 -38.49 -111.00
CA GLN NE 356 -32.57 -37.07 -110.86
C GLN NE 356 -31.35 -36.82 -109.98
N PHE NE 357 -30.47 -35.91 -110.43
CA PHE NE 357 -29.28 -35.48 -109.72
C PHE NE 357 -29.41 -34.02 -109.27
N ALA NE 358 -29.26 -33.76 -107.98
CA ALA NE 358 -29.32 -32.42 -107.41
C ALA NE 358 -27.95 -32.02 -106.88
N ILE NE 359 -27.34 -31.02 -107.49
CA ILE NE 359 -26.01 -30.49 -107.12
C ILE NE 359 -26.16 -29.10 -106.51
N GLU NE 360 -25.86 -28.96 -105.22
CA GLU NE 360 -25.96 -27.66 -104.55
C GLU NE 360 -24.75 -27.42 -103.64
N LEU NE 361 -24.21 -26.20 -103.73
CA LEU NE 361 -23.12 -25.73 -102.87
C LEU NE 361 -23.65 -25.04 -101.62
N LYS NE 362 -23.24 -25.52 -100.45
CA LYS NE 362 -23.70 -24.99 -99.16
C LYS NE 362 -22.50 -24.64 -98.31
N ASP NE 363 -22.61 -23.53 -97.57
CA ASP NE 363 -21.65 -23.24 -96.51
C ASP NE 363 -21.71 -24.32 -95.44
N ASP NE 364 -20.68 -24.40 -94.61
CA ASP NE 364 -20.68 -25.38 -93.54
C ASP NE 364 -21.99 -25.29 -92.78
N TRP NE 365 -22.57 -26.45 -92.52
CA TRP NE 365 -23.82 -26.49 -91.77
C TRP NE 365 -23.69 -25.80 -90.43
N LEU NE 366 -24.67 -24.96 -90.10
CA LEU NE 366 -24.71 -24.14 -88.90
C LEU NE 366 -23.57 -23.14 -88.81
N LYS NE 367 -22.88 -22.89 -89.92
CA LYS NE 367 -22.04 -21.70 -90.05
C LYS NE 367 -20.96 -21.60 -88.97
N GLY NE 368 -20.32 -22.70 -88.62
CA GLY NE 368 -19.21 -22.61 -87.69
C GLY NE 368 -19.54 -22.67 -86.22
N ARG NE 369 -20.80 -22.85 -85.84
CA ARG NE 369 -21.19 -22.83 -84.44
C ARG NE 369 -21.07 -24.22 -83.84
N SER NE 370 -20.78 -24.28 -82.55
CA SER NE 370 -20.80 -25.55 -81.85
C SER NE 370 -22.22 -25.95 -81.45
N PHE NE 371 -22.44 -27.25 -81.43
CA PHE NE 371 -23.78 -27.76 -81.19
C PHE NE 371 -23.71 -29.20 -80.74
N GLN NE 372 -24.80 -29.65 -80.11
CA GLN NE 372 -25.00 -31.05 -79.80
C GLN NE 372 -26.01 -31.61 -80.78
N TYR NE 373 -25.61 -32.66 -81.51
CA TYR NE 373 -26.48 -33.37 -82.44
C TYR NE 373 -27.30 -34.42 -81.72
N GLY NE 374 -28.29 -34.94 -82.42
CA GLY NE 374 -29.18 -35.96 -81.92
C GLY NE 374 -30.48 -35.43 -81.37
N ALA NE 375 -31.23 -36.33 -80.74
CA ALA NE 375 -32.62 -36.05 -80.41
C ALA NE 375 -32.76 -34.98 -79.33
N GLU NE 376 -31.76 -34.81 -78.47
CA GLU NE 376 -31.75 -33.74 -77.50
C GLU NE 376 -30.88 -32.57 -77.97
N GLY NE 377 -30.76 -32.39 -79.26
CA GLY NE 377 -29.79 -31.45 -79.80
C GLY NE 377 -30.11 -30.01 -79.49
N TYR NE 378 -29.07 -29.19 -79.58
CA TYR NE 378 -29.21 -27.75 -79.44
C TYR NE 378 -27.98 -27.08 -80.01
N ILE NE 379 -28.08 -25.78 -80.26
CA ILE NE 379 -26.96 -25.00 -80.78
C ILE NE 379 -26.51 -23.98 -79.74
N LYS NE 380 -25.19 -23.85 -79.60
CA LYS NE 380 -24.56 -22.78 -78.85
C LYS NE 380 -24.46 -21.52 -79.69
N MET NE 381 -25.33 -20.56 -79.45
CA MET NE 381 -25.21 -19.30 -80.15
C MET NE 381 -23.90 -18.64 -79.79
N SER NE 382 -23.50 -18.74 -78.54
CA SER NE 382 -22.30 -18.13 -78.01
C SER NE 382 -22.09 -18.81 -76.67
N PRO NE 383 -20.92 -18.67 -76.04
CA PRO NE 383 -20.80 -19.16 -74.68
C PRO NE 383 -21.84 -18.55 -73.76
N GLY NE 384 -22.60 -19.41 -73.11
CA GLY NE 384 -23.73 -19.02 -72.30
C GLY NE 384 -25.05 -18.75 -73.01
N HIS NE 385 -25.22 -19.17 -74.26
CA HIS NE 385 -26.45 -18.90 -74.99
C HIS NE 385 -26.87 -20.14 -75.77
N TRP NE 386 -27.96 -20.79 -75.38
CA TRP NE 386 -28.51 -21.98 -76.00
C TRP NE 386 -29.68 -21.64 -76.91
N TYR NE 387 -29.91 -22.45 -77.96
CA TYR NE 387 -30.98 -22.13 -78.90
C TYR NE 387 -32.12 -23.14 -79.04
N PHE NE 388 -31.94 -24.43 -78.78
CA PHE NE 388 -33.02 -25.41 -78.84
C PHE NE 388 -33.97 -25.27 -80.04
N PRO NE 389 -33.47 -25.28 -81.25
CA PRO NE 389 -34.36 -25.05 -82.38
C PRO NE 389 -35.12 -26.26 -82.87
N SER NE 390 -34.51 -27.43 -82.79
CA SER NE 390 -34.96 -28.61 -83.54
C SER NE 390 -34.20 -29.81 -83.03
N PRO NE 391 -34.70 -31.03 -83.26
CA PRO NE 391 -33.80 -32.17 -83.30
C PRO NE 391 -32.74 -31.95 -84.36
N LEU NE 392 -31.51 -32.34 -84.04
CA LEU NE 392 -30.42 -32.21 -85.00
C LEU NE 392 -29.79 -33.55 -85.33
N ALA OE 171 -6.00 -34.21 -161.06
CA ALA OE 171 -5.49 -33.62 -159.84
C ALA OE 171 -5.93 -34.45 -158.64
N GLU OE 172 -5.06 -35.35 -158.20
CA GLU OE 172 -5.42 -36.21 -157.08
C GLU OE 172 -5.41 -35.41 -155.78
N LEU OE 173 -6.09 -35.95 -154.78
CA LEU OE 173 -6.17 -35.28 -153.49
C LEU OE 173 -4.81 -35.20 -152.81
N ASP OE 174 -3.99 -36.26 -152.93
CA ASP OE 174 -2.67 -36.27 -152.32
C ASP OE 174 -1.81 -35.10 -152.80
N SER OE 175 -2.01 -34.68 -154.05
CA SER OE 175 -1.25 -33.55 -154.60
C SER OE 175 -1.62 -32.24 -153.95
N LEU OE 176 -2.78 -32.17 -153.30
CA LEU OE 176 -3.30 -30.96 -152.68
C LEU OE 176 -2.95 -30.81 -151.21
N LEU OE 177 -2.52 -31.88 -150.54
CA LEU OE 177 -2.27 -31.79 -149.11
C LEU OE 177 -0.95 -31.16 -148.73
N GLY OE 178 -0.01 -30.99 -149.65
CA GLY OE 178 1.26 -30.43 -149.24
C GLY OE 178 2.45 -31.07 -149.91
N GLN OE 179 3.63 -30.64 -149.47
CA GLN OE 179 4.89 -31.28 -149.84
C GLN OE 179 5.20 -32.54 -149.05
N GLU OE 180 4.97 -32.54 -147.74
CA GLU OE 180 5.24 -33.73 -146.93
C GLU OE 180 4.15 -34.78 -147.19
N LYS OE 181 4.48 -35.79 -147.99
CA LYS OE 181 3.47 -36.74 -148.43
C LYS OE 181 3.03 -37.67 -147.32
N GLU OE 182 3.99 -38.30 -146.65
CA GLU OE 182 3.73 -39.35 -145.67
C GLU OE 182 3.08 -38.83 -144.40
N ARG OE 183 2.81 -37.54 -144.30
CA ARG OE 183 2.07 -37.04 -143.14
C ARG OE 183 0.63 -37.56 -143.14
N PHE OE 184 0.03 -37.78 -144.31
CA PHE OE 184 -1.36 -38.20 -144.44
C PHE OE 184 -1.46 -39.51 -145.19
N GLN OE 185 -2.59 -40.18 -145.03
CA GLN OE 185 -2.87 -41.43 -145.71
C GLN OE 185 -4.29 -41.39 -146.25
N VAL OE 186 -4.41 -41.56 -147.56
CA VAL OE 186 -5.68 -41.50 -148.28
C VAL OE 186 -6.22 -42.91 -148.49
N LEU OE 187 -7.47 -43.14 -148.06
CA LEU OE 187 -8.09 -44.44 -148.22
C LEU OE 187 -9.44 -44.32 -148.94
N PRO OE 188 -9.66 -45.11 -149.98
CA PRO OE 188 -10.98 -45.17 -150.61
C PRO OE 188 -11.98 -45.95 -149.77
N GLY OE 189 -13.25 -45.57 -149.85
CA GLY OE 189 -14.28 -46.25 -149.10
C GLY OE 189 -15.39 -46.77 -149.99
N ARG OE 190 -16.04 -47.83 -149.52
CA ARG OE 190 -17.12 -48.47 -150.26
C ARG OE 190 -18.30 -47.54 -150.51
N ASP OE 191 -18.43 -46.50 -149.70
CA ASP OE 191 -19.45 -45.48 -149.88
C ASP OE 191 -19.13 -44.52 -151.01
N LYS OE 192 -18.07 -44.79 -151.77
CA LYS OE 192 -17.64 -43.94 -152.87
C LYS OE 192 -17.20 -42.56 -152.37
N MET OE 193 -16.40 -42.57 -151.31
CA MET OE 193 -15.94 -41.35 -150.69
C MET OE 193 -14.49 -41.56 -150.27
N LEU OE 194 -13.67 -40.53 -150.42
CA LEU OE 194 -12.30 -40.59 -149.91
C LEU OE 194 -12.22 -40.23 -148.42
N TYR OE 195 -11.46 -41.02 -147.68
CA TYR OE 195 -11.19 -40.80 -146.27
C TYR OE 195 -9.73 -40.41 -146.07
N VAL OE 196 -9.49 -39.33 -145.35
CA VAL OE 196 -8.15 -38.84 -145.04
C VAL OE 196 -7.88 -39.09 -143.57
N ALA OE 197 -6.87 -39.92 -143.29
CA ALA OE 197 -6.48 -40.25 -141.92
C ALA OE 197 -5.39 -39.30 -141.43
N ALA OE 198 -5.65 -38.65 -140.30
CA ALA OE 198 -4.77 -37.71 -139.64
C ALA OE 198 -4.32 -38.25 -138.28
N GLN OE 199 -3.25 -37.67 -137.76
CA GLN OE 199 -2.69 -38.10 -136.48
C GLN OE 199 -3.09 -37.21 -135.30
N ASN OE 200 -3.50 -35.97 -135.54
CA ASN OE 200 -3.77 -35.06 -134.43
C ASN OE 200 -4.68 -33.94 -134.92
N GLU OE 201 -5.11 -33.12 -133.97
CA GLU OE 201 -5.98 -31.98 -134.27
C GLU OE 201 -5.37 -30.99 -135.24
N ARG OE 202 -4.14 -30.54 -134.98
CA ARG OE 202 -3.51 -29.59 -135.89
C ARG OE 202 -3.53 -30.09 -137.34
N ASP OE 203 -3.11 -31.33 -137.56
CA ASP OE 203 -3.19 -31.89 -138.92
C ASP OE 203 -4.62 -32.00 -139.41
N THR OE 204 -5.54 -32.38 -138.54
CA THR OE 204 -6.94 -32.46 -138.93
C THR OE 204 -7.43 -31.15 -139.50
N LEU OE 205 -7.14 -30.04 -138.84
CA LEU OE 205 -7.56 -28.75 -139.37
C LEU OE 205 -6.78 -28.35 -140.61
N TRP OE 206 -5.51 -28.71 -140.70
CA TRP OE 206 -4.76 -28.47 -141.92
C TRP OE 206 -5.42 -29.15 -143.11
N ALA OE 207 -5.98 -30.33 -142.91
CA ALA OE 207 -6.68 -31.04 -143.97
C ALA OE 207 -8.07 -30.48 -144.23
N ARG OE 208 -8.87 -30.30 -143.19
CA ARG OE 208 -10.22 -29.78 -143.36
C ARG OE 208 -10.24 -28.49 -144.15
N GLN OE 209 -9.23 -27.64 -143.98
CA GLN OE 209 -9.24 -26.39 -144.73
C GLN OE 209 -9.31 -26.63 -146.24
N VAL OE 210 -8.60 -27.64 -146.74
CA VAL OE 210 -8.58 -27.88 -148.18
C VAL OE 210 -9.97 -28.19 -148.70
N LEU OE 211 -10.69 -29.07 -148.00
CA LEU OE 211 -12.04 -29.43 -148.42
C LEU OE 211 -13.00 -28.27 -148.27
N ALA OE 212 -12.98 -27.58 -147.14
CA ALA OE 212 -13.92 -26.48 -146.93
C ALA OE 212 -13.69 -25.37 -147.93
N ARG OE 213 -12.45 -25.13 -148.33
CA ARG OE 213 -12.19 -24.19 -149.41
C ARG OE 213 -12.76 -24.69 -150.72
N GLY OE 214 -12.94 -26.00 -150.87
CA GLY OE 214 -13.45 -26.57 -152.10
C GLY OE 214 -12.41 -26.85 -153.15
N ASP OE 215 -11.16 -27.09 -152.76
CA ASP OE 215 -10.13 -27.38 -153.74
C ASP OE 215 -10.32 -28.72 -154.43
N TYR OE 216 -11.17 -29.59 -153.90
CA TYR OE 216 -11.41 -30.90 -154.50
C TYR OE 216 -12.87 -31.03 -154.89
N ASP OE 217 -13.11 -31.76 -155.98
CA ASP OE 217 -14.43 -31.80 -156.60
C ASP OE 217 -15.29 -32.96 -156.15
N LYS OE 218 -14.72 -34.12 -155.86
CA LYS OE 218 -15.48 -35.25 -155.35
C LYS OE 218 -15.64 -35.20 -153.83
N ASN OE 219 -16.36 -36.17 -153.28
CA ASN OE 219 -16.57 -36.27 -151.85
C ASN OE 219 -15.38 -36.82 -151.07
N ALA OE 220 -15.15 -36.22 -149.92
CA ALA OE 220 -14.05 -36.60 -149.04
C ALA OE 220 -14.42 -36.24 -147.61
N ARG OE 221 -13.70 -36.88 -146.69
CA ARG OE 221 -13.96 -36.70 -145.27
C ARG OE 221 -12.65 -36.90 -144.53
N VAL OE 222 -12.50 -36.24 -143.39
CA VAL OE 222 -11.30 -36.33 -142.56
C VAL OE 222 -11.65 -37.03 -141.25
N ILE OE 223 -10.77 -37.94 -140.80
CA ILE OE 223 -11.03 -38.73 -139.60
C ILE OE 223 -9.78 -38.89 -138.75
N ASN OE 224 -10.00 -39.17 -137.47
CA ASN OE 224 -8.93 -39.41 -136.51
C ASN OE 224 -9.44 -40.35 -135.42
N GLU OE 225 -8.48 -40.89 -134.67
CA GLU OE 225 -8.77 -41.94 -133.68
C GLU OE 225 -9.72 -41.48 -132.58
N ASN OE 226 -9.56 -40.27 -132.05
CA ASN OE 226 -10.43 -39.89 -130.95
C ASN OE 226 -11.86 -39.71 -131.43
N GLU OE 227 -12.03 -39.07 -132.58
CA GLU OE 227 -13.35 -38.91 -133.16
C GLU OE 227 -14.02 -40.25 -133.39
N GLU OE 228 -13.30 -41.20 -133.97
CA GLU OE 228 -13.94 -42.49 -134.24
C GLU OE 228 -14.26 -43.25 -132.96
N ASN OE 229 -13.39 -43.21 -131.96
CA ASN OE 229 -13.75 -43.84 -130.70
C ASN OE 229 -15.03 -43.25 -130.13
N LYS OE 230 -15.16 -41.93 -130.15
CA LYS OE 230 -16.37 -41.32 -129.61
C LYS OE 230 -17.61 -41.73 -130.39
N ARG OE 231 -17.55 -41.64 -131.71
CA ARG OE 231 -18.71 -42.00 -132.53
C ARG OE 231 -19.14 -43.45 -132.31
N ILE OE 232 -18.19 -44.36 -132.26
CA ILE OE 232 -18.56 -45.76 -132.06
C ILE OE 232 -19.11 -45.99 -130.67
N SER OE 233 -18.56 -45.31 -129.67
CA SER OE 233 -19.09 -45.50 -128.33
C SER OE 233 -20.53 -44.99 -128.25
N ILE OE 234 -20.82 -43.91 -128.96
CA ILE OE 234 -22.19 -43.41 -128.96
C ILE OE 234 -23.15 -44.40 -129.61
N TRP OE 235 -22.70 -45.13 -130.63
CA TRP OE 235 -23.59 -46.13 -131.21
C TRP OE 235 -23.77 -47.34 -130.29
N LEU OE 236 -22.68 -47.81 -129.70
CA LEU OE 236 -22.75 -48.88 -128.72
C LEU OE 236 -23.69 -48.55 -127.58
N ASP OE 237 -23.67 -47.31 -127.10
CA ASP OE 237 -24.59 -46.91 -126.04
C ASP OE 237 -26.04 -47.23 -126.39
N THR OE 238 -26.39 -47.21 -127.66
CA THR OE 238 -27.77 -47.47 -128.04
C THR OE 238 -28.05 -48.95 -128.27
N TYR OE 239 -27.20 -49.65 -129.01
CA TYR OE 239 -27.57 -51.05 -129.33
C TYR OE 239 -26.97 -52.11 -128.42
N TYR OE 240 -25.94 -51.78 -127.64
CA TYR OE 240 -25.29 -52.72 -126.72
C TYR OE 240 -25.02 -51.98 -125.42
N PRO OE 241 -26.09 -51.59 -124.71
CA PRO OE 241 -25.92 -50.74 -123.52
C PRO OE 241 -25.27 -51.41 -122.32
N GLN OE 242 -24.86 -52.67 -122.41
CA GLN OE 242 -24.26 -53.34 -121.26
C GLN OE 242 -22.94 -54.00 -121.61
N LEU OE 243 -22.39 -53.74 -122.79
CA LEU OE 243 -21.13 -54.32 -123.19
C LEU OE 243 -19.95 -53.67 -122.48
N ALA OE 244 -19.09 -54.50 -121.91
CA ALA OE 244 -17.86 -54.08 -121.25
C ALA OE 244 -16.67 -54.15 -122.21
N TYR OE 245 -16.01 -53.03 -122.44
CA TYR OE 245 -14.94 -52.98 -123.42
C TYR OE 245 -13.99 -51.85 -123.08
N TYR OE 246 -12.83 -51.86 -123.73
CA TYR OE 246 -11.78 -50.87 -123.54
C TYR OE 246 -11.61 -49.85 -124.65
N ARG OE 247 -10.99 -50.21 -125.76
CA ARG OE 247 -10.69 -49.22 -126.77
C ARG OE 247 -10.50 -49.88 -128.12
N ILE OE 248 -10.67 -49.09 -129.18
CA ILE OE 248 -10.39 -49.50 -130.54
C ILE OE 248 -9.15 -48.78 -131.06
N HIS OE 249 -8.16 -49.57 -131.45
CA HIS OE 249 -6.86 -49.13 -131.95
C HIS OE 249 -6.86 -49.08 -133.47
N PHE OE 250 -6.31 -48.02 -134.04
CA PHE OE 250 -6.28 -47.83 -135.48
C PHE OE 250 -4.86 -47.69 -136.00
N ASP OE 251 -3.94 -48.47 -135.43
CA ASP OE 251 -2.57 -48.44 -135.92
C ASP OE 251 -2.51 -48.89 -137.36
N GLU OE 252 -3.27 -49.93 -137.71
CA GLU OE 252 -3.48 -50.36 -139.09
C GLU OE 252 -4.92 -50.02 -139.42
N PRO OE 253 -5.19 -48.94 -140.15
CA PRO OE 253 -6.58 -48.52 -140.32
C PRO OE 253 -7.44 -49.48 -141.11
N ARG OE 254 -6.85 -50.41 -141.85
CA ARG OE 254 -7.66 -51.38 -142.57
C ARG OE 254 -8.09 -52.56 -141.70
N LYS OE 255 -7.54 -52.73 -140.51
CA LYS OE 255 -7.90 -53.84 -139.62
C LYS OE 255 -7.88 -53.39 -138.17
N PRO OE 256 -8.88 -52.66 -137.72
CA PRO OE 256 -8.88 -52.20 -136.34
C PRO OE 256 -8.96 -53.36 -135.36
N VAL OE 257 -8.54 -53.07 -134.13
CA VAL OE 257 -8.51 -54.04 -133.04
C VAL OE 257 -9.41 -53.54 -131.93
N PHE OE 258 -10.36 -54.36 -131.51
CA PHE OE 258 -11.33 -54.02 -130.49
C PHE OE 258 -11.10 -54.88 -129.25
N TRP OE 259 -10.75 -54.25 -128.13
CA TRP OE 259 -10.48 -54.93 -126.86
C TRP OE 259 -11.71 -55.04 -125.96
N LEU OE 260 -12.11 -56.28 -125.67
CA LEU OE 260 -13.24 -56.57 -124.80
C LEU OE 260 -12.75 -57.25 -123.52
N SER OE 261 -13.51 -57.02 -122.44
CA SER OE 261 -13.24 -57.70 -121.17
C SER OE 261 -13.54 -59.18 -121.23
N ARG OE 262 -12.60 -59.99 -120.74
CA ARG OE 262 -12.81 -61.43 -120.65
C ARG OE 262 -13.82 -61.82 -119.58
N GLN OE 263 -13.80 -61.16 -118.42
CA GLN OE 263 -14.68 -61.60 -117.35
C GLN OE 263 -16.08 -60.99 -117.43
N ARG OE 264 -16.18 -59.72 -117.74
CA ARG OE 264 -17.46 -59.04 -117.59
C ARG OE 264 -18.39 -59.31 -118.76
N ASN OE 265 -17.88 -59.79 -119.89
CA ASN OE 265 -18.73 -60.11 -121.02
C ASN OE 265 -19.14 -61.58 -120.99
N THR OE 266 -20.29 -61.86 -121.58
CA THR OE 266 -20.71 -63.24 -121.87
C THR OE 266 -21.40 -63.28 -123.22
N MET OE 267 -20.71 -63.77 -124.24
CA MET OE 267 -21.25 -63.85 -125.58
C MET OE 267 -20.82 -65.16 -126.22
N SER OE 268 -21.63 -65.65 -127.15
CA SER OE 268 -21.22 -66.75 -128.01
C SER OE 268 -20.38 -66.26 -129.18
N LYS OE 269 -19.68 -67.22 -129.80
CA LYS OE 269 -18.93 -66.94 -131.01
C LYS OE 269 -19.79 -66.30 -132.10
N LYS OE 270 -21.00 -66.82 -132.29
CA LYS OE 270 -21.91 -66.23 -133.26
C LYS OE 270 -22.20 -64.77 -132.95
N GLU OE 271 -22.52 -64.48 -131.70
CA GLU OE 271 -22.78 -63.11 -131.29
C GLU OE 271 -21.58 -62.20 -131.54
N LEU OE 272 -20.38 -62.67 -131.20
CA LEU OE 272 -19.18 -61.89 -131.48
C LEU OE 272 -19.03 -61.62 -132.96
N GLU OE 273 -19.27 -62.62 -133.80
CA GLU OE 273 -19.20 -62.42 -135.24
C GLU OE 273 -20.22 -61.39 -135.72
N VAL OE 274 -21.44 -61.47 -135.22
CA VAL OE 274 -22.44 -60.48 -135.59
C VAL OE 274 -21.98 -59.07 -135.22
N LEU OE 275 -21.49 -58.91 -133.99
CA LEU OE 275 -20.91 -57.62 -133.58
C LEU OE 275 -19.84 -57.15 -134.56
N SER OE 276 -18.94 -58.05 -134.92
CA SER OE 276 -17.90 -57.73 -135.90
C SER OE 276 -18.51 -57.18 -137.18
N GLN OE 277 -19.51 -57.87 -137.71
CA GLN OE 277 -20.10 -57.44 -138.96
C GLN OE 277 -20.78 -56.08 -138.85
N LYS OE 278 -21.45 -55.82 -137.74
CA LYS OE 278 -22.11 -54.51 -137.61
C LYS OE 278 -21.08 -53.39 -137.48
N LEU OE 279 -20.01 -53.61 -136.74
CA LEU OE 279 -18.92 -52.64 -136.72
C LEU OE 279 -18.37 -52.41 -138.13
N ARG OE 280 -18.18 -53.49 -138.87
CA ARG OE 280 -17.68 -53.34 -140.23
C ARG OE 280 -18.64 -52.49 -141.05
N ALA OE 281 -19.93 -52.55 -140.74
CA ALA OE 281 -20.85 -51.70 -141.48
C ALA OE 281 -20.72 -50.25 -141.04
N LEU OE 282 -20.34 -50.00 -139.77
CA LEU OE 282 -20.13 -48.62 -139.35
C LEU OE 282 -18.86 -48.00 -139.92
N MET OE 283 -17.87 -48.83 -140.27
CA MET OE 283 -16.59 -48.32 -140.78
C MET OE 283 -16.40 -48.73 -142.23
N PRO OE 284 -16.91 -47.97 -143.19
CA PRO OE 284 -16.78 -48.34 -144.60
C PRO OE 284 -15.37 -48.30 -145.16
N TYR OE 285 -14.38 -47.85 -144.41
CA TYR OE 285 -13.00 -47.85 -144.89
C TYR OE 285 -12.21 -49.05 -144.41
N ALA OE 286 -12.74 -49.84 -143.49
CA ALA OE 286 -12.06 -51.00 -142.95
C ALA OE 286 -12.55 -52.28 -143.59
N ASP OE 287 -11.64 -53.22 -143.81
CA ASP OE 287 -12.01 -54.49 -144.40
C ASP OE 287 -12.49 -55.50 -143.38
N SER OE 288 -12.01 -55.44 -142.14
CA SER OE 288 -12.47 -56.34 -141.10
C SER OE 288 -12.04 -55.79 -139.76
N VAL OE 289 -12.71 -56.24 -138.71
CA VAL OE 289 -12.43 -55.83 -137.34
C VAL OE 289 -12.08 -57.05 -136.51
N ASN OE 290 -10.93 -57.00 -135.84
CA ASN OE 290 -10.46 -58.10 -135.01
C ASN OE 290 -10.84 -57.83 -133.57
N ILE OE 291 -11.58 -58.74 -132.95
CA ILE OE 291 -11.98 -58.63 -131.55
C ILE OE 291 -11.06 -59.49 -130.70
N THR OE 292 -10.43 -58.86 -129.71
CA THR OE 292 -9.50 -59.48 -128.80
C THR OE 292 -9.96 -59.31 -127.36
N LEU OE 293 -9.87 -60.37 -126.57
CA LEU OE 293 -10.23 -60.37 -125.16
C LEU OE 293 -9.02 -60.13 -124.27
N MET OE 294 -9.13 -59.16 -123.37
CA MET OE 294 -8.06 -58.71 -122.50
C MET OE 294 -8.46 -58.96 -121.05
N ASP OE 295 -7.46 -59.08 -120.17
CA ASP OE 295 -7.69 -59.32 -118.75
C ASP OE 295 -7.68 -58.06 -117.89
N ASP OE 296 -8.76 -57.89 -117.14
CA ASP OE 296 -8.91 -56.75 -116.23
C ASP OE 296 -7.84 -56.74 -115.15
N VAL OE 297 -7.54 -57.90 -114.58
CA VAL OE 297 -6.51 -57.95 -113.55
C VAL OE 297 -5.20 -57.42 -114.12
N THR OE 298 -4.90 -57.76 -115.37
CA THR OE 298 -3.71 -57.21 -116.01
C THR OE 298 -3.77 -55.70 -116.05
N ALA OE 299 -4.85 -55.14 -116.58
CA ALA OE 299 -5.00 -53.68 -116.61
C ALA OE 299 -4.76 -53.01 -115.26
N ALA OE 300 -5.53 -53.41 -114.24
CA ALA OE 300 -5.37 -52.86 -112.91
C ALA OE 300 -3.94 -53.00 -112.38
N GLY OE 301 -3.33 -54.16 -112.60
CA GLY OE 301 -1.97 -54.35 -112.12
C GLY OE 301 -0.96 -53.44 -112.77
N GLN OE 302 -1.05 -53.27 -114.09
CA GLN OE 302 -0.17 -52.32 -114.76
C GLN OE 302 -0.34 -50.91 -114.22
N ALA OE 303 -1.57 -50.51 -113.93
CA ALA OE 303 -1.76 -49.19 -113.31
C ALA OE 303 -1.06 -49.08 -111.97
N GLU OE 304 -1.33 -50.01 -111.07
CA GLU OE 304 -0.73 -49.92 -109.74
C GLU OE 304 0.79 -50.01 -109.80
N ALA OE 305 1.31 -50.90 -110.63
CA ALA OE 305 2.76 -50.99 -110.78
C ALA OE 305 3.35 -49.69 -111.27
N GLY OE 306 2.70 -49.02 -112.21
CA GLY OE 306 3.20 -47.74 -112.65
C GLY OE 306 3.24 -46.68 -111.55
N LEU OE 307 2.19 -46.61 -110.73
CA LEU OE 307 2.24 -45.65 -109.63
C LEU OE 307 3.34 -45.97 -108.63
N LYS OE 308 3.57 -47.24 -108.34
CA LYS OE 308 4.70 -47.56 -107.46
C LYS OE 308 6.01 -47.17 -108.12
N GLN OE 309 6.17 -47.51 -109.39
CA GLN OE 309 7.39 -47.15 -110.10
C GLN OE 309 7.66 -45.66 -109.98
N GLN OE 310 6.63 -44.84 -110.09
CA GLN OE 310 6.82 -43.40 -109.97
C GLN OE 310 6.94 -42.93 -108.52
N ALA OE 311 6.78 -43.82 -107.55
CA ALA OE 311 6.85 -43.44 -106.14
C ALA OE 311 5.84 -42.38 -105.74
N LEU OE 312 4.67 -42.39 -106.31
CA LEU OE 312 3.64 -41.46 -105.89
C LEU OE 312 2.91 -42.03 -104.68
N PRO OE 313 2.41 -41.18 -103.78
CA PRO OE 313 1.48 -41.66 -102.75
C PRO OE 313 0.08 -41.81 -103.31
N TYR OE 314 -0.63 -42.85 -102.87
CA TYR OE 314 -1.96 -43.11 -103.42
C TYR OE 314 -2.77 -43.97 -102.48
N SER OE 315 -4.08 -44.01 -102.73
CA SER OE 315 -5.01 -44.98 -102.18
C SER OE 315 -5.78 -45.64 -103.29
N ARG OE 316 -6.06 -46.93 -103.14
CA ARG OE 316 -6.80 -47.72 -104.13
C ARG OE 316 -8.18 -48.07 -103.59
N ARG OE 317 -9.21 -47.89 -104.43
CA ARG OE 317 -10.55 -48.34 -104.11
C ARG OE 317 -11.09 -49.21 -105.25
N ASN OE 318 -11.72 -50.32 -104.88
CA ASN OE 318 -12.26 -51.29 -105.82
C ASN OE 318 -13.77 -51.27 -105.80
N HIS OE 319 -14.38 -51.33 -106.98
CA HIS OE 319 -15.80 -51.45 -107.14
C HIS OE 319 -16.09 -52.58 -108.11
N LYS OE 320 -17.35 -52.96 -108.20
CA LYS OE 320 -17.73 -54.11 -109.00
C LYS OE 320 -17.21 -53.99 -110.43
N GLY OE 321 -17.29 -52.81 -111.02
CA GLY OE 321 -16.92 -52.64 -112.41
C GLY OE 321 -15.84 -51.61 -112.70
N GLY OE 322 -15.05 -51.24 -111.70
CA GLY OE 322 -14.06 -50.20 -111.92
C GLY OE 322 -13.17 -50.02 -110.72
N VAL OE 323 -12.04 -49.37 -110.96
CA VAL OE 323 -11.04 -49.11 -109.93
C VAL OE 323 -10.72 -47.63 -109.92
N THR OE 324 -10.60 -47.05 -108.73
CA THR OE 324 -10.27 -45.64 -108.58
C THR OE 324 -9.03 -45.46 -107.71
N PHE OE 325 -8.08 -44.70 -108.22
CA PHE OE 325 -6.86 -44.35 -107.49
C PHE OE 325 -6.89 -42.88 -107.11
N VAL OE 326 -6.86 -42.62 -105.81
CA VAL OE 326 -6.90 -41.27 -105.27
C VAL OE 326 -5.48 -40.87 -104.88
N ILE OE 327 -5.03 -39.76 -105.43
CA ILE OE 327 -3.69 -39.22 -105.23
C ILE OE 327 -3.92 -37.80 -104.75
N GLN OE 328 -3.80 -37.56 -103.46
CA GLN OE 328 -4.09 -36.25 -102.93
C GLN OE 328 -3.16 -35.88 -101.79
N GLY OE 329 -2.90 -34.59 -101.66
CA GLY OE 329 -2.04 -34.08 -100.62
C GLY OE 329 -1.34 -32.81 -101.07
N ALA OE 330 -0.21 -32.54 -100.40
CA ALA OE 330 0.68 -31.43 -100.72
C ALA OE 330 1.79 -31.82 -101.69
N LEU OE 331 1.39 -32.32 -102.85
CA LEU OE 331 2.36 -32.76 -103.84
C LEU OE 331 3.27 -31.61 -104.28
N ASP OE 332 4.51 -31.97 -104.59
CA ASP OE 332 5.54 -31.11 -105.15
C ASP OE 332 5.49 -31.06 -106.68
N ASP OE 333 6.06 -29.99 -107.24
CA ASP OE 333 6.16 -29.82 -108.69
C ASP OE 333 6.66 -31.06 -109.43
N VAL OE 334 7.76 -31.65 -108.96
CA VAL OE 334 8.28 -32.85 -109.58
C VAL OE 334 7.21 -33.93 -109.63
N GLU OE 335 6.52 -34.14 -108.51
CA GLU OE 335 5.48 -35.15 -108.45
C GLU OE 335 4.36 -34.84 -109.42
N ILE OE 336 3.85 -33.62 -109.43
CA ILE OE 336 2.80 -33.26 -110.38
C ILE OE 336 3.21 -33.60 -111.80
N LEU OE 337 4.40 -33.17 -112.21
CA LEU OE 337 4.86 -33.44 -113.57
C LEU OE 337 4.92 -34.94 -113.87
N ARG OE 338 5.59 -35.72 -113.03
CA ARG OE 338 5.68 -37.15 -113.30
C ARG OE 338 4.32 -37.83 -113.31
N ALA OE 339 3.45 -37.50 -112.37
CA ALA OE 339 2.10 -38.04 -112.38
C ALA OE 339 1.37 -37.73 -113.68
N ARG OE 340 1.37 -36.47 -114.09
CA ARG OE 340 0.73 -36.10 -115.34
C ARG OE 340 1.22 -36.90 -116.53
N GLN OE 341 2.54 -36.99 -116.69
CA GLN OE 341 3.09 -37.79 -117.79
C GLN OE 341 2.61 -39.23 -117.75
N PHE OE 342 2.70 -39.87 -116.59
CA PHE OE 342 2.27 -41.27 -116.49
C PHE OE 342 0.80 -41.44 -116.86
N VAL OE 343 -0.08 -40.69 -116.20
CA VAL OE 343 -1.50 -40.80 -116.50
C VAL OE 343 -1.78 -40.62 -117.98
N ASP OE 344 -1.14 -39.63 -118.59
CA ASP OE 344 -1.33 -39.46 -120.02
C ASP OE 344 -0.88 -40.67 -120.81
N SER OE 345 0.15 -41.36 -120.36
CA SER OE 345 0.60 -42.53 -121.12
C SER OE 345 -0.40 -43.67 -120.98
N TYR OE 346 -0.82 -43.96 -119.77
CA TYR OE 346 -1.77 -45.05 -119.54
C TYR OE 346 -3.09 -44.85 -120.28
N TYR OE 347 -3.70 -43.68 -120.10
CA TYR OE 347 -4.97 -43.40 -120.77
C TYR OE 347 -4.94 -43.68 -122.26
N ARG OE 348 -3.84 -43.35 -122.94
CA ARG OE 348 -3.79 -43.63 -124.37
C ARG OE 348 -3.89 -45.10 -124.71
N THR OE 349 -3.46 -45.96 -123.80
CA THR OE 349 -3.51 -47.40 -124.04
C THR OE 349 -4.85 -48.00 -123.66
N TRP OE 350 -5.25 -47.82 -122.41
CA TRP OE 350 -6.44 -48.48 -121.90
C TRP OE 350 -7.72 -47.65 -121.93
N GLY OE 351 -7.66 -46.39 -122.28
CA GLY OE 351 -8.79 -45.51 -122.12
C GLY OE 351 -9.15 -45.23 -120.67
N GLY OE 352 -10.26 -44.52 -120.50
CA GLY OE 352 -10.76 -44.16 -119.19
C GLY OE 352 -12.00 -44.82 -118.66
N ARG OE 353 -12.34 -46.01 -119.14
CA ARG OE 353 -13.58 -46.63 -118.74
C ARG OE 353 -13.46 -47.46 -117.46
N TYR OE 354 -12.41 -48.27 -117.33
CA TYR OE 354 -12.27 -49.13 -116.16
C TYR OE 354 -11.53 -48.48 -114.99
N VAL OE 355 -10.37 -47.88 -115.22
CA VAL OE 355 -9.55 -47.25 -114.18
C VAL OE 355 -9.61 -45.74 -114.25
N GLN OE 356 -9.88 -45.11 -113.11
CA GLN OE 356 -9.95 -43.65 -112.93
C GLN OE 356 -8.90 -43.17 -111.94
N PHE OE 357 -8.27 -42.03 -112.24
CA PHE OE 357 -7.31 -41.39 -111.36
C PHE OE 357 -7.83 -40.02 -110.92
N ALA OE 358 -7.86 -39.79 -109.61
CA ALA OE 358 -8.28 -38.51 -109.03
C ALA OE 358 -7.11 -37.84 -108.33
N ILE OE 359 -6.69 -36.68 -108.84
CA ILE OE 359 -5.54 -35.93 -108.32
C ILE OE 359 -6.01 -34.66 -107.64
N GLU OE 360 -5.65 -34.50 -106.36
CA GLU OE 360 -6.09 -33.31 -105.62
C GLU OE 360 -5.00 -32.73 -104.75
N LEU OE 361 -4.91 -31.39 -104.79
CA LEU OE 361 -3.96 -30.62 -104.00
C LEU OE 361 -4.67 -30.08 -102.78
N LYS OE 362 -4.05 -30.21 -101.62
CA LYS OE 362 -4.61 -29.62 -100.41
C LYS OE 362 -3.51 -29.06 -99.52
N ASP OE 363 -3.87 -28.05 -98.75
CA ASP OE 363 -2.91 -27.33 -97.92
C ASP OE 363 -2.47 -28.18 -96.73
N ASP OE 364 -1.25 -27.93 -96.28
CA ASP OE 364 -0.64 -28.71 -95.21
C ASP OE 364 -1.04 -28.13 -93.86
N TRP OE 365 -1.92 -28.83 -93.15
CA TRP OE 365 -2.28 -28.43 -91.80
C TRP OE 365 -1.11 -28.58 -90.84
N LEU OE 366 -0.17 -29.46 -91.15
CA LEU OE 366 0.78 -30.00 -90.20
C LEU OE 366 2.13 -29.27 -90.16
N LYS OE 367 2.42 -28.43 -91.13
CA LYS OE 367 3.70 -27.71 -91.15
C LYS OE 367 3.90 -26.83 -89.93
N GLY OE 368 4.99 -27.06 -89.21
CA GLY OE 368 5.36 -26.25 -88.06
C GLY OE 368 4.69 -26.55 -86.74
N ARG OE 369 3.91 -27.61 -86.63
CA ARG OE 369 3.17 -27.91 -85.41
C ARG OE 369 3.63 -29.25 -84.87
N SER OE 370 3.69 -29.37 -83.55
CA SER OE 370 4.03 -30.64 -82.94
C SER OE 370 2.78 -31.49 -82.76
N PHE OE 371 2.94 -32.79 -82.86
CA PHE OE 371 1.78 -33.67 -82.89
C PHE OE 371 2.17 -35.08 -82.49
N GLN OE 372 1.15 -35.85 -82.13
CA GLN OE 372 1.30 -37.28 -81.87
C GLN OE 372 0.71 -38.05 -83.03
N TYR OE 373 1.43 -39.06 -83.49
CA TYR OE 373 0.93 -39.94 -84.53
C TYR OE 373 0.98 -41.37 -84.04
N GLY OE 374 0.10 -42.19 -84.57
CA GLY OE 374 -0.14 -43.52 -84.04
C GLY OE 374 -1.61 -43.86 -84.11
N ALA OE 375 -2.03 -44.78 -83.25
CA ALA OE 375 -3.45 -45.10 -83.13
C ALA OE 375 -4.26 -43.95 -82.53
N GLU OE 376 -3.63 -43.08 -81.76
CA GLU OE 376 -4.33 -42.06 -80.97
C GLU OE 376 -3.78 -40.67 -81.27
N GLY OE 377 -3.69 -40.33 -82.54
CA GLY OE 377 -3.07 -39.08 -82.90
C GLY OE 377 -3.91 -37.87 -82.56
N TYR OE 378 -3.22 -36.74 -82.45
CA TYR OE 378 -3.86 -35.44 -82.35
C TYR OE 378 -2.81 -34.38 -82.66
N ILE OE 379 -3.27 -33.17 -82.93
CA ILE OE 379 -2.38 -32.07 -83.28
C ILE OE 379 -2.49 -30.99 -82.22
N LYS OE 380 -1.36 -30.47 -81.76
CA LYS OE 380 -1.37 -29.26 -80.96
C LYS OE 380 -1.49 -28.05 -81.87
N MET OE 381 -2.68 -27.47 -81.97
CA MET OE 381 -2.81 -26.28 -82.81
C MET OE 381 -1.91 -25.18 -82.28
N SER OE 382 -1.78 -25.09 -80.98
CA SER OE 382 -0.85 -24.22 -80.27
C SER OE 382 -0.67 -24.87 -78.92
N PRO OE 383 0.19 -24.37 -78.04
CA PRO OE 383 0.02 -24.70 -76.63
C PRO OE 383 -1.42 -24.46 -76.20
N GLY OE 384 -1.88 -25.27 -75.27
CA GLY OE 384 -3.23 -25.14 -74.78
C GLY OE 384 -4.36 -25.49 -75.72
N HIS OE 385 -4.11 -25.83 -76.98
CA HIS OE 385 -5.20 -26.14 -77.90
C HIS OE 385 -4.95 -27.48 -78.58
N TRP OE 386 -5.84 -28.45 -78.34
CA TRP OE 386 -5.76 -29.78 -78.94
C TRP OE 386 -6.80 -29.96 -80.03
N TYR OE 387 -6.38 -30.49 -81.17
CA TYR OE 387 -7.28 -30.89 -82.25
C TYR OE 387 -7.25 -32.40 -82.41
N PHE OE 388 -8.44 -33.02 -82.38
CA PHE OE 388 -8.58 -34.46 -82.57
C PHE OE 388 -9.28 -34.81 -83.86
N PRO OE 389 -8.58 -34.89 -84.98
CA PRO OE 389 -9.22 -35.40 -86.20
C PRO OE 389 -9.48 -36.88 -86.07
N SER OE 390 -10.48 -37.35 -86.82
CA SER OE 390 -10.91 -38.74 -86.72
C SER OE 390 -11.51 -39.24 -88.02
N ALA PE 171 20.96 -34.34 -159.66
CA ALA PE 171 21.27 -33.73 -158.38
C ALA PE 171 21.06 -34.73 -157.25
N GLU PE 172 22.12 -35.40 -156.83
CA GLU PE 172 21.97 -36.41 -155.81
C GLU PE 172 21.69 -35.74 -154.46
N LEU PE 173 21.12 -36.53 -153.56
CA LEU PE 173 20.78 -35.98 -152.25
C LEU PE 173 22.01 -35.58 -151.44
N ASP PE 174 23.08 -36.37 -151.49
CA ASP PE 174 24.28 -36.03 -150.75
C ASP PE 174 24.87 -34.69 -151.12
N SER PE 175 24.71 -34.27 -152.38
CA SER PE 175 25.24 -32.98 -152.81
C SER PE 175 24.47 -31.81 -152.22
N LEU PE 176 23.25 -32.03 -151.74
CA LEU PE 176 22.39 -30.99 -151.20
C LEU PE 176 22.49 -30.79 -149.70
N LEU PE 177 23.04 -31.74 -148.95
CA LEU PE 177 23.04 -31.61 -147.50
C LEU PE 177 24.12 -30.70 -146.94
N GLY PE 178 25.12 -30.33 -147.72
CA GLY PE 178 26.18 -29.50 -147.19
C GLY PE 178 27.54 -29.87 -147.72
N GLN PE 179 28.56 -29.21 -147.17
CA GLN PE 179 29.94 -29.61 -147.39
C GLN PE 179 30.37 -30.79 -146.54
N GLU PE 180 29.93 -30.87 -145.29
CA GLU PE 180 30.30 -31.96 -144.41
C GLU PE 180 29.53 -33.21 -144.80
N LYS PE 181 30.07 -33.95 -145.77
CA LYS PE 181 29.37 -35.12 -146.32
C LYS PE 181 29.08 -36.16 -145.25
N GLU PE 182 30.07 -36.48 -144.42
CA GLU PE 182 30.00 -37.60 -143.50
C GLU PE 182 29.04 -37.36 -142.33
N ARG PE 183 28.56 -36.13 -142.15
CA ARG PE 183 27.67 -35.83 -141.04
C ARG PE 183 26.37 -36.62 -141.10
N PHE PE 184 25.91 -36.98 -142.30
CA PHE PE 184 24.63 -37.64 -142.54
C PHE PE 184 24.86 -38.96 -143.24
N GLN PE 185 23.88 -39.86 -143.17
CA GLN PE 185 24.04 -41.15 -143.84
C GLN PE 185 22.77 -41.47 -144.60
N VAL PE 186 22.91 -41.72 -145.90
CA VAL PE 186 21.80 -42.01 -146.81
C VAL PE 186 21.66 -43.51 -147.02
N LEU PE 187 20.44 -44.02 -146.81
CA LEU PE 187 20.15 -45.43 -146.95
C LEU PE 187 18.93 -45.65 -147.84
N PRO PE 188 18.98 -46.58 -148.79
CA PRO PE 188 17.79 -46.91 -149.57
C PRO PE 188 16.84 -47.83 -148.82
N GLY PE 189 15.56 -47.68 -149.10
CA GLY PE 189 14.53 -48.50 -148.47
C GLY PE 189 13.73 -49.31 -149.47
N ARG PE 190 13.26 -50.49 -149.02
CA ARG PE 190 12.43 -51.33 -149.87
C ARG PE 190 11.13 -50.65 -150.29
N ASP PE 191 10.70 -49.62 -149.58
CA ASP PE 191 9.54 -48.82 -149.96
C ASP PE 191 9.85 -47.82 -151.07
N LYS PE 192 11.07 -47.85 -151.61
CA LYS PE 192 11.50 -46.93 -152.66
C LYS PE 192 11.52 -45.47 -152.20
N MET PE 193 12.16 -45.24 -151.05
CA MET PE 193 12.25 -43.91 -150.47
C MET PE 193 13.65 -43.80 -149.87
N LEU PE 194 14.28 -42.64 -149.98
CA LEU PE 194 15.57 -42.43 -149.32
C LEU PE 194 15.43 -42.07 -147.85
N TYR PE 195 16.09 -42.82 -146.98
CA TYR PE 195 16.10 -42.56 -145.55
C TYR PE 195 17.42 -41.90 -145.16
N VAL PE 196 17.33 -40.73 -144.55
CA VAL PE 196 18.49 -39.97 -144.10
C VAL PE 196 18.60 -40.13 -142.59
N ALA PE 197 19.68 -40.76 -142.17
CA ALA PE 197 19.97 -40.99 -140.76
C ALA PE 197 20.80 -39.83 -140.22
N ALA PE 198 20.27 -39.21 -139.15
CA ALA PE 198 20.84 -38.09 -138.43
C ALA PE 198 21.22 -38.49 -137.01
N GLN PE 199 22.04 -37.66 -136.37
CA GLN PE 199 22.52 -37.92 -135.02
C GLN PE 199 21.82 -37.14 -133.92
N ASN PE 200 21.19 -36.02 -134.21
CA ASN PE 200 20.61 -35.19 -133.16
C ASN PE 200 19.51 -34.32 -133.75
N GLU PE 201 18.80 -33.62 -132.86
CA GLU PE 201 17.74 -32.72 -133.27
C GLU PE 201 18.20 -31.59 -134.18
N ARG PE 202 19.23 -30.86 -133.79
CA ARG PE 202 19.75 -29.77 -134.60
C ARG PE 202 20.04 -30.22 -136.04
N ASP PE 203 20.78 -31.32 -136.18
CA ASP PE 203 21.06 -31.88 -137.50
C ASP PE 203 19.79 -32.35 -138.20
N THR PE 204 18.87 -32.93 -137.44
CA THR PE 204 17.60 -33.35 -138.01
C THR PE 204 16.91 -32.19 -138.70
N LEU PE 205 16.76 -31.07 -138.00
CA LEU PE 205 16.11 -29.92 -138.63
C LEU PE 205 16.93 -29.33 -139.76
N TRP PE 206 18.25 -29.36 -139.65
CA TRP PE 206 19.08 -28.94 -140.78
C TRP PE 206 18.76 -29.74 -142.03
N ALA PE 207 18.45 -31.03 -141.87
CA ALA PE 207 18.05 -31.85 -143.01
C ALA PE 207 16.62 -31.61 -143.44
N ARG PE 208 15.68 -31.61 -142.50
CA ARG PE 208 14.28 -31.45 -142.84
C ARG PE 208 14.01 -30.16 -143.61
N GLN PE 209 14.75 -29.10 -143.31
CA GLN PE 209 14.54 -27.87 -144.07
C GLN PE 209 14.77 -28.05 -145.56
N VAL PE 210 15.74 -28.89 -145.95
CA VAL PE 210 16.00 -29.08 -147.37
C VAL PE 210 14.83 -29.77 -148.05
N LEU PE 211 14.29 -30.81 -147.43
CA LEU PE 211 13.18 -31.52 -148.04
C LEU PE 211 11.91 -30.68 -148.05
N ALA PE 212 11.60 -30.04 -146.93
CA ALA PE 212 10.38 -29.23 -146.85
C ALA PE 212 10.45 -28.05 -147.80
N ARG PE 213 11.62 -27.48 -148.03
CA ARG PE 213 11.74 -26.49 -149.09
C ARG PE 213 11.44 -27.11 -150.45
N GLY PE 214 11.63 -28.41 -150.58
CA GLY PE 214 11.40 -29.08 -151.85
C GLY PE 214 12.54 -29.00 -152.83
N ASP PE 215 13.77 -29.02 -152.36
CA ASP PE 215 14.90 -29.04 -153.28
C ASP PE 215 15.03 -30.38 -153.98
N TYR PE 216 14.99 -31.48 -153.23
CA TYR PE 216 14.93 -32.79 -153.84
C TYR PE 216 13.51 -33.08 -154.33
N ASP PE 217 13.41 -34.01 -155.28
CA ASP PE 217 12.16 -34.26 -155.98
C ASP PE 217 11.54 -35.63 -155.74
N LYS PE 218 12.33 -36.68 -155.61
CA LYS PE 218 11.80 -37.96 -155.19
C LYS PE 218 11.47 -37.96 -153.70
N ASN PE 219 10.96 -39.10 -153.23
CA ASN PE 219 10.62 -39.25 -151.82
C ASN PE 219 11.83 -39.50 -150.91
N ALA PE 220 11.77 -38.87 -149.75
CA ALA PE 220 12.83 -38.99 -148.76
C ALA PE 220 12.24 -38.71 -147.39
N ARG PE 221 12.93 -39.19 -146.36
CA ARG PE 221 12.45 -39.05 -145.00
C ARG PE 221 13.67 -38.99 -144.10
N VAL PE 222 13.55 -38.29 -142.98
CA VAL PE 222 14.62 -38.13 -142.00
C VAL PE 222 14.30 -38.91 -140.74
N ILE PE 223 15.30 -39.59 -140.19
CA ILE PE 223 15.13 -40.45 -139.02
C ILE PE 223 16.28 -40.31 -138.04
N ASN PE 224 15.98 -40.63 -136.78
CA ASN PE 224 16.95 -40.64 -135.69
C ASN PE 224 16.50 -41.69 -134.65
N GLU PE 225 17.46 -42.06 -133.80
CA GLU PE 225 17.24 -43.13 -132.83
C GLU PE 225 16.11 -42.86 -131.86
N ASN PE 226 16.00 -41.65 -131.31
CA ASN PE 226 14.95 -41.44 -130.32
C ASN PE 226 13.57 -41.53 -130.95
N GLU PE 227 13.39 -40.90 -132.11
CA GLU PE 227 12.11 -40.98 -132.79
C GLU PE 227 11.74 -42.43 -133.08
N GLU PE 228 12.70 -43.22 -133.55
CA GLU PE 228 12.35 -44.59 -133.87
C GLU PE 228 12.07 -45.41 -132.62
N ASN PE 229 12.80 -45.17 -131.54
CA ASN PE 229 12.47 -45.89 -130.32
C ASN PE 229 11.05 -45.61 -129.89
N LYS PE 230 10.63 -44.35 -129.96
CA LYS PE 230 9.26 -44.02 -129.57
C LYS PE 230 8.23 -44.70 -130.47
N ARG PE 231 8.42 -44.60 -131.78
CA ARG PE 231 7.47 -45.21 -132.71
C ARG PE 231 7.34 -46.72 -132.48
N ILE PE 232 8.46 -47.42 -132.31
CA ILE PE 232 8.37 -48.85 -132.14
C ILE PE 232 7.73 -49.19 -130.80
N SER PE 233 8.00 -48.41 -129.76
CA SER PE 233 7.34 -48.71 -128.50
C SER PE 233 5.84 -48.54 -128.61
N ILE PE 234 5.40 -47.53 -129.38
CA ILE PE 234 3.97 -47.36 -129.57
C ILE PE 234 3.35 -48.54 -130.31
N TRP PE 235 4.08 -49.15 -131.24
CA TRP PE 235 3.49 -50.31 -131.92
C TRP PE 235 3.45 -51.53 -131.00
N LEU PE 236 4.54 -51.76 -130.27
CA LEU PE 236 4.58 -52.84 -129.29
C LEU PE 236 3.46 -52.73 -128.27
N ASP PE 237 3.18 -51.52 -127.82
CA ASP PE 237 2.09 -51.32 -126.86
C ASP PE 237 0.79 -51.93 -127.33
N THR PE 238 0.56 -51.97 -128.64
CA THR PE 238 -0.69 -52.51 -129.15
C THR PE 238 -0.63 -54.00 -129.41
N TYR PE 239 0.41 -54.50 -130.08
CA TYR PE 239 0.39 -55.92 -130.43
C TYR PE 239 1.10 -56.85 -129.47
N TYR PE 240 1.94 -56.33 -128.57
CA TYR PE 240 2.66 -57.12 -127.56
C TYR PE 240 2.58 -56.38 -126.25
N PRO PE 241 1.39 -56.27 -125.68
CA PRO PE 241 1.18 -55.46 -124.47
C PRO PE 241 1.82 -55.99 -123.20
N GLN PE 242 2.52 -57.11 -123.22
CA GLN PE 242 3.10 -57.65 -122.00
C GLN PE 242 4.58 -57.98 -122.15
N LEU PE 243 5.21 -57.59 -123.24
CA LEU PE 243 6.62 -57.85 -123.46
C LEU PE 243 7.50 -56.93 -122.62
N ALA PE 244 8.46 -57.54 -121.92
CA ALA PE 244 9.47 -56.84 -121.12
C ALA PE 244 10.74 -56.67 -121.94
N TYR PE 245 11.17 -55.44 -122.14
CA TYR PE 245 12.30 -55.15 -123.01
C TYR PE 245 12.98 -53.87 -122.55
N TYR PE 246 14.18 -53.63 -123.08
CA TYR PE 246 14.98 -52.46 -122.75
C TYR PE 246 15.02 -51.41 -123.83
N ARG PE 247 15.82 -51.63 -124.87
CA ARG PE 247 16.01 -50.58 -125.86
C ARG PE 247 16.48 -51.18 -127.17
N ILE PE 248 16.26 -50.43 -128.24
CA ILE PE 248 16.76 -50.75 -129.57
C ILE PE 248 17.87 -49.79 -129.98
N HIS PE 249 19.04 -50.35 -130.25
CA HIS PE 249 20.26 -49.64 -130.63
C HIS PE 249 20.43 -49.61 -132.14
N PHE PE 250 20.80 -48.45 -132.66
CA PHE PE 250 21.00 -48.23 -134.09
C PHE PE 250 22.42 -47.79 -134.37
N ASP PE 251 23.37 -48.37 -133.65
CA ASP PE 251 24.76 -48.03 -133.92
C ASP PE 251 25.13 -48.43 -135.34
N GLU PE 252 24.66 -49.60 -135.77
CA GLU PE 252 24.77 -50.08 -137.14
C GLU PE 252 23.35 -50.02 -137.71
N PRO PE 253 22.98 -49.00 -138.47
CA PRO PE 253 21.57 -48.87 -138.83
C PRO PE 253 21.06 -49.98 -139.72
N ARG PE 254 21.93 -50.73 -140.38
CA ARG PE 254 21.45 -51.85 -141.20
C ARG PE 254 21.19 -53.12 -140.41
N LYS PE 255 21.62 -53.19 -139.15
CA LYS PE 255 21.40 -54.36 -138.31
C LYS PE 255 21.16 -53.94 -136.88
N PRO PE 256 19.96 -53.47 -136.56
CA PRO PE 256 19.69 -53.05 -135.18
C PRO PE 256 19.78 -54.21 -134.20
N VAL PE 257 19.93 -53.83 -132.94
CA VAL PE 257 20.07 -54.76 -131.83
C VAL PE 257 18.94 -54.47 -130.84
N PHE PE 258 18.18 -55.49 -130.50
CA PHE PE 258 17.04 -55.35 -129.59
C PHE PE 258 17.30 -56.14 -128.32
N TRP PE 259 17.37 -55.44 -127.19
CA TRP PE 259 17.64 -56.04 -125.89
C TRP PE 259 16.37 -56.44 -125.13
N LEU PE 260 16.21 -57.73 -124.86
CA LEU PE 260 15.08 -58.26 -124.12
C LEU PE 260 15.53 -58.80 -122.78
N SER PE 261 14.65 -58.75 -121.79
CA SER PE 261 14.94 -59.37 -120.50
C SER PE 261 14.89 -60.88 -120.59
N ARG PE 262 15.92 -61.53 -120.05
CA ARG PE 262 15.93 -62.98 -119.94
C ARG PE 262 14.92 -63.52 -118.94
N GLN PE 263 14.83 -62.92 -117.76
CA GLN PE 263 13.97 -63.50 -116.73
C GLN PE 263 12.49 -63.23 -116.97
N ARG PE 264 12.13 -62.01 -117.32
CA ARG PE 264 10.72 -61.67 -117.26
C ARG PE 264 9.93 -62.12 -118.47
N ASN PE 265 10.60 -62.55 -119.55
CA ASN PE 265 9.91 -63.04 -120.73
C ASN PE 265 10.01 -64.57 -120.78
N THR PE 266 8.99 -65.17 -121.36
CA THR PE 266 8.99 -66.60 -121.68
C THR PE 266 8.46 -66.83 -123.08
N MET PE 267 9.34 -67.20 -124.00
CA MET PE 267 8.98 -67.32 -125.40
C MET PE 267 9.81 -68.43 -126.02
N SER PE 268 9.30 -69.04 -127.09
CA SER PE 268 10.08 -69.99 -127.86
C SER PE 268 10.78 -69.33 -129.03
N LYS PE 269 11.73 -70.07 -129.60
CA LYS PE 269 12.48 -69.60 -130.76
C LYS PE 269 11.58 -69.20 -131.91
N LYS PE 270 10.53 -69.98 -132.16
CA LYS PE 270 9.59 -69.62 -133.22
C LYS PE 270 8.98 -68.25 -132.97
N GLU PE 271 8.52 -68.03 -131.73
CA GLU PE 271 7.95 -66.75 -131.37
C GLU PE 271 8.96 -65.62 -131.56
N LEU PE 272 10.19 -65.82 -131.11
CA LEU PE 272 11.22 -64.82 -131.32
C LEU PE 272 11.44 -64.53 -132.79
N GLU PE 273 11.46 -65.57 -133.62
CA GLU PE 273 11.62 -65.37 -135.07
C GLU PE 273 10.47 -64.56 -135.65
N VAL PE 274 9.24 -64.89 -135.29
CA VAL PE 274 8.09 -64.11 -135.76
C VAL PE 274 8.23 -62.64 -135.36
N LEU PE 275 8.56 -62.41 -134.09
CA LEU PE 275 8.82 -61.05 -133.62
C LEU PE 275 9.86 -60.34 -134.48
N SER PE 276 10.98 -61.03 -134.72
CA SER PE 276 12.03 -60.49 -135.56
C SER PE 276 11.50 -60.06 -136.93
N GLN PE 277 10.75 -60.95 -137.58
CA GLN PE 277 10.24 -60.61 -138.90
C GLN PE 277 9.29 -59.43 -138.86
N LYS PE 278 8.45 -59.34 -137.83
CA LYS PE 278 7.54 -58.21 -137.78
C LYS PE 278 8.27 -56.89 -137.56
N LEU PE 279 9.31 -56.89 -136.72
CA LEU PE 279 10.13 -55.69 -136.62
C LEU PE 279 10.76 -55.33 -137.96
N ARG PE 280 11.29 -56.34 -138.65
CA ARG PE 280 11.89 -56.06 -139.95
C ARG PE 280 10.86 -55.47 -140.90
N ALA PE 281 9.60 -55.83 -140.73
CA ALA PE 281 8.59 -55.22 -141.58
C ALA PE 281 8.32 -53.79 -141.19
N LEU PE 282 8.50 -53.45 -139.91
CA LEU PE 282 8.33 -52.06 -139.49
C LEU PE 282 9.49 -51.16 -139.92
N MET PE 283 10.68 -51.72 -140.14
CA MET PE 283 11.87 -50.93 -140.46
C MET PE 283 12.35 -51.25 -141.88
N PRO PE 284 11.79 -50.59 -142.90
CA PRO PE 284 12.15 -50.91 -144.28
C PRO PE 284 13.59 -50.58 -144.67
N TYR PE 285 14.35 -49.92 -143.81
CA TYR PE 285 15.75 -49.63 -144.13
C TYR PE 285 16.70 -50.63 -143.50
N ALA PE 286 16.22 -51.51 -142.64
CA ALA PE 286 17.06 -52.47 -141.95
C ALA PE 286 16.94 -53.84 -142.57
N ASP PE 287 18.08 -54.52 -142.71
CA ASP PE 287 18.09 -55.86 -143.30
C ASP PE 287 17.71 -56.95 -142.31
N SER PE 288 18.00 -56.78 -141.03
CA SER PE 288 17.64 -57.78 -140.04
C SER PE 288 17.73 -57.18 -138.65
N VAL PE 289 17.04 -57.82 -137.71
CA VAL PE 289 16.99 -57.40 -136.32
C VAL PE 289 17.60 -58.50 -135.45
N ASN PE 290 18.65 -58.17 -134.71
CA ASN PE 290 19.31 -59.15 -133.85
C ASN PE 290 18.76 -58.98 -132.44
N ILE PE 291 18.19 -60.05 -131.90
CA ILE PE 291 17.62 -60.06 -130.56
C ILE PE 291 18.61 -60.66 -129.57
N THR PE 292 18.92 -59.90 -128.52
CA THR PE 292 19.85 -60.30 -127.48
C THR PE 292 19.19 -60.28 -126.10
N LEU PE 293 19.44 -61.31 -125.31
CA LEU PE 293 18.90 -61.41 -123.96
C LEU PE 293 19.88 -60.88 -122.91
N MET PE 294 19.40 -59.96 -122.07
CA MET PE 294 20.19 -59.26 -121.06
C MET PE 294 19.69 -59.60 -119.66
N ASP PE 295 20.57 -59.43 -118.67
CA ASP PE 295 20.24 -59.70 -117.27
C ASP PE 295 19.84 -58.45 -116.48
N ASP PE 296 18.67 -58.53 -115.86
CA ASP PE 296 18.16 -57.45 -115.01
C ASP PE 296 19.06 -57.20 -113.81
N VAL PE 297 19.55 -58.27 -113.18
CA VAL PE 297 20.44 -58.08 -112.04
C VAL PE 297 21.65 -57.27 -112.46
N THR PE 298 22.18 -57.55 -113.64
CA THR PE 298 23.28 -56.76 -114.17
C THR PE 298 22.90 -55.29 -114.29
N ALA PE 299 21.77 -55.00 -114.93
CA ALA PE 299 21.31 -53.61 -115.04
C ALA PE 299 21.23 -52.89 -113.70
N ALA PE 300 20.45 -53.43 -112.77
CA ALA PE 300 20.32 -52.84 -111.43
C ALA PE 300 21.66 -52.66 -110.74
N GLY PE 301 22.55 -53.65 -110.84
CA GLY PE 301 23.85 -53.53 -110.21
C GLY PE 301 24.69 -52.42 -110.78
N GLN PE 302 24.75 -52.29 -112.10
CA GLN PE 302 25.48 -51.16 -112.68
C GLN PE 302 24.89 -49.81 -112.30
N ALA PE 303 23.58 -49.73 -112.11
CA ALA PE 303 23.01 -48.48 -111.59
C ALA PE 303 23.48 -48.17 -110.18
N GLU PE 304 23.38 -49.14 -109.27
CA GLU PE 304 23.75 -48.86 -107.89
C GLU PE 304 25.24 -48.58 -107.77
N ALA PE 305 26.06 -49.39 -108.43
CA ALA PE 305 27.49 -49.13 -108.42
C ALA PE 305 27.82 -47.75 -108.93
N GLY PE 306 27.14 -47.27 -109.97
CA GLY PE 306 27.41 -45.91 -110.41
C GLY PE 306 27.07 -44.83 -109.39
N LEU PE 307 25.96 -44.99 -108.67
CA LEU PE 307 25.66 -44.02 -107.62
C LEU PE 307 26.67 -44.07 -106.48
N LYS PE 308 27.11 -45.25 -106.09
CA LYS PE 308 28.15 -45.32 -105.06
C LYS PE 308 29.43 -44.68 -105.57
N GLN PE 309 29.82 -45.00 -106.79
CA GLN PE 309 31.03 -44.44 -107.35
C GLN PE 309 30.96 -42.92 -107.38
N GLN PE 310 29.77 -42.35 -107.44
CA GLN PE 310 29.66 -40.90 -107.36
C GLN PE 310 29.43 -40.39 -105.95
N ALA PE 311 29.38 -41.26 -104.95
CA ALA PE 311 29.13 -40.90 -103.56
C ALA PE 311 27.83 -40.16 -103.30
N LEU PE 312 26.87 -40.26 -104.15
CA LEU PE 312 25.62 -39.57 -103.89
C LEU PE 312 24.82 -40.35 -102.84
N PRO PE 313 24.14 -39.69 -101.92
CA PRO PE 313 23.24 -40.42 -101.03
C PRO PE 313 21.96 -40.80 -101.74
N TYR PE 314 21.45 -41.99 -101.43
CA TYR PE 314 20.24 -42.48 -102.08
C TYR PE 314 19.54 -43.49 -101.19
N SER PE 315 18.27 -43.72 -101.51
CA SER PE 315 17.51 -44.87 -101.04
C SER PE 315 17.06 -45.72 -102.22
N ARG PE 316 17.16 -47.04 -102.05
CA ARG PE 316 16.72 -47.98 -103.05
C ARG PE 316 15.39 -48.58 -102.64
N ARG PE 317 14.50 -48.78 -103.61
CA ARG PE 317 13.26 -49.50 -103.40
C ARG PE 317 13.07 -50.51 -104.51
N ASN PE 318 12.70 -51.74 -104.14
CA ASN PE 318 12.48 -52.82 -105.07
C ASN PE 318 11.00 -53.12 -105.22
N HIS PE 319 10.57 -53.35 -106.45
CA HIS PE 319 9.22 -53.75 -106.76
C HIS PE 319 9.29 -54.92 -107.73
N LYS PE 320 8.19 -55.65 -107.82
CA LYS PE 320 8.17 -56.88 -108.58
C LYS PE 320 8.46 -56.66 -110.05
N GLY PE 321 8.35 -55.43 -110.53
CA GLY PE 321 8.65 -55.15 -111.91
C GLY PE 321 9.67 -54.04 -112.12
N GLY PE 322 10.32 -53.55 -111.08
CA GLY PE 322 11.15 -52.37 -111.27
C GLY PE 322 11.91 -51.99 -110.01
N VAL PE 323 12.83 -51.06 -110.17
CA VAL PE 323 13.65 -50.55 -109.08
C VAL PE 323 13.66 -49.04 -109.15
N THR PE 324 13.52 -48.39 -107.99
CA THR PE 324 13.57 -46.93 -107.89
C THR PE 324 14.73 -46.53 -107.01
N PHE PE 325 15.51 -45.55 -107.45
CA PHE PE 325 16.49 -44.88 -106.62
C PHE PE 325 16.02 -43.46 -106.37
N VAL PE 326 15.89 -43.10 -105.09
CA VAL PE 326 15.41 -41.77 -104.69
C VAL PE 326 16.53 -41.00 -104.02
N ILE PE 327 16.80 -39.80 -104.54
CA ILE PE 327 17.83 -38.91 -104.03
C ILE PE 327 17.10 -37.62 -103.66
N GLN PE 328 17.19 -37.22 -102.40
CA GLN PE 328 16.51 -35.99 -102.01
C GLN PE 328 17.17 -35.33 -100.81
N GLY PE 329 16.97 -34.03 -100.70
CA GLY PE 329 17.40 -33.23 -99.58
C GLY PE 329 17.95 -31.90 -100.05
N ALA PE 330 18.80 -31.31 -99.22
CA ALA PE 330 19.51 -30.06 -99.56
C ALA PE 330 20.83 -30.37 -100.25
N LEU PE 331 20.75 -31.01 -101.41
CA LEU PE 331 21.94 -31.32 -102.18
C LEU PE 331 22.74 -30.07 -102.53
N ASP PE 332 24.04 -30.26 -102.65
CA ASP PE 332 24.96 -29.22 -103.10
C ASP PE 332 25.04 -29.18 -104.63
N ASP PE 333 25.48 -28.03 -105.14
CA ASP PE 333 25.73 -27.84 -106.56
C ASP PE 333 26.58 -28.94 -107.21
N VAL PE 334 27.70 -29.29 -106.58
CA VAL PE 334 28.56 -30.32 -107.15
C VAL PE 334 27.82 -31.64 -107.27
N GLU PE 335 27.05 -31.98 -106.25
CA GLU PE 335 26.27 -33.21 -106.27
C GLU PE 335 25.24 -33.18 -107.38
N ILE PE 336 24.42 -32.14 -107.44
CA ILE PE 336 23.46 -32.00 -108.52
C ILE PE 336 24.12 -32.21 -109.88
N LEU PE 337 25.20 -31.48 -110.16
CA LEU PE 337 25.90 -31.65 -111.43
C LEU PE 337 26.30 -33.10 -111.72
N ARG PE 338 27.00 -33.72 -110.79
CA ARG PE 338 27.43 -35.10 -111.02
C ARG PE 338 26.26 -36.06 -111.19
N ALA PE 339 25.21 -35.88 -110.41
CA ALA PE 339 24.01 -36.69 -110.58
C ALA PE 339 23.44 -36.57 -111.99
N ARG PE 340 23.16 -35.35 -112.44
CA ARG PE 340 22.67 -35.16 -113.79
C ARG PE 340 23.55 -35.83 -114.85
N GLN PE 341 24.87 -35.73 -114.70
CA GLN PE 341 25.75 -36.35 -115.70
C GLN PE 341 25.59 -37.87 -115.72
N PHE PE 342 25.70 -38.50 -114.55
CA PHE PE 342 25.55 -39.94 -114.49
C PHE PE 342 24.21 -40.42 -115.02
N VAL PE 343 23.12 -39.85 -114.52
CA VAL PE 343 21.79 -40.24 -114.97
C VAL PE 343 21.70 -40.18 -116.49
N ASP PE 344 22.08 -39.06 -117.09
CA ASP PE 344 21.97 -39.00 -118.53
C ASP PE 344 22.88 -40.00 -119.23
N SER PE 345 24.00 -40.38 -118.61
CA SER PE 345 24.87 -41.37 -119.24
C SER PE 345 24.21 -42.74 -119.25
N TYR PE 346 23.73 -43.18 -118.11
CA TYR PE 346 23.06 -44.47 -117.99
C TYR PE 346 21.82 -44.55 -118.87
N TYR PE 347 20.98 -43.53 -118.83
CA TYR PE 347 19.74 -43.58 -119.60
C TYR PE 347 20.00 -43.84 -121.08
N ARG PE 348 21.08 -43.27 -121.62
CA ARG PE 348 21.33 -43.50 -123.04
C ARG PE 348 21.64 -44.95 -123.35
N THR PE 349 22.10 -45.71 -122.36
CA THR PE 349 22.40 -47.12 -122.54
C THR PE 349 21.19 -48.01 -122.33
N TRP PE 350 20.57 -47.92 -121.16
CA TRP PE 350 19.50 -48.83 -120.77
C TRP PE 350 18.08 -48.33 -120.99
N GLY PE 351 17.89 -47.08 -121.36
CA GLY PE 351 16.54 -46.54 -121.42
C GLY PE 351 15.91 -46.38 -120.04
N GLY PE 352 14.66 -45.92 -120.05
CA GLY PE 352 13.92 -45.69 -118.83
C GLY PE 352 12.79 -46.60 -118.42
N ARG PE 353 12.78 -47.85 -118.86
CA ARG PE 353 11.67 -48.74 -118.57
C ARG PE 353 11.82 -49.50 -117.26
N TYR PE 354 13.00 -50.04 -116.97
CA TYR PE 354 13.15 -50.84 -115.77
C TYR PE 354 13.58 -50.04 -114.53
N VAL PE 355 14.58 -49.16 -114.62
CA VAL PE 355 15.12 -48.43 -113.47
C VAL PE 355 14.80 -46.95 -113.55
N GLN PE 356 14.29 -46.40 -112.44
CA GLN PE 356 13.94 -44.99 -112.30
C GLN PE 356 14.81 -44.26 -111.28
N PHE PE 357 15.16 -43.01 -111.60
CA PHE PE 357 15.91 -42.10 -110.72
C PHE PE 357 15.08 -40.85 -110.46
N ALA PE 358 14.93 -40.49 -109.18
CA ALA PE 358 14.19 -39.30 -108.78
C ALA PE 358 15.06 -38.37 -107.94
N ILE PE 359 15.20 -37.13 -108.37
CA ILE PE 359 16.00 -36.11 -107.69
C ILE PE 359 15.06 -35.00 -107.22
N GLU PE 360 14.92 -34.83 -105.91
CA GLU PE 360 14.02 -33.83 -105.34
C GLU PE 360 14.71 -33.00 -104.26
N LEU PE 361 14.71 -31.68 -104.42
CA LEU PE 361 15.26 -30.75 -103.44
C LEU PE 361 14.26 -30.43 -102.32
N LYS PE 362 14.71 -30.54 -101.08
CA LYS PE 362 13.91 -30.35 -99.89
C LYS PE 362 14.71 -29.57 -98.87
N ASP PE 363 13.98 -28.81 -98.04
CA ASP PE 363 14.54 -28.14 -96.87
C ASP PE 363 14.82 -29.14 -95.74
N ASP PE 364 15.76 -30.03 -96.02
CA ASP PE 364 16.06 -31.15 -95.14
C ASP PE 364 17.56 -31.39 -95.22
N TRP PE 365 18.25 -31.09 -94.12
CA TRP PE 365 19.70 -31.23 -94.04
C TRP PE 365 20.17 -32.67 -93.91
N LEU PE 366 19.32 -33.59 -93.44
CA LEU PE 366 19.76 -34.97 -93.29
C LEU PE 366 19.79 -35.71 -94.62
N LYS PE 367 19.32 -35.09 -95.69
CA LYS PE 367 19.31 -35.71 -97.02
C LYS PE 367 18.53 -37.02 -97.09
N GLY PE 368 17.35 -37.01 -96.47
CA GLY PE 368 16.43 -38.13 -96.41
C GLY PE 368 16.66 -39.24 -95.42
N ARG PE 369 17.70 -39.20 -94.59
CA ARG PE 369 17.79 -40.19 -93.53
C ARG PE 369 16.73 -39.87 -92.49
N SER PE 370 16.42 -40.83 -91.63
CA SER PE 370 15.42 -40.54 -90.60
C SER PE 370 15.56 -41.50 -89.43
N PHE PE 371 15.61 -40.91 -88.23
CA PHE PE 371 15.80 -41.65 -86.99
C PHE PE 371 14.78 -41.23 -85.96
N GLN PE 372 14.46 -42.17 -85.09
CA GLN PE 372 13.54 -42.00 -83.98
C GLN PE 372 14.29 -42.35 -82.71
N TYR PE 373 14.22 -41.48 -81.71
CA TYR PE 373 14.98 -41.65 -80.47
C TYR PE 373 14.16 -42.35 -79.41
N GLY PE 374 14.72 -43.42 -78.84
CA GLY PE 374 14.10 -44.17 -77.78
C GLY PE 374 15.10 -44.49 -76.69
N ALA PE 375 14.62 -45.23 -75.70
CA ALA PE 375 15.46 -45.68 -74.59
C ALA PE 375 16.71 -46.42 -75.05
N GLU PE 376 16.63 -47.15 -76.16
CA GLU PE 376 17.77 -47.86 -76.73
C GLU PE 376 18.50 -47.04 -77.78
N GLY PE 377 18.51 -45.72 -77.63
CA GLY PE 377 19.05 -44.81 -78.60
C GLY PE 377 18.25 -44.66 -79.89
N TYR PE 378 18.97 -44.32 -80.94
CA TYR PE 378 18.38 -44.13 -82.26
C TYR PE 378 17.99 -45.40 -82.98
N ILE PE 379 16.83 -45.35 -83.62
CA ILE PE 379 16.28 -46.39 -84.47
C ILE PE 379 16.09 -45.77 -85.84
N LYS PE 380 16.52 -46.46 -86.88
CA LYS PE 380 16.28 -45.97 -88.23
C LYS PE 380 14.86 -46.31 -88.65
N MET PE 381 14.17 -45.37 -89.29
CA MET PE 381 12.78 -45.58 -89.67
C MET PE 381 12.60 -45.55 -91.18
N SER PE 382 11.62 -46.33 -91.64
CA SER PE 382 11.27 -46.46 -93.03
C SER PE 382 10.86 -45.15 -93.69
N PRO PE 383 11.04 -45.04 -95.00
CA PRO PE 383 10.66 -43.83 -95.74
C PRO PE 383 9.15 -43.64 -95.85
N GLY PE 384 8.80 -42.49 -96.43
CA GLY PE 384 7.42 -42.17 -96.69
C GLY PE 384 7.29 -40.77 -97.25
N HIS PE 385 6.03 -40.33 -97.38
CA HIS PE 385 5.74 -38.97 -97.84
C HIS PE 385 6.27 -37.90 -96.89
N TRP PE 386 5.97 -38.01 -95.60
CA TRP PE 386 6.29 -36.92 -94.68
C TRP PE 386 7.76 -36.87 -94.30
N TYR PE 387 8.22 -35.65 -94.05
CA TYR PE 387 9.62 -35.33 -93.71
C TYR PE 387 9.63 -34.16 -92.73
N PHE PE 388 10.75 -34.02 -92.02
CA PHE PE 388 10.92 -32.98 -91.01
C PHE PE 388 11.77 -31.85 -91.54
N PRO PE 389 11.19 -30.68 -91.84
CA PRO PE 389 12.00 -29.53 -92.30
C PRO PE 389 13.09 -29.14 -91.30
N SER PE 390 14.31 -29.04 -91.82
CA SER PE 390 15.51 -28.72 -91.06
C SER PE 390 15.36 -27.47 -90.20
N PRO PE 391 15.39 -27.60 -88.87
CA PRO PE 391 15.44 -26.39 -88.03
C PRO PE 391 16.70 -25.57 -88.23
N LEU PE 392 17.87 -26.20 -88.32
CA LEU PE 392 19.12 -25.45 -88.52
C LEU PE 392 19.11 -24.67 -89.82
N ALA QE 171 48.09 -28.83 -155.04
CA ALA QE 171 47.91 -28.21 -153.73
C ALA QE 171 47.69 -29.26 -152.67
N GLU QE 172 48.76 -29.69 -152.00
CA GLU QE 172 48.60 -30.72 -150.99
C GLU QE 172 47.93 -30.13 -149.76
N LEU QE 173 47.47 -31.00 -148.86
CA LEU QE 173 46.83 -30.48 -147.66
C LEU QE 173 47.82 -29.76 -146.77
N ASP QE 174 49.03 -30.29 -146.65
CA ASP QE 174 50.05 -29.68 -145.80
C ASP QE 174 50.33 -28.23 -146.16
N SER QE 175 50.18 -27.87 -147.44
CA SER QE 175 50.42 -26.50 -147.87
C SER QE 175 49.37 -25.52 -147.35
N LEU QE 176 48.21 -26.01 -146.93
CA LEU QE 176 47.12 -25.15 -146.51
C LEU QE 176 47.05 -24.90 -145.01
N LEU QE 177 47.66 -25.75 -144.19
CA LEU QE 177 47.40 -25.70 -142.77
C LEU QE 177 48.14 -24.56 -142.05
N GLY QE 178 49.06 -23.87 -142.69
CA GLY QE 178 49.80 -22.81 -142.05
C GLY QE 178 51.26 -22.77 -142.44
N GLN QE 179 51.98 -21.85 -141.79
CA GLN QE 179 53.43 -21.79 -141.90
C GLN QE 179 54.12 -22.91 -141.15
N GLU QE 180 53.68 -23.21 -139.94
CA GLU QE 180 54.16 -24.37 -139.23
C GLU QE 180 53.57 -25.64 -139.81
N LYS QE 181 54.37 -26.70 -139.78
CA LYS QE 181 53.96 -28.01 -140.27
C LYS QE 181 53.88 -29.03 -139.14
N GLU QE 182 54.86 -29.03 -138.25
CA GLU QE 182 54.85 -29.95 -137.12
C GLU QE 182 53.58 -29.84 -136.28
N ARG QE 183 52.89 -28.71 -136.35
CA ARG QE 183 51.68 -28.50 -135.57
C ARG QE 183 50.57 -29.52 -135.86
N PHE QE 184 50.61 -30.22 -136.99
CA PHE QE 184 49.60 -31.22 -137.31
C PHE QE 184 50.26 -32.46 -137.88
N GLN QE 185 49.48 -33.53 -138.02
CA GLN QE 185 50.00 -34.71 -138.69
C GLN QE 185 48.97 -35.28 -139.64
N VAL QE 186 49.38 -35.58 -140.87
CA VAL QE 186 48.51 -36.14 -141.90
C VAL QE 186 48.71 -37.64 -142.05
N LEU QE 187 47.63 -38.40 -141.90
CA LEU QE 187 47.62 -39.85 -142.03
C LEU QE 187 46.69 -40.29 -143.14
N PRO QE 188 47.13 -41.17 -144.03
CA PRO QE 188 46.21 -41.75 -145.03
C PRO QE 188 45.37 -42.87 -144.43
N GLY QE 189 44.08 -42.88 -144.76
CA GLY QE 189 43.16 -43.91 -144.32
C GLY QE 189 42.79 -44.87 -145.43
N ARG QE 190 42.59 -46.14 -145.06
CA ARG QE 190 42.21 -47.15 -146.06
C ARG QE 190 40.88 -46.84 -146.72
N ASP QE 191 40.05 -46.06 -146.09
CA ASP QE 191 38.78 -45.60 -146.64
C ASP QE 191 38.95 -44.57 -147.70
N LYS QE 192 40.18 -44.32 -148.14
CA LYS QE 192 40.46 -43.28 -149.13
C LYS QE 192 40.11 -41.89 -148.61
N MET QE 193 40.51 -41.62 -147.38
CA MET QE 193 40.21 -40.35 -146.74
C MET QE 193 41.45 -39.94 -145.95
N LEU QE 194 41.77 -38.66 -145.97
CA LEU QE 194 42.87 -38.14 -145.17
C LEU QE 194 42.43 -37.77 -143.76
N TYR QE 195 43.24 -38.13 -142.78
CA TYR QE 195 43.00 -37.86 -141.38
C TYR QE 195 44.05 -36.86 -140.90
N VAL QE 196 43.60 -35.81 -140.25
CA VAL QE 196 44.46 -34.77 -139.72
C VAL QE 196 44.39 -34.87 -138.21
N ALA QE 197 45.48 -35.23 -137.58
CA ALA QE 197 45.52 -35.34 -136.12
C ALA QE 197 46.06 -34.06 -135.52
N ALA QE 198 45.30 -33.54 -134.55
CA ALA QE 198 45.54 -32.28 -133.85
C ALA QE 198 45.69 -32.49 -132.35
N GLN QE 199 46.60 -31.75 -131.73
CA GLN QE 199 46.90 -31.99 -130.32
C GLN QE 199 45.86 -31.43 -129.36
N ASN QE 200 45.10 -30.40 -129.72
CA ASN QE 200 44.19 -29.77 -128.77
C ASN QE 200 42.99 -29.17 -129.52
N GLU QE 201 42.06 -28.64 -128.73
CA GLU QE 201 40.84 -28.03 -129.27
C GLU QE 201 41.12 -26.84 -130.18
N ARG QE 202 41.90 -25.89 -129.69
CA ARG QE 202 42.21 -24.71 -130.48
C ARG QE 202 42.76 -25.10 -131.86
N ASP QE 203 43.73 -26.00 -131.89
CA ASP QE 203 44.28 -26.44 -133.16
C ASP QE 203 43.27 -27.23 -133.97
N THR QE 204 42.38 -27.93 -133.29
CA THR QE 204 41.29 -28.61 -133.97
C THR QE 204 40.51 -27.61 -134.80
N LEU QE 205 39.97 -26.59 -134.17
CA LEU QE 205 39.12 -25.67 -134.89
C LEU QE 205 39.91 -24.86 -135.92
N TRP QE 206 41.18 -24.58 -135.64
CA TRP QE 206 42.06 -24.03 -136.67
C TRP QE 206 42.09 -24.89 -137.92
N ALA QE 207 42.07 -26.21 -137.77
CA ALA QE 207 42.01 -27.06 -138.96
C ALA QE 207 40.61 -27.10 -139.56
N ARG QE 208 39.59 -27.29 -138.72
CA ARG QE 208 38.23 -27.46 -139.20
C ARG QE 208 37.76 -26.29 -140.04
N GLN QE 209 38.20 -25.08 -139.74
CA GLN QE 209 37.82 -23.97 -140.61
C GLN QE 209 38.30 -24.17 -142.04
N VAL QE 210 39.47 -24.76 -142.24
CA VAL QE 210 39.99 -24.92 -143.59
C VAL QE 210 39.07 -25.81 -144.41
N LEU QE 211 38.64 -26.93 -143.84
CA LEU QE 211 37.73 -27.82 -144.55
C LEU QE 211 36.35 -27.20 -144.73
N ALA QE 212 35.79 -26.65 -143.66
CA ALA QE 212 34.43 -26.11 -143.73
C ALA QE 212 34.35 -24.94 -144.70
N ARG QE 213 35.43 -24.19 -144.85
CA ARG QE 213 35.47 -23.19 -145.91
C ARG QE 213 35.48 -23.85 -147.28
N GLY QE 214 35.97 -25.08 -147.36
CA GLY QE 214 36.10 -25.77 -148.62
C GLY QE 214 37.34 -25.43 -149.42
N ASP QE 215 38.47 -25.22 -148.75
CA ASP QE 215 39.72 -25.02 -149.49
C ASP QE 215 40.21 -26.33 -150.12
N TYR QE 216 40.14 -27.43 -149.39
CA TYR QE 216 40.46 -28.72 -149.97
C TYR QE 216 39.28 -29.24 -150.77
N ASP QE 217 39.58 -30.08 -151.75
CA ASP QE 217 38.59 -30.57 -152.71
C ASP QE 217 38.18 -32.01 -152.52
N LYS QE 218 39.13 -32.89 -152.21
CA LYS QE 218 38.84 -34.26 -151.81
C LYS QE 218 38.32 -34.33 -150.37
N ASN QE 219 38.03 -35.55 -149.93
CA ASN QE 219 37.59 -35.81 -148.56
C ASN QE 219 38.72 -35.73 -147.55
N ALA QE 220 38.39 -35.21 -146.36
CA ALA QE 220 39.34 -35.08 -145.26
C ALA QE 220 38.56 -35.05 -143.96
N ARG QE 221 39.26 -35.33 -142.86
CA ARG QE 221 38.64 -35.36 -141.55
C ARG QE 221 39.65 -34.95 -140.48
N VAL QE 222 39.17 -34.33 -139.41
CA VAL QE 222 39.99 -33.88 -138.29
C VAL QE 222 39.70 -34.74 -137.06
N ILE QE 223 40.77 -35.15 -136.34
CA ILE QE 223 40.63 -36.03 -135.18
C ILE QE 223 41.56 -35.64 -134.04
N ASN QE 224 41.16 -36.05 -132.83
CA ASN QE 224 41.92 -35.84 -131.62
C ASN QE 224 41.64 -36.97 -130.63
N GLU QE 225 42.52 -37.05 -129.64
CA GLU QE 225 42.45 -38.10 -128.62
C GLU QE 225 41.12 -38.16 -127.88
N ASN QE 226 40.65 -37.05 -127.34
CA ASN QE 226 39.42 -37.10 -126.56
C ASN QE 226 38.24 -37.59 -127.38
N GLU QE 227 38.06 -37.03 -128.58
CA GLU QE 227 36.96 -37.45 -129.43
C GLU QE 227 37.02 -38.94 -129.71
N GLU QE 228 38.21 -39.44 -130.04
CA GLU QE 228 38.32 -40.87 -130.30
C GLU QE 228 37.98 -41.70 -129.07
N ASN QE 229 38.47 -41.30 -127.90
CA ASN QE 229 38.13 -42.06 -126.70
C ASN QE 229 36.63 -42.12 -126.48
N LYS QE 230 35.94 -41.01 -126.66
CA LYS QE 230 34.49 -41.03 -126.47
C LYS QE 230 33.78 -41.93 -127.47
N ARG QE 231 34.11 -41.79 -128.76
CA ARG QE 231 33.44 -42.60 -129.77
C ARG QE 231 33.64 -44.10 -129.53
N ILE QE 232 34.87 -44.49 -129.20
CA ILE QE 232 35.12 -45.91 -128.99
C ILE QE 232 34.43 -46.39 -127.73
N SER QE 233 34.35 -45.56 -126.69
CA SER QE 233 33.65 -46.00 -125.50
C SER QE 233 32.18 -46.22 -125.81
N ILE QE 234 31.61 -45.37 -126.65
CA ILE QE 234 30.20 -45.54 -127.03
C ILE QE 234 29.99 -46.84 -127.80
N TRP QE 235 30.95 -47.26 -128.61
CA TRP QE 235 30.78 -48.53 -129.31
C TRP QE 235 30.92 -49.72 -128.36
N LEU QE 236 31.92 -49.66 -127.49
CA LEU QE 236 32.09 -50.71 -126.48
C LEU QE 236 30.85 -50.85 -125.63
N ASP QE 237 30.23 -49.74 -125.25
CA ASP QE 237 29.01 -49.80 -124.46
C ASP QE 237 27.97 -50.70 -125.08
N THR QE 238 27.94 -50.81 -126.40
CA THR QE 238 26.92 -51.61 -127.05
C THR QE 238 27.35 -53.06 -127.24
N TYR QE 239 28.56 -53.31 -127.75
CA TYR QE 239 28.90 -54.71 -128.04
C TYR QE 239 29.67 -55.43 -126.94
N TYR QE 240 30.24 -54.72 -125.98
CA TYR QE 240 30.99 -55.29 -124.86
C TYR QE 240 30.58 -54.58 -123.58
N PRO QE 241 29.33 -54.73 -123.17
CA PRO QE 241 28.80 -53.96 -122.03
C PRO QE 241 29.37 -54.34 -120.68
N GLN QE 242 30.29 -55.29 -120.59
CA GLN QE 242 30.84 -55.72 -119.31
C GLN QE 242 32.36 -55.71 -119.29
N LEU QE 243 33.00 -55.12 -120.30
CA LEU QE 243 34.44 -55.02 -120.35
C LEU QE 243 34.97 -53.95 -119.39
N ALA QE 244 35.94 -54.34 -118.59
CA ALA QE 244 36.65 -53.45 -117.67
C ALA QE 244 37.93 -52.97 -118.32
N TYR QE 245 38.06 -51.65 -118.50
CA TYR QE 245 39.19 -51.09 -119.22
C TYR QE 245 39.44 -49.68 -118.73
N TYR QE 246 40.62 -49.16 -119.07
CA TYR QE 246 41.07 -47.84 -118.67
C TYR QE 246 41.05 -46.82 -119.80
N ARG QE 247 42.02 -46.85 -120.70
CA ARG QE 247 42.10 -45.81 -121.71
C ARG QE 247 42.88 -46.30 -122.91
N ILE QE 248 42.64 -45.62 -124.03
CA ILE QE 248 43.36 -45.82 -125.29
C ILE QE 248 44.26 -44.62 -125.55
N HIS QE 249 45.57 -44.88 -125.69
CA HIS QE 249 46.57 -43.85 -125.91
C HIS QE 249 46.97 -43.79 -127.38
N PHE QE 250 47.15 -42.58 -127.89
CA PHE QE 250 47.49 -42.33 -129.29
C PHE QE 250 48.84 -41.63 -129.46
N ASP QE 251 49.80 -41.89 -128.60
CA ASP QE 251 51.11 -41.26 -128.78
C ASP QE 251 51.65 -41.58 -130.18
N GLU QE 252 51.58 -42.84 -130.58
CA GLU QE 252 51.89 -43.27 -131.94
C GLU QE 252 50.55 -43.59 -132.58
N PRO QE 253 49.95 -42.66 -133.32
CA PRO QE 253 48.59 -42.90 -133.82
C PRO QE 253 48.46 -44.10 -134.73
N ARG QE 254 49.55 -44.58 -135.31
CA ARG QE 254 49.47 -45.79 -136.12
C ARG QE 254 49.38 -47.06 -135.29
N LYS QE 255 49.75 -47.03 -134.01
CA LYS QE 255 49.79 -48.24 -133.18
C LYS QE 255 49.31 -47.90 -131.78
N PRO QE 256 48.01 -47.66 -131.61
CA PRO QE 256 47.49 -47.30 -130.30
C PRO QE 256 47.63 -48.43 -129.29
N VAL QE 257 47.57 -48.02 -128.02
CA VAL QE 257 47.73 -48.92 -126.88
C VAL QE 257 46.44 -48.87 -126.07
N PHE QE 258 45.87 -50.04 -125.82
CA PHE QE 258 44.62 -50.18 -125.08
C PHE QE 258 44.90 -50.94 -123.78
N TRP QE 259 44.66 -50.28 -122.65
CA TRP QE 259 44.88 -50.84 -121.32
C TRP QE 259 43.63 -51.50 -120.76
N LEU QE 260 43.73 -52.80 -120.45
CA LEU QE 260 42.66 -53.58 -119.84
C LEU QE 260 43.04 -53.98 -118.43
N SER QE 261 42.03 -54.20 -117.60
CA SER QE 261 42.24 -54.75 -116.27
C SER QE 261 42.60 -56.23 -116.30
N ARG QE 262 43.59 -56.59 -115.48
CA ARG QE 262 43.92 -57.99 -115.29
C ARG QE 262 42.90 -58.75 -114.45
N GLN QE 263 42.47 -58.18 -113.34
CA GLN QE 263 41.58 -58.92 -112.45
C GLN QE 263 40.12 -58.88 -112.88
N ARG QE 264 39.63 -57.75 -113.32
CA ARG QE 264 38.21 -57.65 -113.64
C ARG QE 264 37.85 -58.17 -115.02
N ASN QE 265 38.74 -58.92 -115.68
CA ASN QE 265 38.44 -59.50 -116.98
C ASN QE 265 38.82 -60.96 -116.99
N THR QE 266 38.22 -61.70 -117.92
CA THR QE 266 38.66 -63.05 -118.22
C THR QE 266 38.30 -63.38 -119.66
N MET QE 267 39.32 -63.57 -120.48
CA MET QE 267 39.13 -63.82 -121.91
C MET QE 267 40.21 -64.80 -122.35
N SER QE 268 39.96 -65.49 -123.45
CA SER QE 268 41.03 -66.22 -124.12
C SER QE 268 41.78 -65.31 -125.09
N LYS QE 269 42.97 -65.79 -125.47
CA LYS QE 269 43.74 -65.11 -126.49
C LYS QE 269 42.97 -64.90 -127.78
N LYS QE 270 42.21 -65.90 -128.21
CA LYS QE 270 41.38 -65.75 -129.41
C LYS QE 270 40.41 -64.59 -129.27
N GLU QE 271 39.72 -64.53 -128.14
CA GLU QE 271 38.81 -63.43 -127.89
C GLU QE 271 39.53 -62.09 -127.93
N LEU QE 272 40.68 -62.00 -127.28
CA LEU QE 272 41.44 -60.76 -127.31
C LEU QE 272 41.83 -60.36 -128.74
N GLU QE 273 42.29 -61.32 -129.53
CA GLU QE 273 42.63 -61.03 -130.92
C GLU QE 273 41.44 -60.55 -131.73
N VAL QE 274 40.30 -61.22 -131.58
CA VAL QE 274 39.08 -60.77 -132.26
C VAL QE 274 38.76 -59.34 -131.86
N LEU QE 275 38.78 -59.05 -130.57
CA LEU QE 275 38.58 -57.69 -130.09
C LEU QE 275 39.52 -56.71 -130.80
N SER QE 276 40.80 -57.08 -130.87
CA SER QE 276 41.79 -56.27 -131.56
C SER QE 276 41.37 -55.98 -132.99
N GLN QE 277 41.00 -57.01 -133.73
CA GLN QE 277 40.63 -56.82 -135.13
C GLN QE 277 39.40 -55.94 -135.26
N LYS QE 278 38.42 -56.08 -134.38
CA LYS QE 278 37.26 -55.20 -134.48
C LYS QE 278 37.63 -53.75 -134.19
N LEU QE 279 38.51 -53.50 -133.23
CA LEU QE 279 39.00 -52.13 -133.05
C LEU QE 279 39.67 -51.64 -134.31
N ARG QE 280 40.50 -52.47 -134.93
CA ARG QE 280 41.15 -52.04 -136.15
C ARG QE 280 40.14 -51.71 -137.21
N ALA QE 281 38.98 -52.38 -137.19
CA ALA QE 281 37.97 -52.03 -138.17
C ALA QE 281 37.33 -50.70 -137.85
N LEU QE 282 37.29 -50.32 -136.56
CA LEU QE 282 36.75 -49.02 -136.22
C LEU QE 282 37.69 -47.87 -136.55
N MET QE 283 39.00 -48.13 -136.61
CA MET QE 283 40.00 -47.08 -136.82
C MET QE 283 40.73 -47.32 -138.13
N PRO QE 284 40.17 -46.84 -139.25
CA PRO QE 284 40.81 -47.08 -140.55
C PRO QE 284 42.13 -46.37 -140.74
N TYR QE 285 42.56 -45.54 -139.81
CA TYR QE 285 43.86 -44.89 -139.92
C TYR QE 285 44.97 -45.66 -139.22
N ALA QE 286 44.63 -46.61 -138.36
CA ALA QE 286 45.63 -47.34 -137.58
C ALA QE 286 45.92 -48.71 -138.17
N ASP QE 287 47.19 -49.12 -138.10
CA ASP QE 287 47.59 -50.41 -138.62
C ASP QE 287 47.36 -51.55 -137.65
N SER QE 288 47.43 -51.30 -136.34
CA SER QE 288 47.17 -52.37 -135.39
C SER QE 288 46.93 -51.77 -134.02
N VAL QE 289 46.27 -52.55 -133.16
CA VAL QE 289 45.96 -52.16 -131.79
C VAL QE 289 46.67 -53.09 -130.83
N ASN QE 290 47.50 -52.54 -129.95
CA ASN QE 290 48.22 -53.33 -128.95
C ASN QE 290 47.44 -53.30 -127.65
N ILE QE 291 47.07 -54.49 -127.16
CA ILE QE 291 46.35 -54.63 -125.89
C ILE QE 291 47.30 -55.03 -124.77
N THR QE 292 47.30 -54.24 -123.70
CA THR QE 292 48.17 -54.41 -122.55
C THR QE 292 47.35 -54.54 -121.27
N LEU QE 293 47.77 -55.45 -120.40
CA LEU QE 293 47.12 -55.68 -119.11
C LEU QE 293 47.81 -54.91 -117.99
N MET QE 294 47.04 -54.11 -117.25
CA MET QE 294 47.53 -53.28 -116.17
C MET QE 294 46.93 -53.74 -114.84
N ASP QE 295 47.62 -53.42 -113.76
CA ASP QE 295 47.21 -53.80 -112.40
C ASP QE 295 46.44 -52.72 -111.64
N ASP QE 296 45.26 -53.10 -111.16
CA ASP QE 296 44.42 -52.21 -110.38
C ASP QE 296 45.11 -51.73 -109.10
N VAL QE 297 45.78 -52.63 -108.40
CA VAL QE 297 46.49 -52.23 -107.19
C VAL QE 297 47.50 -51.14 -107.51
N THR QE 298 48.20 -51.27 -108.64
CA THR QE 298 49.11 -50.23 -109.06
C THR QE 298 48.41 -48.90 -109.24
N ALA QE 299 47.33 -48.87 -110.01
CA ALA QE 299 46.56 -47.64 -110.18
C ALA QE 299 46.16 -46.98 -108.86
N ALA QE 300 45.46 -47.72 -108.01
CA ALA QE 300 45.06 -47.20 -106.70
C ALA QE 300 46.23 -46.70 -105.87
N GLY QE 301 47.34 -47.44 -105.87
CA GLY QE 301 48.49 -47.01 -105.10
C GLY QE 301 49.11 -45.72 -105.59
N GLN QE 302 49.22 -45.55 -106.90
CA GLN QE 302 49.66 -44.25 -107.41
C GLN QE 302 48.72 -43.12 -107.04
N ALA QE 303 47.43 -43.36 -106.98
CA ALA QE 303 46.52 -42.31 -106.50
C ALA QE 303 46.79 -41.94 -105.05
N GLU QE 304 46.80 -42.92 -104.17
CA GLU QE 304 46.94 -42.60 -102.75
C GLU QE 304 48.30 -41.99 -102.46
N ALA QE 305 49.37 -42.53 -103.04
CA ALA QE 305 50.67 -41.94 -102.85
C ALA QE 305 50.74 -40.53 -103.39
N GLY QE 306 49.94 -40.19 -104.39
CA GLY QE 306 49.95 -38.81 -104.85
C GLY QE 306 49.26 -37.84 -103.90
N LEU QE 307 48.13 -38.23 -103.34
CA LEU QE 307 47.52 -37.36 -102.33
C LEU QE 307 48.37 -37.24 -101.08
N LYS QE 308 49.05 -38.30 -100.68
CA LYS QE 308 49.98 -38.17 -99.57
C LYS QE 308 51.10 -37.21 -99.92
N GLN QE 309 51.72 -37.40 -101.07
CA GLN QE 309 52.78 -36.49 -101.48
C GLN QE 309 52.31 -35.04 -101.42
N GLN QE 310 51.10 -34.76 -101.88
CA GLN QE 310 50.61 -33.38 -101.84
C GLN QE 310 50.10 -32.96 -100.46
N ALA QE 311 50.10 -33.85 -99.47
CA ALA QE 311 49.63 -33.51 -98.12
C ALA QE 311 48.23 -32.91 -98.10
N LEU QE 312 47.37 -33.44 -98.85
CA LEU QE 312 45.96 -33.10 -98.73
C LEU QE 312 45.27 -34.01 -97.74
N PRO QE 313 44.24 -33.54 -97.04
CA PRO QE 313 43.40 -34.46 -96.24
C PRO QE 313 42.36 -35.15 -97.10
N TYR QE 314 42.16 -36.44 -96.85
CA TYR QE 314 41.25 -37.23 -97.66
C TYR QE 314 40.67 -38.39 -96.87
N SER QE 315 39.62 -38.99 -97.43
CA SER QE 315 39.11 -40.28 -97.01
C SER QE 315 38.98 -41.21 -98.21
N ARG QE 316 39.30 -42.49 -98.02
CA ARG QE 316 39.19 -43.49 -99.07
C ARG QE 316 38.00 -44.40 -98.80
N ARG QE 317 37.19 -44.63 -99.83
CA ARG QE 317 36.17 -45.66 -99.83
C ARG QE 317 36.46 -46.68 -100.93
N ASN QE 318 36.22 -47.96 -100.63
CA ASN QE 318 36.38 -49.05 -101.57
C ASN QE 318 35.04 -49.66 -101.93
N HIS QE 319 34.88 -50.01 -103.20
CA HIS QE 319 33.67 -50.62 -103.70
C HIS QE 319 34.03 -51.85 -104.50
N LYS QE 320 33.00 -52.61 -104.84
CA LYS QE 320 33.16 -53.85 -105.59
C LYS QE 320 33.98 -53.65 -106.85
N GLY QE 321 33.92 -52.47 -107.44
CA GLY QE 321 34.66 -52.22 -108.67
C GLY QE 321 35.17 -50.81 -108.84
N GLY QE 322 35.49 -50.14 -107.74
CA GLY QE 322 35.94 -48.76 -107.83
C GLY QE 322 36.50 -48.29 -106.51
N VAL QE 323 37.21 -47.17 -106.58
CA VAL QE 323 37.75 -46.53 -105.39
C VAL QE 323 37.44 -45.04 -105.48
N THR QE 324 36.97 -44.48 -104.36
CA THR QE 324 36.59 -43.07 -104.31
C THR QE 324 37.40 -42.37 -103.24
N PHE QE 325 38.03 -41.26 -103.59
CA PHE QE 325 38.69 -40.39 -102.62
C PHE QE 325 37.86 -39.14 -102.43
N VAL QE 326 37.52 -38.85 -101.18
CA VAL QE 326 36.70 -37.71 -100.81
C VAL QE 326 37.58 -36.68 -100.10
N ILE QE 327 37.61 -35.48 -100.66
CA ILE QE 327 38.44 -34.38 -100.17
C ILE QE 327 37.49 -33.23 -99.95
N GLN QE 328 37.29 -32.82 -98.69
CA GLN QE 328 36.26 -31.82 -98.43
C GLN QE 328 36.57 -31.08 -97.14
N GLY QE 329 36.07 -29.85 -97.07
CA GLY QE 329 36.27 -29.01 -95.91
C GLY QE 329 36.60 -27.56 -96.21
N ALA QE 330 37.31 -26.92 -95.29
CA ALA QE 330 37.77 -25.54 -95.45
C ALA QE 330 39.17 -25.48 -96.08
N LEU QE 331 39.27 -25.99 -97.29
CA LEU QE 331 40.56 -25.99 -97.98
C LEU QE 331 41.06 -24.58 -98.21
N ASP QE 332 42.38 -24.41 -98.13
CA ASP QE 332 43.07 -23.18 -98.45
C ASP QE 332 43.37 -23.05 -99.94
N ASP QE 333 43.67 -21.81 -100.34
CA ASP QE 333 44.05 -21.50 -101.72
C ASP QE 333 45.18 -22.37 -102.25
N VAL QE 334 46.27 -22.49 -101.49
CA VAL QE 334 47.39 -23.30 -101.94
C VAL QE 334 46.96 -24.74 -102.19
N GLU QE 335 46.18 -25.28 -101.26
CA GLU QE 335 45.70 -26.65 -101.41
C GLU QE 335 44.83 -26.81 -102.64
N ILE QE 336 43.88 -25.91 -102.83
CA ILE QE 336 43.03 -25.99 -104.03
C ILE QE 336 43.87 -25.97 -105.30
N LEU QE 337 44.89 -25.13 -105.37
CA LEU QE 337 45.72 -25.11 -106.56
C LEU QE 337 46.48 -26.42 -106.77
N ARG QE 338 47.21 -26.86 -105.75
CA ARG QE 338 47.89 -28.14 -105.85
C ARG QE 338 46.96 -29.26 -106.30
N ALA QE 339 45.83 -29.39 -105.61
CA ALA QE 339 44.83 -30.40 -105.94
C ALA QE 339 44.42 -30.37 -107.41
N ARG QE 340 43.92 -29.24 -107.89
CA ARG QE 340 43.52 -29.20 -109.29
C ARG QE 340 44.64 -29.63 -110.22
N GLN QE 341 45.89 -29.25 -109.92
CA GLN QE 341 46.99 -29.66 -110.80
C GLN QE 341 47.19 -31.16 -110.80
N PHE QE 342 47.33 -31.74 -109.62
CA PHE QE 342 47.51 -33.19 -109.51
C PHE QE 342 46.38 -33.97 -110.19
N VAL QE 343 45.14 -33.65 -109.85
CA VAL QE 343 44.01 -34.35 -110.44
C VAL QE 343 44.07 -34.30 -111.96
N ASP QE 344 44.21 -33.11 -112.53
CA ASP QE 344 44.31 -33.02 -113.98
C ASP QE 344 45.44 -33.87 -114.54
N SER QE 345 46.55 -33.99 -113.83
CA SER QE 345 47.64 -34.81 -114.34
C SER QE 345 47.29 -36.28 -114.34
N TYR QE 346 46.79 -36.79 -113.21
CA TYR QE 346 46.41 -38.19 -113.11
C TYR QE 346 45.37 -38.57 -114.15
N TYR QE 347 44.30 -37.78 -114.25
CA TYR QE 347 43.23 -38.11 -115.19
C TYR QE 347 43.76 -38.32 -116.60
N ARG QE 348 44.75 -37.54 -117.03
CA ARG QE 348 45.24 -37.74 -118.37
C ARG QE 348 45.89 -39.08 -118.60
N THR QE 349 46.37 -39.72 -117.53
CA THR QE 349 47.00 -41.02 -117.64
C THR QE 349 46.00 -42.15 -117.55
N TRP QE 350 45.24 -42.19 -116.46
CA TRP QE 350 44.34 -43.30 -116.16
C TRP QE 350 42.88 -43.12 -116.57
N GLY QE 351 42.47 -41.96 -117.04
CA GLY QE 351 41.05 -41.75 -117.30
C GLY QE 351 40.23 -41.67 -116.03
N GLY QE 352 38.92 -41.56 -116.21
CA GLY QE 352 38.01 -41.48 -115.09
C GLY QE 352 37.10 -42.64 -114.78
N ARG QE 353 37.46 -43.85 -115.18
CA ARG QE 353 36.57 -44.99 -115.01
C ARG QE 353 36.73 -45.68 -113.66
N TYR QE 354 37.96 -45.92 -113.22
CA TYR QE 354 38.16 -46.67 -111.98
C TYR QE 354 38.25 -45.80 -110.72
N VAL QE 355 39.05 -44.74 -110.71
CA VAL QE 355 39.26 -43.91 -109.53
C VAL QE 355 38.64 -42.53 -109.69
N GLN QE 356 37.88 -42.09 -108.68
CA GLN QE 356 37.21 -40.80 -108.66
C GLN QE 356 37.72 -39.92 -107.51
N PHE QE 357 37.75 -38.61 -107.77
CA PHE QE 357 38.16 -37.58 -106.81
C PHE QE 357 37.06 -36.54 -106.61
N ALA QE 358 36.47 -36.49 -105.41
CA ALA QE 358 35.36 -35.59 -105.13
C ALA QE 358 35.84 -34.47 -104.20
N ILE QE 359 35.78 -33.24 -104.69
CA ILE QE 359 36.26 -32.05 -103.98
C ILE QE 359 35.08 -31.15 -103.66
N GLU QE 360 34.87 -30.85 -102.37
CA GLU QE 360 33.77 -29.99 -101.96
C GLU QE 360 34.19 -29.03 -100.87
N LEU QE 361 33.92 -27.74 -101.05
CA LEU QE 361 34.14 -26.75 -100.01
C LEU QE 361 32.96 -26.70 -99.06
N LYS QE 362 33.23 -26.76 -97.76
CA LYS QE 362 32.20 -26.78 -96.74
C LYS QE 362 32.40 -25.64 -95.75
N ASP QE 363 31.30 -25.13 -95.22
CA ASP QE 363 31.37 -24.40 -93.97
C ASP QE 363 31.65 -25.36 -92.82
N ASP QE 364 31.88 -24.80 -91.64
CA ASP QE 364 32.09 -25.63 -90.47
C ASP QE 364 30.88 -26.54 -90.27
N TRP QE 365 31.15 -27.80 -89.95
CA TRP QE 365 30.06 -28.74 -89.73
C TRP QE 365 29.27 -28.34 -88.49
N LEU QE 366 27.96 -28.47 -88.59
CA LEU QE 366 27.01 -27.95 -87.60
C LEU QE 366 27.21 -26.47 -87.31
N LYS QE 367 27.88 -25.76 -88.21
CA LYS QE 367 27.80 -24.31 -88.27
C LYS QE 367 28.22 -23.62 -86.97
N GLY QE 368 29.13 -24.21 -86.19
CA GLY QE 368 29.63 -23.51 -85.02
C GLY QE 368 28.81 -23.62 -83.76
N ARG QE 369 27.86 -24.53 -83.69
CA ARG QE 369 27.15 -24.83 -82.46
C ARG QE 369 27.87 -25.91 -81.66
N SER QE 370 27.59 -25.94 -80.36
CA SER QE 370 28.14 -27.00 -79.53
C SER QE 370 27.32 -28.27 -79.72
N PHE QE 371 27.99 -29.40 -79.55
CA PHE QE 371 27.28 -30.66 -79.73
C PHE QE 371 28.03 -31.77 -79.05
N GLN QE 372 27.34 -32.88 -78.86
CA GLN QE 372 27.90 -34.11 -78.32
C GLN QE 372 27.87 -35.15 -79.43
N TYR QE 373 29.04 -35.71 -79.73
CA TYR QE 373 29.27 -36.55 -80.90
C TYR QE 373 29.20 -38.03 -80.62
N GLY QE 374 28.74 -38.44 -79.45
CA GLY QE 374 28.60 -39.84 -79.16
C GLY QE 374 27.46 -40.52 -79.91
N ALA QE 375 27.35 -41.83 -79.68
CA ALA QE 375 26.27 -42.63 -80.25
C ALA QE 375 24.91 -42.08 -79.84
N GLU QE 376 24.87 -41.27 -78.79
CA GLU QE 376 23.67 -40.64 -78.29
C GLU QE 376 23.82 -39.14 -78.38
N GLY QE 377 24.50 -38.72 -79.43
CA GLY QE 377 24.80 -37.32 -79.63
C GLY QE 377 23.60 -36.45 -79.88
N TYR QE 378 23.85 -35.15 -79.74
CA TYR QE 378 22.81 -34.16 -79.91
C TYR QE 378 23.46 -32.81 -80.12
N ILE QE 379 22.64 -31.85 -80.56
CA ILE QE 379 23.08 -30.50 -80.86
C ILE QE 379 22.44 -29.51 -79.91
N LYS QE 380 23.24 -28.66 -79.30
CA LYS QE 380 22.74 -27.58 -78.47
C LYS QE 380 22.44 -26.40 -79.37
N MET QE 381 21.16 -26.16 -79.63
CA MET QE 381 20.75 -24.98 -80.38
C MET QE 381 21.19 -23.73 -79.64
N SER QE 382 20.93 -23.70 -78.34
CA SER QE 382 21.24 -22.59 -77.46
C SER QE 382 21.31 -23.14 -76.05
N PRO QE 383 21.89 -22.42 -75.13
CA PRO QE 383 21.74 -22.86 -73.74
C PRO QE 383 20.27 -23.07 -73.46
N GLY QE 384 19.93 -24.25 -72.98
CA GLY QE 384 18.54 -24.56 -72.72
C GLY QE 384 17.73 -25.07 -73.89
N HIS QE 385 18.35 -25.45 -75.01
CA HIS QE 385 17.58 -26.00 -76.13
C HIS QE 385 18.38 -27.11 -76.81
N TRP QE 386 17.89 -28.35 -76.70
CA TRP QE 386 18.44 -29.57 -77.27
C TRP QE 386 17.75 -29.94 -78.57
N TYR QE 387 18.44 -30.71 -79.41
CA TYR QE 387 17.85 -31.07 -80.70
C TYR QE 387 17.77 -32.56 -81.07
N PHE QE 388 18.64 -33.43 -80.57
CA PHE QE 388 18.50 -34.88 -80.83
C PHE QE 388 18.17 -35.29 -82.26
N PRO QE 389 18.84 -34.76 -83.27
CA PRO QE 389 18.45 -35.09 -84.65
C PRO QE 389 18.81 -36.50 -85.10
N SER QE 390 19.98 -36.98 -84.75
CA SER QE 390 20.53 -38.19 -85.36
C SER QE 390 21.71 -38.65 -84.52
N PRO QE 391 22.10 -39.91 -84.59
CA PRO QE 391 23.40 -40.29 -84.05
C PRO QE 391 24.51 -39.57 -84.80
N LEU QE 392 25.51 -39.14 -84.05
CA LEU QE 392 26.63 -38.40 -84.62
C LEU QE 392 27.92 -39.15 -84.39
N ALA RE 171 71.33 -17.60 -147.10
CA ALA RE 171 71.14 -16.93 -145.81
C ALA RE 171 71.04 -17.96 -144.69
N GLU RE 172 72.12 -18.16 -143.96
CA GLU RE 172 72.09 -19.08 -142.84
C GLU RE 172 71.16 -18.55 -141.76
N LEU RE 173 70.81 -19.45 -140.84
CA LEU RE 173 69.92 -19.07 -139.76
C LEU RE 173 70.59 -18.14 -138.75
N ASP RE 174 71.84 -18.41 -138.39
CA ASP RE 174 72.53 -17.57 -137.43
C ASP RE 174 72.53 -16.10 -137.82
N SER RE 175 72.50 -15.82 -139.12
CA SER RE 175 72.50 -14.44 -139.61
C SER RE 175 71.20 -13.73 -139.33
N LEU RE 176 70.12 -14.48 -139.15
CA LEU RE 176 68.79 -13.95 -138.93
C LEU RE 176 68.42 -13.84 -137.46
N LEU RE 177 69.17 -14.48 -136.57
CA LEU RE 177 68.85 -14.47 -135.16
C LEU RE 177 69.32 -13.22 -134.43
N GLY RE 178 70.24 -12.44 -134.99
CA GLY RE 178 70.71 -11.29 -134.25
C GLY RE 178 72.18 -10.98 -134.31
N GLN RE 179 72.54 -9.86 -133.68
CA GLN RE 179 73.94 -9.44 -133.56
C GLN RE 179 74.70 -10.24 -132.52
N GLU RE 180 74.12 -10.45 -131.34
CA GLU RE 180 74.72 -11.39 -130.41
C GLU RE 180 74.56 -12.81 -130.91
N LYS RE 181 75.68 -13.46 -131.22
CA LYS RE 181 75.66 -14.79 -131.81
C LYS RE 181 75.65 -15.88 -130.74
N GLU RE 182 76.49 -15.76 -129.73
CA GLU RE 182 76.56 -16.74 -128.66
C GLU RE 182 75.29 -16.79 -127.84
N ARG RE 183 74.32 -15.93 -128.11
CA ARG RE 183 73.04 -16.03 -127.42
C ARG RE 183 72.30 -17.32 -127.78
N PHE RE 184 72.40 -17.76 -129.03
CA PHE RE 184 71.75 -18.99 -129.47
C PHE RE 184 72.78 -20.04 -129.82
N GLN RE 185 72.33 -21.29 -129.90
CA GLN RE 185 73.11 -22.40 -130.44
C GLN RE 185 72.29 -23.22 -131.41
N VAL RE 186 72.84 -23.50 -132.59
CA VAL RE 186 72.12 -24.21 -133.66
C VAL RE 186 72.73 -25.59 -133.82
N LEU RE 187 71.88 -26.62 -133.83
CA LEU RE 187 72.24 -28.00 -134.04
C LEU RE 187 71.60 -28.58 -135.29
N PRO RE 188 72.35 -29.27 -136.16
CA PRO RE 188 71.70 -30.12 -137.16
C PRO RE 188 71.06 -31.35 -136.55
N GLY RE 189 70.03 -31.87 -137.22
CA GLY RE 189 69.38 -33.11 -136.82
C GLY RE 189 69.40 -34.19 -137.87
N ARG RE 190 69.47 -35.44 -137.40
CA ARG RE 190 69.42 -36.60 -138.29
C ARG RE 190 68.15 -36.61 -139.13
N ASP RE 191 67.09 -35.97 -138.64
CA ASP RE 191 65.77 -35.90 -139.28
C ASP RE 191 65.71 -34.86 -140.39
N LYS RE 192 66.84 -34.30 -140.78
CA LYS RE 192 66.90 -33.25 -141.80
C LYS RE 192 66.17 -31.97 -141.37
N MET RE 193 66.44 -31.55 -140.13
CA MET RE 193 65.81 -30.37 -139.57
C MET RE 193 66.83 -29.68 -138.67
N LEU RE 194 66.72 -28.36 -138.58
CA LEU RE 194 67.54 -27.59 -137.65
C LEU RE 194 66.85 -27.42 -136.32
N TYR RE 195 67.61 -27.57 -135.24
CA TYR RE 195 67.17 -27.35 -133.88
C TYR RE 195 67.89 -26.16 -133.26
N VAL RE 196 67.12 -25.21 -132.76
CA VAL RE 196 67.67 -24.03 -132.11
C VAL RE 196 67.43 -24.19 -130.62
N ALA RE 197 68.51 -24.21 -129.86
CA ALA RE 197 68.48 -24.33 -128.41
C ALA RE 197 68.51 -22.96 -127.76
N ALA RE 198 67.51 -22.69 -126.94
CA ALA RE 198 67.34 -21.46 -126.20
C ALA RE 198 67.44 -21.72 -124.71
N GLN RE 199 67.65 -20.65 -123.95
CA GLN RE 199 67.85 -20.70 -122.51
C GLN RE 199 66.61 -20.34 -121.71
N ASN RE 200 65.66 -19.58 -122.26
CA ASN RE 200 64.55 -19.12 -121.46
C ASN RE 200 63.40 -18.77 -122.39
N GLU RE 201 62.26 -18.44 -121.78
CA GLU RE 201 61.07 -18.04 -122.53
C GLU RE 201 61.26 -16.81 -123.39
N ARG RE 202 61.78 -15.74 -122.82
CA ARG RE 202 62.00 -14.52 -123.60
C ARG RE 202 62.79 -14.79 -124.87
N ASP RE 203 63.93 -15.45 -124.76
CA ASP RE 203 64.71 -15.80 -125.94
C ASP RE 203 63.97 -16.77 -126.86
N THR RE 204 63.26 -17.73 -126.28
CA THR RE 204 62.46 -18.65 -127.08
C THR RE 204 61.48 -17.92 -127.99
N LEU RE 205 60.74 -16.96 -127.46
CA LEU RE 205 59.84 -16.18 -128.30
C LEU RE 205 60.58 -15.25 -129.26
N TRP RE 206 61.75 -14.75 -128.87
CA TRP RE 206 62.56 -13.99 -129.81
C TRP RE 206 62.94 -14.82 -131.02
N ALA RE 207 63.24 -16.09 -130.81
CA ALA RE 207 63.55 -16.96 -131.93
C ALA RE 207 62.31 -17.34 -132.72
N ARG RE 208 61.27 -17.80 -132.04
CA ARG RE 208 60.07 -18.27 -132.73
C ARG RE 208 59.46 -17.21 -133.64
N GLN RE 209 59.49 -15.94 -133.24
CA GLN RE 209 58.98 -14.92 -134.14
C GLN RE 209 59.63 -14.96 -135.52
N VAL RE 210 60.95 -15.15 -135.57
CA VAL RE 210 61.64 -15.17 -136.86
C VAL RE 210 61.11 -16.29 -137.75
N LEU RE 211 60.87 -17.46 -137.18
CA LEU RE 211 60.38 -18.58 -137.96
C LEU RE 211 58.93 -18.39 -138.38
N ALA RE 212 58.06 -18.02 -137.43
CA ALA RE 212 56.66 -17.84 -137.77
C ALA RE 212 56.48 -16.73 -138.79
N ARG RE 213 57.35 -15.74 -138.76
CA ARG RE 213 57.35 -14.71 -139.79
C ARG RE 213 57.66 -15.30 -141.16
N GLY RE 214 58.26 -16.48 -141.21
CA GLY RE 214 58.64 -17.08 -142.47
C GLY RE 214 59.80 -16.40 -143.15
N ASP RE 215 60.69 -15.76 -142.38
CA ASP RE 215 61.87 -15.18 -142.97
C ASP RE 215 62.83 -16.24 -143.48
N TYR RE 216 63.01 -17.31 -142.72
CA TYR RE 216 63.63 -18.54 -143.20
C TYR RE 216 62.62 -19.46 -143.87
N ASP RE 217 63.14 -20.32 -144.74
CA ASP RE 217 62.34 -21.00 -145.75
C ASP RE 217 62.36 -22.52 -145.65
N LYS RE 218 63.47 -23.11 -145.22
CA LYS RE 218 63.51 -24.53 -144.88
C LYS RE 218 62.83 -24.80 -143.55
N ASN RE 219 62.81 -26.06 -143.17
CA ASN RE 219 62.32 -26.48 -141.85
C ASN RE 219 63.27 -26.11 -140.73
N ALA RE 220 62.69 -25.74 -139.59
CA ALA RE 220 63.46 -25.43 -138.39
C ALA RE 220 62.54 -25.66 -137.19
N ARG RE 221 63.16 -25.74 -136.00
CA ARG RE 221 62.38 -25.92 -134.79
C ARG RE 221 63.13 -25.31 -133.62
N VAL RE 222 62.37 -24.80 -132.64
CA VAL RE 222 62.93 -24.20 -131.42
C VAL RE 222 62.64 -25.13 -130.25
N ILE RE 223 63.65 -25.31 -129.39
CA ILE RE 223 63.57 -26.22 -128.26
C ILE RE 223 64.22 -25.62 -127.04
N ASN RE 224 63.78 -26.07 -125.86
CA ASN RE 224 64.36 -25.60 -124.61
C ASN RE 224 64.22 -26.72 -123.59
N GLU RE 225 64.90 -26.52 -122.45
CA GLU RE 225 64.96 -27.57 -121.44
C GLU RE 225 63.59 -27.88 -120.84
N ASN RE 226 62.82 -26.87 -120.48
CA ASN RE 226 61.59 -27.19 -119.76
C ASN RE 226 60.62 -27.92 -120.67
N GLU RE 227 60.49 -27.45 -121.91
CA GLU RE 227 59.61 -28.10 -122.87
C GLU RE 227 60.03 -29.53 -123.10
N GLU RE 228 61.32 -29.77 -123.23
CA GLU RE 228 61.76 -31.13 -123.51
C GLU RE 228 61.54 -32.04 -122.31
N ASN RE 229 61.83 -31.57 -121.10
CA ASN RE 229 61.54 -32.40 -119.95
C ASN RE 229 60.09 -32.80 -119.88
N LYS RE 230 59.17 -31.87 -120.15
CA LYS RE 230 57.75 -32.25 -120.15
C LYS RE 230 57.41 -33.26 -121.23
N ARG RE 231 57.82 -33.00 -122.46
CA ARG RE 231 57.60 -33.94 -123.56
C ARG RE 231 58.04 -35.35 -123.21
N ILE RE 232 59.26 -35.49 -122.72
CA ILE RE 232 59.78 -36.82 -122.46
C ILE RE 232 59.08 -37.47 -121.29
N SER RE 233 58.71 -36.69 -120.27
CA SER RE 233 57.98 -37.35 -119.19
C SER RE 233 56.62 -37.82 -119.66
N ILE RE 234 55.97 -37.08 -120.54
CA ILE RE 234 54.71 -37.54 -121.14
C ILE RE 234 54.87 -38.87 -121.86
N TRP RE 235 55.98 -39.06 -122.58
CA TRP RE 235 56.15 -40.34 -123.27
C TRP RE 235 56.47 -41.48 -122.28
N LEU RE 236 57.34 -41.20 -121.32
CA LEU RE 236 57.63 -42.17 -120.28
C LEU RE 236 56.38 -42.63 -119.56
N ASP RE 237 55.48 -41.70 -119.27
CA ASP RE 237 54.22 -42.04 -118.63
C ASP RE 237 53.47 -43.15 -119.36
N THR RE 238 53.62 -43.24 -120.68
CA THR RE 238 52.91 -44.26 -121.42
C THR RE 238 53.67 -45.57 -121.51
N TYR RE 239 54.96 -45.56 -121.86
CA TYR RE 239 55.63 -46.85 -122.05
C TYR RE 239 56.40 -47.38 -120.84
N TYR RE 240 56.67 -46.55 -119.86
CA TYR RE 240 57.38 -46.94 -118.64
C TYR RE 240 56.67 -46.31 -117.46
N PRO RE 241 55.43 -46.73 -117.20
CA PRO RE 241 54.60 -46.09 -116.18
C PRO RE 241 55.05 -46.29 -114.74
N GLN RE 242 56.13 -47.01 -114.47
CA GLN RE 242 56.53 -47.28 -113.10
C GLN RE 242 58.00 -46.95 -112.86
N LEU RE 243 58.65 -46.27 -113.79
CA LEU RE 243 60.04 -45.91 -113.65
C LEU RE 243 60.17 -44.76 -112.66
N ALA RE 244 61.10 -44.90 -111.71
CA ALA RE 244 61.43 -43.87 -110.74
C ALA RE 244 62.66 -43.09 -111.20
N TYR RE 245 62.50 -41.79 -111.40
CA TYR RE 245 63.60 -41.01 -111.95
C TYR RE 245 63.46 -39.57 -111.49
N TYR RE 246 64.54 -38.79 -111.71
CA TYR RE 246 64.60 -37.39 -111.35
C TYR RE 246 64.46 -36.39 -112.49
N ARG RE 247 65.54 -36.16 -113.23
CA ARG RE 247 65.52 -35.16 -114.29
C ARG RE 247 66.58 -35.44 -115.32
N ILE RE 248 66.36 -34.87 -116.50
CA ILE RE 248 67.28 -34.87 -117.63
C ILE RE 248 67.91 -33.49 -117.77
N HIS RE 249 69.23 -33.43 -117.64
CA HIS RE 249 70.01 -32.19 -117.75
C HIS RE 249 70.57 -32.06 -119.16
N PHE RE 250 70.43 -30.87 -119.75
CA PHE RE 250 70.93 -30.57 -121.08
C PHE RE 250 72.07 -29.57 -121.12
N ASP RE 251 73.05 -29.71 -120.22
CA ASP RE 251 74.20 -28.82 -120.26
C ASP RE 251 74.88 -28.89 -121.63
N GLU RE 252 75.19 -30.10 -122.08
CA GLU RE 252 75.78 -30.35 -123.39
C GLU RE 252 74.71 -31.06 -124.20
N PRO RE 253 73.89 -30.31 -124.97
CA PRO RE 253 72.74 -30.94 -125.64
C PRO RE 253 73.07 -32.09 -126.55
N ARG RE 254 74.29 -32.22 -127.05
CA ARG RE 254 74.62 -33.40 -127.82
C ARG RE 254 74.79 -34.64 -126.95
N LYS RE 255 74.92 -34.50 -125.64
CA LYS RE 255 75.05 -35.65 -124.74
C LYS RE 255 74.31 -35.39 -123.43
N PRO RE 256 73.00 -35.45 -123.46
CA PRO RE 256 72.21 -35.28 -122.24
C PRO RE 256 72.52 -36.36 -121.21
N VAL RE 257 72.18 -36.02 -119.97
CA VAL RE 257 72.41 -36.84 -118.78
C VAL RE 257 71.05 -37.08 -118.15
N PHE RE 258 70.73 -38.35 -117.92
CA PHE RE 258 69.46 -38.76 -117.33
C PHE RE 258 69.73 -39.41 -115.97
N TRP RE 259 69.20 -38.79 -114.92
CA TRP RE 259 69.36 -39.23 -113.54
C TRP RE 259 68.24 -40.18 -113.11
N LEU RE 260 68.60 -41.40 -112.74
CA LEU RE 260 67.66 -42.39 -112.25
C LEU RE 260 67.89 -42.62 -110.76
N SER RE 261 66.84 -43.02 -110.07
CA SER RE 261 66.98 -43.55 -108.72
C SER RE 261 67.62 -44.92 -108.73
N ARG RE 262 68.65 -45.10 -107.90
CA ARG RE 262 69.19 -46.43 -107.67
C ARG RE 262 68.27 -47.31 -106.84
N GLN RE 263 67.81 -46.80 -105.70
CA GLN RE 263 67.12 -47.69 -104.76
C GLN RE 263 65.78 -48.19 -105.28
N ARG RE 264 65.03 -47.36 -105.98
CA ARG RE 264 63.66 -47.73 -106.28
C ARG RE 264 63.51 -48.53 -107.57
N ASN RE 265 64.45 -48.46 -108.50
CA ASN RE 265 64.40 -49.30 -109.69
C ASN RE 265 65.22 -50.56 -109.50
N THR RE 266 64.90 -51.58 -110.30
CA THR RE 266 65.79 -52.73 -110.48
C THR RE 266 65.69 -53.21 -111.93
N MET RE 267 66.72 -52.93 -112.71
CA MET RE 267 66.75 -53.27 -114.12
C MET RE 267 68.15 -53.71 -114.48
N SER RE 268 68.26 -54.51 -115.54
CA SER RE 268 69.57 -54.97 -115.98
C SER RE 268 70.20 -53.98 -116.96
N LYS RE 269 71.49 -54.19 -117.20
CA LYS RE 269 72.23 -53.36 -118.14
C LYS RE 269 71.61 -53.38 -119.53
N LYS RE 270 71.17 -54.56 -119.99
CA LYS RE 270 70.50 -54.64 -121.27
C LYS RE 270 69.25 -53.77 -121.32
N GLU RE 271 68.43 -53.85 -120.29
CA GLU RE 271 67.24 -53.02 -120.21
C GLU RE 271 67.60 -51.54 -120.28
N LEU RE 272 68.62 -51.14 -119.52
CA LEU RE 272 69.08 -49.76 -119.57
C LEU RE 272 69.53 -49.37 -120.98
N GLU RE 273 70.26 -50.25 -121.65
CA GLU RE 273 70.68 -49.96 -123.02
C GLU RE 273 69.48 -49.76 -123.95
N VAL RE 274 68.49 -50.64 -123.85
CA VAL RE 274 67.29 -50.49 -124.66
C VAL RE 274 66.64 -49.14 -124.39
N LEU RE 275 66.45 -48.80 -123.12
CA LEU RE 275 65.92 -47.50 -122.74
C LEU RE 275 66.71 -46.36 -123.39
N SER RE 276 68.03 -46.44 -123.29
CA SER RE 276 68.90 -45.45 -123.91
C SER RE 276 68.61 -45.31 -125.39
N GLN RE 277 68.53 -46.42 -126.12
CA GLN RE 277 68.29 -46.32 -127.55
C GLN RE 277 66.93 -45.71 -127.85
N LYS RE 278 65.91 -46.04 -127.08
CA LYS RE 278 64.60 -45.43 -127.35
C LYS RE 278 64.61 -43.93 -127.07
N LEU RE 279 65.29 -43.51 -126.00
CA LEU RE 279 65.48 -42.09 -125.77
C LEU RE 279 66.20 -41.43 -126.93
N ARG RE 280 67.25 -42.07 -127.42
CA ARG RE 280 67.96 -41.48 -128.54
C ARG RE 280 67.04 -41.34 -129.72
N ALA RE 281 66.08 -42.25 -129.87
CA ALA RE 281 65.18 -42.10 -131.00
C ALA RE 281 64.24 -40.93 -130.81
N LEU RE 282 63.91 -40.58 -129.56
CA LEU RE 282 63.07 -39.40 -129.35
C LEU RE 282 63.75 -38.06 -129.59
N MET RE 283 65.08 -37.99 -129.50
CA MET RE 283 65.85 -36.75 -129.58
C MET RE 283 66.77 -36.79 -130.79
N PRO RE 284 66.25 -36.51 -131.99
CA PRO RE 284 67.10 -36.57 -133.18
C PRO RE 284 68.26 -35.59 -133.19
N TYR RE 285 68.34 -34.69 -132.24
CA TYR RE 285 69.46 -33.76 -132.18
C TYR RE 285 70.59 -34.27 -131.29
N ALA RE 286 70.38 -35.37 -130.57
CA ALA RE 286 71.37 -35.96 -129.67
C ALA RE 286 72.10 -37.13 -130.29
N ASP RE 287 73.42 -37.17 -130.01
CA ASP RE 287 74.27 -38.30 -130.36
C ASP RE 287 74.14 -39.48 -129.41
N SER RE 288 73.92 -39.24 -128.13
CA SER RE 288 73.81 -40.35 -127.17
C SER RE 288 73.21 -39.81 -125.89
N VAL RE 289 72.76 -40.73 -125.04
CA VAL RE 289 72.24 -40.39 -123.73
C VAL RE 289 73.00 -41.14 -122.64
N ASN RE 290 73.53 -40.40 -121.67
CA ASN RE 290 74.24 -40.99 -120.55
C ASN RE 290 73.29 -41.16 -119.38
N ILE RE 291 73.13 -42.38 -118.89
CA ILE RE 291 72.29 -42.66 -117.73
C ILE RE 291 73.14 -42.80 -116.48
N THR RE 292 72.82 -42.00 -115.46
CA THR RE 292 73.53 -41.96 -114.18
C THR RE 292 72.59 -42.27 -113.03
N LEU RE 293 73.05 -43.12 -112.11
CA LEU RE 293 72.31 -43.52 -110.92
C LEU RE 293 72.63 -42.64 -109.72
N MET RE 294 71.60 -42.11 -109.06
CA MET RE 294 71.73 -41.19 -107.93
C MET RE 294 71.14 -41.81 -106.66
N ASP RE 295 71.61 -41.33 -105.52
CA ASP RE 295 71.14 -41.77 -104.20
C ASP RE 295 70.06 -40.86 -103.58
N ASP RE 296 68.93 -41.47 -103.24
CA ASP RE 296 67.83 -40.74 -102.60
C ASP RE 296 68.23 -40.12 -101.27
N VAL RE 297 68.98 -40.86 -100.45
CA VAL RE 297 69.42 -40.28 -99.18
C VAL RE 297 70.21 -39.00 -99.43
N THR RE 298 71.04 -38.99 -100.47
CA THR RE 298 71.76 -37.79 -100.83
C THR RE 298 70.81 -36.65 -101.14
N ALA RE 299 69.83 -36.90 -102.01
CA ALA RE 299 68.84 -35.86 -102.30
C ALA RE 299 68.17 -35.31 -101.04
N ALA RE 300 67.56 -36.18 -100.24
CA ALA RE 300 66.91 -35.72 -99.03
C ALA RE 300 67.84 -34.93 -98.11
N GLY RE 301 69.09 -35.38 -97.96
CA GLY RE 301 70.01 -34.64 -97.11
C GLY RE 301 70.37 -33.27 -97.63
N GLN RE 302 70.56 -33.15 -98.95
CA GLN RE 302 70.70 -31.82 -99.55
C GLN RE 302 69.47 -30.95 -99.41
N ALA RE 303 68.32 -31.52 -99.11
CA ALA RE 303 67.15 -30.68 -98.83
C ALA RE 303 67.11 -30.22 -97.38
N GLU RE 304 67.22 -31.15 -96.45
CA GLU RE 304 67.10 -30.78 -95.04
C GLU RE 304 68.28 -29.94 -94.58
N ALA RE 305 69.48 -30.21 -95.09
CA ALA RE 305 70.57 -29.29 -94.82
C ALA RE 305 70.28 -27.89 -95.32
N GLY RE 306 69.56 -27.76 -96.44
CA GLY RE 306 69.24 -26.44 -96.94
C GLY RE 306 68.33 -25.66 -96.03
N LEU RE 307 67.24 -26.29 -95.59
CA LEU RE 307 66.34 -25.60 -94.67
C LEU RE 307 67.00 -25.29 -93.34
N LYS RE 308 67.87 -26.18 -92.85
CA LYS RE 308 68.62 -25.85 -91.64
C LYS RE 308 69.53 -24.66 -91.88
N GLN RE 309 70.20 -24.62 -93.02
CA GLN RE 309 71.05 -23.47 -93.33
C GLN RE 309 70.26 -22.18 -93.31
N GLN RE 310 69.07 -22.17 -93.91
CA GLN RE 310 68.27 -20.94 -93.87
C GLN RE 310 67.64 -20.67 -92.50
N ALA RE 311 67.70 -21.62 -91.57
CA ALA RE 311 67.07 -21.45 -90.26
C ALA RE 311 65.56 -21.29 -90.33
N LEU RE 312 64.97 -21.94 -91.20
CA LEU RE 312 63.52 -21.88 -91.28
C LEU RE 312 62.90 -22.90 -90.33
N PRO RE 313 61.70 -22.63 -89.79
CA PRO RE 313 60.96 -23.70 -89.11
C PRO RE 313 60.35 -24.66 -90.12
N TYR RE 314 60.41 -25.96 -89.80
CA TYR RE 314 59.81 -26.94 -90.69
C TYR RE 314 59.43 -28.21 -89.96
N SER RE 315 58.62 -29.03 -90.63
CA SER RE 315 58.32 -30.39 -90.24
C SER RE 315 58.56 -31.32 -91.41
N ARG RE 316 59.22 -32.45 -91.17
CA ARG RE 316 59.48 -33.45 -92.19
C ARG RE 316 58.53 -34.63 -92.08
N ARG RE 317 58.02 -35.08 -93.22
CA ARG RE 317 57.19 -36.27 -93.33
C ARG RE 317 57.81 -37.20 -94.36
N ASN RE 318 57.86 -38.49 -94.03
CA ASN RE 318 58.44 -39.50 -94.90
C ASN RE 318 57.36 -40.46 -95.38
N HIS RE 319 57.45 -40.87 -96.65
CA HIS RE 319 56.55 -41.87 -97.20
C HIS RE 319 57.37 -42.89 -97.95
N LYS RE 320 56.68 -43.87 -98.52
CA LYS RE 320 57.37 -44.83 -99.37
C LYS RE 320 58.06 -44.12 -100.53
N GLY RE 321 57.34 -43.23 -101.20
CA GLY RE 321 57.78 -42.71 -102.47
C GLY RE 321 58.22 -41.26 -102.48
N GLY RE 322 58.39 -40.64 -101.32
CA GLY RE 322 58.68 -39.22 -101.33
C GLY RE 322 58.84 -38.65 -99.93
N VAL RE 323 59.38 -37.44 -99.91
CA VAL RE 323 59.58 -36.66 -98.68
C VAL RE 323 58.85 -35.33 -98.80
N THR RE 324 58.16 -34.93 -97.73
CA THR RE 324 57.42 -33.68 -97.73
C THR RE 324 57.84 -32.79 -96.56
N PHE RE 325 58.21 -31.55 -96.86
CA PHE RE 325 58.58 -30.55 -95.85
C PHE RE 325 57.50 -29.49 -95.76
N VAL RE 326 56.90 -29.36 -94.59
CA VAL RE 326 55.85 -28.39 -94.32
C VAL RE 326 56.42 -27.23 -93.51
N ILE RE 327 56.42 -26.05 -94.13
CA ILE RE 327 56.91 -24.79 -93.57
C ILE RE 327 55.68 -23.95 -93.24
N GLN RE 328 55.40 -23.78 -91.96
CA GLN RE 328 54.15 -23.22 -91.49
C GLN RE 328 54.38 -22.22 -90.36
N GLY RE 329 53.65 -21.11 -90.42
CA GLY RE 329 53.62 -20.15 -89.33
C GLY RE 329 53.46 -18.73 -89.86
N ALA RE 330 53.58 -17.76 -88.93
CA ALA RE 330 53.59 -16.33 -89.25
C ALA RE 330 54.96 -15.82 -89.68
N LEU RE 331 55.43 -16.35 -90.81
CA LEU RE 331 56.77 -16.04 -91.29
C LEU RE 331 56.92 -14.57 -91.61
N ASP RE 332 58.11 -14.03 -91.34
CA ASP RE 332 58.46 -12.67 -91.69
C ASP RE 332 58.95 -12.54 -93.13
N ASP RE 333 58.91 -11.30 -93.63
CA ASP RE 333 59.36 -10.97 -94.97
C ASP RE 333 60.69 -11.59 -95.36
N VAL RE 334 61.70 -11.43 -94.52
CA VAL RE 334 63.01 -12.01 -94.79
C VAL RE 334 62.89 -13.52 -94.96
N GLU RE 335 62.20 -14.17 -94.04
CA GLU RE 335 62.04 -15.61 -94.12
C GLU RE 335 61.38 -16.02 -95.43
N ILE RE 336 60.29 -15.36 -95.79
CA ILE RE 336 59.62 -15.67 -97.06
C ILE RE 336 60.61 -15.58 -98.22
N LEU RE 337 61.36 -14.48 -98.28
CA LEU RE 337 62.29 -14.28 -99.39
C LEU RE 337 63.35 -15.37 -99.46
N ARG RE 338 64.04 -15.61 -98.36
CA ARG RE 338 65.06 -16.63 -98.34
C ARG RE 338 64.52 -18.03 -98.63
N ALA RE 339 63.35 -18.37 -98.09
CA ALA RE 339 62.72 -19.63 -98.42
C ALA RE 339 62.48 -19.77 -99.93
N ARG RE 340 61.87 -18.76 -100.53
CA ARG RE 340 61.66 -18.78 -101.97
C ARG RE 340 62.93 -19.01 -102.76
N GLN RE 341 63.97 -18.21 -102.50
CA GLN RE 341 65.23 -18.38 -103.23
C GLN RE 341 65.77 -19.80 -103.11
N PHE RE 342 65.82 -20.32 -101.88
CA PHE RE 342 66.35 -21.67 -101.70
C PHE RE 342 65.55 -22.70 -102.50
N VAL RE 343 64.24 -22.72 -102.27
CA VAL RE 343 63.39 -23.67 -102.99
C VAL RE 343 63.63 -23.61 -104.48
N ASP RE 344 63.66 -22.41 -105.04
CA ASP RE 344 63.81 -22.37 -106.49
C ASP RE 344 65.18 -22.81 -106.94
N SER RE 345 66.21 -22.65 -106.11
CA SER RE 345 67.52 -23.17 -106.50
C SER RE 345 67.52 -24.70 -106.50
N TYR RE 346 66.95 -25.30 -105.46
CA TYR RE 346 66.86 -26.74 -105.35
C TYR RE 346 66.11 -27.35 -106.53
N TYR RE 347 64.94 -26.81 -106.83
CA TYR RE 347 64.11 -27.38 -107.88
C TYR RE 347 64.81 -27.43 -109.24
N ARG RE 348 65.73 -26.52 -109.51
CA ARG RE 348 66.38 -26.57 -110.81
C ARG RE 348 67.34 -27.72 -110.95
N THR RE 349 67.86 -28.21 -109.83
CA THR RE 349 68.75 -29.36 -109.81
C THR RE 349 67.96 -30.66 -109.79
N TRP RE 350 67.06 -30.82 -108.84
CA TRP RE 350 66.42 -32.12 -108.65
C TRP RE 350 65.01 -32.27 -109.22
N GLY RE 351 64.37 -31.23 -109.72
CA GLY RE 351 62.97 -31.38 -110.08
C GLY RE 351 62.09 -31.51 -108.85
N GLY RE 352 60.82 -31.77 -109.11
CA GLY RE 352 59.85 -31.94 -108.03
C GLY RE 352 59.22 -33.31 -107.81
N ARG RE 353 59.85 -34.38 -108.28
CA ARG RE 353 59.18 -35.67 -108.19
C ARG RE 353 59.35 -36.34 -106.83
N TYR RE 354 60.54 -36.31 -106.23
CA TYR RE 354 60.73 -36.97 -104.95
C TYR RE 354 60.45 -36.11 -103.71
N VAL RE 355 60.97 -34.88 -103.65
CA VAL RE 355 60.83 -33.99 -102.51
C VAL RE 355 59.89 -32.83 -102.81
N GLN RE 356 58.89 -32.63 -101.95
CA GLN RE 356 57.91 -31.56 -102.05
C GLN RE 356 57.92 -30.63 -100.84
N PHE RE 357 57.77 -29.32 -101.10
CA PHE RE 357 57.71 -28.28 -100.08
C PHE RE 357 56.34 -27.64 -100.06
N ALA RE 358 55.83 -27.36 -98.86
CA ALA RE 358 54.55 -26.66 -98.68
C ALA RE 358 54.71 -25.49 -97.72
N ILE RE 359 54.54 -24.27 -98.22
CA ILE RE 359 54.67 -23.04 -97.45
C ILE RE 359 53.28 -22.47 -97.19
N GLU RE 360 52.92 -22.34 -95.91
CA GLU RE 360 51.60 -21.86 -95.53
C GLU RE 360 51.69 -20.78 -94.46
N LEU RE 361 51.05 -19.65 -94.73
CA LEU RE 361 50.96 -18.49 -93.85
C LEU RE 361 49.70 -18.53 -92.99
N LYS RE 362 49.86 -18.48 -91.67
CA LYS RE 362 48.74 -18.52 -90.76
C LYS RE 362 48.91 -17.50 -89.65
N ASP RE 363 47.79 -16.88 -89.27
CA ASP RE 363 47.76 -15.92 -88.18
C ASP RE 363 48.24 -16.55 -86.87
N ASP RE 364 48.80 -15.71 -86.00
CA ASP RE 364 49.23 -16.12 -84.67
C ASP RE 364 48.24 -15.64 -83.63
N TRP RE 365 47.71 -16.58 -82.86
CA TRP RE 365 46.78 -16.24 -81.79
C TRP RE 365 47.48 -15.63 -80.59
N LEU RE 366 48.75 -15.98 -80.38
CA LEU RE 366 49.43 -15.69 -79.11
C LEU RE 366 49.83 -14.24 -78.92
N LYS RE 367 49.74 -13.40 -79.95
CA LYS RE 367 50.04 -12.00 -79.77
C LYS RE 367 49.19 -11.33 -78.70
N GLY RE 368 49.79 -10.95 -77.58
CA GLY RE 368 49.07 -10.30 -76.51
C GLY RE 368 48.40 -11.18 -75.48
N ARG RE 369 48.54 -12.50 -75.57
CA ARG RE 369 47.84 -13.41 -74.67
C ARG RE 369 48.84 -14.17 -73.81
N SER RE 370 48.44 -14.51 -72.60
CA SER RE 370 49.23 -15.40 -71.77
C SER RE 370 48.81 -16.85 -72.00
N PHE RE 371 49.74 -17.77 -71.77
CA PHE RE 371 49.47 -19.17 -72.02
C PHE RE 371 50.39 -20.04 -71.19
N GLN RE 372 49.99 -21.28 -71.03
CA GLN RE 372 50.85 -22.33 -70.49
C GLN RE 372 51.29 -23.24 -71.62
N TYR RE 373 52.57 -23.60 -71.62
CA TYR RE 373 53.17 -24.37 -72.69
C TYR RE 373 53.98 -25.49 -72.08
N GLY RE 374 54.26 -26.49 -72.90
CA GLY RE 374 54.56 -27.83 -72.44
C GLY RE 374 53.45 -28.79 -72.81
N ALA RE 375 53.46 -29.96 -72.16
CA ALA RE 375 52.48 -30.99 -72.50
C ALA RE 375 51.05 -30.55 -72.20
N GLU RE 376 50.81 -30.03 -71.01
CA GLU RE 376 49.47 -29.59 -70.60
C GLU RE 376 49.15 -28.16 -70.99
N GLY RE 377 49.48 -27.74 -72.21
CA GLY RE 377 49.32 -26.36 -72.57
C GLY RE 377 47.87 -25.95 -72.78
N TYR RE 378 47.64 -24.65 -72.63
CA TYR RE 378 46.35 -24.04 -72.93
C TYR RE 378 46.57 -22.55 -73.09
N ILE RE 379 45.61 -21.88 -73.72
CA ILE RE 379 45.68 -20.44 -73.92
C ILE RE 379 44.57 -19.76 -73.13
N LYS RE 380 44.91 -18.68 -72.44
CA LYS RE 380 43.90 -17.82 -71.84
C LYS RE 380 43.39 -16.85 -72.90
N MET RE 381 42.18 -17.12 -73.41
CA MET RE 381 41.63 -16.20 -74.40
C MET RE 381 41.37 -14.86 -73.75
N SER RE 382 41.05 -14.88 -72.46
CA SER RE 382 40.92 -13.70 -71.62
C SER RE 382 40.96 -14.19 -70.19
N PRO RE 383 41.00 -13.28 -69.22
CA PRO RE 383 40.50 -13.65 -67.90
C PRO RE 383 39.16 -14.34 -68.01
N GLY RE 384 38.99 -15.42 -67.24
CA GLY RE 384 37.76 -16.17 -67.30
C GLY RE 384 37.54 -17.11 -68.47
N HIS RE 385 38.43 -17.18 -69.45
CA HIS RE 385 38.14 -17.99 -70.63
C HIS RE 385 39.36 -18.79 -71.05
N TRP RE 386 39.23 -20.12 -71.05
CA TRP RE 386 40.32 -21.04 -71.35
C TRP RE 386 40.07 -21.73 -72.68
N TYR RE 387 41.11 -21.84 -73.49
CA TYR RE 387 41.12 -22.62 -74.70
C TYR RE 387 42.09 -23.79 -74.58
N PHE RE 388 41.64 -25.00 -74.88
CA PHE RE 388 42.51 -26.16 -74.77
C PHE RE 388 42.75 -26.70 -76.18
N PRO RE 389 44.00 -26.82 -76.61
CA PRO RE 389 44.28 -27.35 -77.94
C PRO RE 389 44.43 -28.86 -77.90
N SER RE 390 44.25 -29.47 -79.06
CA SER RE 390 44.30 -30.93 -79.16
C SER RE 390 45.47 -31.36 -80.02
N ALA SE 171 92.09 -0.59 -136.09
CA ALA SE 171 91.26 -0.12 -135.00
C ALA SE 171 90.96 -1.24 -134.03
N GLU SE 172 91.79 -1.37 -133.00
CA GLU SE 172 91.56 -2.44 -132.05
C GLU SE 172 90.28 -2.15 -131.26
N LEU SE 173 89.80 -3.17 -130.56
CA LEU SE 173 88.66 -2.99 -129.68
C LEU SE 173 88.91 -1.90 -128.64
N ASP SE 174 90.13 -1.87 -128.09
CA ASP SE 174 90.41 -0.91 -127.03
C ASP SE 174 90.18 0.51 -127.50
N SER SE 175 90.49 0.81 -128.76
CA SER SE 175 90.30 2.17 -129.24
C SER SE 175 88.82 2.51 -129.33
N LEU SE 176 87.96 1.50 -129.31
CA LEU SE 176 86.52 1.69 -129.36
C LEU SE 176 85.92 1.77 -127.97
N LEU SE 177 86.63 1.26 -126.96
CA LEU SE 177 86.02 1.22 -125.64
C LEU SE 177 85.98 2.59 -124.99
N GLY SE 178 87.07 3.34 -124.94
CA GLY SE 178 86.97 4.65 -124.33
C GLY SE 178 88.27 5.43 -124.44
N GLN SE 179 88.29 6.56 -123.74
CA GLN SE 179 89.52 7.32 -123.53
C GLN SE 179 90.30 6.84 -122.32
N GLU SE 180 89.63 6.48 -121.24
CA GLU SE 180 90.30 5.71 -120.21
C GLU SE 180 90.62 4.33 -120.76
N LYS SE 181 91.65 3.71 -120.21
CA LYS SE 181 92.20 2.52 -120.85
C LYS SE 181 92.29 1.37 -119.85
N GLU SE 182 92.84 1.67 -118.68
CA GLU SE 182 92.99 0.69 -117.61
C GLU SE 182 91.66 0.18 -117.10
N ARG SE 183 90.55 0.81 -117.46
CA ARG SE 183 89.24 0.38 -117.00
C ARG SE 183 88.82 -0.97 -117.56
N PHE SE 184 89.39 -1.42 -118.67
CA PHE SE 184 88.99 -2.66 -119.32
C PHE SE 184 90.23 -3.46 -119.70
N GLN SE 185 90.08 -4.79 -119.78
CA GLN SE 185 91.24 -5.59 -120.13
C GLN SE 185 90.82 -6.62 -121.17
N VAL SE 186 91.60 -6.75 -122.23
CA VAL SE 186 91.23 -7.57 -123.39
C VAL SE 186 92.11 -8.81 -123.45
N LEU SE 187 91.47 -9.98 -123.38
CA LEU SE 187 92.12 -11.27 -123.35
C LEU SE 187 91.78 -12.05 -124.61
N PRO SE 188 92.76 -12.48 -125.43
CA PRO SE 188 92.45 -13.35 -126.57
C PRO SE 188 92.28 -14.80 -126.13
N GLY SE 189 91.09 -15.35 -126.35
CA GLY SE 189 90.81 -16.72 -125.98
C GLY SE 189 91.15 -17.75 -127.05
N ARG SE 190 91.33 -18.99 -126.59
CA ARG SE 190 91.73 -20.09 -127.46
C ARG SE 190 90.74 -20.38 -128.59
N ASP SE 191 89.47 -19.97 -128.46
CA ASP SE 191 88.51 -20.10 -129.55
C ASP SE 191 88.48 -18.87 -130.45
N LYS SE 192 89.53 -18.08 -130.44
CA LYS SE 192 89.66 -16.92 -131.31
C LYS SE 192 88.53 -15.92 -131.09
N MET SE 193 88.21 -15.67 -129.83
CA MET SE 193 87.20 -14.69 -129.48
C MET SE 193 87.84 -13.76 -128.45
N LEU SE 194 87.60 -12.47 -128.58
CA LEU SE 194 88.11 -11.50 -127.61
C LEU SE 194 87.20 -11.47 -126.40
N TYR SE 195 87.73 -11.77 -125.23
CA TYR SE 195 87.01 -11.63 -123.98
C TYR SE 195 87.43 -10.35 -123.29
N VAL SE 196 86.49 -9.44 -123.07
CA VAL SE 196 86.75 -8.19 -122.39
C VAL SE 196 86.35 -8.36 -120.93
N ALA SE 197 87.30 -8.20 -120.03
CA ALA SE 197 87.02 -8.27 -118.61
C ALA SE 197 86.76 -6.88 -118.08
N ALA SE 198 85.70 -6.79 -117.26
CA ALA SE 198 85.22 -5.54 -116.67
C ALA SE 198 85.07 -5.70 -115.16
N GLN SE 199 85.28 -4.60 -114.43
CA GLN SE 199 85.36 -4.66 -112.98
C GLN SE 199 83.99 -4.71 -112.28
N ASN SE 200 82.92 -4.26 -112.91
CA ASN SE 200 81.64 -4.12 -112.20
C ASN SE 200 80.52 -3.98 -113.22
N GLU SE 201 79.29 -3.88 -112.70
CA GLU SE 201 78.10 -3.89 -113.55
C GLU SE 201 78.04 -2.69 -114.49
N ARG SE 202 78.33 -1.50 -113.98
CA ARG SE 202 78.18 -0.31 -114.81
C ARG SE 202 79.19 -0.32 -115.94
N ASP SE 203 80.41 -0.76 -115.65
CA ASP SE 203 81.42 -0.93 -116.69
C ASP SE 203 81.02 -2.02 -117.67
N THR SE 204 80.39 -3.08 -117.17
CA THR SE 204 79.90 -4.14 -118.05
C THR SE 204 78.88 -3.61 -119.06
N LEU SE 205 77.91 -2.84 -118.59
CA LEU SE 205 76.94 -2.27 -119.53
C LEU SE 205 77.59 -1.26 -120.47
N TRP SE 206 78.59 -0.53 -119.99
CA TRP SE 206 79.32 0.37 -120.88
C TRP SE 206 79.97 -0.40 -122.01
N ALA SE 207 80.52 -1.57 -121.71
CA ALA SE 207 81.14 -2.34 -122.78
C ALA SE 207 80.10 -2.98 -123.68
N ARG SE 208 79.13 -3.68 -123.10
CA ARG SE 208 78.14 -4.38 -123.91
C ARG SE 208 77.43 -3.47 -124.90
N GLN SE 209 77.23 -2.21 -124.56
CA GLN SE 209 76.66 -1.30 -125.56
C GLN SE 209 77.47 -1.26 -126.85
N VAL SE 210 78.80 -1.23 -126.74
CA VAL SE 210 79.64 -1.13 -127.93
C VAL SE 210 79.48 -2.35 -128.83
N LEU SE 211 79.38 -3.53 -128.25
CA LEU SE 211 79.16 -4.73 -129.05
C LEU SE 211 77.77 -4.76 -129.65
N ALA SE 212 76.74 -4.55 -128.83
CA ALA SE 212 75.38 -4.63 -129.33
C ALA SE 212 75.12 -3.59 -130.42
N ARG SE 213 75.75 -2.44 -130.32
CA ARG SE 213 75.64 -1.46 -131.39
C ARG SE 213 76.23 -1.99 -132.69
N GLY SE 214 77.09 -2.99 -132.62
CA GLY SE 214 77.80 -3.50 -133.79
C GLY SE 214 78.89 -2.59 -134.29
N ASP SE 215 79.51 -1.82 -133.41
CA ASP SE 215 80.66 -1.01 -133.80
C ASP SE 215 81.86 -1.87 -134.20
N TYR SE 216 82.12 -2.94 -133.45
CA TYR SE 216 83.10 -3.94 -133.86
C TYR SE 216 82.49 -4.99 -134.77
N ASP SE 217 83.31 -5.50 -135.68
CA ASP SE 217 82.87 -6.43 -136.72
C ASP SE 217 83.14 -7.89 -136.40
N LYS SE 218 84.25 -8.21 -135.75
CA LYS SE 218 84.50 -9.58 -135.32
C LYS SE 218 83.71 -9.94 -134.06
N ASN SE 219 83.88 -11.20 -133.64
CA ASN SE 219 83.30 -11.74 -132.43
C ASN SE 219 83.94 -11.17 -131.16
N ALA SE 220 83.14 -11.07 -130.11
CA ALA SE 220 83.67 -10.70 -128.80
C ALA SE 220 82.65 -11.13 -127.74
N ARG SE 221 83.11 -11.17 -126.50
CA ARG SE 221 82.27 -11.43 -125.35
C ARG SE 221 82.79 -10.61 -124.17
N VAL SE 222 81.92 -10.33 -123.20
CA VAL SE 222 82.25 -9.43 -122.10
C VAL SE 222 81.84 -10.07 -120.78
N ILE SE 223 82.76 -10.04 -119.80
CA ILE SE 223 82.66 -10.89 -118.62
C ILE SE 223 83.05 -10.12 -117.37
N ASN SE 224 82.57 -10.63 -116.23
CA ASN SE 224 82.97 -10.13 -114.92
C ASN SE 224 82.89 -11.27 -113.91
N GLU SE 225 83.54 -11.05 -112.76
CA GLU SE 225 83.77 -12.13 -111.81
C GLU SE 225 82.49 -12.81 -111.37
N ASN SE 226 81.43 -12.06 -111.15
CA ASN SE 226 80.24 -12.63 -110.52
C ASN SE 226 79.55 -13.63 -111.45
N GLU SE 227 79.29 -13.22 -112.69
CA GLU SE 227 78.63 -14.11 -113.64
C GLU SE 227 79.46 -15.36 -113.87
N GLU SE 228 80.77 -15.25 -113.89
CA GLU SE 228 81.59 -16.43 -114.07
C GLU SE 228 81.46 -17.38 -112.90
N ASN SE 229 81.51 -16.86 -111.68
CA ASN SE 229 81.21 -17.70 -110.53
C ASN SE 229 79.89 -18.45 -110.70
N LYS SE 230 78.82 -17.73 -111.05
CA LYS SE 230 77.52 -18.38 -111.24
C LYS SE 230 77.55 -19.49 -112.29
N ARG SE 231 78.03 -19.18 -113.50
CA ARG SE 231 78.11 -20.16 -114.57
C ARG SE 231 78.86 -21.42 -114.13
N ILE SE 232 80.05 -21.25 -113.57
CA ILE SE 232 80.82 -22.40 -113.12
C ILE SE 232 80.07 -23.18 -112.06
N SER SE 233 79.43 -22.51 -111.11
CA SER SE 233 78.65 -23.23 -110.12
C SER SE 233 77.57 -24.08 -110.76
N ILE SE 234 76.84 -23.52 -111.72
CA ILE SE 234 75.80 -24.31 -112.40
C ILE SE 234 76.38 -25.56 -113.05
N TRP SE 235 77.56 -25.45 -113.67
CA TRP SE 235 78.17 -26.63 -114.27
C TRP SE 235 78.56 -27.67 -113.22
N LEU SE 236 79.24 -27.23 -112.17
CA LEU SE 236 79.59 -28.14 -111.08
C LEU SE 236 78.37 -28.84 -110.52
N ASP SE 237 77.25 -28.13 -110.37
CA ASP SE 237 76.03 -28.77 -109.87
C ASP SE 237 75.68 -30.03 -110.65
N THR SE 238 75.98 -30.07 -111.94
CA THR SE 238 75.67 -31.23 -112.76
C THR SE 238 76.74 -32.32 -112.63
N TYR SE 239 77.98 -32.00 -112.95
CA TYR SE 239 79.01 -33.03 -113.02
C TYR SE 239 79.73 -33.36 -111.71
N TYR SE 240 79.65 -32.54 -110.69
CA TYR SE 240 80.33 -32.81 -109.42
C TYR SE 240 79.39 -32.50 -108.27
N PRO SE 241 78.26 -33.21 -108.21
CA PRO SE 241 77.11 -32.73 -107.43
C PRO SE 241 77.32 -32.75 -105.92
N GLN SE 242 78.48 -33.16 -105.41
CA GLN SE 242 78.68 -33.18 -103.98
C GLN SE 242 79.96 -32.46 -103.55
N LEU SE 243 80.65 -31.83 -104.50
CA LEU SE 243 81.92 -31.18 -104.19
C LEU SE 243 81.69 -30.05 -103.19
N ALA SE 244 82.64 -29.84 -102.29
CA ALA SE 244 82.62 -28.70 -101.38
C ALA SE 244 83.69 -27.70 -101.79
N TYR SE 245 83.27 -26.48 -102.12
CA TYR SE 245 84.22 -25.47 -102.58
C TYR SE 245 83.74 -24.10 -102.10
N TYR SE 246 84.65 -23.14 -102.14
CA TYR SE 246 84.30 -21.77 -101.73
C TYR SE 246 84.08 -20.81 -102.89
N ARG SE 247 85.13 -20.50 -103.63
CA ARG SE 247 85.00 -19.51 -104.69
C ARG SE 247 86.18 -19.67 -105.63
N ILE SE 248 86.05 -19.08 -106.82
CA ILE SE 248 87.16 -18.86 -107.75
C ILE SE 248 87.46 -17.38 -107.86
N HIS SE 249 88.74 -17.02 -107.71
CA HIS SE 249 89.19 -15.65 -107.66
C HIS SE 249 89.91 -15.27 -108.96
N PHE SE 250 89.51 -14.15 -109.56
CA PHE SE 250 89.97 -13.74 -110.89
C PHE SE 250 90.86 -12.49 -110.84
N ASP SE 251 91.61 -12.31 -109.76
CA ASP SE 251 92.54 -11.18 -109.70
C ASP SE 251 93.60 -11.24 -110.80
N GLU SE 252 93.92 -12.43 -111.27
CA GLU SE 252 94.69 -12.65 -112.50
C GLU SE 252 93.86 -13.55 -113.40
N PRO SE 253 93.05 -12.99 -114.29
CA PRO SE 253 92.14 -13.84 -115.05
C PRO SE 253 92.84 -14.92 -115.83
N ARG SE 254 94.13 -14.78 -116.11
CA ARG SE 254 94.82 -15.84 -116.82
C ARG SE 254 95.12 -17.04 -115.94
N LYS SE 255 95.11 -16.88 -114.62
CA LYS SE 255 95.48 -17.96 -113.70
C LYS SE 255 94.62 -17.97 -112.46
N PRO SE 256 93.33 -18.25 -112.61
CA PRO SE 256 92.42 -18.20 -111.46
C PRO SE 256 92.85 -19.15 -110.36
N VAL SE 257 92.36 -18.85 -109.16
CA VAL SE 257 92.63 -19.60 -107.94
C VAL SE 257 91.31 -20.15 -107.43
N PHE SE 258 91.24 -21.47 -107.27
CA PHE SE 258 90.02 -22.19 -106.88
C PHE SE 258 90.23 -22.81 -105.51
N TRP SE 259 89.51 -22.30 -104.51
CA TRP SE 259 89.61 -22.76 -103.12
C TRP SE 259 88.65 -23.91 -102.82
N LEU SE 260 89.18 -25.09 -102.60
CA LEU SE 260 88.38 -26.22 -102.13
C LEU SE 260 88.47 -26.31 -100.60
N SER SE 261 87.48 -26.95 -100.01
CA SER SE 261 87.58 -27.34 -98.60
C SER SE 261 88.55 -28.49 -98.44
N ARG SE 262 89.40 -28.39 -97.41
CA ARG SE 262 90.23 -29.53 -97.02
C ARG SE 262 89.45 -30.65 -96.35
N GLN SE 263 88.64 -30.33 -95.35
CA GLN SE 263 88.07 -31.39 -94.52
C GLN SE 263 86.85 -32.07 -95.12
N ARG SE 264 86.10 -31.40 -95.98
CA ARG SE 264 84.87 -31.98 -96.53
C ARG SE 264 85.07 -32.59 -97.91
N ASN SE 265 86.31 -32.85 -98.31
CA ASN SE 265 86.56 -33.48 -99.60
C ASN SE 265 87.51 -34.64 -99.43
N THR SE 266 87.35 -35.62 -100.32
CA THR SE 266 88.30 -36.73 -100.46
C THR SE 266 88.55 -36.98 -101.94
N MET SE 267 89.70 -36.51 -102.42
CA MET SE 267 90.05 -36.68 -103.82
C MET SE 267 91.54 -36.95 -103.91
N SER SE 268 91.93 -37.67 -104.96
CA SER SE 268 93.33 -37.96 -105.21
C SER SE 268 93.95 -36.92 -106.12
N LYS SE 269 95.28 -36.86 -106.09
CA LYS SE 269 95.99 -35.90 -106.92
C LYS SE 269 95.59 -36.04 -108.38
N LYS SE 270 95.42 -37.27 -108.84
CA LYS SE 270 94.98 -37.50 -110.21
C LYS SE 270 93.64 -36.85 -110.47
N GLU SE 271 92.68 -37.10 -109.59
CA GLU SE 271 91.36 -36.48 -109.76
C GLU SE 271 91.45 -34.96 -109.75
N LEU SE 272 92.20 -34.39 -108.80
CA LEU SE 272 92.36 -32.95 -108.78
C LEU SE 272 92.92 -32.42 -110.10
N GLU SE 273 93.90 -33.12 -110.66
CA GLU SE 273 94.40 -32.75 -111.98
C GLU SE 273 93.32 -32.81 -113.03
N VAL SE 274 92.51 -33.86 -113.02
CA VAL SE 274 91.48 -34.00 -114.04
C VAL SE 274 90.50 -32.85 -113.94
N LEU SE 275 90.01 -32.59 -112.72
CA LEU SE 275 89.15 -31.44 -112.48
C LEU SE 275 89.76 -30.14 -112.99
N SER SE 276 91.04 -29.92 -112.71
CA SER SE 276 91.72 -28.75 -113.25
C SER SE 276 91.62 -28.67 -114.76
N GLN SE 277 92.00 -29.74 -115.44
CA GLN SE 277 91.95 -29.77 -116.88
C GLN SE 277 90.56 -29.53 -117.42
N LYS SE 278 89.55 -30.12 -116.79
CA LYS SE 278 88.17 -29.88 -117.21
C LYS SE 278 87.75 -28.43 -117.06
N LEU SE 279 88.02 -27.83 -115.90
CA LEU SE 279 87.69 -26.41 -115.74
C LEU SE 279 88.40 -25.55 -116.77
N ARG SE 280 89.65 -25.86 -117.07
CA ARG SE 280 90.37 -25.11 -118.09
C ARG SE 280 89.58 -25.04 -119.39
N ALA SE 281 88.85 -26.10 -119.73
CA ALA SE 281 88.08 -26.09 -120.97
C ALA SE 281 86.94 -25.07 -120.93
N LEU SE 282 86.31 -24.87 -119.78
CA LEU SE 282 85.24 -23.88 -119.67
C LEU SE 282 85.74 -22.44 -119.84
N MET SE 283 86.96 -22.17 -119.44
CA MET SE 283 87.49 -20.82 -119.40
C MET SE 283 88.56 -20.70 -120.48
N PRO SE 284 88.16 -20.52 -121.74
CA PRO SE 284 89.14 -20.53 -122.82
C PRO SE 284 90.11 -19.37 -122.79
N TYR SE 285 89.82 -18.33 -122.03
CA TYR SE 285 90.79 -17.27 -121.84
C TYR SE 285 91.77 -17.58 -120.74
N ALA SE 286 91.59 -18.67 -120.00
CA ALA SE 286 92.53 -19.11 -118.98
C ALA SE 286 93.66 -19.95 -119.56
N ASP SE 287 94.86 -19.74 -119.02
CA ASP SE 287 96.01 -20.61 -119.28
C ASP SE 287 96.04 -21.80 -118.34
N SER SE 288 95.70 -21.59 -117.07
CA SER SE 288 95.76 -22.66 -116.08
C SER SE 288 94.93 -22.26 -114.88
N VAL SE 289 94.52 -23.26 -114.13
CA VAL SE 289 93.73 -23.11 -112.91
C VAL SE 289 94.54 -23.66 -111.75
N ASN SE 290 94.77 -22.84 -110.73
CA ASN SE 290 95.47 -23.29 -109.54
C ASN SE 290 94.46 -23.64 -108.46
N ILE SE 291 94.51 -24.88 -108.00
CA ILE SE 291 93.62 -25.39 -106.96
C ILE SE 291 94.35 -25.37 -105.63
N THR SE 292 93.71 -24.78 -104.62
CA THR SE 292 94.28 -24.61 -103.30
C THR SE 292 93.25 -25.07 -102.28
N LEU SE 293 93.72 -25.48 -101.11
CA LEU SE 293 92.86 -26.05 -100.08
C LEU SE 293 92.85 -25.14 -98.86
N MET SE 294 91.67 -24.99 -98.29
CA MET SE 294 91.41 -24.09 -97.17
C MET SE 294 90.84 -24.87 -96.01
N ASP SE 295 90.92 -24.28 -94.82
CA ASP SE 295 90.47 -24.91 -93.59
C ASP SE 295 89.16 -24.29 -93.12
N ASP SE 296 88.15 -25.14 -92.89
CA ASP SE 296 86.85 -24.66 -92.47
C ASP SE 296 86.87 -24.00 -91.11
N VAL SE 297 87.85 -24.33 -90.27
CA VAL SE 297 87.91 -23.68 -88.96
C VAL SE 297 88.33 -22.24 -89.11
N THR SE 298 89.21 -21.94 -90.06
CA THR SE 298 89.59 -20.56 -90.28
C THR SE 298 88.40 -19.70 -90.70
N ALA SE 299 87.56 -20.20 -91.60
CA ALA SE 299 86.44 -19.39 -92.08
C ALA SE 299 85.45 -19.07 -90.97
N ALA SE 300 85.24 -20.00 -90.05
CA ALA SE 300 84.38 -19.69 -88.91
C ALA SE 300 85.07 -18.71 -87.96
N GLY SE 301 86.33 -18.96 -87.63
CA GLY SE 301 86.99 -18.05 -86.72
C GLY SE 301 87.01 -16.63 -87.24
N GLN SE 302 87.24 -16.46 -88.54
CA GLN SE 302 87.19 -15.14 -89.16
C GLN SE 302 85.80 -14.54 -89.19
N ALA SE 303 84.75 -15.35 -89.22
CA ALA SE 303 83.41 -14.75 -89.09
C ALA SE 303 83.16 -14.27 -87.66
N GLU SE 304 83.34 -15.15 -86.69
CA GLU SE 304 82.99 -14.78 -85.33
C GLU SE 304 83.86 -13.63 -84.84
N ALA SE 305 85.16 -13.69 -85.09
CA ALA SE 305 86.01 -12.56 -84.74
C ALA SE 305 85.57 -11.27 -85.40
N GLY SE 306 85.03 -11.35 -86.61
CA GLY SE 306 84.57 -10.13 -87.26
C GLY SE 306 83.25 -9.59 -86.77
N LEU SE 307 82.50 -10.37 -85.99
CA LEU SE 307 81.38 -9.79 -85.26
C LEU SE 307 81.82 -9.24 -83.91
N LYS SE 308 82.64 -9.99 -83.19
CA LYS SE 308 83.12 -9.52 -81.90
C LYS SE 308 83.86 -8.21 -82.05
N GLN SE 309 84.71 -8.09 -83.06
CA GLN SE 309 85.40 -6.84 -83.34
C GLN SE 309 84.45 -5.72 -83.73
N GLN SE 310 83.17 -5.99 -83.94
CA GLN SE 310 82.20 -4.92 -84.17
C GLN SE 310 81.20 -4.79 -83.03
N ALA SE 311 81.40 -5.54 -81.95
CA ALA SE 311 80.52 -5.51 -80.78
C ALA SE 311 79.06 -5.82 -81.08
N LEU SE 312 78.74 -6.47 -82.19
CA LEU SE 312 77.36 -6.76 -82.49
C LEU SE 312 76.84 -7.86 -81.57
N PRO SE 313 75.56 -7.83 -81.20
CA PRO SE 313 74.94 -8.98 -80.53
C PRO SE 313 74.52 -10.04 -81.54
N TYR SE 314 74.93 -11.28 -81.30
CA TYR SE 314 74.67 -12.35 -82.27
C TYR SE 314 74.50 -13.69 -81.57
N SER SE 315 74.01 -14.66 -82.34
CA SER SE 315 73.95 -16.06 -81.94
C SER SE 315 74.57 -16.92 -83.03
N ARG SE 316 75.18 -18.04 -82.63
CA ARG SE 316 75.79 -18.98 -83.57
C ARG SE 316 75.16 -20.36 -83.46
N ARG SE 317 74.79 -20.93 -84.61
CA ARG SE 317 74.29 -22.30 -84.69
C ARG SE 317 75.16 -23.13 -85.63
N ASN SE 318 75.66 -24.26 -85.14
CA ASN SE 318 76.52 -25.14 -85.93
C ASN SE 318 75.73 -26.31 -86.50
N HIS SE 319 75.95 -26.58 -87.78
CA HIS SE 319 75.41 -27.73 -88.47
C HIS SE 319 76.56 -28.47 -89.13
N LYS SE 320 76.31 -29.72 -89.47
CA LYS SE 320 77.35 -30.56 -90.04
C LYS SE 320 77.95 -29.94 -91.29
N GLY SE 321 77.15 -29.23 -92.05
CA GLY SE 321 77.62 -28.63 -93.27
C GLY SE 321 77.92 -27.15 -93.20
N GLY SE 322 77.65 -26.47 -92.10
CA GLY SE 322 77.75 -25.02 -92.13
C GLY SE 322 77.50 -24.39 -90.79
N VAL SE 323 77.61 -23.06 -90.77
CA VAL SE 323 77.39 -22.29 -89.55
C VAL SE 323 76.47 -21.14 -89.92
N THR SE 324 75.51 -20.86 -89.05
CA THR SE 324 74.51 -19.82 -89.25
C THR SE 324 74.48 -18.81 -88.11
N PHE SE 325 74.72 -17.55 -88.45
CA PHE SE 325 74.88 -16.49 -87.46
C PHE SE 325 73.63 -15.64 -87.53
N VAL SE 326 72.96 -15.45 -86.40
CA VAL SE 326 71.70 -14.72 -86.33
C VAL SE 326 71.89 -13.40 -85.59
N ILE SE 327 71.34 -12.32 -86.16
CA ILE SE 327 71.42 -10.97 -85.62
C ILE SE 327 70.00 -10.39 -85.68
N GLN SE 328 69.36 -10.22 -84.53
CA GLN SE 328 67.95 -9.85 -84.59
C GLN SE 328 67.56 -9.01 -83.37
N GLY SE 329 66.46 -8.28 -83.54
CA GLY SE 329 65.85 -7.46 -82.50
C GLY SE 329 65.75 -5.99 -82.82
N ALA SE 330 65.58 -5.13 -81.81
CA ALA SE 330 65.63 -3.69 -81.97
C ALA SE 330 67.04 -3.15 -82.17
N LEU SE 331 67.65 -3.45 -83.31
CA LEU SE 331 68.96 -2.90 -83.65
C LEU SE 331 68.92 -1.41 -83.92
N ASP SE 332 70.01 -0.73 -83.56
CA ASP SE 332 70.18 0.70 -83.79
C ASP SE 332 70.73 0.98 -85.19
N ASP SE 333 70.53 2.22 -85.66
CA ASP SE 333 71.02 2.65 -86.97
C ASP SE 333 72.53 2.49 -87.15
N VAL SE 334 73.31 2.61 -86.09
CA VAL SE 334 74.73 2.37 -86.22
C VAL SE 334 75.03 0.89 -86.33
N GLU SE 335 74.33 0.08 -85.56
CA GLU SE 335 74.55 -1.35 -85.67
C GLU SE 335 74.18 -1.85 -87.05
N ILE SE 336 73.07 -1.38 -87.60
CA ILE SE 336 72.69 -1.76 -88.95
C ILE SE 336 73.73 -1.35 -89.98
N LEU SE 337 74.30 -0.16 -89.83
CA LEU SE 337 75.31 0.25 -90.81
C LEU SE 337 76.58 -0.58 -90.72
N ARG SE 338 77.10 -0.78 -89.52
CA ARG SE 338 78.33 -1.55 -89.40
C ARG SE 338 78.13 -3.02 -89.76
N ALA SE 339 76.96 -3.57 -89.45
CA ALA SE 339 76.65 -4.93 -89.88
C ALA SE 339 76.66 -5.06 -91.39
N ARG SE 340 75.96 -4.18 -92.10
CA ARG SE 340 75.93 -4.33 -93.55
C ARG SE 340 77.31 -4.16 -94.16
N GLN SE 341 78.12 -3.24 -93.63
CA GLN SE 341 79.46 -3.09 -94.17
C GLN SE 341 80.31 -4.33 -93.97
N PHE SE 342 80.28 -4.90 -92.78
CA PHE SE 342 81.09 -6.10 -92.56
C PHE SE 342 80.60 -7.26 -93.40
N VAL SE 343 79.31 -7.55 -93.37
CA VAL SE 343 78.81 -8.69 -94.11
C VAL SE 343 79.16 -8.58 -95.58
N ASP SE 344 79.08 -7.37 -96.14
CA ASP SE 344 79.44 -7.23 -97.54
C ASP SE 344 80.94 -7.23 -97.77
N SER SE 345 81.74 -7.14 -96.71
CA SER SE 345 83.18 -7.29 -96.91
C SER SE 345 83.63 -8.74 -96.82
N TYR SE 346 82.98 -9.51 -95.96
CA TYR SE 346 83.22 -10.95 -95.87
C TYR SE 346 82.78 -11.68 -97.13
N TYR SE 347 81.61 -11.33 -97.64
CA TYR SE 347 81.04 -12.08 -98.76
C TYR SE 347 81.97 -12.17 -99.96
N ARG SE 348 82.63 -11.07 -100.33
CA ARG SE 348 83.51 -11.16 -101.49
C ARG SE 348 84.68 -12.11 -101.26
N THR SE 349 85.15 -12.24 -100.03
CA THR SE 349 86.30 -13.09 -99.79
C THR SE 349 85.91 -14.55 -99.76
N TRP SE 350 84.81 -14.89 -99.11
CA TRP SE 350 84.48 -16.29 -98.88
C TRP SE 350 83.22 -16.76 -99.59
N GLY SE 351 82.42 -15.86 -100.13
CA GLY SE 351 81.12 -16.20 -100.65
C GLY SE 351 80.13 -16.69 -99.60
N GLY SE 352 78.99 -17.17 -100.10
CA GLY SE 352 77.89 -17.58 -99.24
C GLY SE 352 77.63 -19.06 -99.09
N ARG SE 353 78.60 -19.91 -99.34
CA ARG SE 353 78.35 -21.35 -99.34
C ARG SE 353 78.47 -22.02 -97.98
N TYR SE 354 79.47 -21.67 -97.20
CA TYR SE 354 79.62 -22.29 -95.88
C TYR SE 354 78.90 -21.53 -94.78
N VAL SE 355 79.08 -20.21 -94.70
CA VAL SE 355 78.58 -19.39 -93.59
C VAL SE 355 77.52 -18.43 -94.11
N GLN SE 356 76.38 -18.37 -93.42
CA GLN SE 356 75.28 -17.47 -93.72
C GLN SE 356 74.97 -16.56 -92.54
N PHE SE 357 74.57 -15.32 -92.85
CA PHE SE 357 74.11 -14.34 -91.89
C PHE SE 357 72.64 -14.02 -92.12
N ALA SE 358 71.87 -13.92 -91.04
CA ALA SE 358 70.46 -13.50 -91.11
C ALA SE 358 70.23 -12.28 -90.22
N ILE SE 359 69.74 -11.20 -90.81
CA ILE SE 359 69.50 -9.94 -90.11
C ILE SE 359 67.99 -9.67 -90.09
N GLU SE 360 67.42 -9.57 -88.90
CA GLU SE 360 65.96 -9.50 -88.76
C GLU SE 360 65.58 -8.47 -87.71
N LEU SE 361 64.88 -7.43 -88.14
CA LEU SE 361 64.35 -6.41 -87.22
C LEU SE 361 63.06 -6.91 -86.59
N LYS SE 362 63.20 -7.58 -85.46
CA LYS SE 362 62.06 -7.92 -84.63
C LYS SE 362 61.75 -6.76 -83.68
N ASP SE 363 60.55 -6.77 -83.14
CA ASP SE 363 60.13 -5.81 -82.12
C ASP SE 363 60.60 -6.17 -80.72
N ASP SE 364 61.85 -6.61 -80.57
CA ASP SE 364 62.35 -7.25 -79.37
C ASP SE 364 63.53 -6.45 -78.81
N TRP SE 365 63.37 -5.91 -77.61
CA TRP SE 365 64.39 -5.06 -77.02
C TRP SE 365 65.56 -5.81 -76.40
N LEU SE 366 65.41 -7.10 -76.08
CA LEU SE 366 66.54 -7.85 -75.56
C LEU SE 366 67.46 -8.38 -76.64
N LYS SE 367 67.22 -8.02 -77.90
CA LYS SE 367 68.12 -8.34 -78.99
C LYS SE 367 68.47 -9.83 -79.06
N GLY SE 368 67.49 -10.67 -78.80
CA GLY SE 368 67.62 -12.09 -79.00
C GLY SE 368 67.94 -12.92 -77.77
N ARG SE 369 68.46 -12.32 -76.72
CA ARG SE 369 68.61 -13.05 -75.47
C ARG SE 369 67.24 -13.37 -74.88
N SER SE 370 67.17 -14.50 -74.18
CA SER SE 370 65.93 -14.87 -73.50
C SER SE 370 66.24 -15.62 -72.22
N PHE SE 371 65.35 -15.47 -71.24
CA PHE SE 371 65.57 -16.03 -69.92
C PHE SE 371 64.26 -16.55 -69.37
N GLN SE 372 64.39 -17.44 -68.39
CA GLN SE 372 63.25 -17.98 -67.67
C GLN SE 372 63.55 -17.89 -66.19
N TYR SE 373 62.59 -17.40 -65.41
CA TYR SE 373 62.79 -17.14 -63.99
C TYR SE 373 62.27 -18.29 -63.16
N GLY SE 374 63.08 -18.77 -62.22
CA GLY SE 374 62.67 -19.83 -61.32
C GLY SE 374 63.05 -19.50 -59.89
N ALA SE 375 62.72 -20.43 -59.00
CA ALA SE 375 63.14 -20.29 -57.61
C ALA SE 375 64.64 -20.20 -57.49
N GLU SE 376 65.36 -20.72 -58.47
CA GLU SE 376 66.81 -20.64 -58.49
C GLU SE 376 67.35 -19.26 -58.82
N GLY SE 377 66.55 -18.40 -59.43
CA GLY SE 377 67.06 -17.29 -60.22
C GLY SE 377 66.77 -17.48 -61.69
N TYR SE 378 67.41 -16.64 -62.50
CA TYR SE 378 67.27 -16.76 -63.94
C TYR SE 378 68.02 -17.94 -64.52
N ILE SE 379 67.53 -18.39 -65.67
CA ILE SE 379 68.11 -19.46 -66.47
C ILE SE 379 68.08 -18.99 -67.92
N LYS SE 380 69.09 -19.34 -68.68
CA LYS SE 380 69.11 -18.97 -70.08
C LYS SE 380 68.20 -19.89 -70.89
N MET SE 381 67.52 -19.33 -71.89
CA MET SE 381 66.62 -20.11 -72.73
C MET SE 381 67.33 -20.59 -73.98
N SER SE 382 66.73 -21.61 -74.62
CA SER SE 382 67.16 -22.00 -75.95
C SER SE 382 66.53 -21.11 -77.02
N PRO SE 383 67.19 -20.96 -78.15
CA PRO SE 383 66.57 -20.29 -79.31
C PRO SE 383 65.27 -20.96 -79.75
N GLY SE 384 64.46 -20.20 -80.48
CA GLY SE 384 63.23 -20.71 -81.04
C GLY SE 384 62.65 -19.69 -82.00
N HIS SE 385 61.61 -20.11 -82.70
CA HIS SE 385 60.93 -19.21 -83.63
C HIS SE 385 60.10 -18.13 -82.94
N TRP SE 386 59.33 -18.51 -81.94
CA TRP SE 386 58.60 -17.50 -81.19
C TRP SE 386 59.55 -16.66 -80.33
N TYR SE 387 59.09 -15.44 -80.04
CA TYR SE 387 59.75 -14.54 -79.11
C TYR SE 387 58.70 -13.72 -78.38
N PHE SE 388 59.09 -13.25 -77.20
CA PHE SE 388 58.24 -12.41 -76.37
C PHE SE 388 58.41 -10.94 -76.74
N PRO SE 389 57.38 -10.26 -77.24
CA PRO SE 389 57.53 -8.85 -77.60
C PRO SE 389 57.67 -7.99 -76.37
N SER SE 390 58.44 -6.91 -76.50
CA SER SE 390 58.73 -6.08 -75.35
C SER SE 390 57.48 -5.36 -74.86
N PRO SE 391 57.27 -5.28 -73.55
CA PRO SE 391 56.21 -4.41 -73.03
C PRO SE 391 56.58 -2.95 -72.98
N LEU SE 392 57.86 -2.63 -73.04
CA LEU SE 392 58.31 -1.24 -72.98
C LEU SE 392 57.81 -0.46 -74.18
N ALA TE 171 104.81 19.66 -124.52
CA ALA TE 171 103.86 20.03 -123.47
C ALA TE 171 103.92 19.04 -122.32
N GLU TE 172 104.65 19.40 -121.27
CA GLU TE 172 104.71 18.52 -120.13
C GLU TE 172 103.36 18.45 -119.44
N LEU TE 173 103.21 17.46 -118.58
CA LEU TE 173 101.96 17.31 -117.83
C LEU TE 173 101.88 18.35 -116.72
N ASP TE 174 103.02 18.62 -116.08
CA ASP TE 174 103.06 19.56 -114.98
C ASP TE 174 102.63 20.95 -115.42
N SER TE 175 102.82 21.29 -116.69
CA SER TE 175 102.34 22.57 -117.19
C SER TE 175 100.84 22.58 -117.38
N LEU TE 176 100.22 21.43 -117.57
CA LEU TE 176 98.80 21.35 -117.80
C LEU TE 176 98.02 21.21 -116.51
N LEU TE 177 98.69 20.83 -115.43
CA LEU TE 177 97.96 20.64 -114.19
C LEU TE 177 97.71 21.92 -113.43
N GLY TE 178 98.46 22.98 -113.68
CA GLY TE 178 98.19 24.22 -112.96
C GLY TE 178 99.37 25.11 -112.59
N GLN TE 179 99.02 26.30 -112.10
CA GLN TE 179 100.00 27.25 -111.61
C GLN TE 179 100.61 26.82 -110.30
N GLU TE 180 99.81 26.20 -109.43
CA GLU TE 180 100.30 25.65 -108.15
C GLU TE 180 101.09 24.36 -108.35
N LYS TE 181 102.21 24.49 -109.07
CA LYS TE 181 102.95 23.33 -109.55
C LYS TE 181 103.24 22.32 -108.45
N GLU TE 182 103.64 22.79 -107.27
CA GLU TE 182 104.01 21.91 -106.17
C GLU TE 182 102.82 21.22 -105.52
N ARG TE 183 101.60 21.49 -105.96
CA ARG TE 183 100.45 20.79 -105.43
C ARG TE 183 100.40 19.33 -105.90
N PHE TE 184 100.93 19.06 -107.09
CA PHE TE 184 100.96 17.74 -107.70
C PHE TE 184 102.40 17.27 -107.87
N GLN TE 185 102.57 15.95 -107.98
CA GLN TE 185 103.88 15.36 -108.16
C GLN TE 185 103.77 14.23 -109.18
N VAL TE 186 104.57 14.34 -110.24
CA VAL TE 186 104.60 13.43 -111.38
C VAL TE 186 105.75 12.44 -111.23
N LEU TE 187 105.44 11.15 -111.33
CA LEU TE 187 106.41 10.08 -111.18
C LEU TE 187 106.37 9.16 -112.41
N PRO TE 188 107.50 8.88 -113.04
CA PRO TE 188 107.53 7.86 -114.09
C PRO TE 188 107.65 6.47 -113.49
N GLY TE 189 107.12 5.47 -114.23
CA GLY TE 189 107.21 4.10 -113.80
C GLY TE 189 107.76 3.16 -114.86
N ARG TE 190 108.07 1.94 -114.40
CA ARG TE 190 108.63 0.90 -115.25
C ARG TE 190 107.75 0.53 -116.44
N ASP TE 191 106.43 0.60 -116.30
CA ASP TE 191 105.55 0.23 -117.40
C ASP TE 191 105.32 1.37 -118.37
N LYS TE 192 106.22 2.35 -118.40
CA LYS TE 192 106.16 3.47 -119.33
C LYS TE 192 104.91 4.31 -119.14
N MET TE 193 104.57 4.57 -117.89
CA MET TE 193 103.35 5.30 -117.58
C MET TE 193 103.68 6.31 -116.49
N LEU TE 194 103.05 7.47 -116.58
CA LEU TE 194 103.16 8.51 -115.56
C LEU TE 194 102.09 8.36 -114.49
N TYR TE 195 102.52 8.43 -113.25
CA TYR TE 195 101.69 8.34 -112.06
C TYR TE 195 101.67 9.71 -111.40
N VAL TE 196 100.50 10.30 -111.26
CA VAL TE 196 100.31 11.60 -110.64
C VAL TE 196 99.79 11.36 -109.25
N ALA TE 197 100.55 11.81 -108.26
CA ALA TE 197 100.23 11.60 -106.86
C ALA TE 197 99.49 12.82 -106.31
N ALA TE 198 98.32 12.58 -105.75
CA ALA TE 198 97.47 13.60 -105.16
C ALA TE 198 97.40 13.40 -103.65
N GLN TE 199 96.94 14.44 -102.96
CA GLN TE 199 96.82 14.41 -101.51
C GLN TE 199 95.39 14.16 -101.03
N ASN TE 200 94.39 14.43 -101.85
CA ASN TE 200 93.02 14.24 -101.38
C ASN TE 200 92.08 14.22 -102.57
N GLU TE 201 90.82 13.91 -102.26
CA GLU TE 201 89.79 13.74 -103.28
C GLU TE 201 89.62 14.93 -104.21
N ARG TE 202 89.49 16.12 -103.65
CA ARG TE 202 89.28 17.29 -104.48
C ARG TE 202 90.39 17.45 -105.52
N ASP TE 203 91.64 17.35 -105.11
CA ASP TE 203 92.75 17.40 -106.06
C ASP TE 203 92.73 16.23 -107.04
N THR TE 204 92.41 15.03 -106.54
CA THR TE 204 92.28 13.88 -107.42
C THR TE 204 91.31 14.14 -108.56
N LEU TE 205 90.15 14.71 -108.25
CA LEU TE 205 89.21 15.10 -109.30
C LEU TE 205 89.75 16.22 -110.18
N TRP TE 206 90.46 17.17 -109.60
CA TRP TE 206 91.07 18.23 -110.41
C TRP TE 206 91.98 17.65 -111.48
N ALA TE 207 92.79 16.68 -111.12
CA ALA TE 207 93.67 16.02 -112.09
C ALA TE 207 92.89 15.17 -113.08
N ARG TE 208 92.02 14.32 -112.57
CA ARG TE 208 91.28 13.42 -113.44
C ARG TE 208 90.49 14.15 -114.50
N GLN TE 209 89.97 15.34 -114.21
CA GLN TE 209 89.33 16.10 -115.29
C GLN TE 209 90.31 16.41 -116.42
N VAL TE 210 91.54 16.78 -116.07
CA VAL TE 210 92.55 17.07 -117.09
C VAL TE 210 92.82 15.87 -117.96
N LEU TE 211 92.87 14.69 -117.35
CA LEU TE 211 93.13 13.49 -118.12
C LEU TE 211 91.94 13.05 -118.95
N ALA TE 212 90.76 12.99 -118.34
CA ALA TE 212 89.56 12.53 -119.04
C ALA TE 212 89.12 13.48 -120.14
N ARG TE 213 89.39 14.77 -120.01
CA ARG TE 213 89.15 15.66 -121.14
C ARG TE 213 90.00 15.30 -122.34
N GLY TE 214 91.09 14.56 -122.12
CA GLY TE 214 91.94 14.17 -123.20
C GLY TE 214 92.89 15.25 -123.67
N ASP TE 215 93.34 16.10 -122.76
CA ASP TE 215 94.31 17.12 -123.14
C ASP TE 215 95.71 16.54 -123.32
N TYR TE 216 95.98 15.38 -122.75
CA TYR TE 216 97.28 14.76 -122.84
C TYR TE 216 97.17 13.43 -123.57
N ASP TE 217 98.21 13.11 -124.33
CA ASP TE 217 98.15 12.05 -125.34
C ASP TE 217 98.75 10.73 -124.90
N LYS TE 218 99.89 10.74 -124.21
CA LYS TE 218 100.43 9.49 -123.70
C LYS TE 218 99.59 8.99 -122.53
N ASN TE 219 99.96 7.82 -122.02
CA ASN TE 219 99.30 7.25 -120.86
C ASN TE 219 99.63 7.98 -119.56
N ALA TE 220 98.63 8.12 -118.71
CA ALA TE 220 98.81 8.73 -117.39
C ALA TE 220 97.80 8.11 -116.45
N ARG TE 221 98.07 8.20 -115.16
CA ARG TE 221 97.17 7.67 -114.16
C ARG TE 221 97.25 8.54 -112.92
N VAL TE 222 96.16 8.61 -112.15
CA VAL TE 222 96.10 9.38 -110.91
C VAL TE 222 95.94 8.44 -109.72
N ILE TE 223 96.65 8.74 -108.63
CA ILE TE 223 96.68 7.89 -107.45
C ILE TE 223 96.68 8.71 -106.16
N ASN TE 224 96.28 8.06 -105.08
CA ASN TE 224 96.46 8.60 -103.74
C ASN TE 224 96.49 7.49 -102.70
N GLU TE 225 96.85 7.90 -101.49
CA GLU TE 225 97.16 6.98 -100.40
C GLU TE 225 96.00 6.07 -99.99
N ASN TE 226 94.78 6.59 -99.97
CA ASN TE 226 93.67 5.73 -99.56
C ASN TE 226 93.38 4.67 -100.62
N GLU TE 227 93.28 5.07 -101.87
CA GLU TE 227 92.88 4.11 -102.88
C GLU TE 227 93.95 3.06 -103.10
N GLU TE 228 95.22 3.43 -102.94
CA GLU TE 228 96.25 2.41 -102.98
C GLU TE 228 96.24 1.49 -101.76
N ASN TE 229 95.88 1.98 -100.58
CA ASN TE 229 95.68 1.07 -99.46
C ASN TE 229 94.56 0.07 -99.70
N LYS TE 230 93.46 0.51 -100.30
CA LYS TE 230 92.38 -0.43 -100.63
C LYS TE 230 92.80 -1.47 -101.66
N ARG TE 231 93.47 -1.03 -102.72
CA ARG TE 231 93.88 -1.98 -103.75
C ARG TE 231 94.79 -3.04 -103.16
N ILE TE 232 95.82 -2.63 -102.44
CA ILE TE 232 96.75 -3.60 -101.89
C ILE TE 232 96.06 -4.52 -100.90
N SER TE 233 95.13 -4.01 -100.10
CA SER TE 233 94.48 -4.89 -99.14
C SER TE 233 93.63 -5.95 -99.82
N ILE TE 234 92.96 -5.60 -100.91
CA ILE TE 234 92.24 -6.64 -101.65
C ILE TE 234 93.20 -7.70 -102.20
N TRP TE 235 94.33 -7.29 -102.75
CA TRP TE 235 95.26 -8.31 -103.25
C TRP TE 235 95.75 -9.22 -102.13
N LEU TE 236 96.07 -8.64 -100.98
CA LEU TE 236 96.52 -9.44 -99.85
C LEU TE 236 95.44 -10.39 -99.36
N ASP TE 237 94.17 -10.04 -99.54
CA ASP TE 237 93.12 -10.98 -99.14
C ASP TE 237 93.16 -12.25 -99.97
N THR TE 238 93.54 -12.15 -101.24
CA THR TE 238 93.61 -13.32 -102.10
C THR TE 238 94.84 -14.15 -101.80
N TYR TE 239 96.01 -13.54 -101.60
CA TYR TE 239 97.24 -14.33 -101.54
C TYR TE 239 97.85 -14.55 -100.16
N TYR TE 240 97.52 -13.72 -99.17
CA TYR TE 240 98.11 -13.84 -97.84
C TYR TE 240 96.99 -13.70 -96.81
N PRO TE 241 96.02 -14.61 -96.83
CA PRO TE 241 94.76 -14.37 -96.15
C PRO TE 241 94.84 -14.36 -94.64
N GLN TE 242 96.02 -14.53 -94.05
CA GLN TE 242 96.15 -14.49 -92.61
C GLN TE 242 97.20 -13.51 -92.12
N LEU TE 243 97.89 -12.83 -93.03
CA LEU TE 243 98.91 -11.87 -92.64
C LEU TE 243 98.30 -10.78 -91.78
N ALA TE 244 98.88 -10.54 -90.61
CA ALA TE 244 98.46 -9.47 -89.72
C ALA TE 244 99.29 -8.22 -90.00
N TYR TE 245 98.65 -7.16 -90.46
CA TYR TE 245 99.34 -5.94 -90.84
C TYR TE 245 98.50 -4.71 -90.54
N TYR TE 246 99.18 -3.58 -90.32
CA TYR TE 246 98.51 -2.32 -89.95
C TYR TE 246 98.21 -1.43 -91.14
N ARG TE 247 99.23 -0.86 -91.76
CA ARG TE 247 99.02 0.08 -92.84
C ARG TE 247 100.29 0.18 -93.67
N ILE TE 248 100.16 0.70 -94.87
CA ILE TE 248 101.29 1.12 -95.70
C ILE TE 248 101.32 2.64 -95.80
N HIS TE 249 102.47 3.23 -95.47
CA HIS TE 249 102.64 4.67 -95.41
C HIS TE 249 103.36 5.19 -96.63
N PHE TE 250 102.79 6.22 -97.27
CA PHE TE 250 103.31 6.81 -98.49
C PHE TE 250 103.86 8.21 -98.28
N ASP TE 251 104.58 8.44 -97.17
CA ASP TE 251 105.15 9.77 -96.96
C ASP TE 251 106.16 10.10 -98.04
N GLU TE 252 106.80 9.10 -98.63
CA GLU TE 252 107.71 9.27 -99.76
C GLU TE 252 107.32 8.25 -100.80
N PRO TE 253 106.62 8.66 -101.86
CA PRO TE 253 105.93 7.68 -102.69
C PRO TE 253 106.87 6.74 -103.39
N ARG TE 254 108.13 7.13 -103.54
CA ARG TE 254 109.14 6.26 -104.11
C ARG TE 254 109.62 5.18 -103.15
N LYS TE 255 109.40 5.31 -101.84
CA LYS TE 255 109.89 4.32 -100.87
C LYS TE 255 108.88 4.05 -99.78
N PRO TE 256 107.73 3.49 -100.13
CA PRO TE 256 106.71 3.17 -99.13
C PRO TE 256 107.24 2.32 -97.98
N VAL TE 257 106.57 2.45 -96.84
CA VAL TE 257 106.86 1.69 -95.63
C VAL TE 257 105.62 0.90 -95.25
N PHE TE 258 105.81 -0.39 -94.96
CA PHE TE 258 104.73 -1.30 -94.64
C PHE TE 258 104.94 -1.79 -93.21
N TRP TE 259 103.90 -1.74 -92.39
CA TRP TE 259 103.99 -2.10 -90.98
C TRP TE 259 103.33 -3.42 -90.68
N LEU TE 260 104.11 -4.38 -90.18
CA LEU TE 260 103.60 -5.69 -89.81
C LEU TE 260 103.52 -5.81 -88.29
N SER TE 261 102.56 -6.60 -87.82
CA SER TE 261 102.52 -6.96 -86.41
C SER TE 261 103.69 -7.86 -86.05
N ARG TE 262 104.40 -7.51 -84.97
CA ARG TE 262 105.48 -8.36 -84.49
C ARG TE 262 105.00 -9.64 -83.81
N GLN TE 263 103.97 -9.57 -82.98
CA GLN TE 263 103.55 -10.75 -82.24
C GLN TE 263 102.64 -11.70 -83.02
N ARG TE 264 101.77 -11.19 -83.89
CA ARG TE 264 100.80 -12.05 -84.55
C ARG TE 264 101.28 -12.56 -85.91
N ASN TE 265 102.57 -12.53 -86.18
CA ASN TE 265 103.11 -13.10 -87.41
C ASN TE 265 104.35 -13.93 -87.10
N THR TE 266 104.61 -14.91 -87.97
CA THR TE 266 105.79 -15.76 -87.83
C THR TE 266 106.32 -16.09 -89.21
N MET TE 267 107.43 -15.46 -89.58
CA MET TE 267 107.96 -15.59 -90.93
C MET TE 267 109.48 -15.54 -90.88
N SER TE 268 110.10 -16.22 -91.83
CA SER TE 268 111.53 -16.15 -92.06
C SER TE 268 111.91 -14.93 -92.89
N LYS TE 269 113.19 -14.58 -92.80
CA LYS TE 269 113.73 -13.50 -93.61
C LYS TE 269 113.48 -13.72 -95.09
N LYS TE 270 113.64 -14.97 -95.56
CA LYS TE 270 113.38 -15.27 -96.96
C LYS TE 270 111.94 -14.91 -97.31
N GLU TE 271 111.00 -15.40 -96.52
CA GLU TE 271 109.59 -15.12 -96.73
C GLU TE 271 109.32 -13.63 -96.81
N LEU TE 272 109.88 -12.86 -95.87
CA LEU TE 272 109.66 -11.42 -95.88
C LEU TE 272 110.30 -10.74 -97.08
N GLU TE 273 111.39 -11.28 -97.59
CA GLU TE 273 111.97 -10.74 -98.81
C GLU TE 273 111.09 -11.02 -100.02
N VAL TE 274 110.61 -12.26 -100.13
CA VAL TE 274 109.71 -12.61 -101.21
C VAL TE 274 108.48 -11.71 -101.19
N LEU TE 275 107.90 -11.51 -100.01
CA LEU TE 275 106.76 -10.61 -99.91
C LEU TE 275 107.12 -9.19 -100.33
N SER TE 276 108.31 -8.73 -99.97
CA SER TE 276 108.77 -7.41 -100.42
C SER TE 276 108.79 -7.29 -101.94
N GLN TE 277 109.38 -8.27 -102.61
CA GLN TE 277 109.41 -8.26 -104.07
C GLN TE 277 108.01 -8.31 -104.68
N LYS TE 278 107.17 -9.20 -104.17
CA LYS TE 278 105.81 -9.29 -104.68
C LYS TE 278 105.06 -7.97 -104.54
N LEU TE 279 105.21 -7.29 -103.42
CA LEU TE 279 104.58 -5.97 -103.30
C LEU TE 279 105.20 -4.95 -104.23
N ARG TE 280 106.50 -5.05 -104.48
CA ARG TE 280 107.11 -4.16 -105.46
C ARG TE 280 106.48 -4.34 -106.84
N ALA TE 281 106.11 -5.56 -107.18
CA ALA TE 281 105.49 -5.81 -108.48
C ALA TE 281 104.14 -5.12 -108.65
N LEU TE 282 103.39 -4.88 -107.58
CA LEU TE 282 102.14 -4.12 -107.69
C LEU TE 282 102.37 -2.65 -107.96
N MET TE 283 103.43 -2.07 -107.45
CA MET TE 283 103.62 -0.62 -107.49
C MET TE 283 104.77 -0.27 -108.42
N PRO TE 284 104.52 -0.21 -109.72
CA PRO TE 284 105.60 0.08 -110.67
C PRO TE 284 106.22 1.45 -110.48
N TYR TE 285 105.62 2.31 -109.67
CA TYR TE 285 106.16 3.63 -109.44
C TYR TE 285 107.12 3.66 -108.26
N ALA TE 286 107.17 2.59 -107.47
CA ALA TE 286 108.00 2.52 -106.29
C ALA TE 286 109.30 1.81 -106.62
N ASP TE 287 110.42 2.38 -106.16
CA ASP TE 287 111.71 1.75 -106.33
C ASP TE 287 111.98 0.65 -105.32
N SER TE 288 111.44 0.78 -104.11
CA SER TE 288 111.68 -0.23 -103.10
C SER TE 288 110.62 -0.09 -102.03
N VAL TE 289 110.37 -1.18 -101.34
CA VAL TE 289 109.40 -1.24 -100.25
C VAL TE 289 110.13 -1.66 -98.98
N ASN TE 290 110.01 -0.86 -97.93
CA ASN TE 290 110.57 -1.23 -96.64
C ASN TE 290 109.48 -1.86 -95.80
N ILE TE 291 109.82 -2.94 -95.11
CA ILE TE 291 108.95 -3.57 -94.12
C ILE TE 291 109.52 -3.34 -92.73
N THR TE 292 108.67 -2.85 -91.82
CA THR TE 292 109.01 -2.61 -90.43
C THR TE 292 108.04 -3.33 -89.51
N LEU TE 293 108.57 -4.01 -88.50
CA LEU TE 293 107.73 -4.63 -87.49
C LEU TE 293 107.37 -3.63 -86.41
N MET TE 294 106.15 -3.73 -85.88
CA MET TE 294 105.64 -2.85 -84.85
C MET TE 294 105.07 -3.65 -83.70
N ASP TE 295 105.27 -3.17 -82.47
CA ASP TE 295 104.64 -3.80 -81.32
C ASP TE 295 103.13 -3.56 -81.31
N ASP TE 296 102.37 -4.61 -81.01
CA ASP TE 296 100.93 -4.47 -80.84
C ASP TE 296 100.55 -3.70 -79.57
N VAL TE 297 101.33 -3.85 -78.49
CA VAL TE 297 100.92 -3.27 -77.22
C VAL TE 297 100.97 -1.74 -77.27
N THR TE 298 101.93 -1.19 -78.01
CA THR TE 298 101.98 0.24 -78.23
C THR TE 298 100.67 0.77 -78.80
N ALA TE 299 100.10 0.08 -79.77
CA ALA TE 299 98.90 0.57 -80.43
C ALA TE 299 97.68 0.59 -79.51
N ALA TE 300 97.61 -0.33 -78.54
CA ALA TE 300 96.58 -0.20 -77.52
C ALA TE 300 96.90 0.91 -76.52
N GLY TE 301 98.15 1.01 -76.10
CA GLY TE 301 98.51 2.04 -75.13
C GLY TE 301 98.25 3.45 -75.60
N GLN TE 302 98.57 3.74 -76.86
CA GLN TE 302 98.29 5.08 -77.38
C GLN TE 302 96.79 5.37 -77.46
N ALA TE 303 95.97 4.36 -77.72
CA ALA TE 303 94.54 4.60 -77.79
C ALA TE 303 93.98 4.92 -76.42
N GLU TE 304 94.27 4.06 -75.45
CA GLU TE 304 93.68 4.27 -74.14
C GLU TE 304 94.19 5.57 -73.52
N ALA TE 305 95.49 5.85 -73.69
CA ALA TE 305 96.00 7.11 -73.19
C ALA TE 305 95.35 8.31 -73.87
N GLY TE 306 94.99 8.19 -75.14
CA GLY TE 306 94.27 9.29 -75.79
C GLY TE 306 92.90 9.53 -75.17
N LEU TE 307 92.12 8.47 -74.99
CA LEU TE 307 90.80 8.66 -74.39
C LEU TE 307 90.90 9.23 -72.98
N LYS TE 308 91.90 8.82 -72.22
CA LYS TE 308 92.09 9.42 -70.91
C LYS TE 308 92.43 10.90 -71.01
N GLN TE 309 93.34 11.25 -71.90
CA GLN TE 309 93.69 12.65 -72.06
C GLN TE 309 92.49 13.48 -72.48
N GLN TE 310 91.56 12.93 -73.25
CA GLN TE 310 90.35 13.68 -73.57
C GLN TE 310 89.26 13.58 -72.50
N ALA TE 311 89.49 12.84 -71.43
CA ALA TE 311 88.47 12.64 -70.39
C ALA TE 311 87.14 12.08 -70.90
N LEU TE 312 87.18 11.31 -71.95
CA LEU TE 312 85.97 10.65 -72.42
C LEU TE 312 85.70 9.41 -71.58
N PRO TE 313 84.44 9.11 -71.26
CA PRO TE 313 84.12 7.81 -70.65
C PRO TE 313 84.16 6.69 -71.69
N TYR TE 314 84.64 5.52 -71.28
CA TYR TE 314 84.76 4.41 -72.21
C TYR TE 314 84.73 3.08 -71.47
N SER TE 315 84.55 2.01 -72.24
CA SER TE 315 84.80 0.65 -71.78
C SER TE 315 85.62 -0.14 -72.79
N ARG TE 316 86.59 -0.89 -72.30
CA ARG TE 316 87.53 -1.64 -73.13
C ARG TE 316 87.21 -3.13 -73.11
N ARG TE 317 87.22 -3.74 -74.30
CA ARG TE 317 87.08 -5.18 -74.44
C ARG TE 317 88.24 -5.73 -75.26
N ASN TE 318 88.92 -6.76 -74.74
CA ASN TE 318 90.09 -7.33 -75.39
C ASN TE 318 89.77 -8.70 -75.99
N HIS TE 319 89.97 -8.85 -77.29
CA HIS TE 319 89.71 -10.09 -78.00
C HIS TE 319 91.01 -10.73 -78.46
N LYS TE 320 90.88 -11.97 -78.92
CA LYS TE 320 92.03 -12.71 -79.40
C LYS TE 320 92.69 -12.06 -80.60
N GLY TE 321 92.07 -11.05 -81.20
CA GLY TE 321 92.67 -10.41 -82.35
C GLY TE 321 92.40 -8.94 -82.50
N GLY TE 322 91.97 -8.29 -81.43
CA GLY TE 322 91.67 -6.87 -81.52
C GLY TE 322 91.22 -6.31 -80.19
N VAL TE 323 90.98 -5.01 -80.19
CA VAL TE 323 90.46 -4.30 -79.05
C VAL TE 323 89.25 -3.51 -79.52
N THR TE 324 88.22 -3.42 -78.68
CA THR TE 324 87.11 -2.53 -78.93
C THR TE 324 86.94 -1.57 -77.77
N PHE TE 325 86.81 -0.29 -78.07
CA PHE TE 325 86.44 0.72 -77.08
C PHE TE 325 85.03 1.21 -77.36
N VAL TE 326 84.16 1.08 -76.36
CA VAL TE 326 82.78 1.51 -76.46
C VAL TE 326 82.61 2.83 -75.74
N ILE TE 327 81.93 3.77 -76.39
CA ILE TE 327 81.72 5.12 -75.88
C ILE TE 327 80.25 5.44 -76.12
N GLN TE 328 79.41 5.30 -75.10
CA GLN TE 328 77.98 5.42 -75.35
C GLN TE 328 77.27 5.97 -74.13
N GLY TE 329 76.16 6.62 -74.39
CA GLY TE 329 75.32 7.21 -73.37
C GLY TE 329 74.65 8.47 -73.91
N ALA TE 330 74.54 9.46 -73.03
CA ALA TE 330 74.26 10.84 -73.43
C ALA TE 330 75.52 11.67 -73.25
N LEU TE 331 75.86 12.45 -74.28
CA LEU TE 331 77.14 13.14 -74.34
C LEU TE 331 76.91 14.60 -74.66
N ASP TE 332 77.88 15.43 -74.29
CA ASP TE 332 77.83 16.85 -74.62
C ASP TE 332 78.40 17.10 -76.00
N ASP TE 333 78.03 18.25 -76.56
CA ASP TE 333 78.58 18.64 -77.85
C ASP TE 333 80.09 18.83 -77.83
N VAL TE 334 80.66 19.21 -76.68
CA VAL TE 334 82.11 19.25 -76.60
C VAL TE 334 82.70 17.85 -76.59
N GLU TE 335 82.05 16.91 -75.93
CA GLU TE 335 82.59 15.56 -75.92
C GLU TE 335 82.52 14.96 -77.31
N ILE TE 336 81.39 15.17 -77.99
CA ILE TE 336 81.28 14.70 -79.37
C ILE TE 336 82.37 15.29 -80.23
N LEU TE 337 82.63 16.58 -80.10
CA LEU TE 337 83.67 17.19 -80.94
C LEU TE 337 85.03 16.61 -80.64
N ARG TE 338 85.38 16.51 -79.35
CA ARG TE 338 86.72 16.04 -79.00
C ARG TE 338 86.94 14.62 -79.49
N ALA TE 339 85.98 13.74 -79.23
CA ALA TE 339 86.09 12.37 -79.71
C ALA TE 339 86.23 12.33 -81.21
N ARG TE 340 85.33 13.00 -81.93
CA ARG TE 340 85.36 12.90 -83.38
C ARG TE 340 86.66 13.42 -83.97
N GLN TE 341 87.36 14.30 -83.26
CA GLN TE 341 88.69 14.73 -83.71
C GLN TE 341 89.76 13.69 -83.42
N PHE TE 342 89.77 13.16 -82.20
CA PHE TE 342 90.81 12.21 -81.83
C PHE TE 342 90.75 10.95 -82.69
N VAL TE 343 89.56 10.38 -82.84
CA VAL TE 343 89.45 9.13 -83.58
C VAL TE 343 89.94 9.29 -85.01
N ASP TE 344 89.67 10.43 -85.62
CA ASP TE 344 90.16 10.68 -86.96
C ASP TE 344 91.62 11.05 -87.00
N SER TE 345 92.23 11.36 -85.87
CA SER TE 345 93.67 11.58 -85.89
C SER TE 345 94.40 10.25 -85.79
N TYR TE 346 93.92 9.39 -84.89
CA TYR TE 346 94.49 8.05 -84.76
C TYR TE 346 94.37 7.23 -86.03
N TYR TE 347 93.20 7.27 -86.68
CA TYR TE 347 92.99 6.44 -87.86
C TYR TE 347 93.99 6.71 -88.98
N ARG TE 348 94.47 7.95 -89.13
CA ARG TE 348 95.48 8.22 -90.14
C ARG TE 348 96.79 7.50 -89.87
N THR TE 349 97.11 7.26 -88.61
CA THR TE 349 98.35 6.56 -88.29
C THR TE 349 98.19 5.06 -88.36
N TRP TE 350 97.12 4.52 -87.82
CA TRP TE 350 97.06 3.09 -87.56
C TRP TE 350 96.08 2.34 -88.45
N GLY TE 351 95.06 3.00 -88.98
CA GLY TE 351 93.99 2.31 -89.66
C GLY TE 351 93.11 1.45 -88.78
N GLY TE 352 91.98 1.01 -89.34
CA GLY TE 352 90.95 0.34 -88.60
C GLY TE 352 91.08 -1.15 -88.41
N ARG TE 353 92.28 -1.69 -88.55
CA ARG TE 353 92.42 -3.14 -88.62
C ARG TE 353 92.66 -3.80 -87.28
N TYR TE 354 92.93 -3.05 -86.23
CA TYR TE 354 93.19 -3.68 -84.94
C TYR TE 354 92.42 -3.05 -83.79
N VAL TE 355 92.11 -1.76 -83.84
CA VAL TE 355 91.27 -1.12 -82.83
C VAL TE 355 90.04 -0.49 -83.49
N GLN TE 356 88.90 -0.58 -82.82
CA GLN TE 356 87.66 0.04 -83.24
C GLN TE 356 87.08 0.90 -82.14
N PHE TE 357 86.50 2.04 -82.52
CA PHE TE 357 85.76 2.90 -81.59
C PHE TE 357 84.29 2.93 -82.02
N ALA TE 358 83.42 2.53 -81.11
CA ALA TE 358 81.97 2.49 -81.33
C ALA TE 358 81.27 3.60 -80.55
N ILE TE 359 80.93 4.69 -81.23
CA ILE TE 359 80.35 5.87 -80.59
C ILE TE 359 78.84 5.89 -80.80
N GLU TE 360 78.07 5.75 -79.73
CA GLU TE 360 76.62 5.58 -79.84
C GLU TE 360 75.90 6.45 -78.83
N LEU TE 361 74.96 7.27 -79.33
CA LEU TE 361 74.07 8.06 -78.47
C LEU TE 361 72.86 7.24 -78.04
N LYS TE 362 72.66 7.11 -76.73
CA LYS TE 362 71.54 6.37 -76.18
C LYS TE 362 70.66 7.31 -75.36
N ASP TE 363 69.36 7.02 -75.32
CA ASP TE 363 68.54 7.49 -74.22
C ASP TE 363 68.96 6.80 -72.92
N ASP TE 364 68.75 7.49 -71.81
CA ASP TE 364 69.13 6.93 -70.52
C ASP TE 364 68.38 5.63 -70.28
N TRP TE 365 69.11 4.63 -69.82
CA TRP TE 365 68.68 3.26 -69.91
C TRP TE 365 67.39 3.03 -69.12
N LEU TE 366 66.53 2.16 -69.65
CA LEU TE 366 65.21 1.88 -69.08
C LEU TE 366 64.36 3.13 -68.89
N LYS TE 367 64.67 4.21 -69.59
CA LYS TE 367 63.69 5.24 -69.89
C LYS TE 367 63.06 5.86 -68.65
N GLY TE 368 63.75 5.82 -67.52
CA GLY TE 368 63.23 6.49 -66.34
C GLY TE 368 62.41 5.62 -65.41
N ARG TE 369 62.43 4.32 -65.59
CA ARG TE 369 61.79 3.42 -64.64
C ARG TE 369 62.72 3.13 -63.47
N SER TE 370 62.13 2.73 -62.36
CA SER TE 370 62.87 2.20 -61.23
C SER TE 370 63.08 0.71 -61.38
N PHE TE 371 64.20 0.22 -60.84
CA PHE TE 371 64.53 -1.18 -61.04
C PHE TE 371 65.51 -1.61 -59.99
N GLN TE 372 65.65 -2.93 -59.85
CA GLN TE 372 66.61 -3.55 -58.96
C GLN TE 372 67.58 -4.34 -59.81
N TYR TE 373 68.88 -4.06 -59.66
CA TYR TE 373 69.92 -4.48 -60.60
C TYR TE 373 70.71 -5.70 -60.15
N GLY TE 374 70.28 -6.40 -59.12
CA GLY TE 374 70.95 -7.64 -58.76
C GLY TE 374 70.81 -8.71 -59.82
N ALA TE 375 71.40 -9.87 -59.54
CA ALA TE 375 71.10 -11.05 -60.36
C ALA TE 375 69.62 -11.38 -60.31
N GLU TE 376 69.00 -11.20 -59.15
CA GLU TE 376 67.55 -11.31 -58.98
C GLU TE 376 66.82 -10.03 -59.39
N GLY TE 377 67.28 -9.37 -60.43
CA GLY TE 377 66.77 -8.05 -60.75
C GLY TE 377 65.41 -8.06 -61.39
N TYR TE 378 64.78 -6.89 -61.36
CA TYR TE 378 63.49 -6.70 -61.99
C TYR TE 378 63.26 -5.22 -62.26
N ILE TE 379 62.26 -4.93 -63.07
CA ILE TE 379 61.85 -3.58 -63.39
C ILE TE 379 60.46 -3.30 -62.88
N LYS TE 380 60.26 -2.11 -62.31
CA LYS TE 380 58.93 -1.60 -62.00
C LYS TE 380 58.33 -0.90 -63.21
N MET TE 381 57.23 -1.42 -63.73
CA MET TE 381 56.53 -0.74 -64.80
C MET TE 381 55.66 0.37 -64.23
N SER TE 382 55.15 0.15 -63.03
CA SER TE 382 54.54 1.17 -62.19
C SER TE 382 54.53 0.62 -60.79
N PRO TE 383 54.19 1.43 -59.80
CA PRO TE 383 53.66 0.85 -58.57
C PRO TE 383 52.62 -0.20 -58.89
N GLY TE 384 52.79 -1.38 -58.30
CA GLY TE 384 51.91 -2.50 -58.56
C GLY TE 384 52.20 -3.37 -59.77
N HIS TE 385 53.23 -3.08 -60.56
CA HIS TE 385 53.46 -3.87 -61.78
C HIS TE 385 54.94 -4.18 -61.93
N TRP TE 386 55.30 -5.46 -61.90
CA TRP TE 386 56.67 -5.95 -61.92
C TRP TE 386 56.93 -6.73 -63.21
N TYR TE 387 58.17 -6.67 -63.73
CA TYR TE 387 58.40 -7.22 -65.07
C TYR TE 387 59.38 -8.39 -65.16
N PHE TE 388 60.30 -8.60 -64.22
CA PHE TE 388 61.18 -9.76 -64.19
C PHE TE 388 61.76 -10.17 -65.56
N PRO TE 389 62.41 -9.27 -66.26
CA PRO TE 389 62.75 -9.58 -67.65
C PRO TE 389 64.03 -10.36 -67.81
N SER TE 390 64.96 -10.19 -66.91
CA SER TE 390 66.35 -10.56 -67.18
C SER TE 390 67.22 -10.38 -65.95
N PRO TE 391 68.29 -11.13 -65.81
CA PRO TE 391 69.23 -10.81 -64.75
C PRO TE 391 70.00 -9.56 -65.10
N LEU TE 392 69.49 -8.40 -64.70
CA LEU TE 392 70.19 -7.17 -64.99
C LEU TE 392 71.60 -7.27 -64.44
N ALA UE 171 111.92 42.67 -111.26
CA ALA UE 171 110.75 42.85 -110.41
C ALA UE 171 110.79 41.89 -109.24
N GLU UE 172 111.25 42.36 -108.10
CA GLU UE 172 111.31 41.48 -106.95
C GLU UE 172 109.91 41.20 -106.40
N LEU UE 173 109.83 40.13 -105.61
CA LEU UE 173 108.58 39.77 -104.95
C LEU UE 173 108.20 40.80 -103.89
N ASP UE 174 109.17 41.30 -103.13
CA ASP UE 174 108.88 42.29 -102.11
C ASP UE 174 108.20 43.52 -102.69
N SER UE 175 108.47 43.83 -103.95
CA SER UE 175 107.84 44.99 -104.57
C SER UE 175 106.40 44.68 -104.96
N LEU UE 176 106.07 43.40 -105.08
CA LEU UE 176 104.75 42.93 -105.47
C LEU UE 176 103.87 42.64 -104.28
N LEU UE 177 104.45 42.50 -103.09
CA LEU UE 177 103.60 42.16 -101.95
C LEU UE 177 102.81 43.34 -101.39
N GLY UE 178 103.05 44.57 -101.83
CA GLY UE 178 102.33 45.69 -101.27
C GLY UE 178 103.16 46.94 -101.10
N GLN UE 179 102.59 47.87 -100.36
CA GLN UE 179 103.33 49.00 -99.80
C GLN UE 179 104.22 48.60 -98.65
N GLU UE 180 103.64 48.05 -97.59
CA GLU UE 180 104.42 47.82 -96.39
C GLU UE 180 105.44 46.71 -96.64
N LYS UE 181 106.62 46.88 -96.06
CA LYS UE 181 107.75 45.99 -96.31
C LYS UE 181 107.88 44.92 -95.25
N GLU UE 182 108.05 45.34 -94.00
CA GLU UE 182 108.37 44.48 -92.87
C GLU UE 182 107.25 43.52 -92.52
N ARG UE 183 106.07 43.70 -93.09
CA ARG UE 183 104.98 42.77 -92.79
C ARG UE 183 105.27 41.36 -93.30
N PHE UE 184 105.79 41.23 -94.52
CA PHE UE 184 106.30 39.96 -95.02
C PHE UE 184 107.82 39.88 -94.97
N GLN UE 185 108.31 38.65 -94.93
CA GLN UE 185 109.73 38.35 -94.90
C GLN UE 185 110.03 37.28 -95.94
N VAL UE 186 110.96 37.58 -96.86
CA VAL UE 186 111.32 36.69 -97.96
C VAL UE 186 112.64 36.01 -97.68
N LEU UE 187 112.66 34.68 -97.80
CA LEU UE 187 113.83 33.83 -97.56
C LEU UE 187 114.14 32.96 -98.76
N PRO UE 188 115.41 32.82 -99.14
CA PRO UE 188 115.77 31.85 -100.17
C PRO UE 188 115.96 30.46 -99.59
N GLY UE 189 115.63 29.46 -100.40
CA GLY UE 189 115.78 28.07 -100.02
C GLY UE 189 116.77 27.31 -100.88
N ARG UE 190 117.35 26.26 -100.29
CA ARG UE 190 118.31 25.44 -101.02
C ARG UE 190 117.69 24.82 -102.25
N ASP UE 191 116.39 24.57 -102.24
CA ASP UE 191 115.72 24.02 -103.42
C ASP UE 191 115.55 25.06 -104.51
N LYS UE 192 116.20 26.21 -104.38
CA LYS UE 192 116.14 27.27 -105.37
C LYS UE 192 114.72 27.84 -105.51
N MET UE 193 114.10 28.13 -104.37
CA MET UE 193 112.71 28.56 -104.32
C MET UE 193 112.61 29.61 -103.21
N LEU UE 194 111.77 30.61 -103.44
CA LEU UE 194 111.53 31.67 -102.46
C LEU UE 194 110.38 31.34 -101.51
N TYR UE 195 110.68 31.41 -100.22
CA TYR UE 195 109.75 31.12 -99.13
C TYR UE 195 109.34 32.43 -98.45
N VAL UE 196 108.06 32.74 -98.51
CA VAL UE 196 107.50 33.95 -97.93
C VAL UE 196 106.83 33.59 -96.62
N ALA UE 197 107.35 34.15 -95.54
CA ALA UE 197 106.86 33.91 -94.18
C ALA UE 197 105.90 34.98 -93.73
N ALA UE 198 104.72 34.55 -93.29
CA ALA UE 198 103.64 35.39 -92.77
C ALA UE 198 103.41 35.13 -91.30
N GLN UE 199 102.65 36.03 -90.68
CA GLN UE 199 102.32 35.99 -89.26
C GLN UE 199 100.93 35.43 -88.98
N ASN UE 200 100.02 35.45 -89.95
CA ASN UE 200 98.65 35.04 -89.67
C ASN UE 200 97.98 34.62 -90.97
N GLU UE 201 96.77 34.08 -90.82
CA GLU UE 201 95.96 33.65 -91.96
C GLU UE 201 95.67 34.76 -92.96
N ARG UE 202 95.14 35.88 -92.47
CA ARG UE 202 94.82 37.00 -93.35
C ARG UE 202 96.02 37.40 -94.22
N ASP UE 203 97.16 37.63 -93.59
CA ASP UE 203 98.37 37.94 -94.36
C ASP UE 203 98.76 36.81 -95.29
N THR UE 204 98.64 35.57 -94.85
CA THR UE 204 98.90 34.45 -95.73
C THR UE 204 98.11 34.56 -97.01
N LEU UE 205 96.79 34.68 -96.90
CA LEU UE 205 95.95 34.74 -98.08
C LEU UE 205 96.16 36.01 -98.90
N TRP UE 206 96.69 37.06 -98.29
CA TRP UE 206 97.14 38.20 -99.08
C TRP UE 206 98.37 37.89 -99.92
N ALA UE 207 99.24 37.00 -99.46
CA ALA UE 207 100.37 36.61 -100.30
C ALA UE 207 99.96 35.58 -101.35
N ARG UE 208 99.27 34.53 -100.91
CA ARG UE 208 98.84 33.50 -101.83
C ARG UE 208 98.01 34.06 -102.98
N GLN UE 209 97.19 35.09 -102.75
CA GLN UE 209 96.52 35.68 -103.91
C GLN UE 209 97.51 36.23 -104.95
N VAL UE 210 98.63 36.78 -104.50
CA VAL UE 210 99.61 37.32 -105.44
C VAL UE 210 100.31 36.21 -106.21
N LEU UE 211 100.59 35.09 -105.54
CA LEU UE 211 101.15 33.96 -106.28
C LEU UE 211 100.13 33.34 -107.23
N ALA UE 212 98.95 33.02 -106.73
CA ALA UE 212 97.94 32.33 -107.54
C ALA UE 212 97.52 33.15 -108.74
N ARG UE 213 97.53 34.47 -108.63
CA ARG UE 213 97.29 35.29 -109.81
C ARG UE 213 98.38 35.09 -110.86
N GLY UE 214 99.56 34.66 -110.44
CA GLY UE 214 100.71 34.60 -111.33
C GLY UE 214 101.33 35.93 -111.70
N ASP UE 215 101.30 36.89 -110.77
CA ASP UE 215 102.07 38.11 -110.97
C ASP UE 215 103.58 37.87 -110.94
N TYR UE 216 104.05 36.99 -110.08
CA TYR UE 216 105.41 36.45 -110.20
C TYR UE 216 105.54 35.33 -111.21
N ASP UE 217 106.66 35.34 -111.93
CA ASP UE 217 106.94 34.35 -112.96
C ASP UE 217 107.69 33.13 -112.45
N LYS UE 218 108.57 33.29 -111.47
CA LYS UE 218 109.34 32.19 -110.96
C LYS UE 218 108.57 31.42 -109.88
N ASN UE 219 109.19 30.36 -109.36
CA ASN UE 219 108.61 29.59 -108.27
C ASN UE 219 108.68 30.30 -106.93
N ALA UE 220 107.62 30.15 -106.14
CA ALA UE 220 107.57 30.72 -104.80
C ALA UE 220 106.58 29.91 -103.97
N ARG UE 221 106.70 30.01 -102.66
CA ARG UE 221 105.83 29.29 -101.75
C ARG UE 221 105.61 30.14 -100.51
N VAL UE 222 104.41 30.05 -99.92
CA VAL UE 222 104.04 30.78 -98.71
C VAL UE 222 103.93 29.81 -97.54
N ILE UE 223 104.45 30.23 -96.38
CA ILE UE 223 104.51 29.40 -95.18
C ILE UE 223 104.21 30.18 -93.91
N ASN UE 224 103.78 29.46 -92.88
CA ASN UE 224 103.54 30.05 -91.56
C ASN UE 224 103.76 28.98 -90.50
N GLU UE 225 103.90 29.46 -89.26
CA GLU UE 225 104.19 28.58 -88.12
C GLU UE 225 103.19 27.44 -87.92
N ASN UE 226 101.89 27.73 -87.91
CA ASN UE 226 100.93 26.65 -87.67
C ASN UE 226 100.99 25.59 -88.76
N GLU UE 227 100.96 26.02 -90.02
CA GLU UE 227 101.07 25.06 -91.11
C GLU UE 227 102.34 24.22 -91.01
N GLU UE 228 103.47 24.83 -90.69
CA GLU UE 228 104.70 24.05 -90.57
C GLU UE 228 104.63 23.05 -89.42
N ASN UE 229 104.16 23.47 -88.26
CA ASN UE 229 103.99 22.49 -87.19
C ASN UE 229 103.16 21.29 -87.63
N LYS UE 230 102.02 21.54 -88.27
CA LYS UE 230 101.19 20.42 -88.71
C LYS UE 230 101.84 19.60 -89.82
N ARG UE 231 102.61 20.24 -90.69
CA ARG UE 231 103.38 19.52 -91.71
C ARG UE 231 104.37 18.56 -91.08
N ILE UE 232 105.04 18.98 -90.03
CA ILE UE 232 106.20 18.25 -89.51
C ILE UE 232 105.79 17.20 -88.51
N SER UE 233 104.88 17.50 -87.59
CA SER UE 233 104.46 16.43 -86.70
C SER UE 233 103.90 15.24 -87.46
N ILE UE 234 103.23 15.45 -88.59
CA ILE UE 234 102.81 14.31 -89.42
C ILE UE 234 103.96 13.50 -89.99
N TRP UE 235 105.13 14.09 -90.19
CA TRP UE 235 106.30 13.30 -90.58
C TRP UE 235 106.85 12.52 -89.40
N LEU UE 236 106.93 13.19 -88.24
CA LEU UE 236 107.41 12.52 -87.04
C LEU UE 236 106.54 11.34 -86.69
N ASP UE 237 105.23 11.47 -86.86
CA ASP UE 237 104.34 10.36 -86.55
C ASP UE 237 104.73 9.10 -87.30
N THR UE 238 105.27 9.24 -88.51
CA THR UE 238 105.74 8.07 -89.23
C THR UE 238 107.11 7.62 -88.73
N TYR UE 239 108.09 8.50 -88.76
CA TYR UE 239 109.47 8.05 -88.59
C TYR UE 239 109.95 7.96 -87.14
N TYR UE 240 109.28 8.61 -86.21
CA TYR UE 240 109.70 8.65 -84.80
C TYR UE 240 108.48 8.49 -83.92
N PRO UE 241 107.81 7.35 -84.01
CA PRO UE 241 106.42 7.28 -83.53
C PRO UE 241 106.27 7.41 -82.03
N GLN UE 242 107.33 7.26 -81.25
CA GLN UE 242 107.22 7.32 -79.80
C GLN UE 242 108.01 8.47 -79.19
N LEU UE 243 108.46 9.42 -79.99
CA LEU UE 243 109.16 10.59 -79.47
C LEU UE 243 108.21 11.49 -78.71
N ALA UE 244 108.62 11.93 -77.52
CA ALA UE 244 107.86 12.90 -76.73
C ALA UE 244 108.42 14.30 -76.94
N TYR UE 245 107.59 15.20 -77.47
CA TYR UE 245 108.05 16.53 -77.84
C TYR UE 245 106.93 17.53 -77.60
N TYR UE 246 107.30 18.81 -77.52
CA TYR UE 246 106.34 19.88 -77.23
C TYR UE 246 105.97 20.68 -78.47
N ARG UE 247 106.87 21.54 -78.92
CA ARG UE 247 106.57 22.47 -80.01
C ARG UE 247 107.88 22.85 -80.67
N ILE UE 248 107.78 23.35 -81.90
CA ILE UE 248 108.88 24.00 -82.60
C ILE UE 248 108.59 25.49 -82.73
N HIS UE 249 109.51 26.31 -82.24
CA HIS UE 249 109.40 27.76 -82.23
C HIS UE 249 110.21 28.37 -83.38
N PHE UE 250 109.60 29.29 -84.11
CA PHE UE 250 110.25 29.93 -85.27
C PHE UE 250 110.47 31.42 -85.06
N ASP UE 251 110.96 31.82 -83.89
CA ASP UE 251 111.20 33.25 -83.67
C ASP UE 251 112.29 33.81 -84.58
N GLU UE 252 113.16 32.98 -85.13
CA GLU UE 252 113.84 33.27 -86.39
C GLU UE 252 113.56 32.12 -87.34
N PRO UE 253 112.96 32.35 -88.51
CA PRO UE 253 112.85 31.26 -89.46
C PRO UE 253 114.17 30.65 -89.89
N ARG UE 254 115.29 31.33 -89.70
CA ARG UE 254 116.57 30.72 -90.03
C ARG UE 254 117.08 29.74 -88.99
N LYS UE 255 116.60 29.78 -87.74
CA LYS UE 255 117.14 28.90 -86.70
C LYS UE 255 116.03 28.43 -85.78
N PRO UE 256 115.18 27.56 -86.26
CA PRO UE 256 114.10 27.01 -85.44
C PRO UE 256 114.65 26.28 -84.22
N VAL UE 257 113.83 26.24 -83.19
CA VAL UE 257 114.20 25.69 -81.90
C VAL UE 257 113.14 24.70 -81.51
N PHE UE 258 113.56 23.54 -81.02
CA PHE UE 258 112.70 22.37 -80.88
C PHE UE 258 112.78 21.97 -79.43
N TRP UE 259 111.65 21.76 -78.79
CA TRP UE 259 111.59 21.42 -77.37
C TRP UE 259 111.26 19.96 -77.16
N LEU UE 260 112.15 19.25 -76.49
CA LEU UE 260 112.02 17.82 -76.25
C LEU UE 260 111.91 17.61 -74.75
N SER UE 261 111.15 16.60 -74.36
CA SER UE 261 111.04 16.32 -72.94
C SER UE 261 112.34 15.72 -72.43
N ARG UE 262 112.93 16.42 -71.45
CA ARG UE 262 114.03 15.85 -70.68
C ARG UE 262 113.63 14.60 -69.93
N GLN UE 263 112.38 14.52 -69.51
CA GLN UE 263 112.01 13.45 -68.59
C GLN UE 263 111.65 12.14 -69.27
N ARG UE 264 111.04 12.17 -70.44
CA ARG UE 264 110.59 10.95 -71.11
C ARG UE 264 111.53 10.42 -72.19
N ASN UE 265 112.13 11.27 -73.02
CA ASN UE 265 112.99 10.76 -74.08
C ASN UE 265 114.34 10.35 -73.52
N THR UE 266 114.85 9.22 -73.99
CA THR UE 266 116.23 8.80 -73.75
C THR UE 266 116.92 8.49 -75.07
N MET UE 267 117.97 9.25 -75.39
CA MET UE 267 118.62 9.13 -76.67
C MET UE 267 120.10 9.47 -76.49
N SER UE 268 120.94 8.94 -77.38
CA SER UE 268 122.32 9.40 -77.43
C SER UE 268 122.43 10.72 -78.19
N LYS UE 269 123.51 11.45 -77.90
CA LYS UE 269 123.76 12.69 -78.61
C LYS UE 269 123.91 12.44 -80.11
N LYS UE 270 124.36 11.24 -80.48
CA LYS UE 270 124.46 10.88 -81.89
C LYS UE 270 123.08 10.85 -82.52
N GLU UE 271 122.15 10.20 -81.83
CA GLU UE 271 120.77 10.13 -82.29
C GLU UE 271 120.18 11.52 -82.41
N LEU UE 272 120.41 12.37 -81.41
CA LEU UE 272 119.92 13.73 -81.48
C LEU UE 272 120.48 14.48 -82.68
N GLU UE 273 121.77 14.31 -82.96
CA GLU UE 273 122.35 14.94 -84.13
C GLU UE 273 121.71 14.45 -85.43
N VAL UE 274 121.50 13.15 -85.54
CA VAL UE 274 120.82 12.60 -86.71
C VAL UE 274 119.44 13.21 -86.87
N LEU UE 275 118.65 13.22 -85.81
CA LEU UE 275 117.34 13.86 -85.84
C LEU UE 275 117.42 15.29 -86.33
N SER UE 276 118.38 16.05 -85.79
CA SER UE 276 118.61 17.42 -86.22
C SER UE 276 118.83 17.50 -87.72
N GLN UE 277 119.73 16.69 -88.25
CA GLN UE 277 119.98 16.71 -89.68
C GLN UE 277 118.75 16.39 -90.50
N LYS UE 278 117.98 15.38 -90.11
CA LYS UE 278 116.75 15.07 -90.87
C LYS UE 278 115.78 16.25 -90.89
N LEU UE 279 115.56 16.88 -89.73
CA LEU UE 279 114.73 18.07 -89.74
C LEU UE 279 115.30 19.17 -90.64
N ARG UE 280 116.60 19.39 -90.57
CA ARG UE 280 117.20 20.37 -91.46
C ARG UE 280 116.90 20.05 -92.91
N ALA UE 281 116.87 18.76 -93.25
CA ALA UE 281 116.52 18.37 -94.61
C ALA UE 281 115.07 18.68 -94.94
N LEU UE 282 114.16 18.58 -93.96
CA LEU UE 282 112.77 18.97 -94.20
C LEU UE 282 112.60 20.47 -94.40
N MET UE 283 113.44 21.27 -93.77
CA MET UE 283 113.31 22.73 -93.83
C MET UE 283 114.43 23.35 -94.64
N PRO UE 284 114.32 23.34 -95.97
CA PRO UE 284 115.38 23.89 -96.82
C PRO UE 284 115.64 25.37 -96.63
N TYR UE 285 114.81 26.09 -95.92
CA TYR UE 285 115.04 27.51 -95.67
C TYR UE 285 115.82 27.74 -94.38
N ALA UE 286 115.94 26.73 -93.53
CA ALA UE 286 116.60 26.84 -92.24
C ALA UE 286 118.04 26.39 -92.29
N ASP UE 287 118.93 27.17 -91.68
CA ASP UE 287 120.34 26.82 -91.60
C ASP UE 287 120.61 25.73 -90.57
N SER UE 288 119.90 25.73 -89.46
CA SER UE 288 120.16 24.74 -88.42
C SER UE 288 118.95 24.68 -87.50
N VAL UE 289 118.81 23.54 -86.84
CA VAL UE 289 117.76 23.31 -85.85
C VAL UE 289 118.39 23.08 -84.49
N ASN UE 290 118.02 23.91 -83.52
CA ASN UE 290 118.57 23.80 -82.17
C ASN UE 290 117.58 23.01 -81.32
N ILE UE 291 118.05 21.90 -80.75
CA ILE UE 291 117.25 21.06 -79.87
C ILE UE 291 117.55 21.35 -78.40
N THR UE 292 116.50 21.70 -77.66
CA THR UE 292 116.55 22.05 -76.25
C THR UE 292 115.64 21.13 -75.44
N LEU UE 293 116.11 20.69 -74.29
CA LEU UE 293 115.37 19.82 -73.39
C LEU UE 293 114.65 20.63 -72.31
N MET UE 294 113.34 20.41 -72.16
CA MET UE 294 112.48 21.12 -71.23
C MET UE 294 111.96 20.17 -70.16
N ASP UE 295 111.61 20.73 -68.99
CA ASP UE 295 111.11 19.97 -67.86
C ASP UE 295 109.59 19.95 -67.74
N ASP UE 296 109.03 18.74 -67.70
CA ASP UE 296 107.59 18.55 -67.60
C ASP UE 296 107.03 19.13 -66.31
N VAL UE 297 107.70 18.98 -65.18
CA VAL UE 297 107.18 19.56 -63.95
C VAL UE 297 106.98 21.05 -64.10
N THR UE 298 107.90 21.73 -64.76
CA THR UE 298 107.71 23.16 -65.04
C THR UE 298 106.47 23.39 -65.90
N ALA UE 299 106.39 22.70 -67.03
CA ALA UE 299 105.21 22.82 -67.90
C ALA UE 299 103.88 22.62 -67.17
N ALA UE 300 103.81 21.66 -66.25
CA ALA UE 300 102.66 21.52 -65.36
C ALA UE 300 102.46 22.72 -64.45
N GLY UE 301 103.47 23.06 -63.68
CA GLY UE 301 103.31 24.06 -62.63
C GLY UE 301 102.98 25.45 -63.13
N GLN UE 302 103.51 25.84 -64.28
CA GLN UE 302 103.03 27.09 -64.87
C GLN UE 302 101.54 27.06 -65.23
N ALA UE 303 100.99 25.89 -65.51
CA ALA UE 303 99.55 25.81 -65.79
C ALA UE 303 98.74 25.90 -64.51
N GLU UE 304 99.11 25.13 -63.50
CA GLU UE 304 98.34 25.18 -62.27
C GLU UE 304 98.45 26.54 -61.60
N ALA UE 305 99.65 27.12 -61.60
CA ALA UE 305 99.80 28.48 -61.07
C ALA UE 305 98.99 29.50 -61.85
N GLY UE 306 98.83 29.33 -63.16
CA GLY UE 306 97.98 30.28 -63.86
C GLY UE 306 96.51 30.15 -63.52
N LEU UE 307 96.03 28.92 -63.35
CA LEU UE 307 94.65 28.77 -62.90
C LEU UE 307 94.44 29.37 -61.52
N LYS UE 308 95.39 29.16 -60.61
CA LYS UE 308 95.22 29.77 -59.30
C LYS UE 308 95.21 31.28 -59.42
N GLN UE 309 96.12 31.82 -60.22
CA GLN UE 309 96.17 33.25 -60.42
C GLN UE 309 94.84 33.79 -60.92
N GLN UE 310 94.08 32.97 -61.65
CA GLN UE 310 92.79 33.45 -62.15
C GLN UE 310 91.64 33.13 -61.21
N ALA UE 311 91.90 32.44 -60.11
CA ALA UE 311 90.85 32.02 -59.19
C ALA UE 311 89.74 31.20 -59.84
N LEU UE 312 90.03 30.52 -60.95
CA LEU UE 312 89.06 29.64 -61.54
C LEU UE 312 88.95 28.36 -60.71
N PRO UE 313 87.77 27.75 -60.63
CA PRO UE 313 87.68 26.42 -60.03
C PRO UE 313 88.14 25.35 -61.01
N TYR UE 314 88.82 24.35 -60.51
CA TYR UE 314 89.34 23.30 -61.37
C TYR UE 314 89.57 22.01 -60.60
N SER UE 315 89.77 20.93 -61.36
CA SER UE 315 90.21 19.65 -60.85
C SER UE 315 91.34 19.14 -61.72
N ARG UE 316 92.37 18.58 -61.11
CA ARG UE 316 93.54 18.06 -61.81
C ARG UE 316 93.52 16.54 -61.81
N ARG UE 317 93.87 15.95 -62.96
CA ARG UE 317 94.06 14.51 -63.07
C ARG UE 317 95.39 14.21 -63.73
N ASN UE 318 96.16 13.30 -63.15
CA ASN UE 318 97.46 12.89 -63.68
C ASN UE 318 97.36 11.54 -64.36
N HIS UE 319 97.85 11.47 -65.59
CA HIS UE 319 98.02 10.23 -66.32
C HIS UE 319 99.49 10.00 -66.55
N LYS UE 320 99.81 8.79 -67.01
CA LYS UE 320 101.20 8.42 -67.20
C LYS UE 320 101.90 9.35 -68.18
N GLY UE 321 101.19 9.84 -69.18
CA GLY UE 321 101.77 10.70 -70.20
C GLY UE 321 101.12 12.05 -70.40
N GLY UE 322 100.35 12.53 -69.42
CA GLY UE 322 99.63 13.78 -69.64
C GLY UE 322 98.94 14.24 -68.38
N VAL UE 323 98.47 15.49 -68.42
CA VAL UE 323 97.70 16.05 -67.33
C VAL UE 323 96.44 16.71 -67.89
N THR UE 324 95.30 16.44 -67.24
CA THR UE 324 94.03 17.01 -67.63
C THR UE 324 93.54 17.94 -66.52
N PHE UE 325 93.13 19.13 -66.90
CA PHE UE 325 92.41 20.03 -66.00
C PHE UE 325 90.98 20.18 -66.45
N VAL UE 326 90.04 19.97 -65.52
CA VAL UE 326 88.62 20.09 -65.80
C VAL UE 326 88.08 21.29 -65.05
N ILE UE 327 87.33 22.13 -65.74
CA ILE UE 327 86.69 23.30 -65.16
C ILE UE 327 85.22 23.19 -65.51
N GLN UE 328 84.35 23.12 -64.51
CA GLN UE 328 82.95 22.95 -64.83
C GLN UE 328 82.06 23.60 -63.78
N GLY UE 329 80.85 23.93 -64.20
CA GLY UE 329 79.83 24.39 -63.29
C GLY UE 329 79.05 25.53 -63.89
N ALA UE 330 78.38 26.27 -63.02
CA ALA UE 330 77.65 27.49 -63.38
C ALA UE 330 78.58 28.69 -63.45
N LEU UE 331 79.54 28.62 -64.38
CA LEU UE 331 80.49 29.71 -64.53
C LEU UE 331 79.79 31.00 -64.98
N ASP UE 332 80.51 32.10 -64.80
CA ASP UE 332 79.99 33.45 -65.01
C ASP UE 332 80.76 34.12 -66.15
N ASP UE 333 80.16 35.15 -66.75
CA ASP UE 333 80.72 35.72 -67.97
C ASP UE 333 82.10 36.29 -67.79
N VAL UE 334 82.47 36.70 -66.59
CA VAL UE 334 83.83 37.17 -66.37
C VAL UE 334 84.77 35.99 -66.28
N GLU UE 335 84.31 34.90 -65.69
CA GLU UE 335 85.18 33.75 -65.59
C GLU UE 335 85.44 33.18 -66.97
N ILE UE 336 84.39 32.98 -67.75
CA ILE UE 336 84.57 32.48 -69.11
C ILE UE 336 85.54 33.37 -69.88
N LEU UE 337 85.40 34.68 -69.74
CA LEU UE 337 86.30 35.55 -70.51
C LEU UE 337 87.74 35.43 -70.06
N ARG UE 338 88.00 35.35 -68.76
CA ARG UE 338 89.39 35.25 -68.34
C ARG UE 338 89.98 33.89 -68.68
N ALA UE 339 89.16 32.84 -68.62
CA ALA UE 339 89.63 31.50 -68.93
C ALA UE 339 90.06 31.37 -70.38
N ARG UE 340 89.16 31.71 -71.30
CA ARG UE 340 89.51 31.69 -72.71
C ARG UE 340 90.85 32.39 -72.99
N GLN UE 341 91.03 33.59 -72.48
CA GLN UE 341 92.30 34.31 -72.67
C GLN UE 341 93.49 33.52 -72.16
N PHE UE 342 93.44 33.07 -70.91
CA PHE UE 342 94.56 32.32 -70.36
C PHE UE 342 94.90 31.08 -71.17
N VAL UE 343 93.91 30.25 -71.45
CA VAL UE 343 94.16 29.04 -72.23
C VAL UE 343 94.80 29.37 -73.57
N ASP UE 344 94.20 30.28 -74.32
CA ASP UE 344 94.79 30.70 -75.58
C ASP UE 344 96.22 31.18 -75.43
N SER UE 345 96.54 31.83 -74.32
CA SER UE 345 97.91 32.30 -74.09
C SER UE 345 98.88 31.14 -73.86
N TYR UE 346 98.54 30.24 -72.96
CA TYR UE 346 99.37 29.07 -72.67
C TYR UE 346 99.62 28.25 -73.91
N TYR UE 347 98.57 27.92 -74.63
CA TYR UE 347 98.69 27.04 -75.78
C TYR UE 347 99.69 27.57 -76.81
N ARG UE 348 99.75 28.88 -76.98
CA ARG UE 348 100.73 29.43 -77.91
C ARG UE 348 102.16 29.14 -77.49
N THR UE 349 102.41 28.94 -76.22
CA THR UE 349 103.74 28.63 -75.73
C THR UE 349 104.05 27.15 -75.79
N TRP UE 350 103.23 26.34 -75.14
CA TRP UE 350 103.56 24.93 -74.97
C TRP UE 350 102.86 23.98 -75.94
N GLY UE 351 101.85 24.42 -76.67
CA GLY UE 351 101.04 23.50 -77.45
C GLY UE 351 100.17 22.57 -76.64
N GLY UE 352 99.39 21.76 -77.36
CA GLY UE 352 98.45 20.84 -76.75
C GLY UE 352 98.94 19.46 -76.36
N ARG UE 353 100.21 19.17 -76.50
CA ARG UE 353 100.67 17.78 -76.51
C ARG UE 353 100.82 17.17 -75.12
N TYR UE 354 100.59 17.91 -74.04
CA TYR UE 354 100.74 17.32 -72.71
C TYR UE 354 99.68 17.72 -71.69
N VAL UE 355 99.33 19.00 -71.63
CA VAL UE 355 98.27 19.49 -70.76
C VAL UE 355 97.04 19.80 -71.59
N GLN UE 356 95.89 19.28 -71.16
CA GLN UE 356 94.61 19.62 -71.78
C GLN UE 356 93.67 20.29 -70.79
N PHE UE 357 92.95 21.30 -71.28
CA PHE UE 357 91.92 22.00 -70.52
C PHE UE 357 90.55 21.68 -71.10
N ALA UE 358 89.62 21.25 -70.25
CA ALA UE 358 88.25 20.97 -70.65
C ALA UE 358 87.30 21.84 -69.84
N ILE UE 359 86.34 22.47 -70.51
CA ILE UE 359 85.42 23.42 -69.90
C ILE UE 359 83.99 22.94 -70.10
N GLU UE 360 83.19 22.97 -69.02
CA GLU UE 360 81.85 22.38 -69.05
C GLU UE 360 80.85 23.28 -68.31
N LEU UE 361 80.03 24.01 -69.07
CA LEU UE 361 78.91 24.75 -68.50
C LEU UE 361 77.77 23.80 -68.15
N LYS UE 362 77.34 23.80 -66.89
CA LYS UE 362 76.18 23.01 -66.52
C LYS UE 362 75.38 23.68 -65.42
N ASP UE 363 74.07 23.42 -65.43
CA ASP UE 363 73.06 24.15 -64.69
C ASP UE 363 73.20 23.97 -63.19
N ASP UE 364 72.56 24.88 -62.46
CA ASP UE 364 72.65 24.96 -61.01
C ASP UE 364 71.44 24.30 -60.37
N TRP UE 365 71.68 23.26 -59.60
CA TRP UE 365 70.62 22.58 -58.87
C TRP UE 365 70.22 23.30 -57.60
N LEU UE 366 71.13 24.06 -57.02
CA LEU UE 366 70.95 24.61 -55.68
C LEU UE 366 70.14 25.88 -55.64
N LYS UE 367 69.97 26.59 -56.75
CA LYS UE 367 69.28 27.86 -56.73
C LYS UE 367 67.86 27.72 -56.18
N GLY UE 368 67.61 28.37 -55.05
CA GLY UE 368 66.32 28.36 -54.40
C GLY UE 368 66.03 27.19 -53.49
N ARG UE 369 66.88 26.19 -53.42
CA ARG UE 369 66.60 25.01 -52.62
C ARG UE 369 67.40 25.06 -51.32
N SER UE 370 67.07 24.14 -50.41
CA SER UE 370 67.82 23.95 -49.19
C SER UE 370 68.42 22.56 -49.18
N PHE UE 371 69.58 22.44 -48.54
CA PHE UE 371 70.37 21.23 -48.65
C PHE UE 371 71.29 21.11 -47.46
N GLN UE 372 71.77 19.90 -47.23
CA GLN UE 372 72.85 19.64 -46.29
C GLN UE 372 74.10 19.32 -47.09
N TYR UE 373 75.24 19.84 -46.64
CA TYR UE 373 76.50 19.60 -47.30
C TYR UE 373 77.51 19.12 -46.28
N GLY UE 374 78.48 18.36 -46.76
CA GLY UE 374 79.43 17.73 -45.86
C GLY UE 374 79.70 16.29 -46.24
N ALA UE 375 79.89 15.43 -45.23
CA ALA UE 375 80.11 14.03 -45.50
C ALA UE 375 78.85 13.34 -46.02
N GLU UE 376 77.67 13.82 -45.65
CA GLU UE 376 76.42 13.11 -45.87
C GLU UE 376 75.37 14.02 -46.45
N GLY UE 377 75.76 14.78 -47.47
CA GLY UE 377 74.86 15.77 -48.02
C GLY UE 377 73.67 15.16 -48.75
N TYR UE 378 72.64 15.99 -48.89
CA TYR UE 378 71.49 15.68 -49.72
C TYR UE 378 70.80 16.99 -50.04
N ILE UE 379 69.95 16.98 -51.06
CA ILE UE 379 69.21 18.15 -51.47
C ILE UE 379 67.74 17.92 -51.20
N LYS UE 380 67.05 18.93 -50.72
CA LYS UE 380 65.59 18.89 -50.66
C LYS UE 380 65.07 19.37 -52.01
N MET UE 381 64.50 18.47 -52.79
CA MET UE 381 63.87 18.92 -54.02
C MET UE 381 62.67 19.78 -53.68
N SER UE 382 62.01 19.43 -52.59
CA SER UE 382 60.85 20.15 -52.06
C SER UE 382 60.66 19.68 -50.63
N PRO UE 383 59.76 20.29 -49.89
CA PRO UE 383 59.20 19.57 -48.73
C PRO UE 383 58.77 18.17 -49.12
N GLY UE 384 59.10 17.21 -48.27
CA GLY UE 384 58.73 15.83 -48.54
C GLY UE 384 59.45 15.11 -49.66
N HIS UE 385 60.46 15.70 -50.28
CA HIS UE 385 61.18 15.01 -51.34
C HIS UE 385 62.68 15.20 -51.20
N TRP UE 386 63.40 14.12 -50.93
CA TRP UE 386 64.84 14.12 -50.72
C TRP UE 386 65.56 13.52 -51.92
N TYR UE 387 66.66 14.14 -52.33
CA TYR UE 387 67.54 13.60 -53.35
C TYR UE 387 68.93 13.37 -52.78
N PHE UE 388 69.42 12.13 -52.90
CA PHE UE 388 70.77 11.76 -52.49
C PHE UE 388 71.71 11.61 -53.68
N PRO UE 389 72.42 12.64 -54.07
CA PRO UE 389 73.37 12.48 -55.18
C PRO UE 389 74.54 11.62 -54.76
N SER UE 390 75.20 11.03 -55.75
CA SER UE 390 76.20 10.00 -55.51
C SER UE 390 77.52 10.56 -55.00
N ALA VE 171 111.69 67.00 -98.13
CA ALA VE 171 110.47 66.70 -97.41
C ALA VE 171 110.78 65.85 -96.19
N GLU VE 172 110.90 66.49 -95.03
CA GLU VE 172 111.17 65.75 -93.82
C GLU VE 172 109.93 64.99 -93.39
N LEU VE 173 110.13 63.97 -92.56
CA LEU VE 173 108.99 63.21 -92.07
C LEU VE 173 108.11 64.05 -91.16
N ASP VE 174 108.72 64.85 -90.28
CA ASP VE 174 107.97 65.70 -89.36
C ASP VE 174 107.05 66.67 -90.08
N SER VE 175 107.43 67.12 -91.27
CA SER VE 175 106.60 68.05 -92.02
C SER VE 175 105.30 67.42 -92.51
N LEU VE 176 105.24 66.10 -92.56
CA LEU VE 176 104.05 65.40 -93.03
C LEU VE 176 103.10 64.99 -91.92
N LEU VE 177 103.56 64.94 -90.67
CA LEU VE 177 102.71 64.45 -89.61
C LEU VE 177 101.72 65.49 -89.09
N GLY VE 178 101.90 66.76 -89.41
CA GLY VE 178 100.97 67.74 -88.89
C GLY VE 178 101.53 69.08 -88.48
N GLN VE 179 100.65 69.91 -87.93
CA GLN VE 179 101.04 71.17 -87.31
C GLN VE 179 101.60 71.00 -85.91
N GLU VE 180 100.99 70.17 -85.09
CA GLU VE 180 101.40 70.05 -83.68
C GLU VE 180 102.67 69.23 -83.59
N LYS VE 181 103.80 69.92 -83.80
CA LYS VE 181 105.08 69.26 -84.03
C LYS VE 181 105.47 68.35 -82.87
N GLU VE 182 105.21 68.79 -81.64
CA GLU VE 182 105.61 68.05 -80.45
C GLU VE 182 104.75 66.82 -80.16
N ARG VE 183 103.68 66.60 -80.91
CA ARG VE 183 102.81 65.48 -80.61
C ARG VE 183 103.46 64.13 -80.92
N PHE VE 184 104.30 64.06 -81.95
CA PHE VE 184 105.02 62.86 -82.37
C PHE VE 184 106.51 63.04 -82.16
N GLN VE 185 107.24 61.92 -82.11
CA GLN VE 185 108.69 62.02 -81.94
C GLN VE 185 109.36 61.06 -82.92
N VAL VE 186 110.26 61.60 -83.74
CA VAL VE 186 110.97 60.85 -84.79
C VAL VE 186 112.39 60.54 -84.35
N LEU VE 187 112.74 59.25 -84.41
CA LEU VE 187 114.05 58.75 -84.02
C LEU VE 187 114.69 57.93 -85.13
N PRO VE 188 116.00 58.07 -85.34
CA PRO VE 188 116.70 57.22 -86.30
C PRO VE 188 117.12 55.90 -85.69
N GLY VE 189 117.11 54.85 -86.51
CA GLY VE 189 117.50 53.53 -86.07
C GLY VE 189 118.75 53.03 -86.77
N ARG VE 190 119.51 52.19 -86.06
CA ARG VE 190 120.75 51.65 -86.60
C ARG VE 190 120.55 50.86 -87.90
N ASP VE 191 119.37 50.29 -88.11
CA ASP VE 191 119.10 49.56 -89.34
C ASP VE 191 118.63 50.46 -90.47
N LYS VE 192 118.96 51.74 -90.42
CA LYS VE 192 118.63 52.69 -91.48
C LYS VE 192 117.12 52.84 -91.66
N MET VE 193 116.40 53.02 -90.56
CA MET VE 193 114.97 53.14 -90.61
C MET VE 193 114.52 54.20 -89.61
N LEU VE 194 113.48 54.94 -89.97
CA LEU VE 194 112.89 55.94 -89.10
C LEU VE 194 111.78 55.36 -88.24
N TYR VE 195 111.88 55.54 -86.93
CA TYR VE 195 110.89 55.09 -85.96
C TYR VE 195 110.14 56.28 -85.41
N VAL VE 196 108.83 56.29 -85.56
CA VAL VE 196 107.97 57.35 -85.07
C VAL VE 196 107.30 56.85 -83.81
N ALA VE 197 107.57 57.52 -82.70
CA ALA VE 197 107.00 57.18 -81.41
C ALA VE 197 105.75 58.02 -81.18
N ALA VE 198 104.66 57.32 -80.89
CA ALA VE 198 103.34 57.85 -80.61
C ALA VE 198 102.97 57.57 -79.14
N GLN VE 199 101.95 58.28 -78.67
CA GLN VE 199 101.48 58.17 -77.29
C GLN VE 199 100.23 57.33 -77.13
N ASN VE 200 99.42 57.12 -78.16
CA ASN VE 200 98.16 56.42 -77.99
C ASN VE 200 97.71 55.87 -79.32
N GLU VE 201 96.63 55.11 -79.29
CA GLU VE 201 96.07 54.49 -80.49
C GLU VE 201 95.64 55.50 -81.55
N ARG VE 202 94.80 56.45 -81.18
CA ARG VE 202 94.34 57.45 -82.15
C ARG VE 202 95.51 58.13 -82.87
N ASP VE 203 96.54 58.50 -82.13
CA ASP VE 203 97.73 59.08 -82.76
C ASP VE 203 98.46 58.07 -83.61
N THR VE 204 98.58 56.84 -83.14
CA THR VE 204 99.21 55.80 -83.91
C THR VE 204 98.57 55.65 -85.29
N LEU VE 205 97.25 55.64 -85.34
CA LEU VE 205 96.57 55.57 -86.63
C LEU VE 205 96.73 56.85 -87.43
N TRP VE 206 96.74 58.01 -86.77
CA TRP VE 206 97.00 59.25 -87.50
C TRP VE 206 98.35 59.23 -88.19
N ALA VE 207 99.33 58.59 -87.58
CA ALA VE 207 100.63 58.45 -88.23
C ALA VE 207 100.64 57.37 -89.30
N ARG VE 208 100.14 56.19 -88.98
CA ARG VE 208 100.14 55.09 -89.94
C ARG VE 208 99.44 55.47 -91.25
N GLN VE 209 98.38 56.27 -91.20
CA GLN VE 209 97.75 56.66 -92.45
C GLN VE 209 98.71 57.36 -93.40
N VAL VE 210 99.62 58.18 -92.88
CA VAL VE 210 100.56 58.88 -93.76
C VAL VE 210 101.49 57.90 -94.47
N LEU VE 211 101.97 56.89 -93.76
CA LEU VE 211 102.83 55.90 -94.38
C LEU VE 211 102.07 55.02 -95.35
N ALA VE 212 100.93 54.49 -94.92
CA ALA VE 212 100.17 53.57 -95.76
C ALA VE 212 99.66 54.25 -97.02
N ARG VE 213 99.41 55.55 -96.97
CA ARG VE 213 99.09 56.26 -98.20
C ARG VE 213 100.31 56.31 -99.11
N GLY VE 214 101.51 56.17 -98.56
CA GLY VE 214 102.73 56.28 -99.31
C GLY VE 214 103.20 57.70 -99.58
N ASP VE 215 102.90 58.62 -98.67
CA ASP VE 215 103.34 60.00 -98.87
C ASP VE 215 104.85 60.12 -98.73
N TYR VE 216 105.46 59.31 -97.86
CA TYR VE 216 106.91 59.31 -97.67
C TYR VE 216 107.52 58.09 -98.33
N ASP VE 217 108.60 58.32 -99.08
CA ASP VE 217 109.13 57.31 -99.99
C ASP VE 217 110.14 56.36 -99.35
N LYS VE 218 110.90 56.82 -98.37
CA LYS VE 218 111.82 55.95 -97.65
C LYS VE 218 111.08 55.07 -96.65
N ASN VE 219 111.84 54.23 -95.96
CA ASN VE 219 111.27 53.37 -94.92
C ASN VE 219 110.99 54.11 -93.62
N ALA VE 220 109.89 53.72 -92.99
CA ALA VE 220 109.47 54.29 -91.71
C ALA VE 220 108.60 53.27 -91.00
N ARG VE 221 108.46 53.46 -89.70
CA ARG VE 221 107.68 52.54 -88.88
C ARG VE 221 107.10 53.34 -87.72
N VAL VE 222 105.93 52.92 -87.23
CA VAL VE 222 105.26 53.53 -86.10
C VAL VE 222 105.29 52.59 -84.90
N ILE VE 223 105.57 53.15 -83.72
CA ILE VE 223 105.68 52.35 -82.50
C ILE VE 223 105.04 53.06 -81.31
N ASN VE 224 104.65 52.25 -80.33
CA ASN VE 224 104.08 52.72 -79.08
C ASN VE 224 104.41 51.70 -77.98
N GLU VE 225 104.25 52.17 -76.74
CA GLU VE 225 104.66 51.40 -75.58
C GLU VE 225 103.94 50.06 -75.42
N ASN VE 226 102.63 50.00 -75.62
CA ASN VE 226 101.96 48.73 -75.39
C ASN VE 226 102.39 47.68 -76.41
N GLU VE 227 102.46 48.07 -77.67
CA GLU VE 227 102.93 47.16 -78.71
C GLU VE 227 104.32 46.64 -78.38
N GLU VE 228 105.23 47.52 -77.98
CA GLU VE 228 106.57 47.04 -77.72
C GLU VE 228 106.63 46.13 -76.50
N ASN VE 229 105.86 46.43 -75.46
CA ASN VE 229 105.84 45.51 -74.33
C ASN VE 229 105.38 44.12 -74.75
N LYS VE 230 104.34 44.05 -75.58
CA LYS VE 230 103.87 42.74 -76.02
C LYS VE 230 104.92 42.00 -76.84
N ARG VE 231 105.51 42.68 -77.81
CA ARG VE 231 106.50 42.04 -78.66
C ARG VE 231 107.66 41.48 -77.84
N ILE VE 232 108.15 42.26 -76.87
CA ILE VE 232 109.28 41.78 -76.09
C ILE VE 232 108.86 40.62 -75.20
N SER VE 233 107.65 40.64 -74.67
CA SER VE 233 107.26 39.51 -73.85
C SER VE 233 107.18 38.23 -74.67
N ILE VE 234 106.70 38.33 -75.91
CA ILE VE 234 106.73 37.16 -76.79
C ILE VE 234 108.14 36.63 -77.00
N TRP VE 235 109.12 37.51 -77.15
CA TRP VE 235 110.50 37.03 -77.32
C TRP VE 235 111.04 36.36 -76.05
N LEU VE 236 110.87 37.01 -74.91
CA LEU VE 236 111.29 36.43 -73.65
C LEU VE 236 110.65 35.07 -73.39
N ASP VE 237 109.37 34.92 -73.73
CA ASP VE 237 108.74 33.61 -73.56
C ASP VE 237 109.52 32.49 -74.22
N THR VE 238 110.21 32.78 -75.31
CA THR VE 238 110.97 31.74 -76.00
C THR VE 238 112.34 31.54 -75.38
N TYR VE 239 113.14 32.59 -75.24
CA TYR VE 239 114.52 32.39 -74.78
C TYR VE 239 114.73 32.39 -73.26
N TYR VE 240 113.84 32.98 -72.48
CA TYR VE 240 113.98 33.06 -71.01
C TYR VE 240 112.63 32.71 -70.42
N PRO VE 241 112.22 31.45 -70.56
CA PRO VE 241 110.86 31.04 -70.17
C PRO VE 241 110.60 31.03 -68.67
N GLN VE 242 111.58 31.37 -67.83
CA GLN VE 242 111.39 31.33 -66.38
C GLN VE 242 111.79 32.65 -65.74
N LEU VE 243 112.08 33.67 -66.53
CA LEU VE 243 112.44 34.97 -65.99
C LEU VE 243 111.23 35.68 -65.40
N ALA VE 244 111.37 36.14 -64.16
CA ALA VE 244 110.35 36.90 -63.44
C ALA VE 244 110.61 38.40 -63.57
N TYR VE 245 109.65 39.13 -64.13
CA TYR VE 245 109.86 40.55 -64.39
C TYR VE 245 108.51 41.26 -64.39
N TYR VE 246 108.56 42.58 -64.32
CA TYR VE 246 107.38 43.43 -64.28
C TYR VE 246 107.08 44.13 -65.61
N ARG VE 247 107.82 45.20 -65.93
CA ARG VE 247 107.47 45.97 -67.10
C ARG VE 247 108.69 46.74 -67.57
N ILE VE 248 108.66 47.12 -68.85
CA ILE VE 248 109.65 47.99 -69.47
C ILE VE 248 109.04 49.37 -69.74
N HIS VE 249 109.67 50.40 -69.17
CA HIS VE 249 109.20 51.78 -69.28
C HIS VE 249 110.00 52.51 -70.33
N PHE VE 250 109.31 53.34 -71.13
CA PHE VE 250 109.89 54.11 -72.22
C PHE VE 250 109.67 55.61 -72.04
N ASP VE 251 109.77 56.13 -70.83
CA ASP VE 251 109.62 57.57 -70.68
C ASP VE 251 110.68 58.30 -71.48
N GLU VE 252 111.89 57.79 -71.46
CA GLU VE 252 113.00 58.25 -72.29
C GLU VE 252 113.23 57.13 -73.29
N PRO VE 253 112.76 57.24 -74.53
CA PRO VE 253 112.84 56.09 -75.43
C PRO VE 253 114.25 55.70 -75.80
N ARG VE 254 115.23 56.55 -75.61
CA ARG VE 254 116.61 56.16 -75.88
C ARG VE 254 117.25 55.38 -74.74
N LYS VE 255 116.64 55.33 -73.55
CA LYS VE 255 117.24 54.62 -72.42
C LYS VE 255 116.15 53.98 -71.60
N PRO VE 256 115.58 52.87 -72.07
CA PRO VE 256 114.52 52.20 -71.33
C PRO VE 256 115.00 51.62 -70.00
N VAL VE 257 114.03 51.36 -69.14
CA VAL VE 257 114.24 50.80 -67.81
C VAL VE 257 113.45 49.50 -67.73
N PHE VE 258 114.12 48.41 -67.35
CA PHE VE 258 113.50 47.10 -67.26
C PHE VE 258 113.51 46.64 -65.80
N TRP VE 259 112.32 46.45 -65.23
CA TRP VE 259 112.13 46.05 -63.84
C TRP VE 259 112.04 44.54 -63.64
N LEU VE 260 113.00 43.98 -62.90
CA LEU VE 260 113.03 42.57 -62.56
C LEU VE 260 112.77 42.39 -61.07
N SER VE 261 112.19 41.25 -60.70
CA SER VE 261 112.06 40.91 -59.30
C SER VE 261 113.41 40.57 -58.69
N ARG VE 262 113.62 41.06 -57.47
CA ARG VE 262 114.78 40.67 -56.69
C ARG VE 262 114.70 39.27 -56.11
N GLN VE 263 113.55 38.88 -55.55
CA GLN VE 263 113.51 37.58 -54.87
C GLN VE 263 113.29 36.42 -55.82
N ARG VE 264 112.46 36.59 -56.82
CA ARG VE 264 112.11 35.46 -57.67
C ARG VE 264 113.10 35.22 -58.79
N ASN VE 265 114.25 35.89 -58.79
CA ASN VE 265 115.27 35.68 -59.80
C ASN VE 265 116.61 35.46 -59.14
N THR VE 266 117.47 34.70 -59.81
CA THR VE 266 118.87 34.56 -59.42
C THR VE 266 119.75 34.53 -60.67
N MET VE 267 120.50 35.61 -60.89
CA MET VE 267 121.37 35.73 -62.05
C MET VE 267 122.66 36.40 -61.61
N SER VE 268 123.75 36.05 -62.30
CA SER VE 268 124.99 36.79 -62.13
C SER VE 268 124.98 38.10 -62.92
N LYS VE 269 125.86 39.00 -62.49
CA LYS VE 269 126.11 40.25 -63.20
C LYS VE 269 126.41 40.03 -64.68
N LYS VE 270 127.23 39.04 -65.00
CA LYS VE 270 127.51 38.70 -66.39
C LYS VE 270 126.25 38.35 -67.15
N GLU VE 271 125.42 37.49 -66.57
CA GLU VE 271 124.16 37.11 -67.19
C GLU VE 271 123.28 38.33 -67.43
N LEU VE 272 123.18 39.21 -66.44
CA LEU VE 272 122.42 40.44 -66.62
C LEU VE 272 122.96 41.27 -67.78
N GLU VE 273 124.27 41.38 -67.90
CA GLU VE 273 124.85 42.12 -69.01
C GLU VE 273 124.49 41.50 -70.35
N VAL VE 274 124.59 40.18 -70.47
CA VAL VE 274 124.20 39.51 -71.71
C VAL VE 274 122.74 39.79 -72.05
N LEU VE 275 121.85 39.63 -71.07
CA LEU VE 275 120.45 39.99 -71.27
C LEU VE 275 120.29 41.40 -71.78
N SER VE 276 120.99 42.34 -71.16
CA SER VE 276 120.98 43.73 -71.59
C SER VE 276 121.35 43.86 -73.06
N GLN VE 277 122.43 43.22 -73.47
CA GLN VE 277 122.85 43.33 -74.87
C GLN VE 277 121.84 42.74 -75.83
N LYS VE 278 121.22 41.61 -75.47
CA LYS VE 278 120.24 41.05 -76.40
C LYS VE 278 119.02 41.94 -76.52
N LEU VE 279 118.57 42.54 -75.42
CA LEU VE 279 117.50 43.54 -75.53
C LEU VE 279 117.92 44.67 -76.45
N ARG VE 280 119.15 45.16 -76.28
CA ARG VE 280 119.61 46.22 -77.16
C ARG VE 280 119.58 45.79 -78.61
N ALA VE 281 119.78 44.50 -78.88
CA ALA VE 281 119.71 44.07 -80.27
C ALA VE 281 118.27 44.03 -80.76
N LEU VE 282 117.31 43.76 -79.88
CA LEU VE 282 115.91 43.82 -80.28
C LEU VE 282 115.44 45.25 -80.56
N MET VE 283 115.99 46.22 -79.86
CA MET VE 283 115.52 47.60 -79.97
C MET VE 283 116.58 48.48 -80.60
N PRO VE 284 116.64 48.53 -81.94
CA PRO VE 284 117.69 49.31 -82.61
C PRO VE 284 117.57 50.80 -82.43
N TYR VE 285 116.53 51.32 -81.80
CA TYR VE 285 116.44 52.75 -81.57
C TYR VE 285 116.93 53.15 -80.19
N ALA VE 286 117.27 52.20 -79.33
CA ALA VE 286 117.73 52.48 -77.98
C ALA VE 286 119.24 52.34 -77.86
N ASP VE 287 119.85 53.27 -77.12
CA ASP VE 287 121.30 53.22 -76.92
C ASP VE 287 121.71 52.27 -75.80
N SER VE 288 120.87 52.06 -74.80
CA SER VE 288 121.22 51.12 -73.74
C SER VE 288 119.96 50.79 -72.95
N VAL VE 289 120.00 49.68 -72.24
CA VAL VE 289 118.90 49.22 -71.40
C VAL VE 289 119.37 49.18 -69.95
N ASN VE 290 118.68 49.89 -69.07
CA ASN VE 290 119.02 49.90 -67.65
C ASN VE 290 118.13 48.88 -66.95
N ILE VE 291 118.76 47.93 -66.26
CA ILE VE 291 118.05 46.89 -65.51
C ILE VE 291 117.99 47.24 -64.03
N THR VE 292 116.78 47.29 -63.48
CA THR VE 292 116.52 47.66 -62.09
C THR VE 292 115.78 46.56 -61.36
N LEU VE 293 116.22 46.26 -60.14
CA LEU VE 293 115.62 45.25 -59.29
C LEU VE 293 114.62 45.88 -58.33
N MET VE 294 113.40 45.36 -58.31
CA MET VE 294 112.29 45.87 -57.51
C MET VE 294 111.86 44.84 -56.47
N ASP VE 295 111.22 45.32 -55.41
CA ASP VE 295 110.73 44.49 -54.33
C ASP VE 295 109.25 44.12 -54.45
N ASP VE 296 108.99 42.81 -54.42
CA ASP VE 296 107.63 42.28 -54.48
C ASP VE 296 106.77 42.76 -53.31
N VAL VE 297 107.33 42.76 -52.11
CA VAL VE 297 106.58 43.22 -50.95
C VAL VE 297 106.12 44.66 -51.17
N THR VE 298 106.97 45.49 -51.74
CA THR VE 298 106.56 46.85 -52.09
C THR VE 298 105.37 46.84 -53.03
N ALA VE 299 105.47 46.11 -54.14
CA ALA VE 299 104.35 46.01 -55.07
C ALA VE 299 103.03 45.64 -54.39
N ALA VE 300 103.03 44.49 -53.71
CA ALA VE 300 101.84 44.04 -52.99
C ALA VE 300 101.34 45.06 -51.98
N GLY VE 301 102.25 45.71 -51.27
CA GLY VE 301 101.84 46.71 -50.29
C GLY VE 301 101.13 47.89 -50.91
N GLN VE 302 101.71 48.45 -51.96
CA GLN VE 302 101.02 49.56 -52.62
C GLN VE 302 99.68 49.17 -53.22
N ALA VE 303 99.51 47.91 -53.64
CA ALA VE 303 98.18 47.49 -54.07
C ALA VE 303 97.18 47.46 -52.92
N GLU VE 304 97.54 46.83 -51.81
CA GLU VE 304 96.60 46.79 -50.71
C GLU VE 304 96.31 48.18 -50.17
N ALA VE 305 97.35 48.99 -50.01
CA ALA VE 305 97.15 50.33 -49.47
C ALA VE 305 96.25 51.16 -50.37
N GLY VE 306 96.34 50.99 -51.69
CA GLY VE 306 95.41 51.69 -52.56
C GLY VE 306 93.97 51.25 -52.38
N LEU VE 307 93.75 49.96 -52.16
CA LEU VE 307 92.36 49.53 -51.93
C LEU VE 307 91.82 50.05 -50.60
N LYS VE 308 92.64 50.06 -49.56
CA LYS VE 308 92.18 50.64 -48.30
C LYS VE 308 91.94 52.13 -48.44
N GLN VE 309 92.84 52.83 -49.11
CA GLN VE 309 92.67 54.26 -49.32
C GLN VE 309 91.37 54.56 -50.05
N GLN VE 310 90.93 53.69 -50.94
CA GLN VE 310 89.62 53.87 -51.57
C GLN VE 310 88.47 53.31 -50.75
N ALA VE 311 88.74 52.60 -49.67
CA ALA VE 311 87.71 51.97 -48.84
C ALA VE 311 86.79 51.04 -49.62
N LEU VE 312 87.35 50.32 -50.55
CA LEU VE 312 86.64 49.25 -51.24
C LEU VE 312 86.64 48.00 -50.37
N PRO VE 313 85.58 47.19 -50.40
CA PRO VE 313 85.65 45.87 -49.77
C PRO VE 313 86.32 44.86 -50.68
N TYR VE 314 87.23 44.06 -50.11
CA TYR VE 314 88.00 43.13 -50.90
C TYR VE 314 88.39 41.91 -50.08
N SER VE 315 88.80 40.85 -50.79
CA SER VE 315 89.55 39.74 -50.21
C SER VE 315 90.89 39.58 -50.90
N ARG VE 316 91.90 39.16 -50.13
CA ARG VE 316 93.24 38.94 -50.63
C ARG VE 316 93.60 37.46 -50.52
N ARG VE 317 94.24 36.94 -51.56
CA ARG VE 317 94.70 35.55 -51.60
C ARG VE 317 96.14 35.49 -52.09
N ASN VE 318 96.97 34.72 -51.38
CA ASN VE 318 98.39 34.65 -51.63
C ASN VE 318 98.76 33.31 -52.25
N HIS VE 319 99.56 33.35 -53.31
CA HIS VE 319 100.11 32.19 -53.94
C HIS VE 319 101.61 32.39 -54.05
N LYS VE 320 102.33 31.34 -54.45
CA LYS VE 320 103.78 31.43 -54.52
C LYS VE 320 104.21 32.54 -55.46
N GLY VE 321 103.63 32.56 -56.66
CA GLY VE 321 104.02 33.49 -57.69
C GLY VE 321 103.14 34.70 -57.89
N GLY VE 322 102.20 34.98 -56.99
CA GLY VE 322 101.26 36.06 -57.25
C GLY VE 322 100.29 36.28 -56.13
N VAL VE 323 99.60 37.41 -56.22
CA VAL VE 323 98.64 37.87 -55.23
C VAL VE 323 97.36 38.24 -55.98
N THR VE 324 96.23 37.77 -55.48
CA THR VE 324 94.94 38.03 -56.10
C THR VE 324 94.05 38.84 -55.17
N PHE VE 325 93.39 39.85 -55.73
CA PHE VE 325 92.42 40.66 -55.00
C PHE VE 325 91.07 40.50 -55.66
N VAL VE 326 90.10 40.07 -54.87
CA VAL VE 326 88.73 39.80 -55.32
C VAL VE 326 87.81 40.87 -54.76
N ILE VE 327 87.06 41.53 -55.63
CA ILE VE 327 86.05 42.50 -55.25
C ILE VE 327 84.76 42.03 -55.91
N GLN VE 328 83.75 41.70 -55.11
CA GLN VE 328 82.55 41.11 -55.67
C GLN VE 328 81.31 41.42 -54.85
N GLY VE 329 80.16 41.24 -55.48
CA GLY VE 329 78.86 41.47 -54.88
C GLY VE 329 77.99 42.58 -55.45
N ALA VE 330 77.13 43.14 -54.59
CA ALA VE 330 76.27 44.27 -54.95
C ALA VE 330 76.94 45.63 -54.83
N LEU VE 331 77.98 45.84 -55.61
CA LEU VE 331 78.68 47.12 -55.56
C LEU VE 331 77.80 48.26 -56.06
N ASP VE 332 78.07 49.45 -55.54
CA ASP VE 332 77.40 50.68 -55.93
C ASP VE 332 78.18 51.43 -57.00
N ASP VE 333 77.49 52.35 -57.67
CA ASP VE 333 78.09 53.08 -58.80
C ASP VE 333 79.34 53.86 -58.41
N VAL VE 334 79.35 54.42 -57.20
CA VAL VE 334 80.52 55.12 -56.72
C VAL VE 334 81.69 54.16 -56.61
N GLU VE 335 81.46 53.04 -55.94
CA GLU VE 335 82.50 52.04 -55.77
C GLU VE 335 83.03 51.56 -57.11
N ILE VE 336 82.15 51.17 -58.02
CA ILE VE 336 82.60 50.75 -59.35
C ILE VE 336 83.50 51.81 -59.98
N LEU VE 337 83.04 53.06 -60.03
CA LEU VE 337 83.85 54.12 -60.64
C LEU VE 337 85.23 54.26 -60.01
N ARG VE 338 85.29 54.44 -58.70
CA ARG VE 338 86.59 54.59 -58.06
C ARG VE 338 87.48 53.36 -58.20
N ALA VE 339 86.90 52.18 -58.11
CA ALA VE 339 87.66 50.96 -58.35
C ALA VE 339 88.31 50.92 -59.72
N ARG VE 340 87.50 51.05 -60.77
CA ARG VE 340 88.06 50.99 -62.12
C ARG VE 340 89.11 52.08 -62.36
N GLN VE 341 88.93 53.26 -61.81
CA GLN VE 341 89.96 54.29 -61.94
C GLN VE 341 91.28 53.86 -61.30
N PHE VE 342 91.21 53.38 -60.06
CA PHE VE 342 92.44 52.94 -59.39
C PHE VE 342 93.14 51.82 -60.12
N VAL VE 343 92.42 50.74 -60.43
CA VAL VE 343 93.01 49.63 -61.17
C VAL VE 343 93.69 50.12 -62.44
N ASP VE 344 93.00 50.92 -63.23
CA ASP VE 344 93.62 51.46 -64.43
C ASP VE 344 94.89 52.23 -64.15
N SER VE 345 94.96 52.92 -63.02
CA SER VE 345 96.19 53.65 -62.70
C SER VE 345 97.33 52.72 -62.37
N TYR VE 346 97.08 51.75 -61.49
CA TYR VE 346 98.11 50.79 -61.09
C TYR VE 346 98.66 50.00 -62.26
N TYR VE 347 97.77 49.37 -63.03
CA TYR VE 347 98.21 48.55 -64.16
C TYR VE 347 99.22 49.26 -65.04
N ARG VE 348 99.03 50.55 -65.29
CA ARG VE 348 99.99 51.27 -66.11
C ARG VE 348 101.39 51.26 -65.52
N THR VE 349 101.52 51.20 -64.20
CA THR VE 349 102.82 51.21 -63.55
C THR VE 349 103.43 49.82 -63.44
N TRP VE 350 102.73 48.89 -62.82
CA TRP VE 350 103.28 47.57 -62.53
C TRP VE 350 102.92 46.48 -63.54
N GLY VE 351 102.06 46.74 -64.50
CA GLY VE 351 101.51 45.70 -65.36
C GLY VE 351 100.61 44.65 -64.71
N GLY VE 352 100.35 43.61 -65.47
CA GLY VE 352 99.58 42.45 -65.03
C GLY VE 352 100.28 41.19 -64.57
N ARG VE 353 101.60 41.17 -64.44
CA ARG VE 353 102.30 39.91 -64.31
C ARG VE 353 102.33 39.36 -62.90
N TYR VE 354 101.86 40.09 -61.89
CA TYR VE 354 102.02 39.64 -60.52
C TYR VE 354 100.77 39.85 -59.68
N VAL VE 355 100.19 41.03 -59.69
CA VAL VE 355 98.95 41.33 -59.01
C VAL VE 355 97.80 41.37 -60.01
N GLN VE 356 96.75 40.58 -59.76
CA GLN VE 356 95.53 40.58 -60.55
C GLN VE 356 94.36 41.01 -59.68
N PHE VE 357 93.48 41.83 -60.25
CA PHE VE 357 92.22 42.25 -59.64
C PHE VE 357 91.05 41.66 -60.41
N ALA VE 358 90.19 40.92 -59.73
CA ALA VE 358 89.00 40.35 -60.33
C ALA VE 358 87.75 41.04 -59.79
N ILE VE 359 87.01 41.72 -60.66
CA ILE VE 359 85.81 42.46 -60.27
C ILE VE 359 84.60 41.73 -60.84
N GLU VE 360 83.67 41.32 -59.99
CA GLU VE 360 82.51 40.56 -60.42
C GLU VE 360 81.29 41.00 -59.63
N LEU VE 361 80.26 41.49 -60.33
CA LEU VE 361 79.00 41.81 -59.68
C LEU VE 361 78.20 40.54 -59.41
N LYS VE 362 77.71 40.40 -58.19
CA LYS VE 362 76.90 39.27 -57.78
C LYS VE 362 75.62 39.75 -57.14
N ASP VE 363 74.60 38.92 -57.21
CA ASP VE 363 73.36 39.11 -56.46
C ASP VE 363 73.56 38.83 -54.98
N ASP VE 364 74.45 39.58 -54.31
CA ASP VE 364 74.84 39.25 -52.94
C ASP VE 364 75.01 40.54 -52.16
N TRP VE 365 74.09 40.75 -51.21
CA TRP VE 365 74.11 41.89 -50.30
C TRP VE 365 75.38 42.01 -49.47
N LEU VE 366 75.94 40.89 -49.01
CA LEU VE 366 77.00 40.97 -48.00
C LEU VE 366 78.36 41.35 -48.57
N LYS VE 367 78.43 41.78 -49.82
CA LYS VE 367 79.68 42.16 -50.44
C LYS VE 367 80.76 41.09 -50.35
N GLY VE 368 80.35 39.82 -50.28
CA GLY VE 368 81.30 38.71 -50.27
C GLY VE 368 81.81 38.22 -48.93
N ARG VE 369 81.46 38.84 -47.82
CA ARG VE 369 81.70 38.19 -46.54
C ARG VE 369 80.80 36.96 -46.39
N SER VE 370 81.18 36.05 -45.50
CA SER VE 370 80.29 34.95 -45.17
C SER VE 370 80.50 34.47 -43.74
N PHE VE 371 79.40 34.09 -43.10
CA PHE VE 371 79.38 33.62 -41.73
C PHE VE 371 78.40 32.47 -41.61
N GLN VE 372 78.54 31.72 -40.52
CA GLN VE 372 77.59 30.65 -40.21
C GLN VE 372 77.31 30.71 -38.72
N TYR VE 373 76.03 30.65 -38.38
CA TYR VE 373 75.55 30.71 -37.00
C TYR VE 373 75.64 29.36 -36.30
N GLY VE 374 75.86 29.42 -35.00
CA GLY VE 374 75.92 28.21 -34.20
C GLY VE 374 75.77 28.50 -32.72
N ALA VE 375 76.06 27.47 -31.92
CA ALA VE 375 75.98 27.58 -30.47
C ALA VE 375 76.80 28.74 -29.91
N GLU VE 376 77.91 29.07 -30.57
CA GLU VE 376 78.80 30.15 -30.16
C GLU VE 376 78.47 31.46 -30.85
N GLY VE 377 77.38 31.52 -31.59
CA GLY VE 377 77.09 32.61 -32.47
C GLY VE 377 77.73 32.48 -33.84
N TYR VE 378 77.84 33.62 -34.50
CA TYR VE 378 78.46 33.72 -35.81
C TYR VE 378 79.93 33.37 -35.83
N ILE VE 379 80.32 32.62 -36.85
CA ILE VE 379 81.70 32.25 -37.12
C ILE VE 379 81.96 32.57 -38.58
N LYS VE 380 83.01 33.33 -38.83
CA LYS VE 380 83.44 33.62 -40.19
C LYS VE 380 83.83 32.33 -40.89
N MET VE 381 83.60 32.30 -42.21
CA MET VE 381 83.95 31.12 -43.00
C MET VE 381 84.81 31.56 -44.17
N SER VE 382 85.71 30.67 -44.58
CA SER VE 382 86.65 30.92 -45.65
C SER VE 382 85.99 31.15 -47.01
N PRO VE 383 86.64 31.93 -47.87
CA PRO VE 383 86.16 32.15 -49.25
C PRO VE 383 85.83 30.89 -50.03
N GLY VE 384 85.02 31.06 -51.07
CA GLY VE 384 84.68 29.97 -51.98
C GLY VE 384 83.99 30.53 -53.20
N HIS VE 385 83.78 29.62 -54.17
CA HIS VE 385 83.07 30.00 -55.38
C HIS VE 385 81.57 30.16 -55.15
N TRP VE 386 80.95 29.22 -54.46
CA TRP VE 386 79.52 29.32 -54.17
C TRP VE 386 79.23 30.43 -53.18
N TYR VE 387 78.08 31.09 -53.37
CA TYR VE 387 77.62 32.18 -52.53
C TYR VE 387 76.10 32.14 -52.42
N PHE VE 388 75.61 32.54 -51.25
CA PHE VE 388 74.20 32.52 -50.92
C PHE VE 388 73.52 33.81 -51.37
N PRO VE 389 72.62 33.78 -52.35
CA PRO VE 389 72.02 35.02 -52.84
C PRO VE 389 71.09 35.64 -51.82
N SER VE 390 71.13 36.97 -51.76
CA SER VE 390 70.48 37.73 -50.71
C SER VE 390 69.01 37.96 -50.98
N PRO VE 391 68.10 37.36 -50.20
CA PRO VE 391 66.67 37.64 -50.39
C PRO VE 391 66.26 38.99 -49.85
N LEU VE 392 67.11 39.65 -49.06
CA LEU VE 392 66.73 40.85 -48.31
C LEU VE 392 65.94 41.81 -49.17
N ALA WE 171 104.50 89.97 -85.87
CA ALA WE 171 103.28 89.54 -85.20
C ALA WE 171 103.61 88.83 -83.90
N GLU WE 172 103.57 89.54 -82.78
CA GLU WE 172 103.87 88.89 -81.53
C GLU WE 172 102.72 87.98 -81.15
N LEU WE 173 103.02 87.02 -80.26
CA LEU WE 173 101.97 86.10 -79.86
C LEU WE 173 100.85 86.78 -79.08
N ASP WE 174 101.19 87.72 -78.20
CA ASP WE 174 100.17 88.42 -77.43
C ASP WE 174 99.15 89.13 -78.29
N SER WE 175 99.56 89.62 -79.46
CA SER WE 175 98.63 90.33 -80.34
C SER WE 175 97.57 89.41 -80.93
N LEU WE 176 97.80 88.11 -80.95
CA LEU WE 176 96.87 87.16 -81.53
C LEU WE 176 95.90 86.55 -80.54
N LEU WE 177 96.17 86.63 -79.26
CA LEU WE 177 95.32 85.98 -78.28
C LEU WE 177 94.04 86.74 -77.96
N GLY WE 178 93.94 88.01 -78.34
CA GLY WE 178 92.76 88.78 -77.99
C GLY WE 178 92.96 90.22 -77.61
N GLN WE 179 91.86 90.89 -77.26
CA GLN WE 179 91.93 92.24 -76.72
C GLN WE 179 92.37 92.28 -75.27
N GLU WE 180 91.85 91.38 -74.43
CA GLU WE 180 92.12 91.43 -72.99
C GLU WE 180 93.49 90.81 -72.71
N LYS WE 181 94.52 91.62 -72.95
CA LYS WE 181 95.89 91.12 -73.01
C LYS WE 181 96.30 90.34 -71.78
N GLU WE 182 95.85 90.74 -70.60
CA GLU WE 182 96.33 90.16 -69.36
C GLU WE 182 95.69 88.83 -68.99
N ARG WE 183 94.74 88.34 -69.79
CA ARG WE 183 94.11 87.06 -69.47
C ARG WE 183 95.10 85.89 -69.58
N PHE WE 184 96.14 86.03 -70.41
CA PHE WE 184 97.12 84.99 -70.69
C PHE WE 184 98.51 85.49 -70.32
N GLN WE 185 99.45 84.56 -70.14
CA GLN WE 185 100.81 84.97 -69.81
C GLN WE 185 101.79 84.19 -70.67
N VAL WE 186 102.64 84.91 -71.40
CA VAL WE 186 103.62 84.34 -72.32
C VAL WE 186 104.99 84.27 -71.66
N LEU WE 187 105.65 83.11 -71.76
CA LEU WE 187 106.96 82.88 -71.19
C LEU WE 187 107.89 82.24 -72.22
N PRO WE 188 109.11 82.75 -72.38
CA PRO WE 188 110.08 82.10 -73.28
C PRO WE 188 110.79 80.96 -72.58
N GLY WE 189 110.91 79.83 -73.26
CA GLY WE 189 111.57 78.65 -72.72
C GLY WE 189 112.99 78.51 -73.22
N ARG WE 190 113.82 77.85 -72.40
CA ARG WE 190 115.21 77.63 -72.75
C ARG WE 190 115.37 76.78 -74.00
N ASP WE 191 114.36 76.00 -74.35
CA ASP WE 191 114.36 75.20 -75.58
C ASP WE 191 114.02 76.04 -76.81
N LYS WE 192 113.98 77.35 -76.68
CA LYS WE 192 113.64 78.26 -77.78
C LYS WE 192 112.20 78.05 -78.27
N MET WE 193 111.27 77.94 -77.32
CA MET WE 193 109.87 77.72 -77.65
C MET WE 193 109.06 78.65 -76.76
N LEU WE 194 107.99 79.22 -77.29
CA LEU WE 194 107.10 80.02 -76.47
C LEU WE 194 106.09 79.16 -75.72
N TYR WE 195 105.87 79.49 -74.45
CA TYR WE 195 104.89 78.83 -73.60
C TYR WE 195 103.81 79.82 -73.22
N VAL WE 196 102.56 79.41 -73.31
CA VAL WE 196 101.42 80.24 -73.00
C VAL WE 196 100.74 79.63 -71.80
N ALA WE 197 100.75 80.35 -70.69
CA ALA WE 197 100.11 79.93 -69.46
C ALA WE 197 98.69 80.44 -69.42
N ALA WE 198 97.76 79.52 -69.16
CA ALA WE 198 96.33 79.75 -69.06
C ALA WE 198 95.85 79.41 -67.66
N GLN WE 199 94.64 79.87 -67.33
CA GLN WE 199 94.07 79.64 -66.01
C GLN WE 199 93.06 78.51 -65.95
N ASN WE 200 92.45 78.12 -67.06
CA ASN WE 200 91.37 77.13 -67.00
C ASN WE 200 91.23 76.48 -68.36
N GLU WE 201 90.36 75.48 -68.42
CA GLU WE 201 90.09 74.73 -69.65
C GLU WE 201 89.59 75.58 -70.79
N ARG WE 202 88.51 76.33 -70.55
CA ARG WE 202 87.95 77.19 -71.59
C ARG WE 202 89.01 78.10 -72.20
N ASP WE 203 89.77 78.78 -71.36
CA ASP WE 203 90.86 79.63 -71.85
C ASP WE 203 91.92 78.82 -72.59
N THR WE 204 92.24 77.64 -72.08
CA THR WE 204 93.19 76.77 -72.76
C THR WE 204 92.78 76.51 -74.20
N LEU WE 205 91.52 76.14 -74.42
CA LEU WE 205 91.07 75.89 -75.78
C LEU WE 205 90.98 77.16 -76.60
N TRP WE 206 90.69 78.29 -75.97
CA TRP WE 206 90.72 79.55 -76.71
C TRP WE 206 92.11 79.81 -77.25
N ALA WE 207 93.14 79.52 -76.47
CA ALA WE 207 94.50 79.72 -76.95
C ALA WE 207 94.91 78.69 -77.99
N ARG WE 208 94.69 77.42 -77.69
CA ARG WE 208 95.08 76.36 -78.61
C ARG WE 208 94.49 76.53 -80.00
N GLN WE 209 93.27 77.05 -80.10
CA GLN WE 209 92.72 77.27 -81.43
C GLN WE 209 93.61 78.17 -82.29
N VAL WE 210 94.27 79.16 -81.69
CA VAL WE 210 95.13 80.05 -82.47
C VAL WE 210 96.30 79.28 -83.06
N LEU WE 211 96.95 78.45 -82.27
CA LEU WE 211 98.10 77.69 -82.76
C LEU WE 211 97.68 76.66 -83.78
N ALA WE 212 96.66 75.86 -83.45
CA ALA WE 212 96.25 74.79 -84.35
C ALA WE 212 95.73 75.33 -85.67
N ARG WE 213 95.08 76.49 -85.67
CA ARG WE 213 94.71 77.11 -86.93
C ARG WE 213 95.96 77.49 -87.71
N GLY WE 214 97.07 77.71 -87.01
CA GLY WE 214 98.31 78.12 -87.66
C GLY WE 214 98.43 79.60 -87.91
N ASP WE 215 97.88 80.43 -87.03
CA ASP WE 215 98.06 81.86 -87.16
C ASP WE 215 99.48 82.31 -86.84
N TYR WE 216 100.24 81.49 -86.11
CA TYR WE 216 101.60 81.83 -85.73
C TYR WE 216 102.58 80.81 -86.29
N ASP WE 217 103.79 81.27 -86.57
CA ASP WE 217 104.75 80.49 -87.36
C ASP WE 217 105.90 79.87 -86.57
N LYS WE 218 106.31 80.45 -85.44
CA LYS WE 218 107.28 79.79 -84.59
C LYS WE 218 106.64 78.72 -83.70
N ASN WE 219 107.47 78.03 -82.93
CA ASN WE 219 107.00 77.03 -81.99
C ASN WE 219 106.42 77.62 -80.71
N ALA WE 220 105.32 77.03 -80.26
CA ALA WE 220 104.62 77.48 -79.07
C ALA WE 220 103.85 76.32 -78.50
N ARG WE 221 103.55 76.41 -77.21
CA ARG WE 221 102.82 75.40 -76.48
C ARG WE 221 101.93 76.05 -75.45
N VAL WE 222 100.83 75.41 -75.12
CA VAL WE 222 99.86 75.88 -74.12
C VAL WE 222 99.96 75.00 -72.89
N ILE WE 223 99.93 75.63 -71.70
CA ILE WE 223 100.06 74.89 -70.45
C ILE WE 223 99.16 75.45 -69.38
N ASN WE 224 98.84 74.58 -68.42
CA ASN WE 224 98.05 74.91 -67.24
C ASN WE 224 98.46 73.98 -66.12
N GLU WE 225 98.09 74.38 -64.90
CA GLU WE 225 98.52 73.69 -63.70
C GLU WE 225 98.07 72.23 -63.61
N ASN WE 226 96.83 71.92 -63.96
CA ASN WE 226 96.41 70.53 -63.78
C ASN WE 226 97.16 69.59 -64.73
N GLU WE 227 97.31 69.98 -65.99
CA GLU WE 227 98.06 69.18 -66.93
C GLU WE 227 99.49 68.99 -66.47
N GLU WE 228 100.13 70.06 -65.99
CA GLU WE 228 101.51 69.91 -65.56
C GLU WE 228 101.64 69.05 -64.32
N ASN WE 229 100.70 69.16 -63.37
CA ASN WE 229 100.75 68.28 -62.22
C ASN WE 229 100.67 66.82 -62.65
N LYS WE 230 99.80 66.52 -63.60
CA LYS WE 230 99.69 65.15 -64.08
C LYS WE 230 100.98 64.66 -64.72
N ARG WE 231 101.56 65.46 -65.62
CA ARG WE 231 102.78 65.05 -66.29
C ARG WE 231 103.91 64.80 -65.30
N ILE WE 232 104.08 65.68 -64.33
CA ILE WE 232 105.18 65.49 -63.39
C ILE WE 232 104.93 64.29 -62.49
N SER WE 233 103.68 64.03 -62.12
CA SER WE 233 103.44 62.84 -61.32
C SER WE 233 103.75 61.57 -62.10
N ILE WE 234 103.45 61.58 -63.40
CA ILE WE 234 103.79 60.42 -64.22
C ILE WE 234 105.29 60.21 -64.32
N TRP WE 235 106.08 61.29 -64.33
CA TRP WE 235 107.53 61.07 -64.38
C TRP WE 235 108.07 60.57 -63.04
N LEU WE 236 107.59 61.17 -61.95
CA LEU WE 236 107.97 60.70 -60.62
C LEU WE 236 107.64 59.23 -60.42
N ASP WE 237 106.49 58.78 -60.92
CA ASP WE 237 106.14 57.37 -60.82
C ASP WE 237 107.24 56.47 -61.32
N THR WE 238 108.01 56.91 -62.30
CA THR WE 238 109.05 56.07 -62.85
C THR WE 238 110.37 56.21 -62.11
N TYR WE 239 110.82 57.43 -61.85
CA TYR WE 239 112.17 57.53 -61.25
C TYR WE 239 112.21 57.64 -59.73
N TYR WE 240 111.11 57.96 -59.08
CA TYR WE 240 111.04 58.09 -57.62
C TYR WE 240 109.75 57.42 -57.16
N PRO WE 241 109.66 56.10 -57.31
CA PRO WE 241 108.40 55.41 -57.03
C PRO WE 241 107.98 55.36 -55.56
N GLN WE 242 108.75 55.92 -54.64
CA GLN WE 242 108.41 55.82 -53.23
C GLN WE 242 108.39 57.19 -52.55
N LEU WE 243 108.49 58.27 -53.31
CA LEU WE 243 108.47 59.61 -52.74
C LEU WE 243 107.06 60.00 -52.32
N ALA WE 244 106.94 60.48 -51.10
CA ALA WE 244 105.67 60.99 -50.56
C ALA WE 244 105.60 62.49 -50.71
N TYR WE 245 104.58 62.98 -51.42
CA TYR WE 245 104.48 64.40 -51.71
C TYR WE 245 103.02 64.77 -51.92
N TYR WE 246 102.75 66.08 -51.90
CA TYR WE 246 101.42 66.64 -52.05
C TYR WE 246 101.11 67.26 -53.40
N ARG WE 247 101.62 68.46 -53.66
CA ARG WE 247 101.24 69.17 -54.88
C ARG WE 247 102.31 70.19 -55.21
N ILE WE 248 102.34 70.56 -56.49
CA ILE WE 248 103.19 71.62 -57.00
C ILE WE 248 102.34 72.83 -57.35
N HIS WE 249 102.65 73.96 -56.72
CA HIS WE 249 101.94 75.22 -56.88
C HIS WE 249 102.64 76.10 -57.90
N PHE WE 250 101.87 76.71 -58.79
CA PHE WE 250 102.36 77.57 -59.86
C PHE WE 250 101.77 78.96 -59.79
N ASP WE 251 101.64 79.52 -58.59
CA ASP WE 251 101.14 80.88 -58.48
C ASP WE 251 102.08 81.83 -59.22
N GLU WE 252 103.38 81.62 -59.06
CA GLU WE 252 104.40 82.32 -59.84
C GLU WE 252 105.02 81.26 -60.72
N PRO WE 253 104.65 81.17 -62.00
CA PRO WE 253 105.12 80.04 -62.80
C PRO WE 253 106.61 80.00 -63.01
N ARG WE 254 107.32 81.09 -62.75
CA ARG WE 254 108.77 81.07 -62.85
C ARG WE 254 109.46 80.47 -61.64
N LYS WE 255 108.76 80.23 -60.53
CA LYS WE 255 109.38 79.69 -59.33
C LYS WE 255 108.41 78.78 -58.61
N PRO WE 256 108.20 77.58 -59.11
CA PRO WE 256 107.25 76.67 -58.47
C PRO WE 256 107.66 76.24 -57.08
N VAL WE 257 106.66 75.79 -56.33
CA VAL WE 257 106.79 75.34 -54.94
C VAL WE 257 106.34 73.89 -54.86
N PHE WE 258 107.20 73.03 -54.32
CA PHE WE 258 106.93 71.60 -54.23
C PHE WE 258 106.83 71.21 -52.76
N TRP WE 259 105.66 70.73 -52.34
CA TRP WE 259 105.39 70.32 -50.96
C TRP WE 259 105.64 68.84 -50.71
N LEU WE 260 106.61 68.55 -49.84
CA LEU WE 260 106.96 67.19 -49.46
C LEU WE 260 106.56 66.94 -48.01
N SER WE 261 106.19 65.70 -47.71
CA SER WE 261 105.91 65.30 -46.34
C SER WE 261 107.19 65.18 -45.52
N ARG WE 262 107.20 65.83 -44.35
CA ARG WE 262 108.32 65.71 -43.44
C ARG WE 262 108.51 64.30 -42.89
N GLN WE 263 107.46 63.71 -42.34
CA GLN WE 263 107.62 62.41 -41.69
C GLN WE 263 107.89 61.28 -42.67
N ARG WE 264 107.17 61.23 -43.78
CA ARG WE 264 107.23 60.05 -44.63
C ARG WE 264 108.37 60.06 -45.63
N ASN WE 265 109.15 61.12 -45.71
CA ASN WE 265 110.27 61.18 -46.63
C ASN WE 265 111.57 61.18 -45.84
N THR WE 266 112.53 60.39 -46.31
CA THR WE 266 113.88 60.32 -45.74
C THR WE 266 114.94 60.59 -46.81
N MET WE 267 115.46 61.82 -46.85
CA MET WE 267 116.40 62.20 -47.88
C MET WE 267 117.43 63.15 -47.28
N SER WE 268 118.62 63.18 -47.88
CA SER WE 268 119.61 64.18 -47.54
C SER WE 268 119.44 65.45 -48.37
N LYS WE 269 120.10 66.51 -47.89
CA LYS WE 269 120.14 67.78 -48.60
C LYS WE 269 120.66 67.62 -50.03
N LYS WE 270 121.72 66.84 -50.22
CA LYS WE 270 122.23 66.58 -51.56
C LYS WE 270 121.18 65.95 -52.46
N GLU WE 271 120.50 64.93 -51.95
CA GLU WE 271 119.45 64.28 -52.72
C GLU WE 271 118.35 65.28 -53.08
N LEU WE 272 117.93 66.09 -52.13
CA LEU WE 272 116.93 67.11 -52.41
C LEU WE 272 117.40 68.06 -53.50
N GLU WE 273 118.65 68.48 -53.46
CA GLU WE 273 119.17 69.33 -54.52
C GLU WE 273 119.13 68.63 -55.87
N VAL WE 274 119.55 67.37 -55.93
CA VAL WE 274 119.49 66.62 -57.18
C VAL WE 274 118.06 66.60 -57.72
N LEU WE 275 117.10 66.28 -56.84
CA LEU WE 275 115.69 66.33 -57.21
C LEU WE 275 115.30 67.68 -57.79
N SER WE 276 115.69 68.75 -57.11
CA SER WE 276 115.44 70.09 -57.61
C SER WE 276 115.96 70.27 -59.03
N GLN WE 277 117.21 69.88 -59.27
CA GLN WE 277 117.79 70.06 -60.60
C GLN WE 277 117.07 69.24 -61.66
N LYS WE 278 116.65 68.02 -61.33
CA LYS WE 278 115.94 67.22 -62.33
C LYS WE 278 114.57 67.81 -62.64
N LEU WE 279 113.86 68.32 -61.64
CA LEU WE 279 112.63 69.04 -61.91
C LEU WE 279 112.90 70.24 -62.81
N ARG WE 280 113.97 70.98 -62.52
CA ARG WE 280 114.28 72.11 -63.36
C ARG WE 280 114.54 71.68 -64.79
N ALA WE 281 115.06 70.47 -64.97
CA ALA WE 281 115.26 70.01 -66.34
C ALA WE 281 113.94 69.64 -67.00
N LEU WE 282 112.96 69.19 -66.21
CA LEU WE 282 111.66 68.90 -66.81
C LEU WE 282 110.87 70.14 -67.16
N MET WE 283 111.13 71.26 -66.49
CA MET WE 283 110.38 72.50 -66.68
C MET WE 283 111.28 73.58 -67.26
N PRO WE 284 111.44 73.62 -68.58
CA PRO WE 284 112.33 74.61 -69.19
C PRO WE 284 111.88 76.05 -69.08
N TYR WE 285 110.69 76.33 -68.56
CA TYR WE 285 110.25 77.71 -68.38
C TYR WE 285 110.47 78.23 -66.96
N ALA WE 286 110.89 77.39 -66.03
CA ALA WE 286 111.07 77.80 -64.64
C ALA WE 286 112.54 77.99 -64.32
N ASP WE 287 112.85 79.04 -63.56
CA ASP WE 287 114.23 79.30 -63.18
C ASP WE 287 114.69 78.46 -62.01
N SER WE 288 113.79 78.08 -61.10
CA SER WE 288 114.18 77.23 -60.00
C SER WE 288 112.92 76.67 -59.35
N VAL WE 289 113.10 75.57 -58.62
CA VAL WE 289 112.02 74.91 -57.90
C VAL WE 289 112.34 74.93 -56.42
N ASN WE 290 111.47 75.51 -55.61
CA ASN WE 290 111.67 75.61 -54.17
C ASN WE 290 110.93 74.45 -53.50
N ILE WE 291 111.65 73.65 -52.73
CA ILE WE 291 111.10 72.52 -51.99
C ILE WE 291 110.81 72.90 -50.55
N THR WE 292 109.56 72.69 -50.13
CA THR WE 292 109.07 73.01 -48.80
C THR WE 292 108.49 71.77 -48.12
N LEU WE 293 108.82 71.58 -46.85
CA LEU WE 293 108.33 70.46 -46.05
C LEU WE 293 107.10 70.84 -45.24
N MET WE 294 106.04 70.05 -45.39
CA MET WE 294 104.74 70.27 -44.76
C MET WE 294 104.43 69.14 -43.79
N ASP WE 295 103.55 69.43 -42.83
CA ASP WE 295 103.13 68.47 -41.81
C ASP WE 295 101.82 67.75 -42.09
N ASP WE 296 101.89 66.41 -42.03
CA ASP WE 296 100.72 65.57 -42.23
C ASP WE 296 99.66 65.82 -41.17
N VAL WE 297 100.06 65.97 -39.91
CA VAL WE 297 99.08 66.23 -38.86
C VAL WE 297 98.32 67.51 -39.16
N THR WE 298 99.00 68.53 -39.66
CA THR WE 298 98.32 69.75 -40.08
C THR WE 298 97.28 69.48 -41.14
N ALA WE 299 97.66 68.79 -42.22
CA ALA WE 299 96.69 68.44 -43.25
C ALA WE 299 95.45 67.75 -42.71
N ALA WE 300 95.64 66.63 -42.03
CA ALA WE 300 94.51 65.89 -41.44
C ALA WE 300 93.67 66.76 -40.50
N GLY WE 301 94.31 67.60 -39.70
CA GLY WE 301 93.55 68.44 -38.80
C GLY WE 301 92.68 69.46 -39.51
N GLN WE 302 93.23 70.13 -40.52
CA GLN WE 302 92.40 71.04 -41.29
C GLN WE 302 91.25 70.36 -42.01
N ALA WE 303 91.43 69.11 -42.44
CA ALA WE 303 90.30 68.35 -42.97
C ALA WE 303 89.19 68.14 -41.94
N GLU WE 304 89.55 67.63 -40.77
CA GLU WE 304 88.51 67.37 -39.78
C GLU WE 304 87.87 68.66 -39.28
N ALA WE 305 88.66 69.71 -39.14
CA ALA WE 305 88.09 70.99 -38.74
C ALA WE 305 87.09 71.51 -39.75
N GLY WE 306 87.39 71.38 -41.04
CA GLY WE 306 86.41 71.77 -42.04
C GLY WE 306 85.12 70.98 -41.98
N LEU WE 307 85.19 69.67 -41.75
CA LEU WE 307 83.94 68.93 -41.66
C LEU WE 307 83.13 69.29 -40.42
N LYS WE 308 83.78 69.54 -39.29
CA LYS WE 308 83.02 70.02 -38.13
C LYS WE 308 82.42 71.39 -38.40
N GLN WE 309 83.21 72.29 -38.96
CA GLN WE 309 82.69 73.62 -39.28
C GLN WE 309 81.49 73.56 -40.19
N GLN WE 310 81.44 72.61 -41.10
CA GLN WE 310 80.25 72.45 -41.93
C GLN WE 310 79.17 71.59 -41.26
N ALA WE 311 79.40 71.09 -40.06
CA ALA WE 311 78.44 70.23 -39.36
C ALA WE 311 78.06 68.96 -40.09
N LEU WE 312 78.86 68.49 -40.98
CA LEU WE 312 78.53 67.26 -41.68
C LEU WE 312 78.76 66.05 -40.77
N PRO WE 313 77.91 65.04 -40.79
CA PRO WE 313 78.23 63.78 -40.10
C PRO WE 313 79.21 62.95 -40.91
N TYR WE 314 80.15 62.32 -40.21
CA TYR WE 314 81.23 61.60 -40.87
C TYR WE 314 81.80 60.51 -39.96
N SER WE 315 82.62 59.65 -40.55
CA SER WE 315 83.48 58.74 -39.82
C SER WE 315 84.90 58.82 -40.34
N ARG WE 316 85.87 58.61 -39.46
CA ARG WE 316 87.29 58.72 -39.79
C ARG WE 316 87.96 57.37 -39.69
N ARG WE 317 88.80 57.04 -40.68
CA ARG WE 317 89.61 55.83 -40.65
C ARG WE 317 91.06 56.16 -40.95
N ASN WE 318 91.97 55.56 -40.19
CA ASN WE 318 93.39 55.81 -40.33
C ASN WE 318 94.10 54.60 -40.95
N HIS WE 319 95.06 54.88 -41.81
CA HIS WE 319 95.91 53.87 -42.43
C HIS WE 319 97.34 54.37 -42.38
N LYS WE 320 98.24 53.43 -42.60
CA LYS WE 320 99.67 53.71 -42.48
C LYS WE 320 100.08 54.87 -43.37
N GLY WE 321 99.41 55.06 -44.49
CA GLY WE 321 99.73 56.16 -45.36
C GLY WE 321 98.54 56.98 -45.80
N GLY WE 322 97.47 57.05 -45.02
CA GLY WE 322 96.35 57.87 -45.46
C GLY WE 322 95.23 57.93 -44.45
N VAL WE 323 94.36 58.91 -44.64
CA VAL WE 323 93.19 59.11 -43.80
C VAL WE 323 91.97 59.19 -44.70
N THR WE 324 90.92 58.44 -44.36
CA THR WE 324 89.70 58.42 -45.15
C THR WE 324 88.52 58.90 -44.30
N PHE WE 325 87.75 59.84 -44.86
CA PHE WE 325 86.54 60.35 -44.24
C PHE WE 325 85.33 59.84 -45.01
N VAL WE 326 84.49 59.07 -44.34
CA VAL WE 326 83.31 58.46 -44.95
C VAL WE 326 82.07 59.24 -44.54
N ILE WE 327 81.40 59.82 -45.52
CA ILE WE 327 80.18 60.61 -45.38
C ILE WE 327 79.08 59.86 -46.12
N GLN WE 328 78.12 59.30 -45.39
CA GLN WE 328 77.13 58.43 -46.00
C GLN WE 328 75.78 58.57 -45.33
N GLY WE 329 74.73 58.31 -46.10
CA GLY WE 329 73.36 58.34 -45.62
C GLY WE 329 72.36 59.15 -46.41
N ALA WE 330 71.29 59.61 -45.76
CA ALA WE 330 70.23 60.41 -46.38
C ALA WE 330 70.43 61.93 -46.27
N LEU WE 331 71.52 62.44 -46.83
CA LEU WE 331 71.82 63.86 -46.64
C LEU WE 331 70.75 64.74 -47.30
N ASP WE 332 70.51 65.90 -46.71
CA ASP WE 332 69.67 66.96 -47.26
C ASP WE 332 70.42 67.86 -48.26
N ASP WE 333 69.64 68.49 -49.16
CA ASP WE 333 70.23 69.17 -50.31
C ASP WE 333 71.18 70.29 -49.90
N VAL WE 334 70.93 70.91 -48.75
CA VAL WE 334 71.84 71.92 -48.22
C VAL WE 334 73.16 71.29 -47.85
N GLU WE 335 73.10 70.14 -47.19
CA GLU WE 335 74.32 69.43 -46.83
C GLU WE 335 75.10 69.06 -48.08
N ILE WE 336 74.43 68.50 -49.08
CA ILE WE 336 75.16 68.11 -50.28
C ILE WE 336 75.83 69.33 -50.92
N LEU WE 337 75.15 70.47 -50.94
CA LEU WE 337 75.79 71.67 -51.48
C LEU WE 337 77.03 72.09 -50.69
N ARG WE 338 76.88 72.22 -49.38
CA ARG WE 338 78.03 72.57 -48.54
C ARG WE 338 79.20 71.62 -48.73
N ALA WE 339 78.96 70.32 -48.61
CA ALA WE 339 80.01 69.32 -48.80
C ALA WE 339 80.72 69.45 -50.14
N ARG WE 340 79.97 69.52 -51.23
CA ARG WE 340 80.61 69.68 -52.53
C ARG WE 340 81.51 70.91 -52.57
N GLN WE 341 81.05 72.03 -52.01
CA GLN WE 341 81.88 73.23 -52.02
C GLN WE 341 83.15 73.09 -51.19
N PHE WE 342 83.01 72.60 -49.96
CA PHE WE 342 84.17 72.42 -49.10
C PHE WE 342 85.21 71.50 -49.73
N VAL WE 343 84.81 70.28 -50.08
CA VAL WE 343 85.74 69.33 -50.66
C VAL WE 343 86.42 69.93 -51.89
N ASP WE 344 85.66 70.60 -52.74
CA ASP WE 344 86.28 71.19 -53.91
C ASP WE 344 87.32 72.23 -53.53
N SER WE 345 87.12 72.95 -52.44
CA SER WE 345 88.13 73.92 -52.01
C SER WE 345 89.38 73.23 -51.46
N TYR WE 346 89.20 72.24 -50.59
CA TYR WE 346 90.33 71.53 -50.00
C TYR WE 346 91.20 70.85 -51.04
N TYR WE 347 90.59 70.08 -51.94
CA TYR WE 347 91.34 69.39 -52.96
C TYR WE 347 92.27 70.33 -53.71
N ARG WE 348 91.82 71.54 -54.00
CA ARG WE 348 92.68 72.44 -54.75
C ARG WE 348 93.89 72.91 -53.96
N THR WE 349 93.86 72.82 -52.64
CA THR WE 349 94.99 73.20 -51.81
C THR WE 349 95.98 72.06 -51.62
N TRP WE 350 95.48 70.93 -51.12
CA TRP WE 350 96.30 69.78 -50.75
C TRP WE 350 96.38 68.65 -51.77
N GLY WE 351 95.62 68.67 -52.84
CA GLY WE 351 95.55 67.54 -53.74
C GLY WE 351 94.84 66.34 -53.13
N GLY WE 352 94.82 65.25 -53.90
CA GLY WE 352 94.18 64.01 -53.50
C GLY WE 352 95.01 62.84 -53.06
N ARG WE 353 96.32 62.98 -52.91
CA ARG WE 353 97.15 61.82 -52.59
C ARG WE 353 96.96 61.34 -51.15
N TYR WE 354 96.97 62.25 -50.18
CA TYR WE 354 96.93 61.80 -48.80
C TYR WE 354 95.52 61.62 -48.20
N VAL WE 355 94.66 62.62 -48.26
CA VAL WE 355 93.31 62.58 -47.68
C VAL WE 355 92.23 62.36 -48.74
N GLN WE 356 91.39 61.34 -48.53
CA GLN WE 356 90.28 61.01 -49.41
C GLN WE 356 88.93 61.16 -48.71
N PHE WE 357 87.95 61.74 -49.44
CA PHE WE 357 86.57 61.93 -48.98
C PHE WE 357 85.61 61.03 -49.77
N ALA WE 358 85.00 60.08 -49.09
CA ALA WE 358 83.99 59.19 -49.66
C ALA WE 358 82.58 59.68 -49.32
N ILE WE 359 81.83 60.10 -50.35
CA ILE WE 359 80.46 60.60 -50.22
C ILE WE 359 79.52 59.58 -50.83
N GLU WE 360 78.51 59.15 -50.06
CA GLU WE 360 77.57 58.12 -50.49
C GLU WE 360 76.14 58.44 -50.07
N LEU WE 361 75.32 58.87 -51.03
CA LEU WE 361 73.86 58.80 -50.84
C LEU WE 361 73.38 57.37 -50.79
N LYS WE 362 72.64 57.02 -49.75
CA LYS WE 362 72.03 55.70 -49.69
C LYS WE 362 70.82 55.72 -48.78
N ASP WE 363 69.91 54.78 -49.02
CA ASP WE 363 68.69 54.63 -48.26
C ASP WE 363 68.97 54.14 -46.84
N ASP WE 364 67.94 54.24 -46.00
CA ASP WE 364 68.05 53.79 -44.63
C ASP WE 364 68.40 52.31 -44.57
N TRP WE 365 69.20 51.96 -43.57
CA TRP WE 365 69.76 50.63 -43.48
C TRP WE 365 68.67 49.59 -43.33
N LEU WE 366 68.78 48.50 -44.10
CA LEU WE 366 67.84 47.38 -44.08
C LEU WE 366 66.42 47.76 -44.46
N LYS WE 367 66.23 48.87 -45.17
CA LYS WE 367 64.97 49.17 -45.83
C LYS WE 367 63.79 49.31 -44.87
N GLY WE 368 64.01 49.59 -43.60
CA GLY WE 368 62.86 49.68 -42.71
C GLY WE 368 62.28 48.37 -42.26
N ARG WE 369 63.06 47.29 -42.28
CA ARG WE 369 62.75 46.12 -41.47
C ARG WE 369 63.18 46.36 -40.04
N SER WE 370 62.58 45.62 -39.11
CA SER WE 370 63.05 45.65 -37.74
C SER WE 370 64.04 44.53 -37.48
N PHE WE 371 64.94 44.78 -36.54
CA PHE WE 371 66.06 43.89 -36.35
C PHE WE 371 66.65 44.05 -34.95
N GLN WE 372 67.39 43.04 -34.56
CA GLN WE 372 68.01 42.92 -33.25
C GLN WE 372 69.50 43.06 -33.51
N TYR WE 373 70.12 44.12 -32.97
CA TYR WE 373 71.41 44.58 -33.47
C TYR WE 373 72.59 44.20 -32.60
N GLY WE 374 72.41 43.37 -31.59
CA GLY WE 374 73.52 42.87 -30.81
C GLY WE 374 74.50 42.00 -31.58
N ALA WE 375 75.46 41.42 -30.85
CA ALA WE 375 76.46 40.52 -31.42
C ALA WE 375 75.84 39.22 -31.87
N GLU WE 376 74.56 39.01 -31.60
CA GLU WE 376 73.80 37.83 -31.99
C GLU WE 376 72.57 38.27 -32.76
N GLY WE 377 72.67 39.42 -33.39
CA GLY WE 377 71.57 40.05 -34.07
C GLY WE 377 70.96 39.21 -35.17
N TYR WE 378 69.79 39.67 -35.61
CA TYR WE 378 69.11 39.08 -36.74
C TYR WE 378 68.10 40.08 -37.28
N ILE WE 379 67.60 39.78 -38.46
CA ILE WE 379 66.64 40.60 -39.18
C ILE WE 379 65.29 39.89 -39.26
N LYS WE 380 64.24 40.58 -38.84
CA LYS WE 380 62.91 40.05 -39.11
C LYS WE 380 62.55 40.39 -40.53
N MET WE 381 62.18 39.37 -41.30
CA MET WE 381 61.68 39.58 -42.65
C MET WE 381 60.24 40.02 -42.57
N SER WE 382 59.51 39.37 -41.70
CA SER WE 382 58.09 39.54 -41.46
C SER WE 382 57.81 38.90 -40.11
N PRO WE 383 56.70 39.21 -39.48
CA PRO WE 383 56.37 38.44 -38.28
C PRO WE 383 56.30 36.98 -38.65
N GLY WE 384 56.86 36.15 -37.79
CA GLY WE 384 57.08 34.76 -38.09
C GLY WE 384 58.25 34.39 -38.97
N HIS WE 385 59.19 35.30 -39.28
CA HIS WE 385 60.28 34.91 -40.18
C HIS WE 385 61.58 35.60 -39.80
N TRP WE 386 62.56 34.81 -39.40
CA TRP WE 386 63.90 35.24 -38.98
C TRP WE 386 64.96 34.98 -40.04
N TYR WE 387 65.92 35.90 -40.18
CA TYR WE 387 66.95 35.78 -41.20
C TYR WE 387 68.35 35.37 -40.70
N PHE WE 388 68.81 35.81 -39.54
CA PHE WE 388 70.16 35.43 -39.08
C PHE WE 388 71.26 35.52 -40.12
N PRO WE 389 71.44 36.63 -40.80
CA PRO WE 389 72.43 36.70 -41.87
C PRO WE 389 73.87 36.94 -41.44
N SER WE 390 74.06 37.76 -40.41
CA SER WE 390 75.39 38.22 -40.03
C SER WE 390 75.29 38.88 -38.67
N PRO WE 391 76.38 38.94 -37.91
CA PRO WE 391 76.38 39.83 -36.76
C PRO WE 391 76.18 41.25 -37.20
N LEU WE 392 75.36 41.98 -36.45
CA LEU WE 392 75.03 43.35 -36.81
C LEU WE 392 75.60 44.30 -35.77
#